data_7MUS
#
_entry.id   7MUS
#
_cell.length_a   1.00
_cell.length_b   1.00
_cell.length_c   1.00
_cell.angle_alpha   90.00
_cell.angle_beta   90.00
_cell.angle_gamma   90.00
#
_symmetry.space_group_name_H-M   'P 1'
#
loop_
_entity.id
_entity.type
_entity.pdbx_description
1 polymer 'IcmE protein'
2 polymer DotD
3 polymer DotF
4 polymer 'Type IV secretion protein IcmK'
5 polymer 'Inner membrane lipoprotein YiaD'
6 polymer 'Outer membrane protein, OmpA family protein'
7 polymer 'DUF2807 domain-containing protein'
8 polymer 'Neurogenic locus notch'
9 polymer 'Unknown protein fragment'
10 polymer 'Unknown protein fragment'
11 polymer DotC
#
loop_
_entity_poly.entity_id
_entity_poly.type
_entity_poly.pdbx_seq_one_letter_code
_entity_poly.pdbx_strand_id
1 'polypeptide(L)'
;MASKKENLKSLFSNTRTRVIIIFTAALLIIAVVIGFFKIRGATTGSIAAAEVSTVPGGIQSIPGVLDPTAQYAKLQEEQN
ITQAQVAEKTGGSAIPTIIRTQALGEGVGVIGSQSGVGFAALAQEELGGPQRSLWIQELQDGSCSKSVITKVVNQGAQLT
DLKAACSCVQLKDSGYGLQELEQVCECKELKSAGYNARQLKEAGYSAGRLRNCGFDACELRNAGFTAQEMKDGGFSDGEL
KGAGFSDAEIAKASGLPDGITADDVRKAGCGAAALAKLRQAGVSASAIRKISGCTAEQLKAAGYTAKELKDAGFSAADLR
RAGFSAAELKDAGFTARDLLNAGFTPADLAKAGFSDAQIKAAQAELPPGITPQDVKNAGCDVEALKKEREAGVSAALIRQ
YAGCSAQALKAAGFTDADLANAGFTPAQISAATPLSDAEIKAAGCDPDKLKKLFSAGVSAKRIKELNGCSAEALKAAGYD
AQSLLAAGFTPQELLAAGFTPKQLEDAGLNPVSIIADGRVADCSVESLKKARAAGVSALTIKQTLGCSAAALKAAGYTAK
ELKDAGFTAAELKAAGFSAKELKDAGFTAKELRDAGFSAQELKDVGFSAKDLKDAGFSAAELKAAGFTAAQLKAAGFSAK
DLKDAGFSAAELKAAGFSAKELKDAGFSASDLKNAGFSAKELKDAGFSASDLKSAGFSASELKNAGYSADELKKAGYTSA
ELRNAGFSPQESAVAGLQGPDLQQLDSSITGIPSIPGATPRPTTSDAASSAEQLQAILQKQNEQLAEQKYQQEIQQRTSD
MLTAATQLVQDWKQVETQVYTEGTEETKTSGGESAVPGTGTGTGSNNQPVDQGAVSAQNQAIIKTGDIMFAVLDTSVNSD
EPGPILATIVTGKLKGSKLIGSFNLPSNADKMVITFNTMSIPGAEKTISISAYAIDPNTARTALASRTNHHYLMRYGSLF
ASSFLQGFGNAFQSANTTITIGGTGGGNNITVANGVGRSTLENAVIGLATVGKAWSQQAQQLFNTPTTVEVYSGTGLGIL
FTQDVTTI
;
AG,Gg,Hg,Bg,BG,Ig,Jg,CG,Kg,Ag,Lg,DG,Cg,Mg,VG,WG,XG,EG,YG,ZG,FG,Dg,GG,Eg,Fg,HG,IG,JG,KG,LG,MG,NG,OG,PG
2 'polypeptide(L)'
;MNNNKIVIMFIFSALLAGCAGTMKFKKPPINNPSDDATIKLAEAAVSVSDSMLEMAKVEKVITPPSKDNTLTIPNAYNLQ
ARASVDWSGPIEELTARIAKAAHFRFRVLGKSPSVPVLISISTKDESLAEILRDIDYQAGKKASIHVYPNSQVVELRYAK
IYS
;
GD,Gd,HD,Dd,Hd,ID,Id,JD,Jd,KD,Kd,LD,CD,Ld,MD,Md,AD,Ad,BD,Bd,ED,Cd,DD,Ed,FD,Fd
3 'polypeptide(L)'
;MMAEHDQNNDEYKFAELDSYDMDQAGESDLDSEASYQSGKEGLTKKKDIKRNALIAIGAVVFIMVMYKIIGWMFFSDKSS
QVTSKPAIPPVTQVATPQPVQTIPTTTPIQQVQPTTIIEDDPDLKKKVSAIEMTQQSLRSEVNALSEQINAVNNNIKNLN
AQIVNLNQIIGNMSNQIARQSEVINVLMARTTPKKVVKVSRPIVQARIIYYIQAVIPGRAWLIGSNGSTLTVREGSKIPG
YGMVKLIDSLQGRILTSSGQVIKFSQEDS
;
GF,Gf,HF,Hf,IF,If,JF,Jf,KF,Kf,LF,Lf,MF,Df,Mf,VF,WF,XF,CF,YF,ZF,Af,BF,Bf,Cf,DF,EF,Ef,FF,Ff,AF
4 'polypeptide(L)'
;MMKKYDQLCKYCLVIGLTFSMSCSIYAADQSDDAQQALQQLRMLQQKLSQNPSPDAQSGAGDGGDNAASDSTQQPNQSGQ
ANAPAANQTATAGGDGQIISQDDAEVIDKKAFKDMTRNLYPLNPEQVVKLKQIYETSEYAKAATPGTPPKPTATSQFVNL
SPGSTPPVIRLSQGFVSSLVFLDSTGAPWPIAAYDLGDPSSFNIQWDKTSNTLMIQATKLYNYGNLAVRLRGLNTPVMLT
LIPGQKAVDYRVDLRVQGYGPNAKSMPTEEGIPPSANDLLLHVLEGVPPPGSRRLVVSGGDARAWLSNEKMYVRTNLTIL
SPGWLASMTSADGTHAYEMQKSPVLLVSWHGKVMQLKVEGL
;
GH,HH,IH,JH,AH,KH,LH,MH,VH,WH,XH,YH,ZH,BH,CH,DH,EH,FH
5 'polypeptide(L)'
;MRSLRTNYIYVLFKTTGLLFLLLLSACNRSGYIPENEVPKLPCRVDGACDATIIKMMTDLNKKGIKVASVGQNYLISIPA
SALFADQSPRLNWASYSLLNEIAAFLKQFRKIAITVTSYSSKYVSVKRERALTLARSRVVSEYLWSQGVDSRIIFTQGLG
SDKPITSYTLGGDRSPNARVEITFRRAVA
;
GK,HK,IK,JK,KK,LK,AK,MK,BK,CK,DK,EK,FK
6 'polypeptide(L)'
;MRNLMRCLIMIKSLIKGVDMSRKLAKTRILGYGLMICFLAGCFHPPYNNFQPDRRAVKRVGVDTGIGAVAGAIASGTASG
TLIGAAAGGTVGLVASIYRDSKRKIIRDLQKQDIQYVEYGDTRTLIIPTDKYFMFSSPRLNEICYPGLNNVIRLLNFYPQ
STIYVAGFTDNVGSRSHKRKLSQAQAETMMTFLWANGIAAKRLKAEGYGDKNAISDNAIIHGSAQNRRIEIQWFTSPAQP
PQPQMAYVK
;
GL,HL,IL,JL,KL,LL,ML,AL,BL,CL,DL,EL,FL
7 'polypeptide(L)'
;MLKRCYLLILLMFVLASCAHHKPQTPPAEVKKQGTSSTRQFRQVSSFNQIVVQGRLNVNLHTGYNKPEVMLRGDPRDLVQ
VRTIVKQNTLYVSLGQGYPDYGAVTVDIKTKFLNRFRYEGAGVVTGNNLRTSYLDLYLANEGTTRLAGNIGLQKLEAVGN
GVTQINGVSSRNLQIVLKGDPKVLISGFVNLRQLDMYGKGTLSLYWIKSDTLTIRAKKAAKIQLAGIVNRLDVELWDFAQ
FKGKYLRAQRSFVKTHDKSVAEISAVNHQSSLATDASDIYYYNLSKTRADFMAFNGSVLDMREWGQSDLKDFDRYNKQFP
;
GM,HM,IM,JM,KM,LM,MM,AM,BM,CM,DM,EM,FM
8 'polypeptide(L)'
;MLFLKIKTNQRTTMNILKPKAFLLASVFVLSISPAFAADGCCSKMGGINYCDSSAGRLVCNNGFYSTCYCTRHAVMDLQF
LMGCCLWHGGVYPQLNSSGLVVCNDGYVSEECSLQKPVEQISVY
;
GN,HN,IN,JN,KN,LN,MN,AN,BN,CN,DN,EN,FN
9 'polypeptide(L)' (UNK)(UNK)(UNK)(UNK)(UNK)(UNK)(UNK)(UNK)(UNK) GU,HU,IU,JU,KU,LU,MU,AU,BU,CU,DU,EU,FU
10 'polypeptide(L)'
;(UNK)(UNK)(UNK)(UNK)(UNK)(UNK)(UNK)(UNK)(UNK)(UNK)(UNK)(UNK)(UNK)(UNK)(UNK)(UNK)
(UNK)(UNK)(UNK)(UNK)(UNK)(UNK)(UNK)(UNK)(UNK)(UNK)(UNK)(UNK)(UNK)(UNK)(UNK)(UNK)
(UNK)(UNK)(UNK)(UNK)(UNK)(UNK)(UNK)(UNK)(UNK)(UNK)(UNK)(UNK)(UNK)(UNK)(UNK)(UNK)
;
GX,HX,IX,JX,KX,LX,MX,VX,WX,XX,YX,ZX,AX,BX,CX,DX,EX,FX
11 'polypeptide(L)'
;MRKFILSLSILLSALLVACSSRNHYGDTGSLAGLQAMADSKYTRAQKKQKMGKIREMALKETALSVGAQAGLAWRAKIID
EQLNKQARNLDAIYDFNSLVLEHNILPPVLLEGRNTLNLADAQSIRISDRTYKVAKQAHFITTPPTWRQYLWMDYVKPEA
PNVTLLPKTKAEKEIWCIYTERGWKNGIDQANTILEENIARIKEDFGGMILYRKLLAMNMVSPPYVSHTDLGVTGDGSEI
HIDDRVLRITALPELNVNSAEWRAAVAKDENALERFKNMEKLANQAKIVITNKSWQPIIAPVS
;
CC,EC,FC,DC,GC,HC,MC,JC,KC,LC,AC,BC,IC
#
# COMPACT_ATOMS: atom_id res chain seq x y z
N ILE A 862 37.60 -24.70 52.80
CA ILE A 862 38.08 -23.35 52.53
C ILE A 862 39.60 -23.36 52.32
N ILE A 863 40.04 -22.90 51.16
CA ILE A 863 41.45 -22.70 50.86
C ILE A 863 41.67 -21.23 50.55
N LYS A 864 42.61 -20.61 51.27
CA LYS A 864 42.90 -19.19 51.10
C LYS A 864 43.52 -18.92 49.73
N THR A 865 43.26 -17.73 49.21
CA THR A 865 43.66 -17.38 47.84
C THR A 865 45.16 -17.12 47.80
N GLY A 866 45.94 -18.13 47.42
CA GLY A 866 47.33 -17.90 47.11
C GLY A 866 48.37 -18.23 48.15
N ASP A 867 48.31 -19.43 48.71
CA ASP A 867 49.41 -19.98 49.49
C ASP A 867 50.15 -21.00 48.64
N ILE A 868 51.09 -21.72 49.25
CA ILE A 868 52.02 -22.57 48.52
C ILE A 868 51.82 -24.02 48.97
N MET A 869 51.68 -24.93 48.00
CA MET A 869 51.53 -26.37 48.21
C MET A 869 52.64 -27.08 47.41
N PHE A 870 52.74 -28.39 47.57
CA PHE A 870 53.79 -29.17 46.93
C PHE A 870 53.20 -30.39 46.24
N ALA A 871 53.94 -30.90 45.26
CA ALA A 871 53.60 -32.16 44.61
C ALA A 871 54.90 -32.81 44.14
N VAL A 872 54.82 -34.09 43.81
CA VAL A 872 55.95 -34.82 43.25
C VAL A 872 55.54 -35.36 41.89
N LEU A 873 56.33 -35.06 40.87
CA LEU A 873 56.03 -35.47 39.50
C LEU A 873 56.82 -36.72 39.17
N ASP A 874 56.13 -37.67 38.53
CA ASP A 874 56.64 -39.02 38.35
C ASP A 874 56.83 -39.36 36.87
N THR A 875 56.28 -38.53 36.00
CA THR A 875 56.28 -38.80 34.57
C THR A 875 56.98 -37.69 33.80
N SER A 876 57.84 -38.05 32.85
CA SER A 876 58.54 -37.07 32.04
C SER A 876 57.92 -36.95 30.66
N VAL A 877 58.18 -35.82 30.00
CA VAL A 877 57.61 -35.52 28.70
C VAL A 877 58.54 -34.54 27.98
N ASN A 878 58.75 -34.78 26.69
CA ASN A 878 59.49 -33.85 25.86
C ASN A 878 58.60 -32.66 25.51
N SER A 879 59.24 -31.52 25.25
CA SER A 879 58.50 -30.31 24.93
C SER A 879 58.18 -30.24 23.44
N ASP A 880 57.49 -31.24 22.93
CA ASP A 880 57.13 -31.26 21.51
C ASP A 880 55.64 -31.42 21.27
N GLU A 881 54.97 -32.32 21.99
CA GLU A 881 53.54 -32.57 21.81
C GLU A 881 52.87 -32.44 23.16
N PRO A 882 51.93 -31.51 23.35
CA PRO A 882 51.27 -31.35 24.65
C PRO A 882 50.32 -32.50 24.95
N GLY A 883 50.03 -32.66 26.24
CA GLY A 883 49.17 -33.72 26.70
C GLY A 883 48.89 -33.65 28.19
N PRO A 884 48.10 -34.59 28.70
CA PRO A 884 47.83 -34.64 30.15
C PRO A 884 49.05 -35.11 30.94
N ILE A 885 49.47 -34.31 31.91
CA ILE A 885 50.56 -34.68 32.80
C ILE A 885 50.12 -34.47 34.23
N LEU A 886 50.30 -35.50 35.06
CA LEU A 886 49.76 -35.55 36.41
C LEU A 886 50.88 -35.54 37.43
N ALA A 887 50.66 -34.83 38.52
CA ALA A 887 51.55 -34.80 39.68
C ALA A 887 50.81 -35.38 40.88
N THR A 888 51.58 -35.81 41.87
CA THR A 888 51.04 -36.45 43.05
C THR A 888 51.21 -35.49 44.22
N ILE A 889 50.09 -34.94 44.70
CA ILE A 889 50.14 -34.04 45.84
C ILE A 889 50.46 -34.86 47.09
N VAL A 890 51.59 -34.56 47.72
CA VAL A 890 52.14 -35.43 48.74
C VAL A 890 51.93 -34.91 50.15
N THR A 891 51.58 -33.64 50.31
CA THR A 891 51.36 -33.11 51.65
C THR A 891 50.10 -32.24 51.69
N GLY A 892 49.87 -31.57 52.82
CA GLY A 892 48.72 -30.70 52.94
C GLY A 892 47.49 -31.42 53.45
N LYS A 893 46.34 -30.74 53.31
CA LYS A 893 45.07 -31.31 53.75
C LYS A 893 44.58 -32.41 52.80
N LEU A 894 45.07 -32.40 51.56
CA LEU A 894 44.65 -33.37 50.57
C LEU A 894 45.71 -34.46 50.40
N LYS A 895 45.31 -35.71 50.63
CA LYS A 895 46.20 -36.86 50.48
C LYS A 895 45.60 -37.82 49.46
N GLY A 896 46.46 -38.38 48.61
CA GLY A 896 45.98 -39.15 47.48
C GLY A 896 45.59 -38.30 46.29
N SER A 897 45.85 -37.01 46.35
CA SER A 897 45.39 -36.09 45.30
C SER A 897 46.30 -36.15 44.08
N LYS A 898 45.68 -36.09 42.91
CA LYS A 898 46.38 -36.09 41.64
C LYS A 898 46.02 -34.83 40.87
N LEU A 899 46.98 -34.31 40.10
CA LEU A 899 46.79 -33.02 39.42
C LEU A 899 47.25 -33.13 37.97
N ILE A 900 46.30 -33.11 37.03
CA ILE A 900 46.59 -33.16 35.61
C ILE A 900 46.58 -31.74 35.05
N GLY A 901 47.48 -31.51 34.10
CA GLY A 901 47.53 -30.28 33.36
C GLY A 901 48.30 -30.51 32.07
N SER A 902 48.89 -29.47 31.52
CA SER A 902 49.64 -29.58 30.28
C SER A 902 50.77 -28.56 30.30
N PHE A 903 51.49 -28.44 29.19
CA PHE A 903 52.62 -27.52 29.11
C PHE A 903 52.52 -26.63 27.87
N ASN A 904 53.36 -25.60 27.84
CA ASN A 904 53.43 -24.65 26.75
C ASN A 904 54.89 -24.46 26.34
N LEU A 905 55.10 -24.10 25.09
CA LEU A 905 56.44 -23.94 24.58
C LEU A 905 56.81 -22.48 24.52
N PRO A 906 57.76 -22.02 25.34
CA PRO A 906 58.18 -20.63 25.29
C PRO A 906 59.16 -20.38 24.14
N SER A 907 59.23 -19.11 23.73
CA SER A 907 60.18 -18.72 22.69
C SER A 907 61.61 -18.73 23.19
N ASN A 908 61.84 -18.24 24.41
CA ASN A 908 63.15 -18.27 25.03
C ASN A 908 63.13 -19.25 26.21
N ALA A 909 64.29 -19.84 26.47
CA ALA A 909 64.42 -20.92 27.45
C ALA A 909 64.76 -20.42 28.83
N ASP A 910 64.37 -19.20 29.19
CA ASP A 910 64.67 -18.64 30.50
C ASP A 910 63.70 -19.07 31.58
N LYS A 911 62.58 -19.68 31.21
CA LYS A 911 61.72 -20.43 32.13
C LYS A 911 60.90 -21.42 31.33
N MET A 912 60.36 -22.42 32.05
CA MET A 912 59.49 -23.43 31.46
C MET A 912 58.63 -24.01 32.57
N VAL A 913 57.32 -24.07 32.33
CA VAL A 913 56.35 -24.37 33.36
C VAL A 913 55.39 -25.45 32.88
N ILE A 914 54.67 -26.04 33.83
CA ILE A 914 53.57 -26.95 33.56
C ILE A 914 52.29 -26.27 34.06
N THR A 915 51.37 -26.00 33.15
CA THR A 915 50.11 -25.35 33.48
C THR A 915 49.14 -26.41 33.97
N PHE A 916 48.69 -26.26 35.22
CA PHE A 916 47.89 -27.27 35.89
C PHE A 916 46.47 -26.76 36.06
N ASN A 917 45.49 -27.59 35.70
CA ASN A 917 44.10 -27.16 35.80
C ASN A 917 43.18 -28.15 36.51
N THR A 918 43.36 -29.45 36.28
CA THR A 918 42.35 -30.44 36.68
C THR A 918 42.84 -31.16 37.92
N MET A 919 42.11 -30.99 39.02
CA MET A 919 42.44 -31.61 40.31
C MET A 919 41.47 -32.77 40.55
N SER A 920 42.01 -33.92 40.98
CA SER A 920 41.20 -35.05 41.41
C SER A 920 41.58 -35.40 42.85
N ILE A 921 40.58 -35.43 43.71
CA ILE A 921 40.75 -35.66 45.15
C ILE A 921 39.98 -36.93 45.52
N PRO A 922 40.60 -37.90 46.21
CA PRO A 922 39.88 -39.13 46.57
C PRO A 922 38.89 -38.93 47.72
N GLY A 923 38.18 -39.99 48.09
CA GLY A 923 37.21 -39.90 49.17
C GLY A 923 35.83 -39.50 48.69
N ALA A 924 35.70 -38.26 48.23
CA ALA A 924 34.46 -37.75 47.68
C ALA A 924 34.59 -37.61 46.16
N GLU A 925 33.51 -37.97 45.46
CA GLU A 925 33.49 -37.95 44.00
C GLU A 925 33.15 -36.55 43.51
N LYS A 926 34.16 -35.69 43.50
CA LYS A 926 34.05 -34.36 42.93
C LYS A 926 35.32 -34.07 42.15
N THR A 927 35.25 -33.06 41.27
CA THR A 927 36.41 -32.64 40.50
C THR A 927 36.40 -31.11 40.52
N ILE A 928 37.11 -30.53 41.50
CA ILE A 928 37.18 -29.07 41.62
C ILE A 928 38.18 -28.55 40.59
N SER A 929 38.16 -27.24 40.35
CA SER A 929 38.96 -26.69 39.26
C SER A 929 39.88 -25.57 39.74
N ILE A 930 40.56 -25.78 40.86
CA ILE A 930 41.60 -24.84 41.28
C ILE A 930 42.81 -25.07 40.37
N SER A 931 43.19 -24.04 39.63
CA SER A 931 44.24 -24.13 38.63
C SER A 931 45.42 -23.26 39.07
N ALA A 932 46.63 -23.74 38.82
CA ALA A 932 47.82 -23.08 39.34
C ALA A 932 49.02 -23.44 38.47
N TYR A 933 50.17 -22.86 38.79
CA TYR A 933 51.40 -22.99 38.01
C TYR A 933 52.46 -23.71 38.85
N ALA A 934 53.69 -23.77 38.32
CA ALA A 934 54.77 -24.55 38.91
C ALA A 934 55.99 -23.68 39.19
N ILE A 935 56.65 -23.98 40.31
CA ILE A 935 57.95 -23.41 40.64
C ILE A 935 58.93 -24.55 40.85
N ASP A 936 60.21 -24.28 40.68
CA ASP A 936 61.24 -25.31 40.80
C ASP A 936 61.42 -25.72 42.25
N PRO A 937 61.57 -27.01 42.54
CA PRO A 937 61.82 -27.43 43.93
C PRO A 937 63.18 -26.97 44.43
N ASN A 938 63.18 -26.51 45.67
CA ASN A 938 64.33 -25.98 46.43
C ASN A 938 65.00 -24.79 45.75
N THR A 939 64.31 -24.07 44.87
CA THR A 939 64.85 -22.87 44.25
C THR A 939 63.85 -21.75 44.45
N ALA A 940 62.58 -22.13 44.49
CA ALA A 940 61.42 -21.23 44.46
C ALA A 940 61.51 -20.28 43.26
N ARG A 941 61.91 -20.84 42.13
CA ARG A 941 62.01 -20.09 40.88
C ARG A 941 61.18 -20.78 39.82
N THR A 942 60.90 -20.07 38.74
CA THR A 942 59.99 -20.57 37.72
C THR A 942 60.70 -21.21 36.53
N ALA A 943 62.03 -21.31 36.56
CA ALA A 943 62.74 -22.02 35.51
C ALA A 943 62.59 -23.52 35.70
N LEU A 944 62.84 -24.28 34.64
CA LEU A 944 62.79 -25.72 34.68
C LEU A 944 64.21 -26.28 34.58
N ALA A 945 64.53 -27.24 35.45
CA ALA A 945 65.82 -27.91 35.44
C ALA A 945 65.84 -28.89 34.28
N SER A 946 66.46 -28.47 33.18
CA SER A 946 66.58 -29.28 31.97
C SER A 946 67.80 -28.80 31.20
N ARG A 947 68.04 -29.43 30.04
CA ARG A 947 69.15 -29.07 29.16
C ARG A 947 68.63 -28.43 27.87
N THR A 948 69.34 -27.40 27.43
CA THR A 948 68.93 -26.62 26.26
C THR A 948 69.99 -26.53 25.17
N ASN A 949 71.13 -27.19 25.31
CA ASN A 949 72.19 -27.17 24.31
C ASN A 949 72.09 -28.37 23.39
N HIS A 950 70.85 -28.80 23.08
CA HIS A 950 70.62 -30.01 22.32
C HIS A 950 71.01 -29.84 20.84
N HIS A 951 70.63 -28.73 20.23
CA HIS A 951 70.82 -28.54 18.80
C HIS A 951 71.36 -27.15 18.50
N TYR A 952 72.42 -26.77 19.21
CA TYR A 952 73.33 -25.73 18.75
C TYR A 952 74.31 -26.27 17.73
N LEU A 953 75.09 -27.27 18.16
CA LEU A 953 76.32 -27.64 17.49
C LEU A 953 76.05 -28.41 16.20
N MET A 954 74.96 -29.19 16.14
CA MET A 954 74.67 -29.99 14.95
C MET A 954 74.38 -29.10 13.74
N ARG A 955 73.45 -28.17 13.89
CA ARG A 955 73.11 -27.27 12.80
C ARG A 955 74.24 -26.28 12.52
N TYR A 956 74.95 -25.83 13.57
CA TYR A 956 76.09 -24.93 13.37
C TYR A 956 77.18 -25.58 12.54
N GLY A 957 77.58 -26.80 12.90
CA GLY A 957 78.63 -27.49 12.16
C GLY A 957 78.21 -27.90 10.78
N SER A 958 76.94 -28.29 10.59
CA SER A 958 76.46 -28.66 9.27
C SER A 958 76.48 -27.47 8.31
N LEU A 959 75.97 -26.32 8.77
CA LEU A 959 75.96 -25.12 7.95
C LEU A 959 77.38 -24.66 7.63
N PHE A 960 78.26 -24.67 8.63
CA PHE A 960 79.62 -24.19 8.42
C PHE A 960 80.42 -25.12 7.53
N ALA A 961 80.18 -26.43 7.63
CA ALA A 961 80.86 -27.37 6.75
C ALA A 961 80.39 -27.23 5.31
N SER A 962 79.09 -26.99 5.10
CA SER A 962 78.58 -26.76 3.76
C SER A 962 79.18 -25.51 3.14
N SER A 963 79.28 -24.44 3.94
CA SER A 963 79.92 -23.22 3.49
C SER A 963 81.36 -23.45 3.10
N PHE A 964 82.16 -24.05 4.00
CA PHE A 964 83.59 -24.26 3.77
C PHE A 964 83.84 -25.15 2.54
N LEU A 965 82.94 -26.12 2.30
CA LEU A 965 83.02 -26.93 1.09
C LEU A 965 82.85 -26.06 -0.15
N GLN A 966 81.79 -25.23 -0.18
CA GLN A 966 81.54 -24.40 -1.35
C GLN A 966 82.68 -23.43 -1.62
N GLY A 967 83.19 -22.82 -0.53
CA GLY A 967 84.31 -21.90 -0.65
C GLY A 967 85.57 -22.58 -1.15
N PHE A 968 85.81 -23.82 -0.70
CA PHE A 968 87.01 -24.56 -1.11
C PHE A 968 86.99 -24.81 -2.59
N GLY A 969 85.86 -25.28 -3.11
CA GLY A 969 85.79 -25.56 -4.52
C GLY A 969 85.91 -24.32 -5.38
N ASN A 970 85.19 -23.24 -5.02
CA ASN A 970 85.21 -22.07 -5.89
C ASN A 970 86.55 -21.34 -5.84
N ALA A 971 87.18 -21.18 -4.67
CA ALA A 971 88.41 -20.41 -4.65
C ALA A 971 89.61 -21.22 -5.13
N PHE A 972 89.61 -22.54 -4.91
CA PHE A 972 90.70 -23.29 -5.54
C PHE A 972 90.43 -23.55 -7.01
N GLN A 973 89.22 -23.27 -7.51
CA GLN A 973 89.07 -23.07 -8.95
C GLN A 973 89.63 -21.72 -9.37
N SER A 974 89.43 -20.69 -8.55
CA SER A 974 89.81 -19.32 -8.91
C SER A 974 91.33 -19.18 -9.00
N ALA A 975 92.06 -19.88 -8.12
CA ALA A 975 93.52 -19.76 -8.08
C ALA A 975 94.22 -20.70 -9.07
N ASN A 976 93.52 -21.14 -10.12
CA ASN A 976 94.10 -22.10 -11.06
C ASN A 976 95.16 -21.47 -11.97
N THR A 977 94.96 -20.23 -12.40
CA THR A 977 95.91 -19.62 -13.33
C THR A 977 97.20 -19.21 -12.64
N THR A 978 97.10 -18.61 -11.46
CA THR A 978 98.28 -18.11 -10.77
C THR A 978 98.86 -19.15 -9.83
N SER A 999 95.20 -32.91 -11.69
CA SER A 999 93.88 -33.47 -11.97
C SER A 999 93.15 -33.83 -10.69
N THR A 1000 93.90 -34.40 -9.74
CA THR A 1000 93.32 -34.74 -8.44
C THR A 1000 92.89 -33.50 -7.67
N LEU A 1001 93.70 -32.45 -7.72
CA LEU A 1001 93.33 -31.19 -7.09
C LEU A 1001 92.15 -30.55 -7.80
N GLU A 1002 92.07 -30.75 -9.12
CA GLU A 1002 90.88 -30.34 -9.87
C GLU A 1002 89.64 -31.09 -9.39
N ASN A 1003 89.77 -32.38 -9.09
CA ASN A 1003 88.63 -33.13 -8.60
C ASN A 1003 88.26 -32.74 -7.18
N ALA A 1004 89.25 -32.32 -6.39
CA ALA A 1004 88.95 -31.71 -5.09
C ALA A 1004 88.12 -30.44 -5.25
N VAL A 1005 88.53 -29.59 -6.19
CA VAL A 1005 87.76 -28.39 -6.57
C VAL A 1005 86.35 -28.78 -6.98
N ILE A 1006 86.23 -29.87 -7.75
CA ILE A 1006 84.95 -30.35 -8.25
C ILE A 1006 84.00 -30.71 -7.11
N GLY A 1007 84.48 -31.57 -6.19
CA GLY A 1007 83.61 -32.09 -5.16
C GLY A 1007 83.19 -31.02 -4.19
N LEU A 1008 84.15 -30.16 -3.82
CA LEU A 1008 83.85 -29.09 -2.87
C LEU A 1008 82.94 -28.04 -3.50
N ALA A 1009 83.23 -27.66 -4.76
CA ALA A 1009 82.49 -26.63 -5.49
C ALA A 1009 81.05 -27.03 -5.73
N THR A 1010 80.75 -28.31 -5.75
CA THR A 1010 79.35 -28.61 -5.98
C THR A 1010 78.61 -29.17 -4.79
N VAL A 1011 79.27 -29.84 -3.84
CA VAL A 1011 78.53 -30.28 -2.66
C VAL A 1011 78.47 -29.22 -1.58
N GLY A 1012 79.14 -28.09 -1.75
CA GLY A 1012 78.93 -27.00 -0.81
C GLY A 1012 77.57 -26.33 -0.95
N LYS A 1013 77.15 -26.04 -2.19
CA LYS A 1013 76.03 -25.13 -2.43
C LYS A 1013 74.68 -25.76 -2.07
N ALA A 1014 74.45 -26.99 -2.52
CA ALA A 1014 73.16 -27.65 -2.26
C ALA A 1014 73.00 -27.95 -0.78
N TRP A 1015 74.07 -28.41 -0.13
CA TRP A 1015 74.02 -28.59 1.32
C TRP A 1015 73.89 -27.26 2.05
N SER A 1016 74.39 -26.17 1.47
CA SER A 1016 74.25 -24.86 2.12
C SER A 1016 72.80 -24.39 2.10
N GLN A 1017 72.13 -24.52 0.96
CA GLN A 1017 70.74 -24.10 0.90
C GLN A 1017 69.85 -25.04 1.70
N GLN A 1018 70.16 -26.35 1.73
CA GLN A 1018 69.39 -27.25 2.57
C GLN A 1018 69.64 -27.01 4.06
N ALA A 1019 70.86 -26.62 4.43
CA ALA A 1019 71.14 -26.34 5.82
C ALA A 1019 70.47 -25.07 6.30
N GLN A 1020 70.43 -24.05 5.45
CA GLN A 1020 69.66 -22.85 5.81
C GLN A 1020 68.16 -23.12 5.76
N GLN A 1021 67.74 -24.13 5.00
CA GLN A 1021 66.37 -24.59 5.08
C GLN A 1021 66.08 -25.23 6.44
N LEU A 1022 67.01 -26.03 6.96
CA LEU A 1022 66.76 -26.77 8.20
C LEU A 1022 67.29 -26.08 9.45
N PHE A 1023 67.82 -24.86 9.32
CA PHE A 1023 68.56 -24.27 10.44
C PHE A 1023 67.64 -23.74 11.53
N ASN A 1024 66.33 -23.69 11.28
CA ASN A 1024 65.39 -23.02 12.17
C ASN A 1024 64.79 -23.93 13.24
N THR A 1025 65.20 -25.20 13.33
CA THR A 1025 64.60 -26.11 14.30
C THR A 1025 65.15 -25.83 15.71
N PRO A 1026 64.31 -25.60 16.70
CA PRO A 1026 64.78 -25.24 18.03
C PRO A 1026 65.28 -26.45 18.81
N THR A 1027 66.01 -26.18 19.89
CA THR A 1027 66.42 -27.19 20.85
C THR A 1027 65.28 -27.40 21.82
N THR A 1028 64.79 -28.63 21.91
CA THR A 1028 63.72 -28.94 22.84
C THR A 1028 64.25 -28.97 24.27
N VAL A 1029 63.35 -28.79 25.23
CA VAL A 1029 63.63 -29.03 26.63
C VAL A 1029 62.86 -30.28 27.02
N GLU A 1030 63.28 -30.91 28.11
CA GLU A 1030 62.58 -32.10 28.57
C GLU A 1030 62.62 -32.17 30.08
N VAL A 1031 61.43 -32.30 30.69
CA VAL A 1031 61.35 -32.51 32.12
C VAL A 1031 61.76 -33.94 32.45
N TYR A 1032 61.94 -34.20 33.73
CA TYR A 1032 62.38 -35.51 34.18
C TYR A 1032 61.30 -36.20 35.00
N SER A 1033 61.45 -37.52 35.15
CA SER A 1033 60.40 -38.37 35.69
C SER A 1033 60.54 -38.63 37.19
N GLY A 1034 61.38 -37.88 37.89
CA GLY A 1034 61.51 -38.09 39.32
C GLY A 1034 61.69 -36.82 40.13
N THR A 1035 61.23 -35.69 39.60
CA THR A 1035 61.45 -34.39 40.22
C THR A 1035 60.14 -33.88 40.79
N GLY A 1036 60.19 -33.36 42.01
CA GLY A 1036 59.05 -32.70 42.59
C GLY A 1036 58.86 -31.31 42.01
N LEU A 1037 57.83 -30.63 42.52
CA LEU A 1037 57.56 -29.25 42.13
C LEU A 1037 56.71 -28.59 43.20
N GLY A 1038 56.72 -27.25 43.18
CA GLY A 1038 55.89 -26.46 44.06
C GLY A 1038 54.82 -25.73 43.26
N ILE A 1039 53.67 -25.52 43.91
CA ILE A 1039 52.47 -25.04 43.26
C ILE A 1039 51.88 -23.91 44.10
N LEU A 1040 51.74 -22.73 43.50
CA LEU A 1040 51.20 -21.58 44.23
C LEU A 1040 49.76 -21.31 43.78
N PHE A 1041 48.86 -21.21 44.75
CA PHE A 1041 47.42 -21.16 44.51
C PHE A 1041 47.02 -19.84 43.87
N THR A 1042 45.88 -19.86 43.16
CA THR A 1042 45.40 -18.72 42.41
C THR A 1042 44.00 -18.29 42.82
N GLN A 1043 43.13 -19.23 43.18
CA GLN A 1043 41.75 -18.92 43.56
C GLN A 1043 41.34 -19.77 44.75
N ASP A 1044 40.12 -19.52 45.23
CA ASP A 1044 39.55 -20.27 46.34
C ASP A 1044 38.70 -21.42 45.82
N VAL A 1045 38.53 -22.43 46.67
CA VAL A 1045 37.60 -23.53 46.45
C VAL A 1045 36.90 -23.84 47.76
N THR A 1046 36.00 -24.82 47.73
CA THR A 1046 35.29 -25.24 48.94
C THR A 1046 34.97 -26.73 48.90
N MET B 23 58.61 -123.17 23.72
CA MET B 23 58.18 -122.86 25.07
C MET B 23 57.19 -121.71 25.07
N LYS B 24 56.76 -121.30 23.88
CA LYS B 24 55.82 -120.19 23.77
C LYS B 24 54.42 -120.63 24.17
N PHE B 25 53.70 -119.74 24.83
CA PHE B 25 52.37 -120.04 25.34
C PHE B 25 51.34 -119.36 24.46
N LYS B 26 50.44 -120.15 23.88
CA LYS B 26 49.43 -119.62 23.00
C LYS B 26 48.04 -120.09 23.40
N LYS B 27 47.05 -119.80 22.58
CA LYS B 27 45.69 -120.27 22.77
C LYS B 27 45.20 -120.92 21.49
N PRO B 28 44.31 -121.90 21.59
CA PRO B 28 43.86 -122.63 20.40
C PRO B 28 43.12 -121.77 19.38
N PRO B 29 42.00 -121.04 19.72
CA PRO B 29 41.19 -120.48 18.64
C PRO B 29 41.79 -119.21 18.07
N ILE B 30 42.35 -119.32 16.87
CA ILE B 30 42.94 -118.19 16.16
C ILE B 30 42.22 -118.06 14.83
N ASN B 31 41.72 -116.87 14.53
CA ASN B 31 40.97 -116.64 13.31
C ASN B 31 41.49 -115.40 12.60
N ASN B 32 40.95 -115.18 11.40
CA ASN B 32 41.19 -113.95 10.69
C ASN B 32 40.47 -112.81 11.38
N PRO B 33 40.99 -111.58 11.29
CA PRO B 33 40.40 -110.47 12.05
C PRO B 33 39.01 -110.08 11.58
N SER B 34 38.29 -109.45 12.48
CA SER B 34 36.86 -109.22 12.35
C SER B 34 36.57 -107.74 12.16
N ASP B 35 35.28 -107.40 12.18
CA ASP B 35 34.85 -106.02 12.06
C ASP B 35 33.77 -105.70 13.08
N ASP B 36 33.83 -104.47 13.59
CA ASP B 36 32.95 -104.02 14.66
C ASP B 36 31.49 -104.00 14.25
N ALA B 37 31.22 -103.64 12.99
CA ALA B 37 29.84 -103.63 12.50
C ALA B 37 29.26 -105.03 12.49
N THR B 38 30.06 -106.01 12.04
CA THR B 38 29.65 -107.41 12.07
C THR B 38 29.43 -107.88 13.51
N ILE B 39 30.30 -107.43 14.41
CA ILE B 39 30.19 -107.77 15.83
C ILE B 39 28.88 -107.27 16.39
N LYS B 40 28.55 -106.02 16.12
CA LYS B 40 27.33 -105.43 16.67
C LYS B 40 26.09 -106.00 16.01
N LEU B 41 26.17 -106.36 14.73
CA LEU B 41 25.07 -107.04 14.06
C LEU B 41 24.77 -108.37 14.71
N ALA B 42 25.81 -109.15 15.00
CA ALA B 42 25.62 -110.43 15.68
C ALA B 42 25.11 -110.22 17.10
N GLU B 43 25.57 -109.14 17.75
CA GLU B 43 25.16 -108.82 19.11
C GLU B 43 23.67 -108.53 19.19
N ALA B 44 23.13 -107.83 18.19
CA ALA B 44 21.69 -107.66 18.14
C ALA B 44 20.98 -108.97 17.79
N ALA B 45 21.59 -109.74 16.87
CA ALA B 45 20.93 -110.91 16.31
C ALA B 45 20.70 -112.01 17.34
N VAL B 46 21.63 -112.17 18.28
CA VAL B 46 21.46 -113.24 19.26
C VAL B 46 20.29 -112.94 20.20
N SER B 47 20.10 -111.67 20.55
CA SER B 47 18.97 -111.30 21.41
C SER B 47 17.66 -111.45 20.66
N VAL B 48 17.65 -111.09 19.37
CA VAL B 48 16.45 -111.28 18.57
C VAL B 48 16.09 -112.77 18.46
N SER B 49 17.11 -113.61 18.26
CA SER B 49 16.90 -115.04 18.12
C SER B 49 16.36 -115.65 19.41
N ASP B 50 16.90 -115.23 20.56
CA ASP B 50 16.39 -115.74 21.82
C ASP B 50 14.97 -115.27 22.09
N SER B 51 14.63 -114.07 21.62
CA SER B 51 13.26 -113.57 21.75
C SER B 51 12.28 -114.45 20.99
N MET B 52 12.59 -114.78 19.73
CA MET B 52 11.66 -115.67 19.05
C MET B 52 11.75 -117.11 19.53
N LEU B 53 12.85 -117.49 20.19
CA LEU B 53 12.92 -118.82 20.79
C LEU B 53 11.92 -118.97 21.92
N GLU B 54 11.89 -118.01 22.84
CA GLU B 54 10.89 -118.09 23.90
C GLU B 54 9.49 -117.82 23.36
N MET B 55 9.37 -117.04 22.28
CA MET B 55 8.08 -116.85 21.63
C MET B 55 7.55 -118.16 21.07
N ALA B 56 8.43 -118.98 20.49
CA ALA B 56 8.00 -120.26 19.95
C ALA B 56 7.62 -121.20 21.07
N LYS B 57 8.35 -121.16 22.18
CA LYS B 57 8.02 -121.99 23.32
C LYS B 57 6.64 -121.66 23.88
N VAL B 58 6.35 -120.36 24.04
CA VAL B 58 5.09 -119.99 24.65
C VAL B 58 3.91 -120.23 23.71
N GLU B 59 4.09 -120.03 22.40
CA GLU B 59 2.95 -120.27 21.52
C GLU B 59 2.71 -121.77 21.32
N LYS B 60 3.78 -122.57 21.32
CA LYS B 60 3.63 -124.02 21.27
C LYS B 60 2.92 -124.54 22.51
N VAL B 61 3.26 -124.01 23.67
CA VAL B 61 2.61 -124.52 24.87
C VAL B 61 1.20 -123.99 25.03
N ILE B 62 0.85 -122.86 24.41
CA ILE B 62 -0.52 -122.40 24.56
C ILE B 62 -1.45 -123.01 23.52
N THR B 63 -0.94 -123.41 22.36
CA THR B 63 -1.80 -124.08 21.40
C THR B 63 -1.28 -125.49 21.11
N PRO B 64 -2.04 -126.52 21.46
CA PRO B 64 -1.57 -127.89 21.23
C PRO B 64 -1.63 -128.26 19.76
N PRO B 65 -0.67 -129.04 19.28
CA PRO B 65 -0.70 -129.47 17.88
C PRO B 65 -1.80 -130.47 17.61
N SER B 66 -2.25 -130.51 16.38
CA SER B 66 -3.35 -131.38 16.04
C SER B 66 -3.04 -132.31 14.88
N LYS B 67 -2.39 -131.82 13.83
CA LYS B 67 -2.21 -132.57 12.60
C LYS B 67 -0.79 -132.41 12.09
N ASP B 68 -0.51 -133.09 10.98
CA ASP B 68 0.73 -132.89 10.24
C ASP B 68 0.40 -132.95 8.76
N ASN B 69 1.16 -132.17 7.98
CA ASN B 69 0.91 -132.06 6.54
C ASN B 69 1.31 -133.32 5.77
N THR B 70 1.97 -134.29 6.42
CA THR B 70 2.29 -135.53 5.75
C THR B 70 1.07 -136.39 5.46
N LEU B 71 -0.09 -136.07 6.02
CA LEU B 71 -1.31 -136.76 5.64
C LEU B 71 -1.71 -136.40 4.21
N THR B 72 -1.69 -135.11 3.87
CA THR B 72 -1.98 -134.73 2.50
C THR B 72 -0.76 -134.79 1.60
N ILE B 73 0.43 -134.96 2.17
CA ILE B 73 1.64 -135.07 1.37
C ILE B 73 2.25 -136.45 1.59
N PRO B 74 1.94 -137.43 0.76
CA PRO B 74 2.64 -138.71 0.86
C PRO B 74 3.95 -138.68 0.13
N ASN B 75 4.61 -139.82 0.02
CA ASN B 75 5.85 -139.95 -0.74
C ASN B 75 5.81 -141.21 -1.58
N ALA B 76 6.43 -141.14 -2.75
CA ALA B 76 6.45 -142.24 -3.69
C ALA B 76 7.82 -142.29 -4.35
N TYR B 77 7.93 -143.10 -5.40
CA TYR B 77 9.19 -143.21 -6.12
C TYR B 77 9.42 -141.96 -6.95
N ASN B 78 10.64 -141.88 -7.49
CA ASN B 78 11.30 -140.71 -8.08
C ASN B 78 11.01 -139.44 -7.30
N LEU B 79 11.06 -139.55 -5.98
CA LEU B 79 11.00 -138.44 -5.07
C LEU B 79 12.20 -138.44 -4.15
N GLN B 80 13.08 -139.40 -4.29
CA GLN B 80 14.24 -139.54 -3.43
C GLN B 80 15.44 -138.80 -3.96
N ALA B 81 15.26 -137.99 -5.01
CA ALA B 81 16.32 -137.12 -5.47
C ALA B 81 16.60 -136.04 -4.44
N ARG B 82 17.78 -135.45 -4.55
CA ARG B 82 18.18 -134.41 -3.60
C ARG B 82 18.41 -133.10 -4.32
N ALA B 83 18.32 -132.02 -3.56
CA ALA B 83 18.44 -130.69 -4.12
C ALA B 83 18.97 -129.72 -3.08
N SER B 84 19.56 -128.64 -3.58
CA SER B 84 19.90 -127.48 -2.78
C SER B 84 19.60 -126.23 -3.61
N VAL B 85 19.24 -125.15 -2.92
CA VAL B 85 18.51 -124.06 -3.55
C VAL B 85 18.88 -122.73 -2.89
N ASP B 86 18.71 -121.65 -3.65
CA ASP B 86 18.69 -120.29 -3.14
C ASP B 86 17.67 -119.52 -3.99
N TRP B 87 16.44 -119.44 -3.48
CA TRP B 87 15.34 -118.81 -4.20
C TRP B 87 14.68 -117.79 -3.28
N SER B 88 14.38 -116.62 -3.82
CA SER B 88 13.79 -115.55 -3.03
C SER B 88 12.74 -114.78 -3.80
N GLY B 89 11.86 -115.48 -4.51
CA GLY B 89 10.89 -114.82 -5.34
C GLY B 89 9.49 -115.36 -5.20
N PRO B 90 8.73 -115.34 -6.29
CA PRO B 90 7.40 -115.95 -6.28
C PRO B 90 7.51 -117.47 -6.33
N ILE B 91 6.36 -118.12 -6.20
CA ILE B 91 6.36 -119.57 -6.03
C ILE B 91 6.24 -120.32 -7.34
N GLU B 92 5.81 -119.67 -8.42
CA GLU B 92 5.31 -120.39 -9.58
C GLU B 92 6.42 -121.01 -10.40
N GLU B 93 7.48 -120.25 -10.67
CA GLU B 93 8.61 -120.78 -11.41
C GLU B 93 9.31 -121.88 -10.63
N LEU B 94 9.37 -121.73 -9.31
CA LEU B 94 9.97 -122.73 -8.44
C LEU B 94 9.19 -124.04 -8.49
N THR B 95 7.86 -123.93 -8.42
CA THR B 95 7.03 -125.13 -8.47
C THR B 95 7.06 -125.78 -9.85
N ALA B 96 7.13 -124.96 -10.90
CA ALA B 96 7.23 -125.50 -12.25
C ALA B 96 8.54 -126.24 -12.44
N ARG B 97 9.64 -125.71 -11.91
CA ARG B 97 10.92 -126.40 -12.02
C ARG B 97 10.92 -127.70 -11.21
N ILE B 98 10.28 -127.70 -10.04
CA ILE B 98 10.28 -128.93 -9.26
C ILE B 98 9.36 -129.96 -9.89
N ALA B 99 8.31 -129.52 -10.60
CA ALA B 99 7.48 -130.48 -11.33
C ALA B 99 8.21 -131.04 -12.53
N LYS B 100 9.01 -130.20 -13.19
CA LYS B 100 9.81 -130.67 -14.31
C LYS B 100 10.85 -131.68 -13.86
N ALA B 101 11.40 -131.48 -12.67
CA ALA B 101 12.26 -132.51 -12.09
C ALA B 101 11.49 -133.77 -11.78
N ALA B 102 10.27 -133.64 -11.26
CA ALA B 102 9.48 -134.79 -10.87
C ALA B 102 8.90 -135.57 -12.03
N HIS B 103 8.90 -134.99 -13.25
CA HIS B 103 8.24 -135.55 -14.44
C HIS B 103 6.77 -135.85 -14.18
N PHE B 104 6.10 -134.94 -13.49
CA PHE B 104 4.72 -135.11 -13.09
C PHE B 104 3.85 -134.04 -13.75
N ARG B 105 2.55 -134.26 -13.67
CA ARG B 105 1.62 -133.23 -14.12
C ARG B 105 1.58 -132.09 -13.10
N PHE B 106 1.34 -130.89 -13.60
CA PHE B 106 1.29 -129.69 -12.79
C PHE B 106 -0.11 -129.09 -12.88
N ARG B 107 -0.67 -128.70 -11.74
CA ARG B 107 -2.03 -128.18 -11.73
C ARG B 107 -2.12 -126.95 -10.86
N VAL B 108 -2.93 -125.98 -11.29
CA VAL B 108 -3.13 -124.72 -10.59
C VAL B 108 -4.62 -124.52 -10.34
N LEU B 109 -4.95 -123.99 -9.17
CA LEU B 109 -6.34 -123.78 -8.80
C LEU B 109 -6.47 -122.43 -8.08
N GLY B 110 -7.37 -121.60 -8.56
CA GLY B 110 -7.69 -120.35 -7.92
C GLY B 110 -7.18 -119.14 -8.68
N LYS B 111 -7.86 -118.02 -8.50
CA LYS B 111 -7.42 -116.77 -9.10
C LYS B 111 -6.18 -116.25 -8.40
N SER B 112 -5.29 -115.67 -9.18
CA SER B 112 -4.03 -115.17 -8.63
C SER B 112 -4.28 -113.92 -7.79
N PRO B 113 -3.61 -113.79 -6.64
CA PRO B 113 -3.76 -112.58 -5.84
C PRO B 113 -3.08 -111.41 -6.50
N SER B 114 -3.54 -110.21 -6.14
CA SER B 114 -2.94 -108.99 -6.67
C SER B 114 -1.55 -108.77 -6.11
N VAL B 115 -1.40 -108.85 -4.80
CA VAL B 115 -0.07 -108.81 -4.20
C VAL B 115 0.57 -110.19 -4.33
N PRO B 116 1.78 -110.28 -4.86
CA PRO B 116 2.41 -111.59 -5.03
C PRO B 116 2.80 -112.21 -3.70
N VAL B 117 2.89 -113.53 -3.71
CA VAL B 117 3.30 -114.30 -2.55
C VAL B 117 4.75 -114.69 -2.72
N LEU B 118 5.56 -114.40 -1.71
CA LEU B 118 7.01 -114.53 -1.81
C LEU B 118 7.52 -115.46 -0.71
N ILE B 119 8.53 -116.27 -1.06
CA ILE B 119 9.10 -117.23 -0.13
C ILE B 119 10.61 -117.27 -0.33
N SER B 120 11.30 -117.78 0.68
CA SER B 120 12.76 -117.85 0.64
C SER B 120 13.22 -119.09 1.40
N ILE B 121 13.99 -119.94 0.74
CA ILE B 121 14.48 -121.19 1.31
C ILE B 121 15.94 -121.37 0.91
N SER B 122 16.81 -121.65 1.88
CA SER B 122 18.22 -121.94 1.65
C SER B 122 18.58 -123.21 2.40
N THR B 123 18.45 -124.35 1.74
CA THR B 123 18.63 -125.65 2.37
C THR B 123 19.78 -126.40 1.69
N LYS B 124 19.94 -127.67 2.06
CA LYS B 124 21.11 -128.44 1.65
C LYS B 124 20.77 -129.93 1.64
N ASP B 125 20.52 -130.47 0.45
CA ASP B 125 20.58 -131.91 0.16
C ASP B 125 19.59 -132.72 1.00
N GLU B 126 18.31 -132.50 0.74
CA GLU B 126 17.29 -133.29 1.41
C GLU B 126 16.29 -133.79 0.38
N SER B 127 15.19 -134.35 0.87
CA SER B 127 14.15 -134.88 0.00
C SER B 127 13.41 -133.75 -0.69
N LEU B 128 13.03 -134.00 -1.94
CA LEU B 128 12.16 -133.09 -2.66
C LEU B 128 10.81 -132.99 -1.97
N ALA B 129 10.33 -134.11 -1.43
CA ALA B 129 9.06 -134.11 -0.72
C ALA B 129 9.13 -133.25 0.54
N GLU B 130 10.25 -133.31 1.25
CA GLU B 130 10.40 -132.47 2.43
C GLU B 130 10.57 -131.02 2.06
N ILE B 131 11.22 -130.73 0.92
CA ILE B 131 11.32 -129.36 0.42
C ILE B 131 9.92 -128.82 0.12
N LEU B 132 9.09 -129.64 -0.52
CA LEU B 132 7.72 -129.25 -0.80
C LEU B 132 6.91 -129.09 0.48
N ARG B 133 7.19 -129.90 1.49
CA ARG B 133 6.49 -129.80 2.76
C ARG B 133 6.82 -128.50 3.48
N ASP B 134 8.10 -128.13 3.52
CA ASP B 134 8.42 -126.85 4.15
C ASP B 134 8.00 -125.67 3.29
N ILE B 135 7.90 -125.86 1.97
CA ILE B 135 7.35 -124.81 1.12
C ILE B 135 5.89 -124.56 1.46
N ASP B 136 5.11 -125.63 1.65
CA ASP B 136 3.73 -125.50 2.09
C ASP B 136 3.64 -124.87 3.47
N TYR B 137 4.55 -125.25 4.36
CA TYR B 137 4.57 -124.69 5.70
C TYR B 137 4.86 -123.19 5.70
N GLN B 138 5.83 -122.77 4.89
CA GLN B 138 6.17 -121.35 4.79
C GLN B 138 5.09 -120.57 4.06
N ALA B 139 4.37 -121.24 3.16
CA ALA B 139 3.20 -120.61 2.55
C ALA B 139 2.13 -120.35 3.59
N GLY B 140 1.84 -121.34 4.41
CA GLY B 140 0.90 -121.16 5.51
C GLY B 140 -0.52 -120.94 5.05
N LYS B 141 -1.08 -119.80 5.39
CA LYS B 141 -2.47 -119.51 5.07
C LYS B 141 -2.64 -118.93 3.67
N LYS B 142 -1.56 -118.69 2.95
CA LYS B 142 -1.67 -118.13 1.61
C LYS B 142 -2.20 -119.16 0.62
N ALA B 143 -1.64 -120.35 0.62
CA ALA B 143 -1.94 -121.34 -0.40
C ALA B 143 -1.61 -122.72 0.15
N SER B 144 -1.84 -123.74 -0.66
CA SER B 144 -1.63 -125.11 -0.24
C SER B 144 -1.16 -125.95 -1.40
N ILE B 145 -0.44 -127.01 -1.06
CA ILE B 145 0.20 -127.91 -2.01
C ILE B 145 -0.31 -129.31 -1.71
N HIS B 146 -0.72 -130.03 -2.77
CA HIS B 146 -1.11 -131.42 -2.59
C HIS B 146 -0.53 -132.25 -3.72
N VAL B 147 -0.41 -133.55 -3.47
CA VAL B 147 0.18 -134.47 -4.42
C VAL B 147 -0.66 -135.73 -4.49
N TYR B 148 -1.01 -136.15 -5.70
CA TYR B 148 -1.69 -137.42 -5.92
C TYR B 148 -0.73 -138.30 -6.70
N PRO B 149 -0.02 -139.21 -6.04
CA PRO B 149 1.10 -139.89 -6.69
C PRO B 149 0.67 -140.98 -7.65
N ASN B 150 -0.48 -141.61 -7.36
CA ASN B 150 -1.04 -142.57 -8.31
C ASN B 150 -1.48 -141.87 -9.58
N SER B 151 -1.97 -140.65 -9.46
CA SER B 151 -2.25 -139.83 -10.63
C SER B 151 -1.03 -139.10 -11.13
N GLN B 152 0.05 -139.08 -10.34
CA GLN B 152 1.30 -138.36 -10.64
C GLN B 152 1.05 -136.88 -10.89
N VAL B 153 0.21 -136.29 -10.06
CA VAL B 153 -0.23 -134.91 -10.23
C VAL B 153 0.24 -134.13 -9.00
N VAL B 154 0.87 -132.99 -9.24
CA VAL B 154 1.20 -132.05 -8.18
C VAL B 154 0.34 -130.82 -8.40
N GLU B 155 -0.45 -130.45 -7.39
CA GLU B 155 -1.40 -129.37 -7.53
C GLU B 155 -1.15 -128.30 -6.49
N LEU B 156 -1.42 -127.07 -6.89
CA LEU B 156 -1.41 -125.91 -6.01
C LEU B 156 -2.81 -125.32 -5.97
N ARG B 157 -3.31 -125.05 -4.77
CA ARG B 157 -4.57 -124.36 -4.60
C ARG B 157 -4.34 -123.08 -3.82
N TYR B 158 -4.95 -121.99 -4.27
CA TYR B 158 -4.69 -120.71 -3.61
C TYR B 158 -5.58 -120.56 -2.38
N ALA B 159 -5.52 -119.38 -1.76
CA ALA B 159 -6.41 -119.06 -0.65
C ALA B 159 -7.56 -118.23 -1.18
N LYS B 160 -8.78 -118.70 -0.93
CA LYS B 160 -9.98 -117.89 -1.13
C LYS B 160 -10.33 -117.25 0.21
N ILE B 161 -10.11 -115.94 0.31
CA ILE B 161 -10.28 -115.24 1.57
C ILE B 161 -10.82 -113.86 1.25
N TYR B 162 -11.05 -113.02 2.27
CA TYR B 162 -11.80 -111.76 2.22
C TYR B 162 -13.19 -111.99 1.63
N ARG C 207 -36.03 -93.86 52.81
CA ARG C 207 -36.90 -93.74 51.65
C ARG C 207 -36.98 -92.29 51.16
N ILE C 208 -38.19 -91.80 50.95
CA ILE C 208 -38.42 -90.45 50.47
C ILE C 208 -39.44 -89.76 51.36
N ILE C 209 -39.11 -88.55 51.81
CA ILE C 209 -40.00 -87.73 52.62
C ILE C 209 -40.07 -86.35 51.98
N TYR C 210 -41.27 -85.91 51.63
CA TYR C 210 -41.47 -84.71 50.83
C TYR C 210 -42.05 -83.59 51.68
N TYR C 211 -41.43 -82.42 51.59
CA TYR C 211 -41.97 -81.18 52.14
C TYR C 211 -42.60 -80.37 51.01
N ILE C 212 -43.43 -79.42 51.40
CA ILE C 212 -44.18 -78.61 50.46
C ILE C 212 -43.40 -77.33 50.17
N GLN C 213 -43.17 -77.04 48.89
CA GLN C 213 -42.51 -75.81 48.49
C GLN C 213 -43.53 -74.73 48.15
N ALA C 214 -44.39 -74.98 47.17
CA ALA C 214 -45.38 -74.00 46.74
C ALA C 214 -46.75 -74.68 46.69
N VAL C 215 -47.74 -74.06 47.32
CA VAL C 215 -49.07 -74.63 47.44
C VAL C 215 -50.07 -73.67 46.80
N ILE C 216 -50.83 -74.17 45.84
CA ILE C 216 -51.87 -73.42 45.16
C ILE C 216 -53.17 -74.16 45.39
N PRO C 217 -54.32 -73.48 45.36
CA PRO C 217 -55.57 -74.21 45.18
C PRO C 217 -55.57 -75.00 43.88
N GLY C 218 -55.53 -76.33 43.99
CA GLY C 218 -55.44 -77.18 42.83
C GLY C 218 -54.04 -77.74 42.56
N ARG C 219 -53.02 -76.92 42.73
CA ARG C 219 -51.66 -77.25 42.33
C ARG C 219 -50.75 -77.33 43.54
N ALA C 220 -49.82 -78.28 43.52
CA ALA C 220 -48.88 -78.40 44.62
C ALA C 220 -47.46 -78.53 44.08
N TRP C 221 -46.49 -78.09 44.87
CA TRP C 221 -45.08 -78.24 44.56
C TRP C 221 -44.39 -78.92 45.73
N LEU C 222 -43.58 -79.93 45.45
CA LEU C 222 -42.96 -80.74 46.47
C LEU C 222 -41.45 -80.79 46.27
N ILE C 223 -40.73 -80.82 47.38
CA ILE C 223 -39.30 -81.09 47.40
C ILE C 223 -39.06 -82.18 48.43
N GLY C 224 -38.43 -83.26 48.01
CA GLY C 224 -38.19 -84.37 48.89
C GLY C 224 -37.07 -84.10 49.87
N SER C 225 -36.82 -85.10 50.73
CA SER C 225 -35.70 -85.03 51.65
C SER C 225 -34.37 -85.26 50.95
N ASN C 226 -34.37 -85.75 49.71
CA ASN C 226 -33.16 -85.95 48.93
C ASN C 226 -32.89 -84.83 47.94
N GLY C 227 -33.64 -83.74 48.01
CA GLY C 227 -33.45 -82.62 47.13
C GLY C 227 -34.20 -82.69 45.81
N SER C 228 -34.90 -83.78 45.54
CA SER C 228 -35.65 -83.92 44.30
C SER C 228 -36.89 -83.04 44.34
N THR C 229 -37.06 -82.19 43.33
CA THR C 229 -38.17 -81.25 43.30
C THR C 229 -39.05 -81.52 42.10
N LEU C 230 -40.37 -81.40 42.31
CA LEU C 230 -41.35 -81.58 41.24
C LEU C 230 -42.64 -80.90 41.68
N THR C 231 -43.63 -80.93 40.81
CA THR C 231 -44.96 -80.45 41.12
C THR C 231 -45.96 -81.59 40.94
N VAL C 232 -47.19 -81.35 41.38
CA VAL C 232 -48.23 -82.38 41.32
C VAL C 232 -49.60 -81.72 41.20
N ARG C 233 -50.51 -82.47 40.57
CA ARG C 233 -51.92 -82.16 40.39
C ARG C 233 -52.73 -83.11 41.27
N GLU C 234 -54.03 -82.81 41.40
CA GLU C 234 -54.94 -83.63 42.20
C GLU C 234 -55.05 -85.04 41.64
N GLY C 235 -55.31 -85.16 40.35
CA GLY C 235 -55.18 -86.47 39.73
C GLY C 235 -53.81 -86.61 39.10
N SER C 236 -52.87 -87.20 39.84
CA SER C 236 -51.51 -87.40 39.38
C SER C 236 -50.84 -88.45 40.26
N LYS C 237 -49.76 -89.01 39.74
CA LYS C 237 -49.06 -90.12 40.40
C LYS C 237 -47.72 -89.65 40.93
N ILE C 238 -47.37 -90.10 42.14
CA ILE C 238 -46.07 -89.82 42.74
C ILE C 238 -45.51 -91.14 43.29
N PRO C 239 -44.27 -91.48 42.99
CA PRO C 239 -43.69 -92.72 43.53
C PRO C 239 -43.53 -92.66 45.05
N GLY C 240 -43.72 -93.81 45.68
CA GLY C 240 -43.65 -93.93 47.11
C GLY C 240 -44.89 -93.52 47.86
N TYR C 241 -45.90 -92.97 47.17
CA TYR C 241 -47.10 -92.50 47.83
C TYR C 241 -48.38 -92.84 47.08
N GLY C 242 -48.29 -93.48 45.92
CA GLY C 242 -49.47 -93.72 45.11
C GLY C 242 -49.91 -92.46 44.39
N MET C 243 -51.22 -92.18 44.37
CA MET C 243 -51.73 -90.96 43.77
C MET C 243 -52.16 -90.00 44.87
N VAL C 244 -52.65 -88.84 44.43
CA VAL C 244 -52.98 -87.75 45.35
C VAL C 244 -54.46 -87.84 45.69
N LYS C 245 -54.76 -88.13 46.96
CA LYS C 245 -56.15 -88.19 47.39
C LYS C 245 -56.75 -86.79 47.49
N LEU C 246 -55.99 -85.83 48.04
CA LEU C 246 -56.57 -84.52 48.30
C LEU C 246 -55.46 -83.48 48.36
N ILE C 247 -55.73 -82.33 47.78
CA ILE C 247 -54.86 -81.15 47.86
C ILE C 247 -55.62 -80.07 48.61
N ASP C 248 -55.05 -79.60 49.71
CA ASP C 248 -55.65 -78.55 50.52
C ASP C 248 -54.70 -77.35 50.57
N SER C 249 -55.22 -76.18 50.21
CA SER C 249 -54.42 -74.97 50.32
C SER C 249 -54.23 -74.57 51.78
N LEU C 250 -55.25 -74.77 52.60
CA LEU C 250 -55.16 -74.45 54.01
C LEU C 250 -54.50 -75.59 54.78
N GLN C 251 -53.74 -75.21 55.81
CA GLN C 251 -53.08 -76.06 56.81
C GLN C 251 -51.94 -76.90 56.24
N GLY C 252 -51.67 -76.86 54.93
CA GLY C 252 -50.55 -77.55 54.32
C GLY C 252 -50.57 -79.05 54.44
N ARG C 253 -51.72 -79.67 54.19
CA ARG C 253 -51.88 -81.11 54.31
C ARG C 253 -52.22 -81.69 52.96
N ILE C 254 -51.42 -82.63 52.48
CA ILE C 254 -51.67 -83.31 51.22
C ILE C 254 -51.92 -84.77 51.53
N LEU C 255 -53.04 -85.31 51.02
CA LEU C 255 -53.42 -86.68 51.30
C LEU C 255 -53.03 -87.57 50.12
N THR C 256 -52.36 -88.68 50.41
CA THR C 256 -51.95 -89.64 49.41
C THR C 256 -52.88 -90.86 49.45
N SER C 257 -52.89 -91.59 48.34
CA SER C 257 -53.62 -92.85 48.28
C SER C 257 -52.93 -93.96 49.08
N SER C 258 -51.69 -93.75 49.49
CA SER C 258 -51.00 -94.66 50.39
C SER C 258 -51.38 -94.43 51.85
N GLY C 259 -52.27 -93.48 52.13
CA GLY C 259 -52.62 -93.17 53.51
C GLY C 259 -51.67 -92.24 54.21
N GLN C 260 -50.82 -91.54 53.45
CA GLN C 260 -49.81 -90.66 54.02
C GLN C 260 -50.22 -89.20 53.87
N VAL C 261 -49.69 -88.37 54.75
CA VAL C 261 -49.95 -86.93 54.74
C VAL C 261 -48.63 -86.22 54.54
N ILE C 262 -48.57 -85.38 53.51
CA ILE C 262 -47.41 -84.55 53.23
C ILE C 262 -47.65 -83.16 53.81
N LYS C 263 -46.71 -82.71 54.64
CA LYS C 263 -46.76 -81.41 55.29
C LYS C 263 -45.54 -80.59 54.88
N PHE C 264 -45.41 -79.43 55.50
CA PHE C 264 -44.23 -78.60 55.30
C PHE C 264 -43.08 -79.09 56.16
N SER C 265 -41.89 -78.60 55.83
CA SER C 265 -40.73 -78.81 56.70
C SER C 265 -40.91 -78.02 57.98
N GLN C 266 -40.53 -78.62 59.11
CA GLN C 266 -40.69 -77.97 60.40
C GLN C 266 -39.72 -76.80 60.56
N GLU C 267 -38.44 -77.03 60.25
CA GLU C 267 -37.46 -75.95 60.37
C GLU C 267 -37.62 -74.96 59.24
N ASP C 268 -37.81 -75.42 58.01
CA ASP C 268 -38.08 -74.55 56.88
C ASP C 268 -39.56 -74.21 56.90
N SER C 269 -39.91 -73.24 57.74
CA SER C 269 -41.30 -72.85 57.96
C SER C 269 -41.39 -71.44 58.50
N GLN D 791 -84.33 -51.38 67.74
CA GLN D 791 -84.62 -51.60 66.34
C GLN D 791 -84.38 -50.34 65.52
N GLN D 792 -84.88 -49.20 66.02
CA GLN D 792 -84.67 -47.92 65.37
C GLN D 792 -83.30 -47.33 65.65
N GLU D 793 -82.54 -47.95 66.54
CA GLU D 793 -81.17 -47.53 66.83
C GLU D 793 -80.14 -48.25 65.99
N ILE D 794 -80.55 -49.27 65.23
CA ILE D 794 -79.61 -50.08 64.48
C ILE D 794 -79.05 -49.30 63.29
N GLN D 795 -79.91 -48.57 62.59
CA GLN D 795 -79.53 -47.96 61.32
C GLN D 795 -78.58 -46.79 61.51
N GLN D 796 -78.73 -46.04 62.61
CA GLN D 796 -77.74 -45.03 62.93
C GLN D 796 -76.45 -45.67 63.43
N ARG D 797 -76.54 -46.81 64.09
CA ARG D 797 -75.38 -47.61 64.45
C ARG D 797 -74.83 -48.36 63.24
N THR D 798 -75.64 -48.54 62.20
CA THR D 798 -75.13 -49.13 60.98
C THR D 798 -74.22 -48.17 60.22
N SER D 799 -74.66 -46.90 60.10
CA SER D 799 -74.05 -45.97 59.17
C SER D 799 -72.65 -45.56 59.60
N ASP D 800 -72.48 -45.22 60.88
CA ASP D 800 -71.15 -44.84 61.38
C ASP D 800 -70.21 -46.03 61.37
N MET D 801 -70.75 -47.23 61.60
CA MET D 801 -69.97 -48.44 61.38
C MET D 801 -69.62 -48.59 59.91
N LEU D 802 -70.56 -48.25 59.02
CA LEU D 802 -70.31 -48.40 57.59
C LEU D 802 -69.30 -47.39 57.09
N THR D 803 -69.42 -46.13 57.51
CA THR D 803 -68.55 -45.08 57.01
C THR D 803 -67.12 -45.26 57.49
N ALA D 804 -66.95 -45.65 58.76
CA ALA D 804 -65.61 -45.83 59.30
C ALA D 804 -64.93 -47.06 58.72
N ALA D 805 -65.67 -48.13 58.49
CA ALA D 805 -65.06 -49.34 57.96
C ALA D 805 -64.68 -49.17 56.49
N THR D 806 -65.49 -48.41 55.74
CA THR D 806 -65.11 -48.08 54.36
C THR D 806 -63.86 -47.22 54.35
N GLN D 807 -63.74 -46.33 55.34
CA GLN D 807 -62.47 -45.62 55.54
C GLN D 807 -61.37 -46.58 55.93
N LEU D 808 -61.69 -47.59 56.74
CA LEU D 808 -60.66 -48.54 57.16
C LEU D 808 -60.26 -49.47 56.02
N VAL D 809 -61.24 -49.96 55.25
CA VAL D 809 -60.95 -50.95 54.23
C VAL D 809 -60.21 -50.34 53.04
N GLN D 810 -60.30 -49.02 52.85
CA GLN D 810 -59.52 -48.41 51.79
C GLN D 810 -58.07 -48.20 52.21
N ASP D 811 -57.77 -48.32 53.50
CA ASP D 811 -56.39 -48.18 53.95
C ASP D 811 -55.56 -49.41 53.58
N TRP D 812 -56.20 -50.57 53.49
CA TRP D 812 -55.49 -51.81 53.16
C TRP D 812 -55.46 -52.07 51.66
N LYS D 813 -55.49 -51.02 50.85
CA LYS D 813 -55.31 -51.12 49.41
C LYS D 813 -53.96 -50.60 48.95
N GLN D 814 -53.41 -49.61 49.63
CA GLN D 814 -52.18 -48.97 49.17
C GLN D 814 -50.97 -49.84 49.46
N VAL D 815 -50.25 -50.19 48.41
CA VAL D 815 -48.97 -50.86 48.49
C VAL D 815 -48.00 -49.95 47.75
N GLU D 816 -47.34 -49.06 48.48
CA GLU D 816 -46.49 -48.07 47.86
C GLU D 816 -45.20 -48.70 47.32
N THR D 817 -44.72 -48.15 46.23
CA THR D 817 -43.51 -48.64 45.59
C THR D 817 -42.28 -48.25 46.42
N GLN D 818 -41.24 -49.04 46.29
CA GLN D 818 -39.96 -48.77 46.94
C GLN D 818 -39.08 -47.95 46.02
N VAL D 819 -37.94 -47.52 46.57
CA VAL D 819 -36.99 -46.70 45.83
C VAL D 819 -35.60 -47.32 45.99
N TYR D 820 -34.97 -47.62 44.86
CA TYR D 820 -33.57 -48.06 44.86
C TYR D 820 -32.71 -46.81 44.73
N THR D 821 -31.95 -46.49 45.76
CA THR D 821 -31.11 -45.32 45.79
C THR D 821 -29.65 -45.73 45.63
N GLU D 822 -28.98 -45.12 44.67
CA GLU D 822 -27.56 -45.37 44.44
C GLU D 822 -26.72 -44.42 45.28
N GLY D 823 -25.51 -44.85 45.59
CA GLY D 823 -24.62 -44.03 46.39
C GLY D 823 -23.17 -44.06 45.99
N THR D 824 -22.60 -42.91 45.68
CA THR D 824 -21.21 -42.81 45.27
C THR D 824 -20.67 -41.42 45.52
N ALA E 104 -71.76 -12.46 96.68
CA ALA E 104 -71.11 -11.48 95.82
C ALA E 104 -69.75 -11.97 95.40
N GLU E 105 -69.33 -13.09 96.00
CA GLU E 105 -67.98 -13.61 95.83
C GLU E 105 -68.05 -15.06 95.42
N VAL E 106 -69.05 -15.77 95.94
CA VAL E 106 -69.35 -17.12 95.46
C VAL E 106 -69.83 -17.09 94.02
N ILE E 107 -70.42 -15.97 93.59
CA ILE E 107 -70.75 -15.76 92.18
C ILE E 107 -69.49 -15.81 91.33
N ASP E 108 -68.44 -15.10 91.77
CA ASP E 108 -67.18 -15.07 91.04
C ASP E 108 -66.48 -16.42 91.07
N LYS E 109 -66.53 -17.11 92.22
CA LYS E 109 -65.90 -18.42 92.32
C LYS E 109 -66.59 -19.46 91.45
N LYS E 110 -67.92 -19.47 91.46
CA LYS E 110 -68.69 -20.37 90.60
C LYS E 110 -68.45 -20.05 89.14
N ALA E 111 -68.36 -18.75 88.80
CA ALA E 111 -68.06 -18.33 87.45
C ALA E 111 -66.69 -18.83 87.01
N PHE E 112 -65.69 -18.71 87.89
CA PHE E 112 -64.34 -19.15 87.56
C PHE E 112 -64.25 -20.66 87.38
N LYS E 113 -64.92 -21.43 88.24
CA LYS E 113 -64.86 -22.88 88.09
C LYS E 113 -65.64 -23.36 86.86
N ASP E 114 -66.76 -22.71 86.53
CA ASP E 114 -67.49 -23.19 85.35
C ASP E 114 -66.79 -22.77 84.06
N MET E 115 -66.14 -21.60 84.04
CA MET E 115 -65.38 -21.25 82.84
C MET E 115 -64.14 -22.11 82.71
N THR E 116 -63.57 -22.57 83.84
CA THR E 116 -62.51 -23.56 83.77
C THR E 116 -63.01 -24.85 83.16
N ARG E 117 -64.20 -25.30 83.58
CA ARG E 117 -64.79 -26.51 83.02
C ARG E 117 -65.10 -26.36 81.53
N ASN E 118 -65.61 -25.20 81.13
CA ASN E 118 -65.99 -25.00 79.74
C ASN E 118 -64.78 -24.78 78.85
N LEU E 119 -63.71 -24.18 79.39
CA LEU E 119 -62.46 -24.10 78.65
C LEU E 119 -61.86 -25.47 78.44
N TYR E 120 -61.70 -26.23 79.52
CA TYR E 120 -61.12 -27.57 79.44
C TYR E 120 -62.03 -28.55 80.16
N PRO E 121 -62.90 -29.26 79.43
CA PRO E 121 -63.67 -30.34 80.05
C PRO E 121 -62.87 -31.60 80.27
N LEU E 122 -61.69 -31.71 79.64
CA LEU E 122 -60.88 -32.91 79.70
C LEU E 122 -59.95 -32.83 80.90
N ASN E 123 -60.19 -33.68 81.89
CA ASN E 123 -59.22 -33.85 82.94
C ASN E 123 -58.04 -34.66 82.40
N PRO E 124 -56.85 -34.47 82.98
CA PRO E 124 -55.66 -35.19 82.50
C PRO E 124 -55.78 -36.71 82.55
N GLU E 125 -56.53 -37.24 83.51
CA GLU E 125 -56.82 -38.66 83.56
C GLU E 125 -57.63 -39.10 82.33
N GLN E 126 -58.60 -38.29 81.93
CA GLN E 126 -59.36 -38.58 80.72
C GLN E 126 -58.50 -38.44 79.48
N VAL E 127 -57.56 -37.49 79.49
CA VAL E 127 -56.61 -37.32 78.39
C VAL E 127 -55.75 -38.57 78.24
N VAL E 128 -55.25 -39.08 79.38
CA VAL E 128 -54.42 -40.28 79.38
C VAL E 128 -55.20 -41.49 78.91
N LYS E 129 -56.45 -41.62 79.37
CA LYS E 129 -57.25 -42.77 78.97
C LYS E 129 -57.67 -42.69 77.51
N LEU E 130 -57.87 -41.48 76.97
CA LEU E 130 -58.20 -41.36 75.56
C LEU E 130 -56.99 -41.60 74.67
N LYS E 131 -55.81 -41.20 75.12
CA LYS E 131 -54.60 -41.55 74.38
C LYS E 131 -54.32 -43.05 74.47
N GLN E 132 -54.70 -43.67 75.59
CA GLN E 132 -54.63 -45.12 75.69
C GLN E 132 -55.59 -45.79 74.71
N ILE E 133 -56.77 -45.21 74.54
CA ILE E 133 -57.74 -45.69 73.56
C ILE E 133 -57.17 -45.55 72.14
N TYR E 134 -56.48 -44.44 71.88
CA TYR E 134 -55.84 -44.25 70.57
C TYR E 134 -54.74 -45.27 70.33
N GLU E 135 -53.97 -45.60 71.37
CA GLU E 135 -52.96 -46.64 71.26
C GLU E 135 -53.61 -48.00 71.00
N THR E 136 -54.73 -48.27 71.67
CA THR E 136 -55.46 -49.52 71.45
C THR E 136 -55.99 -49.61 70.03
N SER E 137 -56.53 -48.50 69.53
CA SER E 137 -57.05 -48.46 68.17
C SER E 137 -55.94 -48.61 67.13
N GLU E 138 -54.78 -48.00 67.38
CA GLU E 138 -53.69 -48.15 66.43
C GLU E 138 -53.10 -49.55 66.48
N TYR E 139 -53.16 -50.21 67.63
CA TYR E 139 -52.74 -51.61 67.67
C TYR E 139 -53.71 -52.50 66.90
N ALA E 140 -55.01 -52.21 67.03
CA ALA E 140 -56.01 -52.96 66.28
C ALA E 140 -55.86 -52.78 64.78
N LYS E 141 -55.61 -51.55 64.34
CA LYS E 141 -55.47 -51.30 62.91
C LYS E 141 -54.10 -51.70 62.38
N ALA E 142 -53.09 -51.77 63.23
CA ALA E 142 -51.76 -52.20 62.82
C ALA E 142 -51.56 -53.69 63.01
N ALA E 143 -52.58 -54.39 63.51
CA ALA E 143 -52.53 -55.83 63.54
C ALA E 143 -52.52 -56.39 62.12
N THR E 144 -51.84 -57.51 61.95
CA THR E 144 -51.81 -58.23 60.69
C THR E 144 -52.45 -59.60 60.89
N PRO E 145 -53.38 -60.00 60.03
CA PRO E 145 -54.02 -61.30 60.19
C PRO E 145 -53.07 -62.45 59.90
N GLY E 146 -53.29 -63.55 60.62
CA GLY E 146 -52.53 -64.76 60.39
C GLY E 146 -51.13 -64.70 60.95
N THR E 147 -50.49 -65.85 60.96
CA THR E 147 -49.08 -65.89 61.36
C THR E 147 -48.23 -65.34 60.22
N PRO E 148 -47.30 -64.43 60.51
CA PRO E 148 -46.37 -63.97 59.49
C PRO E 148 -45.47 -65.10 59.04
N PRO E 149 -45.12 -65.15 57.76
CA PRO E 149 -44.16 -66.15 57.29
C PRO E 149 -42.77 -65.89 57.83
N LYS E 150 -42.01 -66.97 57.99
CA LYS E 150 -40.66 -66.85 58.52
C LYS E 150 -39.74 -66.30 57.45
N PRO E 151 -39.00 -65.23 57.73
CA PRO E 151 -38.01 -64.71 56.76
C PRO E 151 -36.86 -65.67 56.61
N THR E 152 -36.60 -66.07 55.36
CA THR E 152 -35.65 -67.14 55.08
C THR E 152 -34.80 -66.77 53.86
N ALA E 153 -33.62 -67.38 53.78
CA ALA E 153 -32.74 -67.25 52.63
C ALA E 153 -32.47 -68.63 52.06
N THR E 154 -32.60 -68.76 50.74
CA THR E 154 -32.52 -70.05 50.08
C THR E 154 -31.39 -70.05 49.04
N SER E 155 -30.86 -71.24 48.77
CA SER E 155 -29.88 -71.42 47.72
C SER E 155 -30.25 -72.66 46.93
N GLN E 156 -30.34 -72.51 45.61
CA GLN E 156 -30.71 -73.60 44.73
C GLN E 156 -29.81 -73.60 43.50
N PHE E 157 -30.02 -74.57 42.64
CA PHE E 157 -29.32 -74.68 41.37
C PHE E 157 -30.38 -74.82 40.27
N VAL E 158 -30.39 -73.88 39.33
CA VAL E 158 -31.36 -73.93 38.26
C VAL E 158 -30.93 -74.97 37.22
N ASN E 159 -31.88 -75.43 36.43
CA ASN E 159 -31.59 -76.44 35.41
C ASN E 159 -32.20 -76.04 34.08
N LEU E 160 -31.38 -76.08 33.03
CA LEU E 160 -31.81 -75.81 31.67
C LEU E 160 -31.94 -77.08 30.84
N SER E 161 -32.06 -78.22 31.50
CA SER E 161 -32.29 -79.47 30.78
C SER E 161 -33.70 -79.47 30.19
N PRO E 162 -33.90 -80.14 29.04
CA PRO E 162 -35.21 -80.08 28.38
C PRO E 162 -36.26 -81.01 28.98
N GLY E 163 -36.02 -81.51 30.18
CA GLY E 163 -37.04 -82.27 30.90
C GLY E 163 -37.35 -81.67 32.25
N SER E 164 -36.53 -80.71 32.69
CA SER E 164 -36.65 -80.17 34.03
C SER E 164 -37.83 -79.21 34.13
N THR E 165 -38.20 -78.88 35.37
CA THR E 165 -39.24 -77.96 35.79
C THR E 165 -38.63 -76.61 36.18
N PRO E 166 -39.30 -75.50 35.88
CA PRO E 166 -38.75 -74.20 36.24
C PRO E 166 -38.83 -73.98 37.75
N PRO E 167 -37.88 -73.26 38.32
CA PRO E 167 -37.89 -73.03 39.77
C PRO E 167 -38.95 -72.02 40.20
N VAL E 168 -39.34 -72.15 41.46
CA VAL E 168 -40.41 -71.38 42.07
C VAL E 168 -39.83 -70.49 43.15
N ILE E 169 -40.33 -69.26 43.24
CA ILE E 169 -39.91 -68.32 44.27
C ILE E 169 -41.13 -67.87 45.05
N ARG E 170 -41.09 -68.04 46.37
CA ARG E 170 -42.14 -67.53 47.24
C ARG E 170 -41.95 -66.04 47.47
N LEU E 171 -43.07 -65.31 47.46
CA LEU E 171 -43.06 -63.87 47.58
C LEU E 171 -44.00 -63.43 48.69
N SER E 172 -43.94 -62.14 48.99
CA SER E 172 -44.82 -61.52 49.98
C SER E 172 -45.22 -60.14 49.49
N GLN E 173 -46.48 -59.79 49.71
CA GLN E 173 -46.97 -58.49 49.32
C GLN E 173 -46.45 -57.42 50.27
N GLY E 174 -45.94 -56.33 49.70
CA GLY E 174 -45.36 -55.28 50.50
C GLY E 174 -43.95 -55.51 50.95
N PHE E 175 -43.34 -56.64 50.59
CA PHE E 175 -41.96 -56.93 50.93
C PHE E 175 -41.16 -57.19 49.67
N VAL E 176 -39.85 -57.32 49.87
CA VAL E 176 -38.92 -57.44 48.75
C VAL E 176 -38.25 -58.81 48.80
N SER E 177 -37.62 -59.16 47.69
CA SER E 177 -36.78 -60.34 47.59
C SER E 177 -35.60 -60.00 46.68
N SER E 178 -34.48 -60.65 46.95
CA SER E 178 -33.23 -60.40 46.23
C SER E 178 -32.75 -61.68 45.57
N LEU E 179 -32.21 -61.54 44.36
CA LEU E 179 -31.71 -62.66 43.58
C LEU E 179 -30.25 -62.42 43.23
N VAL E 180 -29.42 -63.44 43.47
CA VAL E 180 -28.00 -63.40 43.14
C VAL E 180 -27.67 -64.67 42.37
N PHE E 181 -27.03 -64.51 41.20
CA PHE E 181 -26.82 -65.61 40.26
C PHE E 181 -25.34 -65.89 40.12
N LEU E 182 -24.98 -67.18 40.24
CA LEU E 182 -23.60 -67.63 40.14
C LEU E 182 -23.50 -68.74 39.11
N ASP E 183 -22.28 -68.98 38.63
CA ASP E 183 -22.04 -69.98 37.59
C ASP E 183 -21.87 -71.36 38.21
N SER E 184 -21.34 -72.32 37.44
CA SER E 184 -20.98 -73.62 37.99
C SER E 184 -19.89 -73.48 39.03
N THR E 185 -18.92 -72.60 38.80
CA THR E 185 -17.83 -72.40 39.74
C THR E 185 -18.24 -71.57 40.95
N GLY E 186 -19.36 -70.86 40.87
CA GLY E 186 -19.81 -70.00 41.94
C GLY E 186 -19.49 -68.53 41.75
N ALA E 187 -18.73 -68.19 40.72
CA ALA E 187 -18.48 -66.78 40.42
C ALA E 187 -19.75 -66.15 39.84
N PRO E 188 -19.96 -64.84 40.08
CA PRO E 188 -21.18 -64.21 39.58
C PRO E 188 -21.22 -64.12 38.06
N TRP E 189 -22.43 -64.18 37.52
CA TRP E 189 -22.65 -64.12 36.09
C TRP E 189 -23.58 -62.96 35.78
N PRO E 190 -23.15 -61.97 35.00
CA PRO E 190 -24.00 -60.79 34.76
C PRO E 190 -25.18 -61.08 33.84
N ILE E 191 -26.17 -60.21 33.96
CA ILE E 191 -27.45 -60.35 33.25
C ILE E 191 -27.36 -59.61 31.93
N ALA E 192 -27.79 -60.26 30.84
CA ALA E 192 -28.05 -59.53 29.61
C ALA E 192 -29.29 -58.67 29.76
N ALA E 193 -30.44 -59.29 29.97
CA ALA E 193 -31.70 -58.54 30.07
C ALA E 193 -32.72 -59.37 30.82
N TYR E 194 -33.93 -58.82 30.94
CA TYR E 194 -35.02 -59.52 31.59
C TYR E 194 -36.35 -59.06 31.00
N ASP E 195 -37.30 -59.99 30.93
CA ASP E 195 -38.66 -59.74 30.49
C ASP E 195 -39.61 -60.09 31.63
N LEU E 196 -40.51 -59.16 31.94
CA LEU E 196 -41.42 -59.28 33.06
C LEU E 196 -42.85 -59.22 32.58
N GLY E 197 -43.68 -60.14 33.06
CA GLY E 197 -45.11 -60.09 32.84
C GLY E 197 -45.81 -59.56 34.08
N ASP E 198 -47.00 -58.96 33.85
CA ASP E 198 -47.84 -58.29 34.85
C ASP E 198 -47.06 -57.26 35.66
N PRO E 199 -46.76 -56.09 35.08
CA PRO E 199 -46.06 -55.06 35.84
C PRO E 199 -46.88 -54.41 36.93
N SER E 200 -48.19 -54.69 36.99
CA SER E 200 -49.03 -54.13 38.04
C SER E 200 -48.66 -54.69 39.41
N SER E 201 -48.51 -56.00 39.51
CA SER E 201 -48.31 -56.65 40.79
C SER E 201 -46.85 -56.90 41.13
N PHE E 202 -45.91 -56.45 40.30
CA PHE E 202 -44.50 -56.64 40.59
C PHE E 202 -43.72 -55.37 40.25
N ASN E 203 -42.57 -55.22 40.90
CA ASN E 203 -41.66 -54.12 40.61
C ASN E 203 -40.23 -54.62 40.68
N ILE E 204 -39.42 -54.20 39.70
CA ILE E 204 -38.05 -54.64 39.54
C ILE E 204 -37.16 -53.40 39.55
N GLN E 205 -36.17 -53.38 40.43
CA GLN E 205 -35.18 -52.31 40.45
C GLN E 205 -33.83 -52.92 40.13
N TRP E 206 -33.29 -52.56 38.97
CA TRP E 206 -32.12 -53.23 38.40
C TRP E 206 -31.21 -52.21 37.76
N ASP E 207 -30.03 -52.00 38.32
CA ASP E 207 -29.00 -51.24 37.63
C ASP E 207 -28.50 -52.04 36.43
N LYS E 208 -28.05 -51.33 35.40
CA LYS E 208 -27.74 -51.97 34.13
C LYS E 208 -26.48 -52.82 34.16
N THR E 209 -25.69 -52.76 35.23
CA THR E 209 -24.37 -53.36 35.26
C THR E 209 -24.24 -54.55 36.18
N SER E 210 -24.83 -54.50 37.38
CA SER E 210 -24.62 -55.58 38.33
C SER E 210 -25.50 -56.78 37.98
N ASN E 211 -25.21 -57.91 38.62
CA ASN E 211 -25.97 -59.13 38.41
C ASN E 211 -26.99 -59.39 39.50
N THR E 212 -27.24 -58.41 40.36
CA THR E 212 -28.15 -58.58 41.49
C THR E 212 -29.52 -58.02 41.15
N LEU E 213 -30.56 -58.67 41.64
CA LEU E 213 -31.93 -58.30 41.31
C LEU E 213 -32.75 -58.05 42.56
N MET E 214 -33.57 -57.00 42.52
CA MET E 214 -34.40 -56.58 43.65
C MET E 214 -35.84 -56.48 43.17
N ILE E 215 -36.71 -57.35 43.70
CA ILE E 215 -38.06 -57.49 43.20
C ILE E 215 -39.03 -57.42 44.37
N GLN E 216 -40.02 -56.53 44.27
CA GLN E 216 -41.08 -56.47 45.26
C GLN E 216 -42.43 -56.78 44.62
N ALA E 217 -43.37 -57.16 45.46
CA ALA E 217 -44.71 -57.54 45.03
C ALA E 217 -45.72 -56.50 45.50
N THR E 218 -46.85 -56.44 44.80
CA THR E 218 -47.87 -55.43 45.03
C THR E 218 -49.25 -56.02 45.27
N LYS E 219 -49.61 -57.09 44.58
CA LYS E 219 -50.83 -57.81 44.90
C LYS E 219 -50.48 -58.97 45.83
N LEU E 220 -51.44 -59.34 46.67
CA LEU E 220 -51.21 -60.41 47.64
C LEU E 220 -51.08 -61.77 46.98
N TYR E 221 -51.93 -62.06 45.99
CA TYR E 221 -51.99 -63.41 45.43
C TYR E 221 -52.05 -63.38 43.91
N ASN E 222 -51.16 -62.62 43.30
CA ASN E 222 -50.97 -62.64 41.86
C ASN E 222 -49.68 -63.37 41.54
N TYR E 223 -49.81 -64.55 40.93
CA TYR E 223 -48.66 -65.38 40.60
C TYR E 223 -48.27 -65.16 39.15
N GLY E 224 -46.96 -65.09 38.90
CA GLY E 224 -46.49 -64.77 37.57
C GLY E 224 -45.22 -65.49 37.16
N ASN E 225 -44.63 -65.08 36.03
CA ASN E 225 -43.39 -65.66 35.55
C ASN E 225 -42.45 -64.56 35.11
N LEU E 226 -41.17 -64.89 35.06
CA LEU E 226 -40.12 -63.93 34.74
C LEU E 226 -39.04 -64.60 33.91
N ALA E 227 -38.55 -63.90 32.88
CA ALA E 227 -37.50 -64.44 32.02
C ALA E 227 -36.24 -63.61 32.19
N VAL E 228 -35.10 -64.28 32.37
CA VAL E 228 -33.82 -63.63 32.60
C VAL E 228 -32.80 -64.20 31.63
N ARG E 229 -32.15 -63.33 30.85
CA ARG E 229 -31.03 -63.72 30.01
C ARG E 229 -29.74 -63.19 30.61
N LEU E 230 -28.77 -64.09 30.76
CA LEU E 230 -27.42 -63.75 31.21
C LEU E 230 -26.54 -63.41 30.02
N ARG E 231 -25.29 -63.04 30.30
CA ARG E 231 -24.40 -62.54 29.26
C ARG E 231 -23.90 -63.67 28.37
N GLY E 232 -23.15 -64.61 28.95
CA GLY E 232 -22.60 -65.69 28.16
C GLY E 232 -23.63 -66.71 27.74
N LEU E 233 -24.72 -66.83 28.48
CA LEU E 233 -25.76 -67.79 28.16
C LEU E 233 -26.63 -67.26 27.04
N ASN E 234 -26.66 -67.97 25.91
CA ASN E 234 -27.55 -67.58 24.84
C ASN E 234 -29.00 -67.93 25.17
N THR E 235 -29.22 -69.03 25.88
CA THR E 235 -30.57 -69.45 26.23
C THR E 235 -30.97 -68.85 27.56
N PRO E 236 -31.99 -68.00 27.61
CA PRO E 236 -32.42 -67.42 28.89
C PRO E 236 -33.20 -68.44 29.71
N VAL E 237 -33.26 -68.17 31.01
CA VAL E 237 -33.99 -69.01 31.95
C VAL E 237 -35.29 -68.32 32.29
N MET E 238 -36.20 -69.09 32.89
CA MET E 238 -37.47 -68.56 33.37
C MET E 238 -37.74 -69.08 34.77
N LEU E 239 -38.54 -68.31 35.51
CA LEU E 239 -38.70 -68.50 36.94
C LEU E 239 -40.12 -68.10 37.32
N THR E 240 -40.84 -68.98 38.00
CA THR E 240 -42.19 -68.64 38.39
C THR E 240 -42.20 -68.10 39.81
N LEU E 241 -43.13 -67.18 40.05
CA LEU E 241 -43.18 -66.42 41.30
C LEU E 241 -44.58 -66.56 41.86
N ILE E 242 -44.68 -67.04 43.10
CA ILE E 242 -45.95 -67.21 43.77
C ILE E 242 -45.90 -66.47 45.09
N PRO E 243 -46.79 -65.51 45.33
CA PRO E 243 -46.80 -64.80 46.62
C PRO E 243 -47.78 -65.41 47.61
N GLY E 244 -47.51 -65.15 48.89
CA GLY E 244 -48.38 -65.62 49.95
C GLY E 244 -48.07 -67.03 50.43
N GLN E 245 -46.87 -67.25 50.93
CA GLN E 245 -46.43 -68.55 51.39
C GLN E 245 -46.21 -68.54 52.90
N LYS E 246 -46.00 -69.73 53.46
CA LYS E 246 -45.67 -69.88 54.87
C LYS E 246 -44.26 -69.44 55.19
N ALA E 247 -43.40 -69.29 54.19
CA ALA E 247 -42.06 -68.75 54.37
C ALA E 247 -41.78 -67.76 53.25
N VAL E 248 -41.02 -66.73 53.58
CA VAL E 248 -40.68 -65.66 52.64
C VAL E 248 -39.18 -65.74 52.35
N ASP E 249 -38.85 -65.78 51.07
CA ASP E 249 -37.45 -65.87 50.63
C ASP E 249 -36.85 -64.49 50.62
N TYR E 250 -35.89 -64.25 51.52
CA TYR E 250 -35.19 -62.97 51.52
C TYR E 250 -34.18 -62.92 50.38
N ARG E 251 -33.18 -63.78 50.40
CA ARG E 251 -32.15 -63.84 49.37
C ARG E 251 -32.14 -65.23 48.75
N VAL E 252 -32.21 -65.28 47.43
CA VAL E 252 -32.13 -66.53 46.71
C VAL E 252 -30.83 -66.53 45.90
N ASP E 253 -29.95 -67.46 46.24
CA ASP E 253 -28.74 -67.72 45.47
C ASP E 253 -29.06 -68.80 44.45
N LEU E 254 -28.68 -68.58 43.19
CA LEU E 254 -29.01 -69.52 42.13
C LEU E 254 -27.76 -69.91 41.37
N ARG E 255 -27.41 -71.19 41.43
CA ARG E 255 -26.32 -71.73 40.63
C ARG E 255 -26.82 -72.08 39.24
N VAL E 256 -25.98 -71.88 38.24
CA VAL E 256 -26.31 -72.26 36.88
C VAL E 256 -25.31 -73.32 36.42
N GLN E 257 -25.67 -74.01 35.35
CA GLN E 257 -24.91 -75.14 34.84
C GLN E 257 -23.88 -74.75 33.79
N GLY E 258 -23.39 -73.52 33.81
CA GLY E 258 -22.43 -73.05 32.84
C GLY E 258 -21.20 -72.41 33.44
N TYR E 259 -20.26 -72.11 32.54
CA TYR E 259 -19.03 -71.37 32.85
C TYR E 259 -19.20 -69.95 32.34
N GLY E 260 -19.14 -68.98 33.23
CA GLY E 260 -19.36 -67.61 32.86
C GLY E 260 -18.17 -66.96 32.20
N PRO E 261 -18.38 -65.79 31.61
CA PRO E 261 -17.24 -64.91 31.32
C PRO E 261 -16.51 -64.50 32.58
N ASN E 262 -17.27 -64.29 33.66
CA ASN E 262 -16.72 -64.16 35.01
C ASN E 262 -16.83 -65.54 35.63
N ALA E 263 -15.85 -66.39 35.34
CA ALA E 263 -15.68 -67.71 35.92
C ALA E 263 -14.24 -67.87 36.37
N LYS E 264 -13.75 -66.87 37.09
CA LYS E 264 -12.35 -66.75 37.44
C LYS E 264 -11.90 -67.86 38.41
N SER E 265 -12.78 -68.25 39.32
CA SER E 265 -12.42 -69.15 40.42
C SER E 265 -12.64 -70.59 39.94
N MET E 266 -11.71 -71.09 39.16
CA MET E 266 -11.83 -72.49 38.78
C MET E 266 -11.39 -73.39 39.95
N PRO E 267 -12.13 -74.48 40.20
CA PRO E 267 -11.73 -75.40 41.28
C PRO E 267 -10.50 -76.21 40.89
N THR E 268 -9.38 -75.89 41.51
CA THR E 268 -8.12 -76.59 41.28
C THR E 268 -7.88 -77.55 42.45
N GLU E 269 -7.80 -78.84 42.15
CA GLU E 269 -7.62 -79.88 43.15
C GLU E 269 -6.16 -80.31 43.18
N GLU E 270 -5.88 -81.39 43.91
CA GLU E 270 -4.53 -81.90 44.01
C GLU E 270 -4.11 -82.55 42.69
N GLY E 271 -2.80 -82.71 42.54
CA GLY E 271 -2.27 -83.32 41.33
C GLY E 271 -1.84 -84.75 41.51
N ILE E 272 -2.48 -85.66 40.78
CA ILE E 272 -1.97 -87.03 40.70
C ILE E 272 -0.65 -87.00 39.94
N PRO E 273 0.42 -87.61 40.46
CA PRO E 273 1.73 -87.49 39.81
C PRO E 273 1.74 -88.22 38.48
N PRO E 274 2.55 -87.76 37.53
CA PRO E 274 2.67 -88.47 36.26
C PRO E 274 3.36 -89.80 36.43
N SER E 275 3.02 -90.74 35.54
CA SER E 275 3.53 -92.10 35.69
C SER E 275 4.99 -92.19 35.30
N ALA E 276 5.30 -91.91 34.05
CA ALA E 276 6.65 -92.01 33.53
C ALA E 276 6.69 -91.28 32.20
N ASN E 277 7.83 -90.66 31.91
CA ASN E 277 7.97 -89.99 30.62
C ASN E 277 8.19 -91.03 29.54
N ASP E 278 7.46 -90.87 28.43
CA ASP E 278 7.44 -91.89 27.39
C ASP E 278 8.72 -91.95 26.58
N LEU E 279 9.60 -90.96 26.71
CA LEU E 279 10.87 -90.98 26.00
C LEU E 279 11.79 -92.09 26.50
N LEU E 280 11.58 -92.54 27.73
CA LEU E 280 12.46 -93.51 28.35
C LEU E 280 12.41 -94.87 27.66
N LEU E 281 11.32 -95.17 26.97
CA LEU E 281 11.23 -96.45 26.26
C LEU E 281 12.17 -96.47 25.06
N HIS E 282 12.13 -95.41 24.26
CA HIS E 282 13.07 -95.28 23.15
C HIS E 282 14.49 -95.15 23.65
N VAL E 283 14.68 -94.51 24.81
CA VAL E 283 15.99 -94.43 25.44
C VAL E 283 16.48 -95.82 25.82
N LEU E 284 15.59 -96.65 26.37
CA LEU E 284 15.95 -98.01 26.75
C LEU E 284 16.28 -98.85 25.53
N GLU E 285 15.61 -98.59 24.41
CA GLU E 285 15.99 -99.26 23.19
C GLU E 285 17.23 -98.68 22.55
N GLY E 286 17.62 -97.47 22.91
CA GLY E 286 18.78 -96.84 22.33
C GLY E 286 18.46 -95.79 21.28
N VAL E 287 17.22 -95.69 20.83
CA VAL E 287 16.87 -94.66 19.87
C VAL E 287 16.66 -93.36 20.62
N PRO E 288 17.45 -92.32 20.36
CA PRO E 288 17.29 -91.07 21.09
C PRO E 288 16.01 -90.38 20.69
N PRO E 289 15.44 -89.56 21.58
CA PRO E 289 14.25 -88.81 21.23
C PRO E 289 14.55 -87.78 20.15
N PRO E 290 13.56 -87.43 19.33
CA PRO E 290 13.81 -86.49 18.24
C PRO E 290 14.10 -85.08 18.74
N GLY E 291 14.90 -84.36 17.97
CA GLY E 291 15.30 -83.02 18.35
C GLY E 291 16.38 -82.96 19.40
N SER E 292 17.00 -84.08 19.74
CA SER E 292 18.05 -84.12 20.74
C SER E 292 19.40 -83.92 20.07
N ARG E 293 20.48 -84.18 20.80
CA ARG E 293 21.80 -84.06 20.23
C ARG E 293 22.72 -85.08 20.90
N ARG E 294 23.90 -85.23 20.33
CA ARG E 294 24.85 -86.22 20.78
C ARG E 294 25.45 -85.83 22.13
N LEU E 295 25.96 -86.84 22.83
CA LEU E 295 26.72 -86.63 24.06
C LEU E 295 27.86 -87.63 24.09
N VAL E 296 29.01 -87.19 24.57
CA VAL E 296 30.24 -87.98 24.55
C VAL E 296 30.53 -88.47 25.96
N VAL E 297 30.66 -89.79 26.10
CA VAL E 297 30.89 -90.43 27.39
C VAL E 297 32.18 -91.23 27.30
N SER E 298 33.05 -91.06 28.29
CA SER E 298 34.31 -91.78 28.34
C SER E 298 34.41 -92.54 29.66
N GLY E 299 34.91 -93.77 29.58
CA GLY E 299 35.15 -94.59 30.75
C GLY E 299 34.33 -95.86 30.86
N GLY E 300 33.45 -96.17 29.92
CA GLY E 300 32.63 -97.36 30.06
C GLY E 300 31.61 -97.45 28.95
N ASP E 301 30.69 -98.41 29.09
CA ASP E 301 29.69 -98.68 28.07
C ASP E 301 28.38 -98.03 28.50
N ALA E 302 28.17 -96.81 28.03
CA ALA E 302 26.92 -96.09 28.24
C ALA E 302 26.77 -95.08 27.12
N ARG E 303 25.52 -94.75 26.81
CA ARG E 303 25.25 -93.74 25.79
C ARG E 303 24.33 -92.68 26.39
N ALA E 304 24.44 -91.45 25.89
CA ALA E 304 23.71 -90.35 26.50
C ALA E 304 23.22 -89.37 25.45
N TRP E 305 22.14 -88.67 25.78
CA TRP E 305 21.57 -87.66 24.91
C TRP E 305 20.99 -86.54 25.75
N LEU E 306 20.75 -85.41 25.07
CA LEU E 306 20.24 -84.20 25.72
C LEU E 306 19.17 -83.58 24.83
N SER E 307 17.99 -83.33 25.39
CA SER E 307 16.89 -82.77 24.61
C SER E 307 16.42 -81.43 25.16
N ASN E 308 16.03 -81.36 26.42
CA ASN E 308 15.35 -80.19 26.98
C ASN E 308 16.01 -79.78 28.28
N GLU E 309 17.34 -79.60 28.20
CA GLU E 309 18.33 -79.53 29.29
C GLU E 309 18.03 -80.53 30.39
N LYS E 310 17.66 -81.75 29.99
CA LYS E 310 17.46 -82.87 30.89
C LYS E 310 18.16 -84.05 30.25
N MET E 311 19.19 -84.55 30.91
CA MET E 311 19.99 -85.63 30.35
C MET E 311 19.23 -86.94 30.38
N TYR E 312 19.39 -87.71 29.32
CA TYR E 312 18.95 -89.10 29.25
C TYR E 312 20.18 -89.96 29.09
N VAL E 313 20.27 -91.02 29.88
CA VAL E 313 21.41 -91.91 29.78
C VAL E 313 20.92 -93.35 29.75
N ARG E 314 21.74 -94.21 29.16
CA ARG E 314 21.43 -95.62 28.99
C ARG E 314 22.69 -96.42 29.29
N THR E 315 22.56 -97.41 30.17
CA THR E 315 23.69 -98.25 30.55
C THR E 315 23.13 -99.57 31.10
N ASN E 316 23.98 -100.32 31.79
CA ASN E 316 23.53 -101.42 32.62
C ASN E 316 24.20 -101.39 33.99
N LEU E 317 24.84 -100.28 34.33
CA LEU E 317 25.53 -100.13 35.60
C LEU E 317 24.58 -99.50 36.62
N THR E 318 25.13 -99.02 37.74
CA THR E 318 24.33 -98.44 38.81
C THR E 318 24.76 -97.01 39.05
N ILE E 319 23.78 -96.13 39.24
CA ILE E 319 24.00 -94.70 39.37
C ILE E 319 24.02 -94.34 40.85
N LEU E 320 25.04 -93.59 41.29
CA LEU E 320 25.18 -93.27 42.70
C LEU E 320 25.16 -91.78 43.00
N SER E 321 26.00 -90.98 42.32
CA SER E 321 26.26 -89.64 42.85
C SER E 321 25.14 -88.61 42.65
N PRO E 322 24.74 -88.23 41.43
CA PRO E 322 24.00 -86.98 41.29
C PRO E 322 22.54 -87.04 41.68
N GLY E 323 21.93 -88.21 41.77
CA GLY E 323 20.52 -88.29 42.08
C GLY E 323 19.70 -88.15 40.82
N TRP E 324 18.89 -89.15 40.51
CA TRP E 324 18.20 -89.20 39.23
C TRP E 324 16.71 -89.06 39.41
N LEU E 325 16.07 -88.47 38.40
CA LEU E 325 14.67 -88.12 38.52
C LEU E 325 13.76 -89.27 38.12
N ALA E 326 14.17 -90.08 37.16
CA ALA E 326 13.36 -91.25 36.79
C ALA E 326 14.27 -92.35 36.29
N SER E 327 13.79 -93.58 36.38
CA SER E 327 14.60 -94.70 35.92
C SER E 327 13.71 -95.86 35.51
N MET E 328 14.04 -96.45 34.36
CA MET E 328 13.35 -97.61 33.82
C MET E 328 14.34 -98.76 33.66
N THR E 329 13.80 -99.97 33.68
CA THR E 329 14.61 -101.16 33.56
C THR E 329 14.06 -102.05 32.47
N SER E 330 14.96 -102.70 31.74
CA SER E 330 14.60 -103.64 30.70
C SER E 330 14.14 -104.96 31.33
N ALA E 331 13.82 -105.92 30.47
CA ALA E 331 13.48 -107.25 30.92
C ALA E 331 14.71 -108.13 31.12
N ASP E 332 15.89 -107.63 30.78
CA ASP E 332 17.08 -108.46 30.80
C ASP E 332 18.32 -107.76 31.34
N GLY E 333 18.18 -106.65 32.06
CA GLY E 333 19.33 -106.05 32.69
C GLY E 333 19.92 -104.85 31.98
N THR E 334 19.08 -103.92 31.56
CA THR E 334 19.54 -102.68 30.97
C THR E 334 18.79 -101.52 31.61
N HIS E 335 19.53 -100.56 32.16
CA HIS E 335 18.96 -99.46 32.90
C HIS E 335 18.94 -98.20 32.04
N ALA E 336 17.89 -97.42 32.20
CA ALA E 336 17.77 -96.13 31.53
C ALA E 336 17.40 -95.09 32.56
N TYR E 337 18.11 -93.97 32.53
CA TYR E 337 17.95 -92.95 33.55
C TYR E 337 17.59 -91.61 32.93
N GLU E 338 16.71 -90.89 33.61
CA GLU E 338 16.37 -89.50 33.32
C GLU E 338 16.86 -88.64 34.48
N MET E 339 17.71 -87.67 34.16
CA MET E 339 18.38 -86.83 35.13
C MET E 339 18.53 -85.45 34.52
N GLN E 340 19.20 -84.54 35.22
CA GLN E 340 19.62 -83.29 34.63
C GLN E 340 21.09 -83.40 34.24
N LYS E 341 21.65 -82.29 33.77
CA LYS E 341 23.02 -82.28 33.30
C LYS E 341 24.00 -82.38 34.45
N SER E 342 25.11 -83.08 34.21
CA SER E 342 26.18 -83.27 35.18
C SER E 342 27.45 -83.67 34.46
N PRO E 343 28.56 -82.98 34.68
CA PRO E 343 29.79 -83.31 33.94
C PRO E 343 30.42 -84.62 34.35
N VAL E 344 30.08 -85.13 35.53
CA VAL E 344 30.73 -86.33 36.05
C VAL E 344 29.64 -87.29 36.52
N LEU E 345 30.03 -88.56 36.64
CA LEU E 345 29.10 -89.61 37.04
C LEU E 345 29.85 -90.62 37.91
N LEU E 346 29.12 -91.28 38.81
CA LEU E 346 29.69 -92.30 39.66
C LEU E 346 28.94 -93.60 39.47
N VAL E 347 29.69 -94.69 39.41
CA VAL E 347 29.14 -96.00 39.09
C VAL E 347 29.72 -97.03 40.05
N SER E 348 28.86 -97.90 40.56
CA SER E 348 29.31 -99.15 41.16
C SER E 348 29.30 -100.21 40.07
N TRP E 349 30.47 -100.78 39.80
CA TRP E 349 30.62 -101.67 38.64
C TRP E 349 30.41 -103.12 39.04
N HIS E 350 31.25 -103.63 39.92
CA HIS E 350 31.06 -104.95 40.50
C HIS E 350 31.49 -104.93 41.95
N GLY E 351 31.01 -103.92 42.68
CA GLY E 351 31.50 -103.68 44.02
C GLY E 351 32.64 -102.69 44.08
N LYS E 352 32.92 -102.01 42.97
CA LYS E 352 34.01 -101.05 42.90
C LYS E 352 33.47 -99.75 42.33
N VAL E 353 34.06 -98.65 42.76
CA VAL E 353 33.63 -97.33 42.34
C VAL E 353 34.40 -96.89 41.11
N MET E 354 33.67 -96.31 40.16
CA MET E 354 34.25 -95.76 38.94
C MET E 354 33.66 -94.38 38.69
N GLN E 355 34.45 -93.52 38.07
CA GLN E 355 34.01 -92.18 37.71
C GLN E 355 33.96 -92.05 36.20
N LEU E 356 32.98 -91.32 35.71
CA LEU E 356 32.72 -91.19 34.28
C LEU E 356 32.70 -89.71 33.91
N LYS E 357 33.40 -89.37 32.84
CA LYS E 357 33.53 -88.00 32.40
C LYS E 357 32.65 -87.78 31.18
N VAL E 358 31.84 -86.73 31.23
CA VAL E 358 30.96 -86.37 30.12
C VAL E 358 31.29 -84.95 29.70
N GLU E 359 31.61 -84.77 28.43
CA GLU E 359 31.79 -83.45 27.86
C GLU E 359 30.55 -83.05 27.08
N GLY E 360 30.62 -81.93 26.38
CA GLY E 360 29.57 -81.54 25.47
C GLY E 360 28.37 -80.92 26.13
N LEU E 361 28.40 -80.68 27.43
CA LEU E 361 27.29 -80.01 28.10
C LEU E 361 27.27 -78.53 27.78
N VAL F 38 27.68 -94.90 -16.62
CA VAL F 38 28.25 -95.66 -17.73
C VAL F 38 29.73 -96.07 -17.48
N PRO F 39 30.63 -95.19 -16.99
CA PRO F 39 31.91 -95.73 -16.48
C PRO F 39 31.72 -96.59 -15.25
N LYS F 40 30.69 -96.29 -14.45
CA LYS F 40 30.33 -97.17 -13.35
C LYS F 40 29.61 -98.42 -13.82
N LEU F 41 29.02 -98.39 -15.01
CA LEU F 41 28.46 -99.59 -15.59
C LEU F 41 29.58 -100.52 -16.03
N PRO F 42 29.57 -101.78 -15.61
CA PRO F 42 30.55 -102.73 -16.13
C PRO F 42 30.29 -103.02 -17.59
N CYS F 43 31.36 -103.05 -18.38
CA CYS F 43 31.22 -103.33 -19.80
C CYS F 43 30.92 -104.79 -20.06
N ARG F 44 31.32 -105.68 -19.15
CA ARG F 44 31.17 -107.12 -19.35
C ARG F 44 30.65 -107.73 -18.07
N VAL F 45 30.28 -109.01 -18.16
CA VAL F 45 29.99 -109.78 -16.97
C VAL F 45 31.31 -110.06 -16.26
N ASP F 46 31.33 -109.85 -14.95
CA ASP F 46 32.56 -109.87 -14.17
C ASP F 46 33.19 -111.25 -14.13
N GLY F 47 34.52 -111.28 -14.22
CA GLY F 47 35.27 -112.52 -14.21
C GLY F 47 35.01 -113.41 -15.40
N ALA F 48 34.89 -112.83 -16.60
CA ALA F 48 34.54 -113.61 -17.77
C ALA F 48 35.43 -113.22 -18.94
N CYS F 49 35.83 -114.22 -19.71
CA CYS F 49 36.59 -114.02 -20.93
C CYS F 49 36.35 -115.21 -21.83
N ASP F 50 35.76 -114.93 -23.00
CA ASP F 50 35.40 -115.99 -23.93
C ASP F 50 36.63 -116.72 -24.46
N ALA F 51 37.76 -116.03 -24.55
CA ALA F 51 39.01 -116.68 -24.93
C ALA F 51 39.41 -117.72 -23.89
N THR F 52 39.25 -117.38 -22.60
CA THR F 52 39.54 -118.35 -21.55
C THR F 52 38.56 -119.52 -21.58
N ILE F 53 37.30 -119.23 -21.91
CA ILE F 53 36.29 -120.28 -22.05
C ILE F 53 36.67 -121.25 -23.15
N ILE F 54 37.06 -120.71 -24.30
CA ILE F 54 37.47 -121.51 -25.45
C ILE F 54 38.71 -122.33 -25.12
N LYS F 55 39.68 -121.70 -24.44
CA LYS F 55 40.93 -122.36 -24.13
C LYS F 55 40.74 -123.52 -23.15
N MET F 56 39.96 -123.31 -22.10
CA MET F 56 39.77 -124.41 -21.16
C MET F 56 38.84 -125.48 -21.73
N MET F 57 37.96 -125.10 -22.66
CA MET F 57 37.17 -126.11 -23.35
C MET F 57 38.06 -126.99 -24.22
N THR F 58 39.03 -126.38 -24.90
CA THR F 58 39.99 -127.14 -25.70
C THR F 58 40.85 -128.03 -24.82
N ASP F 59 41.23 -127.52 -23.64
CA ASP F 59 42.03 -128.30 -22.72
C ASP F 59 41.26 -129.50 -22.18
N LEU F 60 39.97 -129.32 -21.88
CA LEU F 60 39.15 -130.44 -21.44
C LEU F 60 38.97 -131.47 -22.54
N ASN F 61 38.73 -131.02 -23.78
CA ASN F 61 38.49 -131.95 -24.86
C ASN F 61 39.75 -132.72 -25.23
N LYS F 62 40.92 -132.11 -25.12
CA LYS F 62 42.13 -132.88 -25.31
C LYS F 62 42.54 -133.63 -24.04
N LYS F 63 41.96 -133.30 -22.90
CA LYS F 63 42.18 -134.09 -21.70
C LYS F 63 41.39 -135.38 -21.74
N GLY F 64 40.26 -135.38 -22.42
CA GLY F 64 39.55 -136.63 -22.60
C GLY F 64 38.26 -136.70 -21.80
N ILE F 65 37.58 -135.58 -21.70
CA ILE F 65 36.30 -135.48 -21.03
C ILE F 65 35.36 -134.67 -21.92
N LYS F 66 34.12 -135.14 -22.05
CA LYS F 66 33.28 -134.67 -23.15
C LYS F 66 32.61 -133.35 -22.80
N VAL F 67 32.76 -132.39 -23.72
CA VAL F 67 32.07 -131.10 -23.66
C VAL F 67 31.13 -131.04 -24.84
N ALA F 68 29.87 -130.70 -24.58
CA ALA F 68 28.85 -130.66 -25.61
C ALA F 68 28.10 -129.34 -25.52
N SER F 69 28.02 -128.65 -26.66
CA SER F 69 27.35 -127.36 -26.77
C SER F 69 26.35 -127.43 -27.91
N VAL F 70 25.10 -127.08 -27.61
CA VAL F 70 24.06 -127.03 -28.64
C VAL F 70 22.98 -126.06 -28.17
N GLY F 71 22.60 -125.13 -29.05
CA GLY F 71 21.67 -124.08 -28.68
C GLY F 71 22.32 -123.19 -27.64
N GLN F 72 21.65 -123.05 -26.50
CA GLN F 72 22.27 -122.48 -25.31
C GLN F 72 22.47 -123.52 -24.22
N ASN F 73 22.24 -124.79 -24.53
CA ASN F 73 22.36 -125.86 -23.55
C ASN F 73 23.74 -126.50 -23.62
N TYR F 74 24.21 -126.95 -22.47
CA TYR F 74 25.55 -127.51 -22.36
C TYR F 74 25.52 -128.77 -21.52
N LEU F 75 26.33 -129.75 -21.92
CA LEU F 75 26.44 -131.04 -21.26
C LEU F 75 27.91 -131.42 -21.11
N ILE F 76 28.30 -131.87 -19.93
CA ILE F 76 29.66 -132.35 -19.69
C ILE F 76 29.57 -133.80 -19.22
N SER F 77 30.38 -134.65 -19.83
CA SER F 77 30.40 -136.08 -19.52
C SER F 77 31.78 -136.47 -19.00
N ILE F 78 31.80 -137.17 -17.88
CA ILE F 78 33.01 -137.54 -17.17
C ILE F 78 33.02 -139.05 -16.97
N PRO F 79 34.10 -139.74 -17.30
CA PRO F 79 34.22 -141.15 -16.95
C PRO F 79 34.36 -141.34 -15.45
N ALA F 80 33.84 -142.47 -14.96
CA ALA F 80 33.88 -142.75 -13.54
C ALA F 80 35.26 -143.22 -13.07
N SER F 81 36.07 -143.77 -13.98
CA SER F 81 37.34 -144.35 -13.57
C SER F 81 38.34 -143.30 -13.15
N ALA F 82 38.23 -142.09 -13.68
CA ALA F 82 39.06 -140.99 -13.24
C ALA F 82 38.52 -140.31 -12.00
N LEU F 83 37.40 -140.78 -11.46
CA LEU F 83 36.73 -140.09 -10.37
C LEU F 83 36.69 -140.92 -9.09
N PHE F 84 36.22 -142.15 -9.15
CA PHE F 84 35.98 -142.90 -7.92
C PHE F 84 36.85 -144.14 -7.87
N ALA F 85 36.65 -144.92 -6.82
CA ALA F 85 37.28 -146.23 -6.71
C ALA F 85 36.38 -147.25 -7.42
N ASP F 86 36.73 -148.52 -7.31
CA ASP F 86 36.07 -149.58 -8.07
C ASP F 86 34.70 -149.83 -7.49
N GLN F 87 33.67 -149.26 -8.13
CA GLN F 87 32.26 -149.34 -7.72
C GLN F 87 32.09 -148.84 -6.28
N SER F 88 32.79 -147.78 -5.94
CA SER F 88 32.82 -147.34 -4.57
C SER F 88 32.54 -145.85 -4.48
N PRO F 89 31.75 -145.43 -3.50
CA PRO F 89 31.43 -143.99 -3.35
C PRO F 89 32.48 -143.25 -2.55
N ARG F 90 33.72 -143.31 -3.03
CA ARG F 90 34.83 -142.64 -2.40
C ARG F 90 35.58 -141.82 -3.44
N LEU F 91 36.24 -140.76 -2.98
CA LEU F 91 36.88 -139.81 -3.88
C LEU F 91 38.38 -140.01 -3.88
N ASN F 92 38.95 -140.13 -5.08
CA ASN F 92 40.40 -140.13 -5.20
C ASN F 92 40.91 -138.72 -4.94
N TRP F 93 42.06 -138.63 -4.28
CA TRP F 93 42.50 -137.34 -3.77
C TRP F 93 43.02 -136.42 -4.85
N ALA F 94 43.46 -136.96 -5.98
CA ALA F 94 43.89 -136.11 -7.09
C ALA F 94 42.71 -135.59 -7.92
N SER F 95 41.50 -136.09 -7.68
CA SER F 95 40.34 -135.66 -8.44
C SER F 95 39.85 -134.28 -8.02
N TYR F 96 40.34 -133.75 -6.91
CA TYR F 96 40.00 -132.38 -6.51
C TYR F 96 40.49 -131.36 -7.52
N SER F 97 41.60 -131.65 -8.19
CA SER F 97 42.09 -130.77 -9.24
C SER F 97 41.11 -130.69 -10.41
N LEU F 98 40.58 -131.83 -10.83
CA LEU F 98 39.63 -131.84 -11.93
C LEU F 98 38.30 -131.23 -11.51
N LEU F 99 37.92 -131.42 -10.25
CA LEU F 99 36.69 -130.80 -9.77
C LEU F 99 36.83 -129.30 -9.66
N ASN F 100 38.01 -128.82 -9.26
CA ASN F 100 38.26 -127.38 -9.27
C ASN F 100 38.27 -126.83 -10.67
N GLU F 101 38.78 -127.61 -11.64
CA GLU F 101 38.78 -127.15 -13.02
C GLU F 101 37.38 -127.06 -13.59
N ILE F 102 36.53 -128.04 -13.28
CA ILE F 102 35.17 -127.96 -13.81
C ILE F 102 34.36 -126.90 -13.08
N ALA F 103 34.71 -126.60 -11.82
CA ALA F 103 34.10 -125.47 -11.14
C ALA F 103 34.52 -124.15 -11.77
N ALA F 104 35.79 -124.05 -12.15
CA ALA F 104 36.29 -122.85 -12.83
C ALA F 104 35.63 -122.67 -14.18
N PHE F 105 35.29 -123.77 -14.87
CA PHE F 105 34.54 -123.64 -16.10
C PHE F 105 33.11 -123.20 -15.82
N LEU F 106 32.49 -123.74 -14.77
CA LEU F 106 31.11 -123.40 -14.48
C LEU F 106 30.95 -121.98 -13.97
N LYS F 107 32.03 -121.37 -13.49
CA LYS F 107 32.00 -119.99 -13.03
C LYS F 107 31.87 -118.95 -14.14
N GLN F 108 31.58 -119.32 -15.39
CA GLN F 108 31.62 -118.38 -16.50
C GLN F 108 30.27 -118.23 -17.19
N PHE F 109 29.17 -118.57 -16.52
CA PHE F 109 27.85 -118.40 -17.12
C PHE F 109 26.88 -117.93 -16.05
N ARG F 110 25.71 -117.51 -16.49
CA ARG F 110 24.59 -117.22 -15.60
C ARG F 110 23.51 -118.27 -15.86
N LYS F 111 23.08 -118.95 -14.81
CA LYS F 111 22.20 -120.08 -14.98
C LYS F 111 21.21 -120.13 -13.83
N ILE F 112 20.25 -121.03 -13.94
CA ILE F 112 19.22 -121.14 -12.93
C ILE F 112 19.33 -122.49 -12.23
N ALA F 113 19.13 -123.56 -13.00
CA ALA F 113 19.12 -124.90 -12.45
C ALA F 113 20.11 -125.76 -13.22
N ILE F 114 20.88 -126.56 -12.48
CA ILE F 114 21.81 -127.51 -13.08
C ILE F 114 21.45 -128.89 -12.58
N THR F 115 21.46 -129.87 -13.48
CA THR F 115 21.14 -131.25 -13.12
C THR F 115 22.37 -132.12 -13.30
N VAL F 116 22.70 -132.90 -12.29
CA VAL F 116 23.77 -133.87 -12.41
C VAL F 116 23.18 -135.27 -12.33
N THR F 117 23.83 -136.21 -12.99
CA THR F 117 23.33 -137.57 -13.03
C THR F 117 24.49 -138.55 -13.13
N SER F 118 24.24 -139.76 -12.65
CA SER F 118 25.25 -140.79 -12.59
C SER F 118 24.71 -142.11 -13.14
N TYR F 119 25.58 -142.85 -13.82
CA TYR F 119 25.24 -144.13 -14.42
C TYR F 119 26.36 -145.11 -14.11
N SER F 120 26.00 -146.39 -14.07
CA SER F 120 26.96 -147.44 -13.74
C SER F 120 26.68 -148.66 -14.59
N SER F 121 27.28 -149.78 -14.21
CA SER F 121 27.06 -151.08 -14.83
C SER F 121 26.34 -152.01 -13.85
N LYS F 122 25.73 -153.04 -14.41
CA LYS F 122 25.03 -154.03 -13.60
C LYS F 122 26.05 -154.89 -12.85
N TYR F 123 26.02 -154.82 -11.52
CA TYR F 123 27.04 -155.49 -10.72
C TYR F 123 26.50 -156.62 -9.85
N VAL F 124 25.61 -156.35 -8.90
CA VAL F 124 25.13 -157.40 -8.02
C VAL F 124 23.61 -157.40 -8.02
N SER F 125 23.03 -156.23 -7.78
CA SER F 125 21.59 -156.07 -7.70
C SER F 125 21.22 -155.02 -8.73
N VAL F 126 20.04 -154.46 -8.63
CA VAL F 126 19.76 -153.16 -9.22
C VAL F 126 19.85 -152.05 -8.17
N LYS F 127 19.37 -152.37 -6.96
CA LYS F 127 19.28 -151.41 -5.87
C LYS F 127 20.66 -150.95 -5.43
N ARG F 128 21.65 -151.86 -5.49
CA ARG F 128 22.99 -151.57 -5.01
C ARG F 128 23.64 -150.46 -5.82
N GLU F 129 23.66 -150.61 -7.14
CA GLU F 129 24.27 -149.57 -7.96
C GLU F 129 23.36 -148.36 -8.12
N ARG F 130 22.04 -148.50 -7.93
CA ARG F 130 21.19 -147.32 -7.87
C ARG F 130 21.59 -146.42 -6.71
N ALA F 131 21.72 -147.00 -5.52
CA ALA F 131 22.16 -146.25 -4.36
C ALA F 131 23.59 -145.76 -4.50
N LEU F 132 24.44 -146.55 -5.19
CA LEU F 132 25.83 -146.14 -5.41
C LEU F 132 25.91 -144.90 -6.30
N THR F 133 25.19 -144.91 -7.41
CA THR F 133 25.19 -143.76 -8.32
C THR F 133 24.59 -142.54 -7.64
N LEU F 134 23.52 -142.75 -6.86
CA LEU F 134 22.89 -141.65 -6.13
C LEU F 134 23.85 -141.02 -5.13
N ALA F 135 24.59 -141.86 -4.39
CA ALA F 135 25.53 -141.34 -3.40
C ALA F 135 26.70 -140.62 -4.06
N ARG F 136 27.17 -141.15 -5.20
CA ARG F 136 28.27 -140.51 -5.92
C ARG F 136 27.86 -139.13 -6.41
N SER F 137 26.66 -139.03 -7.00
CA SER F 137 26.13 -137.76 -7.46
C SER F 137 25.91 -136.81 -6.30
N ARG F 138 25.47 -137.34 -5.16
CA ARG F 138 25.25 -136.52 -3.98
C ARG F 138 26.54 -135.90 -3.46
N VAL F 139 27.61 -136.69 -3.41
CA VAL F 139 28.88 -136.21 -2.88
C VAL F 139 29.48 -135.16 -3.81
N VAL F 140 29.47 -135.44 -5.12
CA VAL F 140 30.07 -134.48 -6.04
C VAL F 140 29.21 -133.21 -6.11
N SER F 141 27.89 -133.33 -5.91
CA SER F 141 27.01 -132.17 -5.86
C SER F 141 27.30 -131.32 -4.65
N GLU F 142 27.55 -131.97 -3.51
CA GLU F 142 27.85 -131.23 -2.29
C GLU F 142 29.16 -130.47 -2.42
N TYR F 143 30.18 -131.09 -3.01
CA TYR F 143 31.45 -130.37 -3.16
C TYR F 143 31.33 -129.23 -4.16
N LEU F 144 30.59 -129.44 -5.26
CA LEU F 144 30.48 -128.36 -6.22
C LEU F 144 29.56 -127.25 -5.72
N TRP F 145 28.67 -127.53 -4.76
CA TRP F 145 27.95 -126.45 -4.12
C TRP F 145 28.86 -125.70 -3.17
N SER F 146 29.73 -126.43 -2.46
CA SER F 146 30.62 -125.78 -1.51
C SER F 146 31.62 -124.88 -2.21
N GLN F 147 32.06 -125.29 -3.40
CA GLN F 147 32.71 -124.33 -4.28
C GLN F 147 31.68 -123.33 -4.76
N GLY F 148 32.07 -122.06 -4.79
CA GLY F 148 31.12 -120.99 -5.01
C GLY F 148 30.61 -120.89 -6.43
N VAL F 149 29.83 -121.87 -6.87
CA VAL F 149 29.26 -121.82 -8.19
C VAL F 149 28.15 -120.79 -8.22
N ASP F 150 27.97 -120.17 -9.39
CA ASP F 150 26.97 -119.14 -9.57
C ASP F 150 25.72 -119.83 -10.11
N SER F 151 24.83 -120.19 -9.20
CA SER F 151 23.65 -120.95 -9.58
C SER F 151 22.56 -120.71 -8.55
N ARG F 152 21.39 -121.27 -8.81
CA ARG F 152 20.27 -121.18 -7.89
C ARG F 152 19.81 -122.54 -7.42
N ILE F 153 19.68 -123.53 -8.31
CA ILE F 153 19.16 -124.85 -7.97
C ILE F 153 20.09 -125.92 -8.50
N ILE F 154 20.35 -126.93 -7.67
CA ILE F 154 21.09 -128.13 -8.08
C ILE F 154 20.17 -129.33 -7.92
N PHE F 155 20.12 -130.19 -8.94
CA PHE F 155 19.36 -131.43 -8.90
C PHE F 155 20.31 -132.62 -8.96
N THR F 156 20.05 -133.63 -8.13
CA THR F 156 20.86 -134.84 -8.09
C THR F 156 20.08 -136.01 -8.64
N GLN F 157 20.70 -136.76 -9.55
CA GLN F 157 20.07 -137.94 -10.15
C GLN F 157 21.09 -139.05 -10.29
N GLY F 158 20.75 -140.22 -9.77
CA GLY F 158 21.58 -141.40 -9.97
C GLY F 158 20.72 -142.56 -10.41
N LEU F 159 21.02 -143.16 -11.55
CA LEU F 159 20.14 -144.20 -12.09
C LEU F 159 20.76 -145.58 -12.12
N GLY F 160 22.05 -145.70 -12.38
CA GLY F 160 22.69 -147.00 -12.36
C GLY F 160 22.96 -147.57 -13.74
N SER F 161 22.34 -148.70 -14.04
CA SER F 161 22.58 -149.38 -15.30
C SER F 161 21.26 -149.66 -16.02
N ASP F 162 20.36 -148.70 -15.96
CA ASP F 162 19.07 -148.84 -16.62
C ASP F 162 19.00 -148.13 -17.95
N LYS F 163 19.82 -147.10 -18.17
CA LYS F 163 19.85 -146.36 -19.44
C LYS F 163 21.28 -146.27 -19.95
N PRO F 164 21.84 -147.36 -20.46
CA PRO F 164 23.19 -147.30 -21.01
C PRO F 164 23.17 -146.61 -22.37
N ILE F 165 24.37 -146.20 -22.80
CA ILE F 165 24.55 -145.56 -24.10
C ILE F 165 25.47 -146.35 -24.99
N THR F 166 25.88 -147.55 -24.58
CA THR F 166 26.75 -148.38 -25.39
C THR F 166 26.37 -149.83 -25.17
N SER F 167 26.15 -150.56 -26.27
CA SER F 167 25.85 -151.98 -26.16
C SER F 167 27.09 -152.78 -25.76
N TYR F 168 28.27 -152.28 -26.09
CA TYR F 168 29.53 -152.94 -25.78
C TYR F 168 29.86 -152.70 -24.32
N THR F 169 29.43 -153.62 -23.46
CA THR F 169 29.59 -153.51 -22.01
C THR F 169 30.64 -154.48 -21.49
N LEU F 170 31.72 -154.66 -22.25
CA LEU F 170 32.70 -155.68 -21.92
C LEU F 170 33.57 -155.26 -20.73
N GLY F 171 34.02 -154.01 -20.71
CA GLY F 171 34.80 -153.53 -19.59
C GLY F 171 33.93 -153.31 -18.36
N GLY F 172 34.59 -153.16 -17.22
CA GLY F 172 33.87 -152.94 -15.98
C GLY F 172 33.71 -151.47 -15.70
N ASP F 173 34.40 -150.97 -14.68
CA ASP F 173 34.39 -149.54 -14.42
C ASP F 173 35.21 -148.75 -15.43
N ARG F 174 36.06 -149.41 -16.21
CA ARG F 174 36.72 -148.76 -17.31
C ARG F 174 35.80 -148.47 -18.48
N SER F 175 34.64 -149.13 -18.53
CA SER F 175 33.73 -148.93 -19.65
C SER F 175 33.03 -147.59 -19.53
N PRO F 176 32.87 -146.86 -20.63
CA PRO F 176 32.37 -145.48 -20.55
C PRO F 176 30.89 -145.37 -20.28
N ASN F 177 30.13 -146.47 -20.30
CA ASN F 177 28.71 -146.38 -19.98
C ASN F 177 28.49 -146.05 -18.52
N ALA F 178 29.39 -146.51 -17.64
CA ALA F 178 29.46 -145.95 -16.30
C ALA F 178 30.07 -144.56 -16.39
N ARG F 179 29.35 -143.57 -15.90
CA ARG F 179 29.66 -142.19 -16.25
C ARG F 179 28.97 -141.25 -15.27
N VAL F 180 29.32 -139.98 -15.40
CA VAL F 180 28.57 -138.91 -14.74
C VAL F 180 28.41 -137.76 -15.72
N GLU F 181 27.19 -137.26 -15.84
CA GLU F 181 26.91 -136.11 -16.68
C GLU F 181 26.43 -134.97 -15.83
N ILE F 182 26.72 -133.76 -16.29
CA ILE F 182 26.21 -132.54 -15.67
C ILE F 182 25.73 -131.64 -16.80
N THR F 183 24.47 -131.22 -16.71
CA THR F 183 23.84 -130.53 -17.82
C THR F 183 23.06 -129.32 -17.32
N PHE F 184 22.98 -128.31 -18.19
CA PHE F 184 22.21 -127.11 -17.88
C PHE F 184 21.85 -126.40 -19.17
N ARG F 185 21.05 -125.35 -19.01
CA ARG F 185 20.73 -124.41 -20.08
C ARG F 185 21.17 -123.02 -19.65
N ARG F 186 21.91 -122.33 -20.51
CA ARG F 186 22.37 -120.99 -20.22
C ARG F 186 21.29 -119.97 -20.60
N ALA F 187 20.76 -119.28 -19.60
CA ALA F 187 19.73 -118.29 -19.84
C ALA F 187 20.37 -116.91 -20.01
N VAL F 188 20.20 -116.33 -21.19
CA VAL F 188 20.65 -114.97 -21.55
C VAL F 188 22.14 -114.74 -21.31
N CYS G 42 56.13 -143.94 0.45
CA CYS G 42 55.09 -143.15 -0.20
C CYS G 42 54.12 -142.59 0.82
N PHE G 43 53.07 -141.93 0.34
CA PHE G 43 52.09 -141.32 1.24
C PHE G 43 50.76 -141.20 0.51
N HIS G 44 49.68 -141.27 1.28
CA HIS G 44 48.35 -140.97 0.78
C HIS G 44 47.75 -139.85 1.62
N PRO G 45 47.39 -138.73 1.02
CA PRO G 45 46.73 -137.63 1.76
C PRO G 45 45.39 -138.03 2.37
N PRO G 46 44.67 -139.09 1.87
CA PRO G 46 43.65 -139.66 2.77
C PRO G 46 44.24 -140.55 3.87
N TYR G 47 45.03 -139.93 4.75
CA TYR G 47 45.47 -140.47 6.04
C TYR G 47 46.26 -141.77 5.93
N ASN G 48 46.87 -141.99 4.75
CA ASN G 48 47.58 -143.23 4.40
C ASN G 48 46.73 -144.47 4.62
N ASN G 49 45.42 -144.33 4.31
CA ASN G 49 44.41 -145.39 4.43
C ASN G 49 44.32 -145.97 5.84
N PHE G 50 44.56 -145.11 6.84
CA PHE G 50 44.58 -145.47 8.26
C PHE G 50 45.56 -146.61 8.54
N GLN G 51 46.71 -146.56 7.91
CA GLN G 51 47.73 -147.55 8.13
C GLN G 51 48.94 -146.91 8.81
N PRO G 52 49.59 -147.61 9.75
CA PRO G 52 50.79 -147.06 10.39
C PRO G 52 51.95 -146.89 9.43
N ASP G 53 52.33 -145.65 9.17
CA ASP G 53 53.26 -145.34 8.09
C ASP G 53 54.70 -145.63 8.49
N ARG G 54 55.61 -145.37 7.56
CA ARG G 54 57.05 -145.50 7.77
C ARG G 54 57.71 -144.21 7.29
N ARG G 55 57.74 -143.19 8.15
CA ARG G 55 58.42 -141.95 7.81
C ARG G 55 59.93 -142.09 7.94
N ALA G 56 60.39 -142.96 8.84
CA ALA G 56 61.78 -142.99 9.25
C ALA G 56 62.69 -143.51 8.14
N VAL G 57 62.32 -144.60 7.48
CA VAL G 57 63.17 -145.15 6.43
C VAL G 57 63.20 -144.25 5.20
N LYS G 58 62.08 -143.57 4.91
CA LYS G 58 62.09 -142.59 3.83
C LYS G 58 63.00 -141.42 4.16
N ARG G 59 63.01 -140.98 5.42
CA ARG G 59 63.96 -139.94 5.83
C ARG G 59 65.39 -140.43 5.74
N VAL G 60 65.62 -141.70 6.07
CA VAL G 60 66.95 -142.31 5.97
C VAL G 60 67.40 -142.33 4.51
N GLY G 61 66.51 -142.70 3.60
CA GLY G 61 66.85 -142.72 2.18
C GLY G 61 67.13 -141.35 1.61
N VAL G 62 66.28 -140.37 1.94
CA VAL G 62 66.50 -139.02 1.41
C VAL G 62 67.62 -138.28 2.12
N ASP G 63 68.11 -138.79 3.25
CA ASP G 63 69.33 -138.24 3.83
C ASP G 63 70.59 -138.92 3.31
N THR G 64 70.53 -140.22 3.04
CA THR G 64 71.66 -140.91 2.45
C THR G 64 71.85 -140.56 0.98
N GLY G 65 70.79 -140.08 0.32
CA GLY G 65 70.91 -139.63 -1.05
C GLY G 65 71.71 -138.37 -1.23
N GLY G 88 74.55 -140.70 4.34
CA GLY G 88 74.54 -140.23 5.71
C GLY G 88 73.57 -140.99 6.60
N GLY G 89 73.94 -142.24 6.91
CA GLY G 89 73.08 -143.06 7.77
C GLY G 89 73.01 -142.52 9.19
N THR G 90 74.12 -142.03 9.73
CA THR G 90 74.15 -141.52 11.09
C THR G 90 73.34 -140.24 11.22
N VAL G 91 73.52 -139.31 10.28
CA VAL G 91 72.77 -138.05 10.33
C VAL G 91 71.30 -138.30 10.06
N GLY G 92 70.98 -139.27 9.18
CA GLY G 92 69.60 -139.64 8.98
C GLY G 92 68.96 -140.25 10.22
N LEU G 93 69.73 -141.09 10.94
CA LEU G 93 69.22 -141.70 12.16
C LEU G 93 68.98 -140.66 13.25
N VAL G 94 69.93 -139.75 13.45
CA VAL G 94 69.76 -138.78 14.53
C VAL G 94 68.70 -137.75 14.15
N ALA G 95 68.54 -137.42 12.86
CA ALA G 95 67.48 -136.51 12.47
C ALA G 95 66.12 -137.17 12.57
N SER G 96 66.04 -138.47 12.28
CA SER G 96 64.79 -139.18 12.41
C SER G 96 64.36 -139.30 13.87
N ILE G 97 65.29 -139.59 14.77
CA ILE G 97 64.89 -139.66 16.17
C ILE G 97 64.67 -138.27 16.76
N TYR G 98 65.33 -137.24 16.20
CA TYR G 98 65.07 -135.87 16.62
C TYR G 98 63.67 -135.42 16.23
N ARG G 99 63.25 -135.76 15.01
CA ARG G 99 61.89 -135.45 14.58
C ARG G 99 60.86 -136.42 15.16
N ASP G 100 61.31 -137.56 15.68
CA ASP G 100 60.43 -138.49 16.35
C ASP G 100 60.36 -138.26 17.85
N SER G 101 61.16 -137.35 18.37
CA SER G 101 61.11 -137.02 19.80
C SER G 101 59.79 -136.34 20.15
N LYS G 102 59.34 -136.58 21.39
CA LYS G 102 58.03 -136.12 21.82
C LYS G 102 57.97 -134.60 22.00
N ARG G 103 59.12 -133.99 22.28
CA ARG G 103 59.19 -132.53 22.40
C ARG G 103 58.84 -131.86 21.08
N LYS G 104 59.34 -132.42 19.96
CA LYS G 104 58.99 -131.91 18.66
C LYS G 104 57.52 -132.14 18.34
N ILE G 105 56.94 -133.22 18.87
CA ILE G 105 55.52 -133.50 18.66
C ILE G 105 54.66 -132.44 19.35
N ILE G 106 54.97 -132.14 20.62
CA ILE G 106 54.20 -131.15 21.35
C ILE G 106 54.43 -129.75 20.78
N ARG G 107 55.64 -129.47 20.32
CA ARG G 107 55.90 -128.20 19.66
C ARG G 107 55.16 -128.07 18.34
N ASP G 108 55.00 -129.18 17.62
CA ASP G 108 54.19 -129.13 16.40
C ASP G 108 52.72 -128.95 16.70
N LEU G 109 52.26 -129.52 17.82
CA LEU G 109 50.91 -129.25 18.27
C LEU G 109 50.74 -127.79 18.66
N GLN G 110 51.78 -127.19 19.23
CA GLN G 110 51.77 -125.76 19.52
C GLN G 110 51.76 -124.94 18.24
N LYS G 111 52.45 -125.44 17.20
CA LYS G 111 52.41 -124.80 15.89
C LYS G 111 51.02 -124.86 15.30
N GLN G 112 50.32 -125.97 15.51
CA GLN G 112 48.92 -126.04 15.15
C GLN G 112 48.08 -125.41 16.26
N ASP G 113 46.75 -125.51 16.11
CA ASP G 113 45.83 -125.00 17.11
C ASP G 113 45.50 -126.06 18.14
N ILE G 114 46.50 -126.66 18.75
CA ILE G 114 46.32 -127.76 19.69
C ILE G 114 46.86 -127.32 21.04
N GLN G 115 46.03 -127.40 22.07
CA GLN G 115 46.46 -127.01 23.41
C GLN G 115 46.65 -128.26 24.27
N TYR G 116 47.84 -128.43 24.80
CA TYR G 116 48.21 -129.61 25.57
C TYR G 116 48.48 -129.23 27.00
N VAL G 117 47.90 -129.98 27.93
CA VAL G 117 48.06 -129.72 29.36
C VAL G 117 48.48 -131.01 30.04
N GLU G 118 49.60 -130.97 30.75
CA GLU G 118 50.06 -132.09 31.56
C GLU G 118 50.06 -131.66 33.02
N TYR G 119 49.38 -132.44 33.85
CA TYR G 119 49.27 -132.12 35.26
C TYR G 119 48.96 -133.39 36.04
N GLY G 120 49.66 -133.58 37.16
CA GLY G 120 49.47 -134.75 37.98
C GLY G 120 49.92 -136.01 37.28
N ASP G 121 49.00 -136.95 37.07
CA ASP G 121 49.25 -138.14 36.29
C ASP G 121 48.35 -138.23 35.06
N THR G 122 47.60 -137.18 34.76
CA THR G 122 46.68 -137.14 33.65
C THR G 122 47.18 -136.14 32.61
N ARG G 123 46.63 -136.25 31.41
CA ARG G 123 46.87 -135.25 30.38
C ARG G 123 45.57 -134.93 29.67
N THR G 124 45.47 -133.68 29.22
CA THR G 124 44.29 -133.20 28.52
C THR G 124 44.69 -132.43 27.26
N LEU G 125 43.81 -132.51 26.26
CA LEU G 125 44.03 -131.92 24.96
C LEU G 125 42.80 -131.12 24.55
N ILE G 126 43.05 -129.97 23.93
CA ILE G 126 42.01 -129.01 23.57
C ILE G 126 42.13 -128.70 22.09
N ILE G 127 41.04 -128.91 21.35
CA ILE G 127 40.99 -128.62 19.91
C ILE G 127 39.75 -127.79 19.57
N PRO G 128 39.90 -126.67 18.86
CA PRO G 128 38.74 -125.86 18.48
C PRO G 128 37.96 -126.47 17.33
N THR G 129 36.65 -126.61 17.54
CA THR G 129 35.77 -127.23 16.57
C THR G 129 35.61 -126.39 15.31
N ASP G 130 35.70 -125.06 15.44
CA ASP G 130 35.50 -124.19 14.29
C ASP G 130 36.64 -124.28 13.29
N LYS G 131 37.81 -124.73 13.72
CA LYS G 131 38.91 -124.93 12.81
C LYS G 131 39.20 -126.40 12.50
N TYR G 132 38.67 -127.33 13.29
CA TYR G 132 38.84 -128.75 12.96
C TYR G 132 37.50 -129.43 12.73
N PHE G 133 36.52 -128.68 12.23
CA PHE G 133 35.24 -129.24 11.83
C PHE G 133 34.66 -128.38 10.72
N MET G 134 33.89 -129.00 9.84
CA MET G 134 33.02 -128.20 9.00
C MET G 134 31.91 -127.63 9.87
N PHE G 135 31.46 -126.43 9.50
CA PHE G 135 30.60 -125.64 10.37
C PHE G 135 29.24 -126.28 10.54
N SER G 136 28.80 -126.37 11.80
CA SER G 136 27.46 -126.79 12.21
C SER G 136 27.12 -128.18 11.69
N SER G 137 28.10 -129.08 11.72
CA SER G 137 27.95 -130.37 11.07
C SER G 137 28.91 -131.36 11.70
N PRO G 138 28.58 -132.65 11.67
CA PRO G 138 29.58 -133.68 12.00
C PRO G 138 30.63 -133.89 10.93
N ARG G 139 30.56 -133.18 9.81
CA ARG G 139 31.67 -133.18 8.87
C ARG G 139 32.85 -132.43 9.47
N LEU G 140 34.03 -132.77 9.00
CA LEU G 140 35.27 -132.24 9.54
C LEU G 140 36.15 -131.72 8.42
N ASN G 141 36.98 -130.73 8.75
CA ASN G 141 37.90 -130.17 7.77
C ASN G 141 38.99 -131.17 7.44
N GLU G 142 39.07 -131.58 6.19
CA GLU G 142 40.11 -132.51 5.81
C GLU G 142 41.47 -131.85 5.66
N ILE G 143 41.50 -130.53 5.54
CA ILE G 143 42.74 -129.83 5.18
C ILE G 143 43.74 -129.87 6.33
N CYS G 144 43.25 -129.82 7.56
CA CYS G 144 44.16 -129.82 8.71
C CYS G 144 44.42 -131.23 9.22
N TYR G 145 44.45 -132.20 8.32
CA TYR G 145 44.83 -133.56 8.65
C TYR G 145 46.21 -133.78 9.28
N PRO G 146 47.25 -132.94 9.12
CA PRO G 146 48.47 -133.17 9.92
C PRO G 146 48.25 -133.09 11.41
N GLY G 147 47.26 -132.32 11.87
CA GLY G 147 46.91 -132.33 13.28
C GLY G 147 46.43 -133.68 13.74
N LEU G 148 45.58 -134.33 12.95
CA LEU G 148 45.10 -135.66 13.31
C LEU G 148 46.19 -136.71 13.22
N ASN G 149 47.09 -136.55 12.24
CA ASN G 149 48.24 -137.45 12.13
C ASN G 149 49.13 -137.35 13.37
N ASN G 150 49.39 -136.12 13.83
CA ASN G 150 50.17 -135.94 15.04
C ASN G 150 49.41 -136.41 16.27
N VAL G 151 48.09 -136.32 16.27
CA VAL G 151 47.29 -136.79 17.39
C VAL G 151 47.43 -138.29 17.55
N ILE G 152 47.36 -139.03 16.44
CA ILE G 152 47.56 -140.47 16.53
C ILE G 152 49.00 -140.79 16.89
N ARG G 153 49.96 -140.06 16.28
CA ARG G 153 51.38 -140.25 16.55
C ARG G 153 51.79 -139.85 17.96
N LEU G 154 50.94 -139.16 18.69
CA LEU G 154 51.19 -138.91 20.10
C LEU G 154 50.43 -139.87 21.00
N LEU G 155 49.16 -140.14 20.71
CA LEU G 155 48.34 -140.95 21.59
C LEU G 155 48.69 -142.43 21.51
N ASN G 156 49.50 -142.85 20.53
CA ASN G 156 50.01 -144.22 20.57
C ASN G 156 50.99 -144.46 21.72
N PHE G 157 51.53 -143.41 22.33
CA PHE G 157 52.51 -143.55 23.40
C PHE G 157 51.91 -144.03 24.71
N TYR G 158 50.59 -144.04 24.85
CA TYR G 158 49.92 -144.34 26.12
C TYR G 158 48.96 -145.51 25.87
N PRO G 159 49.47 -146.72 25.76
CA PRO G 159 48.67 -147.81 25.21
C PRO G 159 47.82 -148.56 26.22
N GLN G 160 47.61 -148.01 27.41
CA GLN G 160 46.82 -148.73 28.41
C GLN G 160 45.73 -147.91 29.07
N SER G 161 45.78 -146.58 29.01
CA SER G 161 44.85 -145.78 29.79
C SER G 161 43.46 -145.77 29.16
N THR G 162 42.47 -145.46 29.98
CA THR G 162 41.11 -145.22 29.51
C THR G 162 40.94 -143.74 29.24
N ILE G 163 40.23 -143.41 28.16
CA ILE G 163 40.20 -142.06 27.63
C ILE G 163 38.77 -141.56 27.61
N TYR G 164 38.62 -140.25 27.83
CA TYR G 164 37.33 -139.58 27.73
C TYR G 164 37.46 -138.43 26.75
N VAL G 165 36.40 -138.21 25.98
CA VAL G 165 36.33 -137.08 25.08
C VAL G 165 35.01 -136.37 25.31
N ALA G 166 35.03 -135.05 25.29
CA ALA G 166 33.84 -134.27 25.55
C ALA G 166 33.76 -133.09 24.60
N GLY G 167 32.54 -132.70 24.30
CA GLY G 167 32.27 -131.61 23.37
C GLY G 167 31.54 -130.47 24.05
N PHE G 168 31.93 -129.23 23.69
CA PHE G 168 31.39 -128.05 24.34
C PHE G 168 31.10 -126.96 23.33
N THR G 169 30.00 -126.23 23.58
CA THR G 169 29.45 -125.25 22.64
C THR G 169 29.27 -123.90 23.30
N ASP G 170 28.60 -122.98 22.61
CA ASP G 170 28.29 -121.63 23.08
C ASP G 170 26.79 -121.51 23.36
N ASN G 171 26.36 -120.29 23.68
CA ASN G 171 25.07 -120.04 24.32
C ASN G 171 23.97 -119.60 23.35
N VAL G 172 23.96 -120.13 22.14
CA VAL G 172 23.04 -119.69 21.11
C VAL G 172 22.04 -120.79 20.82
N GLY G 173 20.76 -120.47 20.88
CA GLY G 173 19.73 -121.35 20.38
C GLY G 173 19.14 -122.28 21.43
N SER G 174 18.56 -123.37 20.94
CA SER G 174 18.00 -124.38 21.83
C SER G 174 19.10 -125.12 22.56
N ARG G 175 18.91 -125.29 23.87
CA ARG G 175 19.84 -126.07 24.68
C ARG G 175 19.87 -127.52 24.20
N SER G 176 18.71 -128.03 23.78
CA SER G 176 18.65 -129.37 23.18
C SER G 176 19.46 -129.44 21.90
N HIS G 177 19.40 -128.38 21.09
CA HIS G 177 20.18 -128.33 19.85
C HIS G 177 21.67 -128.31 20.15
N LYS G 178 22.07 -127.55 21.18
CA LYS G 178 23.46 -127.53 21.63
C LYS G 178 23.92 -128.92 22.06
N ARG G 179 23.07 -129.60 22.83
CA ARG G 179 23.42 -130.91 23.35
C ARG G 179 23.55 -131.93 22.23
N LYS G 180 22.64 -131.87 21.25
CA LYS G 180 22.69 -132.82 20.14
C LYS G 180 23.92 -132.61 19.27
N LEU G 181 24.27 -131.35 19.00
CA LEU G 181 25.46 -131.10 18.19
C LEU G 181 26.73 -131.51 18.93
N SER G 182 26.76 -131.29 20.24
CA SER G 182 27.91 -131.71 21.03
C SER G 182 28.06 -133.22 21.02
N GLN G 183 26.93 -133.94 21.16
CA GLN G 183 26.97 -135.39 21.11
C GLN G 183 27.43 -135.88 19.75
N ALA G 184 27.02 -135.20 18.68
CA ALA G 184 27.44 -135.58 17.33
C ALA G 184 28.95 -135.42 17.15
N GLN G 185 29.49 -134.28 17.60
CA GLN G 185 30.92 -134.03 17.41
C GLN G 185 31.76 -135.00 18.24
N ALA G 186 31.32 -135.28 19.48
CA ALA G 186 32.02 -136.24 20.32
C ALA G 186 31.96 -137.64 19.74
N GLU G 187 30.80 -138.01 19.16
CA GLU G 187 30.65 -139.32 18.55
C GLU G 187 31.58 -139.49 17.35
N THR G 188 31.69 -138.44 16.54
CA THR G 188 32.60 -138.51 15.39
C THR G 188 34.05 -138.62 15.82
N MET G 189 34.43 -137.88 16.86
CA MET G 189 35.81 -137.93 17.33
C MET G 189 36.16 -139.31 17.89
N MET G 190 35.26 -139.87 18.70
CA MET G 190 35.54 -141.19 19.25
C MET G 190 35.46 -142.27 18.17
N THR G 191 34.68 -142.03 17.11
CA THR G 191 34.67 -142.95 15.99
C THR G 191 35.99 -142.95 15.25
N PHE G 192 36.58 -141.76 15.07
CA PHE G 192 37.88 -141.65 14.44
C PHE G 192 38.94 -142.38 15.26
N LEU G 193 38.89 -142.20 16.58
CA LEU G 193 39.86 -142.89 17.43
C LEU G 193 39.60 -144.39 17.46
N TRP G 194 38.35 -144.81 17.30
CA TRP G 194 38.04 -146.23 17.18
C TRP G 194 38.61 -146.81 15.90
N ALA G 195 38.51 -146.07 14.81
CA ALA G 195 39.02 -146.54 13.54
C ALA G 195 40.53 -146.47 13.46
N ASN G 196 41.17 -145.69 14.33
CA ASN G 196 42.63 -145.63 14.33
C ASN G 196 43.27 -146.70 15.20
N GLY G 197 42.61 -147.83 15.41
CA GLY G 197 43.25 -148.99 15.98
C GLY G 197 43.13 -149.15 17.48
N ILE G 198 42.20 -148.47 18.12
CA ILE G 198 42.00 -148.61 19.56
C ILE G 198 40.70 -149.36 19.79
N ALA G 199 40.70 -150.22 20.81
CA ALA G 199 39.60 -151.13 21.06
C ALA G 199 38.40 -150.37 21.64
N ALA G 200 37.31 -151.12 21.84
CA ALA G 200 36.03 -150.51 22.18
C ALA G 200 36.01 -149.97 23.61
N LYS G 201 36.48 -150.76 24.56
CA LYS G 201 36.26 -150.43 25.97
C LYS G 201 37.16 -149.34 26.49
N ARG G 202 38.17 -148.92 25.73
CA ARG G 202 39.11 -147.93 26.22
C ARG G 202 38.60 -146.50 26.08
N LEU G 203 37.41 -146.29 25.54
CA LEU G 203 36.97 -144.95 25.17
C LEU G 203 35.63 -144.63 25.81
N LYS G 204 35.41 -143.34 26.05
CA LYS G 204 34.09 -142.86 26.45
C LYS G 204 33.91 -141.46 25.88
N ALA G 205 32.70 -141.18 25.40
CA ALA G 205 32.40 -139.91 24.73
C ALA G 205 31.20 -139.25 25.40
N GLU G 206 31.22 -137.92 25.45
CA GLU G 206 30.11 -137.16 26.01
C GLU G 206 30.13 -135.74 25.46
N GLY G 207 28.95 -135.26 25.10
CA GLY G 207 28.83 -133.89 24.68
C GLY G 207 27.94 -133.08 25.61
N TYR G 208 28.53 -132.15 26.33
CA TYR G 208 27.71 -131.30 27.19
C TYR G 208 27.36 -130.03 26.44
N GLY G 209 26.48 -129.24 27.05
CA GLY G 209 26.10 -128.00 26.41
C GLY G 209 27.02 -126.89 26.84
N ASP G 210 26.49 -125.93 27.60
CA ASP G 210 27.29 -124.88 28.21
C ASP G 210 27.28 -125.05 29.72
N LYS G 211 27.42 -126.29 30.18
CA LYS G 211 27.26 -126.60 31.59
C LYS G 211 28.39 -126.01 32.43
N ASN G 212 29.60 -125.94 31.89
CA ASN G 212 30.71 -125.27 32.56
C ASN G 212 31.68 -124.84 31.49
N ALA G 213 31.82 -123.53 31.31
CA ALA G 213 32.62 -122.97 30.23
C ALA G 213 33.91 -122.39 30.79
N ILE G 214 35.01 -122.67 30.10
CA ILE G 214 36.31 -122.11 30.47
C ILE G 214 36.46 -120.66 30.07
N SER G 215 35.49 -120.12 29.34
CA SER G 215 35.53 -118.75 28.87
C SER G 215 34.15 -118.14 28.98
N ASP G 216 34.10 -116.81 28.96
CA ASP G 216 32.84 -116.11 29.06
C ASP G 216 32.15 -116.05 27.71
N ASN G 217 30.85 -116.33 27.71
CA ASN G 217 30.09 -116.37 26.47
C ASN G 217 29.61 -115.00 26.01
N ALA G 218 29.59 -114.00 26.90
CA ALA G 218 29.11 -112.68 26.53
C ALA G 218 30.11 -111.89 25.70
N ILE G 219 31.40 -112.17 25.87
CA ILE G 219 32.42 -111.60 25.00
C ILE G 219 32.42 -112.35 23.68
N ILE G 220 32.59 -111.62 22.58
CA ILE G 220 32.68 -112.24 21.26
C ILE G 220 33.90 -113.15 21.18
N HIS G 221 35.06 -112.62 21.57
CA HIS G 221 36.26 -113.44 21.51
C HIS G 221 36.25 -114.53 22.57
N GLY G 222 35.57 -114.29 23.70
CA GLY G 222 35.39 -115.35 24.67
C GLY G 222 34.52 -116.47 24.15
N SER G 223 33.46 -116.12 23.42
CA SER G 223 32.62 -117.15 22.82
C SER G 223 33.36 -117.90 21.72
N ALA G 224 34.30 -117.22 21.06
CA ALA G 224 35.20 -117.92 20.16
C ALA G 224 36.08 -118.89 20.92
N GLN G 225 36.53 -118.51 22.11
CA GLN G 225 37.34 -119.39 22.94
C GLN G 225 36.53 -120.56 23.46
N ASN G 226 35.21 -120.39 23.58
CA ASN G 226 34.39 -121.32 24.34
C ASN G 226 34.24 -122.68 23.66
N ARG G 227 33.94 -122.69 22.36
CA ARG G 227 33.57 -123.92 21.67
C ARG G 227 34.78 -124.81 21.46
N ARG G 228 34.69 -126.07 21.91
CA ARG G 228 35.92 -126.84 22.05
C ARG G 228 35.63 -128.34 22.09
N ILE G 229 36.69 -129.11 21.89
CA ILE G 229 36.72 -130.54 22.16
C ILE G 229 37.85 -130.81 23.14
N GLU G 230 37.52 -131.51 24.24
CA GLU G 230 38.51 -131.86 25.23
C GLU G 230 38.71 -133.38 25.26
N ILE G 231 39.96 -133.78 25.49
CA ILE G 231 40.35 -135.18 25.66
C ILE G 231 41.10 -135.31 26.97
N GLN G 232 40.65 -136.20 27.83
CA GLN G 232 41.30 -136.44 29.11
C GLN G 232 41.70 -137.91 29.19
N TRP G 233 42.90 -138.16 29.73
CA TRP G 233 43.21 -139.54 30.08
C TRP G 233 44.19 -139.60 31.26
N PHE G 234 43.98 -140.62 32.08
CA PHE G 234 44.80 -140.90 33.26
C PHE G 234 46.05 -141.65 32.84
N THR G 235 46.77 -142.22 33.81
CA THR G 235 47.90 -143.09 33.50
C THR G 235 47.64 -144.54 33.88
N SER G 236 47.27 -144.80 35.14
CA SER G 236 46.98 -146.15 35.57
C SER G 236 45.50 -146.34 35.81
N LEU H 113 19.63 -183.84 33.40
CA LEU H 113 20.89 -184.34 32.85
C LEU H 113 21.99 -183.29 32.98
N ASN H 114 23.21 -183.75 33.22
CA ASN H 114 24.35 -182.86 33.41
C ASN H 114 25.10 -182.61 32.10
N ARG H 115 25.45 -183.68 31.39
CA ARG H 115 26.29 -183.57 30.21
C ARG H 115 26.00 -184.73 29.28
N PHE H 116 25.98 -184.46 27.99
CA PHE H 116 25.87 -185.53 27.00
C PHE H 116 26.72 -185.22 25.79
N ARG H 117 27.47 -186.21 25.32
CA ARG H 117 28.25 -186.14 24.10
C ARG H 117 27.81 -187.26 23.18
N TYR H 118 27.68 -186.95 21.89
CA TYR H 118 27.30 -187.95 20.90
C TYR H 118 28.24 -187.89 19.71
N GLU H 119 28.61 -189.07 19.21
CA GLU H 119 29.49 -189.19 18.06
C GLU H 119 28.99 -190.31 17.15
N GLY H 120 29.30 -190.20 15.87
CA GLY H 120 29.27 -191.35 14.99
C GLY H 120 27.99 -191.66 14.22
N ALA H 121 27.47 -190.68 13.47
CA ALA H 121 26.44 -190.85 12.44
C ALA H 121 25.14 -191.43 13.01
N GLY H 122 24.51 -190.64 13.88
CA GLY H 122 23.29 -191.07 14.52
C GLY H 122 22.25 -189.96 14.55
N VAL H 123 21.00 -190.39 14.70
CA VAL H 123 19.84 -189.50 14.74
C VAL H 123 19.22 -189.62 16.11
N VAL H 124 19.14 -188.51 16.83
CA VAL H 124 18.51 -188.46 18.15
C VAL H 124 17.38 -187.44 18.07
N THR H 125 16.20 -187.86 18.53
CA THR H 125 15.01 -187.02 18.48
C THR H 125 14.33 -187.05 19.85
N GLY H 126 13.89 -185.89 20.31
CA GLY H 126 13.26 -185.80 21.61
C GLY H 126 12.47 -184.52 21.76
N ASN H 127 11.49 -184.57 22.66
CA ASN H 127 10.64 -183.41 22.91
C ASN H 127 10.23 -183.43 24.38
N ASN H 128 9.86 -182.24 24.86
CA ASN H 128 9.41 -182.00 26.25
C ASN H 128 10.48 -182.42 27.25
N LEU H 129 11.65 -181.80 27.15
CA LEU H 129 12.76 -182.00 28.08
C LEU H 129 13.01 -180.71 28.84
N ARG H 130 13.27 -180.84 30.14
CA ARG H 130 13.54 -179.70 30.99
C ARG H 130 14.88 -179.89 31.71
N THR H 131 15.60 -178.79 31.89
CA THR H 131 16.90 -178.84 32.54
C THR H 131 17.24 -177.46 33.10
N SER H 132 17.86 -177.45 34.27
CA SER H 132 18.40 -176.21 34.80
C SER H 132 19.64 -175.79 34.03
N TYR H 133 20.56 -176.73 33.83
CA TYR H 133 21.75 -176.51 33.01
C TYR H 133 22.28 -177.87 32.56
N LEU H 134 22.72 -177.93 31.30
CA LEU H 134 23.48 -179.08 30.83
C LEU H 134 24.50 -178.63 29.80
N ASP H 135 25.48 -179.50 29.57
CA ASP H 135 26.50 -179.30 28.55
C ASP H 135 26.33 -180.36 27.48
N LEU H 136 26.28 -179.91 26.22
CA LEU H 136 26.02 -180.79 25.09
C LEU H 136 27.19 -180.73 24.10
N TYR H 137 27.58 -181.89 23.61
CA TYR H 137 28.65 -182.02 22.63
C TYR H 137 28.18 -182.94 21.51
N LEU H 138 28.32 -182.48 20.27
CA LEU H 138 27.89 -183.24 19.11
C LEU H 138 29.03 -183.40 18.13
N ALA H 139 29.07 -184.55 17.46
CA ALA H 139 30.11 -184.81 16.48
C ALA H 139 29.61 -185.81 15.44
N ASN H 140 30.05 -185.60 14.19
CA ASN H 140 30.01 -186.57 13.11
C ASN H 140 28.59 -187.04 12.80
N GLU H 141 27.81 -186.09 12.28
CA GLU H 141 26.40 -186.28 11.89
C GLU H 141 25.55 -186.73 13.07
N GLY H 142 25.44 -185.82 14.03
CA GLY H 142 24.43 -185.96 15.05
C GLY H 142 23.18 -185.21 14.63
N THR H 143 22.23 -185.93 14.04
CA THR H 143 20.97 -185.33 13.59
C THR H 143 20.08 -185.22 14.82
N THR H 144 20.14 -184.06 15.48
CA THR H 144 19.47 -183.85 16.75
C THR H 144 18.25 -182.97 16.55
N ARG H 145 17.08 -183.48 16.90
CA ARG H 145 15.87 -182.69 16.99
C ARG H 145 15.43 -182.66 18.45
N LEU H 146 15.30 -181.47 19.00
CA LEU H 146 14.85 -181.31 20.38
C LEU H 146 13.76 -180.25 20.41
N ALA H 147 12.62 -180.59 21.00
CA ALA H 147 11.44 -179.73 20.99
C ALA H 147 10.95 -179.48 22.40
N GLY H 148 11.87 -179.11 23.30
CA GLY H 148 11.51 -178.74 24.65
C GLY H 148 12.25 -177.46 25.06
N ASN H 149 11.84 -176.93 26.21
CA ASN H 149 12.48 -175.74 26.77
C ASN H 149 13.67 -176.20 27.59
N ILE H 150 14.87 -175.90 27.09
CA ILE H 150 16.12 -176.40 27.68
C ILE H 150 16.89 -175.21 28.22
N GLY H 151 17.35 -175.34 29.46
CA GLY H 151 18.31 -174.40 30.01
C GLY H 151 19.71 -174.94 29.87
N LEU H 152 20.59 -174.14 29.27
CA LEU H 152 21.98 -174.52 29.10
C LEU H 152 22.81 -173.26 28.95
N GLN H 153 24.12 -173.42 29.13
CA GLN H 153 25.08 -172.37 28.81
C GLN H 153 26.10 -172.82 27.77
N LYS H 154 26.73 -173.97 27.97
CA LYS H 154 27.82 -174.39 27.12
C LYS H 154 27.34 -175.42 26.11
N LEU H 155 27.59 -175.15 24.84
CA LEU H 155 27.28 -176.05 23.75
C LEU H 155 28.51 -176.19 22.87
N GLU H 156 28.70 -177.38 22.29
CA GLU H 156 29.82 -177.62 21.40
C GLU H 156 29.41 -178.58 20.29
N ALA H 157 29.77 -178.22 19.07
CA ALA H 157 29.57 -179.09 17.91
C ALA H 157 30.87 -179.15 17.12
N VAL H 158 31.18 -180.34 16.60
CA VAL H 158 32.36 -180.46 15.74
C VAL H 158 32.06 -179.89 14.37
N GLY H 159 31.01 -180.37 13.72
CA GLY H 159 30.61 -179.79 12.45
C GLY H 159 30.09 -180.78 11.43
N ASN H 160 29.77 -180.26 10.23
CA ASN H 160 29.34 -181.04 9.06
C ASN H 160 28.08 -181.86 9.36
N GLY H 161 27.14 -181.26 10.08
CA GLY H 161 25.92 -181.93 10.42
C GLY H 161 24.77 -180.93 10.52
N VAL H 162 23.62 -181.44 10.92
CA VAL H 162 22.41 -180.65 11.07
C VAL H 162 21.91 -180.82 12.50
N THR H 163 21.52 -179.70 13.13
CA THR H 163 21.05 -179.74 14.50
C THR H 163 20.02 -178.64 14.70
N GLN H 164 18.83 -179.02 15.16
CA GLN H 164 17.72 -178.10 15.40
C GLN H 164 17.31 -178.21 16.86
N ILE H 165 17.48 -177.12 17.60
CA ILE H 165 17.06 -177.04 18.99
C ILE H 165 15.99 -175.97 19.09
N ASN H 166 14.81 -176.35 19.58
CA ASN H 166 13.65 -175.47 19.59
C ASN H 166 13.25 -175.20 21.04
N GLY H 167 13.68 -174.05 21.55
CA GLY H 167 13.32 -173.59 22.88
C GLY H 167 14.48 -173.61 23.85
N VAL H 168 15.14 -172.47 24.02
CA VAL H 168 16.32 -172.35 24.86
C VAL H 168 16.12 -171.18 25.79
N SER H 169 16.24 -171.42 27.10
CA SER H 169 16.16 -170.37 28.11
C SER H 169 17.52 -170.32 28.79
N SER H 170 18.36 -169.35 28.40
CA SER H 170 19.72 -169.24 28.89
C SER H 170 19.93 -167.90 29.57
N ARG H 171 20.44 -167.93 30.79
CA ARG H 171 20.94 -166.71 31.40
C ARG H 171 22.27 -166.29 30.78
N ASN H 172 23.01 -167.26 30.26
CA ASN H 172 24.29 -167.02 29.60
C ASN H 172 24.49 -168.15 28.60
N LEU H 173 25.36 -167.91 27.62
CA LEU H 173 25.61 -168.92 26.61
C LEU H 173 26.96 -168.69 25.96
N GLN H 174 27.70 -169.78 25.73
CA GLN H 174 28.98 -169.73 25.03
C GLN H 174 29.10 -170.93 24.10
N ILE H 175 29.64 -170.68 22.91
CA ILE H 175 29.70 -171.68 21.85
C ILE H 175 30.88 -171.36 20.94
N VAL H 176 31.69 -172.37 20.61
CA VAL H 176 32.73 -172.25 19.61
C VAL H 176 32.55 -173.36 18.59
N LEU H 177 33.09 -173.15 17.40
CA LEU H 177 32.88 -174.05 16.28
C LEU H 177 34.16 -174.19 15.47
N LYS H 178 34.33 -175.35 14.84
CA LYS H 178 35.51 -175.60 14.03
C LYS H 178 35.15 -176.13 12.63
N GLY H 179 34.04 -176.86 12.53
CA GLY H 179 33.56 -177.36 11.27
C GLY H 179 32.47 -176.49 10.68
N ASP H 180 31.64 -177.10 9.84
CA ASP H 180 30.61 -176.38 9.09
C ASP H 180 29.26 -177.03 9.32
N PRO H 181 28.61 -176.74 10.45
CA PRO H 181 27.28 -177.31 10.70
C PRO H 181 26.17 -176.40 10.21
N LYS H 182 25.00 -177.00 10.06
CA LYS H 182 23.78 -176.30 9.68
C LYS H 182 22.91 -176.30 10.93
N VAL H 183 23.05 -175.26 11.74
CA VAL H 183 22.50 -175.26 13.08
C VAL H 183 21.53 -174.09 13.22
N LEU H 184 20.36 -174.36 13.79
CA LEU H 184 19.36 -173.36 14.08
C LEU H 184 18.94 -173.50 15.53
N ILE H 185 18.77 -172.36 16.20
CA ILE H 185 18.45 -172.31 17.62
C ILE H 185 17.23 -171.41 17.80
N SER H 186 16.27 -171.88 18.59
CA SER H 186 15.10 -171.10 18.95
C SER H 186 15.07 -170.90 20.46
N GLY H 187 14.52 -169.76 20.88
CA GLY H 187 14.33 -169.50 22.30
C GLY H 187 14.71 -168.11 22.77
N PHE H 188 15.03 -168.02 24.07
CA PHE H 188 15.37 -166.75 24.73
C PHE H 188 16.80 -166.88 25.23
N VAL H 189 17.75 -166.30 24.50
CA VAL H 189 19.17 -166.51 24.76
C VAL H 189 19.81 -165.18 25.11
N ASN H 190 20.59 -165.18 26.18
CA ASN H 190 21.43 -164.05 26.56
C ASN H 190 22.86 -164.38 26.18
N LEU H 191 23.21 -164.09 24.94
CA LEU H 191 24.53 -164.44 24.42
C LEU H 191 25.59 -163.49 24.95
N ARG H 192 26.84 -163.94 24.87
CA ARG H 192 27.97 -163.13 25.31
C ARG H 192 29.01 -162.92 24.22
N GLN H 193 29.44 -163.98 23.53
CA GLN H 193 30.59 -163.87 22.63
C GLN H 193 30.52 -164.98 21.61
N LEU H 194 31.03 -164.71 20.40
CA LEU H 194 31.00 -165.72 19.36
C LEU H 194 32.14 -165.54 18.35
N ASP H 195 32.81 -166.64 18.03
CA ASP H 195 33.88 -166.69 17.04
C ASP H 195 33.59 -167.80 16.04
N MET H 196 33.86 -167.53 14.77
CA MET H 196 33.61 -168.48 13.69
C MET H 196 34.81 -168.57 12.75
N TYR H 197 35.15 -169.80 12.36
CA TYR H 197 36.37 -170.06 11.62
C TYR H 197 36.21 -171.00 10.43
N GLY H 198 35.10 -171.72 10.31
CA GLY H 198 34.99 -172.71 9.25
C GLY H 198 34.17 -172.25 8.06
N LYS H 199 33.15 -173.02 7.72
CA LYS H 199 32.19 -172.66 6.69
C LYS H 199 30.80 -172.73 7.28
N GLY H 200 30.65 -172.10 8.45
CA GLY H 200 29.47 -172.33 9.26
C GLY H 200 28.26 -171.51 8.85
N THR H 201 27.10 -172.09 9.07
CA THR H 201 25.81 -171.42 8.92
C THR H 201 25.09 -171.51 10.26
N LEU H 202 24.60 -170.38 10.74
CA LEU H 202 23.95 -170.38 12.05
C LEU H 202 22.88 -169.31 12.10
N SER H 203 21.78 -169.64 12.77
CA SER H 203 20.64 -168.75 12.87
C SER H 203 20.11 -168.76 14.29
N LEU H 204 19.55 -167.62 14.70
CA LEU H 204 18.95 -167.46 16.00
C LEU H 204 17.67 -166.66 15.87
N TYR H 205 16.71 -166.94 16.75
CA TYR H 205 15.39 -166.32 16.66
C TYR H 205 15.24 -165.10 17.55
N TRP H 206 15.54 -165.23 18.83
CA TRP H 206 15.46 -164.10 19.75
C TRP H 206 16.71 -164.08 20.62
N ILE H 207 17.28 -162.90 20.80
CA ILE H 207 18.44 -162.72 21.66
C ILE H 207 18.28 -161.39 22.39
N LYS H 208 18.19 -161.44 23.71
CA LYS H 208 18.08 -160.25 24.54
C LYS H 208 19.38 -160.14 25.33
N SER H 209 20.39 -159.55 24.71
CA SER H 209 21.69 -159.38 25.32
C SER H 209 22.08 -157.92 25.20
N ASP H 210 23.26 -157.58 25.74
CA ASP H 210 23.65 -156.18 25.81
C ASP H 210 25.02 -155.95 25.19
N THR H 211 25.92 -156.92 25.34
CA THR H 211 27.33 -156.72 25.04
C THR H 211 27.79 -157.92 24.22
N LEU H 212 27.93 -157.72 22.91
CA LEU H 212 28.27 -158.83 22.03
C LEU H 212 29.55 -158.55 21.26
N THR H 213 30.36 -159.59 21.14
CA THR H 213 31.62 -159.55 20.41
C THR H 213 31.62 -160.69 19.41
N ILE H 214 31.63 -160.34 18.12
CA ILE H 214 31.54 -161.33 17.05
C ILE H 214 32.81 -161.25 16.22
N ARG H 215 33.42 -162.40 15.97
CA ARG H 215 34.57 -162.47 15.08
C ARG H 215 34.31 -163.53 14.02
N ALA H 216 34.52 -163.18 12.75
CA ALA H 216 34.34 -164.12 11.65
C ALA H 216 35.60 -164.16 10.81
N LYS H 217 36.09 -165.38 10.53
CA LYS H 217 37.39 -165.54 9.90
C LYS H 217 37.30 -165.95 8.43
N LYS H 218 36.67 -167.09 8.13
CA LYS H 218 36.81 -167.70 6.82
C LYS H 218 35.52 -167.73 6.02
N ALA H 219 34.47 -168.35 6.56
CA ALA H 219 33.21 -168.45 5.84
C ALA H 219 32.10 -168.61 6.87
N ALA H 220 31.31 -167.57 7.07
CA ALA H 220 30.23 -167.60 8.03
C ALA H 220 28.97 -167.05 7.38
N LYS H 221 27.84 -167.62 7.77
CA LYS H 221 26.52 -167.21 7.28
C LYS H 221 25.68 -167.07 8.54
N ILE H 222 25.65 -165.87 9.10
CA ILE H 222 25.12 -165.66 10.44
C ILE H 222 23.85 -164.82 10.34
N GLN H 223 22.71 -165.43 10.67
CA GLN H 223 21.42 -164.75 10.67
C GLN H 223 20.90 -164.68 12.10
N LEU H 224 20.79 -163.48 12.65
CA LEU H 224 20.33 -163.27 14.01
C LEU H 224 19.21 -162.24 14.03
N ALA H 225 18.48 -162.20 15.13
CA ALA H 225 17.42 -161.21 15.32
C ALA H 225 17.17 -161.05 16.82
N GLY H 226 17.23 -159.82 17.32
CA GLY H 226 17.03 -159.61 18.74
C GLY H 226 17.31 -158.18 19.14
N ILE H 227 17.63 -157.99 20.42
CA ILE H 227 17.89 -156.68 21.01
C ILE H 227 19.29 -156.69 21.60
N VAL H 228 20.12 -155.74 21.17
CA VAL H 228 21.50 -155.63 21.63
C VAL H 228 21.77 -154.17 22.00
N ASN H 229 22.33 -153.94 23.17
CA ASN H 229 22.78 -152.59 23.51
C ASN H 229 24.06 -152.26 22.76
N ARG H 230 25.13 -152.99 23.04
CA ARG H 230 26.46 -152.69 22.52
C ARG H 230 26.96 -153.88 21.72
N LEU H 231 27.38 -153.62 20.49
CA LEU H 231 27.77 -154.66 19.57
C LEU H 231 29.09 -154.30 18.89
N ASP H 232 30.00 -155.27 18.83
CA ASP H 232 31.26 -155.11 18.12
C ASP H 232 31.43 -156.29 17.19
N VAL H 233 31.58 -156.01 15.89
CA VAL H 233 31.70 -157.06 14.88
C VAL H 233 33.03 -156.88 14.15
N GLU H 234 33.79 -157.96 14.04
CA GLU H 234 34.98 -158.03 13.22
C GLU H 234 34.77 -159.09 12.15
N LEU H 235 34.98 -158.70 10.89
CA LEU H 235 34.87 -159.62 9.77
C LEU H 235 36.17 -159.61 8.97
N TRP H 236 36.71 -160.79 8.68
CA TRP H 236 37.96 -160.86 7.93
C TRP H 236 37.76 -161.02 6.43
N ASP H 237 37.15 -162.12 5.99
CA ASP H 237 36.94 -162.32 4.56
C ASP H 237 35.88 -163.39 4.34
N PHE H 238 35.08 -163.19 3.29
CA PHE H 238 34.08 -164.15 2.80
C PHE H 238 33.08 -164.53 3.88
N ALA H 239 32.63 -163.54 4.64
CA ALA H 239 31.68 -163.76 5.71
C ALA H 239 30.48 -162.84 5.53
N GLN H 240 29.29 -163.40 5.77
CA GLN H 240 28.05 -162.67 5.67
C GLN H 240 27.39 -162.60 7.05
N PHE H 241 27.22 -161.39 7.53
CA PHE H 241 26.51 -161.14 8.77
C PHE H 241 25.21 -160.41 8.42
N LYS H 242 24.09 -161.13 8.54
CA LYS H 242 22.78 -160.55 8.24
C LYS H 242 22.06 -160.19 9.53
N GLY H 243 22.53 -159.15 10.22
CA GLY H 243 21.88 -158.76 11.45
C GLY H 243 20.63 -157.92 11.26
N LYS H 244 19.74 -158.37 10.38
CA LYS H 244 18.43 -157.77 10.26
C LYS H 244 17.61 -158.09 11.50
N TYR H 245 16.74 -157.14 11.88
CA TYR H 245 15.92 -157.19 13.09
C TYR H 245 16.78 -157.34 14.34
N LEU H 246 17.94 -156.68 14.32
CA LEU H 246 18.84 -156.65 15.47
C LEU H 246 19.11 -155.18 15.76
N ARG H 247 18.21 -154.57 16.51
CA ARG H 247 18.25 -153.12 16.73
C ARG H 247 19.27 -152.80 17.82
N ALA H 248 20.23 -151.94 17.50
CA ALA H 248 21.37 -151.69 18.36
C ALA H 248 21.49 -150.20 18.66
N GLN H 249 21.92 -149.90 19.87
CA GLN H 249 22.18 -148.51 20.26
C GLN H 249 23.62 -148.13 19.95
N ARG H 250 24.56 -148.96 20.36
CA ARG H 250 25.97 -148.78 20.06
C ARG H 250 26.40 -149.89 19.12
N SER H 251 26.81 -149.53 17.91
CA SER H 251 27.24 -150.52 16.95
C SER H 251 28.61 -150.16 16.40
N PHE H 252 29.50 -151.14 16.34
CA PHE H 252 30.82 -150.98 15.77
C PHE H 252 31.06 -152.08 14.75
N VAL H 253 31.41 -151.69 13.54
CA VAL H 253 31.63 -152.63 12.45
C VAL H 253 33.04 -152.43 11.91
N LYS H 254 33.85 -153.48 11.95
CA LYS H 254 35.22 -153.42 11.43
C LYS H 254 35.37 -154.55 10.43
N THR H 255 35.61 -154.19 9.17
CA THR H 255 35.58 -155.17 8.09
C THR H 255 36.82 -155.07 7.23
N HIS H 256 37.47 -156.22 7.01
CA HIS H 256 38.58 -156.36 6.09
C HIS H 256 38.04 -156.74 4.71
N ASP H 257 38.92 -157.23 3.85
CA ASP H 257 38.62 -157.47 2.45
C ASP H 257 37.55 -158.55 2.25
N LYS H 258 36.59 -158.25 1.38
CA LYS H 258 35.55 -159.18 0.90
C LYS H 258 34.68 -159.70 2.05
N SER H 259 33.92 -158.77 2.63
CA SER H 259 32.99 -159.09 3.70
C SER H 259 31.69 -158.35 3.48
N VAL H 260 30.59 -158.95 3.96
CA VAL H 260 29.26 -158.38 3.80
C VAL H 260 28.62 -158.23 5.17
N ALA H 261 28.26 -157.00 5.52
CA ALA H 261 27.62 -156.72 6.81
C ALA H 261 26.29 -156.02 6.56
N GLU H 262 25.28 -156.44 7.31
CA GLU H 262 23.95 -155.84 7.24
C GLU H 262 23.51 -155.54 8.66
N ILE H 263 23.35 -154.26 8.98
CA ILE H 263 23.15 -153.80 10.34
C ILE H 263 21.80 -153.09 10.47
N SER H 264 21.42 -152.84 11.72
CA SER H 264 20.14 -152.26 12.08
C SER H 264 20.31 -151.25 13.23
N ALA H 265 21.30 -150.37 13.11
CA ALA H 265 21.63 -149.44 14.18
C ALA H 265 20.53 -148.40 14.38
N VAL H 266 20.37 -147.96 15.63
CA VAL H 266 19.31 -147.06 16.03
C VAL H 266 19.85 -145.70 16.46
N ASN H 267 20.87 -145.70 17.30
CA ASN H 267 21.33 -144.44 17.89
C ASN H 267 22.75 -144.08 17.47
N HIS H 268 23.72 -144.95 17.67
CA HIS H 268 25.12 -144.62 17.43
C HIS H 268 25.76 -145.72 16.59
N GLN H 269 26.25 -145.34 15.41
CA GLN H 269 26.75 -146.29 14.44
C GLN H 269 28.16 -145.90 14.00
N SER H 270 29.09 -146.84 14.09
CA SER H 270 30.47 -146.63 13.68
C SER H 270 30.87 -147.73 12.71
N SER H 271 31.46 -147.34 11.59
CA SER H 271 31.78 -148.32 10.57
C SER H 271 33.13 -148.03 9.92
N LEU H 272 33.93 -149.07 9.75
CA LEU H 272 35.20 -148.96 9.04
C LEU H 272 35.34 -150.16 8.12
N ALA H 273 35.64 -149.87 6.85
CA ALA H 273 35.83 -150.88 5.83
C ALA H 273 37.17 -150.65 5.14
N THR H 274 37.94 -151.71 4.98
CA THR H 274 39.24 -151.56 4.32
C THR H 274 39.10 -151.54 2.80
N ASP H 275 38.59 -152.63 2.24
CA ASP H 275 38.49 -152.78 0.80
C ASP H 275 37.47 -153.87 0.51
N ALA H 276 36.80 -153.75 -0.65
CA ALA H 276 36.00 -154.81 -1.28
C ALA H 276 34.86 -155.32 -0.39
N SER H 277 34.41 -154.50 0.55
CA SER H 277 33.44 -154.93 1.54
C SER H 277 32.23 -154.02 1.48
N ASP H 278 31.07 -154.57 1.78
CA ASP H 278 29.81 -153.84 1.65
C ASP H 278 29.08 -153.83 2.99
N ILE H 279 28.78 -152.63 3.47
CA ILE H 279 28.10 -152.44 4.74
C ILE H 279 26.79 -151.75 4.45
N TYR H 280 25.68 -152.46 4.68
CA TYR H 280 24.35 -151.95 4.41
C TYR H 280 23.59 -151.87 5.72
N TYR H 281 22.99 -150.73 6.00
CA TYR H 281 22.11 -150.60 7.14
C TYR H 281 20.67 -150.60 6.67
N TYR H 282 19.79 -151.15 7.50
CA TYR H 282 18.38 -151.26 7.15
C TYR H 282 17.52 -150.26 7.91
N ASN H 283 18.14 -149.38 8.71
CA ASN H 283 17.42 -148.30 9.36
C ASN H 283 18.40 -147.17 9.61
N LEU H 284 18.05 -145.97 9.20
CA LEU H 284 18.91 -144.82 9.41
C LEU H 284 18.88 -144.42 10.88
N SER H 285 20.05 -144.35 11.49
CA SER H 285 20.16 -144.12 12.92
C SER H 285 20.09 -142.63 13.22
N LYS H 286 20.29 -142.30 14.49
CA LYS H 286 20.38 -140.90 14.90
C LYS H 286 21.79 -140.35 14.79
N THR H 287 22.80 -141.21 14.72
CA THR H 287 24.18 -140.77 14.60
C THR H 287 24.96 -141.83 13.83
N ARG H 288 25.61 -141.41 12.76
CA ARG H 288 26.34 -142.31 11.89
C ARG H 288 27.73 -141.75 11.64
N ALA H 289 28.73 -142.63 11.60
CA ALA H 289 30.05 -142.22 11.15
C ALA H 289 30.76 -143.39 10.50
N ASP H 290 31.23 -143.16 9.28
CA ASP H 290 31.72 -144.22 8.41
C ASP H 290 33.05 -143.84 7.79
N PHE H 291 33.90 -144.83 7.58
CA PHE H 291 35.17 -144.62 6.90
C PHE H 291 35.51 -145.84 6.05
N MET H 292 35.98 -145.59 4.83
CA MET H 292 36.39 -146.62 3.90
C MET H 292 37.78 -146.29 3.38
N ALA H 293 38.64 -147.31 3.27
CA ALA H 293 40.05 -147.09 2.96
C ALA H 293 40.34 -147.20 1.47
N PHE H 294 40.09 -148.37 0.89
CA PHE H 294 40.42 -148.60 -0.51
C PHE H 294 39.19 -148.82 -1.36
N ASN H 295 38.46 -149.90 -1.10
CA ASN H 295 37.29 -150.23 -1.91
C ASN H 295 36.11 -150.65 -1.06
N GLY H 296 36.15 -150.41 0.24
CA GLY H 296 34.98 -150.63 1.06
C GLY H 296 33.90 -149.61 0.76
N SER H 297 32.67 -149.97 1.12
CA SER H 297 31.56 -149.10 0.79
C SER H 297 30.46 -149.28 1.83
N VAL H 298 30.08 -148.19 2.45
CA VAL H 298 28.85 -148.13 3.22
C VAL H 298 27.79 -147.63 2.26
N LEU H 299 26.56 -148.08 2.46
CA LEU H 299 25.49 -147.64 1.57
C LEU H 299 24.16 -147.65 2.31
N ASP H 300 23.24 -146.86 1.78
CA ASP H 300 21.94 -146.71 2.41
C ASP H 300 21.12 -147.97 2.29
N MET H 301 20.98 -148.50 1.06
CA MET H 301 20.35 -149.78 0.76
C MET H 301 18.90 -149.86 1.27
N ARG H 302 18.18 -148.75 1.21
CA ARG H 302 16.83 -148.70 1.75
C ARG H 302 15.85 -149.16 0.67
N GLU H 303 14.56 -148.92 0.89
CA GLU H 303 13.54 -149.46 0.00
C GLU H 303 13.00 -148.45 -1.01
N TRP H 304 13.11 -147.15 -0.74
CA TRP H 304 12.75 -146.05 -1.65
C TRP H 304 11.29 -146.02 -2.06
N GLY H 305 10.40 -146.70 -1.35
CA GLY H 305 9.04 -146.80 -1.84
C GLY H 305 7.96 -146.61 -0.81
N GLN H 306 8.32 -146.45 0.46
CA GLN H 306 7.30 -146.43 1.48
C GLN H 306 6.73 -145.03 1.65
N SER H 307 5.60 -144.96 2.33
CA SER H 307 4.91 -143.71 2.60
C SER H 307 5.28 -143.11 3.95
N ASP H 308 6.21 -143.73 4.68
CA ASP H 308 6.45 -143.38 6.07
C ASP H 308 7.94 -143.34 6.37
N LEU H 309 8.72 -142.71 5.50
CA LEU H 309 10.15 -142.64 5.67
C LEU H 309 10.57 -141.24 6.09
N LYS H 310 11.36 -141.15 7.15
CA LYS H 310 11.95 -139.89 7.58
C LYS H 310 13.27 -139.66 6.83
N ASP H 311 13.78 -138.44 6.93
CA ASP H 311 14.99 -138.06 6.23
C ASP H 311 16.04 -137.57 7.23
N PHE H 312 17.14 -137.05 6.70
CA PHE H 312 18.22 -136.56 7.53
C PHE H 312 17.84 -135.25 8.21
N ASP H 313 18.73 -134.80 9.08
CA ASP H 313 18.50 -133.59 9.87
C ASP H 313 19.83 -132.86 9.97
N ARG H 314 19.91 -131.93 10.92
CA ARG H 314 21.13 -131.15 11.14
C ARG H 314 22.29 -132.01 11.64
N TYR H 315 22.01 -133.20 12.14
CA TYR H 315 23.02 -134.10 12.65
C TYR H 315 23.21 -135.33 11.80
N ASN H 316 22.45 -135.46 10.71
CA ASN H 316 22.52 -136.66 9.89
C ASN H 316 22.96 -136.35 8.47
N LYS H 317 23.70 -135.26 8.29
CA LYS H 317 24.32 -134.96 7.00
C LYS H 317 25.75 -135.46 6.97
N GLN H 318 25.90 -136.75 7.27
CA GLN H 318 27.21 -137.39 7.23
C GLN H 318 27.44 -137.83 5.79
N PHE H 319 28.01 -136.93 5.00
CA PHE H 319 28.19 -137.21 3.58
C PHE H 319 29.37 -138.15 3.39
N PRO H 320 29.18 -139.28 2.70
CA PRO H 320 30.27 -140.22 2.44
C PRO H 320 31.14 -139.79 1.26
N ASP I 39 39.68 -106.50 -24.47
CA ASP I 39 38.97 -105.49 -25.25
C ASP I 39 38.19 -106.13 -26.39
N GLY I 40 38.78 -107.14 -27.02
CA GLY I 40 38.11 -107.89 -28.05
C GLY I 40 37.01 -108.75 -27.46
N CYS I 41 35.75 -108.40 -27.78
CA CYS I 41 34.62 -109.09 -27.18
C CYS I 41 34.50 -110.52 -27.67
N CYS I 42 34.58 -110.73 -28.97
CA CYS I 42 34.66 -112.07 -29.53
C CYS I 42 36.11 -112.43 -29.81
N SER I 43 36.92 -112.36 -28.75
CA SER I 43 38.32 -112.73 -28.86
C SER I 43 38.45 -114.24 -29.07
N LYS I 44 39.48 -114.62 -29.82
CA LYS I 44 39.70 -115.99 -30.32
C LYS I 44 38.49 -116.50 -31.10
N MET I 45 37.81 -115.60 -31.79
CA MET I 45 36.66 -115.92 -32.61
C MET I 45 36.73 -115.01 -33.83
N GLY I 46 35.70 -115.08 -34.68
CA GLY I 46 35.70 -114.28 -35.89
C GLY I 46 35.60 -112.79 -35.62
N GLY I 47 34.73 -112.40 -34.71
CA GLY I 47 34.57 -111.01 -34.36
C GLY I 47 33.11 -110.70 -34.10
N ILE I 48 32.77 -109.44 -34.28
CA ILE I 48 31.46 -108.93 -33.93
C ILE I 48 30.55 -108.99 -35.14
N ASN I 49 29.39 -109.60 -34.99
CA ASN I 49 28.41 -109.61 -36.07
C ASN I 49 27.39 -108.49 -35.90
N TYR I 50 26.63 -108.51 -34.82
CA TYR I 50 25.66 -107.45 -34.55
C TYR I 50 25.30 -107.47 -33.09
N CYS I 51 24.74 -106.34 -32.63
CA CYS I 51 24.28 -106.20 -31.25
C CYS I 51 22.81 -106.58 -31.21
N ASP I 52 22.53 -107.78 -30.73
CA ASP I 52 21.14 -108.19 -30.55
C ASP I 52 20.60 -107.43 -29.34
N SER I 53 19.68 -106.52 -29.61
CA SER I 53 19.13 -105.63 -28.60
C SER I 53 18.04 -106.29 -27.77
N SER I 54 17.53 -107.43 -28.21
CA SER I 54 16.57 -108.17 -27.40
C SER I 54 17.23 -108.69 -26.14
N ALA I 55 18.40 -109.31 -26.28
CA ALA I 55 19.16 -109.74 -25.13
C ALA I 55 20.19 -108.72 -24.69
N GLY I 56 20.41 -107.66 -25.48
CA GLY I 56 21.43 -106.69 -25.16
C GLY I 56 22.83 -107.25 -25.21
N ARG I 57 23.08 -108.19 -26.13
CA ARG I 57 24.34 -108.90 -26.18
C ARG I 57 24.91 -108.88 -27.59
N LEU I 58 26.23 -108.91 -27.68
CA LEU I 58 26.85 -109.03 -28.98
C LEU I 58 26.74 -110.45 -29.50
N VAL I 59 26.82 -110.59 -30.82
CA VAL I 59 26.80 -111.89 -31.47
C VAL I 59 28.17 -112.12 -32.10
N CYS I 60 28.84 -113.19 -31.68
CA CYS I 60 30.10 -113.55 -32.28
C CYS I 60 29.87 -114.26 -33.60
N ASN I 61 30.94 -114.44 -34.37
CA ASN I 61 30.84 -115.14 -35.64
C ASN I 61 30.48 -116.61 -35.44
N ASN I 62 31.09 -117.25 -34.46
CA ASN I 62 30.55 -118.48 -33.96
C ASN I 62 29.31 -118.19 -33.15
N GLY I 63 28.36 -119.11 -33.16
CA GLY I 63 27.06 -118.86 -32.57
C GLY I 63 27.02 -118.89 -31.06
N PHE I 64 27.80 -118.04 -30.42
CA PHE I 64 27.87 -117.99 -28.97
C PHE I 64 27.77 -116.55 -28.51
N TYR I 65 27.06 -116.34 -27.40
CA TYR I 65 26.92 -115.01 -26.85
C TYR I 65 28.22 -114.60 -26.17
N SER I 66 28.69 -113.40 -26.50
CA SER I 66 29.92 -112.91 -25.92
C SER I 66 29.69 -112.49 -24.47
N THR I 67 30.80 -112.26 -23.79
CA THR I 67 30.77 -111.77 -22.42
C THR I 67 30.52 -110.27 -22.34
N CYS I 68 30.55 -109.56 -23.47
CA CYS I 68 30.37 -108.13 -23.45
C CYS I 68 28.88 -107.76 -23.35
N TYR I 69 28.64 -106.47 -23.13
CA TYR I 69 27.31 -105.88 -23.14
C TYR I 69 27.20 -104.92 -24.31
N CYS I 70 26.00 -104.80 -24.87
CA CYS I 70 25.83 -103.87 -25.98
C CYS I 70 24.55 -103.06 -25.89
N THR I 71 23.71 -103.27 -24.88
CA THR I 71 22.58 -102.40 -24.64
C THR I 71 22.44 -102.21 -23.13
N ARG I 72 22.18 -100.98 -22.71
CA ARG I 72 22.04 -100.69 -21.30
C ARG I 72 20.80 -101.32 -20.69
N HIS I 73 19.84 -101.76 -21.51
CA HIS I 73 18.68 -102.49 -21.01
C HIS I 73 18.96 -103.99 -20.94
N ALA I 74 20.06 -104.39 -20.32
CA ALA I 74 20.38 -105.80 -20.17
C ALA I 74 20.49 -106.13 -18.69
N VAL I 75 20.66 -107.42 -18.40
CA VAL I 75 20.56 -107.93 -17.04
C VAL I 75 21.85 -107.57 -16.29
N MET I 76 21.78 -106.50 -15.50
CA MET I 76 22.91 -106.07 -14.69
C MET I 76 22.68 -106.49 -13.24
N ASP I 77 23.65 -107.19 -12.68
CA ASP I 77 23.53 -107.72 -11.32
C ASP I 77 24.08 -106.69 -10.33
N LEU I 78 23.42 -105.55 -10.27
CA LEU I 78 23.90 -104.43 -9.50
C LEU I 78 23.67 -104.68 -8.01
N GLN I 79 24.76 -104.68 -7.24
CA GLN I 79 24.69 -104.87 -5.80
C GLN I 79 25.31 -103.73 -5.02
N PHE I 80 25.70 -102.66 -5.70
CA PHE I 80 26.34 -101.54 -5.03
C PHE I 80 26.14 -100.28 -5.86
N LEU I 81 25.93 -99.16 -5.18
CA LEU I 81 25.57 -97.95 -5.90
C LEU I 81 26.35 -96.72 -5.46
N MET I 82 25.92 -95.56 -5.93
CA MET I 82 26.48 -94.26 -5.59
C MET I 82 25.36 -93.36 -5.10
N GLY I 83 25.63 -92.07 -4.96
CA GLY I 83 24.61 -91.12 -4.62
C GLY I 83 24.33 -91.08 -3.13
N CYS I 84 23.41 -90.19 -2.76
CA CYS I 84 23.02 -90.03 -1.37
C CYS I 84 21.51 -89.82 -1.30
N CYS I 85 21.00 -89.81 -0.05
CA CYS I 85 19.57 -89.86 0.26
C CYS I 85 18.89 -91.05 -0.42
N LEU I 86 19.59 -92.17 -0.46
CA LEU I 86 19.03 -93.38 -1.03
C LEU I 86 18.04 -94.01 -0.06
N TRP I 87 17.19 -94.90 -0.61
CA TRP I 87 16.03 -95.47 0.07
C TRP I 87 15.12 -94.38 0.62
N HIS I 88 15.03 -93.30 -0.12
CA HIS I 88 14.23 -92.14 0.21
C HIS I 88 13.80 -91.51 -1.10
N GLY I 89 13.37 -90.26 -1.04
CA GLY I 89 12.96 -89.59 -2.27
C GLY I 89 14.10 -88.92 -3.00
N GLY I 90 15.33 -89.32 -2.72
CA GLY I 90 16.46 -88.62 -3.27
C GLY I 90 16.68 -87.32 -2.53
N VAL I 91 17.49 -86.47 -3.14
CA VAL I 91 17.80 -85.19 -2.52
C VAL I 91 16.61 -84.25 -2.72
N TYR I 92 16.51 -83.27 -1.83
CA TYR I 92 15.53 -82.21 -2.03
C TYR I 92 16.00 -81.30 -3.17
N PRO I 93 15.07 -80.79 -3.98
CA PRO I 93 15.46 -79.88 -5.07
C PRO I 93 16.04 -78.56 -4.59
N GLN I 94 15.77 -78.13 -3.36
CA GLN I 94 16.22 -76.82 -2.92
C GLN I 94 17.70 -76.84 -2.58
N LEU I 95 18.29 -75.65 -2.56
CA LEU I 95 19.66 -75.46 -2.11
C LEU I 95 19.65 -74.58 -0.86
N ASN I 96 20.49 -74.94 0.10
CA ASN I 96 20.62 -74.20 1.34
C ASN I 96 21.85 -73.30 1.29
N SER I 97 21.86 -72.31 2.17
CA SER I 97 23.09 -71.61 2.49
C SER I 97 24.11 -72.57 3.09
N SER I 98 23.64 -73.50 3.91
CA SER I 98 24.46 -74.60 4.39
C SER I 98 24.41 -75.75 3.38
N GLY I 99 24.95 -76.90 3.77
CA GLY I 99 24.84 -78.08 2.94
C GLY I 99 23.91 -79.10 3.56
N LEU I 100 23.02 -78.62 4.42
CA LEU I 100 22.10 -79.47 5.17
C LEU I 100 21.07 -80.05 4.21
N VAL I 101 21.28 -81.29 3.78
CA VAL I 101 20.44 -81.92 2.77
C VAL I 101 19.45 -82.84 3.49
N VAL I 102 18.17 -82.59 3.25
CA VAL I 102 17.09 -83.40 3.80
C VAL I 102 16.39 -84.08 2.64
N CYS I 103 16.20 -85.39 2.74
CA CYS I 103 15.62 -86.14 1.65
C CYS I 103 14.15 -85.81 1.48
N ASN I 104 13.60 -86.19 0.31
CA ASN I 104 12.23 -85.84 -0.04
C ASN I 104 11.19 -86.61 0.75
N ASP I 105 11.59 -87.59 1.55
CA ASP I 105 10.70 -88.18 2.54
C ASP I 105 10.59 -87.32 3.80
N GLY I 106 11.30 -86.21 3.87
CA GLY I 106 11.33 -85.41 5.08
C GLY I 106 12.36 -85.85 6.08
N TYR I 107 13.32 -86.67 5.68
CA TYR I 107 14.32 -87.21 6.59
C TYR I 107 15.67 -86.55 6.34
N VAL I 108 16.33 -86.14 7.43
CA VAL I 108 17.60 -85.43 7.35
C VAL I 108 18.72 -86.43 7.10
N SER I 109 19.71 -86.02 6.33
CA SER I 109 20.86 -86.87 5.99
C SER I 109 22.13 -86.15 6.41
N GLU I 110 22.56 -86.41 7.65
CA GLU I 110 23.73 -85.73 8.21
C GLU I 110 25.01 -86.19 7.54
N GLU I 111 25.10 -87.49 7.24
CA GLU I 111 26.25 -88.04 6.55
C GLU I 111 26.42 -87.45 5.16
N CYS I 112 25.31 -87.27 4.44
CA CYS I 112 25.39 -86.60 3.15
C CYS I 112 25.65 -85.10 3.32
N SER I 113 25.20 -84.53 4.42
CA SER I 113 25.42 -83.11 4.66
C SER I 113 26.82 -82.86 5.21
N LEU I 114 27.13 -81.58 5.39
CA LEU I 114 28.38 -81.19 6.00
C LEU I 114 28.31 -81.33 7.52
N GLN I 115 29.41 -80.98 8.18
CA GLN I 115 29.50 -81.16 9.63
C GLN I 115 30.32 -80.05 10.26
N LYS I 116 30.57 -80.17 11.56
CA LYS I 116 31.49 -79.27 12.26
C LYS I 116 32.13 -80.00 13.45
N UNK J 1 16.48 -129.50 -18.16
CA UNK J 1 17.24 -130.01 -19.30
C UNK J 1 17.38 -131.53 -19.22
N UNK J 2 18.54 -131.98 -18.75
CA UNK J 2 18.88 -133.40 -18.55
C UNK J 2 18.76 -134.21 -19.84
N UNK J 3 19.21 -133.64 -20.96
CA UNK J 3 19.17 -134.32 -22.24
C UNK J 3 20.21 -133.73 -23.16
N UNK J 4 20.82 -134.58 -23.99
CA UNK J 4 21.71 -134.14 -25.04
C UNK J 4 21.04 -134.23 -26.41
N UNK J 5 20.49 -135.38 -26.74
CA UNK J 5 19.79 -135.59 -28.00
C UNK J 5 18.42 -136.13 -27.70
N UNK J 6 17.42 -135.63 -28.42
CA UNK J 6 16.07 -136.17 -28.31
C UNK J 6 16.04 -137.54 -28.94
N UNK J 7 15.74 -138.55 -28.15
CA UNK J 7 15.75 -139.93 -28.63
C UNK J 7 14.55 -140.11 -29.56
N UNK J 8 14.77 -139.94 -30.85
CA UNK J 8 13.71 -139.99 -31.84
C UNK J 8 13.43 -141.46 -32.14
N UNK J 9 12.56 -142.06 -31.33
CA UNK J 9 12.09 -143.45 -31.44
C UNK J 9 13.21 -144.49 -31.52
N UNK K 1 -55.23 -57.28 83.22
CA UNK K 1 -56.45 -58.05 83.28
C UNK K 1 -56.61 -58.91 82.03
N UNK K 2 -55.54 -59.60 81.65
CA UNK K 2 -55.56 -60.54 80.54
C UNK K 2 -55.38 -61.96 81.10
N UNK K 3 -56.30 -62.85 80.75
CA UNK K 3 -56.32 -64.21 81.28
C UNK K 3 -55.84 -65.19 80.21
N UNK K 4 -54.64 -65.72 80.40
CA UNK K 4 -54.11 -66.73 79.48
C UNK K 4 -54.88 -68.04 79.58
N UNK K 5 -55.42 -68.35 80.76
CA UNK K 5 -56.25 -69.54 80.92
C UNK K 5 -57.54 -69.43 80.11
N UNK K 6 -58.18 -68.26 80.15
CA UNK K 6 -59.36 -68.02 79.32
C UNK K 6 -58.99 -67.98 77.85
N UNK K 7 -57.79 -67.49 77.52
CA UNK K 7 -57.33 -67.49 76.14
C UNK K 7 -57.15 -68.91 75.61
N UNK K 8 -56.55 -69.78 76.42
CA UNK K 8 -56.38 -71.17 76.02
C UNK K 8 -57.71 -71.91 75.96
N UNK K 9 -58.64 -71.57 76.87
CA UNK K 9 -59.97 -72.16 76.82
C UNK K 9 -60.73 -71.74 75.57
N UNK K 10 -60.58 -70.47 75.17
CA UNK K 10 -61.19 -70.00 73.93
C UNK K 10 -60.52 -70.62 72.72
N UNK K 11 -59.21 -70.87 72.80
CA UNK K 11 -58.51 -71.55 71.72
C UNK K 11 -58.98 -72.98 71.55
N UNK K 12 -59.17 -73.69 72.67
CA UNK K 12 -59.69 -75.05 72.61
C UNK K 12 -61.15 -75.06 72.16
N UNK K 13 -61.92 -74.04 72.53
CA UNK K 13 -63.31 -73.96 72.06
C UNK K 13 -63.37 -73.68 70.56
N UNK K 14 -62.49 -72.83 70.06
CA UNK K 14 -62.44 -72.54 68.63
C UNK K 14 -61.94 -73.75 67.84
N UNK K 15 -61.04 -74.53 68.44
CA UNK K 15 -60.65 -75.80 67.82
C UNK K 15 -61.81 -76.78 67.78
N UNK K 16 -62.47 -76.97 68.93
CA UNK K 16 -63.67 -77.82 68.99
C UNK K 16 -64.93 -76.97 68.89
N UNK K 17 -65.00 -76.16 67.84
CA UNK K 17 -66.21 -75.42 67.54
C UNK K 17 -67.32 -76.31 67.01
N UNK K 18 -66.97 -77.53 66.55
CA UNK K 18 -67.91 -78.55 66.09
C UNK K 18 -68.76 -78.07 64.92
N UNK K 19 -68.11 -77.58 63.87
CA UNK K 19 -68.81 -77.11 62.67
C UNK K 19 -67.91 -77.33 61.47
N UNK K 20 -68.37 -78.16 60.52
CA UNK K 20 -67.58 -78.44 59.32
C UNK K 20 -68.54 -78.93 58.22
N UNK K 21 -68.72 -78.12 57.20
CA UNK K 21 -69.51 -78.52 56.03
C UNK K 21 -69.00 -77.76 54.82
N UNK K 22 -69.27 -78.32 53.64
CA UNK K 22 -68.86 -77.68 52.40
C UNK K 22 -69.79 -78.11 51.28
N UNK K 23 -69.88 -77.26 50.26
CA UNK K 23 -70.66 -77.54 49.07
C UNK K 23 -69.71 -77.56 47.88
N UNK K 24 -69.69 -78.68 47.16
CA UNK K 24 -68.87 -78.81 45.97
C UNK K 24 -69.72 -78.48 44.75
N UNK K 25 -69.27 -77.51 43.97
CA UNK K 25 -70.00 -77.04 42.79
C UNK K 25 -69.33 -77.62 41.55
N UNK K 26 -70.15 -78.17 40.66
CA UNK K 26 -69.66 -78.73 39.40
C UNK K 26 -69.49 -77.62 38.36
N UNK K 27 -69.26 -78.02 37.10
CA UNK K 27 -69.08 -77.03 36.05
C UNK K 27 -70.40 -76.40 35.65
N UNK K 28 -71.51 -77.12 35.80
CA UNK K 28 -72.82 -76.67 35.36
C UNK K 28 -73.62 -76.00 36.45
N UNK K 29 -72.94 -75.33 37.39
CA UNK K 29 -73.55 -74.60 38.54
C UNK K 29 -74.41 -75.50 39.41
N UNK K 30 -74.08 -76.78 39.47
CA UNK K 30 -74.77 -77.74 40.32
C UNK K 30 -73.94 -77.89 41.58
N UNK K 31 -74.41 -77.26 42.65
CA UNK K 31 -73.71 -77.30 43.93
C UNK K 31 -74.35 -78.38 44.80
N UNK K 32 -73.61 -79.45 45.04
CA UNK K 32 -74.05 -80.51 45.92
C UNK K 32 -73.37 -80.32 47.27
N UNK K 33 -74.19 -80.24 48.32
CA UNK K 33 -73.66 -80.02 49.66
C UNK K 33 -73.13 -81.34 50.23
N UNK K 34 -72.45 -81.22 51.37
CA UNK K 34 -71.89 -82.37 52.05
C UNK K 34 -72.81 -82.84 53.18
N UNK K 35 -72.50 -84.01 53.70
CA UNK K 35 -73.11 -84.45 54.96
C UNK K 35 -72.58 -83.58 56.09
N UNK K 36 -73.40 -83.42 57.12
CA UNK K 36 -73.03 -82.57 58.25
C UNK K 36 -71.93 -83.25 59.06
N UNK K 37 -70.82 -82.54 59.25
CA UNK K 37 -69.66 -83.06 59.95
C UNK K 37 -69.26 -82.13 61.07
N UNK K 38 -68.61 -82.70 62.08
CA UNK K 38 -68.14 -82.02 63.30
C UNK K 38 -69.26 -81.26 64.03
N UNK K 39 -60.92 -75.50 40.77
CA UNK K 39 -61.80 -76.47 40.12
C UNK K 39 -63.05 -76.72 40.95
N UNK K 40 -63.60 -77.92 40.83
CA UNK K 40 -64.82 -78.28 41.56
C UNK K 40 -64.60 -78.43 43.06
N UNK K 41 -63.35 -78.58 43.49
CA UNK K 41 -62.99 -78.66 44.89
C UNK K 41 -62.17 -77.42 45.24
N UNK K 42 -62.78 -76.49 45.97
CA UNK K 42 -62.10 -75.29 46.42
C UNK K 42 -62.07 -75.29 47.94
N UNK K 43 -60.89 -75.02 48.50
CA UNK K 43 -60.77 -74.92 49.96
C UNK K 43 -61.44 -73.68 50.50
N UNK K 44 -61.64 -72.66 49.68
CA UNK K 44 -62.39 -71.47 50.09
C UNK K 44 -63.90 -71.69 50.07
N UNK K 45 -64.38 -72.77 49.45
CA UNK K 45 -65.81 -73.02 49.36
C UNK K 45 -66.40 -73.55 50.65
N UNK K 46 -65.59 -73.97 51.60
CA UNK K 46 -66.09 -74.52 52.85
C UNK K 46 -66.69 -73.42 53.73
N UNK K 47 -67.89 -73.67 54.26
CA UNK K 47 -68.55 -72.72 55.14
C UNK K 47 -69.14 -73.47 56.33
N UNK K 48 -68.87 -72.97 57.53
CA UNK K 48 -69.34 -73.63 58.74
C UNK K 48 -69.98 -72.64 59.70
N LYS L 24 46.28 -132.84 -6.18
CA LYS L 24 47.25 -132.46 -5.16
C LYS L 24 46.79 -131.21 -4.44
N PHE L 25 45.78 -130.56 -5.01
CA PHE L 25 45.29 -129.28 -4.51
C PHE L 25 43.81 -129.39 -4.20
N LYS L 26 43.43 -128.91 -3.02
CA LYS L 26 42.04 -128.90 -2.57
C LYS L 26 41.76 -127.55 -1.92
N LYS L 27 40.63 -126.96 -2.27
CA LYS L 27 40.35 -125.62 -1.80
C LYS L 27 39.32 -125.62 -0.67
N PRO L 28 39.42 -124.66 0.26
CA PRO L 28 38.38 -124.48 1.25
C PRO L 28 37.14 -123.88 0.63
N PRO L 29 36.00 -123.89 1.33
CA PRO L 29 34.82 -123.17 0.82
C PRO L 29 35.10 -121.68 0.71
N ILE L 30 34.52 -121.05 -0.30
CA ILE L 30 34.89 -119.68 -0.64
C ILE L 30 34.28 -118.71 0.38
N ASN L 31 32.95 -118.71 0.50
CA ASN L 31 32.30 -117.86 1.48
C ASN L 31 32.04 -118.60 2.79
N ASN L 32 33.04 -119.23 3.29
CA ASN L 32 32.78 -119.89 4.56
C ASN L 32 32.99 -118.92 5.71
N PRO L 33 32.25 -119.07 6.78
CA PRO L 33 32.45 -118.20 7.94
C PRO L 33 33.71 -118.57 8.71
N SER L 34 34.86 -118.06 8.27
CA SER L 34 36.10 -118.21 9.02
C SER L 34 36.35 -117.06 9.97
N ASP L 35 35.30 -116.44 10.48
CA ASP L 35 35.43 -115.32 11.39
C ASP L 35 34.44 -115.46 12.54
N ASP L 36 34.89 -115.01 13.72
CA ASP L 36 34.15 -115.19 14.96
C ASP L 36 32.82 -114.47 14.96
N ALA L 37 32.73 -113.31 14.32
CA ALA L 37 31.44 -112.66 14.17
C ALA L 37 30.54 -113.44 13.22
N THR L 38 31.12 -113.95 12.14
CA THR L 38 30.33 -114.57 11.09
C THR L 38 29.72 -115.89 11.55
N ILE L 39 30.43 -116.66 12.37
CA ILE L 39 29.89 -117.93 12.81
C ILE L 39 28.72 -117.71 13.76
N LYS L 40 28.83 -116.68 14.62
CA LYS L 40 27.72 -116.30 15.49
C LYS L 40 26.51 -115.87 14.68
N LEU L 41 26.75 -115.10 13.61
CA LEU L 41 25.67 -114.69 12.72
C LEU L 41 25.00 -115.89 12.07
N ALA L 42 25.79 -116.86 11.63
CA ALA L 42 25.25 -118.02 10.95
C ALA L 42 24.43 -118.90 11.88
N GLU L 43 24.91 -119.12 13.10
CA GLU L 43 24.15 -119.97 14.02
C GLU L 43 22.91 -119.26 14.52
N ALA L 44 22.97 -117.93 14.65
CA ALA L 44 21.77 -117.16 14.97
C ALA L 44 20.73 -117.29 13.86
N ALA L 45 21.19 -117.27 12.60
CA ALA L 45 20.30 -117.46 11.46
C ALA L 45 19.66 -118.84 11.48
N VAL L 46 20.45 -119.86 11.83
CA VAL L 46 19.94 -121.23 11.91
C VAL L 46 18.85 -121.33 12.96
N SER L 47 19.10 -120.74 14.14
CA SER L 47 18.13 -120.83 15.23
C SER L 47 16.84 -120.10 14.91
N VAL L 48 16.94 -118.89 14.33
CA VAL L 48 15.72 -118.14 14.06
C VAL L 48 14.93 -118.78 12.93
N SER L 49 15.62 -119.39 11.95
CA SER L 49 14.92 -120.08 10.88
C SER L 49 14.18 -121.29 11.42
N ASP L 50 14.83 -122.04 12.31
CA ASP L 50 14.20 -123.19 12.94
C ASP L 50 12.98 -122.79 13.74
N SER L 51 13.10 -121.68 14.48
CA SER L 51 11.99 -121.18 15.29
C SER L 51 10.80 -120.79 14.44
N MET L 52 11.06 -120.06 13.34
CA MET L 52 9.97 -119.59 12.51
C MET L 52 9.29 -120.74 11.77
N LEU L 53 10.07 -121.72 11.32
CA LEU L 53 9.48 -122.84 10.60
C LEU L 53 8.64 -123.71 11.53
N GLU L 54 9.09 -123.93 12.76
CA GLU L 54 8.27 -124.74 13.65
C GLU L 54 7.05 -123.97 14.15
N MET L 55 7.15 -122.64 14.21
CA MET L 55 5.98 -121.81 14.52
C MET L 55 4.92 -121.96 13.45
N ALA L 56 5.35 -121.88 12.18
CA ALA L 56 4.42 -122.04 11.08
C ALA L 56 3.85 -123.45 11.03
N LYS L 57 4.66 -124.45 11.39
CA LYS L 57 4.19 -125.82 11.46
C LYS L 57 3.08 -125.99 12.48
N VAL L 58 3.30 -125.48 13.69
CA VAL L 58 2.30 -125.69 14.73
C VAL L 58 1.10 -124.76 14.56
N GLU L 59 1.22 -123.71 13.76
CA GLU L 59 0.08 -122.83 13.56
C GLU L 59 -0.73 -123.16 12.31
N LYS L 60 -0.18 -123.94 11.38
CA LYS L 60 -0.88 -124.19 10.13
C LYS L 60 -2.07 -125.13 10.34
N VAL L 61 -3.13 -124.88 9.57
CA VAL L 61 -4.37 -125.65 9.66
C VAL L 61 -4.60 -126.30 8.30
N ILE L 62 -4.84 -127.62 8.31
CA ILE L 62 -5.07 -128.40 7.11
C ILE L 62 -6.35 -129.20 7.27
N THR L 63 -6.64 -130.03 6.28
CA THR L 63 -7.78 -130.93 6.28
C THR L 63 -7.35 -132.33 5.86
N PRO L 64 -7.94 -133.37 6.43
CA PRO L 64 -7.70 -134.72 5.93
C PRO L 64 -8.30 -134.89 4.56
N PRO L 65 -7.70 -135.72 3.70
CA PRO L 65 -8.25 -135.90 2.35
C PRO L 65 -9.56 -136.68 2.30
N SER L 66 -9.91 -137.36 3.39
CA SER L 66 -11.19 -138.07 3.43
C SER L 66 -12.36 -137.10 3.57
N LYS L 67 -12.14 -135.95 4.21
CA LYS L 67 -13.20 -134.97 4.43
C LYS L 67 -13.13 -133.82 3.44
N ASP L 68 -12.38 -133.97 2.36
CA ASP L 68 -12.19 -132.88 1.41
C ASP L 68 -13.47 -132.63 0.62
N ASN L 69 -13.87 -131.37 0.58
CA ASN L 69 -15.06 -130.95 -0.16
C ASN L 69 -14.63 -130.37 -1.51
N THR L 70 -14.15 -131.27 -2.36
CA THR L 70 -13.73 -130.92 -3.71
C THR L 70 -14.29 -131.94 -4.69
N LEU L 71 -14.45 -131.50 -5.93
CA LEU L 71 -14.96 -132.36 -6.98
C LEU L 71 -13.87 -133.30 -7.44
N THR L 72 -14.12 -134.60 -7.35
CA THR L 72 -13.19 -135.58 -7.88
C THR L 72 -13.40 -135.77 -9.37
N ILE L 73 -12.45 -136.45 -10.00
CA ILE L 73 -12.46 -136.62 -11.45
C ILE L 73 -13.48 -137.69 -11.84
N PRO L 74 -14.44 -137.36 -12.70
CA PRO L 74 -15.44 -138.35 -13.11
C PRO L 74 -14.94 -139.34 -14.15
N ASN L 75 -13.89 -138.99 -14.89
CA ASN L 75 -13.21 -139.73 -15.95
C ASN L 75 -14.10 -140.53 -16.90
N ALA L 76 -15.22 -139.94 -17.32
CA ALA L 76 -15.94 -140.49 -18.47
C ALA L 76 -15.18 -140.15 -19.75
N TYR L 77 -15.52 -140.86 -20.83
CA TYR L 77 -14.71 -140.75 -22.04
C TYR L 77 -14.94 -139.43 -22.75
N ASN L 78 -16.09 -138.81 -22.59
CA ASN L 78 -16.38 -137.59 -23.31
C ASN L 78 -15.72 -136.36 -22.70
N LEU L 79 -15.06 -136.50 -21.56
CA LEU L 79 -14.48 -135.37 -20.86
C LEU L 79 -12.98 -135.25 -21.08
N GLN L 80 -12.43 -135.99 -22.03
CA GLN L 80 -10.99 -136.14 -22.18
C GLN L 80 -10.43 -135.31 -23.32
N ALA L 81 -10.93 -134.10 -23.51
CA ALA L 81 -10.50 -133.25 -24.60
C ALA L 81 -9.74 -132.03 -24.08
N ARG L 82 -9.21 -131.26 -25.01
CA ARG L 82 -8.47 -130.04 -24.74
C ARG L 82 -9.29 -128.83 -25.16
N ALA L 83 -9.12 -127.73 -24.44
CA ALA L 83 -9.88 -126.52 -24.73
C ALA L 83 -9.09 -125.32 -24.25
N SER L 84 -9.11 -124.26 -25.04
CA SER L 84 -8.44 -122.99 -24.72
C SER L 84 -9.52 -121.95 -24.51
N VAL L 85 -9.82 -121.68 -23.24
CA VAL L 85 -10.96 -120.85 -22.87
C VAL L 85 -10.47 -119.76 -21.94
N ASP L 86 -10.85 -118.51 -22.24
CA ASP L 86 -10.73 -117.40 -21.31
C ASP L 86 -12.13 -116.85 -21.06
N TRP L 87 -12.45 -116.61 -19.79
CA TRP L 87 -13.77 -116.15 -19.41
C TRP L 87 -13.68 -115.40 -18.10
N SER L 88 -14.51 -114.37 -17.96
CA SER L 88 -14.67 -113.72 -16.67
C SER L 88 -16.10 -113.18 -16.61
N GLY L 89 -16.99 -113.98 -16.00
CA GLY L 89 -18.38 -113.58 -15.88
C GLY L 89 -19.19 -114.55 -15.06
N PRO L 90 -20.49 -114.67 -15.36
CA PRO L 90 -21.35 -115.57 -14.58
C PRO L 90 -21.11 -117.03 -14.89
N ILE L 91 -21.94 -117.89 -14.29
CA ILE L 91 -21.64 -119.30 -14.14
C ILE L 91 -22.54 -120.17 -15.02
N GLU L 92 -23.81 -119.77 -15.18
CA GLU L 92 -24.83 -120.63 -15.74
C GLU L 92 -24.56 -120.95 -17.21
N GLU L 93 -24.31 -119.91 -18.01
CA GLU L 93 -24.02 -120.15 -19.42
C GLU L 93 -22.70 -120.88 -19.60
N LEU L 94 -21.76 -120.67 -18.68
CA LEU L 94 -20.46 -121.34 -18.78
C LEU L 94 -20.62 -122.85 -18.59
N THR L 95 -21.33 -123.26 -17.54
CA THR L 95 -21.48 -124.69 -17.32
C THR L 95 -22.43 -125.32 -18.34
N ALA L 96 -23.43 -124.59 -18.81
CA ALA L 96 -24.33 -125.13 -19.82
C ALA L 96 -23.59 -125.34 -21.14
N ARG L 97 -22.77 -124.37 -21.54
CA ARG L 97 -22.03 -124.49 -22.78
C ARG L 97 -20.94 -125.54 -22.67
N ILE L 98 -20.37 -125.72 -21.47
CA ILE L 98 -19.42 -126.82 -21.24
C ILE L 98 -20.11 -128.16 -21.41
N ALA L 99 -21.31 -128.29 -20.86
CA ALA L 99 -22.07 -129.54 -21.00
C ALA L 99 -22.44 -129.82 -22.45
N LYS L 100 -22.80 -128.77 -23.19
CA LYS L 100 -23.15 -128.96 -24.59
C LYS L 100 -21.92 -129.30 -25.44
N ALA L 101 -20.75 -128.77 -25.07
CA ALA L 101 -19.53 -129.19 -25.74
C ALA L 101 -19.15 -130.61 -25.39
N ALA L 102 -19.51 -131.06 -24.19
CA ALA L 102 -19.25 -132.43 -23.79
C ALA L 102 -20.32 -133.41 -24.25
N HIS L 103 -21.42 -132.91 -24.83
CA HIS L 103 -22.61 -133.69 -25.20
C HIS L 103 -23.23 -134.36 -23.97
N PHE L 104 -23.49 -133.55 -22.96
CA PHE L 104 -24.20 -133.98 -21.76
C PHE L 104 -25.42 -133.09 -21.59
N ARG L 105 -26.43 -133.62 -20.91
CA ARG L 105 -27.52 -132.75 -20.53
C ARG L 105 -27.13 -131.97 -19.29
N PHE L 106 -27.93 -130.96 -18.96
CA PHE L 106 -27.58 -130.03 -17.90
C PHE L 106 -28.83 -129.50 -17.23
N ARG L 107 -28.80 -129.42 -15.89
CA ARG L 107 -29.93 -128.83 -15.19
C ARG L 107 -29.48 -128.22 -13.87
N VAL L 108 -30.40 -127.46 -13.27
CA VAL L 108 -30.13 -126.64 -12.10
C VAL L 108 -31.19 -126.89 -11.05
N LEU L 109 -30.83 -126.58 -9.80
CA LEU L 109 -31.78 -126.51 -8.72
C LEU L 109 -31.33 -125.43 -7.73
N GLY L 110 -32.31 -124.84 -7.06
CA GLY L 110 -32.06 -123.66 -6.25
C GLY L 110 -32.46 -122.42 -7.01
N LYS L 111 -31.79 -121.30 -6.73
CA LYS L 111 -32.05 -120.07 -7.46
C LYS L 111 -30.81 -119.20 -7.41
N SER L 112 -30.59 -118.45 -8.49
CA SER L 112 -29.51 -117.49 -8.49
C SER L 112 -29.86 -116.32 -7.58
N PRO L 113 -28.89 -115.77 -6.86
CA PRO L 113 -29.17 -114.60 -6.00
C PRO L 113 -29.28 -113.31 -6.79
N SER L 114 -29.41 -112.19 -6.07
CA SER L 114 -29.51 -110.88 -6.72
C SER L 114 -28.21 -110.53 -7.44
N VAL L 115 -27.07 -110.79 -6.80
CA VAL L 115 -25.77 -110.69 -7.46
C VAL L 115 -25.31 -112.12 -7.75
N PRO L 116 -25.25 -112.53 -9.00
CA PRO L 116 -24.81 -113.88 -9.31
C PRO L 116 -23.31 -114.05 -9.07
N VAL L 117 -22.91 -115.30 -8.95
CA VAL L 117 -21.52 -115.62 -8.63
C VAL L 117 -20.67 -115.38 -9.87
N LEU L 118 -19.62 -114.59 -9.71
CA LEU L 118 -18.74 -114.20 -10.80
C LEU L 118 -17.47 -115.03 -10.72
N ILE L 119 -17.09 -115.63 -11.85
CA ILE L 119 -15.94 -116.50 -11.92
C ILE L 119 -15.08 -116.05 -13.09
N SER L 120 -13.81 -116.43 -13.05
CA SER L 120 -12.87 -116.06 -14.10
C SER L 120 -11.84 -117.15 -14.24
N ILE L 121 -11.70 -117.69 -15.45
CA ILE L 121 -10.81 -118.80 -15.73
C ILE L 121 -10.15 -118.55 -17.07
N SER L 122 -8.83 -118.69 -17.13
CA SER L 122 -8.10 -118.65 -18.39
C SER L 122 -7.16 -119.83 -18.47
N THR L 123 -7.27 -120.60 -19.55
CA THR L 123 -6.37 -121.71 -19.77
C THR L 123 -6.33 -122.03 -21.26
N LYS L 124 -5.32 -122.83 -21.63
CA LYS L 124 -5.06 -123.17 -23.03
C LYS L 124 -5.20 -124.66 -23.31
N ASP L 125 -4.57 -125.52 -22.51
CA ASP L 125 -4.53 -126.95 -22.81
C ASP L 125 -4.73 -127.73 -21.52
N GLU L 126 -5.99 -128.03 -21.19
CA GLU L 126 -6.33 -128.71 -19.95
C GLU L 126 -7.75 -129.26 -20.10
N SER L 127 -8.02 -130.39 -19.45
CA SER L 127 -9.28 -131.08 -19.62
C SER L 127 -10.45 -130.31 -19.03
N LEU L 128 -11.62 -130.54 -19.63
CA LEU L 128 -12.86 -129.91 -19.18
C LEU L 128 -13.32 -130.47 -17.85
N ALA L 129 -12.94 -131.70 -17.51
CA ALA L 129 -13.16 -132.20 -16.15
C ALA L 129 -12.38 -131.35 -15.15
N GLU L 130 -11.15 -130.98 -15.51
CA GLU L 130 -10.37 -130.11 -14.65
C GLU L 130 -10.94 -128.70 -14.64
N ILE L 131 -11.57 -128.29 -15.74
CA ILE L 131 -12.28 -127.01 -15.78
C ILE L 131 -13.40 -127.00 -14.75
N LEU L 132 -14.18 -128.07 -14.71
CA LEU L 132 -15.27 -128.17 -13.73
C LEU L 132 -14.73 -128.28 -12.31
N ARG L 133 -13.57 -128.93 -12.15
CA ARG L 133 -12.93 -129.00 -10.84
C ARG L 133 -12.53 -127.61 -10.35
N ASP L 134 -11.95 -126.81 -11.24
CA ASP L 134 -11.56 -125.46 -10.86
C ASP L 134 -12.78 -124.57 -10.68
N ILE L 135 -13.87 -124.85 -11.40
CA ILE L 135 -15.11 -124.12 -11.19
C ILE L 135 -15.65 -124.39 -9.80
N ASP L 136 -15.60 -125.64 -9.36
CA ASP L 136 -16.03 -126.00 -8.01
C ASP L 136 -15.15 -125.32 -6.97
N TYR L 137 -13.84 -125.28 -7.22
CA TYR L 137 -12.93 -124.65 -6.28
C TYR L 137 -13.13 -123.14 -6.22
N GLN L 138 -13.47 -122.51 -7.34
CA GLN L 138 -13.76 -121.09 -7.32
C GLN L 138 -15.09 -120.79 -6.66
N ALA L 139 -16.06 -121.69 -6.81
CA ALA L 139 -17.37 -121.46 -6.22
C ALA L 139 -17.33 -121.63 -4.70
N GLY L 140 -16.76 -122.74 -4.23
CA GLY L 140 -16.67 -122.95 -2.80
C GLY L 140 -17.95 -123.46 -2.16
N LYS L 141 -18.62 -122.61 -1.38
CA LYS L 141 -19.64 -123.07 -0.45
C LYS L 141 -21.07 -122.85 -0.91
N LYS L 142 -21.36 -121.74 -1.60
CA LYS L 142 -22.73 -121.44 -1.97
C LYS L 142 -23.20 -122.26 -3.16
N ALA L 143 -22.29 -122.85 -3.92
CA ALA L 143 -22.63 -123.56 -5.13
C ALA L 143 -22.01 -124.93 -5.13
N SER L 144 -22.76 -125.90 -5.64
CA SER L 144 -22.33 -127.28 -5.72
C SER L 144 -22.54 -127.77 -7.15
N ILE L 145 -21.74 -128.75 -7.53
CA ILE L 145 -21.75 -129.26 -8.90
C ILE L 145 -21.65 -130.77 -8.85
N HIS L 146 -22.58 -131.46 -9.50
CA HIS L 146 -22.58 -132.91 -9.56
C HIS L 146 -22.55 -133.36 -11.00
N VAL L 147 -21.94 -134.53 -11.22
CA VAL L 147 -21.85 -135.14 -12.54
C VAL L 147 -22.44 -136.54 -12.44
N TYR L 148 -23.41 -136.83 -13.29
CA TYR L 148 -23.98 -138.17 -13.33
C TYR L 148 -23.58 -138.82 -14.64
N PRO L 149 -22.74 -139.86 -14.61
CA PRO L 149 -22.33 -140.54 -15.84
C PRO L 149 -23.20 -141.69 -16.25
N ASN L 150 -24.07 -142.17 -15.37
CA ASN L 150 -25.05 -143.19 -15.73
C ASN L 150 -26.01 -142.66 -16.79
N SER L 151 -26.78 -141.65 -16.43
CA SER L 151 -27.48 -140.82 -17.39
C SER L 151 -26.70 -139.52 -17.49
N GLN L 152 -26.11 -139.26 -18.66
CA GLN L 152 -25.02 -138.30 -18.79
C GLN L 152 -25.50 -136.86 -18.63
N VAL L 153 -25.53 -136.41 -17.37
CA VAL L 153 -26.07 -135.10 -17.03
C VAL L 153 -25.12 -134.42 -16.06
N VAL L 154 -25.25 -133.10 -15.99
CA VAL L 154 -24.59 -132.32 -14.95
C VAL L 154 -25.64 -131.51 -14.22
N GLU L 155 -25.37 -131.27 -12.94
CA GLU L 155 -26.34 -130.70 -12.03
C GLU L 155 -25.70 -129.57 -11.25
N LEU L 156 -26.34 -128.40 -11.28
CA LEU L 156 -25.85 -127.24 -10.56
C LEU L 156 -26.78 -126.95 -9.39
N ARG L 157 -26.22 -126.91 -8.19
CA ARG L 157 -26.98 -126.84 -6.95
C ARG L 157 -26.69 -125.53 -6.24
N TYR L 158 -27.74 -124.79 -5.90
CA TYR L 158 -27.54 -123.60 -5.11
C TYR L 158 -27.64 -123.90 -3.63
N ALA L 159 -27.22 -122.95 -2.81
CA ALA L 159 -27.44 -122.97 -1.38
C ALA L 159 -28.59 -122.05 -1.02
N LYS L 160 -28.90 -121.99 0.27
CA LYS L 160 -29.96 -121.09 0.75
C LYS L 160 -29.48 -120.27 1.94
N ILE M 208 -3.92 -149.14 26.60
CA ILE M 208 -2.51 -149.06 26.25
C ILE M 208 -2.32 -149.42 24.78
N ILE M 209 -1.06 -149.43 24.35
CA ILE M 209 -0.68 -149.83 23.01
C ILE M 209 0.44 -150.85 23.11
N TYR M 210 0.96 -151.27 21.96
CA TYR M 210 2.09 -152.18 21.90
C TYR M 210 3.12 -151.63 20.93
N TYR M 211 4.33 -152.20 21.00
CA TYR M 211 5.41 -151.79 20.13
C TYR M 211 6.22 -153.01 19.74
N ILE M 212 6.88 -152.89 18.62
CA ILE M 212 7.64 -154.00 18.03
C ILE M 212 9.06 -153.93 18.52
N GLN M 213 9.67 -155.08 18.77
CA GLN M 213 11.06 -155.14 19.14
C GLN M 213 11.91 -155.86 18.12
N ALA M 214 11.44 -157.00 17.63
CA ALA M 214 12.06 -157.68 16.50
C ALA M 214 10.99 -158.50 15.81
N VAL M 215 11.09 -158.60 14.48
CA VAL M 215 10.10 -159.30 13.68
C VAL M 215 10.83 -160.34 12.84
N ILE M 216 10.06 -161.30 12.35
CA ILE M 216 10.60 -162.37 11.52
C ILE M 216 9.47 -162.75 10.59
N PRO M 217 9.72 -163.41 9.46
CA PRO M 217 8.59 -163.99 8.73
C PRO M 217 7.91 -165.07 9.55
N GLY M 218 6.70 -164.79 10.01
CA GLY M 218 5.92 -165.74 10.77
C GLY M 218 5.59 -165.30 12.18
N ARG M 219 6.57 -164.71 12.87
CA ARG M 219 6.42 -164.32 14.27
C ARG M 219 6.81 -162.87 14.44
N ALA M 220 6.69 -162.38 15.67
CA ALA M 220 7.04 -161.01 15.99
C ALA M 220 7.34 -160.90 17.48
N TRP M 221 7.60 -159.66 17.90
CA TRP M 221 7.73 -159.32 19.30
C TRP M 221 6.86 -158.11 19.59
N LEU M 222 6.17 -158.14 20.72
CA LEU M 222 5.36 -157.02 21.16
C LEU M 222 5.64 -156.72 22.62
N ILE M 223 5.75 -155.43 22.93
CA ILE M 223 5.91 -154.94 24.30
C ILE M 223 4.87 -153.85 24.52
N GLY M 224 4.07 -154.00 25.57
CA GLY M 224 3.06 -153.03 25.91
C GLY M 224 3.58 -151.94 26.84
N SER M 225 2.66 -151.06 27.22
CA SER M 225 3.02 -149.97 28.13
C SER M 225 3.26 -150.48 29.54
N ASN M 226 2.51 -151.49 29.96
CA ASN M 226 2.58 -152.04 31.31
C ASN M 226 3.50 -153.24 31.42
N GLY M 227 4.55 -153.30 30.60
CA GLY M 227 5.53 -154.37 30.70
C GLY M 227 5.09 -155.70 30.17
N SER M 228 3.95 -155.76 29.49
CA SER M 228 3.49 -157.03 28.92
C SER M 228 4.32 -157.38 27.70
N THR M 229 4.65 -158.65 27.57
CA THR M 229 5.39 -159.16 26.42
C THR M 229 4.52 -160.14 25.63
N LEU M 230 4.79 -160.24 24.34
CA LEU M 230 4.01 -161.11 23.48
C LEU M 230 4.84 -161.59 22.29
N THR M 231 4.75 -162.88 22.00
CA THR M 231 5.27 -163.46 20.79
C THR M 231 4.09 -163.74 19.87
N VAL M 232 4.14 -163.21 18.66
CA VAL M 232 2.98 -163.15 17.77
C VAL M 232 3.22 -164.06 16.58
N ARG M 233 2.27 -164.95 16.32
CA ARG M 233 2.24 -165.76 15.11
C ARG M 233 1.53 -164.97 14.01
N GLU M 234 1.16 -165.64 12.92
CA GLU M 234 0.47 -164.97 11.82
C GLU M 234 -0.93 -164.54 12.23
N GLY M 235 -1.68 -165.44 12.85
CA GLY M 235 -3.00 -165.09 13.35
C GLY M 235 -3.03 -165.07 14.85
N SER M 236 -3.26 -163.90 15.44
CA SER M 236 -3.28 -163.77 16.89
C SER M 236 -4.29 -162.72 17.29
N LYS M 237 -4.77 -162.81 18.53
CA LYS M 237 -5.73 -161.87 19.07
C LYS M 237 -5.08 -161.02 20.16
N ILE M 238 -5.19 -159.71 20.02
CA ILE M 238 -4.74 -158.76 21.04
C ILE M 238 -5.96 -158.01 21.56
N PRO M 239 -6.04 -157.77 22.86
CA PRO M 239 -7.23 -157.11 23.42
C PRO M 239 -7.28 -155.65 23.04
N GLY M 240 -8.49 -155.17 22.75
CA GLY M 240 -8.70 -153.81 22.32
C GLY M 240 -8.49 -153.57 20.83
N TYR M 241 -7.91 -154.52 20.12
CA TYR M 241 -7.69 -154.34 18.70
C TYR M 241 -8.26 -155.48 17.85
N GLY M 242 -8.13 -156.73 18.29
CA GLY M 242 -8.68 -157.86 17.57
C GLY M 242 -7.58 -158.76 17.02
N MET M 243 -7.84 -159.32 15.84
CA MET M 243 -6.97 -160.32 15.23
C MET M 243 -6.05 -159.67 14.21
N VAL M 244 -4.78 -160.03 14.26
CA VAL M 244 -3.84 -159.58 13.23
C VAL M 244 -3.96 -160.52 12.04
N LYS M 245 -4.19 -159.95 10.86
CA LYS M 245 -4.40 -160.74 9.67
C LYS M 245 -3.19 -160.77 8.75
N LEU M 246 -2.19 -159.90 8.95
CA LEU M 246 -1.08 -159.81 8.02
C LEU M 246 0.09 -159.11 8.69
N ILE M 247 1.28 -159.69 8.57
CA ILE M 247 2.50 -159.07 9.06
C ILE M 247 3.37 -158.72 7.86
N ASP M 248 4.37 -157.88 8.10
CA ASP M 248 5.31 -157.46 7.07
C ASP M 248 6.73 -157.53 7.63
N SER M 249 7.48 -158.55 7.22
CA SER M 249 8.88 -158.65 7.64
C SER M 249 9.77 -157.66 6.93
N LEU M 250 9.32 -157.09 5.81
CA LEU M 250 10.13 -156.12 5.09
C LEU M 250 10.12 -154.76 5.78
N GLN M 251 8.93 -154.20 5.96
CA GLN M 251 8.77 -152.86 6.51
C GLN M 251 8.02 -153.00 7.83
N GLY M 252 8.43 -152.20 8.82
CA GLY M 252 7.99 -152.40 10.19
C GLY M 252 6.55 -152.00 10.46
N ARG M 253 5.61 -152.76 9.89
CA ARG M 253 4.18 -152.48 10.03
C ARG M 253 3.49 -153.75 10.50
N ILE M 254 2.66 -153.59 11.53
CA ILE M 254 1.83 -154.69 12.05
C ILE M 254 0.39 -154.20 12.09
N LEU M 255 -0.48 -154.86 11.33
CA LEU M 255 -1.85 -154.41 11.13
C LEU M 255 -2.82 -155.49 11.56
N THR M 256 -3.86 -155.09 12.28
CA THR M 256 -4.87 -156.00 12.78
C THR M 256 -6.08 -156.00 11.87
N SER M 257 -7.13 -156.71 12.33
CA SER M 257 -8.39 -156.72 11.58
C SER M 257 -9.10 -155.37 11.65
N SER M 258 -8.98 -154.66 12.77
CA SER M 258 -9.70 -153.42 12.97
C SER M 258 -8.96 -152.20 12.42
N GLY M 259 -8.02 -152.40 11.50
CA GLY M 259 -7.40 -151.28 10.82
C GLY M 259 -6.40 -150.51 11.64
N GLN M 260 -5.97 -151.03 12.78
CA GLN M 260 -5.01 -150.35 13.63
C GLN M 260 -3.61 -150.87 13.32
N VAL M 261 -2.68 -149.94 13.12
CA VAL M 261 -1.31 -150.29 12.75
C VAL M 261 -0.41 -150.06 13.96
N ILE M 262 0.71 -150.78 14.00
CA ILE M 262 1.71 -150.62 15.04
C ILE M 262 3.07 -150.54 14.38
N LYS M 263 3.78 -149.44 14.61
CA LYS M 263 5.15 -149.24 14.16
C LYS M 263 6.10 -149.43 15.34
N PHE M 264 7.36 -149.08 15.13
CA PHE M 264 8.31 -149.08 16.24
C PHE M 264 8.10 -147.86 17.12
N SER M 265 8.61 -147.94 18.34
CA SER M 265 8.52 -146.85 19.29
C SER M 265 9.47 -145.72 18.90
N GLN M 266 9.17 -144.53 19.38
CA GLN M 266 9.99 -143.36 19.10
C GLN M 266 10.56 -142.76 20.38
N MET N 23 39.74 -128.17 -33.84
CA MET N 23 38.30 -128.34 -33.69
C MET N 23 37.65 -127.04 -33.26
N LYS N 24 37.61 -126.08 -34.18
CA LYS N 24 37.01 -124.79 -33.87
C LYS N 24 35.50 -124.92 -33.89
N PHE N 25 34.87 -124.54 -32.79
CA PHE N 25 33.44 -124.75 -32.59
C PHE N 25 32.63 -123.66 -33.26
N LYS N 26 31.39 -124.00 -33.59
CA LYS N 26 30.47 -123.04 -34.20
C LYS N 26 29.04 -123.54 -33.96
N LYS N 27 28.09 -122.78 -34.48
CA LYS N 27 26.68 -123.14 -34.49
C LYS N 27 26.18 -122.97 -35.91
N PRO N 28 25.13 -123.70 -36.31
CA PRO N 28 24.65 -123.64 -37.70
C PRO N 28 24.13 -122.28 -38.13
N PRO N 29 23.11 -121.66 -37.46
CA PRO N 29 22.44 -120.54 -38.13
C PRO N 29 23.23 -119.25 -38.01
N ILE N 30 23.75 -118.77 -39.13
CA ILE N 30 24.40 -117.48 -39.20
C ILE N 30 23.85 -116.73 -40.40
N ASN N 31 23.71 -115.42 -40.26
CA ASN N 31 23.12 -114.61 -41.32
C ASN N 31 23.85 -113.28 -41.40
N ASN N 32 23.37 -112.43 -42.29
CA ASN N 32 23.81 -111.05 -42.34
C ASN N 32 23.31 -110.31 -41.10
N PRO N 33 24.04 -109.29 -40.63
CA PRO N 33 23.71 -108.66 -39.36
C PRO N 33 22.37 -107.94 -39.37
N SER N 34 21.68 -107.99 -38.24
CA SER N 34 20.30 -107.57 -38.10
C SER N 34 20.22 -106.13 -37.60
N ASP N 35 19.02 -105.69 -37.24
CA ASP N 35 18.80 -104.33 -36.79
C ASP N 35 17.69 -104.28 -35.76
N ASP N 36 17.88 -103.41 -34.77
CA ASP N 36 17.01 -103.33 -33.60
C ASP N 36 15.60 -102.90 -33.95
N ALA N 37 15.45 -102.02 -34.94
CA ALA N 37 14.11 -101.61 -35.36
C ALA N 37 13.33 -102.78 -35.93
N THR N 38 14.00 -103.59 -36.74
CA THR N 38 13.41 -104.82 -37.27
C THR N 38 13.09 -105.79 -36.14
N ILE N 39 13.95 -105.83 -35.12
CA ILE N 39 13.76 -106.72 -33.99
C ILE N 39 12.48 -106.37 -33.23
N LYS N 40 12.31 -105.10 -32.89
CA LYS N 40 11.13 -104.73 -32.14
C LYS N 40 9.87 -104.72 -33.00
N LEU N 41 10.04 -104.54 -34.31
CA LEU N 41 8.91 -104.74 -35.21
C LEU N 41 8.43 -106.18 -35.17
N ALA N 42 9.37 -107.13 -35.14
CA ALA N 42 9.02 -108.53 -34.98
C ALA N 42 8.35 -108.78 -33.63
N GLU N 43 8.84 -108.10 -32.59
CA GLU N 43 8.27 -108.26 -31.26
C GLU N 43 6.82 -107.80 -31.20
N ALA N 44 6.49 -106.71 -31.88
CA ALA N 44 5.09 -106.30 -31.98
C ALA N 44 4.31 -107.27 -32.84
N ALA N 45 4.93 -107.75 -33.93
CA ALA N 45 4.24 -108.53 -34.93
C ALA N 45 3.77 -109.87 -34.38
N VAL N 46 4.59 -110.51 -33.55
CA VAL N 46 4.22 -111.83 -33.04
C VAL N 46 3.03 -111.73 -32.10
N SER N 47 2.98 -110.67 -31.29
CA SER N 47 1.86 -110.44 -30.39
C SER N 47 0.58 -110.17 -31.17
N VAL N 48 0.68 -109.37 -32.23
CA VAL N 48 -0.47 -109.11 -33.09
C VAL N 48 -0.96 -110.42 -33.71
N SER N 49 -0.02 -111.26 -34.15
CA SER N 49 -0.35 -112.52 -34.81
C SER N 49 -1.09 -113.45 -33.87
N ASP N 50 -0.61 -113.59 -32.63
CA ASP N 50 -1.25 -114.55 -31.75
C ASP N 50 -2.60 -114.05 -31.26
N SER N 51 -2.72 -112.73 -31.02
CA SER N 51 -4.01 -112.18 -30.57
C SER N 51 -5.07 -112.34 -31.64
N MET N 52 -4.73 -112.02 -32.89
CA MET N 52 -5.70 -112.17 -33.96
C MET N 52 -5.97 -113.65 -34.27
N LEU N 53 -4.98 -114.52 -34.05
CA LEU N 53 -5.21 -115.95 -34.20
C LEU N 53 -6.23 -116.46 -33.20
N GLU N 54 -6.14 -116.00 -31.94
CA GLU N 54 -7.09 -116.48 -30.96
C GLU N 54 -8.48 -115.88 -31.19
N MET N 55 -8.57 -114.64 -31.69
CA MET N 55 -9.90 -114.10 -31.96
C MET N 55 -10.52 -114.79 -33.17
N ALA N 56 -9.69 -115.21 -34.12
CA ALA N 56 -10.20 -116.00 -35.24
C ALA N 56 -10.70 -117.36 -34.79
N LYS N 57 -10.00 -117.97 -33.83
CA LYS N 57 -10.46 -119.24 -33.27
C LYS N 57 -11.80 -119.09 -32.57
N VAL N 58 -11.96 -118.04 -31.77
CA VAL N 58 -13.21 -117.79 -31.07
C VAL N 58 -14.33 -117.51 -32.05
N GLU N 59 -14.04 -116.71 -33.09
CA GLU N 59 -15.04 -116.39 -34.10
C GLU N 59 -15.48 -117.62 -34.87
N LYS N 60 -14.53 -118.50 -35.20
CA LYS N 60 -14.88 -119.71 -35.93
C LYS N 60 -15.68 -120.67 -35.07
N VAL N 61 -15.34 -120.75 -33.78
CA VAL N 61 -16.08 -121.68 -32.93
C VAL N 61 -17.43 -121.11 -32.51
N ILE N 62 -17.65 -119.80 -32.64
CA ILE N 62 -18.95 -119.24 -32.31
C ILE N 62 -19.82 -119.06 -33.55
N THR N 63 -19.24 -119.08 -34.74
CA THR N 63 -20.01 -118.91 -35.96
C THR N 63 -20.11 -120.24 -36.69
N PRO N 64 -21.30 -120.75 -36.93
CA PRO N 64 -21.43 -121.96 -37.74
C PRO N 64 -21.24 -121.64 -39.21
N PRO N 65 -20.30 -122.31 -39.88
CA PRO N 65 -20.23 -122.18 -41.35
C PRO N 65 -21.40 -122.92 -41.99
N SER N 66 -21.99 -122.30 -43.00
CA SER N 66 -23.18 -122.84 -43.64
C SER N 66 -22.89 -123.37 -45.04
N LYS N 67 -22.32 -122.55 -45.91
CA LYS N 67 -22.09 -122.93 -47.30
C LYS N 67 -20.67 -122.54 -47.69
N ASP N 68 -20.28 -122.98 -48.87
CA ASP N 68 -18.99 -122.66 -49.46
C ASP N 68 -19.20 -121.89 -50.76
N ASN N 69 -18.34 -120.91 -50.99
CA ASN N 69 -18.46 -120.08 -52.19
C ASN N 69 -18.02 -120.81 -53.45
N THR N 70 -17.45 -122.01 -53.33
CA THR N 70 -17.14 -122.84 -54.50
C THR N 70 -18.41 -123.28 -55.22
N LEU N 71 -19.53 -123.35 -54.51
CA LEU N 71 -20.81 -123.60 -55.17
C LEU N 71 -21.19 -122.45 -56.10
N THR N 72 -21.04 -121.21 -55.64
CA THR N 72 -21.31 -120.07 -56.50
C THR N 72 -20.24 -119.86 -57.54
N ILE N 73 -19.02 -120.34 -57.29
CA ILE N 73 -17.92 -120.18 -58.21
C ILE N 73 -17.42 -121.56 -58.62
N PRO N 74 -18.05 -122.23 -59.58
CA PRO N 74 -17.49 -123.47 -60.08
C PRO N 74 -16.40 -123.20 -61.10
N ASN N 75 -15.33 -123.97 -61.01
CA ASN N 75 -14.29 -123.81 -62.02
C ASN N 75 -14.69 -124.56 -63.28
N ALA N 76 -14.02 -124.23 -64.37
CA ALA N 76 -14.27 -124.85 -65.65
C ALA N 76 -12.94 -124.88 -66.41
N TYR N 77 -13.01 -125.11 -67.72
CA TYR N 77 -11.81 -125.08 -68.52
C TYR N 77 -11.28 -123.65 -68.65
N ASN N 78 -9.99 -123.56 -68.97
CA ASN N 78 -9.16 -122.33 -69.04
C ASN N 78 -9.37 -121.41 -67.85
N LEU N 79 -9.58 -122.00 -66.68
CA LEU N 79 -9.50 -121.30 -65.42
C LEU N 79 -8.38 -121.83 -64.56
N GLN N 80 -7.70 -122.87 -65.00
CA GLN N 80 -6.51 -123.37 -64.34
C GLN N 80 -5.24 -122.80 -64.94
N ALA N 81 -5.37 -121.87 -65.90
CA ALA N 81 -4.21 -121.16 -66.41
C ALA N 81 -3.59 -120.33 -65.30
N ARG N 82 -2.27 -120.35 -65.22
CA ARG N 82 -1.60 -120.00 -63.98
C ARG N 82 -1.35 -118.50 -63.90
N ALA N 83 -1.36 -117.98 -62.67
CA ALA N 83 -1.21 -116.54 -62.48
C ALA N 83 -0.64 -116.26 -61.09
N SER N 84 0.20 -115.23 -61.02
CA SER N 84 0.74 -114.72 -59.76
C SER N 84 0.67 -113.20 -59.77
N VAL N 85 0.48 -112.60 -58.60
CA VAL N 85 -0.04 -111.23 -58.56
C VAL N 85 0.46 -110.52 -57.32
N ASP N 86 0.92 -109.28 -57.51
CA ASP N 86 0.94 -108.26 -56.46
C ASP N 86 0.09 -107.10 -56.92
N TRP N 87 -0.88 -106.69 -56.09
CA TRP N 87 -1.84 -105.67 -56.48
C TRP N 87 -2.39 -105.02 -55.23
N SER N 88 -2.53 -103.69 -55.27
CA SER N 88 -3.06 -102.96 -54.13
C SER N 88 -3.98 -101.83 -54.58
N GLY N 89 -4.88 -102.09 -55.51
CA GLY N 89 -5.73 -101.05 -56.04
C GLY N 89 -7.20 -101.31 -55.86
N PRO N 90 -8.04 -100.54 -56.56
CA PRO N 90 -9.45 -100.87 -56.66
C PRO N 90 -9.64 -102.11 -57.51
N ILE N 91 -10.84 -102.71 -57.39
CA ILE N 91 -11.04 -104.05 -57.93
C ILE N 91 -11.27 -104.08 -59.44
N GLU N 92 -11.61 -102.94 -60.04
CA GLU N 92 -12.19 -102.95 -61.38
C GLU N 92 -11.14 -103.30 -62.43
N GLU N 93 -9.98 -102.65 -62.36
CA GLU N 93 -8.93 -102.90 -63.33
C GLU N 93 -8.37 -104.31 -63.22
N LEU N 94 -8.24 -104.81 -61.98
CA LEU N 94 -7.73 -106.15 -61.75
C LEU N 94 -8.68 -107.20 -62.31
N THR N 95 -9.98 -107.03 -62.06
CA THR N 95 -10.96 -107.95 -62.59
C THR N 95 -11.05 -107.87 -64.10
N ALA N 96 -10.87 -106.68 -64.68
CA ALA N 96 -10.89 -106.53 -66.13
C ALA N 96 -9.71 -107.23 -66.78
N ARG N 97 -8.52 -107.12 -66.16
CA ARG N 97 -7.35 -107.83 -66.67
C ARG N 97 -7.55 -109.34 -66.57
N ILE N 98 -8.16 -109.80 -65.48
CA ILE N 98 -8.46 -111.22 -65.30
C ILE N 98 -9.43 -111.71 -66.38
N ALA N 99 -10.47 -110.93 -66.64
CA ALA N 99 -11.48 -111.33 -67.63
C ALA N 99 -10.90 -111.33 -69.04
N LYS N 100 -10.05 -110.35 -69.34
CA LYS N 100 -9.42 -110.32 -70.66
C LYS N 100 -8.44 -111.46 -70.84
N ALA N 101 -7.80 -111.90 -69.76
CA ALA N 101 -7.02 -113.13 -69.85
C ALA N 101 -7.92 -114.34 -70.04
N ALA N 102 -9.09 -114.34 -69.41
CA ALA N 102 -9.96 -115.50 -69.39
C ALA N 102 -10.88 -115.58 -70.60
N HIS N 103 -10.84 -114.58 -71.48
CA HIS N 103 -11.69 -114.47 -72.67
C HIS N 103 -13.18 -114.50 -72.33
N PHE N 104 -13.53 -113.95 -71.18
CA PHE N 104 -14.89 -114.03 -70.67
C PHE N 104 -15.47 -112.62 -70.54
N ARG N 105 -16.79 -112.54 -70.66
CA ARG N 105 -17.45 -111.24 -70.75
C ARG N 105 -17.57 -110.61 -69.37
N PHE N 106 -17.32 -109.32 -69.31
CA PHE N 106 -17.33 -108.58 -68.05
C PHE N 106 -18.70 -108.01 -67.77
N ARG N 107 -19.12 -108.11 -66.52
CA ARG N 107 -20.42 -107.58 -66.15
C ARG N 107 -20.37 -106.92 -64.79
N VAL N 108 -21.04 -105.78 -64.68
CA VAL N 108 -21.08 -104.99 -63.46
C VAL N 108 -22.53 -104.71 -63.11
N LEU N 109 -22.89 -104.94 -61.85
CA LEU N 109 -24.26 -104.78 -61.39
C LEU N 109 -24.27 -103.82 -60.20
N GLY N 110 -25.26 -102.95 -60.18
CA GLY N 110 -25.28 -101.86 -59.23
C GLY N 110 -24.36 -100.74 -59.68
N LYS N 111 -24.17 -99.78 -58.77
CA LYS N 111 -23.30 -98.65 -59.04
C LYS N 111 -22.22 -98.56 -57.98
N SER N 112 -21.05 -98.11 -58.41
CA SER N 112 -19.93 -97.96 -57.50
C SER N 112 -20.19 -96.82 -56.52
N PRO N 113 -20.05 -97.05 -55.22
CA PRO N 113 -20.21 -95.95 -54.26
C PRO N 113 -19.06 -94.98 -54.36
N SER N 114 -19.29 -93.78 -53.83
CA SER N 114 -18.29 -92.71 -53.92
C SER N 114 -17.06 -93.04 -53.09
N VAL N 115 -17.24 -93.67 -51.94
CA VAL N 115 -16.07 -94.29 -51.29
C VAL N 115 -15.66 -95.50 -52.10
N PRO N 116 -14.41 -95.59 -52.53
CA PRO N 116 -13.98 -96.74 -53.34
C PRO N 116 -13.77 -97.98 -52.47
N VAL N 117 -13.74 -99.12 -53.14
CA VAL N 117 -13.37 -100.39 -52.52
C VAL N 117 -11.90 -100.66 -52.80
N LEU N 118 -11.15 -100.98 -51.78
CA LEU N 118 -9.71 -101.13 -51.89
C LEU N 118 -9.32 -102.55 -51.51
N ILE N 119 -8.47 -103.17 -52.32
CA ILE N 119 -8.10 -104.57 -52.15
C ILE N 119 -6.59 -104.69 -52.32
N SER N 120 -5.93 -105.34 -51.36
CA SER N 120 -4.51 -105.67 -51.46
C SER N 120 -4.38 -107.18 -51.59
N ILE N 121 -3.77 -107.63 -52.68
CA ILE N 121 -3.53 -109.05 -52.92
C ILE N 121 -2.09 -109.23 -53.35
N SER N 122 -1.35 -110.08 -52.65
CA SER N 122 0.01 -110.45 -53.01
C SER N 122 0.18 -111.95 -52.80
N THR N 123 -0.13 -112.73 -53.83
CA THR N 123 -0.04 -114.18 -53.76
C THR N 123 0.88 -114.69 -54.84
N LYS N 124 0.98 -116.01 -54.95
CA LYS N 124 1.94 -116.64 -55.85
C LYS N 124 1.37 -117.93 -56.42
N ASP N 125 1.07 -117.92 -57.72
CA ASP N 125 0.98 -119.12 -58.56
C ASP N 125 -0.12 -120.09 -58.11
N GLU N 126 -1.36 -119.64 -58.24
CA GLU N 126 -2.51 -120.52 -58.06
C GLU N 126 -3.50 -120.28 -59.19
N SER N 127 -4.52 -121.13 -59.22
CA SER N 127 -5.51 -121.08 -60.28
C SER N 127 -6.41 -119.86 -60.14
N LEU N 128 -7.05 -119.52 -61.25
CA LEU N 128 -7.90 -118.33 -61.30
C LEU N 128 -9.15 -118.50 -60.47
N ALA N 129 -9.59 -119.74 -60.27
CA ALA N 129 -10.75 -120.00 -59.43
C ALA N 129 -10.47 -119.63 -57.98
N GLU N 130 -9.32 -120.06 -57.48
CA GLU N 130 -8.93 -119.69 -56.12
C GLU N 130 -8.58 -118.22 -56.02
N ILE N 131 -8.05 -117.64 -57.10
CA ILE N 131 -7.81 -116.20 -57.15
C ILE N 131 -9.10 -115.43 -56.95
N LEU N 132 -10.14 -115.82 -57.69
CA LEU N 132 -11.40 -115.10 -57.62
C LEU N 132 -12.13 -115.39 -56.31
N ARG N 133 -11.96 -116.59 -55.77
CA ARG N 133 -12.54 -116.90 -54.46
C ARG N 133 -11.91 -116.06 -53.36
N ASP N 134 -10.58 -115.89 -53.39
CA ASP N 134 -9.92 -115.00 -52.47
C ASP N 134 -10.34 -113.56 -52.69
N ILE N 135 -10.60 -113.19 -53.94
CA ILE N 135 -11.05 -111.84 -54.25
C ILE N 135 -12.40 -111.54 -53.62
N ASP N 136 -13.37 -112.45 -53.79
CA ASP N 136 -14.68 -112.19 -53.21
C ASP N 136 -14.67 -112.32 -51.70
N TYR N 137 -13.79 -113.16 -51.16
CA TYR N 137 -13.65 -113.25 -49.71
C TYR N 137 -13.10 -111.96 -49.13
N GLN N 138 -12.11 -111.35 -49.79
CA GLN N 138 -11.64 -110.07 -49.31
C GLN N 138 -12.62 -108.95 -49.63
N ALA N 139 -13.50 -109.15 -50.61
CA ALA N 139 -14.56 -108.19 -50.86
C ALA N 139 -15.55 -108.17 -49.71
N GLY N 140 -16.01 -109.34 -49.28
CA GLY N 140 -16.85 -109.41 -48.10
C GLY N 140 -18.26 -108.97 -48.38
N LYS N 141 -18.77 -108.06 -47.55
CA LYS N 141 -20.18 -107.73 -47.50
C LYS N 141 -20.55 -106.52 -48.37
N LYS N 142 -19.61 -105.98 -49.12
CA LYS N 142 -19.93 -104.85 -49.98
C LYS N 142 -20.01 -105.19 -51.46
N ALA N 143 -19.42 -106.30 -51.88
CA ALA N 143 -19.47 -106.70 -53.28
C ALA N 143 -19.40 -108.21 -53.37
N SER N 144 -19.83 -108.73 -54.51
CA SER N 144 -19.81 -110.17 -54.70
C SER N 144 -19.53 -110.51 -56.16
N ILE N 145 -19.10 -111.75 -56.37
CA ILE N 145 -18.65 -112.24 -57.68
C ILE N 145 -19.50 -113.42 -58.07
N HIS N 146 -20.00 -113.41 -59.30
CA HIS N 146 -20.66 -114.57 -59.88
C HIS N 146 -20.01 -114.90 -61.20
N VAL N 147 -20.07 -116.18 -61.57
CA VAL N 147 -19.56 -116.65 -62.84
C VAL N 147 -20.58 -117.56 -63.47
N TYR N 148 -20.98 -117.26 -64.70
CA TYR N 148 -21.84 -118.16 -65.44
C TYR N 148 -20.98 -118.84 -66.49
N PRO N 149 -20.63 -120.11 -66.30
CA PRO N 149 -19.59 -120.75 -67.11
C PRO N 149 -20.09 -121.11 -68.50
N ASN N 150 -21.32 -121.60 -68.58
CA ASN N 150 -21.92 -121.88 -69.86
C ASN N 150 -22.21 -120.61 -70.63
N SER N 151 -22.44 -119.50 -69.92
CA SER N 151 -22.57 -118.21 -70.55
C SER N 151 -21.24 -117.48 -70.69
N GLN N 152 -20.18 -117.98 -70.03
CA GLN N 152 -18.81 -117.46 -70.11
C GLN N 152 -18.74 -116.00 -69.64
N VAL N 153 -19.44 -115.71 -68.55
CA VAL N 153 -19.58 -114.35 -68.04
C VAL N 153 -19.02 -114.30 -66.63
N VAL N 154 -18.15 -113.33 -66.36
CA VAL N 154 -17.73 -113.00 -65.01
C VAL N 154 -18.38 -111.68 -64.63
N GLU N 155 -18.97 -111.64 -63.44
CA GLU N 155 -19.80 -110.53 -63.03
C GLU N 155 -19.47 -110.16 -61.59
N LEU N 156 -19.47 -108.87 -61.30
CA LEU N 156 -19.49 -108.41 -59.92
C LEU N 156 -20.76 -107.61 -59.67
N ARG N 157 -21.19 -107.62 -58.41
CA ARG N 157 -22.37 -106.87 -58.00
C ARG N 157 -22.03 -106.08 -56.74
N TYR N 158 -22.41 -104.81 -56.74
CA TYR N 158 -22.24 -103.98 -55.57
C TYR N 158 -23.36 -104.23 -54.58
N ALA N 159 -23.17 -103.75 -53.36
CA ALA N 159 -24.17 -103.91 -52.32
C ALA N 159 -25.31 -102.93 -52.53
N LYS N 160 -26.54 -103.46 -52.52
CA LYS N 160 -27.73 -102.61 -52.52
C LYS N 160 -27.97 -102.17 -51.07
N ILE N 161 -27.23 -101.13 -50.70
CA ILE N 161 -27.36 -100.50 -49.40
C ILE N 161 -27.33 -99.00 -49.65
N TYR N 162 -28.04 -98.26 -48.79
CA TYR N 162 -28.36 -96.83 -48.96
C TYR N 162 -28.98 -96.57 -50.33
N ARG O 207 -46.63 -100.56 21.14
CA ARG O 207 -46.74 -99.74 19.94
C ARG O 207 -46.71 -98.25 20.30
N ILE O 208 -47.04 -97.42 19.33
CA ILE O 208 -46.95 -95.97 19.50
C ILE O 208 -48.20 -95.46 20.21
N ILE O 209 -48.00 -94.70 21.28
CA ILE O 209 -49.09 -94.12 22.06
C ILE O 209 -49.14 -92.63 21.76
N TYR O 210 -50.29 -92.16 21.32
CA TYR O 210 -50.50 -90.74 21.07
C TYR O 210 -50.98 -90.05 22.34
N TYR O 211 -50.83 -88.73 22.37
CA TYR O 211 -51.27 -87.94 23.51
C TYR O 211 -51.90 -86.65 23.00
N ILE O 212 -52.86 -86.16 23.77
CA ILE O 212 -53.59 -84.94 23.44
C ILE O 212 -52.66 -83.77 23.74
N GLN O 213 -51.99 -83.26 22.72
CA GLN O 213 -51.14 -82.10 22.90
C GLN O 213 -51.96 -80.82 23.04
N ALA O 214 -52.98 -80.67 22.20
CA ALA O 214 -53.90 -79.54 22.29
C ALA O 214 -55.32 -80.06 22.20
N VAL O 215 -56.20 -79.52 23.06
CA VAL O 215 -57.59 -79.93 23.11
C VAL O 215 -58.46 -78.73 22.75
N ILE O 216 -59.25 -78.86 21.70
CA ILE O 216 -60.11 -77.80 21.19
C ILE O 216 -61.37 -78.45 20.65
N PRO O 217 -62.49 -77.73 20.52
CA PRO O 217 -63.59 -78.24 19.73
C PRO O 217 -63.22 -78.32 18.25
N GLY O 218 -63.86 -79.26 17.56
CA GLY O 218 -63.62 -79.44 16.15
C GLY O 218 -62.36 -80.22 15.84
N ARG O 219 -61.20 -79.62 16.04
CA ARG O 219 -59.94 -80.31 15.78
C ARG O 219 -59.51 -81.10 17.01
N ALA O 220 -58.51 -81.94 16.82
CA ALA O 220 -57.89 -82.64 17.94
C ALA O 220 -56.43 -82.86 17.60
N TRP O 221 -55.53 -82.30 18.42
CA TRP O 221 -54.11 -82.33 18.14
C TRP O 221 -53.43 -83.38 19.01
N LEU O 222 -52.72 -84.31 18.37
CA LEU O 222 -52.09 -85.39 19.11
C LEU O 222 -50.65 -85.58 18.63
N ILE O 223 -49.83 -86.08 19.54
CA ILE O 223 -48.43 -86.41 19.25
C ILE O 223 -48.18 -87.85 19.67
N GLY O 224 -47.65 -88.66 18.75
CA GLY O 224 -47.28 -90.01 19.08
C GLY O 224 -45.85 -90.13 19.55
N SER O 225 -45.52 -91.31 20.05
CA SER O 225 -44.21 -91.55 20.63
C SER O 225 -43.13 -91.83 19.60
N ASN O 226 -43.49 -92.04 18.33
CA ASN O 226 -42.53 -92.37 17.29
C ASN O 226 -42.17 -91.18 16.43
N GLY O 227 -42.10 -89.99 17.02
CA GLY O 227 -41.78 -88.79 16.27
C GLY O 227 -42.82 -88.37 15.26
N SER O 228 -44.10 -88.53 15.59
CA SER O 228 -45.18 -88.19 14.68
C SER O 228 -46.19 -87.28 15.39
N THR O 229 -46.88 -86.48 14.59
CA THR O 229 -47.95 -85.61 15.08
C THR O 229 -49.09 -85.65 14.09
N LEU O 230 -50.30 -85.36 14.57
CA LEU O 230 -51.42 -85.25 13.66
C LEU O 230 -52.49 -84.32 14.24
N THR O 231 -53.31 -83.82 13.33
CA THR O 231 -54.60 -83.22 13.65
C THR O 231 -55.69 -84.14 13.11
N VAL O 232 -56.73 -84.34 13.92
CA VAL O 232 -57.76 -85.32 13.59
C VAL O 232 -59.13 -84.73 13.89
N ARG O 233 -60.15 -85.31 13.25
CA ARG O 233 -61.52 -84.82 13.34
C ARG O 233 -62.47 -85.93 13.76
N GLU O 234 -63.77 -85.65 13.72
CA GLU O 234 -64.78 -86.64 14.08
C GLU O 234 -64.80 -87.78 13.07
N GLY O 235 -64.90 -87.45 11.79
CA GLY O 235 -64.87 -88.49 10.78
C GLY O 235 -63.46 -88.73 10.28
N SER O 236 -62.79 -89.73 10.86
CA SER O 236 -61.41 -90.04 10.48
C SER O 236 -61.09 -91.46 10.93
N LYS O 237 -59.95 -91.95 10.47
CA LYS O 237 -59.47 -93.28 10.80
C LYS O 237 -58.13 -93.18 11.51
N ILE O 238 -58.00 -93.89 12.62
CA ILE O 238 -56.83 -93.83 13.48
C ILE O 238 -56.07 -95.14 13.38
N PRO O 239 -54.81 -95.14 12.93
CA PRO O 239 -54.05 -96.38 12.86
C PRO O 239 -53.64 -96.88 14.24
N GLY O 240 -53.78 -98.18 14.44
CA GLY O 240 -53.40 -98.82 15.68
C GLY O 240 -54.42 -98.74 16.79
N TYR O 241 -55.51 -98.04 16.58
CA TYR O 241 -56.55 -97.91 17.60
C TYR O 241 -57.92 -98.33 17.10
N GLY O 242 -58.26 -98.00 15.86
CA GLY O 242 -59.57 -98.30 15.34
C GLY O 242 -60.12 -97.15 14.50
N MET O 243 -61.31 -96.68 14.84
CA MET O 243 -61.91 -95.54 14.16
C MET O 243 -62.31 -94.51 15.21
N VAL O 244 -62.41 -93.27 14.77
CA VAL O 244 -62.75 -92.17 15.66
C VAL O 244 -64.24 -92.24 15.97
N LYS O 245 -64.58 -92.39 17.25
CA LYS O 245 -65.96 -92.37 17.70
C LYS O 245 -66.43 -90.96 18.04
N LEU O 246 -65.65 -90.24 18.84
CA LEU O 246 -66.03 -88.92 19.29
C LEU O 246 -64.78 -88.10 19.58
N ILE O 247 -64.77 -86.87 19.10
CA ILE O 247 -63.75 -85.90 19.47
C ILE O 247 -64.37 -84.99 20.53
N ASP O 248 -63.86 -85.06 21.75
CA ASP O 248 -64.39 -84.29 22.86
C ASP O 248 -63.41 -83.21 23.25
N SER O 249 -63.89 -81.97 23.33
CA SER O 249 -63.10 -80.88 23.87
C SER O 249 -63.17 -80.82 25.38
N LEU O 250 -63.93 -81.71 26.01
CA LEU O 250 -64.04 -81.77 27.46
C LEU O 250 -63.20 -82.92 28.00
N GLN O 251 -62.46 -82.63 29.08
CA GLN O 251 -61.63 -83.54 29.87
C GLN O 251 -60.44 -84.14 29.12
N GLY O 252 -60.19 -83.74 27.87
CA GLY O 252 -59.07 -84.28 27.12
C GLY O 252 -59.19 -85.75 26.75
N ARG O 253 -60.36 -86.18 26.30
CA ARG O 253 -60.62 -87.58 25.99
C ARG O 253 -61.04 -87.73 24.54
N ILE O 254 -60.52 -88.76 23.87
CA ILE O 254 -60.98 -89.14 22.54
C ILE O 254 -61.40 -90.60 22.58
N LEU O 255 -62.63 -90.87 22.13
CA LEU O 255 -63.18 -92.21 22.11
C LEU O 255 -62.76 -92.94 20.84
N THR O 256 -62.79 -94.27 20.92
CA THR O 256 -62.29 -95.13 19.87
C THR O 256 -63.33 -96.19 19.53
N SER O 257 -63.33 -96.63 18.27
CA SER O 257 -64.24 -97.69 17.84
C SER O 257 -63.93 -99.01 18.52
N SER O 258 -62.69 -99.22 18.95
CA SER O 258 -62.32 -100.42 19.70
C SER O 258 -62.70 -100.33 21.17
N GLY O 259 -63.21 -99.19 21.63
CA GLY O 259 -63.56 -99.02 23.02
C GLY O 259 -62.51 -98.29 23.84
N GLN O 260 -61.40 -97.87 23.22
CA GLN O 260 -60.36 -97.16 23.93
C GLN O 260 -60.74 -95.71 24.13
N VAL O 261 -60.25 -95.12 25.22
CA VAL O 261 -60.32 -93.69 25.46
C VAL O 261 -58.88 -93.21 25.62
N ILE O 262 -58.45 -92.30 24.75
CA ILE O 262 -57.07 -91.84 24.75
C ILE O 262 -57.03 -90.41 25.27
N LYS O 263 -56.14 -90.18 26.22
CA LYS O 263 -55.86 -88.89 26.84
C LYS O 263 -54.39 -88.54 26.64
N PHE O 264 -53.96 -87.46 27.28
CA PHE O 264 -52.56 -87.08 27.27
C PHE O 264 -51.79 -87.85 28.35
N SER O 265 -50.53 -87.46 28.55
CA SER O 265 -49.71 -88.08 29.58
C SER O 265 -50.19 -87.68 30.98
N GLN O 266 -49.88 -88.53 31.95
CA GLN O 266 -50.30 -88.26 33.33
C GLN O 266 -49.48 -87.13 33.94
N GLU O 267 -48.15 -87.18 33.78
CA GLU O 267 -47.33 -86.10 34.30
C GLU O 267 -47.42 -84.85 33.46
N ASP O 268 -47.76 -85.00 32.19
CA ASP O 268 -48.06 -83.86 31.33
C ASP O 268 -49.56 -83.58 31.38
N SER O 269 -50.01 -83.19 32.58
CA SER O 269 -51.42 -82.91 32.83
C SER O 269 -51.59 -81.96 34.01
N GLN P 791 -89.90 -62.33 49.97
CA GLN P 791 -91.17 -62.17 49.29
C GLN P 791 -91.34 -60.74 48.82
N GLN P 792 -91.15 -59.81 49.75
CA GLN P 792 -91.16 -58.38 49.48
C GLN P 792 -89.78 -57.76 49.66
N GLU P 793 -88.79 -58.56 50.06
CA GLU P 793 -87.43 -58.11 50.28
C GLU P 793 -86.57 -58.34 49.04
N ILE P 794 -87.18 -58.27 47.87
CA ILE P 794 -86.54 -58.71 46.65
C ILE P 794 -85.55 -57.68 46.15
N GLN P 795 -86.05 -56.48 45.85
CA GLN P 795 -85.33 -55.52 45.02
C GLN P 795 -84.13 -54.94 45.75
N GLN P 796 -84.26 -54.75 47.07
CA GLN P 796 -83.13 -54.27 47.86
C GLN P 796 -82.07 -55.33 48.03
N ARG P 797 -82.40 -56.60 47.82
CA ARG P 797 -81.42 -57.67 47.93
C ARG P 797 -80.88 -58.12 46.58
N THR P 798 -81.62 -57.90 45.50
CA THR P 798 -81.08 -58.22 44.18
C THR P 798 -80.10 -57.16 43.70
N SER P 799 -80.37 -55.89 44.00
CA SER P 799 -79.71 -54.78 43.32
C SER P 799 -78.23 -54.67 43.69
N ASP P 800 -77.91 -54.96 44.95
CA ASP P 800 -76.52 -54.93 45.41
C ASP P 800 -75.69 -56.01 44.72
N MET P 801 -76.32 -57.16 44.44
CA MET P 801 -75.63 -58.21 43.69
C MET P 801 -75.32 -57.76 42.28
N LEU P 802 -76.20 -56.95 41.70
CA LEU P 802 -75.97 -56.41 40.36
C LEU P 802 -74.81 -55.44 40.35
N THR P 803 -74.65 -54.67 41.44
CA THR P 803 -73.52 -53.75 41.55
C THR P 803 -72.20 -54.50 41.63
N ALA P 804 -72.17 -55.58 42.40
CA ALA P 804 -70.95 -56.39 42.50
C ALA P 804 -70.69 -57.13 41.20
N ALA P 805 -71.74 -57.63 40.55
CA ALA P 805 -71.57 -58.35 39.30
C ALA P 805 -71.05 -57.43 38.20
N THR P 806 -71.57 -56.21 38.13
CA THR P 806 -71.07 -55.24 37.17
C THR P 806 -69.66 -54.78 37.52
N GLN P 807 -69.30 -54.84 38.80
CA GLN P 807 -67.99 -54.39 39.23
C GLN P 807 -66.89 -55.28 38.70
N LEU P 808 -67.04 -56.58 38.88
CA LEU P 808 -65.95 -57.54 38.76
C LEU P 808 -65.65 -57.97 37.35
N VAL P 809 -66.24 -57.33 36.35
CA VAL P 809 -66.05 -57.75 34.96
C VAL P 809 -64.64 -57.38 34.53
N GLN P 810 -64.36 -56.08 34.44
CA GLN P 810 -63.04 -55.63 34.04
C GLN P 810 -62.00 -55.84 35.14
N ASP P 811 -62.43 -56.11 36.37
CA ASP P 811 -61.49 -56.54 37.40
C ASP P 811 -60.88 -57.90 37.06
N TRP P 812 -61.59 -58.72 36.30
CA TRP P 812 -61.05 -59.98 35.82
C TRP P 812 -60.73 -59.99 34.34
N LYS P 813 -61.26 -59.03 33.56
CA LYS P 813 -61.01 -59.05 32.13
C LYS P 813 -59.89 -58.11 31.69
N GLN P 814 -59.27 -57.38 32.59
CA GLN P 814 -58.16 -56.50 32.21
C GLN P 814 -56.82 -57.15 32.52
N VAL P 815 -55.93 -57.18 31.53
CA VAL P 815 -54.61 -57.79 31.64
C VAL P 815 -53.58 -56.78 31.16
N GLU P 816 -52.56 -56.52 31.97
CA GLU P 816 -51.44 -55.71 31.52
C GLU P 816 -50.53 -56.52 30.62
N THR P 817 -49.93 -55.86 29.64
CA THR P 817 -48.99 -56.54 28.77
C THR P 817 -47.64 -56.68 29.46
N GLN P 818 -46.80 -57.53 28.88
CA GLN P 818 -45.46 -57.74 29.39
C GLN P 818 -44.56 -56.55 29.07
N VAL P 819 -43.43 -56.48 29.78
CA VAL P 819 -42.45 -55.42 29.58
C VAL P 819 -41.08 -56.04 29.37
N TYR P 820 -40.21 -55.23 28.76
CA TYR P 820 -38.84 -55.65 28.43
C TYR P 820 -37.91 -54.51 28.82
N THR P 821 -36.86 -54.82 29.56
CA THR P 821 -35.81 -53.88 29.87
C THR P 821 -34.49 -54.50 29.43
N GLU P 822 -33.80 -53.83 28.51
CA GLU P 822 -32.61 -54.37 27.88
C GLU P 822 -31.36 -53.72 28.47
N GLY P 823 -30.39 -54.54 28.83
CA GLY P 823 -29.24 -54.09 29.58
C GLY P 823 -28.00 -53.85 28.74
N THR P 824 -27.13 -52.98 29.26
CA THR P 824 -25.84 -52.70 28.66
C THR P 824 -24.88 -52.20 29.73
N LYS Q 24 82.55 -6.23 113.15
CA LYS Q 24 83.29 -5.33 112.28
C LYS Q 24 82.34 -4.55 111.40
N PHE Q 25 81.10 -5.01 111.30
CA PHE Q 25 80.12 -4.37 110.43
C PHE Q 25 78.73 -4.60 111.02
N LYS Q 26 78.12 -3.54 111.50
CA LYS Q 26 76.73 -3.56 111.96
C LYS Q 26 75.94 -2.80 110.90
N LYS Q 27 75.56 -3.49 109.85
CA LYS Q 27 74.93 -2.84 108.71
C LYS Q 27 73.47 -2.53 109.01
N PRO Q 28 72.92 -1.47 108.43
CA PRO Q 28 71.51 -1.11 108.68
C PRO Q 28 70.57 -2.08 107.99
N PRO Q 29 69.31 -2.14 108.41
CA PRO Q 29 68.32 -2.97 107.70
C PRO Q 29 68.10 -2.51 106.27
N ILE Q 30 67.88 -3.49 105.39
CA ILE Q 30 67.68 -3.19 103.98
C ILE Q 30 66.34 -2.51 103.77
N ASN Q 31 65.28 -3.06 104.34
CA ASN Q 31 63.93 -2.51 104.18
C ASN Q 31 63.72 -1.38 105.19
N ASN Q 32 64.49 -0.32 105.01
CA ASN Q 32 64.41 0.83 105.88
C ASN Q 32 63.82 2.02 105.14
N PRO Q 33 62.92 2.74 105.77
CA PRO Q 33 62.44 3.98 105.16
C PRO Q 33 63.49 5.06 105.27
N SER Q 34 64.44 5.09 104.34
CA SER Q 34 65.46 6.14 104.32
C SER Q 34 65.08 7.30 103.43
N ASP Q 35 63.78 7.53 103.23
CA ASP Q 35 63.31 8.64 102.42
C ASP Q 35 62.19 9.38 103.16
N ASP Q 36 62.19 10.71 102.97
CA ASP Q 36 61.28 11.59 103.68
C ASP Q 36 59.82 11.33 103.31
N ALA Q 37 59.56 10.90 102.08
CA ALA Q 37 58.21 10.47 101.75
C ALA Q 37 57.87 9.17 102.45
N THR Q 38 58.83 8.24 102.48
CA THR Q 38 58.56 6.90 102.96
C THR Q 38 58.31 6.86 104.46
N ILE Q 39 59.01 7.71 105.22
CA ILE Q 39 58.77 7.73 106.67
C ILE Q 39 57.37 8.26 106.96
N LYS Q 40 56.91 9.23 106.16
CA LYS Q 40 55.54 9.72 106.27
C LYS Q 40 54.54 8.62 105.94
N LEU Q 41 54.83 7.84 104.90
CA LEU Q 41 53.96 6.73 104.52
C LEU Q 41 53.86 5.69 105.63
N ALA Q 42 55.00 5.34 106.22
CA ALA Q 42 55.02 4.29 107.23
C ALA Q 42 54.36 4.77 108.53
N GLU Q 43 54.57 6.03 108.92
CA GLU Q 43 53.90 6.51 110.11
C GLU Q 43 52.41 6.67 109.88
N ALA Q 44 52.01 6.99 108.63
CA ALA Q 44 50.60 7.03 108.30
C ALA Q 44 49.97 5.63 108.42
N ALA Q 45 50.73 4.61 108.02
CA ALA Q 45 50.29 3.23 108.19
C ALA Q 45 50.13 2.88 109.66
N VAL Q 46 51.08 3.33 110.49
CA VAL Q 46 51.02 3.12 111.93
C VAL Q 46 49.77 3.79 112.51
N SER Q 47 49.50 5.02 112.07
CA SER Q 47 48.36 5.78 112.57
C SER Q 47 47.05 5.12 112.21
N VAL Q 48 46.92 4.69 110.95
CA VAL Q 48 45.64 4.13 110.53
C VAL Q 48 45.44 2.74 111.13
N SER Q 49 46.54 2.01 111.39
CA SER Q 49 46.41 0.73 112.07
C SER Q 49 45.94 0.91 113.50
N ASP Q 50 46.51 1.91 114.19
CA ASP Q 50 46.11 2.19 115.56
C ASP Q 50 44.66 2.65 115.62
N SER Q 51 44.24 3.48 114.66
CA SER Q 51 42.88 3.97 114.63
C SER Q 51 41.88 2.86 114.34
N MET Q 52 42.23 1.94 113.43
CA MET Q 52 41.32 0.85 113.12
C MET Q 52 41.23 -0.15 114.26
N LEU Q 53 42.35 -0.38 114.96
CA LEU Q 53 42.30 -1.21 116.16
C LEU Q 53 41.44 -0.57 117.24
N GLU Q 54 41.52 0.75 117.36
CA GLU Q 54 40.66 1.47 118.29
C GLU Q 54 39.18 1.33 117.90
N MET Q 55 38.89 1.41 116.61
CA MET Q 55 37.52 1.26 116.13
C MET Q 55 36.99 -0.13 116.44
N ALA Q 56 37.82 -1.16 116.23
CA ALA Q 56 37.43 -2.52 116.55
C ALA Q 56 37.20 -2.71 118.04
N LYS Q 57 38.05 -2.09 118.87
CA LYS Q 57 37.86 -2.15 120.31
C LYS Q 57 36.58 -1.46 120.73
N VAL Q 58 36.19 -0.42 120.01
CA VAL Q 58 34.91 0.24 120.29
C VAL Q 58 33.76 -0.69 119.93
N GLU Q 59 33.80 -1.25 118.73
CA GLU Q 59 32.61 -1.90 118.19
C GLU Q 59 32.49 -3.37 118.58
N LYS Q 60 33.50 -3.94 119.23
CA LYS Q 60 33.48 -5.37 119.51
C LYS Q 60 32.46 -5.71 120.59
N VAL Q 61 31.75 -6.82 120.39
CA VAL Q 61 30.79 -7.34 121.35
C VAL Q 61 31.22 -8.74 121.73
N ILE Q 62 31.34 -9.01 123.03
CA ILE Q 62 31.80 -10.29 123.53
C ILE Q 62 30.79 -10.80 124.56
N THR Q 63 31.14 -11.93 125.16
CA THR Q 63 30.32 -12.60 126.16
C THR Q 63 31.13 -12.80 127.42
N PRO Q 64 30.51 -12.69 128.60
CA PRO Q 64 31.22 -12.99 129.83
C PRO Q 64 31.31 -14.49 130.05
N PRO Q 65 32.52 -15.00 130.30
CA PRO Q 65 32.68 -16.45 130.50
C PRO Q 65 32.12 -16.96 131.82
N SER Q 66 31.70 -16.08 132.73
CA SER Q 66 31.05 -16.52 133.95
C SER Q 66 29.66 -17.04 133.66
N LYS Q 67 28.99 -16.51 132.64
CA LYS Q 67 27.61 -16.87 132.38
C LYS Q 67 27.33 -17.06 130.89
N ASP Q 68 28.34 -17.39 130.10
CA ASP Q 68 28.11 -17.68 128.69
C ASP Q 68 27.39 -19.01 128.56
N ASN Q 69 26.34 -19.03 127.73
CA ASN Q 69 25.49 -20.21 127.61
C ASN Q 69 26.16 -21.21 126.68
N THR Q 70 27.17 -21.90 127.22
CA THR Q 70 27.88 -22.94 126.50
C THR Q 70 28.06 -24.12 127.43
N LEU Q 71 27.69 -25.31 126.97
CA LEU Q 71 27.82 -26.51 127.80
C LEU Q 71 29.29 -26.89 127.92
N THR Q 72 29.74 -27.07 129.15
CA THR Q 72 31.12 -27.45 129.42
C THR Q 72 31.25 -28.96 129.35
N ILE Q 73 32.41 -29.47 129.75
CA ILE Q 73 32.72 -30.90 129.64
C ILE Q 73 31.97 -31.67 130.72
N PRO Q 74 31.19 -32.68 130.34
CA PRO Q 74 30.49 -33.50 131.35
C PRO Q 74 31.40 -34.50 132.06
N ASN Q 75 32.65 -34.66 131.61
CA ASN Q 75 33.74 -35.42 132.26
C ASN Q 75 33.37 -36.85 132.65
N ALA Q 76 32.43 -37.45 131.94
CA ALA Q 76 32.11 -38.86 132.17
C ALA Q 76 33.22 -39.73 131.61
N TYR Q 77 33.36 -40.94 132.18
CA TYR Q 77 34.43 -41.84 131.77
C TYR Q 77 34.21 -42.37 130.36
N ASN Q 78 32.96 -42.67 130.01
CA ASN Q 78 32.67 -43.21 128.69
C ASN Q 78 32.89 -42.19 127.58
N LEU Q 79 32.92 -40.90 127.91
CA LEU Q 79 33.12 -39.86 126.92
C LEU Q 79 34.60 -39.57 126.68
N GLN Q 80 35.49 -40.43 127.15
CA GLN Q 80 36.91 -40.25 126.93
C GLN Q 80 37.44 -41.04 125.75
N ALA Q 81 36.57 -41.72 125.02
CA ALA Q 81 36.99 -42.53 123.89
C ALA Q 81 37.10 -41.68 122.63
N ARG Q 82 37.75 -42.23 121.62
CA ARG Q 82 37.97 -41.55 120.36
C ARG Q 82 37.01 -42.10 119.30
N ALA Q 83 36.72 -41.26 118.30
CA ALA Q 83 35.79 -41.62 117.24
C ALA Q 83 36.11 -40.84 115.98
N SER Q 84 35.54 -41.31 114.87
CA SER Q 84 35.69 -40.67 113.56
C SER Q 84 34.30 -40.58 112.93
N VAL Q 85 33.77 -39.37 112.84
CA VAL Q 85 32.37 -39.19 112.48
C VAL Q 85 32.27 -38.35 111.21
N ASP Q 86 31.28 -38.67 110.38
CA ASP Q 86 30.84 -37.78 109.31
C ASP Q 86 29.33 -37.88 109.21
N TRP Q 87 28.66 -36.73 109.31
CA TRP Q 87 27.21 -36.70 109.27
C TRP Q 87 26.76 -35.32 108.84
N SER Q 88 25.66 -35.27 108.08
CA SER Q 88 25.01 -33.99 107.83
C SER Q 88 23.51 -34.25 107.70
N GLY Q 89 22.80 -34.11 108.81
CA GLY Q 89 21.38 -34.31 108.83
C GLY Q 89 20.75 -33.92 110.14
N PRO Q 90 19.67 -34.60 110.52
CA PRO Q 90 18.97 -34.25 111.76
C PRO Q 90 19.75 -34.60 113.02
N ILE Q 91 19.14 -34.33 114.16
CA ILE Q 91 19.84 -34.24 115.43
C ILE Q 91 19.57 -35.46 116.31
N GLU Q 92 18.29 -35.83 116.43
CA GLU Q 92 17.89 -36.83 117.41
C GLU Q 92 18.40 -38.21 117.04
N GLU Q 93 18.40 -38.53 115.74
CA GLU Q 93 18.93 -39.81 115.28
C GLU Q 93 20.42 -39.92 115.56
N LEU Q 94 21.15 -38.85 115.26
CA LEU Q 94 22.60 -38.83 115.47
C LEU Q 94 22.95 -38.97 116.93
N THR Q 95 22.26 -38.21 117.80
CA THR Q 95 22.58 -38.30 119.22
C THR Q 95 22.06 -39.59 119.84
N ALA Q 96 21.03 -40.21 119.26
CA ALA Q 96 20.58 -41.50 119.77
C ALA Q 96 21.60 -42.58 119.45
N ARG Q 97 22.17 -42.55 118.24
CA ARG Q 97 23.25 -43.47 117.91
C ARG Q 97 24.49 -43.19 118.75
N ILE Q 98 24.73 -41.92 119.08
CA ILE Q 98 25.86 -41.57 119.94
C ILE Q 98 25.68 -42.14 121.33
N ALA Q 99 24.49 -41.98 121.91
CA ALA Q 99 24.22 -42.50 123.25
C ALA Q 99 24.21 -44.01 123.27
N LYS Q 100 23.74 -44.64 122.19
CA LYS Q 100 23.79 -46.09 122.09
C LYS Q 100 25.23 -46.58 122.03
N ALA Q 101 26.09 -45.86 121.31
CA ALA Q 101 27.51 -46.20 121.32
C ALA Q 101 28.15 -45.92 122.68
N ALA Q 102 27.61 -44.96 123.42
CA ALA Q 102 28.17 -44.57 124.71
C ALA Q 102 27.55 -45.30 125.88
N HIS Q 103 26.64 -46.25 125.61
CA HIS Q 103 25.94 -47.06 126.62
C HIS Q 103 25.13 -46.19 127.57
N PHE Q 104 24.53 -45.13 127.03
CA PHE Q 104 23.70 -44.23 127.81
C PHE Q 104 22.29 -44.24 127.22
N ARG Q 105 21.30 -44.08 128.09
CA ARG Q 105 19.95 -43.96 127.57
C ARG Q 105 19.73 -42.56 127.03
N PHE Q 106 18.68 -42.41 126.22
CA PHE Q 106 18.41 -41.16 125.55
C PHE Q 106 16.91 -40.90 125.52
N ARG Q 107 16.51 -39.66 125.81
CA ARG Q 107 15.11 -39.30 125.81
C ARG Q 107 14.95 -37.90 125.23
N VAL Q 108 13.69 -37.56 124.94
CA VAL Q 108 13.34 -36.29 124.33
C VAL Q 108 12.23 -35.64 125.15
N LEU Q 109 12.40 -34.36 125.45
CA LEU Q 109 11.36 -33.54 126.06
C LEU Q 109 11.07 -32.38 125.12
N GLY Q 110 9.91 -32.43 124.49
CA GLY Q 110 9.49 -31.39 123.58
C GLY Q 110 8.89 -32.00 122.34
N LYS Q 111 8.70 -31.16 121.34
CA LYS Q 111 8.09 -31.56 120.07
C LYS Q 111 9.03 -31.25 118.92
N SER Q 112 9.10 -32.19 117.98
CA SER Q 112 9.88 -31.95 116.78
C SER Q 112 9.17 -30.94 115.89
N PRO Q 113 9.91 -30.05 115.23
CA PRO Q 113 9.27 -29.11 114.31
C PRO Q 113 8.88 -29.80 113.01
N SER Q 114 8.10 -29.09 112.21
CA SER Q 114 7.69 -29.60 110.91
C SER Q 114 8.87 -29.68 109.96
N VAL Q 115 9.64 -28.60 109.85
CA VAL Q 115 10.94 -28.64 109.19
C VAL Q 115 11.97 -28.95 110.27
N PRO Q 116 12.65 -30.09 110.22
CA PRO Q 116 13.58 -30.45 111.29
C PRO Q 116 14.89 -29.68 111.18
N VAL Q 117 15.55 -29.57 112.31
CA VAL Q 117 16.84 -28.90 112.38
C VAL Q 117 17.91 -29.82 111.80
N LEU Q 118 18.87 -29.23 111.11
CA LEU Q 118 19.92 -29.98 110.42
C LEU Q 118 21.28 -29.41 110.80
N ILE Q 119 22.27 -30.29 110.86
CA ILE Q 119 23.63 -29.94 111.24
C ILE Q 119 24.58 -30.57 110.22
N SER Q 120 25.88 -30.38 110.45
CA SER Q 120 26.91 -30.95 109.58
C SER Q 120 28.21 -31.02 110.37
N ILE Q 121 28.62 -32.24 110.72
CA ILE Q 121 29.82 -32.46 111.54
C ILE Q 121 30.63 -33.59 110.92
N SER Q 122 31.90 -33.33 110.65
CA SER Q 122 32.79 -34.37 110.15
C SER Q 122 34.18 -34.14 110.70
N THR Q 123 34.73 -35.15 111.37
CA THR Q 123 36.08 -35.11 111.87
C THR Q 123 36.62 -36.53 112.00
N LYS Q 124 37.94 -36.60 112.14
CA LYS Q 124 38.65 -37.87 112.21
C LYS Q 124 38.93 -38.33 113.63
N ASP Q 125 39.16 -37.40 114.56
CA ASP Q 125 39.51 -37.81 115.92
C ASP Q 125 39.04 -36.75 116.90
N GLU Q 126 38.10 -37.13 117.76
CA GLU Q 126 37.60 -36.28 118.82
C GLU Q 126 37.01 -37.18 119.89
N SER Q 127 36.23 -36.59 120.80
CA SER Q 127 35.49 -37.37 121.77
C SER Q 127 34.07 -36.86 121.86
N LEU Q 128 33.22 -37.70 122.48
CA LEU Q 128 31.78 -37.49 122.43
C LEU Q 128 31.35 -36.26 123.20
N ALA Q 129 32.12 -35.87 124.22
CA ALA Q 129 31.76 -34.70 125.01
C ALA Q 129 31.84 -33.42 124.19
N GLU Q 130 32.98 -33.20 123.52
CA GLU Q 130 33.10 -32.04 122.66
C GLU Q 130 32.28 -32.18 121.39
N ILE Q 131 32.00 -33.42 120.97
CA ILE Q 131 31.07 -33.62 119.86
C ILE Q 131 29.69 -33.10 120.21
N LEU Q 132 29.20 -33.45 121.40
CA LEU Q 132 27.91 -32.94 121.87
C LEU Q 132 27.96 -31.44 122.11
N ARG Q 133 29.12 -30.94 122.55
CA ARG Q 133 29.30 -29.50 122.75
C ARG Q 133 29.13 -28.74 121.44
N ASP Q 134 29.75 -29.24 120.38
CA ASP Q 134 29.60 -28.58 119.09
C ASP Q 134 28.22 -28.81 118.50
N ILE Q 135 27.58 -29.93 118.86
CA ILE Q 135 26.20 -30.16 118.43
C ILE Q 135 25.28 -29.11 119.02
N ASP Q 136 25.44 -28.81 120.30
CA ASP Q 136 24.61 -27.79 120.92
C ASP Q 136 25.00 -26.40 120.44
N TYR Q 137 26.27 -26.20 120.08
CA TYR Q 137 26.67 -24.93 119.50
C TYR Q 137 26.02 -24.71 118.14
N GLN Q 138 25.89 -25.78 117.36
CA GLN Q 138 25.16 -25.69 116.10
C GLN Q 138 23.67 -25.51 116.35
N ALA Q 139 23.16 -26.10 117.43
CA ALA Q 139 21.74 -26.01 117.73
C ALA Q 139 21.34 -24.59 118.10
N GLY Q 140 22.06 -23.98 119.03
CA GLY Q 140 21.73 -22.62 119.37
C GLY Q 140 20.64 -22.49 120.42
N LYS Q 141 19.41 -22.28 119.98
CA LYS Q 141 18.32 -21.93 120.88
C LYS Q 141 17.20 -22.96 120.91
N LYS Q 142 16.76 -23.45 119.76
CA LYS Q 142 15.57 -24.29 119.70
C LYS Q 142 15.80 -25.65 120.33
N ALA Q 143 17.03 -26.14 120.28
CA ALA Q 143 17.41 -27.42 120.85
C ALA Q 143 18.47 -27.21 121.92
N SER Q 144 18.38 -28.03 122.96
CA SER Q 144 19.36 -28.04 124.04
C SER Q 144 19.57 -29.47 124.47
N ILE Q 145 20.67 -29.71 125.18
CA ILE Q 145 21.00 -31.05 125.65
C ILE Q 145 21.31 -31.01 127.12
N HIS Q 146 20.86 -32.03 127.84
CA HIS Q 146 21.24 -32.22 129.23
C HIS Q 146 21.81 -33.61 129.41
N VAL Q 147 22.95 -33.71 130.06
CA VAL Q 147 23.60 -34.99 130.29
C VAL Q 147 23.56 -35.27 131.78
N TYR Q 148 22.95 -36.39 132.15
CA TYR Q 148 22.88 -36.79 133.54
C TYR Q 148 23.81 -37.97 133.76
N PRO Q 149 24.85 -37.81 134.55
CA PRO Q 149 25.76 -38.93 134.87
C PRO Q 149 25.41 -39.69 136.15
N ASN Q 150 24.39 -39.26 136.88
CA ASN Q 150 23.92 -40.07 137.99
C ASN Q 150 23.12 -41.27 137.47
N SER Q 151 22.05 -40.99 136.74
CA SER Q 151 21.38 -41.98 135.91
C SER Q 151 21.78 -41.70 134.47
N GLN Q 152 22.49 -42.65 133.87
CA GLN Q 152 23.34 -42.41 132.70
C GLN Q 152 22.48 -42.15 131.47
N VAL Q 153 22.07 -40.88 131.33
CA VAL Q 153 21.08 -40.52 130.32
C VAL Q 153 21.48 -39.21 129.65
N VAL Q 154 20.95 -39.01 128.45
CA VAL Q 154 21.00 -37.72 127.77
C VAL Q 154 19.58 -37.36 127.35
N GLU Q 155 19.27 -36.07 127.42
CA GLU Q 155 17.95 -35.55 127.13
C GLU Q 155 18.06 -34.45 126.11
N LEU Q 156 17.25 -34.55 125.05
CA LEU Q 156 17.11 -33.50 124.06
C LEU Q 156 15.91 -32.63 124.42
N ARG Q 157 16.16 -31.36 124.67
CA ARG Q 157 15.15 -30.41 125.12
C ARG Q 157 14.78 -29.50 123.98
N TYR Q 158 13.49 -29.40 123.71
CA TYR Q 158 13.01 -28.47 122.69
C TYR Q 158 12.58 -27.16 123.32
N ALA Q 159 12.41 -26.16 122.46
CA ALA Q 159 11.75 -24.92 122.82
C ALA Q 159 10.45 -24.81 122.03
N LYS Q 160 9.53 -23.98 122.53
CA LYS Q 160 8.24 -23.80 121.88
C LYS Q 160 8.36 -23.06 120.55
N ALA R 104 -74.74 -36.11 90.66
CA ALA R 104 -74.67 -34.87 89.90
C ALA R 104 -73.44 -34.84 89.02
N GLU R 105 -72.57 -35.84 89.18
CA GLU R 105 -71.34 -35.92 88.41
C GLU R 105 -71.23 -37.17 87.57
N VAL R 106 -72.16 -38.11 87.69
CA VAL R 106 -72.16 -39.29 86.83
C VAL R 106 -72.58 -38.94 85.40
N ILE R 107 -73.19 -37.77 85.21
CA ILE R 107 -73.55 -37.28 83.88
C ILE R 107 -72.29 -37.13 83.03
N ASP R 108 -71.21 -36.64 83.64
CA ASP R 108 -69.94 -36.50 82.94
C ASP R 108 -69.38 -37.86 82.54
N LYS R 109 -69.53 -38.87 83.41
CA LYS R 109 -69.07 -40.22 83.08
C LYS R 109 -69.88 -40.82 81.94
N LYS R 110 -71.19 -40.58 81.95
CA LYS R 110 -72.04 -41.00 80.84
C LYS R 110 -71.63 -40.33 79.55
N ALA R 111 -71.30 -39.04 79.62
CA ALA R 111 -70.84 -38.30 78.45
C ALA R 111 -69.51 -38.84 77.94
N PHE R 112 -68.61 -39.23 78.85
CA PHE R 112 -67.35 -39.86 78.45
C PHE R 112 -67.61 -41.16 77.72
N LYS R 113 -68.54 -41.96 78.24
CA LYS R 113 -68.81 -43.27 77.65
C LYS R 113 -69.43 -43.15 76.26
N ASP R 114 -70.44 -42.29 76.11
CA ASP R 114 -71.05 -42.18 74.78
C ASP R 114 -70.16 -41.40 73.82
N MET R 115 -69.28 -40.52 74.34
CA MET R 115 -68.30 -39.85 73.49
C MET R 115 -67.30 -40.85 72.92
N THR R 116 -66.81 -41.76 73.76
CA THR R 116 -65.92 -42.81 73.29
C THR R 116 -66.62 -43.74 72.31
N ARG R 117 -67.88 -44.07 72.60
CA ARG R 117 -68.67 -44.93 71.72
C ARG R 117 -68.88 -44.31 70.35
N ASN R 118 -69.18 -43.01 70.31
CA ASN R 118 -69.39 -42.33 69.03
C ASN R 118 -68.08 -42.08 68.30
N LEU R 119 -66.99 -41.85 69.02
CA LEU R 119 -65.70 -41.64 68.37
C LEU R 119 -65.21 -42.93 67.74
N TYR R 120 -65.36 -44.06 68.44
CA TYR R 120 -65.00 -45.35 67.90
C TYR R 120 -66.22 -46.27 67.98
N PRO R 121 -67.07 -46.28 66.95
CA PRO R 121 -68.14 -47.28 66.89
C PRO R 121 -67.62 -48.70 66.77
N LEU R 122 -66.43 -48.88 66.21
CA LEU R 122 -65.89 -50.20 65.91
C LEU R 122 -65.23 -50.81 67.13
N ASN R 123 -65.14 -52.11 67.12
CA ASN R 123 -64.43 -52.90 68.12
C ASN R 123 -63.20 -53.56 67.50
N PRO R 124 -62.13 -53.69 68.27
CA PRO R 124 -60.89 -54.29 67.72
C PRO R 124 -61.05 -55.72 67.24
N GLU R 125 -61.93 -56.49 67.91
CA GLU R 125 -62.21 -57.85 67.47
C GLU R 125 -62.85 -57.87 66.09
N GLN R 126 -63.79 -56.95 65.85
CA GLN R 126 -64.36 -56.86 64.51
C GLN R 126 -63.42 -56.19 63.53
N VAL R 127 -62.44 -55.43 64.01
CA VAL R 127 -61.39 -54.91 63.13
C VAL R 127 -60.57 -56.05 62.55
N VAL R 128 -60.16 -56.98 63.42
CA VAL R 128 -59.43 -58.17 62.97
C VAL R 128 -60.33 -59.05 62.12
N LYS R 129 -61.62 -59.16 62.49
CA LYS R 129 -62.59 -59.93 61.72
C LYS R 129 -62.77 -59.37 60.31
N LEU R 130 -62.88 -58.05 60.20
CA LEU R 130 -63.04 -57.40 58.91
C LEU R 130 -61.79 -57.51 58.07
N LYS R 131 -60.61 -57.46 58.70
CA LYS R 131 -59.37 -57.67 57.97
C LYS R 131 -59.30 -59.08 57.39
N GLN R 132 -59.69 -60.09 58.18
CA GLN R 132 -59.67 -61.46 57.67
C GLN R 132 -60.75 -61.69 56.64
N ILE R 133 -61.89 -61.01 56.77
CA ILE R 133 -62.95 -61.05 55.76
C ILE R 133 -62.46 -60.46 54.45
N TYR R 134 -61.76 -59.34 54.52
CA TYR R 134 -61.18 -58.70 53.33
C TYR R 134 -60.14 -59.60 52.68
N GLU R 135 -59.33 -60.27 53.51
CA GLU R 135 -58.36 -61.23 53.00
C GLU R 135 -59.03 -62.40 52.30
N THR R 136 -60.10 -62.93 52.90
CA THR R 136 -60.82 -64.04 52.30
C THR R 136 -61.46 -63.65 50.98
N SER R 137 -62.03 -62.44 50.94
CA SER R 137 -62.66 -61.93 49.72
C SER R 137 -61.64 -61.73 48.62
N GLU R 138 -60.47 -61.16 48.95
CA GLU R 138 -59.47 -60.95 47.92
C GLU R 138 -58.78 -62.24 47.51
N TYR R 139 -58.76 -63.26 48.37
CA TYR R 139 -58.20 -64.53 47.93
C TYR R 139 -59.18 -65.27 47.04
N ALA R 140 -60.47 -65.13 47.30
CA ALA R 140 -61.47 -65.60 46.35
C ALA R 140 -61.38 -64.85 45.02
N LYS R 141 -61.07 -63.56 45.08
CA LYS R 141 -60.92 -62.78 43.86
C LYS R 141 -59.70 -63.22 43.05
N ALA R 142 -58.55 -63.36 43.72
CA ALA R 142 -57.32 -63.72 43.05
C ALA R 142 -57.21 -65.19 42.72
N ALA R 143 -58.09 -66.03 43.28
CA ALA R 143 -58.06 -67.44 42.96
C ALA R 143 -58.56 -67.68 41.55
N THR R 144 -57.97 -68.66 40.87
CA THR R 144 -58.35 -69.05 39.53
C THR R 144 -58.89 -70.48 39.55
N PRO R 145 -60.05 -70.73 38.94
CA PRO R 145 -60.63 -72.07 39.02
C PRO R 145 -60.05 -73.01 37.98
N GLY R 146 -60.61 -74.22 37.90
CA GLY R 146 -60.11 -75.20 36.97
C GLY R 146 -58.76 -75.75 37.42
N THR R 147 -57.91 -76.03 36.45
CA THR R 147 -56.55 -76.48 36.71
C THR R 147 -55.57 -75.51 36.07
N PRO R 148 -54.69 -74.87 36.84
CA PRO R 148 -53.58 -74.14 36.26
C PRO R 148 -52.66 -75.07 35.48
N PRO R 149 -52.16 -74.62 34.34
CA PRO R 149 -51.40 -75.53 33.47
C PRO R 149 -49.99 -75.77 33.99
N LYS R 150 -49.45 -76.92 33.60
CA LYS R 150 -48.11 -77.32 34.03
C LYS R 150 -47.06 -76.53 33.27
N PRO R 151 -46.17 -75.82 33.96
CA PRO R 151 -45.05 -75.18 33.26
C PRO R 151 -44.02 -76.21 32.82
N THR R 152 -43.44 -76.00 31.64
CA THR R 152 -42.50 -76.96 31.11
C THR R 152 -41.51 -76.30 30.17
N ALA R 153 -40.36 -76.95 30.02
CA ALA R 153 -39.30 -76.52 29.13
C ALA R 153 -38.97 -77.71 28.21
N THR R 154 -39.54 -77.70 27.02
CA THR R 154 -39.40 -78.81 26.08
C THR R 154 -38.54 -78.41 24.89
N SER R 155 -38.01 -79.43 24.22
CA SER R 155 -37.24 -79.24 23.00
C SER R 155 -37.67 -80.29 21.99
N GLN R 156 -37.85 -79.88 20.74
CA GLN R 156 -38.28 -80.83 19.72
C GLN R 156 -37.74 -80.37 18.36
N PHE R 157 -37.90 -81.24 17.37
CA PHE R 157 -37.33 -81.06 16.04
C PHE R 157 -38.41 -80.67 15.07
N VAL R 158 -38.16 -79.61 14.31
CA VAL R 158 -39.14 -79.09 13.35
C VAL R 158 -38.91 -79.75 12.01
N ASN R 159 -39.95 -80.39 11.48
CA ASN R 159 -39.90 -80.98 10.16
C ASN R 159 -40.27 -79.91 9.13
N LEU R 160 -39.39 -79.72 8.16
CA LEU R 160 -39.60 -78.72 7.10
C LEU R 160 -40.02 -79.37 5.79
N SER R 161 -40.50 -80.61 5.84
CA SER R 161 -40.98 -81.27 4.65
C SER R 161 -42.26 -80.61 4.13
N PRO R 162 -42.49 -80.63 2.81
CA PRO R 162 -43.70 -80.02 2.26
C PRO R 162 -45.01 -80.69 2.69
N GLY R 163 -44.98 -81.93 3.16
CA GLY R 163 -46.16 -82.57 3.69
C GLY R 163 -46.26 -82.61 5.20
N SER R 164 -45.30 -82.02 5.90
CA SER R 164 -45.21 -82.17 7.35
C SER R 164 -46.31 -81.38 8.06
N THR R 165 -46.57 -81.77 9.30
CA THR R 165 -47.55 -81.08 10.11
C THR R 165 -47.00 -79.74 10.58
N PRO R 166 -47.83 -78.71 10.69
CA PRO R 166 -47.36 -77.45 11.26
C PRO R 166 -47.18 -77.56 12.75
N PRO R 167 -46.15 -76.94 13.31
CA PRO R 167 -45.92 -77.03 14.76
C PRO R 167 -46.94 -76.22 15.56
N VAL R 168 -47.18 -76.70 16.79
CA VAL R 168 -48.25 -76.23 17.65
C VAL R 168 -47.64 -75.87 19.00
N ILE R 169 -48.02 -74.71 19.54
CA ILE R 169 -47.48 -74.22 20.81
C ILE R 169 -48.63 -74.00 21.78
N ARG R 170 -48.59 -74.70 22.91
CA ARG R 170 -49.54 -74.44 23.98
C ARG R 170 -49.19 -73.14 24.69
N LEU R 171 -50.22 -72.37 25.05
CA LEU R 171 -50.01 -71.08 25.67
C LEU R 171 -50.98 -70.88 26.83
N SER R 172 -50.64 -69.91 27.67
CA SER R 172 -51.50 -69.47 28.76
C SER R 172 -51.58 -67.95 28.74
N GLN R 173 -52.79 -67.42 28.89
CA GLN R 173 -52.98 -65.98 28.95
C GLN R 173 -52.39 -65.43 30.24
N GLY R 174 -51.72 -64.28 30.13
CA GLY R 174 -51.09 -63.70 31.28
C GLY R 174 -49.75 -64.29 31.64
N PHE R 175 -49.15 -65.10 30.77
CA PHE R 175 -47.84 -65.66 31.04
C PHE R 175 -46.95 -65.55 29.83
N VAL R 176 -45.68 -65.28 30.07
CA VAL R 176 -44.69 -65.08 29.02
C VAL R 176 -44.06 -66.42 28.68
N SER R 177 -44.04 -66.76 27.41
CA SER R 177 -43.41 -67.96 26.91
C SER R 177 -42.19 -67.60 26.07
N SER R 178 -41.18 -68.46 26.12
CA SER R 178 -39.92 -68.24 25.42
C SER R 178 -39.76 -69.28 24.32
N LEU R 179 -39.42 -68.80 23.12
CA LEU R 179 -39.21 -69.66 21.96
C LEU R 179 -37.78 -69.44 21.47
N VAL R 180 -36.99 -70.50 21.46
CA VAL R 180 -35.58 -70.44 21.07
C VAL R 180 -35.35 -71.45 19.95
N PHE R 181 -34.75 -70.98 18.86
CA PHE R 181 -34.57 -71.78 17.66
C PHE R 181 -33.11 -71.99 17.37
N LEU R 182 -32.71 -73.25 17.23
CA LEU R 182 -31.35 -73.63 16.90
C LEU R 182 -31.37 -74.47 15.63
N ASP R 183 -30.22 -74.53 14.97
CA ASP R 183 -30.11 -75.31 13.74
C ASP R 183 -29.91 -76.79 14.08
N SER R 184 -29.53 -77.57 13.07
CA SER R 184 -29.23 -78.98 13.30
C SER R 184 -27.98 -79.16 14.16
N THR R 185 -27.02 -78.25 14.04
CA THR R 185 -25.85 -78.29 14.90
C THR R 185 -26.08 -77.61 16.25
N GLY R 186 -27.27 -77.06 16.47
CA GLY R 186 -27.59 -76.43 17.73
C GLY R 186 -27.18 -74.98 17.85
N ALA R 187 -26.51 -74.44 16.85
CA ALA R 187 -26.15 -73.02 16.88
C ALA R 187 -27.41 -72.17 16.72
N PRO R 188 -27.48 -71.03 17.40
CA PRO R 188 -28.69 -70.19 17.30
C PRO R 188 -28.79 -69.53 15.94
N TRP R 189 -29.97 -69.61 15.35
CA TRP R 189 -30.22 -68.98 14.07
C TRP R 189 -30.94 -67.66 14.31
N PRO R 190 -30.32 -66.52 14.04
CA PRO R 190 -30.96 -65.23 14.32
C PRO R 190 -32.16 -64.98 13.43
N ILE R 191 -33.10 -64.22 13.96
CA ILE R 191 -34.39 -64.01 13.33
C ILE R 191 -34.28 -62.86 12.33
N ALA R 192 -34.47 -63.16 11.05
CA ALA R 192 -34.35 -62.13 10.02
C ALA R 192 -35.59 -61.25 9.99
N ALA R 193 -36.75 -61.83 9.69
CA ALA R 193 -37.97 -61.05 9.66
C ALA R 193 -39.11 -61.91 10.16
N TYR R 194 -40.19 -61.27 10.60
CA TYR R 194 -41.31 -62.07 11.07
C TYR R 194 -42.63 -61.36 10.85
N ASP R 195 -43.64 -62.15 10.53
CA ASP R 195 -45.00 -61.69 10.31
C ASP R 195 -45.85 -62.26 11.44
N LEU R 196 -46.55 -61.37 12.13
CA LEU R 196 -47.48 -61.74 13.19
C LEU R 196 -48.90 -61.44 12.74
N GLY R 197 -49.77 -62.45 12.83
CA GLY R 197 -51.18 -62.25 12.60
C GLY R 197 -51.91 -62.05 13.92
N ASP R 198 -52.93 -61.20 13.88
CA ASP R 198 -53.83 -60.85 14.97
C ASP R 198 -53.10 -60.40 16.25
N PRO R 199 -52.54 -59.19 16.27
CA PRO R 199 -51.77 -58.77 17.45
C PRO R 199 -52.61 -58.40 18.66
N SER R 200 -53.95 -58.41 18.56
CA SER R 200 -54.75 -58.18 19.76
C SER R 200 -54.71 -59.37 20.70
N SER R 201 -54.37 -60.55 20.20
CA SER R 201 -54.34 -61.74 21.02
C SER R 201 -52.95 -62.07 21.56
N PHE R 202 -51.89 -61.52 20.99
CA PHE R 202 -50.53 -61.92 21.34
C PHE R 202 -49.61 -60.71 21.40
N ASN R 203 -48.53 -60.86 22.16
CA ASN R 203 -47.54 -59.81 22.36
C ASN R 203 -46.18 -60.30 21.90
N ILE R 204 -45.39 -59.38 21.35
CA ILE R 204 -44.06 -59.69 20.84
C ILE R 204 -43.06 -58.72 21.45
N GLN R 205 -42.03 -59.25 22.10
CA GLN R 205 -40.87 -58.48 22.52
C GLN R 205 -39.65 -59.10 21.84
N TRP R 206 -38.86 -58.27 21.17
CA TRP R 206 -37.87 -58.79 20.23
C TRP R 206 -36.75 -57.78 20.05
N ASP R 207 -35.55 -58.28 19.79
CA ASP R 207 -34.38 -57.44 19.55
C ASP R 207 -33.80 -57.76 18.19
N LYS R 208 -33.02 -56.80 17.66
CA LYS R 208 -32.58 -56.84 16.27
C LYS R 208 -31.70 -58.05 15.97
N THR R 209 -30.89 -58.47 16.94
CA THR R 209 -30.06 -59.65 16.80
C THR R 209 -30.53 -60.80 17.68
N SER R 210 -31.79 -60.79 18.09
CA SER R 210 -32.31 -61.81 18.99
C SER R 210 -32.80 -63.01 18.20
N ASN R 211 -32.26 -64.18 18.50
CA ASN R 211 -32.80 -65.41 17.97
C ASN R 211 -33.90 -65.97 18.85
N THR R 212 -34.10 -65.39 20.04
CA THR R 212 -35.08 -65.86 20.99
C THR R 212 -36.23 -64.87 21.07
N LEU R 213 -37.45 -65.38 21.11
CA LEU R 213 -38.65 -64.56 21.08
C LEU R 213 -39.49 -64.80 22.33
N MET R 214 -40.04 -63.72 22.88
CA MET R 214 -40.91 -63.78 24.05
C MET R 214 -42.33 -63.42 23.63
N ILE R 215 -43.27 -64.31 23.93
CA ILE R 215 -44.65 -64.16 23.50
C ILE R 215 -45.56 -64.16 24.73
N GLN R 216 -46.40 -63.14 24.83
CA GLN R 216 -47.43 -63.08 25.86
C GLN R 216 -48.80 -63.20 25.20
N ALA R 217 -49.57 -64.20 25.64
CA ALA R 217 -50.92 -64.38 25.14
C ALA R 217 -51.83 -63.34 25.80
N THR R 218 -52.50 -62.54 24.97
CA THR R 218 -53.38 -61.49 25.46
C THR R 218 -54.84 -61.93 25.54
N LYS R 219 -55.36 -62.48 24.45
CA LYS R 219 -56.70 -63.04 24.48
C LYS R 219 -56.70 -64.36 25.26
N LEU R 220 -57.88 -64.77 25.71
CA LEU R 220 -58.00 -65.94 26.56
C LEU R 220 -57.90 -67.25 25.77
N TYR R 221 -58.83 -67.52 24.86
CA TYR R 221 -59.00 -68.86 24.32
C TYR R 221 -59.27 -68.85 22.82
N ASN R 222 -58.49 -68.09 22.06
CA ASN R 222 -58.53 -68.19 20.60
C ASN R 222 -57.12 -68.32 20.05
N TYR R 223 -56.98 -69.22 19.09
CA TYR R 223 -55.69 -69.60 18.53
C TYR R 223 -55.32 -68.71 17.36
N GLY R 224 -54.09 -68.89 16.88
CA GLY R 224 -53.60 -68.08 15.78
C GLY R 224 -52.38 -68.70 15.14
N ASN R 225 -51.88 -68.02 14.11
CA ASN R 225 -50.73 -68.45 13.35
C ASN R 225 -49.79 -67.29 13.13
N LEU R 226 -48.51 -67.60 12.93
CA LEU R 226 -47.52 -66.58 12.60
C LEU R 226 -46.42 -67.23 11.78
N ALA R 227 -45.61 -66.40 11.11
CA ALA R 227 -44.55 -66.92 10.27
C ALA R 227 -43.24 -66.20 10.57
N VAL R 228 -42.14 -66.94 10.50
CA VAL R 228 -40.81 -66.39 10.72
C VAL R 228 -39.95 -66.74 9.52
N ARG R 229 -39.28 -65.74 8.96
CA ARG R 229 -38.27 -65.94 7.94
C ARG R 229 -36.90 -65.73 8.57
N LEU R 230 -36.00 -66.68 8.34
CA LEU R 230 -34.62 -66.57 8.77
C LEU R 230 -33.73 -66.22 7.58
N ARG R 231 -32.46 -65.97 7.88
CA ARG R 231 -31.54 -65.45 6.87
C ARG R 231 -31.17 -66.53 5.85
N GLY R 232 -30.58 -67.62 6.33
CA GLY R 232 -30.22 -68.70 5.43
C GLY R 232 -31.41 -69.48 4.92
N LEU R 233 -32.48 -69.55 5.69
CA LEU R 233 -33.66 -70.30 5.30
C LEU R 233 -34.47 -69.46 4.33
N ASN R 234 -34.44 -69.85 3.04
CA ASN R 234 -35.16 -69.11 2.02
C ASN R 234 -36.67 -69.20 2.24
N THR R 235 -37.16 -70.40 2.50
CA THR R 235 -38.58 -70.54 2.80
C THR R 235 -38.82 -70.20 4.26
N PRO R 236 -39.69 -69.25 4.56
CA PRO R 236 -40.07 -69.01 5.96
C PRO R 236 -40.90 -70.16 6.49
N VAL R 237 -40.81 -70.35 7.80
CA VAL R 237 -41.50 -71.44 8.50
C VAL R 237 -42.57 -70.81 9.38
N MET R 238 -43.76 -71.39 9.37
CA MET R 238 -44.86 -70.83 10.12
C MET R 238 -45.32 -71.80 11.20
N LEU R 239 -45.78 -71.24 12.31
CA LEU R 239 -46.19 -72.00 13.48
C LEU R 239 -47.59 -71.54 13.91
N THR R 240 -48.25 -72.38 14.70
CA THR R 240 -49.55 -72.04 15.25
C THR R 240 -49.49 -72.10 16.77
N LEU R 241 -50.22 -71.18 17.40
CA LEU R 241 -50.25 -71.04 18.85
C LEU R 241 -51.68 -71.17 19.32
N ILE R 242 -51.91 -72.00 20.32
CA ILE R 242 -53.22 -72.23 20.89
C ILE R 242 -53.12 -71.92 22.39
N PRO R 243 -53.92 -70.99 22.91
CA PRO R 243 -53.86 -70.69 24.34
C PRO R 243 -54.74 -71.61 25.17
N GLY R 244 -54.41 -71.68 26.46
CA GLY R 244 -55.24 -72.35 27.43
C GLY R 244 -55.32 -73.86 27.35
N GLN R 245 -54.23 -74.54 27.68
CA GLN R 245 -54.20 -75.99 27.69
C GLN R 245 -53.89 -76.48 29.11
N LYS R 246 -53.74 -77.80 29.24
CA LYS R 246 -53.42 -78.39 30.54
C LYS R 246 -51.96 -78.20 30.91
N ALA R 247 -51.12 -77.77 29.98
CA ALA R 247 -49.72 -77.52 30.24
C ALA R 247 -49.30 -76.26 29.50
N VAL R 248 -48.61 -75.37 30.20
CA VAL R 248 -48.08 -74.15 29.59
C VAL R 248 -46.63 -74.39 29.22
N ASP R 249 -46.29 -74.18 27.96
CA ASP R 249 -44.92 -74.39 27.49
C ASP R 249 -44.12 -73.16 27.82
N TYR R 250 -43.42 -73.19 28.97
CA TYR R 250 -42.60 -72.06 29.37
C TYR R 250 -41.44 -71.85 28.42
N ARG R 251 -40.75 -72.92 28.05
CA ARG R 251 -39.65 -72.82 27.10
C ARG R 251 -39.86 -73.83 25.99
N VAL R 252 -39.68 -73.40 24.75
CA VAL R 252 -39.72 -74.31 23.60
C VAL R 252 -38.45 -74.10 22.80
N ASP R 253 -37.63 -75.14 22.71
CA ASP R 253 -36.45 -75.15 21.87
C ASP R 253 -36.77 -75.93 20.60
N LEU R 254 -36.39 -75.40 19.45
CA LEU R 254 -36.77 -75.98 18.18
C LEU R 254 -35.54 -76.22 17.32
N ARG R 255 -35.36 -77.46 16.90
CA ARG R 255 -34.32 -77.81 15.93
C ARG R 255 -34.71 -77.34 14.54
N VAL R 256 -33.70 -77.10 13.70
CA VAL R 256 -33.89 -76.68 12.32
C VAL R 256 -33.10 -77.64 11.43
N GLN R 257 -33.75 -78.14 10.37
CA GLN R 257 -33.10 -79.05 9.44
C GLN R 257 -31.91 -78.41 8.74
N GLY R 258 -31.99 -77.12 8.44
CA GLY R 258 -30.91 -76.44 7.76
C GLY R 258 -29.73 -76.19 8.67
N TYR R 259 -28.65 -75.70 8.06
CA TYR R 259 -27.42 -75.37 8.75
C TYR R 259 -27.30 -73.85 8.84
N GLY R 260 -27.20 -73.35 10.07
CA GLY R 260 -27.13 -71.93 10.30
C GLY R 260 -25.80 -71.35 9.88
N PRO R 261 -25.75 -70.02 9.72
CA PRO R 261 -24.48 -69.37 9.38
C PRO R 261 -23.45 -69.41 10.49
N ASN R 262 -23.88 -69.63 11.75
CA ASN R 262 -22.99 -69.73 12.88
C ASN R 262 -22.79 -71.17 13.33
N ALA R 263 -23.03 -72.14 12.44
CA ALA R 263 -22.97 -73.55 12.81
C ALA R 263 -21.54 -73.97 13.15
N LYS R 264 -21.42 -74.87 14.12
CA LYS R 264 -20.10 -75.25 14.62
C LYS R 264 -19.35 -76.13 13.64
N SER R 265 -20.05 -77.08 13.00
CA SER R 265 -19.37 -78.08 12.19
C SER R 265 -20.35 -78.68 11.20
N MET R 266 -19.93 -78.77 9.95
CA MET R 266 -20.59 -79.65 9.00
C MET R 266 -20.25 -81.09 9.35
N PRO R 267 -21.18 -82.03 9.14
CA PRO R 267 -20.88 -83.43 9.46
C PRO R 267 -19.88 -84.02 8.49
N THR R 268 -18.96 -84.80 9.05
CA THR R 268 -17.86 -85.36 8.27
C THR R 268 -18.34 -86.52 7.42
N GLU R 269 -17.95 -86.52 6.15
CA GLU R 269 -18.45 -87.48 5.18
C GLU R 269 -17.56 -88.70 5.09
N GLU R 270 -18.09 -89.75 4.47
CA GLU R 270 -17.36 -90.99 4.25
C GLU R 270 -17.97 -91.70 3.05
N GLY R 271 -17.16 -92.00 2.06
CA GLY R 271 -17.68 -92.60 0.85
C GLY R 271 -16.88 -93.76 0.31
N ILE R 272 -17.23 -94.21 -0.89
CA ILE R 272 -16.51 -95.30 -1.54
C ILE R 272 -15.17 -94.80 -2.03
N PRO R 273 -14.06 -95.46 -1.66
CA PRO R 273 -12.76 -95.06 -2.20
C PRO R 273 -12.70 -95.33 -3.69
N PRO R 274 -11.90 -94.56 -4.43
CA PRO R 274 -11.89 -94.66 -5.89
C PRO R 274 -11.29 -95.98 -6.37
N SER R 275 -11.55 -96.28 -7.65
CA SER R 275 -11.22 -97.60 -8.17
C SER R 275 -9.73 -97.75 -8.42
N ALA R 276 -9.20 -96.98 -9.36
CA ALA R 276 -7.81 -97.05 -9.81
C ALA R 276 -7.54 -95.82 -10.65
N ASN R 277 -6.39 -95.80 -11.33
CA ASN R 277 -6.09 -94.75 -12.29
C ASN R 277 -6.03 -95.33 -13.70
N ASP R 278 -6.66 -94.62 -14.63
CA ASP R 278 -6.81 -95.14 -15.99
C ASP R 278 -5.59 -94.91 -16.86
N LEU R 279 -4.59 -94.18 -16.37
CA LEU R 279 -3.38 -93.98 -17.14
C LEU R 279 -2.55 -95.26 -17.24
N LEU R 280 -2.74 -96.20 -16.31
CA LEU R 280 -1.96 -97.42 -16.29
C LEU R 280 -2.24 -98.30 -17.48
N LEU R 281 -3.43 -98.18 -18.07
CA LEU R 281 -3.74 -98.92 -19.28
C LEU R 281 -2.86 -98.46 -20.44
N HIS R 282 -2.70 -97.14 -20.58
CA HIS R 282 -1.77 -96.59 -21.55
C HIS R 282 -0.35 -96.99 -21.22
N VAL R 283 -0.02 -97.02 -19.92
CA VAL R 283 1.33 -97.37 -19.48
C VAL R 283 1.67 -98.80 -19.88
N LEU R 284 0.75 -99.74 -19.65
CA LEU R 284 1.02 -101.12 -19.99
C LEU R 284 0.95 -101.34 -21.50
N GLU R 285 0.18 -100.51 -22.20
CA GLU R 285 0.23 -100.58 -23.66
C GLU R 285 1.51 -99.99 -24.22
N GLY R 286 2.22 -99.17 -23.45
CA GLY R 286 3.49 -98.62 -23.87
C GLY R 286 3.43 -97.18 -24.31
N VAL R 287 2.24 -96.64 -24.53
CA VAL R 287 2.12 -95.22 -24.87
C VAL R 287 2.31 -94.40 -23.59
N PRO R 288 3.26 -93.46 -23.57
CA PRO R 288 3.45 -92.64 -22.38
C PRO R 288 2.26 -91.72 -22.19
N PRO R 289 1.92 -91.39 -20.94
CA PRO R 289 0.78 -90.50 -20.70
C PRO R 289 1.10 -89.09 -21.15
N PRO R 290 0.09 -88.32 -21.55
CA PRO R 290 0.35 -86.96 -22.04
C PRO R 290 0.84 -86.04 -20.94
N GLY R 291 1.76 -85.16 -21.32
CA GLY R 291 2.36 -84.24 -20.38
C GLY R 291 3.46 -84.83 -19.53
N SER R 292 3.78 -86.10 -19.70
CA SER R 292 4.82 -86.75 -18.92
C SER R 292 6.16 -86.62 -19.62
N ARG R 293 7.22 -86.89 -18.87
CA ARG R 293 8.55 -86.93 -19.43
C ARG R 293 9.24 -88.24 -19.04
N ARG R 294 10.16 -88.65 -19.90
CA ARG R 294 10.77 -89.96 -19.79
C ARG R 294 11.81 -89.99 -18.68
N LEU R 295 12.04 -91.18 -18.15
CA LEU R 295 13.06 -91.40 -17.14
C LEU R 295 14.05 -92.43 -17.66
N VAL R 296 15.33 -92.14 -17.54
CA VAL R 296 16.36 -93.05 -18.01
C VAL R 296 16.58 -94.11 -16.94
N VAL R 297 16.40 -95.37 -17.32
CA VAL R 297 16.55 -96.50 -16.42
C VAL R 297 17.67 -97.38 -16.95
N SER R 298 18.53 -97.85 -16.06
CA SER R 298 19.63 -98.69 -16.49
C SER R 298 19.86 -99.80 -15.48
N GLY R 299 19.85 -101.04 -15.96
CA GLY R 299 20.18 -102.17 -15.11
C GLY R 299 19.35 -103.43 -15.38
N GLY R 300 18.15 -103.27 -15.89
CA GLY R 300 17.26 -104.40 -16.13
C GLY R 300 16.48 -104.21 -17.40
N ASP R 301 15.17 -104.45 -17.32
CA ASP R 301 14.29 -104.30 -18.49
C ASP R 301 12.99 -103.65 -18.03
N ALA R 302 12.96 -102.32 -18.09
CA ALA R 302 11.77 -101.57 -17.68
C ALA R 302 11.81 -100.20 -18.32
N ARG R 303 10.64 -99.59 -18.44
CA ARG R 303 10.54 -98.21 -18.90
C ARG R 303 9.77 -97.40 -17.87
N ALA R 304 10.05 -96.09 -17.82
CA ALA R 304 9.52 -95.28 -16.74
C ALA R 304 9.24 -93.85 -17.20
N TRP R 305 8.17 -93.29 -16.66
CA TRP R 305 7.80 -91.92 -16.95
C TRP R 305 7.38 -91.21 -15.67
N LEU R 306 7.43 -89.88 -15.73
CA LEU R 306 7.05 -89.00 -14.64
C LEU R 306 6.06 -87.98 -15.16
N SER R 307 4.87 -87.94 -14.58
CA SER R 307 3.88 -86.93 -14.93
C SER R 307 3.46 -86.08 -13.73
N ASN R 308 3.00 -86.72 -12.66
CA ASN R 308 2.33 -86.01 -11.58
C ASN R 308 3.03 -86.34 -10.26
N GLU R 309 4.35 -86.20 -10.26
CA GLU R 309 5.21 -86.40 -9.09
C GLU R 309 5.13 -87.83 -8.58
N LYS R 310 4.82 -88.76 -9.48
CA LYS R 310 4.69 -90.18 -9.17
C LYS R 310 5.29 -90.97 -10.33
N MET R 311 6.06 -92.00 -9.98
CA MET R 311 6.68 -92.84 -10.99
C MET R 311 5.64 -93.74 -11.65
N TYR R 312 5.81 -93.95 -12.95
CA TYR R 312 5.04 -94.95 -13.68
C TYR R 312 6.02 -95.85 -14.40
N VAL R 313 6.02 -97.13 -14.08
CA VAL R 313 6.96 -98.05 -14.72
C VAL R 313 6.22 -99.20 -15.37
N ARG R 314 6.87 -99.80 -16.36
CA ARG R 314 6.38 -100.95 -17.08
C ARG R 314 7.51 -101.97 -17.18
N THR R 315 7.21 -103.21 -16.80
CA THR R 315 8.21 -104.28 -16.82
C THR R 315 7.52 -105.63 -16.85
N ASN R 316 8.31 -106.69 -16.71
CA ASN R 316 7.81 -108.04 -16.45
C ASN R 316 8.29 -108.55 -15.11
N LEU R 317 8.98 -107.71 -14.35
CA LEU R 317 9.65 -108.13 -13.13
C LEU R 317 8.70 -107.98 -11.95
N THR R 318 9.23 -108.07 -10.73
CA THR R 318 8.43 -107.88 -9.53
C THR R 318 9.15 -106.91 -8.61
N ILE R 319 8.42 -105.93 -8.12
CA ILE R 319 9.01 -104.82 -7.38
C ILE R 319 8.94 -105.12 -5.90
N LEU R 320 9.98 -104.74 -5.17
CA LEU R 320 10.03 -105.01 -3.73
C LEU R 320 10.11 -103.77 -2.86
N SER R 321 11.10 -102.89 -3.12
CA SER R 321 11.57 -102.00 -2.05
C SER R 321 10.59 -100.88 -1.67
N PRO R 322 10.25 -99.92 -2.55
CA PRO R 322 9.55 -98.74 -2.04
C PRO R 322 8.07 -98.93 -1.78
N GLY R 323 7.45 -99.97 -2.35
CA GLY R 323 6.03 -100.15 -2.16
C GLY R 323 5.27 -99.33 -3.17
N TRP R 324 4.40 -99.95 -3.94
CA TRP R 324 3.74 -99.24 -5.02
C TRP R 324 2.32 -98.86 -4.63
N LEU R 325 1.86 -97.75 -5.20
CA LEU R 325 0.53 -97.26 -4.88
C LEU R 325 -0.54 -98.11 -5.55
N ALA R 326 -0.36 -98.44 -6.83
CA ALA R 326 -1.28 -99.34 -7.50
C ALA R 326 -0.53 -100.09 -8.58
N SER R 327 -1.07 -101.24 -8.97
CA SER R 327 -0.44 -102.06 -9.99
C SER R 327 -1.49 -102.68 -10.88
N MET R 328 -1.08 -102.98 -12.11
CA MET R 328 -1.95 -103.60 -13.10
C MET R 328 -1.20 -104.69 -13.83
N THR R 329 -1.94 -105.71 -14.24
CA THR R 329 -1.41 -106.89 -14.88
C THR R 329 -2.07 -107.05 -16.25
N SER R 330 -1.25 -107.37 -17.25
CA SER R 330 -1.73 -107.47 -18.62
C SER R 330 -2.44 -108.80 -18.86
N ALA R 331 -2.85 -109.01 -20.12
CA ALA R 331 -3.38 -110.30 -20.51
C ALA R 331 -2.30 -111.36 -20.50
N ASP R 332 -1.09 -111.00 -20.96
CA ASP R 332 0.03 -111.93 -21.01
C ASP R 332 0.96 -111.79 -19.81
N GLY R 333 0.60 -110.99 -18.83
CA GLY R 333 1.35 -110.92 -17.60
C GLY R 333 2.32 -109.77 -17.48
N THR R 334 2.28 -108.80 -18.39
CA THR R 334 3.15 -107.63 -18.29
C THR R 334 2.65 -106.74 -17.16
N HIS R 335 3.56 -106.28 -16.32
CA HIS R 335 3.20 -105.56 -15.12
C HIS R 335 3.44 -104.06 -15.29
N ALA R 336 2.50 -103.27 -14.78
CA ALA R 336 2.61 -101.82 -14.77
C ALA R 336 2.39 -101.32 -13.36
N TYR R 337 3.20 -100.35 -12.95
CA TYR R 337 3.19 -99.89 -11.56
C TYR R 337 3.07 -98.37 -11.51
N GLU R 338 2.16 -97.90 -10.66
CA GLU R 338 2.10 -96.51 -10.26
C GLU R 338 2.58 -96.41 -8.81
N MET R 339 3.56 -95.54 -8.58
CA MET R 339 4.30 -95.57 -7.33
C MET R 339 4.70 -94.15 -6.94
N GLN R 340 4.95 -93.94 -5.65
CA GLN R 340 5.61 -92.73 -5.18
C GLN R 340 7.03 -92.63 -5.75
N LYS R 341 7.54 -91.41 -5.82
CA LYS R 341 8.83 -91.18 -6.47
C LYS R 341 9.98 -91.68 -5.63
N SER R 342 11.01 -92.21 -6.30
CA SER R 342 12.20 -92.81 -5.70
C SER R 342 13.24 -93.04 -6.78
N PRO R 343 14.53 -93.07 -6.44
CA PRO R 343 15.53 -93.28 -7.48
C PRO R 343 15.99 -94.72 -7.62
N VAL R 344 15.59 -95.60 -6.72
CA VAL R 344 16.15 -96.93 -6.63
C VAL R 344 15.05 -97.98 -6.56
N LEU R 345 15.28 -99.12 -7.20
CA LEU R 345 14.32 -100.21 -7.21
C LEU R 345 15.01 -101.52 -6.86
N LEU R 346 14.25 -102.41 -6.23
CA LEU R 346 14.73 -103.75 -5.90
C LEU R 346 13.80 -104.76 -6.52
N VAL R 347 14.36 -105.69 -7.29
CA VAL R 347 13.58 -106.64 -8.06
C VAL R 347 14.04 -108.06 -7.71
N SER R 348 13.14 -109.02 -7.97
CA SER R 348 13.47 -110.43 -7.91
C SER R 348 13.24 -111.04 -9.29
N TRP R 349 14.27 -111.65 -9.85
CA TRP R 349 14.22 -112.07 -11.24
C TRP R 349 13.80 -113.52 -11.37
N HIS R 350 14.59 -114.42 -10.83
CA HIS R 350 14.28 -115.84 -10.83
C HIS R 350 14.72 -116.45 -9.51
N GLY R 351 14.37 -115.79 -8.42
CA GLY R 351 14.90 -116.14 -7.12
C GLY R 351 16.18 -115.43 -6.77
N LYS R 352 16.75 -114.67 -7.69
CA LYS R 352 17.90 -113.83 -7.44
C LYS R 352 17.44 -112.38 -7.36
N VAL R 353 17.90 -111.67 -6.34
CA VAL R 353 17.52 -110.28 -6.14
C VAL R 353 18.51 -109.38 -6.86
N MET R 354 18.03 -108.20 -7.27
CA MET R 354 18.87 -107.27 -8.00
C MET R 354 18.39 -105.84 -7.76
N GLN R 355 19.27 -104.90 -8.03
CA GLN R 355 19.00 -103.49 -7.79
C GLN R 355 19.07 -102.70 -9.09
N LEU R 356 18.17 -101.74 -9.20
CA LEU R 356 17.99 -100.91 -10.39
C LEU R 356 18.09 -99.45 -9.99
N LYS R 357 18.73 -98.64 -10.82
CA LYS R 357 18.84 -97.23 -10.55
C LYS R 357 18.21 -96.43 -11.68
N VAL R 358 17.71 -95.24 -11.32
CA VAL R 358 17.06 -94.35 -12.27
C VAL R 358 17.75 -93.00 -12.20
N GLU R 359 18.29 -92.54 -13.32
CA GLU R 359 18.85 -91.21 -13.36
C GLU R 359 17.79 -90.21 -13.83
N GLY R 360 18.13 -88.93 -13.72
CA GLY R 360 17.29 -87.88 -14.24
C GLY R 360 16.00 -87.65 -13.49
N LEU R 361 15.97 -87.97 -12.20
CA LEU R 361 14.81 -87.63 -11.39
C LEU R 361 14.82 -86.14 -11.11
N VAL S 38 15.01 -79.78 -58.45
CA VAL S 38 15.16 -80.58 -59.67
C VAL S 38 16.38 -81.56 -59.63
N PRO S 39 17.53 -81.20 -59.05
CA PRO S 39 18.48 -82.25 -58.66
C PRO S 39 17.93 -83.20 -57.61
N LYS S 40 17.03 -82.70 -56.75
CA LYS S 40 16.33 -83.57 -55.82
C LYS S 40 15.37 -84.51 -56.54
N LEU S 41 14.78 -84.06 -57.62
CA LEU S 41 13.93 -84.91 -58.42
C LEU S 41 14.78 -85.86 -59.26
N PRO S 42 14.25 -87.05 -59.57
CA PRO S 42 14.96 -87.94 -60.50
C PRO S 42 15.00 -87.38 -61.91
N CYS S 43 16.08 -87.70 -62.62
CA CYS S 43 16.25 -87.24 -63.99
C CYS S 43 15.75 -88.27 -65.00
N ARG S 44 16.00 -89.55 -64.73
CA ARG S 44 15.54 -90.64 -65.57
C ARG S 44 15.10 -91.78 -64.67
N VAL S 45 14.70 -92.89 -65.29
CA VAL S 45 14.37 -94.08 -64.52
C VAL S 45 15.65 -94.67 -63.95
N ASP S 46 15.53 -95.40 -62.85
CA ASP S 46 16.68 -95.95 -62.15
C ASP S 46 17.31 -97.08 -62.96
N GLY S 47 18.61 -96.98 -63.18
CA GLY S 47 19.35 -97.96 -63.95
C GLY S 47 18.93 -98.04 -65.40
N ALA S 48 18.69 -96.90 -66.03
CA ALA S 48 18.14 -96.86 -67.38
C ALA S 48 19.16 -96.27 -68.34
N CYS S 49 19.41 -96.99 -69.44
CA CYS S 49 20.26 -96.50 -70.52
C CYS S 49 19.81 -97.20 -71.80
N ASP S 50 19.23 -96.42 -72.70
CA ASP S 50 18.71 -96.96 -73.94
C ASP S 50 19.82 -97.50 -74.83
N ALA S 51 21.03 -96.96 -74.70
CA ALA S 51 22.17 -97.52 -75.42
C ALA S 51 22.48 -98.93 -74.95
N THR S 52 22.40 -99.16 -73.63
CA THR S 52 22.57 -100.52 -73.11
C THR S 52 21.45 -101.43 -73.57
N ILE S 53 20.23 -100.88 -73.65
CA ILE S 53 19.09 -101.66 -74.15
C ILE S 53 19.31 -102.08 -75.59
N ILE S 54 19.78 -101.14 -76.42
CA ILE S 54 20.09 -101.40 -77.82
C ILE S 54 21.18 -102.46 -77.95
N LYS S 55 22.22 -102.34 -77.11
CA LYS S 55 23.35 -103.25 -77.17
C LYS S 55 22.94 -104.67 -76.82
N MET S 56 22.17 -104.83 -75.74
CA MET S 56 21.78 -106.18 -75.34
C MET S 56 20.73 -106.74 -76.28
N MET S 57 19.93 -105.87 -76.92
CA MET S 57 18.97 -106.36 -77.89
C MET S 57 19.66 -106.90 -79.13
N THR S 58 20.70 -106.19 -79.59
CA THR S 58 21.50 -106.67 -80.71
C THR S 58 22.22 -107.95 -80.38
N ASP S 59 22.72 -108.07 -79.15
CA ASP S 59 23.39 -109.29 -78.72
C ASP S 59 22.42 -110.47 -78.68
N LEU S 60 21.19 -110.24 -78.20
CA LEU S 60 20.22 -111.32 -78.12
C LEU S 60 19.77 -111.77 -79.50
N ASN S 61 19.59 -110.82 -80.42
CA ASN S 61 19.24 -111.22 -81.77
C ASN S 61 20.40 -111.88 -82.49
N LYS S 62 21.65 -111.56 -82.10
CA LYS S 62 22.78 -112.33 -82.60
C LYS S 62 22.80 -113.74 -82.03
N LYS S 63 22.36 -113.89 -80.78
CA LYS S 63 22.27 -115.23 -80.19
C LYS S 63 21.20 -116.05 -80.86
N GLY S 64 20.15 -115.41 -81.36
CA GLY S 64 19.11 -116.10 -82.09
C GLY S 64 17.77 -116.11 -81.39
N ILE S 65 17.72 -115.64 -80.14
CA ILE S 65 16.44 -115.43 -79.49
C ILE S 65 15.77 -114.24 -80.15
N LYS S 66 14.54 -114.44 -80.60
CA LYS S 66 13.89 -113.44 -81.43
C LYS S 66 13.28 -112.34 -80.57
N VAL S 67 13.59 -111.10 -80.90
CA VAL S 67 13.02 -109.93 -80.22
C VAL S 67 12.23 -109.14 -81.23
N ALA S 68 10.94 -108.96 -80.97
CA ALA S 68 10.04 -108.28 -81.87
C ALA S 68 9.46 -107.06 -81.19
N SER S 69 9.45 -105.94 -81.90
CA SER S 69 8.96 -104.67 -81.37
C SER S 69 7.92 -104.09 -82.32
N VAL S 70 6.70 -103.88 -81.82
CA VAL S 70 5.63 -103.24 -82.57
C VAL S 70 4.78 -102.45 -81.60
N GLY S 71 4.65 -101.15 -81.85
CA GLY S 71 3.87 -100.28 -80.99
C GLY S 71 4.48 -100.15 -79.61
N GLN S 72 3.77 -100.67 -78.61
CA GLN S 72 4.31 -100.76 -77.27
C GLN S 72 4.26 -102.19 -76.73
N ASN S 73 3.95 -103.16 -77.58
CA ASN S 73 3.91 -104.55 -77.18
C ASN S 73 5.09 -105.27 -77.80
N TYR S 74 5.90 -105.90 -76.96
CA TYR S 74 7.11 -106.57 -77.41
C TYR S 74 7.00 -108.07 -77.15
N LEU S 75 7.64 -108.82 -78.04
CA LEU S 75 7.63 -110.28 -78.05
C LEU S 75 9.05 -110.81 -77.96
N ILE S 76 9.22 -111.87 -77.18
CA ILE S 76 10.52 -112.53 -77.05
C ILE S 76 10.30 -114.02 -77.25
N SER S 77 10.93 -114.59 -78.27
CA SER S 77 10.75 -115.99 -78.64
C SER S 77 12.04 -116.76 -78.40
N ILE S 78 11.94 -117.85 -77.65
CA ILE S 78 13.09 -118.69 -77.32
C ILE S 78 12.76 -120.11 -77.74
N PRO S 79 13.60 -120.77 -78.52
CA PRO S 79 13.39 -122.19 -78.80
C PRO S 79 13.62 -123.02 -77.54
N ALA S 80 12.81 -124.06 -77.39
CA ALA S 80 12.83 -124.87 -76.18
C ALA S 80 14.09 -125.73 -76.07
N SER S 81 14.77 -125.96 -77.19
CA SER S 81 15.95 -126.81 -77.19
C SER S 81 17.14 -126.16 -76.48
N ALA S 82 17.15 -124.84 -76.35
CA ALA S 82 18.21 -124.19 -75.61
C ALA S 82 17.99 -124.21 -74.11
N LEU S 83 16.83 -124.65 -73.64
CA LEU S 83 16.53 -124.60 -72.22
C LEU S 83 16.23 -125.96 -71.61
N PHE S 84 15.36 -126.74 -72.23
CA PHE S 84 14.92 -127.99 -71.64
C PHE S 84 15.57 -129.17 -72.35
N ALA S 85 15.54 -130.33 -71.70
CA ALA S 85 16.03 -131.55 -72.30
C ALA S 85 14.92 -132.18 -73.14
N ASP S 86 15.12 -133.44 -73.54
CA ASP S 86 14.21 -134.11 -74.47
C ASP S 86 12.90 -134.43 -73.77
N GLN S 87 11.82 -133.79 -74.23
CA GLN S 87 10.47 -133.93 -73.68
C GLN S 87 10.43 -133.63 -72.18
N SER S 88 11.19 -132.63 -71.77
CA SER S 88 11.51 -132.55 -70.36
C SER S 88 10.89 -131.34 -69.69
N PRO S 89 10.32 -131.51 -68.50
CA PRO S 89 10.07 -130.38 -67.59
C PRO S 89 11.24 -130.11 -66.66
N ARG S 90 12.44 -130.02 -67.24
CA ARG S 90 13.64 -129.80 -66.44
C ARG S 90 14.69 -129.11 -67.29
N LEU S 91 15.47 -128.23 -66.67
CA LEU S 91 16.46 -127.44 -67.37
C LEU S 91 17.86 -127.87 -67.02
N ASN S 92 18.77 -127.66 -67.96
CA ASN S 92 20.19 -127.76 -67.68
C ASN S 92 20.65 -126.55 -66.90
N TRP S 93 21.86 -126.66 -66.32
CA TRP S 93 22.35 -125.61 -65.45
C TRP S 93 22.75 -124.37 -66.24
N ALA S 94 23.11 -124.54 -67.52
CA ALA S 94 23.59 -123.42 -68.32
C ALA S 94 22.47 -122.44 -68.68
N SER S 95 21.21 -122.85 -68.54
CA SER S 95 20.09 -121.98 -68.89
C SER S 95 19.93 -120.81 -67.92
N TYR S 96 20.49 -120.92 -66.71
CA TYR S 96 20.27 -119.89 -65.70
C TYR S 96 20.97 -118.59 -66.06
N SER S 97 22.12 -118.65 -66.73
CA SER S 97 22.79 -117.44 -67.17
C SER S 97 21.97 -116.71 -68.24
N LEU S 98 21.38 -117.47 -69.15
CA LEU S 98 20.50 -116.90 -70.17
C LEU S 98 19.29 -116.24 -69.54
N LEU S 99 18.67 -116.91 -68.58
CA LEU S 99 17.51 -116.32 -67.91
C LEU S 99 17.92 -115.15 -67.02
N ASN S 100 19.15 -115.16 -66.51
CA ASN S 100 19.65 -114.04 -65.72
C ASN S 100 19.79 -112.79 -66.58
N GLU S 101 20.34 -112.94 -67.79
CA GLU S 101 20.44 -111.78 -68.68
C GLU S 101 19.06 -111.37 -69.20
N ILE S 102 18.15 -112.33 -69.34
CA ILE S 102 16.75 -112.03 -69.67
C ILE S 102 16.15 -111.13 -68.61
N ALA S 103 16.35 -111.47 -67.33
CA ALA S 103 15.83 -110.63 -66.25
C ALA S 103 16.52 -109.28 -66.20
N ALA S 104 17.81 -109.24 -66.55
CA ALA S 104 18.54 -107.98 -66.61
C ALA S 104 17.94 -107.04 -67.65
N PHE S 105 17.56 -107.59 -68.80
CA PHE S 105 16.83 -106.79 -69.77
C PHE S 105 15.43 -106.46 -69.28
N LEU S 106 14.81 -107.39 -68.56
CA LEU S 106 13.42 -107.25 -68.16
C LEU S 106 13.23 -106.23 -67.06
N LYS S 107 14.31 -105.83 -66.39
CA LYS S 107 14.19 -104.72 -65.43
C LYS S 107 13.88 -103.39 -66.08
N GLN S 108 14.13 -103.26 -67.38
CA GLN S 108 14.24 -101.96 -68.03
C GLN S 108 12.91 -101.41 -68.52
N PHE S 109 11.78 -101.86 -67.97
CA PHE S 109 10.51 -101.37 -68.44
C PHE S 109 9.50 -101.27 -67.30
N ARG S 110 8.78 -100.15 -67.26
CA ARG S 110 7.63 -100.00 -66.38
C ARG S 110 6.42 -100.61 -67.08
N LYS S 111 6.01 -101.79 -66.62
CA LYS S 111 4.91 -102.51 -67.25
C LYS S 111 3.94 -102.99 -66.18
N ILE S 112 2.96 -103.81 -66.55
CA ILE S 112 2.03 -104.34 -65.55
C ILE S 112 1.95 -105.86 -65.61
N ALA S 113 1.70 -106.40 -66.79
CA ALA S 113 1.40 -107.81 -66.97
C ALA S 113 2.40 -108.45 -67.91
N ILE S 114 2.84 -109.66 -67.56
CA ILE S 114 3.70 -110.45 -68.42
C ILE S 114 2.97 -111.74 -68.74
N THR S 115 2.80 -112.02 -70.03
CA THR S 115 2.17 -113.26 -70.44
C THR S 115 3.22 -114.18 -71.03
N VAL S 116 3.20 -115.45 -70.62
CA VAL S 116 4.17 -116.44 -71.08
C VAL S 116 3.42 -117.65 -71.59
N THR S 117 3.60 -117.96 -72.87
CA THR S 117 2.97 -119.11 -73.49
C THR S 117 4.04 -120.13 -73.84
N SER S 118 3.72 -121.40 -73.59
CA SER S 118 4.62 -122.49 -73.94
C SER S 118 3.96 -123.36 -75.01
N TYR S 119 4.68 -123.59 -76.10
CA TYR S 119 4.20 -124.42 -77.20
C TYR S 119 5.18 -125.56 -77.42
N SER S 120 4.65 -126.74 -77.76
CA SER S 120 5.50 -127.91 -77.91
C SER S 120 5.29 -128.58 -79.25
N SER S 121 5.88 -129.77 -79.41
CA SER S 121 5.67 -130.60 -80.59
C SER S 121 4.70 -131.72 -80.25
N LYS S 122 4.01 -132.20 -81.29
CA LYS S 122 3.04 -133.28 -81.12
C LYS S 122 3.77 -134.58 -80.81
N TYR S 123 3.64 -135.07 -79.59
CA TYR S 123 4.44 -136.20 -79.13
C TYR S 123 3.61 -137.43 -78.79
N VAL S 124 2.64 -137.33 -77.88
CA VAL S 124 1.92 -138.53 -77.46
C VAL S 124 0.42 -138.31 -77.57
N SER S 125 -0.08 -137.23 -76.97
CA SER S 125 -1.52 -137.05 -76.81
C SER S 125 -1.80 -135.55 -76.87
N VAL S 126 -2.95 -135.16 -76.34
CA VAL S 126 -3.14 -133.77 -76.01
C VAL S 126 -2.75 -133.50 -74.56
N LYS S 127 -2.95 -134.50 -73.70
CA LYS S 127 -2.77 -134.34 -72.25
C LYS S 127 -1.31 -134.10 -71.91
N ARG S 128 -0.42 -134.89 -72.50
CA ARG S 128 1.00 -134.79 -72.19
C ARG S 128 1.56 -133.45 -72.64
N GLU S 129 1.18 -133.00 -73.82
CA GLU S 129 1.68 -131.73 -74.35
C GLU S 129 1.16 -130.56 -73.52
N ARG S 130 -0.13 -130.57 -73.18
CA ARG S 130 -0.69 -129.49 -72.37
C ARG S 130 -0.04 -129.43 -70.99
N ALA S 131 0.14 -130.59 -70.37
CA ALA S 131 0.75 -130.64 -69.05
C ALA S 131 2.21 -130.20 -69.07
N LEU S 132 2.96 -130.65 -70.09
CA LEU S 132 4.37 -130.31 -70.17
C LEU S 132 4.57 -128.82 -70.42
N THR S 133 3.77 -128.25 -71.33
CA THR S 133 3.85 -126.82 -71.59
C THR S 133 3.47 -126.01 -70.35
N LEU S 134 2.45 -126.45 -69.62
CA LEU S 134 2.05 -125.76 -68.40
C LEU S 134 3.14 -125.82 -67.33
N ALA S 135 3.81 -126.97 -67.23
CA ALA S 135 4.89 -127.10 -66.25
C ALA S 135 6.08 -126.22 -66.60
N ARG S 136 6.43 -126.15 -67.88
CA ARG S 136 7.54 -125.31 -68.31
C ARG S 136 7.26 -123.84 -68.05
N SER S 137 6.02 -123.42 -68.36
CA SER S 137 5.63 -122.04 -68.10
C SER S 137 5.62 -121.72 -66.62
N ARG S 138 5.19 -122.68 -65.79
CA ARG S 138 5.19 -122.47 -64.35
C ARG S 138 6.60 -122.32 -63.80
N VAL S 139 7.53 -123.13 -64.30
CA VAL S 139 8.91 -123.07 -63.80
C VAL S 139 9.57 -121.75 -64.17
N VAL S 140 9.39 -121.32 -65.43
CA VAL S 140 10.01 -120.07 -65.83
C VAL S 140 9.33 -118.87 -65.16
N SER S 141 8.04 -118.99 -64.84
CA SER S 141 7.35 -117.92 -64.13
C SER S 141 7.84 -117.80 -62.70
N GLU S 142 8.07 -118.94 -62.03
CA GLU S 142 8.52 -118.89 -60.65
C GLU S 142 9.94 -118.35 -60.55
N TYR S 143 10.82 -118.73 -61.48
CA TYR S 143 12.15 -118.14 -61.46
C TYR S 143 12.11 -116.66 -61.82
N LEU S 144 11.19 -116.27 -62.71
CA LEU S 144 11.09 -114.86 -63.07
C LEU S 144 10.63 -114.01 -61.89
N TRP S 145 9.63 -114.50 -61.14
CA TRP S 145 9.21 -113.78 -59.96
C TRP S 145 10.29 -113.79 -58.89
N SER S 146 11.09 -114.86 -58.83
CA SER S 146 12.22 -114.90 -57.91
C SER S 146 13.22 -113.82 -58.23
N GLN S 147 13.46 -113.58 -59.52
CA GLN S 147 14.21 -112.40 -59.88
C GLN S 147 13.38 -111.15 -59.65
N GLY S 148 14.05 -110.03 -59.41
CA GLY S 148 13.35 -108.84 -58.96
C GLY S 148 12.77 -107.98 -60.06
N VAL S 149 11.96 -108.54 -60.94
CA VAL S 149 11.32 -107.74 -61.97
C VAL S 149 10.15 -106.99 -61.36
N ASP S 150 10.16 -105.66 -61.52
CA ASP S 150 9.13 -104.82 -60.93
C ASP S 150 7.85 -104.98 -61.74
N SER S 151 7.10 -106.02 -61.42
CA SER S 151 5.88 -106.36 -62.14
C SER S 151 4.68 -106.29 -61.23
N ARG S 152 3.51 -106.45 -61.84
CA ARG S 152 2.27 -106.58 -61.10
C ARG S 152 1.66 -107.97 -61.25
N ILE S 153 1.65 -108.52 -62.46
CA ILE S 153 0.97 -109.79 -62.70
C ILE S 153 1.73 -110.63 -63.71
N ILE S 154 1.77 -111.93 -63.45
CA ILE S 154 2.29 -112.92 -64.38
C ILE S 154 1.15 -113.85 -64.75
N PHE S 155 0.90 -113.95 -66.04
CA PHE S 155 -0.08 -114.88 -66.60
C PHE S 155 0.69 -115.90 -67.43
N THR S 156 0.52 -117.17 -67.10
CA THR S 156 1.23 -118.26 -67.76
C THR S 156 0.22 -119.25 -68.32
N GLN S 157 0.49 -119.72 -69.54
CA GLN S 157 -0.34 -120.77 -70.13
C GLN S 157 0.49 -121.55 -71.15
N GLY S 158 0.00 -122.73 -71.46
CA GLY S 158 0.63 -123.57 -72.46
C GLY S 158 -0.42 -124.19 -73.36
N LEU S 159 -0.04 -124.39 -74.62
CA LEU S 159 -0.98 -124.89 -75.60
C LEU S 159 -0.52 -126.15 -76.31
N GLY S 160 0.69 -126.62 -76.05
CA GLY S 160 1.16 -127.82 -76.73
C GLY S 160 1.46 -127.58 -78.19
N SER S 161 0.65 -128.16 -79.07
CA SER S 161 0.90 -128.05 -80.49
C SER S 161 -0.37 -127.67 -81.25
N ASP S 162 -1.25 -126.90 -80.63
CA ASP S 162 -2.50 -126.53 -81.30
C ASP S 162 -2.26 -125.48 -82.37
N LYS S 163 -1.44 -124.48 -82.08
CA LYS S 163 -1.11 -123.43 -83.05
C LYS S 163 0.40 -123.39 -83.26
N PRO S 164 0.89 -124.02 -84.31
CA PRO S 164 2.30 -123.87 -84.67
C PRO S 164 2.47 -122.62 -85.52
N ILE S 165 3.70 -122.39 -85.95
CA ILE S 165 3.99 -121.25 -86.81
C ILE S 165 4.81 -121.71 -88.01
N THR S 166 4.98 -123.02 -88.15
CA THR S 166 5.72 -123.57 -89.27
C THR S 166 5.11 -124.90 -89.69
N SER S 167 4.78 -125.01 -90.98
CA SER S 167 4.25 -126.25 -91.51
C SER S 167 5.30 -127.36 -91.56
N TYR S 168 6.57 -126.99 -91.62
CA TYR S 168 7.66 -127.98 -91.63
C TYR S 168 7.84 -128.53 -90.21
N THR S 169 7.25 -129.69 -89.94
CA THR S 169 7.18 -130.24 -88.60
C THR S 169 7.94 -131.56 -88.50
N LEU S 170 9.14 -131.62 -89.08
CA LEU S 170 9.87 -132.87 -89.08
C LEU S 170 10.54 -133.16 -87.73
N GLY S 171 11.09 -132.14 -87.09
CA GLY S 171 11.87 -132.35 -85.88
C GLY S 171 11.02 -132.69 -84.68
N GLY S 172 11.70 -133.06 -83.60
CA GLY S 172 11.02 -133.36 -82.35
C GLY S 172 11.02 -132.17 -81.44
N ASP S 173 11.85 -132.19 -80.40
CA ASP S 173 12.11 -131.00 -79.60
C ASP S 173 13.03 -130.01 -80.31
N ARG S 174 13.64 -130.42 -81.42
CA ARG S 174 14.40 -129.53 -82.28
C ARG S 174 13.53 -128.66 -83.17
N SER S 175 12.22 -128.88 -83.15
CA SER S 175 11.31 -128.11 -83.99
C SER S 175 11.26 -126.66 -83.54
N PRO S 176 11.21 -125.71 -84.49
CA PRO S 176 11.25 -124.31 -84.09
C PRO S 176 9.95 -123.84 -83.45
N ASN S 177 8.81 -124.42 -83.82
CA ASN S 177 7.55 -123.95 -83.25
C ASN S 177 7.41 -124.37 -81.79
N ALA S 178 8.05 -125.46 -81.39
CA ALA S 178 8.16 -125.79 -79.98
C ALA S 178 9.07 -124.77 -79.32
N ARG S 179 8.48 -123.88 -78.53
CA ARG S 179 9.18 -122.69 -78.08
C ARG S 179 8.46 -122.12 -76.87
N VAL S 180 9.03 -121.07 -76.32
CA VAL S 180 8.42 -120.29 -75.26
C VAL S 180 8.37 -118.83 -75.72
N GLU S 181 7.19 -118.23 -75.63
CA GLU S 181 6.97 -116.87 -76.05
C GLU S 181 6.61 -116.01 -74.85
N ILE S 182 7.28 -114.87 -74.73
CA ILE S 182 7.06 -113.93 -73.64
C ILE S 182 6.55 -112.64 -74.27
N THR S 183 5.33 -112.27 -73.94
CA THR S 183 4.69 -111.09 -74.49
C THR S 183 4.42 -110.09 -73.38
N PHE S 184 4.62 -108.81 -73.67
CA PHE S 184 4.22 -107.78 -72.72
C PHE S 184 3.94 -106.49 -73.45
N ARG S 185 3.27 -105.58 -72.75
CA ARG S 185 2.93 -104.25 -73.25
C ARG S 185 3.68 -103.21 -72.42
N ARG S 186 4.45 -102.37 -73.09
CA ARG S 186 5.14 -101.29 -72.41
C ARG S 186 4.15 -100.22 -71.99
N ALA S 187 4.23 -99.80 -70.75
CA ALA S 187 3.23 -98.89 -70.16
C ALA S 187 3.91 -97.56 -69.82
N VAL S 188 3.72 -96.58 -70.69
CA VAL S 188 4.13 -95.18 -70.50
C VAL S 188 5.61 -95.02 -70.21
N CYS T 42 33.17 -134.86 -66.45
CA CYS T 42 33.74 -134.68 -65.12
C CYS T 42 32.65 -134.67 -64.05
N PHE T 43 32.16 -133.48 -63.73
CA PHE T 43 31.13 -133.31 -62.71
C PHE T 43 30.07 -132.35 -63.23
N HIS T 44 28.83 -132.57 -62.80
CA HIS T 44 27.79 -131.63 -63.16
C HIS T 44 27.17 -131.01 -61.91
N PRO T 45 26.95 -129.70 -61.91
CA PRO T 45 26.38 -129.00 -60.75
C PRO T 45 25.00 -129.51 -60.32
N PRO T 46 24.09 -129.97 -61.24
CA PRO T 46 22.87 -130.54 -60.61
C PRO T 46 23.06 -131.96 -60.10
N TYR T 47 23.83 -132.07 -59.01
CA TYR T 47 24.08 -133.30 -58.24
C TYR T 47 24.80 -134.38 -59.06
N ASN T 48 25.38 -133.99 -60.21
CA ASN T 48 25.97 -134.90 -61.19
C ASN T 48 25.01 -136.00 -61.62
N ASN T 49 23.72 -135.65 -61.68
CA ASN T 49 22.61 -136.54 -62.05
C ASN T 49 22.59 -137.82 -61.20
N PHE T 50 22.95 -137.66 -59.92
CA PHE T 50 23.04 -138.75 -58.94
C PHE T 50 23.98 -139.87 -59.38
N GLN T 51 25.02 -139.52 -60.07
CA GLN T 51 25.95 -140.57 -60.41
C GLN T 51 26.91 -140.82 -59.25
N PRO T 52 27.40 -142.06 -59.11
CA PRO T 52 28.55 -142.29 -58.22
C PRO T 52 29.78 -141.62 -58.79
N ASP T 53 30.34 -140.68 -58.04
CA ASP T 53 31.37 -139.80 -58.59
C ASP T 53 32.71 -140.52 -58.71
N ARG T 54 33.50 -140.06 -59.67
CA ARG T 54 34.88 -140.49 -59.88
C ARG T 54 35.71 -139.22 -59.65
N ARG T 55 36.06 -138.97 -58.40
CA ARG T 55 36.69 -137.70 -58.03
C ARG T 55 38.19 -137.83 -57.85
N ALA T 56 38.64 -138.85 -57.11
CA ALA T 56 40.07 -138.99 -56.82
C ALA T 56 40.86 -139.36 -58.06
N VAL T 57 40.28 -140.14 -58.98
CA VAL T 57 40.96 -140.48 -60.21
C VAL T 57 41.10 -139.26 -61.11
N LYS T 58 40.08 -138.39 -61.12
CA LYS T 58 40.19 -137.12 -61.83
C LYS T 58 41.25 -136.22 -61.20
N ARG T 59 41.33 -136.26 -59.87
CA ARG T 59 42.36 -135.50 -59.15
C ARG T 59 43.76 -135.97 -59.52
N VAL T 60 43.98 -137.28 -59.54
CA VAL T 60 45.32 -137.76 -59.85
C VAL T 60 45.62 -137.62 -61.35
N GLY T 61 44.58 -137.63 -62.19
CA GLY T 61 44.79 -137.37 -63.60
C GLY T 61 45.23 -135.94 -63.87
N VAL T 62 44.59 -134.97 -63.23
CA VAL T 62 45.05 -133.60 -63.39
C VAL T 62 46.32 -133.33 -62.60
N ASP T 63 46.65 -134.18 -61.62
CA ASP T 63 47.94 -134.06 -60.96
C ASP T 63 49.07 -134.53 -61.87
N THR T 64 48.85 -135.63 -62.60
CA THR T 64 49.81 -136.06 -63.60
C THR T 64 49.88 -135.08 -64.75
N GLY T 65 48.77 -134.41 -65.07
CA GLY T 65 48.78 -133.34 -66.03
C GLY T 65 49.14 -132.01 -65.40
N GLY T 88 53.47 -137.25 -61.46
CA GLY T 88 52.88 -136.77 -60.23
C GLY T 88 51.94 -137.77 -59.60
N GLY T 89 52.17 -139.05 -59.92
CA GLY T 89 51.28 -140.10 -59.45
C GLY T 89 51.31 -140.30 -57.94
N THR T 90 52.51 -140.27 -57.35
CA THR T 90 52.64 -140.50 -55.91
C THR T 90 52.07 -139.35 -55.10
N VAL T 91 52.37 -138.11 -55.50
CA VAL T 91 51.85 -136.95 -54.77
C VAL T 91 50.35 -136.84 -54.96
N GLY T 92 49.84 -137.19 -56.15
CA GLY T 92 48.41 -137.23 -56.36
C GLY T 92 47.73 -138.30 -55.52
N LEU T 93 48.37 -139.47 -55.38
CA LEU T 93 47.79 -140.55 -54.59
C LEU T 93 47.77 -140.21 -53.11
N VAL T 94 48.84 -139.61 -52.58
CA VAL T 94 48.84 -139.28 -51.16
C VAL T 94 47.90 -138.11 -50.89
N ALA T 95 47.73 -137.18 -51.85
CA ALA T 95 46.74 -136.14 -51.70
C ALA T 95 45.32 -136.71 -51.73
N SER T 96 45.10 -137.73 -52.56
CA SER T 96 43.80 -138.39 -52.62
C SER T 96 43.47 -139.10 -51.32
N ILE T 97 44.45 -139.84 -50.77
CA ILE T 97 44.17 -140.56 -49.53
C ILE T 97 44.13 -139.61 -48.33
N TYR T 98 44.72 -138.43 -48.44
CA TYR T 98 44.55 -137.44 -47.38
C TYR T 98 43.19 -136.77 -47.45
N ARG T 99 42.73 -136.42 -48.66
CA ARG T 99 41.53 -135.63 -48.80
C ARG T 99 40.26 -136.46 -48.93
N ASP T 100 40.37 -137.78 -49.03
CA ASP T 100 39.19 -138.62 -48.97
C ASP T 100 38.88 -139.10 -47.56
N SER T 101 39.74 -138.77 -46.59
CA SER T 101 39.58 -139.23 -45.22
C SER T 101 38.38 -138.56 -44.56
N LYS T 102 37.90 -139.19 -43.49
CA LYS T 102 36.66 -138.73 -42.84
C LYS T 102 36.84 -137.39 -42.17
N ARG T 103 38.01 -137.15 -41.58
CA ARG T 103 38.24 -135.95 -40.77
C ARG T 103 38.19 -134.68 -41.61
N LYS T 104 38.74 -134.73 -42.83
CA LYS T 104 38.66 -133.58 -43.72
C LYS T 104 37.24 -133.30 -44.17
N ILE T 105 36.43 -134.35 -44.34
CA ILE T 105 35.04 -134.16 -44.72
C ILE T 105 34.25 -133.54 -43.58
N ILE T 106 34.55 -133.95 -42.34
CA ILE T 106 33.91 -133.34 -41.18
C ILE T 106 34.32 -131.89 -41.04
N ARG T 107 35.60 -131.59 -41.32
CA ARG T 107 36.05 -130.21 -41.29
C ARG T 107 35.41 -129.37 -42.40
N ASP T 108 35.12 -129.99 -43.55
CA ASP T 108 34.38 -129.29 -44.60
C ASP T 108 32.94 -129.02 -44.17
N LEU T 109 32.33 -129.99 -43.49
CA LEU T 109 30.98 -129.77 -42.97
C LEU T 109 30.97 -128.71 -41.89
N GLN T 110 32.08 -128.56 -41.17
CA GLN T 110 32.21 -127.48 -40.20
C GLN T 110 32.46 -126.16 -40.90
N LYS T 111 33.12 -126.18 -42.07
CA LYS T 111 33.26 -124.97 -42.87
C LYS T 111 31.91 -124.51 -43.38
N GLN T 112 31.05 -125.46 -43.75
CA GLN T 112 29.66 -125.13 -43.99
C GLN T 112 28.92 -125.01 -42.67
N ASP T 113 27.66 -124.62 -42.74
CA ASP T 113 26.91 -124.29 -41.53
C ASP T 113 26.15 -125.48 -40.99
N ILE T 114 26.82 -126.62 -40.82
CA ILE T 114 26.17 -127.86 -40.41
C ILE T 114 26.83 -128.35 -39.12
N GLN T 115 26.02 -128.72 -38.14
CA GLN T 115 26.52 -129.17 -36.85
C GLN T 115 26.58 -130.68 -36.82
N TYR T 116 27.70 -131.24 -36.36
CA TYR T 116 27.91 -132.68 -36.30
C TYR T 116 28.29 -133.08 -34.89
N VAL T 117 27.55 -134.01 -34.30
CA VAL T 117 27.81 -134.42 -32.92
C VAL T 117 27.94 -135.94 -32.89
N GLU T 118 29.06 -136.42 -32.39
CA GLU T 118 29.27 -137.84 -32.15
C GLU T 118 29.44 -138.06 -30.66
N TYR T 119 28.65 -138.98 -30.11
CA TYR T 119 28.65 -139.24 -28.69
C TYR T 119 28.13 -140.65 -28.46
N GLY T 120 28.69 -141.33 -27.46
CA GLY T 120 28.34 -142.70 -27.18
C GLY T 120 28.75 -143.58 -28.34
N ASP T 121 27.75 -144.08 -29.07
CA ASP T 121 28.00 -144.84 -30.28
C ASP T 121 27.22 -144.21 -31.42
N THR T 122 26.09 -143.60 -31.08
CA THR T 122 25.21 -143.03 -32.08
C THR T 122 25.76 -141.70 -32.60
N ARG T 123 25.19 -141.23 -33.71
CA ARG T 123 25.67 -140.01 -34.33
C ARG T 123 24.50 -139.16 -34.79
N THR T 124 24.70 -137.83 -34.74
CA THR T 124 23.66 -136.86 -35.02
C THR T 124 24.18 -135.73 -35.91
N LEU T 125 23.32 -135.29 -36.81
CA LEU T 125 23.58 -134.19 -37.72
C LEU T 125 22.48 -133.14 -37.59
N ILE T 126 22.87 -131.87 -37.62
CA ILE T 126 21.94 -130.77 -37.40
C ILE T 126 22.07 -129.78 -38.56
N ILE T 127 20.96 -129.49 -39.22
CA ILE T 127 20.90 -128.68 -40.43
C ILE T 127 20.01 -127.47 -40.19
N PRO T 128 20.42 -126.27 -40.62
CA PRO T 128 19.55 -125.09 -40.49
C PRO T 128 18.62 -124.91 -41.68
N THR T 129 17.33 -124.76 -41.36
CA THR T 129 16.27 -124.85 -42.37
C THR T 129 16.31 -123.66 -43.32
N ASP T 130 16.47 -122.45 -42.80
CA ASP T 130 16.48 -121.26 -43.63
C ASP T 130 17.70 -121.22 -44.54
N LYS T 131 18.83 -121.73 -44.07
CA LYS T 131 20.02 -121.73 -44.89
C LYS T 131 19.93 -122.81 -45.98
N TYR T 132 19.34 -123.95 -45.67
CA TYR T 132 19.35 -125.08 -46.60
C TYR T 132 17.96 -125.41 -47.14
N PHE T 133 17.09 -124.40 -47.23
CA PHE T 133 15.78 -124.60 -47.83
C PHE T 133 15.36 -123.31 -48.54
N MET T 134 14.42 -123.47 -49.45
CA MET T 134 13.62 -122.33 -49.87
C MET T 134 12.77 -121.87 -48.70
N PHE T 135 12.44 -120.59 -48.68
CA PHE T 135 11.68 -120.04 -47.56
C PHE T 135 10.23 -120.51 -47.63
N SER T 136 9.74 -121.00 -46.47
CA SER T 136 8.33 -121.30 -46.24
C SER T 136 7.77 -122.33 -47.23
N SER T 137 8.60 -123.29 -47.61
CA SER T 137 8.20 -124.27 -48.60
C SER T 137 9.02 -125.53 -48.38
N PRO T 138 8.50 -126.69 -48.78
CA PRO T 138 9.32 -127.90 -48.82
C PRO T 138 10.25 -127.99 -50.03
N ARG T 139 10.39 -126.93 -50.83
CA ARG T 139 11.42 -126.90 -51.84
C ARG T 139 12.79 -126.73 -51.19
N LEU T 140 13.82 -127.01 -51.97
CA LEU T 140 15.19 -127.02 -51.48
C LEU T 140 15.97 -125.84 -52.00
N ASN T 141 17.00 -125.45 -51.25
CA ASN T 141 18.00 -124.54 -51.78
C ASN T 141 18.88 -125.28 -52.78
N GLU T 142 19.22 -124.60 -53.88
CA GLU T 142 20.05 -125.21 -54.90
C GLU T 142 21.48 -124.69 -54.89
N ILE T 143 21.89 -124.01 -53.83
CA ILE T 143 23.24 -123.48 -53.78
C ILE T 143 24.15 -124.36 -52.94
N CYS T 144 23.64 -124.91 -51.84
CA CYS T 144 24.45 -125.66 -50.91
C CYS T 144 24.65 -127.12 -51.31
N TYR T 145 24.53 -127.43 -52.59
CA TYR T 145 24.86 -128.75 -53.08
C TYR T 145 26.27 -129.27 -52.78
N PRO T 146 27.33 -128.44 -52.60
CA PRO T 146 28.53 -129.02 -51.98
C PRO T 146 28.27 -129.59 -50.59
N GLY T 147 27.45 -128.91 -49.81
CA GLY T 147 27.06 -129.45 -48.52
C GLY T 147 26.25 -130.72 -48.64
N LEU T 148 25.33 -130.77 -49.60
CA LEU T 148 24.51 -131.96 -49.78
C LEU T 148 25.33 -133.17 -50.24
N ASN T 149 26.23 -132.95 -51.20
CA ASN T 149 27.05 -134.05 -51.69
C ASN T 149 28.05 -134.51 -50.64
N ASN T 150 28.57 -133.57 -49.85
CA ASN T 150 29.44 -133.97 -48.74
C ASN T 150 28.67 -134.74 -47.68
N VAL T 151 27.40 -134.38 -47.46
CA VAL T 151 26.56 -135.09 -46.50
C VAL T 151 26.34 -136.52 -46.96
N ILE T 152 26.03 -136.71 -48.24
CA ILE T 152 25.79 -138.05 -48.75
C ILE T 152 27.07 -138.86 -48.75
N ARG T 153 28.19 -138.25 -49.14
CA ARG T 153 29.48 -138.94 -49.16
C ARG T 153 29.91 -139.35 -47.76
N LEU T 154 29.67 -138.49 -46.77
CA LEU T 154 30.10 -138.82 -45.42
C LEU T 154 29.18 -139.84 -44.78
N LEU T 155 27.88 -139.75 -45.01
CA LEU T 155 27.00 -140.73 -44.39
C LEU T 155 26.96 -142.04 -45.15
N ASN T 156 27.58 -142.11 -46.33
CA ASN T 156 27.68 -143.37 -47.05
C ASN T 156 28.64 -144.37 -46.39
N PHE T 157 29.41 -143.96 -45.38
CA PHE T 157 30.37 -144.86 -44.75
C PHE T 157 29.72 -145.97 -43.95
N TYR T 158 28.50 -145.78 -43.46
CA TYR T 158 27.85 -146.76 -42.58
C TYR T 158 26.58 -147.22 -43.29
N PRO T 159 26.66 -148.26 -44.12
CA PRO T 159 25.50 -148.64 -44.93
C PRO T 159 24.53 -149.60 -44.25
N GLN T 160 24.58 -149.73 -42.93
CA GLN T 160 23.77 -150.73 -42.26
C GLN T 160 22.80 -150.18 -41.24
N SER T 161 23.10 -149.05 -40.61
CA SER T 161 22.31 -148.58 -39.48
C SER T 161 20.99 -147.97 -39.95
N THR T 162 19.96 -148.18 -39.13
CA THR T 162 18.67 -147.54 -39.38
C THR T 162 18.78 -146.05 -39.14
N ILE T 163 17.96 -145.28 -39.85
CA ILE T 163 18.07 -143.82 -39.84
C ILE T 163 16.77 -143.24 -39.32
N TYR T 164 16.88 -142.34 -38.34
CA TYR T 164 15.75 -141.52 -37.92
C TYR T 164 16.01 -140.09 -38.35
N VAL T 165 14.95 -139.39 -38.75
CA VAL T 165 15.07 -137.97 -39.02
C VAL T 165 13.86 -137.25 -38.45
N ALA T 166 14.07 -135.98 -38.06
CA ALA T 166 13.02 -135.18 -37.45
C ALA T 166 13.18 -133.73 -37.86
N GLY T 167 12.09 -133.00 -37.76
CA GLY T 167 12.06 -131.60 -38.12
C GLY T 167 11.45 -130.75 -37.02
N PHE T 168 12.01 -129.54 -36.85
CA PHE T 168 11.59 -128.66 -35.77
C PHE T 168 11.54 -127.22 -36.26
N THR T 169 10.72 -126.41 -35.61
CA THR T 169 10.44 -125.05 -36.05
C THR T 169 10.33 -124.15 -34.83
N ASP T 170 9.78 -122.96 -35.02
CA ASP T 170 9.58 -121.98 -33.96
C ASP T 170 8.08 -121.86 -33.62
N ASN T 171 7.77 -120.93 -32.73
CA ASN T 171 6.46 -120.88 -32.08
C ASN T 171 5.45 -120.00 -32.79
N VAL T 172 5.80 -119.33 -33.87
CA VAL T 172 4.90 -118.38 -34.50
C VAL T 172 3.89 -119.14 -35.35
N GLY T 173 2.61 -118.90 -35.11
CA GLY T 173 1.56 -119.37 -36.01
C GLY T 173 0.72 -120.48 -35.42
N SER T 174 -0.12 -121.05 -36.28
CA SER T 174 -1.00 -122.14 -35.89
C SER T 174 -0.22 -123.44 -35.70
N ARG T 175 -0.68 -124.22 -34.72
CA ARG T 175 -0.03 -125.50 -34.40
C ARG T 175 -0.15 -126.48 -35.56
N SER T 176 -1.31 -126.50 -36.21
CA SER T 176 -1.52 -127.34 -37.38
C SER T 176 -0.57 -126.97 -38.51
N HIS T 177 -0.37 -125.66 -38.71
CA HIS T 177 0.58 -125.19 -39.72
C HIS T 177 2.00 -125.61 -39.38
N LYS T 178 2.35 -125.55 -38.08
CA LYS T 178 3.68 -125.97 -37.65
C LYS T 178 3.94 -127.43 -37.98
N ARG T 179 3.01 -128.30 -37.60
CA ARG T 179 3.25 -129.73 -37.82
C ARG T 179 3.16 -130.08 -39.31
N LYS T 180 2.33 -129.37 -40.08
CA LYS T 180 2.28 -129.60 -41.52
C LYS T 180 3.59 -129.24 -42.20
N LEU T 181 4.16 -128.08 -41.86
CA LEU T 181 5.41 -127.66 -42.47
C LEU T 181 6.55 -128.59 -42.08
N SER T 182 6.56 -129.01 -40.81
CA SER T 182 7.58 -129.96 -40.35
C SER T 182 7.49 -131.28 -41.09
N GLN T 183 6.26 -131.77 -41.29
CA GLN T 183 6.05 -133.02 -42.02
C GLN T 183 6.53 -132.92 -43.46
N ALA T 184 6.22 -131.80 -44.12
CA ALA T 184 6.61 -131.63 -45.51
C ALA T 184 8.13 -131.58 -45.66
N GLN T 185 8.78 -130.81 -44.79
CA GLN T 185 10.24 -130.68 -44.88
C GLN T 185 10.94 -131.99 -44.58
N ALA T 186 10.46 -132.72 -43.57
CA ALA T 186 11.07 -134.00 -43.21
C ALA T 186 10.90 -135.03 -44.32
N GLU T 187 9.72 -135.08 -44.94
CA GLU T 187 9.51 -136.04 -46.01
C GLU T 187 10.32 -135.71 -47.24
N THR T 188 10.50 -134.42 -47.55
CA THR T 188 11.36 -134.05 -48.67
C THR T 188 12.82 -134.42 -48.41
N MET T 189 13.29 -134.23 -47.17
CA MET T 189 14.66 -134.61 -46.84
C MET T 189 14.86 -136.12 -46.96
N MET T 190 13.89 -136.89 -46.46
CA MET T 190 13.95 -138.35 -46.57
C MET T 190 13.94 -138.79 -48.03
N THR T 191 13.14 -138.12 -48.86
CA THR T 191 13.10 -138.42 -50.29
C THR T 191 14.44 -138.13 -50.94
N PHE T 192 15.08 -137.02 -50.57
CA PHE T 192 16.37 -136.66 -51.16
C PHE T 192 17.43 -137.70 -50.83
N LEU T 193 17.49 -138.14 -49.58
CA LEU T 193 18.51 -139.14 -49.26
C LEU T 193 18.13 -140.51 -49.82
N TRP T 194 16.84 -140.77 -50.02
CA TRP T 194 16.43 -142.00 -50.68
C TRP T 194 16.85 -142.01 -52.14
N ALA T 195 16.94 -140.83 -52.74
CA ALA T 195 17.42 -140.71 -54.11
C ALA T 195 18.89 -141.03 -54.25
N ASN T 196 19.64 -141.14 -53.16
CA ASN T 196 21.05 -141.46 -53.23
C ASN T 196 21.34 -142.94 -53.03
N GLY T 197 20.31 -143.77 -52.91
CA GLY T 197 20.49 -145.20 -52.96
C GLY T 197 20.31 -145.96 -51.66
N ILE T 198 19.63 -145.41 -50.69
CA ILE T 198 19.39 -146.12 -49.44
C ILE T 198 18.06 -146.85 -49.55
N ALA T 199 17.95 -147.97 -48.84
CA ALA T 199 16.75 -148.79 -48.90
C ALA T 199 15.58 -148.09 -48.21
N ALA T 200 14.38 -148.47 -48.63
CA ALA T 200 13.18 -147.84 -48.08
C ALA T 200 12.91 -148.26 -46.65
N LYS T 201 13.22 -149.51 -46.30
CA LYS T 201 12.94 -150.01 -44.97
C LYS T 201 13.94 -149.51 -43.92
N ARG T 202 14.99 -148.81 -44.34
CA ARG T 202 15.99 -148.31 -43.40
C ARG T 202 15.63 -146.93 -42.84
N LEU T 203 14.46 -146.40 -43.17
CA LEU T 203 14.19 -144.99 -42.98
C LEU T 203 12.93 -144.75 -42.15
N LYS T 204 12.94 -143.63 -41.42
CA LYS T 204 11.77 -143.16 -40.69
C LYS T 204 11.93 -141.67 -40.44
N ALA T 205 10.95 -140.90 -40.89
CA ALA T 205 10.96 -139.44 -40.78
C ALA T 205 9.81 -138.98 -39.89
N GLU T 206 10.04 -137.84 -39.23
CA GLU T 206 9.09 -137.34 -38.26
C GLU T 206 9.25 -135.84 -38.13
N GLY T 207 8.14 -135.12 -38.20
CA GLY T 207 8.19 -133.68 -37.99
C GLY T 207 7.47 -133.25 -36.73
N TYR T 208 8.22 -132.81 -35.72
CA TYR T 208 7.59 -132.29 -34.53
C TYR T 208 7.41 -130.78 -34.67
N GLY T 209 6.72 -130.20 -33.69
CA GLY T 209 6.53 -128.77 -33.67
C GLY T 209 7.61 -128.10 -32.85
N ASP T 210 7.23 -127.61 -31.68
CA ASP T 210 8.14 -126.97 -30.74
C ASP T 210 8.09 -127.68 -29.41
N LYS T 211 8.09 -129.01 -29.45
CA LYS T 211 7.88 -129.80 -28.24
C LYS T 211 9.09 -129.73 -27.32
N ASN T 212 10.29 -129.83 -27.87
CA ASN T 212 11.51 -129.74 -27.07
C ASN T 212 12.47 -128.89 -27.87
N ALA T 213 12.46 -127.59 -27.60
CA ALA T 213 13.29 -126.64 -28.31
C ALA T 213 14.63 -126.51 -27.60
N ILE T 214 15.71 -126.48 -28.39
CA ILE T 214 17.02 -126.20 -27.83
C ILE T 214 17.20 -124.72 -27.50
N SER T 215 16.32 -123.86 -27.99
CA SER T 215 16.48 -122.43 -27.77
C SER T 215 15.13 -121.80 -27.45
N ASP T 216 15.19 -120.73 -26.65
CA ASP T 216 13.99 -120.04 -26.23
C ASP T 216 13.51 -119.11 -27.34
N ASN T 217 12.20 -119.05 -27.51
CA ASN T 217 11.60 -118.27 -28.58
C ASN T 217 11.27 -116.85 -28.16
N ALA T 218 11.74 -116.41 -27.01
CA ALA T 218 11.68 -115.01 -26.63
C ALA T 218 12.91 -114.24 -27.09
N ILE T 219 13.87 -114.91 -27.74
CA ILE T 219 15.09 -114.28 -28.22
C ILE T 219 15.13 -114.44 -29.74
N ILE T 220 15.59 -113.40 -30.43
CA ILE T 220 15.66 -113.43 -31.89
C ILE T 220 16.66 -114.47 -32.36
N HIS T 221 17.85 -114.48 -31.76
CA HIS T 221 18.85 -115.46 -32.17
C HIS T 221 18.46 -116.86 -31.73
N GLY T 222 17.73 -116.99 -30.63
CA GLY T 222 17.20 -118.29 -30.25
C GLY T 222 16.17 -118.81 -31.24
N SER T 223 15.30 -117.93 -31.72
CA SER T 223 14.33 -118.33 -32.74
C SER T 223 15.02 -118.62 -34.06
N ALA T 224 16.16 -117.98 -34.32
CA ALA T 224 16.96 -118.38 -35.47
C ALA T 224 17.58 -119.75 -35.26
N GLN T 225 17.94 -120.06 -34.01
CA GLN T 225 18.55 -121.35 -33.71
C GLN T 225 17.54 -122.49 -33.78
N ASN T 226 16.27 -122.19 -33.54
CA ASN T 226 15.31 -123.24 -33.23
C ASN T 226 14.96 -124.09 -34.45
N ARG T 227 14.70 -123.46 -35.60
CA ARG T 227 14.18 -124.16 -36.77
C ARG T 227 15.26 -125.06 -37.36
N ARG T 228 15.14 -126.36 -37.16
CA ARG T 228 16.25 -127.26 -37.40
C ARG T 228 15.80 -128.57 -38.02
N ILE T 229 16.77 -129.26 -38.62
CA ILE T 229 16.60 -130.61 -39.14
C ILE T 229 17.56 -131.51 -38.39
N GLU T 230 17.04 -132.60 -37.85
CA GLU T 230 17.80 -133.51 -37.00
C GLU T 230 17.91 -134.87 -37.68
N ILE T 231 19.13 -135.38 -37.79
CA ILE T 231 19.40 -136.71 -38.32
C ILE T 231 20.06 -137.52 -37.23
N GLN T 232 19.49 -138.67 -36.91
CA GLN T 232 20.05 -139.56 -35.90
C GLN T 232 20.27 -140.95 -36.49
N TRP T 233 21.35 -141.60 -36.10
CA TRP T 233 21.45 -143.02 -36.36
C TRP T 233 22.25 -143.75 -35.29
N PHE T 234 21.82 -144.99 -35.01
CA PHE T 234 22.50 -145.93 -34.14
C PHE T 234 23.66 -146.57 -34.89
N THR T 235 24.20 -147.67 -34.35
CA THR T 235 25.23 -148.42 -35.03
C THR T 235 24.75 -149.83 -35.39
N SER T 236 24.31 -150.60 -34.40
CA SER T 236 23.91 -151.98 -34.64
C SER T 236 22.40 -152.12 -34.66
N LEU U 113 -7.42 -181.34 -54.88
CA LEU U 113 -7.93 -180.50 -53.81
C LEU U 113 -6.80 -179.80 -53.06
N ASN U 114 -5.58 -180.32 -53.21
CA ASN U 114 -4.42 -179.77 -52.53
C ASN U 114 -3.34 -179.28 -53.48
N ARG U 115 -3.03 -180.03 -54.53
CA ARG U 115 -2.05 -179.62 -55.53
C ARG U 115 -2.63 -179.91 -56.91
N PHE U 116 -2.61 -178.90 -57.77
CA PHE U 116 -3.09 -179.07 -59.15
C PHE U 116 -1.96 -178.67 -60.09
N ARG U 117 -1.28 -179.66 -60.64
CA ARG U 117 -0.20 -179.44 -61.61
C ARG U 117 -0.73 -179.85 -62.98
N TYR U 118 -1.21 -178.87 -63.74
CA TYR U 118 -1.82 -179.13 -65.04
C TYR U 118 -0.88 -178.71 -66.16
N GLU U 119 -0.67 -179.62 -67.11
CA GLU U 119 0.16 -179.37 -68.27
C GLU U 119 -0.50 -180.02 -69.50
N GLY U 120 -0.19 -179.48 -70.67
CA GLY U 120 -0.50 -180.16 -71.90
C GLY U 120 -1.79 -179.84 -72.62
N ALA U 121 -2.02 -178.55 -72.90
CA ALA U 121 -3.02 -178.07 -73.86
C ALA U 121 -4.44 -178.50 -73.49
N GLY U 122 -4.88 -178.03 -72.36
CA GLY U 122 -6.17 -178.43 -71.81
C GLY U 122 -7.02 -177.26 -71.40
N VAL U 123 -8.33 -177.40 -71.62
CA VAL U 123 -9.32 -176.42 -71.21
C VAL U 123 -10.07 -176.99 -70.01
N VAL U 124 -9.90 -176.36 -68.85
CA VAL U 124 -10.52 -176.82 -67.61
C VAL U 124 -11.53 -175.77 -67.16
N THR U 125 -12.78 -176.18 -67.06
CA THR U 125 -13.87 -175.31 -66.61
C THR U 125 -14.42 -175.86 -65.31
N GLY U 126 -14.44 -175.03 -64.27
CA GLY U 126 -14.86 -175.48 -62.97
C GLY U 126 -15.50 -174.35 -62.18
N ASN U 127 -16.44 -174.71 -61.34
CA ASN U 127 -17.15 -173.74 -60.53
C ASN U 127 -17.59 -174.40 -59.24
N ASN U 128 -17.89 -173.54 -58.24
CA ASN U 128 -18.40 -173.93 -56.92
C ASN U 128 -17.44 -174.87 -56.19
N LEU U 129 -16.18 -174.46 -56.11
CA LEU U 129 -15.17 -175.21 -55.38
C LEU U 129 -14.80 -174.45 -54.12
N ARG U 130 -14.92 -175.12 -52.98
CA ARG U 130 -14.59 -174.53 -51.68
C ARG U 130 -13.33 -175.20 -51.16
N THR U 131 -12.37 -174.40 -50.70
CA THR U 131 -11.12 -174.93 -50.21
C THR U 131 -10.55 -174.00 -49.15
N SER U 132 -9.63 -174.56 -48.35
CA SER U 132 -8.85 -173.75 -47.43
C SER U 132 -7.61 -173.19 -48.13
N TYR U 133 -6.76 -174.08 -48.63
CA TYR U 133 -5.60 -173.69 -49.41
C TYR U 133 -5.23 -174.82 -50.35
N LEU U 134 -4.90 -174.47 -51.58
CA LEU U 134 -4.31 -175.39 -52.53
C LEU U 134 -3.25 -174.66 -53.33
N ASP U 135 -2.33 -175.43 -53.91
CA ASP U 135 -1.27 -174.90 -54.73
C ASP U 135 -1.52 -175.24 -56.19
N LEU U 136 -1.14 -174.32 -57.07
CA LEU U 136 -1.43 -174.40 -58.49
C LEU U 136 -0.14 -174.27 -59.28
N TYR U 137 0.07 -175.19 -60.22
CA TYR U 137 1.22 -175.15 -61.13
C TYR U 137 0.68 -175.42 -62.52
N LEU U 138 0.66 -174.39 -63.34
CA LEU U 138 0.02 -174.44 -64.64
C LEU U 138 1.05 -174.23 -65.74
N ALA U 139 0.93 -175.02 -66.81
CA ALA U 139 1.84 -174.92 -67.93
C ALA U 139 1.17 -175.44 -69.18
N ASN U 140 1.73 -175.04 -70.33
CA ASN U 140 1.44 -175.59 -71.65
C ASN U 140 -0.03 -175.47 -72.03
N GLU U 141 -0.50 -174.22 -72.13
CA GLU U 141 -1.84 -173.84 -72.59
C GLU U 141 -2.92 -174.47 -71.70
N GLY U 142 -2.94 -174.03 -70.46
CA GLY U 142 -4.05 -174.35 -69.60
C GLY U 142 -5.10 -173.25 -69.66
N THR U 143 -6.11 -173.43 -70.51
CA THR U 143 -7.20 -172.47 -70.61
C THR U 143 -8.15 -172.77 -69.47
N THR U 144 -8.09 -171.97 -68.40
CA THR U 144 -8.77 -172.29 -67.17
C THR U 144 -9.83 -171.25 -66.86
N ARG U 145 -11.06 -171.73 -66.64
CA ARG U 145 -12.15 -170.92 -66.11
C ARG U 145 -12.54 -171.49 -64.76
N LEU U 146 -12.51 -170.65 -63.73
CA LEU U 146 -12.86 -171.07 -62.39
C LEU U 146 -13.82 -170.06 -61.78
N ALA U 147 -14.82 -170.57 -61.07
CA ALA U 147 -15.84 -169.72 -60.46
C ALA U 147 -16.18 -170.23 -59.05
N GLY U 148 -15.16 -170.54 -58.26
CA GLY U 148 -15.37 -171.00 -56.91
C GLY U 148 -14.60 -170.15 -55.92
N ASN U 149 -15.13 -170.11 -54.69
CA ASN U 149 -14.49 -169.37 -53.60
C ASN U 149 -13.25 -170.13 -53.16
N ILE U 150 -12.10 -169.73 -53.69
CA ILE U 150 -10.88 -170.52 -53.64
C ILE U 150 -9.78 -169.67 -53.02
N GLY U 151 -9.11 -170.22 -52.01
CA GLY U 151 -7.97 -169.57 -51.36
C GLY U 151 -6.68 -170.27 -51.73
N LEU U 152 -5.62 -169.48 -51.93
CA LEU U 152 -4.33 -170.02 -52.33
C LEU U 152 -3.22 -169.06 -51.93
N GLN U 153 -2.05 -169.63 -51.66
CA GLN U 153 -0.88 -168.86 -51.26
C GLN U 153 0.25 -168.92 -52.28
N LYS U 154 0.35 -169.99 -53.05
CA LYS U 154 1.42 -170.15 -54.01
C LYS U 154 0.87 -170.52 -55.37
N LEU U 155 1.52 -170.01 -56.41
CA LEU U 155 1.12 -170.33 -57.78
C LEU U 155 2.34 -170.21 -58.67
N GLU U 156 2.40 -171.09 -59.68
CA GLU U 156 3.46 -171.07 -60.68
C GLU U 156 2.83 -171.35 -62.04
N ALA U 157 2.47 -170.29 -62.75
CA ALA U 157 2.05 -170.39 -64.14
C ALA U 157 3.25 -170.08 -65.01
N VAL U 158 3.55 -170.95 -65.97
CA VAL U 158 4.78 -170.82 -66.74
C VAL U 158 4.65 -169.70 -67.76
N GLY U 159 3.75 -169.85 -68.72
CA GLY U 159 3.58 -168.84 -69.75
C GLY U 159 2.67 -169.26 -70.87
N ASN U 160 2.19 -168.27 -71.65
CA ASN U 160 1.29 -168.46 -72.79
C ASN U 160 0.01 -169.19 -72.40
N GLY U 161 -0.52 -168.85 -71.23
CA GLY U 161 -1.73 -169.46 -70.73
C GLY U 161 -2.77 -168.41 -70.37
N VAL U 162 -4.02 -168.84 -70.39
CA VAL U 162 -5.16 -167.96 -70.16
C VAL U 162 -5.96 -168.47 -68.97
N THR U 163 -6.22 -167.59 -68.01
CA THR U 163 -6.85 -167.97 -66.76
C THR U 163 -7.85 -166.89 -66.35
N GLN U 164 -9.10 -167.29 -66.13
CA GLN U 164 -10.13 -166.42 -65.61
C GLN U 164 -10.74 -167.08 -64.38
N ILE U 165 -10.45 -166.54 -63.21
CA ILE U 165 -11.00 -167.04 -61.95
C ILE U 165 -11.79 -165.91 -61.32
N ASN U 166 -13.08 -166.13 -61.14
CA ASN U 166 -13.97 -165.12 -60.58
C ASN U 166 -14.14 -165.43 -59.09
N GLY U 167 -13.40 -164.71 -58.26
CA GLY U 167 -13.51 -164.87 -56.82
C GLY U 167 -12.39 -165.69 -56.21
N VAL U 168 -11.41 -165.01 -55.62
CA VAL U 168 -10.32 -165.65 -54.91
C VAL U 168 -10.25 -165.02 -53.52
N SER U 169 -10.34 -165.86 -52.49
CA SER U 169 -10.38 -165.36 -51.11
C SER U 169 -9.22 -165.99 -50.33
N SER U 170 -8.09 -165.29 -50.31
CA SER U 170 -6.96 -165.72 -49.49
C SER U 170 -6.30 -164.51 -48.87
N ARG U 171 -5.99 -164.58 -47.59
CA ARG U 171 -5.37 -163.48 -46.88
C ARG U 171 -3.84 -163.52 -46.96
N ASN U 172 -3.28 -164.47 -47.71
CA ASN U 172 -1.85 -164.46 -48.00
C ASN U 172 -1.63 -165.13 -49.34
N LEU U 173 -0.63 -164.65 -50.08
CA LEU U 173 -0.38 -165.11 -51.43
C LEU U 173 1.03 -164.74 -51.84
N GLN U 174 1.69 -165.66 -52.55
CA GLN U 174 2.93 -165.35 -53.25
C GLN U 174 2.87 -165.95 -54.64
N ILE U 175 3.17 -165.15 -55.66
CA ILE U 175 3.13 -165.60 -57.04
C ILE U 175 4.24 -164.90 -57.81
N VAL U 176 5.03 -165.68 -58.54
CA VAL U 176 6.11 -165.14 -59.37
C VAL U 176 6.08 -165.87 -60.70
N LEU U 177 6.04 -165.11 -61.79
CA LEU U 177 5.99 -165.65 -63.15
C LEU U 177 7.39 -165.70 -63.75
N LYS U 178 7.52 -166.52 -64.78
CA LYS U 178 8.81 -166.73 -65.41
C LYS U 178 8.79 -166.54 -66.92
N GLY U 179 7.72 -166.95 -67.59
CA GLY U 179 7.64 -166.83 -69.03
C GLY U 179 6.78 -165.68 -69.46
N ASP U 180 5.88 -165.90 -70.42
CA ASP U 180 5.01 -164.85 -70.95
C ASP U 180 3.56 -165.31 -70.86
N PRO U 181 2.95 -165.25 -69.68
CA PRO U 181 1.53 -165.62 -69.58
C PRO U 181 0.60 -164.43 -69.72
N LYS U 182 -0.69 -164.69 -69.65
CA LYS U 182 -1.73 -163.65 -69.66
C LYS U 182 -2.68 -164.00 -68.53
N VAL U 183 -2.55 -163.34 -67.38
CA VAL U 183 -3.24 -163.76 -66.18
C VAL U 183 -4.06 -162.59 -65.63
N LEU U 184 -5.34 -162.84 -65.40
CA LEU U 184 -6.26 -161.82 -64.89
C LEU U 184 -7.14 -162.49 -63.85
N ILE U 185 -6.94 -162.13 -62.58
CA ILE U 185 -7.56 -162.84 -61.46
C ILE U 185 -8.46 -161.88 -60.71
N SER U 186 -9.63 -162.37 -60.31
CA SER U 186 -10.59 -161.59 -59.55
C SER U 186 -10.59 -162.01 -58.08
N GLY U 187 -11.03 -161.10 -57.23
CA GLY U 187 -11.15 -161.32 -55.80
C GLY U 187 -10.42 -160.26 -55.02
N PHE U 188 -10.40 -160.43 -53.71
CA PHE U 188 -9.69 -159.54 -52.80
C PHE U 188 -8.68 -160.37 -52.02
N VAL U 189 -7.39 -160.06 -52.20
CA VAL U 189 -6.32 -160.84 -51.60
C VAL U 189 -5.28 -159.89 -51.02
N ASN U 190 -4.94 -160.09 -49.74
CA ASN U 190 -3.75 -159.48 -49.18
C ASN U 190 -2.53 -160.06 -49.87
N LEU U 191 -1.82 -159.22 -50.62
CA LEU U 191 -0.68 -159.66 -51.41
C LEU U 191 0.60 -159.17 -50.77
N ARG U 192 1.71 -159.84 -51.08
CA ARG U 192 2.99 -159.51 -50.47
C ARG U 192 4.05 -159.06 -51.47
N GLN U 193 4.31 -159.85 -52.51
CA GLN U 193 5.48 -159.60 -53.34
C GLN U 193 5.28 -160.19 -54.73
N LEU U 194 5.77 -159.45 -55.75
CA LEU U 194 5.69 -159.87 -57.14
C LEU U 194 7.03 -159.69 -57.80
N ASP U 195 7.30 -160.52 -58.81
CA ASP U 195 8.54 -160.43 -59.58
C ASP U 195 8.26 -160.80 -61.03
N MET U 196 8.67 -159.93 -61.95
CA MET U 196 8.45 -160.15 -63.38
C MET U 196 9.78 -159.98 -64.12
N TYR U 197 10.00 -160.84 -65.11
CA TYR U 197 11.23 -160.78 -65.88
C TYR U 197 11.05 -161.04 -67.38
N GLY U 198 9.83 -161.21 -67.86
CA GLY U 198 9.64 -161.53 -69.26
C GLY U 198 8.80 -160.53 -70.03
N LYS U 199 7.65 -160.99 -70.52
CA LYS U 199 6.69 -160.18 -71.25
C LYS U 199 5.33 -160.31 -70.59
N GLY U 200 5.31 -160.07 -69.28
CA GLY U 200 4.17 -160.45 -68.47
C GLY U 200 2.99 -159.50 -68.60
N THR U 201 1.79 -160.07 -68.48
CA THR U 201 0.54 -159.33 -68.50
C THR U 201 -0.35 -159.84 -67.38
N LEU U 202 -0.63 -158.97 -66.41
CA LEU U 202 -1.35 -159.35 -65.20
C LEU U 202 -2.44 -158.33 -64.90
N SER U 203 -3.51 -158.82 -64.28
CA SER U 203 -4.62 -157.96 -63.90
C SER U 203 -5.16 -158.41 -62.54
N LEU U 204 -5.19 -157.48 -61.59
CA LEU U 204 -5.75 -157.72 -60.27
C LEU U 204 -6.68 -156.58 -59.88
N TYR U 205 -7.85 -156.96 -59.40
CA TYR U 205 -8.97 -156.01 -59.29
C TYR U 205 -9.18 -155.46 -57.89
N TRP U 206 -8.99 -156.26 -56.84
CA TRP U 206 -9.09 -155.76 -55.47
C TRP U 206 -7.97 -156.35 -54.65
N ILE U 207 -7.23 -155.49 -53.94
CA ILE U 207 -6.17 -155.94 -53.05
C ILE U 207 -6.22 -155.10 -51.78
N LYS U 208 -6.21 -155.78 -50.63
CA LYS U 208 -6.17 -155.13 -49.32
C LYS U 208 -4.92 -155.61 -48.62
N SER U 209 -3.82 -154.91 -48.84
CA SER U 209 -2.53 -155.26 -48.29
C SER U 209 -1.95 -154.10 -47.50
N ASP U 210 -0.85 -154.39 -46.81
CA ASP U 210 -0.12 -153.39 -46.04
C ASP U 210 1.11 -152.89 -46.78
N THR U 211 1.94 -153.80 -47.29
CA THR U 211 3.20 -153.46 -47.93
C THR U 211 3.34 -154.23 -49.22
N LEU U 212 3.68 -153.53 -50.30
CA LEU U 212 3.95 -154.15 -51.58
C LEU U 212 5.29 -153.68 -52.13
N THR U 213 6.03 -154.63 -52.72
CA THR U 213 7.32 -154.34 -53.32
C THR U 213 7.36 -155.00 -54.68
N ILE U 214 7.58 -154.20 -55.73
CA ILE U 214 7.43 -154.66 -57.10
C ILE U 214 8.72 -154.37 -57.86
N ARG U 215 9.24 -155.39 -58.53
CA ARG U 215 10.42 -155.27 -59.40
C ARG U 215 9.99 -155.66 -60.81
N ALA U 216 10.15 -154.75 -61.77
CA ALA U 216 9.85 -155.04 -63.16
C ALA U 216 11.07 -154.79 -64.03
N LYS U 217 11.40 -155.75 -64.88
CA LYS U 217 12.69 -155.79 -65.56
C LYS U 217 12.58 -155.61 -67.06
N LYS U 218 11.83 -156.47 -67.76
CA LYS U 218 11.95 -156.60 -69.21
C LYS U 218 10.76 -156.05 -69.97
N ALA U 219 9.56 -156.56 -69.72
CA ALA U 219 8.37 -156.09 -70.42
C ALA U 219 7.18 -156.42 -69.54
N ALA U 220 6.49 -155.38 -69.07
CA ALA U 220 5.48 -155.59 -68.04
C ALA U 220 4.24 -154.79 -68.37
N LYS U 221 3.08 -155.44 -68.20
CA LYS U 221 1.77 -154.78 -68.33
C LYS U 221 0.94 -155.27 -67.15
N ILE U 222 0.97 -154.52 -66.07
CA ILE U 222 0.31 -154.89 -64.83
C ILE U 222 -0.76 -153.86 -64.52
N GLN U 223 -2.02 -154.29 -64.55
CA GLN U 223 -3.17 -153.45 -64.26
C GLN U 223 -3.73 -153.86 -62.90
N LEU U 224 -3.55 -152.99 -61.91
CA LEU U 224 -3.88 -153.30 -60.53
C LEU U 224 -4.81 -152.24 -59.96
N ALA U 225 -5.69 -152.67 -59.05
CA ALA U 225 -6.52 -151.73 -58.31
C ALA U 225 -6.79 -152.29 -56.93
N GLY U 226 -6.86 -151.39 -55.95
CA GLY U 226 -7.13 -151.81 -54.59
C GLY U 226 -6.68 -150.75 -53.59
N ILE U 227 -6.62 -151.16 -52.33
CA ILE U 227 -6.25 -150.29 -51.22
C ILE U 227 -5.07 -150.92 -50.50
N VAL U 228 -3.89 -150.33 -50.66
CA VAL U 228 -2.68 -150.76 -49.97
C VAL U 228 -2.11 -149.57 -49.23
N ASN U 229 -1.54 -149.82 -48.05
CA ASN U 229 -0.93 -148.74 -47.28
C ASN U 229 0.37 -148.28 -47.93
N ARG U 230 1.24 -149.21 -48.29
CA ARG U 230 2.61 -148.88 -48.65
C ARG U 230 2.99 -149.53 -49.98
N LEU U 231 3.49 -148.73 -50.91
CA LEU U 231 3.89 -149.22 -52.21
C LEU U 231 5.34 -148.87 -52.49
N ASP U 232 6.09 -149.82 -53.01
CA ASP U 232 7.43 -149.59 -53.53
C ASP U 232 7.52 -150.22 -54.91
N VAL U 233 7.99 -149.44 -55.89
CA VAL U 233 8.03 -149.91 -57.26
C VAL U 233 9.36 -149.54 -57.88
N GLU U 234 10.03 -150.53 -58.46
CA GLU U 234 11.23 -150.34 -59.25
C GLU U 234 10.95 -150.80 -60.68
N LEU U 235 11.22 -149.92 -61.64
CA LEU U 235 11.01 -150.22 -63.05
C LEU U 235 12.33 -150.10 -63.79
N TRP U 236 12.63 -151.06 -64.65
CA TRP U 236 13.87 -151.05 -65.41
C TRP U 236 13.69 -150.59 -66.85
N ASP U 237 12.86 -151.31 -67.62
CA ASP U 237 12.59 -150.93 -69.00
C ASP U 237 11.32 -151.60 -69.48
N PHE U 238 10.53 -150.86 -70.27
CA PHE U 238 9.33 -151.35 -70.96
C PHE U 238 8.30 -151.89 -69.99
N ALA U 239 8.09 -151.17 -68.90
CA ALA U 239 7.04 -151.46 -67.96
C ALA U 239 5.96 -150.39 -68.09
N GLN U 240 4.71 -150.82 -68.14
CA GLN U 240 3.56 -149.94 -68.15
C GLN U 240 2.75 -150.30 -66.92
N PHE U 241 3.15 -149.75 -65.77
CA PHE U 241 2.49 -150.07 -64.51
C PHE U 241 1.25 -149.19 -64.39
N LYS U 242 0.08 -149.81 -64.49
CA LYS U 242 -1.17 -149.06 -64.49
C LYS U 242 -1.80 -149.10 -63.10
N GLY U 243 -1.11 -148.50 -62.13
CA GLY U 243 -1.66 -148.45 -60.79
C GLY U 243 -2.67 -147.34 -60.57
N LYS U 244 -3.47 -147.03 -61.59
CA LYS U 244 -4.66 -146.22 -61.38
C LYS U 244 -5.66 -147.00 -60.52
N TYR U 245 -6.46 -146.26 -59.75
CA TYR U 245 -7.40 -146.79 -58.76
C TYR U 245 -6.71 -147.65 -57.72
N LEU U 246 -5.49 -147.28 -57.34
CA LEU U 246 -4.73 -147.94 -56.30
C LEU U 246 -4.32 -146.86 -55.31
N ARG U 247 -5.22 -146.56 -54.37
CA ARG U 247 -5.01 -145.43 -53.47
C ARG U 247 -4.13 -145.83 -52.30
N ALA U 248 -3.04 -145.09 -52.10
CA ALA U 248 -2.00 -145.47 -51.16
C ALA U 248 -1.70 -144.34 -50.20
N GLN U 249 -1.10 -144.71 -49.07
CA GLN U 249 -0.63 -143.74 -48.09
C GLN U 249 0.81 -143.33 -48.39
N ARG U 250 1.71 -144.31 -48.41
CA ARG U 250 3.11 -144.08 -48.72
C ARG U 250 3.43 -144.71 -50.07
N SER U 251 4.09 -143.94 -50.94
CA SER U 251 4.49 -144.46 -52.24
C SER U 251 5.93 -144.09 -52.53
N PHE U 252 6.71 -145.07 -52.97
CA PHE U 252 8.11 -144.89 -53.36
C PHE U 252 8.28 -145.43 -54.76
N VAL U 253 8.67 -144.56 -55.69
CA VAL U 253 8.78 -144.92 -57.11
C VAL U 253 10.20 -144.65 -57.57
N LYS U 254 10.81 -145.65 -58.21
CA LYS U 254 12.09 -145.45 -58.89
C LYS U 254 12.02 -146.08 -60.27
N THR U 255 12.20 -145.26 -61.30
CA THR U 255 12.03 -145.69 -62.69
C THR U 255 13.29 -145.39 -63.49
N HIS U 256 13.76 -146.40 -64.22
CA HIS U 256 14.83 -146.26 -65.19
C HIS U 256 14.22 -145.98 -66.56
N ASP U 257 15.02 -146.16 -67.62
CA ASP U 257 14.64 -145.75 -68.96
C ASP U 257 13.44 -146.51 -69.50
N LYS U 258 12.58 -145.78 -70.22
CA LYS U 258 11.45 -146.32 -70.98
C LYS U 258 10.45 -147.06 -70.07
N SER U 259 9.84 -146.29 -69.17
CA SER U 259 8.93 -146.86 -68.20
C SER U 259 7.84 -145.85 -67.86
N VAL U 260 6.62 -146.35 -67.74
CA VAL U 260 5.45 -145.53 -67.44
C VAL U 260 4.86 -146.00 -66.11
N ALA U 261 4.63 -145.06 -65.20
CA ALA U 261 4.02 -145.34 -63.92
C ALA U 261 2.71 -144.57 -63.80
N GLU U 262 1.66 -145.24 -63.34
CA GLU U 262 0.33 -144.64 -63.19
C GLU U 262 -0.06 -144.75 -61.73
N ILE U 263 0.09 -143.66 -61.00
CA ILE U 263 0.03 -143.67 -59.54
C ILE U 263 -1.26 -143.01 -59.08
N SER U 264 -1.76 -143.48 -57.95
CA SER U 264 -2.93 -142.91 -57.27
C SER U 264 -2.59 -142.60 -55.82
N ALA U 265 -1.44 -141.96 -55.60
CA ALA U 265 -1.03 -141.63 -54.24
C ALA U 265 -1.89 -140.51 -53.67
N VAL U 266 -2.18 -140.61 -52.37
CA VAL U 266 -3.09 -139.70 -51.69
C VAL U 266 -2.39 -138.88 -50.63
N ASN U 267 -1.56 -139.53 -49.81
CA ASN U 267 -0.93 -138.85 -48.68
C ASN U 267 0.51 -138.45 -48.96
N HIS U 268 1.37 -139.43 -49.25
CA HIS U 268 2.81 -139.19 -49.25
C HIS U 268 3.43 -139.89 -50.46
N GLN U 269 4.10 -139.10 -51.29
CA GLN U 269 4.61 -139.60 -52.57
C GLN U 269 6.06 -139.17 -52.76
N SER U 270 6.91 -140.13 -53.09
CA SER U 270 8.30 -139.87 -53.42
C SER U 270 8.64 -140.56 -54.74
N SER U 271 9.27 -139.81 -55.64
CA SER U 271 9.43 -140.28 -57.01
C SER U 271 10.79 -139.90 -57.58
N LEU U 272 11.43 -140.87 -58.25
CA LEU U 272 12.69 -140.62 -58.93
C LEU U 272 12.65 -141.29 -60.30
N ALA U 273 13.04 -140.53 -61.33
CA ALA U 273 13.11 -141.03 -62.70
C ALA U 273 14.44 -140.69 -63.32
N THR U 274 15.03 -141.65 -64.04
CA THR U 274 16.35 -141.41 -64.60
C THR U 274 16.26 -140.62 -65.91
N ASP U 275 15.66 -141.22 -66.93
CA ASP U 275 15.59 -140.65 -68.26
C ASP U 275 14.52 -141.39 -69.04
N ALA U 276 13.89 -140.69 -69.98
CA ALA U 276 12.97 -141.26 -70.98
C ALA U 276 11.79 -142.00 -70.34
N SER U 277 11.40 -141.57 -69.14
CA SER U 277 10.39 -142.28 -68.36
C SER U 277 9.37 -141.26 -67.88
N ASP U 278 8.14 -141.74 -67.72
CA ASP U 278 7.01 -140.89 -67.39
C ASP U 278 6.36 -141.37 -66.11
N ILE U 279 6.11 -140.43 -65.21
CA ILE U 279 5.45 -140.70 -63.95
C ILE U 279 4.18 -139.87 -63.96
N TYR U 280 3.06 -140.52 -64.23
CA TYR U 280 1.75 -139.88 -64.26
C TYR U 280 0.99 -140.34 -63.04
N TYR U 281 0.58 -139.38 -62.22
CA TYR U 281 -0.33 -139.65 -61.11
C TYR U 281 -1.68 -139.06 -61.45
N TYR U 282 -2.70 -139.52 -60.75
CA TYR U 282 -4.03 -139.01 -61.01
C TYR U 282 -4.73 -138.62 -59.72
N ASN U 283 -3.95 -138.15 -58.75
CA ASN U 283 -4.51 -137.56 -57.55
C ASN U 283 -3.50 -136.58 -56.97
N LEU U 284 -4.00 -135.47 -56.46
CA LEU U 284 -3.17 -134.52 -55.75
C LEU U 284 -2.87 -135.05 -54.36
N SER U 285 -1.60 -135.07 -53.98
CA SER U 285 -1.19 -135.65 -52.72
C SER U 285 -1.21 -134.60 -51.61
N LYS U 286 -0.91 -135.04 -50.40
CA LYS U 286 -0.67 -134.12 -49.30
C LYS U 286 0.79 -133.77 -49.14
N THR U 287 1.69 -134.64 -49.60
CA THR U 287 3.11 -134.34 -49.64
C THR U 287 3.72 -135.06 -50.82
N ARG U 288 4.39 -134.31 -51.69
CA ARG U 288 4.88 -134.82 -52.96
C ARG U 288 6.32 -134.37 -53.16
N ALA U 289 7.18 -135.29 -53.60
CA ALA U 289 8.54 -134.91 -53.96
C ALA U 289 9.01 -135.72 -55.15
N ASP U 290 9.60 -135.04 -56.14
CA ASP U 290 9.95 -135.62 -57.42
C ASP U 290 11.37 -135.24 -57.82
N PHE U 291 12.05 -136.14 -58.51
CA PHE U 291 13.38 -135.88 -59.03
C PHE U 291 13.60 -136.59 -60.36
N MET U 292 14.29 -135.92 -61.28
CA MET U 292 14.65 -136.48 -62.59
C MET U 292 16.14 -136.33 -62.82
N ALA U 293 16.74 -137.33 -63.46
CA ALA U 293 18.19 -137.33 -63.67
C ALA U 293 18.58 -136.75 -65.03
N PHE U 294 18.15 -137.39 -66.13
CA PHE U 294 18.47 -136.89 -67.46
C PHE U 294 17.23 -136.41 -68.20
N ASN U 295 16.24 -137.28 -68.37
CA ASN U 295 15.06 -136.96 -69.16
C ASN U 295 13.79 -137.47 -68.49
N GLY U 296 13.87 -137.78 -67.19
CA GLY U 296 12.71 -138.26 -66.47
C GLY U 296 11.66 -137.20 -66.33
N SER U 297 10.42 -137.64 -66.19
CA SER U 297 9.29 -136.72 -66.22
C SER U 297 8.27 -137.08 -65.17
N VAL U 298 7.74 -136.06 -64.52
CA VAL U 298 6.66 -136.19 -63.55
C VAL U 298 5.58 -135.21 -63.98
N LEU U 299 4.38 -135.73 -64.24
CA LEU U 299 3.33 -134.88 -64.78
C LEU U 299 2.07 -134.98 -63.94
N ASP U 300 1.36 -133.85 -63.85
CA ASP U 300 0.12 -133.80 -63.09
C ASP U 300 -0.97 -134.64 -63.76
N MET U 301 -1.19 -134.43 -65.07
CA MET U 301 -1.98 -135.29 -65.95
C MET U 301 -3.43 -135.45 -65.50
N ARG U 302 -3.97 -134.50 -64.73
CA ARG U 302 -5.31 -134.68 -64.20
C ARG U 302 -6.36 -134.37 -65.25
N GLU U 303 -7.62 -134.46 -64.85
CA GLU U 303 -8.73 -134.35 -65.80
C GLU U 303 -8.91 -132.95 -66.35
N TRP U 304 -8.41 -131.93 -65.65
CA TRP U 304 -8.21 -130.57 -66.14
C TRP U 304 -9.49 -129.85 -66.51
N GLY U 305 -10.64 -130.40 -66.17
CA GLY U 305 -11.90 -129.77 -66.54
C GLY U 305 -12.95 -130.01 -65.48
N GLN U 306 -12.52 -130.55 -64.35
CA GLN U 306 -13.47 -130.93 -63.32
C GLN U 306 -14.00 -129.72 -62.59
N SER U 307 -15.29 -129.74 -62.27
CA SER U 307 -15.92 -128.66 -61.53
C SER U 307 -15.55 -128.66 -60.06
N ASP U 308 -14.90 -129.70 -59.57
CA ASP U 308 -14.57 -129.83 -58.17
C ASP U 308 -13.16 -130.40 -57.98
N LEU U 309 -12.27 -130.15 -58.94
CA LEU U 309 -10.89 -130.57 -58.78
C LEU U 309 -10.20 -129.67 -57.77
N LYS U 310 -9.50 -130.29 -56.82
CA LYS U 310 -8.85 -129.54 -55.76
C LYS U 310 -7.58 -128.89 -56.27
N ASP U 311 -7.28 -127.70 -55.76
CA ASP U 311 -6.14 -126.91 -56.18
C ASP U 311 -4.97 -127.12 -55.23
N PHE U 312 -3.81 -126.61 -55.63
CA PHE U 312 -2.61 -126.68 -54.81
C PHE U 312 -2.75 -125.85 -53.54
N ASP U 313 -2.02 -126.27 -52.51
CA ASP U 313 -1.97 -125.60 -51.22
C ASP U 313 -0.60 -124.98 -51.02
N ARG U 314 -0.34 -124.50 -49.81
CA ARG U 314 0.98 -124.03 -49.44
C ARG U 314 2.02 -125.14 -49.52
N TYR U 315 1.67 -126.32 -49.02
CA TYR U 315 2.68 -127.32 -48.70
C TYR U 315 3.00 -128.26 -49.85
N ASN U 316 2.39 -128.07 -51.01
CA ASN U 316 2.71 -128.91 -52.15
C ASN U 316 3.07 -128.06 -53.36
N LYS U 317 3.83 -127.00 -53.14
CA LYS U 317 4.34 -126.19 -54.24
C LYS U 317 5.71 -126.67 -54.70
N GLN U 318 5.83 -127.97 -54.93
CA GLN U 318 7.10 -128.54 -55.39
C GLN U 318 7.21 -128.29 -56.87
N PHE U 319 7.85 -127.19 -57.23
CA PHE U 319 8.00 -126.84 -58.62
C PHE U 319 9.02 -127.75 -59.27
N PRO U 320 8.68 -128.46 -60.35
CA PRO U 320 9.61 -129.33 -61.05
C PRO U 320 10.49 -128.54 -62.02
N ASP V 39 23.55 -87.44 -69.68
CA ASP V 39 23.03 -86.22 -70.27
C ASP V 39 22.39 -86.49 -71.62
N GLY V 40 22.91 -87.49 -72.32
CA GLY V 40 22.37 -87.86 -73.61
C GLY V 40 21.26 -88.88 -73.46
N CYS V 41 20.01 -88.40 -73.48
CA CYS V 41 18.89 -89.30 -73.27
C CYS V 41 18.63 -90.15 -74.50
N CYS V 42 18.70 -89.57 -75.69
CA CYS V 42 18.65 -90.36 -76.92
C CYS V 42 20.06 -90.72 -77.39
N SER V 43 20.85 -91.27 -76.48
CA SER V 43 22.18 -91.74 -76.83
C SER V 43 22.08 -93.03 -77.63
N LYS V 44 23.06 -93.24 -78.51
CA LYS V 44 23.11 -94.32 -79.49
C LYS V 44 21.86 -94.36 -80.37
N MET V 45 21.26 -93.20 -80.61
CA MET V 45 20.09 -93.08 -81.46
C MET V 45 20.29 -91.82 -82.30
N GLY V 46 19.22 -91.38 -82.95
CA GLY V 46 19.31 -90.17 -83.77
C GLY V 46 19.54 -88.92 -82.93
N GLY V 47 18.80 -88.79 -81.84
CA GLY V 47 18.89 -87.62 -81.01
C GLY V 47 17.51 -87.21 -80.54
N ILE V 48 17.44 -86.06 -79.88
CA ILE V 48 16.19 -85.59 -79.32
C ILE V 48 15.40 -84.90 -80.41
N ASN V 49 14.19 -85.40 -80.68
CA ASN V 49 13.33 -84.72 -81.66
C ASN V 49 12.49 -83.66 -80.98
N TYR V 50 11.64 -84.06 -80.04
CA TYR V 50 10.81 -83.14 -79.28
C TYR V 50 10.28 -83.87 -78.07
N CYS V 51 9.76 -83.09 -77.12
CA CYS V 51 9.18 -83.64 -75.89
C CYS V 51 7.67 -83.60 -75.98
N ASP V 52 7.03 -84.72 -75.65
CA ASP V 52 5.59 -84.74 -75.50
C ASP V 52 5.23 -84.31 -74.09
N SER V 53 4.29 -83.38 -73.98
CA SER V 53 3.82 -82.96 -72.68
C SER V 53 2.65 -83.78 -72.17
N SER V 54 2.00 -84.57 -73.02
CA SER V 54 0.90 -85.38 -72.55
C SER V 54 1.38 -86.57 -71.72
N ALA V 55 2.64 -86.96 -71.86
CA ALA V 55 3.21 -88.01 -71.01
C ALA V 55 4.53 -87.61 -70.37
N GLY V 56 5.07 -86.44 -70.69
CA GLY V 56 6.31 -85.99 -70.09
C GLY V 56 7.52 -86.80 -70.48
N ARG V 57 7.63 -87.17 -71.75
CA ARG V 57 8.74 -87.99 -72.23
C ARG V 57 9.33 -87.33 -73.47
N LEU V 58 10.47 -87.87 -73.89
CA LEU V 58 11.14 -87.43 -75.10
C LEU V 58 11.07 -88.53 -76.15
N VAL V 59 10.90 -88.13 -77.40
CA VAL V 59 10.84 -89.07 -78.52
C VAL V 59 12.12 -88.93 -79.32
N CYS V 60 12.85 -90.03 -79.47
CA CYS V 60 14.08 -90.02 -80.26
C CYS V 60 13.72 -90.11 -81.74
N ASN V 61 14.75 -90.17 -82.59
CA ASN V 61 14.52 -90.22 -84.03
C ASN V 61 13.93 -91.55 -84.45
N ASN V 62 14.43 -92.65 -83.88
CA ASN V 62 13.68 -93.89 -83.91
C ASN V 62 12.44 -93.73 -83.04
N GLY V 63 11.33 -94.30 -83.48
CA GLY V 63 10.06 -94.09 -82.81
C GLY V 63 9.93 -94.81 -81.50
N PHE V 64 10.67 -94.37 -80.48
CA PHE V 64 10.60 -94.96 -79.16
C PHE V 64 10.70 -93.88 -78.11
N TYR V 65 10.13 -94.16 -76.95
CA TYR V 65 10.18 -93.23 -75.84
C TYR V 65 11.48 -93.42 -75.07
N SER V 66 12.23 -92.34 -74.91
CA SER V 66 13.41 -92.40 -74.06
C SER V 66 12.99 -92.45 -72.59
N THR V 67 13.94 -92.88 -71.76
CA THR V 67 13.66 -93.04 -70.35
C THR V 67 13.65 -91.72 -69.59
N CYS V 68 14.18 -90.66 -70.17
CA CYS V 68 14.22 -89.38 -69.46
C CYS V 68 12.84 -88.73 -69.46
N TYR V 69 12.73 -87.65 -68.69
CA TYR V 69 11.49 -86.90 -68.61
C TYR V 69 11.75 -85.44 -68.93
N CYS V 70 10.71 -84.77 -69.41
CA CYS V 70 10.79 -83.33 -69.61
C CYS V 70 9.94 -82.54 -68.64
N THR V 71 8.68 -82.93 -68.44
CA THR V 71 7.77 -82.15 -67.61
C THR V 71 7.51 -82.87 -66.29
N ARG V 72 7.24 -82.07 -65.26
CA ARG V 72 7.05 -82.61 -63.93
C ARG V 72 5.74 -83.35 -63.76
N HIS V 73 4.79 -83.20 -64.68
CA HIS V 73 3.56 -83.98 -64.58
C HIS V 73 3.66 -85.27 -65.36
N ALA V 74 4.73 -86.01 -65.15
CA ALA V 74 4.87 -87.35 -65.67
C ALA V 74 4.86 -88.31 -64.49
N VAL V 75 5.01 -89.59 -64.77
CA VAL V 75 5.01 -90.60 -63.72
C VAL V 75 6.46 -90.82 -63.32
N MET V 76 6.87 -90.19 -62.24
CA MET V 76 8.18 -90.43 -61.66
C MET V 76 8.03 -91.33 -60.46
N ASP V 77 8.91 -92.32 -60.34
CA ASP V 77 8.84 -93.29 -59.26
C ASP V 77 9.33 -92.64 -57.96
N LEU V 78 8.44 -91.85 -57.37
CA LEU V 78 8.76 -91.11 -56.16
C LEU V 78 8.34 -91.93 -54.97
N GLN V 79 9.32 -92.36 -54.17
CA GLN V 79 9.06 -93.22 -53.03
C GLN V 79 9.79 -92.83 -51.76
N PHE V 80 10.69 -91.85 -51.81
CA PHE V 80 11.35 -91.37 -50.61
C PHE V 80 11.60 -89.88 -50.76
N LEU V 81 11.41 -89.12 -49.68
CA LEU V 81 11.47 -87.68 -49.79
C LEU V 81 11.88 -87.06 -48.45
N MET V 82 12.20 -85.78 -48.52
CA MET V 82 12.67 -85.00 -47.38
C MET V 82 11.50 -84.26 -46.75
N GLY V 83 11.82 -83.34 -45.84
CA GLY V 83 10.84 -82.48 -45.23
C GLY V 83 10.66 -82.79 -43.74
N CYS V 84 9.87 -81.93 -43.11
CA CYS V 84 9.48 -82.10 -41.72
C CYS V 84 7.99 -81.84 -41.60
N CYS V 85 7.43 -82.26 -40.45
CA CYS V 85 5.99 -82.25 -40.17
C CYS V 85 5.21 -82.99 -41.24
N LEU V 86 5.77 -84.11 -41.70
CA LEU V 86 5.12 -84.93 -42.70
C LEU V 86 3.92 -85.64 -42.09
N TRP V 87 2.91 -85.89 -42.94
CA TRP V 87 1.61 -86.43 -42.58
C TRP V 87 0.91 -85.59 -41.52
N HIS V 88 1.16 -84.28 -41.55
CA HIS V 88 0.44 -83.32 -40.73
C HIS V 88 0.22 -82.09 -41.58
N GLY V 89 -0.18 -81.01 -40.95
CA GLY V 89 -0.48 -79.80 -41.70
C GLY V 89 0.72 -78.93 -42.00
N GLY V 90 1.91 -79.53 -42.07
CA GLY V 90 3.11 -78.79 -42.34
C GLY V 90 3.60 -78.05 -41.13
N VAL V 91 4.77 -77.43 -41.28
CA VAL V 91 5.34 -76.62 -40.22
C VAL V 91 4.51 -75.35 -40.07
N TYR V 92 4.12 -75.04 -38.84
CA TYR V 92 3.36 -73.84 -38.57
C TYR V 92 4.21 -72.60 -38.86
N PRO V 93 3.63 -71.58 -39.50
CA PRO V 93 4.46 -70.46 -39.97
C PRO V 93 4.98 -69.54 -38.88
N GLN V 94 4.49 -69.65 -37.65
CA GLN V 94 4.93 -68.73 -36.61
C GLN V 94 6.35 -69.09 -36.16
N LEU V 95 7.22 -68.10 -36.15
CA LEU V 95 8.59 -68.27 -35.69
C LEU V 95 8.58 -68.29 -34.17
N ASN V 96 8.68 -69.49 -33.59
CA ASN V 96 8.70 -69.63 -32.15
C ASN V 96 10.03 -69.14 -31.60
N SER V 97 9.97 -68.52 -30.41
CA SER V 97 11.19 -67.99 -29.78
C SER V 97 12.12 -69.12 -29.34
N SER V 98 11.56 -70.22 -28.85
CA SER V 98 12.37 -71.37 -28.50
C SER V 98 12.56 -72.27 -29.72
N GLY V 99 13.21 -73.41 -29.51
CA GLY V 99 13.43 -74.36 -30.57
C GLY V 99 12.26 -75.26 -30.89
N LEU V 100 11.15 -75.08 -30.17
CA LEU V 100 9.98 -75.93 -30.37
C LEU V 100 9.27 -75.54 -31.66
N VAL V 101 9.08 -76.52 -32.55
CA VAL V 101 8.34 -76.34 -33.79
C VAL V 101 7.23 -77.38 -33.82
N VAL V 102 6.01 -76.92 -34.07
CA VAL V 102 4.83 -77.75 -33.94
C VAL V 102 4.08 -77.73 -35.26
N CYS V 103 3.62 -78.90 -35.70
CA CYS V 103 2.83 -78.99 -36.92
C CYS V 103 1.43 -78.43 -36.70
N ASN V 104 0.68 -78.34 -37.78
CA ASN V 104 -0.60 -77.66 -37.73
C ASN V 104 -1.70 -78.48 -37.07
N ASP V 105 -1.46 -79.75 -36.75
CA ASP V 105 -2.42 -80.53 -36.00
C ASP V 105 -2.17 -80.48 -34.51
N GLY V 106 -1.18 -79.70 -34.06
CA GLY V 106 -0.87 -79.58 -32.66
C GLY V 106 0.17 -80.56 -32.15
N TYR V 107 0.41 -81.64 -32.89
CA TYR V 107 1.45 -82.59 -32.53
C TYR V 107 2.83 -82.00 -32.84
N VAL V 108 3.78 -82.25 -31.96
CA VAL V 108 5.11 -81.67 -32.08
C VAL V 108 6.07 -82.73 -32.62
N SER V 109 7.24 -82.28 -33.05
CA SER V 109 8.25 -83.16 -33.63
C SER V 109 9.61 -82.78 -33.05
N GLU V 110 10.08 -83.61 -32.10
CA GLU V 110 11.29 -83.28 -31.37
C GLU V 110 12.52 -83.39 -32.25
N GLU V 111 12.59 -84.42 -33.08
CA GLU V 111 13.75 -84.62 -33.94
C GLU V 111 13.79 -83.58 -35.05
N CYS V 112 12.63 -83.10 -35.50
CA CYS V 112 12.63 -81.94 -36.39
C CYS V 112 13.04 -80.68 -35.63
N SER V 113 12.70 -80.60 -34.35
CA SER V 113 13.14 -79.49 -33.52
C SER V 113 14.60 -79.65 -33.12
N LEU V 114 15.10 -78.66 -32.40
CA LEU V 114 16.43 -78.70 -31.82
C LEU V 114 16.33 -78.95 -30.32
N GLN V 115 17.24 -79.75 -29.80
CA GLN V 115 17.19 -80.21 -28.42
C GLN V 115 18.43 -79.75 -27.65
N LYS V 116 18.32 -79.85 -26.33
CA LYS V 116 19.47 -79.62 -25.46
C LYS V 116 20.49 -80.74 -25.63
N UNK W 1 -2.03 -109.23 -73.88
CA UNK W 1 -1.78 -109.09 -75.31
C UNK W 1 -1.74 -110.46 -75.99
N UNK W 2 -0.78 -111.28 -75.56
CA UNK W 2 -0.56 -112.69 -75.92
C UNK W 2 -0.18 -112.91 -77.38
N UNK W 3 -0.07 -111.87 -78.20
CA UNK W 3 0.32 -112.00 -79.60
C UNK W 3 0.73 -110.63 -80.11
N UNK W 4 1.39 -110.61 -81.26
CA UNK W 4 1.60 -109.37 -81.98
C UNK W 4 1.38 -109.50 -83.48
N UNK W 5 0.86 -110.61 -83.96
CA UNK W 5 0.51 -110.77 -85.37
C UNK W 5 -0.99 -111.03 -85.43
N UNK W 6 -1.76 -109.94 -85.57
CA UNK W 6 -3.21 -110.08 -85.69
C UNK W 6 -3.55 -110.62 -87.07
N UNK W 7 -3.50 -111.94 -87.21
CA UNK W 7 -3.69 -112.58 -88.50
C UNK W 7 -5.16 -112.53 -88.90
N UNK W 8 -5.43 -112.10 -90.13
CA UNK W 8 -6.79 -112.02 -90.63
C UNK W 8 -7.13 -113.30 -91.37
N UNK W 9 -8.22 -113.96 -90.94
CA UNK W 9 -8.78 -115.17 -91.54
C UNK W 9 -7.80 -116.33 -91.69
N UNK X 1 -64.92 -74.98 61.49
CA UNK X 1 -63.75 -75.33 60.68
C UNK X 1 -64.15 -76.18 59.49
N UNK X 2 -63.24 -77.02 59.03
CA UNK X 2 -63.49 -77.92 57.91
C UNK X 2 -62.96 -79.31 58.23
N UNK X 3 -63.69 -80.34 57.82
CA UNK X 3 -63.32 -81.72 58.08
C UNK X 3 -63.13 -82.47 56.77
N UNK X 4 -62.21 -83.45 56.82
CA UNK X 4 -61.96 -84.29 55.65
C UNK X 4 -63.16 -85.17 55.32
N UNK X 5 -63.95 -85.55 56.34
CA UNK X 5 -65.19 -86.27 56.10
C UNK X 5 -66.18 -85.42 55.33
N UNK X 6 -66.27 -84.13 55.67
CA UNK X 6 -67.11 -83.20 54.92
C UNK X 6 -66.59 -83.01 53.50
N UNK X 7 -65.27 -82.96 53.33
CA UNK X 7 -64.69 -82.80 52.00
C UNK X 7 -64.99 -84.01 51.12
N UNK X 8 -64.85 -85.22 51.66
CA UNK X 8 -65.16 -86.42 50.90
C UNK X 8 -66.66 -86.55 50.63
N UNK X 9 -67.50 -86.12 51.58
CA UNK X 9 -68.94 -86.15 51.37
C UNK X 9 -69.36 -85.19 50.26
N UNK X 10 -68.78 -83.98 50.23
CA UNK X 10 -69.08 -83.03 49.17
C UNK X 10 -68.57 -83.51 47.82
N UNK X 11 -67.38 -84.12 47.79
CA UNK X 11 -66.83 -84.66 46.55
C UNK X 11 -67.69 -85.81 46.02
N UNK X 12 -68.14 -86.70 46.90
CA UNK X 12 -68.99 -87.81 46.48
C UNK X 12 -70.37 -87.32 46.05
N UNK X 13 -70.89 -86.29 46.71
CA UNK X 13 -72.19 -85.74 46.33
C UNK X 13 -72.12 -85.04 44.99
N UNK X 14 -71.00 -84.35 44.72
CA UNK X 14 -70.82 -83.75 43.39
C UNK X 14 -70.59 -84.82 42.33
N UNK X 15 -69.96 -85.94 42.70
CA UNK X 15 -69.80 -87.05 41.77
C UNK X 15 -71.13 -87.72 41.46
N UNK X 16 -72.04 -87.74 42.43
CA UNK X 16 -73.37 -88.32 42.23
C UNK X 16 -74.34 -87.28 41.64
N UNK X 17 -73.98 -86.79 40.45
CA UNK X 17 -74.82 -85.79 39.79
C UNK X 17 -76.09 -86.42 39.22
N UNK X 18 -75.95 -87.56 38.52
CA UNK X 18 -77.04 -88.34 37.94
C UNK X 18 -77.92 -87.52 37.00
N UNK X 19 -77.30 -86.66 36.19
CA UNK X 19 -78.06 -85.76 35.34
C UNK X 19 -77.24 -85.40 34.10
N UNK X 20 -77.90 -85.45 32.94
CA UNK X 20 -77.28 -85.05 31.68
C UNK X 20 -78.37 -84.68 30.69
N UNK X 21 -78.16 -83.58 29.97
CA UNK X 21 -79.03 -83.18 28.87
C UNK X 21 -78.15 -82.72 27.72
N UNK X 22 -78.27 -83.37 26.57
CA UNK X 22 -77.46 -83.06 25.40
C UNK X 22 -78.35 -82.83 24.19
N UNK X 23 -78.09 -81.74 23.48
CA UNK X 23 -78.85 -81.38 22.29
C UNK X 23 -77.89 -81.07 21.16
N UNK X 24 -77.93 -81.89 20.11
CA UNK X 24 -77.14 -81.63 18.93
C UNK X 24 -77.81 -80.56 18.06
N UNK X 25 -76.98 -79.84 17.30
CA UNK X 25 -77.43 -78.75 16.48
C UNK X 25 -76.99 -78.96 15.03
N UNK X 26 -77.79 -78.46 14.12
CA UNK X 26 -77.49 -78.48 12.69
C UNK X 26 -77.22 -77.06 12.22
N UNK X 27 -76.69 -76.97 11.00
CA UNK X 27 -76.41 -75.65 10.41
C UNK X 27 -77.67 -74.93 9.99
N UNK X 28 -78.78 -75.65 9.79
CA UNK X 28 -80.04 -75.06 9.36
C UNK X 28 -80.96 -74.74 10.53
N UNK X 29 -80.38 -74.40 11.69
CA UNK X 29 -81.10 -74.05 12.92
C UNK X 29 -82.03 -75.16 13.37
N UNK X 30 -81.56 -76.41 13.26
CA UNK X 30 -82.32 -77.57 13.68
C UNK X 30 -81.75 -78.11 14.96
N UNK X 31 -82.60 -78.27 15.97
CA UNK X 31 -82.19 -78.77 17.27
C UNK X 31 -82.75 -80.16 17.49
N UNK X 32 -81.90 -81.08 17.97
CA UNK X 32 -82.31 -82.43 18.29
C UNK X 32 -81.73 -82.79 19.66
N UNK X 33 -82.57 -82.82 20.68
CA UNK X 33 -82.13 -83.14 22.02
C UNK X 33 -82.14 -84.66 22.22
N UNK X 34 -81.72 -85.10 23.40
CA UNK X 34 -81.74 -86.52 23.71
C UNK X 34 -82.36 -86.71 25.08
N UNK X 35 -82.39 -87.96 25.54
CA UNK X 35 -82.93 -88.29 26.84
C UNK X 35 -81.91 -87.97 27.92
N UNK X 36 -82.31 -88.20 29.18
CA UNK X 36 -81.40 -87.98 30.30
C UNK X 36 -80.34 -89.07 30.37
N UNK X 37 -79.21 -88.73 30.98
CA UNK X 37 -78.10 -89.67 31.12
C UNK X 37 -77.34 -89.31 32.40
N UNK X 38 -76.12 -89.85 32.52
CA UNK X 38 -75.20 -89.68 33.66
C UNK X 38 -75.82 -90.06 34.99
N UNK X 39 -70.22 -78.25 14.83
CA UNK X 39 -71.58 -77.81 15.06
C UNK X 39 -72.47 -78.97 15.48
N UNK X 40 -72.08 -80.17 15.09
CA UNK X 40 -72.83 -81.38 15.42
C UNK X 40 -72.73 -81.70 16.91
N UNK X 41 -71.56 -81.52 17.50
CA UNK X 41 -71.36 -81.85 18.92
C UNK X 41 -70.28 -80.93 19.49
N UNK X 42 -70.68 -80.03 20.36
CA UNK X 42 -69.77 -79.18 21.11
C UNK X 42 -69.91 -79.45 22.61
N UNK X 43 -68.94 -78.96 23.37
CA UNK X 43 -68.94 -79.17 24.82
C UNK X 43 -70.04 -78.37 25.52
N UNK X 44 -70.55 -77.32 24.88
CA UNK X 44 -71.63 -76.54 25.47
C UNK X 44 -72.99 -77.22 25.34
N UNK X 45 -73.11 -78.26 24.52
CA UNK X 45 -74.39 -78.90 24.30
C UNK X 45 -74.84 -79.74 25.49
N UNK X 46 -73.92 -80.12 26.37
CA UNK X 46 -74.23 -80.97 27.51
C UNK X 46 -74.36 -80.13 28.77
N UNK X 47 -75.44 -80.39 29.53
CA UNK X 47 -75.68 -79.72 30.80
C UNK X 47 -76.04 -80.76 31.84
N UNK X 48 -75.34 -80.72 32.98
CA UNK X 48 -75.56 -81.70 34.04
C UNK X 48 -76.33 -81.10 35.21
N LYS Y 24 25.72 -121.42 -66.40
CA LYS Y 24 26.90 -121.41 -65.56
C LYS Y 24 26.56 -121.02 -64.13
N PHE Y 25 25.89 -119.89 -63.98
CA PHE Y 25 25.63 -119.33 -62.66
C PHE Y 25 24.14 -119.23 -62.40
N LYS Y 26 23.74 -119.68 -61.22
CA LYS Y 26 22.39 -119.54 -60.72
C LYS Y 26 22.39 -118.46 -59.64
N LYS Y 27 21.50 -117.55 -59.76
CA LYS Y 27 21.55 -116.45 -58.82
C LYS Y 27 20.53 -116.64 -57.69
N PRO Y 28 20.86 -116.19 -56.48
CA PRO Y 28 19.89 -116.22 -55.39
C PRO Y 28 18.83 -115.16 -55.59
N PRO Y 29 17.67 -115.27 -54.94
CA PRO Y 29 16.65 -114.23 -55.05
C PRO Y 29 17.13 -112.90 -54.50
N ILE Y 30 16.77 -111.83 -55.19
CA ILE Y 30 17.29 -110.50 -54.88
C ILE Y 30 16.68 -109.99 -53.59
N ASN Y 31 15.36 -110.01 -53.50
CA ASN Y 31 14.67 -109.54 -52.30
C ASN Y 31 14.36 -110.73 -51.39
N ASN Y 32 15.41 -111.45 -51.04
CA ASN Y 32 15.23 -112.63 -50.20
C ASN Y 32 15.36 -112.24 -48.73
N PRO Y 33 14.56 -112.85 -47.86
CA PRO Y 33 14.73 -112.60 -46.42
C PRO Y 33 15.99 -113.26 -45.86
N SER Y 34 17.14 -112.63 -46.06
CA SER Y 34 18.41 -113.18 -45.58
C SER Y 34 18.71 -112.77 -44.15
N ASP Y 35 17.81 -112.04 -43.50
CA ASP Y 35 17.95 -111.67 -42.10
C ASP Y 35 16.94 -112.43 -41.28
N ASP Y 36 17.34 -112.80 -40.05
CA ASP Y 36 16.47 -113.55 -39.16
C ASP Y 36 15.26 -112.74 -38.74
N ALA Y 37 15.45 -111.43 -38.54
CA ALA Y 37 14.32 -110.55 -38.24
C ALA Y 37 13.36 -110.48 -39.40
N THR Y 38 13.89 -110.46 -40.63
CA THR Y 38 13.06 -110.48 -41.82
C THR Y 38 12.32 -111.82 -41.94
N ILE Y 39 12.97 -112.90 -41.52
CA ILE Y 39 12.35 -114.22 -41.53
C ILE Y 39 11.16 -114.26 -40.58
N LYS Y 40 11.35 -113.72 -39.38
CA LYS Y 40 10.27 -113.65 -38.40
C LYS Y 40 9.15 -112.75 -38.89
N LEU Y 41 9.50 -111.63 -39.53
CA LEU Y 41 8.52 -110.72 -40.10
C LEU Y 41 7.68 -111.40 -41.17
N ALA Y 42 8.33 -112.17 -42.05
CA ALA Y 42 7.61 -112.81 -43.15
C ALA Y 42 6.70 -113.92 -42.64
N GLU Y 43 7.16 -114.66 -41.61
CA GLU Y 43 6.29 -115.67 -41.00
C GLU Y 43 5.09 -115.02 -40.33
N ALA Y 44 5.31 -113.88 -39.68
CA ALA Y 44 4.20 -113.14 -39.08
C ALA Y 44 3.22 -112.67 -40.14
N ALA Y 45 3.73 -112.23 -41.28
CA ALA Y 45 2.88 -111.75 -42.37
C ALA Y 45 2.04 -112.88 -42.94
N VAL Y 46 2.66 -114.05 -43.12
CA VAL Y 46 1.93 -115.22 -43.61
C VAL Y 46 0.83 -115.60 -42.65
N SER Y 47 1.13 -115.57 -41.34
CA SER Y 47 0.15 -115.94 -40.33
C SER Y 47 -1.03 -114.99 -40.31
N VAL Y 48 -0.76 -113.68 -40.35
CA VAL Y 48 -1.85 -112.72 -40.24
C VAL Y 48 -2.70 -112.73 -41.51
N SER Y 49 -2.07 -112.94 -42.68
CA SER Y 49 -2.82 -113.00 -43.93
C SER Y 49 -3.74 -114.21 -43.94
N ASP Y 50 -3.23 -115.37 -43.53
CA ASP Y 50 -4.04 -116.58 -43.52
C ASP Y 50 -5.17 -116.48 -42.50
N SER Y 51 -4.88 -115.91 -41.33
CA SER Y 51 -5.89 -115.86 -40.30
C SER Y 51 -6.99 -114.87 -40.64
N MET Y 52 -6.64 -113.73 -41.25
CA MET Y 52 -7.69 -112.82 -41.69
C MET Y 52 -8.46 -113.39 -42.87
N LEU Y 53 -7.81 -114.23 -43.69
CA LEU Y 53 -8.51 -114.89 -44.79
C LEU Y 53 -9.58 -115.84 -44.25
N GLU Y 54 -9.23 -116.66 -43.25
CA GLU Y 54 -10.25 -117.57 -42.73
C GLU Y 54 -11.27 -116.83 -41.87
N MET Y 55 -10.90 -115.69 -41.29
CA MET Y 55 -11.88 -114.85 -40.62
C MET Y 55 -12.91 -114.32 -41.60
N ALA Y 56 -12.45 -113.90 -42.79
CA ALA Y 56 -13.38 -113.47 -43.82
C ALA Y 56 -14.19 -114.64 -44.36
N LYS Y 57 -13.61 -115.84 -44.36
CA LYS Y 57 -14.34 -117.04 -44.76
C LYS Y 57 -15.50 -117.30 -43.83
N VAL Y 58 -15.27 -117.18 -42.52
CA VAL Y 58 -16.37 -117.43 -41.60
C VAL Y 58 -17.31 -116.25 -41.49
N GLU Y 59 -16.88 -115.06 -41.92
CA GLU Y 59 -17.72 -113.89 -41.77
C GLU Y 59 -18.62 -113.66 -42.98
N LYS Y 60 -18.15 -114.03 -44.18
CA LYS Y 60 -18.86 -113.67 -45.39
C LYS Y 60 -20.13 -114.50 -45.55
N VAL Y 61 -21.23 -113.82 -45.83
CA VAL Y 61 -22.50 -114.47 -46.11
C VAL Y 61 -22.64 -114.56 -47.63
N ILE Y 62 -22.91 -115.77 -48.11
CA ILE Y 62 -23.15 -115.99 -49.53
C ILE Y 62 -24.61 -116.43 -49.71
N THR Y 63 -25.02 -116.52 -50.97
CA THR Y 63 -26.37 -116.98 -51.27
C THR Y 63 -26.29 -118.16 -52.24
N PRO Y 64 -27.17 -119.15 -52.08
CA PRO Y 64 -27.17 -120.28 -53.01
C PRO Y 64 -27.68 -119.87 -54.37
N PRO Y 65 -27.28 -120.58 -55.42
CA PRO Y 65 -27.79 -120.28 -56.77
C PRO Y 65 -29.19 -120.79 -57.05
N SER Y 66 -29.95 -121.20 -56.03
CA SER Y 66 -31.33 -121.61 -56.20
C SER Y 66 -32.31 -120.47 -55.91
N LYS Y 67 -32.16 -119.82 -54.77
CA LYS Y 67 -33.10 -118.79 -54.33
C LYS Y 67 -32.68 -117.40 -54.77
N ASP Y 68 -31.65 -117.28 -55.61
CA ASP Y 68 -31.21 -115.98 -56.11
C ASP Y 68 -32.26 -115.43 -57.07
N ASN Y 69 -32.94 -114.37 -56.66
CA ASN Y 69 -34.03 -113.81 -57.46
C ASN Y 69 -33.51 -112.74 -58.40
N THR Y 70 -32.57 -113.14 -59.25
CA THR Y 70 -32.10 -112.34 -60.36
C THR Y 70 -32.77 -112.85 -61.62
N LEU Y 71 -33.13 -111.93 -62.50
CA LEU Y 71 -33.85 -112.29 -63.71
C LEU Y 71 -32.92 -113.00 -64.68
N THR Y 72 -33.36 -114.15 -65.18
CA THR Y 72 -32.59 -114.84 -66.20
C THR Y 72 -32.85 -114.20 -67.56
N ILE Y 73 -31.99 -114.53 -68.52
CA ILE Y 73 -32.06 -113.94 -69.85
C ILE Y 73 -33.23 -114.57 -70.59
N PRO Y 74 -34.19 -113.77 -71.08
CA PRO Y 74 -35.37 -114.35 -71.73
C PRO Y 74 -35.11 -114.93 -73.11
N ASN Y 75 -33.94 -114.67 -73.70
CA ASN Y 75 -33.42 -115.26 -74.94
C ASN Y 75 -34.34 -115.07 -76.16
N ALA Y 76 -35.32 -114.18 -76.09
CA ALA Y 76 -36.09 -113.82 -77.27
C ALA Y 76 -35.22 -113.00 -78.22
N TYR Y 77 -35.42 -113.21 -79.52
CA TYR Y 77 -34.47 -112.75 -80.53
C TYR Y 77 -34.41 -111.24 -80.66
N ASN Y 78 -35.48 -110.53 -80.32
CA ASN Y 78 -35.47 -109.08 -80.49
C ASN Y 78 -34.64 -108.35 -79.44
N LEU Y 79 -34.16 -109.05 -78.41
CA LEU Y 79 -33.47 -108.44 -77.29
C LEU Y 79 -31.95 -108.53 -77.43
N GLN Y 80 -31.43 -108.49 -78.65
CA GLN Y 80 -30.01 -108.63 -78.88
C GLN Y 80 -29.36 -107.37 -79.43
N ALA Y 81 -30.10 -106.27 -79.51
CA ALA Y 81 -29.53 -105.05 -80.05
C ALA Y 81 -28.61 -104.38 -79.04
N ARG Y 82 -27.67 -103.60 -79.56
CA ARG Y 82 -26.79 -102.79 -78.74
C ARG Y 82 -27.35 -101.38 -78.61
N ALA Y 83 -27.07 -100.75 -77.47
CA ALA Y 83 -27.53 -99.39 -77.25
C ALA Y 83 -26.62 -98.71 -76.24
N SER Y 84 -26.56 -97.39 -76.34
CA SER Y 84 -25.91 -96.55 -75.35
C SER Y 84 -26.98 -95.74 -74.65
N VAL Y 85 -27.07 -95.90 -73.33
CA VAL Y 85 -28.11 -95.26 -72.53
C VAL Y 85 -27.48 -94.66 -71.29
N ASP Y 86 -27.69 -93.36 -71.09
CA ASP Y 86 -27.38 -92.68 -69.83
C ASP Y 86 -28.67 -92.12 -69.28
N TRP Y 87 -29.02 -92.52 -68.05
CA TRP Y 87 -30.24 -92.06 -67.43
C TRP Y 87 -30.06 -92.15 -65.93
N SER Y 88 -30.71 -91.23 -65.22
CA SER Y 88 -30.74 -91.31 -63.76
C SER Y 88 -32.06 -90.71 -63.29
N GLY Y 89 -33.05 -91.57 -63.10
CA GLY Y 89 -34.36 -91.13 -62.67
C GLY Y 89 -35.36 -92.26 -62.57
N PRO Y 90 -36.61 -92.00 -63.00
CA PRO Y 90 -37.68 -92.99 -62.85
C PRO Y 90 -37.55 -94.20 -63.76
N ILE Y 91 -38.54 -95.07 -63.71
CA ILE Y 91 -38.45 -96.37 -64.37
C ILE Y 91 -39.52 -96.59 -65.42
N GLU Y 92 -40.61 -95.83 -65.40
CA GLU Y 92 -41.75 -96.13 -66.26
C GLU Y 92 -41.45 -95.80 -67.71
N GLU Y 93 -40.84 -94.65 -67.95
CA GLU Y 93 -40.43 -94.28 -69.31
C GLU Y 93 -39.31 -95.19 -69.82
N LEU Y 94 -38.47 -95.70 -68.91
CA LEU Y 94 -37.42 -96.62 -69.29
C LEU Y 94 -38.01 -97.93 -69.79
N THR Y 95 -38.96 -98.47 -69.02
CA THR Y 95 -39.63 -99.70 -69.42
C THR Y 95 -40.44 -99.52 -70.69
N ALA Y 96 -41.16 -98.40 -70.81
CA ALA Y 96 -42.01 -98.18 -71.97
C ALA Y 96 -41.19 -98.01 -73.23
N ARG Y 97 -40.12 -97.23 -73.19
CA ARG Y 97 -39.31 -97.05 -74.37
C ARG Y 97 -38.46 -98.27 -74.69
N ILE Y 98 -38.07 -99.04 -73.66
CA ILE Y 98 -37.38 -100.30 -73.91
C ILE Y 98 -38.29 -101.28 -74.62
N ALA Y 99 -39.56 -101.37 -74.20
CA ALA Y 99 -40.52 -102.23 -74.88
C ALA Y 99 -40.85 -101.72 -76.27
N LYS Y 100 -40.86 -100.40 -76.45
CA LYS Y 100 -41.06 -99.81 -77.77
C LYS Y 100 -39.92 -100.18 -78.71
N ALA Y 101 -38.68 -100.14 -78.20
CA ALA Y 101 -37.54 -100.55 -79.01
C ALA Y 101 -37.55 -102.05 -79.27
N ALA Y 102 -38.07 -102.83 -78.34
CA ALA Y 102 -38.17 -104.26 -78.52
C ALA Y 102 -39.40 -104.70 -79.30
N HIS Y 103 -40.27 -103.74 -79.66
CA HIS Y 103 -41.58 -103.99 -80.30
C HIS Y 103 -42.42 -104.94 -79.46
N PHE Y 104 -42.45 -104.68 -78.17
CA PHE Y 104 -43.20 -105.48 -77.21
C PHE Y 104 -44.29 -104.64 -76.58
N ARG Y 105 -45.41 -105.28 -76.27
CA ARG Y 105 -46.39 -104.59 -75.46
C ARG Y 105 -45.91 -104.52 -74.01
N PHE Y 106 -46.45 -103.56 -73.28
CA PHE Y 106 -45.93 -103.25 -71.96
C PHE Y 106 -47.07 -102.86 -71.05
N ARG Y 107 -47.04 -103.38 -69.82
CA ARG Y 107 -48.09 -103.04 -68.86
C ARG Y 107 -47.51 -103.00 -67.46
N VAL Y 108 -48.22 -102.31 -66.58
CA VAL Y 108 -47.86 -102.16 -65.19
C VAL Y 108 -48.96 -102.76 -64.35
N LEU Y 109 -48.62 -103.78 -63.56
CA LEU Y 109 -49.52 -104.34 -62.57
C LEU Y 109 -49.05 -103.91 -61.20
N GLY Y 110 -49.88 -103.12 -60.52
CA GLY Y 110 -49.60 -102.59 -59.22
C GLY Y 110 -49.82 -101.11 -59.19
N LYS Y 111 -49.50 -100.51 -58.06
CA LYS Y 111 -49.72 -99.09 -57.82
C LYS Y 111 -48.37 -98.37 -57.76
N SER Y 112 -48.28 -97.27 -58.47
CA SER Y 112 -47.09 -96.43 -58.39
C SER Y 112 -47.00 -95.81 -57.00
N PRO Y 113 -45.82 -95.75 -56.40
CA PRO Y 113 -45.68 -95.16 -55.07
C PRO Y 113 -45.69 -93.65 -55.16
N SER Y 114 -45.68 -93.03 -53.98
CA SER Y 114 -45.67 -91.57 -53.91
C SER Y 114 -44.31 -91.02 -54.34
N VAL Y 115 -43.27 -91.34 -53.59
CA VAL Y 115 -41.93 -90.95 -53.99
C VAL Y 115 -41.47 -91.87 -55.13
N PRO Y 116 -41.02 -91.33 -56.26
CA PRO Y 116 -40.60 -92.18 -57.37
C PRO Y 116 -39.32 -92.93 -57.06
N VAL Y 117 -39.18 -94.10 -57.66
CA VAL Y 117 -38.00 -94.93 -57.50
C VAL Y 117 -36.96 -94.48 -58.52
N LEU Y 118 -35.75 -94.20 -58.03
CA LEU Y 118 -34.72 -93.61 -58.85
C LEU Y 118 -33.70 -94.68 -59.22
N ILE Y 119 -33.36 -94.75 -60.50
CA ILE Y 119 -32.47 -95.79 -61.02
C ILE Y 119 -31.41 -95.13 -61.88
N SER Y 120 -30.14 -95.43 -61.61
CA SER Y 120 -29.02 -94.87 -62.34
C SER Y 120 -28.45 -95.92 -63.28
N ILE Y 121 -28.44 -95.62 -64.58
CA ILE Y 121 -27.85 -96.48 -65.60
C ILE Y 121 -26.92 -95.63 -66.45
N SER Y 122 -25.73 -96.16 -66.74
CA SER Y 122 -24.85 -95.56 -67.73
C SER Y 122 -24.14 -96.68 -68.48
N THR Y 123 -24.40 -96.78 -69.77
CA THR Y 123 -23.80 -97.85 -70.55
C THR Y 123 -23.67 -97.41 -71.99
N LYS Y 124 -22.76 -98.08 -72.70
CA LYS Y 124 -22.45 -97.76 -74.08
C LYS Y 124 -22.89 -98.83 -75.06
N ASP Y 125 -22.81 -100.11 -74.68
CA ASP Y 125 -23.19 -101.20 -75.57
C ASP Y 125 -23.44 -102.44 -74.74
N GLU Y 126 -24.66 -102.97 -74.78
CA GLU Y 126 -25.01 -104.20 -74.10
C GLU Y 126 -26.26 -104.78 -74.76
N SER Y 127 -26.67 -105.95 -74.28
CA SER Y 127 -27.92 -106.54 -74.70
C SER Y 127 -29.06 -105.95 -73.88
N LEU Y 128 -30.23 -105.85 -74.53
CA LEU Y 128 -31.41 -105.27 -73.89
C LEU Y 128 -31.90 -106.12 -72.74
N ALA Y 129 -31.76 -107.45 -72.87
CA ALA Y 129 -32.09 -108.33 -71.76
C ALA Y 129 -31.17 -108.10 -70.57
N GLU Y 130 -29.88 -107.87 -70.83
CA GLU Y 130 -28.95 -107.56 -69.76
C GLU Y 130 -29.26 -106.21 -69.14
N ILE Y 131 -29.71 -105.26 -69.96
CA ILE Y 131 -30.18 -103.97 -69.46
C ILE Y 131 -31.36 -104.16 -68.54
N LEU Y 132 -32.30 -105.00 -68.93
CA LEU Y 132 -33.50 -105.24 -68.13
C LEU Y 132 -33.17 -105.96 -66.83
N ARG Y 133 -32.23 -106.89 -66.88
CA ARG Y 133 -31.76 -107.56 -65.67
C ARG Y 133 -31.10 -106.58 -64.73
N ASP Y 134 -30.31 -105.67 -65.28
CA ASP Y 134 -29.70 -104.60 -64.49
C ASP Y 134 -30.77 -103.70 -63.89
N ILE Y 135 -31.85 -103.46 -64.65
CA ILE Y 135 -32.94 -102.63 -64.16
C ILE Y 135 -33.61 -103.27 -62.96
N ASP Y 136 -33.87 -104.58 -63.05
CA ASP Y 136 -34.54 -105.26 -61.94
C ASP Y 136 -33.63 -105.40 -60.73
N TYR Y 137 -32.33 -105.60 -60.95
CA TYR Y 137 -31.41 -105.65 -59.81
C TYR Y 137 -31.27 -104.27 -59.16
N GLN Y 138 -31.30 -103.21 -59.96
CA GLN Y 138 -31.29 -101.86 -59.41
C GLN Y 138 -32.56 -101.57 -58.65
N ALA Y 139 -33.69 -102.10 -59.12
CA ALA Y 139 -34.95 -101.94 -58.41
C ALA Y 139 -34.92 -102.67 -57.07
N GLY Y 140 -34.37 -103.86 -57.05
CA GLY Y 140 -34.27 -104.59 -55.80
C GLY Y 140 -35.60 -105.15 -55.34
N LYS Y 141 -36.09 -104.68 -54.19
CA LYS Y 141 -37.19 -105.36 -53.50
C LYS Y 141 -38.45 -104.53 -53.42
N LYS Y 142 -38.66 -103.62 -54.37
CA LYS Y 142 -39.93 -102.90 -54.45
C LYS Y 142 -40.65 -103.11 -55.77
N ALA Y 143 -39.93 -103.50 -56.81
CA ALA Y 143 -40.56 -103.76 -58.10
C ALA Y 143 -39.79 -104.85 -58.81
N SER Y 144 -40.47 -105.53 -59.72
CA SER Y 144 -39.86 -106.58 -60.52
C SER Y 144 -40.37 -106.48 -61.94
N ILE Y 145 -39.69 -107.19 -62.84
CA ILE Y 145 -40.02 -107.14 -64.25
C ILE Y 145 -40.18 -108.56 -64.75
N HIS Y 146 -41.31 -108.86 -65.36
CA HIS Y 146 -41.55 -110.19 -65.92
C HIS Y 146 -41.73 -110.11 -67.42
N VAL Y 147 -41.19 -111.11 -68.11
CA VAL Y 147 -41.10 -111.13 -69.57
C VAL Y 147 -41.91 -112.31 -70.08
N TYR Y 148 -42.79 -112.06 -71.03
CA TYR Y 148 -43.52 -113.13 -71.70
C TYR Y 148 -43.16 -113.14 -73.17
N PRO Y 149 -42.48 -114.18 -73.66
CA PRO Y 149 -42.11 -114.25 -75.08
C PRO Y 149 -43.10 -115.05 -75.91
N ASN Y 150 -44.10 -115.64 -75.26
CA ASN Y 150 -45.19 -116.26 -76.01
C ASN Y 150 -46.13 -115.19 -76.56
N SER Y 151 -46.73 -114.41 -75.67
CA SER Y 151 -47.39 -113.16 -76.02
C SER Y 151 -46.44 -112.04 -75.64
N GLN Y 152 -45.94 -111.31 -76.64
CA GLN Y 152 -44.71 -110.52 -76.52
C GLN Y 152 -44.96 -109.31 -75.64
N VAL Y 153 -44.84 -109.53 -74.33
CA VAL Y 153 -45.21 -108.50 -73.37
C VAL Y 153 -44.16 -108.42 -72.26
N VAL Y 154 -44.11 -107.26 -71.62
CA VAL Y 154 -43.32 -107.05 -70.42
C VAL Y 154 -44.23 -106.41 -69.37
N GLU Y 155 -44.03 -106.82 -68.12
CA GLU Y 155 -44.88 -106.39 -67.02
C GLU Y 155 -44.03 -105.84 -65.90
N LEU Y 156 -44.40 -104.66 -65.41
CA LEU Y 156 -43.85 -104.09 -64.19
C LEU Y 156 -44.71 -104.54 -63.03
N ARG Y 157 -44.14 -105.34 -62.14
CA ARG Y 157 -44.85 -105.86 -60.97
C ARG Y 157 -44.47 -105.01 -59.77
N TYR Y 158 -45.46 -104.38 -59.16
CA TYR Y 158 -45.18 -103.57 -57.98
C TYR Y 158 -45.20 -104.41 -56.71
N ALA Y 159 -44.63 -103.85 -55.64
CA ALA Y 159 -44.67 -104.47 -54.34
C ALA Y 159 -45.79 -103.85 -53.51
N LYS Y 160 -45.93 -104.33 -52.28
CA LYS Y 160 -47.01 -103.87 -51.41
C LYS Y 160 -46.48 -103.22 -50.15
N ILE Z 208 -26.82 -143.77 -42.15
CA ILE Z 208 -25.47 -144.25 -42.37
C ILE Z 208 -24.98 -143.79 -43.75
N ILE Z 209 -23.83 -143.13 -43.77
CA ILE Z 209 -23.30 -142.49 -44.98
C ILE Z 209 -22.20 -143.37 -45.56
N TYR Z 210 -22.30 -143.65 -46.85
CA TYR Z 210 -21.35 -144.53 -47.49
C TYR Z 210 -20.15 -143.74 -48.03
N TYR Z 211 -19.11 -144.50 -48.39
CA TYR Z 211 -17.91 -143.97 -49.02
C TYR Z 211 -17.42 -144.98 -50.04
N ILE Z 212 -16.34 -144.66 -50.73
CA ILE Z 212 -15.79 -145.53 -51.76
C ILE Z 212 -14.31 -145.75 -51.50
N GLN Z 213 -13.83 -146.90 -51.98
CA GLN Z 213 -12.40 -147.22 -51.92
C GLN Z 213 -11.81 -147.44 -53.31
N ALA Z 214 -12.39 -148.33 -54.11
CA ALA Z 214 -11.86 -148.65 -55.42
C ALA Z 214 -12.99 -148.63 -56.44
N VAL Z 215 -12.64 -148.24 -57.66
CA VAL Z 215 -13.64 -148.02 -58.71
C VAL Z 215 -13.08 -148.46 -60.05
N ILE Z 216 -13.83 -149.30 -60.75
CA ILE Z 216 -13.51 -149.71 -62.11
C ILE Z 216 -14.77 -149.42 -62.93
N PRO Z 217 -14.64 -149.29 -64.26
CA PRO Z 217 -15.86 -149.25 -65.09
C PRO Z 217 -16.62 -150.55 -64.99
N GLY Z 218 -17.77 -150.50 -64.33
CA GLY Z 218 -18.63 -151.66 -64.14
C GLY Z 218 -18.74 -152.13 -62.71
N ARG Z 219 -17.61 -152.22 -62.00
CA ARG Z 219 -17.58 -152.73 -60.65
C ARG Z 219 -17.04 -151.65 -59.71
N ALA Z 220 -17.64 -151.56 -58.53
CA ALA Z 220 -17.23 -150.55 -57.57
C ALA Z 220 -17.11 -151.15 -56.18
N TRP Z 221 -16.12 -150.68 -55.43
CA TRP Z 221 -15.95 -151.02 -54.02
C TRP Z 221 -16.56 -149.92 -53.19
N LEU Z 222 -17.36 -150.31 -52.20
CA LEU Z 222 -18.13 -149.39 -51.38
C LEU Z 222 -17.87 -149.67 -49.91
N ILE Z 223 -17.85 -148.62 -49.10
CA ILE Z 223 -17.67 -148.76 -47.66
C ILE Z 223 -18.66 -147.84 -46.95
N GLY Z 224 -19.43 -148.40 -46.02
CA GLY Z 224 -20.38 -147.63 -45.25
C GLY Z 224 -19.75 -146.94 -44.07
N SER Z 225 -20.57 -146.19 -43.33
CA SER Z 225 -20.10 -145.54 -42.12
C SER Z 225 -19.83 -146.54 -41.00
N ASN Z 226 -20.55 -147.66 -40.99
CA ASN Z 226 -20.32 -148.70 -40.01
C ASN Z 226 -19.04 -149.49 -40.29
N GLY Z 227 -18.53 -149.41 -41.52
CA GLY Z 227 -17.34 -150.14 -41.91
C GLY Z 227 -17.60 -151.36 -42.77
N SER Z 228 -18.84 -151.62 -43.17
CA SER Z 228 -19.17 -152.80 -43.94
C SER Z 228 -18.72 -152.66 -45.38
N THR Z 229 -18.10 -153.71 -45.90
CA THR Z 229 -17.66 -153.73 -47.29
C THR Z 229 -18.85 -154.00 -48.20
N LEU Z 230 -18.72 -153.54 -49.46
CA LEU Z 230 -19.76 -153.81 -50.44
C LEU Z 230 -19.16 -153.80 -51.83
N THR Z 231 -19.68 -154.66 -52.70
CA THR Z 231 -19.36 -154.67 -54.12
C THR Z 231 -20.62 -154.30 -54.88
N VAL Z 232 -20.54 -153.27 -55.73
CA VAL Z 232 -21.70 -152.70 -56.36
C VAL Z 232 -21.51 -152.71 -57.87
N ARG Z 233 -22.47 -153.28 -58.59
CA ARG Z 233 -22.50 -153.34 -60.04
C ARG Z 233 -23.12 -152.06 -60.59
N GLU Z 234 -23.53 -152.08 -61.86
CA GLU Z 234 -24.31 -150.98 -62.42
C GLU Z 234 -25.66 -150.86 -61.73
N GLY Z 235 -26.34 -151.97 -61.50
CA GLY Z 235 -27.66 -151.93 -60.91
C GLY Z 235 -27.79 -152.72 -59.63
N SER Z 236 -28.00 -152.02 -58.51
CA SER Z 236 -28.19 -152.67 -57.21
C SER Z 236 -28.90 -151.71 -56.28
N LYS Z 237 -29.46 -152.27 -55.22
CA LYS Z 237 -30.28 -151.52 -54.27
C LYS Z 237 -29.54 -151.39 -52.95
N ILE Z 238 -29.48 -150.17 -52.42
CA ILE Z 238 -28.83 -149.90 -51.14
C ILE Z 238 -29.74 -149.03 -50.29
N PRO Z 239 -29.75 -149.20 -48.96
CA PRO Z 239 -30.65 -148.41 -48.13
C PRO Z 239 -30.17 -146.98 -47.97
N GLY Z 240 -31.10 -146.04 -48.03
CA GLY Z 240 -30.79 -144.63 -47.87
C GLY Z 240 -30.31 -143.94 -49.13
N TYR Z 241 -30.02 -144.69 -50.19
CA TYR Z 241 -29.63 -144.13 -51.47
C TYR Z 241 -30.41 -144.70 -52.65
N GLY Z 242 -31.09 -145.83 -52.47
CA GLY Z 242 -31.90 -146.39 -53.53
C GLY Z 242 -31.13 -147.22 -54.54
N MET Z 243 -31.33 -146.92 -55.82
CA MET Z 243 -30.73 -147.66 -56.91
C MET Z 243 -29.58 -146.84 -57.50
N VAL Z 244 -28.43 -147.49 -57.70
CA VAL Z 244 -27.29 -146.81 -58.31
C VAL Z 244 -27.61 -146.56 -59.78
N LYS Z 245 -27.54 -145.29 -60.18
CA LYS Z 245 -28.01 -144.88 -61.50
C LYS Z 245 -26.92 -145.03 -62.56
N LEU Z 246 -25.72 -144.52 -62.28
CA LEU Z 246 -24.61 -144.68 -63.19
C LEU Z 246 -23.33 -144.64 -62.37
N ILE Z 247 -22.25 -145.15 -62.96
CA ILE Z 247 -20.96 -145.23 -62.29
C ILE Z 247 -19.93 -144.50 -63.14
N ASP Z 248 -19.20 -143.60 -62.51
CA ASP Z 248 -18.14 -142.83 -63.16
C ASP Z 248 -16.81 -143.30 -62.62
N SER Z 249 -15.91 -143.68 -63.51
CA SER Z 249 -14.58 -144.15 -63.13
C SER Z 249 -13.48 -143.14 -63.40
N LEU Z 250 -13.66 -142.25 -64.37
CA LEU Z 250 -12.70 -141.18 -64.59
C LEU Z 250 -12.68 -140.21 -63.41
N GLN Z 251 -13.85 -139.91 -62.88
CA GLN Z 251 -13.98 -139.05 -61.72
C GLN Z 251 -14.72 -139.83 -60.64
N GLY Z 252 -14.22 -139.76 -59.41
CA GLY Z 252 -14.70 -140.62 -58.35
C GLY Z 252 -16.00 -140.19 -57.68
N ARG Z 253 -17.05 -139.98 -58.47
CA ARG Z 253 -18.36 -139.71 -57.93
C ARG Z 253 -19.37 -140.66 -58.55
N ILE Z 254 -20.29 -141.15 -57.73
CA ILE Z 254 -21.36 -142.04 -58.16
C ILE Z 254 -22.68 -141.38 -57.85
N LEU Z 255 -23.57 -141.34 -58.82
CA LEU Z 255 -24.91 -140.80 -58.64
C LEU Z 255 -25.91 -141.93 -58.64
N THR Z 256 -26.78 -141.95 -57.64
CA THR Z 256 -27.81 -142.96 -57.51
C THR Z 256 -29.10 -142.46 -58.13
N SER Z 257 -30.18 -143.23 -57.95
CA SER Z 257 -31.49 -142.78 -58.40
C SER Z 257 -32.04 -141.68 -57.50
N SER Z 258 -31.66 -141.68 -56.22
CA SER Z 258 -32.18 -140.72 -55.26
C SER Z 258 -31.40 -139.42 -55.22
N GLY Z 259 -30.66 -139.11 -56.27
CA GLY Z 259 -30.00 -137.82 -56.39
C GLY Z 259 -28.87 -137.58 -55.41
N GLN Z 260 -28.25 -138.62 -54.90
CA GLN Z 260 -27.18 -138.48 -53.92
C GLN Z 260 -25.84 -138.84 -54.55
N VAL Z 261 -24.85 -137.97 -54.35
CA VAL Z 261 -23.53 -138.10 -54.94
C VAL Z 261 -22.56 -138.51 -53.85
N ILE Z 262 -21.74 -139.52 -54.12
CA ILE Z 262 -20.83 -140.09 -53.14
C ILE Z 262 -19.41 -140.04 -53.68
N LYS Z 263 -18.51 -139.44 -52.91
CA LYS Z 263 -17.10 -139.30 -53.23
C LYS Z 263 -16.26 -140.05 -52.21
N PHE Z 264 -14.95 -139.95 -52.33
CA PHE Z 264 -14.06 -140.46 -51.30
C PHE Z 264 -14.11 -139.56 -50.07
N SER Z 265 -13.70 -140.12 -48.94
CA SER Z 265 -13.67 -139.37 -47.70
C SER Z 265 -12.46 -138.43 -47.69
N GLN Z 266 -12.44 -137.54 -46.71
CA GLN Z 266 -11.37 -136.56 -46.61
C GLN Z 266 -11.03 -136.27 -45.16
N GLN AA 791 -98.65 59.79 35.47
CA GLN AA 791 -97.56 59.75 36.44
C GLN AA 791 -96.96 58.36 36.50
N GLN AA 792 -97.52 57.45 35.72
CA GLN AA 792 -97.14 56.04 35.77
C GLN AA 792 -96.34 55.59 34.56
N GLU AA 793 -95.91 56.50 33.70
CA GLU AA 793 -95.09 56.15 32.54
C GLU AA 793 -93.73 56.82 32.56
N ILE AA 794 -93.39 57.56 33.61
CA ILE AA 794 -92.07 58.15 33.70
C ILE AA 794 -91.03 57.06 33.94
N GLN AA 795 -91.37 56.07 34.77
CA GLN AA 795 -90.38 55.13 35.28
C GLN AA 795 -89.94 54.14 34.20
N GLN AA 796 -90.86 53.74 33.33
CA GLN AA 796 -90.47 52.97 32.16
C GLN AA 796 -89.69 53.82 31.17
N ARG AA 797 -90.05 55.10 31.05
CA ARG AA 797 -89.25 56.02 30.25
C ARG AA 797 -87.91 56.29 30.92
N THR AA 798 -87.86 56.24 32.25
CA THR AA 798 -86.61 56.41 32.98
C THR AA 798 -85.65 55.27 32.72
N SER AA 799 -86.18 54.06 32.50
CA SER AA 799 -85.34 52.89 32.27
C SER AA 799 -84.54 53.00 30.99
N ASP AA 800 -85.13 53.63 29.96
CA ASP AA 800 -84.42 53.86 28.71
C ASP AA 800 -83.28 54.84 28.91
N MET AA 801 -83.47 55.82 29.78
CA MET AA 801 -82.38 56.73 30.13
C MET AA 801 -81.27 56.00 30.88
N LEU AA 802 -81.64 55.01 31.69
CA LEU AA 802 -80.67 54.25 32.47
C LEU AA 802 -79.79 53.40 31.56
N THR AA 803 -80.34 52.92 30.44
CA THR AA 803 -79.52 52.25 29.44
C THR AA 803 -78.52 53.22 28.82
N ALA AA 804 -78.95 54.45 28.55
CA ALA AA 804 -78.03 55.45 28.04
C ALA AA 804 -77.10 55.94 29.15
N ALA AA 805 -77.56 55.88 30.40
CA ALA AA 805 -76.73 56.28 31.52
C ALA AA 805 -75.58 55.30 31.71
N THR AA 806 -75.87 54.01 31.71
CA THR AA 806 -74.81 53.02 31.82
C THR AA 806 -74.04 52.89 30.50
N GLN AA 807 -74.54 53.49 29.42
CA GLN AA 807 -73.81 53.50 28.18
C GLN AA 807 -72.56 54.38 28.29
N LEU AA 808 -72.70 55.57 28.85
CA LEU AA 808 -71.67 56.60 28.66
C LEU AA 808 -70.48 56.40 29.57
N VAL AA 809 -70.63 55.70 30.69
CA VAL AA 809 -69.53 55.53 31.63
C VAL AA 809 -68.45 54.65 31.02
N GLN AA 810 -68.84 53.53 30.43
CA GLN AA 810 -67.90 52.73 29.67
C GLN AA 810 -67.61 53.32 28.30
N ASP AA 811 -68.38 54.33 27.88
CA ASP AA 811 -68.06 55.05 26.65
C ASP AA 811 -67.10 56.21 26.90
N TRP AA 812 -66.75 56.48 28.15
CA TRP AA 812 -65.86 57.59 28.46
C TRP AA 812 -64.62 57.18 29.24
N LYS AA 813 -64.77 56.34 30.26
CA LYS AA 813 -63.66 56.08 31.17
C LYS AA 813 -62.61 55.15 30.61
N GLN AA 814 -62.87 54.50 29.49
CA GLN AA 814 -61.81 53.76 28.81
C GLN AA 814 -60.84 54.74 28.16
N VAL AA 815 -59.59 54.31 28.04
CA VAL AA 815 -58.54 55.14 27.46
C VAL AA 815 -57.49 54.23 26.85
N GLU AA 816 -57.20 54.43 25.58
CA GLU AA 816 -56.10 53.71 24.97
C GLU AA 816 -54.79 54.45 25.19
N THR AA 817 -53.70 53.71 25.14
CA THR AA 817 -52.40 54.23 25.54
C THR AA 817 -51.72 54.92 24.35
N GLN AA 818 -50.44 55.22 24.53
CA GLN AA 818 -49.64 55.84 23.50
C GLN AA 818 -49.30 54.84 22.40
N VAL AA 819 -48.85 55.37 21.27
CA VAL AA 819 -48.29 54.56 20.19
C VAL AA 819 -46.92 55.16 19.86
N TYR AA 820 -45.88 54.69 20.55
CA TYR AA 820 -44.55 55.18 20.31
C TYR AA 820 -43.95 54.51 19.09
N THR AA 821 -43.21 55.29 18.30
CA THR AA 821 -42.59 54.80 17.08
C THR AA 821 -41.09 55.01 17.16
N GLU AA 822 -40.33 54.00 16.73
CA GLU AA 822 -38.88 54.12 16.65
C GLU AA 822 -38.46 54.46 15.22
N GLY AA 823 -37.17 54.69 15.04
CA GLY AA 823 -36.64 55.01 13.73
C GLY AA 823 -35.17 54.70 13.63
N THR AA 824 -34.72 54.54 12.39
CA THR AA 824 -33.30 54.27 12.12
C THR AA 824 -32.91 54.72 10.72
N ILE BA 862 33.41 -46.08 37.97
CA ILE BA 862 33.93 -44.92 38.68
C ILE BA 862 35.46 -44.98 38.72
N ILE BA 863 36.09 -44.09 37.95
CA ILE BA 863 37.53 -44.03 37.80
C ILE BA 863 38.02 -42.64 38.16
N LYS BA 864 39.04 -42.57 39.02
CA LYS BA 864 39.64 -41.30 39.41
C LYS BA 864 40.30 -40.63 38.21
N THR BA 865 40.31 -39.29 38.24
CA THR BA 865 40.79 -38.50 37.10
C THR BA 865 42.30 -38.38 37.14
N GLY BA 866 42.97 -38.96 36.15
CA GLY BA 866 44.42 -38.83 36.03
C GLY BA 866 45.22 -39.85 36.82
N ASP BA 867 44.90 -41.12 36.65
CA ASP BA 867 45.68 -42.22 37.21
C ASP BA 867 46.20 -43.07 36.05
N ILE BA 868 47.16 -43.94 36.34
CA ILE BA 868 47.94 -44.62 35.31
C ILE BA 868 47.61 -46.12 35.36
N MET BA 869 47.33 -46.69 34.19
CA MET BA 869 47.03 -48.10 33.98
C MET BA 869 47.97 -48.64 32.91
N PHE BA 870 47.98 -49.97 32.73
CA PHE BA 870 48.88 -50.60 31.79
C PHE BA 870 48.09 -51.16 30.61
N ALA BA 871 48.77 -51.28 29.46
CA ALA BA 871 48.25 -52.00 28.32
C ALA BA 871 49.43 -52.58 27.56
N VAL BA 872 49.18 -53.58 26.72
CA VAL BA 872 50.24 -54.24 25.98
C VAL BA 872 49.91 -54.16 24.49
N LEU BA 873 50.84 -53.65 23.71
CA LEU BA 873 50.69 -53.53 22.27
C LEU BA 873 51.27 -54.76 21.60
N ASP BA 874 50.47 -55.37 20.72
CA ASP BA 874 50.77 -56.71 20.23
C ASP BA 874 51.04 -56.76 18.73
N THR BA 875 50.54 -55.77 18.00
CA THR BA 875 50.77 -55.69 16.56
C THR BA 875 51.46 -54.37 16.22
N SER BA 876 52.34 -54.37 15.22
CA SER BA 876 53.10 -53.19 14.83
C SER BA 876 52.58 -52.59 13.53
N VAL BA 877 52.93 -51.32 13.29
CA VAL BA 877 52.47 -50.58 12.13
C VAL BA 877 53.48 -49.47 11.83
N ASN BA 878 53.77 -49.28 10.54
CA ASN BA 878 54.57 -48.15 10.09
C ASN BA 878 53.76 -46.87 10.20
N SER BA 879 54.45 -45.78 10.53
CA SER BA 879 53.75 -44.52 10.75
C SER BA 879 53.59 -43.73 9.47
N ASP BA 880 52.90 -44.30 8.50
CA ASP BA 880 52.59 -43.65 7.24
C ASP BA 880 51.09 -43.61 6.98
N GLU BA 881 50.37 -44.65 7.38
CA GLU BA 881 48.91 -44.65 7.34
C GLU BA 881 48.44 -44.75 8.79
N PRO BA 882 47.88 -43.68 9.36
CA PRO BA 882 47.24 -43.80 10.67
C PRO BA 882 45.99 -44.68 10.59
N GLY BA 883 45.68 -45.31 11.70
CA GLY BA 883 44.55 -46.22 11.74
C GLY BA 883 44.21 -46.68 13.13
N PRO BA 884 43.08 -47.39 13.26
CA PRO BA 884 42.73 -48.00 14.54
C PRO BA 884 43.69 -49.11 14.94
N ILE BA 885 44.38 -48.88 16.05
CA ILE BA 885 45.30 -49.83 16.64
C ILE BA 885 44.76 -50.20 18.02
N LEU BA 886 44.69 -51.50 18.30
CA LEU BA 886 44.08 -52.00 19.52
C LEU BA 886 45.15 -52.58 20.43
N ALA BA 887 44.97 -52.38 21.73
CA ALA BA 887 45.74 -52.99 22.79
C ALA BA 887 44.78 -53.71 23.73
N THR BA 888 45.36 -54.54 24.59
CA THR BA 888 44.59 -55.25 25.62
C THR BA 888 45.01 -54.67 26.96
N ILE BA 889 44.04 -54.17 27.74
CA ILE BA 889 44.36 -53.61 29.04
C ILE BA 889 44.74 -54.74 29.98
N VAL BA 890 45.94 -54.68 30.53
CA VAL BA 890 46.52 -55.83 31.19
C VAL BA 890 46.53 -55.71 32.73
N THR BA 891 46.15 -54.56 33.28
CA THR BA 891 46.04 -54.48 34.74
C THR BA 891 44.78 -53.73 35.16
N GLY BA 892 44.50 -53.71 36.47
CA GLY BA 892 43.43 -52.89 36.97
C GLY BA 892 42.11 -53.63 37.07
N LYS BA 893 41.06 -52.84 37.33
CA LYS BA 893 39.72 -53.40 37.58
C LYS BA 893 39.11 -53.97 36.31
N LEU BA 894 39.52 -53.48 35.15
CA LEU BA 894 39.01 -53.97 33.89
C LEU BA 894 39.95 -55.02 33.31
N LYS BA 895 39.45 -56.25 33.16
CA LYS BA 895 40.24 -57.38 32.68
C LYS BA 895 39.53 -57.99 31.48
N GLY BA 896 40.32 -58.36 30.46
CA GLY BA 896 39.76 -58.83 29.22
C GLY BA 896 39.30 -57.73 28.30
N SER BA 897 39.61 -56.48 28.63
CA SER BA 897 39.11 -55.33 27.88
C SER BA 897 40.09 -54.93 26.77
N LYS BA 898 39.53 -54.50 25.65
CA LYS BA 898 40.31 -54.15 24.47
C LYS BA 898 40.05 -52.68 24.12
N LEU BA 899 41.00 -52.06 23.40
CA LEU BA 899 40.90 -50.62 23.16
C LEU BA 899 41.60 -50.25 21.86
N ILE BA 900 40.87 -49.53 20.98
CA ILE BA 900 41.40 -49.04 19.71
C ILE BA 900 41.57 -47.52 19.78
N GLY BA 901 42.60 -47.05 19.09
CA GLY BA 901 42.87 -45.64 18.91
C GLY BA 901 43.75 -45.42 17.71
N SER BA 902 44.55 -44.36 17.69
CA SER BA 902 45.40 -44.06 16.55
C SER BA 902 46.58 -43.21 17.03
N PHE BA 903 47.43 -42.79 16.09
CA PHE BA 903 48.56 -41.91 16.36
C PHE BA 903 48.43 -40.63 15.55
N ASN BA 904 49.42 -39.75 15.72
CA ASN BA 904 49.61 -38.58 14.87
C ASN BA 904 51.11 -38.42 14.60
N LEU BA 905 51.44 -37.88 13.43
CA LEU BA 905 52.83 -37.71 13.03
C LEU BA 905 53.34 -36.34 13.43
N PRO BA 906 54.33 -36.26 14.30
CA PRO BA 906 54.91 -34.97 14.65
C PRO BA 906 55.95 -34.51 13.64
N SER BA 907 56.22 -33.21 13.66
CA SER BA 907 57.24 -32.62 12.79
C SER BA 907 58.63 -33.07 13.18
N ASN BA 908 58.96 -32.99 14.47
CA ASN BA 908 60.16 -33.62 15.02
C ASN BA 908 59.73 -34.89 15.76
N ALA BA 909 60.42 -35.98 15.47
CA ALA BA 909 59.98 -37.31 15.88
C ALA BA 909 60.54 -37.76 17.22
N ASP BA 910 60.87 -36.81 18.10
CA ASP BA 910 61.47 -37.13 19.39
C ASP BA 910 60.47 -37.70 20.40
N LYS BA 911 59.18 -37.73 20.07
CA LYS BA 911 58.22 -38.50 20.83
C LYS BA 911 57.10 -38.95 19.89
N MET BA 912 56.40 -40.00 20.32
CA MET BA 912 55.28 -40.55 19.58
C MET BA 912 54.31 -41.19 20.57
N VAL BA 913 53.03 -40.84 20.44
CA VAL BA 913 52.00 -41.22 21.40
C VAL BA 913 50.85 -41.88 20.63
N ILE BA 914 50.04 -42.63 21.37
CA ILE BA 914 48.83 -43.24 20.84
C ILE BA 914 47.64 -42.65 21.58
N THR BA 915 46.79 -41.91 20.87
CA THR BA 915 45.52 -41.46 21.40
C THR BA 915 44.62 -42.69 21.49
N PHE BA 916 43.91 -42.84 22.60
CA PHE BA 916 43.20 -44.07 22.90
C PHE BA 916 41.80 -43.75 23.43
N ASN BA 917 40.79 -43.96 22.60
CA ASN BA 917 39.45 -43.59 23.03
C ASN BA 917 38.42 -44.71 22.91
N THR BA 918 38.56 -45.60 21.93
CA THR BA 918 37.50 -46.57 21.67
C THR BA 918 37.71 -47.77 22.60
N MET BA 919 37.06 -47.74 23.76
CA MET BA 919 37.25 -48.74 24.81
C MET BA 919 36.07 -49.73 24.78
N SER BA 920 36.38 -51.02 24.65
CA SER BA 920 35.39 -52.08 24.73
C SER BA 920 35.69 -52.95 25.94
N ILE BA 921 34.69 -53.13 26.80
CA ILE BA 921 34.79 -53.95 28.00
C ILE BA 921 33.82 -55.11 27.85
N PRO BA 922 34.25 -56.35 28.13
CA PRO BA 922 33.32 -57.49 28.04
C PRO BA 922 32.35 -57.58 29.20
N GLY BA 923 31.60 -58.68 29.26
CA GLY BA 923 30.56 -58.84 30.26
C GLY BA 923 29.21 -58.38 29.73
N ALA BA 924 29.10 -57.09 29.41
CA ALA BA 924 27.95 -56.53 28.74
C ALA BA 924 28.39 -55.78 27.49
N GLU BA 925 27.52 -55.79 26.47
CA GLU BA 925 27.85 -55.17 25.19
C GLU BA 925 27.69 -53.65 25.29
N LYS BA 926 28.72 -53.01 25.81
CA LYS BA 926 28.77 -51.56 25.91
C LYS BA 926 30.12 -51.09 25.41
N THR BA 927 30.18 -49.83 25.01
CA THR BA 927 31.41 -49.25 24.45
C THR BA 927 31.56 -47.84 25.04
N ILE BA 928 32.35 -47.72 26.09
CA ILE BA 928 32.62 -46.42 26.69
C ILE BA 928 33.71 -45.73 25.87
N SER BA 929 33.81 -44.41 26.00
CA SER BA 929 34.72 -43.66 25.15
C SER BA 929 35.66 -42.77 25.96
N ILE BA 930 36.28 -43.33 26.99
CA ILE BA 930 37.28 -42.61 27.78
C ILE BA 930 38.52 -42.40 26.92
N SER BA 931 38.95 -41.15 26.80
CA SER BA 931 40.08 -40.77 25.96
C SER BA 931 41.28 -40.48 26.85
N ALA BA 932 42.44 -41.00 26.47
CA ALA BA 932 43.63 -40.88 27.30
C ALA BA 932 44.87 -40.98 26.42
N TYR BA 933 46.03 -40.66 26.99
CA TYR BA 933 47.31 -40.64 26.29
C TYR BA 933 48.24 -41.72 26.85
N ALA BA 934 49.47 -41.76 26.34
CA ALA BA 934 50.41 -42.83 26.61
C ALA BA 934 51.74 -42.32 27.16
N ILE BA 935 52.33 -43.11 28.06
CA ILE BA 935 53.69 -42.91 28.56
C ILE BA 935 54.41 -44.25 28.49
N ASP BA 936 55.74 -44.21 28.46
CA ASP BA 936 56.51 -45.44 28.38
C ASP BA 936 56.63 -46.07 29.77
N PRO BA 937 56.14 -47.29 29.97
CA PRO BA 937 56.22 -47.91 31.29
C PRO BA 937 57.65 -48.31 31.63
N ASN BA 938 57.97 -48.22 32.93
CA ASN BA 938 59.30 -48.35 33.53
C ASN BA 938 60.31 -47.34 32.98
N THR BA 939 59.86 -46.32 32.26
CA THR BA 939 60.69 -45.25 31.72
C THR BA 939 60.10 -43.91 32.12
N ALA BA 940 58.77 -43.86 32.11
CA ALA BA 940 57.95 -42.68 32.42
C ALA BA 940 58.33 -41.48 31.57
N ARG BA 941 58.55 -41.74 30.28
CA ARG BA 941 58.85 -40.70 29.30
C ARG BA 941 57.96 -40.91 28.09
N THR BA 942 57.93 -39.91 27.21
CA THR BA 942 56.96 -39.89 26.13
C THR BA 942 57.52 -40.33 24.77
N ALA BA 943 58.81 -40.66 24.69
CA ALA BA 943 59.41 -40.98 23.40
C ALA BA 943 58.99 -42.36 22.93
N LEU BA 944 59.23 -42.62 21.65
CA LEU BA 944 59.03 -43.95 21.06
C LEU BA 944 60.38 -44.64 20.92
N ALA BA 945 60.42 -45.90 21.35
CA ALA BA 945 61.63 -46.71 21.25
C ALA BA 945 61.67 -47.32 19.85
N SER BA 946 62.20 -46.53 18.91
CA SER BA 946 62.34 -46.96 17.52
C SER BA 946 63.47 -46.17 16.88
N ARG BA 947 63.65 -46.36 15.58
CA ARG BA 947 64.71 -45.73 14.82
C ARG BA 947 64.19 -44.47 14.13
N THR BA 948 65.04 -43.45 14.06
CA THR BA 948 64.67 -42.17 13.49
C THR BA 948 65.55 -41.72 12.33
N ASN BA 949 66.59 -42.49 11.99
CA ASN BA 949 67.53 -42.11 10.93
C ASN BA 949 67.31 -42.94 9.66
N HIS BA 950 66.05 -43.18 9.30
CA HIS BA 950 65.72 -44.10 8.22
C HIS BA 950 66.11 -43.58 6.84
N HIS BA 951 65.83 -42.31 6.55
CA HIS BA 951 65.97 -41.80 5.20
C HIS BA 951 66.69 -40.45 5.18
N TYR BA 952 67.81 -40.36 5.88
CA TYR BA 952 68.67 -39.19 5.77
C TYR BA 952 69.82 -39.42 4.79
N LEU BA 953 70.56 -40.51 5.00
CA LEU BA 953 71.83 -40.70 4.31
C LEU BA 953 71.62 -41.06 2.85
N MET BA 954 70.49 -41.70 2.52
CA MET BA 954 70.21 -42.09 1.13
C MET BA 954 70.03 -40.87 0.24
N ARG BA 955 69.16 -39.93 0.66
CA ARG BA 955 68.95 -38.73 -0.12
C ARG BA 955 70.15 -37.79 -0.05
N TYR BA 956 70.88 -37.79 1.08
CA TYR BA 956 72.15 -37.07 1.17
C TYR BA 956 73.13 -37.54 0.09
N GLY BA 957 73.29 -38.86 -0.03
CA GLY BA 957 74.22 -39.40 -1.01
C GLY BA 957 73.78 -39.16 -2.45
N SER BA 958 72.46 -39.24 -2.70
CA SER BA 958 71.97 -38.99 -4.06
C SER BA 958 72.21 -37.54 -4.48
N LEU BA 959 71.92 -36.59 -3.57
CA LEU BA 959 72.17 -35.18 -3.86
C LEU BA 959 73.65 -34.90 -4.07
N PHE BA 960 74.50 -35.46 -3.20
CA PHE BA 960 75.93 -35.16 -3.29
C PHE BA 960 76.56 -35.79 -4.53
N ALA BA 961 76.06 -36.96 -4.94
CA ALA BA 961 76.56 -37.58 -6.18
C ALA BA 961 76.16 -36.77 -7.40
N SER BA 962 74.91 -36.29 -7.43
CA SER BA 962 74.47 -35.43 -8.54
C SER BA 962 75.27 -34.14 -8.60
N SER BA 963 75.57 -33.57 -7.42
CA SER BA 963 76.44 -32.41 -7.33
C SER BA 963 77.81 -32.69 -7.91
N PHE BA 964 78.47 -33.77 -7.46
CA PHE BA 964 79.82 -34.12 -7.90
C PHE BA 964 79.88 -34.33 -9.42
N LEU BA 965 78.80 -34.86 -10.00
CA LEU BA 965 78.71 -34.96 -11.45
C LEU BA 965 78.71 -33.58 -12.10
N GLN BA 966 77.83 -32.68 -11.61
CA GLN BA 966 77.76 -31.31 -12.15
C GLN BA 966 79.11 -30.61 -12.09
N GLY BA 967 79.77 -30.71 -10.93
CA GLY BA 967 81.05 -30.05 -10.74
C GLY BA 967 82.14 -30.64 -11.60
N PHE BA 968 82.10 -31.96 -11.82
CA PHE BA 968 83.14 -32.60 -12.63
C PHE BA 968 83.07 -32.13 -14.05
N GLY BA 969 81.85 -32.10 -14.60
CA GLY BA 969 81.70 -31.66 -15.96
C GLY BA 969 82.08 -30.20 -16.16
N ASN BA 970 81.57 -29.32 -15.29
CA ASN BA 970 81.84 -27.90 -15.51
C ASN BA 970 83.30 -27.54 -15.25
N ALA BA 971 83.89 -28.04 -14.15
CA ALA BA 971 85.24 -27.62 -13.81
C ALA BA 971 86.28 -28.27 -14.73
N PHE BA 972 86.11 -29.55 -15.06
CA PHE BA 972 87.10 -30.11 -15.96
C PHE BA 972 86.79 -29.84 -17.42
N GLN BA 973 85.69 -29.14 -17.73
CA GLN BA 973 85.63 -28.44 -19.01
C GLN BA 973 86.32 -27.08 -18.92
N SER BA 974 86.22 -26.42 -17.77
CA SER BA 974 86.83 -25.10 -17.60
C SER BA 974 88.35 -25.18 -17.61
N ALA BA 975 88.89 -26.31 -17.18
CA ALA BA 975 90.33 -26.51 -17.16
C ALA BA 975 90.89 -26.99 -18.49
N ASN BA 976 90.12 -26.88 -19.58
CA ASN BA 976 90.58 -27.38 -20.87
C ASN BA 976 91.65 -26.49 -21.51
N THR BA 977 91.68 -25.20 -21.14
CA THR BA 977 92.58 -24.29 -21.83
C THR BA 977 94.00 -24.39 -21.29
N THR BA 978 94.20 -24.07 -20.02
CA THR BA 978 95.53 -24.02 -19.44
C THR BA 978 96.01 -25.41 -19.05
N SER BA 999 90.16 -37.10 -25.18
CA SER BA 999 89.15 -38.06 -25.59
C SER BA 999 88.34 -38.52 -24.40
N THR BA 1000 88.91 -39.48 -23.65
CA THR BA 1000 88.23 -40.10 -22.52
C THR BA 1000 87.93 -39.11 -21.41
N LEU BA 1001 88.87 -38.21 -21.12
CA LEU BA 1001 88.64 -37.17 -20.11
C LEU BA 1001 87.53 -36.23 -20.56
N GLU BA 1002 87.49 -35.92 -21.86
CA GLU BA 1002 86.41 -35.11 -22.42
C GLU BA 1002 85.06 -35.79 -22.27
N ASN BA 1003 85.00 -37.11 -22.49
CA ASN BA 1003 83.73 -37.81 -22.36
C ASN BA 1003 83.32 -37.96 -20.90
N ALA BA 1004 84.30 -38.00 -19.98
CA ALA BA 1004 83.98 -37.95 -18.55
C ALA BA 1004 83.34 -36.62 -18.17
N VAL BA 1005 83.94 -35.51 -18.68
CA VAL BA 1005 83.37 -34.18 -18.56
C VAL BA 1005 81.95 -34.15 -19.10
N ILE BA 1006 81.76 -34.76 -20.27
CA ILE BA 1006 80.47 -34.84 -20.96
C ILE BA 1006 79.42 -35.50 -20.07
N GLY BA 1007 79.76 -36.67 -19.52
CA GLY BA 1007 78.77 -37.49 -18.87
C GLY BA 1007 78.36 -36.88 -17.57
N LEU BA 1008 79.34 -36.46 -16.78
CA LEU BA 1008 79.02 -35.93 -15.46
C LEU BA 1008 78.38 -34.54 -15.60
N ALA BA 1009 78.82 -33.77 -16.61
CA ALA BA 1009 78.28 -32.46 -16.93
C ALA BA 1009 76.80 -32.49 -17.20
N THR BA 1010 76.33 -33.49 -17.94
CA THR BA 1010 74.91 -33.43 -18.22
C THR BA 1010 74.05 -34.31 -17.33
N VAL BA 1011 74.60 -35.34 -16.70
CA VAL BA 1011 73.75 -36.14 -15.81
C VAL BA 1011 73.74 -35.63 -14.38
N GLY BA 1012 74.56 -34.62 -14.04
CA GLY BA 1012 74.42 -34.00 -12.74
C GLY BA 1012 73.12 -33.21 -12.60
N LYS BA 1013 72.72 -32.51 -13.67
CA LYS BA 1013 71.75 -31.42 -13.55
C LYS BA 1013 70.33 -31.92 -13.28
N ALA BA 1014 69.81 -32.77 -14.16
CA ALA BA 1014 68.45 -33.26 -14.02
C ALA BA 1014 68.31 -34.13 -12.78
N TRP BA 1015 69.34 -34.93 -12.48
CA TRP BA 1015 69.33 -35.72 -11.26
C TRP BA 1015 69.41 -34.83 -10.02
N SER BA 1016 70.09 -33.69 -10.11
CA SER BA 1016 70.18 -32.80 -8.96
C SER BA 1016 68.85 -32.13 -8.66
N GLN BA 1017 68.17 -31.65 -9.72
CA GLN BA 1017 66.87 -31.02 -9.48
C GLN BA 1017 65.83 -32.07 -9.10
N GLN BA 1018 65.96 -33.31 -9.58
CA GLN BA 1018 65.06 -34.36 -9.13
C GLN BA 1018 65.36 -34.79 -7.70
N ALA BA 1019 66.62 -34.72 -7.28
CA ALA BA 1019 66.97 -35.03 -5.90
C ALA BA 1019 66.43 -33.98 -4.95
N GLN BA 1020 66.49 -32.71 -5.34
CA GLN BA 1020 65.84 -31.67 -4.54
C GLN BA 1020 64.32 -31.77 -4.63
N GLN BA 1021 63.81 -32.36 -5.72
CA GLN BA 1021 62.38 -32.62 -5.82
C GLN BA 1021 61.92 -33.67 -4.82
N LEU BA 1022 62.65 -34.79 -4.72
CA LEU BA 1022 62.25 -35.88 -3.85
C LEU BA 1022 62.93 -35.82 -2.49
N PHE BA 1023 63.62 -34.73 -2.18
CA PHE BA 1023 64.41 -34.68 -0.96
C PHE BA 1023 63.55 -34.51 0.30
N ASN BA 1024 62.27 -34.21 0.12
CA ASN BA 1024 61.38 -33.75 1.19
C ASN BA 1024 60.70 -34.87 1.99
N THR BA 1025 60.96 -36.14 1.69
CA THR BA 1025 60.27 -37.23 2.40
C THR BA 1025 60.84 -37.39 3.81
N PRO BA 1026 60.01 -37.33 4.84
CA PRO BA 1026 60.51 -37.44 6.22
C PRO BA 1026 60.91 -38.87 6.55
N THR BA 1027 61.67 -39.01 7.64
CA THR BA 1027 62.06 -40.30 8.17
C THR BA 1027 60.92 -40.84 9.02
N THR BA 1028 60.37 -41.98 8.60
CA THR BA 1028 59.23 -42.58 9.30
C THR BA 1028 59.68 -43.19 10.62
N VAL BA 1029 58.78 -43.19 11.59
CA VAL BA 1029 58.96 -43.96 12.81
C VAL BA 1029 58.07 -45.18 12.68
N GLU BA 1030 58.22 -46.11 13.62
CA GLU BA 1030 57.42 -47.33 13.61
C GLU BA 1030 57.30 -47.84 15.04
N VAL BA 1031 56.06 -47.90 15.54
CA VAL BA 1031 55.83 -48.55 16.82
C VAL BA 1031 56.01 -50.06 16.66
N TYR BA 1032 56.29 -50.73 17.77
CA TYR BA 1032 56.69 -52.13 17.73
C TYR BA 1032 55.59 -53.04 18.27
N SER BA 1033 55.64 -54.30 17.86
CA SER BA 1033 54.61 -55.28 18.20
C SER BA 1033 54.88 -56.01 19.51
N GLY BA 1034 55.96 -55.68 20.22
CA GLY BA 1034 56.29 -56.42 21.42
C GLY BA 1034 56.65 -55.55 22.60
N THR BA 1035 56.18 -54.32 22.61
CA THR BA 1035 56.38 -53.41 23.73
C THR BA 1035 55.03 -52.83 24.14
N GLY BA 1036 54.71 -52.89 25.42
CA GLY BA 1036 53.50 -52.32 25.94
C GLY BA 1036 53.61 -50.82 26.13
N LEU BA 1037 52.55 -50.26 26.72
CA LEU BA 1037 52.47 -48.83 26.93
C LEU BA 1037 51.63 -48.57 28.17
N GLY BA 1038 51.80 -47.38 28.75
CA GLY BA 1038 51.09 -47.01 29.96
C GLY BA 1038 50.15 -45.84 29.69
N ILE BA 1039 48.91 -46.00 30.12
CA ILE BA 1039 47.82 -45.12 29.74
C ILE BA 1039 47.40 -44.31 30.96
N LEU BA 1040 47.51 -42.99 30.86
CA LEU BA 1040 47.15 -42.11 31.98
C LEU BA 1040 45.86 -41.36 31.66
N PHE BA 1041 44.93 -41.42 32.59
CA PHE BA 1041 43.54 -41.01 32.39
C PHE BA 1041 43.42 -39.49 32.29
N THR BA 1042 42.34 -39.05 31.64
CA THR BA 1042 42.03 -37.64 31.44
C THR BA 1042 40.69 -37.24 32.03
N GLN BA 1043 39.68 -38.10 31.95
CA GLN BA 1043 38.35 -37.80 32.46
C GLN BA 1043 37.80 -39.03 33.20
N ASP BA 1044 36.60 -38.86 33.76
CA ASP BA 1044 35.95 -39.93 34.51
C ASP BA 1044 34.94 -40.67 33.62
N VAL BA 1045 34.70 -41.93 33.96
CA VAL BA 1045 33.62 -42.73 33.41
C VAL BA 1045 32.91 -43.44 34.55
N THR BA 1046 31.71 -43.95 34.29
CA THR BA 1046 30.91 -44.59 35.33
C THR BA 1046 31.10 -46.11 35.32
N MET CA 23 19.91 -103.29 -89.23
CA MET CA 23 20.05 -103.69 -87.84
C MET CA 23 19.56 -102.61 -86.91
N LYS CA 24 19.69 -101.36 -87.33
CA LYS CA 24 19.20 -100.25 -86.54
C LYS CA 24 17.68 -100.20 -86.60
N PHE CA 25 17.05 -100.04 -85.45
CA PHE CA 25 15.61 -100.26 -85.31
C PHE CA 25 14.84 -98.96 -85.48
N LYS CA 26 13.72 -99.05 -86.21
CA LYS CA 26 12.88 -97.91 -86.50
C LYS CA 26 11.42 -98.26 -86.21
N LYS CA 27 10.60 -97.22 -86.12
CA LYS CA 27 9.15 -97.29 -86.05
C LYS CA 27 8.60 -96.30 -87.06
N PRO CA 28 7.42 -96.56 -87.63
CA PRO CA 28 7.00 -95.86 -88.88
C PRO CA 28 6.82 -94.36 -88.73
N PRO CA 29 5.94 -93.82 -87.82
CA PRO CA 29 5.53 -92.43 -88.01
C PRO CA 29 6.58 -91.46 -87.50
N ILE CA 30 7.29 -90.82 -88.43
CA ILE CA 30 8.34 -89.88 -88.10
C ILE CA 30 7.86 -88.52 -88.58
N ASN CA 31 7.31 -87.73 -87.67
CA ASN CA 31 6.77 -86.43 -88.02
C ASN CA 31 7.75 -85.32 -87.66
N ASN CA 32 7.29 -84.09 -87.86
CA ASN CA 32 8.05 -82.94 -87.41
C ASN CA 32 7.91 -82.80 -85.91
N PRO CA 33 8.83 -82.08 -85.26
CA PRO CA 33 8.63 -81.73 -83.85
C PRO CA 33 7.37 -80.91 -83.65
N SER CA 34 6.65 -81.24 -82.58
CA SER CA 34 5.30 -80.76 -82.36
C SER CA 34 5.30 -79.52 -81.48
N ASP CA 35 4.12 -79.13 -81.02
CA ASP CA 35 3.97 -78.06 -80.06
C ASP CA 35 2.99 -78.47 -78.98
N ASP CA 36 3.38 -78.15 -77.74
CA ASP CA 36 2.58 -78.49 -76.57
C ASP CA 36 1.23 -77.79 -76.61
N ALA CA 37 1.19 -76.56 -77.13
CA ALA CA 37 -0.06 -75.83 -77.26
C ALA CA 37 -1.02 -76.55 -78.19
N THR CA 38 -0.49 -77.03 -79.33
CA THR CA 38 -1.31 -77.79 -80.26
C THR CA 38 -1.78 -79.10 -79.65
N ILE CA 39 -0.92 -79.72 -78.84
CA ILE CA 39 -1.27 -80.97 -78.18
C ILE CA 39 -2.42 -80.76 -77.20
N LYS CA 40 -2.36 -79.68 -76.42
CA LYS CA 40 -3.40 -79.39 -75.46
C LYS CA 40 -4.71 -79.01 -76.15
N LEU CA 41 -4.62 -78.29 -77.25
CA LEU CA 41 -5.82 -77.97 -78.03
C LEU CA 41 -6.46 -79.24 -78.59
N ALA CA 42 -5.63 -80.17 -79.07
CA ALA CA 42 -6.14 -81.45 -79.56
C ALA CA 42 -6.80 -82.26 -78.45
N GLU CA 43 -6.18 -82.26 -77.27
CA GLU CA 43 -6.72 -83.06 -76.18
C GLU CA 43 -7.99 -82.46 -75.60
N ALA CA 44 -8.21 -81.15 -75.81
CA ALA CA 44 -9.55 -80.62 -75.56
C ALA CA 44 -10.50 -81.00 -76.69
N ALA CA 45 -10.00 -80.97 -77.93
CA ALA CA 45 -10.85 -81.11 -79.11
C ALA CA 45 -11.44 -82.51 -79.22
N VAL CA 46 -10.70 -83.52 -78.78
CA VAL CA 46 -11.21 -84.88 -78.85
C VAL CA 46 -12.42 -85.06 -77.94
N SER CA 47 -12.36 -84.49 -76.73
CA SER CA 47 -13.48 -84.58 -75.80
C SER CA 47 -14.67 -83.76 -76.29
N VAL CA 48 -14.39 -82.60 -76.90
CA VAL CA 48 -15.46 -81.80 -77.48
C VAL CA 48 -16.16 -82.55 -78.60
N SER CA 49 -15.38 -83.21 -79.45
CA SER CA 49 -15.93 -83.98 -80.56
C SER CA 49 -16.74 -85.17 -80.05
N ASP CA 50 -16.27 -85.81 -78.99
CA ASP CA 50 -17.00 -86.94 -78.41
C ASP CA 50 -18.33 -86.51 -77.83
N SER CA 51 -18.34 -85.39 -77.11
CA SER CA 51 -19.58 -84.86 -76.53
C SER CA 51 -20.56 -84.45 -77.60
N MET CA 52 -20.06 -83.79 -78.65
CA MET CA 52 -20.91 -83.41 -79.78
C MET CA 52 -21.47 -84.63 -80.49
N LEU CA 53 -20.67 -85.70 -80.57
CA LEU CA 53 -21.11 -86.93 -81.23
C LEU CA 53 -22.25 -87.59 -80.46
N GLU CA 54 -22.09 -87.70 -79.13
CA GLU CA 54 -23.13 -88.39 -78.36
C GLU CA 54 -24.40 -87.55 -78.28
N MET CA 55 -24.27 -86.23 -78.21
CA MET CA 55 -25.51 -85.43 -78.20
C MET CA 55 -26.19 -85.46 -79.56
N ALA CA 56 -25.40 -85.56 -80.64
CA ALA CA 56 -25.99 -85.69 -81.96
C ALA CA 56 -26.74 -87.00 -82.11
N LYS CA 57 -26.18 -88.10 -81.59
CA LYS CA 57 -26.89 -89.36 -81.75
C LYS CA 57 -28.13 -89.43 -80.87
N VAL CA 58 -28.11 -88.80 -79.68
CA VAL CA 58 -29.32 -88.88 -78.87
C VAL CA 58 -30.38 -87.92 -79.38
N GLU CA 59 -29.99 -86.78 -79.98
CA GLU CA 59 -30.98 -85.93 -80.60
C GLU CA 59 -31.55 -86.57 -81.85
N LYS CA 60 -30.71 -87.31 -82.59
CA LYS CA 60 -31.19 -88.06 -83.74
C LYS CA 60 -32.21 -89.12 -83.34
N VAL CA 61 -31.95 -89.84 -82.26
CA VAL CA 61 -32.88 -90.89 -81.88
C VAL CA 61 -34.13 -90.34 -81.20
N ILE CA 62 -34.07 -89.15 -80.60
CA ILE CA 62 -35.28 -88.59 -80.03
C ILE CA 62 -36.06 -87.80 -81.06
N THR CA 63 -35.43 -87.44 -82.18
CA THR CA 63 -36.09 -86.66 -83.20
C THR CA 63 -36.60 -87.59 -84.28
N PRO CA 64 -37.89 -87.61 -84.56
CA PRO CA 64 -38.38 -88.33 -85.75
C PRO CA 64 -38.30 -87.44 -86.97
N PRO CA 65 -37.35 -87.69 -87.88
CA PRO CA 65 -37.25 -86.85 -89.07
C PRO CA 65 -38.39 -87.13 -90.03
N SER CA 66 -38.72 -86.13 -90.84
CA SER CA 66 -39.85 -86.23 -91.74
C SER CA 66 -39.44 -86.22 -93.20
N LYS CA 67 -38.76 -85.17 -93.65
CA LYS CA 67 -38.48 -84.97 -95.06
C LYS CA 67 -37.07 -84.45 -95.23
N ASP CA 68 -36.58 -84.52 -96.47
CA ASP CA 68 -35.35 -83.89 -96.89
C ASP CA 68 -35.67 -82.73 -97.82
N ASN CA 69 -34.65 -81.92 -98.10
CA ASN CA 69 -34.84 -80.67 -98.81
C ASN CA 69 -34.84 -80.82 -100.32
N THR CA 70 -34.92 -82.05 -100.83
CA THR CA 70 -34.87 -82.27 -102.27
C THR CA 70 -36.11 -81.73 -102.96
N LEU CA 71 -37.28 -81.86 -102.30
CA LEU CA 71 -38.50 -81.29 -102.85
C LEU CA 71 -38.47 -79.78 -102.82
N THR CA 72 -37.82 -79.20 -101.81
CA THR CA 72 -37.69 -77.75 -101.76
C THR CA 72 -36.75 -77.25 -102.85
N ILE CA 73 -35.60 -77.90 -103.01
CA ILE CA 73 -34.66 -77.53 -104.06
C ILE CA 73 -34.15 -78.81 -104.71
N PRO CA 74 -34.46 -79.02 -105.97
CA PRO CA 74 -33.84 -80.13 -106.70
C PRO CA 74 -32.55 -79.65 -107.34
N ASN CA 75 -31.92 -80.52 -108.12
CA ASN CA 75 -30.83 -80.08 -108.98
C ASN CA 75 -31.38 -79.79 -110.38
N ALA CA 76 -30.49 -79.38 -111.27
CA ALA CA 76 -30.85 -79.14 -112.66
C ALA CA 76 -29.59 -79.28 -113.50
N TYR CA 77 -29.78 -79.32 -114.82
CA TYR CA 77 -28.62 -79.19 -115.69
C TYR CA 77 -28.13 -77.75 -115.62
N ASN CA 78 -26.81 -77.61 -115.79
CA ASN CA 78 -25.94 -76.43 -115.60
C ASN CA 78 -25.75 -76.10 -114.14
N LEU CA 79 -26.45 -76.79 -113.24
CA LEU CA 79 -26.15 -76.75 -111.83
C LEU CA 79 -25.08 -77.76 -111.46
N GLN CA 80 -24.63 -78.57 -112.42
CA GLN CA 80 -23.61 -79.55 -112.16
C GLN CA 80 -22.21 -78.98 -112.11
N ALA CA 81 -22.03 -77.70 -112.41
CA ALA CA 81 -20.75 -77.06 -112.20
C ALA CA 81 -20.44 -76.98 -110.71
N ARG CA 82 -19.17 -77.11 -110.37
CA ARG CA 82 -18.77 -77.34 -108.99
C ARG CA 82 -17.84 -76.24 -108.52
N ALA CA 83 -17.59 -76.22 -107.21
CA ALA CA 83 -16.77 -75.19 -106.61
C ALA CA 83 -16.19 -75.69 -105.29
N SER CA 84 -15.21 -74.94 -104.79
CA SER CA 84 -14.67 -75.14 -103.46
C SER CA 84 -14.53 -73.78 -102.80
N VAL CA 85 -15.01 -73.65 -101.56
CA VAL CA 85 -15.17 -72.36 -100.93
C VAL CA 85 -14.63 -72.39 -99.51
N ASP CA 86 -14.32 -71.20 -98.99
CA ASP CA 86 -14.00 -70.97 -97.58
C ASP CA 86 -14.46 -69.54 -97.27
N TRP CA 87 -15.67 -69.43 -96.76
CA TRP CA 87 -16.32 -68.15 -96.54
C TRP CA 87 -16.75 -68.05 -95.09
N SER CA 88 -16.61 -66.85 -94.51
CA SER CA 88 -16.85 -66.67 -93.09
C SER CA 88 -17.55 -65.36 -92.83
N GLY CA 89 -18.58 -65.04 -93.61
CA GLY CA 89 -19.23 -63.77 -93.45
C GLY CA 89 -20.74 -63.83 -93.61
N PRO CA 90 -21.31 -62.76 -94.16
CA PRO CA 90 -22.76 -62.76 -94.39
C PRO CA 90 -23.15 -63.62 -95.58
N ILE CA 91 -24.41 -63.57 -95.96
CA ILE CA 91 -24.97 -64.57 -96.86
C ILE CA 91 -25.11 -64.02 -98.27
N GLU CA 92 -25.42 -62.73 -98.37
CA GLU CA 92 -25.97 -62.16 -99.59
C GLU CA 92 -24.95 -62.11 -100.72
N GLU CA 93 -23.74 -61.65 -100.40
CA GLU CA 93 -22.70 -61.55 -101.43
C GLU CA 93 -22.31 -62.92 -101.94
N LEU CA 94 -22.27 -63.90 -101.04
CA LEU CA 94 -21.93 -65.26 -101.39
C LEU CA 94 -22.96 -65.86 -102.34
N THR CA 95 -24.25 -65.72 -102.01
CA THR CA 95 -25.25 -66.29 -102.90
C THR CA 95 -25.38 -65.49 -104.19
N ALA CA 96 -25.01 -64.21 -104.18
CA ALA CA 96 -24.98 -63.44 -105.42
C ALA CA 96 -23.90 -63.97 -106.37
N ARG CA 97 -22.71 -64.28 -105.83
CA ARG CA 97 -21.66 -64.88 -106.65
C ARG CA 97 -22.11 -66.25 -107.16
N ILE CA 98 -22.83 -67.00 -106.33
CA ILE CA 98 -23.35 -68.31 -106.73
C ILE CA 98 -24.33 -68.17 -107.89
N ALA CA 99 -25.24 -67.20 -107.80
CA ALA CA 99 -26.23 -67.01 -108.85
C ALA CA 99 -25.59 -66.52 -110.14
N LYS CA 100 -24.57 -65.66 -110.04
CA LYS CA 100 -23.91 -65.18 -111.25
C LYS CA 100 -23.10 -66.28 -111.91
N ALA CA 101 -22.57 -67.23 -111.13
CA ALA CA 101 -22.05 -68.45 -111.75
C ALA CA 101 -23.17 -69.24 -112.40
N ALA CA 102 -24.32 -69.31 -111.75
CA ALA CA 102 -25.43 -70.13 -112.20
C ALA CA 102 -26.10 -69.59 -113.46
N HIS CA 103 -25.87 -68.31 -113.79
CA HIS CA 103 -26.64 -67.56 -114.80
C HIS CA 103 -28.13 -67.64 -114.52
N PHE CA 104 -28.49 -67.53 -113.25
CA PHE CA 104 -29.87 -67.57 -112.82
C PHE CA 104 -30.28 -66.21 -112.27
N ARG CA 105 -31.56 -65.90 -112.39
CA ARG CA 105 -32.03 -64.62 -111.91
C ARG CA 105 -32.26 -64.69 -110.41
N PHE CA 106 -31.83 -63.63 -109.73
CA PHE CA 106 -31.93 -63.54 -108.28
C PHE CA 106 -33.33 -63.09 -107.87
N ARG CA 107 -33.72 -63.48 -106.66
CA ARG CA 107 -34.95 -63.00 -106.05
C ARG CA 107 -34.77 -63.01 -104.54
N VAL CA 108 -35.19 -61.94 -103.89
CA VAL CA 108 -35.07 -61.80 -102.43
C VAL CA 108 -36.44 -61.51 -101.86
N LEU CA 109 -36.79 -62.23 -100.80
CA LEU CA 109 -38.09 -62.10 -100.18
C LEU CA 109 -37.91 -61.88 -98.68
N GLY CA 110 -38.79 -61.08 -98.10
CA GLY CA 110 -38.71 -60.75 -96.70
C GLY CA 110 -37.87 -59.51 -96.43
N LYS CA 111 -37.98 -59.04 -95.19
CA LYS CA 111 -37.23 -57.88 -94.75
C LYS CA 111 -35.89 -58.30 -94.18
N SER CA 112 -34.86 -57.51 -94.44
CA SER CA 112 -33.53 -57.82 -93.93
C SER CA 112 -33.51 -57.67 -92.41
N PRO CA 113 -32.88 -58.59 -91.69
CA PRO CA 113 -32.74 -58.44 -90.25
C PRO CA 113 -31.70 -57.40 -89.91
N SER CA 114 -31.83 -56.85 -88.71
CA SER CA 114 -30.82 -55.95 -88.19
C SER CA 114 -29.50 -56.69 -87.95
N VAL CA 115 -29.57 -57.79 -87.21
CA VAL CA 115 -28.38 -58.61 -86.99
C VAL CA 115 -28.13 -59.44 -88.25
N PRO CA 116 -26.92 -59.41 -88.80
CA PRO CA 116 -26.66 -60.15 -90.04
C PRO CA 116 -26.64 -61.65 -89.81
N VAL CA 117 -27.14 -62.39 -90.78
CA VAL CA 117 -27.03 -63.85 -90.76
C VAL CA 117 -25.66 -64.23 -91.27
N LEU CA 118 -24.88 -64.88 -90.42
CA LEU CA 118 -23.47 -65.12 -90.68
C LEU CA 118 -23.25 -66.59 -90.98
N ILE CA 119 -22.69 -66.89 -92.15
CA ILE CA 119 -22.46 -68.25 -92.59
C ILE CA 119 -20.98 -68.43 -92.83
N SER CA 120 -20.43 -69.56 -92.39
CA SER CA 120 -19.04 -69.91 -92.64
C SER CA 120 -18.96 -71.36 -93.11
N ILE CA 121 -18.61 -71.54 -94.38
CA ILE CA 121 -18.45 -72.86 -94.98
C ILE CA 121 -17.03 -72.97 -95.52
N SER CA 122 -16.33 -74.04 -95.15
CA SER CA 122 -15.00 -74.33 -95.64
C SER CA 122 -15.03 -75.74 -96.23
N THR CA 123 -15.37 -75.84 -97.50
CA THR CA 123 -15.60 -77.13 -98.14
C THR CA 123 -14.47 -77.44 -99.12
N LYS CA 124 -14.64 -78.53 -99.87
CA LYS CA 124 -13.61 -78.98 -100.80
C LYS CA 124 -14.28 -79.70 -101.95
N ASP CA 125 -14.46 -79.00 -103.07
CA ASP CA 125 -14.85 -79.56 -104.38
C ASP CA 125 -16.21 -80.26 -104.32
N GLU CA 126 -17.24 -79.47 -104.05
CA GLU CA 126 -18.60 -79.98 -104.11
C GLU CA 126 -19.35 -79.29 -105.24
N SER CA 127 -20.45 -79.90 -105.64
CA SER CA 127 -21.26 -79.34 -106.71
C SER CA 127 -22.15 -78.22 -106.18
N LEU CA 128 -22.66 -77.43 -107.12
CA LEU CA 128 -23.42 -76.22 -106.81
C LEU CA 128 -24.69 -76.53 -106.05
N ALA CA 129 -25.40 -77.60 -106.47
CA ALA CA 129 -26.69 -77.92 -105.89
C ALA CA 129 -26.57 -78.30 -104.42
N GLU CA 130 -25.63 -79.18 -104.10
CA GLU CA 130 -25.49 -79.59 -102.71
C GLU CA 130 -24.80 -78.52 -101.89
N ILE CA 131 -24.00 -77.67 -102.52
CA ILE CA 131 -23.47 -76.49 -101.83
C ILE CA 131 -24.61 -75.60 -101.36
N LEU CA 132 -25.58 -75.36 -102.25
CA LEU CA 132 -26.74 -74.57 -101.89
C LEU CA 132 -27.62 -75.29 -100.87
N ARG CA 133 -27.69 -76.62 -100.97
CA ARG CA 133 -28.52 -77.40 -100.07
C ARG CA 133 -28.00 -77.36 -98.64
N ASP CA 134 -26.69 -77.54 -98.46
CA ASP CA 134 -26.17 -77.45 -97.10
C ASP CA 134 -26.06 -76.00 -96.64
N ILE CA 135 -26.02 -75.03 -97.56
CA ILE CA 135 -26.18 -73.64 -97.17
C ILE CA 135 -27.55 -73.41 -96.54
N ASP CA 136 -28.59 -73.96 -97.17
CA ASP CA 136 -29.94 -73.83 -96.63
C ASP CA 136 -30.10 -74.59 -95.32
N TYR CA 137 -29.36 -75.70 -95.17
CA TYR CA 137 -29.39 -76.40 -93.89
C TYR CA 137 -28.71 -75.58 -92.80
N GLN CA 138 -27.56 -74.99 -93.10
CA GLN CA 138 -26.85 -74.21 -92.08
C GLN CA 138 -27.44 -72.83 -91.86
N ALA CA 139 -28.42 -72.44 -92.67
CA ALA CA 139 -29.13 -71.19 -92.42
C ALA CA 139 -29.88 -71.23 -91.10
N GLY CA 140 -30.50 -72.36 -90.78
CA GLY CA 140 -31.35 -72.40 -89.61
C GLY CA 140 -32.70 -71.73 -89.89
N LYS CA 141 -33.34 -71.28 -88.81
CA LYS CA 141 -34.68 -70.71 -88.94
C LYS CA 141 -34.69 -69.34 -89.60
N LYS CA 142 -33.54 -68.66 -89.69
CA LYS CA 142 -33.55 -67.27 -90.13
C LYS CA 142 -33.79 -67.16 -91.63
N ALA CA 143 -33.15 -68.02 -92.42
CA ALA CA 143 -33.14 -67.86 -93.86
C ALA CA 143 -33.53 -69.18 -94.53
N SER CA 144 -34.03 -69.06 -95.77
CA SER CA 144 -34.40 -70.24 -96.52
C SER CA 144 -34.16 -69.99 -98.01
N ILE CA 145 -33.94 -71.08 -98.74
CA ILE CA 145 -33.60 -71.03 -100.15
C ILE CA 145 -34.63 -71.85 -100.92
N HIS CA 146 -35.13 -71.29 -102.01
CA HIS CA 146 -35.90 -72.04 -102.99
C HIS CA 146 -35.26 -71.83 -104.35
N VAL CA 147 -35.45 -72.81 -105.23
CA VAL CA 147 -34.95 -72.71 -106.59
C VAL CA 147 -36.08 -73.10 -107.52
N TYR CA 148 -35.97 -72.64 -108.77
CA TYR CA 148 -36.93 -72.97 -109.81
C TYR CA 148 -36.16 -73.16 -111.10
N PRO CA 149 -35.99 -74.40 -111.56
CA PRO CA 149 -35.24 -74.64 -112.79
C PRO CA 149 -36.02 -74.31 -114.05
N ASN CA 150 -37.35 -74.38 -114.00
CA ASN CA 150 -38.16 -74.06 -115.16
C ASN CA 150 -38.11 -72.58 -115.48
N SER CA 151 -37.89 -71.73 -114.49
CA SER CA 151 -37.76 -70.30 -114.72
C SER CA 151 -36.36 -69.78 -114.43
N GLN CA 152 -35.45 -70.66 -113.99
CA GLN CA 152 -34.05 -70.34 -113.67
C GLN CA 152 -33.95 -69.22 -112.63
N VAL CA 153 -34.69 -69.40 -111.54
CA VAL CA 153 -34.84 -68.38 -110.52
C VAL CA 153 -34.35 -68.94 -109.19
N VAL CA 154 -33.43 -68.22 -108.56
CA VAL CA 154 -32.98 -68.55 -107.20
C VAL CA 154 -33.60 -67.53 -106.25
N GLU CA 155 -34.39 -68.02 -105.29
CA GLU CA 155 -35.24 -67.17 -104.47
C GLU CA 155 -34.91 -67.39 -103.00
N LEU CA 156 -34.22 -66.43 -102.41
CA LEU CA 156 -33.93 -66.43 -100.99
C LEU CA 156 -35.09 -65.80 -100.25
N ARG CA 157 -35.32 -66.25 -99.02
CA ARG CA 157 -36.40 -65.70 -98.21
C ARG CA 157 -35.98 -65.64 -96.76
N TYR CA 158 -35.99 -64.43 -96.19
CA TYR CA 158 -35.89 -64.28 -94.75
C TYR CA 158 -37.19 -64.74 -94.11
N ALA CA 159 -37.12 -65.14 -92.85
CA ALA CA 159 -38.29 -65.62 -92.14
C ALA CA 159 -38.87 -64.51 -91.29
N LYS CA 160 -40.18 -64.33 -91.39
CA LYS CA 160 -40.89 -63.29 -90.66
C LYS CA 160 -41.05 -63.75 -89.22
N ILE CA 161 -40.09 -63.38 -88.38
CA ILE CA 161 -40.17 -63.64 -86.95
C ILE CA 161 -40.56 -62.33 -86.28
N TYR CA 162 -40.94 -62.43 -85.00
CA TYR CA 162 -41.22 -61.31 -84.09
C TYR CA 162 -42.36 -60.44 -84.61
N ARG DA 207 -66.78 -80.25 -41.62
CA ARG DA 207 -67.05 -78.84 -41.82
C ARG DA 207 -66.45 -78.00 -40.69
N ILE DA 208 -67.05 -76.85 -40.41
CA ILE DA 208 -66.58 -75.93 -39.39
C ILE DA 208 -67.67 -75.78 -38.34
N ILE DA 209 -67.31 -75.95 -37.06
CA ILE DA 209 -68.26 -75.99 -35.96
C ILE DA 209 -68.12 -74.72 -35.15
N TYR DA 210 -69.22 -73.98 -35.02
CA TYR DA 210 -69.23 -72.68 -34.35
C TYR DA 210 -69.68 -72.82 -32.91
N TYR DA 211 -69.15 -71.94 -32.07
CA TYR DA 211 -69.51 -71.88 -30.66
C TYR DA 211 -69.57 -70.43 -30.23
N ILE DA 212 -70.27 -70.19 -29.13
CA ILE DA 212 -70.49 -68.83 -28.66
C ILE DA 212 -69.22 -68.29 -28.04
N GLN DA 213 -68.77 -67.14 -28.51
CA GLN DA 213 -67.71 -66.40 -27.86
C GLN DA 213 -68.22 -65.24 -27.03
N ALA DA 214 -69.34 -64.65 -27.42
CA ALA DA 214 -70.03 -63.65 -26.62
C ALA DA 214 -71.53 -63.79 -26.83
N VAL DA 215 -72.27 -63.74 -25.73
CA VAL DA 215 -73.74 -63.81 -25.77
C VAL DA 215 -74.27 -62.45 -25.39
N ILE DA 216 -75.07 -61.86 -26.28
CA ILE DA 216 -75.66 -60.54 -26.04
C ILE DA 216 -77.09 -60.54 -26.53
N PRO DA 217 -77.93 -59.70 -25.93
CA PRO DA 217 -79.24 -59.43 -26.54
C PRO DA 217 -79.08 -58.77 -27.90
N GLY DA 218 -79.96 -59.13 -28.80
CA GLY DA 218 -79.95 -58.56 -30.16
C GLY DA 218 -79.11 -59.30 -31.19
N ARG DA 219 -77.85 -59.54 -30.88
CA ARG DA 219 -76.92 -60.14 -31.82
C ARG DA 219 -76.39 -61.46 -31.28
N ALA DA 220 -75.41 -62.02 -31.98
CA ALA DA 220 -74.74 -63.23 -31.54
C ALA DA 220 -73.32 -63.23 -32.05
N TRP DA 221 -72.40 -63.70 -31.22
CA TRP DA 221 -70.98 -63.77 -31.55
C TRP DA 221 -70.52 -65.22 -31.56
N LEU DA 222 -70.10 -65.69 -32.73
CA LEU DA 222 -69.71 -67.08 -32.90
C LEU DA 222 -68.27 -67.15 -33.41
N ILE DA 223 -67.61 -68.24 -33.02
CA ILE DA 223 -66.28 -68.57 -33.50
C ILE DA 223 -66.32 -70.01 -34.01
N GLY DA 224 -65.89 -70.21 -35.24
CA GLY DA 224 -65.90 -71.53 -35.82
C GLY DA 224 -64.78 -72.40 -35.28
N SER DA 225 -64.80 -73.67 -35.73
CA SER DA 225 -63.71 -74.58 -35.39
C SER DA 225 -62.44 -74.26 -36.17
N ASN DA 226 -62.54 -73.47 -37.23
CA ASN DA 226 -61.38 -72.96 -37.94
C ASN DA 226 -60.82 -71.70 -37.31
N GLY DA 227 -61.42 -71.20 -36.23
CA GLY DA 227 -61.01 -69.96 -35.64
C GLY DA 227 -61.58 -68.72 -36.29
N SER DA 228 -62.45 -68.87 -37.27
CA SER DA 228 -63.05 -67.72 -37.94
C SER DA 228 -64.10 -67.09 -37.03
N THR DA 229 -64.00 -65.78 -36.87
CA THR DA 229 -64.89 -65.03 -35.98
C THR DA 229 -66.02 -64.40 -36.78
N LEU DA 230 -67.20 -64.35 -36.19
CA LEU DA 230 -68.36 -63.80 -36.88
C LEU DA 230 -69.36 -63.29 -35.85
N THR DA 231 -70.23 -62.40 -36.31
CA THR DA 231 -71.35 -61.92 -35.52
C THR DA 231 -72.55 -61.76 -36.44
N VAL DA 232 -73.71 -62.18 -35.94
CA VAL DA 232 -74.92 -62.26 -36.75
C VAL DA 232 -76.08 -61.60 -36.01
N ARG DA 233 -77.08 -61.21 -36.79
CA ARG DA 233 -78.35 -60.70 -36.30
C ARG DA 233 -79.38 -61.83 -36.31
N GLU DA 234 -80.64 -61.48 -36.05
CA GLU DA 234 -81.72 -62.46 -36.11
C GLU DA 234 -81.99 -62.88 -37.55
N GLY DA 235 -81.98 -61.94 -38.48
CA GLY DA 235 -82.05 -62.29 -39.88
C GLY DA 235 -80.67 -62.37 -40.49
N SER DA 236 -80.10 -63.57 -40.55
CA SER DA 236 -78.75 -63.75 -41.07
C SER DA 236 -78.59 -65.19 -41.52
N LYS DA 237 -77.57 -65.41 -42.35
CA LYS DA 237 -77.28 -66.73 -42.90
C LYS DA 237 -75.92 -67.19 -42.39
N ILE DA 238 -75.87 -68.43 -41.91
CA ILE DA 238 -74.65 -69.04 -41.40
C ILE DA 238 -74.23 -70.13 -42.38
N PRO DA 239 -72.98 -70.12 -42.85
CA PRO DA 239 -72.53 -71.19 -43.76
C PRO DA 239 -72.44 -72.53 -43.03
N GLY DA 240 -72.99 -73.56 -43.68
CA GLY DA 240 -73.11 -74.87 -43.07
C GLY DA 240 -74.28 -75.03 -42.13
N TYR DA 241 -74.96 -73.94 -41.78
CA TYR DA 241 -76.07 -73.96 -40.83
C TYR DA 241 -77.36 -73.39 -41.39
N GLY DA 242 -77.32 -72.69 -42.52
CA GLY DA 242 -78.53 -72.22 -43.15
C GLY DA 242 -78.87 -70.77 -42.86
N MET DA 243 -79.81 -70.56 -41.96
CA MET DA 243 -80.35 -69.24 -41.66
C MET DA 243 -80.60 -69.14 -40.16
N VAL DA 244 -80.32 -67.96 -39.59
CA VAL DA 244 -80.51 -67.75 -38.16
C VAL DA 244 -82.01 -67.74 -37.86
N LYS DA 245 -82.44 -68.65 -37.00
CA LYS DA 245 -83.86 -68.82 -36.69
C LYS DA 245 -84.28 -68.14 -35.40
N LEU DA 246 -83.51 -68.28 -34.34
CA LEU DA 246 -83.86 -67.66 -33.07
C LEU DA 246 -82.60 -67.36 -32.27
N ILE DA 247 -82.61 -66.22 -31.59
CA ILE DA 247 -81.52 -65.81 -30.70
C ILE DA 247 -82.13 -65.57 -29.32
N ASP DA 248 -81.56 -66.22 -28.30
CA ASP DA 248 -82.00 -66.05 -26.93
C ASP DA 248 -80.79 -65.75 -26.05
N SER DA 249 -80.77 -64.55 -25.46
CA SER DA 249 -79.64 -64.18 -24.62
C SER DA 249 -79.66 -64.93 -23.29
N LEU DA 250 -80.84 -65.14 -22.73
CA LEU DA 250 -80.95 -66.02 -21.57
C LEU DA 250 -80.72 -67.46 -22.01
N GLN DA 251 -79.99 -68.21 -21.17
CA GLN DA 251 -79.62 -69.61 -21.30
C GLN DA 251 -78.67 -69.90 -22.46
N GLY DA 252 -78.32 -68.91 -23.27
CA GLY DA 252 -77.28 -69.04 -24.28
C GLY DA 252 -77.56 -70.01 -25.41
N ARG DA 253 -78.77 -69.98 -25.97
CA ARG DA 253 -79.16 -70.91 -27.02
C ARG DA 253 -79.45 -70.16 -28.29
N ILE DA 254 -78.98 -70.70 -29.43
CA ILE DA 254 -79.29 -70.16 -30.74
C ILE DA 254 -79.95 -71.26 -31.55
N LEU DA 255 -81.05 -70.94 -32.21
CA LEU DA 255 -81.73 -71.87 -33.10
C LEU DA 255 -81.44 -71.50 -34.55
N THR DA 256 -81.24 -72.51 -35.39
CA THR DA 256 -80.96 -72.30 -36.79
C THR DA 256 -82.06 -72.91 -37.66
N SER DA 257 -82.14 -72.44 -38.91
CA SER DA 257 -83.16 -72.93 -39.82
C SER DA 257 -82.93 -74.36 -40.26
N SER DA 258 -81.69 -74.85 -40.19
CA SER DA 258 -81.38 -76.24 -40.48
C SER DA 258 -81.53 -77.13 -39.25
N GLY DA 259 -82.27 -76.68 -38.24
CA GLY DA 259 -82.52 -77.46 -37.04
C GLY DA 259 -81.37 -77.50 -36.06
N GLN DA 260 -80.30 -76.75 -36.30
CA GLN DA 260 -79.13 -76.84 -35.45
C GLN DA 260 -79.28 -75.93 -34.24
N VAL DA 261 -78.81 -76.43 -33.10
CA VAL DA 261 -78.81 -75.69 -31.84
C VAL DA 261 -77.36 -75.29 -31.57
N ILE DA 262 -77.09 -74.00 -31.60
CA ILE DA 262 -75.76 -73.46 -31.36
C ILE DA 262 -75.65 -73.08 -29.90
N LYS DA 263 -74.63 -73.62 -29.23
CA LYS DA 263 -74.37 -73.37 -27.83
C LYS DA 263 -72.93 -72.95 -27.63
N PHE DA 264 -72.51 -72.84 -26.38
CA PHE DA 264 -71.11 -72.64 -26.08
C PHE DA 264 -70.32 -73.92 -26.34
N SER DA 265 -69.00 -73.79 -26.31
CA SER DA 265 -68.16 -74.96 -26.22
C SER DA 265 -68.39 -75.65 -24.87
N GLN DA 266 -68.56 -76.97 -24.92
CA GLN DA 266 -68.71 -77.70 -23.67
C GLN DA 266 -67.37 -77.81 -22.94
N GLU DA 267 -66.26 -77.78 -23.67
CA GLU DA 267 -64.95 -77.81 -23.04
C GLU DA 267 -64.64 -76.47 -22.38
N ASP DA 268 -64.91 -75.36 -23.05
CA ASP DA 268 -64.76 -74.03 -22.48
C ASP DA 268 -66.17 -73.51 -22.25
N SER DA 269 -66.74 -73.87 -21.11
CA SER DA 269 -68.12 -73.53 -20.79
C SER DA 269 -68.19 -72.55 -19.62
N GLN EA 791 -105.31 -59.15 10.93
CA GLN EA 791 -104.23 -59.45 10.01
C GLN EA 791 -103.62 -58.19 9.43
N GLN EA 792 -103.73 -57.08 10.19
CA GLN EA 792 -103.22 -55.79 9.73
C GLN EA 792 -101.71 -55.70 9.85
N GLU EA 793 -101.07 -56.61 10.58
CA GLU EA 793 -99.69 -56.54 11.02
C GLU EA 793 -98.68 -56.87 9.93
N ILE EA 794 -99.10 -56.92 8.67
CA ILE EA 794 -98.17 -57.24 7.59
C ILE EA 794 -97.17 -56.11 7.39
N GLN EA 795 -97.62 -54.86 7.58
CA GLN EA 795 -96.79 -53.70 7.28
C GLN EA 795 -95.61 -53.58 8.24
N GLN EA 796 -95.85 -53.78 9.53
CA GLN EA 796 -94.76 -53.74 10.51
C GLN EA 796 -93.85 -54.94 10.38
N ARG EA 797 -94.35 -56.06 9.86
CA ARG EA 797 -93.49 -57.17 9.49
C ARG EA 797 -92.58 -56.80 8.33
N THR EA 798 -93.08 -56.02 7.37
CA THR EA 798 -92.30 -55.61 6.22
C THR EA 798 -91.54 -54.32 6.46
N SER EA 799 -91.78 -53.64 7.57
CA SER EA 799 -91.08 -52.39 7.86
C SER EA 799 -89.59 -52.63 8.03
N ASP EA 800 -89.23 -53.65 8.80
CA ASP EA 800 -87.83 -54.01 8.94
C ASP EA 800 -87.30 -54.72 7.71
N MET EA 801 -88.18 -55.34 6.92
CA MET EA 801 -87.77 -55.97 5.68
C MET EA 801 -87.25 -54.96 4.67
N LEU EA 802 -87.93 -53.81 4.59
CA LEU EA 802 -87.50 -52.78 3.67
C LEU EA 802 -86.18 -52.16 4.10
N THR EA 803 -85.94 -52.09 5.41
CA THR EA 803 -84.66 -51.57 5.90
C THR EA 803 -83.51 -52.51 5.52
N ALA EA 804 -83.72 -53.82 5.68
CA ALA EA 804 -82.69 -54.78 5.30
C ALA EA 804 -82.52 -54.84 3.79
N ALA EA 805 -83.60 -54.62 3.05
CA ALA EA 805 -83.51 -54.54 1.60
C ALA EA 805 -82.72 -53.33 1.16
N THR EA 806 -83.02 -52.17 1.75
CA THR EA 806 -82.25 -50.96 1.45
C THR EA 806 -80.87 -51.02 2.06
N GLN EA 807 -80.68 -51.86 3.08
CA GLN EA 807 -79.31 -52.17 3.49
C GLN EA 807 -78.58 -52.91 2.39
N LEU EA 808 -79.24 -53.86 1.74
CA LEU EA 808 -78.53 -54.84 0.94
C LEU EA 808 -78.18 -54.37 -0.46
N VAL EA 809 -78.77 -53.27 -0.94
CA VAL EA 809 -78.56 -52.87 -2.33
C VAL EA 809 -77.13 -52.38 -2.55
N GLN EA 810 -76.66 -51.50 -1.67
CA GLN EA 810 -75.30 -51.01 -1.80
C GLN EA 810 -74.26 -52.02 -1.34
N ASP EA 811 -74.68 -53.07 -0.64
CA ASP EA 811 -73.78 -54.11 -0.17
C ASP EA 811 -73.12 -54.85 -1.34
N TRP EA 812 -73.89 -55.11 -2.38
CA TRP EA 812 -73.31 -55.66 -3.60
C TRP EA 812 -72.82 -54.57 -4.54
N LYS EA 813 -72.98 -53.29 -4.18
CA LYS EA 813 -72.56 -52.21 -5.05
C LYS EA 813 -71.22 -51.59 -4.65
N GLN EA 814 -70.73 -51.87 -3.45
CA GLN EA 814 -69.43 -51.35 -3.05
C GLN EA 814 -68.35 -52.14 -3.76
N VAL EA 815 -67.90 -51.63 -4.91
CA VAL EA 815 -66.92 -52.31 -5.74
C VAL EA 815 -65.61 -51.57 -5.63
N GLU EA 816 -64.59 -52.25 -5.13
CA GLU EA 816 -63.28 -51.64 -4.96
C GLU EA 816 -62.45 -51.81 -6.22
N THR EA 817 -61.47 -50.93 -6.35
CA THR EA 817 -60.57 -50.95 -7.49
C THR EA 817 -59.33 -51.79 -7.17
N GLN EA 818 -58.64 -52.21 -8.21
CA GLN EA 818 -57.41 -52.96 -8.03
C GLN EA 818 -56.28 -52.05 -7.59
N VAL EA 819 -55.24 -52.66 -7.04
CA VAL EA 819 -54.01 -51.96 -6.67
C VAL EA 819 -52.87 -52.59 -7.44
N TYR EA 820 -52.13 -51.76 -8.17
CA TYR EA 820 -50.95 -52.19 -8.90
C TYR EA 820 -49.73 -51.87 -8.05
N THR EA 821 -49.03 -52.89 -7.59
CA THR EA 821 -47.87 -52.73 -6.73
C THR EA 821 -46.63 -53.18 -7.49
N GLU EA 822 -45.62 -52.31 -7.52
CA GLU EA 822 -44.42 -52.55 -8.31
C GLU EA 822 -43.22 -51.94 -7.60
N GLY EA 823 -42.04 -52.42 -7.98
CA GLY EA 823 -40.82 -51.83 -7.49
C GLY EA 823 -39.62 -52.61 -7.99
N THR EA 824 -38.47 -51.96 -7.91
CA THR EA 824 -37.22 -52.56 -8.34
C THR EA 824 -36.33 -52.84 -7.13
N ALA FA 104 -84.84 -66.38 55.19
CA ALA FA 104 -83.65 -65.58 55.46
C ALA FA 104 -82.49 -66.06 54.61
N GLU FA 105 -82.72 -67.09 53.83
CA GLU FA 105 -81.62 -67.68 53.07
C GLU FA 105 -81.93 -67.85 51.59
N VAL FA 106 -83.17 -68.23 51.24
CA VAL FA 106 -83.48 -68.50 49.84
C VAL FA 106 -83.62 -67.22 49.03
N ILE FA 107 -83.80 -66.07 49.70
CA ILE FA 107 -83.88 -64.78 49.02
C ILE FA 107 -82.56 -64.46 48.36
N ASP FA 108 -81.45 -64.77 49.03
CA ASP FA 108 -80.12 -64.55 48.48
C ASP FA 108 -79.87 -65.42 47.25
N LYS FA 109 -80.26 -66.70 47.32
CA LYS FA 109 -80.02 -67.60 46.20
C LYS FA 109 -80.89 -67.27 44.99
N LYS FA 110 -82.15 -66.90 45.23
CA LYS FA 110 -82.98 -66.49 44.10
C LYS FA 110 -82.51 -65.14 43.54
N ALA FA 111 -81.92 -64.30 44.39
CA ALA FA 111 -81.29 -63.07 43.90
C ALA FA 111 -80.10 -63.39 43.01
N PHE FA 112 -79.31 -64.39 43.35
CA PHE FA 112 -78.21 -64.80 42.50
C PHE FA 112 -78.72 -65.36 41.18
N LYS FA 113 -79.83 -66.10 41.23
CA LYS FA 113 -80.44 -66.65 40.03
C LYS FA 113 -80.92 -65.55 39.09
N ASP FA 114 -81.64 -64.56 39.61
CA ASP FA 114 -82.12 -63.49 38.74
C ASP FA 114 -81.00 -62.55 38.33
N MET FA 115 -79.96 -62.42 39.16
CA MET FA 115 -78.79 -61.63 38.79
C MET FA 115 -78.06 -62.24 37.60
N THR FA 116 -77.86 -63.57 37.64
CA THR FA 116 -77.29 -64.26 36.49
C THR FA 116 -78.23 -64.22 35.29
N ARG FA 117 -79.54 -64.26 35.54
CA ARG FA 117 -80.55 -64.15 34.48
C ARG FA 117 -80.47 -62.82 33.76
N ASN FA 118 -80.25 -61.74 34.51
CA ASN FA 118 -80.06 -60.44 33.91
C ASN FA 118 -78.69 -60.34 33.22
N LEU FA 119 -77.68 -60.96 33.81
CA LEU FA 119 -76.31 -60.75 33.34
C LEU FA 119 -76.05 -61.49 32.03
N TYR FA 120 -76.53 -62.72 31.90
CA TYR FA 120 -76.32 -63.50 30.68
C TYR FA 120 -77.65 -64.01 30.15
N PRO FA 121 -78.23 -63.34 29.15
CA PRO FA 121 -79.57 -63.71 28.69
C PRO FA 121 -79.62 -64.95 27.81
N LEU FA 122 -78.48 -65.50 27.40
CA LEU FA 122 -78.46 -66.59 26.44
C LEU FA 122 -77.54 -67.70 26.90
N ASN FA 123 -77.96 -68.94 26.67
CA ASN FA 123 -77.10 -70.08 26.91
C ASN FA 123 -76.06 -70.18 25.81
N PRO FA 124 -74.91 -70.81 26.11
CA PRO FA 124 -73.89 -71.02 25.07
C PRO FA 124 -74.35 -71.83 23.87
N GLU FA 125 -75.31 -72.74 24.06
CA GLU FA 125 -75.89 -73.44 22.92
C GLU FA 125 -76.62 -72.48 22.00
N GLN FA 126 -77.39 -71.54 22.56
CA GLN FA 126 -78.04 -70.54 21.73
C GLN FA 126 -77.03 -69.57 21.13
N VAL FA 127 -75.90 -69.37 21.80
CA VAL FA 127 -74.80 -68.57 21.24
C VAL FA 127 -74.26 -69.23 19.97
N VAL FA 128 -74.05 -70.55 20.03
CA VAL FA 128 -73.60 -71.28 18.86
C VAL FA 128 -74.69 -71.27 17.78
N LYS FA 129 -75.96 -71.33 18.18
CA LYS FA 129 -77.07 -71.28 17.23
C LYS FA 129 -77.11 -69.96 16.49
N LEU FA 130 -76.96 -68.85 17.20
CA LEU FA 130 -77.01 -67.55 16.54
C LEU FA 130 -75.76 -67.30 15.71
N LYS FA 131 -74.60 -67.81 16.14
CA LYS FA 131 -73.42 -67.70 15.30
C LYS FA 131 -73.57 -68.54 14.03
N GLN FA 132 -74.24 -69.69 14.14
CA GLN FA 132 -74.53 -70.52 12.98
C GLN FA 132 -75.44 -69.79 12.00
N ILE FA 133 -76.50 -69.15 12.51
CA ILE FA 133 -77.41 -68.47 11.58
C ILE FA 133 -76.79 -67.19 11.05
N TYR FA 134 -75.83 -66.58 11.76
CA TYR FA 134 -75.11 -65.44 11.19
C TYR FA 134 -74.21 -65.88 10.04
N GLU FA 135 -73.54 -67.03 10.22
CA GLU FA 135 -72.74 -67.60 9.14
C GLU FA 135 -73.61 -67.96 7.94
N THR FA 136 -74.79 -68.50 8.21
CA THR FA 136 -75.73 -68.85 7.15
C THR FA 136 -76.23 -67.61 6.42
N SER FA 137 -76.48 -66.53 7.17
CA SER FA 137 -76.91 -65.28 6.55
C SER FA 137 -75.80 -64.68 5.68
N GLU FA 138 -74.55 -64.79 6.13
CA GLU FA 138 -73.42 -64.33 5.32
C GLU FA 138 -73.27 -65.19 4.06
N TYR FA 139 -73.53 -66.49 4.18
CA TYR FA 139 -73.50 -67.37 3.02
C TYR FA 139 -74.60 -67.01 2.03
N ALA FA 140 -75.77 -66.65 2.55
CA ALA FA 140 -76.84 -66.16 1.69
C ALA FA 140 -76.49 -64.84 1.04
N LYS FA 141 -75.73 -63.99 1.74
CA LYS FA 141 -75.30 -62.71 1.20
C LYS FA 141 -74.35 -62.91 0.03
N ALA FA 142 -73.35 -63.77 0.20
CA ALA FA 142 -72.33 -63.93 -0.83
C ALA FA 142 -72.55 -65.15 -1.71
N ALA FA 143 -73.75 -65.73 -1.68
CA ALA FA 143 -74.08 -66.82 -2.58
C ALA FA 143 -74.29 -66.27 -3.99
N THR FA 144 -73.52 -66.76 -4.95
CA THR FA 144 -73.50 -66.20 -6.29
C THR FA 144 -74.76 -66.63 -7.05
N PRO FA 145 -75.55 -65.70 -7.56
CA PRO FA 145 -76.70 -66.09 -8.38
C PRO FA 145 -76.25 -66.61 -9.74
N GLY FA 146 -77.07 -67.49 -10.32
CA GLY FA 146 -76.77 -67.99 -11.64
C GLY FA 146 -75.63 -69.00 -11.64
N THR FA 147 -74.77 -68.88 -12.66
CA THR FA 147 -73.66 -69.79 -12.88
C THR FA 147 -72.35 -69.05 -12.69
N PRO FA 148 -71.41 -69.59 -11.89
CA PRO FA 148 -70.07 -69.01 -11.83
C PRO FA 148 -69.34 -69.17 -13.16
N PRO FA 149 -68.61 -68.15 -13.61
CA PRO FA 149 -67.97 -68.22 -14.91
C PRO FA 149 -66.73 -69.09 -14.90
N LYS FA 150 -66.55 -69.87 -15.96
CA LYS FA 150 -65.45 -70.82 -16.02
C LYS FA 150 -64.13 -70.10 -16.25
N PRO FA 151 -63.14 -70.28 -15.39
CA PRO FA 151 -61.88 -69.54 -15.54
C PRO FA 151 -60.90 -70.24 -16.48
N THR FA 152 -60.39 -69.50 -17.46
CA THR FA 152 -59.51 -70.07 -18.47
C THR FA 152 -58.46 -69.03 -18.83
N ALA FA 153 -57.65 -69.36 -19.84
CA ALA FA 153 -56.80 -68.41 -20.52
C ALA FA 153 -56.89 -68.68 -22.01
N THR FA 154 -56.74 -67.64 -22.82
CA THR FA 154 -56.92 -67.76 -24.26
C THR FA 154 -55.76 -67.13 -25.01
N SER FA 155 -55.53 -67.63 -26.22
CA SER FA 155 -54.58 -67.02 -27.15
C SER FA 155 -55.24 -67.02 -28.52
N GLN FA 156 -55.30 -65.85 -29.15
CA GLN FA 156 -55.97 -65.76 -30.44
C GLN FA 156 -55.34 -64.68 -31.29
N PHE FA 157 -55.57 -64.78 -32.59
CA PHE FA 157 -54.93 -63.92 -33.58
C PHE FA 157 -55.88 -62.81 -34.01
N VAL FA 158 -55.35 -61.59 -34.11
CA VAL FA 158 -56.12 -60.43 -34.50
C VAL FA 158 -55.73 -60.03 -35.91
N ASN FA 159 -56.72 -59.86 -36.78
CA ASN FA 159 -56.50 -59.56 -38.18
C ASN FA 159 -56.96 -58.15 -38.50
N LEU FA 160 -56.26 -57.50 -39.43
CA LEU FA 160 -56.48 -56.10 -39.76
C LEU FA 160 -57.32 -55.91 -41.01
N SER FA 161 -57.99 -56.94 -41.50
CA SER FA 161 -58.81 -56.80 -42.68
C SER FA 161 -60.05 -55.96 -42.39
N PRO FA 162 -60.49 -55.13 -43.34
CA PRO FA 162 -61.76 -54.41 -43.15
C PRO FA 162 -62.97 -55.32 -43.03
N GLY FA 163 -62.97 -56.46 -43.73
CA GLY FA 163 -64.05 -57.41 -43.57
C GLY FA 163 -63.96 -58.26 -42.33
N SER FA 164 -62.80 -58.33 -41.69
CA SER FA 164 -62.62 -59.17 -40.52
C SER FA 164 -63.27 -58.51 -39.31
N THR FA 165 -64.06 -59.29 -38.58
CA THR FA 165 -64.69 -58.78 -37.36
C THR FA 165 -63.63 -58.64 -36.27
N PRO FA 166 -63.55 -57.48 -35.61
CA PRO FA 166 -62.62 -57.35 -34.49
C PRO FA 166 -63.06 -58.21 -33.32
N PRO FA 167 -62.11 -58.72 -32.53
CA PRO FA 167 -62.45 -59.72 -31.52
C PRO FA 167 -63.12 -59.13 -30.29
N VAL FA 168 -63.61 -60.05 -29.46
CA VAL FA 168 -64.27 -59.73 -28.20
C VAL FA 168 -63.49 -60.38 -27.06
N ILE FA 169 -63.60 -59.77 -25.87
CA ILE FA 169 -62.93 -60.25 -24.67
C ILE FA 169 -63.96 -60.35 -23.56
N ARG FA 170 -64.15 -61.56 -23.02
CA ARG FA 170 -64.97 -61.74 -21.84
C ARG FA 170 -64.26 -61.20 -20.61
N LEU FA 171 -65.03 -60.58 -19.71
CA LEU FA 171 -64.48 -59.95 -18.53
C LEU FA 171 -65.32 -60.29 -17.31
N SER FA 172 -64.72 -60.16 -16.13
CA SER FA 172 -65.42 -60.38 -14.88
C SER FA 172 -65.29 -59.15 -13.99
N GLN FA 173 -66.36 -58.83 -13.27
CA GLN FA 173 -66.43 -57.60 -12.49
C GLN FA 173 -65.50 -57.69 -11.28
N GLY FA 174 -64.56 -56.76 -11.21
CA GLY FA 174 -63.60 -56.76 -10.13
C GLY FA 174 -62.48 -57.75 -10.26
N PHE FA 175 -62.35 -58.42 -11.40
CA PHE FA 175 -61.31 -59.40 -11.62
C PHE FA 175 -60.33 -58.91 -12.67
N VAL FA 176 -59.05 -59.11 -12.41
CA VAL FA 176 -58.00 -58.54 -13.23
C VAL FA 176 -57.77 -59.42 -14.45
N SER FA 177 -57.86 -58.83 -15.63
CA SER FA 177 -57.57 -59.51 -16.88
C SER FA 177 -56.25 -58.97 -17.41
N SER FA 178 -55.36 -59.89 -17.79
CA SER FA 178 -54.03 -59.54 -18.29
C SER FA 178 -54.02 -59.75 -19.79
N LEU FA 179 -53.89 -58.66 -20.54
CA LEU FA 179 -53.76 -58.73 -21.98
C LEU FA 179 -52.29 -58.56 -22.35
N VAL FA 180 -51.77 -59.49 -23.15
CA VAL FA 180 -50.40 -59.39 -23.64
C VAL FA 180 -50.44 -59.38 -25.16
N PHE FA 181 -49.86 -58.33 -25.74
CA PHE FA 181 -49.90 -58.09 -27.17
C PHE FA 181 -48.63 -58.63 -27.82
N LEU FA 182 -48.81 -59.39 -28.90
CA LEU FA 182 -47.72 -60.09 -29.56
C LEU FA 182 -47.78 -59.84 -31.06
N ASP FA 183 -46.61 -59.87 -31.69
CA ASP FA 183 -46.52 -59.78 -33.14
C ASP FA 183 -46.83 -61.15 -33.74
N SER FA 184 -46.63 -61.30 -35.05
CA SER FA 184 -46.76 -62.62 -35.65
C SER FA 184 -45.64 -63.55 -35.23
N THR FA 185 -44.50 -63.01 -34.79
CA THR FA 185 -43.42 -63.80 -34.24
C THR FA 185 -43.71 -64.28 -32.82
N GLY FA 186 -44.73 -63.73 -32.17
CA GLY FA 186 -45.00 -64.04 -30.78
C GLY FA 186 -44.16 -63.28 -29.79
N ALA FA 187 -43.28 -62.40 -30.24
CA ALA FA 187 -42.51 -61.57 -29.33
C ALA FA 187 -43.41 -60.52 -28.70
N PRO FA 188 -43.15 -60.13 -27.45
CA PRO FA 188 -43.92 -59.04 -26.84
C PRO FA 188 -43.63 -57.72 -27.52
N TRP FA 189 -44.63 -56.85 -27.53
CA TRP FA 189 -44.52 -55.51 -28.08
C TRP FA 189 -45.16 -54.53 -27.11
N PRO FA 190 -44.39 -53.64 -26.49
CA PRO FA 190 -44.98 -52.63 -25.60
C PRO FA 190 -45.83 -51.62 -26.38
N ILE FA 191 -46.70 -50.95 -25.64
CA ILE FA 191 -47.79 -50.18 -26.22
C ILE FA 191 -47.56 -48.70 -25.94
N ALA FA 192 -47.61 -47.89 -27.01
CA ALA FA 192 -47.36 -46.46 -26.87
C ALA FA 192 -48.48 -45.75 -26.12
N ALA FA 193 -49.73 -45.99 -26.52
CA ALA FA 193 -50.84 -45.24 -25.93
C ALA FA 193 -52.12 -46.05 -26.11
N TYR FA 194 -53.16 -45.58 -25.43
CA TYR FA 194 -54.45 -46.28 -25.42
C TYR FA 194 -55.57 -45.27 -25.23
N ASP FA 195 -56.79 -45.74 -25.45
CA ASP FA 195 -57.98 -44.92 -25.28
C ASP FA 195 -59.16 -45.85 -25.01
N LEU FA 196 -60.12 -45.34 -24.26
CA LEU FA 196 -61.34 -46.08 -23.96
C LEU FA 196 -62.43 -45.10 -23.58
N GLY FA 197 -63.67 -45.60 -23.62
CA GLY FA 197 -64.81 -44.93 -23.05
C GLY FA 197 -65.24 -45.66 -21.79
N ASP FA 198 -66.13 -45.01 -21.04
CA ASP FA 198 -66.73 -45.46 -19.78
C ASP FA 198 -65.70 -45.91 -18.74
N PRO FA 199 -64.99 -44.98 -18.08
CA PRO FA 199 -64.19 -45.39 -16.91
C PRO FA 199 -65.00 -45.92 -15.75
N SER FA 200 -66.31 -45.63 -15.68
CA SER FA 200 -67.14 -46.11 -14.58
C SER FA 200 -67.28 -47.63 -14.57
N SER FA 201 -67.14 -48.28 -15.73
CA SER FA 201 -67.16 -49.73 -15.79
C SER FA 201 -65.79 -50.34 -16.04
N PHE FA 202 -64.84 -49.57 -16.57
CA PHE FA 202 -63.55 -50.12 -16.98
C PHE FA 202 -62.44 -49.37 -16.27
N ASN FA 203 -61.67 -50.08 -15.47
CA ASN FA 203 -60.48 -49.53 -14.83
C ASN FA 203 -59.26 -50.14 -15.50
N ILE FA 204 -58.30 -49.30 -15.84
CA ILE FA 204 -57.17 -49.71 -16.66
C ILE FA 204 -55.89 -49.46 -15.86
N GLN FA 205 -54.93 -50.38 -15.99
CA GLN FA 205 -53.64 -50.24 -15.33
C GLN FA 205 -52.54 -50.55 -16.33
N TRP FA 206 -51.55 -49.66 -16.41
CA TRP FA 206 -50.52 -49.73 -17.43
C TRP FA 206 -49.31 -48.96 -16.93
N ASP FA 207 -48.24 -49.66 -16.62
CA ASP FA 207 -46.96 -48.97 -16.50
C ASP FA 207 -46.49 -48.56 -17.88
N LYS FA 208 -45.64 -47.53 -17.90
CA LYS FA 208 -45.41 -46.79 -19.13
C LYS FA 208 -44.53 -47.51 -20.14
N THR FA 209 -43.92 -48.63 -19.76
CA THR FA 209 -42.90 -49.24 -20.60
C THR FA 209 -43.19 -50.67 -21.02
N SER FA 210 -44.20 -51.32 -20.45
CA SER FA 210 -44.41 -52.73 -20.72
C SER FA 210 -45.46 -52.91 -21.81
N ASN FA 211 -45.79 -54.18 -22.04
CA ASN FA 211 -46.82 -54.59 -23.00
C ASN FA 211 -48.08 -55.08 -22.32
N THR FA 212 -47.98 -55.60 -21.11
CA THR FA 212 -49.13 -56.21 -20.45
C THR FA 212 -50.04 -55.13 -19.90
N LEU FA 213 -51.33 -55.30 -20.12
CA LEU FA 213 -52.36 -54.35 -19.70
C LEU FA 213 -53.27 -55.04 -18.71
N MET FA 214 -53.58 -54.34 -17.61
CA MET FA 214 -54.45 -54.90 -16.58
C MET FA 214 -55.81 -54.23 -16.66
N ILE FA 215 -56.85 -55.04 -16.69
CA ILE FA 215 -58.21 -54.57 -16.92
C ILE FA 215 -59.09 -55.06 -15.78
N GLN FA 216 -59.81 -54.13 -15.16
CA GLN FA 216 -60.76 -54.47 -14.10
C GLN FA 216 -62.15 -54.01 -14.51
N ALA FA 217 -63.10 -54.93 -14.48
CA ALA FA 217 -64.48 -54.59 -14.81
C ALA FA 217 -65.22 -54.21 -13.52
N THR FA 218 -66.23 -53.37 -13.69
CA THR FA 218 -66.92 -52.78 -12.55
C THR FA 218 -68.42 -52.94 -12.69
N LYS FA 219 -68.91 -52.98 -13.92
CA LYS FA 219 -70.33 -53.12 -14.17
C LYS FA 219 -70.66 -54.57 -14.50
N LEU FA 220 -71.93 -54.82 -14.85
CA LEU FA 220 -72.42 -56.17 -15.07
C LEU FA 220 -72.99 -56.39 -16.46
N TYR FA 221 -73.73 -55.43 -17.01
CA TYR FA 221 -74.36 -55.58 -18.32
C TYR FA 221 -74.07 -54.38 -19.19
N ASN FA 222 -72.82 -53.95 -19.25
CA ASN FA 222 -72.44 -52.80 -20.06
C ASN FA 222 -71.11 -53.08 -20.73
N TYR FA 223 -71.13 -53.13 -22.06
CA TYR FA 223 -69.97 -53.47 -22.88
C TYR FA 223 -69.34 -52.19 -23.45
N GLY FA 224 -68.05 -52.29 -23.77
CA GLY FA 224 -67.36 -51.15 -24.32
C GLY FA 224 -66.32 -51.50 -25.36
N ASN FA 225 -65.54 -50.50 -25.77
CA ASN FA 225 -64.52 -50.68 -26.78
C ASN FA 225 -63.20 -50.13 -26.27
N LEU FA 226 -62.10 -50.66 -26.81
CA LEU FA 226 -60.77 -50.28 -26.35
C LEU FA 226 -59.86 -50.12 -27.56
N ALA FA 227 -59.06 -49.05 -27.57
CA ALA FA 227 -58.14 -48.77 -28.67
C ALA FA 227 -56.72 -48.68 -28.14
N VAL FA 228 -55.78 -49.21 -28.93
CA VAL FA 228 -54.39 -49.35 -28.52
C VAL FA 228 -53.50 -48.99 -29.71
N ARG FA 229 -52.46 -48.20 -29.46
CA ARG FA 229 -51.45 -47.89 -30.47
C ARG FA 229 -50.08 -48.21 -29.90
N LEU FA 230 -49.28 -48.92 -30.67
CA LEU FA 230 -47.88 -49.14 -30.36
C LEU FA 230 -47.04 -48.11 -31.13
N ARG FA 231 -45.73 -48.27 -31.10
CA ARG FA 231 -44.87 -47.31 -31.80
C ARG FA 231 -44.79 -47.61 -33.30
N GLY FA 232 -44.31 -48.80 -33.65
CA GLY FA 232 -43.99 -49.10 -35.04
C GLY FA 232 -45.18 -49.21 -35.95
N LEU FA 233 -46.36 -49.52 -35.41
CA LEU FA 233 -47.56 -49.65 -36.21
C LEU FA 233 -48.37 -48.36 -36.12
N ASN FA 234 -48.63 -47.75 -37.27
CA ASN FA 234 -49.52 -46.59 -37.31
C ASN FA 234 -50.96 -46.98 -37.01
N THR FA 235 -51.37 -48.16 -37.44
CA THR FA 235 -52.77 -48.56 -37.35
C THR FA 235 -53.16 -48.91 -35.93
N PRO FA 236 -54.19 -48.26 -35.37
CA PRO FA 236 -54.66 -48.62 -34.03
C PRO FA 236 -55.40 -49.95 -34.04
N VAL FA 237 -55.49 -50.54 -32.85
CA VAL FA 237 -56.13 -51.83 -32.63
C VAL FA 237 -57.31 -51.63 -31.70
N MET FA 238 -58.48 -52.13 -32.10
CA MET FA 238 -59.70 -51.95 -31.33
C MET FA 238 -60.30 -53.29 -30.98
N LEU FA 239 -60.64 -53.46 -29.70
CA LEU FA 239 -61.19 -54.68 -29.16
C LEU FA 239 -62.52 -54.39 -28.48
N THR FA 240 -63.43 -55.36 -28.51
CA THR FA 240 -64.73 -55.20 -27.88
C THR FA 240 -64.76 -55.95 -26.56
N LEU FA 241 -64.88 -55.22 -25.47
CA LEU FA 241 -64.78 -55.80 -24.12
C LEU FA 241 -66.17 -55.93 -23.53
N ILE FA 242 -66.46 -57.10 -22.96
CA ILE FA 242 -67.83 -57.38 -22.53
C ILE FA 242 -67.80 -58.18 -21.22
N PRO FA 243 -68.50 -57.72 -20.17
CA PRO FA 243 -68.59 -58.51 -18.94
C PRO FA 243 -69.82 -59.41 -18.91
N GLY FA 244 -69.96 -60.18 -17.83
CA GLY FA 244 -71.19 -60.91 -17.59
C GLY FA 244 -71.47 -62.09 -18.50
N GLN FA 245 -70.70 -63.16 -18.36
CA GLN FA 245 -70.91 -64.36 -19.16
C GLN FA 245 -70.47 -65.57 -18.34
N LYS FA 246 -70.47 -66.74 -18.96
CA LYS FA 246 -70.21 -67.99 -18.27
C LYS FA 246 -68.75 -68.41 -18.38
N ALA FA 247 -67.88 -67.55 -18.89
CA ALA FA 247 -66.46 -67.85 -18.97
C ALA FA 247 -65.68 -66.56 -18.77
N VAL FA 248 -64.49 -66.70 -18.18
CA VAL FA 248 -63.63 -65.56 -17.86
C VAL FA 248 -62.21 -65.92 -18.27
N ASP FA 249 -61.61 -65.08 -19.12
CA ASP FA 249 -60.24 -65.28 -19.56
C ASP FA 249 -59.32 -64.44 -18.69
N TYR FA 250 -58.50 -65.11 -17.87
CA TYR FA 250 -57.55 -64.40 -17.03
C TYR FA 250 -56.43 -63.79 -17.86
N ARG FA 251 -55.86 -64.57 -18.77
CA ARG FA 251 -54.74 -64.13 -19.59
C ARG FA 251 -55.07 -64.33 -21.06
N VAL FA 252 -54.97 -63.26 -21.84
CA VAL FA 252 -55.23 -63.33 -23.28
C VAL FA 252 -53.97 -62.92 -24.02
N ASP FA 253 -53.45 -63.85 -24.83
CA ASP FA 253 -52.32 -63.60 -25.71
C ASP FA 253 -52.86 -63.23 -27.09
N LEU FA 254 -52.79 -61.96 -27.43
CA LEU FA 254 -53.28 -61.51 -28.72
C LEU FA 254 -52.14 -61.50 -29.74
N ARG FA 255 -52.46 -61.92 -30.96
CA ARG FA 255 -51.48 -62.03 -32.03
C ARG FA 255 -51.85 -61.07 -33.15
N VAL FA 256 -50.88 -60.33 -33.66
CA VAL FA 256 -51.12 -59.39 -34.75
C VAL FA 256 -50.41 -59.91 -36.01
N GLN FA 257 -50.85 -59.40 -37.16
CA GLN FA 257 -50.22 -59.76 -38.41
C GLN FA 257 -48.80 -59.22 -38.51
N GLY FA 258 -48.59 -57.97 -38.08
CA GLY FA 258 -47.33 -57.30 -38.25
C GLY FA 258 -46.27 -57.76 -37.27
N TYR FA 259 -45.17 -57.01 -37.27
CA TYR FA 259 -44.00 -57.32 -36.46
C TYR FA 259 -43.71 -56.17 -35.51
N GLY FA 260 -43.22 -56.50 -34.32
CA GLY FA 260 -42.75 -55.49 -33.39
C GLY FA 260 -41.30 -55.16 -33.63
N PRO FA 261 -40.67 -54.47 -32.68
CA PRO FA 261 -39.22 -54.24 -32.80
C PRO FA 261 -38.41 -55.50 -32.59
N ASN FA 262 -38.93 -56.46 -31.84
CA ASN FA 262 -38.30 -57.76 -31.68
C ASN FA 262 -38.79 -58.74 -32.75
N ALA FA 263 -38.69 -58.33 -34.01
CA ALA FA 263 -39.19 -59.14 -35.11
C ALA FA 263 -38.34 -60.37 -35.34
N LYS FA 264 -37.04 -60.29 -35.05
CA LYS FA 264 -36.13 -61.41 -35.25
C LYS FA 264 -36.40 -62.43 -34.14
N SER FA 265 -37.30 -63.36 -34.43
CA SER FA 265 -37.52 -64.49 -33.55
C SER FA 265 -36.54 -65.61 -33.91
N MET FA 266 -36.76 -66.81 -33.39
CA MET FA 266 -35.85 -67.92 -33.60
C MET FA 266 -35.96 -68.46 -35.02
N PRO FA 267 -34.87 -68.50 -35.78
CA PRO FA 267 -34.93 -68.97 -37.17
C PRO FA 267 -34.99 -70.49 -37.24
N THR FA 268 -35.00 -70.99 -38.47
CA THR FA 268 -35.13 -72.43 -38.72
C THR FA 268 -33.75 -73.08 -38.66
N GLU FA 269 -33.60 -74.05 -37.75
CA GLU FA 269 -32.36 -74.81 -37.58
C GLU FA 269 -32.67 -76.30 -37.74
N GLU FA 270 -31.65 -77.13 -37.44
CA GLU FA 270 -31.72 -78.59 -37.46
C GLU FA 270 -32.13 -79.12 -38.84
N GLY FA 271 -31.68 -78.45 -39.89
CA GLY FA 271 -31.87 -78.94 -41.22
C GLY FA 271 -30.85 -80.00 -41.56
N ILE FA 272 -30.90 -80.45 -42.81
CA ILE FA 272 -29.89 -81.37 -43.31
C ILE FA 272 -28.55 -80.65 -43.40
N PRO FA 273 -27.45 -81.27 -42.98
CA PRO FA 273 -26.14 -80.71 -43.26
C PRO FA 273 -25.91 -80.61 -44.75
N PRO FA 274 -25.13 -79.62 -45.20
CA PRO FA 274 -25.07 -79.32 -46.64
C PRO FA 274 -24.34 -80.40 -47.42
N SER FA 275 -24.62 -80.43 -48.71
CA SER FA 275 -23.95 -81.33 -49.63
C SER FA 275 -22.57 -80.77 -49.99
N ALA FA 276 -21.99 -81.28 -51.07
CA ALA FA 276 -20.71 -80.77 -51.53
C ALA FA 276 -20.84 -79.36 -52.05
N ASN FA 277 -19.75 -78.60 -51.92
CA ASN FA 277 -19.73 -77.23 -52.41
C ASN FA 277 -19.75 -77.21 -53.94
N ASP FA 278 -20.36 -76.17 -54.50
CA ASP FA 278 -20.49 -76.08 -55.95
C ASP FA 278 -19.18 -75.73 -56.64
N LEU FA 279 -18.17 -75.29 -55.88
CA LEU FA 279 -16.88 -74.90 -56.45
C LEU FA 279 -16.16 -76.08 -57.09
N LEU FA 280 -16.45 -77.29 -56.63
CA LEU FA 280 -15.86 -78.49 -57.20
C LEU FA 280 -16.27 -78.73 -58.64
N LEU FA 281 -17.38 -78.14 -59.10
CA LEU FA 281 -17.74 -78.30 -60.51
C LEU FA 281 -16.75 -77.56 -61.40
N HIS FA 282 -16.40 -76.33 -61.03
CA HIS FA 282 -15.37 -75.61 -61.76
C HIS FA 282 -14.01 -76.27 -61.59
N VAL FA 283 -13.76 -76.83 -60.41
CA VAL FA 283 -12.52 -77.58 -60.18
C VAL FA 283 -12.45 -78.80 -61.11
N LEU FA 284 -13.57 -79.50 -61.25
CA LEU FA 284 -13.66 -80.67 -62.12
C LEU FA 284 -13.46 -80.30 -63.57
N GLU FA 285 -14.01 -79.17 -63.98
CA GLU FA 285 -13.77 -78.71 -65.34
C GLU FA 285 -12.42 -78.04 -65.51
N GLY FA 286 -11.68 -77.84 -64.43
CA GLY FA 286 -10.35 -77.27 -64.51
C GLY FA 286 -10.28 -75.78 -64.26
N VAL FA 287 -11.43 -75.13 -64.12
CA VAL FA 287 -11.46 -73.70 -63.79
C VAL FA 287 -11.04 -73.55 -62.33
N PRO FA 288 -9.98 -72.80 -62.05
CA PRO FA 288 -9.61 -72.57 -60.66
C PRO FA 288 -10.60 -71.65 -59.99
N PRO FA 289 -10.79 -71.77 -58.67
CA PRO FA 289 -11.71 -70.87 -57.98
C PRO FA 289 -11.17 -69.45 -57.96
N PRO FA 290 -12.05 -68.45 -57.91
CA PRO FA 290 -11.59 -67.07 -57.97
C PRO FA 290 -10.88 -66.66 -56.68
N GLY FA 291 -9.80 -65.90 -56.85
CA GLY FA 291 -9.00 -65.45 -55.73
C GLY FA 291 -8.06 -66.48 -55.16
N SER FA 292 -8.01 -67.68 -55.73
CA SER FA 292 -7.15 -68.72 -55.20
C SER FA 292 -5.73 -68.54 -55.71
N ARG FA 293 -4.82 -69.35 -55.19
CA ARG FA 293 -3.41 -69.25 -55.51
C ARG FA 293 -2.94 -70.54 -56.18
N ARG FA 294 -2.10 -70.38 -57.19
CA ARG FA 294 -1.51 -71.52 -57.88
C ARG FA 294 -0.59 -72.30 -56.96
N LEU FA 295 -0.56 -73.62 -57.15
CA LEU FA 295 0.29 -74.50 -56.38
C LEU FA 295 1.25 -75.22 -57.31
N VAL FA 296 2.27 -75.83 -56.75
CA VAL FA 296 3.25 -76.59 -57.52
C VAL FA 296 3.18 -78.04 -57.09
N VAL FA 297 2.85 -78.91 -58.04
CA VAL FA 297 2.72 -80.34 -57.82
C VAL FA 297 3.64 -81.05 -58.81
N SER FA 298 4.46 -81.96 -58.30
CA SER FA 298 5.34 -82.74 -59.16
C SER FA 298 5.18 -84.22 -58.82
N GLY FA 299 5.43 -85.06 -59.83
CA GLY FA 299 5.40 -86.50 -59.66
C GLY FA 299 4.25 -87.20 -60.34
N GLY FA 300 3.26 -86.47 -60.84
CA GLY FA 300 2.12 -87.11 -61.46
C GLY FA 300 1.27 -86.09 -62.19
N ASP FA 301 0.24 -86.59 -62.85
CA ASP FA 301 -0.64 -85.74 -63.65
C ASP FA 301 -1.83 -85.33 -62.80
N ALA FA 302 -1.72 -84.16 -62.16
CA ALA FA 302 -2.80 -83.63 -61.35
C ALA FA 302 -2.60 -82.12 -61.24
N ARG FA 303 -3.68 -81.44 -60.86
CA ARG FA 303 -3.66 -80.00 -60.67
C ARG FA 303 -4.24 -79.67 -59.30
N ALA FA 304 -3.83 -78.52 -58.75
CA ALA FA 304 -4.16 -78.22 -57.38
C ALA FA 304 -4.27 -76.71 -57.17
N TRP FA 305 -5.18 -76.32 -56.27
CA TRP FA 305 -5.37 -74.93 -55.91
C TRP FA 305 -5.61 -74.82 -54.41
N LEU FA 306 -5.46 -73.59 -53.92
CA LEU FA 306 -5.66 -73.28 -52.51
C LEU FA 306 -6.44 -71.98 -52.40
N SER FA 307 -7.60 -72.04 -51.75
CA SER FA 307 -8.48 -70.87 -51.63
C SER FA 307 -8.71 -70.45 -50.18
N ASN FA 308 -9.26 -71.32 -49.35
CA ASN FA 308 -9.74 -70.96 -48.01
C ASN FA 308 -9.16 -71.91 -46.99
N GLU FA 309 -7.84 -72.07 -47.06
CA GLU FA 309 -7.06 -73.03 -46.26
C GLU FA 309 -7.53 -74.45 -46.50
N LYS FA 310 -8.02 -74.72 -47.71
CA LYS FA 310 -8.44 -76.03 -48.13
C LYS FA 310 -7.75 -76.35 -49.43
N MET FA 311 -7.26 -77.57 -49.57
CA MET FA 311 -6.62 -77.99 -50.80
C MET FA 311 -7.66 -78.58 -51.74
N TYR FA 312 -7.63 -78.09 -52.98
CA TYR FA 312 -8.51 -78.50 -54.05
C TYR FA 312 -7.64 -79.24 -55.05
N VAL FA 313 -7.98 -80.48 -55.37
CA VAL FA 313 -7.16 -81.22 -56.31
C VAL FA 313 -8.04 -81.85 -57.39
N ARG FA 314 -7.51 -81.84 -58.62
CA ARG FA 314 -8.18 -82.41 -59.78
C ARG FA 314 -7.26 -83.42 -60.43
N THR FA 315 -7.75 -84.63 -60.65
CA THR FA 315 -6.97 -85.69 -61.27
C THR FA 315 -7.93 -86.71 -61.85
N ASN FA 316 -7.39 -87.87 -62.19
CA ASN FA 316 -8.22 -89.04 -62.46
C ASN FA 316 -7.68 -90.26 -61.75
N LEU FA 317 -6.81 -90.07 -60.76
CA LEU FA 317 -6.23 -91.15 -60.01
C LEU FA 317 -7.04 -91.38 -58.75
N THR FA 318 -6.51 -92.18 -57.83
CA THR FA 318 -7.20 -92.49 -56.59
C THR FA 318 -6.29 -92.11 -55.43
N ILE FA 319 -6.88 -91.49 -54.41
CA ILE FA 319 -6.15 -90.91 -53.31
C ILE FA 319 -6.41 -91.72 -52.05
N LEU FA 320 -5.39 -91.87 -51.21
CA LEU FA 320 -5.43 -92.82 -50.11
C LEU FA 320 -5.25 -92.20 -48.74
N SER FA 321 -4.21 -91.37 -48.54
CA SER FA 321 -3.72 -91.12 -47.19
C SER FA 321 -4.63 -90.22 -46.34
N PRO FA 322 -4.85 -88.92 -46.68
CA PRO FA 322 -5.37 -88.02 -45.64
C PRO FA 322 -6.86 -88.16 -45.33
N GLY FA 323 -7.66 -88.49 -46.34
CA GLY FA 323 -9.09 -88.59 -46.16
C GLY FA 323 -9.71 -87.28 -46.54
N TRP FA 324 -10.29 -87.22 -47.72
CA TRP FA 324 -10.76 -85.95 -48.23
C TRP FA 324 -12.10 -85.59 -47.60
N LEU FA 325 -12.37 -84.28 -47.55
CA LEU FA 325 -13.65 -83.83 -47.06
C LEU FA 325 -14.75 -83.99 -48.09
N ALA FA 326 -14.43 -83.84 -49.38
CA ALA FA 326 -15.47 -83.99 -50.39
C ALA FA 326 -14.86 -84.53 -51.68
N SER FA 327 -15.71 -85.11 -52.52
CA SER FA 327 -15.23 -85.67 -53.77
C SER FA 327 -16.31 -85.62 -54.82
N MET FA 328 -15.89 -85.37 -56.06
CA MET FA 328 -16.80 -85.32 -57.20
C MET FA 328 -16.20 -86.08 -58.36
N THR FA 329 -17.07 -86.69 -59.15
CA THR FA 329 -16.68 -87.51 -60.29
C THR FA 329 -17.40 -87.02 -61.53
N SER FA 330 -16.66 -86.91 -62.62
CA SER FA 330 -17.19 -86.42 -63.88
C SER FA 330 -18.00 -87.49 -64.60
N ALA FA 331 -18.50 -87.15 -65.78
CA ALA FA 331 -19.13 -88.14 -66.63
C ALA FA 331 -18.11 -89.12 -67.18
N ASP FA 332 -16.88 -88.68 -67.42
CA ASP FA 332 -15.82 -89.56 -67.89
C ASP FA 332 -15.08 -90.24 -66.75
N GLY FA 333 -15.29 -89.80 -65.52
CA GLY FA 333 -14.65 -90.40 -64.39
C GLY FA 333 -13.46 -89.67 -63.83
N THR FA 334 -13.25 -88.41 -64.19
CA THR FA 334 -12.22 -87.61 -63.54
C THR FA 334 -12.69 -87.22 -62.14
N HIS FA 335 -11.77 -87.22 -61.19
CA HIS FA 335 -12.08 -86.99 -59.80
C HIS FA 335 -11.56 -85.63 -59.34
N ALA FA 336 -12.28 -85.04 -58.39
CA ALA FA 336 -11.87 -83.81 -57.74
C ALA FA 336 -12.08 -83.97 -56.25
N TYR FA 337 -11.07 -83.62 -55.46
CA TYR FA 337 -11.09 -83.87 -54.03
C TYR FA 337 -10.86 -82.59 -53.25
N GLU FA 338 -11.55 -82.51 -52.11
CA GLU FA 338 -11.46 -81.43 -51.15
C GLU FA 338 -10.92 -81.96 -49.84
N MET FA 339 -9.77 -81.43 -49.42
CA MET FA 339 -9.17 -81.91 -48.18
C MET FA 339 -8.39 -80.78 -47.53
N GLN FA 340 -7.63 -81.13 -46.50
CA GLN FA 340 -6.85 -80.16 -45.75
C GLN FA 340 -5.52 -79.89 -46.45
N LYS FA 341 -4.71 -79.04 -45.83
CA LYS FA 341 -3.40 -78.74 -46.37
C LYS FA 341 -2.40 -79.82 -45.96
N SER FA 342 -1.63 -80.30 -46.92
CA SER FA 342 -0.60 -81.28 -46.68
C SER FA 342 0.45 -81.11 -47.76
N PRO FA 343 1.73 -81.25 -47.44
CA PRO FA 343 2.75 -81.17 -48.48
C PRO FA 343 2.89 -82.45 -49.28
N VAL FA 344 2.43 -83.58 -48.75
CA VAL FA 344 2.63 -84.87 -49.41
C VAL FA 344 1.26 -85.47 -49.72
N LEU FA 345 1.29 -86.51 -50.55
CA LEU FA 345 0.10 -87.28 -50.89
C LEU FA 345 0.51 -88.71 -51.18
N LEU FA 346 -0.46 -89.61 -51.11
CA LEU FA 346 -0.21 -91.03 -51.35
C LEU FA 346 -1.31 -91.56 -52.25
N VAL FA 347 -0.94 -91.99 -53.45
CA VAL FA 347 -1.90 -92.38 -54.47
C VAL FA 347 -1.64 -93.82 -54.91
N SER FA 348 -2.58 -94.35 -55.69
CA SER FA 348 -2.50 -95.69 -56.24
C SER FA 348 -2.71 -95.61 -57.73
N TRP FA 349 -1.80 -96.22 -58.49
CA TRP FA 349 -1.83 -96.08 -59.94
C TRP FA 349 -2.55 -97.23 -60.62
N HIS FA 350 -2.02 -98.44 -60.50
CA HIS FA 350 -2.58 -99.63 -61.13
C HIS FA 350 -2.43 -100.80 -60.17
N GLY FA 351 -2.81 -100.58 -58.93
CA GLY FA 351 -2.48 -101.51 -57.87
C GLY FA 351 -1.12 -101.29 -57.28
N LYS FA 352 -0.38 -100.30 -57.77
CA LYS FA 352 0.94 -99.95 -57.28
C LYS FA 352 0.87 -98.63 -56.54
N VAL FA 353 1.46 -98.59 -55.35
CA VAL FA 353 1.41 -97.38 -54.54
C VAL FA 353 2.42 -96.37 -55.05
N MET FA 354 2.17 -95.10 -54.73
CA MET FA 354 3.08 -94.03 -55.12
C MET FA 354 2.93 -92.88 -54.15
N GLN FA 355 4.00 -92.12 -54.00
CA GLN FA 355 3.98 -90.88 -53.23
C GLN FA 355 3.88 -89.70 -54.18
N LEU FA 356 3.57 -88.54 -53.61
CA LEU FA 356 3.34 -87.34 -54.41
C LEU FA 356 3.71 -86.11 -53.59
N LYS FA 357 4.33 -85.14 -54.26
CA LYS FA 357 4.94 -83.99 -53.59
C LYS FA 357 4.22 -82.72 -54.02
N VAL FA 358 3.90 -81.88 -53.05
CA VAL FA 358 3.24 -80.60 -53.30
C VAL FA 358 4.14 -79.50 -52.75
N GLU FA 359 4.51 -78.57 -53.62
CA GLU FA 359 5.32 -77.42 -53.22
C GLU FA 359 4.46 -76.17 -53.21
N GLY FA 360 5.05 -75.10 -52.70
CA GLY FA 360 4.39 -73.80 -52.69
C GLY FA 360 3.21 -73.68 -51.77
N LEU FA 361 3.30 -74.24 -50.57
CA LEU FA 361 2.23 -74.08 -49.60
C LEU FA 361 2.30 -72.69 -48.97
N VAL GA 38 3.93 -47.28 -89.28
CA VAL GA 38 4.79 -47.56 -90.43
C VAL GA 38 5.91 -48.59 -90.13
N PRO GA 39 6.53 -48.59 -88.93
CA PRO GA 39 7.20 -49.83 -88.51
C PRO GA 39 6.24 -50.97 -88.32
N LYS GA 40 5.02 -50.69 -87.88
CA LYS GA 40 3.98 -51.70 -87.69
C LYS GA 40 3.03 -51.79 -88.87
N LEU GA 41 3.26 -51.02 -89.93
CA LEU GA 41 2.40 -51.01 -91.10
C LEU GA 41 3.23 -51.38 -92.32
N PRO GA 42 2.88 -52.45 -93.04
CA PRO GA 42 3.65 -52.81 -94.23
C PRO GA 42 3.40 -51.83 -95.37
N CYS GA 43 4.49 -51.42 -96.01
CA CYS GA 43 4.38 -50.45 -97.10
C CYS GA 43 3.83 -51.06 -98.39
N ARG GA 44 3.86 -52.38 -98.52
CA ARG GA 44 3.44 -53.05 -99.73
C ARG GA 44 2.71 -54.33 -99.34
N VAL GA 45 2.25 -55.07 -100.35
CA VAL GA 45 1.61 -56.35 -100.09
C VAL GA 45 2.69 -57.41 -99.93
N ASP GA 46 2.31 -58.59 -99.46
CA ASP GA 46 3.22 -59.58 -98.87
C ASP GA 46 4.19 -60.13 -99.91
N GLY GA 47 5.44 -59.67 -99.84
CA GLY GA 47 6.54 -60.21 -100.61
C GLY GA 47 6.40 -60.07 -102.11
N ALA GA 48 6.04 -58.89 -102.58
CA ALA GA 48 5.71 -58.72 -103.99
C ALA GA 48 6.72 -57.81 -104.67
N CYS GA 49 6.78 -57.95 -105.99
CA CYS GA 49 7.66 -57.12 -106.82
C CYS GA 49 7.07 -57.05 -108.22
N ASP GA 50 6.67 -55.84 -108.62
CA ASP GA 50 6.03 -55.67 -109.91
C ASP GA 50 7.01 -55.88 -111.05
N ALA GA 51 8.30 -55.68 -110.80
CA ALA GA 51 9.32 -56.05 -111.78
C ALA GA 51 9.32 -57.55 -112.02
N THR GA 52 9.16 -58.34 -110.96
CA THR GA 52 9.02 -59.78 -111.14
C THR GA 52 7.72 -60.13 -111.84
N ILE GA 53 6.66 -59.36 -111.58
CA ILE GA 53 5.38 -59.57 -112.26
C ILE GA 53 5.54 -59.41 -113.77
N ILE GA 54 6.16 -58.31 -114.18
CA ILE GA 54 6.39 -58.04 -115.60
C ILE GA 54 7.32 -59.08 -116.21
N LYS GA 55 8.35 -59.47 -115.45
CA LYS GA 55 9.32 -60.44 -115.96
C LYS GA 55 8.69 -61.80 -116.17
N MET GA 56 7.85 -62.26 -115.24
CA MET GA 56 7.23 -63.57 -115.41
C MET GA 56 6.15 -63.52 -116.48
N MET GA 57 5.49 -62.37 -116.66
CA MET GA 57 4.58 -62.22 -117.79
C MET GA 57 5.32 -62.32 -119.11
N THR GA 58 6.50 -61.70 -119.18
CA THR GA 58 7.30 -61.76 -120.39
C THR GA 58 7.78 -63.19 -120.67
N ASP GA 59 8.17 -63.90 -119.62
CA ASP GA 59 8.63 -65.28 -119.79
C ASP GA 59 7.50 -66.19 -120.23
N LEU GA 60 6.30 -65.99 -119.69
CA LEU GA 60 5.17 -66.79 -120.13
C LEU GA 60 4.77 -66.48 -121.57
N ASN GA 61 4.85 -65.21 -121.96
CA ASN GA 61 4.49 -64.84 -123.33
C ASN GA 61 5.49 -65.38 -124.33
N LYS GA 62 6.78 -65.37 -124.00
CA LYS GA 62 7.74 -66.00 -124.89
C LYS GA 62 7.68 -67.52 -124.80
N LYS GA 63 7.11 -68.06 -123.72
CA LYS GA 63 6.96 -69.49 -123.61
C LYS GA 63 5.83 -69.99 -124.50
N GLY GA 64 4.75 -69.22 -124.60
CA GLY GA 64 3.66 -69.65 -125.44
C GLY GA 64 2.34 -69.75 -124.70
N ILE GA 65 2.21 -68.96 -123.65
CA ILE GA 65 0.98 -68.91 -122.85
C ILE GA 65 0.35 -67.55 -123.06
N LYS GA 66 -0.93 -67.54 -123.44
CA LYS GA 66 -1.60 -66.30 -123.74
C LYS GA 66 -1.92 -65.57 -122.44
N VAL GA 67 -1.42 -64.34 -122.32
CA VAL GA 67 -1.67 -63.48 -121.17
C VAL GA 67 -2.48 -62.29 -121.65
N ALA GA 68 -3.60 -62.04 -120.99
CA ALA GA 68 -4.53 -60.99 -121.39
C ALA GA 68 -4.78 -60.07 -120.21
N SER GA 69 -4.51 -58.79 -120.39
CA SER GA 69 -4.77 -57.78 -119.38
C SER GA 69 -5.50 -56.63 -120.05
N VAL GA 70 -6.75 -56.39 -119.63
CA VAL GA 70 -7.53 -55.31 -120.18
C VAL GA 70 -8.52 -54.87 -119.10
N GLY GA 71 -8.67 -53.56 -118.96
CA GLY GA 71 -9.40 -53.03 -117.81
C GLY GA 71 -8.61 -53.35 -116.56
N GLN GA 72 -9.30 -53.97 -115.60
CA GLN GA 72 -8.62 -54.54 -114.44
C GLN GA 72 -8.93 -56.03 -114.30
N ASN GA 73 -9.37 -56.66 -115.38
CA ASN GA 73 -9.59 -58.10 -115.40
C ASN GA 73 -8.47 -58.78 -116.18
N TYR GA 74 -8.22 -60.04 -115.85
CA TYR GA 74 -7.08 -60.77 -116.37
C TYR GA 74 -7.48 -62.16 -116.81
N LEU GA 75 -6.84 -62.62 -117.89
CA LEU GA 75 -7.13 -63.91 -118.50
C LEU GA 75 -5.84 -64.61 -118.87
N ILE GA 76 -5.81 -65.92 -118.65
CA ILE GA 76 -4.66 -66.75 -119.00
C ILE GA 76 -5.16 -67.95 -119.78
N SER GA 77 -4.57 -68.18 -120.95
CA SER GA 77 -4.93 -69.30 -121.81
C SER GA 77 -3.72 -70.17 -122.07
N ILE GA 78 -3.88 -71.49 -121.90
CA ILE GA 78 -2.82 -72.45 -122.12
C ILE GA 78 -3.33 -73.53 -123.08
N PRO GA 79 -2.56 -73.91 -124.10
CA PRO GA 79 -2.95 -75.08 -124.90
C PRO GA 79 -2.86 -76.36 -124.09
N ALA GA 80 -3.78 -77.28 -124.37
CA ALA GA 80 -3.86 -78.52 -123.60
C ALA GA 80 -2.81 -79.54 -124.00
N SER GA 81 -2.19 -79.38 -125.17
CA SER GA 81 -1.19 -80.32 -125.64
C SER GA 81 0.08 -80.27 -124.82
N ALA GA 82 0.32 -79.18 -124.10
CA ALA GA 82 1.40 -79.11 -123.14
C ALA GA 82 0.95 -79.54 -121.75
N LEU GA 83 -0.27 -80.06 -121.62
CA LEU GA 83 -0.83 -80.34 -120.32
C LEU GA 83 -1.21 -81.79 -120.12
N PHE GA 84 -1.92 -82.40 -121.05
CA PHE GA 84 -2.47 -83.73 -120.81
C PHE GA 84 -1.90 -84.72 -121.82
N ALA GA 85 -2.50 -85.90 -121.85
CA ALA GA 85 -2.24 -86.89 -122.87
C ALA GA 85 -3.31 -86.79 -123.95
N ASP GA 86 -3.25 -87.69 -124.92
CA ASP GA 86 -4.13 -87.63 -126.09
C ASP GA 86 -5.53 -88.04 -125.70
N GLN GA 87 -6.44 -87.04 -125.65
CA GLN GA 87 -7.86 -87.23 -125.35
C GLN GA 87 -8.07 -87.92 -124.01
N SER GA 88 -7.25 -87.55 -123.03
CA SER GA 88 -7.22 -88.30 -121.79
C SER GA 88 -6.76 -87.44 -120.63
N PRO GA 89 -7.42 -87.56 -119.46
CA PRO GA 89 -7.08 -86.74 -118.30
C PRO GA 89 -5.97 -87.34 -117.43
N ARG GA 90 -4.88 -87.73 -118.05
CA ARG GA 90 -3.67 -88.09 -117.33
C ARG GA 90 -2.70 -86.94 -117.42
N LEU GA 91 -2.14 -86.55 -116.30
CA LEU GA 91 -1.31 -85.36 -116.23
C LEU GA 91 0.14 -85.71 -116.48
N ASN GA 92 0.77 -84.96 -117.37
CA ASN GA 92 2.18 -85.18 -117.64
C ASN GA 92 3.01 -84.70 -116.46
N TRP GA 93 4.05 -85.47 -116.14
CA TRP GA 93 4.84 -85.20 -114.95
C TRP GA 93 5.68 -83.94 -115.12
N ALA GA 94 6.19 -83.69 -116.32
CA ALA GA 94 6.99 -82.50 -116.56
C ALA GA 94 6.16 -81.23 -116.52
N SER GA 95 4.85 -81.33 -116.77
CA SER GA 95 3.99 -80.16 -116.75
C SER GA 95 3.73 -79.64 -115.34
N TYR GA 96 4.05 -80.43 -114.31
CA TYR GA 96 3.86 -79.98 -112.94
C TYR GA 96 4.75 -78.79 -112.61
N SER GA 97 5.92 -78.69 -113.23
CA SER GA 97 6.80 -77.55 -113.00
C SER GA 97 6.18 -76.26 -113.52
N LEU GA 98 5.64 -76.30 -114.73
CA LEU GA 98 5.02 -75.12 -115.31
C LEU GA 98 3.76 -74.76 -114.57
N LEU GA 99 3.02 -75.77 -114.10
CA LEU GA 99 1.84 -75.52 -113.29
C LEU GA 99 2.22 -74.90 -111.96
N ASN GA 100 3.33 -75.33 -111.37
CA ASN GA 100 3.84 -74.73 -110.14
C ASN GA 100 4.24 -73.27 -110.36
N GLU GA 101 4.86 -72.99 -111.50
CA GLU GA 101 5.28 -71.62 -111.79
C GLU GA 101 4.10 -70.68 -112.00
N ILE GA 102 3.10 -71.13 -112.77
CA ILE GA 102 1.94 -70.28 -112.97
C ILE GA 102 1.10 -70.19 -111.69
N ALA GA 103 1.17 -71.20 -110.83
CA ALA GA 103 0.53 -71.11 -109.53
C ALA GA 103 1.21 -70.07 -108.65
N ALA GA 104 2.54 -69.98 -108.74
CA ALA GA 104 3.27 -68.94 -108.02
C ALA GA 104 2.90 -67.55 -108.53
N PHE GA 105 2.74 -67.43 -109.85
CA PHE GA 105 2.31 -66.16 -110.43
C PHE GA 105 0.91 -65.77 -109.95
N LEU GA 106 0.00 -66.74 -109.89
CA LEU GA 106 -1.35 -66.44 -109.44
C LEU GA 106 -1.39 -66.18 -107.94
N LYS GA 107 -0.47 -66.78 -107.19
CA LYS GA 107 -0.33 -66.45 -105.78
C LYS GA 107 0.17 -65.03 -105.59
N GLN GA 108 0.98 -64.54 -106.54
CA GLN GA 108 1.55 -63.21 -106.42
C GLN GA 108 0.54 -62.08 -106.54
N PHE GA 109 -0.69 -62.35 -106.94
CA PHE GA 109 -1.71 -61.32 -107.01
C PHE GA 109 -2.67 -61.46 -105.83
N ARG GA 110 -3.58 -60.49 -105.72
CA ARG GA 110 -4.64 -60.48 -104.73
C ARG GA 110 -5.98 -60.47 -105.44
N LYS GA 111 -6.86 -61.40 -105.08
CA LYS GA 111 -8.10 -61.58 -105.80
C LYS GA 111 -9.16 -62.14 -104.87
N ILE GA 112 -10.32 -62.44 -105.43
CA ILE GA 112 -11.42 -63.00 -104.67
C ILE GA 112 -11.92 -64.28 -105.31
N ALA GA 113 -12.22 -64.26 -106.62
CA ALA GA 113 -12.84 -65.39 -107.29
C ALA GA 113 -12.20 -65.63 -108.64
N ILE GA 114 -12.07 -66.90 -109.02
CA ILE GA 114 -11.42 -67.32 -110.26
C ILE GA 114 -12.33 -68.30 -110.97
N THR GA 115 -12.55 -68.10 -112.27
CA THR GA 115 -13.20 -69.10 -113.10
C THR GA 115 -12.14 -69.83 -113.91
N VAL GA 116 -12.20 -71.16 -113.91
CA VAL GA 116 -11.31 -71.97 -114.74
C VAL GA 116 -12.17 -72.90 -115.58
N THR GA 117 -11.95 -72.88 -116.88
CA THR GA 117 -12.68 -73.74 -117.80
C THR GA 117 -11.74 -74.36 -118.82
N SER GA 118 -12.25 -75.35 -119.54
CA SER GA 118 -11.48 -76.00 -120.58
C SER GA 118 -12.34 -76.24 -121.80
N TYR GA 119 -11.72 -76.18 -122.97
CA TYR GA 119 -12.34 -76.47 -124.24
C TYR GA 119 -11.47 -77.45 -125.02
N SER GA 120 -12.07 -78.14 -125.99
CA SER GA 120 -11.36 -79.17 -126.73
C SER GA 120 -11.96 -79.31 -128.12
N SER GA 121 -11.56 -80.37 -128.81
CA SER GA 121 -12.09 -80.68 -130.13
C SER GA 121 -13.33 -81.56 -130.00
N LYS GA 122 -13.80 -82.09 -131.11
CA LYS GA 122 -14.96 -82.98 -131.15
C LYS GA 122 -14.48 -84.38 -131.50
N TYR GA 123 -14.73 -85.35 -130.64
CA TYR GA 123 -14.18 -86.69 -130.81
C TYR GA 123 -15.24 -87.76 -131.00
N VAL GA 124 -16.17 -87.93 -130.06
CA VAL GA 124 -17.14 -89.02 -130.16
C VAL GA 124 -18.55 -88.47 -129.98
N SER GA 125 -18.76 -87.69 -128.93
CA SER GA 125 -20.09 -87.33 -128.46
C SER GA 125 -20.08 -85.85 -128.14
N VAL GA 126 -21.08 -85.42 -127.37
CA VAL GA 126 -20.99 -84.17 -126.65
C VAL GA 126 -20.63 -84.39 -125.19
N LYS GA 127 -21.22 -85.44 -124.60
CA LYS GA 127 -21.06 -85.69 -123.18
C LYS GA 127 -19.64 -86.13 -122.86
N ARG GA 128 -19.00 -86.85 -123.78
CA ARG GA 128 -17.62 -87.28 -123.56
C ARG GA 128 -16.68 -86.08 -123.47
N GLU GA 129 -16.85 -85.12 -124.36
CA GLU GA 129 -16.03 -83.92 -124.34
C GLU GA 129 -16.33 -83.05 -123.14
N ARG GA 130 -17.62 -82.91 -122.79
CA ARG GA 130 -18.00 -82.12 -121.63
C ARG GA 130 -17.43 -82.72 -120.35
N ALA GA 131 -17.50 -84.04 -120.21
CA ALA GA 131 -17.00 -84.68 -119.01
C ALA GA 131 -15.48 -84.64 -118.96
N LEU GA 132 -14.82 -84.75 -120.11
CA LEU GA 132 -13.36 -84.67 -120.15
C LEU GA 132 -12.88 -83.31 -119.71
N THR GA 133 -13.51 -82.25 -120.23
CA THR GA 133 -13.12 -80.89 -119.85
C THR GA 133 -13.45 -80.61 -118.39
N LEU GA 134 -14.59 -81.12 -117.91
CA LEU GA 134 -14.99 -80.94 -116.52
C LEU GA 134 -13.99 -81.61 -115.58
N ALA GA 135 -13.58 -82.83 -115.92
CA ALA GA 135 -12.61 -83.55 -115.10
C ALA GA 135 -11.26 -82.86 -115.10
N ARG GA 136 -10.82 -82.39 -116.27
CA ARG GA 136 -9.53 -81.70 -116.36
C ARG GA 136 -9.53 -80.41 -115.54
N SER GA 137 -10.61 -79.65 -115.64
CA SER GA 137 -10.74 -78.43 -114.86
C SER GA 137 -10.78 -78.73 -113.37
N ARG GA 138 -11.47 -79.81 -112.99
CA ARG GA 138 -11.55 -80.21 -111.59
C ARG GA 138 -10.18 -80.56 -111.04
N VAL GA 139 -9.39 -81.30 -111.82
CA VAL GA 139 -8.07 -81.73 -111.38
C VAL GA 139 -7.13 -80.54 -111.23
N VAL GA 140 -7.11 -79.65 -112.23
CA VAL GA 140 -6.18 -78.53 -112.17
C VAL GA 140 -6.60 -77.54 -111.08
N SER GA 141 -7.90 -77.41 -110.83
CA SER GA 141 -8.37 -76.55 -109.75
C SER GA 141 -8.01 -77.12 -108.39
N GLU GA 142 -8.13 -78.44 -108.24
CA GLU GA 142 -7.79 -79.06 -106.97
C GLU GA 142 -6.31 -78.95 -106.67
N TYR GA 143 -5.47 -79.14 -107.68
CA TYR GA 143 -4.04 -78.94 -107.47
C TYR GA 143 -3.73 -77.49 -107.16
N LEU GA 144 -4.43 -76.56 -107.78
CA LEU GA 144 -4.21 -75.15 -107.51
C LEU GA 144 -4.59 -74.79 -106.07
N TRP GA 145 -5.70 -75.33 -105.59
CA TRP GA 145 -6.10 -75.12 -104.20
C TRP GA 145 -5.11 -75.78 -103.24
N SER GA 146 -4.52 -76.90 -103.63
CA SER GA 146 -3.46 -77.51 -102.84
C SER GA 146 -2.25 -76.60 -102.76
N GLN GA 147 -1.93 -75.95 -103.87
CA GLN GA 147 -0.92 -74.91 -103.84
C GLN GA 147 -1.43 -73.70 -103.05
N GLY GA 148 -0.51 -72.85 -102.63
CA GLY GA 148 -0.85 -71.81 -101.69
C GLY GA 148 -1.42 -70.53 -102.26
N VAL GA 149 -2.29 -70.62 -103.27
CA VAL GA 149 -2.94 -69.41 -103.75
C VAL GA 149 -4.05 -69.01 -102.79
N ASP GA 150 -4.21 -67.71 -102.60
CA ASP GA 150 -5.26 -67.21 -101.74
C ASP GA 150 -6.46 -66.82 -102.59
N SER GA 151 -7.61 -67.38 -102.24
CA SER GA 151 -8.87 -67.07 -102.88
C SER GA 151 -9.98 -67.54 -101.97
N ARG GA 152 -11.18 -67.10 -102.28
CA ARG GA 152 -12.36 -67.68 -101.65
C ARG GA 152 -13.12 -68.61 -102.56
N ILE GA 153 -13.09 -68.39 -103.88
CA ILE GA 153 -13.94 -69.12 -104.80
C ILE GA 153 -13.12 -69.58 -105.99
N ILE GA 154 -13.22 -70.87 -106.31
CA ILE GA 154 -12.75 -71.44 -107.57
C ILE GA 154 -13.94 -72.10 -108.24
N PHE GA 155 -14.25 -71.67 -109.45
CA PHE GA 155 -15.40 -72.17 -110.19
C PHE GA 155 -14.94 -73.11 -111.29
N THR GA 156 -15.51 -74.32 -111.31
CA THR GA 156 -15.10 -75.37 -112.22
C THR GA 156 -16.23 -75.70 -113.18
N GLN GA 157 -15.93 -75.67 -114.47
CA GLN GA 157 -16.87 -76.12 -115.50
C GLN GA 157 -16.08 -76.47 -116.75
N GLY GA 158 -16.71 -77.26 -117.62
CA GLY GA 158 -16.10 -77.63 -118.87
C GLY GA 158 -17.16 -77.76 -119.95
N LEU GA 159 -16.75 -77.52 -121.20
CA LEU GA 159 -17.71 -77.54 -122.29
C LEU GA 159 -17.27 -78.48 -123.41
N GLY GA 160 -15.98 -78.58 -123.64
CA GLY GA 160 -15.47 -79.45 -124.71
C GLY GA 160 -15.41 -78.73 -126.06
N SER GA 161 -16.37 -79.01 -126.92
CA SER GA 161 -16.40 -78.39 -128.24
C SER GA 161 -17.71 -77.65 -128.45
N ASP GA 162 -18.12 -76.86 -127.45
CA ASP GA 162 -19.33 -76.07 -127.59
C ASP GA 162 -19.05 -74.68 -128.16
N LYS GA 163 -17.99 -74.05 -127.70
CA LYS GA 163 -17.64 -72.70 -128.11
C LYS GA 163 -16.34 -72.74 -128.90
N PRO GA 164 -16.38 -72.74 -130.22
CA PRO GA 164 -15.15 -72.77 -131.01
C PRO GA 164 -14.44 -71.43 -130.96
N ILE GA 165 -13.17 -71.46 -131.36
CA ILE GA 165 -12.36 -70.26 -131.30
C ILE GA 165 -11.61 -70.07 -132.61
N THR GA 166 -11.62 -71.10 -133.46
CA THR GA 166 -10.90 -71.06 -134.72
C THR GA 166 -11.73 -71.75 -135.79
N SER GA 167 -11.82 -71.13 -136.96
CA SER GA 167 -12.46 -71.77 -138.10
C SER GA 167 -11.67 -73.00 -138.55
N TYR GA 168 -10.36 -72.91 -138.54
CA TYR GA 168 -9.50 -74.03 -138.91
C TYR GA 168 -9.48 -75.05 -137.78
N THR GA 169 -10.00 -76.25 -138.03
CA THR GA 169 -10.13 -77.27 -137.00
C THR GA 169 -9.56 -78.61 -137.45
N LEU GA 170 -8.55 -78.59 -138.31
CA LEU GA 170 -8.06 -79.85 -138.86
C LEU GA 170 -7.18 -80.61 -137.88
N GLY GA 171 -6.55 -79.92 -136.93
CA GLY GA 171 -5.75 -80.60 -135.94
C GLY GA 171 -6.58 -81.35 -134.92
N GLY GA 172 -5.95 -82.30 -134.24
CA GLY GA 172 -6.63 -83.06 -133.22
C GLY GA 172 -6.41 -82.46 -131.85
N ASP GA 173 -5.67 -83.15 -130.98
CA ASP GA 173 -5.25 -82.55 -129.73
C ASP GA 173 -4.15 -81.53 -129.94
N ARG GA 174 -3.46 -81.59 -131.08
CA ARG GA 174 -2.52 -80.55 -131.47
C ARG GA 174 -3.19 -79.25 -131.88
N SER GA 175 -4.50 -79.26 -132.11
CA SER GA 175 -5.19 -78.06 -132.53
C SER GA 175 -5.28 -77.07 -131.38
N PRO GA 176 -5.06 -75.78 -131.63
CA PRO GA 176 -4.97 -74.81 -130.53
C PRO GA 176 -6.29 -74.45 -129.89
N ASN GA 177 -7.42 -74.88 -130.44
CA ASN GA 177 -8.69 -74.59 -129.78
C ASN GA 177 -8.90 -75.44 -128.54
N ALA GA 178 -8.15 -76.54 -128.40
CA ALA GA 178 -8.14 -77.29 -127.15
C ALA GA 178 -7.27 -76.54 -126.15
N ARG GA 179 -7.88 -76.08 -125.07
CA ARG GA 179 -7.26 -75.06 -124.24
C ARG GA 179 -7.85 -75.09 -122.84
N VAL GA 180 -7.15 -74.42 -121.93
CA VAL GA 180 -7.64 -74.14 -120.60
C VAL GA 180 -7.53 -72.64 -120.35
N GLU GA 181 -8.58 -72.07 -119.79
CA GLU GA 181 -8.67 -70.65 -119.54
C GLU GA 181 -8.91 -70.39 -118.06
N ILE GA 182 -8.22 -69.39 -117.53
CA ILE GA 182 -8.40 -68.91 -116.17
C ILE GA 182 -8.66 -67.41 -116.22
N THR GA 183 -9.83 -67.01 -115.74
CA THR GA 183 -10.27 -65.62 -115.76
C THR GA 183 -10.53 -65.13 -114.35
N PHE GA 184 -10.14 -63.89 -114.07
CA PHE GA 184 -10.50 -63.27 -112.80
C PHE GA 184 -10.52 -61.76 -112.93
N ARG GA 185 -11.07 -61.11 -111.91
CA ARG GA 185 -11.05 -59.66 -111.76
C ARG GA 185 -10.14 -59.32 -110.59
N ARG GA 186 -9.29 -58.31 -110.77
CA ARG GA 186 -8.33 -57.96 -109.73
C ARG GA 186 -9.04 -57.29 -108.57
N ALA GA 187 -8.69 -57.70 -107.35
CA ALA GA 187 -9.31 -57.15 -106.15
C ALA GA 187 -8.85 -55.72 -105.92
N VAL GA 188 -9.78 -54.88 -105.45
CA VAL GA 188 -9.62 -53.45 -105.22
C VAL GA 188 -9.07 -52.72 -106.45
N CYS HA 42 16.17 -94.29 -118.60
CA CYS HA 42 14.80 -94.13 -119.08
C CYS HA 42 13.81 -94.71 -118.09
N PHE HA 43 13.00 -93.84 -117.49
CA PHE HA 43 12.07 -94.23 -116.45
C PHE HA 43 11.01 -93.14 -116.30
N HIS HA 44 9.83 -93.52 -115.86
CA HIS HA 44 8.79 -92.56 -115.52
C HIS HA 44 8.39 -92.71 -114.06
N PRO HA 45 8.48 -91.65 -113.27
CA PRO HA 45 8.10 -91.69 -111.85
C PRO HA 45 6.64 -92.06 -111.61
N PRO HA 46 5.65 -91.67 -112.48
CA PRO HA 46 4.33 -92.25 -112.14
C PRO HA 46 4.15 -93.70 -112.56
N TYR HA 47 4.76 -94.59 -111.76
CA TYR HA 47 4.67 -96.05 -111.81
C TYR HA 47 5.14 -96.65 -113.13
N ASN HA 48 5.82 -95.86 -113.98
CA ASN HA 48 6.39 -96.28 -115.26
C ASN HA 48 5.35 -96.92 -116.18
N ASN HA 49 4.12 -96.39 -116.13
CA ASN HA 49 2.96 -96.91 -116.84
C ASN HA 49 2.71 -98.38 -116.54
N PHE HA 50 2.92 -98.76 -115.27
CA PHE HA 50 2.69 -100.11 -114.74
C PHE HA 50 3.47 -101.17 -115.53
N GLN HA 51 4.68 -100.85 -115.87
CA GLN HA 51 5.51 -101.73 -116.68
C GLN HA 51 6.58 -102.38 -115.80
N PRO HA 52 6.96 -103.63 -116.08
CA PRO HA 52 8.06 -104.26 -115.34
C PRO HA 52 9.39 -103.56 -115.56
N ASP HA 53 9.88 -102.92 -114.50
CA ASP HA 53 10.93 -101.91 -114.59
C ASP HA 53 12.27 -102.50 -114.99
N ARG HA 54 13.03 -101.72 -115.73
CA ARG HA 54 14.38 -102.08 -116.14
C ARG HA 54 15.35 -101.18 -115.42
N ARG HA 55 16.28 -101.77 -114.68
CA ARG HA 55 17.27 -101.01 -113.93
C ARG HA 55 18.66 -101.52 -114.24
N ALA HA 56 18.77 -102.84 -114.46
CA ALA HA 56 20.06 -103.48 -114.66
C ALA HA 56 20.72 -103.06 -115.97
N VAL HA 57 19.92 -102.82 -117.00
CA VAL HA 57 20.48 -102.39 -118.28
C VAL HA 57 21.05 -100.98 -118.17
N LYS HA 58 20.36 -100.09 -117.44
CA LYS HA 58 20.89 -98.76 -117.21
C LYS HA 58 22.14 -98.80 -116.34
N ARG HA 59 22.15 -99.71 -115.35
CA ARG HA 59 23.32 -99.89 -114.50
C ARG HA 59 24.53 -100.35 -115.30
N VAL HA 60 24.35 -101.37 -116.15
CA VAL HA 60 25.48 -101.89 -116.91
C VAL HA 60 25.88 -100.91 -118.01
N GLY HA 61 24.94 -100.09 -118.50
CA GLY HA 61 25.30 -99.07 -119.46
C GLY HA 61 26.16 -97.97 -118.87
N VAL HA 62 25.76 -97.45 -117.70
CA VAL HA 62 26.54 -96.39 -117.08
C VAL HA 62 27.82 -96.93 -116.44
N ASP HA 63 27.92 -98.24 -116.22
CA ASP HA 63 29.17 -98.79 -115.73
C ASP HA 63 30.09 -99.27 -116.84
N THR HA 64 29.57 -99.45 -118.05
CA THR HA 64 30.41 -99.73 -119.21
C THR HA 64 30.81 -98.46 -119.96
N GLY HA 65 30.11 -97.35 -119.73
CA GLY HA 65 30.46 -96.10 -120.37
C GLY HA 65 31.75 -95.48 -119.87
N GLY HA 88 33.65 -100.96 -116.46
CA GLY HA 88 33.80 -102.39 -116.27
C GLY HA 88 32.48 -103.11 -116.10
N GLY HA 89 32.18 -104.00 -117.05
CA GLY HA 89 30.91 -104.69 -117.05
C GLY HA 89 30.76 -105.67 -115.89
N THR HA 90 31.84 -106.34 -115.51
CA THR HA 90 31.79 -107.29 -114.41
C THR HA 90 31.56 -106.58 -113.08
N VAL HA 91 32.26 -105.45 -112.87
CA VAL HA 91 32.05 -104.65 -111.67
C VAL HA 91 30.64 -104.07 -111.67
N GLY HA 92 30.14 -103.72 -112.86
CA GLY HA 92 28.77 -103.24 -112.96
C GLY HA 92 27.73 -104.29 -112.61
N LEU HA 93 27.94 -105.53 -113.05
CA LEU HA 93 26.97 -106.56 -112.75
C LEU HA 93 27.05 -107.04 -111.30
N VAL HA 94 28.25 -107.06 -110.70
CA VAL HA 94 28.30 -107.42 -109.29
C VAL HA 94 27.76 -106.29 -108.42
N ALA HA 95 27.89 -105.04 -108.87
CA ALA HA 95 27.23 -103.94 -108.18
C ALA HA 95 25.72 -104.02 -108.36
N SER HA 96 25.25 -104.48 -109.51
CA SER HA 96 23.82 -104.67 -109.73
C SER HA 96 23.26 -105.77 -108.84
N ILE HA 97 23.98 -106.89 -108.70
CA ILE HA 97 23.46 -107.96 -107.84
C ILE HA 97 23.62 -107.61 -106.38
N TYR HA 98 24.54 -106.70 -106.04
CA TYR HA 98 24.60 -106.17 -104.69
C TYR HA 98 23.49 -105.16 -104.43
N ARG HA 99 23.07 -104.43 -105.45
CA ARG HA 99 22.09 -103.36 -105.31
C ARG HA 99 20.66 -103.83 -105.44
N ASP HA 100 20.42 -104.98 -106.05
CA ASP HA 100 19.05 -105.51 -106.16
C ASP HA 100 18.84 -106.72 -105.26
N SER HA 101 19.81 -107.04 -104.41
CA SER HA 101 19.70 -108.15 -103.48
C SER HA 101 18.61 -107.87 -102.45
N LYS HA 102 18.11 -108.96 -101.85
CA LYS HA 102 16.96 -108.90 -100.96
C LYS HA 102 17.26 -108.10 -99.70
N ARG HA 103 18.46 -108.29 -99.14
CA ARG HA 103 18.87 -107.53 -97.95
C ARG HA 103 19.00 -106.05 -98.27
N LYS HA 104 19.50 -105.73 -99.47
CA LYS HA 104 19.56 -104.34 -99.90
C LYS HA 104 18.17 -103.74 -100.05
N ILE HA 105 17.21 -104.54 -100.52
CA ILE HA 105 15.83 -104.09 -100.65
C ILE HA 105 15.23 -103.79 -99.28
N ILE HA 106 15.46 -104.68 -98.32
CA ILE HA 106 14.95 -104.46 -96.97
C ILE HA 106 15.65 -103.26 -96.32
N ARG HA 107 16.94 -103.05 -96.63
CA ARG HA 107 17.65 -101.87 -96.13
C ARG HA 107 17.07 -100.59 -96.71
N ASP HA 108 16.68 -100.61 -97.99
CA ASP HA 108 16.03 -99.45 -98.58
C ASP HA 108 14.66 -99.20 -97.95
N LEU HA 109 13.92 -100.27 -97.66
CA LEU HA 109 12.65 -100.12 -96.98
C LEU HA 109 12.85 -99.61 -95.55
N GLN HA 110 13.99 -99.93 -94.95
CA GLN HA 110 14.32 -99.40 -93.64
C GLN HA 110 14.71 -97.93 -93.72
N LYS HA 111 15.34 -97.54 -94.83
CA LYS HA 111 15.62 -96.12 -95.04
C LYS HA 111 14.33 -95.35 -95.24
N GLN HA 112 13.35 -95.96 -95.88
CA GLN HA 112 12.00 -95.43 -95.86
C GLN HA 112 11.34 -95.76 -94.53
N ASP HA 113 10.14 -95.24 -94.32
CA ASP HA 113 9.47 -95.42 -93.04
C ASP HA 113 8.53 -96.62 -93.04
N ILE HA 114 9.02 -97.78 -93.46
CA ILE HA 114 8.20 -98.98 -93.62
C ILE HA 114 8.74 -100.04 -92.67
N GLN HA 115 7.84 -100.74 -91.97
CA GLN HA 115 8.26 -101.74 -91.00
C GLN HA 115 8.08 -103.13 -91.57
N TYR HA 116 9.12 -103.95 -91.46
CA TYR HA 116 9.11 -105.31 -91.98
C TYR HA 116 9.26 -106.29 -90.84
N VAL HA 117 8.36 -107.26 -90.75
CA VAL HA 117 8.41 -108.27 -89.70
C VAL HA 117 8.34 -109.65 -90.36
N GLU HA 118 9.35 -110.48 -90.09
CA GLU HA 118 9.41 -111.83 -90.62
C GLU HA 118 9.52 -112.79 -89.44
N TYR HA 119 8.44 -113.52 -89.19
CA TYR HA 119 8.37 -114.44 -88.06
C TYR HA 119 7.62 -115.69 -88.50
N GLY HA 120 8.22 -116.84 -88.24
CA GLY HA 120 7.65 -118.09 -88.70
C GLY HA 120 7.70 -118.17 -90.22
N ASP HA 121 6.65 -118.75 -90.79
CA ASP HA 121 6.50 -118.78 -92.24
C ASP HA 121 5.74 -117.57 -92.76
N THR HA 122 5.26 -116.71 -91.88
CA THR HA 122 4.46 -115.56 -92.27
C THR HA 122 5.34 -114.32 -92.35
N ARG HA 123 5.02 -113.43 -93.28
CA ARG HA 123 5.75 -112.17 -93.38
C ARG HA 123 4.78 -111.01 -93.54
N THR HA 124 5.05 -109.91 -92.82
CA THR HA 124 4.16 -108.76 -92.75
C THR HA 124 4.92 -107.47 -93.00
N LEU HA 125 4.22 -106.52 -93.62
CA LEU HA 125 4.70 -105.18 -93.89
C LEU HA 125 3.74 -104.17 -93.31
N ILE HA 126 4.28 -103.08 -92.78
CA ILE HA 126 3.54 -102.05 -92.06
C ILE HA 126 3.81 -100.72 -92.71
N ILE HA 127 2.74 -100.04 -93.12
CA ILE HA 127 2.81 -98.77 -93.85
C ILE HA 127 2.15 -97.70 -92.99
N PRO HA 128 2.78 -96.53 -92.83
CA PRO HA 128 2.12 -95.42 -92.13
C PRO HA 128 1.28 -94.55 -93.06
N THR HA 129 0.00 -94.46 -92.70
CA THR HA 129 -0.97 -93.79 -93.57
C THR HA 129 -0.73 -92.30 -93.65
N ASP HA 130 -0.31 -91.69 -92.54
CA ASP HA 130 -0.06 -90.25 -92.53
C ASP HA 130 1.15 -89.90 -93.37
N LYS HA 131 2.15 -90.77 -93.40
CA LYS HA 131 3.29 -90.53 -94.27
C LYS HA 131 2.94 -90.78 -95.73
N TYR HA 132 2.08 -91.75 -96.02
CA TYR HA 132 1.91 -92.18 -97.40
C TYR HA 132 0.56 -91.80 -98.00
N PHE HA 133 -0.17 -90.88 -97.39
CA PHE HA 133 -1.47 -90.53 -97.93
C PHE HA 133 -1.74 -89.05 -97.76
N MET HA 134 -2.59 -88.52 -98.62
CA MET HA 134 -3.23 -87.25 -98.31
C MET HA 134 -4.20 -87.45 -97.17
N PHE HA 135 -4.44 -86.37 -96.42
CA PHE HA 135 -5.21 -86.46 -95.20
C PHE HA 135 -6.69 -86.73 -95.50
N SER HA 136 -7.24 -87.73 -94.82
CA SER HA 136 -8.66 -88.11 -94.86
C SER HA 136 -9.12 -88.41 -96.28
N SER HA 137 -8.27 -89.07 -97.05
CA SER HA 137 -8.55 -89.31 -98.46
C SER HA 137 -8.21 -90.74 -98.83
N PRO HA 138 -8.92 -91.29 -99.81
CA PRO HA 138 -8.45 -92.52 -100.45
C PRO HA 138 -7.35 -92.28 -101.46
N ARG HA 139 -7.03 -91.02 -101.75
CA ARG HA 139 -6.02 -90.71 -102.76
C ARG HA 139 -4.63 -90.95 -102.19
N LEU HA 140 -3.89 -91.82 -102.86
CA LEU HA 140 -2.52 -92.13 -102.47
C LEU HA 140 -1.60 -90.98 -102.84
N ASN HA 141 -0.70 -90.64 -101.91
CA ASN HA 141 0.36 -89.69 -102.22
C ASN HA 141 1.31 -90.27 -103.25
N GLU HA 142 1.80 -89.42 -104.16
CA GLU HA 142 2.66 -89.86 -105.25
C GLU HA 142 4.14 -89.70 -104.97
N ILE HA 143 4.52 -88.96 -103.93
CA ILE HA 143 5.94 -88.66 -103.73
C ILE HA 143 6.68 -89.88 -103.18
N CYS HA 144 5.95 -90.85 -102.65
CA CYS HA 144 6.55 -92.04 -102.07
C CYS HA 144 6.72 -93.16 -103.10
N TYR HA 145 6.79 -92.79 -104.38
CA TYR HA 145 7.01 -93.78 -105.43
C TYR HA 145 8.29 -94.61 -105.35
N PRO HA 146 9.46 -94.15 -104.80
CA PRO HA 146 10.54 -95.13 -104.60
C PRO HA 146 10.17 -96.22 -103.62
N GLY HA 147 9.44 -95.86 -102.56
CA GLY HA 147 8.95 -96.86 -101.63
C GLY HA 147 7.98 -97.82 -102.27
N LEU HA 148 7.08 -97.30 -103.11
CA LEU HA 148 6.09 -98.19 -103.73
C LEU HA 148 6.72 -99.11 -104.77
N ASN HA 149 7.70 -98.61 -105.52
CA ASN HA 149 8.39 -99.45 -106.48
C ASN HA 149 9.22 -100.52 -105.79
N ASN HA 150 9.84 -100.17 -104.66
CA ASN HA 150 10.54 -101.18 -103.88
C ASN HA 150 9.59 -102.21 -103.28
N VAL HA 151 8.37 -101.78 -102.94
CA VAL HA 151 7.34 -102.69 -102.45
C VAL HA 151 7.00 -103.72 -103.51
N ILE HA 152 6.80 -103.27 -104.75
CA ILE HA 152 6.48 -104.19 -105.82
C ILE HA 152 7.67 -105.10 -106.15
N ARG HA 153 8.88 -104.53 -106.08
CA ARG HA 153 10.09 -105.31 -106.33
C ARG HA 153 10.28 -106.41 -105.31
N LEU HA 154 9.98 -106.14 -104.04
CA LEU HA 154 10.05 -107.19 -103.04
C LEU HA 154 8.92 -108.19 -103.21
N LEU HA 155 7.72 -107.70 -103.55
CA LEU HA 155 6.56 -108.57 -103.67
C LEU HA 155 6.63 -109.49 -104.87
N ASN HA 156 7.54 -109.22 -105.81
CA ASN HA 156 7.73 -110.12 -106.93
C ASN HA 156 8.28 -111.49 -106.54
N PHE HA 157 8.79 -111.66 -105.32
CA PHE HA 157 9.51 -112.87 -104.94
C PHE HA 157 8.61 -113.97 -104.39
N TYR HA 158 7.31 -113.75 -104.25
CA TYR HA 158 6.41 -114.73 -103.66
C TYR HA 158 5.21 -114.94 -104.57
N PRO HA 159 5.40 -115.70 -105.65
CA PRO HA 159 4.35 -115.78 -106.67
C PRO HA 159 3.30 -116.85 -106.41
N GLN HA 160 3.22 -117.38 -105.19
CA GLN HA 160 2.21 -118.39 -104.92
C GLN HA 160 1.37 -118.06 -103.70
N SER HA 161 1.92 -117.27 -102.79
CA SER HA 161 1.28 -117.02 -101.51
C SER HA 161 0.12 -116.05 -101.65
N THR HA 162 -0.97 -116.34 -100.95
CA THR HA 162 -2.07 -115.40 -100.88
C THR HA 162 -1.69 -114.23 -99.98
N ILE HA 163 -2.31 -113.09 -100.24
CA ILE HA 163 -1.97 -111.84 -99.56
C ILE HA 163 -3.21 -111.36 -98.81
N TYR HA 164 -3.04 -111.10 -97.52
CA TYR HA 164 -4.05 -110.40 -96.74
C TYR HA 164 -3.61 -108.96 -96.56
N VAL HA 165 -4.54 -108.03 -96.73
CA VAL HA 165 -4.28 -106.62 -96.53
C VAL HA 165 -5.38 -106.04 -95.65
N ALA HA 166 -4.99 -105.32 -94.61
CA ALA HA 166 -5.97 -104.75 -93.69
C ALA HA 166 -5.52 -103.37 -93.26
N GLY HA 167 -6.48 -102.60 -92.76
CA GLY HA 167 -6.19 -101.24 -92.35
C GLY HA 167 -6.85 -100.82 -91.06
N PHE HA 168 -6.16 -100.03 -90.25
CA PHE HA 168 -6.69 -99.56 -88.98
C PHE HA 168 -6.43 -98.07 -88.83
N THR HA 169 -7.27 -97.45 -88.00
CA THR HA 169 -7.15 -96.04 -87.69
C THR HA 169 -7.09 -95.82 -86.19
N ASP HA 170 -7.19 -94.57 -85.76
CA ASP HA 170 -7.30 -94.26 -84.33
C ASP HA 170 -8.76 -94.30 -83.91
N ASN HA 171 -9.05 -93.81 -82.71
CA ASN HA 171 -10.37 -93.98 -82.12
C ASN HA 171 -11.34 -92.87 -82.45
N VAL HA 172 -10.85 -91.68 -82.75
CA VAL HA 172 -11.66 -90.47 -82.65
C VAL HA 172 -12.52 -90.33 -83.89
N GLY HA 173 -13.82 -90.21 -83.69
CA GLY HA 173 -14.78 -90.04 -84.76
C GLY HA 173 -15.90 -91.05 -84.66
N SER HA 174 -16.77 -91.00 -85.67
CA SER HA 174 -17.80 -92.02 -85.79
C SER HA 174 -17.17 -93.36 -86.14
N ARG HA 175 -17.64 -94.40 -85.44
CA ARG HA 175 -17.14 -95.75 -85.66
C ARG HA 175 -17.42 -96.22 -87.09
N SER HA 176 -18.64 -95.93 -87.57
CA SER HA 176 -19.00 -96.28 -88.95
C SER HA 176 -18.15 -95.52 -89.94
N HIS HA 177 -17.90 -94.23 -89.67
CA HIS HA 177 -17.10 -93.41 -90.58
C HIS HA 177 -15.67 -93.91 -90.66
N LYS HA 178 -15.06 -94.24 -89.51
CA LYS HA 178 -13.68 -94.66 -89.55
C LYS HA 178 -13.54 -96.06 -90.13
N ARG HA 179 -14.56 -96.92 -89.93
CA ARG HA 179 -14.56 -98.21 -90.58
C ARG HA 179 -14.65 -98.06 -92.10
N LYS HA 180 -15.48 -97.12 -92.56
CA LYS HA 180 -15.60 -96.85 -93.99
C LYS HA 180 -14.29 -96.35 -94.57
N LEU HA 181 -13.61 -95.45 -93.86
CA LEU HA 181 -12.34 -94.91 -94.34
C LEU HA 181 -11.28 -95.99 -94.42
N SER HA 182 -11.25 -96.88 -93.42
CA SER HA 182 -10.30 -97.98 -93.43
C SER HA 182 -10.58 -98.94 -94.60
N GLN HA 183 -11.86 -99.22 -94.86
CA GLN HA 183 -12.22 -100.08 -95.98
C GLN HA 183 -11.79 -99.46 -97.30
N ALA HA 184 -12.01 -98.15 -97.45
CA ALA HA 184 -11.61 -97.45 -98.67
C ALA HA 184 -10.09 -97.47 -98.85
N GLN HA 185 -9.35 -97.26 -97.78
CA GLN HA 185 -7.89 -97.27 -97.84
C GLN HA 185 -7.36 -98.64 -98.24
N ALA HA 186 -7.93 -99.70 -97.64
CA ALA HA 186 -7.49 -101.05 -97.94
C ALA HA 186 -7.81 -101.44 -99.38
N GLU HA 187 -8.99 -101.04 -99.86
CA GLU HA 187 -9.35 -101.36 -101.24
C GLU HA 187 -8.49 -100.59 -102.23
N THR HA 188 -8.11 -99.36 -101.89
CA THR HA 188 -7.21 -98.60 -102.75
C THR HA 188 -5.85 -99.26 -102.84
N MET HA 189 -5.31 -99.71 -101.71
CA MET HA 189 -3.99 -100.35 -101.72
C MET HA 189 -4.01 -101.67 -102.48
N MET HA 190 -5.07 -102.46 -102.28
CA MET HA 190 -5.15 -103.74 -102.97
C MET HA 190 -5.40 -103.56 -104.46
N THR HA 191 -6.07 -102.46 -104.85
CA THR HA 191 -6.22 -102.16 -106.26
C THR HA 191 -4.90 -101.77 -106.88
N PHE HA 192 -4.09 -101.00 -106.13
CA PHE HA 192 -2.78 -100.62 -106.64
C PHE HA 192 -1.90 -101.82 -106.88
N LEU HA 193 -1.89 -102.77 -105.95
CA LEU HA 193 -1.08 -103.95 -106.21
C LEU HA 193 -1.73 -104.90 -107.22
N TRP HA 194 -3.05 -104.85 -107.39
CA TRP HA 194 -3.67 -105.63 -108.46
C TRP HA 194 -3.29 -105.11 -109.82
N ALA HA 195 -3.09 -103.79 -109.93
CA ALA HA 195 -2.65 -103.19 -111.18
C ALA HA 195 -1.22 -103.55 -111.55
N ASN HA 196 -0.46 -104.15 -110.65
CA ASN HA 196 0.88 -104.62 -110.98
C ASN HA 196 0.92 -106.10 -111.30
N GLY HA 197 -0.16 -106.64 -111.85
CA GLY HA 197 -0.13 -107.96 -112.43
C GLY HA 197 -0.27 -109.12 -111.46
N ILE HA 198 -1.06 -108.98 -110.42
CA ILE HA 198 -1.30 -110.07 -109.49
C ILE HA 198 -2.73 -110.56 -109.67
N ALA HA 199 -2.91 -111.87 -109.67
CA ALA HA 199 -4.22 -112.45 -109.88
C ALA HA 199 -5.14 -112.19 -108.69
N ALA HA 200 -6.41 -111.92 -108.99
CA ALA HA 200 -7.38 -111.55 -107.97
C ALA HA 200 -7.78 -112.70 -107.07
N LYS HA 201 -7.44 -113.94 -107.45
CA LYS HA 201 -7.77 -115.09 -106.61
C LYS HA 201 -6.91 -115.16 -105.36
N ARG HA 202 -5.82 -114.40 -105.29
CA ARG HA 202 -4.87 -114.46 -104.19
C ARG HA 202 -5.05 -113.32 -103.21
N LEU HA 203 -6.18 -112.62 -103.27
CA LEU HA 203 -6.31 -111.35 -102.57
C LEU HA 203 -7.53 -111.35 -101.66
N LYS HA 204 -7.44 -110.52 -100.61
CA LYS HA 204 -8.53 -110.28 -99.68
C LYS HA 204 -8.22 -109.01 -98.90
N ALA HA 205 -9.15 -108.06 -98.90
CA ALA HA 205 -8.94 -106.77 -98.26
C ALA HA 205 -9.89 -106.61 -97.08
N GLU HA 206 -9.44 -105.86 -96.08
CA GLU HA 206 -10.26 -105.65 -94.89
C GLU HA 206 -9.90 -104.32 -94.23
N GLY HA 207 -10.91 -103.47 -94.04
CA GLY HA 207 -10.71 -102.28 -93.26
C GLY HA 207 -11.34 -102.41 -91.89
N TYR HA 208 -10.53 -102.65 -90.86
CA TYR HA 208 -11.04 -102.81 -89.52
C TYR HA 208 -11.18 -101.45 -88.85
N GLY HA 209 -11.73 -101.44 -87.65
CA GLY HA 209 -11.92 -100.20 -86.96
C GLY HA 209 -10.74 -99.87 -86.08
N ASP HA 210 -10.94 -99.96 -84.78
CA ASP HA 210 -9.89 -99.77 -83.80
C ASP HA 210 -9.91 -100.89 -82.78
N LYS HA 211 -10.39 -102.06 -83.20
CA LYS HA 211 -10.71 -103.14 -82.28
C LYS HA 211 -9.49 -103.88 -81.75
N ASN HA 212 -8.30 -103.59 -82.27
CA ASN HA 212 -7.08 -104.21 -81.78
C ASN HA 212 -5.94 -103.26 -82.11
N ALA HA 213 -5.51 -102.49 -81.11
CA ALA HA 213 -4.55 -101.42 -81.31
C ALA HA 213 -3.21 -101.83 -80.74
N ILE HA 214 -2.15 -101.59 -81.53
CA ILE HA 214 -0.79 -101.86 -81.05
C ILE HA 214 -0.24 -100.73 -80.21
N SER HA 215 -0.98 -99.64 -80.07
CA SER HA 215 -0.53 -98.52 -79.27
C SER HA 215 -1.74 -97.89 -78.59
N ASP HA 216 -1.48 -97.17 -77.51
CA ASP HA 216 -2.55 -96.45 -76.82
C ASP HA 216 -3.02 -95.27 -77.66
N ASN HA 217 -4.33 -95.04 -77.66
CA ASN HA 217 -4.89 -93.97 -78.47
C ASN HA 217 -4.80 -92.60 -77.80
N ALA HA 218 -4.83 -92.56 -76.46
CA ALA HA 218 -4.87 -91.29 -75.75
C ALA HA 218 -3.53 -90.56 -75.73
N ILE HA 219 -2.44 -91.24 -76.05
CA ILE HA 219 -1.13 -90.61 -76.17
C ILE HA 219 -0.92 -90.24 -77.63
N ILE HA 220 -0.32 -89.08 -77.87
CA ILE HA 220 -0.26 -88.49 -79.21
C ILE HA 220 0.61 -89.33 -80.14
N HIS HA 221 1.80 -89.70 -79.69
CA HIS HA 221 2.70 -90.45 -80.53
C HIS HA 221 2.19 -91.86 -80.77
N GLY HA 222 1.56 -92.47 -79.75
CA GLY HA 222 0.90 -93.75 -79.97
C GLY HA 222 -0.29 -93.66 -80.90
N SER HA 223 -1.00 -92.53 -80.87
CA SER HA 223 -2.10 -92.32 -81.81
C SER HA 223 -1.58 -92.15 -83.23
N ALA HA 224 -0.40 -91.57 -83.39
CA ALA HA 224 0.24 -91.58 -84.69
C ALA HA 224 0.69 -92.98 -85.07
N GLN HA 225 1.04 -93.81 -84.09
CA GLN HA 225 1.53 -95.14 -84.40
C GLN HA 225 0.43 -96.09 -84.83
N ASN HA 226 -0.73 -96.04 -84.17
CA ASN HA 226 -1.69 -97.13 -84.32
C ASN HA 226 -2.43 -97.08 -85.65
N ARG HA 227 -2.62 -95.90 -86.23
CA ARG HA 227 -3.26 -95.83 -87.53
C ARG HA 227 -2.27 -96.28 -88.60
N ARG HA 228 -2.59 -97.37 -89.30
CA ARG HA 228 -1.57 -98.05 -90.09
C ARG HA 228 -2.24 -98.97 -91.10
N ILE HA 229 -1.42 -99.47 -92.02
CA ILE HA 229 -1.83 -100.47 -92.99
C ILE HA 229 -0.95 -101.70 -92.80
N GLU HA 230 -1.58 -102.85 -92.60
CA GLU HA 230 -0.86 -104.10 -92.43
C GLU HA 230 -1.04 -104.97 -93.67
N ILE HA 231 0.02 -105.70 -94.02
CA ILE HA 231 0.00 -106.67 -95.10
C ILE HA 231 0.63 -107.95 -94.59
N GLN HA 232 -0.13 -109.04 -94.64
CA GLN HA 232 0.36 -110.35 -94.21
C GLN HA 232 0.41 -111.27 -95.41
N TRP HA 233 1.34 -112.22 -95.38
CA TRP HA 233 1.21 -113.36 -96.27
C TRP HA 233 1.75 -114.62 -95.64
N PHE HA 234 1.09 -115.72 -95.98
CA PHE HA 234 1.49 -117.09 -95.67
C PHE HA 234 2.60 -117.52 -96.62
N THR HA 235 2.90 -118.80 -96.63
CA THR HA 235 3.87 -119.32 -97.60
C THR HA 235 3.34 -120.48 -98.41
N SER HA 236 2.58 -121.38 -97.80
CA SER HA 236 2.04 -122.53 -98.51
C SER HA 236 0.58 -122.78 -98.15
N LEU IA 113 -32.71 -137.45 -126.59
CA LEU IA 113 -33.01 -136.03 -126.57
C LEU IA 113 -31.86 -135.23 -125.96
N ASN IA 114 -30.66 -135.84 -125.95
CA ASN IA 114 -29.48 -135.24 -125.35
C ASN IA 114 -28.46 -134.75 -126.36
N ARG IA 115 -28.49 -135.26 -127.59
CA ARG IA 115 -27.51 -134.92 -128.62
C ARG IA 115 -28.18 -134.10 -129.70
N PHE IA 116 -27.54 -132.98 -130.09
CA PHE IA 116 -28.03 -132.22 -131.24
C PHE IA 116 -26.84 -131.66 -132.00
N ARG IA 117 -26.71 -132.06 -133.26
CA ARG IA 117 -25.64 -131.58 -134.12
C ARG IA 117 -26.23 -131.23 -135.48
N TYR IA 118 -25.88 -130.05 -136.01
CA TYR IA 118 -26.30 -129.71 -137.37
C TYR IA 118 -25.23 -128.87 -138.06
N GLU IA 119 -24.96 -129.23 -139.32
CA GLU IA 119 -24.00 -128.55 -140.16
C GLU IA 119 -24.62 -128.34 -141.52
N GLY IA 120 -24.05 -127.41 -142.29
CA GLY IA 120 -24.34 -127.32 -143.70
C GLY IA 120 -25.73 -126.83 -144.08
N ALA IA 121 -26.00 -125.56 -143.79
CA ALA IA 121 -27.22 -124.84 -144.18
C ALA IA 121 -28.47 -125.52 -143.64
N GLY IA 122 -28.57 -125.51 -142.32
CA GLY IA 122 -29.69 -126.16 -141.64
C GLY IA 122 -30.53 -125.16 -140.89
N VAL IA 123 -31.84 -125.23 -141.13
CA VAL IA 123 -32.80 -124.33 -140.52
C VAL IA 123 -33.73 -125.16 -139.65
N VAL IA 124 -33.64 -124.97 -138.33
CA VAL IA 124 -34.44 -125.70 -137.36
C VAL IA 124 -35.22 -124.68 -136.55
N THR IA 125 -36.54 -124.86 -136.48
CA THR IA 125 -37.41 -123.97 -135.73
C THR IA 125 -38.39 -124.82 -134.93
N GLY IA 126 -38.37 -124.65 -133.61
CA GLY IA 126 -39.20 -125.47 -132.75
C GLY IA 126 -39.37 -124.85 -131.38
N ASN IA 127 -40.25 -125.46 -130.60
CA ASN IA 127 -40.58 -124.94 -129.29
C ASN IA 127 -41.16 -126.07 -128.44
N ASN IA 128 -41.41 -125.74 -127.17
CA ASN IA 128 -42.03 -126.63 -126.17
C ASN IA 128 -41.22 -127.90 -125.96
N LEU IA 129 -39.95 -127.73 -125.60
CA LEU IA 129 -39.07 -128.83 -125.26
C LEU IA 129 -38.69 -128.74 -123.79
N ARG IA 130 -38.87 -129.83 -123.06
CA ARG IA 130 -38.42 -129.95 -121.68
C ARG IA 130 -37.26 -130.92 -121.62
N THR IA 131 -36.17 -130.48 -120.98
CA THR IA 131 -34.98 -131.31 -120.88
C THR IA 131 -34.18 -130.87 -119.68
N SER IA 132 -33.27 -131.74 -119.24
CA SER IA 132 -32.32 -131.38 -118.19
C SER IA 132 -31.05 -130.78 -118.79
N TYR IA 133 -30.43 -131.49 -119.72
CA TYR IA 133 -29.24 -131.00 -120.40
C TYR IA 133 -29.15 -131.66 -121.75
N LEU IA 134 -28.85 -130.87 -122.78
CA LEU IA 134 -28.51 -131.40 -124.09
C LEU IA 134 -27.32 -130.61 -124.64
N ASP IA 135 -26.51 -131.28 -125.43
CA ASP IA 135 -25.30 -130.69 -126.00
C ASP IA 135 -25.57 -130.32 -127.46
N LEU IA 136 -25.27 -129.07 -127.80
CA LEU IA 136 -25.55 -128.53 -129.13
C LEU IA 136 -24.25 -128.23 -129.87
N TYR IA 137 -24.17 -128.71 -131.11
CA TYR IA 137 -23.08 -128.37 -132.01
C TYR IA 137 -23.69 -127.85 -133.30
N LEU IA 138 -23.24 -126.67 -133.73
CA LEU IA 138 -23.83 -126.00 -134.88
C LEU IA 138 -22.74 -125.46 -135.79
N ALA IA 139 -22.97 -125.56 -137.09
CA ALA IA 139 -22.03 -125.01 -138.07
C ALA IA 139 -22.77 -124.64 -139.34
N ASN IA 140 -22.23 -123.64 -140.04
CA ASN IA 140 -22.53 -123.32 -141.44
C ASN IA 140 -24.02 -123.01 -141.65
N GLU IA 141 -24.43 -121.87 -141.07
CA GLU IA 141 -25.79 -121.34 -141.14
C GLU IA 141 -26.80 -122.32 -140.54
N GLY IA 142 -26.68 -122.49 -139.23
CA GLY IA 142 -27.76 -123.12 -138.49
C GLY IA 142 -28.72 -122.06 -138.02
N THR IA 143 -29.78 -121.84 -138.78
CA THR IA 143 -30.83 -120.91 -138.43
C THR IA 143 -31.69 -121.58 -137.37
N THR IA 144 -31.36 -121.35 -136.11
CA THR IA 144 -31.87 -122.14 -135.00
C THR IA 144 -32.76 -121.27 -134.13
N ARG IA 145 -34.07 -121.52 -134.18
CA ARG IA 145 -35.03 -120.88 -133.30
C ARG IA 145 -35.55 -121.94 -132.34
N LEU IA 146 -35.31 -121.73 -131.04
CA LEU IA 146 -35.78 -122.68 -130.04
C LEU IA 146 -36.51 -121.92 -128.94
N ALA IA 147 -37.84 -122.10 -128.88
CA ALA IA 147 -38.71 -121.34 -127.99
C ALA IA 147 -39.38 -122.24 -126.96
N GLY IA 148 -38.63 -123.18 -126.38
CA GLY IA 148 -39.11 -123.99 -125.28
C GLY IA 148 -38.39 -123.62 -123.99
N ASN IA 149 -38.80 -124.29 -122.91
CA ASN IA 149 -38.17 -124.13 -121.62
C ASN IA 149 -37.02 -125.13 -121.55
N ILE IA 150 -35.89 -124.74 -122.10
CA ILE IA 150 -34.78 -125.64 -122.41
C ILE IA 150 -33.63 -125.36 -121.46
N GLY IA 151 -33.21 -126.39 -120.73
CA GLY IA 151 -32.05 -126.30 -119.87
C GLY IA 151 -30.88 -127.05 -120.48
N LEU IA 152 -29.73 -126.39 -120.51
CA LEU IA 152 -28.56 -126.95 -121.17
C LEU IA 152 -27.31 -126.29 -120.61
N GLN IA 153 -26.17 -126.85 -120.96
CA GLN IA 153 -24.89 -126.35 -120.48
C GLN IA 153 -23.87 -126.14 -121.59
N LYS IA 154 -23.83 -126.98 -122.61
CA LYS IA 154 -22.76 -126.97 -123.60
C LYS IA 154 -23.29 -126.70 -125.00
N LEU IA 155 -22.86 -125.58 -125.56
CA LEU IA 155 -23.19 -125.18 -126.91
C LEU IA 155 -21.91 -124.81 -127.62
N GLU IA 156 -21.83 -125.17 -128.90
CA GLU IA 156 -20.69 -124.82 -129.74
C GLU IA 156 -21.19 -124.38 -131.10
N ALA IA 157 -20.63 -123.28 -131.60
CA ALA IA 157 -20.95 -122.76 -132.91
C ALA IA 157 -19.64 -122.51 -133.65
N VAL IA 158 -19.53 -123.07 -134.85
CA VAL IA 158 -18.28 -122.96 -135.61
C VAL IA 158 -18.11 -121.57 -136.18
N GLY IA 159 -19.14 -121.03 -136.79
CA GLY IA 159 -19.08 -119.69 -137.35
C GLY IA 159 -20.16 -119.47 -138.38
N ASN IA 160 -20.48 -118.18 -138.58
CA ASN IA 160 -21.45 -117.70 -139.56
C ASN IA 160 -22.83 -118.31 -139.34
N GLY IA 161 -23.42 -118.00 -138.19
CA GLY IA 161 -24.73 -118.50 -137.85
C GLY IA 161 -25.51 -117.49 -137.04
N VAL IA 162 -26.82 -117.66 -137.01
CA VAL IA 162 -27.71 -116.83 -136.20
C VAL IA 162 -28.62 -117.76 -135.40
N THR IA 163 -28.71 -117.52 -134.10
CA THR IA 163 -29.43 -118.42 -133.20
C THR IA 163 -30.23 -117.62 -132.19
N GLN IA 164 -31.53 -117.88 -132.11
CA GLN IA 164 -32.39 -117.31 -131.10
C GLN IA 164 -32.91 -118.43 -130.21
N ILE IA 165 -32.63 -118.33 -128.92
CA ILE IA 165 -33.18 -119.25 -127.93
C ILE IA 165 -33.99 -118.43 -126.95
N ASN IA 166 -35.28 -118.72 -126.88
CA ASN IA 166 -36.20 -118.01 -125.99
C ASN IA 166 -36.66 -118.99 -124.92
N GLY IA 167 -36.24 -118.73 -123.68
CA GLY IA 167 -36.57 -119.62 -122.59
C GLY IA 167 -35.42 -120.53 -122.23
N VAL IA 168 -34.68 -120.18 -121.19
CA VAL IA 168 -33.61 -121.02 -120.67
C VAL IA 168 -33.82 -121.19 -119.18
N SER IA 169 -33.94 -122.44 -118.73
CA SER IA 169 -34.07 -122.75 -117.31
C SER IA 169 -32.96 -123.73 -116.96
N SER IA 170 -31.78 -123.19 -116.65
CA SER IA 170 -30.65 -124.01 -116.27
C SER IA 170 -29.78 -123.19 -115.32
N ARG IA 171 -28.88 -123.88 -114.62
CA ARG IA 171 -28.08 -123.25 -113.58
C ARG IA 171 -26.58 -123.41 -113.79
N ASN IA 172 -26.15 -123.91 -114.94
CA ASN IA 172 -24.74 -123.89 -115.27
C ASN IA 172 -24.59 -123.82 -116.78
N LEU IA 173 -23.50 -123.17 -117.21
CA LEU IA 173 -23.27 -122.92 -118.62
C LEU IA 173 -21.79 -122.60 -118.81
N GLN IA 174 -21.22 -123.07 -119.92
CA GLN IA 174 -19.85 -122.71 -120.28
C GLN IA 174 -19.73 -122.83 -121.80
N ILE IA 175 -19.72 -121.67 -122.47
CA ILE IA 175 -19.73 -121.58 -123.92
C ILE IA 175 -18.47 -120.87 -124.37
N VAL IA 176 -17.87 -121.35 -125.45
CA VAL IA 176 -16.71 -120.70 -126.06
C VAL IA 176 -16.80 -120.88 -127.57
N LEU IA 177 -16.71 -119.78 -128.31
CA LEU IA 177 -16.91 -119.80 -129.75
C LEU IA 177 -15.64 -119.41 -130.47
N LYS IA 178 -15.58 -119.71 -131.76
CA LYS IA 178 -14.40 -119.48 -132.56
C LYS IA 178 -14.64 -118.61 -133.79
N GLY IA 179 -15.77 -118.77 -134.47
CA GLY IA 179 -16.05 -117.93 -135.62
C GLY IA 179 -16.89 -116.74 -135.25
N ASP IA 180 -17.85 -116.38 -136.08
CA ASP IA 180 -18.73 -115.24 -135.83
C ASP IA 180 -20.18 -115.69 -135.92
N PRO IA 181 -20.74 -116.22 -134.84
CA PRO IA 181 -22.19 -116.37 -134.75
C PRO IA 181 -22.83 -115.18 -134.05
N LYS IA 182 -24.16 -115.16 -134.08
CA LYS IA 182 -24.94 -114.09 -133.48
C LYS IA 182 -26.08 -114.74 -132.71
N VAL IA 183 -26.05 -114.62 -131.39
CA VAL IA 183 -26.94 -115.36 -130.52
C VAL IA 183 -27.73 -114.39 -129.66
N LEU IA 184 -29.03 -114.65 -129.52
CA LEU IA 184 -29.85 -113.94 -128.54
C LEU IA 184 -30.57 -114.96 -127.69
N ILE IA 185 -30.39 -114.85 -126.38
CA ILE IA 185 -30.78 -115.88 -125.42
C ILE IA 185 -31.62 -115.24 -124.33
N SER IA 186 -32.82 -115.78 -124.12
CA SER IA 186 -33.71 -115.36 -123.06
C SER IA 186 -33.76 -116.44 -121.99
N GLY IA 187 -33.58 -116.03 -120.74
CA GLY IA 187 -33.54 -116.93 -119.61
C GLY IA 187 -32.49 -116.48 -118.63
N PHE IA 188 -32.08 -117.41 -117.76
CA PHE IA 188 -31.06 -117.09 -116.77
C PHE IA 188 -30.25 -118.34 -116.43
N VAL IA 189 -28.98 -118.13 -116.13
CA VAL IA 189 -28.05 -119.21 -115.84
C VAL IA 189 -26.89 -118.63 -115.05
N ASN IA 190 -26.15 -119.50 -114.36
CA ASN IA 190 -24.92 -119.09 -113.69
C ASN IA 190 -23.78 -119.26 -114.67
N LEU IA 191 -23.49 -118.21 -115.42
CA LEU IA 191 -22.35 -118.27 -116.33
C LEU IA 191 -21.06 -118.25 -115.54
N ARG IA 192 -20.11 -119.11 -115.94
CA ARG IA 192 -18.88 -119.31 -115.18
C ARG IA 192 -17.70 -118.57 -115.78
N GLN IA 193 -17.53 -118.64 -117.10
CA GLN IA 193 -16.34 -118.12 -117.74
C GLN IA 193 -16.65 -117.87 -119.21
N LEU IA 194 -15.85 -117.01 -119.84
CA LEU IA 194 -16.01 -116.77 -121.27
C LEU IA 194 -14.71 -116.31 -121.90
N ASP IA 195 -14.36 -116.92 -123.03
CA ASP IA 195 -13.16 -116.57 -123.79
C ASP IA 195 -13.56 -116.34 -125.24
N MET IA 196 -12.97 -115.32 -125.86
CA MET IA 196 -13.21 -115.05 -127.27
C MET IA 196 -11.91 -114.60 -127.93
N TYR IA 197 -11.60 -115.24 -129.06
CA TYR IA 197 -10.40 -114.97 -129.82
C TYR IA 197 -10.70 -114.78 -131.31
N GLY IA 198 -11.95 -114.46 -131.64
CA GLY IA 198 -12.35 -114.28 -133.03
C GLY IA 198 -13.11 -113.01 -133.32
N LYS IA 199 -14.33 -113.18 -133.83
CA LYS IA 199 -15.19 -112.09 -134.26
C LYS IA 199 -16.50 -112.16 -133.50
N GLY IA 200 -16.40 -112.27 -132.18
CA GLY IA 200 -17.54 -112.62 -131.36
C GLY IA 200 -18.52 -111.47 -131.16
N THR IA 201 -19.79 -111.79 -131.28
CA THR IA 201 -20.90 -110.90 -130.93
C THR IA 201 -21.83 -111.68 -130.02
N LEU IA 202 -22.34 -111.03 -128.98
CA LEU IA 202 -23.19 -111.74 -128.02
C LEU IA 202 -24.14 -110.78 -127.34
N SER IA 203 -25.37 -111.26 -127.11
CA SER IA 203 -26.38 -110.53 -126.35
C SER IA 203 -27.10 -111.51 -125.45
N LEU IA 204 -27.30 -111.13 -124.18
CA LEU IA 204 -27.95 -112.04 -123.25
C LEU IA 204 -28.93 -111.29 -122.38
N TYR IA 205 -29.98 -112.00 -121.95
CA TYR IA 205 -31.06 -111.36 -121.21
C TYR IA 205 -30.77 -111.22 -119.72
N TRP IA 206 -30.68 -112.34 -119.01
CA TRP IA 206 -30.57 -112.29 -117.55
C TRP IA 206 -29.52 -113.29 -117.07
N ILE IA 207 -28.76 -112.91 -116.05
CA ILE IA 207 -27.83 -113.81 -115.38
C ILE IA 207 -27.81 -113.46 -113.90
N LYS IA 208 -28.03 -114.46 -113.05
CA LYS IA 208 -27.88 -114.33 -111.60
C LYS IA 208 -26.80 -115.32 -111.19
N SER IA 209 -25.55 -114.90 -111.31
CA SER IA 209 -24.40 -115.77 -111.07
C SER IA 209 -23.60 -115.24 -109.89
N ASP IA 210 -22.45 -115.88 -109.66
CA ASP IA 210 -21.59 -115.53 -108.53
C ASP IA 210 -20.30 -114.86 -108.98
N THR IA 211 -19.52 -115.51 -109.83
CA THR IA 211 -18.26 -114.96 -110.29
C THR IA 211 -18.13 -115.15 -111.79
N LEU IA 212 -17.64 -114.13 -112.47
CA LEU IA 212 -17.49 -114.13 -113.92
C LEU IA 212 -16.07 -113.80 -114.30
N THR IA 213 -15.59 -114.43 -115.37
CA THR IA 213 -14.23 -114.22 -115.87
C THR IA 213 -14.30 -114.11 -117.38
N ILE IA 214 -14.06 -112.91 -117.92
CA ILE IA 214 -14.27 -112.62 -119.32
C ILE IA 214 -12.93 -112.25 -119.94
N ARG IA 215 -12.59 -112.90 -121.06
CA ARG IA 215 -11.37 -112.61 -121.79
C ARG IA 215 -11.71 -112.39 -123.26
N ALA IA 216 -11.31 -111.24 -123.80
CA ALA IA 216 -11.56 -110.93 -125.20
C ALA IA 216 -10.28 -110.47 -125.86
N LYS IA 217 -9.98 -111.03 -127.04
CA LYS IA 217 -8.71 -110.78 -127.71
C LYS IA 217 -8.86 -110.00 -129.01
N LYS IA 218 -9.61 -110.51 -129.99
CA LYS IA 218 -9.48 -110.04 -131.36
C LYS IA 218 -10.57 -109.03 -131.75
N ALA IA 219 -11.83 -109.44 -131.71
CA ALA IA 219 -12.92 -108.51 -132.03
C ALA IA 219 -14.15 -109.00 -131.29
N ALA IA 220 -14.73 -108.13 -130.46
CA ALA IA 220 -15.82 -108.56 -129.59
C ALA IA 220 -16.83 -107.43 -129.43
N LYS IA 221 -18.11 -107.80 -129.45
CA LYS IA 221 -19.21 -106.89 -129.18
C LYS IA 221 -20.18 -107.62 -128.27
N ILE IA 222 -20.13 -107.33 -126.97
CA ILE IA 222 -20.86 -108.11 -125.98
C ILE IA 222 -21.80 -107.20 -125.20
N GLN IA 223 -23.08 -107.59 -125.14
CA GLN IA 223 -24.09 -106.93 -124.31
C GLN IA 223 -24.67 -107.95 -123.35
N LEU IA 224 -24.48 -107.73 -122.05
CA LEU IA 224 -24.94 -108.62 -121.01
C LEU IA 224 -25.73 -107.83 -119.98
N ALA IA 225 -26.62 -108.53 -119.30
CA ALA IA 225 -27.47 -107.89 -118.30
C ALA IA 225 -27.83 -108.90 -117.23
N GLY IA 226 -27.73 -108.48 -115.97
CA GLY IA 226 -28.05 -109.38 -114.88
C GLY IA 226 -27.38 -108.93 -113.60
N ILE IA 227 -27.33 -109.85 -112.64
CA ILE IA 227 -26.79 -109.60 -111.31
C ILE IA 227 -25.63 -110.54 -111.06
N VAL IA 228 -24.44 -109.98 -110.85
CA VAL IA 228 -23.23 -110.73 -110.55
C VAL IA 228 -22.67 -110.21 -109.25
N ASN IA 229 -22.18 -111.11 -108.40
CA ASN IA 229 -21.47 -110.66 -107.22
C ASN IA 229 -20.09 -110.11 -107.56
N ARG IA 230 -19.35 -110.80 -108.41
CA ARG IA 230 -17.94 -110.47 -108.62
C ARG IA 230 -17.53 -110.85 -110.04
N LEU IA 231 -16.89 -109.93 -110.74
CA LEU IA 231 -16.48 -110.23 -112.11
C LEU IA 231 -15.13 -109.60 -112.44
N ASP IA 232 -14.43 -110.27 -113.37
CA ASP IA 232 -13.15 -109.83 -113.91
C ASP IA 232 -13.27 -109.75 -115.41
N VAL IA 233 -12.82 -108.64 -115.98
CA VAL IA 233 -12.86 -108.41 -117.42
C VAL IA 233 -11.46 -108.09 -117.90
N GLU IA 234 -11.00 -108.84 -118.91
CA GLU IA 234 -9.76 -108.56 -119.62
C GLU IA 234 -10.12 -108.28 -121.08
N LEU IA 235 -9.79 -107.09 -121.55
CA LEU IA 235 -10.01 -106.72 -122.94
C LEU IA 235 -8.68 -106.34 -123.56
N TRP IA 236 -8.37 -106.94 -124.71
CA TRP IA 236 -7.10 -106.67 -125.37
C TRP IA 236 -7.22 -105.59 -126.44
N ASP IA 237 -8.03 -105.82 -127.47
CA ASP IA 237 -8.16 -104.85 -128.56
C ASP IA 237 -9.46 -105.12 -129.29
N PHE IA 238 -10.12 -104.03 -129.71
CA PHE IA 238 -11.36 -104.05 -130.50
C PHE IA 238 -12.46 -104.83 -129.78
N ALA IA 239 -12.63 -104.53 -128.50
CA ALA IA 239 -13.64 -105.17 -127.68
C ALA IA 239 -14.55 -104.09 -127.11
N GLN IA 240 -15.81 -104.13 -127.50
CA GLN IA 240 -16.84 -103.25 -126.96
C GLN IA 240 -17.70 -104.09 -126.04
N PHE IA 241 -17.51 -103.92 -124.73
CA PHE IA 241 -18.25 -104.68 -123.74
C PHE IA 241 -19.13 -103.73 -122.93
N LYS IA 242 -20.39 -104.12 -122.76
CA LYS IA 242 -21.36 -103.31 -122.05
C LYS IA 242 -21.64 -103.93 -120.69
N GLY IA 243 -21.61 -103.10 -119.65
CA GLY IA 243 -22.10 -103.50 -118.35
C GLY IA 243 -23.33 -102.68 -118.04
N LYS IA 244 -23.89 -102.06 -119.07
CA LYS IA 244 -25.19 -101.43 -118.94
C LYS IA 244 -26.23 -102.48 -118.64
N TYR IA 245 -27.16 -102.13 -117.74
CA TYR IA 245 -28.20 -103.02 -117.21
C TYR IA 245 -27.62 -104.26 -116.53
N LEU IA 246 -26.39 -104.15 -116.02
CA LEU IA 246 -25.71 -105.27 -115.38
C LEU IA 246 -24.94 -104.74 -114.19
N ARG IA 247 -25.26 -105.23 -113.00
CA ARG IA 247 -24.77 -104.66 -111.76
C ARG IA 247 -23.88 -105.64 -111.03
N ALA IA 248 -22.82 -105.13 -110.41
CA ALA IA 248 -21.83 -105.96 -109.74
C ALA IA 248 -21.40 -105.34 -108.42
N GLN IA 249 -20.97 -106.19 -107.50
CA GLN IA 249 -20.42 -105.70 -106.23
C GLN IA 249 -18.91 -105.54 -106.32
N ARG IA 250 -18.23 -106.53 -106.85
CA ARG IA 250 -16.79 -106.46 -107.09
C ARG IA 250 -16.56 -106.39 -108.59
N SER IA 251 -15.96 -105.30 -109.05
CA SER IA 251 -15.63 -105.15 -110.46
C SER IA 251 -14.13 -105.04 -110.60
N PHE IA 252 -13.55 -105.89 -111.44
CA PHE IA 252 -12.14 -105.79 -111.80
C PHE IA 252 -12.04 -105.67 -113.31
N VAL IA 253 -11.40 -104.61 -113.79
CA VAL IA 253 -11.31 -104.34 -115.22
C VAL IA 253 -9.87 -104.06 -115.60
N LYS IA 254 -9.36 -104.82 -116.56
CA LYS IA 254 -8.07 -104.55 -117.18
C LYS IA 254 -8.29 -104.35 -118.68
N THR IA 255 -8.03 -103.15 -119.15
CA THR IA 255 -8.26 -102.78 -120.54
C THR IA 255 -6.95 -102.38 -121.20
N HIS IA 256 -6.66 -102.99 -122.35
CA HIS IA 256 -5.51 -102.64 -123.15
C HIS IA 256 -5.93 -101.77 -124.32
N ASP IA 257 -5.03 -101.62 -125.29
CA ASP IA 257 -5.15 -100.62 -126.34
C ASP IA 257 -6.38 -100.84 -127.22
N LYS IA 258 -7.14 -99.75 -127.42
CA LYS IA 258 -8.37 -99.71 -128.20
C LYS IA 258 -9.40 -100.71 -127.69
N SER IA 259 -9.84 -100.46 -126.46
CA SER IA 259 -10.91 -101.23 -125.85
C SER IA 259 -11.94 -100.26 -125.28
N VAL IA 260 -13.19 -100.71 -125.26
CA VAL IA 260 -14.32 -99.91 -124.85
C VAL IA 260 -15.09 -100.71 -123.81
N ALA IA 261 -15.25 -100.13 -122.62
CA ALA IA 261 -15.85 -100.85 -121.51
C ALA IA 261 -16.88 -99.98 -120.81
N GLU IA 262 -18.00 -100.60 -120.46
CA GLU IA 262 -19.03 -99.97 -119.65
C GLU IA 262 -19.17 -100.76 -118.35
N ILE IA 263 -19.14 -100.08 -117.22
CA ILE IA 263 -19.15 -100.73 -115.92
C ILE IA 263 -20.23 -100.07 -115.06
N SER IA 264 -21.07 -100.89 -114.42
CA SER IA 264 -22.12 -100.39 -113.55
C SER IA 264 -22.01 -101.01 -112.17
N ALA IA 265 -20.82 -100.95 -111.57
CA ALA IA 265 -20.58 -101.54 -110.26
C ALA IA 265 -21.38 -100.84 -109.17
N VAL IA 266 -21.80 -101.63 -108.19
CA VAL IA 266 -22.64 -101.14 -107.09
C VAL IA 266 -21.81 -100.84 -105.86
N ASN IA 267 -20.93 -101.75 -105.48
CA ASN IA 267 -20.23 -101.65 -104.21
C ASN IA 267 -18.77 -101.23 -104.38
N HIS IA 268 -17.98 -101.98 -105.16
CA HIS IA 268 -16.54 -101.77 -105.21
C HIS IA 268 -16.07 -101.88 -106.65
N GLN IA 269 -15.37 -100.84 -107.12
CA GLN IA 269 -14.95 -100.74 -108.51
C GLN IA 269 -13.44 -100.60 -108.59
N SER IA 270 -12.82 -101.40 -109.45
CA SER IA 270 -11.38 -101.40 -109.62
C SER IA 270 -11.06 -101.53 -111.10
N SER IA 271 -10.31 -100.58 -111.63
CA SER IA 271 -10.09 -100.54 -113.08
C SER IA 271 -8.73 -99.96 -113.42
N LEU IA 272 -8.08 -100.55 -114.43
CA LEU IA 272 -6.87 -100.01 -115.00
C LEU IA 272 -6.98 -100.04 -116.51
N ALA IA 273 -6.59 -98.93 -117.14
CA ALA IA 273 -6.49 -98.82 -118.58
C ALA IA 273 -5.06 -98.51 -118.98
N THR IA 274 -4.57 -99.18 -120.01
CA THR IA 274 -3.19 -98.96 -120.44
C THR IA 274 -3.09 -97.71 -121.33
N ASP IA 275 -3.76 -97.74 -122.48
CA ASP IA 275 -3.61 -96.68 -123.46
C ASP IA 275 -4.78 -96.74 -124.42
N ALA IA 276 -5.19 -95.56 -124.91
CA ALA IA 276 -6.10 -95.38 -126.05
C ALA IA 276 -7.43 -96.11 -125.87
N SER IA 277 -7.90 -96.21 -124.64
CA SER IA 277 -9.06 -97.02 -124.32
C SER IA 277 -10.04 -96.19 -123.51
N ASP IA 278 -11.31 -96.55 -123.61
CA ASP IA 278 -12.38 -95.81 -122.96
C ASP IA 278 -13.11 -96.69 -121.96
N ILE IA 279 -13.29 -96.17 -120.76
CA ILE IA 279 -14.03 -96.83 -119.69
C ILE IA 279 -15.08 -95.85 -119.19
N TYR IA 280 -16.32 -96.29 -119.09
CA TYR IA 280 -17.40 -95.44 -118.63
C TYR IA 280 -18.08 -96.10 -117.46
N TYR IA 281 -18.08 -95.43 -116.31
CA TYR IA 281 -18.76 -95.94 -115.12
C TYR IA 281 -20.15 -95.32 -115.06
N TYR IA 282 -21.17 -96.14 -115.29
CA TYR IA 282 -22.53 -95.64 -115.38
C TYR IA 282 -23.18 -95.47 -114.02
N ASN IA 283 -22.51 -95.82 -112.93
CA ASN IA 283 -23.03 -95.54 -111.61
C ASN IA 283 -21.85 -95.37 -110.66
N LEU IA 284 -22.00 -94.42 -109.74
CA LEU IA 284 -21.03 -94.27 -108.67
C LEU IA 284 -21.20 -95.43 -107.70
N SER IA 285 -20.20 -96.29 -107.60
CA SER IA 285 -20.23 -97.30 -106.56
C SER IA 285 -19.77 -96.68 -105.24
N LYS IA 286 -19.92 -97.46 -104.16
CA LYS IA 286 -19.49 -96.98 -102.85
C LYS IA 286 -17.97 -96.88 -102.74
N THR IA 287 -17.24 -97.60 -103.58
CA THR IA 287 -15.79 -97.51 -103.62
C THR IA 287 -15.35 -97.42 -105.06
N ARG IA 288 -14.48 -96.47 -105.35
CA ARG IA 288 -13.98 -96.24 -106.70
C ARG IA 288 -12.47 -96.37 -106.68
N ALA IA 289 -11.91 -96.97 -107.75
CA ALA IA 289 -10.47 -97.00 -107.94
C ALA IA 289 -10.17 -97.14 -109.42
N ASP IA 290 -9.46 -96.16 -109.97
CA ASP IA 290 -9.14 -96.11 -111.40
C ASP IA 290 -7.68 -95.77 -111.60
N PHE IA 291 -7.10 -96.29 -112.68
CA PHE IA 291 -5.74 -95.93 -113.06
C PHE IA 291 -5.60 -95.88 -114.57
N MET IA 292 -4.80 -94.92 -115.05
CA MET IA 292 -4.48 -94.77 -116.46
C MET IA 292 -2.97 -94.79 -116.64
N ALA IA 293 -2.50 -95.59 -117.60
CA ALA IA 293 -1.06 -95.79 -117.76
C ALA IA 293 -0.45 -94.84 -118.80
N PHE IA 294 -0.90 -94.93 -120.04
CA PHE IA 294 -0.43 -94.06 -121.11
C PHE IA 294 -1.49 -93.08 -121.58
N ASN IA 295 -2.56 -93.59 -122.19
CA ASN IA 295 -3.61 -92.72 -122.69
C ASN IA 295 -4.99 -93.26 -122.35
N GLY IA 296 -5.11 -94.12 -121.35
CA GLY IA 296 -6.40 -94.64 -120.97
C GLY IA 296 -7.29 -93.59 -120.36
N SER IA 297 -8.58 -93.73 -120.59
CA SER IA 297 -9.55 -92.72 -120.19
C SER IA 297 -10.64 -93.41 -119.38
N VAL IA 298 -10.96 -92.83 -118.24
CA VAL IA 298 -12.02 -93.30 -117.37
C VAL IA 298 -12.95 -92.12 -117.11
N LEU IA 299 -14.24 -92.31 -117.38
CA LEU IA 299 -15.16 -91.20 -117.41
C LEU IA 299 -16.55 -91.63 -116.94
N ASP IA 300 -17.30 -90.66 -116.44
CA ASP IA 300 -18.60 -90.96 -115.83
C ASP IA 300 -19.67 -91.18 -116.89
N MET IA 301 -19.80 -90.23 -117.82
CA MET IA 301 -20.72 -90.29 -118.97
C MET IA 301 -22.17 -90.44 -118.54
N ARG IA 302 -22.64 -89.46 -117.76
CA ARG IA 302 -23.99 -89.46 -117.25
C ARG IA 302 -24.74 -88.22 -117.69
N GLU IA 303 -26.06 -88.26 -117.48
CA GLU IA 303 -26.98 -87.29 -118.09
C GLU IA 303 -26.87 -85.90 -117.49
N TRP IA 304 -26.41 -85.78 -116.25
CA TRP IA 304 -26.26 -84.52 -115.51
C TRP IA 304 -27.58 -83.77 -115.34
N GLY IA 305 -28.70 -84.49 -115.41
CA GLY IA 305 -29.99 -83.82 -115.33
C GLY IA 305 -31.01 -84.64 -114.58
N GLN IA 306 -30.55 -85.71 -113.93
CA GLN IA 306 -31.44 -86.52 -113.11
C GLN IA 306 -31.86 -85.74 -111.88
N SER IA 307 -33.17 -85.75 -111.60
CA SER IA 307 -33.74 -84.95 -110.52
C SER IA 307 -33.30 -85.42 -109.13
N ASP IA 308 -32.83 -86.65 -109.01
CA ASP IA 308 -32.41 -87.20 -107.72
C ASP IA 308 -31.07 -87.92 -107.86
N LEU IA 309 -30.10 -87.26 -108.48
CA LEU IA 309 -28.77 -87.82 -108.60
C LEU IA 309 -27.95 -87.49 -107.37
N LYS IA 310 -27.38 -88.52 -106.75
CA LYS IA 310 -26.53 -88.32 -105.60
C LYS IA 310 -25.19 -87.72 -106.02
N ASP IA 311 -24.54 -87.06 -105.07
CA ASP IA 311 -23.26 -86.42 -105.29
C ASP IA 311 -22.16 -87.25 -104.66
N PHE IA 312 -20.94 -86.72 -104.65
CA PHE IA 312 -19.81 -87.39 -104.04
C PHE IA 312 -19.90 -87.31 -102.52
N ASP IA 313 -19.08 -88.13 -101.86
CA ASP IA 313 -18.91 -88.03 -100.43
C ASP IA 313 -17.43 -87.87 -100.12
N ARG IA 314 -17.08 -87.94 -98.83
CA ARG IA 314 -15.67 -87.92 -98.45
C ARG IA 314 -14.94 -89.14 -98.98
N TYR IA 315 -15.55 -90.32 -98.84
CA TYR IA 315 -14.86 -91.55 -99.21
C TYR IA 315 -14.80 -91.77 -100.71
N ASN IA 316 -15.86 -91.40 -101.43
CA ASN IA 316 -15.94 -91.76 -102.84
C ASN IA 316 -15.10 -90.87 -103.74
N LYS IA 317 -14.51 -89.81 -103.21
CA LYS IA 317 -13.85 -88.82 -104.06
C LYS IA 317 -12.49 -89.34 -104.50
N GLN IA 318 -12.30 -89.41 -105.81
CA GLN IA 318 -10.99 -89.63 -106.39
C GLN IA 318 -10.77 -88.58 -107.46
N PHE IA 319 -9.52 -88.16 -107.60
CA PHE IA 319 -9.18 -87.11 -108.53
C PHE IA 319 -8.20 -87.65 -109.57
N PRO IA 320 -8.63 -87.91 -110.80
CA PRO IA 320 -7.77 -88.39 -111.87
C PRO IA 320 -6.70 -87.38 -112.26
N ASP JA 39 12.21 -50.68 -103.09
CA ASP JA 39 11.30 -49.72 -102.50
C ASP JA 39 10.71 -48.82 -103.57
N GLY JA 40 11.38 -48.77 -104.73
CA GLY JA 40 10.83 -48.09 -105.89
C GLY JA 40 9.62 -48.85 -106.36
N CYS JA 41 8.44 -48.27 -106.13
CA CYS JA 41 7.20 -49.03 -106.28
C CYS JA 41 6.85 -49.26 -107.73
N CYS JA 42 6.96 -48.24 -108.58
CA CYS JA 42 6.74 -48.44 -110.00
C CYS JA 42 8.04 -48.72 -110.73
N SER JA 43 8.84 -49.64 -110.20
CA SER JA 43 10.10 -49.98 -110.84
C SER JA 43 9.87 -51.02 -111.92
N LYS JA 44 10.69 -50.93 -112.97
CA LYS JA 44 10.52 -51.68 -114.23
C LYS JA 44 9.12 -51.47 -114.79
N MET JA 45 8.64 -50.23 -114.70
CA MET JA 45 7.31 -49.86 -115.12
C MET JA 45 7.43 -48.49 -115.76
N GLY JA 46 6.31 -47.81 -115.92
CA GLY JA 46 6.36 -46.46 -116.46
C GLY JA 46 6.86 -45.41 -115.51
N GLY JA 47 7.05 -45.74 -114.24
CA GLY JA 47 7.35 -44.76 -113.23
C GLY JA 47 6.10 -44.32 -112.49
N ILE JA 48 6.32 -43.57 -111.41
CA ILE JA 48 5.21 -43.15 -110.56
C ILE JA 48 4.40 -42.07 -111.25
N ASN JA 49 3.07 -42.16 -111.16
CA ASN JA 49 2.23 -41.04 -111.54
C ASN JA 49 1.70 -40.31 -110.31
N TYR JA 50 0.90 -40.98 -109.49
CA TYR JA 50 0.27 -40.32 -108.34
C TYR JA 50 -0.29 -41.38 -107.40
N CYS JA 51 -1.04 -40.95 -106.39
CA CYS JA 51 -1.73 -41.84 -105.46
C CYS JA 51 -3.22 -41.55 -105.49
N ASP JA 52 -4.02 -42.58 -105.74
CA ASP JA 52 -5.46 -42.49 -105.56
C ASP JA 52 -5.75 -42.88 -104.12
N SER JA 53 -5.98 -41.87 -103.29
CA SER JA 53 -6.27 -42.11 -101.88
C SER JA 53 -7.67 -42.68 -101.69
N SER JA 54 -8.57 -42.42 -102.63
CA SER JA 54 -9.85 -43.11 -102.62
C SER JA 54 -9.64 -44.60 -102.86
N ALA JA 55 -8.74 -44.95 -103.76
CA ALA JA 55 -8.29 -46.32 -103.85
C ALA JA 55 -7.30 -46.67 -102.76
N GLY JA 56 -6.65 -45.68 -102.17
CA GLY JA 56 -5.62 -45.94 -101.19
C GLY JA 56 -4.37 -46.56 -101.77
N ARG JA 57 -4.16 -46.41 -103.07
CA ARG JA 57 -3.10 -47.13 -103.76
C ARG JA 57 -2.39 -46.21 -104.74
N LEU JA 58 -1.14 -46.54 -105.02
CA LEU JA 58 -0.38 -45.79 -106.01
C LEU JA 58 -0.80 -46.21 -107.41
N VAL JA 59 -0.82 -45.23 -108.32
CA VAL JA 59 -1.03 -45.48 -109.73
C VAL JA 59 0.24 -45.05 -110.45
N CYS JA 60 0.81 -45.98 -111.22
CA CYS JA 60 2.02 -45.77 -111.98
C CYS JA 60 1.69 -45.15 -113.33
N ASN JA 61 2.74 -44.89 -114.13
CA ASN JA 61 2.52 -44.29 -115.44
C ASN JA 61 1.91 -45.28 -116.41
N ASN JA 62 2.43 -46.49 -116.45
CA ASN JA 62 1.69 -47.56 -117.09
C ASN JA 62 0.45 -47.86 -116.28
N GLY JA 63 -0.61 -48.25 -116.98
CA GLY JA 63 -1.92 -48.32 -116.37
C GLY JA 63 -2.11 -49.47 -115.40
N PHE JA 64 -1.44 -49.42 -114.26
CA PHE JA 64 -1.58 -50.47 -113.27
C PHE JA 64 -1.51 -49.87 -111.87
N TYR JA 65 -2.33 -50.41 -110.98
CA TYR JA 65 -2.17 -50.12 -109.56
C TYR JA 65 -0.88 -50.76 -109.08
N SER JA 66 -0.13 -50.01 -108.28
CA SER JA 66 1.09 -50.57 -107.76
C SER JA 66 0.81 -51.57 -106.65
N THR JA 67 1.86 -52.26 -106.24
CA THR JA 67 1.81 -53.07 -105.04
C THR JA 67 1.65 -52.22 -103.80
N CYS JA 68 2.38 -51.10 -103.73
CA CYS JA 68 2.54 -50.32 -102.51
C CYS JA 68 1.26 -49.56 -102.17
N TYR JA 69 1.30 -48.85 -101.05
CA TYR JA 69 0.18 -48.06 -100.57
C TYR JA 69 0.62 -46.61 -100.40
N CYS JA 70 -0.35 -45.74 -100.13
CA CYS JA 70 0.01 -44.36 -99.82
C CYS JA 70 -0.65 -43.86 -98.54
N THR JA 71 -1.84 -44.33 -98.22
CA THR JA 71 -2.56 -43.82 -97.07
C THR JA 71 -2.77 -44.94 -96.06
N ARG JA 72 -3.57 -44.65 -95.04
CA ARG JA 72 -3.89 -45.62 -94.02
C ARG JA 72 -5.35 -46.06 -94.03
N HIS JA 73 -6.18 -45.42 -94.84
CA HIS JA 73 -7.56 -45.89 -95.01
C HIS JA 73 -7.67 -46.86 -96.18
N ALA JA 74 -6.80 -47.87 -96.20
CA ALA JA 74 -6.73 -48.78 -97.32
C ALA JA 74 -6.84 -50.21 -96.81
N VAL JA 75 -6.85 -51.15 -97.76
CA VAL JA 75 -7.11 -52.56 -97.44
C VAL JA 75 -5.80 -53.17 -96.95
N MET JA 76 -5.65 -53.26 -95.64
CA MET JA 76 -4.51 -53.94 -95.04
C MET JA 76 -4.93 -55.34 -94.61
N ASP JA 77 -4.14 -56.33 -94.98
CA ASP JA 77 -4.40 -57.70 -94.55
C ASP JA 77 -3.76 -57.87 -93.18
N LEU JA 78 -4.43 -57.34 -92.17
CA LEU JA 78 -3.91 -57.33 -90.81
C LEU JA 78 -4.27 -58.61 -90.10
N GLN JA 79 -3.27 -59.29 -89.56
CA GLN JA 79 -3.51 -60.56 -88.88
C GLN JA 79 -2.77 -60.74 -87.56
N PHE JA 80 -1.92 -59.80 -87.16
CA PHE JA 80 -1.16 -59.94 -85.92
C PHE JA 80 -0.81 -58.55 -85.42
N LEU JA 81 -1.11 -58.28 -84.16
CA LEU JA 81 -0.82 -56.96 -83.61
C LEU JA 81 -0.45 -57.10 -82.13
N MET JA 82 0.22 -56.07 -81.63
CA MET JA 82 0.75 -56.03 -80.29
C MET JA 82 -0.22 -55.34 -79.35
N GLY JA 83 0.24 -55.02 -78.15
CA GLY JA 83 -0.57 -54.30 -77.18
C GLY JA 83 -1.29 -55.21 -76.22
N CYS JA 84 -1.03 -55.07 -74.92
CA CYS JA 84 -1.66 -55.94 -73.96
C CYS JA 84 -3.01 -55.33 -73.52
N CYS JA 85 -3.69 -56.06 -72.64
CA CYS JA 85 -5.10 -55.81 -72.27
C CYS JA 85 -6.00 -55.76 -73.51
N LEU JA 86 -5.73 -56.66 -74.44
CA LEU JA 86 -6.46 -56.71 -75.69
C LEU JA 86 -7.75 -57.49 -75.52
N TRP JA 87 -8.70 -57.20 -76.41
CA TRP JA 87 -10.10 -57.66 -76.33
C TRP JA 87 -10.70 -57.30 -74.98
N HIS JA 88 -10.36 -56.12 -74.49
CA HIS JA 88 -10.78 -55.62 -73.19
C HIS JA 88 -10.90 -54.11 -73.33
N GLY JA 89 -10.91 -53.41 -72.20
CA GLY JA 89 -11.00 -51.97 -72.25
C GLY JA 89 -9.67 -51.28 -72.42
N GLY JA 90 -8.64 -52.03 -72.80
CA GLY JA 90 -7.31 -51.50 -72.84
C GLY JA 90 -6.73 -51.42 -71.44
N VAL JA 91 -5.56 -50.79 -71.35
CA VAL JA 91 -4.95 -50.59 -70.05
C VAL JA 91 -5.73 -49.53 -69.28
N TYR JA 92 -5.89 -49.74 -67.98
CA TYR JA 92 -6.59 -48.76 -67.17
C TYR JA 92 -5.74 -47.52 -67.03
N PRO JA 93 -6.28 -46.33 -67.29
CA PRO JA 93 -5.44 -45.12 -67.35
C PRO JA 93 -4.86 -44.68 -66.02
N GLN JA 94 -5.40 -45.13 -64.90
CA GLN JA 94 -4.81 -44.77 -63.62
C GLN JA 94 -3.56 -45.59 -63.37
N LEU JA 95 -2.64 -45.02 -62.60
CA LEU JA 95 -1.39 -45.67 -62.26
C LEU JA 95 -1.62 -46.52 -61.01
N ASN JA 96 -1.66 -47.83 -61.20
CA ASN JA 96 -1.78 -48.74 -60.07
C ASN JA 96 -0.50 -48.70 -59.25
N SER JA 97 -0.64 -48.54 -57.93
CA SER JA 97 0.51 -48.39 -57.06
C SER JA 97 1.33 -49.66 -56.97
N SER JA 98 0.68 -50.81 -57.09
CA SER JA 98 1.40 -52.08 -57.12
C SER JA 98 1.92 -52.34 -58.54
N GLY JA 99 2.49 -53.52 -58.74
CA GLY JA 99 2.95 -53.96 -60.03
C GLY JA 99 1.91 -54.66 -60.87
N LEU JA 100 0.65 -54.62 -60.45
CA LEU JA 100 -0.43 -55.33 -61.12
C LEU JA 100 -1.06 -54.46 -62.20
N VAL JA 101 -1.29 -55.06 -63.36
CA VAL JA 101 -1.94 -54.39 -64.48
C VAL JA 101 -3.32 -55.00 -64.64
N VAL JA 102 -4.34 -54.16 -64.63
CA VAL JA 102 -5.73 -54.60 -64.71
C VAL JA 102 -6.43 -53.81 -65.79
N CYS JA 103 -7.10 -54.51 -66.70
CA CYS JA 103 -7.77 -53.85 -67.81
C CYS JA 103 -9.07 -53.18 -67.34
N ASN JA 104 -9.60 -52.32 -68.20
CA ASN JA 104 -10.77 -51.51 -67.86
C ASN JA 104 -12.04 -52.34 -67.72
N ASP JA 105 -12.07 -53.54 -68.29
CA ASP JA 105 -13.20 -54.43 -68.11
C ASP JA 105 -13.09 -55.25 -66.83
N GLY JA 106 -12.10 -54.97 -65.99
CA GLY JA 106 -11.89 -55.71 -64.78
C GLY JA 106 -10.98 -56.90 -64.92
N TYR JA 107 -10.58 -57.24 -66.13
CA TYR JA 107 -9.64 -58.34 -66.32
C TYR JA 107 -8.24 -57.90 -65.89
N VAL JA 108 -7.46 -58.86 -65.43
CA VAL JA 108 -6.12 -58.60 -64.91
C VAL JA 108 -5.11 -59.32 -65.80
N SER JA 109 -4.12 -58.59 -66.28
CA SER JA 109 -3.13 -59.10 -67.20
C SER JA 109 -1.78 -59.23 -66.48
N GLU JA 110 -1.52 -60.42 -65.93
CA GLU JA 110 -0.23 -60.66 -65.33
C GLU JA 110 0.86 -60.83 -66.37
N GLU JA 111 0.50 -61.14 -67.62
CA GLU JA 111 1.46 -61.21 -68.71
C GLU JA 111 2.00 -59.84 -69.08
N CYS JA 112 1.24 -58.78 -68.81
CA CYS JA 112 1.77 -57.44 -68.89
C CYS JA 112 2.33 -56.98 -67.56
N SER JA 113 1.85 -57.55 -66.45
CA SER JA 113 2.36 -57.20 -65.14
C SER JA 113 3.71 -57.87 -64.89
N LEU JA 114 4.33 -57.50 -63.77
CA LEU JA 114 5.60 -58.07 -63.35
C LEU JA 114 5.45 -58.62 -61.94
N GLN JA 115 6.30 -59.58 -61.60
CA GLN JA 115 6.19 -60.28 -60.33
C GLN JA 115 7.58 -60.66 -59.83
N LYS JA 116 7.61 -61.35 -58.70
CA LYS JA 116 8.86 -61.79 -58.10
C LYS JA 116 9.11 -63.26 -58.40
N UNK KA 1 -16.06 -63.87 -114.22
CA UNK KA 1 -16.91 -63.40 -115.31
C UNK KA 1 -16.81 -64.34 -116.52
N UNK KA 2 -15.75 -65.15 -116.53
CA UNK KA 2 -15.49 -66.22 -117.49
C UNK KA 2 -15.39 -65.74 -118.94
N UNK KA 3 -15.05 -64.49 -119.17
CA UNK KA 3 -14.92 -63.96 -120.52
C UNK KA 3 -14.07 -62.71 -120.51
N UNK KA 4 -13.45 -62.42 -121.66
CA UNK KA 4 -12.81 -61.14 -121.90
C UNK KA 4 -13.42 -60.42 -123.10
N UNK KA 5 -13.54 -61.11 -124.23
CA UNK KA 5 -14.04 -60.49 -125.44
C UNK KA 5 -15.55 -60.35 -125.34
N UNK KA 6 -16.02 -59.10 -125.25
CA UNK KA 6 -17.46 -58.85 -125.31
C UNK KA 6 -17.91 -59.00 -126.76
N UNK KA 7 -18.19 -60.22 -127.17
CA UNK KA 7 -18.49 -60.52 -128.57
C UNK KA 7 -19.86 -59.99 -128.93
N UNK KA 8 -19.92 -58.70 -129.27
CA UNK KA 8 -21.18 -58.05 -129.58
C UNK KA 8 -21.66 -58.51 -130.95
N UNK KA 9 -22.75 -59.29 -130.95
CA UNK KA 9 -23.43 -59.81 -132.14
C UNK KA 9 -22.50 -60.58 -133.09
N UNK LA 1 -81.77 -83.41 8.90
CA UNK LA 1 -80.36 -83.38 8.60
C UNK LA 1 -80.09 -82.80 7.22
N UNK LA 2 -78.86 -82.95 6.74
CA UNK LA 2 -78.46 -82.48 5.42
C UNK LA 2 -79.10 -83.39 4.38
N UNK LA 3 -80.20 -82.94 3.77
CA UNK LA 3 -80.98 -83.75 2.86
C UNK LA 3 -80.67 -83.34 1.42
N UNK LA 4 -80.24 -84.31 0.61
CA UNK LA 4 -79.96 -84.08 -0.80
C UNK LA 4 -81.05 -84.62 -1.72
N UNK LA 5 -81.78 -85.65 -1.29
CA UNK LA 5 -82.85 -86.20 -2.11
C UNK LA 5 -84.02 -85.24 -2.24
N UNK LA 6 -84.33 -84.50 -1.17
CA UNK LA 6 -85.37 -83.48 -1.25
C UNK LA 6 -84.96 -82.33 -2.15
N UNK LA 7 -83.66 -81.98 -2.14
CA UNK LA 7 -83.15 -80.96 -3.04
C UNK LA 7 -83.20 -81.41 -4.50
N UNK LA 8 -82.88 -82.68 -4.76
CA UNK LA 8 -83.00 -83.22 -6.10
C UNK LA 8 -84.46 -83.29 -6.55
N UNK LA 9 -85.36 -83.61 -5.63
CA UNK LA 9 -86.79 -83.65 -5.94
C UNK LA 9 -87.33 -82.26 -6.25
N UNK LA 10 -86.86 -81.25 -5.51
CA UNK LA 10 -87.23 -79.87 -5.81
C UNK LA 10 -86.64 -79.39 -7.13
N UNK LA 11 -85.43 -79.86 -7.47
CA UNK LA 11 -84.84 -79.56 -8.77
C UNK LA 11 -85.66 -80.17 -9.90
N UNK LA 12 -86.13 -81.41 -9.70
CA UNK LA 12 -87.00 -82.05 -10.67
C UNK LA 12 -88.35 -81.34 -10.79
N UNK LA 13 -88.89 -80.87 -9.67
CA UNK LA 13 -90.15 -80.14 -9.70
C UNK LA 13 -89.99 -78.79 -10.39
N UNK LA 14 -88.86 -78.11 -10.19
CA UNK LA 14 -88.59 -76.87 -10.90
C UNK LA 14 -88.32 -77.10 -12.38
N UNK LA 15 -87.76 -78.26 -12.73
CA UNK LA 15 -87.67 -78.63 -14.14
C UNK LA 15 -89.05 -78.85 -14.73
N UNK LA 16 -89.90 -79.61 -14.04
CA UNK LA 16 -91.29 -79.78 -14.45
C UNK LA 16 -92.19 -78.83 -13.65
N UNK LA 17 -91.85 -77.54 -13.72
CA UNK LA 17 -92.64 -76.50 -13.08
C UNK LA 17 -93.96 -76.26 -13.78
N UNK LA 18 -94.07 -76.65 -15.06
CA UNK LA 18 -95.31 -76.60 -15.86
C UNK LA 18 -95.89 -75.18 -15.96
N UNK LA 19 -95.02 -74.17 -16.03
CA UNK LA 19 -95.48 -72.80 -16.12
C UNK LA 19 -94.45 -72.00 -16.91
N UNK LA 20 -94.89 -71.43 -18.04
CA UNK LA 20 -94.02 -70.61 -18.89
C UNK LA 20 -94.88 -69.71 -19.75
N UNK LA 21 -94.68 -68.41 -19.65
CA UNK LA 21 -95.39 -67.42 -20.46
C UNK LA 21 -94.39 -66.43 -21.02
N UNK LA 22 -94.47 -66.20 -22.33
CA UNK LA 22 -93.54 -65.30 -23.00
C UNK LA 22 -94.30 -64.25 -23.79
N UNK LA 23 -93.65 -63.11 -24.01
CA UNK LA 23 -94.25 -61.98 -24.70
C UNK LA 23 -93.27 -61.40 -25.70
N UNK LA 24 -93.81 -60.75 -26.72
CA UNK LA 24 -93.04 -60.00 -27.69
C UNK LA 24 -93.51 -58.55 -27.69
N UNK LA 25 -92.59 -57.63 -27.49
CA UNK LA 25 -92.91 -56.21 -27.39
C UNK LA 25 -92.10 -55.43 -28.42
N UNK LA 26 -92.78 -54.50 -29.09
CA UNK LA 26 -92.14 -53.61 -30.05
C UNK LA 26 -92.06 -52.21 -29.46
N UNK LA 27 -91.32 -51.34 -30.16
CA UNK LA 27 -91.12 -49.98 -29.68
C UNK LA 27 -92.33 -49.10 -29.92
N UNK LA 28 -93.28 -49.53 -30.75
CA UNK LA 28 -94.46 -48.74 -31.09
C UNK LA 28 -95.69 -49.18 -30.32
N UNK LA 29 -95.50 -49.55 -29.05
CA UNK LA 29 -96.55 -50.01 -28.12
C UNK LA 29 -97.32 -51.21 -28.67
N UNK LA 30 -96.60 -52.12 -29.31
CA UNK LA 30 -97.19 -53.35 -29.83
C UNK LA 30 -96.74 -54.50 -28.93
N UNK LA 31 -97.61 -54.89 -28.01
CA UNK LA 31 -97.35 -56.01 -27.12
C UNK LA 31 -98.14 -57.22 -27.58
N UNK LA 32 -97.57 -58.40 -27.39
CA UNK LA 32 -98.23 -59.63 -27.82
C UNK LA 32 -97.85 -60.74 -26.86
N UNK LA 33 -98.83 -61.29 -26.15
CA UNK LA 33 -98.65 -62.42 -25.28
C UNK LA 33 -99.67 -63.49 -25.63
N UNK LA 34 -99.21 -64.73 -25.77
CA UNK LA 34 -100.09 -65.86 -26.06
C UNK LA 34 -100.61 -66.42 -24.75
N UNK LA 35 -101.21 -67.61 -24.80
CA UNK LA 35 -101.73 -68.25 -23.60
C UNK LA 35 -100.60 -68.88 -22.80
N UNK LA 36 -100.96 -69.41 -21.63
CA UNK LA 36 -99.97 -70.07 -20.78
C UNK LA 36 -99.59 -71.42 -21.39
N UNK LA 37 -98.28 -71.67 -21.47
CA UNK LA 37 -97.75 -72.85 -22.14
C UNK LA 37 -96.80 -73.59 -21.21
N UNK LA 38 -96.61 -74.87 -21.53
CA UNK LA 38 -95.71 -75.80 -20.82
C UNK LA 38 -96.01 -75.91 -19.33
N UNK LA 39 -85.19 -54.71 -30.62
CA UNK LA 39 -85.81 -54.80 -29.30
C UNK LA 39 -87.15 -55.51 -29.38
N UNK LA 40 -87.32 -56.35 -30.40
CA UNK LA 40 -88.58 -57.07 -30.59
C UNK LA 40 -88.74 -58.17 -29.57
N UNK LA 41 -87.69 -58.95 -29.34
CA UNK LA 41 -87.73 -60.11 -28.45
C UNK LA 41 -86.84 -59.83 -27.25
N UNK LA 42 -87.43 -59.20 -26.23
CA UNK LA 42 -86.71 -58.93 -24.99
C UNK LA 42 -86.59 -60.20 -24.16
N UNK LA 43 -85.43 -60.38 -23.54
CA UNK LA 43 -85.23 -61.54 -22.68
C UNK LA 43 -86.03 -61.43 -21.39
N UNK LA 44 -86.32 -60.21 -20.94
CA UNK LA 44 -87.10 -60.00 -19.73
C UNK LA 44 -88.58 -60.27 -19.90
N UNK LA 45 -89.03 -60.52 -21.13
CA UNK LA 45 -90.44 -60.73 -21.42
C UNK LA 45 -90.87 -62.18 -21.23
N UNK LA 46 -90.14 -62.96 -20.45
CA UNK LA 46 -90.48 -64.35 -20.17
C UNK LA 46 -90.66 -64.53 -18.68
N UNK LA 47 -91.54 -65.45 -18.29
CA UNK LA 47 -91.83 -65.69 -16.89
C UNK LA 47 -92.24 -67.14 -16.71
N UNK LA 48 -92.13 -67.61 -15.47
CA UNK LA 48 -92.49 -68.99 -15.14
C UNK LA 48 -93.42 -69.04 -13.94
N LYS MA 24 8.78 -82.87 -113.67
CA LYS MA 24 10.06 -83.08 -112.98
C LYS MA 24 9.90 -82.92 -111.47
N PHE MA 25 9.38 -81.77 -111.06
CA PHE MA 25 9.25 -81.43 -109.66
C PHE MA 25 7.82 -81.02 -109.36
N LYS MA 26 7.41 -81.27 -108.11
CA LYS MA 26 6.08 -80.92 -107.66
C LYS MA 26 6.11 -80.83 -106.14
N LYS MA 27 5.54 -79.76 -105.59
CA LYS MA 27 5.53 -79.60 -104.15
C LYS MA 27 4.32 -80.29 -103.54
N PRO MA 28 4.40 -80.66 -102.27
CA PRO MA 28 3.21 -81.07 -101.53
C PRO MA 28 2.38 -79.84 -101.18
N PRO MA 29 1.12 -80.01 -100.76
CA PRO MA 29 0.34 -78.84 -100.29
C PRO MA 29 0.98 -78.19 -99.07
N ILE MA 30 0.94 -76.86 -99.08
CA ILE MA 30 1.80 -76.08 -98.19
C ILE MA 30 1.34 -76.20 -96.74
N ASN MA 31 0.05 -76.12 -96.48
CA ASN MA 31 -0.46 -76.27 -95.13
C ASN MA 31 -0.88 -77.71 -94.85
N ASN MA 32 0.00 -78.64 -95.17
CA ASN MA 32 -0.27 -80.02 -94.89
C ASN MA 32 -0.13 -80.28 -93.40
N PRO MA 33 -0.99 -81.10 -92.83
CA PRO MA 33 -0.78 -81.50 -91.43
C PRO MA 33 0.39 -82.44 -91.29
N SER MA 34 1.61 -81.89 -91.29
CA SER MA 34 2.82 -82.68 -91.15
C SER MA 34 3.20 -82.92 -89.71
N ASP MA 35 2.26 -82.80 -88.79
CA ASP MA 35 2.47 -83.12 -87.39
C ASP MA 35 1.23 -83.85 -86.88
N ASP MA 36 1.45 -84.73 -85.89
CA ASP MA 36 0.38 -85.58 -85.38
C ASP MA 36 -0.70 -84.76 -84.70
N ALA MA 37 -0.31 -83.72 -83.97
CA ALA MA 37 -1.28 -82.83 -83.34
C ALA MA 37 -2.13 -82.12 -84.38
N THR MA 38 -1.49 -81.67 -85.46
CA THR MA 38 -2.21 -81.02 -86.55
C THR MA 38 -3.17 -81.99 -87.24
N ILE MA 39 -2.74 -83.25 -87.39
CA ILE MA 39 -3.58 -84.29 -87.96
C ILE MA 39 -4.82 -84.50 -87.12
N LYS MA 40 -4.61 -84.60 -85.80
CA LYS MA 40 -5.72 -84.82 -84.88
C LYS MA 40 -6.67 -83.63 -84.87
N LEU MA 41 -6.11 -82.41 -84.96
CA LEU MA 41 -6.93 -81.22 -85.02
C LEU MA 41 -7.80 -81.19 -86.26
N ALA MA 42 -7.22 -81.53 -87.41
CA ALA MA 42 -7.97 -81.49 -88.66
C ALA MA 42 -9.08 -82.53 -88.68
N GLU MA 43 -8.79 -83.75 -88.22
CA GLU MA 43 -9.85 -84.75 -88.24
C GLU MA 43 -10.92 -84.46 -87.20
N ALA MA 44 -10.53 -83.86 -86.07
CA ALA MA 44 -11.51 -83.46 -85.08
C ALA MA 44 -12.45 -82.39 -85.62
N ALA MA 45 -11.88 -81.44 -86.37
CA ALA MA 45 -12.69 -80.40 -87.00
C ALA MA 45 -13.66 -81.00 -88.01
N VAL MA 46 -13.19 -81.99 -88.77
CA VAL MA 46 -14.02 -82.68 -89.74
C VAL MA 46 -15.19 -83.35 -89.03
N SER MA 47 -14.91 -84.04 -87.92
CA SER MA 47 -15.93 -84.77 -87.19
C SER MA 47 -16.98 -83.85 -86.61
N VAL MA 48 -16.55 -82.74 -85.98
CA VAL MA 48 -17.53 -81.88 -85.32
C VAL MA 48 -18.35 -81.11 -86.35
N SER MA 49 -17.76 -80.74 -87.50
CA SER MA 49 -18.53 -80.07 -88.53
C SER MA 49 -19.55 -81.02 -89.14
N ASP MA 50 -19.17 -82.29 -89.31
CA ASP MA 50 -20.12 -83.27 -89.83
C ASP MA 50 -21.26 -83.52 -88.86
N SER MA 51 -20.96 -83.57 -87.56
CA SER MA 51 -21.99 -83.77 -86.57
C SER MA 51 -22.93 -82.58 -86.49
N MET MA 52 -22.40 -81.37 -86.62
CA MET MA 52 -23.23 -80.18 -86.63
C MET MA 52 -24.12 -80.14 -87.86
N LEU MA 53 -23.59 -80.61 -89.00
CA LEU MA 53 -24.41 -80.73 -90.20
C LEU MA 53 -25.55 -81.71 -90.00
N GLU MA 54 -25.28 -82.82 -89.32
CA GLU MA 54 -26.32 -83.80 -89.01
C GLU MA 54 -27.39 -83.21 -88.11
N MET MA 55 -26.96 -82.45 -87.10
CA MET MA 55 -27.90 -81.83 -86.17
C MET MA 55 -28.78 -80.82 -86.88
N ALA MA 56 -28.18 -80.03 -87.78
CA ALA MA 56 -28.96 -79.06 -88.55
C ALA MA 56 -29.93 -79.75 -89.50
N LYS MA 57 -29.50 -80.85 -90.12
CA LYS MA 57 -30.36 -81.56 -91.07
C LYS MA 57 -31.54 -82.20 -90.38
N VAL MA 58 -31.34 -82.75 -89.17
CA VAL MA 58 -32.49 -83.26 -88.44
C VAL MA 58 -33.26 -82.16 -87.72
N GLU MA 59 -32.70 -80.96 -87.64
CA GLU MA 59 -33.38 -79.88 -86.96
C GLU MA 59 -34.35 -79.12 -87.87
N LYS MA 60 -33.94 -78.82 -89.10
CA LYS MA 60 -34.65 -77.84 -89.91
C LYS MA 60 -36.03 -78.34 -90.35
N VAL MA 61 -37.04 -77.55 -90.06
CA VAL MA 61 -38.39 -77.81 -90.52
C VAL MA 61 -38.58 -77.11 -91.87
N ILE MA 62 -39.02 -77.88 -92.87
CA ILE MA 62 -39.24 -77.31 -94.19
C ILE MA 62 -40.72 -77.36 -94.50
N THR MA 63 -41.11 -76.81 -95.64
CA THR MA 63 -42.48 -76.87 -96.10
C THR MA 63 -42.57 -77.70 -97.36
N PRO MA 64 -43.65 -78.44 -97.55
CA PRO MA 64 -43.83 -79.16 -98.81
C PRO MA 64 -44.10 -78.20 -99.95
N PRO MA 65 -43.51 -78.44 -101.13
CA PRO MA 65 -43.76 -77.56 -102.27
C PRO MA 65 -45.10 -77.78 -102.93
N SER MA 66 -45.86 -78.78 -102.48
CA SER MA 66 -47.20 -78.99 -103.01
C SER MA 66 -48.15 -77.90 -102.54
N LYS MA 67 -48.14 -77.58 -101.25
CA LYS MA 67 -49.13 -76.69 -100.67
C LYS MA 67 -48.48 -75.54 -99.91
N ASP MA 68 -47.29 -75.13 -100.34
CA ASP MA 68 -46.62 -73.98 -99.74
C ASP MA 68 -47.38 -72.71 -100.12
N ASN MA 69 -47.85 -71.98 -99.12
CA ASN MA 69 -48.72 -70.83 -99.38
C ASN MA 69 -47.87 -69.64 -99.80
N THR MA 70 -47.87 -69.36 -101.09
CA THR MA 70 -47.23 -68.16 -101.61
C THR MA 70 -47.94 -67.78 -102.91
N LEU MA 71 -47.76 -66.53 -103.30
CA LEU MA 71 -48.44 -66.02 -104.49
C LEU MA 71 -47.85 -66.64 -105.75
N THR MA 72 -48.72 -67.07 -106.65
CA THR MA 72 -48.28 -67.57 -107.94
C THR MA 72 -47.95 -66.40 -108.87
N ILE MA 73 -47.63 -66.74 -110.12
CA ILE MA 73 -47.35 -65.75 -111.15
C ILE MA 73 -48.57 -65.68 -112.06
N PRO MA 74 -49.37 -64.62 -112.02
CA PRO MA 74 -50.57 -64.55 -112.86
C PRO MA 74 -50.30 -64.34 -114.33
N ASN MA 75 -49.05 -63.99 -114.71
CA ASN MA 75 -48.51 -63.78 -116.05
C ASN MA 75 -49.45 -63.06 -117.04
N ALA MA 76 -50.10 -62.00 -116.58
CA ALA MA 76 -50.79 -61.12 -117.51
C ALA MA 76 -49.78 -60.30 -118.30
N TYR MA 77 -50.16 -59.89 -119.50
CA TYR MA 77 -49.23 -59.19 -120.37
C TYR MA 77 -48.91 -57.80 -119.82
N ASN MA 78 -49.89 -57.14 -119.21
CA ASN MA 78 -49.63 -55.86 -118.57
C ASN MA 78 -48.87 -56.00 -117.27
N LEU MA 79 -48.72 -57.22 -116.76
CA LEU MA 79 -48.04 -57.44 -115.50
C LEU MA 79 -46.54 -57.58 -115.65
N GLN MA 80 -46.01 -57.37 -116.85
CA GLN MA 80 -44.60 -57.59 -117.11
C GLN MA 80 -43.80 -56.31 -117.14
N ALA MA 81 -44.38 -55.21 -116.68
CA ALA MA 81 -43.66 -53.94 -116.66
C ALA MA 81 -42.66 -53.91 -115.52
N ARG MA 82 -41.66 -53.04 -115.68
CA ARG MA 82 -40.58 -52.90 -114.72
C ARG MA 82 -40.56 -51.48 -114.16
N ALA MA 83 -40.12 -51.35 -112.91
CA ALA MA 83 -40.12 -50.06 -112.24
C ALA MA 83 -39.10 -50.08 -111.12
N SER MA 84 -38.89 -48.91 -110.52
CA SER MA 84 -38.14 -48.78 -109.28
C SER MA 84 -39.05 -48.13 -108.24
N VAL MA 85 -39.19 -48.77 -107.09
CA VAL MA 85 -40.07 -48.28 -106.04
C VAL MA 85 -39.37 -48.40 -104.70
N ASP MA 86 -39.32 -47.30 -103.95
CA ASP MA 86 -39.02 -47.32 -102.53
C ASP MA 86 -40.23 -46.76 -101.80
N TRP MA 87 -40.69 -47.49 -100.79
CA TRP MA 87 -41.89 -47.12 -100.05
C TRP MA 87 -41.91 -47.87 -98.73
N SER MA 88 -42.39 -47.19 -97.69
CA SER MA 88 -42.70 -47.87 -96.44
C SER MA 88 -44.07 -47.42 -95.98
N GLY MA 89 -44.79 -48.33 -95.33
CA GLY MA 89 -46.06 -47.98 -94.74
C GLY MA 89 -47.19 -48.93 -95.08
N PRO MA 90 -48.42 -48.43 -95.01
CA PRO MA 90 -49.59 -49.30 -95.18
C PRO MA 90 -49.72 -49.84 -96.59
N ILE MA 91 -50.34 -51.02 -96.69
CA ILE MA 91 -50.39 -51.73 -97.96
C ILE MA 91 -51.43 -51.18 -98.91
N GLU MA 92 -52.36 -50.36 -98.41
CA GLU MA 92 -53.59 -50.07 -99.13
C GLU MA 92 -53.34 -49.22 -100.37
N GLU MA 93 -52.82 -48.01 -100.18
CA GLU MA 93 -52.63 -47.12 -101.31
C GLU MA 93 -51.50 -47.57 -102.21
N LEU MA 94 -50.54 -48.34 -101.65
CA LEU MA 94 -49.49 -48.92 -102.47
C LEU MA 94 -50.07 -49.93 -103.46
N THR MA 95 -50.93 -50.83 -102.96
CA THR MA 95 -51.60 -51.80 -103.82
C THR MA 95 -52.50 -51.11 -104.82
N ALA MA 96 -53.20 -50.06 -104.39
CA ALA MA 96 -54.11 -49.35 -105.28
C ALA MA 96 -53.38 -48.64 -106.41
N ARG MA 97 -52.27 -47.98 -106.10
CA ARG MA 97 -51.55 -47.27 -107.16
C ARG MA 97 -50.78 -48.25 -108.05
N ILE MA 98 -50.40 -49.40 -107.50
CA ILE MA 98 -49.85 -50.47 -108.34
C ILE MA 98 -50.92 -50.97 -109.32
N ALA MA 99 -52.15 -51.13 -108.83
CA ALA MA 99 -53.24 -51.56 -109.69
C ALA MA 99 -53.57 -50.51 -110.76
N LYS MA 100 -53.45 -49.24 -110.39
CA LYS MA 100 -53.61 -48.17 -111.38
C LYS MA 100 -52.52 -48.22 -112.43
N ALA MA 101 -51.28 -48.51 -112.03
CA ALA MA 101 -50.21 -48.67 -113.00
C ALA MA 101 -50.40 -49.91 -113.86
N ALA MA 102 -51.13 -50.89 -113.35
CA ALA MA 102 -51.43 -52.11 -114.09
C ALA MA 102 -52.77 -52.07 -114.82
N HIS MA 103 -53.48 -50.94 -114.76
CA HIS MA 103 -54.78 -50.71 -115.41
C HIS MA 103 -55.85 -51.70 -114.94
N PHE MA 104 -55.70 -52.21 -113.73
CA PHE MA 104 -56.60 -53.22 -113.21
C PHE MA 104 -57.55 -52.59 -112.20
N ARG MA 105 -58.79 -53.07 -112.20
CA ARG MA 105 -59.71 -52.67 -111.15
C ARG MA 105 -59.25 -53.27 -109.84
N PHE MA 106 -59.56 -52.58 -108.75
CA PHE MA 106 -59.06 -52.95 -107.44
C PHE MA 106 -60.19 -53.00 -106.44
N ARG MA 107 -60.20 -54.03 -105.60
CA ARG MA 107 -61.19 -54.10 -104.54
C ARG MA 107 -60.62 -54.81 -103.32
N VAL MA 108 -61.24 -54.56 -102.18
CA VAL MA 108 -60.77 -55.09 -100.89
C VAL MA 108 -61.97 -55.59 -100.11
N LEU MA 109 -61.90 -56.85 -99.69
CA LEU MA 109 -62.90 -57.44 -98.80
C LEU MA 109 -62.25 -57.70 -97.45
N GLY MA 110 -62.89 -57.22 -96.40
CA GLY MA 110 -62.37 -57.32 -95.06
C GLY MA 110 -62.32 -55.98 -94.39
N LYS MA 111 -61.76 -55.97 -93.18
CA LYS MA 111 -61.72 -54.79 -92.33
C LYS MA 111 -60.27 -54.41 -92.08
N SER MA 112 -59.96 -53.14 -92.26
CA SER MA 112 -58.68 -52.62 -91.82
C SER MA 112 -58.72 -52.43 -90.31
N PRO MA 113 -57.82 -53.04 -89.56
CA PRO MA 113 -57.87 -52.93 -88.10
C PRO MA 113 -57.35 -51.59 -87.59
N SER MA 114 -57.22 -51.50 -86.26
CA SER MA 114 -56.68 -50.29 -85.64
C SER MA 114 -55.23 -50.07 -86.03
N VAL MA 115 -54.42 -51.13 -86.00
CA VAL MA 115 -53.04 -51.08 -86.44
C VAL MA 115 -53.01 -51.41 -87.93
N PRO MA 116 -52.54 -50.53 -88.79
CA PRO MA 116 -52.40 -50.88 -90.20
C PRO MA 116 -51.22 -51.82 -90.40
N VAL MA 117 -51.33 -52.67 -91.42
CA VAL MA 117 -50.27 -53.61 -91.74
C VAL MA 117 -49.23 -52.89 -92.58
N LEU MA 118 -47.99 -52.87 -92.09
CA LEU MA 118 -46.95 -52.01 -92.65
C LEU MA 118 -45.81 -52.86 -93.18
N ILE MA 119 -45.40 -52.58 -94.42
CA ILE MA 119 -44.24 -53.20 -95.03
C ILE MA 119 -43.34 -52.11 -95.57
N SER MA 120 -42.27 -52.53 -96.24
CA SER MA 120 -41.28 -51.60 -96.80
C SER MA 120 -40.60 -52.29 -97.96
N ILE MA 121 -40.70 -51.71 -99.15
CA ILE MA 121 -40.12 -52.26 -100.36
C ILE MA 121 -39.12 -51.24 -100.92
N SER MA 122 -37.92 -51.71 -101.25
CA SER MA 122 -36.88 -50.85 -101.82
C SER MA 122 -36.22 -51.63 -102.96
N THR MA 123 -36.74 -51.45 -104.17
CA THR MA 123 -36.28 -52.21 -105.32
C THR MA 123 -36.05 -51.28 -106.50
N LYS MA 124 -35.09 -51.66 -107.34
CA LYS MA 124 -34.67 -50.87 -108.49
C LYS MA 124 -35.18 -51.40 -109.82
N ASP MA 125 -35.19 -52.71 -110.03
CA ASP MA 125 -35.73 -53.25 -111.28
C ASP MA 125 -36.23 -54.67 -111.02
N GLU MA 126 -37.54 -54.79 -110.82
CA GLU MA 126 -38.22 -56.08 -110.86
C GLU MA 126 -39.68 -55.81 -111.21
N SER MA 127 -40.36 -56.86 -111.65
CA SER MA 127 -41.71 -56.65 -112.16
C SER MA 127 -42.75 -56.69 -111.06
N LEU MA 128 -43.93 -56.19 -111.42
CA LEU MA 128 -45.03 -56.01 -110.47
C LEU MA 128 -45.56 -57.34 -109.94
N ALA MA 129 -45.41 -58.41 -110.71
CA ALA MA 129 -45.87 -59.72 -110.27
C ALA MA 129 -45.09 -60.19 -109.04
N GLU MA 130 -43.76 -60.16 -109.11
CA GLU MA 130 -42.97 -60.54 -107.95
C GLU MA 130 -43.00 -59.48 -106.87
N ILE MA 131 -43.29 -58.22 -107.23
CA ILE MA 131 -43.54 -57.19 -106.21
C ILE MA 131 -44.74 -57.58 -105.37
N LEU MA 132 -45.84 -57.94 -106.02
CA LEU MA 132 -47.04 -58.38 -105.29
C LEU MA 132 -46.80 -59.68 -104.55
N ARG MA 133 -45.97 -60.56 -105.12
CA ARG MA 133 -45.63 -61.81 -104.46
C ARG MA 133 -44.90 -61.56 -103.14
N ASP MA 134 -43.95 -60.63 -103.15
CA ASP MA 134 -43.26 -60.28 -101.91
C ASP MA 134 -44.17 -59.53 -100.96
N ILE MA 135 -45.13 -58.76 -101.50
CA ILE MA 135 -46.11 -58.08 -100.67
C ILE MA 135 -46.95 -59.08 -99.90
N ASP MA 136 -47.41 -60.12 -100.59
CA ASP MA 136 -48.18 -61.17 -99.94
C ASP MA 136 -47.31 -61.98 -98.99
N TYR MA 137 -46.02 -62.13 -99.30
CA TYR MA 137 -45.11 -62.83 -98.42
C TYR MA 137 -44.94 -62.09 -97.10
N GLN MA 138 -44.78 -60.78 -97.15
CA GLN MA 138 -44.68 -60.02 -95.92
C GLN MA 138 -46.02 -59.82 -95.25
N ALA MA 139 -47.12 -59.94 -96.00
CA ALA MA 139 -48.43 -59.93 -95.38
C ALA MA 139 -48.63 -61.18 -94.53
N GLY MA 140 -48.31 -62.34 -95.10
CA GLY MA 140 -48.40 -63.60 -94.39
C GLY MA 140 -49.80 -63.98 -93.99
N LYS MA 141 -50.00 -64.15 -92.69
CA LYS MA 141 -51.27 -64.63 -92.16
C LYS MA 141 -52.36 -63.57 -92.19
N LYS MA 142 -52.00 -62.29 -92.21
CA LYS MA 142 -52.99 -61.23 -91.99
C LYS MA 142 -53.89 -61.03 -93.20
N ALA MA 143 -53.32 -61.01 -94.40
CA ALA MA 143 -54.09 -60.68 -95.58
C ALA MA 143 -53.52 -61.41 -96.78
N SER MA 144 -54.32 -61.45 -97.84
CA SER MA 144 -53.97 -62.16 -99.06
C SER MA 144 -54.31 -61.30 -100.26
N ILE MA 145 -53.62 -61.57 -101.37
CA ILE MA 145 -53.82 -60.86 -102.62
C ILE MA 145 -54.25 -61.88 -103.66
N HIS MA 146 -55.38 -61.62 -104.32
CA HIS MA 146 -55.83 -62.50 -105.39
C HIS MA 146 -56.00 -61.72 -106.67
N VAL MA 147 -55.63 -62.37 -107.77
CA VAL MA 147 -55.58 -61.76 -109.09
C VAL MA 147 -56.58 -62.48 -109.98
N TYR MA 148 -57.45 -61.71 -110.63
CA TYR MA 148 -58.38 -62.28 -111.59
C TYR MA 148 -58.09 -61.66 -112.95
N PRO MA 149 -57.52 -62.43 -113.89
CA PRO MA 149 -57.30 -61.91 -115.24
C PRO MA 149 -58.49 -62.10 -116.16
N ASN MA 150 -59.51 -62.82 -115.73
CA ASN MA 150 -60.73 -62.90 -116.51
C ASN MA 150 -61.54 -61.62 -116.37
N SER MA 151 -61.99 -61.33 -115.16
CA SER MA 151 -62.54 -60.03 -114.81
C SER MA 151 -61.39 -59.23 -114.20
N GLN MA 152 -60.94 -58.20 -114.91
CA GLN MA 152 -59.58 -57.66 -114.78
C GLN MA 152 -59.43 -56.92 -113.44
N VAL MA 153 -59.27 -57.71 -112.38
CA VAL MA 153 -59.37 -57.17 -111.03
C VAL MA 153 -58.28 -57.76 -110.15
N VAL MA 154 -57.96 -57.03 -109.08
CA VAL MA 154 -57.09 -57.50 -108.01
C VAL MA 154 -57.76 -57.16 -106.69
N GLU MA 155 -57.76 -58.11 -105.77
CA GLU MA 155 -58.49 -57.94 -104.52
C GLU MA 155 -57.61 -58.29 -103.33
N LEU MA 156 -57.86 -57.59 -102.22
CA LEU MA 156 -57.19 -57.82 -100.95
C LEU MA 156 -58.18 -58.42 -99.98
N ARG MA 157 -57.86 -59.60 -99.47
CA ARG MA 157 -58.70 -60.29 -98.51
C ARG MA 157 -58.07 -60.18 -97.14
N TYR MA 158 -58.80 -59.61 -96.19
CA TYR MA 158 -58.36 -59.64 -94.80
C TYR MA 158 -58.69 -60.98 -94.18
N ALA MA 159 -58.08 -61.25 -93.02
CA ALA MA 159 -58.49 -62.34 -92.17
C ALA MA 159 -59.07 -61.77 -90.87
N LYS MA 160 -60.23 -62.28 -90.45
CA LYS MA 160 -60.84 -61.78 -89.23
C LYS MA 160 -60.12 -62.33 -88.01
N ILE NA 208 -46.61 -104.62 -98.49
CA ILE NA 208 -45.91 -105.22 -99.61
C ILE NA 208 -45.31 -104.14 -100.51
N ILE NA 209 -44.01 -104.20 -100.73
CA ILE NA 209 -43.29 -103.26 -101.57
C ILE NA 209 -42.40 -104.04 -102.54
N TYR NA 210 -41.97 -103.35 -103.59
CA TYR NA 210 -41.19 -103.97 -104.65
C TYR NA 210 -40.00 -103.09 -105.01
N TYR NA 211 -38.94 -103.72 -105.53
CA TYR NA 211 -37.75 -103.01 -105.96
C TYR NA 211 -37.20 -103.64 -107.22
N ILE NA 212 -36.57 -102.80 -108.04
CA ILE NA 212 -36.04 -103.25 -109.32
C ILE NA 212 -34.73 -103.98 -109.11
N GLN NA 213 -34.44 -104.92 -110.01
CA GLN NA 213 -33.16 -105.61 -110.06
C GLN NA 213 -32.39 -105.25 -111.32
N ALA NA 214 -33.00 -105.45 -112.49
CA ALA NA 214 -32.37 -105.13 -113.76
C ALA NA 214 -33.46 -104.83 -114.78
N VAL NA 215 -33.24 -103.79 -115.57
CA VAL NA 215 -34.23 -103.29 -116.51
C VAL NA 215 -33.69 -103.44 -117.92
N ILE NA 216 -34.38 -104.22 -118.73
CA ILE NA 216 -34.09 -104.31 -120.16
C ILE NA 216 -35.05 -103.34 -120.82
N PRO NA 217 -34.78 -102.87 -122.04
CA PRO NA 217 -35.83 -102.15 -122.77
C PRO NA 217 -37.01 -103.07 -123.10
N GLY NA 218 -38.14 -102.85 -122.43
CA GLY NA 218 -39.35 -103.62 -122.64
C GLY NA 218 -39.78 -104.43 -121.44
N ARG NA 219 -38.83 -104.96 -120.67
CA ARG NA 219 -39.15 -105.79 -119.51
C ARG NA 219 -38.32 -105.37 -118.33
N ALA NA 220 -38.83 -105.62 -117.13
CA ALA NA 220 -38.11 -105.29 -115.91
C ALA NA 220 -38.18 -106.45 -114.94
N TRP NA 221 -37.18 -106.51 -114.07
CA TRP NA 221 -37.08 -107.53 -113.04
C TRP NA 221 -37.41 -106.89 -111.69
N LEU NA 222 -38.32 -107.50 -110.95
CA LEU NA 222 -38.80 -106.98 -109.69
C LEU NA 222 -38.61 -108.02 -108.60
N ILE NA 223 -38.36 -107.55 -107.39
CA ILE NA 223 -38.33 -108.39 -106.20
C ILE NA 223 -39.22 -107.73 -105.15
N GLY NA 224 -40.12 -108.51 -104.56
CA GLY NA 224 -40.99 -108.03 -103.52
C GLY NA 224 -40.30 -107.94 -102.18
N SER NA 225 -41.08 -107.51 -101.19
CA SER NA 225 -40.57 -107.47 -99.82
C SER NA 225 -40.40 -108.88 -99.24
N ASN NA 226 -41.15 -109.85 -99.75
CA ASN NA 226 -41.09 -111.23 -99.28
C ASN NA 226 -40.09 -112.07 -100.04
N GLY NA 227 -39.37 -111.49 -101.01
CA GLY NA 227 -38.48 -112.26 -101.85
C GLY NA 227 -39.12 -112.87 -103.08
N SER NA 228 -40.39 -112.57 -103.34
CA SER NA 228 -41.07 -113.08 -104.53
C SER NA 228 -40.59 -112.34 -105.76
N THR NA 229 -40.25 -113.07 -106.81
CA THR NA 229 -39.68 -112.50 -108.02
C THR NA 229 -40.78 -112.12 -109.01
N LEU NA 230 -40.40 -111.30 -109.99
CA LEU NA 230 -41.34 -110.89 -111.03
C LEU NA 230 -40.56 -110.47 -112.26
N THR NA 231 -41.05 -110.87 -113.44
CA THR NA 231 -40.61 -110.31 -114.71
C THR NA 231 -41.81 -109.66 -115.37
N VAL NA 232 -41.70 -108.38 -115.70
CA VAL NA 232 -42.86 -107.58 -116.09
C VAL NA 232 -42.62 -106.99 -117.47
N ARG NA 233 -43.66 -107.04 -118.31
CA ARG NA 233 -43.68 -106.43 -119.63
C ARG NA 233 -43.99 -104.95 -119.49
N GLU NA 234 -44.12 -104.25 -120.63
CA GLU NA 234 -44.54 -102.85 -120.62
C GLU NA 234 -45.96 -102.71 -120.11
N GLY NA 235 -46.86 -103.60 -120.51
CA GLY NA 235 -48.23 -103.53 -120.05
C GLY NA 235 -48.69 -104.79 -119.37
N SER NA 236 -48.98 -104.70 -118.07
CA SER NA 236 -49.45 -105.84 -117.29
C SER NA 236 -50.17 -105.31 -116.06
N LYS NA 237 -50.39 -106.19 -115.09
CA LYS NA 237 -51.06 -105.87 -113.85
C LYS NA 237 -50.18 -106.30 -112.69
N ILE NA 238 -49.98 -105.40 -111.72
CA ILE NA 238 -49.23 -105.71 -110.51
C ILE NA 238 -50.07 -105.32 -109.30
N PRO NA 239 -50.35 -106.24 -108.38
CA PRO NA 239 -51.06 -105.87 -107.15
C PRO NA 239 -50.20 -104.97 -106.27
N GLY NA 240 -50.86 -104.01 -105.63
CA GLY NA 240 -50.18 -103.00 -104.85
C GLY NA 240 -49.68 -101.82 -105.66
N TYR NA 241 -49.65 -101.93 -106.98
CA TYR NA 241 -49.21 -100.85 -107.85
C TYR NA 241 -50.13 -100.61 -109.04
N GLY NA 242 -50.94 -101.59 -109.45
CA GLY NA 242 -51.88 -101.37 -110.53
C GLY NA 242 -51.38 -101.84 -111.87
N MET NA 243 -51.32 -100.92 -112.84
CA MET NA 243 -50.90 -101.22 -114.19
C MET NA 243 -49.62 -100.46 -114.49
N VAL NA 244 -48.62 -101.18 -115.01
CA VAL NA 244 -47.36 -100.54 -115.38
C VAL NA 244 -47.59 -99.71 -116.64
N LYS NA 245 -47.25 -98.42 -116.56
CA LYS NA 245 -47.57 -97.50 -117.64
C LYS NA 245 -46.37 -97.12 -118.49
N LEU NA 246 -45.17 -97.08 -117.91
CA LEU NA 246 -43.98 -96.77 -118.70
C LEU NA 246 -42.76 -97.41 -118.06
N ILE NA 247 -41.96 -98.10 -118.86
CA ILE NA 247 -40.67 -98.62 -118.44
C ILE NA 247 -39.60 -97.68 -118.98
N ASP NA 248 -39.07 -96.83 -118.11
CA ASP NA 248 -37.92 -96.00 -118.44
C ASP NA 248 -36.69 -96.82 -118.11
N SER NA 249 -35.92 -97.17 -119.14
CA SER NA 249 -34.69 -97.91 -118.97
C SER NA 249 -33.48 -97.00 -118.96
N LEU NA 250 -33.64 -95.72 -119.27
CA LEU NA 250 -32.52 -94.79 -119.19
C LEU NA 250 -32.17 -94.48 -117.75
N GLN NA 251 -33.15 -94.42 -116.87
CA GLN NA 251 -32.93 -94.18 -115.46
C GLN NA 251 -33.64 -95.25 -114.66
N GLY NA 252 -33.35 -95.30 -113.36
CA GLY NA 252 -33.95 -96.30 -112.50
C GLY NA 252 -35.34 -95.93 -112.02
N ARG NA 253 -36.24 -95.60 -112.93
CA ARG NA 253 -37.61 -95.21 -112.59
C ARG NA 253 -38.58 -95.92 -113.52
N ILE NA 254 -39.65 -96.46 -112.95
CA ILE NA 254 -40.78 -96.98 -113.70
C ILE NA 254 -42.04 -96.50 -113.01
N LEU NA 255 -43.01 -96.05 -113.79
CA LEU NA 255 -44.22 -95.46 -113.25
C LEU NA 255 -45.42 -96.36 -113.51
N THR NA 256 -46.25 -96.55 -112.48
CA THR NA 256 -47.41 -97.39 -112.57
C THR NA 256 -48.68 -96.55 -112.63
N SER NA 257 -49.82 -97.23 -112.69
CA SER NA 257 -51.10 -96.54 -112.80
C SER NA 257 -51.49 -95.85 -111.50
N SER NA 258 -51.11 -96.44 -110.36
CA SER NA 258 -51.46 -95.85 -109.07
C SER NA 258 -50.63 -94.62 -108.74
N GLY NA 259 -49.50 -94.42 -109.41
CA GLY NA 259 -48.69 -93.25 -109.16
C GLY NA 259 -47.52 -93.53 -108.24
N GLN NA 260 -46.84 -94.66 -108.47
CA GLN NA 260 -45.67 -95.03 -107.69
C GLN NA 260 -44.48 -95.24 -108.61
N VAL NA 261 -43.29 -94.92 -108.11
CA VAL NA 261 -42.06 -95.05 -108.88
C VAL NA 261 -41.11 -95.98 -108.13
N ILE NA 262 -40.61 -96.98 -108.82
CA ILE NA 262 -39.75 -97.99 -108.21
C ILE NA 262 -38.30 -97.59 -108.40
N LYS NA 263 -37.56 -97.55 -107.30
CA LYS NA 263 -36.13 -97.30 -107.30
C LYS NA 263 -35.41 -98.54 -106.76
N PHE NA 264 -34.10 -98.42 -106.64
CA PHE NA 264 -33.30 -99.45 -106.00
C PHE NA 264 -33.18 -99.16 -104.51
N SER NA 265 -33.15 -100.23 -103.71
CA SER NA 265 -32.93 -100.06 -102.29
C SER NA 265 -31.47 -99.73 -102.02
N GLN NA 266 -31.22 -99.19 -100.83
CA GLN NA 266 -29.86 -98.84 -100.44
C GLN NA 266 -29.48 -99.47 -99.12
N MET OA 23 8.63 -54.12 -125.53
CA MET OA 23 7.42 -54.89 -125.79
C MET OA 23 6.48 -54.83 -124.59
N LYS OA 24 6.58 -53.74 -123.83
CA LYS OA 24 5.89 -53.63 -122.55
C LYS OA 24 4.40 -53.35 -122.77
N PHE OA 25 3.67 -53.33 -121.66
CA PHE OA 25 2.21 -53.23 -121.69
C PHE OA 25 1.75 -52.11 -120.78
N LYS OA 26 0.81 -51.31 -121.29
CA LYS OA 26 0.21 -50.25 -120.49
C LYS OA 26 -1.22 -50.06 -120.94
N LYS OA 27 -1.97 -49.40 -120.11
CA LYS OA 27 -3.39 -49.25 -120.38
C LYS OA 27 -3.69 -47.88 -120.99
N PRO OA 28 -4.69 -47.82 -121.86
CA PRO OA 28 -4.99 -46.60 -122.63
C PRO OA 28 -5.31 -45.36 -121.79
N PRO OA 29 -6.02 -45.41 -120.66
CA PRO OA 29 -6.24 -44.12 -119.98
C PRO OA 29 -5.01 -43.68 -119.20
N ILE OA 30 -4.45 -42.53 -119.60
CA ILE OA 30 -3.30 -41.92 -118.94
C ILE OA 30 -3.51 -40.41 -118.99
N ASN OA 31 -3.78 -39.81 -117.84
CA ASN OA 31 -4.19 -38.41 -117.77
C ASN OA 31 -3.17 -37.62 -116.96
N ASN OA 32 -3.53 -36.37 -116.69
CA ASN OA 32 -2.76 -35.53 -115.80
C ASN OA 32 -2.79 -36.08 -114.38
N PRO OA 33 -1.78 -35.77 -113.56
CA PRO OA 33 -1.86 -36.12 -112.14
C PRO OA 33 -3.02 -35.42 -111.45
N SER OA 34 -3.67 -36.15 -110.56
CA SER OA 34 -4.95 -35.75 -110.01
C SER OA 34 -4.76 -35.20 -108.59
N ASP OA 35 -5.87 -34.94 -107.91
CA ASP OA 35 -5.83 -34.47 -106.54
C ASP OA 35 -6.87 -35.18 -105.69
N ASP OA 36 -6.44 -35.56 -104.49
CA ASP OA 36 -7.25 -36.33 -103.56
C ASP OA 36 -8.48 -35.56 -103.09
N ALA OA 37 -8.31 -34.27 -102.77
CA ALA OA 37 -9.44 -33.49 -102.26
C ALA OA 37 -10.50 -33.30 -103.34
N THR OA 38 -10.04 -33.04 -104.57
CA THR OA 38 -10.94 -32.97 -105.72
C THR OA 38 -11.66 -34.28 -105.93
N ILE OA 39 -10.96 -35.40 -105.72
CA ILE OA 39 -11.55 -36.72 -105.84
C ILE OA 39 -12.66 -36.91 -104.82
N LYS OA 40 -12.41 -36.48 -103.57
CA LYS OA 40 -13.37 -36.67 -102.51
C LYS OA 40 -14.63 -35.85 -102.73
N LEU OA 41 -14.46 -34.58 -103.12
CA LEU OA 41 -15.65 -33.79 -103.41
C LEU OA 41 -16.35 -34.27 -104.67
N ALA OA 42 -15.60 -34.88 -105.60
CA ALA OA 42 -16.21 -35.44 -106.80
C ALA OA 42 -17.11 -36.62 -106.47
N GLU OA 43 -16.65 -37.54 -105.62
CA GLU OA 43 -17.49 -38.69 -105.32
C GLU OA 43 -18.66 -38.30 -104.41
N ALA OA 44 -18.46 -37.30 -103.54
CA ALA OA 44 -19.58 -36.76 -102.78
C ALA OA 44 -20.60 -36.13 -103.72
N ALA OA 45 -20.13 -35.41 -104.73
CA ALA OA 45 -21.01 -34.76 -105.68
C ALA OA 45 -21.76 -35.78 -106.52
N VAL OA 46 -21.13 -36.90 -106.86
CA VAL OA 46 -21.85 -37.86 -107.70
C VAL OA 46 -22.89 -38.62 -106.87
N SER OA 47 -22.64 -38.82 -105.58
CA SER OA 47 -23.68 -39.39 -104.72
C SER OA 47 -24.87 -38.43 -104.60
N VAL OA 48 -24.56 -37.14 -104.44
CA VAL OA 48 -25.60 -36.12 -104.38
C VAL OA 48 -26.39 -36.07 -105.68
N SER OA 49 -25.69 -36.21 -106.80
CA SER OA 49 -26.33 -36.16 -108.11
C SER OA 49 -27.25 -37.35 -108.32
N ASP OA 50 -26.85 -38.53 -107.87
CA ASP OA 50 -27.73 -39.70 -107.95
C ASP OA 50 -28.99 -39.51 -107.12
N SER OA 51 -28.84 -38.96 -105.92
CA SER OA 51 -29.99 -38.70 -105.06
C SER OA 51 -30.93 -37.70 -105.70
N MET OA 52 -30.38 -36.64 -106.29
CA MET OA 52 -31.20 -35.63 -106.94
C MET OA 52 -31.89 -36.19 -108.18
N LEU OA 53 -31.22 -37.09 -108.90
CA LEU OA 53 -31.81 -37.71 -110.08
C LEU OA 53 -33.01 -38.55 -109.72
N GLU OA 54 -32.90 -39.36 -108.67
CA GLU OA 54 -34.05 -40.18 -108.30
C GLU OA 54 -35.16 -39.33 -107.68
N MET OA 55 -34.81 -38.21 -107.04
CA MET OA 55 -35.84 -37.32 -106.50
C MET OA 55 -36.63 -36.66 -107.63
N ALA OA 56 -35.93 -36.21 -108.67
CA ALA OA 56 -36.62 -35.62 -109.82
C ALA OA 56 -37.47 -36.66 -110.55
N LYS OA 57 -36.95 -37.89 -110.62
CA LYS OA 57 -37.70 -38.97 -111.26
C LYS OA 57 -38.99 -39.28 -110.50
N VAL OA 58 -38.92 -39.36 -109.18
CA VAL OA 58 -40.14 -39.69 -108.44
C VAL OA 58 -41.08 -38.49 -108.39
N GLU OA 59 -40.56 -37.27 -108.51
CA GLU OA 59 -41.43 -36.10 -108.62
C GLU OA 59 -42.21 -36.12 -109.93
N LYS OA 60 -41.52 -36.43 -111.03
CA LYS OA 60 -42.16 -36.55 -112.34
C LYS OA 60 -43.18 -37.66 -112.35
N VAL OA 61 -42.88 -38.75 -111.65
CA VAL OA 61 -43.83 -39.85 -111.52
C VAL OA 61 -45.07 -39.41 -110.74
N ILE OA 62 -44.86 -38.76 -109.59
CA ILE OA 62 -45.96 -38.53 -108.69
C ILE OA 62 -46.87 -37.41 -109.15
N THR OA 63 -46.38 -36.47 -109.96
CA THR OA 63 -47.26 -35.43 -110.46
C THR OA 63 -47.23 -35.44 -111.98
N PRO OA 64 -48.37 -35.60 -112.65
CA PRO OA 64 -48.39 -35.58 -114.11
C PRO OA 64 -48.49 -34.15 -114.63
N PRO OA 65 -47.50 -33.69 -115.39
CA PRO OA 65 -47.62 -32.38 -116.03
C PRO OA 65 -48.46 -32.47 -117.29
N SER OA 66 -49.05 -31.34 -117.66
CA SER OA 66 -49.90 -31.31 -118.85
C SER OA 66 -49.78 -30.02 -119.63
N LYS OA 67 -48.67 -29.30 -119.51
CA LYS OA 67 -48.56 -27.99 -120.13
C LYS OA 67 -47.10 -27.68 -120.39
N ASP OA 68 -46.87 -26.77 -121.33
CA ASP OA 68 -45.54 -26.25 -121.63
C ASP OA 68 -45.68 -24.78 -122.00
N ASN OA 69 -44.58 -24.05 -121.88
CA ASN OA 69 -44.59 -22.62 -122.14
C ASN OA 69 -44.24 -22.26 -123.57
N THR OA 70 -44.03 -23.26 -124.43
CA THR OA 70 -43.65 -22.99 -125.81
C THR OA 70 -44.76 -22.32 -126.58
N LEU OA 71 -46.01 -22.66 -126.26
CA LEU OA 71 -47.14 -21.92 -126.82
C LEU OA 71 -47.17 -20.49 -126.30
N THR OA 72 -46.82 -20.30 -125.03
CA THR OA 72 -46.89 -18.98 -124.41
C THR OA 72 -45.86 -18.04 -125.00
N ILE OA 73 -44.64 -18.51 -125.20
CA ILE OA 73 -43.61 -17.76 -125.90
C ILE OA 73 -43.16 -18.59 -127.10
N PRO OA 74 -43.69 -18.30 -128.28
CA PRO OA 74 -43.25 -19.00 -129.48
C PRO OA 74 -42.12 -18.24 -130.15
N ASN OA 75 -41.53 -18.83 -131.19
CA ASN OA 75 -40.47 -18.17 -131.93
C ASN OA 75 -40.99 -17.74 -133.29
N ALA OA 76 -40.16 -16.97 -133.99
CA ALA OA 76 -40.50 -16.43 -135.29
C ALA OA 76 -39.18 -16.13 -136.01
N TYR OA 77 -39.27 -15.37 -137.11
CA TYR OA 77 -38.07 -14.92 -137.79
C TYR OA 77 -37.33 -13.91 -136.92
N ASN OA 78 -36.04 -13.76 -137.22
CA ASN OA 78 -35.02 -13.06 -136.41
C ASN OA 78 -35.09 -13.43 -134.92
N LEU OA 79 -35.32 -14.71 -134.68
CA LEU OA 79 -35.15 -15.28 -133.35
C LEU OA 79 -34.08 -16.35 -133.36
N GLN OA 80 -33.14 -16.24 -134.29
CA GLN OA 80 -32.15 -17.29 -134.48
C GLN OA 80 -30.72 -16.79 -134.34
N ALA OA 81 -30.52 -15.60 -133.81
CA ALA OA 81 -29.17 -15.11 -133.54
C ALA OA 81 -28.59 -15.94 -132.40
N ARG OA 82 -27.53 -16.67 -132.69
CA ARG OA 82 -27.06 -17.65 -131.74
C ARG OA 82 -26.29 -16.99 -130.62
N ALA OA 83 -26.29 -17.63 -129.46
CA ALA OA 83 -25.61 -17.08 -128.30
C ALA OA 83 -25.17 -18.19 -127.38
N SER OA 84 -23.92 -18.12 -126.93
CA SER OA 84 -23.43 -18.91 -125.82
C SER OA 84 -23.10 -17.94 -124.69
N VAL OA 85 -23.68 -18.18 -123.52
CA VAL OA 85 -23.72 -17.16 -122.48
C VAL OA 85 -23.26 -17.76 -121.16
N ASP OA 86 -22.83 -16.88 -120.26
CA ASP OA 86 -22.48 -17.29 -118.90
C ASP OA 86 -22.76 -16.12 -117.98
N TRP OA 87 -23.87 -16.19 -117.24
CA TRP OA 87 -24.32 -15.09 -116.41
C TRP OA 87 -24.67 -15.62 -115.03
N SER OA 88 -24.40 -14.81 -114.00
CA SER OA 88 -24.67 -15.24 -112.63
C SER OA 88 -25.19 -14.08 -111.79
N GLY OA 89 -26.10 -13.27 -112.33
CA GLY OA 89 -26.60 -12.13 -111.61
C GLY OA 89 -28.11 -11.98 -111.64
N PRO OA 90 -28.58 -10.73 -111.58
CA PRO OA 90 -30.03 -10.48 -111.64
C PRO OA 90 -30.58 -10.60 -113.05
N ILE OA 91 -31.85 -10.27 -113.24
CA ILE OA 91 -32.53 -10.60 -114.49
C ILE OA 91 -32.70 -9.40 -115.41
N GLU OA 92 -32.82 -8.21 -114.82
CA GLU OA 92 -33.27 -7.04 -115.59
C GLU OA 92 -32.23 -6.59 -116.60
N GLU OA 93 -30.98 -6.47 -116.15
CA GLU OA 93 -29.90 -6.07 -117.04
C GLU OA 93 -29.67 -7.10 -118.13
N LEU OA 94 -29.75 -8.38 -117.78
CA LEU OA 94 -29.49 -9.45 -118.74
C LEU OA 94 -30.57 -9.49 -119.81
N THR OA 95 -31.84 -9.39 -119.41
CA THR OA 95 -32.92 -9.36 -120.37
C THR OA 95 -32.90 -8.11 -121.22
N ALA OA 96 -32.44 -6.98 -120.64
CA ALA OA 96 -32.28 -5.77 -121.43
C ALA OA 96 -31.23 -5.95 -122.51
N ARG OA 97 -30.13 -6.62 -122.17
CA ARG OA 97 -29.09 -6.94 -123.15
C ARG OA 97 -29.64 -7.83 -124.26
N ILE OA 98 -30.46 -8.83 -123.87
CA ILE OA 98 -31.02 -9.75 -124.85
C ILE OA 98 -31.95 -9.04 -125.81
N ALA OA 99 -32.83 -8.19 -125.28
CA ALA OA 99 -33.77 -7.48 -126.14
C ALA OA 99 -33.07 -6.44 -127.01
N LYS OA 100 -32.02 -5.82 -126.48
CA LYS OA 100 -31.24 -4.87 -127.27
C LYS OA 100 -30.54 -5.57 -128.43
N ALA OA 101 -30.05 -6.79 -128.20
CA ALA OA 101 -29.51 -7.56 -129.30
C ALA OA 101 -30.61 -8.00 -130.26
N ALA OA 102 -31.79 -8.31 -129.75
CA ALA OA 102 -32.86 -8.87 -130.57
C ALA OA 102 -33.68 -7.80 -131.29
N HIS OA 103 -33.39 -6.52 -131.05
CA HIS OA 103 -34.09 -5.38 -131.66
C HIS OA 103 -35.59 -5.42 -131.37
N PHE OA 104 -35.94 -5.81 -130.16
CA PHE OA 104 -37.33 -5.85 -129.74
C PHE OA 104 -37.57 -4.81 -128.66
N ARG OA 105 -38.81 -4.37 -128.55
CA ARG OA 105 -39.13 -3.38 -127.54
C ARG OA 105 -39.25 -4.07 -126.19
N PHE OA 106 -38.48 -3.57 -125.22
CA PHE OA 106 -38.46 -4.12 -123.87
C PHE OA 106 -39.62 -3.52 -123.07
N ARG OA 107 -40.27 -4.34 -122.25
CA ARG OA 107 -41.31 -3.82 -121.40
C ARG OA 107 -41.31 -4.54 -120.06
N VAL OA 108 -41.62 -3.78 -118.99
CA VAL OA 108 -41.60 -4.30 -117.63
C VAL OA 108 -42.94 -4.00 -116.98
N LEU OA 109 -43.49 -4.98 -116.28
CA LEU OA 109 -44.74 -4.84 -115.56
C LEU OA 109 -44.53 -5.31 -114.13
N GLY OA 110 -45.05 -4.55 -113.18
CA GLY OA 110 -44.91 -4.88 -111.79
C GLY OA 110 -43.65 -4.31 -111.16
N LYS OA 111 -43.68 -4.20 -109.84
CA LYS OA 111 -42.55 -3.66 -109.10
C LYS OA 111 -41.55 -4.74 -108.78
N SER OA 112 -40.29 -4.34 -108.69
CA SER OA 112 -39.26 -5.27 -108.23
C SER OA 112 -39.46 -5.54 -106.75
N PRO OA 113 -39.38 -6.80 -106.31
CA PRO OA 113 -39.42 -7.08 -104.88
C PRO OA 113 -38.13 -6.67 -104.22
N SER OA 114 -38.19 -6.56 -102.90
CA SER OA 114 -37.02 -6.13 -102.12
C SER OA 114 -35.90 -7.15 -102.19
N VAL OA 115 -36.22 -8.42 -102.13
CA VAL OA 115 -35.21 -9.45 -102.35
C VAL OA 115 -34.98 -9.55 -103.85
N PRO OA 116 -33.76 -9.38 -104.32
CA PRO OA 116 -33.49 -9.55 -105.75
C PRO OA 116 -33.60 -11.00 -106.17
N VAL OA 117 -33.97 -11.20 -107.43
CA VAL OA 117 -34.14 -12.54 -107.98
C VAL OA 117 -32.94 -12.87 -108.82
N LEU OA 118 -32.23 -13.92 -108.45
CA LEU OA 118 -30.94 -14.25 -109.05
C LEU OA 118 -31.04 -15.55 -109.84
N ILE OA 119 -30.22 -15.62 -110.88
CA ILE OA 119 -30.11 -16.83 -111.70
C ILE OA 119 -28.65 -17.07 -112.01
N SER OA 120 -28.35 -18.30 -112.40
CA SER OA 120 -27.03 -18.68 -112.87
C SER OA 120 -27.23 -19.57 -114.09
N ILE OA 121 -26.91 -19.04 -115.26
CA ILE OA 121 -27.16 -19.74 -116.52
C ILE OA 121 -25.85 -19.92 -117.23
N SER OA 122 -25.53 -21.17 -117.57
CA SER OA 122 -24.36 -21.48 -118.37
C SER OA 122 -24.76 -22.50 -119.42
N THR OA 123 -24.40 -22.21 -120.67
CA THR OA 123 -24.75 -23.07 -121.79
C THR OA 123 -23.76 -22.80 -122.91
N LYS OA 124 -24.02 -23.35 -124.09
CA LYS OA 124 -23.11 -23.21 -125.22
C LYS OA 124 -23.88 -23.37 -126.52
N ASP OA 125 -24.06 -22.26 -127.23
CA ASP OA 125 -24.63 -22.21 -128.59
C ASP OA 125 -26.03 -22.83 -128.65
N GLU OA 126 -26.96 -22.14 -128.03
CA GLU OA 126 -28.34 -22.59 -128.10
C GLU OA 126 -29.23 -21.40 -128.40
N SER OA 127 -30.44 -21.70 -128.86
CA SER OA 127 -31.36 -20.69 -129.36
C SER OA 127 -31.89 -19.80 -128.24
N LEU OA 128 -32.13 -18.54 -128.59
CA LEU OA 128 -32.59 -17.56 -127.61
C LEU OA 128 -33.99 -17.88 -127.10
N ALA OA 129 -34.80 -18.56 -127.90
CA ALA OA 129 -36.15 -18.92 -127.46
C ALA OA 129 -36.09 -19.91 -126.30
N GLU OA 130 -35.31 -20.98 -126.44
CA GLU OA 130 -35.14 -21.90 -125.34
C GLU OA 130 -34.31 -21.28 -124.22
N ILE OA 131 -33.47 -20.29 -124.52
CA ILE OA 131 -32.80 -19.53 -123.47
C ILE OA 131 -33.82 -18.84 -122.59
N LEU OA 132 -34.80 -18.17 -123.21
CA LEU OA 132 -35.85 -17.51 -122.45
C LEU OA 132 -36.73 -18.51 -121.71
N ARG OA 133 -36.94 -19.68 -122.30
CA ARG OA 133 -37.70 -20.72 -121.61
C ARG OA 133 -36.96 -21.23 -120.38
N ASP OA 134 -35.64 -21.37 -120.49
CA ASP OA 134 -34.84 -21.73 -119.32
C ASP OA 134 -34.87 -20.63 -118.26
N ILE OA 135 -34.91 -19.38 -118.70
CA ILE OA 135 -35.02 -18.25 -117.78
C ILE OA 135 -36.34 -18.33 -117.01
N ASP OA 136 -37.43 -18.62 -117.72
CA ASP OA 136 -38.74 -18.70 -117.06
C ASP OA 136 -38.82 -19.87 -116.10
N TYR OA 137 -38.24 -21.01 -116.49
CA TYR OA 137 -38.24 -22.17 -115.59
C TYR OA 137 -37.40 -21.91 -114.36
N GLN OA 138 -36.24 -21.26 -114.52
CA GLN OA 138 -35.39 -21.00 -113.37
C GLN OA 138 -35.97 -19.91 -112.50
N ALA OA 139 -36.77 -19.00 -113.07
CA ALA OA 139 -37.45 -18.01 -112.25
C ALA OA 139 -38.59 -18.64 -111.46
N GLY OA 140 -39.35 -19.52 -112.10
CA GLY OA 140 -40.41 -20.21 -111.41
C GLY OA 140 -41.59 -19.30 -111.16
N LYS OA 141 -42.07 -19.29 -109.93
CA LYS OA 141 -43.26 -18.54 -109.57
C LYS OA 141 -42.97 -17.12 -109.13
N LYS OA 142 -41.86 -16.54 -109.57
CA LYS OA 142 -41.56 -15.16 -109.22
C LYS OA 142 -41.72 -14.18 -110.38
N ALA OA 143 -41.74 -14.66 -111.61
CA ALA OA 143 -41.90 -13.76 -112.75
C ALA OA 143 -42.47 -14.56 -113.91
N SER OA 144 -42.68 -13.87 -115.02
CA SER OA 144 -43.06 -14.53 -116.27
C SER OA 144 -42.61 -13.67 -117.44
N ILE OA 145 -42.46 -14.33 -118.59
CA ILE OA 145 -41.98 -13.71 -119.82
C ILE OA 145 -42.98 -14.02 -120.91
N HIS OA 146 -43.42 -12.99 -121.63
CA HIS OA 146 -44.26 -13.19 -122.79
C HIS OA 146 -43.69 -12.42 -123.96
N VAL OA 147 -44.01 -12.89 -125.16
CA VAL OA 147 -43.50 -12.29 -126.38
C VAL OA 147 -44.66 -12.00 -127.31
N TYR OA 148 -44.50 -10.95 -128.10
CA TYR OA 148 -45.49 -10.53 -129.08
C TYR OA 148 -44.72 -10.26 -130.36
N PRO OA 149 -44.50 -11.30 -131.18
CA PRO OA 149 -43.75 -11.09 -132.42
C PRO OA 149 -44.55 -10.37 -133.48
N ASN OA 150 -45.89 -10.35 -133.34
CA ASN OA 150 -46.72 -9.48 -134.16
C ASN OA 150 -46.48 -8.01 -133.86
N SER OA 151 -45.98 -7.71 -132.67
CA SER OA 151 -45.59 -6.35 -132.33
C SER OA 151 -44.11 -6.24 -131.96
N GLN OA 152 -43.39 -7.38 -131.91
CA GLN OA 152 -41.95 -7.45 -131.58
C GLN OA 152 -41.66 -6.86 -130.21
N VAL OA 153 -42.45 -7.27 -129.22
CA VAL OA 153 -42.37 -6.77 -127.87
C VAL OA 153 -42.06 -7.93 -126.94
N VAL OA 154 -41.06 -7.75 -126.08
CA VAL OA 154 -40.76 -8.71 -125.02
C VAL OA 154 -41.19 -8.11 -123.69
N GLU OA 155 -42.12 -8.79 -123.01
CA GLU OA 155 -42.72 -8.30 -121.79
C GLU OA 155 -42.27 -9.18 -120.63
N LEU OA 156 -41.77 -8.53 -119.57
CA LEU OA 156 -41.39 -9.20 -118.34
C LEU OA 156 -42.34 -8.74 -117.25
N ARG OA 157 -43.02 -9.69 -116.62
CA ARG OA 157 -43.96 -9.36 -115.55
C ARG OA 157 -43.46 -9.97 -114.25
N TYR OA 158 -43.48 -9.16 -113.19
CA TYR OA 158 -43.13 -9.63 -111.86
C TYR OA 158 -44.29 -10.43 -111.27
N ALA OA 159 -44.03 -11.07 -110.14
CA ALA OA 159 -45.07 -11.84 -109.48
C ALA OA 159 -46.03 -10.93 -108.75
N LYS OA 160 -47.32 -11.10 -109.00
CA LYS OA 160 -48.34 -10.45 -108.19
C LYS OA 160 -48.58 -11.35 -106.99
N ILE OA 161 -47.89 -11.06 -105.90
CA ILE OA 161 -47.98 -11.81 -104.66
C ILE OA 161 -47.68 -10.83 -103.54
N TYR OA 162 -48.03 -11.21 -102.31
CA TYR OA 162 -47.94 -10.42 -101.08
C TYR OA 162 -48.80 -9.17 -101.20
N ARG PA 207 -76.92 -55.71 -64.29
CA ARG PA 207 -76.72 -54.30 -63.98
C ARG PA 207 -75.73 -54.12 -62.83
N ILE PA 208 -75.93 -53.06 -62.04
CA ILE PA 208 -75.06 -52.70 -60.94
C ILE PA 208 -75.87 -52.73 -59.65
N ILE PA 209 -75.30 -53.32 -58.60
CA ILE PA 209 -75.97 -53.47 -57.32
C ILE PA 209 -75.64 -52.29 -56.44
N TYR PA 210 -76.67 -51.60 -55.95
CA TYR PA 210 -76.49 -50.44 -55.09
C TYR PA 210 -77.02 -50.76 -53.70
N TYR PA 211 -76.18 -50.56 -52.69
CA TYR PA 211 -76.57 -50.75 -51.30
C TYR PA 211 -76.57 -49.41 -50.58
N ILE PA 212 -77.17 -49.40 -49.40
CA ILE PA 212 -77.28 -48.17 -48.63
C ILE PA 212 -76.00 -47.95 -47.83
N GLN PA 213 -75.59 -46.69 -47.72
CA GLN PA 213 -74.51 -46.32 -46.83
C GLN PA 213 -75.02 -45.56 -45.62
N ALA PA 214 -75.78 -44.48 -45.84
CA ALA PA 214 -76.31 -43.66 -44.77
C ALA PA 214 -77.77 -43.34 -45.06
N VAL PA 215 -78.61 -43.41 -44.02
CA VAL PA 215 -80.03 -43.16 -44.14
C VAL PA 215 -80.47 -42.28 -42.99
N ILE PA 216 -81.16 -41.18 -43.32
CA ILE PA 216 -81.78 -40.29 -42.34
C ILE PA 216 -83.17 -39.98 -42.91
N PRO PA 217 -84.07 -39.35 -42.16
CA PRO PA 217 -85.25 -38.76 -42.82
C PRO PA 217 -84.81 -37.67 -43.81
N GLY PA 218 -85.46 -37.65 -44.96
CA GLY PA 218 -85.15 -36.69 -45.99
C GLY PA 218 -84.14 -37.16 -47.03
N ARG PA 219 -82.91 -37.43 -46.60
CA ARG PA 219 -81.85 -37.84 -47.51
C ARG PA 219 -81.48 -39.30 -47.29
N ALA PA 220 -80.91 -39.90 -48.33
CA ALA PA 220 -80.34 -41.24 -48.18
C ALA PA 220 -79.06 -41.31 -48.98
N TRP PA 221 -78.23 -42.31 -48.68
CA TRP PA 221 -76.94 -42.48 -49.34
C TRP PA 221 -76.85 -43.88 -49.91
N LEU PA 222 -76.45 -43.98 -51.17
CA LEU PA 222 -76.39 -45.25 -51.88
C LEU PA 222 -74.97 -45.51 -52.34
N ILE PA 223 -74.39 -46.61 -51.88
CA ILE PA 223 -73.09 -47.08 -52.37
C ILE PA 223 -73.34 -48.22 -53.34
N GLY PA 224 -72.83 -48.06 -54.56
CA GLY PA 224 -73.05 -49.03 -55.62
C GLY PA 224 -72.05 -50.16 -55.57
N SER PA 225 -72.13 -50.99 -56.61
CA SER PA 225 -71.19 -52.10 -56.76
C SER PA 225 -69.79 -51.60 -57.08
N ASN PA 226 -69.67 -50.45 -57.75
CA ASN PA 226 -68.38 -49.81 -57.90
C ASN PA 226 -67.90 -49.19 -56.60
N GLY PA 227 -68.80 -48.95 -55.65
CA GLY PA 227 -68.46 -48.41 -54.35
C GLY PA 227 -68.76 -46.94 -54.15
N SER PA 228 -69.02 -46.20 -55.23
CA SER PA 228 -69.30 -44.78 -55.10
C SER PA 228 -70.67 -44.55 -54.49
N THR PA 229 -70.77 -43.55 -53.62
CA THR PA 229 -71.98 -43.27 -52.87
C THR PA 229 -72.56 -41.94 -53.33
N LEU PA 230 -73.85 -41.96 -53.65
CA LEU PA 230 -74.58 -40.76 -54.03
C LEU PA 230 -75.77 -40.58 -53.11
N THR PA 231 -76.02 -39.34 -52.72
CA THR PA 231 -77.18 -39.02 -51.89
C THR PA 231 -78.41 -38.81 -52.76
N VAL PA 232 -79.57 -39.06 -52.17
CA VAL PA 232 -80.85 -39.04 -52.86
C VAL PA 232 -81.90 -38.38 -52.00
N ARG PA 233 -82.74 -37.57 -52.65
CA ARG PA 233 -83.89 -36.88 -52.11
C ARG PA 233 -85.15 -37.69 -52.41
N GLU PA 234 -86.32 -37.08 -52.20
CA GLU PA 234 -87.59 -37.74 -52.50
C GLU PA 234 -87.80 -37.89 -54.01
N GLY PA 235 -87.60 -36.83 -54.76
CA GLY PA 235 -87.76 -36.92 -56.20
C GLY PA 235 -86.45 -36.91 -56.94
N SER PA 236 -86.01 -38.08 -57.39
CA SER PA 236 -84.74 -38.23 -58.10
C SER PA 236 -84.75 -39.54 -58.86
N LYS PA 237 -83.82 -39.66 -59.80
CA LYS PA 237 -83.69 -40.87 -60.61
C LYS PA 237 -82.45 -41.65 -60.18
N ILE PA 238 -82.52 -42.97 -60.38
CA ILE PA 238 -81.44 -43.89 -60.06
C ILE PA 238 -81.06 -44.62 -61.34
N PRO PA 239 -79.79 -44.65 -61.73
CA PRO PA 239 -79.38 -45.47 -62.86
C PRO PA 239 -79.48 -46.95 -62.52
N GLY PA 240 -80.21 -47.70 -63.35
CA GLY PA 240 -80.44 -49.10 -63.14
C GLY PA 240 -81.56 -49.43 -62.19
N TYR PA 241 -82.20 -48.45 -61.59
CA TYR PA 241 -83.29 -48.73 -60.68
C TYR PA 241 -84.55 -47.96 -61.02
N GLY PA 242 -84.44 -46.71 -61.46
CA GLY PA 242 -85.58 -45.90 -61.82
C GLY PA 242 -85.71 -44.67 -60.93
N MET PA 243 -86.94 -44.34 -60.56
CA MET PA 243 -87.25 -43.14 -59.81
C MET PA 243 -87.53 -43.47 -58.35
N VAL PA 244 -87.27 -42.51 -57.48
CA VAL PA 244 -87.43 -42.72 -56.05
C VAL PA 244 -88.90 -42.61 -55.69
N LYS PA 245 -89.43 -43.64 -55.05
CA LYS PA 245 -90.86 -43.70 -54.72
C LYS PA 245 -91.14 -43.14 -53.34
N LEU PA 246 -90.53 -43.73 -52.31
CA LEU PA 246 -90.82 -43.33 -50.93
C LEU PA 246 -89.59 -43.57 -50.08
N ILE PA 247 -89.45 -42.78 -49.02
CA ILE PA 247 -88.33 -42.85 -48.11
C ILE PA 247 -88.82 -43.32 -46.76
N ASP PA 248 -88.18 -44.36 -46.23
CA ASP PA 248 -88.45 -44.85 -44.88
C ASP PA 248 -87.14 -44.85 -44.10
N SER PA 249 -87.06 -43.97 -43.10
CA SER PA 249 -85.83 -43.86 -42.30
C SER PA 249 -85.64 -45.09 -41.44
N LEU PA 250 -86.68 -45.55 -40.77
CA LEU PA 250 -86.63 -46.81 -40.06
C LEU PA 250 -86.69 -47.97 -41.04
N GLN PA 251 -86.30 -49.15 -40.57
CA GLN PA 251 -86.35 -50.45 -41.24
C GLN PA 251 -85.45 -50.54 -42.48
N GLY PA 252 -84.70 -49.50 -42.82
CA GLY PA 252 -83.71 -49.56 -43.89
C GLY PA 252 -84.25 -49.77 -45.29
N ARG PA 253 -85.41 -49.19 -45.60
CA ARG PA 253 -86.07 -49.42 -46.88
C ARG PA 253 -85.86 -48.22 -47.78
N ILE PA 254 -85.41 -48.47 -49.02
CA ILE PA 254 -85.41 -47.45 -50.05
C ILE PA 254 -86.32 -47.93 -51.17
N LEU PA 255 -87.38 -47.16 -51.43
CA LEU PA 255 -88.44 -47.61 -52.33
C LEU PA 255 -88.29 -46.95 -53.69
N THR PA 256 -88.22 -47.76 -54.74
CA THR PA 256 -88.05 -47.32 -56.11
C THR PA 256 -89.36 -47.37 -56.86
N SER PA 257 -89.44 -46.60 -57.95
CA SER PA 257 -90.61 -46.64 -58.83
C SER PA 257 -90.72 -47.96 -59.57
N SER PA 258 -89.63 -48.72 -59.68
CA SER PA 258 -89.65 -50.07 -60.20
C SER PA 258 -89.96 -51.11 -59.12
N GLY PA 259 -90.48 -50.68 -57.97
CA GLY PA 259 -90.85 -51.61 -56.92
C GLY PA 259 -89.70 -52.25 -56.21
N GLN PA 260 -88.53 -51.65 -56.23
CA GLN PA 260 -87.35 -52.23 -55.59
C GLN PA 260 -87.13 -51.62 -54.22
N VAL PA 261 -86.89 -52.48 -53.23
CA VAL PA 261 -86.62 -52.07 -51.87
C VAL PA 261 -85.13 -52.30 -51.63
N ILE PA 262 -84.35 -51.24 -51.80
CA ILE PA 262 -82.92 -51.31 -51.48
C ILE PA 262 -82.75 -51.38 -49.97
N LYS PA 263 -81.94 -52.34 -49.54
CA LYS PA 263 -81.67 -52.66 -48.16
C LYS PA 263 -80.16 -52.63 -47.98
N PHE PA 264 -79.73 -52.42 -46.73
CA PHE PA 264 -78.33 -52.70 -46.39
C PHE PA 264 -78.02 -54.18 -46.57
N SER PA 265 -76.78 -54.47 -46.92
CA SER PA 265 -76.36 -55.86 -47.06
C SER PA 265 -76.35 -56.56 -45.71
N GLN PA 266 -76.66 -57.86 -45.74
CA GLN PA 266 -76.63 -58.66 -44.53
C GLN PA 266 -75.20 -58.81 -44.01
N GLU PA 267 -74.26 -59.08 -44.91
CA GLU PA 267 -72.85 -59.13 -44.51
C GLU PA 267 -72.32 -57.74 -44.23
N ASP PA 268 -72.57 -56.79 -45.13
CA ASP PA 268 -72.16 -55.40 -44.92
C ASP PA 268 -73.28 -54.67 -44.18
N SER PA 269 -73.42 -55.03 -42.91
CA SER PA 269 -74.46 -54.49 -42.05
C SER PA 269 -73.87 -53.63 -40.94
N GLN QA 791 -109.68 -49.02 -5.84
CA GLN QA 791 -109.83 -48.35 -7.13
C GLN QA 791 -109.25 -46.94 -7.08
N GLN QA 792 -109.12 -46.40 -5.87
CA GLN QA 792 -108.51 -45.09 -5.67
C GLN QA 792 -107.04 -45.19 -5.32
N GLU QA 793 -106.48 -46.39 -5.32
CA GLU QA 793 -105.10 -46.64 -4.94
C GLU QA 793 -104.14 -46.47 -6.10
N ILE QA 794 -104.61 -45.92 -7.21
CA ILE QA 794 -103.78 -45.81 -8.41
C ILE QA 794 -102.67 -44.79 -8.21
N GLN QA 795 -103.01 -43.66 -7.60
CA GLN QA 795 -102.07 -42.54 -7.47
C GLN QA 795 -100.94 -42.88 -6.52
N GLN QA 796 -101.25 -43.55 -5.41
CA GLN QA 796 -100.22 -44.04 -4.51
C GLN QA 796 -99.48 -45.23 -5.10
N ARG QA 797 -100.00 -45.86 -6.15
CA ARG QA 797 -99.24 -46.77 -6.97
C ARG QA 797 -98.53 -46.06 -8.12
N THR QA 798 -99.09 -44.94 -8.56
CA THR QA 798 -98.43 -44.13 -9.59
C THR QA 798 -97.15 -43.50 -9.05
N SER QA 799 -97.16 -43.11 -7.76
CA SER QA 799 -96.12 -42.25 -7.20
C SER QA 799 -94.77 -42.96 -7.14
N ASP QA 800 -94.78 -44.26 -6.86
CA ASP QA 800 -93.52 -45.01 -6.79
C ASP QA 800 -92.91 -45.19 -8.16
N MET QA 801 -93.74 -45.26 -9.20
CA MET QA 801 -93.23 -45.44 -10.55
C MET QA 801 -92.49 -44.21 -11.04
N LEU QA 802 -93.08 -43.03 -10.83
CA LEU QA 802 -92.50 -41.80 -11.35
C LEU QA 802 -91.23 -41.42 -10.61
N THR QA 803 -91.18 -41.71 -9.31
CA THR QA 803 -89.94 -41.51 -8.55
C THR QA 803 -88.85 -42.45 -9.05
N ALA QA 804 -89.23 -43.68 -9.41
CA ALA QA 804 -88.29 -44.55 -10.09
C ALA QA 804 -87.99 -44.03 -11.49
N ALA QA 805 -88.97 -43.37 -12.12
CA ALA QA 805 -88.78 -42.92 -13.49
C ALA QA 805 -87.86 -41.71 -13.57
N THR QA 806 -88.00 -40.77 -12.63
CA THR QA 806 -87.15 -39.60 -12.68
C THR QA 806 -85.70 -39.92 -12.32
N GLN QA 807 -85.47 -41.00 -11.58
CA GLN QA 807 -84.10 -41.46 -11.37
C GLN QA 807 -83.57 -42.13 -12.62
N LEU QA 808 -84.47 -42.73 -13.40
CA LEU QA 808 -84.05 -43.57 -14.52
C LEU QA 808 -83.50 -42.74 -15.68
N VAL QA 809 -84.07 -41.56 -15.92
CA VAL QA 809 -83.69 -40.76 -17.07
C VAL QA 809 -82.29 -40.19 -16.90
N GLN QA 810 -82.01 -39.63 -15.72
CA GLN QA 810 -80.68 -39.09 -15.44
C GLN QA 810 -79.62 -40.17 -15.32
N ASP QA 811 -80.02 -41.40 -15.01
CA ASP QA 811 -79.09 -42.51 -15.14
C ASP QA 811 -78.91 -42.90 -16.60
N TRP QA 812 -79.83 -42.51 -17.46
CA TRP QA 812 -79.79 -42.93 -18.85
C TRP QA 812 -79.13 -41.90 -19.75
N LYS QA 813 -79.57 -40.65 -19.67
CA LYS QA 813 -79.14 -39.65 -20.62
C LYS QA 813 -77.71 -39.16 -20.40
N GLN QA 814 -77.10 -39.48 -19.27
CA GLN QA 814 -75.75 -39.03 -19.01
C GLN QA 814 -74.74 -40.06 -19.55
N VAL QA 815 -73.68 -39.53 -20.16
CA VAL QA 815 -72.60 -40.32 -20.74
C VAL QA 815 -71.30 -39.59 -20.43
N GLU QA 816 -70.36 -40.27 -19.79
CA GLU QA 816 -69.11 -39.62 -19.45
C GLU QA 816 -68.15 -39.61 -20.65
N THR QA 817 -67.04 -38.90 -20.48
CA THR QA 817 -66.10 -38.67 -21.55
C THR QA 817 -65.25 -39.90 -21.83
N GLN QA 818 -64.84 -40.03 -23.09
CA GLN QA 818 -63.72 -40.90 -23.42
C GLN QA 818 -62.45 -40.34 -22.80
N VAL QA 819 -61.54 -41.24 -22.43
CA VAL QA 819 -60.29 -40.86 -21.79
C VAL QA 819 -59.13 -41.28 -22.69
N TYR QA 820 -58.23 -40.34 -22.93
CA TYR QA 820 -57.05 -40.58 -23.76
C TYR QA 820 -55.80 -40.40 -22.91
N THR QA 821 -54.89 -41.35 -22.99
CA THR QA 821 -53.71 -41.36 -22.15
C THR QA 821 -52.47 -41.62 -22.97
N GLU QA 822 -51.38 -40.98 -22.60
CA GLU QA 822 -50.07 -41.18 -23.21
C GLU QA 822 -49.09 -41.68 -22.16
N GLY QA 823 -47.84 -41.84 -22.57
CA GLY QA 823 -46.80 -42.23 -21.65
C GLY QA 823 -45.54 -42.60 -22.38
N THR QA 824 -44.45 -42.67 -21.61
CA THR QA 824 -43.14 -43.03 -22.13
C THR QA 824 -42.31 -43.69 -21.05
N ALA RA 104 -90.30 -73.50 33.46
CA ALA RA 104 -90.27 -72.09 33.09
C ALA RA 104 -89.25 -71.82 31.99
N GLU RA 105 -89.16 -72.77 31.05
CA GLU RA 105 -88.22 -72.66 29.94
C GLU RA 105 -88.89 -72.50 28.59
N VAL RA 106 -90.19 -72.79 28.48
CA VAL RA 106 -90.91 -72.59 27.23
C VAL RA 106 -91.03 -71.09 26.93
N ILE RA 107 -91.17 -70.27 27.97
CA ILE RA 107 -91.14 -68.82 27.82
C ILE RA 107 -89.78 -68.37 27.31
N ASP RA 108 -88.72 -69.00 27.80
CA ASP RA 108 -87.37 -68.72 27.31
C ASP RA 108 -87.20 -69.10 25.85
N LYS RA 109 -87.77 -70.25 25.45
CA LYS RA 109 -87.69 -70.69 24.06
C LYS RA 109 -88.44 -69.76 23.12
N LYS RA 110 -89.62 -69.30 23.55
CA LYS RA 110 -90.36 -68.30 22.79
C LYS RA 110 -89.57 -67.00 22.69
N ALA RA 111 -88.88 -66.64 23.77
CA ALA RA 111 -88.03 -65.45 23.74
C ALA RA 111 -86.87 -65.62 22.77
N PHE RA 112 -86.29 -66.82 22.70
CA PHE RA 112 -85.19 -67.08 21.77
C PHE RA 112 -85.65 -66.95 20.33
N LYS RA 113 -86.79 -67.57 20.00
CA LYS RA 113 -87.24 -67.53 18.62
C LYS RA 113 -87.75 -66.15 18.22
N ASP RA 114 -88.34 -65.40 19.17
CA ASP RA 114 -88.71 -64.02 18.88
C ASP RA 114 -87.48 -63.14 18.72
N MET RA 115 -86.42 -63.43 19.47
CA MET RA 115 -85.15 -62.71 19.34
C MET RA 115 -84.57 -62.89 17.97
N THR RA 116 -84.56 -64.14 17.47
CA THR RA 116 -84.07 -64.39 16.12
C THR RA 116 -84.96 -63.75 15.06
N ARG RA 117 -86.29 -63.85 15.24
CA ARG RA 117 -87.23 -63.33 14.26
C ARG RA 117 -87.16 -61.82 14.13
N ASN RA 118 -87.06 -61.10 15.25
CA ASN RA 118 -86.95 -59.66 15.12
C ASN RA 118 -85.52 -59.19 14.98
N LEU RA 119 -84.55 -60.07 15.15
CA LEU RA 119 -83.18 -59.73 14.76
C LEU RA 119 -83.05 -59.72 13.25
N TYR RA 120 -83.59 -60.73 12.57
CA TYR RA 120 -83.46 -60.80 11.12
C TYR RA 120 -84.84 -60.85 10.48
N PRO RA 121 -85.22 -59.85 9.69
CA PRO RA 121 -86.54 -59.85 9.05
C PRO RA 121 -86.68 -60.89 7.96
N LEU RA 122 -85.58 -61.41 7.43
CA LEU RA 122 -85.58 -62.29 6.28
C LEU RA 122 -84.98 -63.63 6.63
N ASN RA 123 -85.41 -64.65 5.91
CA ASN RA 123 -84.73 -65.93 5.88
C ASN RA 123 -83.75 -65.95 4.72
N PRO RA 124 -82.70 -66.79 4.79
CA PRO RA 124 -81.70 -66.85 3.72
C PRO RA 124 -82.27 -67.21 2.35
N GLU RA 125 -83.36 -67.96 2.32
CA GLU RA 125 -84.00 -68.34 1.07
C GLU RA 125 -84.55 -67.12 0.34
N GLN RA 126 -85.28 -66.26 1.06
CA GLN RA 126 -85.75 -65.03 0.43
C GLN RA 126 -84.62 -64.03 0.23
N VAL RA 127 -83.55 -64.13 1.01
CA VAL RA 127 -82.37 -63.29 0.75
C VAL RA 127 -81.79 -63.62 -0.63
N VAL RA 128 -81.64 -64.91 -0.91
CA VAL RA 128 -81.13 -65.37 -2.21
C VAL RA 128 -82.12 -65.01 -3.33
N LYS RA 129 -83.42 -65.18 -3.06
CA LYS RA 129 -84.44 -64.84 -4.06
C LYS RA 129 -84.44 -63.35 -4.38
N LEU RA 130 -84.34 -62.51 -3.36
CA LEU RA 130 -84.30 -61.07 -3.58
C LEU RA 130 -83.01 -60.65 -4.27
N LYS RA 131 -81.91 -61.36 -3.99
CA LYS RA 131 -80.67 -61.12 -4.72
C LYS RA 131 -80.82 -61.43 -6.20
N GLN RA 132 -81.48 -62.54 -6.53
CA GLN RA 132 -81.69 -62.89 -7.93
C GLN RA 132 -82.66 -61.93 -8.61
N ILE RA 133 -83.69 -61.48 -7.88
CA ILE RA 133 -84.63 -60.50 -8.42
C ILE RA 133 -83.92 -59.18 -8.69
N TYR RA 134 -83.03 -58.79 -7.77
CA TYR RA 134 -82.21 -57.59 -7.94
C TYR RA 134 -81.30 -57.71 -9.15
N GLU RA 135 -80.69 -58.89 -9.34
CA GLU RA 135 -79.76 -59.08 -10.45
C GLU RA 135 -80.48 -59.09 -11.79
N THR RA 136 -81.65 -59.75 -11.85
CA THR RA 136 -82.45 -59.71 -13.07
C THR RA 136 -82.99 -58.33 -13.34
N SER RA 137 -83.26 -57.55 -12.29
CA SER RA 137 -83.64 -56.16 -12.46
C SER RA 137 -82.50 -55.35 -13.06
N GLU RA 138 -81.27 -55.64 -12.65
CA GLU RA 138 -80.11 -55.00 -13.27
C GLU RA 138 -79.97 -55.38 -14.72
N TYR RA 139 -80.26 -56.65 -15.04
CA TYR RA 139 -80.21 -57.09 -16.44
C TYR RA 139 -81.25 -56.36 -17.28
N ALA RA 140 -82.47 -56.25 -16.77
CA ALA RA 140 -83.53 -55.56 -17.51
C ALA RA 140 -83.26 -54.07 -17.61
N LYS RA 141 -82.63 -53.48 -16.59
CA LYS RA 141 -82.30 -52.08 -16.62
C LYS RA 141 -81.18 -51.80 -17.62
N ALA RA 142 -80.10 -52.57 -17.56
CA ALA RA 142 -78.93 -52.29 -18.37
C ALA RA 142 -78.95 -53.03 -19.70
N ALA RA 143 -80.08 -53.64 -20.05
CA ALA RA 143 -80.23 -54.23 -21.37
C ALA RA 143 -80.27 -53.13 -22.42
N THR RA 144 -79.42 -53.26 -23.44
CA THR RA 144 -79.36 -52.28 -24.50
C THR RA 144 -80.50 -52.52 -25.49
N PRO RA 145 -81.36 -51.53 -25.74
CA PRO RA 145 -82.43 -51.74 -26.71
C PRO RA 145 -81.90 -51.84 -28.13
N GLY RA 146 -82.60 -52.63 -28.93
CA GLY RA 146 -82.29 -52.76 -30.34
C GLY RA 146 -81.06 -53.60 -30.59
N THR RA 147 -80.73 -53.72 -31.86
CA THR RA 147 -79.50 -54.40 -32.27
C THR RA 147 -78.34 -53.42 -32.21
N PRO RA 148 -77.27 -53.75 -31.50
CA PRO RA 148 -76.06 -52.94 -31.58
C PRO RA 148 -75.45 -53.02 -32.97
N PRO RA 149 -74.77 -51.97 -33.41
CA PRO RA 149 -74.22 -51.95 -34.77
C PRO RA 149 -73.03 -52.89 -34.92
N LYS RA 150 -72.82 -53.34 -36.15
CA LYS RA 150 -71.81 -54.35 -36.40
C LYS RA 150 -70.43 -53.71 -36.45
N PRO RA 151 -69.47 -54.20 -35.67
CA PRO RA 151 -68.13 -53.60 -35.68
C PRO RA 151 -67.39 -53.94 -36.95
N THR RA 152 -66.82 -52.92 -37.58
CA THR RA 152 -66.09 -53.13 -38.83
C THR RA 152 -65.07 -52.03 -39.03
N ALA RA 153 -64.02 -52.38 -39.75
CA ALA RA 153 -63.08 -51.43 -40.32
C ALA RA 153 -63.42 -51.22 -41.78
N THR RA 154 -63.02 -50.07 -42.31
CA THR RA 154 -63.38 -49.67 -43.66
C THR RA 154 -62.35 -48.72 -44.21
N SER RA 155 -61.86 -49.00 -45.41
CA SER RA 155 -60.97 -48.11 -46.14
C SER RA 155 -61.74 -47.52 -47.31
N GLN RA 156 -61.85 -46.20 -47.34
CA GLN RA 156 -62.62 -45.50 -48.36
C GLN RA 156 -61.70 -44.60 -49.15
N PHE RA 157 -61.82 -44.66 -50.46
CA PHE RA 157 -61.06 -43.77 -51.34
C PHE RA 157 -61.82 -42.46 -51.48
N VAL RA 158 -61.19 -41.39 -51.08
CA VAL RA 158 -61.77 -40.06 -51.14
C VAL RA 158 -61.52 -39.47 -52.52
N ASN RA 159 -62.47 -38.70 -53.02
CA ASN RA 159 -62.33 -38.01 -54.30
C ASN RA 159 -62.18 -36.52 -54.06
N LEU RA 160 -61.17 -35.92 -54.68
CA LEU RA 160 -60.85 -34.52 -54.47
C LEU RA 160 -61.45 -33.60 -55.52
N SER RA 161 -62.49 -34.06 -56.21
CA SER RA 161 -63.15 -33.20 -57.19
C SER RA 161 -63.94 -32.10 -56.49
N PRO RA 162 -64.11 -30.95 -57.14
CA PRO RA 162 -65.01 -29.92 -56.59
C PRO RA 162 -66.48 -30.15 -56.93
N GLY RA 163 -66.82 -31.37 -57.36
CA GLY RA 163 -68.21 -31.75 -57.52
C GLY RA 163 -68.47 -33.11 -56.89
N SER RA 164 -67.45 -33.66 -56.24
CA SER RA 164 -67.54 -34.98 -55.65
C SER RA 164 -68.36 -34.98 -54.37
N THR RA 165 -69.02 -36.10 -54.10
CA THR RA 165 -69.73 -36.28 -52.85
C THR RA 165 -68.74 -36.59 -51.73
N PRO RA 166 -68.81 -35.90 -50.59
CA PRO RA 166 -67.88 -36.18 -49.50
C PRO RA 166 -68.22 -37.50 -48.83
N PRO RA 167 -67.24 -38.16 -48.22
CA PRO RA 167 -67.52 -39.41 -47.50
C PRO RA 167 -68.32 -39.19 -46.23
N VAL RA 168 -69.12 -40.21 -45.91
CA VAL RA 168 -70.03 -40.23 -44.78
C VAL RA 168 -69.59 -41.34 -43.84
N ILE RA 169 -69.47 -41.04 -42.56
CA ILE RA 169 -68.98 -41.97 -41.55
C ILE RA 169 -70.06 -42.17 -40.49
N ARG RA 170 -70.38 -43.43 -40.21
CA ARG RA 170 -71.30 -43.76 -39.14
C ARG RA 170 -70.58 -43.73 -37.79
N LEU RA 171 -71.32 -43.34 -36.76
CA LEU RA 171 -70.82 -43.30 -35.39
C LEU RA 171 -71.85 -43.92 -34.47
N SER RA 172 -71.42 -44.22 -33.25
CA SER RA 172 -72.30 -44.82 -32.26
C SER RA 172 -72.03 -44.18 -30.90
N GLN RA 173 -73.08 -44.14 -30.07
CA GLN RA 173 -73.02 -43.43 -28.81
C GLN RA 173 -72.21 -44.21 -27.79
N GLY RA 174 -71.19 -43.56 -27.23
CA GLY RA 174 -70.38 -44.20 -26.22
C GLY RA 174 -69.33 -45.14 -26.75
N PHE RA 175 -69.03 -45.08 -28.04
CA PHE RA 175 -67.99 -45.91 -28.62
C PHE RA 175 -67.01 -45.05 -29.40
N VAL RA 176 -65.73 -45.34 -29.25
CA VAL RA 176 -64.67 -44.52 -29.81
C VAL RA 176 -64.41 -44.99 -31.23
N SER RA 177 -64.34 -44.05 -32.16
CA SER RA 177 -64.06 -44.33 -33.56
C SER RA 177 -62.66 -43.85 -33.91
N SER RA 178 -61.85 -44.74 -34.49
CA SER RA 178 -60.49 -44.42 -34.88
C SER RA 178 -60.44 -44.11 -36.36
N LEU RA 179 -59.71 -43.06 -36.73
CA LEU RA 179 -59.71 -42.58 -38.09
C LEU RA 179 -58.32 -42.13 -38.49
N VAL RA 180 -57.86 -42.55 -39.67
CA VAL RA 180 -56.53 -42.21 -40.17
C VAL RA 180 -56.59 -41.98 -41.68
N PHE RA 181 -55.59 -41.26 -42.17
CA PHE RA 181 -55.49 -40.86 -43.57
C PHE RA 181 -54.21 -41.44 -44.18
N LEU RA 182 -54.34 -42.03 -45.36
CA LEU RA 182 -53.20 -42.46 -46.15
C LEU RA 182 -53.33 -41.87 -47.55
N ASP RA 183 -52.20 -41.63 -48.19
CA ASP RA 183 -52.18 -40.96 -49.48
C ASP RA 183 -52.35 -41.99 -50.60
N SER RA 184 -52.05 -41.57 -51.83
CA SER RA 184 -52.06 -42.48 -52.96
C SER RA 184 -50.97 -43.54 -52.84
N THR RA 185 -49.88 -43.24 -52.15
CA THR RA 185 -48.88 -44.26 -51.87
C THR RA 185 -49.21 -45.08 -50.62
N GLY RA 186 -50.25 -44.71 -49.89
CA GLY RA 186 -50.55 -45.39 -48.65
C GLY RA 186 -49.72 -44.94 -47.46
N ALA RA 187 -48.90 -43.92 -47.63
CA ALA RA 187 -48.07 -43.43 -46.55
C ALA RA 187 -48.91 -42.66 -45.52
N PRO RA 188 -48.49 -42.65 -44.26
CA PRO RA 188 -49.13 -41.76 -43.29
C PRO RA 188 -48.89 -40.30 -43.62
N TRP RA 189 -49.84 -39.47 -43.25
CA TRP RA 189 -49.80 -38.07 -43.63
C TRP RA 189 -50.30 -37.21 -42.48
N PRO RA 190 -49.41 -36.48 -41.80
CA PRO RA 190 -49.80 -35.76 -40.59
C PRO RA 190 -50.69 -34.57 -40.87
N ILE RA 191 -51.41 -34.16 -39.83
CA ILE RA 191 -52.50 -33.19 -39.93
C ILE RA 191 -52.04 -31.88 -39.30
N ALA RA 192 -52.12 -30.80 -40.09
CA ALA RA 192 -51.72 -29.49 -39.59
C ALA RA 192 -52.71 -28.96 -38.56
N ALA RA 193 -54.00 -28.99 -38.88
CA ALA RA 193 -55.02 -28.43 -38.01
C ALA RA 193 -56.37 -29.05 -38.34
N TYR RA 194 -57.37 -28.71 -37.53
CA TYR RA 194 -58.71 -29.23 -37.76
C TYR RA 194 -59.73 -28.22 -37.25
N ASP RA 195 -60.98 -28.42 -37.66
CA ASP RA 195 -62.11 -27.71 -37.08
C ASP RA 195 -63.29 -28.66 -36.97
N LEU RA 196 -63.98 -28.57 -35.84
CA LEU RA 196 -65.09 -29.42 -35.50
C LEU RA 196 -66.31 -28.56 -35.18
N GLY RA 197 -67.47 -28.97 -35.70
CA GLY RA 197 -68.72 -28.39 -35.28
C GLY RA 197 -69.35 -29.22 -34.18
N ASP RA 198 -70.13 -28.55 -33.34
CA ASP RA 198 -70.81 -29.11 -32.17
C ASP RA 198 -69.90 -29.89 -31.22
N PRO RA 199 -69.08 -29.21 -30.40
CA PRO RA 199 -68.41 -29.92 -29.30
C PRO RA 199 -69.37 -30.61 -28.34
N SER RA 200 -70.59 -30.10 -28.15
CA SER RA 200 -71.53 -30.74 -27.25
C SER RA 200 -72.08 -32.05 -27.79
N SER RA 201 -71.88 -32.36 -29.07
CA SER RA 201 -72.24 -33.66 -29.60
C SER RA 201 -71.04 -34.50 -29.99
N PHE RA 202 -69.88 -33.90 -30.24
CA PHE RA 202 -68.73 -34.65 -30.69
C PHE RA 202 -67.49 -34.25 -29.91
N ASN RA 203 -66.71 -35.24 -29.49
CA ASN RA 203 -65.43 -35.02 -28.82
C ASN RA 203 -64.35 -35.77 -29.58
N ILE RA 204 -63.20 -35.12 -29.76
CA ILE RA 204 -62.09 -35.67 -30.53
C ILE RA 204 -60.87 -35.78 -29.64
N GLN RA 205 -60.29 -36.98 -29.59
CA GLN RA 205 -58.99 -37.19 -28.97
C GLN RA 205 -57.95 -37.28 -30.08
N TRP RA 206 -56.92 -36.44 -30.01
CA TRP RA 206 -55.92 -36.40 -31.07
C TRP RA 206 -54.61 -35.88 -30.50
N ASP RA 207 -53.59 -36.73 -30.49
CA ASP RA 207 -52.26 -36.29 -30.15
C ASP RA 207 -51.73 -35.36 -31.24
N LYS RA 208 -50.95 -34.36 -30.82
CA LYS RA 208 -50.62 -33.22 -31.68
C LYS RA 208 -49.75 -33.60 -32.87
N THR RA 209 -48.92 -34.63 -32.72
CA THR RA 209 -47.98 -34.97 -33.78
C THR RA 209 -48.51 -35.99 -34.77
N SER RA 210 -49.41 -36.86 -34.36
CA SER RA 210 -49.84 -37.96 -35.21
C SER RA 210 -50.92 -37.48 -36.17
N ASN RA 211 -51.56 -38.43 -36.85
CA ASN RA 211 -52.63 -38.14 -37.79
C ASN RA 211 -53.87 -38.99 -37.52
N THR RA 212 -54.05 -39.43 -36.29
CA THR RA 212 -55.14 -40.32 -35.93
C THR RA 212 -56.14 -39.57 -35.06
N LEU RA 213 -57.42 -39.70 -35.39
CA LEU RA 213 -58.49 -39.04 -34.66
C LEU RA 213 -59.35 -40.08 -33.96
N MET RA 214 -59.58 -39.87 -32.67
CA MET RA 214 -60.44 -40.74 -31.86
C MET RA 214 -61.67 -39.93 -31.50
N ILE RA 215 -62.82 -40.35 -32.02
CA ILE RA 215 -64.04 -39.55 -32.02
C ILE RA 215 -65.07 -40.22 -31.14
N GLN RA 216 -65.75 -39.42 -30.31
CA GLN RA 216 -66.88 -39.88 -29.50
C GLN RA 216 -68.10 -39.06 -29.86
N ALA RA 217 -69.23 -39.74 -30.07
CA ALA RA 217 -70.50 -39.07 -30.26
C ALA RA 217 -71.15 -38.86 -28.91
N THR RA 218 -71.36 -37.60 -28.54
CA THR RA 218 -71.95 -37.27 -27.24
C THR RA 218 -73.47 -37.24 -27.32
N LYS RA 219 -74.01 -36.40 -28.20
CA LYS RA 219 -75.43 -36.49 -28.46
C LYS RA 219 -75.70 -37.65 -29.41
N LEU RA 220 -76.98 -38.00 -29.55
CA LEU RA 220 -77.34 -39.27 -30.16
C LEU RA 220 -77.41 -39.20 -31.69
N TYR RA 221 -78.33 -38.40 -32.23
CA TYR RA 221 -78.62 -38.47 -33.66
C TYR RA 221 -78.71 -37.08 -34.28
N ASN RA 222 -77.74 -36.23 -34.02
CA ASN RA 222 -77.59 -34.99 -34.75
C ASN RA 222 -76.33 -35.10 -35.60
N TYR RA 223 -76.50 -35.07 -36.91
CA TYR RA 223 -75.37 -35.26 -37.81
C TYR RA 223 -74.53 -33.99 -37.90
N GLY RA 224 -73.25 -34.18 -38.16
CA GLY RA 224 -72.32 -33.06 -38.21
C GLY RA 224 -71.28 -33.16 -39.30
N ASN RA 225 -70.36 -32.20 -39.32
CA ASN RA 225 -69.31 -32.16 -40.32
C ASN RA 225 -67.98 -31.88 -39.64
N LEU RA 226 -66.90 -32.31 -40.30
CA LEU RA 226 -65.56 -32.17 -39.76
C LEU RA 226 -64.61 -31.70 -40.85
N ALA RA 227 -63.67 -30.84 -40.50
CA ALA RA 227 -62.69 -30.34 -41.46
C ALA RA 227 -61.28 -30.61 -40.95
N VAL RA 228 -60.41 -31.07 -41.85
CA VAL RA 228 -59.05 -31.48 -41.53
C VAL RA 228 -58.12 -30.86 -42.57
N ARG RA 229 -57.08 -30.17 -42.10
CA ARG RA 229 -56.02 -29.66 -42.97
C ARG RA 229 -54.72 -30.35 -42.62
N LEU RA 230 -54.09 -30.97 -43.63
CA LEU RA 230 -52.91 -31.78 -43.47
C LEU RA 230 -51.66 -30.98 -43.83
N ARG RA 231 -50.52 -31.66 -43.88
CA ARG RA 231 -49.25 -30.97 -44.06
C ARG RA 231 -48.99 -30.63 -45.53
N GLY RA 232 -48.86 -31.66 -46.36
CA GLY RA 232 -48.54 -31.43 -47.76
C GLY RA 232 -49.69 -30.97 -48.61
N LEU RA 233 -50.91 -31.03 -48.09
CA LEU RA 233 -52.07 -30.60 -48.84
C LEU RA 233 -52.25 -29.09 -48.73
N ASN RA 234 -53.12 -28.56 -49.58
CA ASN RA 234 -53.59 -27.19 -49.48
C ASN RA 234 -55.09 -27.11 -49.24
N THR RA 235 -55.89 -27.80 -50.04
CA THR RA 235 -57.33 -27.78 -49.86
C THR RA 235 -57.72 -28.58 -48.63
N PRO RA 236 -58.64 -28.08 -47.81
CA PRO RA 236 -59.08 -28.82 -46.64
C PRO RA 236 -59.97 -30.00 -47.02
N VAL RA 237 -59.93 -31.03 -46.18
CA VAL RA 237 -60.70 -32.24 -46.38
C VAL RA 237 -61.84 -32.21 -45.38
N MET RA 238 -63.07 -32.16 -45.88
CA MET RA 238 -64.23 -32.23 -45.01
C MET RA 238 -64.92 -33.57 -45.16
N LEU RA 239 -65.52 -34.04 -44.07
CA LEU RA 239 -66.27 -35.29 -44.07
C LEU RA 239 -67.53 -35.11 -43.25
N THR RA 240 -68.52 -35.97 -43.51
CA THR RA 240 -69.80 -35.88 -42.83
C THR RA 240 -69.96 -37.05 -41.87
N LEU RA 241 -70.57 -36.80 -40.72
CA LEU RA 241 -70.67 -37.77 -39.63
C LEU RA 241 -72.13 -37.95 -39.26
N ILE RA 242 -72.61 -39.18 -39.39
CA ILE RA 242 -73.94 -39.59 -38.96
C ILE RA 242 -73.78 -40.43 -37.70
N PRO RA 243 -74.13 -39.92 -36.53
CA PRO RA 243 -74.07 -40.75 -35.32
C PRO RA 243 -75.32 -41.61 -35.18
N GLY RA 244 -75.12 -42.85 -34.77
CA GLY RA 244 -76.23 -43.76 -34.53
C GLY RA 244 -76.82 -44.41 -35.77
N GLN RA 245 -76.04 -45.27 -36.44
CA GLN RA 245 -76.53 -45.99 -37.61
C GLN RA 245 -76.25 -47.48 -37.44
N LYS RA 246 -76.63 -48.26 -38.46
CA LYS RA 246 -76.65 -49.72 -38.40
C LYS RA 246 -75.27 -50.35 -38.29
N ALA RA 247 -74.21 -49.63 -38.66
CA ALA RA 247 -72.86 -50.12 -38.53
C ALA RA 247 -72.05 -49.12 -37.74
N VAL RA 248 -71.01 -49.59 -37.06
CA VAL RA 248 -70.10 -48.71 -36.35
C VAL RA 248 -68.74 -48.81 -37.03
N ASP RA 249 -68.25 -47.67 -37.50
CA ASP RA 249 -66.96 -47.61 -38.19
C ASP RA 249 -65.89 -47.52 -37.13
N TYR RA 250 -65.38 -48.69 -36.72
CA TYR RA 250 -64.35 -48.74 -35.70
C TYR RA 250 -63.04 -48.15 -36.21
N ARG RA 251 -62.62 -48.57 -37.39
CA ARG RA 251 -61.41 -48.05 -38.03
C ARG RA 251 -61.78 -47.52 -39.39
N VAL RA 252 -61.41 -46.26 -39.66
CA VAL RA 252 -61.62 -45.65 -40.97
C VAL RA 252 -60.26 -45.31 -41.54
N ASP RA 253 -60.02 -45.74 -42.78
CA ASP RA 253 -58.76 -45.51 -43.48
C ASP RA 253 -59.07 -44.77 -44.76
N LEU RA 254 -58.76 -43.49 -44.81
CA LEU RA 254 -59.12 -42.66 -45.96
C LEU RA 254 -57.96 -42.67 -46.94
N ARG RA 255 -58.14 -43.38 -48.05
CA ARG RA 255 -57.19 -43.37 -49.16
C ARG RA 255 -57.47 -42.13 -49.99
N VAL RA 256 -56.61 -41.13 -49.86
CA VAL RA 256 -56.81 -39.86 -50.52
C VAL RA 256 -55.96 -39.83 -51.78
N GLN RA 257 -56.28 -38.89 -52.67
CA GLN RA 257 -55.60 -38.78 -53.95
C GLN RA 257 -54.31 -37.98 -53.88
N GLY RA 258 -53.95 -37.47 -52.72
CA GLY RA 258 -52.74 -36.68 -52.56
C GLY RA 258 -51.51 -37.54 -52.34
N TYR RA 259 -50.46 -36.89 -51.85
CA TYR RA 259 -49.16 -37.53 -51.63
C TYR RA 259 -48.55 -36.99 -50.35
N GLY RA 260 -48.24 -37.90 -49.42
CA GLY RA 260 -47.79 -37.52 -48.10
C GLY RA 260 -46.32 -37.12 -48.05
N PRO RA 261 -45.74 -37.16 -46.85
CA PRO RA 261 -44.30 -36.89 -46.73
C PRO RA 261 -43.43 -37.92 -47.41
N ASN RA 262 -43.84 -39.18 -47.44
CA ASN RA 262 -43.08 -40.18 -48.19
C ASN RA 262 -43.27 -39.99 -49.69
N ALA RA 263 -44.52 -40.12 -50.15
CA ALA RA 263 -44.95 -39.82 -51.53
C ALA RA 263 -44.15 -40.60 -52.58
N LYS RA 264 -43.83 -41.86 -52.28
CA LYS RA 264 -42.91 -42.63 -53.11
C LYS RA 264 -43.60 -43.05 -54.39
N SER RA 265 -43.01 -42.67 -55.53
CA SER RA 265 -43.49 -43.11 -56.82
C SER RA 265 -43.24 -44.61 -57.00
N MET RA 266 -44.18 -45.27 -57.65
CA MET RA 266 -44.12 -46.72 -57.76
C MET RA 266 -43.15 -47.13 -58.86
N PRO RA 267 -42.09 -47.87 -58.55
CA PRO RA 267 -41.12 -48.24 -59.58
C PRO RA 267 -41.43 -49.54 -60.30
N THR RA 268 -42.68 -50.02 -60.19
CA THR RA 268 -43.04 -51.34 -60.71
C THR RA 268 -42.93 -51.41 -62.22
N GLU RA 269 -43.40 -50.40 -62.93
CA GLU RA 269 -43.28 -50.34 -64.38
C GLU RA 269 -42.15 -49.40 -64.74
N GLU RA 270 -41.14 -49.92 -65.43
CA GLU RA 270 -39.96 -49.15 -65.80
C GLU RA 270 -40.11 -48.43 -67.14
N GLY RA 271 -41.23 -48.64 -67.84
CA GLY RA 271 -41.48 -47.93 -69.08
C GLY RA 271 -40.83 -48.57 -70.28
N ILE RA 272 -41.04 -47.92 -71.42
CA ILE RA 272 -40.48 -48.40 -72.68
C ILE RA 272 -38.98 -48.14 -72.69
N PRO RA 273 -38.17 -49.05 -73.21
CA PRO RA 273 -36.75 -48.74 -73.40
C PRO RA 273 -36.56 -47.66 -74.44
N PRO RA 274 -35.48 -46.89 -74.36
CA PRO RA 274 -35.26 -45.82 -75.35
C PRO RA 274 -34.98 -46.37 -76.73
N SER RA 275 -35.31 -45.57 -77.74
CA SER RA 275 -35.27 -46.07 -79.12
C SER RA 275 -33.83 -46.18 -79.63
N ALA RA 276 -33.15 -45.05 -79.77
CA ALA RA 276 -31.77 -45.02 -80.25
C ALA RA 276 -31.18 -43.68 -79.89
N ASN RA 277 -29.86 -43.60 -79.93
CA ASN RA 277 -29.19 -42.30 -79.85
C ASN RA 277 -29.22 -41.67 -81.22
N ASP RA 278 -29.87 -40.51 -81.33
CA ASP RA 278 -30.01 -39.84 -82.62
C ASP RA 278 -28.71 -39.19 -83.08
N LEU RA 279 -27.69 -39.15 -82.23
CA LEU RA 279 -26.37 -38.74 -82.66
C LEU RA 279 -25.79 -39.73 -83.68
N LEU RA 280 -26.23 -41.00 -83.63
CA LEU RA 280 -25.79 -41.98 -84.61
C LEU RA 280 -26.25 -41.63 -86.02
N LEU RA 281 -27.36 -40.90 -86.15
CA LEU RA 281 -27.77 -40.40 -87.45
C LEU RA 281 -26.77 -39.40 -88.01
N HIS RA 282 -26.29 -38.50 -87.14
CA HIS RA 282 -25.25 -37.56 -87.55
C HIS RA 282 -23.97 -38.28 -87.91
N VAL RA 283 -23.65 -39.34 -87.17
CA VAL RA 283 -22.48 -40.17 -87.49
C VAL RA 283 -22.64 -40.83 -88.85
N LEU RA 284 -23.85 -41.30 -89.15
CA LEU RA 284 -24.13 -41.89 -90.46
C LEU RA 284 -24.00 -40.85 -91.57
N GLU RA 285 -24.46 -39.64 -91.31
CA GLU RA 285 -24.35 -38.60 -92.32
C GLU RA 285 -22.97 -37.98 -92.40
N GLY RA 286 -22.07 -38.34 -91.50
CA GLY RA 286 -20.73 -37.81 -91.54
C GLY RA 286 -20.51 -36.61 -90.65
N VAL RA 287 -21.56 -36.13 -90.02
CA VAL RA 287 -21.40 -35.09 -89.00
C VAL RA 287 -20.63 -35.68 -87.82
N PRO RA 288 -19.52 -35.08 -87.41
CA PRO RA 288 -18.90 -35.48 -86.17
C PRO RA 288 -19.79 -35.09 -85.00
N PRO RA 289 -19.77 -35.86 -83.91
CA PRO RA 289 -20.53 -35.47 -82.73
C PRO RA 289 -19.94 -34.25 -82.09
N PRO RA 290 -20.78 -33.29 -81.69
CA PRO RA 290 -20.27 -32.11 -81.01
C PRO RA 290 -19.72 -32.46 -79.64
N GLY RA 291 -18.67 -31.72 -79.24
CA GLY RA 291 -18.02 -31.99 -77.98
C GLY RA 291 -17.07 -33.16 -77.98
N SER RA 292 -16.86 -33.81 -79.11
CA SER RA 292 -15.99 -34.97 -79.17
C SER RA 292 -14.60 -34.56 -79.65
N ARG RA 293 -13.76 -35.56 -79.91
CA ARG RA 293 -12.45 -35.33 -80.50
C ARG RA 293 -12.20 -36.42 -81.52
N ARG RA 294 -11.04 -36.34 -82.18
CA ARG RA 294 -10.71 -37.25 -83.25
C ARG RA 294 -10.38 -38.63 -82.72
N LEU RA 295 -10.27 -39.57 -83.65
CA LEU RA 295 -9.76 -40.90 -83.39
C LEU RA 295 -8.94 -41.34 -84.60
N VAL RA 296 -8.01 -42.25 -84.38
CA VAL RA 296 -7.07 -42.69 -85.41
C VAL RA 296 -7.34 -44.16 -85.69
N VAL RA 297 -7.70 -44.47 -86.94
CA VAL RA 297 -8.00 -45.83 -87.37
C VAL RA 297 -7.07 -46.18 -88.52
N SER RA 298 -6.55 -47.40 -88.52
CA SER RA 298 -5.74 -47.89 -89.62
C SER RA 298 -6.19 -49.30 -89.99
N GLY RA 299 -5.93 -49.67 -91.24
CA GLY RA 299 -6.27 -50.98 -91.75
C GLY RA 299 -7.50 -51.04 -92.62
N GLY RA 300 -8.27 -49.96 -92.69
CA GLY RA 300 -9.46 -49.94 -93.51
C GLY RA 300 -10.02 -48.53 -93.56
N ASP RA 301 -11.11 -48.38 -94.30
CA ASP RA 301 -11.72 -47.07 -94.49
C ASP RA 301 -12.88 -46.88 -93.52
N ALA RA 302 -12.51 -46.67 -92.26
CA ALA RA 302 -13.46 -46.48 -91.19
C ALA RA 302 -13.23 -45.14 -90.53
N ARG RA 303 -14.30 -44.55 -90.01
CA ARG RA 303 -14.20 -43.33 -89.24
C ARG RA 303 -14.71 -43.58 -87.83
N ALA RA 304 -14.11 -42.88 -86.87
CA ALA RA 304 -14.39 -43.13 -85.48
C ALA RA 304 -14.40 -41.83 -84.69
N TRP RA 305 -15.09 -41.86 -83.56
CA TRP RA 305 -15.22 -40.71 -82.69
C TRP RA 305 -15.40 -41.16 -81.25
N LEU RA 306 -14.95 -40.30 -80.33
CA LEU RA 306 -15.01 -40.53 -78.90
C LEU RA 306 -15.57 -39.29 -78.23
N SER RA 307 -16.78 -39.38 -77.69
CA SER RA 307 -17.44 -38.22 -77.10
C SER RA 307 -17.69 -38.41 -75.61
N ASN RA 308 -18.40 -39.46 -75.22
CA ASN RA 308 -18.85 -39.65 -73.85
C ASN RA 308 -18.47 -41.04 -73.37
N GLU RA 309 -17.20 -41.38 -73.60
CA GLU RA 309 -16.60 -42.69 -73.33
C GLU RA 309 -17.32 -43.80 -74.10
N LYS RA 310 -17.85 -43.44 -75.26
CA LYS RA 310 -18.56 -44.37 -76.12
C LYS RA 310 -18.00 -44.23 -77.51
N MET RA 311 -17.53 -45.33 -78.08
CA MET RA 311 -16.98 -45.30 -79.42
C MET RA 311 -18.11 -45.23 -80.42
N TYR RA 312 -17.99 -44.30 -81.36
CA TYR RA 312 -18.91 -44.22 -82.50
C TYR RA 312 -18.11 -44.50 -83.76
N VAL RA 313 -18.64 -45.34 -84.64
CA VAL RA 313 -17.89 -45.75 -85.82
C VAL RA 313 -18.80 -45.78 -87.04
N ARG RA 314 -18.24 -45.39 -88.18
CA ARG RA 314 -18.89 -45.46 -89.48
C ARG RA 314 -18.03 -46.26 -90.42
N THR RA 315 -18.62 -47.26 -91.06
CA THR RA 315 -17.99 -47.98 -92.16
C THR RA 315 -19.09 -48.43 -93.11
N ASN RA 316 -18.76 -49.38 -93.98
CA ASN RA 316 -19.75 -50.11 -94.75
C ASN RA 316 -19.49 -51.61 -94.67
N LEU RA 317 -18.78 -52.04 -93.64
CA LEU RA 317 -18.38 -53.41 -93.43
C LEU RA 317 -19.28 -54.06 -92.38
N THR RA 318 -18.88 -55.26 -91.95
CA THR RA 318 -19.56 -55.95 -90.87
C THR RA 318 -18.62 -56.03 -89.68
N ILE RA 319 -19.09 -55.61 -88.51
CA ILE RA 319 -18.27 -55.55 -87.31
C ILE RA 319 -18.56 -56.78 -86.46
N LEU RA 320 -17.54 -57.31 -85.80
CA LEU RA 320 -17.66 -58.60 -85.14
C LEU RA 320 -17.33 -58.60 -83.64
N SER RA 321 -16.20 -57.99 -83.24
CA SER RA 321 -15.58 -58.36 -81.96
C SER RA 321 -16.37 -57.92 -80.73
N PRO RA 322 -16.52 -56.61 -80.43
CA PRO RA 322 -16.87 -56.26 -79.04
C PRO RA 322 -18.33 -56.51 -78.68
N GLY RA 323 -19.23 -56.38 -79.63
CA GLY RA 323 -20.65 -56.42 -79.36
C GLY RA 323 -21.10 -54.99 -79.16
N TRP RA 324 -21.80 -54.44 -80.14
CA TRP RA 324 -22.14 -53.04 -80.13
C TRP RA 324 -23.45 -52.82 -79.41
N LEU RA 325 -23.78 -51.55 -79.20
CA LEU RA 325 -25.03 -51.21 -78.52
C LEU RA 325 -26.11 -50.75 -79.47
N ALA RA 326 -25.79 -49.92 -80.45
CA ALA RA 326 -26.81 -49.50 -81.39
C ALA RA 326 -26.23 -49.47 -82.79
N SER RA 327 -27.08 -49.74 -83.78
CA SER RA 327 -26.62 -49.75 -85.16
C SER RA 327 -27.63 -49.07 -86.06
N MET RA 328 -27.12 -48.41 -87.09
CA MET RA 328 -27.90 -47.72 -88.09
C MET RA 328 -27.36 -48.04 -89.47
N THR RA 329 -28.25 -48.06 -90.44
CA THR RA 329 -27.87 -48.34 -91.81
C THR RA 329 -28.53 -47.33 -92.74
N SER RA 330 -27.75 -46.85 -93.71
CA SER RA 330 -28.21 -45.84 -94.65
C SER RA 330 -29.08 -46.49 -95.71
N ALA RA 331 -29.44 -45.71 -96.73
CA ALA RA 331 -30.00 -46.30 -97.94
C ALA RA 331 -28.95 -47.12 -98.68
N ASP RA 332 -27.70 -46.67 -98.66
CA ASP RA 332 -26.63 -47.26 -99.45
C ASP RA 332 -25.85 -48.33 -98.70
N GLY RA 333 -26.37 -48.82 -97.58
CA GLY RA 333 -25.69 -49.86 -96.84
C GLY RA 333 -24.56 -49.38 -95.95
N THR RA 334 -24.41 -48.07 -95.79
CA THR RA 334 -23.41 -47.54 -94.87
C THR RA 334 -23.85 -47.82 -93.45
N HIS RA 335 -22.96 -48.41 -92.66
CA HIS RA 335 -23.27 -48.83 -91.31
C HIS RA 335 -22.63 -47.91 -90.29
N ALA RA 336 -23.37 -47.64 -89.22
CA ALA RA 336 -22.88 -46.85 -88.10
C ALA RA 336 -23.20 -47.60 -86.82
N TYR RA 337 -22.25 -47.58 -85.89
CA TYR RA 337 -22.39 -48.30 -84.65
C TYR RA 337 -22.01 -47.43 -83.47
N GLU RA 338 -22.77 -47.55 -82.39
CA GLU RA 338 -22.40 -47.07 -81.08
C GLU RA 338 -22.05 -48.26 -80.22
N MET RA 339 -20.84 -48.26 -79.67
CA MET RA 339 -20.32 -49.38 -78.91
C MET RA 339 -19.40 -48.85 -77.82
N GLN RA 340 -18.78 -49.76 -77.10
CA GLN RA 340 -17.87 -49.39 -76.02
C GLN RA 340 -16.50 -49.06 -76.57
N LYS RA 341 -15.66 -48.50 -75.70
CA LYS RA 341 -14.28 -48.25 -76.06
C LYS RA 341 -13.52 -49.56 -76.20
N SER RA 342 -12.65 -49.62 -77.20
CA SER RA 342 -11.90 -50.85 -77.49
C SER RA 342 -10.68 -50.47 -78.29
N PRO RA 343 -9.60 -51.23 -78.19
CA PRO RA 343 -8.42 -50.92 -78.99
C PRO RA 343 -8.47 -51.53 -80.38
N VAL RA 344 -9.16 -52.64 -80.57
CA VAL RA 344 -9.12 -53.34 -81.84
C VAL RA 344 -10.51 -53.82 -82.24
N LEU RA 345 -10.65 -54.09 -83.54
CA LEU RA 345 -11.92 -54.47 -84.13
C LEU RA 345 -11.73 -55.69 -85.03
N LEU RA 346 -12.78 -56.50 -85.12
CA LEU RA 346 -12.81 -57.66 -86.01
C LEU RA 346 -13.85 -57.42 -87.08
N VAL RA 347 -13.48 -57.68 -88.34
CA VAL RA 347 -14.35 -57.35 -89.45
C VAL RA 347 -14.34 -58.49 -90.47
N SER RA 348 -15.53 -58.94 -90.85
CA SER RA 348 -15.69 -59.77 -92.04
C SER RA 348 -15.80 -58.85 -93.24
N TRP RA 349 -14.82 -58.92 -94.13
CA TRP RA 349 -14.78 -57.96 -95.24
C TRP RA 349 -15.47 -58.49 -96.48
N HIS RA 350 -14.91 -59.55 -97.07
CA HIS RA 350 -15.44 -60.11 -98.31
C HIS RA 350 -15.36 -61.63 -98.24
N GLY RA 351 -15.79 -62.19 -97.11
CA GLY RA 351 -15.50 -63.57 -96.82
C GLY RA 351 -14.14 -63.77 -96.19
N LYS RA 352 -13.44 -62.69 -95.89
CA LYS RA 352 -12.14 -62.73 -95.26
C LYS RA 352 -12.21 -62.07 -93.89
N VAL RA 353 -11.40 -62.58 -92.98
CA VAL RA 353 -11.36 -62.10 -91.61
C VAL RA 353 -10.25 -61.07 -91.49
N MET RA 354 -10.57 -59.91 -90.89
CA MET RA 354 -9.59 -58.84 -90.80
C MET RA 354 -9.63 -58.21 -89.42
N GLN RA 355 -8.49 -57.62 -89.05
CA GLN RA 355 -8.33 -56.94 -87.78
C GLN RA 355 -8.08 -55.46 -88.03
N LEU RA 356 -8.62 -54.61 -87.17
CA LEU RA 356 -8.46 -53.17 -87.27
C LEU RA 356 -7.88 -52.62 -85.98
N LYS RA 357 -6.92 -51.72 -86.10
CA LYS RA 357 -6.21 -51.16 -84.97
C LYS RA 357 -6.65 -49.74 -84.74
N VAL RA 358 -7.06 -49.43 -83.52
CA VAL RA 358 -7.52 -48.11 -83.13
C VAL RA 358 -6.75 -47.67 -81.89
N GLU RA 359 -6.09 -46.53 -81.97
CA GLU RA 359 -5.38 -45.98 -80.82
C GLU RA 359 -6.04 -44.67 -80.41
N GLY RA 360 -5.44 -44.01 -79.42
CA GLY RA 360 -5.95 -42.74 -78.97
C GLY RA 360 -7.07 -42.82 -77.96
N LEU RA 361 -7.25 -43.97 -77.32
CA LEU RA 361 -8.23 -44.10 -76.26
C LEU RA 361 -7.84 -43.30 -75.02
N VAL SA 38 -0.86 -2.73 -100.95
CA VAL SA 38 -0.17 -2.37 -102.18
C VAL SA 38 1.07 -3.28 -102.48
N PRO SA 39 1.89 -3.66 -101.49
CA PRO SA 39 2.78 -4.81 -101.74
C PRO SA 39 2.01 -6.10 -101.95
N LYS SA 40 0.85 -6.25 -101.30
CA LYS SA 40 0.00 -7.41 -101.49
C LYS SA 40 -1.16 -7.16 -102.44
N LEU SA 41 -1.63 -5.92 -102.53
CA LEU SA 41 -2.66 -5.59 -103.50
C LEU SA 41 -2.06 -5.56 -104.91
N PRO SA 42 -2.84 -5.90 -105.92
CA PRO SA 42 -2.32 -5.87 -107.29
C PRO SA 42 -2.09 -4.46 -107.78
N CYS SA 43 -1.06 -4.31 -108.62
CA CYS SA 43 -0.71 -3.01 -109.16
C CYS SA 43 -1.58 -2.66 -110.37
N ARG SA 44 -1.92 -3.67 -111.17
CA ARG SA 44 -2.72 -3.45 -112.38
C ARG SA 44 -3.57 -4.68 -112.62
N VAL SA 45 -4.41 -4.62 -113.64
CA VAL SA 45 -5.12 -5.81 -114.08
C VAL SA 45 -4.12 -6.77 -114.70
N ASP SA 46 -4.16 -8.02 -114.26
CA ASP SA 46 -3.15 -9.00 -114.67
C ASP SA 46 -3.33 -9.40 -116.12
N GLY SA 47 -2.20 -9.73 -116.77
CA GLY SA 47 -2.19 -10.07 -118.17
C GLY SA 47 -2.51 -8.89 -119.06
N ALA SA 48 -1.83 -7.77 -118.82
CA ALA SA 48 -2.07 -6.56 -119.60
C ALA SA 48 -0.77 -5.80 -119.81
N CYS SA 49 -0.48 -5.47 -121.06
CA CYS SA 49 0.66 -4.63 -121.39
C CYS SA 49 0.30 -3.74 -122.57
N ASP SA 50 0.33 -2.44 -122.33
CA ASP SA 50 -0.13 -1.48 -123.32
C ASP SA 50 0.81 -1.42 -124.52
N ALA SA 51 2.11 -1.59 -124.29
CA ALA SA 51 3.06 -1.64 -125.38
C ALA SA 51 2.80 -2.85 -126.27
N THR SA 52 2.45 -3.97 -125.65
CA THR SA 52 2.06 -5.15 -126.41
C THR SA 52 0.80 -4.89 -127.22
N ILE SA 53 -0.15 -4.15 -126.63
CA ILE SA 53 -1.40 -3.80 -127.31
C ILE SA 53 -1.11 -2.98 -128.56
N ILE SA 54 -0.28 -1.95 -128.41
CA ILE SA 54 0.07 -1.07 -129.53
C ILE SA 54 0.82 -1.84 -130.60
N LYS SA 55 1.77 -2.67 -130.18
CA LYS SA 55 2.61 -3.41 -131.13
C LYS SA 55 1.79 -4.40 -131.93
N MET SA 56 0.88 -5.12 -131.28
CA MET SA 56 0.11 -6.10 -132.04
C MET SA 56 -0.99 -5.43 -132.86
N MET SA 57 -1.48 -4.27 -132.45
CA MET SA 57 -2.38 -3.51 -133.32
C MET SA 57 -1.67 -3.09 -134.60
N THR SA 58 -0.42 -2.65 -134.46
CA THR SA 58 0.39 -2.28 -135.62
C THR SA 58 0.63 -3.49 -136.51
N ASP SA 59 0.92 -4.64 -135.91
CA ASP SA 59 1.20 -5.86 -136.67
C ASP SA 59 -0.05 -6.31 -137.43
N LEU SA 60 -1.22 -6.24 -136.79
CA LEU SA 60 -2.44 -6.65 -137.46
C LEU SA 60 -2.79 -5.72 -138.62
N ASN SA 61 -2.61 -4.41 -138.42
CA ASN SA 61 -2.97 -3.47 -139.47
C ASN SA 61 -2.01 -3.57 -140.65
N LYS SA 62 -0.72 -3.81 -140.38
CA LYS SA 62 0.19 -4.03 -141.50
C LYS SA 62 0.07 -5.42 -142.08
N LYS SA 63 -0.56 -6.34 -141.35
CA LYS SA 63 -0.85 -7.64 -141.93
C LYS SA 63 -2.03 -7.59 -142.87
N GLY SA 64 -3.01 -6.72 -142.59
CA GLY SA 64 -4.09 -6.53 -143.54
C GLY SA 64 -5.46 -6.74 -142.93
N ILE SA 65 -5.48 -7.10 -141.65
CA ILE SA 65 -6.73 -7.23 -140.92
C ILE SA 65 -7.19 -5.85 -140.51
N LYS SA 66 -8.45 -5.53 -140.79
CA LYS SA 66 -8.95 -4.20 -140.48
C LYS SA 66 -9.14 -4.06 -138.98
N VAL SA 67 -8.40 -3.13 -138.38
CA VAL SA 67 -8.49 -2.82 -136.96
C VAL SA 67 -8.87 -1.36 -136.83
N ALA SA 68 -9.90 -1.08 -136.04
CA ALA SA 68 -10.29 0.31 -135.83
C ALA SA 68 -10.95 0.45 -134.47
N SER SA 69 -10.85 1.65 -133.91
CA SER SA 69 -11.45 1.94 -132.62
C SER SA 69 -11.81 3.42 -132.55
N VAL SA 70 -13.01 3.70 -132.07
CA VAL SA 70 -13.44 5.06 -131.78
C VAL SA 70 -13.99 5.05 -130.36
N GLY SA 71 -13.41 5.88 -129.50
CA GLY SA 71 -13.72 5.83 -128.08
C GLY SA 71 -13.26 4.53 -127.47
N GLN SA 72 -14.20 3.72 -127.00
CA GLN SA 72 -13.92 2.35 -126.58
C GLN SA 72 -14.76 1.36 -127.36
N ASN SA 73 -15.24 1.74 -128.53
CA ASN SA 73 -15.98 0.86 -129.41
C ASN SA 73 -15.00 0.29 -130.41
N TYR SA 74 -14.68 -0.99 -130.27
CA TYR SA 74 -13.67 -1.64 -131.08
C TYR SA 74 -14.31 -2.47 -132.17
N LEU SA 75 -13.83 -2.29 -133.40
CA LEU SA 75 -14.24 -3.08 -134.56
C LEU SA 75 -13.02 -3.70 -135.19
N ILE SA 76 -13.10 -5.00 -135.50
CA ILE SA 76 -12.07 -5.67 -136.28
C ILE SA 76 -12.75 -6.52 -137.34
N SER SA 77 -12.31 -6.35 -138.58
CA SER SA 77 -12.87 -7.04 -139.71
C SER SA 77 -11.81 -7.91 -140.39
N ILE SA 78 -12.22 -9.12 -140.77
CA ILE SA 78 -11.37 -10.09 -141.41
C ILE SA 78 -12.01 -10.45 -142.75
N PRO SA 79 -11.27 -10.40 -143.86
CA PRO SA 79 -11.78 -10.95 -145.10
C PRO SA 79 -11.87 -12.46 -145.03
N ALA SA 80 -12.90 -13.01 -145.70
CA ALA SA 80 -13.17 -14.44 -145.60
C ALA SA 80 -12.19 -15.30 -146.39
N SER SA 81 -11.41 -14.70 -147.29
CA SER SA 81 -10.53 -15.47 -148.15
C SER SA 81 -9.37 -16.06 -147.36
N ALA SA 82 -8.89 -15.34 -146.36
CA ALA SA 82 -7.80 -15.84 -145.54
C ALA SA 82 -8.28 -16.77 -144.44
N LEU SA 83 -9.58 -17.01 -144.34
CA LEU SA 83 -10.12 -17.87 -143.30
C LEU SA 83 -10.77 -19.13 -143.83
N PHE SA 84 -11.34 -19.10 -145.02
CA PHE SA 84 -12.06 -20.24 -145.56
C PHE SA 84 -11.63 -20.48 -146.99
N ALA SA 85 -12.17 -21.55 -147.58
CA ALA SA 85 -12.06 -21.79 -149.00
C ALA SA 85 -13.29 -21.21 -149.69
N ASP SA 86 -13.44 -21.50 -150.98
CA ASP SA 86 -14.49 -20.87 -151.77
C ASP SA 86 -15.86 -21.45 -151.40
N GLN SA 87 -16.74 -20.56 -150.92
CA GLN SA 87 -18.11 -20.90 -150.49
C GLN SA 87 -18.11 -21.97 -149.41
N SER SA 88 -17.08 -21.94 -148.56
CA SER SA 88 -16.80 -23.05 -147.69
C SER SA 88 -17.03 -22.66 -146.23
N PRO SA 89 -17.83 -23.41 -145.50
CA PRO SA 89 -17.89 -23.26 -144.05
C PRO SA 89 -16.85 -24.14 -143.35
N ARG SA 90 -15.60 -24.01 -143.76
CA ARG SA 90 -14.53 -24.86 -143.26
C ARG SA 90 -13.28 -24.02 -143.07
N LEU SA 91 -12.56 -24.28 -141.99
CA LEU SA 91 -11.38 -23.50 -141.64
C LEU SA 91 -10.13 -24.11 -142.25
N ASN SA 92 -9.24 -23.25 -142.74
CA ASN SA 92 -7.93 -23.73 -143.15
C ASN SA 92 -7.09 -23.99 -141.91
N TRP SA 93 -6.10 -24.87 -142.06
CA TRP SA 93 -5.29 -25.24 -140.92
C TRP SA 93 -4.30 -24.15 -140.54
N ALA SA 94 -3.81 -23.39 -141.51
CA ALA SA 94 -2.89 -22.31 -141.18
C ALA SA 94 -3.58 -21.15 -140.50
N SER SA 95 -4.90 -21.01 -140.68
CA SER SA 95 -5.67 -19.91 -140.12
C SER SA 95 -5.86 -20.02 -138.62
N TYR SA 96 -5.53 -21.17 -138.03
CA TYR SA 96 -5.54 -21.30 -136.58
C TYR SA 96 -4.51 -20.40 -135.92
N SER SA 97 -3.40 -20.11 -136.61
CA SER SA 97 -2.46 -19.12 -136.12
C SER SA 97 -3.09 -17.75 -136.03
N LEU SA 98 -3.85 -17.37 -137.06
CA LEU SA 98 -4.55 -16.09 -137.06
C LEU SA 98 -5.58 -16.02 -135.94
N LEU SA 99 -6.29 -17.13 -135.74
CA LEU SA 99 -7.28 -17.16 -134.66
C LEU SA 99 -6.61 -17.11 -133.29
N ASN SA 100 -5.45 -17.76 -133.14
CA ASN SA 100 -4.75 -17.72 -131.86
C ASN SA 100 -4.22 -16.34 -131.54
N GLU SA 101 -3.69 -15.64 -132.55
CA GLU SA 101 -3.19 -14.30 -132.25
C GLU SA 101 -4.33 -13.29 -132.07
N ILE SA 102 -5.47 -13.48 -132.73
CA ILE SA 102 -6.56 -12.56 -132.48
C ILE SA 102 -7.19 -12.85 -131.12
N ALA SA 103 -7.12 -14.10 -130.66
CA ALA SA 103 -7.53 -14.40 -129.30
C ALA SA 103 -6.56 -13.80 -128.28
N ALA SA 104 -5.27 -13.79 -128.63
CA ALA SA 104 -4.28 -13.14 -127.79
C ALA SA 104 -4.53 -11.65 -127.68
N PHE SA 105 -4.94 -11.02 -128.78
CA PHE SA 105 -5.33 -9.61 -128.72
C PHE SA 105 -6.59 -9.43 -127.88
N LEU SA 106 -7.55 -10.35 -127.99
CA LEU SA 106 -8.78 -10.23 -127.23
C LEU SA 106 -8.56 -10.50 -125.75
N LYS SA 107 -7.45 -11.14 -125.38
CA LYS SA 107 -7.13 -11.40 -123.98
C LYS SA 107 -6.95 -10.13 -123.17
N GLN SA 108 -6.54 -9.03 -123.82
CA GLN SA 108 -6.10 -7.86 -123.08
C GLN SA 108 -7.25 -6.98 -122.58
N PHE SA 109 -8.48 -7.28 -122.93
CA PHE SA 109 -9.58 -6.36 -122.62
C PHE SA 109 -10.60 -7.00 -121.71
N ARG SA 110 -11.06 -6.23 -120.73
CA ARG SA 110 -12.14 -6.63 -119.85
C ARG SA 110 -13.46 -6.24 -120.52
N LYS SA 111 -14.13 -7.22 -121.11
CA LYS SA 111 -15.29 -6.99 -121.96
C LYS SA 111 -16.55 -7.49 -121.27
N ILE SA 112 -17.69 -7.27 -121.93
CA ILE SA 112 -18.95 -7.80 -121.44
C ILE SA 112 -19.60 -8.66 -122.52
N ALA SA 113 -19.87 -8.05 -123.66
CA ALA SA 113 -20.57 -8.68 -124.76
C ALA SA 113 -19.74 -8.53 -126.03
N ILE SA 114 -19.56 -9.63 -126.74
CA ILE SA 114 -18.81 -9.64 -127.98
C ILE SA 114 -19.75 -10.05 -129.10
N THR SA 115 -19.87 -9.21 -130.13
CA THR SA 115 -20.76 -9.48 -131.24
C THR SA 115 -19.96 -9.89 -132.45
N VAL SA 116 -20.33 -11.03 -133.04
CA VAL SA 116 -19.71 -11.57 -134.23
C VAL SA 116 -20.76 -11.64 -135.32
N THR SA 117 -20.46 -11.07 -136.48
CA THR SA 117 -21.37 -11.16 -137.59
C THR SA 117 -20.62 -11.54 -138.87
N SER SA 118 -21.36 -12.12 -139.78
CA SER SA 118 -20.78 -12.67 -141.01
C SER SA 118 -21.54 -12.20 -142.24
N TYR SA 119 -20.81 -11.75 -143.26
CA TYR SA 119 -21.40 -11.37 -144.53
C TYR SA 119 -20.59 -11.94 -145.67
N SER SA 120 -21.27 -12.23 -146.78
CA SER SA 120 -20.64 -12.84 -147.94
C SER SA 120 -21.20 -12.20 -149.20
N SER SA 121 -20.96 -12.83 -150.33
CA SER SA 121 -21.48 -12.41 -151.62
C SER SA 121 -22.76 -13.17 -151.94
N LYS SA 122 -23.34 -12.85 -153.09
CA LYS SA 122 -24.51 -13.56 -153.60
C LYS SA 122 -24.03 -14.66 -154.53
N TYR SA 123 -24.27 -15.92 -154.17
CA TYR SA 123 -23.74 -17.03 -154.95
C TYR SA 123 -24.83 -17.88 -155.59
N VAL SA 124 -25.73 -18.48 -154.81
CA VAL SA 124 -26.79 -19.31 -155.38
C VAL SA 124 -28.13 -18.87 -154.84
N SER SA 125 -28.27 -18.88 -153.52
CA SER SA 125 -29.55 -18.64 -152.89
C SER SA 125 -29.37 -17.80 -151.64
N VAL SA 126 -30.44 -17.09 -151.29
CA VAL SA 126 -30.44 -16.21 -150.13
C VAL SA 126 -30.28 -17.02 -148.86
N LYS SA 127 -31.05 -18.10 -148.71
CA LYS SA 127 -30.89 -18.94 -147.53
C LYS SA 127 -29.60 -19.74 -147.58
N ARG SA 128 -29.05 -19.98 -148.78
CA ARG SA 128 -27.75 -20.64 -148.88
C ARG SA 128 -26.65 -19.77 -148.29
N GLU SA 129 -26.62 -18.49 -148.68
CA GLU SA 129 -25.62 -17.61 -148.10
C GLU SA 129 -25.92 -17.30 -146.64
N ARG SA 130 -27.21 -17.33 -146.25
CA ARG SA 130 -27.57 -17.17 -144.85
C ARG SA 130 -27.01 -18.30 -144.00
N ALA SA 131 -27.14 -19.53 -144.49
CA ALA SA 131 -26.62 -20.69 -143.76
C ALA SA 131 -25.10 -20.68 -143.73
N LEU SA 132 -24.46 -20.23 -144.82
CA LEU SA 132 -23.01 -20.13 -144.84
C LEU SA 132 -22.51 -19.14 -143.81
N THR SA 133 -23.15 -17.97 -143.75
CA THR SA 133 -22.77 -16.96 -142.76
C THR SA 133 -23.01 -17.46 -141.35
N LEU SA 134 -24.13 -18.14 -141.13
CA LEU SA 134 -24.45 -18.66 -139.81
C LEU SA 134 -23.45 -19.72 -139.38
N ALA SA 135 -23.03 -20.57 -140.30
CA ALA SA 135 -22.07 -21.62 -139.99
C ALA SA 135 -20.71 -21.03 -139.66
N ARG SA 136 -20.25 -20.05 -140.46
CA ARG SA 136 -18.95 -19.45 -140.22
C ARG SA 136 -18.91 -18.70 -138.89
N SER SA 137 -19.98 -17.95 -138.61
CA SER SA 137 -20.07 -17.24 -137.33
C SER SA 137 -20.14 -18.21 -136.17
N ARG SA 138 -20.86 -19.32 -136.34
CA ARG SA 138 -21.02 -20.28 -135.26
C ARG SA 138 -19.70 -20.97 -134.93
N VAL SA 139 -18.94 -21.36 -135.96
CA VAL SA 139 -17.69 -22.07 -135.69
C VAL SA 139 -16.64 -21.12 -135.12
N VAL SA 140 -16.61 -19.86 -135.58
CA VAL SA 140 -15.62 -18.95 -135.02
C VAL SA 140 -16.01 -18.57 -133.59
N SER SA 141 -17.31 -18.52 -133.29
CA SER SA 141 -17.76 -18.26 -131.93
C SER SA 141 -17.37 -19.40 -131.00
N GLU SA 142 -17.52 -20.64 -131.47
CA GLU SA 142 -17.18 -21.78 -130.62
C GLU SA 142 -15.69 -21.84 -130.34
N TYR SA 143 -14.85 -21.59 -131.35
CA TYR SA 143 -13.41 -21.64 -131.07
C TYR SA 143 -12.96 -20.47 -130.21
N LEU SA 144 -13.61 -19.31 -130.37
CA LEU SA 144 -13.25 -18.17 -129.54
C LEU SA 144 -13.65 -18.38 -128.10
N TRP SA 145 -14.80 -19.01 -127.85
CA TRP SA 145 -15.14 -19.39 -126.49
C TRP SA 145 -14.21 -20.48 -125.97
N SER SA 146 -13.74 -21.36 -126.86
CA SER SA 146 -12.85 -22.45 -126.43
C SER SA 146 -11.53 -21.90 -125.91
N GLN SA 147 -10.98 -20.91 -126.57
CA GLN SA 147 -9.87 -20.23 -125.92
C GLN SA 147 -10.39 -19.27 -124.87
N GLY SA 148 -9.49 -18.83 -124.00
CA GLY SA 148 -9.91 -18.11 -122.81
C GLY SA 148 -10.28 -16.67 -123.01
N VAL SA 149 -11.40 -16.41 -123.67
CA VAL SA 149 -11.92 -15.06 -123.72
C VAL SA 149 -12.59 -14.74 -122.40
N ASP SA 150 -12.53 -13.49 -121.99
CA ASP SA 150 -13.16 -13.07 -120.75
C ASP SA 150 -14.50 -12.42 -121.02
N SER SA 151 -15.43 -13.22 -121.53
CA SER SA 151 -16.75 -12.70 -121.87
C SER SA 151 -17.81 -13.28 -120.96
N ARG SA 152 -18.89 -12.52 -120.82
CA ARG SA 152 -20.13 -13.07 -120.30
C ARG SA 152 -21.15 -13.33 -121.41
N ILE SA 153 -21.18 -12.47 -122.43
CA ILE SA 153 -22.15 -12.57 -123.50
C ILE SA 153 -21.42 -12.70 -124.83
N ILE SA 154 -21.80 -13.70 -125.61
CA ILE SA 154 -21.30 -13.90 -126.96
C ILE SA 154 -22.50 -13.94 -127.88
N PHE SA 155 -22.50 -13.11 -128.92
CA PHE SA 155 -23.55 -13.13 -129.93
C PHE SA 155 -22.96 -13.45 -131.28
N THR SA 156 -23.67 -14.27 -132.06
CA THR SA 156 -23.27 -14.58 -133.43
C THR SA 156 -24.48 -14.45 -134.34
N GLN SA 157 -24.27 -13.78 -135.48
CA GLN SA 157 -25.30 -13.73 -136.51
C GLN SA 157 -24.66 -13.45 -137.86
N GLY SA 158 -25.34 -13.85 -138.91
CA GLY SA 158 -24.89 -13.60 -140.26
C GLY SA 158 -26.03 -13.08 -141.10
N LEU SA 159 -25.71 -12.17 -142.02
CA LEU SA 159 -26.74 -11.52 -142.81
C LEU SA 159 -26.53 -11.70 -144.31
N GLY SA 160 -25.71 -12.67 -144.72
CA GLY SA 160 -25.60 -13.00 -146.13
C GLY SA 160 -24.89 -11.98 -146.98
N SER SA 161 -25.66 -11.27 -147.81
CA SER SA 161 -25.09 -10.30 -148.74
C SER SA 161 -25.96 -9.05 -148.82
N ASP SA 162 -26.64 -8.71 -147.74
CA ASP SA 162 -27.67 -7.69 -147.80
C ASP SA 162 -27.15 -6.28 -147.55
N LYS SA 163 -26.02 -6.13 -146.88
CA LYS SA 163 -25.44 -4.82 -146.61
C LYS SA 163 -23.99 -4.80 -147.08
N PRO SA 164 -23.76 -4.64 -148.38
CA PRO SA 164 -22.39 -4.49 -148.85
C PRO SA 164 -21.85 -3.12 -148.49
N ILE SA 165 -20.56 -3.08 -148.18
CA ILE SA 165 -19.90 -1.83 -147.88
C ILE SA 165 -19.24 -1.23 -149.10
N THR SA 166 -19.37 -1.88 -150.26
CA THR SA 166 -18.79 -1.38 -151.49
C THR SA 166 -19.64 -1.88 -152.65
N SER SA 167 -20.06 -0.97 -153.53
CA SER SA 167 -20.85 -1.36 -154.69
C SER SA 167 -20.02 -2.05 -155.77
N TYR SA 168 -18.69 -2.05 -155.65
CA TYR SA 168 -17.84 -2.76 -156.59
C TYR SA 168 -17.97 -4.26 -156.34
N THR SA 169 -18.85 -4.91 -157.08
CA THR SA 169 -19.24 -6.29 -156.81
C THR SA 169 -18.60 -7.26 -157.79
N LEU SA 170 -17.35 -7.02 -158.17
CA LEU SA 170 -16.69 -7.84 -159.18
C LEU SA 170 -16.37 -9.24 -158.64
N GLY SA 171 -15.76 -9.31 -157.47
CA GLY SA 171 -15.26 -10.59 -156.99
C GLY SA 171 -16.30 -11.40 -156.26
N GLY SA 172 -15.94 -12.67 -156.03
CA GLY SA 172 -16.77 -13.55 -155.22
C GLY SA 172 -16.26 -13.61 -153.80
N ASP SA 173 -15.66 -14.73 -153.42
CA ASP SA 173 -15.06 -14.85 -152.10
C ASP SA 173 -13.73 -14.11 -151.99
N ARG SA 174 -13.13 -13.74 -153.11
CA ARG SA 174 -11.94 -12.89 -153.09
C ARG SA 174 -12.28 -11.42 -153.01
N SER SA 175 -13.55 -11.06 -153.12
CA SER SA 175 -13.96 -9.67 -153.02
C SER SA 175 -13.77 -9.17 -151.59
N PRO SA 176 -13.39 -7.90 -151.40
CA PRO SA 176 -13.17 -7.40 -150.04
C PRO SA 176 -14.45 -7.23 -149.23
N ASN SA 177 -15.62 -7.22 -149.86
CA ASN SA 177 -16.84 -6.99 -149.10
C ASN SA 177 -17.33 -8.23 -148.36
N ALA SA 178 -16.83 -9.41 -148.69
CA ALA SA 178 -17.20 -10.63 -147.98
C ALA SA 178 -16.27 -10.77 -146.78
N ARG SA 179 -16.83 -10.71 -145.58
CA ARG SA 179 -16.01 -10.47 -144.41
C ARG SA 179 -16.72 -10.96 -143.16
N VAL SA 180 -16.01 -10.90 -142.03
CA VAL SA 180 -16.56 -11.17 -140.72
C VAL SA 180 -16.10 -10.08 -139.77
N GLU SA 181 -17.02 -9.64 -138.92
CA GLU SA 181 -16.80 -8.50 -138.05
C GLU SA 181 -16.94 -8.89 -136.60
N ILE SA 182 -16.00 -8.42 -135.79
CA ILE SA 182 -16.03 -8.54 -134.34
C ILE SA 182 -16.16 -7.14 -133.79
N THR SA 183 -17.19 -6.92 -132.98
CA THR SA 183 -17.48 -5.60 -132.45
C THR SA 183 -17.80 -5.69 -130.96
N PHE SA 184 -17.30 -4.72 -130.20
CA PHE SA 184 -17.69 -4.61 -128.80
C PHE SA 184 -17.44 -3.20 -128.28
N ARG SA 185 -17.86 -2.98 -127.05
CA ARG SA 185 -17.56 -1.78 -126.29
C ARG SA 185 -16.86 -2.19 -124.99
N ARG SA 186 -15.72 -1.59 -124.73
CA ARG SA 186 -15.02 -1.82 -123.47
C ARG SA 186 -15.79 -1.20 -122.31
N ALA SA 187 -15.85 -1.92 -121.20
CA ALA SA 187 -16.51 -1.44 -119.98
C ALA SA 187 -15.45 -1.12 -118.95
N VAL SA 188 -15.13 0.16 -118.83
CA VAL SA 188 -14.13 0.71 -117.90
C VAL SA 188 -12.76 0.05 -118.04
N CYS TA 42 2.23 -31.44 -150.34
CA CYS TA 42 2.85 -32.24 -149.29
C CYS TA 42 1.84 -33.09 -148.55
N PHE TA 43 1.22 -32.52 -147.53
CA PHE TA 43 0.31 -33.27 -146.68
C PHE TA 43 -0.66 -32.31 -146.01
N HIS TA 44 -1.85 -32.80 -145.71
CA HIS TA 44 -2.85 -32.02 -145.00
C HIS TA 44 -3.17 -32.67 -143.66
N PRO TA 45 -3.05 -31.95 -142.56
CA PRO TA 45 -3.53 -32.44 -141.25
C PRO TA 45 -5.01 -32.80 -141.22
N PRO TA 46 -5.92 -32.10 -141.98
CA PRO TA 46 -7.28 -32.69 -141.94
C PRO TA 46 -7.45 -33.93 -142.83
N TYR TA 47 -6.90 -35.05 -142.33
CA TYR TA 47 -7.03 -36.40 -142.89
C TYR TA 47 -6.56 -36.51 -144.33
N ASN TA 48 -5.71 -35.56 -144.76
CA ASN TA 48 -5.26 -35.38 -146.14
C ASN TA 48 -6.44 -35.33 -147.11
N ASN TA 49 -7.53 -34.69 -146.67
CA ASN TA 49 -8.79 -34.56 -147.41
C ASN TA 49 -9.33 -35.91 -147.86
N PHE TA 50 -9.17 -36.91 -146.99
CA PHE TA 50 -9.56 -38.31 -147.24
C PHE TA 50 -8.89 -38.87 -148.49
N GLN TA 51 -7.64 -38.50 -148.70
CA GLN TA 51 -6.91 -39.19 -149.75
C GLN TA 51 -5.83 -40.06 -149.15
N PRO TA 52 -5.58 -41.24 -149.73
CA PRO TA 52 -4.49 -42.09 -149.23
C PRO TA 52 -3.14 -41.47 -149.55
N ASP TA 53 -2.32 -41.31 -148.53
CA ASP TA 53 -1.08 -40.56 -148.62
C ASP TA 53 -0.01 -41.35 -149.38
N ARG TA 54 1.03 -40.63 -149.79
CA ARG TA 54 2.22 -41.23 -150.38
C ARG TA 54 3.44 -40.50 -149.83
N ARG TA 55 3.97 -41.01 -148.72
CA ARG TA 55 5.16 -40.46 -148.09
C ARG TA 55 6.38 -41.34 -148.26
N ALA TA 56 6.22 -42.59 -148.69
CA ALA TA 56 7.38 -43.45 -148.91
C ALA TA 56 8.18 -42.98 -150.12
N VAL TA 57 7.51 -42.37 -151.10
CA VAL TA 57 8.22 -41.70 -152.19
C VAL TA 57 9.04 -40.54 -151.66
N LYS TA 58 8.50 -39.80 -150.69
CA LYS TA 58 9.26 -38.71 -150.07
C LYS TA 58 10.47 -39.24 -149.31
N ARG TA 59 10.30 -40.36 -148.60
CA ARG TA 59 11.40 -40.95 -147.85
C ARG TA 59 12.50 -41.46 -148.76
N VAL TA 60 12.14 -42.13 -149.86
CA VAL TA 60 13.19 -42.61 -150.76
C VAL TA 60 13.81 -41.45 -151.55
N GLY TA 61 13.04 -40.38 -151.78
CA GLY TA 61 13.61 -39.20 -152.42
C GLY TA 61 14.63 -38.50 -151.55
N VAL TA 62 14.32 -38.32 -150.27
CA VAL TA 62 15.28 -37.69 -149.38
C VAL TA 62 16.42 -38.63 -149.01
N ASP TA 63 16.25 -39.94 -149.18
CA ASP TA 63 17.40 -40.83 -149.03
C ASP TA 63 18.31 -40.76 -150.25
N THR TA 64 17.73 -40.68 -151.45
CA THR TA 64 18.54 -40.61 -152.66
C THR TA 64 19.18 -39.25 -152.86
N GLY TA 65 18.65 -38.20 -152.25
CA GLY TA 65 19.23 -36.87 -152.39
C GLY TA 65 20.57 -36.69 -151.71
N GLY TA 88 20.33 -43.12 -151.06
CA GLY TA 88 20.29 -44.45 -151.66
C GLY TA 88 18.89 -45.02 -151.75
N GLY TA 89 18.56 -45.53 -152.94
CA GLY TA 89 17.24 -46.09 -153.16
C GLY TA 89 16.99 -47.35 -152.35
N THR TA 90 18.01 -48.20 -152.24
CA THR TA 90 17.88 -49.46 -151.52
C THR TA 90 17.72 -49.25 -150.02
N VAL TA 91 18.54 -48.37 -149.43
CA VAL TA 91 18.42 -48.08 -148.01
C VAL TA 91 17.12 -47.33 -147.74
N GLY TA 92 16.68 -46.48 -148.67
CA GLY TA 92 15.38 -45.85 -148.53
C GLY TA 92 14.23 -46.84 -148.55
N LEU TA 93 14.26 -47.82 -149.45
CA LEU TA 93 13.15 -48.77 -149.54
C LEU TA 93 13.16 -49.75 -148.37
N VAL TA 94 14.34 -50.15 -147.88
CA VAL TA 94 14.34 -51.05 -146.73
C VAL TA 94 13.95 -50.30 -145.47
N ALA TA 95 14.26 -49.00 -145.39
CA ALA TA 95 13.76 -48.18 -144.28
C ALA TA 95 12.25 -48.03 -144.36
N SER TA 96 11.72 -47.90 -145.58
CA SER TA 96 10.27 -47.81 -145.75
C SER TA 96 9.57 -49.10 -145.34
N ILE TA 97 10.11 -50.26 -145.75
CA ILE TA 97 9.45 -51.50 -145.38
C ILE TA 97 9.70 -51.88 -143.93
N TYR TA 98 10.76 -51.34 -143.31
CA TYR TA 98 10.91 -51.45 -141.87
C TYR TA 98 9.96 -50.53 -141.14
N ARG TA 99 9.56 -49.43 -141.79
CA ARG TA 99 8.68 -48.47 -141.15
C ARG TA 99 7.22 -48.91 -141.21
N ASP TA 100 6.75 -49.33 -142.38
CA ASP TA 100 5.34 -49.67 -142.53
C ASP TA 100 5.03 -51.13 -142.22
N SER TA 101 5.84 -51.77 -141.37
CA SER TA 101 5.50 -53.10 -140.90
C SER TA 101 4.30 -53.02 -139.96
N LYS TA 102 3.57 -54.15 -139.89
CA LYS TA 102 2.42 -54.23 -138.99
C LYS TA 102 2.84 -54.11 -137.53
N ARG TA 103 3.99 -54.70 -137.19
CA ARG TA 103 4.51 -54.63 -135.84
C ARG TA 103 4.88 -53.20 -135.46
N LYS TA 104 5.44 -52.43 -136.40
CA LYS TA 104 5.77 -51.04 -136.12
C LYS TA 104 4.51 -50.20 -135.97
N ILE TA 105 3.46 -50.51 -136.73
CA ILE TA 105 2.18 -49.84 -136.57
C ILE TA 105 1.60 -50.11 -135.19
N ILE TA 106 1.69 -51.36 -134.74
CA ILE TA 106 1.21 -51.75 -133.41
C ILE TA 106 2.02 -51.05 -132.32
N ARG TA 107 3.34 -50.96 -132.51
CA ARG TA 107 4.18 -50.29 -131.54
C ARG TA 107 3.91 -48.78 -131.51
N ASP TA 108 3.56 -48.20 -132.65
CA ASP TA 108 3.14 -46.79 -132.67
C ASP TA 108 1.84 -46.60 -131.91
N LEU TA 109 0.91 -47.53 -132.08
CA LEU TA 109 -0.35 -47.42 -131.34
C LEU TA 109 -0.16 -47.65 -129.85
N GLN TA 110 0.86 -48.42 -129.48
CA GLN TA 110 1.22 -48.59 -128.08
C GLN TA 110 1.96 -47.38 -127.54
N LYS TA 111 2.73 -46.70 -128.40
CA LYS TA 111 3.31 -45.41 -128.05
C LYS TA 111 2.22 -44.39 -127.79
N GLN TA 112 1.16 -44.43 -128.60
CA GLN TA 112 -0.04 -43.70 -128.30
C GLN TA 112 -0.85 -44.43 -127.24
N ASP TA 113 -1.98 -43.86 -126.86
CA ASP TA 113 -2.80 -44.41 -125.79
C ASP TA 113 -3.88 -45.34 -126.33
N ILE TA 114 -3.50 -46.30 -127.17
CA ILE TA 114 -4.44 -47.14 -127.90
C ILE TA 114 -4.15 -48.59 -127.56
N GLN TA 115 -5.19 -49.35 -127.21
CA GLN TA 115 -5.01 -50.74 -126.82
C GLN TA 115 -5.33 -51.66 -127.99
N TYR TA 116 -4.46 -52.63 -128.24
CA TYR TA 116 -4.64 -53.64 -129.28
C TYR TA 116 -4.64 -55.02 -128.65
N VAL TA 117 -5.55 -55.88 -129.08
CA VAL TA 117 -5.61 -57.26 -128.62
C VAL TA 117 -5.81 -58.17 -129.83
N GLU TA 118 -4.92 -59.15 -129.98
CA GLU TA 118 -5.05 -60.20 -130.98
C GLU TA 118 -5.06 -61.54 -130.29
N TYR TA 119 -6.13 -62.31 -130.51
CA TYR TA 119 -6.30 -63.59 -129.85
C TYR TA 119 -7.27 -64.44 -130.63
N GLY TA 120 -6.82 -65.59 -131.11
CA GLY TA 120 -7.68 -66.44 -131.91
C GLY TA 120 -7.87 -65.83 -133.30
N ASP TA 121 -9.09 -65.98 -133.82
CA ASP TA 121 -9.42 -65.45 -135.13
C ASP TA 121 -10.03 -64.06 -135.07
N THR TA 122 -10.20 -63.50 -133.88
CA THR TA 122 -10.81 -62.19 -133.72
C THR TA 122 -9.79 -61.21 -133.17
N ARG TA 123 -9.93 -59.95 -133.56
CA ARG TA 123 -9.03 -58.91 -133.10
C ARG TA 123 -9.85 -57.72 -132.59
N THR TA 124 -9.31 -57.04 -131.59
CA THR TA 124 -10.04 -55.97 -130.92
C THR TA 124 -9.13 -54.78 -130.66
N LEU TA 125 -9.75 -53.62 -130.59
CA LEU TA 125 -9.09 -52.34 -130.37
C LEU TA 125 -9.88 -51.55 -129.35
N ILE TA 126 -9.17 -50.88 -128.45
CA ILE TA 126 -9.78 -50.10 -127.39
C ILE TA 126 -9.27 -48.67 -127.48
N ILE TA 127 -10.21 -47.73 -127.57
CA ILE TA 127 -9.92 -46.31 -127.78
C ILE TA 127 -10.48 -45.53 -126.61
N PRO TA 128 -9.71 -44.64 -125.97
CA PRO TA 128 -10.21 -43.88 -124.82
C PRO TA 128 -10.97 -42.63 -125.25
N THR TA 129 -12.25 -42.57 -124.86
CA THR TA 129 -13.16 -41.54 -125.33
C THR TA 129 -12.77 -40.17 -124.79
N ASP TA 130 -12.48 -40.08 -123.50
CA ASP TA 130 -12.20 -38.80 -122.87
C ASP TA 130 -10.89 -38.20 -123.33
N LYS TA 131 -9.97 -39.01 -123.85
CA LYS TA 131 -8.78 -38.43 -124.43
C LYS TA 131 -8.98 -38.07 -125.89
N TYR TA 132 -9.67 -38.90 -126.66
CA TYR TA 132 -9.73 -38.66 -128.10
C TYR TA 132 -11.01 -37.97 -128.53
N PHE TA 133 -11.75 -37.37 -127.61
CA PHE TA 133 -12.87 -36.50 -127.97
C PHE TA 133 -12.86 -35.30 -127.04
N MET TA 134 -13.56 -34.26 -127.46
CA MET TA 134 -13.89 -33.20 -126.51
C MET TA 134 -14.92 -33.71 -125.52
N PHE TA 135 -15.02 -33.02 -124.39
CA PHE TA 135 -15.80 -33.52 -123.27
C PHE TA 135 -17.28 -33.47 -123.56
N SER TA 136 -17.95 -34.60 -123.32
CA SER TA 136 -19.41 -34.74 -123.32
C SER TA 136 -20.02 -34.34 -124.66
N SER TA 137 -19.32 -34.65 -125.73
CA SER TA 137 -19.75 -34.29 -127.06
C SER TA 137 -19.36 -35.39 -128.02
N PRO TA 138 -20.14 -35.60 -129.09
CA PRO TA 138 -19.73 -36.55 -130.12
C PRO TA 138 -18.69 -35.99 -131.09
N ARG TA 139 -18.17 -34.80 -130.86
CA ARG TA 139 -17.24 -34.19 -131.79
C ARG TA 139 -15.86 -34.82 -131.68
N LEU TA 140 -15.24 -35.06 -132.83
CA LEU TA 140 -13.94 -35.69 -132.88
C LEU TA 140 -12.85 -34.71 -132.49
N ASN TA 141 -11.96 -35.12 -131.61
CA ASN TA 141 -10.82 -34.30 -131.26
C ASN TA 141 -9.83 -34.25 -132.41
N GLU TA 142 -9.31 -33.07 -132.71
CA GLU TA 142 -8.48 -32.90 -133.89
C GLU TA 142 -7.00 -33.09 -133.61
N ILE TA 143 -6.61 -33.24 -132.35
CA ILE TA 143 -5.19 -33.40 -132.04
C ILE TA 143 -4.72 -34.79 -132.43
N CYS TA 144 -5.57 -35.80 -132.24
CA CYS TA 144 -5.17 -37.19 -132.34
C CYS TA 144 -5.33 -37.75 -133.75
N TYR TA 145 -5.25 -36.88 -134.76
CA TYR TA 145 -5.31 -37.33 -136.15
C TYR TA 145 -4.24 -38.36 -136.58
N PRO TA 146 -2.96 -38.32 -136.16
CA PRO TA 146 -2.04 -39.34 -136.68
C PRO TA 146 -2.34 -40.73 -136.16
N GLY TA 147 -2.96 -40.83 -134.98
CA GLY TA 147 -3.46 -42.11 -134.53
C GLY TA 147 -4.55 -42.65 -135.45
N LEU TA 148 -5.40 -41.78 -135.96
CA LEU TA 148 -6.45 -42.20 -136.87
C LEU TA 148 -5.87 -42.60 -138.22
N ASN TA 149 -4.83 -41.90 -138.66
CA ASN TA 149 -4.13 -42.28 -139.89
C ASN TA 149 -3.49 -43.66 -139.75
N ASN TA 150 -2.88 -43.91 -138.59
CA ASN TA 150 -2.33 -45.23 -138.33
C ASN TA 150 -3.43 -46.28 -138.19
N VAL TA 151 -4.60 -45.89 -137.71
CA VAL TA 151 -5.73 -46.80 -137.61
C VAL TA 151 -6.15 -47.26 -139.00
N ILE TA 152 -6.23 -46.32 -139.94
CA ILE TA 152 -6.57 -46.66 -141.32
C ILE TA 152 -5.47 -47.53 -141.93
N ARG TA 153 -4.21 -47.18 -141.68
CA ARG TA 153 -3.09 -47.94 -142.23
C ARG TA 153 -3.04 -49.36 -141.68
N LEU TA 154 -3.48 -49.57 -140.45
CA LEU TA 154 -3.57 -50.93 -139.93
C LEU TA 154 -4.75 -51.67 -140.54
N LEU TA 155 -5.93 -51.06 -140.49
CA LEU TA 155 -7.14 -51.81 -140.83
C LEU TA 155 -7.31 -52.02 -142.32
N ASN TA 156 -6.47 -51.40 -143.16
CA ASN TA 156 -6.49 -51.72 -144.58
C ASN TA 156 -6.08 -53.16 -144.88
N PHE TA 157 -5.37 -53.82 -143.98
CA PHE TA 157 -4.86 -55.16 -144.27
C PHE TA 157 -5.86 -56.27 -144.00
N TYR TA 158 -7.08 -55.96 -143.61
CA TYR TA 158 -8.12 -56.97 -143.38
C TYR TA 158 -9.36 -56.59 -144.19
N PRO TA 159 -9.31 -56.75 -145.51
CA PRO TA 159 -10.27 -56.07 -146.39
C PRO TA 159 -11.59 -56.80 -146.62
N GLN TA 160 -11.93 -57.84 -145.85
CA GLN TA 160 -13.21 -58.51 -146.04
C GLN TA 160 -14.01 -58.75 -144.78
N SER TA 161 -13.41 -58.64 -143.59
CA SER TA 161 -14.13 -58.94 -142.38
C SER TA 161 -15.14 -57.84 -142.06
N THR TA 162 -16.29 -58.24 -141.52
CA THR TA 162 -17.26 -57.28 -141.04
C THR TA 162 -16.77 -56.67 -139.73
N ILE TA 163 -17.26 -55.47 -139.44
CA ILE TA 163 -16.72 -54.65 -138.38
C ILE TA 163 -17.81 -54.42 -137.34
N TYR TA 164 -17.44 -54.53 -136.06
CA TYR TA 164 -18.34 -54.18 -134.96
C TYR TA 164 -17.71 -53.07 -134.14
N VAL TA 165 -18.47 -52.01 -133.88
CA VAL TA 165 -18.05 -50.93 -133.01
C VAL TA 165 -19.08 -50.78 -131.90
N ALA TA 166 -18.57 -50.60 -130.68
CA ALA TA 166 -19.43 -50.46 -129.52
C ALA TA 166 -18.93 -49.32 -128.64
N GLY TA 167 -19.87 -48.66 -127.98
CA GLY TA 167 -19.58 -47.54 -127.11
C GLY TA 167 -19.84 -47.90 -125.66
N PHE TA 168 -19.00 -47.40 -124.75
CA PHE TA 168 -19.13 -47.70 -123.34
C PHE TA 168 -18.88 -46.46 -122.51
N THR TA 169 -19.64 -46.31 -121.44
CA THR TA 169 -19.56 -45.15 -120.57
C THR TA 169 -19.80 -45.58 -119.13
N ASP TA 170 -19.56 -44.65 -118.21
CA ASP TA 170 -19.68 -44.90 -116.78
C ASP TA 170 -21.14 -44.87 -116.34
N ASN TA 171 -21.37 -44.79 -115.04
CA ASN TA 171 -22.68 -45.12 -114.48
C ASN TA 171 -23.60 -43.92 -114.31
N VAL TA 172 -23.07 -42.73 -114.08
CA VAL TA 172 -23.88 -41.62 -113.59
C VAL TA 172 -24.70 -41.02 -114.74
N GLY TA 173 -25.96 -40.73 -114.45
CA GLY TA 173 -26.86 -40.11 -115.40
C GLY TA 173 -28.09 -40.96 -115.66
N SER TA 174 -28.94 -40.45 -116.52
CA SER TA 174 -30.07 -41.25 -117.00
C SER TA 174 -29.55 -42.39 -117.87
N ARG TA 175 -30.21 -43.54 -117.76
CA ARG TA 175 -29.87 -44.70 -118.58
C ARG TA 175 -30.08 -44.38 -120.06
N SER TA 176 -31.17 -43.68 -120.36
CA SER TA 176 -31.42 -43.21 -121.71
C SER TA 176 -30.34 -42.26 -122.19
N HIS TA 177 -29.89 -41.37 -121.30
CA HIS TA 177 -28.86 -40.40 -121.64
C HIS TA 177 -27.54 -41.09 -121.95
N LYS TA 178 -27.19 -42.11 -121.16
CA LYS TA 178 -25.98 -42.88 -121.42
C LYS TA 178 -26.08 -43.63 -122.74
N ARG TA 179 -27.25 -44.21 -123.01
CA ARG TA 179 -27.46 -44.93 -124.26
C ARG TA 179 -27.33 -44.00 -125.47
N LYS TA 180 -27.90 -42.80 -125.36
CA LYS TA 180 -27.83 -41.83 -126.45
C LYS TA 180 -26.40 -41.36 -126.68
N LEU TA 181 -25.66 -41.09 -125.60
CA LEU TA 181 -24.28 -40.63 -125.75
C LEU TA 181 -23.41 -41.70 -126.36
N SER TA 182 -23.58 -42.95 -125.93
CA SER TA 182 -22.81 -44.05 -126.48
C SER TA 182 -23.12 -44.28 -127.95
N GLN TA 183 -24.41 -44.23 -128.30
CA GLN TA 183 -24.81 -44.44 -129.69
C GLN TA 183 -24.28 -43.33 -130.58
N ALA TA 184 -24.30 -42.09 -130.10
CA ALA TA 184 -23.78 -40.97 -130.87
C ALA TA 184 -22.28 -41.08 -131.08
N GLN TA 185 -21.53 -41.43 -130.02
CA GLN TA 185 -20.08 -41.55 -130.12
C GLN TA 185 -19.69 -42.67 -131.09
N ALA TA 186 -20.37 -43.81 -130.98
CA ALA TA 186 -20.09 -44.92 -131.88
C ALA TA 186 -20.45 -44.58 -133.31
N GLU TA 187 -21.54 -43.85 -133.51
CA GLU TA 187 -21.93 -43.52 -134.88
C GLU TA 187 -21.00 -42.51 -135.51
N THR TA 188 -20.44 -41.59 -134.71
CA THR TA 188 -19.41 -40.72 -135.23
C THR TA 188 -18.16 -41.50 -135.62
N MET TA 189 -17.78 -42.48 -134.79
CA MET TA 189 -16.60 -43.29 -135.09
C MET TA 189 -16.78 -44.10 -136.37
N MET TA 190 -17.95 -44.74 -136.54
CA MET TA 190 -18.15 -45.53 -137.74
C MET TA 190 -18.34 -44.65 -138.96
N THR TA 191 -18.83 -43.42 -138.78
CA THR TA 191 -18.93 -42.52 -139.92
C THR TA 191 -17.55 -42.10 -140.40
N PHE TA 192 -16.63 -41.87 -139.45
CA PHE TA 192 -15.25 -41.60 -139.84
C PHE TA 192 -14.64 -42.80 -140.55
N LEU TA 193 -14.99 -44.00 -140.09
CA LEU TA 193 -14.50 -45.20 -140.78
C LEU TA 193 -15.10 -45.31 -142.19
N TRP TA 194 -16.38 -44.93 -142.34
CA TRP TA 194 -17.03 -45.00 -143.64
C TRP TA 194 -16.46 -43.97 -144.60
N ALA TA 195 -15.95 -42.87 -144.07
CA ALA TA 195 -15.32 -41.85 -144.90
C ALA TA 195 -14.01 -42.31 -145.52
N ASN TA 196 -13.43 -43.40 -145.06
CA ASN TA 196 -12.15 -43.86 -145.58
C ASN TA 196 -12.27 -45.01 -146.57
N GLY TA 197 -13.47 -45.31 -147.04
CA GLY TA 197 -13.60 -46.20 -148.18
C GLY TA 197 -14.03 -47.62 -147.86
N ILE TA 198 -14.96 -47.77 -146.93
CA ILE TA 198 -15.58 -49.07 -146.62
C ILE TA 198 -17.08 -48.93 -146.85
N ALA TA 199 -17.65 -49.87 -147.58
CA ALA TA 199 -19.08 -49.86 -147.82
C ALA TA 199 -19.85 -50.21 -146.55
N ALA TA 200 -21.14 -49.89 -146.57
CA ALA TA 200 -21.98 -50.06 -145.39
C ALA TA 200 -22.26 -51.52 -145.07
N LYS TA 201 -22.01 -52.43 -146.00
CA LYS TA 201 -22.30 -53.84 -145.77
C LYS TA 201 -21.32 -54.51 -144.82
N ARG TA 202 -20.23 -53.84 -144.47
CA ARG TA 202 -19.22 -54.42 -143.59
C ARG TA 202 -19.29 -53.86 -142.17
N LEU TA 203 -20.39 -53.22 -141.80
CA LEU TA 203 -20.41 -52.43 -140.59
C LEU TA 203 -21.60 -52.78 -139.72
N LYS TA 204 -21.37 -52.72 -138.41
CA LYS TA 204 -22.43 -52.79 -137.41
C LYS TA 204 -22.01 -51.98 -136.20
N ALA TA 205 -22.95 -51.22 -135.64
CA ALA TA 205 -22.64 -50.28 -134.57
C ALA TA 205 -23.63 -50.46 -133.41
N GLU TA 206 -23.12 -50.23 -132.20
CA GLU TA 206 -23.94 -50.38 -131.00
C GLU TA 206 -23.32 -49.61 -129.85
N GLY TA 207 -24.15 -48.90 -129.10
CA GLY TA 207 -23.65 -48.22 -127.93
C GLY TA 207 -24.33 -48.67 -126.65
N TYR TA 208 -23.58 -49.38 -125.80
CA TYR TA 208 -24.12 -49.81 -124.52
C TYR TA 208 -23.86 -48.75 -123.47
N GLY TA 209 -24.50 -48.91 -122.33
CA GLY TA 209 -24.22 -48.03 -121.22
C GLY TA 209 -23.18 -48.70 -120.35
N ASP TA 210 -23.62 -49.26 -119.23
CA ASP TA 210 -22.75 -49.97 -118.31
C ASP TA 210 -23.24 -51.39 -118.13
N LYS TA 211 -23.63 -52.04 -119.23
CA LYS TA 211 -24.15 -53.40 -119.15
C LYS TA 211 -23.06 -54.42 -118.87
N ASN TA 212 -21.80 -54.07 -119.12
CA ASN TA 212 -20.68 -54.91 -118.71
C ASN TA 212 -19.51 -53.98 -118.46
N ALA TA 213 -19.36 -53.58 -117.19
CA ALA TA 213 -18.25 -52.73 -116.81
C ALA TA 213 -17.01 -53.58 -116.63
N ILE TA 214 -15.93 -53.22 -117.33
CA ILE TA 214 -14.68 -53.97 -117.21
C ILE TA 214 -13.94 -53.67 -115.92
N SER TA 215 -14.36 -52.64 -115.20
CA SER TA 215 -13.67 -52.22 -114.00
C SER TA 215 -14.73 -51.85 -112.96
N ASP TA 216 -14.30 -51.15 -111.93
CA ASP TA 216 -15.22 -50.67 -110.91
C ASP TA 216 -15.58 -49.21 -111.16
N ASN TA 217 -16.87 -48.91 -111.16
CA ASN TA 217 -17.31 -47.54 -111.35
C ASN TA 217 -17.23 -46.72 -110.08
N ALA TA 218 -17.00 -47.35 -108.93
CA ALA TA 218 -16.93 -46.64 -107.66
C ALA TA 218 -15.51 -46.23 -107.29
N ILE TA 219 -14.53 -46.42 -108.18
CA ILE TA 219 -13.18 -45.94 -107.94
C ILE TA 219 -12.74 -45.11 -109.14
N ILE TA 220 -11.73 -44.27 -108.91
CA ILE TA 220 -11.39 -43.20 -109.85
C ILE TA 220 -10.78 -43.77 -111.12
N HIS TA 221 -9.73 -44.58 -110.97
CA HIS TA 221 -9.03 -45.07 -112.16
C HIS TA 221 -9.86 -46.09 -112.92
N GLY TA 222 -10.67 -46.89 -112.20
CA GLY TA 222 -11.56 -47.80 -112.88
C GLY TA 222 -12.65 -47.08 -113.65
N SER TA 223 -13.22 -46.02 -113.06
CA SER TA 223 -14.22 -45.23 -113.77
C SER TA 223 -13.59 -44.48 -114.94
N ALA TA 224 -12.31 -44.13 -114.84
CA ALA TA 224 -11.60 -43.55 -115.97
C ALA TA 224 -11.43 -44.57 -117.08
N GLN TA 225 -11.13 -45.82 -116.72
CA GLN TA 225 -10.96 -46.85 -117.73
C GLN TA 225 -12.28 -47.32 -118.32
N ASN TA 226 -13.39 -47.03 -117.64
CA ASN TA 226 -14.66 -47.65 -118.02
C ASN TA 226 -15.19 -47.16 -119.35
N ARG TA 227 -15.17 -45.85 -119.59
CA ARG TA 227 -15.66 -45.34 -120.87
C ARG TA 227 -14.66 -45.67 -121.97
N ARG TA 228 -15.16 -46.24 -123.07
CA ARG TA 228 -14.26 -46.79 -124.07
C ARG TA 228 -14.98 -46.92 -125.40
N ILE TA 229 -14.19 -47.10 -126.45
CA ILE TA 229 -14.66 -47.49 -127.76
C ILE TA 229 -14.07 -48.85 -128.06
N GLU TA 230 -14.94 -49.82 -128.31
CA GLU TA 230 -14.56 -51.20 -128.56
C GLU TA 230 -14.71 -51.49 -130.05
N ILE TA 231 -13.66 -52.04 -130.65
CA ILE TA 231 -13.67 -52.41 -132.06
C ILE TA 231 -13.34 -53.89 -132.16
N GLN TA 232 -14.24 -54.67 -132.72
CA GLN TA 232 -14.02 -56.08 -132.95
C GLN TA 232 -14.14 -56.38 -134.43
N TRP TA 233 -13.26 -57.25 -134.93
CA TRP TA 233 -13.47 -57.78 -136.27
C TRP TA 233 -12.87 -59.18 -136.38
N PHE TA 234 -13.50 -59.97 -137.24
CA PHE TA 234 -13.16 -61.38 -137.43
C PHE TA 234 -11.94 -61.51 -138.33
N THR TA 235 -11.68 -62.73 -138.79
CA THR TA 235 -10.67 -62.98 -139.80
C THR TA 235 -11.27 -63.21 -141.18
N SER TA 236 -12.22 -64.15 -141.28
CA SER TA 236 -12.88 -64.43 -142.55
C SER TA 236 -14.39 -64.36 -142.40
N LEU UA 113 -49.89 -58.96 -172.68
CA LEU UA 113 -50.10 -58.87 -171.24
C LEU UA 113 -48.91 -59.44 -170.48
N ASN UA 114 -47.86 -59.82 -171.21
CA ASN UA 114 -46.69 -60.40 -170.59
C ASN UA 114 -45.42 -59.68 -171.01
N ARG UA 115 -45.35 -59.30 -172.29
CA ARG UA 115 -44.16 -58.66 -172.82
C ARG UA 115 -44.56 -57.71 -173.93
N PHE UA 116 -44.05 -56.49 -173.88
CA PHE UA 116 -44.36 -55.51 -174.92
C PHE UA 116 -43.15 -54.64 -175.19
N ARG UA 117 -42.73 -54.58 -176.45
CA ARG UA 117 -41.65 -53.72 -176.89
C ARG UA 117 -42.16 -52.86 -178.03
N TYR UA 118 -41.98 -51.55 -177.93
CA TYR UA 118 -42.29 -50.66 -179.04
C TYR UA 118 -41.15 -49.68 -179.27
N GLU UA 119 -40.76 -49.57 -180.54
CA GLU UA 119 -39.84 -48.56 -181.02
C GLU UA 119 -40.47 -47.91 -182.25
N GLY UA 120 -40.17 -46.63 -182.46
CA GLY UA 120 -40.61 -46.00 -183.68
C GLY UA 120 -41.93 -45.25 -183.65
N ALA UA 121 -42.04 -44.24 -182.78
CA ALA UA 121 -43.13 -43.26 -182.74
C ALA UA 121 -44.48 -43.94 -182.50
N GLY UA 122 -44.59 -44.51 -181.32
CA GLY UA 122 -45.76 -45.32 -180.99
C GLY UA 122 -46.57 -44.72 -179.87
N VAL UA 123 -47.84 -44.49 -180.15
CA VAL UA 123 -48.79 -43.99 -179.16
C VAL UA 123 -49.71 -45.14 -178.80
N VAL UA 124 -49.51 -45.70 -177.60
CA VAL UA 124 -50.31 -46.80 -177.10
C VAL UA 124 -50.98 -46.33 -175.83
N THR UA 125 -52.31 -46.37 -175.80
CA THR UA 125 -53.07 -45.85 -174.69
C THR UA 125 -54.08 -46.89 -174.25
N GLY UA 126 -54.17 -47.13 -172.95
CA GLY UA 126 -55.07 -48.13 -172.43
C GLY UA 126 -55.38 -47.90 -170.97
N ASN UA 127 -56.43 -48.56 -170.51
CA ASN UA 127 -56.86 -48.46 -169.12
C ASN UA 127 -57.35 -49.83 -168.65
N ASN UA 128 -57.46 -49.95 -167.33
CA ASN UA 128 -57.92 -51.16 -166.63
C ASN UA 128 -57.06 -52.37 -166.96
N LEU UA 129 -55.75 -52.15 -167.11
CA LEU UA 129 -54.83 -53.24 -167.40
C LEU UA 129 -54.48 -53.94 -166.10
N ARG UA 130 -54.76 -55.25 -166.03
CA ARG UA 130 -54.52 -56.03 -164.83
C ARG UA 130 -53.49 -57.11 -165.14
N THR UA 131 -52.51 -57.25 -164.26
CA THR UA 131 -51.42 -58.19 -164.46
C THR UA 131 -50.78 -58.50 -163.13
N SER UA 132 -50.04 -59.61 -163.11
CA SER UA 132 -49.15 -59.92 -161.98
C SER UA 132 -47.73 -59.46 -162.28
N TYR UA 133 -47.23 -59.79 -163.47
CA TYR UA 133 -45.92 -59.33 -163.90
C TYR UA 133 -45.92 -59.25 -165.42
N LEU UA 134 -45.30 -58.19 -165.94
CA LEU UA 134 -45.02 -58.07 -167.37
C LEU UA 134 -43.79 -57.21 -167.55
N ASP UA 135 -43.24 -57.26 -168.77
CA ASP UA 135 -42.05 -56.52 -169.13
C ASP UA 135 -42.38 -55.49 -170.22
N LEU UA 136 -41.80 -54.30 -170.08
CA LEU UA 136 -42.02 -53.21 -171.01
C LEU UA 136 -40.70 -52.69 -171.56
N TYR UA 137 -40.69 -52.41 -172.86
CA TYR UA 137 -39.52 -51.88 -173.55
C TYR UA 137 -39.99 -50.74 -174.45
N LEU UA 138 -39.36 -49.59 -174.29
CA LEU UA 138 -39.83 -48.37 -174.94
C LEU UA 138 -38.65 -47.68 -175.61
N ALA UA 139 -38.86 -47.24 -176.84
CA ALA UA 139 -37.87 -46.42 -177.54
C ALA UA 139 -38.58 -45.55 -178.57
N ASN UA 140 -37.95 -44.43 -178.89
CA ASN UA 140 -38.27 -43.57 -180.03
C ASN UA 140 -39.71 -43.06 -179.97
N GLU UA 141 -39.95 -42.19 -178.98
CA GLU UA 141 -41.25 -41.53 -178.75
C GLU UA 141 -42.35 -42.56 -178.52
N GLY UA 142 -42.23 -43.25 -177.40
CA GLY UA 142 -43.32 -44.08 -176.94
C GLY UA 142 -44.26 -43.29 -176.06
N THR UA 143 -45.31 -42.74 -176.65
CA THR UA 143 -46.37 -42.09 -175.89
C THR UA 143 -47.25 -43.21 -175.36
N THR UA 144 -46.86 -43.72 -174.20
CA THR UA 144 -47.46 -44.93 -173.64
C THR UA 144 -48.21 -44.54 -172.37
N ARG UA 145 -49.53 -44.45 -172.49
CA ARG UA 145 -50.38 -44.02 -171.39
C ARG UA 145 -51.16 -45.23 -170.88
N LEU UA 146 -50.98 -45.55 -169.60
CA LEU UA 146 -51.62 -46.69 -168.97
C LEU UA 146 -52.39 -46.20 -167.75
N ALA UA 147 -53.62 -46.66 -167.61
CA ALA UA 147 -54.49 -46.24 -166.52
C ALA UA 147 -55.08 -47.45 -165.81
N GLY UA 148 -54.23 -48.42 -165.46
CA GLY UA 148 -54.69 -49.61 -164.77
C GLY UA 148 -53.76 -49.99 -163.63
N ASN UA 149 -54.28 -50.88 -162.79
CA ASN UA 149 -53.51 -51.44 -161.67
C ASN UA 149 -52.56 -52.49 -162.22
N ILE UA 150 -51.32 -52.10 -162.44
CA ILE UA 150 -50.37 -52.88 -163.22
C ILE UA 150 -49.23 -53.31 -162.31
N GLY UA 151 -49.00 -54.62 -162.22
CA GLY UA 151 -47.87 -55.16 -161.47
C GLY UA 151 -46.78 -55.57 -162.43
N LEU UA 152 -45.55 -55.17 -162.12
CA LEU UA 152 -44.41 -55.46 -162.96
C LEU UA 152 -43.13 -55.31 -162.15
N GLN UA 153 -42.07 -55.90 -162.65
CA GLN UA 153 -40.75 -55.78 -162.06
C GLN UA 153 -39.73 -55.14 -162.99
N LYS UA 154 -39.84 -55.37 -164.30
CA LYS UA 154 -38.85 -54.89 -165.24
C LYS UA 154 -39.47 -53.86 -166.18
N LEU UA 155 -38.73 -52.79 -166.42
CA LEU UA 155 -39.13 -51.74 -167.33
C LEU UA 155 -37.88 -51.15 -167.95
N GLU UA 156 -37.89 -50.96 -169.27
CA GLU UA 156 -36.75 -50.43 -169.98
C GLU UA 156 -37.20 -49.35 -170.96
N ALA UA 157 -36.45 -48.27 -171.01
CA ALA UA 157 -36.67 -47.20 -171.97
C ALA UA 157 -35.33 -46.66 -172.43
N VAL UA 158 -35.21 -46.40 -173.73
CA VAL UA 158 -33.95 -45.92 -174.28
C VAL UA 158 -33.74 -44.46 -173.91
N GLY UA 159 -34.68 -43.61 -174.28
CA GLY UA 159 -34.56 -42.19 -174.03
C GLY UA 159 -35.20 -41.40 -175.14
N ASN UA 160 -35.00 -40.08 -175.06
CA ASN UA 160 -35.51 -39.08 -176.01
C ASN UA 160 -37.04 -39.13 -176.12
N GLY UA 161 -37.71 -39.51 -175.04
CA GLY UA 161 -39.14 -39.67 -175.07
C GLY UA 161 -39.72 -39.63 -173.67
N VAL UA 162 -41.02 -39.38 -173.61
CA VAL UA 162 -41.74 -39.22 -172.35
C VAL UA 162 -42.59 -40.46 -172.11
N THR UA 163 -42.85 -40.74 -170.83
CA THR UA 163 -43.69 -41.86 -170.43
C THR UA 163 -44.32 -41.56 -169.09
N GLN UA 164 -45.64 -41.40 -169.10
CA GLN UA 164 -46.44 -41.24 -167.89
C GLN UA 164 -47.11 -42.58 -167.61
N ILE UA 165 -46.94 -43.09 -166.39
CA ILE UA 165 -47.58 -44.33 -165.97
C ILE UA 165 -48.34 -44.05 -164.69
N ASN UA 166 -49.63 -44.36 -164.70
CA ASN UA 166 -50.52 -44.07 -163.58
C ASN UA 166 -50.95 -45.38 -162.94
N GLY UA 167 -50.35 -45.72 -161.81
CA GLY UA 167 -50.78 -46.86 -161.02
C GLY UA 167 -49.92 -48.08 -161.21
N VAL UA 168 -48.99 -48.31 -160.28
CA VAL UA 168 -48.13 -49.49 -160.28
C VAL UA 168 -48.08 -50.03 -158.86
N SER UA 169 -48.43 -51.29 -158.69
CA SER UA 169 -48.37 -51.96 -157.39
C SER UA 169 -47.75 -53.33 -157.60
N SER UA 170 -46.60 -53.58 -156.99
CA SER UA 170 -45.90 -54.83 -157.23
C SER UA 170 -45.03 -55.18 -156.04
N ARG UA 171 -44.62 -56.45 -156.00
CA ARG UA 171 -43.70 -56.92 -154.98
C ARG UA 171 -42.32 -56.30 -155.14
N ASN UA 172 -41.88 -56.13 -156.38
CA ASN UA 172 -40.52 -55.67 -156.62
C ASN UA 172 -40.47 -54.88 -157.91
N LEU UA 173 -39.42 -54.08 -158.04
CA LEU UA 173 -39.19 -53.29 -159.25
C LEU UA 173 -37.70 -53.04 -159.39
N GLN UA 174 -37.23 -52.99 -160.63
CA GLN UA 174 -35.82 -52.77 -160.90
C GLN UA 174 -35.68 -52.17 -162.29
N ILE UA 175 -35.18 -50.94 -162.37
CA ILE UA 175 -35.05 -50.20 -163.61
C ILE UA 175 -33.57 -49.88 -163.82
N VAL UA 176 -33.19 -49.66 -165.08
CA VAL UA 176 -31.87 -49.13 -165.42
C VAL UA 176 -31.98 -48.34 -166.70
N LEU UA 177 -31.54 -47.09 -166.67
CA LEU UA 177 -31.65 -46.18 -167.80
C LEU UA 177 -30.28 -45.85 -168.37
N LYS UA 178 -30.25 -45.56 -169.66
CA LYS UA 178 -29.00 -45.36 -170.38
C LYS UA 178 -28.94 -44.06 -171.17
N GLY UA 179 -30.08 -43.52 -171.59
CA GLY UA 179 -30.06 -42.33 -172.41
C GLY UA 179 -30.61 -41.10 -171.74
N ASP UA 180 -31.60 -40.47 -172.37
CA ASP UA 180 -32.27 -39.28 -171.83
C ASP UA 180 -33.77 -39.48 -171.89
N PRO UA 181 -34.33 -40.25 -170.96
CA PRO UA 181 -35.80 -40.42 -170.96
C PRO UA 181 -36.50 -39.44 -170.04
N LYS UA 182 -37.83 -39.46 -170.06
CA LYS UA 182 -38.62 -38.63 -169.14
C LYS UA 182 -39.71 -39.52 -168.58
N VAL UA 183 -39.43 -40.13 -167.42
CA VAL UA 183 -40.31 -41.15 -166.86
C VAL UA 183 -40.95 -40.59 -165.59
N LEU UA 184 -42.28 -40.65 -165.56
CA LEU UA 184 -43.04 -40.19 -164.40
C LEU UA 184 -44.06 -41.28 -164.06
N ILE UA 185 -43.88 -41.90 -162.90
CA ILE UA 185 -44.65 -43.07 -162.53
C ILE UA 185 -45.28 -42.83 -161.17
N SER UA 186 -46.58 -43.09 -161.07
CA SER UA 186 -47.28 -43.06 -159.79
C SER UA 186 -47.66 -44.48 -159.38
N GLY UA 187 -47.57 -44.75 -158.09
CA GLY UA 187 -47.94 -46.05 -157.58
C GLY UA 187 -47.19 -46.35 -156.28
N PHE UA 188 -47.00 -47.65 -156.02
CA PHE UA 188 -46.40 -48.13 -154.79
C PHE UA 188 -45.28 -49.11 -155.16
N VAL UA 189 -44.05 -48.80 -154.74
CA VAL UA 189 -42.86 -49.44 -155.25
C VAL UA 189 -42.01 -49.97 -154.10
N ASN UA 190 -41.59 -51.23 -154.18
CA ASN UA 190 -40.42 -51.73 -153.45
C ASN UA 190 -39.28 -51.81 -154.45
N LEU UA 191 -38.20 -51.09 -154.18
CA LEU UA 191 -37.07 -51.01 -155.09
C LEU UA 191 -35.77 -51.07 -154.30
N ARG UA 192 -34.71 -51.47 -154.96
CA ARG UA 192 -33.43 -51.49 -154.26
C ARG UA 192 -32.32 -50.74 -154.99
N GLN UA 193 -32.27 -50.83 -156.31
CA GLN UA 193 -31.06 -50.48 -157.05
C GLN UA 193 -31.39 -49.56 -158.21
N LEU UA 194 -30.59 -48.51 -158.38
CA LEU UA 194 -30.72 -47.64 -159.53
C LEU UA 194 -29.36 -47.14 -159.98
N ASP UA 195 -29.13 -47.16 -161.29
CA ASP UA 195 -27.92 -46.62 -161.89
C ASP UA 195 -28.30 -45.62 -162.97
N MET UA 196 -27.61 -44.48 -162.98
CA MET UA 196 -27.86 -43.45 -163.97
C MET UA 196 -26.54 -43.05 -164.62
N TYR UA 197 -26.52 -43.08 -165.95
CA TYR UA 197 -25.31 -42.79 -166.71
C TYR UA 197 -25.48 -41.73 -167.79
N GLY UA 198 -26.70 -41.33 -168.12
CA GLY UA 198 -26.90 -40.41 -169.21
C GLY UA 198 -27.36 -39.03 -168.79
N LYS UA 199 -28.56 -38.67 -169.22
CA LYS UA 199 -29.20 -37.39 -168.92
C LYS UA 199 -30.59 -37.63 -168.36
N GLY UA 200 -30.64 -38.48 -167.35
CA GLY UA 200 -31.90 -39.03 -166.88
C GLY UA 200 -32.72 -38.06 -166.05
N THR UA 201 -34.03 -38.08 -166.28
CA THR UA 201 -35.01 -37.37 -165.48
C THR UA 201 -36.04 -38.39 -164.99
N LEU UA 202 -36.21 -38.48 -163.68
CA LEU UA 202 -37.02 -39.55 -163.11
C LEU UA 202 -37.94 -39.00 -162.03
N SER UA 203 -39.17 -39.49 -162.00
CA SER UA 203 -40.10 -39.08 -160.95
C SER UA 203 -40.91 -40.26 -160.47
N LEU UA 204 -40.81 -40.53 -159.16
CA LEU UA 204 -41.58 -41.60 -158.52
C LEU UA 204 -42.25 -41.06 -157.27
N TYR UA 205 -43.50 -41.51 -157.04
CA TYR UA 205 -44.30 -40.89 -155.99
C TYR UA 205 -43.99 -41.44 -154.61
N TRP UA 206 -44.28 -42.72 -154.37
CA TRP UA 206 -44.16 -43.27 -153.03
C TRP UA 206 -43.45 -44.61 -153.08
N ILE UA 207 -42.61 -44.86 -152.08
CA ILE UA 207 -41.87 -46.11 -151.95
C ILE UA 207 -41.94 -46.57 -150.50
N LYS UA 208 -42.05 -47.88 -150.31
CA LYS UA 208 -41.92 -48.51 -149.01
C LYS UA 208 -40.95 -49.68 -149.19
N SER UA 209 -39.67 -49.39 -149.11
CA SER UA 209 -38.65 -50.40 -149.32
C SER UA 209 -37.57 -50.25 -148.26
N ASP UA 210 -36.90 -51.36 -147.98
CA ASP UA 210 -35.93 -51.42 -146.91
C ASP UA 210 -34.56 -50.93 -147.35
N THR UA 211 -34.02 -51.51 -148.41
CA THR UA 211 -32.70 -51.20 -148.91
C THR UA 211 -32.82 -50.35 -150.16
N LEU UA 212 -32.13 -49.21 -150.17
CA LEU UA 212 -32.09 -48.36 -151.35
C LEU UA 212 -30.65 -48.06 -151.72
N THR UA 213 -30.34 -48.23 -153.00
CA THR UA 213 -29.00 -47.98 -153.52
C THR UA 213 -29.11 -47.17 -154.79
N ILE UA 214 -28.41 -46.05 -154.84
CA ILE UA 214 -28.46 -45.15 -156.00
C ILE UA 214 -27.03 -44.81 -156.40
N ARG UA 215 -26.71 -44.98 -157.67
CA ARG UA 215 -25.48 -44.48 -158.25
C ARG UA 215 -25.83 -43.56 -159.42
N ALA UA 216 -25.27 -42.35 -159.41
CA ALA UA 216 -25.47 -41.42 -160.51
C ALA UA 216 -24.13 -40.90 -161.00
N LYS UA 217 -23.96 -40.89 -162.32
CA LYS UA 217 -22.66 -40.67 -162.93
C LYS UA 217 -22.55 -39.35 -163.66
N LYS UA 218 -23.39 -39.09 -164.66
CA LYS UA 218 -23.13 -38.02 -165.62
C LYS UA 218 -24.13 -36.88 -165.54
N ALA UA 219 -25.42 -37.15 -165.70
CA ALA UA 219 -26.42 -36.09 -165.64
C ALA UA 219 -27.70 -36.72 -165.13
N ALA UA 220 -28.05 -36.42 -163.88
CA ALA UA 220 -29.15 -37.11 -163.24
C ALA UA 220 -30.05 -36.11 -162.53
N LYS UA 221 -31.36 -36.31 -162.64
CA LYS UA 221 -32.34 -35.51 -161.92
C LYS UA 221 -33.40 -36.48 -161.43
N ILE UA 222 -33.51 -36.65 -160.12
CA ILE UA 222 -34.40 -37.67 -159.57
C ILE UA 222 -35.27 -37.04 -158.48
N GLN UA 223 -36.59 -37.16 -158.65
CA GLN UA 223 -37.57 -36.76 -157.65
C GLN UA 223 -38.19 -38.02 -157.05
N LEU UA 224 -38.04 -38.17 -155.74
CA LEU UA 224 -38.53 -39.32 -155.00
C LEU UA 224 -39.12 -38.87 -153.68
N ALA UA 225 -40.02 -39.69 -153.14
CA ALA UA 225 -40.62 -39.42 -151.85
C ALA UA 225 -41.06 -40.74 -151.23
N GLY UA 226 -41.19 -40.73 -149.90
CA GLY UA 226 -41.64 -41.92 -149.21
C GLY UA 226 -40.86 -42.31 -147.97
N ILE UA 227 -40.82 -43.61 -147.68
CA ILE UA 227 -40.27 -44.14 -146.44
C ILE UA 227 -39.16 -45.12 -146.78
N VAL UA 228 -37.98 -44.91 -146.20
CA VAL UA 228 -36.80 -45.73 -146.47
C VAL UA 228 -36.18 -46.14 -145.14
N ASN UA 229 -35.93 -47.45 -144.99
CA ASN UA 229 -35.16 -47.90 -143.84
C ASN UA 229 -33.69 -47.54 -143.99
N ARG UA 230 -33.05 -48.09 -145.01
CA ARG UA 230 -31.61 -47.93 -145.21
C ARG UA 230 -31.38 -47.36 -146.60
N LEU UA 231 -30.56 -46.31 -146.69
CA LEU UA 231 -30.37 -45.55 -147.92
C LEU UA 231 -28.90 -45.31 -148.16
N ASP UA 232 -28.46 -45.55 -149.40
CA ASP UA 232 -27.08 -45.28 -149.80
C ASP UA 232 -27.08 -44.64 -151.16
N VAL UA 233 -26.45 -43.47 -151.27
CA VAL UA 233 -26.46 -42.69 -152.50
C VAL UA 233 -25.03 -42.25 -152.83
N GLU UA 234 -24.60 -42.55 -154.04
CA GLU UA 234 -23.33 -42.07 -154.59
C GLU UA 234 -23.63 -41.16 -155.78
N LEU UA 235 -23.11 -39.94 -155.73
CA LEU UA 235 -23.25 -38.99 -156.82
C LEU UA 235 -21.88 -38.56 -157.29
N TRP UA 236 -21.66 -38.61 -158.61
CA TRP UA 236 -20.36 -38.23 -159.17
C TRP UA 236 -20.30 -36.78 -159.62
N ASP UA 237 -21.14 -36.40 -160.58
CA ASP UA 237 -21.15 -35.04 -161.08
C ASP UA 237 -22.47 -34.78 -161.79
N PHE UA 238 -23.00 -33.56 -161.59
CA PHE UA 238 -24.22 -33.07 -162.22
C PHE UA 238 -25.42 -33.97 -161.89
N ALA UA 239 -25.61 -34.19 -160.61
CA ALA UA 239 -26.77 -34.89 -160.09
C ALA UA 239 -27.59 -33.93 -159.25
N GLN UA 240 -28.90 -33.95 -159.45
CA GLN UA 240 -29.87 -33.22 -158.66
C GLN UA 240 -30.77 -34.27 -158.03
N PHE UA 241 -30.46 -34.63 -156.79
CA PHE UA 241 -31.22 -35.66 -156.10
C PHE UA 241 -32.14 -34.98 -155.10
N LYS UA 242 -33.40 -34.79 -155.51
CA LYS UA 242 -34.39 -34.15 -154.66
C LYS UA 242 -35.02 -35.18 -153.74
N GLY UA 243 -34.25 -35.63 -152.75
CA GLY UA 243 -34.79 -36.55 -151.77
C GLY UA 243 -35.50 -35.85 -150.64
N LYS UA 244 -35.96 -34.63 -150.88
CA LYS UA 244 -36.90 -33.97 -150.00
C LYS UA 244 -38.22 -34.72 -150.02
N TYR UA 245 -38.96 -34.60 -148.91
CA TYR UA 245 -40.21 -35.34 -148.62
C TYR UA 245 -40.00 -36.85 -148.67
N LEU UA 246 -38.78 -37.30 -148.36
CA LEU UA 246 -38.43 -38.72 -148.36
C LEU UA 246 -37.73 -38.97 -147.03
N ARG UA 247 -38.48 -39.47 -146.06
CA ARG UA 247 -37.96 -39.62 -144.71
C ARG UA 247 -37.27 -40.97 -144.57
N ALA UA 248 -36.03 -40.93 -144.09
CA ALA UA 248 -35.20 -42.12 -143.98
C ALA UA 248 -34.67 -42.24 -142.56
N GLN UA 249 -34.26 -43.46 -142.20
CA GLN UA 249 -33.69 -43.72 -140.89
C GLN UA 249 -32.17 -43.74 -140.95
N ARG UA 250 -31.60 -44.58 -141.79
CA ARG UA 250 -30.16 -44.65 -142.00
C ARG UA 250 -29.86 -44.08 -143.37
N SER UA 251 -29.02 -43.05 -143.42
CA SER UA 251 -28.68 -42.42 -144.69
C SER UA 251 -27.18 -42.31 -144.84
N PHE UA 252 -26.67 -42.71 -146.00
CA PHE UA 252 -25.28 -42.50 -146.37
C PHE UA 252 -25.24 -41.74 -147.69
N VAL UA 253 -24.57 -40.59 -147.69
CA VAL UA 253 -24.44 -39.75 -148.87
C VAL UA 253 -22.97 -39.60 -149.19
N LYS UA 254 -22.58 -39.89 -150.43
CA LYS UA 254 -21.21 -39.68 -150.88
C LYS UA 254 -21.25 -38.87 -152.17
N THR UA 255 -20.78 -37.62 -152.10
CA THR UA 255 -20.89 -36.67 -153.19
C THR UA 255 -19.52 -36.25 -153.66
N HIS UA 256 -19.24 -36.45 -154.95
CA HIS UA 256 -18.05 -35.93 -155.59
C HIS UA 256 -18.35 -34.55 -156.17
N ASP UA 257 -17.50 -34.07 -157.07
CA ASP UA 257 -17.54 -32.70 -157.56
C ASP UA 257 -18.83 -32.39 -158.31
N LYS UA 258 -19.46 -31.27 -157.94
CA LYS UA 258 -20.66 -30.70 -158.58
C LYS UA 258 -21.82 -31.70 -158.56
N SER UA 259 -22.28 -31.95 -157.32
CA SER UA 259 -23.41 -32.82 -157.07
C SER UA 259 -24.25 -32.21 -155.97
N VAL UA 260 -25.56 -32.09 -156.21
CA VAL UA 260 -26.47 -31.43 -155.29
C VAL UA 260 -27.55 -32.42 -154.89
N ALA UA 261 -27.78 -32.53 -153.58
CA ALA UA 261 -28.79 -33.44 -153.08
C ALA UA 261 -29.45 -32.85 -151.84
N GLU UA 262 -30.77 -33.00 -151.76
CA GLU UA 262 -31.56 -32.54 -150.64
C GLU UA 262 -32.07 -33.78 -149.90
N ILE UA 263 -31.58 -33.96 -148.68
CA ILE UA 263 -31.84 -35.16 -147.89
C ILE UA 263 -32.76 -34.80 -146.75
N SER UA 264 -33.50 -35.79 -146.26
CA SER UA 264 -34.49 -35.64 -145.21
C SER UA 264 -34.33 -36.74 -144.17
N ALA UA 265 -33.11 -36.92 -143.69
CA ALA UA 265 -32.81 -37.96 -142.71
C ALA UA 265 -33.53 -37.70 -141.39
N VAL UA 266 -33.91 -38.78 -140.72
CA VAL UA 266 -34.65 -38.68 -139.47
C VAL UA 266 -33.83 -39.27 -138.33
N ASN UA 267 -33.45 -40.53 -138.45
CA ASN UA 267 -32.77 -41.20 -137.36
C ASN UA 267 -31.26 -40.96 -137.39
N HIS UA 268 -30.61 -41.39 -138.46
CA HIS UA 268 -29.15 -41.34 -138.50
C HIS UA 268 -28.68 -40.88 -139.87
N GLN UA 269 -27.80 -39.88 -139.88
CA GLN UA 269 -27.35 -39.22 -141.10
C GLN UA 269 -25.83 -39.27 -141.18
N SER UA 270 -25.32 -39.69 -142.33
CA SER UA 270 -23.90 -39.66 -142.62
C SER UA 270 -23.67 -39.03 -143.98
N SER UA 271 -22.82 -38.02 -144.04
CA SER UA 271 -22.64 -37.24 -145.26
C SER UA 271 -21.17 -36.97 -145.53
N LEU UA 272 -20.75 -37.19 -146.78
CA LEU UA 272 -19.38 -36.92 -147.21
C LEU UA 272 -19.39 -36.13 -148.50
N ALA UA 273 -18.65 -35.02 -148.52
CA ALA UA 273 -18.59 -34.15 -149.69
C ALA UA 273 -17.14 -33.88 -150.05
N THR UA 274 -16.82 -33.99 -151.34
CA THR UA 274 -15.44 -33.71 -151.76
C THR UA 274 -15.21 -32.21 -151.95
N ASP UA 275 -15.88 -31.63 -152.95
CA ASP UA 275 -15.72 -30.23 -153.32
C ASP UA 275 -16.87 -29.84 -154.23
N ALA UA 276 -17.37 -28.62 -154.05
CA ALA UA 276 -18.52 -28.09 -154.80
C ALA UA 276 -19.74 -29.01 -154.70
N SER UA 277 -19.90 -29.63 -153.55
CA SER UA 277 -20.87 -30.68 -153.34
C SER UA 277 -21.84 -30.24 -152.26
N ASP UA 278 -23.11 -30.17 -152.62
CA ASP UA 278 -24.13 -29.58 -151.75
C ASP UA 278 -25.00 -30.69 -151.17
N ILE UA 279 -24.98 -30.80 -149.84
CA ILE UA 279 -25.82 -31.72 -149.11
C ILE UA 279 -26.71 -30.86 -148.24
N TYR UA 280 -27.99 -30.82 -148.55
CA TYR UA 280 -28.91 -29.90 -147.88
C TYR UA 280 -29.85 -30.73 -147.03
N TYR UA 281 -29.69 -30.63 -145.72
CA TYR UA 281 -30.52 -31.43 -144.80
C TYR UA 281 -31.77 -30.64 -144.45
N TYR UA 282 -32.93 -31.23 -144.71
CA TYR UA 282 -34.19 -30.56 -144.47
C TYR UA 282 -34.92 -31.11 -143.26
N ASN UA 283 -34.20 -31.76 -142.36
CA ASN UA 283 -34.78 -32.20 -141.10
C ASN UA 283 -33.65 -32.32 -140.09
N LEU UA 284 -33.91 -31.85 -138.87
CA LEU UA 284 -33.01 -32.14 -137.77
C LEU UA 284 -33.08 -33.62 -137.45
N SER UA 285 -31.93 -34.26 -137.38
CA SER UA 285 -31.89 -35.70 -137.19
C SER UA 285 -31.51 -36.04 -135.76
N LYS UA 286 -31.80 -37.28 -135.38
CA LYS UA 286 -31.46 -37.75 -134.04
C LYS UA 286 -29.96 -37.92 -133.88
N THR UA 287 -29.25 -38.26 -134.95
CA THR UA 287 -27.80 -38.29 -134.94
C THR UA 287 -27.28 -37.93 -136.33
N ARG UA 288 -26.33 -37.01 -136.37
CA ARG UA 288 -25.85 -36.42 -137.61
C ARG UA 288 -24.33 -36.44 -137.63
N ALA UA 289 -23.75 -36.81 -138.77
CA ALA UA 289 -22.30 -36.74 -138.93
C ALA UA 289 -21.96 -36.31 -140.35
N ASP UA 290 -21.09 -35.30 -140.46
CA ASP UA 290 -20.77 -34.65 -141.72
C ASP UA 290 -19.27 -34.54 -141.88
N PHE UA 291 -18.80 -34.68 -143.12
CA PHE UA 291 -17.38 -34.52 -143.41
C PHE UA 291 -17.15 -33.94 -144.80
N MET UA 292 -16.21 -33.01 -144.87
CA MET UA 292 -15.86 -32.28 -146.09
C MET UA 292 -14.41 -32.57 -146.44
N ALA UA 293 -14.09 -32.45 -147.72
CA ALA UA 293 -12.72 -32.67 -148.18
C ALA UA 293 -12.06 -31.41 -148.70
N PHE UA 294 -12.60 -30.78 -149.73
CA PHE UA 294 -12.01 -29.55 -150.26
C PHE UA 294 -12.97 -28.37 -150.17
N ASN UA 295 -14.15 -28.46 -150.80
CA ASN UA 295 -15.03 -27.31 -150.90
C ASN UA 295 -16.47 -27.72 -150.67
N GLY UA 296 -16.71 -28.74 -149.86
CA GLY UA 296 -18.03 -29.28 -149.68
C GLY UA 296 -18.92 -28.38 -148.86
N SER UA 297 -20.18 -28.77 -148.76
CA SER UA 297 -21.15 -27.98 -148.04
C SER UA 297 -22.23 -28.89 -147.47
N VAL UA 298 -22.45 -28.80 -146.17
CA VAL UA 298 -23.59 -29.43 -145.51
C VAL UA 298 -24.41 -28.30 -144.92
N LEU UA 299 -25.52 -27.97 -145.58
CA LEU UA 299 -26.26 -26.76 -145.27
C LEU UA 299 -27.71 -27.07 -144.96
N ASP UA 300 -28.31 -26.23 -144.12
CA ASP UA 300 -29.65 -26.51 -143.61
C ASP UA 300 -30.73 -26.10 -144.60
N MET UA 301 -30.82 -24.79 -144.90
CA MET UA 301 -31.99 -24.11 -145.45
C MET UA 301 -33.30 -24.70 -144.91
N ARG UA 302 -33.44 -24.63 -143.59
CA ARG UA 302 -34.70 -24.94 -142.94
C ARG UA 302 -35.61 -23.72 -142.94
N GLU UA 303 -36.66 -23.77 -142.12
CA GLU UA 303 -37.73 -22.78 -142.22
C GLU UA 303 -37.31 -21.40 -141.74
N TRP UA 304 -36.70 -21.32 -140.55
CA TRP UA 304 -36.28 -20.12 -139.83
C TRP UA 304 -37.43 -19.19 -139.45
N GLY UA 305 -38.68 -19.56 -139.70
CA GLY UA 305 -39.81 -18.73 -139.38
C GLY UA 305 -40.93 -19.62 -138.92
N GLN UA 306 -40.60 -20.90 -138.74
CA GLN UA 306 -41.55 -21.87 -138.25
C GLN UA 306 -41.89 -21.56 -136.79
N SER UA 307 -43.17 -21.72 -136.46
CA SER UA 307 -43.64 -21.38 -135.13
C SER UA 307 -43.17 -22.36 -134.07
N ASP UA 308 -42.78 -23.57 -134.47
CA ASP UA 308 -42.32 -24.59 -133.53
C ASP UA 308 -41.09 -25.28 -134.07
N LEU UA 309 -40.12 -24.50 -134.54
CA LEU UA 309 -38.86 -25.07 -134.98
C LEU UA 309 -38.00 -25.41 -133.77
N LYS UA 310 -37.28 -26.54 -133.86
CA LYS UA 310 -36.47 -27.04 -132.76
C LYS UA 310 -35.00 -26.92 -133.10
N ASP UA 311 -34.19 -26.78 -132.05
CA ASP UA 311 -32.74 -26.78 -132.20
C ASP UA 311 -32.25 -28.23 -132.24
N PHE UA 312 -30.92 -28.39 -132.32
CA PHE UA 312 -30.35 -29.72 -132.18
C PHE UA 312 -30.49 -30.18 -130.74
N ASP UA 313 -30.40 -31.50 -130.56
CA ASP UA 313 -30.38 -32.03 -129.22
C ASP UA 313 -29.01 -31.83 -128.58
N ARG UA 314 -28.95 -32.10 -127.28
CA ARG UA 314 -27.71 -31.93 -126.50
C ARG UA 314 -26.62 -32.87 -126.99
N TYR UA 315 -26.98 -34.02 -127.51
CA TYR UA 315 -26.03 -34.92 -128.14
C TYR UA 315 -25.91 -34.66 -129.63
N ASN UA 316 -26.64 -33.68 -130.16
CA ASN UA 316 -26.66 -33.43 -131.59
C ASN UA 316 -25.91 -32.16 -131.97
N LYS UA 317 -25.13 -31.60 -131.05
CA LYS UA 317 -24.42 -30.36 -131.30
C LYS UA 317 -23.08 -30.68 -131.97
N GLN UA 318 -23.16 -31.04 -133.25
CA GLN UA 318 -21.96 -31.21 -134.06
C GLN UA 318 -21.61 -29.88 -134.71
N PHE UA 319 -20.31 -29.58 -134.74
CA PHE UA 319 -19.82 -28.26 -135.12
C PHE UA 319 -18.86 -28.36 -136.30
N PRO UA 320 -19.35 -28.28 -137.54
CA PRO UA 320 -18.49 -28.13 -138.71
C PRO UA 320 -17.74 -26.80 -138.71
N ASP VA 39 6.93 0.13 -115.40
CA ASP VA 39 6.49 1.22 -114.55
C ASP VA 39 5.74 2.27 -115.37
N GLY VA 40 6.22 2.50 -116.60
CA GLY VA 40 5.54 3.42 -117.49
C GLY VA 40 4.21 2.85 -117.95
N CYS VA 41 3.12 3.42 -117.45
CA CYS VA 41 1.80 2.91 -117.79
C CYS VA 41 1.42 3.26 -119.21
N CYS VA 42 1.80 4.45 -119.66
CA CYS VA 42 1.70 4.80 -121.08
C CYS VA 42 3.01 4.53 -121.80
N SER VA 43 3.56 3.33 -121.62
CA SER VA 43 4.75 2.94 -122.35
C SER VA 43 4.41 2.71 -123.81
N LYS VA 44 5.29 3.20 -124.69
CA LYS VA 44 5.05 3.35 -126.13
C LYS VA 44 3.76 4.11 -126.39
N MET VA 45 3.51 5.11 -125.54
CA MET VA 45 2.34 5.97 -125.64
C MET VA 45 2.76 7.34 -125.14
N GLY VA 46 1.78 8.21 -124.91
CA GLY VA 46 2.09 9.58 -124.56
C GLY VA 46 2.67 9.76 -123.18
N GLY VA 47 1.88 9.54 -122.15
CA GLY VA 47 2.34 9.76 -120.80
C GLY VA 47 1.17 9.93 -119.87
N ILE VA 48 1.49 9.99 -118.58
CA ILE VA 48 0.47 10.03 -117.53
C ILE VA 48 -0.12 11.43 -117.50
N ASN VA 49 -1.36 11.57 -118.00
CA ASN VA 49 -2.00 12.88 -117.95
C ASN VA 49 -2.61 13.13 -116.58
N TYR VA 50 -3.61 12.34 -116.19
CA TYR VA 50 -4.27 12.51 -114.91
C TYR VA 50 -4.95 11.21 -114.53
N CYS VA 51 -5.13 11.02 -113.23
CA CYS VA 51 -5.86 9.88 -112.70
C CYS VA 51 -7.33 10.26 -112.63
N ASP VA 52 -8.12 9.76 -113.57
CA ASP VA 52 -9.57 9.94 -113.52
C ASP VA 52 -10.11 9.00 -112.45
N SER VA 53 -10.60 9.59 -111.36
CA SER VA 53 -11.06 8.85 -110.21
C SER VA 53 -12.52 8.43 -110.31
N SER VA 54 -13.22 8.86 -111.36
CA SER VA 54 -14.53 8.28 -111.64
C SER VA 54 -14.38 6.80 -111.98
N ALA VA 55 -13.37 6.47 -112.77
CA ALA VA 55 -13.03 5.09 -113.05
C ALA VA 55 -11.80 4.63 -112.29
N GLY VA 56 -11.09 5.53 -111.61
CA GLY VA 56 -9.92 5.16 -110.85
C GLY VA 56 -8.75 4.71 -111.69
N ARG VA 57 -8.64 5.23 -112.91
CA ARG VA 57 -7.60 4.79 -113.84
C ARG VA 57 -6.84 6.01 -114.35
N LEU VA 58 -5.62 5.77 -114.79
CA LEU VA 58 -4.84 6.83 -115.40
C LEU VA 58 -5.36 7.11 -116.81
N VAL VA 59 -5.02 8.30 -117.30
CA VAL VA 59 -5.34 8.70 -118.66
C VAL VA 59 -4.03 8.94 -119.40
N CYS VA 60 -3.84 8.23 -120.51
CA CYS VA 60 -2.66 8.48 -121.31
C CYS VA 60 -2.87 9.71 -122.18
N ASN VA 61 -1.77 10.23 -122.71
CA ASN VA 61 -1.88 11.39 -123.59
C ASN VA 61 -2.49 11.03 -124.92
N ASN VA 62 -2.21 9.84 -125.44
CA ASN VA 62 -3.09 9.25 -126.42
C ASN VA 62 -4.37 8.81 -125.72
N GLY VA 63 -5.49 8.95 -126.41
CA GLY VA 63 -6.77 8.80 -125.76
C GLY VA 63 -7.15 7.39 -125.37
N PHE VA 64 -6.43 6.82 -124.42
CA PHE VA 64 -6.72 5.46 -123.95
C PHE VA 64 -6.47 5.39 -122.46
N TYR VA 65 -7.37 4.73 -121.75
CA TYR VA 65 -7.10 4.40 -120.36
C TYR VA 65 -6.03 3.34 -120.30
N SER VA 66 -4.97 3.60 -119.55
CA SER VA 66 -3.96 2.58 -119.35
C SER VA 66 -4.50 1.50 -118.42
N THR VA 67 -3.80 0.38 -118.39
CA THR VA 67 -4.25 -0.74 -117.58
C THR VA 67 -3.80 -0.65 -116.13
N CYS VA 68 -3.12 0.43 -115.76
CA CYS VA 68 -2.70 0.62 -114.38
C CYS VA 68 -3.89 1.05 -113.52
N TYR VA 69 -3.62 1.17 -112.22
CA TYR VA 69 -4.59 1.63 -111.25
C TYR VA 69 -4.07 2.86 -110.56
N CYS VA 70 -4.97 3.69 -110.04
CA CYS VA 70 -4.52 4.74 -109.14
C CYS VA 70 -5.34 4.79 -107.85
N THR VA 71 -6.62 4.45 -107.92
CA THR VA 71 -7.47 4.46 -106.75
C THR VA 71 -7.97 3.06 -106.45
N ARG VA 72 -8.23 2.79 -105.17
CA ARG VA 72 -8.81 1.50 -104.80
C ARG VA 72 -10.28 1.40 -105.19
N HIS VA 73 -10.95 2.53 -105.40
CA HIS VA 73 -12.37 2.51 -105.76
C HIS VA 73 -12.50 2.32 -107.26
N ALA VA 74 -12.28 1.09 -107.70
CA ALA VA 74 -12.47 0.72 -109.09
C ALA VA 74 -12.76 -0.76 -109.15
N VAL VA 75 -13.11 -1.24 -110.34
CA VAL VA 75 -13.44 -2.65 -110.51
C VAL VA 75 -12.16 -3.46 -110.48
N MET VA 76 -11.87 -4.06 -109.33
CA MET VA 76 -10.70 -4.91 -109.16
C MET VA 76 -11.13 -6.36 -109.15
N ASP VA 77 -10.45 -7.19 -109.92
CA ASP VA 77 -10.83 -8.59 -110.07
C ASP VA 77 -10.17 -9.39 -108.95
N LEU VA 78 -10.69 -9.23 -107.74
CA LEU VA 78 -10.11 -9.85 -106.55
C LEU VA 78 -10.71 -11.24 -106.37
N GLN VA 79 -9.86 -12.26 -106.39
CA GLN VA 79 -10.32 -13.65 -106.33
C GLN VA 79 -9.57 -14.49 -105.29
N PHE VA 80 -8.91 -13.85 -104.33
CA PHE VA 80 -8.17 -14.60 -103.32
C PHE VA 80 -8.01 -13.72 -102.09
N LEU VA 81 -7.98 -14.35 -100.92
CA LEU VA 81 -7.86 -13.61 -99.68
C LEU VA 81 -6.98 -14.35 -98.68
N MET VA 82 -6.55 -13.62 -97.67
CA MET VA 82 -5.80 -14.13 -96.52
C MET VA 82 -6.58 -13.80 -95.24
N GLY VA 83 -5.92 -14.01 -94.11
CA GLY VA 83 -6.46 -13.58 -92.83
C GLY VA 83 -7.43 -14.56 -92.23
N CYS VA 84 -7.24 -14.92 -90.97
CA CYS VA 84 -7.97 -16.03 -90.38
C CYS VA 84 -9.30 -15.56 -89.79
N CYS VA 85 -10.12 -16.54 -89.40
CA CYS VA 85 -11.56 -16.38 -89.14
C CYS VA 85 -12.27 -15.73 -90.32
N LEU VA 86 -11.87 -16.13 -91.52
CA LEU VA 86 -12.39 -15.55 -92.75
C LEU VA 86 -13.76 -16.13 -93.07
N TRP VA 87 -14.58 -15.32 -93.75
CA TRP VA 87 -15.91 -15.69 -94.23
C TRP VA 87 -16.80 -16.16 -93.09
N HIS VA 88 -16.67 -15.49 -91.96
CA HIS VA 88 -17.37 -15.81 -90.73
C HIS VA 88 -17.58 -14.48 -90.00
N GLY VA 89 -17.83 -14.57 -88.69
CA GLY VA 89 -17.98 -13.36 -87.89
C GLY VA 89 -16.75 -12.50 -87.77
N GLY VA 90 -15.58 -13.01 -88.15
CA GLY VA 90 -14.35 -12.27 -88.02
C GLY VA 90 -13.60 -12.65 -86.76
N VAL VA 91 -12.34 -12.21 -86.71
CA VAL VA 91 -11.45 -12.64 -85.64
C VAL VA 91 -11.81 -11.93 -84.34
N TYR VA 92 -12.02 -12.70 -83.29
CA TYR VA 92 -12.35 -12.13 -81.99
C TYR VA 92 -11.11 -11.44 -81.41
N PRO VA 93 -11.25 -10.21 -80.91
CA PRO VA 93 -10.06 -9.40 -80.61
C PRO VA 93 -9.46 -9.61 -79.24
N GLN VA 94 -10.10 -10.36 -78.35
CA GLN VA 94 -9.61 -10.49 -76.99
C GLN VA 94 -8.38 -11.39 -76.93
N LEU VA 95 -7.54 -11.12 -75.94
CA LEU VA 95 -6.38 -11.96 -75.70
C LEU VA 95 -6.81 -13.31 -75.15
N ASN VA 96 -5.93 -14.30 -75.33
CA ASN VA 96 -6.16 -15.63 -74.79
C ASN VA 96 -4.90 -16.08 -74.06
N SER VA 97 -5.09 -16.70 -72.90
CA SER VA 97 -3.97 -17.30 -72.19
C SER VA 97 -3.42 -18.51 -72.93
N SER VA 98 -4.29 -19.27 -73.59
CA SER VA 98 -3.88 -20.44 -74.34
C SER VA 98 -3.60 -20.04 -75.79
N GLY VA 99 -3.39 -21.03 -76.65
CA GLY VA 99 -3.17 -20.81 -78.05
C GLY VA 99 -4.41 -20.81 -78.91
N LEU VA 100 -5.59 -20.83 -78.30
CA LEU VA 100 -6.82 -20.87 -79.06
C LEU VA 100 -7.16 -19.50 -79.62
N VAL VA 101 -7.84 -19.51 -80.76
CA VAL VA 101 -8.39 -18.30 -81.37
C VAL VA 101 -9.79 -18.62 -81.86
N VAL VA 102 -10.77 -17.81 -81.46
CA VAL VA 102 -12.16 -18.04 -81.82
C VAL VA 102 -12.61 -16.91 -82.73
N CYS VA 103 -13.71 -17.15 -83.44
CA CYS VA 103 -14.32 -16.13 -84.27
C CYS VA 103 -15.52 -15.51 -83.55
N ASN VA 104 -16.08 -14.48 -84.17
CA ASN VA 104 -17.14 -13.71 -83.52
C ASN VA 104 -18.47 -14.46 -83.51
N ASP VA 105 -18.66 -15.40 -84.43
CA ASP VA 105 -19.89 -16.17 -84.49
C ASP VA 105 -19.80 -17.46 -83.70
N GLY VA 106 -18.96 -17.51 -82.67
CA GLY VA 106 -18.88 -18.68 -81.83
C GLY VA 106 -18.18 -19.87 -82.45
N TYR VA 107 -17.42 -19.66 -83.51
CA TYR VA 107 -16.76 -20.74 -84.23
C TYR VA 107 -15.27 -20.72 -83.95
N VAL VA 108 -14.73 -21.87 -83.60
CA VAL VA 108 -13.30 -22.00 -83.39
C VAL VA 108 -12.64 -22.27 -84.75
N SER VA 109 -11.33 -22.05 -84.79
CA SER VA 109 -10.55 -22.19 -86.03
C SER VA 109 -9.30 -22.98 -85.68
N GLU VA 110 -9.38 -24.30 -85.86
CA GLU VA 110 -8.25 -25.18 -85.57
C GLU VA 110 -7.11 -24.94 -86.54
N GLU VA 111 -7.43 -24.53 -87.77
CA GLU VA 111 -6.39 -24.13 -88.72
C GLU VA 111 -5.64 -22.91 -88.19
N CYS VA 112 -6.38 -21.93 -87.66
CA CYS VA 112 -5.74 -20.70 -87.21
C CYS VA 112 -4.97 -20.90 -85.91
N SER VA 113 -5.46 -21.74 -85.02
CA SER VA 113 -4.79 -21.96 -83.74
C SER VA 113 -3.58 -22.86 -83.93
N LEU VA 114 -2.62 -22.72 -83.02
CA LEU VA 114 -1.45 -23.59 -83.03
C LEU VA 114 -1.85 -25.00 -82.60
N GLN VA 115 -1.10 -25.97 -83.10
CA GLN VA 115 -1.42 -27.38 -82.91
C GLN VA 115 -0.54 -27.96 -81.81
N LYS VA 116 -1.15 -28.30 -80.69
CA LYS VA 116 -0.46 -29.03 -79.62
C LYS VA 116 -1.47 -29.77 -78.75
N UNK WA 1 -23.72 -2.82 -129.69
CA UNK WA 1 -22.83 -2.06 -130.57
C UNK WA 1 -23.12 -2.37 -132.03
N UNK WA 2 -22.52 -3.46 -132.52
CA UNK WA 2 -22.79 -4.11 -133.80
C UNK WA 2 -22.43 -3.31 -135.04
N UNK WA 3 -21.96 -2.07 -134.88
CA UNK WA 3 -21.61 -1.22 -136.02
C UNK WA 3 -20.74 -0.08 -135.51
N UNK WA 4 -19.53 0.04 -136.04
CA UNK WA 4 -18.66 1.14 -135.59
C UNK WA 4 -19.00 2.43 -136.31
N UNK WA 5 -18.86 2.45 -137.63
CA UNK WA 5 -19.21 3.65 -138.38
C UNK WA 5 -20.73 3.75 -138.50
N UNK WA 6 -21.35 4.43 -137.56
CA UNK WA 6 -22.80 4.61 -137.57
C UNK WA 6 -23.17 5.58 -138.69
N UNK WA 7 -23.81 5.06 -139.72
CA UNK WA 7 -24.16 5.87 -140.87
C UNK WA 7 -25.25 6.86 -140.51
N UNK WA 8 -25.26 7.98 -141.23
CA UNK WA 8 -26.27 9.03 -141.06
C UNK WA 8 -26.90 9.24 -142.43
N UNK WA 9 -28.01 8.53 -142.67
CA UNK WA 9 -28.82 8.56 -143.89
C UNK WA 9 -28.01 8.28 -145.16
N UNK XA 1 -86.67 -71.72 -18.19
CA UNK XA 1 -88.08 -72.00 -17.92
C UNK XA 1 -88.98 -71.15 -18.80
N UNK XA 2 -88.45 -70.75 -19.95
CA UNK XA 2 -89.19 -69.99 -20.94
C UNK XA 2 -89.57 -70.89 -22.10
N UNK XA 3 -90.85 -70.92 -22.44
CA UNK XA 3 -91.33 -71.75 -23.54
C UNK XA 3 -90.98 -71.08 -24.86
N UNK XA 4 -90.15 -71.74 -25.66
CA UNK XA 4 -89.81 -71.21 -26.98
C UNK XA 4 -90.99 -71.25 -27.92
N UNK XA 5 -91.91 -72.21 -27.75
CA UNK XA 5 -93.13 -72.25 -28.54
C UNK XA 5 -94.01 -71.05 -28.24
N UNK XA 6 -94.16 -70.69 -26.96
CA UNK XA 6 -94.93 -69.51 -26.59
C UNK XA 6 -94.22 -68.23 -27.03
N UNK XA 7 -92.88 -68.23 -27.01
CA UNK XA 7 -92.13 -67.09 -27.51
C UNK XA 7 -92.31 -66.88 -29.01
N UNK XA 8 -92.30 -67.97 -29.77
CA UNK XA 8 -92.54 -67.88 -31.21
C UNK XA 8 -93.97 -67.48 -31.52
N UNK XA 9 -94.94 -67.96 -30.72
CA UNK XA 9 -96.33 -67.55 -30.90
C UNK XA 9 -96.51 -66.08 -30.58
N UNK XA 10 -95.83 -65.58 -29.55
CA UNK XA 10 -95.89 -64.16 -29.22
C UNK XA 10 -95.23 -63.31 -30.29
N UNK XA 11 -94.12 -63.77 -30.85
CA UNK XA 11 -93.47 -63.05 -31.94
C UNK XA 11 -94.34 -63.04 -33.18
N UNK XA 12 -95.05 -64.13 -33.44
CA UNK XA 12 -95.99 -64.18 -34.56
C UNK XA 12 -97.17 -63.24 -34.34
N UNK XA 13 -97.69 -63.18 -33.11
CA UNK XA 13 -98.79 -62.27 -32.81
C UNK XA 13 -98.36 -60.81 -32.84
N UNK XA 14 -97.09 -60.54 -32.55
CA UNK XA 14 -96.58 -59.18 -32.69
C UNK XA 14 -96.33 -58.82 -34.14
N UNK XA 15 -95.90 -59.80 -34.95
CA UNK XA 15 -95.67 -59.54 -36.37
C UNK XA 15 -96.98 -59.35 -37.12
N UNK XA 16 -98.00 -60.13 -36.77
CA UNK XA 16 -99.32 -60.03 -37.39
C UNK XA 16 -100.27 -59.46 -36.34
N UNK XA 17 -100.32 -58.13 -36.27
CA UNK XA 17 -101.23 -57.44 -35.37
C UNK XA 17 -102.20 -56.52 -36.08
N UNK XA 18 -101.97 -56.21 -37.37
CA UNK XA 18 -102.76 -55.28 -38.17
C UNK XA 18 -102.86 -53.91 -37.51
N UNK XA 19 -101.72 -53.42 -36.99
CA UNK XA 19 -101.66 -52.19 -36.21
C UNK XA 19 -100.71 -51.22 -36.92
N UNK XA 20 -101.26 -50.40 -37.81
CA UNK XA 20 -100.47 -49.43 -38.55
C UNK XA 20 -101.35 -48.23 -38.87
N UNK XA 21 -101.03 -47.08 -38.28
CA UNK XA 21 -101.79 -45.86 -38.51
C UNK XA 21 -100.84 -44.67 -38.50
N UNK XA 22 -100.66 -44.04 -39.64
CA UNK XA 22 -99.67 -42.98 -39.81
C UNK XA 22 -100.37 -41.65 -40.06
N UNK XA 23 -99.56 -40.60 -40.19
CA UNK XA 23 -100.05 -39.24 -40.38
C UNK XA 23 -99.12 -38.49 -41.33
N UNK XA 24 -99.67 -37.44 -41.94
CA UNK XA 24 -98.90 -36.59 -42.84
C UNK XA 24 -99.14 -35.13 -42.49
N UNK XA 25 -98.17 -34.30 -42.86
CA UNK XA 25 -98.19 -32.87 -42.55
C UNK XA 25 -97.71 -32.07 -43.75
N UNK XA 26 -98.05 -30.80 -43.78
CA UNK XA 26 -97.63 -29.88 -44.81
C UNK XA 26 -96.55 -28.93 -44.27
N UNK XA 27 -96.21 -27.92 -45.07
CA UNK XA 27 -95.21 -26.94 -44.63
C UNK XA 27 -95.75 -26.04 -43.52
N UNK XA 28 -97.04 -25.70 -43.59
CA UNK XA 28 -97.69 -24.89 -42.57
C UNK XA 28 -98.38 -25.74 -41.51
N UNK XA 29 -97.88 -26.95 -41.28
CA UNK XA 29 -98.38 -27.92 -40.29
C UNK XA 29 -99.85 -28.26 -40.51
N UNK XA 30 -100.24 -28.37 -41.78
CA UNK XA 30 -101.58 -28.82 -42.12
C UNK XA 30 -101.60 -30.35 -42.09
N UNK XA 31 -102.27 -30.90 -41.08
CA UNK XA 31 -102.21 -32.33 -40.81
C UNK XA 31 -103.04 -33.11 -41.83
N UNK XA 32 -102.66 -34.38 -42.00
CA UNK XA 32 -103.37 -35.27 -42.89
C UNK XA 32 -103.38 -36.66 -42.28
N UNK XA 33 -104.57 -37.14 -41.90
CA UNK XA 33 -104.75 -38.46 -41.32
C UNK XA 33 -105.32 -39.43 -42.35
N UNK XA 34 -105.11 -40.72 -42.10
CA UNK XA 34 -105.55 -41.76 -43.01
C UNK XA 34 -106.05 -42.97 -42.22
N UNK XA 35 -106.82 -43.81 -42.90
CA UNK XA 35 -107.34 -45.02 -42.30
C UNK XA 35 -106.22 -46.04 -42.11
N UNK XA 36 -106.42 -46.93 -41.15
CA UNK XA 36 -105.44 -47.96 -40.87
C UNK XA 36 -105.47 -49.03 -41.96
N UNK XA 37 -104.29 -49.40 -42.46
CA UNK XA 37 -104.17 -50.45 -43.45
C UNK XA 37 -102.93 -51.28 -43.15
N UNK XA 38 -103.02 -52.57 -43.50
CA UNK XA 38 -101.96 -53.57 -43.31
C UNK XA 38 -101.44 -53.67 -41.88
N UNK XA 39 -91.05 -33.37 -42.92
CA UNK XA 39 -92.20 -32.50 -42.70
C UNK XA 39 -93.42 -33.01 -43.46
N UNK XA 40 -93.18 -33.80 -44.50
CA UNK XA 40 -94.29 -34.35 -45.28
C UNK XA 40 -95.03 -35.42 -44.49
N UNK XA 41 -94.31 -36.35 -43.90
CA UNK XA 41 -94.89 -37.41 -43.07
C UNK XA 41 -93.84 -37.88 -42.08
N UNK XA 42 -94.16 -37.76 -40.79
CA UNK XA 42 -93.19 -38.08 -39.76
C UNK XA 42 -92.95 -39.58 -39.66
N UNK XA 43 -91.69 -39.96 -39.45
CA UNK XA 43 -91.34 -41.36 -39.25
C UNK XA 43 -91.94 -41.90 -37.96
N UNK XA 44 -92.16 -41.05 -36.97
CA UNK XA 44 -92.88 -41.40 -35.76
C UNK XA 44 -94.37 -41.22 -35.91
N UNK XA 45 -94.84 -40.81 -37.10
CA UNK XA 45 -96.27 -40.64 -37.34
C UNK XA 45 -97.02 -41.96 -37.33
N UNK XA 46 -96.34 -43.07 -37.61
CA UNK XA 46 -96.97 -44.38 -37.57
C UNK XA 46 -97.35 -44.75 -36.14
N UNK XA 47 -98.54 -45.34 -36.00
CA UNK XA 47 -99.06 -45.71 -34.69
C UNK XA 47 -99.82 -47.02 -34.82
N UNK XA 48 -100.04 -47.66 -33.67
CA UNK XA 48 -100.71 -48.96 -33.63
C UNK XA 48 -102.20 -48.84 -33.97
N LYS YA 24 -1.48 -24.14 -138.67
CA LYS YA 24 -0.34 -24.93 -138.28
C LYS YA 24 -0.49 -25.48 -136.87
N PHE YA 25 -0.83 -24.61 -135.91
CA PHE YA 25 -0.98 -25.00 -134.52
C PHE YA 25 -2.36 -24.61 -134.03
N LYS YA 26 -3.06 -25.56 -133.41
CA LYS YA 26 -4.38 -25.34 -132.83
C LYS YA 26 -4.31 -25.67 -131.36
N LYS YA 27 -4.50 -24.65 -130.52
CA LYS YA 27 -4.35 -24.84 -129.08
C LYS YA 27 -5.54 -25.60 -128.50
N PRO YA 28 -5.32 -26.40 -127.47
CA PRO YA 28 -6.43 -27.05 -126.77
C PRO YA 28 -7.20 -26.06 -125.94
N PRO YA 29 -8.40 -26.42 -125.48
CA PRO YA 29 -9.11 -25.55 -124.53
C PRO YA 29 -8.34 -25.39 -123.23
N ILE YA 30 -8.36 -24.16 -122.70
CA ILE YA 30 -7.60 -23.86 -121.49
C ILE YA 30 -8.24 -24.53 -120.28
N ASN YA 31 -9.56 -24.38 -120.14
CA ASN YA 31 -10.27 -24.98 -119.02
C ASN YA 31 -10.73 -26.40 -119.34
N ASN YA 32 -9.79 -27.21 -119.80
CA ASN YA 32 -10.10 -28.56 -120.20
C ASN YA 32 -10.34 -29.43 -118.98
N PRO YA 33 -11.43 -30.14 -118.91
CA PRO YA 33 -11.54 -31.20 -117.90
C PRO YA 33 -10.71 -32.39 -118.30
N SER YA 34 -9.39 -32.28 -118.16
CA SER YA 34 -8.47 -33.33 -118.57
C SER YA 34 -7.99 -34.16 -117.40
N ASP YA 35 -8.76 -34.19 -116.32
CA ASP YA 35 -8.43 -35.01 -115.17
C ASP YA 35 -9.64 -35.87 -114.81
N ASP YA 36 -9.33 -37.05 -114.26
CA ASP YA 36 -10.36 -38.03 -113.94
C ASP YA 36 -11.31 -37.52 -112.86
N ALA YA 37 -10.82 -36.68 -111.96
CA ALA YA 37 -11.74 -35.98 -111.05
C ALA YA 37 -12.63 -35.01 -111.81
N THR YA 38 -12.04 -34.29 -112.77
CA THR YA 38 -12.75 -33.19 -113.39
C THR YA 38 -13.87 -33.66 -114.31
N ILE YA 39 -13.65 -34.79 -115.01
CA ILE YA 39 -14.69 -35.29 -115.91
C ILE YA 39 -15.89 -35.77 -115.12
N LYS YA 40 -15.63 -36.41 -113.98
CA LYS YA 40 -16.70 -36.83 -113.07
C LYS YA 40 -17.47 -35.64 -112.54
N LEU YA 41 -16.73 -34.58 -112.18
CA LEU YA 41 -17.34 -33.37 -111.64
C LEU YA 41 -18.24 -32.70 -112.67
N ALA YA 42 -17.74 -32.55 -113.89
CA ALA YA 42 -18.50 -31.83 -114.91
C ALA YA 42 -19.69 -32.65 -115.39
N GLU YA 43 -19.53 -33.98 -115.47
CA GLU YA 43 -20.66 -34.85 -115.81
C GLU YA 43 -21.76 -34.77 -114.77
N ALA YA 44 -21.37 -34.80 -113.49
CA ALA YA 44 -22.35 -34.65 -112.42
C ALA YA 44 -23.02 -33.29 -112.44
N ALA YA 45 -22.27 -32.25 -112.80
CA ALA YA 45 -22.84 -30.92 -112.94
C ALA YA 45 -23.91 -30.86 -114.02
N VAL YA 46 -23.62 -31.48 -115.17
CA VAL YA 46 -24.60 -31.51 -116.26
C VAL YA 46 -25.84 -32.29 -115.85
N SER YA 47 -25.65 -33.42 -115.17
CA SER YA 47 -26.77 -34.25 -114.75
C SER YA 47 -27.66 -33.53 -113.75
N VAL YA 48 -27.06 -32.88 -112.76
CA VAL YA 48 -27.86 -32.21 -111.74
C VAL YA 48 -28.50 -30.95 -112.32
N SER YA 49 -27.87 -30.34 -113.33
CA SER YA 49 -28.48 -29.18 -113.97
C SER YA 49 -29.72 -29.59 -114.75
N ASP YA 50 -29.64 -30.72 -115.44
CA ASP YA 50 -30.81 -31.22 -116.16
C ASP YA 50 -31.92 -31.62 -115.20
N SER YA 51 -31.54 -32.19 -114.05
CA SER YA 51 -32.54 -32.56 -113.05
C SER YA 51 -33.26 -31.34 -112.48
N MET YA 52 -32.50 -30.29 -112.15
CA MET YA 52 -33.11 -29.06 -111.64
C MET YA 52 -34.01 -28.41 -112.68
N LEU YA 53 -33.57 -28.41 -113.95
CA LEU YA 53 -34.38 -27.87 -115.03
C LEU YA 53 -35.66 -28.65 -115.20
N GLU YA 54 -35.59 -29.97 -115.07
CA GLU YA 54 -36.77 -30.81 -115.24
C GLU YA 54 -37.75 -30.63 -114.09
N MET YA 55 -37.25 -30.44 -112.87
CA MET YA 55 -38.12 -30.14 -111.75
C MET YA 55 -38.80 -28.79 -111.92
N ALA YA 56 -38.07 -27.81 -112.46
CA ALA YA 56 -38.68 -26.52 -112.76
C ALA YA 56 -39.74 -26.65 -113.85
N LYS YA 57 -39.48 -27.54 -114.82
CA LYS YA 57 -40.44 -27.80 -115.90
C LYS YA 57 -41.73 -28.38 -115.36
N VAL YA 58 -41.64 -29.34 -114.45
CA VAL YA 58 -42.86 -29.89 -113.87
C VAL YA 58 -43.44 -29.01 -112.79
N GLU YA 59 -42.73 -27.97 -112.36
CA GLU YA 59 -43.29 -27.06 -111.37
C GLU YA 59 -44.06 -25.91 -111.98
N LYS YA 60 -43.46 -25.20 -112.93
CA LYS YA 60 -44.03 -23.94 -113.41
C LYS YA 60 -45.23 -24.20 -114.30
N VAL YA 61 -46.32 -23.49 -114.02
CA VAL YA 61 -47.57 -23.66 -114.76
C VAL YA 61 -48.34 -22.35 -114.73
N ILE YA 62 -48.72 -21.86 -115.90
CA ILE YA 62 -49.39 -20.58 -116.06
C ILE YA 62 -50.63 -20.75 -116.92
N THR YA 63 -51.36 -19.65 -117.04
CA THR YA 63 -52.51 -19.59 -117.94
C THR YA 63 -52.05 -19.62 -119.39
N PRO YA 64 -52.86 -20.19 -120.29
CA PRO YA 64 -52.57 -20.06 -121.71
C PRO YA 64 -52.72 -18.62 -122.17
N PRO YA 65 -52.03 -18.23 -123.25
CA PRO YA 65 -52.12 -16.84 -123.72
C PRO YA 65 -53.45 -16.48 -124.34
N SER YA 66 -54.33 -17.43 -124.58
CA SER YA 66 -55.67 -17.14 -125.06
C SER YA 66 -56.67 -16.97 -123.92
N LYS YA 67 -56.23 -17.07 -122.67
CA LYS YA 67 -57.13 -17.01 -121.53
C LYS YA 67 -56.66 -16.12 -120.40
N ASP YA 68 -55.51 -15.46 -120.53
CA ASP YA 68 -55.02 -14.58 -119.48
C ASP YA 68 -55.85 -13.30 -119.42
N ASN YA 69 -56.14 -12.85 -118.22
CA ASN YA 69 -57.01 -11.69 -118.01
C ASN YA 69 -56.17 -10.43 -117.81
N THR YA 70 -55.45 -10.06 -118.86
CA THR YA 70 -54.78 -8.78 -118.94
C THR YA 70 -55.58 -7.88 -119.87
N LEU YA 71 -55.68 -6.61 -119.52
CA LEU YA 71 -56.40 -5.67 -120.37
C LEU YA 71 -55.62 -5.45 -121.67
N THR YA 72 -56.30 -5.63 -122.79
CA THR YA 72 -55.66 -5.45 -124.08
C THR YA 72 -55.48 -3.97 -124.38
N ILE YA 73 -54.60 -3.69 -125.32
CA ILE YA 73 -54.24 -2.31 -125.66
C ILE YA 73 -55.36 -1.72 -126.52
N PRO YA 74 -55.90 -0.55 -126.15
CA PRO YA 74 -56.99 0.04 -126.94
C PRO YA 74 -56.53 0.66 -128.25
N ASN YA 75 -55.23 0.93 -128.40
CA ASN YA 75 -54.54 1.47 -129.57
C ASN YA 75 -55.22 2.66 -130.25
N ALA YA 76 -55.82 3.55 -129.47
CA ALA YA 76 -56.40 4.76 -130.03
C ALA YA 76 -55.30 5.72 -130.49
N TYR YA 77 -55.68 6.62 -131.40
CA TYR YA 77 -54.72 7.59 -131.94
C TYR YA 77 -54.27 8.57 -130.87
N ASN YA 78 -55.19 9.00 -130.01
CA ASN YA 78 -54.83 9.84 -128.87
C ASN YA 78 -54.18 9.05 -127.75
N LEU YA 79 -54.18 7.73 -127.84
CA LEU YA 79 -53.55 6.87 -126.84
C LEU YA 79 -52.07 6.65 -127.12
N GLN YA 80 -51.52 7.28 -128.15
CA GLN YA 80 -50.13 7.07 -128.52
C GLN YA 80 -49.22 8.15 -127.97
N ALA YA 81 -49.69 8.94 -127.02
CA ALA YA 81 -48.86 9.98 -126.46
C ALA YA 81 -47.82 9.40 -125.51
N ARG YA 82 -46.65 10.02 -125.51
CA ARG YA 82 -45.56 9.68 -124.61
C ARG YA 82 -45.60 10.59 -123.39
N ALA YA 83 -45.16 10.06 -122.24
CA ALA YA 83 -45.23 10.80 -121.00
C ALA YA 83 -44.14 10.33 -120.05
N SER YA 84 -44.06 10.99 -118.90
CA SER YA 84 -43.10 10.66 -117.85
C SER YA 84 -43.80 10.85 -116.51
N VAL YA 85 -44.06 9.76 -115.80
CA VAL YA 85 -44.90 9.79 -114.61
C VAL YA 85 -44.27 8.94 -113.52
N ASP YA 86 -44.11 9.52 -112.33
CA ASP YA 86 -43.88 8.75 -111.11
C ASP YA 86 -44.93 9.14 -110.09
N TRP YA 87 -45.40 8.14 -109.35
CA TRP YA 87 -46.56 8.29 -108.47
C TRP YA 87 -46.61 7.09 -107.55
N SER YA 88 -47.11 7.33 -106.34
CA SER YA 88 -47.47 6.23 -105.45
C SER YA 88 -48.63 6.69 -104.58
N GLY YA 89 -49.84 6.31 -104.97
CA GLY YA 89 -51.01 6.68 -104.20
C GLY YA 89 -52.23 5.86 -104.55
N PRO YA 90 -53.41 6.46 -104.45
CA PRO YA 90 -54.63 5.75 -104.84
C PRO YA 90 -54.73 5.60 -106.33
N ILE YA 91 -55.50 4.59 -106.74
CA ILE YA 91 -55.69 4.33 -108.16
C ILE YA 91 -56.57 5.40 -108.80
N GLU YA 92 -57.61 5.85 -108.09
CA GLU YA 92 -58.72 6.55 -108.71
C GLU YA 92 -58.32 7.95 -109.13
N GLU YA 93 -57.63 8.67 -108.25
CA GLU YA 93 -57.22 10.04 -108.57
C GLU YA 93 -56.22 10.05 -109.70
N LEU YA 94 -55.30 9.09 -109.70
CA LEU YA 94 -54.30 9.00 -110.75
C LEU YA 94 -54.93 8.70 -112.10
N THR YA 95 -55.87 7.75 -112.14
CA THR YA 95 -56.47 7.43 -113.42
C THR YA 95 -57.45 8.50 -113.88
N ALA YA 96 -58.02 9.27 -112.96
CA ALA YA 96 -58.81 10.43 -113.35
C ALA YA 96 -57.94 11.49 -113.99
N ARG YA 97 -56.74 11.70 -113.44
CA ARG YA 97 -55.78 12.61 -114.06
C ARG YA 97 -55.35 12.10 -115.42
N ILE YA 98 -55.23 10.78 -115.57
CA ILE YA 98 -54.85 10.19 -116.86
C ILE YA 98 -55.94 10.44 -117.89
N ALA YA 99 -57.20 10.24 -117.52
CA ALA YA 99 -58.30 10.49 -118.45
C ALA YA 99 -58.39 11.97 -118.82
N LYS YA 100 -58.14 12.85 -117.84
CA LYS YA 100 -58.12 14.28 -118.10
C LYS YA 100 -57.00 14.65 -119.07
N ALA YA 101 -55.84 14.02 -118.93
CA ALA YA 101 -54.76 14.26 -119.87
C ALA YA 101 -55.05 13.68 -121.24
N ALA YA 102 -55.79 12.58 -121.29
CA ALA YA 102 -56.03 11.88 -122.54
C ALA YA 102 -57.32 12.30 -123.23
N HIS YA 103 -58.01 13.32 -122.69
CA HIS YA 103 -59.22 13.90 -123.28
C HIS YA 103 -60.34 12.88 -123.39
N PHE YA 104 -60.43 12.01 -122.40
CA PHE YA 104 -61.48 11.00 -122.34
C PHE YA 104 -62.34 11.26 -121.12
N ARG YA 105 -63.64 11.01 -121.27
CA ARG YA 105 -64.49 11.03 -120.10
C ARG YA 105 -64.18 9.83 -119.21
N PHE YA 106 -64.55 9.96 -117.94
CA PHE YA 106 -64.16 8.98 -116.93
C PHE YA 106 -65.36 8.62 -116.08
N ARG YA 107 -65.57 7.32 -115.88
CA ARG YA 107 -66.65 6.84 -115.03
C ARG YA 107 -66.13 5.68 -114.19
N VAL YA 108 -66.61 5.59 -112.96
CA VAL YA 108 -66.22 4.53 -112.05
C VAL YA 108 -67.48 3.92 -111.45
N LEU YA 109 -67.60 2.60 -111.56
CA LEU YA 109 -68.73 1.87 -110.98
C LEU YA 109 -68.24 0.96 -109.87
N GLY YA 110 -69.07 0.82 -108.84
CA GLY YA 110 -68.74 0.07 -107.65
C GLY YA 110 -68.75 0.97 -106.44
N LYS YA 111 -68.34 0.40 -105.31
CA LYS YA 111 -68.28 1.12 -104.05
C LYS YA 111 -66.83 1.22 -103.61
N SER YA 112 -66.42 2.41 -103.20
CA SER YA 112 -65.03 2.65 -102.84
C SER YA 112 -64.68 1.92 -101.55
N PRO YA 113 -63.67 1.08 -101.56
CA PRO YA 113 -63.29 0.37 -100.33
C PRO YA 113 -62.69 1.29 -99.29
N SER YA 114 -62.84 0.88 -98.04
CA SER YA 114 -62.36 1.69 -96.92
C SER YA 114 -60.84 1.76 -96.92
N VAL YA 115 -60.17 0.62 -97.00
CA VAL YA 115 -58.73 0.61 -97.19
C VAL YA 115 -58.47 0.92 -98.65
N PRO YA 116 -57.72 1.97 -98.95
CA PRO YA 116 -57.52 2.35 -100.36
C PRO YA 116 -56.55 1.42 -101.06
N VAL YA 117 -56.73 1.29 -102.36
CA VAL YA 117 -55.83 0.50 -103.18
C VAL YA 117 -54.62 1.34 -103.54
N LEU YA 118 -53.44 0.79 -103.31
CA LEU YA 118 -52.19 1.50 -103.49
C LEU YA 118 -51.49 0.98 -104.74
N ILE YA 119 -50.82 1.88 -105.45
CA ILE YA 119 -50.04 1.55 -106.63
C ILE YA 119 -48.72 2.30 -106.56
N SER YA 120 -47.84 2.00 -107.52
CA SER YA 120 -46.53 2.63 -107.58
C SER YA 120 -46.03 2.55 -109.01
N ILE YA 121 -45.91 3.71 -109.65
CA ILE YA 121 -45.51 3.81 -111.06
C ILE YA 121 -44.31 4.73 -111.14
N SER YA 122 -43.28 4.31 -111.86
CA SER YA 122 -42.13 5.17 -112.07
C SER YA 122 -41.57 4.90 -113.47
N THR YA 123 -42.02 5.69 -114.43
CA THR YA 123 -41.56 5.54 -115.81
C THR YA 123 -41.23 6.91 -116.38
N LYS YA 124 -40.30 6.91 -117.33
CA LYS YA 124 -39.88 8.13 -117.99
C LYS YA 124 -40.33 8.22 -119.44
N ASP YA 125 -40.48 7.09 -120.12
CA ASP YA 125 -40.86 7.12 -121.53
C ASP YA 125 -41.65 5.86 -121.83
N GLU YA 126 -42.97 5.96 -121.72
CA GLU YA 126 -43.87 4.91 -122.19
C GLU YA 126 -45.22 5.54 -122.46
N SER YA 127 -46.05 4.82 -123.19
CA SER YA 127 -47.33 5.36 -123.59
C SER YA 127 -48.43 4.96 -122.61
N LEU YA 128 -49.52 5.73 -122.69
CA LEU YA 128 -50.59 5.65 -121.70
C LEU YA 128 -51.31 4.31 -121.74
N ALA YA 129 -51.30 3.65 -122.91
CA ALA YA 129 -51.97 2.37 -123.03
C ALA YA 129 -51.29 1.30 -122.18
N GLU YA 130 -49.97 1.17 -122.31
CA GLU YA 130 -49.28 0.20 -121.48
C GLU YA 130 -49.18 0.67 -120.04
N ILE YA 131 -49.24 1.98 -119.80
CA ILE YA 131 -49.34 2.49 -118.43
C ILE YA 131 -50.63 1.99 -117.79
N LEU YA 132 -51.73 2.08 -118.51
CA LEU YA 132 -53.01 1.57 -118.05
C LEU YA 132 -52.98 0.06 -117.89
N ARG YA 133 -52.25 -0.63 -118.76
CA ARG YA 133 -52.14 -2.07 -118.70
C ARG YA 133 -51.44 -2.51 -117.41
N ASP YA 134 -50.31 -1.88 -117.09
CA ASP YA 134 -49.64 -2.25 -115.85
C ASP YA 134 -50.39 -1.75 -114.64
N ILE YA 135 -51.20 -0.70 -114.79
CA ILE YA 135 -52.07 -0.25 -113.71
C ILE YA 135 -53.11 -1.33 -113.40
N ASP YA 136 -53.71 -1.90 -114.43
CA ASP YA 136 -54.68 -2.98 -114.23
C ASP YA 136 -54.01 -4.21 -113.64
N TYR YA 137 -52.80 -4.53 -114.11
CA TYR YA 137 -52.10 -5.71 -113.62
C TYR YA 137 -51.68 -5.54 -112.16
N GLN YA 138 -51.24 -4.35 -111.77
CA GLN YA 138 -50.89 -4.11 -110.38
C GLN YA 138 -52.13 -4.03 -109.50
N ALA YA 139 -53.25 -3.57 -110.05
CA ALA YA 139 -54.49 -3.55 -109.30
C ALA YA 139 -54.97 -4.97 -108.99
N GLY YA 140 -54.94 -5.84 -110.00
CA GLY YA 140 -55.33 -7.21 -109.78
C GLY YA 140 -56.82 -7.41 -109.58
N LYS YA 141 -57.18 -8.20 -108.57
CA LYS YA 141 -58.55 -8.68 -108.44
C LYS YA 141 -59.50 -7.66 -107.85
N LYS YA 142 -59.00 -6.56 -107.29
CA LYS YA 142 -59.88 -5.62 -106.62
C LYS YA 142 -60.67 -4.77 -107.61
N ALA YA 143 -60.07 -4.46 -108.76
CA ALA YA 143 -60.76 -3.65 -109.74
C ALA YA 143 -60.20 -3.95 -111.13
N SER YA 144 -60.98 -3.58 -112.13
CA SER YA 144 -60.58 -3.70 -113.52
C SER YA 144 -60.90 -2.38 -114.21
N ILE YA 145 -60.53 -2.28 -115.48
CA ILE YA 145 -60.69 -1.04 -116.22
C ILE YA 145 -61.06 -1.38 -117.67
N HIS YA 146 -62.13 -0.78 -118.16
CA HIS YA 146 -62.55 -0.95 -119.54
C HIS YA 146 -62.41 0.36 -120.29
N VAL YA 147 -62.08 0.24 -121.57
CA VAL YA 147 -61.87 1.40 -122.44
C VAL YA 147 -62.87 1.33 -123.57
N TYR YA 148 -63.61 2.42 -123.78
CA TYR YA 148 -64.52 2.51 -124.91
C TYR YA 148 -64.03 3.59 -125.85
N PRO YA 149 -63.66 3.23 -127.08
CA PRO YA 149 -63.25 4.22 -128.09
C PRO YA 149 -64.36 4.67 -129.03
N ASN YA 150 -65.54 4.09 -128.95
CA ASN YA 150 -66.67 4.63 -129.70
C ASN YA 150 -67.11 5.96 -129.10
N SER YA 151 -67.56 5.93 -127.84
CA SER YA 151 -67.70 7.12 -127.04
C SER YA 151 -66.48 7.18 -126.13
N GLN YA 152 -65.70 8.25 -126.25
CA GLN YA 152 -64.31 8.27 -125.76
C GLN YA 152 -64.31 8.33 -124.24
N VAL YA 153 -64.45 7.14 -123.64
CA VAL YA 153 -64.62 7.05 -122.20
C VAL YA 153 -63.78 5.90 -121.67
N VAL YA 154 -63.41 6.00 -120.40
CA VAL YA 154 -62.84 4.88 -119.67
C VAL YA 154 -63.64 4.69 -118.39
N GLU YA 155 -63.60 3.46 -117.89
CA GLU YA 155 -64.39 3.10 -116.73
C GLU YA 155 -63.55 2.24 -115.81
N LEU YA 156 -63.64 2.53 -114.51
CA LEU YA 156 -63.00 1.76 -113.46
C LEU YA 156 -64.08 0.97 -112.74
N ARG YA 157 -63.98 -0.36 -112.80
CA ARG YA 157 -65.01 -1.25 -112.28
C ARG YA 157 -64.49 -1.95 -111.04
N TYR YA 158 -65.12 -1.71 -109.90
CA TYR YA 158 -64.72 -2.39 -108.68
C TYR YA 158 -65.21 -3.82 -108.67
N ALA YA 159 -64.72 -4.58 -107.70
CA ALA YA 159 -65.14 -5.97 -107.51
C ALA YA 159 -65.88 -6.11 -106.20
N LYS YA 160 -66.75 -7.10 -106.13
CA LYS YA 160 -67.51 -7.38 -104.91
C LYS YA 160 -66.68 -8.19 -103.92
N ILE ZA 208 -58.66 -42.35 -131.47
CA ILE ZA 208 -57.93 -42.73 -132.67
C ILE ZA 208 -57.50 -41.47 -133.42
N ILE ZA 209 -56.21 -41.38 -133.71
CA ILE ZA 209 -55.65 -40.23 -134.40
C ILE ZA 209 -54.73 -40.74 -135.51
N TYR ZA 210 -54.47 -39.89 -136.48
CA TYR ZA 210 -53.66 -40.23 -137.65
C TYR ZA 210 -52.43 -39.33 -137.68
N TYR ZA 211 -51.46 -39.73 -138.48
CA TYR ZA 211 -50.25 -38.95 -138.69
C TYR ZA 211 -49.90 -38.97 -140.16
N ILE ZA 212 -49.15 -37.97 -140.59
CA ILE ZA 212 -48.69 -37.89 -141.97
C ILE ZA 212 -47.33 -38.57 -142.07
N GLN ZA 213 -47.15 -39.35 -143.13
CA GLN ZA 213 -45.88 -40.01 -143.39
C GLN ZA 213 -45.32 -39.72 -144.77
N ALA ZA 214 -46.15 -39.33 -145.73
CA ALA ZA 214 -45.69 -38.95 -147.05
C ALA ZA 214 -46.57 -37.81 -147.54
N VAL ZA 215 -45.94 -36.77 -148.06
CA VAL ZA 215 -46.64 -35.54 -148.41
C VAL ZA 215 -46.13 -35.05 -149.75
N ILE ZA 216 -47.07 -34.77 -150.66
CA ILE ZA 216 -46.78 -34.15 -151.94
C ILE ZA 216 -47.72 -32.97 -152.08
N PRO ZA 217 -47.38 -31.96 -152.91
CA PRO ZA 217 -48.36 -30.89 -153.17
C PRO ZA 217 -49.57 -31.43 -153.92
N GLY ZA 218 -50.68 -31.58 -153.21
CA GLY ZA 218 -51.88 -32.14 -153.77
C GLY ZA 218 -52.32 -33.44 -153.12
N ARG ZA 219 -51.38 -34.34 -152.84
CA ARG ZA 219 -51.68 -35.67 -152.32
C ARG ZA 219 -50.84 -35.94 -151.08
N ALA ZA 220 -51.45 -36.56 -150.08
CA ALA ZA 220 -50.79 -36.81 -148.81
C ALA ZA 220 -51.12 -38.21 -148.33
N TRP ZA 221 -50.50 -38.60 -147.23
CA TRP ZA 221 -50.64 -39.93 -146.64
C TRP ZA 221 -51.08 -39.80 -145.20
N LEU ZA 222 -51.86 -40.79 -144.75
CA LEU ZA 222 -52.25 -40.87 -143.36
C LEU ZA 222 -52.17 -42.31 -142.89
N ILE ZA 223 -51.39 -42.55 -141.84
CA ILE ZA 223 -51.31 -43.84 -141.19
C ILE ZA 223 -52.28 -43.83 -140.02
N GLY ZA 224 -53.16 -44.83 -139.97
CA GLY ZA 224 -54.09 -44.92 -138.88
C GLY ZA 224 -53.45 -45.39 -137.59
N SER ZA 225 -54.12 -45.07 -136.48
CA SER ZA 225 -53.74 -45.66 -135.19
C SER ZA 225 -53.97 -47.16 -135.20
N ASN ZA 226 -55.01 -47.60 -135.89
CA ASN ZA 226 -55.24 -49.01 -136.17
C ASN ZA 226 -54.68 -49.42 -137.52
N GLY ZA 227 -53.90 -48.55 -138.17
CA GLY ZA 227 -53.28 -48.89 -139.44
C GLY ZA 227 -54.08 -48.55 -140.67
N SER ZA 228 -55.08 -47.67 -140.55
CA SER ZA 228 -55.92 -47.30 -141.70
C SER ZA 228 -55.11 -46.41 -142.64
N THR ZA 229 -54.68 -46.98 -143.76
CA THR ZA 229 -53.92 -46.24 -144.75
C THR ZA 229 -54.85 -45.35 -145.57
N LEU ZA 230 -54.55 -44.06 -145.61
CA LEU ZA 230 -55.43 -43.09 -146.26
C LEU ZA 230 -54.62 -42.27 -147.25
N THR ZA 231 -55.15 -42.14 -148.46
CA THR ZA 231 -54.60 -41.25 -149.49
C THR ZA 231 -55.44 -39.98 -149.51
N VAL ZA 232 -54.79 -38.84 -149.34
CA VAL ZA 232 -55.47 -37.58 -149.11
C VAL ZA 232 -55.33 -36.70 -150.35
N ARG ZA 233 -56.44 -36.18 -150.83
CA ARG ZA 233 -56.42 -35.14 -151.83
C ARG ZA 233 -56.57 -33.78 -151.16
N GLU ZA 234 -56.39 -32.72 -151.96
CA GLU ZA 234 -56.64 -31.37 -151.44
C GLU ZA 234 -58.12 -31.18 -151.13
N GLY ZA 235 -58.98 -31.49 -152.09
CA GLY ZA 235 -60.39 -31.61 -151.77
C GLY ZA 235 -60.70 -33.06 -151.46
N SER ZA 236 -60.71 -33.39 -150.17
CA SER ZA 236 -60.92 -34.78 -149.77
C SER ZA 236 -61.60 -34.82 -148.41
N LYS ZA 237 -62.33 -35.90 -148.18
CA LYS ZA 237 -63.14 -36.08 -146.98
C LYS ZA 237 -62.47 -37.11 -146.08
N ILE ZA 238 -62.30 -36.77 -144.81
CA ILE ZA 238 -61.68 -37.65 -143.83
C ILE ZA 238 -62.68 -37.90 -142.70
N PRO ZA 239 -63.05 -39.15 -142.42
CA PRO ZA 239 -63.96 -39.41 -141.31
C PRO ZA 239 -63.31 -39.13 -139.97
N GLY ZA 240 -64.10 -38.59 -139.05
CA GLY ZA 240 -63.60 -38.08 -137.79
C GLY ZA 240 -63.07 -36.67 -137.85
N TYR ZA 241 -62.78 -36.16 -139.05
CA TYR ZA 241 -62.31 -34.79 -139.21
C TYR ZA 241 -62.97 -34.04 -140.35
N GLY ZA 242 -63.81 -34.68 -141.16
CA GLY ZA 242 -64.49 -33.96 -142.21
C GLY ZA 242 -63.58 -33.71 -143.40
N MET ZA 243 -63.83 -32.59 -144.08
CA MET ZA 243 -63.11 -32.25 -145.28
C MET ZA 243 -61.72 -31.72 -144.95
N VAL ZA 244 -60.90 -31.59 -145.99
CA VAL ZA 244 -59.57 -31.04 -145.88
C VAL ZA 244 -59.61 -29.60 -146.36
N LYS ZA 245 -59.35 -28.65 -145.45
CA LYS ZA 245 -59.29 -27.26 -145.84
C LYS ZA 245 -58.08 -26.98 -146.73
N LEU ZA 246 -56.91 -27.42 -146.30
CA LEU ZA 246 -55.67 -27.20 -147.05
C LEU ZA 246 -54.62 -28.17 -146.54
N ILE ZA 247 -53.62 -28.39 -147.38
CA ILE ZA 247 -52.43 -29.15 -147.01
C ILE ZA 247 -51.22 -28.27 -147.29
N ASP ZA 248 -50.13 -28.56 -146.58
CA ASP ZA 248 -48.89 -27.82 -146.75
C ASP ZA 248 -47.78 -28.81 -147.08
N SER ZA 249 -47.15 -28.63 -148.23
CA SER ZA 249 -46.03 -29.48 -148.61
C SER ZA 249 -44.70 -28.87 -148.24
N LEU ZA 250 -44.66 -27.57 -147.97
CA LEU ZA 250 -43.44 -26.96 -147.46
C LEU ZA 250 -43.14 -27.45 -146.06
N GLN ZA 251 -44.13 -27.39 -145.17
CA GLN ZA 251 -43.97 -27.80 -143.80
C GLN ZA 251 -45.07 -28.77 -143.43
N GLY ZA 252 -44.75 -29.73 -142.59
CA GLY ZA 252 -45.68 -30.80 -142.28
C GLY ZA 252 -46.82 -30.40 -141.37
N ARG ZA 253 -47.73 -29.56 -141.88
CA ARG ZA 253 -48.92 -29.17 -141.15
C ARG ZA 253 -50.13 -29.38 -142.04
N ILE ZA 254 -51.11 -30.13 -141.54
CA ILE ZA 254 -52.32 -30.46 -142.28
C ILE ZA 254 -53.51 -29.91 -141.52
N LEU ZA 255 -54.30 -29.07 -142.18
CA LEU ZA 255 -55.47 -28.45 -141.56
C LEU ZA 255 -56.74 -28.98 -142.22
N THR ZA 256 -57.68 -29.41 -141.40
CA THR ZA 256 -58.92 -30.02 -141.85
C THR ZA 256 -60.10 -29.11 -141.58
N SER ZA 257 -61.27 -29.53 -142.05
CA SER ZA 257 -62.51 -28.83 -141.73
C SER ZA 257 -62.87 -28.96 -140.26
N SER ZA 258 -62.38 -29.99 -139.58
CA SER ZA 258 -62.48 -30.04 -138.13
C SER ZA 258 -61.61 -29.00 -137.46
N GLY ZA 259 -60.55 -28.54 -138.11
CA GLY ZA 259 -59.71 -27.50 -137.58
C GLY ZA 259 -58.50 -27.98 -136.81
N GLN ZA 260 -58.37 -29.28 -136.56
CA GLN ZA 260 -57.18 -29.77 -135.88
C GLN ZA 260 -56.00 -29.80 -136.84
N VAL ZA 261 -54.80 -29.81 -136.27
CA VAL ZA 261 -53.56 -29.76 -137.03
C VAL ZA 261 -52.83 -31.07 -136.85
N ILE ZA 262 -52.32 -31.62 -137.95
CA ILE ZA 262 -51.59 -32.90 -137.95
C ILE ZA 262 -50.15 -32.62 -138.36
N LYS ZA 263 -49.23 -33.40 -137.81
CA LYS ZA 263 -47.82 -33.27 -138.15
C LYS ZA 263 -47.16 -34.65 -138.09
N PHE ZA 264 -45.83 -34.65 -138.17
CA PHE ZA 264 -45.08 -35.89 -138.07
C PHE ZA 264 -45.07 -36.40 -136.64
N SER ZA 265 -45.18 -37.72 -136.49
CA SER ZA 265 -45.20 -38.32 -135.17
C SER ZA 265 -43.77 -38.55 -134.67
N GLN ZA 266 -43.64 -38.65 -133.34
CA GLN ZA 266 -42.35 -38.91 -132.72
C GLN ZA 266 -42.45 -40.01 -131.68
N ALA AB 104 -114.03 30.00 -26.73
CA ALA AB 104 -112.97 29.01 -26.60
C ALA AB 104 -111.61 29.63 -26.90
N GLU AB 105 -111.64 30.88 -27.32
CA GLU AB 105 -110.44 31.59 -27.75
C GLU AB 105 -110.26 32.93 -27.06
N VAL AB 106 -111.35 33.64 -26.76
CA VAL AB 106 -111.26 34.90 -26.03
C VAL AB 106 -110.82 34.65 -24.60
N ILE AB 107 -111.17 33.49 -24.04
CA ILE AB 107 -110.67 33.07 -22.73
C ILE AB 107 -109.16 32.90 -22.80
N ASP AB 108 -108.66 32.33 -23.89
CA ASP AB 108 -107.21 32.19 -24.07
C ASP AB 108 -106.54 33.56 -24.21
N LYS AB 109 -107.19 34.50 -24.91
CA LYS AB 109 -106.62 35.83 -25.10
C LYS AB 109 -106.52 36.59 -23.77
N LYS AB 110 -107.61 36.58 -22.99
CA LYS AB 110 -107.56 37.26 -21.70
C LYS AB 110 -106.65 36.51 -20.73
N ALA AB 111 -106.49 35.19 -20.92
CA ALA AB 111 -105.49 34.44 -20.17
C ALA AB 111 -104.07 34.92 -20.48
N PHE AB 112 -103.79 35.20 -21.76
CA PHE AB 112 -102.50 35.77 -22.14
C PHE AB 112 -102.28 37.12 -21.47
N LYS AB 113 -103.35 37.93 -21.42
CA LYS AB 113 -103.28 39.24 -20.78
C LYS AB 113 -102.96 39.13 -19.30
N ASP AB 114 -103.69 38.28 -18.58
CA ASP AB 114 -103.47 38.22 -17.14
C ASP AB 114 -102.18 37.49 -16.79
N MET AB 115 -101.73 36.54 -17.61
CA MET AB 115 -100.44 35.92 -17.34
C MET AB 115 -99.29 36.86 -17.64
N THR AB 116 -99.47 37.76 -18.61
CA THR AB 116 -98.46 38.79 -18.84
C THR AB 116 -98.38 39.74 -17.65
N ARG AB 117 -99.55 40.12 -17.12
CA ARG AB 117 -99.58 40.98 -15.93
C ARG AB 117 -99.01 40.27 -14.71
N ASN AB 118 -99.20 38.96 -14.60
CA ASN AB 118 -98.65 38.22 -13.47
C ASN AB 118 -97.15 37.99 -13.60
N LEU AB 119 -96.65 37.82 -14.83
CA LEU AB 119 -95.21 37.72 -15.01
C LEU AB 119 -94.53 39.03 -14.69
N TYR AB 120 -95.05 40.13 -15.20
CA TYR AB 120 -94.44 41.43 -14.96
C TYR AB 120 -95.40 42.35 -14.22
N PRO AB 121 -95.27 42.47 -12.90
CA PRO AB 121 -96.08 43.42 -12.15
C PRO AB 121 -95.60 44.86 -12.21
N LEU AB 122 -94.59 45.15 -13.03
CA LEU AB 122 -93.97 46.47 -13.06
C LEU AB 122 -94.13 47.08 -14.44
N ASN AB 123 -94.59 48.31 -14.48
CA ASN AB 123 -94.50 49.09 -15.70
C ASN AB 123 -93.11 49.68 -15.82
N PRO AB 124 -92.61 49.87 -17.05
CA PRO AB 124 -91.30 50.53 -17.24
C PRO AB 124 -91.28 51.95 -16.71
N GLU AB 125 -92.41 52.65 -16.78
CA GLU AB 125 -92.53 53.97 -16.18
C GLU AB 125 -92.35 53.91 -14.67
N GLN AB 126 -92.95 52.89 -14.04
CA GLN AB 126 -92.77 52.67 -12.61
C GLN AB 126 -91.31 52.32 -12.30
N VAL AB 127 -90.67 51.58 -13.19
CA VAL AB 127 -89.26 51.20 -13.02
C VAL AB 127 -88.38 52.44 -13.02
N VAL AB 128 -88.61 53.34 -13.98
CA VAL AB 128 -87.83 54.56 -14.08
C VAL AB 128 -88.08 55.47 -12.88
N LYS AB 129 -89.34 55.57 -12.44
CA LYS AB 129 -89.66 56.40 -11.28
C LYS AB 129 -89.03 55.88 -10.00
N LEU AB 130 -89.08 54.56 -9.77
CA LEU AB 130 -88.46 54.02 -8.57
C LEU AB 130 -86.94 54.10 -8.64
N LYS AB 131 -86.37 54.03 -9.85
CA LYS AB 131 -84.94 54.23 -10.00
C LYS AB 131 -84.55 55.66 -9.64
N GLN AB 132 -85.37 56.63 -10.02
CA GLN AB 132 -85.16 58.01 -9.61
C GLN AB 132 -85.29 58.17 -8.09
N ILE AB 133 -86.24 57.44 -7.51
CA ILE AB 133 -86.44 57.46 -6.06
C ILE AB 133 -85.21 56.90 -5.36
N TYR AB 134 -84.64 55.83 -5.91
CA TYR AB 134 -83.41 55.25 -5.38
C TYR AB 134 -82.24 56.22 -5.47
N GLU AB 135 -82.13 56.93 -6.59
CA GLU AB 135 -81.06 57.89 -6.76
C GLU AB 135 -81.19 59.05 -5.79
N THR AB 136 -82.41 59.55 -5.58
CA THR AB 136 -82.61 60.64 -4.62
C THR AB 136 -82.35 60.18 -3.19
N SER AB 137 -82.73 58.95 -2.86
CA SER AB 137 -82.47 58.41 -1.53
C SER AB 137 -80.98 58.21 -1.31
N GLU AB 138 -80.25 57.77 -2.34
CA GLU AB 138 -78.80 57.64 -2.24
C GLU AB 138 -78.14 59.00 -2.11
N TYR AB 139 -78.68 60.01 -2.79
CA TYR AB 139 -78.20 61.37 -2.66
C TYR AB 139 -78.40 61.90 -1.25
N ALA AB 140 -79.56 61.60 -0.65
CA ALA AB 140 -79.82 61.99 0.73
C ALA AB 140 -78.90 61.26 1.70
N LYS AB 141 -78.62 59.99 1.43
CA LYS AB 141 -77.69 59.23 2.26
C LYS AB 141 -76.28 59.82 2.18
N ALA AB 142 -75.85 60.18 0.98
CA ALA AB 142 -74.51 60.72 0.78
C ALA AB 142 -74.44 62.22 1.05
N ALA AB 143 -75.56 62.84 1.41
CA ALA AB 143 -75.56 64.27 1.69
C ALA AB 143 -74.79 64.60 2.95
N THR AB 144 -74.00 65.67 2.90
CA THR AB 144 -73.24 66.15 4.04
C THR AB 144 -73.90 67.40 4.58
N PRO AB 145 -74.40 67.40 5.81
CA PRO AB 145 -75.03 68.61 6.35
C PRO AB 145 -74.03 69.71 6.62
N GLY AB 146 -74.50 70.95 6.54
CA GLY AB 146 -73.69 72.11 6.86
C GLY AB 146 -72.72 72.47 5.75
N THR AB 147 -71.93 73.51 6.02
CA THR AB 147 -70.94 73.97 5.07
C THR AB 147 -69.71 73.07 5.10
N PRO AB 148 -69.30 72.51 3.98
CA PRO AB 148 -68.07 71.72 3.98
C PRO AB 148 -66.85 72.61 4.12
N PRO AB 149 -65.75 72.09 4.65
CA PRO AB 149 -64.51 72.85 4.69
C PRO AB 149 -63.89 73.02 3.31
N LYS AB 150 -63.09 74.07 3.17
CA LYS AB 150 -62.36 74.34 1.93
C LYS AB 150 -60.99 73.67 1.98
N PRO AB 151 -60.59 72.93 0.94
CA PRO AB 151 -59.25 72.36 0.91
C PRO AB 151 -58.22 73.44 0.61
N THR AB 152 -57.21 73.56 1.48
CA THR AB 152 -56.17 74.54 1.29
C THR AB 152 -54.90 74.06 1.97
N ALA AB 153 -53.78 74.64 1.55
CA ALA AB 153 -52.50 74.34 2.17
C ALA AB 153 -52.12 75.45 3.15
N THR AB 154 -51.43 75.06 4.21
CA THR AB 154 -50.97 75.99 5.23
C THR AB 154 -49.46 75.91 5.35
N SER AB 155 -48.82 77.05 5.55
CA SER AB 155 -47.36 77.12 5.65
C SER AB 155 -47.01 78.01 6.84
N GLN AB 156 -46.39 77.41 7.85
CA GLN AB 156 -46.11 78.11 9.10
C GLN AB 156 -44.65 77.92 9.50
N PHE AB 157 -44.18 78.83 10.34
CA PHE AB 157 -42.83 78.75 10.91
C PHE AB 157 -42.96 78.40 12.38
N VAL AB 158 -42.45 77.23 12.75
CA VAL AB 158 -42.52 76.77 14.13
C VAL AB 158 -41.44 77.48 14.92
N ASN AB 159 -41.85 78.16 16.00
CA ASN AB 159 -40.93 78.79 16.93
C ASN AB 159 -40.99 78.04 18.26
N LEU AB 160 -39.82 77.63 18.74
CA LEU AB 160 -39.71 76.74 19.89
C LEU AB 160 -39.24 77.48 21.15
N SER AB 161 -39.69 78.71 21.32
CA SER AB 161 -39.36 79.44 22.54
C SER AB 161 -40.15 78.87 23.71
N PRO AB 162 -39.56 78.82 24.91
CA PRO AB 162 -40.29 78.30 26.07
C PRO AB 162 -41.52 79.11 26.45
N GLY AB 163 -41.50 80.41 26.25
CA GLY AB 163 -42.71 81.17 26.50
C GLY AB 163 -43.68 81.23 25.35
N SER AB 164 -43.36 80.60 24.22
CA SER AB 164 -44.17 80.75 23.02
C SER AB 164 -45.36 79.79 23.05
N THR AB 165 -46.04 79.68 21.91
CA THR AB 165 -47.24 78.86 21.78
C THR AB 165 -46.99 77.75 20.78
N PRO AB 166 -47.29 76.49 21.13
CA PRO AB 166 -47.14 75.41 20.16
C PRO AB 166 -48.21 75.48 19.08
N PRO AB 167 -47.93 74.98 17.88
CA PRO AB 167 -48.89 75.12 16.77
C PRO AB 167 -50.12 74.22 16.92
N VAL AB 168 -51.20 74.72 16.34
CA VAL AB 168 -52.51 74.07 16.33
C VAL AB 168 -52.95 73.94 14.89
N ILE AB 169 -53.26 72.72 14.47
CA ILE AB 169 -53.50 72.39 13.06
C ILE AB 169 -54.84 71.68 12.93
N ARG AB 170 -55.68 72.16 12.03
CA ARG AB 170 -56.99 71.59 11.79
C ARG AB 170 -56.93 70.53 10.70
N LEU AB 171 -57.84 69.55 10.81
CA LEU AB 171 -57.98 68.49 9.83
C LEU AB 171 -59.45 68.15 9.66
N SER AB 172 -59.75 67.41 8.60
CA SER AB 172 -61.09 66.94 8.33
C SER AB 172 -61.16 65.43 8.45
N GLN AB 173 -62.32 64.93 8.86
CA GLN AB 173 -62.49 63.52 9.14
C GLN AB 173 -62.51 62.70 7.85
N GLY AB 174 -61.69 61.65 7.81
CA GLY AB 174 -61.60 60.83 6.63
C GLY AB 174 -60.83 61.45 5.49
N PHE AB 175 -59.89 62.34 5.78
CA PHE AB 175 -59.08 62.95 4.74
C PHE AB 175 -57.64 63.05 5.22
N VAL AB 176 -56.72 63.00 4.26
CA VAL AB 176 -55.30 62.87 4.54
C VAL AB 176 -54.63 64.22 4.39
N SER AB 177 -53.84 64.59 5.38
CA SER AB 177 -52.99 65.78 5.34
C SER AB 177 -51.54 65.35 5.28
N SER AB 178 -50.77 66.07 4.46
CA SER AB 178 -49.37 65.78 4.24
C SER AB 178 -48.53 66.79 5.02
N LEU AB 179 -47.70 66.27 5.93
CA LEU AB 179 -46.87 67.07 6.81
C LEU AB 179 -45.45 67.05 6.28
N VAL AB 180 -44.91 68.23 5.99
CA VAL AB 180 -43.53 68.37 5.51
C VAL AB 180 -42.90 69.50 6.31
N PHE AB 181 -41.67 69.27 6.78
CA PHE AB 181 -40.99 70.21 7.68
C PHE AB 181 -39.64 70.60 7.10
N LEU AB 182 -39.62 71.69 6.35
CA LEU AB 182 -38.35 72.27 5.97
C LEU AB 182 -37.76 73.01 7.17
N ASP AB 183 -36.47 73.30 7.11
CA ASP AB 183 -35.84 74.01 8.21
C ASP AB 183 -35.98 75.52 8.00
N SER AB 184 -35.22 76.30 8.77
CA SER AB 184 -35.19 77.74 8.58
C SER AB 184 -34.56 78.12 7.25
N THR AB 185 -33.59 77.34 6.78
CA THR AB 185 -33.04 77.55 5.44
C THR AB 185 -33.92 76.94 4.36
N GLY AB 186 -34.97 76.22 4.72
CA GLY AB 186 -35.88 75.67 3.74
C GLY AB 186 -35.54 74.28 3.26
N ALA AB 187 -35.02 73.42 4.12
CA ALA AB 187 -34.62 72.08 3.74
C ALA AB 187 -35.24 71.06 4.68
N PRO AB 188 -35.76 69.94 4.16
CA PRO AB 188 -36.54 69.03 4.99
C PRO AB 188 -35.70 68.28 6.01
N TRP AB 189 -36.29 68.06 7.16
CA TRP AB 189 -35.64 67.36 8.27
C TRP AB 189 -36.38 66.06 8.53
N PRO AB 190 -35.75 64.91 8.28
CA PRO AB 190 -36.44 63.63 8.48
C PRO AB 190 -36.74 63.34 9.94
N ILE AB 191 -37.80 62.57 10.15
CA ILE AB 191 -38.29 62.27 11.50
C ILE AB 191 -37.48 61.12 12.05
N ALA AB 192 -36.83 61.34 13.20
CA ALA AB 192 -36.16 60.24 13.87
C ALA AB 192 -37.14 59.39 14.65
N ALA AB 193 -38.03 60.04 15.41
CA ALA AB 193 -39.01 59.30 16.19
C ALA AB 193 -40.25 60.17 16.37
N TYR AB 194 -41.37 59.53 16.70
CA TYR AB 194 -42.59 60.27 16.98
C TYR AB 194 -43.49 59.44 17.87
N ASP AB 195 -44.26 60.14 18.70
CA ASP AB 195 -45.23 59.52 19.59
C ASP AB 195 -46.58 60.22 19.44
N LEU AB 196 -47.62 59.39 19.46
CA LEU AB 196 -49.01 59.82 19.37
C LEU AB 196 -49.77 59.22 20.53
N GLY AB 197 -50.77 59.95 21.01
CA GLY AB 197 -51.74 59.39 21.94
C GLY AB 197 -53.09 59.29 21.27
N ASP AB 198 -53.96 58.41 21.79
CA ASP AB 198 -55.33 58.18 21.35
C ASP AB 198 -55.45 57.88 19.86
N PRO AB 199 -55.13 56.66 19.41
CA PRO AB 199 -55.34 56.31 17.99
C PRO AB 199 -56.79 56.18 17.56
N SER AB 200 -57.79 56.53 18.39
CA SER AB 200 -59.19 56.46 17.98
C SER AB 200 -59.55 57.49 16.92
N SER AB 201 -58.78 58.57 16.79
CA SER AB 201 -59.11 59.63 15.86
C SER AB 201 -58.10 59.77 14.72
N PHE AB 202 -56.96 59.11 14.78
CA PHE AB 202 -55.88 59.38 13.85
C PHE AB 202 -55.31 58.08 13.30
N ASN AB 203 -54.74 58.17 12.10
CA ASN AB 203 -54.04 57.07 11.48
C ASN AB 203 -52.83 57.60 10.75
N ILE AB 204 -51.72 56.87 10.85
CA ILE AB 204 -50.40 57.37 10.48
C ILE AB 204 -49.85 56.50 9.35
N GLN AB 205 -49.37 57.14 8.30
CA GLN AB 205 -48.56 56.49 7.28
C GLN AB 205 -47.21 57.19 7.22
N TRP AB 206 -46.13 56.42 7.32
CA TRP AB 206 -44.80 57.02 7.50
C TRP AB 206 -43.74 56.03 7.07
N ASP AB 207 -43.05 56.32 5.98
CA ASP AB 207 -41.85 55.57 5.66
C ASP AB 207 -40.72 56.01 6.58
N LYS AB 208 -39.68 55.18 6.65
CA LYS AB 208 -38.71 55.29 7.73
C LYS AB 208 -37.81 56.52 7.61
N THR AB 209 -37.36 56.85 6.40
CA THR AB 209 -36.27 57.80 6.26
C THR AB 209 -36.69 59.18 5.73
N SER AB 210 -37.89 59.33 5.20
CA SER AB 210 -38.28 60.63 4.67
C SER AB 210 -38.86 61.51 5.78
N ASN AB 211 -39.01 62.79 5.46
CA ASN AB 211 -39.63 63.74 6.37
C ASN AB 211 -41.14 63.81 6.19
N THR AB 212 -41.68 63.08 5.22
CA THR AB 212 -43.10 63.13 4.93
C THR AB 212 -43.91 62.46 6.04
N LEU AB 213 -45.09 62.99 6.30
CA LEU AB 213 -46.00 62.38 7.27
C LEU AB 213 -47.43 62.47 6.79
N MET AB 214 -48.05 61.34 6.50
CA MET AB 214 -49.40 61.29 5.95
C MET AB 214 -50.36 60.91 7.08
N ILE AB 215 -51.20 61.86 7.49
CA ILE AB 215 -52.07 61.68 8.65
C ILE AB 215 -53.51 61.83 8.21
N GLN AB 216 -54.34 60.83 8.51
CA GLN AB 216 -55.74 60.84 8.13
C GLN AB 216 -56.59 60.73 9.39
N ALA AB 217 -57.62 61.56 9.47
CA ALA AB 217 -58.45 61.63 10.66
C ALA AB 217 -59.53 60.54 10.64
N THR AB 218 -59.97 60.14 11.82
CA THR AB 218 -60.97 59.10 11.98
C THR AB 218 -62.25 59.58 12.66
N LYS AB 219 -62.14 60.22 13.81
CA LYS AB 219 -63.32 60.71 14.50
C LYS AB 219 -63.61 62.15 14.09
N LEU AB 220 -64.54 62.78 14.79
CA LEU AB 220 -65.07 64.08 14.40
C LEU AB 220 -64.58 65.24 15.27
N TYR AB 221 -64.77 65.15 16.58
CA TYR AB 221 -64.56 66.30 17.47
C TYR AB 221 -63.76 65.91 18.69
N ASN AB 222 -62.65 65.21 18.48
CA ASN AB 222 -61.75 64.82 19.56
C ASN AB 222 -60.33 65.17 19.15
N TYR AB 223 -59.78 66.21 19.77
CA TYR AB 223 -58.46 66.70 19.44
C TYR AB 223 -57.39 65.85 20.12
N GLY AB 224 -56.16 65.96 19.61
CA GLY AB 224 -55.05 65.19 20.12
C GLY AB 224 -53.75 65.96 19.97
N ASN AB 225 -52.67 65.36 20.45
CA ASN AB 225 -51.35 65.98 20.44
C ASN AB 225 -50.35 65.03 19.80
N LEU AB 226 -49.15 65.55 19.53
CA LEU AB 226 -48.15 64.77 18.81
C LEU AB 226 -46.77 65.27 19.18
N ALA AB 227 -45.84 64.33 19.37
CA ALA AB 227 -44.44 64.66 19.63
C ALA AB 227 -43.56 64.06 18.55
N VAL AB 228 -42.62 64.85 18.04
CA VAL AB 228 -41.73 64.42 16.96
C VAL AB 228 -40.30 64.84 17.31
N ARG AB 229 -39.39 63.88 17.37
CA ARG AB 229 -37.97 64.15 17.48
C ARG AB 229 -37.33 63.96 16.10
N LEU AB 230 -36.60 64.98 15.66
CA LEU AB 230 -35.94 64.95 14.37
C LEU AB 230 -34.57 64.30 14.49
N ARG AB 231 -33.83 64.30 13.37
CA ARG AB 231 -32.59 63.54 13.28
C ARG AB 231 -31.49 64.14 14.16
N GLY AB 232 -31.28 65.44 14.07
CA GLY AB 232 -30.27 66.09 14.87
C GLY AB 232 -30.78 66.89 16.03
N LEU AB 233 -32.10 67.00 16.20
CA LEU AB 233 -32.66 67.87 17.20
C LEU AB 233 -32.71 67.20 18.57
N ASN AB 234 -32.25 67.93 19.58
CA ASN AB 234 -32.41 67.48 20.96
C ASN AB 234 -33.78 67.85 21.52
N THR AB 235 -34.33 68.99 21.12
CA THR AB 235 -35.63 69.44 21.61
C THR AB 235 -36.72 68.95 20.67
N PRO AB 236 -37.71 68.21 21.14
CA PRO AB 236 -38.75 67.69 20.25
C PRO AB 236 -39.79 68.75 19.89
N VAL AB 237 -40.31 68.62 18.68
CA VAL AB 237 -41.39 69.46 18.17
C VAL AB 237 -42.72 68.88 18.64
N MET AB 238 -43.53 69.70 19.29
CA MET AB 238 -44.80 69.26 19.85
C MET AB 238 -45.94 70.03 19.21
N LEU AB 239 -46.93 69.30 18.70
CA LEU AB 239 -48.00 69.90 17.92
C LEU AB 239 -49.34 69.45 18.47
N THR AB 240 -50.38 70.22 18.17
CA THR AB 240 -51.74 69.84 18.52
C THR AB 240 -52.59 69.80 17.26
N LEU AB 241 -53.35 68.72 17.10
CA LEU AB 241 -54.20 68.50 15.94
C LEU AB 241 -55.65 68.47 16.38
N ILE AB 242 -56.52 69.15 15.64
CA ILE AB 242 -57.94 69.23 15.92
C ILE AB 242 -58.69 68.76 14.69
N PRO AB 243 -59.63 67.83 14.82
CA PRO AB 243 -60.45 67.43 13.68
C PRO AB 243 -61.76 68.23 13.60
N GLY AB 244 -62.29 68.29 12.39
CA GLY AB 244 -63.59 68.90 12.15
C GLY AB 244 -63.62 70.41 12.16
N GLN AB 245 -62.99 71.04 11.17
CA GLN AB 245 -63.02 72.50 11.03
C GLN AB 245 -63.57 72.89 9.66
N LYS AB 246 -63.51 74.18 9.37
CA LYS AB 246 -64.15 74.76 8.20
C LYS AB 246 -63.16 75.10 7.10
N ALA AB 247 -61.89 74.69 7.24
CA ALA AB 247 -60.91 74.80 6.17
C ALA AB 247 -59.89 73.70 6.38
N VAL AB 248 -59.93 72.67 5.54
CA VAL AB 248 -59.14 71.47 5.74
C VAL AB 248 -57.76 71.71 5.12
N ASP AB 249 -56.74 71.58 5.96
CA ASP AB 249 -55.35 71.75 5.54
C ASP AB 249 -54.94 70.47 4.85
N TYR AB 250 -55.05 70.45 3.53
CA TYR AB 250 -54.64 69.29 2.74
C TYR AB 250 -53.13 69.09 2.82
N ARG AB 251 -52.36 70.17 2.88
CA ARG AB 251 -50.91 70.05 3.01
C ARG AB 251 -50.40 71.11 3.99
N VAL AB 252 -49.63 70.68 4.98
CA VAL AB 252 -49.06 71.58 5.97
C VAL AB 252 -47.53 71.54 5.83
N ASP AB 253 -46.94 72.71 5.63
CA ASP AB 253 -45.51 72.90 5.55
C ASP AB 253 -45.05 73.70 6.76
N LEU AB 254 -43.92 73.29 7.34
CA LEU AB 254 -43.43 73.89 8.56
C LEU AB 254 -41.98 74.32 8.37
N ARG AB 255 -41.59 75.35 9.12
CA ARG AB 255 -40.21 75.86 9.13
C ARG AB 255 -39.64 75.62 10.51
N VAL AB 256 -38.64 74.75 10.60
CA VAL AB 256 -37.92 74.53 11.85
C VAL AB 256 -37.11 75.77 12.18
N GLN AB 257 -37.01 76.08 13.48
CA GLN AB 257 -36.12 77.16 13.92
C GLN AB 257 -34.67 76.84 13.60
N GLY AB 258 -34.26 75.58 13.79
CA GLY AB 258 -32.91 75.16 13.50
C GLY AB 258 -32.71 74.80 12.06
N TYR AB 259 -31.71 73.96 11.82
CA TYR AB 259 -31.34 73.54 10.47
C TYR AB 259 -31.29 72.03 10.39
N GLY AB 260 -31.77 71.48 9.29
CA GLY AB 260 -31.85 70.05 9.11
C GLY AB 260 -30.52 69.42 8.78
N PRO AB 261 -30.54 68.17 8.32
CA PRO AB 261 -29.29 67.53 7.87
C PRO AB 261 -28.67 68.22 6.68
N ASN AB 262 -29.49 68.82 5.82
CA ASN AB 262 -29.04 69.73 4.79
C ASN AB 262 -29.38 71.15 5.21
N ALA AB 263 -28.44 72.06 5.05
CA ALA AB 263 -28.67 73.48 5.29
C ALA AB 263 -28.44 74.21 3.98
N LYS AB 264 -29.43 74.99 3.56
CA LYS AB 264 -29.33 75.70 2.30
C LYS AB 264 -28.34 76.86 2.39
N SER AB 265 -27.81 77.25 1.25
CA SER AB 265 -26.89 78.38 1.16
C SER AB 265 -27.21 79.18 -0.10
N MET AB 266 -26.72 80.42 -0.13
CA MET AB 266 -26.96 81.34 -1.23
C MET AB 266 -25.62 81.85 -1.76
N PRO AB 267 -24.91 81.06 -2.57
CA PRO AB 267 -23.58 81.46 -3.05
C PRO AB 267 -23.52 82.02 -4.47
N THR AB 268 -24.66 82.28 -5.12
CA THR AB 268 -24.63 82.63 -6.54
C THR AB 268 -24.14 84.06 -6.77
N GLU AB 269 -24.91 85.04 -6.29
CA GLU AB 269 -24.61 86.48 -6.36
C GLU AB 269 -24.31 86.95 -7.79
N GLU AB 270 -25.29 86.72 -8.67
CA GLU AB 270 -25.07 86.93 -10.11
C GLU AB 270 -25.07 88.41 -10.48
N GLY AB 271 -26.01 89.19 -9.93
CA GLY AB 271 -26.28 90.52 -10.44
C GLY AB 271 -25.31 91.60 -10.08
N ILE AB 272 -24.30 91.32 -9.25
CA ILE AB 272 -23.36 92.33 -8.80
C ILE AB 272 -22.04 92.13 -9.55
N PRO AB 273 -21.61 93.08 -10.38
CA PRO AB 273 -20.29 92.96 -10.98
C PRO AB 273 -19.20 93.12 -9.93
N PRO AB 274 -18.03 92.54 -10.16
CA PRO AB 274 -16.91 92.77 -9.24
C PRO AB 274 -16.42 94.21 -9.33
N SER AB 275 -15.85 94.69 -8.24
CA SER AB 275 -15.45 96.09 -8.17
C SER AB 275 -14.10 96.32 -8.84
N ALA AB 276 -13.04 95.77 -8.27
CA ALA AB 276 -11.66 95.99 -8.66
C ALA AB 276 -10.81 95.03 -7.85
N ASN AB 277 -9.50 95.15 -7.96
CA ASN AB 277 -8.57 94.43 -7.09
C ASN AB 277 -7.92 95.41 -6.14
N ASP AB 278 -7.84 95.02 -4.86
CA ASP AB 278 -7.31 95.91 -3.84
C ASP AB 278 -5.79 95.99 -3.85
N LEU AB 279 -5.12 95.07 -4.55
CA LEU AB 279 -3.66 95.12 -4.61
C LEU AB 279 -3.14 96.26 -5.47
N LEU AB 280 -4.02 96.87 -6.27
CA LEU AB 280 -3.63 98.01 -7.09
C LEU AB 280 -3.22 99.19 -6.24
N LEU AB 281 -3.80 99.33 -5.05
CA LEU AB 281 -3.37 100.37 -4.12
C LEU AB 281 -1.95 100.13 -3.65
N HIS AB 282 -1.61 98.87 -3.37
CA HIS AB 282 -0.24 98.53 -2.99
C HIS AB 282 0.72 98.80 -4.14
N VAL AB 283 0.28 98.55 -5.37
CA VAL AB 283 1.12 98.87 -6.51
C VAL AB 283 1.28 100.38 -6.65
N LEU AB 284 0.20 101.13 -6.36
CA LEU AB 284 0.22 102.58 -6.49
C LEU AB 284 1.19 103.22 -5.51
N GLU AB 285 1.24 102.72 -4.28
CA GLU AB 285 2.27 103.25 -3.39
C GLU AB 285 3.65 102.74 -3.80
N GLY AB 286 3.76 101.44 -4.07
CA GLY AB 286 5.05 100.95 -4.55
C GLY AB 286 5.48 99.61 -4.02
N VAL AB 287 4.85 99.14 -2.95
CA VAL AB 287 5.18 97.82 -2.42
C VAL AB 287 4.56 96.76 -3.32
N PRO AB 288 5.35 95.84 -3.87
CA PRO AB 288 4.79 94.79 -4.69
C PRO AB 288 3.97 93.83 -3.84
N PRO AB 289 2.98 93.17 -4.45
CA PRO AB 289 2.19 92.22 -3.68
C PRO AB 289 3.02 91.02 -3.28
N PRO AB 290 2.73 90.41 -2.12
CA PRO AB 290 3.54 89.28 -1.66
C PRO AB 290 3.36 88.06 -2.55
N GLY AB 291 4.42 87.26 -2.62
CA GLY AB 291 4.42 86.11 -3.50
C GLY AB 291 4.68 86.42 -4.95
N SER AB 292 5.00 87.67 -5.28
CA SER AB 292 5.31 88.01 -6.65
C SER AB 292 6.82 87.91 -6.87
N ARG AB 293 7.28 88.42 -8.01
CA ARG AB 293 8.70 88.45 -8.31
C ARG AB 293 8.96 89.61 -9.26
N ARG AB 294 10.18 90.15 -9.18
CA ARG AB 294 10.53 91.33 -9.94
C ARG AB 294 10.69 90.99 -11.42
N LEU AB 295 10.59 92.02 -12.25
CA LEU AB 295 10.62 91.87 -13.69
C LEU AB 295 11.69 92.77 -14.29
N VAL AB 296 12.25 92.33 -15.41
CA VAL AB 296 13.33 93.03 -16.08
C VAL AB 296 12.72 94.01 -17.07
N VAL AB 297 12.79 95.29 -16.75
CA VAL AB 297 12.20 96.36 -17.55
C VAL AB 297 13.31 97.30 -17.99
N SER AB 298 13.21 97.80 -19.21
CA SER AB 298 14.17 98.79 -19.69
C SER AB 298 13.45 99.73 -20.67
N GLY AB 299 13.86 100.99 -20.67
CA GLY AB 299 13.36 101.96 -21.63
C GLY AB 299 12.62 103.14 -21.04
N GLY AB 300 12.47 103.28 -19.72
CA GLY AB 300 11.78 104.43 -19.18
C GLY AB 300 11.56 104.28 -17.69
N ASP AB 301 10.63 105.09 -17.17
CA ASP AB 301 10.29 105.07 -15.75
C ASP AB 301 9.12 104.12 -15.56
N ALA AB 302 9.42 102.86 -15.27
CA ALA AB 302 8.38 101.86 -15.15
C ALA AB 302 8.90 100.72 -14.28
N ARG AB 303 8.04 100.22 -13.40
CA ARG AB 303 8.34 99.06 -12.59
C ARG AB 303 7.26 98.02 -12.80
N ALA AB 304 7.66 96.74 -12.73
CA ALA AB 304 6.77 95.66 -13.12
C ALA AB 304 6.94 94.47 -12.20
N TRP AB 305 5.85 93.73 -12.01
CA TRP AB 305 5.84 92.54 -11.19
C TRP AB 305 4.87 91.52 -11.76
N LEU AB 306 5.13 90.25 -11.43
CA LEU AB 306 4.32 89.12 -11.86
C LEU AB 306 3.95 88.29 -10.64
N SER AB 307 2.66 88.16 -10.36
CA SER AB 307 2.21 87.46 -9.17
C SER AB 307 1.34 86.25 -9.51
N ASN AB 308 0.26 86.45 -10.26
CA ASN AB 308 -0.76 85.44 -10.50
C ASN AB 308 -1.04 85.33 -11.98
N GLU AB 309 0.03 85.14 -12.75
CA GLU AB 309 0.14 85.23 -14.21
C GLU AB 309 -0.63 86.41 -14.77
N LYS AB 310 -0.50 87.55 -14.10
CA LYS AB 310 -1.03 88.82 -14.56
C LYS AB 310 0.01 89.88 -14.25
N MET AB 311 0.31 90.73 -15.22
CA MET AB 311 1.32 91.75 -14.99
C MET AB 311 0.73 92.90 -14.19
N TYR AB 312 1.51 93.41 -13.26
CA TYR AB 312 1.19 94.60 -12.49
C TYR AB 312 2.31 95.61 -12.73
N VAL AB 313 1.94 96.81 -13.17
CA VAL AB 313 2.94 97.80 -13.55
C VAL AB 313 2.61 99.15 -12.93
N ARG AB 314 3.66 99.88 -12.60
CA ARG AB 314 3.54 101.23 -12.05
C ARG AB 314 4.44 102.16 -12.84
N THR AB 315 3.91 103.33 -13.18
CA THR AB 315 4.67 104.31 -13.97
C THR AB 315 4.05 105.68 -13.76
N ASN AB 316 4.53 106.65 -14.52
CA ASN AB 316 3.85 107.92 -14.71
C ASN AB 316 3.62 108.20 -16.18
N LEU AB 317 3.76 107.18 -17.02
CA LEU AB 317 3.51 107.29 -18.45
C LEU AB 317 2.06 106.92 -18.73
N THR AB 318 1.73 106.72 -20.01
CA THR AB 318 0.38 106.34 -20.41
C THR AB 318 0.47 105.17 -21.37
N ILE AB 319 -0.13 104.05 -20.99
CA ILE AB 319 0.00 102.82 -21.76
C ILE AB 319 -0.87 102.89 -23.01
N LEU AB 320 -0.42 102.25 -24.10
CA LEU AB 320 -1.15 102.34 -25.36
C LEU AB 320 -1.66 101.01 -25.89
N SER AB 321 -0.78 100.04 -26.17
CA SER AB 321 -1.25 98.98 -27.07
C SER AB 321 -2.12 97.89 -26.45
N PRO AB 322 -1.66 97.08 -25.49
CA PRO AB 322 -2.34 95.80 -25.25
C PRO AB 322 -3.54 95.90 -24.31
N GLY AB 323 -4.04 97.10 -24.03
CA GLY AB 323 -5.15 97.24 -23.13
C GLY AB 323 -4.74 97.00 -21.68
N TRP AB 324 -5.77 96.87 -20.84
CA TRP AB 324 -5.55 96.49 -19.46
C TRP AB 324 -6.81 95.83 -18.92
N LEU AB 325 -6.65 95.21 -17.76
CA LEU AB 325 -7.82 94.76 -17.03
C LEU AB 325 -8.33 95.82 -16.08
N ALA AB 326 -7.45 96.49 -15.36
CA ALA AB 326 -7.89 97.57 -14.47
C ALA AB 326 -6.80 98.61 -14.33
N SER AB 327 -7.22 99.84 -14.06
CA SER AB 327 -6.30 100.97 -13.98
C SER AB 327 -6.62 101.83 -12.78
N MET AB 328 -5.59 102.51 -12.27
CA MET AB 328 -5.73 103.39 -11.12
C MET AB 328 -4.71 104.50 -11.25
N THR AB 329 -5.06 105.68 -10.73
CA THR AB 329 -4.18 106.83 -10.78
C THR AB 329 -4.09 107.46 -9.41
N SER AB 330 -2.87 107.68 -8.94
CA SER AB 330 -2.61 108.33 -7.66
C SER AB 330 -2.79 109.83 -7.80
N ALA AB 331 -2.61 110.53 -6.68
CA ALA AB 331 -2.84 111.97 -6.65
C ALA AB 331 -1.77 112.74 -7.39
N ASP AB 332 -0.53 112.24 -7.39
CA ASP AB 332 0.57 112.97 -8.00
C ASP AB 332 0.59 112.89 -9.52
N GLY AB 333 -0.17 111.98 -10.11
CA GLY AB 333 -0.16 111.78 -11.54
C GLY AB 333 0.38 110.44 -11.99
N THR AB 334 0.87 109.62 -11.06
CA THR AB 334 1.34 108.29 -11.41
C THR AB 334 0.17 107.33 -11.57
N HIS AB 335 0.43 106.25 -12.30
CA HIS AB 335 -0.60 105.29 -12.66
C HIS AB 335 -0.12 103.89 -12.35
N ALA AB 336 -1.09 103.02 -12.06
CA ALA AB 336 -0.85 101.61 -11.82
C ALA AB 336 -1.86 100.80 -12.62
N TYR AB 337 -1.36 99.83 -13.38
CA TYR AB 337 -2.21 99.01 -14.23
C TYR AB 337 -2.05 97.54 -13.89
N GLU AB 338 -3.17 96.82 -13.95
CA GLU AB 338 -3.17 95.36 -13.94
C GLU AB 338 -3.65 94.90 -15.31
N MET AB 339 -2.85 94.06 -15.97
CA MET AB 339 -3.12 93.70 -17.35
C MET AB 339 -2.56 92.32 -17.62
N GLN AB 340 -2.72 91.87 -18.87
CA GLN AB 340 -2.19 90.58 -19.28
C GLN AB 340 -0.69 90.68 -19.54
N LYS AB 341 -0.06 89.52 -19.62
CA LYS AB 341 1.38 89.45 -19.79
C LYS AB 341 1.77 89.67 -21.25
N SER AB 342 2.85 90.42 -21.44
CA SER AB 342 3.41 90.69 -22.76
C SER AB 342 4.84 91.17 -22.58
N PRO AB 343 5.74 90.84 -23.52
CA PRO AB 343 7.09 91.44 -23.47
C PRO AB 343 7.17 92.83 -24.05
N VAL AB 344 6.09 93.32 -24.65
CA VAL AB 344 6.08 94.61 -25.34
C VAL AB 344 5.05 95.51 -24.69
N LEU AB 345 5.44 96.74 -24.36
CA LEU AB 345 4.49 97.76 -23.99
C LEU AB 345 4.63 98.95 -24.92
N LEU AB 346 3.55 99.73 -25.03
CA LEU AB 346 3.54 100.90 -25.89
C LEU AB 346 3.08 102.10 -25.07
N VAL AB 347 3.82 103.20 -25.18
CA VAL AB 347 3.54 104.41 -24.41
C VAL AB 347 3.63 105.63 -25.30
N SER AB 348 2.99 106.70 -24.85
CA SER AB 348 3.13 108.03 -25.42
C SER AB 348 3.77 108.91 -24.36
N TRP AB 349 4.87 109.57 -24.72
CA TRP AB 349 5.61 110.37 -23.75
C TRP AB 349 5.20 111.84 -23.79
N HIS AB 350 5.44 112.51 -24.91
CA HIS AB 350 5.09 113.90 -25.09
C HIS AB 350 4.57 114.11 -26.50
N GLY AB 351 3.63 113.26 -26.91
CA GLY AB 351 3.22 113.21 -28.30
C GLY AB 351 4.09 112.33 -29.15
N LYS AB 352 5.15 111.77 -28.60
CA LYS AB 352 6.02 110.84 -29.30
C LYS AB 352 5.80 109.44 -28.74
N VAL AB 353 5.82 108.45 -29.62
CA VAL AB 353 5.44 107.10 -29.29
C VAL AB 353 6.70 106.28 -29.03
N MET AB 354 6.69 105.53 -27.94
CA MET AB 354 7.80 104.65 -27.57
C MET AB 354 7.26 103.27 -27.26
N GLN AB 355 8.12 102.27 -27.38
CA GLN AB 355 7.79 100.92 -26.95
C GLN AB 355 8.86 100.42 -26.00
N LEU AB 356 8.43 99.66 -25.01
CA LEU AB 356 9.29 99.20 -23.94
C LEU AB 356 9.40 97.69 -23.97
N LYS AB 357 10.64 97.20 -23.90
CA LYS AB 357 10.97 95.79 -23.94
C LYS AB 357 11.09 95.28 -22.52
N VAL AB 358 10.38 94.20 -22.22
CA VAL AB 358 10.36 93.61 -20.89
C VAL AB 358 10.85 92.18 -21.00
N GLU AB 359 11.94 91.88 -20.30
CA GLU AB 359 12.50 90.54 -20.28
C GLU AB 359 12.00 89.80 -19.05
N GLY AB 360 12.45 88.55 -18.91
CA GLY AB 360 12.14 87.76 -17.74
C GLY AB 360 10.68 87.38 -17.57
N LEU AB 361 10.04 86.93 -18.65
CA LEU AB 361 8.67 86.44 -18.55
C LEU AB 361 8.63 85.04 -17.95
N MET BB 23 2.32 6.36 -137.99
CA MET BB 23 1.56 5.13 -137.82
C MET BB 23 0.93 5.05 -136.44
N LYS BB 24 0.87 6.19 -135.75
CA LYS BB 24 0.38 6.22 -134.39
C LYS BB 24 -1.14 6.17 -134.36
N PHE BB 25 -1.69 6.07 -133.16
CA PHE BB 25 -3.13 5.97 -132.97
C PHE BB 25 -3.52 6.88 -131.83
N LYS BB 26 -4.49 7.76 -132.07
CA LYS BB 26 -4.89 8.74 -131.06
C LYS BB 26 -6.40 8.88 -131.04
N LYS BB 27 -6.86 9.82 -130.23
CA LYS BB 27 -8.25 10.16 -130.04
C LYS BB 27 -8.34 11.67 -129.98
N PRO BB 28 -9.50 12.25 -130.33
CA PRO BB 28 -9.59 13.73 -130.45
C PRO BB 28 -9.38 14.49 -129.14
N PRO BB 29 -10.17 14.26 -128.05
CA PRO BB 29 -10.13 15.26 -126.97
C PRO BB 29 -8.91 15.14 -126.08
N ILE BB 30 -7.95 16.05 -126.27
CA ILE BB 30 -6.71 16.06 -125.52
C ILE BB 30 -6.65 17.38 -124.77
N ASN BB 31 -6.70 17.31 -123.45
CA ASN BB 31 -6.80 18.51 -122.63
C ASN BB 31 -5.77 18.49 -121.52
N ASN BB 32 -5.76 19.57 -120.75
CA ASN BB 32 -4.93 19.66 -119.56
C ASN BB 32 -5.44 18.69 -118.50
N PRO BB 33 -4.57 18.26 -117.58
CA PRO BB 33 -5.01 17.33 -116.53
C PRO BB 33 -6.00 17.96 -115.57
N SER BB 34 -6.89 17.11 -115.04
CA SER BB 34 -8.02 17.54 -114.24
C SER BB 34 -7.77 17.26 -112.76
N ASP BB 35 -8.78 17.55 -111.94
CA ASP BB 35 -8.69 17.38 -110.50
C ASP BB 35 -9.86 16.56 -109.98
N ASP BB 36 -9.54 15.65 -109.06
CA ASP BB 36 -10.51 14.72 -108.50
C ASP BB 36 -11.60 15.45 -107.73
N ALA BB 37 -11.24 16.52 -107.02
CA ALA BB 37 -12.23 17.28 -106.27
C ALA BB 37 -13.25 17.91 -107.20
N THR BB 38 -12.78 18.50 -108.30
CA THR BB 38 -13.68 19.11 -109.27
C THR BB 38 -14.58 18.08 -109.93
N ILE BB 39 -14.04 16.90 -110.26
CA ILE BB 39 -14.91 15.93 -110.91
C ILE BB 39 -15.90 15.33 -109.90
N LYS BB 40 -15.54 15.30 -108.61
CA LYS BB 40 -16.47 14.83 -107.60
C LYS BB 40 -17.64 15.78 -107.44
N LEU BB 41 -17.35 17.08 -107.32
CA LEU BB 41 -18.43 18.03 -107.19
C LEU BB 41 -19.23 18.15 -108.48
N ALA BB 42 -18.61 17.90 -109.63
CA ALA BB 42 -19.33 17.93 -110.90
C ALA BB 42 -20.32 16.78 -110.99
N GLU BB 43 -19.91 15.57 -110.60
CA GLU BB 43 -20.84 14.46 -110.67
C GLU BB 43 -21.92 14.57 -109.60
N ALA BB 44 -21.67 15.31 -108.52
CA ALA BB 44 -22.77 15.70 -107.65
C ALA BB 44 -23.71 16.67 -108.34
N ALA BB 45 -23.13 17.67 -109.00
CA ALA BB 45 -23.91 18.79 -109.49
C ALA BB 45 -24.81 18.42 -110.65
N VAL BB 46 -24.40 17.44 -111.45
CA VAL BB 46 -25.25 17.03 -112.56
C VAL BB 46 -26.51 16.35 -112.06
N SER BB 47 -26.39 15.58 -110.97
CA SER BB 47 -27.57 14.99 -110.34
C SER BB 47 -28.48 16.05 -109.77
N VAL BB 48 -27.88 17.07 -109.15
CA VAL BB 48 -28.69 18.20 -108.66
C VAL BB 48 -29.39 18.90 -109.82
N SER BB 49 -28.71 19.01 -110.96
CA SER BB 49 -29.25 19.69 -112.12
C SER BB 49 -30.45 18.95 -112.70
N ASP BB 50 -30.33 17.64 -112.85
CA ASP BB 50 -31.46 16.91 -113.45
C ASP BB 50 -32.62 16.81 -112.49
N SER BB 51 -32.35 16.77 -111.18
CA SER BB 51 -33.44 16.84 -110.20
C SER BB 51 -34.17 18.16 -110.30
N MET BB 52 -33.42 19.26 -110.47
CA MET BB 52 -34.03 20.56 -110.67
C MET BB 52 -34.81 20.61 -111.98
N LEU BB 53 -34.33 19.92 -113.01
CA LEU BB 53 -35.02 19.91 -114.30
C LEU BB 53 -36.37 19.21 -114.21
N GLU BB 54 -36.40 18.03 -113.59
CA GLU BB 54 -37.66 17.32 -113.48
C GLU BB 54 -38.62 18.01 -112.51
N MET BB 55 -38.09 18.69 -111.48
CA MET BB 55 -38.99 19.41 -110.59
C MET BB 55 -39.60 20.61 -111.30
N ALA BB 56 -38.85 21.28 -112.18
CA ALA BB 56 -39.41 22.35 -112.97
C ALA BB 56 -40.46 21.82 -113.93
N LYS BB 57 -40.22 20.64 -114.50
CA LYS BB 57 -41.17 20.06 -115.44
C LYS BB 57 -42.49 19.70 -114.76
N VAL BB 58 -42.41 19.07 -113.59
CA VAL BB 58 -43.65 18.70 -112.91
C VAL BB 58 -44.36 19.94 -112.37
N GLU BB 59 -43.60 21.00 -112.02
CA GLU BB 59 -44.23 22.24 -111.62
C GLU BB 59 -45.00 22.88 -112.77
N LYS BB 60 -44.39 22.87 -113.96
CA LYS BB 60 -45.05 23.40 -115.16
C LYS BB 60 -46.29 22.59 -115.50
N VAL BB 61 -46.24 21.28 -115.29
CA VAL BB 61 -47.40 20.44 -115.56
C VAL BB 61 -48.54 20.77 -114.60
N ILE BB 62 -48.23 20.87 -113.30
CA ILE BB 62 -49.30 21.04 -112.33
C ILE BB 62 -49.85 22.47 -112.31
N THR BB 63 -49.09 23.46 -112.75
CA THR BB 63 -49.55 24.82 -112.64
C THR BB 63 -49.81 25.43 -114.01
N PRO BB 64 -50.96 26.02 -114.25
CA PRO BB 64 -51.18 26.73 -115.51
C PRO BB 64 -50.72 28.18 -115.42
N PRO BB 65 -49.74 28.57 -116.24
CA PRO BB 65 -49.37 29.99 -116.31
C PRO BB 65 -50.47 30.79 -116.99
N SER BB 66 -50.61 32.05 -116.56
CA SER BB 66 -51.70 32.89 -117.03
C SER BB 66 -51.22 34.06 -117.88
N LYS BB 67 -50.34 34.90 -117.34
CA LYS BB 67 -49.97 36.16 -117.98
C LYS BB 67 -48.45 36.24 -118.09
N ASP BB 68 -47.99 37.24 -118.83
CA ASP BB 68 -46.58 37.46 -119.06
C ASP BB 68 -46.22 38.90 -118.75
N ASN BB 69 -45.08 39.09 -118.09
CA ASN BB 69 -44.70 40.40 -117.58
C ASN BB 69 -44.26 41.37 -118.66
N THR BB 70 -44.14 40.91 -119.91
CA THR BB 70 -43.73 41.75 -121.01
C THR BB 70 -44.73 42.85 -121.31
N LEU BB 71 -46.00 42.66 -120.95
CA LEU BB 71 -46.98 43.72 -121.10
C LEU BB 71 -46.65 44.90 -120.18
N THR BB 72 -46.48 44.64 -118.89
CA THR BB 72 -46.20 45.74 -117.97
C THR BB 72 -44.75 46.18 -118.01
N ILE BB 73 -43.88 45.43 -118.67
CA ILE BB 73 -42.53 45.89 -118.93
C ILE BB 73 -42.34 45.86 -120.45
N PRO BB 74 -42.89 46.81 -121.18
CA PRO BB 74 -42.78 46.76 -122.65
C PRO BB 74 -41.45 47.30 -123.12
N ASN BB 75 -41.03 46.83 -124.29
CA ASN BB 75 -39.86 47.39 -124.93
C ASN BB 75 -40.16 48.76 -125.48
N ALA BB 76 -39.13 49.58 -125.63
CA ALA BB 76 -39.29 50.91 -126.20
C ALA BB 76 -37.97 51.30 -126.86
N TYR BB 77 -37.97 52.48 -127.47
CA TYR BB 77 -36.73 53.04 -127.99
C TYR BB 77 -35.88 53.54 -126.84
N ASN BB 78 -34.61 53.84 -127.15
CA ASN BB 78 -33.57 54.17 -126.18
C ASN BB 78 -33.41 53.07 -125.13
N LEU BB 79 -33.64 51.83 -125.54
CA LEU BB 79 -33.57 50.68 -124.66
C LEU BB 79 -32.77 49.54 -125.25
N GLN BB 80 -32.27 49.69 -126.46
CA GLN BB 80 -31.59 48.60 -127.14
C GLN BB 80 -30.09 48.60 -126.91
N ALA BB 81 -29.61 49.32 -125.91
CA ALA BB 81 -28.25 49.16 -125.48
C ALA BB 81 -28.08 47.78 -124.84
N ARG BB 82 -26.85 47.30 -124.83
CA ARG BB 82 -26.60 45.95 -124.35
C ARG BB 82 -25.51 45.96 -123.28
N ALA BB 83 -25.51 44.89 -122.49
CA ALA BB 83 -24.76 44.90 -121.24
C ALA BB 83 -24.36 43.49 -120.85
N SER BB 84 -23.18 43.39 -120.24
CA SER BB 84 -22.74 42.18 -119.56
C SER BB 84 -22.46 42.54 -118.11
N VAL BB 85 -22.86 41.65 -117.20
CA VAL BB 85 -23.01 42.02 -115.81
C VAL BB 85 -22.80 40.80 -114.90
N ASP BB 86 -21.93 40.96 -113.91
CA ASP BB 86 -21.80 40.03 -112.79
C ASP BB 86 -22.10 40.80 -111.52
N TRP BB 87 -23.29 40.61 -110.96
CA TRP BB 87 -23.76 41.44 -109.87
C TRP BB 87 -24.36 40.57 -108.77
N SER BB 88 -24.04 40.90 -107.53
CA SER BB 88 -24.56 40.17 -106.38
C SER BB 88 -24.86 41.11 -105.23
N GLY BB 89 -25.48 42.25 -105.53
CA GLY BB 89 -25.75 43.23 -104.50
C GLY BB 89 -27.22 43.48 -104.28
N PRO BB 90 -27.55 44.48 -103.48
CA PRO BB 90 -28.95 44.89 -103.34
C PRO BB 90 -29.43 45.58 -104.60
N ILE BB 91 -30.75 45.54 -104.80
CA ILE BB 91 -31.32 45.82 -106.11
C ILE BB 91 -31.32 47.30 -106.46
N GLU BB 92 -31.20 48.18 -105.46
CA GLU BB 92 -31.57 49.57 -105.63
C GLU BB 92 -30.54 50.34 -106.45
N GLU BB 93 -29.27 50.21 -106.08
CA GLU BB 93 -28.24 50.94 -106.79
C GLU BB 93 -28.00 50.37 -108.17
N LEU BB 94 -28.26 49.07 -108.36
CA LEU BB 94 -28.17 48.48 -109.69
C LEU BB 94 -29.23 49.05 -110.62
N THR BB 95 -30.47 49.14 -110.13
CA THR BB 95 -31.53 49.76 -110.90
C THR BB 95 -31.26 51.25 -111.13
N ALA BB 96 -30.63 51.91 -110.16
CA ALA BB 96 -30.26 53.31 -110.33
C ALA BB 96 -29.22 53.48 -111.43
N ARG BB 97 -28.23 52.58 -111.49
CA ARG BB 97 -27.22 52.67 -112.52
C ARG BB 97 -27.81 52.39 -113.90
N ILE BB 98 -28.75 51.45 -113.99
CA ILE BB 98 -29.32 51.19 -115.30
C ILE BB 98 -30.27 52.32 -115.71
N ALA BB 99 -30.89 53.01 -114.76
CA ALA BB 99 -31.69 54.17 -115.11
C ALA BB 99 -30.80 55.34 -115.54
N LYS BB 100 -29.63 55.46 -114.91
CA LYS BB 100 -28.65 56.48 -115.28
C LYS BB 100 -28.16 56.28 -116.71
N ALA BB 101 -27.90 55.03 -117.09
CA ALA BB 101 -27.57 54.75 -118.48
C ALA BB 101 -28.76 54.98 -119.38
N ALA BB 102 -29.98 54.72 -118.90
CA ALA BB 102 -31.17 54.89 -119.72
C ALA BB 102 -31.59 56.34 -119.89
N HIS BB 103 -31.02 57.25 -119.09
CA HIS BB 103 -31.47 58.65 -118.98
C HIS BB 103 -32.94 58.72 -118.64
N PHE BB 104 -33.38 57.86 -117.73
CA PHE BB 104 -34.76 57.82 -117.30
C PHE BB 104 -34.87 58.33 -115.88
N ARG BB 105 -36.02 58.93 -115.56
CA ARG BB 105 -36.26 59.28 -114.18
C ARG BB 105 -36.50 58.03 -113.36
N PHE BB 106 -36.04 58.06 -112.12
CA PHE BB 106 -35.90 56.87 -111.29
C PHE BB 106 -36.73 57.05 -110.03
N ARG BB 107 -37.71 56.17 -109.82
CA ARG BB 107 -38.62 56.35 -108.71
C ARG BB 107 -38.73 55.05 -107.91
N VAL BB 108 -38.90 55.19 -106.61
CA VAL BB 108 -39.04 54.05 -105.71
C VAL BB 108 -40.23 54.29 -104.79
N LEU BB 109 -40.99 53.24 -104.52
CA LEU BB 109 -42.16 53.32 -103.68
C LEU BB 109 -42.18 52.14 -102.74
N GLY BB 110 -42.65 52.38 -101.52
CA GLY BB 110 -42.67 51.33 -100.52
C GLY BB 110 -41.42 51.34 -99.68
N LYS BB 111 -41.57 51.13 -98.39
CA LYS BB 111 -40.42 51.04 -97.50
C LYS BB 111 -39.65 49.77 -97.80
N SER BB 112 -38.33 49.89 -97.85
CA SER BB 112 -37.50 48.71 -97.97
C SER BB 112 -37.57 47.90 -96.69
N PRO BB 113 -37.56 46.57 -96.77
CA PRO BB 113 -37.58 45.76 -95.55
C PRO BB 113 -36.25 45.83 -94.83
N SER BB 114 -36.29 45.41 -93.57
CA SER BB 114 -35.07 45.29 -92.78
C SER BB 114 -34.17 44.21 -93.32
N VAL BB 115 -34.74 43.13 -93.85
CA VAL BB 115 -33.97 42.18 -94.63
C VAL BB 115 -33.78 42.80 -96.01
N PRO BB 116 -32.54 43.00 -96.45
CA PRO BB 116 -32.32 43.47 -97.81
C PRO BB 116 -32.60 42.36 -98.82
N VAL BB 117 -32.94 42.78 -100.03
CA VAL BB 117 -33.22 41.86 -101.13
C VAL BB 117 -31.97 41.73 -101.98
N LEU BB 118 -31.52 40.51 -102.19
CA LEU BB 118 -30.28 40.25 -102.89
C LEU BB 118 -30.54 39.42 -104.14
N ILE BB 119 -29.95 39.83 -105.24
CA ILE BB 119 -30.16 39.20 -106.53
C ILE BB 119 -28.81 38.85 -107.13
N SER BB 120 -28.65 37.59 -107.52
CA SER BB 120 -27.46 37.15 -108.22
C SER BB 120 -27.72 37.13 -109.71
N ILE BB 121 -26.80 37.71 -110.47
CA ILE BB 121 -26.97 37.86 -111.92
C ILE BB 121 -25.67 37.46 -112.61
N SER BB 122 -25.78 36.57 -113.60
CA SER BB 122 -24.65 36.18 -114.44
C SER BB 122 -25.16 36.07 -115.87
N THR BB 123 -25.01 37.14 -116.63
CA THR BB 123 -25.48 37.15 -118.01
C THR BB 123 -24.65 38.15 -118.80
N LYS BB 124 -24.85 38.16 -120.12
CA LYS BB 124 -23.99 38.93 -121.01
C LYS BB 124 -24.71 39.24 -122.31
N ASP BB 125 -24.72 40.53 -122.69
CA ASP BB 125 -25.17 41.02 -123.99
C ASP BB 125 -26.64 40.68 -124.25
N GLU BB 126 -27.50 41.33 -123.46
CA GLU BB 126 -28.94 41.21 -123.62
C GLU BB 126 -29.56 42.58 -123.81
N SER BB 127 -30.88 42.58 -123.96
CA SER BB 127 -31.64 43.82 -123.91
C SER BB 127 -31.75 44.30 -122.48
N LEU BB 128 -31.81 45.62 -122.34
CA LEU BB 128 -32.07 46.22 -121.03
C LEU BB 128 -33.45 45.83 -120.53
N ALA BB 129 -34.42 45.75 -121.44
CA ALA BB 129 -35.77 45.37 -121.06
C ALA BB 129 -35.81 43.94 -120.54
N GLU BB 130 -35.09 43.03 -121.20
CA GLU BB 130 -35.06 41.65 -120.74
C GLU BB 130 -34.30 41.52 -119.43
N ILE BB 131 -33.26 42.33 -119.25
CA ILE BB 131 -32.54 42.38 -117.98
C ILE BB 131 -33.49 42.81 -116.87
N LEU BB 132 -34.30 43.83 -117.14
CA LEU BB 132 -35.32 44.28 -116.18
C LEU BB 132 -36.32 43.17 -115.90
N ARG BB 133 -36.73 42.44 -116.94
CA ARG BB 133 -37.74 41.39 -116.79
C ARG BB 133 -37.21 40.25 -115.93
N ASP BB 134 -35.98 39.80 -116.17
CA ASP BB 134 -35.49 38.71 -115.35
C ASP BB 134 -35.10 39.17 -113.97
N ILE BB 135 -34.77 40.46 -113.80
CA ILE BB 135 -34.55 40.99 -112.45
C ILE BB 135 -35.86 40.97 -111.67
N ASP BB 136 -36.97 41.34 -112.33
CA ASP BB 136 -38.26 41.31 -111.64
C ASP BB 136 -38.70 39.87 -111.38
N TYR BB 137 -38.37 38.96 -112.30
CA TYR BB 137 -38.66 37.55 -112.09
C TYR BB 137 -37.89 36.99 -110.91
N GLN BB 138 -36.61 37.33 -110.82
CA GLN BB 138 -35.80 36.81 -109.72
C GLN BB 138 -36.17 37.46 -108.40
N ALA BB 139 -36.71 38.68 -108.45
CA ALA BB 139 -37.27 39.28 -107.25
C ALA BB 139 -38.51 38.52 -106.80
N GLY BB 140 -39.42 38.24 -107.74
CA GLY BB 140 -40.61 37.51 -107.38
C GLY BB 140 -41.57 38.39 -106.59
N LYS BB 141 -41.98 37.89 -105.42
CA LYS BB 141 -42.99 38.58 -104.64
C LYS BB 141 -42.43 39.73 -103.81
N LYS BB 142 -41.11 39.91 -103.79
CA LYS BB 142 -40.53 40.93 -102.93
C LYS BB 142 -40.67 42.33 -103.51
N ALA BB 143 -40.64 42.47 -104.84
CA ALA BB 143 -40.74 43.78 -105.45
C ALA BB 143 -41.27 43.65 -106.87
N SER BB 144 -41.48 44.79 -107.51
CA SER BB 144 -41.84 44.81 -108.92
C SER BB 144 -41.32 46.09 -109.56
N ILE BB 145 -41.16 46.03 -110.87
CA ILE BB 145 -40.66 47.15 -111.67
C ILE BB 145 -41.70 47.48 -112.73
N HIS BB 146 -41.89 48.76 -112.99
CA HIS BB 146 -42.78 49.22 -114.05
C HIS BB 146 -42.11 50.31 -114.85
N VAL BB 147 -42.46 50.38 -116.14
CA VAL BB 147 -41.85 51.30 -117.09
C VAL BB 147 -42.95 52.18 -117.67
N TYR BB 148 -42.70 53.47 -117.71
CA TYR BB 148 -43.64 54.43 -118.31
C TYR BB 148 -42.87 55.22 -119.35
N PRO BB 149 -42.89 54.78 -120.62
CA PRO BB 149 -42.02 55.40 -121.63
C PRO BB 149 -42.52 56.75 -122.08
N ASN BB 150 -43.81 57.00 -121.97
CA ASN BB 150 -44.33 58.35 -122.19
C ASN BB 150 -43.78 59.31 -121.14
N SER BB 151 -43.66 58.83 -119.90
CA SER BB 151 -43.04 59.62 -118.86
C SER BB 151 -41.54 59.40 -118.77
N GLN BB 152 -41.02 58.34 -119.42
CA GLN BB 152 -39.60 57.95 -119.39
C GLN BB 152 -39.15 57.71 -117.95
N VAL BB 153 -39.98 56.96 -117.21
CA VAL BB 153 -39.80 56.77 -115.78
C VAL BB 153 -39.77 55.28 -115.48
N VAL BB 154 -38.77 54.85 -114.73
CA VAL BB 154 -38.71 53.49 -114.21
C VAL BB 154 -39.05 53.52 -112.72
N GLU BB 155 -40.04 52.74 -112.34
CA GLU BB 155 -40.58 52.71 -110.99
C GLU BB 155 -40.31 51.37 -110.34
N LEU BB 156 -39.81 51.40 -109.11
CA LEU BB 156 -39.54 50.20 -108.32
C LEU BB 156 -40.47 50.22 -107.12
N ARG BB 157 -41.47 49.36 -107.13
CA ARG BB 157 -42.37 49.25 -106.00
C ARG BB 157 -41.95 48.06 -105.14
N TYR BB 158 -42.06 48.23 -103.82
CA TYR BB 158 -41.71 47.17 -102.90
C TYR BB 158 -42.93 46.30 -102.61
N ALA BB 159 -42.73 45.26 -101.80
CA ALA BB 159 -43.82 44.37 -101.46
C ALA BB 159 -44.66 44.95 -100.33
N LYS BB 160 -45.97 44.69 -100.40
CA LYS BB 160 -46.87 44.98 -99.28
C LYS BB 160 -46.77 43.81 -98.33
N ILE BB 161 -45.73 43.83 -97.52
CA ILE BB 161 -45.51 42.82 -96.48
C ILE BB 161 -44.66 43.48 -95.40
N TYR BB 162 -44.62 42.85 -94.23
CA TYR BB 162 -43.84 43.25 -93.05
C TYR BB 162 -44.26 44.62 -92.54
N ILE CB 862 27.19 -60.89 17.65
CA ILE CB 862 27.84 -59.77 18.31
C ILE CB 862 29.35 -59.92 18.26
N ILE CB 863 30.03 -58.92 17.70
CA ILE CB 863 31.49 -58.88 17.63
C ILE CB 863 31.96 -57.65 18.39
N LYS CB 864 32.86 -57.87 19.36
CA LYS CB 864 33.31 -56.80 20.23
C LYS CB 864 34.17 -55.79 19.47
N THR CB 865 34.25 -54.59 20.03
CA THR CB 865 34.98 -53.50 19.38
C THR CB 865 36.48 -53.73 19.56
N GLY CB 866 37.18 -53.94 18.45
CA GLY CB 866 38.63 -54.07 18.46
C GLY CB 866 39.17 -55.43 18.84
N ASP CB 867 38.81 -56.46 18.07
CA ASP CB 867 39.42 -57.78 18.17
C ASP CB 867 40.06 -58.13 16.82
N ILE CB 868 40.70 -59.29 16.75
CA ILE CB 868 41.46 -59.70 15.58
C ILE CB 868 40.79 -60.92 14.94
N MET CB 869 40.67 -60.91 13.62
CA MET CB 869 40.08 -61.97 12.82
C MET CB 869 41.02 -62.26 11.65
N PHE CB 870 40.87 -63.44 11.05
CA PHE CB 870 41.66 -63.81 9.89
C PHE CB 870 40.76 -63.84 8.66
N ALA CB 871 41.36 -63.56 7.50
CA ALA CB 871 40.61 -63.56 6.26
C ALA CB 871 41.47 -64.20 5.17
N VAL CB 872 40.83 -64.96 4.30
CA VAL CB 872 41.51 -65.74 3.27
C VAL CB 872 41.34 -65.02 1.94
N LEU CB 873 42.46 -64.68 1.31
CA LEU CB 873 42.46 -63.95 0.06
C LEU CB 873 43.13 -64.78 -1.03
N ASP CB 874 42.43 -64.93 -2.15
CA ASP CB 874 42.87 -65.85 -3.19
C ASP CB 874 43.02 -65.16 -4.54
N THR CB 875 42.85 -63.85 -4.58
CA THR CB 875 43.00 -63.09 -5.81
C THR CB 875 43.94 -61.89 -5.58
N SER CB 876 44.76 -61.57 -6.59
CA SER CB 876 45.67 -60.43 -6.53
C SER CB 876 45.12 -59.25 -7.33
N VAL CB 877 45.50 -58.04 -6.90
CA VAL CB 877 45.11 -56.81 -7.58
C VAL CB 877 46.35 -55.95 -7.72
N ASN CB 878 46.37 -55.12 -8.77
CA ASN CB 878 47.43 -54.15 -8.94
C ASN CB 878 46.96 -52.78 -8.44
N SER CB 879 47.92 -51.97 -8.02
CA SER CB 879 47.62 -50.71 -7.35
C SER CB 879 47.45 -49.54 -8.32
N ASP CB 880 46.68 -49.75 -9.36
CA ASP CB 880 46.43 -48.75 -10.39
C ASP CB 880 44.95 -48.55 -10.69
N GLU CB 881 44.16 -49.62 -10.65
CA GLU CB 881 42.73 -49.56 -10.92
C GLU CB 881 42.00 -50.05 -9.68
N PRO CB 882 41.34 -49.18 -8.91
CA PRO CB 882 40.52 -49.66 -7.81
C PRO CB 882 39.31 -50.44 -8.30
N GLY CB 883 38.88 -51.39 -7.49
CA GLY CB 883 37.80 -52.25 -7.85
C GLY CB 883 37.45 -53.22 -6.75
N PRO CB 884 36.51 -54.12 -7.01
CA PRO CB 884 36.14 -55.11 -5.99
C PRO CB 884 37.21 -56.15 -5.74
N ILE CB 885 37.62 -56.24 -4.49
CA ILE CB 885 38.38 -57.38 -3.99
C ILE CB 885 37.64 -57.92 -2.78
N LEU CB 886 37.75 -59.22 -2.54
CA LEU CB 886 37.00 -59.87 -1.48
C LEU CB 886 37.88 -60.90 -0.78
N ALA CB 887 37.75 -60.94 0.54
CA ALA CB 887 38.44 -61.89 1.40
C ALA CB 887 37.43 -62.89 1.96
N THR CB 888 37.94 -64.01 2.46
CA THR CB 888 37.10 -65.11 2.94
C THR CB 888 37.37 -65.31 4.42
N ILE CB 889 36.42 -64.92 5.27
CA ILE CB 889 36.53 -65.20 6.69
C ILE CB 889 36.25 -66.68 6.90
N VAL CB 890 37.27 -67.43 7.34
CA VAL CB 890 37.12 -68.87 7.51
C VAL CB 890 37.16 -69.28 8.97
N THR CB 891 37.58 -68.41 9.88
CA THR CB 891 37.66 -68.75 11.29
C THR CB 891 36.78 -67.80 12.11
N GLY CB 892 36.84 -67.91 13.43
CA GLY CB 892 36.05 -67.04 14.27
C GLY CB 892 34.59 -67.45 14.28
N LYS CB 893 33.72 -66.48 14.61
CA LYS CB 893 32.29 -66.73 14.67
C LYS CB 893 31.70 -66.92 13.27
N LEU CB 894 32.12 -66.12 12.31
CA LEU CB 894 31.49 -66.11 11.00
C LEU CB 894 32.23 -67.03 10.04
N LYS CB 895 31.53 -68.07 9.56
CA LYS CB 895 32.09 -69.06 8.64
C LYS CB 895 31.29 -69.04 7.35
N GLY CB 896 32.00 -69.13 6.22
CA GLY CB 896 31.37 -68.95 4.92
C GLY CB 896 31.25 -67.51 4.52
N SER CB 897 31.74 -66.59 5.34
CA SER CB 897 31.56 -65.16 5.12
C SER CB 897 32.62 -64.63 4.16
N LYS CB 898 32.26 -63.59 3.41
CA LYS CB 898 33.23 -62.93 2.52
C LYS CB 898 33.02 -61.42 2.50
N LEU CB 899 34.07 -60.70 2.13
CA LEU CB 899 34.15 -59.27 2.45
C LEU CB 899 34.76 -58.52 1.27
N ILE CB 900 34.02 -57.54 0.74
CA ILE CB 900 34.39 -56.78 -0.45
C ILE CB 900 34.90 -55.40 -0.04
N GLY CB 901 35.75 -54.84 -0.89
CA GLY CB 901 36.31 -53.52 -0.72
C GLY CB 901 37.32 -53.25 -1.81
N SER CB 902 38.28 -52.37 -1.54
CA SER CB 902 39.30 -52.01 -2.51
C SER CB 902 40.57 -51.67 -1.74
N PHE CB 903 41.53 -51.06 -2.43
CA PHE CB 903 42.83 -50.72 -1.84
C PHE CB 903 42.96 -49.20 -1.70
N ASN CB 904 44.13 -48.77 -1.23
CA ASN CB 904 44.45 -47.36 -1.14
C ASN CB 904 45.81 -47.12 -1.78
N LEU CB 905 46.03 -45.90 -2.25
CA LEU CB 905 47.29 -45.56 -2.87
C LEU CB 905 48.02 -44.51 -2.05
N PRO CB 906 49.02 -44.91 -1.27
CA PRO CB 906 49.81 -43.93 -0.52
C PRO CB 906 50.85 -43.25 -1.42
N SER CB 907 51.21 -42.04 -1.00
CA SER CB 907 52.22 -41.27 -1.73
C SER CB 907 53.60 -41.91 -1.66
N ASN CB 908 54.00 -42.38 -0.48
CA ASN CB 908 55.17 -43.22 -0.31
C ASN CB 908 54.70 -44.65 -0.12
N ALA CB 909 55.34 -45.58 -0.82
CA ALA CB 909 54.87 -46.95 -0.92
C ALA CB 909 55.44 -47.87 0.16
N ASP CB 910 55.74 -47.33 1.35
CA ASP CB 910 56.40 -48.10 2.40
C ASP CB 910 55.50 -49.11 3.09
N LYS CB 911 54.19 -49.09 2.83
CA LYS CB 911 53.30 -50.18 3.17
C LYS CB 911 52.08 -50.11 2.28
N MET CB 912 51.35 -51.23 2.20
CA MET CB 912 50.18 -51.35 1.35
C MET CB 912 49.11 -52.10 2.11
N VAL CB 913 47.90 -51.52 2.14
CA VAL CB 913 46.82 -52.00 3.01
C VAL CB 913 45.53 -52.08 2.20
N ILE CB 914 44.58 -52.84 2.72
CA ILE CB 914 43.27 -53.02 2.11
C ILE CB 914 42.21 -52.52 3.08
N THR CB 915 41.37 -51.59 2.62
CA THR CB 915 40.21 -51.16 3.38
C THR CB 915 39.03 -52.05 3.00
N PHE CB 916 38.47 -52.74 3.98
CA PHE CB 916 37.49 -53.79 3.72
C PHE CB 916 36.22 -53.51 4.52
N ASN CB 917 35.13 -53.26 3.81
CA ASN CB 917 33.91 -52.73 4.41
C ASN CB 917 32.66 -53.55 4.12
N THR CB 918 32.48 -54.02 2.89
CA THR CB 918 31.22 -54.68 2.50
C THR CB 918 31.29 -56.12 3.01
N MET CB 919 30.87 -56.33 4.25
CA MET CB 919 30.97 -57.63 4.91
C MET CB 919 29.67 -58.38 4.65
N SER CB 920 29.78 -59.65 4.24
CA SER CB 920 28.62 -60.47 3.96
C SER CB 920 28.75 -61.80 4.72
N ILE CB 921 27.72 -62.12 5.49
CA ILE CB 921 27.60 -63.39 6.20
C ILE CB 921 26.49 -64.20 5.52
N PRO CB 922 26.70 -65.48 5.24
CA PRO CB 922 25.61 -66.30 4.70
C PRO CB 922 24.61 -66.73 5.76
N GLY CB 923 23.68 -67.60 5.39
CA GLY CB 923 22.64 -68.05 6.29
C GLY CB 923 21.38 -67.20 6.17
N ALA CB 924 21.49 -65.93 6.53
CA ALA CB 924 20.46 -64.94 6.25
C ALA CB 924 21.00 -63.94 5.26
N GLU CB 925 20.20 -63.62 4.24
CA GLU CB 925 20.66 -62.77 3.15
C GLU CB 925 20.65 -61.31 3.61
N LYS CB 926 21.75 -60.93 4.25
CA LYS CB 926 22.00 -59.56 4.63
C LYS CB 926 23.42 -59.19 4.22
N THR CB 927 23.69 -57.90 4.12
CA THR CB 927 25.02 -57.42 3.74
C THR CB 927 25.37 -56.27 4.70
N ILE CB 928 26.03 -56.61 5.80
CA ILE CB 928 26.35 -55.65 6.84
C ILE CB 928 27.55 -54.80 6.42
N SER CB 929 27.83 -53.74 7.18
CA SER CB 929 28.88 -52.82 6.78
C SER CB 929 29.89 -52.55 7.88
N ILE CB 930 30.40 -53.60 8.53
CA ILE CB 930 31.55 -53.42 9.42
C ILE CB 930 32.78 -53.23 8.54
N SER CB 931 33.48 -52.13 8.76
CA SER CB 931 34.66 -51.78 7.99
C SER CB 931 35.89 -51.89 8.89
N ALA CB 932 36.98 -52.40 8.35
CA ALA CB 932 38.22 -52.57 9.09
C ALA CB 932 39.38 -52.55 8.12
N TYR CB 933 40.60 -52.74 8.64
CA TYR CB 933 41.82 -52.66 7.85
C TYR CB 933 42.57 -54.00 7.86
N ALA CB 934 43.76 -54.00 7.27
CA ALA CB 934 44.49 -55.22 6.99
C ALA CB 934 45.82 -55.27 7.74
N ILE CB 935 46.15 -56.46 8.24
CA ILE CB 935 47.47 -56.77 8.78
C ILE CB 935 48.03 -57.94 7.98
N ASP CB 936 49.34 -57.95 7.76
CA ASP CB 936 49.98 -59.10 7.12
C ASP CB 936 49.94 -60.30 8.07
N PRO CB 937 49.49 -61.46 7.60
CA PRO CB 937 49.27 -62.59 8.52
C PRO CB 937 50.57 -63.18 9.03
N ASN CB 938 50.53 -63.64 10.29
CA ASN CB 938 51.63 -64.20 11.06
C ASN CB 938 52.83 -63.25 11.12
N THR CB 939 52.61 -61.93 11.10
CA THR CB 939 53.69 -60.96 10.99
C THR CB 939 53.67 -59.99 12.17
N ALA CB 940 52.46 -59.66 12.63
CA ALA CB 940 52.19 -58.57 13.56
C ALA CB 940 52.77 -57.25 13.05
N ARG CB 941 52.71 -57.08 11.73
CA ARG CB 941 53.14 -55.86 11.05
C ARG CB 941 52.18 -55.60 9.91
N THR CB 942 51.99 -54.31 9.60
CA THR CB 942 51.04 -53.91 8.58
C THR CB 942 51.65 -53.74 7.21
N ALA CB 943 52.93 -54.07 7.04
CA ALA CB 943 53.57 -53.95 5.75
C ALA CB 943 53.08 -55.04 4.81
N LEU CB 944 53.15 -54.77 3.52
CA LEU CB 944 52.82 -55.74 2.50
C LEU CB 944 54.10 -56.30 1.89
N ALA CB 945 54.20 -57.62 1.85
CA ALA CB 945 55.35 -58.30 1.26
C ALA CB 945 55.22 -58.21 -0.26
N SER CB 946 55.74 -57.11 -0.81
CA SER CB 946 55.60 -56.80 -2.22
C SER CB 946 56.89 -56.14 -2.71
N ARG CB 947 56.82 -55.59 -3.92
CA ARG CB 947 57.95 -54.94 -4.56
C ARG CB 947 57.69 -53.46 -4.74
N THR CB 948 58.74 -52.66 -4.55
CA THR CB 948 58.64 -51.22 -4.70
C THR CB 948 59.67 -50.61 -5.64
N ASN CB 949 60.52 -51.41 -6.27
CA ASN CB 949 61.56 -50.92 -7.18
C ASN CB 949 61.21 -51.20 -8.64
N HIS CB 950 59.95 -51.02 -9.01
CA HIS CB 950 59.49 -51.42 -10.34
C HIS CB 950 60.02 -50.52 -11.45
N HIS CB 951 60.04 -49.21 -11.24
CA HIS CB 951 60.34 -48.27 -12.31
C HIS CB 951 61.33 -47.21 -11.85
N TYR CB 952 62.42 -47.63 -11.23
CA TYR CB 952 63.54 -46.74 -10.93
C TYR CB 952 64.59 -46.74 -12.01
N LEU CB 953 65.10 -47.93 -12.35
CA LEU CB 953 66.28 -48.06 -13.19
C LEU CB 953 65.98 -47.70 -14.64
N MET CB 954 64.77 -47.96 -15.11
CA MET CB 954 64.40 -47.67 -16.49
C MET CB 954 64.42 -46.16 -16.76
N ARG CB 955 63.74 -45.38 -15.90
CA ARG CB 955 63.70 -43.94 -16.10
C ARG CB 955 65.06 -43.30 -15.81
N TYR CB 956 65.81 -43.82 -14.82
CA TYR CB 956 67.16 -43.32 -14.56
C TYR CB 956 68.07 -43.51 -15.78
N GLY CB 957 68.03 -44.71 -16.37
CA GLY CB 957 68.87 -44.99 -17.52
C GLY CB 957 68.49 -44.18 -18.74
N SER CB 958 67.19 -44.01 -18.98
CA SER CB 958 66.74 -43.23 -20.14
C SER CB 958 67.16 -41.76 -20.01
N LEU CB 959 66.96 -41.17 -18.84
CA LEU CB 959 67.34 -39.77 -18.62
C LEU CB 959 68.85 -39.59 -18.73
N PHE CB 960 69.63 -40.47 -18.08
CA PHE CB 960 71.07 -40.29 -18.06
C PHE CB 960 71.68 -40.55 -19.42
N ALA CB 961 71.08 -41.45 -20.21
CA ALA CB 961 71.54 -41.67 -21.57
C ALA CB 961 71.26 -40.45 -22.45
N SER CB 962 70.07 -39.85 -22.33
CA SER CB 962 69.75 -38.65 -23.08
C SER CB 962 70.69 -37.50 -22.73
N SER CB 963 70.98 -37.35 -21.44
CA SER CB 963 71.90 -36.31 -20.97
C SER CB 963 73.30 -36.50 -21.53
N PHE CB 964 73.85 -37.71 -21.40
CA PHE CB 964 75.19 -38.00 -21.91
C PHE CB 964 75.29 -37.77 -23.41
N LEU CB 965 74.20 -38.06 -24.13
CA LEU CB 965 74.13 -37.77 -25.57
C LEU CB 965 74.27 -36.27 -25.84
N GLN CB 966 73.44 -35.47 -25.16
CA GLN CB 966 73.46 -34.02 -25.41
C GLN CB 966 74.80 -33.41 -25.04
N GLY CB 967 75.36 -33.85 -23.90
CA GLY CB 967 76.66 -33.36 -23.48
C GLY CB 967 77.77 -33.75 -24.42
N PHE CB 968 77.67 -34.94 -25.02
CA PHE CB 968 78.71 -35.38 -25.94
C PHE CB 968 78.73 -34.53 -27.18
N GLY CB 969 77.55 -34.27 -27.73
CA GLY CB 969 77.49 -33.46 -28.93
C GLY CB 969 77.96 -32.04 -28.71
N ASN CB 970 77.49 -31.40 -27.62
CA ASN CB 970 77.89 -30.00 -27.44
C ASN CB 970 79.35 -29.85 -27.04
N ALA CB 971 79.88 -30.71 -26.17
CA ALA CB 971 81.26 -30.52 -25.74
C ALA CB 971 82.26 -30.95 -26.80
N PHE CB 972 81.97 -32.02 -27.54
CA PHE CB 972 82.90 -32.36 -28.61
C PHE CB 972 82.70 -31.49 -29.84
N GLN CB 973 81.61 -30.70 -29.90
CA GLN CB 973 81.60 -29.60 -30.85
C GLN CB 973 82.44 -28.44 -30.33
N SER CB 974 82.45 -28.22 -29.01
CA SER CB 974 83.23 -27.14 -28.42
C SER CB 974 84.72 -27.38 -28.56
N ALA CB 975 85.15 -28.63 -28.48
CA ALA CB 975 86.56 -28.98 -28.56
C ALA CB 975 87.06 -29.13 -29.99
N ASN CB 976 86.36 -28.55 -30.97
CA ASN CB 976 86.79 -28.63 -32.36
C ASN CB 976 88.02 -27.76 -32.62
N THR CB 977 88.15 -26.62 -31.95
CA THR CB 977 89.23 -25.69 -32.27
C THR CB 977 90.51 -26.03 -31.53
N THR CB 978 90.47 -26.04 -30.21
CA THR CB 978 91.66 -26.22 -29.39
C THR CB 978 92.15 -27.66 -29.42
N SER CB 999 85.18 -36.01 -40.27
CA SER CB 999 83.87 -36.14 -40.90
C SER CB 999 82.96 -37.05 -40.09
N THR CB 1000 83.37 -38.32 -39.97
CA THR CB 1000 82.56 -39.31 -39.26
C THR CB 1000 82.42 -39.01 -37.78
N LEU CB 1001 83.52 -38.62 -37.13
CA LEU CB 1001 83.46 -38.25 -35.73
C LEU CB 1001 82.67 -36.96 -35.54
N GLU CB 1002 82.74 -36.07 -36.54
CA GLU CB 1002 81.88 -34.89 -36.56
C GLU CB 1002 80.41 -35.28 -36.64
N ASN CB 1003 80.09 -36.33 -37.40
CA ASN CB 1003 78.71 -36.78 -37.48
C ASN CB 1003 78.28 -37.46 -36.19
N ALA CB 1004 79.22 -38.06 -35.46
CA ALA CB 1004 78.92 -38.53 -34.12
C ALA CB 1004 78.56 -37.37 -33.19
N VAL CB 1005 79.35 -36.29 -33.26
CA VAL CB 1005 79.05 -35.05 -32.55
C VAL CB 1005 77.67 -34.53 -32.93
N ILE CB 1006 77.34 -34.62 -34.22
CA ILE CB 1006 76.05 -34.21 -34.77
C ILE CB 1006 74.90 -34.98 -34.13
N GLY CB 1007 75.02 -36.30 -34.08
CA GLY CB 1007 73.89 -37.12 -33.65
C GLY CB 1007 73.68 -36.98 -32.17
N LEU CB 1008 74.76 -36.96 -31.41
CA LEU CB 1008 74.67 -36.76 -29.97
C LEU CB 1008 74.12 -35.37 -29.64
N ALA CB 1009 74.60 -34.34 -30.38
CA ALA CB 1009 74.20 -32.95 -30.18
C ALA CB 1009 72.73 -32.73 -30.43
N THR CB 1010 72.13 -33.49 -31.31
CA THR CB 1010 70.74 -33.19 -31.58
C THR CB 1010 69.77 -34.17 -30.96
N VAL CB 1011 70.14 -35.44 -30.72
CA VAL CB 1011 69.18 -36.35 -30.12
C VAL CB 1011 69.26 -36.39 -28.61
N GLY CB 1012 70.25 -35.72 -27.99
CA GLY CB 1012 70.24 -35.63 -26.55
C GLY CB 1012 69.08 -34.79 -26.01
N LYS CB 1013 68.78 -33.66 -26.67
CA LYS CB 1013 67.92 -32.65 -26.09
C LYS CB 1013 66.45 -33.07 -26.06
N ALA CB 1014 65.94 -33.62 -27.17
CA ALA CB 1014 64.54 -34.01 -27.22
C ALA CB 1014 64.25 -35.19 -26.31
N TRP CB 1015 65.17 -36.16 -26.27
CA TRP CB 1015 65.03 -37.27 -25.34
C TRP CB 1015 65.19 -36.80 -23.90
N SER CB 1016 65.98 -35.75 -23.65
CA SER CB 1016 66.10 -35.24 -22.29
C SER CB 1016 64.82 -34.58 -21.81
N GLN CB 1017 64.21 -33.74 -22.66
CA GLN CB 1017 62.98 -33.09 -22.25
C GLN CB 1017 61.83 -34.07 -22.14
N GLN CB 1018 61.78 -35.08 -23.00
CA GLN CB 1018 60.72 -36.06 -22.87
C GLN CB 1018 60.99 -37.02 -21.71
N ALA CB 1019 62.26 -37.20 -21.34
CA ALA CB 1019 62.56 -37.97 -20.14
C ALA CB 1019 62.13 -37.24 -18.88
N GLN CB 1020 62.27 -35.91 -18.86
CA GLN CB 1020 61.72 -35.15 -17.74
C GLN CB 1020 60.20 -35.10 -17.81
N GLN CB 1021 59.63 -35.27 -19.00
CA GLN CB 1021 58.17 -35.38 -19.12
C GLN CB 1021 57.65 -36.67 -18.50
N LEU CB 1022 58.22 -37.81 -18.86
CA LEU CB 1022 57.70 -39.10 -18.41
C LEU CB 1022 58.46 -39.66 -17.22
N PHE CB 1023 59.32 -38.86 -16.58
CA PHE CB 1023 60.11 -39.34 -15.46
C PHE CB 1023 59.27 -39.52 -14.20
N ASN CB 1024 58.08 -38.95 -14.18
CA ASN CB 1024 57.27 -38.79 -12.98
C ASN CB 1024 56.40 -40.01 -12.63
N THR CB 1025 56.46 -41.10 -13.39
CA THR CB 1025 55.55 -42.22 -13.14
C THR CB 1025 55.99 -43.01 -11.91
N PRO CB 1026 55.12 -43.19 -10.92
CA PRO CB 1026 55.51 -43.86 -9.68
C PRO CB 1026 55.62 -45.37 -9.87
N THR CB 1027 56.30 -46.01 -8.92
CA THR CB 1027 56.45 -47.45 -8.88
C THR CB 1027 55.16 -48.07 -8.35
N THR CB 1028 54.54 -48.92 -9.16
CA THR CB 1028 53.34 -49.61 -8.75
C THR CB 1028 53.69 -50.72 -7.75
N VAL CB 1029 52.76 -50.99 -6.83
CA VAL CB 1029 52.91 -52.10 -5.90
C VAL CB 1029 51.81 -53.11 -6.20
N GLU CB 1030 52.01 -54.34 -5.72
CA GLU CB 1030 51.13 -55.43 -6.09
C GLU CB 1030 51.06 -56.47 -4.99
N VAL CB 1031 49.84 -56.75 -4.52
CA VAL CB 1031 49.63 -57.87 -3.62
C VAL CB 1031 49.64 -59.17 -4.41
N TYR CB 1032 49.68 -60.28 -3.69
CA TYR CB 1032 49.77 -61.60 -4.30
C TYR CB 1032 48.44 -62.34 -4.22
N SER CB 1033 48.30 -63.36 -5.06
CA SER CB 1033 47.01 -64.06 -5.22
C SER CB 1033 46.88 -65.28 -4.34
N GLY CB 1034 47.74 -65.45 -3.34
CA GLY CB 1034 47.60 -66.59 -2.46
C GLY CB 1034 47.94 -66.28 -1.01
N THR CB 1035 47.87 -65.00 -0.63
CA THR CB 1035 48.24 -64.56 0.69
C THR CB 1035 47.00 -64.05 1.42
N GLY CB 1036 46.79 -64.55 2.63
CA GLY CB 1036 45.70 -64.09 3.47
C GLY CB 1036 46.02 -62.75 4.11
N LEU CB 1037 45.15 -62.35 5.05
CA LEU CB 1037 45.31 -61.08 5.72
C LEU CB 1037 44.67 -61.14 7.11
N GLY CB 1038 45.11 -60.23 7.97
CA GLY CB 1038 44.57 -60.10 9.31
C GLY CB 1038 43.79 -58.81 9.46
N ILE CB 1039 42.60 -58.93 10.03
CA ILE CB 1039 41.63 -57.85 10.06
C ILE CB 1039 41.31 -57.52 11.51
N LEU CB 1040 41.58 -56.28 11.91
CA LEU CB 1040 41.32 -55.85 13.28
C LEU CB 1040 40.14 -54.89 13.30
N PHE CB 1041 39.17 -55.18 14.16
CA PHE CB 1041 37.83 -54.60 14.08
C PHE CB 1041 37.83 -53.14 14.54
N THR CB 1042 36.81 -52.41 14.08
CA THR CB 1042 36.61 -51.01 14.35
C THR CB 1042 35.31 -50.72 15.08
N GLN CB 1043 34.22 -51.39 14.70
CA GLN CB 1043 32.93 -51.24 15.37
C GLN CB 1043 32.29 -52.61 15.57
N ASP CB 1044 31.08 -52.61 16.11
CA ASP CB 1044 30.35 -53.83 16.40
C ASP CB 1044 29.25 -54.07 15.35
N VAL CB 1045 28.91 -55.35 15.15
CA VAL CB 1045 27.77 -55.78 14.37
C VAL CB 1045 27.03 -56.85 15.17
N THR CB 1046 25.98 -57.40 14.58
CA THR CB 1046 25.19 -58.45 15.25
C THR CB 1046 24.95 -59.64 14.34
N LYS DB 60 32.90 -77.17 -26.09
CA LYS DB 60 32.65 -78.58 -25.84
C LYS DB 60 31.16 -78.89 -25.86
N GLU DB 61 30.37 -77.95 -25.35
CA GLU DB 61 28.92 -78.08 -25.42
C GLU DB 61 28.44 -78.02 -26.86
N THR DB 62 29.13 -77.20 -27.67
CA THR DB 62 28.88 -77.19 -29.10
C THR DB 62 29.18 -78.54 -29.73
N ALA DB 63 30.26 -79.18 -29.29
CA ALA DB 63 30.60 -80.50 -29.79
C ALA DB 63 29.54 -81.53 -29.43
N LEU DB 64 29.03 -81.45 -28.19
CA LEU DB 64 27.93 -82.31 -27.77
C LEU DB 64 26.68 -82.08 -28.60
N SER DB 65 26.36 -80.81 -28.87
CA SER DB 65 25.14 -80.48 -29.60
C SER DB 65 25.23 -80.94 -31.06
N VAL DB 66 26.38 -80.72 -31.71
CA VAL DB 66 26.49 -81.14 -33.09
C VAL DB 66 26.58 -82.65 -33.20
N GLY DB 67 27.15 -83.33 -32.19
CA GLY DB 67 27.13 -84.78 -32.19
C GLY DB 67 25.73 -85.33 -32.05
N ALA DB 68 24.93 -84.70 -31.19
CA ALA DB 68 23.54 -85.11 -31.01
C ALA DB 68 22.75 -84.90 -32.29
N GLN DB 69 22.91 -83.74 -32.93
CA GLN DB 69 22.17 -83.44 -34.15
C GLN DB 69 22.57 -84.36 -35.29
N ALA DB 70 23.88 -84.59 -35.46
CA ALA DB 70 24.36 -85.40 -36.57
C ALA DB 70 23.98 -86.86 -36.40
N GLY DB 71 24.13 -87.39 -35.18
CA GLY DB 71 23.72 -88.77 -34.94
C GLY DB 71 22.23 -88.97 -35.08
N LEU DB 72 21.44 -88.00 -34.62
CA LEU DB 72 19.99 -88.09 -34.73
C LEU DB 72 19.55 -88.08 -36.19
N ALA DB 73 20.12 -87.18 -36.98
CA ALA DB 73 19.77 -87.10 -38.39
C ALA DB 73 20.21 -88.34 -39.16
N TRP DB 74 21.42 -88.83 -38.87
CA TRP DB 74 21.94 -89.98 -39.60
C TRP DB 74 21.15 -91.24 -39.28
N ARG DB 75 20.85 -91.47 -37.99
CA ARG DB 75 20.07 -92.63 -37.60
C ARG DB 75 18.65 -92.54 -38.14
N ALA DB 76 18.09 -91.32 -38.19
CA ALA DB 76 16.76 -91.16 -38.76
C ALA DB 76 16.74 -91.50 -40.25
N LYS DB 77 17.79 -91.10 -40.98
CA LYS DB 77 17.85 -91.43 -42.40
C LYS DB 77 17.98 -92.94 -42.61
N ILE DB 78 18.82 -93.59 -41.80
CA ILE DB 78 19.03 -95.03 -41.93
C ILE DB 78 17.75 -95.79 -41.61
N ILE DB 79 17.05 -95.39 -40.54
CA ILE DB 79 15.84 -96.09 -40.16
C ILE DB 79 14.71 -95.81 -41.14
N ASP DB 80 14.73 -94.65 -41.81
CA ASP DB 80 13.73 -94.41 -42.84
C ASP DB 80 13.96 -95.27 -44.06
N GLU DB 81 15.23 -95.48 -44.43
CA GLU DB 81 15.54 -96.39 -45.53
C GLU DB 81 15.11 -97.82 -45.21
N GLN DB 82 15.38 -98.28 -43.99
CA GLN DB 82 15.00 -99.64 -43.63
C GLN DB 82 13.50 -99.78 -43.50
N LEU DB 83 12.82 -98.72 -43.09
CA LEU DB 83 11.36 -98.74 -43.06
C LEU DB 83 10.80 -98.83 -44.46
N ASN DB 84 11.44 -98.15 -45.42
CA ASN DB 84 11.04 -98.27 -46.81
C ASN DB 84 11.30 -99.67 -47.35
N LYS DB 85 12.35 -100.32 -46.87
CA LYS DB 85 12.77 -101.61 -47.43
C LYS DB 85 11.78 -102.74 -47.13
N GLN DB 86 10.92 -102.58 -46.13
CA GLN DB 86 9.93 -103.59 -45.80
C GLN DB 86 8.53 -103.05 -46.02
N ALA DB 87 8.32 -102.40 -47.17
CA ALA DB 87 7.11 -101.62 -47.40
C ALA DB 87 5.87 -102.49 -47.49
N ARG DB 88 5.98 -103.66 -48.14
CA ARG DB 88 4.80 -104.50 -48.33
C ARG DB 88 4.33 -105.13 -47.03
N ASN DB 89 5.28 -105.45 -46.16
CA ASN DB 89 4.96 -106.22 -44.96
C ASN DB 89 4.22 -105.38 -43.93
N LEU DB 90 4.44 -104.07 -43.93
CA LEU DB 90 3.85 -103.19 -42.93
C LEU DB 90 2.34 -103.12 -43.08
N ASP DB 91 1.87 -102.65 -44.22
CA ASP DB 91 0.44 -102.65 -44.47
C ASP DB 91 -0.08 -104.04 -44.78
N ALA DB 92 0.80 -105.02 -45.04
CA ALA DB 92 0.35 -106.39 -45.07
C ALA DB 92 -0.12 -106.85 -43.70
N ILE DB 93 0.64 -106.55 -42.65
CA ILE DB 93 0.24 -107.00 -41.32
C ILE DB 93 -0.72 -106.03 -40.64
N TYR DB 94 -0.74 -104.77 -41.03
CA TYR DB 94 -1.69 -103.81 -40.47
C TYR DB 94 -2.79 -103.57 -41.50
N ASP DB 95 -3.69 -104.54 -41.60
CA ASP DB 95 -4.83 -104.40 -42.50
C ASP DB 95 -5.92 -103.64 -41.77
N PHE DB 96 -5.87 -102.32 -41.88
CA PHE DB 96 -6.99 -101.52 -41.41
C PHE DB 96 -8.21 -101.70 -42.32
N ASN DB 97 -7.96 -102.01 -43.60
CA ASN DB 97 -9.03 -102.02 -44.58
C ASN DB 97 -9.99 -103.18 -44.37
N SER DB 98 -9.50 -104.30 -43.84
CA SER DB 98 -10.40 -105.37 -43.46
C SER DB 98 -11.19 -105.04 -42.21
N LEU DB 99 -10.69 -104.13 -41.38
CA LEU DB 99 -11.28 -103.89 -40.08
C LEU DB 99 -12.44 -102.92 -40.11
N VAL DB 100 -12.73 -102.33 -41.26
CA VAL DB 100 -13.83 -101.37 -41.34
C VAL DB 100 -15.16 -102.11 -41.31
N LEU DB 101 -16.15 -101.50 -40.66
CA LEU DB 101 -17.47 -102.08 -40.65
C LEU DB 101 -18.19 -101.75 -41.95
N GLU DB 102 -19.41 -102.28 -42.10
CA GLU DB 102 -20.08 -102.31 -43.40
C GLU DB 102 -20.58 -100.95 -43.86
N HIS DB 103 -20.64 -99.95 -42.99
CA HIS DB 103 -21.03 -98.61 -43.41
C HIS DB 103 -19.84 -97.68 -43.56
N ASN DB 104 -18.68 -98.24 -43.94
CA ASN DB 104 -17.42 -97.50 -44.11
C ASN DB 104 -17.05 -96.74 -42.83
N ILE DB 105 -17.25 -97.39 -41.70
CA ILE DB 105 -17.17 -96.74 -40.40
C ILE DB 105 -16.06 -97.39 -39.60
N LEU DB 106 -15.16 -96.58 -39.07
CA LEU DB 106 -14.09 -97.07 -38.22
C LEU DB 106 -14.68 -97.64 -36.94
N PRO DB 107 -14.28 -98.85 -36.54
CA PRO DB 107 -14.78 -99.40 -35.28
C PRO DB 107 -14.19 -98.64 -34.10
N PRO DB 108 -14.85 -98.67 -32.95
CA PRO DB 108 -14.31 -97.99 -31.77
C PRO DB 108 -13.13 -98.76 -31.20
N VAL DB 109 -12.47 -98.13 -30.23
CA VAL DB 109 -11.24 -98.65 -29.64
C VAL DB 109 -11.49 -98.94 -28.17
N LEU DB 110 -11.11 -100.15 -27.74
CA LEU DB 110 -11.36 -100.58 -26.37
C LEU DB 110 -10.07 -101.03 -25.71
N LEU DB 111 -10.01 -100.86 -24.39
CA LEU DB 111 -8.88 -101.28 -23.59
C LEU DB 111 -9.35 -102.12 -22.43
N GLU DB 112 -8.50 -103.06 -22.01
CA GLU DB 112 -8.81 -103.95 -20.91
C GLU DB 112 -7.72 -103.86 -19.85
N GLY DB 113 -8.06 -104.32 -18.65
CA GLY DB 113 -7.11 -104.42 -17.56
C GLY DB 113 -7.46 -105.54 -16.62
N ARG DB 114 -6.46 -106.35 -16.23
CA ARG DB 114 -6.69 -107.53 -15.44
C ARG DB 114 -6.06 -107.40 -14.07
N ASN DB 115 -6.74 -108.00 -13.08
CA ASN DB 115 -6.29 -108.09 -11.69
C ASN DB 115 -6.04 -106.72 -11.09
N THR DB 116 -7.11 -105.94 -11.02
CA THR DB 116 -7.02 -104.55 -10.58
C THR DB 116 -7.04 -104.49 -9.07
N LEU DB 117 -6.06 -103.81 -8.50
CA LEU DB 117 -6.10 -103.45 -7.09
C LEU DB 117 -5.66 -102.01 -6.95
N ASN DB 118 -6.10 -101.39 -5.86
CA ASN DB 118 -5.57 -100.09 -5.50
C ASN DB 118 -5.74 -99.87 -4.02
N LEU DB 119 -4.67 -99.40 -3.39
CA LEU DB 119 -4.73 -98.81 -2.06
C LEU DB 119 -5.05 -97.33 -2.25
N ALA DB 120 -6.27 -96.94 -1.93
CA ALA DB 120 -6.67 -95.55 -2.15
C ALA DB 120 -6.00 -94.64 -1.13
N ASP DB 121 -6.05 -95.03 0.14
CA ASP DB 121 -5.25 -94.43 1.20
C ASP DB 121 -5.03 -95.51 2.25
N ALA DB 122 -4.62 -95.08 3.44
CA ALA DB 122 -4.44 -96.02 4.54
C ALA DB 122 -5.78 -96.63 4.92
N GLN DB 123 -5.75 -97.93 5.24
CA GLN DB 123 -6.90 -98.71 5.68
C GLN DB 123 -7.99 -98.78 4.61
N SER DB 124 -7.63 -98.71 3.34
CA SER DB 124 -8.64 -98.60 2.28
C SER DB 124 -8.10 -99.18 0.98
N ILE DB 125 -8.61 -100.34 0.59
CA ILE DB 125 -8.22 -101.00 -0.65
C ILE DB 125 -9.46 -101.43 -1.41
N ARG DB 126 -9.38 -101.34 -2.73
CA ARG DB 126 -10.45 -101.76 -3.62
C ARG DB 126 -9.86 -102.59 -4.74
N ILE DB 127 -10.46 -103.75 -4.99
CA ILE DB 127 -9.97 -104.68 -6.01
C ILE DB 127 -11.12 -105.06 -6.93
N SER DB 128 -10.74 -105.51 -8.12
CA SER DB 128 -11.66 -106.07 -9.11
C SER DB 128 -10.86 -106.98 -10.03
N ASP DB 129 -11.57 -107.84 -10.75
CA ASP DB 129 -10.88 -108.73 -11.68
C ASP DB 129 -10.43 -107.98 -12.93
N ARG DB 130 -11.39 -107.43 -13.68
CA ARG DB 130 -11.06 -106.75 -14.91
C ARG DB 130 -11.82 -105.45 -15.02
N THR DB 131 -11.28 -104.58 -15.86
CA THR DB 131 -11.90 -103.34 -16.26
C THR DB 131 -11.80 -103.22 -17.77
N TYR DB 132 -12.77 -102.51 -18.36
CA TYR DB 132 -12.73 -102.19 -19.78
C TYR DB 132 -13.09 -100.73 -19.95
N LYS DB 133 -12.34 -100.06 -20.82
CA LYS DB 133 -12.45 -98.61 -20.99
C LYS DB 133 -12.46 -98.28 -22.47
N VAL DB 134 -13.39 -97.41 -22.86
CA VAL DB 134 -13.42 -96.93 -24.23
C VAL DB 134 -12.28 -95.92 -24.42
N ALA DB 135 -11.39 -96.22 -25.36
CA ALA DB 135 -10.26 -95.34 -25.64
C ALA DB 135 -10.63 -94.27 -26.65
N LYS DB 136 -11.01 -94.67 -27.85
CA LYS DB 136 -11.44 -93.74 -28.88
C LYS DB 136 -12.81 -94.14 -29.39
N GLN DB 137 -13.71 -93.17 -29.45
CA GLN DB 137 -15.08 -93.43 -29.83
C GLN DB 137 -15.18 -93.76 -31.30
N ALA DB 138 -16.21 -94.52 -31.65
CA ALA DB 138 -16.47 -94.88 -33.04
C ALA DB 138 -16.86 -93.65 -33.85
N HIS DB 139 -16.29 -93.53 -35.05
CA HIS DB 139 -16.61 -92.45 -35.95
C HIS DB 139 -16.36 -92.92 -37.37
N PHE DB 140 -16.96 -92.22 -38.32
CA PHE DB 140 -16.78 -92.57 -39.71
C PHE DB 140 -15.41 -92.14 -40.20
N ILE DB 141 -14.96 -92.78 -41.28
CA ILE DB 141 -13.71 -92.44 -41.94
C ILE DB 141 -13.94 -92.44 -43.44
N THR DB 142 -13.39 -91.44 -44.11
CA THR DB 142 -13.42 -91.44 -45.56
C THR DB 142 -12.52 -92.54 -46.12
N THR DB 143 -11.30 -92.62 -45.63
CA THR DB 143 -10.32 -93.60 -46.07
C THR DB 143 -9.78 -94.34 -44.86
N PRO DB 144 -9.38 -95.61 -45.03
CA PRO DB 144 -8.75 -96.31 -43.92
C PRO DB 144 -7.38 -95.74 -43.64
N PRO DB 145 -6.95 -95.71 -42.38
CA PRO DB 145 -5.61 -95.22 -42.06
C PRO DB 145 -4.57 -96.29 -42.34
N THR DB 146 -3.31 -95.87 -42.34
CA THR DB 146 -2.20 -96.78 -42.59
C THR DB 146 -1.09 -96.48 -41.58
N TRP DB 147 0.07 -97.09 -41.80
CA TRP DB 147 1.20 -96.96 -40.91
C TRP DB 147 2.01 -95.71 -41.17
N ARG DB 148 1.79 -95.04 -42.31
CA ARG DB 148 2.65 -93.95 -42.71
C ARG DB 148 2.45 -92.71 -41.85
N GLN DB 149 1.26 -92.57 -41.26
CA GLN DB 149 0.98 -91.50 -40.30
C GLN DB 149 1.25 -91.94 -38.89
N TYR DB 150 2.01 -93.00 -38.70
CA TYR DB 150 2.34 -93.46 -37.35
C TYR DB 150 3.83 -93.70 -37.19
N LEU DB 151 4.50 -94.17 -38.23
CA LEU DB 151 5.87 -94.65 -38.07
C LEU DB 151 6.92 -93.88 -38.86
N TRP DB 152 6.52 -92.92 -39.69
CA TRP DB 152 7.49 -92.26 -40.54
C TRP DB 152 8.28 -91.22 -39.74
N MET DB 153 9.58 -91.17 -39.98
CA MET DB 153 10.44 -90.21 -39.30
C MET DB 153 10.59 -88.96 -40.15
N ASP DB 154 10.53 -87.81 -39.51
CA ASP DB 154 10.78 -86.55 -40.20
C ASP DB 154 12.28 -86.35 -40.34
N TYR DB 155 12.74 -86.23 -41.57
CA TYR DB 155 14.16 -86.13 -41.87
C TYR DB 155 14.43 -84.83 -42.59
N VAL DB 156 15.05 -83.89 -41.90
CA VAL DB 156 15.65 -82.72 -42.53
C VAL DB 156 17.14 -82.79 -42.27
N LYS DB 157 17.91 -82.93 -43.32
CA LYS DB 157 19.35 -83.01 -43.17
C LYS DB 157 19.89 -81.64 -42.77
N PRO DB 158 20.65 -81.54 -41.68
CA PRO DB 158 21.33 -80.28 -41.38
C PRO DB 158 22.52 -80.09 -42.30
N GLU DB 159 22.83 -78.82 -42.57
CA GLU DB 159 23.97 -78.51 -43.41
C GLU DB 159 24.81 -77.35 -42.89
N ALA DB 160 24.48 -76.75 -41.75
CA ALA DB 160 25.18 -75.57 -41.26
C ALA DB 160 25.64 -75.79 -39.82
N PRO DB 161 26.71 -76.55 -39.61
CA PRO DB 161 27.29 -76.67 -38.27
C PRO DB 161 28.15 -75.45 -37.97
N ASN DB 162 27.64 -74.56 -37.14
CA ASN DB 162 28.38 -73.34 -36.83
C ASN DB 162 29.51 -73.66 -35.87
N VAL DB 163 30.73 -73.43 -36.32
CA VAL DB 163 31.92 -73.73 -35.55
C VAL DB 163 32.60 -72.39 -35.25
N THR DB 164 32.25 -71.80 -34.12
CA THR DB 164 32.95 -70.63 -33.60
C THR DB 164 33.97 -71.01 -32.55
N LEU DB 165 33.54 -71.75 -31.53
CA LEU DB 165 34.49 -72.39 -30.64
C LEU DB 165 35.30 -73.41 -31.42
N LEU DB 166 36.60 -73.47 -31.13
CA LEU DB 166 37.47 -74.38 -31.84
C LEU DB 166 38.54 -74.88 -30.87
N PRO DB 167 38.88 -76.16 -30.92
CA PRO DB 167 40.05 -76.64 -30.20
C PRO DB 167 41.33 -76.02 -30.75
N LYS DB 168 42.31 -75.86 -29.87
CA LYS DB 168 43.59 -75.27 -30.23
C LYS DB 168 44.75 -76.22 -30.09
N THR DB 169 44.77 -77.04 -29.04
CA THR DB 169 45.82 -78.02 -28.84
C THR DB 169 45.26 -79.43 -28.98
N LYS DB 170 46.15 -80.40 -28.84
CA LYS DB 170 45.82 -81.80 -29.10
C LYS DB 170 44.85 -82.35 -28.06
N ALA DB 171 44.97 -81.91 -26.80
CA ALA DB 171 44.05 -82.36 -25.75
C ALA DB 171 42.64 -81.85 -26.03
N GLU DB 172 42.52 -80.59 -26.45
CA GLU DB 172 41.22 -80.03 -26.82
C GLU DB 172 40.63 -80.73 -28.03
N LYS DB 173 41.47 -81.05 -29.01
CA LYS DB 173 41.01 -81.77 -30.20
C LYS DB 173 40.51 -83.17 -29.85
N GLU DB 174 41.23 -83.86 -28.95
CA GLU DB 174 40.86 -85.22 -28.58
C GLU DB 174 39.57 -85.23 -27.75
N ILE DB 175 39.44 -84.31 -26.79
CA ILE DB 175 38.22 -84.28 -26.00
C ILE DB 175 37.05 -83.81 -26.85
N TRP DB 176 37.33 -82.98 -27.87
CA TRP DB 176 36.31 -82.60 -28.84
C TRP DB 176 35.82 -83.81 -29.62
N CYS DB 177 36.75 -84.69 -30.01
CA CYS DB 177 36.40 -85.93 -30.70
C CYS DB 177 35.54 -86.83 -29.82
N ILE DB 178 35.93 -87.01 -28.55
CA ILE DB 178 35.17 -87.94 -27.72
C ILE DB 178 33.82 -87.35 -27.32
N TYR DB 179 33.72 -86.03 -27.22
CA TYR DB 179 32.43 -85.41 -26.92
C TYR DB 179 31.47 -85.53 -28.09
N THR DB 180 32.00 -85.39 -29.32
CA THR DB 180 31.16 -85.62 -30.50
C THR DB 180 30.72 -87.07 -30.58
N GLU DB 181 31.59 -88.00 -30.18
CA GLU DB 181 31.23 -89.41 -30.14
C GLU DB 181 30.10 -89.67 -29.15
N ARG DB 182 30.19 -89.05 -27.97
CA ARG DB 182 29.14 -89.18 -26.96
C ARG DB 182 27.81 -88.65 -27.47
N GLY DB 183 27.84 -87.48 -28.11
CA GLY DB 183 26.62 -86.92 -28.67
C GLY DB 183 26.04 -87.79 -29.77
N TRP DB 184 26.91 -88.41 -30.56
CA TRP DB 184 26.48 -89.34 -31.60
C TRP DB 184 25.73 -90.53 -31.01
N LYS DB 185 26.27 -91.09 -29.92
CA LYS DB 185 25.61 -92.19 -29.23
C LYS DB 185 24.25 -91.77 -28.66
N ASN DB 186 24.20 -90.58 -28.08
CA ASN DB 186 22.95 -90.10 -27.50
C ASN DB 186 21.89 -89.86 -28.58
N GLY DB 187 22.31 -89.37 -29.75
CA GLY DB 187 21.37 -89.18 -30.84
C GLY DB 187 20.81 -90.49 -31.36
N ILE DB 188 21.66 -91.52 -31.43
CA ILE DB 188 21.21 -92.85 -31.83
C ILE DB 188 20.18 -93.38 -30.85
N ASP DB 189 20.43 -93.19 -29.55
CA ASP DB 189 19.50 -93.65 -28.54
C ASP DB 189 18.17 -92.90 -28.60
N GLN DB 190 18.23 -91.59 -28.88
CA GLN DB 190 17.00 -90.81 -28.99
C GLN DB 190 16.15 -91.25 -30.17
N ALA DB 191 16.81 -91.56 -31.30
CA ALA DB 191 16.07 -92.03 -32.47
C ALA DB 191 15.39 -93.37 -32.19
N ASN DB 192 16.11 -94.27 -31.51
CA ASN DB 192 15.51 -95.55 -31.17
C ASN DB 192 14.36 -95.39 -30.19
N THR DB 193 14.48 -94.42 -29.27
CA THR DB 193 13.41 -94.14 -28.33
C THR DB 193 12.15 -93.67 -29.03
N ILE DB 194 12.31 -92.76 -30.00
CA ILE DB 194 11.18 -92.22 -30.74
C ILE DB 194 10.48 -93.32 -31.52
N LEU DB 195 11.26 -94.18 -32.17
CA LEU DB 195 10.69 -95.29 -32.94
C LEU DB 195 9.92 -96.26 -32.04
N GLU DB 196 10.48 -96.55 -30.87
CA GLU DB 196 9.83 -97.48 -29.95
C GLU DB 196 8.50 -96.93 -29.43
N GLU DB 197 8.46 -95.63 -29.14
CA GLU DB 197 7.22 -95.02 -28.71
C GLU DB 197 6.17 -95.05 -29.82
N ASN DB 198 6.59 -94.80 -31.06
CA ASN DB 198 5.65 -94.82 -32.17
C ASN DB 198 5.07 -96.20 -32.42
N ILE DB 199 5.92 -97.24 -32.37
CA ILE DB 199 5.42 -98.58 -32.65
C ILE DB 199 4.52 -99.06 -31.51
N ALA DB 200 4.81 -98.62 -30.27
CA ALA DB 200 3.93 -98.94 -29.15
C ALA DB 200 2.56 -98.31 -29.35
N ARG DB 201 2.53 -97.07 -29.84
CA ARG DB 201 1.25 -96.37 -30.03
C ARG DB 201 0.40 -97.06 -31.09
N ILE DB 202 1.01 -97.40 -32.23
CA ILE DB 202 0.21 -97.99 -33.31
C ILE DB 202 -0.23 -99.40 -32.94
N LYS DB 203 0.61 -100.14 -32.21
CA LYS DB 203 0.21 -101.46 -31.74
C LYS DB 203 -0.94 -101.37 -30.75
N GLU DB 204 -0.93 -100.34 -29.91
CA GLU DB 204 -2.01 -100.13 -28.96
C GLU DB 204 -3.34 -99.88 -29.66
N ASP DB 205 -3.33 -99.02 -30.69
CA ASP DB 205 -4.56 -98.74 -31.42
C ASP DB 205 -5.09 -99.98 -32.16
N PHE DB 206 -4.18 -100.73 -32.80
CA PHE DB 206 -4.58 -101.93 -33.52
C PHE DB 206 -5.15 -102.99 -32.58
N GLY DB 207 -4.51 -103.15 -31.42
CA GLY DB 207 -5.02 -104.05 -30.41
C GLY DB 207 -6.35 -103.60 -29.85
N GLY DB 208 -6.57 -102.30 -29.78
CA GLY DB 208 -7.86 -101.80 -29.35
C GLY DB 208 -8.97 -102.16 -30.31
N MET DB 209 -8.71 -102.03 -31.61
CA MET DB 209 -9.73 -102.41 -32.59
C MET DB 209 -9.99 -103.92 -32.59
N ILE DB 210 -8.93 -104.73 -32.48
CA ILE DB 210 -9.17 -106.16 -32.44
C ILE DB 210 -9.82 -106.58 -31.13
N LEU DB 211 -9.62 -105.80 -30.06
CA LEU DB 211 -10.31 -106.08 -28.81
C LEU DB 211 -11.78 -105.72 -28.91
N TYR DB 212 -12.12 -104.67 -29.65
CA TYR DB 212 -13.52 -104.37 -29.90
C TYR DB 212 -14.19 -105.48 -30.67
N ARG DB 213 -13.52 -106.02 -31.68
CA ARG DB 213 -14.08 -107.15 -32.41
C ARG DB 213 -14.21 -108.38 -31.51
N LYS DB 214 -13.27 -108.56 -30.58
CA LYS DB 214 -13.33 -109.66 -29.62
C LYS DB 214 -14.55 -109.56 -28.72
N LEU DB 215 -14.77 -108.38 -28.13
CA LEU DB 215 -15.90 -108.25 -27.22
C LEU DB 215 -17.23 -108.22 -27.96
N LEU DB 216 -17.24 -107.74 -29.20
CA LEU DB 216 -18.46 -107.81 -29.99
C LEU DB 216 -18.79 -109.25 -30.33
N ALA DB 217 -17.77 -110.07 -30.57
CA ALA DB 217 -18.00 -111.51 -30.69
C ALA DB 217 -18.32 -112.15 -29.35
N MET DB 218 -18.00 -111.49 -28.24
CA MET DB 218 -18.31 -112.00 -26.92
C MET DB 218 -19.68 -111.57 -26.41
N ASN DB 219 -20.37 -110.67 -27.14
CA ASN DB 219 -21.65 -110.07 -26.75
C ASN DB 219 -21.54 -109.34 -25.41
N MET DB 220 -20.62 -108.39 -25.37
CA MET DB 220 -20.49 -107.48 -24.24
C MET DB 220 -20.74 -106.04 -24.60
N VAL DB 221 -20.71 -105.70 -25.88
CA VAL DB 221 -20.95 -104.34 -26.34
C VAL DB 221 -22.17 -104.37 -27.25
N SER DB 222 -22.60 -103.20 -27.63
CA SER DB 222 -23.66 -103.12 -28.59
C SER DB 222 -23.11 -102.63 -29.92
N PRO DB 223 -23.54 -103.24 -31.03
CA PRO DB 223 -23.11 -102.75 -32.33
C PRO DB 223 -23.72 -101.39 -32.61
N PRO DB 224 -23.08 -100.56 -33.43
CA PRO DB 224 -23.66 -99.26 -33.76
C PRO DB 224 -24.94 -99.37 -34.56
N TYR DB 225 -25.86 -98.45 -34.30
CA TYR DB 225 -27.12 -98.39 -35.02
C TYR DB 225 -27.14 -97.11 -35.85
N VAL DB 226 -27.46 -97.26 -37.13
CA VAL DB 226 -27.33 -96.18 -38.10
C VAL DB 226 -28.64 -96.07 -38.89
N SER DB 227 -29.17 -94.86 -38.99
CA SER DB 227 -30.33 -94.61 -39.83
C SER DB 227 -29.91 -93.87 -41.10
N HIS DB 228 -30.69 -94.07 -42.15
CA HIS DB 228 -30.49 -93.37 -43.42
C HIS DB 228 -31.84 -92.98 -44.00
N THR DB 229 -32.04 -91.69 -44.23
CA THR DB 229 -33.25 -91.16 -44.81
C THR DB 229 -32.98 -90.74 -46.25
N ASP DB 230 -33.88 -91.12 -47.14
CA ASP DB 230 -33.71 -90.88 -48.57
C ASP DB 230 -34.81 -89.95 -49.07
N LEU DB 231 -34.41 -88.96 -49.87
CA LEU DB 231 -35.32 -88.07 -50.54
C LEU DB 231 -35.06 -88.14 -52.04
N GLY DB 232 -36.11 -87.93 -52.82
CA GLY DB 232 -36.00 -88.05 -54.26
C GLY DB 232 -35.50 -86.78 -54.91
N VAL DB 233 -36.27 -86.25 -55.86
CA VAL DB 233 -35.87 -85.06 -56.58
C VAL DB 233 -35.95 -83.86 -55.65
N THR DB 234 -34.87 -83.10 -55.59
CA THR DB 234 -34.79 -81.95 -54.70
C THR DB 234 -33.99 -80.83 -55.37
N GLY DB 235 -34.15 -79.63 -54.85
CA GLY DB 235 -33.49 -78.46 -55.36
C GLY DB 235 -34.46 -77.51 -56.04
N ASP DB 236 -34.02 -76.28 -56.23
CA ASP DB 236 -34.86 -75.23 -56.80
C ASP DB 236 -34.85 -75.34 -58.32
N GLY DB 237 -35.37 -74.31 -58.99
CA GLY DB 237 -35.34 -74.29 -60.44
C GLY DB 237 -33.96 -74.03 -61.02
N SER DB 238 -33.02 -73.52 -60.22
CA SER DB 238 -31.69 -73.21 -60.71
C SER DB 238 -30.65 -74.25 -60.34
N GLU DB 239 -30.83 -74.99 -59.25
CA GLU DB 239 -29.94 -76.06 -58.88
C GLU DB 239 -30.76 -77.26 -58.48
N ILE DB 240 -30.33 -78.44 -58.88
CA ILE DB 240 -31.08 -79.66 -58.59
C ILE DB 240 -30.12 -80.77 -58.22
N HIS DB 241 -30.44 -81.47 -57.14
CA HIS DB 241 -29.82 -82.75 -56.82
C HIS DB 241 -30.87 -83.82 -57.10
N ILE DB 242 -30.47 -84.86 -57.84
CA ILE DB 242 -31.47 -85.83 -58.29
C ILE DB 242 -31.90 -86.79 -57.20
N ASP DB 243 -31.12 -86.90 -56.13
CA ASP DB 243 -31.46 -87.74 -54.99
C ASP DB 243 -30.73 -87.19 -53.78
N ASP DB 244 -31.11 -87.63 -52.60
CA ASP DB 244 -30.44 -87.18 -51.40
C ASP DB 244 -30.58 -88.27 -50.34
N ARG DB 245 -29.54 -89.07 -50.18
CA ARG DB 245 -29.54 -90.10 -49.15
C ARG DB 245 -28.62 -89.60 -48.03
N VAL DB 246 -29.20 -89.31 -46.87
CA VAL DB 246 -28.46 -88.76 -45.76
C VAL DB 246 -28.53 -89.74 -44.60
N LEU DB 247 -27.38 -90.07 -44.04
CA LEU DB 247 -27.30 -91.08 -43.00
C LEU DB 247 -26.54 -90.55 -41.81
N ARG DB 248 -26.88 -91.11 -40.65
CA ARG DB 248 -26.32 -90.70 -39.37
C ARG DB 248 -26.40 -91.88 -38.42
N ILE DB 249 -25.40 -92.00 -37.56
CA ILE DB 249 -25.41 -93.03 -36.54
C ILE DB 249 -26.20 -92.52 -35.35
N THR DB 250 -27.28 -93.20 -35.01
CA THR DB 250 -28.18 -92.76 -33.96
C THR DB 250 -27.68 -93.12 -32.57
N ALA DB 251 -26.71 -94.03 -32.46
CA ALA DB 251 -26.27 -94.50 -31.15
C ALA DB 251 -24.83 -94.99 -31.27
N LEU DB 252 -23.97 -94.46 -30.40
CA LEU DB 252 -22.61 -94.94 -30.34
C LEU DB 252 -22.57 -96.35 -29.75
N PRO DB 253 -21.59 -97.16 -30.14
CA PRO DB 253 -21.39 -98.44 -29.47
C PRO DB 253 -20.93 -98.25 -28.04
N GLU DB 254 -21.44 -99.10 -27.15
CA GLU DB 254 -21.10 -99.02 -25.73
C GLU DB 254 -21.32 -100.37 -25.09
N LEU DB 255 -20.72 -100.56 -23.92
CA LEU DB 255 -20.79 -101.82 -23.19
C LEU DB 255 -22.19 -102.01 -22.61
N ASN DB 256 -22.50 -103.24 -22.23
CA ASN DB 256 -23.71 -103.53 -21.47
C ASN DB 256 -23.33 -103.95 -20.07
N VAL DB 257 -24.22 -103.67 -19.11
CA VAL DB 257 -24.01 -104.10 -17.74
C VAL DB 257 -24.86 -105.29 -17.37
N ASN DB 258 -25.83 -105.66 -18.20
CA ASN DB 258 -26.66 -106.81 -17.90
C ASN DB 258 -25.87 -108.07 -18.26
N SER DB 259 -25.74 -108.96 -17.28
CA SER DB 259 -24.87 -110.11 -17.47
C SER DB 259 -25.55 -111.26 -18.19
N ALA DB 260 -26.87 -111.20 -18.39
CA ALA DB 260 -27.61 -112.36 -18.83
C ALA DB 260 -27.41 -112.67 -20.31
N GLU DB 261 -26.84 -111.75 -21.09
CA GLU DB 261 -26.75 -111.89 -22.54
C GLU DB 261 -25.34 -112.26 -22.97
N TRP DB 262 -24.63 -113.03 -22.17
CA TRP DB 262 -23.20 -113.21 -22.34
C TRP DB 262 -22.93 -114.62 -22.84
N ARG DB 263 -22.22 -114.72 -23.96
CA ARG DB 263 -21.86 -116.00 -24.55
C ARG DB 263 -20.42 -116.33 -24.21
N ALA DB 264 -20.07 -117.61 -24.33
CA ALA DB 264 -18.73 -118.08 -24.05
C ALA DB 264 -18.22 -118.91 -25.23
N ALA DB 265 -16.97 -119.34 -25.14
CA ALA DB 265 -16.30 -120.02 -26.25
C ALA DB 265 -15.47 -121.19 -25.73
N VAL DB 266 -15.24 -122.16 -26.61
CA VAL DB 266 -14.47 -123.35 -26.30
C VAL DB 266 -13.54 -123.64 -27.47
N ALA DB 267 -12.53 -124.46 -27.22
CA ALA DB 267 -11.66 -124.95 -28.29
C ALA DB 267 -11.59 -126.45 -28.22
N LYS DB 268 -11.08 -127.06 -29.28
CA LYS DB 268 -10.93 -128.51 -29.34
C LYS DB 268 -9.50 -128.90 -29.69
N ARG EB 207 -80.71 -22.55 -76.46
CA ARG EB 207 -80.82 -21.44 -75.52
C ARG EB 207 -80.19 -21.79 -74.17
N ILE EB 208 -79.81 -20.77 -73.41
CA ILE EB 208 -79.17 -20.96 -72.12
C ILE EB 208 -80.24 -21.30 -71.09
N ILE EB 209 -80.04 -22.40 -70.36
CA ILE EB 209 -81.00 -22.87 -69.36
C ILE EB 209 -80.58 -22.35 -68.00
N TYR EB 210 -81.49 -21.67 -67.32
CA TYR EB 210 -81.21 -21.01 -66.06
C TYR EB 210 -81.71 -21.87 -64.90
N TYR EB 211 -80.81 -22.22 -64.00
CA TYR EB 211 -81.18 -22.81 -62.73
C TYR EB 211 -81.16 -21.75 -61.64
N ILE EB 212 -81.70 -22.09 -60.48
CA ILE EB 212 -81.75 -21.16 -59.36
C ILE EB 212 -80.40 -21.16 -58.65
N GLN EB 213 -79.96 -19.98 -58.21
CA GLN EB 213 -78.81 -19.87 -57.34
C GLN EB 213 -79.21 -19.72 -55.87
N ALA EB 214 -80.15 -18.83 -55.58
CA ALA EB 214 -80.59 -18.57 -54.21
C ALA EB 214 -82.03 -18.08 -54.20
N VAL EB 215 -82.85 -18.70 -53.37
CA VAL EB 215 -84.29 -18.47 -53.36
C VAL EB 215 -84.70 -17.89 -52.02
N ILE EB 216 -85.36 -16.73 -52.06
CA ILE EB 216 -85.75 -15.99 -50.85
C ILE EB 216 -87.08 -15.31 -51.10
N PRO EB 217 -87.82 -14.99 -50.04
CA PRO EB 217 -89.00 -14.13 -50.21
C PRO EB 217 -88.60 -12.72 -50.62
N GLY EB 218 -89.10 -12.28 -51.78
CA GLY EB 218 -88.91 -10.94 -52.25
C GLY EB 218 -87.86 -10.78 -53.32
N ARG EB 219 -86.94 -11.74 -53.45
CA ARG EB 219 -85.89 -11.71 -54.46
C ARG EB 219 -85.78 -13.07 -55.12
N ALA EB 220 -84.94 -13.15 -56.14
CA ALA EB 220 -84.54 -14.44 -56.68
C ALA EB 220 -83.15 -14.32 -57.28
N TRP EB 221 -82.38 -15.42 -57.20
CA TRP EB 221 -81.03 -15.50 -57.75
C TRP EB 221 -80.95 -16.73 -58.63
N LEU EB 222 -80.64 -16.51 -59.90
CA LEU EB 222 -80.65 -17.58 -60.89
C LEU EB 222 -79.29 -17.73 -61.55
N ILE EB 223 -78.94 -18.96 -61.89
CA ILE EB 223 -77.67 -19.28 -62.53
C ILE EB 223 -77.95 -19.96 -63.87
N GLY EB 224 -77.38 -19.43 -64.93
CA GLY EB 224 -77.59 -19.96 -66.26
C GLY EB 224 -76.79 -21.21 -66.53
N SER EB 225 -76.85 -21.65 -67.79
CA SER EB 225 -76.18 -22.87 -68.20
C SER EB 225 -74.66 -22.71 -68.18
N ASN EB 226 -74.16 -21.53 -68.51
CA ASN EB 226 -72.73 -21.25 -68.43
C ASN EB 226 -72.33 -20.72 -67.05
N GLY EB 227 -73.25 -20.67 -66.10
CA GLY EB 227 -72.97 -20.09 -64.81
C GLY EB 227 -73.32 -18.62 -64.68
N SER EB 228 -74.22 -18.11 -65.51
CA SER EB 228 -74.59 -16.70 -65.49
C SER EB 228 -75.49 -16.45 -64.28
N THR EB 229 -74.89 -16.03 -63.18
CA THR EB 229 -75.62 -15.79 -61.94
C THR EB 229 -76.09 -14.34 -61.92
N LEU EB 230 -77.41 -14.15 -62.00
CA LEU EB 230 -78.05 -12.84 -61.92
C LEU EB 230 -79.14 -12.90 -60.87
N THR EB 231 -79.81 -11.76 -60.66
CA THR EB 231 -80.88 -11.67 -59.69
C THR EB 231 -82.06 -10.93 -60.31
N VAL EB 232 -83.26 -11.29 -59.84
CA VAL EB 232 -84.49 -10.70 -60.35
C VAL EB 232 -85.46 -10.42 -59.21
N ARG EB 233 -86.40 -9.52 -59.49
CA ARG EB 233 -87.54 -9.24 -58.65
C ARG EB 233 -88.73 -10.08 -59.10
N GLU EB 234 -89.92 -9.70 -58.63
CA GLU EB 234 -91.15 -10.39 -59.03
C GLU EB 234 -91.42 -10.22 -60.52
N GLY EB 235 -91.18 -9.03 -61.06
CA GLY EB 235 -91.34 -8.81 -62.48
C GLY EB 235 -90.08 -8.31 -63.16
N SER EB 236 -89.50 -9.14 -64.03
CA SER EB 236 -88.29 -8.76 -64.74
C SER EB 236 -88.20 -9.55 -66.03
N LYS EB 237 -87.54 -8.96 -67.03
CA LYS EB 237 -87.47 -9.52 -68.38
C LYS EB 237 -86.23 -10.37 -68.53
N ILE EB 238 -86.41 -11.59 -69.01
CA ILE EB 238 -85.33 -12.55 -69.20
C ILE EB 238 -85.32 -12.96 -70.67
N PRO EB 239 -84.21 -12.83 -71.39
CA PRO EB 239 -84.13 -13.41 -72.73
C PRO EB 239 -84.09 -14.93 -72.65
N GLY EB 240 -84.88 -15.55 -73.52
CA GLY EB 240 -84.99 -16.99 -73.56
C GLY EB 240 -86.10 -17.58 -72.71
N TYR EB 241 -86.66 -16.81 -71.77
CA TYR EB 241 -87.75 -17.32 -70.95
C TYR EB 241 -88.95 -16.38 -70.97
N GLY EB 242 -88.71 -15.07 -71.05
CA GLY EB 242 -89.82 -14.15 -71.15
C GLY EB 242 -89.90 -13.14 -70.03
N MET EB 243 -90.92 -13.26 -69.18
CA MET EB 243 -91.15 -12.32 -68.10
C MET EB 243 -91.41 -13.09 -66.81
N VAL EB 244 -90.69 -12.73 -65.74
CA VAL EB 244 -90.97 -13.31 -64.44
C VAL EB 244 -92.28 -12.73 -63.92
N LYS EB 245 -93.16 -13.61 -63.44
CA LYS EB 245 -94.46 -13.17 -62.95
C LYS EB 245 -94.71 -13.47 -61.48
N LEU EB 246 -94.05 -14.47 -60.90
CA LEU EB 246 -94.28 -14.79 -59.50
C LEU EB 246 -93.04 -15.49 -58.95
N ILE EB 247 -92.73 -15.19 -57.69
CA ILE EB 247 -91.63 -15.82 -56.97
C ILE EB 247 -92.23 -16.72 -55.90
N ASP EB 248 -91.95 -18.01 -56.00
CA ASP EB 248 -92.38 -18.98 -55.00
C ASP EB 248 -91.16 -19.28 -54.12
N SER EB 249 -91.08 -18.60 -52.97
CA SER EB 249 -89.92 -18.75 -52.10
C SER EB 249 -89.86 -20.12 -51.45
N LEU EB 250 -91.01 -20.67 -51.10
CA LEU EB 250 -91.03 -22.07 -50.71
C LEU EB 250 -90.98 -22.94 -51.94
N GLN EB 251 -90.55 -24.19 -51.75
CA GLN EB 251 -90.53 -25.29 -52.72
C GLN EB 251 -89.59 -25.07 -53.91
N GLY EB 252 -88.87 -23.95 -53.98
CA GLY EB 252 -87.87 -23.73 -55.01
C GLY EB 252 -88.37 -23.63 -56.45
N ARG EB 253 -89.42 -22.86 -56.68
CA ARG EB 253 -89.99 -22.69 -58.01
C ARG EB 253 -89.96 -21.22 -58.40
N ILE EB 254 -89.59 -20.96 -59.66
CA ILE EB 254 -89.67 -19.62 -60.23
C ILE EB 254 -90.65 -19.65 -61.39
N LEU EB 255 -91.64 -18.76 -61.36
CA LEU EB 255 -92.72 -18.76 -62.33
C LEU EB 255 -92.48 -17.69 -63.39
N THR EB 256 -92.58 -18.09 -64.66
CA THR EB 256 -92.38 -17.21 -65.80
C THR EB 256 -93.70 -16.99 -66.52
N SER EB 257 -93.77 -15.91 -67.30
CA SER EB 257 -94.97 -15.60 -68.05
C SER EB 257 -95.22 -16.59 -69.18
N SER EB 258 -94.19 -17.31 -69.63
CA SER EB 258 -94.31 -18.28 -70.69
C SER EB 258 -94.66 -19.68 -70.19
N GLY EB 259 -95.29 -19.78 -69.02
CA GLY EB 259 -95.66 -21.06 -68.45
C GLY EB 259 -94.46 -21.92 -68.07
N GLN EB 260 -93.45 -21.33 -67.48
CA GLN EB 260 -92.19 -22.01 -67.19
C GLN EB 260 -91.86 -21.95 -65.71
N VAL EB 261 -91.37 -23.07 -65.18
CA VAL EB 261 -90.98 -23.17 -63.78
C VAL EB 261 -89.48 -23.45 -63.77
N ILE EB 262 -88.72 -22.49 -63.26
CA ILE EB 262 -87.28 -22.64 -63.11
C ILE EB 262 -87.00 -23.24 -61.74
N LYS EB 263 -86.24 -24.34 -61.73
CA LYS EB 263 -85.85 -25.11 -60.56
C LYS EB 263 -84.33 -25.08 -60.45
N PHE EB 264 -83.78 -25.78 -59.46
CA PHE EB 264 -82.34 -25.89 -59.29
C PHE EB 264 -81.77 -26.95 -60.22
N SER EB 265 -80.52 -27.34 -59.98
CA SER EB 265 -79.97 -28.54 -60.60
C SER EB 265 -80.69 -29.77 -60.06
N GLN EB 266 -80.84 -30.79 -60.91
CA GLN EB 266 -81.64 -31.95 -60.55
C GLN EB 266 -80.97 -32.79 -59.49
N GLU EB 267 -79.68 -33.10 -59.65
CA GLU EB 267 -78.98 -33.87 -58.62
C GLU EB 267 -78.72 -33.02 -57.39
N ASP EB 268 -78.37 -31.75 -57.58
CA ASP EB 268 -78.15 -30.82 -56.48
C ASP EB 268 -79.51 -30.34 -55.97
N SER EB 269 -80.19 -31.24 -55.25
CA SER EB 269 -81.54 -30.99 -54.80
C SER EB 269 -81.87 -31.83 -53.57
N GLN FB 791 -113.29 -33.31 -19.64
CA GLN FB 791 -113.94 -32.13 -20.20
C GLN FB 791 -113.21 -30.86 -19.80
N GLN FB 792 -113.36 -30.47 -18.53
CA GLN FB 792 -112.75 -29.26 -18.01
C GLN FB 792 -111.28 -29.43 -17.69
N GLU FB 793 -110.74 -30.65 -17.79
CA GLU FB 793 -109.36 -30.97 -17.48
C GLU FB 793 -108.42 -30.72 -18.65
N ILE FB 794 -108.86 -29.91 -19.63
CA ILE FB 794 -107.99 -29.51 -20.73
C ILE FB 794 -106.87 -28.61 -20.22
N GLN FB 795 -107.18 -27.71 -19.29
CA GLN FB 795 -106.21 -26.70 -18.90
C GLN FB 795 -105.09 -27.26 -18.03
N GLN FB 796 -105.36 -28.31 -17.24
CA GLN FB 796 -104.28 -28.98 -16.54
C GLN FB 796 -103.44 -29.82 -17.48
N ARG FB 797 -104.04 -30.34 -18.55
CA ARG FB 797 -103.30 -30.96 -19.63
C ARG FB 797 -102.64 -29.91 -20.51
N THR FB 798 -103.08 -28.66 -20.43
CA THR FB 798 -102.42 -27.59 -21.15
C THR FB 798 -101.21 -27.06 -20.39
N SER FB 799 -101.33 -26.97 -19.06
CA SER FB 799 -100.33 -26.28 -18.24
C SER FB 799 -99.01 -27.02 -18.22
N ASP FB 800 -99.07 -28.34 -18.01
CA ASP FB 800 -97.84 -29.15 -18.05
C ASP FB 800 -97.27 -29.21 -19.45
N MET FB 801 -98.16 -29.17 -20.46
CA MET FB 801 -97.71 -29.15 -21.84
C MET FB 801 -96.97 -27.86 -22.17
N LEU FB 802 -97.38 -26.76 -21.53
CA LEU FB 802 -96.67 -25.50 -21.69
C LEU FB 802 -95.25 -25.59 -21.13
N THR FB 803 -95.10 -26.27 -20.00
CA THR FB 803 -93.81 -26.35 -19.34
C THR FB 803 -92.80 -27.17 -20.13
N ALA FB 804 -93.26 -28.28 -20.72
CA ALA FB 804 -92.37 -29.09 -21.54
C ALA FB 804 -92.04 -28.38 -22.84
N ALA FB 805 -93.00 -27.63 -23.38
CA ALA FB 805 -92.79 -26.94 -24.64
C ALA FB 805 -91.76 -25.83 -24.52
N THR FB 806 -91.86 -25.02 -23.46
CA THR FB 806 -90.91 -23.92 -23.31
C THR FB 806 -89.51 -24.41 -22.96
N GLN FB 807 -89.38 -25.64 -22.48
CA GLN FB 807 -88.07 -26.26 -22.43
C GLN FB 807 -87.59 -26.60 -23.83
N LEU FB 808 -88.50 -27.07 -24.68
CA LEU FB 808 -88.12 -27.69 -25.94
C LEU FB 808 -87.65 -26.67 -26.97
N VAL FB 809 -88.25 -25.48 -27.00
CA VAL FB 809 -87.98 -24.52 -28.06
C VAL FB 809 -86.58 -23.93 -27.92
N GLN FB 810 -86.20 -23.53 -26.70
CA GLN FB 810 -84.92 -22.89 -26.51
C GLN FB 810 -83.76 -23.86 -26.65
N ASP FB 811 -84.01 -25.15 -26.38
CA ASP FB 811 -83.00 -26.17 -26.63
C ASP FB 811 -82.71 -26.28 -28.12
N TRP FB 812 -83.74 -26.19 -28.95
CA TRP FB 812 -83.51 -26.12 -30.38
C TRP FB 812 -82.99 -24.75 -30.80
N LYS FB 813 -83.28 -23.72 -30.01
CA LYS FB 813 -82.94 -22.37 -30.41
C LYS FB 813 -81.45 -22.07 -30.29
N GLN FB 814 -80.80 -22.52 -29.22
CA GLN FB 814 -79.40 -22.18 -29.01
C GLN FB 814 -78.49 -23.10 -29.81
N VAL FB 815 -77.41 -22.54 -30.32
CA VAL FB 815 -76.40 -23.27 -31.10
C VAL FB 815 -75.03 -22.75 -30.67
N GLU FB 816 -74.15 -23.64 -30.24
CA GLU FB 816 -72.82 -23.24 -29.81
C GLU FB 816 -71.93 -22.97 -31.01
N THR FB 817 -70.74 -22.45 -30.73
CA THR FB 817 -69.82 -22.09 -31.80
C THR FB 817 -68.95 -23.27 -32.17
N GLN FB 818 -67.92 -23.00 -32.96
CA GLN FB 818 -66.99 -24.01 -33.46
C GLN FB 818 -65.75 -24.08 -32.59
N VAL FB 819 -64.98 -25.14 -32.77
CA VAL FB 819 -63.69 -25.29 -32.12
C VAL FB 819 -62.62 -25.39 -33.21
N TYR FB 820 -61.64 -24.52 -33.16
CA TYR FB 820 -60.52 -24.53 -34.09
C TYR FB 820 -59.23 -24.72 -33.31
N THR FB 821 -58.44 -25.71 -33.70
CA THR FB 821 -57.21 -26.03 -32.99
C THR FB 821 -56.11 -26.27 -33.99
N GLU FB 822 -54.94 -25.70 -33.72
CA GLU FB 822 -53.76 -25.95 -34.53
C GLU FB 822 -52.96 -27.10 -33.94
N GLY FB 823 -51.93 -27.51 -34.66
CA GLY FB 823 -51.06 -28.58 -34.21
C GLY FB 823 -49.64 -28.36 -34.66
N THR FB 824 -48.70 -28.82 -33.83
CA THR FB 824 -47.29 -28.74 -34.16
C THR FB 824 -46.55 -29.97 -33.63
N ALA GB 104 -99.10 -69.01 10.16
CA ALA GB 104 -97.85 -68.77 10.87
C ALA GB 104 -96.72 -68.52 9.89
N GLU GB 105 -96.93 -68.93 8.64
CA GLU GB 105 -95.89 -68.84 7.63
C GLU GB 105 -96.44 -68.19 6.37
N VAL GB 106 -97.75 -68.29 6.16
CA VAL GB 106 -98.39 -67.63 5.03
C VAL GB 106 -98.35 -66.12 5.20
N ILE GB 107 -98.42 -65.65 6.45
CA ILE GB 107 -98.24 -64.23 6.75
C ILE GB 107 -96.86 -63.77 6.32
N ASP GB 108 -95.84 -64.57 6.65
CA ASP GB 108 -94.47 -64.27 6.25
C ASP GB 108 -94.32 -64.28 4.73
N LYS GB 109 -94.97 -65.23 4.06
CA LYS GB 109 -94.87 -65.35 2.61
C LYS GB 109 -95.49 -64.16 1.90
N LYS GB 110 -96.67 -63.74 2.35
CA LYS GB 110 -97.30 -62.54 1.79
C LYS GB 110 -96.46 -61.31 2.09
N ALA GB 111 -95.81 -61.28 3.26
CA ALA GB 111 -94.92 -60.18 3.61
C ALA GB 111 -93.73 -60.10 2.66
N PHE GB 112 -93.14 -61.25 2.31
CA PHE GB 112 -92.04 -61.27 1.34
C PHE GB 112 -92.52 -60.79 -0.01
N LYS GB 113 -93.73 -61.20 -0.41
CA LYS GB 113 -94.28 -60.83 -1.70
C LYS GB 113 -94.49 -59.31 -1.82
N ASP GB 114 -95.19 -58.72 -0.85
CA ASP GB 114 -95.43 -57.28 -0.99
C ASP GB 114 -94.22 -56.44 -0.65
N MET GB 115 -93.28 -56.94 0.16
CA MET GB 115 -92.02 -56.24 0.35
C MET GB 115 -91.23 -56.18 -0.96
N THR GB 116 -91.18 -57.29 -1.70
CA THR GB 116 -90.51 -57.31 -2.98
C THR GB 116 -91.20 -56.39 -3.98
N ARG GB 117 -92.54 -56.42 -4.00
CA ARG GB 117 -93.31 -55.58 -4.93
C ARG GB 117 -93.12 -54.09 -4.62
N ASN GB 118 -93.14 -53.72 -3.34
CA ASN GB 118 -92.97 -52.32 -2.98
C ASN GB 118 -91.52 -51.86 -3.10
N LEU GB 119 -90.56 -52.77 -3.03
CA LEU GB 119 -89.19 -52.40 -3.40
C LEU GB 119 -89.10 -52.07 -4.87
N TYR GB 120 -89.59 -52.95 -5.73
CA TYR GB 120 -89.48 -52.76 -7.18
C TYR GB 120 -90.87 -52.77 -7.79
N PRO GB 121 -91.52 -51.61 -7.89
CA PRO GB 121 -92.86 -51.56 -8.49
C PRO GB 121 -92.85 -51.75 -9.99
N LEU GB 122 -91.75 -51.39 -10.65
CA LEU GB 122 -91.71 -51.43 -12.10
C LEU GB 122 -91.45 -52.85 -12.60
N ASN GB 123 -92.32 -53.33 -13.47
CA ASN GB 123 -92.07 -54.58 -14.15
C ASN GB 123 -90.94 -54.41 -15.17
N PRO GB 124 -90.17 -55.47 -15.42
CA PRO GB 124 -89.12 -55.38 -16.46
C PRO GB 124 -89.68 -55.14 -17.86
N GLU GB 125 -90.90 -55.59 -18.12
CA GLU GB 125 -91.58 -55.24 -19.36
C GLU GB 125 -91.85 -53.75 -19.43
N GLN GB 126 -92.23 -53.15 -18.31
CA GLN GB 126 -92.39 -51.70 -18.25
C GLN GB 126 -91.05 -51.00 -18.39
N VAL GB 127 -89.97 -51.63 -17.92
CA VAL GB 127 -88.62 -51.09 -18.12
C VAL GB 127 -88.28 -51.06 -19.60
N VAL GB 128 -88.60 -52.13 -20.32
CA VAL GB 128 -88.37 -52.19 -21.76
C VAL GB 128 -89.22 -51.16 -22.49
N LYS GB 129 -90.47 -50.99 -22.07
CA LYS GB 129 -91.35 -50.00 -22.67
C LYS GB 129 -90.86 -48.58 -22.44
N LEU GB 130 -90.34 -48.29 -21.25
CA LEU GB 130 -89.83 -46.94 -21.03
C LEU GB 130 -88.48 -46.72 -21.71
N LYS GB 131 -87.70 -47.78 -21.95
CA LYS GB 131 -86.52 -47.64 -22.80
C LYS GB 131 -86.92 -47.30 -24.23
N GLN GB 132 -87.98 -47.94 -24.73
CA GLN GB 132 -88.43 -47.63 -26.09
C GLN GB 132 -89.01 -46.24 -26.17
N ILE GB 133 -89.69 -45.78 -25.11
CA ILE GB 133 -90.19 -44.41 -25.14
C ILE GB 133 -89.07 -43.41 -24.92
N TYR GB 134 -87.96 -43.83 -24.29
CA TYR GB 134 -86.75 -43.00 -24.27
C TYR GB 134 -86.24 -42.78 -25.67
N GLU GB 135 -86.11 -43.87 -26.43
CA GLU GB 135 -85.62 -43.79 -27.81
C GLU GB 135 -86.58 -42.99 -28.68
N THR GB 136 -87.88 -43.16 -28.45
CA THR GB 136 -88.88 -42.40 -29.19
C THR GB 136 -88.78 -40.92 -28.88
N SER GB 137 -88.58 -40.57 -27.61
CA SER GB 137 -88.47 -39.17 -27.21
C SER GB 137 -87.23 -38.52 -27.78
N GLU GB 138 -86.09 -39.22 -27.73
CA GLU GB 138 -84.86 -38.60 -28.21
C GLU GB 138 -84.83 -38.55 -29.73
N TYR GB 139 -85.49 -39.50 -30.40
CA TYR GB 139 -85.64 -39.37 -31.84
C TYR GB 139 -86.63 -38.28 -32.22
N ALA GB 140 -87.62 -38.03 -31.36
CA ALA GB 140 -88.53 -36.91 -31.57
C ALA GB 140 -87.81 -35.58 -31.46
N LYS GB 141 -86.99 -35.41 -30.43
CA LYS GB 141 -86.28 -34.16 -30.28
C LYS GB 141 -85.10 -34.04 -31.25
N ALA GB 142 -84.63 -35.16 -31.81
CA ALA GB 142 -83.63 -35.11 -32.86
C ALA GB 142 -84.23 -35.15 -34.25
N ALA GB 143 -85.56 -35.18 -34.35
CA ALA GB 143 -86.22 -35.24 -35.66
C ALA GB 143 -86.11 -33.90 -36.35
N THR GB 144 -85.22 -33.81 -37.33
CA THR GB 144 -85.01 -32.56 -38.04
C THR GB 144 -86.18 -32.29 -38.98
N PRO GB 145 -86.58 -31.03 -39.14
CA PRO GB 145 -87.71 -30.73 -40.01
C PRO GB 145 -87.33 -30.77 -41.48
N GLY GB 146 -88.30 -31.20 -42.29
CA GLY GB 146 -88.14 -31.12 -43.74
C GLY GB 146 -87.13 -32.10 -44.28
N THR GB 147 -86.25 -31.61 -45.14
CA THR GB 147 -85.22 -32.41 -45.74
C THR GB 147 -83.85 -31.77 -45.56
N PRO GB 148 -82.82 -32.56 -45.28
CA PRO GB 148 -81.48 -32.00 -45.14
C PRO GB 148 -80.94 -31.55 -46.48
N PRO GB 149 -80.08 -30.53 -46.50
CA PRO GB 149 -79.46 -30.11 -47.76
C PRO GB 149 -78.40 -31.09 -48.22
N LYS GB 150 -78.12 -31.04 -49.50
CA LYS GB 150 -77.13 -31.97 -50.09
C LYS GB 150 -75.72 -31.49 -49.77
N PRO GB 151 -74.86 -32.36 -49.24
CA PRO GB 151 -73.45 -32.00 -49.06
C PRO GB 151 -72.71 -31.84 -50.38
N THR GB 152 -72.31 -30.61 -50.70
CA THR GB 152 -71.77 -30.31 -52.00
C THR GB 152 -70.42 -29.62 -51.89
N ALA GB 153 -69.69 -29.63 -53.00
CA ALA GB 153 -68.51 -28.81 -53.19
C ALA GB 153 -68.76 -27.86 -54.36
N THR GB 154 -68.16 -26.67 -54.31
CA THR GB 154 -68.42 -25.66 -55.31
C THR GB 154 -67.12 -24.96 -55.69
N SER GB 155 -67.06 -24.51 -56.94
CA SER GB 155 -65.92 -23.76 -57.46
C SER GB 155 -66.45 -22.65 -58.37
N GLN GB 156 -66.11 -21.41 -58.05
CA GLN GB 156 -66.58 -20.27 -58.81
C GLN GB 156 -65.43 -19.31 -59.12
N PHE GB 157 -65.64 -18.53 -60.17
CA PHE GB 157 -64.69 -17.52 -60.60
C PHE GB 157 -65.20 -16.14 -60.20
N VAL GB 158 -64.32 -15.36 -59.57
CA VAL GB 158 -64.64 -14.01 -59.17
C VAL GB 158 -64.46 -13.09 -60.37
N ASN GB 159 -65.52 -12.39 -60.75
CA ASN GB 159 -65.47 -11.40 -61.82
C ASN GB 159 -65.55 -10.02 -61.17
N LEU GB 160 -64.56 -9.17 -61.44
CA LEU GB 160 -64.42 -7.90 -60.76
C LEU GB 160 -64.88 -6.72 -61.61
N SER GB 161 -65.72 -6.97 -62.60
CA SER GB 161 -66.35 -5.89 -63.33
C SER GB 161 -67.39 -5.20 -62.44
N PRO GB 162 -67.63 -3.90 -62.63
CA PRO GB 162 -68.75 -3.25 -61.95
C PRO GB 162 -70.10 -3.83 -62.33
N GLY GB 163 -70.26 -4.27 -63.57
CA GLY GB 163 -71.48 -4.95 -63.95
C GLY GB 163 -71.59 -6.38 -63.48
N SER GB 164 -70.48 -6.97 -63.01
CA SER GB 164 -70.50 -8.35 -62.56
C SER GB 164 -71.20 -8.47 -61.21
N THR GB 165 -72.11 -9.43 -61.11
CA THR GB 165 -72.81 -9.65 -59.86
C THR GB 165 -71.87 -10.31 -58.85
N PRO GB 166 -71.93 -9.91 -57.57
CA PRO GB 166 -71.04 -10.53 -56.58
C PRO GB 166 -71.48 -11.95 -56.26
N PRO GB 167 -70.55 -12.81 -55.87
CA PRO GB 167 -70.90 -14.21 -55.60
C PRO GB 167 -71.72 -14.38 -54.33
N VAL GB 168 -72.61 -15.38 -54.38
CA VAL GB 168 -73.52 -15.73 -53.30
C VAL GB 168 -73.13 -17.10 -52.78
N ILE GB 169 -73.05 -17.22 -51.45
CA ILE GB 169 -72.59 -18.46 -50.81
C ILE GB 169 -73.76 -19.05 -50.02
N ARG GB 170 -74.13 -20.28 -50.38
CA ARG GB 170 -75.18 -21.00 -49.67
C ARG GB 170 -74.60 -21.64 -48.41
N LEU GB 171 -75.23 -21.38 -47.27
CA LEU GB 171 -74.69 -21.75 -45.98
C LEU GB 171 -75.75 -22.46 -45.14
N SER GB 172 -75.32 -22.94 -43.98
CA SER GB 172 -76.18 -23.60 -43.01
C SER GB 172 -75.79 -23.15 -41.61
N GLN GB 173 -76.78 -23.09 -40.71
CA GLN GB 173 -76.51 -22.63 -39.36
C GLN GB 173 -75.76 -23.70 -38.57
N GLY GB 174 -74.61 -23.34 -38.02
CA GLY GB 174 -73.83 -24.23 -37.21
C GLY GB 174 -73.01 -25.25 -37.96
N PHE GB 175 -73.07 -25.25 -39.28
CA PHE GB 175 -72.32 -26.20 -40.10
C PHE GB 175 -71.14 -25.48 -40.73
N VAL GB 176 -69.96 -26.08 -40.60
CA VAL GB 176 -68.71 -25.42 -40.94
C VAL GB 176 -68.44 -25.61 -42.42
N SER GB 177 -68.19 -24.49 -43.10
CA SER GB 177 -67.74 -24.50 -44.49
C SER GB 177 -66.34 -23.87 -44.58
N SER GB 178 -65.68 -24.13 -45.70
CA SER GB 178 -64.33 -23.67 -45.93
C SER GB 178 -64.25 -22.95 -47.27
N LEU GB 179 -63.48 -21.87 -47.29
CA LEU GB 179 -63.24 -21.10 -48.50
C LEU GB 179 -61.75 -21.17 -48.82
N VAL GB 180 -61.44 -21.54 -50.06
CA VAL GB 180 -60.07 -21.57 -50.55
C VAL GB 180 -59.98 -20.63 -51.74
N PHE GB 181 -59.02 -19.71 -51.69
CA PHE GB 181 -58.89 -18.65 -52.67
C PHE GB 181 -57.69 -18.92 -53.56
N LEU GB 182 -57.96 -19.27 -54.81
CA LEU GB 182 -56.93 -19.44 -55.82
C LEU GB 182 -56.99 -18.30 -56.82
N ASP GB 183 -55.94 -18.17 -57.60
CA ASP GB 183 -55.91 -17.18 -58.68
C ASP GB 183 -56.58 -17.78 -59.92
N SER GB 184 -56.39 -17.11 -61.06
CA SER GB 184 -56.91 -17.63 -62.32
C SER GB 184 -56.26 -18.96 -62.67
N THR GB 185 -54.96 -19.08 -62.46
CA THR GB 185 -54.26 -20.33 -62.74
C THR GB 185 -54.61 -21.41 -61.72
N GLY GB 186 -54.58 -21.05 -60.44
CA GLY GB 186 -54.91 -22.02 -59.40
C GLY GB 186 -53.95 -22.10 -58.24
N ALA GB 187 -53.04 -21.14 -58.13
CA ALA GB 187 -52.20 -21.09 -56.94
C ALA GB 187 -52.90 -20.32 -55.83
N PRO GB 188 -52.66 -20.67 -54.57
CA PRO GB 188 -53.34 -19.97 -53.47
C PRO GB 188 -52.86 -18.54 -53.31
N TRP GB 189 -53.80 -17.60 -53.37
CA TRP GB 189 -53.53 -16.20 -53.12
C TRP GB 189 -54.00 -15.87 -51.72
N PRO GB 190 -53.09 -15.54 -50.80
CA PRO GB 190 -53.48 -15.32 -49.41
C PRO GB 190 -54.29 -14.05 -49.22
N ILE GB 191 -55.03 -14.02 -48.12
CA ILE GB 191 -55.94 -12.93 -47.79
C ILE GB 191 -55.28 -12.05 -46.74
N ALA GB 192 -55.24 -10.74 -46.99
CA ALA GB 192 -54.60 -9.82 -46.06
C ALA GB 192 -55.47 -9.59 -44.82
N ALA GB 193 -56.69 -9.11 -45.02
CA ALA GB 193 -57.56 -8.78 -43.89
C ALA GB 193 -59.01 -8.92 -44.34
N TYR GB 194 -59.93 -8.75 -43.40
CA TYR GB 194 -61.34 -8.82 -43.76
C TYR GB 194 -62.17 -8.00 -42.78
N ASP GB 195 -63.40 -7.76 -43.19
CA ASP GB 195 -64.43 -7.13 -42.36
C ASP GB 195 -65.69 -7.96 -42.45
N LEU GB 196 -66.24 -8.30 -41.28
CA LEU GB 196 -67.43 -9.12 -41.19
C LEU GB 196 -68.54 -8.31 -40.54
N GLY GB 197 -69.66 -8.18 -41.25
CA GLY GB 197 -70.87 -7.70 -40.65
C GLY GB 197 -71.63 -8.84 -39.98
N ASP GB 198 -72.36 -8.48 -38.91
CA ASP GB 198 -73.09 -9.38 -38.03
C ASP GB 198 -72.20 -10.50 -37.48
N PRO GB 199 -71.30 -10.23 -36.54
CA PRO GB 199 -70.59 -11.33 -35.86
C PRO GB 199 -71.51 -12.20 -35.01
N SER GB 200 -72.72 -11.72 -34.67
CA SER GB 200 -73.70 -12.53 -33.97
C SER GB 200 -74.30 -13.64 -34.83
N SER GB 201 -74.05 -13.64 -36.13
CA SER GB 201 -74.54 -14.69 -37.00
C SER GB 201 -73.45 -15.53 -37.63
N PHE GB 202 -72.18 -15.14 -37.50
CA PHE GB 202 -71.10 -15.85 -38.18
C PHE GB 202 -69.90 -16.03 -37.27
N ASN GB 203 -69.27 -17.19 -37.36
CA ASN GB 203 -68.03 -17.47 -36.65
C ASN GB 203 -66.94 -17.75 -37.67
N ILE GB 204 -65.83 -17.05 -37.55
CA ILE GB 204 -64.76 -17.08 -38.55
C ILE GB 204 -63.46 -17.47 -37.87
N GLN GB 205 -62.79 -18.48 -38.42
CA GLN GB 205 -61.45 -18.87 -37.99
C GLN GB 205 -60.49 -18.67 -39.15
N TRP GB 206 -59.35 -18.03 -38.86
CA TRP GB 206 -58.45 -17.60 -39.93
C TRP GB 206 -57.06 -17.42 -39.34
N ASP GB 207 -56.13 -18.23 -39.80
CA ASP GB 207 -54.73 -18.05 -39.45
C ASP GB 207 -54.18 -16.78 -40.10
N LYS GB 208 -53.06 -16.31 -39.58
CA LYS GB 208 -52.49 -15.07 -40.08
C LYS GB 208 -51.70 -15.24 -41.38
N THR GB 209 -51.72 -16.41 -41.99
CA THR GB 209 -50.93 -16.59 -43.20
C THR GB 209 -51.73 -17.07 -44.41
N SER GB 210 -52.62 -18.03 -44.24
CA SER GB 210 -53.17 -18.75 -45.38
C SER GB 210 -54.36 -18.03 -46.00
N ASN GB 211 -54.69 -18.46 -47.21
CA ASN GB 211 -55.94 -18.06 -47.86
C ASN GB 211 -57.13 -18.85 -47.37
N THR GB 212 -56.90 -19.91 -46.59
CA THR GB 212 -57.98 -20.77 -46.15
C THR GB 212 -58.81 -20.07 -45.09
N LEU GB 213 -60.13 -20.07 -45.28
CA LEU GB 213 -61.05 -19.43 -44.35
C LEU GB 213 -62.02 -20.47 -43.82
N MET GB 214 -62.12 -20.54 -42.50
CA MET GB 214 -63.02 -21.46 -41.82
C MET GB 214 -64.20 -20.67 -41.28
N ILE GB 215 -65.40 -20.94 -41.82
CA ILE GB 215 -66.56 -20.14 -41.48
C ILE GB 215 -67.71 -21.05 -41.10
N GLN GB 216 -68.69 -20.46 -40.40
CA GLN GB 216 -69.96 -21.12 -40.15
C GLN GB 216 -70.98 -20.03 -39.84
N ALA GB 217 -72.25 -20.43 -39.89
CA ALA GB 217 -73.36 -19.53 -39.58
C ALA GB 217 -73.86 -19.84 -38.18
N THR GB 218 -74.05 -18.79 -37.38
CA THR GB 218 -74.55 -18.93 -36.02
C THR GB 218 -76.05 -18.71 -35.93
N LYS GB 219 -76.58 -17.80 -36.72
CA LYS GB 219 -78.02 -17.57 -36.77
C LYS GB 219 -78.64 -18.42 -37.89
N LEU GB 220 -79.96 -18.58 -37.82
CA LEU GB 220 -80.65 -19.51 -38.70
C LEU GB 220 -80.77 -18.96 -40.12
N TYR GB 221 -81.50 -17.87 -40.29
CA TYR GB 221 -81.90 -17.44 -41.63
C TYR GB 221 -81.73 -15.94 -41.80
N ASN GB 222 -80.57 -15.43 -41.40
CA ASN GB 222 -80.23 -14.02 -41.61
C ASN GB 222 -79.05 -13.93 -42.54
N TYR GB 223 -79.16 -13.08 -43.55
CA TYR GB 223 -78.16 -12.98 -44.60
C TYR GB 223 -77.19 -11.84 -44.30
N GLY GB 224 -75.96 -11.98 -44.82
CA GLY GB 224 -74.95 -10.99 -44.56
C GLY GB 224 -73.98 -10.81 -45.71
N ASN GB 225 -72.95 -10.01 -45.51
CA ASN GB 225 -71.93 -9.80 -46.52
C ASN GB 225 -70.56 -9.74 -45.86
N LEU GB 226 -69.54 -10.18 -46.59
CA LEU GB 226 -68.17 -10.16 -46.13
C LEU GB 226 -67.33 -9.32 -47.08
N ALA GB 227 -66.44 -8.51 -46.52
CA ALA GB 227 -65.48 -7.75 -47.30
C ALA GB 227 -64.09 -8.35 -47.09
N VAL GB 228 -63.42 -8.68 -48.18
CA VAL GB 228 -62.15 -9.38 -48.14
C VAL GB 228 -61.09 -8.53 -48.84
N ARG GB 229 -59.97 -8.31 -48.16
CA ARG GB 229 -58.83 -7.60 -48.73
C ARG GB 229 -57.68 -8.57 -48.85
N LEU GB 230 -57.10 -8.65 -50.05
CA LEU GB 230 -56.13 -9.67 -50.40
C LEU GB 230 -54.72 -9.11 -50.34
N ARG GB 231 -53.74 -9.95 -50.69
CA ARG GB 231 -52.34 -9.58 -50.59
C ARG GB 231 -51.94 -8.62 -51.70
N GLY GB 232 -52.03 -9.06 -52.95
CA GLY GB 232 -51.56 -8.30 -54.08
C GLY GB 232 -52.59 -7.43 -54.76
N LEU GB 233 -53.78 -7.28 -54.20
CA LEU GB 233 -54.85 -6.53 -54.82
C LEU GB 233 -55.30 -5.39 -53.90
N ASN GB 234 -55.37 -4.19 -54.47
CA ASN GB 234 -55.90 -3.05 -53.73
C ASN GB 234 -57.41 -3.15 -53.57
N THR GB 235 -58.10 -3.65 -54.59
CA THR GB 235 -59.56 -3.62 -54.63
C THR GB 235 -60.14 -4.70 -53.73
N PRO GB 236 -61.05 -4.36 -52.82
CA PRO GB 236 -61.67 -5.38 -51.97
C PRO GB 236 -62.70 -6.20 -52.73
N VAL GB 237 -63.05 -7.34 -52.13
CA VAL GB 237 -64.00 -8.28 -52.71
C VAL GB 237 -65.21 -8.39 -51.78
N MET GB 238 -66.40 -8.27 -52.35
CA MET GB 238 -67.65 -8.37 -51.61
C MET GB 238 -68.27 -9.72 -51.86
N LEU GB 239 -68.67 -10.41 -50.78
CA LEU GB 239 -69.23 -11.76 -50.88
C LEU GB 239 -70.54 -11.80 -50.13
N THR GB 240 -71.63 -12.08 -50.84
CA THR GB 240 -72.94 -12.18 -50.22
C THR GB 240 -73.13 -13.58 -49.67
N LEU GB 241 -73.55 -13.67 -48.41
CA LEU GB 241 -73.61 -14.92 -47.68
C LEU GB 241 -75.04 -15.16 -47.22
N ILE GB 242 -75.64 -16.23 -47.71
CA ILE GB 242 -77.04 -16.51 -47.41
C ILE GB 242 -77.13 -17.90 -46.80
N PRO GB 243 -77.74 -18.04 -45.63
CA PRO GB 243 -77.84 -19.36 -45.00
C PRO GB 243 -79.09 -20.12 -45.42
N GLY GB 244 -79.03 -21.43 -45.21
CA GLY GB 244 -80.20 -22.28 -45.30
C GLY GB 244 -80.80 -22.47 -46.68
N GLN GB 245 -80.11 -23.19 -47.56
CA GLN GB 245 -80.65 -23.50 -48.88
C GLN GB 245 -80.55 -24.99 -49.13
N LYS GB 246 -80.93 -25.41 -50.34
CA LYS GB 246 -81.16 -26.81 -50.67
C LYS GB 246 -79.88 -27.64 -50.72
N ALA GB 247 -78.71 -27.02 -50.77
CA ALA GB 247 -77.46 -27.74 -50.78
C ALA GB 247 -76.44 -26.98 -49.97
N VAL GB 248 -75.66 -27.70 -49.16
CA VAL GB 248 -74.63 -27.09 -48.35
C VAL GB 248 -73.30 -27.24 -49.07
N ASP GB 249 -72.66 -26.10 -49.34
CA ASP GB 249 -71.39 -26.07 -50.06
C ASP GB 249 -70.30 -25.93 -49.01
N TYR GB 250 -69.75 -27.08 -48.60
CA TYR GB 250 -68.72 -27.08 -47.58
C TYR GB 250 -67.42 -26.48 -48.10
N ARG GB 251 -66.92 -27.00 -49.22
CA ARG GB 251 -65.66 -26.55 -49.79
C ARG GB 251 -65.97 -25.69 -51.00
N VAL GB 252 -65.73 -24.38 -50.86
CA VAL GB 252 -65.96 -23.42 -51.93
C VAL GB 252 -64.61 -22.87 -52.35
N ASP GB 253 -64.29 -22.99 -53.63
CA ASP GB 253 -63.03 -22.50 -54.18
C ASP GB 253 -63.30 -21.33 -55.11
N LEU GB 254 -62.71 -20.20 -54.80
CA LEU GB 254 -62.94 -18.96 -55.55
C LEU GB 254 -61.67 -18.55 -56.25
N ARG GB 255 -61.77 -18.30 -57.55
CA ARG GB 255 -60.61 -18.01 -58.39
C ARG GB 255 -60.64 -16.55 -58.84
N VAL GB 256 -59.59 -15.81 -58.52
CA VAL GB 256 -59.54 -14.39 -58.82
C VAL GB 256 -59.14 -14.19 -60.28
N GLN GB 257 -59.53 -13.03 -60.82
CA GLN GB 257 -59.02 -12.59 -62.11
C GLN GB 257 -57.52 -12.37 -62.05
N GLY GB 258 -57.03 -11.76 -60.98
CA GLY GB 258 -55.62 -11.52 -60.82
C GLY GB 258 -54.89 -12.72 -60.25
N TYR GB 259 -53.66 -12.46 -59.79
CA TYR GB 259 -52.78 -13.47 -59.23
C TYR GB 259 -52.16 -12.94 -57.96
N GLY GB 260 -51.63 -13.87 -57.16
CA GLY GB 260 -50.99 -13.50 -55.92
C GLY GB 260 -49.57 -13.03 -56.10
N PRO GB 261 -48.67 -13.50 -55.24
CA PRO GB 261 -47.24 -13.22 -55.46
C PRO GB 261 -46.71 -13.94 -56.69
N ASN GB 262 -47.18 -15.16 -56.93
CA ASN GB 262 -46.84 -15.94 -58.10
C ASN GB 262 -47.95 -16.95 -58.30
N ALA GB 263 -48.36 -17.15 -59.55
CA ALA GB 263 -49.45 -18.06 -59.86
C ALA GB 263 -48.92 -19.30 -60.58
N LYS GB 264 -48.43 -19.14 -61.79
CA LYS GB 264 -47.51 -20.06 -62.44
C LYS GB 264 -46.34 -19.33 -63.07
N SER GB 265 -46.61 -18.19 -63.71
CA SER GB 265 -45.66 -17.43 -64.51
C SER GB 265 -46.34 -16.14 -64.98
N MET GB 266 -45.64 -15.34 -65.72
CA MET GB 266 -46.39 -14.27 -66.36
C MET GB 266 -46.58 -14.60 -67.84
N PRO GB 267 -47.73 -14.23 -68.41
CA PRO GB 267 -47.97 -14.48 -69.83
C PRO GB 267 -47.08 -13.64 -70.73
N THR GB 268 -46.81 -14.17 -71.92
CA THR GB 268 -45.85 -13.58 -72.85
C THR GB 268 -46.56 -12.82 -73.97
N GLU GB 269 -45.90 -11.76 -74.43
CA GLU GB 269 -46.47 -10.81 -75.37
C GLU GB 269 -45.54 -10.64 -76.56
N GLU GB 270 -46.09 -10.68 -77.77
CA GLU GB 270 -45.37 -10.29 -78.97
C GLU GB 270 -46.33 -9.54 -79.89
N GLY GB 271 -45.86 -8.40 -80.42
CA GLY GB 271 -46.72 -7.49 -81.14
C GLY GB 271 -46.17 -7.18 -82.52
N ILE GB 272 -46.42 -5.95 -82.95
CA ILE GB 272 -46.09 -5.49 -84.30
C ILE GB 272 -44.57 -5.38 -84.44
N PRO GB 273 -43.98 -5.93 -85.51
CA PRO GB 273 -42.54 -5.77 -85.70
C PRO GB 273 -42.20 -4.33 -86.03
N PRO GB 274 -40.99 -3.89 -85.70
CA PRO GB 274 -40.59 -2.52 -86.02
C PRO GB 274 -40.28 -2.37 -87.51
N SER GB 275 -40.22 -1.11 -87.93
CA SER GB 275 -39.94 -0.77 -89.31
C SER GB 275 -38.43 -0.76 -89.52
N ALA GB 276 -37.98 -0.21 -90.64
CA ALA GB 276 -36.56 -0.06 -90.89
C ALA GB 276 -35.98 1.04 -90.01
N ASN GB 277 -34.67 1.01 -89.84
CA ASN GB 277 -33.99 2.02 -89.05
C ASN GB 277 -33.92 3.34 -89.81
N ASP GB 278 -33.96 4.44 -89.06
CA ASP GB 278 -33.99 5.77 -89.65
C ASP GB 278 -32.62 6.28 -90.05
N LEU GB 279 -31.55 5.62 -89.63
CA LEU GB 279 -30.21 6.05 -90.04
C LEU GB 279 -29.94 5.72 -91.49
N LEU GB 280 -30.75 4.83 -92.09
CA LEU GB 280 -30.49 4.35 -93.42
C LEU GB 280 -30.66 5.44 -94.47
N LEU GB 281 -31.46 6.46 -94.20
CA LEU GB 281 -31.61 7.55 -95.15
C LEU GB 281 -30.35 8.40 -95.21
N HIS GB 282 -29.76 8.70 -94.05
CA HIS GB 282 -28.48 9.40 -94.02
C HIS GB 282 -27.38 8.55 -94.65
N VAL GB 283 -27.46 7.23 -94.45
CA VAL GB 283 -26.52 6.33 -95.12
C VAL GB 283 -26.72 6.40 -96.62
N LEU GB 284 -27.97 6.50 -97.07
CA LEU GB 284 -28.28 6.56 -98.49
C LEU GB 284 -27.72 7.83 -99.11
N GLU GB 285 -27.79 8.93 -98.40
CA GLU GB 285 -27.27 10.17 -98.96
C GLU GB 285 -25.81 10.42 -98.61
N GLY GB 286 -25.17 9.51 -97.90
CA GLY GB 286 -23.73 9.56 -97.75
C GLY GB 286 -23.23 10.27 -96.51
N VAL GB 287 -24.10 10.98 -95.80
CA VAL GB 287 -23.68 11.55 -94.52
C VAL GB 287 -23.50 10.41 -93.52
N PRO GB 288 -22.35 10.32 -92.84
CA PRO GB 288 -22.13 9.21 -91.94
C PRO GB 288 -23.02 9.34 -90.71
N PRO GB 289 -23.33 8.22 -90.04
CA PRO GB 289 -24.04 8.32 -88.78
C PRO GB 289 -23.18 8.98 -87.72
N PRO GB 290 -23.78 9.72 -86.79
CA PRO GB 290 -22.97 10.41 -85.79
C PRO GB 290 -22.33 9.45 -84.81
N GLY GB 291 -21.12 9.80 -84.38
CA GLY GB 291 -20.38 8.98 -83.46
C GLY GB 291 -19.76 7.74 -84.06
N SER GB 292 -19.79 7.61 -85.38
CA SER GB 292 -19.31 6.39 -86.03
C SER GB 292 -17.81 6.48 -86.23
N ARG GB 293 -17.28 5.57 -87.05
CA ARG GB 293 -15.85 5.55 -87.33
C ARG GB 293 -15.63 5.32 -88.81
N ARG GB 294 -14.48 5.80 -89.29
CA ARG GB 294 -14.12 5.62 -90.68
C ARG GB 294 -13.77 4.16 -90.94
N LEU GB 295 -14.07 3.71 -92.15
CA LEU GB 295 -13.81 2.33 -92.54
C LEU GB 295 -13.00 2.30 -93.82
N VAL GB 296 -12.28 1.20 -94.01
CA VAL GB 296 -11.41 1.03 -95.17
C VAL GB 296 -12.04 0.01 -96.09
N VAL GB 297 -12.36 0.44 -97.32
CA VAL GB 297 -12.97 -0.40 -98.33
C VAL GB 297 -12.05 -0.41 -99.54
N SER GB 298 -11.72 -1.60 -100.03
CA SER GB 298 -10.86 -1.72 -101.20
C SER GB 298 -11.40 -2.76 -102.15
N GLY GB 299 -11.04 -2.63 -103.43
CA GLY GB 299 -11.42 -3.57 -104.45
C GLY GB 299 -12.63 -3.18 -105.27
N GLY GB 300 -13.41 -2.22 -104.80
CA GLY GB 300 -14.60 -1.77 -105.50
C GLY GB 300 -14.93 -0.37 -105.06
N ASP GB 301 -16.05 0.13 -105.57
CA ASP GB 301 -16.50 1.49 -105.25
C ASP GB 301 -17.71 1.39 -104.33
N ALA GB 302 -17.44 1.42 -103.03
CA ALA GB 302 -18.49 1.42 -102.02
C ALA GB 302 -17.95 2.06 -100.76
N ARG GB 303 -18.86 2.54 -99.93
CA ARG GB 303 -18.47 3.16 -98.67
C ARG GB 303 -19.12 2.39 -97.53
N ALA GB 304 -18.48 2.44 -96.36
CA ALA GB 304 -18.96 1.66 -95.24
C ALA GB 304 -18.64 2.38 -93.94
N TRP GB 305 -19.40 2.02 -92.90
CA TRP GB 305 -19.24 2.64 -91.60
C TRP GB 305 -19.60 1.64 -90.52
N LEU GB 306 -19.12 1.94 -89.31
CA LEU GB 306 -19.43 1.14 -88.12
C LEU GB 306 -19.95 2.06 -87.04
N SER GB 307 -21.14 1.75 -86.51
CA SER GB 307 -21.78 2.58 -85.52
C SER GB 307 -21.94 1.89 -84.17
N ASN GB 308 -22.62 0.76 -84.15
CA ASN GB 308 -22.91 0.02 -82.93
C ASN GB 308 -22.45 -1.41 -83.09
N GLU GB 309 -21.19 -1.54 -83.51
CA GLU GB 309 -20.60 -2.70 -84.18
C GLU GB 309 -21.60 -3.38 -85.12
N LYS GB 310 -22.20 -2.56 -85.96
CA LYS GB 310 -23.08 -3.01 -87.02
C LYS GB 310 -22.65 -2.30 -88.29
N MET GB 311 -22.25 -3.09 -89.29
CA MET GB 311 -21.68 -2.54 -90.49
C MET GB 311 -22.78 -1.99 -91.38
N TYR GB 312 -22.67 -0.72 -91.72
CA TYR GB 312 -23.50 -0.08 -92.74
C TYR GB 312 -22.69 0.04 -94.01
N VAL GB 313 -23.35 -0.16 -95.14
CA VAL GB 313 -22.66 -0.15 -96.43
C VAL GB 313 -23.54 0.52 -97.46
N ARG GB 314 -22.98 1.50 -98.17
CA ARG GB 314 -23.62 2.17 -99.29
C ARG GB 314 -22.88 1.82 -100.57
N THR GB 315 -23.61 1.42 -101.59
CA THR GB 315 -23.02 1.02 -102.86
C THR GB 315 -24.05 1.20 -103.96
N ASN GB 316 -23.70 0.78 -105.16
CA ASN GB 316 -24.63 0.71 -106.27
C ASN GB 316 -24.60 -0.66 -106.93
N LEU GB 317 -24.05 -1.66 -106.27
CA LEU GB 317 -24.02 -3.02 -106.77
C LEU GB 317 -24.96 -3.89 -105.93
N THR GB 318 -24.94 -5.19 -106.18
CA THR GB 318 -25.85 -6.11 -105.52
C THR GB 318 -25.06 -7.11 -104.69
N ILE GB 319 -25.19 -7.01 -103.37
CA ILE GB 319 -24.44 -7.83 -102.44
C ILE GB 319 -25.05 -9.23 -102.38
N LEU GB 320 -24.22 -10.23 -102.10
CA LEU GB 320 -24.65 -11.61 -102.20
C LEU GB 320 -24.53 -12.41 -100.91
N SER GB 321 -23.34 -12.51 -100.34
CA SER GB 321 -23.15 -13.64 -99.41
C SER GB 321 -23.66 -13.49 -97.98
N PRO GB 322 -23.18 -12.55 -97.16
CA PRO GB 322 -23.20 -12.78 -95.72
C PRO GB 322 -24.51 -12.47 -95.01
N GLY GB 323 -25.60 -12.27 -95.75
CA GLY GB 323 -26.85 -11.89 -95.13
C GLY GB 323 -26.87 -10.43 -94.76
N TRP GB 324 -28.07 -9.93 -94.47
CA TRP GB 324 -28.21 -8.57 -93.98
C TRP GB 324 -29.50 -8.46 -93.21
N LEU GB 325 -29.61 -7.37 -92.44
CA LEU GB 325 -30.78 -7.11 -91.63
C LEU GB 325 -31.59 -5.93 -92.10
N ALA GB 326 -30.97 -4.93 -92.72
CA ALA GB 326 -31.70 -3.76 -93.17
C ALA GB 326 -31.33 -3.42 -94.61
N SER GB 327 -32.35 -3.11 -95.41
CA SER GB 327 -32.16 -2.78 -96.81
C SER GB 327 -32.90 -1.50 -97.17
N MET GB 328 -32.33 -0.74 -98.10
CA MET GB 328 -32.92 0.51 -98.54
C MET GB 328 -32.43 0.81 -99.94
N THR GB 329 -33.33 1.31 -100.79
CA THR GB 329 -33.00 1.62 -102.17
C THR GB 329 -33.20 3.11 -102.45
N SER GB 330 -32.49 3.60 -103.45
CA SER GB 330 -32.66 4.96 -103.93
C SER GB 330 -33.32 4.94 -105.29
N ALA GB 331 -33.53 6.13 -105.85
CA ALA GB 331 -34.12 6.25 -107.16
C ALA GB 331 -33.10 6.08 -108.28
N ASP GB 332 -31.82 5.95 -107.95
CA ASP GB 332 -30.76 5.89 -108.95
C ASP GB 332 -30.04 4.54 -108.96
N GLY GB 333 -30.70 3.49 -108.46
CA GLY GB 333 -30.05 2.21 -108.37
C GLY GB 333 -29.09 2.07 -107.22
N THR GB 334 -28.97 3.07 -106.37
CA THR GB 334 -28.12 3.01 -105.20
C THR GB 334 -28.79 2.15 -104.14
N HIS GB 335 -27.98 1.42 -103.39
CA HIS GB 335 -28.47 0.57 -102.33
C HIS GB 335 -27.68 0.80 -101.06
N ALA GB 336 -28.38 0.66 -99.94
CA ALA GB 336 -27.81 0.79 -98.61
C ALA GB 336 -28.24 -0.40 -97.78
N TYR GB 337 -27.32 -0.96 -97.01
CA TYR GB 337 -27.60 -2.14 -96.24
C TYR GB 337 -26.97 -2.00 -94.86
N GLU GB 338 -27.52 -2.76 -93.92
CA GLU GB 338 -27.00 -2.83 -92.56
C GLU GB 338 -27.02 -4.26 -92.08
N MET GB 339 -25.86 -4.76 -91.64
CA MET GB 339 -25.74 -6.11 -91.11
C MET GB 339 -24.71 -6.09 -89.99
N GLN GB 340 -24.29 -7.29 -89.56
CA GLN GB 340 -23.20 -7.42 -88.61
C GLN GB 340 -21.86 -7.21 -89.30
N LYS GB 341 -20.82 -7.05 -88.49
CA LYS GB 341 -19.49 -6.84 -89.02
C LYS GB 341 -18.91 -8.15 -89.54
N SER GB 342 -18.18 -8.06 -90.65
CA SER GB 342 -17.52 -9.21 -91.25
C SER GB 342 -16.39 -8.66 -92.10
N PRO GB 343 -15.25 -9.33 -92.17
CA PRO GB 343 -14.10 -8.74 -92.87
C PRO GB 343 -14.20 -8.77 -94.38
N VAL GB 344 -15.17 -9.48 -94.94
CA VAL GB 344 -15.16 -9.72 -96.37
C VAL GB 344 -16.60 -9.85 -96.84
N LEU GB 345 -16.91 -9.18 -97.94
CA LEU GB 345 -18.24 -9.19 -98.52
C LEU GB 345 -18.16 -9.74 -99.93
N LEU GB 346 -19.28 -10.24 -100.43
CA LEU GB 346 -19.37 -10.73 -101.79
C LEU GB 346 -20.39 -9.91 -102.55
N VAL GB 347 -20.09 -9.61 -103.80
CA VAL GB 347 -20.95 -8.77 -104.61
C VAL GB 347 -21.05 -9.39 -106.01
N SER GB 348 -22.06 -8.97 -106.76
CA SER GB 348 -22.17 -9.34 -108.17
C SER GB 348 -22.16 -8.06 -108.98
N TRP GB 349 -21.11 -7.87 -109.78
CA TRP GB 349 -20.96 -6.58 -110.46
C TRP GB 349 -21.76 -6.54 -111.75
N HIS GB 350 -21.40 -7.35 -112.73
CA HIS GB 350 -22.07 -7.35 -114.02
C HIS GB 350 -22.28 -8.78 -114.47
N GLY GB 351 -22.86 -9.59 -113.59
CA GLY GB 351 -22.92 -11.01 -113.82
C GLY GB 351 -21.67 -11.73 -113.41
N LYS GB 352 -20.69 -11.01 -112.89
CA LYS GB 352 -19.44 -11.58 -112.40
C LYS GB 352 -19.39 -11.44 -110.90
N VAL GB 353 -18.94 -12.48 -110.22
CA VAL GB 353 -18.93 -12.52 -108.77
C VAL GB 353 -17.59 -11.98 -108.27
N MET GB 354 -17.65 -11.01 -107.37
CA MET GB 354 -16.47 -10.32 -106.87
C MET GB 354 -16.42 -10.40 -105.35
N GLN GB 355 -15.21 -10.28 -104.82
CA GLN GB 355 -14.97 -10.29 -103.39
C GLN GB 355 -14.41 -8.94 -102.97
N LEU GB 356 -14.98 -8.36 -101.92
CA LEU GB 356 -14.57 -7.07 -101.40
C LEU GB 356 -13.97 -7.24 -100.01
N LYS GB 357 -12.79 -6.66 -99.80
CA LYS GB 357 -12.07 -6.76 -98.54
C LYS GB 357 -12.32 -5.52 -97.71
N VAL GB 358 -12.85 -5.71 -96.51
CA VAL GB 358 -13.17 -4.61 -95.61
C VAL GB 358 -12.31 -4.76 -94.37
N GLU GB 359 -11.48 -3.77 -94.09
CA GLU GB 359 -10.56 -3.82 -92.98
C GLU GB 359 -11.10 -2.96 -91.84
N GLY GB 360 -10.29 -2.78 -90.81
CA GLY GB 360 -10.65 -1.90 -89.71
C GLY GB 360 -11.54 -2.52 -88.66
N LEU GB 361 -11.87 -3.79 -88.78
CA LEU GB 361 -12.70 -4.45 -87.78
C LEU GB 361 -11.84 -5.15 -86.74
N VAL HB 38 1.38 41.93 -90.95
CA VAL HB 38 1.64 42.85 -92.06
C VAL HB 38 2.25 42.17 -93.33
N PRO HB 39 3.22 41.25 -93.23
CA PRO HB 39 3.55 40.45 -94.42
C PRO HB 39 2.44 39.52 -94.86
N LYS HB 40 1.53 39.15 -93.96
CA LYS HB 40 0.35 38.40 -94.37
C LYS HB 40 -0.61 39.27 -95.17
N LEU HB 41 -0.72 40.53 -94.80
CA LEU HB 41 -1.56 41.44 -95.57
C LEU HB 41 -0.88 41.84 -96.86
N PRO HB 42 -1.64 42.10 -97.92
CA PRO HB 42 -1.06 42.60 -99.15
C PRO HB 42 -0.51 44.01 -98.99
N CYS HB 43 0.54 44.32 -99.76
CA CYS HB 43 1.18 45.63 -99.71
C CYS HB 43 0.60 46.60 -100.73
N ARG HB 44 0.40 46.14 -101.96
CA ARG HB 44 -0.24 46.92 -103.00
C ARG HB 44 -1.34 46.07 -103.62
N VAL HB 45 -2.00 46.60 -104.64
CA VAL HB 45 -3.05 45.83 -105.32
C VAL HB 45 -2.39 44.86 -106.27
N ASP HB 46 -3.18 43.93 -106.82
CA ASP HB 46 -2.66 42.83 -107.62
C ASP HB 46 -2.06 43.33 -108.92
N GLY HB 47 -0.73 43.29 -109.00
CA GLY HB 47 0.00 43.56 -110.22
C GLY HB 47 -0.12 44.97 -110.79
N ALA HB 48 0.35 45.97 -110.06
CA ALA HB 48 0.26 47.35 -110.53
C ALA HB 48 1.60 48.05 -110.39
N CYS HB 49 2.01 48.74 -111.45
CA CYS HB 49 3.22 49.55 -111.45
C CYS HB 49 2.93 50.85 -112.17
N ASP HB 50 3.05 51.96 -111.46
CA ASP HB 50 2.69 53.25 -112.03
C ASP HB 50 3.68 53.70 -113.09
N ALA HB 51 4.93 53.24 -112.99
CA ALA HB 51 5.91 53.50 -114.04
C ALA HB 51 5.46 52.86 -115.35
N THR HB 52 4.96 51.63 -115.27
CA THR HB 52 4.37 50.98 -116.44
C THR HB 52 3.11 51.70 -116.90
N ILE HB 53 2.34 52.24 -115.95
CA ILE HB 53 1.10 52.94 -116.29
C ILE HB 53 1.39 54.18 -117.13
N ILE HB 54 2.31 55.00 -116.67
CA ILE HB 54 2.63 56.21 -117.43
C ILE HB 54 3.43 55.85 -118.67
N LYS HB 55 4.15 54.73 -118.65
CA LYS HB 55 4.91 54.30 -119.81
C LYS HB 55 3.98 53.91 -120.95
N MET HB 56 2.97 53.09 -120.66
CA MET HB 56 2.00 52.74 -121.69
C MET HB 56 1.10 53.91 -122.04
N MET HB 57 0.91 54.86 -121.12
CA MET HB 57 0.20 56.09 -121.47
C MET HB 57 0.96 56.89 -122.52
N THR HB 58 2.28 57.02 -122.34
CA THR HB 58 3.11 57.70 -123.32
C THR HB 58 3.13 56.94 -124.64
N ASP HB 59 3.14 55.61 -124.57
CA ASP HB 59 3.16 54.80 -125.79
C ASP HB 59 1.86 54.95 -126.57
N LEU HB 60 0.72 55.00 -125.88
CA LEU HB 60 -0.54 55.23 -126.57
C LEU HB 60 -0.62 56.63 -127.16
N ASN HB 61 -0.07 57.62 -126.44
CA ASN HB 61 -0.09 58.98 -126.94
C ASN HB 61 0.78 59.13 -128.19
N LYS HB 62 1.95 58.51 -128.20
CA LYS HB 62 2.76 58.57 -129.41
C LYS HB 62 2.28 57.60 -130.47
N LYS HB 63 1.40 56.67 -130.13
CA LYS HB 63 0.70 55.88 -131.12
C LYS HB 63 -0.56 56.56 -131.63
N GLY HB 64 -0.92 57.71 -131.05
CA GLY HB 64 -2.04 58.46 -131.56
C GLY HB 64 -3.37 58.09 -130.96
N ILE HB 65 -3.40 57.13 -130.04
CA ILE HB 65 -4.62 56.81 -129.32
C ILE HB 65 -4.73 57.79 -128.16
N LYS HB 66 -5.83 58.54 -128.11
CA LYS HB 66 -5.93 59.63 -127.17
C LYS HB 66 -6.26 59.10 -125.78
N VAL HB 67 -5.45 59.47 -124.80
CA VAL HB 67 -5.63 59.11 -123.41
C VAL HB 67 -6.00 60.38 -122.66
N ALA HB 68 -7.15 60.36 -121.99
CA ALA HB 68 -7.66 61.53 -121.28
C ALA HB 68 -7.83 61.19 -119.82
N SER HB 69 -7.07 61.88 -118.97
CA SER HB 69 -7.08 61.67 -117.52
C SER HB 69 -7.35 63.01 -116.87
N VAL HB 70 -8.58 63.23 -116.44
CA VAL HB 70 -8.97 64.50 -115.84
C VAL HB 70 -9.97 64.22 -114.72
N GLY HB 71 -9.66 64.73 -113.54
CA GLY HB 71 -10.46 64.39 -112.37
C GLY HB 71 -10.25 62.94 -112.00
N GLN HB 72 -11.35 62.22 -111.78
CA GLN HB 72 -11.30 60.79 -111.50
C GLN HB 72 -11.81 59.97 -112.67
N ASN HB 73 -11.87 60.55 -113.85
CA ASN HB 73 -12.42 59.89 -115.02
C ASN HB 73 -11.34 59.70 -116.07
N TYR HB 74 -11.52 58.66 -116.90
CA TYR HB 74 -10.55 58.37 -117.94
C TYR HB 74 -11.27 58.00 -119.23
N LEU HB 75 -10.74 58.52 -120.33
CA LEU HB 75 -11.27 58.31 -121.67
C LEU HB 75 -10.19 57.79 -122.58
N ILE HB 76 -10.51 56.74 -123.35
CA ILE HB 76 -9.61 56.20 -124.36
C ILE HB 76 -10.31 56.37 -125.70
N SER HB 77 -9.65 57.05 -126.64
CA SER HB 77 -10.24 57.36 -127.93
C SER HB 77 -9.38 56.78 -129.05
N ILE HB 78 -10.00 56.01 -129.92
CA ILE HB 78 -9.30 55.28 -130.99
C ILE HB 78 -9.93 55.60 -132.33
N PRO HB 79 -9.14 55.97 -133.33
CA PRO HB 79 -9.70 56.16 -134.68
C PRO HB 79 -10.18 54.84 -135.27
N ALA HB 80 -11.24 54.96 -136.08
CA ALA HB 80 -11.87 53.77 -136.65
C ALA HB 80 -11.03 53.14 -137.74
N SER HB 81 -10.23 53.96 -138.44
CA SER HB 81 -9.43 53.44 -139.54
C SER HB 81 -8.31 52.53 -139.04
N ALA HB 82 -7.87 52.74 -137.81
CA ALA HB 82 -6.85 51.86 -137.24
C ALA HB 82 -7.42 50.54 -136.75
N LEU HB 83 -8.74 50.38 -136.73
CA LEU HB 83 -9.35 49.19 -136.16
C LEU HB 83 -10.14 48.38 -137.15
N PHE HB 84 -11.08 48.99 -137.86
CA PHE HB 84 -12.01 48.24 -138.68
C PHE HB 84 -11.70 48.39 -140.16
N ALA HB 85 -12.39 47.58 -140.95
CA ALA HB 85 -12.44 47.81 -142.38
C ALA HB 85 -13.44 48.92 -142.67
N ASP HB 86 -13.44 49.38 -143.92
CA ASP HB 86 -14.21 50.56 -144.30
C ASP HB 86 -15.70 50.23 -144.31
N GLN HB 87 -16.41 50.74 -143.29
CA GLN HB 87 -17.87 50.66 -143.17
C GLN HB 87 -18.36 49.23 -143.14
N SER HB 88 -17.75 48.42 -142.27
CA SER HB 88 -18.08 47.02 -142.17
C SER HB 88 -17.68 46.51 -140.80
N PRO HB 89 -18.46 45.61 -140.21
CA PRO HB 89 -18.13 45.05 -138.90
C PRO HB 89 -17.16 43.88 -138.97
N ARG HB 90 -16.10 44.05 -139.76
CA ARG HB 90 -15.01 43.08 -139.84
C ARG HB 90 -13.82 43.68 -139.12
N LEU HB 91 -13.12 42.87 -138.35
CA LEU HB 91 -11.95 43.32 -137.62
C LEU HB 91 -10.69 42.88 -138.34
N ASN HB 92 -9.78 43.83 -138.55
CA ASN HB 92 -8.49 43.51 -139.11
C ASN HB 92 -7.68 42.71 -138.11
N TRP HB 93 -6.78 41.87 -138.62
CA TRP HB 93 -6.11 40.88 -137.78
C TRP HB 93 -5.10 41.52 -136.84
N ALA HB 94 -4.39 42.55 -137.28
CA ALA HB 94 -3.33 43.13 -136.47
C ALA HB 94 -3.87 43.95 -135.30
N SER HB 95 -5.14 44.31 -135.33
CA SER HB 95 -5.74 45.14 -134.28
C SER HB 95 -5.89 44.41 -132.96
N TYR HB 96 -5.72 43.09 -132.94
CA TYR HB 96 -5.80 42.34 -131.70
C TYR HB 96 -4.66 42.69 -130.75
N SER HB 97 -3.52 43.10 -131.29
CA SER HB 97 -2.43 43.60 -130.46
C SER HB 97 -2.84 44.87 -129.73
N LEU HB 98 -3.50 45.79 -130.43
CA LEU HB 98 -3.97 47.02 -129.82
C LEU HB 98 -5.02 46.75 -128.76
N LEU HB 99 -5.94 45.84 -129.06
CA LEU HB 99 -6.95 45.44 -128.08
C LEU HB 99 -6.31 44.80 -126.86
N ASN HB 100 -5.28 43.98 -127.08
CA ASN HB 100 -4.61 43.28 -126.00
C ASN HB 100 -3.89 44.24 -125.07
N GLU HB 101 -3.18 45.22 -125.63
CA GLU HB 101 -2.48 46.14 -124.75
C GLU HB 101 -3.43 47.15 -124.10
N ILE HB 102 -4.56 47.44 -124.73
CA ILE HB 102 -5.59 48.22 -124.07
C ILE HB 102 -6.17 47.46 -122.89
N ALA HB 103 -6.39 46.16 -123.06
CA ALA HB 103 -6.83 45.33 -121.94
C ALA HB 103 -5.77 45.24 -120.84
N ALA HB 104 -4.50 45.22 -121.23
CA ALA HB 104 -3.42 45.24 -120.25
C ALA HB 104 -3.42 46.55 -119.47
N PHE HB 105 -3.72 47.67 -120.14
CA PHE HB 105 -3.85 48.94 -119.45
C PHE HB 105 -5.06 48.93 -118.52
N LEU HB 106 -6.16 48.35 -118.98
CA LEU HB 106 -7.38 48.31 -118.17
C LEU HB 106 -7.24 47.36 -116.99
N LYS HB 107 -6.27 46.44 -117.04
CA LYS HB 107 -5.96 45.61 -115.89
C LYS HB 107 -5.45 46.44 -114.71
N GLN HB 108 -4.86 47.60 -114.97
CA GLN HB 108 -4.20 48.40 -113.95
C GLN HB 108 -5.15 49.27 -113.14
N PHE HB 109 -6.45 49.01 -113.15
CA PHE HB 109 -7.37 49.81 -112.35
C PHE HB 109 -8.50 48.93 -111.86
N ARG HB 110 -9.14 49.38 -110.78
CA ARG HB 110 -10.44 48.88 -110.40
C ARG HB 110 -11.51 49.77 -111.00
N LYS HB 111 -12.74 49.28 -111.02
CA LYS HB 111 -13.81 49.95 -111.74
C LYS HB 111 -15.15 49.48 -111.20
N ILE HB 112 -16.22 50.01 -111.77
CA ILE HB 112 -17.53 49.40 -111.63
C ILE HB 112 -18.13 49.21 -113.02
N ALA HB 113 -18.21 50.28 -113.79
CA ALA HB 113 -18.84 50.26 -115.10
C ALA HB 113 -17.88 50.78 -116.17
N ILE HB 114 -17.89 50.13 -117.32
CA ILE HB 114 -17.11 50.54 -118.48
C ILE HB 114 -18.08 50.85 -119.60
N THR HB 115 -17.96 52.02 -120.21
CA THR HB 115 -18.89 52.43 -121.24
C THR HB 115 -18.16 52.52 -122.57
N VAL HB 116 -18.72 51.93 -123.62
CA VAL HB 116 -18.17 52.00 -124.95
C VAL HB 116 -19.17 52.68 -125.88
N THR HB 117 -18.66 53.54 -126.75
CA THR HB 117 -19.46 54.27 -127.72
C THR HB 117 -18.73 54.25 -129.06
N SER HB 118 -19.51 54.09 -130.13
CA SER HB 118 -18.96 54.07 -131.48
C SER HB 118 -19.65 55.13 -132.31
N TYR HB 119 -18.87 56.01 -132.94
CA TYR HB 119 -19.39 57.05 -133.79
C TYR HB 119 -18.87 56.84 -135.21
N SER HB 120 -19.67 57.27 -136.18
CA SER HB 120 -19.30 57.13 -137.59
C SER HB 120 -19.49 58.45 -138.33
N SER HB 121 -19.40 58.41 -139.64
CA SER HB 121 -19.81 59.50 -140.51
C SER HB 121 -21.05 59.08 -141.29
N LYS HB 122 -21.68 60.05 -141.94
CA LYS HB 122 -22.85 59.77 -142.74
C LYS HB 122 -22.45 59.08 -144.04
N TYR HB 123 -23.07 57.93 -144.32
CA TYR HB 123 -22.82 57.23 -145.57
C TYR HB 123 -24.06 57.11 -146.46
N VAL HB 124 -25.13 56.49 -145.98
CA VAL HB 124 -26.32 56.31 -146.80
C VAL HB 124 -27.56 56.77 -146.05
N SER HB 125 -27.73 56.27 -144.82
CA SER HB 125 -29.02 56.30 -144.15
C SER HB 125 -28.81 56.84 -142.74
N VAL HB 126 -29.80 56.64 -141.88
CA VAL HB 126 -29.60 56.72 -140.44
C VAL HB 126 -29.44 55.33 -139.83
N LYS HB 127 -30.28 54.40 -140.29
CA LYS HB 127 -30.37 53.08 -139.69
C LYS HB 127 -29.10 52.29 -139.86
N ARG HB 128 -28.52 52.33 -141.07
CA ARG HB 128 -27.32 51.55 -141.35
C ARG HB 128 -26.15 52.03 -140.51
N GLU HB 129 -26.02 53.34 -140.35
CA GLU HB 129 -24.91 53.89 -139.58
C GLU HB 129 -25.08 53.61 -138.09
N ARG HB 130 -26.30 53.76 -137.58
CA ARG HB 130 -26.57 53.45 -136.18
C ARG HB 130 -26.32 51.98 -135.88
N ALA HB 131 -26.81 51.09 -136.76
CA ALA HB 131 -26.65 49.67 -136.55
C ALA HB 131 -25.20 49.24 -136.69
N LEU HB 132 -24.46 49.85 -137.62
CA LEU HB 132 -23.05 49.51 -137.81
C LEU HB 132 -22.25 49.88 -136.59
N THR HB 133 -22.48 51.08 -136.05
CA THR HB 133 -21.79 51.51 -134.85
C THR HB 133 -22.17 50.64 -133.66
N LEU HB 134 -23.44 50.28 -133.56
CA LEU HB 134 -23.90 49.42 -132.47
C LEU HB 134 -23.26 48.05 -132.52
N ALA HB 135 -23.14 47.48 -133.73
CA ALA HB 135 -22.53 46.16 -133.86
C ALA HB 135 -21.03 46.19 -133.57
N ARG HB 136 -20.35 47.26 -134.00
CA ARG HB 136 -18.93 47.37 -133.72
C ARG HB 136 -18.67 47.54 -132.22
N SER HB 137 -19.53 48.31 -131.56
CA SER HB 137 -19.46 48.43 -130.10
C SER HB 137 -19.71 47.09 -129.44
N ARG HB 138 -20.66 46.32 -129.97
CA ARG HB 138 -20.98 45.00 -129.41
C ARG HB 138 -19.78 44.07 -129.50
N VAL HB 139 -19.12 44.03 -130.66
CA VAL HB 139 -18.05 43.05 -130.82
C VAL HB 139 -16.81 43.46 -130.03
N VAL HB 140 -16.52 44.77 -129.93
CA VAL HB 140 -15.37 45.14 -129.13
C VAL HB 140 -15.65 44.93 -127.64
N SER HB 141 -16.91 45.13 -127.21
CA SER HB 141 -17.26 44.86 -125.83
C SER HB 141 -17.19 43.38 -125.51
N GLU HB 142 -17.59 42.55 -126.49
CA GLU HB 142 -17.53 41.11 -126.31
C GLU HB 142 -16.10 40.62 -126.15
N TYR HB 143 -15.18 41.12 -126.99
CA TYR HB 143 -13.80 40.68 -126.87
C TYR HB 143 -13.16 41.20 -125.59
N LEU HB 144 -13.53 42.42 -125.18
CA LEU HB 144 -12.97 42.96 -123.95
C LEU HB 144 -13.46 42.18 -122.73
N TRP HB 145 -14.74 41.80 -122.72
CA TRP HB 145 -15.25 40.99 -121.62
C TRP HB 145 -14.63 39.60 -121.64
N SER HB 146 -14.36 39.07 -122.82
CA SER HB 146 -13.69 37.78 -122.94
C SER HB 146 -12.29 37.83 -122.34
N GLN HB 147 -11.59 38.93 -122.59
CA GLN HB 147 -10.30 39.09 -121.93
C GLN HB 147 -10.49 39.49 -120.49
N GLY HB 148 -9.38 39.51 -119.75
CA GLY HB 148 -9.41 39.69 -118.32
C GLY HB 148 -9.50 41.13 -117.84
N VAL HB 149 -10.68 41.72 -117.91
CA VAL HB 149 -10.96 42.97 -117.23
C VAL HB 149 -11.85 42.66 -116.04
N ASP HB 150 -11.64 43.38 -114.95
CA ASP HB 150 -12.37 43.09 -113.72
C ASP HB 150 -13.53 44.07 -113.58
N SER HB 151 -14.51 43.90 -114.46
CA SER HB 151 -15.66 44.79 -114.47
C SER HB 151 -16.80 44.21 -113.66
N ARG HB 152 -17.80 45.05 -113.44
CA ARG HB 152 -19.11 44.65 -113.01
C ARG HB 152 -20.16 44.94 -114.07
N ILE HB 153 -19.95 45.99 -114.84
CA ILE HB 153 -20.90 46.43 -115.86
C ILE HB 153 -20.13 46.79 -117.11
N ILE HB 154 -20.57 46.25 -118.25
CA ILE HB 154 -20.23 46.81 -119.55
C ILE HB 154 -21.49 47.44 -120.10
N PHE HB 155 -21.38 48.67 -120.62
CA PHE HB 155 -22.48 49.31 -121.32
C PHE HB 155 -22.07 49.60 -122.74
N THR HB 156 -22.91 49.22 -123.70
CA THR HB 156 -22.60 49.37 -125.11
C THR HB 156 -23.44 50.47 -125.72
N GLN HB 157 -22.84 51.25 -126.61
CA GLN HB 157 -23.59 52.25 -127.36
C GLN HB 157 -22.92 52.52 -128.69
N GLY HB 158 -23.69 52.40 -129.77
CA GLY HB 158 -23.23 52.81 -131.07
C GLY HB 158 -24.22 53.77 -131.68
N LEU HB 159 -23.80 55.01 -131.93
CA LEU HB 159 -24.76 56.08 -132.19
C LEU HB 159 -24.73 56.60 -133.62
N GLY HB 160 -24.13 55.86 -134.55
CA GLY HB 160 -24.11 56.30 -135.94
C GLY HB 160 -23.27 57.54 -136.14
N SER HB 161 -23.90 58.60 -136.64
CA SER HB 161 -23.22 59.87 -136.92
C SER HB 161 -24.08 61.04 -136.46
N ASP HB 162 -24.77 60.88 -135.34
CA ASP HB 162 -25.64 61.94 -134.86
C ASP HB 162 -24.85 63.07 -134.21
N LYS HB 163 -23.77 62.76 -133.52
CA LYS HB 163 -22.96 63.75 -132.83
C LYS HB 163 -21.52 63.67 -133.31
N PRO HB 164 -21.18 64.39 -134.37
CA PRO HB 164 -19.77 64.56 -134.73
C PRO HB 164 -19.17 65.71 -133.94
N ILE HB 165 -17.85 65.81 -134.02
CA ILE HB 165 -17.12 66.86 -133.32
C ILE HB 165 -16.30 67.74 -134.25
N THR HB 166 -16.21 67.41 -135.53
CA THR HB 166 -15.34 68.10 -136.47
C THR HB 166 -16.16 68.60 -137.65
N SER HB 167 -15.93 69.84 -138.04
CA SER HB 167 -16.57 70.38 -139.24
C SER HB 167 -15.88 69.93 -140.52
N TYR HB 168 -14.70 69.34 -140.42
CA TYR HB 168 -13.99 68.77 -141.56
C TYR HB 168 -14.66 67.46 -141.90
N THR HB 169 -15.62 67.52 -142.82
CA THR HB 169 -16.43 66.36 -143.20
C THR HB 169 -16.02 65.78 -144.54
N LEU HB 170 -14.72 65.74 -144.82
CA LEU HB 170 -14.23 65.32 -146.13
C LEU HB 170 -14.05 63.80 -146.20
N GLY HB 171 -13.27 63.23 -145.30
CA GLY HB 171 -12.99 61.82 -145.34
C GLY HB 171 -14.19 60.97 -144.95
N GLY HB 172 -14.07 59.68 -145.23
CA GLY HB 172 -15.13 58.76 -144.91
C GLY HB 172 -14.85 58.12 -143.56
N ASP HB 173 -14.41 56.87 -143.57
CA ASP HB 173 -13.89 56.28 -142.35
C ASP HB 173 -12.48 56.75 -142.05
N ARG HB 174 -11.83 57.44 -142.98
CA ARG HB 174 -10.57 58.12 -142.69
C ARG HB 174 -10.78 59.37 -141.84
N SER HB 175 -11.98 59.92 -141.84
CA SER HB 175 -12.26 61.10 -141.06
C SER HB 175 -12.22 60.78 -139.57
N PRO HB 176 -11.74 61.70 -138.72
CA PRO HB 176 -11.60 61.40 -137.29
C PRO HB 176 -12.91 61.38 -136.54
N ASN HB 177 -14.03 61.77 -137.16
CA ASN HB 177 -15.32 61.66 -136.49
C ASN HB 177 -15.71 60.20 -136.26
N ALA HB 178 -15.45 59.35 -137.24
CA ALA HB 178 -15.63 57.92 -137.07
C ALA HB 178 -14.57 57.42 -136.10
N ARG HB 179 -14.99 56.97 -134.93
CA ARG HB 179 -14.06 56.63 -133.87
C ARG HB 179 -14.77 55.75 -132.86
N VAL HB 180 -14.01 55.29 -131.87
CA VAL HB 180 -14.56 54.60 -130.71
C VAL HB 180 -14.03 55.27 -129.45
N GLU HB 181 -14.93 55.61 -128.55
CA GLU HB 181 -14.58 56.12 -127.25
C GLU HB 181 -14.93 55.07 -126.21
N ILE HB 182 -14.12 54.96 -125.18
CA ILE HB 182 -14.43 54.11 -124.05
C ILE HB 182 -14.04 54.85 -122.79
N THR HB 183 -14.98 54.93 -121.85
CA THR HB 183 -14.82 55.76 -120.67
C THR HB 183 -15.12 54.98 -119.41
N PHE HB 184 -14.45 55.39 -118.32
CA PHE HB 184 -14.77 54.85 -117.00
C PHE HB 184 -14.35 55.84 -115.93
N ARG HB 185 -14.73 55.50 -114.70
CA ARG HB 185 -14.37 56.27 -113.51
C ARG HB 185 -13.67 55.35 -112.52
N ARG HB 186 -12.50 55.78 -112.05
CA ARG HB 186 -11.74 55.01 -111.09
C ARG HB 186 -12.44 55.01 -109.74
N ALA HB 187 -12.80 53.83 -109.25
CA ALA HB 187 -13.60 53.70 -108.03
C ALA HB 187 -12.67 53.37 -106.86
N VAL HB 188 -11.96 54.41 -106.41
CA VAL HB 188 -11.06 54.38 -105.25
C VAL HB 188 -9.99 53.30 -105.34
N CYS IB 42 2.71 36.49 -149.98
CA CYS IB 42 2.50 36.10 -148.58
C CYS IB 42 1.22 35.29 -148.43
N PHE IB 43 0.57 35.42 -147.28
CA PHE IB 43 -0.65 34.69 -146.99
C PHE IB 43 -1.50 35.48 -146.00
N HIS IB 44 -2.81 35.50 -146.25
CA HIS IB 44 -3.73 36.20 -145.37
C HIS IB 44 -4.23 35.25 -144.29
N PRO IB 45 -3.95 35.51 -143.02
CA PRO IB 45 -4.16 34.48 -141.98
C PRO IB 45 -5.63 34.20 -141.65
N PRO IB 46 -6.56 35.20 -141.59
CA PRO IB 46 -7.95 34.79 -141.43
C PRO IB 46 -8.56 34.24 -142.70
N TYR IB 47 -8.32 32.95 -142.95
CA TYR IB 47 -8.97 32.12 -143.97
C TYR IB 47 -8.72 32.61 -145.39
N ASN IB 48 -7.72 33.46 -145.59
CA ASN IB 48 -7.26 33.94 -146.89
C ASN IB 48 -8.37 34.61 -147.70
N ASN IB 49 -9.32 35.22 -146.99
CA ASN IB 49 -10.55 35.79 -147.55
C ASN IB 49 -11.32 34.77 -148.37
N PHE IB 50 -11.28 33.52 -147.92
CA PHE IB 50 -11.90 32.36 -148.58
C PHE IB 50 -11.46 32.22 -150.03
N GLN IB 51 -10.17 32.43 -150.26
CA GLN IB 51 -9.63 32.23 -151.58
C GLN IB 51 -8.68 31.04 -151.59
N PRO IB 52 -8.78 30.15 -152.57
CA PRO IB 52 -7.83 29.03 -152.65
C PRO IB 52 -6.41 29.49 -152.97
N ASP IB 53 -5.52 29.37 -151.99
CA ASP IB 53 -4.19 29.93 -152.09
C ASP IB 53 -3.27 29.06 -152.93
N ARG IB 54 -2.10 29.60 -153.22
CA ARG IB 54 -0.98 28.84 -153.75
C ARG IB 54 0.06 28.71 -152.64
N ARG IB 55 0.24 27.48 -152.15
CA ARG IB 55 1.02 27.25 -150.94
C ARG IB 55 2.52 27.25 -151.21
N ALA IB 56 2.97 26.33 -152.07
CA ALA IB 56 4.39 26.00 -152.16
C ALA IB 56 5.15 26.88 -153.14
N VAL IB 57 4.52 27.91 -153.70
CA VAL IB 57 5.22 28.81 -154.60
C VAL IB 57 6.28 29.60 -153.84
N LYS IB 58 5.99 29.97 -152.59
CA LYS IB 58 6.98 30.63 -151.76
C LYS IB 58 8.14 29.69 -151.42
N ARG IB 59 7.82 28.42 -151.17
CA ARG IB 59 8.86 27.42 -150.86
C ARG IB 59 9.78 27.20 -152.06
N VAL IB 60 9.22 27.08 -153.26
CA VAL IB 60 10.07 26.88 -154.42
C VAL IB 60 10.80 28.16 -154.79
N GLY IB 61 10.22 29.32 -154.49
CA GLY IB 61 10.92 30.58 -154.73
C GLY IB 61 12.13 30.76 -153.83
N VAL IB 62 11.99 30.46 -152.54
CA VAL IB 62 13.14 30.57 -151.65
C VAL IB 62 14.10 29.41 -151.82
N ASP IB 63 13.66 28.29 -152.41
CA ASP IB 63 14.61 27.22 -152.72
C ASP IB 63 15.44 27.58 -153.94
N THR IB 64 14.83 28.25 -154.93
CA THR IB 64 15.62 28.80 -156.03
C THR IB 64 16.55 29.91 -155.54
N GLY IB 65 16.07 30.74 -154.63
CA GLY IB 65 16.91 31.78 -154.05
C GLY IB 65 17.91 31.24 -153.05
N GLY IB 88 17.58 25.94 -156.39
CA GLY IB 88 17.04 24.64 -156.03
C GLY IB 88 15.60 24.45 -156.43
N GLY IB 89 15.33 24.68 -157.72
CA GLY IB 89 13.97 24.49 -158.22
C GLY IB 89 13.51 23.05 -158.18
N THR IB 90 14.43 22.12 -158.49
CA THR IB 90 14.08 20.70 -158.50
C THR IB 90 13.79 20.18 -157.09
N VAL IB 91 14.65 20.53 -156.13
CA VAL IB 91 14.43 20.09 -154.75
C VAL IB 91 13.21 20.80 -154.16
N GLY IB 92 12.96 22.04 -154.57
CA GLY IB 92 11.74 22.71 -154.17
C GLY IB 92 10.49 22.05 -154.73
N LEU IB 93 10.55 21.59 -155.98
CA LEU IB 93 9.41 20.93 -156.59
C LEU IB 93 9.14 19.57 -155.95
N VAL IB 94 10.20 18.80 -155.67
CA VAL IB 94 9.97 17.49 -155.06
C VAL IB 94 9.54 17.64 -153.61
N ALA IB 95 10.03 18.67 -152.91
CA ALA IB 95 9.53 18.94 -151.56
C ALA IB 95 8.09 19.41 -151.60
N SER IB 96 7.71 20.16 -152.64
CA SER IB 96 6.33 20.59 -152.81
C SER IB 96 5.41 19.40 -153.02
N ILE IB 97 5.77 18.50 -153.93
CA ILE IB 97 4.89 17.37 -154.20
C ILE IB 97 4.95 16.33 -153.09
N TYR IB 98 6.00 16.34 -152.26
CA TYR IB 98 5.98 15.51 -151.07
C TYR IB 98 5.10 16.12 -149.98
N ARG IB 99 5.05 17.45 -149.91
CA ARG IB 99 4.26 18.12 -148.89
C ARG IB 99 2.78 18.21 -149.24
N ASP IB 100 2.42 18.20 -150.51
CA ASP IB 100 1.01 18.21 -150.88
C ASP IB 100 0.42 16.81 -150.98
N SER IB 101 1.19 15.79 -150.64
CA SER IB 101 0.71 14.41 -150.70
C SER IB 101 -0.39 14.19 -149.67
N LYS IB 102 -1.38 13.38 -150.07
CA LYS IB 102 -2.57 13.16 -149.25
C LYS IB 102 -2.23 12.46 -147.93
N ARG IB 103 -1.26 11.54 -147.96
CA ARG IB 103 -0.84 10.86 -146.74
C ARG IB 103 -0.19 11.82 -145.76
N LYS IB 104 0.57 12.79 -146.26
CA LYS IB 104 1.10 13.84 -145.41
C LYS IB 104 -0.01 14.71 -144.83
N ILE IB 105 -1.07 14.95 -145.60
CA ILE IB 105 -2.21 15.70 -145.12
C ILE IB 105 -2.90 14.95 -143.96
N ILE IB 106 -3.05 13.64 -144.12
CA ILE IB 106 -3.66 12.83 -143.07
C ILE IB 106 -2.76 12.78 -141.84
N ARG IB 107 -1.44 12.70 -142.05
CA ARG IB 107 -0.50 12.66 -140.93
C ARG IB 107 -0.51 13.97 -140.15
N ASP IB 108 -0.55 15.11 -140.86
CA ASP IB 108 -0.69 16.39 -140.17
C ASP IB 108 -2.05 16.53 -139.51
N LEU IB 109 -3.07 15.94 -140.11
CA LEU IB 109 -4.40 15.96 -139.51
C LEU IB 109 -4.44 15.15 -138.23
N GLN IB 110 -3.67 14.07 -138.17
CA GLN IB 110 -3.55 13.28 -136.95
C GLN IB 110 -2.64 13.96 -135.93
N LYS IB 111 -1.69 14.77 -136.40
CA LYS IB 111 -0.97 15.65 -135.49
C LYS IB 111 -1.92 16.63 -134.83
N GLN IB 112 -2.85 17.18 -135.60
CA GLN IB 112 -3.97 17.88 -135.01
C GLN IB 112 -4.91 16.90 -134.34
N ASP IB 113 -5.86 17.43 -133.57
CA ASP IB 113 -6.79 16.57 -132.86
C ASP IB 113 -8.04 16.31 -133.70
N ILE IB 114 -7.83 15.68 -134.85
CA ILE IB 114 -8.91 15.34 -135.76
C ILE IB 114 -8.82 13.84 -136.03
N GLN IB 115 -9.94 13.14 -135.89
CA GLN IB 115 -9.96 11.70 -136.12
C GLN IB 115 -10.41 11.43 -137.55
N TYR IB 116 -9.65 10.61 -138.27
CA TYR IB 116 -9.96 10.26 -139.65
C TYR IB 116 -10.12 8.76 -139.76
N VAL IB 117 -11.21 8.32 -140.40
CA VAL IB 117 -11.51 6.90 -140.56
C VAL IB 117 -11.79 6.63 -142.03
N GLU IB 118 -11.07 5.66 -142.60
CA GLU IB 118 -11.35 5.16 -143.94
C GLU IB 118 -11.76 3.71 -143.84
N TYR IB 119 -12.87 3.36 -144.47
CA TYR IB 119 -13.38 2.00 -144.40
C TYR IB 119 -14.29 1.74 -145.59
N GLY IB 120 -13.95 0.74 -146.39
CA GLY IB 120 -14.74 0.41 -147.57
C GLY IB 120 -14.66 1.53 -148.60
N ASP IB 121 -15.76 2.25 -148.75
CA ASP IB 121 -15.78 3.47 -149.54
C ASP IB 121 -16.23 4.68 -148.75
N THR IB 122 -16.82 4.49 -147.57
CA THR IB 122 -17.30 5.58 -146.73
C THR IB 122 -16.12 6.11 -145.92
N ARG IB 123 -15.86 7.41 -146.02
CA ARG IB 123 -14.78 8.03 -145.27
C ARG IB 123 -15.35 9.09 -144.35
N THR IB 124 -14.85 9.12 -143.11
CA THR IB 124 -15.46 9.90 -142.05
C THR IB 124 -14.40 10.68 -141.27
N LEU IB 125 -14.85 11.80 -140.70
CA LEU IB 125 -14.05 12.69 -139.88
C LEU IB 125 -14.76 13.00 -138.58
N ILE IB 126 -13.99 13.15 -137.52
CA ILE IB 126 -14.51 13.43 -136.19
C ILE IB 126 -13.79 14.65 -135.62
N ILE IB 127 -14.56 15.63 -135.17
CA ILE IB 127 -14.04 16.88 -134.65
C ILE IB 127 -14.52 17.04 -133.21
N PRO IB 128 -13.65 17.37 -132.26
CA PRO IB 128 -14.10 17.66 -130.90
C PRO IB 128 -14.60 19.10 -130.77
N THR IB 129 -15.83 19.22 -130.27
CA THR IB 129 -16.48 20.51 -130.17
C THR IB 129 -15.83 21.42 -129.13
N ASP IB 130 -15.25 20.83 -128.09
CA ASP IB 130 -14.60 21.61 -127.06
C ASP IB 130 -13.33 22.26 -127.57
N LYS IB 131 -12.62 21.60 -128.48
CA LYS IB 131 -11.44 22.19 -129.08
C LYS IB 131 -11.79 23.13 -130.21
N TYR IB 132 -12.91 22.91 -130.88
CA TYR IB 132 -13.19 23.66 -132.10
C TYR IB 132 -14.38 24.61 -131.96
N PHE IB 133 -14.81 24.92 -130.75
CA PHE IB 133 -15.86 25.88 -130.55
C PHE IB 133 -15.61 26.68 -129.28
N MET IB 134 -16.28 27.83 -129.19
CA MET IB 134 -16.47 28.44 -127.89
C MET IB 134 -17.52 27.66 -127.12
N PHE IB 135 -17.45 27.76 -125.80
CA PHE IB 135 -18.28 26.93 -124.93
C PHE IB 135 -19.74 27.37 -124.99
N SER IB 136 -20.64 26.39 -125.11
CA SER IB 136 -22.09 26.57 -125.06
C SER IB 136 -22.58 27.56 -126.10
N SER IB 137 -21.97 27.54 -127.27
CA SER IB 137 -22.15 28.60 -128.24
C SER IB 137 -21.70 28.11 -129.60
N PRO IB 138 -22.28 28.61 -130.68
CA PRO IB 138 -21.86 28.16 -132.01
C PRO IB 138 -20.66 28.91 -132.57
N ARG IB 139 -19.92 29.62 -131.72
CA ARG IB 139 -18.77 30.39 -132.20
C ARG IB 139 -17.65 29.46 -132.61
N LEU IB 140 -17.16 29.66 -133.83
CA LEU IB 140 -16.02 28.91 -134.31
C LEU IB 140 -14.76 29.41 -133.62
N ASN IB 141 -13.92 28.49 -133.19
CA ASN IB 141 -12.64 28.87 -132.60
C ASN IB 141 -11.73 29.44 -133.68
N GLU IB 142 -10.96 30.45 -133.31
CA GLU IB 142 -10.06 31.13 -134.24
C GLU IB 142 -8.63 30.63 -134.14
N ILE IB 143 -8.40 29.54 -133.41
CA ILE IB 143 -7.05 29.05 -133.21
C ILE IB 143 -6.83 27.86 -134.13
N CYS IB 144 -7.90 27.09 -134.37
CA CYS IB 144 -7.83 25.89 -135.18
C CYS IB 144 -8.05 26.18 -136.68
N TYR IB 145 -7.76 27.41 -137.09
CA TYR IB 145 -7.73 27.73 -138.51
C TYR IB 145 -6.79 26.88 -139.37
N PRO IB 146 -5.59 26.43 -138.94
CA PRO IB 146 -4.86 25.51 -139.83
C PRO IB 146 -5.56 24.17 -139.96
N GLY IB 147 -6.25 23.72 -138.92
CA GLY IB 147 -7.03 22.51 -139.04
C GLY IB 147 -8.18 22.66 -140.03
N LEU IB 148 -8.86 23.81 -140.00
CA LEU IB 148 -9.93 24.04 -140.95
C LEU IB 148 -9.41 24.17 -142.39
N ASN IB 149 -8.25 24.80 -142.54
CA ASN IB 149 -7.61 24.91 -143.85
C ASN IB 149 -7.25 23.54 -144.40
N ASN IB 150 -6.71 22.66 -143.55
CA ASN IB 150 -6.42 21.30 -143.98
C ASN IB 150 -7.70 20.52 -144.26
N VAL IB 151 -8.79 20.84 -143.57
CA VAL IB 151 -10.08 20.20 -143.84
C VAL IB 151 -10.54 20.52 -145.25
N ILE IB 152 -10.44 21.79 -145.65
CA ILE IB 152 -10.82 22.18 -147.01
C ILE IB 152 -9.85 21.59 -148.03
N ARG IB 153 -8.56 21.52 -147.67
CA ARG IB 153 -7.55 20.93 -148.54
C ARG IB 153 -7.83 19.47 -148.82
N LEU IB 154 -8.27 18.72 -147.80
CA LEU IB 154 -8.62 17.33 -148.02
C LEU IB 154 -9.91 17.21 -148.80
N LEU IB 155 -10.93 17.99 -148.43
CA LEU IB 155 -12.25 17.82 -149.02
C LEU IB 155 -12.33 18.33 -150.45
N ASN IB 156 -11.31 19.04 -150.94
CA ASN IB 156 -11.27 19.34 -152.36
C ASN IB 156 -11.10 18.09 -153.23
N PHE IB 157 -10.53 17.02 -152.69
CA PHE IB 157 -10.19 15.83 -153.46
C PHE IB 157 -11.39 15.03 -153.94
N TYR IB 158 -12.59 15.30 -153.42
CA TYR IB 158 -13.77 14.49 -153.73
C TYR IB 158 -14.84 15.40 -154.30
N PRO IB 159 -14.75 15.74 -155.58
CA PRO IB 159 -15.67 16.71 -156.16
C PRO IB 159 -17.01 16.15 -156.59
N GLN IB 160 -17.33 14.90 -156.26
CA GLN IB 160 -18.59 14.32 -156.67
C GLN IB 160 -19.39 13.68 -155.55
N SER IB 161 -18.76 13.28 -154.44
CA SER IB 161 -19.46 12.58 -153.39
C SER IB 161 -20.29 13.54 -152.55
N THR IB 162 -21.44 13.06 -152.09
CA THR IB 162 -22.29 13.85 -151.21
C THR IB 162 -21.70 13.90 -149.81
N ILE IB 163 -22.22 14.84 -149.03
CA ILE IB 163 -21.73 15.11 -147.68
C ILE IB 163 -22.87 14.92 -146.70
N TYR IB 164 -22.64 14.13 -145.65
CA TYR IB 164 -23.50 14.12 -144.49
C TYR IB 164 -22.71 14.69 -143.32
N VAL IB 165 -23.34 15.56 -142.53
CA VAL IB 165 -22.70 16.13 -141.35
C VAL IB 165 -23.67 16.02 -140.19
N ALA IB 166 -23.16 15.61 -139.03
CA ALA IB 166 -24.00 15.37 -137.88
C ALA IB 166 -23.33 15.92 -136.63
N GLY IB 167 -24.17 16.30 -135.67
CA GLY IB 167 -23.71 16.81 -134.40
C GLY IB 167 -24.13 15.89 -133.26
N PHE IB 168 -23.28 15.82 -132.24
CA PHE IB 168 -23.58 15.02 -131.06
C PHE IB 168 -23.11 15.75 -129.82
N THR IB 169 -23.93 15.72 -128.78
CA THR IB 169 -23.56 16.32 -127.51
C THR IB 169 -23.65 15.28 -126.40
N ASP IB 170 -23.45 15.74 -125.17
CA ASP IB 170 -23.43 14.86 -124.01
C ASP IB 170 -24.84 14.57 -123.53
N ASN IB 171 -24.95 13.93 -122.36
CA ASN IB 171 -26.21 13.41 -121.86
C ASN IB 171 -26.96 14.39 -120.99
N VAL IB 172 -26.39 15.52 -120.69
CA VAL IB 172 -26.89 16.38 -119.62
C VAL IB 172 -27.65 17.56 -120.22
N GLY IB 173 -28.68 17.98 -119.51
CA GLY IB 173 -29.49 19.12 -119.92
C GLY IB 173 -30.85 18.69 -120.44
N SER IB 174 -31.63 19.69 -120.85
CA SER IB 174 -32.93 19.45 -121.46
C SER IB 174 -32.76 18.79 -122.81
N ARG IB 175 -33.70 17.89 -123.12
CA ARG IB 175 -33.67 17.14 -124.37
C ARG IB 175 -33.83 18.06 -125.57
N SER IB 176 -34.81 18.97 -125.49
CA SER IB 176 -35.02 19.95 -126.56
C SER IB 176 -33.83 20.87 -126.69
N HIS IB 177 -33.19 21.20 -125.56
CA HIS IB 177 -32.01 22.04 -125.59
C HIS IB 177 -30.85 21.36 -126.30
N LYS IB 178 -30.65 20.06 -126.01
CA LYS IB 178 -29.61 19.30 -126.70
C LYS IB 178 -29.88 19.22 -128.19
N ARG IB 179 -31.15 19.01 -128.56
CA ARG IB 179 -31.50 18.93 -129.98
C ARG IB 179 -31.26 20.26 -130.69
N LYS IB 180 -31.60 21.37 -130.03
CA LYS IB 180 -31.37 22.68 -130.63
C LYS IB 180 -29.89 22.97 -130.79
N LEU IB 181 -29.08 22.63 -129.79
CA LEU IB 181 -27.65 22.87 -129.90
C LEU IB 181 -27.02 22.00 -130.98
N SER IB 182 -27.47 20.75 -131.09
CA SER IB 182 -26.98 19.87 -132.13
C SER IB 182 -27.32 20.40 -133.52
N GLN IB 183 -28.55 20.89 -133.69
CA GLN IB 183 -28.95 21.48 -134.96
C GLN IB 183 -28.14 22.73 -135.26
N ALA IB 184 -27.83 23.51 -134.22
CA ALA IB 184 -27.08 24.74 -134.40
C ALA IB 184 -25.66 24.47 -134.88
N GLN IB 185 -24.96 23.57 -134.19
CA GLN IB 185 -23.59 23.25 -134.58
C GLN IB 185 -23.53 22.58 -135.95
N ALA IB 186 -24.52 21.74 -136.24
CA ALA IB 186 -24.56 21.06 -137.53
C ALA IB 186 -24.76 22.05 -138.67
N GLU IB 187 -25.67 23.01 -138.49
CA GLU IB 187 -25.90 23.99 -139.54
C GLU IB 187 -24.71 24.92 -139.68
N THR IB 188 -24.02 25.20 -138.57
CA THR IB 188 -22.82 26.04 -138.62
C THR IB 188 -21.72 25.39 -139.45
N MET IB 189 -21.46 24.11 -139.21
CA MET IB 189 -20.43 23.42 -139.99
C MET IB 189 -20.86 23.25 -141.44
N MET IB 190 -22.16 23.04 -141.67
CA MET IB 190 -22.67 22.92 -143.03
C MET IB 190 -22.46 24.19 -143.83
N THR IB 191 -22.76 25.35 -143.23
CA THR IB 191 -22.54 26.57 -143.99
C THR IB 191 -21.08 26.96 -144.04
N PHE IB 192 -20.24 26.46 -143.12
CA PHE IB 192 -18.81 26.69 -143.28
C PHE IB 192 -18.27 25.91 -144.46
N LEU IB 193 -18.80 24.71 -144.69
CA LEU IB 193 -18.47 24.00 -145.92
C LEU IB 193 -19.06 24.71 -147.14
N TRP IB 194 -20.24 25.30 -146.99
CA TRP IB 194 -20.89 25.99 -148.11
C TRP IB 194 -20.13 27.23 -148.52
N ALA IB 195 -19.52 27.91 -147.55
CA ALA IB 195 -18.82 29.15 -147.83
C ALA IB 195 -17.52 28.93 -148.57
N ASN IB 196 -16.96 27.73 -148.52
CA ASN IB 196 -15.69 27.47 -149.17
C ASN IB 196 -15.85 27.08 -150.63
N GLY IB 197 -17.06 27.14 -151.17
CA GLY IB 197 -17.22 26.90 -152.59
C GLY IB 197 -17.77 25.53 -152.93
N ILE IB 198 -18.77 25.09 -152.20
CA ILE IB 198 -19.45 23.83 -152.48
C ILE IB 198 -20.93 24.14 -152.69
N ALA IB 199 -21.49 23.62 -153.78
CA ALA IB 199 -22.90 23.86 -154.10
C ALA IB 199 -23.82 23.18 -153.09
N ALA IB 200 -24.91 23.87 -152.77
CA ALA IB 200 -25.79 23.51 -151.65
C ALA IB 200 -26.55 22.21 -151.87
N LYS IB 201 -26.54 21.65 -153.07
CA LYS IB 201 -27.18 20.36 -153.28
C LYS IB 201 -26.36 19.21 -152.73
N ARG IB 202 -25.10 19.44 -152.37
CA ARG IB 202 -24.22 18.40 -151.90
C ARG IB 202 -24.22 18.28 -150.38
N LEU IB 203 -25.06 19.03 -149.68
CA LEU IB 203 -24.98 19.12 -148.24
C LEU IB 203 -26.25 18.60 -147.58
N LYS IB 204 -26.08 18.06 -146.38
CA LYS IB 204 -27.21 17.52 -145.61
C LYS IB 204 -26.80 17.54 -144.14
N ALA IB 205 -27.43 18.41 -143.36
CA ALA IB 205 -27.02 18.67 -141.99
C ALA IB 205 -28.01 18.06 -141.01
N GLU IB 206 -27.49 17.41 -139.97
CA GLU IB 206 -28.34 16.82 -138.96
C GLU IB 206 -27.60 16.78 -137.63
N GLY IB 207 -28.37 16.87 -136.56
CA GLY IB 207 -27.78 16.82 -135.24
C GLY IB 207 -28.66 16.11 -134.25
N TYR IB 208 -28.09 15.16 -133.51
CA TYR IB 208 -28.80 14.46 -132.47
C TYR IB 208 -28.15 14.78 -131.14
N GLY IB 209 -28.85 14.44 -130.07
CA GLY IB 209 -28.35 14.77 -128.75
C GLY IB 209 -27.48 13.64 -128.22
N ASP IB 210 -27.98 12.97 -127.18
CA ASP IB 210 -27.32 11.81 -126.60
C ASP IB 210 -27.85 10.51 -127.18
N LYS IB 211 -28.28 10.54 -128.44
CA LYS IB 211 -29.07 9.45 -128.98
C LYS IB 211 -28.23 8.26 -129.44
N ASN IB 212 -26.93 8.42 -129.58
CA ASN IB 212 -26.05 7.30 -129.93
C ASN IB 212 -24.67 7.62 -129.39
N ALA IB 213 -24.34 7.03 -128.25
CA ALA IB 213 -23.12 7.39 -127.54
C ALA IB 213 -21.92 6.61 -128.08
N ILE IB 214 -20.77 7.26 -128.05
CA ILE IB 214 -19.50 6.61 -128.32
C ILE IB 214 -18.94 5.99 -127.06
N SER IB 215 -19.02 6.71 -125.97
CA SER IB 215 -18.49 6.29 -124.68
C SER IB 215 -19.59 6.40 -123.62
N ASP IB 216 -19.21 6.24 -122.36
CA ASP IB 216 -20.15 6.31 -121.26
C ASP IB 216 -20.08 7.69 -120.60
N ASN IB 217 -21.25 8.28 -120.33
CA ASN IB 217 -21.28 9.60 -119.73
C ASN IB 217 -21.03 9.59 -118.23
N ALA IB 218 -21.12 8.44 -117.57
CA ALA IB 218 -20.86 8.38 -116.14
C ALA IB 218 -19.38 8.54 -115.83
N ILE IB 219 -18.50 8.27 -116.79
CA ILE IB 219 -17.09 8.56 -116.67
C ILE IB 219 -16.82 9.89 -117.37
N ILE IB 220 -16.05 10.76 -116.71
CA ILE IB 220 -15.86 12.13 -117.17
C ILE IB 220 -15.07 12.16 -118.48
N HIS IB 221 -14.03 11.34 -118.59
CA HIS IB 221 -13.23 11.32 -119.81
C HIS IB 221 -14.03 10.77 -120.99
N GLY IB 222 -14.85 9.76 -120.74
CA GLY IB 222 -15.73 9.26 -121.79
C GLY IB 222 -16.80 10.26 -122.19
N SER IB 223 -17.33 11.01 -121.22
CA SER IB 223 -18.29 12.05 -121.54
C SER IB 223 -17.66 13.17 -122.35
N ALA IB 224 -16.39 13.45 -122.08
CA ALA IB 224 -15.65 14.37 -122.93
C ALA IB 224 -15.46 13.80 -124.33
N GLN IB 225 -15.25 12.49 -124.42
CA GLN IB 225 -15.13 11.84 -125.73
C GLN IB 225 -16.43 11.88 -126.51
N ASN IB 226 -17.57 11.91 -125.80
CA ASN IB 226 -18.87 11.71 -126.43
C ASN IB 226 -19.25 12.86 -127.36
N ARG IB 227 -19.13 14.10 -126.90
CA ARG IB 227 -19.60 15.24 -127.68
C ARG IB 227 -18.66 15.52 -128.84
N ARG IB 228 -19.22 15.60 -130.04
CA ARG IB 228 -18.41 15.47 -131.24
C ARG IB 228 -19.19 16.00 -132.45
N ILE IB 229 -18.45 16.18 -133.54
CA ILE IB 229 -19.04 16.48 -134.84
C ILE IB 229 -18.56 15.41 -135.82
N GLU IB 230 -19.51 14.77 -136.49
CA GLU IB 230 -19.26 13.69 -137.43
C GLU IB 230 -19.44 14.20 -138.84
N ILE IB 231 -18.53 13.80 -139.72
CA ILE IB 231 -18.63 14.09 -141.15
C ILE IB 231 -18.47 12.79 -141.92
N GLN IB 232 -19.49 12.43 -142.69
CA GLN IB 232 -19.45 11.25 -143.55
C GLN IB 232 -19.47 11.69 -145.00
N TRP IB 233 -18.69 11.00 -145.84
CA TRP IB 233 -18.90 11.17 -147.27
C TRP IB 233 -18.66 9.86 -147.99
N PHE IB 234 -19.40 9.69 -149.08
CA PHE IB 234 -19.38 8.49 -149.90
C PHE IB 234 -18.22 8.55 -150.87
N THR IB 235 -18.24 7.70 -151.88
CA THR IB 235 -17.30 7.81 -152.98
C THR IB 235 -18.00 7.87 -154.33
N SER IB 236 -19.10 7.13 -154.50
CA SER IB 236 -19.83 7.15 -155.74
C SER IB 236 -21.33 7.19 -155.49
N LEU JB 113 -55.10 30.17 -179.62
CA LEU JB 113 -55.31 30.63 -178.25
C LEU JB 113 -54.28 30.02 -177.30
N ASN JB 114 -53.22 29.44 -177.86
CA ASN JB 114 -52.19 28.78 -177.07
C ASN JB 114 -50.77 29.20 -177.43
N ARG JB 115 -50.54 29.81 -178.59
CA ARG JB 115 -49.22 30.22 -179.00
C ARG JB 115 -49.27 31.70 -179.40
N PHE JB 116 -48.28 32.47 -178.98
CA PHE JB 116 -48.27 33.90 -179.30
C PHE JB 116 -46.84 34.40 -179.40
N ARG JB 117 -46.51 34.98 -180.55
CA ARG JB 117 -45.26 35.72 -180.72
C ARG JB 117 -45.59 37.06 -181.36
N TYR JB 118 -45.24 38.15 -180.68
CA TYR JB 118 -45.51 39.49 -181.21
C TYR JB 118 -44.24 40.31 -181.20
N GLU JB 119 -43.90 40.86 -182.37
CA GLU JB 119 -42.68 41.64 -182.57
C GLU JB 119 -43.01 42.84 -183.45
N GLY JB 120 -42.31 43.94 -183.24
CA GLY JB 120 -42.39 45.04 -184.17
C GLY JB 120 -43.44 46.09 -183.89
N ALA JB 121 -43.40 46.65 -182.68
CA ALA JB 121 -44.19 47.83 -182.27
C ALA JB 121 -45.69 47.58 -182.36
N GLY JB 122 -46.17 46.64 -181.56
CA GLY JB 122 -47.58 46.35 -181.46
C GLY JB 122 -48.06 46.53 -180.04
N VAL JB 123 -49.24 47.15 -179.91
CA VAL JB 123 -49.86 47.41 -178.61
C VAL JB 123 -51.11 46.55 -178.52
N VAL JB 124 -51.09 45.56 -177.63
CA VAL JB 124 -52.16 44.60 -177.48
C VAL JB 124 -52.74 44.73 -176.09
N THR JB 125 -54.07 44.87 -176.00
CA THR JB 125 -54.77 44.90 -174.72
C THR JB 125 -55.89 43.88 -174.78
N GLY JB 126 -55.88 42.95 -173.83
CA GLY JB 126 -56.90 41.91 -173.78
C GLY JB 126 -57.22 41.57 -172.34
N ASN JB 127 -58.40 40.98 -172.15
CA ASN JB 127 -58.85 40.64 -170.81
C ASN JB 127 -59.85 39.49 -170.89
N ASN JB 128 -60.05 38.85 -169.73
CA ASN JB 128 -61.02 37.77 -169.52
C ASN JB 128 -60.75 36.57 -170.43
N LEU JB 129 -59.47 36.27 -170.65
CA LEU JB 129 -59.10 35.12 -171.44
C LEU JB 129 -58.81 33.93 -170.52
N ARG JB 130 -59.12 32.74 -171.00
CA ARG JB 130 -58.93 31.52 -170.24
C ARG JB 130 -58.07 30.55 -171.04
N THR JB 131 -57.18 29.84 -170.33
CA THR JB 131 -56.36 28.79 -170.94
C THR JB 131 -55.93 27.83 -169.84
N SER JB 132 -55.41 26.69 -170.26
CA SER JB 132 -54.65 25.82 -169.37
C SER JB 132 -53.18 26.19 -169.41
N TYR JB 133 -52.65 26.41 -170.62
CA TYR JB 133 -51.29 26.87 -170.80
C TYR JB 133 -51.20 27.56 -172.16
N LEU JB 134 -50.49 28.67 -172.21
CA LEU JB 134 -50.11 29.28 -173.47
C LEU JB 134 -48.69 29.83 -173.36
N ASP JB 135 -48.05 29.97 -174.51
CA ASP JB 135 -46.65 30.39 -174.59
C ASP JB 135 -46.58 31.77 -175.25
N LEU JB 136 -45.69 32.62 -174.72
CA LEU JB 136 -45.61 34.01 -175.16
C LEU JB 136 -44.17 34.39 -175.47
N TYR JB 137 -43.99 35.08 -176.59
CA TYR JB 137 -42.68 35.59 -176.99
C TYR JB 137 -42.88 37.01 -177.51
N LEU JB 138 -42.38 37.99 -176.76
CA LEU JB 138 -42.66 39.38 -177.00
C LEU JB 138 -41.39 40.16 -177.30
N ALA JB 139 -41.52 41.15 -178.19
CA ALA JB 139 -40.42 42.02 -178.53
C ALA JB 139 -40.93 43.37 -179.00
N ASN JB 140 -40.05 44.36 -178.96
CA ASN JB 140 -40.19 45.68 -179.60
C ASN JB 140 -41.43 46.43 -179.09
N GLU JB 141 -41.38 46.80 -177.80
CA GLU JB 141 -42.35 47.69 -177.15
C GLU JB 141 -43.76 47.10 -177.22
N GLY JB 142 -43.94 46.00 -176.50
CA GLY JB 142 -45.26 45.47 -176.33
C GLY JB 142 -45.94 46.06 -175.11
N THR JB 143 -46.74 47.10 -175.32
CA THR JB 143 -47.44 47.75 -174.22
C THR JB 143 -48.67 46.93 -173.92
N THR JB 144 -48.51 45.93 -173.06
CA THR JB 144 -49.46 44.82 -172.92
C THR JB 144 -50.18 44.92 -171.58
N ARG JB 145 -51.51 44.95 -171.62
CA ARG JB 145 -52.35 44.88 -170.44
C ARG JB 145 -53.17 43.60 -170.52
N LEU JB 146 -53.05 42.75 -169.50
CA LEU JB 146 -53.76 41.49 -169.46
C LEU JB 146 -54.50 41.38 -168.13
N ALA JB 147 -55.78 41.05 -168.20
CA ALA JB 147 -56.65 40.98 -167.02
C ALA JB 147 -57.50 39.71 -167.05
N GLY JB 148 -56.88 38.57 -167.33
CA GLY JB 148 -57.56 37.30 -167.34
C GLY JB 148 -56.79 36.25 -166.55
N ASN JB 149 -57.45 35.11 -166.36
CA ASN JB 149 -56.85 33.98 -165.64
C ASN JB 149 -56.16 33.08 -166.67
N ILE JB 150 -54.85 33.28 -166.83
CA ILE JB 150 -54.08 32.62 -167.89
C ILE JB 150 -52.94 31.86 -167.24
N GLY JB 151 -52.84 30.56 -167.52
CA GLY JB 151 -51.68 29.78 -167.14
C GLY JB 151 -50.63 29.83 -168.23
N LEU JB 152 -49.37 29.82 -167.81
CA LEU JB 152 -48.25 29.94 -168.74
C LEU JB 152 -46.99 29.44 -168.06
N GLN JB 153 -46.03 29.09 -168.87
CA GLN JB 153 -44.72 28.67 -168.38
C GLN JB 153 -43.59 29.45 -169.02
N LYS JB 154 -43.69 29.76 -170.30
CA LYS JB 154 -42.65 30.47 -171.03
C LYS JB 154 -43.21 31.79 -171.53
N LEU JB 155 -42.71 32.89 -170.98
CA LEU JB 155 -42.95 34.23 -171.48
C LEU JB 155 -41.59 34.87 -171.66
N GLU JB 156 -41.16 35.00 -172.92
CA GLU JB 156 -39.80 35.42 -173.24
C GLU JB 156 -39.86 36.75 -173.96
N ALA JB 157 -39.40 37.81 -173.29
CA ALA JB 157 -39.42 39.16 -173.84
C ALA JB 157 -38.00 39.62 -174.12
N VAL JB 158 -37.85 40.41 -175.18
CA VAL JB 158 -36.54 40.97 -175.49
C VAL JB 158 -36.21 42.09 -174.52
N GLY JB 159 -37.09 43.07 -174.39
CA GLY JB 159 -36.86 44.18 -173.49
C GLY JB 159 -37.41 45.46 -174.07
N ASN JB 160 -37.08 46.56 -173.38
CA ASN JB 160 -37.47 47.94 -173.75
C ASN JB 160 -38.98 48.09 -173.85
N GLY JB 161 -39.71 47.45 -172.94
CA GLY JB 161 -41.16 47.51 -172.96
C GLY JB 161 -41.71 47.52 -171.55
N VAL JB 162 -43.02 47.74 -171.46
CA VAL JB 162 -43.75 47.76 -170.20
C VAL JB 162 -44.94 46.81 -170.29
N THR JB 163 -45.13 46.00 -169.26
CA THR JB 163 -46.20 45.00 -169.29
C THR JB 163 -46.73 44.77 -167.89
N GLN JB 164 -48.06 44.86 -167.74
CA GLN JB 164 -48.76 44.45 -166.54
C GLN JB 164 -49.60 43.22 -166.85
N ILE JB 165 -49.40 42.15 -166.09
CA ILE JB 165 -50.20 40.94 -166.22
C ILE JB 165 -50.92 40.71 -164.90
N ASN JB 166 -52.23 40.51 -164.96
CA ASN JB 166 -53.06 40.39 -163.77
C ASN JB 166 -53.74 39.02 -163.77
N GLY JB 167 -53.26 38.13 -162.92
CA GLY JB 167 -53.86 36.82 -162.73
C GLY JB 167 -53.13 35.73 -163.48
N VAL JB 168 -52.25 35.00 -162.79
CA VAL JB 168 -51.48 33.91 -163.39
C VAL JB 168 -51.53 32.73 -162.42
N SER JB 169 -51.96 31.57 -162.90
CA SER JB 169 -51.98 30.35 -162.11
C SER JB 169 -51.30 29.25 -162.91
N SER JB 170 -50.15 28.79 -162.43
CA SER JB 170 -49.41 27.75 -163.12
C SER JB 170 -48.61 26.93 -162.13
N ARG JB 171 -48.34 25.68 -162.51
CA ARG JB 171 -47.50 24.82 -161.69
C ARG JB 171 -46.02 25.06 -161.94
N ASN JB 172 -45.67 25.74 -163.03
CA ASN JB 172 -44.28 26.02 -163.32
C ASN JB 172 -44.21 27.29 -164.14
N LEU JB 173 -43.03 27.91 -164.14
CA LEU JB 173 -42.79 29.11 -164.92
C LEU JB 173 -41.29 29.21 -165.15
N GLN JB 174 -40.91 29.66 -166.34
CA GLN JB 174 -39.50 29.82 -166.68
C GLN JB 174 -39.36 31.08 -167.52
N ILE JB 175 -38.80 32.13 -166.95
CA ILE JB 175 -38.64 33.43 -167.60
C ILE JB 175 -37.16 33.76 -167.64
N VAL JB 176 -36.69 34.24 -168.79
CA VAL JB 176 -35.34 34.76 -168.90
C VAL JB 176 -35.34 35.88 -169.93
N LEU JB 177 -34.84 37.04 -169.52
CA LEU JB 177 -34.80 38.23 -170.37
C LEU JB 177 -33.36 38.63 -170.60
N LYS JB 178 -33.16 39.50 -171.58
CA LYS JB 178 -31.81 39.92 -171.96
C LYS JB 178 -31.63 41.43 -171.98
N GLY JB 179 -32.66 42.19 -172.38
CA GLY JB 179 -32.51 43.61 -172.53
C GLY JB 179 -32.86 44.40 -171.28
N ASP JB 180 -33.74 45.39 -171.44
CA ASP JB 180 -34.19 46.24 -170.33
C ASP JB 180 -35.71 46.26 -170.30
N PRO JB 181 -36.35 45.20 -169.81
CA PRO JB 181 -37.81 45.17 -169.77
C PRO JB 181 -38.34 45.72 -168.45
N LYS JB 182 -39.65 45.92 -168.43
CA LYS JB 182 -40.35 46.41 -167.25
C LYS JB 182 -41.66 45.63 -167.15
N VAL JB 183 -41.81 44.86 -166.08
CA VAL JB 183 -42.93 43.94 -165.95
C VAL JB 183 -43.44 43.95 -164.52
N LEU JB 184 -44.76 43.84 -164.37
CA LEU JB 184 -45.37 43.54 -163.09
C LEU JB 184 -46.36 42.39 -163.28
N ILE JB 185 -46.33 41.45 -162.35
CA ILE JB 185 -47.05 40.19 -162.52
C ILE JB 185 -47.85 39.90 -161.25
N SER JB 186 -49.14 39.62 -161.41
CA SER JB 186 -50.02 39.21 -160.34
C SER JB 186 -50.49 37.78 -160.55
N GLY JB 187 -50.60 37.02 -159.46
CA GLY JB 187 -51.07 35.65 -159.51
C GLY JB 187 -50.28 34.79 -158.54
N PHE JB 188 -50.46 33.47 -158.67
CA PHE JB 188 -49.81 32.49 -157.82
C PHE JB 188 -48.95 31.59 -158.69
N VAL JB 189 -47.63 31.63 -158.48
CA VAL JB 189 -46.67 30.99 -159.37
C VAL JB 189 -45.69 30.17 -158.54
N ASN JB 190 -45.50 28.91 -158.94
CA ASN JB 190 -44.42 28.08 -158.40
C ASN JB 190 -43.19 28.27 -159.27
N LEU JB 191 -42.50 29.38 -159.05
CA LEU JB 191 -41.31 29.69 -159.83
C LEU JB 191 -40.13 28.81 -159.41
N ARG JB 192 -39.24 28.54 -160.36
CA ARG JB 192 -38.10 27.68 -160.12
C ARG JB 192 -36.77 28.40 -160.24
N GLN JB 193 -36.51 29.01 -161.39
CA GLN JB 193 -35.21 29.59 -161.68
C GLN JB 193 -35.39 30.93 -162.35
N LEU JB 194 -34.50 31.86 -162.04
CA LEU JB 194 -34.55 33.18 -162.66
C LEU JB 194 -33.13 33.70 -162.85
N ASP JB 195 -32.86 34.20 -164.06
CA ASP JB 195 -31.54 34.67 -164.44
C ASP JB 195 -31.68 36.04 -165.08
N MET JB 196 -30.89 37.00 -164.62
CA MET JB 196 -30.98 38.38 -165.06
C MET JB 196 -29.61 38.85 -165.51
N TYR JB 197 -29.56 39.47 -166.68
CA TYR JB 197 -28.28 39.83 -167.30
C TYR JB 197 -28.24 41.27 -167.79
N GLY JB 198 -29.38 41.85 -168.10
CA GLY JB 198 -29.37 43.19 -168.66
C GLY JB 198 -29.66 44.27 -167.66
N LYS JB 199 -30.77 44.98 -167.87
CA LYS JB 199 -31.22 46.05 -167.00
C LYS JB 199 -32.63 45.73 -166.53
N GLY JB 200 -32.80 44.51 -166.02
CA GLY JB 200 -34.12 44.00 -165.73
C GLY JB 200 -34.70 44.56 -164.44
N THR JB 201 -35.98 44.91 -164.50
CA THR JB 201 -36.76 45.34 -163.35
C THR JB 201 -37.99 44.46 -163.28
N LEU JB 202 -38.24 43.87 -162.12
CA LEU JB 202 -39.33 42.92 -162.01
C LEU JB 202 -40.01 43.03 -160.66
N SER JB 203 -41.34 42.96 -160.70
CA SER JB 203 -42.16 42.96 -159.49
C SER JB 203 -43.23 41.88 -159.63
N LEU JB 204 -43.34 41.04 -158.61
CA LEU JB 204 -44.30 39.94 -158.60
C LEU JB 204 -45.07 39.98 -157.28
N TYR JB 205 -46.36 39.68 -157.37
CA TYR JB 205 -47.22 39.79 -156.19
C TYR JB 205 -47.01 38.62 -155.24
N TRP JB 206 -47.36 37.40 -155.68
CA TRP JB 206 -47.34 36.26 -154.79
C TRP JB 206 -46.66 35.08 -155.47
N ILE JB 207 -45.81 34.39 -154.71
CA ILE JB 207 -45.21 33.15 -155.17
C ILE JB 207 -45.25 32.13 -154.05
N LYS JB 208 -45.68 30.92 -154.36
CA LYS JB 208 -45.74 29.82 -153.39
C LYS JB 208 -45.03 28.64 -154.06
N SER JB 209 -43.72 28.58 -153.89
CA SER JB 209 -42.92 27.56 -154.54
C SER JB 209 -42.10 26.78 -153.53
N ASP JB 210 -41.18 25.97 -154.03
CA ASP JB 210 -40.30 25.17 -153.20
C ASP JB 210 -38.86 25.67 -153.25
N THR JB 211 -38.29 25.76 -154.44
CA THR JB 211 -36.89 26.10 -154.62
C THR JB 211 -36.78 27.22 -155.63
N LEU JB 212 -36.07 28.29 -155.26
CA LEU JB 212 -35.77 29.37 -156.19
C LEU JB 212 -34.27 29.49 -156.34
N THR JB 213 -33.83 29.58 -157.59
CA THR JB 213 -32.41 29.74 -157.89
C THR JB 213 -32.24 31.00 -158.73
N ILE JB 214 -31.52 31.98 -158.18
CA ILE JB 214 -31.44 33.30 -158.76
C ILE JB 214 -30.00 33.57 -159.18
N ARG JB 215 -29.81 34.03 -160.41
CA ARG JB 215 -28.49 34.33 -160.96
C ARG JB 215 -28.53 35.75 -161.53
N ALA JB 216 -28.01 36.73 -160.80
CA ALA JB 216 -28.08 38.13 -161.24
C ALA JB 216 -26.69 38.64 -161.56
N LYS JB 217 -26.53 39.21 -162.76
CA LYS JB 217 -25.21 39.55 -163.27
C LYS JB 217 -24.92 41.05 -163.27
N LYS JB 218 -25.72 41.85 -163.97
CA LYS JB 218 -25.30 43.21 -164.26
C LYS JB 218 -26.22 44.28 -163.68
N ALA JB 219 -27.49 44.31 -164.07
CA ALA JB 219 -28.38 45.35 -163.56
C ALA JB 219 -29.75 44.71 -163.34
N ALA JB 220 -30.09 44.47 -162.08
CA ALA JB 220 -31.30 43.74 -161.76
C ALA JB 220 -31.98 44.38 -160.56
N LYS JB 221 -33.30 44.43 -160.62
CA LYS JB 221 -34.13 44.84 -159.50
C LYS JB 221 -35.24 43.80 -159.36
N ILE JB 222 -35.32 43.16 -158.21
CA ILE JB 222 -36.28 42.08 -158.02
C ILE JB 222 -37.10 42.34 -156.77
N GLN JB 223 -38.42 42.43 -156.93
CA GLN JB 223 -39.35 42.61 -155.82
C GLN JB 223 -40.34 41.45 -155.80
N LEU JB 224 -40.41 40.75 -154.66
CA LEU JB 224 -41.22 39.54 -154.52
C LEU JB 224 -41.89 39.51 -153.16
N ALA JB 225 -42.85 38.58 -153.02
CA ALA JB 225 -43.52 38.29 -151.76
C ALA JB 225 -44.12 36.89 -151.82
N GLY JB 226 -44.02 36.15 -150.72
CA GLY JB 226 -44.61 34.83 -150.64
C GLY JB 226 -43.81 33.92 -149.73
N ILE JB 227 -44.12 32.63 -149.79
CA ILE JB 227 -43.53 31.60 -148.94
C ILE JB 227 -42.84 30.56 -149.82
N VAL JB 228 -41.52 30.43 -149.69
CA VAL JB 228 -40.73 29.47 -150.44
C VAL JB 228 -39.73 28.84 -149.48
N ASN JB 229 -39.63 27.50 -149.51
CA ASN JB 229 -38.73 26.80 -148.58
C ASN JB 229 -37.27 27.14 -148.83
N ARG JB 230 -36.82 26.99 -150.08
CA ARG JB 230 -35.40 27.04 -150.41
C ARG JB 230 -35.12 28.22 -151.31
N LEU JB 231 -34.18 29.07 -150.90
CA LEU JB 231 -33.78 30.21 -151.70
C LEU JB 231 -32.28 30.20 -151.88
N ASP JB 232 -31.84 30.32 -153.13
CA ASP JB 232 -30.43 30.43 -153.47
C ASP JB 232 -30.24 31.67 -154.33
N VAL JB 233 -29.29 32.51 -153.95
CA VAL JB 233 -29.04 33.76 -154.68
C VAL JB 233 -27.55 33.88 -154.97
N GLU JB 234 -27.20 34.00 -156.25
CA GLU JB 234 -25.89 34.45 -156.69
C GLU JB 234 -26.03 35.87 -157.21
N LEU JB 235 -25.26 36.79 -156.62
CA LEU JB 235 -25.31 38.20 -156.94
C LEU JB 235 -23.94 38.66 -157.38
N TRP JB 236 -23.85 39.26 -158.56
CA TRP JB 236 -22.53 39.66 -159.04
C TRP JB 236 -22.20 41.11 -158.70
N ASP JB 237 -22.95 42.06 -159.26
CA ASP JB 237 -22.65 43.47 -159.11
C ASP JB 237 -23.85 44.28 -159.55
N PHE JB 238 -24.13 45.36 -158.81
CA PHE JB 238 -25.20 46.32 -159.10
C PHE JB 238 -26.55 45.65 -159.20
N ALA JB 239 -26.78 44.67 -158.34
CA ALA JB 239 -28.02 43.92 -158.33
C ALA JB 239 -28.72 44.16 -157.01
N GLN JB 240 -30.00 44.51 -157.09
CA GLN JB 240 -30.79 44.92 -155.94
C GLN JB 240 -31.92 43.93 -155.76
N PHE JB 241 -31.85 43.14 -154.71
CA PHE JB 241 -32.84 42.11 -154.44
C PHE JB 241 -33.63 42.51 -153.20
N LYS JB 242 -34.82 43.08 -153.43
CA LYS JB 242 -35.74 43.41 -152.35
C LYS JB 242 -36.53 42.16 -152.03
N GLY JB 243 -35.86 41.22 -151.36
CA GLY JB 243 -36.49 40.00 -150.90
C GLY JB 243 -37.22 40.16 -149.59
N LYS JB 244 -37.38 41.39 -149.12
CA LYS JB 244 -38.22 41.68 -147.97
C LYS JB 244 -39.68 41.36 -148.31
N TYR JB 245 -40.49 41.25 -147.24
CA TYR JB 245 -41.88 40.82 -147.28
C TYR JB 245 -42.05 39.45 -147.93
N LEU JB 246 -41.04 38.58 -147.82
CA LEU JB 246 -41.10 37.23 -148.35
C LEU JB 246 -40.39 36.32 -147.36
N ARG JB 247 -41.13 35.42 -146.74
CA ARG JB 247 -40.58 34.59 -145.67
C ARG JB 247 -40.11 33.27 -146.25
N ALA JB 248 -38.93 32.83 -145.80
CA ALA JB 248 -38.28 31.65 -146.34
C ALA JB 248 -37.70 30.80 -145.23
N GLN JB 249 -37.56 29.51 -145.51
CA GLN JB 249 -37.05 28.56 -144.52
C GLN JB 249 -35.53 28.45 -144.58
N ARG JB 250 -35.00 28.05 -145.73
CA ARG JB 250 -33.57 27.97 -145.95
C ARG JB 250 -33.16 29.06 -146.92
N SER JB 251 -32.17 29.86 -146.54
CA SER JB 251 -31.70 30.94 -147.38
C SER JB 251 -30.20 30.87 -147.55
N PHE JB 252 -29.75 30.97 -148.80
CA PHE JB 252 -28.33 30.96 -149.13
C PHE JB 252 -28.04 32.16 -150.01
N VAL JB 253 -27.15 33.03 -149.56
CA VAL JB 253 -26.84 34.29 -150.23
C VAL JB 253 -25.35 34.32 -150.51
N LYS JB 254 -24.98 34.57 -151.77
CA LYS JB 254 -23.58 34.70 -152.14
C LYS JB 254 -23.42 35.94 -153.00
N THR JB 255 -22.78 36.98 -152.44
CA THR JB 255 -22.68 38.27 -153.10
C THR JB 255 -21.23 38.63 -153.38
N HIS JB 256 -20.97 39.06 -154.60
CA HIS JB 256 -19.69 39.63 -154.97
C HIS JB 256 -19.77 41.15 -154.83
N ASP JB 257 -18.84 41.87 -155.46
CA ASP JB 257 -18.64 43.29 -155.20
C ASP JB 257 -19.80 44.15 -155.66
N LYS JB 258 -20.21 45.07 -154.78
CA LYS JB 258 -21.21 46.13 -155.04
C LYS JB 258 -22.56 45.53 -155.44
N SER JB 259 -23.17 44.84 -154.46
CA SER JB 259 -24.49 44.29 -154.64
C SER JB 259 -25.29 44.50 -153.36
N VAL JB 260 -26.60 44.67 -153.50
CA VAL JB 260 -27.48 45.01 -152.40
C VAL JB 260 -28.59 43.97 -152.32
N ALA JB 261 -28.70 43.31 -151.16
CA ALA JB 261 -29.76 42.34 -150.98
C ALA JB 261 -30.34 42.48 -149.58
N GLU JB 262 -31.66 42.39 -149.49
CA GLU JB 262 -32.33 42.38 -148.20
C GLU JB 262 -33.25 41.17 -148.14
N ILE JB 263 -33.07 40.36 -147.10
CA ILE JB 263 -33.74 39.07 -146.97
C ILE JB 263 -34.58 39.06 -145.70
N SER JB 264 -35.43 38.05 -145.61
CA SER JB 264 -36.34 37.86 -144.49
C SER JB 264 -36.32 36.39 -144.06
N ALA JB 265 -35.13 35.86 -143.84
CA ALA JB 265 -34.97 34.47 -143.42
C ALA JB 265 -35.59 34.24 -142.04
N VAL JB 266 -36.29 33.12 -141.91
CA VAL JB 266 -37.07 32.82 -140.72
C VAL JB 266 -36.33 31.85 -139.80
N ASN JB 267 -35.81 30.77 -140.37
CA ASN JB 267 -35.16 29.74 -139.55
C ASN JB 267 -33.69 29.61 -139.84
N HIS JB 268 -33.30 29.48 -141.11
CA HIS JB 268 -31.97 29.02 -141.46
C HIS JB 268 -31.38 29.94 -142.50
N GLN JB 269 -30.29 30.61 -142.12
CA GLN JB 269 -29.71 31.68 -142.92
C GLN JB 269 -28.21 31.48 -143.07
N SER JB 270 -27.75 31.45 -144.31
CA SER JB 270 -26.33 31.36 -144.62
C SER JB 270 -25.99 32.44 -145.63
N SER JB 271 -25.00 33.27 -145.30
CA SER JB 271 -24.67 34.39 -146.17
C SER JB 271 -23.18 34.61 -146.26
N LEU JB 272 -22.71 34.90 -147.47
CA LEU JB 272 -21.31 35.21 -147.73
C LEU JB 272 -21.22 36.43 -148.64
N ALA JB 273 -20.35 37.36 -148.28
CA ALA JB 273 -20.12 38.57 -149.06
C ALA JB 273 -18.63 38.73 -149.30
N THR JB 274 -18.26 39.16 -150.51
CA THR JB 274 -16.84 39.38 -150.78
C THR JB 274 -16.38 40.75 -150.29
N ASP JB 275 -16.94 41.82 -150.85
CA ASP JB 275 -16.49 43.17 -150.57
C ASP JB 275 -17.55 44.15 -151.04
N ALA JB 276 -17.70 45.25 -150.31
CA ALA JB 276 -18.48 46.43 -150.70
C ALA JB 276 -19.94 46.11 -151.01
N SER JB 277 -20.47 45.05 -150.41
CA SER JB 277 -21.82 44.60 -150.68
C SER JB 277 -22.58 44.59 -149.37
N ASP JB 278 -23.89 44.77 -149.48
CA ASP JB 278 -24.74 44.94 -148.31
C ASP JB 278 -25.75 43.81 -148.22
N ILE JB 279 -25.78 43.15 -147.07
CA ILE JB 279 -26.71 42.08 -146.79
C ILE JB 279 -27.51 42.52 -145.57
N TYR JB 280 -28.78 42.80 -145.78
CA TYR JB 280 -29.65 43.22 -144.71
C TYR JB 280 -30.63 42.10 -144.39
N TYR JB 281 -30.83 41.83 -143.11
CA TYR JB 281 -31.74 40.76 -142.70
C TYR JB 281 -32.81 41.35 -141.80
N TYR JB 282 -34.07 41.16 -142.17
CA TYR JB 282 -35.17 41.84 -141.50
C TYR JB 282 -35.99 40.92 -140.62
N ASN JB 283 -35.52 39.71 -140.36
CA ASN JB 283 -36.25 38.80 -139.51
C ASN JB 283 -35.27 38.07 -138.61
N LEU JB 284 -35.69 37.86 -137.37
CA LEU JB 284 -34.84 37.23 -136.38
C LEU JB 284 -34.80 35.74 -136.65
N SER JB 285 -33.78 35.29 -137.37
CA SER JB 285 -33.66 33.88 -137.69
C SER JB 285 -33.19 33.09 -136.48
N LYS JB 286 -33.70 31.86 -136.37
CA LYS JB 286 -33.27 30.99 -135.28
C LYS JB 286 -31.84 30.52 -135.47
N THR JB 287 -31.44 30.24 -136.71
CA THR JB 287 -30.08 29.80 -137.01
C THR JB 287 -29.50 30.69 -138.08
N ARG JB 288 -28.41 31.38 -137.74
CA ARG JB 288 -27.85 32.44 -138.57
C ARG JB 288 -26.35 32.25 -138.69
N ALA JB 289 -25.81 32.44 -139.90
CA ALA JB 289 -24.37 32.47 -140.08
C ALA JB 289 -24.02 33.39 -141.23
N ASP JB 290 -23.15 34.36 -140.96
CA ASP JB 290 -22.81 35.42 -141.89
C ASP JB 290 -21.30 35.56 -141.97
N PHE JB 291 -20.78 35.70 -143.18
CA PHE JB 291 -19.33 35.82 -143.37
C PHE JB 291 -19.02 36.82 -144.47
N MET JB 292 -17.97 37.61 -144.23
CA MET JB 292 -17.47 38.59 -145.19
C MET JB 292 -16.03 38.25 -145.52
N ALA JB 293 -15.56 38.77 -146.66
CA ALA JB 293 -14.20 38.52 -147.11
C ALA JB 293 -13.33 39.77 -147.03
N PHE JB 294 -13.74 40.87 -147.64
CA PHE JB 294 -12.97 42.10 -147.57
C PHE JB 294 -13.76 43.25 -146.97
N ASN JB 295 -14.86 43.63 -147.62
CA ASN JB 295 -15.66 44.75 -147.15
C ASN JB 295 -17.14 44.45 -147.25
N GLY JB 296 -17.52 43.20 -147.07
CA GLY JB 296 -18.92 42.86 -147.00
C GLY JB 296 -19.53 43.36 -145.69
N SER JB 297 -20.82 43.67 -145.75
CA SER JB 297 -21.51 44.27 -144.62
C SER JB 297 -22.75 43.45 -144.31
N VAL JB 298 -22.92 43.11 -143.04
CA VAL JB 298 -24.08 42.36 -142.57
C VAL JB 298 -24.81 43.24 -141.57
N LEU JB 299 -26.06 43.59 -141.87
CA LEU JB 299 -26.80 44.52 -141.05
C LEU JB 299 -28.22 44.04 -140.80
N ASP JB 300 -28.65 44.14 -139.54
CA ASP JB 300 -30.02 43.83 -139.18
C ASP JB 300 -30.98 44.96 -139.57
N MET JB 301 -30.56 46.20 -139.30
CA MET JB 301 -31.26 47.47 -139.54
C MET JB 301 -32.75 47.47 -139.20
N ARG JB 302 -33.14 46.78 -138.13
CA ARG JB 302 -34.53 46.89 -137.69
C ARG JB 302 -34.74 48.22 -136.97
N GLU JB 303 -36.01 48.63 -136.92
CA GLU JB 303 -36.35 49.99 -136.50
C GLU JB 303 -36.19 50.23 -135.00
N TRP JB 304 -36.10 49.17 -134.19
CA TRP JB 304 -35.98 49.19 -132.73
C TRP JB 304 -37.16 49.90 -132.05
N GLY JB 305 -38.31 49.96 -132.70
CA GLY JB 305 -39.44 50.66 -132.14
C GLY JB 305 -40.65 49.76 -132.03
N GLN JB 306 -40.41 48.45 -132.01
CA GLN JB 306 -41.50 47.49 -131.92
C GLN JB 306 -42.11 47.51 -130.52
N SER JB 307 -43.34 47.02 -130.46
CA SER JB 307 -43.88 46.58 -129.19
C SER JB 307 -43.60 45.11 -128.93
N ASP JB 308 -42.99 44.41 -129.89
CA ASP JB 308 -42.81 42.97 -129.78
C ASP JB 308 -41.47 42.50 -130.33
N LEU JB 309 -40.43 43.32 -130.24
CA LEU JB 309 -39.13 42.94 -130.78
C LEU JB 309 -38.52 41.84 -129.92
N LYS JB 310 -38.05 40.78 -130.57
CA LYS JB 310 -37.48 39.63 -129.89
C LYS JB 310 -35.97 39.76 -129.86
N ASP JB 311 -35.38 39.60 -128.69
CA ASP JB 311 -33.94 39.64 -128.56
C ASP JB 311 -33.34 38.29 -128.93
N PHE JB 312 -32.01 38.25 -128.99
CA PHE JB 312 -31.29 37.04 -129.29
C PHE JB 312 -31.39 36.04 -128.14
N ASP JB 313 -31.23 34.77 -128.48
CA ASP JB 313 -31.18 33.67 -127.52
C ASP JB 313 -29.80 33.02 -127.59
N ARG JB 314 -29.67 31.89 -126.89
CA ARG JB 314 -28.37 31.24 -126.72
C ARG JB 314 -27.82 30.71 -128.04
N TYR JB 315 -28.66 30.09 -128.85
CA TYR JB 315 -28.17 29.44 -130.05
C TYR JB 315 -27.86 30.43 -131.17
N ASN JB 316 -28.57 31.54 -131.24
CA ASN JB 316 -28.44 32.47 -132.33
C ASN JB 316 -27.49 33.62 -132.04
N LYS JB 317 -26.83 33.61 -130.89
CA LYS JB 317 -26.02 34.76 -130.46
C LYS JB 317 -24.61 34.66 -131.05
N GLN JB 318 -24.55 34.81 -132.37
CA GLN JB 318 -23.28 34.78 -133.08
C GLN JB 318 -22.87 36.20 -133.38
N PHE JB 319 -21.68 36.57 -132.95
CA PHE JB 319 -21.22 37.94 -133.07
C PHE JB 319 -20.62 38.19 -134.44
N PRO JB 320 -21.12 39.16 -135.21
CA PRO JB 320 -20.49 39.55 -136.46
C PRO JB 320 -19.20 40.31 -136.21
N ASP KB 39 8.35 49.17 -103.20
CA ASP KB 39 8.54 50.01 -102.03
C ASP KB 39 8.28 51.48 -102.37
N GLY KB 40 8.83 51.93 -103.50
CA GLY KB 40 8.58 53.28 -103.95
C GLY KB 40 7.27 53.32 -104.69
N CYS KB 41 6.21 53.76 -104.00
CA CYS KB 41 4.88 53.68 -104.57
C CYS KB 41 4.65 54.78 -105.60
N CYS KB 42 5.23 55.96 -105.39
CA CYS KB 42 5.24 56.96 -106.44
C CYS KB 42 6.54 56.90 -107.24
N SER KB 43 6.89 55.70 -107.68
CA SER KB 43 8.02 55.55 -108.58
C SER KB 43 7.66 56.09 -109.95
N LYS KB 44 8.65 56.70 -110.62
CA LYS KB 44 8.48 57.49 -111.84
C LYS KB 44 7.45 58.59 -111.65
N MET KB 45 7.39 59.14 -110.45
CA MET KB 45 6.53 60.27 -110.11
C MET KB 45 7.33 61.18 -109.18
N GLY KB 46 6.66 62.20 -108.65
CA GLY KB 46 7.36 63.12 -107.75
C GLY KB 46 7.73 62.49 -106.42
N GLY KB 47 6.85 61.68 -105.87
CA GLY KB 47 7.05 61.11 -104.56
C GLY KB 47 5.77 61.20 -103.77
N ILE KB 48 5.87 60.89 -102.49
CA ILE KB 48 4.71 60.81 -101.62
C ILE KB 48 4.31 62.20 -101.15
N ASN KB 49 3.01 62.45 -101.04
CA ASN KB 49 2.53 63.62 -100.33
C ASN KB 49 2.05 63.26 -98.92
N TYR KB 50 1.04 62.41 -98.81
CA TYR KB 50 0.50 62.01 -97.51
C TYR KB 50 -0.35 60.78 -97.68
N CYS KB 51 -0.67 60.16 -96.54
CA CYS KB 51 -1.55 59.00 -96.49
C CYS KB 51 -2.96 59.50 -96.18
N ASP KB 52 -3.80 59.56 -97.20
CA ASP KB 52 -5.20 59.89 -96.97
C ASP KB 52 -5.87 58.67 -96.37
N SER KB 53 -6.15 58.75 -95.07
CA SER KB 53 -6.79 57.65 -94.36
C SER KB 53 -8.29 57.58 -94.59
N SER KB 54 -8.88 58.64 -95.15
CA SER KB 54 -10.27 58.56 -95.56
C SER KB 54 -10.45 57.58 -96.71
N ALA KB 55 -9.42 57.42 -97.53
CA ALA KB 55 -9.41 56.40 -98.56
C ALA KB 55 -8.42 55.29 -98.28
N GLY KB 56 -7.55 55.45 -97.28
CA GLY KB 56 -6.51 54.47 -97.03
C GLY KB 56 -5.50 54.38 -98.15
N ARG KB 57 -5.23 55.49 -98.82
CA ARG KB 57 -4.40 55.48 -100.01
C ARG KB 57 -3.32 56.54 -99.93
N LEU KB 58 -2.20 56.26 -100.56
CA LEU KB 58 -1.15 57.26 -100.68
C LEU KB 58 -1.55 58.31 -101.70
N VAL KB 59 -0.94 59.49 -101.57
CA VAL KB 59 -1.12 60.56 -102.55
C VAL KB 59 0.23 60.89 -103.14
N CYS KB 60 0.35 60.73 -104.45
CA CYS KB 60 1.59 61.08 -105.12
C CYS KB 60 1.64 62.58 -105.37
N ASN KB 61 2.82 63.06 -105.80
CA ASN KB 61 3.02 64.50 -105.98
C ASN KB 61 2.19 65.03 -107.14
N ASN KB 62 2.20 64.34 -108.26
CA ASN KB 62 1.15 64.57 -109.25
C ASN KB 62 -0.15 63.99 -108.73
N GLY KB 63 -1.26 64.56 -109.20
CA GLY KB 63 -2.55 64.25 -108.61
C GLY KB 63 -3.11 62.88 -108.94
N PHE KB 64 -2.47 61.83 -108.43
CA PHE KB 64 -2.88 60.48 -108.75
C PHE KB 64 -2.83 59.62 -107.51
N TYR KB 65 -3.85 58.80 -107.33
CA TYR KB 65 -3.83 57.81 -106.28
C TYR KB 65 -2.90 56.67 -106.68
N SER KB 66 -1.90 56.41 -105.84
CA SER KB 66 -1.01 55.29 -106.10
C SER KB 66 -1.72 53.97 -105.82
N THR KB 67 -1.11 52.90 -106.29
CA THR KB 67 -1.67 51.57 -106.06
C THR KB 67 -1.51 51.11 -104.63
N CYS KB 68 -0.55 51.66 -103.89
CA CYS KB 68 -0.30 51.18 -102.54
C CYS KB 68 -1.37 51.67 -101.57
N TYR KB 69 -1.74 50.81 -100.64
CA TYR KB 69 -2.58 51.26 -99.54
C TYR KB 69 -1.70 51.95 -98.49
N CYS KB 70 -2.36 52.59 -97.54
CA CYS KB 70 -1.63 53.15 -96.41
C CYS KB 70 -2.36 53.01 -95.09
N THR KB 71 -3.52 52.36 -95.06
CA THR KB 71 -4.22 52.05 -93.82
C THR KB 71 -4.87 50.69 -93.97
N ARG KB 72 -5.13 50.06 -92.83
CA ARG KB 72 -5.84 48.79 -92.85
C ARG KB 72 -7.29 48.94 -93.31
N HIS KB 73 -7.91 50.06 -92.99
CA HIS KB 73 -9.30 50.30 -93.39
C HIS KB 73 -9.29 50.72 -94.85
N ALA KB 74 -9.38 49.73 -95.73
CA ALA KB 74 -9.27 49.99 -97.15
C ALA KB 74 -10.04 48.94 -97.92
N VAL KB 75 -10.37 49.25 -99.17
CA VAL KB 75 -11.02 48.26 -100.02
C VAL KB 75 -9.96 47.25 -100.41
N MET KB 76 -9.91 46.15 -99.67
CA MET KB 76 -8.86 45.15 -99.83
C MET KB 76 -9.43 43.93 -100.53
N ASP KB 77 -8.67 43.42 -101.48
CA ASP KB 77 -9.10 42.27 -102.28
C ASP KB 77 -8.60 40.98 -101.65
N LEU KB 78 -9.03 40.75 -100.41
CA LEU KB 78 -8.61 39.59 -99.63
C LEU KB 78 -9.40 38.37 -100.11
N GLN KB 79 -8.69 37.36 -100.63
CA GLN KB 79 -9.33 36.18 -101.18
C GLN KB 79 -8.72 34.88 -100.67
N PHE KB 80 -8.11 34.91 -99.50
CA PHE KB 80 -7.43 33.74 -98.96
C PHE KB 80 -7.34 33.89 -97.45
N LEU KB 81 -7.47 32.79 -96.73
CA LEU KB 81 -7.41 32.82 -95.28
C LEU KB 81 -6.74 31.55 -94.76
N MET KB 82 -6.30 31.64 -93.50
CA MET KB 82 -5.65 30.52 -92.84
C MET KB 82 -6.29 30.28 -91.48
N GLY KB 83 -5.68 29.45 -90.65
CA GLY KB 83 -6.23 29.14 -89.35
C GLY KB 83 -7.33 28.10 -89.46
N CYS KB 84 -7.87 27.72 -88.30
CA CYS KB 84 -8.94 26.74 -88.30
C CYS KB 84 -10.10 27.26 -87.47
N CYS KB 85 -11.14 26.41 -87.40
CA CYS KB 85 -12.42 26.70 -86.77
C CYS KB 85 -13.08 27.94 -87.37
N LEU KB 86 -12.93 28.11 -88.68
CA LEU KB 86 -13.56 29.21 -89.37
C LEU KB 86 -15.04 28.91 -89.57
N TRP KB 87 -15.85 29.97 -89.46
CA TRP KB 87 -17.31 29.91 -89.51
C TRP KB 87 -17.87 28.96 -88.46
N HIS KB 88 -17.26 29.00 -87.30
CA HIS KB 88 -17.66 28.27 -86.12
C HIS KB 88 -17.32 29.17 -84.94
N GLY KB 89 -17.23 28.59 -83.75
CA GLY KB 89 -16.93 29.40 -82.59
C GLY KB 89 -15.50 29.86 -82.43
N GLY KB 90 -14.65 29.65 -83.43
CA GLY KB 90 -13.25 29.97 -83.30
C GLY KB 90 -12.54 28.90 -82.49
N VAL KB 91 -11.26 29.12 -82.26
CA VAL KB 91 -10.50 28.19 -81.44
C VAL KB 91 -10.95 28.34 -79.99
N TYR KB 92 -11.12 27.22 -79.32
CA TYR KB 92 -11.56 27.25 -77.94
C TYR KB 92 -10.42 27.74 -77.06
N PRO KB 93 -10.63 28.81 -76.26
CA PRO KB 93 -9.55 29.30 -75.41
C PRO KB 93 -9.15 28.36 -74.30
N GLN KB 94 -10.01 27.41 -73.92
CA GLN KB 94 -9.66 26.44 -72.90
C GLN KB 94 -8.62 25.47 -73.42
N LEU KB 95 -7.59 25.21 -72.63
CA LEU KB 95 -6.53 24.30 -73.03
C LEU KB 95 -7.00 22.85 -72.93
N ASN KB 96 -6.30 21.96 -73.63
CA ASN KB 96 -6.55 20.53 -73.53
C ASN KB 96 -5.22 19.79 -73.64
N SER KB 97 -5.03 18.81 -72.76
CA SER KB 97 -3.80 18.03 -72.76
C SER KB 97 -3.73 17.13 -73.99
N SER KB 98 -4.86 16.59 -74.43
CA SER KB 98 -4.85 15.75 -75.61
C SER KB 98 -4.76 16.60 -76.87
N GLY KB 99 -4.50 15.94 -77.99
CA GLY KB 99 -4.37 16.61 -79.26
C GLY KB 99 -5.66 16.93 -79.97
N LEU KB 100 -6.80 16.63 -79.34
CA LEU KB 100 -8.09 16.93 -79.93
C LEU KB 100 -8.32 18.43 -79.92
N VAL KB 101 -8.75 18.97 -81.07
CA VAL KB 101 -8.96 20.40 -81.25
C VAL KB 101 -10.39 20.62 -81.68
N VAL KB 102 -11.12 21.48 -80.95
CA VAL KB 102 -12.53 21.68 -81.18
C VAL KB 102 -12.81 23.17 -81.29
N CYS KB 103 -13.96 23.49 -81.89
CA CYS KB 103 -14.43 24.86 -82.00
C CYS KB 103 -15.50 25.14 -80.96
N ASN KB 104 -15.64 26.43 -80.62
CA ASN KB 104 -16.59 26.83 -79.57
C ASN KB 104 -18.03 26.65 -80.00
N ASP KB 105 -18.30 26.56 -81.29
CA ASP KB 105 -19.62 26.17 -81.74
C ASP KB 105 -19.95 24.75 -81.31
N GLY KB 106 -18.98 23.86 -81.37
CA GLY KB 106 -19.20 22.48 -81.01
C GLY KB 106 -18.60 21.52 -82.02
N TYR KB 107 -18.38 22.01 -83.24
CA TYR KB 107 -17.76 21.19 -84.26
C TYR KB 107 -16.27 21.02 -84.00
N VAL KB 108 -15.73 19.90 -84.46
CA VAL KB 108 -14.33 19.57 -84.23
C VAL KB 108 -13.57 19.83 -85.53
N SER KB 109 -12.53 20.65 -85.44
CA SER KB 109 -11.63 20.89 -86.56
C SER KB 109 -10.50 19.85 -86.51
N GLU KB 110 -10.88 18.62 -86.84
CA GLU KB 110 -9.98 17.48 -86.67
C GLU KB 110 -8.82 17.52 -87.65
N GLU KB 111 -8.96 18.22 -88.77
CA GLU KB 111 -7.82 18.42 -89.65
C GLU KB 111 -6.78 19.32 -89.02
N CYS KB 112 -7.22 20.32 -88.25
CA CYS KB 112 -6.28 21.09 -87.45
C CYS KB 112 -5.76 20.28 -86.28
N SER KB 113 -6.56 19.35 -85.77
CA SER KB 113 -6.13 18.50 -84.68
C SER KB 113 -5.07 17.52 -85.15
N LEU KB 114 -4.14 17.19 -84.25
CA LEU KB 114 -3.01 16.35 -84.59
C LEU KB 114 -3.42 14.89 -84.73
N GLN KB 115 -2.96 14.26 -85.79
CA GLN KB 115 -3.25 12.85 -86.07
C GLN KB 115 -2.08 11.97 -85.63
N LYS KB 116 -2.32 10.66 -85.65
CA LYS KB 116 -1.30 9.70 -85.25
C LYS KB 116 -1.11 8.61 -86.30
N UNK LB 1 -21.23 57.48 -116.89
CA UNK LB 1 -20.69 58.81 -117.19
C UNK LB 1 -20.90 59.15 -118.66
N UNK LB 2 -20.09 58.53 -119.52
CA UNK LB 2 -20.12 58.69 -120.98
C UNK LB 2 -19.92 60.14 -121.41
N UNK LB 3 -19.12 60.89 -120.64
CA UNK LB 3 -18.82 62.28 -120.98
C UNK LB 3 -17.50 62.64 -120.31
N UNK LB 4 -16.42 62.69 -121.09
CA UNK LB 4 -15.15 63.12 -120.55
C UNK LB 4 -14.98 64.64 -120.59
N UNK LB 5 -15.92 65.35 -121.20
CA UNK LB 5 -15.86 66.81 -121.26
C UNK LB 5 -17.27 67.33 -121.36
N UNK LB 6 -17.78 67.89 -120.27
CA UNK LB 6 -19.10 68.47 -120.27
C UNK LB 6 -19.12 69.75 -121.09
N UNK LB 7 -20.24 70.01 -121.74
CA UNK LB 7 -20.33 71.13 -122.66
C UNK LB 7 -20.70 72.39 -121.89
N UNK LB 8 -21.01 73.45 -122.64
CA UNK LB 8 -21.55 74.70 -122.10
C UNK LB 8 -22.35 75.36 -123.22
N UNK LB 9 -23.68 75.24 -123.15
CA UNK LB 9 -24.63 75.78 -124.13
C UNK LB 9 -24.36 75.33 -125.56
N GLN MB 791 -107.29 53.01 16.58
CA GLN MB 791 -106.13 53.70 16.03
C GLN MB 791 -104.85 52.96 16.42
N GLN MB 792 -104.63 51.81 15.78
CA GLN MB 792 -103.46 50.98 16.01
C GLN MB 792 -102.32 51.30 15.06
N GLU MB 793 -102.49 52.31 14.21
CA GLU MB 793 -101.51 52.64 13.20
C GLU MB 793 -100.38 53.50 13.72
N ILE MB 794 -100.40 53.84 15.01
CA ILE MB 794 -99.43 54.79 15.56
C ILE MB 794 -98.05 54.17 15.64
N GLN MB 795 -97.95 52.92 16.10
CA GLN MB 795 -96.65 52.33 16.39
C GLN MB 795 -96.10 51.46 15.27
N GLN MB 796 -96.93 51.06 14.30
CA GLN MB 796 -96.42 50.24 13.21
C GLN MB 796 -95.55 51.06 12.27
N ARG MB 797 -95.88 52.34 12.09
CA ARG MB 797 -95.03 53.24 11.33
C ARG MB 797 -93.82 53.66 12.12
N THR MB 798 -93.86 53.54 13.45
CA THR MB 798 -92.66 53.71 14.26
C THR MB 798 -91.70 52.55 14.06
N SER MB 799 -92.24 51.35 13.87
CA SER MB 799 -91.42 50.13 13.88
C SER MB 799 -90.47 50.09 12.68
N ASP MB 800 -90.99 50.31 11.48
CA ASP MB 800 -90.13 50.37 10.32
C ASP MB 800 -89.33 51.67 10.25
N MET MB 801 -89.74 52.68 11.01
CA MET MB 801 -88.95 53.91 11.08
C MET MB 801 -87.61 53.65 11.76
N LEU MB 802 -87.63 52.98 12.91
CA LEU MB 802 -86.41 52.85 13.70
C LEU MB 802 -85.44 51.84 13.10
N THR MB 803 -85.97 50.82 12.42
CA THR MB 803 -85.12 49.78 11.85
C THR MB 803 -84.21 50.34 10.76
N ALA MB 804 -84.76 51.17 9.88
CA ALA MB 804 -83.91 51.88 8.93
C ALA MB 804 -83.08 52.95 9.62
N ALA MB 805 -83.61 53.53 10.70
CA ALA MB 805 -82.84 54.50 11.46
C ALA MB 805 -81.66 53.85 12.16
N THR MB 806 -81.87 52.70 12.79
CA THR MB 806 -80.76 51.95 13.37
C THR MB 806 -79.85 51.40 12.28
N GLN MB 807 -80.40 51.15 11.10
CA GLN MB 807 -79.56 50.82 9.95
C GLN MB 807 -78.68 52.00 9.56
N LEU MB 808 -79.24 53.20 9.51
CA LEU MB 808 -78.55 54.32 8.90
C LEU MB 808 -77.43 54.88 9.78
N VAL MB 809 -77.58 54.77 11.10
CA VAL MB 809 -76.63 55.44 12.00
C VAL MB 809 -75.26 54.77 11.95
N GLN MB 810 -75.23 53.44 11.89
CA GLN MB 810 -73.97 52.73 11.85
C GLN MB 810 -73.29 52.81 10.48
N ASP MB 811 -74.03 53.22 9.45
CA ASP MB 811 -73.42 53.47 8.15
C ASP MB 811 -72.44 54.63 8.20
N TRP MB 812 -72.77 55.67 8.95
CA TRP MB 812 -71.82 56.76 9.13
C TRP MB 812 -70.77 56.43 10.18
N LYS MB 813 -70.97 55.39 10.97
CA LYS MB 813 -70.05 55.12 12.07
C LYS MB 813 -68.72 54.58 11.58
N GLN MB 814 -68.75 53.61 10.67
CA GLN MB 814 -67.52 52.97 10.26
C GLN MB 814 -66.79 53.84 9.23
N VAL MB 815 -65.47 53.92 9.38
CA VAL MB 815 -64.58 54.60 8.43
C VAL MB 815 -63.36 53.73 8.28
N GLU MB 816 -63.11 53.22 7.08
CA GLU MB 816 -61.90 52.45 6.85
C GLU MB 816 -60.69 53.38 6.76
N THR MB 817 -59.55 52.86 7.18
CA THR MB 817 -58.32 53.62 7.06
C THR MB 817 -57.83 53.61 5.63
N GLN MB 818 -56.99 54.60 5.31
CA GLN MB 818 -56.49 54.73 3.95
C GLN MB 818 -55.41 53.70 3.67
N VAL MB 819 -55.10 53.54 2.39
CA VAL MB 819 -54.11 52.57 1.94
C VAL MB 819 -52.83 53.32 1.56
N TYR MB 820 -51.74 52.58 1.44
CA TYR MB 820 -50.46 53.16 1.06
C TYR MB 820 -49.72 52.18 0.16
N THR MB 821 -49.01 52.72 -0.82
CA THR MB 821 -48.26 51.89 -1.76
C THR MB 821 -46.95 52.57 -2.09
N GLU MB 822 -45.85 51.83 -2.03
CA GLU MB 822 -44.55 52.33 -2.41
C GLU MB 822 -44.27 51.96 -3.87
N GLY MB 823 -43.04 52.17 -4.31
CA GLY MB 823 -42.67 51.82 -5.66
C GLY MB 823 -41.18 51.81 -5.92
N THR MB 824 -40.71 50.82 -6.66
CA THR MB 824 -39.30 50.72 -7.06
C THR MB 824 -39.17 49.98 -8.38
N UNK NB 1 -97.31 -55.10 -37.76
CA UNK NB 1 -96.38 -54.05 -37.36
C UNK NB 1 -96.68 -52.76 -38.11
N UNK NB 2 -95.69 -51.87 -38.17
CA UNK NB 2 -95.83 -50.58 -38.84
C UNK NB 2 -95.74 -50.79 -40.35
N UNK NB 3 -96.70 -50.21 -41.07
CA UNK NB 3 -96.77 -50.31 -42.52
C UNK NB 3 -96.87 -48.92 -43.13
N UNK NB 4 -96.45 -48.81 -44.39
CA UNK NB 4 -96.40 -47.53 -45.08
C UNK NB 4 -97.67 -47.21 -45.86
N UNK NB 5 -98.70 -48.07 -45.77
CA UNK NB 5 -99.93 -47.83 -46.52
C UNK NB 5 -100.70 -46.63 -45.98
N UNK NB 6 -100.81 -46.51 -44.65
CA UNK NB 6 -101.46 -45.34 -44.07
C UNK NB 6 -100.65 -44.08 -44.32
N UNK NB 7 -99.32 -44.18 -44.35
CA UNK NB 7 -98.49 -43.04 -44.69
C UNK NB 7 -98.70 -42.60 -46.14
N UNK NB 8 -98.83 -43.55 -47.06
CA UNK NB 8 -99.08 -43.22 -48.46
C UNK NB 8 -100.47 -42.60 -48.63
N UNK NB 9 -101.48 -43.14 -47.94
CA UNK NB 9 -102.83 -42.59 -48.04
C UNK NB 9 -102.91 -41.19 -47.43
N UNK NB 10 -102.24 -40.97 -46.29
CA UNK NB 10 -102.20 -39.64 -45.69
C UNK NB 10 -101.39 -38.66 -46.55
N UNK NB 11 -100.35 -39.15 -47.24
CA UNK NB 11 -99.61 -38.29 -48.17
C UNK NB 11 -100.47 -37.91 -49.36
N UNK NB 12 -101.30 -38.84 -49.85
CA UNK NB 12 -102.26 -38.51 -50.89
C UNK NB 12 -103.31 -37.53 -50.41
N UNK NB 13 -103.72 -37.63 -49.14
CA UNK NB 13 -104.62 -36.65 -48.56
C UNK NB 13 -103.95 -35.27 -48.45
N UNK NB 14 -102.66 -35.25 -48.10
CA UNK NB 14 -101.95 -33.99 -47.95
C UNK NB 14 -101.63 -33.35 -49.29
N UNK NB 15 -101.52 -34.15 -50.35
CA UNK NB 15 -101.28 -33.61 -51.68
C UNK NB 15 -102.46 -32.80 -52.17
N UNK NB 16 -103.68 -33.23 -51.86
CA UNK NB 16 -104.89 -32.51 -52.21
C UNK NB 16 -105.61 -32.14 -50.92
N UNK NB 17 -105.20 -31.02 -50.32
CA UNK NB 17 -105.95 -30.48 -49.20
C UNK NB 17 -107.25 -29.83 -49.68
N UNK NB 18 -107.27 -29.37 -50.94
CA UNK NB 18 -108.43 -28.85 -51.67
C UNK NB 18 -109.02 -27.57 -51.08
N UNK NB 19 -108.36 -26.96 -50.08
CA UNK NB 19 -108.80 -25.68 -49.55
C UNK NB 19 -107.55 -24.94 -49.06
N UNK NB 20 -106.98 -24.13 -49.94
CA UNK NB 20 -105.79 -23.34 -49.63
C UNK NB 20 -106.14 -21.88 -49.86
N UNK NB 21 -106.24 -21.12 -48.78
CA UNK NB 21 -106.64 -19.72 -48.84
C UNK NB 21 -105.42 -18.84 -48.56
N UNK NB 22 -105.09 -17.98 -49.53
CA UNK NB 22 -103.96 -17.08 -49.41
C UNK NB 22 -104.45 -15.65 -49.43
N UNK NB 23 -103.74 -14.78 -48.72
CA UNK NB 23 -104.09 -13.38 -48.63
C UNK NB 23 -102.87 -12.53 -48.95
N UNK NB 24 -103.10 -11.45 -49.68
CA UNK NB 24 -102.04 -10.49 -49.99
C UNK NB 24 -102.29 -9.20 -49.22
N UNK NB 25 -101.27 -8.35 -49.18
CA UNK NB 25 -101.32 -7.09 -48.46
C UNK NB 25 -100.80 -5.98 -49.35
N UNK NB 26 -100.91 -4.76 -48.86
CA UNK NB 26 -100.44 -3.57 -49.56
C UNK NB 26 -99.40 -2.85 -48.72
N UNK NB 27 -98.93 -1.72 -49.25
CA UNK NB 27 -97.97 -0.89 -48.53
C UNK NB 27 -98.61 0.00 -47.48
N UNK NB 28 -99.94 0.10 -47.47
CA UNK NB 28 -100.67 0.87 -46.48
C UNK NB 28 -101.29 0.01 -45.40
N UNK NB 29 -100.82 -1.24 -45.27
CA UNK NB 29 -101.27 -2.22 -44.27
C UNK NB 29 -102.77 -2.51 -44.36
N UNK NB 30 -103.28 -2.63 -45.59
CA UNK NB 30 -104.63 -3.10 -45.84
C UNK NB 30 -104.55 -4.41 -46.62
N UNK NB 31 -105.10 -5.47 -46.05
CA UNK NB 31 -105.08 -6.78 -46.68
C UNK NB 31 -106.39 -7.01 -47.41
N UNK NB 32 -106.30 -7.24 -48.72
CA UNK NB 32 -107.45 -7.53 -49.54
C UNK NB 32 -107.38 -8.97 -50.02
N UNK NB 33 -108.42 -9.74 -49.72
CA UNK NB 33 -108.49 -11.15 -50.07
C UNK NB 33 -109.66 -11.38 -51.02
N UNK NB 34 -109.45 -12.27 -51.98
CA UNK NB 34 -110.45 -12.61 -52.99
C UNK NB 34 -111.14 -13.92 -52.60
N UNK NB 35 -111.94 -14.44 -53.52
CA UNK NB 35 -112.65 -15.70 -53.29
C UNK NB 35 -111.66 -16.87 -53.21
N UNK NB 36 -112.10 -17.92 -52.53
CA UNK NB 36 -111.23 -19.08 -52.29
C UNK NB 36 -111.09 -19.89 -53.57
N UNK NB 37 -109.86 -19.98 -54.08
CA UNK NB 37 -109.57 -20.69 -55.32
C UNK NB 37 -108.69 -21.90 -55.01
N UNK NB 38 -109.05 -23.04 -55.60
CA UNK NB 38 -108.35 -24.33 -55.46
C UNK NB 38 -108.16 -24.76 -54.01
N UNK NB 39 -94.34 -7.46 -48.22
CA UNK NB 39 -95.57 -6.72 -47.96
C UNK NB 39 -96.55 -6.89 -49.10
N UNK NB 40 -96.04 -7.24 -50.28
CA UNK NB 40 -96.91 -7.42 -51.44
C UNK NB 40 -97.72 -8.71 -51.31
N UNK NB 41 -97.03 -9.86 -51.27
CA UNK NB 41 -97.70 -11.14 -51.17
C UNK NB 41 -96.75 -12.13 -50.50
N UNK NB 42 -97.03 -12.50 -49.26
CA UNK NB 42 -96.25 -13.50 -48.59
C UNK NB 42 -96.60 -14.88 -49.14
N UNK NB 43 -95.57 -15.66 -49.49
CA UNK NB 43 -95.81 -17.04 -49.90
C UNK NB 43 -96.24 -17.91 -48.73
N UNK NB 44 -95.89 -17.53 -47.51
CA UNK NB 44 -96.33 -18.22 -46.31
C UNK NB 44 -97.69 -17.75 -45.83
N UNK NB 45 -98.32 -16.79 -46.51
CA UNK NB 45 -99.62 -16.31 -46.09
C UNK NB 45 -100.75 -17.29 -46.40
N UNK NB 46 -100.50 -18.30 -47.23
CA UNK NB 46 -101.53 -19.29 -47.51
C UNK NB 46 -101.70 -20.23 -46.33
N UNK NB 47 -102.95 -20.65 -46.11
CA UNK NB 47 -103.31 -21.57 -45.04
C UNK NB 47 -104.19 -22.68 -45.59
N UNK NB 48 -104.00 -23.89 -45.09
CA UNK NB 48 -104.78 -25.04 -45.53
C UNK NB 48 -105.08 -25.97 -44.36
N LYS OB 24 -1.76 40.30 -134.81
CA LYS OB 24 -0.65 39.38 -134.61
C LYS OB 24 -1.09 38.16 -133.83
N PHE OB 25 -1.46 38.37 -132.57
CA PHE OB 25 -1.89 37.29 -131.68
C PHE OB 25 -3.30 37.59 -131.20
N LYS OB 26 -4.18 36.61 -131.33
CA LYS OB 26 -5.53 36.67 -130.80
C LYS OB 26 -5.58 35.74 -129.60
N LYS OB 27 -5.76 36.31 -128.44
CA LYS OB 27 -5.53 35.44 -127.29
C LYS OB 27 -6.81 34.70 -126.90
N PRO OB 28 -6.69 33.48 -126.39
CA PRO OB 28 -7.85 32.79 -125.86
C PRO OB 28 -8.27 33.41 -124.54
N PRO OB 29 -9.53 33.24 -124.15
CA PRO OB 29 -9.99 33.80 -122.88
C PRO OB 29 -9.30 33.16 -121.68
N ILE OB 30 -9.24 33.94 -120.60
CA ILE OB 30 -8.60 33.49 -119.38
C ILE OB 30 -9.43 32.40 -118.72
N ASN OB 31 -10.72 32.62 -118.60
CA ASN OB 31 -11.62 31.67 -117.95
C ASN OB 31 -12.19 30.67 -118.96
N ASN OB 32 -11.32 30.07 -119.74
CA ASN OB 32 -11.76 29.05 -120.67
C ASN OB 32 -12.03 27.76 -119.93
N PRO OB 33 -13.19 27.16 -120.09
CA PRO OB 33 -13.41 25.82 -119.53
C PRO OB 33 -12.62 24.77 -120.30
N SER OB 34 -11.31 24.72 -120.06
CA SER OB 34 -10.43 23.86 -120.83
C SER OB 34 -10.39 22.43 -120.32
N ASP OB 35 -11.10 22.12 -119.25
CA ASP OB 35 -11.08 20.80 -118.67
C ASP OB 35 -12.47 20.16 -118.72
N ASP OB 36 -12.45 18.84 -118.80
CA ASP OB 36 -13.68 18.05 -118.91
C ASP OB 36 -14.56 18.21 -117.69
N ALA OB 37 -13.97 18.41 -116.52
CA ALA OB 37 -14.75 18.79 -115.35
C ALA OB 37 -15.41 20.14 -115.55
N THR OB 38 -14.66 21.09 -116.10
CA THR OB 38 -15.11 22.48 -116.14
C THR OB 38 -16.27 22.66 -117.12
N ILE OB 39 -16.21 21.99 -118.27
CA ILE OB 39 -17.29 22.16 -119.25
C ILE OB 39 -18.60 21.59 -118.71
N LYS OB 40 -18.52 20.42 -118.06
CA LYS OB 40 -19.72 19.83 -117.47
C LYS OB 40 -20.23 20.69 -116.33
N LEU OB 41 -19.31 21.28 -115.57
CA LEU OB 41 -19.70 22.16 -114.46
C LEU OB 41 -20.47 23.36 -114.94
N ALA OB 42 -19.91 24.08 -115.92
CA ALA OB 42 -20.55 25.28 -116.41
C ALA OB 42 -21.83 24.97 -117.17
N GLU OB 43 -21.87 23.83 -117.86
CA GLU OB 43 -23.09 23.40 -118.53
C GLU OB 43 -24.19 23.11 -117.53
N ALA OB 44 -23.85 22.45 -116.42
CA ALA OB 44 -24.81 22.18 -115.37
C ALA OB 44 -25.29 23.46 -114.72
N ALA OB 45 -24.38 24.43 -114.59
CA ALA OB 45 -24.75 25.73 -114.03
C ALA OB 45 -25.76 26.45 -114.93
N VAL OB 46 -25.53 26.42 -116.25
CA VAL OB 46 -26.44 27.06 -117.19
C VAL OB 46 -27.80 26.39 -117.15
N SER OB 47 -27.81 25.05 -117.12
CA SER OB 47 -29.07 24.32 -117.11
C SER OB 47 -29.87 24.58 -115.84
N VAL OB 48 -29.20 24.59 -114.69
CA VAL OB 48 -29.93 24.79 -113.44
C VAL OB 48 -30.37 26.25 -113.32
N SER OB 49 -29.63 27.18 -113.93
CA SER OB 49 -30.06 28.57 -113.96
C SER OB 49 -31.33 28.73 -114.77
N ASP OB 50 -31.38 28.09 -115.94
CA ASP OB 50 -32.57 28.18 -116.77
C ASP OB 50 -33.76 27.50 -116.14
N SER OB 51 -33.53 26.39 -115.44
CA SER OB 51 -34.61 25.68 -114.77
C SER OB 51 -35.18 26.51 -113.63
N MET OB 52 -34.30 27.08 -112.80
CA MET OB 52 -34.74 27.92 -111.70
C MET OB 52 -35.47 29.16 -112.19
N LEU OB 53 -34.96 29.76 -113.26
CA LEU OB 53 -35.60 30.94 -113.84
C LEU OB 53 -36.98 30.61 -114.40
N GLU OB 54 -37.11 29.47 -115.07
CA GLU OB 54 -38.39 29.08 -115.64
C GLU OB 54 -39.42 28.80 -114.57
N MET OB 55 -39.01 28.13 -113.49
CA MET OB 55 -39.98 27.86 -112.43
C MET OB 55 -40.36 29.13 -111.70
N ALA OB 56 -39.43 30.09 -111.57
CA ALA OB 56 -39.78 31.37 -110.98
C ALA OB 56 -40.72 32.15 -111.88
N LYS OB 57 -40.52 32.06 -113.20
CA LYS OB 57 -41.41 32.71 -114.15
C LYS OB 57 -42.81 32.15 -114.08
N VAL OB 58 -42.92 30.83 -114.03
CA VAL OB 58 -44.24 30.23 -114.02
C VAL OB 58 -44.91 30.34 -112.66
N GLU OB 59 -44.14 30.60 -111.60
CA GLU OB 59 -44.74 30.72 -110.28
C GLU OB 59 -44.98 32.16 -109.84
N LYS OB 60 -44.39 33.13 -110.55
CA LYS OB 60 -44.63 34.53 -110.21
C LYS OB 60 -46.00 34.96 -110.71
N VAL OB 61 -46.60 35.90 -109.99
CA VAL OB 61 -47.92 36.44 -110.32
C VAL OB 61 -47.76 37.93 -110.63
N ILE OB 62 -48.27 38.34 -111.78
CA ILE OB 62 -48.21 39.75 -112.17
C ILE OB 62 -49.62 40.34 -112.18
N THR OB 63 -49.71 41.64 -112.44
CA THR OB 63 -50.97 42.29 -112.69
C THR OB 63 -50.73 43.28 -113.82
N PRO OB 64 -51.61 43.34 -114.82
CA PRO OB 64 -51.42 44.26 -115.92
C PRO OB 64 -51.69 45.69 -115.51
N PRO OB 65 -51.13 46.67 -116.21
CA PRO OB 65 -51.43 48.08 -115.89
C PRO OB 65 -52.81 48.54 -116.33
N SER OB 66 -53.62 47.67 -116.93
CA SER OB 66 -54.98 48.02 -117.30
C SER OB 66 -55.96 47.90 -116.16
N LYS OB 67 -55.56 47.26 -115.06
CA LYS OB 67 -56.49 47.02 -113.96
C LYS OB 67 -55.89 47.22 -112.59
N ASP OB 68 -54.65 47.68 -112.48
CA ASP OB 68 -54.02 47.87 -111.18
C ASP OB 68 -54.63 49.08 -110.49
N ASN OB 69 -54.99 48.92 -109.22
CA ASN OB 69 -55.58 50.01 -108.45
C ASN OB 69 -54.45 50.97 -108.10
N THR OB 70 -54.32 52.03 -108.90
CA THR OB 70 -53.26 53.01 -108.67
C THR OB 70 -53.78 54.39 -109.08
N LEU OB 71 -53.59 55.36 -108.20
CA LEU OB 71 -53.83 56.75 -108.56
C LEU OB 71 -52.81 57.21 -109.60
N THR OB 72 -53.29 57.93 -110.60
CA THR OB 72 -52.42 58.53 -111.59
C THR OB 72 -52.14 59.99 -111.22
N ILE OB 73 -51.20 60.59 -111.94
CA ILE OB 73 -50.88 62.00 -111.73
C ILE OB 73 -52.01 62.86 -112.31
N PRO OB 74 -52.56 63.80 -111.55
CA PRO OB 74 -53.57 64.70 -112.12
C PRO OB 74 -52.98 65.77 -113.02
N ASN OB 75 -51.70 66.09 -112.85
CA ASN OB 75 -50.97 67.10 -113.63
C ASN OB 75 -51.62 68.48 -113.55
N ALA OB 76 -52.05 68.86 -112.36
CA ALA OB 76 -52.40 70.25 -112.10
C ALA OB 76 -51.13 71.08 -112.03
N TYR OB 77 -51.27 72.37 -112.33
CA TYR OB 77 -50.08 73.23 -112.44
C TYR OB 77 -49.43 73.46 -111.08
N ASN OB 78 -50.22 73.72 -110.06
CA ASN OB 78 -49.66 73.88 -108.72
C ASN OB 78 -49.28 72.56 -108.08
N LEU OB 79 -49.62 71.44 -108.72
CA LEU OB 79 -49.20 70.13 -108.24
C LEU OB 79 -47.80 69.76 -108.71
N GLN OB 80 -47.14 70.65 -109.44
CA GLN OB 80 -45.76 70.44 -109.88
C GLN OB 80 -44.76 71.10 -108.95
N ALA OB 81 -45.06 71.11 -107.66
CA ALA OB 81 -44.26 71.82 -106.67
C ALA OB 81 -42.97 71.07 -106.37
N ARG OB 82 -42.04 71.80 -105.77
CA ARG OB 82 -40.73 71.28 -105.40
C ARG OB 82 -40.49 71.53 -103.92
N ALA OB 83 -40.10 70.48 -103.19
CA ALA OB 83 -39.94 70.54 -101.74
C ALA OB 83 -38.99 69.43 -101.30
N SER OB 84 -38.95 69.17 -100.00
CA SER OB 84 -38.21 68.06 -99.41
C SER OB 84 -38.87 67.70 -98.09
N VAL OB 85 -39.29 66.45 -97.94
CA VAL OB 85 -40.29 66.09 -96.93
C VAL OB 85 -39.80 64.91 -96.09
N ASP OB 86 -39.84 65.07 -94.77
CA ASP OB 86 -39.60 63.97 -93.83
C ASP OB 86 -40.77 63.84 -92.88
N TRP OB 87 -41.26 62.62 -92.72
CA TRP OB 87 -42.35 62.32 -91.80
C TRP OB 87 -42.33 60.84 -91.46
N SER OB 88 -42.77 60.53 -90.26
CA SER OB 88 -43.17 59.18 -89.91
C SER OB 88 -44.49 59.25 -89.14
N GLY OB 89 -45.33 58.24 -89.31
CA GLY OB 89 -46.52 58.13 -88.49
C GLY OB 89 -47.82 58.34 -89.24
N PRO OB 90 -48.72 59.14 -88.65
CA PRO OB 90 -50.08 59.27 -89.20
C PRO OB 90 -50.15 60.02 -90.51
N ILE OB 91 -51.37 60.17 -91.03
CA ILE OB 91 -51.58 60.45 -92.44
C ILE OB 91 -52.32 61.76 -92.66
N GLU OB 92 -53.39 62.00 -91.90
CA GLU OB 92 -54.37 63.02 -92.25
C GLU OB 92 -53.83 64.44 -92.13
N GLU OB 93 -53.08 64.70 -91.04
CA GLU OB 93 -52.51 66.03 -90.86
C GLU OB 93 -51.43 66.31 -91.89
N LEU OB 94 -50.67 65.29 -92.29
CA LEU OB 94 -49.68 65.45 -93.34
C LEU OB 94 -50.35 65.79 -94.67
N THR OB 95 -51.44 65.09 -95.00
CA THR OB 95 -52.14 65.36 -96.24
C THR OB 95 -52.81 66.73 -96.22
N ALA OB 96 -53.32 67.13 -95.05
CA ALA OB 96 -53.91 68.46 -94.91
C ALA OB 96 -52.86 69.54 -95.09
N ARG OB 97 -51.68 69.35 -94.53
CA ARG OB 97 -50.59 70.32 -94.71
C ARG OB 97 -50.11 70.35 -96.16
N ILE OB 98 -50.14 69.20 -96.84
CA ILE OB 98 -49.78 69.15 -98.25
C ILE OB 98 -50.79 69.93 -99.08
N ALA OB 99 -52.08 69.75 -98.80
CA ALA OB 99 -53.11 70.49 -99.51
C ALA OB 99 -53.03 71.99 -99.21
N LYS OB 100 -52.67 72.33 -97.97
CA LYS OB 100 -52.49 73.73 -97.60
C LYS OB 100 -51.32 74.36 -98.33
N ALA OB 101 -50.23 73.61 -98.49
CA ALA OB 101 -49.11 74.10 -99.28
C ALA OB 101 -49.47 74.18 -100.76
N ALA OB 102 -50.37 73.32 -101.20
CA ALA OB 102 -50.83 73.31 -102.59
C ALA OB 102 -51.95 74.31 -102.85
N HIS OB 103 -52.40 75.00 -101.80
CA HIS OB 103 -53.57 75.90 -101.83
C HIS OB 103 -54.81 75.17 -102.33
N PHE OB 104 -55.00 73.95 -101.84
CA PHE OB 104 -56.16 73.15 -102.18
C PHE OB 104 -56.96 72.84 -100.93
N ARG OB 105 -58.27 72.75 -101.09
CA ARG OB 105 -59.10 72.33 -99.99
C ARG OB 105 -58.97 70.82 -99.81
N PHE OB 106 -59.27 70.38 -98.59
CA PHE OB 106 -59.04 68.98 -98.22
C PHE OB 106 -60.18 68.52 -97.33
N ARG OB 107 -60.72 67.34 -97.63
CA ARG OB 107 -61.86 66.83 -96.89
C ARG OB 107 -61.72 65.33 -96.66
N VAL OB 108 -62.49 64.84 -95.71
CA VAL OB 108 -62.41 63.46 -95.25
C VAL OB 108 -63.81 62.86 -95.29
N LEU OB 109 -63.96 61.73 -95.99
CA LEU OB 109 -65.15 60.92 -95.92
C LEU OB 109 -64.80 59.59 -95.27
N GLY OB 110 -65.62 59.18 -94.31
CA GLY OB 110 -65.35 58.00 -93.52
C GLY OB 110 -65.00 58.36 -92.09
N LYS OB 111 -64.72 57.33 -91.31
CA LYS OB 111 -64.40 57.49 -89.90
C LYS OB 111 -62.99 56.98 -89.63
N SER OB 112 -62.25 57.72 -88.81
CA SER OB 112 -60.91 57.29 -88.45
C SER OB 112 -60.99 56.10 -87.48
N PRO OB 113 -60.14 55.09 -87.67
CA PRO OB 113 -60.14 53.95 -86.76
C PRO OB 113 -59.48 54.33 -85.44
N SER OB 114 -59.64 53.43 -84.46
CA SER OB 114 -58.98 53.61 -83.18
C SER OB 114 -57.47 53.52 -83.33
N VAL OB 115 -57.00 52.45 -83.95
CA VAL OB 115 -55.58 52.38 -84.33
C VAL OB 115 -55.35 53.32 -85.51
N PRO OB 116 -54.34 54.16 -85.48
CA PRO OB 116 -54.09 55.06 -86.61
C PRO OB 116 -53.55 54.31 -87.82
N VAL OB 117 -53.49 55.02 -88.94
CA VAL OB 117 -52.91 54.49 -90.16
C VAL OB 117 -51.51 55.08 -90.28
N LEU OB 118 -50.50 54.23 -90.21
CA LEU OB 118 -49.13 54.67 -90.04
C LEU OB 118 -48.34 54.54 -91.34
N ILE OB 119 -47.61 55.59 -91.68
CA ILE OB 119 -46.73 55.62 -92.85
C ILE OB 119 -45.50 56.44 -92.50
N SER OB 120 -44.51 56.36 -93.37
CA SER OB 120 -43.29 57.13 -93.18
C SER OB 120 -42.64 57.37 -94.54
N ILE OB 121 -42.20 58.59 -94.77
CA ILE OB 121 -41.55 58.94 -96.02
C ILE OB 121 -40.54 60.05 -95.76
N SER OB 122 -39.31 59.83 -96.20
CA SER OB 122 -38.25 60.82 -96.08
C SER OB 122 -37.54 60.91 -97.43
N THR OB 123 -37.65 62.06 -98.07
CA THR OB 123 -37.08 62.21 -99.41
C THR OB 123 -36.73 63.66 -99.65
N LYS OB 124 -35.84 63.87 -100.63
CA LYS OB 124 -35.21 65.15 -100.88
C LYS OB 124 -35.70 65.82 -102.15
N ASP OB 125 -35.76 65.11 -103.27
CA ASP OB 125 -36.14 65.70 -104.56
C ASP OB 125 -37.15 64.79 -105.24
N GLU OB 126 -38.43 65.05 -104.96
CA GLU OB 126 -39.56 64.30 -105.51
C GLU OB 126 -40.79 65.17 -105.35
N SER OB 127 -41.56 65.35 -106.42
CA SER OB 127 -42.65 66.32 -106.36
C SER OB 127 -43.85 65.77 -105.60
N LEU OB 128 -44.74 66.69 -105.24
CA LEU OB 128 -45.81 66.41 -104.30
C LEU OB 128 -46.86 65.49 -104.88
N ALA OB 129 -47.01 65.50 -106.21
CA ALA OB 129 -48.01 64.65 -106.84
C ALA OB 129 -47.65 63.18 -106.69
N GLU OB 130 -46.42 62.82 -107.03
CA GLU OB 130 -46.00 61.45 -106.83
C GLU OB 130 -45.72 61.14 -105.37
N ILE OB 131 -45.52 62.17 -104.54
CA ILE OB 131 -45.54 61.95 -103.09
C ILE OB 131 -46.90 61.44 -102.65
N LEU OB 132 -47.97 62.08 -103.16
CA LEU OB 132 -49.33 61.63 -102.88
C LEU OB 132 -49.60 60.25 -103.48
N ARG OB 133 -49.01 59.97 -104.64
CA ARG OB 133 -49.11 58.64 -105.23
C ARG OB 133 -48.48 57.59 -104.31
N ASP OB 134 -47.31 57.90 -103.76
CA ASP OB 134 -46.67 57.02 -102.78
C ASP OB 134 -47.51 56.88 -101.52
N ILE OB 135 -48.19 57.97 -101.13
CA ILE OB 135 -49.06 57.93 -99.96
C ILE OB 135 -50.21 56.96 -100.19
N ASP OB 136 -50.84 57.03 -101.36
CA ASP OB 136 -51.94 56.12 -101.65
C ASP OB 136 -51.45 54.69 -101.83
N TYR OB 137 -50.24 54.51 -102.34
CA TYR OB 137 -49.68 53.17 -102.47
C TYR OB 137 -49.40 52.55 -101.10
N GLN OB 138 -48.82 53.33 -100.20
CA GLN OB 138 -48.53 52.81 -98.87
C GLN OB 138 -49.75 52.80 -97.97
N ALA OB 139 -50.85 53.42 -98.40
CA ALA OB 139 -52.08 53.32 -97.65
C ALA OB 139 -52.70 51.93 -97.72
N GLY OB 140 -52.37 51.15 -98.76
CA GLY OB 140 -52.96 49.82 -98.88
C GLY OB 140 -54.42 49.92 -99.28
N LYS OB 141 -55.22 48.99 -98.73
CA LYS OB 141 -56.64 48.94 -99.03
C LYS OB 141 -57.49 49.74 -98.06
N LYS OB 142 -56.89 50.32 -97.03
CA LYS OB 142 -57.67 50.93 -95.97
C LYS OB 142 -58.25 52.28 -96.37
N ALA OB 143 -57.60 52.98 -97.28
CA ALA OB 143 -58.05 54.31 -97.65
C ALA OB 143 -57.61 54.63 -99.07
N SER OB 144 -58.19 55.69 -99.62
CA SER OB 144 -57.85 56.17 -100.95
C SER OB 144 -57.85 57.68 -100.93
N ILE OB 145 -57.17 58.28 -101.91
CA ILE OB 145 -57.11 59.72 -102.06
C ILE OB 145 -57.59 60.07 -103.45
N HIS OB 146 -58.59 60.94 -103.54
CA HIS OB 146 -59.11 61.38 -104.82
C HIS OB 146 -58.82 62.86 -105.01
N VAL OB 147 -58.39 63.20 -106.21
CA VAL OB 147 -58.02 64.56 -106.57
C VAL OB 147 -59.09 65.12 -107.50
N TYR OB 148 -59.46 66.38 -107.30
CA TYR OB 148 -60.42 67.04 -108.17
C TYR OB 148 -59.88 68.41 -108.54
N PRO OB 149 -59.64 68.67 -109.82
CA PRO OB 149 -59.16 69.99 -110.28
C PRO OB 149 -60.25 70.93 -110.77
N ASN OB 150 -61.50 70.49 -110.84
CA ASN OB 150 -62.59 71.42 -111.09
C ASN OB 150 -62.81 72.31 -109.89
N SER OB 151 -63.18 71.71 -108.76
CA SER OB 151 -63.12 72.35 -107.46
C SER OB 151 -61.87 71.83 -106.78
N GLN OB 152 -60.92 72.73 -106.50
CA GLN OB 152 -59.54 72.37 -106.21
C GLN OB 152 -59.46 71.68 -104.86
N VAL OB 153 -59.76 70.39 -104.86
CA VAL OB 153 -59.96 69.68 -103.60
C VAL OB 153 -59.28 68.31 -103.66
N VAL OB 154 -58.93 67.80 -102.49
CA VAL OB 154 -58.46 66.44 -102.31
C VAL OB 154 -59.27 65.81 -101.18
N GLU OB 155 -59.68 64.56 -101.40
CA GLU OB 155 -60.56 63.88 -100.46
C GLU OB 155 -59.92 62.57 -100.03
N LEU OB 156 -59.94 62.31 -98.73
CA LEU OB 156 -59.51 61.04 -98.17
C LEU OB 156 -60.73 60.17 -97.93
N ARG OB 157 -60.77 59.01 -98.57
CA ARG OB 157 -61.90 58.10 -98.47
C ARG OB 157 -61.48 56.90 -97.62
N TYR OB 158 -62.19 56.69 -96.52
CA TYR OB 158 -61.93 55.54 -95.68
C TYR OB 158 -62.60 54.30 -96.26
N ALA OB 159 -62.20 53.13 -95.76
CA ALA OB 159 -62.88 51.89 -96.09
C ALA OB 159 -63.52 51.31 -94.83
N LYS OB 160 -64.61 50.59 -95.03
CA LYS OB 160 -65.33 49.99 -93.92
C LYS OB 160 -64.64 48.72 -93.44
N ILE PB 208 -62.41 29.56 -134.35
CA ILE PB 208 -61.45 29.51 -135.45
C ILE PB 208 -60.63 30.79 -135.51
N ILE PB 209 -59.31 30.64 -135.47
CA ILE PB 209 -58.38 31.77 -135.44
C ILE PB 209 -57.64 31.84 -136.77
N TYR PB 210 -57.63 33.02 -137.37
CA TYR PB 210 -56.92 33.26 -138.62
C TYR PB 210 -55.47 33.63 -138.34
N TYR PB 211 -54.63 33.51 -139.37
CA TYR PB 211 -53.21 33.80 -139.22
C TYR PB 211 -52.65 34.41 -140.49
N ILE PB 212 -51.66 35.27 -140.31
CA ILE PB 212 -50.99 35.98 -141.40
C ILE PB 212 -49.79 35.16 -141.84
N GLN PB 213 -49.55 35.13 -143.15
CA GLN PB 213 -48.33 34.52 -143.66
C GLN PB 213 -47.62 35.33 -144.73
N ALA PB 214 -48.28 36.25 -145.43
CA ALA PB 214 -47.62 37.01 -146.48
C ALA PB 214 -48.29 38.36 -146.58
N VAL PB 215 -47.48 39.43 -146.58
CA VAL PB 215 -47.99 40.78 -146.56
C VAL PB 215 -47.18 41.63 -147.54
N ILE PB 216 -47.77 42.77 -147.91
CA ILE PB 216 -47.19 43.70 -148.88
C ILE PB 216 -47.85 45.04 -148.56
N PRO PB 217 -47.28 46.19 -148.98
CA PRO PB 217 -48.06 47.43 -148.92
C PRO PB 217 -49.27 47.38 -149.83
N GLY PB 218 -50.46 47.34 -149.22
CA GLY PB 218 -51.69 47.37 -149.97
C GLY PB 218 -52.53 46.10 -149.87
N ARG PB 219 -51.88 44.95 -149.86
CA ARG PB 219 -52.57 43.67 -149.85
C ARG PB 219 -52.02 42.77 -148.76
N ALA PB 220 -52.73 41.69 -148.51
CA ALA PB 220 -52.34 40.74 -147.47
C ALA PB 220 -52.86 39.36 -147.82
N TRP PB 221 -52.14 38.35 -147.34
CA TRP PB 221 -52.54 36.96 -147.48
C TRP PB 221 -52.65 36.34 -146.10
N LEU PB 222 -53.73 35.59 -145.89
CA LEU PB 222 -54.06 35.08 -144.58
C LEU PB 222 -54.47 33.62 -144.67
N ILE PB 223 -54.09 32.83 -143.67
CA ILE PB 223 -54.43 31.42 -143.58
C ILE PB 223 -55.19 31.20 -142.28
N GLY PB 224 -56.35 30.53 -142.37
CA GLY PB 224 -57.17 30.27 -141.21
C GLY PB 224 -56.78 28.98 -140.49
N SER PB 225 -57.58 28.65 -139.46
CA SER PB 225 -57.37 27.43 -138.71
C SER PB 225 -57.72 26.19 -139.52
N ASN PB 226 -58.72 26.31 -140.39
CA ASN PB 226 -59.18 25.20 -141.21
C ASN PB 226 -58.34 24.98 -142.46
N GLY PB 227 -57.37 25.85 -142.73
CA GLY PB 227 -56.59 25.77 -143.93
C GLY PB 227 -57.08 26.61 -145.08
N SER PB 228 -58.07 27.46 -144.86
CA SER PB 228 -58.59 28.33 -145.91
C SER PB 228 -57.65 29.50 -146.15
N THR PB 229 -57.31 29.74 -147.40
CA THR PB 229 -56.53 30.91 -147.77
C THR PB 229 -57.45 32.09 -148.02
N LEU PB 230 -56.89 33.29 -147.91
CA LEU PB 230 -57.69 34.49 -148.07
C LEU PB 230 -56.80 35.64 -148.53
N THR PB 231 -57.14 36.23 -149.67
CA THR PB 231 -56.52 37.47 -150.11
C THR PB 231 -57.36 38.63 -149.61
N VAL PB 232 -56.74 39.55 -148.87
CA VAL PB 232 -57.47 40.59 -148.15
C VAL PB 232 -56.75 41.91 -148.34
N ARG PB 233 -57.48 42.92 -148.81
CA ARG PB 233 -56.99 44.27 -148.91
C ARG PB 233 -57.53 45.08 -147.74
N GLU PB 234 -57.31 46.40 -147.77
CA GLU PB 234 -57.86 47.26 -146.72
C GLU PB 234 -59.38 47.31 -146.78
N GLY PB 235 -59.94 47.40 -147.98
CA GLY PB 235 -61.38 47.28 -148.09
C GLY PB 235 -61.78 45.83 -148.25
N SER PB 236 -62.12 45.20 -147.13
CA SER PB 236 -62.58 43.81 -147.09
C SER PB 236 -63.26 43.60 -145.74
N LYS PB 237 -63.77 42.39 -145.54
CA LYS PB 237 -64.47 42.06 -144.31
C LYS PB 237 -64.36 40.57 -144.06
N ILE PB 238 -64.28 40.19 -142.79
CA ILE PB 238 -64.25 38.77 -142.41
C ILE PB 238 -65.19 38.56 -141.23
N PRO PB 239 -65.97 37.47 -141.23
CA PRO PB 239 -66.87 37.21 -140.09
C PRO PB 239 -66.09 36.77 -138.86
N GLY PB 240 -66.58 37.19 -137.70
CA GLY PB 240 -65.89 37.00 -136.45
C GLY PB 240 -64.79 38.00 -136.18
N TYR PB 241 -64.44 38.82 -137.17
CA TYR PB 241 -63.41 39.84 -137.03
C TYR PB 241 -63.80 41.18 -137.64
N GLY PB 242 -64.87 41.23 -138.44
CA GLY PB 242 -65.35 42.48 -138.98
C GLY PB 242 -64.56 42.94 -140.19
N MET PB 243 -64.82 44.20 -140.55
CA MET PB 243 -64.08 44.83 -141.63
C MET PB 243 -62.65 45.10 -141.19
N VAL PB 244 -61.70 44.78 -142.07
CA VAL PB 244 -60.29 44.95 -141.75
C VAL PB 244 -59.95 46.43 -141.68
N LYS PB 245 -59.27 46.83 -140.61
CA LYS PB 245 -59.06 48.24 -140.31
C LYS PB 245 -57.68 48.75 -140.72
N LEU PB 246 -56.62 48.00 -140.41
CA LEU PB 246 -55.27 48.48 -140.67
C LEU PB 246 -54.44 47.39 -141.34
N ILE PB 247 -53.55 47.84 -142.22
CA ILE PB 247 -52.54 46.99 -142.83
C ILE PB 247 -51.17 47.61 -142.56
N ASP PB 248 -50.28 46.83 -141.96
CA ASP PB 248 -48.94 47.30 -141.62
C ASP PB 248 -47.92 46.36 -142.24
N SER PB 249 -47.01 46.92 -143.03
CA SER PB 249 -46.02 46.10 -143.71
C SER PB 249 -44.71 46.00 -142.94
N LEU PB 250 -44.28 47.09 -142.31
CA LEU PB 250 -43.01 47.06 -141.60
C LEU PB 250 -43.11 46.22 -140.32
N GLN PB 251 -44.22 46.35 -139.61
CA GLN PB 251 -44.50 45.49 -138.46
C GLN PB 251 -45.60 44.53 -138.85
N GLY PB 252 -45.40 43.24 -138.57
CA GLY PB 252 -46.37 42.23 -138.94
C GLY PB 252 -47.58 42.22 -138.02
N ARG PB 253 -48.40 43.25 -138.14
CA ARG PB 253 -49.56 43.42 -137.27
C ARG PB 253 -50.75 43.85 -138.13
N ILE PB 254 -51.90 43.23 -137.92
CA ILE PB 254 -53.11 43.60 -138.64
C ILE PB 254 -54.21 43.89 -137.63
N LEU PB 255 -54.70 45.12 -137.64
CA LEU PB 255 -55.70 45.58 -136.68
C LEU PB 255 -57.10 45.45 -137.26
N THR PB 256 -58.01 44.89 -136.48
CA THR PB 256 -59.37 44.61 -136.94
C THR PB 256 -60.38 45.55 -136.31
N SER PB 257 -61.59 45.56 -136.88
CA SER PB 257 -62.70 46.29 -136.28
C SER PB 257 -63.30 45.56 -135.09
N SER PB 258 -63.03 44.26 -134.95
CA SER PB 258 -63.53 43.51 -133.81
C SER PB 258 -62.82 43.89 -132.51
N GLY PB 259 -61.62 44.46 -132.61
CA GLY PB 259 -60.94 44.93 -131.42
C GLY PB 259 -59.72 44.09 -131.06
N GLN PB 260 -59.05 43.54 -132.06
CA GLN PB 260 -57.81 42.82 -131.81
C GLN PB 260 -56.89 42.95 -133.01
N VAL PB 261 -55.61 42.68 -132.76
CA VAL PB 261 -54.58 42.74 -133.78
C VAL PB 261 -53.98 41.35 -133.89
N ILE PB 262 -53.98 40.81 -135.10
CA ILE PB 262 -53.41 39.49 -135.35
C ILE PB 262 -51.99 39.67 -135.86
N LYS PB 263 -51.15 38.66 -135.59
CA LYS PB 263 -49.73 38.69 -135.90
C LYS PB 263 -49.35 37.48 -136.75
N PHE PB 264 -48.05 37.26 -136.94
CA PHE PB 264 -47.60 36.07 -137.64
C PHE PB 264 -47.63 34.86 -136.72
N SER PB 265 -47.64 33.67 -137.34
CA SER PB 265 -47.75 32.44 -136.59
C SER PB 265 -46.40 32.03 -136.02
N GLN PB 266 -46.45 31.11 -135.07
CA GLN PB 266 -45.25 30.61 -134.40
C GLN PB 266 -45.08 29.11 -134.62
N MET QB 23 6.17 66.20 -121.31
CA MET QB 23 5.11 65.29 -121.70
C MET QB 23 4.54 64.57 -120.49
N LYS QB 24 4.75 65.15 -119.31
CA LYS QB 24 4.31 64.53 -118.07
C LYS QB 24 2.81 64.76 -117.86
N PHE QB 25 2.31 64.31 -116.72
CA PHE QB 25 0.90 64.45 -116.40
C PHE QB 25 0.75 64.92 -114.96
N LYS QB 26 -0.29 65.71 -114.72
CA LYS QB 26 -0.50 66.28 -113.40
C LYS QB 26 -1.97 66.63 -113.25
N LYS QB 27 -2.32 67.09 -112.06
CA LYS QB 27 -3.64 67.58 -111.69
C LYS QB 27 -3.45 68.90 -110.97
N PRO QB 28 -4.46 69.77 -110.96
CA PRO QB 28 -4.28 71.12 -110.39
C PRO QB 28 -3.98 71.14 -108.88
N PRO QB 29 -4.86 70.58 -107.98
CA PRO QB 29 -4.73 70.97 -106.57
C PRO QB 29 -3.57 70.27 -105.88
N ILE QB 30 -2.50 71.02 -105.65
CA ILE QB 30 -1.30 70.50 -105.02
C ILE QB 30 -0.90 71.46 -103.91
N ASN QB 31 -0.78 70.94 -102.69
CA ASN QB 31 -0.47 71.78 -101.55
C ASN QB 31 0.35 70.99 -100.55
N ASN QB 32 0.51 71.56 -99.36
CA ASN QB 32 1.26 70.94 -98.28
C ASN QB 32 0.51 69.71 -97.77
N PRO QB 33 1.22 68.73 -97.21
CA PRO QB 33 0.56 67.49 -96.76
C PRO QB 33 -0.34 67.73 -95.55
N SER QB 34 -1.27 66.79 -95.38
CA SER QB 34 -2.41 66.93 -94.48
C SER QB 34 -2.25 66.04 -93.26
N ASP QB 35 -3.28 66.05 -92.41
CA ASP QB 35 -3.32 65.27 -91.18
C ASP QB 35 -4.66 64.56 -91.05
N ASP QB 36 -4.58 63.27 -90.68
CA ASP QB 36 -5.75 62.41 -90.57
C ASP QB 36 -6.72 62.87 -89.48
N ALA QB 37 -6.20 63.48 -88.41
CA ALA QB 37 -7.08 63.99 -87.37
C ALA QB 37 -7.93 65.14 -87.89
N THR QB 38 -7.34 66.05 -88.67
CA THR QB 38 -8.12 67.09 -89.34
C THR QB 38 -9.08 66.51 -90.35
N ILE QB 39 -8.67 65.43 -91.03
CA ILE QB 39 -9.54 64.76 -92.00
C ILE QB 39 -10.80 64.24 -91.32
N LYS QB 40 -10.63 63.55 -90.20
CA LYS QB 40 -11.78 62.98 -89.52
C LYS QB 40 -12.60 64.04 -88.82
N LEU QB 41 -11.96 65.14 -88.41
CA LEU QB 41 -12.68 66.28 -87.87
C LEU QB 41 -13.64 66.87 -88.91
N ALA QB 42 -13.15 67.06 -90.14
CA ALA QB 42 -14.01 67.56 -91.19
C ALA QB 42 -15.08 66.55 -91.58
N GLU QB 43 -14.75 65.26 -91.49
CA GLU QB 43 -15.71 64.21 -91.77
C GLU QB 43 -16.88 64.24 -90.79
N ALA QB 44 -16.59 64.53 -89.53
CA ALA QB 44 -17.69 64.79 -88.60
C ALA QB 44 -18.40 66.09 -88.94
N ALA QB 45 -17.63 67.11 -89.34
CA ALA QB 45 -18.13 68.47 -89.44
C ALA QB 45 -19.15 68.63 -90.56
N VAL QB 46 -18.98 67.89 -91.65
CA VAL QB 46 -19.95 68.01 -92.75
C VAL QB 46 -21.31 67.48 -92.32
N SER QB 47 -21.32 66.40 -91.55
CA SER QB 47 -22.58 65.86 -91.03
C SER QB 47 -23.21 66.82 -90.03
N VAL QB 48 -22.37 67.45 -89.21
CA VAL QB 48 -22.87 68.45 -88.25
C VAL QB 48 -23.52 69.62 -88.99
N SER QB 49 -22.88 70.07 -90.06
CA SER QB 49 -23.40 71.18 -90.87
C SER QB 49 -24.72 70.82 -91.52
N ASP QB 50 -24.82 69.60 -92.06
CA ASP QB 50 -26.07 69.18 -92.69
C ASP QB 50 -27.20 69.05 -91.67
N SER QB 51 -26.86 68.61 -90.45
CA SER QB 51 -27.88 68.49 -89.42
C SER QB 51 -28.44 69.86 -89.03
N MET QB 52 -27.55 70.84 -88.85
CA MET QB 52 -28.02 72.18 -88.56
C MET QB 52 -28.78 72.79 -89.73
N LEU QB 53 -28.41 72.41 -90.96
CA LEU QB 53 -29.09 72.90 -92.14
C LEU QB 53 -30.54 72.43 -92.17
N GLU QB 54 -30.76 71.14 -91.93
CA GLU QB 54 -32.13 70.65 -91.95
C GLU QB 54 -32.92 71.17 -90.76
N MET QB 55 -32.26 71.42 -89.63
CA MET QB 55 -32.91 72.06 -88.50
C MET QB 55 -33.38 73.47 -88.86
N ALA QB 56 -32.53 74.21 -89.57
CA ALA QB 56 -32.87 75.56 -90.00
C ALA QB 56 -34.05 75.55 -90.96
N LYS QB 57 -34.06 74.58 -91.88
CA LYS QB 57 -35.14 74.50 -92.85
C LYS QB 57 -36.48 74.20 -92.19
N VAL QB 58 -36.49 73.21 -91.29
CA VAL QB 58 -37.76 72.83 -90.66
C VAL QB 58 -38.23 73.91 -89.71
N GLU QB 59 -37.30 74.62 -89.05
CA GLU QB 59 -37.69 75.69 -88.14
C GLU QB 59 -38.30 76.87 -88.89
N LYS QB 60 -37.67 77.27 -90.00
CA LYS QB 60 -38.17 78.40 -90.75
C LYS QB 60 -39.50 78.08 -91.40
N VAL QB 61 -39.69 76.84 -91.85
CA VAL QB 61 -40.97 76.56 -92.49
C VAL QB 61 -42.07 76.28 -91.47
N ILE QB 62 -41.74 75.90 -90.24
CA ILE QB 62 -42.80 75.63 -89.28
C ILE QB 62 -43.14 76.86 -88.44
N THR QB 63 -42.27 77.87 -88.41
CA THR QB 63 -42.61 79.14 -87.77
C THR QB 63 -42.26 80.25 -88.74
N PRO QB 64 -43.23 80.94 -89.30
CA PRO QB 64 -42.95 82.05 -90.19
C PRO QB 64 -42.48 83.27 -89.42
N PRO QB 65 -41.26 83.75 -89.68
CA PRO QB 65 -40.82 84.98 -89.02
C PRO QB 65 -41.49 86.19 -89.63
N SER QB 66 -41.64 87.23 -88.81
CA SER QB 66 -42.43 88.39 -89.22
C SER QB 66 -41.58 89.65 -89.35
N LYS QB 67 -40.87 90.06 -88.31
CA LYS QB 67 -40.31 91.40 -88.24
C LYS QB 67 -38.81 91.35 -88.01
N ASP QB 68 -38.11 92.26 -88.68
CA ASP QB 68 -36.68 92.43 -88.49
C ASP QB 68 -36.43 93.50 -87.43
N ASN QB 69 -35.24 93.44 -86.84
CA ASN QB 69 -34.84 94.40 -85.82
C ASN QB 69 -34.32 95.70 -86.40
N THR QB 70 -34.42 95.89 -87.71
CA THR QB 70 -33.91 97.09 -88.36
C THR QB 70 -34.69 98.32 -87.93
N LEU QB 71 -36.00 98.21 -87.77
CA LEU QB 71 -36.75 99.35 -87.25
C LEU QB 71 -36.57 99.50 -85.75
N THR QB 72 -36.15 98.45 -85.05
CA THR QB 72 -35.86 98.59 -83.63
C THR QB 72 -34.58 99.37 -83.41
N ILE QB 73 -33.55 99.05 -84.17
CA ILE QB 73 -32.35 99.86 -84.13
C ILE QB 73 -32.03 100.33 -85.55
N PRO QB 74 -32.32 101.59 -85.85
CA PRO QB 74 -32.03 102.09 -87.19
C PRO QB 74 -30.57 102.47 -87.33
N ASN QB 75 -30.22 103.05 -88.47
CA ASN QB 75 -28.87 103.52 -88.71
C ASN QB 75 -28.92 104.97 -89.13
N ALA QB 76 -27.82 105.67 -88.87
CA ALA QB 76 -27.72 107.09 -89.19
C ALA QB 76 -26.26 107.38 -89.51
N TYR QB 77 -25.89 108.65 -89.47
CA TYR QB 77 -24.49 109.01 -89.62
C TYR QB 77 -23.74 108.66 -88.33
N ASN QB 78 -22.41 108.83 -88.38
CA ASN QB 78 -21.47 108.40 -87.35
C ASN QB 78 -21.59 106.90 -87.10
N LEU QB 79 -21.90 106.15 -88.16
CA LEU QB 79 -22.09 104.71 -88.07
C LEU QB 79 -21.47 103.94 -89.21
N GLN QB 80 -21.00 104.60 -90.26
CA GLN QB 80 -20.44 103.86 -91.37
C GLN QB 80 -18.95 103.62 -91.21
N ALA QB 81 -18.37 104.06 -90.10
CA ALA QB 81 -17.01 103.66 -89.76
C ALA QB 81 -16.97 102.16 -89.51
N ARG QB 82 -15.89 101.53 -89.92
CA ARG QB 82 -15.90 100.07 -90.03
C ARG QB 82 -15.00 99.45 -88.98
N ALA QB 83 -15.12 98.14 -88.82
CA ALA QB 83 -14.38 97.42 -87.80
C ALA QB 83 -14.22 95.95 -88.20
N SER QB 84 -13.21 95.33 -87.60
CA SER QB 84 -12.99 93.90 -87.72
C SER QB 84 -12.66 93.36 -86.33
N VAL QB 85 -13.38 92.34 -85.89
CA VAL QB 85 -13.41 91.98 -84.48
C VAL QB 85 -13.44 90.47 -84.32
N ASP QB 86 -12.56 89.94 -83.48
CA ASP QB 86 -12.66 88.59 -82.93
C ASP QB 86 -12.86 88.70 -81.43
N TRP QB 87 -13.88 88.01 -80.91
CA TRP QB 87 -14.24 88.26 -79.53
C TRP QB 87 -14.89 87.04 -78.91
N SER QB 88 -14.52 86.75 -77.66
CA SER QB 88 -15.11 85.65 -76.91
C SER QB 88 -15.31 86.02 -75.44
N GLY QB 89 -15.85 87.20 -75.17
CA GLY QB 89 -15.99 87.64 -73.80
C GLY QB 89 -17.42 87.94 -73.38
N PRO QB 90 -17.59 88.64 -72.27
CA PRO QB 90 -18.89 89.20 -71.92
C PRO QB 90 -19.17 90.46 -72.74
N ILE QB 91 -20.41 90.93 -72.64
CA ILE QB 91 -20.91 91.90 -73.59
C ILE QB 91 -20.66 93.35 -73.21
N GLU QB 92 -20.39 93.62 -71.93
CA GLU QB 92 -20.53 94.97 -71.39
C GLU QB 92 -19.44 95.89 -71.92
N GLU QB 93 -18.18 95.54 -71.70
CA GLU QB 93 -17.10 96.41 -72.11
C GLU QB 93 -16.93 96.42 -73.62
N LEU QB 94 -17.37 95.38 -74.31
CA LEU QB 94 -17.36 95.41 -75.78
C LEU QB 94 -18.35 96.43 -76.31
N THR QB 95 -19.56 96.46 -75.73
CA THR QB 95 -20.52 97.50 -76.07
C THR QB 95 -20.01 98.88 -75.68
N ALA QB 96 -19.25 98.95 -74.58
CA ALA QB 96 -18.64 100.22 -74.19
C ALA QB 96 -17.60 100.67 -75.21
N ARG QB 97 -16.82 99.74 -75.75
CA ARG QB 97 -15.86 100.06 -76.79
C ARG QB 97 -16.55 100.58 -78.04
N ILE QB 98 -17.66 99.93 -78.42
CA ILE QB 98 -18.42 100.38 -79.59
C ILE QB 98 -19.02 101.76 -79.34
N ALA QB 99 -19.50 102.00 -78.12
CA ALA QB 99 -20.08 103.31 -77.79
C ALA QB 99 -19.03 104.42 -77.83
N LYS QB 100 -17.83 104.14 -77.31
CA LYS QB 100 -16.78 105.14 -77.33
C LYS QB 100 -16.26 105.37 -78.74
N ALA QB 101 -16.30 104.34 -79.58
CA ALA QB 101 -16.01 104.57 -81.00
C ALA QB 101 -17.10 105.39 -81.66
N ALA QB 102 -18.34 105.22 -81.22
CA ALA QB 102 -19.47 105.91 -81.83
C ALA QB 102 -19.70 107.30 -81.29
N HIS QB 103 -18.96 107.69 -80.24
CA HIS QB 103 -19.13 108.98 -79.54
C HIS QB 103 -20.55 109.15 -79.02
N PHE QB 104 -21.12 108.08 -78.48
CA PHE QB 104 -22.50 108.08 -78.04
C PHE QB 104 -22.58 107.85 -76.54
N ARG QB 105 -23.71 108.23 -75.97
CA ARG QB 105 -23.95 107.95 -74.56
C ARG QB 105 -24.24 106.47 -74.37
N PHE QB 106 -23.92 105.97 -73.19
CA PHE QB 106 -24.15 104.58 -72.84
C PHE QB 106 -25.20 104.50 -71.75
N ARG QB 107 -26.12 103.54 -71.89
CA ARG QB 107 -27.16 103.40 -70.88
C ARG QB 107 -27.51 101.93 -70.66
N VAL QB 108 -27.69 101.59 -69.39
CA VAL QB 108 -27.95 100.23 -68.94
C VAL QB 108 -29.33 100.20 -68.31
N LEU QB 109 -30.15 99.24 -68.72
CA LEU QB 109 -31.50 99.08 -68.20
C LEU QB 109 -31.61 97.73 -67.53
N GLY QB 110 -32.10 97.71 -66.31
CA GLY QB 110 -32.10 96.50 -65.53
C GLY QB 110 -30.72 96.24 -64.95
N LYS QB 111 -30.55 95.04 -64.42
CA LYS QB 111 -29.28 94.60 -63.87
C LYS QB 111 -28.87 93.26 -64.45
N SER QB 112 -27.58 92.96 -64.31
CA SER QB 112 -27.06 91.69 -64.79
C SER QB 112 -27.60 90.55 -63.92
N PRO QB 113 -27.92 89.42 -64.53
CA PRO QB 113 -28.31 88.25 -63.75
C PRO QB 113 -27.07 87.56 -63.20
N SER QB 114 -27.31 86.41 -62.56
CA SER QB 114 -26.24 85.68 -61.91
C SER QB 114 -25.28 85.07 -62.93
N VAL QB 115 -25.82 84.38 -63.92
CA VAL QB 115 -24.98 83.80 -64.97
C VAL QB 115 -24.53 84.91 -65.92
N PRO QB 116 -23.24 85.04 -66.19
CA PRO QB 116 -22.80 86.04 -67.15
C PRO QB 116 -23.22 85.68 -68.56
N VAL QB 117 -23.49 86.70 -69.35
CA VAL QB 117 -23.92 86.52 -70.73
C VAL QB 117 -22.70 86.48 -71.63
N LEU QB 118 -22.63 85.46 -72.46
CA LEU QB 118 -21.45 85.21 -73.28
C LEU QB 118 -21.82 85.24 -74.75
N ILE QB 119 -20.82 85.53 -75.59
CA ILE QB 119 -21.02 85.69 -77.02
C ILE QB 119 -19.80 85.12 -77.75
N SER QB 120 -19.87 85.17 -79.08
CA SER QB 120 -18.80 84.66 -79.93
C SER QB 120 -18.88 85.38 -81.27
N ILE QB 121 -17.82 86.07 -81.65
CA ILE QB 121 -17.82 86.92 -82.84
C ILE QB 121 -16.56 86.65 -83.65
N SER QB 122 -16.75 86.32 -84.93
CA SER QB 122 -15.65 86.17 -85.87
C SER QB 122 -16.08 86.80 -87.19
N THR QB 123 -15.71 88.06 -87.40
CA THR QB 123 -16.14 88.80 -88.57
C THR QB 123 -15.13 89.92 -88.87
N LYS QB 124 -15.22 90.46 -90.08
CA LYS QB 124 -14.27 91.47 -90.53
C LYS QB 124 -14.91 92.36 -91.57
N ASP QB 125 -14.69 93.67 -91.42
CA ASP QB 125 -15.06 94.72 -92.38
C ASP QB 125 -16.57 94.74 -92.64
N GLU QB 126 -17.30 95.12 -91.61
CA GLU QB 126 -18.74 95.32 -91.73
C GLU QB 126 -19.14 96.49 -90.85
N SER QB 127 -20.32 97.01 -91.10
CA SER QB 127 -20.72 98.25 -90.46
C SER QB 127 -21.35 97.99 -89.10
N LEU QB 128 -21.41 99.06 -88.32
CA LEU QB 128 -21.80 98.97 -86.92
C LEU QB 128 -23.27 98.65 -86.77
N ALA QB 129 -24.09 99.01 -87.76
CA ALA QB 129 -25.51 98.73 -87.69
C ALA QB 129 -25.79 97.23 -87.68
N GLU QB 130 -25.23 96.50 -88.64
CA GLU QB 130 -25.41 95.06 -88.63
C GLU QB 130 -24.56 94.40 -87.55
N ILE QB 131 -23.48 95.03 -87.10
CA ILE QB 131 -22.74 94.51 -85.96
C ILE QB 131 -23.61 94.52 -84.72
N LEU QB 132 -24.31 95.61 -84.49
CA LEU QB 132 -25.21 95.69 -83.33
C LEU QB 132 -26.42 94.80 -83.51
N ARG QB 133 -26.91 94.67 -84.75
CA ARG QB 133 -28.11 93.87 -85.00
C ARG QB 133 -27.83 92.39 -84.77
N ASP QB 134 -26.71 91.89 -85.28
CA ASP QB 134 -26.40 90.49 -85.03
C ASP QB 134 -25.88 90.26 -83.62
N ILE QB 135 -25.38 91.31 -82.95
CA ILE QB 135 -25.10 91.19 -81.52
C ILE QB 135 -26.38 90.96 -80.75
N ASP QB 136 -27.43 91.71 -81.10
CA ASP QB 136 -28.73 91.50 -80.47
C ASP QB 136 -29.30 90.14 -80.81
N TYR QB 137 -29.08 89.68 -82.04
CA TYR QB 137 -29.53 88.36 -82.46
C TYR QB 137 -28.83 87.26 -81.69
N GLN QB 138 -27.52 87.40 -81.48
CA GLN QB 138 -26.79 86.41 -80.69
C GLN QB 138 -27.18 86.48 -79.23
N ALA QB 139 -27.57 87.66 -78.74
CA ALA QB 139 -28.05 87.76 -77.37
C ALA QB 139 -29.37 87.03 -77.19
N GLY QB 140 -30.33 87.26 -78.09
CA GLY QB 140 -31.60 86.59 -78.03
C GLY QB 140 -32.44 86.98 -76.82
N LYS QB 141 -32.80 85.98 -76.02
CA LYS QB 141 -33.71 86.19 -74.90
C LYS QB 141 -33.05 86.88 -73.70
N LYS QB 142 -31.73 86.98 -73.68
CA LYS QB 142 -31.08 87.54 -72.50
C LYS QB 142 -31.21 89.05 -72.42
N ALA QB 143 -31.06 89.75 -73.53
CA ALA QB 143 -31.05 91.20 -73.49
C ALA QB 143 -31.52 91.75 -74.83
N SER QB 144 -31.61 93.06 -74.91
CA SER QB 144 -31.97 93.74 -76.14
C SER QB 144 -31.19 95.04 -76.25
N ILE QB 145 -31.01 95.50 -77.49
CA ILE QB 145 -30.23 96.68 -77.79
C ILE QB 145 -31.14 97.70 -78.47
N HIS QB 146 -31.07 98.94 -78.04
CA HIS QB 146 -31.74 100.02 -78.75
C HIS QB 146 -30.80 101.20 -78.88
N VAL QB 147 -31.00 101.95 -79.96
CA VAL QB 147 -30.19 103.13 -80.24
C VAL QB 147 -31.14 104.27 -80.61
N TYR QB 148 -31.01 105.40 -79.94
CA TYR QB 148 -31.72 106.58 -80.39
C TYR QB 148 -30.69 107.55 -80.94
N PRO QB 149 -30.52 107.61 -82.27
CA PRO QB 149 -29.47 108.45 -82.84
C PRO QB 149 -29.82 109.92 -82.81
N ASN QB 150 -31.10 110.24 -82.79
CA ASN QB 150 -31.53 111.61 -82.51
C ASN QB 150 -31.10 112.01 -81.11
N SER QB 151 -31.17 111.08 -80.16
CA SER QB 151 -30.66 111.31 -78.82
C SER QB 151 -29.20 110.91 -78.67
N GLN QB 152 -28.63 110.23 -79.68
CA GLN QB 152 -27.23 109.78 -79.69
C GLN QB 152 -26.92 108.88 -78.50
N VAL QB 153 -27.87 108.04 -78.14
CA VAL QB 153 -27.71 107.15 -76.99
C VAL QB 153 -27.78 105.72 -77.47
N VAL QB 154 -27.01 104.86 -76.79
CA VAL QB 154 -27.00 103.43 -77.02
C VAL QB 154 -27.34 102.77 -75.68
N GLU QB 155 -28.44 102.04 -75.64
CA GLU QB 155 -28.87 101.41 -74.42
C GLU QB 155 -28.98 99.90 -74.62
N LEU QB 156 -28.67 99.18 -73.56
CA LEU QB 156 -28.89 97.74 -73.49
C LEU QB 156 -29.79 97.43 -72.31
N ARG QB 157 -30.83 96.65 -72.55
CA ARG QB 157 -31.80 96.30 -71.52
C ARG QB 157 -31.70 94.82 -71.25
N TYR QB 158 -31.41 94.47 -70.00
CA TYR QB 158 -31.47 93.09 -69.57
C TYR QB 158 -32.91 92.61 -69.53
N ALA QB 159 -33.10 91.31 -69.64
CA ALA QB 159 -34.44 90.76 -69.57
C ALA QB 159 -34.88 90.60 -68.13
N LYS QB 160 -36.10 91.04 -67.85
CA LYS QB 160 -36.77 90.70 -66.61
C LYS QB 160 -37.51 89.40 -66.83
N ILE QB 161 -37.23 88.41 -65.98
CA ILE QB 161 -37.68 87.05 -66.18
C ILE QB 161 -37.78 86.40 -64.81
N TYR QB 162 -38.33 85.19 -64.77
CA TYR QB 162 -38.56 84.36 -63.57
C TYR QB 162 -39.51 85.05 -62.60
N ARG RB 207 -78.01 46.01 -67.41
CA ARG RB 207 -77.84 46.33 -66.00
C ARG RB 207 -77.50 45.09 -65.18
N ILE RB 208 -77.62 45.19 -63.86
CA ILE RB 208 -77.20 44.13 -62.94
C ILE RB 208 -78.42 43.38 -62.45
N ILE RB 209 -78.35 42.05 -62.48
CA ILE RB 209 -79.41 41.19 -62.01
C ILE RB 209 -78.99 40.59 -60.68
N TYR RB 210 -79.87 40.62 -59.69
CA TYR RB 210 -79.58 40.12 -58.37
C TYR RB 210 -80.38 38.86 -58.06
N TYR RB 211 -79.96 38.17 -57.02
CA TYR RB 211 -80.71 37.09 -56.41
C TYR RB 211 -80.65 37.26 -54.90
N ILE RB 212 -81.63 36.67 -54.21
CA ILE RB 212 -81.51 36.50 -52.78
C ILE RB 212 -80.45 35.43 -52.51
N GLN RB 213 -79.70 35.61 -51.44
CA GLN RB 213 -78.69 34.64 -51.03
C GLN RB 213 -79.00 34.03 -49.67
N ALA RB 214 -79.13 34.85 -48.64
CA ALA RB 214 -79.42 34.40 -47.30
C ALA RB 214 -80.56 35.25 -46.75
N VAL RB 215 -81.58 34.60 -46.21
CA VAL RB 215 -82.75 35.28 -45.69
C VAL RB 215 -82.87 35.00 -44.21
N ILE RB 216 -82.84 36.06 -43.41
CA ILE RB 216 -83.24 36.00 -42.00
C ILE RB 216 -84.43 36.93 -41.85
N PRO RB 217 -85.22 36.76 -40.80
CA PRO RB 217 -86.20 37.82 -40.47
C PRO RB 217 -85.49 39.11 -40.10
N GLY RB 218 -85.98 40.22 -40.65
CA GLY RB 218 -85.35 41.51 -40.45
C GLY RB 218 -84.37 41.93 -41.53
N ARG RB 219 -83.34 41.13 -41.80
CA ARG RB 219 -82.29 41.52 -42.73
C ARG RB 219 -82.27 40.59 -43.93
N ALA RB 220 -81.90 41.14 -45.08
CA ALA RB 220 -81.85 40.34 -46.31
C ALA RB 220 -80.49 40.49 -46.95
N TRP RB 221 -80.09 39.46 -47.70
CA TRP RB 221 -78.81 39.46 -48.39
C TRP RB 221 -79.03 39.19 -49.87
N LEU RB 222 -78.43 40.03 -50.71
CA LEU RB 222 -78.59 39.94 -52.15
C LEU RB 222 -77.23 39.88 -52.83
N ILE RB 223 -77.17 39.15 -53.93
CA ILE RB 223 -75.94 38.95 -54.68
C ILE RB 223 -76.22 39.20 -56.17
N GLY RB 224 -75.43 40.07 -56.79
CA GLY RB 224 -75.45 40.24 -58.21
C GLY RB 224 -74.28 39.51 -58.84
N SER RB 225 -74.36 39.31 -60.16
CA SER RB 225 -73.30 38.61 -60.88
C SER RB 225 -72.06 39.46 -61.06
N ASN RB 226 -72.15 40.77 -60.80
CA ASN RB 226 -71.01 41.67 -60.88
C ASN RB 226 -70.36 41.90 -59.53
N GLY RB 227 -70.42 40.91 -58.64
CA GLY RB 227 -69.76 41.01 -57.35
C GLY RB 227 -70.44 41.90 -56.35
N SER RB 228 -71.65 42.37 -56.64
CA SER RB 228 -72.37 43.29 -55.76
C SER RB 228 -73.21 42.45 -54.80
N THR RB 229 -72.65 42.12 -53.65
CA THR RB 229 -73.35 41.36 -52.63
C THR RB 229 -73.45 42.22 -51.38
N LEU RB 230 -74.67 42.48 -50.93
CA LEU RB 230 -74.90 43.35 -49.79
C LEU RB 230 -76.05 42.82 -48.95
N THR RB 231 -76.33 43.55 -47.87
CA THR RB 231 -77.49 43.30 -47.02
C THR RB 231 -78.37 44.53 -47.02
N VAL RB 232 -79.68 44.31 -46.98
CA VAL RB 232 -80.67 45.35 -47.09
C VAL RB 232 -81.73 45.18 -46.00
N ARG RB 233 -82.43 46.28 -45.72
CA ARG RB 233 -83.53 46.33 -44.78
C ARG RB 233 -84.85 46.36 -45.53
N GLU RB 234 -85.95 46.57 -44.80
CA GLU RB 234 -87.24 46.76 -45.44
C GLU RB 234 -87.30 48.11 -46.15
N GLY RB 235 -86.89 49.17 -45.46
CA GLY RB 235 -86.73 50.44 -46.14
C GLY RB 235 -85.31 50.59 -46.63
N SER RB 236 -85.08 50.25 -47.90
CA SER RB 236 -83.74 50.24 -48.45
C SER RB 236 -83.80 50.64 -49.92
N LYS RB 237 -82.79 51.41 -50.35
CA LYS RB 237 -82.74 51.92 -51.72
C LYS RB 237 -81.90 50.98 -52.56
N ILE RB 238 -82.56 50.15 -53.35
CA ILE RB 238 -81.89 49.25 -54.29
C ILE RB 238 -81.81 49.95 -55.64
N PRO RB 239 -80.61 50.26 -56.14
CA PRO RB 239 -80.50 51.00 -57.39
C PRO RB 239 -80.90 50.16 -58.59
N GLY RB 240 -81.61 50.79 -59.52
CA GLY RB 240 -82.22 50.11 -60.63
C GLY RB 240 -83.54 49.46 -60.33
N TYR RB 241 -83.92 49.40 -59.06
CA TYR RB 241 -85.16 48.77 -58.64
C TYR RB 241 -86.01 49.68 -57.75
N GLY RB 242 -85.38 50.47 -56.89
CA GLY RB 242 -86.14 51.40 -56.09
C GLY RB 242 -86.11 51.08 -54.60
N MET RB 243 -87.26 50.69 -54.05
CA MET RB 243 -87.38 50.42 -52.62
C MET RB 243 -88.03 49.06 -52.42
N VAL RB 244 -87.69 48.42 -51.31
CA VAL RB 244 -88.33 47.16 -50.94
C VAL RB 244 -89.65 47.48 -50.25
N LYS RB 245 -90.72 46.79 -50.64
CA LYS RB 245 -92.02 47.01 -50.01
C LYS RB 245 -92.46 45.89 -49.11
N LEU RB 246 -91.87 44.70 -49.22
CA LEU RB 246 -92.23 43.58 -48.36
C LEU RB 246 -91.10 42.57 -48.34
N ILE RB 247 -90.75 42.10 -47.14
CA ILE RB 247 -89.78 41.03 -46.95
C ILE RB 247 -90.48 39.89 -46.23
N ASP RB 248 -90.46 38.71 -46.84
CA ASP RB 248 -90.99 37.50 -46.23
C ASP RB 248 -89.82 36.57 -45.92
N SER RB 249 -89.81 36.01 -44.71
CA SER RB 249 -88.72 35.11 -44.33
C SER RB 249 -88.84 33.75 -44.99
N LEU RB 250 -90.02 33.40 -45.49
CA LEU RB 250 -90.25 32.11 -46.12
C LEU RB 250 -90.60 32.28 -47.58
N GLN RB 251 -90.39 31.20 -48.34
CA GLN RB 251 -90.76 31.02 -49.74
C GLN RB 251 -90.02 31.96 -50.71
N GLY RB 252 -89.05 32.73 -50.22
CA GLY RB 252 -88.07 33.41 -51.04
C GLY RB 252 -88.51 34.45 -52.06
N ARG RB 253 -89.39 35.35 -51.68
CA ARG RB 253 -89.80 36.45 -52.57
C ARG RB 253 -89.54 37.77 -51.87
N ILE RB 254 -88.83 38.67 -52.55
CA ILE RB 254 -88.59 40.02 -52.08
C ILE RB 254 -89.24 40.99 -53.06
N LEU RB 255 -90.13 41.83 -52.54
CA LEU RB 255 -91.00 42.64 -53.37
C LEU RB 255 -90.50 44.08 -53.42
N THR RB 256 -90.42 44.62 -54.62
CA THR RB 256 -89.91 45.96 -54.86
C THR RB 256 -91.06 46.96 -54.99
N SER RB 257 -90.78 48.22 -54.64
CA SER RB 257 -91.78 49.28 -54.82
C SER RB 257 -92.04 49.57 -56.28
N SER RB 258 -91.15 49.16 -57.18
CA SER RB 258 -91.40 49.21 -58.61
C SER RB 258 -92.07 47.94 -59.12
N GLY RB 259 -92.43 47.01 -58.23
CA GLY RB 259 -93.14 45.81 -58.61
C GLY RB 259 -92.28 44.63 -58.99
N GLN RB 260 -90.96 44.77 -58.97
CA GLN RB 260 -90.09 43.65 -59.26
C GLN RB 260 -90.08 42.66 -58.10
N VAL RB 261 -89.81 41.40 -58.41
CA VAL RB 261 -89.75 40.33 -57.42
C VAL RB 261 -88.34 39.78 -57.44
N ILE RB 262 -87.58 40.04 -56.38
CA ILE RB 262 -86.26 39.44 -56.23
C ILE RB 262 -86.43 38.02 -55.71
N LYS RB 263 -85.76 37.08 -56.36
CA LYS RB 263 -85.93 35.67 -56.07
C LYS RB 263 -84.56 35.00 -56.08
N PHE RB 264 -84.50 33.83 -55.44
CA PHE RB 264 -83.30 33.02 -55.45
C PHE RB 264 -83.04 32.45 -56.84
N SER RB 265 -81.82 31.93 -57.03
CA SER RB 265 -81.54 31.16 -58.22
C SER RB 265 -82.26 29.82 -58.13
N GLN RB 266 -82.97 29.46 -59.21
CA GLN RB 266 -83.81 28.27 -59.17
C GLN RB 266 -83.01 26.98 -59.26
N GLU RB 267 -81.77 27.03 -59.74
CA GLU RB 267 -80.92 25.86 -59.77
C GLU RB 267 -79.90 25.86 -58.64
N ASP RB 268 -79.49 27.04 -58.19
CA ASP RB 268 -78.79 27.19 -56.91
C ASP RB 268 -79.86 27.32 -55.82
N SER RB 269 -80.51 26.18 -55.55
CA SER RB 269 -81.69 26.16 -54.68
C SER RB 269 -81.75 24.86 -53.88
N GLN SB 791 -116.82 10.64 -25.72
CA GLN SB 791 -116.96 11.88 -24.98
C GLN SB 791 -116.05 11.90 -23.76
N GLN SB 792 -116.57 11.39 -22.64
CA GLN SB 792 -115.82 11.38 -21.38
C GLN SB 792 -114.68 10.38 -21.38
N GLU SB 793 -114.68 9.42 -22.30
CA GLU SB 793 -113.61 8.44 -22.42
C GLU SB 793 -112.57 8.85 -23.44
N ILE SB 794 -112.33 10.15 -23.60
CA ILE SB 794 -111.32 10.63 -24.52
C ILE SB 794 -110.02 10.99 -23.81
N GLN SB 795 -110.05 11.17 -22.49
CA GLN SB 795 -108.88 11.67 -21.77
C GLN SB 795 -107.75 10.65 -21.72
N GLN SB 796 -108.11 9.38 -21.48
CA GLN SB 796 -107.10 8.32 -21.52
C GLN SB 796 -106.63 8.02 -22.93
N ARG SB 797 -107.41 8.42 -23.95
CA ARG SB 797 -106.93 8.36 -25.32
C ARG SB 797 -105.93 9.48 -25.60
N THR SB 798 -105.92 10.53 -24.78
CA THR SB 798 -104.93 11.58 -24.93
C THR SB 798 -103.70 11.34 -24.07
N SER SB 799 -103.90 10.84 -22.85
CA SER SB 799 -102.85 10.81 -21.85
C SER SB 799 -101.74 9.84 -22.21
N ASP SB 800 -102.08 8.76 -22.93
CA ASP SB 800 -101.06 7.79 -23.32
C ASP SB 800 -100.12 8.34 -24.36
N MET SB 801 -100.66 8.94 -25.42
CA MET SB 801 -99.83 9.43 -26.50
C MET SB 801 -99.22 10.79 -26.22
N LEU SB 802 -99.66 11.45 -25.15
CA LEU SB 802 -98.95 12.64 -24.67
C LEU SB 802 -97.54 12.30 -24.24
N THR SB 803 -97.37 11.14 -23.59
CA THR SB 803 -96.05 10.68 -23.21
C THR SB 803 -95.20 10.38 -24.42
N ALA SB 804 -95.80 9.73 -25.43
CA ALA SB 804 -95.05 9.38 -26.63
C ALA SB 804 -94.71 10.62 -27.46
N ALA SB 805 -95.58 11.61 -27.44
CA ALA SB 805 -95.28 12.87 -28.12
C ALA SB 805 -94.13 13.59 -27.45
N THR SB 806 -94.11 13.60 -26.12
CA THR SB 806 -92.99 14.17 -25.40
C THR SB 806 -91.74 13.31 -25.55
N GLN SB 807 -91.93 12.02 -25.82
CA GLN SB 807 -90.80 11.16 -26.10
C GLN SB 807 -90.15 11.53 -27.43
N LEU SB 808 -90.95 11.92 -28.42
CA LEU SB 808 -90.43 12.08 -29.77
C LEU SB 808 -89.62 13.35 -29.93
N VAL SB 809 -90.01 14.43 -29.23
CA VAL SB 809 -89.40 15.73 -29.46
C VAL SB 809 -87.96 15.77 -28.96
N GLN SB 810 -87.71 15.20 -27.78
CA GLN SB 810 -86.35 15.14 -27.25
C GLN SB 810 -85.46 14.21 -28.08
N ASP SB 811 -86.04 13.19 -28.71
CA ASP SB 811 -85.31 12.40 -29.69
C ASP SB 811 -84.93 13.25 -30.90
N TRP SB 812 -85.83 14.14 -31.33
CA TRP SB 812 -85.47 15.08 -32.38
C TRP SB 812 -84.55 16.17 -31.88
N LYS SB 813 -84.47 16.38 -30.57
CA LYS SB 813 -83.76 17.54 -30.04
C LYS SB 813 -82.25 17.36 -30.13
N GLN SB 814 -81.75 16.18 -29.77
CA GLN SB 814 -80.31 16.03 -29.62
C GLN SB 814 -79.64 15.74 -30.96
N VAL SB 815 -78.41 16.20 -31.09
CA VAL SB 815 -77.55 15.95 -32.24
C VAL SB 815 -76.13 15.84 -31.75
N GLU SB 816 -75.41 14.84 -32.22
CA GLU SB 816 -74.07 14.58 -31.73
C GLU SB 816 -73.05 15.39 -32.49
N THR SB 817 -71.84 15.47 -31.93
CA THR SB 817 -70.72 16.10 -32.60
C THR SB 817 -70.12 15.13 -33.61
N GLN SB 818 -69.09 15.57 -34.30
CA GLN SB 818 -68.48 14.79 -35.36
C GLN SB 818 -67.45 13.83 -34.78
N VAL SB 819 -66.65 13.22 -35.66
CA VAL SB 819 -65.44 12.51 -35.28
C VAL SB 819 -64.33 12.96 -36.23
N TYR SB 820 -63.22 13.41 -35.66
CA TYR SB 820 -62.06 13.80 -36.44
C TYR SB 820 -60.94 12.82 -36.19
N THR SB 821 -60.27 12.39 -37.25
CA THR SB 821 -59.21 11.40 -37.15
C THR SB 821 -58.04 11.82 -38.02
N GLU SB 822 -56.86 11.32 -37.66
CA GLU SB 822 -55.64 11.59 -38.41
C GLU SB 822 -54.82 10.32 -38.46
N GLY SB 823 -53.55 10.46 -38.82
CA GLY SB 823 -52.63 9.35 -38.80
C GLY SB 823 -51.97 9.08 -40.14
N THR SB 824 -50.84 8.38 -40.10
CA THR SB 824 -50.12 8.04 -41.30
C THR SB 824 -49.71 6.57 -41.28
N ALA TB 104 -112.04 -39.50 -25.36
CA ALA TB 104 -110.82 -39.93 -24.67
C ALA TB 104 -109.65 -39.04 -25.06
N GLU TB 105 -109.39 -38.94 -26.37
CA GLU TB 105 -108.25 -38.19 -26.87
C GLU TB 105 -108.64 -36.89 -27.57
N VAL TB 106 -109.94 -36.66 -27.81
CA VAL TB 106 -110.37 -35.41 -28.42
C VAL TB 106 -110.14 -34.24 -27.47
N ILE TB 107 -110.32 -34.48 -26.17
CA ILE TB 107 -109.99 -33.49 -25.15
C ILE TB 107 -108.50 -33.17 -25.18
N ASP TB 108 -107.67 -34.20 -25.37
CA ASP TB 108 -106.22 -34.00 -25.51
C ASP TB 108 -105.89 -33.22 -26.78
N LYS TB 109 -106.65 -33.45 -27.85
CA LYS TB 109 -106.46 -32.70 -29.09
C LYS TB 109 -106.79 -31.22 -28.90
N LYS TB 110 -107.87 -30.94 -28.17
CA LYS TB 110 -108.21 -29.57 -27.79
C LYS TB 110 -107.11 -28.94 -26.96
N ALA TB 111 -106.51 -29.75 -26.07
CA ALA TB 111 -105.40 -29.27 -25.26
C ALA TB 111 -104.18 -28.95 -26.11
N PHE TB 112 -103.92 -29.77 -27.14
CA PHE TB 112 -102.81 -29.50 -28.05
C PHE TB 112 -103.02 -28.21 -28.81
N LYS TB 113 -104.25 -27.99 -29.30
CA LYS TB 113 -104.54 -26.77 -30.05
C LYS TB 113 -104.45 -25.53 -29.18
N ASP TB 114 -104.99 -25.60 -27.96
CA ASP TB 114 -104.97 -24.41 -27.11
C ASP TB 114 -103.59 -24.14 -26.54
N MET TB 115 -102.78 -25.19 -26.31
CA MET TB 115 -101.42 -24.94 -25.87
C MET TB 115 -100.56 -24.41 -27.02
N THR TB 116 -100.87 -24.81 -28.25
CA THR TB 116 -100.21 -24.21 -29.40
C THR TB 116 -100.55 -22.74 -29.52
N ARG TB 117 -101.82 -22.39 -29.30
CA ARG TB 117 -102.24 -20.99 -29.35
C ARG TB 117 -101.61 -20.18 -28.22
N ASN TB 118 -101.48 -20.77 -27.02
CA ASN TB 118 -100.87 -20.02 -25.92
C ASN TB 118 -99.35 -19.93 -26.07
N LEU TB 119 -98.74 -20.89 -26.75
CA LEU TB 119 -97.34 -20.76 -27.12
C LEU TB 119 -97.14 -19.62 -28.11
N TYR TB 120 -97.98 -19.57 -29.14
CA TYR TB 120 -97.84 -18.59 -30.20
C TYR TB 120 -99.12 -17.79 -30.32
N PRO TB 121 -99.23 -16.66 -29.63
CA PRO TB 121 -100.37 -15.77 -29.83
C PRO TB 121 -100.41 -15.15 -31.22
N LEU TB 122 -99.26 -15.00 -31.86
CA LEU TB 122 -99.15 -14.27 -33.11
C LEU TB 122 -99.15 -15.22 -34.30
N ASN TB 123 -99.92 -14.89 -35.32
CA ASN TB 123 -99.74 -15.54 -36.60
C ASN TB 123 -98.55 -14.92 -37.32
N PRO TB 124 -97.87 -15.68 -38.18
CA PRO TB 124 -96.78 -15.09 -38.98
C PRO TB 124 -97.24 -13.98 -39.90
N GLU TB 125 -98.47 -14.06 -40.39
CA GLU TB 125 -99.05 -12.99 -41.19
C GLU TB 125 -99.26 -11.73 -40.36
N GLN TB 126 -99.70 -11.90 -39.11
CA GLN TB 126 -99.80 -10.78 -38.18
C GLN TB 126 -98.43 -10.20 -37.88
N VAL TB 127 -97.42 -11.07 -37.78
CA VAL TB 127 -96.04 -10.64 -37.58
C VAL TB 127 -95.56 -9.79 -38.75
N VAL TB 128 -95.90 -10.22 -39.97
CA VAL TB 128 -95.58 -9.46 -41.17
C VAL TB 128 -96.26 -8.11 -41.16
N LYS TB 129 -97.54 -8.07 -40.77
CA LYS TB 129 -98.29 -6.82 -40.71
C LYS TB 129 -97.72 -5.85 -39.69
N LEU TB 130 -97.37 -6.35 -38.50
CA LEU TB 130 -96.82 -5.46 -37.49
C LEU TB 130 -95.40 -5.05 -37.82
N LYS TB 131 -94.65 -5.89 -38.55
CA LYS TB 131 -93.33 -5.46 -39.02
C LYS TB 131 -93.45 -4.38 -40.07
N GLN TB 132 -94.48 -4.48 -40.92
CA GLN TB 132 -94.76 -3.44 -41.90
C GLN TB 132 -95.11 -2.13 -41.24
N ILE TB 133 -95.97 -2.16 -40.22
CA ILE TB 133 -96.33 -0.92 -39.54
C ILE TB 133 -95.16 -0.42 -38.69
N TYR TB 134 -94.26 -1.32 -38.26
CA TYR TB 134 -93.07 -0.94 -37.52
C TYR TB 134 -92.12 -0.13 -38.40
N GLU TB 135 -91.81 -0.65 -39.59
CA GLU TB 135 -90.92 0.09 -40.48
C GLU TB 135 -91.62 1.32 -41.06
N THR TB 136 -92.95 1.31 -41.14
CA THR TB 136 -93.67 2.50 -41.57
C THR TB 136 -93.59 3.60 -40.52
N SER TB 137 -93.70 3.23 -39.25
CA SER TB 137 -93.52 4.20 -38.17
C SER TB 137 -92.08 4.70 -38.12
N GLU TB 138 -91.11 3.85 -38.46
CA GLU TB 138 -89.73 4.32 -38.55
C GLU TB 138 -89.55 5.30 -39.71
N TYR TB 139 -90.25 5.05 -40.83
CA TYR TB 139 -90.25 6.01 -41.93
C TYR TB 139 -90.86 7.34 -41.51
N ALA TB 140 -91.94 7.28 -40.74
CA ALA TB 140 -92.58 8.50 -40.24
C ALA TB 140 -91.66 9.26 -39.28
N LYS TB 141 -90.95 8.53 -38.41
CA LYS TB 141 -90.05 9.20 -37.48
C LYS TB 141 -88.78 9.69 -38.16
N ALA TB 142 -88.40 9.10 -39.29
CA ALA TB 142 -87.25 9.57 -40.04
C ALA TB 142 -87.65 10.51 -41.16
N ALA TB 143 -88.93 10.86 -41.26
CA ALA TB 143 -89.39 11.82 -42.25
C ALA TB 143 -88.77 13.19 -41.99
N THR TB 144 -87.95 13.64 -42.93
CA THR TB 144 -87.28 14.92 -42.78
C THR TB 144 -88.28 16.06 -43.00
N PRO TB 145 -88.13 17.17 -42.27
CA PRO TB 145 -89.09 18.28 -42.38
C PRO TB 145 -88.85 19.08 -43.65
N GLY TB 146 -89.84 19.04 -44.55
CA GLY TB 146 -89.76 19.84 -45.76
C GLY TB 146 -88.73 19.32 -46.75
N THR TB 147 -88.32 20.21 -47.65
CA THR TB 147 -87.28 19.76 -48.56
C THR TB 147 -85.90 19.92 -47.93
N PRO TB 148 -85.01 18.94 -48.16
CA PRO TB 148 -83.62 19.14 -47.77
C PRO TB 148 -82.98 20.22 -48.63
N PRO TB 149 -82.05 20.97 -48.08
CA PRO TB 149 -81.31 21.94 -48.91
C PRO TB 149 -80.40 21.23 -49.91
N LYS TB 150 -80.23 21.87 -51.05
CA LYS TB 150 -79.51 21.25 -52.15
C LYS TB 150 -78.01 21.29 -51.88
N PRO TB 151 -77.32 20.16 -51.98
CA PRO TB 151 -75.87 20.15 -51.72
C PRO TB 151 -75.07 20.81 -52.83
N THR TB 152 -74.59 22.03 -52.56
CA THR TB 152 -73.91 22.84 -53.55
C THR TB 152 -72.50 23.15 -53.09
N ALA TB 153 -71.55 23.09 -54.02
CA ALA TB 153 -70.20 23.56 -53.76
C ALA TB 153 -70.16 25.04 -54.08
N THR TB 154 -70.17 25.86 -53.03
CA THR TB 154 -70.25 27.30 -53.17
C THR TB 154 -68.85 27.90 -53.22
N SER TB 155 -68.75 29.09 -53.79
CA SER TB 155 -67.45 29.75 -53.95
C SER TB 155 -67.65 31.24 -54.10
N GLN TB 156 -66.78 32.02 -53.47
CA GLN TB 156 -66.80 33.46 -53.65
C GLN TB 156 -65.45 34.08 -53.29
N PHE TB 157 -65.31 35.35 -53.68
CA PHE TB 157 -64.15 36.16 -53.40
C PHE TB 157 -64.44 37.09 -52.23
N VAL TB 158 -63.42 37.33 -51.42
CA VAL TB 158 -63.53 38.12 -50.20
C VAL TB 158 -62.75 39.41 -50.41
N ASN TB 159 -63.38 40.53 -50.07
CA ASN TB 159 -62.75 41.85 -50.14
C ASN TB 159 -62.47 42.35 -48.73
N LEU TB 160 -61.31 42.98 -48.56
CA LEU TB 160 -60.88 43.50 -47.27
C LEU TB 160 -61.04 45.01 -47.17
N SER TB 161 -61.90 45.60 -48.00
CA SER TB 161 -62.15 47.03 -47.91
C SER TB 161 -62.99 47.33 -46.66
N PRO TB 162 -62.81 48.52 -46.08
CA PRO TB 162 -63.71 48.92 -44.98
C PRO TB 162 -65.16 49.06 -45.42
N GLY TB 163 -65.42 49.48 -46.64
CA GLY TB 163 -66.77 49.54 -47.13
C GLY TB 163 -67.31 48.23 -47.68
N SER TB 164 -66.50 47.17 -47.70
CA SER TB 164 -66.91 45.92 -48.30
C SER TB 164 -67.86 45.17 -47.38
N THR TB 165 -68.31 44.01 -47.83
CA THR TB 165 -69.27 43.21 -47.08
C THR TB 165 -68.67 41.88 -46.68
N PRO TB 166 -68.97 41.39 -45.48
CA PRO TB 166 -68.41 40.11 -45.06
C PRO TB 166 -69.08 38.96 -45.77
N PRO TB 167 -68.39 37.83 -45.92
CA PRO TB 167 -69.03 36.63 -46.50
C PRO TB 167 -70.07 36.04 -45.56
N VAL TB 168 -71.09 35.43 -46.18
CA VAL TB 168 -72.24 34.83 -45.51
C VAL TB 168 -72.30 33.37 -45.91
N ILE TB 169 -72.41 32.48 -44.92
CA ILE TB 169 -72.37 31.04 -45.17
C ILE TB 169 -73.70 30.42 -44.77
N ARG TB 170 -74.40 29.86 -45.74
CA ARG TB 170 -75.58 29.06 -45.46
C ARG TB 170 -75.15 27.72 -44.86
N LEU TB 171 -75.88 27.29 -43.83
CA LEU TB 171 -75.52 26.08 -43.10
C LEU TB 171 -76.74 25.18 -42.90
N SER TB 172 -76.45 23.89 -42.77
CA SER TB 172 -77.46 22.89 -42.44
C SER TB 172 -77.06 22.18 -41.15
N GLN TB 173 -78.05 21.93 -40.30
CA GLN TB 173 -77.79 21.39 -38.98
C GLN TB 173 -77.35 19.93 -39.08
N GLY TB 174 -76.31 19.59 -38.33
CA GLY TB 174 -75.82 18.22 -38.35
C GLY TB 174 -75.12 17.83 -39.62
N PHE TB 175 -74.60 18.80 -40.37
CA PHE TB 175 -73.89 18.53 -41.60
C PHE TB 175 -72.51 19.17 -41.53
N VAL TB 176 -71.50 18.44 -41.98
CA VAL TB 176 -70.12 18.92 -41.95
C VAL TB 176 -69.90 19.83 -43.14
N SER TB 177 -69.59 21.09 -42.87
CA SER TB 177 -69.29 22.07 -43.91
C SER TB 177 -67.79 22.30 -43.95
N SER TB 178 -67.23 22.28 -45.15
CA SER TB 178 -65.79 22.41 -45.35
C SER TB 178 -65.49 23.76 -45.97
N LEU TB 179 -64.44 24.41 -45.49
CA LEU TB 179 -64.02 25.72 -45.95
C LEU TB 179 -62.61 25.60 -46.51
N VAL TB 180 -62.45 25.96 -47.77
CA VAL TB 180 -61.16 25.89 -48.47
C VAL TB 180 -60.80 27.29 -48.93
N PHE TB 181 -59.59 27.74 -48.58
CA PHE TB 181 -59.17 29.12 -48.81
C PHE TB 181 -58.06 29.16 -49.83
N LEU TB 182 -58.21 30.03 -50.82
CA LEU TB 182 -57.18 30.31 -51.79
C LEU TB 182 -56.81 31.78 -51.72
N ASP TB 183 -55.59 32.09 -52.15
CA ASP TB 183 -55.11 33.46 -52.17
C ASP TB 183 -55.42 34.08 -53.53
N SER TB 184 -54.76 35.21 -53.85
CA SER TB 184 -54.87 35.80 -55.18
C SER TB 184 -54.36 34.84 -56.25
N THR TB 185 -53.28 34.13 -55.97
CA THR TB 185 -52.72 33.18 -56.92
C THR TB 185 -53.49 31.87 -56.96
N GLY TB 186 -54.41 31.64 -56.02
CA GLY TB 186 -55.08 30.37 -55.93
C GLY TB 186 -54.32 29.32 -55.14
N ALA TB 187 -53.22 29.68 -54.51
CA ALA TB 187 -52.47 28.75 -53.68
C ALA TB 187 -53.24 28.45 -52.40
N PRO TB 188 -53.03 27.27 -51.80
CA PRO TB 188 -53.65 26.99 -50.49
C PRO TB 188 -53.09 27.92 -49.41
N TRP TB 189 -53.99 28.53 -48.66
CA TRP TB 189 -53.61 29.56 -47.71
C TRP TB 189 -53.73 29.03 -46.29
N PRO TB 190 -52.62 28.82 -45.59
CA PRO TB 190 -52.68 28.22 -44.25
C PRO TB 190 -53.24 29.19 -43.21
N ILE TB 191 -53.70 28.60 -42.11
CA ILE TB 191 -54.44 29.29 -41.07
C ILE TB 191 -53.57 29.42 -39.83
N ALA TB 192 -53.88 30.41 -38.99
CA ALA TB 192 -53.14 30.63 -37.75
C ALA TB 192 -54.00 30.42 -36.51
N ALA TB 193 -55.10 31.16 -36.37
CA ALA TB 193 -55.90 31.10 -35.16
C ALA TB 193 -57.33 31.52 -35.50
N TYR TB 194 -58.24 31.25 -34.57
CA TYR TB 194 -59.63 31.59 -34.82
C TYR TB 194 -60.36 31.90 -33.52
N ASP TB 195 -61.43 32.67 -33.66
CA ASP TB 195 -62.37 32.98 -32.59
C ASP TB 195 -63.78 32.77 -33.13
N LEU TB 196 -64.64 32.20 -32.29
CA LEU TB 196 -65.97 31.78 -32.70
C LEU TB 196 -67.00 32.33 -31.72
N GLY TB 197 -68.11 32.83 -32.25
CA GLY TB 197 -69.27 33.16 -31.42
C GLY TB 197 -70.21 31.98 -31.34
N ASP TB 198 -70.80 31.78 -30.15
CA ASP TB 198 -71.64 30.65 -29.76
C ASP TB 198 -70.94 29.32 -30.06
N PRO TB 199 -69.94 28.92 -29.24
CA PRO TB 199 -69.18 27.71 -29.54
C PRO TB 199 -69.96 26.41 -29.37
N SER TB 200 -71.14 26.42 -28.75
CA SER TB 200 -71.89 25.17 -28.61
C SER TB 200 -72.50 24.74 -29.94
N SER TB 201 -72.96 25.70 -30.74
CA SER TB 201 -73.64 25.35 -31.98
C SER TB 201 -72.69 24.89 -33.07
N PHE TB 202 -71.40 25.20 -32.98
CA PHE TB 202 -70.47 24.90 -34.05
C PHE TB 202 -69.16 24.39 -33.49
N ASN TB 203 -68.65 23.30 -34.05
CA ASN TB 203 -67.43 22.67 -33.57
C ASN TB 203 -66.35 22.78 -34.63
N ILE TB 204 -65.13 23.09 -34.18
CA ILE TB 204 -64.03 23.42 -35.07
C ILE TB 204 -62.97 22.34 -34.95
N GLN TB 205 -62.60 21.75 -36.08
CA GLN TB 205 -61.50 20.79 -36.15
C GLN TB 205 -60.43 21.38 -37.05
N TRP TB 206 -59.24 21.59 -36.50
CA TRP TB 206 -58.16 22.21 -37.27
C TRP TB 206 -56.82 21.78 -36.70
N ASP TB 207 -56.11 20.93 -37.43
CA ASP TB 207 -54.72 20.71 -37.15
C ASP TB 207 -53.93 21.98 -37.42
N LYS TB 208 -52.86 22.16 -36.66
CA LYS TB 208 -52.18 23.45 -36.53
C LYS TB 208 -51.45 23.92 -37.78
N THR TB 209 -51.49 23.27 -38.95
CA THR TB 209 -50.74 23.74 -40.09
C THR TB 209 -51.51 23.73 -41.41
N SER TB 210 -52.70 23.13 -41.46
CA SER TB 210 -53.40 22.96 -42.73
C SER TB 210 -54.14 24.24 -43.12
N ASN TB 211 -54.89 24.14 -44.21
CA ASN TB 211 -55.63 25.26 -44.76
C ASN TB 211 -57.13 25.05 -44.80
N THR TB 212 -57.61 23.84 -44.52
CA THR TB 212 -59.02 23.50 -44.66
C THR TB 212 -59.67 23.48 -43.28
N LEU TB 213 -60.83 24.12 -43.17
CA LEU TB 213 -61.56 24.18 -41.91
C LEU TB 213 -62.84 23.38 -42.01
N MET TB 214 -63.26 22.80 -40.88
CA MET TB 214 -64.52 22.06 -40.83
C MET TB 214 -65.40 22.63 -39.73
N ILE TB 215 -66.68 22.77 -40.04
CA ILE TB 215 -67.67 23.26 -39.09
C ILE TB 215 -68.87 22.34 -39.14
N GLN TB 216 -69.67 22.37 -38.07
CA GLN TB 216 -70.83 21.48 -37.96
C GLN TB 216 -71.88 22.16 -37.11
N ALA TB 217 -73.03 22.43 -37.70
CA ALA TB 217 -74.09 23.18 -37.03
C ALA TB 217 -74.84 22.27 -36.07
N THR TB 218 -74.80 22.61 -34.79
CA THR TB 218 -75.51 21.83 -33.78
C THR TB 218 -76.89 22.41 -33.49
N LYS TB 219 -76.99 23.72 -33.32
CA LYS TB 219 -78.29 24.35 -33.16
C LYS TB 219 -78.96 24.51 -34.51
N LEU TB 220 -80.22 24.96 -34.49
CA LEU TB 220 -81.06 24.90 -35.68
C LEU TB 220 -80.93 26.15 -36.56
N TYR TB 221 -81.25 27.32 -36.01
CA TYR TB 221 -81.35 28.52 -36.83
C TYR TB 221 -80.67 29.74 -36.26
N ASN TB 222 -80.09 29.66 -35.07
CA ASN TB 222 -79.38 30.80 -34.51
C ASN TB 222 -78.04 30.95 -35.20
N TYR TB 223 -77.74 32.16 -35.64
CA TYR TB 223 -76.55 32.42 -36.43
C TYR TB 223 -75.41 32.95 -35.57
N GLY TB 224 -74.20 32.90 -36.11
CA GLY TB 224 -73.03 33.32 -35.39
C GLY TB 224 -72.01 33.97 -36.29
N ASN TB 225 -70.88 34.33 -35.70
CA ASN TB 225 -69.79 34.97 -36.44
C ASN TB 225 -68.48 34.30 -36.13
N LEU TB 226 -67.53 34.47 -37.03
CA LEU TB 226 -66.18 33.94 -36.85
C LEU TB 226 -65.16 35.00 -37.26
N ALA TB 227 -64.10 35.09 -36.48
CA ALA TB 227 -62.95 35.92 -36.81
C ALA TB 227 -61.74 35.01 -36.96
N VAL TB 228 -60.98 35.19 -38.03
CA VAL TB 228 -59.84 34.35 -38.36
C VAL TB 228 -58.59 35.20 -38.29
N ARG TB 229 -57.65 34.81 -37.43
CA ARG TB 229 -56.32 35.39 -37.42
C ARG TB 229 -55.42 34.55 -38.33
N LEU TB 230 -54.62 35.24 -39.14
CA LEU TB 230 -53.80 34.59 -40.15
C LEU TB 230 -52.35 34.97 -39.96
N ARG TB 231 -51.46 34.01 -40.27
CA ARG TB 231 -50.04 34.20 -40.01
C ARG TB 231 -49.42 35.20 -40.98
N GLY TB 232 -49.74 35.07 -42.26
CA GLY TB 232 -49.18 35.98 -43.24
C GLY TB 232 -49.83 37.35 -43.20
N LEU TB 233 -51.12 37.40 -43.48
CA LEU TB 233 -51.84 38.66 -43.54
C LEU TB 233 -52.10 39.21 -42.15
N ASN TB 234 -51.94 40.51 -41.99
CA ASN TB 234 -52.09 41.18 -40.70
C ASN TB 234 -53.52 41.60 -40.42
N THR TB 235 -54.46 41.29 -41.29
CA THR TB 235 -55.84 41.66 -41.09
C THR TB 235 -56.68 40.42 -40.83
N PRO TB 236 -57.30 40.28 -39.66
CA PRO TB 236 -58.21 39.16 -39.42
C PRO TB 236 -59.45 39.25 -40.30
N VAL TB 237 -60.00 38.09 -40.60
CA VAL TB 237 -61.08 37.94 -41.58
C VAL TB 237 -62.34 37.52 -40.84
N MET TB 238 -63.41 38.28 -41.01
CA MET TB 238 -64.66 38.01 -40.30
C MET TB 238 -65.71 37.48 -41.27
N LEU TB 239 -66.46 36.49 -40.81
CA LEU TB 239 -67.50 35.85 -41.61
C LEU TB 239 -68.73 35.63 -40.77
N THR TB 240 -69.89 35.55 -41.43
CA THR TB 240 -71.15 35.27 -40.76
C THR TB 240 -71.63 33.89 -41.16
N LEU TB 241 -72.07 33.12 -40.19
CA LEU TB 241 -72.48 31.73 -40.38
C LEU TB 241 -73.95 31.62 -39.98
N ILE TB 242 -74.81 31.43 -40.96
CA ILE TB 242 -76.26 31.42 -40.76
C ILE TB 242 -76.77 30.03 -41.10
N PRO TB 243 -77.39 29.32 -40.17
CA PRO TB 243 -78.01 28.04 -40.51
C PRO TB 243 -79.47 28.18 -40.91
N GLY TB 244 -79.92 27.24 -41.73
CA GLY TB 244 -81.31 27.23 -42.15
C GLY TB 244 -81.64 28.01 -43.41
N GLN TB 245 -81.01 27.67 -44.52
CA GLN TB 245 -81.28 28.33 -45.79
C GLN TB 245 -81.78 27.32 -46.82
N LYS TB 246 -81.97 27.79 -48.05
CA LYS TB 246 -82.57 26.98 -49.10
C LYS TB 246 -81.62 25.95 -49.67
N ALA TB 247 -80.32 26.25 -49.72
CA ALA TB 247 -79.34 25.33 -50.25
C ALA TB 247 -78.15 25.27 -49.31
N VAL TB 248 -77.66 24.06 -49.04
CA VAL TB 248 -76.58 23.88 -48.09
C VAL TB 248 -75.25 24.15 -48.79
N ASP TB 249 -74.48 25.08 -48.24
CA ASP TB 249 -73.12 25.30 -48.72
C ASP TB 249 -72.25 24.14 -48.27
N TYR TB 250 -72.09 23.14 -49.15
CA TYR TB 250 -71.35 21.95 -48.79
C TYR TB 250 -69.86 22.25 -48.65
N ARG TB 251 -69.21 22.66 -49.73
CA ARG TB 251 -67.81 23.07 -49.71
C ARG TB 251 -67.73 24.52 -50.16
N VAL TB 252 -67.24 25.39 -49.30
CA VAL TB 252 -67.16 26.81 -49.58
C VAL TB 252 -65.73 27.15 -49.93
N ASP TB 253 -65.54 27.65 -51.15
CA ASP TB 253 -64.24 28.03 -51.66
C ASP TB 253 -64.12 29.55 -51.57
N LEU TB 254 -63.37 30.01 -50.58
CA LEU TB 254 -63.11 31.43 -50.43
C LEU TB 254 -61.81 31.77 -51.16
N ARG TB 255 -61.80 32.92 -51.83
CA ARG TB 255 -60.59 33.44 -52.43
C ARG TB 255 -60.33 34.84 -51.90
N VAL TB 256 -59.16 35.04 -51.30
CA VAL TB 256 -58.86 36.28 -50.60
C VAL TB 256 -57.96 37.15 -51.49
N GLN TB 257 -57.89 38.43 -51.14
CA GLN TB 257 -57.03 39.38 -51.85
C GLN TB 257 -55.56 39.16 -51.56
N GLY TB 258 -55.22 38.44 -50.49
CA GLY TB 258 -53.85 38.29 -50.10
C GLY TB 258 -53.09 37.30 -50.98
N TYR TB 259 -51.83 37.10 -50.61
CA TYR TB 259 -50.93 36.21 -51.32
C TYR TB 259 -50.48 35.09 -50.40
N GLY TB 260 -50.44 33.88 -50.93
CA GLY TB 260 -50.07 32.72 -50.16
C GLY TB 260 -48.59 32.69 -49.86
N PRO TB 261 -48.20 31.99 -48.80
CA PRO TB 261 -46.78 31.85 -48.48
C PRO TB 261 -46.05 30.88 -49.40
N ASN TB 262 -46.77 30.09 -50.18
CA ASN TB 262 -46.19 29.21 -51.17
C ASN TB 262 -46.71 29.62 -52.54
N ALA TB 263 -45.80 29.73 -53.50
CA ALA TB 263 -46.07 30.15 -54.88
C ALA TB 263 -46.77 31.50 -54.93
N LYS TB 264 -46.11 32.50 -54.31
CA LYS TB 264 -46.65 33.85 -54.31
C LYS TB 264 -46.58 34.48 -55.69
N SER TB 265 -45.57 34.12 -56.48
CA SER TB 265 -45.45 34.56 -57.86
C SER TB 265 -45.82 33.45 -58.83
N MET TB 266 -46.84 32.67 -58.47
CA MET TB 266 -47.31 31.59 -59.35
C MET TB 266 -47.88 32.06 -60.69
N PRO TB 267 -48.79 33.10 -60.80
CA PRO TB 267 -49.31 33.43 -62.13
C PRO TB 267 -48.29 34.11 -63.06
N THR TB 268 -47.84 33.39 -64.07
CA THR TB 268 -47.03 33.95 -65.14
C THR TB 268 -47.68 33.58 -66.47
N GLU TB 269 -48.07 34.59 -67.24
CA GLU TB 269 -48.77 34.40 -68.49
C GLU TB 269 -47.75 34.36 -69.63
N GLU TB 270 -48.24 34.45 -70.87
CA GLU TB 270 -47.35 34.46 -72.02
C GLU TB 270 -46.57 35.76 -72.09
N GLY TB 271 -45.36 35.68 -72.63
CA GLY TB 271 -44.46 36.82 -72.70
C GLY TB 271 -44.42 37.40 -74.10
N ILE TB 272 -44.58 38.71 -74.18
CA ILE TB 272 -44.36 39.40 -75.45
C ILE TB 272 -42.88 39.36 -75.78
N PRO TB 273 -42.50 38.94 -76.99
CA PRO TB 273 -41.09 38.95 -77.39
C PRO TB 273 -40.52 40.35 -77.40
N PRO TB 274 -39.27 40.51 -76.98
CA PRO TB 274 -38.74 41.85 -76.72
C PRO TB 274 -38.41 42.59 -78.01
N SER TB 275 -38.17 43.89 -77.85
CA SER TB 275 -37.72 44.73 -78.94
C SER TB 275 -36.21 44.58 -79.10
N ALA TB 276 -35.59 45.47 -79.88
CA ALA TB 276 -34.16 45.39 -80.11
C ALA TB 276 -33.38 45.80 -78.87
N ASN TB 277 -32.13 45.40 -78.86
CA ASN TB 277 -31.23 45.80 -77.78
C ASN TB 277 -30.95 47.29 -77.85
N ASP TB 278 -30.95 47.94 -76.69
CA ASP TB 278 -30.78 49.38 -76.67
C ASP TB 278 -29.35 49.83 -76.90
N LEU TB 279 -28.39 48.91 -76.87
CA LEU TB 279 -27.00 49.27 -77.13
C LEU TB 279 -26.77 49.70 -78.56
N LEU TB 280 -27.64 49.29 -79.48
CA LEU TB 280 -27.44 49.50 -80.89
C LEU TB 280 -27.50 50.97 -81.29
N LEU TB 281 -28.13 51.81 -80.48
CA LEU TB 281 -28.13 53.24 -80.78
C LEU TB 281 -26.75 53.84 -80.59
N HIS TB 282 -26.10 53.50 -79.47
CA HIS TB 282 -24.71 53.90 -79.27
C HIS TB 282 -23.79 53.26 -80.29
N VAL TB 283 -24.10 52.02 -80.68
CA VAL TB 283 -23.32 51.36 -81.72
C VAL TB 283 -23.45 52.12 -83.04
N LEU TB 284 -24.66 52.56 -83.37
CA LEU TB 284 -24.91 53.33 -84.59
C LEU TB 284 -24.18 54.67 -84.56
N GLU TB 285 -24.17 55.33 -83.41
CA GLU TB 285 -23.42 56.57 -83.31
C GLU TB 285 -21.92 56.34 -83.26
N GLY TB 286 -21.47 55.13 -82.96
CA GLY TB 286 -20.07 54.82 -82.93
C GLY TB 286 -19.43 54.90 -81.57
N VAL TB 287 -20.15 55.37 -80.56
CA VAL TB 287 -19.61 55.31 -79.20
C VAL TB 287 -19.67 53.87 -78.71
N PRO TB 288 -18.55 53.29 -78.25
CA PRO TB 288 -18.55 51.89 -77.87
C PRO TB 288 -19.33 51.69 -76.59
N PRO TB 289 -19.88 50.49 -76.37
CA PRO TB 289 -20.56 50.23 -75.11
C PRO TB 289 -19.57 50.12 -73.98
N PRO TB 290 -19.98 50.40 -72.75
CA PRO TB 290 -19.04 50.32 -71.62
C PRO TB 290 -18.61 48.89 -71.34
N GLY TB 291 -17.38 48.76 -70.86
CA GLY TB 291 -16.83 47.47 -70.53
C GLY TB 291 -16.40 46.63 -71.70
N SER TB 292 -16.32 47.19 -72.89
CA SER TB 292 -15.93 46.43 -74.07
C SER TB 292 -14.47 46.73 -74.44
N ARG TB 293 -13.94 45.90 -75.35
CA ARG TB 293 -12.59 46.06 -75.85
C ARG TB 293 -12.61 46.22 -77.36
N ARG TB 294 -11.51 46.76 -77.88
CA ARG TB 294 -11.37 46.95 -79.31
C ARG TB 294 -11.19 45.61 -80.00
N LEU TB 295 -11.65 45.56 -81.25
CA LEU TB 295 -11.48 44.39 -82.11
C LEU TB 295 -10.72 44.83 -83.35
N VAL TB 296 -9.59 44.20 -83.60
CA VAL TB 296 -8.70 44.61 -84.68
C VAL TB 296 -9.23 44.03 -85.98
N VAL TB 297 -9.77 44.89 -86.83
CA VAL TB 297 -10.31 44.49 -88.13
C VAL TB 297 -9.46 45.14 -89.21
N SER TB 298 -9.05 44.35 -90.19
CA SER TB 298 -8.29 44.88 -91.31
C SER TB 298 -8.88 44.34 -92.61
N GLY TB 299 -9.03 45.21 -93.59
CA GLY TB 299 -9.52 44.82 -94.90
C GLY TB 299 -10.76 45.57 -95.36
N GLY TB 300 -11.27 46.54 -94.61
CA GLY TB 300 -12.48 47.24 -95.02
C GLY TB 300 -12.78 48.36 -94.06
N ASP TB 301 -13.85 49.08 -94.35
CA ASP TB 301 -14.29 50.19 -93.51
C ASP TB 301 -15.39 49.68 -92.58
N ALA TB 302 -14.99 49.27 -91.38
CA ALA TB 302 -15.91 48.83 -90.36
C ALA TB 302 -15.24 48.93 -89.00
N ARG TB 303 -16.05 48.99 -87.96
CA ARG TB 303 -15.57 48.92 -86.60
C ARG TB 303 -16.32 47.84 -85.86
N ALA TB 304 -15.67 47.26 -84.87
CA ALA TB 304 -16.24 46.13 -84.16
C ALA TB 304 -15.96 46.25 -82.66
N TRP TB 305 -16.88 45.71 -81.87
CA TRP TB 305 -16.82 45.80 -80.43
C TRP TB 305 -17.31 44.50 -79.82
N LEU TB 306 -16.62 44.05 -78.77
CA LEU TB 306 -16.95 42.83 -78.05
C LEU TB 306 -17.14 43.19 -76.59
N SER TB 307 -18.36 43.02 -76.10
CA SER TB 307 -18.68 43.36 -74.72
C SER TB 307 -19.17 42.16 -73.93
N ASN TB 308 -20.17 41.46 -74.44
CA ASN TB 308 -20.87 40.40 -73.73
C ASN TB 308 -20.89 39.15 -74.59
N GLU TB 309 -19.70 38.76 -75.04
CA GLU TB 309 -19.36 37.67 -75.99
C GLU TB 309 -20.28 37.62 -77.19
N LYS TB 310 -20.67 38.80 -77.67
CA LYS TB 310 -21.41 38.96 -78.91
C LYS TB 310 -20.76 40.08 -79.71
N MET TB 311 -20.59 39.87 -81.00
CA MET TB 311 -19.95 40.86 -81.83
C MET TB 311 -20.90 41.99 -82.16
N TYR TB 312 -20.35 43.20 -82.24
CA TYR TB 312 -21.08 44.38 -82.69
C TYR TB 312 -20.25 45.03 -83.78
N VAL TB 313 -20.89 45.39 -84.89
CA VAL TB 313 -20.17 45.97 -86.01
C VAL TB 313 -20.94 47.16 -86.53
N ARG TB 314 -20.20 48.23 -86.84
CA ARG TB 314 -20.74 49.43 -87.45
C ARG TB 314 -20.00 49.65 -88.76
N THR TB 315 -20.77 49.81 -89.84
CA THR TB 315 -20.21 50.01 -91.16
C THR TB 315 -21.28 50.68 -92.02
N ASN TB 316 -21.09 50.66 -93.34
CA ASN TB 316 -22.13 51.07 -94.27
C ASN TB 316 -22.28 50.11 -95.42
N LEU TB 317 -21.69 48.93 -95.34
CA LEU TB 317 -21.85 47.89 -96.34
C LEU TB 317 -23.05 47.01 -95.94
N THR TB 318 -23.18 45.87 -96.60
CA THR TB 318 -24.18 44.87 -96.23
C THR TB 318 -23.49 43.57 -95.91
N ILE TB 319 -23.66 43.10 -94.68
CA ILE TB 319 -23.01 41.87 -94.23
C ILE TB 319 -23.67 40.67 -94.92
N LEU TB 320 -22.90 39.59 -95.10
CA LEU TB 320 -23.43 38.47 -95.86
C LEU TB 320 -23.51 37.16 -95.08
N SER TB 321 -22.40 36.61 -94.59
CA SER TB 321 -22.42 35.16 -94.32
C SER TB 321 -23.08 34.70 -93.03
N PRO TB 322 -22.63 35.06 -91.84
CA PRO TB 322 -23.04 34.29 -90.65
C PRO TB 322 -24.33 34.74 -90.00
N GLY TB 323 -25.12 35.58 -90.65
CA GLY TB 323 -26.35 36.08 -90.06
C GLY TB 323 -26.08 37.11 -88.98
N TRP TB 324 -27.16 37.63 -88.41
CA TRP TB 324 -27.02 38.60 -87.34
C TRP TB 324 -28.25 38.57 -86.46
N LEU TB 325 -28.05 38.86 -85.18
CA LEU TB 325 -29.14 38.86 -84.23
C LEU TB 325 -30.01 40.10 -84.37
N ALA TB 326 -29.40 41.27 -84.53
CA ALA TB 326 -30.18 42.49 -84.62
C ALA TB 326 -29.43 43.51 -85.46
N SER TB 327 -30.17 44.47 -85.99
CA SER TB 327 -29.57 45.45 -86.89
C SER TB 327 -30.33 46.76 -86.85
N MET TB 328 -29.60 47.84 -87.04
CA MET TB 328 -30.15 49.18 -87.16
C MET TB 328 -29.47 49.88 -88.32
N THR TB 329 -30.09 50.94 -88.81
CA THR TB 329 -29.47 51.75 -89.84
C THR TB 329 -29.97 53.19 -89.71
N SER TB 330 -29.03 54.12 -89.69
CA SER TB 330 -29.31 55.53 -89.49
C SER TB 330 -29.82 56.17 -90.78
N ALA TB 331 -29.95 57.49 -90.76
CA ALA TB 331 -30.48 58.22 -91.91
C ALA TB 331 -29.48 58.26 -93.06
N ASP TB 332 -28.19 58.31 -92.76
CA ASP TB 332 -27.17 58.48 -93.79
C ASP TB 332 -26.80 57.18 -94.48
N GLY TB 333 -27.36 56.06 -94.06
CA GLY TB 333 -27.00 54.77 -94.61
C GLY TB 333 -26.02 53.97 -93.78
N THR TB 334 -25.73 54.40 -92.56
CA THR TB 334 -24.85 53.64 -91.69
C THR TB 334 -25.61 52.46 -91.10
N HIS TB 335 -25.09 51.25 -91.30
CA HIS TB 335 -25.68 50.05 -90.74
C HIS TB 335 -24.89 49.59 -89.53
N ALA TB 336 -25.58 48.91 -88.62
CA ALA TB 336 -24.99 48.37 -87.42
C ALA TB 336 -25.64 47.03 -87.12
N TYR TB 337 -24.82 46.04 -86.79
CA TYR TB 337 -25.31 44.70 -86.48
C TYR TB 337 -24.79 44.26 -85.13
N GLU TB 338 -25.62 43.50 -84.41
CA GLU TB 338 -25.20 42.66 -83.31
C GLU TB 338 -25.41 41.21 -83.71
N MET TB 339 -24.38 40.40 -83.53
CA MET TB 339 -24.40 39.04 -84.02
C MET TB 339 -23.58 38.16 -83.11
N GLN TB 340 -23.60 36.86 -83.39
CA GLN TB 340 -22.73 35.93 -82.69
C GLN TB 340 -21.29 36.10 -83.17
N LYS TB 341 -20.35 35.74 -82.31
CA LYS TB 341 -18.96 36.01 -82.60
C LYS TB 341 -18.38 35.03 -83.61
N SER TB 342 -17.52 35.55 -84.48
CA SER TB 342 -16.92 34.80 -85.56
C SER TB 342 -15.64 35.50 -85.97
N PRO TB 343 -14.64 34.77 -86.46
CA PRO TB 343 -13.40 35.42 -86.90
C PRO TB 343 -13.47 36.01 -88.30
N VAL TB 344 -14.51 35.70 -89.08
CA VAL TB 344 -14.54 36.07 -90.48
C VAL TB 344 -15.94 36.56 -90.83
N LEU TB 345 -16.03 37.68 -91.55
CA LEU TB 345 -17.29 38.21 -92.02
C LEU TB 345 -17.28 38.26 -93.55
N LEU TB 346 -18.47 38.34 -94.13
CA LEU TB 346 -18.61 38.43 -95.58
C LEU TB 346 -19.52 39.60 -95.92
N VAL TB 347 -19.23 40.27 -97.03
CA VAL TB 347 -19.94 41.47 -97.44
C VAL TB 347 -20.04 41.50 -98.96
N SER TB 348 -20.85 42.44 -99.45
CA SER TB 348 -20.96 42.71 -100.87
C SER TB 348 -20.72 44.19 -101.07
N TRP TB 349 -19.70 44.51 -101.88
CA TRP TB 349 -19.31 45.91 -102.01
C TRP TB 349 -20.18 46.63 -103.02
N HIS TB 350 -20.09 46.25 -104.29
CA HIS TB 350 -20.84 46.90 -105.35
C HIS TB 350 -21.45 45.83 -106.25
N GLY TB 351 -22.09 44.86 -105.63
CA GLY TB 351 -22.50 43.67 -106.34
C GLY TB 351 -21.41 42.62 -106.45
N LYS TB 352 -20.25 42.86 -105.85
CA LYS TB 352 -19.12 41.96 -105.89
C LYS TB 352 -18.80 41.54 -104.47
N VAL TB 353 -18.58 40.24 -104.26
CA VAL TB 353 -18.41 39.67 -102.94
C VAL TB 353 -17.02 39.97 -102.42
N MET TB 354 -16.93 40.36 -101.15
CA MET TB 354 -15.67 40.56 -100.45
C MET TB 354 -15.81 39.97 -99.06
N GLN TB 355 -14.69 39.74 -98.40
CA GLN TB 355 -14.71 39.24 -97.04
C GLN TB 355 -13.78 40.06 -96.16
N LEU TB 356 -14.07 40.03 -94.86
CA LEU TB 356 -13.37 40.80 -93.87
C LEU TB 356 -12.83 39.90 -92.77
N LYS TB 357 -11.60 40.14 -92.37
CA LYS TB 357 -10.90 39.31 -91.39
C LYS TB 357 -10.87 40.02 -90.05
N VAL TB 358 -11.32 39.32 -89.01
CA VAL TB 358 -11.42 39.86 -87.66
C VAL TB 358 -10.49 39.09 -86.76
N GLU TB 359 -9.62 39.80 -86.07
CA GLU TB 359 -8.78 39.22 -85.04
C GLU TB 359 -9.35 39.57 -83.67
N GLY TB 360 -8.59 39.28 -82.62
CA GLY TB 360 -8.97 39.70 -81.30
C GLY TB 360 -10.00 38.82 -80.63
N LEU TB 361 -10.34 37.68 -81.22
CA LEU TB 361 -11.28 36.76 -80.59
C LEU TB 361 -10.62 36.03 -79.43
N VAL UB 38 10.29 77.31 -64.19
CA VAL UB 38 11.09 78.33 -64.87
C VAL UB 38 11.37 77.98 -66.36
N PRO UB 39 11.66 76.72 -66.74
CA PRO UB 39 11.47 76.36 -68.14
C PRO UB 39 10.03 76.04 -68.46
N LYS UB 40 9.21 75.79 -67.43
CA LYS UB 40 7.80 75.49 -67.65
C LYS UB 40 7.02 76.74 -68.00
N LEU UB 41 7.45 77.90 -67.50
CA LEU UB 41 6.83 79.17 -67.77
C LEU UB 41 7.73 80.03 -68.65
N PRO UB 42 7.16 80.85 -69.52
CA PRO UB 42 7.99 81.73 -70.35
C PRO UB 42 8.58 82.87 -69.56
N CYS UB 43 9.75 83.33 -70.00
CA CYS UB 43 10.42 84.44 -69.35
C CYS UB 43 10.18 85.76 -70.05
N ARG UB 44 9.66 85.74 -71.27
CA ARG UB 44 9.39 86.96 -72.02
C ARG UB 44 8.17 86.69 -72.90
N VAL UB 45 7.53 87.77 -73.35
CA VAL UB 45 6.52 87.62 -74.39
C VAL UB 45 7.24 87.34 -75.70
N ASP UB 46 6.80 86.28 -76.38
CA ASP UB 46 7.50 85.75 -77.53
C ASP UB 46 7.47 86.71 -78.71
N GLY UB 47 8.56 86.72 -79.46
CA GLY UB 47 8.71 87.65 -80.57
C GLY UB 47 8.82 89.09 -80.13
N ALA UB 48 9.61 89.37 -79.10
CA ALA UB 48 9.75 90.72 -78.60
C ALA UB 48 11.14 90.92 -78.01
N CYS UB 49 11.84 91.93 -78.50
CA CYS UB 49 13.11 92.34 -77.91
C CYS UB 49 13.16 93.85 -77.96
N ASP UB 50 13.56 94.46 -76.83
CA ASP UB 50 13.57 95.91 -76.74
C ASP UB 50 14.63 96.50 -77.65
N ALA UB 51 15.74 95.78 -77.84
CA ALA UB 51 16.77 96.21 -78.78
C ALA UB 51 16.22 96.28 -80.19
N THR UB 52 15.47 95.26 -80.58
CA THR UB 52 14.81 95.26 -81.89
C THR UB 52 13.80 96.38 -82.00
N ILE UB 53 13.06 96.64 -80.91
CA ILE UB 53 12.03 97.66 -80.91
C ILE UB 53 12.65 99.04 -81.12
N ILE UB 54 13.72 99.35 -80.38
CA ILE UB 54 14.29 100.68 -80.49
C ILE UB 54 15.03 100.85 -81.82
N LYS UB 55 15.66 99.79 -82.34
CA LYS UB 55 16.35 99.95 -83.60
C LYS UB 55 15.38 100.08 -84.76
N MET UB 56 14.24 99.39 -84.71
CA MET UB 56 13.28 99.55 -85.79
C MET UB 56 12.52 100.87 -85.66
N MET UB 57 12.37 101.38 -84.44
CA MET UB 57 11.82 102.72 -84.28
C MET UB 57 12.75 103.77 -84.86
N THR UB 58 14.06 103.58 -84.66
CA THR UB 58 15.04 104.47 -85.26
C THR UB 58 15.00 104.37 -86.78
N ASP UB 59 14.84 103.16 -87.31
CA ASP UB 59 14.78 102.96 -88.75
C ASP UB 59 13.54 103.63 -89.36
N LEU UB 60 12.40 103.53 -88.69
CA LEU UB 60 11.21 104.18 -89.24
C LEU UB 60 11.28 105.69 -89.08
N ASN UB 61 11.91 106.18 -88.02
CA ASN UB 61 12.04 107.62 -87.85
C ASN UB 61 13.00 108.20 -88.88
N LYS UB 62 14.09 107.52 -89.18
CA LYS UB 62 14.96 108.00 -90.25
C LYS UB 62 14.40 107.71 -91.63
N LYS UB 63 13.45 106.78 -91.74
CA LYS UB 63 12.65 106.67 -92.96
C LYS UB 63 11.80 107.91 -93.15
N GLY UB 64 11.24 108.42 -92.06
CA GLY UB 64 10.56 109.70 -92.15
C GLY UB 64 9.12 109.63 -91.68
N ILE UB 65 8.58 108.42 -91.60
CA ILE UB 65 7.25 108.24 -91.02
C ILE UB 65 7.32 108.48 -89.53
N LYS UB 66 6.29 109.10 -88.99
CA LYS UB 66 6.34 109.61 -87.62
C LYS UB 66 5.91 108.53 -86.63
N VAL UB 67 6.71 108.35 -85.59
CA VAL UB 67 6.43 107.42 -84.51
C VAL UB 67 6.39 108.24 -83.22
N ALA UB 68 5.32 108.06 -82.43
CA ALA UB 68 5.19 108.84 -81.21
C ALA UB 68 4.60 108.00 -80.10
N SER UB 69 5.07 108.25 -78.88
CA SER UB 69 4.64 107.52 -77.69
C SER UB 69 4.52 108.52 -76.53
N VAL UB 70 3.30 108.90 -76.21
CA VAL UB 70 3.03 109.77 -75.07
C VAL UB 70 2.16 108.98 -74.09
N GLY UB 71 2.62 108.88 -72.85
CA GLY UB 71 1.95 108.01 -71.91
C GLY UB 71 2.14 106.56 -72.30
N GLN UB 72 1.06 105.79 -72.23
CA GLN UB 72 1.06 104.39 -72.62
C GLN UB 72 0.48 104.18 -74.01
N ASN UB 73 0.22 105.25 -74.74
CA ASN UB 73 -0.35 105.13 -76.08
C ASN UB 73 0.71 105.40 -77.12
N TYR UB 74 0.48 104.84 -78.31
CA TYR UB 74 1.43 104.91 -79.41
C TYR UB 74 0.65 105.25 -80.67
N LEU UB 75 1.17 106.19 -81.46
CA LEU UB 75 0.58 106.42 -82.76
C LEU UB 75 1.65 106.79 -83.77
N ILE UB 76 1.35 106.45 -85.02
CA ILE UB 76 2.27 106.60 -86.13
C ILE UB 76 1.53 107.26 -87.28
N SER UB 77 2.26 108.07 -88.04
CA SER UB 77 1.71 108.79 -89.17
C SER UB 77 2.54 108.52 -90.41
N ILE UB 78 1.86 108.27 -91.52
CA ILE UB 78 2.48 107.93 -92.79
C ILE UB 78 1.92 108.86 -93.86
N PRO UB 79 2.75 109.48 -94.68
CA PRO UB 79 2.24 110.27 -95.80
C PRO UB 79 1.68 109.38 -96.89
N ALA UB 80 0.73 109.94 -97.65
CA ALA UB 80 0.07 109.19 -98.70
C ALA UB 80 0.95 108.96 -99.92
N SER UB 81 2.03 109.73 -100.06
CA SER UB 81 2.85 109.70 -101.26
C SER UB 81 3.62 108.40 -101.42
N ALA UB 82 3.84 107.67 -100.33
CA ALA UB 82 4.53 106.39 -100.40
C ALA UB 82 3.56 105.21 -100.41
N LEU UB 83 2.25 105.46 -100.41
CA LEU UB 83 1.27 104.38 -100.33
C LEU UB 83 0.32 104.36 -101.51
N PHE UB 84 -0.15 105.50 -101.96
CA PHE UB 84 -1.21 105.53 -102.96
C PHE UB 84 -0.73 106.23 -104.21
N ALA UB 85 -1.62 106.32 -105.18
CA ALA UB 85 -1.38 107.11 -106.37
C ALA UB 85 -1.97 108.50 -106.16
N ASP UB 86 -2.07 109.27 -107.23
CA ASP UB 86 -2.57 110.64 -107.14
C ASP UB 86 -4.06 110.65 -106.85
N GLN UB 87 -4.39 110.74 -105.56
CA GLN UB 87 -5.77 110.69 -105.05
C GLN UB 87 -6.50 109.45 -105.53
N SER UB 88 -5.81 108.32 -105.50
CA SER UB 88 -6.36 107.10 -106.05
C SER UB 88 -6.19 105.97 -105.04
N PRO UB 89 -7.20 105.13 -104.87
CA PRO UB 89 -7.12 104.05 -103.88
C PRO UB 89 -6.50 102.78 -104.47
N ARG UB 90 -5.26 102.88 -104.93
CA ARG UB 90 -4.51 101.73 -105.40
C ARG UB 90 -3.11 101.80 -104.79
N LEU UB 91 -2.53 100.64 -104.56
CA LEU UB 91 -1.28 100.54 -103.82
C LEU UB 91 -0.12 100.25 -104.77
N ASN UB 92 0.96 100.99 -104.60
CA ASN UB 92 2.19 100.67 -105.30
C ASN UB 92 2.77 99.37 -104.75
N TRP UB 93 3.60 98.73 -105.58
CA TRP UB 93 4.13 97.42 -105.21
C TRP UB 93 5.16 97.51 -104.08
N ALA UB 94 6.01 98.54 -104.11
CA ALA UB 94 7.11 98.63 -103.16
C ALA UB 94 6.64 98.95 -101.74
N SER UB 95 5.42 99.42 -101.58
CA SER UB 95 4.85 99.74 -100.28
C SER UB 95 4.63 98.52 -99.40
N TYR UB 96 4.65 97.32 -99.98
CA TYR UB 96 4.45 96.11 -99.20
C TYR UB 96 5.59 95.87 -98.23
N SER UB 97 6.80 96.31 -98.58
CA SER UB 97 7.91 96.23 -97.62
C SER UB 97 7.67 97.14 -96.42
N LEU UB 98 7.15 98.35 -96.67
CA LEU UB 98 6.83 99.25 -95.58
C LEU UB 98 5.72 98.69 -94.70
N LEU UB 99 4.73 98.06 -95.30
CA LEU UB 99 3.68 97.46 -94.50
C LEU UB 99 4.17 96.20 -93.81
N ASN UB 100 5.20 95.54 -94.35
CA ASN UB 100 5.84 94.46 -93.63
C ASN UB 100 6.58 94.97 -92.40
N GLU UB 101 7.20 96.15 -92.51
CA GLU UB 101 7.80 96.77 -91.33
C GLU UB 101 6.74 97.15 -90.31
N ILE UB 102 5.58 97.61 -90.79
CA ILE UB 102 4.44 97.90 -89.93
C ILE UB 102 4.01 96.64 -89.19
N ALA UB 103 3.93 95.52 -89.91
CA ALA UB 103 3.57 94.25 -89.29
C ALA UB 103 4.61 93.80 -88.27
N ALA UB 104 5.90 93.98 -88.60
CA ALA UB 104 6.96 93.56 -87.70
C ALA UB 104 6.97 94.38 -86.42
N PHE UB 105 6.68 95.67 -86.52
CA PHE UB 105 6.57 96.49 -85.32
C PHE UB 105 5.30 96.16 -84.55
N LEU UB 106 4.23 95.77 -85.24
CA LEU UB 106 3.04 95.40 -84.51
C LEU UB 106 3.12 94.01 -83.90
N LYS UB 107 4.09 93.20 -84.32
CA LYS UB 107 4.33 91.93 -83.62
C LYS UB 107 4.87 92.15 -82.22
N GLN UB 108 5.49 93.29 -81.97
CA GLN UB 108 6.27 93.48 -80.75
C GLN UB 108 5.37 93.60 -79.52
N PHE UB 109 4.33 94.41 -79.61
CA PHE UB 109 3.56 94.73 -78.41
C PHE UB 109 2.44 93.74 -78.20
N ARG UB 110 1.72 93.92 -77.10
CA ARG UB 110 0.47 93.22 -76.86
C ARG UB 110 -0.65 94.24 -76.88
N LYS UB 111 -1.60 94.06 -77.78
CA LYS UB 111 -2.61 95.06 -78.05
C LYS UB 111 -3.99 94.44 -78.08
N ILE UB 112 -4.99 95.29 -77.98
CA ILE UB 112 -6.38 94.87 -77.94
C ILE UB 112 -7.15 95.60 -79.03
N ALA UB 113 -7.01 96.93 -79.05
CA ALA UB 113 -7.81 97.79 -79.92
C ALA UB 113 -6.90 98.70 -80.72
N ILE UB 114 -7.04 98.64 -82.03
CA ILE UB 114 -6.25 99.44 -82.97
C ILE UB 114 -7.22 100.33 -83.72
N THR UB 115 -6.78 101.55 -84.07
CA THR UB 115 -7.64 102.42 -84.86
C THR UB 115 -6.81 103.09 -85.94
N VAL UB 116 -7.32 103.10 -87.16
CA VAL UB 116 -6.69 103.80 -88.27
C VAL UB 116 -7.57 104.98 -88.66
N THR UB 117 -6.93 106.00 -89.20
CA THR UB 117 -7.60 107.22 -89.61
C THR UB 117 -6.95 107.72 -90.88
N SER UB 118 -7.77 108.23 -91.80
CA SER UB 118 -7.26 108.70 -93.08
C SER UB 118 -7.64 110.16 -93.31
N TYR UB 119 -6.65 111.01 -93.55
CA TYR UB 119 -6.87 112.42 -93.83
C TYR UB 119 -6.28 112.78 -95.19
N SER UB 120 -6.89 113.75 -95.85
CA SER UB 120 -6.51 114.10 -97.21
C SER UB 120 -6.63 115.61 -97.38
N SER UB 121 -6.62 116.04 -98.64
CA SER UB 121 -6.82 117.43 -99.02
C SER UB 121 -8.09 117.56 -99.85
N LYS UB 122 -8.73 118.72 -99.73
CA LYS UB 122 -9.98 118.95 -100.43
C LYS UB 122 -9.72 119.11 -101.92
N TYR UB 123 -10.35 118.25 -102.73
CA TYR UB 123 -10.05 118.19 -104.15
C TYR UB 123 -11.24 118.58 -105.02
N VAL UB 124 -12.34 117.84 -104.96
CA VAL UB 124 -13.51 118.16 -105.78
C VAL UB 124 -14.76 118.19 -104.91
N SER UB 125 -15.05 117.08 -104.25
CA SER UB 125 -16.29 116.92 -103.51
C SER UB 125 -15.96 116.43 -102.11
N VAL UB 126 -16.78 116.90 -101.16
CA VAL UB 126 -16.71 116.43 -99.77
C VAL UB 126 -16.95 114.93 -99.72
N LYS UB 127 -17.96 114.46 -100.47
CA LYS UB 127 -18.27 113.04 -100.57
C LYS UB 127 -17.10 112.27 -101.16
N ARG UB 128 -16.47 112.83 -102.19
CA ARG UB 128 -15.38 112.14 -102.87
C ARG UB 128 -14.17 111.99 -101.95
N GLU UB 129 -13.80 113.07 -101.25
CA GLU UB 129 -12.67 113.01 -100.32
C GLU UB 129 -12.93 112.05 -99.17
N ARG UB 130 -14.15 112.10 -98.61
CA ARG UB 130 -14.51 111.23 -97.51
C ARG UB 130 -14.50 109.77 -97.93
N ALA UB 131 -15.04 109.48 -99.12
CA ALA UB 131 -15.07 108.12 -99.62
C ALA UB 131 -13.68 107.60 -99.92
N LEU UB 132 -12.81 108.46 -100.46
CA LEU UB 132 -11.44 108.04 -100.75
C LEU UB 132 -10.69 107.71 -99.47
N THR UB 133 -10.87 108.54 -98.43
CA THR UB 133 -10.23 108.27 -97.15
C THR UB 133 -10.75 106.99 -96.54
N LEU UB 134 -12.07 106.75 -96.64
CA LEU UB 134 -12.66 105.54 -96.09
C LEU UB 134 -12.16 104.30 -96.82
N ALA UB 135 -12.00 104.40 -98.14
CA ALA UB 135 -11.50 103.28 -98.92
C ALA UB 135 -10.05 102.96 -98.58
N ARG UB 136 -9.22 103.99 -98.42
CA ARG UB 136 -7.82 103.76 -98.07
C ARG UB 136 -7.68 103.14 -96.70
N SER UB 137 -8.48 103.63 -95.74
CA SER UB 137 -8.50 103.04 -94.41
C SER UB 137 -8.97 101.60 -94.46
N ARG UB 138 -9.97 101.31 -95.29
CA ARG UB 138 -10.50 99.96 -95.43
C ARG UB 138 -9.45 99.01 -95.97
N VAL UB 139 -8.73 99.41 -97.01
CA VAL UB 139 -7.82 98.48 -97.67
C VAL UB 139 -6.58 98.24 -96.81
N VAL UB 140 -6.09 99.28 -96.11
CA VAL UB 140 -4.94 99.04 -95.25
C VAL UB 140 -5.35 98.23 -94.02
N SER UB 141 -6.59 98.40 -93.56
CA SER UB 141 -7.10 97.59 -92.45
C SER UB 141 -7.22 96.13 -92.86
N GLU UB 142 -7.67 95.89 -94.09
CA GLU UB 142 -7.83 94.52 -94.55
C GLU UB 142 -6.50 93.81 -94.70
N TYR UB 143 -5.50 94.50 -95.26
CA TYR UB 143 -4.19 93.86 -95.37
C TYR UB 143 -3.55 93.66 -94.01
N LEU UB 144 -3.74 94.60 -93.09
CA LEU UB 144 -3.21 94.42 -91.74
C LEU UB 144 -3.87 93.24 -91.05
N TRP UB 145 -5.18 93.07 -91.23
CA TRP UB 145 -5.88 91.93 -90.65
C TRP UB 145 -5.45 90.63 -91.29
N SER UB 146 -5.17 90.63 -92.58
CA SER UB 146 -4.63 89.44 -93.23
C SER UB 146 -3.27 89.10 -92.66
N GLN UB 147 -2.46 90.10 -92.39
CA GLN UB 147 -1.21 89.86 -91.69
C GLN UB 147 -1.49 89.54 -90.21
N GLY UB 148 -0.44 89.10 -89.53
CA GLY UB 148 -0.59 88.61 -88.18
C GLY UB 148 -0.72 89.70 -87.13
N VAL UB 149 -1.87 90.36 -87.11
CA VAL UB 149 -2.14 91.33 -86.06
C VAL UB 149 -2.57 90.60 -84.80
N ASP UB 150 -1.94 90.96 -83.69
CA ASP UB 150 -2.24 90.35 -82.40
C ASP UB 150 -3.26 91.17 -81.61
N SER UB 151 -4.39 91.48 -82.24
CA SER UB 151 -5.42 92.29 -81.60
C SER UB 151 -6.75 91.57 -81.65
N ARG UB 152 -7.76 92.20 -81.06
CA ARG UB 152 -9.14 91.75 -81.16
C ARG UB 152 -10.01 92.70 -81.97
N ILE UB 153 -9.74 94.00 -81.93
CA ILE UB 153 -10.60 94.98 -82.59
C ILE UB 153 -9.75 95.93 -83.42
N ILE UB 154 -10.12 96.09 -84.69
CA ILE UB 154 -9.55 97.12 -85.56
C ILE UB 154 -10.67 98.04 -86.00
N PHE UB 155 -10.45 99.34 -85.86
CA PHE UB 155 -11.37 100.38 -86.30
C PHE UB 155 -10.79 101.10 -87.51
N THR UB 156 -11.65 101.44 -88.46
CA THR UB 156 -11.22 102.17 -89.66
C THR UB 156 -12.17 103.32 -89.94
N GLN UB 157 -11.60 104.50 -90.18
CA GLN UB 157 -12.36 105.68 -90.56
C GLN UB 157 -11.45 106.69 -91.26
N GLY UB 158 -12.08 107.54 -92.04
CA GLY UB 158 -11.37 108.62 -92.72
C GLY UB 158 -12.28 109.82 -92.84
N LEU UB 159 -11.68 111.00 -92.84
CA LEU UB 159 -12.45 112.24 -92.72
C LEU UB 159 -12.16 113.25 -93.81
N GLY UB 160 -11.44 112.88 -94.85
CA GLY UB 160 -11.18 113.82 -95.93
C GLY UB 160 -10.16 114.86 -95.52
N SER UB 161 -10.55 116.12 -95.65
CA SER UB 161 -9.73 117.24 -95.25
C SER UB 161 -10.39 118.00 -94.10
N ASP UB 162 -10.99 117.26 -93.17
CA ASP UB 162 -11.82 117.92 -92.16
C ASP UB 162 -10.99 118.60 -91.09
N LYS UB 163 -9.88 118.00 -90.68
CA LYS UB 163 -9.02 118.56 -89.62
C LYS UB 163 -7.59 118.68 -90.14
N PRO UB 164 -7.30 119.71 -90.91
CA PRO UB 164 -5.91 119.93 -91.32
C PRO UB 164 -5.05 120.36 -90.15
N ILE UB 165 -3.76 120.04 -90.24
CA ILE UB 165 -2.81 120.39 -89.20
C ILE UB 165 -1.73 121.31 -89.70
N THR UB 166 -1.89 121.87 -90.90
CA THR UB 166 -0.90 122.77 -91.46
C THR UB 166 -1.61 123.83 -92.28
N SER UB 167 -1.33 125.10 -91.98
CA SER UB 167 -1.90 126.18 -92.78
C SER UB 167 -1.26 126.26 -94.15
N TYR UB 168 -0.03 125.76 -94.30
CA TYR UB 168 0.63 125.68 -95.59
C TYR UB 168 -0.06 124.62 -96.42
N THR UB 169 -1.05 125.01 -97.22
CA THR UB 169 -1.86 124.09 -98.00
C THR UB 169 -1.52 124.19 -99.48
N LEU UB 170 -0.24 124.44 -99.78
CA LEU UB 170 0.17 124.65 -101.16
C LEU UB 170 0.15 123.35 -101.95
N GLY UB 171 0.72 122.30 -101.39
CA GLY UB 171 0.75 121.03 -102.08
C GLY UB 171 -0.56 120.28 -102.00
N GLY UB 172 -0.65 119.22 -102.79
CA GLY UB 172 -1.80 118.34 -102.78
C GLY UB 172 -1.48 117.03 -102.09
N ASP UB 173 -1.22 115.99 -102.87
CA ASP UB 173 -0.81 114.73 -102.28
C ASP UB 173 0.65 114.76 -101.83
N ARG UB 174 1.44 115.68 -102.36
CA ARG UB 174 2.78 115.89 -101.82
C ARG UB 174 2.76 116.63 -100.49
N SER UB 175 1.64 117.27 -100.15
CA SER UB 175 1.55 118.01 -98.90
C SER UB 175 1.53 117.05 -97.72
N PRO UB 176 2.12 117.46 -96.59
CA PRO UB 176 2.09 116.60 -95.39
C PRO UB 176 0.73 116.54 -94.73
N ASN UB 177 -0.25 117.31 -95.18
CA ASN UB 177 -1.59 117.24 -94.61
C ASN UB 177 -2.26 115.91 -94.91
N ALA UB 178 -2.11 115.42 -96.14
CA ALA UB 178 -2.71 114.14 -96.52
C ALA UB 178 -1.86 113.00 -95.96
N ARG UB 179 -2.46 112.18 -95.12
CA ARG UB 179 -1.70 111.18 -94.38
C ARG UB 179 -2.67 110.13 -93.81
N VAL UB 180 -2.09 109.15 -93.14
CA VAL UB 180 -2.85 108.14 -92.41
C VAL UB 180 -2.19 107.92 -91.06
N GLU UB 181 -3.01 107.76 -90.03
CA GLU UB 181 -2.52 107.58 -88.67
C GLU UB 181 -3.04 106.28 -88.09
N ILE UB 182 -2.16 105.58 -87.39
CA ILE UB 182 -2.53 104.37 -86.64
C ILE UB 182 -2.28 104.66 -85.18
N THR UB 183 -3.29 104.44 -84.35
CA THR UB 183 -3.23 104.79 -82.94
C THR UB 183 -3.76 103.63 -82.10
N PHE UB 184 -3.11 103.43 -80.95
CA PHE UB 184 -3.54 102.38 -80.03
C PHE UB 184 -2.94 102.64 -78.65
N ARG UB 185 -3.39 101.84 -77.69
CA ARG UB 185 -2.92 101.88 -76.32
C ARG UB 185 -2.24 100.56 -76.00
N ARG UB 186 -1.05 100.62 -75.43
CA ARG UB 186 -0.38 99.42 -74.96
C ARG UB 186 -1.10 98.83 -73.77
N ALA UB 187 -1.33 97.52 -73.80
CA ALA UB 187 -2.17 96.85 -72.81
C ALA UB 187 -1.30 96.02 -71.89
N VAL UB 188 -0.89 96.61 -70.78
CA VAL UB 188 -0.15 95.98 -69.68
C VAL UB 188 1.14 95.29 -70.14
N CYS VB 42 10.57 98.51 -116.99
CA CYS VB 42 10.66 97.10 -116.61
C CYS VB 42 9.28 96.45 -116.64
N PHE VB 43 8.69 96.22 -115.45
CA PHE VB 43 7.42 95.54 -115.39
C PHE VB 43 6.72 95.88 -114.09
N HIS VB 44 5.38 95.91 -114.14
CA HIS VB 44 4.57 96.06 -112.96
C HIS VB 44 3.86 94.74 -112.68
N PRO VB 45 4.13 94.10 -111.55
CA PRO VB 45 3.49 92.82 -111.22
C PRO VB 45 1.97 92.88 -111.13
N PRO VB 46 1.35 94.01 -110.69
CA PRO VB 46 -0.11 94.00 -110.94
C PRO VB 46 -0.46 94.35 -112.39
N TYR VB 47 -0.39 93.31 -113.23
CA TYR VB 47 -0.93 93.25 -114.59
C TYR VB 47 -0.30 94.25 -115.56
N ASN VB 48 0.82 94.88 -115.17
CA ASN VB 48 1.51 95.92 -115.94
C ASN VB 48 0.57 97.05 -116.32
N ASN VB 49 -0.35 97.37 -115.40
CA ASN VB 49 -1.44 98.33 -115.59
C ASN VB 49 -2.29 98.02 -116.82
N PHE VB 50 -2.46 96.72 -117.09
CA PHE VB 50 -3.21 96.20 -118.24
C PHE VB 50 -2.70 96.77 -119.55
N GLN VB 51 -1.38 96.85 -119.68
CA GLN VB 51 -0.81 97.36 -120.91
C GLN VB 51 -0.17 96.22 -121.68
N PRO VB 52 -0.44 96.10 -122.98
CA PRO VB 52 0.23 95.06 -123.77
C PRO VB 52 1.72 95.33 -123.91
N ASP VB 53 2.52 94.50 -123.26
CA ASP VB 53 3.93 94.77 -123.08
C ASP VB 53 4.74 94.35 -124.29
N ARG VB 54 6.03 94.68 -124.26
CA ARG VB 54 7.01 94.22 -125.23
C ARG VB 54 7.97 93.30 -124.48
N ARG VB 55 7.57 92.04 -124.32
CA ARG VB 55 8.42 91.08 -123.63
C ARG VB 55 9.57 90.64 -124.52
N ALA VB 56 9.27 90.35 -125.79
CA ALA VB 56 10.26 89.80 -126.71
C ALA VB 56 11.36 90.81 -127.04
N VAL VB 57 11.00 92.07 -127.21
CA VAL VB 57 12.01 93.08 -127.51
C VAL VB 57 12.87 93.35 -126.28
N LYS VB 58 12.35 93.16 -125.08
CA LYS VB 58 13.17 93.32 -123.89
C LYS VB 58 14.11 92.13 -123.72
N ARG VB 59 13.64 90.93 -124.07
CA ARG VB 59 14.52 89.77 -124.07
C ARG VB 59 15.63 89.92 -125.11
N VAL VB 60 15.30 90.48 -126.27
CA VAL VB 60 16.30 90.77 -127.30
C VAL VB 60 17.31 91.80 -126.79
N GLY VB 61 16.82 92.84 -126.09
CA GLY VB 61 17.72 93.83 -125.54
C GLY VB 61 18.67 93.30 -124.47
N VAL VB 62 18.14 92.48 -123.56
CA VAL VB 62 19.00 91.91 -122.53
C VAL VB 62 19.89 90.82 -123.06
N ASP VB 63 19.57 90.23 -124.21
CA ASP VB 63 20.53 89.33 -124.85
C ASP VB 63 21.63 90.12 -125.56
N THR VB 64 21.29 91.23 -126.20
CA THR VB 64 22.30 92.05 -126.86
C THR VB 64 23.19 92.78 -125.86
N GLY VB 65 22.72 92.96 -124.62
CA GLY VB 65 23.54 93.53 -123.59
C GLY VB 65 24.69 92.64 -123.15
N GLY VB 88 23.99 88.29 -128.14
CA GLY VB 88 23.83 88.70 -129.52
C GLY VB 88 22.38 88.79 -129.98
N GLY VB 89 22.17 89.53 -131.06
CA GLY VB 89 20.83 89.68 -131.60
C GLY VB 89 20.27 88.38 -132.16
N THR VB 90 21.13 87.56 -132.77
CA THR VB 90 20.69 86.31 -133.38
C THR VB 90 20.24 85.30 -132.32
N VAL VB 91 21.07 85.11 -131.29
CA VAL VB 91 20.71 84.20 -130.20
C VAL VB 91 19.53 84.76 -129.41
N GLY VB 92 19.44 86.09 -129.28
CA GLY VB 92 18.27 86.69 -128.66
C GLY VB 92 16.99 86.44 -129.43
N LEU VB 93 17.06 86.54 -130.75
CA LEU VB 93 15.88 86.32 -131.59
C LEU VB 93 15.44 84.86 -131.54
N VAL VB 94 16.39 83.93 -131.64
CA VAL VB 94 16.00 82.52 -131.66
C VAL VB 94 15.55 82.06 -130.27
N ALA VB 95 16.15 82.60 -129.20
CA ALA VB 95 15.67 82.27 -127.86
C ALA VB 95 14.31 82.90 -127.59
N SER VB 96 14.06 84.09 -128.14
CA SER VB 96 12.77 84.74 -127.98
C SER VB 96 11.67 83.95 -128.68
N ILE VB 97 11.93 83.47 -129.90
CA ILE VB 97 10.89 82.71 -130.58
C ILE VB 97 10.76 81.32 -130.00
N TYR VB 98 11.83 80.78 -129.40
CA TYR VB 98 11.72 79.50 -128.72
C TYR VB 98 10.91 79.62 -127.44
N ARG VB 99 11.08 80.72 -126.71
CA ARG VB 99 10.29 80.93 -125.51
C ARG VB 99 8.86 81.34 -125.84
N ASP VB 100 8.67 82.00 -126.97
CA ASP VB 100 7.35 82.39 -127.43
C ASP VB 100 6.67 81.28 -128.21
N SER VB 101 7.36 80.15 -128.41
CA SER VB 101 6.72 78.99 -128.99
C SER VB 101 5.62 78.47 -128.08
N LYS VB 102 4.56 77.95 -128.72
CA LYS VB 102 3.37 77.51 -128.00
C LYS VB 102 3.67 76.34 -127.07
N ARG VB 103 4.62 75.49 -127.48
CA ARG VB 103 5.05 74.39 -126.62
C ARG VB 103 5.68 74.90 -125.33
N LYS VB 104 6.45 75.98 -125.42
CA LYS VB 104 7.08 76.55 -124.24
C LYS VB 104 6.05 77.13 -123.28
N ILE VB 105 5.02 77.78 -123.83
CA ILE VB 105 3.96 78.34 -123.00
C ILE VB 105 3.17 77.23 -122.31
N ILE VB 106 2.88 76.16 -123.05
CA ILE VB 106 2.16 75.03 -122.48
C ILE VB 106 3.00 74.34 -121.41
N ARG VB 107 4.31 74.24 -121.62
CA ARG VB 107 5.16 73.61 -120.62
C ARG VB 107 5.30 74.47 -119.37
N ASP VB 108 5.34 75.80 -119.54
CA ASP VB 108 5.34 76.68 -118.38
C ASP VB 108 4.01 76.60 -117.62
N LEU VB 109 2.91 76.47 -118.35
CA LEU VB 109 1.63 76.29 -117.68
C LEU VB 109 1.51 74.92 -117.06
N GLN VB 110 2.30 73.95 -117.52
CA GLN VB 110 2.38 72.63 -116.90
C GLN VB 110 3.20 72.69 -115.62
N LYS VB 111 4.23 73.53 -115.60
CA LYS VB 111 4.91 73.85 -114.35
C LYS VB 111 3.95 74.52 -113.38
N GLN VB 112 3.10 75.40 -113.89
CA GLN VB 112 1.98 75.89 -113.12
C GLN VB 112 0.96 74.78 -112.92
N ASP VB 113 0.04 75.00 -111.98
CA ASP VB 113 -0.96 74.00 -111.65
C ASP VB 113 -2.25 74.20 -112.43
N ILE VB 114 -2.13 74.31 -113.75
CA ILE VB 114 -3.26 74.62 -114.63
C ILE VB 114 -3.38 73.52 -115.67
N GLN VB 115 -4.58 72.98 -115.84
CA GLN VB 115 -4.78 71.82 -116.71
C GLN VB 115 -5.30 72.27 -118.06
N TYR VB 116 -4.55 71.95 -119.11
CA TYR VB 116 -4.92 72.31 -120.48
C TYR VB 116 -5.17 71.05 -121.27
N VAL VB 117 -6.37 70.92 -121.84
CA VAL VB 117 -6.74 69.75 -122.61
C VAL VB 117 -7.30 70.20 -123.96
N GLU VB 118 -6.70 69.73 -125.04
CA GLU VB 118 -7.18 70.00 -126.39
C GLU VB 118 -7.58 68.69 -127.05
N TYR VB 119 -8.81 68.63 -127.52
CA TYR VB 119 -9.31 67.42 -128.16
C TYR VB 119 -10.35 67.82 -129.20
N GLY VB 120 -10.25 67.23 -130.38
CA GLY VB 120 -11.18 67.52 -131.45
C GLY VB 120 -11.05 68.93 -131.97
N ASP VB 121 -12.15 69.67 -131.95
CA ASP VB 121 -12.19 71.04 -132.46
C ASP VB 121 -12.36 72.06 -131.34
N THR VB 122 -12.05 71.69 -130.11
CA THR VB 122 -12.25 72.59 -128.98
C THR VB 122 -11.07 72.46 -128.03
N ARG VB 123 -10.89 73.49 -127.20
CA ARG VB 123 -9.86 73.47 -126.17
C ARG VB 123 -10.44 73.92 -124.84
N THR VB 124 -9.88 73.37 -123.75
CA THR VB 124 -10.41 73.62 -122.42
C THR VB 124 -9.27 73.82 -121.42
N LEU VB 125 -9.55 74.65 -120.43
CA LEU VB 125 -8.65 75.00 -119.35
C LEU VB 125 -9.32 74.80 -118.01
N ILE VB 126 -8.57 74.25 -117.06
CA ILE VB 126 -9.06 73.96 -115.72
C ILE VB 126 -8.17 74.67 -114.73
N ILE VB 127 -8.77 75.49 -113.87
CA ILE VB 127 -8.06 76.37 -112.97
C ILE VB 127 -8.51 76.05 -111.55
N PRO VB 128 -7.59 75.80 -110.61
CA PRO VB 128 -7.98 75.49 -109.23
C PRO VB 128 -8.31 76.76 -108.44
N THR VB 129 -9.44 76.70 -107.74
CA THR VB 129 -9.92 77.83 -106.95
C THR VB 129 -8.98 78.13 -105.79
N ASP VB 130 -8.47 77.10 -105.14
CA ASP VB 130 -7.70 77.28 -103.92
C ASP VB 130 -6.32 77.85 -104.19
N LYS VB 131 -5.85 77.82 -105.43
CA LYS VB 131 -4.59 78.43 -105.77
C LYS VB 131 -4.72 79.66 -106.65
N TYR VB 132 -5.87 79.88 -107.28
CA TYR VB 132 -6.04 81.06 -108.12
C TYR VB 132 -7.24 81.89 -107.67
N PHE VB 133 -7.58 81.82 -106.38
CA PHE VB 133 -8.61 82.67 -105.83
C PHE VB 133 -8.27 82.97 -104.39
N MET VB 134 -8.77 84.10 -103.90
CA MET VB 134 -8.72 84.33 -102.46
C MET VB 134 -9.75 83.44 -101.79
N PHE VB 135 -9.51 83.14 -100.52
CA PHE VB 135 -10.28 82.12 -99.82
C PHE VB 135 -11.70 82.58 -99.52
N SER VB 136 -12.66 81.73 -99.89
CA SER VB 136 -14.07 81.84 -99.53
C SER VB 136 -14.69 83.16 -100.01
N SER VB 137 -14.19 83.71 -101.11
CA SER VB 137 -14.54 85.05 -101.51
C SER VB 137 -14.22 85.22 -102.98
N PRO VB 138 -14.96 86.07 -103.70
CA PRO VB 138 -14.65 86.32 -105.10
C PRO VB 138 -13.45 87.22 -105.35
N ARG VB 139 -12.69 87.58 -104.33
CA ARG VB 139 -11.45 88.29 -104.54
C ARG VB 139 -10.45 87.38 -105.24
N LEU VB 140 -9.62 87.96 -106.08
CA LEU VB 140 -8.66 87.18 -106.86
C LEU VB 140 -7.32 87.18 -106.16
N ASN VB 141 -6.76 85.98 -105.97
CA ASN VB 141 -5.38 85.89 -105.54
C ASN VB 141 -4.46 86.39 -106.65
N GLU VB 142 -3.42 87.12 -106.27
CA GLU VB 142 -2.51 87.70 -107.25
C GLU VB 142 -1.09 87.20 -107.10
N ILE VB 143 -0.85 86.17 -106.28
CA ILE VB 143 0.51 85.68 -106.14
C ILE VB 143 0.94 84.91 -107.39
N CYS VB 144 0.00 84.24 -108.04
CA CYS VB 144 0.31 83.42 -109.22
C CYS VB 144 0.07 84.19 -110.52
N TYR VB 145 0.29 85.49 -110.49
CA TYR VB 145 0.14 86.36 -111.65
C TYR VB 145 0.97 86.02 -112.90
N PRO VB 146 2.13 85.32 -112.83
CA PRO VB 146 2.66 84.76 -114.08
C PRO VB 146 1.74 83.78 -114.75
N GLY VB 147 0.94 83.03 -113.98
CA GLY VB 147 -0.04 82.14 -114.58
C GLY VB 147 -1.11 82.89 -115.35
N LEU VB 148 -1.55 84.02 -114.82
CA LEU VB 148 -2.57 84.80 -115.52
C LEU VB 148 -1.98 85.53 -116.72
N ASN VB 149 -0.71 85.91 -116.63
CA ASN VB 149 0.00 86.39 -117.82
C ASN VB 149 0.09 85.31 -118.89
N ASN VB 150 0.34 84.06 -118.47
CA ASN VB 150 0.33 82.94 -119.41
C ASN VB 150 -1.04 82.72 -120.00
N VAL VB 151 -2.09 82.94 -119.22
CA VAL VB 151 -3.46 82.82 -119.72
C VAL VB 151 -3.70 83.82 -120.84
N ILE VB 152 -3.29 85.06 -120.61
CA ILE VB 152 -3.45 86.10 -121.63
C ILE VB 152 -2.61 85.79 -122.86
N ARG VB 153 -1.37 85.35 -122.65
CA ARG VB 153 -0.48 85.09 -123.78
C ARG VB 153 -0.92 83.88 -124.59
N LEU VB 154 -1.58 82.91 -123.96
CA LEU VB 154 -2.13 81.80 -124.72
C LEU VB 154 -3.38 82.22 -125.48
N LEU VB 155 -4.24 83.03 -124.85
CA LEU VB 155 -5.45 83.43 -125.53
C LEU VB 155 -5.21 84.49 -126.59
N ASN VB 156 -4.00 85.05 -126.67
CA ASN VB 156 -3.67 85.92 -127.78
C ASN VB 156 -3.64 85.20 -129.13
N PHE VB 157 -3.51 83.87 -129.14
CA PHE VB 157 -3.33 83.16 -130.40
C PHE VB 157 -4.61 83.09 -131.22
N TYR VB 158 -5.77 82.97 -130.59
CA TYR VB 158 -7.03 82.71 -131.28
C TYR VB 158 -7.98 83.88 -131.04
N PRO VB 159 -7.96 84.89 -131.90
CA PRO VB 159 -8.63 86.15 -131.59
C PRO VB 159 -10.10 86.23 -131.99
N GLN VB 160 -10.72 85.14 -132.40
CA GLN VB 160 -12.06 85.23 -132.96
C GLN VB 160 -13.01 84.16 -132.47
N SER VB 161 -12.55 83.15 -131.74
CA SER VB 161 -13.42 82.09 -131.28
C SER VB 161 -14.27 82.55 -130.11
N THR VB 162 -15.48 82.00 -130.02
CA THR VB 162 -16.35 82.29 -128.90
C THR VB 162 -15.88 81.57 -127.64
N ILE VB 163 -16.10 82.21 -126.49
CA ILE VB 163 -15.54 81.76 -125.21
C ILE VB 163 -16.68 81.43 -124.27
N TYR VB 164 -16.55 80.30 -123.56
CA TYR VB 164 -17.42 79.95 -122.45
C TYR VB 164 -16.58 79.78 -121.20
N VAL VB 165 -17.06 80.31 -120.09
CA VAL VB 165 -16.43 80.10 -118.79
C VAL VB 165 -17.49 79.67 -117.79
N ALA VB 166 -17.14 78.71 -116.95
CA ALA VB 166 -18.07 78.19 -115.97
C ALA VB 166 -17.30 77.84 -114.72
N GLY VB 167 -18.02 77.83 -113.61
CA GLY VB 167 -17.43 77.61 -112.30
C GLY VB 167 -18.03 76.39 -111.63
N PHE VB 168 -17.18 75.62 -110.94
CA PHE VB 168 -17.58 74.42 -110.22
C PHE VB 168 -17.06 74.49 -108.80
N THR VB 169 -17.87 74.03 -107.85
CA THR VB 169 -17.46 73.96 -106.46
C THR VB 169 -17.79 72.62 -105.86
N ASP VB 170 -17.58 72.47 -104.55
CA ASP VB 170 -17.91 71.23 -103.85
C ASP VB 170 -19.36 71.27 -103.39
N ASN VB 171 -19.73 70.35 -102.50
CA ASN VB 171 -21.12 69.98 -102.30
C ASN VB 171 -21.64 70.29 -100.91
N VAL VB 172 -20.99 71.17 -100.17
CA VAL VB 172 -21.33 71.39 -98.77
C VAL VB 172 -21.76 72.82 -98.57
N GLY VB 173 -22.96 73.02 -98.02
CA GLY VB 173 -23.51 74.31 -97.70
C GLY VB 173 -24.89 74.47 -98.28
N SER VB 174 -25.41 75.69 -98.20
CA SER VB 174 -26.69 76.00 -98.82
C SER VB 174 -26.56 75.95 -100.34
N ARG VB 175 -27.60 75.43 -100.99
CA ARG VB 175 -27.62 75.36 -102.45
C ARG VB 175 -27.57 76.74 -103.07
N SER VB 176 -28.33 77.68 -102.49
CA SER VB 176 -28.30 79.07 -102.93
C SER VB 176 -26.93 79.69 -102.72
N HIS VB 177 -26.27 79.34 -101.61
CA HIS VB 177 -24.92 79.83 -101.35
C HIS VB 177 -23.92 79.32 -102.38
N LYS VB 178 -24.04 78.03 -102.74
CA LYS VB 178 -23.20 77.46 -103.78
C LYS VB 178 -23.42 78.15 -105.11
N ARG VB 179 -24.68 78.42 -105.43
CA ARG VB 179 -25.02 79.09 -106.68
C ARG VB 179 -24.44 80.50 -106.74
N LYS VB 180 -24.54 81.24 -105.63
CA LYS VB 180 -24.05 82.61 -105.63
C LYS VB 180 -22.52 82.66 -105.69
N LEU VB 181 -21.85 81.75 -104.98
CA LEU VB 181 -20.40 81.71 -105.02
C LEU VB 181 -19.91 81.32 -106.41
N SER VB 182 -20.63 80.41 -107.06
CA SER VB 182 -20.32 80.02 -108.42
C SER VB 182 -20.46 81.20 -109.38
N GLN VB 183 -21.55 81.96 -109.24
CA GLN VB 183 -21.79 83.11 -110.10
C GLN VB 183 -20.73 84.18 -109.91
N ALA VB 184 -20.32 84.41 -108.65
CA ALA VB 184 -19.30 85.41 -108.37
C ALA VB 184 -17.95 85.04 -108.97
N GLN VB 185 -17.57 83.76 -108.82
CA GLN VB 185 -16.30 83.29 -109.38
C GLN VB 185 -16.30 83.39 -110.90
N ALA VB 186 -17.42 83.00 -111.53
CA ALA VB 186 -17.51 83.05 -112.99
C ALA VB 186 -17.45 84.48 -113.50
N GLU VB 187 -18.14 85.40 -112.82
CA GLU VB 187 -18.14 86.80 -113.24
C GLU VB 187 -16.76 87.41 -113.05
N THR VB 188 -16.05 87.01 -112.00
CA THR VB 188 -14.71 87.54 -111.76
C THR VB 188 -13.74 87.11 -112.85
N MET VB 189 -13.78 85.84 -113.25
CA MET VB 189 -12.90 85.41 -114.33
C MET VB 189 -13.30 86.06 -115.65
N MET VB 190 -14.60 86.25 -115.86
CA MET VB 190 -15.11 86.91 -117.06
C MET VB 190 -14.59 88.33 -117.16
N THR VB 191 -14.66 89.08 -116.08
CA THR VB 191 -14.24 90.46 -116.15
C THR VB 191 -12.73 90.61 -116.17
N PHE VB 192 -11.98 89.63 -115.65
CA PHE VB 192 -10.54 89.67 -115.84
C PHE VB 192 -10.19 89.43 -117.30
N LEU VB 193 -10.92 88.56 -117.98
CA LEU VB 193 -10.71 88.40 -119.41
C LEU VB 193 -11.06 89.65 -120.18
N TRP VB 194 -12.14 90.33 -119.78
CA TRP VB 194 -12.54 91.54 -120.48
C TRP VB 194 -11.60 92.71 -120.21
N ALA VB 195 -10.92 92.69 -119.07
CA ALA VB 195 -10.05 93.80 -118.70
C ALA VB 195 -8.82 93.91 -119.58
N ASN VB 196 -8.37 92.82 -120.17
CA ASN VB 196 -7.15 92.85 -120.93
C ASN VB 196 -7.37 93.24 -122.38
N GLY VB 197 -8.60 93.58 -122.77
CA GLY VB 197 -8.87 94.13 -124.09
C GLY VB 197 -9.73 93.28 -124.98
N ILE VB 198 -10.03 92.04 -124.64
CA ILE VB 198 -10.92 91.23 -125.46
C ILE VB 198 -12.35 91.68 -125.18
N ALA VB 199 -13.06 92.04 -126.25
CA ALA VB 199 -14.39 92.61 -126.12
C ALA VB 199 -15.40 91.58 -125.63
N ALA VB 200 -16.48 92.08 -125.04
CA ALA VB 200 -17.46 91.25 -124.35
C ALA VB 200 -18.48 90.62 -125.28
N LYS VB 201 -18.33 90.79 -126.60
CA LYS VB 201 -19.30 90.21 -127.51
C LYS VB 201 -19.17 88.70 -127.58
N ARG VB 202 -17.95 88.19 -127.47
CA ARG VB 202 -17.69 86.77 -127.68
C ARG VB 202 -17.80 85.94 -126.41
N LEU VB 203 -18.18 86.55 -125.29
CA LEU VB 203 -17.95 85.95 -123.99
C LEU VB 203 -19.25 85.82 -123.20
N LYS VB 204 -19.33 84.75 -122.42
CA LYS VB 204 -20.48 84.46 -121.58
C LYS VB 204 -20.06 83.56 -120.43
N ALA VB 205 -20.57 83.84 -119.24
CA ALA VB 205 -20.14 83.19 -118.01
C ALA VB 205 -21.30 82.48 -117.33
N GLU VB 206 -20.98 81.40 -116.61
CA GLU VB 206 -21.98 80.64 -115.91
C GLU VB 206 -21.33 79.92 -114.73
N GLY VB 207 -22.06 79.84 -113.63
CA GLY VB 207 -21.58 79.12 -112.46
C GLY VB 207 -22.57 78.06 -112.02
N TYR VB 208 -22.03 76.92 -111.59
CA TYR VB 208 -22.82 75.81 -111.10
C TYR VB 208 -22.29 75.39 -109.74
N GLY VB 209 -23.13 74.68 -109.01
CA GLY VB 209 -22.75 74.20 -107.70
C GLY VB 209 -22.21 72.79 -107.82
N ASP VB 210 -23.03 71.82 -107.42
CA ASP VB 210 -22.67 70.41 -107.49
C ASP VB 210 -23.63 69.66 -108.42
N LYS VB 211 -24.04 70.32 -109.50
CA LYS VB 211 -24.96 69.68 -110.43
C LYS VB 211 -24.27 68.58 -111.22
N ASN VB 212 -23.01 68.77 -111.58
CA ASN VB 212 -22.16 67.70 -112.06
C ASN VB 212 -20.81 67.81 -111.38
N ALA VB 213 -20.19 66.66 -111.17
CA ALA VB 213 -18.92 66.58 -110.47
C ALA VB 213 -17.95 65.78 -111.31
N ILE VB 214 -16.74 65.60 -110.79
CA ILE VB 214 -15.75 64.80 -111.49
C ILE VB 214 -15.11 63.85 -110.49
N SER VB 215 -15.39 64.07 -109.20
CA SER VB 215 -14.80 63.27 -108.14
C SER VB 215 -15.81 63.11 -107.02
N ASP VB 216 -15.65 62.04 -106.25
CA ASP VB 216 -16.49 61.83 -105.09
C ASP VB 216 -16.06 62.77 -103.97
N ASN VB 217 -17.04 63.42 -103.34
CA ASN VB 217 -16.72 64.34 -102.27
C ASN VB 217 -16.44 63.65 -100.94
N ALA VB 218 -16.81 62.38 -100.80
CA ALA VB 218 -16.56 61.67 -99.55
C ALA VB 218 -15.10 61.32 -99.37
N ILE VB 219 -14.30 61.39 -100.43
CA ILE VB 219 -12.85 61.33 -100.33
C ILE VB 219 -12.32 62.75 -100.37
N ILE VB 220 -11.43 63.05 -99.42
CA ILE VB 220 -11.04 64.44 -99.15
C ILE VB 220 -10.27 65.03 -100.32
N HIS VB 221 -9.34 64.26 -100.88
CA HIS VB 221 -8.62 64.74 -102.04
C HIS VB 221 -9.53 64.86 -103.25
N GLY VB 222 -10.55 64.00 -103.35
CA GLY VB 222 -11.52 64.13 -104.42
C GLY VB 222 -12.34 65.41 -104.33
N SER VB 223 -12.79 65.76 -103.13
CA SER VB 223 -13.55 66.99 -102.97
C SER VB 223 -12.66 68.20 -103.13
N ALA VB 224 -11.38 68.08 -102.79
CA ALA VB 224 -10.44 69.16 -103.08
C ALA VB 224 -10.25 69.32 -104.58
N GLN VB 225 -10.25 68.20 -105.31
CA GLN VB 225 -10.08 68.27 -106.76
C GLN VB 225 -11.33 68.79 -107.45
N ASN VB 226 -12.50 68.56 -106.86
CA ASN VB 226 -13.73 68.77 -107.58
C ASN VB 226 -14.14 70.23 -107.73
N ARG VB 227 -13.47 71.15 -107.05
CA ARG VB 227 -13.80 72.57 -107.17
C ARG VB 227 -12.79 73.24 -108.10
N ARG VB 228 -13.29 73.88 -109.15
CA ARG VB 228 -12.41 74.36 -110.21
C ARG VB 228 -13.16 75.39 -111.05
N ILE VB 229 -12.47 75.87 -112.08
CA ILE VB 229 -13.06 76.74 -113.09
C ILE VB 229 -12.75 76.13 -114.45
N GLU VB 230 -13.79 75.95 -115.26
CA GLU VB 230 -13.70 75.37 -116.59
C GLU VB 230 -13.79 76.47 -117.63
N ILE VB 231 -12.96 76.36 -118.66
CA ILE VB 231 -12.91 77.31 -119.76
C ILE VB 231 -12.96 76.53 -121.05
N GLN VB 232 -13.99 76.75 -121.86
CA GLN VB 232 -14.11 76.08 -123.14
C GLN VB 232 -14.06 77.13 -124.23
N TRP VB 233 -13.40 76.82 -125.35
CA TRP VB 233 -13.63 77.61 -126.55
C TRP VB 233 -13.41 76.77 -127.80
N PHE VB 234 -14.20 77.11 -128.81
CA PHE VB 234 -14.29 76.42 -130.09
C PHE VB 234 -13.20 76.94 -131.03
N THR VB 235 -13.35 76.61 -132.31
CA THR VB 235 -12.52 77.18 -133.36
C THR VB 235 -13.35 78.00 -134.35
N SER VB 236 -14.39 77.40 -134.92
CA SER VB 236 -15.20 78.08 -135.93
C SER VB 236 -16.63 78.28 -135.45
N LEU WB 113 -46.22 114.10 -144.53
CA LEU WB 113 -44.82 114.46 -144.32
C LEU WB 113 -44.02 113.30 -143.76
N ASN WB 114 -42.96 112.90 -144.46
CA ASN WB 114 -42.15 111.77 -144.06
C ASN WB 114 -40.65 112.03 -144.09
N ARG WB 115 -40.19 113.07 -144.77
CA ARG WB 115 -38.77 113.41 -144.78
C ARG WB 115 -38.63 114.92 -144.74
N PHE WB 116 -38.06 115.44 -143.65
CA PHE WB 116 -37.94 116.87 -143.45
C PHE WB 116 -36.49 117.21 -143.17
N ARG WB 117 -35.92 118.12 -143.96
CA ARG WB 117 -34.57 118.62 -143.74
C ARG WB 117 -34.64 120.14 -143.68
N TYR WB 118 -34.05 120.71 -142.62
CA TYR WB 118 -34.18 122.13 -142.33
C TYR WB 118 -32.81 122.75 -142.11
N GLU WB 119 -32.58 123.89 -142.75
CA GLU WB 119 -31.33 124.62 -142.65
C GLU WB 119 -31.61 126.11 -142.70
N GLY WB 120 -30.67 126.89 -142.17
CA GLY WB 120 -30.65 128.32 -142.44
C GLY WB 120 -31.34 129.24 -141.45
N ALA WB 121 -31.01 129.08 -140.16
CA ALA WB 121 -31.39 130.01 -139.08
C ALA WB 121 -32.90 130.19 -138.96
N GLY WB 122 -33.58 129.09 -138.64
CA GLY WB 122 -35.02 129.07 -138.64
C GLY WB 122 -35.60 128.57 -137.35
N VAL WB 123 -36.71 129.18 -136.94
CA VAL WB 123 -37.41 128.86 -135.71
C VAL WB 123 -38.79 128.34 -136.10
N VAL WB 124 -39.02 127.04 -135.88
CA VAL WB 124 -40.28 126.39 -136.25
C VAL WB 124 -40.90 125.80 -134.99
N THR WB 125 -42.18 126.08 -134.78
CA THR WB 125 -42.95 125.51 -133.68
C THR WB 125 -44.15 124.78 -134.27
N GLY WB 126 -44.23 123.48 -133.99
CA GLY WB 126 -45.31 122.67 -134.53
C GLY WB 126 -45.92 121.78 -133.47
N ASN WB 127 -47.21 121.47 -133.67
CA ASN WB 127 -47.97 120.71 -132.71
C ASN WB 127 -48.79 119.64 -133.43
N ASN WB 128 -49.08 118.57 -132.68
CA ASN WB 128 -49.99 117.49 -133.08
C ASN WB 128 -49.54 116.81 -134.37
N LEU WB 129 -48.36 116.22 -134.30
CA LEU WB 129 -47.80 115.46 -135.40
C LEU WB 129 -47.85 113.98 -135.05
N ARG WB 130 -48.53 113.21 -135.89
CA ARG WB 130 -48.69 111.78 -135.70
C ARG WB 130 -48.12 111.07 -136.92
N THR WB 131 -47.25 110.09 -136.68
CA THR WB 131 -46.50 109.48 -137.76
C THR WB 131 -46.08 108.08 -137.37
N SER WB 132 -45.91 107.24 -138.39
CA SER WB 132 -45.30 105.93 -138.17
C SER WB 132 -43.78 106.05 -138.20
N TYR WB 133 -43.26 106.77 -139.19
CA TYR WB 133 -41.83 107.00 -139.32
C TYR WB 133 -41.62 108.26 -140.14
N LEU WB 134 -40.67 109.09 -139.73
CA LEU WB 134 -40.16 110.16 -140.58
C LEU WB 134 -38.67 110.30 -140.36
N ASP WB 135 -38.00 110.84 -141.36
CA ASP WB 135 -36.56 111.07 -141.33
C ASP WB 135 -36.33 112.56 -141.19
N LEU WB 136 -35.61 112.95 -140.13
CA LEU WB 136 -35.44 114.35 -139.78
C LEU WB 136 -33.98 114.75 -139.89
N TYR WB 137 -33.74 115.92 -140.45
CA TYR WB 137 -32.41 116.50 -140.56
C TYR WB 137 -32.49 117.97 -140.17
N LEU WB 138 -31.58 118.39 -139.29
CA LEU WB 138 -31.55 119.77 -138.81
C LEU WB 138 -30.14 120.32 -138.89
N ALA WB 139 -30.02 121.58 -139.30
CA ALA WB 139 -28.72 122.23 -139.34
C ALA WB 139 -28.90 123.74 -139.24
N ASN WB 140 -27.82 124.40 -138.80
CA ASN WB 140 -27.63 125.86 -138.86
C ASN WB 140 -28.72 126.62 -138.12
N GLU WB 141 -28.75 126.40 -136.80
CA GLU WB 141 -29.71 127.04 -135.87
C GLU WB 141 -31.15 126.73 -136.27
N GLY WB 142 -31.49 125.45 -136.19
CA GLY WB 142 -32.88 125.07 -136.30
C GLY WB 142 -33.51 124.98 -134.91
N THR WB 143 -34.16 126.05 -134.48
CA THR WB 143 -34.82 126.09 -133.19
C THR WB 143 -36.20 125.47 -133.37
N THR WB 144 -36.32 124.20 -132.99
CA THR WB 144 -37.54 123.43 -133.22
C THR WB 144 -38.24 123.18 -131.90
N ARG WB 145 -39.51 123.58 -131.83
CA ARG WB 145 -40.39 123.25 -130.71
C ARG WB 145 -41.50 122.39 -131.30
N LEU WB 146 -41.28 121.08 -131.34
CA LEU WB 146 -42.25 120.15 -131.87
C LEU WB 146 -42.87 119.37 -130.72
N ALA WB 147 -44.21 119.35 -130.68
CA ALA WB 147 -44.95 118.74 -129.59
C ALA WB 147 -45.96 117.72 -130.13
N GLY WB 148 -45.49 116.86 -131.02
CA GLY WB 148 -46.36 115.83 -131.57
C GLY WB 148 -46.07 114.45 -131.03
N ASN WB 149 -47.02 113.54 -131.15
CA ASN WB 149 -46.81 112.14 -130.78
C ASN WB 149 -46.06 111.48 -131.92
N ILE WB 150 -44.74 111.56 -131.88
CA ILE WB 150 -43.89 111.36 -133.05
C ILE WB 150 -43.26 109.98 -132.98
N GLY WB 151 -43.40 109.22 -134.07
CA GLY WB 151 -42.64 108.02 -134.29
C GLY WB 151 -41.66 108.24 -135.43
N LEU WB 152 -40.41 107.84 -135.20
CA LEU WB 152 -39.37 108.03 -136.20
C LEU WB 152 -38.27 107.00 -135.97
N GLN WB 153 -37.41 106.87 -136.98
CA GLN WB 153 -36.27 105.98 -136.90
C GLN WB 153 -34.95 106.65 -137.20
N LYS WB 154 -34.93 107.73 -137.98
CA LYS WB 154 -33.67 108.38 -138.34
C LYS WB 154 -33.75 109.87 -138.07
N LEU WB 155 -32.95 110.33 -137.12
CA LEU WB 155 -32.81 111.73 -136.77
C LEU WB 155 -31.34 112.12 -136.92
N GLU WB 156 -31.10 113.29 -137.51
CA GLU WB 156 -29.75 113.76 -137.77
C GLU WB 156 -29.71 115.27 -137.57
N ALA WB 157 -29.20 115.70 -136.42
CA ALA WB 157 -28.99 117.11 -136.13
C ALA WB 157 -27.50 117.41 -136.17
N VAL WB 158 -27.14 118.48 -136.86
CA VAL WB 158 -25.72 118.83 -136.98
C VAL WB 158 -25.19 119.36 -135.65
N GLY WB 159 -25.73 120.47 -135.19
CA GLY WB 159 -25.26 121.06 -133.96
C GLY WB 159 -25.43 122.57 -133.99
N ASN WB 160 -24.98 123.19 -132.89
CA ASN WB 160 -25.15 124.61 -132.59
C ASN WB 160 -26.62 125.00 -132.65
N GLY WB 161 -27.46 124.14 -132.09
CA GLY WB 161 -28.90 124.32 -132.15
C GLY WB 161 -29.57 123.62 -131.00
N VAL WB 162 -30.80 124.06 -130.75
CA VAL WB 162 -31.59 123.64 -129.60
C VAL WB 162 -32.92 123.09 -130.10
N THR WB 163 -33.31 121.93 -129.56
CA THR WB 163 -34.56 121.29 -129.96
C THR WB 163 -35.10 120.46 -128.81
N GLN WB 164 -36.35 120.70 -128.45
CA GLN WB 164 -37.10 119.83 -127.57
C GLN WB 164 -38.14 119.08 -128.39
N ILE WB 165 -38.16 117.76 -128.23
CA ILE WB 165 -39.21 116.92 -128.76
C ILE WB 165 -39.91 116.26 -127.58
N ASN WB 166 -41.22 116.35 -127.53
CA ASN WB 166 -42.03 115.86 -126.42
C ASN WB 166 -42.97 114.77 -126.95
N GLY WB 167 -42.64 113.52 -126.63
CA GLY WB 167 -43.48 112.39 -126.97
C GLY WB 167 -42.99 111.66 -128.20
N VAL WB 168 -42.19 110.63 -127.98
CA VAL WB 168 -41.55 109.87 -129.05
C VAL WB 168 -41.80 108.40 -128.81
N SER WB 169 -42.43 107.74 -129.76
CA SER WB 169 -42.70 106.31 -129.69
C SER WB 169 -41.97 105.65 -130.86
N SER WB 170 -40.76 105.17 -130.59
CA SER WB 170 -39.91 104.64 -131.64
C SER WB 170 -39.50 103.21 -131.30
N ARG WB 171 -39.72 102.30 -132.25
CA ARG WB 171 -39.19 100.95 -132.12
C ARG WB 171 -37.67 100.97 -132.18
N ASN WB 172 -37.11 101.82 -133.02
CA ASN WB 172 -35.66 101.94 -133.14
C ASN WB 172 -35.34 103.36 -133.56
N LEU WB 173 -34.11 103.77 -133.27
CA LEU WB 173 -33.66 105.12 -133.60
C LEU WB 173 -32.15 105.12 -133.68
N GLN WB 174 -31.62 106.12 -134.38
CA GLN WB 174 -30.18 106.27 -134.54
C GLN WB 174 -29.88 107.72 -134.86
N ILE WB 175 -28.93 108.30 -134.13
CA ILE WB 175 -28.59 109.71 -134.26
C ILE WB 175 -27.08 109.85 -134.16
N VAL WB 176 -26.48 110.63 -135.06
CA VAL WB 176 -25.07 110.98 -134.96
C VAL WB 176 -24.94 112.50 -135.06
N LEU WB 177 -23.82 113.01 -134.57
CA LEU WB 177 -23.60 114.44 -134.42
C LEU WB 177 -22.31 114.85 -135.11
N LYS WB 178 -22.31 116.07 -135.64
CA LYS WB 178 -21.12 116.66 -136.24
C LYS WB 178 -20.74 117.99 -135.63
N GLY WB 179 -21.70 118.85 -135.34
CA GLY WB 179 -21.41 120.10 -134.68
C GLY WB 179 -21.52 119.97 -133.18
N ASP WB 180 -22.19 120.91 -132.53
CA ASP WB 180 -22.36 120.89 -131.07
C ASP WB 180 -23.84 121.04 -130.75
N PRO WB 181 -24.60 119.95 -130.75
CA PRO WB 181 -26.03 120.04 -130.46
C PRO WB 181 -26.30 120.20 -128.98
N LYS WB 182 -27.40 120.91 -128.67
CA LYS WB 182 -27.88 121.06 -127.30
C LYS WB 182 -29.37 120.77 -127.35
N VAL WB 183 -29.73 119.49 -127.34
CA VAL WB 183 -31.10 119.06 -127.56
C VAL WB 183 -31.54 118.16 -126.41
N LEU WB 184 -32.85 118.02 -126.27
CA LEU WB 184 -33.38 117.13 -125.24
C LEU WB 184 -34.63 116.45 -125.77
N ILE WB 185 -34.73 115.14 -125.54
CA ILE WB 185 -35.81 114.34 -126.10
C ILE WB 185 -36.54 113.62 -124.97
N SER WB 186 -37.87 113.69 -125.01
CA SER WB 186 -38.70 112.94 -124.08
C SER WB 186 -39.55 111.94 -124.85
N GLY WB 187 -39.59 110.71 -124.36
CA GLY WB 187 -40.42 109.69 -124.99
C GLY WB 187 -39.93 108.29 -124.65
N PHE WB 188 -40.18 107.37 -125.57
CA PHE WB 188 -39.83 105.96 -125.41
C PHE WB 188 -38.80 105.59 -126.47
N VAL WB 189 -37.67 105.04 -126.02
CA VAL WB 189 -36.51 104.85 -126.87
C VAL WB 189 -35.98 103.43 -126.68
N ASN WB 190 -35.77 102.73 -127.80
CA ASN WB 190 -34.99 101.50 -127.84
C ASN WB 190 -33.76 101.79 -128.70
N LEU WB 191 -32.74 102.36 -128.07
CA LEU WB 191 -31.56 102.77 -128.79
C LEU WB 191 -30.69 101.57 -129.13
N ARG WB 192 -29.88 101.72 -130.18
CA ARG WB 192 -28.99 100.67 -130.62
C ARG WB 192 -27.52 101.02 -130.40
N GLN WB 193 -27.07 102.15 -130.95
CA GLN WB 193 -25.66 102.52 -130.85
C GLN WB 193 -25.52 104.02 -130.97
N LEU WB 194 -24.67 104.61 -130.12
CA LEU WB 194 -24.53 106.06 -130.08
C LEU WB 194 -23.07 106.44 -130.06
N ASP WB 195 -22.73 107.48 -130.83
CA ASP WB 195 -21.36 107.93 -130.99
C ASP WB 195 -21.29 109.44 -130.83
N MET WB 196 -20.31 109.89 -130.05
CA MET WB 196 -20.11 111.32 -129.77
C MET WB 196 -18.70 111.72 -130.12
N TYR WB 197 -18.58 112.75 -130.97
CA TYR WB 197 -17.29 113.26 -131.41
C TYR WB 197 -17.17 114.77 -131.35
N GLY WB 198 -18.28 115.51 -131.27
CA GLY WB 198 -18.19 116.95 -131.21
C GLY WB 198 -18.24 117.48 -129.80
N LYS WB 199 -19.06 118.50 -129.56
CA LYS WB 199 -19.21 119.11 -128.25
C LYS WB 199 -20.65 118.94 -127.81
N GLY WB 200 -21.16 117.71 -127.90
CA GLY WB 200 -22.59 117.49 -127.85
C GLY WB 200 -23.11 117.25 -126.44
N THR WB 201 -24.30 117.81 -126.18
CA THR WB 201 -25.02 117.53 -124.96
C THR WB 201 -26.33 116.86 -125.32
N LEU WB 202 -26.60 115.70 -124.74
CA LEU WB 202 -27.81 114.96 -125.05
C LEU WB 202 -28.43 114.43 -123.77
N SER WB 203 -29.75 114.60 -123.68
CA SER WB 203 -30.52 114.09 -122.56
C SER WB 203 -31.80 113.45 -123.09
N LEU WB 204 -32.06 112.24 -122.62
CA LEU WB 204 -33.28 111.52 -122.99
C LEU WB 204 -34.06 111.17 -121.73
N TYR WB 205 -35.38 111.13 -121.85
CA TYR WB 205 -36.19 110.93 -120.66
C TYR WB 205 -36.29 109.47 -120.22
N TRP WB 206 -36.85 108.61 -121.07
CA TRP WB 206 -37.07 107.22 -120.71
C TRP WB 206 -36.54 106.33 -121.82
N ILE WB 207 -35.67 105.38 -121.45
CA ILE WB 207 -35.04 104.48 -122.40
C ILE WB 207 -35.29 103.04 -121.95
N LYS WB 208 -35.77 102.21 -122.89
CA LYS WB 208 -36.06 100.80 -122.61
C LYS WB 208 -35.49 99.99 -123.77
N SER WB 209 -34.21 99.66 -123.68
CA SER WB 209 -33.55 98.88 -124.71
C SER WB 209 -32.78 97.75 -124.06
N ASP WB 210 -32.63 96.66 -124.81
CA ASP WB 210 -31.91 95.50 -124.30
C ASP WB 210 -30.41 95.75 -124.32
N THR WB 211 -29.87 96.11 -125.48
CA THR WB 211 -28.44 96.31 -125.65
C THR WB 211 -28.16 97.78 -125.96
N LEU WB 212 -27.21 98.36 -125.24
CA LEU WB 212 -26.81 99.74 -125.47
C LEU WB 212 -25.30 99.81 -125.61
N THR WB 213 -24.84 100.57 -126.60
CA THR WB 213 -23.42 100.70 -126.89
C THR WB 213 -23.13 102.18 -127.14
N ILE WB 214 -22.38 102.80 -126.23
CA ILE WB 214 -22.10 104.23 -126.30
C ILE WB 214 -20.60 104.42 -126.43
N ARG WB 215 -20.17 105.21 -127.41
CA ARG WB 215 -18.77 105.51 -127.64
C ARG WB 215 -18.61 107.03 -127.68
N ALA WB 216 -17.89 107.58 -126.71
CA ALA WB 216 -17.70 109.03 -126.62
C ALA WB 216 -16.21 109.36 -126.66
N LYS WB 217 -15.86 110.35 -127.48
CA LYS WB 217 -14.46 110.63 -127.78
C LYS WB 217 -13.99 111.97 -127.23
N LYS WB 218 -14.64 113.07 -127.60
CA LYS WB 218 -14.06 114.39 -127.40
C LYS WB 218 -14.77 115.21 -126.32
N ALA WB 219 -16.07 115.46 -126.48
CA ALA WB 219 -16.80 116.29 -125.53
C ALA WB 219 -18.26 115.88 -125.58
N ALA WB 220 -18.67 115.09 -124.58
CA ALA WB 220 -20.02 114.55 -124.52
C ALA WB 220 -20.58 114.78 -123.13
N LYS WB 221 -21.82 115.25 -123.07
CA LYS WB 221 -22.52 115.48 -121.81
C LYS WB 221 -23.84 114.73 -121.89
N ILE WB 222 -23.92 113.57 -121.24
CA ILE WB 222 -25.02 112.64 -121.43
C ILE WB 222 -25.85 112.56 -120.16
N GLN WB 223 -27.15 112.76 -120.30
CA GLN WB 223 -28.12 112.53 -119.24
C GLN WB 223 -29.15 111.52 -119.71
N LEU WB 224 -29.26 110.40 -118.99
CA LEU WB 224 -30.12 109.30 -119.37
C LEU WB 224 -30.83 108.77 -118.13
N ALA WB 225 -31.96 108.12 -118.36
CA ALA WB 225 -32.69 107.44 -117.29
C ALA WB 225 -33.58 106.39 -117.90
N GLY WB 226 -33.49 105.16 -117.39
CA GLY WB 226 -34.35 104.11 -117.89
C GLY WB 226 -33.87 102.73 -117.45
N ILE WB 227 -34.28 101.73 -118.22
CA ILE WB 227 -33.99 100.33 -117.93
C ILE WB 227 -33.22 99.75 -119.10
N VAL WB 228 -32.03 99.20 -118.83
CA VAL WB 228 -31.18 98.63 -119.86
C VAL WB 228 -30.78 97.22 -119.42
N ASN WB 229 -30.97 96.24 -120.29
CA ASN WB 229 -30.56 94.88 -119.95
C ASN WB 229 -29.05 94.74 -119.98
N ARG WB 230 -28.40 95.26 -121.02
CA ARG WB 230 -26.95 95.13 -121.17
C ARG WB 230 -26.40 96.46 -121.66
N LEU WB 231 -25.47 97.03 -120.90
CA LEU WB 231 -24.95 98.36 -121.19
C LEU WB 231 -23.45 98.30 -121.36
N ASP WB 232 -22.95 98.96 -122.40
CA ASP WB 232 -21.53 99.11 -122.64
C ASP WB 232 -21.23 100.57 -122.91
N VAL WB 233 -20.28 101.12 -122.17
CA VAL WB 233 -19.90 102.52 -122.28
C VAL WB 233 -18.39 102.61 -122.44
N GLU WB 234 -17.96 103.32 -123.49
CA GLU WB 234 -16.56 103.59 -123.76
C GLU WB 234 -16.35 105.10 -123.77
N LEU WB 235 -15.46 105.59 -122.91
CA LEU WB 235 -15.17 107.01 -122.82
C LEU WB 235 -13.69 107.24 -123.05
N TRP WB 236 -13.37 108.25 -123.88
CA TRP WB 236 -11.98 108.51 -124.23
C TRP WB 236 -11.38 109.69 -123.47
N ASP WB 237 -11.97 110.88 -123.59
CA ASP WB 237 -11.48 112.06 -122.87
C ASP WB 237 -12.57 113.10 -122.82
N PHE WB 238 -12.69 113.76 -121.65
CA PHE WB 238 -13.62 114.87 -121.40
C PHE WB 238 -15.07 114.47 -121.66
N ALA WB 239 -15.41 113.25 -121.27
CA ALA WB 239 -16.75 112.71 -121.48
C ALA WB 239 -17.40 112.52 -120.11
N GLN WB 240 -18.61 113.06 -119.97
CA GLN WB 240 -19.33 113.03 -118.71
C GLN WB 240 -20.67 112.32 -118.92
N PHE WB 241 -20.79 111.14 -118.31
CA PHE WB 241 -22.01 110.36 -118.37
C PHE WB 241 -22.65 110.37 -116.99
N LYS WB 242 -23.82 111.00 -116.89
CA LYS WB 242 -24.56 111.05 -115.63
C LYS WB 242 -25.67 110.01 -115.66
N GLY WB 243 -25.30 108.73 -115.67
CA GLY WB 243 -26.31 107.69 -115.71
C GLY WB 243 -26.93 107.38 -114.37
N LYS WB 244 -27.24 108.40 -113.59
CA LYS WB 244 -28.11 108.24 -112.44
C LYS WB 244 -29.53 107.96 -112.91
N TYR WB 245 -30.28 107.23 -112.09
CA TYR WB 245 -31.62 106.72 -112.39
C TYR WB 245 -31.63 105.86 -113.66
N LEU WB 246 -30.56 105.11 -113.87
CA LEU WB 246 -30.44 104.22 -115.02
C LEU WB 246 -29.99 102.86 -114.52
N ARG WB 247 -30.89 101.91 -114.50
CA ARG WB 247 -30.66 100.62 -113.87
C ARG WB 247 -30.30 99.59 -114.91
N ALA WB 248 -29.18 98.90 -114.68
CA ALA WB 248 -28.63 97.96 -115.66
C ALA WB 248 -28.37 96.61 -115.02
N GLN WB 249 -28.71 95.55 -115.74
CA GLN WB 249 -28.40 94.20 -115.26
C GLN WB 249 -26.92 93.90 -115.43
N ARG WB 250 -26.35 94.27 -116.58
CA ARG WB 250 -24.92 94.14 -116.82
C ARG WB 250 -24.39 95.50 -117.23
N SER WB 251 -23.33 95.94 -116.55
CA SER WB 251 -22.69 97.20 -116.86
C SER WB 251 -21.23 96.93 -117.22
N PHE WB 252 -20.79 97.47 -118.35
CA PHE WB 252 -19.41 97.32 -118.80
C PHE WB 252 -18.85 98.69 -119.13
N VAL WB 253 -17.94 99.16 -118.27
CA VAL WB 253 -17.44 100.53 -118.32
C VAL WB 253 -15.95 100.50 -118.66
N LYS WB 254 -15.55 101.26 -119.68
CA LYS WB 254 -14.15 101.36 -120.05
C LYS WB 254 -13.80 102.83 -120.26
N THR WB 255 -12.98 103.39 -119.36
CA THR WB 255 -12.65 104.80 -119.39
C THR WB 255 -11.15 104.99 -119.59
N HIS WB 256 -10.80 105.86 -120.52
CA HIS WB 256 -9.44 106.34 -120.68
C HIS WB 256 -9.29 107.62 -119.85
N ASP WB 257 -8.22 108.37 -120.11
CA ASP WB 257 -7.86 109.50 -119.27
C ASP WB 257 -8.87 110.64 -119.36
N LYS WB 258 -9.11 111.29 -118.22
CA LYS WB 258 -9.93 112.49 -118.08
C LYS WB 258 -11.37 112.25 -118.55
N SER WB 259 -12.07 111.41 -117.79
CA SER WB 259 -13.47 111.16 -118.07
C SER WB 259 -14.19 110.90 -116.75
N VAL WB 260 -15.48 111.23 -116.73
CA VAL WB 260 -16.32 111.07 -115.55
C VAL WB 260 -17.56 110.29 -115.96
N ALA WB 261 -17.83 109.19 -115.25
CA ALA WB 261 -19.03 108.42 -115.50
C ALA WB 261 -19.61 107.91 -114.19
N GLU WB 262 -20.91 108.06 -114.01
CA GLU WB 262 -21.59 107.54 -112.84
C GLU WB 262 -22.74 106.64 -113.28
N ILE WB 263 -22.80 105.45 -112.67
CA ILE WB 263 -23.72 104.39 -113.08
C ILE WB 263 -24.54 103.96 -111.87
N SER WB 264 -25.52 103.10 -112.13
CA SER WB 264 -26.40 102.55 -111.10
C SER WB 264 -26.60 101.06 -111.33
N ALA WB 265 -25.49 100.32 -111.41
CA ALA WB 265 -25.52 98.89 -111.70
C ALA WB 265 -26.25 98.10 -110.62
N VAL WB 266 -26.97 97.07 -111.04
CA VAL WB 266 -27.90 96.34 -110.19
C VAL WB 266 -27.43 94.92 -109.92
N ASN WB 267 -27.01 94.20 -110.96
CA ASN WB 267 -26.65 92.80 -110.82
C ASN WB 267 -25.17 92.55 -111.07
N HIS WB 268 -24.67 92.93 -112.23
CA HIS WB 268 -23.29 92.68 -112.62
C HIS WB 268 -22.65 94.00 -113.00
N GLN WB 269 -21.58 94.34 -112.29
CA GLN WB 269 -20.88 95.60 -112.49
C GLN WB 269 -19.45 95.31 -112.89
N SER WB 270 -19.01 95.88 -114.00
CA SER WB 270 -17.65 95.67 -114.47
C SER WB 270 -17.09 97.00 -114.95
N SER WB 271 -15.93 97.37 -114.42
CA SER WB 271 -15.41 98.71 -114.61
C SER WB 271 -13.90 98.70 -114.72
N LEU WB 272 -13.37 99.38 -115.74
CA LEU WB 272 -11.93 99.55 -115.92
C LEU WB 272 -11.65 101.01 -116.22
N ALA WB 273 -10.65 101.57 -115.52
CA ALA WB 273 -10.22 102.95 -115.72
C ALA WB 273 -8.71 102.96 -115.91
N THR WB 274 -8.23 103.80 -116.83
CA THR WB 274 -6.78 103.85 -117.07
C THR WB 274 -6.07 104.72 -116.05
N ASP WB 275 -6.36 106.03 -116.07
CA ASP WB 275 -5.68 106.98 -115.19
C ASP WB 275 -6.48 108.28 -115.16
N ALA WB 276 -6.59 108.86 -113.95
CA ALA WB 276 -7.21 110.16 -113.70
C ALA WB 276 -8.65 110.22 -114.21
N SER WB 277 -9.38 109.12 -114.07
CA SER WB 277 -10.73 109.01 -114.56
C SER WB 277 -11.63 108.50 -113.46
N ASP WB 278 -12.82 109.10 -113.35
CA ASP WB 278 -13.72 108.85 -112.23
C ASP WB 278 -14.87 107.96 -112.66
N ILE WB 279 -15.06 106.88 -111.92
CA ILE WB 279 -16.21 106.00 -112.05
C ILE WB 279 -16.91 105.98 -110.72
N TYR WB 280 -18.19 106.31 -110.73
CA TYR WB 280 -18.96 106.47 -109.49
C TYR WB 280 -20.17 105.54 -109.55
N TYR WB 281 -20.19 104.54 -108.67
CA TYR WB 281 -21.30 103.60 -108.62
C TYR WB 281 -22.27 104.06 -107.54
N TYR WB 282 -23.47 104.46 -107.94
CA TYR WB 282 -24.41 105.08 -107.03
C TYR WB 282 -25.38 104.07 -106.45
N ASN WB 283 -25.24 102.80 -106.78
CA ASN WB 283 -26.08 101.76 -106.20
C ASN WB 283 -25.23 100.54 -105.95
N LEU WB 284 -25.61 99.77 -104.94
CA LEU WB 284 -24.90 98.56 -104.57
C LEU WB 284 -25.42 97.42 -105.41
N SER WB 285 -24.57 96.86 -106.25
CA SER WB 285 -24.97 95.76 -107.11
C SER WB 285 -24.75 94.42 -106.41
N LYS WB 286 -25.25 93.36 -107.04
CA LYS WB 286 -25.04 92.03 -106.50
C LYS WB 286 -23.61 91.54 -106.70
N THR WB 287 -22.99 91.91 -107.82
CA THR WB 287 -21.64 91.47 -108.12
C THR WB 287 -20.82 92.64 -108.65
N ARG WB 288 -19.62 92.81 -108.11
CA ARG WB 288 -18.81 93.99 -108.34
C ARG WB 288 -17.50 93.62 -108.99
N ALA WB 289 -17.02 94.50 -109.87
CA ALA WB 289 -15.75 94.28 -110.57
C ALA WB 289 -15.13 95.64 -110.89
N ASP WB 290 -14.01 95.95 -110.23
CA ASP WB 290 -13.38 97.27 -110.35
C ASP WB 290 -11.90 97.11 -110.64
N PHE WB 291 -11.39 97.86 -111.61
CA PHE WB 291 -9.95 97.88 -111.87
C PHE WB 291 -9.50 99.26 -112.33
N MET WB 292 -8.41 99.74 -111.74
CA MET WB 292 -7.75 100.96 -112.16
C MET WB 292 -6.31 100.64 -112.52
N ALA WB 293 -5.82 101.27 -113.59
CA ALA WB 293 -4.53 100.91 -114.15
C ALA WB 293 -3.40 101.75 -113.57
N PHE WB 294 -3.47 103.07 -113.76
CA PHE WB 294 -2.47 103.97 -113.21
C PHE WB 294 -3.03 104.88 -112.13
N ASN WB 295 -3.99 105.72 -112.48
CA ASN WB 295 -4.45 106.72 -111.54
C ASN WB 295 -5.97 106.86 -111.55
N GLY WB 296 -6.69 105.88 -112.07
CA GLY WB 296 -8.13 105.95 -112.08
C GLY WB 296 -8.72 105.75 -110.70
N SER WB 297 -9.99 106.13 -110.56
CA SER WB 297 -10.66 106.10 -109.29
C SER WB 297 -12.06 105.55 -109.47
N VAL WB 298 -12.47 104.66 -108.56
CA VAL WB 298 -13.82 104.11 -108.53
C VAL WB 298 -14.36 104.28 -107.12
N LEU WB 299 -15.48 104.99 -107.00
CA LEU WB 299 -15.98 105.41 -105.70
C LEU WB 299 -17.48 105.21 -105.58
N ASP WB 300 -17.92 105.02 -104.34
CA ASP WB 300 -19.32 104.76 -104.04
C ASP WB 300 -20.12 106.05 -103.97
N MET WB 301 -19.79 106.91 -103.00
CA MET WB 301 -20.41 108.22 -102.78
C MET WB 301 -21.93 108.13 -102.60
N ARG WB 302 -22.38 107.12 -101.85
CA ARG WB 302 -23.78 107.07 -101.47
C ARG WB 302 -24.04 108.03 -100.31
N GLU WB 303 -25.31 108.18 -99.97
CA GLU WB 303 -25.74 109.28 -99.12
C GLU WB 303 -25.41 109.09 -97.65
N TRP WB 304 -25.15 107.86 -97.20
CA TRP WB 304 -24.76 107.51 -95.83
C TRP WB 304 -25.78 107.91 -94.78
N GLY WB 305 -27.05 108.10 -95.15
CA GLY WB 305 -28.03 108.58 -94.21
C GLY WB 305 -29.38 107.95 -94.42
N GLN WB 306 -29.44 106.93 -95.28
CA GLN WB 306 -30.67 106.20 -95.49
C GLN WB 306 -31.04 105.41 -94.25
N SER WB 307 -32.33 105.42 -93.92
CA SER WB 307 -32.81 104.65 -92.77
C SER WB 307 -32.75 103.15 -93.00
N ASP WB 308 -32.62 102.71 -94.25
CA ASP WB 308 -32.67 101.30 -94.62
C ASP WB 308 -31.56 100.98 -95.59
N LEU WB 309 -30.34 101.42 -95.27
CA LEU WB 309 -29.22 101.20 -96.16
C LEU WB 309 -28.73 99.76 -96.05
N LYS WB 310 -28.64 99.09 -97.20
CA LYS WB 310 -28.02 97.77 -97.21
C LYS WB 310 -26.51 97.90 -97.29
N ASP WB 311 -25.83 97.00 -96.60
CA ASP WB 311 -24.38 96.96 -96.51
C ASP WB 311 -23.82 95.97 -97.52
N PHE WB 312 -22.53 95.66 -97.38
CA PHE WB 312 -21.90 94.62 -98.17
C PHE WB 312 -22.39 93.24 -97.72
N ASP WB 313 -22.03 92.23 -98.51
CA ASP WB 313 -22.32 90.85 -98.15
C ASP WB 313 -21.17 89.98 -98.62
N ARG WB 314 -21.42 88.66 -98.68
CA ARG WB 314 -20.36 87.67 -98.87
C ARG WB 314 -19.71 87.77 -100.24
N TYR WB 315 -20.41 88.26 -101.24
CA TYR WB 315 -19.93 88.23 -102.61
C TYR WB 315 -19.67 89.64 -103.14
N ASN WB 316 -19.53 90.62 -102.26
CA ASN WB 316 -19.37 92.00 -102.68
C ASN WB 316 -18.15 92.65 -102.05
N LYS WB 317 -17.36 91.90 -101.27
CA LYS WB 317 -16.21 92.46 -100.57
C LYS WB 317 -15.00 92.53 -101.51
N GLN WB 318 -15.16 93.27 -102.60
CA GLN WB 318 -14.04 93.56 -103.48
C GLN WB 318 -13.40 94.84 -102.99
N PHE WB 319 -12.09 94.81 -102.82
CA PHE WB 319 -11.40 95.90 -102.13
C PHE WB 319 -10.71 96.79 -103.14
N PRO WB 320 -11.16 98.04 -103.32
CA PRO WB 320 -10.53 98.97 -104.25
C PRO WB 320 -9.15 99.42 -103.79
N ASP XB 39 20.67 88.32 -72.28
CA ASP XB 39 19.82 88.04 -71.13
C ASP XB 39 19.27 89.33 -70.56
N GLY XB 40 19.78 90.46 -71.06
CA GLY XB 40 19.36 91.76 -70.59
C GLY XB 40 17.95 92.10 -71.00
N CYS XB 41 17.04 92.10 -70.04
CA CYS XB 41 15.64 92.44 -70.32
C CYS XB 41 15.46 93.92 -70.59
N CYS XB 42 16.41 94.75 -70.18
CA CYS XB 42 16.41 96.14 -70.58
C CYS XB 42 17.70 96.45 -71.34
N SER XB 43 18.05 95.59 -72.30
CA SER XB 43 19.18 95.87 -73.17
C SER XB 43 18.84 97.04 -74.09
N LYS XB 44 19.89 97.74 -74.51
CA LYS XB 44 19.82 98.96 -75.34
C LYS XB 44 18.99 100.05 -74.69
N MET XB 45 19.00 100.08 -73.36
CA MET XB 45 18.58 101.25 -72.60
C MET XB 45 19.41 101.24 -71.32
N GLY XB 46 18.97 102.01 -70.31
CA GLY XB 46 19.78 102.20 -69.12
C GLY XB 46 19.94 100.93 -68.30
N GLY XB 47 18.92 100.10 -68.27
CA GLY XB 47 18.95 98.86 -67.52
C GLY XB 47 17.77 98.75 -66.62
N ILE XB 48 17.84 97.79 -65.70
CA ILE XB 48 16.74 97.53 -64.78
C ILE XB 48 16.63 98.65 -63.77
N ASN XB 49 15.41 99.13 -63.53
CA ASN XB 49 15.17 100.03 -62.41
C ASN XB 49 14.63 99.27 -61.21
N TYR XB 50 13.48 98.64 -61.36
CA TYR XB 50 12.86 97.85 -60.30
C TYR XB 50 11.79 96.98 -60.91
N CYS XB 51 11.41 95.96 -60.16
CA CYS XB 51 10.33 95.05 -60.55
C CYS XB 51 9.05 95.51 -59.86
N ASP XB 52 8.09 96.00 -60.64
CA ASP XB 52 6.77 96.26 -60.11
C ASP XB 52 6.00 94.95 -60.02
N SER XB 53 5.34 94.74 -58.88
CA SER XB 53 4.59 93.53 -58.63
C SER XB 53 3.12 93.65 -59.02
N SER XB 54 2.61 94.87 -59.21
CA SER XB 54 1.21 95.03 -59.58
C SER XB 54 0.95 94.64 -61.02
N ALA XB 55 1.98 94.69 -61.87
CA ALA XB 55 1.89 94.12 -63.21
C ALA XB 55 2.88 92.99 -63.41
N GLY XB 56 3.73 92.72 -62.42
CA GLY XB 56 4.69 91.63 -62.51
C GLY XB 56 5.76 91.84 -63.55
N ARG XB 57 6.22 93.07 -63.72
CA ARG XB 57 7.11 93.40 -64.81
C ARG XB 57 8.26 94.27 -64.32
N LEU XB 58 9.38 94.16 -65.02
CA LEU XB 58 10.49 95.06 -64.77
C LEU XB 58 10.20 96.42 -65.41
N VAL XB 59 10.86 97.45 -64.91
CA VAL XB 59 10.81 98.78 -65.51
C VAL XB 59 12.22 99.15 -65.95
N CYS XB 60 12.36 99.55 -67.21
CA CYS XB 60 13.66 99.97 -67.68
C CYS XB 60 13.98 101.38 -67.18
N ASN XB 61 15.25 101.77 -67.33
CA ASN XB 61 15.68 103.05 -66.79
C ASN XB 61 15.19 104.23 -67.62
N ASN XB 62 14.79 103.99 -68.86
CA ASN XB 62 13.86 104.88 -69.52
C ASN XB 62 12.46 104.34 -69.29
N GLY XB 63 11.48 105.25 -69.19
CA GLY XB 63 10.18 104.90 -68.66
C GLY XB 63 9.31 104.01 -69.52
N PHE XB 64 9.80 102.83 -69.86
CA PHE XB 64 9.06 101.89 -70.68
C PHE XB 64 8.95 100.56 -69.97
N TYR XB 65 7.83 99.89 -70.18
CA TYR XB 65 7.65 98.57 -69.58
C TYR XB 65 8.48 97.53 -70.33
N SER XB 66 9.22 96.74 -69.57
CA SER XB 66 10.12 95.76 -70.15
C SER XB 66 9.35 94.56 -70.70
N THR XB 67 10.03 93.81 -71.55
CA THR XB 67 9.43 92.66 -72.22
C THR XB 67 9.41 91.41 -71.35
N CYS XB 68 10.03 91.43 -70.19
CA CYS XB 68 10.13 90.24 -69.35
C CYS XB 68 9.07 90.28 -68.25
N TYR XB 69 9.18 89.34 -67.32
CA TYR XB 69 8.32 89.27 -66.16
C TYR XB 69 9.16 89.13 -64.91
N CYS XB 70 8.55 89.42 -63.77
CA CYS XB 70 9.25 89.13 -62.52
C CYS XB 70 8.37 88.42 -61.49
N THR XB 71 7.06 88.59 -61.56
CA THR XB 71 6.17 87.84 -60.69
C THR XB 71 5.26 86.94 -61.50
N ARG XB 72 4.82 85.86 -60.87
CA ARG XB 72 3.99 84.90 -61.56
C ARG XB 72 2.56 85.36 -61.76
N HIS XB 73 2.16 86.47 -61.14
CA HIS XB 73 0.82 86.99 -61.35
C HIS XB 73 0.76 87.98 -62.49
N ALA XB 74 1.31 87.60 -63.64
CA ALA XB 74 1.24 88.41 -64.84
C ALA XB 74 0.44 87.68 -65.90
N VAL XB 75 0.04 88.41 -66.93
CA VAL XB 75 -0.83 87.84 -67.97
C VAL XB 75 0.08 87.20 -68.99
N MET XB 76 0.48 85.97 -68.69
CA MET XB 76 1.12 85.15 -69.72
C MET XB 76 0.04 84.60 -70.65
N ASP XB 77 0.42 84.35 -71.89
CA ASP XB 77 -0.44 83.63 -72.83
C ASP XB 77 0.01 82.18 -72.99
N LEU XB 78 -0.04 81.43 -71.89
CA LEU XB 78 0.35 80.03 -71.94
C LEU XB 78 -0.79 79.19 -72.53
N GLN XB 79 -0.48 78.42 -73.57
CA GLN XB 79 -1.49 77.62 -74.25
C GLN XB 79 -1.07 76.16 -74.39
N PHE XB 80 -0.23 75.67 -73.49
CA PHE XB 80 0.21 74.29 -73.53
C PHE XB 80 0.39 73.79 -72.10
N LEU XB 81 0.10 72.49 -71.89
CA LEU XB 81 0.18 71.92 -70.56
C LEU XB 81 0.82 70.55 -70.61
N MET XB 82 0.90 69.93 -69.43
CA MET XB 82 1.43 68.59 -69.23
C MET XB 82 0.37 67.75 -68.49
N GLY XB 83 0.79 66.56 -68.06
CA GLY XB 83 0.02 65.79 -67.10
C GLY XB 83 -1.14 65.04 -67.74
N CYS XB 84 -1.79 64.23 -66.90
CA CYS XB 84 -2.96 63.48 -67.32
C CYS XB 84 -4.05 63.63 -66.25
N CYS XB 85 -5.22 63.07 -66.57
CA CYS XB 85 -6.49 63.30 -65.86
C CYS XB 85 -6.86 64.78 -65.80
N LEU XB 86 -6.43 65.54 -66.78
CA LEU XB 86 -6.80 66.94 -66.88
C LEU XB 86 -8.24 67.06 -67.34
N TRP XB 87 -8.87 68.19 -66.99
CA TRP XB 87 -10.30 68.42 -67.17
C TRP XB 87 -11.13 67.32 -66.52
N HIS XB 88 -10.63 66.83 -65.39
CA HIS XB 88 -11.26 65.71 -64.68
C HIS XB 88 -10.95 65.91 -63.21
N GLY XB 89 -11.11 64.85 -62.43
CA GLY XB 89 -10.85 64.91 -61.01
C GLY XB 89 -9.39 65.05 -60.65
N GLY XB 90 -8.50 64.77 -61.59
CA GLY XB 90 -7.08 64.86 -61.33
C GLY XB 90 -6.47 63.52 -61.00
N VAL XB 91 -5.29 63.58 -60.42
CA VAL XB 91 -4.54 62.36 -60.12
C VAL XB 91 -4.98 61.83 -58.77
N TYR XB 92 -5.37 60.58 -58.75
CA TYR XB 92 -5.65 59.91 -57.48
C TYR XB 92 -4.34 59.51 -56.82
N PRO XB 93 -4.10 59.91 -55.57
CA PRO XB 93 -2.81 59.62 -54.93
C PRO XB 93 -2.64 58.20 -54.44
N GLN XB 94 -3.55 57.28 -54.79
CA GLN XB 94 -3.42 55.91 -54.34
C GLN XB 94 -2.30 55.21 -55.12
N LEU XB 95 -1.74 54.19 -54.47
CA LEU XB 95 -0.68 53.38 -55.08
C LEU XB 95 -1.36 52.27 -55.87
N ASN XB 96 -1.39 52.43 -57.19
CA ASN XB 96 -2.02 51.44 -58.03
C ASN XB 96 -1.11 50.24 -58.21
N SER XB 97 -1.59 49.07 -57.82
CA SER XB 97 -0.86 47.84 -58.12
C SER XB 97 -0.81 47.58 -59.62
N SER XB 98 -1.91 47.87 -60.32
CA SER XB 98 -1.93 47.79 -61.76
C SER XB 98 -1.31 49.04 -62.38
N GLY XB 99 -1.14 49.01 -63.69
CA GLY XB 99 -0.52 50.10 -64.41
C GLY XB 99 -1.45 51.22 -64.81
N LEU XB 100 -2.70 51.19 -64.38
CA LEU XB 100 -3.68 52.20 -64.77
C LEU XB 100 -3.75 53.31 -63.74
N VAL XB 101 -4.39 54.40 -64.13
CA VAL XB 101 -4.50 55.61 -63.32
C VAL XB 101 -5.94 56.07 -63.37
N VAL XB 102 -6.51 56.35 -62.21
CA VAL XB 102 -7.93 56.69 -62.08
C VAL XB 102 -8.06 58.19 -61.81
N CYS XB 103 -8.87 58.86 -62.62
CA CYS XB 103 -9.20 60.25 -62.34
C CYS XB 103 -10.24 60.33 -61.24
N ASN XB 104 -10.13 61.38 -60.43
CA ASN XB 104 -10.87 61.46 -59.17
C ASN XB 104 -12.35 61.74 -59.34
N ASP XB 105 -12.80 62.09 -60.53
CA ASP XB 105 -14.23 62.12 -60.78
C ASP XB 105 -14.78 60.75 -61.14
N GLY XB 106 -13.91 59.74 -61.27
CA GLY XB 106 -14.31 58.40 -61.65
C GLY XB 106 -13.81 57.95 -62.99
N TYR XB 107 -12.98 58.74 -63.66
CA TYR XB 107 -12.52 58.43 -64.99
C TYR XB 107 -11.17 57.72 -64.94
N VAL XB 108 -10.75 57.19 -66.09
CA VAL XB 108 -9.46 56.54 -66.24
C VAL XB 108 -8.80 57.03 -67.52
N SER XB 109 -7.52 57.37 -67.43
CA SER XB 109 -6.75 57.80 -68.60
C SER XB 109 -5.90 56.63 -69.09
N GLU XB 110 -6.38 55.98 -70.14
CA GLU XB 110 -5.62 54.88 -70.74
C GLU XB 110 -4.38 55.38 -71.46
N GLU XB 111 -4.32 56.66 -71.82
CA GLU XB 111 -3.09 57.23 -72.35
C GLU XB 111 -1.99 57.20 -71.31
N CYS XB 112 -2.27 57.73 -70.12
CA CYS XB 112 -1.30 57.72 -69.04
C CYS XB 112 -1.08 56.32 -68.48
N SER XB 113 -2.06 55.43 -68.67
CA SER XB 113 -1.90 54.06 -68.23
C SER XB 113 -0.91 53.32 -69.12
N LEU XB 114 -0.48 52.16 -68.63
CA LEU XB 114 0.52 51.34 -69.32
C LEU XB 114 -0.18 50.23 -70.08
N GLN XB 115 0.21 50.03 -71.34
CA GLN XB 115 -0.37 48.98 -72.16
C GLN XB 115 0.26 47.63 -71.84
N LYS XB 116 -0.13 46.63 -72.61
CA LYS XB 116 0.33 45.27 -72.38
C LYS XB 116 0.76 44.60 -73.69
N UNK YB 1 -9.21 105.57 -78.18
CA UNK YB 1 -8.17 106.59 -78.05
C UNK YB 1 -8.26 107.61 -79.16
N UNK YB 2 -7.55 107.32 -80.26
CA UNK YB 2 -7.52 108.14 -81.48
C UNK YB 2 -7.10 109.58 -81.23
N UNK YB 3 -6.11 109.80 -80.36
CA UNK YB 3 -5.68 111.14 -80.04
C UNK YB 3 -4.25 111.14 -79.51
N UNK YB 4 -3.61 112.29 -79.61
CA UNK YB 4 -2.36 112.54 -78.90
C UNK YB 4 -2.27 113.97 -78.36
N UNK YB 5 -3.40 114.68 -78.29
CA UNK YB 5 -3.35 116.09 -77.94
C UNK YB 5 -4.66 116.50 -77.28
N UNK YB 6 -4.57 116.98 -76.04
CA UNK YB 6 -5.70 117.57 -75.34
C UNK YB 6 -5.74 119.07 -75.65
N UNK YB 7 -6.09 119.36 -76.89
CA UNK YB 7 -6.11 120.74 -77.37
C UNK YB 7 -7.30 121.47 -76.78
N UNK YB 8 -7.04 122.53 -76.03
CA UNK YB 8 -8.08 123.37 -75.44
C UNK YB 8 -8.16 124.66 -76.24
N UNK YB 9 -9.16 124.74 -77.13
CA UNK YB 9 -9.40 125.85 -78.05
C UNK YB 9 -8.18 126.20 -78.91
N UNK ZB 1 -103.93 1.17 -54.23
CA UNK ZB 1 -103.42 1.62 -52.94
C UNK ZB 1 -103.43 3.15 -52.87
N UNK ZB 2 -102.35 3.76 -53.33
CA UNK ZB 2 -102.22 5.21 -53.36
C UNK ZB 2 -102.25 5.68 -54.81
N UNK ZB 3 -103.09 6.67 -55.10
CA UNK ZB 3 -103.22 7.24 -56.43
C UNK ZB 3 -102.87 8.72 -56.41
N UNK ZB 4 -102.49 9.23 -57.60
CA UNK ZB 4 -102.12 10.63 -57.72
C UNK ZB 4 -103.32 11.56 -57.66
N UNK ZB 5 -104.53 11.02 -57.88
CA UNK ZB 5 -105.74 11.84 -57.81
C UNK ZB 5 -106.00 12.36 -56.41
N UNK ZB 6 -105.73 11.53 -55.39
CA UNK ZB 6 -105.89 11.96 -54.01
C UNK ZB 6 -104.91 13.07 -53.65
N UNK ZB 7 -103.66 12.96 -54.11
CA UNK ZB 7 -102.66 13.99 -53.85
C UNK ZB 7 -103.00 15.30 -54.57
N UNK ZB 8 -103.48 15.20 -55.81
CA UNK ZB 8 -103.89 16.39 -56.56
C UNK ZB 8 -105.09 17.07 -55.92
N UNK ZB 9 -106.09 16.29 -55.49
CA UNK ZB 9 -107.27 16.86 -54.85
C UNK ZB 9 -106.93 17.49 -53.50
N UNK ZB 10 -106.04 16.84 -52.74
CA UNK ZB 10 -105.62 17.38 -51.45
C UNK ZB 10 -104.81 18.67 -51.62
N UNK ZB 11 -103.93 18.73 -52.62
CA UNK ZB 11 -103.18 19.96 -52.88
C UNK ZB 11 -104.10 21.09 -53.36
N UNK ZB 12 -105.10 20.75 -54.17
CA UNK ZB 12 -106.07 21.75 -54.62
C UNK ZB 12 -106.89 22.29 -53.45
N UNK ZB 13 -107.33 21.40 -52.55
CA UNK ZB 13 -108.07 21.84 -51.38
C UNK ZB 13 -107.19 22.63 -50.42
N UNK ZB 14 -105.90 22.29 -50.32
CA UNK ZB 14 -104.99 23.07 -49.49
C UNK ZB 14 -104.76 24.46 -50.08
N UNK ZB 15 -104.64 24.55 -51.40
CA UNK ZB 15 -104.52 25.86 -52.04
C UNK ZB 15 -105.80 26.67 -51.94
N UNK ZB 16 -106.95 26.00 -51.94
CA UNK ZB 16 -108.24 26.67 -51.80
C UNK ZB 16 -108.53 26.86 -50.32
N UNK ZB 17 -107.87 27.86 -49.73
CA UNK ZB 17 -108.08 28.22 -48.33
C UNK ZB 17 -108.75 29.57 -48.19
N UNK ZB 18 -108.15 30.62 -48.79
CA UNK ZB 18 -108.71 31.99 -48.87
C UNK ZB 18 -108.99 32.58 -47.48
N UNK ZB 19 -108.12 32.27 -46.53
CA UNK ZB 19 -108.25 32.80 -45.18
C UNK ZB 19 -106.86 33.10 -44.63
N UNK ZB 20 -106.66 34.33 -44.18
CA UNK ZB 20 -105.35 34.75 -43.67
C UNK ZB 20 -105.58 35.66 -42.47
N UNK ZB 21 -105.46 35.10 -41.28
CA UNK ZB 21 -105.58 35.88 -40.04
C UNK ZB 21 -104.23 36.50 -39.73
N UNK ZB 22 -104.12 37.80 -39.95
CA UNK ZB 22 -102.85 38.51 -39.84
C UNK ZB 22 -102.93 39.51 -38.69
N UNK ZB 23 -101.94 39.45 -37.81
CA UNK ZB 23 -101.81 40.41 -36.71
C UNK ZB 23 -100.42 41.02 -36.78
N UNK ZB 24 -100.34 42.34 -36.83
CA UNK ZB 24 -99.07 43.04 -36.88
C UNK ZB 24 -98.76 43.60 -35.49
N UNK ZB 25 -97.55 43.32 -35.01
CA UNK ZB 25 -97.12 43.73 -33.68
C UNK ZB 25 -96.29 45.01 -33.79
N UNK ZB 26 -96.61 45.98 -32.95
CA UNK ZB 26 -95.82 47.21 -32.89
C UNK ZB 26 -94.59 47.00 -32.02
N UNK ZB 27 -93.82 48.06 -31.83
CA UNK ZB 27 -92.63 47.97 -30.98
C UNK ZB 27 -92.97 47.89 -29.51
N UNK ZB 28 -94.18 48.32 -29.13
CA UNK ZB 28 -94.67 48.17 -27.76
C UNK ZB 28 -95.48 46.90 -27.57
N UNK ZB 29 -95.31 45.91 -28.46
CA UNK ZB 29 -95.96 44.60 -28.41
C UNK ZB 29 -97.49 44.71 -28.38
N UNK ZB 30 -98.03 45.66 -29.14
CA UNK ZB 30 -99.47 45.79 -29.31
C UNK ZB 30 -99.84 45.31 -30.70
N UNK ZB 31 -100.86 44.47 -30.80
CA UNK ZB 31 -101.25 43.84 -32.05
C UNK ZB 31 -102.41 44.58 -32.68
N UNK ZB 32 -102.31 44.79 -33.99
CA UNK ZB 32 -103.41 45.32 -34.79
C UNK ZB 32 -103.74 44.31 -35.88
N UNK ZB 33 -105.03 44.07 -36.09
CA UNK ZB 33 -105.48 43.06 -37.03
C UNK ZB 33 -106.61 43.59 -37.88
N UNK ZB 34 -106.80 42.97 -39.04
CA UNK ZB 34 -107.90 43.30 -39.94
C UNK ZB 34 -108.63 42.04 -40.38
N UNK ZB 35 -109.49 42.16 -41.38
CA UNK ZB 35 -110.13 40.98 -41.94
C UNK ZB 35 -109.16 40.21 -42.82
N UNK ZB 36 -109.52 38.96 -43.11
CA UNK ZB 36 -108.68 38.11 -43.93
C UNK ZB 36 -108.72 38.55 -45.38
N UNK ZB 37 -107.56 38.65 -46.01
CA UNK ZB 37 -107.45 38.97 -47.43
C UNK ZB 37 -106.64 37.88 -48.11
N UNK ZB 38 -107.24 37.26 -49.13
CA UNK ZB 38 -106.67 36.15 -49.91
C UNK ZB 38 -106.18 34.98 -49.05
N UNK ZB 39 -89.05 44.51 -35.36
CA UNK ZB 39 -90.24 43.84 -34.86
C UNK ZB 39 -91.49 44.46 -35.45
N UNK ZB 40 -91.38 44.97 -36.69
CA UNK ZB 40 -92.53 45.57 -37.35
C UNK ZB 40 -93.55 44.50 -37.74
N UNK ZB 41 -93.09 43.42 -38.39
CA UNK ZB 41 -94.00 42.36 -38.82
C UNK ZB 41 -93.20 41.07 -38.94
N UNK ZB 42 -93.48 40.11 -38.06
CA UNK ZB 42 -92.89 38.79 -38.20
C UNK ZB 42 -93.58 38.02 -39.31
N UNK ZB 43 -92.80 37.19 -40.01
CA UNK ZB 43 -93.34 36.39 -41.10
C UNK ZB 43 -94.28 35.31 -40.59
N UNK ZB 44 -94.11 34.88 -39.35
CA UNK ZB 44 -95.07 34.01 -38.68
C UNK ZB 44 -96.08 34.77 -37.87
N UNK ZB 45 -96.07 36.11 -37.93
CA UNK ZB 45 -97.06 36.91 -37.21
C UNK ZB 45 -98.46 36.68 -37.77
N UNK ZB 46 -98.58 36.56 -39.08
CA UNK ZB 46 -99.84 36.19 -39.71
C UNK ZB 46 -100.06 34.69 -39.58
N UNK ZB 47 -101.31 34.28 -39.77
CA UNK ZB 47 -101.68 32.87 -39.76
C UNK ZB 47 -102.53 32.57 -40.98
N UNK ZB 48 -102.53 31.30 -41.39
CA UNK ZB 48 -103.36 30.88 -42.51
C UNK ZB 48 -104.82 30.76 -42.09
N MET AC 23 73.60 83.76 82.05
CA MET AC 23 72.43 84.61 82.01
C MET AC 23 71.22 83.83 81.50
N LYS AC 24 71.23 82.52 81.74
CA LYS AC 24 70.18 81.65 81.23
C LYS AC 24 68.90 81.82 82.04
N PHE AC 25 67.79 81.32 81.47
CA PHE AC 25 66.50 81.39 82.10
C PHE AC 25 65.85 80.02 82.12
N LYS AC 26 65.25 79.65 83.24
CA LYS AC 26 64.48 78.43 83.32
C LYS AC 26 63.45 78.56 84.42
N LYS AC 27 62.40 77.82 84.29
CA LYS AC 27 61.38 77.64 85.30
C LYS AC 27 61.85 76.58 86.29
N PRO AC 28 61.34 76.58 87.51
CA PRO AC 28 61.83 75.60 88.52
C PRO AC 28 61.46 74.16 88.22
N PRO AC 29 60.15 73.77 87.96
CA PRO AC 29 59.87 72.33 87.92
C PRO AC 29 60.35 71.69 86.63
N ILE AC 30 61.26 70.74 86.77
CA ILE AC 30 61.77 69.97 85.64
C ILE AC 30 62.16 68.60 86.15
N ASN AC 31 61.64 67.55 85.52
CA ASN AC 31 61.90 66.19 85.97
C ASN AC 31 61.95 65.28 84.74
N ASN AC 32 61.86 63.98 84.98
CA ASN AC 32 61.88 62.98 83.93
C ASN AC 32 60.64 63.12 83.05
N PRO AC 33 60.74 62.75 81.77
CA PRO AC 33 59.59 62.92 80.87
C PRO AC 33 58.43 62.00 81.21
N SER AC 34 57.27 62.38 80.71
CA SER AC 34 55.99 61.79 81.06
C SER AC 34 55.50 60.84 79.97
N ASP AC 35 54.26 60.40 80.11
CA ASP AC 35 53.61 59.56 79.11
C ASP AC 35 52.15 59.97 78.93
N ASP AC 36 51.69 59.93 77.68
CA ASP AC 36 50.39 60.44 77.30
C ASP AC 36 49.25 59.66 77.94
N ALA AC 37 49.42 58.34 78.06
CA ALA AC 37 48.39 57.52 78.70
C ALA AC 37 48.23 57.89 80.16
N THR AC 38 49.35 58.12 80.84
CA THR AC 38 49.32 58.58 82.22
C THR AC 38 48.66 59.95 82.32
N ILE AC 39 48.91 60.80 81.31
CA ILE AC 39 48.32 62.13 81.28
C ILE AC 39 46.79 62.04 81.18
N LYS AC 40 46.31 61.19 80.27
CA LYS AC 40 44.86 61.04 80.10
C LYS AC 40 44.23 60.38 81.33
N LEU AC 41 44.96 59.46 81.95
CA LEU AC 41 44.49 58.83 83.17
C LEU AC 41 44.32 59.85 84.30
N ALA AC 42 45.29 60.74 84.46
CA ALA AC 42 45.19 61.78 85.48
C ALA AC 42 44.07 62.76 85.17
N GLU AC 43 43.89 63.07 83.89
CA GLU AC 43 42.84 63.99 83.47
C GLU AC 43 41.46 63.44 83.80
N ALA AC 44 41.26 62.13 83.60
CA ALA AC 44 40.00 61.52 84.03
C ALA AC 44 39.89 61.48 85.55
N ALA AC 45 40.99 61.16 86.22
CA ALA AC 45 40.96 60.92 87.66
C ALA AC 45 40.66 62.18 88.44
N VAL AC 46 41.06 63.34 87.92
CA VAL AC 46 40.76 64.62 88.57
C VAL AC 46 39.25 64.82 88.63
N SER AC 47 38.57 64.59 87.52
CA SER AC 47 37.12 64.76 87.44
C SER AC 47 36.41 63.78 88.35
N VAL AC 48 36.87 62.52 88.36
CA VAL AC 48 36.29 61.50 89.22
C VAL AC 48 36.44 61.90 90.69
N SER AC 49 37.62 62.41 91.04
CA SER AC 49 37.92 62.77 92.42
C SER AC 49 37.05 63.93 92.89
N ASP AC 50 36.88 64.96 92.07
CA ASP AC 50 36.08 66.09 92.54
C ASP AC 50 34.60 65.73 92.61
N SER AC 51 34.14 64.86 91.70
CA SER AC 51 32.77 64.35 91.79
C SER AC 51 32.55 63.62 93.10
N MET AC 52 33.52 62.76 93.46
CA MET AC 52 33.42 62.01 94.71
C MET AC 52 33.49 62.95 95.93
N LEU AC 53 34.27 64.02 95.83
CA LEU AC 53 34.39 64.97 96.94
C LEU AC 53 33.07 65.67 97.20
N GLU AC 54 32.46 66.23 96.15
CA GLU AC 54 31.22 66.98 96.35
C GLU AC 54 30.08 66.06 96.77
N MET AC 55 30.08 64.82 96.29
CA MET AC 55 28.98 63.96 96.72
C MET AC 55 29.18 63.43 98.13
N ALA AC 56 30.43 63.28 98.58
CA ALA AC 56 30.67 63.01 99.99
C ALA AC 56 30.17 64.16 100.84
N LYS AC 57 30.36 65.40 100.36
CA LYS AC 57 29.87 66.57 101.08
C LYS AC 57 28.35 66.57 101.18
N VAL AC 58 27.65 66.28 100.08
CA VAL AC 58 26.19 66.32 100.15
C VAL AC 58 25.64 65.16 100.98
N GLU AC 59 26.33 64.01 100.97
CA GLU AC 59 25.92 62.90 101.81
C GLU AC 59 26.06 63.23 103.28
N LYS AC 60 27.21 63.81 103.66
CA LYS AC 60 27.45 64.20 105.04
C LYS AC 60 26.48 65.28 105.50
N VAL AC 61 26.09 66.18 104.61
CA VAL AC 61 25.13 67.22 105.00
C VAL AC 61 23.76 66.62 105.23
N ILE AC 62 23.25 65.83 104.27
CA ILE AC 62 21.88 65.36 104.40
C ILE AC 62 21.70 64.24 105.40
N THR AC 63 22.77 63.59 105.84
CA THR AC 63 22.62 62.56 106.85
C THR AC 63 23.53 62.86 108.03
N PRO AC 64 22.99 62.99 109.24
CA PRO AC 64 23.83 63.29 110.39
C PRO AC 64 24.35 62.02 111.04
N PRO AC 65 25.57 62.03 111.54
CA PRO AC 65 26.07 60.87 112.29
C PRO AC 65 25.45 60.81 113.67
N SER AC 66 25.66 59.67 114.33
CA SER AC 66 25.08 59.45 115.65
C SER AC 66 26.11 59.13 116.71
N LYS AC 67 27.15 58.35 116.39
CA LYS AC 67 28.12 57.91 117.40
C LYS AC 67 29.44 57.62 116.70
N ASP AC 68 30.34 56.95 117.42
CA ASP AC 68 31.68 56.67 116.92
C ASP AC 68 32.06 55.23 117.25
N ASN AC 69 32.75 54.58 116.31
CA ASN AC 69 33.18 53.20 116.49
C ASN AC 69 34.35 53.06 117.45
N THR AC 70 35.02 54.17 117.80
CA THR AC 70 36.09 54.11 118.79
C THR AC 70 35.58 53.81 120.18
N LEU AC 71 34.29 54.08 120.43
CA LEU AC 71 33.67 53.61 121.65
C LEU AC 71 33.67 52.08 121.72
N THR AC 72 33.30 51.43 120.63
CA THR AC 72 33.27 49.97 120.62
C THR AC 72 34.65 49.37 120.54
N ILE AC 73 35.59 50.06 119.90
CA ILE AC 73 36.95 49.56 119.80
C ILE AC 73 37.88 50.52 120.55
N PRO AC 74 38.17 50.27 121.81
CA PRO AC 74 39.14 51.12 122.52
C PRO AC 74 40.55 50.57 122.38
N ASN AC 75 41.51 51.48 122.49
CA ASN AC 75 42.90 51.07 122.48
C ASN AC 75 43.30 50.52 123.85
N ALA AC 76 44.45 49.88 123.88
CA ALA AC 76 45.04 49.40 125.12
C ALA AC 76 46.55 49.33 124.93
N TYR AC 77 47.25 49.11 126.03
CA TYR AC 77 48.70 48.97 125.97
C TYR AC 77 49.06 47.69 125.24
N ASN AC 78 50.22 47.71 124.60
CA ASN AC 78 50.82 46.73 123.69
C ASN AC 78 50.09 46.63 122.36
N LEU AC 79 49.00 47.37 122.18
CA LEU AC 79 48.37 47.50 120.88
C LEU AC 79 48.97 48.63 120.07
N GLN AC 80 49.99 49.30 120.57
CA GLN AC 80 50.54 50.48 119.94
C GLN AC 80 51.76 50.16 119.10
N ALA AC 81 51.92 48.90 118.69
CA ALA AC 81 52.97 48.55 117.75
C ALA AC 81 52.68 49.15 116.38
N ARG AC 82 53.72 49.69 115.75
CA ARG AC 82 53.53 50.32 114.45
C ARG AC 82 53.55 49.27 113.35
N ALA AC 83 52.80 49.55 112.28
CA ALA AC 83 52.68 48.61 111.18
C ALA AC 83 52.43 49.37 109.89
N SER AC 84 53.21 49.05 108.86
CA SER AC 84 52.95 49.48 107.50
C SER AC 84 52.61 48.25 106.66
N VAL AC 85 51.48 48.30 105.96
CA VAL AC 85 50.83 47.11 105.44
C VAL AC 85 50.27 47.40 104.05
N ASP AC 86 50.55 46.51 103.10
CA ASP AC 86 49.83 46.45 101.83
C ASP AC 86 49.19 45.08 101.70
N TRP AC 87 47.89 45.05 101.40
CA TRP AC 87 47.15 43.79 101.38
C TRP AC 87 45.92 43.95 100.51
N SER AC 88 45.60 42.92 99.74
CA SER AC 88 44.44 42.95 98.86
C SER AC 88 43.72 41.60 98.81
N GLY AC 89 43.50 40.99 99.97
CA GLY AC 89 42.91 39.66 99.97
C GLY AC 89 41.67 39.52 100.84
N PRO AC 90 41.34 38.28 101.20
CA PRO AC 90 40.29 38.07 102.20
C PRO AC 90 40.77 38.49 103.58
N ILE AC 91 39.81 38.64 104.48
CA ILE AC 91 40.11 39.25 105.77
C ILE AC 91 40.81 38.30 106.73
N GLU AC 92 40.78 37.01 106.45
CA GLU AC 92 40.99 36.00 107.50
C GLU AC 92 42.45 35.95 107.94
N GLU AC 93 43.35 35.59 107.02
CA GLU AC 93 44.75 35.42 107.39
C GLU AC 93 45.40 36.74 107.78
N LEU AC 94 44.92 37.84 107.19
CA LEU AC 94 45.43 39.17 107.54
C LEU AC 94 45.12 39.51 109.00
N THR AC 95 43.85 39.39 109.39
CA THR AC 95 43.50 39.65 110.78
C THR AC 95 44.07 38.61 111.72
N ALA AC 96 44.30 37.39 111.23
CA ALA AC 96 44.90 36.34 112.06
C ALA AC 96 46.34 36.66 112.39
N ARG AC 97 47.11 37.12 111.41
CA ARG AC 97 48.48 37.54 111.68
C ARG AC 97 48.51 38.77 112.57
N ILE AC 98 47.52 39.67 112.41
CA ILE AC 98 47.40 40.82 113.31
C ILE AC 98 47.19 40.37 114.75
N ALA AC 99 46.29 39.40 114.96
CA ALA AC 99 46.01 38.91 116.29
C ALA AC 99 47.20 38.17 116.89
N LYS AC 100 47.91 37.39 116.08
CA LYS AC 100 49.06 36.67 116.60
C LYS AC 100 50.23 37.61 116.86
N ALA AC 101 50.25 38.78 116.22
CA ALA AC 101 51.17 39.82 116.67
C ALA AC 101 50.71 40.43 117.98
N ALA AC 102 49.39 40.56 118.14
CA ALA AC 102 48.82 41.19 119.31
C ALA AC 102 48.79 40.30 120.54
N HIS AC 103 49.12 39.01 120.38
CA HIS AC 103 49.03 37.99 121.44
C HIS AC 103 47.62 37.91 122.00
N PHE AC 104 46.62 37.99 121.13
CA PHE AC 104 45.23 37.96 121.54
C PHE AC 104 44.55 36.70 121.01
N ARG AC 105 43.29 36.53 121.38
CA ARG AC 105 42.53 35.35 121.01
C ARG AC 105 41.64 35.66 119.82
N PHE AC 106 41.89 34.97 118.71
CA PHE AC 106 41.11 35.17 117.50
C PHE AC 106 39.83 34.37 117.60
N ARG AC 107 38.69 35.03 117.39
CA ARG AC 107 37.43 34.32 117.45
C ARG AC 107 36.53 34.77 116.31
N VAL AC 108 35.81 33.81 115.72
CA VAL AC 108 34.95 34.04 114.57
C VAL AC 108 33.52 33.72 114.98
N LEU AC 109 32.60 34.61 114.62
CA LEU AC 109 31.19 34.46 114.98
C LEU AC 109 30.33 34.51 113.73
N GLY AC 110 29.42 33.57 113.62
CA GLY AC 110 28.59 33.43 112.44
C GLY AC 110 29.23 32.56 111.37
N LYS AC 111 28.38 31.97 110.54
CA LYS AC 111 28.88 31.14 109.47
C LYS AC 111 29.49 31.99 108.37
N SER AC 112 30.48 31.42 107.68
CA SER AC 112 31.15 32.16 106.61
C SER AC 112 30.20 32.36 105.44
N PRO AC 113 30.19 33.54 104.83
CA PRO AC 113 29.31 33.79 103.70
C PRO AC 113 29.81 33.05 102.46
N SER AC 114 28.86 32.77 101.57
CA SER AC 114 29.20 32.10 100.33
C SER AC 114 30.00 33.01 99.41
N VAL AC 115 29.56 34.25 99.24
CA VAL AC 115 30.37 35.23 98.53
C VAL AC 115 31.57 35.59 99.41
N PRO AC 116 32.79 35.47 98.90
CA PRO AC 116 33.96 35.83 99.70
C PRO AC 116 34.02 37.32 99.98
N VAL AC 117 34.51 37.66 101.16
CA VAL AC 117 34.61 39.04 101.60
C VAL AC 117 36.02 39.52 101.29
N LEU AC 118 36.13 40.58 100.50
CA LEU AC 118 37.42 41.07 100.07
C LEU AC 118 37.62 42.50 100.55
N ILE AC 119 38.87 42.83 100.82
CA ILE AC 119 39.24 44.16 101.29
C ILE AC 119 40.56 44.56 100.66
N SER AC 120 40.83 45.86 100.66
CA SER AC 120 42.08 46.38 100.14
C SER AC 120 42.58 47.46 101.08
N ILE AC 121 43.87 47.40 101.41
CA ILE AC 121 44.48 48.34 102.34
C ILE AC 121 45.83 48.76 101.79
N SER AC 122 46.05 50.07 101.69
CA SER AC 122 47.36 50.64 101.37
C SER AC 122 47.60 51.81 102.31
N THR AC 123 48.30 51.55 103.42
CA THR AC 123 48.53 52.56 104.44
C THR AC 123 49.99 52.53 104.87
N LYS AC 124 50.35 53.51 105.72
CA LYS AC 124 51.75 53.72 106.11
C LYS AC 124 51.81 54.09 107.59
N ASP AC 125 52.29 53.15 108.42
CA ASP AC 125 52.69 53.38 109.81
C ASP AC 125 51.53 53.90 110.66
N GLU AC 126 50.54 53.05 110.85
CA GLU AC 126 49.35 53.42 111.61
C GLU AC 126 49.24 52.57 112.86
N SER AC 127 48.30 52.94 113.73
CA SER AC 127 48.02 52.15 114.92
C SER AC 127 47.36 50.84 114.52
N LEU AC 128 47.56 49.82 115.37
CA LEU AC 128 46.84 48.57 115.18
C LEU AC 128 45.34 48.77 115.37
N ALA AC 129 44.95 49.54 116.37
CA ALA AC 129 43.53 49.80 116.61
C ALA AC 129 42.91 50.59 115.47
N GLU AC 130 43.64 51.58 114.95
CA GLU AC 130 43.15 52.33 113.81
C GLU AC 130 43.10 51.47 112.56
N ILE AC 131 44.02 50.53 112.42
CA ILE AC 131 43.99 49.57 111.33
C ILE AC 131 42.73 48.71 111.44
N LEU AC 132 42.39 48.29 112.65
CA LEU AC 132 41.17 47.52 112.89
C LEU AC 132 39.93 48.32 112.54
N ARG AC 133 39.91 49.59 112.93
CA ARG AC 133 38.76 50.44 112.63
C ARG AC 133 38.64 50.70 111.14
N ASP AC 134 39.78 50.83 110.45
CA ASP AC 134 39.77 50.97 109.00
C ASP AC 134 39.24 49.71 108.33
N ILE AC 135 39.61 48.55 108.87
CA ILE AC 135 39.13 47.28 108.33
C ILE AC 135 37.62 47.17 108.48
N ASP AC 136 37.10 47.52 109.65
CA ASP AC 136 35.66 47.45 109.85
C ASP AC 136 34.93 48.50 109.04
N TYR AC 137 35.54 49.66 108.84
CA TYR AC 137 34.92 50.70 108.02
C TYR AC 137 34.88 50.29 106.57
N GLN AC 138 35.94 49.65 106.07
CA GLN AC 138 35.90 49.14 104.70
C GLN AC 138 34.95 47.95 104.59
N ALA AC 139 34.75 47.21 105.67
CA ALA AC 139 33.82 46.09 105.64
C ALA AC 139 32.38 46.58 105.55
N GLY AC 140 32.03 47.55 106.37
CA GLY AC 140 30.68 48.10 106.31
C GLY AC 140 29.67 47.17 106.92
N LYS AC 141 28.59 46.92 106.17
CA LYS AC 141 27.46 46.17 106.69
C LYS AC 141 27.67 44.66 106.68
N LYS AC 142 28.74 44.17 106.07
CA LYS AC 142 28.93 42.72 105.98
C LYS AC 142 29.36 42.11 107.30
N ALA AC 143 30.13 42.83 108.10
CA ALA AC 143 30.74 42.23 109.28
C ALA AC 143 30.95 43.29 110.35
N SER AC 144 31.47 42.86 111.50
CA SER AC 144 31.80 43.76 112.59
C SER AC 144 32.93 43.16 113.42
N ILE AC 145 33.65 44.04 114.11
CA ILE AC 145 34.77 43.66 114.97
C ILE AC 145 34.48 44.17 116.37
N HIS AC 146 34.74 43.33 117.37
CA HIS AC 146 34.70 43.75 118.76
C HIS AC 146 35.97 43.29 119.45
N VAL AC 147 36.40 44.09 120.42
CA VAL AC 147 37.62 43.82 121.19
C VAL AC 147 37.25 43.81 122.66
N TYR AC 148 37.61 42.74 123.35
CA TYR AC 148 37.50 42.71 124.80
C TYR AC 148 38.91 42.68 125.36
N PRO AC 149 39.46 43.83 125.76
CA PRO AC 149 40.88 43.90 126.10
C PRO AC 149 41.17 43.31 127.46
N ASN AC 150 40.18 43.37 128.35
CA ASN AC 150 40.26 42.67 129.62
C ASN AC 150 40.32 41.17 129.40
N SER AC 151 39.57 40.66 128.44
CA SER AC 151 39.64 39.25 128.07
C SER AC 151 40.65 38.98 126.97
N GLN AC 152 41.21 40.03 126.37
CA GLN AC 152 42.25 39.95 125.34
C GLN AC 152 41.77 39.17 124.12
N VAL AC 153 40.52 39.40 123.75
CA VAL AC 153 39.86 38.64 122.69
C VAL AC 153 39.51 39.58 121.55
N VAL AC 154 39.99 39.24 120.36
CA VAL AC 154 39.55 39.90 119.13
C VAL AC 154 38.48 39.01 118.50
N GLU AC 155 37.26 39.52 118.43
CA GLU AC 155 36.13 38.78 117.91
C GLU AC 155 35.67 39.46 116.63
N LEU AC 156 35.48 38.67 115.58
CA LEU AC 156 34.81 39.14 114.38
C LEU AC 156 33.46 38.45 114.27
N ARG AC 157 32.56 39.08 113.54
CA ARG AC 157 31.23 38.52 113.41
C ARG AC 157 30.65 38.88 112.04
N TYR AC 158 30.01 37.92 111.41
CA TYR AC 158 29.40 38.16 110.10
C TYR AC 158 28.00 38.74 110.25
N ALA AC 159 27.40 39.09 109.11
CA ALA AC 159 26.09 39.72 109.10
C ALA AC 159 24.96 38.69 109.08
N LYS AC 160 23.88 39.03 109.78
CA LYS AC 160 22.72 38.15 109.91
C LYS AC 160 21.61 38.56 108.96
N ILE AC 161 21.85 38.29 107.67
CA ILE AC 161 20.89 38.59 106.63
C ILE AC 161 20.56 37.27 105.94
N TYR AC 162 19.76 37.35 104.87
CA TYR AC 162 19.53 36.27 103.91
C TYR AC 162 18.73 35.14 104.54
N LYS BC 24 8.09 95.09 -102.21
CA LYS BC 24 8.74 94.09 -103.05
C LYS BC 24 8.08 92.73 -102.93
N PHE BC 25 7.83 92.31 -101.70
CA PHE BC 25 7.26 90.99 -101.43
C PHE BC 25 5.88 91.14 -100.82
N LYS BC 26 4.93 90.37 -101.34
CA LYS BC 26 3.57 90.30 -100.80
C LYS BC 26 3.37 88.90 -100.26
N LYS BC 27 3.01 88.81 -99.05
CA LYS BC 27 2.93 87.50 -98.46
C LYS BC 27 1.47 87.07 -98.29
N PRO BC 28 1.19 85.77 -98.26
CA PRO BC 28 -0.17 85.31 -97.99
C PRO BC 28 -0.56 85.58 -96.56
N PRO BC 29 -1.85 85.50 -96.22
CA PRO BC 29 -2.25 85.53 -94.80
C PRO BC 29 -1.64 84.36 -94.05
N ILE BC 30 -1.27 84.63 -92.79
CA ILE BC 30 -0.42 83.71 -92.06
C ILE BC 30 -1.19 82.47 -91.62
N ASN BC 31 -2.37 82.64 -91.04
CA ASN BC 31 -3.20 81.49 -90.69
C ASN BC 31 -4.19 81.15 -91.80
N ASN BC 32 -3.70 81.06 -93.02
CA ASN BC 32 -4.57 80.80 -94.14
C ASN BC 32 -4.88 79.31 -94.23
N PRO BC 33 -6.03 78.95 -94.77
CA PRO BC 33 -6.28 77.53 -95.00
C PRO BC 33 -5.55 77.03 -96.24
N SER BC 34 -4.27 76.71 -96.06
CA SER BC 34 -3.47 76.20 -97.17
C SER BC 34 -3.65 74.70 -97.37
N ASP BC 35 -4.44 74.04 -96.54
CA ASP BC 35 -4.67 72.61 -96.66
C ASP BC 35 -6.16 72.33 -96.77
N ASP BC 36 -6.47 71.19 -97.39
CA ASP BC 36 -7.83 70.90 -97.83
C ASP BC 36 -8.77 70.65 -96.66
N ALA BC 37 -8.30 69.92 -95.65
CA ALA BC 37 -9.13 69.66 -94.48
C ALA BC 37 -9.40 70.94 -93.72
N THR BC 38 -8.41 71.82 -93.67
CA THR BC 38 -8.58 73.14 -93.07
C THR BC 38 -9.61 73.95 -93.85
N ILE BC 39 -9.56 73.86 -95.18
CA ILE BC 39 -10.51 74.55 -96.05
C ILE BC 39 -11.93 74.07 -95.77
N LYS BC 40 -12.09 72.75 -95.68
CA LYS BC 40 -13.39 72.15 -95.44
C LYS BC 40 -13.94 72.53 -94.07
N LEU BC 41 -13.08 72.53 -93.06
CA LEU BC 41 -13.50 72.91 -91.72
C LEU BC 41 -13.89 74.38 -91.65
N ALA BC 42 -13.15 75.23 -92.37
CA ALA BC 42 -13.46 76.66 -92.37
C ALA BC 42 -14.79 76.95 -93.04
N GLU BC 43 -15.05 76.31 -94.19
CA GLU BC 43 -16.33 76.57 -94.85
C GLU BC 43 -17.49 75.94 -94.09
N ALA BC 44 -17.25 74.82 -93.41
CA ALA BC 44 -18.26 74.25 -92.54
C ALA BC 44 -18.58 75.19 -91.39
N ALA BC 45 -17.55 75.85 -90.85
CA ALA BC 45 -17.77 76.84 -89.81
C ALA BC 45 -18.57 78.03 -90.33
N VAL BC 46 -18.30 78.43 -91.57
CA VAL BC 46 -19.07 79.51 -92.20
C VAL BC 46 -20.54 79.13 -92.30
N SER BC 47 -20.78 77.88 -92.74
CA SER BC 47 -22.14 77.39 -92.92
C SER BC 47 -22.89 77.33 -91.59
N VAL BC 48 -22.24 76.80 -90.56
CA VAL BC 48 -22.92 76.69 -89.27
C VAL BC 48 -23.11 78.06 -88.64
N SER BC 49 -22.23 79.02 -88.96
CA SER BC 49 -22.39 80.37 -88.45
C SER BC 49 -23.62 81.05 -89.03
N ASP BC 50 -23.78 80.98 -90.35
CA ASP BC 50 -24.95 81.61 -90.94
C ASP BC 50 -26.23 80.88 -90.57
N SER BC 51 -26.16 79.56 -90.39
CA SER BC 51 -27.33 78.80 -89.96
C SER BC 51 -27.76 79.21 -88.56
N MET BC 52 -26.79 79.38 -87.66
CA MET BC 52 -27.09 79.86 -86.32
C MET BC 52 -27.66 81.27 -86.35
N LEU BC 53 -27.12 82.11 -87.25
CA LEU BC 53 -27.58 83.48 -87.37
C LEU BC 53 -29.04 83.55 -87.78
N GLU BC 54 -29.42 82.81 -88.81
CA GLU BC 54 -30.82 82.84 -89.24
C GLU BC 54 -31.71 82.09 -88.26
N MET BC 55 -31.17 81.11 -87.53
CA MET BC 55 -31.96 80.43 -86.50
C MET BC 55 -32.36 81.39 -85.39
N ALA BC 56 -31.40 82.17 -84.91
CA ALA BC 56 -31.72 83.18 -83.90
C ALA BC 56 -32.61 84.27 -84.46
N LYS BC 57 -32.41 84.62 -85.74
CA LYS BC 57 -33.21 85.64 -86.39
C LYS BC 57 -34.67 85.24 -86.48
N VAL BC 58 -34.95 83.99 -86.81
CA VAL BC 58 -36.34 83.54 -86.81
C VAL BC 58 -36.81 83.15 -85.43
N GLU BC 59 -35.89 83.02 -84.48
CA GLU BC 59 -36.30 82.60 -83.14
C GLU BC 59 -36.76 83.75 -82.27
N LYS BC 60 -36.04 84.86 -82.28
CA LYS BC 60 -36.25 85.91 -81.28
C LYS BC 60 -37.58 86.63 -81.50
N VAL BC 61 -38.06 87.25 -80.43
CA VAL BC 61 -39.27 88.06 -80.45
C VAL BC 61 -38.85 89.48 -80.11
N ILE BC 62 -39.27 90.43 -80.95
CA ILE BC 62 -38.96 91.83 -80.71
C ILE BC 62 -40.25 92.61 -80.59
N THR BC 63 -40.12 93.91 -80.36
CA THR BC 63 -41.25 94.81 -80.25
C THR BC 63 -41.02 96.01 -81.16
N PRO BC 64 -42.08 96.58 -81.72
CA PRO BC 64 -41.92 97.84 -82.43
C PRO BC 64 -41.56 98.96 -81.48
N PRO BC 65 -40.82 99.97 -81.94
CA PRO BC 65 -40.48 101.11 -81.07
C PRO BC 65 -41.63 102.07 -80.82
N SER BC 66 -42.83 101.78 -81.33
CA SER BC 66 -44.02 102.54 -81.05
C SER BC 66 -44.87 101.95 -79.94
N LYS BC 67 -45.00 100.62 -79.91
CA LYS BC 67 -45.82 99.93 -78.93
C LYS BC 67 -45.04 99.55 -77.67
N ASP BC 68 -43.78 99.98 -77.57
CA ASP BC 68 -42.96 99.67 -76.42
C ASP BC 68 -43.47 100.36 -75.17
N ASN BC 69 -43.54 99.60 -74.08
CA ASN BC 69 -44.07 100.13 -72.82
C ASN BC 69 -42.89 100.60 -71.97
N THR BC 70 -42.59 101.89 -72.07
CA THR BC 70 -41.48 102.47 -71.32
C THR BC 70 -41.90 103.86 -70.85
N LEU BC 71 -40.92 104.59 -70.31
CA LEU BC 71 -41.13 105.94 -69.85
C LEU BC 71 -40.33 106.90 -70.73
N THR BC 72 -41.00 107.90 -71.26
CA THR BC 72 -40.31 108.94 -72.01
C THR BC 72 -39.76 109.99 -71.04
N ILE BC 73 -38.75 110.72 -71.52
CA ILE BC 73 -38.13 111.76 -70.69
C ILE BC 73 -39.04 112.98 -70.66
N PRO BC 74 -39.42 113.46 -69.48
CA PRO BC 74 -40.38 114.58 -69.40
C PRO BC 74 -39.78 115.94 -69.69
N ASN BC 75 -38.45 116.02 -69.85
CA ASN BC 75 -37.67 117.17 -70.33
C ASN BC 75 -37.91 118.47 -69.53
N ALA BC 76 -38.44 118.38 -68.31
CA ALA BC 76 -38.45 119.54 -67.44
C ALA BC 76 -37.04 119.83 -66.95
N TYR BC 77 -36.78 121.11 -66.66
CA TYR BC 77 -35.42 121.55 -66.41
C TYR BC 77 -34.84 120.99 -65.11
N ASN BC 78 -35.69 120.73 -64.12
CA ASN BC 78 -35.22 120.20 -62.85
C ASN BC 78 -35.01 118.70 -62.86
N LEU BC 79 -34.86 118.09 -64.03
CA LEU BC 79 -34.67 116.66 -64.15
C LEU BC 79 -33.34 116.28 -64.77
N GLN BC 80 -32.52 117.26 -65.19
CA GLN BC 80 -31.24 116.98 -65.82
C GLN BC 80 -30.07 117.27 -64.92
N ALA BC 81 -30.29 117.29 -63.61
CA ALA BC 81 -29.16 117.35 -62.69
C ALA BC 81 -28.56 115.96 -62.53
N ARG BC 82 -27.36 115.91 -61.97
CA ARG BC 82 -26.61 114.66 -61.83
C ARG BC 82 -26.40 114.33 -60.37
N ALA BC 83 -26.28 113.03 -60.08
CA ALA BC 83 -26.11 112.56 -58.72
C ALA BC 83 -25.45 111.18 -58.74
N SER BC 84 -25.07 110.72 -57.55
CA SER BC 84 -24.60 109.36 -57.32
C SER BC 84 -25.58 108.67 -56.39
N VAL BC 85 -26.14 107.56 -56.84
CA VAL BC 85 -27.19 106.86 -56.10
C VAL BC 85 -26.72 105.44 -55.80
N ASP BC 86 -26.99 104.97 -54.59
CA ASP BC 86 -26.85 103.56 -54.24
C ASP BC 86 -28.00 103.18 -53.33
N TRP BC 87 -28.80 102.21 -53.77
CA TRP BC 87 -29.98 101.81 -53.02
C TRP BC 87 -30.38 100.42 -53.47
N SER BC 88 -30.86 99.61 -52.53
CA SER BC 88 -31.48 98.34 -52.91
C SER BC 88 -32.56 98.05 -51.88
N GLY BC 89 -33.78 98.45 -52.19
CA GLY BC 89 -34.89 98.25 -51.29
C GLY BC 89 -36.21 98.66 -51.89
N PRO BC 90 -37.16 99.04 -51.04
CA PRO BC 90 -38.49 99.43 -51.51
C PRO BC 90 -38.46 100.72 -52.31
N ILE BC 91 -39.47 100.86 -53.16
CA ILE BC 91 -39.44 101.88 -54.20
C ILE BC 91 -39.95 103.22 -53.69
N GLU BC 92 -40.82 103.20 -52.66
CA GLU BC 92 -41.57 104.38 -52.28
C GLU BC 92 -40.69 105.44 -51.63
N GLU BC 93 -39.81 105.01 -50.73
CA GLU BC 93 -38.89 105.94 -50.08
C GLU BC 93 -37.94 106.57 -51.08
N LEU BC 94 -37.46 105.75 -52.03
CA LEU BC 94 -36.55 106.24 -53.05
C LEU BC 94 -37.20 107.28 -53.94
N THR BC 95 -38.44 107.02 -54.38
CA THR BC 95 -39.06 107.98 -55.29
C THR BC 95 -39.52 109.24 -54.54
N ALA BC 96 -39.87 109.10 -53.25
CA ALA BC 96 -40.19 110.27 -52.45
C ALA BC 96 -38.97 111.15 -52.23
N ARG BC 97 -37.82 110.51 -51.97
CA ARG BC 97 -36.57 111.26 -51.81
C ARG BC 97 -36.15 111.93 -53.10
N ILE BC 98 -36.37 111.26 -54.23
CA ILE BC 98 -36.05 111.82 -55.53
C ILE BC 98 -36.93 113.04 -55.82
N ALA BC 99 -38.22 112.94 -55.53
CA ALA BC 99 -39.12 114.07 -55.74
C ALA BC 99 -38.79 115.22 -54.80
N LYS BC 100 -38.35 114.89 -53.58
CA LYS BC 100 -37.90 115.92 -52.64
C LYS BC 100 -36.66 116.63 -53.16
N ALA BC 101 -35.73 115.90 -53.75
CA ALA BC 101 -34.56 116.53 -54.36
C ALA BC 101 -34.95 117.37 -55.56
N ALA BC 102 -35.93 116.91 -56.34
CA ALA BC 102 -36.34 117.60 -57.54
C ALA BC 102 -37.38 118.68 -57.27
N HIS BC 103 -37.74 118.91 -56.01
CA HIS BC 103 -38.71 119.93 -55.58
C HIS BC 103 -40.07 119.69 -56.22
N PHE BC 104 -40.43 118.42 -56.36
CA PHE BC 104 -41.71 118.02 -56.95
C PHE BC 104 -42.56 117.34 -55.89
N ARG BC 105 -43.86 117.60 -55.95
CA ARG BC 105 -44.77 116.85 -55.09
C ARG BC 105 -44.94 115.45 -55.64
N PHE BC 106 -45.26 114.52 -54.75
CA PHE BC 106 -45.27 113.12 -55.09
C PHE BC 106 -46.46 112.45 -54.43
N ARG BC 107 -47.14 111.58 -55.18
CA ARG BC 107 -48.28 110.87 -54.62
C ARG BC 107 -48.36 109.47 -55.21
N VAL BC 108 -49.15 108.63 -54.56
CA VAL BC 108 -49.33 107.24 -54.95
C VAL BC 108 -50.81 106.98 -55.17
N LEU BC 109 -51.12 106.22 -56.20
CA LEU BC 109 -52.47 105.75 -56.47
C LEU BC 109 -52.48 104.23 -56.45
N GLY BC 110 -53.50 103.67 -55.82
CA GLY BC 110 -53.56 102.26 -55.58
C GLY BC 110 -53.15 101.93 -54.15
N LYS BC 111 -53.08 100.64 -53.88
CA LYS BC 111 -52.71 100.13 -52.58
C LYS BC 111 -51.49 99.23 -52.71
N SER BC 112 -50.58 99.33 -51.74
CA SER BC 112 -49.43 98.44 -51.75
C SER BC 112 -49.86 97.03 -51.35
N PRO BC 113 -49.23 96.01 -51.92
CA PRO BC 113 -49.47 94.64 -51.46
C PRO BC 113 -48.69 94.37 -50.18
N SER BC 114 -48.77 93.13 -49.72
CA SER BC 114 -48.00 92.72 -48.56
C SER BC 114 -46.50 92.73 -48.89
N VAL BC 115 -46.13 92.11 -49.99
CA VAL BC 115 -44.73 92.09 -50.41
C VAL BC 115 -44.41 93.42 -51.10
N PRO BC 116 -43.34 94.10 -50.70
CA PRO BC 116 -43.00 95.37 -51.33
C PRO BC 116 -42.39 95.20 -52.71
N VAL BC 117 -42.10 96.32 -53.38
CA VAL BC 117 -41.48 96.30 -54.69
C VAL BC 117 -40.02 96.67 -54.52
N LEU BC 118 -39.14 95.75 -54.86
CA LEU BC 118 -37.73 95.88 -54.56
C LEU BC 118 -36.93 96.00 -55.85
N ILE BC 119 -36.04 96.99 -55.91
CA ILE BC 119 -35.13 97.19 -57.02
C ILE BC 119 -33.71 97.27 -56.47
N SER BC 120 -32.76 97.44 -57.37
CA SER BC 120 -31.35 97.59 -57.00
C SER BC 120 -30.71 98.54 -57.98
N ILE BC 121 -30.46 99.78 -57.55
CA ILE BC 121 -29.91 100.81 -58.39
C ILE BC 121 -28.64 101.33 -57.74
N SER BC 122 -27.52 101.23 -58.45
CA SER BC 122 -26.23 101.68 -57.91
C SER BC 122 -25.42 102.27 -59.06
N THR BC 123 -25.53 103.59 -59.22
CA THR BC 123 -24.79 104.31 -60.26
C THR BC 123 -23.99 105.43 -59.63
N LYS BC 124 -22.83 105.70 -60.22
CA LYS BC 124 -21.99 106.80 -59.79
C LYS BC 124 -22.40 108.12 -60.43
N ASP BC 125 -22.92 108.09 -61.65
CA ASP BC 125 -23.43 109.29 -62.29
C ASP BC 125 -24.70 108.95 -63.04
N GLU BC 126 -25.74 109.76 -62.82
CA GLU BC 126 -27.03 109.53 -63.43
C GLU BC 126 -27.85 110.80 -63.39
N SER BC 127 -28.72 110.97 -64.39
CA SER BC 127 -29.70 112.03 -64.35
C SER BC 127 -31.04 111.47 -63.90
N LEU BC 128 -31.85 112.35 -63.33
CA LEU BC 128 -33.04 111.95 -62.59
C LEU BC 128 -34.10 111.35 -63.50
N ALA BC 129 -34.22 111.86 -64.73
CA ALA BC 129 -35.20 111.32 -65.66
C ALA BC 129 -34.87 109.89 -66.06
N GLU BC 130 -33.59 109.62 -66.36
CA GLU BC 130 -33.20 108.26 -66.69
C GLU BC 130 -33.25 107.35 -65.46
N ILE BC 131 -33.05 107.93 -64.27
CA ILE BC 131 -33.24 107.19 -63.03
C ILE BC 131 -34.69 106.71 -62.91
N LEU BC 132 -35.64 107.61 -63.18
CA LEU BC 132 -37.05 107.23 -63.17
C LEU BC 132 -37.37 106.22 -64.25
N ARG BC 133 -36.71 106.34 -65.40
CA ARG BC 133 -36.95 105.42 -66.50
C ARG BC 133 -36.52 104.00 -66.15
N ASP BC 134 -35.32 103.86 -65.55
CA ASP BC 134 -34.90 102.52 -65.15
C ASP BC 134 -35.69 102.04 -63.95
N ILE BC 135 -36.20 102.95 -63.13
CA ILE BC 135 -37.07 102.56 -62.02
C ILE BC 135 -38.34 101.93 -62.56
N ASP BC 136 -38.96 102.55 -63.56
CA ASP BC 136 -40.17 101.97 -64.12
C ASP BC 136 -39.88 100.72 -64.92
N TYR BC 137 -38.70 100.63 -65.52
CA TYR BC 137 -38.31 99.41 -66.22
C TYR BC 137 -38.12 98.25 -65.26
N GLN BC 138 -37.52 98.51 -64.10
CA GLN BC 138 -37.37 97.45 -63.10
C GLN BC 138 -38.69 97.12 -62.44
N ALA BC 139 -39.58 98.11 -62.31
CA ALA BC 139 -40.89 97.85 -61.74
C ALA BC 139 -41.72 96.99 -62.66
N GLY BC 140 -41.61 97.22 -63.97
CA GLY BC 140 -42.31 96.36 -64.92
C GLY BC 140 -43.80 96.64 -64.91
N LYS BC 141 -44.57 95.57 -64.86
CA LYS BC 141 -46.03 95.68 -64.91
C LYS BC 141 -46.67 95.77 -63.53
N LYS BC 142 -45.91 95.60 -62.46
CA LYS BC 142 -46.50 95.69 -61.13
C LYS BC 142 -46.84 97.12 -60.77
N ALA BC 143 -46.11 98.08 -61.32
CA ALA BC 143 -46.36 99.48 -61.04
C ALA BC 143 -45.94 100.31 -62.23
N SER BC 144 -46.38 101.55 -62.24
CA SER BC 144 -46.03 102.48 -63.30
C SER BC 144 -45.71 103.85 -62.70
N ILE BC 145 -44.91 104.61 -63.42
CA ILE BC 145 -44.46 105.92 -63.00
C ILE BC 145 -44.97 106.93 -64.02
N HIS BC 146 -45.65 107.97 -63.54
CA HIS BC 146 -46.08 109.02 -64.44
C HIS BC 146 -45.66 110.37 -63.90
N VAL BC 147 -45.19 111.22 -64.81
CA VAL BC 147 -44.64 112.52 -64.48
C VAL BC 147 -45.56 113.58 -65.05
N TYR BC 148 -45.78 114.66 -64.29
CA TYR BC 148 -46.54 115.80 -64.80
C TYR BC 148 -45.73 117.06 -64.53
N PRO BC 149 -45.36 117.81 -65.57
CA PRO BC 149 -44.52 119.01 -65.40
C PRO BC 149 -45.28 120.32 -65.31
N ASN BC 150 -46.58 120.33 -65.57
CA ASN BC 150 -47.37 121.55 -65.42
C ASN BC 150 -47.72 121.75 -63.95
N SER BC 151 -48.41 120.77 -63.36
CA SER BC 151 -48.49 120.64 -61.91
C SER BC 151 -47.36 119.72 -61.50
N GLN BC 152 -46.36 120.28 -60.79
CA GLN BC 152 -45.04 119.67 -60.66
C GLN BC 152 -45.12 118.44 -59.78
N VAL BC 153 -45.60 117.33 -60.37
CA VAL BC 153 -45.97 116.17 -59.57
C VAL BC 153 -45.46 114.89 -60.23
N VAL BC 154 -45.26 113.87 -59.39
CA VAL BC 154 -44.94 112.52 -59.84
C VAL BC 154 -45.87 111.56 -59.12
N GLU BC 155 -46.45 110.64 -59.88
CA GLU BC 155 -47.38 109.67 -59.32
C GLU BC 155 -46.87 108.26 -59.56
N LEU BC 156 -46.99 107.44 -58.52
CA LEU BC 156 -46.68 106.02 -58.58
C LEU BC 156 -47.98 105.26 -58.55
N ARG BC 157 -48.23 104.47 -59.60
CA ARG BC 157 -49.50 103.76 -59.76
C ARG BC 157 -49.26 102.28 -59.53
N TYR BC 158 -50.00 101.70 -58.60
CA TYR BC 158 -49.85 100.27 -58.34
C TYR BC 158 -50.63 99.46 -59.37
N ALA BC 159 -50.47 98.14 -59.27
CA ALA BC 159 -51.28 97.21 -60.04
C ALA BC 159 -52.21 96.44 -59.12
N LYS BC 160 -53.25 95.86 -59.72
CA LYS BC 160 -54.26 95.11 -58.96
C LYS BC 160 -53.71 93.80 -58.42
N ILE CC 208 -53.57 96.05 -105.12
CA ILE CC 208 -52.49 96.01 -106.10
C ILE CC 208 -51.31 96.82 -105.60
N ILE CC 209 -50.13 96.22 -105.62
CA ILE CC 209 -48.91 96.83 -105.11
C ILE CC 209 -48.08 97.32 -106.28
N TYR CC 210 -47.60 98.56 -106.19
CA TYR CC 210 -46.85 99.19 -107.25
C TYR CC 210 -45.39 99.33 -106.85
N TYR CC 211 -44.55 99.61 -107.85
CA TYR CC 211 -43.13 99.80 -107.63
C TYR CC 211 -42.62 100.90 -108.53
N ILE CC 212 -41.67 101.67 -107.99
CA ILE CC 212 -41.00 102.69 -108.79
C ILE CC 212 -40.10 102.01 -109.81
N GLN CC 213 -39.92 102.66 -110.94
CA GLN CC 213 -39.14 102.10 -112.03
C GLN CC 213 -38.00 103.00 -112.47
N ALA CC 214 -38.25 104.31 -112.58
CA ALA CC 214 -37.24 105.24 -113.02
C ALA CC 214 -37.61 106.63 -112.51
N VAL CC 215 -36.61 107.34 -111.98
CA VAL CC 215 -36.86 108.57 -111.22
C VAL CC 215 -36.29 109.76 -111.97
N ILE CC 216 -36.87 110.92 -111.70
CA ILE CC 216 -36.34 112.21 -112.13
C ILE CC 216 -36.87 113.21 -111.11
N PRO CC 217 -36.23 114.36 -110.91
CA PRO CC 217 -36.88 115.40 -110.11
C PRO CC 217 -38.07 115.99 -110.85
N GLY CC 218 -39.28 115.63 -110.43
CA GLY CC 218 -40.47 116.17 -111.06
C GLY CC 218 -41.51 115.12 -111.43
N ARG CC 219 -41.06 113.95 -111.86
CA ARG CC 219 -41.97 112.87 -112.21
C ARG CC 219 -41.21 111.55 -112.10
N ALA CC 220 -41.93 110.46 -112.25
CA ALA CC 220 -41.33 109.13 -112.12
C ALA CC 220 -42.15 108.13 -112.90
N TRP CC 221 -41.55 106.96 -113.11
CA TRP CC 221 -42.19 105.86 -113.81
C TRP CC 221 -42.63 104.80 -112.81
N LEU CC 222 -43.78 104.22 -113.05
CA LEU CC 222 -44.43 103.32 -112.10
C LEU CC 222 -44.87 102.05 -112.80
N ILE CC 223 -44.61 100.91 -112.17
CA ILE CC 223 -45.00 99.61 -112.71
C ILE CC 223 -45.81 98.87 -111.66
N GLY CC 224 -46.96 98.35 -112.06
CA GLY CC 224 -47.79 97.54 -111.19
C GLY CC 224 -47.54 96.05 -111.36
N SER CC 225 -48.06 95.28 -110.41
CA SER CC 225 -47.93 93.83 -110.49
C SER CC 225 -48.84 93.22 -111.54
N ASN CC 226 -49.89 93.93 -111.95
CA ASN CC 226 -50.76 93.49 -113.04
C ASN CC 226 -50.30 93.99 -114.40
N GLY CC 227 -49.14 94.65 -114.45
CA GLY CC 227 -48.62 95.17 -115.68
C GLY CC 227 -49.02 96.58 -116.02
N SER CC 228 -49.63 97.30 -115.09
CA SER CC 228 -50.09 98.67 -115.34
C SER CC 228 -48.90 99.62 -115.34
N THR CC 229 -48.78 100.42 -116.40
CA THR CC 229 -47.70 101.38 -116.53
C THR CC 229 -48.24 102.78 -116.24
N LEU CC 230 -47.56 103.50 -115.35
CA LEU CC 230 -48.06 104.80 -114.93
C LEU CC 230 -46.93 105.81 -114.91
N THR CC 231 -47.30 107.06 -115.15
CA THR CC 231 -46.39 108.19 -115.01
C THR CC 231 -46.89 109.06 -113.86
N VAL CC 232 -46.03 109.26 -112.87
CA VAL CC 232 -46.43 109.90 -111.63
C VAL CC 232 -45.83 111.29 -111.57
N ARG CC 233 -46.69 112.29 -111.41
CA ARG CC 233 -46.26 113.68 -111.29
C ARG CC 233 -46.07 114.01 -109.82
N GLU CC 234 -45.90 115.29 -109.51
CA GLU CC 234 -45.83 115.70 -108.11
C GLU CC 234 -47.20 115.58 -107.45
N GLY CC 235 -48.24 116.06 -108.10
CA GLY CC 235 -49.58 115.88 -107.59
C GLY CC 235 -50.42 115.04 -108.54
N SER CC 236 -50.73 113.81 -108.13
CA SER CC 236 -51.51 112.91 -108.96
C SER CC 236 -52.18 111.86 -108.07
N LYS CC 237 -53.18 111.20 -108.64
CA LYS CC 237 -53.98 110.22 -107.93
C LYS CC 237 -53.59 108.81 -108.37
N ILE CC 238 -53.26 107.97 -107.40
CA ILE CC 238 -52.96 106.57 -107.64
C ILE CC 238 -53.90 105.74 -106.78
N PRO CC 239 -54.63 104.78 -107.34
CA PRO CC 239 -55.53 103.95 -106.53
C PRO CC 239 -54.76 103.07 -105.56
N GLY CC 240 -55.38 102.84 -104.41
CA GLY CC 240 -54.77 102.09 -103.33
C GLY CC 240 -53.95 102.92 -102.38
N TYR CC 241 -53.46 104.07 -102.81
CA TYR CC 241 -52.69 104.95 -101.94
C TYR CC 241 -53.22 106.38 -101.94
N GLY CC 242 -53.70 106.87 -103.07
CA GLY CC 242 -54.31 108.18 -103.09
C GLY CC 242 -53.50 109.27 -103.76
N MET CC 243 -53.22 110.34 -103.03
CA MET CC 243 -52.58 111.52 -103.58
C MET CC 243 -51.13 111.57 -103.12
N VAL CC 244 -50.22 111.79 -104.07
CA VAL CC 244 -48.80 111.88 -103.74
C VAL CC 244 -48.49 113.28 -103.26
N LYS CC 245 -47.89 113.37 -102.08
CA LYS CC 245 -47.57 114.66 -101.47
C LYS CC 245 -46.15 115.12 -101.76
N LEU CC 246 -45.20 114.19 -101.90
CA LEU CC 246 -43.83 114.55 -102.22
C LEU CC 246 -43.14 113.36 -102.86
N ILE CC 247 -42.44 113.59 -103.96
CA ILE CC 247 -41.57 112.59 -104.52
C ILE CC 247 -40.14 112.92 -104.13
N ASP CC 248 -39.31 111.89 -104.06
CA ASP CC 248 -37.87 112.04 -103.87
C ASP CC 248 -37.18 111.51 -105.10
N SER CC 249 -36.14 112.24 -105.54
CA SER CC 249 -35.33 111.80 -106.66
C SER CC 249 -34.06 111.11 -106.23
N LEU CC 250 -33.40 111.63 -105.19
CA LEU CC 250 -32.18 111.00 -104.69
C LEU CC 250 -32.50 109.70 -103.97
N GLN CC 251 -33.53 109.71 -103.13
CA GLN CC 251 -34.05 108.49 -102.53
C GLN CC 251 -35.26 108.02 -103.32
N GLY CC 252 -35.60 106.75 -103.15
CA GLY CC 252 -36.76 106.20 -103.80
C GLY CC 252 -38.04 106.34 -103.02
N ARG CC 253 -38.02 107.03 -101.88
CA ARG CC 253 -39.18 107.14 -101.03
C ARG CC 253 -40.19 108.11 -101.63
N ILE CC 254 -41.45 107.70 -101.67
CA ILE CC 254 -42.53 108.52 -102.22
C ILE CC 254 -43.56 108.75 -101.13
N LEU CC 255 -43.90 110.01 -100.88
CA LEU CC 255 -44.91 110.38 -99.90
C LEU CC 255 -46.29 110.28 -100.54
N THR CC 256 -47.24 109.68 -99.82
CA THR CC 256 -48.59 109.50 -100.32
C THR CC 256 -49.60 109.90 -99.26
N SER CC 257 -50.85 110.05 -99.70
CA SER CC 257 -51.96 110.32 -98.78
C SER CC 257 -52.45 109.08 -98.06
N SER CC 258 -51.97 107.89 -98.44
CA SER CC 258 -52.14 106.73 -97.58
C SER CC 258 -51.23 106.78 -96.37
N GLY CC 259 -50.19 107.62 -96.41
CA GLY CC 259 -49.21 107.68 -95.35
C GLY CC 259 -48.12 106.65 -95.44
N GLN CC 260 -48.16 105.77 -96.43
CA GLN CC 260 -47.18 104.72 -96.58
C GLN CC 260 -46.07 105.17 -97.51
N VAL CC 261 -45.21 104.24 -97.90
CA VAL CC 261 -44.11 104.53 -98.81
C VAL CC 261 -44.03 103.41 -99.84
N ILE CC 262 -43.38 103.70 -100.97
CA ILE CC 262 -43.19 102.73 -102.04
C ILE CC 262 -41.76 102.86 -102.55
N LYS CC 263 -41.06 101.73 -102.60
CA LYS CC 263 -39.67 101.67 -103.04
C LYS CC 263 -39.54 100.71 -104.22
N PHE CC 264 -38.30 100.41 -104.59
CA PHE CC 264 -38.05 99.38 -105.60
C PHE CC 264 -38.35 98.00 -105.03
N SER CC 265 -38.79 97.11 -105.91
CA SER CC 265 -39.04 95.73 -105.50
C SER CC 265 -37.73 94.98 -105.30
N GLN CC 266 -37.78 93.98 -104.43
CA GLN CC 266 -36.58 93.19 -104.15
C GLN CC 266 -36.78 91.71 -104.50
N ILE DC 862 19.08 -65.79 -5.66
CA ILE DC 862 19.80 -65.17 -4.56
C ILE DC 862 21.29 -65.55 -4.60
N ILE DC 863 22.14 -64.54 -4.80
CA ILE DC 863 23.57 -64.73 -4.92
C ILE DC 863 24.24 -64.04 -3.73
N LYS DC 864 25.12 -64.78 -3.05
CA LYS DC 864 25.86 -64.24 -1.92
C LYS DC 864 26.78 -63.11 -2.37
N THR DC 865 26.93 -62.10 -1.52
CA THR DC 865 27.58 -60.86 -1.91
C THR DC 865 29.08 -61.05 -2.03
N GLY DC 866 29.57 -61.18 -3.26
CA GLY DC 866 31.00 -61.31 -3.53
C GLY DC 866 31.56 -62.71 -3.70
N ASP DC 867 31.03 -63.47 -4.65
CA ASP DC 867 31.51 -64.82 -4.94
C ASP DC 867 32.36 -64.81 -6.22
N ILE DC 868 32.79 -66.00 -6.63
CA ILE DC 868 33.76 -66.19 -7.71
C ILE DC 868 33.09 -66.96 -8.84
N MET DC 869 33.25 -66.48 -10.07
CA MET DC 869 32.72 -67.17 -11.24
C MET DC 869 33.76 -67.12 -12.38
N PHE DC 870 33.69 -68.12 -13.26
CA PHE DC 870 34.49 -68.16 -14.47
C PHE DC 870 33.62 -67.76 -15.65
N ALA DC 871 34.26 -67.23 -16.71
CA ALA DC 871 33.55 -66.95 -17.95
C ALA DC 871 34.55 -67.03 -19.10
N VAL DC 872 34.06 -67.46 -20.26
CA VAL DC 872 34.86 -67.55 -21.47
C VAL DC 872 34.34 -66.51 -22.45
N LEU DC 873 35.20 -65.59 -22.87
CA LEU DC 873 34.83 -64.55 -23.80
C LEU DC 873 35.41 -64.86 -25.17
N ASP DC 874 34.71 -64.40 -26.20
CA ASP DC 874 34.98 -64.88 -27.55
C ASP DC 874 35.35 -63.77 -28.52
N THR DC 875 35.07 -62.51 -28.18
CA THR DC 875 35.29 -61.39 -29.09
C THR DC 875 36.18 -60.33 -28.44
N SER DC 876 36.95 -59.61 -29.27
CA SER DC 876 37.96 -58.67 -28.78
C SER DC 876 37.73 -57.24 -29.29
N VAL DC 877 38.33 -56.28 -28.57
CA VAL DC 877 38.31 -54.87 -28.95
C VAL DC 877 39.64 -54.27 -28.52
N ASN DC 878 40.09 -53.25 -29.24
CA ASN DC 878 41.23 -52.44 -28.84
C ASN DC 878 40.76 -51.35 -27.89
N SER DC 879 41.70 -50.83 -27.10
CA SER DC 879 41.35 -49.79 -26.14
C SER DC 879 41.46 -48.40 -26.76
N ASP DC 880 40.70 -48.17 -27.82
CA ASP DC 880 40.62 -46.90 -28.51
C ASP DC 880 39.19 -46.41 -28.65
N GLU DC 881 38.24 -47.32 -28.85
CA GLU DC 881 36.82 -46.98 -28.94
C GLU DC 881 36.08 -47.77 -27.87
N PRO DC 882 35.55 -47.13 -26.83
CA PRO DC 882 34.72 -47.85 -25.87
C PRO DC 882 33.39 -48.26 -26.48
N GLY DC 883 32.82 -49.33 -25.94
CA GLY DC 883 31.56 -49.83 -26.41
C GLY DC 883 31.13 -51.10 -25.73
N PRO DC 884 30.05 -51.71 -26.22
CA PRO DC 884 29.58 -52.98 -25.65
C PRO DC 884 30.52 -54.13 -25.97
N ILE DC 885 30.94 -54.86 -24.94
CA ILE DC 885 31.69 -56.09 -25.09
C ILE DC 885 31.08 -57.12 -24.17
N LEU DC 886 31.15 -58.40 -24.55
CA LEU DC 886 30.40 -59.45 -23.88
C LEU DC 886 31.32 -60.57 -23.42
N ALA DC 887 30.91 -61.23 -22.34
CA ALA DC 887 31.43 -62.51 -21.90
C ALA DC 887 30.25 -63.48 -21.82
N THR DC 888 30.56 -64.77 -21.85
CA THR DC 888 29.55 -65.81 -21.67
C THR DC 888 29.84 -66.48 -20.35
N ILE DC 889 28.94 -66.30 -19.38
CA ILE DC 889 29.16 -66.87 -18.06
C ILE DC 889 28.97 -68.38 -18.14
N VAL DC 890 30.08 -69.11 -18.23
CA VAL DC 890 30.03 -70.51 -18.56
C VAL DC 890 29.89 -71.41 -17.33
N THR DC 891 29.99 -70.85 -16.13
CA THR DC 891 29.75 -71.65 -14.93
C THR DC 891 28.85 -70.91 -13.96
N GLY DC 892 28.55 -71.53 -12.81
CA GLY DC 892 27.66 -70.93 -11.85
C GLY DC 892 26.22 -71.33 -12.08
N LYS DC 893 25.33 -70.69 -11.32
CA LYS DC 893 23.91 -71.04 -11.36
C LYS DC 893 23.24 -70.57 -12.65
N LEU DC 894 23.65 -69.41 -13.17
CA LEU DC 894 23.03 -68.86 -14.36
C LEU DC 894 23.73 -69.41 -15.60
N LYS DC 895 23.05 -70.30 -16.33
CA LYS DC 895 23.63 -71.02 -17.45
C LYS DC 895 22.95 -70.58 -18.74
N GLY DC 896 23.73 -70.43 -19.80
CA GLY DC 896 23.25 -69.79 -21.00
C GLY DC 896 23.29 -68.28 -20.92
N SER DC 897 23.88 -67.75 -19.85
CA SER DC 897 23.82 -66.32 -19.57
C SER DC 897 25.01 -65.59 -20.16
N LYS DC 898 24.79 -64.36 -20.59
CA LYS DC 898 25.88 -63.56 -21.15
C LYS DC 898 25.79 -62.10 -20.66
N LEU DC 899 26.95 -61.45 -20.60
CA LEU DC 899 27.10 -60.22 -19.84
C LEU DC 899 27.88 -59.21 -20.67
N ILE DC 900 27.28 -58.05 -20.90
CA ILE DC 900 27.91 -56.96 -21.65
C ILE DC 900 28.35 -55.87 -20.69
N GLY DC 901 29.33 -55.10 -21.14
CA GLY DC 901 29.89 -53.99 -20.39
C GLY DC 901 30.89 -53.27 -21.27
N SER DC 902 31.92 -52.69 -20.66
CA SER DC 902 32.92 -51.96 -21.43
C SER DC 902 34.25 -52.05 -20.67
N PHE DC 903 35.35 -51.73 -21.34
CA PHE DC 903 36.68 -51.77 -20.76
C PHE DC 903 36.97 -50.45 -20.04
N ASN DC 904 38.20 -50.29 -19.60
CA ASN DC 904 38.64 -49.05 -18.97
C ASN DC 904 39.91 -48.56 -19.65
N LEU DC 905 40.10 -47.25 -19.60
CA LEU DC 905 41.28 -46.62 -20.20
C LEU DC 905 42.20 -46.06 -19.13
N PRO DC 906 43.32 -46.70 -18.85
CA PRO DC 906 44.32 -46.12 -17.95
C PRO DC 906 45.42 -45.40 -18.71
N SER DC 907 46.08 -44.47 -18.00
CA SER DC 907 47.29 -43.86 -18.53
C SER DC 907 48.46 -44.84 -18.49
N ASN DC 908 48.60 -45.59 -17.39
CA ASN DC 908 49.57 -46.66 -17.28
C ASN DC 908 48.83 -47.98 -17.44
N ALA DC 909 49.21 -48.73 -18.48
CA ALA DC 909 48.48 -49.93 -18.89
C ALA DC 909 49.12 -51.21 -18.37
N ASP DC 910 49.64 -51.20 -17.13
CA ASP DC 910 50.26 -52.38 -16.53
C ASP DC 910 49.24 -53.46 -16.14
N LYS DC 911 47.95 -53.16 -16.21
CA LYS DC 911 46.90 -54.14 -16.10
C LYS DC 911 45.68 -53.60 -16.85
N MET DC 912 44.75 -54.51 -17.15
CA MET DC 912 43.54 -54.13 -17.88
C MET DC 912 42.40 -55.02 -17.42
N VAL DC 913 41.24 -54.40 -17.19
CA VAL DC 913 40.06 -55.06 -16.67
C VAL DC 913 38.86 -54.62 -17.50
N ILE DC 914 37.77 -55.36 -17.38
CA ILE DC 914 36.51 -55.02 -18.04
C ILE DC 914 35.47 -54.74 -16.97
N THR DC 915 34.80 -53.60 -17.08
CA THR DC 915 33.67 -53.27 -16.23
C THR DC 915 32.43 -53.88 -16.87
N PHE DC 916 31.89 -54.92 -16.23
CA PHE DC 916 30.84 -55.75 -16.78
C PHE DC 916 29.57 -55.59 -15.96
N ASN DC 917 28.53 -54.99 -16.56
CA ASN DC 917 27.39 -54.60 -15.73
C ASN DC 917 26.05 -55.16 -16.20
N THR DC 918 25.82 -55.28 -17.50
CA THR DC 918 24.50 -55.63 -18.01
C THR DC 918 24.47 -57.13 -18.24
N MET DC 919 23.88 -57.85 -17.29
CA MET DC 919 23.87 -59.31 -17.27
C MET DC 919 22.51 -59.79 -17.77
N SER DC 920 22.51 -60.68 -18.77
CA SER DC 920 21.28 -61.24 -19.31
C SER DC 920 21.23 -62.74 -19.03
N ILE DC 921 20.16 -63.16 -18.37
CA ILE DC 921 19.87 -64.56 -18.07
C ILE DC 921 18.82 -65.03 -19.07
N PRO DC 922 18.99 -66.19 -19.70
CA PRO DC 922 17.96 -66.68 -20.62
C PRO DC 922 16.72 -67.18 -19.88
N GLY DC 923 15.66 -67.47 -20.63
CA GLY DC 923 14.43 -67.97 -20.05
C GLY DC 923 13.43 -66.89 -19.71
N ALA DC 924 13.73 -66.09 -18.70
CA ALA DC 924 12.82 -65.06 -18.23
C ALA DC 924 13.31 -63.67 -18.64
N GLU DC 925 12.36 -62.75 -18.80
CA GLU DC 925 12.70 -61.35 -19.07
C GLU DC 925 12.76 -60.59 -17.74
N LYS DC 926 13.79 -60.92 -16.96
CA LYS DC 926 14.16 -60.16 -15.77
C LYS DC 926 15.54 -59.58 -16.02
N THR DC 927 15.82 -58.45 -15.39
CA THR DC 927 17.07 -57.75 -15.63
C THR DC 927 17.78 -57.56 -14.29
N ILE DC 928 18.66 -58.50 -13.95
CA ILE DC 928 19.61 -58.27 -12.87
C ILE DC 928 20.73 -57.42 -13.43
N SER DC 929 21.37 -56.64 -12.57
CA SER DC 929 22.39 -55.70 -13.03
C SER DC 929 23.64 -55.80 -12.19
N ILE DC 930 24.17 -57.02 -12.02
CA ILE DC 930 25.42 -57.21 -11.30
C ILE DC 930 26.54 -56.55 -12.10
N SER DC 931 27.14 -55.53 -11.51
CA SER DC 931 28.29 -54.85 -12.08
C SER DC 931 29.52 -55.29 -11.29
N ALA DC 932 30.54 -55.77 -11.98
CA ALA DC 932 31.68 -56.37 -11.32
C ALA DC 932 32.92 -56.21 -12.19
N TYR DC 933 34.04 -56.72 -11.72
CA TYR DC 933 35.33 -56.65 -12.40
C TYR DC 933 35.76 -58.05 -12.81
N ALA DC 934 36.98 -58.15 -13.35
CA ALA DC 934 37.52 -59.37 -13.90
C ALA DC 934 38.88 -59.69 -13.28
N ILE DC 935 39.24 -60.97 -13.28
CA ILE DC 935 40.59 -61.42 -12.93
C ILE DC 935 41.14 -62.19 -14.13
N ASP DC 936 42.46 -62.27 -14.21
CA ASP DC 936 43.07 -63.11 -15.23
C ASP DC 936 42.91 -64.58 -14.84
N PRO DC 937 42.53 -65.45 -15.78
CA PRO DC 937 42.27 -66.85 -15.43
C PRO DC 937 43.54 -67.60 -15.04
N ASN DC 938 43.39 -68.48 -14.05
CA ASN DC 938 44.40 -69.39 -13.49
C ASN DC 938 45.62 -68.67 -12.91
N THR DC 939 45.56 -67.36 -12.70
CA THR DC 939 46.64 -66.60 -12.09
C THR DC 939 46.08 -65.82 -10.91
N ALA DC 940 44.79 -65.51 -11.00
CA ALA DC 940 44.06 -64.63 -10.08
C ALA DC 940 44.77 -63.28 -9.94
N ARG DC 941 45.16 -62.73 -11.09
CA ARG DC 941 45.81 -61.44 -11.16
C ARG DC 941 44.96 -60.52 -12.00
N THR DC 942 45.24 -59.23 -11.90
CA THR DC 942 44.45 -58.22 -12.60
C THR DC 942 45.06 -57.82 -13.94
N ALA DC 943 46.21 -58.38 -14.31
CA ALA DC 943 46.85 -58.02 -15.56
C ALA DC 943 46.16 -58.66 -16.75
N LEU DC 944 46.32 -58.03 -17.92
CA LEU DC 944 45.84 -58.57 -19.19
C LEU DC 944 47.04 -59.01 -20.03
N ALA DC 945 46.92 -60.19 -20.62
CA ALA DC 945 47.94 -60.70 -21.55
C ALA DC 945 47.74 -59.99 -22.89
N SER DC 946 48.49 -58.92 -23.10
CA SER DC 946 48.41 -58.12 -24.32
C SER DC 946 49.78 -57.52 -24.58
N ARG DC 947 49.80 -56.53 -25.47
CA ARG DC 947 51.03 -55.83 -25.84
C ARG DC 947 50.98 -54.38 -25.35
N THR DC 948 52.14 -53.89 -24.88
CA THR DC 948 52.23 -52.56 -24.29
C THR DC 948 53.34 -51.70 -24.85
N ASN DC 949 54.06 -52.15 -25.88
CA ASN DC 949 55.08 -51.33 -26.55
C ASN DC 949 54.74 -51.06 -28.00
N HIS DC 950 53.45 -50.76 -28.27
CA HIS DC 950 52.91 -50.73 -29.64
C HIS DC 950 53.54 -49.65 -30.51
N HIS DC 951 53.79 -48.47 -29.94
CA HIS DC 951 54.26 -47.35 -30.73
C HIS DC 951 55.40 -46.62 -30.03
N TYR DC 952 56.40 -47.36 -29.57
CA TYR DC 952 57.64 -46.78 -29.08
C TYR DC 952 58.64 -46.51 -30.21
N LEU DC 953 58.95 -47.55 -30.99
CA LEU DC 953 60.11 -47.53 -31.87
C LEU DC 953 59.93 -46.60 -33.07
N MET DC 954 58.71 -46.52 -33.62
CA MET DC 954 58.48 -45.69 -34.80
C MET DC 954 58.63 -44.21 -34.49
N ARG DC 955 57.99 -43.75 -33.40
CA ARG DC 955 58.10 -42.35 -33.03
C ARG DC 955 59.51 -42.01 -32.55
N TYR DC 956 60.19 -42.95 -31.87
CA TYR DC 956 61.58 -42.74 -31.48
C TYR DC 956 62.48 -42.56 -32.70
N GLY DC 957 62.31 -43.42 -33.70
CA GLY DC 957 63.14 -43.33 -34.90
C GLY DC 957 62.87 -42.07 -35.69
N SER DC 958 61.60 -41.66 -35.80
CA SER DC 958 61.27 -40.44 -36.53
C SER DC 958 61.86 -39.21 -35.86
N LEU DC 959 61.72 -39.11 -34.52
CA LEU DC 959 62.26 -37.97 -33.78
C LEU DC 959 63.78 -37.90 -33.88
N PHE DC 960 64.44 -39.03 -33.67
CA PHE DC 960 65.90 -39.03 -33.65
C PHE DC 960 66.47 -38.81 -35.04
N ALA DC 961 65.79 -39.27 -36.09
CA ALA DC 961 66.24 -39.00 -37.45
C ALA DC 961 66.10 -37.53 -37.80
N SER DC 962 64.98 -36.90 -37.42
CA SER DC 962 64.80 -35.47 -37.68
C SER DC 962 65.85 -34.64 -36.95
N SER DC 963 66.11 -34.99 -35.68
CA SER DC 963 67.15 -34.31 -34.93
C SER DC 963 68.52 -34.46 -35.59
N PHE DC 964 68.91 -35.70 -35.93
CA PHE DC 964 70.21 -35.96 -36.55
C PHE DC 964 70.38 -35.22 -37.87
N LEU DC 965 69.28 -35.03 -38.61
CA LEU DC 965 69.29 -34.19 -39.80
C LEU DC 965 69.64 -32.75 -39.45
N GLN DC 966 68.95 -32.19 -38.46
CA GLN DC 966 69.21 -30.81 -38.03
C GLN DC 966 70.67 -30.62 -37.62
N GLY DC 967 71.18 -31.57 -36.84
CA GLY DC 967 72.55 -31.52 -36.37
C GLY DC 967 73.56 -31.60 -37.51
N PHE DC 968 73.27 -32.44 -38.51
CA PHE DC 968 74.21 -32.64 -39.62
C PHE DC 968 74.34 -31.37 -40.42
N GLY DC 969 73.21 -30.75 -40.73
CA GLY DC 969 73.26 -29.53 -41.51
C GLY DC 969 73.96 -28.40 -40.79
N ASN DC 970 73.60 -28.17 -39.51
CA ASN DC 970 74.21 -27.03 -38.84
C ASN DC 970 75.68 -27.23 -38.53
N ALA DC 971 76.08 -28.41 -38.02
CA ALA DC 971 77.46 -28.56 -37.60
C ALA DC 971 78.40 -28.77 -38.79
N PHE DC 972 77.96 -29.46 -39.84
CA PHE DC 972 78.84 -29.51 -40.98
C PHE DC 972 78.79 -28.23 -41.81
N GLN DC 973 77.83 -27.33 -41.58
CA GLN DC 973 78.02 -25.97 -42.06
C GLN DC 973 79.05 -25.22 -41.21
N SER DC 974 79.04 -25.46 -39.90
CA SER DC 974 79.95 -24.78 -38.98
C SER DC 974 81.40 -25.13 -39.24
N ALA DC 975 81.66 -26.40 -39.56
CA ALA DC 975 83.03 -26.87 -39.80
C ALA DC 975 83.49 -26.66 -41.23
N ASN DC 976 82.87 -25.73 -41.97
CA ASN DC 976 83.25 -25.48 -43.35
C ASN DC 976 84.60 -24.77 -43.47
N THR DC 977 84.89 -23.85 -42.55
CA THR DC 977 86.09 -23.02 -42.70
C THR DC 977 87.37 -23.80 -42.42
N THR DC 978 87.40 -24.57 -41.34
CA THR DC 978 88.62 -25.27 -40.97
C THR DC 978 88.73 -26.62 -41.67
N SER DC 999 80.88 -29.40 -53.45
CA SER DC 999 79.46 -29.01 -53.41
C SER DC 999 78.63 -30.12 -52.77
N THR DC 1000 79.19 -31.33 -52.71
CA THR DC 1000 78.44 -32.49 -52.23
C THR DC 1000 78.12 -32.41 -50.74
N LEU DC 1001 79.13 -32.13 -49.91
CA LEU DC 1001 78.89 -32.00 -48.48
C LEU DC 1001 78.10 -30.72 -48.19
N GLU DC 1002 78.23 -29.71 -49.05
CA GLU DC 1002 77.39 -28.53 -48.98
C GLU DC 1002 75.92 -28.89 -49.16
N ASN DC 1003 75.61 -29.73 -50.14
CA ASN DC 1003 74.23 -30.11 -50.38
C ASN DC 1003 73.72 -31.05 -49.29
N ALA DC 1004 74.62 -31.83 -48.69
CA ALA DC 1004 74.24 -32.62 -47.52
C ALA DC 1004 73.84 -31.72 -46.35
N VAL DC 1005 74.65 -30.67 -46.10
CA VAL DC 1005 74.32 -29.63 -45.13
C VAL DC 1005 72.96 -29.02 -45.44
N ILE DC 1006 72.74 -28.72 -46.72
CA ILE DC 1006 71.51 -28.10 -47.21
C ILE DC 1006 70.29 -28.96 -46.86
N GLY DC 1007 70.35 -30.25 -47.22
CA GLY DC 1007 69.18 -31.07 -47.12
C GLY DC 1007 68.84 -31.38 -45.69
N LEU DC 1008 69.86 -31.75 -44.91
CA LEU DC 1008 69.59 -32.18 -43.55
C LEU DC 1008 69.30 -30.96 -42.66
N ALA DC 1009 70.00 -29.83 -42.90
CA ALA DC 1009 69.76 -28.56 -42.23
C ALA DC 1009 68.36 -28.05 -42.40
N THR DC 1010 67.74 -28.29 -43.54
CA THR DC 1010 66.42 -27.73 -43.67
C THR DC 1010 65.29 -28.71 -43.44
N VAL DC 1011 65.48 -30.00 -43.71
CA VAL DC 1011 64.40 -30.95 -43.46
C VAL DC 1011 64.39 -31.47 -42.04
N GLY DC 1012 65.44 -31.20 -41.24
CA GLY DC 1012 65.42 -31.65 -39.86
C GLY DC 1012 64.40 -30.92 -39.00
N LYS DC 1013 64.28 -29.60 -39.17
CA LYS DC 1013 63.56 -28.77 -38.20
C LYS DC 1013 62.05 -28.97 -38.26
N ALA DC 1014 61.50 -28.96 -39.47
CA ALA DC 1014 60.06 -29.16 -39.62
C ALA DC 1014 59.65 -30.57 -39.20
N TRP DC 1015 60.47 -31.56 -39.54
CA TRP DC 1015 60.19 -32.91 -39.10
C TRP DC 1015 60.38 -33.06 -37.59
N SER DC 1016 61.26 -32.25 -36.99
CA SER DC 1016 61.43 -32.29 -35.54
C SER DC 1016 60.20 -31.75 -34.82
N GLN DC 1017 59.68 -30.61 -35.28
CA GLN DC 1017 58.50 -30.06 -34.61
C GLN DC 1017 57.25 -30.90 -34.90
N GLN DC 1018 57.15 -31.50 -36.10
CA GLN DC 1018 56.05 -32.42 -36.35
C GLN DC 1018 56.18 -33.70 -35.54
N ALA DC 1019 57.41 -34.15 -35.30
CA ALA DC 1019 57.62 -35.34 -34.49
C ALA DC 1019 57.27 -35.09 -33.03
N GLN DC 1020 57.58 -33.89 -32.53
CA GLN DC 1020 57.12 -33.55 -31.18
C GLN DC 1020 55.62 -33.29 -31.14
N GLN DC 1021 55.03 -32.94 -32.30
CA GLN DC 1021 53.59 -32.84 -32.39
C GLN DC 1021 52.92 -34.21 -32.26
N LEU DC 1022 53.40 -35.21 -33.00
CA LEU DC 1022 52.76 -36.52 -32.99
C LEU DC 1022 53.43 -37.50 -32.03
N PHE DC 1023 54.35 -37.03 -31.20
CA PHE DC 1023 55.16 -37.93 -30.39
C PHE DC 1023 54.42 -38.45 -29.17
N ASN DC 1024 53.25 -37.89 -28.88
CA ASN DC 1024 52.58 -38.04 -27.60
C ASN DC 1024 51.55 -39.17 -27.55
N THR DC 1025 51.41 -39.98 -28.59
CA THR DC 1025 50.42 -41.06 -28.57
C THR DC 1025 50.89 -42.22 -27.71
N PRO DC 1026 50.12 -42.65 -26.72
CA PRO DC 1026 50.53 -43.77 -25.85
C PRO DC 1026 50.33 -45.10 -26.55
N THR DC 1027 50.89 -46.15 -25.95
CA THR DC 1027 50.76 -47.52 -26.45
C THR DC 1027 49.48 -48.11 -25.90
N THR DC 1028 48.64 -48.64 -26.78
CA THR DC 1028 47.35 -49.17 -26.40
C THR DC 1028 47.48 -50.60 -25.89
N VAL DC 1029 46.39 -51.09 -25.29
CA VAL DC 1029 46.23 -52.49 -24.93
C VAL DC 1029 45.01 -53.03 -25.66
N GLU DC 1030 45.03 -54.33 -25.92
CA GLU DC 1030 43.94 -54.97 -26.64
C GLU DC 1030 43.71 -56.35 -26.05
N VAL DC 1031 42.50 -56.58 -25.54
CA VAL DC 1031 42.19 -57.87 -24.93
C VAL DC 1031 42.12 -58.94 -26.01
N TYR DC 1032 42.26 -60.19 -25.58
CA TYR DC 1032 42.30 -61.31 -26.51
C TYR DC 1032 40.93 -61.95 -26.63
N SER DC 1033 40.62 -62.45 -27.82
CA SER DC 1033 39.33 -63.08 -28.09
C SER DC 1033 39.32 -64.56 -27.77
N GLY DC 1034 40.43 -65.10 -27.27
CA GLY DC 1034 40.52 -66.52 -26.97
C GLY DC 1034 41.14 -66.79 -25.61
N THR DC 1035 41.01 -65.83 -24.71
CA THR DC 1035 41.45 -66.00 -23.32
C THR DC 1035 40.24 -65.76 -22.43
N GLY DC 1036 40.08 -66.62 -21.42
CA GLY DC 1036 38.99 -66.49 -20.49
C GLY DC 1036 39.21 -65.36 -19.50
N LEU DC 1037 38.28 -65.27 -18.55
CA LEU DC 1037 38.41 -64.32 -17.45
C LEU DC 1037 37.58 -64.83 -16.28
N GLY DC 1038 37.87 -64.29 -15.09
CA GLY DC 1038 37.15 -64.63 -13.88
C GLY DC 1038 36.58 -63.40 -13.20
N ILE DC 1039 35.31 -63.48 -12.87
CA ILE DC 1039 34.53 -62.35 -12.38
C ILE DC 1039 34.21 -62.56 -10.90
N LEU DC 1040 34.59 -61.60 -10.07
CA LEU DC 1040 34.26 -61.61 -8.65
C LEU DC 1040 33.16 -60.59 -8.37
N PHE DC 1041 32.12 -61.03 -7.68
CA PHE DC 1041 30.86 -60.32 -7.59
C PHE DC 1041 30.94 -59.13 -6.64
N THR DC 1042 29.95 -58.24 -6.75
CA THR DC 1042 29.85 -57.03 -5.92
C THR DC 1042 28.54 -56.95 -5.15
N GLN DC 1043 27.43 -57.36 -5.77
CA GLN DC 1043 26.10 -57.15 -5.21
C GLN DC 1043 25.31 -58.46 -5.28
N ASP DC 1044 24.18 -58.47 -4.58
CA ASP DC 1044 23.29 -59.61 -4.62
C ASP DC 1044 22.30 -59.44 -5.77
N VAL DC 1045 21.74 -60.56 -6.23
CA VAL DC 1045 20.65 -60.57 -7.20
C VAL DC 1045 19.55 -61.47 -6.63
N THR DC 1046 18.48 -61.64 -7.41
CA THR DC 1046 17.34 -62.41 -6.95
C THR DC 1046 16.72 -63.25 -8.07
N VAL EC 38 37.20 91.61 20.02
CA VAL EC 38 38.48 92.27 20.27
C VAL EC 38 39.18 92.83 18.99
N PRO EC 39 39.22 92.09 17.84
CA PRO EC 39 39.64 92.79 16.61
C PRO EC 39 38.57 93.73 16.08
N LYS EC 40 37.33 93.59 16.51
CA LYS EC 40 36.24 94.48 16.15
C LYS EC 40 35.95 95.50 17.25
N LEU EC 41 36.05 95.10 18.50
CA LEU EC 41 35.87 96.04 19.60
C LEU EC 41 37.09 96.96 19.68
N PRO EC 42 36.90 98.27 19.66
CA PRO EC 42 38.06 99.18 19.69
C PRO EC 42 38.74 99.18 21.05
N CYS EC 43 40.06 99.35 21.03
CA CYS EC 43 40.81 99.37 22.29
C CYS EC 43 40.58 100.66 23.05
N ARG EC 44 40.49 101.79 22.34
CA ARG EC 44 40.33 103.08 22.98
C ARG EC 44 39.37 103.92 22.17
N VAL EC 45 39.06 105.11 22.70
CA VAL EC 45 38.25 106.07 21.97
C VAL EC 45 39.03 106.58 20.77
N ASP EC 46 38.40 106.57 19.61
CA ASP EC 46 39.02 107.02 18.37
C ASP EC 46 39.34 108.50 18.42
N GLY EC 47 40.48 108.87 17.83
CA GLY EC 47 40.90 110.25 17.81
C GLY EC 47 41.35 110.79 19.15
N ALA EC 48 41.76 109.92 20.07
CA ALA EC 48 42.16 110.36 21.39
C ALA EC 48 43.45 109.67 21.80
N CYS EC 49 44.34 110.44 22.42
CA CYS EC 49 45.59 109.92 22.98
C CYS EC 49 46.04 110.85 24.09
N ASP EC 50 46.43 110.26 25.22
CA ASP EC 50 46.79 111.06 26.37
C ASP EC 50 48.10 111.80 26.14
N ALA EC 51 49.01 111.23 25.34
CA ALA EC 51 50.24 111.92 24.97
C ALA EC 51 49.92 113.16 24.15
N THR EC 52 48.95 113.04 23.24
CA THR EC 52 48.49 114.18 22.47
C THR EC 52 47.87 115.24 23.37
N ILE EC 53 47.09 114.80 24.36
CA ILE EC 53 46.44 115.74 25.27
C ILE EC 53 47.46 116.50 26.11
N ILE EC 54 48.44 115.78 26.67
CA ILE EC 54 49.41 116.42 27.54
C ILE EC 54 50.37 117.30 26.73
N LYS EC 55 50.68 116.91 25.49
CA LYS EC 55 51.53 117.75 24.66
C LYS EC 55 50.80 119.02 24.23
N MET EC 56 49.51 118.89 23.94
CA MET EC 56 48.69 120.06 23.67
C MET EC 56 48.60 120.98 24.88
N MET EC 57 48.51 120.38 26.07
CA MET EC 57 48.48 121.15 27.31
C MET EC 57 49.77 121.94 27.51
N THR EC 58 50.91 121.29 27.29
CA THR EC 58 52.20 121.95 27.46
C THR EC 58 52.37 123.08 26.44
N ASP EC 59 52.03 122.81 25.18
CA ASP EC 59 52.17 123.81 24.13
C ASP EC 59 51.26 125.00 24.37
N LEU EC 60 50.02 124.75 24.81
CA LEU EC 60 49.09 125.83 25.03
C LEU EC 60 49.48 126.67 26.25
N ASN EC 61 49.92 126.02 27.32
CA ASN EC 61 50.30 126.78 28.50
C ASN EC 61 51.58 127.55 28.27
N LYS EC 62 52.50 127.03 27.46
CA LYS EC 62 53.66 127.84 27.11
C LYS EC 62 53.33 128.92 26.09
N LYS EC 63 52.24 128.75 25.33
CA LYS EC 63 51.75 129.83 24.49
C LYS EC 63 51.21 130.97 25.34
N GLY EC 64 50.53 130.64 26.43
CA GLY EC 64 50.13 131.67 27.37
C GLY EC 64 48.67 131.60 27.74
N ILE EC 65 47.95 130.68 27.14
CA ILE EC 65 46.53 130.51 27.40
C ILE EC 65 46.37 129.69 28.67
N LYS EC 66 45.54 130.18 29.60
CA LYS EC 66 45.46 129.53 30.90
C LYS EC 66 44.66 128.25 30.81
N VAL EC 67 45.22 127.16 31.32
CA VAL EC 67 44.55 125.87 31.40
C VAL EC 67 44.43 125.51 32.88
N ALA EC 68 43.21 125.18 33.30
CA ALA EC 68 42.91 124.90 34.69
C ALA EC 68 42.33 123.49 34.79
N SER EC 69 42.92 122.69 35.67
CA SER EC 69 42.58 121.28 35.77
C SER EC 69 42.45 120.90 37.24
N VAL EC 70 41.28 120.41 37.63
CA VAL EC 70 41.05 119.96 39.00
C VAL EC 70 40.03 118.84 38.98
N GLY EC 71 40.40 117.69 39.53
CA GLY EC 71 39.58 116.50 39.44
C GLY EC 71 39.42 116.07 38.01
N GLN EC 72 38.23 116.29 37.45
CA GLN EC 72 38.00 116.13 36.03
C GLN EC 72 37.50 117.39 35.35
N ASN EC 73 36.91 118.33 36.08
CA ASN EC 73 36.37 119.54 35.47
C ASN EC 73 37.51 120.44 35.00
N TYR EC 74 37.43 120.89 33.75
CA TYR EC 74 38.50 121.64 33.13
C TYR EC 74 38.02 123.00 32.64
N LEU EC 75 38.92 123.97 32.72
CA LEU EC 75 38.65 125.36 32.38
C LEU EC 75 39.76 125.89 31.50
N ILE EC 76 39.41 126.73 30.53
CA ILE EC 76 40.38 127.39 29.68
C ILE EC 76 40.07 128.88 29.65
N SER EC 77 41.09 129.69 29.88
CA SER EC 77 40.95 131.14 29.97
C SER EC 77 41.81 131.80 28.90
N ILE EC 78 41.21 132.71 28.15
CA ILE EC 78 41.85 133.37 27.02
C ILE EC 78 41.77 134.87 27.25
N PRO EC 79 42.86 135.61 27.10
CA PRO EC 79 42.77 137.07 27.10
C PRO EC 79 42.08 137.58 25.84
N ALA EC 80 41.28 138.63 26.01
CA ALA EC 80 40.51 139.17 24.90
C ALA EC 80 41.38 139.90 23.89
N SER EC 81 42.59 140.30 24.29
CA SER EC 81 43.46 141.08 23.42
C SER EC 81 43.94 140.26 22.24
N ALA EC 82 44.12 138.96 22.42
CA ALA EC 82 44.53 138.09 21.34
C ALA EC 82 43.35 137.57 20.52
N LEU EC 83 42.12 137.94 20.89
CA LEU EC 83 40.96 137.37 20.23
C LEU EC 83 40.10 138.39 19.52
N PHE EC 84 39.69 139.46 20.20
CA PHE EC 84 38.76 140.40 19.62
C PHE EC 84 39.43 141.74 19.36
N ALA EC 85 38.63 142.70 18.92
CA ALA EC 85 39.10 144.06 18.69
C ALA EC 85 38.89 144.87 19.96
N ASP EC 86 39.21 146.16 19.90
CA ASP EC 86 39.15 147.04 21.08
C ASP EC 86 37.71 147.35 21.45
N GLN EC 87 37.16 146.52 22.35
CA GLN EC 87 35.76 146.57 22.78
C GLN EC 87 34.80 146.50 21.61
N SER EC 88 35.16 145.69 20.60
CA SER EC 88 34.38 145.61 19.39
C SER EC 88 34.16 144.15 19.05
N PRO EC 89 32.93 143.74 18.77
CA PRO EC 89 32.64 142.34 18.45
C PRO EC 89 33.01 141.97 17.01
N ARG EC 90 34.30 142.01 16.71
CA ARG EC 90 34.80 141.63 15.40
C ARG EC 90 35.98 140.69 15.56
N LEU EC 91 36.02 139.66 14.73
CA LEU EC 91 37.04 138.64 14.81
C LEU EC 91 38.29 139.05 14.03
N ASN EC 92 39.42 139.03 14.70
CA ASN EC 92 40.69 139.20 14.00
C ASN EC 92 40.98 137.94 13.20
N TRP EC 93 41.57 138.12 12.02
CA TRP EC 93 41.73 136.99 11.11
C TRP EC 93 42.77 135.99 11.61
N ALA EC 94 43.86 136.48 12.21
CA ALA EC 94 44.92 135.58 12.66
C ALA EC 94 44.50 134.71 13.84
N SER EC 95 43.48 135.13 14.57
CA SER EC 95 42.98 134.37 15.71
C SER EC 95 42.26 133.09 15.31
N TYR EC 96 41.92 132.94 14.03
CA TYR EC 96 41.18 131.76 13.59
C TYR EC 96 42.01 130.50 13.71
N SER EC 97 43.33 130.59 13.54
CA SER EC 97 44.20 129.45 13.79
C SER EC 97 44.16 129.03 15.25
N LEU EC 98 44.16 130.03 16.15
CA LEU EC 98 44.08 129.75 17.58
C LEU EC 98 42.76 129.10 17.94
N LEU EC 99 41.66 129.60 17.37
CA LEU EC 99 40.35 129.03 17.65
C LEU EC 99 40.22 127.63 17.08
N ASN EC 100 40.82 127.40 15.90
CA ASN EC 100 40.80 126.08 15.31
C ASN EC 100 41.59 125.09 16.15
N GLU EC 101 42.75 125.49 16.65
CA GLU EC 101 43.53 124.52 17.42
C GLU EC 101 42.97 124.30 18.82
N ILE EC 102 42.30 125.31 19.42
CA ILE EC 102 41.70 125.02 20.72
C ILE EC 102 40.46 124.15 20.55
N ALA EC 103 39.74 124.28 19.43
CA ALA EC 103 38.64 123.37 19.17
C ALA EC 103 39.16 121.96 18.89
N ALA EC 104 40.29 121.86 18.20
CA ALA EC 104 40.90 120.56 17.93
C ALA EC 104 41.38 119.89 19.20
N PHE EC 105 41.84 120.68 20.17
CA PHE EC 105 42.09 120.12 21.49
C PHE EC 105 40.80 119.64 22.15
N LEU EC 106 39.73 120.43 22.06
CA LEU EC 106 38.48 120.10 22.71
C LEU EC 106 37.79 118.89 22.10
N LYS EC 107 38.17 118.51 20.88
CA LYS EC 107 37.70 117.28 20.27
C LYS EC 107 38.07 116.02 21.05
N GLN EC 108 39.11 116.09 21.90
CA GLN EC 108 39.61 114.90 22.57
C GLN EC 108 38.64 114.37 23.61
N PHE EC 109 38.14 115.25 24.48
CA PHE EC 109 37.40 114.78 25.64
C PHE EC 109 35.95 114.50 25.31
N ARG EC 110 35.41 113.48 25.98
CA ARG EC 110 34.01 113.12 25.83
C ARG EC 110 33.18 114.13 26.61
N LYS EC 111 32.60 115.09 25.91
CA LYS EC 111 31.89 116.19 26.52
C LYS EC 111 30.41 115.87 26.65
N ILE EC 112 29.73 116.67 27.47
CA ILE EC 112 28.27 116.66 27.51
C ILE EC 112 27.78 118.10 27.36
N ALA EC 113 28.31 119.00 28.17
CA ALA EC 113 27.88 120.39 28.20
C ALA EC 113 29.07 121.29 28.47
N ILE EC 114 29.18 122.35 27.69
CA ILE EC 114 30.23 123.34 27.85
C ILE EC 114 29.57 124.66 28.18
N THR EC 115 30.29 125.53 28.87
CA THR EC 115 29.82 126.88 29.10
C THR EC 115 30.93 127.86 28.78
N VAL EC 116 30.63 128.86 27.96
CA VAL EC 116 31.56 129.92 27.60
C VAL EC 116 31.02 131.23 28.15
N THR EC 117 31.86 131.95 28.88
CA THR EC 117 31.47 133.20 29.52
C THR EC 117 32.52 134.27 29.22
N SER EC 118 32.04 135.47 28.91
CA SER EC 118 32.87 136.60 28.52
C SER EC 118 32.90 137.65 29.61
N TYR EC 119 34.09 138.22 29.84
CA TYR EC 119 34.34 139.20 30.87
C TYR EC 119 35.07 140.38 30.27
N SER EC 120 34.72 141.59 30.69
CA SER EC 120 35.22 142.80 30.06
C SER EC 120 35.54 143.84 31.13
N SER EC 121 35.72 145.08 30.69
CA SER EC 121 36.00 146.21 31.56
C SER EC 121 34.97 147.31 31.32
N LYS EC 122 34.80 148.15 32.34
CA LYS EC 122 33.76 149.17 32.33
C LYS EC 122 34.11 150.29 31.36
N TYR EC 123 33.25 150.50 30.35
CA TYR EC 123 33.53 151.51 29.34
C TYR EC 123 32.46 152.60 29.27
N VAL EC 124 31.19 152.25 29.10
CA VAL EC 124 30.15 153.26 29.03
C VAL EC 124 29.13 153.03 30.13
N SER EC 125 28.48 151.86 30.10
CA SER EC 125 27.43 151.55 31.04
C SER EC 125 27.42 150.04 31.23
N VAL EC 126 26.42 149.53 31.94
CA VAL EC 126 26.29 148.10 32.08
C VAL EC 126 25.79 147.46 30.80
N LYS EC 127 24.84 148.11 30.14
CA LYS EC 127 24.15 147.52 28.99
C LYS EC 127 25.09 147.32 27.81
N ARG EC 128 25.95 148.31 27.56
CA ARG EC 128 26.89 148.23 26.45
C ARG EC 128 27.88 147.08 26.63
N GLU EC 129 28.41 146.95 27.85
CA GLU EC 129 29.36 145.88 28.12
C GLU EC 129 28.69 144.51 28.11
N ARG EC 130 27.46 144.44 28.62
CA ARG EC 130 26.73 143.18 28.59
C ARG EC 130 26.42 142.76 27.16
N ALA EC 131 26.06 143.73 26.32
CA ALA EC 131 25.82 143.44 24.91
C ALA EC 131 27.08 142.96 24.22
N LEU EC 132 28.22 143.60 24.52
CA LEU EC 132 29.49 143.18 23.93
C LEU EC 132 29.86 141.77 24.34
N THR EC 133 29.77 141.46 25.63
CA THR EC 133 30.14 140.14 26.12
C THR EC 133 29.21 139.06 25.58
N LEU EC 134 27.90 139.35 25.53
CA LEU EC 134 26.93 138.40 25.01
C LEU EC 134 27.17 138.12 23.54
N ALA EC 135 27.46 139.16 22.75
CA ALA EC 135 27.71 138.98 21.33
C ALA EC 135 28.99 138.20 21.09
N ARG EC 136 30.05 138.49 21.86
CA ARG EC 136 31.32 137.77 21.70
C ARG EC 136 31.17 136.30 22.04
N SER EC 137 30.46 136.01 23.14
CA SER EC 137 30.19 134.64 23.52
C SER EC 137 29.34 133.93 22.48
N ARG EC 138 28.37 134.64 21.90
CA ARG EC 138 27.51 134.05 20.88
C ARG EC 138 28.31 133.68 19.63
N VAL EC 139 29.22 134.54 19.23
CA VAL EC 139 30.02 134.31 18.03
C VAL EC 139 30.96 133.13 18.24
N VAL EC 140 31.64 133.08 19.39
CA VAL EC 140 32.58 131.99 19.62
C VAL EC 140 31.83 130.67 19.83
N SER EC 141 30.63 130.71 20.39
CA SER EC 141 29.83 129.50 20.56
C SER EC 141 29.34 128.97 19.22
N GLU EC 142 28.92 129.86 18.32
CA GLU EC 142 28.45 129.43 17.01
C GLU EC 142 29.58 128.83 16.20
N TYR EC 143 30.77 129.43 16.27
CA TYR EC 143 31.90 128.85 15.55
C TYR EC 143 32.34 127.52 16.16
N LEU EC 144 32.20 127.37 17.48
CA LEU EC 144 32.59 126.12 18.10
C LEU EC 144 31.61 125.00 17.77
N TRP EC 145 30.32 125.31 17.70
CA TRP EC 145 29.37 124.30 17.26
C TRP EC 145 29.53 124.02 15.77
N SER EC 146 29.98 125.02 15.00
CA SER EC 146 30.33 124.78 13.61
C SER EC 146 31.47 123.81 13.49
N GLN EC 147 32.44 123.92 14.39
CA GLN EC 147 33.41 122.86 14.55
C GLN EC 147 32.74 121.60 15.06
N GLY EC 148 33.29 120.46 14.68
CA GLY EC 148 32.67 119.19 15.01
C GLY EC 148 32.97 118.64 16.39
N VAL EC 149 32.92 119.49 17.41
CA VAL EC 149 33.04 119.00 18.77
C VAL EC 149 31.75 118.27 19.15
N ASP EC 150 31.88 117.29 20.03
CA ASP EC 150 30.74 116.46 20.41
C ASP EC 150 30.29 116.87 21.81
N SER EC 151 29.47 117.90 21.88
CA SER EC 151 28.84 118.28 23.13
C SER EC 151 27.38 118.56 22.86
N ARG EC 152 26.51 118.02 23.70
CA ARG EC 152 25.09 118.18 23.45
C ARG EC 152 24.61 119.59 23.82
N ILE EC 153 25.17 120.17 24.87
CA ILE EC 153 24.75 121.48 25.32
C ILE EC 153 25.96 122.41 25.32
N ILE EC 154 25.79 123.60 24.75
CA ILE EC 154 26.73 124.70 24.94
C ILE EC 154 25.95 125.88 25.49
N PHE EC 155 26.57 126.61 26.41
CA PHE EC 155 25.89 127.66 27.15
C PHE EC 155 26.63 128.98 27.00
N THR EC 156 25.88 130.04 26.75
CA THR EC 156 26.43 131.36 26.48
C THR EC 156 26.18 132.28 27.66
N GLN EC 157 27.24 132.84 28.22
CA GLN EC 157 27.12 133.79 29.31
C GLN EC 157 28.13 134.90 29.11
N GLY EC 158 27.71 136.12 29.39
CA GLY EC 158 28.62 137.24 29.29
C GLY EC 158 28.24 138.34 30.25
N LEU EC 159 29.22 138.87 30.98
CA LEU EC 159 28.91 139.81 32.04
C LEU EC 159 29.52 141.19 31.80
N GLY EC 160 30.82 141.26 31.57
CA GLY EC 160 31.47 142.54 31.45
C GLY EC 160 32.43 142.79 32.58
N SER EC 161 32.31 143.95 33.23
CA SER EC 161 33.12 144.30 34.38
C SER EC 161 32.42 143.98 35.69
N ASP EC 162 31.59 142.94 35.69
CA ASP EC 162 30.70 142.70 36.82
C ASP EC 162 31.44 142.00 37.96
N LYS EC 163 32.07 140.86 37.68
CA LYS EC 163 32.92 140.19 38.65
C LYS EC 163 34.36 140.20 38.15
N PRO EC 164 35.22 141.02 38.71
CA PRO EC 164 36.62 141.06 38.27
C PRO EC 164 37.43 139.95 38.92
N ILE EC 165 38.64 139.78 38.40
CA ILE EC 165 39.59 138.87 39.03
C ILE EC 165 40.55 139.60 39.96
N THR EC 166 40.74 140.90 39.78
CA THR EC 166 41.72 141.65 40.55
C THR EC 166 41.29 143.10 40.64
N SER EC 167 41.91 143.83 41.56
CA SER EC 167 41.65 145.24 41.72
C SER EC 167 42.46 146.11 40.77
N TYR EC 168 43.34 145.52 39.98
CA TYR EC 168 44.23 146.27 39.09
C TYR EC 168 43.57 146.39 37.72
N THR EC 169 42.81 147.48 37.55
CA THR EC 169 42.07 147.74 36.31
C THR EC 169 42.70 148.88 35.53
N LEU EC 170 44.04 148.93 35.52
CA LEU EC 170 44.73 150.07 34.93
C LEU EC 170 44.64 150.07 33.41
N GLY EC 171 44.87 148.92 32.79
CA GLY EC 171 44.76 148.84 31.36
C GLY EC 171 43.32 148.81 30.88
N GLY EC 172 43.16 148.87 29.56
CA GLY EC 172 41.84 148.75 28.97
C GLY EC 172 41.56 147.32 28.59
N ASP EC 173 41.48 147.06 27.28
CA ASP EC 173 41.35 145.68 26.84
C ASP EC 173 42.66 144.91 26.98
N ARG EC 174 43.78 145.60 27.13
CA ARG EC 174 45.04 144.92 27.43
C ARG EC 174 45.09 144.39 28.85
N SER EC 175 44.24 144.90 29.74
CA SER EC 175 44.25 144.45 31.12
C SER EC 175 43.68 143.03 31.21
N PRO EC 176 44.33 142.14 31.96
CA PRO EC 176 43.94 140.73 31.96
C PRO EC 176 42.66 140.41 32.72
N ASN EC 177 42.03 141.40 33.36
CA ASN EC 177 40.75 141.13 34.00
C ASN EC 177 39.63 140.91 32.97
N ALA EC 178 39.79 141.42 31.76
CA ALA EC 178 38.91 141.06 30.66
C ALA EC 178 39.41 139.76 30.05
N ARG EC 179 38.49 138.82 29.83
CA ARG EC 179 38.88 137.45 29.51
C ARG EC 179 37.69 136.71 28.93
N VAL EC 180 37.94 135.47 28.53
CA VAL EC 180 36.88 134.53 28.21
C VAL EC 180 37.22 133.18 28.82
N GLU EC 181 36.27 132.61 29.55
CA GLU EC 181 36.46 131.34 30.25
C GLU EC 181 35.50 130.31 29.71
N ILE EC 182 36.02 129.14 29.38
CA ILE EC 182 35.21 128.02 28.92
C ILE EC 182 35.42 126.87 29.88
N THR EC 183 34.32 126.29 30.35
CA THR EC 183 34.35 125.29 31.40
C THR EC 183 33.54 124.08 30.97
N PHE EC 184 34.01 122.90 31.37
CA PHE EC 184 33.23 121.69 31.15
C PHE EC 184 33.67 120.62 32.15
N ARG EC 185 32.88 119.55 32.18
CA ARG EC 185 33.12 118.41 33.05
C ARG EC 185 33.35 117.18 32.18
N ARG EC 186 34.37 116.40 32.51
CA ARG EC 186 34.69 115.21 31.73
C ARG EC 186 33.67 114.13 32.05
N ALA EC 187 32.99 113.63 31.02
CA ALA EC 187 31.85 112.73 31.19
C ALA EC 187 32.32 111.29 31.14
N VAL EC 188 32.79 110.80 32.29
CA VAL EC 188 33.20 109.41 32.52
C VAL EC 188 34.27 108.93 31.55
N MET FC 23 20.19 109.78 -80.26
CA MET FC 23 18.80 110.18 -80.09
C MET FC 23 18.04 109.16 -79.26
N LYS FC 24 18.39 109.07 -77.98
CA LYS FC 24 17.75 108.12 -77.09
C LYS FC 24 16.34 108.58 -76.74
N PHE FC 25 15.49 107.62 -76.41
CA PHE FC 25 14.09 107.88 -76.10
C PHE FC 25 13.86 107.71 -74.61
N LYS FC 26 13.09 108.63 -74.03
CA LYS FC 26 12.81 108.61 -72.60
C LYS FC 26 11.38 109.05 -72.35
N LYS FC 27 10.89 108.70 -71.18
CA LYS FC 27 9.65 109.15 -70.59
C LYS FC 27 9.99 109.95 -69.32
N PRO FC 28 9.16 110.91 -68.92
CA PRO FC 28 9.56 111.86 -67.86
C PRO FC 28 9.77 111.23 -66.49
N PRO FC 29 8.76 110.57 -65.85
CA PRO FC 29 8.94 110.30 -64.42
C PRO FC 29 9.82 109.09 -64.16
N ILE FC 30 11.03 109.33 -63.69
CA ILE FC 30 11.95 108.28 -63.26
C ILE FC 30 12.44 108.63 -61.86
N ASN FC 31 12.31 107.68 -60.94
CA ASN FC 31 12.62 107.96 -59.55
C ASN FC 31 13.47 106.86 -58.94
N ASN FC 32 13.57 106.88 -57.62
CA ASN FC 32 14.23 105.84 -56.87
C ASN FC 32 13.44 104.53 -56.99
N PRO FC 33 14.10 103.39 -56.82
CA PRO FC 33 13.38 102.11 -56.89
C PRO FC 33 12.36 101.96 -55.79
N SER FC 34 11.31 101.18 -56.09
CA SER FC 34 10.12 101.12 -55.27
C SER FC 34 10.17 99.93 -54.32
N ASP FC 35 9.04 99.65 -53.67
CA ASP FC 35 8.93 98.54 -52.74
C ASP FC 35 7.55 97.91 -52.80
N ASP FC 36 7.55 96.58 -52.81
CA ASP FC 36 6.33 95.80 -53.00
C ASP FC 36 5.35 95.98 -51.85
N ALA FC 37 5.86 96.04 -50.62
CA ALA FC 37 4.97 96.20 -49.48
C ALA FC 37 4.30 97.57 -49.50
N THR FC 38 5.03 98.60 -49.91
CA THR FC 38 4.44 99.91 -50.11
C THR FC 38 3.40 99.88 -51.23
N ILE FC 39 3.66 99.07 -52.26
CA ILE FC 39 2.71 98.93 -53.37
C ILE FC 39 1.40 98.32 -52.88
N LYS FC 40 1.50 97.26 -52.09
CA LYS FC 40 0.30 96.60 -51.58
C LYS FC 40 -0.42 97.48 -50.56
N LEU FC 41 0.34 98.26 -49.79
CA LEU FC 41 -0.26 99.23 -48.88
C LEU FC 41 -1.06 100.28 -49.64
N ALA FC 42 -0.51 100.76 -50.76
CA ALA FC 42 -1.23 101.72 -51.60
C ALA FC 42 -2.50 101.10 -52.18
N GLU FC 43 -2.40 99.83 -52.57
CA GLU FC 43 -3.55 99.11 -53.10
C GLU FC 43 -4.66 98.98 -52.06
N ALA FC 44 -4.30 98.83 -50.80
CA ALA FC 44 -5.33 98.87 -49.76
C ALA FC 44 -5.86 100.29 -49.58
N ALA FC 45 -4.95 101.27 -49.59
CA ALA FC 45 -5.28 102.61 -49.16
C ALA FC 45 -6.24 103.30 -50.11
N VAL FC 46 -6.15 103.00 -51.40
CA VAL FC 46 -7.05 103.63 -52.36
C VAL FC 46 -8.50 103.21 -52.10
N SER FC 47 -8.72 101.93 -51.82
CA SER FC 47 -10.08 101.45 -51.57
C SER FC 47 -10.60 101.96 -50.24
N VAL FC 48 -9.72 102.06 -49.24
CA VAL FC 48 -10.10 102.63 -47.95
C VAL FC 48 -10.56 104.07 -48.12
N SER FC 49 -9.79 104.84 -48.90
CA SER FC 49 -10.13 106.24 -49.15
C SER FC 49 -11.45 106.37 -49.91
N ASP FC 50 -11.69 105.48 -50.86
CA ASP FC 50 -12.93 105.53 -51.63
C ASP FC 50 -14.14 105.26 -50.74
N SER FC 51 -14.02 104.26 -49.86
CA SER FC 51 -15.13 103.93 -48.96
C SER FC 51 -15.40 105.07 -48.00
N MET FC 52 -14.33 105.69 -47.48
CA MET FC 52 -14.51 106.82 -46.58
C MET FC 52 -15.13 108.01 -47.30
N LEU FC 53 -14.75 108.23 -48.56
CA LEU FC 53 -15.29 109.33 -49.33
C LEU FC 53 -16.78 109.17 -49.58
N GLU FC 54 -17.21 107.97 -49.95
CA GLU FC 54 -18.63 107.79 -50.25
C GLU FC 54 -19.47 107.81 -48.98
N MET FC 55 -18.95 107.28 -47.87
CA MET FC 55 -19.75 107.35 -46.64
C MET FC 55 -19.82 108.78 -46.12
N ALA FC 56 -18.77 109.58 -46.35
CA ALA FC 56 -18.82 110.99 -46.02
C ALA FC 56 -19.89 111.70 -46.84
N LYS FC 57 -19.99 111.35 -48.12
CA LYS FC 57 -21.02 111.93 -48.98
C LYS FC 57 -22.42 111.60 -48.48
N VAL FC 58 -22.66 110.33 -48.15
CA VAL FC 58 -24.02 109.95 -47.79
C VAL FC 58 -24.41 110.49 -46.40
N GLU FC 59 -23.45 110.57 -45.47
CA GLU FC 59 -23.77 111.10 -44.15
C GLU FC 59 -23.98 112.60 -44.22
N LYS FC 60 -23.18 113.29 -45.04
CA LYS FC 60 -23.35 114.72 -45.25
C LYS FC 60 -24.70 115.02 -45.88
N VAL FC 61 -25.15 114.18 -46.81
CA VAL FC 61 -26.42 114.44 -47.45
C VAL FC 61 -27.61 113.98 -46.62
N ILE FC 62 -27.41 113.10 -45.63
CA ILE FC 62 -28.55 112.66 -44.84
C ILE FC 62 -28.72 113.50 -43.58
N THR FC 63 -27.68 114.14 -43.09
CA THR FC 63 -27.84 115.05 -41.95
C THR FC 63 -27.41 116.45 -42.35
N PRO FC 64 -28.29 117.43 -42.34
CA PRO FC 64 -27.91 118.78 -42.70
C PRO FC 64 -27.15 119.46 -41.57
N PRO FC 65 -25.95 119.95 -41.82
CA PRO FC 65 -25.24 120.73 -40.79
C PRO FC 65 -25.89 122.07 -40.58
N SER FC 66 -26.00 122.48 -39.31
CA SER FC 66 -26.72 123.70 -38.97
C SER FC 66 -25.79 124.90 -38.92
N LYS FC 67 -24.81 124.86 -38.00
CA LYS FC 67 -23.86 125.95 -37.86
C LYS FC 67 -22.55 125.39 -37.33
N ASP FC 68 -21.48 126.13 -37.58
CA ASP FC 68 -20.16 125.70 -37.17
C ASP FC 68 -19.82 126.28 -35.80
N ASN FC 69 -18.61 126.00 -35.34
CA ASN FC 69 -18.17 126.36 -34.00
C ASN FC 69 -17.56 127.74 -33.92
N THR FC 70 -17.65 128.54 -34.99
CA THR FC 70 -17.09 129.89 -34.98
C THR FC 70 -17.82 130.78 -33.98
N LEU FC 71 -19.12 130.56 -33.79
CA LEU FC 71 -19.83 131.31 -32.75
C LEU FC 71 -19.39 130.89 -31.35
N THR FC 72 -18.92 129.65 -31.19
CA THR FC 72 -18.41 129.22 -29.89
C THR FC 72 -17.02 129.76 -29.64
N ILE FC 73 -16.07 129.42 -30.49
CA ILE FC 73 -14.72 129.96 -30.43
C ILE FC 73 -14.58 130.98 -31.56
N PRO FC 74 -14.49 132.25 -31.24
CA PRO FC 74 -14.07 133.24 -32.24
C PRO FC 74 -12.56 133.41 -32.20
N ASN FC 75 -12.04 134.34 -32.98
CA ASN FC 75 -10.64 134.71 -32.91
C ASN FC 75 -10.52 136.16 -32.52
N ALA FC 76 -9.29 136.56 -32.17
CA ALA FC 76 -9.02 137.92 -31.74
C ALA FC 76 -7.55 138.21 -32.03
N TYR FC 77 -7.06 139.31 -31.48
CA TYR FC 77 -5.63 139.61 -31.58
C TYR FC 77 -4.85 138.72 -30.61
N ASN FC 78 -3.52 138.76 -30.75
CA ASN FC 78 -2.51 137.87 -30.16
C ASN FC 78 -2.95 136.42 -30.23
N LEU FC 79 -3.48 136.03 -31.38
CA LEU FC 79 -3.99 134.69 -31.58
C LEU FC 79 -3.60 134.14 -32.94
N GLN FC 80 -2.80 134.88 -33.70
CA GLN FC 80 -2.47 134.49 -35.06
C GLN FC 80 -1.03 134.03 -35.18
N ALA FC 81 -0.34 133.86 -34.07
CA ALA FC 81 1.04 133.38 -34.08
C ALA FC 81 1.04 131.93 -34.56
N ARG FC 82 1.50 131.72 -35.79
CA ARG FC 82 1.29 130.45 -36.45
C ARG FC 82 2.18 129.36 -35.88
N ALA FC 83 1.78 128.12 -36.13
CA ALA FC 83 2.45 126.98 -35.53
C ALA FC 83 2.29 125.76 -36.42
N SER FC 84 3.37 124.98 -36.51
CA SER FC 84 3.33 123.64 -37.08
C SER FC 84 3.63 122.65 -35.95
N VAL FC 85 2.77 121.66 -35.80
CA VAL FC 85 2.79 120.75 -34.66
C VAL FC 85 2.66 119.31 -35.14
N ASP FC 86 3.08 118.40 -34.27
CA ASP FC 86 2.94 116.96 -34.47
C ASP FC 86 2.77 116.33 -33.09
N TRP FC 87 1.52 116.17 -32.67
CA TRP FC 87 1.20 115.72 -31.33
C TRP FC 87 0.29 114.51 -31.40
N SER FC 88 0.59 113.49 -30.61
CA SER FC 88 -0.24 112.29 -30.55
C SER FC 88 -0.41 111.83 -29.12
N GLY FC 89 -0.69 112.76 -28.22
CA GLY FC 89 -0.88 112.43 -26.82
C GLY FC 89 -2.22 112.88 -26.28
N PRO FC 90 -2.38 112.81 -24.97
CA PRO FC 90 -3.62 113.31 -24.35
C PRO FC 90 -3.68 114.82 -24.40
N ILE FC 91 -4.90 115.34 -24.28
CA ILE FC 91 -5.18 116.69 -24.74
C ILE FC 91 -4.80 117.77 -23.73
N GLU FC 92 -4.62 117.40 -22.46
CA GLU FC 92 -4.48 118.42 -21.41
C GLU FC 92 -3.13 119.12 -21.50
N GLU FC 93 -2.07 118.35 -21.74
CA GLU FC 93 -0.73 118.91 -21.88
C GLU FC 93 -0.66 119.84 -23.09
N LEU FC 94 -1.30 119.44 -24.19
CA LEU FC 94 -1.30 120.25 -25.40
C LEU FC 94 -2.05 121.56 -25.21
N THR FC 95 -3.21 121.51 -24.55
CA THR FC 95 -3.97 122.71 -24.27
C THR FC 95 -3.20 123.65 -23.33
N ALA FC 96 -2.52 123.08 -22.34
CA ALA FC 96 -1.71 123.91 -21.44
C ALA FC 96 -0.55 124.56 -22.18
N ARG FC 97 0.06 123.82 -23.12
CA ARG FC 97 1.14 124.37 -23.92
C ARG FC 97 0.66 125.54 -24.77
N ILE FC 98 -0.48 125.38 -25.43
CA ILE FC 98 -0.91 126.45 -26.34
C ILE FC 98 -1.45 127.64 -25.55
N ALA FC 99 -2.03 127.41 -24.37
CA ALA FC 99 -2.49 128.53 -23.56
C ALA FC 99 -1.32 129.33 -22.99
N LYS FC 100 -0.28 128.64 -22.52
CA LYS FC 100 0.90 129.33 -22.04
C LYS FC 100 1.66 130.01 -23.16
N ALA FC 101 1.53 129.50 -24.38
CA ALA FC 101 2.02 130.24 -25.54
C ALA FC 101 1.23 131.51 -25.74
N ALA FC 102 -0.09 131.44 -25.62
CA ALA FC 102 -0.95 132.57 -25.93
C ALA FC 102 -1.07 133.57 -24.80
N HIS FC 103 -0.43 133.29 -23.65
CA HIS FC 103 -0.55 134.08 -22.41
C HIS FC 103 -2.00 134.18 -21.97
N PHE FC 104 -2.72 133.08 -22.09
CA PHE FC 104 -4.11 133.02 -21.71
C PHE FC 104 -4.27 132.09 -20.51
N ARG FC 105 -5.19 132.43 -19.62
CA ARG FC 105 -5.42 131.62 -18.45
C ARG FC 105 -6.30 130.44 -18.81
N PHE FC 106 -5.88 129.24 -18.41
CA PHE FC 106 -6.53 128.00 -18.83
C PHE FC 106 -7.22 127.35 -17.65
N ARG FC 107 -8.45 126.88 -17.88
CA ARG FC 107 -9.23 126.25 -16.84
C ARG FC 107 -9.86 124.96 -17.36
N VAL FC 108 -10.09 124.03 -16.45
CA VAL FC 108 -10.71 122.75 -16.77
C VAL FC 108 -12.06 122.68 -16.08
N LEU FC 109 -12.92 121.80 -16.60
CA LEU FC 109 -14.25 121.59 -16.05
C LEU FC 109 -14.62 120.13 -16.19
N GLY FC 110 -15.08 119.54 -15.10
CA GLY FC 110 -15.51 118.16 -15.11
C GLY FC 110 -14.40 117.21 -14.70
N LYS FC 111 -14.81 116.03 -14.25
CA LYS FC 111 -13.85 114.99 -13.92
C LYS FC 111 -13.22 114.45 -15.19
N SER FC 112 -11.94 114.14 -15.12
CA SER FC 112 -11.30 113.44 -16.22
C SER FC 112 -11.87 112.03 -16.30
N PRO FC 113 -12.25 111.56 -17.49
CA PRO FC 113 -12.69 110.18 -17.62
C PRO FC 113 -11.53 109.23 -17.38
N SER FC 114 -11.88 108.05 -16.88
CA SER FC 114 -10.86 107.04 -16.57
C SER FC 114 -10.17 106.55 -17.84
N VAL FC 115 -10.92 106.32 -18.89
CA VAL FC 115 -10.29 106.12 -20.19
C VAL FC 115 -9.76 107.47 -20.69
N PRO FC 116 -8.49 107.57 -21.03
CA PRO FC 116 -7.97 108.83 -21.56
C PRO FC 116 -8.47 109.08 -22.97
N VAL FC 117 -8.52 110.35 -23.34
CA VAL FC 117 -8.95 110.78 -24.66
C VAL FC 117 -7.71 111.20 -25.45
N LEU FC 118 -7.50 110.57 -26.59
CA LEU FC 118 -6.26 110.67 -27.33
C LEU FC 118 -6.49 111.35 -28.68
N ILE FC 119 -5.61 112.29 -29.02
CA ILE FC 119 -5.75 113.11 -30.21
C ILE FC 119 -4.46 113.06 -31.01
N SER FC 120 -4.58 112.70 -32.29
CA SER FC 120 -3.45 112.71 -33.20
C SER FC 120 -3.58 113.88 -34.16
N ILE FC 121 -2.52 114.68 -34.26
CA ILE FC 121 -2.51 115.88 -35.08
C ILE FC 121 -1.16 115.99 -35.76
N SER FC 122 -1.16 116.23 -37.07
CA SER FC 122 0.05 116.54 -37.82
C SER FC 122 -0.32 117.56 -38.88
N THR FC 123 0.31 118.74 -38.84
CA THR FC 123 -0.14 119.85 -39.66
C THR FC 123 1.04 120.76 -39.97
N LYS FC 124 0.74 121.94 -40.53
CA LYS FC 124 1.78 122.81 -41.08
C LYS FC 124 1.27 124.25 -41.13
N ASP FC 125 1.68 125.06 -40.15
CA ASP FC 125 1.55 126.53 -40.15
C ASP FC 125 0.10 126.97 -40.27
N GLU FC 126 -0.66 126.70 -39.22
CA GLU FC 126 -2.07 127.08 -39.19
C GLU FC 126 -2.31 128.17 -38.16
N SER FC 127 -3.53 128.70 -38.19
CA SER FC 127 -3.98 129.61 -37.15
C SER FC 127 -4.19 128.84 -35.85
N LEU FC 128 -4.00 129.54 -34.74
CA LEU FC 128 -4.26 128.95 -33.44
C LEU FC 128 -5.74 128.66 -33.25
N ALA FC 129 -6.60 129.55 -33.75
CA ALA FC 129 -8.04 129.36 -33.62
C ALA FC 129 -8.50 128.13 -34.40
N GLU FC 130 -7.99 127.96 -35.62
CA GLU FC 130 -8.39 126.81 -36.40
C GLU FC 130 -7.71 125.54 -35.88
N ILE FC 131 -6.53 125.67 -35.27
CA ILE FC 131 -5.91 124.54 -34.60
C ILE FC 131 -6.79 124.07 -33.46
N LEU FC 132 -7.31 125.01 -32.66
CA LEU FC 132 -8.20 124.65 -31.57
C LEU FC 132 -9.53 124.09 -32.08
N ARG FC 133 -10.02 124.60 -33.20
CA ARG FC 133 -11.25 124.06 -33.78
C ARG FC 133 -11.03 122.64 -34.28
N ASP FC 134 -9.87 122.36 -34.86
CA ASP FC 134 -9.55 121.00 -35.29
C ASP FC 134 -9.41 120.08 -34.09
N ILE FC 135 -8.86 120.60 -32.99
CA ILE FC 135 -8.79 119.83 -31.75
C ILE FC 135 -10.18 119.49 -31.24
N ASP FC 136 -11.08 120.49 -31.29
CA ASP FC 136 -12.46 120.27 -30.86
C ASP FC 136 -13.17 119.24 -31.71
N TYR FC 137 -12.97 119.29 -33.03
CA TYR FC 137 -13.66 118.36 -33.91
C TYR FC 137 -13.11 116.95 -33.75
N GLN FC 138 -11.79 116.82 -33.64
CA GLN FC 138 -11.21 115.48 -33.46
C GLN FC 138 -11.53 114.92 -32.09
N ALA FC 139 -11.75 115.79 -31.10
CA ALA FC 139 -12.31 115.31 -29.83
C ALA FC 139 -13.72 114.82 -30.03
N GLY FC 140 -14.54 115.59 -30.72
CA GLY FC 140 -15.88 115.16 -31.04
C GLY FC 140 -16.78 115.25 -29.83
N LYS FC 141 -17.43 114.14 -29.50
CA LYS FC 141 -18.53 114.16 -28.54
C LYS FC 141 -18.03 114.25 -27.10
N LYS FC 142 -16.83 113.77 -26.81
CA LYS FC 142 -16.43 113.55 -25.42
C LYS FC 142 -16.09 114.83 -24.68
N ALA FC 143 -15.75 115.91 -25.37
CA ALA FC 143 -15.36 117.12 -24.68
C ALA FC 143 -15.68 118.33 -25.55
N SER FC 144 -15.50 119.51 -24.95
CA SER FC 144 -15.67 120.75 -25.68
C SER FC 144 -14.72 121.79 -25.10
N ILE FC 145 -14.49 122.84 -25.88
CA ILE FC 145 -13.48 123.84 -25.54
C ILE FC 145 -13.97 125.20 -26.02
N HIS FC 146 -13.95 126.17 -25.11
CA HIS FC 146 -14.37 127.54 -25.44
C HIS FC 146 -13.29 128.52 -25.00
N VAL FC 147 -13.45 129.77 -25.44
CA VAL FC 147 -12.49 130.81 -25.14
C VAL FC 147 -13.22 132.14 -25.05
N TYR FC 148 -13.01 132.83 -23.94
CA TYR FC 148 -13.48 134.20 -23.80
C TYR FC 148 -12.29 135.12 -24.03
N PRO FC 149 -12.23 135.83 -25.15
CA PRO FC 149 -11.04 136.62 -25.48
C PRO FC 149 -10.98 137.90 -24.70
N ASN FC 150 -12.16 138.42 -24.36
CA ASN FC 150 -12.26 139.55 -23.45
C ASN FC 150 -11.69 139.17 -22.08
N SER FC 151 -11.94 137.96 -21.64
CA SER FC 151 -11.39 137.49 -20.38
C SER FC 151 -10.01 136.87 -20.53
N GLN FC 152 -9.55 136.64 -21.78
CA GLN FC 152 -8.28 135.98 -22.11
C GLN FC 152 -8.20 134.60 -21.45
N VAL FC 153 -9.32 133.89 -21.46
CA VAL FC 153 -9.44 132.64 -20.72
C VAL FC 153 -9.88 131.54 -21.68
N VAL FC 154 -9.12 130.46 -21.72
CA VAL FC 154 -9.49 129.25 -22.45
C VAL FC 154 -10.00 128.23 -21.45
N GLU FC 155 -11.21 127.73 -21.66
CA GLU FC 155 -11.80 126.74 -20.77
C GLU FC 155 -12.06 125.47 -21.54
N LEU FC 156 -11.89 124.34 -20.84
CA LEU FC 156 -12.04 123.03 -21.45
C LEU FC 156 -12.98 122.21 -20.58
N ARG FC 157 -14.14 121.88 -21.11
CA ARG FC 157 -15.15 121.11 -20.39
C ARG FC 157 -15.17 119.68 -20.89
N TYR FC 158 -15.34 118.74 -19.96
CA TYR FC 158 -15.51 117.35 -20.33
C TYR FC 158 -16.97 117.08 -20.66
N ALA FC 159 -17.29 115.83 -20.94
CA ALA FC 159 -18.67 115.42 -21.07
C ALA FC 159 -19.32 115.33 -19.70
N LYS FC 160 -20.55 115.82 -19.60
CA LYS FC 160 -21.39 115.59 -18.42
C LYS FC 160 -22.28 114.37 -18.63
N ILE FC 161 -21.66 113.28 -19.04
CA ILE FC 161 -22.35 112.04 -19.32
C ILE FC 161 -22.38 111.21 -18.04
N TYR FC 162 -23.35 110.30 -17.96
CA TYR FC 162 -23.61 109.41 -16.83
C TYR FC 162 -23.91 110.21 -15.56
N ARG GC 207 -72.47 73.17 -46.65
CA ARG GC 207 -72.29 72.98 -45.21
C ARG GC 207 -71.84 71.56 -44.90
N ILE GC 208 -72.19 71.08 -43.70
CA ILE GC 208 -71.78 69.76 -43.23
C ILE GC 208 -73.04 68.94 -42.95
N ILE GC 209 -73.12 67.77 -43.57
CA ILE GC 209 -74.21 66.84 -43.33
C ILE GC 209 -73.83 65.93 -42.17
N TYR GC 210 -74.67 65.89 -41.15
CA TYR GC 210 -74.37 65.16 -39.94
C TYR GC 210 -75.17 63.86 -39.88
N TYR GC 211 -74.49 62.79 -39.48
CA TYR GC 211 -75.11 61.49 -39.28
C TYR GC 211 -75.14 61.15 -37.81
N ILE GC 212 -75.94 60.14 -37.47
CA ILE GC 212 -76.04 59.66 -36.10
C ILE GC 212 -75.10 58.47 -35.94
N GLN GC 213 -74.33 58.48 -34.85
CA GLN GC 213 -73.39 57.40 -34.56
C GLN GC 213 -73.87 56.51 -33.43
N ALA GC 214 -74.25 57.09 -32.30
CA ALA GC 214 -74.76 56.32 -31.17
C ALA GC 214 -76.07 56.95 -30.72
N VAL GC 215 -77.14 56.16 -30.68
CA VAL GC 215 -78.44 56.62 -30.24
C VAL GC 215 -78.72 55.97 -28.89
N ILE GC 216 -78.74 56.80 -27.86
CA ILE GC 216 -79.07 56.41 -26.48
C ILE GC 216 -79.91 57.52 -25.86
N PRO GC 217 -80.65 57.21 -24.80
CA PRO GC 217 -81.24 58.28 -24.00
C PRO GC 217 -80.16 59.13 -23.34
N GLY GC 218 -80.44 60.43 -23.22
CA GLY GC 218 -79.52 61.35 -22.58
C GLY GC 218 -78.53 62.01 -23.52
N ARG GC 219 -77.56 61.25 -24.01
CA ARG GC 219 -76.53 61.76 -24.90
C ARG GC 219 -76.76 61.27 -26.32
N ALA GC 220 -75.99 61.83 -27.24
CA ALA GC 220 -76.00 61.36 -28.62
C ALA GC 220 -74.62 61.58 -29.21
N TRP GC 221 -74.26 60.72 -30.17
CA TRP GC 221 -72.98 60.81 -30.86
C TRP GC 221 -73.22 61.00 -32.34
N LEU GC 222 -72.49 61.95 -32.93
CA LEU GC 222 -72.69 62.34 -34.30
C LEU GC 222 -71.34 62.44 -35.00
N ILE GC 223 -71.36 62.24 -36.31
CA ILE GC 223 -70.22 62.55 -37.16
C ILE GC 223 -70.73 63.44 -38.29
N GLY GC 224 -69.81 64.23 -38.84
CA GLY GC 224 -70.15 65.10 -39.94
C GLY GC 224 -69.93 64.43 -41.28
N SER GC 225 -70.12 65.21 -42.33
CA SER GC 225 -69.80 64.74 -43.67
C SER GC 225 -68.30 64.62 -43.88
N ASN GC 226 -67.52 65.46 -43.20
CA ASN GC 226 -66.07 65.47 -43.31
C ASN GC 226 -65.39 64.54 -42.31
N GLY GC 227 -66.16 63.82 -41.49
CA GLY GC 227 -65.59 63.01 -40.44
C GLY GC 227 -65.49 63.69 -39.10
N SER GC 228 -66.15 64.83 -38.92
CA SER GC 228 -66.05 65.61 -37.69
C SER GC 228 -66.88 64.93 -36.61
N THR GC 229 -66.20 64.22 -35.69
CA THR GC 229 -66.86 63.50 -34.62
C THR GC 229 -67.21 64.45 -33.49
N LEU GC 230 -68.36 64.22 -32.85
CA LEU GC 230 -68.84 65.05 -31.77
C LEU GC 230 -69.89 64.28 -30.98
N THR GC 231 -70.20 64.79 -29.80
CA THR GC 231 -71.28 64.27 -28.99
C THR GC 231 -72.06 65.43 -28.40
N VAL GC 232 -73.39 65.26 -28.31
CA VAL GC 232 -74.28 66.32 -27.85
C VAL GC 232 -75.14 65.82 -26.70
N ARG GC 233 -75.67 66.78 -25.96
CA ARG GC 233 -76.71 66.60 -24.95
C ARG GC 233 -78.06 66.87 -25.61
N GLU GC 234 -79.10 66.99 -24.79
CA GLU GC 234 -80.43 67.34 -25.31
C GLU GC 234 -80.46 68.76 -25.84
N GLY GC 235 -80.02 69.72 -25.03
CA GLY GC 235 -80.06 71.11 -25.46
C GLY GC 235 -78.70 71.68 -25.76
N SER GC 236 -78.37 71.82 -27.04
CA SER GC 236 -77.10 72.39 -27.47
C SER GC 236 -77.24 72.88 -28.90
N LYS GC 237 -76.29 73.73 -29.29
CA LYS GC 237 -76.29 74.34 -30.61
C LYS GC 237 -75.38 73.55 -31.56
N ILE GC 238 -75.84 73.39 -32.80
CA ILE GC 238 -75.06 72.71 -33.83
C ILE GC 238 -74.98 73.61 -35.06
N PRO GC 239 -73.90 73.57 -35.84
CA PRO GC 239 -73.83 74.41 -37.03
C PRO GC 239 -74.71 73.87 -38.15
N GLY GC 240 -75.39 74.78 -38.83
CA GLY GC 240 -76.19 74.47 -39.99
C GLY GC 240 -77.60 74.00 -39.71
N TYR GC 241 -77.98 73.81 -38.45
CA TYR GC 241 -79.30 73.29 -38.13
C TYR GC 241 -79.96 73.99 -36.95
N GLY GC 242 -79.34 75.00 -36.37
CA GLY GC 242 -79.91 75.65 -35.20
C GLY GC 242 -79.49 74.92 -33.95
N MET GC 243 -80.42 74.72 -33.03
CA MET GC 243 -80.14 73.96 -31.82
C MET GC 243 -80.98 72.69 -31.82
N VAL GC 244 -80.53 71.71 -31.04
CA VAL GC 244 -81.27 70.47 -30.91
C VAL GC 244 -82.38 70.66 -29.88
N LYS GC 245 -83.62 70.48 -30.31
CA LYS GC 245 -84.77 70.64 -29.43
C LYS GC 245 -85.40 69.32 -29.02
N LEU GC 246 -85.14 68.23 -29.74
CA LEU GC 246 -85.73 66.95 -29.41
C LEU GC 246 -84.80 65.81 -29.81
N ILE GC 247 -84.55 64.91 -28.87
CA ILE GC 247 -83.84 63.66 -29.12
C ILE GC 247 -84.83 62.53 -28.89
N ASP GC 248 -85.03 61.71 -29.92
CA ASP GC 248 -85.89 60.53 -29.84
C ASP GC 248 -85.00 59.30 -29.85
N SER GC 249 -84.96 58.60 -28.70
CA SER GC 249 -84.18 57.37 -28.62
C SER GC 249 -84.81 56.26 -29.45
N LEU GC 250 -86.12 56.30 -29.63
CA LEU GC 250 -86.79 55.36 -30.51
C LEU GC 250 -86.59 55.78 -31.96
N GLN GC 251 -86.28 54.80 -32.82
CA GLN GC 251 -86.19 54.87 -34.27
C GLN GC 251 -85.03 55.72 -34.80
N GLY GC 252 -84.26 56.40 -33.93
CA GLY GC 252 -83.05 57.09 -34.34
C GLY GC 252 -83.21 58.31 -35.23
N ARG GC 253 -84.05 59.26 -34.84
CA ARG GC 253 -84.17 60.53 -35.55
C ARG GC 253 -83.93 61.67 -34.57
N ILE GC 254 -83.32 62.75 -35.08
CA ILE GC 254 -83.07 63.94 -34.28
C ILE GC 254 -83.73 65.12 -34.98
N LEU GC 255 -84.58 65.84 -34.27
CA LEU GC 255 -85.26 67.01 -34.81
C LEU GC 255 -84.64 68.26 -34.22
N THR GC 256 -84.22 69.17 -35.08
CA THR GC 256 -83.53 70.38 -34.68
C THR GC 256 -84.54 71.53 -34.53
N SER GC 257 -84.02 72.68 -34.09
CA SER GC 257 -84.86 73.87 -33.97
C SER GC 257 -85.24 74.45 -35.32
N SER GC 258 -84.50 74.12 -36.38
CA SER GC 258 -84.83 74.54 -37.73
C SER GC 258 -85.79 73.59 -38.43
N GLY GC 259 -86.32 72.60 -37.71
CA GLY GC 259 -87.19 71.62 -38.32
C GLY GC 259 -86.46 70.62 -39.18
N GLN GC 260 -85.16 70.47 -39.00
CA GLN GC 260 -84.36 69.59 -39.83
C GLN GC 260 -84.04 68.30 -39.07
N VAL GC 261 -83.81 67.23 -39.85
CA VAL GC 261 -83.72 65.88 -39.32
C VAL GC 261 -82.30 65.39 -39.48
N ILE GC 262 -81.74 64.88 -38.39
CA ILE GC 262 -80.49 64.13 -38.40
C ILE GC 262 -80.85 62.66 -38.29
N LYS GC 263 -80.32 61.85 -39.19
CA LYS GC 263 -80.57 60.42 -39.22
C LYS GC 263 -79.24 59.72 -39.48
N PHE GC 264 -79.30 58.44 -39.77
CA PHE GC 264 -78.12 57.68 -40.15
C PHE GC 264 -77.84 57.87 -41.64
N SER GC 265 -76.83 57.15 -42.13
CA SER GC 265 -76.62 57.04 -43.57
C SER GC 265 -77.73 56.20 -44.20
N GLN GC 266 -77.90 56.37 -45.51
CA GLN GC 266 -78.89 55.57 -46.22
C GLN GC 266 -78.47 54.12 -46.29
N GLU GC 267 -77.23 53.87 -46.70
CA GLU GC 267 -76.73 52.50 -46.71
C GLU GC 267 -76.42 52.03 -45.29
N ASP GC 268 -75.78 52.89 -44.50
CA ASP GC 268 -75.45 52.56 -43.11
C ASP GC 268 -76.55 53.12 -42.20
N SER GC 269 -77.72 52.49 -42.30
CA SER GC 269 -78.87 52.89 -41.49
C SER GC 269 -78.99 52.02 -40.24
N GLN HC 791 -90.33 55.31 55.44
CA GLN HC 791 -90.61 54.39 56.53
C GLN HC 791 -90.62 52.96 56.03
N GLN HC 792 -91.64 52.61 55.27
CA GLN HC 792 -91.80 51.28 54.70
C GLN HC 792 -91.15 51.12 53.34
N GLU HC 793 -90.63 52.21 52.76
CA GLU HC 793 -90.01 52.18 51.45
C GLU HC 793 -88.57 52.62 51.48
N ILE HC 794 -88.00 52.83 52.67
CA ILE HC 794 -86.64 53.34 52.76
C ILE HC 794 -85.61 52.23 52.92
N GLN HC 795 -86.05 51.01 53.21
CA GLN HC 795 -85.12 49.89 53.37
C GLN HC 795 -84.57 49.43 52.03
N GLN HC 796 -85.36 49.57 50.96
CA GLN HC 796 -84.81 49.32 49.64
C GLN HC 796 -83.92 50.46 49.19
N ARG HC 797 -84.17 51.67 49.70
CA ARG HC 797 -83.24 52.77 49.48
C ARG HC 797 -81.90 52.49 50.16
N THR HC 798 -81.94 51.83 51.31
CA THR HC 798 -80.72 51.40 51.99
C THR HC 798 -79.92 50.42 51.14
N SER HC 799 -80.63 49.52 50.46
CA SER HC 799 -79.99 48.44 49.71
C SER HC 799 -79.15 48.96 48.55
N ASP HC 800 -79.65 49.97 47.84
CA ASP HC 800 -78.86 50.51 46.73
C ASP HC 800 -77.68 51.34 47.23
N MET HC 801 -77.79 51.89 48.44
CA MET HC 801 -76.69 52.67 49.00
C MET HC 801 -75.49 51.78 49.30
N LEU HC 802 -75.72 50.63 49.93
CA LEU HC 802 -74.61 49.78 50.34
C LEU HC 802 -73.97 49.09 49.15
N THR HC 803 -74.75 48.77 48.11
CA THR HC 803 -74.20 48.12 46.94
C THR HC 803 -73.23 49.02 46.20
N ALA HC 804 -73.56 50.32 46.10
CA ALA HC 804 -72.58 51.27 45.60
C ALA HC 804 -71.44 51.45 46.60
N ALA HC 805 -71.74 51.37 47.89
CA ALA HC 805 -70.71 51.52 48.91
C ALA HC 805 -69.75 50.34 48.92
N THR HC 806 -70.30 49.12 48.87
CA THR HC 806 -69.46 47.93 48.85
C THR HC 806 -68.71 47.82 47.54
N GLN HC 807 -69.25 48.38 46.46
CA GLN HC 807 -68.48 48.51 45.24
C GLN HC 807 -67.31 49.46 45.44
N LEU HC 808 -67.54 50.55 46.16
CA LEU HC 808 -66.48 51.55 46.35
C LEU HC 808 -65.45 51.10 47.36
N VAL HC 809 -65.79 50.15 48.23
CA VAL HC 809 -64.96 49.89 49.40
C VAL HC 809 -63.69 49.13 49.05
N GLN HC 810 -63.66 48.42 47.94
CA GLN HC 810 -62.44 47.72 47.52
C GLN HC 810 -61.66 48.52 46.50
N ASP HC 811 -62.10 49.73 46.16
CA ASP HC 811 -61.39 50.57 45.21
C ASP HC 811 -60.17 51.24 45.83
N TRP HC 812 -60.00 51.12 47.14
CA TRP HC 812 -58.87 51.70 47.84
C TRP HC 812 -57.91 50.65 48.38
N LYS HC 813 -58.33 49.39 48.42
CA LYS HC 813 -57.53 48.36 49.08
C LYS HC 813 -56.32 47.96 48.26
N GLN HC 814 -56.42 48.06 46.94
CA GLN HC 814 -55.32 47.68 46.06
C GLN HC 814 -54.18 48.69 46.15
N VAL HC 815 -52.98 48.21 45.84
CA VAL HC 815 -51.77 49.02 45.91
C VAL HC 815 -50.97 48.77 44.63
N GLU HC 816 -50.62 49.85 43.94
CA GLU HC 816 -49.89 49.72 42.69
C GLU HC 816 -48.41 49.50 42.96
N THR HC 817 -47.83 48.57 42.22
CA THR HC 817 -46.43 48.21 42.39
C THR HC 817 -45.54 49.27 41.75
N GLN HC 818 -44.51 49.69 42.46
CA GLN HC 818 -43.47 50.48 41.83
C GLN HC 818 -42.71 49.61 40.83
N VAL HC 819 -42.27 50.24 39.75
CA VAL HC 819 -41.54 49.55 38.69
C VAL HC 819 -40.24 50.27 38.42
N TYR HC 820 -39.17 49.50 38.25
CA TYR HC 820 -37.85 50.03 38.02
C TYR HC 820 -37.33 49.52 36.68
N THR HC 821 -36.74 50.39 35.89
CA THR HC 821 -36.25 50.05 34.56
C THR HC 821 -34.76 50.39 34.48
N GLU HC 822 -33.97 49.45 33.97
CA GLU HC 822 -32.54 49.64 33.85
C GLU HC 822 -32.20 50.25 32.49
N GLY HC 823 -30.92 50.32 32.19
CA GLY HC 823 -30.48 50.85 30.91
C GLY HC 823 -28.98 50.78 30.78
N THR HC 824 -28.50 51.15 29.60
CA THR HC 824 -27.06 51.19 29.32
C THR HC 824 -26.75 52.32 28.36
N GLN IC 791 -114.54 30.76 -16.38
CA GLN IC 791 -114.80 31.26 -15.02
C GLN IC 791 -113.98 30.46 -14.02
N GLN IC 792 -114.01 29.14 -14.17
CA GLN IC 792 -113.24 28.24 -13.32
C GLN IC 792 -112.14 27.50 -14.07
N GLU IC 793 -112.18 27.51 -15.40
CA GLU IC 793 -111.13 26.89 -16.20
C GLU IC 793 -110.00 27.85 -16.55
N ILE IC 794 -110.17 29.14 -16.23
CA ILE IC 794 -109.24 30.16 -16.70
C ILE IC 794 -107.89 30.06 -15.99
N GLN IC 795 -107.91 29.89 -14.66
CA GLN IC 795 -106.67 29.99 -13.90
C GLN IC 795 -105.78 28.78 -14.11
N GLN IC 796 -106.36 27.57 -14.15
CA GLN IC 796 -105.59 26.38 -14.42
C GLN IC 796 -105.08 26.33 -15.85
N ARG IC 797 -105.77 27.03 -16.77
CA ARG IC 797 -105.20 27.26 -18.09
C ARG IC 797 -103.95 28.11 -17.99
N THR IC 798 -103.96 29.13 -17.14
CA THR IC 798 -102.81 29.99 -16.98
C THR IC 798 -101.71 29.35 -16.15
N SER IC 799 -102.00 28.22 -15.50
CA SER IC 799 -101.03 27.60 -14.59
C SER IC 799 -99.82 27.07 -15.35
N ASP IC 800 -100.06 26.19 -16.31
CA ASP IC 800 -98.98 25.62 -17.11
C ASP IC 800 -98.33 26.66 -18.02
N MET IC 801 -99.12 27.62 -18.49
CA MET IC 801 -98.61 28.65 -19.39
C MET IC 801 -97.62 29.57 -18.69
N LEU IC 802 -97.91 29.92 -17.43
CA LEU IC 802 -97.01 30.76 -16.67
C LEU IC 802 -95.68 30.06 -16.41
N THR IC 803 -95.73 28.76 -16.15
CA THR IC 803 -94.51 27.98 -16.05
C THR IC 803 -93.79 27.91 -17.38
N ALA IC 804 -94.55 27.81 -18.48
CA ALA IC 804 -93.95 27.75 -19.81
C ALA IC 804 -93.23 29.04 -20.14
N ALA IC 805 -93.81 30.18 -19.77
CA ALA IC 805 -93.11 31.44 -19.91
C ALA IC 805 -91.92 31.51 -18.96
N THR IC 806 -92.08 31.00 -17.74
CA THR IC 806 -90.97 30.94 -16.81
C THR IC 806 -89.90 29.98 -17.30
N GLN IC 807 -90.29 28.93 -18.01
CA GLN IC 807 -89.34 28.13 -18.76
C GLN IC 807 -88.69 28.97 -19.84
N LEU IC 808 -89.47 29.82 -20.51
CA LEU IC 808 -88.94 30.60 -21.62
C LEU IC 808 -88.07 31.76 -21.16
N VAL IC 809 -88.33 32.30 -19.96
CA VAL IC 809 -87.75 33.59 -19.58
C VAL IC 809 -86.25 33.49 -19.27
N GLN IC 810 -85.76 32.31 -18.91
CA GLN IC 810 -84.36 32.18 -18.57
C GLN IC 810 -83.52 31.67 -19.73
N ASP IC 811 -84.13 31.38 -20.86
CA ASP IC 811 -83.40 30.84 -21.99
C ASP IC 811 -82.57 31.91 -22.70
N TRP IC 812 -82.92 33.17 -22.53
CA TRP IC 812 -82.12 34.26 -23.10
C TRP IC 812 -81.11 34.82 -22.12
N LYS IC 813 -81.19 34.45 -20.85
CA LYS IC 813 -80.33 35.05 -19.85
C LYS IC 813 -78.90 34.55 -19.98
N GLN IC 814 -78.72 33.25 -20.17
CA GLN IC 814 -77.39 32.69 -20.30
C GLN IC 814 -76.84 32.97 -21.70
N VAL IC 815 -75.53 33.26 -21.75
CA VAL IC 815 -74.82 33.52 -22.99
C VAL IC 815 -73.46 32.86 -22.88
N GLU IC 816 -73.14 31.97 -23.81
CA GLU IC 816 -71.82 31.35 -23.83
C GLU IC 816 -70.79 32.37 -24.31
N THR IC 817 -69.58 32.27 -23.75
CA THR IC 817 -68.53 33.21 -24.07
C THR IC 817 -67.75 32.69 -25.28
N GLN IC 818 -66.66 33.36 -25.63
CA GLN IC 818 -65.85 32.95 -26.76
C GLN IC 818 -65.01 31.73 -26.42
N VAL IC 819 -64.37 31.18 -27.45
CA VAL IC 819 -63.31 30.21 -27.29
C VAL IC 819 -62.15 30.68 -28.17
N TYR IC 820 -60.95 30.18 -27.85
CA TYR IC 820 -59.79 30.59 -28.62
C TYR IC 820 -58.82 29.43 -28.73
N THR IC 821 -58.14 29.36 -29.87
CA THR IC 821 -57.16 28.31 -30.14
C THR IC 821 -55.97 28.95 -30.84
N GLU IC 822 -54.80 28.38 -30.61
CA GLU IC 822 -53.58 28.78 -31.29
C GLU IC 822 -53.01 27.62 -32.07
N GLY IC 823 -51.79 27.82 -32.58
CA GLY IC 823 -51.09 26.79 -33.34
C GLY IC 823 -49.68 27.23 -33.63
N THR IC 824 -48.95 26.35 -34.30
CA THR IC 824 -47.58 26.63 -34.69
C THR IC 824 -47.21 25.86 -35.94
N ALA JC 104 -114.22 -15.96 -32.96
CA ALA JC 104 -112.96 -16.37 -32.36
C ALA JC 104 -111.79 -15.81 -33.16
N GLU JC 105 -111.80 -16.05 -34.46
CA GLU JC 105 -110.82 -15.41 -35.32
C GLU JC 105 -111.10 -13.92 -35.44
N VAL JC 106 -112.37 -13.52 -35.35
CA VAL JC 106 -112.72 -12.11 -35.29
C VAL JC 106 -112.27 -11.52 -33.96
N ILE JC 107 -112.33 -12.32 -32.89
CA ILE JC 107 -111.82 -11.92 -31.59
C ILE JC 107 -110.31 -11.67 -31.67
N ASP JC 108 -109.60 -12.56 -32.36
CA ASP JC 108 -108.17 -12.41 -32.55
C ASP JC 108 -107.83 -11.18 -33.39
N LYS JC 109 -108.65 -10.92 -34.41
CA LYS JC 109 -108.45 -9.72 -35.23
C LYS JC 109 -108.65 -8.45 -34.43
N LYS JC 110 -109.69 -8.43 -33.57
CA LYS JC 110 -109.92 -7.28 -32.71
C LYS JC 110 -108.79 -7.10 -31.71
N ALA JC 111 -108.28 -8.20 -31.17
CA ALA JC 111 -107.13 -8.13 -30.25
C ALA JC 111 -105.89 -7.61 -30.96
N PHE JC 112 -105.67 -8.04 -32.21
CA PHE JC 112 -104.52 -7.59 -32.98
C PHE JC 112 -104.60 -6.09 -33.29
N LYS JC 113 -105.76 -5.62 -33.71
CA LYS JC 113 -105.87 -4.20 -34.04
C LYS JC 113 -105.86 -3.33 -32.79
N ASP JC 114 -106.40 -3.81 -31.68
CA ASP JC 114 -106.33 -3.04 -30.44
C ASP JC 114 -104.92 -3.03 -29.87
N MET JC 115 -104.16 -4.11 -30.07
CA MET JC 115 -102.75 -4.13 -29.69
C MET JC 115 -101.95 -3.14 -30.52
N THR JC 116 -102.24 -3.07 -31.83
CA THR JC 116 -101.56 -2.11 -32.69
C THR JC 116 -101.89 -0.68 -32.27
N ARG JC 117 -103.16 -0.42 -31.92
CA ARG JC 117 -103.56 0.89 -31.43
C ARG JC 117 -102.91 1.22 -30.09
N ASN JC 118 -102.73 0.22 -29.23
CA ASN JC 118 -102.06 0.48 -27.96
C ASN JC 118 -100.58 0.74 -28.16
N LEU JC 119 -99.95 0.08 -29.13
CA LEU JC 119 -98.54 0.34 -29.42
C LEU JC 119 -98.36 1.74 -30.01
N TYR JC 120 -99.19 2.10 -30.98
CA TYR JC 120 -99.12 3.42 -31.60
C TYR JC 120 -100.45 4.10 -31.35
N PRO JC 121 -100.56 4.89 -30.28
CA PRO JC 121 -101.83 5.53 -29.93
C PRO JC 121 -102.16 6.77 -30.75
N LEU JC 122 -101.47 7.00 -31.86
CA LEU JC 122 -101.63 8.22 -32.63
C LEU JC 122 -101.24 7.93 -34.07
N ASN JC 123 -101.74 8.78 -34.96
CA ASN JC 123 -101.48 8.60 -36.38
C ASN JC 123 -100.04 9.01 -36.71
N PRO JC 124 -99.35 8.25 -37.57
CA PRO JC 124 -98.00 8.66 -38.01
C PRO JC 124 -97.98 9.99 -38.75
N GLU JC 125 -99.05 10.31 -39.48
CA GLU JC 125 -99.13 11.63 -40.09
C GLU JC 125 -99.38 12.70 -39.04
N GLN JC 126 -100.05 12.34 -37.95
CA GLN JC 126 -100.15 13.27 -36.82
C GLN JC 126 -98.80 13.47 -36.15
N VAL JC 127 -97.97 12.42 -36.11
CA VAL JC 127 -96.58 12.55 -35.65
C VAL JC 127 -95.83 13.52 -36.54
N VAL JC 128 -96.01 13.39 -37.85
CA VAL JC 128 -95.38 14.29 -38.81
C VAL JC 128 -95.84 15.72 -38.62
N LYS JC 129 -97.15 15.90 -38.40
CA LYS JC 129 -97.72 17.24 -38.21
C LYS JC 129 -97.21 17.90 -36.94
N LEU JC 130 -97.15 17.14 -35.84
CA LEU JC 130 -96.62 17.72 -34.60
C LEU JC 130 -95.13 17.98 -34.70
N LYS JC 131 -94.42 17.16 -35.49
CA LYS JC 131 -93.00 17.44 -35.75
C LYS JC 131 -92.84 18.76 -36.49
N GLN JC 132 -93.65 18.98 -37.52
CA GLN JC 132 -93.54 20.20 -38.32
C GLN JC 132 -93.91 21.43 -37.51
N ILE JC 133 -94.95 21.34 -36.68
CA ILE JC 133 -95.28 22.50 -35.86
C ILE JC 133 -94.31 22.68 -34.70
N TYR JC 134 -93.63 21.62 -34.27
CA TYR JC 134 -92.54 21.77 -33.31
C TYR JC 134 -91.39 22.55 -33.94
N GLU JC 135 -91.08 22.24 -35.20
CA GLU JC 135 -90.02 22.97 -35.90
C GLU JC 135 -90.43 24.42 -36.12
N THR JC 136 -91.71 24.65 -36.40
CA THR JC 136 -92.22 26.01 -36.55
C THR JC 136 -92.13 26.78 -35.23
N SER JC 137 -92.46 26.11 -34.12
CA SER JC 137 -92.41 26.75 -32.81
C SER JC 137 -90.99 27.12 -32.42
N GLU JC 138 -90.04 26.21 -32.63
CA GLU JC 138 -88.66 26.55 -32.32
C GLU JC 138 -88.06 27.53 -33.32
N TYR JC 139 -88.57 27.58 -34.54
CA TYR JC 139 -88.15 28.62 -35.47
C TYR JC 139 -88.62 29.99 -35.00
N ALA JC 140 -89.85 30.07 -34.51
CA ALA JC 140 -90.34 31.34 -33.95
C ALA JC 140 -89.61 31.69 -32.66
N LYS JC 141 -89.22 30.67 -31.88
CA LYS JC 141 -88.39 30.88 -30.71
C LYS JC 141 -87.03 31.44 -31.09
N ALA JC 142 -86.42 30.88 -32.13
CA ALA JC 142 -85.11 31.33 -32.59
C ALA JC 142 -85.17 32.71 -33.23
N ALA JC 143 -86.31 33.06 -33.82
CA ALA JC 143 -86.47 34.37 -34.43
C ALA JC 143 -86.49 35.45 -33.36
N THR JC 144 -85.77 36.54 -33.61
CA THR JC 144 -85.62 37.61 -32.65
C THR JC 144 -86.36 38.85 -33.13
N PRO JC 145 -87.27 39.42 -32.35
CA PRO JC 145 -87.88 40.69 -32.70
C PRO JC 145 -86.85 41.81 -32.72
N GLY JC 146 -87.09 42.80 -33.57
CA GLY JC 146 -86.15 43.87 -33.78
C GLY JC 146 -85.18 43.57 -34.91
N THR JC 147 -84.69 44.63 -35.53
CA THR JC 147 -83.78 44.46 -36.65
C THR JC 147 -82.38 44.11 -36.14
N PRO JC 148 -81.76 43.06 -36.67
CA PRO JC 148 -80.35 42.82 -36.39
C PRO JC 148 -79.49 43.93 -36.95
N PRO JC 149 -78.38 44.25 -36.29
CA PRO JC 149 -77.53 45.36 -36.76
C PRO JC 149 -76.83 45.04 -38.06
N LYS JC 150 -76.54 46.08 -38.83
CA LYS JC 150 -75.94 45.92 -40.14
C LYS JC 150 -74.45 45.65 -40.01
N PRO JC 151 -73.93 44.59 -40.65
CA PRO JC 151 -72.49 44.31 -40.58
C PRO JC 151 -71.71 45.33 -41.40
N THR JC 152 -70.62 45.83 -40.81
CA THR JC 152 -69.79 46.82 -41.47
C THR JC 152 -68.37 46.78 -40.90
N ALA JC 153 -67.45 47.37 -41.65
CA ALA JC 153 -66.10 47.63 -41.19
C ALA JC 153 -65.85 49.14 -41.22
N THR JC 154 -65.00 49.62 -40.32
CA THR JC 154 -64.72 51.03 -40.20
C THR JC 154 -63.22 51.22 -39.98
N SER JC 155 -62.73 52.38 -40.40
CA SER JC 155 -61.34 52.77 -40.16
C SER JC 155 -61.32 54.22 -39.77
N GLN JC 156 -60.82 54.52 -38.57
CA GLN JC 156 -60.81 55.87 -38.04
C GLN JC 156 -59.41 56.25 -37.63
N PHE JC 157 -59.12 57.54 -37.77
CA PHE JC 157 -57.90 58.12 -37.22
C PHE JC 157 -58.21 58.55 -35.79
N VAL JC 158 -57.39 58.09 -34.85
CA VAL JC 158 -57.57 58.44 -33.44
C VAL JC 158 -56.73 59.68 -33.16
N ASN JC 159 -57.39 60.75 -32.72
CA ASN JC 159 -56.73 62.00 -32.42
C ASN JC 159 -56.49 62.11 -30.92
N LEU JC 160 -55.24 62.36 -30.55
CA LEU JC 160 -54.83 62.37 -29.15
C LEU JC 160 -54.89 63.74 -28.53
N SER JC 161 -55.33 64.75 -29.26
CA SER JC 161 -55.48 66.09 -28.71
C SER JC 161 -56.63 66.12 -27.71
N PRO JC 162 -56.54 66.98 -26.69
CA PRO JC 162 -57.61 67.02 -25.66
C PRO JC 162 -58.95 67.51 -26.19
N GLY JC 163 -58.99 68.22 -27.31
CA GLY JC 163 -60.26 68.58 -27.90
C GLY JC 163 -60.97 67.46 -28.63
N SER JC 164 -60.28 66.35 -28.90
CA SER JC 164 -60.87 65.26 -29.67
C SER JC 164 -61.88 64.48 -28.83
N THR JC 165 -63.05 64.24 -29.41
CA THR JC 165 -64.05 63.40 -28.79
C THR JC 165 -63.61 61.93 -28.84
N PRO JC 166 -63.92 61.14 -27.80
CA PRO JC 166 -63.46 59.77 -27.78
C PRO JC 166 -64.27 58.90 -28.74
N PRO JC 167 -63.63 57.92 -29.38
CA PRO JC 167 -64.36 57.03 -30.28
C PRO JC 167 -65.31 56.08 -29.56
N VAL JC 168 -66.41 55.79 -30.24
CA VAL JC 168 -67.49 54.94 -29.73
C VAL JC 168 -67.65 53.77 -30.69
N ILE JC 169 -67.66 52.55 -30.15
CA ILE JC 169 -67.78 51.34 -30.95
C ILE JC 169 -69.15 50.72 -30.70
N ARG JC 170 -69.93 50.61 -31.77
CA ARG JC 170 -71.23 49.95 -31.72
C ARG JC 170 -71.03 48.45 -31.70
N LEU JC 171 -71.69 47.77 -30.77
CA LEU JC 171 -71.48 46.35 -30.56
C LEU JC 171 -72.80 45.59 -30.50
N SER JC 172 -72.71 44.29 -30.72
CA SER JC 172 -73.83 43.37 -30.57
C SER JC 172 -73.44 42.26 -29.61
N GLN JC 173 -74.44 41.72 -28.91
CA GLN JC 173 -74.19 40.80 -27.83
C GLN JC 173 -73.73 39.45 -28.34
N GLY JC 174 -72.58 38.99 -27.85
CA GLY JC 174 -72.08 37.68 -28.22
C GLY JC 174 -71.48 37.60 -29.60
N PHE JC 175 -71.05 38.70 -30.18
CA PHE JC 175 -70.42 38.70 -31.50
C PHE JC 175 -69.05 39.34 -31.40
N VAL JC 176 -68.06 38.66 -31.98
CA VAL JC 176 -66.67 39.07 -31.85
C VAL JC 176 -66.40 40.28 -32.72
N SER JC 177 -65.81 41.31 -32.13
CA SER JC 177 -65.42 42.52 -32.84
C SER JC 177 -63.90 42.66 -32.82
N SER JC 178 -63.34 43.05 -33.96
CA SER JC 178 -61.90 43.15 -34.11
C SER JC 178 -61.47 44.61 -34.07
N LEU JC 179 -60.43 44.89 -33.29
CA LEU JC 179 -59.90 46.24 -33.09
C LEU JC 179 -58.41 46.20 -33.42
N VAL JC 180 -58.05 46.71 -34.60
CA VAL JC 180 -56.67 46.63 -35.09
C VAL JC 180 -56.09 48.04 -35.09
N PHE JC 181 -54.92 48.20 -34.47
CA PHE JC 181 -54.33 49.50 -34.20
C PHE JC 181 -53.04 49.66 -35.00
N LEU JC 182 -52.96 50.72 -35.80
CA LEU JC 182 -51.85 50.96 -36.71
C LEU JC 182 -51.32 52.37 -36.47
N ASP JC 183 -50.18 52.67 -37.10
CA ASP JC 183 -49.56 53.98 -36.95
C ASP JC 183 -50.16 54.94 -37.96
N SER JC 184 -49.50 56.09 -38.16
CA SER JC 184 -49.91 57.01 -39.21
C SER JC 184 -49.74 56.41 -40.60
N THR JC 185 -48.69 55.61 -40.79
CA THR JC 185 -48.43 55.00 -42.09
C THR JC 185 -49.11 53.65 -42.27
N GLY JC 186 -49.78 53.13 -41.24
CA GLY JC 186 -50.42 51.84 -41.31
C GLY JC 186 -49.66 50.70 -40.68
N ALA JC 187 -48.45 50.94 -40.21
CA ALA JC 187 -47.70 49.91 -39.49
C ALA JC 187 -48.37 49.64 -38.16
N PRO JC 188 -48.62 48.38 -37.82
CA PRO JC 188 -49.42 48.07 -36.62
C PRO JC 188 -48.69 48.37 -35.32
N TRP JC 189 -49.46 48.74 -34.32
CA TRP JC 189 -48.93 48.97 -32.99
C TRP JC 189 -49.40 47.86 -32.07
N PRO JC 190 -48.51 46.98 -31.62
CA PRO JC 190 -48.90 45.93 -30.67
C PRO JC 190 -49.26 46.50 -29.31
N ILE JC 191 -50.08 45.76 -28.59
CA ILE JC 191 -50.66 46.22 -27.33
C ILE JC 191 -49.79 45.76 -26.18
N ALA JC 192 -49.63 46.64 -25.18
CA ALA JC 192 -48.86 46.32 -23.98
C ALA JC 192 -49.74 46.00 -22.78
N ALA JC 193 -50.71 46.85 -22.46
CA ALA JC 193 -51.56 46.64 -21.30
C ALA JC 193 -52.92 47.30 -21.54
N TYR JC 194 -53.92 46.88 -20.76
CA TYR JC 194 -55.23 47.49 -20.91
C TYR JC 194 -56.01 47.38 -19.61
N ASP JC 195 -56.88 48.37 -19.40
CA ASP JC 195 -57.79 48.42 -18.27
C ASP JC 195 -59.22 48.36 -18.77
N LEU JC 196 -59.98 47.40 -18.24
CA LEU JC 196 -61.39 47.24 -18.53
C LEU JC 196 -62.17 47.35 -17.23
N GLY JC 197 -62.93 48.43 -17.08
CA GLY JC 197 -63.88 48.51 -16.00
C GLY JC 197 -65.17 47.80 -16.38
N ASP JC 198 -65.75 47.12 -15.39
CA ASP JC 198 -66.90 46.22 -15.51
C ASP JC 198 -66.73 45.19 -16.63
N PRO JC 199 -65.94 44.14 -16.44
CA PRO JC 199 -65.98 43.01 -17.39
C PRO JC 199 -67.17 42.08 -17.25
N SER JC 200 -68.22 42.48 -16.51
CA SER JC 200 -69.46 41.71 -16.53
C SER JC 200 -70.14 41.82 -17.89
N SER JC 201 -70.03 42.98 -18.52
CA SER JC 201 -70.69 43.21 -19.81
C SER JC 201 -69.86 42.81 -21.01
N PHE JC 202 -68.55 42.57 -20.83
CA PHE JC 202 -67.66 42.38 -21.96
C PHE JC 202 -66.74 41.20 -21.70
N ASN JC 203 -66.26 40.60 -22.78
CA ASN JC 203 -65.21 39.60 -22.70
C ASN JC 203 -64.05 40.05 -23.57
N ILE JC 204 -62.83 39.87 -23.06
CA ILE JC 204 -61.61 40.22 -23.77
C ILE JC 204 -60.73 38.99 -23.85
N GLN JC 205 -60.38 38.59 -25.05
CA GLN JC 205 -59.32 37.61 -25.30
C GLN JC 205 -58.18 38.34 -25.99
N TRP JC 206 -57.01 38.36 -25.35
CA TRP JC 206 -55.91 39.20 -25.79
C TRP JC 206 -54.62 38.40 -25.86
N ASP JC 207 -54.09 38.23 -27.06
CA ASP JC 207 -52.71 37.75 -27.18
C ASP JC 207 -51.76 38.87 -26.77
N LYS JC 208 -50.71 38.50 -26.05
CA LYS JC 208 -49.79 39.48 -25.46
C LYS JC 208 -48.98 40.24 -26.50
N THR JC 209 -48.78 39.67 -27.68
CA THR JC 209 -48.01 40.33 -28.74
C THR JC 209 -48.86 40.81 -29.90
N SER JC 210 -50.18 40.60 -29.85
CA SER JC 210 -51.05 40.97 -30.94
C SER JC 210 -51.30 42.48 -30.96
N ASN JC 211 -51.40 43.02 -32.17
CA ASN JC 211 -51.86 44.39 -32.34
C ASN JC 211 -53.37 44.47 -32.45
N THR JC 212 -54.03 43.35 -32.71
CA THR JC 212 -55.47 43.30 -32.94
C THR JC 212 -56.15 42.60 -31.78
N LEU JC 213 -57.17 43.23 -31.23
CA LEU JC 213 -57.89 42.72 -30.07
C LEU JC 213 -59.27 42.22 -30.50
N MET JC 214 -59.66 41.07 -29.97
CA MET JC 214 -60.96 40.48 -30.22
C MET JC 214 -61.81 40.66 -28.97
N ILE JC 215 -62.93 41.37 -29.12
CA ILE JC 215 -63.77 41.76 -28.00
C ILE JC 215 -65.13 41.11 -28.16
N GLN JC 216 -65.64 40.53 -27.07
CA GLN JC 216 -66.94 39.88 -27.06
C GLN JC 216 -67.86 40.60 -26.09
N ALA JC 217 -69.02 41.04 -26.59
CA ALA JC 217 -70.00 41.68 -25.73
C ALA JC 217 -70.85 40.63 -25.05
N THR JC 218 -71.29 40.92 -23.83
CA THR JC 218 -72.04 39.98 -23.02
C THR JC 218 -73.38 40.49 -22.54
N LYS JC 219 -73.63 41.79 -22.59
CA LYS JC 219 -74.89 42.35 -22.15
C LYS JC 219 -75.61 43.01 -23.32
N LEU JC 220 -76.72 43.68 -23.03
CA LEU JC 220 -77.64 44.15 -24.05
C LEU JC 220 -77.56 45.66 -24.27
N TYR JC 221 -77.78 46.46 -23.22
CA TYR JC 221 -77.77 47.91 -23.36
C TYR JC 221 -77.03 48.54 -22.20
N ASN JC 222 -75.87 47.98 -21.87
CA ASN JC 222 -75.02 48.50 -20.81
C ASN JC 222 -73.64 48.74 -21.39
N TYR JC 223 -73.23 50.01 -21.44
CA TYR JC 223 -72.02 50.43 -22.12
C TYR JC 223 -70.82 50.37 -21.18
N GLY JC 224 -69.66 50.75 -21.69
CA GLY JC 224 -68.49 50.82 -20.84
C GLY JC 224 -67.36 51.58 -21.52
N ASN JC 225 -66.39 51.97 -20.70
CA ASN JC 225 -65.18 52.61 -21.18
C ASN JC 225 -64.08 51.58 -21.30
N LEU JC 226 -62.97 52.00 -21.90
CA LEU JC 226 -61.86 51.08 -22.16
C LEU JC 226 -60.57 51.89 -22.27
N ALA JC 227 -59.54 51.47 -21.55
CA ALA JC 227 -58.26 52.18 -21.54
C ALA JC 227 -57.17 51.28 -22.13
N VAL JC 228 -56.41 51.83 -23.08
CA VAL JC 228 -55.37 51.11 -23.78
C VAL JC 228 -54.03 51.78 -23.50
N ARG JC 229 -53.05 51.01 -23.04
CA ARG JC 229 -51.69 51.51 -22.85
C ARG JC 229 -50.79 50.73 -23.79
N LEU JC 230 -50.30 51.39 -24.83
CA LEU JC 230 -49.44 50.73 -25.80
C LEU JC 230 -48.01 50.63 -25.28
N ARG JC 231 -47.13 50.06 -26.09
CA ARG JC 231 -45.75 49.85 -25.66
C ARG JC 231 -44.94 51.14 -25.75
N GLY JC 232 -44.77 51.67 -26.94
CA GLY JC 232 -44.02 52.91 -27.08
C GLY JC 232 -44.78 54.15 -26.74
N LEU JC 233 -46.11 54.07 -26.68
CA LEU JC 233 -46.94 55.24 -26.46
C LEU JC 233 -47.03 55.54 -24.97
N ASN JC 234 -46.88 56.81 -24.62
CA ASN JC 234 -46.99 57.22 -23.22
C ASN JC 234 -48.45 57.38 -22.80
N THR JC 235 -49.20 58.21 -23.53
CA THR JC 235 -50.54 58.58 -23.12
C THR JC 235 -51.51 57.42 -23.37
N PRO JC 236 -52.47 57.19 -22.48
CA PRO JC 236 -53.45 56.13 -22.70
C PRO JC 236 -54.49 56.51 -23.75
N VAL JC 237 -55.18 55.49 -24.23
CA VAL JC 237 -56.13 55.61 -25.33
C VAL JC 237 -57.52 55.27 -24.79
N MET JC 238 -58.49 56.13 -25.09
CA MET JC 238 -59.87 55.93 -24.68
C MET JC 238 -60.66 55.27 -25.80
N LEU JC 239 -61.47 54.28 -25.43
CA LEU JC 239 -62.52 53.80 -26.31
C LEU JC 239 -63.78 53.66 -25.47
N THR JC 240 -64.94 53.74 -26.12
CA THR JC 240 -66.20 53.53 -25.41
C THR JC 240 -67.02 52.49 -26.17
N LEU JC 241 -67.20 51.34 -25.57
CA LEU JC 241 -67.97 50.26 -26.19
C LEU JC 241 -69.43 50.40 -25.79
N ILE JC 242 -70.30 50.55 -26.77
CA ILE JC 242 -71.73 50.71 -26.54
C ILE JC 242 -72.47 49.65 -27.33
N PRO JC 243 -73.29 48.81 -26.69
CA PRO JC 243 -74.12 47.86 -27.43
C PRO JC 243 -75.49 48.47 -27.77
N GLY JC 244 -76.21 47.75 -28.63
CA GLY JC 244 -77.56 48.17 -28.98
C GLY JC 244 -77.65 49.28 -30.00
N GLN JC 245 -77.17 49.01 -31.21
CA GLN JC 245 -77.23 49.97 -32.31
C GLN JC 245 -77.66 49.26 -33.58
N LYS JC 246 -78.02 50.07 -34.58
CA LYS JC 246 -78.53 49.53 -35.84
C LYS JC 246 -77.44 49.01 -36.76
N ALA JC 247 -76.18 49.19 -36.40
CA ALA JC 247 -75.07 48.63 -37.16
C ALA JC 247 -74.05 48.04 -36.19
N VAL JC 248 -73.41 46.96 -36.60
CA VAL JC 248 -72.41 46.28 -35.78
C VAL JC 248 -71.04 46.50 -36.42
N ASP JC 249 -70.13 47.07 -35.65
CA ASP JC 249 -68.78 47.34 -36.13
C ASP JC 249 -68.00 46.04 -36.05
N TYR JC 250 -68.00 45.29 -37.16
CA TYR JC 250 -67.28 44.03 -37.19
C TYR JC 250 -65.78 44.25 -37.14
N ARG JC 251 -65.28 45.22 -37.89
CA ARG JC 251 -63.87 45.57 -37.91
C ARG JC 251 -63.72 47.05 -37.61
N VAL JC 252 -62.75 47.40 -36.77
CA VAL JC 252 -62.39 48.79 -36.54
C VAL JC 252 -60.87 48.90 -36.64
N ASP JC 253 -60.39 49.63 -37.63
CA ASP JC 253 -58.98 49.94 -37.77
C ASP JC 253 -58.71 51.34 -37.22
N LEU JC 254 -57.54 51.53 -36.64
CA LEU JC 254 -57.22 52.76 -35.95
C LEU JC 254 -55.90 53.31 -36.46
N ARG JC 255 -55.86 54.62 -36.69
CA ARG JC 255 -54.69 55.31 -37.21
C ARG JC 255 -54.17 56.26 -36.15
N VAL JC 256 -53.11 55.86 -35.46
CA VAL JC 256 -52.55 56.71 -34.41
C VAL JC 256 -51.59 57.72 -35.02
N GLN JC 257 -51.33 58.78 -34.26
CA GLN JC 257 -50.46 59.85 -34.76
C GLN JC 257 -48.99 59.47 -34.73
N GLY JC 258 -48.59 58.64 -33.76
CA GLY JC 258 -47.21 58.24 -33.66
C GLY JC 258 -46.85 57.12 -34.62
N TYR JC 259 -45.63 56.62 -34.46
CA TYR JC 259 -45.09 55.56 -35.30
C TYR JC 259 -44.81 54.34 -34.44
N GLY JC 260 -45.24 53.17 -34.93
CA GLY JC 260 -45.05 51.95 -34.20
C GLY JC 260 -43.63 51.44 -34.26
N PRO JC 261 -43.41 50.29 -33.63
CA PRO JC 261 -42.06 49.71 -33.64
C PRO JC 261 -41.63 49.21 -35.01
N ASN JC 262 -42.57 48.84 -35.87
CA ASN JC 262 -42.29 48.38 -37.22
C ASN JC 262 -42.63 49.45 -38.24
N ALA JC 263 -42.33 50.71 -37.92
CA ALA JC 263 -42.62 51.82 -38.81
C ALA JC 263 -41.74 51.73 -40.05
N LYS JC 264 -42.29 51.12 -41.10
CA LYS JC 264 -41.53 50.78 -42.29
C LYS JC 264 -41.17 52.00 -43.13
N SER JC 265 -41.91 53.09 -42.99
CA SER JC 265 -41.68 54.27 -43.81
C SER JC 265 -41.75 55.51 -42.95
N MET JC 266 -41.14 56.58 -43.45
CA MET JC 266 -41.22 57.88 -42.84
C MET JC 266 -41.53 58.86 -43.95
N PRO JC 267 -42.50 59.76 -43.77
CA PRO JC 267 -42.82 60.73 -44.83
C PRO JC 267 -41.69 61.72 -45.04
N THR JC 268 -41.47 62.06 -46.29
CA THR JC 268 -40.30 62.84 -46.69
C THR JC 268 -40.72 64.24 -47.10
N GLU JC 269 -39.96 65.23 -46.63
CA GLU JC 269 -40.21 66.64 -46.87
C GLU JC 269 -39.11 67.21 -47.75
N GLU JC 270 -39.51 68.00 -48.75
CA GLU JC 270 -38.58 68.80 -49.53
C GLU JC 270 -38.95 70.27 -49.36
N GLY JC 271 -37.95 71.10 -49.10
CA GLY JC 271 -38.21 72.49 -48.85
C GLY JC 271 -37.17 73.43 -49.41
N ILE JC 272 -36.71 74.35 -48.58
CA ILE JC 272 -35.87 75.44 -49.04
C ILE JC 272 -34.43 74.95 -49.19
N PRO JC 273 -33.79 75.16 -50.34
CA PRO JC 273 -32.39 74.83 -50.49
C PRO JC 273 -31.52 75.76 -49.67
N PRO JC 274 -30.27 75.37 -49.38
CA PRO JC 274 -29.36 76.28 -48.66
C PRO JC 274 -29.07 77.54 -49.45
N SER JC 275 -28.94 78.65 -48.72
CA SER JC 275 -28.88 79.96 -49.35
C SER JC 275 -27.51 80.23 -49.95
N ALA JC 276 -26.49 80.32 -49.10
CA ALA JC 276 -25.14 80.67 -49.53
C ALA JC 276 -24.20 80.28 -48.40
N ASN JC 277 -23.24 79.42 -48.70
CA ASN JC 277 -22.25 79.03 -47.69
C ASN JC 277 -21.34 80.21 -47.44
N ASP JC 278 -21.59 80.93 -46.35
CA ASP JC 278 -21.07 82.27 -46.08
C ASP JC 278 -19.56 82.37 -45.93
N LEU JC 279 -18.82 81.27 -46.09
CA LEU JC 279 -17.36 81.33 -46.08
C LEU JC 279 -16.83 82.19 -47.22
N LEU JC 280 -17.56 82.25 -48.34
CA LEU JC 280 -17.11 83.05 -49.46
C LEU JC 280 -17.19 84.55 -49.21
N LEU JC 281 -17.83 85.00 -48.13
CA LEU JC 281 -17.68 86.40 -47.73
C LEU JC 281 -16.24 86.70 -47.35
N HIS JC 282 -15.68 85.85 -46.49
CA HIS JC 282 -14.27 85.96 -46.11
C HIS JC 282 -13.37 85.74 -47.31
N VAL JC 283 -13.74 84.78 -48.18
CA VAL JC 283 -12.93 84.51 -49.36
C VAL JC 283 -12.95 85.71 -50.31
N LEU JC 284 -14.12 86.33 -50.47
CA LEU JC 284 -14.26 87.50 -51.34
C LEU JC 284 -13.47 88.68 -50.80
N GLU JC 285 -13.43 88.82 -49.48
CA GLU JC 285 -12.64 89.91 -48.93
C GLU JC 285 -11.15 89.65 -49.08
N GLY JC 286 -10.70 88.44 -48.77
CA GLY JC 286 -9.29 88.16 -48.88
C GLY JC 286 -8.75 87.36 -47.71
N VAL JC 287 -9.48 87.33 -46.62
CA VAL JC 287 -9.07 86.50 -45.47
C VAL JC 287 -9.32 85.04 -45.82
N PRO JC 288 -8.31 84.17 -45.69
CA PRO JC 288 -8.50 82.78 -46.05
C PRO JC 288 -9.40 82.08 -45.04
N PRO JC 289 -10.08 81.01 -45.44
CA PRO JC 289 -10.85 80.24 -44.46
C PRO JC 289 -9.92 79.54 -43.49
N PRO JC 290 -10.35 79.34 -42.26
CA PRO JC 290 -9.49 78.68 -41.27
C PRO JC 290 -9.27 77.22 -41.60
N GLY JC 291 -8.08 76.74 -41.25
CA GLY JC 291 -7.74 75.35 -41.49
C GLY JC 291 -7.48 74.99 -42.92
N SER JC 292 -7.31 75.98 -43.80
CA SER JC 292 -7.13 75.72 -45.22
C SER JC 292 -5.65 75.57 -45.54
N ARG JC 293 -5.32 75.55 -46.83
CA ARG JC 293 -3.95 75.49 -47.29
C ARG JC 293 -3.76 76.51 -48.39
N ARG JC 294 -2.52 76.94 -48.57
CA ARG JC 294 -2.21 77.82 -49.68
C ARG JC 294 -2.25 77.05 -50.99
N LEU JC 295 -2.51 77.77 -52.06
CA LEU JC 295 -2.54 77.21 -53.40
C LEU JC 295 -1.79 78.13 -54.34
N VAL JC 296 -0.85 77.56 -55.09
CA VAL JC 296 0.04 78.31 -55.95
C VAL JC 296 -0.60 78.36 -57.34
N VAL JC 297 -0.79 79.57 -57.86
CA VAL JC 297 -1.47 79.76 -59.13
C VAL JC 297 -0.45 80.24 -60.16
N SER JC 298 -0.84 80.15 -61.43
CA SER JC 298 0.01 80.63 -62.51
C SER JC 298 -0.86 81.04 -63.70
N GLY JC 299 -0.49 82.16 -64.32
CA GLY JC 299 -1.14 82.64 -65.53
C GLY JC 299 -1.74 84.02 -65.43
N GLY JC 300 -1.99 84.52 -64.23
CA GLY JC 300 -2.60 85.83 -64.11
C GLY JC 300 -2.80 86.23 -62.67
N ASP JC 301 -3.70 87.18 -62.46
CA ASP JC 301 -3.95 87.76 -61.15
C ASP JC 301 -5.17 87.07 -60.52
N ALA JC 302 -4.91 86.10 -59.65
CA ALA JC 302 -5.95 85.42 -58.91
C ALA JC 302 -5.32 84.78 -57.69
N ARG JC 303 -6.17 84.44 -56.73
CA ARG JC 303 -5.74 83.74 -55.52
C ARG JC 303 -6.64 82.55 -55.27
N ALA JC 304 -6.09 81.53 -54.62
CA ALA JC 304 -6.80 80.27 -54.48
C ALA JC 304 -6.50 79.64 -53.12
N TRP JC 305 -7.50 78.95 -52.58
CA TRP JC 305 -7.35 78.16 -51.37
C TRP JC 305 -8.27 76.95 -51.45
N LEU JC 306 -8.07 76.02 -50.52
CA LEU JC 306 -9.00 74.90 -50.36
C LEU JC 306 -8.93 74.43 -48.92
N SER JC 307 -10.09 74.05 -48.39
CA SER JC 307 -10.20 73.53 -47.03
C SER JC 307 -10.83 72.15 -46.99
N ASN JC 308 -11.95 71.97 -47.66
CA ASN JC 308 -12.77 70.77 -47.55
C ASN JC 308 -13.01 70.19 -48.93
N GLU JC 309 -11.89 69.97 -49.64
CA GLU JC 309 -11.76 69.62 -51.05
C GLU JC 309 -12.72 70.41 -51.93
N LYS JC 310 -12.83 71.70 -51.63
CA LYS JC 310 -13.63 72.64 -52.38
C LYS JC 310 -12.74 73.83 -52.70
N MET JC 311 -12.49 74.07 -53.98
CA MET JC 311 -11.60 75.14 -54.34
C MET JC 311 -12.32 76.47 -54.23
N TYR JC 312 -11.65 77.43 -53.60
CA TYR JC 312 -12.11 78.81 -53.54
C TYR JC 312 -11.12 79.65 -54.32
N VAL JC 313 -11.64 80.47 -55.24
CA VAL JC 313 -10.79 81.29 -56.09
C VAL JC 313 -11.34 82.70 -56.13
N ARG JC 314 -10.49 83.69 -55.83
CA ARG JC 314 -10.83 85.10 -55.90
C ARG JC 314 -10.04 85.75 -57.01
N THR JC 315 -10.74 86.47 -57.90
CA THR JC 315 -10.09 87.06 -59.06
C THR JC 315 -10.89 88.27 -59.51
N ASN JC 316 -10.51 88.78 -60.68
CA ASN JC 316 -11.29 89.79 -61.39
C ASN JC 316 -11.50 89.40 -62.84
N LEU JC 317 -11.20 88.16 -63.21
CA LEU JC 317 -11.49 87.65 -64.53
C LEU JC 317 -12.81 86.88 -64.48
N THR JC 318 -13.12 86.16 -65.56
CA THR JC 318 -14.40 85.45 -65.68
C THR JC 318 -14.11 83.99 -66.02
N ILE JC 319 -14.32 83.10 -65.05
CA ILE JC 319 -14.00 81.69 -65.21
C ILE JC 319 -15.00 81.03 -66.16
N LEU JC 320 -14.50 80.13 -67.02
CA LEU JC 320 -15.33 79.47 -68.01
C LEU JC 320 -15.42 77.96 -67.81
N SER JC 321 -14.29 77.26 -67.73
CA SER JC 321 -14.27 75.85 -68.15
C SER JC 321 -14.99 74.89 -67.20
N PRO JC 322 -14.54 74.65 -65.96
CA PRO JC 322 -15.02 73.46 -65.26
C PRO JC 322 -16.40 73.60 -64.63
N GLY JC 323 -16.97 74.79 -64.57
CA GLY JC 323 -18.26 74.98 -63.94
C GLY JC 323 -18.11 75.14 -62.45
N TRP JC 324 -18.60 76.23 -61.89
CA TRP JC 324 -18.43 76.46 -60.47
C TRP JC 324 -19.57 75.82 -59.69
N LEU JC 325 -19.66 76.16 -58.44
CA LEU JC 325 -20.79 75.77 -57.62
C LEU JC 325 -21.49 76.94 -56.98
N ALA JC 326 -20.75 77.94 -56.51
CA ALA JC 326 -21.37 79.10 -55.90
C ALA JC 326 -20.60 80.35 -56.30
N SER JC 327 -21.32 81.48 -56.39
CA SER JC 327 -20.71 82.68 -56.93
C SER JC 327 -21.01 83.87 -56.05
N MET JC 328 -20.02 84.75 -55.90
CA MET JC 328 -20.22 85.99 -55.18
C MET JC 328 -19.57 87.15 -55.93
N THR JC 329 -20.30 88.25 -56.02
CA THR JC 329 -19.80 89.47 -56.64
C THR JC 329 -19.54 90.49 -55.55
N SER JC 330 -18.42 91.19 -55.66
CA SER JC 330 -18.08 92.26 -54.73
C SER JC 330 -18.82 93.53 -55.12
N ALA JC 331 -18.46 94.63 -54.47
CA ALA JC 331 -18.95 95.92 -54.91
C ALA JC 331 -18.22 96.39 -56.15
N ASP JC 332 -16.97 95.96 -56.35
CA ASP JC 332 -16.12 96.52 -57.37
C ASP JC 332 -15.49 95.45 -58.23
N GLY JC 333 -16.29 94.49 -58.67
CA GLY JC 333 -15.85 93.56 -59.69
C GLY JC 333 -15.00 92.41 -59.22
N THR JC 334 -14.68 92.34 -57.94
CA THR JC 334 -13.96 91.18 -57.44
C THR JC 334 -14.90 90.00 -57.38
N HIS JC 335 -14.60 88.97 -58.14
CA HIS JC 335 -15.45 87.80 -58.23
C HIS JC 335 -14.85 86.67 -57.41
N ALA JC 336 -15.68 86.02 -56.61
CA ALA JC 336 -15.27 84.88 -55.81
C ALA JC 336 -16.07 83.67 -56.23
N TYR JC 337 -15.39 82.56 -56.43
CA TYR JC 337 -16.03 81.34 -56.91
C TYR JC 337 -15.72 80.19 -55.98
N GLU JC 338 -16.77 79.44 -55.64
CA GLU JC 338 -16.64 78.13 -55.03
C GLU JC 338 -16.87 77.10 -56.12
N MET JC 339 -15.90 76.20 -56.28
CA MET JC 339 -15.87 75.26 -57.38
C MET JC 339 -15.38 73.91 -56.87
N GLN JC 340 -15.72 72.87 -57.62
CA GLN JC 340 -15.11 71.57 -57.40
C GLN JC 340 -13.63 71.61 -57.77
N LYS JC 341 -12.89 70.65 -57.23
CA LYS JC 341 -11.44 70.61 -57.38
C LYS JC 341 -11.06 70.27 -58.83
N SER JC 342 -10.13 71.04 -59.39
CA SER JC 342 -9.67 70.87 -60.76
C SER JC 342 -8.32 71.56 -60.91
N PRO JC 343 -7.40 71.02 -61.72
CA PRO JC 343 -6.07 71.63 -61.81
C PRO JC 343 -5.93 72.71 -62.87
N VAL JC 344 -6.89 72.87 -63.77
CA VAL JC 344 -6.75 73.82 -64.86
C VAL JC 344 -8.01 74.65 -64.96
N LEU JC 345 -7.89 75.83 -65.56
CA LEU JC 345 -9.00 76.76 -65.70
C LEU JC 345 -8.96 77.41 -67.07
N LEU JC 346 -10.10 77.92 -67.52
CA LEU JC 346 -10.17 78.79 -68.68
C LEU JC 346 -10.96 80.03 -68.32
N VAL JC 347 -10.40 81.20 -68.66
CA VAL JC 347 -11.08 82.48 -68.48
C VAL JC 347 -11.05 83.23 -69.79
N SER JC 348 -11.79 84.34 -69.83
CA SER JC 348 -11.67 85.33 -70.89
C SER JC 348 -11.03 86.57 -70.27
N TRP JC 349 -9.84 86.90 -70.74
CA TRP JC 349 -9.08 87.97 -70.10
C TRP JC 349 -9.60 89.34 -70.50
N HIS JC 350 -9.52 89.65 -71.78
CA HIS JC 350 -10.13 90.86 -72.31
C HIS JC 350 -10.77 90.55 -73.66
N GLY JC 351 -11.61 89.51 -73.66
CA GLY JC 351 -12.16 88.99 -74.88
C GLY JC 351 -11.36 87.86 -75.48
N LYS JC 352 -10.14 87.67 -75.02
CA LYS JC 352 -9.30 86.57 -75.46
C LYS JC 352 -9.30 85.48 -74.39
N VAL JC 353 -9.40 84.23 -74.82
CA VAL JC 353 -9.42 83.12 -73.88
C VAL JC 353 -8.00 82.89 -73.34
N MET JC 354 -7.94 82.30 -72.15
CA MET JC 354 -6.67 82.01 -71.49
C MET JC 354 -6.84 80.88 -70.49
N GLN JC 355 -5.81 80.08 -70.33
CA GLN JC 355 -5.82 78.96 -69.39
C GLN JC 355 -5.04 79.32 -68.12
N LEU JC 356 -5.36 78.60 -67.04
CA LEU JC 356 -4.74 78.81 -65.74
C LEU JC 356 -4.29 77.47 -65.18
N LYS JC 357 -3.03 77.40 -64.81
CA LYS JC 357 -2.44 76.19 -64.24
C LYS JC 357 -2.37 76.34 -62.73
N VAL JC 358 -3.03 75.44 -62.01
CA VAL JC 358 -3.06 75.46 -60.55
C VAL JC 358 -2.66 74.07 -60.08
N GLU JC 359 -1.64 74.01 -59.23
CA GLU JC 359 -1.13 72.74 -58.73
C GLU JC 359 -1.03 72.77 -57.22
N GLY JC 360 -0.35 71.78 -56.65
CA GLY JC 360 -0.26 71.66 -55.21
C GLY JC 360 -1.59 71.29 -54.59
N LEU JC 361 -2.34 70.41 -55.23
CA LEU JC 361 -3.65 70.00 -54.77
C LEU JC 361 -3.53 69.03 -53.59
N VAL KC 38 20.80 94.85 -23.44
CA VAL KC 38 21.88 95.81 -23.24
C VAL KC 38 22.77 96.06 -24.49
N PRO KC 39 23.19 95.03 -25.27
CA PRO KC 39 23.79 95.36 -26.57
C PRO KC 39 22.79 95.93 -27.54
N LYS KC 40 21.53 95.52 -27.44
CA LYS KC 40 20.45 96.14 -28.22
C LYS KC 40 20.03 97.48 -27.63
N LEU KC 41 20.32 97.73 -26.36
CA LEU KC 41 20.17 99.07 -25.83
C LEU KC 41 21.28 99.97 -26.38
N PRO KC 42 20.94 101.17 -26.85
CA PRO KC 42 21.97 102.08 -27.35
C PRO KC 42 22.86 102.60 -26.24
N CYS KC 43 24.13 102.80 -26.57
CA CYS KC 43 25.09 103.31 -25.60
C CYS KC 43 24.85 104.80 -25.33
N ARG KC 44 24.62 105.57 -26.38
CA ARG KC 44 24.37 107.00 -26.25
C ARG KC 44 23.26 107.39 -27.21
N VAL KC 45 22.91 108.67 -27.22
CA VAL KC 45 21.96 109.17 -28.20
C VAL KC 45 22.60 109.14 -29.58
N ASP KC 46 21.89 108.55 -30.54
CA ASP KC 46 22.42 108.35 -31.88
C ASP KC 46 22.59 109.67 -32.61
N GLY KC 47 23.65 109.76 -33.41
CA GLY KC 47 23.94 110.96 -34.15
C GLY KC 47 24.41 112.12 -33.30
N ALA KC 48 24.96 111.86 -32.13
CA ALA KC 48 25.41 112.91 -31.23
C ALA KC 48 26.77 112.58 -30.66
N CYS KC 49 27.58 113.61 -30.51
CA CYS KC 49 28.84 113.50 -29.77
C CYS KC 49 29.10 114.87 -29.15
N ASP KC 50 29.30 114.89 -27.84
CA ASP KC 50 29.31 116.15 -27.10
C ASP KC 50 30.52 117.00 -27.44
N ALA KC 51 31.64 116.36 -27.74
CA ALA KC 51 32.83 117.07 -28.20
C ALA KC 51 32.55 117.79 -29.51
N THR KC 52 31.85 117.12 -30.42
CA THR KC 52 31.46 117.75 -31.68
C THR KC 52 30.46 118.88 -31.44
N ILE KC 53 29.58 118.70 -30.46
CA ILE KC 53 28.56 119.70 -30.16
C ILE KC 53 29.21 121.00 -29.69
N ILE KC 54 30.10 120.88 -28.70
CA ILE KC 54 30.75 122.08 -28.17
C ILE KC 54 31.74 122.64 -29.19
N LYS KC 55 32.29 121.77 -30.04
CA LYS KC 55 33.22 122.22 -31.07
C LYS KC 55 32.52 123.09 -32.11
N MET KC 56 31.38 122.63 -32.63
CA MET KC 56 30.70 123.43 -33.63
C MET KC 56 30.04 124.66 -33.00
N MET KC 57 29.67 124.58 -31.72
CA MET KC 57 29.15 125.77 -31.06
C MET KC 57 30.23 126.83 -30.91
N THR KC 58 31.46 126.39 -30.60
CA THR KC 58 32.61 127.30 -30.55
C THR KC 58 32.87 127.90 -31.93
N ASP KC 59 32.75 127.08 -32.97
CA ASP KC 59 33.01 127.56 -34.33
C ASP KC 59 31.99 128.60 -34.76
N LEU KC 60 30.71 128.37 -34.47
CA LEU KC 60 29.70 129.33 -34.89
C LEU KC 60 29.75 130.60 -34.06
N ASN KC 61 30.09 130.49 -32.77
CA ASN KC 61 30.24 131.69 -31.97
C ASN KC 61 31.46 132.49 -32.39
N LYS KC 62 32.51 131.81 -32.82
CA LYS KC 62 33.65 132.51 -33.42
C LYS KC 62 33.26 133.19 -34.72
N LYS KC 63 32.44 132.52 -35.53
CA LYS KC 63 32.02 133.09 -36.81
C LYS KC 63 31.10 134.28 -36.61
N GLY KC 64 30.34 134.32 -35.53
CA GLY KC 64 29.66 135.56 -35.19
C GLY KC 64 28.22 135.43 -34.76
N ILE KC 65 27.62 134.26 -34.99
CA ILE KC 65 26.25 134.04 -34.55
C ILE KC 65 26.23 133.88 -33.05
N LYS KC 66 25.36 134.63 -32.37
CA LYS KC 66 25.38 134.64 -30.92
C LYS KC 66 24.69 133.40 -30.38
N VAL KC 67 25.32 132.73 -29.43
CA VAL KC 67 24.76 131.55 -28.80
C VAL KC 67 24.88 131.71 -27.29
N ALA KC 68 23.80 131.43 -26.57
CA ALA KC 68 23.83 131.49 -25.12
C ALA KC 68 23.09 130.30 -24.52
N SER KC 69 23.55 129.90 -23.34
CA SER KC 69 23.04 128.72 -22.65
C SER KC 69 22.94 129.03 -21.17
N VAL KC 70 21.72 129.13 -20.65
CA VAL KC 70 21.49 129.39 -19.23
C VAL KC 70 20.49 128.35 -18.73
N GLY KC 71 20.87 127.62 -17.69
CA GLY KC 71 20.03 126.53 -17.22
C GLY KC 71 20.00 125.43 -18.25
N GLN KC 72 18.79 125.03 -18.65
CA GLN KC 72 18.61 124.17 -19.81
C GLN KC 72 17.91 124.92 -20.94
N ASN KC 73 17.74 126.22 -20.81
CA ASN KC 73 17.14 127.02 -21.86
C ASN KC 73 18.25 127.58 -22.73
N TYR KC 74 18.22 127.25 -24.01
CA TYR KC 74 19.25 127.65 -24.94
C TYR KC 74 18.66 128.60 -25.97
N LEU KC 75 19.48 129.56 -26.40
CA LEU KC 75 19.00 130.60 -27.29
C LEU KC 75 20.11 130.99 -28.27
N ILE KC 76 19.71 131.41 -29.46
CA ILE KC 76 20.65 131.78 -30.50
C ILE KC 76 20.14 132.98 -31.27
N SER KC 77 20.98 134.00 -31.39
CA SER KC 77 20.64 135.25 -32.05
C SER KC 77 21.38 135.34 -33.38
N ILE KC 78 20.65 135.74 -34.42
CA ILE KC 78 21.16 135.82 -35.77
C ILE KC 78 20.81 137.20 -36.32
N PRO KC 79 21.79 137.98 -36.77
CA PRO KC 79 21.48 139.30 -37.33
C PRO KC 79 20.83 139.18 -38.70
N ALA KC 80 19.83 140.03 -38.92
CA ALA KC 80 18.98 139.92 -40.11
C ALA KC 80 19.70 140.29 -41.39
N SER KC 81 20.79 141.07 -41.31
CA SER KC 81 21.52 141.45 -42.51
C SER KC 81 22.25 140.28 -43.12
N ALA KC 82 22.58 139.28 -42.32
CA ALA KC 82 23.21 138.07 -42.82
C ALA KC 82 22.20 137.08 -43.36
N LEU KC 83 20.91 137.41 -43.33
CA LEU KC 83 19.88 136.48 -43.72
C LEU KC 83 18.95 136.98 -44.81
N PHE KC 84 18.64 138.28 -44.84
CA PHE KC 84 17.64 138.75 -45.78
C PHE KC 84 18.14 139.89 -46.65
N ALA KC 85 17.24 140.52 -47.38
CA ALA KC 85 17.53 141.80 -48.01
C ALA KC 85 16.88 142.91 -47.18
N ASP KC 86 17.05 144.13 -47.65
CA ASP KC 86 16.72 145.33 -46.87
C ASP KC 86 15.21 145.50 -46.77
N GLN KC 87 14.68 145.20 -45.57
CA GLN KC 87 13.23 145.16 -45.29
C GLN KC 87 12.50 144.24 -46.26
N SER KC 88 13.11 143.11 -46.58
CA SER KC 88 12.56 142.21 -47.58
C SER KC 88 12.51 140.79 -47.04
N PRO KC 89 11.41 140.08 -47.22
CA PRO KC 89 11.32 138.69 -46.74
C PRO KC 89 11.80 137.68 -47.79
N ARG KC 90 13.04 137.84 -48.22
CA ARG KC 90 13.63 136.96 -49.22
C ARG KC 90 14.90 136.35 -48.64
N LEU KC 91 15.16 135.10 -49.02
CA LEU KC 91 16.30 134.36 -48.48
C LEU KC 91 17.48 134.47 -49.42
N ASN KC 92 18.61 134.92 -48.89
CA ASN KC 92 19.84 134.97 -49.67
C ASN KC 92 20.37 133.55 -49.88
N TRP KC 93 21.00 133.35 -51.03
CA TRP KC 93 21.38 132.00 -51.43
C TRP KC 93 22.53 131.45 -50.60
N ALA KC 94 23.47 132.31 -50.21
CA ALA KC 94 24.63 131.86 -49.44
C ALA KC 94 24.26 131.49 -48.00
N SER KC 95 23.13 131.96 -47.51
CA SER KC 95 22.72 131.71 -46.13
C SER KC 95 22.21 130.30 -45.90
N TYR KC 96 22.00 129.52 -46.96
CA TYR KC 96 21.48 128.17 -46.79
C TYR KC 96 22.50 127.25 -46.13
N SER KC 97 23.80 127.50 -46.32
CA SER KC 97 24.81 126.74 -45.59
C SER KC 97 24.77 127.05 -44.11
N LEU KC 98 24.54 128.33 -43.78
CA LEU KC 98 24.40 128.73 -42.37
C LEU KC 98 23.17 128.09 -41.74
N LEU KC 99 22.07 128.05 -42.49
CA LEU KC 99 20.86 127.40 -42.00
C LEU KC 99 21.07 125.90 -41.87
N ASN KC 100 21.86 125.32 -42.78
CA ASN KC 100 22.18 123.90 -42.73
C ASN KC 100 22.96 123.55 -41.48
N GLU KC 101 23.99 124.32 -41.17
CA GLU KC 101 24.79 124.01 -39.98
C GLU KC 101 24.03 124.36 -38.70
N ILE KC 102 23.11 125.32 -38.77
CA ILE KC 102 22.26 125.61 -37.62
C ILE KC 102 21.32 124.44 -37.34
N ALA KC 103 20.74 123.86 -38.39
CA ALA KC 103 19.88 122.69 -38.21
C ALA KC 103 20.68 121.48 -37.75
N ALA KC 104 21.92 121.34 -38.24
CA ALA KC 104 22.78 120.26 -37.79
C ALA KC 104 23.15 120.42 -36.32
N PHE KC 105 23.30 121.67 -35.88
CA PHE KC 105 23.50 121.92 -34.45
C PHE KC 105 22.23 121.61 -33.67
N LEU KC 106 21.08 121.94 -34.22
CA LEU KC 106 19.83 121.80 -33.46
C LEU KC 106 19.30 120.37 -33.45
N LYS KC 107 19.80 119.49 -34.31
CA LYS KC 107 19.34 118.11 -34.27
C LYS KC 107 19.98 117.29 -33.16
N GLN KC 108 20.83 117.89 -32.33
CA GLN KC 108 21.64 117.15 -31.38
C GLN KC 108 20.96 116.96 -30.03
N PHE KC 109 19.73 117.42 -29.86
CA PHE KC 109 19.10 117.41 -28.55
C PHE KC 109 17.74 116.74 -28.64
N ARG KC 110 17.14 116.54 -27.48
CA ARG KC 110 15.77 116.05 -27.37
C ARG KC 110 14.95 117.15 -26.70
N LYS KC 111 13.94 117.64 -27.40
CA LYS KC 111 13.22 118.83 -26.98
C LYS KC 111 11.73 118.64 -27.20
N ILE KC 112 10.97 119.66 -26.89
CA ILE KC 112 9.54 119.63 -27.16
C ILE KC 112 9.18 120.74 -28.13
N ALA KC 113 9.52 121.98 -27.78
CA ALA KC 113 9.03 123.13 -28.52
C ALA KC 113 10.18 124.03 -28.90
N ILE KC 114 10.05 124.68 -30.06
CA ILE KC 114 10.97 125.72 -30.49
C ILE KC 114 10.15 126.99 -30.70
N THR KC 115 10.69 128.13 -30.30
CA THR KC 115 10.04 129.40 -30.57
C THR KC 115 11.01 130.29 -31.33
N VAL KC 116 10.58 130.78 -32.49
CA VAL KC 116 11.38 131.63 -33.35
C VAL KC 116 10.71 132.99 -33.40
N THR KC 117 11.44 134.03 -33.01
CA THR KC 117 10.91 135.38 -33.09
C THR KC 117 11.83 136.23 -33.96
N SER KC 118 11.27 137.32 -34.46
CA SER KC 118 11.98 138.24 -35.33
C SER KC 118 11.75 139.67 -34.88
N TYR KC 119 12.83 140.45 -34.85
CA TYR KC 119 12.81 141.87 -34.53
C TYR KC 119 13.39 142.65 -35.69
N SER KC 120 12.94 143.91 -35.82
CA SER KC 120 13.36 144.76 -36.92
C SER KC 120 13.51 146.18 -36.41
N SER KC 121 13.87 147.07 -37.33
CA SER KC 121 13.98 148.49 -37.02
C SER KC 121 12.63 149.17 -37.25
N LYS KC 122 12.62 150.50 -37.24
CA LYS KC 122 11.42 151.28 -37.53
C LYS KC 122 11.55 151.81 -38.94
N TYR KC 123 10.65 151.37 -39.83
CA TYR KC 123 10.78 151.68 -41.25
C TYR KC 123 9.62 152.50 -41.80
N VAL KC 124 8.38 152.03 -41.72
CA VAL KC 124 7.27 152.76 -42.31
C VAL KC 124 6.15 152.93 -41.30
N SER KC 125 5.76 151.83 -40.66
CA SER KC 125 4.55 151.83 -39.83
C SER KC 125 4.78 150.85 -38.69
N VAL KC 126 3.70 150.43 -38.04
CA VAL KC 126 3.81 149.32 -37.09
C VAL KC 126 3.51 148.00 -37.76
N LYS KC 127 2.39 147.93 -38.48
CA LYS KC 127 1.96 146.65 -39.03
C LYS KC 127 2.79 146.24 -40.24
N ARG KC 128 3.46 147.19 -40.90
CA ARG KC 128 4.35 146.85 -42.00
C ARG KC 128 5.53 146.03 -41.49
N GLU KC 129 6.19 146.51 -40.44
CA GLU KC 129 7.27 145.77 -39.81
C GLU KC 129 6.77 144.49 -39.17
N ARG KC 130 5.55 144.53 -38.61
CA ARG KC 130 4.97 143.33 -38.01
C ARG KC 130 4.76 142.23 -39.04
N ALA KC 131 4.22 142.59 -40.20
CA ALA KC 131 3.99 141.62 -41.25
C ALA KC 131 5.30 141.12 -41.84
N LEU KC 132 6.29 142.01 -41.96
CA LEU KC 132 7.60 141.63 -42.47
C LEU KC 132 8.27 140.61 -41.54
N THR KC 133 8.24 140.87 -40.24
CA THR KC 133 8.82 139.95 -39.28
C THR KC 133 8.06 138.63 -39.25
N LEU KC 134 6.73 138.70 -39.39
CA LEU KC 134 5.93 137.47 -39.40
C LEU KC 134 6.26 136.61 -40.60
N ALA KC 135 6.44 137.24 -41.76
CA ALA KC 135 6.81 136.49 -42.96
C ALA KC 135 8.19 135.87 -42.83
N ARG KC 136 9.13 136.61 -42.26
CA ARG KC 136 10.48 136.08 -42.07
C ARG KC 136 10.47 134.88 -41.12
N SER KC 137 9.69 134.99 -40.04
CA SER KC 137 9.52 133.88 -39.11
C SER KC 137 8.88 132.69 -39.80
N ARG KC 138 7.90 132.96 -40.66
CA ARG KC 138 7.19 131.87 -41.32
C ARG KC 138 8.09 131.10 -42.27
N VAL KC 139 8.92 131.82 -43.03
CA VAL KC 139 9.76 131.12 -44.01
C VAL KC 139 10.90 130.37 -43.32
N VAL KC 140 11.47 130.95 -42.26
CA VAL KC 140 12.54 130.22 -41.58
C VAL KC 140 11.98 129.02 -40.83
N SER KC 141 10.74 129.12 -40.34
CA SER KC 141 10.11 127.98 -39.67
C SER KC 141 9.78 126.88 -40.66
N GLU KC 142 9.35 127.27 -41.87
CA GLU KC 142 9.01 126.29 -42.88
C GLU KC 142 10.24 125.52 -43.33
N TYR KC 143 11.36 126.21 -43.56
CA TYR KC 143 12.56 125.48 -43.94
C TYR KC 143 13.10 124.64 -42.79
N LEU KC 144 12.92 125.10 -41.55
CA LEU KC 144 13.40 124.30 -40.44
C LEU KC 144 12.54 123.09 -40.19
N TRP KC 145 11.26 123.15 -40.54
CA TRP KC 145 10.48 121.93 -40.54
C TRP KC 145 10.87 121.02 -41.69
N SER KC 146 11.21 121.60 -42.84
CA SER KC 146 11.60 120.81 -44.00
C SER KC 146 12.85 120.01 -43.72
N GLN KC 147 13.82 120.62 -43.06
CA GLN KC 147 14.91 119.84 -42.52
C GLN KC 147 14.42 119.03 -41.34
N GLY KC 148 15.03 117.86 -41.15
CA GLY KC 148 14.52 116.91 -40.20
C GLY KC 148 14.94 117.13 -38.76
N VAL KC 149 14.72 118.31 -38.22
CA VAL KC 149 14.90 118.49 -36.79
C VAL KC 149 13.74 117.84 -36.05
N ASP KC 150 13.98 117.48 -34.81
CA ASP KC 150 13.03 116.72 -34.01
C ASP KC 150 12.40 117.65 -32.99
N SER KC 151 11.11 117.89 -33.16
CA SER KC 151 10.32 118.60 -32.17
C SER KC 151 8.87 118.20 -32.36
N ARG KC 152 8.01 118.71 -31.49
CA ARG KC 152 6.59 118.61 -31.72
C ARG KC 152 5.96 119.96 -32.03
N ILE KC 153 6.62 121.07 -31.72
CA ILE KC 153 6.03 122.39 -31.82
C ILE KC 153 7.05 123.35 -32.42
N ILE KC 154 6.64 124.08 -33.45
CA ILE KC 154 7.35 125.28 -33.92
C ILE KC 154 6.41 126.46 -33.70
N PHE KC 155 6.91 127.52 -33.09
CA PHE KC 155 6.12 128.71 -32.83
C PHE KC 155 6.70 129.90 -33.58
N THR KC 156 5.83 130.64 -34.26
CA THR KC 156 6.25 131.79 -35.05
C THR KC 156 5.85 133.07 -34.34
N GLN KC 157 6.82 133.96 -34.11
CA GLN KC 157 6.56 135.24 -33.49
C GLN KC 157 7.37 136.32 -34.19
N GLY KC 158 6.69 137.33 -34.67
CA GLY KC 158 7.37 138.42 -35.34
C GLY KC 158 6.85 139.77 -34.88
N LEU KC 159 7.75 140.62 -34.36
CA LEU KC 159 7.29 141.86 -33.73
C LEU KC 159 7.81 143.09 -34.45
N GLY KC 160 9.10 143.19 -34.69
CA GLY KC 160 9.64 144.35 -35.37
C GLY KC 160 10.40 145.27 -34.44
N SER KC 161 9.97 146.54 -34.37
CA SER KC 161 10.57 147.53 -33.51
C SER KC 161 9.93 147.57 -32.14
N ASP KC 162 9.19 146.53 -31.76
CA ASP KC 162 8.41 146.57 -30.53
C ASP KC 162 9.28 146.35 -29.30
N LYS KC 163 10.37 145.62 -29.43
CA LYS KC 163 11.26 145.31 -28.30
C LYS KC 163 12.70 145.64 -28.70
N PRO KC 164 13.08 146.92 -28.63
CA PRO KC 164 14.45 147.27 -29.00
C PRO KC 164 15.43 146.88 -27.91
N ILE KC 165 16.60 146.41 -28.35
CA ILE KC 165 17.63 146.06 -27.38
C ILE KC 165 18.39 147.29 -26.91
N THR KC 166 18.28 148.40 -27.63
CA THR KC 166 18.98 149.63 -27.29
C THR KC 166 18.23 150.78 -27.94
N SER KC 167 18.54 152.00 -27.48
CA SER KC 167 18.00 153.18 -28.13
C SER KC 167 18.78 153.57 -29.37
N TYR KC 168 19.92 152.93 -29.62
CA TYR KC 168 20.79 153.26 -30.75
C TYR KC 168 20.18 152.65 -32.01
N THR KC 169 19.37 153.45 -32.69
CA THR KC 169 18.70 153.03 -33.92
C THR KC 169 19.27 153.79 -35.12
N LEU KC 170 20.59 153.95 -35.15
CA LEU KC 170 21.23 154.74 -36.19
C LEU KC 170 21.15 154.04 -37.55
N GLY KC 171 21.52 152.76 -37.59
CA GLY KC 171 21.40 152.03 -38.82
C GLY KC 171 19.98 151.57 -39.07
N GLY KC 172 19.76 150.99 -40.25
CA GLY KC 172 18.47 150.41 -40.56
C GLY KC 172 18.46 148.93 -40.27
N ASP KC 173 18.52 148.12 -41.32
CA ASP KC 173 18.70 146.68 -41.14
C ASP KC 173 20.15 146.32 -40.87
N ARG KC 174 21.08 147.26 -41.05
CA ARG KC 174 22.44 147.06 -40.60
C ARG KC 174 22.57 147.17 -39.10
N SER KC 175 21.58 147.72 -38.42
CA SER KC 175 21.61 147.82 -36.98
C SER KC 175 21.48 146.44 -36.35
N PRO KC 176 22.25 146.14 -35.29
CA PRO KC 176 22.25 144.77 -34.76
C PRO KC 176 20.98 144.37 -34.03
N ASN KC 177 20.11 145.30 -33.66
CA ASN KC 177 18.88 144.92 -32.99
C ASN KC 177 17.89 144.26 -33.94
N ALA KC 178 17.99 144.54 -35.23
CA ALA KC 178 17.16 143.85 -36.22
C ALA KC 178 17.75 142.47 -36.44
N ARG KC 179 17.00 141.44 -36.07
CA ARG KC 179 17.58 140.11 -35.91
C ARG KC 179 16.45 139.08 -35.83
N VAL KC 180 16.85 137.82 -35.64
CA VAL KC 180 15.95 136.76 -35.23
C VAL KC 180 16.56 136.03 -34.05
N GLU KC 181 15.70 135.37 -33.28
CA GLU KC 181 16.09 134.71 -32.05
C GLU KC 181 15.38 133.37 -31.97
N ILE KC 182 16.15 132.32 -31.67
CA ILE KC 182 15.62 130.96 -31.58
C ILE KC 182 15.80 130.50 -30.14
N THR KC 183 14.69 130.17 -29.49
CA THR KC 183 14.70 129.79 -28.08
C THR KC 183 14.11 128.40 -27.92
N PHE KC 184 14.67 127.62 -27.00
CA PHE KC 184 14.03 126.39 -26.56
C PHE KC 184 14.55 126.03 -25.17
N ARG KC 185 13.97 124.97 -24.62
CA ARG KC 185 14.42 124.37 -23.37
C ARG KC 185 14.88 122.95 -23.64
N ARG KC 186 16.12 122.65 -23.27
CA ARG KC 186 16.67 121.30 -23.42
C ARG KC 186 16.06 120.39 -22.35
N ALA KC 187 15.53 119.25 -22.78
CA ALA KC 187 14.75 118.38 -21.91
C ALA KC 187 15.36 117.00 -21.87
N VAL KC 188 15.98 116.67 -20.72
CA VAL KC 188 16.43 115.32 -20.35
C VAL KC 188 17.38 114.68 -21.36
N ILE LC 208 32.76 5.85 147.27
CA ILE LC 208 34.15 6.14 147.61
C ILE LC 208 35.02 4.94 147.26
N ILE LC 209 36.10 5.20 146.52
CA ILE LC 209 36.93 4.16 145.93
C ILE LC 209 38.29 4.17 146.62
N TYR LC 210 38.79 2.98 146.95
CA TYR LC 210 40.05 2.85 147.68
C TYR LC 210 41.13 2.31 146.77
N TYR LC 211 42.39 2.62 147.13
CA TYR LC 211 43.54 2.15 146.38
C TYR LC 211 44.72 1.95 147.31
N ILE LC 212 45.66 1.11 146.88
CA ILE LC 212 46.85 0.84 147.66
C ILE LC 212 47.96 1.76 147.20
N GLN LC 213 48.94 1.97 148.08
CA GLN LC 213 50.11 2.78 147.78
C GLN LC 213 51.40 1.97 147.84
N ALA LC 214 51.58 1.18 148.89
CA ALA LC 214 52.73 0.29 149.00
C ALA LC 214 52.32 -0.90 149.84
N VAL LC 215 53.09 -1.98 149.72
CA VAL LC 215 52.77 -3.22 150.41
C VAL LC 215 54.01 -3.74 151.11
N ILE LC 216 53.79 -4.63 152.06
CA ILE LC 216 54.87 -5.35 152.73
C ILE LC 216 54.27 -6.73 153.00
N PRO LC 217 55.06 -7.76 153.26
CA PRO LC 217 54.45 -8.99 153.76
C PRO LC 217 53.87 -8.79 155.16
N GLY LC 218 52.55 -8.75 155.25
CA GLY LC 218 51.88 -8.55 156.52
C GLY LC 218 51.03 -7.31 156.60
N ARG LC 219 51.51 -6.20 156.04
CA ARG LC 219 50.83 -4.91 156.13
C ARG LC 219 50.88 -4.23 154.77
N ALA LC 220 50.16 -3.12 154.65
CA ALA LC 220 50.12 -2.37 153.40
C ALA LC 220 49.79 -0.91 153.72
N TRP LC 221 49.68 -0.11 152.67
CA TRP LC 221 49.26 1.26 152.79
C TRP LC 221 48.03 1.47 151.92
N LEU LC 222 47.02 2.15 152.47
CA LEU LC 222 45.74 2.31 151.82
C LEU LC 222 45.43 3.79 151.61
N ILE LC 223 44.92 4.10 150.42
CA ILE LC 223 44.49 5.45 150.08
C ILE LC 223 43.08 5.35 149.53
N GLY LC 224 42.37 6.49 149.53
CA GLY LC 224 41.00 6.53 149.09
C GLY LC 224 40.78 7.61 148.04
N SER LC 225 39.59 7.59 147.45
CA SER LC 225 39.21 8.61 146.49
C SER LC 225 39.01 9.96 147.17
N ASN LC 226 38.69 9.96 148.47
CA ASN LC 226 38.71 11.19 149.23
C ASN LC 226 40.12 11.68 149.48
N GLY LC 227 41.11 10.79 149.41
CA GLY LC 227 42.48 11.18 149.69
C GLY LC 227 42.82 11.07 151.15
N SER LC 228 42.62 9.88 151.72
CA SER LC 228 42.93 9.64 153.12
C SER LC 228 43.84 8.42 153.23
N THR LC 229 44.94 8.57 153.97
CA THR LC 229 45.86 7.47 154.19
C THR LC 229 45.34 6.56 155.29
N LEU LC 230 45.72 5.28 155.22
CA LEU LC 230 45.25 4.31 156.19
C LEU LC 230 46.23 3.15 156.24
N THR LC 231 46.56 2.73 157.46
CA THR LC 231 47.30 1.49 157.70
C THR LC 231 46.31 0.38 157.91
N VAL LC 232 46.50 -0.74 157.23
CA VAL LC 232 45.47 -1.77 157.13
C VAL LC 232 46.05 -3.12 157.52
N ARG LC 233 45.39 -3.80 158.44
CA ARG LC 233 45.64 -5.20 158.72
C ARG LC 233 44.53 -6.05 158.11
N GLU LC 234 44.77 -7.37 158.06
CA GLU LC 234 43.81 -8.30 157.46
C GLU LC 234 42.52 -8.35 158.27
N GLY LC 235 42.61 -8.45 159.58
CA GLY LC 235 41.42 -8.37 160.40
C GLY LC 235 41.13 -6.92 160.73
N SER LC 236 40.27 -6.30 159.92
CA SER LC 236 39.99 -4.88 160.02
C SER LC 236 38.79 -4.57 159.15
N LYS LC 237 37.93 -3.68 159.63
CA LYS LC 237 36.72 -3.31 158.89
C LYS LC 237 37.01 -2.14 157.98
N ILE LC 238 36.68 -2.30 156.71
CA ILE LC 238 36.86 -1.26 155.70
C ILE LC 238 35.52 -1.04 155.02
N PRO LC 239 35.00 0.20 154.98
CA PRO LC 239 33.67 0.43 154.40
C PRO LC 239 33.64 0.19 152.90
N GLY LC 240 32.70 -0.65 152.47
CA GLY LC 240 32.64 -1.09 151.09
C GLY LC 240 33.54 -2.27 150.78
N TYR LC 241 34.34 -2.72 151.73
CA TYR LC 241 35.26 -3.82 151.52
C TYR LC 241 35.10 -4.84 152.62
N GLY LC 242 34.79 -4.37 153.82
CA GLY LC 242 34.59 -5.29 154.94
C GLY LC 242 35.91 -5.70 155.54
N MET LC 243 36.09 -7.01 155.71
CA MET LC 243 37.31 -7.57 156.26
C MET LC 243 38.21 -8.04 155.12
N VAL LC 244 39.51 -8.09 155.38
CA VAL LC 244 40.48 -8.53 154.39
C VAL LC 244 40.80 -10.00 154.66
N LYS LC 245 40.34 -10.87 153.77
CA LYS LC 245 40.64 -12.29 153.92
C LYS LC 245 42.07 -12.61 153.52
N LEU LC 246 42.67 -11.83 152.63
CA LEU LC 246 43.97 -12.20 152.07
C LEU LC 246 44.68 -10.97 151.57
N ILE LC 247 45.98 -10.90 151.85
CA ILE LC 247 46.86 -9.89 151.28
C ILE LC 247 47.88 -10.58 150.40
N ASP LC 248 48.48 -9.82 149.49
CA ASP LC 248 49.49 -10.34 148.59
C ASP LC 248 50.67 -9.36 148.54
N SER LC 249 51.87 -9.91 148.45
CA SER LC 249 53.07 -9.11 148.22
C SER LC 249 53.76 -9.43 146.91
N LEU LC 250 53.47 -10.58 146.29
CA LEU LC 250 53.93 -10.81 144.93
C LEU LC 250 53.26 -9.84 143.96
N GLN LC 251 51.95 -9.63 144.13
CA GLN LC 251 51.21 -8.59 143.44
C GLN LC 251 50.49 -7.77 144.50
N GLY LC 252 49.72 -6.79 144.04
CA GLY LC 252 49.01 -5.91 144.95
C GLY LC 252 47.59 -6.34 145.21
N ARG LC 253 47.31 -7.63 145.00
CA ARG LC 253 45.96 -8.15 145.13
C ARG LC 253 45.54 -8.19 146.59
N ILE LC 254 44.54 -7.40 146.95
CA ILE LC 254 43.98 -7.44 148.29
C ILE LC 254 42.56 -7.94 148.17
N LEU LC 255 42.35 -9.20 148.56
CA LEU LC 255 41.03 -9.81 148.54
C LEU LC 255 40.28 -9.45 149.81
N THR LC 256 38.99 -9.16 149.66
CA THR LC 256 38.18 -8.68 150.77
C THR LC 256 37.14 -9.71 151.17
N SER LC 257 36.44 -9.40 152.25
CA SER LC 257 35.21 -10.10 152.60
C SER LC 257 34.04 -9.64 151.74
N SER LC 258 34.21 -8.57 150.96
CA SER LC 258 33.20 -8.10 150.03
C SER LC 258 33.23 -8.86 148.70
N GLY LC 259 34.09 -9.87 148.58
CA GLY LC 259 34.15 -10.61 147.33
C GLY LC 259 34.82 -9.87 146.21
N GLN LC 260 35.63 -8.86 146.53
CA GLN LC 260 36.31 -8.06 145.52
C GLN LC 260 37.77 -7.92 145.89
N VAL LC 261 38.56 -7.58 144.89
CA VAL LC 261 39.99 -7.32 145.07
C VAL LC 261 40.20 -5.83 144.92
N ILE LC 262 41.28 -5.34 145.53
CA ILE LC 262 41.73 -3.97 145.36
C ILE LC 262 43.22 -4.01 145.06
N LYS LC 263 43.64 -3.22 144.06
CA LYS LC 263 45.02 -3.15 143.61
C LYS LC 263 45.36 -1.69 143.40
N PHE LC 264 46.48 -1.43 142.71
CA PHE LC 264 46.91 -0.07 142.43
C PHE LC 264 45.98 0.62 141.44
N SER LC 265 46.08 1.95 141.39
CA SER LC 265 45.37 2.75 140.41
C SER LC 265 46.28 3.07 139.24
N GLN LC 266 45.69 3.18 138.05
CA GLN LC 266 46.44 3.45 136.84
C GLN LC 266 46.92 4.91 136.78
N CYS MC 42 28.57 137.54 -62.93
CA CYS MC 42 28.42 136.18 -63.45
C CYS MC 42 26.95 135.80 -63.58
N PHE MC 43 26.44 135.07 -62.60
CA PHE MC 43 25.06 134.57 -62.67
C PHE MC 43 24.57 134.28 -61.26
N HIS MC 44 23.37 134.74 -60.94
CA HIS MC 44 22.75 134.40 -59.67
C HIS MC 44 21.96 133.13 -59.82
N PRO MC 45 22.28 132.08 -59.05
CA PRO MC 45 21.53 130.82 -59.11
C PRO MC 45 20.05 130.96 -58.76
N PRO MC 46 19.64 131.90 -57.86
CA PRO MC 46 18.17 132.08 -57.86
C PRO MC 46 17.64 132.95 -59.00
N TYR MC 47 17.56 132.33 -60.18
CA TYR MC 47 16.87 132.84 -61.38
C TYR MC 47 17.45 134.14 -61.93
N ASN MC 48 18.67 134.49 -61.50
CA ASN MC 48 19.40 135.68 -61.97
C ASN MC 48 18.62 136.97 -61.74
N ASN MC 49 17.78 137.00 -60.69
CA ASN MC 49 16.84 138.09 -60.39
C ASN MC 49 15.95 138.43 -61.59
N PHE MC 50 15.56 137.40 -62.34
CA PHE MC 50 14.73 137.51 -63.55
C PHE MC 50 15.34 138.46 -64.57
N GLN MC 51 16.60 138.38 -64.74
CA GLN MC 51 17.31 139.06 -65.80
C GLN MC 51 17.68 138.05 -66.89
N PRO MC 52 17.71 138.47 -68.15
CA PRO MC 52 18.17 137.58 -69.21
C PRO MC 52 19.64 137.20 -69.04
N ASP MC 53 19.97 135.98 -69.48
CA ASP MC 53 21.28 135.41 -69.21
C ASP MC 53 22.35 135.98 -70.14
N ARG MC 54 23.56 136.11 -69.59
CA ARG MC 54 24.71 136.62 -70.30
C ARG MC 54 25.74 135.49 -70.35
N ARG MC 55 25.64 134.65 -71.38
CA ARG MC 55 26.44 133.44 -71.45
C ARG MC 55 27.60 133.53 -72.42
N ALA MC 56 27.34 134.04 -73.63
CA ALA MC 56 28.37 134.07 -74.67
C ALA MC 56 29.51 135.01 -74.32
N VAL MC 57 29.22 136.08 -73.56
CA VAL MC 57 30.24 137.03 -73.17
C VAL MC 57 31.24 136.38 -72.22
N LYS MC 58 30.75 135.70 -71.19
CA LYS MC 58 31.67 135.02 -70.29
C LYS MC 58 32.30 133.79 -70.93
N ARG MC 59 31.64 133.19 -71.91
CA ARG MC 59 32.25 132.06 -72.61
C ARG MC 59 33.43 132.50 -73.46
N VAL MC 60 33.29 133.60 -74.21
CA VAL MC 60 34.43 134.07 -74.96
C VAL MC 60 35.46 134.71 -74.04
N GLY MC 61 35.05 135.18 -72.86
CA GLY MC 61 36.03 135.66 -71.89
C GLY MC 61 36.91 134.54 -71.35
N VAL MC 62 36.31 133.41 -70.99
CA VAL MC 62 37.11 132.29 -70.51
C VAL MC 62 37.80 131.56 -71.66
N ASP MC 63 37.35 131.76 -72.91
CA ASP MC 63 38.10 131.24 -74.04
C ASP MC 63 39.35 132.07 -74.30
N THR MC 64 39.23 133.39 -74.25
CA THR MC 64 40.37 134.26 -74.48
C THR MC 64 41.29 134.37 -73.26
N GLY MC 65 40.85 133.91 -72.10
CA GLY MC 65 41.69 133.93 -70.91
C GLY MC 65 42.83 132.94 -70.95
N GLY MC 88 40.87 130.82 -78.37
CA GLY MC 88 40.64 131.87 -79.34
C GLY MC 88 39.24 132.44 -79.31
N GLY MC 89 39.10 133.68 -79.78
CA GLY MC 89 37.80 134.31 -79.83
C GLY MC 89 36.86 133.66 -80.82
N THR MC 90 37.39 133.25 -81.98
CA THR MC 90 36.56 132.61 -83.00
C THR MC 90 36.10 131.23 -82.56
N VAL MC 91 36.99 130.44 -81.94
CA VAL MC 91 36.57 129.14 -81.45
C VAL MC 91 35.64 129.29 -80.25
N GLY MC 92 35.79 130.36 -79.47
CA GLY MC 92 34.83 130.63 -78.42
C GLY MC 92 33.46 130.99 -78.95
N LEU MC 93 33.40 131.81 -80.01
CA LEU MC 93 32.13 132.17 -80.62
C LEU MC 93 31.46 130.95 -81.25
N VAL MC 94 32.21 130.11 -81.94
CA VAL MC 94 31.57 128.97 -82.59
C VAL MC 94 31.19 127.90 -81.56
N ALA MC 95 31.92 127.81 -80.44
CA ALA MC 95 31.53 126.90 -79.38
C ALA MC 95 30.26 127.39 -78.69
N SER MC 96 30.15 128.69 -78.49
CA SER MC 96 28.93 129.26 -77.93
C SER MC 96 27.75 129.08 -78.86
N ILE MC 97 27.96 129.26 -80.17
CA ILE MC 97 26.85 129.12 -81.10
C ILE MC 97 26.48 127.66 -81.33
N TYR MC 98 27.40 126.73 -81.05
CA TYR MC 98 27.02 125.33 -81.06
C TYR MC 98 26.26 124.97 -79.79
N ARG MC 99 26.68 125.53 -78.65
CA ARG MC 99 26.09 125.13 -77.38
C ARG MC 99 24.71 125.74 -77.16
N ASP MC 100 24.48 126.98 -77.61
CA ASP MC 100 23.18 127.60 -77.40
C ASP MC 100 22.20 127.31 -78.55
N SER MC 101 22.61 126.49 -79.50
CA SER MC 101 21.76 126.13 -80.63
C SER MC 101 20.57 125.29 -80.16
N LYS MC 102 19.54 125.26 -81.01
CA LYS MC 102 18.24 124.70 -80.62
C LYS MC 102 18.33 123.19 -80.37
N ARG MC 103 19.10 122.48 -81.20
CA ARG MC 103 19.22 121.04 -81.05
C ARG MC 103 19.95 120.67 -79.77
N LYS MC 104 20.94 121.47 -79.36
CA LYS MC 104 21.61 121.25 -78.08
C LYS MC 104 20.66 121.50 -76.92
N ILE MC 105 19.77 122.49 -77.08
CA ILE MC 105 18.77 122.78 -76.05
C ILE MC 105 17.80 121.61 -75.91
N ILE MC 106 17.39 121.03 -77.03
CA ILE MC 106 16.47 119.89 -77.00
C ILE MC 106 17.15 118.66 -76.40
N ARG MC 107 18.44 118.48 -76.70
CA ARG MC 107 19.19 117.39 -76.08
C ARG MC 107 19.34 117.60 -74.58
N ASP MC 108 19.50 118.85 -74.14
CA ASP MC 108 19.55 119.14 -72.72
C ASP MC 108 18.20 118.89 -72.06
N LEU MC 109 17.12 119.22 -72.74
CA LEU MC 109 15.80 118.95 -72.18
C LEU MC 109 15.49 117.47 -72.14
N GLN MC 110 16.11 116.70 -73.04
CA GLN MC 110 16.00 115.25 -72.97
C GLN MC 110 16.88 114.67 -71.87
N LYS MC 111 18.00 115.32 -71.58
CA LYS MC 111 18.78 114.97 -70.40
C LYS MC 111 17.98 115.21 -69.13
N GLN MC 112 17.29 116.34 -69.08
CA GLN MC 112 16.27 116.54 -68.06
C GLN MC 112 15.10 115.61 -68.31
N ASP MC 113 14.23 115.49 -67.31
CA ASP MC 113 13.09 114.59 -67.43
C ASP MC 113 11.90 115.27 -68.08
N ILE MC 114 12.14 115.90 -69.23
CA ILE MC 114 11.18 116.80 -69.85
C ILE MC 114 10.96 116.34 -71.28
N GLN MC 115 9.70 116.15 -71.66
CA GLN MC 115 9.39 115.52 -72.94
C GLN MC 115 8.96 116.57 -73.95
N TYR MC 116 9.66 116.63 -75.07
CA TYR MC 116 9.34 117.58 -76.14
C TYR MC 116 8.76 116.82 -77.33
N VAL MC 117 7.62 117.29 -77.81
CA VAL MC 117 6.97 116.69 -78.97
C VAL MC 117 6.75 117.78 -80.02
N GLU MC 118 7.23 117.53 -81.22
CA GLU MC 118 6.99 118.36 -82.38
C GLU MC 118 6.30 117.53 -83.45
N TYR MC 119 5.16 118.00 -83.95
CA TYR MC 119 4.42 117.27 -84.96
C TYR MC 119 3.59 118.25 -85.75
N GLY MC 120 3.77 118.26 -87.07
CA GLY MC 120 3.13 119.23 -87.92
C GLY MC 120 3.67 120.62 -87.64
N ASP MC 121 2.85 121.45 -87.03
CA ASP MC 121 3.29 122.73 -86.50
C ASP MC 121 3.01 122.90 -85.02
N THR MC 122 1.99 122.24 -84.50
CA THR MC 122 1.68 122.31 -83.08
C THR MC 122 2.76 121.59 -82.28
N ARG MC 123 3.28 122.24 -81.24
CA ARG MC 123 4.33 121.62 -80.45
C ARG MC 123 3.96 121.66 -78.97
N THR MC 124 4.48 120.68 -78.23
CA THR MC 124 4.10 120.50 -76.84
C THR MC 124 5.30 120.14 -75.99
N LEU MC 125 5.20 120.53 -74.71
CA LEU MC 125 6.13 120.16 -73.66
C LEU MC 125 5.38 119.45 -72.54
N ILE MC 126 6.03 118.43 -71.98
CA ILE MC 126 5.46 117.61 -70.92
C ILE MC 126 6.40 117.66 -69.72
N ILE MC 127 5.83 118.03 -68.57
CA ILE MC 127 6.58 118.18 -67.32
C ILE MC 127 6.03 117.23 -66.25
N PRO MC 128 6.88 116.55 -65.48
CA PRO MC 128 6.43 115.78 -64.32
C PRO MC 128 6.29 116.69 -63.10
N THR MC 129 5.07 116.70 -62.54
CA THR MC 129 4.71 117.68 -61.52
C THR MC 129 5.47 117.48 -60.23
N ASP MC 130 5.60 116.22 -59.80
CA ASP MC 130 6.27 115.93 -58.54
C ASP MC 130 7.75 116.23 -58.62
N LYS MC 131 8.38 115.90 -59.74
CA LYS MC 131 9.80 116.16 -59.89
C LYS MC 131 10.10 117.62 -60.13
N TYR MC 132 9.11 118.41 -60.53
CA TYR MC 132 9.35 119.84 -60.72
C TYR MC 132 8.57 120.69 -59.73
N PHE MC 133 8.07 120.12 -58.64
CA PHE MC 133 7.33 120.90 -57.68
C PHE MC 133 7.61 120.39 -56.28
N MET MC 134 7.26 121.22 -55.29
CA MET MC 134 7.11 120.72 -53.93
C MET MC 134 5.89 119.80 -53.85
N PHE MC 135 5.94 118.84 -52.95
CA PHE MC 135 4.94 117.79 -52.92
C PHE MC 135 3.60 118.31 -52.42
N SER MC 136 2.55 118.00 -53.19
CA SER MC 136 1.15 118.22 -52.82
C SER MC 136 0.85 119.68 -52.53
N SER MC 137 1.52 120.57 -53.24
CA SER MC 137 1.41 122.00 -52.99
C SER MC 137 1.76 122.74 -54.26
N PRO MC 138 1.25 123.94 -54.46
CA PRO MC 138 1.64 124.70 -55.65
C PRO MC 138 2.95 125.46 -55.50
N ARG MC 139 3.76 125.11 -54.51
CA ARG MC 139 5.09 125.68 -54.40
C ARG MC 139 6.01 125.03 -55.41
N LEU MC 140 6.66 125.85 -56.22
CA LEU MC 140 7.60 125.34 -57.20
C LEU MC 140 8.91 124.97 -56.53
N ASN MC 141 9.38 123.75 -56.76
CA ASN MC 141 10.68 123.37 -56.26
C ASN MC 141 11.78 124.05 -57.07
N GLU MC 142 12.83 124.47 -56.39
CA GLU MC 142 13.88 125.26 -57.02
C GLU MC 142 15.10 124.45 -57.38
N ILE MC 143 15.01 123.12 -57.36
CA ILE MC 143 16.17 122.33 -57.76
C ILE MC 143 16.36 122.38 -59.27
N CYS MC 144 15.27 122.46 -60.03
CA CYS MC 144 15.32 122.33 -61.48
C CYS MC 144 15.38 123.68 -62.19
N TYR MC 145 16.03 124.65 -61.55
CA TYR MC 145 16.26 125.93 -62.20
C TYR MC 145 17.10 125.89 -63.50
N PRO MC 146 18.06 124.97 -63.73
CA PRO MC 146 18.62 124.92 -65.10
C PRO MC 146 17.61 124.50 -66.13
N GLY MC 147 16.70 123.60 -65.76
CA GLY MC 147 15.61 123.25 -66.65
C GLY MC 147 14.70 124.42 -66.92
N LEU MC 148 14.46 125.25 -65.90
CA LEU MC 148 13.64 126.45 -66.10
C LEU MC 148 14.33 127.45 -67.01
N ASN MC 149 15.64 127.63 -66.85
CA ASN MC 149 16.39 128.53 -67.72
C ASN MC 149 16.38 128.05 -69.16
N ASN MC 150 16.50 126.75 -69.35
CA ASN MC 150 16.40 126.18 -70.68
C ASN MC 150 15.00 126.33 -71.25
N VAL MC 151 13.98 126.26 -70.40
CA VAL MC 151 12.60 126.46 -70.85
C VAL MC 151 12.42 127.88 -71.37
N ILE MC 152 12.93 128.86 -70.64
CA ILE MC 152 12.82 130.25 -71.07
C ILE MC 152 13.60 130.49 -72.36
N ARG MC 153 14.81 129.92 -72.45
CA ARG MC 153 15.61 130.07 -73.66
C ARG MC 153 14.96 129.41 -74.86
N LEU MC 154 14.28 128.28 -74.66
CA LEU MC 154 13.56 127.65 -75.76
C LEU MC 154 12.36 128.48 -76.18
N LEU MC 155 11.61 129.00 -75.21
CA LEU MC 155 10.41 129.76 -75.55
C LEU MC 155 10.72 131.14 -76.11
N ASN MC 156 11.98 131.58 -76.03
CA ASN MC 156 12.39 132.77 -76.78
C ASN MC 156 12.23 132.63 -78.29
N PHE MC 157 12.25 131.40 -78.82
CA PHE MC 157 12.34 131.23 -80.26
C PHE MC 157 11.02 131.46 -80.98
N TYR MC 158 9.89 131.41 -80.30
CA TYR MC 158 8.59 131.54 -80.96
C TYR MC 158 7.82 132.66 -80.26
N PRO MC 159 8.17 133.91 -80.53
CA PRO MC 159 7.62 135.01 -79.76
C PRO MC 159 6.32 135.56 -80.30
N GLN MC 160 5.65 134.83 -81.18
CA GLN MC 160 4.44 135.36 -81.81
C GLN MC 160 3.18 134.57 -81.49
N SER MC 161 3.26 133.26 -81.34
CA SER MC 161 2.07 132.46 -81.20
C SER MC 161 1.54 132.49 -79.77
N THR MC 162 0.22 132.31 -79.65
CA THR MC 162 -0.38 132.14 -78.34
C THR MC 162 -0.05 130.78 -77.76
N ILE MC 163 -0.20 130.66 -76.44
CA ILE MC 163 0.16 129.46 -75.71
C ILE MC 163 -1.06 128.97 -74.94
N TYR MC 164 -1.21 127.65 -74.84
CA TYR MC 164 -2.11 127.03 -73.88
C TYR MC 164 -1.29 126.21 -72.92
N VAL MC 165 -1.68 126.23 -71.64
CA VAL MC 165 -1.04 125.41 -70.61
C VAL MC 165 -2.12 124.74 -69.78
N ALA MC 166 -1.87 123.48 -69.42
CA ALA MC 166 -2.86 122.69 -68.71
C ALA MC 166 -2.20 121.83 -67.65
N GLY MC 167 -2.99 121.47 -66.66
CA GLY MC 167 -2.53 120.63 -65.57
C GLY MC 167 -3.37 119.38 -65.44
N PHE MC 168 -2.73 118.26 -65.10
CA PHE MC 168 -3.41 116.98 -64.97
C PHE MC 168 -2.83 116.20 -63.80
N THR MC 169 -3.67 115.34 -63.22
CA THR MC 169 -3.28 114.54 -62.08
C THR MC 169 -3.91 113.16 -62.20
N ASP MC 170 -3.86 112.40 -61.11
CA ASP MC 170 -4.28 111.00 -61.07
C ASP MC 170 -5.76 110.91 -60.68
N ASN MC 171 -6.20 109.70 -60.32
CA ASN MC 171 -7.61 109.41 -60.12
C ASN MC 171 -8.06 109.56 -58.68
N VAL MC 172 -7.16 109.51 -57.73
CA VAL MC 172 -7.50 109.31 -56.33
C VAL MC 172 -7.81 110.66 -55.70
N GLY MC 173 -8.92 110.74 -54.96
CA GLY MC 173 -9.26 111.91 -54.18
C GLY MC 173 -10.60 112.49 -54.58
N SER MC 174 -10.93 113.61 -53.93
CA SER MC 174 -12.15 114.32 -54.26
C SER MC 174 -12.03 114.97 -55.63
N ARG MC 175 -13.17 115.02 -56.33
CA ARG MC 175 -13.23 115.67 -57.63
C ARG MC 175 -12.93 117.16 -57.51
N SER MC 176 -13.55 117.81 -56.54
CA SER MC 176 -13.35 119.24 -56.31
C SER MC 176 -11.93 119.53 -55.87
N HIS MC 177 -11.38 118.70 -54.99
CA HIS MC 177 -10.00 118.86 -54.54
C HIS MC 177 -9.04 118.71 -55.70
N LYS MC 178 -9.27 117.72 -56.56
CA LYS MC 178 -8.39 117.48 -57.69
C LYS MC 178 -8.42 118.63 -58.68
N ARG MC 179 -9.62 119.13 -59.00
CA ARG MC 179 -9.69 120.20 -59.99
C ARG MC 179 -9.17 121.52 -59.42
N LYS MC 180 -9.34 121.76 -58.11
CA LYS MC 180 -8.79 122.96 -57.51
C LYS MC 180 -7.27 122.91 -57.48
N LEU MC 181 -6.70 121.73 -57.16
CA LEU MC 181 -5.25 121.60 -57.19
C LEU MC 181 -4.71 121.73 -58.60
N SER MC 182 -5.46 121.24 -59.59
CA SER MC 182 -5.05 121.38 -60.97
C SER MC 182 -5.01 122.83 -61.40
N GLN MC 183 -6.04 123.59 -61.04
CA GLN MC 183 -6.08 125.01 -61.40
C GLN MC 183 -4.98 125.78 -60.69
N ALA MC 184 -4.68 125.40 -59.44
CA ALA MC 184 -3.59 126.03 -58.71
C ALA MC 184 -2.23 125.76 -59.38
N GLN MC 185 -1.99 124.51 -59.75
CA GLN MC 185 -0.73 124.15 -60.38
C GLN MC 185 -0.56 124.84 -61.72
N ALA MC 186 -1.62 124.87 -62.52
CA ALA MC 186 -1.56 125.51 -63.83
C ALA MC 186 -1.36 127.01 -63.71
N GLU MC 187 -2.00 127.63 -62.71
CA GLU MC 187 -1.86 129.07 -62.55
C GLU MC 187 -0.46 129.42 -62.06
N THR MC 188 0.14 128.58 -61.22
CA THR MC 188 1.52 128.82 -60.82
C THR MC 188 2.47 128.72 -62.00
N MET MC 189 2.24 127.73 -62.87
CA MET MC 189 3.06 127.60 -64.07
C MET MC 189 2.92 128.82 -64.98
N MET MC 190 1.69 129.31 -65.15
CA MET MC 190 1.49 130.44 -66.05
C MET MC 190 2.01 131.74 -65.45
N THR MC 191 2.06 131.83 -64.11
CA THR MC 191 2.65 133.03 -63.53
C THR MC 191 4.16 133.02 -63.66
N PHE MC 192 4.78 131.84 -63.54
CA PHE MC 192 6.20 131.77 -63.82
C PHE MC 192 6.49 132.05 -65.29
N LEU MC 193 5.58 131.67 -66.17
CA LEU MC 193 5.70 132.07 -67.57
C LEU MC 193 5.60 133.58 -67.73
N TRP MC 194 4.68 134.20 -67.01
CA TRP MC 194 4.51 135.65 -67.09
C TRP MC 194 5.67 136.41 -66.46
N ALA MC 195 6.44 135.74 -65.60
CA ALA MC 195 7.56 136.36 -64.92
C ALA MC 195 8.68 136.80 -65.84
N ASN MC 196 8.70 136.37 -67.10
CA ASN MC 196 9.79 136.77 -67.97
C ASN MC 196 9.29 137.48 -69.21
N GLY MC 197 8.36 138.41 -69.05
CA GLY MC 197 8.04 139.37 -70.08
C GLY MC 197 7.19 138.85 -71.22
N ILE MC 198 6.60 137.69 -71.08
CA ILE MC 198 5.73 137.16 -72.12
C ILE MC 198 4.39 137.88 -72.03
N ALA MC 199 3.78 138.14 -73.18
CA ALA MC 199 2.60 139.00 -73.26
C ALA MC 199 1.40 138.38 -72.56
N ALA MC 200 0.65 139.23 -71.86
CA ALA MC 200 -0.43 138.76 -71.01
C ALA MC 200 -1.61 138.23 -71.80
N LYS MC 201 -1.88 138.81 -72.97
CA LYS MC 201 -2.99 138.32 -73.78
C LYS MC 201 -2.68 136.99 -74.45
N ARG MC 202 -1.41 136.64 -74.56
CA ARG MC 202 -1.01 135.40 -75.22
C ARG MC 202 -0.98 134.21 -74.27
N LEU MC 203 -1.72 134.26 -73.17
CA LEU MC 203 -1.65 133.20 -72.19
C LEU MC 203 -3.04 132.86 -71.66
N LYS MC 204 -3.37 131.57 -71.68
CA LYS MC 204 -4.59 131.05 -71.09
C LYS MC 204 -4.27 129.72 -70.44
N ALA MC 205 -4.66 129.56 -69.18
CA ALA MC 205 -4.29 128.40 -68.40
C ALA MC 205 -5.54 127.60 -68.03
N GLU MC 206 -5.35 126.29 -67.87
CA GLU MC 206 -6.45 125.42 -67.50
C GLU MC 206 -5.93 124.21 -66.76
N GLY MC 207 -6.55 123.90 -65.64
CA GLY MC 207 -6.20 122.68 -64.93
C GLY MC 207 -7.34 121.70 -64.92
N TYR MC 208 -7.21 120.64 -65.69
CA TYR MC 208 -8.25 119.61 -65.72
C TYR MC 208 -7.97 118.57 -64.67
N GLY MC 209 -8.97 117.75 -64.39
CA GLY MC 209 -8.83 116.73 -63.38
C GLY MC 209 -8.19 115.50 -63.96
N ASP MC 210 -8.91 114.39 -63.91
CA ASP MC 210 -8.44 113.12 -64.43
C ASP MC 210 -9.26 112.67 -65.63
N LYS MC 211 -9.67 113.63 -66.47
CA LYS MC 211 -10.60 113.33 -67.55
C LYS MC 211 -9.94 112.53 -68.66
N ASN MC 212 -8.75 112.93 -69.08
CA ASN MC 212 -8.08 112.31 -70.22
C ASN MC 212 -6.72 111.82 -69.76
N ALA MC 213 -6.70 110.62 -69.19
CA ALA MC 213 -5.46 110.03 -68.75
C ALA MC 213 -4.75 109.38 -69.92
N ILE MC 214 -3.46 109.69 -70.07
CA ILE MC 214 -2.64 109.13 -71.13
C ILE MC 214 -2.05 107.79 -70.72
N SER MC 215 -2.42 107.27 -69.56
CA SER MC 215 -1.97 105.98 -69.09
C SER MC 215 -2.98 105.47 -68.07
N ASP MC 216 -2.88 104.18 -67.76
CA ASP MC 216 -3.80 103.56 -66.83
C ASP MC 216 -3.55 104.01 -65.40
N ASN MC 217 -4.63 104.30 -64.68
CA ASN MC 217 -4.55 104.70 -63.28
C ASN MC 217 -4.52 103.52 -62.32
N ALA MC 218 -4.83 102.32 -62.78
CA ALA MC 218 -4.82 101.14 -61.93
C ALA MC 218 -3.46 100.48 -61.81
N ILE MC 219 -2.43 101.04 -62.45
CA ILE MC 219 -1.07 100.57 -62.24
C ILE MC 219 -0.25 101.72 -61.65
N ILE MC 220 0.79 101.36 -60.92
CA ILE MC 220 1.52 102.36 -60.13
C ILE MC 220 2.34 103.27 -61.03
N HIS MC 221 2.95 102.74 -62.08
CA HIS MC 221 3.84 103.57 -62.88
C HIS MC 221 3.05 104.53 -63.77
N GLY MC 222 1.98 104.03 -64.40
CA GLY MC 222 1.13 104.93 -65.16
C GLY MC 222 0.38 105.91 -64.29
N SER MC 223 -0.01 105.46 -63.09
CA SER MC 223 -0.61 106.34 -62.11
C SER MC 223 0.39 107.31 -61.50
N ALA MC 224 1.69 107.12 -61.73
CA ALA MC 224 2.66 108.18 -61.50
C ALA MC 224 2.85 109.06 -62.73
N GLN MC 225 2.74 108.49 -63.91
CA GLN MC 225 3.03 109.24 -65.14
C GLN MC 225 1.97 110.27 -65.43
N ASN MC 226 0.71 109.98 -65.11
CA ASN MC 226 -0.38 110.84 -65.55
C ASN MC 226 -0.43 112.17 -64.81
N ARG MC 227 0.26 112.32 -63.67
CA ARG MC 227 0.38 113.62 -63.03
C ARG MC 227 1.31 114.48 -63.86
N ARG MC 228 0.75 115.28 -64.77
CA ARG MC 228 1.55 115.88 -65.81
C ARG MC 228 1.19 117.35 -65.97
N ILE MC 229 2.10 118.08 -66.60
CA ILE MC 229 1.90 119.46 -66.99
C ILE MC 229 2.07 119.53 -68.50
N GLU MC 230 1.06 120.05 -69.18
CA GLU MC 230 1.01 120.11 -70.64
C GLU MC 230 1.20 121.55 -71.09
N ILE MC 231 2.03 121.74 -72.11
CA ILE MC 231 2.22 123.05 -72.74
C ILE MC 231 2.05 122.87 -74.24
N GLN MC 232 1.04 123.50 -74.81
CA GLN MC 232 0.84 123.48 -76.26
C GLN MC 232 1.04 124.88 -76.80
N TRP MC 233 1.67 124.98 -77.98
CA TRP MC 233 1.66 126.25 -78.68
C TRP MC 233 1.71 126.03 -80.18
N PHE MC 234 1.13 127.00 -80.89
CA PHE MC 234 0.94 126.99 -82.33
C PHE MC 234 2.10 127.69 -83.04
N THR MC 235 1.90 127.98 -84.31
CA THR MC 235 2.81 128.81 -85.09
C THR MC 235 2.18 130.13 -85.50
N SER MC 236 0.99 130.10 -86.07
CA SER MC 236 0.29 131.32 -86.45
C SER MC 236 -0.99 131.49 -85.65
N LEU NC 113 -23.63 171.95 -79.02
CA LEU NC 113 -23.90 171.37 -77.71
C LEU NC 113 -23.21 170.02 -77.57
N ASN NC 114 -22.00 169.90 -78.11
CA ASN NC 114 -21.26 168.64 -78.06
C ASN NC 114 -19.80 168.79 -77.68
N ARG NC 115 -19.24 170.00 -77.68
CA ARG NC 115 -17.82 170.18 -77.40
C ARG NC 115 -17.64 171.42 -76.57
N PHE NC 116 -16.74 171.36 -75.60
CA PHE NC 116 -16.41 172.52 -74.78
C PHE NC 116 -14.93 172.53 -74.49
N ARG NC 117 -14.24 173.55 -75.00
CA ARG NC 117 -12.81 173.73 -74.77
C ARG NC 117 -12.64 175.04 -74.03
N TYR NC 118 -12.24 174.95 -72.76
CA TYR NC 118 -12.15 176.11 -71.88
C TYR NC 118 -10.68 176.36 -71.55
N GLU NC 119 -10.17 177.48 -72.06
CA GLU NC 119 -8.78 177.88 -71.88
C GLU NC 119 -8.76 179.35 -71.53
N GLY NC 120 -8.01 179.71 -70.48
CA GLY NC 120 -7.91 181.11 -70.12
C GLY NC 120 -8.25 181.42 -68.67
N ALA NC 121 -8.29 180.39 -67.83
CA ALA NC 121 -8.37 180.47 -66.37
C ALA NC 121 -9.64 181.20 -65.91
N GLY NC 122 -10.77 180.56 -66.20
CA GLY NC 122 -12.04 181.06 -65.71
C GLY NC 122 -12.80 179.99 -64.95
N VAL NC 123 -14.07 180.25 -64.66
CA VAL NC 123 -14.92 179.36 -63.89
C VAL NC 123 -16.08 178.91 -64.78
N VAL NC 124 -16.31 177.61 -64.81
CA VAL NC 124 -17.48 177.01 -65.45
C VAL NC 124 -18.30 176.30 -64.39
N THR NC 125 -19.59 176.58 -64.33
CA THR NC 125 -20.52 175.90 -63.43
C THR NC 125 -21.69 175.39 -64.24
N GLY NC 126 -22.05 174.13 -64.08
CA GLY NC 126 -23.11 173.55 -64.87
C GLY NC 126 -23.75 172.37 -64.19
N ASN NC 127 -25.01 172.11 -64.55
CA ASN NC 127 -25.75 170.94 -64.10
C ASN NC 127 -26.88 170.68 -65.08
N ASN NC 128 -27.43 169.46 -64.99
CA ASN NC 128 -28.58 168.99 -65.78
C ASN NC 128 -28.27 169.03 -67.29
N LEU NC 129 -27.31 168.22 -67.70
CA LEU NC 129 -26.95 168.06 -69.10
C LEU NC 129 -27.22 166.61 -69.50
N ARG NC 130 -28.35 166.38 -70.16
CA ARG NC 130 -28.69 165.04 -70.66
C ARG NC 130 -28.06 164.89 -72.03
N THR NC 131 -26.85 164.34 -72.06
CA THR NC 131 -26.05 164.29 -73.28
C THR NC 131 -25.69 162.85 -73.62
N SER NC 132 -25.86 162.50 -74.90
CA SER NC 132 -25.38 161.20 -75.37
C SER NC 132 -23.86 161.15 -75.35
N TYR NC 133 -23.21 162.17 -75.89
CA TYR NC 133 -21.76 162.27 -75.86
C TYR NC 133 -21.38 163.73 -76.00
N LEU NC 134 -20.39 164.16 -75.21
CA LEU NC 134 -19.73 165.44 -75.40
C LEU NC 134 -18.26 165.29 -75.06
N ASP NC 135 -17.47 166.24 -75.56
CA ASP NC 135 -16.03 166.23 -75.34
C ASP NC 135 -15.60 167.50 -74.61
N LEU NC 136 -14.61 167.36 -73.74
CA LEU NC 136 -14.14 168.44 -72.89
C LEU NC 136 -12.64 168.62 -73.07
N TYR NC 137 -12.20 169.88 -73.13
CA TYR NC 137 -10.79 170.22 -73.22
C TYR NC 137 -10.54 171.36 -72.24
N LEU NC 138 -10.12 171.01 -71.03
CA LEU NC 138 -9.88 171.98 -69.97
C LEU NC 138 -8.40 172.33 -69.92
N ALA NC 139 -8.09 173.61 -69.71
CA ALA NC 139 -6.70 174.01 -69.59
C ALA NC 139 -6.54 175.18 -68.65
N ASN NC 140 -5.37 175.24 -68.01
CA ASN NC 140 -4.84 176.41 -67.30
C ASN NC 140 -5.77 176.84 -66.16
N GLU NC 141 -5.87 175.95 -65.16
CA GLU NC 141 -6.61 176.13 -63.89
C GLU NC 141 -8.05 176.62 -64.11
N GLY NC 142 -8.68 176.14 -65.18
CA GLY NC 142 -10.09 176.41 -65.39
C GLY NC 142 -10.93 175.67 -64.37
N THR NC 143 -11.51 176.40 -63.42
CA THR NC 143 -12.22 175.78 -62.31
C THR NC 143 -13.60 175.34 -62.80
N THR NC 144 -13.83 174.03 -62.84
CA THR NC 144 -15.01 173.46 -63.46
C THR NC 144 -15.82 172.68 -62.43
N ARG NC 145 -17.11 172.98 -62.34
CA ARG NC 145 -18.03 172.28 -61.45
C ARG NC 145 -19.20 171.76 -62.27
N LEU NC 146 -19.47 170.46 -62.17
CA LEU NC 146 -20.56 169.83 -62.90
C LEU NC 146 -21.42 169.03 -61.93
N ALA NC 147 -22.73 169.13 -62.09
CA ALA NC 147 -23.68 168.44 -61.23
C ALA NC 147 -24.83 167.86 -62.06
N GLY NC 148 -24.51 167.22 -63.18
CA GLY NC 148 -25.53 166.62 -64.01
C GLY NC 148 -25.30 165.15 -64.29
N ASN NC 149 -26.02 164.59 -65.27
CA ASN NC 149 -25.88 163.20 -65.68
C ASN NC 149 -25.23 163.20 -67.06
N ILE NC 150 -23.91 163.24 -67.08
CA ILE NC 150 -23.16 163.56 -68.29
C ILE NC 150 -22.77 162.27 -68.98
N GLY NC 151 -23.00 162.22 -70.30
CA GLY NC 151 -22.47 161.16 -71.14
C GLY NC 151 -21.28 161.69 -71.92
N LEU NC 152 -20.16 160.98 -71.81
CA LEU NC 152 -18.94 161.37 -72.49
C LEU NC 152 -18.07 160.14 -72.70
N GLN NC 153 -17.11 160.28 -73.62
CA GLN NC 153 -16.08 159.27 -73.84
C GLN NC 153 -14.68 159.83 -73.70
N LYS NC 154 -14.42 161.01 -74.23
CA LYS NC 154 -13.07 161.57 -74.27
C LYS NC 154 -13.04 162.92 -73.58
N LEU NC 155 -11.97 163.15 -72.81
CA LEU NC 155 -11.71 164.47 -72.26
C LEU NC 155 -10.21 164.65 -72.15
N GLU NC 156 -9.78 165.91 -72.19
CA GLU NC 156 -8.35 166.24 -72.16
C GLU NC 156 -8.15 167.46 -71.26
N ALA NC 157 -7.34 167.29 -70.22
CA ALA NC 157 -6.97 168.38 -69.33
C ALA NC 157 -5.47 168.63 -69.46
N VAL NC 158 -5.11 169.91 -69.63
CA VAL NC 158 -3.70 170.25 -69.81
C VAL NC 158 -2.93 170.04 -68.50
N GLY NC 159 -3.47 170.54 -67.40
CA GLY NC 159 -2.85 170.31 -66.11
C GLY NC 159 -3.07 171.48 -65.17
N ASN NC 160 -2.77 171.22 -63.89
CA ASN NC 160 -2.85 172.19 -62.79
C ASN NC 160 -4.26 172.76 -62.65
N GLY NC 161 -5.27 171.91 -62.83
CA GLY NC 161 -6.64 172.31 -62.74
C GLY NC 161 -7.42 171.47 -61.73
N VAL NC 162 -8.66 171.87 -61.48
CA VAL NC 162 -9.52 171.22 -60.52
C VAL NC 162 -10.84 170.88 -61.19
N THR NC 163 -11.37 169.71 -60.88
CA THR NC 163 -12.58 169.22 -61.54
C THR NC 163 -13.46 168.50 -60.52
N GLN NC 164 -14.74 168.86 -60.50
CA GLN NC 164 -15.76 168.14 -59.75
C GLN NC 164 -16.90 167.82 -60.69
N ILE NC 165 -17.08 166.54 -61.01
CA ILE NC 165 -18.18 166.06 -61.83
C ILE NC 165 -18.89 164.98 -61.05
N ASN NC 166 -20.20 165.13 -60.89
CA ASN NC 166 -21.01 164.23 -60.07
C ASN NC 166 -22.01 163.51 -60.99
N GLY NC 167 -21.57 162.39 -61.57
CA GLY NC 167 -22.47 161.56 -62.35
C GLY NC 167 -22.19 161.51 -63.83
N VAL NC 168 -21.50 160.44 -64.25
CA VAL NC 168 -21.18 160.20 -65.66
C VAL NC 168 -21.68 158.82 -66.02
N SER NC 169 -22.54 158.75 -67.02
CA SER NC 169 -22.97 157.48 -67.60
C SER NC 169 -22.18 157.29 -68.89
N SER NC 170 -21.09 156.52 -68.79
CA SER NC 170 -20.23 156.27 -69.94
C SER NC 170 -20.11 154.77 -70.13
N ARG NC 171 -20.55 154.29 -71.28
CA ARG NC 171 -20.30 152.91 -71.66
C ARG NC 171 -18.87 152.71 -72.13
N ASN NC 172 -18.18 153.79 -72.49
CA ASN NC 172 -16.77 153.70 -72.84
C ASN NC 172 -16.09 155.00 -72.46
N LEU NC 173 -14.78 154.92 -72.26
CA LEU NC 173 -14.01 156.09 -71.87
C LEU NC 173 -12.55 155.88 -72.24
N GLN NC 174 -11.84 157.00 -72.36
CA GLN NC 174 -10.40 156.99 -72.59
C GLN NC 174 -9.85 158.34 -72.16
N ILE NC 175 -8.87 158.33 -71.26
CA ILE NC 175 -8.26 159.56 -70.74
C ILE NC 175 -6.75 159.48 -70.93
N VAL NC 176 -6.16 160.60 -71.35
CA VAL NC 176 -4.72 160.80 -71.25
C VAL NC 176 -4.49 162.20 -70.70
N LEU NC 177 -3.30 162.40 -70.13
CA LEU NC 177 -2.94 163.65 -69.50
C LEU NC 177 -1.61 164.13 -70.06
N LYS NC 178 -1.31 165.40 -69.80
CA LYS NC 178 -0.11 166.02 -70.36
C LYS NC 178 0.68 166.76 -69.28
N GLY NC 179 -0.02 167.22 -68.25
CA GLY NC 179 0.63 167.90 -67.15
C GLY NC 179 0.27 167.27 -65.82
N ASP NC 180 0.00 168.11 -64.82
CA ASP NC 180 -0.21 167.65 -63.45
C ASP NC 180 -1.53 168.21 -62.93
N PRO NC 181 -2.66 167.61 -63.30
CA PRO NC 181 -3.95 168.12 -62.84
C PRO NC 181 -4.43 167.47 -61.56
N LYS NC 182 -5.60 167.90 -61.10
CA LYS NC 182 -6.26 167.35 -59.91
C LYS NC 182 -7.72 167.13 -60.29
N VAL NC 183 -8.08 165.88 -60.59
CA VAL NC 183 -9.35 165.57 -61.21
C VAL NC 183 -10.05 164.46 -60.45
N LEU NC 184 -11.34 164.66 -60.19
CA LEU NC 184 -12.19 163.64 -59.58
C LEU NC 184 -13.50 163.60 -60.35
N ILE NC 185 -13.84 162.43 -60.87
CA ILE NC 185 -15.04 162.24 -61.70
C ILE NC 185 -15.88 161.13 -61.09
N SER NC 186 -17.17 161.40 -60.90
CA SER NC 186 -18.09 160.42 -60.34
C SER NC 186 -18.99 159.85 -61.44
N GLY NC 187 -19.46 158.62 -61.19
CA GLY NC 187 -20.38 157.97 -62.12
C GLY NC 187 -20.13 156.47 -62.26
N PHE NC 188 -20.53 155.92 -63.40
CA PHE NC 188 -20.29 154.52 -63.74
C PHE NC 188 -19.58 154.46 -65.08
N VAL NC 189 -18.33 154.01 -65.07
CA VAL NC 189 -17.44 154.12 -66.21
C VAL NC 189 -16.97 152.73 -66.61
N ASN NC 190 -17.20 152.38 -67.87
CA ASN NC 190 -16.63 151.17 -68.47
C ASN NC 190 -15.47 151.57 -69.37
N LEU NC 191 -14.33 151.87 -68.74
CA LEU NC 191 -13.17 152.34 -69.48
C LEU NC 191 -12.30 151.16 -69.91
N ARG NC 192 -11.20 151.48 -70.59
CA ARG NC 192 -10.27 150.46 -71.05
C ARG NC 192 -8.83 150.71 -70.62
N GLN NC 193 -8.36 151.94 -70.69
CA GLN NC 193 -6.93 152.23 -70.61
C GLN NC 193 -6.71 153.46 -69.77
N LEU NC 194 -5.59 153.48 -69.04
CA LEU NC 194 -5.24 154.58 -68.17
C LEU NC 194 -3.73 154.80 -68.21
N ASP NC 195 -3.32 156.04 -68.48
CA ASP NC 195 -1.95 156.38 -68.79
C ASP NC 195 -1.51 157.57 -67.95
N MET NC 196 -0.43 157.41 -67.19
CA MET NC 196 0.07 158.47 -66.31
C MET NC 196 1.55 158.67 -66.53
N TYR NC 197 1.94 159.90 -66.86
CA TYR NC 197 3.32 160.22 -67.24
C TYR NC 197 3.89 161.44 -66.56
N GLY NC 198 3.11 162.20 -65.79
CA GLY NC 198 3.63 163.37 -65.12
C GLY NC 198 3.57 163.27 -63.61
N LYS NC 199 2.72 164.09 -63.00
CA LYS NC 199 2.44 164.07 -61.57
C LYS NC 199 0.95 163.94 -61.35
N GLY NC 200 0.38 162.94 -62.01
CA GLY NC 200 -1.06 162.83 -62.10
C GLY NC 200 -1.71 162.40 -60.80
N THR NC 201 -2.87 162.99 -60.52
CA THR NC 201 -3.68 162.67 -59.36
C THR NC 201 -5.10 162.39 -59.86
N LEU NC 202 -5.66 161.25 -59.44
CA LEU NC 202 -6.94 160.84 -59.98
C LEU NC 202 -7.65 159.91 -58.99
N SER NC 203 -8.94 160.15 -58.81
CA SER NC 203 -9.77 159.30 -57.98
C SER NC 203 -11.15 159.22 -58.59
N LEU NC 204 -11.65 158.01 -58.78
CA LEU NC 204 -12.94 157.80 -59.41
C LEU NC 204 -13.83 156.95 -58.51
N TYR NC 205 -15.14 157.15 -58.63
CA TYR NC 205 -16.05 156.55 -57.65
C TYR NC 205 -16.35 155.09 -57.97
N TRP NC 206 -17.01 154.84 -59.09
CA TRP NC 206 -17.44 153.49 -59.42
C TRP NC 206 -17.10 153.18 -60.87
N ILE NC 207 -16.72 151.95 -61.13
CA ILE NC 207 -16.45 151.46 -62.48
C ILE NC 207 -17.07 150.08 -62.64
N LYS NC 208 -17.67 149.84 -63.80
CA LYS NC 208 -18.20 148.53 -64.17
C LYS NC 208 -17.57 148.16 -65.50
N SER NC 209 -16.39 147.56 -65.43
CA SER NC 209 -15.66 147.16 -66.61
C SER NC 209 -15.20 145.71 -66.46
N ASP NC 210 -14.55 145.22 -67.49
CA ASP NC 210 -14.00 143.88 -67.49
C ASP NC 210 -12.50 143.85 -67.68
N THR NC 211 -11.96 144.68 -68.56
CA THR NC 211 -10.55 144.65 -68.91
C THR NC 211 -9.99 146.05 -68.77
N LEU NC 212 -8.97 146.19 -67.93
CA LEU NC 212 -8.36 147.48 -67.65
C LEU NC 212 -6.85 147.38 -67.74
N THR NC 213 -6.24 148.37 -68.39
CA THR NC 213 -4.79 148.40 -68.55
C THR NC 213 -4.27 149.74 -68.07
N ILE NC 214 -3.40 149.70 -67.05
CA ILE NC 214 -2.94 150.91 -66.38
C ILE NC 214 -1.43 150.95 -66.46
N ARG NC 215 -0.89 152.06 -66.97
CA ARG NC 215 0.55 152.29 -67.04
C ARG NC 215 0.88 153.60 -66.35
N ALA NC 216 1.82 153.55 -65.40
CA ALA NC 216 2.24 154.74 -64.68
C ALA NC 216 3.75 154.82 -64.65
N LYS NC 217 4.28 156.01 -64.97
CA LYS NC 217 5.72 156.17 -65.17
C LYS NC 217 6.39 157.04 -64.10
N LYS NC 218 5.97 158.29 -63.95
CA LYS NC 218 6.78 159.29 -63.26
C LYS NC 218 6.31 159.59 -61.85
N ALA NC 219 5.07 160.03 -61.69
CA ALA NC 219 4.51 160.31 -60.36
C ALA NC 219 3.00 160.27 -60.50
N ALA NC 220 2.36 159.39 -59.75
CA ALA NC 220 0.94 159.19 -59.96
C ALA NC 220 0.29 158.74 -58.66
N LYS NC 221 -0.96 159.17 -58.49
CA LYS NC 221 -1.79 158.74 -57.37
C LYS NC 221 -3.15 158.41 -57.95
N ILE NC 222 -3.61 157.18 -57.73
CA ILE NC 222 -4.87 156.70 -58.29
C ILE NC 222 -5.66 156.00 -57.17
N GLN NC 223 -6.85 156.52 -56.92
CA GLN NC 223 -7.79 155.95 -55.95
C GLN NC 223 -9.05 155.51 -56.69
N LEU NC 224 -9.21 154.20 -56.86
CA LEU NC 224 -10.28 153.65 -57.68
C LEU NC 224 -11.08 152.63 -56.89
N ALA NC 225 -12.37 152.53 -57.21
CA ALA NC 225 -13.24 151.55 -56.59
C ALA NC 225 -14.24 151.05 -57.62
N GLY NC 226 -14.51 149.76 -57.59
CA GLY NC 226 -15.47 149.18 -58.50
C GLY NC 226 -15.16 147.71 -58.74
N ILE NC 227 -15.66 147.21 -59.87
CA ILE NC 227 -15.54 145.80 -60.25
C ILE NC 227 -14.95 145.75 -61.65
N VAL NC 228 -13.79 145.12 -61.78
CA VAL NC 228 -13.14 144.90 -63.07
C VAL NC 228 -12.67 143.44 -63.11
N ASN NC 229 -13.03 142.74 -64.18
CA ASN NC 229 -12.70 141.32 -64.25
C ASN NC 229 -11.20 141.10 -64.44
N ARG NC 230 -10.64 141.61 -65.53
CA ARG NC 230 -9.24 141.40 -65.86
C ARG NC 230 -8.49 142.72 -65.71
N LEU NC 231 -7.43 142.70 -64.92
CA LEU NC 231 -6.74 143.90 -64.49
C LEU NC 231 -5.25 143.76 -64.74
N ASP NC 232 -4.64 144.75 -65.38
CA ASP NC 232 -3.21 144.75 -65.60
C ASP NC 232 -2.63 146.09 -65.18
N VAL NC 233 -1.64 146.06 -64.29
CA VAL NC 233 -1.06 147.25 -63.69
C VAL NC 233 0.45 147.22 -63.88
N GLU NC 234 0.99 148.27 -64.49
CA GLU NC 234 2.43 148.46 -64.63
C GLU NC 234 2.82 149.75 -63.95
N LEU NC 235 3.72 149.66 -62.97
CA LEU NC 235 4.24 150.81 -62.24
C LEU NC 235 5.75 150.88 -62.41
N TRP NC 236 6.26 152.06 -62.78
CA TRP NC 236 7.69 152.23 -63.00
C TRP NC 236 8.42 152.81 -61.79
N ASP NC 237 8.08 154.03 -61.38
CA ASP NC 237 8.76 154.67 -60.26
C ASP NC 237 7.91 155.80 -59.69
N PHE NC 238 7.88 155.86 -58.36
CA PHE NC 238 7.23 156.93 -57.59
C PHE NC 238 5.75 157.07 -57.92
N ALA NC 239 5.11 155.94 -58.16
CA ALA NC 239 3.67 155.90 -58.40
C ALA NC 239 3.03 155.08 -57.30
N GLN NC 240 2.00 155.64 -56.68
CA GLN NC 240 1.29 154.99 -55.59
C GLN NC 240 -0.14 154.78 -56.07
N PHE NC 241 -0.40 153.59 -56.61
CA PHE NC 241 -1.73 153.21 -57.04
C PHE NC 241 -2.37 152.38 -55.94
N LYS NC 242 -3.52 152.84 -55.44
CA LYS NC 242 -4.17 152.17 -54.32
C LYS NC 242 -5.54 151.73 -54.79
N GLY NC 243 -5.64 150.50 -55.30
CA GLY NC 243 -6.93 149.94 -55.63
C GLY NC 243 -7.55 149.24 -54.43
N LYS NC 244 -7.51 149.88 -53.28
CA LYS NC 244 -8.33 149.46 -52.17
C LYS NC 244 -9.79 149.67 -52.55
N TYR NC 245 -10.64 148.71 -52.13
CA TYR NC 245 -12.04 148.61 -52.53
C TYR NC 245 -12.21 148.50 -54.04
N LEU NC 246 -11.24 147.93 -54.72
CA LEU NC 246 -11.33 147.65 -56.15
C LEU NC 246 -11.13 146.15 -56.30
N ARG NC 247 -12.24 145.43 -56.46
CA ARG NC 247 -12.21 143.97 -56.41
C ARG NC 247 -12.09 143.41 -57.83
N ALA NC 248 -11.11 142.54 -58.02
CA ALA NC 248 -10.79 141.99 -59.33
C ALA NC 248 -10.66 140.48 -59.24
N GLN NC 249 -11.32 139.77 -60.15
CA GLN NC 249 -11.22 138.32 -60.19
C GLN NC 249 -9.93 137.85 -60.84
N ARG NC 250 -9.21 138.74 -61.53
CA ARG NC 250 -8.00 138.38 -62.24
C ARG NC 250 -7.07 139.58 -62.27
N SER NC 251 -5.91 139.48 -61.60
CA SER NC 251 -5.04 140.62 -61.41
C SER NC 251 -3.60 140.31 -61.77
N PHE NC 252 -2.96 141.25 -62.49
CA PHE NC 252 -1.55 141.20 -62.83
C PHE NC 252 -0.89 142.50 -62.40
N VAL NC 253 0.17 142.40 -61.60
CA VAL NC 253 0.88 143.58 -61.09
C VAL NC 253 2.36 143.43 -61.40
N LYS NC 254 2.95 144.46 -61.99
CA LYS NC 254 4.40 144.51 -62.23
C LYS NC 254 4.94 145.84 -61.76
N THR NC 255 5.79 145.82 -60.74
CA THR NC 255 6.33 147.04 -60.14
C THR NC 255 7.85 147.06 -60.26
N HIS NC 256 8.37 148.17 -60.77
CA HIS NC 256 9.81 148.42 -60.82
C HIS NC 256 10.19 149.20 -59.57
N ASP NC 257 11.38 149.82 -59.57
CA ASP NC 257 11.93 150.45 -58.37
C ASP NC 257 11.11 151.64 -57.90
N LYS NC 258 10.90 151.70 -56.59
CA LYS NC 258 10.19 152.77 -55.87
C LYS NC 258 8.75 152.92 -56.40
N SER NC 259 7.97 151.87 -56.17
CA SER NC 259 6.57 151.85 -56.57
C SER NC 259 5.72 151.28 -55.45
N VAL NC 260 4.51 151.83 -55.31
CA VAL NC 260 3.58 151.48 -54.25
C VAL NC 260 2.28 151.03 -54.90
N ALA NC 261 1.82 149.84 -54.54
CA ALA NC 261 0.54 149.36 -55.04
C ALA NC 261 -0.23 148.66 -53.95
N GLU NC 262 -1.49 149.04 -53.81
CA GLU NC 262 -2.45 148.35 -52.97
C GLU NC 262 -3.39 147.58 -53.87
N ILE NC 263 -3.48 146.27 -53.65
CA ILE NC 263 -4.15 145.35 -54.57
C ILE NC 263 -5.24 144.63 -53.79
N SER NC 264 -6.44 144.58 -54.37
CA SER NC 264 -7.59 143.98 -53.70
C SER NC 264 -8.22 142.90 -54.55
N ALA NC 265 -7.40 141.98 -55.06
CA ALA NC 265 -7.89 140.92 -55.94
C ALA NC 265 -8.79 139.95 -55.20
N VAL NC 266 -9.59 139.20 -55.97
CA VAL NC 266 -10.56 138.30 -55.38
C VAL NC 266 -10.03 136.87 -55.37
N ASN NC 267 -9.67 136.34 -56.53
CA ASN NC 267 -9.34 134.93 -56.57
C ASN NC 267 -8.01 134.62 -57.24
N HIS NC 268 -7.63 135.38 -58.26
CA HIS NC 268 -6.49 135.05 -59.10
C HIS NC 268 -5.52 136.22 -59.10
N GLN NC 269 -4.34 136.01 -58.51
CA GLN NC 269 -3.39 137.09 -58.29
C GLN NC 269 -2.02 136.72 -58.81
N SER NC 270 -1.42 137.61 -59.60
CA SER NC 270 -0.06 137.45 -60.09
C SER NC 270 0.70 138.74 -59.82
N SER NC 271 1.82 138.63 -59.11
CA SER NC 271 2.53 139.83 -58.65
C SER NC 271 4.03 139.69 -58.82
N LEU NC 272 4.65 140.73 -59.39
CA LEU NC 272 6.09 140.77 -59.56
C LEU NC 272 6.62 142.11 -59.09
N ALA NC 273 7.66 142.08 -58.26
CA ALA NC 273 8.34 143.27 -57.79
C ALA NC 273 9.82 143.15 -58.05
N THR NC 274 10.43 144.20 -58.61
CA THR NC 274 11.87 144.14 -58.89
C THR NC 274 12.68 144.46 -57.63
N ASP NC 275 12.52 145.67 -57.12
CA ASP NC 275 13.32 146.17 -56.01
C ASP NC 275 12.62 147.36 -55.40
N ALA NC 276 12.71 147.48 -54.06
CA ALA NC 276 12.30 148.67 -53.30
C ALA NC 276 10.84 149.05 -53.53
N SER NC 277 10.02 148.06 -53.85
CA SER NC 277 8.64 148.29 -54.27
C SER NC 277 7.72 147.42 -53.43
N ASP NC 278 6.57 147.97 -53.10
CA ASP NC 278 5.66 147.31 -52.16
C ASP NC 278 4.31 147.08 -52.80
N ILE NC 279 3.78 145.89 -52.56
CA ILE NC 279 2.47 145.48 -53.04
C ILE NC 279 1.73 144.88 -51.85
N TYR NC 280 0.66 145.54 -51.42
CA TYR NC 280 -0.08 145.12 -50.24
C TYR NC 280 -1.44 144.61 -50.67
N TYR NC 281 -1.69 143.33 -50.45
CA TYR NC 281 -2.94 142.70 -50.85
C TYR NC 281 -3.92 142.77 -49.69
N TYR NC 282 -5.04 143.45 -49.90
CA TYR NC 282 -6.03 143.65 -48.86
C TYR NC 282 -7.17 142.65 -48.95
N ASN NC 283 -6.91 141.48 -49.50
CA ASN NC 283 -7.86 140.39 -49.48
C ASN NC 283 -7.09 139.09 -49.60
N LEU NC 284 -7.75 138.00 -49.22
CA LEU NC 284 -7.19 136.67 -49.36
C LEU NC 284 -7.75 136.03 -50.62
N SER NC 285 -6.86 135.66 -51.54
CA SER NC 285 -7.27 135.17 -52.85
C SER NC 285 -7.67 133.70 -52.77
N LYS NC 286 -7.95 133.13 -53.93
CA LYS NC 286 -8.01 131.68 -54.08
C LYS NC 286 -6.74 131.12 -54.69
N THR NC 287 -6.14 131.82 -55.64
CA THR NC 287 -4.85 131.46 -56.21
C THR NC 287 -3.94 132.67 -56.16
N ARG NC 288 -2.77 132.51 -55.57
CA ARG NC 288 -1.85 133.62 -55.33
C ARG NC 288 -0.45 133.24 -55.79
N ALA NC 289 0.18 134.12 -56.57
CA ALA NC 289 1.57 133.91 -56.93
C ALA NC 289 2.33 135.22 -56.86
N ASP NC 290 3.46 135.20 -56.16
CA ASP NC 290 4.27 136.39 -55.92
C ASP NC 290 5.72 136.09 -56.24
N PHE NC 291 6.42 137.11 -56.74
CA PHE NC 291 7.84 136.97 -57.05
C PHE NC 291 8.54 138.30 -56.83
N MET NC 292 9.74 138.22 -56.25
CA MET NC 292 10.56 139.38 -55.93
C MET NC 292 11.96 139.17 -56.50
N ALA NC 293 12.54 140.24 -57.05
CA ALA NC 293 13.82 140.11 -57.73
C ALA NC 293 15.01 140.56 -56.90
N PHE NC 294 15.04 141.82 -56.47
CA PHE NC 294 16.20 142.35 -55.75
C PHE NC 294 15.88 142.75 -54.33
N ASN NC 295 15.01 143.76 -54.14
CA ASN NC 295 14.83 144.34 -52.82
C ASN NC 295 13.38 144.65 -52.45
N GLY NC 296 12.41 144.32 -53.29
CA GLY NC 296 11.03 144.65 -53.02
C GLY NC 296 10.42 143.74 -51.97
N SER NC 297 9.10 143.83 -51.84
CA SER NC 297 8.42 143.08 -50.80
C SER NC 297 6.96 142.92 -51.14
N VAL NC 298 6.39 141.80 -50.72
CA VAL NC 298 4.96 141.55 -50.79
C VAL NC 298 4.47 141.30 -49.36
N LEU NC 299 3.44 142.04 -48.94
CA LEU NC 299 2.96 141.93 -47.58
C LEU NC 299 1.44 141.87 -47.55
N ASP NC 300 0.92 141.25 -46.49
CA ASP NC 300 -0.51 141.08 -46.32
C ASP NC 300 -1.18 142.33 -45.75
N MET NC 301 -0.79 142.69 -44.53
CA MET NC 301 -1.35 143.76 -43.68
C MET NC 301 -2.87 143.83 -43.74
N ARG NC 302 -3.50 142.75 -43.30
CA ARG NC 302 -4.92 142.79 -42.99
C ARG NC 302 -5.10 143.25 -41.54
N GLU NC 303 -6.35 143.23 -41.07
CA GLU NC 303 -6.67 143.90 -39.82
C GLU NC 303 -6.30 143.10 -38.57
N TRP NC 304 -6.06 141.79 -38.70
CA TRP NC 304 -5.62 140.89 -37.62
C TRP NC 304 -6.59 140.83 -36.44
N GLY NC 305 -7.83 141.27 -36.61
CA GLY NC 305 -8.75 141.31 -35.50
C GLY NC 305 -10.15 140.98 -35.95
N GLN NC 306 -10.26 140.55 -37.20
CA GLN NC 306 -11.56 140.19 -37.77
C GLN NC 306 -12.11 138.95 -37.07
N SER NC 307 -13.41 138.95 -36.82
CA SER NC 307 -14.07 137.79 -36.23
C SER NC 307 -14.16 136.63 -37.21
N ASP NC 308 -14.04 136.88 -38.50
CA ASP NC 308 -14.26 135.85 -39.50
C ASP NC 308 -13.23 135.93 -40.61
N LEU NC 309 -11.97 136.14 -40.26
CA LEU NC 309 -10.90 136.14 -41.25
C LEU NC 309 -10.55 134.72 -41.66
N LYS NC 310 -10.48 134.50 -42.96
CA LYS NC 310 -10.14 133.18 -43.49
C LYS NC 310 -8.67 132.88 -43.28
N ASP NC 311 -8.37 131.65 -42.89
CA ASP NC 311 -7.00 131.19 -42.86
C ASP NC 311 -6.63 130.63 -44.22
N PHE NC 312 -5.35 130.25 -44.37
CA PHE NC 312 -4.89 129.61 -45.59
C PHE NC 312 -5.50 128.23 -45.73
N ASP NC 313 -5.85 127.88 -46.96
CA ASP NC 313 -6.40 126.59 -47.31
C ASP NC 313 -5.26 125.61 -47.56
N ARG NC 314 -5.58 124.49 -48.19
CA ARG NC 314 -4.52 123.61 -48.69
C ARG NC 314 -3.77 124.25 -49.84
N TYR NC 315 -4.41 125.13 -50.59
CA TYR NC 315 -3.84 125.59 -51.85
C TYR NC 315 -3.07 126.90 -51.72
N ASN NC 316 -3.74 127.97 -51.29
CA ASN NC 316 -3.18 129.32 -51.41
C ASN NC 316 -2.03 129.57 -50.43
N LYS NC 317 -1.77 128.68 -49.49
CA LYS NC 317 -0.60 128.76 -48.64
C LYS NC 317 0.66 128.62 -49.49
N GLN NC 318 1.39 129.72 -49.64
CA GLN NC 318 2.59 129.73 -50.48
C GLN NC 318 3.60 130.67 -49.85
N PHE NC 319 4.81 130.19 -49.60
CA PHE NC 319 5.60 131.12 -48.81
C PHE NC 319 6.62 131.84 -49.67
N PRO NC 320 6.91 133.10 -49.35
CA PRO NC 320 7.99 133.84 -50.01
C PRO NC 320 9.36 133.24 -49.72
N ASP OC 39 33.70 107.08 -27.24
CA ASP OC 39 34.26 106.40 -26.08
C ASP OC 39 34.01 107.21 -24.80
N GLY OC 40 34.93 108.13 -24.51
CA GLY OC 40 34.76 109.03 -23.38
C GLY OC 40 33.63 110.01 -23.61
N CYS OC 41 32.59 109.91 -22.80
CA CYS OC 41 31.38 110.71 -23.02
C CYS OC 41 31.63 112.18 -22.72
N CYS OC 42 32.38 112.48 -21.66
CA CYS OC 42 32.74 113.87 -21.40
C CYS OC 42 34.10 114.21 -22.01
N SER OC 43 34.28 113.88 -23.29
CA SER OC 43 35.47 114.29 -24.01
C SER OC 43 35.34 115.74 -24.41
N LYS OC 44 36.50 116.39 -24.60
CA LYS OC 44 36.64 117.84 -24.82
C LYS OC 44 35.95 118.63 -23.71
N MET OC 45 35.99 118.10 -22.50
CA MET OC 45 35.35 118.70 -21.34
C MET OC 45 36.26 118.46 -20.15
N GLY OC 46 35.76 118.72 -18.95
CA GLY OC 46 36.58 118.52 -17.78
C GLY OC 46 36.64 117.09 -17.27
N GLY OC 47 35.88 116.19 -17.86
CA GLY OC 47 35.81 114.82 -17.40
C GLY OC 47 34.43 114.48 -16.88
N ILE OC 48 34.30 113.23 -16.46
CA ILE OC 48 33.03 112.67 -16.03
C ILE OC 48 32.98 112.66 -14.52
N ASN OC 49 31.92 113.23 -13.95
CA ASN OC 49 31.81 113.33 -12.50
C ASN OC 49 31.05 112.16 -11.90
N TYR OC 50 29.76 112.04 -12.22
CA TYR OC 50 28.92 111.00 -11.66
C TYR OC 50 27.63 110.93 -12.46
N CYS OC 51 26.86 109.87 -12.20
CA CYS OC 51 25.61 109.60 -12.90
C CYS OC 51 24.45 109.95 -12.00
N ASP OC 52 23.72 111.01 -12.36
CA ASP OC 52 22.49 111.35 -11.66
C ASP OC 52 21.44 110.31 -12.03
N SER OC 53 21.11 109.44 -11.07
CA SER OC 53 20.19 108.34 -11.32
C SER OC 53 18.74 108.76 -11.32
N SER OC 54 18.44 110.00 -10.90
CA SER OC 54 17.09 110.51 -11.05
C SER OC 54 16.72 110.62 -12.52
N ALA OC 55 17.60 111.23 -13.31
CA ALA OC 55 17.45 111.21 -14.75
C ALA OC 55 18.13 110.03 -15.40
N GLY OC 56 18.98 109.32 -14.66
CA GLY OC 56 19.76 108.25 -15.26
C GLY OC 56 20.75 108.74 -16.28
N ARG OC 57 21.31 109.92 -16.08
CA ARG OC 57 22.19 110.53 -17.07
C ARG OC 57 23.49 110.97 -16.40
N LEU OC 58 24.56 111.00 -17.20
CA LEU OC 58 25.85 111.41 -16.70
C LEU OC 58 25.90 112.92 -16.46
N VAL OC 59 26.90 113.35 -15.70
CA VAL OC 59 27.15 114.76 -15.45
C VAL OC 59 28.63 115.01 -15.70
N CYS OC 60 28.93 115.90 -16.64
CA CYS OC 60 30.31 116.27 -16.92
C CYS OC 60 30.74 117.38 -15.96
N ASN OC 61 32.02 117.75 -16.03
CA ASN OC 61 32.55 118.75 -15.10
C ASN OC 61 32.00 120.13 -15.40
N ASN OC 62 31.94 120.50 -16.68
CA ASN OC 62 31.03 121.56 -17.07
C ASN OC 62 29.61 121.07 -16.85
N GLY OC 63 28.76 121.92 -16.30
CA GLY OC 63 27.46 121.48 -15.84
C GLY OC 63 26.46 121.18 -16.94
N PHE OC 64 26.74 120.15 -17.74
CA PHE OC 64 25.92 119.81 -18.88
C PHE OC 64 25.63 118.31 -18.86
N TYR OC 65 24.39 117.96 -19.15
CA TYR OC 65 24.02 116.56 -19.21
C TYR OC 65 24.55 115.95 -20.49
N SER OC 66 25.34 114.89 -20.35
CA SER OC 66 25.94 114.24 -21.51
C SER OC 66 24.88 113.47 -22.29
N THR OC 67 25.27 113.06 -23.49
CA THR OC 67 24.40 112.31 -24.38
C THR OC 67 24.49 110.80 -24.16
N CYS OC 68 25.28 110.35 -23.20
CA CYS OC 68 25.38 108.93 -22.93
C CYS OC 68 24.31 108.51 -21.91
N TYR OC 69 24.43 107.30 -21.40
CA TYR OC 69 23.47 106.74 -20.47
C TYR OC 69 24.20 106.02 -19.35
N CYS OC 70 23.51 105.83 -18.23
CA CYS OC 70 24.05 104.99 -17.17
C CYS OC 70 23.06 104.03 -16.53
N THR OC 71 21.75 104.20 -16.71
CA THR OC 71 20.78 103.34 -16.06
C THR OC 71 19.88 102.68 -17.09
N ARG OC 72 19.25 101.58 -16.66
CA ARG OC 72 18.24 100.95 -17.49
C ARG OC 72 16.95 101.77 -17.55
N HIS OC 73 16.68 102.59 -16.54
CA HIS OC 73 15.44 103.36 -16.49
C HIS OC 73 15.62 104.73 -17.14
N ALA OC 74 16.14 104.74 -18.37
CA ALA OC 74 16.39 105.98 -19.08
C ALA OC 74 15.51 106.05 -20.31
N VAL OC 75 15.30 107.27 -20.81
CA VAL OC 75 14.45 107.46 -21.98
C VAL OC 75 15.23 106.98 -23.20
N MET OC 76 14.73 105.93 -23.83
CA MET OC 76 15.35 105.37 -25.02
C MET OC 76 14.38 105.52 -26.18
N ASP OC 77 14.94 105.77 -27.36
CA ASP OC 77 14.11 105.86 -28.56
C ASP OC 77 14.03 104.52 -29.28
N LEU OC 78 13.68 103.47 -28.54
CA LEU OC 78 13.62 102.13 -29.11
C LEU OC 78 12.40 102.01 -30.01
N GLN OC 79 12.63 101.72 -31.28
CA GLN OC 79 11.57 101.49 -32.25
C GLN OC 79 11.63 100.14 -32.90
N PHE OC 80 12.77 99.47 -32.88
CA PHE OC 80 12.97 98.18 -33.53
C PHE OC 80 13.41 97.17 -32.48
N LEU OC 81 12.86 95.96 -32.55
CA LEU OC 81 13.08 94.96 -31.50
C LEU OC 81 13.40 93.61 -32.11
N MET OC 82 13.50 92.60 -31.26
CA MET OC 82 13.85 91.24 -31.64
C MET OC 82 12.73 90.29 -31.23
N GLY OC 83 12.94 89.00 -31.46
CA GLY OC 83 12.04 87.97 -31.00
C GLY OC 83 10.80 87.84 -31.86
N CYS OC 84 10.03 86.79 -31.59
CA CYS OC 84 8.79 86.53 -32.29
C CYS OC 84 7.64 86.42 -31.29
N CYS OC 85 6.44 86.14 -31.83
CA CYS OC 85 5.17 86.15 -31.09
C CYS OC 85 4.92 87.48 -30.40
N LEU OC 86 5.32 88.56 -31.07
CA LEU OC 86 5.16 89.88 -30.49
C LEU OC 86 3.72 90.35 -30.61
N TRP OC 87 3.35 91.26 -29.71
CA TRP OC 87 1.97 91.67 -29.45
C TRP OC 87 1.08 90.46 -29.19
N HIS OC 88 1.62 89.52 -28.44
CA HIS OC 88 0.94 88.33 -27.99
C HIS OC 88 1.53 87.98 -26.63
N GLY OC 89 1.32 86.75 -26.17
CA GLY OC 89 1.90 86.33 -24.92
C GLY OC 89 3.34 85.88 -25.00
N GLY OC 90 4.03 86.13 -26.10
CA GLY OC 90 5.37 85.63 -26.26
C GLY OC 90 5.35 84.17 -26.64
N VAL OC 91 6.48 83.51 -26.39
CA VAL OC 91 6.62 82.12 -26.75
C VAL OC 91 5.87 81.25 -25.76
N TYR OC 92 5.43 80.09 -26.23
CA TYR OC 92 4.76 79.24 -25.25
C TYR OC 92 5.79 78.33 -24.58
N PRO OC 93 5.70 78.18 -23.25
CA PRO OC 93 6.72 77.40 -22.53
C PRO OC 93 6.73 75.91 -22.85
N GLN OC 94 5.64 75.35 -23.39
CA GLN OC 94 5.66 73.93 -23.68
C GLN OC 94 6.47 73.65 -24.93
N LEU OC 95 6.96 72.42 -25.03
CA LEU OC 95 7.66 71.96 -26.21
C LEU OC 95 6.65 71.42 -27.22
N ASN OC 96 6.65 72.01 -28.41
CA ASN OC 96 5.74 71.57 -29.46
C ASN OC 96 6.33 70.39 -30.21
N SER OC 97 5.49 69.40 -30.52
CA SER OC 97 5.96 68.16 -31.12
C SER OC 97 6.46 68.38 -32.54
N SER OC 98 5.83 69.29 -33.28
CA SER OC 98 6.24 69.60 -34.63
C SER OC 98 7.21 70.78 -34.61
N GLY OC 99 7.52 71.31 -35.78
CA GLY OC 99 8.36 72.48 -35.89
C GLY OC 99 7.64 73.79 -35.75
N LEU OC 100 6.36 73.76 -35.41
CA LEU OC 100 5.61 74.99 -35.23
C LEU OC 100 5.80 75.53 -33.83
N VAL OC 101 5.52 76.82 -33.67
CA VAL OC 101 5.53 77.49 -32.38
C VAL OC 101 4.29 78.38 -32.32
N VAL OC 102 3.52 78.25 -31.24
CA VAL OC 102 2.25 78.95 -31.09
C VAL OC 102 2.36 79.92 -29.91
N CYS OC 103 1.89 81.14 -30.11
CA CYS OC 103 1.94 82.13 -29.05
C CYS OC 103 0.90 81.81 -27.97
N ASN OC 104 1.05 82.49 -26.84
CA ASN OC 104 0.19 82.23 -25.68
C ASN OC 104 -1.21 82.79 -25.87
N ASP OC 105 -1.39 83.71 -26.81
CA ASP OC 105 -2.75 84.10 -27.19
C ASP OC 105 -3.47 82.95 -27.87
N GLY OC 106 -2.77 82.22 -28.72
CA GLY OC 106 -3.40 81.15 -29.47
C GLY OC 106 -3.00 81.17 -30.93
N TYR OC 107 -2.55 82.33 -31.41
CA TYR OC 107 -2.03 82.42 -32.76
C TYR OC 107 -0.68 81.72 -32.86
N VAL OC 108 -0.44 81.10 -34.01
CA VAL OC 108 0.78 80.35 -34.28
C VAL OC 108 1.72 81.21 -35.10
N SER OC 109 2.94 81.38 -34.62
CA SER OC 109 3.94 82.21 -35.30
C SER OC 109 4.55 81.39 -36.43
N GLU OC 110 4.18 81.74 -37.67
CA GLU OC 110 4.62 80.97 -38.80
C GLU OC 110 6.09 81.24 -39.13
N GLU OC 111 6.51 82.50 -39.08
CA GLU OC 111 7.88 82.82 -39.46
C GLU OC 111 8.89 82.36 -38.42
N CYS OC 112 8.46 82.24 -37.16
CA CYS OC 112 9.32 81.59 -36.17
C CYS OC 112 9.29 80.08 -36.29
N SER OC 113 8.29 79.53 -36.98
CA SER OC 113 8.15 78.09 -37.12
C SER OC 113 9.09 77.55 -38.19
N LEU OC 114 9.23 76.22 -38.22
CA LEU OC 114 10.09 75.54 -39.17
C LEU OC 114 9.26 75.12 -40.39
N GLN OC 115 9.75 75.48 -41.57
CA GLN OC 115 9.04 75.21 -42.81
C GLN OC 115 9.42 73.84 -43.35
N LYS OC 116 8.98 73.54 -44.57
CA LYS OC 116 9.29 72.29 -45.24
C LYS OC 116 9.89 72.55 -46.61
N UNK PC 1 8.37 128.85 -23.79
CA UNK PC 1 9.27 129.68 -23.00
C UNK PC 1 9.18 131.13 -23.45
N UNK PC 2 9.61 131.38 -24.69
CA UNK PC 2 9.58 132.69 -25.35
C UNK PC 2 10.35 133.75 -24.57
N UNK PC 3 11.43 133.35 -23.91
CA UNK PC 3 12.22 134.30 -23.13
C UNK PC 3 13.65 133.80 -23.06
N UNK PC 4 14.57 134.73 -22.86
CA UNK PC 4 15.99 134.38 -22.82
C UNK PC 4 16.66 134.96 -21.60
N UNK PC 5 16.17 136.12 -21.15
CA UNK PC 5 16.70 136.77 -19.96
C UNK PC 5 15.55 137.54 -19.32
N UNK PC 6 15.12 137.10 -18.15
CA UNK PC 6 13.99 137.71 -17.46
C UNK PC 6 14.43 139.06 -16.95
N UNK PC 7 14.05 140.11 -17.67
CA UNK PC 7 14.40 141.46 -17.28
C UNK PC 7 13.60 141.84 -16.05
N UNK PC 8 14.19 141.64 -14.87
CA UNK PC 8 13.50 141.87 -13.61
C UNK PC 8 13.43 143.38 -13.38
N UNK PC 9 12.39 143.98 -13.97
CA UNK PC 9 12.06 145.42 -13.88
C UNK PC 9 13.21 146.35 -14.28
N UNK QC 1 -104.02 30.21 -48.33
CA UNK QC 1 -103.49 30.04 -46.99
C UNK QC 1 -103.06 31.38 -46.41
N UNK QC 2 -101.88 31.40 -45.78
CA UNK QC 2 -101.33 32.63 -45.23
C UNK QC 2 -100.90 33.53 -46.38
N UNK QC 3 -101.63 34.62 -46.59
CA UNK QC 3 -101.44 35.50 -47.73
C UNK QC 3 -100.76 36.79 -47.32
N UNK QC 4 -100.06 37.41 -48.27
CA UNK QC 4 -99.38 38.66 -48.02
C UNK QC 4 -100.32 39.87 -48.00
N UNK QC 5 -101.51 39.75 -48.61
CA UNK QC 5 -102.42 40.89 -48.68
C UNK QC 5 -102.98 41.23 -47.30
N UNK QC 6 -103.41 40.22 -46.54
CA UNK QC 6 -103.88 40.45 -45.17
C UNK QC 6 -102.75 40.90 -44.27
N UNK QC 7 -101.53 40.44 -44.53
CA UNK QC 7 -100.38 40.88 -43.75
C UNK QC 7 -100.07 42.36 -44.01
N UNK QC 8 -100.17 42.79 -45.27
CA UNK QC 8 -99.97 44.20 -45.58
C UNK QC 8 -101.09 45.05 -45.02
N UNK QC 9 -102.31 44.53 -45.01
CA UNK QC 9 -103.44 45.24 -44.39
C UNK QC 9 -103.25 45.38 -42.89
N UNK QC 10 -102.77 44.33 -42.22
CA UNK QC 10 -102.50 44.41 -40.79
C UNK QC 10 -101.33 45.35 -40.50
N UNK QC 11 -100.32 45.36 -41.37
CA UNK QC 11 -99.20 46.29 -41.21
C UNK QC 11 -99.63 47.74 -41.37
N UNK QC 12 -100.51 48.01 -42.34
CA UNK QC 12 -101.05 49.35 -42.50
C UNK QC 12 -101.97 49.73 -41.34
N UNK QC 13 -102.70 48.75 -40.78
CA UNK QC 13 -103.54 49.01 -39.62
C UNK QC 13 -102.70 49.31 -38.39
N UNK QC 14 -101.57 48.63 -38.24
CA UNK QC 14 -100.65 48.94 -37.15
C UNK QC 14 -99.96 50.28 -37.36
N UNK QC 15 -99.72 50.66 -38.61
CA UNK QC 15 -99.18 51.97 -38.90
C UNK QC 15 -100.18 53.06 -38.53
N UNK QC 16 -101.41 52.95 -39.03
CA UNK QC 16 -102.48 53.86 -38.63
C UNK QC 16 -103.31 53.27 -37.49
N UNK QC 17 -102.62 52.80 -36.45
CA UNK QC 17 -103.30 52.32 -35.26
C UNK QC 17 -103.82 53.46 -34.39
N UNK QC 18 -103.22 54.64 -34.50
CA UNK QC 18 -103.57 55.85 -33.76
C UNK QC 18 -103.51 55.62 -32.25
N UNK QC 19 -102.53 54.85 -31.80
CA UNK QC 19 -102.34 54.53 -30.38
C UNK QC 19 -100.87 54.73 -30.05
N UNK QC 20 -100.50 55.97 -29.70
CA UNK QC 20 -99.16 56.29 -29.27
C UNK QC 20 -99.23 57.49 -28.33
N UNK QC 21 -98.55 57.39 -27.19
CA UNK QC 21 -98.58 58.45 -26.19
C UNK QC 21 -97.21 58.49 -25.52
N UNK QC 22 -97.11 59.31 -24.48
CA UNK QC 22 -95.84 59.46 -23.76
C UNK QC 22 -96.12 59.80 -22.30
N UNK QC 23 -95.10 59.63 -21.48
CA UNK QC 23 -95.16 59.98 -20.07
C UNK QC 23 -93.95 60.84 -19.72
N UNK QC 24 -94.12 61.70 -18.72
CA UNK QC 24 -93.05 62.59 -18.29
C UNK QC 24 -92.96 62.59 -16.77
N UNK QC 25 -91.81 63.02 -16.26
CA UNK QC 25 -91.54 62.99 -14.83
C UNK QC 25 -90.86 64.26 -14.39
N UNK QC 26 -91.04 64.60 -13.11
CA UNK QC 26 -90.33 65.71 -12.49
C UNK QC 26 -89.16 65.17 -11.65
N UNK QC 27 -88.37 66.08 -11.09
CA UNK QC 27 -87.19 65.70 -10.33
C UNK QC 27 -87.52 65.16 -8.94
N UNK QC 28 -88.61 65.64 -8.34
CA UNK QC 28 -88.99 65.28 -6.97
C UNK QC 28 -90.12 64.26 -6.96
N UNK QC 29 -90.08 63.30 -7.89
CA UNK QC 29 -91.02 62.18 -8.02
C UNK QC 29 -92.46 62.65 -8.20
N UNK QC 30 -92.68 63.39 -9.29
CA UNK QC 30 -94.00 63.82 -9.69
C UNK QC 30 -94.25 63.37 -11.12
N UNK QC 31 -95.40 62.75 -11.34
CA UNK QC 31 -95.76 62.20 -12.65
C UNK QC 31 -96.34 63.27 -13.54
N UNK QC 32 -96.18 63.09 -14.85
CA UNK QC 32 -96.70 64.02 -15.82
C UNK QC 32 -97.07 63.28 -17.09
N UNK QC 33 -98.19 63.67 -17.69
CA UNK QC 33 -98.70 63.05 -18.90
C UNK QC 33 -99.24 64.12 -19.83
N UNK QC 34 -99.47 63.73 -21.07
CA UNK QC 34 -99.99 64.62 -22.09
C UNK QC 34 -101.40 64.23 -22.47
N UNK QC 35 -102.00 65.00 -23.37
CA UNK QC 35 -103.30 64.66 -23.92
C UNK QC 35 -103.16 63.47 -24.86
N UNK QC 36 -104.29 62.82 -25.13
CA UNK QC 36 -104.31 61.62 -25.96
C UNK QC 36 -104.07 62.01 -27.41
N UNK QC 37 -102.80 62.02 -27.82
CA UNK QC 37 -102.43 62.31 -29.19
C UNK QC 37 -102.22 61.01 -29.94
N UNK QC 38 -101.93 61.13 -31.24
CA UNK QC 38 -101.76 60.02 -32.20
C UNK QC 38 -102.95 59.05 -32.19
N UNK QC 39 -84.30 61.80 -17.13
CA UNK QC 39 -85.22 61.52 -16.04
C UNK QC 39 -86.52 62.30 -16.22
N UNK QC 40 -86.49 63.30 -17.10
CA UNK QC 40 -87.66 64.13 -17.32
C UNK QC 40 -88.75 63.37 -18.05
N UNK QC 41 -88.38 62.58 -19.06
CA UNK QC 41 -89.32 61.72 -19.76
C UNK QC 41 -88.54 60.56 -20.35
N UNK QC 42 -88.79 59.35 -19.84
CA UNK QC 42 -88.05 58.18 -20.28
C UNK QC 42 -88.46 57.77 -21.68
N UNK QC 43 -87.52 57.13 -22.39
CA UNK QC 43 -87.81 56.61 -23.72
C UNK QC 43 -88.82 55.48 -23.66
N UNK QC 44 -88.77 54.67 -22.60
CA UNK QC 44 -89.81 53.70 -22.33
C UNK QC 44 -91.08 54.34 -21.76
N UNK QC 45 -91.01 55.63 -21.37
CA UNK QC 45 -92.19 56.35 -20.93
C UNK QC 45 -93.15 56.63 -22.08
N UNK QC 46 -92.68 56.55 -23.32
CA UNK QC 46 -93.57 56.54 -24.46
C UNK QC 46 -94.34 55.22 -24.48
N UNK QC 47 -95.66 55.30 -24.57
CA UNK QC 47 -96.52 54.12 -24.48
C UNK QC 47 -97.70 54.30 -25.44
N UNK QC 48 -98.70 53.44 -25.28
CA UNK QC 48 -99.91 53.50 -26.12
C UNK QC 48 -101.16 53.55 -25.26
N LYS RC 24 24.96 128.09 -50.91
CA LYS RC 24 25.25 127.06 -51.89
C LYS RC 24 24.06 126.16 -52.14
N PHE RC 25 24.01 125.05 -51.43
CA PHE RC 25 23.03 124.01 -51.67
C PHE RC 25 21.85 124.19 -50.72
N LYS RC 26 20.65 124.18 -51.28
CA LYS RC 26 19.42 124.10 -50.49
C LYS RC 26 19.00 122.65 -50.43
N LYS RC 27 18.99 122.09 -49.24
CA LYS RC 27 18.75 120.66 -49.10
C LYS RC 27 17.28 120.34 -49.35
N PRO RC 28 16.97 119.19 -49.95
CA PRO RC 28 15.59 118.78 -50.10
C PRO RC 28 15.02 118.30 -48.78
N PRO RC 29 13.71 118.11 -48.68
CA PRO RC 29 13.16 117.40 -47.52
C PRO RC 29 13.72 115.99 -47.43
N ILE RC 30 14.06 115.59 -46.21
CA ILE RC 30 14.72 114.31 -46.01
C ILE RC 30 13.73 113.16 -46.17
N ASN RC 31 12.62 113.23 -45.44
CA ASN RC 31 11.57 112.23 -45.55
C ASN RC 31 10.52 112.64 -46.57
N ASN RC 32 10.98 113.03 -47.73
CA ASN RC 32 10.06 113.39 -48.80
C ASN RC 32 9.60 112.14 -49.53
N PRO RC 33 8.42 112.15 -50.12
CA PRO RC 33 7.98 111.00 -50.90
C PRO RC 33 8.72 110.89 -52.23
N SER RC 34 9.91 110.31 -52.20
CA SER RC 34 10.71 110.18 -53.41
C SER RC 34 10.26 109.05 -54.32
N ASP RC 35 9.39 108.17 -53.83
CA ASP RC 35 8.86 107.07 -54.64
C ASP RC 35 7.35 107.20 -54.77
N ASP RC 36 6.85 106.76 -55.92
CA ASP RC 36 5.45 106.95 -56.30
C ASP RC 36 4.49 106.24 -55.36
N ALA RC 37 4.89 105.09 -54.83
CA ALA RC 37 4.07 104.40 -53.85
C ALA RC 37 3.90 105.24 -52.59
N THR RC 38 4.99 105.84 -52.13
CA THR RC 38 4.92 106.76 -51.01
C THR RC 38 4.13 108.01 -51.37
N ILE RC 39 4.19 108.43 -52.63
CA ILE RC 39 3.46 109.62 -53.08
C ILE RC 39 1.96 109.38 -52.98
N LYS RC 40 1.50 108.26 -53.51
CA LYS RC 40 0.10 107.89 -53.43
C LYS RC 40 -0.33 107.64 -51.99
N LEU RC 41 0.58 107.08 -51.19
CA LEU RC 41 0.30 106.83 -49.78
C LEU RC 41 0.04 108.13 -49.03
N ALA RC 42 0.93 109.10 -49.19
CA ALA RC 42 0.79 110.37 -48.46
C ALA RC 42 -0.41 111.15 -48.95
N GLU RC 43 -0.68 111.11 -50.27
CA GLU RC 43 -1.84 111.78 -50.80
C GLU RC 43 -3.14 111.15 -50.28
N ALA RC 44 -3.18 109.82 -50.21
CA ALA RC 44 -4.33 109.14 -49.67
C ALA RC 44 -4.50 109.43 -48.19
N ALA RC 45 -3.40 109.59 -47.47
CA ALA RC 45 -3.45 109.97 -46.06
C ALA RC 45 -4.06 111.34 -45.89
N VAL RC 46 -3.69 112.28 -46.77
CA VAL RC 46 -4.27 113.62 -46.76
C VAL RC 46 -5.77 113.55 -47.01
N SER RC 47 -6.18 112.74 -47.99
CA SER RC 47 -7.59 112.61 -48.33
C SER RC 47 -8.40 112.03 -47.19
N VAL RC 48 -7.89 110.96 -46.57
CA VAL RC 48 -8.66 110.30 -45.52
C VAL RC 48 -8.70 111.16 -44.26
N SER RC 49 -7.64 111.95 -44.02
CA SER RC 49 -7.67 112.88 -42.90
C SER RC 49 -8.72 113.95 -43.10
N ASP RC 50 -8.81 114.48 -44.31
CA ASP RC 50 -9.83 115.50 -44.59
C ASP RC 50 -11.23 114.92 -44.50
N SER RC 51 -11.41 113.67 -44.94
CA SER RC 51 -12.72 113.02 -44.85
C SER RC 51 -13.14 112.83 -43.40
N MET RC 52 -12.21 112.39 -42.56
CA MET RC 52 -12.54 112.21 -41.14
C MET RC 52 -12.81 113.55 -40.46
N LEU RC 53 -12.08 114.60 -40.87
CA LEU RC 53 -12.34 115.94 -40.36
C LEU RC 53 -13.74 116.41 -40.71
N GLU RC 54 -14.17 116.16 -41.94
CA GLU RC 54 -15.50 116.57 -42.37
C GLU RC 54 -16.58 115.77 -41.65
N MET RC 55 -16.33 114.48 -41.41
CA MET RC 55 -17.30 113.67 -40.67
C MET RC 55 -17.42 114.13 -39.23
N ALA RC 56 -16.30 114.53 -38.63
CA ALA RC 56 -16.35 115.10 -37.29
C ALA RC 56 -17.11 116.41 -37.26
N LYS RC 57 -16.92 117.24 -38.31
CA LYS RC 57 -17.63 118.51 -38.42
C LYS RC 57 -19.14 118.29 -38.49
N VAL RC 58 -19.57 117.31 -39.27
CA VAL RC 58 -21.00 117.09 -39.38
C VAL RC 58 -21.56 116.35 -38.17
N GLU RC 59 -20.74 115.58 -37.46
CA GLU RC 59 -21.26 114.87 -36.30
C GLU RC 59 -21.22 115.69 -35.03
N LYS RC 60 -20.54 116.83 -35.03
CA LYS RC 60 -20.44 117.64 -33.83
C LYS RC 60 -21.78 118.31 -33.51
N VAL RC 61 -22.08 118.41 -32.22
CA VAL RC 61 -23.29 119.07 -31.72
C VAL RC 61 -22.85 120.19 -30.79
N ILE RC 62 -23.37 121.39 -31.02
CA ILE RC 62 -22.92 122.58 -30.31
C ILE RC 62 -24.11 123.41 -29.86
N THR RC 63 -23.84 124.39 -29.01
CA THR RC 63 -24.86 125.25 -28.42
C THR RC 63 -24.47 126.72 -28.60
N PRO RC 64 -25.45 127.60 -28.84
CA PRO RC 64 -25.14 129.02 -28.99
C PRO RC 64 -24.76 129.63 -27.66
N PRO RC 65 -23.97 130.70 -27.67
CA PRO RC 65 -23.61 131.37 -26.40
C PRO RC 65 -24.74 132.19 -25.82
N SER RC 66 -25.76 132.53 -26.61
CA SER RC 66 -26.90 133.27 -26.07
C SER RC 66 -27.71 132.40 -25.12
N LYS RC 67 -27.94 131.14 -25.48
CA LYS RC 67 -28.61 130.19 -24.61
C LYS RC 67 -27.62 129.30 -23.88
N ASP RC 68 -26.44 129.83 -23.57
CA ASP RC 68 -25.43 129.07 -22.84
C ASP RC 68 -25.88 128.93 -21.40
N ASN RC 69 -26.53 127.81 -21.10
CA ASN RC 69 -27.08 127.55 -19.77
C ASN RC 69 -25.93 127.18 -18.84
N THR RC 70 -25.26 128.22 -18.33
CA THR RC 70 -24.14 128.06 -17.43
C THR RC 70 -24.31 128.98 -16.23
N LEU RC 71 -23.27 129.15 -15.43
CA LEU RC 71 -23.24 130.16 -14.39
C LEU RC 71 -22.14 131.14 -14.73
N THR RC 72 -22.49 132.40 -14.88
CA THR RC 72 -21.52 133.42 -15.21
C THR RC 72 -20.78 133.88 -13.94
N ILE RC 73 -19.74 134.66 -14.16
CA ILE RC 73 -18.91 135.18 -13.07
C ILE RC 73 -19.68 136.27 -12.33
N PRO RC 74 -19.87 136.13 -11.01
CA PRO RC 74 -20.57 137.19 -10.26
C PRO RC 74 -19.76 138.47 -10.10
N ASN RC 75 -18.43 138.40 -10.27
CA ASN RC 75 -17.43 139.47 -10.16
C ASN RC 75 -17.65 140.46 -9.01
N ALA RC 76 -18.03 139.96 -7.84
CA ALA RC 76 -18.03 140.76 -6.64
C ALA RC 76 -16.68 140.65 -5.96
N TYR RC 77 -16.38 141.63 -5.10
CA TYR RC 77 -15.03 141.75 -4.55
C TYR RC 77 -14.71 140.64 -3.55
N ASN RC 78 -15.71 140.18 -2.79
CA ASN RC 78 -15.46 139.12 -1.82
C ASN RC 78 -15.20 137.77 -2.45
N LEU RC 79 -15.47 137.59 -3.74
CA LEU RC 79 -15.23 136.34 -4.42
C LEU RC 79 -13.92 136.35 -5.19
N GLN RC 80 -13.08 137.35 -4.97
CA GLN RC 80 -11.82 137.47 -5.69
C GLN RC 80 -10.67 136.80 -4.95
N ALA RC 81 -10.94 136.14 -3.84
CA ALA RC 81 -9.91 135.48 -3.08
C ALA RC 81 -9.51 134.16 -3.76
N ARG RC 82 -8.37 133.63 -3.31
CA ARG RC 82 -7.82 132.39 -3.84
C ARG RC 82 -7.70 131.37 -2.73
N ALA RC 83 -7.86 130.10 -3.07
CA ALA RC 83 -7.77 129.04 -2.09
C ALA RC 83 -7.35 127.75 -2.76
N SER RC 84 -6.85 126.82 -1.96
CA SER RC 84 -6.54 125.47 -2.38
C SER RC 84 -7.50 124.53 -1.69
N VAL RC 85 -8.30 123.80 -2.46
CA VAL RC 85 -9.38 123.00 -1.90
C VAL RC 85 -9.35 121.62 -2.52
N ASP RC 86 -9.31 120.59 -1.67
CA ASP RC 86 -9.61 119.23 -2.06
C ASP RC 86 -10.85 118.78 -1.33
N TRP RC 87 -11.77 118.18 -2.07
CA TRP RC 87 -13.01 117.66 -1.51
C TRP RC 87 -13.51 116.57 -2.43
N SER RC 88 -14.12 115.55 -1.85
CA SER RC 88 -14.84 114.55 -2.64
C SER RC 88 -16.05 114.12 -1.81
N GLY RC 89 -17.22 114.64 -2.17
CA GLY RC 89 -18.42 114.27 -1.47
C GLY RC 89 -19.61 115.12 -1.83
N PRO RC 90 -20.56 115.24 -0.91
CA PRO RC 90 -21.78 116.00 -1.17
C PRO RC 90 -21.53 117.49 -1.32
N ILE RC 91 -22.52 118.16 -1.87
CA ILE RC 91 -22.35 119.49 -2.45
C ILE RC 91 -22.81 120.56 -1.47
N GLU RC 92 -23.77 120.22 -0.61
CA GLU RC 92 -24.41 121.21 0.26
C GLU RC 92 -23.47 121.68 1.36
N GLU RC 93 -22.75 120.75 1.97
CA GLU RC 93 -21.75 121.08 2.97
C GLU RC 93 -20.66 121.97 2.38
N LEU RC 94 -20.23 121.65 1.16
CA LEU RC 94 -19.19 122.41 0.50
C LEU RC 94 -19.64 123.83 0.18
N THR RC 95 -20.85 123.98 -0.32
CA THR RC 95 -21.29 125.33 -0.68
C THR RC 95 -21.63 126.15 0.56
N ALA RC 96 -22.08 125.51 1.64
CA ALA RC 96 -22.31 126.26 2.86
C ALA RC 96 -21.00 126.74 3.46
N ARG RC 97 -19.98 125.89 3.44
CA ARG RC 97 -18.66 126.27 3.95
C ARG RC 97 -18.04 127.38 3.11
N ILE RC 98 -18.19 127.31 1.78
CA ILE RC 98 -17.59 128.35 0.95
C ILE RC 98 -18.39 129.64 1.09
N ALA RC 99 -19.68 129.55 1.41
CA ALA RC 99 -20.47 130.75 1.64
C ALA RC 99 -20.04 131.45 2.92
N LYS RC 100 -19.87 130.70 4.01
CA LYS RC 100 -19.43 131.33 5.24
C LYS RC 100 -17.95 131.69 5.22
N ALA RC 101 -17.18 131.13 4.29
CA ALA RC 101 -15.83 131.62 4.09
C ALA RC 101 -15.83 132.94 3.33
N ALA RC 102 -16.78 133.11 2.41
CA ALA RC 102 -16.91 134.36 1.68
C ALA RC 102 -17.76 135.39 2.41
N HIS RC 103 -18.28 135.05 3.60
CA HIS RC 103 -19.16 135.90 4.41
C HIS RC 103 -20.43 136.26 3.65
N PHE RC 104 -21.06 135.25 3.08
CA PHE RC 104 -22.32 135.43 2.38
C PHE RC 104 -23.38 134.54 3.02
N ARG RC 105 -24.61 135.05 3.03
CA ARG RC 105 -25.73 134.25 3.52
C ARG RC 105 -26.00 133.13 2.53
N PHE RC 106 -26.39 131.97 3.06
CA PHE RC 106 -26.60 130.79 2.25
C PHE RC 106 -27.97 130.20 2.53
N ARG RC 107 -28.72 129.91 1.47
CA ARG RC 107 -30.07 129.39 1.64
C ARG RC 107 -30.38 128.31 0.62
N VAL RC 108 -31.48 127.61 0.87
CA VAL RC 108 -31.85 126.42 0.12
C VAL RC 108 -33.30 126.54 -0.31
N LEU RC 109 -33.57 126.32 -1.60
CA LEU RC 109 -34.90 126.26 -2.17
C LEU RC 109 -35.09 124.84 -2.69
N GLY RC 110 -35.65 123.98 -1.85
CA GLY RC 110 -35.88 122.60 -2.23
C GLY RC 110 -35.58 121.68 -1.07
N LYS RC 111 -35.27 120.44 -1.41
CA LYS RC 111 -35.03 119.41 -0.41
C LYS RC 111 -34.03 118.40 -0.94
N SER RC 112 -33.32 117.75 -0.01
CA SER RC 112 -32.29 116.80 -0.39
C SER RC 112 -32.92 115.52 -0.93
N PRO RC 113 -32.29 114.87 -1.89
CA PRO RC 113 -32.81 113.60 -2.41
C PRO RC 113 -32.46 112.45 -1.48
N SER RC 114 -32.90 111.25 -1.85
CA SER RC 114 -32.55 110.06 -1.10
C SER RC 114 -31.06 109.74 -1.24
N VAL RC 115 -30.56 109.73 -2.47
CA VAL RC 115 -29.13 109.64 -2.74
C VAL RC 115 -28.64 111.05 -3.04
N PRO RC 116 -27.70 111.59 -2.28
CA PRO RC 116 -27.27 112.97 -2.52
C PRO RC 116 -26.44 113.08 -3.79
N VAL RC 117 -26.43 114.28 -4.35
CA VAL RC 117 -25.63 114.56 -5.53
C VAL RC 117 -24.23 114.95 -5.08
N LEU RC 118 -23.24 114.22 -5.56
CA LEU RC 118 -21.88 114.31 -5.03
C LEU RC 118 -20.93 114.80 -6.11
N ILE RC 119 -19.87 115.48 -5.68
CA ILE RC 119 -18.82 115.97 -6.55
C ILE RC 119 -17.47 115.66 -5.92
N SER RC 120 -16.42 116.07 -6.62
CA SER RC 120 -15.05 115.91 -6.15
C SER RC 120 -14.21 116.97 -6.88
N ILE RC 121 -13.79 117.98 -6.15
CA ILE RC 121 -13.00 119.07 -6.71
C ILE RC 121 -11.68 119.13 -5.97
N SER RC 122 -10.58 119.11 -6.71
CA SER RC 122 -9.25 119.16 -6.12
C SER RC 122 -8.38 120.13 -6.92
N THR RC 123 -8.20 121.33 -6.40
CA THR RC 123 -7.38 122.34 -7.06
C THR RC 123 -6.45 123.00 -6.05
N LYS RC 124 -5.30 123.42 -6.54
CA LYS RC 124 -4.29 124.06 -5.72
C LYS RC 124 -4.35 125.57 -5.76
N ASP RC 125 -4.89 126.16 -6.82
CA ASP RC 125 -5.03 127.61 -6.90
C ASP RC 125 -6.21 127.92 -7.80
N GLU RC 126 -7.28 128.44 -7.20
CA GLU RC 126 -8.48 128.78 -7.95
C GLU RC 126 -9.24 129.86 -7.20
N SER RC 127 -10.11 130.55 -7.91
CA SER RC 127 -10.95 131.55 -7.27
C SER RC 127 -12.39 131.09 -7.20
N LEU RC 128 -13.12 131.73 -6.28
CA LEU RC 128 -14.39 131.18 -5.80
C LEU RC 128 -15.48 131.23 -6.86
N ALA RC 129 -15.43 132.23 -7.74
CA ALA RC 129 -16.44 132.36 -8.78
C ALA RC 129 -16.41 131.19 -9.75
N GLU RC 130 -15.24 130.89 -10.30
CA GLU RC 130 -15.13 129.76 -11.21
C GLU RC 130 -15.22 128.43 -10.48
N ILE RC 131 -14.89 128.40 -9.19
CA ILE RC 131 -15.14 127.21 -8.38
C ILE RC 131 -16.64 126.91 -8.35
N LEU RC 132 -17.45 127.92 -8.06
CA LEU RC 132 -18.90 127.72 -8.04
C LEU RC 132 -19.45 127.48 -9.44
N ARG RC 133 -18.80 128.05 -10.46
CA ARG RC 133 -19.21 127.82 -11.84
C ARG RC 133 -19.04 126.36 -12.23
N ASP RC 134 -17.89 125.78 -11.88
CA ASP RC 134 -17.68 124.36 -12.15
C ASP RC 134 -18.56 123.49 -11.29
N ILE RC 135 -18.89 123.95 -10.07
CA ILE RC 135 -19.81 123.22 -9.22
C ILE RC 135 -21.20 123.16 -9.87
N ASP RC 136 -21.66 124.29 -10.40
CA ASP RC 136 -22.94 124.29 -11.09
C ASP RC 136 -22.90 123.50 -12.39
N TYR RC 137 -21.73 123.48 -13.05
CA TYR RC 137 -21.59 122.66 -14.25
C TYR RC 137 -21.69 121.18 -13.93
N GLN RC 138 -21.09 120.75 -12.83
CA GLN RC 138 -21.20 119.36 -12.43
C GLN RC 138 -22.51 119.05 -11.72
N ALA RC 139 -23.30 120.07 -11.37
CA ALA RC 139 -24.62 119.82 -10.81
C ALA RC 139 -25.54 119.14 -11.82
N GLY RC 140 -25.34 119.41 -13.10
CA GLY RC 140 -26.08 118.71 -14.14
C GLY RC 140 -27.53 119.10 -14.23
N LYS RC 141 -28.41 118.18 -13.80
CA LYS RC 141 -29.84 118.40 -13.88
C LYS RC 141 -30.53 118.43 -12.52
N LYS RC 142 -29.87 117.99 -11.46
CA LYS RC 142 -30.54 117.78 -10.20
C LYS RC 142 -30.78 119.08 -9.45
N ALA RC 143 -29.85 120.02 -9.55
CA ALA RC 143 -29.98 121.30 -8.86
C ALA RC 143 -29.11 122.33 -9.59
N SER RC 144 -29.13 123.56 -9.07
CA SER RC 144 -28.26 124.63 -9.54
C SER RC 144 -28.07 125.61 -8.40
N ILE RC 145 -27.20 126.59 -8.62
CA ILE RC 145 -26.94 127.62 -7.64
C ILE RC 145 -27.18 128.98 -8.26
N HIS RC 146 -27.53 129.95 -7.41
CA HIS RC 146 -27.73 131.31 -7.84
C HIS RC 146 -27.09 132.25 -6.84
N VAL RC 147 -26.62 133.38 -7.34
CA VAL RC 147 -25.79 134.31 -6.57
C VAL RC 147 -26.39 135.71 -6.68
N TYR RC 148 -26.57 136.37 -5.54
CA TYR RC 148 -27.02 137.75 -5.52
C TYR RC 148 -25.98 138.58 -4.78
N PRO RC 149 -25.37 139.57 -5.42
CA PRO RC 149 -24.40 140.42 -4.72
C PRO RC 149 -25.00 141.72 -4.20
N ASN RC 150 -26.23 142.03 -4.63
CA ASN RC 150 -26.92 143.19 -4.07
C ASN RC 150 -27.32 142.93 -2.63
N SER RC 151 -27.94 141.78 -2.38
CA SER RC 151 -28.12 141.23 -1.05
C SER RC 151 -27.28 139.96 -1.00
N GLN RC 152 -26.23 139.98 -0.17
CA GLN RC 152 -25.08 139.10 -0.31
C GLN RC 152 -25.47 137.66 0.03
N VAL RC 153 -26.08 137.00 -0.94
CA VAL RC 153 -26.67 135.69 -0.67
C VAL RC 153 -26.34 134.74 -1.82
N VAL RC 154 -26.30 133.45 -1.48
CA VAL RC 154 -26.16 132.36 -2.44
C VAL RC 154 -27.19 131.31 -2.09
N GLU RC 155 -27.89 130.82 -3.11
CA GLU RC 155 -28.99 129.89 -2.89
C GLU RC 155 -28.81 128.66 -3.75
N LEU RC 156 -29.19 127.52 -3.19
CA LEU RC 156 -29.20 126.25 -3.90
C LEU RC 156 -30.63 125.92 -4.27
N ARG RC 157 -30.91 125.89 -5.57
CA ARG RC 157 -32.25 125.63 -6.08
C ARG RC 157 -32.30 124.19 -6.60
N TYR RC 158 -33.16 123.37 -6.01
CA TYR RC 158 -33.25 121.97 -6.38
C TYR RC 158 -34.08 121.79 -7.65
N ALA RC 159 -34.29 120.54 -8.03
CA ALA RC 159 -35.26 120.19 -9.06
C ALA RC 159 -36.57 119.78 -8.40
N LYS RC 160 -37.51 119.30 -9.21
CA LYS RC 160 -38.80 118.85 -8.69
C LYS RC 160 -38.84 117.34 -8.49
N ILE SC 208 -36.27 138.09 -49.85
CA ILE SC 208 -35.09 138.52 -50.60
C ILE SC 208 -33.93 138.81 -49.66
N ILE SC 209 -32.71 138.54 -50.12
CA ILE SC 209 -31.50 138.76 -49.34
C ILE SC 209 -30.49 139.46 -50.25
N TYR SC 210 -30.02 140.62 -49.81
CA TYR SC 210 -29.08 141.39 -50.62
C TYR SC 210 -27.64 141.02 -50.26
N TYR SC 211 -26.71 141.52 -51.06
CA TYR SC 211 -25.29 141.43 -50.75
C TYR SC 211 -24.62 142.74 -51.16
N ILE SC 212 -23.55 143.07 -50.47
CA ILE SC 212 -22.82 144.30 -50.80
C ILE SC 212 -21.99 144.06 -52.05
N GLN SC 213 -21.70 145.15 -52.76
CA GLN SC 213 -20.96 145.08 -54.01
C GLN SC 213 -19.60 145.75 -53.88
N ALA SC 214 -19.57 147.02 -53.49
CA ALA SC 214 -18.32 147.73 -53.27
C ALA SC 214 -18.59 148.86 -52.29
N VAL SC 215 -17.59 149.17 -51.48
CA VAL SC 215 -17.74 150.13 -50.40
C VAL SC 215 -16.82 151.32 -50.64
N ILE SC 216 -17.09 152.39 -49.89
CA ILE SC 216 -16.32 153.63 -49.97
C ILE SC 216 -16.50 154.31 -48.62
N PRO SC 217 -15.61 155.21 -48.23
CA PRO SC 217 -15.93 156.04 -47.06
C PRO SC 217 -17.10 156.98 -47.34
N GLY SC 218 -18.23 156.71 -46.70
CA GLY SC 218 -19.38 157.59 -46.79
C GLY SC 218 -20.60 156.95 -47.42
N ARG SC 219 -20.42 156.20 -48.51
CA ARG SC 219 -21.51 155.52 -49.19
C ARG SC 219 -21.08 154.09 -49.47
N ALA SC 220 -21.90 153.38 -50.24
CA ALA SC 220 -21.61 152.01 -50.61
C ALA SC 220 -22.36 151.68 -51.89
N TRP SC 221 -22.05 150.52 -52.47
CA TRP SC 221 -22.83 149.95 -53.55
C TRP SC 221 -23.34 148.59 -53.12
N LEU SC 222 -24.63 148.37 -53.31
CA LEU SC 222 -25.26 147.10 -52.98
C LEU SC 222 -25.89 146.52 -54.24
N ILE SC 223 -25.75 145.21 -54.40
CA ILE SC 223 -26.36 144.47 -55.49
C ILE SC 223 -27.47 143.59 -54.92
N GLY SC 224 -28.65 143.68 -55.52
CA GLY SC 224 -29.81 142.98 -55.01
C GLY SC 224 -29.84 141.51 -55.40
N SER SC 225 -30.87 140.81 -54.89
CA SER SC 225 -31.05 139.40 -55.20
C SER SC 225 -31.40 139.18 -56.66
N ASN SC 226 -32.23 140.06 -57.22
CA ASN SC 226 -32.68 139.94 -58.60
C ASN SC 226 -31.76 140.64 -59.58
N GLY SC 227 -30.65 141.20 -59.10
CA GLY SC 227 -29.75 141.95 -59.95
C GLY SC 227 -29.91 143.46 -59.88
N SER SC 228 -30.77 143.96 -59.00
CA SER SC 228 -30.93 145.40 -58.85
C SER SC 228 -29.72 145.99 -58.16
N THR SC 229 -29.39 147.22 -58.53
CA THR SC 229 -28.25 147.93 -57.97
C THR SC 229 -28.73 149.12 -57.15
N LEU SC 230 -27.94 149.50 -56.14
CA LEU SC 230 -28.32 150.63 -55.32
C LEU SC 230 -27.08 151.27 -54.72
N THR SC 231 -26.89 152.56 -55.00
CA THR SC 231 -25.92 153.35 -54.26
C THR SC 231 -26.53 153.75 -52.93
N VAL SC 232 -25.86 153.38 -51.84
CA VAL SC 232 -26.44 153.42 -50.51
C VAL SC 232 -25.71 154.48 -49.69
N ARG SC 233 -26.47 155.45 -49.19
CA ARG SC 233 -25.96 156.43 -48.24
C ARG SC 233 -25.88 155.82 -46.85
N GLU SC 234 -25.35 156.60 -45.91
CA GLU SC 234 -25.48 156.25 -44.50
C GLU SC 234 -26.96 156.27 -44.09
N GLY SC 235 -27.69 157.29 -44.51
CA GLY SC 235 -29.10 157.35 -44.22
C GLY SC 235 -29.94 156.83 -45.36
N SER SC 236 -30.44 155.60 -45.23
CA SER SC 236 -31.26 155.01 -46.28
C SER SC 236 -32.15 153.93 -45.68
N LYS SC 237 -33.30 153.74 -46.31
CA LYS SC 237 -34.28 152.74 -45.89
C LYS SC 237 -34.44 151.70 -46.99
N ILE SC 238 -34.38 150.44 -46.63
CA ILE SC 238 -34.68 149.36 -47.57
C ILE SC 238 -35.58 148.34 -46.86
N PRO SC 239 -36.60 147.81 -47.54
CA PRO SC 239 -37.44 146.79 -46.91
C PRO SC 239 -36.69 145.48 -46.73
N GLY SC 240 -37.04 144.78 -45.67
CA GLY SC 240 -36.38 143.53 -45.29
C GLY SC 240 -35.21 143.72 -44.35
N TYR SC 241 -34.46 144.81 -44.52
CA TYR SC 241 -33.34 145.12 -43.66
C TYR SC 241 -33.63 146.34 -42.79
N GLY SC 242 -33.99 147.47 -43.39
CA GLY SC 242 -34.38 148.64 -42.63
C GLY SC 242 -33.44 149.83 -42.74
N MET SC 243 -33.36 150.60 -41.65
CA MET SC 243 -32.52 151.78 -41.59
C MET SC 243 -31.06 151.38 -41.39
N VAL SC 244 -30.16 152.12 -42.03
CA VAL SC 244 -28.72 151.88 -41.92
C VAL SC 244 -28.15 152.82 -40.86
N LYS SC 245 -27.33 152.28 -39.96
CA LYS SC 245 -26.73 153.05 -38.88
C LYS SC 245 -25.25 153.33 -39.05
N LEU SC 246 -24.47 152.37 -39.56
CA LEU SC 246 -23.03 152.55 -39.61
C LEU SC 246 -22.44 151.69 -40.71
N ILE SC 247 -21.46 152.24 -41.42
CA ILE SC 247 -20.73 151.53 -42.44
C ILE SC 247 -19.31 151.31 -41.96
N ASP SC 248 -18.67 150.27 -42.48
CA ASP SC 248 -17.29 149.94 -42.16
C ASP SC 248 -16.47 150.07 -43.42
N SER SC 249 -15.33 150.75 -43.32
CA SER SC 249 -14.41 150.85 -44.43
C SER SC 249 -13.32 149.79 -44.34
N LEU SC 250 -12.78 149.56 -43.15
CA LEU SC 250 -11.73 148.56 -42.98
C LEU SC 250 -12.30 147.16 -43.15
N GLN SC 251 -13.45 146.89 -42.57
CA GLN SC 251 -14.12 145.61 -42.72
C GLN SC 251 -15.31 145.78 -43.64
N GLY SC 252 -15.86 144.66 -44.08
CA GLY SC 252 -16.95 144.71 -45.03
C GLY SC 252 -18.30 144.46 -44.40
N ARG SC 253 -18.53 145.04 -43.22
CA ARG SC 253 -19.74 144.79 -42.46
C ARG SC 253 -20.62 146.03 -42.46
N ILE SC 254 -21.91 145.83 -42.72
CA ILE SC 254 -22.92 146.89 -42.68
C ILE SC 254 -23.97 146.47 -41.67
N LEU SC 255 -24.27 147.32 -40.71
CA LEU SC 255 -25.25 147.04 -39.68
C LEU SC 255 -26.54 147.81 -39.97
N THR SC 256 -27.67 147.11 -39.89
CA THR SC 256 -28.97 147.68 -40.18
C THR SC 256 -29.78 147.81 -38.89
N SER SC 257 -31.01 148.29 -39.04
CA SER SC 257 -31.89 148.46 -37.89
C SER SC 257 -32.40 147.13 -37.38
N SER SC 258 -32.48 146.12 -38.26
CA SER SC 258 -32.92 144.79 -37.88
C SER SC 258 -31.78 143.91 -37.39
N GLY SC 259 -30.57 144.47 -37.27
CA GLY SC 259 -29.47 143.79 -36.64
C GLY SC 259 -28.69 142.85 -37.53
N GLN SC 260 -29.05 142.71 -38.80
CA GLN SC 260 -28.28 141.85 -39.69
C GLN SC 260 -26.98 142.54 -40.10
N VAL SC 261 -25.97 141.72 -40.40
CA VAL SC 261 -24.69 142.19 -40.88
C VAL SC 261 -24.55 141.76 -42.33
N ILE SC 262 -24.23 142.72 -43.20
CA ILE SC 262 -24.20 142.50 -44.64
C ILE SC 262 -22.75 142.44 -45.09
N LYS SC 263 -22.39 141.35 -45.77
CA LYS SC 263 -21.05 141.18 -46.32
C LYS SC 263 -21.14 140.81 -47.80
N PHE SC 264 -20.01 140.44 -48.39
CA PHE SC 264 -20.02 139.92 -49.74
C PHE SC 264 -20.58 138.50 -49.75
N SER SC 265 -21.09 138.10 -50.91
CA SER SC 265 -21.59 136.74 -51.05
C SER SC 265 -20.45 135.75 -51.14
N GLN SC 266 -20.72 134.51 -50.74
CA GLN SC 266 -19.70 133.47 -50.74
C GLN SC 266 -19.91 132.45 -51.85
N ARG TC 207 -26.78 52.95 96.58
CA ARG TC 207 -26.14 51.64 96.59
C ARG TC 207 -25.88 51.15 95.17
N ILE TC 208 -25.73 49.83 95.03
CA ILE TC 208 -25.49 49.23 93.72
C ILE TC 208 -26.77 49.28 92.91
N ILE TC 209 -26.66 49.75 91.66
CA ILE TC 209 -27.82 50.05 90.81
C ILE TC 209 -28.53 48.76 90.44
N TYR TC 210 -29.78 48.63 90.89
CA TYR TC 210 -30.58 47.45 90.62
C TYR TC 210 -31.68 47.81 89.63
N TYR TC 211 -31.68 47.14 88.48
CA TYR TC 211 -32.66 47.40 87.43
C TYR TC 211 -33.16 46.09 86.87
N ILE TC 212 -34.45 46.06 86.54
CA ILE TC 212 -35.03 44.89 85.89
C ILE TC 212 -34.53 44.84 84.45
N GLN TC 213 -34.25 43.63 83.98
CA GLN TC 213 -33.89 43.36 82.59
C GLN TC 213 -35.03 42.73 81.81
N ALA TC 214 -35.56 41.62 82.32
CA ALA TC 214 -36.72 40.96 81.74
C ALA TC 214 -37.56 40.40 82.87
N VAL TC 215 -38.88 40.56 82.76
CA VAL TC 215 -39.80 40.16 83.81
C VAL TC 215 -40.94 39.35 83.19
N ILE TC 216 -41.16 38.15 83.70
CA ILE TC 216 -42.29 37.31 83.36
C ILE TC 216 -42.99 36.99 84.67
N PRO TC 217 -44.20 36.44 84.67
CA PRO TC 217 -44.74 35.87 85.92
C PRO TC 217 -43.87 34.73 86.43
N GLY TC 218 -43.81 34.60 87.75
CA GLY TC 218 -42.94 33.64 88.38
C GLY TC 218 -41.61 34.22 88.83
N ARG TC 219 -40.79 34.72 87.90
CA ARG TC 219 -39.47 35.20 88.25
C ARG TC 219 -39.08 36.35 87.33
N ALA TC 220 -38.07 37.11 87.73
CA ALA TC 220 -37.62 38.23 86.93
C ALA TC 220 -36.10 38.24 86.86
N TRP TC 221 -35.59 39.19 86.08
CA TRP TC 221 -34.15 39.39 85.91
C TRP TC 221 -33.77 40.75 86.48
N LEU TC 222 -32.74 40.77 87.34
CA LEU TC 222 -32.21 42.00 87.89
C LEU TC 222 -30.75 42.15 87.49
N ILE TC 223 -30.25 43.38 87.57
CA ILE TC 223 -28.89 43.69 87.17
C ILE TC 223 -28.20 44.50 88.25
N GLY TC 224 -26.87 44.50 88.22
CA GLY TC 224 -26.06 45.29 89.11
C GLY TC 224 -25.53 46.56 88.43
N SER TC 225 -24.84 47.36 89.24
CA SER TC 225 -24.27 48.62 88.75
C SER TC 225 -23.14 48.38 87.76
N ASN TC 226 -22.42 47.26 87.91
CA ASN TC 226 -21.43 46.84 86.93
C ASN TC 226 -22.03 45.95 85.86
N GLY TC 227 -23.36 45.80 85.84
CA GLY TC 227 -24.02 44.98 84.85
C GLY TC 227 -24.08 43.52 85.17
N SER TC 228 -23.71 43.11 86.38
CA SER TC 228 -23.76 41.71 86.79
C SER TC 228 -25.21 41.28 86.93
N THR TC 229 -25.62 40.28 86.16
CA THR TC 229 -27.01 39.89 86.10
C THR TC 229 -27.34 38.85 87.16
N LEU TC 230 -28.63 38.73 87.46
CA LEU TC 230 -29.14 37.76 88.41
C LEU TC 230 -30.62 37.54 88.11
N THR TC 231 -31.17 36.48 88.67
CA THR TC 231 -32.59 36.20 88.56
C THR TC 231 -33.20 36.13 89.95
N VAL TC 232 -34.46 36.53 90.05
CA VAL TC 232 -35.12 36.72 91.33
C VAL TC 232 -36.44 35.96 91.34
N ARG TC 233 -36.62 35.10 92.35
CA ARG TC 233 -37.85 34.37 92.59
C ARG TC 233 -38.72 35.11 93.61
N GLU TC 234 -39.89 34.54 93.89
CA GLU TC 234 -40.74 35.08 94.95
C GLU TC 234 -40.08 34.88 96.32
N GLY TC 235 -39.55 33.70 96.57
CA GLY TC 235 -38.70 33.51 97.73
C GLY TC 235 -37.25 33.60 97.32
N SER TC 236 -36.63 34.76 97.55
CA SER TC 236 -35.25 34.97 97.16
C SER TC 236 -34.62 36.01 98.08
N LYS TC 237 -33.31 35.96 98.19
CA LYS TC 237 -32.55 36.85 99.06
C LYS TC 237 -31.88 37.92 98.20
N ILE TC 238 -32.30 39.16 98.38
CA ILE TC 238 -31.77 40.28 97.60
C ILE TC 238 -30.81 41.05 98.48
N PRO TC 239 -29.50 41.00 98.22
CA PRO TC 239 -28.57 41.86 98.95
C PRO TC 239 -28.76 43.33 98.58
N GLY TC 240 -28.55 44.18 99.57
CA GLY TC 240 -28.68 45.61 99.39
C GLY TC 240 -30.09 46.15 99.50
N TYR TC 241 -31.09 45.29 99.53
CA TYR TC 241 -32.47 45.74 99.69
C TYR TC 241 -33.21 44.99 100.77
N GLY TC 242 -32.95 43.71 100.95
CA GLY TC 242 -33.69 42.94 101.94
C GLY TC 242 -34.25 41.63 101.45
N MET TC 243 -35.58 41.50 101.42
CA MET TC 243 -36.26 40.27 101.08
C MET TC 243 -37.33 40.56 100.04
N VAL TC 244 -37.51 39.62 99.10
CA VAL TC 244 -38.55 39.73 98.10
C VAL TC 244 -39.91 39.58 98.75
N LYS TC 245 -40.79 40.56 98.52
CA LYS TC 245 -42.13 40.52 99.08
C LYS TC 245 -43.17 40.06 98.07
N LEU TC 246 -43.17 40.63 96.87
CA LEU TC 246 -44.16 40.29 95.86
C LEU TC 246 -43.61 40.65 94.48
N ILE TC 247 -43.87 39.78 93.50
CA ILE TC 247 -43.49 40.01 92.11
C ILE TC 247 -44.74 40.40 91.33
N ASP TC 248 -44.66 41.49 90.58
CA ASP TC 248 -45.77 41.93 89.73
C ASP TC 248 -45.25 42.12 88.31
N SER TC 249 -45.57 41.16 87.43
CA SER TC 249 -45.27 41.34 86.02
C SER TC 249 -46.13 42.42 85.40
N LEU TC 250 -47.34 42.59 85.92
CA LEU TC 250 -48.16 43.75 85.59
C LEU TC 250 -47.49 45.02 86.10
N GLN TC 251 -47.45 46.04 85.24
CA GLN TC 251 -46.93 47.38 85.50
C GLN TC 251 -45.43 47.45 85.82
N GLY TC 252 -44.73 46.32 85.78
CA GLY TC 252 -43.28 46.29 85.90
C GLY TC 252 -42.68 46.73 87.22
N ARG TC 253 -43.21 46.22 88.34
CA ARG TC 253 -42.67 46.54 89.65
C ARG TC 253 -42.30 45.26 90.39
N ILE TC 254 -41.17 45.30 91.11
CA ILE TC 254 -40.84 44.28 92.08
C ILE TC 254 -40.62 44.95 93.42
N LEU TC 255 -41.33 44.50 94.44
CA LEU TC 255 -41.34 45.14 95.75
C LEU TC 255 -40.35 44.48 96.68
N THR TC 256 -39.94 45.23 97.70
CA THR TC 256 -39.06 44.71 98.74
C THR TC 256 -39.82 44.66 100.06
N SER TC 257 -39.40 43.73 100.93
CA SER TC 257 -39.92 43.70 102.28
C SER TC 257 -39.49 44.92 103.10
N SER TC 258 -38.40 45.58 102.69
CA SER TC 258 -37.91 46.76 103.40
C SER TC 258 -38.47 48.07 102.85
N GLY TC 259 -39.30 48.03 101.81
CA GLY TC 259 -39.98 49.22 101.36
C GLY TC 259 -39.36 49.94 100.20
N GLN TC 260 -38.71 49.24 99.29
CA GLN TC 260 -38.22 49.82 98.05
C GLN TC 260 -38.80 49.05 96.87
N VAL TC 261 -39.19 49.76 95.83
CA VAL TC 261 -39.76 49.17 94.63
C VAL TC 261 -38.77 49.38 93.49
N ILE TC 262 -38.39 48.29 92.83
CA ILE TC 262 -37.48 48.33 91.71
C ILE TC 262 -38.30 48.24 90.43
N LYS TC 263 -37.99 49.10 89.47
CA LYS TC 263 -38.60 49.08 88.15
C LYS TC 263 -37.49 49.22 87.12
N PHE TC 264 -37.85 49.48 85.87
CA PHE TC 264 -36.86 49.71 84.83
C PHE TC 264 -36.29 51.13 84.93
N SER TC 265 -35.42 51.47 84.00
CA SER TC 265 -34.76 52.77 84.01
C SER TC 265 -35.70 53.87 83.53
N GLN TC 266 -35.29 55.12 83.78
CA GLN TC 266 -36.02 56.26 83.22
C GLN TC 266 -35.82 56.35 81.72
N GLU TC 267 -34.58 56.17 81.27
CA GLU TC 267 -34.32 56.16 79.84
C GLU TC 267 -34.75 54.86 79.17
N ASP TC 268 -34.90 53.78 79.94
CA ASP TC 268 -35.34 52.48 79.41
C ASP TC 268 -36.73 52.23 79.98
N SER TC 269 -37.75 52.77 79.32
CA SER TC 269 -39.13 52.64 79.79
C SER TC 269 -39.86 51.50 79.09
N GLN UC 791 -86.60 40.14 71.11
CA GLN UC 791 -85.26 40.73 71.17
C GLN UC 791 -84.39 40.18 70.04
N GLN UC 792 -84.97 40.11 68.84
CA GLN UC 792 -84.24 39.58 67.69
C GLN UC 792 -83.17 40.53 67.19
N GLU UC 793 -83.29 41.82 67.50
CA GLU UC 793 -82.26 42.78 67.12
C GLU UC 793 -80.96 42.51 67.85
N ILE UC 794 -81.07 42.06 69.10
CA ILE UC 794 -79.90 41.65 69.89
C ILE UC 794 -79.14 40.55 69.20
N GLN UC 795 -79.84 39.49 68.79
CA GLN UC 795 -79.15 38.33 68.26
C GLN UC 795 -78.64 38.56 66.83
N GLN UC 796 -79.35 39.37 66.02
CA GLN UC 796 -78.76 39.68 64.72
C GLN UC 796 -77.54 40.59 64.85
N ARG UC 797 -77.56 41.51 65.83
CA ARG UC 797 -76.40 42.35 66.07
C ARG UC 797 -75.20 41.52 66.52
N THR UC 798 -75.44 40.54 67.41
CA THR UC 798 -74.37 39.62 67.80
C THR UC 798 -73.89 38.79 66.63
N SER UC 799 -74.79 38.41 65.72
CA SER UC 799 -74.40 37.63 64.56
C SER UC 799 -73.44 38.40 63.67
N ASP UC 800 -73.80 39.65 63.33
CA ASP UC 800 -72.95 40.41 62.41
C ASP UC 800 -71.64 40.82 63.08
N MET UC 801 -71.67 41.18 64.37
CA MET UC 801 -70.43 41.54 65.02
C MET UC 801 -69.58 40.30 65.34
N LEU UC 802 -70.17 39.11 65.42
CA LEU UC 802 -69.37 37.91 65.57
C LEU UC 802 -68.68 37.55 64.27
N THR UC 803 -69.36 37.78 63.14
CA THR UC 803 -68.70 37.62 61.84
C THR UC 803 -67.55 38.60 61.70
N ALA UC 804 -67.76 39.84 62.14
CA ALA UC 804 -66.70 40.84 62.10
C ALA UC 804 -65.54 40.47 63.03
N ALA UC 805 -65.85 39.89 64.20
CA ALA UC 805 -64.82 39.49 65.13
C ALA UC 805 -63.99 38.34 64.58
N THR UC 806 -64.64 37.35 63.96
CA THR UC 806 -63.90 36.29 63.30
C THR UC 806 -63.09 36.81 62.13
N GLN UC 807 -63.62 37.82 61.43
CA GLN UC 807 -62.89 38.47 60.36
C GLN UC 807 -61.61 39.14 60.87
N LEU UC 808 -61.69 39.82 62.01
CA LEU UC 808 -60.48 40.44 62.53
C LEU UC 808 -59.54 39.41 63.16
N VAL UC 809 -60.09 38.27 63.59
CA VAL UC 809 -59.23 37.15 64.02
C VAL UC 809 -58.39 36.66 62.86
N GLN UC 810 -59.03 36.40 61.71
CA GLN UC 810 -58.22 35.99 60.56
C GLN UC 810 -57.42 37.13 59.97
N ASP UC 811 -57.72 38.38 60.35
CA ASP UC 811 -56.83 39.49 60.03
C ASP UC 811 -55.59 39.51 60.90
N TRP UC 812 -55.70 39.08 62.15
CA TRP UC 812 -54.63 39.33 63.11
C TRP UC 812 -53.81 38.11 63.47
N LYS UC 813 -54.29 36.89 63.24
CA LYS UC 813 -53.56 35.73 63.74
C LYS UC 813 -52.38 35.34 62.88
N GLN UC 814 -52.16 36.01 61.75
CA GLN UC 814 -51.05 35.71 60.86
C GLN UC 814 -50.00 36.81 60.91
N VAL UC 815 -48.74 36.40 60.76
CA VAL UC 815 -47.58 37.30 60.74
C VAL UC 815 -46.62 36.78 59.68
N GLU UC 816 -46.26 37.62 58.72
CA GLU UC 816 -45.29 37.19 57.72
C GLU UC 816 -43.87 37.31 58.27
N THR UC 817 -42.94 36.69 57.55
CA THR UC 817 -41.58 36.52 58.05
C THR UC 817 -40.68 37.63 57.53
N GLN UC 818 -39.38 37.46 57.73
CA GLN UC 818 -38.35 38.34 57.21
C GLN UC 818 -38.05 38.02 55.76
N VAL UC 819 -37.19 38.85 55.16
CA VAL UC 819 -36.54 38.55 53.90
C VAL UC 819 -35.14 39.14 53.96
N TYR UC 820 -34.13 38.28 53.86
CA TYR UC 820 -32.74 38.70 53.81
C TYR UC 820 -32.27 38.66 52.37
N THR UC 821 -31.81 39.79 51.86
CA THR UC 821 -31.37 39.90 50.47
C THR UC 821 -29.90 40.24 50.43
N GLU UC 822 -29.13 39.43 49.71
CA GLU UC 822 -27.72 39.63 49.50
C GLU UC 822 -27.44 39.71 48.01
N GLY UC 823 -26.54 40.62 47.62
CA GLY UC 823 -26.14 40.70 46.23
C GLY UC 823 -24.76 41.28 46.03
N THR UC 824 -23.96 40.65 45.17
CA THR UC 824 -22.63 41.15 44.85
C THR UC 824 -22.70 42.12 43.68
N ALA VC 104 -96.00 67.71 30.23
CA ALA VC 104 -95.21 67.05 29.19
C ALA VC 104 -93.72 67.08 29.53
N GLU VC 105 -93.18 68.30 29.66
CA GLU VC 105 -91.75 68.45 29.93
C GLU VC 105 -91.41 68.14 31.38
N VAL VC 106 -92.39 68.27 32.28
CA VAL VC 106 -92.20 67.88 33.67
C VAL VC 106 -91.97 66.38 33.78
N ILE VC 107 -92.58 65.61 32.88
CA ILE VC 107 -92.31 64.17 32.80
C ILE VC 107 -90.85 63.93 32.45
N ASP VC 108 -90.31 64.72 31.53
CA ASP VC 108 -88.90 64.59 31.14
C ASP VC 108 -87.97 64.97 32.28
N LYS VC 109 -88.29 66.04 32.99
CA LYS VC 109 -87.42 66.48 34.09
C LYS VC 109 -87.48 65.50 35.26
N LYS VC 110 -88.67 64.98 35.58
CA LYS VC 110 -88.80 63.96 36.61
C LYS VC 110 -88.06 62.69 36.22
N ALA VC 111 -88.13 62.30 34.95
CA ALA VC 111 -87.41 61.12 34.49
C ALA VC 111 -85.90 61.30 34.59
N PHE VC 112 -85.41 62.49 34.24
CA PHE VC 112 -83.97 62.74 34.33
C PHE VC 112 -83.50 62.77 35.78
N LYS VC 113 -84.29 63.37 36.67
CA LYS VC 113 -83.94 63.40 38.09
C LYS VC 113 -83.95 61.98 38.69
N ASP VC 114 -84.95 61.17 38.33
CA ASP VC 114 -85.03 59.82 38.84
C ASP VC 114 -83.92 58.95 38.30
N MET VC 115 -83.56 59.13 37.02
CA MET VC 115 -82.45 58.38 36.44
C MET VC 115 -81.14 58.75 37.11
N THR VC 116 -80.93 60.04 37.38
CA THR VC 116 -79.72 60.48 38.06
C THR VC 116 -79.65 59.91 39.47
N ARG VC 117 -80.78 59.93 40.20
CA ARG VC 117 -80.83 59.41 41.56
C ARG VC 117 -80.58 57.91 41.59
N ASN VC 118 -81.18 57.17 40.65
CA ASN VC 118 -80.99 55.73 40.62
C ASN VC 118 -79.61 55.36 40.10
N LEU VC 119 -79.02 56.20 39.26
CA LEU VC 119 -77.66 55.95 38.80
C LEU VC 119 -76.68 56.13 39.95
N TYR VC 120 -76.78 57.24 40.67
CA TYR VC 120 -75.88 57.51 41.80
C TYR VC 120 -76.73 57.80 43.02
N PRO VC 121 -77.00 56.79 43.83
CA PRO VC 121 -77.64 57.05 45.13
C PRO VC 121 -76.78 57.86 46.09
N LEU VC 122 -75.46 57.78 45.97
CA LEU VC 122 -74.54 58.43 46.88
C LEU VC 122 -74.12 59.79 46.34
N ASN VC 123 -74.29 60.82 47.17
CA ASN VC 123 -73.77 62.13 46.81
C ASN VC 123 -72.25 62.14 46.98
N PRO VC 124 -71.55 63.02 46.25
CA PRO VC 124 -70.08 63.08 46.37
C PRO VC 124 -69.57 63.42 47.77
N GLU VC 125 -70.28 64.30 48.50
CA GLU VC 125 -69.89 64.58 49.87
C GLU VC 125 -70.13 63.39 50.77
N GLN VC 126 -71.17 62.60 50.48
CA GLN VC 126 -71.39 61.35 51.19
C GLN VC 126 -70.27 60.36 50.90
N VAL VC 127 -69.79 60.34 49.65
CA VAL VC 127 -68.66 59.51 49.26
C VAL VC 127 -67.40 59.91 50.02
N VAL VC 128 -67.16 61.22 50.12
CA VAL VC 128 -65.98 61.72 50.83
C VAL VC 128 -66.05 61.39 52.31
N LYS VC 129 -67.23 61.57 52.94
CA LYS VC 129 -67.31 61.30 54.37
C LYS VC 129 -67.30 59.80 54.66
N LEU VC 130 -67.81 58.95 53.75
CA LEU VC 130 -67.67 57.53 53.98
C LEU VC 130 -66.25 57.07 53.75
N LYS VC 131 -65.52 57.75 52.86
CA LYS VC 131 -64.08 57.50 52.73
C LYS VC 131 -63.34 57.91 54.00
N GLN VC 132 -63.80 58.99 54.64
CA GLN VC 132 -63.27 59.39 55.93
C GLN VC 132 -63.53 58.33 56.99
N ILE VC 133 -64.74 57.75 56.98
CA ILE VC 133 -65.10 56.66 57.88
C ILE VC 133 -64.21 55.45 57.63
N TYR VC 134 -63.97 55.14 56.36
CA TYR VC 134 -63.13 54.02 55.97
C TYR VC 134 -61.70 54.20 56.45
N GLU VC 135 -61.12 55.39 56.23
CA GLU VC 135 -59.74 55.58 56.63
C GLU VC 135 -59.60 55.71 58.14
N THR VC 136 -60.66 56.18 58.82
CA THR VC 136 -60.68 56.13 60.28
C THR VC 136 -60.68 54.71 60.78
N SER VC 137 -61.45 53.83 60.12
CA SER VC 137 -61.42 52.42 60.45
C SER VC 137 -60.06 51.79 60.16
N GLU VC 138 -59.38 52.26 59.12
CA GLU VC 138 -58.04 51.77 58.83
C GLU VC 138 -57.05 52.22 59.91
N TYR VC 139 -57.21 53.45 60.41
CA TYR VC 139 -56.40 53.92 61.52
C TYR VC 139 -56.67 53.10 62.78
N ALA VC 140 -57.93 52.75 63.00
CA ALA VC 140 -58.30 51.90 64.14
C ALA VC 140 -57.70 50.51 64.00
N LYS VC 141 -57.74 49.96 62.79
CA LYS VC 141 -57.17 48.64 62.52
C LYS VC 141 -55.66 48.65 62.72
N ALA VC 142 -55.00 49.70 62.26
CA ALA VC 142 -53.57 49.83 62.46
C ALA VC 142 -53.20 50.22 63.88
N ALA VC 143 -54.16 50.65 64.69
CA ALA VC 143 -53.88 51.00 66.07
C ALA VC 143 -53.54 49.76 66.89
N THR VC 144 -52.47 49.86 67.67
CA THR VC 144 -51.97 48.77 68.48
C THR VC 144 -52.03 49.16 69.95
N PRO VC 145 -52.66 48.36 70.81
CA PRO VC 145 -52.83 48.74 72.21
C PRO VC 145 -51.52 48.54 72.99
N GLY VC 146 -51.53 49.09 74.20
CA GLY VC 146 -50.39 49.00 75.08
C GLY VC 146 -49.32 50.02 74.76
N THR VC 147 -48.23 49.92 75.51
CA THR VC 147 -47.09 50.81 75.30
C THR VC 147 -46.12 50.17 74.33
N PRO VC 148 -45.84 50.78 73.18
CA PRO VC 148 -44.85 50.22 72.27
C PRO VC 148 -43.46 50.32 72.87
N PRO VC 149 -42.58 49.37 72.58
CA PRO VC 149 -41.27 49.33 73.22
C PRO VC 149 -40.32 50.36 72.62
N LYS VC 150 -39.08 50.33 73.10
CA LYS VC 150 -38.05 51.27 72.68
C LYS VC 150 -36.87 50.53 72.08
N PRO VC 151 -36.51 50.80 70.83
CA PRO VC 151 -35.34 50.16 70.23
C PRO VC 151 -34.05 50.72 70.82
N THR VC 152 -33.04 49.86 70.95
CA THR VC 152 -31.77 50.27 71.51
C THR VC 152 -30.66 49.34 71.06
N ALA VC 153 -29.43 49.85 71.17
CA ALA VC 153 -28.23 49.05 70.99
C ALA VC 153 -27.63 48.77 72.35
N THR VC 154 -27.06 47.58 72.49
CA THR VC 154 -26.46 47.15 73.75
C THR VC 154 -25.07 46.60 73.49
N SER VC 155 -24.21 46.72 74.49
CA SER VC 155 -22.85 46.17 74.45
C SER VC 155 -22.66 45.35 75.71
N GLN VC 156 -22.70 44.03 75.59
CA GLN VC 156 -22.65 43.15 76.74
C GLN VC 156 -21.40 42.28 76.67
N PHE VC 157 -20.66 42.23 77.76
CA PHE VC 157 -19.52 41.33 77.89
C PHE VC 157 -20.00 40.04 78.55
N VAL VC 158 -19.88 38.94 77.83
CA VAL VC 158 -20.36 37.65 78.30
C VAL VC 158 -19.40 37.10 79.35
N ASN VC 159 -19.82 36.07 80.07
CA ASN VC 159 -18.97 35.44 81.06
C ASN VC 159 -18.98 33.93 80.87
N LEU VC 160 -17.84 33.31 81.12
CA LEU VC 160 -17.68 31.88 80.95
C LEU VC 160 -17.72 31.12 82.27
N SER VC 161 -18.12 31.78 83.36
CA SER VC 161 -18.20 31.12 84.65
C SER VC 161 -19.41 30.18 84.68
N PRO VC 162 -19.30 29.06 85.39
CA PRO VC 162 -20.47 28.16 85.52
C PRO VC 162 -21.59 28.77 86.35
N GLY VC 163 -21.28 29.37 87.49
CA GLY VC 163 -22.31 29.96 88.30
C GLY VC 163 -22.85 31.28 87.82
N SER VC 164 -22.28 31.82 86.74
CA SER VC 164 -22.75 33.07 86.18
C SER VC 164 -24.12 32.90 85.54
N THR VC 165 -24.98 33.88 85.76
CA THR VC 165 -26.28 33.90 85.11
C THR VC 165 -26.11 34.22 83.62
N PRO VC 166 -26.89 33.60 82.74
CA PRO VC 166 -26.64 33.73 81.29
C PRO VC 166 -27.07 35.07 80.76
N PRO VC 167 -26.52 35.50 79.63
CA PRO VC 167 -26.99 36.73 79.00
C PRO VC 167 -28.37 36.57 78.39
N VAL VC 168 -29.18 37.62 78.57
CA VAL VC 168 -30.60 37.63 78.26
C VAL VC 168 -30.88 38.76 77.28
N ILE VC 169 -31.59 38.46 76.20
CA ILE VC 169 -31.95 39.44 75.20
C ILE VC 169 -33.46 39.48 75.07
N ARG VC 170 -34.04 40.67 75.24
CA ARG VC 170 -35.46 40.89 75.03
C ARG VC 170 -35.72 41.22 73.57
N LEU VC 171 -36.86 40.77 73.07
CA LEU VC 171 -37.15 40.75 71.65
C LEU VC 171 -38.56 41.28 71.39
N SER VC 172 -38.77 41.76 70.17
CA SER VC 172 -40.07 42.23 69.72
C SER VC 172 -40.61 41.31 68.64
N GLN VC 173 -41.90 41.43 68.39
CA GLN VC 173 -42.62 40.51 67.50
C GLN VC 173 -42.34 40.88 66.05
N GLY VC 174 -41.50 40.08 65.39
CA GLY VC 174 -41.22 40.26 63.98
C GLY VC 174 -40.18 41.30 63.65
N PHE VC 175 -39.70 42.05 64.63
CA PHE VC 175 -38.71 43.09 64.40
C PHE VC 175 -37.33 42.47 64.54
N VAL VC 176 -36.58 42.46 63.45
CA VAL VC 176 -35.33 41.72 63.37
C VAL VC 176 -34.26 42.49 64.15
N SER VC 177 -33.41 41.74 64.85
CA SER VC 177 -32.29 42.30 65.59
C SER VC 177 -31.02 41.59 65.15
N SER VC 178 -29.95 42.37 65.04
CA SER VC 178 -28.65 41.83 64.64
C SER VC 178 -27.73 41.74 65.84
N LEU VC 179 -27.10 40.58 65.99
CA LEU VC 179 -26.16 40.31 67.06
C LEU VC 179 -24.78 40.13 66.44
N VAL VC 180 -23.82 40.94 66.87
CA VAL VC 180 -22.48 40.95 66.29
C VAL VC 180 -21.49 40.55 67.39
N PHE VC 181 -20.65 39.56 67.08
CA PHE VC 181 -19.80 38.93 68.10
C PHE VC 181 -18.37 39.41 67.94
N LEU VC 182 -17.88 40.15 68.92
CA LEU VC 182 -16.48 40.55 68.99
C LEU VC 182 -15.86 39.98 70.26
N ASP VC 183 -14.55 39.83 70.25
CA ASP VC 183 -13.84 39.22 71.36
C ASP VC 183 -13.53 40.28 72.42
N SER VC 184 -12.66 39.92 73.37
CA SER VC 184 -12.20 40.90 74.35
C SER VC 184 -11.34 41.99 73.71
N THR VC 185 -10.63 41.66 72.65
CA THR VC 185 -9.87 42.68 71.92
C THR VC 185 -10.72 43.45 70.92
N GLY VC 186 -11.98 43.08 70.74
CA GLY VC 186 -12.87 43.75 69.81
C GLY VC 186 -12.86 43.19 68.41
N ALA VC 187 -11.96 42.27 68.10
CA ALA VC 187 -11.93 41.65 66.79
C ALA VC 187 -13.11 40.69 66.64
N PRO VC 188 -13.66 40.58 65.43
CA PRO VC 188 -14.78 39.66 65.22
C PRO VC 188 -14.36 38.21 65.33
N TRP VC 189 -15.32 37.35 65.64
CA TRP VC 189 -15.08 35.92 65.75
C TRP VC 189 -16.18 35.19 65.00
N PRO VC 190 -15.86 34.49 63.92
CA PRO VC 190 -16.89 33.85 63.10
C PRO VC 190 -17.53 32.66 63.79
N ILE VC 191 -18.74 32.35 63.34
CA ILE VC 191 -19.61 31.36 63.97
C ILE VC 191 -19.45 30.03 63.26
N ALA VC 192 -18.99 29.02 63.99
CA ALA VC 192 -18.86 27.70 63.39
C ALA VC 192 -20.23 27.04 63.21
N ALA VC 193 -21.09 27.13 64.23
CA ALA VC 193 -22.38 26.45 64.16
C ALA VC 193 -23.37 27.18 65.04
N TYR VC 194 -24.65 26.94 64.76
CA TYR VC 194 -25.70 27.42 65.64
C TYR VC 194 -26.78 26.36 65.77
N ASP VC 195 -27.24 26.17 67.00
CA ASP VC 195 -28.36 25.29 67.29
C ASP VC 195 -29.46 26.12 67.93
N LEU VC 196 -30.62 26.15 67.30
CA LEU VC 196 -31.74 27.00 67.71
C LEU VC 196 -32.96 26.13 67.92
N GLY VC 197 -33.51 26.16 69.13
CA GLY VC 197 -34.77 25.52 69.40
C GLY VC 197 -35.93 26.42 69.04
N ASP VC 198 -37.12 25.79 68.94
CA ASP VC 198 -38.39 26.42 68.59
C ASP VC 198 -38.35 27.26 67.31
N PRO VC 199 -38.32 26.63 66.13
CA PRO VC 199 -38.43 27.42 64.89
C PRO VC 199 -39.71 28.23 64.75
N SER VC 200 -40.82 27.77 65.34
CA SER VC 200 -42.06 28.52 65.27
C SER VC 200 -42.05 29.74 66.19
N SER VC 201 -41.15 29.78 67.17
CA SER VC 201 -41.09 30.94 68.06
C SER VC 201 -40.07 31.96 67.59
N PHE VC 202 -38.89 31.51 67.14
CA PHE VC 202 -37.88 32.41 66.61
C PHE VC 202 -37.30 31.81 65.35
N ASN VC 203 -36.82 32.68 64.46
CA ASN VC 203 -36.08 32.24 63.30
C ASN VC 203 -34.85 33.11 63.11
N ILE VC 204 -33.82 32.52 62.49
CA ILE VC 204 -32.47 33.07 62.48
C ILE VC 204 -31.92 33.02 61.06
N GLN VC 205 -31.39 34.14 60.60
CA GLN VC 205 -30.62 34.21 59.38
C GLN VC 205 -29.15 34.37 59.74
N TRP VC 206 -28.29 33.61 59.06
CA TRP VC 206 -26.86 33.65 59.27
C TRP VC 206 -26.17 33.39 57.94
N ASP VC 207 -25.49 34.41 57.40
CA ASP VC 207 -24.61 34.15 56.28
C ASP VC 207 -23.40 33.37 56.78
N LYS VC 208 -22.80 32.60 55.88
CA LYS VC 208 -21.81 31.60 56.27
C LYS VC 208 -20.45 32.19 56.63
N THR VC 209 -20.33 33.51 56.74
CA THR VC 209 -19.04 34.15 56.92
C THR VC 209 -18.95 35.03 58.15
N SER VC 210 -20.00 35.79 58.47
CA SER VC 210 -19.86 36.86 59.43
C SER VC 210 -20.11 36.38 60.86
N ASN VC 211 -19.81 37.28 61.80
CA ASN VC 211 -20.14 37.11 63.21
C ASN VC 211 -21.48 37.76 63.56
N THR VC 212 -22.40 37.80 62.59
CA THR VC 212 -23.64 38.56 62.72
C THR VC 212 -24.82 37.63 62.51
N LEU VC 213 -25.79 37.72 63.41
CA LEU VC 213 -27.01 36.94 63.35
C LEU VC 213 -28.21 37.88 63.23
N MET VC 214 -29.15 37.53 62.37
CA MET VC 214 -30.37 38.30 62.18
C MET VC 214 -31.52 37.48 62.74
N ILE VC 215 -31.99 37.85 63.92
CA ILE VC 215 -32.96 37.08 64.67
C ILE VC 215 -34.30 37.79 64.63
N GLN VC 216 -35.36 37.04 64.38
CA GLN VC 216 -36.70 37.61 64.37
C GLN VC 216 -37.63 36.69 65.14
N ALA VC 217 -38.55 37.30 65.89
CA ALA VC 217 -39.42 36.57 66.81
C ALA VC 217 -40.82 36.53 66.23
N THR VC 218 -41.35 35.32 66.05
CA THR VC 218 -42.68 35.15 65.51
C THR VC 218 -43.75 35.27 66.58
N LYS VC 219 -43.58 34.54 67.68
CA LYS VC 219 -44.58 34.49 68.73
C LYS VC 219 -44.46 35.71 69.66
N LEU VC 220 -45.30 35.75 70.68
CA LEU VC 220 -45.44 36.93 71.54
C LEU VC 220 -44.78 36.76 72.91
N TYR VC 221 -45.16 35.73 73.65
CA TYR VC 221 -44.69 35.55 75.03
C TYR VC 221 -44.18 34.14 75.24
N ASN VC 222 -43.38 33.65 74.30
CA ASN VC 222 -42.85 32.30 74.36
C ASN VC 222 -41.34 32.39 74.25
N TYR VC 223 -40.64 32.16 75.36
CA TYR VC 223 -39.20 32.38 75.39
C TYR VC 223 -38.45 31.18 74.82
N GLY VC 224 -37.14 31.34 74.68
CA GLY VC 224 -36.31 30.25 74.20
C GLY VC 224 -34.85 30.50 74.49
N ASN VC 225 -34.02 29.64 73.91
CA ASN VC 225 -32.58 29.73 74.11
C ASN VC 225 -31.90 29.21 72.85
N LEU VC 226 -30.61 29.51 72.72
CA LEU VC 226 -29.86 28.95 71.60
C LEU VC 226 -28.40 28.75 71.99
N ALA VC 227 -27.71 27.93 71.20
CA ALA VC 227 -26.31 27.63 71.40
C ALA VC 227 -25.53 28.06 70.16
N VAL VC 228 -24.40 28.72 70.38
CA VAL VC 228 -23.56 29.26 69.32
C VAL VC 228 -22.15 28.72 69.50
N ARG VC 229 -21.60 28.12 68.44
CA ARG VC 229 -20.22 27.66 68.45
C ARG VC 229 -19.40 28.52 67.50
N LEU VC 230 -18.31 29.08 68.03
CA LEU VC 230 -17.42 29.93 67.27
C LEU VC 230 -16.22 29.12 66.78
N ARG VC 231 -15.21 29.83 66.26
CA ARG VC 231 -14.07 29.16 65.64
C ARG VC 231 -13.16 28.53 66.70
N GLY VC 232 -12.59 29.35 67.58
CA GLY VC 232 -11.60 28.86 68.51
C GLY VC 232 -12.16 28.35 69.83
N LEU VC 233 -13.38 28.75 70.17
CA LEU VC 233 -13.97 28.39 71.45
C LEU VC 233 -14.51 26.98 71.37
N ASN VC 234 -13.90 26.06 72.12
CA ASN VC 234 -14.47 24.72 72.23
C ASN VC 234 -15.79 24.75 72.97
N THR VC 235 -15.87 25.52 74.04
CA THR VC 235 -17.11 25.60 74.80
C THR VC 235 -18.07 26.54 74.09
N PRO VC 236 -19.26 26.07 73.71
CA PRO VC 236 -20.21 26.93 73.02
C PRO VC 236 -20.92 27.88 73.96
N VAL VC 237 -21.35 28.98 73.42
CA VAL VC 237 -22.09 30.01 74.14
C VAL VC 237 -23.55 29.60 74.18
N MET VC 238 -24.22 29.92 75.28
CA MET VC 238 -25.66 29.78 75.38
C MET VC 238 -26.28 31.16 75.62
N LEU VC 239 -27.30 31.49 74.84
CA LEU VC 239 -27.99 32.77 74.95
C LEU VC 239 -29.46 32.54 75.26
N THR VC 240 -30.03 33.44 76.06
CA THR VC 240 -31.44 33.38 76.42
C THR VC 240 -32.22 34.46 75.69
N LEU VC 241 -33.38 34.08 75.15
CA LEU VC 241 -34.20 34.97 74.33
C LEU VC 241 -35.58 35.06 74.96
N ILE VC 242 -36.02 36.28 75.26
CA ILE VC 242 -37.31 36.51 75.89
C ILE VC 242 -38.06 37.54 75.04
N PRO VC 243 -39.24 37.24 74.54
CA PRO VC 243 -39.93 38.16 73.65
C PRO VC 243 -40.90 39.09 74.37
N GLY VC 244 -41.11 40.25 73.75
CA GLY VC 244 -42.19 41.14 74.13
C GLY VC 244 -42.11 41.77 75.51
N GLN VC 245 -40.95 42.28 75.90
CA GLN VC 245 -40.82 43.02 77.13
C GLN VC 245 -41.11 44.50 76.84
N LYS VC 246 -40.85 45.38 77.80
CA LYS VC 246 -41.13 46.79 77.63
C LYS VC 246 -40.14 47.51 76.72
N ALA VC 247 -39.04 46.85 76.35
CA ALA VC 247 -38.08 47.42 75.42
C ALA VC 247 -37.66 46.34 74.44
N VAL VC 248 -37.12 46.76 73.31
CA VAL VC 248 -36.63 45.85 72.29
C VAL VC 248 -35.14 46.13 72.09
N ASP VC 249 -34.34 45.09 72.25
CA ASP VC 249 -32.91 45.17 71.95
C ASP VC 249 -32.76 45.20 70.44
N TYR VC 250 -32.64 46.40 69.88
CA TYR VC 250 -32.63 46.56 68.44
C TYR VC 250 -31.33 46.05 67.83
N ARG VC 251 -30.20 46.29 68.48
CA ARG VC 251 -28.94 45.74 67.99
C ARG VC 251 -28.05 45.40 69.18
N VAL VC 252 -27.48 44.20 69.20
CA VAL VC 252 -26.69 43.73 70.32
C VAL VC 252 -25.29 43.39 69.85
N ASP VC 253 -24.29 43.97 70.52
CA ASP VC 253 -22.89 43.60 70.35
C ASP VC 253 -22.47 42.80 71.57
N LEU VC 254 -21.88 41.64 71.33
CA LEU VC 254 -21.50 40.73 72.40
C LEU VC 254 -19.99 40.55 72.39
N ARG VC 255 -19.36 40.82 73.52
CA ARG VC 255 -17.91 40.73 73.68
C ARG VC 255 -17.59 39.48 74.50
N VAL VC 256 -16.82 38.59 73.89
CA VAL VC 256 -16.51 37.32 74.52
C VAL VC 256 -15.24 37.45 75.35
N GLN VC 257 -15.09 36.54 76.31
CA GLN VC 257 -13.91 36.55 77.18
C GLN VC 257 -12.65 36.09 76.46
N GLY VC 258 -12.78 35.39 75.33
CA GLY VC 258 -11.63 34.91 74.60
C GLY VC 258 -10.97 35.99 73.77
N TYR VC 259 -9.88 35.60 73.12
CA TYR VC 259 -9.13 36.47 72.23
C TYR VC 259 -9.31 35.97 70.80
N GLY VC 260 -9.83 36.85 69.94
CA GLY VC 260 -10.26 36.49 68.62
C GLY VC 260 -9.12 36.22 67.66
N PRO VC 261 -9.40 35.51 66.57
CA PRO VC 261 -8.36 35.19 65.60
C PRO VC 261 -7.88 36.40 64.82
N ASN VC 262 -8.65 37.48 64.77
CA ASN VC 262 -8.21 38.69 64.12
C ASN VC 262 -7.52 39.61 65.11
N ALA VC 263 -6.78 40.58 64.59
CA ALA VC 263 -6.04 41.53 65.43
C ALA VC 263 -5.95 42.88 64.76
N ASP VC 278 -9.31 58.50 67.01
CA ASP VC 278 -9.69 58.15 68.37
C ASP VC 278 -10.78 59.08 68.90
N LEU VC 279 -10.67 59.43 70.18
CA LEU VC 279 -11.63 60.35 70.78
C LEU VC 279 -11.51 61.75 70.18
N LEU VC 280 -10.29 62.14 69.78
CA LEU VC 280 -10.11 63.40 69.06
C LEU VC 280 -10.81 63.35 67.70
N LEU VC 281 -10.77 62.19 67.04
CA LEU VC 281 -11.51 62.01 65.80
C LEU VC 281 -13.01 62.08 66.04
N HIS VC 282 -13.48 61.55 67.18
CA HIS VC 282 -14.90 61.62 67.50
C HIS VC 282 -15.36 63.05 67.76
N VAL VC 283 -14.53 63.83 68.47
CA VAL VC 283 -14.84 65.24 68.69
C VAL VC 283 -14.82 66.00 67.37
N LEU VC 284 -13.92 65.65 66.47
CA LEU VC 284 -13.87 66.28 65.15
C LEU VC 284 -15.13 65.96 64.34
N GLU VC 285 -15.55 64.71 64.34
CA GLU VC 285 -16.72 64.34 63.55
C GLU VC 285 -18.03 64.71 64.23
N GLY VC 286 -17.99 65.16 65.48
CA GLY VC 286 -19.11 65.86 66.10
C GLY VC 286 -19.69 65.19 67.33
N VAL VC 287 -19.45 63.90 67.53
CA VAL VC 287 -19.98 63.25 68.74
C VAL VC 287 -19.15 63.70 69.95
N PRO VC 288 -19.80 64.16 71.02
CA PRO VC 288 -19.05 64.67 72.17
C PRO VC 288 -18.36 63.53 72.90
N PRO VC 289 -17.28 63.83 73.63
CA PRO VC 289 -16.61 62.78 74.39
C PRO VC 289 -17.45 62.35 75.57
N PRO VC 290 -17.30 61.11 76.03
CA PRO VC 290 -18.11 60.64 77.18
C PRO VC 290 -17.72 61.33 78.47
N GLY VC 291 -18.73 61.51 79.33
CA GLY VC 291 -18.50 62.10 80.64
C GLY VC 291 -18.17 63.58 80.60
N SER VC 292 -18.55 64.27 79.54
CA SER VC 292 -18.19 65.67 79.33
C SER VC 292 -19.41 66.57 79.51
N ARG VC 293 -19.23 67.65 80.25
CA ARG VC 293 -20.26 68.66 80.44
C ARG VC 293 -20.02 69.80 79.46
N ARG VC 294 -21.10 70.25 78.82
CA ARG VC 294 -20.98 71.31 77.84
C ARG VC 294 -20.73 72.65 78.51
N LEU VC 295 -19.73 73.38 78.04
CA LEU VC 295 -19.42 74.69 78.58
C LEU VC 295 -20.12 75.78 77.78
N VAL VC 296 -20.00 77.00 78.28
CA VAL VC 296 -20.62 78.17 77.67
C VAL VC 296 -19.52 79.16 77.30
N VAL VC 297 -19.49 79.56 76.04
CA VAL VC 297 -18.51 80.52 75.53
C VAL VC 297 -19.28 81.60 74.77
N SER VC 298 -19.03 82.87 75.10
CA SER VC 298 -19.75 83.99 74.54
C SER VC 298 -18.85 84.77 73.59
N GLY VC 299 -19.34 85.00 72.37
CA GLY VC 299 -18.63 85.78 71.38
C GLY VC 299 -17.86 85.00 70.34
N GLY VC 300 -18.00 83.67 70.31
CA GLY VC 300 -17.28 82.84 69.36
C GLY VC 300 -18.15 81.73 68.83
N ASP VC 301 -17.55 80.91 67.96
CA ASP VC 301 -18.24 79.78 67.34
C ASP VC 301 -17.40 78.53 67.58
N ALA VC 302 -17.61 77.90 68.73
CA ALA VC 302 -16.85 76.71 69.09
C ALA VC 302 -17.67 75.89 70.08
N ARG VC 303 -17.29 74.63 70.20
CA ARG VC 303 -17.89 73.71 71.16
C ARG VC 303 -16.80 73.30 72.15
N ALA VC 304 -17.05 73.53 73.43
CA ALA VC 304 -16.06 73.29 74.47
C ALA VC 304 -16.62 72.32 75.49
N TRP VC 305 -15.82 71.32 75.85
CA TRP VC 305 -16.21 70.31 76.82
C TRP VC 305 -15.10 70.09 77.82
N LEU VC 306 -15.50 69.81 79.05
CA LEU VC 306 -14.59 69.42 80.14
C LEU VC 306 -15.05 68.05 80.62
N SER VC 307 -14.20 67.05 80.44
CA SER VC 307 -14.52 65.68 80.81
C SER VC 307 -13.63 65.16 81.91
N ASN VC 308 -12.31 65.18 81.71
CA ASN VC 308 -11.35 64.60 82.65
C ASN VC 308 -10.24 65.59 82.94
N GLU VC 309 -10.65 66.82 83.25
CA GLU VC 309 -9.77 67.97 83.49
C GLU VC 309 -8.89 68.27 82.29
N LYS VC 310 -9.43 68.06 81.10
CA LYS VC 310 -8.85 68.54 79.86
C LYS VC 310 -9.95 69.21 79.05
N MET VC 311 -9.57 70.27 78.35
CA MET VC 311 -10.50 71.03 77.54
C MET VC 311 -10.47 70.50 76.12
N TYR VC 312 -11.63 70.10 75.61
CA TYR VC 312 -11.78 69.65 74.24
C TYR VC 312 -12.59 70.68 73.48
N VAL VC 313 -12.06 71.14 72.35
CA VAL VC 313 -12.73 72.17 71.57
C VAL VC 313 -12.84 71.72 70.13
N ARG VC 314 -14.06 71.75 69.60
CA ARG VC 314 -14.34 71.54 68.19
C ARG VC 314 -14.80 72.84 67.58
N THR VC 315 -14.14 73.28 66.52
CA THR VC 315 -14.49 74.54 65.89
C THR VC 315 -14.04 74.49 64.43
N ASN VC 316 -14.04 75.65 63.80
CA ASN VC 316 -13.47 75.83 62.47
C ASN VC 316 -12.39 76.89 62.45
N LEU VC 317 -12.17 77.57 63.57
CA LEU VC 317 -11.17 78.63 63.66
C LEU VC 317 -9.84 78.03 64.10
N THR VC 318 -8.90 78.89 64.47
CA THR VC 318 -7.59 78.46 64.95
C THR VC 318 -7.30 79.16 66.27
N ILE VC 319 -6.45 78.54 67.08
CA ILE VC 319 -6.12 79.05 68.41
C ILE VC 319 -4.72 79.62 68.40
N LEU VC 320 -4.51 80.68 69.15
CA LEU VC 320 -3.22 81.36 69.17
C LEU VC 320 -2.53 81.34 70.53
N SER VC 321 -3.26 81.67 71.62
CA SER VC 321 -2.58 82.01 72.86
C SER VC 321 -1.96 80.82 73.61
N PRO VC 322 -2.73 79.83 74.11
CA PRO VC 322 -2.17 78.98 75.17
C PRO VC 322 -1.26 77.85 74.70
N GLY VC 323 -1.42 77.37 73.47
CA GLY VC 323 -0.61 76.25 73.02
C GLY VC 323 -1.33 74.93 73.22
N TRP VC 324 -1.80 74.33 72.14
CA TRP VC 324 -2.60 73.12 72.23
C TRP VC 324 -1.74 71.91 72.56
N LEU VC 325 -2.28 71.02 73.38
CA LEU VC 325 -1.62 69.76 73.64
C LEU VC 325 -1.62 68.87 72.41
N ALA VC 326 -2.79 68.74 71.76
CA ALA VC 326 -2.82 68.00 70.51
C ALA VC 326 -3.91 68.57 69.62
N SER VC 327 -3.74 68.35 68.32
CA SER VC 327 -4.61 68.95 67.33
C SER VC 327 -4.94 67.95 66.23
N MET VC 328 -6.06 68.22 65.56
CA MET VC 328 -6.50 67.45 64.40
C MET VC 328 -7.22 68.39 63.47
N THR VC 329 -6.97 68.27 62.17
CA THR VC 329 -7.65 69.11 61.17
C THR VC 329 -8.34 68.22 60.14
N SER VC 330 -9.63 68.46 59.92
CA SER VC 330 -10.38 67.71 58.95
C SER VC 330 -10.05 68.21 57.53
N ALA VC 331 -10.60 67.52 56.53
CA ALA VC 331 -10.30 67.86 55.15
C ALA VC 331 -11.03 69.14 54.72
N ASP VC 332 -12.25 69.36 55.21
CA ASP VC 332 -13.01 70.52 54.78
C ASP VC 332 -12.52 71.82 55.40
N GLY VC 333 -12.05 71.78 56.65
CA GLY VC 333 -11.55 72.98 57.29
C GLY VC 333 -11.86 73.10 58.77
N THR VC 334 -12.59 72.14 59.32
CA THR VC 334 -12.83 72.16 60.76
C THR VC 334 -11.61 71.65 61.52
N HIS VC 335 -11.52 72.04 62.77
CA HIS VC 335 -10.38 71.72 63.62
C HIS VC 335 -10.87 71.24 64.98
N ALA VC 336 -10.09 70.36 65.59
CA ALA VC 336 -10.40 69.81 66.90
C ALA VC 336 -9.12 69.81 67.73
N TYR VC 337 -9.14 70.54 68.83
CA TYR VC 337 -7.97 70.67 69.70
C TYR VC 337 -8.28 70.09 71.07
N GLU VC 338 -7.24 69.57 71.71
CA GLU VC 338 -7.30 69.21 73.12
C GLU VC 338 -6.17 69.91 73.85
N MET VC 339 -6.48 70.36 75.07
CA MET VC 339 -5.58 71.18 75.87
C MET VC 339 -5.97 70.99 77.34
N GLN VC 340 -5.36 71.79 78.22
CA GLN VC 340 -5.76 71.83 79.61
C GLN VC 340 -6.62 73.06 79.87
N LYS VC 341 -6.91 73.33 81.14
CA LYS VC 341 -7.88 74.37 81.50
C LYS VC 341 -7.27 75.75 81.35
N SER VC 342 -7.91 76.59 80.54
CA SER VC 342 -7.61 78.00 80.41
C SER VC 342 -8.85 78.72 79.87
N PRO VC 343 -9.49 79.58 80.65
CA PRO VC 343 -10.75 80.19 80.21
C PRO VC 343 -10.60 81.33 79.22
N VAL VC 344 -9.38 81.68 78.81
CA VAL VC 344 -9.13 82.76 77.88
C VAL VC 344 -8.40 82.19 76.68
N LEU VC 345 -8.89 82.50 75.47
CA LEU VC 345 -8.29 82.05 74.23
C LEU VC 345 -8.06 83.25 73.32
N LEU VC 346 -7.12 83.09 72.39
CA LEU VC 346 -6.94 84.03 71.28
C LEU VC 346 -7.18 83.29 69.99
N VAL VC 347 -8.06 83.83 69.16
CA VAL VC 347 -8.36 83.25 67.86
C VAL VC 347 -7.99 84.25 66.78
N SER VC 348 -7.76 83.72 65.58
CA SER VC 348 -7.36 84.53 64.43
C SER VC 348 -8.23 84.13 63.24
N TRP VC 349 -9.25 84.92 62.96
CA TRP VC 349 -10.12 84.68 61.82
C TRP VC 349 -9.58 85.45 60.62
N HIS VC 350 -9.02 84.70 59.64
CA HIS VC 350 -8.36 85.15 58.42
C HIS VC 350 -7.40 86.31 58.61
N GLY VC 351 -6.68 86.33 59.72
CA GLY VC 351 -5.78 87.43 60.03
C GLY VC 351 -6.32 88.45 61.01
N LYS VC 352 -7.45 88.18 61.64
CA LYS VC 352 -8.08 89.09 62.59
C LYS VC 352 -7.97 88.49 63.99
N VAL VC 353 -7.31 89.20 64.89
CA VAL VC 353 -7.06 88.70 66.23
C VAL VC 353 -8.23 89.07 67.13
N MET VC 354 -8.80 88.07 67.80
CA MET VC 354 -9.93 88.26 68.70
C MET VC 354 -9.66 87.51 69.99
N GLN VC 355 -10.11 88.09 71.10
CA GLN VC 355 -9.92 87.49 72.43
C GLN VC 355 -11.24 86.91 72.89
N LEU VC 356 -11.25 85.60 73.11
CA LEU VC 356 -12.46 84.87 73.43
C LEU VC 356 -12.41 84.41 74.88
N LYS VC 357 -13.54 84.51 75.57
CA LYS VC 357 -13.65 84.13 76.96
C LYS VC 357 -14.71 83.04 77.09
N VAL VC 358 -14.39 81.98 77.83
CA VAL VC 358 -15.32 80.87 78.03
C VAL VC 358 -15.55 80.70 79.52
N GLU VC 359 -16.83 80.69 79.92
CA GLU VC 359 -17.17 80.43 81.30
C GLU VC 359 -17.00 78.95 81.60
N GLY VC 360 -16.52 78.66 82.81
CA GLY VC 360 -16.30 77.29 83.23
C GLY VC 360 -14.88 76.81 82.97
N UNK WC 1 -64.15 68.74 68.32
CA UNK WC 1 -63.46 67.49 68.02
C UNK WC 1 -63.13 66.73 69.31
N UNK WC 2 -61.95 67.00 69.86
CA UNK WC 2 -61.49 66.37 71.08
C UNK WC 2 -60.98 67.43 72.04
N UNK WC 3 -61.15 67.19 73.34
CA UNK WC 3 -60.69 68.09 74.38
C UNK WC 3 -59.58 67.41 75.19
N UNK WC 4 -58.45 68.12 75.34
CA UNK WC 4 -57.35 67.60 76.14
C UNK WC 4 -57.71 67.51 77.61
N UNK WC 5 -58.54 68.45 78.10
CA UNK WC 5 -59.04 68.38 79.46
C UNK WC 5 -59.94 67.16 79.65
N UNK WC 6 -60.78 66.86 78.65
CA UNK WC 6 -61.62 65.67 78.72
C UNK WC 6 -60.78 64.39 78.67
N UNK WC 7 -59.70 64.39 77.89
CA UNK WC 7 -58.81 63.24 77.82
C UNK WC 7 -58.07 63.03 79.15
N UNK WC 8 -57.60 64.10 79.77
CA UNK WC 8 -56.92 63.98 81.06
C UNK WC 8 -57.89 63.55 82.16
N UNK WC 9 -59.13 64.05 82.11
CA UNK WC 9 -60.15 63.62 83.06
C UNK WC 9 -60.52 62.16 82.86
N UNK WC 10 -60.52 61.70 81.60
CA UNK WC 10 -60.76 60.28 81.32
C UNK WC 10 -59.63 59.41 81.84
N UNK WC 11 -58.38 59.90 81.72
CA UNK WC 11 -57.23 59.17 82.26
C UNK WC 11 -57.30 59.08 83.78
N UNK WC 12 -57.67 60.20 84.44
CA UNK WC 12 -57.80 60.20 85.89
C UNK WC 12 -58.95 59.31 86.36
N UNK WC 13 -60.08 59.32 85.64
CA UNK WC 13 -61.22 58.49 86.02
C UNK WC 13 -60.94 57.02 85.77
N UNK WC 14 -60.18 56.69 84.73
CA UNK WC 14 -59.77 55.31 84.51
C UNK WC 14 -58.76 54.84 85.55
N UNK WC 15 -57.89 55.76 86.02
CA UNK WC 15 -57.01 55.41 87.13
C UNK WC 15 -57.80 55.18 88.41
N UNK WC 16 -58.81 56.00 88.66
CA UNK WC 16 -59.71 55.82 89.81
C UNK WC 16 -60.84 54.87 89.43
N UNK WC 17 -60.47 53.60 89.26
CA UNK WC 17 -61.42 52.58 88.83
C UNK WC 17 -62.35 52.13 89.96
N UNK WC 18 -61.86 52.17 91.21
CA UNK WC 18 -62.58 51.72 92.41
C UNK WC 18 -63.06 50.27 92.28
N UNK WC 19 -62.23 49.44 91.65
CA UNK WC 19 -62.54 48.02 91.47
C UNK WC 19 -61.24 47.28 91.24
N UNK WC 20 -60.95 46.29 92.09
CA UNK WC 20 -59.74 45.49 91.94
C UNK WC 20 -59.97 44.13 92.59
N UNK WC 21 -59.90 43.06 91.81
CA UNK WC 21 -60.11 41.70 92.30
C UNK WC 21 -58.99 40.81 91.77
N UNK WC 22 -58.23 40.21 92.68
CA UNK WC 22 -57.11 39.35 92.32
C UNK WC 22 -57.27 37.99 92.97
N UNK WC 23 -56.75 36.96 92.31
CA UNK WC 23 -56.91 35.59 92.76
C UNK WC 23 -55.59 34.84 92.61
N UNK WC 24 -55.55 33.66 93.19
CA UNK WC 24 -54.40 32.76 93.07
C UNK WC 24 -54.91 31.33 93.03
N UNK WC 25 -54.04 30.42 92.62
CA UNK WC 25 -54.39 29.01 92.48
C UNK WC 25 -53.36 28.16 93.20
N UNK WC 26 -53.76 26.94 93.54
CA UNK WC 26 -52.89 25.98 94.20
C UNK WC 26 -52.64 24.78 93.30
N UNK WC 27 -51.64 23.98 93.70
CA UNK WC 27 -51.32 22.78 92.94
C UNK WC 27 -52.36 21.69 93.11
N UNK WC 28 -53.20 21.77 94.14
CA UNK WC 28 -54.30 20.85 94.33
C UNK WC 28 -55.58 21.31 93.62
N UNK WC 29 -55.43 22.19 92.61
CA UNK WC 29 -56.52 22.71 91.78
C UNK WC 29 -57.61 23.39 92.62
N UNK WC 30 -57.19 24.13 93.64
CA UNK WC 30 -58.10 24.92 94.46
C UNK WC 30 -57.73 26.38 94.31
N UNK WC 31 -58.71 27.22 94.04
CA UNK WC 31 -58.47 28.64 93.87
C UNK WC 31 -58.67 29.38 95.18
N UNK WC 32 -58.22 30.62 95.22
CA UNK WC 32 -58.38 31.47 96.39
C UNK WC 32 -58.39 32.92 95.92
N UNK WC 33 -59.54 33.57 96.06
CA UNK WC 33 -59.68 34.97 95.75
C UNK WC 33 -60.11 35.71 97.00
N UNK WC 34 -59.39 36.77 97.34
CA UNK WC 34 -59.74 37.56 98.52
C UNK WC 34 -60.87 38.53 98.19
N UNK WC 35 -61.23 39.35 99.17
CA UNK WC 35 -62.28 40.35 98.97
C UNK WC 35 -61.76 41.46 98.05
N UNK WC 36 -62.68 42.05 97.30
CA UNK WC 36 -62.33 43.10 96.35
C UNK WC 36 -61.95 44.36 97.11
N UNK WC 37 -60.67 44.72 97.05
CA UNK WC 37 -60.13 45.86 97.78
C UNK WC 37 -59.57 46.87 96.80
N UNK WC 38 -59.87 48.15 97.06
CA UNK WC 38 -59.47 49.31 96.25
C UNK WC 38 -59.85 49.17 94.78
N UNK WC 39 -48.31 29.82 89.53
CA UNK WC 39 -49.12 29.07 90.49
C UNK WC 39 -49.51 29.94 91.67
N UNK WC 40 -48.53 30.22 92.54
CA UNK WC 40 -48.79 31.00 93.75
C UNK WC 40 -49.05 32.47 93.45
N UNK WC 41 -48.64 32.96 92.27
CA UNK WC 41 -48.86 34.34 91.88
C UNK WC 41 -49.57 34.34 90.53
N UNK WC 42 -50.89 34.25 90.56
CA UNK WC 42 -51.71 34.30 89.34
C UNK WC 42 -51.83 35.75 88.94
N UNK WC 43 -50.84 36.23 88.18
CA UNK WC 43 -50.78 37.64 87.80
C UNK WC 43 -51.88 38.02 86.80
N UNK WC 44 -52.41 37.05 86.07
CA UNK WC 44 -53.49 37.30 85.13
C UNK WC 44 -54.85 37.31 85.80
N UNK WC 45 -54.92 37.07 87.10
CA UNK WC 45 -56.19 37.04 87.82
C UNK WC 45 -56.70 38.42 88.21
N UNK WC 46 -56.02 39.48 87.77
CA UNK WC 46 -56.47 40.84 88.04
C UNK WC 46 -57.73 41.16 87.23
N UNK WC 47 -58.72 41.72 87.91
CA UNK WC 47 -59.97 42.13 87.27
C UNK WC 47 -60.39 43.48 87.83
N UNK WC 48 -61.02 44.29 86.98
CA UNK WC 48 -61.47 45.62 87.38
C UNK WC 48 -62.74 46.01 86.63
N ARG XC 207 -28.53 -75.30 81.44
CA ARG XC 207 -28.97 -75.23 80.06
C ARG XC 207 -28.92 -73.78 79.55
N ILE XC 208 -28.99 -73.63 78.23
CA ILE XC 208 -28.99 -72.30 77.62
C ILE XC 208 -30.34 -71.64 77.84
N ILE XC 209 -30.32 -70.43 78.39
CA ILE XC 209 -31.53 -69.67 78.67
C ILE XC 209 -31.88 -68.84 77.44
N TYR XC 210 -33.13 -68.92 76.99
CA TYR XC 210 -33.60 -68.17 75.83
C TYR XC 210 -34.28 -66.88 76.29
N TYR XC 211 -33.93 -65.78 75.65
CA TYR XC 211 -34.54 -64.49 75.89
C TYR XC 211 -35.18 -63.96 74.62
N ILE XC 212 -36.29 -63.24 74.78
CA ILE XC 212 -37.05 -62.77 73.63
C ILE XC 212 -36.30 -61.63 72.95
N GLN XC 213 -36.23 -61.68 71.62
CA GLN XC 213 -35.67 -60.60 70.81
C GLN XC 213 -36.76 -59.69 70.26
N ALA XC 214 -37.69 -60.25 69.50
CA ALA XC 214 -38.79 -59.51 68.91
C ALA XC 214 -40.06 -60.31 69.09
N VAL XC 215 -41.12 -59.65 69.56
CA VAL XC 215 -42.40 -60.29 69.81
C VAL XC 215 -43.48 -59.53 69.06
N ILE XC 216 -44.18 -60.23 68.17
CA ILE XC 216 -45.27 -59.66 67.37
C ILE XC 216 -46.44 -60.63 67.51
N PRO XC 217 -47.65 -60.30 67.07
CA PRO XC 217 -48.67 -61.35 66.93
C PRO XC 217 -48.27 -62.35 65.85
N GLY XC 218 -48.43 -63.63 66.17
CA GLY XC 218 -48.06 -64.69 65.26
C GLY XC 218 -46.66 -65.24 65.45
N ARG XC 219 -45.65 -64.42 65.25
CA ARG XC 219 -44.26 -64.87 65.32
C ARG XC 219 -43.58 -64.33 66.57
N ALA XC 220 -42.43 -64.92 66.89
CA ALA XC 220 -41.63 -64.45 68.01
C ALA XC 220 -40.16 -64.69 67.69
N TRP XC 221 -39.30 -63.90 68.30
CA TRP XC 221 -37.87 -64.00 68.10
C TRP XC 221 -37.18 -64.18 69.44
N LEU XC 222 -36.27 -65.14 69.49
CA LEU XC 222 -35.57 -65.49 70.71
C LEU XC 222 -34.07 -65.46 70.49
N ILE XC 223 -33.34 -65.18 71.57
CA ILE XC 223 -31.88 -65.31 71.59
C ILE XC 223 -31.51 -66.17 72.78
N GLY XC 224 -30.64 -67.15 72.56
CA GLY XC 224 -30.13 -67.93 73.66
C GLY XC 224 -29.16 -67.14 74.52
N SER XC 225 -28.88 -67.69 75.70
CA SER XC 225 -27.88 -67.06 76.58
C SER XC 225 -26.49 -67.15 75.97
N ASN XC 226 -26.22 -68.22 75.22
CA ASN XC 226 -25.00 -68.23 74.41
C ASN XC 226 -25.12 -67.27 73.24
N GLY XC 227 -26.33 -67.03 72.76
CA GLY XC 227 -26.53 -66.14 71.63
C GLY XC 227 -27.13 -66.84 70.43
N SER XC 228 -27.96 -67.86 70.67
CA SER XC 228 -28.57 -68.61 69.58
C SER XC 228 -29.81 -67.87 69.11
N THR XC 229 -29.69 -67.18 67.98
CA THR XC 229 -30.83 -66.48 67.42
C THR XC 229 -31.80 -67.45 66.78
N LEU XC 230 -33.10 -67.19 66.97
CA LEU XC 230 -34.12 -68.08 66.47
C LEU XC 230 -35.41 -67.29 66.31
N THR XC 231 -36.28 -67.78 65.45
CA THR XC 231 -37.64 -67.27 65.36
C THR XC 231 -38.61 -68.45 65.39
N VAL XC 232 -39.68 -68.28 66.16
CA VAL XC 232 -40.66 -69.32 66.42
C VAL XC 232 -42.05 -68.77 66.13
N ARG XC 233 -43.04 -69.64 66.28
CA ARG XC 233 -44.44 -69.27 66.22
C ARG XC 233 -45.17 -70.15 67.23
N GLU XC 234 -46.50 -70.23 67.11
CA GLU XC 234 -47.28 -71.11 67.97
C GLU XC 234 -46.94 -72.58 67.72
N GLY XC 235 -46.92 -72.99 66.45
CA GLY XC 235 -46.47 -74.32 66.14
C GLY XC 235 -44.98 -74.35 65.96
N SER XC 236 -44.24 -74.72 67.01
CA SER XC 236 -42.80 -74.62 66.97
C SER XC 236 -42.20 -75.65 67.92
N LYS XC 237 -40.90 -75.90 67.74
CA LYS XC 237 -40.16 -76.87 68.52
C LYS XC 237 -38.99 -76.17 69.21
N ILE XC 238 -39.02 -76.13 70.53
CA ILE XC 238 -37.96 -75.53 71.33
C ILE XC 238 -37.17 -76.66 71.98
N PRO XC 239 -35.88 -76.80 71.67
CA PRO XC 239 -35.07 -77.84 72.32
C PRO XC 239 -34.86 -77.55 73.80
N GLY XC 240 -35.05 -78.58 74.62
CA GLY XC 240 -34.92 -78.47 76.05
C GLY XC 240 -36.13 -77.90 76.75
N TYR XC 241 -37.15 -77.48 76.00
CA TYR XC 241 -38.34 -76.88 76.61
C TYR XC 241 -39.65 -77.35 76.00
N GLY XC 242 -39.63 -78.22 74.99
CA GLY XC 242 -40.86 -78.72 74.40
C GLY XC 242 -41.38 -77.83 73.30
N MET XC 243 -42.68 -77.89 73.05
CA MET XC 243 -43.28 -77.05 72.02
C MET XC 243 -43.76 -75.73 72.62
N VAL XC 244 -44.51 -74.98 71.83
CA VAL XC 244 -45.13 -73.74 72.26
C VAL XC 244 -46.63 -73.95 72.28
N LYS XC 245 -47.27 -73.58 73.39
CA LYS XC 245 -48.71 -73.75 73.53
C LYS XC 245 -49.49 -72.46 73.40
N LEU XC 246 -48.91 -71.32 73.77
CA LEU XC 246 -49.61 -70.04 73.72
C LEU XC 246 -48.59 -68.92 73.68
N ILE XC 247 -48.81 -67.95 72.81
CA ILE XC 247 -47.96 -66.77 72.68
C ILE XC 247 -48.83 -65.54 72.84
N ASP XC 248 -48.52 -64.71 73.84
CA ASP XC 248 -49.18 -63.43 74.01
C ASP XC 248 -48.23 -62.36 73.47
N SER XC 249 -48.66 -61.70 72.40
CA SER XC 249 -47.87 -60.61 71.83
C SER XC 249 -47.81 -59.42 72.76
N LEU XC 250 -48.87 -59.18 73.51
CA LEU XC 250 -48.85 -58.18 74.56
C LEU XC 250 -48.00 -58.68 75.73
N GLN XC 251 -47.11 -57.82 76.21
CA GLN XC 251 -46.24 -57.98 77.39
C GLN XC 251 -45.21 -59.10 77.26
N GLY XC 252 -45.09 -59.76 76.11
CA GLY XC 252 -44.08 -60.80 75.93
C GLY XC 252 -44.29 -62.04 76.77
N ARG XC 253 -45.54 -62.44 76.98
CA ARG XC 253 -45.87 -63.56 77.86
C ARG XC 253 -45.89 -64.83 77.00
N ILE XC 254 -44.72 -65.43 76.84
CA ILE XC 254 -44.54 -66.59 75.98
C ILE XC 254 -44.23 -67.80 76.86
N LEU XC 255 -44.99 -68.87 76.67
CA LEU XC 255 -44.86 -70.07 77.49
C LEU XC 255 -44.48 -71.25 76.61
N THR XC 256 -43.73 -72.18 77.20
CA THR XC 256 -43.38 -73.44 76.55
C THR XC 256 -44.39 -74.51 76.92
N SER XC 257 -44.39 -75.60 76.13
CA SER XC 257 -45.31 -76.70 76.39
C SER XC 257 -44.95 -77.45 77.66
N SER XC 258 -43.68 -77.48 78.01
CA SER XC 258 -43.27 -78.12 79.25
C SER XC 258 -43.49 -77.24 80.48
N GLY XC 259 -43.74 -75.94 80.29
CA GLY XC 259 -44.13 -75.07 81.38
C GLY XC 259 -43.13 -74.01 81.79
N GLN XC 260 -41.96 -73.95 81.18
CA GLN XC 260 -41.03 -72.87 81.47
C GLN XC 260 -41.45 -71.62 80.73
N VAL XC 261 -41.20 -70.46 81.33
CA VAL XC 261 -41.56 -69.18 80.75
C VAL XC 261 -40.32 -68.55 80.15
N ILE XC 262 -40.38 -68.22 78.86
CA ILE XC 262 -39.32 -67.49 78.19
C ILE XC 262 -39.71 -66.01 78.17
N LYS XC 263 -38.85 -65.17 78.74
CA LYS XC 263 -39.13 -63.76 78.83
C LYS XC 263 -37.87 -62.98 78.47
N PHE XC 264 -37.99 -61.66 78.49
CA PHE XC 264 -36.86 -60.78 78.25
C PHE XC 264 -35.91 -60.81 79.44
N SER XC 265 -34.73 -60.22 79.24
CA SER XC 265 -33.76 -60.08 80.32
C SER XC 265 -34.25 -59.07 81.35
N GLN XC 266 -33.81 -59.26 82.60
CA GLN XC 266 -34.05 -58.23 83.60
C GLN XC 266 -33.14 -57.03 83.35
N GLU XC 267 -31.96 -57.27 82.79
CA GLU XC 267 -31.08 -56.18 82.37
C GLU XC 267 -31.72 -55.35 81.24
N ASP XC 268 -32.43 -56.02 80.34
CA ASP XC 268 -33.10 -55.35 79.23
C ASP XC 268 -34.61 -55.52 79.39
N SER XC 269 -35.21 -54.63 80.18
CA SER XC 269 -36.65 -54.64 80.38
C SER XC 269 -37.26 -53.33 79.94
N GLN YC 791 -79.60 -34.25 80.07
CA GLN YC 791 -80.39 -34.91 79.03
C GLN YC 791 -80.18 -34.23 77.68
N GLN YC 792 -79.59 -33.03 77.73
CA GLN YC 792 -79.14 -32.32 76.54
C GLN YC 792 -77.74 -31.80 76.81
N GLU YC 793 -77.47 -31.58 78.09
CA GLU YC 793 -76.14 -31.18 78.54
C GLU YC 793 -75.13 -32.26 78.24
N ILE YC 794 -75.55 -33.51 78.38
CA ILE YC 794 -74.68 -34.66 78.13
C ILE YC 794 -74.24 -34.69 76.67
N GLN YC 795 -75.18 -34.47 75.74
CA GLN YC 795 -74.80 -34.53 74.35
C GLN YC 795 -74.04 -33.29 73.88
N GLN YC 796 -74.31 -32.12 74.46
CA GLN YC 796 -73.49 -30.97 74.03
C GLN YC 796 -72.08 -31.05 74.59
N ARG YC 797 -71.91 -31.56 75.82
CA ARG YC 797 -70.56 -31.81 76.32
C ARG YC 797 -69.90 -32.96 75.58
N THR YC 798 -70.69 -33.92 75.11
CA THR YC 798 -70.18 -34.98 74.25
C THR YC 798 -69.65 -34.42 72.95
N SER YC 799 -70.38 -33.47 72.36
CA SER YC 799 -69.93 -32.83 71.13
C SER YC 799 -68.65 -32.02 71.35
N ASP YC 800 -68.58 -31.31 72.48
CA ASP YC 800 -67.39 -30.53 72.80
C ASP YC 800 -66.18 -31.43 73.04
N MET YC 801 -66.41 -32.58 73.69
CA MET YC 801 -65.33 -33.53 73.89
C MET YC 801 -64.94 -34.20 72.58
N LEU YC 802 -65.89 -34.35 71.66
CA LEU YC 802 -65.58 -34.87 70.34
C LEU YC 802 -64.70 -33.91 69.57
N THR YC 803 -64.98 -32.61 69.68
CA THR YC 803 -64.11 -31.61 69.05
C THR YC 803 -62.71 -31.62 69.65
N ALA YC 804 -62.63 -31.74 70.98
CA ALA YC 804 -61.33 -31.83 71.63
C ALA YC 804 -60.59 -33.11 71.23
N ALA YC 805 -61.33 -34.20 71.03
CA ALA YC 805 -60.73 -35.46 70.64
C ALA YC 805 -60.20 -35.41 69.22
N THR YC 806 -60.93 -34.74 68.32
CA THR YC 806 -60.45 -34.56 66.95
C THR YC 806 -59.20 -33.70 66.95
N GLN YC 807 -59.17 -32.67 67.79
CA GLN YC 807 -57.98 -31.85 67.94
C GLN YC 807 -56.80 -32.68 68.43
N LEU YC 808 -57.03 -33.56 69.41
CA LEU YC 808 -55.95 -34.37 69.95
C LEU YC 808 -55.45 -35.39 68.94
N VAL YC 809 -56.35 -35.96 68.13
CA VAL YC 809 -55.89 -36.96 67.19
C VAL YC 809 -55.17 -36.31 66.01
N GLN YC 810 -55.55 -35.08 65.61
CA GLN YC 810 -54.73 -34.42 64.61
C GLN YC 810 -53.44 -33.86 65.21
N ASP YC 811 -53.38 -33.73 66.53
CA ASP YC 811 -52.12 -33.37 67.17
C ASP YC 811 -51.20 -34.57 67.37
N TRP YC 812 -51.74 -35.78 67.42
CA TRP YC 812 -50.91 -36.96 67.62
C TRP YC 812 -50.68 -37.77 66.36
N LYS YC 813 -51.35 -37.44 65.26
CA LYS YC 813 -51.14 -38.22 64.04
C LYS YC 813 -49.82 -37.90 63.37
N GLN YC 814 -49.44 -36.62 63.32
CA GLN YC 814 -48.30 -36.20 62.54
C GLN YC 814 -46.99 -36.54 63.23
N VAL YC 815 -45.93 -36.69 62.42
CA VAL YC 815 -44.59 -37.02 62.91
C VAL YC 815 -43.60 -36.12 62.18
N GLU YC 816 -42.79 -35.39 62.95
CA GLU YC 816 -41.73 -34.60 62.33
C GLU YC 816 -40.61 -35.50 61.84
N THR YC 817 -40.04 -35.11 60.70
CA THR YC 817 -38.93 -35.86 60.13
C THR YC 817 -37.62 -35.43 60.75
N GLN YC 818 -36.58 -36.23 60.53
CA GLN YC 818 -35.24 -35.85 60.89
C GLN YC 818 -34.72 -34.79 59.94
N VAL YC 819 -33.64 -34.13 60.35
CA VAL YC 819 -32.90 -33.23 59.47
C VAL YC 819 -31.42 -33.57 59.58
N TYR YC 820 -30.70 -33.31 58.50
CA TYR YC 820 -29.27 -33.59 58.46
C TYR YC 820 -28.53 -32.36 57.99
N THR YC 821 -27.37 -32.11 58.59
CA THR YC 821 -26.59 -30.92 58.29
C THR YC 821 -25.12 -31.27 58.34
N GLU YC 822 -24.40 -30.96 57.26
CA GLU YC 822 -22.97 -31.20 57.16
C GLU YC 822 -22.27 -29.87 56.84
N GLY YC 823 -20.98 -29.95 56.55
CA GLY YC 823 -20.23 -28.78 56.13
C GLY YC 823 -18.84 -28.70 56.72
N THR YC 824 -17.84 -28.51 55.88
CA THR YC 824 -16.47 -28.36 56.33
C THR YC 824 -16.20 -26.92 56.72
N ALA ZC 104 -73.01 12.99 97.31
CA ALA ZC 104 -73.12 13.00 95.86
C ALA ZC 104 -71.76 12.77 95.21
N GLU ZC 105 -70.92 11.97 95.87
CA GLU ZC 105 -69.57 11.71 95.39
C GLU ZC 105 -69.18 10.24 95.40
N VAL ZC 106 -69.91 9.36 96.11
CA VAL ZC 106 -69.58 7.95 96.12
C VAL ZC 106 -69.98 7.24 94.83
N ILE ZC 107 -70.76 7.92 93.98
CA ILE ZC 107 -71.10 7.42 92.65
C ILE ZC 107 -69.83 7.25 91.82
N ASP ZC 108 -68.87 8.16 91.99
CA ASP ZC 108 -67.57 8.06 91.32
C ASP ZC 108 -66.81 6.83 91.78
N LYS ZC 109 -66.85 6.53 93.09
CA LYS ZC 109 -66.20 5.34 93.61
C LYS ZC 109 -66.84 4.06 93.07
N LYS ZC 110 -68.18 4.06 93.01
CA LYS ZC 110 -68.90 2.90 92.48
C LYS ZC 110 -68.58 2.68 91.00
N ALA ZC 111 -68.54 3.76 90.22
CA ALA ZC 111 -68.25 3.63 88.79
C ALA ZC 111 -66.80 3.25 88.55
N PHE ZC 112 -65.89 3.73 89.39
CA PHE ZC 112 -64.49 3.35 89.28
C PHE ZC 112 -64.30 1.87 89.59
N LYS ZC 113 -64.98 1.37 90.62
CA LYS ZC 113 -64.88 -0.06 90.96
C LYS ZC 113 -65.51 -0.93 89.88
N ASP ZC 114 -66.64 -0.50 89.32
CA ASP ZC 114 -67.26 -1.25 88.23
C ASP ZC 114 -66.37 -1.26 86.99
N MET ZC 115 -65.74 -0.12 86.69
CA MET ZC 115 -64.81 -0.03 85.57
C MET ZC 115 -63.60 -0.95 85.79
N THR ZC 116 -63.11 -1.01 87.02
CA THR ZC 116 -61.98 -1.89 87.36
C THR ZC 116 -62.36 -3.36 87.17
N ARG ZC 117 -63.53 -3.76 87.70
CA ARG ZC 117 -63.96 -5.15 87.63
C ARG ZC 117 -64.25 -5.58 86.20
N ASN ZC 118 -64.88 -4.71 85.41
CA ASN ZC 118 -65.17 -5.08 84.04
C ASN ZC 118 -63.94 -4.98 83.15
N LEU ZC 119 -62.97 -4.13 83.50
CA LEU ZC 119 -61.72 -4.06 82.75
C LEU ZC 119 -60.88 -5.31 82.97
N TYR ZC 120 -60.70 -5.72 84.22
CA TYR ZC 120 -59.86 -6.87 84.55
C TYR ZC 120 -60.70 -7.83 85.37
N PRO ZC 121 -61.44 -8.72 84.72
CA PRO ZC 121 -62.31 -9.65 85.46
C PRO ZC 121 -61.59 -10.84 86.05
N LEU ZC 122 -60.26 -10.93 85.91
CA LEU ZC 122 -59.50 -12.06 86.41
C LEU ZC 122 -58.67 -11.64 87.60
N ASN ZC 123 -58.78 -12.40 88.69
CA ASN ZC 123 -57.88 -12.21 89.81
C ASN ZC 123 -56.49 -12.73 89.44
N PRO ZC 124 -55.43 -12.09 89.97
CA PRO ZC 124 -54.06 -12.53 89.63
C PRO ZC 124 -53.73 -13.95 90.06
N GLU ZC 125 -54.24 -14.38 91.22
CA GLU ZC 125 -53.99 -15.75 91.63
C GLU ZC 125 -54.81 -16.72 90.80
N GLN ZC 126 -55.97 -16.27 90.29
CA GLN ZC 126 -56.71 -17.08 89.34
C GLN ZC 126 -55.94 -17.21 88.03
N VAL ZC 127 -55.26 -16.14 87.63
CA VAL ZC 127 -54.39 -16.17 86.45
C VAL ZC 127 -53.26 -17.16 86.64
N VAL ZC 128 -52.66 -17.15 87.83
CA VAL ZC 128 -51.57 -18.09 88.16
C VAL ZC 128 -52.08 -19.53 88.13
N LYS ZC 129 -53.27 -19.75 88.70
CA LYS ZC 129 -53.85 -21.08 88.67
C LYS ZC 129 -54.22 -21.53 87.27
N LEU ZC 130 -54.64 -20.60 86.41
CA LEU ZC 130 -54.91 -20.97 85.02
C LEU ZC 130 -53.64 -21.28 84.26
N LYS ZC 131 -52.55 -20.59 84.58
CA LYS ZC 131 -51.25 -20.92 83.99
C LYS ZC 131 -50.81 -22.32 84.42
N GLN ZC 132 -51.00 -22.65 85.70
CA GLN ZC 132 -50.72 -23.99 86.18
C GLN ZC 132 -51.65 -25.02 85.54
N ILE ZC 133 -52.89 -24.63 85.26
CA ILE ZC 133 -53.84 -25.51 84.58
C ILE ZC 133 -53.38 -25.81 83.16
N TYR ZC 134 -52.87 -24.78 82.47
CA TYR ZC 134 -52.34 -24.97 81.12
C TYR ZC 134 -51.11 -25.88 81.14
N GLU ZC 135 -50.25 -25.72 82.16
CA GLU ZC 135 -49.10 -26.61 82.27
C GLU ZC 135 -49.52 -28.03 82.60
N THR ZC 136 -50.59 -28.19 83.39
CA THR ZC 136 -51.13 -29.51 83.69
C THR ZC 136 -51.67 -30.16 82.43
N SER ZC 137 -52.36 -29.38 81.59
CA SER ZC 137 -52.86 -29.91 80.32
C SER ZC 137 -51.72 -30.28 79.39
N GLU ZC 138 -50.64 -29.49 79.41
CA GLU ZC 138 -49.46 -29.80 78.61
C GLU ZC 138 -48.80 -31.08 79.10
N TYR ZC 139 -48.77 -31.30 80.41
CA TYR ZC 139 -48.28 -32.56 80.96
C TYR ZC 139 -49.17 -33.73 80.54
N ALA ZC 140 -50.48 -33.49 80.50
CA ALA ZC 140 -51.42 -34.53 80.08
C ALA ZC 140 -51.21 -34.92 78.63
N LYS ZC 141 -50.99 -33.92 77.77
CA LYS ZC 141 -50.78 -34.21 76.35
C LYS ZC 141 -49.42 -34.84 76.11
N ALA ZC 142 -48.37 -34.30 76.72
CA ALA ZC 142 -47.02 -34.77 76.50
C ALA ZC 142 -46.70 -36.04 77.27
N ALA ZC 143 -47.59 -36.46 78.16
CA ALA ZC 143 -47.41 -37.73 78.85
C ALA ZC 143 -47.59 -38.89 77.88
N THR ZC 144 -46.75 -39.91 78.01
CA THR ZC 144 -46.82 -41.06 77.14
C THR ZC 144 -47.47 -42.21 77.89
N PRO ZC 145 -48.67 -42.64 77.52
CA PRO ZC 145 -49.30 -43.78 78.20
C PRO ZC 145 -48.55 -45.08 77.93
N GLY ZC 146 -48.69 -46.00 78.87
CA GLY ZC 146 -47.97 -47.24 78.79
C GLY ZC 146 -46.61 -47.18 79.44
N THR ZC 147 -45.58 -47.59 78.71
CA THR ZC 147 -44.23 -47.68 79.24
C THR ZC 147 -43.26 -47.07 78.24
N PRO ZC 148 -42.48 -46.07 78.64
CA PRO ZC 148 -41.33 -45.65 77.82
C PRO ZC 148 -40.32 -46.77 77.69
N PRO ZC 149 -39.76 -46.96 76.51
CA PRO ZC 149 -38.77 -48.02 76.32
C PRO ZC 149 -37.42 -47.64 76.91
N LYS ZC 150 -36.63 -48.67 77.20
CA LYS ZC 150 -35.31 -48.49 77.76
C LYS ZC 150 -34.32 -48.16 76.66
N PRO ZC 151 -33.56 -47.06 76.77
CA PRO ZC 151 -32.55 -46.74 75.75
C PRO ZC 151 -31.35 -47.66 75.86
N THR ZC 152 -31.02 -48.34 74.77
CA THR ZC 152 -29.95 -49.33 74.77
C THR ZC 152 -29.10 -49.16 73.52
N ALA ZC 153 -27.99 -49.88 73.48
CA ALA ZC 153 -27.15 -49.98 72.30
C ALA ZC 153 -26.76 -51.44 72.13
N THR ZC 154 -26.47 -51.84 70.89
CA THR ZC 154 -26.20 -53.24 70.65
C THR ZC 154 -25.23 -53.42 69.48
N SER ZC 155 -24.60 -54.60 69.47
CA SER ZC 155 -23.68 -55.01 68.42
C SER ZC 155 -23.88 -56.50 68.16
N GLN ZC 156 -24.18 -56.84 66.91
CA GLN ZC 156 -24.41 -58.22 66.50
C GLN ZC 156 -23.49 -58.56 65.34
N PHE ZC 157 -23.59 -59.81 64.88
CA PHE ZC 157 -22.90 -60.27 63.68
C PHE ZC 157 -23.93 -60.80 62.70
N VAL ZC 158 -23.74 -60.46 61.43
CA VAL ZC 158 -24.62 -60.92 60.36
C VAL ZC 158 -23.88 -61.95 59.54
N ASN ZC 159 -24.51 -63.11 59.34
CA ASN ZC 159 -23.87 -64.23 58.67
C ASN ZC 159 -24.39 -64.39 57.25
N LEU ZC 160 -23.53 -64.94 56.39
CA LEU ZC 160 -23.86 -65.26 55.01
C LEU ZC 160 -24.43 -66.66 54.87
N SER ZC 161 -24.65 -67.36 55.98
CA SER ZC 161 -25.19 -68.71 55.92
C SER ZC 161 -26.65 -68.67 55.49
N PRO ZC 162 -27.05 -69.50 54.52
CA PRO ZC 162 -28.46 -69.51 54.11
C PRO ZC 162 -29.40 -70.02 55.19
N GLY ZC 163 -28.94 -70.94 56.05
CA GLY ZC 163 -29.79 -71.42 57.13
C GLY ZC 163 -29.92 -70.47 58.29
N SER ZC 164 -29.07 -69.45 58.37
CA SER ZC 164 -29.13 -68.51 59.49
C SER ZC 164 -30.34 -67.61 59.37
N THR ZC 165 -30.96 -67.33 60.51
CA THR ZC 165 -32.09 -66.41 60.54
C THR ZC 165 -31.60 -64.98 60.35
N PRO ZC 166 -32.33 -64.14 59.60
CA PRO ZC 166 -31.86 -62.80 59.34
C PRO ZC 166 -31.99 -61.90 60.57
N PRO ZC 167 -31.15 -60.88 60.70
CA PRO ZC 167 -31.21 -60.01 61.88
C PRO ZC 167 -32.42 -59.09 61.87
N VAL ZC 168 -32.83 -58.68 63.07
CA VAL ZC 168 -33.97 -57.82 63.30
C VAL ZC 168 -33.53 -56.62 64.13
N ILE ZC 169 -34.23 -55.50 63.95
CA ILE ZC 169 -33.87 -54.24 64.58
C ILE ZC 169 -35.09 -53.68 65.32
N ARG ZC 170 -34.93 -53.48 66.63
CA ARG ZC 170 -35.94 -52.76 67.40
C ARG ZC 170 -35.88 -51.28 67.07
N LEU ZC 171 -37.05 -50.67 66.83
CA LEU ZC 171 -37.12 -49.29 66.41
C LEU ZC 171 -38.20 -48.55 67.21
N SER ZC 172 -38.16 -47.23 67.11
CA SER ZC 172 -39.14 -46.37 67.74
C SER ZC 172 -39.53 -45.24 66.80
N GLN ZC 173 -40.79 -44.86 66.86
CA GLN ZC 173 -41.28 -43.75 66.05
C GLN ZC 173 -40.76 -42.43 66.61
N GLY ZC 174 -40.25 -41.58 65.74
CA GLY ZC 174 -39.71 -40.30 66.17
C GLY ZC 174 -38.34 -40.34 66.77
N PHE ZC 175 -37.65 -41.48 66.70
CA PHE ZC 175 -36.29 -41.59 67.20
C PHE ZC 175 -35.42 -42.30 66.18
N VAL ZC 176 -34.24 -41.75 65.96
CA VAL ZC 176 -33.37 -42.19 64.87
C VAL ZC 176 -32.32 -43.14 65.43
N SER ZC 177 -32.19 -44.30 64.80
CA SER ZC 177 -31.16 -45.26 65.12
C SER ZC 177 -29.98 -45.08 64.15
N SER ZC 178 -28.79 -45.36 64.66
CA SER ZC 178 -27.56 -45.27 63.90
C SER ZC 178 -27.03 -46.67 63.64
N LEU ZC 179 -26.98 -47.05 62.37
CA LEU ZC 179 -26.51 -48.38 61.97
C LEU ZC 179 -25.10 -48.25 61.41
N VAL ZC 180 -24.15 -48.94 62.03
CA VAL ZC 180 -22.75 -48.88 61.62
C VAL ZC 180 -22.30 -50.29 61.24
N PHE ZC 181 -21.74 -50.43 60.04
CA PHE ZC 181 -21.34 -51.71 59.50
C PHE ZC 181 -19.83 -51.87 59.59
N LEU ZC 182 -19.39 -52.96 60.21
CA LEU ZC 182 -17.99 -53.32 60.28
C LEU ZC 182 -17.82 -54.73 59.72
N ASP ZC 183 -16.58 -55.06 59.40
CA ASP ZC 183 -16.27 -56.38 58.84
C ASP ZC 183 -16.06 -57.36 59.99
N SER ZC 184 -15.46 -58.51 59.68
CA SER ZC 184 -15.05 -59.45 60.72
C SER ZC 184 -13.98 -58.85 61.62
N THR ZC 185 -13.05 -58.11 61.04
CA THR ZC 185 -11.98 -57.49 61.82
C THR ZC 185 -12.40 -56.20 62.51
N GLY ZC 186 -13.62 -55.74 62.28
CA GLY ZC 186 -14.08 -54.50 62.87
C GLY ZC 186 -13.78 -53.25 62.07
N ALA ZC 187 -13.05 -53.38 60.96
CA ALA ZC 187 -12.80 -52.24 60.10
C ALA ZC 187 -14.09 -51.81 59.41
N PRO ZC 188 -14.28 -50.50 59.22
CA PRO ZC 188 -15.51 -50.03 58.57
C PRO ZC 188 -15.55 -50.41 57.10
N TRP ZC 189 -16.77 -50.58 56.60
CA TRP ZC 189 -17.01 -50.95 55.22
C TRP ZC 189 -17.96 -49.93 54.62
N PRO ZC 190 -17.54 -49.17 53.61
CA PRO ZC 190 -18.44 -48.19 52.99
C PRO ZC 190 -19.56 -48.86 52.22
N ILE ZC 191 -20.69 -48.17 52.15
CA ILE ZC 191 -21.92 -48.69 51.59
C ILE ZC 191 -22.01 -48.27 50.13
N ALA ZC 192 -22.28 -49.22 49.25
CA ALA ZC 192 -22.50 -48.88 47.85
C ALA ZC 192 -23.92 -48.38 47.62
N ALA ZC 193 -24.92 -49.21 47.93
CA ALA ZC 193 -26.29 -48.84 47.64
C ALA ZC 193 -27.22 -49.47 48.66
N TYR ZC 194 -28.45 -48.97 48.69
CA TYR ZC 194 -29.45 -49.51 49.60
C TYR ZC 194 -30.82 -49.33 48.98
N ASP ZC 195 -31.77 -50.13 49.47
CA ASP ZC 195 -33.15 -50.08 49.03
C ASP ZC 195 -34.06 -50.25 50.23
N LEU ZC 196 -35.08 -49.40 50.32
CA LEU ZC 196 -36.02 -49.40 51.44
C LEU ZC 196 -37.42 -49.58 50.88
N GLY ZC 197 -38.03 -50.72 51.17
CA GLY ZC 197 -39.45 -50.87 50.95
C GLY ZC 197 -40.25 -50.08 51.98
N ASP ZC 198 -41.49 -49.74 51.60
CA ASP ZC 198 -42.43 -48.90 52.34
C ASP ZC 198 -41.78 -47.58 52.76
N PRO ZC 199 -41.59 -46.63 51.84
CA PRO ZC 199 -40.92 -45.37 52.22
C PRO ZC 199 -41.77 -44.45 53.08
N SER ZC 200 -43.06 -44.72 53.29
CA SER ZC 200 -43.84 -43.84 54.16
C SER ZC 200 -43.50 -44.05 55.63
N SER ZC 201 -43.27 -45.30 56.03
CA SER ZC 201 -43.04 -45.57 57.44
C SER ZC 201 -41.63 -45.23 57.89
N PHE ZC 202 -40.70 -45.02 56.96
CA PHE ZC 202 -39.30 -44.81 57.31
C PHE ZC 202 -38.66 -43.82 56.36
N ASN ZC 203 -37.82 -42.95 56.92
CA ASN ZC 203 -36.99 -42.06 56.12
C ASN ZC 203 -35.55 -42.21 56.59
N ILE ZC 204 -34.61 -41.88 55.70
CA ILE ZC 204 -33.21 -42.06 56.02
C ILE ZC 204 -32.36 -41.00 55.34
N GLN ZC 205 -31.59 -40.26 56.14
CA GLN ZC 205 -30.57 -39.35 55.64
C GLN ZC 205 -29.23 -40.10 55.65
N TRP ZC 206 -28.59 -40.21 54.48
CA TRP ZC 206 -27.34 -40.94 54.38
C TRP ZC 206 -26.37 -40.19 53.49
N ASP ZC 207 -25.26 -39.77 54.08
CA ASP ZC 207 -24.18 -39.18 53.30
C ASP ZC 207 -23.51 -40.27 52.47
N LYS ZC 208 -23.33 -39.98 51.18
CA LYS ZC 208 -22.96 -41.00 50.21
C LYS ZC 208 -21.56 -41.54 50.44
N THR ZC 209 -20.66 -40.72 50.98
CA THR ZC 209 -19.32 -41.17 51.29
C THR ZC 209 -19.26 -41.99 52.57
N SER ZC 210 -20.29 -41.95 53.39
CA SER ZC 210 -20.24 -42.54 54.72
C SER ZC 210 -20.57 -44.03 54.66
N ASN ZC 211 -20.65 -44.64 55.86
CA ASN ZC 211 -21.03 -46.03 56.00
C ASN ZC 211 -22.06 -46.21 57.11
N THR ZC 212 -22.63 -45.13 57.61
CA THR ZC 212 -23.54 -45.15 58.75
C THR ZC 212 -24.92 -44.70 58.29
N LEU ZC 213 -25.95 -45.41 58.74
CA LEU ZC 213 -27.32 -45.11 58.34
C LEU ZC 213 -28.10 -44.53 59.51
N MET ZC 214 -28.71 -43.37 59.27
CA MET ZC 214 -29.59 -42.72 60.23
C MET ZC 214 -31.02 -43.04 59.83
N ILE ZC 215 -31.62 -43.99 60.54
CA ILE ZC 215 -32.93 -44.52 60.16
C ILE ZC 215 -33.96 -44.11 61.21
N GLN ZC 216 -35.03 -43.47 60.76
CA GLN ZC 216 -36.09 -43.00 61.64
C GLN ZC 216 -37.41 -43.63 61.24
N ALA ZC 217 -38.10 -44.20 62.22
CA ALA ZC 217 -39.42 -44.76 61.99
C ALA ZC 217 -40.45 -43.64 62.01
N THR ZC 218 -41.32 -43.63 61.00
CA THR ZC 218 -42.35 -42.60 60.90
C THR ZC 218 -43.72 -43.11 61.32
N LYS ZC 219 -44.07 -44.34 60.94
CA LYS ZC 219 -45.34 -44.91 61.35
C LYS ZC 219 -45.23 -45.48 62.76
N LEU ZC 220 -46.35 -46.02 63.25
CA LEU ZC 220 -46.41 -46.50 64.62
C LEU ZC 220 -45.91 -47.94 64.76
N TYR ZC 221 -46.58 -48.89 64.13
CA TYR ZC 221 -46.31 -50.31 64.38
C TYR ZC 221 -46.34 -51.11 63.09
N ASN ZC 222 -45.67 -50.60 62.06
CA ASN ZC 222 -45.55 -51.30 60.79
C ASN ZC 222 -44.09 -51.64 60.54
N TYR ZC 223 -43.81 -52.91 60.29
CA TYR ZC 223 -42.46 -53.40 60.14
C TYR ZC 223 -42.12 -53.63 58.66
N GLY ZC 224 -40.83 -53.50 58.35
CA GLY ZC 224 -40.37 -53.70 57.00
C GLY ZC 224 -39.01 -54.35 56.94
N ASN ZC 225 -38.30 -54.18 55.82
CA ASN ZC 225 -36.94 -54.69 55.72
C ASN ZC 225 -36.12 -53.73 54.88
N LEU ZC 226 -34.80 -53.83 55.06
CA LEU ZC 226 -33.84 -52.97 54.37
C LEU ZC 226 -32.86 -53.84 53.62
N ALA ZC 227 -32.57 -53.48 52.37
CA ALA ZC 227 -31.57 -54.16 51.57
C ALA ZC 227 -30.34 -53.29 51.46
N VAL ZC 228 -29.17 -53.85 51.77
CA VAL ZC 228 -27.91 -53.14 51.80
C VAL ZC 228 -26.92 -53.89 50.92
N ARG ZC 229 -26.28 -53.17 49.99
CA ARG ZC 229 -25.19 -53.71 49.19
C ARG ZC 229 -23.96 -52.85 49.45
N LEU ZC 230 -22.87 -53.49 49.85
CA LEU ZC 230 -21.66 -52.78 50.21
C LEU ZC 230 -20.74 -52.63 49.00
N ARG ZC 231 -19.59 -51.97 49.22
CA ARG ZC 231 -18.68 -51.66 48.14
C ARG ZC 231 -17.98 -52.92 47.61
N GLY ZC 232 -17.47 -53.74 48.50
CA GLY ZC 232 -16.78 -54.95 48.10
C GLY ZC 232 -17.58 -56.21 48.19
N LEU ZC 233 -18.81 -56.15 48.67
CA LEU ZC 233 -19.61 -57.34 48.94
C LEU ZC 233 -20.63 -57.55 47.83
N ASN ZC 234 -20.58 -58.73 47.22
CA ASN ZC 234 -21.55 -59.09 46.19
C ASN ZC 234 -22.90 -59.46 46.78
N THR ZC 235 -22.92 -59.98 47.99
CA THR ZC 235 -24.14 -60.54 48.58
C THR ZC 235 -24.97 -59.44 49.22
N PRO ZC 236 -26.25 -59.31 48.86
CA PRO ZC 236 -27.11 -58.34 49.55
C PRO ZC 236 -27.42 -58.79 50.96
N VAL ZC 237 -27.55 -57.81 51.85
CA VAL ZC 237 -27.85 -58.07 53.26
C VAL ZC 237 -29.22 -57.46 53.54
N MET ZC 238 -30.12 -58.28 54.08
CA MET ZC 238 -31.49 -57.85 54.35
C MET ZC 238 -31.76 -57.91 55.84
N LEU ZC 239 -32.21 -56.79 56.38
CA LEU ZC 239 -32.45 -56.64 57.82
C LEU ZC 239 -33.91 -56.34 58.06
N THR ZC 240 -34.55 -57.11 58.93
CA THR ZC 240 -35.96 -56.87 59.23
C THR ZC 240 -36.08 -55.85 60.36
N LEU ZC 241 -36.80 -54.78 60.10
CA LEU ZC 241 -36.87 -53.63 60.99
C LEU ZC 241 -38.28 -53.53 61.55
N ILE ZC 242 -38.41 -53.63 62.87
CA ILE ZC 242 -39.69 -53.66 63.54
C ILE ZC 242 -39.72 -52.50 64.53
N PRO ZC 243 -40.75 -51.65 64.49
CA PRO ZC 243 -40.82 -50.53 65.43
C PRO ZC 243 -41.46 -50.93 66.77
N GLY ZC 244 -41.39 -50.01 67.72
CA GLY ZC 244 -42.14 -50.09 68.96
C GLY ZC 244 -41.82 -51.22 69.92
N GLN ZC 245 -40.54 -51.44 70.19
CA GLN ZC 245 -40.14 -52.42 71.19
C GLN ZC 245 -39.88 -51.76 72.53
N LYS ZC 246 -39.82 -52.58 73.57
CA LYS ZC 246 -39.62 -52.09 74.93
C LYS ZC 246 -38.18 -51.68 75.19
N ALA ZC 247 -37.24 -52.02 74.30
CA ALA ZC 247 -35.87 -51.52 74.36
C ALA ZC 247 -35.59 -50.85 73.03
N VAL ZC 248 -35.29 -49.56 73.08
CA VAL ZC 248 -35.01 -48.81 71.86
C VAL ZC 248 -33.50 -48.85 71.60
N ASP ZC 249 -33.12 -49.39 70.45
CA ASP ZC 249 -31.72 -49.54 70.09
C ASP ZC 249 -31.26 -48.25 69.43
N TYR ZC 250 -30.62 -47.38 70.23
CA TYR ZC 250 -30.12 -46.12 69.73
C TYR ZC 250 -29.01 -46.31 68.70
N ARG ZC 251 -28.10 -47.24 68.95
CA ARG ZC 251 -26.97 -47.48 68.06
C ARG ZC 251 -26.77 -48.97 67.89
N VAL ZC 252 -26.81 -49.43 66.64
CA VAL ZC 252 -26.62 -50.83 66.31
C VAL ZC 252 -25.38 -50.96 65.45
N ASP ZC 253 -24.44 -51.79 65.91
CA ASP ZC 253 -23.25 -52.13 65.17
C ASP ZC 253 -23.37 -53.54 64.64
N LEU ZC 254 -22.94 -53.76 63.40
CA LEU ZC 254 -23.13 -55.06 62.75
C LEU ZC 254 -21.82 -55.52 62.12
N ARG ZC 255 -21.27 -56.62 62.66
CA ARG ZC 255 -20.16 -57.31 62.02
C ARG ZC 255 -20.66 -58.08 60.81
N VAL ZC 256 -19.77 -58.28 59.84
CA VAL ZC 256 -20.07 -59.06 58.67
C VAL ZC 256 -18.95 -60.07 58.47
N GLN ZC 257 -19.28 -61.13 57.72
CA GLN ZC 257 -18.32 -62.22 57.53
C GLN ZC 257 -17.20 -61.87 56.56
N GLY ZC 258 -17.40 -60.85 55.73
CA GLY ZC 258 -16.39 -60.44 54.77
C GLY ZC 258 -15.40 -59.46 55.35
N TYR ZC 259 -14.65 -58.81 54.46
CA TYR ZC 259 -13.67 -57.80 54.82
C TYR ZC 259 -13.79 -56.61 53.88
N GLY ZC 260 -13.72 -55.41 54.44
CA GLY ZC 260 -13.78 -54.21 53.65
C GLY ZC 260 -12.43 -53.86 53.06
N PRO ZC 261 -12.29 -52.64 52.55
CA PRO ZC 261 -11.00 -52.22 51.99
C PRO ZC 261 -9.94 -51.95 53.06
N ASN ZC 262 -10.33 -51.79 54.32
CA ASN ZC 262 -9.40 -51.54 55.40
C ASN ZC 262 -9.03 -52.87 56.06
N ALA ZC 263 -7.74 -53.11 56.21
CA ALA ZC 263 -7.27 -54.34 56.84
C ALA ZC 263 -5.92 -54.11 57.52
N ASP ZC 278 -5.21 -53.32 71.35
CA ASP ZC 278 -6.59 -53.73 71.11
C ASP ZC 278 -7.40 -53.68 72.39
N LEU ZC 279 -7.62 -54.86 72.98
CA LEU ZC 279 -8.33 -54.95 74.24
C LEU ZC 279 -7.52 -54.31 75.37
N LEU ZC 280 -6.19 -54.40 75.29
CA LEU ZC 280 -5.34 -53.73 76.27
C LEU ZC 280 -5.47 -52.21 76.18
N LEU ZC 281 -5.58 -51.69 74.97
CA LEU ZC 281 -5.76 -50.25 74.81
C LEU ZC 281 -7.17 -49.81 75.22
N HIS ZC 282 -8.17 -50.68 75.04
CA HIS ZC 282 -9.51 -50.38 75.55
C HIS ZC 282 -9.52 -50.38 77.08
N VAL ZC 283 -8.77 -51.29 77.69
CA VAL ZC 283 -8.61 -51.30 79.15
C VAL ZC 283 -7.89 -50.04 79.62
N LEU ZC 284 -6.85 -49.62 78.88
CA LEU ZC 284 -6.13 -48.39 79.19
C LEU ZC 284 -7.01 -47.16 79.06
N GLU ZC 285 -7.96 -47.18 78.12
CA GLU ZC 285 -9.03 -46.17 78.11
C GLU ZC 285 -9.89 -46.27 79.36
N GLY ZC 286 -10.24 -47.50 79.76
CA GLY ZC 286 -11.02 -47.67 80.97
C GLY ZC 286 -12.17 -48.64 80.79
N VAL ZC 287 -12.46 -48.97 79.54
CA VAL ZC 287 -13.54 -49.91 79.24
C VAL ZC 287 -13.12 -51.32 79.65
N PRO ZC 288 -13.95 -52.06 80.38
CA PRO ZC 288 -13.61 -53.44 80.71
C PRO ZC 288 -13.56 -54.31 79.46
N PRO ZC 289 -12.71 -55.33 79.44
CA PRO ZC 289 -12.60 -56.17 78.25
C PRO ZC 289 -13.79 -57.11 78.14
N PRO ZC 290 -14.15 -57.52 76.93
CA PRO ZC 290 -15.31 -58.40 76.77
C PRO ZC 290 -15.02 -59.83 77.22
N GLY ZC 291 -16.01 -60.43 77.88
CA GLY ZC 291 -15.94 -61.82 78.29
C GLY ZC 291 -15.28 -62.07 79.63
N SER ZC 292 -14.55 -61.09 80.16
CA SER ZC 292 -13.83 -61.28 81.40
C SER ZC 292 -14.78 -61.24 82.60
N ARG ZC 293 -14.34 -61.83 83.70
CA ARG ZC 293 -15.11 -61.82 84.92
C ARG ZC 293 -14.52 -60.82 85.91
N ARG ZC 294 -15.35 -60.37 86.84
CA ARG ZC 294 -14.97 -59.32 87.76
C ARG ZC 294 -14.01 -59.84 88.82
N LEU ZC 295 -12.93 -59.09 89.05
CA LEU ZC 295 -11.93 -59.43 90.05
C LEU ZC 295 -11.93 -58.35 91.12
N VAL ZC 296 -12.01 -58.76 92.38
CA VAL ZC 296 -12.05 -57.86 93.52
C VAL ZC 296 -10.69 -57.88 94.20
N VAL ZC 297 -10.16 -56.70 94.47
CA VAL ZC 297 -8.83 -56.55 95.03
C VAL ZC 297 -8.95 -56.23 96.51
N SER ZC 298 -7.81 -56.27 97.20
CA SER ZC 298 -7.78 -55.95 98.63
C SER ZC 298 -6.52 -55.13 98.93
N GLY ZC 299 -6.71 -53.97 99.55
CA GLY ZC 299 -5.63 -53.13 99.99
C GLY ZC 299 -5.31 -51.97 99.07
N GLY ZC 300 -5.74 -52.01 97.82
CA GLY ZC 300 -5.40 -50.98 96.85
C GLY ZC 300 -6.56 -50.66 95.95
N ASP ZC 301 -6.32 -49.76 95.00
CA ASP ZC 301 -7.32 -49.32 94.04
C ASP ZC 301 -6.83 -49.65 92.63
N ALA ZC 302 -7.17 -50.85 92.16
CA ALA ZC 302 -6.79 -51.28 90.82
C ALA ZC 302 -7.92 -52.10 90.23
N ARG ZC 303 -8.02 -52.07 88.90
CA ARG ZC 303 -9.10 -52.77 88.20
C ARG ZC 303 -8.50 -53.99 87.52
N ALA ZC 304 -8.97 -55.18 87.91
CA ALA ZC 304 -8.38 -56.43 87.45
C ALA ZC 304 -9.45 -57.30 86.80
N TRP ZC 305 -8.99 -58.14 85.87
CA TRP ZC 305 -9.88 -59.06 85.16
C TRP ZC 305 -9.13 -60.34 84.83
N LEU ZC 306 -9.91 -61.40 84.60
CA LEU ZC 306 -9.39 -62.70 84.20
C LEU ZC 306 -10.39 -63.34 83.25
N SER ZC 307 -9.93 -63.69 82.05
CA SER ZC 307 -10.78 -64.33 81.05
C SER ZC 307 -10.19 -65.61 80.49
N ASN ZC 308 -8.87 -65.68 80.34
CA ASN ZC 308 -8.18 -66.84 79.80
C ASN ZC 308 -6.99 -67.19 80.68
N GLU ZC 309 -7.27 -67.29 81.99
CA GLU ZC 309 -6.36 -67.44 83.13
C GLU ZC 309 -5.11 -66.56 83.02
N LYS ZC 310 -5.29 -65.33 82.54
CA LYS ZC 310 -4.22 -64.35 82.49
C LYS ZC 310 -4.73 -63.08 83.17
N MET ZC 311 -4.04 -62.65 84.22
CA MET ZC 311 -4.49 -61.51 85.00
C MET ZC 311 -4.21 -60.21 84.25
N TYR ZC 312 -5.20 -59.35 84.17
CA TYR ZC 312 -5.07 -58.05 83.52
C TYR ZC 312 -5.37 -56.97 84.53
N VAL ZC 313 -4.44 -56.03 84.70
CA VAL ZC 313 -4.53 -55.02 85.75
C VAL ZC 313 -4.42 -53.63 85.14
N ARG ZC 314 -5.22 -52.71 85.65
CA ARG ZC 314 -5.22 -51.31 85.25
C ARG ZC 314 -5.12 -50.46 86.49
N THR ZC 315 -4.12 -49.57 86.52
CA THR ZC 315 -3.90 -48.69 87.66
C THR ZC 315 -3.30 -47.38 87.15
N ASN ZC 316 -2.98 -46.50 88.10
CA ASN ZC 316 -2.07 -45.39 87.88
C ASN ZC 316 -0.74 -45.61 88.59
N LEU ZC 317 -0.61 -46.69 89.35
CA LEU ZC 317 0.60 -47.01 90.09
C LEU ZC 317 1.48 -47.93 89.26
N THR ZC 318 2.51 -48.49 89.89
CA THR ZC 318 3.52 -49.31 89.22
C THR ZC 318 3.63 -50.64 89.92
N ILE ZC 319 3.48 -51.72 89.16
CA ILE ZC 319 3.70 -53.07 89.69
C ILE ZC 319 5.19 -53.30 89.82
N LEU ZC 320 5.58 -54.05 90.85
CA LEU ZC 320 7.00 -54.27 91.13
C LEU ZC 320 7.39 -55.74 91.15
N SER ZC 321 6.63 -56.60 91.85
CA SER ZC 321 7.13 -57.92 92.20
C SER ZC 321 7.18 -58.90 91.02
N PRO ZC 322 6.05 -59.29 90.37
CA PRO ZC 322 6.12 -60.44 89.47
C PRO ZC 322 6.72 -60.16 88.10
N GLY ZC 323 6.84 -58.90 87.70
CA GLY ZC 323 7.35 -58.57 86.39
C GLY ZC 323 6.28 -58.66 85.33
N TRP ZC 324 6.13 -57.61 84.54
CA TRP ZC 324 5.04 -57.56 83.56
C TRP ZC 324 5.43 -58.36 82.32
N LEU ZC 325 4.49 -59.17 81.83
CA LEU ZC 325 4.71 -59.83 80.55
C LEU ZC 325 4.57 -58.85 79.40
N ALA ZC 326 3.54 -58.01 79.44
CA ALA ZC 326 3.40 -56.91 78.49
C ALA ZC 326 2.73 -55.75 79.20
N SER ZC 327 3.19 -54.54 78.85
CA SER ZC 327 2.76 -53.32 79.52
C SER ZC 327 2.45 -52.24 78.51
N MET ZC 328 1.58 -51.32 78.90
CA MET ZC 328 1.27 -50.15 78.11
C MET ZC 328 0.86 -49.01 79.03
N THR ZC 329 0.99 -47.79 78.52
CA THR ZC 329 0.61 -46.62 79.28
C THR ZC 329 0.16 -45.53 78.32
N SER ZC 330 -0.61 -44.59 78.87
CA SER ZC 330 -1.15 -43.50 78.08
C SER ZC 330 -0.39 -42.20 78.39
N ALA ZC 331 -0.81 -41.12 77.73
CA ALA ZC 331 -0.14 -39.83 77.88
C ALA ZC 331 -0.51 -39.12 79.18
N ASP ZC 332 -1.56 -39.56 79.87
CA ASP ZC 332 -1.94 -38.91 81.12
C ASP ZC 332 -1.26 -39.51 82.33
N GLY ZC 333 -0.89 -40.79 82.28
CA GLY ZC 333 -0.23 -41.42 83.40
C GLY ZC 333 -0.90 -42.70 83.84
N THR ZC 334 -1.83 -43.21 83.02
CA THR ZC 334 -2.52 -44.46 83.33
C THR ZC 334 -1.75 -45.62 82.73
N HIS ZC 335 -1.61 -46.69 83.52
CA HIS ZC 335 -0.84 -47.87 83.13
C HIS ZC 335 -1.74 -49.10 83.13
N ALA ZC 336 -1.48 -49.99 82.17
CA ALA ZC 336 -2.13 -51.29 82.10
C ALA ZC 336 -1.06 -52.35 81.91
N TYR ZC 337 -1.24 -53.48 82.58
CA TYR ZC 337 -0.30 -54.59 82.50
C TYR ZC 337 -1.07 -55.88 82.32
N GLU ZC 338 -0.42 -56.86 81.70
CA GLU ZC 338 -0.90 -58.23 81.69
C GLU ZC 338 0.16 -59.15 82.25
N MET ZC 339 -0.27 -60.08 83.10
CA MET ZC 339 0.62 -61.04 83.74
C MET ZC 339 -0.12 -62.36 83.88
N GLN ZC 340 0.54 -63.33 84.50
CA GLN ZC 340 -0.11 -64.59 84.85
C GLN ZC 340 -0.79 -64.43 86.21
N LYS ZC 341 -1.22 -65.55 86.79
CA LYS ZC 341 -1.96 -65.50 88.05
C LYS ZC 341 -1.02 -65.27 89.22
N SER ZC 342 -1.39 -64.32 90.08
CA SER ZC 342 -0.68 -64.01 91.32
C SER ZC 342 -1.64 -63.35 92.30
N PRO ZC 343 -1.95 -64.01 93.42
CA PRO ZC 343 -2.88 -63.41 94.39
C PRO ZC 343 -2.27 -62.26 95.19
N VAL ZC 344 -0.95 -62.14 95.21
CA VAL ZC 344 -0.25 -61.13 96.02
C VAL ZC 344 0.55 -60.24 95.08
N LEU ZC 345 0.39 -58.93 95.23
CA LEU ZC 345 1.12 -57.95 94.45
C LEU ZC 345 1.83 -56.97 95.36
N LEU ZC 346 2.93 -56.41 94.87
CA LEU ZC 346 3.73 -55.44 95.59
C LEU ZC 346 3.87 -54.20 94.72
N VAL ZC 347 3.52 -53.03 95.28
CA VAL ZC 347 3.55 -51.78 94.53
C VAL ZC 347 4.32 -50.75 95.35
N SER ZC 348 5.31 -50.13 94.72
CA SER ZC 348 6.09 -49.07 95.34
C SER ZC 348 5.79 -47.74 94.64
N TRP ZC 349 5.53 -46.71 95.44
CA TRP ZC 349 5.33 -45.37 94.91
C TRP ZC 349 5.75 -44.36 95.97
N HIS ZC 350 6.28 -43.23 95.49
CA HIS ZC 350 6.69 -42.09 96.31
C HIS ZC 350 7.72 -42.47 97.38
N GLY ZC 351 8.61 -43.40 97.05
CA GLY ZC 351 9.61 -43.88 97.97
C GLY ZC 351 9.13 -44.88 99.00
N LYS ZC 352 7.85 -45.28 98.95
CA LYS ZC 352 7.28 -46.17 99.94
C LYS ZC 352 6.68 -47.40 99.26
N VAL ZC 353 6.84 -48.55 99.90
CA VAL ZC 353 6.42 -49.83 99.32
C VAL ZC 353 5.23 -50.36 100.11
N MET ZC 354 4.15 -50.72 99.41
CA MET ZC 354 2.98 -51.35 100.02
C MET ZC 354 2.63 -52.62 99.25
N GLN ZC 355 1.78 -53.43 99.87
CA GLN ZC 355 1.44 -54.75 99.36
C GLN ZC 355 -0.07 -54.91 99.34
N LEU ZC 356 -0.58 -55.53 98.27
CA LEU ZC 356 -2.01 -55.72 98.08
C LEU ZC 356 -2.28 -57.16 97.66
N LYS ZC 357 -3.56 -57.54 97.72
CA LYS ZC 357 -3.97 -58.90 97.41
C LYS ZC 357 -5.28 -58.88 96.63
N VAL ZC 358 -5.53 -59.98 95.92
CA VAL ZC 358 -6.81 -60.19 95.25
C VAL ZC 358 -7.39 -61.51 95.73
N GLU ZC 359 -8.54 -61.89 95.17
CA GLU ZC 359 -9.16 -63.18 95.46
C GLU ZC 359 -9.51 -63.87 94.14
N GLY ZC 360 -9.05 -65.11 93.99
CA GLY ZC 360 -9.35 -65.90 92.81
C GLY ZC 360 -8.71 -65.41 91.54
N UNK AD 1 -50.30 -32.61 98.29
CA UNK AD 1 -51.64 -33.17 98.35
C UNK AD 1 -51.77 -34.41 97.47
N UNK AD 2 -50.64 -35.05 97.20
CA UNK AD 2 -50.62 -36.32 96.48
C UNK AD 2 -49.92 -37.35 97.36
N UNK AD 3 -50.56 -38.50 97.56
CA UNK AD 3 -50.09 -39.52 98.49
C UNK AD 3 -49.78 -40.80 97.74
N UNK AD 4 -48.62 -41.38 98.02
CA UNK AD 4 -48.20 -42.61 97.37
C UNK AD 4 -48.98 -43.83 97.85
N UNK AD 5 -49.57 -43.76 99.04
CA UNK AD 5 -50.38 -44.87 99.54
C UNK AD 5 -51.63 -45.06 98.70
N UNK AD 6 -52.24 -43.95 98.27
CA UNK AD 6 -53.39 -44.02 97.37
C UNK AD 6 -53.01 -44.60 96.02
N UNK AD 7 -51.80 -44.27 95.54
CA UNK AD 7 -51.33 -44.84 94.28
C UNK AD 7 -51.06 -46.33 94.39
N UNK AD 8 -50.51 -46.77 95.52
CA UNK AD 8 -50.29 -48.19 95.76
C UNK AD 8 -51.61 -48.95 95.86
N UNK AD 9 -52.60 -48.35 96.54
CA UNK AD 9 -53.93 -48.96 96.62
C UNK AD 9 -54.62 -48.99 95.27
N UNK AD 10 -54.39 -47.95 94.44
CA UNK AD 10 -54.95 -47.94 93.10
C UNK AD 10 -54.31 -49.00 92.21
N UNK AD 11 -53.00 -49.21 92.35
CA UNK AD 11 -52.32 -50.28 91.63
C UNK AD 11 -52.84 -51.65 92.06
N UNK AD 12 -53.06 -51.83 93.38
CA UNK AD 12 -53.61 -53.08 93.87
C UNK AD 12 -55.06 -53.31 93.41
N UNK AD 13 -55.85 -52.24 93.31
CA UNK AD 13 -57.22 -52.39 92.86
C UNK AD 13 -57.32 -52.64 91.36
N UNK AD 14 -56.44 -52.04 90.57
CA UNK AD 14 -56.46 -52.21 89.13
C UNK AD 14 -55.60 -53.37 88.63
N UNK AD 15 -54.87 -54.06 89.52
CA UNK AD 15 -54.18 -55.28 89.13
C UNK AD 15 -55.17 -56.39 88.77
N UNK AD 16 -56.36 -56.38 89.37
CA UNK AD 16 -57.42 -57.33 89.01
C UNK AD 16 -58.76 -56.63 89.21
N UNK AD 17 -59.35 -56.17 88.11
CA UNK AD 17 -60.68 -55.57 88.13
C UNK AD 17 -61.78 -56.59 87.94
N UNK AD 18 -61.45 -57.90 88.05
CA UNK AD 18 -62.39 -59.03 87.94
C UNK AD 18 -63.11 -59.06 86.59
N UNK AD 19 -62.35 -58.89 85.51
CA UNK AD 19 -62.90 -58.96 84.16
C UNK AD 19 -61.79 -59.31 83.18
N UNK AD 20 -61.92 -60.48 82.53
CA UNK AD 20 -61.07 -60.82 81.40
C UNK AD 20 -61.84 -61.81 80.52
N UNK AD 21 -62.43 -61.30 79.45
CA UNK AD 21 -63.18 -62.12 78.50
C UNK AD 21 -62.32 -62.30 77.25
N UNK AD 22 -62.04 -63.55 76.91
CA UNK AD 22 -61.12 -63.88 75.82
C UNK AD 22 -61.90 -64.31 74.59
N UNK AD 23 -61.48 -63.82 73.43
CA UNK AD 23 -62.12 -64.16 72.17
C UNK AD 23 -61.07 -64.76 71.24
N UNK AD 24 -61.55 -65.51 70.25
CA UNK AD 24 -60.68 -66.12 69.25
C UNK AD 24 -61.44 -66.30 67.96
N UNK AD 25 -60.69 -66.45 66.87
CA UNK AD 25 -61.26 -66.64 65.54
C UNK AD 25 -60.88 -68.01 65.01
N UNK AD 26 -61.75 -68.57 64.19
CA UNK AD 26 -61.49 -69.86 63.57
C UNK AD 26 -60.79 -69.65 62.23
N UNK AD 27 -60.70 -70.72 61.42
CA UNK AD 27 -60.00 -70.65 60.15
C UNK AD 27 -60.75 -69.79 59.13
N UNK AD 28 -62.07 -69.96 59.05
CA UNK AD 28 -62.91 -69.20 58.13
C UNK AD 28 -63.61 -68.03 58.82
N UNK AD 29 -62.93 -67.42 59.80
CA UNK AD 29 -63.42 -66.26 60.57
C UNK AD 29 -64.73 -66.56 61.29
N UNK AD 30 -64.67 -67.54 62.19
CA UNK AD 30 -65.78 -67.86 63.09
C UNK AD 30 -65.34 -67.62 64.52
N UNK AD 31 -66.16 -66.89 65.27
CA UNK AD 31 -65.82 -66.53 66.64
C UNK AD 31 -66.20 -67.64 67.61
N UNK AD 32 -65.38 -67.79 68.65
CA UNK AD 32 -65.67 -68.71 69.75
C UNK AD 32 -64.96 -68.16 70.98
N UNK AD 33 -65.73 -67.58 71.90
CA UNK AD 33 -65.19 -66.88 73.06
C UNK AD 33 -65.51 -67.67 74.33
N UNK AD 34 -64.51 -67.82 75.19
CA UNK AD 34 -64.68 -68.59 76.42
C UNK AD 34 -65.35 -67.72 77.49
N UNK AD 35 -65.53 -68.31 78.67
CA UNK AD 35 -66.11 -67.59 79.80
C UNK AD 35 -65.13 -66.53 80.31
N UNK AD 36 -65.70 -65.44 80.81
CA UNK AD 36 -64.89 -64.33 81.31
C UNK AD 36 -64.19 -64.72 82.60
N UNK AD 37 -62.89 -64.47 82.66
CA UNK AD 37 -62.06 -64.90 83.78
C UNK AD 37 -61.45 -63.68 84.48
N UNK AD 38 -60.55 -63.96 85.42
CA UNK AD 38 -59.82 -62.97 86.24
C UNK AD 38 -60.72 -61.99 86.97
N UNK AD 39 -53.39 -66.07 63.63
CA UNK AD 39 -54.63 -66.52 62.97
C UNK AD 39 -55.65 -66.97 63.99
N UNK AD 40 -55.26 -67.93 64.83
CA UNK AD 40 -56.19 -68.49 65.80
C UNK AD 40 -56.47 -67.56 66.98
N UNK AD 41 -55.50 -66.73 67.38
CA UNK AD 41 -55.68 -65.90 68.56
C UNK AD 41 -54.85 -64.63 68.43
N UNK AD 42 -55.29 -63.60 69.16
CA UNK AD 42 -54.62 -62.31 69.19
C UNK AD 42 -54.76 -61.72 70.58
N UNK AD 43 -53.86 -60.79 70.91
CA UNK AD 43 -53.90 -60.14 72.21
C UNK AD 43 -55.05 -59.15 72.31
N UNK AD 44 -55.39 -58.49 71.20
CA UNK AD 44 -56.46 -57.52 71.20
C UNK AD 44 -57.83 -58.18 71.23
N UNK AD 45 -57.92 -59.47 70.92
CA UNK AD 45 -59.17 -60.20 71.04
C UNK AD 45 -59.59 -60.37 72.49
N UNK AD 46 -58.65 -60.34 73.43
CA UNK AD 46 -59.01 -60.32 74.85
C UNK AD 46 -59.50 -58.93 75.23
N UNK AD 47 -60.43 -58.89 76.18
CA UNK AD 47 -61.02 -57.63 76.63
C UNK AD 47 -61.40 -57.78 78.09
N UNK AD 48 -61.97 -56.73 78.67
CA UNK AD 48 -62.40 -56.74 80.07
C UNK AD 48 -63.78 -56.14 80.23
N ARG BD 207 -56.48 -95.84 -14.18
CA ARG BD 207 -57.18 -94.57 -14.19
C ARG BD 207 -56.57 -93.59 -13.19
N ILE BD 208 -57.12 -92.37 -13.13
CA ILE BD 208 -56.59 -91.30 -12.30
C ILE BD 208 -57.63 -90.93 -11.25
N ILE BD 209 -57.23 -90.94 -9.99
CA ILE BD 209 -58.15 -90.68 -8.89
C ILE BD 209 -58.34 -89.18 -8.73
N TYR BD 210 -59.58 -88.76 -8.55
CA TYR BD 210 -59.91 -87.34 -8.39
C TYR BD 210 -60.54 -87.08 -7.04
N TYR BD 211 -60.23 -85.91 -6.47
CA TYR BD 211 -60.83 -85.46 -5.23
C TYR BD 211 -61.19 -83.99 -5.36
N ILE BD 212 -61.91 -83.49 -4.38
CA ILE BD 212 -62.31 -82.09 -4.36
C ILE BD 212 -61.11 -81.24 -3.95
N GLN BD 213 -60.84 -80.19 -4.72
CA GLN BD 213 -59.85 -79.20 -4.35
C GLN BD 213 -60.48 -77.90 -3.88
N ALA BD 214 -61.61 -77.51 -4.49
CA ALA BD 214 -62.34 -76.32 -4.09
C ALA BD 214 -63.81 -76.51 -4.40
N VAL BD 215 -64.64 -76.50 -3.36
CA VAL BD 215 -66.07 -76.71 -3.52
C VAL BD 215 -66.77 -75.38 -3.28
N ILE BD 216 -67.45 -74.89 -4.32
CA ILE BD 216 -68.23 -73.66 -4.23
C ILE BD 216 -69.60 -73.97 -4.82
N PRO BD 217 -70.67 -73.33 -4.37
CA PRO BD 217 -71.98 -73.54 -5.01
C PRO BD 217 -71.97 -73.04 -6.45
N GLY BD 218 -72.65 -73.77 -7.32
CA GLY BD 218 -72.64 -73.47 -8.73
C GLY BD 218 -71.59 -74.24 -9.51
N ARG BD 219 -70.31 -74.00 -9.22
CA ARG BD 219 -69.22 -74.63 -9.94
C ARG BD 219 -68.14 -75.08 -8.97
N ALA BD 220 -67.56 -76.26 -9.22
CA ALA BD 220 -66.54 -76.81 -8.35
C ALA BD 220 -65.23 -76.93 -9.10
N TRP BD 221 -64.18 -77.31 -8.37
CA TRP BD 221 -62.81 -77.31 -8.86
C TRP BD 221 -62.10 -78.54 -8.31
N LEU BD 222 -61.65 -79.44 -9.20
CA LEU BD 222 -61.17 -80.75 -8.81
C LEU BD 222 -59.72 -80.95 -9.21
N ILE BD 223 -59.05 -81.84 -8.48
CA ILE BD 223 -57.65 -82.18 -8.69
C ILE BD 223 -57.54 -83.69 -8.89
N GLY BD 224 -56.76 -84.09 -9.90
CA GLY BD 224 -56.48 -85.50 -10.11
C GLY BD 224 -55.34 -86.00 -9.24
N SER BD 225 -55.12 -87.32 -9.29
CA SER BD 225 -53.99 -87.91 -8.59
C SER BD 225 -52.69 -87.77 -9.35
N ASN BD 226 -52.75 -87.40 -10.62
CA ASN BD 226 -51.56 -87.16 -11.43
C ASN BD 226 -51.25 -85.69 -11.59
N GLY BD 227 -51.95 -84.82 -10.87
CA GLY BD 227 -51.71 -83.40 -10.91
C GLY BD 227 -52.52 -82.64 -11.93
N SER BD 228 -53.24 -83.32 -12.81
CA SER BD 228 -54.09 -82.63 -13.78
C SER BD 228 -55.33 -82.12 -13.06
N THR BD 229 -55.52 -80.80 -13.10
CA THR BD 229 -56.59 -80.14 -12.39
C THR BD 229 -57.58 -79.53 -13.37
N LEU BD 230 -58.85 -79.50 -12.98
CA LEU BD 230 -59.89 -78.97 -13.85
C LEU BD 230 -61.00 -78.38 -12.99
N THR BD 231 -62.02 -77.85 -13.64
CA THR BD 231 -63.20 -77.34 -12.95
C THR BD 231 -64.44 -77.95 -13.60
N VAL BD 232 -65.49 -78.09 -12.80
CA VAL BD 232 -66.66 -78.87 -13.19
C VAL BD 232 -67.93 -78.07 -12.95
N ARG BD 233 -68.82 -78.11 -13.94
CA ARG BD 233 -70.14 -77.52 -13.85
C ARG BD 233 -71.11 -78.54 -13.24
N GLU BD 234 -72.41 -78.25 -13.36
CA GLU BD 234 -73.43 -79.21 -12.93
C GLU BD 234 -73.48 -80.44 -13.83
N GLY BD 235 -72.99 -80.35 -15.07
CA GLY BD 235 -72.79 -81.50 -15.91
C GLY BD 235 -71.47 -81.39 -16.65
N SER BD 236 -70.56 -82.32 -16.40
CA SER BD 236 -69.26 -82.31 -17.06
C SER BD 236 -68.69 -83.71 -17.05
N LYS BD 237 -67.80 -83.98 -18.01
CA LYS BD 237 -67.25 -85.29 -18.22
C LYS BD 237 -65.91 -85.41 -17.49
N ILE BD 238 -65.81 -86.41 -16.62
CA ILE BD 238 -64.56 -86.82 -16.01
C ILE BD 238 -64.37 -88.29 -16.33
N PRO BD 239 -63.18 -88.72 -16.77
CA PRO BD 239 -62.97 -90.13 -17.11
C PRO BD 239 -63.12 -91.03 -15.88
N GLY BD 240 -63.88 -92.11 -16.06
CA GLY BD 240 -64.20 -93.03 -15.00
C GLY BD 240 -65.48 -92.74 -14.24
N TYR BD 241 -66.09 -91.56 -14.45
CA TYR BD 241 -67.34 -91.22 -13.79
C TYR BD 241 -68.38 -90.61 -14.72
N GLY BD 242 -68.00 -90.15 -15.90
CA GLY BD 242 -68.99 -89.65 -16.84
C GLY BD 242 -69.47 -88.27 -16.44
N MET BD 243 -70.78 -88.07 -16.53
CA MET BD 243 -71.38 -86.78 -16.24
C MET BD 243 -71.61 -86.61 -14.75
N VAL BD 244 -72.11 -85.44 -14.38
CA VAL BD 244 -72.34 -85.07 -12.99
C VAL BD 244 -73.84 -84.99 -12.76
N LYS BD 245 -74.33 -85.73 -11.76
CA LYS BD 245 -75.75 -85.68 -11.44
C LYS BD 245 -76.07 -84.45 -10.60
N LEU BD 246 -75.33 -84.24 -9.50
CA LEU BD 246 -75.63 -83.13 -8.61
C LEU BD 246 -74.38 -82.73 -7.84
N ILE BD 247 -74.34 -81.47 -7.44
CA ILE BD 247 -73.26 -80.93 -6.61
C ILE BD 247 -73.86 -80.51 -5.28
N ASP BD 248 -73.30 -81.03 -4.19
CA ASP BD 248 -73.69 -80.63 -2.84
C ASP BD 248 -72.55 -79.78 -2.27
N SER BD 249 -72.83 -78.50 -2.06
CA SER BD 249 -71.84 -77.61 -1.47
C SER BD 249 -71.58 -77.97 -0.01
N LEU BD 250 -72.62 -78.42 0.70
CA LEU BD 250 -72.45 -78.88 2.06
C LEU BD 250 -71.74 -80.22 2.09
N GLN BD 251 -70.81 -80.38 3.03
CA GLN BD 251 -70.07 -81.59 3.38
C GLN BD 251 -69.12 -82.08 2.29
N GLY BD 252 -69.02 -81.39 1.15
CA GLY BD 252 -68.14 -81.81 0.07
C GLY BD 252 -68.57 -83.08 -0.63
N ARG BD 253 -69.70 -83.02 -1.34
CA ARG BD 253 -70.24 -84.17 -2.04
C ARG BD 253 -70.62 -83.78 -3.47
N ILE BD 254 -70.23 -84.61 -4.42
CA ILE BD 254 -70.54 -84.40 -5.83
C ILE BD 254 -71.12 -85.70 -6.38
N LEU BD 255 -72.33 -85.64 -6.94
CA LEU BD 255 -72.94 -86.82 -7.52
C LEU BD 255 -72.56 -86.95 -8.99
N THR BD 256 -71.93 -88.06 -9.33
CA THR BD 256 -71.56 -88.38 -10.70
C THR BD 256 -72.60 -89.28 -11.34
N SER BD 257 -72.62 -89.28 -12.67
CA SER BD 257 -73.57 -90.13 -13.39
C SER BD 257 -73.22 -91.60 -13.31
N SER BD 258 -71.98 -91.93 -12.95
CA SER BD 258 -71.61 -93.32 -12.72
C SER BD 258 -72.13 -93.85 -11.40
N GLY BD 259 -72.63 -92.99 -10.52
CA GLY BD 259 -73.09 -93.40 -9.22
C GLY BD 259 -72.09 -93.19 -8.10
N GLN BD 260 -70.81 -93.04 -8.44
CA GLN BD 260 -69.82 -92.72 -7.42
C GLN BD 260 -69.96 -91.27 -6.99
N VAL BD 261 -69.44 -90.98 -5.81
CA VAL BD 261 -69.51 -89.65 -5.22
C VAL BD 261 -68.09 -89.11 -5.11
N ILE BD 262 -67.84 -87.96 -5.74
CA ILE BD 262 -66.55 -87.31 -5.60
C ILE BD 262 -66.50 -86.62 -4.24
N LYS BD 263 -65.52 -87.01 -3.44
CA LYS BD 263 -65.33 -86.46 -2.10
C LYS BD 263 -63.89 -85.96 -1.99
N PHE BD 264 -63.59 -85.35 -0.85
CA PHE BD 264 -62.24 -84.92 -0.58
C PHE BD 264 -61.34 -86.13 -0.34
N SER BD 265 -60.04 -85.93 -0.54
CA SER BD 265 -59.07 -86.90 -0.08
C SER BD 265 -59.07 -86.95 1.44
N GLN BD 266 -59.15 -88.16 1.99
CA GLN BD 266 -59.17 -88.30 3.45
C GLN BD 266 -57.82 -87.97 4.05
N GLU BD 267 -56.74 -88.15 3.29
CA GLU BD 267 -55.41 -87.80 3.77
C GLU BD 267 -55.12 -86.31 3.68
N ASP BD 268 -55.95 -85.55 2.98
CA ASP BD 268 -55.91 -84.08 3.02
C ASP BD 268 -57.31 -83.62 3.44
N SER BD 269 -57.55 -83.65 4.74
CA SER BD 269 -58.87 -83.36 5.28
C SER BD 269 -58.78 -83.02 6.76
N GLN CD 791 -96.93 -61.62 31.10
CA GLN CD 791 -96.63 -61.52 29.68
C GLN CD 791 -95.48 -60.57 29.46
N GLN CD 792 -95.30 -59.63 30.40
CA GLN CD 792 -94.26 -58.61 30.31
C GLN CD 792 -92.85 -59.20 30.37
N GLU CD 793 -92.73 -60.40 30.95
CA GLU CD 793 -91.47 -61.14 30.97
C GLU CD 793 -90.98 -61.42 29.56
N ILE CD 794 -91.91 -61.72 28.64
CA ILE CD 794 -91.56 -62.02 27.26
C ILE CD 794 -90.91 -60.81 26.59
N GLN CD 795 -91.52 -59.63 26.75
CA GLN CD 795 -91.00 -58.46 26.06
C GLN CD 795 -89.71 -57.97 26.69
N GLN CD 796 -89.60 -58.02 28.02
CA GLN CD 796 -88.34 -57.60 28.64
C GLN CD 796 -87.21 -58.60 28.36
N ARG CD 797 -87.56 -59.89 28.25
CA ARG CD 797 -86.56 -60.90 27.96
C ARG CD 797 -86.05 -60.78 26.54
N THR CD 798 -86.98 -60.56 25.59
CA THR CD 798 -86.57 -60.33 24.21
C THR CD 798 -85.81 -59.02 24.06
N SER CD 799 -86.15 -58.01 24.87
CA SER CD 799 -85.45 -56.73 24.79
C SER CD 799 -84.01 -56.85 25.23
N ASP CD 800 -83.77 -57.40 26.44
CA ASP CD 800 -82.40 -57.47 26.92
C ASP CD 800 -81.61 -58.53 26.18
N MET CD 801 -82.27 -59.59 25.70
CA MET CD 801 -81.63 -60.57 24.85
C MET CD 801 -81.23 -59.96 23.52
N LEU CD 802 -82.06 -59.06 22.97
CA LEU CD 802 -81.73 -58.41 21.71
C LEU CD 802 -80.58 -57.44 21.87
N THR CD 803 -80.52 -56.73 23.01
CA THR CD 803 -79.37 -55.85 23.27
C THR CD 803 -78.09 -56.65 23.39
N ALA CD 804 -78.14 -57.77 24.12
CA ALA CD 804 -76.96 -58.62 24.25
C ALA CD 804 -76.58 -59.24 22.91
N ALA CD 805 -77.58 -59.55 22.08
CA ALA CD 805 -77.31 -60.14 20.78
C ALA CD 805 -76.67 -59.13 19.83
N THR CD 806 -77.13 -57.88 19.88
CA THR CD 806 -76.52 -56.84 19.05
C THR CD 806 -75.08 -56.59 19.49
N GLN CD 807 -74.85 -56.57 20.80
CA GLN CD 807 -73.48 -56.43 21.31
C GLN CD 807 -72.61 -57.60 20.87
N LEU CD 808 -73.16 -58.81 20.92
CA LEU CD 808 -72.39 -59.99 20.52
C LEU CD 808 -72.09 -60.01 19.04
N VAL CD 809 -73.06 -59.60 18.20
CA VAL CD 809 -72.80 -59.66 16.77
C VAL CD 809 -71.84 -58.55 16.36
N GLN CD 810 -71.87 -57.38 17.01
CA GLN CD 810 -70.86 -56.40 16.70
C GLN CD 810 -69.50 -56.79 17.29
N ASP CD 811 -69.50 -57.67 18.30
CA ASP CD 811 -68.24 -58.31 18.70
C ASP CD 811 -67.76 -59.29 17.65
N TRP CD 812 -68.68 -60.00 17.00
CA TRP CD 812 -68.28 -60.96 15.98
C TRP CD 812 -67.74 -60.27 14.74
N LYS CD 813 -68.29 -59.11 14.41
CA LYS CD 813 -68.11 -58.56 13.06
C LYS CD 813 -66.69 -58.03 12.83
N GLN CD 814 -66.09 -57.37 13.82
CA GLN CD 814 -64.82 -56.70 13.58
C GLN CD 814 -63.68 -57.70 13.49
N VAL CD 815 -62.71 -57.38 12.63
CA VAL CD 815 -61.58 -58.23 12.32
C VAL CD 815 -60.35 -57.34 12.16
N GLU CD 816 -59.27 -57.67 12.87
CA GLU CD 816 -58.04 -56.89 12.80
C GLU CD 816 -57.17 -57.36 11.63
N THR CD 817 -56.00 -56.74 11.50
CA THR CD 817 -55.08 -57.01 10.40
C THR CD 817 -53.78 -57.60 10.94
N GLN CD 818 -52.88 -57.92 10.01
CA GLN CD 818 -51.58 -58.49 10.31
C GLN CD 818 -50.52 -57.39 10.36
N VAL CD 819 -49.36 -57.74 10.90
CA VAL CD 819 -48.23 -56.81 10.96
C VAL CD 819 -46.99 -57.52 10.43
N TYR CD 820 -46.00 -56.72 10.04
CA TYR CD 820 -44.75 -57.24 9.53
C TYR CD 820 -43.59 -56.54 10.22
N THR CD 821 -42.51 -57.28 10.45
CA THR CD 821 -41.36 -56.72 11.16
C THR CD 821 -40.07 -57.16 10.48
N GLU CD 822 -39.21 -56.18 10.21
CA GLU CD 822 -37.94 -56.34 9.52
C GLU CD 822 -36.79 -56.21 10.52
N GLY CD 823 -35.57 -56.21 9.98
CA GLY CD 823 -34.38 -56.06 10.79
C GLY CD 823 -33.16 -55.98 9.89
N THR CD 824 -32.02 -55.76 10.53
CA THR CD 824 -30.75 -55.67 9.80
C THR CD 824 -30.06 -57.03 9.77
N ARG DD 207 -33.33 78.26 74.59
CA ARG DD 207 -33.13 76.87 74.96
C ARG DD 207 -33.27 75.95 73.75
N ILE DD 208 -33.08 74.66 73.97
CA ILE DD 208 -33.24 73.68 72.91
C ILE DD 208 -34.73 73.47 72.67
N ILE DD 209 -35.16 73.63 71.42
CA ILE DD 209 -36.56 73.52 71.05
C ILE DD 209 -36.76 72.20 70.33
N TYR DD 210 -37.66 71.39 70.85
CA TYR DD 210 -37.94 70.07 70.29
C TYR DD 210 -39.00 70.18 69.21
N TYR DD 211 -38.96 69.24 68.26
CA TYR DD 211 -40.01 69.10 67.26
C TYR DD 211 -40.41 67.64 67.15
N ILE DD 212 -41.63 67.42 66.67
CA ILE DD 212 -42.19 66.08 66.57
C ILE DD 212 -41.68 65.48 65.27
N GLN DD 213 -40.69 64.59 65.36
CA GLN DD 213 -40.21 63.89 64.18
C GLN DD 213 -41.02 62.64 63.86
N ALA DD 214 -41.81 62.15 64.82
CA ALA DD 214 -42.68 61.01 64.62
C ALA DD 214 -43.73 61.01 65.71
N VAL DD 215 -44.94 60.59 65.36
CA VAL DD 215 -46.02 60.53 66.34
C VAL DD 215 -46.98 59.39 66.00
N ILE DD 216 -47.15 58.47 66.95
CA ILE DD 216 -48.17 57.43 66.88
C ILE DD 216 -48.89 57.48 68.23
N PRO DD 217 -50.01 56.79 68.42
CA PRO DD 217 -50.50 56.57 69.78
C PRO DD 217 -49.48 55.80 70.61
N GLY DD 218 -49.37 56.18 71.88
CA GLY DD 218 -48.45 55.53 72.78
C GLY DD 218 -47.08 56.17 72.87
N ARG DD 219 -46.28 56.03 71.83
CA ARG DD 219 -44.90 56.48 71.85
C ARG DD 219 -44.71 57.69 70.94
N ALA DD 220 -43.73 58.52 71.29
CA ALA DD 220 -43.43 59.73 70.54
C ALA DD 220 -41.93 59.86 70.38
N TRP DD 221 -41.53 60.45 69.25
CA TRP DD 221 -40.13 60.64 68.91
C TRP DD 221 -39.90 62.11 68.66
N LEU DD 222 -38.84 62.66 69.24
CA LEU DD 222 -38.59 64.09 69.17
C LEU DD 222 -37.12 64.36 68.88
N ILE DD 223 -36.87 65.53 68.30
CA ILE DD 223 -35.54 65.95 67.87
C ILE DD 223 -35.30 67.36 68.39
N GLY DD 224 -34.16 67.55 69.05
CA GLY DD 224 -33.80 68.86 69.56
C GLY DD 224 -33.43 69.82 68.46
N SER DD 225 -33.38 71.11 68.84
CA SER DD 225 -33.00 72.15 67.90
C SER DD 225 -31.54 72.04 67.48
N ASN DD 226 -30.71 71.43 68.33
CA ASN DD 226 -29.34 71.10 67.95
C ASN DD 226 -29.30 69.98 66.92
N GLY DD 227 -30.31 69.13 66.87
CA GLY DD 227 -30.28 67.92 66.07
C GLY DD 227 -30.18 66.63 66.85
N SER DD 228 -30.42 66.67 68.16
CA SER DD 228 -30.32 65.48 68.99
C SER DD 228 -31.52 64.56 68.77
N THR DD 229 -31.51 63.42 69.45
CA THR DD 229 -32.53 62.41 69.33
C THR DD 229 -33.10 62.04 70.69
N LEU DD 230 -34.41 61.86 70.76
CA LEU DD 230 -35.03 61.36 71.98
C LEU DD 230 -36.36 60.71 71.62
N THR DD 231 -36.85 59.88 72.54
CA THR DD 231 -38.17 59.30 72.39
C THR DD 231 -38.73 59.02 73.77
N VAL DD 232 -40.04 59.22 73.93
CA VAL DD 232 -40.70 59.20 75.22
C VAL DD 232 -42.12 58.67 75.07
N ARG DD 233 -42.75 58.40 76.21
CA ARG DD 233 -44.17 58.09 76.34
C ARG DD 233 -44.78 59.06 77.34
N GLU DD 234 -46.03 58.79 77.74
CA GLU DD 234 -46.69 59.64 78.72
C GLU DD 234 -46.04 59.51 80.09
N GLY DD 235 -45.63 58.30 80.46
CA GLY DD 235 -44.87 58.16 81.67
C GLY DD 235 -43.38 58.19 81.41
N SER DD 236 -42.79 59.38 81.53
CA SER DD 236 -41.36 59.62 81.39
C SER DD 236 -41.07 61.03 81.87
N LYS DD 237 -39.80 61.28 82.19
CA LYS DD 237 -39.35 62.60 82.59
C LYS DD 237 -38.71 63.28 81.39
N ILE DD 238 -39.30 64.37 80.94
CA ILE DD 238 -38.85 65.08 79.74
C ILE DD 238 -37.85 66.16 80.16
N PRO DD 239 -36.65 66.19 79.59
CA PRO DD 239 -35.63 67.13 80.06
C PRO DD 239 -35.96 68.56 79.66
N GLY DD 240 -35.86 69.47 80.64
CA GLY DD 240 -36.19 70.86 80.42
C GLY DD 240 -37.67 71.16 80.45
N TYR DD 241 -38.51 70.16 80.65
CA TYR DD 241 -39.96 70.37 80.66
C TYR DD 241 -40.63 69.61 81.79
N GLY DD 242 -39.90 68.87 82.61
CA GLY DD 242 -40.47 68.19 83.77
C GLY DD 242 -40.96 66.79 83.42
N MET DD 243 -42.28 66.61 83.40
CA MET DD 243 -42.90 65.32 83.15
C MET DD 243 -43.88 65.45 82.00
N VAL DD 244 -44.18 64.31 81.37
CA VAL DD 244 -45.03 64.29 80.18
C VAL DD 244 -46.48 64.22 80.63
N LYS DD 245 -47.24 65.30 80.41
CA LYS DD 245 -48.64 65.31 80.82
C LYS DD 245 -49.50 64.49 79.87
N LEU DD 246 -49.55 64.87 78.60
CA LEU DD 246 -50.50 64.25 77.68
C LEU DD 246 -49.94 64.26 76.26
N ILE DD 247 -50.05 63.13 75.59
CA ILE DD 247 -49.65 62.97 74.20
C ILE DD 247 -50.87 62.55 73.40
N ASP DD 248 -51.15 63.26 72.31
CA ASP DD 248 -52.24 62.91 71.41
C ASP DD 248 -51.71 62.81 69.99
N SER DD 249 -52.02 61.71 69.32
CA SER DD 249 -51.74 61.59 67.90
C SER DD 249 -52.65 62.50 67.09
N LEU DD 250 -53.88 62.72 67.56
CA LEU DD 250 -54.73 63.74 66.98
C LEU DD 250 -54.19 65.12 67.33
N GLN DD 251 -54.10 65.98 66.31
CA GLN DD 251 -53.67 67.39 66.32
C GLN DD 251 -52.19 67.57 66.64
N GLY DD 252 -51.45 66.51 66.91
CA GLY DD 252 -49.99 66.56 66.99
C GLY DD 252 -49.40 67.41 68.10
N ARG DD 253 -49.96 67.32 69.30
CA ARG DD 253 -49.55 68.17 70.40
C ARG DD 253 -49.13 67.31 71.59
N ILE DD 254 -48.04 67.72 72.24
CA ILE DD 254 -47.56 67.08 73.45
C ILE DD 254 -47.49 68.14 74.55
N LEU DD 255 -48.16 67.87 75.66
CA LEU DD 255 -48.20 68.79 76.78
C LEU DD 255 -47.30 68.26 77.89
N THR DD 256 -46.54 69.16 78.50
CA THR DD 256 -45.60 68.78 79.55
C THR DD 256 -46.06 69.31 80.90
N SER DD 257 -45.42 68.78 81.96
CA SER DD 257 -45.71 69.23 83.32
C SER DD 257 -45.21 70.64 83.61
N SER DD 258 -44.37 71.21 82.73
CA SER DD 258 -44.05 72.62 82.79
C SER DD 258 -45.12 73.48 82.12
N GLY DD 259 -46.17 72.88 81.57
CA GLY DD 259 -47.19 73.61 80.85
C GLY DD 259 -46.83 73.95 79.43
N GLN DD 260 -45.70 73.46 78.94
CA GLN DD 260 -45.23 73.79 77.60
C GLN DD 260 -45.68 72.72 76.62
N VAL DD 261 -45.96 73.16 75.39
CA VAL DD 261 -46.53 72.32 74.35
C VAL DD 261 -45.53 72.20 73.21
N ILE DD 262 -45.26 70.98 72.79
CA ILE DD 262 -44.37 70.70 71.66
C ILE DD 262 -45.21 70.10 70.55
N LYS DD 263 -45.04 70.64 69.34
CA LYS DD 263 -45.83 70.22 68.18
C LYS DD 263 -44.89 70.14 66.99
N PHE DD 264 -45.48 70.08 65.80
CA PHE DD 264 -44.72 70.00 64.56
C PHE DD 264 -43.94 71.28 64.30
N SER DD 265 -42.98 71.19 63.39
CA SER DD 265 -42.43 72.38 62.78
C SER DD 265 -43.52 73.06 61.97
N GLN DD 266 -43.67 74.37 62.15
CA GLN DD 266 -44.59 75.11 61.30
C GLN DD 266 -44.02 75.23 59.89
N GLU DD 267 -42.70 75.28 59.76
CA GLU DD 267 -42.08 75.27 58.44
C GLU DD 267 -42.13 73.89 57.82
N ASP DD 268 -42.03 72.84 58.62
CA ASP DD 268 -42.07 71.46 58.14
C ASP DD 268 -43.24 70.76 58.81
N SER DD 269 -44.42 70.88 58.21
CA SER DD 269 -45.63 70.26 58.75
C SER DD 269 -46.20 69.25 57.75
N ILE ED 862 11.55 -62.94 -28.27
CA ILE ED 862 12.39 -62.22 -27.33
C ILE ED 862 13.86 -62.35 -27.70
N ILE ED 863 14.51 -61.21 -27.90
CA ILE ED 863 15.93 -61.15 -28.22
C ILE ED 863 16.69 -60.96 -26.92
N LYS ED 864 17.64 -61.86 -26.66
CA LYS ED 864 18.44 -61.80 -25.44
C LYS ED 864 19.38 -60.59 -25.48
N THR ED 865 19.59 -59.99 -24.32
CA THR ED 865 20.36 -58.75 -24.23
C THR ED 865 21.84 -59.06 -24.38
N GLY ED 866 22.45 -58.54 -25.44
CA GLY ED 866 23.86 -58.75 -25.68
C GLY ED 866 24.19 -60.09 -26.32
N ASP ED 867 23.58 -60.37 -27.47
CA ASP ED 867 23.85 -61.59 -28.21
C ASP ED 867 24.44 -61.24 -29.57
N ILE ED 868 24.65 -62.28 -30.39
CA ILE ED 868 25.41 -62.19 -31.63
C ILE ED 868 24.43 -62.33 -32.79
N MET ED 869 24.48 -61.38 -33.73
CA MET ED 869 23.65 -61.40 -34.93
C MET ED 869 24.51 -60.98 -36.13
N PHE ED 870 23.98 -61.19 -37.33
CA PHE ED 870 24.73 -60.98 -38.57
C PHE ED 870 24.16 -59.80 -39.33
N ALA ED 871 25.01 -59.15 -40.13
CA ALA ED 871 24.58 -58.02 -40.94
C ALA ED 871 25.46 -57.93 -42.18
N VAL ED 872 24.87 -57.43 -43.26
CA VAL ED 872 25.51 -57.44 -44.57
C VAL ED 872 25.72 -56.01 -45.04
N LEU ED 873 26.97 -55.66 -45.32
CA LEU ED 873 27.30 -54.35 -45.86
C LEU ED 873 27.57 -54.48 -47.35
N ASP ED 874 26.82 -53.73 -48.15
CA ASP ED 874 26.84 -53.89 -49.60
C ASP ED 874 27.20 -52.60 -50.33
N THR ED 875 27.25 -51.49 -49.59
CA THR ED 875 27.70 -50.22 -50.13
C THR ED 875 28.77 -49.62 -49.22
N SER ED 876 29.79 -48.99 -49.81
CA SER ED 876 30.96 -48.53 -49.07
C SER ED 876 31.07 -47.00 -49.06
N VAL ED 877 31.86 -46.49 -48.10
CA VAL ED 877 32.05 -45.05 -47.94
C VAL ED 877 33.39 -44.82 -47.24
N ASN ED 878 34.07 -43.73 -47.61
CA ASN ED 878 35.26 -43.27 -46.92
C ASN ED 878 34.85 -42.61 -45.60
N SER ED 879 35.79 -42.60 -44.65
CA SER ED 879 35.48 -42.06 -43.33
C SER ED 879 35.69 -40.55 -43.27
N ASP ED 880 34.90 -39.80 -44.01
CA ASP ED 880 34.95 -38.34 -43.89
C ASP ED 880 33.58 -37.70 -43.72
N GLU ED 881 32.57 -38.16 -44.45
CA GLU ED 881 31.23 -37.60 -44.35
C GLU ED 881 30.29 -38.70 -43.89
N PRO ED 882 29.83 -38.68 -42.64
CA PRO ED 882 28.84 -39.68 -42.19
C PRO ED 882 27.53 -39.57 -42.93
N GLY ED 883 26.94 -40.73 -43.19
CA GLY ED 883 25.74 -40.83 -43.99
C GLY ED 883 24.96 -42.07 -43.65
N PRO ED 884 23.76 -42.20 -44.23
CA PRO ED 884 22.85 -43.29 -43.83
C PRO ED 884 23.27 -44.65 -44.35
N ILE ED 885 24.36 -45.18 -43.80
CA ILE ED 885 24.85 -46.49 -44.18
C ILE ED 885 24.00 -47.52 -43.45
N LEU ED 886 23.59 -48.55 -44.17
CA LEU ED 886 22.59 -49.49 -43.70
C LEU ED 886 23.06 -50.91 -43.97
N ALA ED 887 22.62 -51.83 -43.13
CA ALA ED 887 22.97 -53.23 -43.18
C ALA ED 887 21.71 -54.07 -43.33
N THR ED 888 21.91 -55.29 -43.83
CA THR ED 888 20.83 -56.25 -44.04
C THR ED 888 21.08 -57.43 -43.12
N ILE ED 889 20.30 -57.51 -42.03
CA ILE ED 889 20.32 -58.67 -41.17
C ILE ED 889 19.80 -59.87 -41.96
N VAL ED 890 20.58 -60.95 -41.98
CA VAL ED 890 20.29 -62.06 -42.88
C VAL ED 890 19.92 -63.35 -42.13
N THR ED 891 20.17 -63.43 -40.83
CA THR ED 891 19.76 -64.60 -40.07
C THR ED 891 19.22 -64.23 -38.70
N GLY ED 892 18.99 -65.23 -37.85
CA GLY ED 892 18.46 -64.98 -36.52
C GLY ED 892 16.94 -65.10 -36.48
N LYS ED 893 16.34 -64.46 -35.47
CA LYS ED 893 14.89 -64.44 -35.34
C LYS ED 893 14.25 -63.62 -36.45
N LEU ED 894 14.85 -62.48 -36.80
CA LEU ED 894 14.26 -61.58 -37.78
C LEU ED 894 14.92 -61.78 -39.14
N LYS ED 895 14.11 -62.00 -40.17
CA LYS ED 895 14.58 -62.22 -41.52
C LYS ED 895 14.19 -61.03 -42.39
N GLY ED 896 15.14 -60.57 -43.21
CA GLY ED 896 14.88 -59.41 -44.03
C GLY ED 896 14.95 -58.10 -43.28
N SER ED 897 15.43 -58.11 -42.04
CA SER ED 897 15.52 -56.90 -41.24
C SER ED 897 16.63 -56.00 -41.76
N LYS ED 898 16.43 -54.69 -41.61
CA LYS ED 898 17.31 -53.71 -42.24
C LYS ED 898 17.55 -52.53 -41.28
N LEU ED 899 18.81 -52.09 -41.24
CA LEU ED 899 19.27 -51.30 -40.10
C LEU ED 899 20.19 -50.17 -40.56
N ILE ED 900 19.83 -48.94 -40.22
CA ILE ED 900 20.52 -47.73 -40.67
C ILE ED 900 21.34 -47.15 -39.53
N GLY ED 901 22.39 -46.41 -39.89
CA GLY ED 901 23.22 -45.68 -38.98
C GLY ED 901 24.30 -44.92 -39.72
N SER ED 902 25.35 -44.53 -39.02
CA SER ED 902 26.46 -43.82 -39.62
C SER ED 902 27.75 -44.36 -39.00
N PHE ED 903 28.87 -43.70 -39.27
CA PHE ED 903 30.14 -44.10 -38.69
C PHE ED 903 30.69 -42.98 -37.79
N ASN ED 904 31.80 -43.29 -37.12
CA ASN ED 904 32.48 -42.35 -36.26
C ASN ED 904 33.90 -42.18 -36.75
N LEU ED 905 34.49 -41.03 -36.46
CA LEU ED 905 35.86 -40.77 -36.85
C LEU ED 905 36.79 -40.95 -35.66
N PRO ED 906 37.67 -41.95 -35.70
CA PRO ED 906 38.53 -42.21 -34.55
C PRO ED 906 39.72 -41.27 -34.48
N SER ED 907 40.24 -41.13 -33.25
CA SER ED 907 41.47 -40.36 -33.05
C SER ED 907 42.69 -41.09 -33.57
N ASN ED 908 42.82 -42.38 -33.25
CA ASN ED 908 43.84 -43.23 -33.84
C ASN ED 908 43.17 -44.28 -34.71
N ALA ED 909 43.83 -44.62 -35.82
CA ALA ED 909 43.26 -45.49 -36.84
C ALA ED 909 43.52 -46.97 -36.56
N ASP ED 910 43.73 -47.35 -35.30
CA ASP ED 910 43.97 -48.74 -34.95
C ASP ED 910 42.69 -49.55 -34.83
N LYS ED 911 41.52 -48.92 -34.91
CA LYS ED 911 40.26 -49.61 -35.14
C LYS ED 911 39.27 -48.63 -35.74
N MET ED 912 38.20 -49.18 -36.31
CA MET ED 912 37.12 -48.40 -36.88
C MET ED 912 35.85 -49.24 -36.87
N VAL ED 913 34.76 -48.63 -36.37
CA VAL ED 913 33.51 -49.34 -36.13
C VAL ED 913 32.37 -48.54 -36.75
N ILE ED 914 31.23 -49.20 -36.92
CA ILE ED 914 30.03 -48.60 -37.49
C ILE ED 914 28.91 -48.64 -36.46
N THR ED 915 28.27 -47.50 -36.24
CA THR ED 915 27.19 -47.39 -35.27
C THR ED 915 25.86 -47.55 -36.01
N PHE ED 916 24.99 -48.42 -35.48
CA PHE ED 916 23.78 -48.86 -36.17
C PHE ED 916 22.60 -48.79 -35.21
N ASN ED 917 21.59 -47.97 -35.54
CA ASN ED 917 20.50 -47.81 -34.57
C ASN ED 917 19.11 -48.06 -35.14
N THR ED 918 18.86 -47.73 -36.41
CA THR ED 918 17.50 -47.73 -36.96
C THR ED 918 17.21 -49.13 -37.49
N MET ED 919 16.60 -49.97 -36.66
CA MET ED 919 16.37 -51.38 -36.98
C MET ED 919 14.90 -51.54 -37.36
N SER ED 920 14.63 -52.08 -38.54
CA SER ED 920 13.26 -52.30 -38.99
C SER ED 920 13.09 -53.75 -39.43
N ILE ED 921 11.98 -54.35 -39.00
CA ILE ED 921 11.62 -55.72 -39.35
C ILE ED 921 10.56 -55.64 -40.44
N PRO ED 922 10.70 -56.38 -41.55
CA PRO ED 922 9.70 -56.30 -42.62
C PRO ED 922 8.41 -57.03 -42.30
N GLY ED 923 7.45 -56.96 -43.21
CA GLY ED 923 6.12 -57.49 -42.95
C GLY ED 923 5.20 -56.44 -42.35
N ALA ED 924 5.46 -56.08 -41.10
CA ALA ED 924 4.75 -55.01 -40.43
C ALA ED 924 5.63 -53.77 -40.38
N GLU ED 925 4.99 -52.61 -40.56
CA GLU ED 925 5.71 -51.34 -40.64
C GLU ED 925 6.09 -50.89 -39.22
N LYS ED 926 7.16 -51.49 -38.71
CA LYS ED 926 7.67 -51.16 -37.39
C LYS ED 926 9.16 -50.85 -37.50
N THR ED 927 9.66 -50.13 -36.51
CA THR ED 927 11.07 -49.75 -36.49
C THR ED 927 11.53 -49.79 -35.03
N ILE ED 928 12.26 -50.84 -34.65
CA ILE ED 928 12.80 -50.92 -33.30
C ILE ED 928 14.05 -50.07 -33.22
N SER ED 929 14.43 -49.66 -32.02
CA SER ED 929 15.57 -48.76 -31.89
C SER ED 929 16.68 -49.41 -31.09
N ILE ED 930 16.96 -50.68 -31.39
CA ILE ED 930 18.09 -51.36 -30.77
C ILE ED 930 19.37 -50.85 -31.44
N SER ED 931 20.26 -50.28 -30.64
CA SER ED 931 21.51 -49.70 -31.14
C SER ED 931 22.68 -50.45 -30.50
N ALA ED 932 23.71 -50.72 -31.28
CA ALA ED 932 24.80 -51.57 -30.83
C ALA ED 932 26.07 -51.23 -31.62
N TYR ED 933 27.13 -52.02 -31.39
CA TYR ED 933 28.40 -51.88 -32.08
C TYR ED 933 28.64 -53.08 -32.98
N ALA ED 934 29.81 -53.11 -33.62
CA ALA ED 934 30.13 -54.10 -34.64
C ALA ED 934 31.49 -54.75 -34.36
N ILE ED 935 31.65 -55.96 -34.91
CA ILE ED 935 32.93 -56.67 -34.87
C ILE ED 935 33.33 -57.01 -36.30
N ASP ED 936 34.61 -57.24 -36.51
CA ASP ED 936 35.07 -57.75 -37.79
C ASP ED 936 34.71 -59.23 -37.88
N PRO ED 937 33.91 -59.65 -38.87
CA PRO ED 937 33.43 -61.03 -38.90
C PRO ED 937 34.54 -62.03 -39.19
N ASN ED 938 34.43 -63.18 -38.52
CA ASN ED 938 35.40 -64.27 -38.46
C ASN ED 938 36.78 -63.80 -37.99
N THR ED 939 36.86 -62.70 -37.26
CA THR ED 939 38.11 -62.15 -36.74
C THR ED 939 37.99 -62.09 -35.23
N ALA ED 940 36.75 -61.91 -34.77
CA ALA ED 940 36.39 -61.69 -33.38
C ALA ED 940 37.14 -60.48 -32.80
N ARG ED 941 37.30 -59.47 -33.66
CA ARG ED 941 37.96 -58.22 -33.30
C ARG ED 941 37.16 -57.07 -33.90
N THR ED 942 37.55 -55.86 -33.54
CA THR ED 942 36.84 -54.67 -33.98
C THR ED 942 37.62 -53.84 -34.99
N ALA ED 943 38.74 -54.34 -35.50
CA ALA ED 943 39.53 -53.59 -36.45
C ALA ED 943 38.84 -53.55 -37.81
N LEU ED 944 39.20 -52.56 -38.60
CA LEU ED 944 38.68 -52.40 -39.96
C LEU ED 944 39.75 -52.76 -40.97
N ALA ED 945 39.37 -53.54 -41.98
CA ALA ED 945 40.29 -54.03 -43.00
C ALA ED 945 40.42 -52.98 -44.11
N SER ED 946 41.43 -52.13 -43.98
CA SER ED 946 41.71 -51.11 -44.99
C SER ED 946 43.19 -50.73 -44.88
N ARG ED 947 43.54 -49.64 -45.55
CA ARG ED 947 44.91 -49.15 -45.62
C ARG ED 947 45.09 -47.90 -44.78
N THR ED 948 46.31 -47.71 -44.27
CA THR ED 948 46.61 -46.58 -43.40
C THR ED 948 47.74 -45.70 -43.91
N ASN ED 949 48.31 -45.97 -45.08
CA ASN ED 949 49.41 -45.19 -45.64
C ASN ED 949 48.96 -44.29 -46.78
N HIS ED 950 47.76 -43.71 -46.67
CA HIS ED 950 47.17 -42.96 -47.78
C HIS ED 950 47.89 -41.65 -48.04
N HIS ED 951 48.18 -40.88 -47.01
CA HIS ED 951 48.70 -39.53 -47.17
C HIS ED 951 49.85 -39.27 -46.21
N TYR ED 952 50.82 -40.18 -46.18
CA TYR ED 952 52.08 -39.95 -45.51
C TYR ED 952 53.11 -39.30 -46.41
N LEU ED 953 53.48 -39.98 -47.49
CA LEU ED 953 54.64 -39.60 -48.26
C LEU ED 953 54.37 -38.40 -49.17
N MET ED 954 53.11 -38.13 -49.50
CA MET ED 954 52.77 -36.97 -50.32
C MET ED 954 53.11 -35.66 -49.61
N ARG ED 955 52.59 -35.50 -48.39
CA ARG ED 955 52.90 -34.32 -47.59
C ARG ED 955 54.34 -34.34 -47.12
N TYR ED 956 54.89 -35.53 -46.82
CA TYR ED 956 56.30 -35.66 -46.49
C TYR ED 956 57.19 -35.11 -47.60
N GLY ED 957 56.95 -35.54 -48.84
CA GLY ED 957 57.78 -35.12 -49.95
C GLY ED 957 57.62 -33.66 -50.28
N SER ED 958 56.38 -33.13 -50.18
CA SER ED 958 56.17 -31.71 -50.44
C SER ED 958 56.93 -30.84 -49.45
N LEU ED 959 56.82 -31.16 -48.14
CA LEU ED 959 57.51 -30.39 -47.11
C LEU ED 959 59.02 -30.49 -47.25
N PHE ED 960 59.54 -31.72 -47.44
CA PHE ED 960 60.99 -31.91 -47.47
C PHE ED 960 61.60 -31.32 -48.73
N ALA ED 961 60.87 -31.33 -49.84
CA ALA ED 961 61.35 -30.66 -51.05
C ALA ED 961 61.42 -29.15 -50.86
N SER ED 962 60.38 -28.57 -50.25
CA SER ED 962 60.39 -27.12 -49.98
C SER ED 962 61.55 -26.73 -49.06
N SER ED 963 61.78 -27.54 -48.03
CA SER ED 963 62.90 -27.32 -47.12
C SER ED 963 64.23 -27.37 -47.85
N PHE ED 964 64.48 -28.45 -48.62
CA PHE ED 964 65.74 -28.64 -49.34
C PHE ED 964 66.00 -27.50 -50.32
N LEU ED 965 64.94 -26.97 -50.93
CA LEU ED 965 65.06 -25.77 -51.76
C LEU ED 965 65.59 -24.59 -50.96
N GLN ED 966 64.93 -24.28 -49.83
CA GLN ED 966 65.31 -23.12 -49.02
C GLN ED 966 66.74 -23.24 -48.51
N GLY ED 967 67.11 -24.46 -48.09
CA GLY ED 967 68.47 -24.73 -47.65
C GLY ED 967 69.49 -24.55 -48.75
N PHE ED 968 69.14 -24.96 -49.98
CA PHE ED 968 70.08 -24.85 -51.10
C PHE ED 968 70.37 -23.40 -51.40
N GLY ED 969 69.33 -22.59 -51.43
CA GLY ED 969 69.52 -21.18 -51.70
C GLY ED 969 70.34 -20.48 -50.64
N ASN ED 970 70.01 -20.69 -49.36
CA ASN ED 970 70.73 -19.95 -48.33
C ASN ED 970 72.17 -20.43 -48.17
N ALA ED 971 72.42 -21.74 -48.17
CA ALA ED 971 73.77 -22.21 -47.91
C ALA ED 971 74.68 -22.01 -49.12
N PHE ED 972 74.17 -22.17 -50.34
CA PHE ED 972 75.05 -21.85 -51.45
C PHE ED 972 75.11 -20.36 -51.73
N GLN ED 973 74.27 -19.55 -51.08
CA GLN ED 973 74.59 -18.13 -50.99
C GLN ED 973 75.72 -17.89 -50.01
N SER ED 974 75.73 -18.63 -48.89
CA SER ED 974 76.75 -18.46 -47.87
C SER ED 974 78.11 -18.91 -48.37
N ALA ED 975 78.14 -19.87 -49.28
CA ALA ED 975 79.39 -20.41 -49.81
C ALA ED 975 79.97 -19.56 -50.95
N ASN ED 976 79.41 -18.37 -51.20
CA ASN ED 976 79.85 -17.56 -52.33
C ASN ED 976 81.23 -16.96 -52.10
N THR ED 977 81.62 -16.75 -50.84
CA THR ED 977 82.92 -16.13 -50.56
C THR ED 977 84.06 -17.09 -50.81
N THR ED 978 83.92 -18.34 -50.37
CA THR ED 978 85.02 -19.29 -50.43
C THR ED 978 84.73 -20.45 -51.38
N SER ED 999 77.10 -17.33 -63.24
CA SER ED 999 75.75 -16.79 -63.11
C SER ED 999 74.74 -17.90 -62.84
N THR ED 1000 75.04 -19.10 -63.38
CA THR ED 1000 74.12 -20.22 -63.28
C THR ED 1000 73.96 -20.70 -61.84
N LEU ED 1001 75.06 -20.84 -61.10
CA LEU ED 1001 74.98 -21.24 -59.70
C LEU ED 1001 74.33 -20.14 -58.86
N GLU ED 1002 74.53 -18.88 -59.26
CA GLU ED 1002 73.85 -17.76 -58.63
C GLU ED 1002 72.34 -17.89 -58.78
N ASN ED 1003 71.87 -18.21 -59.99
CA ASN ED 1003 70.43 -18.33 -60.20
C ASN ED 1003 69.87 -19.59 -59.55
N ALA ED 1004 70.73 -20.62 -59.38
CA ALA ED 1004 70.34 -21.76 -58.57
C ALA ED 1004 70.07 -21.36 -57.12
N VAL ED 1005 71.00 -20.57 -56.54
CA VAL ED 1005 70.82 -19.98 -55.22
C VAL ED 1005 69.52 -19.19 -55.16
N ILE ED 1006 69.27 -18.41 -56.19
CA ILE ED 1006 68.10 -17.54 -56.29
C ILE ED 1006 66.80 -18.34 -56.24
N GLY ED 1007 66.70 -19.35 -57.11
CA GLY ED 1007 65.44 -20.03 -57.29
C GLY ED 1007 65.14 -20.90 -56.10
N LEU ED 1008 66.15 -21.65 -55.63
CA LEU ED 1008 65.95 -22.54 -54.51
C LEU ED 1008 65.66 -21.75 -53.23
N ALA ED 1009 66.38 -20.63 -53.01
CA ALA ED 1009 66.16 -19.76 -51.85
C ALA ED 1009 64.77 -19.22 -51.81
N THR ED 1010 64.26 -18.73 -52.93
CA THR ED 1010 63.01 -18.02 -52.83
C THR ED 1010 61.79 -18.90 -53.01
N VAL ED 1011 61.88 -20.03 -53.71
CA VAL ED 1011 60.74 -20.92 -53.76
C VAL ED 1011 60.74 -21.94 -52.63
N GLY ED 1012 61.80 -22.02 -51.83
CA GLY ED 1012 61.74 -22.83 -50.64
C GLY ED 1012 60.77 -22.29 -49.60
N LYS ED 1013 60.75 -20.97 -49.41
CA LYS ED 1013 60.17 -20.37 -48.21
C LYS ED 1013 58.64 -20.41 -48.22
N ALA ED 1014 58.03 -19.93 -49.31
CA ALA ED 1014 56.58 -19.89 -49.39
C ALA ED 1014 56.00 -21.29 -49.46
N TRP ED 1015 56.67 -22.19 -50.17
CA TRP ED 1015 56.23 -23.57 -50.20
C TRP ED 1015 56.42 -24.25 -48.84
N SER ED 1016 57.44 -23.83 -48.08
CA SER ED 1016 57.61 -24.37 -46.73
C SER ED 1016 56.47 -23.97 -45.81
N GLN ED 1017 56.10 -22.70 -45.81
CA GLN ED 1017 55.02 -22.27 -44.92
C GLN ED 1017 53.66 -22.78 -45.39
N GLN ED 1018 53.44 -22.87 -46.70
CA GLN ED 1018 52.18 -23.42 -47.17
C GLN ED 1018 52.10 -24.93 -46.98
N ALA ED 1019 53.23 -25.61 -47.03
CA ALA ED 1019 53.24 -27.04 -46.74
C ALA ED 1019 53.02 -27.31 -45.26
N GLN ED 1020 53.51 -26.42 -44.40
CA GLN ED 1020 53.16 -26.54 -42.98
C GLN ED 1020 51.70 -26.16 -42.75
N GLN ED 1021 51.13 -25.34 -43.63
CA GLN ED 1021 49.70 -25.05 -43.55
C GLN ED 1021 48.85 -26.27 -43.88
N LEU ED 1022 49.14 -26.94 -45.00
CA LEU ED 1022 48.31 -28.06 -45.42
C LEU ED 1022 48.91 -29.42 -45.08
N PHE ED 1023 49.91 -29.45 -44.21
CA PHE ED 1023 50.60 -30.70 -43.89
C PHE ED 1023 49.79 -31.59 -42.96
N ASN ED 1024 48.82 -31.01 -42.26
CA ASN ED 1024 48.22 -31.61 -41.08
C ASN ED 1024 47.09 -32.60 -41.37
N THR ED 1025 46.83 -32.95 -42.62
CA THR ED 1025 45.70 -33.84 -42.91
C THR ED 1025 46.07 -35.29 -42.59
N PRO ED 1026 45.31 -35.96 -41.73
CA PRO ED 1026 45.66 -37.33 -41.31
C PRO ED 1026 45.26 -38.36 -42.37
N THR ED 1027 45.57 -39.63 -42.07
CA THR ED 1027 45.26 -40.75 -42.94
C THR ED 1027 43.91 -41.33 -42.55
N THR ED 1028 43.07 -41.60 -43.56
CA THR ED 1028 41.70 -42.01 -43.34
C THR ED 1028 41.57 -43.53 -43.39
N VAL ED 1029 40.35 -44.02 -43.11
CA VAL ED 1029 39.98 -45.42 -43.25
C VAL ED 1029 38.72 -45.49 -44.10
N GLU ED 1030 38.41 -46.70 -44.56
CA GLU ED 1030 37.26 -46.89 -45.43
C GLU ED 1030 36.69 -48.29 -45.27
N VAL ED 1031 35.37 -48.37 -45.03
CA VAL ED 1031 34.70 -49.66 -45.01
C VAL ED 1031 34.49 -50.16 -46.45
N TYR ED 1032 34.17 -51.44 -46.57
CA TYR ED 1032 34.08 -52.10 -47.88
C TYR ED 1032 32.67 -52.55 -48.20
N SER ED 1033 32.35 -52.56 -49.50
CA SER ED 1033 31.01 -52.90 -49.97
C SER ED 1033 30.84 -54.39 -50.23
N GLY ED 1034 31.81 -55.21 -49.86
CA GLY ED 1034 31.69 -56.64 -50.00
C GLY ED 1034 32.22 -57.35 -48.78
N THR ED 1035 32.21 -56.66 -47.64
CA THR ED 1035 32.60 -57.24 -46.36
C THR ED 1035 31.45 -57.08 -45.38
N GLY ED 1036 31.02 -58.19 -44.78
CA GLY ED 1036 29.94 -58.17 -43.82
C GLY ED 1036 30.39 -57.70 -42.46
N LEU ED 1037 29.49 -57.87 -41.49
CA LEU ED 1037 29.78 -57.49 -40.11
C LEU ED 1037 28.90 -58.29 -39.16
N GLY ED 1038 29.33 -58.34 -37.90
CA GLY ED 1038 28.57 -58.98 -36.85
C GLY ED 1038 28.28 -57.99 -35.72
N ILE ED 1039 27.09 -58.14 -35.14
CA ILE ED 1039 26.55 -57.20 -34.17
C ILE ED 1039 26.37 -57.90 -32.84
N LEU ED 1040 26.94 -57.31 -31.78
CA LEU ED 1040 26.67 -57.76 -30.42
C LEU ED 1040 25.74 -56.75 -29.74
N PHE ED 1041 24.64 -57.26 -29.19
CA PHE ED 1041 23.53 -56.41 -28.77
C PHE ED 1041 23.85 -55.66 -27.48
N THR ED 1042 22.97 -54.72 -27.13
CA THR ED 1042 23.13 -53.87 -25.96
C THR ED 1042 21.94 -53.91 -25.03
N GLN ED 1043 20.72 -53.96 -25.56
CA GLN ED 1043 19.52 -53.88 -24.74
C GLN ED 1043 18.48 -54.88 -25.24
N ASP ED 1044 17.27 -54.74 -24.70
CA ASP ED 1044 16.16 -55.62 -25.02
C ASP ED 1044 15.27 -54.98 -26.08
N VAL ED 1045 14.64 -55.83 -26.89
CA VAL ED 1045 13.66 -55.41 -27.89
C VAL ED 1045 12.49 -56.40 -27.85
N THR ED 1046 11.52 -56.21 -28.74
CA THR ED 1046 10.38 -57.11 -28.81
C THR ED 1046 10.01 -57.43 -30.26
N ALA FD 104 -78.56 -54.58 75.13
CA ALA FD 104 -78.17 -53.25 74.70
C ALA FD 104 -76.90 -53.32 73.85
N GLU FD 105 -75.95 -54.15 74.28
CA GLU FD 105 -74.70 -54.32 73.58
C GLU FD 105 -74.80 -55.24 72.38
N VAL FD 106 -75.87 -56.03 72.28
CA VAL FD 106 -76.07 -56.88 71.11
C VAL FD 106 -76.51 -56.07 69.89
N ILE FD 107 -76.93 -54.82 70.10
CA ILE FD 107 -77.23 -53.89 69.02
C ILE FD 107 -75.99 -53.67 68.16
N ASP FD 108 -74.82 -53.57 68.81
CA ASP FD 108 -73.57 -53.46 68.07
C ASP FD 108 -73.25 -54.72 67.29
N LYS FD 109 -73.62 -55.89 67.83
CA LYS FD 109 -73.42 -57.13 67.09
C LYS FD 109 -74.30 -57.19 65.84
N LYS FD 110 -75.55 -56.73 65.98
CA LYS FD 110 -76.44 -56.64 64.83
C LYS FD 110 -75.92 -55.66 63.79
N ALA FD 111 -75.41 -54.52 64.24
CA ALA FD 111 -74.85 -53.53 63.33
C ALA FD 111 -73.61 -54.05 62.63
N PHE FD 112 -72.78 -54.83 63.33
CA PHE FD 112 -71.57 -55.38 62.73
C PHE FD 112 -71.91 -56.42 61.67
N LYS FD 113 -72.85 -57.33 61.97
CA LYS FD 113 -73.20 -58.34 60.98
C LYS FD 113 -73.91 -57.72 59.78
N ASP FD 114 -74.77 -56.73 60.02
CA ASP FD 114 -75.48 -56.10 58.91
C ASP FD 114 -74.55 -55.21 58.08
N MET FD 115 -73.53 -54.63 58.70
CA MET FD 115 -72.60 -53.84 57.91
C MET FD 115 -71.64 -54.72 57.12
N THR FD 116 -71.32 -55.92 57.62
CA THR FD 116 -70.58 -56.87 56.79
C THR FD 116 -71.43 -57.32 55.61
N ARG FD 117 -72.74 -57.51 55.84
CA ARG FD 117 -73.66 -57.81 54.75
C ARG FD 117 -73.71 -56.69 53.71
N ASN FD 118 -73.74 -55.44 54.18
CA ASN FD 118 -73.87 -54.33 53.25
C ASN FD 118 -72.55 -54.06 52.51
N LEU FD 119 -71.41 -54.26 53.17
CA LEU FD 119 -70.13 -54.12 52.49
C LEU FD 119 -69.95 -55.21 51.44
N TYR FD 120 -70.09 -56.46 51.84
CA TYR FD 120 -69.86 -57.59 50.94
C TYR FD 120 -71.14 -58.39 50.88
N PRO FD 121 -72.01 -58.11 49.92
CA PRO FD 121 -73.28 -58.84 49.82
C PRO FD 121 -73.11 -60.27 49.35
N LEU FD 122 -71.96 -60.63 48.79
CA LEU FD 122 -71.75 -61.95 48.22
C LEU FD 122 -70.73 -62.74 49.04
N ASN FD 123 -70.65 -64.03 48.73
CA ASN FD 123 -69.78 -64.98 49.40
C ASN FD 123 -68.63 -65.40 48.51
N PRO FD 124 -67.51 -65.85 49.09
CA PRO FD 124 -66.39 -66.33 48.27
C PRO FD 124 -66.72 -67.48 47.35
N GLU FD 125 -67.65 -68.35 47.74
CA GLU FD 125 -68.12 -69.39 46.83
C GLU FD 125 -68.85 -68.78 45.64
N GLN FD 126 -69.57 -67.68 45.86
CA GLN FD 126 -70.19 -66.99 44.73
C GLN FD 126 -69.15 -66.29 43.87
N VAL FD 127 -68.04 -65.86 44.47
CA VAL FD 127 -66.93 -65.31 43.69
C VAL FD 127 -66.36 -66.38 42.76
N VAL FD 128 -66.13 -67.58 43.30
CA VAL FD 128 -65.60 -68.68 42.51
C VAL FD 128 -66.59 -69.12 41.43
N LYS FD 129 -67.88 -69.18 41.77
CA LYS FD 129 -68.86 -69.62 40.78
C LYS FD 129 -69.10 -68.58 39.70
N LEU FD 130 -68.94 -67.29 40.03
CA LEU FD 130 -69.07 -66.29 38.98
C LEU FD 130 -67.82 -66.26 38.10
N LYS FD 131 -66.66 -66.63 38.65
CA LYS FD 131 -65.50 -66.84 37.79
C LYS FD 131 -65.71 -68.01 36.86
N GLN FD 132 -66.37 -69.07 37.35
CA GLN FD 132 -66.74 -70.20 36.48
C GLN FD 132 -67.72 -69.76 35.40
N ILE FD 133 -68.65 -68.88 35.76
CA ILE FD 133 -69.59 -68.31 34.79
C ILE FD 133 -68.84 -67.50 33.74
N TYR FD 134 -67.79 -66.78 34.16
CA TYR FD 134 -66.96 -66.04 33.21
C TYR FD 134 -66.23 -66.97 32.26
N GLU FD 135 -65.72 -68.09 32.78
CA GLU FD 135 -65.07 -69.07 31.91
C GLU FD 135 -66.06 -69.67 30.91
N THR FD 136 -67.28 -69.93 31.37
CA THR FD 136 -68.34 -70.42 30.48
C THR FD 136 -68.68 -69.42 29.40
N SER FD 137 -68.77 -68.13 29.77
CA SER FD 137 -69.09 -67.08 28.81
C SER FD 137 -67.96 -66.91 27.80
N GLU FD 138 -66.72 -66.97 28.25
CA GLU FD 138 -65.61 -66.82 27.32
C GLU FD 138 -65.46 -68.06 26.44
N TYR FD 139 -65.90 -69.23 26.90
CA TYR FD 139 -65.86 -70.38 26.00
C TYR FD 139 -66.99 -70.35 24.99
N ALA FD 140 -68.14 -69.80 25.39
CA ALA FD 140 -69.20 -69.52 24.42
C ALA FD 140 -68.73 -68.52 23.38
N LYS FD 141 -67.98 -67.52 23.81
CA LYS FD 141 -67.37 -66.58 22.88
C LYS FD 141 -66.33 -67.26 22.01
N ALA FD 142 -65.57 -68.18 22.57
CA ALA FD 142 -64.50 -68.86 21.86
C ALA FD 142 -64.99 -70.01 21.00
N ALA FD 143 -66.28 -70.33 21.05
CA ALA FD 143 -66.83 -71.42 20.26
C ALA FD 143 -66.81 -71.07 18.77
N THR FD 144 -66.26 -71.98 17.98
CA THR FD 144 -66.25 -71.84 16.53
C THR FD 144 -67.21 -72.86 15.93
N PRO FD 145 -68.25 -72.43 15.23
CA PRO FD 145 -69.23 -73.38 14.69
C PRO FD 145 -68.66 -74.21 13.55
N GLY FD 146 -69.31 -75.34 13.31
CA GLY FD 146 -68.81 -76.28 12.33
C GLY FD 146 -67.55 -76.97 12.82
N THR FD 147 -66.67 -77.29 11.88
CA THR FD 147 -65.36 -77.81 12.24
C THR FD 147 -64.28 -76.99 11.53
N PRO FD 148 -63.18 -76.71 12.21
CA PRO FD 148 -62.11 -75.94 11.58
C PRO FD 148 -61.41 -76.77 10.50
N PRO FD 149 -60.79 -76.13 9.53
CA PRO FD 149 -60.07 -76.87 8.50
C PRO FD 149 -58.76 -77.43 9.02
N LYS FD 150 -58.21 -78.35 8.24
CA LYS FD 150 -56.93 -78.94 8.58
C LYS FD 150 -55.79 -78.09 8.03
N PRO FD 151 -54.88 -77.62 8.87
CA PRO FD 151 -53.74 -76.84 8.38
C PRO FD 151 -52.73 -77.69 7.62
N THR FD 152 -52.64 -77.52 6.31
CA THR FD 152 -51.79 -78.37 5.49
C THR FD 152 -50.87 -77.52 4.63
N ALA FD 153 -49.67 -78.03 4.39
CA ALA FD 153 -48.72 -77.39 3.50
C ALA FD 153 -48.74 -78.09 2.15
N THR FD 154 -48.69 -77.30 1.08
CA THR FD 154 -48.85 -77.84 -0.27
C THR FD 154 -47.70 -77.38 -1.16
N SER FD 155 -47.35 -78.23 -2.11
CA SER FD 155 -46.34 -77.94 -3.13
C SER FD 155 -46.95 -78.30 -4.48
N GLN FD 156 -47.34 -77.28 -5.24
CA GLN FD 156 -48.02 -77.48 -6.52
C GLN FD 156 -47.23 -76.83 -7.64
N PHE FD 157 -47.48 -77.31 -8.85
CA PHE FD 157 -46.82 -76.83 -10.05
C PHE FD 157 -47.84 -76.15 -10.94
N VAL FD 158 -47.43 -75.05 -11.58
CA VAL FD 158 -48.33 -74.25 -12.40
C VAL FD 158 -47.91 -74.35 -13.86
N ASN FD 159 -48.86 -74.71 -14.72
CA ASN FD 159 -48.64 -74.77 -16.16
C ASN FD 159 -48.91 -73.41 -16.78
N LEU FD 160 -48.13 -73.09 -17.82
CA LEU FD 160 -48.25 -71.83 -18.52
C LEU FD 160 -48.91 -71.97 -19.89
N SER FD 161 -49.47 -73.12 -20.21
CA SER FD 161 -50.16 -73.30 -21.47
C SER FD 161 -51.47 -72.52 -21.47
N PRO FD 162 -51.93 -72.07 -22.64
CA PRO FD 162 -53.27 -71.48 -22.72
C PRO FD 162 -54.38 -72.46 -22.36
N GLY FD 163 -54.21 -73.74 -22.64
CA GLY FD 163 -55.23 -74.70 -22.30
C GLY FD 163 -55.32 -75.06 -20.83
N SER FD 164 -54.31 -74.71 -20.04
CA SER FD 164 -54.30 -75.07 -18.64
C SER FD 164 -55.33 -74.25 -17.86
N THR FD 165 -55.80 -74.81 -16.77
CA THR FD 165 -56.77 -74.17 -15.88
C THR FD 165 -56.03 -73.42 -14.76
N PRO FD 166 -56.46 -72.20 -14.46
CA PRO FD 166 -55.74 -71.38 -13.48
C PRO FD 166 -55.91 -71.91 -12.07
N PRO FD 167 -54.82 -72.11 -11.34
CA PRO FD 167 -54.89 -72.73 -10.01
C PRO FD 167 -55.50 -71.80 -8.97
N VAL FD 168 -56.09 -72.43 -7.95
CA VAL FD 168 -56.73 -71.75 -6.84
C VAL FD 168 -55.93 -72.05 -5.57
N ILE FD 169 -56.10 -71.16 -4.59
CA ILE FD 169 -55.51 -71.32 -3.27
C ILE FD 169 -56.63 -71.20 -2.24
N ARG FD 170 -56.81 -72.23 -1.43
CA ARG FD 170 -57.76 -72.17 -0.33
C ARG FD 170 -57.15 -71.43 0.84
N LEU FD 171 -57.93 -70.52 1.42
CA LEU FD 171 -57.43 -69.62 2.46
C LEU FD 171 -58.35 -69.69 3.67
N SER FD 172 -57.86 -69.10 4.77
CA SER FD 172 -58.60 -69.05 6.03
C SER FD 172 -58.70 -67.62 6.50
N GLN FD 173 -59.88 -67.24 7.00
CA GLN FD 173 -60.12 -65.86 7.39
C GLN FD 173 -59.39 -65.54 8.68
N GLY FD 174 -58.63 -64.46 8.67
CA GLY FD 174 -57.88 -64.07 9.85
C GLY FD 174 -56.60 -64.85 10.08
N PHE FD 175 -56.07 -65.50 9.05
CA PHE FD 175 -54.83 -66.25 9.18
C PHE FD 175 -53.90 -65.92 8.04
N VAL FD 176 -52.61 -66.12 8.29
CA VAL FD 176 -51.56 -65.68 7.39
C VAL FD 176 -51.13 -66.86 6.53
N SER FD 177 -51.06 -66.64 5.22
CA SER FD 177 -50.63 -67.65 4.27
C SER FD 177 -49.34 -67.19 3.61
N SER FD 178 -48.39 -68.12 3.50
CA SER FD 178 -47.08 -67.85 2.93
C SER FD 178 -46.97 -68.54 1.58
N LEU FD 179 -46.81 -67.77 0.52
CA LEU FD 179 -46.69 -68.32 -0.83
C LEU FD 179 -45.28 -68.06 -1.34
N VAL FD 180 -44.59 -69.12 -1.73
CA VAL FD 180 -43.20 -69.07 -2.16
C VAL FD 180 -43.10 -69.67 -3.55
N PHE FD 181 -42.46 -68.95 -4.46
CA PHE FD 181 -42.45 -69.28 -5.88
C PHE FD 181 -41.05 -69.63 -6.34
N LEU FD 182 -40.92 -70.80 -6.96
CA LEU FD 182 -39.65 -71.31 -7.44
C LEU FD 182 -39.79 -71.71 -8.90
N ASP FD 183 -38.65 -71.84 -9.57
CA ASP FD 183 -38.62 -72.30 -10.95
C ASP FD 183 -38.72 -73.82 -10.98
N SER FD 184 -38.50 -74.40 -12.16
CA SER FD 184 -38.58 -75.86 -12.28
C SER FD 184 -37.39 -76.53 -11.60
N THR FD 185 -36.26 -75.83 -11.48
CA THR FD 185 -35.13 -76.35 -10.73
C THR FD 185 -35.33 -76.25 -9.23
N GLY FD 186 -36.31 -75.48 -8.78
CA GLY FD 186 -36.49 -75.23 -7.37
C GLY FD 186 -35.76 -74.01 -6.84
N ALA FD 187 -35.00 -73.31 -7.68
CA ALA FD 187 -34.35 -72.08 -7.25
C ALA FD 187 -35.39 -70.99 -7.04
N PRO FD 188 -35.23 -70.14 -6.02
CA PRO FD 188 -36.24 -69.11 -5.76
C PRO FD 188 -36.25 -68.03 -6.83
N TRP FD 189 -37.42 -67.45 -7.03
CA TRP FD 189 -37.60 -66.39 -8.02
C TRP FD 189 -38.08 -65.14 -7.30
N PRO FD 190 -37.27 -64.07 -7.26
CA PRO FD 190 -37.73 -62.81 -6.69
C PRO FD 190 -38.83 -62.17 -7.54
N ILE FD 191 -39.67 -61.40 -6.87
CA ILE FD 191 -40.86 -60.82 -7.50
C ILE FD 191 -40.57 -59.37 -7.87
N ALA FD 192 -41.00 -58.97 -9.06
CA ALA FD 192 -40.85 -57.60 -9.50
C ALA FD 192 -42.09 -56.75 -9.21
N ALA FD 193 -43.28 -57.30 -9.45
CA ALA FD 193 -44.50 -56.54 -9.28
C ALA FD 193 -45.67 -57.48 -9.06
N TYR FD 194 -46.79 -56.93 -8.60
CA TYR FD 194 -48.03 -57.68 -8.53
C TYR FD 194 -49.23 -56.76 -8.58
N ASP FD 195 -50.29 -57.21 -9.23
CA ASP FD 195 -51.56 -56.51 -9.28
C ASP FD 195 -52.60 -57.31 -8.50
N LEU FD 196 -53.23 -56.65 -7.54
CA LEU FD 196 -54.14 -57.28 -6.60
C LEU FD 196 -55.52 -56.67 -6.73
N GLY FD 197 -56.52 -57.52 -6.89
CA GLY FD 197 -57.90 -57.08 -6.75
C GLY FD 197 -58.40 -57.31 -5.33
N ASP FD 198 -59.39 -56.51 -4.93
CA ASP FD 198 -60.03 -56.51 -3.61
C ASP FD 198 -59.03 -56.39 -2.46
N PRO FD 199 -58.49 -55.21 -2.17
CA PRO FD 199 -57.71 -55.04 -0.94
C PRO FD 199 -58.50 -55.28 0.34
N SER FD 200 -59.84 -55.17 0.31
CA SER FD 200 -60.63 -55.39 1.52
C SER FD 200 -60.62 -56.85 1.95
N SER FD 201 -60.65 -57.79 1.01
CA SER FD 201 -60.66 -59.20 1.36
C SER FD 201 -59.27 -59.78 1.56
N PHE FD 202 -58.29 -59.31 0.79
CA PHE FD 202 -56.94 -59.85 0.83
C PHE FD 202 -55.97 -58.75 1.19
N ASN FD 203 -55.14 -58.99 2.20
CA ASN FD 203 -54.12 -58.05 2.64
C ASN FD 203 -52.75 -58.66 2.35
N ILE FD 204 -51.90 -57.89 1.69
CA ILE FD 204 -50.60 -58.37 1.24
C ILE FD 204 -49.52 -57.59 1.97
N GLN FD 205 -48.62 -58.31 2.62
CA GLN FD 205 -47.42 -57.70 3.18
C GLN FD 205 -46.21 -58.27 2.44
N TRP FD 206 -45.60 -57.44 1.60
CA TRP FD 206 -44.49 -57.89 0.76
C TRP FD 206 -43.43 -56.80 0.69
N ASP FD 207 -42.28 -57.06 1.29
CA ASP FD 207 -41.14 -56.17 1.10
C ASP FD 207 -40.56 -56.37 -0.30
N LYS FD 208 -39.92 -55.31 -0.81
CA LYS FD 208 -39.61 -55.22 -2.23
C LYS FD 208 -38.54 -56.22 -2.67
N THR FD 209 -37.57 -56.51 -1.82
CA THR FD 209 -36.50 -57.42 -2.19
C THR FD 209 -36.85 -58.87 -1.92
N SER FD 210 -38.02 -59.14 -1.35
CA SER FD 210 -38.38 -60.49 -0.98
C SER FD 210 -38.95 -61.24 -2.18
N ASN FD 211 -39.36 -62.49 -1.92
CA ASN FD 211 -40.00 -63.32 -2.92
C ASN FD 211 -41.17 -64.11 -2.37
N THR FD 212 -41.53 -63.92 -1.11
CA THR FD 212 -42.58 -64.68 -0.46
C THR FD 212 -43.73 -63.74 -0.12
N LEU FD 213 -44.94 -64.16 -0.44
CA LEU FD 213 -46.14 -63.35 -0.22
C LEU FD 213 -46.79 -63.74 1.09
N MET FD 214 -47.07 -62.74 1.93
CA MET FD 214 -47.83 -62.92 3.16
C MET FD 214 -49.22 -62.39 2.91
N ILE FD 215 -50.19 -63.30 2.89
CA ILE FD 215 -51.57 -63.00 2.51
C ILE FD 215 -52.46 -63.21 3.72
N GLN FD 216 -53.34 -62.26 3.98
CA GLN FD 216 -54.28 -62.33 5.08
C GLN FD 216 -55.69 -62.19 4.54
N ALA FD 217 -56.58 -63.09 4.94
CA ALA FD 217 -57.97 -63.06 4.52
C ALA FD 217 -58.80 -62.37 5.58
N THR FD 218 -59.40 -61.24 5.20
CA THR FD 218 -60.22 -60.44 6.10
C THR FD 218 -61.70 -60.71 5.90
N LYS FD 219 -62.15 -60.75 4.65
CA LYS FD 219 -63.49 -61.20 4.35
C LYS FD 219 -63.57 -62.71 4.54
N LEU FD 220 -64.81 -63.23 4.58
CA LEU FD 220 -64.97 -64.61 5.00
C LEU FD 220 -64.66 -65.60 3.89
N TYR FD 221 -65.48 -65.65 2.86
CA TYR FD 221 -65.30 -66.69 1.85
C TYR FD 221 -65.53 -66.24 0.41
N ASN FD 222 -65.82 -64.96 0.15
CA ASN FD 222 -65.91 -64.52 -1.23
C ASN FD 222 -64.52 -64.43 -1.84
N TYR FD 223 -64.40 -64.93 -3.06
CA TYR FD 223 -63.10 -65.21 -3.67
C TYR FD 223 -62.65 -64.05 -4.55
N GLY FD 224 -61.37 -64.07 -4.89
CA GLY FD 224 -60.77 -63.07 -5.76
C GLY FD 224 -59.64 -63.62 -6.60
N ASN FD 225 -58.86 -62.75 -7.23
CA ASN FD 225 -57.79 -63.17 -8.12
C ASN FD 225 -56.53 -62.37 -7.81
N LEU FD 226 -55.43 -62.76 -8.45
CA LEU FD 226 -54.16 -62.11 -8.26
C LEU FD 226 -53.28 -62.31 -9.48
N ALA FD 227 -52.57 -61.25 -9.90
CA ALA FD 227 -51.59 -61.34 -10.96
C ALA FD 227 -50.22 -60.99 -10.40
N VAL FD 228 -49.21 -61.76 -10.80
CA VAL FD 228 -47.85 -61.64 -10.29
C VAL FD 228 -46.90 -61.54 -11.47
N ARG FD 229 -46.06 -60.50 -11.49
CA ARG FD 229 -45.01 -60.36 -12.46
C ARG FD 229 -43.67 -60.55 -11.79
N LEU FD 230 -42.86 -61.45 -12.32
CA LEU FD 230 -41.51 -61.66 -11.84
C LEU FD 230 -40.53 -60.89 -12.72
N ARG FD 231 -39.27 -60.84 -12.27
CA ARG FD 231 -38.26 -60.05 -12.98
C ARG FD 231 -37.86 -60.72 -14.28
N GLY FD 232 -37.65 -62.03 -14.26
CA GLY FD 232 -37.22 -62.72 -15.46
C GLY FD 232 -38.31 -63.11 -16.42
N LEU FD 233 -39.56 -62.92 -16.06
CA LEU FD 233 -40.68 -63.40 -16.86
C LEU FD 233 -41.36 -62.25 -17.60
N ASN FD 234 -41.66 -62.49 -18.87
CA ASN FD 234 -42.47 -61.56 -19.65
C ASN FD 234 -43.96 -61.79 -19.45
N THR FD 235 -44.39 -63.05 -19.30
CA THR FD 235 -45.80 -63.36 -19.15
C THR FD 235 -46.16 -63.42 -17.66
N PRO FD 236 -47.15 -62.65 -17.20
CA PRO FD 236 -47.51 -62.69 -15.78
C PRO FD 236 -48.28 -63.95 -15.43
N VAL FD 237 -48.37 -64.20 -14.13
CA VAL FD 237 -48.98 -65.41 -13.58
C VAL FD 237 -50.27 -65.00 -12.86
N MET FD 238 -51.35 -65.71 -13.14
CA MET FD 238 -52.64 -65.43 -12.53
C MET FD 238 -53.07 -66.58 -11.64
N LEU FD 239 -53.59 -66.26 -10.47
CA LEU FD 239 -54.09 -67.24 -9.51
C LEU FD 239 -55.45 -66.79 -8.99
N THR FD 240 -56.24 -67.73 -8.51
CA THR FD 240 -57.50 -67.40 -7.87
C THR FD 240 -57.45 -67.79 -6.39
N LEU FD 241 -57.74 -66.83 -5.52
CA LEU FD 241 -57.72 -67.05 -4.08
C LEU FD 241 -59.16 -67.23 -3.60
N ILE FD 242 -59.46 -68.42 -3.09
CA ILE FD 242 -60.76 -68.73 -2.51
C ILE FD 242 -60.56 -68.99 -1.02
N PRO FD 243 -61.15 -68.18 -0.14
CA PRO FD 243 -61.03 -68.44 1.29
C PRO FD 243 -62.24 -69.18 1.84
N GLY FD 244 -62.08 -69.69 3.06
CA GLY FD 244 -63.18 -70.28 3.80
C GLY FD 244 -63.69 -71.61 3.28
N GLN FD 245 -62.89 -72.66 3.38
CA GLN FD 245 -63.30 -73.99 2.96
C GLN FD 245 -62.97 -74.98 4.07
N LYS FD 246 -63.12 -76.27 3.76
CA LYS FD 246 -62.88 -77.34 4.72
C LYS FD 246 -61.40 -77.69 4.86
N ALA FD 247 -60.54 -77.14 4.00
CA ALA FD 247 -59.10 -77.33 4.12
C ALA FD 247 -58.42 -75.99 3.91
N VAL FD 248 -57.22 -75.85 4.49
CA VAL FD 248 -56.46 -74.62 4.36
C VAL FD 248 -55.02 -74.97 4.00
N ASP FD 249 -54.51 -74.34 2.94
CA ASP FD 249 -53.12 -74.45 2.52
C ASP FD 249 -52.35 -73.33 3.20
N TYR FD 250 -51.69 -73.66 4.30
CA TYR FD 250 -50.98 -72.65 5.10
C TYR FD 250 -49.74 -72.14 4.38
N ARG FD 251 -48.92 -73.03 3.86
CA ARG FD 251 -47.73 -72.66 3.12
C ARG FD 251 -47.79 -73.32 1.75
N VAL FD 252 -47.79 -72.50 0.70
CA VAL FD 252 -47.95 -72.97 -0.66
C VAL FD 252 -46.66 -72.71 -1.43
N ASP FD 253 -46.08 -73.78 -1.96
CA ASP FD 253 -44.89 -73.72 -2.78
C ASP FD 253 -45.28 -73.92 -4.24
N LEU FD 254 -44.70 -73.11 -5.13
CA LEU FD 254 -45.20 -73.04 -6.51
C LEU FD 254 -44.06 -73.26 -7.49
N ARG FD 255 -44.08 -74.41 -8.17
CA ARG FD 255 -43.18 -74.67 -9.27
C ARG FD 255 -43.67 -73.93 -10.51
N VAL FD 256 -42.74 -73.32 -11.24
CA VAL FD 256 -43.05 -72.73 -12.53
C VAL FD 256 -42.33 -73.51 -13.63
N GLN FD 257 -42.84 -73.39 -14.85
CA GLN FD 257 -42.26 -74.10 -15.98
C GLN FD 257 -40.91 -73.51 -16.37
N GLY FD 258 -40.79 -72.19 -16.36
CA GLY FD 258 -39.58 -71.53 -16.77
C GLY FD 258 -38.51 -71.53 -15.69
N TYR FD 259 -37.49 -70.72 -15.93
CA TYR FD 259 -36.37 -70.60 -15.01
C TYR FD 259 -36.12 -69.13 -14.73
N GLY FD 260 -35.73 -68.83 -13.49
CA GLY FD 260 -35.46 -67.47 -13.09
C GLY FD 260 -34.04 -67.06 -13.45
N PRO FD 261 -33.50 -66.09 -12.70
CA PRO FD 261 -32.09 -65.71 -12.92
C PRO FD 261 -31.10 -66.79 -12.55
N ASN FD 262 -31.49 -67.74 -11.70
CA ASN FD 262 -30.65 -68.86 -11.32
C ASN FD 262 -31.44 -70.14 -11.52
N ALA FD 263 -30.78 -71.18 -12.02
CA ALA FD 263 -31.43 -72.45 -12.26
C ALA FD 263 -30.91 -73.53 -11.32
N ASP FD 278 -29.23 -84.80 1.22
CA ASP FD 278 -29.90 -85.89 0.54
C ASP FD 278 -30.67 -86.80 1.49
N LEU FD 279 -30.97 -88.02 1.03
CA LEU FD 279 -31.72 -88.97 1.83
C LEU FD 279 -30.92 -89.42 3.05
N LEU FD 280 -29.61 -89.61 2.87
CA LEU FD 280 -28.75 -89.94 4.01
C LEU FD 280 -28.64 -88.76 4.97
N LEU FD 281 -28.71 -87.53 4.45
CA LEU FD 281 -28.77 -86.37 5.32
C LEU FD 281 -30.05 -86.35 6.15
N HIS FD 282 -31.18 -86.74 5.53
CA HIS FD 282 -32.42 -86.90 6.28
C HIS FD 282 -32.30 -87.99 7.34
N VAL FD 283 -31.63 -89.09 7.02
CA VAL FD 283 -31.47 -90.21 7.94
C VAL FD 283 -30.63 -89.80 9.15
N LEU FD 284 -29.51 -89.12 8.90
CA LEU FD 284 -28.70 -88.64 10.02
C LEU FD 284 -29.38 -87.50 10.76
N GLU FD 285 -30.29 -86.78 10.11
CA GLU FD 285 -31.16 -85.85 10.81
C GLU FD 285 -32.23 -86.57 11.63
N GLY FD 286 -32.47 -87.85 11.35
CA GLY FD 286 -33.49 -88.60 12.05
C GLY FD 286 -34.75 -88.80 11.23
N VAL FD 287 -34.87 -88.13 10.09
CA VAL FD 287 -36.01 -88.29 9.21
C VAL FD 287 -35.88 -89.62 8.47
N PRO FD 288 -36.84 -90.54 8.60
CA PRO FD 288 -36.77 -91.77 7.83
C PRO FD 288 -37.01 -91.51 6.36
N PRO FD 289 -36.47 -92.35 5.47
CA PRO FD 289 -36.79 -92.22 4.06
C PRO FD 289 -38.24 -92.59 3.79
N PRO FD 290 -38.86 -92.01 2.77
CA PRO FD 290 -40.26 -92.34 2.47
C PRO FD 290 -40.40 -93.74 1.90
N GLY FD 291 -41.58 -94.31 2.10
CA GLY FD 291 -41.85 -95.67 1.64
C GLY FD 291 -41.15 -96.74 2.42
N SER FD 292 -40.87 -96.50 3.70
CA SER FD 292 -40.12 -97.41 4.54
C SER FD 292 -41.03 -98.04 5.59
N ARG FD 293 -40.44 -99.00 6.31
CA ARG FD 293 -41.09 -99.62 7.46
C ARG FD 293 -40.06 -99.78 8.56
N ARG FD 294 -40.55 -99.92 9.79
CA ARG FD 294 -39.65 -100.11 10.92
C ARG FD 294 -39.19 -101.56 10.98
N LEU FD 295 -37.87 -101.76 10.91
CA LEU FD 295 -37.28 -103.08 10.99
C LEU FD 295 -36.75 -103.29 12.40
N VAL FD 296 -37.20 -104.35 13.06
CA VAL FD 296 -36.88 -104.56 14.47
C VAL FD 296 -35.44 -105.03 14.61
N VAL FD 297 -34.79 -104.62 15.69
CA VAL FD 297 -33.40 -104.96 15.97
C VAL FD 297 -33.36 -105.68 17.32
N SER FD 298 -32.78 -106.87 17.33
CA SER FD 298 -32.65 -107.65 18.55
C SER FD 298 -31.23 -107.48 19.10
N GLY FD 299 -31.13 -107.06 20.36
CA GLY FD 299 -29.86 -106.94 21.03
C GLY FD 299 -29.27 -105.54 21.08
N GLY FD 300 -30.00 -104.53 20.61
CA GLY FD 300 -29.48 -103.18 20.62
C GLY FD 300 -30.53 -102.19 20.16
N ASP FD 301 -30.17 -100.92 20.23
CA ASP FD 301 -31.05 -99.83 19.84
C ASP FD 301 -30.63 -99.28 18.48
N ALA FD 302 -31.57 -99.26 17.54
CA ALA FD 302 -31.27 -98.74 16.21
C ALA FD 302 -32.59 -98.33 15.55
N ARG FD 303 -32.44 -97.50 14.52
CA ARG FD 303 -33.54 -97.13 13.64
C ARG FD 303 -33.24 -97.77 12.28
N ALA FD 304 -34.00 -98.81 11.95
CA ALA FD 304 -33.71 -99.61 10.77
C ALA FD 304 -34.88 -99.54 9.80
N TRP FD 305 -34.59 -99.16 8.56
CA TRP FD 305 -35.61 -99.04 7.53
C TRP FD 305 -35.15 -99.70 6.24
N LEU FD 306 -36.13 -100.04 5.41
CA LEU FD 306 -35.89 -100.64 4.10
C LEU FD 306 -36.88 -100.00 3.13
N SER FD 307 -36.36 -99.35 2.09
CA SER FD 307 -37.20 -98.69 1.11
C SER FD 307 -37.00 -99.24 -0.30
N ASN FD 308 -35.75 -99.36 -0.74
CA ASN FD 308 -35.42 -99.78 -2.10
C ASN FD 308 -34.41 -100.91 -2.03
N GLU FD 309 -34.75 -101.93 -1.24
CA GLU FD 309 -33.95 -103.08 -0.81
C GLU FD 309 -32.52 -102.72 -0.43
N LYS FD 310 -32.36 -101.58 0.25
CA LYS FD 310 -31.10 -101.16 0.84
C LYS FD 310 -31.39 -100.71 2.26
N MET FD 311 -30.91 -101.46 3.23
CA MET FD 311 -31.26 -101.18 4.62
C MET FD 311 -30.46 -100.01 5.15
N TYR FD 312 -31.13 -99.19 5.95
CA TYR FD 312 -30.51 -98.03 6.60
C TYR FD 312 -30.66 -98.18 8.10
N VAL FD 313 -29.54 -98.11 8.82
CA VAL FD 313 -29.51 -98.33 10.26
C VAL FD 313 -28.89 -97.11 10.93
N ARG FD 314 -29.59 -96.57 11.93
CA ARG FD 314 -29.19 -95.38 12.65
C ARG FD 314 -28.94 -95.75 14.11
N THR FD 315 -27.76 -95.41 14.62
CA THR FD 315 -27.38 -95.74 15.98
C THR FD 315 -26.29 -94.78 16.43
N ASN FD 316 -25.60 -95.14 17.52
CA ASN FD 316 -24.38 -94.47 17.94
C ASN FD 316 -23.21 -95.44 17.98
N LEU FD 317 -23.31 -96.55 17.27
CA LEU FD 317 -22.35 -97.64 17.35
C LEU FD 317 -21.67 -97.84 16.00
N THR FD 318 -20.83 -98.87 15.94
CA THR FD 318 -20.09 -99.20 14.73
C THR FD 318 -20.30 -100.68 14.41
N ILE FD 319 -20.68 -100.96 13.18
CA ILE FD 319 -20.95 -102.31 12.73
C ILE FD 319 -19.64 -102.97 12.32
N LEU FD 320 -19.63 -104.30 12.33
CA LEU FD 320 -18.44 -105.06 11.98
C LEU FD 320 -18.63 -106.00 10.81
N SER FD 321 -19.78 -106.71 10.75
CA SER FD 321 -19.89 -107.83 9.80
C SER FD 321 -20.01 -107.38 8.34
N PRO FD 322 -21.07 -106.68 7.91
CA PRO FD 322 -21.32 -106.60 6.46
C PRO FD 322 -20.47 -105.60 5.71
N GLY FD 323 -20.00 -104.53 6.35
CA GLY FD 323 -19.34 -103.45 5.65
C GLY FD 323 -20.34 -102.49 5.06
N TRP FD 324 -20.14 -101.19 5.28
CA TRP FD 324 -21.08 -100.21 4.77
C TRP FD 324 -20.91 -100.02 3.28
N LEU FD 325 -21.92 -99.43 2.65
CA LEU FD 325 -21.79 -98.94 1.29
C LEU FD 325 -21.67 -97.43 1.24
N ALA FD 326 -22.15 -96.75 2.27
CA ALA FD 326 -21.97 -95.31 2.43
C ALA FD 326 -22.12 -95.02 3.92
N SER FD 327 -21.19 -94.24 4.46
CA SER FD 327 -21.15 -93.99 5.89
C SER FD 327 -21.32 -92.51 6.16
N MET FD 328 -22.06 -92.20 7.22
CA MET FD 328 -22.22 -90.83 7.67
C MET FD 328 -22.17 -90.77 9.18
N THR FD 329 -21.68 -89.65 9.69
CA THR FD 329 -21.55 -89.45 11.12
C THR FD 329 -21.62 -87.96 11.43
N SER FD 330 -21.89 -87.66 12.69
CA SER FD 330 -22.07 -86.30 13.18
C SER FD 330 -20.98 -85.98 14.21
N ALA FD 331 -21.07 -84.77 14.75
CA ALA FD 331 -20.09 -84.33 15.75
C ALA FD 331 -20.37 -84.94 17.12
N ASP FD 332 -21.67 -85.22 17.43
CA ASP FD 332 -22.06 -85.71 18.73
C ASP FD 332 -22.13 -87.23 18.83
N GLY FD 333 -21.74 -87.94 17.78
CA GLY FD 333 -21.63 -89.38 17.85
C GLY FD 333 -22.73 -90.19 17.21
N THR FD 334 -23.63 -89.57 16.46
CA THR FD 334 -24.68 -90.31 15.78
C THR FD 334 -24.17 -90.84 14.45
N HIS FD 335 -24.32 -92.14 14.23
CA HIS FD 335 -23.87 -92.80 13.02
C HIS FD 335 -25.06 -93.38 12.26
N ALA FD 336 -24.95 -93.38 10.93
CA ALA FD 336 -25.96 -93.94 10.04
C ALA FD 336 -25.25 -94.74 8.96
N TYR FD 337 -25.77 -95.93 8.67
CA TYR FD 337 -25.14 -96.83 7.73
C TYR FD 337 -26.15 -97.29 6.69
N GLU FD 338 -25.70 -97.37 5.44
CA GLU FD 338 -26.48 -97.91 4.34
C GLU FD 338 -25.82 -99.19 3.86
N MET FD 339 -26.59 -100.28 3.78
CA MET FD 339 -26.02 -101.57 3.44
C MET FD 339 -27.00 -102.36 2.60
N GLN FD 340 -26.48 -103.44 2.01
CA GLN FD 340 -27.32 -104.50 1.49
C GLN FD 340 -28.01 -105.20 2.66
N LYS FD 341 -29.18 -105.77 2.38
CA LYS FD 341 -29.97 -106.44 3.40
C LYS FD 341 -29.24 -107.67 3.94
N SER FD 342 -29.23 -107.81 5.27
CA SER FD 342 -28.64 -108.94 5.96
C SER FD 342 -29.48 -109.24 7.19
N PRO FD 343 -29.73 -110.52 7.48
CA PRO FD 343 -30.53 -110.84 8.68
C PRO FD 343 -29.75 -110.71 9.97
N VAL FD 344 -28.42 -110.74 9.92
CA VAL FD 344 -27.59 -110.67 11.12
C VAL FD 344 -26.58 -109.55 10.96
N LEU FD 345 -26.14 -109.03 12.10
CA LEU FD 345 -25.15 -107.97 12.17
C LEU FD 345 -24.17 -108.28 13.29
N LEU FD 346 -22.98 -107.68 13.20
CA LEU FD 346 -22.01 -107.73 14.28
C LEU FD 346 -21.61 -106.30 14.63
N VAL FD 347 -21.75 -105.94 15.90
CA VAL FD 347 -21.44 -104.59 16.36
C VAL FD 347 -20.53 -104.69 17.57
N SER FD 348 -19.39 -104.02 17.52
CA SER FD 348 -18.50 -103.91 18.65
C SER FD 348 -18.75 -102.59 19.36
N TRP FD 349 -18.73 -102.62 20.68
CA TRP FD 349 -18.98 -101.45 21.51
C TRP FD 349 -18.12 -101.56 22.75
N HIS FD 350 -17.27 -100.55 22.93
CA HIS FD 350 -16.44 -100.34 24.13
C HIS FD 350 -15.59 -101.57 24.48
N GLY FD 351 -15.09 -102.25 23.45
CA GLY FD 351 -14.23 -103.40 23.65
C GLY FD 351 -14.92 -104.74 23.70
N LYS FD 352 -16.25 -104.79 23.67
CA LYS FD 352 -16.95 -106.06 23.64
C LYS FD 352 -17.76 -106.16 22.35
N VAL FD 353 -17.77 -107.34 21.75
CA VAL FD 353 -18.33 -107.56 20.42
C VAL FD 353 -19.60 -108.37 20.57
N MET FD 354 -20.71 -107.83 20.06
CA MET FD 354 -22.01 -108.46 20.19
C MET FD 354 -22.59 -108.73 18.81
N GLN FD 355 -23.49 -109.71 18.76
CA GLN FD 355 -24.17 -110.11 17.54
C GLN FD 355 -25.64 -109.72 17.63
N LEU FD 356 -26.17 -109.17 16.54
CA LEU FD 356 -27.52 -108.66 16.51
C LEU FD 356 -28.32 -109.37 15.43
N LYS FD 357 -29.61 -109.57 15.69
CA LYS FD 357 -30.54 -110.14 14.73
C LYS FD 357 -31.53 -109.07 14.31
N VAL FD 358 -31.68 -108.89 13.00
CA VAL FD 358 -32.60 -107.91 12.44
C VAL FD 358 -33.54 -108.63 11.48
N GLU FD 359 -34.83 -108.30 11.58
CA GLU FD 359 -35.85 -108.95 10.78
C GLU FD 359 -36.25 -108.04 9.63
N GLY FD 360 -36.29 -108.62 8.42
CA GLY FD 360 -36.69 -107.88 7.24
C GLY FD 360 -37.41 -108.75 6.23
N UNK GD 1 -70.49 -85.69 35.02
CA UNK GD 1 -71.22 -84.54 34.52
C UNK GD 1 -71.36 -84.61 33.01
N UNK GD 2 -70.50 -85.41 32.38
CA UNK GD 2 -70.53 -85.63 30.94
C UNK GD 2 -70.72 -87.12 30.69
N UNK GD 3 -71.87 -87.48 30.11
CA UNK GD 3 -72.15 -88.84 29.71
C UNK GD 3 -72.23 -88.90 28.18
N UNK GD 4 -71.48 -89.83 27.59
CA UNK GD 4 -71.41 -89.93 26.13
C UNK GD 4 -72.68 -90.51 25.52
N UNK GD 5 -73.52 -91.17 26.32
CA UNK GD 5 -74.76 -91.77 25.80
C UNK GD 5 -75.74 -90.70 25.34
N UNK GD 6 -75.86 -89.60 26.10
CA UNK GD 6 -76.72 -88.49 25.71
C UNK GD 6 -76.19 -87.81 24.44
N UNK GD 7 -74.86 -87.67 24.35
CA UNK GD 7 -74.26 -87.09 23.14
C UNK GD 7 -74.49 -87.97 21.92
N UNK GD 8 -74.34 -89.29 22.09
CA UNK GD 8 -74.56 -90.21 20.99
C UNK GD 8 -76.02 -90.24 20.55
N UNK GD 9 -76.95 -90.20 21.51
CA UNK GD 9 -78.38 -90.20 21.17
C UNK GD 9 -78.79 -88.89 20.50
N UNK GD 10 -78.24 -87.75 20.97
CA UNK GD 10 -78.52 -86.48 20.33
C UNK GD 10 -77.95 -86.42 18.91
N UNK GD 11 -76.75 -86.97 18.73
CA UNK GD 11 -76.15 -87.02 17.39
C UNK GD 11 -76.93 -87.93 16.46
N UNK GD 12 -77.45 -89.05 16.99
CA UNK GD 12 -78.27 -89.94 16.18
C UNK GD 12 -79.60 -89.30 15.81
N UNK GD 13 -80.20 -88.55 16.73
CA UNK GD 13 -81.47 -87.87 16.43
C UNK GD 13 -81.27 -86.75 15.41
N UNK GD 14 -80.16 -86.01 15.52
CA UNK GD 14 -79.86 -84.99 14.52
C UNK GD 14 -79.51 -85.60 13.17
N UNK GD 15 -78.86 -86.78 13.17
CA UNK GD 15 -78.57 -87.47 11.93
C UNK GD 15 -79.85 -87.97 11.27
N UNK GD 16 -80.77 -88.53 12.06
CA UNK GD 16 -82.06 -88.99 11.54
C UNK GD 16 -83.17 -88.33 12.36
N UNK GD 17 -83.50 -87.09 12.00
CA UNK GD 17 -84.78 -86.49 12.35
C UNK GD 17 -85.82 -86.73 11.27
N UNK GD 18 -85.37 -86.85 10.01
CA UNK GD 18 -86.16 -87.31 8.87
C UNK GD 18 -87.37 -86.41 8.58
N UNK GD 19 -87.20 -85.11 8.76
CA UNK GD 19 -88.23 -84.12 8.42
C UNK GD 19 -87.52 -82.90 7.84
N UNK GD 20 -87.37 -82.88 6.52
CA UNK GD 20 -86.61 -81.84 5.85
C UNK GD 20 -87.37 -81.34 4.63
N UNK GD 21 -87.30 -80.03 4.40
CA UNK GD 21 -88.01 -79.40 3.28
C UNK GD 21 -87.03 -78.65 2.41
N UNK GD 22 -87.07 -78.93 1.11
CA UNK GD 22 -86.23 -78.26 0.13
C UNK GD 22 -87.09 -77.78 -1.03
N UNK GD 23 -86.90 -76.52 -1.43
CA UNK GD 23 -87.66 -75.91 -2.51
C UNK GD 23 -86.72 -75.20 -3.46
N UNK GD 24 -87.09 -75.17 -4.73
CA UNK GD 24 -86.31 -74.55 -5.79
C UNK GD 24 -87.08 -73.40 -6.40
N UNK GD 25 -86.35 -72.54 -7.12
CA UNK GD 25 -86.91 -71.34 -7.72
C UNK GD 25 -86.80 -71.45 -9.24
N UNK GD 26 -87.84 -70.98 -9.92
CA UNK GD 26 -87.90 -70.99 -11.38
C UNK GD 26 -87.26 -69.71 -11.93
N UNK GD 27 -87.46 -69.45 -13.23
CA UNK GD 27 -86.87 -68.28 -13.86
C UNK GD 27 -87.47 -66.98 -13.33
N UNK GD 28 -88.78 -66.97 -13.07
CA UNK GD 28 -89.44 -65.83 -12.44
C UNK GD 28 -89.54 -65.99 -10.93
N UNK GD 29 -88.62 -66.75 -10.34
CA UNK GD 29 -88.57 -67.09 -8.91
C UNK GD 29 -89.88 -67.72 -8.43
N UNK GD 30 -90.46 -68.57 -9.28
CA UNK GD 30 -91.65 -69.33 -8.88
C UNK GD 30 -91.21 -70.49 -8.00
N UNK GD 31 -91.90 -70.67 -6.88
CA UNK GD 31 -91.56 -71.72 -5.95
C UNK GD 31 -91.94 -73.09 -6.51
N UNK GD 32 -91.08 -74.08 -6.28
CA UNK GD 32 -91.35 -75.45 -6.69
C UNK GD 32 -90.79 -76.38 -5.64
N UNK GD 33 -91.66 -77.10 -4.95
CA UNK GD 33 -91.26 -78.06 -3.94
C UNK GD 33 -91.99 -79.38 -4.17
N UNK GD 34 -91.33 -80.46 -3.78
CA UNK GD 34 -91.86 -81.81 -3.97
C UNK GD 34 -92.02 -82.49 -2.61
N UNK GD 35 -92.24 -83.80 -2.65
CA UNK GD 35 -92.35 -84.58 -1.43
C UNK GD 35 -91.02 -84.61 -0.68
N UNK GD 36 -91.10 -84.64 0.64
CA UNK GD 36 -89.92 -84.60 1.49
C UNK GD 36 -89.16 -85.91 1.43
N UNK GD 37 -87.83 -85.82 1.43
CA UNK GD 37 -86.98 -87.00 1.38
C UNK GD 37 -85.64 -86.69 2.04
N UNK GD 38 -84.93 -87.76 2.39
CA UNK GD 38 -83.62 -87.73 3.06
C UNK GD 38 -83.61 -86.92 4.35
N UNK GD 39 -78.52 -71.53 -9.07
CA UNK GD 39 -79.73 -70.71 -9.10
C UNK GD 39 -80.99 -71.58 -9.08
N UNK GD 40 -80.91 -72.73 -9.73
CA UNK GD 40 -82.03 -73.67 -9.74
C UNK GD 40 -82.08 -74.54 -8.49
N UNK GD 41 -81.08 -74.45 -7.61
CA UNK GD 41 -81.07 -75.19 -6.35
C UNK GD 41 -80.15 -74.44 -5.39
N UNK GD 42 -80.76 -73.70 -4.47
CA UNK GD 42 -79.98 -72.90 -3.52
C UNK GD 42 -79.30 -73.81 -2.49
N UNK GD 43 -78.12 -73.36 -2.04
CA UNK GD 43 -77.40 -74.08 -1.01
C UNK GD 43 -78.13 -74.06 0.32
N UNK GD 44 -78.89 -73.00 0.58
CA UNK GD 44 -79.80 -72.95 1.72
C UNK GD 44 -81.22 -73.33 1.32
N UNK GD 45 -81.38 -74.06 0.21
CA UNK GD 45 -82.71 -74.46 -0.24
C UNK GD 45 -83.33 -75.49 0.68
N UNK GD 46 -82.51 -76.38 1.23
CA UNK GD 46 -82.99 -77.42 2.14
C UNK GD 46 -83.15 -76.86 3.54
N UNK GD 47 -84.25 -77.25 4.19
CA UNK GD 47 -84.53 -76.85 5.56
C UNK GD 47 -85.08 -78.03 6.33
N UNK GD 48 -84.37 -78.43 7.40
CA UNK GD 48 -84.79 -79.56 8.22
C UNK GD 48 -85.24 -79.09 9.61
N ARG HD 207 -82.51 11.29 -77.70
CA ARG HD 207 -82.85 12.20 -76.63
C ARG HD 207 -82.23 11.75 -75.30
N ILE HD 208 -81.96 12.70 -74.43
CA ILE HD 208 -81.30 12.42 -73.16
C ILE HD 208 -82.31 11.80 -72.19
N ILE HD 209 -81.95 10.66 -71.62
CA ILE HD 209 -82.83 9.90 -70.73
C ILE HD 209 -82.24 9.93 -69.34
N TYR HD 210 -83.06 10.30 -68.36
CA TYR HD 210 -82.63 10.41 -66.97
C TYR HD 210 -83.18 9.26 -66.16
N TYR HD 211 -82.35 8.74 -65.26
CA TYR HD 211 -82.71 7.67 -64.36
C TYR HD 211 -82.54 8.17 -62.94
N ILE HD 212 -83.39 7.72 -62.04
CA ILE HD 212 -83.30 8.18 -60.66
C ILE HD 212 -82.15 7.46 -59.98
N GLN HD 213 -81.53 8.15 -59.03
CA GLN HD 213 -80.46 7.58 -58.24
C GLN HD 213 -80.78 7.57 -56.75
N ALA HD 214 -81.19 8.71 -56.20
CA ALA HD 214 -81.51 8.82 -54.79
C ALA HD 214 -82.90 9.43 -54.65
N VAL HD 215 -83.73 8.83 -53.82
CA VAL HD 215 -85.11 9.26 -53.65
C VAL HD 215 -85.33 9.58 -52.17
N ILE HD 216 -85.69 10.84 -51.90
CA ILE HD 216 -86.17 11.28 -50.61
C ILE HD 216 -87.31 12.26 -50.84
N PRO HD 217 -88.16 12.48 -49.84
CA PRO HD 217 -89.05 13.64 -49.90
C PRO HD 217 -88.26 14.93 -49.99
N GLY HD 218 -88.72 15.83 -50.85
CA GLY HD 218 -87.99 17.06 -51.12
C GLY HD 218 -87.08 17.05 -52.33
N ARG HD 219 -86.05 16.21 -52.34
CA ARG HD 219 -85.05 16.22 -53.39
C ARG HD 219 -85.02 14.89 -54.12
N ALA HD 220 -84.70 14.93 -55.41
CA ALA HD 220 -84.58 13.74 -56.24
C ALA HD 220 -83.40 13.86 -57.17
N TRP HD 221 -82.59 12.81 -57.27
CA TRP HD 221 -81.36 12.82 -58.04
C TRP HD 221 -81.55 12.09 -59.36
N LEU HD 222 -81.13 12.73 -60.45
CA LEU HD 222 -81.32 12.22 -61.80
C LEU HD 222 -79.98 12.17 -62.51
N ILE HD 223 -79.64 11.01 -63.05
CA ILE HD 223 -78.41 10.82 -63.81
C ILE HD 223 -78.82 10.53 -65.25
N GLY HD 224 -78.22 11.25 -66.19
CA GLY HD 224 -78.51 11.06 -67.60
C GLY HD 224 -77.72 9.90 -68.18
N SER HD 225 -77.82 9.77 -69.50
CA SER HD 225 -77.05 8.76 -70.21
C SER HD 225 -75.57 9.11 -70.29
N ASN HD 226 -75.22 10.38 -70.09
CA ASN HD 226 -73.85 10.84 -70.18
C ASN HD 226 -73.17 10.91 -68.82
N GLY HD 227 -73.78 10.38 -67.78
CA GLY HD 227 -73.24 10.48 -66.44
C GLY HD 227 -73.49 11.81 -65.76
N SER HD 228 -74.32 12.66 -66.34
CA SER HD 228 -74.63 13.96 -65.76
C SER HD 228 -75.71 13.79 -64.69
N THR HD 229 -75.33 13.99 -63.43
CA THR HD 229 -76.26 13.80 -62.32
C THR HD 229 -76.55 15.13 -61.65
N LEU HD 230 -77.83 15.39 -61.42
CA LEU HD 230 -78.31 16.57 -60.73
C LEU HD 230 -79.31 16.15 -59.68
N THR HD 231 -79.82 17.13 -58.95
CA THR HD 231 -80.94 16.90 -58.04
C THR HD 231 -81.91 18.06 -58.15
N VAL HD 232 -83.20 17.76 -58.02
CA VAL HD 232 -84.26 18.73 -58.23
C VAL HD 232 -85.30 18.59 -57.14
N ARG HD 233 -86.14 19.62 -57.04
CA ARG HD 233 -87.31 19.63 -56.19
C ARG HD 233 -88.54 19.29 -57.01
N GLU HD 234 -89.72 19.38 -56.40
CA GLU HD 234 -90.94 18.96 -57.07
C GLU HD 234 -91.34 19.94 -58.17
N GLY HD 235 -91.24 21.24 -57.91
CA GLY HD 235 -91.44 22.21 -58.95
C GLY HD 235 -90.12 22.56 -59.61
N SER HD 236 -89.82 21.92 -60.74
CA SER HD 236 -88.51 22.04 -61.36
C SER HD 236 -88.64 22.03 -62.87
N LYS HD 237 -87.61 22.56 -63.53
CA LYS HD 237 -87.53 22.62 -64.99
C LYS HD 237 -86.22 21.96 -65.40
N ILE HD 238 -86.30 20.93 -66.22
CA ILE HD 238 -85.11 20.15 -66.59
C ILE HD 238 -84.94 20.16 -68.11
N PRO HD 239 -83.71 20.06 -68.61
CA PRO HD 239 -83.53 19.87 -70.06
C PRO HD 239 -83.99 18.49 -70.49
N GLY HD 240 -84.45 18.41 -71.73
CA GLY HD 240 -84.80 17.14 -72.34
C GLY HD 240 -86.17 16.60 -72.01
N TYR HD 241 -86.84 17.13 -70.97
CA TYR HD 241 -88.16 16.66 -70.61
C TYR HD 241 -89.14 17.77 -70.27
N GLY HD 242 -88.73 19.02 -70.23
CA GLY HD 242 -89.62 20.09 -69.87
C GLY HD 242 -89.65 20.32 -68.37
N MET HD 243 -90.81 20.69 -67.85
CA MET HD 243 -90.93 20.96 -66.42
C MET HD 243 -91.04 19.64 -65.66
N VAL HD 244 -91.10 19.75 -64.33
CA VAL HD 244 -91.34 18.62 -63.46
C VAL HD 244 -92.68 18.84 -62.80
N LYS HD 245 -93.64 17.95 -63.05
CA LYS HD 245 -94.96 18.12 -62.49
C LYS HD 245 -95.01 17.70 -61.03
N LEU HD 246 -94.67 16.44 -60.77
CA LEU HD 246 -94.79 15.91 -59.42
C LEU HD 246 -93.69 14.89 -59.18
N ILE HD 247 -93.27 14.77 -57.92
CA ILE HD 247 -92.29 13.78 -57.48
C ILE HD 247 -92.99 12.87 -56.48
N ASP HD 248 -93.00 11.57 -56.78
CA ASP HD 248 -93.49 10.57 -55.85
C ASP HD 248 -92.30 9.86 -55.22
N SER HD 249 -92.14 10.02 -53.91
CA SER HD 249 -91.11 9.28 -53.19
C SER HD 249 -91.40 7.79 -53.19
N LEU HD 250 -92.69 7.42 -53.18
CA LEU HD 250 -93.07 6.03 -53.28
C LEU HD 250 -92.85 5.52 -54.70
N GLN HD 251 -92.38 4.27 -54.80
CA GLN HD 251 -92.22 3.46 -56.01
C GLN HD 251 -91.15 3.97 -56.97
N GLY HD 252 -90.46 5.06 -56.66
CA GLY HD 252 -89.41 5.58 -57.52
C GLY HD 252 -89.87 6.10 -58.87
N ARG HD 253 -91.04 6.75 -58.92
CA ARG HD 253 -91.60 7.26 -60.16
C ARG HD 253 -91.74 8.76 -60.06
N ILE HD 254 -91.27 9.47 -61.08
CA ILE HD 254 -91.35 10.92 -61.11
C ILE HD 254 -92.28 11.34 -62.24
N LEU HD 255 -93.25 12.19 -61.94
CA LEU HD 255 -94.21 12.64 -62.94
C LEU HD 255 -93.66 13.86 -63.67
N THR HD 256 -93.61 13.79 -64.99
CA THR HD 256 -92.97 14.80 -65.82
C THR HD 256 -94.02 15.68 -66.48
N SER HD 257 -93.55 16.81 -67.02
CA SER HD 257 -94.41 17.71 -67.78
C SER HD 257 -94.78 17.14 -69.14
N SER HD 258 -94.07 16.13 -69.61
CA SER HD 258 -94.38 15.44 -70.85
C SER HD 258 -95.47 14.39 -70.68
N GLY HD 259 -96.09 14.30 -69.51
CA GLY HD 259 -97.03 13.25 -69.25
C GLY HD 259 -96.40 11.89 -69.03
N GLN HD 260 -95.10 11.85 -68.78
CA GLN HD 260 -94.36 10.61 -68.67
C GLN HD 260 -93.83 10.41 -67.26
N VAL HD 261 -93.15 9.27 -67.07
CA VAL HD 261 -92.62 8.87 -65.78
C VAL HD 261 -91.11 8.72 -65.90
N ILE HD 262 -90.38 9.50 -65.12
CA ILE HD 262 -88.95 9.31 -64.96
C ILE HD 262 -88.74 8.17 -63.98
N LYS HD 263 -87.85 7.25 -64.36
CA LYS HD 263 -87.65 5.99 -63.67
C LYS HD 263 -86.17 5.63 -63.77
N PHE HD 264 -85.66 5.00 -62.73
CA PHE HD 264 -84.29 4.51 -62.70
C PHE HD 264 -84.08 3.39 -63.73
N SER HD 265 -82.83 2.99 -63.88
CA SER HD 265 -82.51 1.83 -64.71
C SER HD 265 -83.06 0.56 -64.06
N GLN HD 266 -83.79 -0.24 -64.84
CA GLN HD 266 -84.48 -1.40 -64.27
C GLN HD 266 -83.49 -2.47 -63.83
N GLU HD 267 -82.47 -2.75 -64.64
CA GLU HD 267 -81.50 -3.75 -64.25
C GLU HD 267 -80.53 -3.20 -63.20
N ASP HD 268 -80.15 -1.93 -63.32
CA ASP HD 268 -79.24 -1.30 -62.36
C ASP HD 268 -80.04 -0.76 -61.18
N SER HD 269 -80.59 -1.69 -60.41
CA SER HD 269 -81.46 -1.35 -59.30
C SER HD 269 -81.45 -2.44 -58.24
N CYS ID 42 49.46 145.60 3.26
CA CYS ID 42 49.23 144.71 2.13
C CYS ID 42 47.75 144.46 1.92
N PHE ID 43 47.28 143.27 2.30
CA PHE ID 43 45.88 142.91 2.13
C PHE ID 43 45.42 142.10 3.33
N HIS ID 44 44.13 142.21 3.64
CA HIS ID 44 43.53 141.38 4.67
C HIS ID 44 42.27 140.72 4.14
N PRO ID 45 42.06 139.44 4.46
CA PRO ID 45 40.93 138.67 3.90
C PRO ID 45 39.56 139.21 4.23
N PRO ID 46 39.30 139.81 5.44
CA PRO ID 46 37.97 140.45 5.50
C PRO ID 46 37.91 141.80 4.79
N TYR ID 47 37.85 141.72 3.46
CA TYR ID 47 37.59 142.84 2.53
C TYR ID 47 38.62 143.95 2.63
N ASN ID 48 39.78 143.66 3.24
CA ASN ID 48 40.80 144.65 3.60
C ASN ID 48 40.21 145.83 4.35
N ASN ID 49 39.30 145.52 5.28
CA ASN ID 49 38.58 146.49 6.11
C ASN ID 49 37.83 147.51 5.26
N PHE ID 50 37.28 147.04 4.14
CA PHE ID 50 36.45 147.83 3.20
C PHE ID 50 37.19 149.03 2.63
N GLN ID 51 38.51 148.94 2.57
CA GLN ID 51 39.16 150.08 1.96
C GLN ID 51 39.47 149.77 0.50
N PRO ID 52 39.24 150.73 -0.40
CA PRO ID 52 39.54 150.50 -1.82
C PRO ID 52 41.03 150.31 -2.09
N ASP ID 53 41.41 149.09 -2.45
CA ASP ID 53 42.80 148.69 -2.42
C ASP ID 53 43.48 148.89 -3.77
N ARG ID 54 44.75 149.29 -3.71
CA ARG ID 54 45.65 149.18 -4.85
C ARG ID 54 46.25 147.78 -4.86
N ARG ID 55 46.10 147.06 -5.97
CA ARG ID 55 46.58 145.69 -6.05
C ARG ID 55 47.91 145.57 -6.78
N ALA ID 56 48.08 146.31 -7.87
CA ALA ID 56 49.27 146.20 -8.70
C ALA ID 56 50.51 146.81 -8.07
N VAL ID 57 50.37 147.52 -6.95
CA VAL ID 57 51.54 148.05 -6.24
C VAL ID 57 52.40 146.91 -5.72
N LYS ID 58 51.77 145.81 -5.30
CA LYS ID 58 52.50 144.61 -4.89
C LYS ID 58 53.27 144.02 -6.05
N ARG ID 59 52.65 143.97 -7.24
CA ARG ID 59 53.31 143.39 -8.40
C ARG ID 59 54.47 144.26 -8.88
N VAL ID 60 54.29 145.58 -8.87
CA VAL ID 60 55.39 146.43 -9.32
C VAL ID 60 56.50 146.47 -8.27
N GLY ID 61 56.16 146.32 -6.99
CA GLY ID 61 57.20 146.21 -5.97
C GLY ID 61 58.02 144.95 -6.09
N VAL ID 62 57.36 143.80 -6.31
CA VAL ID 62 58.13 142.57 -6.44
C VAL ID 62 58.79 142.44 -7.81
N ASP ID 63 58.35 143.21 -8.80
CA ASP ID 63 59.05 143.19 -10.09
C ASP ID 63 60.24 144.13 -10.08
N THR ID 64 60.18 145.23 -9.34
CA THR ID 64 61.38 145.99 -9.05
C THR ID 64 62.35 145.18 -8.20
N GLY ID 65 61.83 144.35 -7.31
CA GLY ID 65 62.66 143.42 -6.57
C GLY ID 65 63.15 142.26 -7.43
N GLY ID 88 61.90 144.41 -13.59
CA GLY ID 88 62.00 145.75 -14.16
C GLY ID 88 60.70 146.52 -14.06
N GLY ID 89 60.81 147.85 -14.12
CA GLY ID 89 59.63 148.69 -13.98
C GLY ID 89 58.66 148.55 -15.15
N THR ID 90 59.19 148.47 -16.37
CA THR ID 90 58.34 148.37 -17.55
C THR ID 90 57.64 147.02 -17.62
N VAL ID 91 58.38 145.93 -17.35
CA VAL ID 91 57.76 144.60 -17.39
C VAL ID 91 56.76 144.45 -16.24
N GLY ID 92 57.04 145.05 -15.07
CA GLY ID 92 56.07 145.06 -14.00
C GLY ID 92 54.81 145.83 -14.34
N LEU ID 93 54.96 146.98 -15.03
CA LEU ID 93 53.80 147.77 -15.40
C LEU ID 93 52.96 147.08 -16.47
N VAL ID 94 53.61 146.43 -17.44
CA VAL ID 94 52.82 145.77 -18.47
C VAL ID 94 52.18 144.49 -17.92
N ALA ID 95 52.82 143.84 -16.95
CA ALA ID 95 52.18 142.72 -16.26
C ALA ID 95 50.99 143.20 -15.44
N SER ID 96 51.10 144.40 -14.86
CA SER ID 96 49.98 144.99 -14.13
C SER ID 96 48.81 145.28 -15.05
N ILE ID 97 49.07 145.90 -16.20
CA ILE ID 97 47.97 146.25 -17.09
C ILE ID 97 47.45 145.03 -17.83
N TYR ID 98 48.21 143.94 -17.88
CA TYR ID 98 47.65 142.70 -18.41
C TYR ID 98 46.79 141.98 -17.37
N ARG ID 99 47.25 141.93 -16.12
CA ARG ID 99 46.58 141.15 -15.09
C ARG ID 99 45.49 141.91 -14.36
N ASP ID 100 45.30 143.21 -14.64
CA ASP ID 100 44.17 143.92 -14.08
C ASP ID 100 43.13 144.27 -15.15
N SER ID 101 43.36 143.93 -16.40
CA SER ID 101 42.43 144.24 -17.48
C SER ID 101 41.16 143.40 -17.34
N LYS ID 102 40.13 143.81 -18.09
CA LYS ID 102 38.78 143.32 -17.89
C LYS ID 102 38.63 141.85 -18.25
N ARG ID 103 39.25 141.44 -19.36
CA ARG ID 103 39.12 140.05 -19.82
C ARG ID 103 39.76 139.07 -18.85
N LYS ID 104 40.85 139.47 -18.20
CA LYS ID 104 41.46 138.64 -17.17
C LYS ID 104 40.52 138.47 -15.98
N ILE ID 105 39.79 139.52 -15.63
CA ILE ID 105 38.85 139.44 -14.52
C ILE ID 105 37.68 138.53 -14.87
N ILE ID 106 37.20 138.61 -16.12
CA ILE ID 106 36.11 137.74 -16.53
C ILE ID 106 36.57 136.28 -16.60
N ARG ID 107 37.81 136.05 -17.03
CA ARG ID 107 38.34 134.69 -17.04
C ARG ID 107 38.55 134.14 -15.64
N ASP ID 108 38.94 134.99 -14.69
CA ASP ID 108 39.01 134.54 -13.30
C ASP ID 108 37.62 134.27 -12.73
N LEU ID 109 36.63 135.05 -13.14
CA LEU ID 109 35.25 134.78 -12.74
C LEU ID 109 34.77 133.45 -13.28
N GLN ID 110 35.16 133.13 -14.52
CA GLN ID 110 34.85 131.83 -15.10
C GLN ID 110 35.63 130.71 -14.43
N LYS ID 111 36.82 131.01 -13.92
CA LYS ID 111 37.56 130.04 -13.12
C LYS ID 111 36.82 129.76 -11.82
N GLN ID 112 36.25 130.79 -11.22
CA GLN ID 112 35.29 130.58 -10.14
C GLN ID 112 33.96 130.14 -10.75
N ASP ID 113 32.97 129.94 -9.90
CA ASP ID 113 31.69 129.47 -10.42
C ASP ID 113 30.75 130.63 -10.72
N ILE ID 114 31.22 131.61 -11.49
CA ILE ID 114 30.49 132.85 -11.70
C ILE ID 114 30.11 132.94 -13.17
N GLN ID 115 28.85 133.24 -13.44
CA GLN ID 115 28.37 133.31 -14.81
C GLN ID 115 28.21 134.76 -15.23
N TYR ID 116 28.76 135.11 -16.39
CA TYR ID 116 28.69 136.47 -16.93
C TYR ID 116 28.05 136.41 -18.31
N VAL ID 117 26.99 137.20 -18.50
CA VAL ID 117 26.24 137.19 -19.75
C VAL ID 117 26.17 138.61 -20.28
N GLU ID 118 26.62 138.79 -21.52
CA GLU ID 118 26.47 140.04 -22.25
C GLU ID 118 25.65 139.75 -23.50
N TYR ID 119 24.64 140.57 -23.75
CA TYR ID 119 23.79 140.41 -24.94
C TYR ID 119 23.35 141.81 -25.38
N GLY ID 120 24.12 142.39 -26.29
CA GLY ID 120 23.86 143.76 -26.70
C GLY ID 120 24.47 144.74 -25.73
N ASP ID 121 23.63 145.32 -24.89
CA ASP ID 121 24.06 146.27 -23.87
C ASP ID 121 23.75 145.82 -22.46
N THR ID 122 22.70 145.01 -22.28
CA THR ID 122 22.33 144.53 -20.95
C THR ID 122 23.35 143.54 -20.44
N ARG ID 123 23.77 143.70 -19.18
CA ARG ID 123 24.81 142.85 -18.64
C ARG ID 123 24.36 142.22 -17.34
N THR ID 124 24.53 140.90 -17.23
CA THR ID 124 24.04 140.16 -16.08
C THR ID 124 25.10 139.23 -15.52
N LEU ID 125 24.98 138.96 -14.21
CA LEU ID 125 25.84 138.07 -13.47
C LEU ID 125 25.00 137.08 -12.67
N ILE ID 126 25.42 135.82 -12.67
CA ILE ID 126 24.69 134.74 -12.02
C ILE ID 126 25.61 134.08 -11.01
N ILE ID 127 25.10 133.93 -9.78
CA ILE ID 127 25.88 133.55 -8.61
C ILE ID 127 25.23 132.32 -8.00
N PRO ID 128 25.99 131.26 -7.68
CA PRO ID 128 25.42 130.08 -7.04
C PRO ID 128 25.30 130.25 -5.53
N THR ID 129 24.11 129.96 -5.01
CA THR ID 129 23.80 130.20 -3.61
C THR ID 129 24.60 129.28 -2.69
N ASP ID 130 24.74 128.02 -3.07
CA ASP ID 130 25.42 127.05 -2.22
C ASP ID 130 26.91 127.26 -2.17
N LYS ID 131 27.48 127.96 -3.14
CA LYS ID 131 28.90 128.24 -3.13
C LYS ID 131 29.23 129.61 -2.58
N TYR ID 132 28.30 130.56 -2.62
CA TYR ID 132 28.58 131.87 -2.05
C TYR ID 132 27.60 132.24 -0.95
N PHE ID 133 27.09 131.23 -0.24
CA PHE ID 133 26.25 131.48 0.92
C PHE ID 133 26.28 130.26 1.83
N MET ID 134 26.23 130.53 3.13
CA MET ID 134 26.06 129.43 4.07
C MET ID 134 24.64 128.88 3.97
N PHE ID 135 24.49 127.64 4.41
CA PHE ID 135 23.26 126.90 4.16
C PHE ID 135 22.12 127.39 5.04
N SER ID 136 20.97 127.63 4.40
CA SER ID 136 19.68 127.91 5.05
C SER ID 136 19.73 129.13 5.95
N SER ID 137 20.54 130.11 5.59
CA SER ID 137 20.72 131.31 6.39
C SER ID 137 21.30 132.39 5.50
N PRO ID 138 21.13 133.65 5.86
CA PRO ID 138 21.76 134.72 5.08
C PRO ID 138 23.22 134.97 5.46
N ARG ID 139 23.84 134.04 6.15
CA ARG ID 139 25.24 134.19 6.51
C ARG ID 139 26.13 134.00 5.29
N LEU ID 140 27.03 134.94 5.06
CA LEU ID 140 27.87 134.93 3.88
C LEU ID 140 29.17 134.19 4.17
N ASN ID 141 29.58 133.33 3.26
CA ASN ID 141 30.84 132.62 3.42
C ASN ID 141 32.00 133.56 3.19
N GLU ID 142 32.85 133.72 4.20
CA GLU ID 142 34.01 134.58 4.06
C GLU ID 142 35.09 133.94 3.21
N ILE ID 143 35.09 132.62 3.07
CA ILE ID 143 36.19 131.92 2.41
C ILE ID 143 36.20 132.21 0.91
N CYS ID 144 35.05 132.49 0.31
CA CYS ID 144 35.00 132.82 -1.11
C CYS ID 144 35.14 134.31 -1.37
N TYR ID 145 35.90 135.01 -0.53
CA TYR ID 145 36.14 136.44 -0.70
C TYR ID 145 36.81 136.90 -2.00
N PRO ID 146 37.82 136.23 -2.60
CA PRO ID 146 38.52 136.89 -3.73
C PRO ID 146 37.67 137.01 -4.98
N GLY ID 147 36.73 136.09 -5.19
CA GLY ID 147 35.77 136.27 -6.27
C GLY ID 147 34.90 137.49 -6.06
N LEU ID 148 34.52 137.76 -4.81
CA LEU ID 148 33.75 138.96 -4.51
C LEU ID 148 34.57 140.22 -4.73
N ASN ID 149 35.86 140.16 -4.39
CA ASN ID 149 36.76 141.30 -4.64
C ASN ID 149 36.87 141.59 -6.13
N ASN ID 150 37.00 140.54 -6.93
CA ASN ID 150 37.01 140.71 -8.38
C ASN ID 150 35.66 141.21 -8.89
N VAL ID 151 34.57 140.81 -8.23
CA VAL ID 151 33.24 141.28 -8.60
C VAL ID 151 33.12 142.79 -8.41
N ILE ID 152 33.60 143.29 -7.27
CA ILE ID 152 33.49 144.72 -7.00
C ILE ID 152 34.44 145.51 -7.90
N ARG ID 153 35.64 144.95 -8.16
CA ARG ID 153 36.57 145.59 -9.10
C ARG ID 153 36.00 145.63 -10.50
N LEU ID 154 35.20 144.63 -10.88
CA LEU ID 154 34.53 144.66 -12.16
C LEU ID 154 33.39 145.68 -12.16
N LEU ID 155 32.64 145.74 -11.07
CA LEU ID 155 31.45 146.58 -11.01
C LEU ID 155 31.80 148.05 -10.91
N ASN ID 156 33.04 148.37 -10.55
CA ASN ID 156 33.47 149.77 -10.55
C ASN ID 156 33.58 150.37 -11.95
N PHE ID 157 33.51 149.56 -13.01
CA PHE ID 157 33.68 150.04 -14.36
C PHE ID 157 32.53 150.93 -14.84
N TYR ID 158 31.33 150.79 -14.26
CA TYR ID 158 30.13 151.42 -14.80
C TYR ID 158 29.47 152.28 -13.72
N PRO ID 159 29.96 153.49 -13.49
CA PRO ID 159 29.49 154.27 -12.34
C PRO ID 159 28.20 155.05 -12.57
N GLN ID 160 27.42 154.71 -13.59
CA GLN ID 160 26.20 155.49 -13.82
C GLN ID 160 24.92 154.68 -13.82
N SER ID 161 24.93 153.49 -14.41
CA SER ID 161 23.70 152.73 -14.60
C SER ID 161 23.20 152.13 -13.30
N THR ID 162 21.87 152.02 -13.20
CA THR ID 162 21.24 151.42 -12.04
C THR ID 162 21.42 149.90 -12.06
N ILE ID 163 21.33 149.29 -10.88
CA ILE ID 163 21.52 147.86 -10.72
C ILE ID 163 20.26 147.26 -10.14
N TYR ID 164 19.88 146.09 -10.65
CA TYR ID 164 18.84 145.26 -10.06
C TYR ID 164 19.48 143.98 -9.56
N VAL ID 165 19.12 143.58 -8.34
CA VAL ID 165 19.60 142.32 -7.78
C VAL ID 165 18.39 141.51 -7.32
N ALA ID 166 18.44 140.21 -7.61
CA ALA ID 166 17.33 139.32 -7.29
C ALA ID 166 17.87 137.98 -6.82
N GLY ID 167 17.03 137.30 -6.04
CA GLY ID 167 17.35 135.98 -5.54
C GLY ID 167 16.29 134.99 -5.96
N PHE ID 168 16.70 133.73 -6.14
CA PHE ID 168 15.80 132.67 -6.59
C PHE ID 168 16.12 131.37 -5.87
N THR ID 169 15.06 130.65 -5.50
CA THR ID 169 15.16 129.40 -4.77
C THR ID 169 14.47 128.27 -5.54
N ASP ID 170 14.46 127.10 -4.91
CA ASP ID 170 13.84 125.90 -5.47
C ASP ID 170 12.40 125.79 -4.98
N ASN ID 171 11.79 124.62 -5.16
CA ASN ID 171 10.34 124.46 -5.17
C ASN ID 171 9.79 123.71 -3.97
N VAL ID 172 10.52 123.62 -2.88
CA VAL ID 172 10.12 122.77 -1.76
C VAL ID 172 10.07 123.59 -0.49
N GLY ID 173 8.92 123.54 0.20
CA GLY ID 173 8.70 124.22 1.47
C GLY ID 173 7.47 125.10 1.39
N SER ID 174 7.31 125.95 2.41
CA SER ID 174 6.26 126.94 2.37
C SER ID 174 6.60 128.04 1.40
N ARG ID 175 5.60 128.48 0.63
CA ARG ID 175 5.78 129.50 -0.39
C ARG ID 175 6.20 130.83 0.21
N SER ID 176 5.54 131.22 1.30
CA SER ID 176 5.89 132.46 2.00
C SER ID 176 7.30 132.39 2.55
N HIS ID 177 7.68 131.22 3.07
CA HIS ID 177 9.03 131.02 3.57
C HIS ID 177 10.07 131.14 2.47
N LYS ID 178 9.76 130.60 1.28
CA LYS ID 178 10.67 130.72 0.15
C LYS ID 178 10.85 132.17 -0.25
N ARG ID 179 9.75 132.94 -0.29
CA ARG ID 179 9.84 134.34 -0.66
C ARG ID 179 10.64 135.14 0.37
N LYS ID 180 10.45 134.81 1.66
CA LYS ID 180 11.20 135.45 2.74
C LYS ID 180 12.69 135.18 2.60
N LEU ID 181 13.07 133.93 2.34
CA LEU ID 181 14.48 133.60 2.23
C LEU ID 181 15.10 134.25 0.99
N SER ID 182 14.33 134.33 -0.09
CA SER ID 182 14.82 134.97 -1.31
C SER ID 182 15.12 136.44 -1.08
N GLN ID 183 14.18 137.17 -0.49
CA GLN ID 183 14.44 138.58 -0.27
C GLN ID 183 15.45 138.80 0.84
N ALA ID 184 15.65 137.82 1.74
CA ALA ID 184 16.73 137.92 2.71
C ALA ID 184 18.09 137.88 2.04
N GLN ID 185 18.29 136.90 1.15
CA GLN ID 185 19.56 136.81 0.42
C GLN ID 185 19.79 138.04 -0.44
N ALA ID 186 18.74 138.52 -1.10
CA ALA ID 186 18.86 139.70 -1.94
C ALA ID 186 19.19 140.94 -1.11
N GLU ID 187 18.58 141.06 0.07
CA GLU ID 187 18.83 142.20 0.94
C GLU ID 187 20.27 142.20 1.42
N THR ID 188 20.80 141.03 1.76
CA THR ID 188 22.19 140.94 2.20
C THR ID 188 23.15 141.33 1.08
N MET ID 189 22.89 140.83 -0.14
CA MET ID 189 23.81 141.13 -1.25
C MET ID 189 23.77 142.61 -1.62
N MET ID 190 22.57 143.20 -1.65
CA MET ID 190 22.48 144.61 -2.00
C MET ID 190 23.05 145.49 -0.91
N THR ID 191 22.95 145.07 0.36
CA THR ID 191 23.60 145.78 1.44
C THR ID 191 25.11 145.75 1.29
N PHE ID 192 25.66 144.59 0.95
CA PHE ID 192 27.09 144.46 0.77
C PHE ID 192 27.59 145.35 -0.36
N LEU ID 193 26.91 145.33 -1.50
CA LEU ID 193 27.38 146.14 -2.60
C LEU ID 193 27.08 147.62 -2.40
N TRP ID 194 26.13 147.96 -1.53
CA TRP ID 194 25.97 149.36 -1.12
C TRP ID 194 27.15 149.81 -0.27
N ALA ID 195 27.50 149.00 0.73
CA ALA ID 195 28.57 149.36 1.65
C ALA ID 195 29.94 149.29 1.00
N ASN ID 196 30.06 148.65 -0.16
CA ASN ID 196 31.31 148.75 -0.91
C ASN ID 196 31.56 150.16 -1.45
N GLY ID 197 30.53 150.99 -1.57
CA GLY ID 197 30.75 152.38 -1.90
C GLY ID 197 29.74 153.00 -2.84
N ILE ID 198 29.00 152.17 -3.56
CA ILE ID 198 28.02 152.66 -4.51
C ILE ID 198 26.80 153.15 -3.76
N ALA ID 199 26.30 154.31 -4.16
CA ALA ID 199 25.21 154.97 -3.45
C ALA ID 199 23.91 154.21 -3.64
N ALA ID 200 22.93 154.57 -2.81
CA ALA ID 200 21.65 153.88 -2.77
C ALA ID 200 20.72 154.28 -3.91
N LYS ID 201 21.12 155.24 -4.75
CA LYS ID 201 20.29 155.64 -5.87
C LYS ID 201 20.20 154.56 -6.93
N ARG ID 202 21.17 153.65 -6.98
CA ARG ID 202 21.30 152.69 -8.07
C ARG ID 202 21.01 151.26 -7.62
N LEU ID 203 20.14 151.10 -6.62
CA LEU ID 203 19.93 149.82 -5.97
C LEU ID 203 18.46 149.44 -6.00
N LYS ID 204 18.19 148.18 -6.35
CA LYS ID 204 16.83 147.63 -6.34
C LYS ID 204 16.91 146.17 -5.91
N ALA ID 205 16.39 145.87 -4.73
CA ALA ID 205 16.44 144.52 -4.17
C ALA ID 205 15.16 143.76 -4.51
N GLU ID 206 15.31 142.48 -4.85
CA GLU ID 206 14.15 141.67 -5.20
C GLU ID 206 14.42 140.21 -4.92
N GLY ID 207 13.49 139.58 -4.20
CA GLY ID 207 13.59 138.15 -3.97
C GLY ID 207 12.39 137.40 -4.47
N TYR ID 208 12.57 136.56 -5.48
CA TYR ID 208 11.51 135.76 -6.04
C TYR ID 208 11.66 134.30 -5.62
N GLY ID 209 10.54 133.60 -5.62
CA GLY ID 209 10.56 132.23 -5.15
C GLY ID 209 10.93 131.30 -6.29
N ASP ID 210 10.00 130.45 -6.71
CA ASP ID 210 10.20 129.57 -7.85
C ASP ID 210 9.35 129.99 -9.04
N LYS ID 211 9.03 131.28 -9.13
CA LYS ID 211 8.08 131.76 -10.13
C LYS ID 211 8.65 131.80 -11.53
N ASN ID 212 9.96 131.64 -11.70
CA ASN ID 212 10.55 131.55 -13.03
C ASN ID 212 11.83 130.75 -12.89
N ALA ID 213 11.79 129.51 -13.38
CA ALA ID 213 12.92 128.60 -13.26
C ALA ID 213 13.67 128.52 -14.58
N ILE ID 214 14.97 128.79 -14.54
CA ILE ID 214 15.82 128.59 -15.71
C ILE ID 214 16.16 127.14 -15.94
N SER ID 215 15.79 126.26 -15.03
CA SER ID 215 16.08 124.84 -15.12
C SER ID 215 14.82 124.08 -14.72
N ASP ID 216 14.97 122.77 -14.52
CA ASP ID 216 13.88 121.92 -14.07
C ASP ID 216 14.06 121.58 -12.60
N ASN ID 217 12.99 121.72 -11.83
CA ASN ID 217 13.03 121.42 -10.40
C ASN ID 217 12.80 119.95 -10.10
N ALA ID 218 12.27 119.18 -11.06
CA ALA ID 218 11.97 117.79 -10.80
C ALA ID 218 13.21 116.91 -10.80
N ILE ID 219 14.30 117.36 -11.41
CA ILE ID 219 15.53 116.60 -11.43
C ILE ID 219 16.50 117.21 -10.42
N ILE ID 220 17.48 116.41 -10.00
CA ILE ID 220 18.27 116.77 -8.83
C ILE ID 220 19.28 117.85 -9.16
N HIS ID 221 20.15 117.59 -10.15
CA HIS ID 221 21.20 118.56 -10.46
C HIS ID 221 20.61 119.82 -11.07
N GLY ID 222 19.55 119.69 -11.88
CA GLY ID 222 18.88 120.86 -12.39
C GLY ID 222 18.17 121.66 -11.31
N SER ID 223 17.59 120.97 -10.33
CA SER ID 223 16.92 121.67 -9.25
C SER ID 223 17.91 122.39 -8.36
N ALA ID 224 19.09 121.80 -8.14
CA ALA ID 224 20.14 122.51 -7.43
C ALA ID 224 20.70 123.66 -8.25
N GLN ID 225 20.67 123.51 -9.58
CA GLN ID 225 21.08 124.60 -10.46
C GLN ID 225 20.10 125.76 -10.40
N ASN ID 226 18.82 125.46 -10.15
CA ASN ID 226 17.75 126.45 -10.27
C ASN ID 226 17.91 127.61 -9.29
N ARG ID 227 18.35 127.32 -8.06
CA ARG ID 227 18.58 128.37 -7.08
C ARG ID 227 19.76 129.23 -7.49
N ARG ID 228 19.59 130.54 -7.45
CA ARG ID 228 20.57 131.42 -8.06
C ARG ID 228 20.44 132.84 -7.51
N ILE ID 229 21.44 133.66 -7.81
CA ILE ID 229 21.40 135.09 -7.56
C ILE ID 229 21.65 135.80 -8.88
N GLU ID 230 20.76 136.72 -9.23
CA GLU ID 230 20.79 137.43 -10.50
C GLU ID 230 21.17 138.87 -10.25
N ILE ID 231 22.06 139.40 -11.09
CA ILE ID 231 22.41 140.82 -11.11
C ILE ID 231 22.25 141.31 -12.53
N GLN ID 232 21.34 142.26 -12.73
CA GLN ID 232 21.14 142.91 -14.02
C GLN ID 232 21.57 144.36 -13.93
N TRP ID 233 22.20 144.86 -15.00
CA TRP ID 233 22.32 146.31 -15.11
C TRP ID 233 22.35 146.74 -16.57
N PHE ID 234 21.82 147.94 -16.78
CA PHE ID 234 21.74 148.62 -18.06
C PHE ID 234 23.06 149.36 -18.31
N THR ID 235 23.06 150.27 -19.27
CA THR ID 235 24.12 151.25 -19.41
C THR ID 235 23.61 152.66 -19.22
N SER ID 236 22.51 153.02 -19.88
CA SER ID 236 21.94 154.35 -19.74
C SER ID 236 20.50 154.27 -19.26
N GLN JD 791 -116.15 -11.12 -23.50
CA GLN JD 791 -115.74 -9.79 -23.95
C GLN JD 791 -114.39 -9.41 -23.36
N GLN JD 792 -114.10 -9.95 -22.16
CA GLN JD 792 -112.82 -9.73 -21.52
C GLN JD 792 -111.68 -10.49 -22.20
N GLU JD 793 -112.03 -11.51 -23.00
CA GLU JD 793 -111.04 -12.24 -23.77
C GLU JD 793 -110.32 -11.33 -24.76
N ILE JD 794 -111.05 -10.34 -25.28
CA ILE JD 794 -110.48 -9.34 -26.19
C ILE JD 794 -109.33 -8.60 -25.52
N GLN JD 795 -109.57 -8.07 -24.33
CA GLN JD 795 -108.54 -7.24 -23.70
C GLN JD 795 -107.42 -8.07 -23.10
N GLN JD 796 -107.68 -9.28 -22.59
CA GLN JD 796 -106.56 -10.07 -22.09
C GLN JD 796 -105.70 -10.61 -23.23
N ARG JD 797 -106.33 -10.97 -24.36
CA ARG JD 797 -105.56 -11.37 -25.53
C ARG JD 797 -104.82 -10.20 -26.11
N THR JD 798 -105.40 -9.00 -26.03
CA THR JD 798 -104.70 -7.78 -26.41
C THR JD 798 -103.50 -7.55 -25.52
N SER JD 799 -103.62 -7.85 -24.23
CA SER JD 799 -102.51 -7.68 -23.30
C SER JD 799 -101.35 -8.62 -23.64
N ASP JD 800 -101.65 -9.91 -23.83
CA ASP JD 800 -100.54 -10.83 -24.10
C ASP JD 800 -99.95 -10.62 -25.49
N MET JD 801 -100.79 -10.26 -26.48
CA MET JD 801 -100.25 -9.90 -27.78
C MET JD 801 -99.46 -8.61 -27.73
N LEU JD 802 -99.80 -7.71 -26.82
CA LEU JD 802 -99.03 -6.49 -26.63
C LEU JD 802 -97.66 -6.79 -26.06
N THR JD 803 -97.60 -7.72 -25.09
CA THR JD 803 -96.31 -8.16 -24.56
C THR JD 803 -95.47 -8.81 -25.64
N ALA JD 804 -96.09 -9.66 -26.46
CA ALA JD 804 -95.37 -10.30 -27.56
C ALA JD 804 -94.88 -9.28 -28.58
N ALA JD 805 -95.70 -8.27 -28.87
CA ALA JD 805 -95.34 -7.28 -29.87
C ALA JD 805 -94.22 -6.37 -29.37
N THR JD 806 -94.27 -5.98 -28.10
CA THR JD 806 -93.19 -5.21 -27.52
C THR JD 806 -91.90 -6.01 -27.49
N GLN JD 807 -92.01 -7.31 -27.21
CA GLN JD 807 -90.85 -8.19 -27.28
C GLN JD 807 -90.28 -8.26 -28.68
N LEU JD 808 -91.15 -8.34 -29.68
CA LEU JD 808 -90.72 -8.39 -31.07
C LEU JD 808 -90.03 -7.11 -31.51
N VAL JD 809 -90.59 -5.96 -31.15
CA VAL JD 809 -90.00 -4.72 -31.62
C VAL JD 809 -88.72 -4.41 -30.84
N GLN JD 810 -88.62 -4.80 -29.57
CA GLN JD 810 -87.37 -4.62 -28.88
C GLN JD 810 -86.31 -5.62 -29.33
N ASP JD 811 -86.73 -6.75 -29.92
CA ASP JD 811 -85.76 -7.62 -30.58
C ASP JD 811 -85.29 -7.03 -31.90
N TRP JD 812 -86.19 -6.40 -32.64
CA TRP JD 812 -85.81 -5.80 -33.91
C TRP JD 812 -85.08 -4.48 -33.76
N LYS JD 813 -85.12 -3.88 -32.56
CA LYS JD 813 -84.55 -2.55 -32.36
C LYS JD 813 -83.03 -2.55 -32.54
N GLN JD 814 -82.33 -3.46 -31.86
CA GLN JD 814 -80.88 -3.41 -31.83
C GLN JD 814 -80.29 -4.14 -33.04
N VAL JD 815 -79.15 -3.63 -33.49
CA VAL JD 815 -78.32 -4.27 -34.51
C VAL JD 815 -76.87 -4.09 -34.06
N GLU JD 816 -76.17 -5.21 -33.85
CA GLU JD 816 -74.76 -5.13 -33.49
C GLU JD 816 -73.92 -4.77 -34.71
N THR JD 817 -72.86 -4.02 -34.47
CA THR JD 817 -72.04 -3.51 -35.56
C THR JD 817 -71.08 -4.58 -36.09
N GLN JD 818 -70.46 -4.25 -37.21
CA GLN JD 818 -69.48 -5.11 -37.86
C GLN JD 818 -68.15 -5.07 -37.11
N VAL JD 819 -67.27 -6.01 -37.44
CA VAL JD 819 -65.93 -6.07 -36.89
C VAL JD 819 -64.93 -6.16 -38.03
N TYR JD 820 -63.70 -5.72 -37.74
CA TYR JD 820 -62.64 -5.66 -38.73
C TYR JD 820 -61.46 -6.44 -38.18
N THR JD 821 -61.02 -7.46 -38.91
CA THR JD 821 -59.94 -8.32 -38.47
C THR JD 821 -58.78 -8.24 -39.44
N GLU JD 822 -57.61 -7.86 -38.92
CA GLU JD 822 -56.41 -7.70 -39.70
C GLU JD 822 -55.39 -8.75 -39.28
N GLY JD 823 -54.23 -8.72 -39.92
CA GLY JD 823 -53.18 -9.66 -39.59
C GLY JD 823 -51.94 -9.39 -40.40
N THR JD 824 -50.90 -10.18 -40.12
CA THR JD 824 -49.64 -10.06 -40.84
C THR JD 824 -48.90 -11.39 -40.89
N ALA KD 104 -105.92 -56.91 -9.87
CA ALA KD 104 -104.66 -56.75 -9.14
C ALA KD 104 -103.59 -56.15 -10.05
N GLU KD 105 -103.11 -56.97 -10.98
CA GLU KD 105 -102.09 -56.53 -11.92
C GLU KD 105 -102.62 -55.55 -12.96
N VAL KD 106 -103.94 -55.57 -13.21
CA VAL KD 106 -104.55 -54.60 -14.11
C VAL KD 106 -104.48 -53.20 -13.52
N ILE KD 107 -104.56 -53.09 -12.19
CA ILE KD 107 -104.33 -51.82 -11.50
C ILE KD 107 -102.91 -51.34 -11.74
N ASP KD 108 -101.94 -52.27 -11.68
CA ASP KD 108 -100.53 -51.92 -11.91
C ASP KD 108 -100.29 -51.49 -13.35
N LYS KD 109 -100.91 -52.17 -14.30
CA LYS KD 109 -100.79 -51.78 -15.71
C LYS KD 109 -101.42 -50.42 -15.96
N LYS KD 110 -102.60 -50.18 -15.39
CA LYS KD 110 -103.28 -48.90 -15.58
C LYS KD 110 -102.49 -47.76 -14.93
N ALA KD 111 -101.90 -48.02 -13.76
CA ALA KD 111 -101.04 -47.03 -13.13
C ALA KD 111 -99.78 -46.78 -13.96
N PHE KD 112 -99.25 -47.81 -14.61
CA PHE KD 112 -98.10 -47.64 -15.49
C PHE KD 112 -98.46 -46.78 -16.69
N LYS KD 113 -99.63 -46.99 -17.27
CA LYS KD 113 -100.08 -46.15 -18.38
C LYS KD 113 -100.31 -44.70 -17.93
N ASP KD 114 -100.87 -44.52 -16.73
CA ASP KD 114 -101.10 -43.18 -16.22
C ASP KD 114 -99.81 -42.45 -15.93
N MET KD 115 -98.81 -43.13 -15.36
CA MET KD 115 -97.54 -42.47 -15.12
C MET KD 115 -96.78 -42.23 -16.41
N THR KD 116 -96.99 -43.09 -17.42
CA THR KD 116 -96.43 -42.82 -18.74
C THR KD 116 -97.02 -41.55 -19.34
N ARG KD 117 -98.34 -41.38 -19.22
CA ARG KD 117 -99.00 -40.17 -19.71
C ARG KD 117 -98.59 -38.94 -18.92
N ASN KD 118 -98.36 -39.09 -17.62
CA ASN KD 118 -97.95 -37.94 -16.82
C ASN KD 118 -96.49 -37.58 -17.03
N LEU KD 119 -95.63 -38.56 -17.29
CA LEU KD 119 -94.25 -38.26 -17.66
C LEU KD 119 -94.19 -37.59 -19.02
N TYR KD 120 -94.92 -38.11 -20.00
CA TYR KD 120 -94.95 -37.52 -21.33
C TYR KD 120 -96.39 -37.24 -21.72
N PRO KD 121 -96.92 -36.07 -21.36
CA PRO KD 121 -98.21 -35.65 -21.92
C PRO KD 121 -98.12 -35.34 -23.41
N LEU KD 122 -96.95 -35.01 -23.91
CA LEU KD 122 -96.72 -34.74 -25.32
C LEU KD 122 -96.46 -36.04 -26.07
N ASN KD 123 -96.48 -35.95 -27.40
CA ASN KD 123 -96.19 -37.06 -28.30
C ASN KD 123 -95.25 -36.57 -29.37
N PRO KD 124 -94.47 -37.48 -30.00
CA PRO KD 124 -93.56 -37.07 -31.08
C PRO KD 124 -94.24 -36.42 -32.28
N GLU KD 125 -95.49 -36.77 -32.55
CA GLU KD 125 -96.25 -36.09 -33.60
C GLU KD 125 -96.47 -34.63 -33.26
N GLN KD 126 -96.82 -34.33 -32.00
CA GLN KD 126 -96.94 -32.94 -31.59
C GLN KD 126 -95.57 -32.28 -31.51
N VAL KD 127 -94.51 -33.06 -31.28
CA VAL KD 127 -93.15 -32.53 -31.33
C VAL KD 127 -92.83 -32.04 -32.74
N VAL KD 128 -93.19 -32.84 -33.74
CA VAL KD 128 -93.02 -32.44 -35.14
C VAL KD 128 -93.86 -31.21 -35.46
N LYS KD 129 -95.09 -31.18 -34.96
CA LYS KD 129 -95.98 -30.04 -35.20
C LYS KD 129 -95.44 -28.76 -34.59
N LEU KD 130 -94.96 -28.82 -33.35
CA LEU KD 130 -94.42 -27.64 -32.71
C LEU KD 130 -93.09 -27.24 -33.33
N LYS KD 131 -92.32 -28.21 -33.84
CA LYS KD 131 -91.09 -27.86 -34.53
C LYS KD 131 -91.39 -27.17 -35.85
N GLN KD 132 -92.45 -27.60 -36.54
CA GLN KD 132 -92.87 -26.95 -37.77
C GLN KD 132 -93.34 -25.53 -37.52
N ILE KD 133 -94.15 -25.33 -36.47
CA ILE KD 133 -94.60 -23.98 -36.18
C ILE KD 133 -93.45 -23.14 -35.61
N TYR KD 134 -92.44 -23.77 -35.00
CA TYR KD 134 -91.25 -23.05 -34.58
C TYR KD 134 -90.45 -22.56 -35.78
N GLU KD 135 -90.28 -23.42 -36.77
CA GLU KD 135 -89.58 -23.04 -37.99
C GLU KD 135 -90.33 -21.94 -38.72
N THR KD 136 -91.66 -22.03 -38.76
CA THR KD 136 -92.47 -20.98 -39.38
C THR KD 136 -92.38 -19.67 -38.61
N SER KD 137 -92.32 -19.75 -37.28
CA SER KD 137 -92.20 -18.55 -36.46
C SER KD 137 -90.87 -17.86 -36.68
N GLU KD 138 -89.77 -18.62 -36.73
CA GLU KD 138 -88.48 -17.98 -36.99
C GLU KD 138 -88.38 -17.54 -38.45
N TYR KD 139 -89.13 -18.17 -39.35
CA TYR KD 139 -89.24 -17.65 -40.71
C TYR KD 139 -89.97 -16.33 -40.73
N ALA KD 140 -90.99 -16.17 -39.89
CA ALA KD 140 -91.67 -14.89 -39.76
C ALA KD 140 -90.74 -13.83 -39.17
N LYS KD 141 -89.88 -14.25 -38.24
CA LYS KD 141 -88.90 -13.35 -37.67
C LYS KD 141 -87.89 -12.89 -38.72
N ALA KD 142 -87.35 -13.84 -39.48
CA ALA KD 142 -86.36 -13.53 -40.51
C ALA KD 142 -86.98 -12.82 -41.70
N ALA KD 143 -88.29 -12.94 -41.89
CA ALA KD 143 -88.95 -12.33 -43.04
C ALA KD 143 -89.10 -10.84 -42.83
N THR KD 144 -88.94 -10.08 -43.91
CA THR KD 144 -89.13 -8.64 -43.89
C THR KD 144 -90.12 -8.24 -44.97
N PRO KD 145 -90.94 -7.22 -44.72
CA PRO KD 145 -91.86 -6.73 -45.75
C PRO KD 145 -91.13 -5.94 -46.82
N GLY KD 146 -91.85 -5.66 -47.90
CA GLY KD 146 -91.27 -4.94 -49.01
C GLY KD 146 -90.36 -5.83 -49.84
N THR KD 147 -89.45 -5.18 -50.56
CA THR KD 147 -88.49 -5.88 -51.39
C THR KD 147 -87.07 -5.47 -51.01
N PRO KD 148 -86.18 -6.44 -50.80
CA PRO KD 148 -84.79 -6.08 -50.51
C PRO KD 148 -84.11 -5.53 -51.74
N PRO KD 149 -83.08 -4.70 -51.56
CA PRO KD 149 -82.38 -4.12 -52.71
C PRO KD 149 -81.49 -5.12 -53.42
N LYS KD 150 -81.20 -4.83 -54.68
CA LYS KD 150 -80.20 -5.60 -55.41
C LYS KD 150 -78.81 -5.06 -55.11
N PRO KD 151 -77.79 -5.92 -55.04
CA PRO KD 151 -76.43 -5.42 -54.87
C PRO KD 151 -75.92 -4.76 -56.14
N THR KD 152 -75.01 -3.82 -55.97
CA THR KD 152 -74.51 -3.03 -57.08
C THR KD 152 -73.04 -2.71 -56.87
N ALA KD 153 -72.23 -2.99 -57.88
CA ALA KD 153 -70.86 -2.53 -57.94
C ALA KD 153 -70.79 -1.37 -58.92
N THR KD 154 -70.16 -0.27 -58.51
CA THR KD 154 -70.18 0.95 -59.30
C THR KD 154 -68.80 1.58 -59.38
N SER KD 155 -68.59 2.34 -60.45
CA SER KD 155 -67.34 3.04 -60.69
C SER KD 155 -67.67 4.40 -61.29
N GLN KD 156 -67.45 5.47 -60.53
CA GLN KD 156 -67.80 6.80 -61.01
C GLN KD 156 -66.63 7.77 -60.94
N PHE KD 157 -66.90 9.03 -61.22
CA PHE KD 157 -65.88 10.07 -61.30
C PHE KD 157 -66.26 11.24 -60.40
N VAL KD 158 -65.29 11.78 -59.67
CA VAL KD 158 -65.51 12.92 -58.79
C VAL KD 158 -64.70 14.11 -59.32
N ASN KD 159 -65.13 15.30 -58.94
CA ASN KD 159 -64.67 16.53 -59.56
C ASN KD 159 -64.37 17.58 -58.50
N LEU KD 160 -63.46 18.51 -58.84
CA LEU KD 160 -63.12 19.62 -57.97
C LEU KD 160 -63.76 20.94 -58.42
N SER KD 161 -64.72 20.88 -59.34
CA SER KD 161 -65.32 22.09 -59.85
C SER KD 161 -66.28 22.69 -58.82
N PRO KD 162 -66.36 24.02 -58.74
CA PRO KD 162 -67.37 24.68 -57.90
C PRO KD 162 -68.75 24.77 -58.52
N GLY KD 163 -69.02 24.00 -59.57
CA GLY KD 163 -70.36 23.82 -60.05
C GLY KD 163 -70.72 22.35 -60.07
N SER KD 164 -69.73 21.51 -59.81
CA SER KD 164 -69.92 20.06 -59.86
C SER KD 164 -70.71 19.60 -58.64
N THR KD 165 -71.76 18.83 -58.91
CA THR KD 165 -72.56 18.28 -57.83
C THR KD 165 -71.81 17.16 -57.13
N PRO KD 166 -71.93 17.03 -55.80
CA PRO KD 166 -71.17 16.00 -55.10
C PRO KD 166 -71.80 14.63 -55.30
N PRO KD 167 -71.00 13.57 -55.28
CA PRO KD 167 -71.54 12.22 -55.45
C PRO KD 167 -72.37 11.74 -54.26
N VAL KD 168 -73.37 10.93 -54.59
CA VAL KD 168 -74.29 10.32 -53.65
C VAL KD 168 -74.19 8.81 -53.80
N ILE KD 169 -74.16 8.10 -52.67
CA ILE KD 169 -74.00 6.66 -52.64
C ILE KD 169 -75.17 6.04 -51.89
N ARG KD 170 -75.82 5.06 -52.50
CA ARG KD 170 -76.88 4.31 -51.84
C ARG KD 170 -76.31 3.42 -50.75
N LEU KD 171 -77.17 3.07 -49.80
CA LEU KD 171 -76.72 2.33 -48.62
C LEU KD 171 -77.85 1.49 -48.07
N SER KD 172 -77.48 0.47 -47.31
CA SER KD 172 -78.42 -0.40 -46.62
C SER KD 172 -77.99 -0.54 -45.18
N GLN KD 173 -78.98 -0.68 -44.30
CA GLN KD 173 -78.70 -0.78 -42.87
C GLN KD 173 -78.08 -2.13 -42.55
N GLY KD 174 -76.97 -2.11 -41.81
CA GLY KD 174 -76.30 -3.33 -41.45
C GLY KD 174 -75.55 -4.01 -42.58
N PHE KD 175 -74.99 -3.23 -43.50
CA PHE KD 175 -74.22 -3.81 -44.59
C PHE KD 175 -73.03 -2.92 -44.92
N VAL KD 176 -72.02 -3.54 -45.51
CA VAL KD 176 -70.71 -2.91 -45.70
C VAL KD 176 -70.66 -2.32 -47.11
N SER KD 177 -70.35 -1.04 -47.19
CA SER KD 177 -70.04 -0.38 -48.45
C SER KD 177 -68.55 -0.04 -48.47
N SER KD 178 -67.87 -0.47 -49.52
CA SER KD 178 -66.45 -0.23 -49.70
C SER KD 178 -66.26 0.84 -50.76
N LEU KD 179 -65.46 1.85 -50.44
CA LEU KD 179 -65.23 2.99 -51.33
C LEU KD 179 -63.73 3.13 -51.54
N VAL KD 180 -63.28 2.86 -52.76
CA VAL KD 180 -61.86 2.84 -53.10
C VAL KD 180 -61.57 4.03 -54.01
N PHE KD 181 -60.56 4.82 -53.64
CA PHE KD 181 -60.28 6.09 -54.28
C PHE KD 181 -59.08 5.94 -55.22
N LEU KD 182 -59.27 6.23 -56.50
CA LEU KD 182 -58.21 6.25 -57.48
C LEU KD 182 -58.19 7.59 -58.18
N ASP KD 183 -57.08 7.86 -58.88
CA ASP KD 183 -56.94 9.08 -59.66
C ASP KD 183 -57.44 8.82 -61.08
N SER KD 184 -57.09 9.73 -62.01
CA SER KD 184 -57.44 9.54 -63.40
C SER KD 184 -56.74 8.33 -64.00
N THR KD 185 -55.47 8.11 -63.64
CA THR KD 185 -54.76 6.94 -64.14
C THR KD 185 -55.19 5.66 -63.44
N GLY KD 186 -55.82 5.77 -62.27
CA GLY KD 186 -56.19 4.61 -61.49
C GLY KD 186 -55.23 4.26 -60.37
N ALA KD 187 -54.26 5.12 -60.09
CA ALA KD 187 -53.34 4.84 -59.00
C ALA KD 187 -54.03 5.08 -57.66
N PRO KD 188 -53.71 4.27 -56.65
CA PRO KD 188 -54.30 4.49 -55.33
C PRO KD 188 -53.73 5.74 -54.67
N TRP KD 189 -54.61 6.51 -54.03
CA TRP KD 189 -54.23 7.74 -53.36
C TRP KD 189 -54.42 7.55 -51.86
N PRO KD 190 -53.35 7.66 -51.05
CA PRO KD 190 -53.50 7.55 -49.60
C PRO KD 190 -54.37 8.65 -49.01
N ILE KD 191 -55.05 8.31 -47.94
CA ILE KD 191 -56.04 9.18 -47.31
C ILE KD 191 -55.40 9.87 -46.12
N ALA KD 192 -55.40 11.19 -46.12
CA ALA KD 192 -54.84 11.93 -45.00
C ALA KD 192 -55.80 11.94 -43.80
N ALA KD 193 -57.01 12.44 -44.00
CA ALA KD 193 -57.94 12.58 -42.88
C ALA KD 193 -59.37 12.57 -43.40
N TYR KD 194 -60.31 12.48 -42.45
CA TYR KD 194 -61.72 12.54 -42.79
C TYR KD 194 -62.49 13.13 -41.62
N ASP KD 195 -63.71 13.58 -41.94
CA ASP KD 195 -64.65 14.08 -40.94
C ASP KD 195 -66.02 13.51 -41.23
N LEU KD 196 -66.62 12.90 -40.20
CA LEU KD 196 -67.90 12.24 -40.31
C LEU KD 196 -68.88 12.86 -39.32
N GLY KD 197 -69.97 13.40 -39.84
CA GLY KD 197 -71.09 13.76 -38.98
C GLY KD 197 -71.96 12.55 -38.70
N ASP KD 198 -72.58 12.57 -37.52
CA ASP KD 198 -73.35 11.48 -36.92
C ASP KD 198 -72.54 10.18 -36.90
N PRO KD 199 -71.57 10.04 -36.00
CA PRO KD 199 -70.87 8.75 -35.88
C PRO KD 199 -71.74 7.61 -35.41
N SER KD 200 -72.89 7.90 -34.81
CA SER KD 200 -73.79 6.84 -34.37
C SER KD 200 -74.38 6.08 -35.56
N SER KD 201 -74.67 6.77 -36.66
CA SER KD 201 -75.35 6.12 -37.78
C SER KD 201 -74.41 5.31 -38.66
N PHE KD 202 -73.10 5.37 -38.44
CA PHE KD 202 -72.16 4.78 -39.38
C PHE KD 202 -71.05 4.06 -38.64
N ASN KD 203 -70.34 3.20 -39.37
CA ASN KD 203 -69.24 2.41 -38.82
C ASN KD 203 -68.02 2.63 -39.71
N ILE KD 204 -67.27 3.69 -39.44
CA ILE KD 204 -66.06 3.99 -40.20
C ILE KD 204 -64.89 3.39 -39.46
N GLN KD 205 -64.29 2.33 -40.01
CA GLN KD 205 -63.07 1.76 -39.48
C GLN KD 205 -62.07 1.66 -40.62
N TRP KD 206 -60.84 2.11 -40.36
CA TRP KD 206 -59.89 2.34 -41.45
C TRP KD 206 -58.48 2.28 -40.91
N ASP KD 207 -57.70 1.33 -41.39
CA ASP KD 207 -56.28 1.28 -41.06
C ASP KD 207 -55.56 2.44 -41.73
N LYS KD 208 -54.41 2.78 -41.18
CA LYS KD 208 -53.79 4.08 -41.42
C LYS KD 208 -53.11 4.21 -42.79
N THR KD 209 -53.29 3.28 -43.73
CA THR KD 209 -52.58 3.37 -44.99
C THR KD 209 -53.40 2.98 -46.21
N SER KD 210 -54.72 2.85 -46.10
CA SER KD 210 -55.52 2.35 -47.21
C SER KD 210 -56.31 3.46 -47.88
N ASN KD 211 -56.58 3.26 -49.17
CA ASN KD 211 -57.36 4.18 -49.98
C ASN KD 211 -58.82 3.77 -50.07
N THR KD 212 -59.25 2.85 -49.23
CA THR KD 212 -60.60 2.31 -49.25
C THR KD 212 -61.21 2.46 -47.87
N LEU KD 213 -62.42 3.00 -47.82
CA LEU KD 213 -63.18 3.15 -46.59
C LEU KD 213 -64.36 2.20 -46.62
N MET KD 214 -64.47 1.36 -45.59
CA MET KD 214 -65.54 0.38 -45.47
C MET KD 214 -66.46 0.84 -44.35
N ILE KD 215 -67.72 1.09 -44.71
CA ILE KD 215 -68.68 1.69 -43.79
C ILE KD 215 -69.85 0.74 -43.61
N GLN KD 216 -70.53 0.85 -42.48
CA GLN KD 216 -71.78 0.16 -42.25
C GLN KD 216 -72.81 1.15 -41.75
N ALA KD 217 -73.95 1.21 -42.43
CA ALA KD 217 -75.02 2.10 -42.03
C ALA KD 217 -75.70 1.53 -40.79
N THR KD 218 -75.57 2.23 -39.68
CA THR KD 218 -76.14 1.80 -38.41
C THR KD 218 -77.49 2.45 -38.12
N LYS KD 219 -78.01 3.24 -39.05
CA LYS KD 219 -79.34 3.81 -38.95
C LYS KD 219 -80.18 3.37 -40.15
N LEU KD 220 -81.44 3.77 -40.17
CA LEU KD 220 -82.38 3.25 -41.15
C LEU KD 220 -82.49 4.13 -42.40
N TYR KD 221 -82.94 5.37 -42.24
CA TYR KD 221 -83.28 6.20 -43.40
C TYR KD 221 -82.64 7.57 -43.41
N ASN KD 222 -82.08 8.04 -42.31
CA ASN KD 222 -81.48 9.38 -42.30
C ASN KD 222 -80.18 9.39 -43.06
N TYR KD 223 -80.04 10.34 -43.99
CA TYR KD 223 -78.86 10.41 -44.82
C TYR KD 223 -77.69 11.00 -44.06
N GLY KD 224 -76.49 10.78 -44.58
CA GLY KD 224 -75.28 11.25 -43.96
C GLY KD 224 -74.38 11.96 -44.95
N ASN KD 225 -73.44 12.70 -44.40
CA ASN KD 225 -72.50 13.49 -45.18
C ASN KD 225 -71.08 13.24 -44.68
N LEU KD 226 -70.12 13.35 -45.57
CA LEU KD 226 -68.74 12.98 -45.23
C LEU KD 226 -67.77 13.90 -45.94
N ALA KD 227 -66.72 14.31 -45.23
CA ALA KD 227 -65.60 15.02 -45.83
C ALA KD 227 -64.37 14.14 -45.77
N VAL KD 228 -63.62 14.09 -46.87
CA VAL KD 228 -62.39 13.30 -46.94
C VAL KD 228 -61.32 14.14 -47.60
N ARG KD 229 -60.17 14.28 -46.93
CA ARG KD 229 -59.02 14.95 -47.51
C ARG KD 229 -57.92 13.92 -47.71
N LEU KD 230 -57.41 13.85 -48.95
CA LEU KD 230 -56.32 12.95 -49.25
C LEU KD 230 -55.00 13.65 -48.95
N ARG KD 231 -53.88 12.96 -49.21
CA ARG KD 231 -52.58 13.51 -48.84
C ARG KD 231 -52.17 14.66 -49.76
N GLY KD 232 -52.36 14.48 -51.07
CA GLY KD 232 -52.00 15.53 -52.01
C GLY KD 232 -53.08 16.56 -52.28
N LEU KD 233 -54.30 16.31 -51.81
CA LEU KD 233 -55.40 17.23 -52.06
C LEU KD 233 -55.37 18.37 -51.05
N ASN KD 234 -55.56 19.59 -51.54
CA ASN KD 234 -55.85 20.69 -50.65
C ASN KD 234 -57.35 20.88 -50.51
N THR KD 235 -58.09 20.58 -51.56
CA THR KD 235 -59.54 20.68 -51.51
C THR KD 235 -60.14 19.38 -50.98
N PRO KD 236 -61.01 19.44 -49.98
CA PRO KD 236 -61.69 18.23 -49.51
C PRO KD 236 -62.72 17.73 -50.51
N VAL KD 237 -63.03 16.44 -50.41
CA VAL KD 237 -64.06 15.80 -51.22
C VAL KD 237 -65.20 15.44 -50.31
N MET KD 238 -66.40 15.88 -50.65
CA MET KD 238 -67.57 15.72 -49.81
C MET KD 238 -68.57 14.80 -50.49
N LEU KD 239 -69.05 13.81 -49.75
CA LEU KD 239 -69.90 12.77 -50.29
C LEU KD 239 -71.17 12.68 -49.46
N THR KD 240 -72.26 12.26 -50.09
CA THR KD 240 -73.51 12.05 -49.38
C THR KD 240 -73.92 10.59 -49.50
N LEU KD 241 -74.48 10.05 -48.43
CA LEU KD 241 -74.88 8.65 -48.35
C LEU KD 241 -76.35 8.58 -48.00
N ILE KD 242 -77.14 7.95 -48.85
CA ILE KD 242 -78.57 7.78 -48.63
C ILE KD 242 -78.82 6.31 -48.29
N PRO KD 243 -79.30 6.00 -47.09
CA PRO KD 243 -79.73 4.62 -46.81
C PRO KD 243 -81.17 4.40 -47.22
N GLY KD 244 -81.43 3.21 -47.78
CA GLY KD 244 -82.78 2.85 -48.14
C GLY KD 244 -83.17 3.13 -49.58
N GLN KD 245 -82.39 2.63 -50.52
CA GLN KD 245 -82.72 2.65 -51.94
C GLN KD 245 -83.13 1.25 -52.38
N LYS KD 246 -83.36 1.09 -53.67
CA LYS KD 246 -83.63 -0.23 -54.23
C LYS KD 246 -82.36 -0.92 -54.71
N ALA KD 247 -81.20 -0.29 -54.51
CA ALA KD 247 -79.92 -0.92 -54.76
C ALA KD 247 -78.98 -0.60 -53.62
N VAL KD 248 -78.10 -1.55 -53.29
CA VAL KD 248 -77.14 -1.40 -52.22
C VAL KD 248 -75.74 -1.44 -52.83
N ASP KD 249 -74.97 -0.38 -52.59
CA ASP KD 249 -73.69 -0.18 -53.25
C ASP KD 249 -72.60 -0.87 -52.45
N TYR KD 250 -72.12 -2.01 -52.96
CA TYR KD 250 -71.09 -2.76 -52.26
C TYR KD 250 -69.70 -2.20 -52.54
N ARG KD 251 -69.28 -2.24 -53.80
CA ARG KD 251 -67.92 -1.88 -54.19
C ARG KD 251 -67.99 -0.68 -55.13
N VAL KD 252 -67.62 0.50 -54.63
CA VAL KD 252 -67.68 1.73 -55.40
C VAL KD 252 -66.26 2.26 -55.54
N ASP KD 253 -65.83 2.48 -56.78
CA ASP KD 253 -64.51 3.02 -57.08
C ASP KD 253 -64.66 4.40 -57.69
N LEU KD 254 -63.95 5.37 -57.14
CA LEU KD 254 -64.13 6.77 -57.51
C LEU KD 254 -62.87 7.35 -58.10
N ARG KD 255 -62.99 7.94 -59.29
CA ARG KD 255 -61.88 8.59 -59.97
C ARG KD 255 -61.90 10.10 -59.72
N VAL KD 256 -60.73 10.67 -59.57
CA VAL KD 256 -60.58 12.11 -59.50
C VAL KD 256 -59.94 12.59 -60.79
N GLN KD 257 -60.12 13.87 -61.10
CA GLN KD 257 -59.52 14.44 -62.31
C GLN KD 257 -58.03 14.64 -62.14
N GLY KD 258 -57.55 14.82 -60.91
CA GLY KD 258 -56.14 15.02 -60.66
C GLY KD 258 -55.38 13.71 -60.64
N TYR KD 259 -54.11 13.82 -60.27
CA TYR KD 259 -53.21 12.68 -60.16
C TYR KD 259 -52.80 12.49 -58.72
N GLY KD 260 -52.67 11.24 -58.30
CA GLY KD 260 -52.30 10.93 -56.94
C GLY KD 260 -50.80 10.91 -56.74
N PRO KD 261 -50.32 10.03 -55.86
CA PRO KD 261 -48.87 9.86 -55.72
C PRO KD 261 -48.24 9.21 -56.92
N ASN KD 262 -49.01 8.50 -57.74
CA ASN KD 262 -48.51 7.80 -58.91
C ASN KD 262 -49.41 8.13 -60.09
N ALA KD 263 -48.87 7.94 -61.29
CA ALA KD 263 -49.62 8.19 -62.51
C ALA KD 263 -49.10 7.30 -63.63
N ASP KD 278 -52.66 -4.87 -71.02
CA ASP KD 278 -53.71 -3.86 -71.07
C ASP KD 278 -55.06 -4.48 -71.45
N LEU KD 279 -55.62 -4.04 -72.57
CA LEU KD 279 -56.89 -4.56 -73.06
C LEU KD 279 -56.80 -6.04 -73.42
N LEU KD 280 -55.65 -6.47 -73.92
CA LEU KD 280 -55.47 -7.87 -74.29
C LEU KD 280 -55.48 -8.78 -73.07
N LEU KD 281 -54.78 -8.39 -72.01
CA LEU KD 281 -54.83 -9.16 -70.77
C LEU KD 281 -56.19 -9.03 -70.10
N HIS KD 282 -56.87 -7.90 -70.32
CA HIS KD 282 -58.22 -7.73 -69.81
C HIS KD 282 -59.21 -8.68 -70.46
N VAL KD 283 -59.07 -8.91 -71.77
CA VAL KD 283 -59.98 -9.83 -72.46
C VAL KD 283 -59.48 -11.26 -72.45
N LEU KD 284 -58.24 -11.50 -72.02
CA LEU KD 284 -57.74 -12.86 -71.95
C LEU KD 284 -58.43 -13.65 -70.84
N GLU KD 285 -58.80 -12.98 -69.75
CA GLU KD 285 -59.43 -13.65 -68.64
C GLU KD 285 -60.87 -14.06 -68.94
N GLY KD 286 -61.47 -13.51 -69.99
CA GLY KD 286 -62.81 -13.90 -70.38
C GLY KD 286 -63.83 -12.79 -70.27
N VAL KD 287 -63.41 -11.55 -70.48
CA VAL KD 287 -64.29 -10.39 -70.43
C VAL KD 287 -64.31 -9.76 -71.82
N PRO KD 288 -65.48 -9.46 -72.37
CA PRO KD 288 -65.51 -8.69 -73.61
C PRO KD 288 -65.02 -7.27 -73.38
N PRO KD 289 -64.41 -6.64 -74.38
CA PRO KD 289 -63.98 -5.25 -74.23
C PRO KD 289 -65.16 -4.31 -74.20
N PRO KD 290 -65.01 -3.12 -73.62
CA PRO KD 290 -66.10 -2.14 -73.66
C PRO KD 290 -66.39 -1.66 -75.08
N GLY KD 291 -67.67 -1.46 -75.37
CA GLY KD 291 -68.11 -1.12 -76.70
C GLY KD 291 -68.31 -2.29 -77.63
N SER KD 292 -68.09 -3.51 -77.17
CA SER KD 292 -68.27 -4.70 -77.99
C SER KD 292 -69.64 -5.33 -77.74
N ARG KD 293 -70.08 -6.13 -78.70
CA ARG KD 293 -71.37 -6.78 -78.63
C ARG KD 293 -71.23 -8.25 -79.04
N ARG KD 294 -72.15 -9.06 -78.54
CA ARG KD 294 -72.13 -10.49 -78.85
C ARG KD 294 -72.59 -10.74 -80.28
N LEU KD 295 -71.83 -11.54 -81.01
CA LEU KD 295 -72.17 -11.94 -82.36
C LEU KD 295 -72.15 -13.46 -82.46
N VAL KD 296 -72.85 -13.96 -83.46
CA VAL KD 296 -72.98 -15.41 -83.64
C VAL KD 296 -71.69 -15.96 -84.24
N VAL KD 297 -71.23 -17.08 -83.68
CA VAL KD 297 -70.12 -17.85 -84.24
C VAL KD 297 -70.67 -19.21 -84.61
N SER KD 298 -70.53 -19.58 -85.88
CA SER KD 298 -71.11 -20.81 -86.40
C SER KD 298 -70.01 -21.86 -86.58
N GLY KD 299 -70.21 -23.02 -85.96
CA GLY KD 299 -69.33 -24.15 -86.14
C GLY KD 299 -68.01 -24.09 -85.40
N GLY KD 300 -67.77 -23.07 -84.61
CA GLY KD 300 -66.50 -22.92 -83.91
C GLY KD 300 -66.69 -22.61 -82.45
N ASP KD 301 -65.82 -23.18 -81.63
CA ASP KD 301 -65.84 -22.96 -80.18
C ASP KD 301 -64.85 -21.86 -79.79
N ALA KD 302 -65.07 -20.69 -80.38
CA ALA KD 302 -64.28 -19.50 -80.09
C ALA KD 302 -65.23 -18.33 -79.89
N ARG KD 303 -64.86 -17.41 -79.01
CA ARG KD 303 -65.73 -16.30 -78.65
C ARG KD 303 -65.19 -15.03 -79.29
N ALA KD 304 -65.99 -14.41 -80.14
CA ALA KD 304 -65.55 -13.30 -80.98
C ALA KD 304 -66.44 -12.09 -80.77
N TRP KD 305 -65.82 -10.90 -80.80
CA TRP KD 305 -66.54 -9.64 -80.66
C TRP KD 305 -65.88 -8.59 -81.55
N LEU KD 306 -66.56 -7.45 -81.69
CA LEU KD 306 -65.97 -6.26 -82.28
C LEU KD 306 -66.46 -5.04 -81.52
N SER KD 307 -65.53 -4.15 -81.19
CA SER KD 307 -65.82 -2.93 -80.45
C SER KD 307 -65.40 -1.67 -81.18
N ASN KD 308 -64.28 -1.72 -81.88
CA ASN KD 308 -63.75 -0.58 -82.64
C ASN KD 308 -63.51 -1.01 -84.08
N GLU KD 309 -64.56 -1.60 -84.68
CA GLU KD 309 -64.64 -2.28 -85.97
C GLU KD 309 -63.43 -3.18 -86.24
N LYS KD 310 -62.97 -3.87 -85.19
CA LYS KD 310 -61.84 -4.77 -85.29
C LYS KD 310 -62.20 -6.06 -84.55
N MET KD 311 -61.74 -7.18 -85.09
CA MET KD 311 -62.10 -8.49 -84.57
C MET KD 311 -61.24 -8.85 -83.37
N TYR KD 312 -61.88 -9.09 -82.24
CA TYR KD 312 -61.26 -9.65 -81.04
C TYR KD 312 -61.74 -11.08 -80.89
N VAL KD 313 -60.81 -12.02 -80.82
CA VAL KD 313 -61.11 -13.45 -80.79
C VAL KD 313 -60.42 -14.06 -79.58
N ARG KD 314 -61.19 -14.65 -78.68
CA ARG KD 314 -60.63 -15.43 -77.58
C ARG KD 314 -60.90 -16.91 -77.85
N THR KD 315 -59.84 -17.70 -77.78
CA THR KD 315 -59.93 -19.11 -78.11
C THR KD 315 -58.78 -19.85 -77.44
N ASN KD 316 -58.56 -21.08 -77.87
CA ASN KD 316 -57.35 -21.81 -77.56
C ASN KD 316 -56.60 -22.21 -78.84
N LEU KD 317 -57.16 -21.91 -80.00
CA LEU KD 317 -56.63 -22.39 -81.27
C LEU KD 317 -55.67 -21.35 -81.85
N THR KD 318 -55.29 -21.55 -83.11
CA THR KD 318 -54.36 -20.66 -83.81
C THR KD 318 -55.01 -20.20 -85.10
N ILE KD 319 -55.10 -18.90 -85.29
CA ILE KD 319 -55.67 -18.32 -86.49
C ILE KD 319 -54.55 -18.08 -87.49
N LEU KD 320 -54.80 -18.41 -88.76
CA LEU KD 320 -53.72 -18.36 -89.74
C LEU KD 320 -54.08 -17.76 -91.09
N SER KD 321 -55.35 -17.52 -91.39
CA SER KD 321 -55.64 -17.06 -92.75
C SER KD 321 -55.40 -15.54 -92.95
N PRO KD 322 -55.92 -14.61 -92.09
CA PRO KD 322 -55.51 -13.21 -92.30
C PRO KD 322 -54.19 -12.88 -91.65
N GLY KD 323 -53.94 -13.45 -90.47
CA GLY KD 323 -52.81 -13.07 -89.64
C GLY KD 323 -53.29 -12.54 -88.28
N TRP KD 324 -52.65 -11.46 -87.84
CA TRP KD 324 -52.94 -10.91 -86.53
C TRP KD 324 -52.44 -9.47 -86.49
N LEU KD 325 -52.96 -8.71 -85.52
CA LEU KD 325 -52.38 -7.43 -85.16
C LEU KD 325 -51.91 -7.40 -83.72
N ALA KD 326 -52.72 -7.90 -82.79
CA ALA KD 326 -52.33 -8.01 -81.39
C ALA KD 326 -52.52 -9.45 -80.95
N SER KD 327 -51.45 -10.09 -80.49
CA SER KD 327 -51.51 -11.50 -80.12
C SER KD 327 -51.05 -11.66 -78.68
N MET KD 328 -51.84 -12.42 -77.90
CA MET KD 328 -51.50 -12.72 -76.52
C MET KD 328 -51.79 -14.19 -76.25
N THR KD 329 -50.97 -14.77 -75.39
CA THR KD 329 -51.12 -16.16 -74.98
C THR KD 329 -50.96 -16.27 -73.48
N SER KD 330 -51.52 -17.32 -72.92
CA SER KD 330 -51.43 -17.60 -71.49
C SER KD 330 -50.57 -18.83 -71.25
N ALA KD 331 -50.16 -19.02 -69.99
CA ALA KD 331 -49.38 -20.19 -69.62
C ALA KD 331 -50.21 -21.46 -69.65
N ASP KD 332 -51.52 -21.35 -69.38
CA ASP KD 332 -52.39 -22.51 -69.50
C ASP KD 332 -52.69 -22.87 -70.94
N GLY KD 333 -52.50 -21.95 -71.88
CA GLY KD 333 -52.66 -22.23 -73.30
C GLY KD 333 -53.72 -21.43 -74.01
N THR KD 334 -54.46 -20.55 -73.34
CA THR KD 334 -55.48 -19.76 -74.02
C THR KD 334 -54.84 -18.65 -74.83
N HIS KD 335 -55.58 -18.17 -75.83
CA HIS KD 335 -55.09 -17.18 -76.78
C HIS KD 335 -56.12 -16.08 -76.97
N ALA KD 336 -55.64 -14.84 -77.02
CA ALA KD 336 -56.46 -13.67 -77.30
C ALA KD 336 -55.84 -12.93 -78.47
N TYR KD 337 -56.59 -12.82 -79.56
CA TYR KD 337 -56.07 -12.25 -80.80
C TYR KD 337 -56.93 -11.07 -81.23
N GLU KD 338 -56.30 -10.17 -81.97
CA GLU KD 338 -56.95 -8.96 -82.46
C GLU KD 338 -56.44 -8.67 -83.85
N MET KD 339 -57.37 -8.48 -84.78
CA MET KD 339 -57.03 -8.08 -86.15
C MET KD 339 -58.18 -7.27 -86.71
N GLN KD 340 -58.22 -7.10 -88.03
CA GLN KD 340 -59.29 -6.36 -88.67
C GLN KD 340 -60.52 -7.24 -88.86
N LYS KD 341 -61.53 -6.68 -89.51
CA LYS KD 341 -62.77 -7.42 -89.78
C LYS KD 341 -62.53 -8.46 -90.86
N SER KD 342 -63.04 -9.68 -90.65
CA SER KD 342 -62.92 -10.75 -91.63
C SER KD 342 -64.12 -11.67 -91.50
N PRO KD 343 -64.64 -12.20 -92.60
CA PRO KD 343 -65.85 -13.05 -92.52
C PRO KD 343 -65.56 -14.52 -92.27
N VAL KD 344 -64.36 -15.01 -92.62
CA VAL KD 344 -64.04 -16.42 -92.51
C VAL KD 344 -62.60 -16.57 -92.07
N LEU KD 345 -62.33 -17.62 -91.28
CA LEU KD 345 -61.03 -17.89 -90.72
C LEU KD 345 -60.61 -19.32 -90.99
N LEU KD 346 -59.30 -19.55 -91.01
CA LEU KD 346 -58.72 -20.88 -91.05
C LEU KD 346 -58.10 -21.18 -89.70
N VAL KD 347 -58.40 -22.35 -89.15
CA VAL KD 347 -57.92 -22.74 -87.83
C VAL KD 347 -57.22 -24.08 -87.93
N SER KD 348 -56.05 -24.16 -87.29
CA SER KD 348 -55.27 -25.39 -87.21
C SER KD 348 -55.58 -26.11 -85.90
N TRP KD 349 -55.57 -27.43 -85.95
CA TRP KD 349 -55.93 -28.24 -84.80
C TRP KD 349 -55.25 -29.59 -84.95
N HIS KD 350 -54.13 -29.77 -84.23
CA HIS KD 350 -53.42 -31.05 -84.07
C HIS KD 350 -52.96 -31.64 -85.40
N GLY KD 351 -52.67 -30.79 -86.38
CA GLY KD 351 -52.28 -31.24 -87.70
C GLY KD 351 -53.36 -31.19 -88.75
N LYS KD 352 -54.58 -30.76 -88.39
CA LYS KD 352 -55.65 -30.63 -89.37
C LYS KD 352 -56.02 -29.17 -89.54
N VAL KD 353 -56.69 -28.88 -90.65
CA VAL KD 353 -57.11 -27.54 -91.01
C VAL KD 353 -58.63 -27.54 -91.15
N MET KD 354 -59.30 -26.63 -90.44
CA MET KD 354 -60.74 -26.43 -90.60
C MET KD 354 -61.03 -24.97 -90.86
N GLN KD 355 -62.24 -24.69 -91.33
CA GLN KD 355 -62.65 -23.35 -91.75
C GLN KD 355 -63.88 -22.93 -90.96
N LEU KD 356 -63.87 -21.68 -90.50
CA LEU KD 356 -64.97 -21.14 -89.71
C LEU KD 356 -65.50 -19.87 -90.34
N LYS KD 357 -66.79 -19.61 -90.10
CA LYS KD 357 -67.49 -18.46 -90.63
C LYS KD 357 -68.09 -17.65 -89.49
N VAL KD 358 -67.86 -16.34 -89.51
CA VAL KD 358 -68.40 -15.43 -88.52
C VAL KD 358 -69.22 -14.37 -89.25
N GLU KD 359 -70.47 -14.21 -88.83
CA GLU KD 359 -71.40 -13.25 -89.44
C GLU KD 359 -71.94 -12.30 -88.38
N GLY KD 360 -72.59 -11.24 -88.85
CA GLY KD 360 -73.15 -10.24 -87.96
C GLY KD 360 -72.13 -9.21 -87.54
N UNK LD 1 -97.20 -26.06 -50.92
CA UNK LD 1 -98.52 -26.50 -50.48
C UNK LD 1 -99.50 -25.34 -50.46
N UNK LD 2 -99.55 -24.59 -51.56
CA UNK LD 2 -100.40 -23.43 -51.67
C UNK LD 2 -101.11 -23.44 -53.02
N UNK LD 3 -102.23 -22.72 -53.09
CA UNK LD 3 -102.99 -22.59 -54.32
C UNK LD 3 -102.52 -21.36 -55.08
N UNK LD 4 -101.95 -21.58 -56.26
CA UNK LD 4 -101.44 -20.46 -57.07
C UNK LD 4 -102.58 -19.59 -57.60
N UNK LD 5 -103.74 -20.19 -57.87
CA UNK LD 5 -104.90 -19.41 -58.28
C UNK LD 5 -105.39 -18.50 -57.16
N UNK LD 6 -105.42 -19.01 -55.93
CA UNK LD 6 -105.80 -18.18 -54.79
C UNK LD 6 -104.75 -17.09 -54.52
N UNK LD 7 -103.47 -17.42 -54.74
CA UNK LD 7 -102.41 -16.43 -54.57
C UNK LD 7 -102.53 -15.31 -55.59
N UNK LD 8 -102.78 -15.65 -56.86
CA UNK LD 8 -102.95 -14.63 -57.88
C UNK LD 8 -104.24 -13.84 -57.67
N UNK LD 9 -105.29 -14.49 -57.16
CA UNK LD 9 -106.55 -13.80 -56.87
C UNK LD 9 -106.38 -12.81 -55.72
N UNK LD 10 -105.66 -13.20 -54.66
CA UNK LD 10 -105.38 -12.28 -53.56
C UNK LD 10 -104.47 -11.15 -54.00
N UNK LD 11 -103.51 -11.44 -54.89
CA UNK LD 11 -102.65 -10.39 -55.44
C UNK LD 11 -103.45 -9.41 -56.28
N UNK LD 12 -104.41 -9.91 -57.06
CA UNK LD 12 -105.28 -9.02 -57.84
C UNK LD 12 -106.19 -8.19 -56.94
N UNK LD 13 -106.68 -8.79 -55.85
CA UNK LD 13 -107.52 -8.06 -54.90
C UNK LD 13 -106.71 -6.96 -54.19
N UNK LD 14 -105.46 -7.25 -53.83
CA UNK LD 14 -104.62 -6.23 -53.21
C UNK LD 14 -104.20 -5.16 -54.21
N UNK LD 15 -104.03 -5.53 -55.48
CA UNK LD 15 -103.76 -4.53 -56.51
C UNK LD 15 -104.97 -3.62 -56.70
N UNK LD 16 -106.18 -4.19 -56.70
CA UNK LD 16 -107.41 -3.41 -56.76
C UNK LD 16 -107.85 -3.05 -55.34
N UNK LD 17 -107.06 -2.16 -54.72
CA UNK LD 17 -107.37 -1.69 -53.38
C UNK LD 17 -108.62 -0.83 -53.36
N UNK LD 18 -108.86 -0.08 -54.43
CA UNK LD 18 -110.09 0.67 -54.70
C UNK LD 18 -110.38 1.74 -53.64
N UNK LD 19 -109.34 2.24 -52.97
CA UNK LD 19 -109.52 3.23 -51.92
C UNK LD 19 -108.23 4.01 -51.72
N UNK LD 20 -108.30 5.33 -51.76
CA UNK LD 20 -107.16 6.19 -51.46
C UNK LD 20 -107.71 7.50 -50.87
N UNK LD 21 -107.72 7.57 -49.54
CA UNK LD 21 -108.11 8.80 -48.84
C UNK LD 21 -106.86 9.47 -48.29
N UNK LD 22 -106.68 10.74 -48.61
CA UNK LD 22 -105.44 11.45 -48.29
C UNK LD 22 -105.75 12.89 -47.90
N UNK LD 23 -104.69 13.61 -47.54
CA UNK LD 23 -104.80 15.00 -47.14
C UNK LD 23 -103.49 15.72 -47.44
N UNK LD 24 -103.56 17.04 -47.53
CA UNK LD 24 -102.39 17.89 -47.68
C UNK LD 24 -102.42 18.97 -46.61
N UNK LD 25 -101.34 19.75 -46.55
CA UNK LD 25 -101.22 20.80 -45.55
C UNK LD 25 -100.50 21.99 -46.17
N UNK LD 26 -100.68 23.14 -45.53
CA UNK LD 26 -100.00 24.36 -45.91
C UNK LD 26 -98.64 24.42 -45.21
N UNK LD 27 -97.97 25.58 -45.28
CA UNK LD 27 -96.70 25.74 -44.58
C UNK LD 27 -96.90 25.86 -43.08
N UNK LD 28 -98.07 26.31 -42.64
CA UNK LD 28 -98.43 26.39 -41.23
C UNK LD 28 -99.24 25.17 -40.79
N UNK LD 29 -99.08 24.06 -41.50
CA UNK LD 29 -99.74 22.77 -41.24
C UNK LD 29 -101.26 22.88 -41.26
N UNK LD 30 -101.80 23.81 -42.04
CA UNK LD 30 -103.24 23.91 -42.22
C UNK LD 30 -103.68 22.77 -43.12
N UNK LD 31 -104.52 21.89 -42.60
CA UNK LD 31 -104.83 20.63 -43.27
C UNK LD 31 -106.04 20.79 -44.19
N UNK LD 32 -106.07 19.95 -45.22
CA UNK LD 32 -107.20 19.86 -46.13
C UNK LD 32 -107.24 18.45 -46.69
N UNK LD 33 -108.31 17.72 -46.41
CA UNK LD 33 -108.44 16.36 -46.88
C UNK LD 33 -108.93 16.33 -48.31
N UNK LD 34 -109.00 15.14 -48.89
CA UNK LD 34 -109.45 14.96 -50.26
C UNK LD 34 -110.65 14.01 -50.29
N UNK LD 35 -111.18 13.81 -51.49
CA UNK LD 35 -112.30 12.90 -51.68
C UNK LD 35 -111.77 11.50 -52.00
N UNK LD 36 -112.64 10.59 -52.44
CA UNK LD 36 -112.25 9.23 -52.72
C UNK LD 36 -111.38 9.15 -53.97
N UNK LD 37 -110.46 8.18 -53.98
CA UNK LD 37 -109.54 7.98 -55.08
C UNK LD 37 -109.09 6.52 -55.08
N UNK LD 38 -108.50 6.11 -56.20
CA UNK LD 38 -108.08 4.73 -56.52
C UNK LD 38 -109.21 3.72 -56.32
N UNK LD 39 -92.85 19.93 -47.26
CA UNK LD 39 -93.71 19.00 -46.51
C UNK LD 39 -95.17 19.40 -46.66
N UNK LD 40 -95.47 20.18 -47.70
CA UNK LD 40 -96.85 20.57 -47.95
C UNK LD 40 -97.68 19.42 -48.50
N UNK LD 41 -97.07 18.50 -49.24
CA UNK LD 41 -97.77 17.37 -49.84
C UNK LD 41 -97.51 16.16 -48.96
N UNK LD 42 -98.53 15.74 -48.21
CA UNK LD 42 -98.43 14.57 -47.35
C UNK LD 42 -98.66 13.32 -48.18
N UNK LD 43 -97.58 12.79 -48.76
CA UNK LD 43 -97.69 11.59 -49.57
C UNK LD 43 -97.90 10.34 -48.73
N UNK LD 44 -97.57 10.39 -47.44
CA UNK LD 44 -97.81 9.27 -46.55
C UNK LD 44 -99.21 9.28 -45.96
N UNK LD 45 -100.04 10.27 -46.29
CA UNK LD 45 -101.38 10.40 -45.72
C UNK LD 45 -102.39 9.46 -46.35
N UNK LD 46 -102.02 8.74 -47.41
CA UNK LD 46 -102.97 7.90 -48.12
C UNK LD 46 -103.32 6.67 -47.30
N UNK LD 47 -104.60 6.35 -47.24
CA UNK LD 47 -105.10 5.15 -46.60
C UNK LD 47 -106.11 4.47 -47.51
N UNK LD 48 -106.15 3.14 -47.43
CA UNK LD 48 -107.07 2.36 -48.26
C UNK LD 48 -108.14 1.70 -47.40
N ARG MD 207 -65.06 90.89 -20.20
CA ARG MD 207 -64.73 90.79 -18.79
C ARG MD 207 -64.40 89.34 -18.42
N ILE MD 208 -64.57 89.00 -17.14
CA ILE MD 208 -64.17 87.70 -16.61
C ILE MD 208 -65.40 86.87 -16.32
N ILE MD 209 -65.44 85.66 -16.87
CA ILE MD 209 -66.59 84.75 -16.76
C ILE MD 209 -66.13 83.48 -16.06
N TYR MD 210 -66.86 83.08 -15.03
CA TYR MD 210 -66.52 81.89 -14.26
C TYR MD 210 -67.42 80.73 -14.65
N TYR MD 211 -66.83 79.54 -14.73
CA TYR MD 211 -67.55 78.30 -14.99
C TYR MD 211 -67.44 77.40 -13.78
N ILE MD 212 -68.58 76.90 -13.30
CA ILE MD 212 -68.56 76.01 -12.14
C ILE MD 212 -67.95 74.67 -12.56
N GLN MD 213 -66.88 74.29 -11.88
CA GLN MD 213 -66.10 73.11 -12.27
C GLN MD 213 -66.38 71.89 -11.40
N ALA MD 214 -66.97 72.07 -10.22
CA ALA MD 214 -67.33 70.95 -9.36
C ALA MD 214 -68.58 71.36 -8.59
N VAL MD 215 -69.73 70.92 -9.06
CA VAL MD 215 -71.00 71.21 -8.40
C VAL MD 215 -71.09 70.34 -7.15
N ILE MD 216 -71.20 70.99 -5.99
CA ILE MD 216 -71.28 70.28 -4.72
C ILE MD 216 -72.24 71.01 -3.81
N PRO MD 217 -72.89 70.28 -2.90
CA PRO MD 217 -73.70 70.95 -1.87
C PRO MD 217 -72.81 71.73 -0.91
N GLY MD 218 -73.17 72.99 -0.69
CA GLY MD 218 -72.40 73.84 0.19
C GLY MD 218 -71.35 74.68 -0.51
N ARG MD 219 -70.36 74.04 -1.11
CA ARG MD 219 -69.25 74.74 -1.74
C ARG MD 219 -69.42 74.73 -3.26
N ALA MD 220 -68.45 75.34 -3.95
CA ALA MD 220 -68.47 75.40 -5.41
C ALA MD 220 -67.06 75.67 -5.91
N TRP MD 221 -66.60 74.87 -6.86
CA TRP MD 221 -65.29 75.05 -7.46
C TRP MD 221 -65.45 75.62 -8.87
N LEU MD 222 -64.70 76.66 -9.17
CA LEU MD 222 -64.87 77.41 -10.40
C LEU MD 222 -63.53 77.65 -11.08
N ILE MD 223 -63.57 77.65 -12.41
CA ILE MD 223 -62.47 78.18 -13.22
C ILE MD 223 -63.02 79.40 -13.94
N GLY MD 224 -62.11 80.30 -14.31
CA GLY MD 224 -62.48 81.53 -14.98
C GLY MD 224 -62.34 81.43 -16.49
N SER MD 225 -62.75 82.51 -17.16
CA SER MD 225 -62.46 82.66 -18.58
C SER MD 225 -60.97 82.82 -18.81
N ASN MD 226 -60.26 83.41 -17.85
CA ASN MD 226 -58.82 83.47 -17.84
C ASN MD 226 -58.18 82.15 -17.42
N GLY MD 227 -58.96 81.23 -16.84
CA GLY MD 227 -58.42 80.02 -16.29
C GLY MD 227 -58.11 80.08 -14.81
N SER MD 228 -58.47 81.16 -14.14
CA SER MD 228 -58.20 81.29 -12.72
C SER MD 228 -59.13 80.40 -11.92
N THR MD 229 -58.56 79.60 -11.02
CA THR MD 229 -59.30 78.64 -10.24
C THR MD 229 -59.60 79.19 -8.85
N LEU MD 230 -60.76 78.80 -8.32
CA LEU MD 230 -61.19 79.26 -7.02
C LEU MD 230 -62.26 78.31 -6.49
N THR MD 231 -62.62 78.50 -5.22
CA THR MD 231 -63.75 77.79 -4.64
C THR MD 231 -64.39 78.67 -3.60
N VAL MD 232 -65.72 78.57 -3.49
CA VAL MD 232 -66.52 79.43 -2.63
C VAL MD 232 -67.48 78.58 -1.81
N ARG MD 233 -68.15 79.24 -0.88
CA ARG MD 233 -69.24 78.71 -0.09
C ARG MD 233 -70.50 79.50 -0.41
N GLU MD 234 -71.55 79.30 0.37
CA GLU MD 234 -72.85 79.90 0.09
C GLU MD 234 -72.82 81.42 0.26
N GLY MD 235 -72.54 81.89 1.47
CA GLY MD 235 -72.51 83.32 1.69
C GLY MD 235 -71.09 83.84 1.74
N SER MD 236 -70.63 84.44 0.65
CA SER MD 236 -69.25 84.91 0.56
C SER MD 236 -69.18 85.99 -0.51
N LYS MD 237 -67.95 86.34 -0.90
CA LYS MD 237 -67.69 87.37 -1.89
C LYS MD 237 -67.02 86.77 -3.11
N ILE MD 238 -67.31 87.33 -4.27
CA ILE MD 238 -66.69 86.89 -5.52
C ILE MD 238 -66.24 88.11 -6.31
N PRO MD 239 -64.96 88.19 -6.70
CA PRO MD 239 -64.52 89.30 -7.56
C PRO MD 239 -65.15 89.18 -8.95
N GLY MD 240 -65.58 90.31 -9.48
CA GLY MD 240 -66.32 90.34 -10.72
C GLY MD 240 -67.81 90.22 -10.57
N TYR MD 241 -68.31 89.79 -9.40
CA TYR MD 241 -69.74 89.74 -9.14
C TYR MD 241 -70.13 90.28 -7.78
N GLY MD 242 -69.19 90.60 -6.91
CA GLY MD 242 -69.53 91.11 -5.58
C GLY MD 242 -69.71 89.99 -4.59
N MET MD 243 -70.90 89.89 -4.01
CA MET MD 243 -71.24 88.85 -3.05
C MET MD 243 -71.87 87.65 -3.78
N VAL MD 244 -72.26 86.66 -2.99
CA VAL MD 244 -72.94 85.46 -3.48
C VAL MD 244 -74.32 85.41 -2.84
N LYS MD 245 -75.34 85.16 -3.65
CA LYS MD 245 -76.72 85.12 -3.17
C LYS MD 245 -77.25 83.70 -2.96
N LEU MD 246 -77.14 82.83 -3.97
CA LEU MD 246 -77.66 81.48 -3.81
C LEU MD 246 -76.82 80.49 -4.61
N ILE MD 247 -76.47 79.38 -3.98
CA ILE MD 247 -75.77 78.28 -4.61
C ILE MD 247 -76.55 77.00 -4.33
N ASP MD 248 -76.96 76.31 -5.40
CA ASP MD 248 -77.65 75.04 -5.27
C ASP MD 248 -77.10 74.05 -6.28
N SER MD 249 -77.08 72.78 -5.88
CA SER MD 249 -76.68 71.72 -6.79
C SER MD 249 -77.75 71.40 -7.83
N LEU MD 250 -78.97 71.90 -7.63
CA LEU MD 250 -80.04 71.74 -8.61
C LEU MD 250 -79.70 72.56 -9.85
N GLN MD 251 -79.48 71.86 -10.96
CA GLN MD 251 -79.33 72.40 -12.32
C GLN MD 251 -78.10 73.30 -12.48
N GLY MD 252 -77.17 73.30 -11.53
CA GLY MD 252 -75.91 74.01 -11.66
C GLY MD 252 -76.00 75.52 -11.76
N ARG MD 253 -76.81 76.15 -10.92
CA ARG MD 253 -77.02 77.59 -10.96
C ARG MD 253 -76.34 78.24 -9.78
N ILE MD 254 -75.58 79.32 -10.04
CA ILE MD 254 -75.01 80.14 -8.98
C ILE MD 254 -75.64 81.52 -9.10
N LEU MD 255 -76.34 81.95 -8.05
CA LEU MD 255 -76.94 83.28 -8.06
C LEU MD 255 -75.97 84.26 -7.41
N THR MD 256 -75.47 85.19 -8.21
CA THR MD 256 -74.51 86.17 -7.73
C THR MD 256 -75.26 87.35 -7.08
N SER MD 257 -74.49 88.27 -6.49
CA SER MD 257 -75.08 89.47 -5.91
C SER MD 257 -75.62 90.40 -6.98
N SER MD 258 -75.12 90.28 -8.20
CA SER MD 258 -75.67 91.02 -9.34
C SER MD 258 -76.95 90.41 -9.89
N GLY MD 259 -77.48 89.36 -9.26
CA GLY MD 259 -78.66 88.70 -9.75
C GLY MD 259 -78.44 87.83 -10.96
N GLN MD 260 -77.20 87.50 -11.27
CA GLN MD 260 -76.86 86.72 -12.45
C GLN MD 260 -76.68 85.25 -12.10
N VAL MD 261 -76.81 84.42 -13.13
CA VAL MD 261 -76.78 82.97 -12.99
C VAL MD 261 -75.48 82.48 -13.60
N ILE MD 262 -74.46 82.28 -12.77
CA ILE MD 262 -73.24 81.62 -13.21
C ILE MD 262 -73.53 80.15 -13.48
N LYS MD 263 -73.18 79.71 -14.66
CA LYS MD 263 -73.22 78.31 -15.08
C LYS MD 263 -71.80 77.85 -15.36
N PHE MD 264 -71.68 76.63 -15.88
CA PHE MD 264 -70.40 76.12 -16.33
C PHE MD 264 -70.18 76.53 -17.77
N SER MD 265 -69.18 75.94 -18.42
CA SER MD 265 -68.97 76.18 -19.84
C SER MD 265 -70.10 75.58 -20.66
N GLN MD 266 -70.42 76.24 -21.76
CA GLN MD 266 -71.53 75.80 -22.61
C GLN MD 266 -71.21 74.48 -23.30
N GLU MD 267 -70.00 74.37 -23.87
CA GLU MD 267 -69.66 73.16 -24.60
C GLU MD 267 -69.20 72.02 -23.70
N ASP MD 268 -68.88 72.31 -22.44
CA ASP MD 268 -68.49 71.27 -21.50
C ASP MD 268 -69.74 70.72 -20.81
N SER MD 269 -70.54 70.02 -21.61
CA SER MD 269 -71.82 69.51 -21.16
C SER MD 269 -72.00 68.03 -21.52
N MET ND 23 38.76 129.63 -24.97
CA MET ND 23 37.54 130.06 -24.29
C MET ND 23 36.78 128.83 -23.79
N LYS ND 24 36.15 128.94 -22.63
CA LYS ND 24 35.55 127.80 -21.96
C LYS ND 24 34.06 128.01 -21.75
N PHE ND 25 33.39 126.93 -21.36
CA PHE ND 25 31.96 126.93 -21.11
C PHE ND 25 31.68 126.24 -19.79
N LYS ND 26 30.97 126.93 -18.91
CA LYS ND 26 30.73 126.46 -17.55
C LYS ND 26 29.27 126.65 -17.19
N LYS ND 27 28.88 125.99 -16.11
CA LYS ND 27 27.66 126.21 -15.36
C LYS ND 27 28.05 126.31 -13.90
N PRO ND 28 27.31 127.09 -13.09
CA PRO ND 28 27.79 127.41 -11.72
C PRO ND 28 27.93 126.22 -10.79
N PRO ND 29 26.87 125.41 -10.50
CA PRO ND 29 26.95 124.53 -9.33
C PRO ND 29 27.77 123.28 -9.63
N ILE ND 30 28.98 123.23 -9.09
CA ILE ND 30 29.81 122.05 -9.18
C ILE ND 30 30.31 121.73 -7.78
N ASN ND 31 30.20 120.46 -7.39
CA ASN ND 31 30.58 120.05 -6.06
C ASN ND 31 30.99 118.58 -6.11
N ASN ND 32 31.04 117.96 -4.94
CA ASN ND 32 31.42 116.56 -4.83
C ASN ND 32 30.35 115.68 -5.46
N PRO ND 33 30.74 114.51 -6.00
CA PRO ND 33 29.76 113.61 -6.59
C PRO ND 33 28.80 113.04 -5.55
N SER ND 34 27.61 112.70 -6.03
CA SER ND 34 26.49 112.35 -5.17
C SER ND 34 26.30 110.84 -5.09
N ASP ND 35 25.22 110.41 -4.43
CA ASP ND 35 24.88 109.00 -4.33
C ASP ND 35 23.40 108.84 -4.61
N ASP ND 36 23.09 107.78 -5.36
CA ASP ND 36 21.74 107.45 -5.77
C ASP ND 36 20.81 107.21 -4.59
N ALA ND 37 21.32 106.62 -3.51
CA ALA ND 37 20.50 106.37 -2.34
C ALA ND 37 20.06 107.67 -1.69
N THR ND 38 20.98 108.64 -1.58
CA THR ND 38 20.60 109.97 -1.11
C THR ND 38 19.63 110.64 -2.05
N ILE ND 39 19.79 110.41 -3.36
CA ILE ND 39 18.90 110.99 -4.35
C ILE ND 39 17.47 110.50 -4.14
N LYS ND 40 17.30 109.18 -4.03
CA LYS ND 40 15.95 108.65 -3.86
C LYS ND 40 15.41 108.91 -2.46
N LEU ND 41 16.28 109.10 -1.47
CA LEU ND 41 15.81 109.52 -0.16
C LEU ND 41 15.21 110.92 -0.20
N ALA ND 42 15.88 111.84 -0.92
CA ALA ND 42 15.30 113.16 -1.13
C ALA ND 42 14.03 113.09 -1.95
N GLU ND 43 13.98 112.17 -2.90
CA GLU ND 43 12.78 111.96 -3.72
C GLU ND 43 11.60 111.54 -2.87
N ALA ND 44 11.82 110.67 -1.89
CA ALA ND 44 10.75 110.34 -0.96
C ALA ND 44 10.41 111.53 -0.06
N ALA ND 45 11.45 112.25 0.38
CA ALA ND 45 11.27 113.26 1.41
C ALA ND 45 10.47 114.45 0.92
N VAL ND 46 10.60 114.81 -0.35
CA VAL ND 46 9.85 115.97 -0.85
C VAL ND 46 8.36 115.67 -0.90
N SER ND 47 7.99 114.44 -1.25
CA SER ND 47 6.58 114.06 -1.24
C SER ND 47 6.03 113.99 0.17
N VAL ND 48 6.85 113.47 1.10
CA VAL ND 48 6.47 113.45 2.51
C VAL ND 48 6.25 114.88 3.02
N SER ND 49 7.13 115.79 2.59
CA SER ND 49 7.03 117.18 3.00
C SER ND 49 5.77 117.84 2.47
N ASP ND 50 5.42 117.55 1.22
CA ASP ND 50 4.18 118.08 0.65
C ASP ND 50 2.96 117.57 1.40
N SER ND 51 2.96 116.28 1.74
CA SER ND 51 1.82 115.70 2.44
C SER ND 51 1.67 116.29 3.83
N MET ND 52 2.79 116.44 4.54
CA MET ND 52 2.78 117.04 5.86
C MET ND 52 2.36 118.50 5.80
N LEU ND 53 2.80 119.21 4.75
CA LEU ND 53 2.49 120.62 4.61
C LEU ND 53 1.01 120.84 4.37
N GLU ND 54 0.40 120.03 3.49
CA GLU ND 54 -1.03 120.21 3.26
C GLU ND 54 -1.86 119.75 4.46
N MET ND 55 -1.38 118.74 5.20
CA MET ND 55 -2.06 118.34 6.42
C MET ND 55 -2.03 119.44 7.46
N ALA ND 56 -0.89 120.12 7.58
CA ALA ND 56 -0.78 121.27 8.46
C ALA ND 56 -1.71 122.40 8.01
N LYS ND 57 -1.81 122.61 6.70
CA LYS ND 57 -2.70 123.62 6.14
C LYS ND 57 -4.15 123.35 6.53
N VAL ND 58 -4.63 122.13 6.28
CA VAL ND 58 -6.04 121.83 6.51
C VAL ND 58 -6.35 121.80 8.00
N GLU ND 59 -5.41 121.32 8.83
CA GLU ND 59 -5.63 121.28 10.27
C GLU ND 59 -5.68 122.68 10.85
N LYS ND 60 -4.73 123.54 10.45
CA LYS ND 60 -4.69 124.91 10.92
C LYS ND 60 -5.93 125.69 10.50
N VAL ND 61 -6.39 125.49 9.27
CA VAL ND 61 -7.53 126.28 8.83
C VAL ND 61 -8.84 125.71 9.33
N ILE ND 62 -8.91 124.43 9.71
CA ILE ND 62 -10.19 123.90 10.19
C ILE ND 62 -10.30 124.03 11.70
N THR ND 63 -9.19 124.24 12.40
CA THR ND 63 -9.31 124.38 13.84
C THR ND 63 -8.98 125.81 14.25
N PRO ND 64 -9.78 126.43 15.10
CA PRO ND 64 -9.53 127.81 15.50
C PRO ND 64 -8.54 127.87 16.65
N PRO ND 65 -7.41 128.54 16.47
CA PRO ND 65 -6.50 128.78 17.59
C PRO ND 65 -7.12 129.80 18.54
N SER ND 66 -6.74 129.70 19.81
CA SER ND 66 -7.32 130.58 20.82
C SER ND 66 -6.28 131.22 21.71
N LYS ND 67 -5.15 130.56 21.92
CA LYS ND 67 -4.19 131.04 22.90
C LYS ND 67 -2.81 130.48 22.56
N ASP ND 68 -1.83 130.85 23.38
CA ASP ND 68 -0.49 130.29 23.29
C ASP ND 68 0.13 130.33 24.69
N ASN ND 69 1.21 129.57 24.85
CA ASN ND 69 1.85 129.35 26.13
C ASN ND 69 2.66 130.55 26.64
N THR ND 70 2.61 131.70 25.98
CA THR ND 70 3.29 132.88 26.51
C THR ND 70 2.66 133.35 27.80
N LEU ND 71 1.34 133.23 27.91
CA LEU ND 71 0.67 133.57 29.17
C LEU ND 71 0.97 132.55 30.25
N THR ND 72 1.27 131.31 29.87
CA THR ND 72 1.66 130.31 30.85
C THR ND 72 3.07 130.59 31.36
N ILE ND 73 4.05 130.56 30.48
CA ILE ND 73 5.42 130.87 30.83
C ILE ND 73 5.75 132.23 30.23
N PRO ND 74 5.89 133.27 31.04
CA PRO ND 74 6.41 134.54 30.54
C PRO ND 74 7.92 134.55 30.58
N ASN ND 75 8.52 135.68 30.23
CA ASN ND 75 9.96 135.81 30.17
C ASN ND 75 10.43 136.77 31.26
N ALA ND 76 11.56 136.43 31.88
CA ALA ND 76 12.14 137.31 32.89
C ALA ND 76 13.58 137.61 32.54
N TYR ND 77 14.26 138.35 33.40
CA TYR ND 77 15.69 138.56 33.23
C TYR ND 77 16.44 137.27 33.51
N ASN ND 78 17.71 137.24 33.06
CA ASN ND 78 18.63 136.10 32.99
C ASN ND 78 17.95 134.85 32.45
N LEU ND 79 17.09 135.04 31.45
CA LEU ND 79 16.50 133.96 30.69
C LEU ND 79 16.91 134.01 29.24
N GLN ND 80 17.78 134.95 28.88
CA GLN ND 80 18.10 135.24 27.48
C GLN ND 80 19.45 134.70 27.09
N ALA ND 81 19.94 133.67 27.77
CA ALA ND 81 21.14 133.01 27.34
C ALA ND 81 20.86 132.21 26.07
N ARG ND 82 21.77 132.32 25.11
CA ARG ND 82 21.68 131.53 23.90
C ARG ND 82 22.11 130.10 24.19
N ALA ND 83 21.62 129.19 23.35
CA ALA ND 83 22.03 127.79 23.43
C ALA ND 83 21.82 127.13 22.08
N SER ND 84 22.84 126.42 21.59
CA SER ND 84 22.68 125.44 20.53
C SER ND 84 22.67 124.07 21.18
N VAL ND 85 21.66 123.27 20.87
CA VAL ND 85 21.31 122.11 21.69
C VAL ND 85 20.85 120.98 20.79
N ASP ND 86 21.43 119.80 20.97
CA ASP ND 86 20.92 118.57 20.40
C ASP ND 86 20.68 117.56 21.51
N TRP ND 87 19.52 116.93 21.50
CA TRP ND 87 19.14 115.99 22.54
C TRP ND 87 18.12 115.03 21.95
N SER ND 88 18.23 113.76 22.31
CA SER ND 88 17.36 112.74 21.72
C SER ND 88 16.93 111.71 22.74
N GLY ND 89 16.53 112.14 23.94
CA GLY ND 89 16.21 111.20 24.98
C GLY ND 89 14.99 111.56 25.81
N PRO ND 90 15.03 111.21 27.09
CA PRO ND 90 13.94 111.62 28.00
C PRO ND 90 14.03 113.09 28.36
N ILE ND 91 13.15 113.54 29.25
CA ILE ND 91 12.89 114.96 29.46
C ILE ND 91 13.54 115.49 30.73
N GLU ND 92 13.43 114.72 31.82
CA GLU ND 92 13.67 115.26 33.17
C GLU ND 92 15.11 115.64 33.39
N GLU ND 93 16.05 114.83 32.91
CA GLU ND 93 17.47 115.13 33.06
C GLU ND 93 17.84 116.40 32.31
N LEU ND 94 17.31 116.55 31.11
CA LEU ND 94 17.54 117.73 30.29
C LEU ND 94 16.99 118.99 30.96
N THR ND 95 15.76 118.90 31.49
CA THR ND 95 15.16 120.05 32.16
C THR ND 95 15.88 120.40 33.45
N ALA ND 96 16.38 119.39 34.17
CA ALA ND 96 17.11 119.65 35.40
C ALA ND 96 18.42 120.37 35.10
N ARG ND 97 19.13 119.96 34.06
CA ARG ND 97 20.35 120.67 33.69
C ARG ND 97 20.04 122.08 33.19
N ILE ND 98 18.90 122.27 32.54
CA ILE ND 98 18.48 123.60 32.10
C ILE ND 98 18.22 124.51 33.30
N ALA ND 99 17.51 124.00 34.31
CA ALA ND 99 17.21 124.81 35.49
C ALA ND 99 18.47 125.10 36.29
N LYS ND 100 19.40 124.12 36.34
CA LYS ND 100 20.68 124.32 37.01
C LYS ND 100 21.48 125.42 36.32
N ALA ND 101 21.42 125.49 34.99
CA ALA ND 101 21.96 126.65 34.31
C ALA ND 101 21.19 127.92 34.64
N ALA ND 102 19.88 127.80 34.85
CA ALA ND 102 19.03 128.95 35.04
C ALA ND 102 19.11 129.54 36.44
N HIS ND 103 19.80 128.86 37.36
CA HIS ND 103 19.88 129.22 38.78
C HIS ND 103 18.51 129.26 39.42
N PHE ND 104 17.62 128.41 38.96
CA PHE ND 104 16.24 128.39 39.42
C PHE ND 104 15.94 127.07 40.10
N ARG ND 105 15.05 127.11 41.09
CA ARG ND 105 14.65 125.87 41.72
C ARG ND 105 13.69 125.12 40.82
N PHE ND 106 13.72 123.80 40.91
CA PHE ND 106 12.98 122.95 40.00
C PHE ND 106 12.12 121.97 40.79
N ARG ND 107 10.85 121.84 40.40
CA ARG ND 107 9.90 121.00 41.11
C ARG ND 107 9.19 120.08 40.13
N VAL ND 108 8.81 118.91 40.62
CA VAL ND 108 8.09 117.94 39.82
C VAL ND 108 6.76 117.64 40.49
N LEU ND 109 5.78 117.30 39.65
CA LEU ND 109 4.42 117.07 40.09
C LEU ND 109 3.84 115.88 39.34
N GLY ND 110 3.12 115.04 40.07
CA GLY ND 110 2.53 113.87 39.48
C GLY ND 110 3.46 112.68 39.52
N LYS ND 111 3.10 111.68 38.72
CA LYS ND 111 3.85 110.46 38.61
C LYS ND 111 4.34 110.30 37.19
N SER ND 112 5.57 109.85 37.04
CA SER ND 112 6.06 109.52 35.71
C SER ND 112 5.35 108.26 35.24
N PRO ND 113 4.70 108.28 34.09
CA PRO ND 113 4.10 107.06 33.55
C PRO ND 113 5.18 106.07 33.14
N SER ND 114 4.81 104.79 33.18
CA SER ND 114 5.76 103.72 32.92
C SER ND 114 6.25 103.74 31.48
N VAL ND 115 5.40 104.16 30.54
CA VAL ND 115 5.89 104.50 29.22
C VAL ND 115 6.58 105.86 29.36
N PRO ND 116 7.85 105.96 29.00
CA PRO ND 116 8.54 107.24 29.10
C PRO ND 116 8.11 108.18 27.99
N VAL ND 117 8.29 109.47 28.24
CA VAL ND 117 7.99 110.51 27.27
C VAL ND 117 9.32 110.94 26.65
N LEU ND 118 9.48 110.67 25.36
CA LEU ND 118 10.75 110.86 24.69
C LEU ND 118 10.78 112.20 23.98
N ILE ND 119 11.97 112.80 23.94
CA ILE ND 119 12.15 114.13 23.39
C ILE ND 119 13.12 114.04 22.22
N SER ND 120 12.80 114.74 21.13
CA SER ND 120 13.70 114.91 20.00
C SER ND 120 13.87 116.40 19.76
N ILE ND 121 15.09 116.89 19.96
CA ILE ND 121 15.39 118.31 19.86
C ILE ND 121 16.70 118.49 19.11
N SER ND 122 16.68 119.34 18.08
CA SER ND 122 17.90 119.77 17.40
C SER ND 122 17.71 121.23 17.01
N THR ND 123 18.41 122.13 17.69
CA THR ND 123 18.19 123.56 17.52
C THR ND 123 19.49 124.30 17.74
N LYS ND 124 19.51 125.56 17.31
CA LYS ND 124 20.74 126.36 17.32
C LYS ND 124 20.42 127.76 17.77
N ASP ND 125 21.19 128.26 18.75
CA ASP ND 125 21.28 129.67 19.13
C ASP ND 125 19.92 130.24 19.55
N GLU ND 126 19.41 129.73 20.67
CA GLU ND 126 18.02 129.91 21.00
C GLU ND 126 17.85 130.37 22.45
N SER ND 127 16.71 131.01 22.70
CA SER ND 127 16.36 131.44 24.04
C SER ND 127 16.05 130.24 24.92
N LEU ND 128 16.33 130.39 26.20
CA LEU ND 128 15.95 129.37 27.16
C LEU ND 128 14.44 129.24 27.25
N ALA ND 129 13.74 130.38 27.26
CA ALA ND 129 12.29 130.37 27.39
C ALA ND 129 11.62 129.78 26.16
N GLU ND 130 12.11 130.13 24.97
CA GLU ND 130 11.49 129.58 23.77
C GLU ND 130 11.90 128.13 23.57
N ILE ND 131 13.07 127.73 24.07
CA ILE ND 131 13.43 126.32 24.11
C ILE ND 131 12.45 125.56 24.98
N LEU ND 132 12.06 126.16 26.12
CA LEU ND 132 11.07 125.55 26.98
C LEU ND 132 9.70 125.50 26.33
N ARG ND 133 9.37 126.52 25.54
CA ARG ND 133 8.11 126.51 24.79
C ARG ND 133 8.09 125.41 23.75
N ASP ND 134 9.23 125.20 23.06
CA ASP ND 134 9.33 124.10 22.11
C ASP ND 134 9.22 122.75 22.81
N ILE ND 135 9.79 122.65 24.01
CA ILE ND 135 9.68 121.43 24.80
C ILE ND 135 8.22 121.16 25.16
N ASP ND 136 7.51 122.19 25.59
CA ASP ND 136 6.10 122.03 25.95
C ASP ND 136 5.26 121.67 24.74
N TYR ND 137 5.54 122.27 23.60
CA TYR ND 137 4.80 121.93 22.38
C TYR ND 137 5.11 120.53 21.91
N GLN ND 138 6.34 120.05 22.11
CA GLN ND 138 6.64 118.66 21.81
C GLN ND 138 5.96 117.73 22.79
N ALA ND 139 5.80 118.16 24.03
CA ALA ND 139 5.11 117.34 25.03
C ALA ND 139 3.63 117.21 24.71
N GLY ND 140 3.00 118.33 24.35
CA GLY ND 140 1.60 118.33 24.00
C GLY ND 140 0.68 118.01 25.14
N LYS ND 141 0.04 116.83 25.08
CA LYS ND 141 -0.92 116.40 26.09
C LYS ND 141 -0.29 115.57 27.19
N LYS ND 142 1.04 115.43 27.17
CA LYS ND 142 1.70 114.54 28.12
C LYS ND 142 2.15 115.25 29.38
N ALA ND 143 2.70 116.43 29.26
CA ALA ND 143 3.23 117.12 30.42
C ALA ND 143 3.06 118.62 30.23
N SER ND 144 3.18 119.36 31.33
CA SER ND 144 3.15 120.80 31.27
C SER ND 144 4.29 121.38 32.09
N ILE ND 145 4.78 122.53 31.67
CA ILE ND 145 5.87 123.22 32.33
C ILE ND 145 5.46 124.67 32.56
N HIS ND 146 5.56 125.12 33.80
CA HIS ND 146 5.26 126.50 34.15
C HIS ND 146 6.47 127.14 34.79
N VAL ND 147 6.62 128.44 34.60
CA VAL ND 147 7.67 129.20 35.27
C VAL ND 147 7.01 130.14 36.25
N TYR ND 148 7.76 130.47 37.31
CA TYR ND 148 7.33 131.50 38.24
C TYR ND 148 8.56 132.34 38.57
N PRO ND 149 8.62 133.57 38.06
CA PRO ND 149 9.83 134.38 38.19
C PRO ND 149 9.94 135.03 39.55
N ASN ND 150 8.79 135.27 40.18
CA ASN ND 150 8.77 135.79 41.54
C ASN ND 150 9.38 134.81 42.51
N SER ND 151 9.06 133.53 42.37
CA SER ND 151 9.67 132.49 43.19
C SER ND 151 10.89 131.87 42.55
N GLN ND 152 11.18 132.21 41.28
CA GLN ND 152 12.35 131.73 40.54
C GLN ND 152 12.37 130.21 40.45
N VAL ND 153 11.24 129.66 40.06
CA VAL ND 153 11.06 128.20 40.03
C VAL ND 153 10.49 127.78 38.70
N VAL ND 154 10.77 126.53 38.34
CA VAL ND 154 10.21 125.86 37.18
C VAL ND 154 9.52 124.60 37.65
N GLU ND 155 8.25 124.47 37.31
CA GLU ND 155 7.42 123.36 37.74
C GLU ND 155 7.09 122.50 36.54
N LEU ND 156 7.40 121.21 36.63
CA LEU ND 156 7.06 120.25 35.59
C LEU ND 156 6.04 119.28 36.15
N ARG ND 157 4.90 119.16 35.48
CA ARG ND 157 3.83 118.29 35.92
C ARG ND 157 3.51 117.27 34.85
N TYR ND 158 3.34 116.02 35.27
CA TYR ND 158 2.83 114.99 34.38
C TYR ND 158 1.33 115.11 34.27
N ALA ND 159 0.78 114.71 33.13
CA ALA ND 159 -0.64 114.83 32.91
C ALA ND 159 -1.40 113.75 33.66
N LYS ND 160 -2.53 114.14 34.24
CA LYS ND 160 -3.43 113.19 34.86
C LYS ND 160 -4.26 112.54 33.76
N ILE ND 161 -4.09 111.23 33.57
CA ILE ND 161 -4.76 110.50 32.52
C ILE ND 161 -5.27 109.18 33.11
N TYR ND 162 -6.28 108.62 32.44
CA TYR ND 162 -6.98 107.37 32.81
C TYR ND 162 -7.62 107.51 34.18
N GLN OD 791 -110.19 44.12 -1.27
CA GLN OD 791 -108.98 44.90 -1.52
C GLN OD 791 -107.75 44.11 -1.09
N GLN OD 792 -107.90 42.79 -1.08
CA GLN OD 792 -106.77 41.88 -0.88
C GLN OD 792 -105.86 41.86 -2.10
N GLU OD 793 -106.41 42.17 -3.27
CA GLU OD 793 -105.60 42.30 -4.47
C GLU OD 793 -104.61 43.45 -4.36
N ILE OD 794 -104.98 44.49 -3.62
CA ILE OD 794 -104.09 45.63 -3.40
C ILE OD 794 -102.84 45.19 -2.64
N GLN OD 795 -103.04 44.49 -1.51
CA GLN OD 795 -101.89 44.11 -0.70
C GLN OD 795 -101.10 42.98 -1.36
N GLN OD 796 -101.76 42.10 -2.11
CA GLN OD 796 -101.03 41.06 -2.83
C GLN OD 796 -100.16 41.65 -3.94
N ARG OD 797 -100.71 42.61 -4.68
CA ARG OD 797 -99.95 43.32 -5.71
C ARG OD 797 -98.80 44.11 -5.11
N THR OD 798 -99.04 44.74 -3.96
CA THR OD 798 -97.99 45.45 -3.25
C THR OD 798 -96.88 44.50 -2.81
N SER OD 799 -97.27 43.30 -2.37
CA SER OD 799 -96.28 42.32 -1.92
C SER OD 799 -95.40 41.83 -3.07
N ASP OD 800 -96.02 41.48 -4.21
CA ASP OD 800 -95.20 40.95 -5.31
C ASP OD 800 -94.34 42.05 -5.94
N MET OD 801 -94.91 43.26 -6.07
CA MET OD 801 -94.14 44.39 -6.56
C MET OD 801 -93.04 44.77 -5.59
N LEU OD 802 -93.26 44.57 -4.29
CA LEU OD 802 -92.23 44.87 -3.30
C LEU OD 802 -91.09 43.86 -3.37
N THR OD 803 -91.41 42.58 -3.59
CA THR OD 803 -90.37 41.57 -3.77
C THR OD 803 -89.54 41.87 -5.01
N ALA OD 804 -90.23 42.22 -6.11
CA ALA OD 804 -89.52 42.56 -7.34
C ALA OD 804 -88.69 43.82 -7.17
N ALA OD 805 -89.19 44.80 -6.42
CA ALA OD 805 -88.46 46.05 -6.23
C ALA OD 805 -87.26 45.88 -5.31
N THR OD 806 -87.38 45.03 -4.28
CA THR OD 806 -86.24 44.75 -3.42
C THR OD 806 -85.15 44.03 -4.20
N GLN OD 807 -85.55 43.10 -5.06
CA GLN OD 807 -84.60 42.49 -5.97
C GLN OD 807 -83.97 43.52 -6.90
N LEU OD 808 -84.79 44.47 -7.38
CA LEU OD 808 -84.29 45.49 -8.29
C LEU OD 808 -83.29 46.42 -7.61
N VAL OD 809 -83.53 46.81 -6.37
CA VAL OD 809 -82.62 47.74 -5.73
C VAL OD 809 -81.34 47.04 -5.28
N GLN OD 810 -81.41 45.75 -4.90
CA GLN OD 810 -80.16 45.06 -4.65
C GLN OD 810 -79.43 44.72 -5.96
N ASP OD 811 -80.13 44.75 -7.08
CA ASP OD 811 -79.45 44.73 -8.38
C ASP OD 811 -78.82 46.07 -8.71
N TRP OD 812 -79.48 47.17 -8.34
CA TRP OD 812 -78.91 48.49 -8.59
C TRP OD 812 -77.68 48.73 -7.73
N LYS OD 813 -77.63 48.12 -6.55
CA LYS OD 813 -76.60 48.46 -5.58
C LYS OD 813 -75.21 47.99 -6.02
N GLN OD 814 -75.08 46.74 -6.44
CA GLN OD 814 -73.76 46.18 -6.64
C GLN OD 814 -73.16 46.64 -7.95
N VAL OD 815 -71.85 46.88 -7.93
CA VAL OD 815 -71.05 47.22 -9.10
C VAL OD 815 -69.73 46.49 -8.96
N GLU OD 816 -69.38 45.68 -9.94
CA GLU OD 816 -68.14 44.93 -9.86
C GLU OD 816 -66.94 45.84 -10.14
N THR OD 817 -65.76 45.30 -9.88
CA THR OD 817 -64.54 46.07 -10.06
C THR OD 817 -64.07 45.96 -11.51
N GLN OD 818 -62.85 46.41 -11.75
CA GLN OD 818 -62.24 46.39 -13.07
C GLN OD 818 -61.29 45.20 -13.16
N VAL OD 819 -60.57 45.12 -14.28
CA VAL OD 819 -59.42 44.23 -14.42
C VAL OD 819 -58.25 45.04 -14.96
N TYR OD 820 -57.05 44.50 -14.78
CA TYR OD 820 -55.84 45.08 -15.36
C TYR OD 820 -54.99 43.96 -15.89
N THR OD 821 -54.67 44.01 -17.17
CA THR OD 821 -53.99 42.91 -17.84
C THR OD 821 -52.83 43.44 -18.68
N GLU OD 822 -51.68 42.79 -18.54
CA GLU OD 822 -50.47 43.12 -19.28
C GLU OD 822 -49.84 41.82 -19.78
N GLY OD 823 -48.81 41.98 -20.61
CA GLY OD 823 -48.02 40.85 -21.06
C GLY OD 823 -46.89 41.32 -21.96
N THR OD 824 -45.68 40.86 -21.68
CA THR OD 824 -44.52 41.28 -22.46
C THR OD 824 -43.42 40.23 -22.42
N ALA PD 104 -115.91 6.57 -35.96
CA ALA PD 104 -115.64 7.09 -34.62
C ALA PD 104 -114.24 7.67 -34.54
N GLU PD 105 -113.69 8.04 -35.68
CA GLU PD 105 -112.32 8.52 -35.77
C GLU PD 105 -112.21 10.02 -35.53
N VAL PD 106 -113.34 10.74 -35.59
CA VAL PD 106 -113.36 12.16 -35.28
C VAL PD 106 -113.05 12.40 -33.81
N ILE PD 107 -113.39 11.43 -32.96
CA ILE PD 107 -113.01 11.48 -31.55
C ILE PD 107 -111.49 11.46 -31.40
N ASP PD 108 -110.82 10.60 -32.18
CA ASP PD 108 -109.37 10.52 -32.14
C ASP PD 108 -108.72 11.79 -32.70
N LYS PD 109 -109.29 12.34 -33.77
CA LYS PD 109 -108.79 13.59 -34.33
C LYS PD 109 -108.94 14.74 -33.35
N LYS PD 110 -110.08 14.81 -32.66
CA LYS PD 110 -110.31 15.83 -31.65
C LYS PD 110 -109.34 15.65 -30.49
N ALA PD 111 -109.05 14.40 -30.13
CA ALA PD 111 -108.07 14.10 -29.09
C ALA PD 111 -106.68 14.59 -29.48
N PHE PD 112 -106.31 14.41 -30.75
CA PHE PD 112 -105.03 14.92 -31.25
C PHE PD 112 -104.99 16.44 -31.17
N LYS PD 113 -106.10 17.09 -31.51
CA LYS PD 113 -106.17 18.54 -31.45
C LYS PD 113 -106.01 19.07 -30.03
N ASP PD 114 -106.73 18.47 -29.08
CA ASP PD 114 -106.64 18.99 -27.72
C ASP PD 114 -105.32 18.62 -27.04
N MET PD 115 -104.73 17.47 -27.39
CA MET PD 115 -103.42 17.16 -26.80
C MET PD 115 -102.35 18.07 -27.36
N THR PD 116 -102.46 18.46 -28.63
CA THR PD 116 -101.56 19.49 -29.17
C THR PD 116 -101.74 20.81 -28.43
N ARG PD 117 -103.01 21.15 -28.14
CA ARG PD 117 -103.32 22.39 -27.43
C ARG PD 117 -102.72 22.41 -26.02
N ASN PD 118 -102.93 21.35 -25.25
CA ASN PD 118 -102.38 21.35 -23.89
C ASN PD 118 -100.89 21.08 -23.87
N LEU PD 119 -100.33 20.46 -24.92
CA LEU PD 119 -98.89 20.28 -24.97
C LEU PD 119 -98.18 21.60 -25.24
N TYR PD 120 -98.72 22.40 -26.15
CA TYR PD 120 -98.16 23.73 -26.41
C TYR PD 120 -99.24 24.76 -26.11
N PRO PD 121 -99.27 25.28 -24.88
CA PRO PD 121 -100.30 26.26 -24.51
C PRO PD 121 -100.12 27.63 -25.13
N LEU PD 122 -98.96 27.93 -25.72
CA LEU PD 122 -98.67 29.22 -26.29
C LEU PD 122 -98.48 29.11 -27.80
N ASN PD 123 -99.14 29.99 -28.55
CA ASN PD 123 -98.90 30.07 -29.97
C ASN PD 123 -97.53 30.72 -30.23
N PRO PD 124 -96.92 30.42 -31.39
CA PRO PD 124 -95.66 31.09 -31.75
C PRO PD 124 -95.77 32.60 -31.84
N GLU PD 125 -96.93 33.11 -32.23
CA GLU PD 125 -97.16 34.55 -32.23
C GLU PD 125 -97.07 35.14 -30.83
N GLN PD 126 -97.66 34.47 -29.84
CA GLN PD 126 -97.55 34.94 -28.47
C GLN PD 126 -96.14 34.72 -27.93
N VAL PD 127 -95.43 33.72 -28.46
CA VAL PD 127 -94.03 33.51 -28.08
C VAL PD 127 -93.19 34.70 -28.50
N VAL PD 128 -93.38 35.16 -29.74
CA VAL PD 128 -92.69 36.35 -30.22
C VAL PD 128 -93.15 37.59 -29.46
N LYS PD 129 -94.43 37.63 -29.10
CA LYS PD 129 -94.99 38.72 -28.30
C LYS PD 129 -94.29 38.83 -26.94
N LEU PD 130 -94.18 37.71 -26.23
CA LEU PD 130 -93.54 37.73 -24.92
C LEU PD 130 -92.04 37.93 -25.03
N LYS PD 131 -91.43 37.50 -26.14
CA LYS PD 131 -90.03 37.78 -26.37
C LYS PD 131 -89.79 39.28 -26.53
N GLN PD 132 -90.69 39.93 -27.27
CA GLN PD 132 -90.64 41.40 -27.40
C GLN PD 132 -90.89 42.07 -26.06
N ILE PD 133 -91.80 41.52 -25.26
CA ILE PD 133 -92.08 42.01 -23.91
C ILE PD 133 -90.84 41.89 -23.04
N TYR PD 134 -90.12 40.78 -23.17
CA TYR PD 134 -88.87 40.59 -22.45
C TYR PD 134 -87.82 41.59 -22.89
N GLU PD 135 -87.77 41.89 -24.20
CA GLU PD 135 -86.86 42.91 -24.72
C GLU PD 135 -87.15 44.27 -24.11
N THR PD 136 -88.43 44.63 -24.03
CA THR PD 136 -88.81 45.89 -23.40
C THR PD 136 -88.46 45.90 -21.92
N SER PD 137 -88.62 44.75 -21.25
CA SER PD 137 -88.29 44.65 -19.84
C SER PD 137 -86.81 44.83 -19.58
N GLU PD 138 -85.95 44.19 -20.38
CA GLU PD 138 -84.52 44.34 -20.15
C GLU PD 138 -84.03 45.71 -20.60
N TYR PD 139 -84.69 46.33 -21.58
CA TYR PD 139 -84.32 47.70 -21.92
C TYR PD 139 -84.68 48.67 -20.80
N ALA PD 140 -85.85 48.47 -20.17
CA ALA PD 140 -86.20 49.29 -19.02
C ALA PD 140 -85.30 48.99 -17.83
N LYS PD 141 -84.80 47.76 -17.74
CA LYS PD 141 -83.80 47.41 -16.74
C LYS PD 141 -82.51 48.17 -16.97
N ALA PD 142 -82.01 48.18 -18.20
CA ALA PD 142 -80.78 48.88 -18.52
C ALA PD 142 -80.96 50.39 -18.58
N ALA PD 143 -82.20 50.88 -18.58
CA ALA PD 143 -82.47 52.31 -18.68
C ALA PD 143 -82.07 53.03 -17.40
N THR PD 144 -81.29 54.09 -17.55
CA THR PD 144 -80.82 54.88 -16.43
C THR PD 144 -81.40 56.28 -16.50
N PRO PD 145 -81.77 56.87 -15.36
CA PRO PD 145 -82.34 58.21 -15.37
C PRO PD 145 -81.27 59.27 -15.65
N GLY PD 146 -81.76 60.47 -15.97
CA GLY PD 146 -80.89 61.59 -16.25
C GLY PD 146 -80.18 61.46 -17.59
N THR PD 147 -79.08 62.18 -17.71
CA THR PD 147 -78.25 62.10 -18.90
C THR PD 147 -76.82 61.76 -18.50
N PRO PD 148 -76.11 60.97 -19.32
CA PRO PD 148 -74.72 60.66 -19.00
C PRO PD 148 -73.84 61.88 -19.14
N PRO PD 149 -72.76 61.97 -18.38
CA PRO PD 149 -71.79 63.05 -18.59
C PRO PD 149 -71.05 62.87 -19.89
N LYS PD 150 -70.64 63.99 -20.47
CA LYS PD 150 -69.90 63.94 -21.73
C LYS PD 150 -68.49 63.45 -21.49
N PRO PD 151 -68.04 62.39 -22.17
CA PRO PD 151 -66.66 61.93 -22.00
C PRO PD 151 -65.67 62.90 -22.62
N THR PD 152 -64.69 63.31 -21.83
CA THR PD 152 -63.76 64.36 -22.20
C THR PD 152 -62.37 64.01 -21.72
N ALA PD 153 -61.37 64.65 -22.33
CA ALA PD 153 -59.99 64.60 -21.88
C ALA PD 153 -59.48 66.03 -21.79
N THR PD 154 -58.86 66.37 -20.66
CA THR PD 154 -58.49 67.75 -20.41
C THR PD 154 -57.10 67.85 -19.80
N SER PD 155 -56.51 69.03 -19.93
CA SER PD 155 -55.20 69.33 -19.39
C SER PD 155 -55.30 70.51 -18.45
N GLN PD 156 -54.71 70.36 -17.26
CA GLN PD 156 -54.69 71.43 -16.27
C GLN PD 156 -53.29 71.54 -15.69
N PHE PD 157 -53.00 72.72 -15.15
CA PHE PD 157 -51.70 73.04 -14.58
C PHE PD 157 -51.82 73.10 -13.07
N VAL PD 158 -51.04 72.28 -12.37
CA VAL PD 158 -51.06 72.30 -10.92
C VAL PD 158 -50.27 73.50 -10.41
N ASN PD 159 -50.49 73.85 -9.16
CA ASN PD 159 -49.80 74.97 -8.54
C ASN PD 159 -49.31 74.54 -7.17
N LEU PD 160 -48.04 74.82 -6.89
CA LEU PD 160 -47.40 74.45 -5.64
C LEU PD 160 -47.37 75.60 -4.64
N SER PD 161 -48.12 76.66 -4.90
CA SER PD 161 -48.21 77.75 -3.95
C SER PD 161 -48.96 77.30 -2.70
N PRO PD 162 -48.56 77.79 -1.51
CA PRO PD 162 -49.33 77.47 -0.30
C PRO PD 162 -50.75 78.03 -0.32
N GLY PD 163 -50.98 79.15 -0.98
CA GLY PD 163 -52.33 79.67 -1.13
C GLY PD 163 -53.10 79.09 -2.29
N SER PD 164 -52.51 78.18 -3.05
CA SER PD 164 -53.16 77.64 -4.25
C SER PD 164 -54.14 76.55 -3.87
N THR PD 165 -55.35 76.64 -4.43
CA THR PD 165 -56.35 75.62 -4.19
C THR PD 165 -55.99 74.35 -4.95
N PRO PD 166 -56.18 73.17 -4.35
CA PRO PD 166 -55.82 71.94 -5.04
C PRO PD 166 -56.83 71.60 -6.12
N PRO PD 167 -56.40 70.90 -7.17
CA PRO PD 167 -57.34 70.51 -8.23
C PRO PD 167 -58.32 69.42 -7.80
N VAL PD 168 -59.44 69.38 -8.52
CA VAL PD 168 -60.45 68.36 -8.37
C VAL PD 168 -60.38 67.44 -9.59
N ILE PD 169 -60.88 66.22 -9.40
CA ILE PD 169 -60.88 65.20 -10.45
C ILE PD 169 -62.29 64.66 -10.59
N ARG PD 170 -62.87 64.81 -11.79
CA ARG PD 170 -64.22 64.35 -12.06
C ARG PD 170 -64.25 62.85 -12.19
N LEU PD 171 -65.22 62.21 -11.56
CA LEU PD 171 -65.31 60.75 -11.52
C LEU PD 171 -66.70 60.29 -11.92
N SER PD 172 -66.76 59.05 -12.41
CA SER PD 172 -68.02 58.37 -12.66
C SER PD 172 -67.93 56.94 -12.11
N GLN PD 173 -69.07 56.46 -11.63
CA GLN PD 173 -69.11 55.18 -10.91
C GLN PD 173 -68.94 54.02 -11.88
N GLY PD 174 -67.89 53.24 -11.67
CA GLY PD 174 -67.62 52.11 -12.53
C GLY PD 174 -66.91 52.45 -13.82
N PHE PD 175 -66.17 53.56 -13.86
CA PHE PD 175 -65.46 53.95 -15.07
C PHE PD 175 -64.02 54.31 -14.75
N VAL PD 176 -63.13 53.84 -15.60
CA VAL PD 176 -61.70 54.07 -15.40
C VAL PD 176 -61.35 55.47 -15.89
N SER PD 177 -60.71 56.25 -15.02
CA SER PD 177 -60.23 57.58 -15.37
C SER PD 177 -58.73 57.62 -15.15
N SER PD 178 -58.02 58.23 -16.09
CA SER PD 178 -56.56 58.23 -16.10
C SER PD 178 -56.03 59.61 -15.76
N LEU PD 179 -54.97 59.63 -14.93
CA LEU PD 179 -54.23 60.84 -14.62
C LEU PD 179 -52.81 60.65 -15.12
N VAL PD 180 -52.33 61.57 -15.95
CA VAL PD 180 -50.98 61.53 -16.50
C VAL PD 180 -50.30 62.85 -16.18
N PHE PD 181 -49.08 62.77 -15.65
CA PHE PD 181 -48.37 63.93 -15.12
C PHE PD 181 -47.18 64.28 -16.00
N LEU PD 182 -47.10 65.56 -16.36
CA LEU PD 182 -46.02 66.10 -17.16
C LEU PD 182 -45.33 67.21 -16.39
N ASP PD 183 -44.04 67.42 -16.67
CA ASP PD 183 -43.28 68.43 -15.98
C ASP PD 183 -43.47 69.78 -16.69
N SER PD 184 -42.60 70.75 -16.36
CA SER PD 184 -42.62 72.04 -17.03
C SER PD 184 -42.27 71.90 -18.51
N THR PD 185 -41.39 70.96 -18.86
CA THR PD 185 -41.09 70.67 -20.25
C THR PD 185 -42.11 69.74 -20.89
N GLY PD 186 -43.07 69.23 -20.11
CA GLY PD 186 -44.06 68.30 -20.63
C GLY PD 186 -43.63 66.86 -20.63
N ALA PD 187 -42.39 66.57 -20.24
CA ALA PD 187 -41.92 65.20 -20.20
C ALA PD 187 -42.58 64.44 -19.05
N PRO PD 188 -42.78 63.13 -19.20
CA PRO PD 188 -43.41 62.37 -18.12
C PRO PD 188 -42.53 62.27 -16.88
N TRP PD 189 -43.18 62.13 -15.74
CA TRP PD 189 -42.49 62.04 -14.46
C TRP PD 189 -43.09 60.90 -13.66
N PRO PD 190 -42.34 59.81 -13.47
CA PRO PD 190 -42.91 58.62 -12.83
C PRO PD 190 -43.13 58.81 -11.34
N ILE PD 191 -43.93 57.92 -10.79
CA ILE PD 191 -44.41 58.01 -9.42
C ILE PD 191 -43.55 57.13 -8.52
N ALA PD 192 -43.30 57.61 -7.30
CA ALA PD 192 -42.69 56.78 -6.26
C ALA PD 192 -43.72 56.17 -5.33
N ALA PD 193 -44.71 56.94 -4.89
CA ALA PD 193 -45.66 56.43 -3.91
C ALA PD 193 -46.98 57.18 -4.02
N TYR PD 194 -48.02 56.59 -3.45
CA TYR PD 194 -49.32 57.25 -3.40
C TYR PD 194 -50.11 56.71 -2.22
N ASP PD 195 -51.08 57.50 -1.77
CA ASP PD 195 -51.96 57.09 -0.69
C ASP PD 195 -53.32 57.74 -0.87
N LEU PD 196 -54.36 56.91 -0.91
CA LEU PD 196 -55.71 57.34 -1.22
C LEU PD 196 -56.60 57.12 0.00
N GLY PD 197 -57.31 58.17 0.41
CA GLY PD 197 -58.30 57.99 1.46
C GLY PD 197 -59.54 57.29 0.92
N ASP PD 198 -60.12 56.41 1.76
CA ASP PD 198 -61.27 55.55 1.45
C ASP PD 198 -61.09 54.73 0.17
N PRO PD 199 -60.29 53.66 0.18
CA PRO PD 199 -60.24 52.78 -1.00
C PRO PD 199 -61.48 51.91 -1.21
N SER PD 200 -62.57 52.09 -0.44
CA SER PD 200 -63.81 51.41 -0.79
C SER PD 200 -64.45 52.02 -2.02
N SER PD 201 -64.38 53.35 -2.14
CA SER PD 201 -65.08 54.04 -3.21
C SER PD 201 -64.37 53.87 -4.55
N PHE PD 202 -63.05 53.79 -4.53
CA PHE PD 202 -62.26 53.74 -5.77
C PHE PD 202 -61.17 52.70 -5.65
N ASN PD 203 -60.71 52.21 -6.80
CA ASN PD 203 -59.63 51.24 -6.88
C ASN PD 203 -58.51 51.81 -7.74
N ILE PD 204 -57.28 51.57 -7.33
CA ILE PD 204 -56.09 52.06 -8.02
C ILE PD 204 -55.32 50.87 -8.58
N GLN PD 205 -54.98 50.94 -9.86
CA GLN PD 205 -54.04 50.01 -10.48
C GLN PD 205 -52.80 50.80 -10.86
N TRP PD 206 -51.63 50.31 -10.45
CA TRP PD 206 -50.40 51.07 -10.67
C TRP PD 206 -49.21 50.12 -10.76
N ASP PD 207 -48.70 49.92 -11.96
CA ASP PD 207 -47.39 49.32 -12.09
C ASP PD 207 -46.33 50.32 -11.62
N LYS PD 208 -45.18 49.78 -11.23
CA LYS PD 208 -44.23 50.55 -10.43
C LYS PD 208 -43.52 51.64 -11.24
N THR PD 209 -43.31 51.42 -12.53
CA THR PD 209 -42.60 52.39 -13.35
C THR PD 209 -43.52 53.37 -14.06
N SER PD 210 -44.83 53.26 -13.85
CA SER PD 210 -45.78 54.08 -14.57
C SER PD 210 -45.90 55.47 -13.95
N ASN PD 211 -46.47 56.38 -14.73
CA ASN PD 211 -46.87 57.69 -14.23
C ASN PD 211 -48.34 57.98 -14.47
N THR PD 212 -49.08 57.03 -15.04
CA THR PD 212 -50.50 57.20 -15.30
C THR PD 212 -51.29 56.37 -14.32
N LEU PD 213 -52.28 56.99 -13.68
CA LEU PD 213 -53.05 56.38 -12.61
C LEU PD 213 -54.48 56.15 -13.07
N MET PD 214 -55.07 55.05 -12.60
CA MET PD 214 -56.41 54.65 -12.96
C MET PD 214 -57.30 54.66 -11.72
N ILE PD 215 -58.46 55.32 -11.85
CA ILE PD 215 -59.42 55.45 -10.76
C ILE PD 215 -60.76 54.93 -11.26
N GLN PD 216 -61.37 54.02 -10.51
CA GLN PD 216 -62.63 53.41 -10.90
C GLN PD 216 -63.60 53.52 -9.72
N ALA PD 217 -64.56 54.42 -9.83
CA ALA PD 217 -65.43 54.75 -8.71
C ALA PD 217 -66.50 53.69 -8.52
N THR PD 218 -66.95 53.55 -7.26
CA THR PD 218 -67.99 52.61 -6.91
C THR PD 218 -69.25 53.28 -6.37
N LYS PD 219 -69.15 54.51 -5.89
CA LYS PD 219 -70.30 55.24 -5.38
C LYS PD 219 -70.57 56.43 -6.29
N LEU PD 220 -71.61 57.18 -5.96
CA LEU PD 220 -72.06 58.30 -6.80
C LEU PD 220 -71.69 59.66 -6.22
N TYR PD 221 -71.95 59.88 -4.94
CA TYR PD 221 -71.80 61.19 -4.34
C TYR PD 221 -70.87 61.14 -3.13
N ASN PD 222 -69.98 60.16 -3.09
CA ASN PD 222 -69.02 60.01 -2.01
C ASN PD 222 -67.65 60.38 -2.55
N TYR PD 223 -67.09 61.47 -2.05
CA TYR PD 223 -65.86 62.06 -2.56
C TYR PD 223 -64.70 61.78 -1.62
N GLY PD 224 -63.49 61.80 -2.18
CA GLY PD 224 -62.31 61.47 -1.41
C GLY PD 224 -61.11 62.36 -1.69
N ASN PD 225 -59.95 62.01 -1.12
CA ASN PD 225 -58.75 62.79 -1.30
C ASN PD 225 -57.57 61.86 -1.52
N LEU PD 226 -56.54 62.39 -2.17
CA LEU PD 226 -55.43 61.54 -2.62
C LEU PD 226 -54.12 62.33 -2.57
N ALA PD 227 -53.04 61.65 -2.15
CA ALA PD 227 -51.71 62.24 -2.11
C ALA PD 227 -50.76 61.41 -2.95
N VAL PD 228 -49.97 62.08 -3.78
CA VAL PD 228 -49.09 61.46 -4.76
C VAL PD 228 -47.68 62.00 -4.57
N ARG PD 229 -46.68 61.13 -4.60
CA ARG PD 229 -45.29 61.56 -4.61
C ARG PD 229 -44.58 60.91 -5.79
N LEU PD 230 -44.02 61.76 -6.66
CA LEU PD 230 -43.36 61.31 -7.88
C LEU PD 230 -41.94 60.84 -7.57
N ARG PD 231 -41.17 60.59 -8.63
CA ARG PD 231 -39.83 60.04 -8.46
C ARG PD 231 -38.83 61.08 -7.95
N GLY PD 232 -39.16 62.37 -8.07
CA GLY PD 232 -38.25 63.39 -7.59
C GLY PD 232 -38.91 64.50 -6.81
N LEU PD 233 -40.24 64.45 -6.71
CA LEU PD 233 -41.00 65.54 -6.09
C LEU PD 233 -40.85 65.47 -4.58
N ASN PD 234 -40.13 66.44 -4.01
CA ASN PD 234 -40.13 66.59 -2.57
C ASN PD 234 -41.50 66.98 -2.05
N THR PD 235 -42.17 67.86 -2.76
CA THR PD 235 -43.51 68.27 -2.37
C THR PD 235 -44.53 67.18 -2.72
N PRO PD 236 -45.56 67.01 -1.91
CA PRO PD 236 -46.64 66.09 -2.26
C PRO PD 236 -47.60 66.70 -3.28
N VAL PD 237 -48.44 65.85 -3.84
CA VAL PD 237 -49.48 66.24 -4.78
C VAL PD 237 -50.82 65.90 -4.15
N MET PD 238 -51.64 66.92 -3.92
CA MET PD 238 -52.88 66.79 -3.17
C MET PD 238 -54.05 66.99 -4.11
N LEU PD 239 -54.88 65.97 -4.26
CA LEU PD 239 -55.98 65.98 -5.23
C LEU PD 239 -57.29 65.66 -4.54
N THR PD 240 -58.35 66.34 -4.93
CA THR PD 240 -59.68 66.06 -4.40
C THR PD 240 -60.51 65.36 -5.48
N LEU PD 241 -60.93 64.14 -5.20
CA LEU PD 241 -61.58 63.30 -6.18
C LEU PD 241 -63.08 63.32 -5.94
N ILE PD 242 -63.84 63.76 -6.92
CA ILE PD 242 -65.26 64.03 -6.77
C ILE PD 242 -66.04 63.29 -7.84
N PRO PD 243 -66.91 62.37 -7.48
CA PRO PD 243 -67.85 61.80 -8.45
C PRO PD 243 -69.16 62.56 -8.49
N GLY PD 244 -70.10 62.11 -9.32
CA GLY PD 244 -71.39 62.75 -9.42
C GLY PD 244 -71.34 64.10 -10.09
N GLN PD 245 -71.06 64.11 -11.39
CA GLN PD 245 -70.87 65.35 -12.12
C GLN PD 245 -71.43 65.19 -13.53
N LYS PD 246 -71.66 66.33 -14.17
CA LYS PD 246 -72.20 66.38 -15.52
C LYS PD 246 -71.13 66.27 -16.60
N ALA PD 247 -69.86 66.16 -16.23
CA ALA PD 247 -68.77 65.97 -17.17
C ALA PD 247 -67.76 65.00 -16.57
N VAL PD 248 -67.25 64.09 -17.40
CA VAL PD 248 -66.26 63.11 -16.99
C VAL PD 248 -64.96 63.39 -17.73
N ASP PD 249 -63.87 63.52 -16.97
CA ASP PD 249 -62.54 63.65 -17.53
C ASP PD 249 -61.92 62.26 -17.58
N TYR PD 250 -61.79 61.71 -18.79
CA TYR PD 250 -61.10 60.44 -18.94
C TYR PD 250 -59.61 60.58 -18.63
N ARG PD 251 -58.97 61.59 -19.23
CA ARG PD 251 -57.53 61.76 -19.13
C ARG PD 251 -57.24 63.17 -18.64
N VAL PD 252 -56.70 63.27 -17.43
CA VAL PD 252 -56.30 64.55 -16.85
C VAL PD 252 -54.79 64.65 -17.00
N ASP PD 253 -54.34 65.56 -17.86
CA ASP PD 253 -52.93 65.80 -18.10
C ASP PD 253 -52.50 66.99 -17.26
N LEU PD 254 -51.68 66.73 -16.25
CA LEU PD 254 -51.35 67.76 -15.26
C LEU PD 254 -49.92 68.24 -15.47
N ARG PD 255 -49.78 69.54 -15.76
CA ARG PD 255 -48.47 70.17 -15.83
C ARG PD 255 -48.01 70.55 -14.42
N VAL PD 256 -46.76 70.23 -14.10
CA VAL PD 256 -46.22 70.56 -12.78
C VAL PD 256 -45.13 71.60 -12.92
N GLN PD 257 -44.79 72.23 -11.80
CA GLN PD 257 -43.79 73.29 -11.79
C GLN PD 257 -42.37 72.74 -11.91
N GLY PD 258 -42.11 71.55 -11.38
CA GLY PD 258 -40.79 71.00 -11.38
C GLY PD 258 -40.40 70.35 -12.69
N TYR PD 259 -39.22 69.74 -12.68
CA TYR PD 259 -38.66 69.00 -13.82
C TYR PD 259 -38.15 67.67 -13.31
N GLY PD 260 -38.44 66.60 -14.04
CA GLY PD 260 -38.09 65.27 -13.61
C GLY PD 260 -36.74 64.82 -14.12
N PRO PD 261 -36.60 63.51 -14.38
CA PRO PD 261 -35.35 63.01 -14.96
C PRO PD 261 -35.16 63.38 -16.41
N ASN PD 262 -36.23 63.81 -17.08
CA ASN PD 262 -36.20 64.18 -18.48
C ASN PD 262 -36.63 65.63 -18.63
N ALA PD 263 -35.92 66.38 -19.47
CA ALA PD 263 -36.23 67.78 -19.69
C ALA PD 263 -35.96 68.18 -21.14
N ASP PD 278 -43.75 68.42 -37.95
CA ASP PD 278 -44.66 69.44 -37.44
C ASP PD 278 -46.06 69.28 -38.01
N LEU PD 279 -46.70 70.41 -38.35
CA LEU PD 279 -48.08 70.41 -38.83
C LEU PD 279 -48.20 69.81 -40.23
N LEU PD 280 -47.10 69.74 -40.97
CA LEU PD 280 -47.12 69.13 -42.30
C LEU PD 280 -47.44 67.64 -42.23
N LEU PD 281 -46.96 66.97 -41.17
CA LEU PD 281 -47.28 65.56 -40.97
C LEU PD 281 -48.77 65.36 -40.72
N HIS PD 282 -49.37 66.24 -39.90
CA HIS PD 282 -50.80 66.14 -39.62
C HIS PD 282 -51.63 66.43 -40.87
N VAL PD 283 -51.25 67.45 -41.64
CA VAL PD 283 -52.04 67.76 -42.83
C VAL PD 283 -51.75 66.84 -44.00
N LEU PD 284 -50.69 66.03 -43.93
CA LEU PD 284 -50.55 64.95 -44.90
C LEU PD 284 -51.27 63.69 -44.47
N GLU PD 285 -51.37 63.46 -43.16
CA GLU PD 285 -52.18 62.33 -42.69
C GLU PD 285 -53.66 62.58 -42.95
N GLY PD 286 -54.10 63.84 -42.84
CA GLY PD 286 -55.47 64.18 -43.15
C GLY PD 286 -56.09 65.10 -42.13
N VAL PD 287 -55.34 65.43 -41.09
CA VAL PD 287 -55.80 66.32 -40.04
C VAL PD 287 -55.81 67.74 -40.58
N PRO PD 288 -56.94 68.45 -40.58
CA PRO PD 288 -56.93 69.85 -40.96
C PRO PD 288 -56.16 70.67 -39.94
N PRO PD 289 -55.46 71.73 -40.37
CA PRO PD 289 -54.65 72.51 -39.44
C PRO PD 289 -55.53 73.31 -38.51
N PRO PD 290 -55.07 73.57 -37.28
CA PRO PD 290 -55.88 74.35 -36.33
C PRO PD 290 -55.96 75.81 -36.74
N GLY PD 291 -57.10 76.43 -36.38
CA GLY PD 291 -57.34 77.81 -36.73
C GLY PD 291 -57.68 78.06 -38.18
N SER PD 292 -57.99 77.02 -38.93
CA SER PD 292 -58.19 77.12 -40.36
C SER PD 292 -59.64 76.85 -40.73
N ARG PD 293 -59.96 77.16 -41.98
CA ARG PD 293 -61.24 76.80 -42.57
C ARG PD 293 -61.00 76.28 -43.97
N ARG PD 294 -61.79 75.29 -44.37
CA ARG PD 294 -61.64 74.72 -45.69
C ARG PD 294 -62.31 75.60 -46.73
N LEU PD 295 -61.52 76.16 -47.62
CA LEU PD 295 -62.05 76.98 -48.71
C LEU PD 295 -62.63 76.07 -49.78
N VAL PD 296 -63.63 76.59 -50.49
CA VAL PD 296 -64.20 75.84 -51.60
C VAL PD 296 -63.26 75.90 -52.78
N VAL PD 297 -62.85 74.73 -53.27
CA VAL PD 297 -61.91 74.61 -54.38
C VAL PD 297 -62.68 74.12 -55.60
N SER PD 298 -62.54 74.85 -56.70
CA SER PD 298 -63.29 74.57 -57.92
C SER PD 298 -62.39 73.89 -58.95
N GLY PD 299 -62.84 72.78 -59.50
CA GLY PD 299 -62.17 72.14 -60.61
C GLY PD 299 -61.90 70.66 -60.46
N GLY PD 300 -61.53 70.22 -59.26
CA GLY PD 300 -61.18 68.83 -59.09
C GLY PD 300 -60.93 68.51 -57.64
N ASP PD 301 -60.51 67.26 -57.40
CA ASP PD 301 -60.38 66.72 -56.06
C ASP PD 301 -59.08 67.22 -55.43
N ALA PD 302 -59.21 68.16 -54.50
CA ALA PD 302 -58.11 68.59 -53.64
C ALA PD 302 -58.73 69.20 -52.40
N ARG PD 303 -57.94 69.29 -51.34
CA ARG PD 303 -58.39 69.92 -50.11
C ARG PD 303 -57.43 71.03 -49.74
N ALA PD 304 -57.96 72.09 -49.13
CA ALA PD 304 -57.13 73.25 -48.84
C ALA PD 304 -57.71 73.99 -47.65
N TRP PD 305 -56.82 74.56 -46.85
CA TRP PD 305 -57.20 75.27 -45.64
C TRP PD 305 -56.43 76.57 -45.52
N LEU PD 306 -57.02 77.54 -44.83
CA LEU PD 306 -56.44 78.87 -44.64
C LEU PD 306 -56.58 79.26 -43.18
N SER PD 307 -55.45 79.41 -42.49
CA SER PD 307 -55.43 79.79 -41.08
C SER PD 307 -54.74 81.13 -40.84
N ASN PD 308 -53.51 81.29 -41.34
CA ASN PD 308 -52.70 82.48 -41.16
C ASN PD 308 -52.22 82.99 -42.50
N GLU PD 309 -53.17 83.14 -43.44
CA GLU PD 309 -53.04 83.45 -44.86
C GLU PD 309 -51.91 82.69 -45.56
N LYS PD 310 -51.74 81.42 -45.18
CA LYS PD 310 -50.88 80.49 -45.92
C LYS PD 310 -51.71 79.25 -46.18
N MET PD 311 -52.01 78.99 -47.44
CA MET PD 311 -52.85 77.87 -47.82
C MET PD 311 -52.10 76.56 -47.64
N TYR PD 312 -52.74 75.61 -46.96
CA TYR PD 312 -52.24 74.25 -46.85
C TYR PD 312 -53.09 73.37 -47.77
N VAL PD 313 -52.45 72.72 -48.73
CA VAL PD 313 -53.15 71.94 -49.75
C VAL PD 313 -52.76 70.48 -49.61
N ARG PD 314 -53.76 69.62 -49.55
CA ARG PD 314 -53.60 68.17 -49.52
C ARG PD 314 -54.22 67.60 -50.78
N THR PD 315 -53.41 66.94 -51.61
CA THR PD 315 -53.88 66.43 -52.88
C THR PD 315 -52.95 65.31 -53.32
N ASN PD 316 -53.04 64.92 -54.60
CA ASN PD 316 -52.06 64.05 -55.22
C ASN PD 316 -51.63 64.59 -56.57
N LEU PD 317 -51.66 65.91 -56.74
CA LEU PD 317 -51.34 66.55 -58.00
C LEU PD 317 -50.12 67.45 -57.84
N THR PD 318 -49.61 67.92 -58.97
CA THR PD 318 -48.38 68.70 -59.02
C THR PD 318 -48.67 70.07 -59.58
N ILE PD 319 -48.17 71.10 -58.90
CA ILE PD 319 -48.35 72.49 -59.31
C ILE PD 319 -47.11 72.94 -60.06
N LEU PD 320 -47.32 73.73 -61.12
CA LEU PD 320 -46.23 74.17 -61.97
C LEU PD 320 -46.04 75.68 -61.95
N SER PD 321 -47.07 76.46 -62.21
CA SER PD 321 -46.90 77.92 -62.30
C SER PD 321 -46.87 78.69 -60.98
N PRO PD 322 -47.77 78.48 -59.96
CA PRO PD 322 -47.75 79.40 -58.81
C PRO PD 322 -46.58 79.16 -57.87
N GLY PD 323 -46.27 77.91 -57.58
CA GLY PD 323 -45.12 77.55 -56.78
C GLY PD 323 -45.52 77.00 -55.43
N TRP PD 324 -44.49 76.74 -54.61
CA TRP PD 324 -44.66 76.25 -53.25
C TRP PD 324 -43.40 76.55 -52.46
N LEU PD 325 -43.52 76.46 -51.14
CA LEU PD 325 -42.43 76.75 -50.22
C LEU PD 325 -41.90 75.51 -49.52
N ALA PD 326 -42.78 74.71 -48.91
CA ALA PD 326 -42.42 73.40 -48.40
C ALA PD 326 -43.46 72.39 -48.85
N SER PD 327 -43.01 71.15 -49.05
CA SER PD 327 -43.93 70.11 -49.52
C SER PD 327 -43.47 68.76 -49.03
N MET PD 328 -44.39 68.03 -48.42
CA MET PD 328 -44.15 66.65 -48.01
C MET PD 328 -44.90 65.71 -48.93
N THR PD 329 -44.43 64.47 -48.97
CA THR PD 329 -45.17 63.40 -49.63
C THR PD 329 -45.31 62.24 -48.67
N SER PD 330 -46.26 61.37 -48.96
CA SER PD 330 -46.53 60.20 -48.15
C SER PD 330 -46.06 58.95 -48.85
N ALA PD 331 -46.16 57.82 -48.15
CA ALA PD 331 -45.75 56.55 -48.73
C ALA PD 331 -46.72 56.08 -49.80
N ASP PD 332 -48.02 56.31 -49.61
CA ASP PD 332 -49.00 55.88 -50.59
C ASP PD 332 -49.04 56.77 -51.83
N GLY PD 333 -48.44 57.96 -51.77
CA GLY PD 333 -48.29 58.79 -52.95
C GLY PD 333 -48.90 60.18 -52.87
N THR PD 334 -49.67 60.50 -51.83
CA THR PD 334 -50.28 61.82 -51.76
C THR PD 334 -49.25 62.86 -51.33
N HIS PD 335 -49.58 64.12 -51.57
CA HIS PD 335 -48.69 65.24 -51.33
C HIS PD 335 -49.40 66.33 -50.53
N ALA PD 336 -48.59 67.06 -49.78
CA ALA PD 336 -49.05 68.19 -48.97
C ALA PD 336 -48.14 69.37 -49.24
N TYR PD 337 -48.72 70.46 -49.73
CA TYR PD 337 -47.98 71.67 -50.07
C TYR PD 337 -48.41 72.79 -49.14
N GLU PD 338 -47.46 73.68 -48.82
CA GLU PD 338 -47.81 74.95 -48.21
C GLU PD 338 -47.45 76.06 -49.17
N MET PD 339 -48.36 77.03 -49.32
CA MET PD 339 -48.22 77.97 -50.41
C MET PD 339 -48.95 79.26 -50.08
N GLN PD 340 -48.34 80.39 -50.45
CA GLN PD 340 -49.03 81.67 -50.41
C GLN PD 340 -50.18 81.66 -51.40
N LYS PD 341 -51.33 82.19 -50.99
CA LYS PD 341 -52.54 82.03 -51.78
C LYS PD 341 -52.53 82.93 -53.01
N SER PD 342 -53.13 82.42 -54.09
CA SER PD 342 -53.31 83.09 -55.36
C SER PD 342 -54.56 82.46 -55.95
N PRO PD 343 -55.38 83.22 -56.68
CA PRO PD 343 -56.68 82.66 -57.12
C PRO PD 343 -56.56 81.56 -58.17
N VAL PD 344 -55.53 81.59 -59.01
CA VAL PD 344 -55.41 80.67 -60.13
C VAL PD 344 -54.22 79.74 -59.88
N LEU PD 345 -54.45 78.44 -60.04
CA LEU PD 345 -53.41 77.44 -59.88
C LEU PD 345 -53.28 76.61 -61.14
N LEU PD 346 -52.06 76.25 -61.50
CA LEU PD 346 -51.78 75.39 -62.64
C LEU PD 346 -51.48 73.99 -62.14
N VAL PD 347 -52.14 72.99 -62.73
CA VAL PD 347 -52.04 71.61 -62.30
C VAL PD 347 -51.61 70.75 -63.47
N SER PD 348 -50.56 69.96 -63.28
CA SER PD 348 -50.10 68.98 -64.25
C SER PD 348 -50.54 67.59 -63.81
N TRP PD 349 -51.04 66.81 -64.77
CA TRP PD 349 -51.48 65.44 -64.47
C TRP PD 349 -51.30 64.58 -65.72
N HIS PD 350 -50.26 63.73 -65.70
CA HIS PD 350 -49.97 62.76 -66.76
C HIS PD 350 -49.80 63.41 -68.13
N GLY PD 351 -49.14 64.57 -68.14
CA GLY PD 351 -48.97 65.31 -69.36
C GLY PD 351 -50.11 66.25 -69.68
N LYS PD 352 -51.20 66.20 -68.94
CA LYS PD 352 -52.30 67.13 -69.11
C LYS PD 352 -52.06 68.37 -68.27
N VAL PD 353 -52.57 69.49 -68.76
CA VAL PD 353 -52.50 70.77 -68.07
C VAL PD 353 -53.92 71.23 -67.81
N MET PD 354 -54.22 71.50 -66.54
CA MET PD 354 -55.53 72.03 -66.16
C MET PD 354 -55.34 73.15 -65.16
N GLN PD 355 -56.44 73.81 -64.79
CA GLN PD 355 -56.38 74.97 -63.95
C GLN PD 355 -57.37 74.81 -62.79
N LEU PD 356 -57.07 75.51 -61.70
CA LEU PD 356 -57.92 75.54 -60.51
C LEU PD 356 -58.17 76.98 -60.10
N LYS PD 357 -59.38 77.25 -59.65
CA LYS PD 357 -59.76 78.57 -59.18
C LYS PD 357 -60.21 78.48 -57.72
N VAL PD 358 -59.65 79.35 -56.88
CA VAL PD 358 -60.06 79.45 -55.49
C VAL PD 358 -60.53 80.87 -55.23
N GLU PD 359 -61.41 81.01 -54.24
CA GLU PD 359 -62.12 82.25 -53.99
C GLU PD 359 -61.80 82.74 -52.58
N GLY PD 360 -61.47 84.02 -52.46
CA GLY PD 360 -61.16 84.60 -51.17
C GLY PD 360 -62.38 84.88 -50.33
N UNK QD 1 -97.53 53.73 -32.17
CA UNK QD 1 -96.09 53.53 -32.12
C UNK QD 1 -95.40 54.68 -31.40
N UNK QD 2 -94.95 55.68 -32.17
CA UNK QD 2 -94.25 56.83 -31.62
C UNK QD 2 -94.91 58.11 -32.13
N UNK QD 3 -95.05 59.09 -31.25
CA UNK QD 3 -95.53 60.41 -31.61
C UNK QD 3 -94.71 61.46 -30.88
N UNK QD 4 -94.08 62.36 -31.64
CA UNK QD 4 -93.23 63.37 -31.04
C UNK QD 4 -94.02 64.50 -30.40
N UNK QD 5 -95.22 64.80 -30.91
CA UNK QD 5 -96.02 65.90 -30.39
C UNK QD 5 -96.55 65.59 -29.01
N UNK QD 6 -96.92 64.33 -28.75
CA UNK QD 6 -97.35 63.93 -27.42
C UNK QD 6 -96.20 64.01 -26.42
N UNK QD 7 -94.98 63.68 -26.86
CA UNK QD 7 -93.82 63.82 -25.99
C UNK QD 7 -93.52 65.28 -25.69
N UNK QD 8 -93.68 66.16 -26.68
CA UNK QD 8 -93.48 67.59 -26.45
C UNK QD 8 -94.54 68.15 -25.52
N UNK QD 9 -95.79 67.69 -25.66
CA UNK QD 9 -96.85 68.11 -24.74
C UNK QD 9 -96.62 67.57 -23.33
N UNK QD 10 -96.07 66.36 -23.22
CA UNK QD 10 -95.71 65.81 -21.91
C UNK QD 10 -94.58 66.61 -21.27
N UNK QD 11 -93.60 67.03 -22.06
CA UNK QD 11 -92.52 67.89 -21.56
C UNK QD 11 -93.05 69.25 -21.13
N UNK QD 12 -94.01 69.79 -21.89
CA UNK QD 12 -94.62 71.07 -21.52
C UNK QD 12 -95.44 70.95 -20.23
N UNK QD 13 -96.17 69.84 -20.07
CA UNK QD 13 -96.94 69.64 -18.85
C UNK QD 13 -96.03 69.38 -17.65
N UNK QD 14 -94.88 68.74 -17.87
CA UNK QD 14 -93.91 68.56 -16.78
C UNK QD 14 -93.22 69.87 -16.43
N UNK QD 15 -93.00 70.74 -17.41
CA UNK QD 15 -92.36 72.04 -17.15
C UNK QD 15 -93.31 72.97 -16.41
N UNK QD 16 -94.56 73.06 -16.87
CA UNK QD 16 -95.57 73.87 -16.20
C UNK QD 16 -96.35 73.00 -15.20
N UNK QD 17 -95.61 72.55 -14.18
CA UNK QD 17 -96.16 71.60 -13.23
C UNK QD 17 -97.13 72.27 -12.26
N UNK QD 18 -96.96 73.57 -12.01
CA UNK QD 18 -97.75 74.37 -11.07
C UNK QD 18 -97.74 73.76 -9.66
N UNK QD 19 -96.58 73.29 -9.24
CA UNK QD 19 -96.41 72.69 -7.92
C UNK QD 19 -94.96 72.82 -7.51
N UNK QD 20 -94.68 73.66 -6.51
CA UNK QD 20 -93.31 73.87 -6.06
C UNK QD 20 -93.34 74.26 -4.58
N UNK QD 21 -92.73 73.43 -3.75
CA UNK QD 21 -92.69 73.65 -2.30
C UNK QD 21 -91.25 73.58 -1.83
N UNK QD 22 -90.94 74.36 -0.80
CA UNK QD 22 -89.59 74.45 -0.27
C UNK QD 22 -89.59 74.28 1.24
N UNK QD 23 -88.48 73.78 1.76
CA UNK QD 23 -88.31 73.59 3.19
C UNK QD 23 -86.96 74.15 3.64
N UNK QD 24 -86.84 74.40 4.93
CA UNK QD 24 -85.59 74.81 5.53
C UNK QD 24 -85.57 74.37 6.99
N UNK QD 25 -84.37 74.16 7.52
CA UNK QD 25 -84.22 73.69 8.88
C UNK QD 25 -82.96 74.28 9.48
N UNK QD 26 -82.93 74.30 10.82
CA UNK QD 26 -81.80 74.83 11.57
C UNK QD 26 -80.97 73.68 12.16
N UNK QD 27 -79.94 74.05 12.93
CA UNK QD 27 -79.09 73.05 13.56
C UNK QD 27 -79.81 72.32 14.68
N UNK QD 28 -80.72 73.00 15.38
CA UNK QD 28 -81.57 72.39 16.39
C UNK QD 28 -82.91 71.93 15.81
N UNK QD 29 -82.94 71.64 14.51
CA UNK QD 29 -84.10 71.13 13.77
C UNK QD 29 -85.31 72.06 13.84
N UNK QD 30 -85.07 73.35 14.02
CA UNK QD 30 -86.13 74.34 13.90
C UNK QD 30 -86.46 74.50 12.43
N UNK QD 31 -87.70 74.18 12.06
CA UNK QD 31 -88.08 74.06 10.66
C UNK QD 31 -88.90 75.27 10.24
N UNK QD 32 -88.69 75.71 9.01
CA UNK QD 32 -89.52 76.71 8.36
C UNK QD 32 -89.81 76.21 6.96
N UNK QD 33 -91.08 75.92 6.67
CA UNK QD 33 -91.49 75.37 5.40
C UNK QD 33 -92.22 76.45 4.60
N UNK QD 34 -91.68 76.77 3.42
CA UNK QD 34 -92.33 77.75 2.56
C UNK QD 34 -93.60 77.17 1.98
N UNK QD 35 -94.55 78.05 1.66
CA UNK QD 35 -95.81 77.63 1.09
C UNK QD 35 -95.61 77.20 -0.36
N UNK QD 36 -96.63 76.52 -0.90
CA UNK QD 36 -96.57 75.98 -2.26
C UNK QD 36 -96.69 77.14 -3.24
N UNK QD 37 -95.57 77.80 -3.48
CA UNK QD 37 -95.51 78.97 -4.36
C UNK QD 37 -95.28 78.54 -5.79
N UNK QD 38 -95.59 79.46 -6.71
CA UNK QD 38 -95.48 79.30 -8.17
C UNK QD 38 -96.23 78.07 -8.70
N UNK QD 39 -77.01 73.28 6.44
CA UNK QD 39 -77.51 73.54 7.79
C UNK QD 39 -78.56 74.65 7.77
N UNK QD 40 -78.83 75.18 6.57
CA UNK QD 40 -79.83 76.23 6.40
C UNK QD 40 -81.03 75.73 5.60
N UNK QD 41 -80.80 75.19 4.40
CA UNK QD 41 -81.87 74.65 3.57
C UNK QD 41 -81.27 73.55 2.71
N UNK QD 42 -81.89 72.38 2.73
CA UNK QD 42 -81.33 71.22 2.07
C UNK QD 42 -81.47 71.32 0.56
N UNK QD 43 -80.58 70.62 -0.14
CA UNK QD 43 -80.71 70.48 -1.58
C UNK QD 43 -81.92 69.63 -1.93
N UNK QD 44 -82.27 68.68 -1.07
CA UNK QD 44 -83.46 67.84 -1.24
C UNK QD 44 -84.70 68.43 -0.61
N UNK QD 45 -84.63 69.66 -0.10
CA UNK QD 45 -85.77 70.28 0.59
C UNK QD 45 -86.82 70.83 -0.37
N UNK QD 46 -86.73 70.54 -1.65
CA UNK QD 46 -87.74 70.94 -2.62
C UNK QD 46 -88.72 69.80 -2.89
N UNK QD 47 -89.90 70.17 -3.36
CA UNK QD 47 -90.92 69.18 -3.72
C UNK QD 47 -91.79 69.76 -4.82
N UNK QD 48 -92.44 68.87 -5.57
CA UNK QD 48 -93.30 69.29 -6.67
C UNK QD 48 -94.66 68.62 -6.60
N LEU RD 113 3.69 190.42 5.88
CA LEU RD 113 3.12 189.28 6.60
C LEU RD 113 3.79 187.98 6.16
N ASN RD 114 4.90 188.10 5.42
CA ASN RD 114 5.56 186.92 4.88
C ASN RD 114 7.09 186.97 4.94
N ARG RD 115 7.67 187.99 5.56
CA ARG RD 115 9.13 188.11 5.57
C ARG RD 115 9.60 188.55 6.94
N PHE RD 116 10.71 187.96 7.40
CA PHE RD 116 11.33 188.38 8.66
C PHE RD 116 12.80 188.00 8.62
N ARG RD 117 13.67 189.00 8.53
CA ARG RD 117 15.10 188.82 8.65
C ARG RD 117 15.59 189.73 9.78
N TYR RD 118 16.03 189.12 10.87
CA TYR RD 118 16.48 189.89 12.02
C TYR RD 118 17.95 189.60 12.31
N GLU RD 119 18.66 190.65 12.72
CA GLU RD 119 19.99 190.56 13.30
C GLU RD 119 20.03 191.46 14.53
N GLY RD 120 20.83 191.07 15.52
CA GLY RD 120 21.14 191.98 16.60
C GLY RD 120 20.35 191.95 17.89
N ALA RD 121 20.32 190.79 18.57
CA ALA RD 121 19.96 190.65 20.00
C ALA RD 121 18.52 191.10 20.28
N GLY RD 122 17.58 190.33 19.72
CA GLY RD 122 16.17 190.63 19.86
C GLY RD 122 15.43 189.54 20.59
N VAL RD 123 14.37 189.94 21.30
CA VAL RD 123 13.47 189.05 21.98
C VAL RD 123 12.09 189.24 21.34
N VAL RD 124 11.63 188.22 20.62
CA VAL RD 124 10.37 188.29 19.88
C VAL RD 124 9.43 187.23 20.43
N THR RD 125 8.23 187.66 20.83
CA THR RD 125 7.23 186.76 21.38
C THR RD 125 5.89 187.02 20.72
N GLY RD 126 5.17 185.95 20.39
CA GLY RD 126 3.88 186.11 19.76
C GLY RD 126 3.14 184.79 19.69
N ASN RD 127 1.84 184.88 19.42
CA ASN RD 127 0.99 183.71 19.37
C ASN RD 127 -0.25 184.02 18.54
N ASN RD 128 -0.95 182.94 18.16
CA ASN RD 128 -2.17 182.99 17.35
C ASN RD 128 -1.95 183.67 16.01
N LEU RD 129 -0.84 183.34 15.36
CA LEU RD 129 -0.55 183.82 14.02
C LEU RD 129 -0.63 182.66 13.04
N ARG RD 130 -1.13 182.94 11.85
CA ARG RD 130 -1.18 181.97 10.77
C ARG RD 130 -0.61 182.58 9.50
N THR RD 131 0.05 181.75 8.70
CA THR RD 131 0.64 182.22 7.45
C THR RD 131 0.78 181.05 6.50
N SER RD 132 0.69 181.35 5.20
CA SER RD 132 1.07 180.37 4.19
C SER RD 132 2.56 180.13 4.22
N TYR RD 133 3.35 181.20 4.22
CA TYR RD 133 4.79 181.10 4.26
C TYR RD 133 5.36 182.40 4.81
N LEU RD 134 6.40 182.28 5.63
CA LEU RD 134 7.26 183.40 5.95
C LEU RD 134 8.70 182.99 5.74
N ASP RD 135 9.48 183.90 5.15
CA ASP RD 135 10.91 183.70 4.95
C ASP RD 135 11.62 184.15 6.22
N LEU RD 136 12.16 183.19 6.96
CA LEU RD 136 12.76 183.45 8.27
C LEU RD 136 14.27 183.41 8.17
N TYR RD 137 14.92 184.47 8.64
CA TYR RD 137 16.37 184.57 8.62
C TYR RD 137 16.82 185.21 9.93
N LEU RD 138 17.24 184.39 10.88
CA LEU RD 138 17.60 184.85 12.21
C LEU RD 138 19.11 184.89 12.37
N ALA RD 139 19.60 185.93 13.03
CA ALA RD 139 21.01 186.03 13.38
C ALA RD 139 21.14 186.83 14.66
N ASN RD 140 22.24 186.56 15.38
CA ASN RD 140 22.74 187.36 16.50
C ASN RD 140 21.70 187.48 17.63
N GLU RD 141 21.48 186.35 18.30
CA GLU RD 141 20.62 186.22 19.49
C GLU RD 141 19.18 186.65 19.19
N GLY RD 142 18.56 185.89 18.28
CA GLY RD 142 17.13 186.05 18.09
C GLY RD 142 16.36 185.05 18.93
N THR RD 143 15.90 185.47 20.11
CA THR RD 143 15.17 184.59 21.01
C THR RD 143 13.70 184.67 20.66
N THR RD 144 13.17 183.60 20.09
CA THR RD 144 11.85 183.59 19.48
C THR RD 144 10.94 182.65 20.24
N ARG RD 145 9.80 183.17 20.71
CA ARG RD 145 8.79 182.37 21.40
C ARG RD 145 7.47 182.59 20.65
N LEU RD 146 7.17 181.67 19.74
CA LEU RD 146 6.01 181.79 18.86
C LEU RD 146 5.08 180.60 19.05
N ALA RD 147 3.80 180.88 19.20
CA ALA RD 147 2.78 179.88 19.48
C ALA RD 147 1.59 180.03 18.55
N GLY RD 148 1.87 180.15 17.25
CA GLY RD 148 0.84 180.25 16.24
C GLY RD 148 0.89 179.08 15.26
N ASN RD 149 -0.17 178.97 14.46
CA ASN RD 149 -0.27 177.92 13.46
C ASN RD 149 0.46 178.38 12.21
N ILE RD 150 1.78 178.26 12.25
CA ILE RD 150 2.67 178.87 11.28
C ILE RD 150 3.01 177.85 10.20
N GLY RD 151 2.80 178.21 8.95
CA GLY RD 151 3.30 177.45 7.81
C GLY RD 151 4.52 178.14 7.22
N LEU RD 152 5.53 177.34 6.90
CA LEU RD 152 6.76 177.85 6.30
C LEU RD 152 7.45 176.73 5.55
N GLN RD 153 8.37 177.10 4.71
CA GLN RD 153 9.17 176.14 3.94
C GLN RD 153 10.66 176.35 4.13
N LYS RD 154 11.13 177.59 4.18
CA LYS RD 154 12.56 177.88 4.27
C LYS RD 154 12.84 178.68 5.52
N LEU RD 155 13.90 178.29 6.23
CA LEU RD 155 14.33 178.97 7.44
C LEU RD 155 15.84 178.90 7.51
N GLU RD 156 16.47 180.01 7.91
CA GLU RD 156 17.92 180.06 8.03
C GLU RD 156 18.29 180.81 9.30
N ALA RD 157 18.98 180.13 10.21
CA ALA RD 157 19.48 180.72 11.44
C ALA RD 157 21.00 180.64 11.45
N VAL RD 158 21.64 181.70 11.91
CA VAL RD 158 23.11 181.68 12.01
C VAL RD 158 23.54 180.78 13.15
N GLY RD 159 23.05 181.04 14.35
CA GLY RD 159 23.43 180.26 15.50
C GLY RD 159 23.69 181.16 16.69
N ASN RD 160 24.40 180.59 17.67
CA ASN RD 160 24.79 181.25 18.91
C ASN RD 160 23.59 181.79 19.68
N GLY RD 161 22.48 181.06 19.63
CA GLY RD 161 21.27 181.49 20.30
C GLY RD 161 20.23 180.40 20.26
N VAL RD 162 19.22 180.55 21.11
CA VAL RD 162 18.15 179.56 21.19
C VAL RD 162 17.00 179.98 20.29
N THR RD 163 16.15 179.00 19.97
CA THR RD 163 14.96 179.22 19.15
C THR RD 163 13.96 178.13 19.48
N GLN RD 164 12.75 178.52 19.85
CA GLN RD 164 11.67 177.58 20.11
C GLN RD 164 10.46 178.00 19.28
N ILE RD 165 10.08 177.17 18.33
CA ILE RD 165 8.97 177.48 17.42
C ILE RD 165 7.90 176.42 17.61
N ASN RD 166 6.78 176.82 18.21
CA ASN RD 166 5.73 175.88 18.61
C ASN RD 166 4.62 175.90 17.57
N GLY RD 167 4.53 174.82 16.79
CA GLY RD 167 3.42 174.60 15.88
C GLY RD 167 3.74 174.96 14.45
N VAL RD 168 4.10 173.95 13.66
CA VAL RD 168 4.51 174.14 12.26
C VAL RD 168 3.93 173.01 11.43
N SER RD 169 3.22 173.36 10.35
CA SER RD 169 2.78 172.39 9.36
C SER RD 169 3.35 172.82 8.01
N SER RD 170 4.01 171.89 7.33
CA SER RD 170 4.68 172.19 6.07
C SER RD 170 4.53 171.01 5.11
N ARG RD 171 4.24 171.34 3.84
CA ARG RD 171 4.31 170.35 2.78
C ARG RD 171 5.72 170.09 2.31
N ASN RD 172 6.67 170.97 2.66
CA ASN RD 172 8.08 170.79 2.36
C ASN RD 172 8.89 171.66 3.30
N LEU RD 173 10.14 171.27 3.49
CA LEU RD 173 11.05 172.06 4.31
C LEU RD 173 12.48 171.78 3.88
N GLN RD 174 13.37 172.73 4.16
CA GLN RD 174 14.79 172.56 3.90
C GLN RD 174 15.57 173.49 4.82
N ILE RD 175 16.43 172.92 5.66
CA ILE RD 175 17.18 173.67 6.66
C ILE RD 175 18.67 173.39 6.46
N VAL RD 176 19.48 174.45 6.46
CA VAL RD 176 20.92 174.33 6.54
C VAL RD 176 21.41 175.27 7.63
N LEU RD 177 22.60 174.99 8.15
CA LEU RD 177 23.16 175.76 9.25
C LEU RD 177 24.60 176.14 8.94
N LYS RD 178 25.10 177.13 9.68
CA LYS RD 178 26.48 177.57 9.58
C LYS RD 178 27.16 177.75 10.93
N GLY RD 179 26.41 177.95 12.02
CA GLY RD 179 27.00 178.07 13.33
C GLY RD 179 26.41 177.08 14.31
N ASP RD 180 26.23 177.50 15.56
CA ASP RD 180 25.83 176.62 16.65
C ASP RD 180 24.56 177.17 17.29
N PRO RD 181 23.40 176.85 16.75
CA PRO RD 181 22.15 177.27 17.39
C PRO RD 181 21.64 176.24 18.37
N LYS RD 182 20.54 176.57 19.05
CA LYS RD 182 19.85 175.66 19.95
C LYS RD 182 18.37 175.75 19.58
N VAL RD 183 17.95 174.93 18.63
CA VAL RD 183 16.65 175.10 18.00
C VAL RD 183 15.76 173.93 18.34
N LEU RD 184 14.46 174.21 18.45
CA LEU RD 184 13.47 173.17 18.73
C LEU RD 184 12.13 173.60 18.16
N ILE RD 185 11.56 172.75 17.33
CA ILE RD 185 10.32 173.04 16.62
C ILE RD 185 9.27 171.99 17.02
N SER RD 186 8.02 172.39 16.91
CA SER RD 186 6.89 171.52 17.17
C SER RD 186 5.97 171.48 15.96
N GLY RD 187 5.31 170.33 15.76
CA GLY RD 187 4.37 170.18 14.68
C GLY RD 187 4.76 169.03 13.76
N PHE RD 188 4.44 169.20 12.48
CA PHE RD 188 4.70 168.19 11.46
C PHE RD 188 5.49 168.82 10.33
N VAL RD 189 6.52 168.12 9.87
CA VAL RD 189 7.48 168.66 8.92
C VAL RD 189 7.73 167.63 7.83
N ASN RD 190 7.64 168.07 6.57
CA ASN RD 190 7.91 167.22 5.42
C ASN RD 190 9.34 167.48 4.93
N LEU RD 191 10.29 167.16 5.80
CA LEU RD 191 11.70 167.41 5.51
C LEU RD 191 12.22 166.40 4.50
N ARG RD 192 13.18 166.85 3.67
CA ARG RD 192 13.85 166.01 2.70
C ARG RD 192 15.34 165.86 2.97
N GLN RD 193 16.03 166.98 3.15
CA GLN RD 193 17.48 166.98 3.30
C GLN RD 193 17.86 167.82 4.51
N LEU RD 194 18.93 167.41 5.18
CA LEU RD 194 19.42 168.16 6.33
C LEU RD 194 20.93 167.95 6.45
N ASP RD 195 21.65 169.04 6.69
CA ASP RD 195 23.10 169.04 6.74
C ASP RD 195 23.57 169.83 7.96
N MET RD 196 24.64 169.36 8.60
CA MET RD 196 25.25 170.06 9.71
C MET RD 196 26.75 170.16 9.52
N TYR RD 197 27.28 171.38 9.63
CA TYR RD 197 28.69 171.67 9.44
C TYR RD 197 29.36 172.33 10.64
N GLY RD 198 28.66 172.56 11.73
CA GLY RD 198 29.24 173.25 12.87
C GLY RD 198 29.23 172.47 14.17
N LYS RD 199 28.64 173.07 15.20
CA LYS RD 199 28.45 172.40 16.49
C LYS RD 199 26.97 172.44 16.83
N GLY RD 200 26.17 172.01 15.87
CA GLY RD 200 24.75 172.25 15.92
C GLY RD 200 23.98 171.26 16.78
N THR RD 201 22.82 171.73 17.21
CA THR RD 201 21.87 170.96 17.98
C THR RD 201 20.51 171.04 17.31
N LEU RD 202 19.75 169.95 17.37
CA LEU RD 202 18.45 169.91 16.73
C LEU RD 202 17.57 168.89 17.42
N SER RD 203 16.29 169.25 17.60
CA SER RD 203 15.33 168.35 18.20
C SER RD 203 13.97 168.62 17.57
N LEU RD 204 13.31 167.56 17.13
CA LEU RD 204 12.03 167.71 16.45
C LEU RD 204 10.98 166.81 17.08
N TYR RD 205 9.74 167.31 17.09
CA TYR RD 205 8.64 166.58 17.72
C TYR RD 205 8.15 165.44 16.85
N TRP RD 206 7.59 165.77 15.69
CA TRP RD 206 7.03 164.77 14.80
C TRP RD 206 7.51 165.05 13.38
N ILE RD 207 8.04 164.01 12.72
CA ILE RD 207 8.38 164.08 11.31
C ILE RD 207 7.57 163.03 10.59
N LYS RD 208 6.75 163.46 9.65
CA LYS RD 208 5.94 162.55 8.84
C LYS RD 208 6.40 162.73 7.40
N SER RD 209 7.47 162.01 7.04
CA SER RD 209 8.04 162.07 5.72
C SER RD 209 8.33 160.65 5.27
N ASP RD 210 9.00 160.51 4.13
CA ASP RD 210 9.30 159.18 3.62
C ASP RD 210 10.75 159.06 3.17
N THR RD 211 11.36 160.16 2.77
CA THR RD 211 12.70 160.15 2.17
C THR RD 211 13.56 161.20 2.85
N LEU RD 212 14.61 160.76 3.53
CA LEU RD 212 15.46 161.67 4.28
C LEU RD 212 16.93 161.45 3.96
N THR RD 213 17.65 162.56 3.83
CA THR RD 213 19.10 162.55 3.66
C THR RD 213 19.72 163.38 4.77
N ILE RD 214 20.43 162.73 5.69
CA ILE RD 214 21.03 163.39 6.84
C ILE RD 214 22.53 163.34 6.68
N ARG RD 215 23.17 164.52 6.74
CA ARG RD 215 24.61 164.64 6.62
C ARG RD 215 25.14 165.39 7.84
N ALA RD 216 26.14 164.82 8.50
CA ALA RD 216 26.74 165.49 9.66
C ALA RD 216 28.25 165.42 9.56
N LYS RD 217 28.91 166.59 9.68
CA LYS RD 217 30.34 166.69 9.46
C LYS RD 217 31.15 166.83 10.74
N LYS RD 218 30.88 167.84 11.56
CA LYS RD 218 31.82 168.29 12.57
C LYS RD 218 31.38 167.99 13.99
N ALA RD 219 30.22 168.47 14.41
CA ALA RD 219 29.72 168.26 15.76
C ALA RD 219 28.21 168.45 15.72
N ALA RD 220 27.47 167.38 15.93
CA ALA RD 220 26.02 167.46 15.80
C ALA RD 220 25.35 166.68 16.92
N LYS RD 221 24.28 167.24 17.46
CA LYS RD 221 23.45 166.57 18.46
C LYS RD 221 22.02 166.65 17.97
N ILE RD 222 21.52 165.58 17.36
CA ILE RD 222 20.17 165.60 16.78
C ILE RD 222 19.30 164.58 17.48
N GLN RD 223 18.06 164.96 17.74
CA GLN RD 223 17.04 164.09 18.33
C GLN RD 223 15.78 164.20 17.48
N LEU RD 224 15.38 163.09 16.87
CA LEU RD 224 14.25 163.08 15.95
C LEU RD 224 13.28 161.98 16.32
N ALA RD 225 11.98 162.31 16.27
CA ALA RD 225 10.94 161.32 16.48
C ALA RD 225 9.87 161.51 15.42
N GLY RD 226 9.36 160.41 14.88
CA GLY RD 226 8.36 160.49 13.83
C GLY RD 226 8.41 159.26 12.94
N ILE RD 227 7.79 159.39 11.77
CA ILE RD 227 7.60 158.28 10.84
C ILE RD 227 8.30 158.63 9.53
N VAL RD 228 9.33 157.86 9.19
CA VAL RD 228 10.04 158.00 7.92
C VAL RD 228 10.09 156.63 7.26
N ASN RD 229 10.02 156.61 5.92
CA ASN RD 229 10.14 155.36 5.18
C ASN RD 229 11.59 155.03 4.84
N ARG RD 230 12.26 155.92 4.11
CA ARG RD 230 13.61 155.67 3.63
C ARG RD 230 14.55 156.72 4.19
N LEU RD 231 15.66 156.26 4.77
CA LEU RD 231 16.59 157.14 5.47
C LEU RD 231 18.01 156.81 5.03
N ASP RD 232 18.77 157.85 4.73
CA ASP RD 232 20.20 157.70 4.48
C ASP RD 232 20.94 158.67 5.39
N VAL RD 233 21.71 158.12 6.34
CA VAL RD 233 22.41 158.91 7.33
C VAL RD 233 23.90 158.71 7.16
N GLU RD 234 24.64 159.81 7.05
CA GLU RD 234 26.10 159.78 7.02
C GLU RD 234 26.64 160.66 8.12
N LEU RD 235 27.51 160.10 8.95
CA LEU RD 235 28.13 160.81 10.05
C LEU RD 235 29.64 160.73 9.90
N TRP RD 236 30.32 161.87 10.05
CA TRP RD 236 31.78 161.85 9.95
C TRP RD 236 32.44 161.74 11.32
N ASP RD 237 32.19 162.70 12.21
CA ASP RD 237 32.83 162.70 13.52
C ASP RD 237 31.99 163.53 14.47
N PHE RD 238 31.87 163.04 15.72
CA PHE RD 238 31.18 163.71 16.82
C PHE RD 238 29.74 164.04 16.46
N ALA RD 239 29.06 163.06 15.89
CA ALA RD 239 27.65 163.14 15.58
C ALA RD 239 26.92 162.19 16.51
N GLN RD 240 26.05 162.75 17.35
CA GLN RD 240 25.20 161.99 18.25
C GLN RD 240 23.80 162.06 17.69
N PHE RD 241 23.38 160.97 17.07
CA PHE RD 241 22.10 160.90 16.39
C PHE RD 241 21.14 160.03 17.20
N LYS RD 242 19.99 160.61 17.54
CA LYS RD 242 18.95 159.92 18.30
C LYS RD 242 17.74 159.77 17.39
N GLY RD 243 17.76 158.74 16.56
CA GLY RD 243 16.58 158.30 15.85
C GLY RD 243 15.97 157.12 16.59
N LYS RD 244 16.13 157.11 17.90
CA LYS RD 244 15.24 156.33 18.74
C LYS RD 244 13.89 157.02 18.73
N TYR RD 245 12.84 156.23 18.95
CA TYR RD 245 11.44 156.63 18.81
C TYR RD 245 11.16 157.19 17.43
N LEU RD 246 11.75 156.56 16.41
CA LEU RD 246 11.61 156.99 15.02
C LEU RD 246 11.53 155.72 14.17
N ARG RD 247 10.31 155.29 13.86
CA ARG RD 247 10.12 154.03 13.16
C ARG RD 247 10.53 154.17 11.70
N ALA RD 248 11.37 153.23 11.25
CA ALA RD 248 12.03 153.32 9.96
C ALA RD 248 11.66 152.12 9.11
N GLN RD 249 11.08 152.37 7.93
CA GLN RD 249 10.77 151.29 7.01
C GLN RD 249 12.01 150.81 6.27
N ARG RD 250 12.93 151.72 5.97
CA ARG RD 250 14.15 151.36 5.26
C ARG RD 250 15.25 152.31 5.72
N SER RD 251 16.34 151.77 6.25
CA SER RD 251 17.36 152.62 6.84
C SER RD 251 18.76 152.23 6.35
N PHE RD 252 19.57 153.25 6.10
CA PHE RD 252 20.96 153.09 5.69
C PHE RD 252 21.81 153.99 6.57
N VAL RD 253 22.78 153.39 7.25
CA VAL RD 253 23.62 154.10 8.20
C VAL RD 253 25.08 153.94 7.80
N LYS RD 254 25.80 155.05 7.70
CA LYS RD 254 27.24 155.04 7.42
C LYS RD 254 27.94 155.94 8.41
N THR RD 255 28.67 155.32 9.35
CA THR RD 255 29.34 156.05 10.42
C THR RD 255 30.84 155.96 10.27
N HIS RD 256 31.50 157.12 10.24
CA HIS RD 256 32.94 157.20 10.26
C HIS RD 256 33.42 157.32 11.71
N ASP RD 257 34.67 157.76 11.89
CA ASP RD 257 35.35 157.72 13.18
C ASP RD 257 34.64 158.56 14.23
N LYS RD 258 34.38 157.94 15.39
CA LYS RD 258 33.73 158.54 16.54
C LYS RD 258 32.36 159.12 16.19
N SER RD 259 31.46 158.22 15.81
CA SER RD 259 30.09 158.57 15.48
C SER RD 259 29.17 157.67 16.26
N VAL RD 260 28.17 158.25 16.93
CA VAL RD 260 27.24 157.51 17.76
C VAL RD 260 25.84 157.66 17.17
N ALA RD 261 25.21 156.53 16.86
CA ALA RD 261 23.89 156.55 16.25
C ALA RD 261 22.99 155.54 16.95
N GLU RD 262 21.79 156.00 17.33
CA GLU RD 262 20.77 155.15 17.91
C GLU RD 262 19.57 155.15 16.98
N ILE RD 263 19.06 153.96 16.65
CA ILE RD 263 18.18 153.74 15.51
C ILE RD 263 16.96 152.97 15.98
N SER RD 264 15.78 153.32 15.46
CA SER RD 264 14.57 152.57 15.70
C SER RD 264 14.01 151.96 14.42
N ALA RD 265 14.87 151.28 13.65
CA ALA RD 265 14.46 150.63 12.41
C ALA RD 265 13.47 149.49 12.67
N VAL RD 266 12.61 149.22 11.69
CA VAL RD 266 11.51 148.28 11.83
C VAL RD 266 11.64 147.11 10.86
N ASN RD 267 11.91 147.38 9.59
CA ASN RD 267 11.77 146.36 8.57
C ASN RD 267 13.09 146.01 7.89
N HIS RD 268 13.79 146.99 7.33
CA HIS RD 268 15.02 146.73 6.59
C HIS RD 268 16.09 147.72 7.05
N GLN RD 269 17.21 147.20 7.52
CA GLN RD 269 18.30 148.05 7.98
C GLN RD 269 19.63 147.59 7.43
N SER RD 270 20.41 148.53 6.93
CA SER RD 270 21.76 148.30 6.43
C SER RD 270 22.71 149.26 7.13
N SER RD 271 23.80 148.73 7.69
CA SER RD 271 24.63 149.53 8.57
C SER RD 271 26.11 149.28 8.33
N LEU RD 272 26.90 150.35 8.35
CA LEU RD 272 28.35 150.26 8.19
C LEU RD 272 29.04 151.20 9.18
N ALA RD 273 30.07 150.67 9.85
CA ALA RD 273 30.89 151.43 10.77
C ALA RD 273 32.35 151.32 10.38
N THR RD 274 33.08 152.44 10.45
CA THR RD 274 34.49 152.37 10.10
C THR RD 274 35.37 152.03 11.30
N ASP RD 275 35.38 152.91 12.31
CA ASP RD 275 36.28 152.75 13.45
C ASP RD 275 35.71 153.55 14.62
N ALA RD 276 35.77 152.94 15.80
CA ALA RD 276 35.33 153.54 17.07
C ALA RD 276 33.90 154.05 17.02
N SER RD 277 33.05 153.38 16.25
CA SER RD 277 31.72 153.85 15.94
C SER RD 277 30.70 153.02 16.70
N ASP RD 278 29.70 153.69 17.26
CA ASP RD 278 28.68 153.03 18.06
C ASP RD 278 27.36 153.06 17.32
N ILE RD 279 26.73 151.90 17.17
CA ILE RD 279 25.43 151.79 16.55
C ILE RD 279 24.55 150.98 17.47
N TYR RD 280 23.44 151.57 17.90
CA TYR RD 280 22.52 150.93 18.83
C TYR RD 280 21.15 150.95 18.19
N TYR RD 281 20.75 149.84 17.60
CA TYR RD 281 19.35 149.69 17.22
C TYR RD 281 18.53 149.37 18.46
N TYR RD 282 17.22 149.56 18.35
CA TYR RD 282 16.36 149.25 19.48
C TYR RD 282 15.11 148.48 19.11
N ASN RD 283 14.91 148.14 17.85
CA ASN RD 283 13.80 147.27 17.47
C ASN RD 283 14.32 146.20 16.52
N LEU RD 284 13.89 144.97 16.76
CA LEU RD 284 14.36 143.83 15.98
C LEU RD 284 13.71 143.88 14.59
N SER RD 285 14.53 144.05 13.57
CA SER RD 285 14.00 144.18 12.22
C SER RD 285 13.79 142.81 11.59
N LYS RD 286 12.94 142.80 10.57
CA LYS RD 286 12.78 141.58 9.78
C LYS RD 286 13.96 141.36 8.84
N THR RD 287 14.71 142.41 8.52
CA THR RD 287 15.85 142.31 7.63
C THR RD 287 16.96 143.20 8.16
N ARG RD 288 18.09 142.60 8.50
CA ARG RD 288 19.18 143.28 9.17
C ARG RD 288 20.49 142.88 8.54
N ALA RD 289 21.34 143.86 8.23
CA ALA RD 289 22.71 143.52 7.84
C ALA RD 289 23.65 144.63 8.28
N ASP RD 290 24.73 144.24 8.97
CA ASP RD 290 25.63 145.17 9.63
C ASP RD 290 27.07 144.81 9.32
N PHE RD 291 27.92 145.82 9.24
CA PHE RD 291 29.33 145.61 8.90
C PHE RD 291 30.22 146.58 9.66
N MET RD 292 31.36 146.06 10.11
CA MET RD 292 32.40 146.84 10.78
C MET RD 292 33.66 146.80 9.92
N ALA RD 293 34.46 147.86 10.02
CA ALA RD 293 35.71 147.94 9.26
C ALA RD 293 36.93 147.80 10.16
N PHE RD 294 37.10 148.68 11.14
CA PHE RD 294 38.22 148.55 12.06
C PHE RD 294 37.78 148.29 13.49
N ASN RD 295 37.00 149.20 14.08
CA ASN RD 295 36.67 149.08 15.50
C ASN RD 295 35.20 149.32 15.77
N GLY RD 296 34.36 149.34 14.74
CA GLY RD 296 32.96 149.69 14.93
C GLY RD 296 32.20 148.60 15.66
N SER RD 297 31.01 148.97 16.14
CA SER RD 297 30.24 148.06 16.97
C SER RD 297 28.77 148.32 16.77
N VAL RD 298 28.00 147.25 16.70
CA VAL RD 298 26.55 147.28 16.55
C VAL RD 298 25.96 146.41 17.65
N LEU RD 299 25.08 146.98 18.46
CA LEU RD 299 24.63 146.31 19.68
C LEU RD 299 23.11 146.31 19.78
N ASP RD 300 22.60 145.32 20.52
CA ASP RD 300 21.16 145.12 20.64
C ASP RD 300 20.53 146.20 21.52
N MET RD 301 21.15 146.46 22.67
CA MET RD 301 20.79 147.56 23.57
C MET RD 301 19.33 147.49 24.03
N ARG RD 302 18.84 146.30 24.33
CA ARG RD 302 17.47 146.13 24.79
C ARG RD 302 17.44 145.68 26.25
N GLU RD 303 16.24 145.69 26.81
CA GLU RD 303 16.09 145.63 28.26
C GLU RD 303 16.32 144.24 28.84
N TRP RD 304 16.02 143.19 28.07
CA TRP RD 304 16.03 141.78 28.51
C TRP RD 304 15.10 141.53 29.69
N GLY RD 305 14.09 142.37 29.87
CA GLY RD 305 13.19 142.24 31.00
C GLY RD 305 11.77 142.56 30.56
N GLN RD 306 11.59 142.58 29.25
CA GLN RD 306 10.28 142.83 28.66
C GLN RD 306 9.33 141.69 28.98
N SER RD 307 8.06 142.02 29.16
CA SER RD 307 7.04 140.99 29.27
C SER RD 307 6.65 140.40 27.93
N ASP RD 308 7.05 141.02 26.82
CA ASP RD 308 6.62 140.63 25.49
C ASP RD 308 7.78 140.71 24.50
N LEU RD 309 8.93 140.18 24.90
CA LEU RD 309 10.11 140.17 24.03
C LEU RD 309 10.15 138.91 23.18
N LYS RD 310 10.49 139.08 21.91
CA LYS RD 310 10.62 137.98 20.96
C LYS RD 310 12.09 137.63 20.75
N ASP RD 311 12.35 136.77 19.76
CA ASP RD 311 13.70 136.33 19.45
C ASP RD 311 13.92 136.32 17.94
N PHE RD 312 15.06 135.78 17.49
CA PHE RD 312 15.36 135.72 16.07
C PHE RD 312 14.55 134.62 15.39
N ASP RD 313 14.17 134.90 14.15
CA ASP RD 313 13.39 133.96 13.36
C ASP RD 313 14.32 133.07 12.54
N ARG RD 314 13.74 132.39 11.55
CA ARG RD 314 14.50 131.49 10.67
C ARG RD 314 15.51 132.25 9.83
N TYR RD 315 15.24 133.51 9.53
CA TYR RD 315 16.10 134.31 8.66
C TYR RD 315 16.82 135.42 9.39
N ASN RD 316 16.26 135.95 10.47
CA ASN RD 316 16.73 137.21 11.02
C ASN RD 316 17.99 137.06 11.86
N LYS RD 317 18.45 135.85 12.11
CA LYS RD 317 19.69 135.64 12.85
C LYS RD 317 20.87 136.03 11.99
N GLN RD 318 21.74 136.89 12.52
CA GLN RD 318 22.96 137.28 11.84
C GLN RD 318 24.06 137.50 12.87
N PHE RD 319 25.20 136.86 12.65
CA PHE RD 319 26.18 137.04 13.70
C PHE RD 319 27.14 138.17 13.36
N PRO RD 320 27.49 138.99 14.35
CA PRO RD 320 28.51 140.02 14.16
C PRO RD 320 29.92 139.46 13.96
N ASP SD 39 50.30 101.39 21.41
CA ASP SD 39 49.09 101.27 22.20
C ASP SD 39 49.38 101.50 23.67
N GLY SD 40 50.39 102.33 23.93
CA GLY SD 40 50.72 102.71 25.29
C GLY SD 40 49.63 103.59 25.88
N CYS SD 41 48.90 103.06 26.86
CA CYS SD 41 47.74 103.78 27.36
C CYS SD 41 48.14 104.96 28.23
N CYS SD 42 49.13 104.79 29.10
CA CYS SD 42 49.69 105.91 29.83
C CYS SD 42 50.94 106.47 29.13
N SER SD 43 50.81 106.74 27.84
CA SER SD 43 51.91 107.32 27.08
C SER SD 43 52.09 108.78 27.43
N LYS SD 44 53.35 109.19 27.58
CA LYS SD 44 53.74 110.52 28.09
C LYS SD 44 53.12 110.79 29.46
N MET SD 45 52.99 109.73 30.25
CA MET SD 45 52.45 109.81 31.59
C MET SD 45 53.29 108.89 32.48
N GLY SD 46 52.91 108.82 33.75
CA GLY SD 46 53.70 108.05 34.71
C GLY SD 46 53.68 106.56 34.43
N GLY SD 47 52.51 106.00 34.15
CA GLY SD 47 52.36 104.58 33.97
C GLY SD 47 51.09 104.10 34.63
N ILE SD 48 50.62 102.94 34.20
CA ILE SD 48 49.31 102.43 34.61
C ILE SD 48 49.37 101.94 36.04
N ASN SD 49 48.40 102.37 36.85
CA ASN SD 49 48.24 101.85 38.20
C ASN SD 49 47.27 100.68 38.23
N TYR SD 50 46.02 100.92 37.83
CA TYR SD 50 44.99 99.89 37.94
C TYR SD 50 43.85 100.25 37.01
N CYS SD 51 42.98 99.28 36.81
CA CYS SD 51 41.76 99.45 36.03
C CYS SD 51 40.57 99.58 36.98
N ASP SD 52 39.73 100.58 36.73
CA ASP SD 52 38.49 100.74 37.48
C ASP SD 52 37.44 99.87 36.80
N SER SD 53 36.99 98.82 37.50
CA SER SD 53 36.00 97.92 36.93
C SER SD 53 34.63 98.57 36.82
N SER SD 54 34.31 99.49 37.74
CA SER SD 54 33.04 100.20 37.63
C SER SD 54 33.07 101.20 36.49
N ALA SD 55 34.24 101.72 36.15
CA ALA SD 55 34.36 102.70 35.08
C ALA SD 55 34.80 102.10 33.76
N GLY SD 56 35.55 101.00 33.79
CA GLY SD 56 36.11 100.48 32.57
C GLY SD 56 37.32 101.22 32.07
N ARG SD 57 37.85 102.15 32.86
CA ARG SD 57 38.94 103.02 32.44
C ARG SD 57 40.19 102.73 33.24
N LEU SD 58 41.33 103.01 32.62
CA LEU SD 58 42.62 102.78 33.24
C LEU SD 58 43.07 104.04 33.96
N VAL SD 59 43.90 103.88 34.98
CA VAL SD 59 44.36 105.00 35.80
C VAL SD 59 45.87 105.09 35.69
N CYS SD 60 46.36 106.23 35.22
CA CYS SD 60 47.79 106.45 35.12
C CYS SD 60 48.33 106.92 36.46
N ASN SD 61 49.67 107.03 36.55
CA ASN SD 61 50.30 107.45 37.81
C ASN SD 61 49.98 108.89 38.12
N ASN SD 62 50.09 109.77 37.14
CA ASN SD 62 49.34 111.01 37.19
C ASN SD 62 47.88 110.66 37.13
N GLY SD 63 47.09 111.17 38.08
CA GLY SD 63 45.75 110.67 38.29
C GLY SD 63 44.76 111.06 37.23
N PHE SD 64 44.94 110.54 36.02
CA PHE SD 64 44.08 110.91 34.91
C PHE SD 64 43.56 109.66 34.23
N TYR SD 65 42.31 109.72 33.82
CA TYR SD 65 41.71 108.62 33.07
C TYR SD 65 42.26 108.62 31.67
N SER SD 66 43.04 107.59 31.33
CA SER SD 66 43.59 107.49 30.00
C SER SD 66 42.50 107.03 29.02
N THR SD 67 42.83 107.11 27.74
CA THR SD 67 41.84 106.88 26.69
C THR SD 67 41.44 105.42 26.53
N CYS SD 68 42.19 104.48 27.10
CA CYS SD 68 41.93 103.08 26.83
C CYS SD 68 40.75 102.57 27.64
N TYR SD 69 40.36 101.34 27.34
CA TYR SD 69 39.29 100.64 28.05
C TYR SD 69 39.84 99.36 28.64
N CYS SD 70 39.22 98.89 29.72
CA CYS SD 70 39.66 97.64 30.32
C CYS SD 70 38.53 96.72 30.76
N THR SD 71 37.27 97.08 30.54
CA THR SD 71 36.17 96.16 30.76
C THR SD 71 35.29 96.11 29.52
N ARG SD 72 34.67 94.96 29.31
CA ARG SD 72 33.60 94.88 28.33
C ARG SD 72 32.42 95.73 28.77
N HIS SD 73 32.10 95.69 30.06
CA HIS SD 73 31.01 96.51 30.61
C HIS SD 73 31.48 97.96 30.73
N ALA SD 74 31.50 98.63 29.58
CA ALA SD 74 31.96 100.01 29.53
C ALA SD 74 31.27 100.70 28.37
N VAL SD 75 31.22 102.02 28.42
CA VAL SD 75 30.53 102.83 27.44
C VAL SD 75 31.54 103.32 26.41
N MET SD 76 31.31 102.99 25.15
CA MET SD 76 32.00 103.62 24.04
C MET SD 76 31.01 103.75 22.90
N ASP SD 77 31.21 104.75 22.04
CA ASP SD 77 30.22 105.11 21.04
C ASP SD 77 30.26 104.11 19.89
N LEU SD 78 29.60 102.98 20.12
CA LEU SD 78 29.48 101.92 19.13
C LEU SD 78 28.24 102.19 18.30
N GLN SD 79 28.43 102.51 17.01
CA GLN SD 79 27.33 102.87 16.14
C GLN SD 79 27.25 102.08 14.85
N PHE SD 80 28.19 101.19 14.58
CA PHE SD 80 28.17 100.39 13.37
C PHE SD 80 28.33 98.92 13.73
N LEU SD 81 27.62 98.05 13.02
CA LEU SD 81 27.55 96.65 13.40
C LEU SD 81 27.64 95.76 12.17
N MET SD 82 28.01 94.51 12.41
CA MET SD 82 27.99 93.47 11.40
C MET SD 82 26.78 92.55 11.64
N GLY SD 83 26.73 91.45 10.90
CA GLY SD 83 25.71 90.44 11.10
C GLY SD 83 24.50 90.63 10.19
N CYS SD 84 23.74 89.55 10.04
CA CYS SD 84 22.54 89.57 9.23
C CYS SD 84 21.34 89.13 10.05
N CYS SD 85 20.15 89.27 9.45
CA CYS SD 85 18.86 89.17 10.12
C CYS SD 85 18.78 90.10 11.33
N LEU SD 86 19.32 91.30 11.17
CA LEU SD 86 19.22 92.28 12.23
C LEU SD 86 17.84 92.90 12.24
N TRP SD 87 17.50 93.51 13.38
CA TRP SD 87 16.20 94.13 13.65
C TRP SD 87 15.06 93.15 13.44
N HIS SD 88 15.31 91.88 13.79
CA HIS SD 88 14.38 90.80 13.58
C HIS SD 88 14.59 89.81 14.71
N GLY SD 89 14.12 88.59 14.54
CA GLY SD 89 14.39 87.58 15.53
C GLY SD 89 15.77 86.98 15.47
N GLY SD 90 16.61 87.42 14.55
CA GLY SD 90 17.91 86.84 14.35
C GLY SD 90 17.86 85.64 13.42
N VAL SD 91 19.04 85.13 13.09
CA VAL SD 91 19.15 84.07 12.11
C VAL SD 91 18.63 82.76 12.70
N TYR SD 92 17.84 82.04 11.92
CA TYR SD 92 17.26 80.79 12.39
C TYR SD 92 18.33 79.71 12.48
N PRO SD 93 18.47 79.03 13.62
CA PRO SD 93 19.56 78.07 13.80
C PRO SD 93 19.37 76.74 13.12
N GLN SD 94 18.27 76.52 12.40
CA GLN SD 94 18.16 75.27 11.64
C GLN SD 94 19.04 75.34 10.40
N LEU SD 95 19.39 74.16 9.88
CA LEU SD 95 20.20 74.07 8.68
C LEU SD 95 19.38 73.46 7.55
N ASN SD 96 19.45 74.10 6.39
CA ASN SD 96 18.66 73.72 5.23
C ASN SD 96 19.58 73.21 4.15
N SER SD 97 19.02 72.41 3.23
CA SER SD 97 19.76 72.00 2.04
C SER SD 97 20.08 73.19 1.16
N SER SD 98 19.14 74.11 1.01
CA SER SD 98 19.31 75.25 0.12
C SER SD 98 20.14 76.33 0.80
N GLY SD 99 20.41 77.42 0.08
CA GLY SD 99 21.14 78.53 0.64
C GLY SD 99 20.23 79.62 1.16
N LEU SD 100 18.96 79.29 1.38
CA LEU SD 100 18.01 80.26 1.88
C LEU SD 100 18.25 80.53 3.36
N VAL SD 101 18.31 81.80 3.71
CA VAL SD 101 18.49 82.23 5.10
C VAL SD 101 17.23 82.95 5.52
N VAL SD 102 16.66 82.53 6.64
CA VAL SD 102 15.38 83.05 7.12
C VAL SD 102 15.55 83.52 8.56
N CYS SD 103 15.04 84.70 8.86
CA CYS SD 103 15.11 85.20 10.22
C CYS SD 103 14.10 84.48 11.10
N ASN SD 104 14.24 84.65 12.42
CA ASN SD 104 13.43 83.88 13.37
C ASN SD 104 11.98 84.34 13.37
N ASP SD 105 11.71 85.59 13.00
CA ASP SD 105 10.35 86.10 13.01
C ASP SD 105 9.64 85.91 11.68
N GLY SD 106 10.06 84.92 10.90
CA GLY SD 106 9.43 84.64 9.62
C GLY SD 106 9.93 85.50 8.48
N TYR SD 107 10.82 86.45 8.74
CA TYR SD 107 11.36 87.27 7.68
C TYR SD 107 12.42 86.48 6.90
N VAL SD 108 12.39 86.62 5.60
CA VAL SD 108 13.37 85.98 4.72
C VAL SD 108 14.35 87.05 4.25
N SER SD 109 15.63 86.82 4.48
CA SER SD 109 16.68 87.73 4.05
C SER SD 109 17.38 87.12 2.85
N GLU SD 110 16.94 87.53 1.65
CA GLU SD 110 17.64 87.12 0.44
C GLU SD 110 19.00 87.79 0.32
N GLU SD 111 19.23 88.87 1.08
CA GLU SD 111 20.56 89.43 1.20
C GLU SD 111 21.51 88.45 1.86
N CYS SD 112 21.08 87.87 2.98
CA CYS SD 112 21.89 86.85 3.63
C CYS SD 112 21.88 85.54 2.86
N SER SD 113 20.87 85.31 2.04
CA SER SD 113 20.78 84.12 1.22
C SER SD 113 21.60 84.29 -0.07
N LEU SD 114 21.76 83.18 -0.78
CA LEU SD 114 22.51 83.16 -2.03
C LEU SD 114 21.58 83.48 -3.20
N GLN SD 115 22.17 83.93 -4.31
CA GLN SD 115 21.43 84.31 -5.49
C GLN SD 115 21.48 83.20 -6.52
N LYS SD 116 20.30 82.72 -6.92
CA LYS SD 116 20.18 81.77 -8.02
C LYS SD 116 18.79 81.84 -8.64
N UNK TD 1 28.47 123.16 35.34
CA UNK TD 1 29.65 123.60 36.08
C UNK TD 1 29.66 125.11 36.27
N UNK TD 2 30.23 125.81 35.29
CA UNK TD 2 30.20 127.27 35.15
C UNK TD 2 30.86 128.00 36.32
N UNK TD 3 31.70 127.31 37.08
CA UNK TD 3 32.41 127.92 38.21
C UNK TD 3 33.65 127.06 38.44
N UNK TD 4 34.82 127.59 38.09
CA UNK TD 4 36.03 126.80 38.21
C UNK TD 4 36.47 126.65 39.66
N UNK TD 5 36.39 127.71 40.44
CA UNK TD 5 36.82 127.70 41.83
C UNK TD 5 35.69 128.21 42.71
N UNK TD 6 35.34 127.44 43.74
CA UNK TD 6 34.34 127.87 44.69
C UNK TD 6 34.95 128.90 45.63
N UNK TD 7 34.15 129.88 46.03
CA UNK TD 7 34.64 130.91 46.92
C UNK TD 7 34.57 130.44 48.37
N UNK TD 8 34.98 131.34 49.27
CA UNK TD 8 34.78 131.17 50.71
C UNK TD 8 34.67 132.59 51.30
N UNK TD 9 33.43 133.04 51.49
CA UNK TD 9 33.07 134.37 52.00
C UNK TD 9 33.70 135.52 51.21
N UNK UD 1 -91.48 72.64 -11.16
CA UNK UD 1 -90.88 71.66 -10.27
C UNK UD 1 -90.53 72.29 -8.93
N UNK UD 2 -89.49 73.11 -8.93
CA UNK UD 2 -89.07 73.84 -7.74
C UNK UD 2 -88.93 75.31 -8.10
N UNK UD 3 -89.41 76.18 -7.20
CA UNK UD 3 -89.42 77.61 -7.44
C UNK UD 3 -88.24 78.27 -6.72
N UNK UD 4 -87.46 79.05 -7.48
CA UNK UD 4 -86.35 79.78 -6.88
C UNK UD 4 -86.84 80.87 -5.94
N UNK UD 5 -88.01 81.44 -6.21
CA UNK UD 5 -88.62 82.39 -5.29
C UNK UD 5 -89.01 81.70 -3.98
N UNK UD 6 -89.53 80.46 -4.07
CA UNK UD 6 -89.81 79.69 -2.87
C UNK UD 6 -88.53 79.32 -2.13
N UNK UD 7 -87.44 79.07 -2.86
CA UNK UD 7 -86.15 78.83 -2.22
C UNK UD 7 -85.64 80.06 -1.48
N UNK UD 8 -85.80 81.24 -2.09
CA UNK UD 8 -85.44 82.49 -1.43
C UNK UD 8 -86.30 82.75 -0.21
N UNK UD 9 -87.60 82.44 -0.29
CA UNK UD 9 -88.49 82.61 0.84
C UNK UD 9 -88.14 81.64 1.97
N UNK UD 10 -87.77 80.41 1.63
CA UNK UD 10 -87.37 79.44 2.64
C UNK UD 10 -86.05 79.83 3.30
N UNK UD 11 -85.12 80.37 2.52
CA UNK UD 11 -83.87 80.88 3.08
C UNK UD 11 -84.11 82.07 4.00
N UNK UD 12 -85.02 82.98 3.60
CA UNK UD 12 -85.35 84.13 4.44
C UNK UD 12 -86.05 83.71 5.72
N UNK UD 13 -86.94 82.70 5.63
CA UNK UD 13 -87.62 82.20 6.82
C UNK UD 13 -86.65 81.46 7.73
N UNK UD 14 -85.64 80.79 7.16
CA UNK UD 14 -84.60 80.18 7.98
C UNK UD 14 -83.73 81.24 8.64
N UNK UD 15 -83.49 82.36 7.96
CA UNK UD 15 -82.80 83.49 8.58
C UNK UD 15 -83.63 84.08 9.71
N UNK UD 16 -84.93 84.19 9.52
CA UNK UD 16 -85.84 84.67 10.56
C UNK UD 16 -86.34 83.49 11.39
N UNK UD 17 -85.42 82.93 12.17
CA UNK UD 17 -85.73 81.76 13.00
C UNK UD 17 -86.71 82.09 14.09
N UNK UD 18 -86.49 83.23 14.77
CA UNK UD 18 -87.34 83.73 15.86
C UNK UD 18 -87.50 82.72 16.99
N UNK UD 19 -86.43 81.98 17.29
CA UNK UD 19 -86.48 80.93 18.30
C UNK UD 19 -85.12 80.81 18.94
N UNK UD 20 -85.06 81.06 20.25
CA UNK UD 20 -83.83 80.98 21.01
C UNK UD 20 -84.17 80.88 22.49
N UNK UD 21 -83.62 79.87 23.17
CA UNK UD 21 -83.80 79.70 24.60
C UNK UD 21 -82.60 78.96 25.15
N UNK UD 22 -81.84 79.60 26.02
CA UNK UD 22 -80.60 79.04 26.54
C UNK UD 22 -80.75 78.65 28.01
N UNK UD 23 -80.40 77.41 28.32
CA UNK UD 23 -80.34 76.89 29.67
C UNK UD 23 -78.89 76.52 29.94
N UNK UD 24 -78.13 77.45 30.51
CA UNK UD 24 -76.76 77.14 30.86
C UNK UD 24 -76.71 76.40 32.19
N UNK UD 25 -75.55 75.87 32.49
CA UNK UD 25 -75.33 75.14 33.74
C UNK UD 25 -74.04 75.62 34.38
N UNK UD 26 -73.96 75.44 35.69
CA UNK UD 26 -72.76 75.74 36.45
C UNK UD 26 -72.05 74.44 36.80
N UNK UD 27 -70.98 74.54 37.58
CA UNK UD 27 -70.27 73.35 38.03
C UNK UD 27 -71.00 72.61 39.14
N UNK UD 28 -71.96 73.26 39.79
CA UNK UD 28 -72.72 72.64 40.86
C UNK UD 28 -74.01 71.99 40.37
N UNK UD 29 -74.24 72.00 39.05
CA UNK UD 29 -75.38 71.35 38.38
C UNK UD 29 -76.73 71.90 38.87
N UNK UD 30 -76.82 73.22 39.05
CA UNK UD 30 -78.08 73.91 39.28
C UNK UD 30 -78.32 74.77 38.04
N UNK UD 31 -79.10 74.25 37.10
CA UNK UD 31 -79.20 74.84 35.77
C UNK UD 31 -79.98 76.15 35.80
N UNK UD 32 -79.48 77.13 35.05
CA UNK UD 32 -80.12 78.43 34.93
C UNK UD 32 -80.62 78.58 33.49
N UNK UD 33 -81.94 78.62 33.32
CA UNK UD 33 -82.57 78.76 32.02
C UNK UD 33 -83.12 80.18 31.90
N UNK UD 34 -82.65 80.91 30.91
CA UNK UD 34 -83.13 82.28 30.73
C UNK UD 34 -84.51 82.28 30.06
N UNK UD 35 -85.10 83.45 30.00
CA UNK UD 35 -86.37 83.61 29.30
C UNK UD 35 -86.15 83.49 27.79
N UNK UD 36 -87.16 82.95 27.11
CA UNK UD 36 -87.05 82.70 25.68
C UNK UD 36 -87.08 84.01 24.90
N UNK UD 37 -86.10 84.19 24.02
CA UNK UD 37 -85.97 85.44 23.27
C UNK UD 37 -85.93 85.15 21.78
N UNK UD 38 -85.63 86.19 20.99
CA UNK UD 38 -85.54 86.16 19.53
C UNK UD 38 -86.79 85.61 18.85
N UNK UD 39 -67.52 75.57 31.92
CA UNK UD 39 -68.62 74.64 31.69
C UNK UD 39 -69.96 75.34 31.77
N UNK UD 40 -70.04 76.54 31.22
CA UNK UD 40 -71.29 77.30 31.18
C UNK UD 40 -71.73 77.66 29.77
N UNK UD 41 -70.78 77.76 28.83
CA UNK UD 41 -71.08 78.08 27.44
C UNK UD 41 -70.91 76.82 26.62
N UNK UD 42 -72.02 76.25 26.18
CA UNK UD 42 -72.03 75.06 25.34
C UNK UD 42 -72.98 75.27 24.18
N UNK UD 43 -72.71 74.58 23.07
CA UNK UD 43 -73.57 74.68 21.90
C UNK UD 43 -74.92 74.02 22.14
N UNK UD 44 -74.97 73.00 23.01
CA UNK UD 44 -76.20 72.30 23.29
C UNK UD 44 -77.05 72.98 24.35
N UNK UD 45 -76.55 74.03 25.00
CA UNK UD 45 -77.33 74.73 26.00
C UNK UD 45 -78.43 75.57 25.39
N UNK UD 46 -78.33 75.89 24.10
CA UNK UD 46 -79.33 76.68 23.40
C UNK UD 46 -80.27 75.76 22.63
N UNK UD 47 -81.54 76.16 22.57
CA UNK UD 47 -82.57 75.43 21.87
C UNK UD 47 -83.41 76.41 21.06
N UNK UD 48 -84.05 75.91 20.01
CA UNK UD 48 -84.87 76.74 19.15
C UNK UD 48 -86.16 76.03 18.77
N LYS VD 24 44.98 133.05 9.89
CA LYS VD 24 45.54 132.60 8.63
C LYS VD 24 44.65 131.57 7.96
N PHE VD 25 44.22 130.57 8.72
CA PHE VD 25 43.41 129.49 8.20
C PHE VD 25 42.03 129.50 8.84
N LYS VD 26 41.01 129.33 8.01
CA LYS VD 26 39.64 129.14 8.44
C LYS VD 26 39.10 127.94 7.70
N LYS VD 27 38.50 127.05 8.39
CA LYS VD 27 38.04 125.86 7.70
C LYS VD 27 36.53 125.91 7.51
N PRO VD 28 35.99 125.19 6.52
CA PRO VD 28 34.54 125.06 6.41
C PRO VD 28 33.98 124.21 7.53
N PRO VD 29 32.67 124.27 7.79
CA PRO VD 29 32.07 123.37 8.79
C PRO VD 29 32.19 121.91 8.37
N ILE VD 30 32.30 121.04 9.38
CA ILE VD 30 32.70 119.67 9.14
C ILE VD 30 31.57 118.88 8.50
N ASN VD 31 30.40 118.87 9.12
CA ASN VD 31 29.27 118.13 8.58
C ASN VD 31 28.43 119.01 7.65
N ASN VD 32 29.10 119.66 6.73
CA ASN VD 32 28.47 120.60 5.83
C ASN VD 32 27.71 119.86 4.73
N PRO VD 33 26.52 120.31 4.38
CA PRO VD 33 25.84 119.76 3.20
C PRO VD 33 26.51 120.26 1.93
N SER VD 34 27.61 119.63 1.53
CA SER VD 34 28.30 120.03 0.31
C SER VD 34 27.79 119.28 -0.91
N ASP VD 35 26.88 118.35 -0.73
CA ASP VD 35 26.26 117.64 -1.84
C ASP VD 35 24.81 118.09 -1.99
N ASP VD 36 24.35 118.16 -3.24
CA ASP VD 36 23.02 118.68 -3.55
C ASP VD 36 21.93 117.81 -2.95
N ALA VD 37 22.12 116.49 -2.97
CA ALA VD 37 21.14 115.59 -2.37
C ALA VD 37 21.07 115.79 -0.86
N THR VD 38 22.22 115.98 -0.23
CA THR VD 38 22.26 116.28 1.21
C THR VD 38 21.60 117.61 1.51
N ILE VD 39 21.79 118.59 0.62
CA ILE VD 39 21.15 119.90 0.75
C ILE VD 39 19.64 119.75 0.70
N LYS VD 40 19.16 118.95 -0.25
CA LYS VD 40 17.73 118.72 -0.41
C LYS VD 40 17.15 118.03 0.82
N LEU VD 41 17.86 117.03 1.33
CA LEU VD 41 17.41 116.31 2.52
C LEU VD 41 17.35 117.23 3.74
N ALA VD 42 18.37 118.09 3.89
CA ALA VD 42 18.42 118.96 5.05
C ALA VD 42 17.32 120.02 5.02
N GLU VD 43 17.08 120.62 3.87
CA GLU VD 43 16.02 121.62 3.80
C GLU VD 43 14.64 120.98 3.93
N ALA VD 44 14.48 119.76 3.42
CA ALA VD 44 13.23 119.04 3.62
C ALA VD 44 13.01 118.74 5.09
N ALA VD 45 14.09 118.41 5.80
CA ALA VD 45 14.00 118.18 7.23
C ALA VD 45 13.60 119.45 7.98
N VAL VD 46 14.14 120.58 7.55
CA VAL VD 46 13.79 121.86 8.16
C VAL VD 46 12.30 122.16 7.95
N SER VD 47 11.82 121.92 6.73
CA SER VD 47 10.42 122.20 6.40
C SER VD 47 9.47 121.30 7.19
N VAL VD 48 9.78 120.00 7.28
CA VAL VD 48 8.87 119.12 7.98
C VAL VD 48 8.95 119.34 9.49
N SER VD 49 10.10 119.78 10.00
CA SER VD 49 10.21 120.10 11.41
C SER VD 49 9.34 121.29 11.76
N ASP VD 50 9.39 122.33 10.92
CA ASP VD 50 8.55 123.50 11.13
C ASP VD 50 7.08 123.14 11.00
N SER VD 51 6.74 122.28 10.04
CA SER VD 51 5.35 121.90 9.83
C SER VD 51 4.80 121.11 11.00
N MET VD 52 5.58 120.14 11.51
CA MET VD 52 5.12 119.35 12.63
C MET VD 52 5.04 120.18 13.91
N LEU VD 53 5.98 121.12 14.07
CA LEU VD 53 5.94 122.04 15.20
C LEU VD 53 4.68 122.88 15.18
N GLU VD 54 4.31 123.38 13.99
CA GLU VD 54 3.11 124.18 13.88
C GLU VD 54 1.86 123.34 14.11
N MET VD 55 1.87 122.10 13.63
CA MET VD 55 0.74 121.20 13.83
C MET VD 55 0.50 120.92 15.31
N ALA VD 56 1.58 120.65 16.05
CA ALA VD 56 1.45 120.44 17.49
C ALA VD 56 1.09 121.73 18.21
N LYS VD 57 1.56 122.87 17.71
CA LYS VD 57 1.23 124.16 18.31
C LYS VD 57 -0.25 124.46 18.18
N VAL VD 58 -0.84 124.08 17.05
CA VAL VD 58 -2.29 124.18 16.90
C VAL VD 58 -2.98 123.19 17.83
N GLU VD 59 -2.47 121.95 17.90
CA GLU VD 59 -3.15 120.92 18.66
C GLU VD 59 -3.06 121.12 20.17
N LYS VD 60 -2.12 121.93 20.65
CA LYS VD 60 -1.93 122.11 22.08
C LYS VD 60 -3.07 122.91 22.69
N VAL VD 61 -3.57 122.43 23.82
CA VAL VD 61 -4.57 123.14 24.61
C VAL VD 61 -3.93 123.52 25.94
N ILE VD 62 -4.00 124.80 26.29
CA ILE VD 62 -3.35 125.31 27.48
C ILE VD 62 -4.41 125.71 28.50
N THR VD 63 -3.96 126.05 29.70
CA THR VD 63 -4.81 126.58 30.75
C THR VD 63 -4.36 127.97 31.15
N PRO VD 64 -5.29 128.90 31.38
CA PRO VD 64 -4.89 130.26 31.73
C PRO VD 64 -4.34 130.31 33.14
N PRO VD 65 -3.49 131.29 33.46
CA PRO VD 65 -2.90 131.37 34.80
C PRO VD 65 -3.87 131.84 35.87
N SER VD 66 -5.10 132.21 35.53
CA SER VD 66 -6.09 132.60 36.51
C SER VD 66 -7.08 131.48 36.82
N LYS VD 67 -7.52 130.73 35.82
CA LYS VD 67 -8.55 129.73 36.01
C LYS VD 67 -7.96 128.35 36.32
N ASP VD 68 -6.65 128.26 36.52
CA ASP VD 68 -6.04 127.01 36.92
C ASP VD 68 -6.46 126.66 38.34
N ASN VD 69 -7.00 125.46 38.51
CA ASN VD 69 -7.61 125.05 39.77
C ASN VD 69 -6.60 124.27 40.61
N THR VD 70 -5.59 124.98 41.08
CA THR VD 70 -4.57 124.43 41.95
C THR VD 70 -4.50 125.25 43.23
N LEU VD 71 -3.98 124.64 44.28
CA LEU VD 71 -3.79 125.33 45.56
C LEU VD 71 -2.45 126.04 45.56
N THR VD 72 -2.47 127.31 45.97
CA THR VD 72 -1.24 128.10 46.05
C THR VD 72 -0.53 127.83 47.37
N ILE VD 73 0.49 128.62 47.66
CA ILE VD 73 1.37 128.40 48.80
C ILE VD 73 0.88 129.22 50.00
N PRO VD 74 0.62 128.58 51.15
CA PRO VD 74 0.05 129.31 52.30
C PRO VD 74 1.04 130.18 53.07
N ASN VD 75 2.35 130.04 52.80
CA ASN VD 75 3.45 130.87 53.29
C ASN VD 75 3.50 131.06 54.82
N ALA VD 76 2.87 130.18 55.58
CA ALA VD 76 3.03 130.24 57.04
C ALA VD 76 4.40 129.69 57.44
N TYR VD 77 4.84 130.10 58.62
CA TYR VD 77 6.23 129.85 59.02
C TYR VD 77 6.50 128.38 59.28
N ASN VD 78 5.54 127.66 59.85
CA ASN VD 78 5.72 126.24 60.10
C ASN VD 78 5.75 125.42 58.83
N LEU VD 79 5.20 125.95 57.74
CA LEU VD 79 5.11 125.22 56.50
C LEU VD 79 6.34 125.37 55.63
N GLN VD 80 7.32 126.15 56.06
CA GLN VD 80 8.56 126.32 55.32
C GLN VD 80 9.59 125.25 55.65
N ALA VD 81 9.27 124.34 56.56
CA ALA VD 81 10.23 123.34 56.98
C ALA VD 81 10.43 122.28 55.89
N ARG VD 82 11.57 121.61 55.95
CA ARG VD 82 11.88 120.56 55.00
C ARG VD 82 11.22 119.25 55.42
N ALA VD 83 11.33 118.24 54.58
CA ALA VD 83 10.69 116.96 54.83
C ALA VD 83 11.41 115.87 54.06
N SER VD 84 11.07 114.62 54.37
CA SER VD 84 11.64 113.46 53.68
C SER VD 84 10.59 112.35 53.78
N VAL VD 85 9.81 112.16 52.71
CA VAL VD 85 8.60 111.37 52.81
C VAL VD 85 8.61 110.25 51.78
N ASP VD 86 7.83 109.21 52.08
CA ASP VD 86 7.50 108.14 51.14
C ASP VD 86 6.23 107.47 51.64
N TRP VD 87 5.20 107.48 50.82
CA TRP VD 87 3.91 106.88 51.15
C TRP VD 87 3.25 106.44 49.86
N SER VD 88 2.49 105.36 49.92
CA SER VD 88 1.52 105.07 48.88
C SER VD 88 0.21 104.69 49.53
N GLY VD 89 -0.90 105.11 48.93
CA GLY VD 89 -2.20 104.67 49.37
C GLY VD 89 -3.12 105.80 49.80
N PRO VD 90 -3.85 105.57 50.88
CA PRO VD 90 -4.82 106.57 51.35
C PRO VD 90 -4.14 107.81 51.88
N ILE VD 91 -4.88 108.91 51.84
CA ILE VD 91 -4.32 110.23 52.07
C ILE VD 91 -4.77 110.84 53.40
N GLU VD 92 -5.77 110.25 54.05
CA GLU VD 92 -6.37 110.87 55.23
C GLU VD 92 -5.41 110.83 56.41
N GLU VD 93 -4.78 109.68 56.65
CA GLU VD 93 -3.77 109.59 57.68
C GLU VD 93 -2.56 110.44 57.34
N LEU VD 94 -2.28 110.60 56.05
CA LEU VD 94 -1.16 111.43 55.61
C LEU VD 94 -1.38 112.88 55.98
N THR VD 95 -2.56 113.42 55.66
CA THR VD 95 -2.80 114.82 55.99
C THR VD 95 -3.02 115.02 57.48
N ALA VD 96 -3.56 114.01 58.18
CA ALA VD 96 -3.69 114.12 59.63
C ALA VD 96 -2.33 114.17 60.32
N ARG VD 97 -1.40 113.31 59.90
CA ARG VD 97 -0.07 113.36 60.49
C ARG VD 97 0.73 114.56 59.99
N ILE VD 98 0.39 115.08 58.82
CA ILE VD 98 0.97 116.34 58.36
C ILE VD 98 0.58 117.47 59.28
N ALA VD 99 -0.71 117.53 59.65
CA ALA VD 99 -1.16 118.55 60.60
C ALA VD 99 -0.54 118.34 61.97
N LYS VD 100 -0.34 117.07 62.36
CA LYS VD 100 0.34 116.77 63.61
C LYS VD 100 1.78 117.28 63.60
N ALA VD 101 2.48 117.10 62.48
CA ALA VD 101 3.84 117.59 62.36
C ALA VD 101 3.89 119.11 62.34
N ALA VD 102 2.90 119.73 61.72
CA ALA VD 102 2.86 121.18 61.59
C ALA VD 102 2.25 121.86 62.80
N HIS VD 103 1.79 121.08 63.80
CA HIS VD 103 1.01 121.57 64.95
C HIS VD 103 -0.25 122.29 64.48
N PHE VD 104 -0.87 121.75 63.45
CA PHE VD 104 -2.11 122.27 62.90
C PHE VD 104 -3.26 121.37 63.29
N ARG VD 105 -4.46 121.94 63.23
CA ARG VD 105 -5.66 121.15 63.37
C ARG VD 105 -6.19 120.78 62.00
N PHE VD 106 -6.87 119.64 61.93
CA PHE VD 106 -7.28 119.10 60.65
C PHE VD 106 -8.71 118.58 60.72
N ARG VD 107 -9.49 118.89 59.68
CA ARG VD 107 -10.87 118.43 59.59
C ARG VD 107 -11.14 117.87 58.21
N VAL VD 108 -12.15 117.01 58.14
CA VAL VD 108 -12.49 116.27 56.93
C VAL VD 108 -13.93 116.60 56.54
N LEU VD 109 -14.14 117.00 55.29
CA LEU VD 109 -15.45 117.38 54.78
C LEU VD 109 -15.86 116.44 53.66
N GLY VD 110 -17.05 115.88 53.77
CA GLY VD 110 -17.54 114.90 52.83
C GLY VD 110 -17.50 113.49 53.40
N LYS VD 111 -17.49 112.52 52.50
CA LYS VD 111 -17.40 111.12 52.87
C LYS VD 111 -16.21 110.47 52.18
N SER VD 112 -15.47 109.67 52.92
CA SER VD 112 -14.44 108.86 52.32
C SER VD 112 -15.09 107.76 51.48
N PRO VD 113 -14.72 107.61 50.22
CA PRO VD 113 -15.34 106.57 49.39
C PRO VD 113 -14.86 105.19 49.79
N SER VD 114 -15.63 104.19 49.36
CA SER VD 114 -15.25 102.80 49.58
C SER VD 114 -13.97 102.47 48.83
N VAL VD 115 -13.87 102.92 47.58
CA VAL VD 115 -12.61 102.84 46.86
C VAL VD 115 -11.76 104.02 47.30
N PRO VD 116 -10.59 103.78 47.89
CA PRO VD 116 -9.82 104.88 48.48
C PRO VD 116 -9.11 105.70 47.44
N VAL VD 117 -8.84 106.95 47.80
CA VAL VD 117 -8.05 107.84 46.96
C VAL VD 117 -6.58 107.48 47.16
N LEU VD 118 -5.91 107.15 46.07
CA LEU VD 118 -4.56 106.58 46.15
C LEU VD 118 -3.58 107.47 45.42
N ILE VD 119 -2.62 108.03 46.17
CA ILE VD 119 -1.47 108.71 45.59
C ILE VD 119 -0.22 108.08 46.20
N SER VD 120 0.93 108.43 45.62
CA SER VD 120 2.20 107.93 46.12
C SER VD 120 3.25 109.01 46.00
N ILE VD 121 3.91 109.30 47.11
CA ILE VD 121 4.93 110.32 47.21
C ILE VD 121 6.23 109.67 47.64
N SER VD 122 7.33 110.06 47.01
CA SER VD 122 8.66 109.64 47.47
C SER VD 122 9.65 110.75 47.17
N THR VD 123 10.11 111.43 48.21
CA THR VD 123 11.11 112.47 48.05
C THR VD 123 11.98 112.54 49.28
N LYS VD 124 13.17 113.09 49.09
CA LYS VD 124 14.18 113.15 50.14
C LYS VD 124 14.30 114.53 50.78
N ASP VD 125 14.04 115.59 50.04
CA ASP VD 125 14.07 116.93 50.63
C ASP VD 125 13.11 117.80 49.85
N GLU VD 126 12.07 118.27 50.53
CA GLU VD 126 11.10 119.18 49.93
C GLU VD 126 10.42 119.93 51.06
N SER VD 127 9.89 121.10 50.75
CA SER VD 127 9.13 121.84 51.74
C SER VD 127 7.68 121.41 51.72
N LEU VD 128 7.07 121.49 52.91
CA LEU VD 128 5.72 120.97 53.12
C LEU VD 128 4.67 121.72 52.32
N ALA VD 129 4.93 122.97 51.96
CA ALA VD 129 3.95 123.75 51.21
C ALA VD 129 3.72 123.15 49.82
N GLU VD 130 4.80 122.97 49.06
CA GLU VD 130 4.62 122.37 47.75
C GLU VD 130 4.40 120.86 47.85
N ILE VD 131 4.75 120.25 48.98
CA ILE VD 131 4.32 118.87 49.24
C ILE VD 131 2.80 118.80 49.26
N LEU VD 132 2.16 119.71 49.98
CA LEU VD 132 0.70 119.75 50.03
C LEU VD 132 0.11 120.16 48.69
N ARG VD 133 0.82 121.02 47.95
CA ARG VD 133 0.37 121.41 46.62
C ARG VD 133 0.34 120.22 45.68
N ASP VD 134 1.39 119.39 45.72
CA ASP VD 134 1.40 118.20 44.89
C ASP VD 134 0.39 117.17 45.36
N ILE VD 135 0.10 117.13 46.67
CA ILE VD 135 -0.95 116.28 47.19
C ILE VD 135 -2.30 116.67 46.62
N ASP VD 136 -2.58 117.97 46.58
CA ASP VD 136 -3.82 118.47 45.99
C ASP VD 136 -3.88 118.19 44.50
N TYR VD 137 -2.75 118.35 43.82
CA TYR VD 137 -2.70 118.12 42.38
C TYR VD 137 -2.96 116.66 42.03
N GLN VD 138 -2.35 115.74 42.78
CA GLN VD 138 -2.58 114.33 42.52
C GLN VD 138 -3.93 113.86 43.04
N ALA VD 139 -4.52 114.58 43.98
CA ALA VD 139 -5.92 114.36 44.29
C ALA VD 139 -6.79 114.72 43.11
N GLY VD 140 -6.45 115.81 42.42
CA GLY VD 140 -7.05 116.11 41.14
C GLY VD 140 -8.49 116.57 41.23
N LYS VD 141 -9.40 115.70 40.80
CA LYS VD 141 -10.80 116.09 40.62
C LYS VD 141 -11.62 115.90 41.89
N LYS VD 142 -11.68 114.67 42.41
CA LYS VD 142 -12.70 114.31 43.38
C LYS VD 142 -12.46 114.88 44.77
N ALA VD 143 -11.28 115.43 45.05
CA ALA VD 143 -11.01 115.97 46.37
C ALA VD 143 -10.01 117.10 46.27
N SER VD 144 -9.98 117.91 47.32
CA SER VD 144 -9.04 119.03 47.41
C SER VD 144 -8.77 119.32 48.88
N ILE VD 145 -7.92 120.32 49.11
CA ILE VD 145 -7.55 120.74 50.46
C ILE VD 145 -7.63 122.26 50.54
N HIS VD 146 -7.82 122.75 51.76
CA HIS VD 146 -7.90 124.18 51.98
C HIS VD 146 -7.21 124.54 53.29
N VAL VD 147 -6.48 125.66 53.26
CA VAL VD 147 -5.63 126.10 54.35
C VAL VD 147 -6.24 127.33 54.98
N TYR VD 148 -6.10 127.46 56.31
CA TYR VD 148 -6.43 128.69 57.00
C TYR VD 148 -5.31 128.96 57.99
N PRO VD 149 -4.54 130.04 57.81
CA PRO VD 149 -3.41 130.31 58.71
C PRO VD 149 -3.74 131.30 59.81
N ASN VD 150 -4.94 131.89 59.76
CA ASN VD 150 -5.38 132.77 60.84
C ASN VD 150 -5.58 131.98 62.12
N SER VD 151 -6.32 130.88 62.03
CA SER VD 151 -6.33 129.83 63.04
C SER VD 151 -5.87 128.56 62.32
N GLN VD 152 -4.80 127.95 62.81
CA GLN VD 152 -3.99 127.04 62.02
C GLN VD 152 -4.72 125.73 61.72
N VAL VD 153 -5.53 125.74 60.66
CA VAL VD 153 -6.39 124.60 60.37
C VAL VD 153 -6.31 124.26 58.89
N VAL VD 154 -6.53 122.98 58.59
CA VAL VD 154 -6.56 122.49 57.21
C VAL VD 154 -7.74 121.56 57.04
N GLU VD 155 -8.41 121.69 55.89
CA GLU VD 155 -9.64 120.98 55.59
C GLU VD 155 -9.43 120.11 54.36
N LEU VD 156 -9.80 118.84 54.48
CA LEU VD 156 -9.85 117.92 53.34
C LEU VD 156 -11.29 117.88 52.85
N ARG VD 157 -11.50 118.31 51.61
CA ARG VD 157 -12.84 118.43 51.05
C ARG VD 157 -13.02 117.40 49.95
N TYR VD 158 -14.16 116.71 49.99
CA TYR VD 158 -14.54 115.79 48.93
C TYR VD 158 -15.49 116.47 47.95
N ALA VD 159 -15.80 115.77 46.88
CA ALA VD 159 -16.83 116.18 45.95
C ALA VD 159 -18.03 115.24 46.07
N LYS VD 160 -19.02 115.45 45.20
CA LYS VD 160 -20.21 114.60 45.20
C LYS VD 160 -20.30 113.75 43.95
N ILE WD 208 -12.93 151.00 18.78
CA ILE WD 208 -12.32 150.09 17.82
C ILE WD 208 -10.86 149.84 18.19
N ILE WD 209 -10.01 149.68 17.19
CA ILE WD 209 -8.62 149.28 17.39
C ILE WD 209 -7.73 150.47 17.06
N TYR WD 210 -6.81 150.77 17.95
CA TYR WD 210 -5.91 151.90 17.80
C TYR WD 210 -4.46 151.45 17.94
N TYR WD 211 -3.59 152.00 17.09
CA TYR WD 211 -2.18 151.67 17.07
C TYR WD 211 -1.36 152.93 17.26
N ILE WD 212 -0.32 152.83 18.07
CA ILE WD 212 0.59 153.95 18.30
C ILE WD 212 1.63 153.97 17.18
N GLN WD 213 2.05 155.16 16.76
CA GLN WD 213 3.12 155.30 15.79
C GLN WD 213 4.37 155.93 16.39
N ALA WD 214 4.26 157.12 16.97
CA ALA WD 214 5.41 157.84 17.47
C ALA WD 214 5.20 158.12 18.95
N VAL WD 215 6.24 157.86 19.73
CA VAL WD 215 6.17 157.89 21.19
C VAL WD 215 7.17 158.90 21.71
N ILE WD 216 6.70 159.83 22.53
CA ILE WD 216 7.58 160.75 23.25
C ILE WD 216 7.23 160.60 24.73
N PRO WD 217 8.13 160.95 25.63
CA PRO WD 217 7.71 161.05 27.02
C PRO WD 217 6.76 162.22 27.22
N GLY WD 218 5.47 161.92 27.38
CA GLY WD 218 4.44 162.94 27.60
C GLY WD 218 3.30 162.88 26.60
N ARG WD 219 3.56 162.42 25.39
CA ARG WD 219 2.54 162.37 24.36
C ARG WD 219 2.67 161.10 23.54
N ALA WD 220 1.58 160.75 22.86
CA ALA WD 220 1.53 159.56 22.02
C ALA WD 220 0.87 159.91 20.70
N TRP WD 221 1.57 159.66 19.60
CA TRP WD 221 1.00 159.76 18.27
C TRP WD 221 0.40 158.42 17.91
N LEU WD 222 -0.84 158.43 17.43
CA LEU WD 222 -1.53 157.16 17.21
C LEU WD 222 -2.55 157.30 16.10
N ILE WD 223 -2.94 156.15 15.57
CA ILE WD 223 -3.88 156.06 14.46
C ILE WD 223 -5.02 155.13 14.87
N GLY WD 224 -6.15 155.27 14.17
CA GLY WD 224 -7.29 154.42 14.39
C GLY WD 224 -7.43 153.34 13.34
N SER WD 225 -8.49 152.54 13.51
CA SER WD 225 -8.83 151.54 12.51
C SER WD 225 -9.27 152.18 11.21
N ASN WD 226 -10.02 153.28 11.30
CA ASN WD 226 -10.36 154.06 10.13
C ASN WD 226 -9.21 154.95 9.68
N GLY WD 227 -8.19 155.13 10.51
CA GLY WD 227 -7.04 155.92 10.16
C GLY WD 227 -7.01 157.34 10.68
N SER WD 228 -7.86 157.67 11.64
CA SER WD 228 -7.84 159.02 12.21
C SER WD 228 -6.59 159.23 13.06
N THR WD 229 -6.00 160.42 12.94
CA THR WD 229 -4.73 160.73 13.58
C THR WD 229 -4.96 161.46 14.89
N LEU WD 230 -4.34 160.96 15.96
CA LEU WD 230 -4.45 161.60 17.28
C LEU WD 230 -3.07 161.73 17.89
N THR WD 231 -2.94 162.71 18.79
CA THR WD 231 -1.76 162.87 19.61
C THR WD 231 -2.23 163.27 21.00
N VAL WD 232 -1.91 162.45 22.00
CA VAL WD 232 -2.56 162.54 23.29
C VAL WD 232 -1.51 162.75 24.39
N ARG WD 233 -1.95 163.41 25.46
CA ARG WD 233 -1.16 163.56 26.67
C ARG WD 233 -1.42 162.37 27.60
N GLU WD 234 -0.76 162.37 28.75
CA GLU WD 234 -1.10 161.39 29.78
C GLU WD 234 -2.47 161.68 30.36
N GLY WD 235 -2.73 162.93 30.74
CA GLY WD 235 -4.07 163.29 31.12
C GLY WD 235 -4.82 163.69 29.86
N SER WD 236 -5.55 162.73 29.29
CA SER WD 236 -6.21 162.95 28.01
C SER WD 236 -7.26 161.86 27.83
N LYS WD 237 -8.49 162.28 27.52
CA LYS WD 237 -9.55 161.33 27.30
C LYS WD 237 -9.38 160.64 25.96
N ILE WD 238 -9.49 159.31 25.97
CA ILE WD 238 -9.43 158.50 24.76
C ILE WD 238 -10.76 157.76 24.65
N PRO WD 239 -11.46 157.83 23.52
CA PRO WD 239 -12.77 157.17 23.40
C PRO WD 239 -12.65 155.66 23.43
N GLY WD 240 -13.58 155.04 24.16
CA GLY WD 240 -13.62 153.60 24.31
C GLY WD 240 -12.77 153.06 25.44
N TYR WD 241 -11.85 153.86 25.97
CA TYR WD 241 -10.91 153.40 26.98
C TYR WD 241 -10.79 154.36 28.16
N GLY WD 242 -11.52 155.47 28.15
CA GLY WD 242 -11.53 156.37 29.27
C GLY WD 242 -10.34 157.31 29.33
N MET WD 243 -9.55 157.19 30.39
CA MET WD 243 -8.42 158.06 30.63
C MET WD 243 -7.13 157.26 30.53
N VAL WD 244 -6.13 157.82 29.85
CA VAL WD 244 -4.80 157.25 29.86
C VAL WD 244 -4.23 157.35 31.26
N LYS WD 245 -3.78 156.22 31.81
CA LYS WD 245 -3.21 156.21 33.14
C LYS WD 245 -1.70 156.09 33.15
N LEU WD 246 -1.10 155.52 32.10
CA LEU WD 246 0.35 155.39 32.07
C LEU WD 246 0.83 155.35 30.63
N ILE WD 247 1.83 156.19 30.33
CA ILE WD 247 2.51 156.22 29.05
C ILE WD 247 3.98 155.97 29.31
N ASP WD 248 4.55 154.98 28.63
CA ASP WD 248 5.96 154.65 28.77
C ASP WD 248 6.68 154.90 27.46
N SER WD 249 7.85 155.53 27.54
CA SER WD 249 8.69 155.72 26.38
C SER WD 249 9.72 154.62 26.23
N LEU WD 250 10.06 153.92 27.31
CA LEU WD 250 11.01 152.82 27.22
C LEU WD 250 10.40 151.64 26.47
N GLN WD 251 9.18 151.27 26.82
CA GLN WD 251 8.50 150.18 26.16
C GLN WD 251 7.25 150.71 25.47
N GLY WD 252 6.91 150.11 24.34
CA GLY WD 252 5.80 150.58 23.55
C GLY WD 252 4.44 150.12 24.05
N ARG WD 253 4.11 150.50 25.28
CA ARG WD 253 2.85 150.12 25.89
C ARG WD 253 2.18 151.36 26.46
N ILE WD 254 0.92 151.56 26.13
CA ILE WD 254 0.15 152.69 26.64
C ILE WD 254 -1.00 152.14 27.47
N LEU WD 255 -1.09 152.58 28.72
CA LEU WD 255 -2.03 152.03 29.68
C LEU WD 255 -3.17 152.99 29.93
N THR WD 256 -4.40 152.49 29.85
CA THR WD 256 -5.60 153.31 29.98
C THR WD 256 -6.32 152.97 31.28
N SER WD 257 -7.42 153.69 31.52
CA SER WD 257 -8.27 153.42 32.68
C SER WD 257 -9.12 152.17 32.50
N SER WD 258 -9.32 151.72 31.26
CA SER WD 258 -10.19 150.58 30.99
C SER WD 258 -9.48 149.25 31.12
N GLY WD 259 -8.30 149.21 31.73
CA GLY WD 259 -7.52 147.99 31.78
C GLY WD 259 -7.04 147.56 30.41
N GLN WD 260 -6.64 148.52 29.57
CA GLN WD 260 -6.26 148.25 28.20
C GLN WD 260 -4.88 148.86 27.93
N VAL WD 261 -4.12 148.17 27.10
CA VAL WD 261 -2.80 148.64 26.67
C VAL WD 261 -2.78 148.69 25.15
N ILE WD 262 -2.40 149.85 24.62
CA ILE WD 262 -2.17 150.02 23.20
C ILE WD 262 -0.71 149.71 22.91
N LYS WD 263 -0.49 148.88 21.89
CA LYS WD 263 0.83 148.52 21.38
C LYS WD 263 1.01 149.08 19.98
N PHE WD 264 2.14 148.74 19.37
CA PHE WD 264 2.40 149.06 17.97
C PHE WD 264 1.67 148.09 17.05
N SER WD 265 1.70 148.40 15.77
CA SER WD 265 0.99 147.58 14.80
C SER WD 265 1.77 146.32 14.48
N GLN WD 266 1.08 145.36 13.86
CA GLN WD 266 1.68 144.09 13.50
C GLN WD 266 1.62 143.85 11.99
N MET XD 23 57.14 120.80 34.37
CA MET XD 23 55.83 121.42 34.32
C MET XD 23 54.74 120.36 34.23
N LYS XD 24 54.99 119.21 34.84
CA LYS XD 24 54.03 118.11 34.78
C LYS XD 24 52.91 118.32 35.79
N PHE XD 25 51.69 118.09 35.36
CA PHE XD 25 50.51 118.27 36.19
C PHE XD 25 50.02 116.90 36.64
N LYS XD 26 49.92 116.73 37.96
CA LYS XD 26 49.46 115.47 38.53
C LYS XD 26 48.27 115.71 39.42
N LYS XD 27 47.28 114.83 39.33
CA LYS XD 27 46.16 114.86 40.25
C LYS XD 27 46.61 114.32 41.62
N PRO XD 28 46.00 114.79 42.70
CA PRO XD 28 46.55 114.52 44.06
C PRO XD 28 46.52 113.05 44.47
N PRO XD 29 45.34 112.35 44.54
CA PRO XD 29 45.34 111.11 45.32
C PRO XD 29 45.96 109.95 44.56
N ILE XD 30 47.19 109.60 44.92
CA ILE XD 30 47.91 108.52 44.29
C ILE XD 30 48.10 107.46 45.35
N ASN XD 31 47.24 106.46 45.35
CA ASN XD 31 47.26 105.43 46.36
C ASN XD 31 47.74 104.11 45.75
N ASN XD 32 47.80 103.09 46.60
CA ASN XD 32 48.08 101.75 46.14
C ASN XD 32 46.92 101.25 45.30
N PRO XD 33 47.19 100.46 44.26
CA PRO XD 33 46.11 100.00 43.37
C PRO XD 33 45.15 99.04 44.06
N SER XD 34 43.95 98.97 43.51
CA SER XD 34 42.81 98.26 44.08
C SER XD 34 42.49 97.01 43.27
N ASP XD 35 41.37 96.38 43.60
CA ASP XD 35 40.88 95.25 42.82
C ASP XD 35 39.35 95.31 42.72
N ASP XD 36 38.87 94.65 41.66
CA ASP XD 36 37.46 94.71 41.29
C ASP XD 36 36.56 94.08 42.34
N ALA XD 37 37.06 93.09 43.07
CA ALA XD 37 36.24 92.40 44.06
C ALA XD 37 35.86 93.34 45.20
N THR XD 38 36.84 94.02 45.78
CA THR XD 38 36.49 94.98 46.82
C THR XD 38 35.83 96.22 46.25
N ILE XD 39 36.06 96.53 44.97
CA ILE XD 39 35.30 97.59 44.31
C ILE XD 39 33.81 97.27 44.33
N LYS XD 40 33.45 96.05 43.94
CA LYS XD 40 32.05 95.66 43.93
C LYS XD 40 31.51 95.50 45.34
N LEU XD 41 32.37 95.12 46.28
CA LEU XD 41 31.97 95.02 47.68
C LEU XD 41 31.54 96.38 48.22
N ALA XD 42 32.36 97.40 47.98
CA ALA XD 42 32.01 98.76 48.39
C ALA XD 42 30.78 99.26 47.64
N GLU XD 43 30.68 98.93 46.35
CA GLU XD 43 29.57 99.38 45.53
C GLU XD 43 28.25 98.76 45.96
N ALA XD 44 28.29 97.59 46.60
CA ALA XD 44 27.09 97.07 47.25
C ALA XD 44 26.88 97.72 48.62
N ALA XD 45 27.98 97.96 49.33
CA ALA XD 45 27.91 98.38 50.72
C ALA XD 45 27.33 99.78 50.85
N VAL XD 46 27.51 100.63 49.85
CA VAL XD 46 26.95 101.98 49.90
C VAL XD 46 25.43 101.91 49.94
N SER XD 47 24.84 101.08 49.08
CA SER XD 47 23.39 100.92 49.04
C SER XD 47 22.87 100.28 50.32
N VAL XD 48 23.62 99.29 50.84
CA VAL XD 48 23.23 98.66 52.11
C VAL XD 48 23.21 99.69 53.24
N SER XD 49 24.25 100.53 53.29
CA SER XD 49 24.36 101.54 54.34
C SER XD 49 23.25 102.58 54.23
N ASP XD 50 22.92 103.01 53.03
CA ASP XD 50 21.88 104.02 52.87
C ASP XD 50 20.52 103.47 53.24
N SER XD 51 20.26 102.20 52.92
CA SER XD 51 19.00 101.59 53.30
C SER XD 51 18.89 101.46 54.82
N MET XD 52 20.00 101.10 55.46
CA MET XD 52 20.04 101.03 56.92
C MET XD 52 19.78 102.40 57.55
N LEU XD 53 20.36 103.45 56.97
CA LEU XD 53 20.17 104.80 57.48
C LEU XD 53 18.73 105.26 57.37
N GLU XD 54 18.09 105.02 56.22
CA GLU XD 54 16.72 105.50 56.08
C GLU XD 54 15.74 104.70 56.93
N MET XD 55 15.96 103.39 57.11
CA MET XD 55 15.04 102.63 57.95
C MET XD 55 15.20 103.02 59.41
N ALA XD 56 16.43 103.34 59.83
CA ALA XD 56 16.64 103.81 61.19
C ALA XD 56 15.93 105.15 61.41
N LYS XD 57 16.00 106.03 60.41
CA LYS XD 57 15.33 107.33 60.53
C LYS XD 57 13.82 107.19 60.62
N VAL XD 58 13.23 106.33 59.78
CA VAL XD 58 11.77 106.24 59.78
C VAL XD 58 11.26 105.53 61.04
N GLU XD 59 12.02 104.55 61.55
CA GLU XD 59 11.61 103.89 62.79
C GLU XD 59 11.75 104.85 63.97
N LYS XD 60 12.81 105.67 63.96
CA LYS XD 60 13.00 106.68 64.99
C LYS XD 60 11.88 107.71 64.96
N VAL XD 61 11.38 108.03 63.77
CA VAL XD 61 10.23 108.92 63.66
C VAL XD 61 8.99 108.29 64.25
N ILE XD 62 8.67 107.06 63.85
CA ILE XD 62 7.37 106.51 64.22
C ILE XD 62 7.32 106.09 65.68
N THR XD 63 8.45 105.74 66.29
CA THR XD 63 8.42 105.29 67.66
C THR XD 63 9.14 106.30 68.54
N PRO XD 64 8.55 106.71 69.66
CA PRO XD 64 9.18 107.71 70.51
C PRO XD 64 10.20 107.06 71.43
N PRO XD 65 11.38 107.65 71.56
CA PRO XD 65 12.32 107.20 72.59
C PRO XD 65 11.78 107.54 73.98
N SER XD 66 12.03 106.65 74.93
CA SER XD 66 11.39 106.77 76.23
C SER XD 66 12.38 107.04 77.36
N LYS XD 67 13.35 106.15 77.57
CA LYS XD 67 14.23 106.22 78.73
C LYS XD 67 15.68 106.24 78.27
N ASP XD 68 16.58 106.07 79.24
CA ASP XD 68 18.00 105.93 78.98
C ASP XD 68 18.56 104.91 79.96
N ASN XD 69 19.65 104.28 79.57
CA ASN XD 69 20.29 103.30 80.43
C ASN XD 69 21.32 103.91 81.37
N THR XD 70 21.56 105.21 81.27
CA THR XD 70 22.47 105.87 82.19
C THR XD 70 21.91 105.89 83.61
N LEU XD 71 20.59 106.01 83.74
CA LEU XD 71 19.95 105.87 85.04
C LEU XD 71 20.11 104.45 85.57
N THR XD 72 20.01 103.46 84.69
CA THR XD 72 20.12 102.07 85.10
C THR XD 72 21.52 101.75 85.59
N ILE XD 73 22.53 102.10 84.79
CA ILE XD 73 23.91 101.90 85.22
C ILE XD 73 24.57 103.27 85.30
N PRO XD 74 24.80 103.79 86.49
CA PRO XD 74 25.61 105.00 86.63
C PRO XD 74 27.09 104.63 86.69
N ASN XD 75 27.95 105.63 86.83
CA ASN XD 75 29.38 105.41 86.89
C ASN XD 75 29.95 106.06 88.14
N ALA XD 76 31.17 105.66 88.49
CA ALA XD 76 31.80 106.16 89.70
C ALA XD 76 33.32 106.15 89.50
N TYR XD 77 34.03 106.45 90.59
CA TYR XD 77 35.48 106.39 90.59
C TYR XD 77 35.94 104.94 90.43
N ASN XD 78 37.13 104.78 89.84
CA ASN XD 78 37.83 103.54 89.48
C ASN XD 78 37.12 102.77 88.36
N LEU XD 79 35.96 103.23 87.94
CA LEU XD 79 35.26 102.69 86.80
C LEU XD 79 35.74 103.31 85.49
N GLN XD 80 36.54 104.37 85.56
CA GLN XD 80 36.89 105.15 84.38
C GLN XD 80 38.25 104.76 83.82
N ALA XD 81 38.57 103.46 83.86
CA ALA XD 81 39.70 102.98 83.08
C ALA XD 81 39.30 102.88 81.62
N ARG XD 82 40.30 102.71 80.76
CA ARG XD 82 40.07 102.67 79.33
C ARG XD 82 40.48 101.33 78.75
N ALA XD 83 39.87 101.01 77.60
CA ALA XD 83 40.06 99.72 76.96
C ALA XD 83 39.71 99.79 75.48
N SER XD 84 40.48 99.07 74.67
CA SER XD 84 40.11 98.78 73.29
C SER XD 84 39.68 97.32 73.19
N VAL XD 85 38.76 97.03 72.30
CA VAL XD 85 38.04 95.77 72.32
C VAL XD 85 37.95 95.19 70.91
N ASP XD 86 38.30 93.92 70.78
CA ASP XD 86 37.93 93.13 69.60
C ASP XD 86 37.48 91.77 70.08
N TRP XD 87 36.21 91.43 69.88
CA TRP XD 87 35.66 90.20 70.42
C TRP XD 87 34.46 89.80 69.59
N SER XD 88 34.30 88.49 69.36
CA SER XD 88 33.17 88.00 68.57
C SER XD 88 32.64 86.68 69.13
N GLY XD 89 32.47 86.60 70.45
CA GLY XD 89 32.05 85.35 71.05
C GLY XD 89 30.85 85.46 71.97
N PRO XD 90 30.78 84.57 72.95
CA PRO XD 90 29.72 84.64 73.95
C PRO XD 90 30.02 85.74 74.97
N ILE XD 91 29.11 85.91 75.92
CA ILE XD 91 29.11 87.12 76.74
C ILE XD 91 29.64 86.89 78.16
N GLU XD 92 29.65 85.66 78.65
CA GLU XD 92 29.91 85.43 80.07
C GLU XD 92 31.38 85.64 80.40
N GLU XD 93 32.28 85.14 79.56
CA GLU XD 93 33.70 85.35 79.78
C GLU XD 93 34.07 86.83 79.68
N LEU XD 94 33.43 87.55 78.77
CA LEU XD 94 33.69 88.98 78.62
C LEU XD 94 33.24 89.76 79.83
N THR XD 95 32.06 89.43 80.36
CA THR XD 95 31.60 90.08 81.58
C THR XD 95 32.47 89.74 82.77
N ALA XD 96 32.98 88.50 82.83
CA ALA XD 96 33.89 88.12 83.90
C ALA XD 96 35.20 88.90 83.82
N ARG XD 97 35.73 89.08 82.60
CA ARG XD 97 36.96 89.85 82.42
C ARG XD 97 36.75 91.31 82.81
N ILE XD 98 35.58 91.86 82.49
CA ILE XD 98 35.28 93.24 82.85
C ILE XD 98 35.17 93.39 84.36
N ALA XD 99 34.50 92.45 85.02
CA ALA XD 99 34.38 92.50 86.48
C ALA XD 99 35.73 92.33 87.16
N LYS XD 100 36.59 91.48 86.59
CA LYS XD 100 37.94 91.32 87.11
C LYS XD 100 38.77 92.57 86.92
N ALA XD 101 38.55 93.30 85.82
CA ALA XD 101 39.20 94.58 85.65
C ALA XD 101 38.72 95.59 86.68
N ALA XD 102 37.42 95.58 86.96
CA ALA XD 102 36.84 96.56 87.89
C ALA XD 102 37.04 96.19 89.34
N HIS XD 103 37.56 94.98 89.62
CA HIS XD 103 37.66 94.40 90.97
C HIS XD 103 36.30 94.40 91.65
N PHE XD 104 35.28 94.03 90.90
CA PHE XD 104 33.91 94.01 91.39
C PHE XD 104 33.39 92.59 91.42
N ARG XD 105 32.47 92.34 92.32
CA ARG XD 105 31.84 91.03 92.41
C ARG XD 105 30.92 90.82 91.22
N PHE XD 106 30.77 89.56 90.82
CA PHE XD 106 29.93 89.20 89.70
C PHE XD 106 28.68 88.49 90.18
N ARG XD 107 27.58 88.69 89.47
CA ARG XD 107 26.34 88.01 89.80
C ARG XD 107 25.60 87.65 88.53
N VAL XD 108 25.05 86.44 88.50
CA VAL XD 108 24.30 85.92 87.37
C VAL XD 108 22.90 85.57 87.87
N LEU XD 109 21.88 86.09 87.18
CA LEU XD 109 20.49 85.86 87.54
C LEU XD 109 19.78 85.16 86.39
N GLY XD 110 19.10 84.07 86.69
CA GLY XD 110 18.41 83.30 85.69
C GLY XD 110 19.31 82.27 85.04
N LYS XD 111 18.68 81.27 84.43
CA LYS XD 111 19.40 80.24 83.73
C LYS XD 111 19.73 80.69 82.31
N SER XD 112 20.88 80.27 81.82
CA SER XD 112 21.25 80.57 80.45
C SER XD 112 20.37 79.80 79.48
N PRO XD 113 19.88 80.42 78.42
CA PRO XD 113 19.17 79.67 77.38
C PRO XD 113 20.14 78.79 76.61
N SER XD 114 19.57 77.74 76.02
CA SER XD 114 20.38 76.77 75.28
C SER XD 114 21.00 77.38 74.04
N VAL XD 115 20.23 78.16 73.29
CA VAL XD 115 20.83 78.91 72.18
C VAL XD 115 21.69 80.02 72.75
N PRO XD 116 22.97 80.10 72.39
CA PRO XD 116 23.86 81.08 73.01
C PRO XD 116 23.59 82.49 72.49
N VAL XD 117 24.06 83.46 73.26
CA VAL XD 117 23.89 84.88 72.98
C VAL XD 117 25.25 85.46 72.61
N LEU XD 118 25.32 86.11 71.46
CA LEU XD 118 26.58 86.50 70.87
C LEU XD 118 26.59 88.01 70.61
N ILE XD 119 27.66 88.66 71.03
CA ILE XD 119 27.84 90.09 70.83
C ILE XD 119 29.23 90.32 70.27
N SER XD 120 29.32 91.05 69.16
CA SER XD 120 30.61 91.42 68.59
C SER XD 120 30.81 92.92 68.76
N ILE XD 121 31.95 93.30 69.35
CA ILE XD 121 32.29 94.69 69.61
C ILE XD 121 33.68 94.95 69.03
N SER XD 122 33.82 96.06 68.29
CA SER XD 122 35.11 96.51 67.80
C SER XD 122 35.18 98.02 67.99
N THR XD 123 35.79 98.46 69.10
CA THR XD 123 35.91 99.88 69.40
C THR XD 123 37.28 100.15 70.02
N LYS XD 124 37.71 101.41 69.94
CA LYS XD 124 39.07 101.82 70.28
C LYS XD 124 39.03 102.84 71.40
N ASP XD 125 39.63 102.48 72.54
CA ASP XD 125 39.82 103.35 73.72
C ASP XD 125 38.50 103.93 74.23
N GLU XD 126 37.65 103.04 74.73
CA GLU XD 126 36.36 103.41 75.27
C GLU XD 126 36.35 103.13 76.77
N SER XD 127 35.72 104.03 77.54
CA SER XD 127 35.68 103.79 78.96
C SER XD 127 34.62 102.75 79.30
N LEU XD 128 34.69 102.25 80.52
CA LEU XD 128 34.05 100.99 80.87
C LEU XD 128 32.55 101.16 81.02
N ALA XD 129 32.10 102.31 81.52
CA ALA XD 129 30.68 102.50 81.80
C ALA XD 129 29.87 102.54 80.51
N GLU XD 130 30.29 103.34 79.55
CA GLU XD 130 29.59 103.34 78.28
C GLU XD 130 29.95 102.13 77.44
N ILE XD 131 31.06 101.43 77.74
CA ILE XD 131 31.30 100.12 77.15
C ILE XD 131 30.20 99.16 77.58
N LEU XD 132 29.83 99.20 78.87
CA LEU XD 132 28.76 98.35 79.35
C LEU XD 132 27.41 98.80 78.82
N ARG XD 133 27.25 100.12 78.64
CA ARG XD 133 26.02 100.62 78.05
C ARG XD 133 25.87 100.17 76.60
N ASP XD 134 26.97 100.15 75.84
CA ASP XD 134 26.96 99.65 74.48
C ASP XD 134 26.67 98.16 74.45
N ILE XD 135 27.26 97.42 75.40
CA ILE XD 135 27.02 95.99 75.52
C ILE XD 135 25.55 95.70 75.79
N ASP XD 136 24.96 96.47 76.70
CA ASP XD 136 23.57 96.25 77.08
C ASP XD 136 22.63 96.63 75.95
N TYR XD 137 22.95 97.70 75.22
CA TYR XD 137 22.12 98.10 74.10
C TYR XD 137 22.19 97.08 72.97
N GLN XD 138 23.37 96.53 72.69
CA GLN XD 138 23.43 95.49 71.66
C GLN XD 138 22.85 94.18 72.13
N ALA XD 139 22.82 93.95 73.44
CA ALA XD 139 22.13 92.78 73.96
C ALA XD 139 20.64 92.89 73.74
N GLY XD 140 20.06 94.02 74.12
CA GLY XD 140 18.65 94.26 73.88
C GLY XD 140 17.71 93.36 74.65
N LYS XD 141 16.85 92.64 73.93
CA LYS XD 141 15.75 91.91 74.56
C LYS XD 141 16.19 90.66 75.28
N LYS XD 142 17.40 90.17 75.02
CA LYS XD 142 17.79 88.88 75.59
C LYS XD 142 18.12 88.97 77.06
N ALA XD 143 18.78 90.04 77.49
CA ALA XD 143 19.23 90.14 78.86
C ALA XD 143 19.33 91.59 79.25
N SER XD 144 19.74 91.83 80.50
CA SER XD 144 19.98 93.18 80.96
C SER XD 144 21.07 93.14 82.02
N ILE XD 145 21.72 94.27 82.22
CA ILE XD 145 22.77 94.38 83.22
C ILE XD 145 22.40 95.47 84.21
N HIS XD 146 22.99 95.37 85.39
CA HIS XD 146 22.85 96.37 86.43
C HIS XD 146 24.16 96.47 87.20
N VAL XD 147 24.43 97.64 87.75
CA VAL XD 147 25.64 97.90 88.50
C VAL XD 147 25.25 98.57 89.81
N TYR XD 148 25.65 97.96 90.92
CA TYR XD 148 25.44 98.57 92.22
C TYR XD 148 26.77 99.01 92.80
N PRO XD 149 27.02 100.33 92.85
CA PRO XD 149 28.38 100.84 93.13
C PRO XD 149 28.73 100.76 94.59
N ASN XD 150 27.75 101.06 95.45
CA ASN XD 150 27.93 100.87 96.89
C ASN XD 150 28.11 99.40 97.22
N SER XD 151 27.45 98.52 96.48
CA SER XD 151 27.66 97.09 96.66
C SER XD 151 28.84 96.56 95.86
N GLN XD 152 29.33 97.34 94.87
CA GLN XD 152 30.45 96.95 93.99
C GLN XD 152 30.15 95.65 93.25
N VAL XD 153 28.91 95.52 92.79
CA VAL XD 153 28.42 94.27 92.23
C VAL XD 153 27.89 94.53 90.84
N VAL XD 154 28.33 93.73 89.87
CA VAL XD 154 27.82 93.78 88.51
C VAL XD 154 26.95 92.55 88.30
N GLU XD 155 25.68 92.78 88.00
CA GLU XD 155 24.69 91.72 87.88
C GLU XD 155 24.21 91.64 86.44
N LEU XD 156 24.18 90.43 85.90
CA LEU XD 156 23.61 90.16 84.59
C LEU XD 156 22.41 89.27 84.77
N ARG XD 157 21.25 89.71 84.29
CA ARG XD 157 20.01 88.95 84.42
C ARG XD 157 19.51 88.56 83.05
N TYR XD 158 19.20 87.27 82.90
CA TYR XD 158 18.63 86.79 81.65
C TYR XD 158 17.17 87.22 81.54
N ALA XD 159 16.61 87.09 80.34
CA ALA XD 159 15.20 87.36 80.13
C ALA XD 159 14.38 86.13 80.47
N LYS XD 160 13.23 86.36 81.09
CA LYS XD 160 12.31 85.27 81.39
C LYS XD 160 11.42 85.05 80.17
N ILE XD 161 11.96 84.29 79.22
CA ILE XD 161 11.21 83.77 78.10
C ILE XD 161 11.58 82.30 78.00
N TYR XD 162 10.78 81.55 77.23
CA TYR XD 162 10.92 80.11 77.00
C TYR XD 162 10.76 79.34 78.30
N ARG YD 207 -41.75 92.97 45.39
CA ARG YD 207 -41.96 91.90 46.36
C ARG YD 207 -42.32 90.59 45.65
N ILE YD 208 -42.82 89.63 46.42
CA ILE YD 208 -43.13 88.31 45.90
C ILE YD 208 -44.50 88.36 45.23
N ILE YD 209 -44.54 87.97 43.96
CA ILE YD 209 -45.78 87.84 43.20
C ILE YD 209 -45.98 86.36 42.96
N TYR YD 210 -46.83 85.74 43.76
CA TYR YD 210 -46.97 84.30 43.76
C TYR YD 210 -47.92 83.84 42.66
N TYR YD 211 -47.46 82.88 41.86
CA TYR YD 211 -48.26 82.26 40.83
C TYR YD 211 -48.62 80.84 41.23
N ILE YD 212 -49.87 80.47 41.01
CA ILE YD 212 -50.37 79.17 41.44
C ILE YD 212 -49.81 78.09 40.53
N GLN YD 213 -49.30 77.02 41.14
CA GLN YD 213 -48.81 75.84 40.41
C GLN YD 213 -49.69 74.62 40.60
N ALA YD 214 -50.22 74.41 41.80
CA ALA YD 214 -51.09 73.25 42.06
C ALA YD 214 -52.08 73.62 43.16
N VAL YD 215 -53.35 73.71 42.81
CA VAL YD 215 -54.41 73.98 43.76
C VAL YD 215 -55.15 72.67 44.02
N ILE YD 216 -55.09 72.21 45.27
CA ILE YD 216 -55.73 70.97 45.69
C ILE YD 216 -56.22 71.13 47.12
N PRO YD 217 -57.24 70.35 47.52
CA PRO YD 217 -57.72 70.42 48.91
C PRO YD 217 -56.68 69.97 49.93
N GLY YD 218 -56.25 70.93 50.76
CA GLY YD 218 -55.24 70.70 51.77
C GLY YD 218 -53.87 71.24 51.43
N ARG YD 219 -53.60 71.53 50.16
CA ARG YD 219 -52.28 71.94 49.71
C ARG YD 219 -52.36 73.20 48.87
N ALA YD 220 -51.19 73.76 48.59
CA ALA YD 220 -51.04 74.90 47.68
C ALA YD 220 -49.60 74.92 47.19
N TRP YD 221 -49.41 75.32 45.93
CA TRP YD 221 -48.07 75.45 45.36
C TRP YD 221 -47.93 76.83 44.74
N LEU YD 222 -46.85 77.52 45.08
CA LEU YD 222 -46.65 78.90 44.65
C LEU YD 222 -45.23 79.10 44.16
N ILE YD 223 -45.07 80.08 43.28
CA ILE YD 223 -43.76 80.55 42.83
C ILE YD 223 -43.80 82.08 42.77
N GLY YD 224 -42.85 82.72 43.45
CA GLY YD 224 -42.84 84.16 43.55
C GLY YD 224 -42.31 84.83 42.29
N SER YD 225 -42.21 86.16 42.39
CA SER YD 225 -41.67 86.95 41.28
C SER YD 225 -40.16 86.81 41.14
N ASN YD 226 -39.48 86.32 42.17
CA ASN YD 226 -38.04 86.13 42.13
C ASN YD 226 -37.62 84.72 41.74
N GLY YD 227 -38.57 83.85 41.40
CA GLY YD 227 -38.26 82.52 40.92
C GLY YD 227 -38.21 81.45 41.99
N SER YD 228 -38.31 81.81 43.27
CA SER YD 228 -38.34 80.80 44.32
C SER YD 228 -39.67 80.08 44.32
N THR YD 229 -39.61 78.75 44.44
CA THR YD 229 -40.78 77.90 44.40
C THR YD 229 -40.98 77.21 45.74
N LEU YD 230 -42.24 77.03 46.12
CA LEU YD 230 -42.55 76.45 47.43
C LEU YD 230 -43.96 75.87 47.42
N THR YD 231 -44.25 75.10 48.46
CA THR YD 231 -45.60 74.66 48.75
C THR YD 231 -45.98 75.11 50.15
N VAL YD 232 -47.29 75.27 50.36
CA VAL YD 232 -47.83 75.73 51.64
C VAL YD 232 -49.14 75.01 51.91
N ARG YD 233 -49.54 75.05 53.18
CA ARG YD 233 -50.76 74.41 53.65
C ARG YD 233 -51.76 75.46 54.09
N GLU YD 234 -52.93 75.00 54.55
CA GLU YD 234 -53.97 75.91 55.02
C GLU YD 234 -53.57 76.54 56.35
N GLY YD 235 -53.11 75.74 57.30
CA GLY YD 235 -52.61 76.30 58.53
C GLY YD 235 -51.12 76.59 58.41
N SER YD 236 -50.80 77.83 58.06
CA SER YD 236 -49.44 78.28 57.78
C SER YD 236 -49.50 79.79 57.56
N LYS YD 237 -48.33 80.41 57.59
CA LYS YD 237 -48.20 81.82 57.30
C LYS YD 237 -47.89 82.00 55.81
N ILE YD 238 -47.88 83.25 55.37
CA ILE YD 238 -47.46 83.57 54.00
C ILE YD 238 -46.63 84.85 54.05
N PRO YD 239 -45.43 84.85 53.48
CA PRO YD 239 -44.60 86.06 53.48
C PRO YD 239 -45.19 87.12 52.55
N GLY YD 240 -45.33 88.34 53.08
CA GLY YD 240 -45.90 89.43 52.34
C GLY YD 240 -47.42 89.48 52.35
N TYR YD 241 -48.09 88.49 52.96
CA TYR YD 241 -49.53 88.51 53.04
C TYR YD 241 -50.07 88.02 54.39
N GLY YD 242 -49.21 87.75 55.35
CA GLY YD 242 -49.67 87.42 56.70
C GLY YD 242 -49.84 85.92 56.90
N MET YD 243 -51.09 85.49 57.08
CA MET YD 243 -51.43 84.11 57.37
C MET YD 243 -52.44 83.63 56.34
N VAL YD 244 -52.56 82.31 56.21
CA VAL YD 244 -53.41 81.73 55.17
C VAL YD 244 -54.83 81.58 55.72
N LYS YD 245 -55.76 82.36 55.17
CA LYS YD 245 -57.16 82.29 55.59
C LYS YD 245 -57.91 81.14 54.93
N LEU YD 246 -57.81 81.01 53.61
CA LEU YD 246 -58.57 79.98 52.91
C LEU YD 246 -57.81 79.51 51.69
N ILE YD 247 -57.65 78.20 51.57
CA ILE YD 247 -57.26 77.54 50.32
C ILE YD 247 -58.54 77.00 49.71
N ASP YD 248 -58.89 77.49 48.53
CA ASP YD 248 -60.11 77.11 47.85
C ASP YD 248 -59.78 76.21 46.68
N SER YD 249 -60.30 74.98 46.72
CA SER YD 249 -60.20 74.09 45.57
C SER YD 249 -61.00 74.63 44.40
N LEU YD 250 -62.16 75.23 44.69
CA LEU YD 250 -62.97 75.83 43.65
C LEU YD 250 -62.35 77.13 43.16
N GLN YD 251 -62.45 77.37 41.85
CA GLN YD 251 -62.11 78.63 41.18
C GLN YD 251 -60.64 79.04 41.28
N GLY YD 252 -59.78 78.21 41.86
CA GLY YD 252 -58.36 78.51 41.99
C GLY YD 252 -58.04 79.71 42.86
N ARG YD 253 -58.65 79.79 44.04
CA ARG YD 253 -58.54 80.95 44.91
C ARG YD 253 -57.72 80.63 46.15
N ILE YD 254 -56.83 81.56 46.52
CA ILE YD 254 -56.09 81.51 47.77
C ILE YD 254 -56.36 82.81 48.52
N LEU YD 255 -56.95 82.71 49.71
CA LEU YD 255 -57.33 83.87 50.49
C LEU YD 255 -56.43 83.98 51.72
N THR YD 256 -55.91 85.18 51.95
CA THR YD 256 -54.97 85.45 53.03
C THR YD 256 -55.68 86.08 54.22
N SER YD 257 -55.01 86.02 55.38
CA SER YD 257 -55.55 86.65 56.57
C SER YD 257 -55.55 88.17 56.46
N SER YD 258 -54.58 88.73 55.73
CA SER YD 258 -54.59 90.15 55.43
C SER YD 258 -55.59 90.52 54.36
N GLY YD 259 -56.18 89.54 53.67
CA GLY YD 259 -57.28 89.80 52.77
C GLY YD 259 -56.90 89.98 51.32
N GLN YD 260 -56.14 89.05 50.75
CA GLN YD 260 -55.72 89.14 49.36
C GLN YD 260 -55.97 87.81 48.65
N VAL YD 261 -56.07 87.87 47.33
CA VAL YD 261 -56.34 86.73 46.48
C VAL YD 261 -55.12 86.43 45.63
N ILE YD 262 -54.76 85.16 45.53
CA ILE YD 262 -53.67 84.70 44.67
C ILE YD 262 -54.29 84.01 43.46
N LYS YD 263 -53.81 84.36 42.27
CA LYS YD 263 -54.40 83.91 41.02
C LYS YD 263 -53.27 83.58 40.04
N PHE YD 264 -53.65 82.89 38.96
CA PHE YD 264 -52.77 82.64 37.83
C PHE YD 264 -52.30 83.93 37.18
N SER YD 265 -51.28 83.80 36.34
CA SER YD 265 -51.03 84.83 35.35
C SER YD 265 -52.17 84.86 34.35
N GLN YD 266 -52.48 86.06 33.86
CA GLN YD 266 -53.47 86.17 32.79
C GLN YD 266 -52.93 85.57 31.50
N GLU YD 267 -51.63 85.70 31.27
CA GLU YD 267 -50.99 85.00 30.16
C GLU YD 267 -50.99 83.50 30.38
N ASP YD 268 -50.64 83.05 31.59
CA ASP YD 268 -50.55 81.63 31.90
C ASP YD 268 -51.84 81.21 32.59
N SER YD 269 -52.86 80.96 31.78
CA SER YD 269 -54.16 80.55 32.29
C SER YD 269 -54.10 79.11 32.82
N ALA ZD 104 -110.26 49.21 -11.14
CA ALA ZD 104 -109.80 48.24 -12.12
C ALA ZD 104 -108.37 48.53 -12.53
N GLU ZD 105 -107.98 49.79 -12.39
CA GLU ZD 105 -106.67 50.26 -12.82
C GLU ZD 105 -106.01 51.19 -11.82
N VAL ZD 106 -106.75 51.69 -10.84
CA VAL ZD 106 -106.17 52.49 -9.76
C VAL ZD 106 -105.43 51.64 -8.74
N ILE ZD 107 -105.61 50.32 -8.81
CA ILE ZD 107 -104.92 49.36 -7.94
C ILE ZD 107 -103.42 49.47 -8.13
N ASP ZD 108 -102.97 49.67 -9.38
CA ASP ZD 108 -101.53 49.78 -9.66
C ASP ZD 108 -100.96 51.05 -9.05
N LYS ZD 109 -101.68 52.17 -9.18
CA LYS ZD 109 -101.20 53.44 -8.63
C LYS ZD 109 -101.14 53.40 -7.11
N LYS ZD 110 -102.19 52.86 -6.46
CA LYS ZD 110 -102.17 52.84 -5.00
C LYS ZD 110 -101.18 51.83 -4.46
N ALA ZD 111 -101.03 50.68 -5.13
CA ALA ZD 111 -100.05 49.69 -4.72
C ALA ZD 111 -98.65 50.22 -4.91
N PHE ZD 112 -98.43 50.98 -5.99
CA PHE ZD 112 -97.13 51.59 -6.24
C PHE ZD 112 -96.79 52.62 -5.17
N LYS ZD 113 -97.77 53.45 -4.77
CA LYS ZD 113 -97.46 54.50 -3.82
C LYS ZD 113 -97.26 53.95 -2.40
N ASP ZD 114 -98.07 52.98 -1.96
CA ASP ZD 114 -97.80 52.46 -0.62
C ASP ZD 114 -96.63 51.50 -0.60
N MET ZD 115 -96.32 50.85 -1.73
CA MET ZD 115 -95.12 50.05 -1.81
C MET ZD 115 -93.87 50.93 -1.74
N THR ZD 116 -93.92 52.10 -2.38
CA THR ZD 116 -92.82 53.05 -2.27
C THR ZD 116 -92.69 53.59 -0.87
N ARG ZD 117 -93.82 53.88 -0.22
CA ARG ZD 117 -93.81 54.33 1.18
C ARG ZD 117 -93.25 53.26 2.10
N ASN ZD 118 -93.62 52.01 1.88
CA ASN ZD 118 -93.13 50.94 2.74
C ASN ZD 118 -91.67 50.60 2.46
N LEU ZD 119 -91.22 50.83 1.22
CA LEU ZD 119 -89.80 50.68 0.92
C LEU ZD 119 -88.99 51.76 1.62
N TYR ZD 120 -89.38 53.02 1.45
CA TYR ZD 120 -88.64 54.15 2.01
C TYR ZD 120 -89.61 54.94 2.87
N PRO ZD 121 -89.70 54.64 4.17
CA PRO ZD 121 -90.59 55.39 5.05
C PRO ZD 121 -90.09 56.79 5.38
N LEU ZD 122 -88.87 57.14 5.01
CA LEU ZD 122 -88.24 58.38 5.43
C LEU ZD 122 -88.05 59.31 4.23
N ASN ZD 123 -88.38 60.59 4.43
CA ASN ZD 123 -88.12 61.57 3.41
C ASN ZD 123 -86.63 61.90 3.36
N PRO ZD 124 -86.13 62.37 2.21
CA PRO ZD 124 -84.71 62.80 2.14
C PRO ZD 124 -84.35 63.90 3.11
N GLU ZD 125 -85.24 64.89 3.30
CA GLU ZD 125 -84.97 65.93 4.29
C GLU ZD 125 -85.06 65.39 5.71
N GLN ZD 126 -85.89 64.37 5.92
CA GLN ZD 126 -85.92 63.67 7.21
C GLN ZD 126 -84.59 62.97 7.46
N VAL ZD 127 -84.03 62.37 6.41
CA VAL ZD 127 -82.69 61.77 6.49
C VAL ZD 127 -81.66 62.83 6.83
N VAL ZD 128 -81.78 64.01 6.23
CA VAL ZD 128 -80.86 65.11 6.47
C VAL ZD 128 -80.92 65.57 7.92
N LYS ZD 129 -82.13 65.73 8.45
CA LYS ZD 129 -82.25 66.23 9.81
C LYS ZD 129 -81.91 65.15 10.85
N LEU ZD 130 -82.11 63.86 10.53
CA LEU ZD 130 -81.66 62.85 11.47
C LEU ZD 130 -80.14 62.72 11.44
N LYS ZD 131 -79.51 62.97 10.28
CA LYS ZD 131 -78.06 63.07 10.25
C LYS ZD 131 -77.58 64.26 11.07
N GLN ZD 132 -78.32 65.37 11.02
CA GLN ZD 132 -77.96 66.54 11.80
C GLN ZD 132 -78.07 66.29 13.30
N ILE ZD 133 -79.13 65.61 13.73
CA ILE ZD 133 -79.23 65.33 15.16
C ILE ZD 133 -78.28 64.21 15.57
N TYR ZD 134 -77.85 63.36 14.63
CA TYR ZD 134 -76.76 62.43 14.91
C TYR ZD 134 -75.47 63.19 15.18
N GLU ZD 135 -75.19 64.21 14.37
CA GLU ZD 135 -74.03 65.08 14.59
C GLU ZD 135 -74.15 65.81 15.93
N THR ZD 136 -75.36 66.25 16.26
CA THR ZD 136 -75.60 66.91 17.54
C THR ZD 136 -75.35 65.96 18.70
N SER ZD 137 -75.79 64.71 18.57
CA SER ZD 137 -75.61 63.73 19.63
C SER ZD 137 -74.14 63.40 19.85
N GLU ZD 138 -73.38 63.19 18.77
CA GLU ZD 138 -71.96 62.88 18.96
C GLU ZD 138 -71.18 64.11 19.42
N TYR ZD 139 -71.61 65.31 19.04
CA TYR ZD 139 -70.95 66.51 19.54
C TYR ZD 139 -71.22 66.70 21.03
N ALA ZD 140 -72.44 66.38 21.47
CA ALA ZD 140 -72.73 66.41 22.90
C ALA ZD 140 -71.96 65.34 23.65
N LYS ZD 141 -71.73 64.20 23.01
CA LYS ZD 141 -70.88 63.16 23.59
C LYS ZD 141 -69.45 63.64 23.74
N ALA ZD 142 -68.92 64.28 22.69
CA ALA ZD 142 -67.55 64.76 22.69
C ALA ZD 142 -67.38 66.09 23.40
N ALA ZD 143 -68.46 66.67 23.91
CA ALA ZD 143 -68.37 67.93 24.64
C ALA ZD 143 -67.63 67.72 25.97
N THR ZD 144 -66.65 68.58 26.22
CA THR ZD 144 -65.81 68.47 27.40
C THR ZD 144 -66.15 69.58 28.38
N PRO ZD 145 -66.65 69.27 29.57
CA PRO ZD 145 -66.90 70.32 30.57
C PRO ZD 145 -65.62 70.95 31.07
N GLY ZD 146 -65.72 72.23 31.45
CA GLY ZD 146 -64.59 72.98 31.92
C GLY ZD 146 -63.73 73.51 30.78
N THR ZD 147 -62.88 74.46 31.12
CA THR ZD 147 -61.92 74.96 30.15
C THR ZD 147 -60.83 73.91 29.91
N PRO ZD 148 -60.43 73.69 28.66
CA PRO ZD 148 -59.27 72.84 28.42
C PRO ZD 148 -58.00 73.48 28.95
N PRO ZD 149 -57.03 72.69 29.39
CA PRO ZD 149 -55.80 73.26 29.94
C PRO ZD 149 -54.94 73.90 28.87
N LYS ZD 150 -54.25 74.97 29.25
CA LYS ZD 150 -53.43 75.71 28.31
C LYS ZD 150 -52.15 74.94 27.99
N PRO ZD 151 -51.89 74.65 26.72
CA PRO ZD 151 -50.69 73.89 26.37
C PRO ZD 151 -49.47 74.79 26.22
N THR ZD 152 -48.48 74.62 27.10
CA THR ZD 152 -47.35 75.53 27.13
C THR ZD 152 -46.05 74.77 27.27
N ALA ZD 153 -44.96 75.44 26.89
CA ALA ZD 153 -43.63 75.03 27.30
C ALA ZD 153 -43.24 75.80 28.56
N THR ZD 154 -42.32 75.21 29.33
CA THR ZD 154 -41.87 75.79 30.58
C THR ZD 154 -40.39 75.49 30.76
N SER ZD 155 -39.77 76.15 31.74
CA SER ZD 155 -38.40 75.84 32.11
C SER ZD 155 -38.20 76.11 33.59
N GLN ZD 156 -37.37 75.29 34.23
CA GLN ZD 156 -37.07 75.45 35.64
C GLN ZD 156 -35.72 74.82 35.94
N PHE ZD 157 -35.02 75.41 36.91
CA PHE ZD 157 -33.74 74.91 37.40
C PHE ZD 157 -33.96 74.27 38.75
N VAL ZD 158 -33.66 72.97 38.85
CA VAL ZD 158 -33.87 72.21 40.08
C VAL ZD 158 -32.77 72.53 41.07
N ASN ZD 159 -32.98 72.15 42.33
CA ASN ZD 159 -32.02 72.44 43.39
C ASN ZD 159 -31.85 71.22 44.28
N LEU ZD 160 -30.63 71.04 44.79
CA LEU ZD 160 -30.26 69.83 45.51
C LEU ZD 160 -30.29 69.98 47.02
N SER ZD 161 -30.70 71.12 47.55
CA SER ZD 161 -30.76 71.28 48.99
C SER ZD 161 -31.93 70.47 49.56
N PRO ZD 162 -31.75 69.84 50.73
CA PRO ZD 162 -32.86 69.09 51.32
C PRO ZD 162 -34.07 69.93 51.70
N GLY ZD 163 -33.84 71.17 52.13
CA GLY ZD 163 -34.95 72.04 52.43
C GLY ZD 163 -35.68 72.59 51.21
N SER ZD 164 -35.06 72.50 50.04
CA SER ZD 164 -35.69 72.98 48.82
C SER ZD 164 -36.87 72.09 48.44
N THR ZD 165 -38.00 72.71 48.12
CA THR ZD 165 -39.21 71.97 47.80
C THR ZD 165 -39.05 71.27 46.45
N PRO ZD 166 -39.54 70.03 46.32
CA PRO ZD 166 -39.41 69.32 45.06
C PRO ZD 166 -40.32 69.93 43.99
N PRO ZD 167 -39.90 69.91 42.73
CA PRO ZD 167 -40.74 70.50 41.68
C PRO ZD 167 -41.96 69.64 41.37
N VAL ZD 168 -43.02 70.32 40.95
CA VAL ZD 168 -44.28 69.70 40.58
C VAL ZD 168 -44.58 70.00 39.12
N ILE ZD 169 -45.25 69.05 38.47
CA ILE ZD 169 -45.57 69.15 37.05
C ILE ZD 169 -47.08 68.94 36.86
N ARG ZD 170 -47.75 69.93 36.28
CA ARG ZD 170 -49.13 69.76 35.88
C ARG ZD 170 -49.23 68.85 34.68
N LEU ZD 171 -50.28 68.04 34.64
CA LEU ZD 171 -50.43 67.03 33.61
C LEU ZD 171 -51.83 67.03 33.03
N SER ZD 172 -51.92 66.58 31.78
CA SER ZD 172 -53.18 66.37 31.08
C SER ZD 172 -53.31 64.90 30.73
N GLN ZD 173 -54.53 64.38 30.87
CA GLN ZD 173 -54.75 62.94 30.76
C GLN ZD 173 -54.68 62.49 29.31
N GLY ZD 174 -53.79 61.54 29.03
CA GLY ZD 174 -53.69 60.95 27.72
C GLY ZD 174 -52.92 61.74 26.70
N PHE ZD 175 -52.39 62.91 27.07
CA PHE ZD 175 -51.64 63.75 26.16
C PHE ZD 175 -50.17 63.67 26.48
N VAL ZD 176 -49.35 63.53 25.44
CA VAL ZD 176 -47.95 63.16 25.59
C VAL ZD 176 -47.17 64.37 26.08
N SER ZD 177 -46.38 64.17 27.14
CA SER ZD 177 -45.45 65.17 27.64
C SER ZD 177 -44.03 64.71 27.34
N SER ZD 178 -43.23 65.60 26.76
CA SER ZD 178 -41.85 65.29 26.41
C SER ZD 178 -40.91 66.03 27.35
N LEU ZD 179 -39.99 65.30 27.96
CA LEU ZD 179 -39.09 65.85 28.97
C LEU ZD 179 -37.66 65.51 28.60
N VAL ZD 180 -36.91 66.49 28.11
CA VAL ZD 180 -35.49 66.31 27.80
C VAL ZD 180 -34.68 66.99 28.89
N PHE ZD 181 -33.79 66.22 29.52
CA PHE ZD 181 -33.09 66.65 30.72
C PHE ZD 181 -31.74 67.26 30.39
N LEU ZD 182 -31.52 68.50 30.82
CA LEU ZD 182 -30.31 69.23 30.53
C LEU ZD 182 -29.64 69.69 31.81
N ASP ZD 183 -28.32 69.91 31.73
CA ASP ZD 183 -27.55 70.30 32.91
C ASP ZD 183 -27.62 71.81 33.15
N SER ZD 184 -26.72 72.33 33.99
CA SER ZD 184 -26.63 73.77 34.17
C SER ZD 184 -26.18 74.47 32.90
N THR ZD 185 -25.32 73.83 32.13
CA THR ZD 185 -24.84 74.42 30.88
C THR ZD 185 -25.81 74.22 29.72
N GLY ZD 186 -26.88 73.46 29.91
CA GLY ZD 186 -27.84 73.19 28.86
C GLY ZD 186 -27.55 71.95 28.04
N ALA ZD 187 -26.41 71.31 28.26
CA ALA ZD 187 -26.08 70.09 27.53
C ALA ZD 187 -26.91 68.93 28.06
N PRO ZD 188 -27.22 67.95 27.21
CA PRO ZD 188 -28.01 66.80 27.68
C PRO ZD 188 -27.27 65.94 28.70
N TRP ZD 189 -28.03 65.38 29.61
CA TRP ZD 189 -27.51 64.47 30.64
C TRP ZD 189 -28.28 63.17 30.54
N PRO ZD 190 -27.72 62.15 29.88
CA PRO ZD 190 -28.49 60.95 29.56
C PRO ZD 190 -28.89 60.14 30.78
N ILE ZD 191 -30.01 59.45 30.64
CA ILE ZD 191 -30.68 58.79 31.77
C ILE ZD 191 -30.16 57.37 31.90
N ALA ZD 192 -29.56 57.08 33.05
CA ALA ZD 192 -29.14 55.70 33.31
C ALA ZD 192 -30.33 54.82 33.63
N ALA ZD 193 -31.22 55.28 34.51
CA ALA ZD 193 -32.36 54.48 34.95
C ALA ZD 193 -33.42 55.41 35.51
N TYR ZD 194 -34.60 54.85 35.77
CA TYR ZD 194 -35.66 55.60 36.42
C TYR ZD 194 -36.54 54.64 37.22
N ASP ZD 195 -37.28 55.22 38.15
CA ASP ZD 195 -38.26 54.51 38.95
C ASP ZD 195 -39.52 55.35 39.06
N LEU ZD 196 -40.67 54.68 38.95
CA LEU ZD 196 -41.96 55.34 38.92
C LEU ZD 196 -43.01 54.46 39.58
N GLY ZD 197 -43.70 55.00 40.58
CA GLY ZD 197 -44.84 54.31 41.16
C GLY ZD 197 -46.12 54.61 40.39
N ASP ZD 198 -47.13 53.77 40.65
CA ASP ZD 198 -48.46 53.80 40.03
C ASP ZD 198 -48.40 53.81 38.51
N PRO ZD 199 -48.09 52.67 37.87
CA PRO ZD 199 -48.23 52.59 36.41
C PRO ZD 199 -49.68 52.69 35.96
N SER ZD 200 -50.64 52.39 36.83
CA SER ZD 200 -52.05 52.55 36.48
C SER ZD 200 -52.43 54.00 36.30
N SER ZD 201 -51.70 54.92 36.95
CA SER ZD 201 -51.97 56.34 36.78
C SER ZD 201 -51.01 57.02 35.80
N PHE ZD 202 -49.77 56.55 35.70
CA PHE ZD 202 -48.80 57.16 34.82
C PHE ZD 202 -48.30 56.15 33.80
N ASN ZD 203 -48.40 56.51 32.52
CA ASN ZD 203 -47.88 55.70 31.44
C ASN ZD 203 -46.66 56.39 30.84
N ILE ZD 204 -45.63 55.60 30.53
CA ILE ZD 204 -44.37 56.19 30.09
C ILE ZD 204 -43.70 55.28 29.07
N GLN ZD 205 -43.29 55.86 27.94
CA GLN ZD 205 -42.24 55.29 27.14
C GLN ZD 205 -40.94 56.01 27.49
N TRP ZD 206 -39.85 55.26 27.51
CA TRP ZD 206 -38.53 55.85 27.74
C TRP ZD 206 -37.49 55.01 27.01
N ASP ZD 207 -36.84 55.60 26.02
CA ASP ZD 207 -35.75 54.91 25.36
C ASP ZD 207 -34.52 54.90 26.26
N LYS ZD 208 -33.74 53.82 26.17
CA LYS ZD 208 -32.69 53.59 27.14
C LYS ZD 208 -31.40 54.34 26.82
N THR ZD 209 -31.41 55.21 25.82
CA THR ZD 209 -30.23 56.00 25.47
C THR ZD 209 -30.39 57.49 25.73
N SER ZD 210 -31.52 58.08 25.35
CA SER ZD 210 -31.66 59.53 25.41
C SER ZD 210 -32.02 59.99 26.82
N ASN ZD 211 -31.92 61.29 27.01
CA ASN ZD 211 -32.39 61.96 28.22
C ASN ZD 211 -33.82 62.45 28.09
N THR ZD 212 -34.62 61.79 27.26
CA THR ZD 212 -35.96 62.25 26.93
C THR ZD 212 -36.98 61.24 27.42
N LEU ZD 213 -37.99 61.74 28.11
CA LEU ZD 213 -39.07 60.94 28.66
C LEU ZD 213 -40.35 61.28 27.93
N MET ZD 214 -41.08 60.26 27.50
CA MET ZD 214 -42.42 60.41 26.96
C MET ZD 214 -43.39 59.96 28.04
N ILE ZD 215 -44.20 60.89 28.53
CA ILE ZD 215 -45.03 60.68 29.70
C ILE ZD 215 -46.49 60.78 29.28
N GLN ZD 216 -47.30 59.82 29.71
CA GLN ZD 216 -48.74 59.84 29.45
C GLN ZD 216 -49.46 59.72 30.78
N ALA ZD 217 -50.32 60.68 31.07
CA ALA ZD 217 -51.14 60.62 32.28
C ALA ZD 217 -52.31 59.70 32.01
N THR ZD 218 -52.32 58.55 32.69
CA THR ZD 218 -53.35 57.55 32.46
C THR ZD 218 -54.63 57.84 33.22
N LYS ZD 219 -54.51 58.17 34.50
CA LYS ZD 219 -55.67 58.36 35.36
C LYS ZD 219 -56.10 59.83 35.34
N LEU ZD 220 -56.96 60.21 36.30
CA LEU ZD 220 -57.60 61.52 36.32
C LEU ZD 220 -56.88 62.51 37.24
N TYR ZD 221 -56.70 62.16 38.51
CA TYR ZD 221 -56.13 63.10 39.46
C TYR ZD 221 -55.11 62.46 40.41
N ASN ZD 222 -54.64 61.27 40.10
CA ASN ZD 222 -53.66 60.62 40.97
C ASN ZD 222 -52.29 61.22 40.71
N TYR ZD 223 -51.71 61.82 41.75
CA TYR ZD 223 -50.38 62.40 41.66
C TYR ZD 223 -49.35 61.39 42.14
N GLY ZD 224 -48.20 61.38 41.49
CA GLY ZD 224 -47.16 60.42 41.81
C GLY ZD 224 -45.79 61.06 41.84
N ASN ZD 225 -44.81 60.24 42.20
CA ASN ZD 225 -43.43 60.67 42.27
C ASN ZD 225 -42.61 59.95 41.21
N LEU ZD 226 -41.56 60.61 40.74
CA LEU ZD 226 -40.68 60.05 39.73
C LEU ZD 226 -39.25 60.31 40.13
N ALA ZD 227 -38.43 59.26 40.13
CA ALA ZD 227 -37.01 59.38 40.37
C ALA ZD 227 -36.26 58.98 39.11
N VAL ZD 228 -35.26 59.78 38.74
CA VAL ZD 228 -34.45 59.54 37.55
C VAL ZD 228 -32.99 59.59 37.93
N ARG ZD 229 -32.26 58.51 37.66
CA ARG ZD 229 -30.82 58.46 37.84
C ARG ZD 229 -30.17 58.64 36.49
N LEU ZD 230 -29.33 59.68 36.39
CA LEU ZD 230 -28.66 60.02 35.14
C LEU ZD 230 -27.37 59.22 34.99
N ARG ZD 231 -26.74 59.37 33.83
CA ARG ZD 231 -25.52 58.62 33.54
C ARG ZD 231 -24.33 59.11 34.35
N GLY ZD 232 -24.41 60.30 34.94
CA GLY ZD 232 -23.30 60.82 35.72
C GLY ZD 232 -23.73 61.47 37.02
N LEU ZD 233 -24.87 61.06 37.57
CA LEU ZD 233 -25.37 61.63 38.81
C LEU ZD 233 -25.61 60.52 39.83
N ASN ZD 234 -25.05 60.70 41.02
CA ASN ZD 234 -25.35 59.78 42.11
C ASN ZD 234 -26.73 60.04 42.68
N THR ZD 235 -27.08 61.30 42.87
CA THR ZD 235 -28.37 61.66 43.44
C THR ZD 235 -29.46 61.57 42.37
N PRO ZD 236 -30.50 60.78 42.57
CA PRO ZD 236 -31.62 60.79 41.62
C PRO ZD 236 -32.44 62.07 41.76
N VAL ZD 237 -32.98 62.51 40.63
CA VAL ZD 237 -33.87 63.66 40.61
C VAL ZD 237 -35.29 63.15 40.83
N MET ZD 238 -35.96 63.71 41.83
CA MET ZD 238 -37.29 63.26 42.22
C MET ZD 238 -38.27 64.42 42.10
N LEU ZD 239 -39.34 64.19 41.34
CA LEU ZD 239 -40.34 65.22 41.06
C LEU ZD 239 -41.73 64.64 41.29
N THR ZD 240 -42.68 65.53 41.56
CA THR ZD 240 -44.06 65.13 41.76
C THR ZD 240 -44.91 65.60 40.58
N LEU ZD 241 -45.64 64.69 39.97
CA LEU ZD 241 -46.49 64.99 38.83
C LEU ZD 241 -47.95 64.82 39.23
N ILE ZD 242 -48.75 65.82 38.91
CA ILE ZD 242 -50.16 65.86 39.28
C ILE ZD 242 -50.98 66.25 38.05
N PRO ZD 243 -51.99 65.46 37.68
CA PRO ZD 243 -52.88 65.87 36.60
C PRO ZD 243 -54.11 66.62 37.11
N GLY ZD 244 -54.68 67.42 36.22
CA GLY ZD 244 -55.91 68.11 36.52
C GLY ZD 244 -55.75 69.59 36.85
N GLN ZD 245 -54.93 70.29 36.09
CA GLN ZD 245 -54.73 71.72 36.23
C GLN ZD 245 -55.31 72.44 35.02
N LYS ZD 246 -55.41 73.77 35.12
CA LYS ZD 246 -55.89 74.57 34.01
C LYS ZD 246 -54.81 74.89 32.98
N ALA ZD 247 -53.63 74.30 33.13
CA ALA ZD 247 -52.60 74.37 32.10
C ALA ZD 247 -51.94 73.01 32.00
N VAL ZD 248 -51.35 72.75 30.83
CA VAL ZD 248 -50.60 71.51 30.62
C VAL ZD 248 -49.23 71.89 30.06
N ASP ZD 249 -48.18 71.47 30.74
CA ASP ZD 249 -46.83 71.64 30.22
C ASP ZD 249 -46.59 70.61 29.13
N TYR ZD 250 -46.53 71.08 27.89
CA TYR ZD 250 -46.12 70.20 26.80
C TYR ZD 250 -44.68 69.75 26.99
N ARG ZD 251 -43.78 70.70 27.22
CA ARG ZD 251 -42.36 70.39 27.34
C ARG ZD 251 -41.74 71.29 28.40
N VAL ZD 252 -41.04 70.68 29.36
CA VAL ZD 252 -40.35 71.40 30.41
C VAL ZD 252 -38.84 71.24 30.20
N ASP ZD 253 -38.13 72.35 30.26
CA ASP ZD 253 -36.67 72.37 30.19
C ASP ZD 253 -36.15 72.48 31.61
N LEU ZD 254 -35.68 71.37 32.15
CA LEU ZD 254 -35.25 71.30 33.54
C LEU ZD 254 -33.72 71.26 33.60
N ARG ZD 255 -33.16 72.05 34.51
CA ARG ZD 255 -31.72 72.26 34.58
C ARG ZD 255 -31.17 71.73 35.89
N VAL ZD 256 -30.09 70.95 35.81
CA VAL ZD 256 -29.45 70.38 36.99
C VAL ZD 256 -28.42 71.38 37.50
N GLN ZD 257 -28.11 71.28 38.81
CA GLN ZD 257 -26.99 72.02 39.36
C GLN ZD 257 -25.67 71.58 38.73
N GLY ZD 258 -25.49 70.27 38.56
CA GLY ZD 258 -24.25 69.74 38.05
C GLY ZD 258 -24.22 69.67 36.53
N TYR ZD 259 -23.25 68.91 36.03
CA TYR ZD 259 -23.04 68.73 34.61
C TYR ZD 259 -22.87 67.26 34.28
N GLY ZD 260 -23.28 66.88 33.08
CA GLY ZD 260 -23.18 65.51 32.65
C GLY ZD 260 -21.89 65.23 31.91
N PRO ZD 261 -21.82 64.06 31.27
CA PRO ZD 261 -20.72 63.82 30.31
C PRO ZD 261 -20.74 64.80 29.16
N ASN ZD 262 -21.93 65.23 28.73
CA ASN ZD 262 -22.03 66.40 27.88
C ASN ZD 262 -22.04 67.63 28.76
N ALA ZD 263 -21.09 68.53 28.53
CA ALA ZD 263 -21.09 69.85 29.10
C ALA ZD 263 -20.76 70.83 27.98
N LYS ZD 264 -21.34 72.02 28.04
CA LYS ZD 264 -21.15 72.99 26.97
C LYS ZD 264 -19.76 73.61 26.96
N SER ZD 265 -18.99 73.44 28.05
CA SER ZD 265 -17.68 74.09 28.27
C SER ZD 265 -17.80 75.61 28.13
N MET ZD 266 -18.91 76.14 28.67
CA MET ZD 266 -19.19 77.58 28.56
C MET ZD 266 -18.20 78.49 29.28
N PRO ZD 267 -17.82 78.28 30.61
CA PRO ZD 267 -17.02 79.32 31.29
C PRO ZD 267 -15.60 79.49 30.78
N THR ZD 268 -15.49 80.03 29.56
CA THR ZD 268 -14.22 80.37 28.92
C THR ZD 268 -14.43 81.77 28.35
N GLU ZD 269 -14.15 82.80 29.16
CA GLU ZD 269 -14.41 84.18 28.76
C GLU ZD 269 -13.18 85.03 28.98
N GLU ZD 270 -13.23 86.25 28.46
CA GLU ZD 270 -12.17 87.23 28.65
C GLU ZD 270 -12.26 87.78 30.06
N GLY ZD 271 -11.37 87.33 30.93
CA GLY ZD 271 -11.32 87.78 32.30
C GLY ZD 271 -10.35 88.92 32.49
N ILE ZD 272 -9.81 89.01 33.70
CA ILE ZD 272 -8.81 90.03 34.00
C ILE ZD 272 -7.51 89.69 33.28
N PRO ZD 273 -6.86 90.65 32.63
CA PRO ZD 273 -5.52 90.39 32.10
C PRO ZD 273 -4.55 90.13 33.23
N PRO ZD 274 -3.52 89.31 33.01
CA PRO ZD 274 -2.62 88.94 34.10
C PRO ZD 274 -1.71 90.10 34.51
N SER ZD 275 -1.01 89.90 35.61
CA SER ZD 275 -0.09 90.89 36.12
C SER ZD 275 1.29 90.69 35.49
N ALA ZD 276 2.30 91.37 36.03
CA ALA ZD 276 3.64 91.20 35.54
C ALA ZD 276 4.19 89.85 35.96
N ASN ZD 277 5.16 89.36 35.20
CA ASN ZD 277 5.77 88.07 35.51
C ASN ZD 277 6.60 88.17 36.77
N ASP ZD 278 6.42 87.20 37.66
CA ASP ZD 278 6.97 87.29 39.00
C ASP ZD 278 8.46 87.05 39.06
N LEU ZD 279 9.08 86.60 37.96
CA LEU ZD 279 10.53 86.50 37.92
C LEU ZD 279 11.18 87.87 37.89
N LEU ZD 280 10.44 88.89 37.45
CA LEU ZD 280 11.02 90.20 37.20
C LEU ZD 280 11.48 90.90 38.47
N LEU ZD 281 10.97 90.50 39.63
CA LEU ZD 281 11.47 91.04 40.89
C LEU ZD 281 12.89 90.57 41.16
N HIS ZD 282 13.14 89.26 40.99
CA HIS ZD 282 14.49 88.73 41.12
C HIS ZD 282 15.40 89.29 40.03
N VAL ZD 283 14.84 89.51 38.84
CA VAL ZD 283 15.60 90.11 37.74
C VAL ZD 283 16.03 91.52 38.10
N LEU ZD 284 15.11 92.30 38.66
CA LEU ZD 284 15.39 93.68 39.03
C LEU ZD 284 16.40 93.74 40.16
N GLU ZD 285 16.36 92.76 41.07
CA GLU ZD 285 17.36 92.72 42.11
C GLU ZD 285 18.73 92.37 41.55
N GLY ZD 286 18.79 91.37 40.66
CA GLY ZD 286 20.07 91.01 40.09
C GLY ZD 286 20.34 89.52 40.09
N VAL ZD 287 19.51 88.77 40.79
CA VAL ZD 287 19.65 87.31 40.80
C VAL ZD 287 18.97 86.73 39.57
N PRO ZD 288 19.67 85.94 38.77
CA PRO ZD 288 19.04 85.36 37.59
C PRO ZD 288 18.01 84.32 37.98
N PRO ZD 289 17.00 84.09 37.14
CA PRO ZD 289 15.98 83.10 37.47
C PRO ZD 289 16.56 81.70 37.36
N PRO ZD 290 16.00 80.72 38.07
CA PRO ZD 290 16.49 79.35 37.96
C PRO ZD 290 16.22 78.76 36.59
N GLY ZD 291 17.14 77.92 36.15
CA GLY ZD 291 17.05 77.30 34.84
C GLY ZD 291 17.51 78.16 33.69
N SER ZD 292 17.93 79.38 33.96
CA SER ZD 292 18.36 80.29 32.91
C SER ZD 292 19.86 80.21 32.71
N ARG ZD 293 20.30 80.63 31.53
CA ARG ZD 293 21.71 80.63 31.19
C ARG ZD 293 22.16 82.07 30.89
N ARG ZD 294 23.45 82.30 31.07
CA ARG ZD 294 24.00 83.64 30.99
C ARG ZD 294 24.14 84.09 29.54
N LEU ZD 295 24.34 85.40 29.37
CA LEU ZD 295 24.49 86.03 28.08
C LEU ZD 295 25.75 86.88 28.06
N VAL ZD 296 26.07 87.41 26.88
CA VAL ZD 296 27.21 88.30 26.70
C VAL ZD 296 26.70 89.65 26.24
N VAL ZD 297 27.00 90.69 26.99
CA VAL ZD 297 26.56 92.05 26.70
C VAL ZD 297 27.80 92.91 26.52
N SER ZD 298 27.83 93.68 25.43
CA SER ZD 298 28.96 94.57 25.18
C SER ZD 298 28.43 95.93 24.73
N GLY ZD 299 29.28 96.94 24.85
CA GLY ZD 299 28.98 98.28 24.44
C GLY ZD 299 28.50 99.19 25.55
N GLY ZD 300 28.03 98.61 26.65
CA GLY ZD 300 27.56 99.40 27.77
C GLY ZD 300 27.68 98.62 29.04
N ASP ZD 301 27.07 99.14 30.09
CA ASP ZD 301 27.03 98.47 31.39
C ASP ZD 301 25.59 98.03 31.65
N ALA ZD 302 25.33 96.75 31.43
CA ALA ZD 302 24.02 96.16 31.65
C ALA ZD 302 24.20 94.66 31.79
N ARG ZD 303 23.16 94.00 32.30
CA ARG ZD 303 23.19 92.56 32.44
C ARG ZD 303 21.97 91.97 31.76
N ALA ZD 304 22.12 90.75 31.25
CA ALA ZD 304 21.03 90.08 30.56
C ALA ZD 304 21.18 88.58 30.71
N TRP ZD 305 20.04 87.92 30.76
CA TRP ZD 305 19.96 86.47 30.93
C TRP ZD 305 18.89 85.95 29.99
N LEU ZD 306 19.00 84.66 29.66
CA LEU ZD 306 18.03 84.01 28.81
C LEU ZD 306 17.52 82.76 29.49
N SER ZD 307 16.19 82.65 29.62
CA SER ZD 307 15.58 81.52 30.30
C SER ZD 307 14.72 80.66 29.38
N ASN ZD 308 13.71 81.24 28.74
CA ASN ZD 308 12.71 80.48 28.00
C ASN ZD 308 12.44 81.15 26.66
N GLU ZD 309 13.52 81.45 25.94
CA GLU ZD 309 13.63 82.37 24.79
C GLU ZD 309 12.80 83.63 24.97
N LYS ZD 310 12.83 84.17 26.19
CA LYS ZD 310 12.36 85.52 26.50
C LYS ZD 310 13.45 86.13 27.35
N MET ZD 311 14.17 87.08 26.79
CA MET ZD 311 15.34 87.59 27.48
C MET ZD 311 14.97 88.58 28.56
N TYR ZD 312 15.80 88.61 29.61
CA TYR ZD 312 15.65 89.52 30.72
C TYR ZD 312 16.88 90.40 30.80
N VAL ZD 313 16.68 91.69 31.05
CA VAL ZD 313 17.78 92.65 31.05
C VAL ZD 313 17.59 93.61 32.22
N ARG ZD 314 18.66 93.80 33.00
CA ARG ZD 314 18.70 94.78 34.07
C ARG ZD 314 19.74 95.84 33.72
N THR ZD 315 19.32 97.11 33.76
CA THR ZD 315 20.21 98.19 33.39
C THR ZD 315 19.76 99.46 34.09
N ASN ZD 316 20.50 100.55 33.85
CA ASN ZD 316 20.03 101.88 34.17
C ASN ZD 316 19.99 102.76 32.93
N LEU ZD 317 20.03 102.15 31.75
CA LEU ZD 317 19.86 102.87 30.50
C LEU ZD 317 18.37 102.91 30.16
N THR ZD 318 18.05 103.27 28.92
CA THR ZD 318 16.65 103.42 28.51
C THR ZD 318 16.46 102.82 27.14
N ILE ZD 319 15.74 101.70 27.07
CA ILE ZD 319 15.62 100.94 25.82
C ILE ZD 319 14.71 101.67 24.86
N LEU ZD 320 15.05 101.63 23.58
CA LEU ZD 320 14.23 102.31 22.58
C LEU ZD 320 13.73 101.39 21.47
N SER ZD 321 14.61 100.58 20.87
CA SER ZD 321 14.30 100.00 19.57
C SER ZD 321 13.25 98.88 19.61
N PRO ZD 322 13.51 97.70 20.23
CA PRO ZD 322 12.68 96.55 19.87
C PRO ZD 322 11.30 96.51 20.51
N GLY ZD 323 11.08 97.25 21.60
CA GLY ZD 323 9.82 97.20 22.29
C GLY ZD 323 9.83 96.05 23.27
N TRP ZD 324 9.69 96.34 24.55
CA TRP ZD 324 9.75 95.29 25.54
C TRP ZD 324 8.34 94.88 25.96
N LEU ZD 325 8.25 93.74 26.61
CA LEU ZD 325 6.97 93.19 27.02
C LEU ZD 325 6.60 93.55 28.46
N ALA ZD 326 7.55 93.46 29.39
CA ALA ZD 326 7.24 93.73 30.79
C ALA ZD 326 8.33 94.62 31.37
N SER ZD 327 7.92 95.53 32.26
CA SER ZD 327 8.78 96.58 32.76
C SER ZD 327 8.62 96.77 34.25
N MET ZD 328 9.75 96.85 34.95
CA MET ZD 328 9.80 97.15 36.37
C MET ZD 328 10.80 98.24 36.64
N THR ZD 329 10.49 99.08 37.61
CA THR ZD 329 11.35 100.19 38.02
C THR ZD 329 11.73 100.00 39.47
N SER ZD 330 13.04 100.10 39.76
CA SER ZD 330 13.54 99.93 41.10
C SER ZD 330 13.26 101.17 41.93
N ALA ZD 331 13.52 101.04 43.23
CA ALA ZD 331 13.51 102.20 44.10
C ALA ZD 331 14.70 103.11 43.82
N ASP ZD 332 15.77 102.56 43.25
CA ASP ZD 332 16.98 103.32 42.97
C ASP ZD 332 17.14 103.67 41.50
N GLY ZD 333 16.08 103.52 40.70
CA GLY ZD 333 16.14 103.89 39.31
C GLY ZD 333 16.69 102.83 38.39
N THR ZD 334 16.99 101.64 38.89
CA THR ZD 334 17.40 100.55 38.03
C THR ZD 334 16.19 100.00 37.29
N HIS ZD 335 16.24 99.97 35.97
CA HIS ZD 335 15.13 99.54 35.16
C HIS ZD 335 15.38 98.12 34.66
N ALA ZD 336 14.35 97.28 34.77
CA ALA ZD 336 14.43 95.89 34.37
C ALA ZD 336 13.34 95.58 33.37
N TYR ZD 337 13.68 94.79 32.36
CA TYR ZD 337 12.78 94.53 31.24
C TYR ZD 337 12.79 93.06 30.88
N GLU ZD 338 11.61 92.54 30.57
CA GLU ZD 338 11.44 91.23 29.98
C GLU ZD 338 10.93 91.43 28.56
N MET ZD 339 11.64 90.88 27.58
CA MET ZD 339 11.30 91.13 26.19
C MET ZD 339 11.63 89.90 25.37
N GLN ZD 340 11.37 89.99 24.07
CA GLN ZD 340 11.59 88.91 23.14
C GLN ZD 340 13.01 88.94 22.62
N LYS ZD 341 13.38 87.92 21.86
CA LYS ZD 341 14.75 87.75 21.42
C LYS ZD 341 15.13 88.79 20.37
N SER ZD 342 16.35 89.31 20.49
CA SER ZD 342 16.97 90.23 19.56
C SER ZD 342 18.46 90.27 19.84
N PRO ZD 343 19.31 90.20 18.82
CA PRO ZD 343 20.75 90.27 19.07
C PRO ZD 343 21.24 91.65 19.45
N VAL ZD 344 20.44 92.69 19.23
CA VAL ZD 344 20.93 94.06 19.33
C VAL ZD 344 19.74 94.97 19.60
N LEU ZD 345 19.92 95.91 20.53
CA LEU ZD 345 18.90 96.91 20.81
C LEU ZD 345 19.55 98.29 20.85
N LEU ZD 346 18.71 99.33 20.94
CA LEU ZD 346 19.16 100.71 20.90
C LEU ZD 346 18.69 101.42 22.16
N VAL ZD 347 19.55 102.26 22.72
CA VAL ZD 347 19.31 102.97 23.96
C VAL ZD 347 19.73 104.42 23.79
N SER ZD 348 19.40 105.23 24.80
CA SER ZD 348 19.91 106.58 24.92
C SER ZD 348 20.68 106.72 26.22
N TRP ZD 349 21.82 107.41 26.14
CA TRP ZD 349 22.71 107.53 27.29
C TRP ZD 349 22.42 108.81 28.07
N HIS ZD 350 22.62 109.96 27.44
CA HIS ZD 350 22.34 111.24 28.06
C HIS ZD 350 21.73 112.19 27.04
N GLY ZD 351 20.73 111.69 26.32
CA GLY ZD 351 20.23 112.39 25.16
C GLY ZD 351 21.02 112.09 23.91
N LYS ZD 352 22.05 111.26 24.01
CA LYS ZD 352 22.84 110.82 22.88
C LYS ZD 352 22.59 109.34 22.67
N VAL ZD 353 22.38 108.93 21.43
CA VAL ZD 353 21.94 107.58 21.14
C VAL ZD 353 23.12 106.62 21.20
N MET ZD 354 22.80 105.34 21.41
CA MET ZD 354 23.78 104.27 21.45
C MET ZD 354 23.06 102.97 21.13
N GLN ZD 355 23.83 101.94 20.78
CA GLN ZD 355 23.23 100.63 20.58
C GLN ZD 355 24.09 99.56 21.22
N LEU ZD 356 23.43 98.59 21.82
CA LEU ZD 356 24.08 97.48 22.49
C LEU ZD 356 23.88 96.21 21.68
N LYS ZD 357 24.98 95.48 21.49
CA LYS ZD 357 24.97 94.22 20.75
C LYS ZD 357 25.19 93.07 21.73
N VAL ZD 358 24.38 92.03 21.59
CA VAL ZD 358 24.42 90.88 22.48
C VAL ZD 358 24.83 89.66 21.67
N GLU ZD 359 25.91 89.02 22.10
CA GLU ZD 359 26.36 87.78 21.50
C GLU ZD 359 25.77 86.59 22.25
N GLY ZD 360 25.93 85.40 21.67
CA GLY ZD 360 25.50 84.19 22.32
C GLY ZD 360 24.01 83.99 22.39
N LEU ZD 361 23.25 84.66 21.53
CA LEU ZD 361 21.81 84.49 21.49
C LEU ZD 361 21.45 83.14 20.88
N VAL AE 38 50.62 67.74 57.46
CA VAL AE 38 51.99 68.24 57.56
C VAL AE 38 52.46 69.01 56.29
N PRO AE 39 52.24 68.51 55.05
CA PRO AE 39 52.48 69.40 53.90
C PRO AE 39 51.43 70.48 53.77
N LYS AE 40 50.25 70.27 54.34
CA LYS AE 40 49.20 71.27 54.35
C LYS AE 40 48.84 71.73 55.75
N LEU AE 41 48.91 70.84 56.74
CA LEU AE 41 48.68 71.23 58.12
C LEU AE 41 49.85 72.11 58.60
N PRO AE 42 49.57 73.09 59.47
CA PRO AE 42 50.63 74.00 59.92
C PRO AE 42 51.60 73.28 60.85
N CYS AE 43 52.85 73.17 60.41
CA CYS AE 43 53.89 72.58 61.26
C CYS AE 43 54.19 73.49 62.44
N ARG AE 44 54.16 74.80 62.23
CA ARG AE 44 54.44 75.74 63.30
C ARG AE 44 53.46 76.91 63.27
N VAL AE 45 53.38 77.61 64.39
CA VAL AE 45 52.77 78.92 64.43
C VAL AE 45 53.63 79.87 63.60
N ASP AE 46 52.97 80.76 62.85
CA ASP AE 46 53.66 81.70 61.97
C ASP AE 46 54.53 82.66 62.75
N GLY AE 47 55.76 82.83 62.28
CA GLY AE 47 56.72 83.72 62.92
C GLY AE 47 57.16 83.27 64.29
N ALA AE 48 57.34 81.97 64.50
CA ALA AE 48 57.74 81.43 65.79
C ALA AE 48 59.21 81.04 65.74
N CYS AE 49 60.00 81.59 66.66
CA CYS AE 49 61.41 81.21 66.80
C CYS AE 49 61.82 81.49 68.24
N ASP AE 50 61.96 80.42 69.02
CA ASP AE 50 62.30 80.56 70.44
C ASP AE 50 63.70 81.14 70.61
N ALA AE 51 64.60 80.84 69.66
CA ALA AE 51 65.92 81.45 69.68
C ALA AE 51 65.83 82.96 69.53
N THR AE 52 64.94 83.43 68.65
CA THR AE 52 64.68 84.86 68.51
C THR AE 52 64.12 85.43 69.80
N ILE AE 53 63.22 84.69 70.44
CA ILE AE 53 62.60 85.10 71.70
C ILE AE 53 63.66 85.34 72.77
N ILE AE 54 64.54 84.38 72.97
CA ILE AE 54 65.49 84.52 74.07
C ILE AE 54 66.62 85.46 73.72
N LYS AE 55 66.99 85.58 72.44
CA LYS AE 55 68.05 86.52 72.10
C LYS AE 55 67.57 87.96 72.26
N MET AE 56 66.30 88.24 71.91
CA MET AE 56 65.81 89.58 72.15
C MET AE 56 65.47 89.79 73.62
N MET AE 57 65.22 88.72 74.38
CA MET AE 57 65.10 88.85 75.82
C MET AE 57 66.42 89.31 76.44
N THR AE 58 67.52 88.69 76.00
CA THR AE 58 68.84 89.09 76.48
C THR AE 58 69.17 90.51 76.05
N ASP AE 59 68.80 90.87 74.82
CA ASP AE 59 69.06 92.22 74.32
C ASP AE 59 68.25 93.25 75.08
N LEU AE 60 67.00 92.93 75.44
CA LEU AE 60 66.19 93.86 76.21
C LEU AE 60 66.73 94.04 77.62
N ASN AE 61 67.17 92.95 78.25
CA ASN AE 61 67.66 93.08 79.61
C ASN AE 61 69.03 93.75 79.65
N LYS AE 62 69.81 93.65 78.57
CA LYS AE 62 71.02 94.43 78.52
C LYS AE 62 70.77 95.86 78.04
N LYS AE 63 69.60 96.13 77.45
CA LYS AE 63 69.18 97.51 77.25
C LYS AE 63 68.68 98.13 78.54
N GLY AE 64 68.33 97.32 79.53
CA GLY AE 64 67.94 97.83 80.82
C GLY AE 64 66.46 97.88 81.05
N ILE AE 65 65.67 97.38 80.11
CA ILE AE 65 64.24 97.25 80.30
C ILE AE 65 63.97 95.96 81.03
N LYS AE 66 63.24 96.04 82.14
CA LYS AE 66 63.05 94.87 82.97
C LYS AE 66 62.10 93.89 82.29
N VAL AE 67 62.52 92.64 82.19
CA VAL AE 67 61.69 91.56 81.69
C VAL AE 67 61.58 90.52 82.80
N ALA AE 68 60.34 90.16 83.16
CA ALA AE 68 60.07 89.27 84.27
C ALA AE 68 59.23 88.11 83.76
N SER AE 69 59.69 86.89 84.03
CA SER AE 69 59.04 85.67 83.59
C SER AE 69 58.88 84.73 84.77
N VAL AE 70 57.62 84.47 85.14
CA VAL AE 70 57.34 83.54 86.23
C VAL AE 70 55.98 82.89 85.98
N GLY AE 71 55.96 81.56 85.97
CA GLY AE 71 54.72 80.84 85.66
C GLY AE 71 54.33 81.07 84.21
N GLN AE 72 53.05 81.37 84.01
CA GLN AE 72 52.58 81.82 82.71
C GLN AE 72 52.42 83.33 82.64
N ASN AE 73 52.81 84.04 83.68
CA ASN AE 73 52.66 85.48 83.73
C ASN AE 73 53.95 86.17 83.36
N TYR AE 74 53.84 87.27 82.61
CA TYR AE 74 55.01 87.98 82.15
C TYR AE 74 54.81 89.48 82.31
N LEU AE 75 55.89 90.14 82.72
CA LEU AE 75 55.92 91.57 82.99
C LEU AE 75 57.03 92.21 82.19
N ILE AE 76 56.76 93.34 81.57
CA ILE AE 76 57.78 94.19 80.98
C ILE AE 76 57.67 95.56 81.62
N SER AE 77 58.74 95.99 82.29
CA SER AE 77 58.76 97.25 83.01
C SER AE 77 59.77 98.19 82.38
N ILE AE 78 59.36 99.45 82.20
CA ILE AE 78 60.12 100.42 81.42
C ILE AE 78 60.30 101.69 82.25
N PRO AE 79 61.53 102.20 82.35
CA PRO AE 79 61.72 103.53 82.94
C PRO AE 79 61.20 104.62 82.02
N ALA AE 80 60.64 105.66 82.63
CA ALA AE 80 59.98 106.72 81.87
C ALA AE 80 60.96 107.72 81.26
N SER AE 81 62.20 107.74 81.72
CA SER AE 81 63.14 108.75 81.27
C SER AE 81 63.56 108.51 79.82
N ALA AE 82 63.67 107.26 79.42
CA ALA AE 82 63.99 106.93 78.04
C ALA AE 82 62.76 106.92 77.14
N LEU AE 83 61.60 107.27 77.69
CA LEU AE 83 60.36 107.24 76.93
C LEU AE 83 59.75 108.62 76.72
N PHE AE 84 59.49 109.34 77.80
CA PHE AE 84 58.70 110.56 77.74
C PHE AE 84 59.56 111.78 78.00
N ALA AE 85 58.90 112.93 78.08
CA ALA AE 85 59.52 114.14 78.58
C ALA AE 85 59.27 114.25 80.08
N ASP AE 86 59.86 115.28 80.69
CA ASP AE 86 59.82 115.48 82.12
C ASP AE 86 58.42 115.91 82.55
N GLN AE 87 57.70 114.96 83.15
CA GLN AE 87 56.31 115.13 83.61
C GLN AE 87 55.40 115.62 82.49
N SER AE 88 55.59 115.06 81.30
CA SER AE 88 54.87 115.54 80.14
C SER AE 88 54.41 114.35 79.31
N PRO AE 89 53.20 114.38 78.79
CA PRO AE 89 52.66 113.27 77.99
C PRO AE 89 52.98 113.40 76.51
N ARG AE 90 54.26 113.57 76.19
CA ARG AE 90 54.69 113.67 74.80
C ARG AE 90 55.81 112.67 74.57
N LEU AE 91 55.67 111.89 73.50
CA LEU AE 91 56.68 110.90 73.17
C LEU AE 91 57.86 111.58 72.51
N ASN AE 92 59.05 111.22 72.95
CA ASN AE 92 60.26 111.60 72.25
C ASN AE 92 60.39 110.75 71.00
N TRP AE 93 61.08 111.31 69.98
CA TRP AE 93 61.12 110.64 68.69
C TRP AE 93 61.97 109.37 68.75
N ALA AE 94 63.06 109.40 69.52
CA ALA AE 94 63.95 108.25 69.59
C ALA AE 94 63.33 107.06 70.31
N SER AE 95 62.26 107.28 71.06
CA SER AE 95 61.63 106.20 71.79
C SER AE 95 60.87 105.25 70.88
N TYR AE 96 60.56 105.65 69.66
CA TYR AE 96 59.79 104.81 68.77
C TYR AE 96 60.56 103.59 68.30
N SER AE 97 61.89 103.65 68.29
CA SER AE 97 62.68 102.46 67.98
C SER AE 97 62.50 101.40 69.05
N LEU AE 98 62.56 101.81 70.32
CA LEU AE 98 62.32 100.87 71.42
C LEU AE 98 60.88 100.41 71.44
N LEU AE 99 59.96 101.27 71.04
CA LEU AE 99 58.57 100.86 70.94
C LEU AE 99 58.36 99.84 69.84
N ASN AE 100 59.07 99.99 68.72
CA ASN AE 100 59.06 99.00 67.66
C ASN AE 100 59.65 97.68 68.15
N GLU AE 101 60.70 97.76 68.96
CA GLU AE 101 61.30 96.57 69.55
C GLU AE 101 60.31 95.84 70.44
N ILE AE 102 59.58 96.60 71.27
CA ILE AE 102 58.63 95.99 72.19
C ILE AE 102 57.47 95.39 71.41
N ALA AE 103 57.05 96.04 70.33
CA ALA AE 103 56.00 95.48 69.48
C ALA AE 103 56.45 94.21 68.78
N ALA AE 104 57.70 94.19 68.32
CA ALA AE 104 58.24 93.00 67.66
C ALA AE 104 58.34 91.83 68.62
N PHE AE 105 58.69 92.10 69.87
CA PHE AE 105 58.65 91.04 70.87
C PHE AE 105 57.23 90.61 71.19
N LEU AE 106 56.32 91.57 71.30
CA LEU AE 106 54.98 91.27 71.79
C LEU AE 106 54.16 90.55 70.75
N LYS AE 107 54.45 90.74 69.48
CA LYS AE 107 53.72 90.03 68.43
C LYS AE 107 54.07 88.56 68.37
N GLN AE 108 55.10 88.11 69.08
CA GLN AE 108 55.52 86.72 69.01
C GLN AE 108 54.53 85.79 69.69
N PHE AE 109 54.07 86.15 70.88
CA PHE AE 109 53.22 85.21 71.61
C PHE AE 109 51.79 85.27 71.13
N ARG AE 110 50.97 84.38 71.67
CA ARG AE 110 49.53 84.38 71.44
C ARG AE 110 48.84 84.78 72.72
N LYS AE 111 48.34 85.99 72.76
CA LYS AE 111 47.77 86.57 73.97
C LYS AE 111 46.27 86.70 73.83
N ILE AE 112 45.65 87.15 74.90
CA ILE AE 112 44.22 87.39 74.91
C ILE AE 112 43.99 88.82 75.38
N ALA AE 113 44.68 89.22 76.45
CA ALA AE 113 44.53 90.55 77.03
C ALA AE 113 45.87 91.05 77.57
N ILE AE 114 46.13 92.33 77.37
CA ILE AE 114 47.35 92.99 77.83
C ILE AE 114 46.95 94.13 78.75
N THR AE 115 47.63 94.24 79.89
CA THR AE 115 47.35 95.30 80.85
C THR AE 115 48.56 96.21 80.96
N VAL AE 116 48.33 97.51 80.85
CA VAL AE 116 49.40 98.50 80.98
C VAL AE 116 49.01 99.48 82.08
N THR AE 117 49.99 99.85 82.90
CA THR AE 117 49.76 100.75 84.02
C THR AE 117 50.98 101.64 84.24
N SER AE 118 50.74 102.91 84.46
CA SER AE 118 51.77 103.91 84.66
C SER AE 118 51.87 104.35 86.11
N TYR AE 119 53.09 104.70 86.52
CA TYR AE 119 53.38 105.15 87.87
C TYR AE 119 54.40 106.28 87.81
N SER AE 120 54.28 107.24 88.71
CA SER AE 120 55.09 108.44 88.67
C SER AE 120 55.46 108.84 90.09
N SER AE 121 55.92 110.08 90.24
CA SER AE 121 56.20 110.68 91.53
C SER AE 121 55.30 111.88 91.73
N LYS AE 122 54.99 112.16 93.00
CA LYS AE 122 54.13 113.29 93.33
C LYS AE 122 54.86 114.60 93.09
N TYR AE 123 54.21 115.50 92.38
CA TYR AE 123 54.83 116.77 92.00
C TYR AE 123 53.97 117.97 92.34
N VAL AE 124 52.65 117.87 92.16
CA VAL AE 124 51.76 118.99 92.46
C VAL AE 124 50.67 118.55 93.43
N SER AE 125 49.89 117.54 93.05
CA SER AE 125 48.66 117.21 93.73
C SER AE 125 48.46 115.70 93.63
N VAL AE 126 47.23 115.26 93.79
CA VAL AE 126 46.87 113.92 93.37
C VAL AE 126 46.50 113.89 91.89
N LYS AE 127 45.73 114.90 91.47
CA LYS AE 127 44.96 114.78 90.23
C LYS AE 127 45.84 114.90 89.01
N ARG AE 128 46.82 115.81 89.04
CA ARG AE 128 47.71 116.00 87.90
C ARG AE 128 48.56 114.76 87.66
N GLU AE 129 49.05 114.14 88.72
CA GLU AE 129 49.86 112.93 88.60
C GLU AE 129 49.03 111.76 88.10
N ARG AE 130 47.80 111.64 88.61
CA ARG AE 130 46.91 110.57 88.14
C ARG AE 130 46.58 110.72 86.67
N ALA AE 131 46.23 111.94 86.24
CA ALA AE 131 45.87 112.17 84.85
C ALA AE 131 47.08 112.02 83.93
N LEU AE 132 48.27 112.40 84.39
CA LEU AE 132 49.47 112.22 83.60
C LEU AE 132 49.77 110.74 83.38
N THR AE 133 49.62 109.93 84.44
CA THR AE 133 49.80 108.49 84.29
C THR AE 133 48.78 107.89 83.33
N LEU AE 134 47.53 108.35 83.43
CA LEU AE 134 46.47 107.89 82.53
C LEU AE 134 46.78 108.24 81.08
N ALA AE 135 47.24 109.46 80.83
CA ALA AE 135 47.54 109.88 79.47
C ALA AE 135 48.72 109.13 78.88
N ARG AE 136 49.77 108.91 79.70
CA ARG AE 136 50.94 108.19 79.22
C ARG AE 136 50.60 106.75 78.86
N SER AE 137 49.84 106.08 79.73
CA SER AE 137 49.40 104.73 79.45
C SER AE 137 48.49 104.68 78.24
N ARG AE 138 47.66 105.71 78.06
CA ARG AE 138 46.74 105.74 76.93
C ARG AE 138 47.48 105.87 75.60
N VAL AE 139 48.50 106.74 75.53
CA VAL AE 139 49.17 106.88 74.24
C VAL AE 139 50.04 105.66 73.94
N VAL AE 140 50.60 105.02 74.98
CA VAL AE 140 51.36 103.79 74.77
C VAL AE 140 50.44 102.69 74.24
N SER AE 141 49.25 102.55 74.85
CA SER AE 141 48.27 101.59 74.39
C SER AE 141 47.78 101.89 72.99
N GLU AE 142 47.66 103.18 72.66
CA GLU AE 142 47.21 103.57 71.33
C GLU AE 142 48.20 103.13 70.27
N TYR AE 143 49.48 103.42 70.48
CA TYR AE 143 50.45 103.00 69.47
C TYR AE 143 50.61 101.50 69.42
N LEU AE 144 50.40 100.83 70.55
CA LEU AE 144 50.49 99.38 70.56
C LEU AE 144 49.33 98.74 69.82
N TRP AE 145 48.13 99.30 69.94
CA TRP AE 145 47.03 98.80 69.12
C TRP AE 145 47.23 99.17 67.66
N SER AE 146 47.85 100.32 67.40
CA SER AE 146 48.14 100.72 66.02
C SER AE 146 49.06 99.72 65.35
N GLN AE 147 50.04 99.23 66.09
CA GLN AE 147 50.81 98.13 65.57
C GLN AE 147 50.01 96.84 65.70
N GLY AE 148 50.37 95.86 64.88
CA GLY AE 148 49.57 94.65 64.77
C GLY AE 148 49.78 93.66 65.89
N VAL AE 149 49.41 94.03 67.10
CA VAL AE 149 49.52 93.10 68.22
C VAL AE 149 48.36 92.12 68.17
N ASP AE 150 48.64 90.89 68.59
CA ASP AE 150 47.66 89.80 68.46
C ASP AE 150 46.83 89.65 69.73
N SER AE 151 46.28 90.75 70.22
CA SER AE 151 45.46 90.72 71.42
C SER AE 151 44.02 91.04 71.08
N ARG AE 152 43.12 90.59 71.94
CA ARG AE 152 41.72 90.94 71.84
C ARG AE 152 41.33 92.05 72.77
N ILE AE 153 41.89 92.05 73.99
CA ILE AE 153 41.54 93.00 75.02
C ILE AE 153 42.84 93.66 75.49
N ILE AE 154 42.82 94.98 75.63
CA ILE AE 154 43.86 95.70 76.33
C ILE AE 154 43.21 96.62 77.35
N PHE AE 155 43.79 96.68 78.53
CA PHE AE 155 43.37 97.58 79.59
C PHE AE 155 44.48 98.57 79.87
N THR AE 156 44.13 99.86 80.00
CA THR AE 156 45.13 100.85 80.36
C THR AE 156 44.75 101.53 81.66
N GLN AE 157 45.76 101.79 82.48
CA GLN AE 157 45.53 102.30 83.82
C GLN AE 157 46.76 103.06 84.29
N GLY AE 158 46.54 104.02 85.17
CA GLY AE 158 47.62 104.78 85.77
C GLY AE 158 47.30 105.18 87.19
N LEU AE 159 48.28 105.08 88.08
CA LEU AE 159 47.99 105.21 89.51
C LEU AE 159 48.76 106.34 90.19
N GLY AE 160 49.36 107.25 89.43
CA GLY AE 160 50.06 108.37 90.03
C GLY AE 160 51.34 107.96 90.72
N SER AE 161 51.37 108.12 92.04
CA SER AE 161 52.52 107.73 92.85
C SER AE 161 52.10 106.86 94.02
N ASP AE 162 50.96 106.19 93.89
CA ASP AE 162 50.35 105.50 95.03
C ASP AE 162 50.88 104.10 95.25
N LYS AE 163 51.80 103.63 94.43
CA LYS AE 163 52.48 102.35 94.66
C LYS AE 163 53.98 102.56 94.55
N PRO AE 164 54.62 103.07 95.59
CA PRO AE 164 56.07 103.22 95.55
C PRO AE 164 56.74 101.86 95.68
N ILE AE 165 57.77 101.67 94.86
CA ILE AE 165 58.55 100.44 94.88
C ILE AE 165 59.98 100.68 95.35
N THR AE 166 60.34 101.92 95.62
CA THR AE 166 61.62 102.25 96.23
C THR AE 166 61.41 103.43 97.16
N SER AE 167 61.64 103.22 98.45
CA SER AE 167 61.50 104.30 99.43
C SER AE 167 62.55 105.38 99.24
N TYR AE 168 63.69 105.04 98.65
CA TYR AE 168 64.68 106.03 98.25
C TYR AE 168 64.12 106.88 97.11
N THR AE 169 63.76 108.12 97.41
CA THR AE 169 63.03 108.99 96.50
C THR AE 169 63.76 110.31 96.31
N LEU AE 170 65.06 110.22 95.98
CA LEU AE 170 65.86 111.42 95.77
C LEU AE 170 65.40 112.20 94.55
N GLY AE 171 65.24 111.52 93.41
CA GLY AE 171 64.85 112.18 92.18
C GLY AE 171 63.34 112.24 92.02
N GLY AE 172 62.94 112.83 90.89
CA GLY AE 172 61.54 112.88 90.53
C GLY AE 172 61.24 111.93 89.38
N ASP AE 173 61.16 112.47 88.17
CA ASP AE 173 61.01 111.61 87.00
C ASP AE 173 62.26 110.78 86.75
N ARG AE 174 63.42 111.29 87.14
CA ARG AE 174 64.65 110.54 86.97
C ARG AE 174 64.77 109.39 87.95
N SER AE 175 64.03 109.43 89.05
CA SER AE 175 64.05 108.33 90.00
C SER AE 175 63.42 107.09 89.39
N PRO AE 176 63.97 105.90 89.65
CA PRO AE 176 63.51 104.70 88.94
C PRO AE 176 62.15 104.18 89.39
N ASN AE 177 61.54 104.77 90.42
CA ASN AE 177 60.19 104.36 90.77
C ASN AE 177 59.15 104.84 89.77
N ALA AE 178 59.45 105.89 89.03
CA ALA AE 178 58.58 106.27 87.92
C ALA AE 178 58.76 105.27 86.79
N ARG AE 179 57.64 104.70 86.32
CA ARG AE 179 57.73 103.50 85.53
C ARG AE 179 56.46 103.29 84.74
N VAL AE 180 56.53 102.37 83.77
CA VAL AE 180 55.36 101.86 83.08
C VAL AE 180 55.49 100.35 82.97
N GLU AE 181 54.41 99.64 83.28
CA GLU AE 181 54.40 98.19 83.28
C GLU AE 181 53.38 97.66 82.30
N ILE AE 182 53.79 96.69 81.49
CA ILE AE 182 52.88 95.89 80.70
C ILE AE 182 52.92 94.48 81.27
N THR AE 183 51.79 93.79 81.18
CA THR AE 183 51.62 92.52 81.86
C THR AE 183 50.63 91.66 81.08
N PHE AE 184 50.88 90.37 81.07
CA PHE AE 184 49.93 89.44 80.46
C PHE AE 184 50.15 88.05 81.02
N ARG AE 185 49.26 87.14 80.61
CA ARG AE 185 49.34 85.73 80.93
C ARG AE 185 49.26 84.93 79.64
N ARG AE 186 50.29 84.14 79.36
CA ARG AE 186 50.39 83.37 78.14
C ARG AE 186 49.70 82.02 78.33
N ALA AE 187 48.75 81.70 77.44
CA ALA AE 187 47.93 80.52 77.60
C ALA AE 187 48.02 79.63 76.37
N VAL AE 188 48.13 78.32 76.61
CA VAL AE 188 48.00 77.26 75.61
C VAL AE 188 48.97 77.39 74.43
N CYS BE 42 70.66 120.99 64.60
CA CYS BE 42 70.32 120.24 63.41
C CYS BE 42 68.84 120.42 63.04
N PHE BE 43 68.03 119.43 63.38
CA PHE BE 43 66.60 119.47 63.06
C PHE BE 43 65.87 118.55 64.01
N HIS BE 44 64.56 118.75 64.10
CA HIS BE 44 63.70 117.86 64.87
C HIS BE 44 62.52 117.43 64.00
N PRO BE 45 62.29 116.13 63.85
CA PRO BE 45 61.12 115.63 63.10
C PRO BE 45 59.79 116.07 63.69
N PRO BE 46 59.66 116.28 65.04
CA PRO BE 46 58.39 116.96 65.39
C PRO BE 46 58.41 118.46 65.11
N TYR BE 47 58.30 118.80 63.83
CA TYR BE 47 58.05 120.16 63.31
C TYR BE 47 59.10 121.17 63.75
N ASN BE 48 60.31 120.66 64.02
CA ASN BE 48 61.43 121.42 64.60
C ASN BE 48 61.04 122.13 65.89
N ASN BE 49 60.13 121.49 66.65
CA ASN BE 49 59.61 121.98 67.93
C ASN BE 49 59.02 123.38 67.82
N PHE BE 50 58.34 123.64 66.69
CA PHE BE 50 57.72 124.92 66.36
C PHE BE 50 58.72 126.07 66.41
N GLN BE 51 59.89 125.85 65.82
CA GLN BE 51 60.91 126.87 65.72
C GLN BE 51 61.25 127.10 64.26
N PRO BE 52 61.60 128.34 63.89
CA PRO BE 52 62.16 128.58 62.56
C PRO BE 52 63.51 127.89 62.42
N ASP BE 53 63.76 127.35 61.23
CA ASP BE 53 64.89 126.47 61.00
C ASP BE 53 66.05 127.20 60.36
N ARG BE 54 67.22 126.55 60.40
CA ARG BE 54 68.43 127.02 59.73
C ARG BE 54 68.93 125.89 58.84
N ARG BE 55 68.77 126.05 57.53
CA ARG BE 55 69.06 124.99 56.58
C ARG BE 55 70.31 125.23 55.75
N ALA BE 56 70.61 126.50 55.43
CA ALA BE 56 71.74 126.81 54.56
C ALA BE 56 73.08 126.67 55.26
N VAL BE 57 73.09 126.69 56.60
CA VAL BE 57 74.33 126.64 57.34
C VAL BE 57 75.01 125.28 57.21
N LYS BE 58 74.22 124.20 57.22
CA LYS BE 58 74.75 122.86 57.00
C LYS BE 58 75.31 122.72 55.59
N ARG BE 59 74.62 123.32 54.61
CA ARG BE 59 75.07 123.25 53.22
C ARG BE 59 76.37 124.03 53.02
N VAL BE 60 76.50 125.20 53.64
CA VAL BE 60 77.76 125.94 53.45
C VAL BE 60 78.88 125.30 54.27
N GLY BE 61 78.56 124.62 55.37
CA GLY BE 61 79.57 123.88 56.09
C GLY BE 61 80.10 122.69 55.32
N VAL BE 62 79.22 121.93 54.68
CA VAL BE 62 79.69 120.81 53.88
C VAL BE 62 80.26 121.27 52.54
N ASP BE 63 79.96 122.51 52.11
CA ASP BE 63 80.64 123.04 50.94
C ASP BE 63 82.07 123.44 51.27
N THR BE 64 82.28 124.04 52.44
CA THR BE 64 83.64 124.33 52.89
C THR BE 64 84.42 123.05 53.16
N GLY BE 65 83.76 122.05 53.74
CA GLY BE 65 84.39 120.77 54.01
C GLY BE 65 83.45 119.77 54.65
N GLY BE 88 82.97 125.90 49.39
CA GLY BE 88 82.94 127.30 49.05
C GLY BE 88 81.66 128.00 49.49
N GLY BE 89 81.84 129.18 50.09
CA GLY BE 89 80.71 129.93 50.60
C GLY BE 89 79.79 130.42 49.49
N THR BE 90 80.36 130.83 48.36
CA THR BE 90 79.56 131.36 47.26
C THR BE 90 78.73 130.27 46.59
N VAL BE 91 79.35 129.10 46.33
CA VAL BE 91 78.62 128.00 45.70
C VAL BE 91 77.58 127.43 46.65
N GLY BE 92 77.91 127.38 47.94
CA GLY BE 92 76.92 127.00 48.94
C GLY BE 92 75.75 127.97 49.02
N LEU BE 93 76.03 129.27 48.89
CA LEU BE 93 74.97 130.27 48.95
C LEU BE 93 74.09 130.24 47.72
N VAL BE 94 74.67 130.04 46.53
CA VAL BE 94 73.84 130.01 45.34
C VAL BE 94 73.03 128.72 45.29
N ALA BE 95 73.58 127.62 45.80
CA ALA BE 95 72.78 126.40 45.93
C ALA BE 95 71.66 126.57 46.93
N SER BE 96 71.93 127.29 48.02
CA SER BE 96 70.90 127.56 49.03
C SER BE 96 69.77 128.42 48.46
N ILE BE 97 70.11 129.48 47.73
CA ILE BE 97 69.07 130.35 47.21
C ILE BE 97 68.35 129.70 46.05
N TYR BE 98 69.00 128.77 45.34
CA TYR BE 98 68.29 127.93 44.39
C TYR BE 98 67.29 127.02 45.10
N ARG BE 99 67.67 126.49 46.27
CA ARG BE 99 66.76 125.61 47.00
C ARG BE 99 65.59 126.38 47.59
N ASP BE 100 65.82 127.60 48.07
CA ASP BE 100 64.73 128.39 48.62
C ASP BE 100 64.02 129.23 47.57
N SER BE 101 64.43 129.13 46.31
CA SER BE 101 63.69 129.77 45.23
C SER BE 101 62.29 129.17 45.12
N LYS BE 102 61.31 130.05 44.83
CA LYS BE 102 59.90 129.68 44.86
C LYS BE 102 59.56 128.61 43.83
N ARG BE 103 60.25 128.63 42.68
CA ARG BE 103 60.03 127.62 41.65
C ARG BE 103 60.40 126.23 42.16
N LYS BE 104 61.50 126.11 42.89
CA LYS BE 104 61.87 124.81 43.45
C LYS BE 104 60.97 124.42 44.60
N ILE BE 105 60.42 125.41 45.31
CA ILE BE 105 59.43 125.13 46.35
C ILE BE 105 58.20 124.49 45.74
N ILE BE 106 57.70 125.08 44.66
CA ILE BE 106 56.53 124.54 43.98
C ILE BE 106 56.85 123.20 43.33
N ARG BE 107 58.08 123.02 42.84
CA ARG BE 107 58.49 121.73 42.28
C ARG BE 107 58.49 120.63 43.34
N ASP BE 108 58.99 120.93 44.53
CA ASP BE 108 58.94 119.92 45.60
C ASP BE 108 57.52 119.72 46.10
N LEU BE 109 56.69 120.77 46.07
CA LEU BE 109 55.29 120.62 46.42
C LEU BE 109 54.55 119.75 45.42
N GLN BE 110 54.98 119.79 44.17
CA GLN BE 110 54.45 118.91 43.13
C GLN BE 110 55.00 117.50 43.26
N LYS BE 111 56.23 117.38 43.76
CA LYS BE 111 56.78 116.07 44.11
C LYS BE 111 55.95 115.43 45.21
N GLN BE 112 55.59 116.21 46.21
CA GLN BE 112 54.57 115.78 47.16
C GLN BE 112 53.20 115.81 46.49
N ASP BE 113 52.23 115.17 47.12
CA ASP BE 113 50.88 115.13 46.54
C ASP BE 113 50.05 116.26 47.14
N ILE BE 114 50.38 117.48 46.75
CA ILE BE 114 49.69 118.68 47.19
C ILE BE 114 49.49 119.58 45.98
N GLN BE 115 48.24 120.00 45.74
CA GLN BE 115 47.90 120.70 44.50
C GLN BE 115 47.91 122.20 44.72
N TYR BE 116 48.73 122.92 43.96
CA TYR BE 116 48.85 124.36 44.07
C TYR BE 116 48.39 125.01 42.78
N VAL BE 117 47.41 125.91 42.88
CA VAL BE 117 46.86 126.58 41.72
C VAL BE 117 46.87 128.08 41.98
N GLU BE 118 47.54 128.83 41.11
CA GLU BE 118 47.53 130.29 41.15
C GLU BE 118 46.87 130.80 39.88
N TYR BE 119 45.86 131.62 40.04
CA TYR BE 119 45.03 132.08 38.92
C TYR BE 119 44.71 133.55 39.16
N GLY BE 120 45.50 134.43 38.57
CA GLY BE 120 45.31 135.85 38.77
C GLY BE 120 46.05 136.36 39.99
N ASP BE 121 45.34 136.49 41.10
CA ASP BE 121 45.93 136.97 42.34
C ASP BE 121 45.61 136.02 43.48
N THR BE 122 44.46 135.36 43.37
CA THR BE 122 44.06 134.39 44.37
C THR BE 122 44.93 133.14 44.26
N ARG BE 123 45.38 132.62 45.39
CA ARG BE 123 46.20 131.42 45.42
C ARG BE 123 45.50 130.34 46.24
N THR BE 124 45.50 129.12 45.69
CA THR BE 124 44.72 128.02 46.24
C THR BE 124 45.57 126.77 46.38
N LEU BE 125 45.31 126.03 47.44
CA LEU BE 125 46.01 124.80 47.79
C LEU BE 125 44.98 123.71 48.08
N ILE BE 126 45.28 122.50 47.62
CA ILE BE 126 44.38 121.36 47.76
C ILE BE 126 45.14 120.23 48.43
N ILE BE 127 44.60 119.73 49.53
CA ILE BE 127 45.23 118.73 50.38
C ILE BE 127 44.39 117.46 50.36
N PRO BE 128 44.96 116.32 49.98
CA PRO BE 128 44.26 115.04 50.17
C PRO BE 128 44.23 114.65 51.63
N THR BE 129 43.03 114.63 52.19
CA THR BE 129 42.84 114.31 53.60
C THR BE 129 43.22 112.87 53.91
N ASP BE 130 43.00 111.96 52.96
CA ASP BE 130 43.38 110.57 53.18
C ASP BE 130 44.89 110.41 53.21
N LYS BE 131 45.61 111.21 52.43
CA LYS BE 131 47.06 111.13 52.47
C LYS BE 131 47.64 111.81 53.70
N TYR BE 132 47.01 112.88 54.18
CA TYR BE 132 47.55 113.64 55.29
C TYR BE 132 46.65 113.59 56.51
N PHE BE 133 46.02 112.43 56.75
CA PHE BE 133 45.17 112.30 57.91
C PHE BE 133 45.10 110.84 58.34
N MET BE 134 44.92 110.64 59.64
CA MET BE 134 44.46 109.34 60.12
C MET BE 134 43.03 109.13 59.66
N PHE BE 135 42.69 107.87 59.40
CA PHE BE 135 41.39 107.55 58.80
C PHE BE 135 40.26 107.81 59.78
N SER BE 136 39.24 108.51 59.30
CA SER BE 136 37.97 108.74 60.00
C SER BE 136 38.17 109.43 61.34
N SER BE 137 39.15 110.33 61.41
CA SER BE 137 39.55 110.91 62.67
C SER BE 137 40.34 112.17 62.37
N PRO BE 138 40.27 113.18 63.22
CA PRO BE 138 41.03 114.41 62.96
C PRO BE 138 42.47 114.35 63.44
N ARG BE 139 42.99 113.16 63.69
CA ARG BE 139 44.40 113.02 64.03
C ARG BE 139 45.24 113.25 62.79
N LEU BE 140 46.07 114.29 62.83
CA LEU BE 140 46.98 114.56 61.73
C LEU BE 140 48.05 113.47 61.66
N ASN BE 141 48.34 113.03 60.44
CA ASN BE 141 49.37 112.02 60.25
C ASN BE 141 50.75 112.62 60.48
N GLU BE 142 51.59 111.92 61.24
CA GLU BE 142 52.92 112.43 61.52
C GLU BE 142 53.96 111.94 60.52
N ILE BE 143 53.59 111.03 59.62
CA ILE BE 143 54.57 110.53 58.65
C ILE BE 143 54.92 111.60 57.62
N CYS BE 144 53.92 112.33 57.15
CA CYS BE 144 54.10 113.23 56.01
C CYS BE 144 54.34 114.67 56.44
N TYR BE 145 55.12 114.83 57.51
CA TYR BE 145 55.51 116.16 57.99
C TYR BE 145 56.26 117.09 57.01
N PRO BE 146 57.22 116.66 56.15
CA PRO BE 146 58.01 117.68 55.45
C PRO BE 146 57.23 118.45 54.40
N GLY BE 147 56.18 117.85 53.85
CA GLY BE 147 55.27 118.60 53.00
C GLY BE 147 54.57 119.71 53.78
N LEU BE 148 54.18 119.43 55.02
CA LEU BE 148 53.55 120.44 55.85
C LEU BE 148 54.53 121.56 56.19
N ASN BE 149 55.78 121.20 56.44
CA ASN BE 149 56.82 122.20 56.68
C ASN BE 149 57.03 123.08 55.46
N ASN BE 150 57.02 122.48 54.27
CA ASN BE 150 57.12 123.25 53.05
C ASN BE 150 55.89 124.12 52.83
N VAL BE 151 54.73 123.67 53.29
CA VAL BE 151 53.51 124.48 53.22
C VAL BE 151 53.66 125.74 54.07
N ILE BE 152 54.21 125.57 55.28
CA ILE BE 152 54.43 126.73 56.14
C ILE BE 152 55.49 127.64 55.54
N ARG BE 153 56.52 127.06 54.91
CA ARG BE 153 57.55 127.86 54.25
C ARG BE 153 56.96 128.65 53.09
N LEU BE 154 56.03 128.06 52.35
CA LEU BE 154 55.34 128.77 51.28
C LEU BE 154 54.47 129.87 51.84
N LEU BE 155 53.81 129.60 52.96
CA LEU BE 155 52.96 130.61 53.58
C LEU BE 155 53.75 131.77 54.16
N ASN BE 156 55.04 131.57 54.42
CA ASN BE 156 55.89 132.67 54.85
C ASN BE 156 56.10 133.73 53.77
N PHE BE 157 55.79 133.44 52.51
CA PHE BE 157 55.96 134.42 51.45
C PHE BE 157 54.92 135.54 51.48
N TYR BE 158 53.73 135.27 52.00
CA TYR BE 158 52.63 136.25 51.98
C TYR BE 158 52.11 136.49 53.38
N PRO BE 159 52.75 137.37 54.14
CA PRO BE 159 52.31 137.59 55.52
C PRO BE 159 51.22 138.65 55.70
N GLN BE 160 50.51 139.02 54.65
CA GLN BE 160 49.52 140.08 54.79
C GLN BE 160 48.09 139.65 54.49
N SER BE 161 47.89 138.64 53.65
CA SER BE 161 46.56 138.31 53.17
C SER BE 161 45.74 137.58 54.22
N THR BE 162 44.42 137.76 54.14
CA THR BE 162 43.50 136.94 54.91
C THR BE 162 43.40 135.55 54.30
N ILE BE 163 43.12 134.57 55.14
CA ILE BE 163 43.15 133.16 54.75
C ILE BE 163 41.77 132.56 54.92
N TYR BE 164 41.36 131.74 53.96
CA TYR BE 164 40.19 130.89 54.09
C TYR BE 164 40.59 129.44 53.95
N VAL BE 165 40.03 128.59 54.78
CA VAL BE 165 40.25 127.16 54.72
C VAL BE 165 38.92 126.44 54.83
N ALA BE 166 38.72 125.44 53.98
CA ALA BE 166 37.47 124.70 53.94
C ALA BE 166 37.77 123.22 53.83
N GLY BE 167 36.83 122.42 54.32
CA GLY BE 167 36.95 120.98 54.32
C GLY BE 167 35.87 120.34 53.47
N PHE BE 168 36.22 119.23 52.82
CA PHE BE 168 35.28 118.52 51.98
C PHE BE 168 35.46 117.02 52.14
N THR BE 169 34.34 116.31 52.06
CA THR BE 169 34.33 114.87 52.25
C THR BE 169 33.68 114.16 51.06
N ASP BE 170 33.46 112.87 51.22
CA ASP BE 170 32.72 112.08 50.23
C ASP BE 170 31.22 112.15 50.55
N ASN BE 171 30.42 111.29 49.93
CA ASN BE 171 28.99 111.46 49.92
C ASN BE 171 28.23 110.52 50.85
N VAL BE 172 28.91 109.63 51.55
CA VAL BE 172 28.25 108.49 52.18
C VAL BE 172 28.35 108.60 53.69
N GLY BE 173 27.19 108.51 54.36
CA GLY BE 173 27.03 108.61 55.79
C GLY BE 173 25.89 109.54 56.14
N SER BE 174 25.75 109.84 57.43
CA SER BE 174 24.76 110.81 57.87
C SER BE 174 25.24 112.23 57.58
N ARG BE 175 24.26 113.11 57.33
CA ARG BE 175 24.56 114.48 56.94
C ARG BE 175 25.25 115.25 58.06
N SER BE 176 24.72 115.15 59.28
CA SER BE 176 25.33 115.80 60.43
C SER BE 176 26.69 115.20 60.73
N HIS BE 177 26.85 113.90 60.49
CA HIS BE 177 28.13 113.23 60.69
C HIS BE 177 29.19 113.77 59.75
N LYS BE 178 28.84 113.93 58.47
CA LYS BE 178 29.77 114.52 57.50
C LYS BE 178 30.11 115.95 57.85
N ARG BE 179 29.10 116.72 58.28
CA ARG BE 179 29.32 118.11 58.64
C ARG BE 179 30.25 118.25 59.83
N LYS BE 180 30.05 117.42 60.86
CA LYS BE 180 30.90 117.50 62.04
C LYS BE 180 32.30 117.00 61.77
N LEU BE 181 32.44 115.99 60.90
CA LEU BE 181 33.77 115.54 60.49
C LEU BE 181 34.52 116.65 59.76
N SER BE 182 33.83 117.35 58.87
CA SER BE 182 34.44 118.46 58.16
C SER BE 182 34.84 119.59 59.11
N GLN BE 183 34.00 119.84 60.13
CA GLN BE 183 34.30 120.82 61.15
C GLN BE 183 35.59 120.46 61.90
N ALA BE 184 35.74 119.19 62.26
CA ALA BE 184 36.92 118.74 62.99
C ALA BE 184 38.18 118.89 62.15
N GLN BE 185 38.10 118.49 60.88
CA GLN BE 185 39.27 118.57 60.01
C GLN BE 185 39.70 120.02 59.79
N ALA BE 186 38.72 120.90 59.57
CA ALA BE 186 39.02 122.32 59.39
C ALA BE 186 39.61 122.93 60.65
N GLU BE 187 39.10 122.54 61.82
CA GLU BE 187 39.61 123.06 63.07
C GLU BE 187 41.05 122.64 63.31
N THR BE 188 41.37 121.38 63.00
CA THR BE 188 42.74 120.89 63.17
C THR BE 188 43.71 121.61 62.24
N MET BE 189 43.31 121.82 60.98
CA MET BE 189 44.21 122.50 60.05
C MET BE 189 44.42 123.96 60.43
N MET BE 190 43.35 124.65 60.83
CA MET BE 190 43.51 126.06 61.17
C MET BE 190 44.28 126.24 62.47
N THR BE 191 44.15 125.32 63.42
CA THR BE 191 44.97 125.49 64.62
C THR BE 191 46.42 125.09 64.36
N PHE BE 192 46.66 124.23 63.37
CA PHE BE 192 48.05 123.98 62.99
C PHE BE 192 48.65 125.22 62.34
N LEU BE 193 47.84 125.97 61.60
CA LEU BE 193 48.33 127.24 61.07
C LEU BE 193 48.54 128.25 62.19
N TRP BE 194 47.67 128.22 63.20
CA TRP BE 194 47.81 129.10 64.35
C TRP BE 194 49.04 128.78 65.18
N ALA BE 195 49.51 127.53 65.11
CA ALA BE 195 50.71 127.15 65.84
C ALA BE 195 51.94 127.91 65.35
N ASN BE 196 51.97 128.29 64.08
CA ASN BE 196 53.12 129.00 63.55
C ASN BE 196 53.06 130.49 63.77
N GLY BE 197 51.99 130.99 64.39
CA GLY BE 197 51.95 132.36 64.84
C GLY BE 197 51.24 133.34 63.95
N ILE BE 198 50.08 133.00 63.45
CA ILE BE 198 49.31 133.92 62.63
C ILE BE 198 48.14 134.43 63.44
N ALA BE 199 47.67 135.63 63.10
CA ALA BE 199 46.70 136.35 63.91
C ALA BE 199 45.30 135.75 63.79
N ALA BE 200 44.47 136.07 64.77
CA ALA BE 200 43.12 135.50 64.84
C ALA BE 200 42.20 136.10 63.79
N LYS BE 201 42.48 137.30 63.31
CA LYS BE 201 41.63 137.92 62.30
C LYS BE 201 41.88 137.38 60.91
N ARG BE 202 42.89 136.53 60.73
CA ARG BE 202 43.27 136.09 59.40
C ARG BE 202 42.75 134.70 59.04
N LEU BE 203 42.22 133.95 60.01
CA LEU BE 203 41.91 132.55 59.79
C LEU BE 203 40.43 132.31 60.05
N LYS BE 204 39.68 132.03 58.99
CA LYS BE 204 38.28 131.65 59.09
C LYS BE 204 38.13 130.26 58.50
N ALA BE 205 37.62 129.33 59.28
CA ALA BE 205 37.55 127.93 58.91
C ALA BE 205 36.11 127.53 58.62
N GLU BE 206 35.92 126.70 57.60
CA GLU BE 206 34.59 126.22 57.29
C GLU BE 206 34.68 124.81 56.72
N GLY BE 207 33.80 123.94 57.19
CA GLY BE 207 33.78 122.59 56.68
C GLY BE 207 32.46 122.22 56.05
N TYR BE 208 32.46 121.98 54.75
CA TYR BE 208 31.26 121.55 54.05
C TYR BE 208 31.26 120.04 53.92
N GLY BE 209 30.12 119.51 53.51
CA GLY BE 209 30.00 118.09 53.33
C GLY BE 209 30.36 117.76 51.90
N ASP BE 210 29.37 117.45 51.08
CA ASP BE 210 29.55 117.29 49.65
C ASP BE 210 28.61 118.20 48.88
N LYS BE 211 28.35 119.38 49.42
CA LYS BE 211 27.38 120.29 48.81
C LYS BE 211 27.89 120.95 47.55
N ASN BE 212 29.20 120.88 47.29
CA ASN BE 212 29.76 121.27 45.99
C ASN BE 212 31.00 120.42 45.80
N ALA BE 213 30.86 119.32 45.08
CA ALA BE 213 31.93 118.37 44.92
C ALA BE 213 32.72 118.68 43.65
N ILE BE 214 33.59 117.75 43.26
CA ILE BE 214 34.44 117.90 42.09
C ILE BE 214 34.10 116.86 41.02
N SER BE 215 34.09 115.59 41.40
CA SER BE 215 33.72 114.52 40.50
C SER BE 215 32.59 113.70 41.14
N ASP BE 216 32.11 112.72 40.39
CA ASP BE 216 31.05 111.86 40.88
C ASP BE 216 31.58 110.90 41.94
N ASN BE 217 30.72 110.53 42.87
CA ASN BE 217 31.04 109.54 43.87
C ASN BE 217 30.75 108.11 43.42
N ALA BE 218 30.03 107.94 42.32
CA ALA BE 218 29.72 106.61 41.83
C ALA BE 218 30.91 105.95 41.14
N ILE BE 219 31.97 106.70 40.88
CA ILE BE 219 33.22 106.14 40.39
C ILE BE 219 34.23 106.23 41.52
N ILE BE 220 35.06 105.20 41.64
CA ILE BE 220 35.89 105.02 42.83
C ILE BE 220 36.95 106.10 42.94
N HIS BE 221 37.65 106.38 41.83
CA HIS BE 221 38.75 107.33 41.86
C HIS BE 221 38.26 108.76 42.07
N GLY BE 222 37.16 109.13 41.42
CA GLY BE 222 36.58 110.44 41.66
C GLY BE 222 36.00 110.58 43.06
N SER BE 223 35.46 109.48 43.59
CA SER BE 223 34.95 109.48 44.95
C SER BE 223 36.08 109.65 45.96
N ALA BE 224 37.24 109.07 45.67
CA ALA BE 224 38.41 109.34 46.49
C ALA BE 224 38.90 110.77 46.32
N GLN BE 225 38.73 111.33 45.12
CA GLN BE 225 39.19 112.68 44.86
C GLN BE 225 38.36 113.72 45.60
N ASN BE 226 37.07 113.49 45.75
CA ASN BE 226 36.15 114.53 46.22
C ASN BE 226 36.34 114.93 47.68
N ARG BE 227 37.07 114.15 48.47
CA ARG BE 227 37.36 114.54 49.84
C ARG BE 227 38.73 115.21 49.88
N ARG BE 228 38.76 116.45 50.36
CA ARG BE 228 39.99 117.24 50.28
C ARG BE 228 39.89 118.42 51.22
N ILE BE 229 40.95 119.23 51.22
CA ILE BE 229 41.03 120.47 51.97
C ILE BE 229 41.37 121.60 51.00
N GLU BE 230 40.55 122.64 51.01
CA GLU BE 230 40.70 123.80 50.14
C GLU BE 230 41.29 124.96 50.93
N ILE BE 231 42.29 125.61 50.35
CA ILE BE 231 42.97 126.74 50.98
C ILE BE 231 42.98 127.89 49.98
N GLN BE 232 42.41 129.02 50.36
CA GLN BE 232 42.37 130.19 49.50
C GLN BE 232 42.98 131.38 50.22
N TRP BE 233 43.74 132.19 49.50
CA TRP BE 233 44.05 133.51 50.03
C TRP BE 233 44.25 134.52 48.92
N PHE BE 234 44.04 135.78 49.27
CA PHE BE 234 44.05 136.93 48.38
C PHE BE 234 45.45 137.53 48.34
N THR BE 235 45.56 138.76 47.82
CA THR BE 235 46.78 139.53 47.88
C THR BE 235 46.61 140.82 48.68
N SER BE 236 45.60 141.63 48.34
CA SER BE 236 45.34 142.88 49.06
C SER BE 236 44.23 142.71 50.09
N LEU CE 113 32.35 165.65 89.71
CA LEU CE 113 31.53 164.46 89.90
C LEU CE 113 31.87 163.40 88.86
N ASN CE 114 32.90 163.67 88.05
CA ASN CE 114 33.21 162.83 86.90
C ASN CE 114 34.66 162.39 86.79
N ARG CE 115 35.58 163.02 87.51
CA ARG CE 115 36.99 162.63 87.42
C ARG CE 115 37.67 162.89 88.75
N PHE CE 116 38.32 161.86 89.30
CA PHE CE 116 39.03 162.03 90.56
C PHE CE 116 40.31 161.21 90.55
N ARG CE 117 41.42 161.88 90.87
CA ARG CE 117 42.74 161.29 90.99
C ARG CE 117 43.17 161.46 92.44
N TYR CE 118 43.13 160.36 93.19
CA TYR CE 118 43.37 160.39 94.63
C TYR CE 118 44.75 159.85 94.94
N GLU CE 119 45.48 160.56 95.80
CA GLU CE 119 46.85 160.23 96.14
C GLU CE 119 47.06 160.42 97.63
N GLY CE 120 48.04 159.69 98.16
CA GLY CE 120 48.57 160.01 99.48
C GLY CE 120 47.94 159.38 100.69
N ALA CE 121 47.85 158.03 100.71
CA ALA CE 121 47.58 157.21 101.88
C ALA CE 121 46.22 157.54 102.51
N GLY CE 122 45.16 157.25 101.77
CA GLY CE 122 43.83 157.62 102.17
C GLY CE 122 42.86 156.45 102.15
N VAL CE 123 41.82 156.59 102.96
CA VAL CE 123 40.71 155.64 103.00
C VAL CE 123 39.45 156.39 102.59
N VAL CE 124 38.87 156.02 101.45
CA VAL CE 124 37.78 156.74 100.84
C VAL CE 124 36.57 155.82 100.75
N THR CE 125 35.39 156.34 101.09
CA THR CE 125 34.15 155.62 100.99
C THR CE 125 33.17 156.35 100.08
N GLY CE 126 32.30 155.59 99.43
CA GLY CE 126 31.26 156.17 98.61
C GLY CE 126 30.11 155.19 98.44
N ASN CE 127 28.90 155.63 98.71
CA ASN CE 127 27.73 154.78 98.65
C ASN CE 127 26.66 155.42 97.77
N ASN CE 128 26.06 154.59 96.91
CA ASN CE 128 24.89 154.93 96.09
C ASN CE 128 25.18 156.11 95.15
N LEU CE 129 26.12 155.90 94.24
CA LEU CE 129 26.50 156.91 93.27
C LEU CE 129 26.23 156.40 91.85
N ARG CE 130 25.96 157.34 90.95
CA ARG CE 130 25.74 157.05 89.55
C ARG CE 130 26.50 158.06 88.69
N THR CE 131 26.87 157.62 87.49
CA THR CE 131 27.42 158.52 86.48
C THR CE 131 27.20 157.89 85.12
N SER CE 132 27.32 158.73 84.08
CA SER CE 132 27.49 158.20 82.74
C SER CE 132 28.91 157.70 82.55
N TYR CE 133 29.88 158.42 83.13
CA TYR CE 133 31.28 158.08 83.02
C TYR CE 133 32.05 158.80 84.12
N LEU CE 134 32.97 158.09 84.76
CA LEU CE 134 33.95 158.74 85.61
C LEU CE 134 35.32 158.13 85.35
N ASP CE 135 36.34 158.93 85.59
CA ASP CE 135 37.73 158.49 85.49
C ASP CE 135 38.35 158.48 86.88
N LEU CE 136 38.80 157.31 87.30
CA LEU CE 136 39.42 157.13 88.61
C LEU CE 136 40.91 156.91 88.43
N TYR CE 137 41.72 157.62 89.20
CA TYR CE 137 43.17 157.44 89.20
C TYR CE 137 43.62 157.30 90.65
N LEU CE 138 43.69 156.06 91.12
CA LEU CE 138 44.07 155.78 92.50
C LEU CE 138 45.59 155.70 92.61
N ALA CE 139 46.11 156.18 93.74
CA ALA CE 139 47.55 156.14 93.95
C ALA CE 139 47.84 156.05 95.45
N ASN CE 140 48.82 155.21 95.79
CA ASN CE 140 49.48 155.15 97.09
C ASN CE 140 48.48 154.87 98.22
N GLU CE 141 47.93 153.66 98.18
CA GLU CE 141 47.05 153.11 99.22
C GLU CE 141 45.79 153.97 99.40
N GLY CE 142 44.96 153.94 98.36
CA GLY CE 142 43.61 154.39 98.51
C GLY CE 142 42.69 153.22 98.80
N THR CE 143 42.39 152.99 100.07
CA THR CE 143 41.42 151.97 100.46
C THR CE 143 40.05 152.52 100.18
N THR CE 144 39.53 152.25 98.99
CA THR CE 144 38.32 152.89 98.48
C THR CE 144 37.21 151.87 98.35
N ARG CE 145 36.04 152.22 98.87
CA ARG CE 145 34.87 151.36 98.82
C ARG CE 145 33.77 152.06 98.04
N LEU CE 146 33.12 151.33 97.14
CA LEU CE 146 32.04 151.85 96.32
C LEU CE 146 30.83 150.96 96.42
N ALA CE 147 29.67 151.57 96.67
CA ALA CE 147 28.41 150.85 96.85
C ALA CE 147 27.28 151.53 96.05
N GLY CE 148 27.56 151.83 94.79
CA GLY CE 148 26.56 152.41 93.92
C GLY CE 148 26.70 151.92 92.50
N ASN CE 149 25.58 151.99 91.77
CA ASN CE 149 25.57 151.57 90.37
C ASN CE 149 26.27 152.64 89.54
N ILE CE 150 27.54 152.39 89.23
CA ILE CE 150 28.38 153.37 88.59
C ILE CE 150 28.76 152.86 87.20
N GLY CE 151 28.43 153.64 86.18
CA GLY CE 151 28.88 153.32 84.84
C GLY CE 151 30.18 154.01 84.54
N LEU CE 152 31.29 153.29 84.66
CA LEU CE 152 32.62 153.85 84.50
C LEU CE 152 33.32 153.20 83.32
N GLN CE 153 34.39 153.84 82.85
CA GLN CE 153 35.14 153.29 81.73
C GLN CE 153 36.63 153.24 82.03
N LYS CE 154 37.14 154.20 82.81
CA LYS CE 154 38.58 154.36 82.96
C LYS CE 154 38.97 154.38 84.43
N LEU CE 155 39.68 153.32 84.86
CA LEU CE 155 40.27 153.25 86.19
C LEU CE 155 41.76 152.92 86.04
N GLU CE 156 42.59 153.63 86.79
CA GLU CE 156 44.02 153.38 86.83
C GLU CE 156 44.48 153.31 88.27
N ALA CE 157 45.47 152.46 88.55
CA ALA CE 157 46.03 152.32 89.87
C ALA CE 157 47.55 152.41 89.78
N VAL CE 158 48.15 153.26 90.61
CA VAL CE 158 49.59 153.44 90.56
C VAL CE 158 50.31 152.26 91.21
N GLY CE 159 49.90 151.88 92.42
CA GLY CE 159 50.53 150.75 93.07
C GLY CE 159 50.19 150.61 94.54
N ASN CE 160 50.22 149.36 95.02
CA ASN CE 160 49.99 148.98 96.42
C ASN CE 160 48.62 149.43 96.91
N GLY CE 161 47.61 149.08 96.15
CA GLY CE 161 46.25 149.51 96.45
C GLY CE 161 45.28 148.36 96.49
N VAL CE 162 44.33 148.43 97.41
CA VAL CE 162 43.25 147.47 97.54
C VAL CE 162 41.94 148.22 97.40
N THR CE 163 41.05 147.73 96.52
CA THR CE 163 39.81 148.43 96.25
C THR CE 163 38.72 147.44 95.90
N GLN CE 164 37.64 147.46 96.67
CA GLN CE 164 36.43 146.70 96.39
C GLN CE 164 35.41 147.65 95.77
N ILE CE 165 34.91 147.30 94.60
CA ILE CE 165 33.86 148.07 93.93
C ILE CE 165 32.65 147.16 93.76
N ASN CE 166 31.50 147.61 94.26
CA ASN CE 166 30.27 146.84 94.16
C ASN CE 166 29.31 147.58 93.24
N GLY CE 167 29.05 147.00 92.07
CA GLY CE 167 28.02 147.50 91.20
C GLY CE 167 28.55 148.35 90.06
N VAL CE 168 28.67 147.77 88.88
CA VAL CE 168 29.07 148.49 87.68
C VAL CE 168 28.13 148.05 86.55
N SER CE 169 27.46 149.00 85.92
CA SER CE 169 26.66 148.73 84.72
C SER CE 169 27.15 149.67 83.62
N SER CE 170 28.23 149.26 82.95
CA SER CE 170 28.76 149.98 81.81
C SER CE 170 29.28 148.96 80.81
N ARG CE 171 29.09 149.26 79.53
CA ARG CE 171 29.32 148.27 78.49
C ARG CE 171 30.76 148.25 77.99
N ASN CE 172 31.64 149.08 78.53
CA ASN CE 172 33.02 149.08 78.06
C ASN CE 172 33.92 149.60 79.15
N LEU CE 173 35.13 149.03 79.24
CA LEU CE 173 36.15 149.44 80.18
C LEU CE 173 37.52 149.09 79.63
N GLN CE 174 38.50 149.94 79.91
CA GLN CE 174 39.89 149.73 79.51
C GLN CE 174 40.75 149.93 80.74
N ILE CE 175 41.39 148.85 81.21
CA ILE CE 175 42.12 148.84 82.48
C ILE CE 175 43.56 148.39 82.21
N VAL CE 176 44.52 149.14 82.73
CA VAL CE 176 45.92 148.76 82.67
C VAL CE 176 46.59 149.27 83.95
N LEU CE 177 47.27 148.38 84.67
CA LEU CE 177 47.93 148.73 85.90
C LEU CE 177 49.43 148.54 85.79
N LYS CE 178 50.15 149.08 86.75
CA LYS CE 178 51.60 149.01 86.77
C LYS CE 178 52.14 148.50 88.10
N GLY CE 179 51.53 148.86 89.21
CA GLY CE 179 52.01 148.49 90.53
C GLY CE 179 51.52 147.13 90.94
N ASP CE 180 51.29 146.97 92.25
CA ASP CE 180 50.84 145.70 92.83
C ASP CE 180 49.51 145.94 93.53
N PRO CE 181 48.40 145.92 92.79
CA PRO CE 181 47.10 146.03 93.44
C PRO CE 181 46.45 144.68 93.72
N LYS CE 182 45.52 144.71 94.67
CA LYS CE 182 44.65 143.57 94.97
C LYS CE 182 43.22 144.14 95.01
N VAL CE 183 42.58 144.19 93.85
CA VAL CE 183 41.29 144.85 93.72
C VAL CE 183 40.28 143.86 93.19
N LEU CE 184 39.01 144.15 93.44
CA LEU CE 184 37.93 143.33 92.89
C LEU CE 184 36.75 144.22 92.56
N ILE CE 185 36.10 143.92 91.44
CA ILE CE 185 34.96 144.68 90.93
C ILE CE 185 33.80 143.72 90.72
N SER CE 186 32.60 144.16 91.04
CA SER CE 186 31.38 143.43 90.76
C SER CE 186 30.52 144.24 89.80
N GLY CE 187 29.96 143.56 88.80
CA GLY CE 187 29.08 144.20 87.84
C GLY CE 187 29.06 143.43 86.54
N PHE CE 188 28.71 144.13 85.47
CA PHE CE 188 28.63 143.56 84.13
C PHE CE 188 29.47 144.42 83.20
N VAL CE 189 30.59 143.86 82.74
CA VAL CE 189 31.58 144.59 81.94
C VAL CE 189 31.87 143.81 80.67
N ASN CE 190 31.81 144.48 79.53
CA ASN CE 190 32.30 143.91 78.26
C ASN CE 190 33.67 144.51 78.00
N LEU CE 191 34.71 143.79 78.39
CA LEU CE 191 36.07 144.25 78.17
C LEU CE 191 36.47 144.02 76.71
N ARG CE 192 37.52 144.71 76.29
CA ARG CE 192 38.07 144.54 74.95
C ARG CE 192 39.51 144.04 74.97
N GLN CE 193 40.40 144.71 75.69
CA GLN CE 193 41.81 144.36 75.67
C GLN CE 193 42.40 144.56 77.06
N LEU CE 194 43.12 143.55 77.56
CA LEU CE 194 43.70 143.63 78.88
C LEU CE 194 45.12 143.07 78.85
N ASP CE 195 46.09 143.91 79.19
CA ASP CE 195 47.50 143.52 79.24
C ASP CE 195 48.06 143.88 80.61
N MET CE 196 48.74 142.94 81.23
CA MET CE 196 49.27 143.13 82.58
C MET CE 196 50.74 142.77 82.62
N TYR CE 197 51.51 143.56 83.37
CA TYR CE 197 52.98 143.53 83.30
C TYR CE 197 53.68 143.44 84.64
N GLY CE 198 53.01 143.73 85.75
CA GLY CE 198 53.70 143.79 87.03
C GLY CE 198 53.56 142.54 87.88
N LYS CE 199 53.02 142.71 89.08
CA LYS CE 199 52.74 141.63 90.03
C LYS CE 199 51.28 141.68 90.42
N GLY CE 200 50.43 141.74 89.42
CA GLY CE 200 49.04 142.07 89.63
C GLY CE 200 48.12 140.88 89.81
N THR CE 201 47.01 141.15 90.49
CA THR CE 201 45.97 140.18 90.75
C THR CE 201 44.61 140.85 90.58
N LEU CE 202 43.68 140.14 89.95
CA LEU CE 202 42.35 140.71 89.75
C LEU CE 202 41.33 139.59 89.61
N SER CE 203 40.12 139.86 90.08
CA SER CE 203 39.00 138.95 89.92
C SER CE 203 37.79 139.75 89.45
N LEU CE 204 36.96 139.11 88.64
CA LEU CE 204 35.74 139.72 88.12
C LEU CE 204 34.56 138.79 88.33
N TYR CE 205 33.41 139.38 88.63
CA TYR CE 205 32.23 138.57 88.96
C TYR CE 205 31.49 138.13 87.70
N TRP CE 206 31.05 139.08 86.89
CA TRP CE 206 30.31 138.76 85.68
C TRP CE 206 30.84 139.58 84.52
N ILE CE 207 31.08 138.92 83.39
CA ILE CE 207 31.51 139.60 82.17
C ILE CE 207 30.66 139.09 81.01
N LYS CE 208 30.10 140.00 80.22
CA LYS CE 208 29.26 139.67 79.09
C LYS CE 208 29.85 140.34 77.86
N SER CE 209 30.80 139.67 77.22
CA SER CE 209 31.39 140.21 76.00
C SER CE 209 31.49 139.13 74.93
N ASP CE 210 32.16 139.45 73.84
CA ASP CE 210 32.35 138.50 72.76
C ASP CE 210 33.82 138.27 72.41
N THR CE 211 34.62 139.33 72.38
CA THR CE 211 36.00 139.25 71.94
C THR CE 211 36.91 139.79 73.03
N LEU CE 212 37.89 138.99 73.43
CA LEU CE 212 38.84 139.41 74.44
C LEU CE 212 40.25 139.03 74.04
N THR CE 213 41.20 139.93 74.35
CA THR CE 213 42.62 139.68 74.16
C THR CE 213 43.33 139.96 75.47
N ILE CE 214 43.93 138.92 76.05
CA ILE CE 214 44.58 139.02 77.34
C ILE CE 214 46.06 138.70 77.16
N ARG CE 215 46.91 139.58 77.66
CA ARG CE 215 48.36 139.40 77.60
C ARG CE 215 48.94 139.50 79.00
N ALA CE 216 49.74 138.52 79.39
CA ALA CE 216 50.36 138.51 80.71
C ALA CE 216 51.88 138.39 80.59
N LYS CE 217 52.58 139.30 81.27
CA LYS CE 217 54.02 139.47 81.07
C LYS CE 217 54.85 138.81 82.16
N LYS CE 218 54.71 139.25 83.42
CA LYS CE 218 55.65 138.88 84.46
C LYS CE 218 55.02 138.11 85.61
N ALA CE 219 53.98 138.66 86.25
CA ALA CE 219 53.33 137.98 87.36
C ALA CE 219 51.93 138.53 87.48
N ALA CE 220 50.93 137.71 87.14
CA ALA CE 220 49.56 138.18 87.16
C ALA CE 220 48.63 137.00 87.34
N LYS CE 221 47.82 137.07 88.39
CA LYS CE 221 46.75 136.10 88.61
C LYS CE 221 45.43 136.78 88.28
N ILE CE 222 44.64 136.15 87.41
CA ILE CE 222 43.37 136.72 86.98
C ILE CE 222 42.30 135.64 87.07
N GLN CE 223 41.22 135.97 87.77
CA GLN CE 223 40.06 135.09 87.95
C GLN CE 223 38.85 135.74 87.28
N LEU CE 224 38.19 134.99 86.38
CA LEU CE 224 37.08 135.52 85.60
C LEU CE 224 35.89 134.57 85.68
N ALA CE 225 34.72 135.11 85.36
CA ALA CE 225 33.50 134.32 85.28
C ALA CE 225 32.52 135.03 84.37
N GLY CE 226 32.15 134.41 83.26
CA GLY CE 226 31.19 135.02 82.36
C GLY CE 226 31.23 134.38 80.99
N ILE CE 227 30.75 135.14 80.01
CA ILE CE 227 30.60 134.68 78.63
C ILE CE 227 31.46 135.54 77.73
N VAL CE 228 32.37 134.91 76.99
CA VAL CE 228 33.15 135.56 75.93
C VAL CE 228 33.11 134.64 74.73
N ASN CE 229 32.66 135.17 73.58
CA ASN CE 229 32.49 134.33 72.40
C ASN CE 229 33.84 133.92 71.83
N ARG CE 230 34.75 134.87 71.68
CA ARG CE 230 36.06 134.62 71.10
C ARG CE 230 37.11 135.14 72.06
N LEU CE 231 37.95 134.25 72.57
CA LEU CE 231 38.89 134.58 73.63
C LEU CE 231 40.30 134.22 73.19
N ASP CE 232 41.21 135.16 73.36
CA ASP CE 232 42.63 134.96 73.10
C ASP CE 232 43.40 135.21 74.39
N VAL CE 233 44.22 134.23 74.77
CA VAL CE 233 45.01 134.28 75.98
C VAL CE 233 46.46 134.04 75.61
N GLU CE 234 47.34 134.95 76.02
CA GLU CE 234 48.76 134.82 75.74
C GLU CE 234 49.54 135.09 77.02
N LEU CE 235 50.35 134.12 77.43
CA LEU CE 235 51.08 134.19 78.70
C LEU CE 235 52.56 133.99 78.45
N TRP CE 236 53.40 134.80 79.12
CA TRP CE 236 54.84 134.62 78.98
C TRP CE 236 55.44 133.75 80.08
N ASP CE 237 55.36 134.21 81.34
CA ASP CE 237 55.98 133.49 82.44
C ASP CE 237 55.30 133.90 83.73
N PHE CE 238 55.10 132.91 84.61
CA PHE CE 238 54.52 133.09 85.94
C PHE CE 238 53.15 133.76 85.88
N ALA CE 239 52.36 133.36 84.89
CA ALA CE 239 51.00 133.83 84.74
C ALA CE 239 50.05 132.77 85.29
N GLN CE 240 49.00 133.23 85.95
CA GLN CE 240 48.05 132.36 86.63
C GLN CE 240 46.66 132.76 86.13
N PHE CE 241 46.26 132.16 85.02
CA PHE CE 241 44.93 132.42 84.49
C PHE CE 241 43.98 131.38 85.04
N LYS CE 242 43.14 131.77 85.99
CA LYS CE 242 42.17 130.86 86.59
C LYS CE 242 40.81 131.08 85.94
N GLY CE 243 40.70 130.73 84.67
CA GLY CE 243 39.44 130.90 83.98
C GLY CE 243 38.44 129.78 84.20
N LYS CE 244 38.40 129.24 85.41
CA LYS CE 244 37.30 128.39 85.83
C LYS CE 244 36.05 129.25 85.90
N TYR CE 245 34.90 128.59 85.62
CA TYR CE 245 33.58 129.21 85.56
C TYR CE 245 33.51 130.29 84.48
N LEU CE 246 34.34 130.19 83.46
CA LEU CE 246 34.38 131.13 82.35
C LEU CE 246 34.15 130.33 81.07
N ARG CE 247 32.93 130.34 80.57
CA ARG CE 247 32.57 129.53 79.41
C ARG CE 247 32.80 130.33 78.14
N ALA CE 248 33.48 129.72 77.18
CA ALA CE 248 33.85 130.40 75.95
C ALA CE 248 33.60 129.51 74.74
N GLN CE 249 33.05 130.12 73.70
CA GLN CE 249 32.78 129.38 72.47
C GLN CE 249 34.04 129.10 71.68
N ARG CE 250 34.94 130.08 71.58
CA ARG CE 250 36.18 129.96 70.85
C ARG CE 250 37.32 130.25 71.80
N SER CE 251 38.22 129.30 71.98
CA SER CE 251 39.33 129.45 72.91
C SER CE 251 40.65 129.32 72.17
N PHE CE 252 41.51 130.32 72.34
CA PHE CE 252 42.85 130.31 71.78
C PHE CE 252 43.82 130.60 72.92
N VAL CE 253 44.69 129.64 73.23
CA VAL CE 253 45.64 129.77 74.33
C VAL CE 253 47.05 129.57 73.79
N LYS CE 254 47.93 130.51 74.07
CA LYS CE 254 49.34 130.40 73.70
C LYS CE 254 50.19 130.75 74.92
N THR CE 255 50.96 129.77 75.39
CA THR CE 255 51.66 129.88 76.67
C THR CE 255 53.14 129.57 76.52
N HIS CE 256 53.98 130.48 77.00
CA HIS CE 256 55.42 130.28 77.05
C HIS CE 256 55.80 129.69 78.40
N ASP CE 257 57.10 129.75 78.73
CA ASP CE 257 57.69 128.97 79.81
C ASP CE 257 57.15 129.35 81.19
N LYS CE 258 56.79 128.32 81.97
CA LYS CE 258 56.34 128.42 83.36
C LYS CE 258 55.12 129.33 83.50
N SER CE 259 54.04 128.86 82.89
CA SER CE 259 52.77 129.57 82.88
C SER CE 259 51.65 128.57 83.09
N VAL CE 260 50.67 128.96 83.90
CA VAL CE 260 49.56 128.09 84.27
C VAL CE 260 48.27 128.72 83.79
N ALA CE 261 47.51 127.97 82.98
CA ALA CE 261 46.22 128.43 82.51
C ALA CE 261 45.20 127.33 82.73
N GLU CE 262 44.03 127.72 83.24
CA GLU CE 262 42.93 126.81 83.53
C GLU CE 262 41.73 127.32 82.76
N ILE CE 263 41.44 126.66 81.64
CA ILE CE 263 40.51 127.14 80.64
C ILE CE 263 39.28 126.25 80.63
N SER CE 264 38.13 126.85 80.32
CA SER CE 264 36.85 126.16 80.37
C SER CE 264 36.15 126.25 79.01
N ALA CE 265 36.86 125.87 77.95
CA ALA CE 265 36.35 125.94 76.59
C ALA CE 265 35.13 125.05 76.40
N VAL CE 266 34.22 125.48 75.54
CA VAL CE 266 32.93 124.82 75.34
C VAL CE 266 32.83 124.18 73.96
N ASN CE 267 33.16 124.92 72.90
CA ASN CE 267 32.88 124.47 71.55
C ASN CE 267 34.13 124.17 70.75
N HIS CE 268 35.03 125.14 70.62
CA HIS CE 268 36.25 124.96 69.84
C HIS CE 268 37.43 125.38 70.69
N GLN CE 269 38.36 124.45 70.91
CA GLN CE 269 39.48 124.66 71.82
C GLN CE 269 40.78 124.51 71.07
N SER CE 270 41.66 125.51 71.18
CA SER CE 270 42.97 125.48 70.56
C SER CE 270 44.01 125.92 71.56
N SER CE 271 45.04 125.08 71.77
CA SER CE 271 45.96 125.28 72.86
C SER CE 271 47.38 124.95 72.46
N LEU CE 272 48.32 125.81 72.86
CA LEU CE 272 49.73 125.60 72.59
C LEU CE 272 50.55 125.99 73.81
N ALA CE 273 51.48 125.11 74.19
CA ALA CE 273 52.41 125.36 75.29
C ALA CE 273 53.83 125.09 74.84
N THR CE 274 54.77 125.93 75.29
CA THR CE 274 56.16 125.72 74.89
C THR CE 274 56.83 124.66 75.78
N ASP CE 275 56.98 124.98 77.07
CA ASP CE 275 57.71 124.12 77.98
C ASP CE 275 57.37 124.52 79.41
N ALA CE 276 57.31 123.53 80.31
CA ALA CE 276 57.03 123.71 81.74
C ALA CE 276 55.71 124.46 81.98
N SER CE 277 54.74 124.26 81.10
CA SER CE 277 53.51 125.01 81.11
C SER CE 277 52.35 124.07 81.35
N ASP CE 278 51.34 124.58 82.05
CA ASP CE 278 50.15 123.81 82.37
C ASP CE 278 48.97 124.38 81.59
N ILE CE 279 48.36 123.54 80.77
CA ILE CE 279 47.12 123.89 80.09
C ILE CE 279 46.06 122.93 80.62
N TYR CE 280 45.13 123.46 81.39
CA TYR CE 280 44.19 122.63 82.14
C TYR CE 280 42.79 122.87 81.59
N TYR CE 281 42.30 121.93 80.79
CA TYR CE 281 40.94 122.05 80.25
C TYR CE 281 39.99 121.46 81.28
N TYR CE 282 39.08 122.30 81.77
CA TYR CE 282 38.18 121.89 82.83
C TYR CE 282 36.80 121.54 82.31
N ASN CE 283 36.65 121.45 81.00
CA ASN CE 283 35.43 120.93 80.40
C ASN CE 283 35.78 120.35 79.05
N LEU CE 284 35.17 119.22 78.72
CA LEU CE 284 35.32 118.67 77.38
C LEU CE 284 34.64 119.57 76.37
N SER CE 285 35.31 119.80 75.25
CA SER CE 285 34.81 120.70 74.22
C SER CE 285 34.21 119.89 73.08
N LYS CE 286 33.49 120.60 72.21
CA LYS CE 286 32.95 119.95 71.03
C LYS CE 286 34.03 119.66 69.99
N THR CE 287 35.16 120.35 70.05
CA THR CE 287 36.37 119.94 69.35
C THR CE 287 37.59 120.51 70.08
N ARG CE 288 38.65 119.71 70.11
CA ARG CE 288 39.79 119.94 70.98
C ARG CE 288 41.08 119.77 70.19
N ALA CE 289 42.01 120.71 70.34
CA ALA CE 289 43.32 120.54 69.73
C ALA CE 289 44.40 121.17 70.60
N ASP CE 290 45.43 120.37 70.91
CA ASP CE 290 46.46 120.71 71.90
C ASP CE 290 47.83 120.38 71.34
N PHE CE 291 48.81 121.24 71.63
CA PHE CE 291 50.19 120.98 71.22
C PHE CE 291 51.17 121.46 72.28
N MET CE 292 52.22 120.67 72.49
CA MET CE 292 53.32 121.00 73.39
C MET CE 292 54.64 120.95 72.64
N ALA CE 293 55.52 121.89 72.93
CA ALA CE 293 56.78 122.00 72.19
C ALA CE 293 57.92 121.24 72.86
N PHE CE 294 58.28 121.63 74.08
CA PHE CE 294 59.37 120.95 74.76
C PHE CE 294 58.90 120.23 76.02
N ASN CE 295 58.33 120.94 76.99
CA ASN CE 295 57.99 120.33 78.27
C ASN CE 295 56.59 120.70 78.73
N GLY CE 296 55.75 121.28 77.88
CA GLY CE 296 54.42 121.64 78.30
C GLY CE 296 53.51 120.43 78.41
N SER CE 297 52.41 120.60 79.15
CA SER CE 297 51.50 119.50 79.39
C SER CE 297 50.07 120.00 79.42
N VAL CE 298 49.16 119.19 78.87
CA VAL CE 298 47.74 119.51 78.77
C VAL CE 298 46.98 118.45 79.53
N LEU CE 299 46.21 118.86 80.53
CA LEU CE 299 45.55 117.93 81.43
C LEU CE 299 44.10 118.34 81.70
N ASP CE 300 43.31 117.33 82.06
CA ASP CE 300 41.89 117.52 82.32
C ASP CE 300 41.61 117.93 83.76
N MET CE 301 42.00 117.07 84.70
CA MET CE 301 41.62 117.08 86.13
C MET CE 301 40.17 117.52 86.36
N ARG CE 302 39.25 116.74 85.78
CA ARG CE 302 37.84 116.91 86.11
C ARG CE 302 37.55 116.26 87.46
N GLU CE 303 36.28 116.27 87.86
CA GLU CE 303 35.93 115.72 89.16
C GLU CE 303 36.06 114.20 89.20
N TRP CE 304 35.97 113.54 88.04
CA TRP CE 304 36.38 112.14 87.83
C TRP CE 304 35.57 111.13 88.65
N GLY CE 305 34.42 111.56 89.17
CA GLY CE 305 33.52 110.68 89.90
C GLY CE 305 32.09 111.11 89.66
N GLN CE 306 31.89 111.93 88.63
CA GLN CE 306 30.57 112.46 88.34
C GLN CE 306 29.66 111.36 87.79
N SER CE 307 28.39 111.40 88.21
CA SER CE 307 27.42 110.45 87.73
C SER CE 307 27.03 110.66 86.28
N ASP CE 308 27.22 111.85 85.73
CA ASP CE 308 26.71 112.15 84.39
C ASP CE 308 27.71 112.95 83.57
N LEU CE 309 28.98 112.56 83.61
CA LEU CE 309 29.96 113.11 82.70
C LEU CE 309 29.93 112.31 81.40
N LYS CE 310 29.61 112.99 80.29
CA LYS CE 310 29.67 112.33 79.00
C LYS CE 310 31.12 112.13 78.58
N ASP CE 311 31.39 110.98 77.97
CA ASP CE 311 32.74 110.66 77.55
C ASP CE 311 32.96 111.13 76.12
N PHE CE 312 34.03 110.64 75.50
CA PHE CE 312 34.47 111.06 74.19
C PHE CE 312 33.48 110.67 73.10
N ASP CE 313 33.54 111.41 72.02
CA ASP CE 313 32.76 111.16 70.81
C ASP CE 313 33.64 110.48 69.78
N ARG CE 314 33.12 110.37 68.55
CA ARG CE 314 33.94 109.97 67.43
C ARG CE 314 34.85 111.07 66.94
N TYR CE 315 34.69 112.30 67.43
CA TYR CE 315 35.41 113.44 66.89
C TYR CE 315 36.56 113.88 67.79
N ASN CE 316 36.30 114.16 69.06
CA ASN CE 316 37.34 114.70 69.93
C ASN CE 316 38.23 113.64 70.53
N LYS CE 317 38.20 112.42 70.00
CA LYS CE 317 39.14 111.38 70.39
C LYS CE 317 40.50 111.75 69.79
N GLN CE 318 41.23 112.59 70.51
CA GLN CE 318 42.55 113.03 70.07
C GLN CE 318 43.54 112.76 71.18
N PHE CE 319 44.61 112.03 70.86
CA PHE CE 319 45.58 111.64 71.85
C PHE CE 319 46.82 112.50 71.72
N PRO CE 320 47.15 113.30 72.74
CA PRO CE 320 48.36 114.13 72.73
C PRO CE 320 49.62 113.32 73.03
N ASP DE 39 62.52 72.66 62.04
CA ASP DE 39 63.61 71.74 62.33
C ASP DE 39 64.13 71.91 63.75
N GLY DE 40 64.25 73.15 64.19
CA GLY DE 40 64.74 73.44 65.53
C GLY DE 40 63.66 73.93 66.45
N CYS DE 41 63.22 73.08 67.37
CA CYS DE 41 62.21 73.51 68.34
C CYS DE 41 62.84 74.24 69.52
N CYS DE 42 63.74 73.57 70.24
CA CYS DE 42 64.44 74.21 71.35
C CYS DE 42 65.77 74.79 70.87
N SER DE 43 65.66 75.64 69.86
CA SER DE 43 66.83 76.31 69.29
C SER DE 43 67.38 77.32 70.29
N LYS DE 44 68.70 77.27 70.49
CA LYS DE 44 69.42 77.96 71.56
C LYS DE 44 68.87 77.61 72.94
N MET DE 45 68.30 76.41 73.07
CA MET DE 45 67.76 75.93 74.33
C MET DE 45 68.27 74.52 74.56
N GLY DE 46 67.79 73.87 75.61
CA GLY DE 46 68.28 72.55 75.94
C GLY DE 46 67.86 71.48 74.95
N GLY DE 47 66.58 71.17 74.92
CA GLY DE 47 66.09 70.15 74.03
C GLY DE 47 64.76 69.62 74.49
N ILE DE 48 64.21 68.71 73.69
CA ILE DE 48 62.87 68.21 73.90
C ILE DE 48 62.83 67.32 75.14
N ASN DE 49 61.84 67.54 75.99
CA ASN DE 49 61.58 66.63 77.09
C ASN DE 49 60.43 65.68 76.77
N TYR DE 50 59.25 66.22 76.47
CA TYR DE 50 58.12 65.39 76.07
C TYR DE 50 57.10 66.25 75.33
N CYS DE 51 56.00 65.62 74.96
CA CYS DE 51 54.87 66.25 74.28
C CYS DE 51 53.67 66.16 75.20
N ASP DE 52 53.23 67.31 75.70
CA ASP DE 52 51.98 67.34 76.45
C ASP DE 52 50.83 67.42 75.46
N SER DE 53 50.00 66.38 75.45
CA SER DE 53 48.85 66.32 74.57
C SER DE 53 47.68 67.11 75.11
N SER DE 54 47.69 67.44 76.40
CA SER DE 54 46.73 68.43 76.89
C SER DE 54 47.02 69.79 76.27
N ALA DE 55 48.30 70.11 76.12
CA ALA DE 55 48.70 71.32 75.43
C ALA DE 55 48.86 71.13 73.94
N GLY DE 56 49.06 69.89 73.48
CA GLY DE 56 49.39 69.65 72.10
C GLY DE 56 50.76 70.15 71.71
N ARG DE 57 51.63 70.39 72.69
CA ARG DE 57 52.87 71.12 72.49
C ARG DE 57 54.01 70.41 73.18
N LEU DE 58 55.22 70.66 72.70
CA LEU DE 58 56.41 70.10 73.31
C LEU DE 58 56.79 70.90 74.54
N VAL DE 59 57.77 70.37 75.30
CA VAL DE 59 58.39 71.13 76.36
C VAL DE 59 59.90 71.08 76.19
N CYS DE 60 60.54 72.24 76.30
CA CYS DE 60 62.00 72.31 76.21
C CYS DE 60 62.62 71.91 77.54
N ASN DE 61 63.95 71.85 77.57
CA ASN DE 61 64.64 71.50 78.82
C ASN DE 61 64.54 72.61 79.84
N ASN DE 62 64.65 73.86 79.40
CA ASN DE 62 64.16 74.94 80.23
C ASN DE 62 62.65 74.87 80.28
N GLY DE 63 62.08 75.33 81.39
CA GLY DE 63 60.68 75.06 81.71
C GLY DE 63 59.66 75.84 80.92
N PHE DE 64 60.08 76.66 79.95
CA PHE DE 64 59.15 77.39 79.13
C PHE DE 64 58.35 76.47 78.23
N TYR DE 65 57.12 76.87 77.94
CA TYR DE 65 56.28 76.10 77.04
C TYR DE 65 56.81 76.23 75.62
N SER DE 66 57.30 75.12 75.07
CA SER DE 66 57.96 75.13 73.79
C SER DE 66 56.97 75.39 72.66
N THR DE 67 57.32 76.30 71.76
CA THR DE 67 56.48 76.59 70.61
C THR DE 67 56.82 75.59 69.52
N CYS DE 68 56.25 74.39 69.65
CA CYS DE 68 56.34 73.38 68.61
C CYS DE 68 55.16 72.43 68.74
N TYR DE 69 54.46 72.23 67.64
CA TYR DE 69 53.32 71.32 67.61
C TYR DE 69 53.78 69.87 67.73
N CYS DE 70 53.00 69.07 68.45
CA CYS DE 70 53.25 67.64 68.51
C CYS DE 70 52.01 66.78 68.32
N THR DE 71 50.82 67.31 68.56
CA THR DE 71 49.60 66.61 68.21
C THR DE 71 48.87 67.40 67.13
N ARG DE 72 47.94 66.73 66.45
CA ARG DE 72 47.03 67.44 65.59
C ARG DE 72 45.91 68.13 66.35
N HIS DE 73 45.75 67.81 67.63
CA HIS DE 73 44.73 68.42 68.46
C HIS DE 73 45.25 69.63 69.21
N ALA DE 74 45.84 70.57 68.49
CA ALA DE 74 46.26 71.83 69.07
C ALA DE 74 45.39 72.95 68.52
N VAL DE 75 45.75 74.18 68.84
CA VAL DE 75 44.98 75.35 68.43
C VAL DE 75 45.75 75.98 67.27
N MET DE 76 45.40 75.61 66.05
CA MET DE 76 45.90 76.26 64.85
C MET DE 76 44.84 77.22 64.35
N ASP DE 77 45.21 78.49 64.21
CA ASP DE 77 44.28 79.50 63.70
C ASP DE 77 44.38 79.60 62.18
N LEU DE 78 44.15 78.46 61.53
CA LEU DE 78 44.11 78.41 60.08
C LEU DE 78 42.83 79.08 59.59
N GLN DE 79 42.98 79.99 58.62
CA GLN DE 79 41.85 80.71 58.09
C GLN DE 79 41.69 80.55 56.58
N PHE DE 80 42.55 79.77 55.95
CA PHE DE 80 42.42 79.43 54.54
C PHE DE 80 42.16 77.95 54.42
N LEU DE 81 41.39 77.56 53.41
CA LEU DE 81 40.99 76.16 53.32
C LEU DE 81 41.18 75.54 51.96
N MET DE 82 40.62 74.35 51.78
CA MET DE 82 40.85 73.53 50.60
C MET DE 82 39.59 72.72 50.33
N GLY DE 83 39.47 72.23 49.11
CA GLY DE 83 38.40 71.31 48.76
C GLY DE 83 37.27 71.97 48.00
N CYS DE 84 36.23 71.18 47.77
CA CYS DE 84 35.06 71.61 47.04
C CYS DE 84 33.81 71.38 47.88
N CYS DE 85 32.72 72.02 47.46
CA CYS DE 85 31.39 71.92 48.08
C CYS DE 85 31.41 72.30 49.56
N LEU DE 86 32.26 73.27 49.90
CA LEU DE 86 32.33 73.76 51.26
C LEU DE 86 31.11 74.61 51.56
N TRP DE 87 30.76 74.66 52.85
CA TRP DE 87 29.49 75.21 53.35
C TRP DE 87 28.29 74.57 52.66
N HIS DE 88 28.41 73.29 52.35
CA HIS DE 88 27.37 72.53 51.69
C HIS DE 88 27.49 71.10 52.20
N GLY DE 89 26.85 70.18 51.49
CA GLY DE 89 26.87 68.79 51.90
C GLY DE 89 28.13 68.03 51.57
N GLY DE 90 29.15 68.71 51.06
CA GLY DE 90 30.33 68.01 50.62
C GLY DE 90 30.11 67.41 49.26
N VAL DE 91 31.13 66.73 48.76
CA VAL DE 91 31.07 66.13 47.44
C VAL DE 91 30.12 64.94 47.46
N TYR DE 92 29.20 64.91 46.51
CA TYR DE 92 28.34 63.76 46.35
C TYR DE 92 29.17 62.56 45.91
N PRO DE 93 28.94 61.37 46.48
CA PRO DE 93 29.83 60.23 46.22
C PRO DE 93 29.74 59.64 44.83
N GLN DE 94 28.75 60.01 44.01
CA GLN DE 94 28.65 59.43 42.70
C GLN DE 94 29.71 60.01 41.77
N LEU DE 95 29.93 59.31 40.66
CA LEU DE 95 30.73 59.83 39.55
C LEU DE 95 29.86 59.88 38.32
N ASN DE 96 30.12 60.87 37.48
CA ASN DE 96 29.32 61.09 36.29
C ASN DE 96 30.13 60.83 35.04
N SER DE 97 29.42 60.52 33.97
CA SER DE 97 29.98 60.57 32.63
C SER DE 97 30.43 62.00 32.31
N SER DE 98 29.60 62.97 32.65
CA SER DE 98 29.96 64.37 32.47
C SER DE 98 30.93 64.81 33.55
N GLY DE 99 31.54 65.97 33.33
CA GLY DE 99 32.37 66.57 34.34
C GLY DE 99 31.62 67.36 35.39
N LEU DE 100 30.29 67.39 35.29
CA LEU DE 100 29.49 68.16 36.23
C LEU DE 100 29.42 67.44 37.57
N VAL DE 101 29.91 68.10 38.63
CA VAL DE 101 29.91 67.55 39.97
C VAL DE 101 29.03 68.42 40.83
N VAL DE 102 28.10 67.79 41.55
CA VAL DE 102 27.17 68.51 42.39
C VAL DE 102 27.55 68.28 43.84
N CYS DE 103 27.10 69.19 44.70
CA CYS DE 103 27.24 68.99 46.13
C CYS DE 103 26.08 68.14 46.64
N ASN DE 104 26.25 67.64 47.87
CA ASN DE 104 25.30 66.69 48.41
C ASN DE 104 23.96 67.33 48.76
N ASP DE 105 23.92 68.64 48.99
CA ASP DE 105 22.66 69.33 49.21
C ASP DE 105 21.98 69.74 47.91
N GLY DE 106 22.59 69.43 46.77
CA GLY DE 106 21.96 69.64 45.48
C GLY DE 106 22.45 70.86 44.72
N TYR DE 107 23.22 71.73 45.35
CA TYR DE 107 23.73 72.90 44.66
C TYR DE 107 24.91 72.51 43.79
N VAL DE 108 24.93 73.00 42.54
CA VAL DE 108 25.98 72.63 41.59
C VAL DE 108 27.20 73.50 41.83
N SER DE 109 28.33 73.11 41.24
CA SER DE 109 29.60 73.82 41.45
C SER DE 109 30.36 73.87 40.14
N GLU DE 110 30.25 74.99 39.43
CA GLU DE 110 30.96 75.16 38.18
C GLU DE 110 32.46 75.36 38.38
N GLU DE 111 32.88 75.75 39.59
CA GLU DE 111 34.30 75.93 39.84
C GLU DE 111 35.02 74.61 40.01
N CYS DE 112 34.32 73.58 40.48
CA CYS DE 112 34.90 72.26 40.56
C CYS DE 112 34.62 71.44 39.32
N SER DE 113 33.47 71.66 38.68
CA SER DE 113 33.16 70.98 37.43
C SER DE 113 34.00 71.57 36.30
N LEU DE 114 34.52 70.70 35.44
CA LEU DE 114 35.39 71.15 34.37
C LEU DE 114 34.59 71.86 33.28
N GLN DE 115 35.26 72.77 32.59
CA GLN DE 115 34.62 73.65 31.62
C GLN DE 115 34.93 73.16 30.21
N LYS DE 116 34.27 73.79 29.24
CA LYS DE 116 34.43 73.43 27.83
C LYS DE 116 34.65 74.68 26.97
N UNK EE 1 45.78 89.71 84.72
CA UNK EE 1 47.12 89.67 85.29
C UNK EE 1 47.27 90.68 86.41
N UNK EE 2 47.85 91.83 86.08
CA UNK EE 2 48.00 93.01 86.97
C UNK EE 2 48.77 92.69 88.24
N UNK EE 3 49.65 91.68 88.20
CA UNK EE 3 50.43 91.29 89.37
C UNK EE 3 51.62 90.47 88.90
N UNK EE 4 52.83 90.93 89.20
CA UNK EE 4 54.02 90.14 88.96
C UNK EE 4 54.67 89.61 90.23
N UNK EE 5 54.26 90.10 91.39
CA UNK EE 5 54.75 89.59 92.66
C UNK EE 5 53.65 89.82 93.70
N UNK EE 6 52.86 88.79 93.96
CA UNK EE 6 51.82 88.88 94.97
C UNK EE 6 52.48 88.94 96.34
N UNK EE 7 52.38 90.09 96.99
CA UNK EE 7 53.01 90.30 98.28
C UNK EE 7 52.25 89.56 99.36
N UNK EE 8 52.98 88.78 100.16
CA UNK EE 8 52.38 88.06 101.27
C UNK EE 8 52.45 88.92 102.53
N UNK EE 9 51.62 89.96 102.53
CA UNK EE 9 51.44 90.93 103.64
C UNK EE 9 52.74 91.59 104.08
N ILE FE 862 4.29 -47.58 -49.70
CA ILE FE 862 5.21 -47.74 -48.58
C ILE FE 862 6.60 -48.12 -49.09
N ILE FE 863 7.58 -47.31 -48.73
CA ILE FE 863 8.98 -47.57 -49.02
C ILE FE 863 9.64 -48.04 -47.73
N LYS FE 864 10.34 -49.17 -47.82
CA LYS FE 864 11.04 -49.71 -46.65
C LYS FE 864 12.16 -48.78 -46.20
N THR FE 865 12.41 -48.78 -44.90
CA THR FE 865 13.28 -47.78 -44.29
C THR FE 865 14.74 -48.12 -44.54
N GLY FE 866 15.28 -47.69 -45.68
CA GLY FE 866 16.68 -47.93 -46.01
C GLY FE 866 17.03 -49.04 -46.98
N ASP FE 867 16.40 -49.05 -48.15
CA ASP FE 867 16.82 -49.89 -49.27
C ASP FE 867 17.35 -48.99 -50.39
N ILE FE 868 17.62 -49.59 -51.54
CA ILE FE 868 18.37 -48.94 -52.62
C ILE FE 868 17.43 -48.64 -53.79
N MET FE 869 17.44 -47.39 -54.26
CA MET FE 869 16.75 -46.93 -55.46
C MET FE 869 17.76 -46.21 -56.34
N PHE FE 870 17.34 -45.82 -57.55
CA PHE FE 870 18.25 -45.21 -58.51
C PHE FE 870 17.60 -44.01 -59.17
N ALA FE 871 18.44 -43.09 -59.65
CA ALA FE 871 17.97 -41.94 -60.40
C ALA FE 871 18.98 -41.65 -61.51
N VAL FE 872 18.49 -41.05 -62.60
CA VAL FE 872 19.28 -40.74 -63.78
C VAL FE 872 19.42 -39.22 -63.87
N LEU FE 873 20.65 -38.74 -63.97
CA LEU FE 873 20.96 -37.33 -63.89
C LEU FE 873 21.43 -36.82 -65.25
N ASP FE 874 20.89 -35.66 -65.65
CA ASP FE 874 21.07 -35.16 -67.00
C ASP FE 874 21.68 -33.77 -67.04
N THR FE 875 21.62 -33.06 -65.92
CA THR FE 875 22.06 -31.67 -65.88
C THR FE 875 23.16 -31.50 -64.83
N SER FE 876 24.21 -30.77 -65.19
CA SER FE 876 25.42 -30.67 -64.37
C SER FE 876 25.58 -29.26 -63.78
N VAL FE 877 26.49 -29.15 -62.81
CA VAL FE 877 26.74 -27.90 -62.11
C VAL FE 877 28.16 -27.94 -61.53
N ASN FE 878 28.86 -26.81 -61.63
CA ASN FE 878 30.15 -26.65 -60.99
C ASN FE 878 29.97 -26.49 -59.48
N SER FE 879 30.95 -26.98 -58.73
CA SER FE 879 30.83 -27.00 -57.27
C SER FE 879 31.41 -25.74 -56.64
N ASP FE 880 30.90 -24.59 -57.02
CA ASP FE 880 31.39 -23.34 -56.45
C ASP FE 880 30.29 -22.49 -55.86
N GLU FE 881 29.14 -22.39 -56.53
CA GLU FE 881 27.99 -21.66 -55.99
C GLU FE 881 26.79 -22.61 -55.99
N PRO FE 882 26.01 -22.67 -54.91
CA PRO FE 882 25.00 -23.72 -54.78
C PRO FE 882 23.81 -23.54 -55.73
N GLY FE 883 23.07 -24.63 -55.93
CA GLY FE 883 21.87 -24.60 -56.72
C GLY FE 883 21.00 -25.83 -56.56
N PRO FE 884 19.68 -25.62 -56.51
CA PRO FE 884 18.74 -26.75 -56.57
C PRO FE 884 18.81 -27.49 -57.88
N ILE FE 885 19.16 -28.76 -57.77
CA ILE FE 885 19.37 -29.66 -58.90
C ILE FE 885 18.37 -30.80 -58.77
N LEU FE 886 18.08 -31.48 -59.88
CA LEU FE 886 17.02 -32.49 -59.92
C LEU FE 886 17.56 -33.80 -60.48
N ALA FE 887 16.94 -34.88 -60.06
CA ALA FE 887 17.18 -36.23 -60.59
C ALA FE 887 15.83 -36.86 -60.95
N THR FE 888 15.85 -37.77 -61.91
CA THR FE 888 14.64 -38.43 -62.39
C THR FE 888 14.66 -39.85 -61.86
N ILE FE 889 13.72 -40.17 -60.97
CA ILE FE 889 13.68 -41.51 -60.37
C ILE FE 889 13.28 -42.51 -61.44
N VAL FE 890 14.15 -43.48 -61.69
CA VAL FE 890 14.01 -44.35 -62.85
C VAL FE 890 13.65 -45.78 -62.50
N THR FE 891 13.79 -46.19 -61.24
CA THR FE 891 13.41 -47.55 -60.85
C THR FE 891 12.49 -47.53 -59.64
N GLY FE 892 11.94 -48.70 -59.30
CA GLY FE 892 11.10 -48.80 -58.12
C GLY FE 892 9.61 -48.61 -58.40
N LYS FE 893 8.86 -48.40 -57.31
CA LYS FE 893 7.40 -48.33 -57.36
C LYS FE 893 6.91 -47.09 -58.11
N LEU FE 894 7.69 -46.01 -58.09
CA LEU FE 894 7.24 -44.74 -58.63
C LEU FE 894 7.72 -44.56 -60.07
N LYS FE 895 6.83 -44.09 -60.94
CA LYS FE 895 7.12 -43.84 -62.34
C LYS FE 895 6.87 -42.37 -62.64
N GLY FE 896 7.82 -41.74 -63.33
CA GLY FE 896 7.70 -40.33 -63.65
C GLY FE 896 8.08 -39.39 -62.53
N SER FE 897 8.56 -39.93 -61.42
CA SER FE 897 8.88 -39.12 -60.25
C SER FE 897 10.21 -38.41 -60.42
N LYS FE 898 10.34 -37.23 -59.82
CA LYS FE 898 11.61 -36.52 -59.86
C LYS FE 898 11.85 -35.75 -58.57
N LEU FE 899 13.10 -35.39 -58.32
CA LEU FE 899 13.52 -35.07 -56.96
C LEU FE 899 14.58 -33.98 -56.99
N ILE FE 900 14.36 -32.93 -56.19
CA ILE FE 900 15.20 -31.74 -56.13
C ILE FE 900 15.99 -31.75 -54.84
N GLY FE 901 17.18 -31.17 -54.89
CA GLY FE 901 18.05 -31.03 -53.74
C GLY FE 901 19.22 -30.16 -54.14
N SER FE 902 20.39 -30.39 -53.57
CA SER FE 902 21.57 -29.63 -53.96
C SER FE 902 22.80 -30.47 -53.67
N PHE FE 903 23.97 -29.84 -53.66
CA PHE FE 903 25.23 -30.48 -53.33
C PHE FE 903 25.83 -29.80 -52.10
N ASN FE 904 26.72 -30.53 -51.44
CA ASN FE 904 27.46 -30.00 -50.30
C ASN FE 904 28.95 -30.07 -50.62
N LEU FE 905 29.65 -28.98 -50.32
CA LEU FE 905 31.04 -28.83 -50.71
C LEU FE 905 31.95 -29.37 -49.62
N PRO FE 906 32.72 -30.42 -49.88
CA PRO FE 906 33.72 -30.87 -48.90
C PRO FE 906 35.02 -30.10 -49.03
N SER FE 907 35.71 -29.98 -47.89
CA SER FE 907 37.03 -29.36 -47.89
C SER FE 907 38.05 -30.22 -48.60
N ASN FE 908 38.04 -31.53 -48.34
CA ASN FE 908 38.78 -32.49 -49.14
C ASN FE 908 37.79 -33.28 -49.98
N ALA FE 909 38.04 -33.30 -51.28
CA ALA FE 909 37.12 -33.88 -52.26
C ALA FE 909 37.40 -35.35 -52.53
N ASP FE 910 37.96 -36.08 -51.56
CA ASP FE 910 38.17 -37.52 -51.67
C ASP FE 910 36.87 -38.31 -51.69
N LYS FE 911 35.78 -37.70 -51.25
CA LYS FE 911 34.44 -38.16 -51.60
C LYS FE 911 33.57 -36.92 -51.78
N MET FE 912 32.53 -37.07 -52.59
CA MET FE 912 31.65 -35.95 -52.91
C MET FE 912 30.27 -36.49 -53.22
N VAL FE 913 29.26 -35.90 -52.56
CA VAL FE 913 27.92 -36.48 -52.52
C VAL FE 913 26.91 -35.40 -52.90
N ILE FE 914 25.73 -35.87 -53.28
CA ILE FE 914 24.60 -35.02 -53.65
C ILE FE 914 23.46 -35.29 -52.68
N THR FE 915 22.93 -34.24 -52.07
CA THR FE 915 21.85 -34.36 -51.09
C THR FE 915 20.53 -34.00 -51.76
N PHE FE 916 19.58 -34.92 -51.72
CA PHE FE 916 18.34 -34.85 -52.50
C PHE FE 916 17.16 -35.06 -51.57
N ASN FE 917 16.27 -34.05 -51.45
CA ASN FE 917 15.21 -34.12 -50.44
C ASN FE 917 13.79 -34.02 -50.99
N THR FE 918 13.55 -33.12 -51.94
CA THR FE 918 12.20 -32.78 -52.39
C THR FE 918 11.78 -33.79 -53.45
N MET FE 919 11.09 -34.84 -53.02
CA MET FE 919 10.69 -35.95 -53.90
C MET FE 919 9.26 -35.72 -54.33
N SER FE 920 9.02 -35.67 -55.64
CA SER FE 920 7.68 -35.42 -56.17
C SER FE 920 7.24 -36.60 -57.02
N ILE FE 921 6.08 -37.15 -56.69
CA ILE FE 921 5.45 -38.26 -57.39
C ILE FE 921 4.31 -37.69 -58.25
N PRO FE 922 4.23 -38.03 -59.53
CA PRO FE 922 3.12 -37.52 -60.35
C PRO FE 922 1.86 -38.34 -60.18
N GLY FE 923 0.83 -38.04 -60.97
CA GLY FE 923 -0.46 -38.67 -60.82
C GLY FE 923 -1.29 -37.94 -59.79
N ALA FE 924 -0.90 -38.07 -58.52
CA ALA FE 924 -1.47 -37.30 -57.43
C ALA FE 924 -0.49 -36.19 -57.04
N GLU FE 925 -1.03 -34.99 -56.82
CA GLU FE 925 -0.22 -33.82 -56.55
C GLU FE 925 0.30 -33.89 -55.11
N LYS FE 926 1.37 -34.65 -54.94
CA LYS FE 926 2.00 -34.82 -53.64
C LYS FE 926 3.49 -34.58 -53.79
N THR FE 927 4.13 -34.27 -52.65
CA THR FE 927 5.57 -34.04 -52.62
C THR FE 927 6.07 -34.64 -51.32
N ILE FE 928 6.54 -35.89 -51.37
CA ILE FE 928 7.05 -36.56 -50.18
C ILE FE 928 8.43 -36.00 -49.87
N SER FE 929 8.87 -36.15 -48.63
CA SER FE 929 10.06 -35.45 -48.19
C SER FE 929 11.15 -36.42 -47.75
N ILE FE 930 11.36 -37.49 -48.51
CA ILE FE 930 12.44 -38.42 -48.21
C ILE FE 930 13.75 -37.79 -48.69
N SER FE 931 14.68 -37.61 -47.76
CA SER FE 931 16.00 -37.08 -48.04
C SER FE 931 17.02 -38.18 -47.76
N ALA FE 932 18.10 -38.20 -48.53
CA ALA FE 932 19.08 -39.28 -48.42
C ALA FE 932 20.44 -38.79 -48.95
N TYR FE 933 21.40 -39.72 -49.02
CA TYR FE 933 22.71 -39.48 -49.61
C TYR FE 933 22.88 -40.34 -50.86
N ALA FE 934 24.01 -40.16 -51.53
CA ALA FE 934 24.21 -40.64 -52.89
C ALA FE 934 25.44 -41.54 -52.99
N ILE FE 935 25.42 -42.39 -54.03
CA ILE FE 935 26.56 -43.24 -54.36
C ILE FE 935 26.89 -43.05 -55.83
N ASP FE 936 28.15 -43.29 -56.17
CA ASP FE 936 28.57 -43.37 -57.56
C ASP FE 936 28.15 -44.71 -58.12
N PRO FE 937 27.41 -44.73 -59.24
CA PRO FE 937 26.94 -46.01 -59.81
C PRO FE 937 28.09 -46.88 -60.28
N ASN FE 938 27.90 -48.19 -60.11
CA ASN FE 938 28.85 -49.27 -60.35
C ASN FE 938 30.16 -49.09 -59.59
N THR FE 939 30.15 -48.38 -58.47
CA THR FE 939 31.36 -48.13 -57.70
C THR FE 939 31.13 -48.50 -56.24
N ALA FE 940 29.91 -48.25 -55.76
CA ALA FE 940 29.52 -48.33 -54.36
C ALA FE 940 30.44 -47.49 -53.48
N ARG FE 941 30.80 -46.33 -54.00
CA ARG FE 941 31.74 -45.42 -53.37
C ARG FE 941 31.19 -44.01 -53.45
N THR FE 942 31.61 -43.18 -52.50
CA THR FE 942 31.09 -41.82 -52.37
C THR FE 942 31.95 -40.79 -53.10
N ALA FE 943 33.01 -41.20 -53.78
CA ALA FE 943 33.75 -40.28 -54.61
C ALA FE 943 32.96 -39.95 -55.87
N LEU FE 944 33.00 -38.69 -56.28
CA LEU FE 944 32.28 -38.22 -57.45
C LEU FE 944 33.15 -38.38 -58.68
N ALA FE 945 32.53 -38.73 -59.80
CA ALA FE 945 33.19 -38.79 -61.11
C ALA FE 945 33.47 -37.35 -61.54
N SER FE 946 34.65 -36.86 -61.17
CA SER FE 946 35.06 -35.48 -61.45
C SER FE 946 36.59 -35.42 -61.45
N ARG FE 947 37.11 -34.20 -61.54
CA ARG FE 947 38.54 -33.92 -61.50
C ARG FE 947 38.88 -33.05 -60.30
N THR FE 948 40.07 -33.27 -59.74
CA THR FE 948 40.46 -32.59 -58.51
C THR FE 948 41.82 -31.90 -58.58
N ASN FE 949 42.45 -31.82 -59.75
CA ASN FE 949 43.69 -31.07 -59.93
C ASN FE 949 43.43 -29.77 -60.70
N HIS FE 950 42.31 -29.11 -60.41
CA HIS FE 950 41.86 -27.96 -61.20
C HIS FE 950 42.77 -26.75 -61.03
N HIS FE 951 43.17 -26.44 -59.81
CA HIS FE 951 43.84 -25.18 -59.50
C HIS FE 951 45.03 -25.39 -58.57
N TYR FE 952 45.89 -26.35 -58.90
CA TYR FE 952 47.19 -26.48 -58.27
C TYR FE 952 48.26 -25.69 -59.02
N LEU FE 953 48.39 -25.94 -60.32
CA LEU FE 953 49.59 -25.61 -61.05
C LEU FE 953 49.67 -24.12 -61.37
N MET FE 954 48.54 -23.46 -61.61
CA MET FE 954 48.58 -22.04 -61.97
C MET FE 954 49.04 -21.17 -60.80
N ARG FE 955 48.44 -21.39 -59.62
CA ARG FE 955 48.86 -20.65 -58.43
C ARG FE 955 50.27 -21.03 -58.00
N TYR FE 956 50.64 -22.32 -58.13
CA TYR FE 956 52.01 -22.75 -57.84
C TYR FE 956 53.02 -22.01 -58.71
N GLY FE 957 52.76 -21.95 -60.02
CA GLY FE 957 53.69 -21.31 -60.94
C GLY FE 957 53.77 -19.81 -60.74
N SER FE 958 52.63 -19.17 -60.48
CA SER FE 958 52.65 -17.72 -60.26
C SER FE 958 53.45 -17.36 -59.00
N LEU FE 959 53.25 -18.12 -57.92
CA LEU FE 959 54.00 -17.90 -56.68
C LEU FE 959 55.49 -18.14 -56.89
N PHE FE 960 55.84 -19.24 -57.55
CA PHE FE 960 57.25 -19.58 -57.73
C PHE FE 960 57.95 -18.60 -58.65
N ALA FE 961 57.25 -18.10 -59.68
CA ALA FE 961 57.82 -17.09 -60.55
C ALA FE 961 58.06 -15.78 -59.82
N SER FE 962 57.09 -15.34 -59.00
CA SER FE 962 57.25 -14.10 -58.25
C SER FE 962 58.43 -14.17 -57.29
N SER FE 963 58.53 -15.30 -56.57
CA SER FE 963 59.63 -15.49 -55.62
C SER FE 963 60.97 -15.50 -56.33
N PHE FE 964 61.09 -16.27 -57.42
CA PHE FE 964 62.34 -16.37 -58.18
C PHE FE 964 62.76 -15.03 -58.74
N LEU FE 965 61.79 -14.20 -59.13
CA LEU FE 965 62.07 -12.83 -59.56
C LEU FE 965 62.72 -12.02 -58.45
N GLN FE 966 62.11 -12.05 -57.26
CA GLN FE 966 62.64 -11.26 -56.14
C GLN FE 966 64.05 -11.71 -55.77
N GLY FE 967 64.25 -13.03 -55.71
CA GLY FE 967 65.57 -13.57 -55.40
C GLY FE 967 66.60 -13.21 -56.44
N PHE FE 968 66.19 -13.14 -57.72
CA PHE FE 968 67.12 -12.86 -58.81
C PHE FE 968 67.65 -11.46 -58.69
N GLY FE 969 66.76 -10.51 -58.46
CA GLY FE 969 67.21 -9.14 -58.36
C GLY FE 969 68.05 -8.88 -57.12
N ASN FE 970 67.64 -9.42 -55.97
CA ASN FE 970 68.41 -9.11 -54.76
C ASN FE 970 69.78 -9.81 -54.75
N ALA FE 971 69.85 -11.08 -55.16
CA ALA FE 971 71.13 -11.76 -55.10
C ALA FE 971 72.08 -11.28 -56.20
N PHE FE 972 71.57 -10.98 -57.40
CA PHE FE 972 72.49 -10.44 -58.38
C PHE FE 972 72.78 -8.95 -58.15
N GLN FE 973 72.06 -8.29 -57.25
CA GLN FE 973 72.57 -7.03 -56.72
C GLN FE 973 73.69 -7.29 -55.71
N SER FE 974 73.52 -8.31 -54.88
CA SER FE 974 74.50 -8.57 -53.82
C SER FE 974 75.84 -9.00 -54.38
N ALA FE 975 75.83 -9.68 -55.53
CA ALA FE 975 77.06 -10.15 -56.15
C ALA FE 975 77.71 -9.10 -57.05
N ASN FE 976 77.32 -7.82 -56.91
CA ASN FE 976 77.85 -6.78 -57.79
C ASN FE 976 79.31 -6.45 -57.50
N THR FE 977 79.72 -6.52 -56.24
CA THR FE 977 81.11 -6.20 -55.91
C THR FE 977 82.06 -7.29 -56.37
N THR FE 978 81.64 -8.55 -56.27
CA THR FE 978 82.50 -9.66 -56.65
C THR FE 978 81.95 -10.37 -57.89
N SER FE 999 75.17 -2.45 -68.28
CA SER FE 999 74.01 -1.85 -67.63
C SER FE 999 72.77 -2.71 -67.86
N THR FE 1000 72.89 -3.64 -68.83
CA THR FE 1000 71.80 -4.58 -69.09
C THR FE 1000 71.59 -5.53 -67.91
N LEU FE 1001 72.67 -6.06 -67.34
CA LEU FE 1001 72.55 -6.90 -66.16
C LEU FE 1001 72.09 -6.07 -64.96
N GLU FE 1002 72.47 -4.79 -64.93
CA GLU FE 1002 71.97 -3.88 -63.90
C GLU FE 1002 70.47 -3.73 -63.96
N ASN FE 1003 69.91 -3.54 -65.16
CA ASN FE 1003 68.46 -3.41 -65.29
C ASN FE 1003 67.75 -4.72 -65.06
N ALA FE 1004 68.42 -5.84 -65.34
CA ALA FE 1004 67.88 -7.14 -64.94
C ALA FE 1004 67.75 -7.24 -63.42
N VAL FE 1005 68.81 -6.85 -62.70
CA VAL FE 1005 68.80 -6.76 -61.25
C VAL FE 1005 67.65 -5.87 -60.77
N ILE FE 1006 67.48 -4.75 -61.46
CA ILE FE 1006 66.48 -3.74 -61.14
C ILE FE 1006 65.07 -4.33 -61.23
N GLY FE 1007 64.75 -4.96 -62.38
CA GLY FE 1007 63.39 -5.38 -62.63
C GLY FE 1007 63.02 -6.56 -61.77
N LEU FE 1008 63.94 -7.52 -61.64
CA LEU FE 1008 63.68 -8.69 -60.81
C LEU FE 1008 63.55 -8.30 -59.34
N ALA FE 1009 64.44 -7.41 -58.86
CA ALA FE 1009 64.49 -6.99 -57.46
C ALA FE 1009 63.27 -6.24 -57.04
N THR FE 1010 62.61 -5.56 -57.97
CA THR FE 1010 61.45 -4.83 -57.51
C THR FE 1010 60.12 -5.46 -57.87
N VAL FE 1011 60.00 -6.21 -58.98
CA VAL FE 1011 58.72 -6.81 -59.29
C VAL FE 1011 58.53 -8.16 -58.63
N GLY FE 1012 59.57 -8.74 -58.04
CA GLY FE 1012 59.36 -9.99 -57.32
C GLY FE 1012 58.49 -9.84 -56.08
N LYS FE 1013 58.69 -8.75 -55.32
CA LYS FE 1013 58.07 -8.63 -54.01
C LYS FE 1013 56.57 -8.38 -54.10
N ALA FE 1014 56.15 -7.47 -54.97
CA ALA FE 1014 54.73 -7.15 -55.09
C ALA FE 1014 53.95 -8.33 -55.63
N TRP FE 1015 54.50 -9.01 -56.63
CA TRP FE 1015 53.85 -10.22 -57.13
C TRP FE 1015 53.94 -11.35 -56.10
N SER FE 1016 54.94 -11.33 -55.21
CA SER FE 1016 55.02 -12.34 -54.15
C SER FE 1016 53.91 -12.16 -53.13
N GLN FE 1017 53.68 -10.92 -52.68
CA GLN FE 1017 52.61 -10.70 -51.71
C GLN FE 1017 51.24 -10.88 -52.35
N GLN FE 1018 51.09 -10.51 -53.62
CA GLN FE 1018 49.83 -10.79 -54.32
C GLN FE 1018 49.62 -12.28 -54.54
N ALA FE 1019 50.70 -13.02 -54.75
CA ALA FE 1019 50.59 -14.46 -54.94
C ALA FE 1019 50.24 -15.18 -53.65
N GLN FE 1020 50.81 -14.75 -52.51
CA GLN FE 1020 50.40 -15.30 -51.24
C GLN FE 1020 48.98 -14.89 -50.91
N GLN FE 1021 48.55 -13.72 -51.41
CA GLN FE 1021 47.15 -13.32 -51.30
C GLN FE 1021 46.24 -14.25 -52.10
N LEU FE 1022 46.66 -14.68 -53.28
CA LEU FE 1022 45.80 -15.48 -54.15
C LEU FE 1022 46.06 -16.98 -54.06
N PHE FE 1023 46.94 -17.42 -53.16
CA PHE FE 1023 47.31 -18.83 -53.12
C PHE FE 1023 46.19 -19.71 -52.58
N ASN FE 1024 45.22 -19.12 -51.91
CA ASN FE 1024 44.24 -19.84 -51.10
C ASN FE 1024 43.11 -20.48 -51.91
N THR FE 1025 43.06 -20.31 -53.22
CA THR FE 1025 41.91 -20.83 -53.97
C THR FE 1025 42.05 -22.33 -54.20
N PRO FE 1026 41.06 -23.14 -53.81
CA PRO FE 1026 41.17 -24.60 -53.90
C PRO FE 1026 40.80 -25.12 -55.28
N THR FE 1027 40.70 -26.45 -55.37
CA THR FE 1027 40.34 -27.17 -56.59
C THR FE 1027 38.88 -27.54 -56.56
N THR FE 1028 38.19 -27.34 -57.68
CA THR FE 1028 36.76 -27.59 -57.77
C THR FE 1028 36.48 -29.00 -58.30
N VAL FE 1029 35.25 -29.48 -58.07
CA VAL FE 1029 34.73 -30.68 -58.72
C VAL FE 1029 33.49 -30.27 -59.50
N GLU FE 1030 32.95 -31.22 -60.27
CA GLU FE 1030 31.80 -30.96 -61.11
C GLU FE 1030 31.08 -32.26 -61.43
N VAL FE 1031 29.76 -32.28 -61.21
CA VAL FE 1031 28.97 -33.46 -61.57
C VAL FE 1031 28.85 -33.55 -63.08
N TYR FE 1032 28.38 -34.71 -63.55
CA TYR FE 1032 28.35 -35.01 -64.98
C TYR FE 1032 26.92 -35.02 -65.52
N SER FE 1033 26.80 -34.68 -66.80
CA SER FE 1033 25.50 -34.47 -67.44
C SER FE 1033 24.90 -35.74 -68.03
N GLY FE 1034 25.53 -36.89 -67.84
CA GLY FE 1034 24.95 -38.12 -68.29
C GLY FE 1034 25.22 -39.28 -67.35
N THR FE 1035 25.54 -38.97 -66.11
CA THR FE 1035 25.90 -39.98 -65.11
C THR FE 1035 24.84 -39.99 -64.03
N GLY FE 1036 24.25 -41.15 -63.78
CA GLY FE 1036 23.23 -41.30 -62.77
C GLY FE 1036 23.81 -41.38 -61.37
N LEU FE 1037 22.93 -41.72 -60.42
CA LEU FE 1037 23.33 -41.89 -59.03
C LEU FE 1037 22.34 -42.81 -58.34
N GLY FE 1038 22.74 -43.32 -57.18
CA GLY FE 1038 21.91 -44.20 -56.39
C GLY FE 1038 21.56 -43.59 -55.05
N ILE FE 1039 20.36 -43.92 -54.57
CA ILE FE 1039 19.76 -43.31 -53.39
C ILE FE 1039 19.42 -44.41 -52.40
N LEU FE 1040 20.07 -44.40 -51.24
CA LEU FE 1040 19.75 -45.35 -50.18
C LEU FE 1040 18.92 -44.64 -49.11
N PHE FE 1041 17.75 -45.20 -48.82
CA PHE FE 1041 16.68 -44.52 -48.09
C PHE FE 1041 17.05 -44.31 -46.62
N THR FE 1042 16.35 -43.37 -45.99
CA THR FE 1042 16.61 -42.97 -44.60
C THR FE 1042 15.39 -43.14 -43.70
N GLN FE 1043 14.20 -42.78 -44.16
CA GLN FE 1043 13.02 -42.79 -43.33
C GLN FE 1043 11.86 -43.42 -44.08
N ASP FE 1044 10.73 -43.50 -43.41
CA ASP FE 1044 9.53 -44.09 -43.97
C ASP FE 1044 8.70 -43.01 -44.69
N VAL FE 1045 8.10 -43.39 -45.81
CA VAL FE 1045 7.16 -42.56 -46.52
C VAL FE 1045 5.94 -43.42 -46.89
N THR FE 1046 4.81 -42.77 -47.11
CA THR FE 1046 3.56 -43.49 -47.35
C THR FE 1046 3.15 -43.43 -48.82
N UNK GE 1 -78.58 79.90 14.91
CA UNK GE 1 -80.01 79.90 15.21
C UNK GE 1 -80.22 80.30 16.66
N UNK GE 2 -79.13 80.52 17.37
CA UNK GE 2 -79.15 80.89 18.77
C UNK GE 2 -78.82 82.37 18.92
N UNK GE 3 -79.52 83.03 19.85
CA UNK GE 3 -79.30 84.44 20.13
C UNK GE 3 -78.36 84.61 21.31
N UNK GE 4 -77.40 85.53 21.17
CA UNK GE 4 -76.40 85.71 22.22
C UNK GE 4 -76.93 86.44 23.43
N UNK GE 5 -78.01 87.21 23.29
CA UNK GE 5 -78.55 87.98 24.42
C UNK GE 5 -79.18 87.07 25.46
N UNK GE 6 -79.95 86.07 25.02
CA UNK GE 6 -80.54 85.11 25.95
C UNK GE 6 -79.47 84.26 26.62
N UNK GE 7 -78.40 83.94 25.89
CA UNK GE 7 -77.27 83.21 26.47
C UNK GE 7 -76.54 84.05 27.51
N UNK GE 8 -76.40 85.36 27.25
CA UNK GE 8 -75.78 86.25 28.22
C UNK GE 8 -76.65 86.39 29.47
N UNK GE 9 -77.97 86.42 29.29
CA UNK GE 9 -78.89 86.47 30.44
C UNK GE 9 -78.82 85.18 31.25
N UNK GE 10 -78.73 84.02 30.58
CA UNK GE 10 -78.59 82.76 31.29
C UNK GE 10 -77.26 82.66 32.01
N UNK GE 11 -76.19 83.20 31.40
CA UNK GE 11 -74.88 83.21 32.05
C UNK GE 11 -74.88 84.13 33.27
N UNK GE 12 -75.56 85.27 33.18
CA UNK GE 12 -75.71 86.16 34.32
C UNK GE 12 -76.52 85.51 35.43
N UNK GE 13 -77.57 84.76 35.07
CA UNK GE 13 -78.36 84.04 36.07
C UNK GE 13 -77.55 82.93 36.74
N UNK GE 14 -76.77 82.19 35.97
CA UNK GE 14 -75.95 81.13 36.54
C UNK GE 14 -74.80 81.67 37.37
N UNK GE 15 -74.30 82.87 37.05
CA UNK GE 15 -73.27 83.49 37.86
C UNK GE 15 -73.86 84.04 39.16
N UNK GE 16 -74.76 85.01 39.05
CA UNK GE 16 -75.42 85.59 40.22
C UNK GE 16 -76.78 84.92 40.46
N UNK GE 17 -76.74 83.60 40.61
CA UNK GE 17 -77.91 82.86 41.04
C UNK GE 17 -78.18 83.02 42.53
N UNK GE 18 -77.20 83.54 43.29
CA UNK GE 18 -77.29 83.78 44.73
C UNK GE 18 -77.59 82.50 45.50
N UNK GE 19 -76.69 81.53 45.38
CA UNK GE 19 -76.87 80.23 46.02
C UNK GE 19 -75.52 79.70 46.46
N UNK GE 20 -75.35 79.52 47.77
CA UNK GE 20 -74.11 78.98 48.32
C UNK GE 20 -74.44 78.40 49.70
N UNK GE 21 -74.28 77.09 49.86
CA UNK GE 21 -74.48 76.40 51.12
C UNK GE 21 -73.34 75.43 51.37
N UNK GE 22 -72.91 75.32 52.61
CA UNK GE 22 -71.79 74.48 52.98
C UNK GE 22 -72.15 73.59 54.16
N UNK GE 23 -71.51 72.42 54.22
CA UNK GE 23 -71.76 71.43 55.27
C UNK GE 23 -70.43 70.79 55.65
N UNK GE 24 -69.79 71.34 56.68
CA UNK GE 24 -68.48 70.85 57.09
C UNK GE 24 -68.62 69.72 58.10
N UNK GE 25 -67.49 69.06 58.35
CA UNK GE 25 -67.45 67.99 59.34
C UNK GE 25 -66.03 67.89 59.90
N UNK GE 26 -65.91 67.22 61.03
CA UNK GE 26 -64.65 66.94 61.69
C UNK GE 26 -64.22 65.50 61.39
N UNK GE 27 -63.13 65.08 62.03
CA UNK GE 27 -62.56 63.76 61.74
C UNK GE 27 -63.37 62.63 62.34
N UNK GE 28 -64.10 62.88 63.43
CA UNK GE 28 -64.87 61.86 64.11
C UNK GE 28 -66.33 61.86 63.70
N UNK GE 29 -66.60 62.18 62.42
CA UNK GE 29 -67.94 62.20 61.81
C UNK GE 29 -68.90 63.14 62.54
N UNK GE 30 -68.37 64.27 63.03
CA UNK GE 30 -69.17 65.31 63.65
C UNK GE 30 -69.42 66.38 62.59
N UNK GE 31 -70.67 66.48 62.14
CA UNK GE 31 -71.01 67.32 60.99
C UNK GE 31 -71.88 68.49 61.41
N UNK GE 32 -71.65 69.63 60.77
CA UNK GE 32 -72.47 70.82 60.96
C UNK GE 32 -72.48 71.61 59.67
N UNK GE 33 -73.65 72.13 59.31
CA UNK GE 33 -73.84 72.86 58.06
C UNK GE 33 -74.02 74.34 58.36
N UNK GE 34 -73.35 75.18 57.58
CA UNK GE 34 -73.45 76.62 57.74
C UNK GE 34 -74.75 77.14 57.14
N UNK GE 35 -75.07 78.39 57.46
CA UNK GE 35 -76.24 79.04 56.90
C UNK GE 35 -76.03 79.35 55.43
N UNK GE 36 -77.06 79.13 54.62
CA UNK GE 36 -76.96 79.39 53.19
C UNK GE 36 -76.97 80.88 52.93
N UNK GE 37 -75.80 81.43 52.60
CA UNK GE 37 -75.63 82.84 52.33
C UNK GE 37 -75.29 83.03 50.87
N UNK GE 38 -75.26 84.29 50.44
CA UNK GE 38 -75.03 84.74 49.05
C UNK GE 38 -75.96 84.06 48.06
N UNK GE 39 -62.96 66.54 55.62
CA UNK GE 39 -64.35 66.97 55.44
C UNK GE 39 -64.58 68.36 56.03
N UNK GE 40 -63.48 69.00 56.45
CA UNK GE 40 -63.56 70.36 56.96
C UNK GE 40 -63.87 71.34 55.84
N UNK GE 41 -63.13 71.25 54.73
CA UNK GE 41 -63.37 72.08 53.56
C UNK GE 41 -63.42 71.14 52.35
N UNK GE 42 -64.59 70.57 52.10
CA UNK GE 42 -64.79 69.70 50.95
C UNK GE 42 -65.34 70.51 49.79
N UNK GE 43 -64.96 70.10 48.58
CA UNK GE 43 -65.48 70.75 47.38
C UNK GE 43 -66.97 70.48 47.22
N UNK GE 44 -67.41 69.28 47.58
CA UNK GE 44 -68.83 68.96 47.54
C UNK GE 44 -69.59 69.51 48.73
N UNK GE 45 -68.89 69.95 49.78
CA UNK GE 45 -69.58 70.63 50.89
C UNK GE 45 -70.14 71.97 50.41
N UNK GE 46 -69.30 72.78 49.78
CA UNK GE 46 -69.78 74.00 49.14
C UNK GE 46 -70.63 73.65 47.93
N UNK GE 47 -71.75 74.34 47.78
CA UNK GE 47 -72.70 73.99 46.72
C UNK GE 47 -73.43 75.27 46.29
N UNK GE 48 -74.53 75.09 45.58
CA UNK GE 48 -75.34 76.21 45.13
C UNK GE 48 -76.80 75.78 45.03
N LYS HE 24 64.06 107.52 65.17
CA LYS HE 24 64.10 107.60 63.72
C LYS HE 24 62.87 106.97 63.10
N PHE HE 25 62.75 105.66 63.29
CA PHE HE 25 61.73 104.89 62.57
C PHE HE 25 60.34 105.12 63.17
N LYS HE 26 59.38 105.27 62.28
CA LYS HE 26 57.98 105.44 62.65
C LYS HE 26 57.16 104.47 61.82
N LYS HE 27 56.21 103.80 62.46
CA LYS HE 27 55.56 102.87 61.57
C LYS HE 27 54.17 103.36 61.19
N PRO HE 28 53.74 103.08 59.97
CA PRO HE 28 52.32 103.18 59.64
C PRO HE 28 51.57 102.01 60.25
N PRO HE 29 50.24 102.06 60.32
CA PRO HE 29 49.48 100.89 60.78
C PRO HE 29 49.68 99.70 59.86
N ILE HE 30 49.78 98.51 60.48
CA ILE HE 30 49.92 97.28 59.71
C ILE HE 30 48.64 96.99 58.94
N ASN HE 31 47.51 97.07 59.63
CA ASN HE 31 46.22 96.97 58.95
C ASN HE 31 45.70 98.35 58.58
N ASN HE 32 46.52 99.12 57.88
CA ASN HE 32 46.10 100.44 57.44
C ASN HE 32 45.19 100.33 56.24
N PRO HE 33 44.06 101.00 56.25
CA PRO HE 33 43.24 101.09 55.03
C PRO HE 33 43.89 101.99 54.00
N SER HE 34 44.86 101.46 53.24
CA SER HE 34 45.58 102.24 52.24
C SER HE 34 45.00 102.07 50.86
N ASP HE 35 43.69 101.86 50.75
CA ASP HE 35 43.07 101.68 49.44
C ASP HE 35 41.72 102.38 49.40
N ASP HE 36 41.40 102.90 48.22
CA ASP HE 36 40.17 103.67 48.02
C ASP HE 36 38.93 102.84 48.23
N ALA HE 37 38.96 101.56 47.85
CA ALA HE 37 37.82 100.70 48.12
C ALA HE 37 37.73 100.41 49.61
N THR HE 38 38.87 100.19 50.26
CA THR HE 38 38.87 99.77 51.65
C THR HE 38 38.40 100.88 52.57
N ILE HE 39 38.76 102.13 52.26
CA ILE HE 39 38.34 103.23 53.12
C ILE HE 39 36.83 103.43 53.01
N LYS HE 40 36.28 103.22 51.81
CA LYS HE 40 34.84 103.27 51.62
C LYS HE 40 34.15 102.16 52.39
N LEU HE 41 34.74 100.96 52.37
CA LEU HE 41 34.20 99.84 53.14
C LEU HE 41 34.22 100.11 54.64
N ALA HE 42 35.31 100.68 55.13
CA ALA HE 42 35.44 100.90 56.56
C ALA HE 42 34.52 102.00 57.04
N GLU HE 43 34.36 103.08 56.26
CA GLU HE 43 33.41 104.10 56.67
C GLU HE 43 31.97 103.60 56.56
N ALA HE 44 31.70 102.71 55.59
CA ALA HE 44 30.39 102.09 55.52
C ALA HE 44 30.14 101.24 56.77
N ALA HE 45 31.17 100.55 57.24
CA ALA HE 45 31.05 99.76 58.46
C ALA HE 45 30.78 100.65 59.67
N VAL HE 46 31.46 101.80 59.72
CA VAL HE 46 31.23 102.76 60.80
C VAL HE 46 29.78 103.26 60.79
N SER HE 47 29.29 103.59 59.58
CA SER HE 47 27.93 104.10 59.43
C SER HE 47 26.90 103.06 59.84
N VAL HE 48 27.06 101.82 59.38
CA VAL HE 48 26.05 100.82 59.69
C VAL HE 48 26.13 100.41 61.16
N SER HE 49 27.32 100.48 61.76
CA SER HE 49 27.44 100.18 63.18
C SER HE 49 26.72 101.23 64.02
N ASP HE 50 26.92 102.50 63.68
CA ASP HE 50 26.27 103.57 64.44
C ASP HE 50 24.76 103.54 64.25
N SER HE 51 24.31 103.28 63.02
CA SER HE 51 22.88 103.24 62.73
C SER HE 51 22.20 102.10 63.46
N MET HE 52 22.77 100.90 63.38
CA MET HE 52 22.19 99.75 64.07
C MET HE 52 22.26 99.91 65.59
N LEU HE 53 23.33 100.56 66.08
CA LEU HE 53 23.48 100.80 67.51
C LEU HE 53 22.38 101.71 68.04
N GLU HE 54 22.14 102.83 67.37
CA GLU HE 54 21.09 103.72 67.87
C GLU HE 54 19.70 103.14 67.60
N MET HE 55 19.57 102.27 66.60
CA MET HE 55 18.32 101.56 66.39
C MET HE 55 17.99 100.65 67.56
N ALA HE 56 18.98 99.88 68.01
CA ALA HE 56 18.78 99.02 69.16
C ALA HE 56 18.58 99.83 70.44
N LYS HE 57 19.28 100.97 70.54
CA LYS HE 57 19.13 101.85 71.70
C LYS HE 57 17.71 102.41 71.79
N VAL HE 58 17.15 102.83 70.66
CA VAL HE 58 15.78 103.33 70.69
C VAL HE 58 14.77 102.20 70.76
N GLU HE 59 15.17 100.96 70.47
CA GLU HE 59 14.24 99.86 70.58
C GLU HE 59 14.20 99.25 71.97
N LYS HE 60 15.26 99.39 72.76
CA LYS HE 60 15.33 98.71 74.05
C LYS HE 60 14.46 99.42 75.08
N VAL HE 61 13.76 98.63 75.88
CA VAL HE 61 12.85 99.14 76.89
C VAL HE 61 13.37 98.70 78.26
N ILE HE 62 13.50 99.66 79.18
CA ILE HE 62 14.07 99.40 80.49
C ILE HE 62 13.19 100.03 81.57
N THR HE 63 13.33 99.51 82.80
CA THR HE 63 12.60 99.92 83.99
C THR HE 63 13.48 100.73 84.92
N PRO HE 64 12.93 101.74 85.59
CA PRO HE 64 13.71 102.50 86.55
C PRO HE 64 13.98 101.67 87.79
N PRO HE 65 15.08 101.95 88.52
CA PRO HE 65 15.34 101.23 89.77
C PRO HE 65 14.33 101.54 90.86
N SER HE 66 13.64 102.67 90.77
CA SER HE 66 12.56 102.99 91.69
C SER HE 66 11.39 102.02 91.55
N LYS HE 67 11.23 101.40 90.38
CA LYS HE 67 10.18 100.41 90.19
C LYS HE 67 10.76 99.01 90.01
N ASP HE 68 11.95 98.77 90.52
CA ASP HE 68 12.58 97.45 90.40
C ASP HE 68 11.86 96.48 91.33
N ASN HE 69 10.97 95.67 90.77
CA ASN HE 69 10.19 94.72 91.55
C ASN HE 69 11.03 93.47 91.73
N THR HE 70 11.86 93.47 92.78
CA THR HE 70 12.61 92.29 93.16
C THR HE 70 12.86 92.31 94.65
N LEU HE 71 13.15 91.13 95.19
CA LEU HE 71 13.52 91.02 96.59
C LEU HE 71 14.93 91.55 96.79
N THR HE 72 15.11 92.38 97.81
CA THR HE 72 16.39 92.99 98.09
C THR HE 72 17.10 92.22 99.19
N ILE HE 73 18.22 92.77 99.64
CA ILE HE 73 19.08 92.12 100.63
C ILE HE 73 18.62 92.56 102.02
N PRO HE 74 18.21 91.64 102.90
CA PRO HE 74 17.74 92.04 104.23
C PRO HE 74 18.84 92.43 105.19
N ASN HE 75 20.11 92.14 104.87
CA ASN HE 75 21.28 92.45 105.70
C ASN HE 75 21.18 91.84 107.10
N ALA HE 76 20.69 90.62 107.17
CA ALA HE 76 20.68 89.88 108.42
C ALA HE 76 21.93 89.02 108.50
N TYR HE 77 22.39 88.78 109.74
CA TYR HE 77 23.67 88.11 109.92
C TYR HE 77 23.60 86.63 109.58
N ASN HE 78 22.46 85.99 109.83
CA ASN HE 78 22.34 84.56 109.56
C ASN HE 78 22.33 84.24 108.07
N LEU HE 79 22.05 85.22 107.23
CA LEU HE 79 22.03 85.00 105.79
C LEU HE 79 23.38 85.20 105.15
N GLN HE 80 24.43 85.41 105.96
CA GLN HE 80 25.74 85.70 105.42
C GLN HE 80 26.61 84.45 105.30
N ALA HE 81 26.06 83.28 105.56
CA ALA HE 81 26.80 82.05 105.37
C ALA HE 81 26.94 81.73 103.89
N ARG HE 82 27.90 80.85 103.58
CA ARG HE 82 28.17 80.44 102.23
C ARG HE 82 27.68 79.01 102.01
N ALA HE 83 27.26 78.73 100.78
CA ALA HE 83 26.61 77.45 100.50
C ALA HE 83 26.88 77.00 99.08
N SER HE 84 26.74 75.68 98.88
CA SER HE 84 26.78 75.07 97.56
C SER HE 84 25.49 74.29 97.38
N VAL HE 85 24.84 74.49 96.24
CA VAL HE 85 23.56 73.87 95.95
C VAL HE 85 23.55 73.33 94.53
N ASP HE 86 22.72 72.31 94.30
CA ASP HE 86 22.48 71.82 92.96
C ASP HE 86 21.07 71.24 92.96
N TRP HE 87 20.12 72.03 92.48
CA TRP HE 87 18.70 71.67 92.52
C TRP HE 87 18.08 71.85 91.15
N SER HE 88 17.14 70.96 90.82
CA SER HE 88 16.35 71.11 89.61
C SER HE 88 14.97 70.54 89.91
N GLY HE 89 14.04 71.41 90.27
CA GLY HE 89 12.69 70.98 90.59
C GLY HE 89 11.88 72.06 91.28
N PRO HE 90 10.94 71.65 92.14
CA PRO HE 90 10.07 72.62 92.82
C PRO HE 90 10.80 73.48 93.83
N ILE HE 91 10.08 74.43 94.42
CA ILE HE 91 10.70 75.58 95.07
C ILE HE 91 10.46 75.58 96.58
N GLU HE 92 9.25 75.20 97.02
CA GLU HE 92 8.83 75.52 98.38
C GLU HE 92 9.52 74.64 99.41
N GLU HE 93 9.75 73.37 99.09
CA GLU HE 93 10.50 72.49 99.98
C GLU HE 93 11.98 72.89 100.03
N LEU HE 94 12.50 73.38 98.91
CA LEU HE 94 13.88 73.84 98.85
C LEU HE 94 14.08 75.06 99.73
N THR HE 95 13.17 76.03 99.63
CA THR HE 95 13.35 77.24 100.43
C THR HE 95 12.99 77.01 101.89
N ALA HE 96 12.08 76.06 102.17
CA ALA HE 96 11.79 75.72 103.56
C ALA HE 96 12.99 75.07 104.22
N ARG HE 97 13.66 74.16 103.52
CA ARG HE 97 14.84 73.55 104.11
C ARG HE 97 16.01 74.52 104.15
N ILE HE 98 16.03 75.51 103.24
CA ILE HE 98 17.01 76.57 103.31
C ILE HE 98 16.81 77.42 104.56
N ALA HE 99 15.55 77.75 104.87
CA ALA HE 99 15.25 78.46 106.10
C ALA HE 99 15.58 77.63 107.34
N LYS HE 100 15.39 76.32 107.24
CA LYS HE 100 15.76 75.42 108.33
C LYS HE 100 17.27 75.44 108.55
N ALA HE 101 18.04 75.52 107.47
CA ALA HE 101 19.48 75.74 107.61
C ALA HE 101 19.77 77.13 108.18
N ALA HE 102 18.90 78.08 107.89
CA ALA HE 102 19.10 79.47 108.30
C ALA HE 102 18.59 79.78 109.70
N HIS HE 103 18.00 78.79 110.38
CA HIS HE 103 17.37 78.95 111.71
C HIS HE 103 16.28 80.00 111.67
N PHE HE 104 15.53 80.03 110.57
CA PHE HE 104 14.42 80.95 110.37
C PHE HE 104 13.14 80.15 110.19
N ARG HE 105 12.05 80.71 110.70
CA ARG HE 105 10.78 80.02 110.52
C ARG HE 105 10.26 80.27 109.11
N PHE HE 106 9.39 79.37 108.66
CA PHE HE 106 8.95 79.34 107.28
C PHE HE 106 7.44 79.31 107.26
N ARG HE 107 6.84 80.09 106.37
CA ARG HE 107 5.38 80.01 106.24
C ARG HE 107 4.97 80.29 104.80
N VAL HE 108 3.74 79.86 104.49
CA VAL HE 108 3.19 79.92 103.14
C VAL HE 108 1.81 80.53 103.21
N LEU HE 109 1.56 81.55 102.39
CA LEU HE 109 0.23 82.10 102.18
C LEU HE 109 -0.20 81.83 100.75
N GLY HE 110 -1.44 81.38 100.60
CA GLY HE 110 -1.97 81.02 99.30
C GLY HE 110 -2.24 79.54 99.20
N LYS HE 111 -2.04 78.97 98.02
CA LYS HE 111 -2.27 77.55 97.78
C LYS HE 111 -1.42 77.14 96.59
N SER HE 112 -0.86 75.94 96.67
CA SER HE 112 0.01 75.53 95.59
C SER HE 112 -0.80 75.09 94.37
N PRO HE 113 -0.39 75.49 93.18
CA PRO HE 113 -1.10 75.05 91.97
C PRO HE 113 -0.84 73.59 91.63
N SER HE 114 -1.46 73.11 90.56
CA SER HE 114 -1.37 71.70 90.21
C SER HE 114 0.03 71.35 89.68
N VAL HE 115 0.42 71.95 88.58
CA VAL HE 115 1.79 71.78 88.10
C VAL HE 115 2.67 72.70 88.92
N PRO HE 116 3.67 72.18 89.61
CA PRO HE 116 4.49 73.02 90.49
C PRO HE 116 5.46 73.87 89.69
N VAL HE 117 5.81 75.00 90.28
CA VAL HE 117 6.77 75.91 89.66
C VAL HE 117 8.17 75.35 89.86
N LEU HE 118 8.95 75.31 88.79
CA LEU HE 118 10.22 74.59 88.77
C LEU HE 118 11.37 75.55 88.54
N ILE HE 119 12.43 75.39 89.32
CA ILE HE 119 13.66 76.17 89.16
C ILE HE 119 14.84 75.23 89.27
N SER HE 120 15.98 75.69 88.78
CA SER HE 120 17.22 74.92 88.82
C SER HE 120 18.36 75.86 89.15
N ILE HE 121 19.04 75.60 90.26
CA ILE HE 121 20.11 76.47 90.76
C ILE HE 121 21.30 75.58 91.11
N SER HE 122 22.45 75.89 90.51
CA SER HE 122 23.67 75.11 90.69
C SER HE 122 24.83 76.05 90.93
N THR HE 123 25.27 76.15 92.18
CA THR HE 123 26.32 77.08 92.56
C THR HE 123 27.16 76.50 93.68
N LYS HE 124 28.35 77.08 93.85
CA LYS HE 124 29.39 76.51 94.69
C LYS HE 124 29.71 77.35 95.93
N ASP HE 125 30.04 78.61 95.77
CA ASP HE 125 30.43 79.40 96.93
C ASP HE 125 29.89 80.81 96.77
N GLU HE 126 28.70 81.03 97.33
CA GLU HE 126 28.13 82.36 97.44
C GLU HE 126 27.12 82.30 98.59
N SER HE 127 26.43 83.41 98.82
CA SER HE 127 25.64 83.54 100.04
C SER HE 127 24.15 83.37 99.78
N LEU HE 128 23.44 83.16 100.90
CA LEU HE 128 22.04 82.84 100.86
C LEU HE 128 21.19 84.02 100.43
N ALA HE 129 21.70 85.26 100.60
CA ALA HE 129 20.97 86.43 100.16
C ALA HE 129 20.80 86.44 98.65
N GLU HE 130 21.88 86.28 97.91
CA GLU HE 130 21.77 86.21 96.47
C GLU HE 130 21.20 84.88 96.00
N ILE HE 131 21.28 83.84 96.82
CA ILE HE 131 20.54 82.60 96.52
C ILE HE 131 19.04 82.88 96.48
N LEU HE 132 18.52 83.56 97.50
CA LEU HE 132 17.10 83.90 97.52
C LEU HE 132 16.76 84.93 96.45
N ARG HE 133 17.72 85.80 96.12
CA ARG HE 133 17.51 86.75 95.03
C ARG HE 133 17.31 86.02 93.69
N ASP HE 134 18.16 85.03 93.42
CA ASP HE 134 18.03 84.27 92.19
C ASP HE 134 16.76 83.42 92.19
N ILE HE 135 16.37 82.91 93.36
CA ILE HE 135 15.12 82.16 93.47
C ILE HE 135 13.94 83.05 93.16
N ASP HE 136 13.94 84.27 93.70
CA ASP HE 136 12.86 85.21 93.44
C ASP HE 136 12.81 85.62 91.98
N TYR HE 137 13.97 85.85 91.37
CA TYR HE 137 14.01 86.28 89.98
C TYR HE 137 13.56 85.16 89.05
N GLN HE 138 13.98 83.92 89.32
CA GLN HE 138 13.57 82.82 88.47
C GLN HE 138 12.11 82.46 88.69
N ALA HE 139 11.60 82.67 89.92
CA ALA HE 139 10.19 82.46 90.15
C ALA HE 139 9.36 83.53 89.46
N GLY HE 140 9.90 84.74 89.35
CA GLY HE 140 9.23 85.78 88.60
C GLY HE 140 8.02 86.36 89.29
N LYS HE 141 6.83 86.05 88.76
CA LYS HE 141 5.61 86.70 89.21
C LYS HE 141 4.54 85.75 89.71
N LYS HE 142 4.75 84.44 89.64
CA LYS HE 142 3.75 83.51 90.15
C LYS HE 142 3.73 83.48 91.67
N ALA HE 143 4.87 83.77 92.29
CA ALA HE 143 4.96 83.76 93.75
C ALA HE 143 6.06 84.73 94.18
N SER HE 144 6.00 85.10 95.44
CA SER HE 144 6.92 86.05 96.03
C SER HE 144 7.52 85.45 97.29
N ILE HE 145 8.67 85.97 97.67
CA ILE HE 145 9.36 85.56 98.88
C ILE HE 145 9.69 86.81 99.67
N HIS HE 146 9.33 86.81 100.95
CA HIS HE 146 9.59 87.94 101.82
C HIS HE 146 10.36 87.50 103.05
N VAL HE 147 11.16 88.41 103.58
CA VAL HE 147 11.97 88.16 104.77
C VAL HE 147 11.56 89.16 105.83
N TYR HE 148 11.21 88.66 107.01
CA TYR HE 148 11.05 89.52 108.16
C TYR HE 148 12.18 89.23 109.14
N PRO HE 149 13.09 90.18 109.34
CA PRO HE 149 14.24 89.96 110.23
C PRO HE 149 14.02 90.40 111.67
N ASN HE 150 12.87 90.99 111.99
CA ASN HE 150 12.54 91.31 113.37
C ASN HE 150 12.00 90.09 114.10
N SER HE 151 11.00 89.44 113.52
CA SER HE 151 10.58 88.11 113.92
C SER HE 151 11.06 87.19 112.80
N GLN HE 152 12.03 86.33 113.10
CA GLN HE 152 12.94 85.77 112.09
C GLN HE 152 12.21 84.75 111.24
N VAL HE 153 11.49 85.25 110.23
CA VAL HE 153 10.60 84.42 109.44
C VAL HE 153 10.79 84.74 107.96
N VAL HE 154 10.41 83.77 107.13
CA VAL HE 154 10.34 83.96 105.67
C VAL HE 154 8.97 83.48 105.21
N GLU HE 155 8.50 84.12 104.15
CA GLU HE 155 7.12 83.97 103.69
C GLU HE 155 7.11 83.68 102.20
N LEU HE 156 6.34 82.67 101.81
CA LEU HE 156 6.13 82.29 100.43
C LEU HE 156 4.70 82.66 100.07
N ARG HE 157 4.53 83.60 99.14
CA ARG HE 157 3.24 84.17 98.82
C ARG HE 157 2.84 83.76 97.41
N TYR HE 158 1.79 82.97 97.28
CA TYR HE 158 1.35 82.59 95.94
C TYR HE 158 0.56 83.72 95.30
N ALA HE 159 0.33 83.60 94.01
CA ALA HE 159 -0.61 84.48 93.31
C ALA HE 159 -1.91 83.73 93.04
N LYS HE 160 -2.98 84.49 92.88
CA LYS HE 160 -4.29 83.91 92.60
C LYS HE 160 -4.38 83.43 91.16
N ILE IE 208 7.72 126.65 83.22
CA ILE IE 208 8.81 127.26 82.46
C ILE IE 208 10.15 126.65 82.89
N ILE IE 209 10.91 126.16 81.91
CA ILE IE 209 12.20 125.54 82.18
C ILE IE 209 13.22 126.63 82.41
N TYR IE 210 14.18 126.37 83.31
CA TYR IE 210 15.24 127.31 83.61
C TYR IE 210 16.59 126.64 83.37
N TYR IE 211 17.57 127.46 82.96
CA TYR IE 211 18.94 127.00 82.74
C TYR IE 211 19.90 127.92 83.49
N ILE IE 212 21.19 127.62 83.36
CA ILE IE 212 22.25 128.39 83.98
C ILE IE 212 23.29 128.74 82.94
N GLN IE 213 24.00 129.85 83.18
CA GLN IE 213 25.10 130.25 82.32
C GLN IE 213 26.44 130.18 83.05
N ALA IE 214 26.57 130.90 84.16
CA ALA IE 214 27.84 130.96 84.88
C ALA IE 214 27.56 131.01 86.36
N VAL IE 215 28.44 130.40 87.15
CA VAL IE 215 28.22 130.20 88.57
C VAL IE 215 29.44 130.59 89.37
N ILE IE 216 29.21 130.94 90.64
CA ILE IE 216 30.25 131.12 91.64
C ILE IE 216 29.73 130.54 92.94
N PRO IE 217 30.62 130.16 93.88
CA PRO IE 217 30.12 129.73 95.19
C PRO IE 217 29.37 130.83 95.92
N GLY IE 218 28.06 130.64 96.04
CA GLY IE 218 27.20 131.61 96.68
C GLY IE 218 26.28 132.36 95.74
N ARG IE 219 26.81 132.76 94.58
CA ARG IE 219 26.06 133.57 93.63
C ARG IE 219 26.00 132.86 92.29
N ALA IE 220 24.81 132.76 91.73
CA ALA IE 220 24.63 132.04 90.48
C ALA IE 220 23.82 132.87 89.49
N TRP IE 221 24.02 132.57 88.22
CA TRP IE 221 23.29 133.23 87.14
C TRP IE 221 22.40 132.20 86.44
N LEU IE 222 21.12 132.54 86.29
CA LEU IE 222 20.12 131.63 85.77
C LEU IE 222 19.40 132.27 84.60
N ILE IE 223 18.99 131.43 83.65
CA ILE IE 223 18.22 131.88 82.50
C ILE IE 223 17.00 130.96 82.36
N GLY IE 224 15.82 131.56 82.22
CA GLY IE 224 14.60 130.82 82.00
C GLY IE 224 14.32 130.63 80.52
N SER IE 225 13.17 129.98 80.25
CA SER IE 225 12.74 129.79 78.87
C SER IE 225 12.25 131.09 78.24
N ASN IE 226 11.84 132.06 79.05
CA ASN IE 226 11.30 133.31 78.58
C ASN IE 226 12.36 134.28 78.08
N GLY IE 227 13.63 134.01 78.31
CA GLY IE 227 14.66 134.95 77.94
C GLY IE 227 14.95 136.00 78.98
N SER IE 228 14.56 135.78 80.23
CA SER IE 228 14.83 136.70 81.32
C SER IE 228 15.90 136.11 82.22
N THR IE 229 16.93 136.90 82.51
CA THR IE 229 18.00 136.45 83.38
C THR IE 229 17.64 136.65 84.85
N LEU IE 230 18.40 136.01 85.73
CA LEU IE 230 18.21 136.18 87.16
C LEU IE 230 19.53 135.91 87.88
N THR IE 231 19.89 136.80 88.79
CA THR IE 231 21.03 136.59 89.66
C THR IE 231 20.53 136.14 91.02
N VAL IE 232 20.95 134.94 91.44
CA VAL IE 232 20.41 134.31 92.62
C VAL IE 232 21.51 134.14 93.66
N ARG IE 233 21.10 134.12 94.92
CA ARG IE 233 21.96 133.98 96.08
C ARG IE 233 22.00 132.52 96.51
N GLU IE 234 22.58 132.27 97.69
CA GLU IE 234 22.59 130.90 98.20
C GLU IE 234 21.21 130.48 98.70
N GLY IE 235 20.62 131.29 99.58
CA GLY IE 235 19.27 130.99 100.03
C GLY IE 235 18.29 132.02 99.51
N SER IE 236 17.48 131.63 98.53
CA SER IE 236 16.60 132.58 97.87
C SER IE 236 15.47 131.80 97.20
N LYS IE 237 14.42 132.53 96.85
CA LYS IE 237 13.20 131.93 96.31
C LYS IE 237 13.19 132.03 94.79
N ILE IE 238 12.85 130.93 94.13
CA ILE IE 238 12.67 130.94 92.69
C ILE IE 238 11.29 130.39 92.35
N PRO IE 239 10.57 130.98 91.40
CA PRO IE 239 9.22 130.49 91.11
C PRO IE 239 9.25 129.25 90.24
N GLY IE 240 8.37 128.31 90.58
CA GLY IE 240 8.33 127.03 89.90
C GLY IE 240 9.27 125.99 90.47
N TYR IE 241 10.18 126.38 91.36
CA TYR IE 241 11.07 125.45 92.04
C TYR IE 241 11.20 125.70 93.54
N GLY IE 242 10.74 126.83 94.03
CA GLY IE 242 10.71 127.08 95.47
C GLY IE 242 11.95 127.83 95.94
N MET IE 243 12.65 127.24 96.91
CA MET IE 243 13.77 127.87 97.59
C MET IE 243 15.08 127.23 97.15
N VAL IE 244 16.07 128.06 96.84
CA VAL IE 244 17.40 127.55 96.54
C VAL IE 244 18.00 127.00 97.83
N LYS IE 245 18.39 125.73 97.80
CA LYS IE 245 18.86 125.06 99.01
C LYS IE 245 20.37 124.90 99.04
N LEU IE 246 20.99 124.45 97.96
CA LEU IE 246 22.44 124.29 97.95
C LEU IE 246 22.96 124.49 96.54
N ILE IE 247 24.10 125.18 96.43
CA ILE IE 247 24.74 125.50 95.17
C ILE IE 247 26.07 124.78 95.12
N ASP IE 248 26.27 123.95 94.10
CA ASP IE 248 27.52 123.24 93.90
C ASP IE 248 28.21 123.83 92.68
N SER IE 249 29.50 124.09 92.81
CA SER IE 249 30.29 124.59 91.70
C SER IE 249 30.95 123.47 90.92
N LEU IE 250 31.49 122.48 91.62
CA LEU IE 250 32.16 121.36 90.94
C LEU IE 250 31.16 120.49 90.21
N GLN IE 251 30.09 120.10 90.88
CA GLN IE 251 28.96 119.46 90.23
C GLN IE 251 28.09 120.59 89.67
N GLY IE 252 28.06 120.71 88.35
CA GLY IE 252 27.43 121.86 87.73
C GLY IE 252 25.92 121.85 87.71
N ARG IE 253 25.30 121.80 88.89
CA ARG IE 253 23.84 121.80 88.99
C ARG IE 253 23.47 122.32 90.36
N ILE IE 254 22.21 122.74 90.49
CA ILE IE 254 21.71 123.32 91.73
C ILE IE 254 20.40 122.63 92.10
N LEU IE 255 20.32 122.16 93.33
CA LEU IE 255 19.12 121.54 93.88
C LEU IE 255 18.15 122.59 94.41
N THR IE 256 16.87 122.26 94.39
CA THR IE 256 15.79 123.15 94.78
C THR IE 256 15.08 122.61 96.02
N SER IE 257 14.25 123.47 96.61
CA SER IE 257 13.40 123.03 97.71
C SER IE 257 12.26 122.14 97.24
N SER IE 258 11.94 122.19 95.95
CA SER IE 258 11.00 121.24 95.36
C SER IE 258 11.64 119.90 95.07
N GLY IE 259 12.94 119.75 95.32
CA GLY IE 259 13.67 118.56 94.96
C GLY IE 259 14.17 118.53 93.54
N GLN IE 260 13.84 119.54 92.75
CA GLN IE 260 14.28 119.58 91.37
C GLN IE 260 15.75 119.96 91.29
N VAL IE 261 16.31 119.80 90.10
CA VAL IE 261 17.72 120.11 89.86
C VAL IE 261 17.84 120.86 88.55
N ILE IE 262 18.49 122.01 88.58
CA ILE IE 262 18.72 122.81 87.38
C ILE IE 262 20.16 122.64 86.94
N LYS IE 263 20.35 122.33 85.67
CA LYS IE 263 21.66 122.10 85.07
C LYS IE 263 21.85 123.02 83.87
N PHE IE 264 22.92 122.81 83.11
CA PHE IE 264 23.16 123.58 81.90
C PHE IE 264 22.29 123.07 80.76
N SER IE 265 22.49 123.64 79.58
CA SER IE 265 21.75 123.27 78.38
C SER IE 265 22.68 122.61 77.37
N GLN IE 266 22.12 122.19 76.24
CA GLN IE 266 22.88 121.56 75.18
C GLN IE 266 22.73 122.32 73.87
N GLN JE 791 -81.09 27.03 84.56
CA GLN JE 791 -81.64 25.79 85.11
C GLN JE 791 -81.45 24.63 84.13
N GLN JE 792 -82.16 24.69 83.01
CA GLN JE 792 -82.03 23.72 81.94
C GLN JE 792 -81.04 24.14 80.88
N GLU JE 793 -80.49 25.36 81.00
CA GLU JE 793 -79.53 25.90 80.05
C GLU JE 793 -78.11 25.93 80.61
N ILE JE 794 -77.90 25.32 81.77
CA ILE JE 794 -76.59 25.35 82.42
C ILE JE 794 -75.56 24.57 81.60
N GLN JE 795 -75.96 23.42 81.07
CA GLN JE 795 -75.07 22.58 80.27
C GLN JE 795 -74.77 23.18 78.91
N GLN JE 796 -75.52 24.20 78.48
CA GLN JE 796 -75.32 24.80 77.17
C GLN JE 796 -73.97 25.49 77.07
N ARG JE 797 -73.54 26.15 78.15
CA ARG JE 797 -72.23 26.77 78.15
C ARG JE 797 -71.13 25.72 78.21
N THR JE 798 -71.42 24.57 78.83
CA THR JE 798 -70.43 23.51 78.96
C THR JE 798 -70.10 22.89 77.61
N SER JE 799 -71.01 23.00 76.64
CA SER JE 799 -70.67 22.68 75.26
C SER JE 799 -69.58 23.61 74.74
N ASP JE 800 -69.68 24.90 75.09
CA ASP JE 800 -68.70 25.87 74.62
C ASP JE 800 -67.37 25.73 75.35
N MET JE 801 -67.41 25.18 76.56
CA MET JE 801 -66.16 24.93 77.27
C MET JE 801 -65.38 23.79 76.63
N LEU JE 802 -66.10 22.79 76.12
CA LEU JE 802 -65.46 21.57 75.62
C LEU JE 802 -64.68 21.83 74.35
N THR JE 803 -65.26 22.63 73.44
CA THR JE 803 -64.54 22.97 72.22
C THR JE 803 -63.37 23.88 72.50
N ALA JE 804 -63.47 24.72 73.55
CA ALA JE 804 -62.35 25.54 73.94
C ALA JE 804 -61.23 24.70 74.52
N ALA JE 805 -61.57 23.74 75.39
CA ALA JE 805 -60.56 22.93 76.05
C ALA JE 805 -59.89 21.97 75.07
N THR JE 806 -60.67 21.37 74.16
CA THR JE 806 -60.11 20.46 73.19
C THR JE 806 -59.24 21.18 72.17
N GLN JE 807 -59.49 22.47 71.96
CA GLN JE 807 -58.58 23.27 71.16
C GLN JE 807 -57.25 23.45 71.87
N LEU JE 808 -57.27 23.58 73.18
CA LEU JE 808 -56.09 24.05 73.90
C LEU JE 808 -55.11 22.95 74.24
N VAL JE 809 -55.55 21.68 74.26
CA VAL JE 809 -54.73 20.62 74.81
C VAL JE 809 -53.55 20.31 73.89
N GLN JE 810 -53.82 20.13 72.60
CA GLN JE 810 -52.81 19.62 71.69
C GLN JE 810 -51.76 20.66 71.32
N ASP JE 811 -52.01 21.94 71.63
CA ASP JE 811 -51.01 22.97 71.42
C ASP JE 811 -49.79 22.74 72.31
N TRP JE 812 -50.04 22.49 73.60
CA TRP JE 812 -48.94 22.16 74.49
C TRP JE 812 -48.40 20.76 74.20
N LYS JE 813 -49.25 19.88 73.67
CA LYS JE 813 -48.75 18.57 73.25
C LYS JE 813 -47.93 18.67 71.97
N GLN JE 814 -48.16 19.70 71.18
CA GLN JE 814 -47.33 19.94 70.01
C GLN JE 814 -45.98 20.51 70.44
N VAL JE 815 -44.92 19.80 70.09
CA VAL JE 815 -43.55 20.22 70.39
C VAL JE 815 -42.71 20.04 69.13
N GLU JE 816 -42.09 21.12 68.67
CA GLU JE 816 -41.13 21.06 67.59
C GLU JE 816 -39.75 20.76 68.15
N THR JE 817 -38.92 20.15 67.33
CA THR JE 817 -37.52 19.94 67.71
C THR JE 817 -36.69 21.12 67.23
N GLN JE 818 -35.37 20.97 67.28
CA GLN JE 818 -34.44 22.01 66.90
C GLN JE 818 -33.68 21.60 65.65
N VAL JE 819 -32.98 22.55 65.04
CA VAL JE 819 -32.23 22.33 63.81
C VAL JE 819 -30.74 22.54 64.09
N TYR JE 820 -29.94 21.53 63.76
CA TYR JE 820 -28.49 21.64 63.80
C TYR JE 820 -28.02 22.21 62.47
N THR JE 821 -27.23 23.28 62.53
CA THR JE 821 -26.83 23.99 61.32
C THR JE 821 -25.33 24.27 61.33
N GLU JE 822 -24.72 24.21 60.15
CA GLU JE 822 -23.29 24.46 59.99
C GLU JE 822 -23.03 25.35 58.78
N GLY JE 823 -21.76 25.45 58.38
CA GLY JE 823 -21.39 26.24 57.24
C GLY JE 823 -19.88 26.33 57.15
N THR JE 824 -19.41 27.15 56.20
CA THR JE 824 -17.98 27.39 56.06
C THR JE 824 -17.68 28.76 55.43
N LYS KE 60 13.95 -30.32 -81.20
CA LYS KE 60 13.06 -31.38 -81.64
C LYS KE 60 11.67 -30.85 -81.94
N GLU KE 61 10.95 -30.58 -80.85
CA GLU KE 61 9.53 -30.32 -80.94
C GLU KE 61 9.23 -28.94 -81.51
N THR KE 62 10.15 -27.97 -81.35
CA THR KE 62 9.95 -26.66 -81.95
C THR KE 62 9.99 -26.74 -83.47
N ALA KE 63 10.99 -27.47 -83.99
CA ALA KE 63 11.07 -27.74 -85.42
C ALA KE 63 9.88 -28.56 -85.89
N LEU KE 64 9.43 -29.50 -85.06
CA LEU KE 64 8.25 -30.30 -85.38
C LEU KE 64 7.00 -29.44 -85.49
N SER KE 65 6.82 -28.51 -84.57
CA SER KE 65 5.62 -27.66 -84.57
C SER KE 65 5.64 -26.67 -85.71
N VAL KE 66 6.81 -26.09 -86.00
CA VAL KE 66 6.84 -25.15 -87.12
C VAL KE 66 6.77 -25.88 -88.45
N GLY KE 67 7.22 -27.13 -88.51
CA GLY KE 67 7.00 -27.93 -89.71
C GLY KE 67 5.53 -28.25 -89.90
N ALA KE 68 4.82 -28.50 -88.79
CA ALA KE 68 3.38 -28.68 -88.84
C ALA KE 68 2.68 -27.42 -89.35
N GLN KE 69 3.14 -26.27 -88.87
CA GLN KE 69 2.58 -24.99 -89.31
C GLN KE 69 2.84 -24.74 -90.78
N ALA KE 70 4.07 -25.03 -91.24
CA ALA KE 70 4.44 -24.78 -92.63
C ALA KE 70 3.68 -25.71 -93.58
N GLY KE 71 3.59 -26.99 -93.22
CA GLY KE 71 2.85 -27.92 -94.05
C GLY KE 71 1.37 -27.62 -94.08
N LEU KE 72 0.81 -27.21 -92.94
CA LEU KE 72 -0.60 -26.83 -92.89
C LEU KE 72 -0.86 -25.62 -93.76
N ALA KE 73 0.01 -24.61 -93.70
CA ALA KE 73 -0.15 -23.42 -94.52
C ALA KE 73 -0.02 -23.73 -95.99
N TRP KE 74 0.96 -24.57 -96.36
CA TRP KE 74 1.16 -24.91 -97.76
C TRP KE 74 -0.02 -25.69 -98.33
N ARG KE 75 -0.51 -26.67 -97.57
CA ARG KE 75 -1.66 -27.44 -98.04
C ARG KE 75 -2.92 -26.59 -98.08
N ALA KE 76 -3.05 -25.64 -97.15
CA ALA KE 76 -4.18 -24.72 -97.18
C ALA KE 76 -4.14 -23.86 -98.43
N LYS KE 77 -2.96 -23.36 -98.78
CA LYS KE 77 -2.82 -22.54 -99.98
C LYS KE 77 -3.10 -23.34 -101.23
N ILE KE 78 -2.61 -24.58 -101.30
CA ILE KE 78 -2.83 -25.43 -102.46
C ILE KE 78 -4.32 -25.76 -102.62
N ILE KE 79 -4.98 -26.10 -101.49
CA ILE KE 79 -6.38 -26.49 -101.54
C ILE KE 79 -7.25 -25.29 -101.89
N ASP KE 80 -6.92 -24.10 -101.38
CA ASP KE 80 -7.71 -22.94 -101.69
C ASP KE 80 -7.52 -22.49 -103.12
N GLU KE 81 -6.30 -22.62 -103.67
CA GLU KE 81 -6.08 -22.30 -105.07
C GLU KE 81 -6.81 -23.27 -105.98
N GLN KE 82 -6.80 -24.56 -105.62
CA GLN KE 82 -7.51 -25.56 -106.42
C GLN KE 82 -9.00 -25.32 -106.37
N LEU KE 83 -9.52 -24.99 -105.19
CA LEU KE 83 -10.93 -24.66 -105.04
C LEU KE 83 -11.28 -23.39 -105.79
N ASN KE 84 -10.35 -22.45 -105.85
CA ASN KE 84 -10.56 -21.20 -106.58
C ASN KE 84 -10.68 -21.45 -108.07
N LYS KE 85 -9.75 -22.24 -108.62
CA LYS KE 85 -9.82 -22.49 -110.05
C LYS KE 85 -10.92 -23.47 -110.40
N GLN KE 86 -11.45 -24.21 -109.44
CA GLN KE 86 -12.65 -25.00 -109.66
C GLN KE 86 -13.83 -24.17 -109.18
N ALA KE 87 -14.21 -23.19 -109.98
CA ALA KE 87 -15.18 -22.18 -109.56
C ALA KE 87 -16.60 -22.52 -110.00
N ARG KE 88 -16.85 -22.58 -111.30
CA ARG KE 88 -18.23 -22.58 -111.77
C ARG KE 88 -18.93 -23.91 -111.58
N ASN KE 89 -18.19 -25.01 -111.66
CA ASN KE 89 -18.79 -26.31 -111.42
C ASN KE 89 -19.22 -26.48 -109.98
N LEU KE 90 -18.52 -25.83 -109.06
CA LEU KE 90 -18.80 -25.96 -107.63
C LEU KE 90 -20.15 -25.36 -107.28
N ASP KE 91 -20.32 -24.06 -107.51
CA ASP KE 91 -21.60 -23.44 -107.21
C ASP KE 91 -22.67 -23.84 -108.21
N ALA KE 92 -22.27 -24.30 -109.39
CA ALA KE 92 -23.25 -24.87 -110.32
C ALA KE 92 -23.86 -26.13 -109.75
N ILE KE 93 -23.03 -26.99 -109.16
CA ILE KE 93 -23.54 -28.23 -108.60
C ILE KE 93 -24.17 -28.01 -107.24
N TYR KE 94 -23.85 -26.92 -106.58
CA TYR KE 94 -24.43 -26.62 -105.27
C TYR KE 94 -25.28 -25.37 -105.38
N ASP KE 95 -26.56 -25.58 -105.66
CA ASP KE 95 -27.54 -24.49 -105.70
C ASP KE 95 -28.42 -24.58 -104.47
N PHE KE 96 -28.83 -23.42 -103.97
CA PHE KE 96 -29.88 -23.36 -102.98
C PHE KE 96 -31.13 -22.67 -103.48
N ASN KE 97 -30.98 -21.72 -104.40
CA ASN KE 97 -32.07 -20.86 -104.84
C ASN KE 97 -33.12 -21.65 -105.61
N SER KE 98 -32.73 -22.73 -106.26
CA SER KE 98 -33.72 -23.64 -106.83
C SER KE 98 -34.54 -24.31 -105.74
N LEU KE 99 -33.92 -24.57 -104.60
CA LEU KE 99 -34.65 -25.19 -103.49
C LEU KE 99 -35.35 -24.19 -102.60
N VAL KE 100 -35.12 -22.89 -102.80
CA VAL KE 100 -35.78 -21.87 -102.00
C VAL KE 100 -37.26 -21.84 -102.38
N LEU KE 101 -38.13 -21.86 -101.37
CA LEU KE 101 -39.56 -21.90 -101.57
C LEU KE 101 -40.08 -20.49 -101.90
N GLU KE 102 -41.41 -20.34 -101.84
CA GLU KE 102 -42.08 -19.18 -102.43
C GLU KE 102 -41.76 -17.88 -101.71
N HIS KE 103 -41.74 -17.90 -100.38
CA HIS KE 103 -41.68 -16.67 -99.61
C HIS KE 103 -40.30 -16.41 -99.02
N ASN KE 104 -39.24 -16.67 -99.81
CA ASN KE 104 -37.85 -16.42 -99.43
C ASN KE 104 -37.48 -17.15 -98.14
N ILE KE 105 -37.84 -18.42 -98.10
CA ILE KE 105 -37.85 -19.20 -96.88
C ILE KE 105 -36.94 -20.40 -97.07
N LEU KE 106 -36.00 -20.58 -96.15
CA LEU KE 106 -35.13 -21.74 -96.18
C LEU KE 106 -35.93 -22.99 -95.85
N PRO KE 107 -35.76 -24.08 -96.60
CA PRO KE 107 -36.44 -25.32 -96.26
C PRO KE 107 -35.86 -25.90 -94.99
N PRO KE 108 -36.63 -26.68 -94.25
CA PRO KE 108 -36.10 -27.34 -93.06
C PRO KE 108 -35.28 -28.56 -93.44
N VAL KE 109 -34.58 -29.11 -92.45
CA VAL KE 109 -33.60 -30.17 -92.66
C VAL KE 109 -34.14 -31.46 -92.06
N LEU KE 110 -34.02 -32.56 -92.80
CA LEU KE 110 -34.56 -33.85 -92.37
C LEU KE 110 -33.50 -34.93 -92.47
N LEU KE 111 -33.52 -35.86 -91.51
CA LEU KE 111 -32.62 -37.00 -91.48
C LEU KE 111 -33.44 -38.28 -91.42
N GLU KE 112 -33.06 -39.24 -92.25
CA GLU KE 112 -33.78 -40.50 -92.39
C GLU KE 112 -32.82 -41.65 -92.20
N GLY KE 113 -33.21 -42.60 -91.36
CA GLY KE 113 -32.40 -43.78 -91.12
C GLY KE 113 -33.20 -45.05 -91.27
N ARG KE 114 -32.49 -46.11 -91.65
CA ARG KE 114 -33.11 -47.39 -91.92
C ARG KE 114 -32.54 -48.47 -91.01
N ASN KE 115 -33.40 -49.42 -90.66
CA ASN KE 115 -33.06 -50.66 -89.96
C ASN KE 115 -32.41 -50.38 -88.60
N THR KE 116 -33.19 -49.77 -87.72
CA THR KE 116 -32.71 -49.33 -86.43
C THR KE 116 -32.93 -50.40 -85.37
N LEU KE 117 -31.96 -50.57 -84.49
CA LEU KE 117 -32.08 -51.48 -83.37
C LEU KE 117 -31.14 -51.02 -82.27
N ASN KE 118 -31.64 -50.99 -81.04
CA ASN KE 118 -30.79 -50.83 -79.88
C ASN KE 118 -31.16 -51.87 -78.85
N LEU KE 119 -30.21 -52.12 -77.95
CA LEU KE 119 -30.43 -52.96 -76.78
C LEU KE 119 -30.32 -52.09 -75.54
N ALA KE 120 -31.35 -52.10 -74.70
CA ALA KE 120 -31.25 -51.36 -73.45
C ALA KE 120 -30.42 -52.14 -72.44
N ASP KE 121 -30.82 -53.37 -72.17
CA ASP KE 121 -30.06 -54.33 -71.39
C ASP KE 121 -30.55 -55.71 -71.81
N ALA KE 122 -30.24 -56.73 -71.00
CA ALA KE 122 -30.81 -58.04 -71.24
C ALA KE 122 -32.32 -58.00 -71.04
N GLN KE 123 -33.01 -58.85 -71.82
CA GLN KE 123 -34.49 -58.95 -71.88
C GLN KE 123 -35.14 -57.62 -72.27
N SER KE 124 -34.43 -56.77 -73.01
CA SER KE 124 -34.96 -55.44 -73.33
C SER KE 124 -34.25 -54.92 -74.59
N ILE KE 125 -34.95 -55.00 -75.72
CA ILE KE 125 -34.45 -54.47 -76.98
C ILE KE 125 -35.53 -53.60 -77.59
N ARG KE 126 -35.14 -52.85 -78.61
CA ARG KE 126 -36.11 -52.03 -79.34
C ARG KE 126 -35.66 -51.93 -80.79
N ILE KE 127 -36.51 -52.37 -81.70
CA ILE KE 127 -36.21 -52.34 -83.11
C ILE KE 127 -37.25 -51.46 -83.81
N SER KE 128 -36.84 -50.93 -84.96
CA SER KE 128 -37.73 -50.18 -85.83
C SER KE 128 -37.15 -50.22 -87.24
N ASP KE 129 -38.02 -49.97 -88.22
CA ASP KE 129 -37.55 -50.05 -89.59
C ASP KE 129 -36.90 -48.75 -90.04
N ARG KE 130 -37.64 -47.65 -90.00
CA ARG KE 130 -37.12 -46.35 -90.40
C ARG KE 130 -37.44 -45.31 -89.34
N THR KE 131 -36.57 -44.31 -89.28
CA THR KE 131 -36.75 -43.18 -88.37
C THR KE 131 -36.53 -41.89 -89.15
N TYR KE 132 -37.23 -40.85 -88.72
CA TYR KE 132 -37.13 -39.53 -89.34
C TYR KE 132 -36.99 -38.48 -88.26
N LYS KE 133 -36.17 -37.47 -88.54
CA LYS KE 133 -35.79 -36.50 -87.52
C LYS KE 133 -35.67 -35.13 -88.16
N VAL KE 134 -36.19 -34.11 -87.49
CA VAL KE 134 -36.02 -32.73 -87.92
C VAL KE 134 -34.73 -32.21 -87.32
N ALA KE 135 -33.82 -31.74 -88.18
CA ALA KE 135 -32.54 -31.21 -87.71
C ALA KE 135 -32.64 -29.73 -87.40
N LYS KE 136 -32.98 -28.92 -88.39
CA LYS KE 136 -33.11 -27.48 -88.21
C LYS KE 136 -34.48 -27.05 -88.69
N GLN KE 137 -35.15 -26.26 -87.87
CA GLN KE 137 -36.43 -25.68 -88.22
C GLN KE 137 -36.28 -24.74 -89.41
N ALA KE 138 -37.26 -24.78 -90.31
CA ALA KE 138 -37.30 -23.83 -91.42
C ALA KE 138 -37.42 -22.41 -90.88
N HIS KE 139 -36.60 -21.52 -91.43
CA HIS KE 139 -36.60 -20.13 -90.99
C HIS KE 139 -36.49 -19.22 -92.21
N PHE KE 140 -36.56 -17.93 -91.94
CA PHE KE 140 -36.48 -16.93 -92.98
C PHE KE 140 -35.05 -16.79 -93.46
N ILE KE 141 -34.91 -16.09 -94.60
CA ILE KE 141 -33.60 -15.82 -95.18
C ILE KE 141 -33.75 -14.59 -96.05
N THR KE 142 -32.62 -13.92 -96.31
CA THR KE 142 -32.58 -12.82 -97.25
C THR KE 142 -31.82 -13.16 -98.51
N THR KE 143 -30.70 -13.85 -98.38
CA THR KE 143 -29.94 -14.29 -99.51
C THR KE 143 -29.49 -15.71 -99.24
N PRO KE 144 -29.48 -16.57 -100.26
CA PRO KE 144 -29.06 -17.95 -100.03
C PRO KE 144 -27.57 -18.02 -99.75
N PRO KE 145 -27.13 -19.03 -98.99
CA PRO KE 145 -25.69 -19.21 -98.77
C PRO KE 145 -24.98 -19.79 -99.99
N THR KE 146 -23.71 -20.13 -99.83
CA THR KE 146 -22.94 -20.73 -100.91
C THR KE 146 -21.91 -21.66 -100.31
N TRP KE 147 -20.90 -21.99 -101.09
CA TRP KE 147 -19.78 -22.78 -100.59
C TRP KE 147 -18.82 -21.98 -99.74
N ARG KE 148 -19.05 -20.66 -99.60
CA ARG KE 148 -18.15 -19.82 -98.83
C ARG KE 148 -18.08 -20.25 -97.36
N GLN KE 149 -19.20 -20.71 -96.81
CA GLN KE 149 -19.29 -20.96 -95.39
C GLN KE 149 -19.26 -22.43 -95.08
N TYR KE 150 -19.16 -23.27 -96.10
CA TYR KE 150 -18.97 -24.70 -95.89
C TYR KE 150 -17.67 -25.18 -96.49
N LEU KE 151 -17.47 -24.99 -97.80
CA LEU KE 151 -16.34 -25.61 -98.48
C LEU KE 151 -15.04 -24.88 -98.22
N TRP KE 152 -15.10 -23.57 -98.02
CA TRP KE 152 -13.88 -22.81 -97.90
C TRP KE 152 -13.19 -23.09 -96.57
N MET KE 153 -11.88 -23.23 -96.62
CA MET KE 153 -11.07 -23.29 -95.43
C MET KE 153 -10.12 -22.11 -95.43
N ASP KE 154 -9.73 -21.68 -94.24
CA ASP KE 154 -9.07 -20.40 -94.06
C ASP KE 154 -7.59 -20.51 -94.41
N TYR KE 155 -6.89 -19.37 -94.33
CA TYR KE 155 -5.47 -19.31 -94.64
C TYR KE 155 -4.82 -18.15 -93.91
N VAL KE 156 -3.63 -18.38 -93.37
CA VAL KE 156 -2.80 -17.33 -92.79
C VAL KE 156 -1.35 -17.73 -92.96
N LYS KE 157 -0.55 -16.83 -93.52
CA LYS KE 157 0.87 -17.12 -93.72
C LYS KE 157 1.62 -16.97 -92.39
N PRO KE 158 2.32 -18.01 -91.93
CA PRO KE 158 3.16 -17.85 -90.73
C PRO KE 158 4.60 -17.50 -91.07
N GLU KE 159 5.14 -16.46 -90.46
CA GLU KE 159 6.53 -16.05 -90.66
C GLU KE 159 7.23 -15.85 -89.35
N ALA KE 160 7.11 -16.83 -88.44
CA ALA KE 160 7.65 -16.72 -87.09
C ALA KE 160 8.67 -17.83 -86.85
N PRO KE 161 9.95 -17.62 -87.20
CA PRO KE 161 11.01 -18.58 -86.85
C PRO KE 161 11.66 -18.27 -85.50
N ASN KE 162 10.84 -18.14 -84.46
CA ASN KE 162 11.34 -17.86 -83.11
C ASN KE 162 11.68 -19.17 -82.43
N VAL KE 163 12.84 -19.71 -82.80
CA VAL KE 163 13.32 -20.98 -82.30
C VAL KE 163 14.58 -20.73 -81.47
N THR KE 164 14.69 -21.43 -80.34
CA THR KE 164 15.90 -21.45 -79.55
C THR KE 164 16.69 -22.75 -79.71
N LEU KE 165 16.08 -23.79 -80.27
CA LEU KE 165 16.78 -25.06 -80.55
C LEU KE 165 17.38 -25.01 -81.95
N LEU KE 166 18.33 -24.09 -82.12
CA LEU KE 166 19.08 -24.02 -83.36
C LEU KE 166 20.00 -25.24 -83.47
N PRO KE 167 20.20 -25.76 -84.68
CA PRO KE 167 21.05 -26.94 -84.82
C PRO KE 167 22.53 -26.59 -84.70
N LYS KE 168 23.28 -27.53 -84.11
CA LYS KE 168 24.71 -27.38 -83.92
C LYS KE 168 25.50 -28.32 -84.80
N THR KE 169 25.21 -29.61 -84.74
CA THR KE 169 25.91 -30.59 -85.55
C THR KE 169 25.18 -30.81 -86.87
N LYS KE 170 25.84 -31.55 -87.76
CA LYS KE 170 25.20 -32.00 -88.99
C LYS KE 170 24.03 -32.93 -88.69
N ALA KE 171 24.17 -33.75 -87.64
CA ALA KE 171 23.05 -34.58 -87.19
C ALA KE 171 21.93 -33.74 -86.61
N GLU KE 172 22.26 -32.61 -85.98
CA GLU KE 172 21.23 -31.72 -85.48
C GLU KE 172 20.47 -31.06 -86.63
N LYS KE 173 21.18 -30.67 -87.69
CA LYS KE 173 20.52 -30.19 -88.89
C LYS KE 173 19.68 -31.28 -89.54
N GLU KE 174 20.16 -32.53 -89.49
CA GLU KE 174 19.43 -33.65 -90.08
C GLU KE 174 18.14 -33.94 -89.32
N ILE KE 175 18.19 -33.96 -87.98
CA ILE KE 175 16.99 -34.21 -87.22
C ILE KE 175 16.04 -33.01 -87.30
N TRP KE 176 16.60 -31.80 -87.48
CA TRP KE 176 15.78 -30.63 -87.79
C TRP KE 176 15.03 -30.82 -89.10
N CYS KE 177 15.72 -31.33 -90.11
CA CYS KE 177 15.11 -31.58 -91.41
C CYS KE 177 14.00 -32.63 -91.33
N ILE KE 178 14.28 -33.74 -90.65
CA ILE KE 178 13.28 -34.81 -90.61
C ILE KE 178 12.13 -34.48 -89.66
N TYR KE 179 12.36 -33.64 -88.63
CA TYR KE 179 11.25 -33.19 -87.80
C TYR KE 179 10.34 -32.24 -88.56
N THR KE 180 10.93 -31.37 -89.39
CA THR KE 180 10.12 -30.52 -90.26
C THR KE 180 9.37 -31.35 -91.30
N GLU KE 181 9.98 -32.45 -91.76
CA GLU KE 181 9.29 -33.36 -92.68
C GLU KE 181 8.09 -34.03 -92.01
N ARG KE 182 8.26 -34.47 -90.76
CA ARG KE 182 7.17 -35.07 -90.01
C ARG KE 182 6.03 -34.08 -89.79
N GLY KE 183 6.39 -32.83 -89.48
CA GLY KE 183 5.38 -31.78 -89.37
C GLY KE 183 4.67 -31.52 -90.67
N TRP KE 184 5.41 -31.58 -91.79
CA TRP KE 184 4.81 -31.43 -93.12
C TRP KE 184 3.76 -32.51 -93.35
N LYS KE 185 4.09 -33.75 -93.01
CA LYS KE 185 3.17 -34.87 -93.16
C LYS KE 185 1.91 -34.67 -92.32
N ASN KE 186 2.10 -34.31 -91.04
CA ASN KE 186 0.96 -34.22 -90.13
C ASN KE 186 0.05 -33.06 -90.48
N GLY KE 187 0.64 -31.93 -90.89
CA GLY KE 187 -0.17 -30.79 -91.28
C GLY KE 187 -0.97 -31.06 -92.53
N ILE KE 188 -0.36 -31.74 -93.51
CA ILE KE 188 -1.07 -32.17 -94.72
C ILE KE 188 -2.24 -33.08 -94.36
N ASP KE 189 -1.99 -34.02 -93.44
CA ASP KE 189 -3.02 -34.97 -93.05
C ASP KE 189 -4.21 -34.30 -92.38
N GLN KE 190 -3.95 -33.39 -91.45
CA GLN KE 190 -5.07 -32.77 -90.75
C GLN KE 190 -5.79 -31.75 -91.62
N ALA KE 191 -5.09 -31.14 -92.59
CA ALA KE 191 -5.77 -30.31 -93.57
C ALA KE 191 -6.75 -31.13 -94.39
N ASN KE 192 -6.34 -32.33 -94.81
CA ASN KE 192 -7.25 -33.22 -95.51
C ASN KE 192 -8.43 -33.61 -94.64
N THR KE 193 -8.17 -33.82 -93.35
CA THR KE 193 -9.23 -34.22 -92.42
C THR KE 193 -10.28 -33.13 -92.27
N ILE KE 194 -9.84 -31.88 -92.10
CA ILE KE 194 -10.83 -30.83 -91.89
C ILE KE 194 -11.56 -30.50 -93.19
N LEU KE 195 -10.91 -30.70 -94.34
CA LEU KE 195 -11.61 -30.60 -95.61
C LEU KE 195 -12.71 -31.66 -95.70
N GLU KE 196 -12.40 -32.88 -95.24
CA GLU KE 196 -13.39 -33.95 -95.25
C GLU KE 196 -14.57 -33.62 -94.35
N GLU KE 197 -14.30 -33.01 -93.19
CA GLU KE 197 -15.39 -32.60 -92.30
C GLU KE 197 -16.27 -31.54 -92.93
N ASN KE 198 -15.68 -30.60 -93.66
CA ASN KE 198 -16.46 -29.61 -94.39
C ASN KE 198 -17.34 -30.26 -95.45
N ILE KE 199 -16.78 -31.24 -96.17
CA ILE KE 199 -17.50 -31.99 -97.18
C ILE KE 199 -18.71 -32.68 -96.56
N ALA KE 200 -18.50 -33.32 -95.42
CA ALA KE 200 -19.57 -34.05 -94.75
C ALA KE 200 -20.67 -33.12 -94.26
N ARG KE 201 -20.30 -31.94 -93.73
CA ARG KE 201 -21.31 -30.99 -93.25
C ARG KE 201 -22.19 -30.49 -94.39
N ILE KE 202 -21.57 -30.12 -95.52
CA ILE KE 202 -22.39 -29.54 -96.58
C ILE KE 202 -23.21 -30.61 -97.28
N LYS KE 203 -22.69 -31.85 -97.36
CA LYS KE 203 -23.46 -32.94 -97.93
C LYS KE 203 -24.66 -33.27 -97.05
N GLU KE 204 -24.47 -33.18 -95.73
CA GLU KE 204 -25.57 -33.39 -94.79
C GLU KE 204 -26.66 -32.36 -94.97
N ASP KE 205 -26.28 -31.09 -95.16
CA ASP KE 205 -27.30 -30.05 -95.28
C ASP KE 205 -28.05 -30.16 -96.61
N PHE KE 206 -27.32 -30.42 -97.69
CA PHE KE 206 -27.97 -30.58 -98.99
C PHE KE 206 -28.87 -31.80 -99.02
N GLY KE 207 -28.43 -32.90 -98.40
CA GLY KE 207 -29.26 -34.09 -98.34
C GLY KE 207 -30.52 -33.87 -97.53
N GLY KE 208 -30.42 -33.09 -96.45
CA GLY KE 208 -31.60 -32.76 -95.66
C GLY KE 208 -32.61 -31.94 -96.44
N MET KE 209 -32.13 -30.95 -97.20
CA MET KE 209 -33.05 -30.13 -97.98
C MET KE 209 -33.72 -30.94 -99.10
N ILE KE 210 -32.93 -31.80 -99.75
CA ILE KE 210 -33.48 -32.68 -100.80
C ILE KE 210 -34.50 -33.63 -100.20
N LEU KE 211 -34.24 -34.10 -98.99
CA LEU KE 211 -35.17 -35.01 -98.32
C LEU KE 211 -36.45 -34.28 -97.95
N TYR KE 212 -36.37 -33.00 -97.59
CA TYR KE 212 -37.58 -32.24 -97.34
C TYR KE 212 -38.43 -32.10 -98.60
N ARG KE 213 -37.77 -31.83 -99.73
CA ARG KE 213 -38.50 -31.72 -100.99
C ARG KE 213 -39.15 -33.05 -101.36
N LYS KE 214 -38.42 -34.14 -101.14
CA LYS KE 214 -38.94 -35.48 -101.39
C LYS KE 214 -40.13 -35.81 -100.50
N LEU KE 215 -40.06 -35.43 -99.22
CA LEU KE 215 -41.12 -35.77 -98.30
C LEU KE 215 -42.36 -34.94 -98.56
N LEU KE 216 -42.20 -33.68 -98.95
CA LEU KE 216 -43.36 -32.88 -99.30
C LEU KE 216 -43.95 -33.35 -100.62
N ALA KE 217 -43.11 -33.88 -101.51
CA ALA KE 217 -43.62 -34.50 -102.73
C ALA KE 217 -44.48 -35.72 -102.41
N MET KE 218 -44.04 -36.55 -101.47
CA MET KE 218 -44.82 -37.73 -101.11
C MET KE 218 -45.86 -37.43 -100.06
N ASN KE 219 -46.02 -36.15 -99.70
CA ASN KE 219 -47.09 -35.64 -98.84
C ASN KE 219 -47.01 -36.26 -97.43
N MET KE 220 -45.89 -36.00 -96.78
CA MET KE 220 -45.69 -36.47 -95.42
C MET KE 220 -45.03 -35.41 -94.55
N VAL KE 221 -45.19 -34.14 -94.91
CA VAL KE 221 -44.85 -33.03 -94.02
C VAL KE 221 -45.90 -31.94 -94.17
N SER KE 222 -46.15 -31.25 -93.08
CA SER KE 222 -46.96 -30.06 -93.16
C SER KE 222 -46.15 -29.00 -93.89
N PRO KE 223 -46.65 -28.42 -94.98
CA PRO KE 223 -45.94 -27.31 -95.60
C PRO KE 223 -46.05 -26.08 -94.73
N PRO KE 224 -45.10 -25.16 -94.81
CA PRO KE 224 -45.24 -23.90 -94.07
C PRO KE 224 -46.34 -23.05 -94.67
N TYR KE 225 -47.12 -22.42 -93.78
CA TYR KE 225 -48.20 -21.56 -94.20
C TYR KE 225 -48.03 -20.19 -93.59
N VAL KE 226 -48.26 -19.16 -94.42
CA VAL KE 226 -47.90 -17.77 -94.13
C VAL KE 226 -49.09 -16.89 -94.48
N SER KE 227 -49.38 -15.92 -93.61
CA SER KE 227 -50.45 -14.96 -93.78
C SER KE 227 -49.91 -13.57 -94.07
N HIS KE 228 -50.66 -12.83 -94.88
CA HIS KE 228 -50.36 -11.43 -95.17
C HIS KE 228 -51.37 -10.57 -94.44
N THR KE 229 -50.88 -9.68 -93.59
CA THR KE 229 -51.70 -8.66 -92.94
C THR KE 229 -51.31 -7.32 -93.52
N ASP KE 230 -52.31 -6.55 -93.94
CA ASP KE 230 -52.08 -5.36 -94.75
C ASP KE 230 -52.71 -4.15 -94.11
N LEU KE 231 -51.91 -3.10 -93.93
CA LEU KE 231 -52.36 -1.79 -93.50
C LEU KE 231 -51.99 -0.78 -94.57
N GLY KE 232 -52.85 0.22 -94.75
CA GLY KE 232 -52.63 1.20 -95.79
C GLY KE 232 -51.61 2.25 -95.42
N VAL KE 233 -51.92 3.51 -95.71
CA VAL KE 233 -51.01 4.60 -95.37
C VAL KE 233 -51.08 4.84 -93.87
N THR KE 234 -49.95 4.69 -93.20
CA THR KE 234 -49.89 4.77 -91.75
C THR KE 234 -49.00 5.93 -91.33
N GLY KE 235 -49.00 6.21 -90.04
CA GLY KE 235 -48.07 7.16 -89.45
C GLY KE 235 -48.77 8.41 -88.93
N ASP KE 236 -47.98 9.22 -88.25
CA ASP KE 236 -48.44 10.44 -87.61
C ASP KE 236 -48.35 11.61 -88.60
N GLY KE 237 -48.46 12.84 -88.07
CA GLY KE 237 -48.30 14.01 -88.91
C GLY KE 237 -46.87 14.32 -89.28
N SER KE 238 -45.90 13.77 -88.56
CA SER KE 238 -44.50 14.01 -88.85
C SER KE 238 -43.87 12.94 -89.71
N GLU KE 239 -44.36 11.71 -89.63
CA GLU KE 239 -43.80 10.60 -90.40
C GLU KE 239 -44.91 9.80 -91.05
N ILE KE 240 -44.59 9.19 -92.19
CA ILE KE 240 -45.56 8.42 -92.95
C ILE KE 240 -44.93 7.11 -93.37
N HIS KE 241 -45.74 6.07 -93.39
CA HIS KE 241 -45.39 4.80 -94.01
C HIS KE 241 -46.61 4.37 -94.81
N ILE KE 242 -46.49 4.38 -96.14
CA ILE KE 242 -47.67 4.29 -96.99
C ILE KE 242 -48.20 2.87 -97.16
N ASP KE 243 -47.44 1.86 -96.75
CA ASP KE 243 -47.95 0.49 -96.80
C ASP KE 243 -47.25 -0.34 -95.74
N ASP KE 244 -48.05 -1.09 -94.97
CA ASP KE 244 -47.55 -1.99 -93.95
C ASP KE 244 -47.97 -3.40 -94.34
N ARG KE 245 -47.03 -4.16 -94.86
CA ARG KE 245 -47.28 -5.52 -95.31
C ARG KE 245 -46.51 -6.46 -94.40
N VAL KE 246 -47.22 -7.23 -93.57
CA VAL KE 246 -46.62 -8.08 -92.56
C VAL KE 246 -46.94 -9.52 -92.92
N LEU KE 247 -45.91 -10.32 -93.18
CA LEU KE 247 -46.09 -11.65 -93.76
C LEU KE 247 -45.56 -12.68 -92.78
N ARG KE 248 -46.44 -13.21 -91.93
CA ARG KE 248 -46.00 -14.10 -90.85
C ARG KE 248 -46.32 -15.55 -91.17
N ILE KE 249 -45.31 -16.40 -91.06
CA ILE KE 249 -45.46 -17.83 -91.32
C ILE KE 249 -45.94 -18.45 -90.02
N THR KE 250 -47.25 -18.65 -89.93
CA THR KE 250 -47.82 -19.23 -88.72
C THR KE 250 -47.50 -20.71 -88.59
N ALA KE 251 -47.46 -21.43 -89.71
CA ALA KE 251 -47.34 -22.89 -89.67
C ALA KE 251 -45.88 -23.28 -89.82
N LEU KE 252 -45.30 -23.80 -88.75
CA LEU KE 252 -44.00 -24.43 -88.87
C LEU KE 252 -44.14 -25.78 -89.55
N PRO KE 253 -43.21 -26.16 -90.42
CA PRO KE 253 -43.27 -27.49 -91.02
C PRO KE 253 -42.92 -28.57 -90.01
N GLU KE 254 -43.71 -29.64 -90.02
CA GLU KE 254 -43.45 -30.79 -89.18
C GLU KE 254 -44.09 -32.02 -89.81
N LEU KE 255 -43.71 -33.19 -89.31
CA LEU KE 255 -44.23 -34.45 -89.82
C LEU KE 255 -45.67 -34.64 -89.39
N ASN KE 256 -46.31 -35.66 -89.96
CA ASN KE 256 -47.70 -35.96 -89.67
C ASN KE 256 -47.83 -37.44 -89.39
N VAL KE 257 -48.52 -37.79 -88.31
CA VAL KE 257 -48.58 -39.17 -87.86
C VAL KE 257 -49.82 -39.85 -88.41
N ASN KE 258 -50.46 -39.22 -89.38
CA ASN KE 258 -51.63 -39.79 -90.03
C ASN KE 258 -51.24 -41.01 -90.86
N SER KE 259 -52.23 -41.86 -91.12
CA SER KE 259 -51.99 -43.13 -91.78
C SER KE 259 -52.55 -43.21 -93.19
N ALA KE 260 -53.43 -42.29 -93.58
CA ALA KE 260 -54.08 -42.39 -94.87
C ALA KE 260 -53.50 -41.45 -95.92
N GLU KE 261 -52.85 -40.38 -95.50
CA GLU KE 261 -52.42 -39.35 -96.43
C GLU KE 261 -51.09 -39.66 -97.08
N TRP KE 262 -50.50 -40.79 -96.74
CA TRP KE 262 -49.32 -41.29 -97.44
C TRP KE 262 -49.72 -41.63 -98.87
N ARG KE 263 -48.92 -41.19 -99.84
CA ARG KE 263 -49.21 -41.47 -101.23
C ARG KE 263 -47.92 -41.90 -101.92
N ALA KE 264 -47.89 -43.16 -102.36
CA ALA KE 264 -46.68 -43.77 -102.90
C ALA KE 264 -46.62 -43.61 -104.42
N ALA KE 265 -45.43 -43.82 -104.96
CA ALA KE 265 -45.17 -43.58 -106.38
C ALA KE 265 -44.61 -44.83 -107.02
N VAL KE 266 -44.94 -45.03 -108.28
CA VAL KE 266 -44.59 -46.24 -109.02
C VAL KE 266 -43.99 -45.84 -110.36
N ALA KE 267 -42.77 -46.32 -110.62
CA ALA KE 267 -42.01 -45.88 -111.78
C ALA KE 267 -42.47 -46.60 -113.05
N LYS KE 268 -41.69 -46.44 -114.12
CA LYS KE 268 -41.94 -47.13 -115.39
C LYS KE 268 -40.64 -47.62 -116.00
N LYS LE 60 12.12 8.50 -87.47
CA LYS LE 60 11.48 7.21 -87.62
C LYS LE 60 9.98 7.37 -87.85
N GLU LE 61 9.22 7.43 -86.76
CA GLU LE 61 7.77 7.54 -86.84
C GLU LE 61 7.30 8.97 -86.71
N THR LE 62 8.12 9.84 -86.11
CA THR LE 62 7.87 11.26 -86.15
C THR LE 62 7.91 11.78 -87.57
N ALA LE 63 8.74 11.19 -88.43
CA ALA LE 63 8.74 11.53 -89.84
C ALA LE 63 7.40 11.20 -90.50
N LEU LE 64 6.81 10.05 -90.14
CA LEU LE 64 5.49 9.70 -90.62
C LEU LE 64 4.43 10.70 -90.16
N SER LE 65 4.52 11.11 -88.89
CA SER LE 65 3.53 12.04 -88.35
C SER LE 65 3.63 13.41 -89.01
N VAL LE 66 4.84 13.94 -89.16
CA VAL LE 66 4.98 15.26 -89.76
C VAL LE 66 4.71 15.20 -91.26
N GLY LE 67 4.95 14.05 -91.89
CA GLY LE 67 4.56 13.90 -93.29
C GLY LE 67 3.07 13.91 -93.46
N ALA LE 68 2.35 13.28 -92.52
CA ALA LE 68 0.89 13.30 -92.54
C ALA LE 68 0.36 14.72 -92.38
N GLN LE 69 0.94 15.47 -91.43
CA GLN LE 69 0.52 16.85 -91.21
C GLN LE 69 0.80 17.73 -92.42
N ALA LE 70 2.01 17.64 -92.95
CA ALA LE 70 2.41 18.50 -94.07
C ALA LE 70 1.65 18.15 -95.34
N GLY LE 71 1.44 16.86 -95.60
CA GLY LE 71 0.69 16.48 -96.79
C GLY LE 71 -0.76 16.89 -96.72
N LEU LE 72 -1.37 16.74 -95.53
CA LEU LE 72 -2.74 17.20 -95.34
C LEU LE 72 -2.84 18.71 -95.55
N ALA LE 73 -1.88 19.46 -95.01
CA ALA LE 73 -1.91 20.92 -95.14
C ALA LE 73 -1.71 21.35 -96.58
N TRP LE 74 -0.80 20.70 -97.30
CA TRP LE 74 -0.52 21.11 -98.67
C TRP LE 74 -1.67 20.79 -99.61
N ARG LE 75 -2.24 19.58 -99.49
CA ARG LE 75 -3.39 19.23 -100.29
C ARG LE 75 -4.59 20.10 -99.94
N ALA LE 76 -4.72 20.47 -98.66
CA ALA LE 76 -5.76 21.38 -98.22
C ALA LE 76 -5.63 22.75 -98.86
N LYS LE 77 -4.39 23.27 -98.93
CA LYS LE 77 -4.19 24.59 -99.52
C LYS LE 77 -4.46 24.56 -101.01
N ILE LE 78 -4.04 23.48 -101.68
CA ILE LE 78 -4.28 23.34 -103.12
C ILE LE 78 -5.78 23.28 -103.41
N ILE LE 79 -6.50 22.46 -102.64
CA ILE LE 79 -7.93 22.29 -102.89
C ILE LE 79 -8.70 23.55 -102.51
N ASP LE 80 -8.21 24.31 -101.53
CA ASP LE 80 -8.87 25.54 -101.15
C ASP LE 80 -8.70 26.61 -102.21
N GLU LE 81 -7.49 26.76 -102.76
CA GLU LE 81 -7.32 27.79 -103.77
C GLU LE 81 -7.99 27.39 -105.08
N GLN LE 82 -8.07 26.08 -105.36
CA GLN LE 82 -8.83 25.62 -106.52
C GLN LE 82 -10.31 25.93 -106.36
N LEU LE 83 -10.86 25.69 -105.15
CA LEU LE 83 -12.26 25.97 -104.88
C LEU LE 83 -12.54 27.47 -104.92
N ASN LE 84 -11.59 28.28 -104.49
CA ASN LE 84 -11.76 29.73 -104.56
C ASN LE 84 -11.76 30.20 -106.00
N LYS LE 85 -10.85 29.66 -106.82
CA LYS LE 85 -10.75 30.05 -108.21
C LYS LE 85 -11.99 29.67 -108.99
N GLN LE 86 -12.53 28.48 -108.75
CA GLN LE 86 -13.80 28.13 -109.39
C GLN LE 86 -14.91 28.71 -108.52
N ALA LE 87 -15.35 29.92 -108.87
CA ALA LE 87 -16.11 30.74 -107.94
C ALA LE 87 -17.58 30.91 -108.33
N ARG LE 88 -17.86 31.45 -109.52
CA ARG LE 88 -19.19 31.97 -109.81
C ARG LE 88 -20.20 30.84 -110.03
N ASN LE 89 -19.75 29.76 -110.66
CA ASN LE 89 -20.63 28.61 -110.87
C ASN LE 89 -21.01 27.94 -109.57
N LEU LE 90 -20.21 28.11 -108.52
CA LEU LE 90 -20.51 27.50 -107.22
C LEU LE 90 -21.79 28.08 -106.62
N ASP LE 91 -21.88 29.41 -106.55
CA ASP LE 91 -23.11 30.02 -106.08
C ASP LE 91 -24.23 29.87 -107.09
N ALA LE 92 -23.89 29.81 -108.38
CA ALA LE 92 -24.91 29.57 -109.40
C ALA LE 92 -25.56 28.21 -109.22
N ILE LE 93 -24.79 27.22 -108.79
CA ILE LE 93 -25.36 25.93 -108.44
C ILE LE 93 -26.15 26.02 -107.13
N TYR LE 94 -25.49 26.45 -106.07
CA TYR LE 94 -26.11 26.44 -104.74
C TYR LE 94 -26.72 27.78 -104.38
N ASP LE 95 -27.55 28.34 -105.25
CA ASP LE 95 -28.52 29.33 -104.78
C ASP LE 95 -29.41 28.75 -103.70
N PHE LE 96 -29.79 29.60 -102.76
CA PHE LE 96 -30.74 29.21 -101.72
C PHE LE 96 -31.85 30.24 -101.60
N ASN LE 97 -31.54 31.48 -101.97
CA ASN LE 97 -32.47 32.60 -101.78
C ASN LE 97 -33.69 32.47 -102.67
N SER LE 98 -33.56 31.81 -103.82
CA SER LE 98 -34.73 31.48 -104.61
C SER LE 98 -35.62 30.47 -103.91
N LEU LE 99 -35.03 29.56 -103.15
CA LEU LE 99 -35.81 28.57 -102.43
C LEU LE 99 -36.41 29.13 -101.15
N VAL LE 100 -35.83 30.21 -100.62
CA VAL LE 100 -36.33 30.82 -99.39
C VAL LE 100 -37.73 31.37 -99.63
N LEU LE 101 -38.64 31.08 -98.71
CA LEU LE 101 -40.04 31.48 -98.84
C LEU LE 101 -40.20 32.97 -98.53
N GLU LE 102 -41.45 33.41 -98.44
CA GLU LE 102 -41.74 34.85 -98.48
C GLU LE 102 -41.53 35.56 -97.15
N HIS LE 103 -41.34 34.83 -96.06
CA HIS LE 103 -41.17 35.48 -94.76
C HIS LE 103 -39.82 35.15 -94.15
N ASN LE 104 -38.77 35.17 -94.98
CA ASN LE 104 -37.37 34.99 -94.59
C ASN LE 104 -37.15 33.67 -93.85
N ILE LE 105 -37.84 32.63 -94.31
CA ILE LE 105 -37.93 31.37 -93.58
C ILE LE 105 -37.32 30.28 -94.44
N LEU LE 106 -36.39 29.54 -93.85
CA LEU LE 106 -35.78 28.44 -94.53
C LEU LE 106 -36.76 27.27 -94.61
N PRO LE 107 -37.01 26.72 -95.79
CA PRO LE 107 -37.86 25.53 -95.89
C PRO LE 107 -37.19 24.34 -95.22
N PRO LE 108 -37.97 23.37 -94.74
CA PRO LE 108 -37.39 22.23 -94.02
C PRO LE 108 -36.68 21.23 -94.91
N VAL LE 109 -36.26 20.11 -94.33
CA VAL LE 109 -35.46 19.12 -95.02
C VAL LE 109 -36.21 17.80 -95.03
N LEU LE 110 -36.34 17.19 -96.21
CA LEU LE 110 -37.09 15.95 -96.38
C LEU LE 110 -36.18 14.85 -96.91
N LEU LE 111 -36.18 13.71 -96.23
CA LEU LE 111 -35.43 12.55 -96.66
C LEU LE 111 -36.37 11.53 -97.29
N GLU LE 112 -35.95 10.96 -98.41
CA GLU LE 112 -36.76 10.02 -99.18
C GLU LE 112 -36.14 8.63 -99.11
N GLY LE 113 -36.99 7.62 -99.03
CA GLY LE 113 -36.54 6.24 -99.14
C GLY LE 113 -37.57 5.39 -99.84
N ARG LE 114 -37.13 4.50 -100.72
CA ARG LE 114 -38.03 3.64 -101.46
C ARG LE 114 -37.65 2.18 -101.28
N ASN LE 115 -38.68 1.32 -101.26
CA ASN LE 115 -38.58 -0.14 -101.12
C ASN LE 115 -37.84 -0.52 -99.83
N THR LE 116 -38.49 -0.18 -98.72
CA THR LE 116 -37.97 -0.47 -97.40
C THR LE 116 -38.24 -1.93 -97.05
N LEU LE 117 -37.20 -2.63 -96.62
CA LEU LE 117 -37.33 -3.98 -96.11
C LEU LE 117 -36.58 -4.10 -94.80
N ASN LE 118 -37.27 -4.54 -93.75
CA ASN LE 118 -36.67 -4.75 -92.45
C ASN LE 118 -36.99 -6.16 -91.99
N LEU LE 119 -35.97 -6.87 -91.55
CA LEU LE 119 -36.13 -8.15 -90.88
C LEU LE 119 -35.74 -7.97 -89.43
N ALA LE 120 -36.70 -8.15 -88.53
CA ALA LE 120 -36.36 -8.01 -87.12
C ALA LE 120 -35.62 -9.24 -86.61
N ASP LE 121 -36.18 -10.42 -86.88
CA ASP LE 121 -35.54 -11.69 -86.57
C ASP LE 121 -36.18 -12.72 -87.49
N ALA LE 122 -35.99 -14.00 -87.16
CA ALA LE 122 -36.77 -15.04 -87.82
C ALA LE 122 -38.25 -14.84 -87.53
N GLN LE 123 -39.08 -15.09 -88.54
CA GLN LE 123 -40.53 -14.90 -88.51
C GLN LE 123 -40.92 -13.46 -88.25
N SER LE 124 -40.13 -12.49 -88.72
CA SER LE 124 -40.47 -11.09 -88.53
C SER LE 124 -39.88 -10.29 -89.69
N ILE LE 125 -40.72 -10.00 -90.69
CA ILE LE 125 -40.34 -9.18 -91.83
C ILE LE 125 -41.33 -8.03 -91.95
N ARG LE 126 -40.91 -6.99 -92.65
CA ARG LE 126 -41.75 -5.81 -92.84
C ARG LE 126 -41.29 -5.10 -94.10
N ILE LE 127 -42.22 -4.84 -95.00
CA ILE LE 127 -41.94 -4.22 -96.28
C ILE LE 127 -42.82 -2.99 -96.41
N SER LE 128 -42.20 -1.86 -96.74
CA SER LE 128 -42.91 -0.64 -97.05
C SER LE 128 -42.41 -0.10 -98.38
N ASP LE 129 -43.22 0.77 -98.99
CA ASP LE 129 -42.90 1.29 -100.31
C ASP LE 129 -42.19 2.64 -100.26
N ARG LE 130 -42.81 3.62 -99.63
CA ARG LE 130 -42.29 4.99 -99.68
C ARG LE 130 -42.20 5.56 -98.28
N THR LE 131 -41.07 6.19 -97.98
CA THR LE 131 -40.84 6.83 -96.69
C THR LE 131 -40.31 8.23 -96.91
N TYR LE 132 -40.84 9.16 -96.13
CA TYR LE 132 -40.35 10.53 -96.12
C TYR LE 132 -40.20 10.97 -94.67
N LYS LE 133 -39.04 11.53 -94.34
CA LYS LE 133 -38.72 11.90 -92.98
C LYS LE 133 -38.38 13.38 -92.91
N VAL LE 134 -38.96 14.08 -91.94
CA VAL LE 134 -38.67 15.48 -91.71
C VAL LE 134 -37.41 15.56 -90.85
N ALA LE 135 -36.32 16.03 -91.42
CA ALA LE 135 -35.04 16.05 -90.71
C ALA LE 135 -35.00 17.16 -89.67
N LYS LE 136 -35.12 18.40 -90.12
CA LYS LE 136 -35.13 19.54 -89.20
C LYS LE 136 -36.27 20.48 -89.56
N GLN LE 137 -36.82 21.12 -88.54
CA GLN LE 137 -37.98 21.97 -88.71
C GLN LE 137 -37.60 23.28 -89.38
N ALA LE 138 -38.52 23.79 -90.20
CA ALA LE 138 -38.37 25.10 -90.80
C ALA LE 138 -38.36 26.19 -89.74
N HIS LE 139 -37.56 27.23 -89.99
CA HIS LE 139 -37.45 28.32 -89.03
C HIS LE 139 -37.05 29.59 -89.77
N PHE LE 140 -36.98 30.68 -89.01
CA PHE LE 140 -36.57 31.97 -89.53
C PHE LE 140 -35.09 31.97 -89.87
N ILE LE 141 -34.69 32.93 -90.70
CA ILE LE 141 -33.29 33.24 -90.94
C ILE LE 141 -33.19 34.66 -91.44
N THR LE 142 -32.00 35.25 -91.35
CA THR LE 142 -31.75 36.56 -91.94
C THR LE 142 -31.05 36.44 -93.29
N THR LE 143 -29.98 35.65 -93.37
CA THR LE 143 -29.28 35.45 -94.62
C THR LE 143 -29.30 33.98 -94.98
N PRO LE 144 -29.43 33.63 -96.27
CA PRO LE 144 -29.35 32.24 -96.65
C PRO LE 144 -27.93 31.73 -96.57
N PRO LE 145 -27.73 30.43 -96.35
CA PRO LE 145 -26.37 29.89 -96.34
C PRO LE 145 -25.78 29.81 -97.73
N THR LE 146 -24.45 29.75 -97.78
CA THR LE 146 -23.71 29.65 -99.02
C THR LE 146 -22.95 28.33 -99.06
N TRP LE 147 -22.10 28.19 -100.07
CA TRP LE 147 -21.22 27.04 -100.17
C TRP LE 147 -20.12 27.06 -99.12
N ARG LE 148 -19.91 28.20 -98.47
CA ARG LE 148 -18.80 28.34 -97.54
C ARG LE 148 -18.97 27.43 -96.32
N GLN LE 149 -20.18 27.33 -95.80
CA GLN LE 149 -20.43 26.59 -94.56
C GLN LE 149 -20.43 25.09 -94.76
N TYR LE 150 -20.33 24.61 -96.00
CA TYR LE 150 -20.27 23.18 -96.22
C TYR LE 150 -19.16 22.76 -97.16
N LEU LE 151 -18.37 23.66 -97.73
CA LEU LE 151 -17.43 23.24 -98.74
C LEU LE 151 -16.01 23.71 -98.45
N TRP LE 152 -15.85 24.88 -97.86
CA TRP LE 152 -14.53 25.32 -97.44
C TRP LE 152 -14.05 24.45 -96.29
N MET LE 153 -12.76 24.16 -96.28
CA MET LE 153 -12.17 23.44 -95.18
C MET LE 153 -10.96 24.21 -94.67
N ASP LE 154 -10.63 23.98 -93.41
CA ASP LE 154 -9.66 24.80 -92.71
C ASP LE 154 -8.24 24.51 -93.20
N TYR LE 155 -7.32 25.41 -92.84
CA TYR LE 155 -5.92 25.26 -93.25
C TYR LE 155 -5.03 26.04 -92.30
N VAL LE 156 -3.98 25.39 -91.82
CA VAL LE 156 -2.86 26.06 -91.17
C VAL LE 156 -1.58 25.44 -91.73
N LYS LE 157 -0.48 26.16 -91.58
CA LYS LE 157 0.81 25.66 -92.03
C LYS LE 157 1.69 25.34 -90.84
N PRO LE 158 2.09 24.09 -90.64
CA PRO LE 158 2.97 23.77 -89.53
C PRO LE 158 4.44 23.87 -89.91
N GLU LE 159 5.20 24.64 -89.14
CA GLU LE 159 6.63 24.80 -89.37
C GLU LE 159 7.42 24.44 -88.11
N ALA LE 160 7.06 23.34 -87.48
CA ALA LE 160 7.71 22.91 -86.24
C ALA LE 160 8.24 21.49 -86.41
N PRO LE 161 9.42 21.33 -87.01
CA PRO LE 161 10.06 20.02 -87.03
C PRO LE 161 10.69 19.74 -85.67
N ASN LE 162 10.10 18.81 -84.93
CA ASN LE 162 10.59 18.43 -83.60
C ASN LE 162 11.90 17.68 -83.77
N VAL LE 163 13.01 18.38 -83.51
CA VAL LE 163 14.33 17.87 -83.86
C VAL LE 163 14.78 16.89 -82.78
N THR LE 164 14.34 15.64 -82.91
CA THR LE 164 14.77 14.55 -82.04
C THR LE 164 15.35 13.37 -82.81
N LEU LE 165 14.58 12.81 -83.74
CA LEU LE 165 15.03 11.66 -84.53
C LEU LE 165 15.73 12.24 -85.77
N LEU LE 166 17.00 12.57 -85.59
CA LEU LE 166 17.75 13.25 -86.64
C LEU LE 166 18.08 12.29 -87.78
N PRO LE 167 18.25 12.80 -88.98
CA PRO LE 167 18.86 11.99 -90.04
C PRO LE 167 20.33 11.76 -89.74
N LYS LE 168 20.66 10.54 -89.33
CA LYS LE 168 22.01 10.21 -88.88
C LYS LE 168 22.93 9.94 -90.06
N THR LE 169 22.65 8.90 -90.83
CA THR LE 169 23.42 8.54 -92.01
C THR LE 169 22.51 8.58 -93.23
N LYS LE 170 23.04 8.07 -94.34
CA LYS LE 170 22.29 8.02 -95.59
C LYS LE 170 21.06 7.11 -95.47
N ALA LE 171 21.20 6.01 -94.72
CA ALA LE 171 20.08 5.11 -94.50
C ALA LE 171 18.97 5.79 -93.70
N GLU LE 172 19.34 6.55 -92.67
CA GLU LE 172 18.36 7.31 -91.91
C GLU LE 172 17.72 8.39 -92.76
N LYS LE 173 18.49 9.03 -93.63
CA LYS LE 173 17.94 10.02 -94.56
C LYS LE 173 16.93 9.40 -95.51
N GLU LE 174 17.23 8.20 -96.03
CA GLU LE 174 16.32 7.60 -97.00
C GLU LE 174 15.08 7.02 -96.34
N ILE LE 175 15.21 6.47 -95.13
CA ILE LE 175 14.00 6.01 -94.46
C ILE LE 175 13.15 7.19 -94.01
N TRP LE 176 13.80 8.33 -93.69
CA TRP LE 176 13.10 9.58 -93.45
C TRP LE 176 12.35 10.02 -94.69
N CYS LE 177 12.98 9.90 -95.86
CA CYS LE 177 12.37 10.29 -97.12
C CYS LE 177 11.16 9.42 -97.44
N ILE LE 178 11.32 8.09 -97.32
CA ILE LE 178 10.22 7.22 -97.70
C ILE LE 178 9.08 7.29 -96.69
N TYR LE 179 9.37 7.51 -95.41
CA TYR LE 179 8.28 7.59 -94.45
C TYR LE 179 7.57 8.93 -94.54
N THR LE 180 8.29 9.99 -94.88
CA THR LE 180 7.64 11.26 -95.18
C THR LE 180 6.80 11.17 -96.45
N GLU LE 181 7.23 10.34 -97.41
CA GLU LE 181 6.40 10.07 -98.59
C GLU LE 181 5.11 9.36 -98.19
N ARG LE 182 5.22 8.40 -97.28
CA ARG LE 182 4.04 7.70 -96.76
C ARG LE 182 3.09 8.67 -96.07
N GLY LE 183 3.65 9.61 -95.29
CA GLY LE 183 2.82 10.63 -94.67
C GLY LE 183 2.17 11.56 -95.67
N TRP LE 184 2.88 11.89 -96.76
CA TRP LE 184 2.31 12.68 -97.84
C TRP LE 184 1.11 11.99 -98.45
N LYS LE 185 1.23 10.67 -98.67
CA LYS LE 185 0.10 9.87 -99.18
C LYS LE 185 -1.07 9.88 -98.21
N ASN LE 186 -0.79 9.71 -96.92
CA ASN LE 186 -1.85 9.66 -95.92
C ASN LE 186 -2.58 10.99 -95.81
N GLY LE 187 -1.84 12.09 -95.87
CA GLY LE 187 -2.46 13.40 -95.83
C GLY LE 187 -3.33 13.65 -97.04
N ILE LE 188 -2.88 13.16 -98.22
CA ILE LE 188 -3.69 13.26 -99.43
C ILE LE 188 -5.01 12.53 -99.28
N ASP LE 189 -4.95 11.29 -98.78
CA ASP LE 189 -6.16 10.48 -98.66
C ASP LE 189 -7.12 11.06 -97.62
N GLN LE 190 -6.57 11.56 -96.52
CA GLN LE 190 -7.39 12.19 -95.49
C GLN LE 190 -8.11 13.42 -96.02
N ALA LE 191 -7.40 14.23 -96.82
CA ALA LE 191 -8.02 15.42 -97.40
C ALA LE 191 -9.14 15.05 -98.36
N ASN LE 192 -8.93 14.01 -99.17
CA ASN LE 192 -9.96 13.59 -100.12
C ASN LE 192 -11.20 13.06 -99.39
N THR LE 193 -10.99 12.33 -98.30
CA THR LE 193 -12.11 11.84 -97.51
C THR LE 193 -12.91 12.97 -96.88
N ILE LE 194 -12.20 14.00 -96.39
CA ILE LE 194 -12.86 15.16 -95.78
C ILE LE 194 -13.72 15.88 -96.81
N LEU LE 195 -13.17 16.07 -98.01
CA LEU LE 195 -13.91 16.70 -99.09
C LEU LE 195 -15.13 15.90 -99.49
N GLU LE 196 -15.00 14.57 -99.50
CA GLU LE 196 -16.13 13.70 -99.83
C GLU LE 196 -17.26 13.83 -98.83
N GLU LE 197 -16.92 13.87 -97.53
CA GLU LE 197 -17.95 14.03 -96.51
C GLU LE 197 -18.65 15.37 -96.61
N ASN LE 198 -17.89 16.43 -96.91
CA ASN LE 198 -18.49 17.75 -97.07
C ASN LE 198 -19.44 17.80 -98.26
N ILE LE 199 -19.04 17.17 -99.37
CA ILE LE 199 -19.87 17.13 -100.57
C ILE LE 199 -21.17 16.38 -100.30
N ALA LE 200 -21.07 15.25 -99.59
CA ALA LE 200 -22.26 14.48 -99.26
C ALA LE 200 -23.21 15.27 -98.36
N ARG LE 201 -22.65 16.03 -97.42
CA ARG LE 201 -23.46 16.83 -96.51
C ARG LE 201 -24.25 17.89 -97.26
N ILE LE 202 -23.58 18.66 -98.12
CA ILE LE 202 -24.28 19.75 -98.80
C ILE LE 202 -25.29 19.20 -99.82
N LYS LE 203 -24.95 18.08 -100.48
CA LYS LE 203 -25.90 17.45 -101.41
C LYS LE 203 -27.15 16.98 -100.69
N GLU LE 204 -26.97 16.37 -99.51
CA GLU LE 204 -28.10 15.88 -98.74
C GLU LE 204 -29.02 17.01 -98.30
N ASP LE 205 -28.44 18.12 -97.84
CA ASP LE 205 -29.27 19.22 -97.36
C ASP LE 205 -30.05 19.87 -98.49
N PHE LE 206 -29.39 20.12 -99.63
CA PHE LE 206 -30.10 20.75 -100.74
C PHE LE 206 -31.14 19.82 -101.36
N GLY LE 207 -30.86 18.52 -101.38
CA GLY LE 207 -31.86 17.58 -101.84
C GLY LE 207 -33.08 17.56 -100.96
N GLY LE 208 -32.87 17.69 -99.64
CA GLY LE 208 -34.01 17.80 -98.73
C GLY LE 208 -34.84 19.03 -99.00
N MET LE 209 -34.18 20.14 -99.35
CA MET LE 209 -34.88 21.36 -99.75
C MET LE 209 -35.77 21.13 -100.98
N ILE LE 210 -35.20 20.53 -102.02
CA ILE LE 210 -35.93 20.34 -103.27
C ILE LE 210 -37.10 19.36 -103.08
N LEU LE 211 -36.88 18.35 -102.25
CA LEU LE 211 -37.94 17.38 -102.00
C LEU LE 211 -39.09 17.99 -101.20
N TYR LE 212 -38.79 18.92 -100.28
CA TYR LE 212 -39.88 19.64 -99.62
C TYR LE 212 -40.67 20.47 -100.62
N ARG LE 213 -39.96 21.14 -101.53
CA ARG LE 213 -40.64 21.96 -102.54
C ARG LE 213 -41.57 21.10 -103.40
N LYS LE 214 -41.13 19.91 -103.77
CA LYS LE 214 -41.98 19.10 -104.62
C LYS LE 214 -43.06 18.36 -103.88
N LEU LE 215 -42.90 18.10 -102.58
CA LEU LE 215 -44.02 17.57 -101.82
C LEU LE 215 -45.12 18.61 -101.67
N LEU LE 216 -44.73 19.87 -101.47
CA LEU LE 216 -45.72 20.94 -101.47
C LEU LE 216 -46.37 21.09 -102.84
N ALA LE 217 -45.57 20.96 -103.91
CA ALA LE 217 -46.11 21.01 -105.26
C ALA LE 217 -46.94 19.78 -105.60
N MET LE 218 -46.81 18.70 -104.84
CA MET LE 218 -47.65 17.53 -105.00
C MET LE 218 -48.82 17.53 -104.02
N ASN LE 219 -48.93 18.55 -103.17
CA ASN LE 219 -49.95 18.67 -102.12
C ASN LE 219 -49.83 17.50 -101.13
N MET LE 220 -48.65 17.36 -100.58
CA MET LE 220 -48.41 16.37 -99.55
C MET LE 220 -48.16 16.98 -98.19
N VAL LE 221 -47.73 18.24 -98.14
CA VAL LE 221 -47.44 18.91 -96.89
C VAL LE 221 -48.31 20.16 -96.82
N SER LE 222 -48.37 20.71 -95.62
CA SER LE 222 -49.05 21.99 -95.47
C SER LE 222 -48.02 23.12 -95.47
N PRO LE 223 -48.36 24.28 -96.03
CA PRO LE 223 -47.48 25.42 -95.91
C PRO LE 223 -47.44 25.92 -94.47
N PRO LE 224 -46.37 26.59 -94.05
CA PRO LE 224 -46.33 27.16 -92.71
C PRO LE 224 -47.31 28.31 -92.56
N TYR LE 225 -47.73 28.55 -91.32
CA TYR LE 225 -48.77 29.53 -91.01
C TYR LE 225 -48.21 30.68 -90.21
N VAL LE 226 -48.52 31.90 -90.66
CA VAL LE 226 -47.99 33.12 -90.05
C VAL LE 226 -49.14 33.90 -89.43
N SER LE 227 -48.75 34.90 -88.63
CA SER LE 227 -49.68 35.86 -88.07
C SER LE 227 -48.92 37.14 -87.76
N HIS LE 228 -49.48 38.27 -88.18
CA HIS LE 228 -48.95 39.58 -87.83
C HIS LE 228 -49.90 40.24 -86.85
N THR LE 229 -49.35 40.69 -85.73
CA THR LE 229 -50.09 41.47 -84.76
C THR LE 229 -49.49 42.86 -84.70
N ASP LE 230 -50.35 43.86 -84.61
CA ASP LE 230 -49.95 45.26 -84.78
C ASP LE 230 -50.25 46.04 -83.51
N LEU LE 231 -49.27 46.81 -83.06
CA LEU LE 231 -49.48 47.81 -82.03
C LEU LE 231 -49.04 49.16 -82.57
N GLY LE 232 -49.73 50.21 -82.13
CA GLY LE 232 -49.41 51.55 -82.56
C GLY LE 232 -48.19 52.14 -81.88
N VAL LE 233 -48.22 53.45 -81.61
CA VAL LE 233 -47.10 54.10 -80.97
C VAL LE 233 -47.13 53.72 -79.48
N THR LE 234 -46.10 53.01 -79.03
CA THR LE 234 -46.08 52.44 -77.70
C THR LE 234 -44.88 52.96 -76.92
N GLY LE 235 -45.01 52.97 -75.60
CA GLY LE 235 -43.91 53.27 -74.71
C GLY LE 235 -44.26 54.36 -73.73
N ASP LE 236 -43.25 54.73 -72.93
CA ASP LE 236 -43.40 55.77 -71.92
C ASP LE 236 -42.95 57.11 -72.48
N GLY LE 237 -42.83 58.12 -71.62
CA GLY LE 237 -42.34 59.41 -72.06
C GLY LE 237 -40.85 59.47 -72.33
N SER LE 238 -40.11 58.43 -71.94
CA SER LE 238 -38.68 58.38 -72.21
C SER LE 238 -38.32 57.48 -73.38
N GLU LE 239 -39.03 56.37 -73.56
CA GLU LE 239 -38.80 55.45 -74.67
C GLU LE 239 -40.09 55.32 -75.46
N ILE LE 240 -40.01 55.50 -76.78
CA ILE LE 240 -41.16 55.24 -77.63
C ILE LE 240 -40.73 54.42 -78.83
N HIS LE 241 -41.69 53.68 -79.37
CA HIS LE 241 -41.57 53.04 -80.67
C HIS LE 241 -42.59 53.70 -81.58
N ILE LE 242 -42.64 53.25 -82.84
CA ILE LE 242 -43.63 53.76 -83.78
C ILE LE 242 -44.67 52.71 -84.12
N ASP LE 243 -44.25 51.57 -84.68
CA ASP LE 243 -45.20 50.58 -85.16
C ASP LE 243 -44.68 49.20 -84.76
N ASP LE 244 -45.24 48.65 -83.70
CA ASP LE 244 -44.78 47.34 -83.22
C ASP LE 244 -45.44 46.29 -84.10
N ARG LE 245 -44.68 45.76 -85.05
CA ARG LE 245 -45.14 44.68 -85.89
C ARG LE 245 -44.53 43.38 -85.36
N VAL LE 246 -45.38 42.46 -84.91
CA VAL LE 246 -44.91 41.20 -84.35
C VAL LE 246 -45.36 40.09 -85.27
N LEU LE 247 -44.39 39.34 -85.80
CA LEU LE 247 -44.65 38.21 -86.69
C LEU LE 247 -44.42 36.91 -85.95
N ARG LE 248 -45.45 36.07 -85.94
CA ARG LE 248 -45.43 34.79 -85.26
C ARG LE 248 -45.72 33.69 -86.27
N ILE LE 249 -45.09 32.54 -86.09
CA ILE LE 249 -45.39 31.36 -86.87
C ILE LE 249 -46.08 30.37 -85.96
N THR LE 250 -47.29 29.96 -86.34
CA THR LE 250 -48.15 29.19 -85.46
C THR LE 250 -48.12 27.70 -85.75
N ALA LE 251 -48.33 27.31 -87.00
CA ALA LE 251 -48.41 25.91 -87.38
C ALA LE 251 -47.19 25.54 -88.21
N LEU LE 252 -46.50 24.49 -87.78
CA LEU LE 252 -45.37 23.99 -88.55
C LEU LE 252 -45.89 23.26 -89.79
N PRO LE 253 -45.10 23.22 -90.85
CA PRO LE 253 -45.43 22.35 -91.98
C PRO LE 253 -45.37 20.89 -91.57
N GLU LE 254 -46.33 20.12 -92.06
CA GLU LE 254 -46.40 18.70 -91.78
C GLU LE 254 -47.21 18.01 -92.86
N LEU LE 255 -47.09 16.70 -92.90
CA LEU LE 255 -47.68 15.87 -93.94
C LEU LE 255 -49.18 15.75 -93.75
N ASN LE 256 -49.87 15.44 -94.84
CA ASN LE 256 -51.26 15.00 -94.76
C ASN LE 256 -51.30 13.51 -94.50
N VAL LE 257 -52.28 13.07 -93.71
CA VAL LE 257 -52.33 11.68 -93.30
C VAL LE 257 -53.19 10.85 -94.24
N ASN LE 258 -54.43 11.30 -94.47
CA ASN LE 258 -55.26 10.64 -95.46
C ASN LE 258 -54.77 10.99 -96.86
N SER LE 259 -54.80 10.02 -97.75
CA SER LE 259 -54.26 10.19 -99.08
C SER LE 259 -55.31 10.59 -100.10
N ALA LE 260 -56.58 10.75 -99.69
CA ALA LE 260 -57.64 11.06 -100.63
C ALA LE 260 -57.56 12.49 -101.14
N GLU LE 261 -56.79 13.34 -100.50
CA GLU LE 261 -56.63 14.73 -100.90
C GLU LE 261 -55.44 14.93 -101.82
N TRP LE 262 -54.74 13.87 -102.18
CA TRP LE 262 -53.52 14.01 -102.93
C TRP LE 262 -53.84 14.26 -104.41
N ARG LE 263 -52.93 14.91 -105.10
CA ARG LE 263 -53.08 15.15 -106.53
C ARG LE 263 -51.78 14.78 -107.24
N ALA LE 264 -51.94 14.31 -108.47
CA ALA LE 264 -50.85 13.77 -109.28
C ALA LE 264 -50.55 14.70 -110.45
N ALA LE 265 -49.65 14.26 -111.32
CA ALA LE 265 -49.26 15.05 -112.48
C ALA LE 265 -48.78 14.11 -113.57
N VAL LE 266 -48.91 14.56 -114.82
CA VAL LE 266 -48.58 13.75 -115.97
C VAL LE 266 -48.16 14.66 -117.12
N ALA LE 267 -46.98 14.41 -117.67
CA ALA LE 267 -46.44 15.26 -118.72
C ALA LE 267 -46.86 14.74 -120.09
N LYS LE 268 -46.35 15.36 -121.15
CA LYS LE 268 -46.57 14.89 -122.51
C LYS LE 268 -45.28 14.94 -123.32
N GLY ME 26 32.00 -83.72 -44.47
CA GLY ME 26 30.65 -84.06 -44.84
C GLY ME 26 29.76 -84.39 -43.65
N ASP ME 27 28.46 -84.17 -43.82
CA ASP ME 27 27.50 -84.41 -42.75
C ASP ME 27 26.92 -85.81 -42.74
N THR ME 28 27.14 -86.60 -43.80
CA THR ME 28 26.66 -87.98 -43.79
C THR ME 28 27.57 -88.84 -42.92
N GLY ME 29 28.82 -88.98 -43.34
CA GLY ME 29 29.85 -89.54 -42.46
C GLY ME 29 30.34 -88.46 -41.54
N SER ME 30 29.47 -88.08 -40.59
CA SER ME 30 29.65 -86.82 -39.90
C SER ME 30 30.77 -86.88 -38.87
N LEU ME 31 31.02 -88.06 -38.29
CA LEU ME 31 32.17 -88.19 -37.40
C LEU ME 31 33.48 -87.99 -38.16
N ALA ME 32 33.55 -88.55 -39.36
CA ALA ME 32 34.72 -88.36 -40.21
C ALA ME 32 34.85 -86.90 -40.67
N GLY ME 33 33.74 -86.30 -41.12
CA GLY ME 33 33.78 -84.91 -41.53
C GLY ME 33 34.09 -83.96 -40.40
N LEU ME 34 33.64 -84.28 -39.20
CA LEU ME 34 33.93 -83.45 -38.03
C LEU ME 34 35.39 -83.60 -37.61
N GLN ME 35 35.92 -84.82 -37.67
CA GLN ME 35 37.33 -85.02 -37.35
C GLN ME 35 38.24 -84.37 -38.40
N ALA ME 36 37.79 -84.33 -39.65
CA ALA ME 36 38.54 -83.61 -40.67
C ALA ME 36 38.48 -82.10 -40.43
N MET ME 37 37.30 -81.58 -40.07
CA MET ME 37 37.18 -80.14 -39.84
C MET ME 37 37.75 -79.71 -38.50
N ALA ME 38 38.12 -80.65 -37.64
CA ALA ME 38 38.81 -80.32 -36.40
C ALA ME 38 40.16 -79.66 -36.65
N ASP ME 39 40.81 -79.98 -37.77
CA ASP ME 39 41.96 -79.23 -38.21
C ASP ME 39 41.53 -77.83 -38.66
N SER ME 40 42.40 -76.86 -38.44
CA SER ME 40 42.08 -75.45 -38.68
C SER ME 40 42.18 -75.06 -40.15
N LYS ME 41 42.54 -75.98 -41.04
CA LYS ME 41 42.58 -75.69 -42.46
C LYS ME 41 41.20 -75.37 -43.01
N TYR ME 42 40.18 -76.11 -42.58
CA TYR ME 42 38.81 -75.82 -42.96
C TYR ME 42 38.35 -74.47 -42.40
N THR ME 43 38.77 -74.16 -41.17
CA THR ME 43 38.41 -72.90 -40.54
C THR ME 43 39.02 -71.71 -41.27
N ARG ME 44 40.29 -71.82 -41.68
CA ARG ME 44 40.90 -70.75 -42.44
C ARG ME 44 40.40 -70.73 -43.89
N ALA ME 45 39.88 -71.85 -44.38
CA ALA ME 45 39.31 -71.88 -45.72
C ALA ME 45 37.94 -71.21 -45.76
N GLN ME 46 37.20 -71.25 -44.65
CA GLN ME 46 35.86 -70.68 -44.64
C GLN ME 46 35.85 -69.16 -44.73
N LYS ME 47 36.94 -68.51 -44.29
CA LYS ME 47 37.00 -67.05 -44.27
C LYS ME 47 36.94 -66.46 -45.67
N LYS ME 48 37.67 -67.07 -46.61
CA LYS ME 48 37.74 -66.53 -47.96
C LYS ME 48 36.43 -66.72 -48.71
N GLN ME 49 35.74 -67.82 -48.46
CA GLN ME 49 34.50 -68.10 -49.18
C GLN ME 49 33.27 -67.52 -48.48
N LYS ME 50 33.39 -67.04 -47.24
CA LYS ME 50 32.23 -66.47 -46.56
C LYS ME 50 31.76 -65.17 -47.22
N MET ME 51 32.69 -64.34 -47.68
CA MET ME 51 32.31 -63.11 -48.36
C MET ME 51 31.67 -63.40 -49.72
N GLY ME 52 32.17 -64.43 -50.41
CA GLY ME 52 31.53 -64.85 -51.64
C GLY ME 52 30.14 -65.39 -51.40
N LYS ME 53 29.94 -66.10 -50.28
CA LYS ME 53 28.61 -66.56 -49.90
C LYS ME 53 27.72 -65.39 -49.49
N ILE ME 54 28.30 -64.30 -49.00
CA ILE ME 54 27.50 -63.19 -48.50
C ILE ME 54 27.23 -62.14 -49.56
N ARG ME 55 27.92 -62.19 -50.70
CA ARG ME 55 27.66 -61.20 -51.74
C ARG ME 55 26.62 -61.66 -52.76
N GLU ME 56 26.78 -62.87 -53.31
CA GLU ME 56 26.29 -63.19 -54.64
C GLU ME 56 24.77 -63.39 -54.74
N MET ME 57 24.04 -63.39 -53.62
CA MET ME 57 22.64 -63.82 -53.63
C MET ME 57 21.74 -62.90 -54.45
N ALA ME 58 21.95 -61.58 -54.32
CA ALA ME 58 21.05 -60.62 -54.97
C ALA ME 58 21.18 -60.66 -56.48
N LEU ME 59 22.41 -60.80 -56.99
CA LEU ME 59 22.64 -60.85 -58.43
C LEU ME 59 21.99 -62.08 -59.04
N LYS ME 60 21.98 -63.18 -58.28
CA LYS ME 60 21.26 -64.37 -58.69
C LYS ME 60 19.77 -64.11 -58.82
N GLU ME 61 19.21 -63.34 -57.90
CA GLU ME 61 17.78 -63.05 -57.95
C GLU ME 61 17.45 -62.12 -59.11
N THR ME 62 18.33 -61.16 -59.39
CA THR ME 62 18.12 -60.30 -60.55
C THR ME 62 18.20 -61.10 -61.85
N ALA ME 63 19.13 -62.05 -61.91
CA ALA ME 63 19.23 -62.94 -63.06
C ALA ME 63 17.96 -63.76 -63.23
N LEU ME 64 17.40 -64.24 -62.11
CA LEU ME 64 16.14 -64.98 -62.14
C LEU ME 64 15.00 -64.10 -62.65
N SER ME 65 14.96 -62.85 -62.21
CA SER ME 65 13.88 -61.95 -62.60
C SER ME 65 13.94 -61.62 -64.08
N VAL ME 66 15.14 -61.30 -64.58
CA VAL ME 66 15.25 -60.92 -65.98
C VAL ME 66 15.08 -62.13 -66.88
N GLY ME 67 15.48 -63.32 -66.42
CA GLY ME 67 15.21 -64.53 -67.18
C GLY ME 67 13.73 -64.83 -67.24
N ALA ME 68 13.02 -64.59 -66.14
CA ALA ME 68 11.57 -64.78 -66.11
C ALA ME 68 10.88 -63.84 -67.09
N GLN ME 69 11.29 -62.58 -67.09
CA GLN ME 69 10.68 -61.59 -67.99
C GLN ME 69 10.95 -61.93 -69.45
N ALA ME 70 12.21 -62.23 -69.78
CA ALA ME 70 12.58 -62.50 -71.17
C ALA ME 70 11.94 -63.79 -71.68
N GLY ME 71 11.94 -64.84 -70.85
CA GLY ME 71 11.35 -66.09 -71.27
C GLY ME 71 9.84 -65.99 -71.43
N LEU ME 72 9.18 -65.25 -70.54
CA LEU ME 72 7.74 -65.03 -70.66
C LEU ME 72 7.41 -64.29 -71.94
N ALA ME 73 8.15 -63.23 -72.25
CA ALA ME 73 7.88 -62.46 -73.46
C ALA ME 73 8.12 -63.27 -74.72
N TRP ME 74 9.24 -63.99 -74.77
CA TRP ME 74 9.58 -64.74 -75.98
C TRP ME 74 8.62 -65.89 -76.21
N ARG ME 75 8.26 -66.61 -75.13
CA ARG ME 75 7.30 -67.70 -75.26
C ARG ME 75 5.91 -67.20 -75.59
N ALA ME 76 5.54 -66.01 -75.10
CA ALA ME 76 4.24 -65.45 -75.45
C ALA ME 76 4.17 -65.10 -76.93
N LYS ME 77 5.24 -64.54 -77.48
CA LYS ME 77 5.27 -64.25 -78.92
C LYS ME 77 5.20 -65.53 -79.73
N ILE ME 78 5.94 -66.56 -79.31
CA ILE ME 78 5.94 -67.86 -79.99
C ILE ME 78 4.55 -68.49 -79.96
N ILE ME 79 3.89 -68.43 -78.80
CA ILE ME 79 2.61 -69.10 -78.67
C ILE ME 79 1.51 -68.32 -79.38
N ASP ME 80 1.67 -67.01 -79.54
CA ASP ME 80 0.71 -66.28 -80.35
C ASP ME 80 0.85 -66.64 -81.83
N GLU ME 81 2.09 -66.79 -82.30
CA GLU ME 81 2.31 -67.24 -83.68
C GLU ME 81 1.72 -68.62 -83.89
N GLN ME 82 1.95 -69.53 -82.96
CA GLN ME 82 1.45 -70.89 -83.12
C GLN ME 82 -0.05 -70.96 -82.97
N LEU ME 83 -0.64 -70.07 -82.18
CA LEU ME 83 -2.09 -70.03 -82.05
C LEU ME 83 -2.73 -69.53 -83.33
N ASN ME 84 -2.21 -68.46 -83.91
CA ASN ME 84 -2.84 -67.93 -85.12
C ASN ME 84 -2.42 -68.70 -86.37
N LYS ME 85 -1.47 -69.63 -86.26
CA LYS ME 85 -1.09 -70.45 -87.40
C LYS ME 85 -2.22 -71.35 -87.89
N GLN ME 86 -3.17 -71.70 -87.02
CA GLN ME 86 -4.24 -72.62 -87.37
C GLN ME 86 -5.58 -71.99 -87.10
N ALA ME 87 -5.76 -70.78 -87.63
CA ALA ME 87 -6.91 -69.95 -87.25
C ALA ME 87 -8.23 -70.52 -87.73
N ARG ME 88 -8.26 -71.16 -88.90
CA ARG ME 88 -9.53 -71.58 -89.49
C ARG ME 88 -10.14 -72.75 -88.74
N ASN ME 89 -9.31 -73.66 -88.23
CA ASN ME 89 -9.83 -74.83 -87.55
C ASN ME 89 -10.41 -74.48 -86.19
N LEU ME 90 -9.92 -73.41 -85.57
CA LEU ME 90 -10.49 -72.94 -84.32
C LEU ME 90 -11.93 -72.49 -84.53
N ASP ME 91 -12.17 -71.74 -85.60
CA ASP ME 91 -13.53 -71.35 -85.94
C ASP ME 91 -14.34 -72.55 -86.39
N ALA ME 92 -13.68 -73.55 -86.95
CA ALA ME 92 -14.38 -74.78 -87.31
C ALA ME 92 -14.89 -75.51 -86.08
N ILE ME 93 -14.09 -75.57 -85.03
CA ILE ME 93 -14.54 -76.35 -83.88
C ILE ME 93 -15.43 -75.52 -82.96
N TYR ME 94 -15.16 -74.24 -82.78
CA TYR ME 94 -15.92 -73.43 -81.84
C TYR ME 94 -16.99 -72.64 -82.56
N ASP ME 95 -17.91 -73.37 -83.18
CA ASP ME 95 -19.04 -72.76 -83.86
C ASP ME 95 -20.03 -72.32 -82.80
N PHE ME 96 -19.83 -71.10 -82.30
CA PHE ME 96 -20.86 -70.50 -81.46
C PHE ME 96 -22.10 -70.18 -82.27
N ASN ME 97 -21.92 -69.87 -83.56
CA ASN ME 97 -22.98 -69.32 -84.39
C ASN ME 97 -24.10 -70.33 -84.60
N SER ME 98 -23.76 -71.60 -84.80
CA SER ME 98 -24.79 -72.63 -84.85
C SER ME 98 -25.46 -72.81 -83.50
N LEU ME 99 -24.74 -72.55 -82.42
CA LEU ME 99 -25.30 -72.74 -81.09
C LEU ME 99 -26.18 -71.58 -80.64
N VAL ME 100 -26.15 -70.45 -81.34
CA VAL ME 100 -27.00 -69.32 -80.99
C VAL ME 100 -28.45 -69.69 -81.18
N LEU ME 101 -29.29 -69.38 -80.19
CA LEU ME 101 -30.70 -69.70 -80.28
C LEU ME 101 -31.41 -68.78 -81.26
N GLU ME 102 -32.65 -69.15 -81.56
CA GLU ME 102 -33.40 -68.63 -82.71
C GLU ME 102 -33.85 -67.18 -82.56
N HIS ME 103 -33.79 -66.61 -81.37
CA HIS ME 103 -34.19 -65.22 -81.17
C HIS ME 103 -33.00 -64.35 -80.81
N ASN ME 104 -31.84 -64.66 -81.41
CA ASN ME 104 -30.56 -64.04 -81.13
C ASN ME 104 -30.22 -64.11 -79.64
N ILE ME 105 -30.43 -65.28 -79.07
CA ILE ME 105 -30.25 -65.53 -77.65
C ILE ME 105 -29.07 -66.45 -77.46
N LEU ME 106 -28.12 -66.03 -76.64
CA LEU ME 106 -27.10 -66.95 -76.19
C LEU ME 106 -27.74 -67.94 -75.23
N PRO ME 107 -27.64 -69.25 -75.49
CA PRO ME 107 -28.19 -70.22 -74.55
C PRO ME 107 -27.42 -70.20 -73.25
N PRO ME 108 -28.06 -70.57 -72.13
CA PRO ME 108 -27.39 -70.47 -70.84
C PRO ME 108 -26.33 -71.53 -70.62
N VAL ME 109 -25.75 -71.56 -69.42
CA VAL ME 109 -24.63 -72.43 -69.10
C VAL ME 109 -25.04 -73.39 -67.99
N LEU ME 110 -24.85 -74.68 -68.22
CA LEU ME 110 -25.21 -75.72 -67.26
C LEU ME 110 -24.00 -76.54 -66.88
N LEU ME 111 -23.94 -76.95 -65.61
CA LEU ME 111 -22.85 -77.75 -65.10
C LEU ME 111 -23.43 -79.00 -64.45
N GLU ME 112 -22.84 -80.15 -64.77
CA GLU ME 112 -23.27 -81.43 -64.24
C GLU ME 112 -22.33 -81.87 -63.13
N GLY ME 113 -22.78 -82.85 -62.36
CA GLY ME 113 -21.94 -83.48 -61.37
C GLY ME 113 -22.43 -84.87 -61.00
N ARG ME 114 -21.53 -85.82 -60.83
CA ARG ME 114 -21.92 -87.19 -60.55
C ARG ME 114 -21.22 -87.71 -59.30
N ASN ME 115 -21.95 -88.56 -58.58
CA ASN ME 115 -21.48 -89.26 -57.39
C ASN ME 115 -21.01 -88.30 -56.31
N THR ME 116 -21.96 -87.54 -55.79
CA THR ME 116 -21.68 -86.56 -54.75
C THR ME 116 -21.67 -87.23 -53.40
N LEU ME 117 -20.60 -87.04 -52.65
CA LEU ME 117 -20.53 -87.46 -51.26
C LEU ME 117 -19.99 -86.30 -50.44
N ASN ME 118 -20.60 -86.07 -49.30
CA ASN ME 118 -20.12 -85.03 -48.40
C ASN ME 118 -20.11 -85.60 -46.98
N LEU ME 119 -19.00 -85.34 -46.30
CA LEU ME 119 -18.83 -85.66 -44.89
C LEU ME 119 -18.75 -84.33 -44.17
N ALA ME 120 -19.90 -83.87 -43.67
CA ALA ME 120 -19.94 -82.58 -42.97
C ALA ME 120 -19.18 -82.66 -41.65
N ASP ME 121 -19.47 -83.67 -40.86
CA ASP ME 121 -18.77 -83.94 -39.60
C ASP ME 121 -19.00 -85.40 -39.27
N ALA ME 122 -18.72 -85.77 -38.02
CA ALA ME 122 -19.12 -87.08 -37.55
C ALA ME 122 -20.64 -87.15 -37.46
N GLN ME 123 -21.16 -88.39 -37.49
CA GLN ME 123 -22.59 -88.72 -37.53
C GLN ME 123 -23.33 -87.99 -38.65
N SER ME 124 -22.70 -87.79 -39.80
CA SER ME 124 -23.36 -87.03 -40.87
C SER ME 124 -22.68 -87.38 -42.20
N ILE ME 125 -23.40 -88.11 -43.05
CA ILE ME 125 -22.94 -88.35 -44.42
C ILE ME 125 -24.10 -88.09 -45.37
N ARG ME 126 -23.89 -87.19 -46.32
CA ARG ME 126 -24.93 -86.85 -47.29
C ARG ME 126 -24.44 -87.17 -48.69
N ILE ME 127 -25.17 -88.01 -49.40
CA ILE ME 127 -24.78 -88.37 -50.76
C ILE ME 127 -25.90 -88.07 -51.72
N SER ME 128 -25.51 -87.93 -52.98
CA SER ME 128 -26.41 -87.76 -54.11
C SER ME 128 -25.77 -88.45 -55.30
N ASP ME 129 -26.60 -88.83 -56.26
CA ASP ME 129 -26.05 -89.48 -57.45
C ASP ME 129 -25.59 -88.45 -58.47
N ARG ME 130 -26.50 -87.55 -58.87
CA ARG ME 130 -26.17 -86.53 -59.85
C ARG ME 130 -26.77 -85.20 -59.41
N THR ME 131 -26.22 -84.14 -60.00
CA THR ME 131 -26.70 -82.79 -59.73
C THR ME 131 -26.41 -81.93 -60.94
N TYR ME 132 -27.16 -80.83 -61.03
CA TYR ME 132 -26.99 -79.86 -62.10
C TYR ME 132 -27.16 -78.46 -61.53
N LYS ME 133 -26.39 -77.53 -62.07
CA LYS ME 133 -26.38 -76.15 -61.60
C LYS ME 133 -26.25 -75.20 -62.78
N VAL ME 134 -27.08 -74.17 -62.79
CA VAL ME 134 -26.95 -73.11 -63.78
C VAL ME 134 -25.80 -72.20 -63.38
N ALA ME 135 -24.91 -71.91 -64.32
CA ALA ME 135 -23.83 -70.97 -64.11
C ALA ME 135 -24.19 -69.57 -64.59
N LYS ME 136 -24.49 -69.42 -65.87
CA LYS ME 136 -24.79 -68.12 -66.45
C LYS ME 136 -26.15 -68.16 -67.12
N GLN ME 137 -26.98 -67.18 -66.79
CA GLN ME 137 -28.31 -67.09 -67.37
C GLN ME 137 -28.23 -66.66 -68.82
N ALA ME 138 -29.23 -67.06 -69.60
CA ALA ME 138 -29.30 -66.69 -71.00
C ALA ME 138 -29.57 -65.20 -71.17
N HIS ME 139 -28.96 -64.62 -72.21
CA HIS ME 139 -29.17 -63.21 -72.51
C HIS ME 139 -28.94 -62.99 -74.00
N PHE ME 140 -29.11 -61.75 -74.42
CA PHE ME 140 -28.97 -61.35 -75.81
C PHE ME 140 -27.51 -61.23 -76.20
N ILE ME 141 -27.30 -61.00 -77.50
CA ILE ME 141 -26.04 -60.57 -78.08
C ILE ME 141 -26.34 -59.77 -79.33
N THR ME 142 -25.31 -59.16 -79.89
CA THR ME 142 -25.34 -58.70 -81.28
C THR ME 142 -24.51 -59.57 -82.19
N THR ME 143 -23.37 -60.04 -81.70
CA THR ME 143 -22.53 -60.98 -82.41
C THR ME 143 -22.24 -62.16 -81.50
N PRO ME 144 -22.15 -63.38 -82.06
CA PRO ME 144 -21.64 -64.49 -81.26
C PRO ME 144 -20.17 -64.29 -80.98
N PRO ME 145 -19.68 -64.75 -79.86
CA PRO ME 145 -18.26 -64.57 -79.53
C PRO ME 145 -17.34 -65.44 -80.37
N THR ME 146 -16.05 -65.37 -80.11
CA THR ME 146 -15.08 -66.18 -80.83
C THR ME 146 -14.05 -66.69 -79.83
N TRP ME 147 -13.00 -67.31 -80.34
CA TRP ME 147 -11.95 -67.83 -79.49
C TRP ME 147 -10.93 -66.78 -79.10
N ARG ME 148 -10.94 -65.62 -79.77
CA ARG ME 148 -9.85 -64.66 -79.59
C ARG ME 148 -9.90 -64.01 -78.21
N GLN ME 149 -11.07 -63.53 -77.81
CA GLN ME 149 -11.20 -62.87 -76.51
C GLN ME 149 -11.14 -63.84 -75.35
N TYR ME 150 -11.18 -65.15 -75.62
CA TYR ME 150 -10.94 -66.13 -74.58
C TYR ME 150 -9.52 -66.67 -74.60
N LEU ME 151 -8.81 -66.55 -75.71
CA LEU ME 151 -7.61 -67.34 -75.93
C LEU ME 151 -6.40 -66.58 -76.43
N TRP ME 152 -6.55 -65.39 -77.03
CA TRP ME 152 -5.42 -64.72 -77.64
C TRP ME 152 -4.50 -64.17 -76.55
N MET ME 153 -3.27 -64.67 -76.53
CA MET ME 153 -2.26 -64.15 -75.63
C MET ME 153 -1.91 -62.72 -76.00
N ASP ME 154 -1.75 -61.87 -75.01
CA ASP ME 154 -1.36 -60.49 -75.23
C ASP ME 154 0.10 -60.31 -74.83
N TYR ME 155 0.86 -59.66 -75.71
CA TYR ME 155 2.29 -59.49 -75.49
C TYR ME 155 2.73 -58.15 -76.05
N VAL ME 156 3.67 -57.53 -75.35
CA VAL ME 156 4.37 -56.34 -75.82
C VAL ME 156 5.85 -56.59 -75.58
N LYS ME 157 6.68 -56.32 -76.58
CA LYS ME 157 8.10 -56.57 -76.46
C LYS ME 157 8.73 -55.60 -75.46
N PRO ME 158 9.43 -56.08 -74.43
CA PRO ME 158 10.17 -55.18 -73.55
C PRO ME 158 11.59 -54.97 -74.01
N GLU ME 159 12.07 -53.73 -73.99
CA GLU ME 159 13.39 -53.41 -74.51
C GLU ME 159 14.24 -52.68 -73.47
N ALA ME 160 13.97 -52.91 -72.19
CA ALA ME 160 14.68 -52.24 -71.10
C ALA ME 160 15.20 -53.24 -70.09
N PRO ME 161 16.35 -53.87 -70.35
CA PRO ME 161 16.99 -54.71 -69.32
C PRO ME 161 17.66 -53.84 -68.28
N ASN ME 162 17.06 -53.77 -67.10
CA ASN ME 162 17.54 -52.90 -66.03
C ASN ME 162 18.56 -53.69 -65.20
N VAL ME 163 19.83 -53.52 -65.53
CA VAL ME 163 20.91 -54.28 -64.92
C VAL ME 163 21.75 -53.30 -64.10
N THR ME 164 21.47 -53.21 -62.80
CA THR ME 164 22.30 -52.38 -61.93
C THR ME 164 23.49 -53.17 -61.41
N LEU ME 165 23.24 -54.36 -60.90
CA LEU ME 165 24.30 -55.20 -60.37
C LEU ME 165 24.87 -56.05 -61.48
N LEU ME 166 26.20 -56.13 -61.54
CA LEU ME 166 26.85 -56.85 -62.62
C LEU ME 166 27.88 -57.82 -62.07
N PRO ME 167 28.10 -58.94 -62.76
CA PRO ME 167 29.20 -59.84 -62.36
C PRO ME 167 30.56 -59.22 -62.61
N LYS ME 168 31.55 -59.70 -61.87
CA LYS ME 168 32.91 -59.22 -61.97
C LYS ME 168 33.89 -60.26 -62.49
N THR ME 169 33.70 -61.52 -62.14
CA THR ME 169 34.52 -62.63 -62.60
C THR ME 169 33.68 -63.57 -63.46
N LYS ME 170 34.39 -64.54 -64.05
CA LYS ME 170 33.74 -65.50 -64.94
C LYS ME 170 32.82 -66.44 -64.17
N ALA ME 171 33.13 -66.71 -62.90
CA ALA ME 171 32.24 -67.53 -62.08
C ALA ME 171 30.90 -66.85 -61.87
N GLU ME 172 30.93 -65.56 -61.58
CA GLU ME 172 29.69 -64.82 -61.39
C GLU ME 172 28.96 -64.62 -62.72
N LYS ME 173 29.70 -64.48 -63.82
CA LYS ME 173 29.09 -64.45 -65.15
C LYS ME 173 28.39 -65.75 -65.48
N GLU ME 174 29.03 -66.88 -65.15
CA GLU ME 174 28.46 -68.19 -65.44
C GLU ME 174 27.21 -68.45 -64.60
N ILE ME 175 27.25 -68.10 -63.31
CA ILE ME 175 26.06 -68.32 -62.49
C ILE ME 175 24.96 -67.35 -62.89
N TRP ME 176 25.32 -66.16 -63.39
CA TRP ME 176 24.36 -65.24 -63.97
C TRP ME 176 23.68 -65.86 -65.19
N CYS ME 177 24.47 -66.51 -66.04
CA CYS ME 177 23.94 -67.18 -67.23
C CYS ME 177 22.99 -68.31 -66.85
N ILE ME 178 23.39 -69.14 -65.88
CA ILE ME 178 22.57 -70.31 -65.59
C ILE ME 178 21.30 -69.94 -64.81
N TYR ME 179 21.35 -68.91 -63.96
CA TYR ME 179 20.12 -68.52 -63.28
C TYR ME 179 19.20 -67.74 -64.21
N THR ME 180 19.76 -67.03 -65.19
CA THR ME 180 18.94 -66.45 -66.25
C THR ME 180 18.27 -67.55 -67.07
N GLU ME 181 18.99 -68.65 -67.31
CA GLU ME 181 18.43 -69.79 -68.03
C GLU ME 181 17.28 -70.42 -67.24
N ARG ME 182 17.46 -70.53 -65.92
CA ARG ME 182 16.39 -71.05 -65.07
C ARG ME 182 15.16 -70.15 -65.11
N GLY ME 183 15.36 -68.84 -65.07
CA GLY ME 183 14.24 -67.93 -65.20
C GLY ME 183 13.57 -68.02 -66.55
N TRP ME 184 14.36 -68.25 -67.59
CA TRP ME 184 13.84 -68.46 -68.94
C TRP ME 184 12.91 -69.66 -68.98
N LYS ME 185 13.33 -70.76 -68.33
CA LYS ME 185 12.48 -71.93 -68.20
C LYS ME 185 11.20 -71.63 -67.44
N ASN ME 186 11.31 -70.87 -66.34
CA ASN ME 186 10.15 -70.60 -65.52
C ASN ME 186 9.14 -69.70 -66.23
N GLY ME 187 9.63 -68.76 -67.03
CA GLY ME 187 8.73 -67.94 -67.83
C GLY ME 187 8.00 -68.76 -68.87
N ILE ME 188 8.70 -69.74 -69.47
CA ILE ME 188 8.05 -70.68 -70.38
C ILE ME 188 6.93 -71.44 -69.67
N ASP ME 189 7.22 -71.89 -68.45
CA ASP ME 189 6.22 -72.63 -67.67
C ASP ME 189 5.00 -71.79 -67.34
N GLN ME 190 5.23 -70.54 -66.96
CA GLN ME 190 4.14 -69.63 -66.64
C GLN ME 190 3.25 -69.39 -67.85
N ALA ME 191 3.87 -69.20 -69.03
CA ALA ME 191 3.10 -68.99 -70.24
C ALA ME 191 2.24 -70.21 -70.58
N ASN ME 192 2.81 -71.41 -70.39
CA ASN ME 192 2.06 -72.64 -70.67
C ASN ME 192 0.88 -72.80 -69.74
N THR ME 193 1.07 -72.48 -68.45
CA THR ME 193 -0.03 -72.57 -67.49
C THR ME 193 -1.14 -71.59 -67.81
N ILE ME 194 -0.77 -70.37 -68.24
CA ILE ME 194 -1.77 -69.37 -68.61
C ILE ME 194 -2.58 -69.85 -69.81
N LEU ME 195 -1.90 -70.44 -70.80
CA LEU ME 195 -2.56 -70.96 -71.98
C LEU ME 195 -3.58 -72.05 -71.62
N GLU ME 196 -3.17 -73.02 -70.81
CA GLU ME 196 -4.08 -74.11 -70.51
C GLU ME 196 -5.22 -73.66 -69.59
N GLU ME 197 -4.99 -72.61 -68.81
CA GLU ME 197 -6.07 -71.99 -68.04
C GLU ME 197 -7.14 -71.43 -68.96
N ASN ME 198 -6.72 -70.70 -70.00
CA ASN ME 198 -7.68 -70.16 -70.97
C ASN ME 198 -8.41 -71.28 -71.70
N ILE ME 199 -7.68 -72.35 -72.04
CA ILE ME 199 -8.27 -73.49 -72.73
C ILE ME 199 -9.36 -74.14 -71.87
N ALA ME 200 -9.06 -74.32 -70.58
CA ALA ME 200 -10.04 -74.92 -69.67
C ALA ME 200 -11.26 -74.04 -69.50
N ARG ME 201 -11.07 -72.72 -69.46
CA ARG ME 201 -12.20 -71.81 -69.31
C ARG ME 201 -13.14 -71.88 -70.52
N ILE ME 202 -12.58 -71.86 -71.73
CA ILE ME 202 -13.45 -71.87 -72.90
C ILE ME 202 -14.06 -73.25 -73.10
N LYS ME 203 -13.37 -74.31 -72.65
CA LYS ME 203 -13.97 -75.64 -72.67
C LYS ME 203 -15.16 -75.71 -71.73
N GLU ME 204 -15.04 -75.06 -70.57
CA GLU ME 204 -16.14 -75.04 -69.61
C GLU ME 204 -17.37 -74.34 -70.18
N ASP ME 205 -17.15 -73.20 -70.84
CA ASP ME 205 -18.29 -72.48 -71.41
C ASP ME 205 -18.93 -73.27 -72.56
N PHE ME 206 -18.10 -73.88 -73.42
CA PHE ME 206 -18.62 -74.68 -74.52
C PHE ME 206 -19.39 -75.89 -74.01
N GLY ME 207 -18.88 -76.52 -72.95
CA GLY ME 207 -19.56 -77.64 -72.36
C GLY ME 207 -20.88 -77.24 -71.74
N GLY ME 208 -20.94 -76.04 -71.16
CA GLY ME 208 -22.19 -75.54 -70.61
C GLY ME 208 -23.26 -75.33 -71.67
N MET ME 209 -22.86 -74.75 -72.81
CA MET ME 209 -23.82 -74.54 -73.89
C MET ME 209 -24.30 -75.87 -74.48
N ILE ME 210 -23.38 -76.81 -74.70
CA ILE ME 210 -23.80 -78.07 -75.30
C ILE ME 210 -24.58 -78.90 -74.30
N LEU ME 211 -24.35 -78.69 -72.99
CA LEU ME 211 -25.13 -79.36 -71.98
C LEU ME 211 -26.54 -78.81 -71.92
N TYR ME 212 -26.70 -77.51 -72.14
CA TYR ME 212 -28.03 -76.95 -72.21
C TYR ME 212 -28.80 -77.50 -73.39
N ARG ME 213 -28.14 -77.63 -74.54
CA ARG ME 213 -28.81 -78.22 -75.70
C ARG ME 213 -29.20 -79.67 -75.43
N LYS ME 214 -28.32 -80.41 -74.76
CA LYS ME 214 -28.60 -81.82 -74.44
C LYS ME 214 -29.80 -81.95 -73.51
N LEU ME 215 -29.84 -81.15 -72.45
CA LEU ME 215 -30.93 -81.31 -71.50
C LEU ME 215 -32.23 -80.74 -72.02
N LEU ME 216 -32.15 -79.72 -72.89
CA LEU ME 216 -33.35 -79.21 -73.53
C LEU ME 216 -33.92 -80.24 -74.50
N ALA ME 217 -33.05 -81.00 -75.15
CA ALA ME 217 -33.52 -82.17 -75.88
C ALA ME 217 -34.05 -83.24 -74.94
N MET ME 218 -33.51 -83.33 -73.73
CA MET ME 218 -33.90 -84.36 -72.80
C MET ME 218 -35.17 -84.03 -72.03
N ASN ME 219 -35.72 -82.83 -72.22
CA ASN ME 219 -36.89 -82.31 -71.50
C ASN ME 219 -36.61 -82.25 -70.00
N MET ME 220 -35.65 -81.41 -69.64
CA MET ME 220 -35.32 -81.14 -68.26
C MET ME 220 -35.39 -79.67 -67.90
N VAL ME 221 -35.43 -78.79 -68.89
CA VAL ME 221 -35.41 -77.35 -68.65
C VAL ME 221 -36.50 -76.68 -69.45
N SER ME 222 -36.99 -75.58 -68.92
CA SER ME 222 -37.94 -74.77 -69.65
C SER ME 222 -37.22 -74.03 -70.77
N PRO ME 223 -37.75 -74.03 -71.99
CA PRO ME 223 -37.22 -73.12 -72.99
C PRO ME 223 -37.47 -71.69 -72.60
N PRO ME 224 -36.59 -70.76 -72.97
CA PRO ME 224 -36.82 -69.35 -72.67
C PRO ME 224 -38.01 -68.83 -73.44
N TYR ME 225 -38.76 -67.94 -72.81
CA TYR ME 225 -40.00 -67.44 -73.38
C TYR ME 225 -39.93 -65.92 -73.55
N VAL ME 226 -40.37 -65.46 -74.70
CA VAL ME 226 -40.33 -64.05 -75.07
C VAL ME 226 -41.72 -63.66 -75.56
N SER ME 227 -42.00 -62.36 -75.53
CA SER ME 227 -43.19 -61.80 -76.13
C SER ME 227 -42.84 -60.50 -76.80
N HIS ME 228 -43.29 -60.32 -78.03
CA HIS ME 228 -43.01 -59.10 -78.79
C HIS ME 228 -44.31 -58.34 -78.99
N THR ME 229 -44.27 -57.06 -78.69
CA THR ME 229 -45.39 -56.17 -78.93
C THR ME 229 -44.95 -55.08 -79.89
N ASP ME 230 -45.82 -54.74 -80.82
CA ASP ME 230 -45.51 -53.81 -81.89
C ASP ME 230 -46.42 -52.60 -81.83
N LEU ME 231 -45.88 -51.46 -82.23
CA LEU ME 231 -46.61 -50.22 -82.38
C LEU ME 231 -46.40 -49.71 -83.79
N GLY ME 232 -47.41 -49.04 -84.33
CA GLY ME 232 -47.33 -48.53 -85.68
C GLY ME 232 -46.61 -47.20 -85.70
N VAL ME 233 -47.28 -46.18 -86.22
CA VAL ME 233 -46.74 -44.83 -86.14
C VAL ME 233 -46.68 -44.40 -84.68
N THR ME 234 -45.59 -43.76 -84.30
CA THR ME 234 -45.37 -43.41 -82.91
C THR ME 234 -44.88 -41.98 -82.80
N GLY ME 235 -45.08 -41.40 -81.62
CA GLY ME 235 -44.62 -40.07 -81.35
C GLY ME 235 -45.52 -39.01 -81.96
N ASP ME 236 -45.18 -37.76 -81.68
CA ASP ME 236 -45.94 -36.63 -82.19
C ASP ME 236 -45.49 -36.33 -83.61
N GLY ME 237 -45.93 -35.20 -84.16
CA GLY ME 237 -45.50 -34.78 -85.47
C GLY ME 237 -44.12 -34.18 -85.56
N SER ME 238 -43.35 -34.17 -84.47
CA SER ME 238 -42.00 -33.63 -84.56
C SER ME 238 -41.04 -34.64 -85.17
N GLU ME 239 -40.79 -35.75 -84.48
CA GLU ME 239 -39.92 -36.81 -84.97
C GLU ME 239 -40.61 -38.14 -84.75
N ILE ME 240 -40.51 -39.04 -85.73
CA ILE ME 240 -41.22 -40.31 -85.67
C ILE ME 240 -40.29 -41.47 -86.00
N HIS ME 241 -40.77 -42.65 -85.64
CA HIS ME 241 -40.28 -43.93 -86.13
C HIS ME 241 -41.46 -44.62 -86.79
N ILE ME 242 -41.23 -45.26 -87.93
CA ILE ME 242 -42.35 -45.76 -88.72
C ILE ME 242 -42.97 -47.01 -88.12
N ASP ME 243 -42.24 -47.70 -87.26
CA ASP ME 243 -42.81 -48.77 -86.43
C ASP ME 243 -42.00 -48.80 -85.14
N ASP ME 244 -42.42 -49.63 -84.21
CA ASP ME 244 -41.72 -49.72 -82.93
C ASP ME 244 -42.01 -51.09 -82.34
N ARG ME 245 -41.06 -52.00 -82.44
CA ARG ME 245 -41.25 -53.36 -81.95
C ARG ME 245 -40.36 -53.57 -80.74
N VAL ME 246 -40.95 -54.09 -79.66
CA VAL ME 246 -40.28 -54.26 -78.39
C VAL ME 246 -40.47 -55.70 -77.94
N LEU ME 247 -39.35 -56.36 -77.64
CA LEU ME 247 -39.35 -57.74 -77.22
C LEU ME 247 -39.00 -57.82 -75.74
N ARG ME 248 -39.78 -58.59 -74.99
CA ARG ME 248 -39.58 -58.75 -73.56
C ARG ME 248 -39.51 -60.23 -73.22
N ILE ME 249 -38.40 -60.64 -72.62
CA ILE ME 249 -38.24 -62.01 -72.16
C ILE ME 249 -38.90 -62.13 -70.80
N THR ME 250 -39.84 -63.07 -70.67
CA THR ME 250 -40.52 -63.27 -69.41
C THR ME 250 -39.95 -64.43 -68.61
N ALA ME 251 -39.71 -65.56 -69.25
CA ALA ME 251 -39.34 -66.79 -68.56
C ALA ME 251 -37.88 -67.12 -68.84
N LEU ME 252 -37.05 -66.99 -67.83
CA LEU ME 252 -35.70 -67.52 -67.93
C LEU ME 252 -35.76 -69.04 -67.90
N PRO ME 253 -34.82 -69.71 -68.56
CA PRO ME 253 -34.79 -71.18 -68.50
C PRO ME 253 -34.42 -71.67 -67.10
N GLU ME 254 -35.13 -72.70 -66.66
CA GLU ME 254 -34.86 -73.29 -65.35
C GLU ME 254 -35.21 -74.76 -65.40
N LEU ME 255 -34.64 -75.51 -64.47
CA LEU ME 255 -34.87 -76.94 -64.42
C LEU ME 255 -36.26 -77.25 -63.90
N ASN ME 256 -36.78 -78.42 -64.28
CA ASN ME 256 -38.07 -78.87 -63.77
C ASN ME 256 -37.87 -79.92 -62.69
N VAL ME 257 -38.82 -79.97 -61.76
CA VAL ME 257 -38.79 -80.99 -60.71
C VAL ME 257 -39.90 -82.01 -60.87
N ASN ME 258 -40.85 -81.78 -61.77
CA ASN ME 258 -41.87 -82.77 -62.06
C ASN ME 258 -41.22 -83.90 -62.85
N SER ME 259 -40.81 -84.93 -62.15
CA SER ME 259 -39.95 -85.95 -62.75
C SER ME 259 -40.72 -86.91 -63.65
N ALA ME 260 -42.05 -86.94 -63.58
CA ALA ME 260 -42.83 -87.87 -64.37
C ALA ME 260 -42.89 -87.50 -65.84
N GLU ME 261 -42.46 -86.30 -66.21
CA GLU ME 261 -42.54 -85.82 -67.58
C GLU ME 261 -41.19 -85.84 -68.28
N TRP ME 262 -40.37 -86.82 -67.95
CA TRP ME 262 -39.02 -86.92 -68.49
C TRP ME 262 -38.96 -88.10 -69.45
N ARG ME 263 -38.32 -87.88 -70.59
CA ARG ME 263 -38.28 -88.87 -71.65
C ARG ME 263 -36.85 -89.29 -71.91
N ALA ME 264 -36.66 -90.57 -72.15
CA ALA ME 264 -35.35 -91.17 -72.30
C ALA ME 264 -35.03 -91.39 -73.77
N ALA ME 265 -33.95 -92.11 -74.04
CA ALA ME 265 -33.52 -92.43 -75.39
C ALA ME 265 -33.04 -93.87 -75.44
N VAL ME 266 -32.60 -94.29 -76.62
CA VAL ME 266 -32.07 -95.62 -76.88
C VAL ME 266 -31.11 -95.50 -78.04
N ALA ME 267 -30.36 -96.56 -78.34
CA ALA ME 267 -29.48 -96.54 -79.50
C ALA ME 267 -29.53 -97.88 -80.21
N LYS ME 268 -28.85 -97.93 -81.36
CA LYS ME 268 -28.80 -99.15 -82.17
C LYS ME 268 -27.38 -99.41 -82.67
N LYS NE 60 13.88 43.29 -76.73
CA LYS NE 60 12.80 42.40 -77.14
C LYS NE 60 11.44 43.01 -76.79
N GLU NE 61 10.79 42.41 -75.80
CA GLU NE 61 9.50 42.91 -75.35
C GLU NE 61 9.66 44.27 -74.68
N THR NE 62 10.81 44.51 -74.07
CA THR NE 62 11.14 45.83 -73.56
C THR NE 62 11.20 46.85 -74.69
N ALA NE 63 11.80 46.46 -75.82
CA ALA NE 63 11.85 47.34 -76.98
C ALA NE 63 10.46 47.61 -77.52
N LEU NE 64 9.60 46.59 -77.51
CA LEU NE 64 8.21 46.78 -77.92
C LEU NE 64 7.48 47.74 -76.99
N SER NE 65 7.69 47.60 -75.68
CA SER NE 65 7.01 48.45 -74.71
C SER NE 65 7.45 49.90 -74.84
N VAL NE 66 8.76 50.13 -74.98
CA VAL NE 66 9.21 51.51 -75.08
C VAL NE 66 8.88 52.10 -76.44
N GLY NE 67 8.76 51.26 -77.47
CA GLY NE 67 8.29 51.76 -78.75
C GLY NE 67 6.84 52.21 -78.69
N ALA NE 68 6.01 51.44 -77.98
CA ALA NE 68 4.62 51.83 -77.78
C ALA NE 68 4.52 53.13 -76.98
N GLN NE 69 5.35 53.25 -75.94
CA GLN NE 69 5.34 54.45 -75.11
C GLN NE 69 5.78 55.68 -75.90
N ALA NE 70 6.88 55.56 -76.65
CA ALA NE 70 7.41 56.69 -77.39
C ALA NE 70 6.48 57.11 -78.51
N GLY NE 71 5.92 56.13 -79.23
CA GLY NE 71 4.99 56.46 -80.30
C GLY NE 71 3.73 57.11 -79.78
N LEU NE 72 3.19 56.60 -78.67
CA LEU NE 72 1.99 57.17 -78.09
C LEU NE 72 2.23 58.60 -77.62
N ALA NE 73 3.36 58.84 -76.95
CA ALA NE 73 3.65 60.17 -76.44
C ALA NE 73 3.89 61.16 -77.56
N TRP NE 74 4.68 60.77 -78.57
CA TRP NE 74 5.01 61.69 -79.65
C TRP NE 74 3.79 62.01 -80.50
N ARG NE 75 2.99 60.99 -80.81
CA ARG NE 75 1.78 61.22 -81.61
C ARG NE 75 0.75 62.03 -80.84
N ALA NE 76 0.65 61.81 -79.52
CA ALA NE 76 -0.26 62.61 -78.71
C ALA NE 76 0.15 64.08 -78.68
N LYS NE 77 1.45 64.35 -78.55
CA LYS NE 77 1.91 65.72 -78.54
C LYS NE 77 1.68 66.41 -79.89
N ILE NE 78 1.93 65.68 -80.98
CA ILE NE 78 1.67 66.20 -82.32
C ILE NE 78 0.19 66.49 -82.50
N ILE NE 79 -0.67 65.59 -81.99
CA ILE NE 79 -2.11 65.74 -82.11
C ILE NE 79 -2.61 66.94 -81.33
N ASP NE 80 -2.05 67.17 -80.13
CA ASP NE 80 -2.47 68.31 -79.34
C ASP NE 80 -2.03 69.63 -79.99
N GLU NE 81 -0.81 69.67 -80.56
CA GLU NE 81 -0.38 70.88 -81.27
C GLU NE 81 -1.26 71.15 -82.47
N GLN NE 82 -1.58 70.11 -83.24
CA GLN NE 82 -2.44 70.26 -84.39
C GLN NE 82 -3.85 70.65 -84.00
N LEU NE 83 -4.31 70.17 -82.85
CA LEU NE 83 -5.64 70.50 -82.39
C LEU NE 83 -5.73 71.96 -81.95
N ASN NE 84 -4.76 72.41 -81.16
CA ASN NE 84 -4.83 73.79 -80.68
C ASN NE 84 -4.42 74.79 -81.73
N LYS NE 85 -3.83 74.35 -82.85
CA LYS NE 85 -3.49 75.27 -83.92
C LYS NE 85 -4.72 75.91 -84.55
N GLN NE 86 -5.87 75.24 -84.52
CA GLN NE 86 -7.08 75.74 -85.15
C GLN NE 86 -8.22 75.76 -84.16
N ALA NE 87 -7.97 76.35 -83.00
CA ALA NE 87 -8.95 76.34 -81.93
C ALA NE 87 -10.16 77.23 -82.20
N ARG NE 88 -10.09 78.15 -83.17
CA ARG NE 88 -11.17 79.09 -83.40
C ARG NE 88 -12.41 78.40 -83.94
N ASN NE 89 -12.24 77.57 -84.96
CA ASN NE 89 -13.37 76.95 -85.64
C ASN NE 89 -14.05 75.90 -84.78
N LEU NE 90 -13.35 75.34 -83.80
CA LEU NE 90 -13.98 74.43 -82.85
C LEU NE 90 -15.05 75.14 -82.05
N ASP NE 91 -14.73 76.30 -81.49
CA ASP NE 91 -15.71 77.08 -80.76
C ASP NE 91 -16.74 77.68 -81.69
N ALA NE 92 -16.35 77.94 -82.94
CA ALA NE 92 -17.31 78.41 -83.93
C ALA NE 92 -18.39 77.37 -84.20
N ILE NE 93 -18.00 76.10 -84.31
CA ILE NE 93 -19.01 75.09 -84.61
C ILE NE 93 -19.74 74.60 -83.37
N TYR NE 94 -19.10 74.59 -82.21
CA TYR NE 94 -19.73 74.05 -81.02
C TYR NE 94 -20.23 75.15 -80.09
N ASP NE 95 -21.17 75.93 -80.60
CA ASP NE 95 -21.79 76.97 -79.79
C ASP NE 95 -22.88 76.28 -78.97
N PHE NE 96 -22.49 75.81 -77.78
CA PHE NE 96 -23.50 75.33 -76.84
C PHE NE 96 -24.38 76.47 -76.37
N ASN NE 97 -23.81 77.67 -76.27
CA ASN NE 97 -24.53 78.83 -75.75
C ASN NE 97 -25.66 79.25 -76.67
N SER NE 98 -25.58 78.92 -77.95
CA SER NE 98 -26.75 79.03 -78.81
C SER NE 98 -27.84 78.05 -78.39
N LEU NE 99 -27.46 76.88 -77.90
CA LEU NE 99 -28.45 75.86 -77.58
C LEU NE 99 -28.91 75.89 -76.14
N VAL NE 100 -28.32 76.73 -75.29
CA VAL NE 100 -28.72 76.81 -73.90
C VAL NE 100 -30.12 77.41 -73.82
N LEU NE 101 -31.00 76.75 -73.07
CA LEU NE 101 -32.36 77.24 -72.92
C LEU NE 101 -32.37 78.47 -72.01
N GLU NE 102 -33.46 79.23 -72.12
CA GLU NE 102 -33.52 80.58 -71.57
C GLU NE 102 -33.48 80.62 -70.04
N HIS NE 103 -33.80 79.52 -69.37
CA HIS NE 103 -33.68 79.44 -67.94
C HIS NE 103 -32.33 78.90 -67.51
N ASN NE 104 -31.31 79.04 -68.36
CA ASN NE 104 -29.96 78.54 -68.15
C ASN NE 104 -29.97 77.03 -67.88
N ILE NE 105 -30.48 76.30 -68.87
CA ILE NE 105 -30.66 74.86 -68.78
C ILE NE 105 -30.01 74.20 -69.99
N LEU NE 106 -29.16 73.22 -69.75
CA LEU NE 106 -28.66 72.38 -70.82
C LEU NE 106 -29.80 71.54 -71.38
N PRO NE 107 -30.03 71.57 -72.70
CA PRO NE 107 -31.07 70.73 -73.28
C PRO NE 107 -30.67 69.27 -73.21
N PRO NE 108 -31.65 68.35 -73.20
CA PRO NE 108 -31.33 66.92 -73.03
C PRO NE 108 -30.80 66.33 -74.33
N VAL NE 109 -30.58 65.02 -74.28
CA VAL NE 109 -29.97 64.26 -75.37
C VAL NE 109 -30.97 63.20 -75.83
N LEU NE 110 -31.19 63.12 -77.13
CA LEU NE 110 -32.10 62.15 -77.69
C LEU NE 110 -31.39 61.27 -78.72
N LEU NE 111 -31.89 60.05 -78.88
CA LEU NE 111 -31.38 59.12 -79.86
C LEU NE 111 -32.53 58.54 -80.67
N GLU NE 112 -32.25 58.26 -81.94
CA GLU NE 112 -33.27 57.83 -82.88
C GLU NE 112 -32.85 56.54 -83.56
N GLY NE 113 -33.83 55.74 -83.95
CA GLY NE 113 -33.54 54.48 -84.62
C GLY NE 113 -34.51 54.20 -85.75
N ARG NE 114 -33.97 53.83 -86.91
CA ARG NE 114 -34.76 53.61 -88.12
C ARG NE 114 -34.58 52.19 -88.61
N ASN NE 115 -35.69 51.60 -89.05
CA ASN NE 115 -35.78 50.25 -89.63
C ASN NE 115 -35.22 49.20 -88.66
N THR NE 116 -35.90 49.06 -87.54
CA THR NE 116 -35.44 48.20 -86.46
C THR NE 116 -35.99 46.80 -86.66
N LEU NE 117 -35.09 45.82 -86.70
CA LEU NE 117 -35.45 44.41 -86.60
C LEU NE 117 -34.93 43.87 -85.28
N ASN NE 118 -35.68 42.94 -84.71
CA ASN NE 118 -35.19 42.14 -83.60
C ASN NE 118 -35.67 40.71 -83.78
N LEU NE 119 -34.71 39.80 -83.83
CA LEU NE 119 -34.97 38.36 -83.80
C LEU NE 119 -34.85 37.92 -82.35
N ALA NE 120 -35.95 37.43 -81.78
CA ALA NE 120 -35.85 36.78 -80.49
C ALA NE 120 -35.44 35.33 -80.65
N ASP NE 121 -36.28 34.55 -81.32
CA ASP NE 121 -36.03 33.14 -81.59
C ASP NE 121 -36.94 32.74 -82.73
N ALA NE 122 -37.14 31.43 -82.90
CA ALA NE 122 -38.09 30.94 -83.87
C ALA NE 122 -39.50 31.34 -83.46
N GLN NE 123 -40.38 31.44 -84.48
CA GLN NE 123 -41.79 31.86 -84.36
C GLN NE 123 -41.94 33.25 -83.74
N SER NE 124 -40.92 34.09 -83.83
CA SER NE 124 -40.95 35.34 -83.05
C SER NE 124 -40.04 36.37 -83.70
N ILE NE 125 -40.64 37.30 -84.43
CA ILE NE 125 -39.93 38.44 -84.99
C ILE NE 125 -40.64 39.71 -84.53
N ARG NE 126 -39.85 40.73 -84.16
CA ARG NE 126 -40.42 42.00 -83.76
C ARG NE 126 -39.72 43.10 -84.52
N ILE NE 127 -40.46 43.86 -85.32
CA ILE NE 127 -39.86 44.93 -86.10
C ILE NE 127 -40.64 46.21 -85.87
N SER NE 128 -39.97 47.32 -86.19
CA SER NE 128 -40.55 48.65 -86.08
C SER NE 128 -39.92 49.53 -87.14
N ASP NE 129 -40.66 50.55 -87.56
CA ASP NE 129 -40.08 51.53 -88.45
C ASP NE 129 -39.09 52.41 -87.71
N ARG NE 130 -39.51 53.02 -86.61
CA ARG NE 130 -38.65 53.92 -85.89
C ARG NE 130 -38.89 53.81 -84.40
N THR NE 131 -37.93 54.32 -83.65
CA THR NE 131 -38.03 54.39 -82.19
C THR NE 131 -37.17 55.54 -81.70
N TYR NE 132 -37.46 56.01 -80.48
CA TYR NE 132 -36.76 57.13 -79.90
C TYR NE 132 -36.47 56.90 -78.43
N LYS NE 133 -35.30 57.37 -78.00
CA LYS NE 133 -34.76 57.13 -76.67
C LYS NE 133 -34.31 58.45 -76.07
N VAL NE 134 -34.69 58.70 -74.82
CA VAL NE 134 -34.06 59.74 -74.03
C VAL NE 134 -32.75 59.17 -73.48
N ALA NE 135 -31.64 59.85 -73.77
CA ALA NE 135 -30.33 59.38 -73.33
C ALA NE 135 -29.90 60.03 -72.03
N LYS NE 136 -29.73 61.35 -72.02
CA LYS NE 136 -29.32 62.08 -70.84
C LYS NE 136 -30.39 63.09 -70.48
N GLN NE 137 -30.90 63.00 -69.26
CA GLN NE 137 -31.93 63.91 -68.80
C GLN NE 137 -31.34 65.30 -68.59
N ALA NE 138 -32.08 66.31 -69.05
CA ALA NE 138 -31.66 67.70 -68.92
C ALA NE 138 -31.59 68.13 -67.46
N HIS NE 139 -30.65 69.01 -67.16
CA HIS NE 139 -30.49 69.51 -65.80
C HIS NE 139 -29.97 70.93 -65.85
N PHE NE 140 -29.68 71.47 -64.68
CA PHE NE 140 -29.15 72.82 -64.54
C PHE NE 140 -27.70 72.89 -64.99
N ILE NE 141 -27.25 74.10 -65.25
CA ILE NE 141 -25.86 74.40 -65.55
C ILE NE 141 -25.48 75.72 -64.91
N THR NE 142 -24.18 75.94 -64.77
CA THR NE 142 -23.65 77.25 -64.43
C THR NE 142 -22.90 77.89 -65.59
N THR NE 143 -22.16 77.10 -66.34
CA THR NE 143 -21.45 77.55 -67.52
C THR NE 143 -21.81 76.65 -68.68
N PRO NE 144 -21.83 77.18 -69.89
CA PRO NE 144 -21.88 76.32 -71.07
C PRO NE 144 -20.56 75.58 -71.21
N PRO NE 145 -20.60 74.32 -71.59
CA PRO NE 145 -19.36 73.55 -71.72
C PRO NE 145 -18.53 73.94 -72.93
N THR NE 146 -17.41 73.27 -73.13
CA THR NE 146 -16.57 73.50 -74.29
C THR NE 146 -16.18 72.16 -74.90
N TRP NE 147 -15.39 72.24 -75.97
CA TRP NE 147 -14.86 71.05 -76.59
C TRP NE 147 -13.65 70.49 -75.88
N ARG NE 148 -13.05 71.25 -74.97
CA ARG NE 148 -11.76 70.88 -74.41
C ARG NE 148 -11.87 69.70 -73.46
N GLN NE 149 -12.86 69.70 -72.57
CA GLN NE 149 -13.03 68.57 -71.66
C GLN NE 149 -13.57 67.35 -72.35
N TYR NE 150 -14.05 67.49 -73.58
CA TYR NE 150 -14.39 66.34 -74.40
C TYR NE 150 -13.24 65.90 -75.30
N LEU NE 151 -12.25 66.77 -75.50
CA LEU NE 151 -11.37 66.64 -76.65
C LEU NE 151 -9.88 66.73 -76.35
N TRP NE 152 -9.47 67.32 -75.24
CA TRP NE 152 -8.05 67.54 -75.02
C TRP NE 152 -7.35 66.22 -74.71
N MET NE 153 -6.38 65.88 -75.54
CA MET NE 153 -5.57 64.71 -75.28
C MET NE 153 -4.65 64.97 -74.11
N ASP NE 154 -4.61 64.05 -73.16
CA ASP NE 154 -3.66 64.12 -72.06
C ASP NE 154 -2.26 63.84 -72.56
N TYR NE 155 -1.26 64.40 -71.89
CA TYR NE 155 0.10 64.25 -72.35
C TYR NE 155 1.09 64.43 -71.21
N VAL NE 156 2.05 63.52 -71.13
CA VAL NE 156 3.22 63.69 -70.29
C VAL NE 156 4.36 62.93 -70.93
N LYS NE 157 5.47 63.62 -71.15
CA LYS NE 157 6.62 62.99 -71.78
C LYS NE 157 7.30 62.06 -70.78
N PRO NE 158 7.49 60.80 -71.11
CA PRO NE 158 8.25 59.91 -70.24
C PRO NE 158 9.75 60.07 -70.49
N GLU NE 159 10.44 60.65 -69.51
CA GLU NE 159 11.88 60.84 -69.59
C GLU NE 159 12.64 59.72 -68.88
N ALA NE 160 12.01 58.56 -68.70
CA ALA NE 160 12.62 57.45 -67.96
C ALA NE 160 12.62 56.18 -68.79
N PRO NE 161 13.52 56.06 -69.78
CA PRO NE 161 13.78 54.74 -70.36
C PRO NE 161 14.79 53.99 -69.50
N ASN NE 162 14.32 53.01 -68.77
CA ASN NE 162 15.19 52.28 -67.86
C ASN NE 162 16.12 51.35 -68.63
N VAL NE 163 17.31 51.13 -68.08
CA VAL NE 163 18.30 50.31 -68.76
C VAL NE 163 18.39 48.95 -68.08
N THR NE 164 17.54 48.01 -68.51
CA THR NE 164 17.64 46.62 -68.09
C THR NE 164 18.37 45.79 -69.14
N LEU NE 165 17.81 45.71 -70.34
CA LEU NE 165 18.49 45.09 -71.45
C LEU NE 165 19.38 46.13 -72.12
N LEU NE 166 20.60 45.72 -72.45
CA LEU NE 166 21.55 46.59 -73.09
C LEU NE 166 21.90 46.04 -74.46
N PRO NE 167 21.85 46.84 -75.52
CA PRO NE 167 22.21 46.33 -76.85
C PRO NE 167 23.71 46.08 -76.95
N LYS NE 168 24.07 44.87 -77.39
CA LYS NE 168 25.45 44.43 -77.42
C LYS NE 168 25.97 44.20 -78.83
N THR NE 169 25.32 43.35 -79.61
CA THR NE 169 25.78 43.04 -80.96
C THR NE 169 24.81 43.59 -82.00
N LYS NE 170 25.23 43.46 -83.26
CA LYS NE 170 24.52 44.11 -84.35
C LYS NE 170 23.17 43.45 -84.63
N ALA NE 171 23.09 42.13 -84.46
CA ALA NE 171 21.83 41.43 -84.67
C ALA NE 171 20.80 41.83 -83.63
N GLU NE 172 21.22 41.92 -82.36
CA GLU NE 172 20.32 42.35 -81.30
C GLU NE 172 19.92 43.82 -81.51
N LYS NE 173 20.87 44.65 -81.95
CA LYS NE 173 20.57 46.05 -82.22
C LYS NE 173 19.57 46.20 -83.36
N GLU NE 174 19.71 45.39 -84.41
CA GLU NE 174 18.81 45.48 -85.56
C GLU NE 174 17.41 44.99 -85.23
N ILE NE 175 17.31 43.86 -84.51
CA ILE NE 175 15.99 43.38 -84.13
C ILE NE 175 15.37 44.32 -83.09
N TRP NE 176 16.22 44.97 -82.28
CA TRP NE 176 15.76 45.98 -81.34
C TRP NE 176 15.18 47.18 -82.07
N CYS NE 177 15.85 47.62 -83.13
CA CYS NE 177 15.38 48.77 -83.91
C CYS NE 177 14.08 48.46 -84.62
N ILE NE 178 13.96 47.27 -85.24
CA ILE NE 178 12.74 46.98 -85.98
C ILE NE 178 11.58 46.71 -85.02
N TYR NE 179 11.84 46.15 -83.84
CA TYR NE 179 10.76 45.93 -82.89
C TYR NE 179 10.29 47.23 -82.28
N THR NE 180 11.23 48.16 -82.04
CA THR NE 180 10.85 49.47 -81.56
C THR NE 180 10.09 50.25 -82.62
N GLU NE 181 10.44 50.04 -83.88
CA GLU NE 181 9.68 50.65 -84.98
C GLU NE 181 8.25 50.13 -85.03
N ARG NE 182 8.08 48.83 -84.82
CA ARG NE 182 6.75 48.24 -84.76
C ARG NE 182 5.95 48.80 -83.59
N GLY NE 183 6.59 48.94 -82.43
CA GLY NE 183 5.92 49.54 -81.29
C GLY NE 183 5.54 50.99 -81.51
N TRP NE 184 6.37 51.73 -82.25
CA TRP NE 184 6.03 53.10 -82.62
C TRP NE 184 4.77 53.13 -83.47
N LYS NE 185 4.68 52.22 -84.43
CA LYS NE 185 3.48 52.16 -85.27
C LYS NE 185 2.25 51.82 -84.44
N ASN NE 186 2.40 50.90 -83.49
CA ASN NE 186 1.30 50.54 -82.60
C ASN NE 186 0.85 51.72 -81.75
N GLY NE 187 1.80 52.51 -81.25
CA GLY NE 187 1.45 53.67 -80.46
C GLY NE 187 0.75 54.74 -81.27
N ILE NE 188 1.16 54.91 -82.53
CA ILE NE 188 0.48 55.84 -83.44
C ILE NE 188 -0.96 55.41 -83.64
N ASP NE 189 -1.16 54.10 -83.83
CA ASP NE 189 -2.52 53.55 -83.99
C ASP NE 189 -3.36 53.77 -82.74
N GLN NE 190 -2.75 53.58 -81.57
CA GLN NE 190 -3.45 53.77 -80.30
C GLN NE 190 -3.93 55.21 -80.15
N ALA NE 191 -3.04 56.17 -80.44
CA ALA NE 191 -3.39 57.57 -80.31
C ALA NE 191 -4.49 57.97 -81.30
N ASN NE 192 -4.38 57.47 -82.53
CA ASN NE 192 -5.37 57.79 -83.55
C ASN NE 192 -6.75 57.25 -83.17
N THR NE 193 -6.79 56.02 -82.65
CA THR NE 193 -8.05 55.42 -82.27
C THR NE 193 -8.69 56.14 -81.10
N ILE NE 194 -7.89 56.57 -80.12
CA ILE NE 194 -8.44 57.29 -78.97
C ILE NE 194 -8.98 58.65 -79.38
N LEU NE 195 -8.27 59.33 -80.29
CA LEU NE 195 -8.74 60.62 -80.78
C LEU NE 195 -10.06 60.49 -81.53
N GLU NE 196 -10.18 59.48 -82.39
CA GLU NE 196 -11.42 59.31 -83.11
C GLU NE 196 -12.55 58.83 -82.20
N GLU NE 197 -12.20 58.16 -81.09
CA GLU NE 197 -13.20 57.81 -80.08
C GLU NE 197 -13.82 59.06 -79.46
N ASN NE 198 -12.97 59.99 -79.04
CA ASN NE 198 -13.49 61.22 -78.43
C ASN NE 198 -14.27 62.05 -79.43
N ILE NE 199 -13.82 62.04 -80.69
CA ILE NE 199 -14.53 62.72 -81.78
C ILE NE 199 -15.93 62.13 -81.93
N ALA NE 200 -16.03 60.80 -81.90
CA ALA NE 200 -17.31 60.13 -82.02
C ALA NE 200 -18.23 60.47 -80.85
N ARG NE 201 -17.66 60.55 -79.64
CA ARG NE 201 -18.47 60.84 -78.47
C ARG NE 201 -19.06 62.24 -78.52
N ILE NE 202 -18.24 63.23 -78.89
CA ILE NE 202 -18.75 64.60 -78.92
C ILE NE 202 -19.72 64.79 -80.08
N LYS NE 203 -19.52 64.05 -81.18
CA LYS NE 203 -20.47 64.08 -82.28
C LYS NE 203 -21.82 63.53 -81.85
N GLU NE 204 -21.80 62.44 -81.09
CA GLU NE 204 -23.03 61.85 -80.57
C GLU NE 204 -23.77 62.81 -79.65
N ASP NE 205 -23.03 63.49 -78.78
CA ASP NE 205 -23.67 64.41 -77.84
C ASP NE 205 -24.30 65.60 -78.55
N PHE NE 206 -23.58 66.18 -79.52
CA PHE NE 206 -24.12 67.33 -80.25
C PHE NE 206 -25.32 66.92 -81.09
N GLY NE 207 -25.26 65.72 -81.68
CA GLY NE 207 -26.39 65.23 -82.45
C GLY NE 207 -27.61 65.00 -81.59
N GLY NE 208 -27.41 64.53 -80.36
CA GLY NE 208 -28.53 64.37 -79.45
C GLY NE 208 -29.17 65.70 -79.08
N MET NE 209 -28.35 66.72 -78.85
CA MET NE 209 -28.89 68.04 -78.54
C MET NE 209 -29.69 68.62 -79.70
N ILE NE 210 -29.14 68.52 -80.91
CA ILE NE 210 -29.85 69.12 -82.05
C ILE NE 210 -31.07 68.28 -82.41
N LEU NE 211 -31.05 66.99 -82.09
CA LEU NE 211 -32.22 66.16 -82.30
C LEU NE 211 -33.35 66.56 -81.35
N TYR NE 212 -33.01 66.89 -80.10
CA TYR NE 212 -34.02 67.40 -79.18
C TYR NE 212 -34.58 68.73 -79.69
N ARG NE 213 -33.71 69.58 -80.21
CA ARG NE 213 -34.17 70.87 -80.72
C ARG NE 213 -35.14 70.70 -81.88
N LYS NE 214 -34.81 69.77 -82.79
CA LYS NE 214 -35.70 69.47 -83.91
C LYS NE 214 -37.01 68.88 -83.44
N LEU NE 215 -36.97 68.03 -82.43
CA LEU NE 215 -38.20 67.37 -82.00
C LEU NE 215 -39.13 68.33 -81.25
N LEU NE 216 -38.57 69.26 -80.47
CA LEU NE 216 -39.39 70.30 -79.90
C LEU NE 216 -39.93 71.22 -80.98
N ALA NE 217 -39.15 71.44 -82.02
CA ALA NE 217 -39.65 72.17 -83.17
C ALA NE 217 -40.74 71.41 -83.92
N MET NE 218 -40.78 70.08 -83.77
CA MET NE 218 -41.76 69.26 -84.46
C MET NE 218 -42.90 68.78 -83.56
N ASN NE 219 -42.93 69.23 -82.31
CA ASN NE 219 -43.93 68.86 -81.30
C ASN NE 219 -43.92 67.35 -81.05
N MET NE 220 -42.80 66.91 -80.50
CA MET NE 220 -42.68 65.53 -80.04
C MET NE 220 -42.39 65.44 -78.55
N VAL NE 221 -41.97 66.52 -77.91
CA VAL NE 221 -41.65 66.51 -76.49
C VAL NE 221 -42.20 67.76 -75.85
N SER NE 222 -42.65 67.63 -74.60
CA SER NE 222 -43.04 68.80 -73.84
C SER NE 222 -41.81 69.62 -73.49
N PRO NE 223 -41.93 70.95 -73.41
CA PRO NE 223 -40.82 71.75 -72.93
C PRO NE 223 -40.60 71.52 -71.45
N PRO NE 224 -39.38 71.76 -70.95
CA PRO NE 224 -39.18 71.72 -69.50
C PRO NE 224 -39.96 72.82 -68.82
N TYR NE 225 -40.47 72.51 -67.63
CA TYR NE 225 -41.30 73.47 -66.91
C TYR NE 225 -40.75 73.66 -65.51
N VAL NE 226 -40.75 74.92 -65.08
CA VAL NE 226 -40.11 75.36 -63.85
C VAL NE 226 -41.16 76.02 -62.96
N SER NE 227 -40.83 76.16 -61.69
CA SER NE 227 -41.60 76.96 -60.75
C SER NE 227 -40.65 77.93 -60.07
N HIS NE 228 -41.06 79.18 -59.99
CA HIS NE 228 -40.30 80.20 -59.28
C HIS NE 228 -41.15 80.76 -58.15
N THR NE 229 -40.53 80.92 -56.99
CA THR NE 229 -41.14 81.57 -55.85
C THR NE 229 -40.18 82.64 -55.35
N ASP NE 230 -40.72 83.64 -54.68
CA ASP NE 230 -39.90 84.71 -54.15
C ASP NE 230 -40.33 85.05 -52.73
N LEU NE 231 -39.35 85.35 -51.90
CA LEU NE 231 -39.55 85.91 -50.58
C LEU NE 231 -38.82 87.24 -50.53
N GLY NE 232 -39.32 88.14 -49.70
CA GLY NE 232 -38.69 89.43 -49.58
C GLY NE 232 -37.49 89.40 -48.66
N VAL NE 233 -37.44 90.33 -47.71
CA VAL NE 233 -36.39 90.31 -46.70
C VAL NE 233 -36.59 89.10 -45.80
N THR NE 234 -35.54 88.31 -45.65
CA THR NE 234 -35.65 87.08 -44.88
C THR NE 234 -34.56 87.02 -43.83
N GLY NE 235 -34.53 85.93 -43.06
CA GLY NE 235 -33.58 85.80 -41.98
C GLY NE 235 -34.04 86.50 -40.72
N ASP NE 236 -33.31 86.27 -39.65
CA ASP NE 236 -33.65 86.85 -38.36
C ASP NE 236 -33.04 88.24 -38.23
N GLY NE 237 -33.05 88.79 -37.02
CA GLY NE 237 -32.42 90.07 -36.78
C GLY NE 237 -30.91 90.04 -36.84
N SER NE 238 -30.31 88.85 -36.80
CA SER NE 238 -28.85 88.76 -36.84
C SER NE 238 -28.33 88.97 -38.26
N GLU NE 239 -28.73 88.11 -39.20
CA GLU NE 239 -28.30 88.22 -40.59
C GLU NE 239 -29.49 88.10 -41.50
N ILE NE 240 -29.44 88.84 -42.63
CA ILE NE 240 -30.54 88.89 -43.57
C ILE NE 240 -30.03 88.74 -44.99
N HIS NE 241 -30.95 88.43 -45.89
CA HIS NE 241 -30.82 88.65 -47.32
C HIS NE 241 -32.05 89.45 -47.74
N ILE NE 242 -31.84 90.44 -48.60
CA ILE NE 242 -32.93 91.38 -48.89
C ILE NE 242 -34.01 90.77 -49.77
N ASP NE 243 -33.68 89.74 -50.55
CA ASP NE 243 -34.65 89.08 -51.41
C ASP NE 243 -34.20 87.65 -51.59
N ASP NE 244 -35.12 86.79 -52.02
CA ASP NE 244 -34.83 85.37 -52.13
C ASP NE 244 -35.67 84.82 -53.28
N ARG NE 245 -35.03 84.54 -54.41
CA ARG NE 245 -35.73 83.95 -55.53
C ARG NE 245 -35.26 82.51 -55.65
N VAL NE 246 -36.22 81.58 -55.63
CA VAL NE 246 -35.95 80.15 -55.63
C VAL NE 246 -36.69 79.53 -56.81
N LEU NE 247 -35.95 78.83 -57.66
CA LEU NE 247 -36.52 78.20 -58.84
C LEU NE 247 -36.21 76.71 -58.78
N ARG NE 248 -37.26 75.90 -58.94
CA ARG NE 248 -37.14 74.45 -59.01
C ARG NE 248 -37.78 73.97 -60.30
N ILE NE 249 -37.06 73.13 -61.04
CA ILE NE 249 -37.65 72.54 -62.23
C ILE NE 249 -38.63 71.47 -61.82
N THR NE 250 -39.89 71.63 -62.21
CA THR NE 250 -40.95 70.73 -61.79
C THR NE 250 -41.23 69.64 -62.81
N ALA NE 251 -41.20 69.96 -64.10
CA ALA NE 251 -41.56 69.01 -65.14
C ALA NE 251 -40.38 68.81 -66.08
N LEU NE 252 -39.79 67.62 -66.04
CA LEU NE 252 -38.78 67.26 -67.02
C LEU NE 252 -39.44 67.06 -68.38
N PRO NE 253 -38.72 67.33 -69.46
CA PRO NE 253 -39.24 67.01 -70.78
C PRO NE 253 -39.36 65.51 -70.99
N GLU NE 254 -40.37 65.12 -71.76
CA GLU NE 254 -40.62 63.72 -72.07
C GLU NE 254 -41.43 63.64 -73.34
N LEU NE 255 -41.42 62.47 -73.96
CA LEU NE 255 -42.16 62.26 -75.19
C LEU NE 255 -43.65 62.13 -74.91
N ASN NE 256 -44.46 62.41 -75.93
CA ASN NE 256 -45.89 62.19 -75.88
C ASN NE 256 -46.25 60.95 -76.69
N VAL NE 257 -47.30 60.26 -76.27
CA VAL NE 257 -47.72 59.05 -76.94
C VAL NE 257 -49.01 59.24 -77.74
N ASN NE 258 -49.80 60.26 -77.43
CA ASN NE 258 -50.94 60.61 -78.25
C ASN NE 258 -50.43 61.24 -79.53
N SER NE 259 -50.26 60.42 -80.57
CA SER NE 259 -49.57 60.90 -81.76
C SER NE 259 -50.46 61.78 -82.65
N ALA NE 260 -51.75 61.90 -82.33
CA ALA NE 260 -52.65 62.70 -83.13
C ALA NE 260 -52.40 64.20 -83.01
N GLU NE 261 -51.61 64.63 -82.02
CA GLU NE 261 -51.34 66.05 -81.79
C GLU NE 261 -50.04 66.49 -82.43
N TRP NE 262 -49.68 65.90 -83.55
CA TRP NE 262 -48.40 66.17 -84.17
C TRP NE 262 -48.59 67.08 -85.38
N ARG NE 263 -47.48 67.43 -86.03
CA ARG NE 263 -47.53 68.35 -87.15
C ARG NE 263 -46.34 68.11 -88.06
N ALA NE 264 -46.55 68.35 -89.34
CA ALA NE 264 -45.62 67.95 -90.38
C ALA NE 264 -44.78 69.15 -90.85
N ALA NE 265 -44.05 68.95 -91.95
CA ALA NE 265 -43.22 69.99 -92.53
C ALA NE 265 -43.12 69.76 -94.03
N VAL NE 266 -42.74 70.82 -94.74
CA VAL NE 266 -42.65 70.81 -96.20
C VAL NE 266 -41.60 71.85 -96.58
N ALA NE 267 -41.20 71.88 -97.85
CA ALA NE 267 -40.24 72.89 -98.28
C ALA NE 267 -40.72 73.62 -99.52
N LYS NE 268 -39.86 74.43 -100.13
CA LYS NE 268 -40.19 75.15 -101.35
C LYS NE 268 -39.05 75.10 -102.36
N MET OE 23 83.69 -34.68 104.01
CA MET OE 23 82.79 -33.69 104.58
C MET OE 23 81.56 -33.52 103.68
N LYS OE 24 81.31 -34.52 102.85
CA LYS OE 24 80.18 -34.47 101.95
C LYS OE 24 78.88 -34.73 102.71
N PHE OE 25 77.76 -34.43 102.05
CA PHE OE 25 76.45 -34.56 102.66
C PHE OE 25 75.53 -35.32 101.73
N LYS OE 26 74.89 -36.35 102.26
CA LYS OE 26 73.89 -37.10 101.52
C LYS OE 26 72.76 -37.49 102.46
N LYS OE 27 71.62 -37.76 101.86
CA LYS OE 27 70.47 -38.31 102.54
C LYS OE 27 70.20 -39.70 101.97
N PRO OE 28 69.71 -40.64 102.78
CA PRO OE 28 69.82 -42.07 102.44
C PRO OE 28 69.01 -42.51 101.21
N PRO OE 29 67.66 -42.20 101.07
CA PRO OE 29 66.94 -42.86 99.97
C PRO OE 29 67.30 -42.29 98.60
N ILE OE 30 68.13 -43.05 97.88
CA ILE OE 30 68.61 -42.64 96.56
C ILE OE 30 68.24 -43.79 95.61
N ASN OE 31 67.09 -43.68 94.99
CA ASN OE 31 66.59 -44.77 94.16
C ASN OE 31 66.95 -44.53 92.70
N ASN OE 32 66.44 -45.42 91.84
CA ASN OE 32 66.50 -45.16 90.41
C ASN OE 32 65.53 -44.04 90.06
N PRO OE 33 65.81 -43.26 89.02
CA PRO OE 33 64.95 -42.11 88.69
C PRO OE 33 63.56 -42.53 88.26
N SER OE 34 62.60 -41.64 88.54
CA SER OE 34 61.18 -41.96 88.47
C SER OE 34 60.54 -41.38 87.20
N ASP OE 35 59.24 -41.56 87.09
CA ASP OE 35 58.45 -41.07 85.98
C ASP OE 35 57.19 -40.38 86.48
N ASP OE 36 56.91 -39.22 85.89
CA ASP OE 36 55.81 -38.37 86.33
C ASP OE 36 54.45 -39.03 86.12
N ALA OE 37 54.34 -39.87 85.09
CA ALA OE 37 53.08 -40.57 84.86
C ALA OE 37 52.80 -41.55 85.99
N THR OE 38 53.82 -42.29 86.42
CA THR OE 38 53.67 -43.16 87.59
C THR OE 38 53.42 -42.35 88.85
N ILE OE 39 54.00 -41.15 88.92
CA ILE OE 39 53.76 -40.27 90.07
C ILE OE 39 52.30 -39.88 90.15
N LYS OE 40 51.72 -39.52 89.01
CA LYS OE 40 50.30 -39.17 88.98
C LYS OE 40 49.42 -40.37 89.22
N LEU OE 41 49.87 -41.55 88.78
CA LEU OE 41 49.16 -42.80 89.03
C LEU OE 41 49.04 -43.05 90.53
N ALA OE 42 50.16 -43.00 91.24
CA ALA OE 42 50.13 -43.22 92.68
C ALA OE 42 49.42 -42.10 93.41
N GLU OE 43 49.48 -40.88 92.87
CA GLU OE 43 48.79 -39.74 93.44
C GLU OE 43 47.29 -39.94 93.41
N ALA OE 44 46.76 -40.47 92.30
CA ALA OE 44 45.35 -40.83 92.28
C ALA OE 44 45.08 -42.02 93.19
N ALA OE 45 46.02 -42.96 93.23
CA ALA OE 45 45.81 -44.23 93.89
C ALA OE 45 45.66 -44.08 95.40
N VAL OE 46 46.43 -43.16 96.00
CA VAL OE 46 46.36 -43.00 97.44
C VAL OE 46 45.01 -42.41 97.85
N SER OE 47 44.46 -41.52 97.02
CA SER OE 47 43.14 -40.96 97.30
C SER OE 47 42.06 -42.02 97.17
N VAL OE 48 42.17 -42.87 96.14
CA VAL OE 48 41.20 -43.96 95.97
C VAL OE 48 41.28 -44.94 97.12
N SER OE 49 42.51 -45.21 97.59
CA SER OE 49 42.70 -46.12 98.72
C SER OE 49 42.10 -45.55 99.99
N ASP OE 50 42.25 -44.24 100.20
CA ASP OE 50 41.64 -43.61 101.37
C ASP OE 50 40.13 -43.68 101.33
N SER OE 51 39.55 -43.47 100.15
CA SER OE 51 38.11 -43.56 100.00
C SER OE 51 37.62 -44.98 100.27
N MET OE 52 38.32 -45.97 99.76
CA MET OE 52 37.95 -47.37 100.00
C MET OE 52 38.11 -47.73 101.47
N LEU OE 53 39.15 -47.19 102.12
CA LEU OE 53 39.38 -47.49 103.53
C LEU OE 53 38.29 -46.90 104.41
N GLU OE 54 37.89 -45.66 104.15
CA GLU OE 54 36.83 -45.08 104.98
C GLU OE 54 35.49 -45.71 104.70
N MET OE 55 35.25 -46.15 103.45
CA MET OE 55 34.01 -46.88 103.15
C MET OE 55 33.97 -48.20 103.89
N ALA OE 56 35.11 -48.90 103.95
CA ALA OE 56 35.18 -50.14 104.70
C ALA OE 56 34.96 -49.90 106.18
N LYS OE 57 35.48 -48.79 106.70
CA LYS OE 57 35.28 -48.45 108.10
C LYS OE 57 33.81 -48.21 108.42
N VAL OE 58 33.13 -47.41 107.59
CA VAL OE 58 31.74 -47.09 107.89
C VAL OE 58 30.85 -48.31 107.69
N GLU OE 59 31.16 -49.16 106.72
CA GLU OE 59 30.40 -50.40 106.55
C GLU OE 59 30.60 -51.34 107.72
N LYS OE 60 31.85 -51.44 108.19
CA LYS OE 60 32.19 -52.35 109.29
C LYS OE 60 31.53 -51.90 110.58
N VAL OE 61 31.39 -50.59 110.78
CA VAL OE 61 30.75 -50.14 112.01
C VAL OE 61 29.23 -50.04 111.91
N ILE OE 62 28.68 -49.99 110.70
CA ILE OE 62 27.22 -49.97 110.63
C ILE OE 62 26.65 -51.38 110.68
N THR OE 63 27.37 -52.39 110.19
CA THR OE 63 26.83 -53.72 110.39
C THR OE 63 27.95 -54.63 110.88
N PRO OE 64 27.93 -55.00 112.16
CA PRO OE 64 28.97 -55.88 112.68
C PRO OE 64 28.81 -57.29 112.13
N PRO OE 65 29.90 -58.03 111.97
CA PRO OE 65 29.80 -59.41 111.49
C PRO OE 65 29.22 -60.32 112.56
N SER OE 66 28.68 -61.43 112.10
CA SER OE 66 28.08 -62.42 112.99
C SER OE 66 28.72 -63.80 112.90
N LYS OE 67 29.32 -64.15 111.76
CA LYS OE 67 29.89 -65.47 111.57
C LYS OE 67 31.19 -65.34 110.78
N ASP OE 68 31.86 -66.48 110.61
CA ASP OE 68 33.02 -66.59 109.75
C ASP OE 68 32.94 -67.92 109.01
N ASN OE 69 33.62 -67.97 107.87
CA ASN OE 69 33.50 -69.12 106.98
C ASN OE 69 34.30 -70.32 107.44
N THR OE 70 35.08 -70.20 108.53
CA THR OE 70 35.89 -71.32 108.98
C THR OE 70 35.03 -72.43 109.57
N LEU OE 71 33.86 -72.11 110.10
CA LEU OE 71 32.97 -73.16 110.57
C LEU OE 71 32.34 -73.90 109.42
N THR OE 72 32.04 -73.20 108.32
CA THR OE 72 31.50 -73.87 107.14
C THR OE 72 32.55 -74.74 106.49
N ILE OE 73 33.75 -74.20 106.26
CA ILE OE 73 34.85 -75.02 105.76
C ILE OE 73 35.97 -74.99 106.78
N PRO OE 74 36.21 -76.09 107.48
CA PRO OE 74 37.34 -76.18 108.39
C PRO OE 74 38.57 -76.69 107.66
N ASN OE 75 39.69 -76.71 108.38
CA ASN OE 75 40.91 -77.28 107.86
C ASN OE 75 40.91 -78.79 108.07
N ALA OE 76 41.93 -79.43 107.52
CA ALA OE 76 42.16 -80.86 107.70
C ALA OE 76 43.63 -81.13 107.44
N TYR OE 77 44.01 -82.40 107.56
CA TYR OE 77 45.35 -82.79 107.16
C TYR OE 77 45.46 -82.77 105.63
N ASN OE 78 46.70 -82.94 105.16
CA ASN OE 78 47.19 -82.73 103.80
C ASN OE 78 46.62 -81.46 103.18
N LEU OE 79 46.59 -80.39 103.98
CA LEU OE 79 46.23 -79.06 103.51
C LEU OE 79 47.32 -78.06 103.83
N GLN OE 80 48.53 -78.54 104.06
CA GLN OE 80 49.63 -77.68 104.47
C GLN OE 80 50.42 -77.15 103.29
N ALA OE 81 50.05 -77.53 102.07
CA ALA OE 81 50.74 -77.05 100.88
C ALA OE 81 50.48 -75.57 100.68
N ARG OE 82 51.41 -74.92 99.99
CA ARG OE 82 51.35 -73.48 99.78
C ARG OE 82 51.37 -73.19 98.28
N ALA OE 83 50.98 -71.96 97.94
CA ALA OE 83 50.85 -71.59 96.54
C ALA OE 83 50.92 -70.08 96.40
N SER OE 84 51.78 -69.62 95.50
CA SER OE 84 51.77 -68.24 95.04
C SER OE 84 51.21 -68.26 93.61
N VAL OE 85 50.15 -67.51 93.38
CA VAL OE 85 49.33 -67.66 92.18
C VAL OE 85 49.10 -66.30 91.52
N ASP OE 86 48.69 -66.35 90.26
CA ASP OE 86 48.21 -65.17 89.54
C ASP OE 86 47.13 -65.66 88.56
N TRP OE 87 45.88 -65.60 89.00
CA TRP OE 87 44.76 -66.07 88.21
C TRP OE 87 43.83 -64.90 87.93
N SER OE 88 43.37 -64.80 86.68
CA SER OE 88 42.47 -63.72 86.29
C SER OE 88 41.41 -64.24 85.34
N GLY OE 89 40.79 -65.36 85.69
CA GLY OE 89 39.79 -65.96 84.83
C GLY OE 89 38.65 -66.57 85.62
N PRO OE 90 37.98 -67.55 85.03
CA PRO OE 90 36.92 -68.27 85.74
C PRO OE 90 37.50 -69.14 86.85
N ILE OE 91 36.62 -69.56 87.76
CA ILE OE 91 37.07 -70.23 88.96
C ILE OE 91 37.13 -71.74 88.81
N GLU OE 92 36.49 -72.30 87.79
CA GLU OE 92 36.27 -73.75 87.75
C GLU OE 92 37.55 -74.49 87.45
N GLU OE 93 38.33 -74.01 86.49
CA GLU OE 93 39.60 -74.64 86.14
C GLU OE 93 40.59 -74.55 87.30
N LEU OE 94 40.60 -73.42 88.00
CA LEU OE 94 41.45 -73.25 89.17
C LEU OE 94 41.08 -74.21 90.27
N THR OE 95 39.77 -74.37 90.52
CA THR OE 95 39.32 -75.29 91.55
C THR OE 95 39.62 -76.74 91.18
N ALA OE 96 39.57 -77.05 89.88
CA ALA OE 96 39.93 -78.38 89.42
C ALA OE 96 41.41 -78.67 89.66
N ARG OE 97 42.27 -77.68 89.39
CA ARG OE 97 43.70 -77.86 89.66
C ARG OE 97 43.97 -78.00 91.16
N ILE OE 98 43.23 -77.23 91.98
CA ILE OE 98 43.40 -77.30 93.43
C ILE OE 98 42.98 -78.67 93.95
N ALA OE 99 41.85 -79.19 93.49
CA ALA OE 99 41.40 -80.50 93.94
C ALA OE 99 42.29 -81.62 93.44
N LYS OE 100 42.85 -81.48 92.24
CA LYS OE 100 43.80 -82.46 91.72
C LYS OE 100 45.06 -82.50 92.57
N ALA OE 101 45.52 -81.33 93.02
CA ALA OE 101 46.59 -81.31 94.01
C ALA OE 101 46.15 -81.93 95.33
N ALA OE 102 44.92 -81.66 95.73
CA ALA OE 102 44.45 -82.02 97.07
C ALA OE 102 44.04 -83.48 97.19
N HIS OE 103 43.99 -84.21 96.07
CA HIS OE 103 43.57 -85.63 96.01
C HIS OE 103 42.18 -85.84 96.61
N PHE OE 104 41.28 -84.90 96.33
CA PHE OE 104 39.93 -84.96 96.84
C PHE OE 104 38.93 -85.09 95.70
N ARG OE 105 37.76 -85.59 96.04
CA ARG OE 105 36.68 -85.73 95.05
C ARG OE 105 36.13 -84.36 94.69
N PHE OE 106 36.07 -84.06 93.40
CA PHE OE 106 35.57 -82.77 92.96
C PHE OE 106 34.08 -82.88 92.65
N ARG OE 107 33.30 -81.97 93.20
CA ARG OE 107 31.85 -81.99 93.01
C ARG OE 107 31.36 -80.60 92.69
N VAL OE 108 30.43 -80.51 91.74
CA VAL OE 108 29.83 -79.25 91.33
C VAL OE 108 28.33 -79.37 91.38
N LEU OE 109 27.67 -78.34 91.90
CA LEU OE 109 26.22 -78.32 92.04
C LEU OE 109 25.67 -77.07 91.37
N GLY OE 110 24.60 -77.25 90.61
CA GLY OE 110 23.96 -76.15 89.92
C GLY OE 110 24.60 -75.88 88.57
N LYS OE 111 23.88 -75.15 87.74
CA LYS OE 111 24.35 -74.78 86.42
C LYS OE 111 25.12 -73.47 86.51
N SER OE 112 26.25 -73.41 85.82
CA SER OE 112 26.95 -72.14 85.67
C SER OE 112 26.11 -71.20 84.82
N PRO OE 113 26.04 -69.93 85.18
CA PRO OE 113 25.23 -68.98 84.41
C PRO OE 113 25.89 -68.60 83.09
N SER OE 114 25.20 -67.80 82.29
CA SER OE 114 25.75 -67.37 81.01
C SER OE 114 26.94 -66.45 81.20
N VAL OE 115 26.80 -65.42 82.02
CA VAL OE 115 27.93 -64.55 82.33
C VAL OE 115 28.85 -65.28 83.30
N PRO OE 116 30.13 -65.40 82.97
CA PRO OE 116 31.04 -66.14 83.86
C PRO OE 116 31.35 -65.37 85.12
N VAL OE 117 31.84 -66.11 86.11
CA VAL OE 117 32.31 -65.53 87.36
C VAL OE 117 33.83 -65.47 87.30
N LEU OE 118 34.38 -64.28 87.44
CA LEU OE 118 35.81 -64.05 87.24
C LEU OE 118 36.40 -63.48 88.53
N ILE OE 119 37.48 -64.11 89.00
CA ILE OE 119 38.13 -63.72 90.24
C ILE OE 119 39.61 -63.50 89.96
N SER OE 120 40.14 -62.36 90.39
CA SER OE 120 41.57 -62.09 90.33
C SER OE 120 42.20 -62.36 91.68
N ILE OE 121 43.23 -63.19 91.71
CA ILE OE 121 43.91 -63.56 92.94
C ILE OE 121 45.41 -63.34 92.75
N SER OE 122 46.01 -62.59 93.67
CA SER OE 122 47.46 -62.37 93.68
C SER OE 122 47.92 -62.47 95.13
N THR OE 123 48.35 -63.67 95.53
CA THR OE 123 48.71 -63.89 96.93
C THR OE 123 50.07 -64.57 97.05
N LYS OE 124 50.43 -64.98 98.26
CA LYS OE 124 51.78 -65.48 98.53
C LYS OE 124 51.72 -66.65 99.53
N ASP OE 125 51.88 -67.86 98.99
CA ASP OE 125 52.25 -69.12 99.67
C ASP OE 125 51.59 -69.34 101.04
N GLU OE 126 50.28 -69.15 101.07
CA GLU OE 126 49.54 -69.38 102.30
C GLU OE 126 48.88 -70.76 102.26
N SER OE 127 48.03 -71.02 103.24
CA SER OE 127 47.42 -72.34 103.38
C SER OE 127 46.35 -72.56 102.33
N LEU OE 128 46.11 -73.85 102.05
CA LEU OE 128 45.04 -74.23 101.13
C LEU OE 128 43.67 -73.88 101.70
N ALA OE 129 43.50 -74.07 103.00
CA ALA OE 129 42.21 -73.81 103.63
C ALA OE 129 41.87 -72.33 103.61
N GLU OE 130 42.83 -71.48 103.98
CA GLU OE 130 42.58 -70.05 103.93
C GLU OE 130 42.47 -69.55 102.50
N ILE OE 131 43.15 -70.23 101.55
CA ILE OE 131 43.00 -69.91 100.14
C ILE OE 131 41.56 -70.15 99.70
N LEU OE 132 41.00 -71.27 100.14
CA LEU OE 132 39.62 -71.58 99.78
C LEU OE 132 38.65 -70.64 100.49
N ARG OE 133 39.01 -70.20 101.70
CA ARG OE 133 38.20 -69.23 102.42
C ARG OE 133 38.13 -67.90 101.68
N ASP OE 134 39.27 -67.40 101.21
CA ASP OE 134 39.23 -66.13 100.50
C ASP OE 134 38.63 -66.29 99.11
N ILE OE 135 38.73 -67.49 98.54
CA ILE OE 135 38.08 -67.74 97.26
C ILE OE 135 36.56 -67.65 97.40
N ASP OE 136 36.02 -68.27 98.45
CA ASP OE 136 34.59 -68.18 98.70
C ASP OE 136 34.18 -66.75 99.06
N TYR OE 137 35.04 -66.04 99.79
CA TYR OE 137 34.75 -64.66 100.15
C TYR OE 137 34.70 -63.76 98.93
N GLN OE 138 35.65 -63.93 98.00
CA GLN OE 138 35.62 -63.12 96.78
C GLN OE 138 34.55 -63.58 95.83
N ALA OE 139 34.10 -64.82 95.94
CA ALA OE 139 32.89 -65.23 95.23
C ALA OE 139 31.69 -64.47 95.74
N GLY OE 140 31.59 -64.30 97.06
CA GLY OE 140 30.59 -63.44 97.61
C GLY OE 140 29.19 -64.00 97.56
N LYS OE 141 28.36 -63.45 96.67
CA LYS OE 141 26.96 -63.86 96.56
C LYS OE 141 26.65 -64.54 95.22
N LYS OE 142 27.61 -65.27 94.67
CA LYS OE 142 27.38 -66.00 93.44
C LYS OE 142 27.62 -67.48 93.54
N ALA OE 143 28.57 -67.91 94.38
CA ALA OE 143 28.90 -69.32 94.50
C ALA OE 143 29.47 -69.57 95.88
N SER OE 144 29.61 -70.84 96.24
CA SER OE 144 30.12 -71.17 97.55
C SER OE 144 30.86 -72.48 97.52
N ILE OE 145 31.71 -72.67 98.52
CA ILE OE 145 32.64 -73.79 98.61
C ILE OE 145 32.38 -74.51 99.93
N HIS OE 146 32.26 -75.83 99.87
CA HIS OE 146 32.14 -76.66 101.06
C HIS OE 146 33.14 -77.80 100.99
N VAL OE 147 33.58 -78.25 102.15
CA VAL OE 147 34.51 -79.36 102.25
C VAL OE 147 33.89 -80.42 103.15
N TYR OE 148 34.29 -81.67 102.91
CA TYR OE 148 33.89 -82.78 103.76
C TYR OE 148 35.13 -83.65 103.87
N PRO OE 149 35.96 -83.40 104.88
CA PRO OE 149 37.27 -84.08 104.94
C PRO OE 149 37.15 -85.53 105.32
N ASN OE 150 36.15 -85.87 106.12
CA ASN OE 150 35.82 -87.26 106.36
C ASN OE 150 35.41 -87.95 105.07
N SER OE 151 34.67 -87.25 104.22
CA SER OE 151 34.32 -87.79 102.92
C SER OE 151 35.36 -87.47 101.86
N GLN OE 152 36.33 -86.60 102.17
CA GLN OE 152 37.39 -86.17 101.26
C GLN OE 152 36.84 -85.55 99.99
N VAL OE 153 35.82 -84.71 100.13
CA VAL OE 153 35.09 -84.14 99.01
C VAL OE 153 35.16 -82.63 99.07
N VAL OE 154 35.59 -82.00 97.99
CA VAL OE 154 35.46 -80.56 97.82
C VAL OE 154 34.32 -80.30 96.85
N GLU OE 155 33.37 -79.47 97.27
CA GLU OE 155 32.17 -79.21 96.51
C GLU OE 155 32.02 -77.72 96.28
N LEU OE 156 31.60 -77.36 95.08
CA LEU OE 156 31.36 -75.98 94.69
C LEU OE 156 29.92 -75.88 94.18
N ARG OE 157 29.14 -75.00 94.79
CA ARG OE 157 27.75 -74.83 94.39
C ARG OE 157 27.56 -73.43 93.80
N TYR OE 158 26.71 -73.35 92.78
CA TYR OE 158 26.37 -72.06 92.22
C TYR OE 158 25.22 -71.44 93.00
N ALA OE 159 24.83 -70.24 92.60
CA ALA OE 159 23.70 -69.57 93.23
C ALA OE 159 22.39 -70.09 92.66
N LYS OE 160 21.42 -70.32 93.55
CA LYS OE 160 20.05 -70.65 93.15
C LYS OE 160 19.23 -69.38 92.98
N ILE OE 161 19.69 -68.52 92.08
CA ILE OE 161 19.14 -67.21 91.91
C ILE OE 161 18.27 -67.21 90.65
N TYR OE 162 17.49 -66.15 90.47
CA TYR OE 162 16.58 -65.90 89.35
C TYR OE 162 15.48 -66.96 89.32
N GLY PE 26 17.59 61.32 -76.74
CA GLY PE 26 16.38 61.29 -75.94
C GLY PE 26 15.19 60.73 -76.69
N ASP PE 27 14.00 60.85 -76.10
CA ASP PE 27 12.78 60.35 -76.71
C ASP PE 27 12.00 61.43 -77.45
N THR PE 28 12.59 62.61 -77.64
CA THR PE 28 11.95 63.67 -78.39
C THR PE 28 11.99 63.34 -79.88
N GLY PE 29 13.18 63.33 -80.45
CA GLY PE 29 13.42 62.73 -81.74
C GLY PE 29 13.75 61.28 -81.49
N SER PE 30 12.73 60.50 -81.16
CA SER PE 30 12.92 59.25 -80.46
C SER PE 30 13.59 58.19 -81.33
N LEU PE 31 13.44 58.28 -82.65
CA LEU PE 31 14.13 57.34 -83.53
C LEU PE 31 15.64 57.58 -83.48
N ALA PE 32 16.05 58.84 -83.58
CA ALA PE 32 17.46 59.18 -83.50
C ALA PE 32 18.01 58.90 -82.10
N GLY PE 33 17.24 59.21 -81.06
CA GLY PE 33 17.69 58.94 -79.70
C GLY PE 33 17.79 57.46 -79.40
N LEU PE 34 16.88 56.67 -79.94
CA LEU PE 34 16.90 55.23 -79.71
C LEU PE 34 18.01 54.57 -80.49
N GLN PE 35 18.26 55.05 -81.72
CA GLN PE 35 19.41 54.54 -82.46
C GLN PE 35 20.72 55.00 -81.84
N ALA PE 36 20.71 56.13 -81.14
CA ALA PE 36 21.89 56.55 -80.40
C ALA PE 36 22.11 55.66 -79.17
N MET PE 37 21.03 55.33 -78.45
CA MET PE 37 21.15 54.49 -77.27
C MET PE 37 21.34 53.03 -77.62
N ALA PE 38 21.13 52.65 -78.89
CA ALA PE 38 21.51 51.32 -79.36
C ALA PE 38 23.01 51.11 -79.26
N ASP PE 39 23.81 52.17 -79.42
CA ASP PE 39 25.21 52.11 -79.07
C ASP PE 39 25.34 52.03 -77.55
N SER PE 40 26.32 51.25 -77.09
CA SER PE 40 26.49 51.03 -75.66
C SER PE 40 27.35 52.10 -74.99
N LYS PE 41 27.86 53.07 -75.76
CA LYS PE 41 28.67 54.13 -75.18
C LYS PE 41 27.84 55.05 -74.29
N TYR PE 42 26.58 55.29 -74.67
CA TYR PE 42 25.71 56.13 -73.85
C TYR PE 42 25.34 55.45 -72.55
N THR PE 43 25.19 54.12 -72.57
CA THR PE 43 24.83 53.37 -71.38
C THR PE 43 25.96 53.41 -70.35
N ARG PE 44 27.19 53.14 -70.78
CA ARG PE 44 28.32 53.25 -69.87
C ARG PE 44 28.62 54.68 -69.49
N ALA PE 45 28.26 55.66 -70.34
CA ALA PE 45 28.36 57.05 -69.96
C ALA PE 45 27.40 57.38 -68.83
N GLN PE 46 26.16 56.90 -68.91
CA GLN PE 46 25.18 57.11 -67.85
C GLN PE 46 25.51 56.32 -66.59
N LYS PE 47 26.28 55.24 -66.73
CA LYS PE 47 26.68 54.44 -65.57
C LYS PE 47 27.52 55.25 -64.59
N LYS PE 48 28.43 56.08 -65.11
CA LYS PE 48 29.29 56.87 -64.24
C LYS PE 48 28.52 57.94 -63.46
N GLN PE 49 27.47 58.49 -64.05
CA GLN PE 49 26.65 59.47 -63.37
C GLN PE 49 25.52 58.84 -62.59
N LYS PE 50 25.30 57.53 -62.74
CA LYS PE 50 24.24 56.85 -61.99
C LYS PE 50 24.49 56.88 -60.49
N MET PE 51 25.74 56.69 -60.06
CA MET PE 51 26.04 56.74 -58.62
C MET PE 51 25.94 58.16 -58.09
N GLY PE 52 26.28 59.15 -58.92
CA GLY PE 52 26.04 60.53 -58.54
C GLY PE 52 24.56 60.87 -58.46
N LYS PE 53 23.76 60.26 -59.34
CA LYS PE 53 22.33 60.55 -59.40
C LYS PE 53 21.57 59.96 -58.21
N ILE PE 54 22.21 59.07 -57.45
CA ILE PE 54 21.55 58.50 -56.28
C ILE PE 54 21.87 59.25 -55.01
N ARG PE 55 22.77 60.23 -55.07
CA ARG PE 55 23.35 60.86 -53.89
C ARG PE 55 22.85 62.27 -53.62
N GLU PE 56 22.81 63.13 -54.64
CA GLU PE 56 22.74 64.58 -54.47
C GLU PE 56 21.39 65.10 -54.01
N MET PE 57 20.38 64.24 -53.85
CA MET PE 57 19.05 64.72 -53.45
C MET PE 57 19.07 65.32 -52.06
N ALA PE 58 19.88 64.75 -51.16
CA ALA PE 58 20.02 65.31 -49.81
C ALA PE 58 20.68 66.68 -49.86
N LEU PE 59 21.67 66.84 -50.73
CA LEU PE 59 22.31 68.14 -50.89
C LEU PE 59 21.33 69.17 -51.45
N LYS PE 60 20.48 68.74 -52.38
CA LYS PE 60 19.45 69.61 -52.92
C LYS PE 60 18.45 70.02 -51.83
N GLU PE 61 18.05 69.07 -50.98
CA GLU PE 61 17.12 69.37 -49.90
C GLU PE 61 17.72 70.34 -48.89
N THR PE 62 18.99 70.14 -48.54
CA THR PE 62 19.65 71.04 -47.60
C THR PE 62 19.80 72.43 -48.18
N ALA PE 63 20.13 72.52 -49.47
CA ALA PE 63 20.27 73.82 -50.13
C ALA PE 63 18.94 74.57 -50.17
N LEU PE 64 17.86 73.85 -50.48
CA LEU PE 64 16.53 74.47 -50.48
C LEU PE 64 16.13 74.93 -49.09
N SER PE 65 16.45 74.12 -48.07
CA SER PE 65 16.05 74.45 -46.71
C SER PE 65 16.80 75.67 -46.19
N VAL PE 66 18.13 75.71 -46.38
CA VAL PE 66 18.88 76.84 -45.85
C VAL PE 66 18.62 78.10 -46.66
N GLY PE 67 18.32 77.96 -47.96
CA GLY PE 67 17.94 79.12 -48.74
C GLY PE 67 16.62 79.69 -48.28
N ALA PE 68 15.66 78.82 -47.98
CA ALA PE 68 14.37 79.26 -47.44
C ALA PE 68 14.54 79.97 -46.11
N GLN PE 69 15.39 79.42 -45.24
CA GLN PE 69 15.62 80.02 -43.93
C GLN PE 69 16.23 81.41 -44.03
N ALA PE 70 17.33 81.51 -44.80
CA ALA PE 70 18.05 82.78 -44.90
C ALA PE 70 17.22 83.83 -45.62
N GLY PE 71 16.53 83.44 -46.70
CA GLY PE 71 15.72 84.39 -47.43
C GLY PE 71 14.54 84.89 -46.61
N LEU PE 72 13.88 83.99 -45.87
CA LEU PE 72 12.76 84.40 -45.04
C LEU PE 72 13.19 85.35 -43.94
N ALA PE 73 14.32 85.05 -43.30
CA ALA PE 73 14.79 85.91 -42.21
C ALA PE 73 15.21 87.29 -42.73
N TRP PE 74 16.01 87.32 -43.79
CA TRP PE 74 16.51 88.57 -44.33
C TRP PE 74 15.39 89.44 -44.89
N ARG PE 75 14.46 88.82 -45.62
CA ARG PE 75 13.34 89.58 -46.18
C ARG PE 75 12.41 90.08 -45.10
N ALA PE 76 12.22 89.30 -44.02
CA ALA PE 76 11.40 89.76 -42.91
C ALA PE 76 12.01 90.97 -42.22
N LYS PE 77 13.34 90.94 -42.05
CA LYS PE 77 14.02 92.09 -41.43
C LYS PE 77 13.93 93.33 -42.31
N ILE PE 78 14.13 93.15 -43.63
CA ILE PE 78 14.04 94.25 -44.58
C ILE PE 78 12.64 94.85 -44.58
N ILE PE 79 11.61 94.00 -44.58
CA ILE PE 79 10.25 94.49 -44.63
C ILE PE 79 9.81 95.08 -43.30
N ASP PE 80 10.44 94.68 -42.19
CA ASP PE 80 10.13 95.33 -40.92
C ASP PE 80 10.70 96.74 -40.89
N GLU PE 81 11.94 96.92 -41.38
CA GLU PE 81 12.51 98.26 -41.50
C GLU PE 81 11.68 99.13 -42.43
N GLN PE 82 11.22 98.56 -43.54
CA GLN PE 82 10.40 99.29 -44.49
C GLN PE 82 9.06 99.67 -43.90
N LEU PE 83 8.46 98.79 -43.10
CA LEU PE 83 7.19 99.09 -42.47
C LEU PE 83 7.35 100.21 -41.44
N ASN PE 84 8.36 100.11 -40.58
CA ASN PE 84 8.53 101.11 -39.54
C ASN PE 84 8.99 102.45 -40.09
N LYS PE 85 9.57 102.46 -41.30
CA LYS PE 85 9.93 103.73 -41.93
C LYS PE 85 8.71 104.59 -42.24
N GLN PE 86 7.55 103.98 -42.46
CA GLN PE 86 6.39 104.73 -42.90
C GLN PE 86 5.33 104.73 -41.83
N ALA PE 87 5.75 104.93 -40.58
CA ALA PE 87 4.88 104.71 -39.44
C ALA PE 87 3.77 105.75 -39.36
N ARG PE 88 4.08 107.01 -39.71
CA ARG PE 88 3.15 108.12 -39.47
C ARG PE 88 1.90 108.00 -40.31
N ASN PE 89 2.04 107.60 -41.57
CA ASN PE 89 0.89 107.54 -42.46
C ASN PE 89 -0.02 106.39 -42.10
N LEU PE 90 0.52 105.34 -41.47
CA LEU PE 90 -0.32 104.26 -40.98
C LEU PE 90 -1.28 104.74 -39.91
N ASP PE 91 -0.79 105.53 -38.96
CA ASP PE 91 -1.66 106.12 -37.96
C ASP PE 91 -2.56 107.17 -38.56
N ALA PE 92 -2.10 107.82 -39.63
CA ALA PE 92 -2.92 108.80 -40.32
C ALA PE 92 -4.13 108.14 -40.97
N ILE PE 93 -3.94 106.95 -41.55
CA ILE PE 93 -5.06 106.32 -42.23
C ILE PE 93 -5.92 105.50 -41.27
N TYR PE 94 -5.34 104.83 -40.29
CA TYR PE 94 -6.12 103.94 -39.44
C TYR PE 94 -6.40 104.59 -38.09
N ASP PE 95 -7.12 105.71 -38.14
CA ASP PE 95 -7.56 106.36 -36.91
C ASP PE 95 -8.75 105.59 -36.38
N PHE PE 96 -8.50 104.74 -35.39
CA PHE PE 96 -9.61 104.07 -34.73
C PHE PE 96 -10.40 105.04 -33.87
N ASN PE 97 -9.75 106.08 -33.35
CA ASN PE 97 -10.39 107.00 -32.40
C ASN PE 97 -11.49 107.82 -33.03
N SER PE 98 -11.51 107.97 -34.35
CA SER PE 98 -12.68 108.54 -34.98
C SER PE 98 -13.86 107.58 -34.93
N LEU PE 99 -13.60 106.28 -34.98
CA LEU PE 99 -14.66 105.29 -35.01
C LEU PE 99 -14.99 104.72 -33.64
N VAL PE 100 -14.28 105.13 -32.60
CA VAL PE 100 -14.61 104.69 -31.25
C VAL PE 100 -15.95 105.28 -30.85
N LEU PE 101 -16.86 104.42 -30.39
CA LEU PE 101 -18.19 104.88 -30.03
C LEU PE 101 -18.15 105.67 -28.73
N GLU PE 102 -19.26 106.33 -28.44
CA GLU PE 102 -19.31 107.39 -27.43
C GLU PE 102 -19.16 106.89 -26.01
N HIS PE 103 -19.39 105.61 -25.74
CA HIS PE 103 -19.18 105.06 -24.41
C HIS PE 103 -17.91 104.24 -24.34
N ASN PE 104 -16.93 104.59 -25.17
CA ASN PE 104 -15.70 103.82 -25.37
C ASN PE 104 -16.01 102.37 -25.76
N ILE PE 105 -16.69 102.24 -26.90
CA ILE PE 105 -17.18 100.96 -27.39
C ILE PE 105 -16.56 100.69 -28.74
N LEU PE 106 -16.03 99.49 -28.92
CA LEU PE 106 -15.60 99.04 -30.22
C LEU PE 106 -16.81 98.84 -31.12
N PRO PE 107 -16.82 99.38 -32.33
CA PRO PE 107 -17.94 99.14 -33.23
C PRO PE 107 -17.95 97.69 -33.70
N PRO PE 108 -19.11 97.16 -34.07
CA PRO PE 108 -19.16 95.79 -34.57
C PRO PE 108 -18.66 95.74 -36.01
N VAL PE 109 -18.61 94.52 -36.55
CA VAL PE 109 -18.06 94.26 -37.87
C VAL PE 109 -19.17 93.70 -38.75
N LEU PE 110 -19.25 94.19 -39.98
CA LEU PE 110 -20.28 93.75 -40.91
C LEU PE 110 -19.66 93.30 -42.22
N LEU PE 111 -20.44 92.51 -42.96
CA LEU PE 111 -20.07 92.08 -44.30
C LEU PE 111 -21.31 92.13 -45.20
N GLU PE 112 -21.06 92.37 -46.47
CA GLU PE 112 -22.11 92.50 -47.48
C GLU PE 112 -21.91 91.48 -48.58
N GLY PE 113 -22.95 91.30 -49.38
CA GLY PE 113 -22.87 90.46 -50.55
C GLY PE 113 -23.80 90.90 -51.64
N ARG PE 114 -23.30 90.96 -52.87
CA ARG PE 114 -24.08 91.37 -54.02
C ARG PE 114 -24.21 90.21 -55.01
N ASN PE 115 -25.42 90.03 -55.54
CA ASN PE 115 -25.74 89.05 -56.58
C ASN PE 115 -25.37 87.63 -56.15
N THR PE 116 -26.06 87.19 -55.11
CA THR PE 116 -25.82 85.86 -54.56
C THR PE 116 -26.40 84.81 -55.48
N LEU PE 117 -25.54 83.89 -55.93
CA LEU PE 117 -25.96 82.76 -56.74
C LEU PE 117 -25.46 81.47 -56.11
N ASN PE 118 -26.40 80.57 -55.81
CA ASN PE 118 -26.01 79.24 -55.35
C ASN PE 118 -26.79 78.17 -56.10
N LEU PE 119 -26.04 77.19 -56.58
CA LEU PE 119 -26.58 75.93 -57.07
C LEU PE 119 -26.48 74.93 -55.94
N ALA PE 120 -27.61 74.56 -55.36
CA ALA PE 120 -27.61 73.49 -54.37
C ALA PE 120 -27.39 72.15 -55.06
N ASP PE 121 -28.24 71.83 -56.02
CA ASP PE 121 -28.16 70.63 -56.83
C ASP PE 121 -29.02 70.86 -58.06
N ALA PE 122 -29.27 69.80 -58.82
CA ALA PE 122 -30.22 69.89 -59.92
C ALA PE 122 -31.62 70.14 -59.40
N GLN PE 123 -32.45 70.72 -60.27
CA GLN PE 123 -33.84 71.12 -59.99
C GLN PE 123 -33.92 72.11 -58.84
N SER PE 124 -32.89 72.93 -58.65
CA SER PE 124 -32.84 73.82 -57.49
C SER PE 124 -31.83 74.92 -57.76
N ILE PE 125 -32.27 76.18 -57.68
CA ILE PE 125 -31.35 77.30 -57.71
C ILE PE 125 -31.82 78.30 -56.65
N ARG PE 126 -30.88 79.15 -56.21
CA ARG PE 126 -31.28 80.18 -55.25
C ARG PE 126 -30.45 81.43 -55.47
N ILE PE 127 -31.12 82.56 -55.66
CA ILE PE 127 -30.42 83.82 -55.87
C ILE PE 127 -30.96 84.89 -54.93
N SER PE 128 -30.08 85.85 -54.67
CA SER PE 128 -30.43 87.03 -53.88
C SER PE 128 -29.75 88.24 -54.49
N ASP PE 129 -30.31 89.41 -54.23
CA ASP PE 129 -29.66 90.63 -54.71
C ASP PE 129 -28.53 91.03 -53.79
N ARG PE 130 -28.84 91.33 -52.53
CA ARG PE 130 -27.82 91.64 -51.54
C ARG PE 130 -28.15 90.91 -50.25
N THR PE 131 -27.10 90.67 -49.46
CA THR PE 131 -27.26 90.06 -48.16
C THR PE 131 -26.23 90.66 -47.22
N TYR PE 132 -26.49 90.56 -45.92
CA TYR PE 132 -25.62 91.17 -44.93
C TYR PE 132 -25.42 90.22 -43.77
N LYS PE 133 -24.22 90.27 -43.18
CA LYS PE 133 -23.87 89.36 -42.10
C LYS PE 133 -23.05 90.07 -41.04
N VAL PE 134 -23.41 89.85 -39.78
CA VAL PE 134 -22.62 90.34 -38.66
C VAL PE 134 -21.44 89.40 -38.45
N ALA PE 135 -20.23 89.96 -38.37
CA ALA PE 135 -19.04 89.14 -38.20
C ALA PE 135 -18.66 89.00 -36.73
N LYS PE 136 -18.33 90.11 -36.09
CA LYS PE 136 -17.94 90.12 -34.68
C LYS PE 136 -18.86 91.05 -33.91
N GLN PE 137 -19.43 90.54 -32.83
CA GLN PE 137 -20.32 91.34 -32.00
C GLN PE 137 -19.52 92.43 -31.29
N ALA PE 138 -20.10 93.62 -31.23
CA ALA PE 138 -19.48 94.76 -30.59
C ALA PE 138 -19.32 94.51 -29.09
N HIS PE 139 -18.29 95.12 -28.52
CA HIS PE 139 -18.03 94.96 -27.10
C HIS PE 139 -17.28 96.18 -26.60
N PHE PE 140 -16.94 96.16 -25.31
CA PHE PE 140 -16.18 97.22 -24.70
C PHE PE 140 -14.74 97.21 -25.18
N ILE PE 141 -14.01 98.26 -24.80
CA ILE PE 141 -12.57 98.35 -25.00
C ILE PE 141 -12.00 99.18 -23.87
N THR PE 142 -10.69 99.10 -23.70
CA THR PE 142 -9.98 100.09 -22.89
C THR PE 142 -9.09 100.97 -23.74
N THR PE 143 -8.61 100.48 -24.86
CA THR PE 143 -7.78 101.25 -25.77
C THR PE 143 -8.25 101.01 -27.20
N PRO PE 144 -8.07 101.99 -28.09
CA PRO PE 144 -8.16 101.69 -29.51
C PRO PE 144 -7.02 100.78 -29.91
N PRO PE 145 -7.20 99.97 -30.93
CA PRO PE 145 -6.09 99.13 -31.40
C PRO PE 145 -5.07 99.93 -32.19
N THR PE 146 -4.11 99.23 -32.79
CA THR PE 146 -3.18 99.86 -33.72
C THR PE 146 -2.97 98.93 -34.90
N TRP PE 147 -2.11 99.37 -35.81
CA TRP PE 147 -1.76 98.53 -36.94
C TRP PE 147 -0.61 97.59 -36.64
N ARG PE 148 0.03 97.72 -35.48
CA ARG PE 148 1.24 96.94 -35.22
C ARG PE 148 0.91 95.47 -34.99
N GLN PE 149 -0.10 95.18 -34.17
CA GLN PE 149 -0.49 93.79 -33.95
C GLN PE 149 -1.20 93.19 -35.15
N TYR PE 150 -1.55 93.99 -36.14
CA TYR PE 150 -2.03 93.46 -37.40
C TYR PE 150 -0.91 93.29 -38.42
N LEU PE 151 0.18 94.04 -38.30
CA LEU PE 151 1.11 94.17 -39.40
C LEU PE 151 2.57 93.86 -39.08
N TRP PE 152 2.96 93.74 -37.82
CA TRP PE 152 4.38 93.62 -37.52
C TRP PE 152 4.85 92.21 -37.81
N MET PE 153 5.69 92.07 -38.83
CA MET PE 153 6.35 90.80 -39.09
C MET PE 153 7.32 90.49 -37.96
N ASP PE 154 7.36 89.23 -37.55
CA ASP PE 154 8.22 88.84 -36.45
C ASP PE 154 9.60 88.47 -36.98
N TYR PE 155 10.64 88.91 -36.26
CA TYR PE 155 12.01 88.73 -36.71
C TYR PE 155 12.88 88.22 -35.58
N VAL PE 156 13.66 87.19 -35.88
CA VAL PE 156 14.70 86.71 -34.98
C VAL PE 156 15.83 86.17 -35.84
N LYS PE 157 17.04 86.65 -35.61
CA LYS PE 157 18.17 86.22 -36.41
C LYS PE 157 18.64 84.85 -35.95
N PRO PE 158 18.74 83.87 -36.83
CA PRO PE 158 19.45 82.64 -36.47
C PRO PE 158 20.93 82.79 -36.75
N GLU PE 159 21.76 82.69 -35.72
CA GLU PE 159 23.19 82.85 -35.90
C GLU PE 159 23.94 81.53 -36.07
N ALA PE 160 23.23 80.42 -36.14
CA ALA PE 160 23.85 79.10 -36.22
C ALA PE 160 23.29 78.35 -37.43
N PRO PE 161 23.88 78.54 -38.60
CA PRO PE 161 23.45 77.78 -39.78
C PRO PE 161 23.98 76.36 -39.70
N ASN PE 162 23.10 75.42 -39.37
CA ASN PE 162 23.51 74.04 -39.19
C ASN PE 162 23.71 73.37 -40.54
N VAL PE 163 24.85 72.72 -40.72
CA VAL PE 163 25.18 72.01 -41.95
C VAL PE 163 25.55 70.58 -41.59
N THR PE 164 24.86 69.61 -42.19
CA THR PE 164 25.21 68.20 -42.01
C THR PE 164 26.15 67.72 -43.11
N LEU PE 165 25.71 67.84 -44.36
CA LEU PE 165 26.47 67.36 -45.50
C LEU PE 165 26.97 68.52 -46.33
N LEU PE 166 28.11 68.32 -46.98
CA LEU PE 166 28.76 69.37 -47.74
C LEU PE 166 29.12 68.86 -49.12
N PRO PE 167 29.14 69.75 -50.12
CA PRO PE 167 29.60 69.33 -51.46
C PRO PE 167 31.09 69.03 -51.47
N LYS PE 168 31.49 68.22 -52.43
CA LYS PE 168 32.88 67.80 -52.56
C LYS PE 168 33.53 68.26 -53.85
N THR PE 169 32.80 68.27 -54.95
CA THR PE 169 33.33 68.70 -56.23
C THR PE 169 32.64 69.97 -56.69
N LYS PE 170 33.17 70.50 -57.80
CA LYS PE 170 32.73 71.79 -58.32
C LYS PE 170 31.30 71.75 -58.82
N ALA PE 171 30.90 70.63 -59.43
CA ALA PE 171 29.53 70.51 -59.92
C ALA PE 171 28.53 70.50 -58.78
N GLU PE 172 28.86 69.78 -57.70
CA GLU PE 172 28.00 69.76 -56.52
C GLU PE 172 27.94 71.12 -55.87
N LYS PE 173 29.08 71.83 -55.84
CA LYS PE 173 29.09 73.20 -55.32
C LYS PE 173 28.22 74.12 -56.16
N GLU PE 174 28.27 73.97 -57.49
CA GLU PE 174 27.51 74.83 -58.38
C GLU PE 174 26.00 74.60 -58.25
N ILE PE 175 25.60 73.32 -58.24
CA ILE PE 175 24.18 73.03 -58.09
C ILE PE 175 23.70 73.39 -56.69
N TRP PE 176 24.60 73.29 -55.70
CA TRP PE 176 24.30 73.73 -54.35
C TRP PE 176 24.03 75.22 -54.30
N CYS PE 177 24.85 76.01 -55.01
CA CYS PE 177 24.67 77.44 -55.08
C CYS PE 177 23.34 77.81 -55.73
N ILE PE 178 23.03 77.18 -56.87
CA ILE PE 178 21.83 77.59 -57.59
C ILE PE 178 20.57 77.11 -56.85
N TYR PE 179 20.64 75.98 -56.14
CA TYR PE 179 19.48 75.54 -55.38
C TYR PE 179 19.28 76.39 -54.14
N THR PE 180 20.38 76.88 -53.56
CA THR PE 180 20.22 77.83 -52.48
C THR PE 180 19.67 79.17 -52.97
N GLU PE 181 20.00 79.55 -54.20
CA GLU PE 181 19.37 80.72 -54.80
C GLU PE 181 17.87 80.52 -54.96
N ARG PE 182 17.47 79.32 -55.39
CA ARG PE 182 16.05 79.00 -55.51
C ARG PE 182 15.34 79.07 -54.17
N GLY PE 183 15.98 78.52 -53.12
CA GLY PE 183 15.39 78.59 -51.79
C GLY PE 183 15.31 80.02 -51.27
N TRP PE 184 16.31 80.84 -51.62
CA TRP PE 184 16.30 82.25 -51.27
C TRP PE 184 15.09 82.96 -51.87
N LYS PE 185 14.83 82.69 -53.15
CA LYS PE 185 13.64 83.24 -53.81
C LYS PE 185 12.36 82.76 -53.15
N ASN PE 186 12.32 81.49 -52.76
CA ASN PE 186 11.14 80.94 -52.11
C ASN PE 186 10.87 81.59 -50.77
N GLY PE 187 11.93 81.86 -50.00
CA GLY PE 187 11.76 82.54 -48.72
C GLY PE 187 11.27 83.96 -48.88
N ILE PE 188 11.74 84.64 -49.94
CA ILE PE 188 11.24 85.98 -50.24
C ILE PE 188 9.74 85.95 -50.53
N ASP PE 189 9.31 84.98 -51.34
CA ASP PE 189 7.90 84.84 -51.68
C ASP PE 189 7.06 84.51 -50.45
N GLN PE 190 7.60 83.69 -49.55
CA GLN PE 190 6.90 83.33 -48.33
C GLN PE 190 6.65 84.54 -47.46
N ALA PE 191 7.67 85.38 -47.29
CA ALA PE 191 7.53 86.58 -46.48
C ALA PE 191 6.52 87.54 -47.08
N ASN PE 192 6.56 87.70 -48.42
CA ASN PE 192 5.63 88.60 -49.08
C ASN PE 192 4.19 88.14 -48.96
N THR PE 193 3.97 86.82 -49.06
CA THR PE 193 2.62 86.28 -48.92
C THR PE 193 2.07 86.50 -47.53
N ILE PE 194 2.92 86.31 -46.51
CA ILE PE 194 2.49 86.55 -45.13
C ILE PE 194 2.09 88.00 -44.93
N LEU PE 195 2.90 88.91 -45.48
CA LEU PE 195 2.63 90.34 -45.33
C LEU PE 195 1.31 90.73 -45.99
N GLU PE 196 1.06 90.24 -47.21
CA GLU PE 196 -0.17 90.65 -47.88
C GLU PE 196 -1.39 90.01 -47.25
N GLU PE 197 -1.24 88.83 -46.64
CA GLU PE 197 -2.36 88.26 -45.90
C GLU PE 197 -2.70 89.11 -44.68
N ASN PE 198 -1.69 89.63 -44.00
CA ASN PE 198 -1.96 90.52 -42.86
C ASN PE 198 -2.62 91.83 -43.33
N ILE PE 199 -2.19 92.33 -44.48
CA ILE PE 199 -2.80 93.52 -45.07
C ILE PE 199 -4.28 93.29 -45.34
N ALA PE 200 -4.59 92.12 -45.93
CA ALA PE 200 -5.99 91.78 -46.21
C ALA PE 200 -6.81 91.62 -44.94
N ARG PE 201 -6.18 91.12 -43.87
CA ARG PE 201 -6.87 90.98 -42.59
C ARG PE 201 -7.29 92.34 -42.04
N ILE PE 202 -6.36 93.29 -42.00
CA ILE PE 202 -6.73 94.58 -41.43
C ILE PE 202 -7.64 95.35 -42.38
N LYS PE 203 -7.56 95.06 -43.68
CA LYS PE 203 -8.49 95.65 -44.63
C LYS PE 203 -9.91 95.16 -44.37
N GLU PE 204 -10.05 93.87 -44.07
CA GLU PE 204 -11.35 93.29 -43.71
C GLU PE 204 -11.90 93.95 -42.46
N ASP PE 205 -11.06 94.14 -41.45
CA ASP PE 205 -11.52 94.69 -40.19
C ASP PE 205 -12.00 96.13 -40.34
N PHE PE 206 -11.21 96.96 -41.02
CA PHE PE 206 -11.60 98.36 -41.15
C PHE PE 206 -12.78 98.53 -42.10
N GLY PE 207 -12.88 97.66 -43.12
CA GLY PE 207 -14.04 97.70 -43.99
C GLY PE 207 -15.32 97.35 -43.25
N GLY PE 208 -15.26 96.36 -42.36
CA GLY PE 208 -16.43 96.03 -41.57
C GLY PE 208 -16.83 97.15 -40.62
N MET PE 209 -15.85 97.82 -40.03
CA MET PE 209 -16.16 98.93 -39.13
C MET PE 209 -16.81 100.10 -39.87
N ILE PE 210 -16.26 100.47 -41.02
CA ILE PE 210 -16.84 101.59 -41.75
C ILE PE 210 -18.18 101.19 -42.37
N LEU PE 211 -18.37 99.90 -42.63
CA LEU PE 211 -19.66 99.44 -43.11
C LEU PE 211 -20.72 99.57 -42.03
N TYR PE 212 -20.36 99.27 -40.78
CA TYR PE 212 -21.30 99.49 -39.68
C TYR PE 212 -21.63 100.95 -39.54
N ARG PE 213 -20.63 101.83 -39.67
CA ARG PE 213 -20.87 103.26 -39.55
C ARG PE 213 -21.84 103.76 -40.62
N LYS PE 214 -21.65 103.30 -41.87
CA LYS PE 214 -22.53 103.74 -42.94
C LYS PE 214 -23.92 103.15 -42.83
N LEU PE 215 -24.05 101.90 -42.37
CA LEU PE 215 -25.38 101.34 -42.23
C LEU PE 215 -26.13 101.95 -41.06
N LEU PE 216 -25.42 102.29 -39.98
CA LEU PE 216 -26.07 102.98 -38.87
C LEU PE 216 -26.48 104.38 -39.27
N ALA PE 217 -25.72 105.03 -40.14
CA ALA PE 217 -26.17 106.28 -40.71
C ALA PE 217 -27.25 106.08 -41.77
N MET PE 218 -27.41 104.86 -42.27
CA MET PE 218 -28.45 104.54 -43.22
C MET PE 218 -29.74 104.08 -42.55
N ASN PE 219 -29.71 103.88 -41.23
CA ASN PE 219 -30.77 103.23 -40.45
C ASN PE 219 -31.06 101.84 -41.02
N MET PE 220 -30.03 101.00 -40.96
CA MET PE 220 -30.15 99.59 -41.28
C MET PE 220 -29.87 98.68 -40.11
N VAL PE 221 -29.27 99.20 -39.04
CA VAL PE 221 -28.95 98.41 -37.87
C VAL PE 221 -29.40 99.17 -36.63
N SER PE 222 -29.75 98.42 -35.59
CA SER PE 222 -30.05 99.05 -34.32
C SER PE 222 -28.76 99.53 -33.67
N PRO PE 223 -28.77 100.73 -33.09
CA PRO PE 223 -27.60 101.16 -32.32
C PRO PE 223 -27.52 100.38 -31.02
N PRO PE 224 -26.33 100.24 -30.45
CA PRO PE 224 -26.23 99.64 -29.11
C PRO PE 224 -26.84 100.54 -28.06
N TYR PE 225 -27.49 99.93 -27.08
CA TYR PE 225 -28.13 100.68 -26.02
C TYR PE 225 -27.60 100.22 -24.66
N VAL PE 226 -27.34 101.20 -23.79
CA VAL PE 226 -26.65 101.00 -22.53
C VAL PE 226 -27.60 101.31 -21.39
N SER PE 227 -27.23 100.86 -20.19
CA SER PE 227 -27.87 101.30 -18.97
C SER PE 227 -26.80 101.52 -17.90
N HIS PE 228 -26.88 102.65 -17.23
CA HIS PE 228 -25.95 103.00 -16.17
C HIS PE 228 -26.71 103.20 -14.87
N THR PE 229 -26.29 102.51 -13.83
CA THR PE 229 -26.84 102.68 -12.49
C THR PE 229 -25.77 103.30 -11.61
N ASP PE 230 -26.21 104.13 -10.68
CA ASP PE 230 -25.30 104.84 -9.79
C ASP PE 230 -25.71 104.59 -8.35
N LEU PE 231 -24.74 104.23 -7.53
CA LEU PE 231 -24.92 104.06 -6.10
C LEU PE 231 -23.97 105.01 -5.38
N GLY PE 232 -24.36 105.42 -4.18
CA GLY PE 232 -23.59 106.42 -3.47
C GLY PE 232 -22.38 105.86 -2.75
N VAL PE 233 -22.22 106.23 -1.49
CA VAL PE 233 -21.16 105.64 -0.68
C VAL PE 233 -21.48 104.17 -0.43
N THR PE 234 -20.54 103.30 -0.77
CA THR PE 234 -20.77 101.88 -0.67
C THR PE 234 -19.67 101.22 0.14
N GLY PE 235 -20.04 100.12 0.78
CA GLY PE 235 -19.13 99.39 1.63
C GLY PE 235 -19.56 99.45 3.09
N ASP PE 236 -18.81 98.73 3.91
CA ASP PE 236 -19.09 98.62 5.33
C ASP PE 236 -18.50 99.83 6.06
N GLY PE 237 -18.39 99.74 7.37
CA GLY PE 237 -17.70 100.76 8.10
C GLY PE 237 -16.19 100.69 8.05
N SER PE 238 -15.61 99.71 7.38
CA SER PE 238 -14.16 99.56 7.33
C SER PE 238 -13.56 100.03 6.01
N GLU PE 239 -13.98 99.47 4.89
CA GLU PE 239 -13.43 99.80 3.59
C GLU PE 239 -14.54 100.28 2.67
N ILE PE 240 -14.28 101.37 1.93
CA ILE PE 240 -15.35 102.06 1.22
C ILE PE 240 -14.87 102.60 -0.10
N HIS PE 241 -15.83 102.90 -0.97
CA HIS PE 241 -15.65 103.76 -2.12
C HIS PE 241 -16.79 104.77 -2.11
N ILE PE 242 -16.48 106.02 -2.45
CA ILE PE 242 -17.43 107.09 -2.23
C ILE PE 242 -18.58 107.07 -3.24
N ASP PE 243 -18.37 106.47 -4.41
CA ASP PE 243 -19.39 106.47 -5.44
C ASP PE 243 -19.25 105.19 -6.23
N ASP PE 244 -20.29 104.86 -6.99
CA ASP PE 244 -20.28 103.64 -7.78
C ASP PE 244 -21.07 103.86 -9.05
N ARG PE 245 -20.46 103.61 -10.19
CA ARG PE 245 -21.15 103.61 -11.46
C ARG PE 245 -21.00 102.24 -12.10
N VAL PE 246 -22.13 101.61 -12.39
CA VAL PE 246 -22.16 100.29 -13.00
C VAL PE 246 -22.83 100.45 -14.36
N LEU PE 247 -22.12 100.03 -15.41
CA LEU PE 247 -22.61 100.24 -16.77
C LEU PE 247 -22.69 98.89 -17.47
N ARG PE 248 -23.88 98.58 -17.99
CA ARG PE 248 -24.14 97.33 -18.69
C ARG PE 248 -24.70 97.65 -20.06
N ILE PE 249 -24.13 97.03 -21.09
CA ILE PE 249 -24.67 97.13 -22.44
C ILE PE 249 -25.91 96.26 -22.48
N THR PE 250 -27.08 96.87 -22.51
CA THR PE 250 -28.30 96.09 -22.45
C THR PE 250 -28.71 95.56 -23.81
N ALA PE 251 -28.73 96.41 -24.83
CA ALA PE 251 -29.22 96.03 -26.15
C ALA PE 251 -28.06 95.98 -27.12
N LEU PE 252 -27.74 94.77 -27.57
CA LEU PE 252 -26.73 94.60 -28.60
C LEU PE 252 -27.24 95.11 -29.94
N PRO PE 253 -26.35 95.60 -30.80
CA PRO PE 253 -26.78 96.00 -32.14
C PRO PE 253 -27.19 94.79 -32.97
N GLU PE 254 -28.17 95.02 -33.85
CA GLU PE 254 -28.56 94.08 -34.89
C GLU PE 254 -29.33 94.84 -35.94
N LEU PE 255 -29.51 94.21 -37.09
CA LEU PE 255 -30.17 94.86 -38.20
C LEU PE 255 -31.69 94.84 -38.04
N ASN PE 256 -32.37 95.63 -38.87
CA ASN PE 256 -33.82 95.72 -38.87
C ASN PE 256 -34.38 94.95 -40.04
N VAL PE 257 -35.37 94.09 -39.78
CA VAL PE 257 -35.92 93.25 -40.82
C VAL PE 257 -37.19 93.82 -41.43
N ASN PE 258 -37.87 94.74 -40.75
CA ASN PE 258 -38.98 95.45 -41.34
C ASN PE 258 -38.42 96.56 -42.21
N SER PE 259 -38.64 96.47 -43.52
CA SER PE 259 -37.94 97.35 -44.44
C SER PE 259 -38.65 98.66 -44.69
N ALA PE 260 -39.88 98.83 -44.21
CA ALA PE 260 -40.59 100.07 -44.48
C ALA PE 260 -40.06 101.25 -43.68
N GLU PE 261 -39.21 101.01 -42.69
CA GLU PE 261 -38.63 102.05 -41.85
C GLU PE 261 -37.25 102.47 -42.35
N TRP PE 262 -37.04 102.41 -43.65
CA TRP PE 262 -35.73 102.60 -44.23
C TRP PE 262 -35.69 103.91 -45.01
N ARG PE 263 -34.49 104.42 -45.23
CA ARG PE 263 -34.31 105.67 -45.95
C ARG PE 263 -33.21 105.54 -46.98
N ALA PE 264 -33.37 106.27 -48.07
CA ALA PE 264 -32.47 106.21 -49.21
C ALA PE 264 -31.52 107.41 -49.19
N ALA PE 265 -30.76 107.56 -50.27
CA ALA PE 265 -29.73 108.58 -50.39
C ALA PE 265 -29.98 109.42 -51.63
N VAL PE 266 -29.22 110.51 -51.74
CA VAL PE 266 -29.31 111.40 -52.89
C VAL PE 266 -28.00 112.15 -52.99
N ALA PE 267 -27.75 112.77 -54.14
CA ALA PE 267 -26.56 113.58 -54.32
C ALA PE 267 -26.89 114.74 -55.26
N LYS PE 268 -25.89 115.58 -55.49
CA LYS PE 268 -26.01 116.68 -56.44
C LYS PE 268 -24.76 116.79 -57.31
N GLY QE 26 68.40 1.72 70.36
CA GLY QE 26 68.42 1.53 71.80
C GLY QE 26 67.21 2.11 72.50
N ASP QE 27 66.40 1.24 73.09
CA ASP QE 27 65.18 1.66 73.77
C ASP QE 27 65.33 1.72 75.28
N THR QE 28 66.48 1.31 75.83
CA THR QE 28 66.64 1.32 77.28
C THR QE 28 66.94 2.72 77.79
N GLY QE 29 68.10 3.25 77.44
CA GLY QE 29 68.37 4.67 77.61
C GLY QE 29 67.93 5.35 76.33
N SER QE 30 66.61 5.44 76.17
CA SER QE 30 66.02 5.52 74.84
C SER QE 30 66.31 6.84 74.13
N LEU QE 31 66.50 7.92 74.88
CA LEU QE 31 66.91 9.17 74.26
C LEU QE 31 68.32 9.07 73.67
N ALA QE 32 69.24 8.45 74.43
CA ALA QE 32 70.58 8.21 73.91
C ALA QE 32 70.55 7.20 72.76
N GLY QE 33 69.69 6.19 72.86
CA GLY QE 33 69.56 5.24 71.76
C GLY QE 33 68.97 5.86 70.51
N LEU QE 34 68.08 6.84 70.68
CA LEU QE 34 67.51 7.52 69.53
C LEU QE 34 68.51 8.47 68.90
N GLN QE 35 69.33 9.12 69.73
CA GLN QE 35 70.42 9.92 69.20
C GLN QE 35 71.45 9.06 68.49
N ALA QE 36 71.62 7.82 68.95
CA ALA QE 36 72.51 6.87 68.26
C ALA QE 36 71.90 6.36 66.97
N MET QE 37 70.58 6.14 66.95
CA MET QE 37 69.94 5.68 65.71
C MET QE 37 69.74 6.81 64.72
N ALA QE 38 69.92 8.06 65.13
CA ALA QE 38 70.01 9.15 64.18
C ALA QE 38 71.26 9.04 63.30
N ASP QE 39 72.30 8.35 63.78
CA ASP QE 39 73.49 8.11 62.97
C ASP QE 39 73.17 7.17 61.82
N SER QE 40 73.80 7.43 60.67
CA SER QE 40 73.48 6.76 59.42
C SER QE 40 74.01 5.34 59.33
N LYS QE 41 74.85 4.91 60.28
CA LYS QE 41 75.43 3.57 60.21
C LYS QE 41 74.37 2.50 60.45
N TYR QE 42 73.57 2.67 61.49
CA TYR QE 42 72.56 1.67 61.83
C TYR QE 42 71.41 1.69 60.84
N THR QE 43 71.17 2.84 60.20
CA THR QE 43 70.09 2.97 59.23
C THR QE 43 70.30 2.05 58.03
N ARG QE 44 71.53 1.98 57.53
CA ARG QE 44 71.85 1.04 56.47
C ARG QE 44 72.25 -0.33 56.99
N ALA QE 45 72.59 -0.43 58.28
CA ALA QE 45 72.81 -1.74 58.86
C ALA QE 45 71.51 -2.52 59.01
N GLN QE 46 70.38 -1.82 59.15
CA GLN QE 46 69.10 -2.48 59.38
C GLN QE 46 68.56 -3.20 58.15
N LYS QE 47 68.89 -2.74 56.94
CA LYS QE 47 68.32 -3.35 55.73
C LYS QE 47 68.82 -4.76 55.52
N LYS QE 48 70.12 -5.00 55.71
CA LYS QE 48 70.69 -6.30 55.37
C LYS QE 48 70.32 -7.37 56.39
N GLN QE 49 69.87 -6.96 57.58
CA GLN QE 49 69.28 -7.90 58.52
C GLN QE 49 67.76 -7.95 58.41
N LYS QE 50 67.14 -6.97 57.74
CA LYS QE 50 65.68 -6.98 57.54
C LYS QE 50 65.24 -8.16 56.69
N MET QE 51 66.02 -8.51 55.66
CA MET QE 51 65.68 -9.66 54.83
C MET QE 51 65.79 -10.97 55.60
N GLY QE 52 66.80 -11.08 56.46
CA GLY QE 52 66.92 -12.25 57.31
C GLY QE 52 65.80 -12.35 58.33
N LYS QE 53 65.37 -11.20 58.87
CA LYS QE 53 64.25 -11.19 59.80
C LYS QE 53 62.88 -11.23 59.10
N ILE QE 54 62.85 -11.17 57.77
CA ILE QE 54 61.59 -11.32 57.05
C ILE QE 54 61.48 -12.65 56.32
N ARG QE 55 62.56 -13.42 56.20
CA ARG QE 55 62.55 -14.64 55.42
C ARG QE 55 62.67 -15.92 56.25
N GLU QE 56 62.47 -15.87 57.57
CA GLU QE 56 62.85 -17.00 58.41
C GLU QE 56 61.67 -17.75 59.03
N MET QE 57 60.47 -17.17 58.99
CA MET QE 57 59.37 -17.67 59.81
C MET QE 57 58.88 -19.04 59.37
N ALA QE 58 58.87 -19.28 58.06
CA ALA QE 58 58.35 -20.54 57.52
C ALA QE 58 59.21 -21.73 57.95
N LEU QE 59 60.53 -21.54 57.96
CA LEU QE 59 61.44 -22.55 58.50
C LEU QE 59 61.16 -22.80 59.97
N LYS QE 60 60.93 -21.72 60.73
CA LYS QE 60 60.64 -21.81 62.14
C LYS QE 60 59.34 -22.56 62.40
N GLU QE 61 58.28 -22.22 61.65
CA GLU QE 61 56.99 -22.85 61.87
C GLU QE 61 56.99 -24.32 61.45
N THR QE 62 57.67 -24.64 60.34
CA THR QE 62 57.77 -26.03 59.93
C THR QE 62 58.56 -26.86 60.94
N ALA QE 63 59.65 -26.29 61.47
CA ALA QE 63 60.43 -26.98 62.48
C ALA QE 63 59.62 -27.21 63.74
N LEU QE 64 58.82 -26.21 64.14
CA LEU QE 64 57.96 -26.36 65.30
C LEU QE 64 56.91 -27.45 65.09
N SER QE 65 56.30 -27.50 63.91
CA SER QE 65 55.24 -28.46 63.65
C SER QE 65 55.78 -29.89 63.61
N VAL QE 66 56.90 -30.09 62.93
CA VAL QE 66 57.42 -31.46 62.83
C VAL QE 66 58.02 -31.90 64.17
N GLY QE 67 58.58 -30.96 64.95
CA GLY QE 67 59.03 -31.31 66.28
C GLY QE 67 57.88 -31.69 67.19
N ALA QE 68 56.74 -31.01 67.02
CA ALA QE 68 55.55 -31.34 67.80
C ALA QE 68 55.06 -32.75 67.50
N GLN QE 69 55.00 -33.09 66.21
CA GLN QE 69 54.55 -34.43 65.82
C GLN QE 69 55.49 -35.51 66.33
N ALA QE 70 56.79 -35.32 66.14
CA ALA QE 70 57.76 -36.35 66.52
C ALA QE 70 57.83 -36.52 68.03
N GLY QE 71 57.82 -35.42 68.78
CA GLY QE 71 57.87 -35.52 70.23
C GLY QE 71 56.62 -36.13 70.81
N LEU QE 72 55.46 -35.79 70.23
CA LEU QE 72 54.21 -36.37 70.70
C LEU QE 72 54.19 -37.88 70.47
N ALA QE 73 54.65 -38.32 69.30
CA ALA QE 73 54.68 -39.76 69.03
C ALA QE 73 55.64 -40.50 69.95
N TRP QE 74 56.84 -39.94 70.14
CA TRP QE 74 57.85 -40.61 70.95
C TRP QE 74 57.43 -40.72 72.40
N ARG QE 75 56.92 -39.61 72.96
CA ARG QE 75 56.48 -39.62 74.34
C ARG QE 75 55.27 -40.52 74.53
N ALA QE 76 54.39 -40.60 73.52
CA ALA QE 76 53.26 -41.50 73.60
C ALA QE 76 53.69 -42.97 73.67
N LYS QE 77 54.68 -43.34 72.85
CA LYS QE 77 55.17 -44.71 72.89
C LYS QE 77 55.83 -45.03 74.23
N ILE QE 78 56.61 -44.08 74.76
CA ILE QE 78 57.26 -44.25 76.05
C ILE QE 78 56.22 -44.41 77.16
N ILE QE 79 55.15 -43.63 77.09
CA ILE QE 79 54.08 -43.67 78.08
C ILE QE 79 53.36 -45.02 78.03
N ASP QE 80 53.11 -45.53 76.83
CA ASP QE 80 52.46 -46.84 76.70
C ASP QE 80 53.33 -47.96 77.25
N GLU QE 81 54.64 -47.89 76.99
CA GLU QE 81 55.55 -48.88 77.54
C GLU QE 81 55.59 -48.84 79.06
N GLN QE 82 55.64 -47.62 79.62
CA GLN QE 82 55.64 -47.47 81.08
C GLN QE 82 54.33 -47.93 81.69
N LEU QE 83 53.22 -47.73 80.98
CA LEU QE 83 51.93 -48.15 81.48
C LEU QE 83 51.82 -49.67 81.49
N ASN QE 84 52.20 -50.31 80.38
CA ASN QE 84 52.05 -51.75 80.30
C ASN QE 84 53.11 -52.50 81.09
N LYS QE 85 54.16 -51.81 81.56
CA LYS QE 85 55.17 -52.46 82.38
C LYS QE 85 54.59 -52.94 83.72
N GLN QE 86 53.69 -52.18 84.32
CA GLN QE 86 53.24 -52.53 85.66
C GLN QE 86 51.73 -52.69 85.73
N ALA QE 87 51.17 -53.49 84.81
CA ALA QE 87 49.73 -53.56 84.67
C ALA QE 87 49.02 -54.26 85.82
N ARG QE 88 49.75 -55.06 86.62
CA ARG QE 88 49.13 -55.95 87.59
C ARG QE 88 48.44 -55.18 88.71
N ASN QE 89 49.08 -54.12 89.19
CA ASN QE 89 48.48 -53.34 90.26
C ASN QE 89 47.30 -52.52 89.79
N LEU QE 90 47.25 -52.21 88.49
CA LEU QE 90 46.06 -51.57 87.94
C LEU QE 90 44.85 -52.47 88.05
N ASP QE 91 45.04 -53.75 87.71
CA ASP QE 91 43.96 -54.72 87.87
C ASP QE 91 43.66 -54.98 89.33
N ALA QE 92 44.68 -54.85 90.19
CA ALA QE 92 44.46 -54.96 91.62
C ALA QE 92 43.57 -53.83 92.14
N ILE QE 93 43.79 -52.61 91.67
CA ILE QE 93 43.05 -51.49 92.25
C ILE QE 93 41.68 -51.33 91.58
N TYR QE 94 41.59 -51.56 90.28
CA TYR QE 94 40.34 -51.28 89.56
C TYR QE 94 39.55 -52.56 89.32
N ASP QE 95 39.15 -53.18 90.43
CA ASP QE 95 38.32 -54.38 90.38
C ASP QE 95 36.88 -53.92 90.30
N PHE QE 96 36.40 -53.73 89.06
CA PHE QE 96 34.98 -53.50 88.87
C PHE QE 96 34.18 -54.76 89.19
N ASN QE 97 34.79 -55.93 88.95
CA ASN QE 97 34.13 -57.20 89.18
C ASN QE 97 33.82 -57.43 90.65
N SER QE 98 34.58 -56.80 91.55
CA SER QE 98 34.16 -56.74 92.93
C SER QE 98 32.88 -55.92 93.09
N LEU QE 99 32.71 -54.86 92.31
CA LEU QE 99 31.60 -53.95 92.52
C LEU QE 99 30.36 -54.31 91.71
N VAL QE 100 30.43 -55.34 90.87
CA VAL QE 100 29.24 -55.80 90.15
C VAL QE 100 28.25 -56.37 91.13
N LEU QE 101 26.98 -55.97 91.01
CA LEU QE 101 25.97 -56.36 91.97
C LEU QE 101 25.51 -57.80 91.73
N GLU QE 102 24.59 -58.26 92.58
CA GLU QE 102 24.23 -59.67 92.64
C GLU QE 102 23.40 -60.12 91.45
N HIS QE 103 22.74 -59.20 90.76
CA HIS QE 103 22.00 -59.52 89.56
C HIS QE 103 22.77 -59.12 88.30
N ASN QE 104 24.10 -59.08 88.42
CA ASN QE 104 25.02 -58.66 87.36
C ASN QE 104 24.69 -57.26 86.87
N ILE QE 105 24.67 -56.31 87.82
CA ILE QE 105 24.25 -54.95 87.58
C ILE QE 105 25.40 -54.02 87.87
N LEU QE 106 25.68 -53.12 86.93
CA LEU QE 106 26.64 -52.07 87.18
C LEU QE 106 26.03 -51.02 88.09
N PRO QE 107 26.68 -50.67 89.20
CA PRO QE 107 26.15 -49.63 90.06
C PRO QE 107 26.27 -48.27 89.40
N PRO QE 108 25.38 -47.32 89.74
CA PRO QE 108 25.42 -46.02 89.05
C PRO QE 108 26.50 -45.10 89.57
N VAL QE 109 26.52 -43.86 89.09
CA VAL QE 109 27.56 -42.89 89.43
C VAL QE 109 26.92 -41.72 90.17
N LEU QE 110 27.48 -41.39 91.33
CA LEU QE 110 27.00 -40.29 92.14
C LEU QE 110 28.09 -39.24 92.31
N LEU QE 111 27.69 -37.98 92.38
CA LEU QE 111 28.60 -36.88 92.58
C LEU QE 111 28.13 -36.07 93.78
N GLU QE 112 29.08 -35.63 94.59
CA GLU QE 112 28.81 -34.96 95.85
C GLU QE 112 29.46 -33.59 95.87
N GLY QE 113 28.93 -32.72 96.72
CA GLY QE 113 29.49 -31.39 96.87
C GLY QE 113 29.28 -30.83 98.27
N ARG QE 114 30.25 -30.06 98.75
CA ARG QE 114 30.19 -29.46 100.08
C ARG QE 114 30.38 -27.96 99.98
N ASN QE 115 29.66 -27.23 100.84
CA ASN QE 115 29.69 -25.78 100.96
C ASN QE 115 29.33 -25.11 99.64
N THR QE 116 28.09 -25.35 99.21
CA THR QE 116 27.58 -24.79 97.98
C THR QE 116 27.19 -23.34 98.20
N LEU QE 117 27.62 -22.46 97.31
CA LEU QE 117 27.21 -21.07 97.33
C LEU QE 117 27.17 -20.54 95.92
N ASN QE 118 26.05 -19.92 95.56
CA ASN QE 118 25.89 -19.31 94.26
C ASN QE 118 25.38 -17.89 94.44
N LEU QE 119 25.85 -17.00 93.58
CA LEU QE 119 25.38 -15.63 93.50
C LEU QE 119 24.79 -15.45 92.11
N ALA QE 120 23.46 -15.43 92.03
CA ALA QE 120 22.82 -15.20 90.74
C ALA QE 120 23.05 -13.77 90.26
N ASP QE 121 22.78 -12.80 91.13
CA ASP QE 121 23.01 -11.40 90.84
C ASP QE 121 23.11 -10.67 92.17
N ALA QE 122 23.02 -9.35 92.13
CA ALA QE 122 22.95 -8.58 93.36
C ALA QE 122 21.65 -8.88 94.10
N GLN QE 123 21.70 -8.68 95.42
CA GLN QE 123 20.59 -8.93 96.36
C GLN QE 123 20.10 -10.37 96.32
N SER QE 124 20.98 -11.33 95.98
CA SER QE 124 20.53 -12.70 95.78
C SER QE 124 21.71 -13.65 96.01
N ILE QE 125 21.75 -14.26 97.19
CA ILE QE 125 22.73 -15.29 97.51
C ILE QE 125 21.97 -16.55 97.89
N ARG QE 126 22.35 -17.67 97.28
CA ARG QE 126 21.76 -18.97 97.58
C ARG QE 126 22.85 -19.90 98.07
N ILE QE 127 22.69 -20.39 99.30
CA ILE QE 127 23.69 -21.24 99.93
C ILE QE 127 23.07 -22.59 100.24
N SER QE 128 23.95 -23.57 100.40
CA SER QE 128 23.59 -24.93 100.76
C SER QE 128 24.82 -25.58 101.39
N ASP QE 129 24.59 -26.57 102.24
CA ASP QE 129 25.73 -27.23 102.88
C ASP QE 129 26.32 -28.29 101.96
N ARG QE 130 25.54 -29.31 101.64
CA ARG QE 130 26.03 -30.41 100.83
C ARG QE 130 24.96 -30.76 99.79
N THR QE 131 25.40 -31.47 98.75
CA THR QE 131 24.53 -31.73 97.61
C THR QE 131 24.97 -33.01 96.92
N TYR QE 132 24.03 -33.61 96.20
CA TYR QE 132 24.29 -34.86 95.49
C TYR QE 132 23.55 -34.89 94.16
N LYS QE 133 24.12 -35.63 93.21
CA LYS QE 133 23.63 -35.66 91.84
C LYS QE 133 23.97 -36.99 91.18
N VAL QE 134 22.99 -37.59 90.50
CA VAL QE 134 23.24 -38.79 89.72
C VAL QE 134 23.82 -38.40 88.36
N ALA QE 135 24.92 -39.02 87.98
CA ALA QE 135 25.58 -38.71 86.70
C ALA QE 135 25.29 -39.75 85.63
N LYS QE 136 25.62 -41.01 85.89
CA LYS QE 136 25.34 -42.10 84.97
C LYS QE 136 24.34 -43.04 85.63
N GLN QE 137 23.20 -43.23 84.97
CA GLN QE 137 22.18 -44.15 85.46
C GLN QE 137 22.69 -45.58 85.36
N ALA QE 138 22.38 -46.39 86.38
CA ALA QE 138 22.77 -47.79 86.39
C ALA QE 138 22.09 -48.56 85.28
N HIS QE 139 22.81 -49.53 84.73
CA HIS QE 139 22.27 -50.31 83.62
C HIS QE 139 22.88 -51.70 83.66
N PHE QE 140 22.41 -52.54 82.76
CA PHE QE 140 22.89 -53.92 82.69
C PHE QE 140 24.30 -53.98 82.14
N ILE QE 141 24.97 -55.09 82.42
CA ILE QE 141 26.31 -55.35 81.91
C ILE QE 141 26.42 -56.83 81.58
N THR QE 142 27.32 -57.14 80.66
CA THR QE 142 27.75 -58.52 80.43
C THR QE 142 29.07 -58.80 81.13
N THR QE 143 30.10 -58.04 80.79
CA THR QE 143 31.40 -58.20 81.39
C THR QE 143 31.76 -56.94 82.16
N PRO QE 144 32.45 -57.08 83.28
CA PRO QE 144 32.97 -55.90 83.98
C PRO QE 144 34.03 -55.22 83.13
N PRO QE 145 34.08 -53.90 83.16
CA PRO QE 145 35.08 -53.17 82.38
C PRO QE 145 36.47 -53.31 82.99
N THR QE 146 37.46 -52.89 82.22
CA THR QE 146 38.85 -52.85 82.64
C THR QE 146 39.35 -51.42 82.54
N TRP QE 147 40.65 -51.24 82.77
CA TRP QE 147 41.25 -49.93 82.70
C TRP QE 147 41.76 -49.57 81.32
N ARG QE 148 41.80 -50.53 80.40
CA ARG QE 148 42.51 -50.28 79.14
C ARG QE 148 41.74 -49.33 78.25
N GLN QE 149 40.42 -49.42 78.23
CA GLN QE 149 39.64 -48.47 77.45
C GLN QE 149 39.63 -47.10 78.09
N TYR QE 150 39.96 -47.00 79.36
CA TYR QE 150 40.09 -45.69 80.00
C TYR QE 150 41.46 -45.08 79.80
N LEU QE 151 42.50 -45.89 79.77
CA LEU QE 151 43.85 -45.39 79.99
C LEU QE 151 44.86 -45.74 78.92
N TRP QE 152 44.56 -46.62 77.97
CA TRP QE 152 45.55 -46.93 76.96
C TRP QE 152 45.71 -45.76 76.00
N MET QE 153 46.95 -45.39 75.75
CA MET QE 153 47.23 -44.35 74.78
C MET QE 153 47.36 -45.00 73.42
N ASP QE 154 46.67 -44.45 72.43
CA ASP QE 154 46.80 -44.95 71.07
C ASP QE 154 48.16 -44.58 70.53
N TYR QE 155 48.82 -45.54 69.90
CA TYR QE 155 50.14 -45.31 69.33
C TYR QE 155 50.14 -45.69 67.86
N VAL QE 156 50.65 -44.79 67.03
CA VAL QE 156 50.96 -45.09 65.66
C VAL QE 156 52.19 -44.26 65.31
N LYS QE 157 53.24 -44.92 64.85
CA LYS QE 157 54.43 -44.19 64.42
C LYS QE 157 54.12 -43.47 63.12
N PRO QE 158 54.43 -42.18 63.01
CA PRO QE 158 54.31 -41.48 61.71
C PRO QE 158 55.61 -41.64 60.94
N GLU QE 159 55.53 -42.28 59.78
CA GLU QE 159 56.69 -42.46 58.91
C GLU QE 159 56.63 -41.55 57.69
N ALA QE 160 56.19 -40.31 57.85
CA ALA QE 160 56.08 -39.37 56.72
C ALA QE 160 56.84 -38.08 57.03
N PRO QE 161 58.19 -38.13 56.98
CA PRO QE 161 58.94 -36.88 57.09
C PRO QE 161 59.08 -36.18 55.75
N ASN QE 162 58.42 -35.04 55.56
CA ASN QE 162 58.59 -34.25 54.36
C ASN QE 162 58.92 -32.81 54.73
N VAL QE 163 59.86 -32.23 54.01
CA VAL QE 163 60.31 -30.86 54.26
C VAL QE 163 59.85 -29.97 53.13
N THR QE 164 59.14 -28.90 53.48
CA THR QE 164 58.68 -27.94 52.48
C THR QE 164 59.80 -26.98 52.08
N LEU QE 165 60.28 -26.19 53.03
CA LEU QE 165 61.40 -25.30 52.81
C LEU QE 165 62.56 -25.74 53.69
N LEU QE 166 63.75 -25.77 53.10
CA LEU QE 166 64.83 -26.31 53.91
C LEU QE 166 65.67 -25.21 54.52
N PRO QE 167 66.21 -25.43 55.72
CA PRO QE 167 67.20 -24.50 56.27
C PRO QE 167 68.50 -24.60 55.49
N LYS QE 168 68.80 -23.55 54.74
CA LYS QE 168 69.90 -23.61 53.78
C LYS QE 168 71.24 -23.17 54.33
N THR QE 169 71.27 -22.32 55.36
CA THR QE 169 72.53 -21.96 55.99
C THR QE 169 72.64 -22.63 57.35
N LYS QE 170 73.85 -22.57 57.92
CA LYS QE 170 74.17 -23.29 59.15
C LYS QE 170 73.41 -22.73 60.35
N ALA QE 171 73.26 -21.41 60.41
CA ALA QE 171 72.45 -20.79 61.47
C ALA QE 171 71.00 -21.20 61.34
N GLU QE 172 70.51 -21.32 60.11
CA GLU QE 172 69.14 -21.77 59.88
C GLU QE 172 68.96 -23.22 60.30
N LYS QE 173 69.96 -24.07 60.04
CA LYS QE 173 69.87 -25.47 60.47
C LYS QE 173 69.92 -25.59 61.99
N GLU QE 174 70.73 -24.75 62.63
CA GLU QE 174 70.80 -24.75 64.09
C GLU QE 174 69.49 -24.30 64.72
N ILE QE 175 68.89 -23.21 64.21
CA ILE QE 175 67.63 -22.76 64.78
C ILE QE 175 66.50 -23.72 64.40
N TRP QE 176 66.64 -24.42 63.27
CA TRP QE 176 65.74 -25.51 62.92
C TRP QE 176 65.80 -26.63 63.95
N CYS QE 177 67.02 -26.95 64.40
CA CYS QE 177 67.20 -27.95 65.45
C CYS QE 177 66.58 -27.49 66.77
N ILE QE 178 66.76 -26.22 67.13
CA ILE QE 178 66.24 -25.80 68.43
C ILE QE 178 64.72 -25.67 68.41
N TYR QE 179 64.12 -25.33 67.26
CA TYR QE 179 62.67 -25.31 67.21
C TYR QE 179 62.10 -26.71 67.15
N THR QE 180 62.85 -27.66 66.58
CA THR QE 180 62.49 -29.06 66.69
C THR QE 180 62.52 -29.52 68.14
N GLU QE 181 63.51 -29.04 68.89
CA GLU QE 181 63.61 -29.38 70.31
C GLU QE 181 62.44 -28.80 71.10
N ARG QE 182 62.05 -27.58 70.76
CA ARG QE 182 60.90 -26.97 71.42
C ARG QE 182 59.62 -27.73 71.09
N GLY QE 183 59.47 -28.16 69.84
CA GLY QE 183 58.31 -28.96 69.47
C GLY QE 183 58.29 -30.31 70.17
N TRP QE 184 59.47 -30.90 70.38
CA TRP QE 184 59.60 -32.12 71.17
C TRP QE 184 59.07 -31.90 72.58
N LYS QE 185 59.43 -30.77 73.19
CA LYS QE 185 58.91 -30.44 74.52
C LYS QE 185 57.40 -30.26 74.51
N ASN QE 186 56.88 -29.61 73.47
CA ASN QE 186 55.44 -29.35 73.37
C ASN QE 186 54.66 -30.66 73.26
N GLY QE 187 55.15 -31.59 72.45
CA GLY QE 187 54.49 -32.88 72.32
C GLY QE 187 54.54 -33.67 73.62
N ILE QE 188 55.64 -33.53 74.37
CA ILE QE 188 55.72 -34.15 75.69
C ILE QE 188 54.65 -33.58 76.62
N ASP QE 189 54.46 -32.26 76.59
CA ASP QE 189 53.45 -31.61 77.40
C ASP QE 189 52.04 -32.08 77.04
N GLN QE 190 51.77 -32.19 75.74
CA GLN QE 190 50.46 -32.63 75.28
C GLN QE 190 50.17 -34.06 75.73
N ALA QE 191 51.16 -34.93 75.60
CA ALA QE 191 50.97 -36.33 76.01
C ALA QE 191 50.73 -36.44 77.50
N ASN QE 192 51.46 -35.66 78.30
CA ASN QE 192 51.28 -35.68 79.75
C ASN QE 192 49.89 -35.18 80.14
N THR QE 193 49.41 -34.13 79.49
CA THR QE 193 48.08 -33.61 79.78
C THR QE 193 47.00 -34.61 79.41
N ILE QE 194 47.16 -35.30 78.29
CA ILE QE 194 46.17 -36.30 77.87
C ILE QE 194 46.12 -37.46 78.85
N LEU QE 195 47.29 -37.90 79.32
CA LEU QE 195 47.35 -38.97 80.30
C LEU QE 195 46.67 -38.58 81.60
N GLU QE 196 46.91 -37.34 82.06
CA GLU QE 196 46.27 -36.90 83.29
C GLU QE 196 44.77 -36.69 83.11
N GLU QE 197 44.33 -36.39 81.88
CA GLU QE 197 42.91 -36.31 81.59
C GLU QE 197 42.24 -37.67 81.74
N ASN QE 198 42.90 -38.72 81.25
CA ASN QE 198 42.36 -40.07 81.41
C ASN QE 198 42.34 -40.49 82.88
N ILE QE 199 43.38 -40.09 83.63
CA ILE QE 199 43.41 -40.35 85.06
C ILE QE 199 42.24 -39.69 85.76
N ALA QE 200 41.94 -38.44 85.38
CA ALA QE 200 40.83 -37.72 85.99
C ALA QE 200 39.49 -38.38 85.70
N ARG QE 201 39.31 -38.85 84.46
CA ARG QE 201 38.04 -39.47 84.09
C ARG QE 201 37.82 -40.78 84.85
N ILE QE 202 38.85 -41.62 84.93
CA ILE QE 202 38.65 -42.90 85.62
C ILE QE 202 38.51 -42.68 87.12
N LYS QE 203 39.16 -41.65 87.66
CA LYS QE 203 38.99 -41.30 89.07
C LYS QE 203 37.56 -40.87 89.34
N GLU QE 204 36.98 -40.09 88.43
CA GLU QE 204 35.61 -39.63 88.60
C GLU QE 204 34.63 -40.79 88.58
N ASP QE 205 34.82 -41.73 87.65
CA ASP QE 205 33.90 -42.87 87.56
C ASP QE 205 34.00 -43.77 88.78
N PHE QE 206 35.24 -44.07 89.21
CA PHE QE 206 35.44 -44.94 90.36
C PHE QE 206 34.91 -44.32 91.64
N GLY QE 207 35.13 -43.01 91.79
CA GLY QE 207 34.62 -42.29 92.94
C GLY QE 207 33.11 -42.26 92.97
N GLY QE 208 32.49 -42.15 91.79
CA GLY QE 208 31.04 -42.19 91.72
C GLY QE 208 30.46 -43.52 92.17
N MET QE 209 31.06 -44.63 91.73
CA MET QE 209 30.54 -45.94 92.14
C MET QE 209 30.78 -46.20 93.63
N ILE QE 210 31.95 -45.85 94.14
CA ILE QE 210 32.19 -46.12 95.56
C ILE QE 210 31.35 -45.19 96.44
N LEU QE 211 31.06 -43.99 95.95
CA LEU QE 211 30.16 -43.09 96.67
C LEU QE 211 28.74 -43.63 96.72
N TYR QE 212 28.29 -44.24 95.61
CA TYR QE 212 26.98 -44.87 95.60
C TYR QE 212 26.91 -46.01 96.60
N ARG QE 213 27.96 -46.83 96.66
CA ARG QE 213 27.97 -47.94 97.61
C ARG QE 213 27.93 -47.44 99.04
N LYS QE 214 28.69 -46.37 99.34
CA LYS QE 214 28.70 -45.83 100.69
C LYS QE 214 27.37 -45.20 101.05
N LEU QE 215 26.69 -44.57 100.10
CA LEU QE 215 25.42 -43.94 100.41
C LEU QE 215 24.32 -44.97 100.60
N LEU QE 216 24.37 -46.07 99.83
CA LEU QE 216 23.40 -47.15 100.06
C LEU QE 216 23.66 -47.83 101.39
N ALA QE 217 24.93 -47.93 101.78
CA ALA QE 217 25.25 -48.37 103.13
C ALA QE 217 24.74 -47.39 104.17
N MET QE 218 24.71 -46.10 103.83
CA MET QE 218 24.17 -45.08 104.73
C MET QE 218 22.66 -45.02 104.72
N ASN QE 219 22.01 -45.75 103.81
CA ASN QE 219 20.56 -45.73 103.58
C ASN QE 219 20.10 -44.32 103.22
N MET QE 220 20.68 -43.80 102.15
CA MET QE 220 20.26 -42.56 101.56
C MET QE 220 19.61 -42.74 100.19
N VAL QE 221 19.98 -43.80 99.47
CA VAL QE 221 19.52 -44.02 98.13
C VAL QE 221 18.58 -45.23 98.12
N SER QE 222 17.90 -45.41 97.00
CA SER QE 222 17.09 -46.62 96.94
C SER QE 222 17.89 -47.76 96.31
N PRO QE 223 17.66 -49.00 96.75
CA PRO QE 223 18.26 -50.12 96.05
C PRO QE 223 17.62 -50.31 94.69
N PRO QE 224 18.36 -50.80 93.71
CA PRO QE 224 17.74 -51.13 92.41
C PRO QE 224 16.82 -52.32 92.56
N TYR QE 225 15.67 -52.26 91.92
CA TYR QE 225 14.70 -53.33 92.01
C TYR QE 225 14.42 -53.93 90.64
N VAL QE 226 14.44 -55.27 90.59
CA VAL QE 226 14.39 -56.06 89.38
C VAL QE 226 13.26 -57.08 89.53
N SER QE 227 12.87 -57.68 88.42
CA SER QE 227 12.02 -58.85 88.46
C SER QE 227 12.40 -59.83 87.37
N HIS QE 228 12.04 -61.09 87.59
CA HIS QE 228 12.20 -62.14 86.59
C HIS QE 228 10.88 -62.85 86.39
N THR QE 229 10.47 -62.99 85.14
CA THR QE 229 9.27 -63.70 84.75
C THR QE 229 9.67 -65.00 84.08
N ASP QE 230 9.06 -66.09 84.50
CA ASP QE 230 9.38 -67.41 83.96
C ASP QE 230 8.25 -67.87 83.07
N LEU QE 231 8.60 -68.39 81.90
CA LEU QE 231 7.69 -68.94 80.91
C LEU QE 231 8.14 -70.34 80.57
N GLY QE 232 7.17 -71.22 80.36
CA GLY QE 232 7.42 -72.65 80.22
C GLY QE 232 8.01 -73.03 78.89
N VAL QE 233 7.79 -74.30 78.50
CA VAL QE 233 8.38 -74.85 77.30
C VAL QE 233 7.73 -74.22 76.08
N THR QE 234 8.44 -73.31 75.45
CA THR QE 234 7.88 -72.48 74.40
C THR QE 234 8.46 -72.86 73.05
N GLY QE 235 8.08 -72.08 72.04
CA GLY QE 235 8.45 -72.35 70.67
C GLY QE 235 7.31 -72.98 69.89
N ASP QE 236 7.34 -72.78 68.59
CA ASP QE 236 6.32 -73.34 67.72
C ASP QE 236 6.71 -74.78 67.36
N GLY QE 237 6.02 -75.36 66.38
CA GLY QE 237 6.37 -76.68 65.91
C GLY QE 237 7.67 -76.72 65.12
N SER QE 238 8.13 -75.59 64.62
CA SER QE 238 9.39 -75.57 63.89
C SER QE 238 10.58 -75.59 64.84
N GLU QE 239 10.69 -74.58 65.69
CA GLU QE 239 11.78 -74.49 66.65
C GLU QE 239 11.22 -74.23 68.03
N ILE QE 240 11.99 -74.61 69.05
CA ILE QE 240 11.53 -74.56 70.43
C ILE QE 240 12.63 -74.03 71.34
N HIS QE 241 12.19 -73.46 72.45
CA HIS QE 241 13.04 -73.10 73.57
C HIS QE 241 12.46 -73.75 74.81
N ILE QE 242 13.30 -74.44 75.59
CA ILE QE 242 12.75 -75.24 76.69
C ILE QE 242 12.41 -74.44 77.93
N ASP QE 243 12.81 -73.18 77.98
CA ASP QE 243 12.41 -72.29 79.06
C ASP QE 243 12.47 -70.86 78.52
N ASP QE 244 11.94 -69.92 79.30
CA ASP QE 244 12.09 -68.51 78.93
C ASP QE 244 12.01 -67.68 80.21
N ARG QE 245 13.16 -67.28 80.73
CA ARG QE 245 13.19 -66.39 81.87
C ARG QE 245 13.58 -65.00 81.37
N VAL QE 246 12.71 -64.03 81.58
CA VAL QE 246 12.93 -62.67 81.13
C VAL QE 246 13.13 -61.80 82.36
N LEU QE 247 14.25 -61.12 82.42
CA LEU QE 247 14.59 -60.29 83.57
C LEU QE 247 14.57 -58.83 83.15
N ARG QE 248 13.84 -58.02 83.91
CA ARG QE 248 13.77 -56.59 83.65
C ARG QE 248 13.87 -55.82 84.95
N ILE QE 249 14.60 -54.72 84.90
CA ILE QE 249 14.77 -53.85 86.06
C ILE QE 249 13.63 -52.85 86.07
N THR QE 250 12.85 -52.86 87.13
CA THR QE 250 11.66 -52.03 87.21
C THR QE 250 11.88 -50.75 88.01
N ALA QE 251 12.93 -50.67 88.82
CA ALA QE 251 13.16 -49.47 89.63
C ALA QE 251 14.65 -49.14 89.64
N LEU QE 252 14.98 -48.00 89.03
CA LEU QE 252 16.33 -47.46 89.10
C LEU QE 252 16.64 -46.98 90.51
N PRO QE 253 17.90 -46.95 90.90
CA PRO QE 253 18.26 -46.35 92.19
C PRO QE 253 18.06 -44.85 92.17
N GLU QE 254 17.58 -44.31 93.29
CA GLU QE 254 17.40 -42.87 93.44
C GLU QE 254 17.38 -42.53 94.92
N LEU QE 255 17.59 -41.26 95.22
CA LEU QE 255 17.63 -40.80 96.60
C LEU QE 255 16.23 -40.64 97.17
N ASN QE 256 16.15 -40.58 98.50
CA ASN QE 256 14.92 -40.22 99.17
C ASN QE 256 14.97 -38.75 99.55
N VAL QE 257 13.84 -38.07 99.37
CA VAL QE 257 13.77 -36.64 99.65
C VAL QE 257 13.42 -36.35 101.10
N ASN QE 258 12.97 -37.33 101.85
CA ASN QE 258 12.68 -37.17 103.27
C ASN QE 258 13.84 -37.74 104.06
N SER QE 259 14.19 -37.06 105.15
CA SER QE 259 15.37 -37.43 105.90
C SER QE 259 15.08 -38.27 107.14
N ALA QE 260 13.82 -38.66 107.36
CA ALA QE 260 13.47 -39.41 108.55
C ALA QE 260 14.06 -40.81 108.56
N GLU QE 261 14.31 -41.39 107.39
CA GLU QE 261 14.83 -42.74 107.28
C GLU QE 261 16.34 -42.76 107.16
N TRP QE 262 17.01 -41.82 107.78
CA TRP QE 262 18.45 -41.66 107.64
C TRP QE 262 19.11 -42.16 108.90
N ARG QE 263 20.05 -43.10 108.75
CA ARG QE 263 20.78 -43.65 109.89
C ARG QE 263 22.23 -43.22 109.81
N ALA QE 264 22.77 -42.76 110.94
CA ALA QE 264 24.14 -42.29 111.01
C ALA QE 264 25.07 -43.46 111.32
N ALA QE 265 26.36 -43.13 111.52
CA ALA QE 265 27.34 -44.13 111.88
C ALA QE 265 28.47 -43.45 112.64
N VAL QE 266 29.20 -44.24 113.40
CA VAL QE 266 30.29 -43.75 114.23
C VAL QE 266 31.27 -44.89 114.45
N ALA QE 267 32.55 -44.57 114.59
CA ALA QE 267 33.60 -45.55 114.76
C ALA QE 267 34.26 -45.37 116.13
N LYS QE 268 35.34 -46.12 116.36
CA LYS QE 268 36.11 -45.99 117.58
C LYS QE 268 37.59 -45.80 117.30
N LYS RE 60 46.68 72.08 20.61
CA LYS RE 60 45.30 72.39 20.27
C LYS RE 60 44.63 73.19 21.37
N GLU RE 61 43.32 72.97 21.51
CA GLU RE 61 42.54 73.64 22.55
C GLU RE 61 42.67 72.96 23.90
N THR RE 62 43.38 71.84 23.99
CA THR RE 62 43.62 71.19 25.27
C THR RE 62 44.45 72.07 26.18
N ALA RE 63 45.49 72.70 25.62
CA ALA RE 63 46.28 73.67 26.37
C ALA RE 63 45.44 74.88 26.76
N LEU RE 64 44.53 75.28 25.87
CA LEU RE 64 43.61 76.39 26.18
C LEU RE 64 42.71 76.04 27.35
N SER RE 65 42.19 74.82 27.37
CA SER RE 65 41.27 74.41 28.43
C SER RE 65 41.99 74.27 29.77
N VAL RE 66 43.18 73.69 29.76
CA VAL RE 66 43.90 73.57 31.02
C VAL RE 66 44.40 74.95 31.49
N GLY RE 67 44.65 75.86 30.56
CA GLY RE 67 44.94 77.23 30.94
C GLY RE 67 43.73 77.92 31.54
N ALA RE 68 42.54 77.60 31.03
CA ALA RE 68 41.31 78.11 31.64
C ALA RE 68 41.16 77.61 33.06
N GLN RE 69 41.45 76.33 33.29
CA GLN RE 69 41.37 75.75 34.63
C GLN RE 69 42.35 76.43 35.59
N ALA RE 70 43.61 76.57 35.14
CA ALA RE 70 44.63 77.15 36.00
C ALA RE 70 44.35 78.62 36.28
N GLY RE 71 43.87 79.36 35.28
CA GLY RE 71 43.58 80.76 35.49
C GLY RE 71 42.40 80.99 36.42
N LEU RE 72 41.35 80.19 36.26
CA LEU RE 72 40.22 80.28 37.17
C LEU RE 72 40.62 79.95 38.59
N ALA RE 73 41.45 78.91 38.77
CA ALA RE 73 41.90 78.53 40.10
C ALA RE 73 42.78 79.60 40.72
N TRP RE 74 43.67 80.21 39.93
CA TRP RE 74 44.55 81.24 40.45
C TRP RE 74 43.75 82.47 40.87
N ARG RE 75 42.78 82.88 40.05
CA ARG RE 75 41.96 84.03 40.39
C ARG RE 75 41.12 83.76 41.64
N ALA RE 76 40.61 82.53 41.77
CA ALA RE 76 39.85 82.15 42.95
C ALA RE 76 40.72 82.19 44.20
N LYS RE 77 41.96 81.72 44.09
CA LYS RE 77 42.87 81.76 45.23
C LYS RE 77 43.20 83.18 45.63
N ILE RE 78 43.41 84.06 44.63
CA ILE RE 78 43.69 85.47 44.90
C ILE RE 78 42.53 86.13 45.61
N ILE RE 79 41.31 85.90 45.11
CA ILE RE 79 40.16 86.60 45.68
C ILE RE 79 39.79 86.04 47.04
N ASP RE 80 40.00 84.74 47.28
CA ASP RE 80 39.71 84.20 48.61
C ASP RE 80 40.76 84.65 49.61
N GLU RE 81 42.01 84.82 49.15
CA GLU RE 81 43.05 85.43 49.97
C GLU RE 81 42.68 86.85 50.35
N GLN RE 82 42.17 87.62 49.39
CA GLN RE 82 41.78 89.00 49.67
C GLN RE 82 40.58 89.06 50.60
N LEU RE 83 39.65 88.13 50.44
CA LEU RE 83 38.47 88.07 51.30
C LEU RE 83 38.85 87.72 52.72
N ASN RE 84 39.81 86.83 52.89
CA ASN RE 84 40.29 86.52 54.23
C ASN RE 84 41.05 87.70 54.81
N LYS RE 85 41.76 88.45 53.97
CA LYS RE 85 42.52 89.60 54.43
C LYS RE 85 41.59 90.70 54.95
N GLN RE 86 40.54 91.00 54.21
CA GLN RE 86 39.54 91.96 54.67
C GLN RE 86 38.29 91.16 55.01
N ALA RE 87 38.18 90.80 56.28
CA ALA RE 87 37.09 89.96 56.71
C ALA RE 87 36.31 90.52 57.88
N ARG RE 88 36.93 91.35 58.73
CA ARG RE 88 36.28 91.80 59.95
C ARG RE 88 35.14 92.77 59.66
N ASN RE 89 35.36 93.71 58.74
CA ASN RE 89 34.30 94.65 58.36
C ASN RE 89 33.17 93.97 57.61
N LEU RE 90 33.44 92.80 57.01
CA LEU RE 90 32.41 92.05 56.32
C LEU RE 90 31.36 91.54 57.30
N ASP RE 91 31.79 90.89 58.37
CA ASP RE 91 30.83 90.48 59.39
C ASP RE 91 30.33 91.67 60.20
N ALA RE 92 31.08 92.77 60.22
CA ALA RE 92 30.55 93.98 60.83
C ALA RE 92 29.34 94.51 60.07
N ILE RE 93 29.41 94.53 58.74
CA ILE RE 93 28.30 95.10 57.98
C ILE RE 93 27.18 94.08 57.82
N TYR RE 94 27.48 92.80 57.84
CA TYR RE 94 26.43 91.79 57.71
C TYR RE 94 26.08 91.21 59.07
N ASP RE 95 25.56 92.08 59.93
CA ASP RE 95 25.22 91.70 61.31
C ASP RE 95 23.82 91.10 61.31
N PHE RE 96 23.74 89.84 60.86
CA PHE RE 96 22.47 89.14 60.75
C PHE RE 96 21.82 88.90 62.10
N ASN RE 97 22.63 88.80 63.15
CA ASN RE 97 22.12 88.55 64.49
C ASN RE 97 21.31 89.74 65.01
N SER RE 98 21.63 90.95 64.55
CA SER RE 98 20.87 92.12 64.95
C SER RE 98 19.46 92.12 64.38
N LEU RE 99 19.20 91.37 63.32
CA LEU RE 99 17.88 91.36 62.71
C LEU RE 99 16.98 90.29 63.27
N VAL RE 100 17.48 89.44 64.16
CA VAL RE 100 16.68 88.32 64.65
C VAL RE 100 15.62 88.83 65.61
N LEU RE 101 14.44 88.22 65.56
CA LEU RE 101 13.29 88.67 66.33
C LEU RE 101 13.40 88.18 67.77
N GLU RE 102 12.28 88.27 68.49
CA GLU RE 102 12.28 87.99 69.92
C GLU RE 102 12.47 86.51 70.20
N HIS RE 103 11.76 85.64 69.48
CA HIS RE 103 11.68 84.24 69.82
C HIS RE 103 12.65 83.38 69.03
N ASN RE 104 13.87 83.92 68.81
CA ASN RE 104 14.99 83.20 68.18
C ASN RE 104 14.63 82.72 66.79
N ILE RE 105 14.00 83.59 66.01
CA ILE RE 105 13.41 83.23 64.73
C ILE RE 105 13.97 84.16 63.66
N LEU RE 106 14.45 83.58 62.56
CA LEU RE 106 14.90 84.38 61.44
C LEU RE 106 13.72 85.11 60.82
N PRO RE 107 13.80 86.43 60.64
CA PRO RE 107 12.71 87.15 60.01
C PRO RE 107 12.57 86.76 58.55
N PRO RE 108 11.39 86.92 57.96
CA PRO RE 108 11.19 86.49 56.58
C PRO RE 108 11.80 87.49 55.60
N VAL RE 109 11.63 87.20 54.32
CA VAL RE 109 12.26 87.95 53.24
C VAL RE 109 11.20 88.25 52.20
N LEU RE 110 11.15 89.50 51.74
CA LEU RE 110 10.15 89.87 50.75
C LEU RE 110 10.71 90.95 49.84
N LEU RE 111 10.10 91.07 48.67
CA LEU RE 111 10.53 91.98 47.63
C LEU RE 111 9.42 92.97 47.29
N GLU RE 112 9.85 94.17 46.95
CA GLU RE 112 8.97 95.29 46.64
C GLU RE 112 9.37 95.89 45.31
N GLY RE 113 8.39 96.11 44.44
CA GLY RE 113 8.65 96.66 43.13
C GLY RE 113 7.73 97.81 42.83
N ARG RE 114 8.21 98.70 41.96
CA ARG RE 114 7.51 99.96 41.68
C ARG RE 114 7.28 100.13 40.20
N ASN RE 115 6.14 100.75 39.88
CA ASN RE 115 5.74 101.21 38.55
C ASN RE 115 5.71 100.04 37.56
N THR RE 116 4.90 99.05 37.91
CA THR RE 116 4.81 97.83 37.14
C THR RE 116 4.02 98.08 35.86
N LEU RE 117 4.58 97.65 34.73
CA LEU RE 117 3.84 97.65 33.49
C LEU RE 117 3.99 96.30 32.81
N ASN RE 118 2.88 95.73 32.36
CA ASN RE 118 2.95 94.49 31.60
C ASN RE 118 1.88 94.51 30.54
N LEU RE 119 2.31 94.31 29.30
CA LEU RE 119 1.40 94.21 28.17
C LEU RE 119 1.05 92.75 27.99
N ALA RE 120 -0.24 92.42 28.00
CA ALA RE 120 -0.63 91.05 27.73
C ALA RE 120 -0.52 90.75 26.24
N ASP RE 121 -1.32 91.43 25.45
CA ASP RE 121 -1.27 91.37 23.99
C ASP RE 121 -1.78 92.71 23.48
N ALA RE 122 -2.20 92.76 22.22
CA ALA RE 122 -2.88 93.92 21.70
C ALA RE 122 -4.18 94.16 22.47
N GLN RE 123 -4.47 95.45 22.70
CA GLN RE 123 -5.66 95.92 23.41
C GLN RE 123 -5.75 95.36 24.83
N SER RE 124 -4.60 95.17 25.48
CA SER RE 124 -4.59 94.59 26.83
C SER RE 124 -3.29 95.01 27.53
N ILE RE 125 -3.40 95.98 28.43
CA ILE RE 125 -2.28 96.42 29.23
C ILE RE 125 -2.68 96.39 30.69
N ARG RE 126 -1.70 96.20 31.57
CA ARG RE 126 -1.95 96.31 32.99
C ARG RE 126 -0.82 97.09 33.63
N ILE RE 127 -1.18 98.05 34.46
CA ILE RE 127 -0.24 98.94 35.13
C ILE RE 127 -0.59 98.95 36.60
N SER RE 128 0.42 98.78 37.46
CA SER RE 128 0.21 98.89 38.89
C SER RE 128 1.32 99.75 39.48
N ASP RE 129 1.04 100.31 40.66
CA ASP RE 129 2.04 101.15 41.30
C ASP RE 129 3.09 100.33 42.04
N ARG RE 130 2.68 99.60 43.05
CA ARG RE 130 3.62 98.87 43.88
C ARG RE 130 3.14 97.45 44.11
N THR RE 131 4.11 96.54 44.09
CA THR RE 131 3.85 95.12 44.27
C THR RE 131 4.75 94.58 45.38
N TYR RE 132 4.17 93.73 46.22
CA TYR RE 132 4.87 93.11 47.33
C TYR RE 132 4.72 91.61 47.25
N LYS RE 133 5.84 90.89 47.22
CA LYS RE 133 5.82 89.43 47.18
C LYS RE 133 6.75 88.89 48.26
N VAL RE 134 6.26 87.98 49.08
CA VAL RE 134 7.09 87.32 50.08
C VAL RE 134 7.84 86.18 49.40
N ALA RE 135 9.16 86.19 49.53
CA ALA RE 135 9.99 85.17 48.88
C ALA RE 135 10.01 83.88 49.69
N LYS RE 136 10.54 83.93 50.90
CA LYS RE 136 10.60 82.76 51.77
C LYS RE 136 10.01 83.09 53.12
N GLN RE 137 9.08 82.25 53.56
CA GLN RE 137 8.44 82.44 54.85
C GLN RE 137 9.43 82.22 55.97
N ALA RE 138 9.25 82.98 57.05
CA ALA RE 138 10.12 82.89 58.21
C ALA RE 138 10.01 81.54 58.89
N HIS RE 139 11.08 81.13 59.55
CA HIS RE 139 11.10 79.94 60.37
C HIS RE 139 12.13 80.14 61.46
N PHE RE 140 12.30 79.13 62.30
CA PHE RE 140 13.25 79.23 63.38
C PHE RE 140 14.66 78.98 62.87
N ILE RE 141 15.63 79.21 63.76
CA ILE RE 141 17.03 78.96 63.45
C ILE RE 141 17.77 78.71 64.75
N THR RE 142 18.94 78.12 64.65
CA THR RE 142 19.81 77.89 65.79
C THR RE 142 20.99 78.85 65.83
N THR RE 143 21.32 79.46 64.71
CA THR RE 143 22.46 80.38 64.63
C THR RE 143 22.22 81.30 63.46
N PRO RE 144 22.68 82.55 63.52
CA PRO RE 144 22.57 83.43 62.37
C PRO RE 144 23.46 82.96 61.23
N PRO RE 145 23.03 83.12 59.99
CA PRO RE 145 23.92 82.85 58.87
C PRO RE 145 24.95 83.96 58.72
N THR RE 146 26.10 83.59 58.20
CA THR RE 146 27.22 84.49 57.99
C THR RE 146 27.33 84.78 56.50
N TRP RE 147 28.40 85.48 56.13
CA TRP RE 147 28.71 85.70 54.73
C TRP RE 147 29.55 84.58 54.13
N ARG RE 148 30.09 83.69 54.95
CA ARG RE 148 31.02 82.71 54.43
C ARG RE 148 30.34 81.60 53.65
N GLN RE 149 29.04 81.41 53.84
CA GLN RE 149 28.25 80.51 53.02
C GLN RE 149 27.59 81.24 51.87
N TYR RE 150 27.93 82.51 51.66
CA TYR RE 150 27.42 83.24 50.52
C TYR RE 150 28.49 83.82 49.63
N LEU RE 151 29.73 83.92 50.09
CA LEU RE 151 30.77 84.60 49.34
C LEU RE 151 32.02 83.77 49.14
N TRP RE 152 32.28 82.78 49.98
CA TRP RE 152 33.43 81.93 49.74
C TRP RE 152 33.18 81.06 48.51
N MET RE 153 34.23 80.86 47.73
CA MET RE 153 34.17 80.00 46.56
C MET RE 153 35.18 78.89 46.71
N ASP RE 154 34.82 77.71 46.19
CA ASP RE 154 35.65 76.53 46.31
C ASP RE 154 36.94 76.70 45.52
N TYR RE 155 38.01 76.11 46.05
CA TYR RE 155 39.33 76.23 45.45
C TYR RE 155 40.06 74.91 45.60
N VAL RE 156 40.35 74.27 44.48
CA VAL RE 156 41.28 73.16 44.44
C VAL RE 156 42.42 73.59 43.54
N LYS RE 157 43.50 72.81 43.56
CA LYS RE 157 44.62 73.09 42.68
C LYS RE 157 44.67 72.05 41.57
N PRO RE 158 44.38 72.41 40.32
CA PRO RE 158 44.53 71.45 39.22
C PRO RE 158 45.99 71.21 38.93
N GLU RE 159 46.42 69.96 39.09
CA GLU RE 159 47.82 69.61 38.95
C GLU RE 159 47.96 68.35 38.13
N ALA RE 160 47.16 68.21 37.08
CA ALA RE 160 47.24 67.07 36.18
C ALA RE 160 47.32 67.53 34.72
N PRO RE 161 48.50 67.97 34.26
CA PRO RE 161 48.71 68.01 32.81
C PRO RE 161 49.32 66.70 32.34
N ASN RE 162 48.73 66.08 31.33
CA ASN RE 162 49.23 64.83 30.80
C ASN RE 162 50.07 65.10 29.56
N VAL RE 163 51.00 64.20 29.27
CA VAL RE 163 51.90 64.38 28.16
C VAL RE 163 51.14 64.01 26.89
N THR RE 164 50.39 64.98 26.36
CA THR RE 164 49.44 64.74 25.29
C THR RE 164 49.79 65.48 24.01
N LEU RE 165 49.87 66.80 24.05
CA LEU RE 165 50.31 67.60 22.91
C LEU RE 165 51.57 68.33 23.38
N LEU RE 166 52.69 67.64 23.28
CA LEU RE 166 53.94 68.20 23.79
C LEU RE 166 54.47 69.23 22.81
N PRO RE 167 55.04 70.32 23.29
CA PRO RE 167 55.58 71.33 22.38
C PRO RE 167 56.89 70.92 21.73
N LYS RE 168 56.87 70.67 20.42
CA LYS RE 168 58.09 70.33 19.69
C LYS RE 168 58.70 71.57 19.05
N THR RE 169 57.95 72.23 18.18
CA THR RE 169 58.43 73.36 17.42
C THR RE 169 58.11 74.66 18.14
N LYS RE 170 58.87 75.71 17.77
CA LYS RE 170 58.76 76.99 18.44
C LYS RE 170 57.41 77.66 18.21
N ALA RE 171 56.88 77.55 16.98
CA ALA RE 171 55.56 78.10 16.70
C ALA RE 171 54.47 77.34 17.44
N GLU RE 172 54.65 76.04 17.62
CA GLU RE 172 53.74 75.26 18.46
C GLU RE 172 53.79 75.74 19.90
N LYS RE 173 54.99 76.06 20.40
CA LYS RE 173 55.12 76.64 21.73
C LYS RE 173 54.40 77.98 21.81
N GLU RE 174 54.51 78.79 20.76
CA GLU RE 174 53.88 80.11 20.74
C GLU RE 174 52.36 80.00 20.76
N ILE RE 175 51.79 79.11 19.93
CA ILE RE 175 50.34 79.00 19.89
C ILE RE 175 49.83 78.32 21.16
N TRP RE 176 50.65 77.43 21.74
CA TRP RE 176 50.38 76.87 23.06
C TRP RE 176 50.31 77.97 24.11
N CYS RE 177 51.24 78.92 24.04
CA CYS RE 177 51.26 80.03 24.99
C CYS RE 177 50.07 80.96 24.80
N ILE RE 178 49.68 81.25 23.55
CA ILE RE 178 48.59 82.20 23.37
C ILE RE 178 47.25 81.57 23.73
N TYR RE 179 47.09 80.26 23.48
CA TYR RE 179 45.88 79.59 23.93
C TYR RE 179 45.84 79.47 25.43
N THR RE 180 47.01 79.30 26.06
CA THR RE 180 47.11 79.30 27.51
C THR RE 180 46.72 80.64 28.10
N GLU RE 181 47.18 81.73 27.50
CA GLU RE 181 46.89 83.03 28.09
C GLU RE 181 45.45 83.47 27.85
N ARG RE 182 44.85 83.07 26.72
CA ARG RE 182 43.43 83.36 26.58
C ARG RE 182 42.60 82.48 27.50
N GLY RE 183 43.10 81.28 27.84
CA GLY RE 183 42.50 80.52 28.91
C GLY RE 183 42.58 81.23 30.25
N TRP RE 184 43.73 81.85 30.53
CA TRP RE 184 43.92 82.64 31.74
C TRP RE 184 42.89 83.76 31.82
N LYS RE 185 42.69 84.45 30.69
CA LYS RE 185 41.72 85.54 30.63
C LYS RE 185 40.29 85.05 30.83
N ASN RE 186 39.96 83.90 30.21
CA ASN RE 186 38.62 83.35 30.34
C ASN RE 186 38.32 82.92 31.77
N GLY RE 187 39.29 82.31 32.43
CA GLY RE 187 39.10 81.91 33.81
C GLY RE 187 38.92 83.10 34.73
N ILE RE 188 39.66 84.17 34.47
CA ILE RE 188 39.51 85.42 35.22
C ILE RE 188 38.09 85.97 35.08
N ASP RE 189 37.58 86.00 33.84
CA ASP RE 189 36.25 86.54 33.60
C ASP RE 189 35.16 85.69 34.25
N GLN RE 190 35.30 84.37 34.16
CA GLN RE 190 34.31 83.48 34.76
C GLN RE 190 34.28 83.61 36.27
N ALA RE 191 35.47 83.74 36.89
CA ALA RE 191 35.51 83.90 38.34
C ALA RE 191 34.86 85.21 38.77
N ASN RE 192 35.09 86.28 38.01
CA ASN RE 192 34.44 87.55 38.33
C ASN RE 192 32.93 87.46 38.16
N THR RE 193 32.47 86.69 37.18
CA THR RE 193 31.04 86.50 36.97
C THR RE 193 30.41 85.78 38.16
N ILE RE 194 31.07 84.73 38.65
CA ILE RE 194 30.54 83.98 39.79
C ILE RE 194 30.52 84.85 41.05
N LEU RE 195 31.55 85.69 41.21
CA LEU RE 195 31.59 86.63 42.33
C LEU RE 195 30.43 87.61 42.26
N GLU RE 196 30.11 88.10 41.05
CA GLU RE 196 28.96 88.98 40.86
C GLU RE 196 27.66 88.29 41.23
N GLU RE 197 27.53 87.02 40.85
CA GLU RE 197 26.32 86.25 41.19
C GLU RE 197 26.14 86.14 42.69
N ASN RE 198 27.22 85.82 43.40
CA ASN RE 198 27.12 85.62 44.84
C ASN RE 198 26.82 86.92 45.58
N ILE RE 199 27.46 88.02 45.17
CA ILE RE 199 27.22 89.27 45.86
C ILE RE 199 25.82 89.78 45.57
N ALA RE 200 25.28 89.50 44.38
CA ALA RE 200 23.90 89.85 44.09
C ALA RE 200 22.93 89.04 44.96
N ARG RE 201 23.24 87.77 45.16
CA ARG RE 201 22.37 86.91 45.97
C ARG RE 201 22.32 87.38 47.42
N ILE RE 202 23.48 87.70 47.99
CA ILE RE 202 23.48 88.12 49.38
C ILE RE 202 22.90 89.52 49.53
N LYS RE 203 23.01 90.34 48.48
CA LYS RE 203 22.33 91.63 48.45
C LYS RE 203 20.82 91.46 48.52
N GLU RE 204 20.29 90.49 47.76
CA GLU RE 204 18.87 90.18 47.78
C GLU RE 204 18.41 89.74 49.16
N ASP RE 205 19.23 88.90 49.81
CA ASP RE 205 18.87 88.40 51.15
C ASP RE 205 18.78 89.52 52.17
N PHE RE 206 19.80 90.38 52.21
CA PHE RE 206 19.79 91.45 53.19
C PHE RE 206 18.70 92.48 52.89
N GLY RE 207 18.41 92.70 51.61
CA GLY RE 207 17.33 93.60 51.25
C GLY RE 207 15.98 93.07 51.70
N GLY RE 208 15.76 91.75 51.58
CA GLY RE 208 14.52 91.18 52.05
C GLY RE 208 14.35 91.30 53.56
N MET RE 209 15.44 91.10 54.30
CA MET RE 209 15.38 91.24 55.75
C MET RE 209 15.07 92.67 56.17
N ILE RE 210 15.77 93.64 55.59
CA ILE RE 210 15.58 95.02 56.01
C ILE RE 210 14.22 95.53 55.56
N LEU RE 211 13.69 95.00 54.44
CA LEU RE 211 12.35 95.38 54.01
C LEU RE 211 11.29 94.84 54.96
N TYR RE 212 11.50 93.63 55.48
CA TYR RE 212 10.57 93.11 56.48
C TYR RE 212 10.57 93.97 57.72
N ARG RE 213 11.77 94.39 58.17
CA ARG RE 213 11.84 95.23 59.37
C ARG RE 213 11.14 96.58 59.16
N LYS RE 214 11.35 97.18 57.98
CA LYS RE 214 10.73 98.48 57.70
C LYS RE 214 9.21 98.37 57.63
N LEU RE 215 8.68 97.36 56.95
CA LEU RE 215 7.23 97.25 56.85
C LEU RE 215 6.61 96.83 58.17
N LEU RE 216 7.34 96.04 58.97
CA LEU RE 216 6.87 95.66 60.29
C LEU RE 216 6.77 96.88 61.20
N ALA RE 217 7.71 97.81 61.08
CA ALA RE 217 7.57 99.08 61.75
C ALA RE 217 6.41 99.88 61.18
N MET RE 218 6.21 99.82 59.85
CA MET RE 218 5.24 100.65 59.18
C MET RE 218 3.80 100.18 59.35
N ASN RE 219 3.60 99.01 59.98
CA ASN RE 219 2.29 98.36 60.13
C ASN RE 219 1.71 98.05 58.75
N MET RE 220 2.47 97.26 58.01
CA MET RE 220 2.03 96.70 56.75
C MET RE 220 1.98 95.19 56.78
N VAL RE 221 2.70 94.55 57.69
CA VAL RE 221 2.69 93.11 57.84
C VAL RE 221 2.19 92.77 59.24
N SER RE 222 1.97 91.57 59.45
CA SER RE 222 1.64 91.01 60.73
C SER RE 222 2.89 90.41 61.37
N PRO RE 223 3.06 90.53 62.68
CA PRO RE 223 4.20 89.89 63.33
C PRO RE 223 3.99 88.39 63.39
N PRO RE 224 5.06 87.61 63.51
CA PRO RE 224 4.89 86.19 63.81
C PRO RE 224 4.33 86.00 65.20
N TYR RE 225 3.55 84.94 65.37
CA TYR RE 225 2.90 84.69 66.65
C TYR RE 225 3.23 83.30 67.18
N VAL RE 226 3.62 83.26 68.44
CA VAL RE 226 4.17 82.08 69.09
C VAL RE 226 3.18 81.60 70.14
N SER RE 227 3.40 80.37 70.60
CA SER RE 227 2.72 79.84 71.78
C SER RE 227 3.59 78.76 72.38
N HIS RE 228 3.44 78.56 73.70
CA HIS RE 228 4.17 77.53 74.40
C HIS RE 228 3.26 76.76 75.33
N THR RE 229 3.44 75.45 75.35
CA THR RE 229 2.79 74.55 76.29
C THR RE 229 3.80 74.10 77.32
N ASP RE 230 3.44 74.23 78.59
CA ASP RE 230 4.33 73.91 79.70
C ASP RE 230 3.77 72.70 80.44
N LEU RE 231 4.53 71.62 80.45
CA LEU RE 231 4.18 70.42 81.21
C LEU RE 231 5.30 70.15 82.20
N GLY RE 232 4.93 69.58 83.34
CA GLY RE 232 5.87 69.33 84.42
C GLY RE 232 6.75 68.13 84.18
N VAL RE 233 7.05 67.42 85.25
CA VAL RE 233 7.91 66.24 85.17
C VAL RE 233 7.14 65.10 84.54
N THR RE 234 7.67 64.56 83.45
CA THR RE 234 6.99 63.53 82.69
C THR RE 234 7.94 62.37 82.44
N GLY RE 235 7.34 61.19 82.24
CA GLY RE 235 8.07 60.00 81.87
C GLY RE 235 7.76 58.84 82.78
N ASP RE 236 8.41 57.71 82.48
CA ASP RE 236 8.21 56.48 83.22
C ASP RE 236 9.27 56.38 84.32
N GLY RE 237 9.37 55.20 84.95
CA GLY RE 237 10.39 54.97 85.95
C GLY RE 237 11.78 54.76 85.39
N SER RE 238 11.93 54.69 84.08
CA SER RE 238 13.24 54.61 83.46
C SER RE 238 13.71 55.94 82.89
N GLU RE 239 12.82 56.70 82.26
CA GLU RE 239 13.17 57.98 81.66
C GLU RE 239 12.31 59.07 82.26
N ILE RE 240 12.94 60.19 82.59
CA ILE RE 240 12.26 61.33 83.18
C ILE RE 240 12.70 62.59 82.46
N HIS RE 241 12.00 63.69 82.74
CA HIS RE 241 12.37 65.00 82.27
C HIS RE 241 12.14 65.98 83.41
N ILE RE 242 12.52 67.23 83.20
CA ILE RE 242 12.21 68.22 84.22
C ILE RE 242 11.01 69.06 83.83
N ASP RE 243 11.08 69.75 82.69
CA ASP RE 243 10.07 70.76 82.35
C ASP RE 243 9.86 70.75 80.85
N ASP RE 244 8.88 69.99 80.39
CA ASP RE 244 8.65 69.84 78.96
C ASP RE 244 7.98 71.10 78.46
N ARG RE 245 8.77 71.97 77.84
CA ARG RE 245 8.24 73.19 77.26
C ARG RE 245 8.27 73.06 75.75
N VAL RE 246 7.12 73.25 75.13
CA VAL RE 246 6.93 73.06 73.70
C VAL RE 246 6.60 74.41 73.09
N LEU RE 247 7.38 74.81 72.09
CA LEU RE 247 7.23 76.09 71.43
C LEU RE 247 6.78 75.84 69.99
N ARG RE 248 5.62 76.38 69.64
CA ARG RE 248 5.16 76.36 68.26
C ARG RE 248 4.77 77.78 67.87
N ILE RE 249 4.60 78.00 66.57
CA ILE RE 249 4.07 79.25 66.07
C ILE RE 249 2.81 78.95 65.29
N THR RE 250 1.79 79.79 65.47
CA THR RE 250 0.53 79.56 64.79
C THR RE 250 0.29 80.55 63.67
N ALA RE 251 0.43 81.84 63.94
CA ALA RE 251 0.18 82.87 62.94
C ALA RE 251 1.50 83.26 62.30
N LEU RE 252 1.68 82.86 61.05
CA LEU RE 252 2.82 83.30 60.28
C LEU RE 252 2.65 84.77 59.91
N PRO RE 253 3.75 85.48 59.67
CA PRO RE 253 3.64 86.85 59.14
C PRO RE 253 2.98 86.87 57.77
N GLU RE 254 2.11 87.85 57.59
CA GLU RE 254 1.45 88.09 56.32
C GLU RE 254 1.01 89.54 56.29
N LEU RE 255 1.01 90.13 55.11
CA LEU RE 255 0.72 91.55 55.02
C LEU RE 255 -0.79 91.78 55.16
N ASN RE 256 -1.15 93.01 55.47
CA ASN RE 256 -2.54 93.36 55.68
C ASN RE 256 -3.20 93.78 54.37
N VAL RE 257 -4.50 93.59 54.30
CA VAL RE 257 -5.29 94.09 53.18
C VAL RE 257 -6.25 95.20 53.59
N ASN RE 258 -6.51 95.36 54.89
CA ASN RE 258 -7.30 96.48 55.36
C ASN RE 258 -6.44 97.73 55.31
N SER RE 259 -6.56 98.49 54.22
CA SER RE 259 -5.58 99.53 53.94
C SER RE 259 -5.71 100.73 54.85
N ALA RE 260 -6.88 100.95 55.45
CA ALA RE 260 -7.16 102.16 56.21
C ALA RE 260 -6.45 102.21 57.55
N GLU RE 261 -5.83 101.12 57.97
CA GLU RE 261 -5.21 101.01 59.29
C GLU RE 261 -3.70 101.11 59.20
N TRP RE 262 -3.19 101.94 58.32
CA TRP RE 262 -1.76 102.10 58.13
C TRP RE 262 -1.30 103.38 58.79
N ARG RE 263 -0.03 103.74 58.57
CA ARG RE 263 0.52 104.93 59.17
C ARG RE 263 1.69 105.42 58.31
N ALA RE 264 1.74 106.73 58.09
CA ALA RE 264 2.83 107.36 57.37
C ALA RE 264 3.86 107.91 58.36
N ALA RE 265 4.92 108.51 57.84
CA ALA RE 265 5.97 109.07 58.68
C ALA RE 265 6.76 110.10 57.90
N VAL RE 266 7.31 111.09 58.61
CA VAL RE 266 8.23 112.06 58.02
C VAL RE 266 9.15 112.59 59.12
N ALA RE 267 10.36 112.96 58.72
CA ALA RE 267 11.37 113.49 59.63
C ALA RE 267 11.50 115.00 59.43
N LYS RE 268 12.39 115.59 60.22
CA LYS RE 268 12.63 117.03 60.15
C LYS RE 268 14.09 117.32 59.82
N LYS SE 60 55.07 48.13 48.47
CA LYS SE 60 55.17 49.46 49.06
C LYS SE 60 53.94 49.78 49.91
N GLU SE 61 52.75 49.54 49.33
CA GLU SE 61 51.53 49.66 50.11
C GLU SE 61 51.46 48.57 51.17
N THR SE 62 51.88 47.36 50.81
CA THR SE 62 52.05 46.31 51.80
C THR SE 62 53.13 46.67 52.80
N ALA SE 63 54.16 47.41 52.37
CA ALA SE 63 55.21 47.83 53.28
C ALA SE 63 54.68 48.82 54.31
N LEU SE 64 53.86 49.78 53.90
CA LEU SE 64 53.29 50.70 54.89
C LEU SE 64 52.26 49.99 55.76
N SER SE 65 51.59 48.97 55.22
CA SER SE 65 50.67 48.17 56.03
C SER SE 65 51.41 47.42 57.13
N VAL SE 66 52.55 46.80 56.79
CA VAL SE 66 53.27 46.06 57.80
C VAL SE 66 53.98 47.01 58.76
N GLY SE 67 54.31 48.21 58.30
CA GLY SE 67 54.81 49.23 59.22
C GLY SE 67 53.74 49.66 60.20
N ALA SE 68 52.49 49.75 59.74
CA ALA SE 68 51.38 50.03 60.62
C ALA SE 68 51.19 48.91 61.64
N GLN SE 69 51.35 47.66 61.19
CA GLN SE 69 51.27 46.52 62.10
C GLN SE 69 52.33 46.59 63.18
N ALA SE 70 53.56 46.89 62.78
CA ALA SE 70 54.68 46.97 63.72
C ALA SE 70 54.50 48.12 64.71
N GLY SE 71 54.07 49.29 64.21
CA GLY SE 71 53.85 50.42 65.10
C GLY SE 71 52.71 50.19 66.07
N LEU SE 72 51.63 49.55 65.60
CA LEU SE 72 50.50 49.26 66.47
C LEU SE 72 50.89 48.28 67.58
N ALA SE 73 51.64 47.23 67.21
CA ALA SE 73 52.07 46.27 68.22
C ALA SE 73 53.07 46.89 69.20
N TRP SE 74 53.96 47.75 68.70
CA TRP SE 74 54.96 48.36 69.56
C TRP SE 74 54.32 49.31 70.56
N ARG SE 75 53.38 50.15 70.11
CA ARG SE 75 52.69 51.02 71.04
C ARG SE 75 51.79 50.24 71.98
N ALA SE 76 51.26 49.10 71.53
CA ALA SE 76 50.50 48.23 72.41
C ALA SE 76 51.35 47.70 73.55
N LYS SE 77 52.56 47.24 73.23
CA LYS SE 77 53.46 46.74 74.26
C LYS SE 77 53.89 47.83 75.22
N ILE SE 78 54.16 49.03 74.68
CA ILE SE 78 54.58 50.15 75.52
C ILE SE 78 53.46 50.57 76.46
N ILE SE 79 52.24 50.65 75.95
CA ILE SE 79 51.14 51.10 76.80
C ILE SE 79 50.76 50.02 77.80
N ASP SE 80 51.01 48.75 77.48
CA ASP SE 80 50.73 47.70 78.44
C ASP SE 80 51.75 47.69 79.56
N GLU SE 81 53.02 47.98 79.24
CA GLU SE 81 54.03 48.13 80.29
C GLU SE 81 53.71 49.31 81.18
N GLN SE 82 53.32 50.43 80.58
CA GLN SE 82 53.01 51.62 81.37
C GLN SE 82 51.77 51.41 82.24
N LEU SE 83 50.77 50.71 81.72
CA LEU SE 83 49.59 50.42 82.52
C LEU SE 83 49.91 49.44 83.64
N ASN SE 84 50.81 48.48 83.38
CA ASN SE 84 51.21 47.55 84.41
C ASN SE 84 52.03 48.24 85.50
N LYS SE 85 52.67 49.36 85.15
CA LYS SE 85 53.45 50.10 86.13
C LYS SE 85 52.56 50.72 87.21
N GLN SE 86 51.31 51.03 86.90
CA GLN SE 86 50.48 51.77 87.84
C GLN SE 86 49.31 50.93 88.35
N ALA SE 87 49.61 49.67 88.70
CA ALA SE 87 48.56 48.72 89.05
C ALA SE 87 47.86 49.10 90.35
N ARG SE 88 48.61 49.59 91.33
CA ARG SE 88 48.05 49.83 92.65
C ARG SE 88 47.07 50.98 92.66
N ASN SE 89 47.36 52.03 91.91
CA ASN SE 89 46.50 53.20 91.94
C ASN SE 89 45.19 52.97 91.21
N LEU SE 90 45.19 52.09 90.21
CA LEU SE 90 43.94 51.76 89.52
C LEU SE 90 42.97 51.06 90.43
N ASP SE 91 43.45 50.07 91.17
CA ASP SE 91 42.62 49.39 92.15
C ASP SE 91 42.28 50.30 93.31
N ALA SE 92 43.16 51.28 93.59
CA ALA SE 92 42.85 52.27 94.62
C ALA SE 92 41.67 53.13 94.21
N ILE SE 93 41.62 53.56 92.94
CA ILE SE 93 40.58 54.48 92.56
C ILE SE 93 39.30 53.78 92.13
N TYR SE 94 39.38 52.56 91.60
CA TYR SE 94 38.19 51.89 91.11
C TYR SE 94 37.72 50.84 92.12
N ASP SE 95 37.22 51.35 93.25
CA ASP SE 95 36.78 50.47 94.32
C ASP SE 95 35.32 50.05 94.07
N PHE SE 96 35.18 49.16 93.10
CA PHE SE 96 33.90 48.50 92.86
C PHE SE 96 33.47 47.69 94.07
N ASN SE 97 34.43 47.08 94.77
CA ASN SE 97 34.12 46.25 95.93
C ASN SE 97 33.58 47.08 97.08
N SER SE 98 33.96 48.36 97.18
CA SER SE 98 33.21 49.24 98.05
C SER SE 98 31.90 49.66 97.41
N LEU SE 99 31.87 49.77 96.09
CA LEU SE 99 30.70 50.32 95.42
C LEU SE 99 29.54 49.34 95.34
N VAL SE 100 29.72 48.08 95.72
CA VAL SE 100 28.62 47.12 95.70
C VAL SE 100 27.61 47.44 96.80
N LEU SE 101 26.44 46.79 96.73
CA LEU SE 101 25.44 46.92 97.76
C LEU SE 101 25.40 45.65 98.59
N GLU SE 102 24.50 45.60 99.57
CA GLU SE 102 24.61 44.64 100.66
C GLU SE 102 24.20 43.23 100.26
N HIS SE 103 23.44 43.06 99.19
CA HIS SE 103 22.97 41.74 98.79
C HIS SE 103 23.74 41.22 97.59
N ASN SE 104 25.02 41.62 97.48
CA ASN SE 104 25.92 41.25 96.38
C ASN SE 104 25.32 41.61 95.04
N ILE SE 105 24.80 42.83 94.95
CA ILE SE 105 24.01 43.29 93.83
C ILE SE 105 24.69 44.51 93.21
N LEU SE 106 24.84 44.50 91.91
CA LEU SE 106 25.41 45.65 91.24
C LEU SE 106 24.38 46.76 91.18
N PRO SE 107 24.70 47.96 91.69
CA PRO SE 107 23.80 49.09 91.51
C PRO SE 107 23.71 49.48 90.04
N PRO SE 108 22.57 49.96 89.60
CA PRO SE 108 22.35 50.17 88.17
C PRO SE 108 23.04 51.43 87.68
N VAL SE 109 22.91 51.69 86.38
CA VAL SE 109 23.67 52.72 85.69
C VAL SE 109 22.71 53.82 85.28
N LEU SE 110 23.10 55.07 85.56
CA LEU SE 110 22.30 56.22 85.20
C LEU SE 110 23.14 57.21 84.41
N LEU SE 111 22.47 57.95 83.54
CA LEU SE 111 23.12 58.99 82.74
C LEU SE 111 22.35 60.29 82.90
N GLU SE 112 23.09 61.39 82.94
CA GLU SE 112 22.52 62.71 83.17
C GLU SE 112 22.39 63.49 81.87
N GLY SE 113 21.65 64.57 81.94
CA GLY SE 113 21.60 65.54 80.85
C GLY SE 113 21.01 66.86 81.27
N ARG SE 114 21.64 67.97 80.87
CA ARG SE 114 21.21 69.31 81.26
C ARG SE 114 20.98 70.18 80.04
N ASN SE 115 19.94 71.02 80.12
CA ASN SE 115 19.65 72.09 79.16
C ASN SE 115 19.39 71.53 77.76
N THR SE 116 18.35 70.72 77.67
CA THR SE 116 18.01 70.01 76.45
C THR SE 116 17.20 70.92 75.54
N LEU SE 117 17.66 71.06 74.29
CA LEU SE 117 16.93 71.75 73.24
C LEU SE 117 16.94 70.91 71.98
N ASN SE 118 15.78 70.77 71.35
CA ASN SE 118 15.72 70.16 70.03
C ASN SE 118 14.79 70.96 69.13
N LEU SE 119 15.28 71.25 67.94
CA LEU SE 119 14.49 71.77 66.84
C LEU SE 119 14.14 70.56 65.98
N ALA SE 120 12.93 70.05 66.15
CA ALA SE 120 12.49 68.92 65.32
C ALA SE 120 12.33 69.34 63.87
N ASP SE 121 11.62 70.44 63.63
CA ASP SE 121 11.51 71.07 62.33
C ASP SE 121 11.09 72.51 62.56
N ALA SE 122 10.62 73.17 61.52
CA ALA SE 122 10.01 74.49 61.70
C ALA SE 122 8.74 74.38 62.53
N GLN SE 123 8.41 75.49 63.20
CA GLN SE 123 7.21 75.64 64.03
C GLN SE 123 7.18 74.66 65.20
N SER SE 124 8.35 74.21 65.66
CA SER SE 124 8.39 73.11 66.63
C SER SE 124 9.72 73.13 67.35
N ILE SE 125 9.67 73.39 68.66
CA ILE SE 125 10.85 73.35 69.52
C ILE SE 125 10.48 72.64 70.81
N ARG SE 126 11.27 71.66 71.22
CA ARG SE 126 11.05 71.00 72.49
C ARG SE 126 12.26 71.22 73.38
N ILE SE 127 12.03 71.79 74.56
CA ILE SE 127 13.13 72.03 75.49
C ILE SE 127 12.76 71.49 76.86
N SER SE 128 13.81 71.18 77.62
CA SER SE 128 13.67 70.76 79.00
C SER SE 128 14.94 71.14 79.74
N ASP SE 129 14.85 71.18 81.07
CA ASP SE 129 16.02 71.54 81.86
C ASP SE 129 16.96 70.35 81.99
N ARG SE 130 16.51 69.29 82.65
CA ARG SE 130 17.36 68.14 82.85
C ARG SE 130 16.57 66.87 82.57
N THR SE 131 17.33 65.79 82.39
CA THR SE 131 16.76 64.46 82.18
C THR SE 131 17.79 63.44 82.62
N TYR SE 132 17.30 62.23 82.88
CA TYR SE 132 18.16 61.14 83.32
C TYR SE 132 17.68 59.85 82.67
N LYS SE 133 18.60 58.91 82.51
CA LYS SE 133 18.35 57.69 81.77
C LYS SE 133 18.90 56.50 82.53
N VAL SE 134 18.08 55.46 82.67
CA VAL SE 134 18.58 54.17 83.12
C VAL SE 134 19.26 53.50 81.92
N ALA SE 135 20.53 53.17 82.08
CA ALA SE 135 21.28 52.53 81.00
C ALA SE 135 21.25 51.01 81.14
N LYS SE 136 21.77 50.49 82.24
CA LYS SE 136 21.76 49.06 82.51
C LYS SE 136 21.10 48.83 83.86
N GLN SE 137 20.09 47.98 83.87
CA GLN SE 137 19.36 47.69 85.09
C GLN SE 137 20.24 46.91 86.06
N ALA SE 138 19.94 47.08 87.35
CA ALA SE 138 20.67 46.37 88.39
C ALA SE 138 20.47 44.87 88.27
N HIS SE 139 21.48 44.13 88.72
CA HIS SE 139 21.44 42.68 88.65
C HIS SE 139 22.38 42.13 89.71
N PHE SE 140 22.30 40.82 89.90
CA PHE SE 140 23.22 40.15 90.81
C PHE SE 140 24.63 40.18 90.25
N ILE SE 141 25.60 40.17 91.15
CA ILE SE 141 27.00 40.01 90.77
C ILE SE 141 27.64 39.04 91.74
N THR SE 142 28.78 38.52 91.32
CA THR SE 142 29.50 37.51 92.07
C THR SE 142 30.83 38.04 92.58
N THR SE 143 31.68 38.52 91.68
CA THR SE 143 32.91 39.19 92.05
C THR SE 143 32.89 40.59 91.46
N PRO SE 144 33.44 41.58 92.14
CA PRO SE 144 33.46 42.93 91.59
C PRO SE 144 34.37 43.00 90.38
N PRO SE 145 33.99 43.76 89.36
CA PRO SE 145 34.83 43.87 88.18
C PRO SE 145 36.07 44.71 88.47
N THR SE 146 37.11 44.47 87.71
CA THR SE 146 38.33 45.25 87.81
C THR SE 146 38.56 46.04 86.54
N TRP SE 147 39.56 46.91 86.61
CA TRP SE 147 39.90 47.77 85.49
C TRP SE 147 40.48 47.00 84.31
N ARG SE 148 41.05 45.82 84.57
CA ARG SE 148 41.62 45.01 83.50
C ARG SE 148 40.56 44.50 82.53
N GLN SE 149 39.32 44.44 82.96
CA GLN SE 149 38.22 44.05 82.08
C GLN SE 149 37.88 45.13 81.07
N TYR SE 150 38.44 46.33 81.22
CA TYR SE 150 38.15 47.42 80.31
C TYR SE 150 39.38 48.06 79.70
N LEU SE 151 40.56 47.87 80.30
CA LEU SE 151 41.72 48.64 79.89
C LEU SE 151 42.84 47.83 79.29
N TRP SE 152 42.97 46.55 79.65
CA TRP SE 152 44.06 45.77 79.07
C TRP SE 152 43.75 45.47 77.63
N MET SE 153 44.27 46.31 76.73
CA MET SE 153 44.08 46.06 75.31
C MET SE 153 44.95 44.90 74.87
N ASP SE 154 44.45 44.17 73.87
CA ASP SE 154 45.08 42.94 73.43
C ASP SE 154 46.38 43.22 72.69
N TYR SE 155 47.21 42.18 72.61
CA TYR SE 155 48.50 42.29 71.93
C TYR SE 155 48.92 40.93 71.43
N VAL SE 156 49.14 40.83 70.12
CA VAL SE 156 49.86 39.72 69.52
C VAL SE 156 50.91 40.32 68.61
N LYS SE 157 52.16 40.00 68.86
CA LYS SE 157 53.23 40.52 68.02
C LYS SE 157 53.25 39.81 66.68
N PRO SE 158 53.18 40.53 65.57
CA PRO SE 158 53.41 39.88 64.28
C PRO SE 158 54.89 39.84 63.98
N GLU SE 159 55.44 38.63 63.85
CA GLU SE 159 56.86 38.47 63.55
C GLU SE 159 57.08 37.90 62.15
N ALA SE 160 56.08 37.99 61.28
CA ALA SE 160 56.16 37.40 59.94
C ALA SE 160 55.84 38.45 58.89
N PRO SE 161 56.76 39.37 58.61
CA PRO SE 161 56.59 40.21 57.42
C PRO SE 161 57.09 39.49 56.18
N ASN SE 162 56.18 38.98 55.36
CA ASN SE 162 56.61 38.34 54.13
C ASN SE 162 56.80 39.44 53.09
N VAL SE 163 58.06 39.81 52.86
CA VAL SE 163 58.38 40.89 51.94
C VAL SE 163 58.19 40.35 50.52
N THR SE 164 57.06 40.70 49.92
CA THR SE 164 56.85 40.40 48.52
C THR SE 164 57.66 41.33 47.63
N LEU SE 165 57.91 42.54 48.10
CA LEU SE 165 58.65 43.56 47.35
C LEU SE 165 59.94 43.86 48.12
N LEU SE 166 60.96 43.05 47.87
CA LEU SE 166 62.26 43.31 48.43
C LEU SE 166 62.87 44.57 47.80
N PRO SE 167 63.64 45.35 48.55
CA PRO SE 167 64.34 46.47 47.92
C PRO SE 167 65.53 45.97 47.11
N LYS SE 168 65.77 46.64 45.99
CA LYS SE 168 66.92 46.33 45.15
C LYS SE 168 67.66 47.60 44.77
N THR SE 169 66.95 48.73 44.78
CA THR SE 169 67.57 50.04 44.56
C THR SE 169 67.50 50.88 45.83
N LYS SE 170 68.43 51.83 45.92
CA LYS SE 170 68.47 52.74 47.06
C LYS SE 170 67.25 53.65 47.12
N ALA SE 171 66.68 53.99 45.95
CA ALA SE 171 65.42 54.71 45.93
C ALA SE 171 64.30 53.87 46.52
N GLU SE 172 64.30 52.56 46.25
CA GLU SE 172 63.34 51.67 46.86
C GLU SE 172 63.53 51.58 48.36
N LYS SE 173 64.79 51.55 48.81
CA LYS SE 173 65.06 51.55 50.25
C LYS SE 173 64.56 52.84 50.89
N GLU SE 174 64.75 53.98 50.23
CA GLU SE 174 64.35 55.26 50.79
C GLU SE 174 62.83 55.41 50.85
N ILE SE 175 62.12 55.01 49.79
CA ILE SE 175 60.66 55.09 49.83
C ILE SE 175 60.12 54.05 50.81
N TRP SE 176 60.81 52.92 50.97
CA TRP SE 176 60.44 51.96 52.00
C TRP SE 176 60.55 52.57 53.39
N CYS SE 177 61.64 53.31 53.63
CA CYS SE 177 61.84 53.99 54.90
C CYS SE 177 60.72 54.99 55.18
N ILE SE 178 60.40 55.82 54.20
CA ILE SE 178 59.45 56.90 54.48
C ILE SE 178 58.02 56.35 54.63
N TYR SE 179 57.65 55.35 53.83
CA TYR SE 179 56.30 54.82 53.96
C TYR SE 179 56.15 53.95 55.20
N THR SE 180 57.21 53.25 55.60
CA THR SE 180 57.20 52.53 56.86
C THR SE 180 57.09 53.49 58.04
N GLU SE 181 57.74 54.66 57.93
CA GLU SE 181 57.60 55.68 58.96
C GLU SE 181 56.17 56.18 59.05
N ARG SE 182 55.52 56.38 57.89
CA ARG SE 182 54.13 56.82 57.88
C ARG SE 182 53.21 55.78 58.53
N GLY SE 183 53.45 54.51 58.23
CA GLY SE 183 52.67 53.46 58.86
C GLY SE 183 52.91 53.38 60.37
N TRP SE 184 54.15 53.60 60.79
CA TRP SE 184 54.50 53.60 62.21
C TRP SE 184 53.76 54.68 62.97
N LYS SE 185 53.72 55.89 62.39
CA LYS SE 185 52.99 56.99 63.01
C LYS SE 185 51.48 56.73 63.03
N ASN SE 186 50.96 56.12 61.96
CA ASN SE 186 49.54 55.78 61.92
C ASN SE 186 49.17 54.77 62.99
N GLY SE 187 50.05 53.78 63.21
CA GLY SE 187 49.81 52.83 64.27
C GLY SE 187 49.85 53.46 65.64
N ILE SE 188 50.72 54.45 65.82
CA ILE SE 188 50.77 55.21 67.08
C ILE SE 188 49.44 55.92 67.33
N ASP SE 189 48.92 56.58 66.30
CA ASP SE 189 47.66 57.32 66.45
C ASP SE 189 46.50 56.38 66.74
N GLN SE 190 46.47 55.23 66.06
CA GLN SE 190 45.39 54.26 66.26
C GLN SE 190 45.41 53.70 67.69
N ALA SE 191 46.60 53.39 68.20
CA ALA SE 191 46.70 52.87 69.56
C ALA SE 191 46.23 53.89 70.58
N ASN SE 192 46.60 55.15 70.37
CA ASN SE 192 46.16 56.20 71.30
C ASN SE 192 44.66 56.40 71.25
N THR SE 193 44.06 56.28 70.05
CA THR SE 193 42.61 56.40 69.91
C THR SE 193 41.90 55.27 70.63
N ILE SE 194 42.45 54.05 70.53
CA ILE SE 194 41.86 52.89 71.20
C ILE SE 194 41.87 53.08 72.71
N LEU SE 195 43.01 53.55 73.24
CA LEU SE 195 43.12 53.81 74.67
C LEU SE 195 42.12 54.86 75.13
N GLU SE 196 41.97 55.93 74.35
CA GLU SE 196 41.06 57.01 74.71
C GLU SE 196 39.62 56.54 74.75
N GLU SE 197 39.25 55.69 73.78
CA GLU SE 197 37.91 55.11 73.76
C GLU SE 197 37.65 54.25 75.01
N ASN SE 198 38.64 53.43 75.38
CA ASN SE 198 38.46 52.56 76.54
C ASN SE 198 38.33 53.33 77.84
N ILE SE 199 39.18 54.35 78.02
CA ILE SE 199 39.15 55.08 79.28
C ILE SE 199 37.89 55.91 79.39
N ALA SE 200 37.38 56.44 78.26
CA ALA SE 200 36.11 57.15 78.29
C ALA SE 200 34.96 56.21 78.66
N ARG SE 201 35.01 54.98 78.15
CA ARG SE 201 33.97 53.99 78.46
C ARG SE 201 33.93 53.66 79.95
N ILE SE 202 35.10 53.39 80.53
CA ILE SE 202 35.11 52.98 81.94
C ILE SE 202 34.81 54.16 82.85
N LYS SE 203 35.16 55.38 82.40
CA LYS SE 203 34.76 56.58 83.14
C LYS SE 203 33.26 56.73 83.15
N GLU SE 204 32.61 56.42 82.02
CA GLU SE 204 31.16 56.46 81.95
C GLU SE 204 30.53 55.44 82.90
N ASP SE 205 31.12 54.25 82.98
CA ASP SE 205 30.58 53.21 83.88
C ASP SE 205 30.65 53.66 85.34
N PHE SE 206 31.80 54.17 85.77
CA PHE SE 206 31.97 54.60 87.15
C PHE SE 206 31.07 55.79 87.46
N GLY SE 207 30.92 56.70 86.51
CA GLY SE 207 30.04 57.83 86.70
C GLY SE 207 28.59 57.41 86.82
N GLY SE 208 28.18 56.37 86.08
CA GLY SE 208 26.83 55.88 86.19
C GLY SE 208 26.53 55.27 87.54
N MET SE 209 27.49 54.50 88.07
CA MET SE 209 27.35 53.92 89.40
C MET SE 209 27.22 55.02 90.47
N ILE SE 210 28.09 56.03 90.38
CA ILE SE 210 28.09 57.10 91.36
C ILE SE 210 26.83 57.96 91.22
N LEU SE 211 26.29 58.05 90.00
CA LEU SE 211 25.10 58.85 89.77
C LEU SE 211 23.88 58.17 90.38
N TYR SE 212 23.80 56.84 90.28
CA TYR SE 212 22.73 56.13 90.96
C TYR SE 212 22.81 56.30 92.47
N ARG SE 213 24.04 56.22 93.01
CA ARG SE 213 24.20 56.34 94.45
C ARG SE 213 23.72 57.70 94.96
N LYS SE 214 24.05 58.75 94.23
CA LYS SE 214 23.66 60.05 94.75
C LYS SE 214 22.22 60.44 94.41
N LEU SE 215 21.64 59.89 93.35
CA LEU SE 215 20.21 60.12 93.16
C LEU SE 215 19.38 59.37 94.19
N LEU SE 216 19.85 58.17 94.57
CA LEU SE 216 19.23 57.44 95.68
C LEU SE 216 19.40 58.20 96.99
N ALA SE 217 20.54 58.87 97.15
CA ALA SE 217 20.71 59.75 98.29
C ALA SE 217 19.74 60.92 98.25
N MET SE 218 19.45 61.42 97.06
CA MET SE 218 18.56 62.56 96.91
C MET SE 218 17.10 62.16 96.80
N ASN SE 219 16.80 60.87 96.96
CA ASN SE 219 15.45 60.29 96.87
C ASN SE 219 14.86 60.52 95.48
N MET SE 220 15.57 60.01 94.48
CA MET SE 220 15.11 60.04 93.11
C MET SE 220 14.79 58.67 92.58
N VAL SE 221 15.24 57.62 93.26
CA VAL SE 221 14.99 56.24 92.83
C VAL SE 221 14.69 55.41 94.05
N SER SE 222 13.76 54.48 93.92
CA SER SE 222 13.51 53.52 94.98
C SER SE 222 14.68 52.55 95.06
N PRO SE 223 15.08 52.12 96.26
CA PRO SE 223 16.11 51.11 96.37
C PRO SE 223 15.57 49.76 95.90
N PRO SE 224 16.44 48.85 95.46
CA PRO SE 224 15.96 47.53 95.07
C PRO SE 224 15.49 46.72 96.26
N TYR SE 225 14.46 45.93 96.04
CA TYR SE 225 13.77 45.20 97.10
C TYR SE 225 13.90 43.70 96.84
N VAL SE 226 14.31 42.97 97.88
CA VAL SE 226 14.62 41.55 97.77
C VAL SE 226 13.78 40.78 98.76
N SER SE 227 13.10 39.73 98.28
CA SER SE 227 12.41 38.79 99.14
C SER SE 227 13.24 37.52 99.25
N HIS SE 228 13.45 37.05 100.47
CA HIS SE 228 14.17 35.81 100.72
C HIS SE 228 13.24 34.82 101.38
N THR SE 229 13.22 33.60 100.87
CA THR SE 229 12.41 32.51 101.39
C THR SE 229 13.33 31.40 101.85
N ASP SE 230 13.11 30.92 103.07
CA ASP SE 230 13.95 29.90 103.67
C ASP SE 230 13.10 28.70 104.04
N LEU SE 231 13.52 27.54 103.56
CA LEU SE 231 12.86 26.27 103.83
C LEU SE 231 13.85 25.33 104.49
N GLY SE 232 13.31 24.32 105.17
CA GLY SE 232 14.14 23.40 105.91
C GLY SE 232 14.84 22.36 105.05
N VAL SE 233 14.91 21.12 105.55
CA VAL SE 233 15.57 20.08 104.78
C VAL SE 233 14.73 19.70 103.58
N THR SE 234 15.39 19.13 102.58
CA THR SE 234 14.71 18.78 101.35
C THR SE 234 15.42 17.62 100.68
N GLY SE 235 14.72 16.98 99.75
CA GLY SE 235 15.26 15.90 98.95
C GLY SE 235 14.68 14.56 99.34
N ASP SE 236 15.14 13.53 98.64
CA ASP SE 236 14.72 12.17 98.87
C ASP SE 236 15.67 11.52 99.88
N GLY SE 237 15.59 10.20 99.99
CA GLY SE 237 16.50 9.47 100.86
C GLY SE 237 17.88 9.28 100.30
N SER SE 238 18.12 9.67 99.05
CA SER SE 238 19.43 9.55 98.43
C SER SE 238 20.14 10.88 98.25
N GLU SE 239 19.40 11.96 97.97
CA GLU SE 239 19.97 13.27 97.75
C GLU SE 239 19.34 14.24 98.72
N ILE SE 240 20.15 15.02 99.42
CA ILE SE 240 19.62 15.97 100.39
C ILE SE 240 20.38 17.28 100.33
N HIS SE 241 19.65 18.37 100.52
CA HIS SE 241 20.20 19.67 100.84
C HIS SE 241 19.59 20.08 102.17
N ILE SE 242 20.44 20.52 103.10
CA ILE SE 242 20.01 20.60 104.49
C ILE SE 242 19.20 21.86 104.79
N ASP SE 243 19.28 22.90 103.95
CA ASP SE 243 18.44 24.07 104.08
C ASP SE 243 18.37 24.76 102.72
N ASP SE 244 17.29 25.50 102.49
CA ASP SE 244 16.96 25.99 101.16
C ASP SE 244 16.66 27.48 101.26
N ARG SE 245 17.65 28.31 100.97
CA ARG SE 245 17.50 29.75 101.04
C ARG SE 245 17.54 30.31 99.64
N VAL SE 246 16.45 30.95 99.23
CA VAL SE 246 16.24 31.43 97.87
C VAL SE 246 15.97 32.93 97.97
N LEU SE 247 16.74 33.71 97.23
CA LEU SE 247 16.59 35.16 97.25
C LEU SE 247 16.24 35.64 95.85
N ARG SE 248 15.19 36.44 95.76
CA ARG SE 248 14.79 37.00 94.47
C ARG SE 248 14.43 38.46 94.64
N ILE SE 249 14.85 39.25 93.66
CA ILE SE 249 14.67 40.70 93.69
C ILE SE 249 13.37 41.02 92.99
N THR SE 250 12.33 41.34 93.76
CA THR SE 250 11.01 41.56 93.21
C THR SE 250 10.81 42.96 92.67
N ALA SE 251 11.75 43.88 92.92
CA ALA SE 251 11.56 45.27 92.52
C ALA SE 251 12.90 45.83 92.07
N LEU SE 252 13.04 46.00 90.76
CA LEU SE 252 14.20 46.68 90.21
C LEU SE 252 14.14 48.16 90.55
N PRO SE 253 15.28 48.82 90.67
CA PRO SE 253 15.28 50.27 90.88
C PRO SE 253 14.71 51.02 89.69
N GLU SE 254 14.01 52.11 89.98
CA GLU SE 254 13.38 52.93 88.94
C GLU SE 254 13.16 54.34 89.48
N LEU SE 255 12.98 55.28 88.57
CA LEU SE 255 12.73 56.66 88.93
C LEU SE 255 11.35 56.83 89.53
N ASN SE 256 11.19 57.85 90.36
CA ASN SE 256 9.90 58.21 90.93
C ASN SE 256 9.48 59.57 90.40
N VAL SE 257 8.36 59.60 89.68
CA VAL SE 257 7.92 60.85 89.07
C VAL SE 257 7.20 61.77 90.03
N ASN SE 258 6.90 61.30 91.25
CA ASN SE 258 6.29 62.17 92.24
C ASN SE 258 7.39 63.01 92.87
N SER SE 259 7.49 64.25 92.41
CA SER SE 259 8.59 65.11 92.86
C SER SE 259 8.40 65.65 94.26
N ALA SE 260 7.21 65.49 94.84
CA ALA SE 260 6.93 66.05 96.16
C ALA SE 260 7.75 65.41 97.27
N GLU SE 261 8.28 64.21 97.05
CA GLU SE 261 9.09 63.54 98.05
C GLU SE 261 10.54 63.99 98.03
N TRP SE 262 10.91 64.88 97.12
CA TRP SE 262 12.31 65.26 96.99
C TRP SE 262 12.73 66.18 98.13
N ARG SE 263 14.03 66.19 98.39
CA ARG SE 263 14.60 66.90 99.52
C ARG SE 263 15.77 67.75 99.05
N ALA SE 264 16.06 68.80 99.82
CA ALA SE 264 17.00 69.81 99.41
C ALA SE 264 18.42 69.42 99.80
N ALA SE 265 19.36 70.33 99.59
CA ALA SE 265 20.77 70.08 99.87
C ALA SE 265 21.48 71.42 100.09
N VAL SE 266 22.39 71.46 101.06
CA VAL SE 266 23.10 72.69 101.40
C VAL SE 266 24.57 72.36 101.64
N ALA SE 267 25.39 73.40 101.62
CA ALA SE 267 26.75 73.32 102.13
C ALA SE 267 27.00 74.50 103.05
N LYS SE 268 28.07 74.43 103.82
CA LYS SE 268 28.39 75.50 104.75
C LYS SE 268 29.78 76.07 104.47
N GLY TE 26 64.65 42.48 63.45
CA GLY TE 26 63.44 42.03 64.10
C GLY TE 26 62.32 43.04 63.99
N ASP TE 27 61.12 42.63 64.39
CA ASP TE 27 59.94 43.49 64.34
C ASP TE 27 59.66 44.21 65.64
N THR TE 28 60.54 44.10 66.62
CA THR TE 28 60.29 44.75 67.91
C THR TE 28 60.69 46.23 67.86
N GLY TE 29 61.98 46.51 67.68
CA GLY TE 29 62.42 47.85 67.34
C GLY TE 29 62.40 47.97 65.83
N SER TE 30 61.19 47.92 65.27
CA SER TE 30 61.03 47.56 63.87
C SER TE 30 61.41 48.69 62.93
N LEU TE 31 61.55 49.93 63.42
CA LEU TE 31 62.12 50.98 62.59
C LEU TE 31 63.55 50.65 62.21
N ALA TE 32 64.37 50.34 63.20
CA ALA TE 32 65.72 49.85 62.93
C ALA TE 32 65.69 48.49 62.26
N GLY TE 33 64.69 47.66 62.57
CA GLY TE 33 64.62 46.34 61.96
C GLY TE 33 64.34 46.36 60.47
N LEU TE 34 63.40 47.19 60.04
CA LEU TE 34 63.08 47.29 58.62
C LEU TE 34 64.00 48.24 57.90
N GLN TE 35 64.77 49.04 58.64
CA GLN TE 35 65.91 49.66 57.99
C GLN TE 35 67.02 48.67 57.76
N ALA TE 36 67.19 47.71 58.66
CA ALA TE 36 68.29 46.76 58.57
C ALA TE 36 68.02 45.61 57.62
N MET TE 37 66.77 45.18 57.48
CA MET TE 37 66.46 44.04 56.64
C MET TE 37 66.36 44.40 55.17
N ALA TE 38 66.71 45.63 54.81
CA ALA TE 38 66.93 46.01 53.42
C ALA TE 38 68.24 45.47 52.86
N ASP TE 39 69.09 44.87 53.69
CA ASP TE 39 70.34 44.30 53.21
C ASP TE 39 70.09 43.11 52.29
N SER TE 40 70.80 43.10 51.16
CA SER TE 40 70.57 42.11 50.12
C SER TE 40 71.04 40.72 50.52
N LYS TE 41 71.96 40.61 51.48
CA LYS TE 41 72.38 39.30 51.97
C LYS TE 41 71.28 38.61 52.76
N TYR TE 42 70.47 39.38 53.49
CA TYR TE 42 69.33 38.78 54.17
C TYR TE 42 68.23 38.40 53.19
N THR TE 43 68.17 39.08 52.04
CA THR TE 43 67.19 38.71 51.02
C THR TE 43 67.50 37.33 50.44
N ARG TE 44 68.77 37.02 50.22
CA ARG TE 44 69.14 35.71 49.71
C ARG TE 44 69.30 34.66 50.82
N ALA TE 45 69.29 35.08 52.09
CA ALA TE 45 69.38 34.13 53.19
C ALA TE 45 68.02 33.75 53.77
N GLN TE 46 67.01 34.61 53.60
CA GLN TE 46 65.67 34.28 54.05
C GLN TE 46 64.92 33.40 53.07
N LYS TE 47 65.43 33.23 51.84
CA LYS TE 47 64.75 32.40 50.86
C LYS TE 47 64.97 30.91 51.13
N LYS TE 48 66.14 30.55 51.68
CA LYS TE 48 66.53 29.16 51.73
C LYS TE 48 65.96 28.40 52.91
N GLN TE 49 65.14 29.03 53.75
CA GLN TE 49 64.60 28.36 54.92
C GLN TE 49 63.22 27.74 54.68
N LYS TE 50 62.64 27.88 53.47
CA LYS TE 50 61.30 27.34 53.22
C LYS TE 50 61.30 25.81 53.18
N MET TE 51 62.23 25.23 52.43
CA MET TE 51 62.37 23.78 52.39
C MET TE 51 62.81 23.24 53.75
N GLY TE 52 63.66 23.99 54.46
CA GLY TE 52 64.07 23.59 55.79
C GLY TE 52 62.94 23.57 56.79
N LYS TE 53 62.04 24.56 56.74
CA LYS TE 53 60.86 24.55 57.57
C LYS TE 53 59.93 23.40 57.20
N ILE TE 54 59.71 23.19 55.90
CA ILE TE 54 58.74 22.20 55.48
C ILE TE 54 59.28 20.78 55.65
N ARG TE 55 60.61 20.65 55.80
CA ARG TE 55 61.18 19.36 56.17
C ARG TE 55 61.24 19.19 57.68
N GLU TE 56 61.52 20.27 58.41
CA GLU TE 56 61.68 20.17 59.85
C GLU TE 56 60.35 19.91 60.53
N MET TE 57 59.26 20.44 59.97
CA MET TE 57 57.96 20.23 60.60
C MET TE 57 57.50 18.78 60.45
N ALA TE 58 57.99 18.09 59.43
CA ALA TE 58 57.73 16.65 59.34
C ALA TE 58 58.60 15.89 60.34
N LEU TE 59 59.83 16.36 60.57
CA LEU TE 59 60.74 15.67 61.47
C LEU TE 59 60.28 15.81 62.92
N LYS TE 60 59.83 17.01 63.30
CA LYS TE 60 59.64 17.31 64.72
C LYS TE 60 58.45 16.57 65.29
N GLU TE 61 57.39 16.37 64.52
CA GLU TE 61 56.22 15.66 65.03
C GLU TE 61 56.53 14.20 65.26
N THR TE 62 57.33 13.60 64.37
CA THR TE 62 57.79 12.23 64.56
C THR TE 62 58.70 12.12 65.77
N ALA TE 63 59.59 13.10 65.95
CA ALA TE 63 60.49 13.11 67.10
C ALA TE 63 59.72 13.23 68.40
N LEU TE 64 58.72 14.10 68.43
CA LEU TE 64 57.85 14.25 69.58
C LEU TE 64 57.08 12.97 69.85
N SER TE 65 56.62 12.30 68.79
CA SER TE 65 55.84 11.08 68.93
C SER TE 65 56.68 9.96 69.55
N VAL TE 66 57.89 9.75 69.03
CA VAL TE 66 58.70 8.66 69.55
C VAL TE 66 59.22 8.98 70.95
N GLY TE 67 59.50 10.26 71.23
CA GLY TE 67 59.91 10.63 72.58
C GLY TE 67 58.79 10.44 73.57
N ALA TE 68 57.55 10.79 73.17
CA ALA TE 68 56.39 10.59 74.02
C ALA TE 68 56.15 9.12 74.30
N GLN TE 69 56.26 8.27 73.28
CA GLN TE 69 56.03 6.85 73.45
C GLN TE 69 57.07 6.21 74.38
N ALA TE 70 58.35 6.45 74.09
CA ALA TE 70 59.40 5.80 74.86
C ALA TE 70 59.46 6.32 76.29
N GLY TE 71 59.36 7.64 76.46
CA GLY TE 71 59.38 8.21 77.80
C GLY TE 71 58.18 7.82 78.62
N LEU TE 72 57.00 7.73 77.98
CA LEU TE 72 55.80 7.33 78.69
C LEU TE 72 55.89 5.90 79.20
N ALA TE 73 56.36 4.99 78.33
CA ALA TE 73 56.49 3.60 78.74
C ALA TE 73 57.55 3.44 79.83
N TRP TE 74 58.66 4.16 79.70
CA TRP TE 74 59.74 4.07 80.67
C TRP TE 74 59.32 4.59 82.02
N ARG TE 75 58.66 5.75 82.04
CA ARG TE 75 58.14 6.32 83.29
C ARG TE 75 57.10 5.42 83.91
N ALA TE 76 56.26 4.78 83.08
CA ALA TE 76 55.22 3.89 83.58
C ALA TE 76 55.80 2.69 84.30
N LYS TE 77 56.82 2.07 83.72
CA LYS TE 77 57.37 0.90 84.40
C LYS TE 77 58.20 1.29 85.62
N ILE TE 78 58.76 2.51 85.62
CA ILE TE 78 59.41 3.01 86.83
C ILE TE 78 58.40 3.18 87.96
N ILE TE 79 57.23 3.73 87.63
CA ILE TE 79 56.16 3.92 88.61
C ILE TE 79 55.67 2.58 89.12
N ASP TE 80 55.57 1.60 88.23
CA ASP TE 80 55.11 0.26 88.62
C ASP TE 80 56.06 -0.41 89.59
N GLU TE 81 57.38 -0.35 89.33
CA GLU TE 81 58.28 -1.02 90.25
C GLU TE 81 58.46 -0.25 91.56
N GLN TE 82 58.31 1.08 91.53
CA GLN TE 82 58.31 1.83 92.79
C GLN TE 82 57.07 1.53 93.61
N LEU TE 83 55.95 1.28 92.94
CA LEU TE 83 54.75 0.84 93.63
C LEU TE 83 54.95 -0.54 94.24
N ASN TE 84 55.63 -1.43 93.50
CA ASN TE 84 55.87 -2.79 94.00
C ASN TE 84 56.81 -2.79 95.20
N LYS TE 85 57.71 -1.81 95.28
CA LYS TE 85 58.60 -1.75 96.44
C LYS TE 85 57.88 -1.39 97.73
N GLN TE 86 56.67 -0.82 97.65
CA GLN TE 86 55.97 -0.42 98.87
C GLN TE 86 54.67 -1.17 98.99
N ALA TE 87 54.74 -2.50 98.81
CA ALA TE 87 53.53 -3.31 98.75
C ALA TE 87 52.81 -3.39 100.09
N ARG TE 88 53.56 -3.43 101.20
CA ARG TE 88 52.96 -3.74 102.49
C ARG TE 88 52.11 -2.59 103.01
N ASN TE 89 52.63 -1.38 102.92
CA ASN TE 89 51.97 -0.22 103.52
C ASN TE 89 50.68 0.12 102.80
N LEU TE 90 50.64 -0.06 101.48
CA LEU TE 90 49.43 0.27 100.73
C LEU TE 90 48.28 -0.65 101.08
N ASP TE 91 48.56 -1.96 101.16
CA ASP TE 91 47.55 -2.90 101.59
C ASP TE 91 47.21 -2.74 103.05
N ALA TE 92 48.14 -2.21 103.85
CA ALA TE 92 47.80 -1.86 105.22
C ALA TE 92 46.80 -0.73 105.27
N ILE TE 93 47.05 0.34 104.51
CA ILE TE 93 46.24 1.55 104.67
C ILE TE 93 44.91 1.43 103.94
N TYR TE 94 44.84 0.66 102.87
CA TYR TE 94 43.57 0.48 102.17
C TYR TE 94 42.93 -0.86 102.56
N ASP TE 95 42.62 -0.97 103.84
CA ASP TE 95 42.05 -2.21 104.37
C ASP TE 95 40.53 -2.15 104.24
N PHE TE 96 40.01 -2.90 103.28
CA PHE TE 96 38.57 -3.04 103.16
C PHE TE 96 38.00 -4.12 104.07
N ASN TE 97 38.84 -4.99 104.60
CA ASN TE 97 38.36 -6.04 105.49
C ASN TE 97 37.93 -5.49 106.83
N SER TE 98 38.48 -4.33 107.22
CA SER TE 98 37.88 -3.57 108.30
C SER TE 98 36.65 -2.81 107.85
N LEU TE 99 36.44 -2.69 106.54
CA LEU TE 99 35.35 -1.86 106.04
C LEU TE 99 34.11 -2.64 105.68
N VAL TE 100 34.20 -3.96 105.57
CA VAL TE 100 33.07 -4.76 105.09
C VAL TE 100 32.01 -4.88 106.17
N LEU TE 101 30.83 -5.34 105.78
CA LEU TE 101 29.72 -5.54 106.70
C LEU TE 101 29.47 -7.03 106.89
N GLU TE 102 28.64 -7.34 107.90
CA GLU TE 102 28.58 -8.69 108.43
C GLU TE 102 27.86 -9.68 107.51
N HIS TE 103 27.10 -9.19 106.53
CA HIS TE 103 26.49 -10.07 105.55
C HIS TE 103 27.24 -10.03 104.23
N ASN TE 104 28.55 -9.76 104.28
CA ASN TE 104 29.45 -9.74 103.13
C ASN TE 104 28.96 -8.75 102.08
N ILE TE 105 28.59 -7.56 102.55
CA ILE TE 105 27.94 -6.55 101.73
C ILE TE 105 28.74 -5.26 101.85
N LEU TE 106 29.08 -4.67 100.71
CA LEU TE 106 29.89 -3.46 100.70
C LEU TE 106 29.09 -2.29 101.24
N PRO TE 107 29.72 -1.39 101.99
CA PRO TE 107 29.08 -0.12 102.31
C PRO TE 107 28.89 0.71 101.05
N PRO TE 108 27.89 1.59 101.03
CA PRO TE 108 27.69 2.44 99.86
C PRO TE 108 28.67 3.62 99.86
N VAL TE 109 28.67 4.35 98.76
CA VAL TE 109 29.60 5.45 98.54
C VAL TE 109 28.85 6.76 98.68
N LEU TE 110 29.40 7.69 99.44
CA LEU TE 110 28.74 8.94 99.76
C LEU TE 110 29.64 10.12 99.42
N LEU TE 111 29.03 11.17 98.87
CA LEU TE 111 29.71 12.43 98.67
C LEU TE 111 28.98 13.52 99.44
N GLU TE 112 29.75 14.52 99.85
CA GLU TE 112 29.21 15.61 100.65
C GLU TE 112 29.69 16.94 100.08
N GLY TE 113 29.06 18.01 100.54
CA GLY TE 113 29.49 19.34 100.18
C GLY TE 113 28.98 20.37 101.16
N ARG TE 114 29.77 21.40 101.44
CA ARG TE 114 29.36 22.43 102.37
C ARG TE 114 29.46 23.80 101.72
N ASN TE 115 28.50 24.67 102.06
CA ASN TE 115 28.37 26.05 101.57
C ASN TE 115 28.24 26.06 100.05
N THR TE 116 27.10 25.54 99.60
CA THR TE 116 26.78 25.54 98.18
C THR TE 116 25.97 26.76 97.83
N LEU TE 117 26.26 27.34 96.66
CA LEU TE 117 25.38 28.36 96.11
C LEU TE 117 25.53 28.34 94.61
N ASN TE 118 24.52 28.87 93.93
CA ASN TE 118 24.58 29.04 92.48
C ASN TE 118 23.63 30.15 92.08
N LEU TE 119 24.11 31.01 91.20
CA LEU TE 119 23.26 31.91 90.44
C LEU TE 119 22.73 31.15 89.24
N ALA TE 120 21.41 31.16 89.05
CA ALA TE 120 20.90 30.56 87.83
C ALA TE 120 20.80 31.59 86.70
N ASP TE 121 20.33 32.79 87.03
CA ASP TE 121 20.25 33.92 86.12
C ASP TE 121 20.13 35.18 86.97
N ALA TE 122 19.86 36.31 86.33
CA ALA TE 122 19.59 37.53 87.06
C ALA TE 122 18.29 37.39 87.85
N GLN TE 123 18.30 37.92 89.08
CA GLN TE 123 17.23 37.77 90.07
C GLN TE 123 16.90 36.30 90.33
N SER TE 124 17.93 35.46 90.41
CA SER TE 124 17.71 34.04 90.69
C SER TE 124 18.95 33.47 91.37
N ILE TE 125 18.88 33.35 92.68
CA ILE TE 125 19.97 32.85 93.49
C ILE TE 125 19.46 31.67 94.30
N ARG TE 126 20.33 30.70 94.57
CA ARG TE 126 19.97 29.63 95.49
C ARG TE 126 21.19 29.20 96.29
N ILE TE 127 21.07 29.23 97.62
CA ILE TE 127 22.14 28.76 98.46
C ILE TE 127 21.62 27.61 99.33
N SER TE 128 22.58 26.87 99.88
CA SER TE 128 22.31 25.78 100.79
C SER TE 128 23.56 25.59 101.63
N ASP TE 129 23.37 25.15 102.87
CA ASP TE 129 24.53 25.04 103.75
C ASP TE 129 25.32 23.77 103.45
N ARG TE 130 24.64 22.62 103.42
CA ARG TE 130 25.30 21.38 103.07
C ARG TE 130 24.40 20.56 102.17
N THR TE 131 25.04 19.65 101.43
CA THR TE 131 24.32 18.69 100.63
C THR TE 131 25.06 17.36 100.68
N TYR TE 132 24.31 16.29 100.46
CA TYR TE 132 24.84 14.94 100.49
C TYR TE 132 24.22 14.12 99.37
N LYS TE 133 25.06 13.26 98.77
CA LYS TE 133 24.73 12.54 97.55
C LYS TE 133 25.14 11.08 97.71
N VAL TE 134 24.25 10.17 97.33
CA VAL TE 134 24.59 8.76 97.21
C VAL TE 134 25.20 8.56 95.82
N ALA TE 135 26.47 8.15 95.77
CA ALA TE 135 27.13 7.99 94.48
C ALA TE 135 26.90 6.60 93.91
N LYS TE 136 27.32 5.57 94.64
CA LYS TE 136 27.15 4.19 94.22
C LYS TE 136 26.46 3.42 95.32
N GLN TE 137 25.42 2.68 94.95
CA GLN TE 137 24.60 1.96 95.91
C GLN TE 137 25.37 0.79 96.50
N ALA TE 138 25.11 0.52 97.78
CA ALA TE 138 25.63 -0.67 98.43
C ALA TE 138 25.10 -1.93 97.77
N HIS TE 139 25.94 -2.95 97.68
CA HIS TE 139 25.53 -4.20 97.05
C HIS TE 139 26.36 -5.34 97.61
N PHE TE 140 25.95 -6.55 97.25
CA PHE TE 140 26.64 -7.75 97.70
C PHE TE 140 28.00 -7.89 97.03
N ILE TE 141 28.97 -8.38 97.78
CA ILE TE 141 30.33 -8.56 97.29
C ILE TE 141 30.83 -9.92 97.74
N THR TE 142 31.60 -10.57 96.89
CA THR TE 142 32.18 -11.86 97.22
C THR TE 142 33.56 -11.70 97.84
N THR TE 143 34.48 -11.09 97.10
CA THR TE 143 35.79 -10.81 97.63
C THR TE 143 35.98 -9.31 97.80
N PRO TE 144 36.65 -8.86 98.85
CA PRO TE 144 36.87 -7.43 99.02
C PRO TE 144 37.87 -6.92 98.01
N PRO TE 145 37.64 -5.72 97.48
CA PRO TE 145 38.57 -5.18 96.48
C PRO TE 145 39.88 -4.78 97.12
N THR TE 146 40.95 -4.92 96.37
CA THR TE 146 42.26 -4.47 96.80
C THR TE 146 42.50 -3.06 96.27
N TRP TE 147 43.73 -2.59 96.38
CA TRP TE 147 44.15 -1.36 95.76
C TRP TE 147 44.85 -1.58 94.43
N ARG TE 148 45.19 -2.82 94.11
CA ARG TE 148 46.07 -3.09 92.98
C ARG TE 148 45.40 -2.76 91.66
N GLN TE 149 44.12 -3.09 91.54
CA GLN TE 149 43.37 -2.78 90.34
C GLN TE 149 43.15 -1.28 90.17
N TYR TE 150 43.24 -0.51 91.25
CA TYR TE 150 43.11 0.92 91.10
C TYR TE 150 44.44 1.55 90.73
N LEU TE 151 45.52 1.12 91.38
CA LEU TE 151 46.77 1.83 91.30
C LEU TE 151 47.79 1.16 90.40
N TRP TE 152 47.42 0.10 89.70
CA TRP TE 152 48.35 -0.52 88.78
C TRP TE 152 48.31 0.21 87.44
N MET TE 153 49.49 0.44 86.88
CA MET TE 153 49.63 1.01 85.55
C MET TE 153 50.08 -0.09 84.61
N ASP TE 154 49.56 -0.09 83.40
CA ASP TE 154 49.91 -1.16 82.50
C ASP TE 154 51.24 -0.87 81.83
N TYR TE 155 51.84 -1.92 81.26
CA TYR TE 155 53.17 -1.81 80.68
C TYR TE 155 53.24 -2.65 79.41
N VAL TE 156 53.15 -1.97 78.27
CA VAL TE 156 53.41 -2.57 76.98
C VAL TE 156 54.71 -2.00 76.47
N LYS TE 157 55.72 -2.85 76.34
CA LYS TE 157 56.98 -2.40 75.78
C LYS TE 157 56.85 -2.34 74.27
N PRO TE 158 57.04 -1.20 73.63
CA PRO TE 158 57.06 -1.15 72.16
C PRO TE 158 58.46 -1.40 71.62
N GLU TE 159 58.63 -2.50 70.89
CA GLU TE 159 59.94 -2.88 70.39
C GLU TE 159 60.15 -2.46 68.94
N ALA TE 160 59.27 -1.63 68.40
CA ALA TE 160 59.29 -1.28 66.97
C ALA TE 160 59.37 0.22 66.80
N PRO TE 161 60.56 0.81 66.94
CA PRO TE 161 60.74 2.22 66.60
C PRO TE 161 60.90 2.39 65.11
N ASN TE 162 59.86 2.85 64.45
CA ASN TE 162 59.85 3.00 63.00
C ASN TE 162 60.10 4.47 62.67
N VAL TE 163 61.17 4.73 61.94
CA VAL TE 163 61.53 6.08 61.51
C VAL TE 163 61.60 6.06 59.99
N THR TE 164 60.59 6.62 59.34
CA THR TE 164 60.59 6.69 57.89
C THR TE 164 61.46 7.84 57.40
N LEU TE 165 61.13 9.06 57.79
CA LEU TE 165 61.89 10.22 57.36
C LEU TE 165 63.11 10.40 58.25
N LEU TE 166 64.27 10.53 57.64
CA LEU TE 166 65.48 10.74 58.40
C LEU TE 166 66.04 12.13 58.12
N PRO TE 167 66.64 12.79 59.11
CA PRO TE 167 67.25 14.09 58.88
C PRO TE 167 68.49 13.97 58.00
N LYS TE 168 68.87 15.10 57.41
CA LYS TE 168 69.96 15.14 56.44
C LYS TE 168 71.28 15.56 57.09
N THR TE 169 71.31 16.73 57.72
CA THR TE 169 72.54 17.27 58.28
C THR TE 169 72.45 17.39 59.79
N LYS TE 170 73.51 17.96 60.35
CA LYS TE 170 73.73 17.95 61.79
C LYS TE 170 72.74 18.86 62.52
N ALA TE 171 72.38 19.98 61.92
CA ALA TE 171 71.48 20.93 62.59
C ALA TE 171 70.10 20.33 62.78
N GLU TE 172 69.56 19.72 61.72
CA GLU TE 172 68.27 19.07 61.83
C GLU TE 172 68.35 17.82 62.70
N LYS TE 173 69.51 17.14 62.70
CA LYS TE 173 69.71 16.03 63.64
C LYS TE 173 69.63 16.49 65.09
N GLU TE 174 70.28 17.60 65.42
CA GLU TE 174 70.33 18.07 66.79
C GLU TE 174 68.99 18.63 67.24
N ILE TE 175 68.29 19.34 66.35
CA ILE TE 175 66.99 19.86 66.76
C ILE TE 175 65.95 18.74 66.80
N TRP TE 176 66.17 17.69 65.99
CA TRP TE 176 65.40 16.46 66.12
C TRP TE 176 65.61 15.82 67.49
N CYS TE 177 66.86 15.81 67.95
CA CYS TE 177 67.18 15.25 69.27
C CYS TE 177 66.53 16.05 70.39
N ILE TE 178 66.59 17.38 70.32
CA ILE TE 178 66.06 18.17 71.43
C ILE TE 178 64.53 18.18 71.40
N TYR TE 179 63.91 18.05 70.22
CA TYR TE 179 62.46 17.93 70.21
C TYR TE 179 62.01 16.55 70.65
N THR TE 180 62.86 15.53 70.45
CA THR TE 180 62.60 14.24 71.06
C THR TE 180 62.69 14.33 72.58
N GLU TE 181 63.60 15.16 73.09
CA GLU TE 181 63.66 15.40 74.53
C GLU TE 181 62.39 16.08 75.03
N ARG TE 182 61.85 17.00 74.23
CA ARG TE 182 60.58 17.64 74.56
C ARG TE 182 59.46 16.62 74.65
N GLY TE 183 59.39 15.71 73.69
CA GLY TE 183 58.40 14.64 73.73
C GLY TE 183 58.61 13.71 74.91
N TRP TE 184 59.87 13.48 75.29
CA TRP TE 184 60.18 12.67 76.47
C TRP TE 184 59.60 13.29 77.73
N LYS TE 185 59.78 14.60 77.89
CA LYS TE 185 59.21 15.31 79.03
C LYS TE 185 57.68 15.25 79.01
N ASN TE 186 57.10 15.38 77.81
CA ASN TE 186 55.64 15.31 77.68
C ASN TE 186 55.09 13.96 78.10
N GLY TE 187 55.76 12.88 77.68
CA GLY TE 187 55.31 11.55 78.08
C GLY TE 187 55.43 11.31 79.58
N ILE TE 188 56.48 11.85 80.19
CA ILE TE 188 56.63 11.77 81.63
C ILE TE 188 55.49 12.47 82.35
N ASP TE 189 55.14 13.67 81.88
CA ASP TE 189 54.05 14.41 82.52
C ASP TE 189 52.71 13.72 82.33
N GLN TE 190 52.52 13.07 81.17
CA GLN TE 190 51.31 12.31 80.93
C GLN TE 190 51.17 11.16 81.92
N ALA TE 191 52.27 10.45 82.16
CA ALA TE 191 52.24 9.35 83.13
C ALA TE 191 51.92 9.86 84.53
N ASN TE 192 52.49 11.01 84.89
CA ASN TE 192 52.23 11.57 86.22
C ASN TE 192 50.77 11.96 86.39
N THR TE 193 50.17 12.55 85.35
CA THR TE 193 48.77 12.94 85.43
C THR TE 193 47.85 11.74 85.56
N ILE TE 194 48.16 10.66 84.82
CA ILE TE 194 47.35 9.45 84.93
C ILE TE 194 47.45 8.87 86.33
N LEU TE 195 48.65 8.90 86.91
CA LEU TE 195 48.86 8.38 88.26
C LEU TE 195 48.05 9.15 89.30
N GLU TE 196 48.08 10.48 89.23
CA GLU TE 196 47.36 11.25 90.24
C GLU TE 196 45.85 11.13 90.05
N GLU TE 197 45.38 10.94 88.82
CA GLU TE 197 43.96 10.70 88.62
C GLU TE 197 43.51 9.39 89.26
N ASN TE 198 44.34 8.35 89.14
CA ASN TE 198 44.05 7.09 89.82
C ASN TE 198 44.02 7.27 91.34
N ILE TE 199 44.98 8.05 91.86
CA ILE TE 199 45.04 8.33 93.29
C ILE TE 199 43.77 9.02 93.76
N ALA TE 200 43.30 9.99 92.97
CA ALA TE 200 42.09 10.72 93.32
C ALA TE 200 40.87 9.82 93.33
N ARG TE 201 40.77 8.91 92.36
CA ARG TE 201 39.60 8.03 92.29
C ARG TE 201 39.55 7.09 93.49
N ILE TE 202 40.68 6.49 93.84
CA ILE TE 202 40.66 5.52 94.93
C ILE TE 202 40.49 6.23 96.28
N LYS TE 203 41.03 7.46 96.41
CA LYS TE 203 40.83 8.25 97.62
C LYS TE 203 39.36 8.62 97.78
N GLU TE 204 38.69 8.95 96.68
CA GLU TE 204 37.28 9.31 96.73
C GLU TE 204 36.43 8.12 97.15
N ASP TE 205 36.73 6.93 96.63
CA ASP TE 205 35.96 5.75 97.03
C ASP TE 205 36.17 5.40 98.50
N PHE TE 206 37.41 5.48 98.98
CA PHE TE 206 37.69 5.20 100.38
C PHE TE 206 37.02 6.23 101.30
N GLY TE 207 37.03 7.49 100.87
CA GLY TE 207 36.34 8.52 101.62
C GLY TE 207 34.85 8.33 101.65
N GLY TE 208 34.28 7.81 100.57
CA GLY TE 208 32.85 7.50 100.57
C GLY TE 208 32.50 6.41 101.56
N MET TE 209 33.35 5.38 101.64
CA MET TE 209 33.13 4.33 102.63
C MET TE 209 33.21 4.86 104.05
N ILE TE 210 34.22 5.68 104.33
CA ILE TE 210 34.37 6.15 105.70
C ILE TE 210 33.29 7.19 106.03
N LEU TE 211 32.76 7.88 105.01
CA LEU TE 211 31.61 8.74 105.20
C LEU TE 211 30.39 7.94 105.58
N TYR TE 212 30.21 6.77 104.96
CA TYR TE 212 29.08 5.92 105.32
C TYR TE 212 29.19 5.45 106.75
N ARG TE 213 30.41 5.09 107.18
CA ARG TE 213 30.60 4.69 108.57
C ARG TE 213 30.28 5.84 109.53
N LYS TE 214 30.72 7.05 109.17
CA LYS TE 214 30.44 8.23 109.99
C LYS TE 214 28.95 8.51 110.11
N LEU TE 215 28.23 8.41 109.00
CA LEU TE 215 26.80 8.71 109.02
C LEU TE 215 26.02 7.62 109.76
N LEU TE 216 26.46 6.37 109.64
CA LEU TE 216 25.84 5.29 110.39
C LEU TE 216 26.05 5.49 111.88
N ALA TE 217 27.23 6.01 112.26
CA ALA TE 217 27.45 6.38 113.64
C ALA TE 217 26.53 7.52 114.07
N MET TE 218 26.36 8.52 113.21
CA MET TE 218 25.57 9.69 113.60
C MET TE 218 24.08 9.44 113.58
N ASN TE 219 23.64 8.34 112.97
CA ASN TE 219 22.23 7.99 112.78
C ASN TE 219 21.49 9.09 112.02
N MET TE 220 21.93 9.30 110.79
CA MET TE 220 21.18 10.08 109.82
C MET TE 220 20.92 9.28 108.55
N VAL TE 221 21.30 8.01 108.52
CA VAL TE 221 21.13 7.14 107.37
C VAL TE 221 20.48 5.86 107.83
N SER TE 222 19.95 5.13 106.88
CA SER TE 222 19.36 3.86 107.25
C SER TE 222 20.39 2.75 107.13
N PRO TE 223 20.51 1.86 108.11
CA PRO TE 223 21.33 0.67 107.93
C PRO TE 223 20.66 -0.28 106.95
N PRO TE 224 21.45 -1.08 106.23
CA PRO TE 224 20.84 -2.01 105.27
C PRO TE 224 20.19 -3.17 105.99
N TYR TE 225 18.98 -3.52 105.56
CA TYR TE 225 18.28 -4.65 106.13
C TYR TE 225 18.09 -5.72 105.07
N VAL TE 226 18.39 -6.95 105.43
CA VAL TE 226 18.36 -8.07 104.51
C VAL TE 226 17.68 -9.24 105.21
N SER TE 227 16.66 -9.81 104.55
CA SER TE 227 15.98 -10.97 105.09
C SER TE 227 16.53 -12.23 104.43
N HIS TE 228 16.27 -13.36 105.09
CA HIS TE 228 16.72 -14.65 104.61
C HIS TE 228 15.64 -15.67 104.90
N THR TE 229 15.51 -16.65 104.02
CA THR TE 229 14.54 -17.72 104.17
C THR TE 229 15.22 -19.05 103.89
N ASP TE 230 14.85 -20.06 104.68
CA ASP TE 230 15.51 -21.37 104.65
C ASP TE 230 14.51 -22.45 104.29
N LEU TE 231 15.02 -23.47 103.60
CA LEU TE 231 14.29 -24.69 103.32
C LEU TE 231 15.18 -25.85 103.69
N GLY TE 232 14.55 -26.97 104.07
CA GLY TE 232 15.30 -28.11 104.52
C GLY TE 232 15.82 -28.93 103.36
N VAL TE 233 15.60 -30.24 103.39
CA VAL TE 233 16.01 -31.08 102.27
C VAL TE 233 15.13 -30.77 101.07
N THR TE 234 15.74 -30.67 99.90
CA THR TE 234 15.01 -30.28 98.71
C THR TE 234 15.61 -30.99 97.50
N GLY TE 235 14.80 -31.06 96.45
CA GLY TE 235 15.19 -31.67 95.20
C GLY TE 235 14.33 -32.86 94.85
N ASP TE 236 14.63 -33.44 93.69
CA ASP TE 236 13.92 -34.60 93.18
C ASP TE 236 14.57 -35.88 93.74
N GLY TE 237 14.23 -37.02 93.14
CA GLY TE 237 14.88 -38.26 93.51
C GLY TE 237 16.30 -38.40 92.98
N SER TE 238 16.70 -37.54 92.05
CA SER TE 238 18.02 -37.63 91.45
C SER TE 238 19.00 -36.59 91.98
N GLU TE 239 18.57 -35.35 92.20
CA GLU TE 239 19.47 -34.29 92.64
C GLU TE 239 18.93 -33.67 93.92
N ILE TE 240 19.79 -33.52 94.93
CA ILE TE 240 19.36 -32.99 96.21
C ILE TE 240 20.36 -31.98 96.75
N HIS TE 241 19.82 -31.08 97.58
CA HIS TE 241 20.60 -30.26 98.49
C HIS TE 241 20.14 -30.59 99.90
N ILE TE 242 21.08 -30.60 100.84
CA ILE TE 242 20.74 -30.94 102.22
C ILE TE 242 19.95 -29.82 102.86
N ASP TE 243 20.38 -28.58 102.68
CA ASP TE 243 19.62 -27.41 103.07
C ASP TE 243 19.60 -26.45 101.89
N ASP TE 244 18.81 -25.40 102.01
CA ASP TE 244 18.75 -24.40 100.94
C ASP TE 244 18.36 -23.08 101.59
N ARG TE 245 19.35 -22.24 101.82
CA ARG TE 245 19.11 -20.95 102.46
C ARG TE 245 19.36 -19.84 101.46
N VAL TE 246 18.34 -19.03 101.19
CA VAL TE 246 18.50 -17.91 100.28
C VAL TE 246 18.33 -16.63 101.09
N LEU TE 247 18.89 -15.56 100.54
CA LEU TE 247 18.79 -14.29 101.24
C LEU TE 247 18.64 -13.16 100.23
N ARG TE 248 17.74 -12.23 100.52
CA ARG TE 248 17.49 -11.08 99.69
C ARG TE 248 17.49 -9.83 100.54
N ILE TE 249 18.09 -8.77 100.02
CA ILE TE 249 18.14 -7.51 100.74
C ILE TE 249 16.81 -6.79 100.56
N THR TE 250 16.18 -6.41 101.67
CA THR TE 250 14.89 -5.77 101.60
C THR TE 250 15.00 -4.25 101.61
N ALA TE 251 15.86 -3.72 102.47
CA ALA TE 251 15.94 -2.28 102.70
C ALA TE 251 17.35 -1.79 102.40
N LEU TE 252 17.47 -1.01 101.34
CA LEU TE 252 18.74 -0.39 100.99
C LEU TE 252 19.07 0.72 102.00
N PRO TE 253 20.34 1.07 102.14
CA PRO TE 253 20.67 2.26 102.92
C PRO TE 253 20.21 3.54 102.22
N GLU TE 254 19.59 4.43 102.99
CA GLU TE 254 19.22 5.74 102.48
C GLU TE 254 19.21 6.72 103.64
N LEU TE 255 19.26 8.00 103.30
CA LEU TE 255 19.24 9.05 104.31
C LEU TE 255 17.82 9.26 104.83
N ASN TE 256 17.73 9.84 106.02
CA ASN TE 256 16.45 10.23 106.58
C ASN TE 256 16.27 11.74 106.51
N VAL TE 257 15.02 12.17 106.64
CA VAL TE 257 14.69 13.58 106.73
C VAL TE 257 14.09 13.95 108.06
N ASN TE 258 13.92 12.98 108.95
CA ASN TE 258 13.43 13.26 110.29
C ASN TE 258 14.52 13.94 111.08
N SER TE 259 14.51 15.27 111.05
CA SER TE 259 15.63 16.05 111.57
C SER TE 259 15.74 15.96 113.09
N ALA TE 260 14.62 15.91 113.79
CA ALA TE 260 14.62 15.88 115.24
C ALA TE 260 15.12 14.56 115.79
N GLU TE 261 15.18 13.52 114.96
CA GLU TE 261 15.59 12.19 115.38
C GLU TE 261 17.04 11.92 115.05
N TRP TE 262 17.89 12.94 115.13
CA TRP TE 262 19.30 12.83 114.84
C TRP TE 262 20.08 13.01 116.13
N ARG TE 263 21.13 12.22 116.30
CA ARG TE 263 21.95 12.26 117.49
C ARG TE 263 23.23 13.02 117.19
N ALA TE 264 23.58 13.94 118.08
CA ALA TE 264 24.76 14.76 117.89
C ALA TE 264 25.97 14.16 118.61
N ALA TE 265 27.08 14.87 118.57
CA ALA TE 265 28.33 14.37 119.13
C ALA TE 265 29.03 15.49 119.89
N VAL TE 266 29.86 15.09 120.85
CA VAL TE 266 30.66 16.01 121.64
C VAL TE 266 32.00 15.34 121.90
N ALA TE 267 32.98 16.11 122.36
CA ALA TE 267 34.29 15.57 122.70
C ALA TE 267 34.66 16.05 124.10
N LYS TE 268 35.85 15.68 124.54
CA LYS TE 268 36.41 16.16 125.80
C LYS TE 268 37.90 16.44 125.67
N ALA UE 104 -103.25 64.17 5.17
CA ALA UE 104 -103.07 62.79 5.61
C ALA UE 104 -101.62 62.53 5.96
N GLU UE 105 -100.86 63.59 6.22
CA GLU UE 105 -99.44 63.49 6.48
C GLU UE 105 -99.07 63.82 7.93
N VAL UE 106 -100.03 64.27 8.73
CA VAL UE 106 -99.79 64.50 10.15
C VAL UE 106 -99.52 63.18 10.86
N ILE UE 107 -100.03 62.07 10.31
CA ILE UE 107 -99.71 60.74 10.82
C ILE UE 107 -98.23 60.46 10.68
N ASP UE 108 -97.64 60.81 9.53
CA ASP UE 108 -96.20 60.60 9.34
C ASP UE 108 -95.38 61.61 10.11
N LYS UE 109 -95.92 62.82 10.31
CA LYS UE 109 -95.23 63.81 11.14
C LYS UE 109 -95.13 63.36 12.59
N LYS UE 110 -96.24 62.86 13.14
CA LYS UE 110 -96.22 62.29 14.48
C LYS UE 110 -95.37 61.04 14.55
N ALA UE 111 -95.33 60.26 13.47
CA ALA UE 111 -94.44 59.10 13.40
C ALA UE 111 -92.98 59.51 13.50
N PHE UE 112 -92.61 60.58 12.80
CA PHE UE 112 -91.25 61.09 12.89
C PHE UE 112 -90.96 61.61 14.30
N LYS UE 113 -91.97 62.23 14.92
CA LYS UE 113 -91.82 62.73 16.28
C LYS UE 113 -91.56 61.60 17.28
N ASP UE 114 -92.36 60.53 17.23
CA ASP UE 114 -92.19 59.47 18.21
C ASP UE 114 -90.95 58.63 17.92
N MET UE 115 -90.58 58.44 16.63
CA MET UE 115 -89.35 57.73 16.35
C MET UE 115 -88.14 58.54 16.77
N THR UE 116 -88.22 59.87 16.71
CA THR UE 116 -87.16 60.70 17.24
C THR UE 116 -87.05 60.56 18.75
N ARG UE 117 -88.20 60.59 19.44
CA ARG UE 117 -88.17 60.56 20.89
C ARG UE 117 -87.80 59.19 21.45
N ASN UE 118 -87.94 58.10 20.67
CA ASN UE 118 -87.40 56.84 21.15
C ASN UE 118 -86.02 56.53 20.61
N LEU UE 119 -85.63 57.09 19.46
CA LEU UE 119 -84.29 56.86 18.95
C LEU UE 119 -83.25 57.62 19.75
N TYR UE 120 -83.57 58.85 20.14
CA TYR UE 120 -82.69 59.62 21.02
C TYR UE 120 -83.51 60.07 22.23
N PRO UE 121 -83.66 59.19 23.22
CA PRO UE 121 -84.41 59.56 24.42
C PRO UE 121 -83.64 60.47 25.37
N LEU UE 122 -82.32 60.60 25.18
CA LEU UE 122 -81.49 61.36 26.11
C LEU UE 122 -81.14 62.72 25.51
N ASN UE 123 -81.37 63.77 26.28
CA ASN UE 123 -81.11 65.12 25.81
C ASN UE 123 -79.62 65.42 25.82
N PRO UE 124 -79.13 66.25 24.88
CA PRO UE 124 -77.72 66.67 24.92
C PRO UE 124 -77.34 67.44 26.17
N GLU UE 125 -78.27 68.26 26.67
CA GLU UE 125 -78.06 68.97 27.92
C GLU UE 125 -77.95 67.99 29.09
N GLN UE 126 -78.77 66.94 29.06
CA GLN UE 126 -78.67 65.89 30.07
C GLN UE 126 -77.37 65.11 29.95
N VAL UE 127 -76.86 64.97 28.72
CA VAL UE 127 -75.57 64.33 28.48
C VAL UE 127 -74.46 65.12 29.17
N VAL UE 128 -74.46 66.43 28.97
CA VAL UE 128 -73.46 67.29 29.60
C VAL UE 128 -73.63 67.30 31.12
N LYS UE 129 -74.89 67.26 31.59
CA LYS UE 129 -75.17 67.20 33.02
C LYS UE 129 -74.59 65.95 33.65
N LEU UE 130 -74.82 64.79 33.02
CA LEU UE 130 -74.30 63.54 33.58
C LEU UE 130 -72.79 63.44 33.42
N LYS UE 131 -72.23 64.12 32.42
CA LYS UE 131 -70.77 64.17 32.30
C LYS UE 131 -70.15 64.94 33.47
N GLN UE 132 -70.76 66.07 33.83
CA GLN UE 132 -70.30 66.81 35.01
C GLN UE 132 -70.54 66.03 36.29
N ILE UE 133 -71.62 65.25 36.33
CA ILE UE 133 -71.88 64.36 37.47
C ILE UE 133 -70.79 63.32 37.60
N TYR UE 134 -70.37 62.73 36.46
CA TYR UE 134 -69.26 61.79 36.44
C TYR UE 134 -67.99 62.41 36.97
N GLU UE 135 -67.68 63.62 36.48
CA GLU UE 135 -66.46 64.31 36.89
C GLU UE 135 -66.47 64.65 38.37
N THR UE 136 -67.61 65.10 38.88
CA THR UE 136 -67.73 65.43 40.29
C THR UE 136 -67.58 64.20 41.17
N SER UE 137 -68.20 63.08 40.76
CA SER UE 137 -68.11 61.85 41.52
C SER UE 137 -66.69 61.30 41.54
N GLU UE 138 -66.00 61.31 40.39
CA GLU UE 138 -64.64 60.79 40.39
C GLU UE 138 -63.67 61.73 41.07
N TYR UE 139 -63.96 63.03 41.08
CA TYR UE 139 -63.11 63.95 41.83
C TYR UE 139 -63.30 63.75 43.34
N ALA UE 140 -64.53 63.47 43.77
CA ALA UE 140 -64.75 63.10 45.16
C ALA UE 140 -64.09 61.79 45.51
N LYS UE 141 -64.04 60.86 44.56
CA LYS UE 141 -63.36 59.59 44.78
C LYS UE 141 -61.86 59.79 44.94
N ALA UE 142 -61.25 60.53 44.01
CA ALA UE 142 -59.80 60.73 44.06
C ALA UE 142 -59.40 61.72 45.14
N ALA UE 143 -60.34 62.48 45.69
CA ALA UE 143 -60.04 63.38 46.79
C ALA UE 143 -59.72 62.59 48.06
N THR UE 144 -58.77 63.10 48.82
CA THR UE 144 -58.37 62.49 50.08
C THR UE 144 -58.79 63.36 51.24
N PRO UE 145 -59.56 62.85 52.20
CA PRO UE 145 -59.91 63.64 53.37
C PRO UE 145 -58.69 63.94 54.22
N GLY UE 146 -58.69 65.13 54.81
CA GLY UE 146 -57.53 65.64 55.49
C GLY UE 146 -56.53 66.25 54.52
N THR UE 147 -55.49 66.86 55.09
CA THR UE 147 -54.57 67.44 54.13
C THR UE 147 -53.49 66.44 53.76
N PRO UE 148 -53.04 66.47 52.49
CA PRO UE 148 -51.94 65.62 52.09
C PRO UE 148 -50.65 66.02 52.79
N PRO UE 149 -49.71 65.09 52.95
CA PRO UE 149 -48.49 65.40 53.68
C PRO UE 149 -47.56 66.34 52.91
N LYS UE 150 -46.69 67.00 53.64
CA LYS UE 150 -45.78 67.94 53.01
C LYS UE 150 -44.61 67.19 52.38
N PRO UE 151 -44.37 67.35 51.07
CA PRO UE 151 -43.20 66.74 50.44
C PRO UE 151 -41.92 67.48 50.85
N THR UE 152 -40.92 66.72 51.26
CA THR UE 152 -39.68 67.31 51.74
C THR UE 152 -38.55 66.31 51.61
N ALA UE 153 -37.33 66.81 51.79
CA ALA UE 153 -36.12 66.01 51.79
C ALA UE 153 -35.29 66.34 53.03
N THR UE 154 -34.46 65.38 53.44
CA THR UE 154 -33.61 65.57 54.62
C THR UE 154 -32.24 64.94 54.39
N SER UE 155 -31.25 65.49 55.08
CA SER UE 155 -29.89 64.94 55.11
C SER UE 155 -29.47 64.83 56.56
N GLN UE 156 -29.36 63.60 57.05
CA GLN UE 156 -29.15 63.34 58.46
C GLN UE 156 -27.77 62.73 58.69
N PHE UE 157 -27.15 63.12 59.80
CA PHE UE 157 -25.89 62.53 60.24
C PHE UE 157 -26.18 61.40 61.22
N VAL UE 158 -25.90 60.17 60.80
CA VAL UE 158 -26.21 59.00 61.62
C VAL UE 158 -25.19 58.89 62.75
N ASN UE 159 -25.69 58.69 63.96
CA ASN UE 159 -24.85 58.40 65.10
C ASN UE 159 -24.88 56.90 65.35
N LEU UE 160 -23.72 56.26 65.25
CA LEU UE 160 -23.59 54.82 65.43
C LEU UE 160 -23.17 54.47 66.86
N SER UE 161 -23.47 55.34 67.81
CA SER UE 161 -23.08 55.10 69.19
C SER UE 161 -23.94 53.99 69.79
N PRO UE 162 -23.33 53.02 70.49
CA PRO UE 162 -24.13 51.97 71.13
C PRO UE 162 -25.09 52.47 72.20
N GLY UE 163 -24.75 53.57 72.88
CA GLY UE 163 -25.70 54.14 73.82
C GLY UE 163 -26.79 54.98 73.19
N SER UE 164 -26.68 55.29 71.89
CA SER UE 164 -27.59 56.21 71.25
C SER UE 164 -28.86 55.50 70.82
N THR UE 165 -29.69 56.20 70.02
CA THR UE 165 -30.94 55.71 69.48
C THR UE 165 -30.85 55.55 67.96
N PRO UE 166 -31.53 54.56 67.38
CA PRO UE 166 -31.53 54.41 65.92
C PRO UE 166 -32.36 55.46 65.24
N PRO UE 167 -32.06 55.78 63.98
CA PRO UE 167 -32.82 56.80 63.26
C PRO UE 167 -34.23 56.35 62.87
N VAL UE 168 -35.09 57.37 62.76
CA VAL UE 168 -36.53 57.23 62.55
C VAL UE 168 -36.90 58.00 61.29
N ILE UE 169 -37.57 57.34 60.34
CA ILE UE 169 -37.87 57.93 59.04
C ILE UE 169 -39.37 57.94 58.82
N ARG UE 170 -39.93 59.13 58.63
CA ARG UE 170 -41.33 59.27 58.27
C ARG UE 170 -41.57 58.83 56.83
N LEU UE 171 -42.77 58.30 56.58
CA LEU UE 171 -43.13 57.79 55.28
C LEU UE 171 -44.62 58.01 55.05
N SER UE 172 -45.08 57.69 53.84
CA SER UE 172 -46.48 57.75 53.48
C SER UE 172 -46.76 56.74 52.38
N GLN UE 173 -48.01 56.28 52.34
CA GLN UE 173 -48.39 55.20 51.43
C GLN UE 173 -48.38 55.67 49.98
N GLY UE 174 -47.98 54.77 49.09
CA GLY UE 174 -48.07 55.02 47.67
C GLY UE 174 -47.02 55.94 47.11
N PHE UE 175 -45.92 56.14 47.81
CA PHE UE 175 -44.84 56.98 47.31
C PHE UE 175 -43.51 56.31 47.58
N VAL UE 176 -42.55 56.61 46.71
CA VAL UE 176 -41.22 56.00 46.75
C VAL UE 176 -40.23 57.03 47.24
N SER UE 177 -39.44 56.64 48.24
CA SER UE 177 -38.42 57.49 48.83
C SER UE 177 -37.04 56.91 48.53
N SER UE 178 -36.11 57.79 48.22
CA SER UE 178 -34.73 57.41 47.94
C SER UE 178 -33.87 57.74 49.15
N LEU UE 179 -33.15 56.74 49.66
CA LEU UE 179 -32.25 56.92 50.78
C LEU UE 179 -30.84 56.60 50.31
N VAL UE 180 -29.94 57.56 50.43
CA VAL UE 180 -28.55 57.37 50.01
C VAL UE 180 -27.68 57.33 51.26
N PHE UE 181 -26.55 56.64 51.14
CA PHE UE 181 -25.71 56.31 52.30
C PHE UE 181 -24.26 56.60 51.96
N LEU UE 182 -23.74 57.68 52.53
CA LEU UE 182 -22.39 58.15 52.24
C LEU UE 182 -21.63 58.25 53.56
N ASP UE 183 -20.31 58.36 53.47
CA ASP UE 183 -19.49 58.47 54.67
C ASP UE 183 -19.54 59.90 55.20
N SER UE 184 -18.78 60.16 56.27
CA SER UE 184 -18.73 61.50 56.85
C SER UE 184 -18.05 62.50 55.93
N THR UE 185 -17.21 62.04 55.00
CA THR UE 185 -16.74 62.89 53.92
C THR UE 185 -17.77 63.08 52.82
N GLY UE 186 -18.88 62.35 52.86
CA GLY UE 186 -19.89 62.43 51.83
C GLY UE 186 -19.62 61.59 50.60
N ALA UE 187 -18.57 60.78 50.61
CA ALA UE 187 -18.26 59.96 49.45
C ALA UE 187 -19.24 58.77 49.38
N PRO UE 188 -19.66 58.38 48.17
CA PRO UE 188 -20.76 57.40 48.05
C PRO UE 188 -20.39 55.99 48.47
N TRP UE 189 -20.85 55.60 49.65
CA TRP UE 189 -20.59 54.26 50.16
C TRP UE 189 -21.61 53.29 49.57
N PRO UE 190 -21.18 52.25 48.88
CA PRO UE 190 -22.14 51.26 48.36
C PRO UE 190 -22.74 50.42 49.48
N ILE UE 191 -23.70 49.59 49.09
CA ILE UE 191 -24.50 48.81 50.02
C ILE UE 191 -24.31 47.34 49.70
N ALA UE 192 -23.91 46.55 50.72
CA ALA UE 192 -23.65 45.14 50.48
C ALA UE 192 -24.94 44.32 50.50
N ALA UE 193 -25.65 44.32 51.63
CA ALA UE 193 -26.82 43.47 51.76
C ALA UE 193 -27.79 44.08 52.76
N TYR UE 194 -28.97 43.49 52.87
CA TYR UE 194 -29.92 43.97 53.86
C TYR UE 194 -30.82 42.82 54.31
N ASP UE 195 -31.54 43.08 55.39
CA ASP UE 195 -32.58 42.19 55.90
C ASP UE 195 -33.75 43.07 56.31
N LEU UE 196 -34.91 42.78 55.72
CA LEU UE 196 -36.10 43.60 55.89
C LEU UE 196 -37.23 42.75 56.44
N GLY UE 197 -37.90 43.26 57.47
CA GLY UE 197 -39.11 42.65 57.95
C GLY UE 197 -40.33 43.28 57.31
N ASP UE 198 -41.47 42.60 57.46
CA ASP UE 198 -42.78 42.97 56.93
C ASP UE 198 -42.74 43.25 55.42
N PRO UE 199 -42.63 42.22 54.57
CA PRO UE 199 -42.64 42.47 53.12
C PRO UE 199 -43.91 43.11 52.59
N SER UE 200 -45.07 42.82 53.19
CA SER UE 200 -46.32 43.36 52.64
C SER UE 200 -46.57 44.81 53.02
N SER UE 201 -45.72 45.42 53.84
CA SER UE 201 -45.89 46.82 54.18
C SER UE 201 -45.01 47.75 53.39
N PHE UE 202 -43.87 47.30 52.90
CA PHE UE 202 -42.91 48.20 52.27
C PHE UE 202 -42.33 47.55 51.03
N ASN UE 203 -42.76 48.02 49.87
CA ASN UE 203 -42.17 47.63 48.60
C ASN UE 203 -40.78 48.22 48.49
N ILE UE 204 -39.88 47.48 47.85
CA ILE UE 204 -38.47 47.87 47.80
C ILE UE 204 -37.86 47.37 46.50
N GLN UE 205 -37.25 48.27 45.75
CA GLN UE 205 -36.40 47.93 44.62
C GLN UE 205 -34.96 48.22 45.00
N TRP UE 206 -34.08 47.24 44.85
CA TRP UE 206 -32.69 47.40 45.22
C TRP UE 206 -31.79 47.09 44.03
N ASP UE 207 -31.07 48.10 43.56
CA ASP UE 207 -29.99 47.88 42.62
C ASP UE 207 -28.78 47.32 43.37
N LYS UE 208 -28.26 46.21 42.88
CA LYS UE 208 -27.42 45.33 43.70
C LYS UE 208 -26.04 45.92 43.98
N THR UE 209 -25.55 46.81 43.12
CA THR UE 209 -24.23 47.40 43.31
C THR UE 209 -24.29 48.90 43.51
N SER UE 210 -25.46 49.45 43.82
CA SER UE 210 -25.60 50.88 43.97
C SER UE 210 -25.37 51.30 45.43
N ASN UE 211 -25.75 52.54 45.73
CA ASN UE 211 -25.63 53.09 47.06
C ASN UE 211 -26.94 53.67 47.56
N THR UE 212 -27.99 53.65 46.75
CA THR UE 212 -29.25 54.30 47.06
C THR UE 212 -30.36 53.26 47.06
N LEU UE 213 -31.34 53.46 47.93
CA LEU UE 213 -32.47 52.55 48.05
C LEU UE 213 -33.77 53.27 47.69
N MET UE 214 -34.60 52.58 46.91
CA MET UE 214 -35.95 53.05 46.59
C MET UE 214 -36.94 52.23 47.40
N ILE UE 215 -37.70 52.91 48.26
CA ILE UE 215 -38.63 52.25 49.17
C ILE UE 215 -40.03 52.79 48.90
N GLN UE 216 -40.97 51.89 48.61
CA GLN UE 216 -42.37 52.26 48.42
C GLN UE 216 -43.18 51.67 49.57
N ALA UE 217 -44.05 52.48 50.17
CA ALA UE 217 -44.84 52.03 51.30
C ALA UE 217 -46.06 51.29 50.80
N THR UE 218 -46.04 49.96 50.94
CA THR UE 218 -47.15 49.15 50.44
C THR UE 218 -48.38 49.30 51.31
N LYS UE 219 -48.22 49.22 52.63
CA LYS UE 219 -49.34 49.35 53.54
C LYS UE 219 -49.53 50.80 53.97
N LEU UE 220 -50.48 51.02 54.86
CA LEU UE 220 -50.94 52.38 55.17
C LEU UE 220 -50.19 52.98 56.37
N TYR UE 221 -50.31 52.36 57.54
CA TYR UE 221 -49.81 52.97 58.76
C TYR UE 221 -48.91 52.09 59.61
N ASN UE 222 -48.89 50.78 59.40
CA ASN UE 222 -48.09 49.91 60.25
C ASN UE 222 -46.61 50.07 59.93
N TYR UE 223 -45.81 50.16 60.98
CA TYR UE 223 -44.41 50.56 60.85
C TYR UE 223 -43.50 49.33 60.84
N GLY UE 224 -42.27 49.54 60.34
CA GLY UE 224 -41.36 48.44 60.14
C GLY UE 224 -39.93 48.81 60.49
N ASN UE 225 -39.08 47.79 60.48
CA ASN UE 225 -37.66 47.90 60.80
C ASN UE 225 -36.84 47.34 59.66
N LEU UE 226 -35.61 47.82 59.53
CA LEU UE 226 -34.76 47.36 58.44
C LEU UE 226 -33.30 47.41 58.86
N ALA UE 227 -32.57 46.31 58.66
CA ALA UE 227 -31.14 46.28 58.91
C ALA UE 227 -30.40 46.22 57.58
N VAL UE 228 -29.29 46.94 57.49
CA VAL UE 228 -28.49 47.00 56.28
C VAL UE 228 -27.02 46.77 56.64
N ARG UE 229 -26.39 45.80 56.00
CA ARG UE 229 -24.96 45.59 56.11
C ARG UE 229 -24.28 46.29 54.95
N LEU UE 230 -23.32 47.17 55.26
CA LEU UE 230 -22.56 47.89 54.25
C LEU UE 230 -21.32 47.08 53.86
N ARG UE 231 -20.40 47.72 53.14
CA ARG UE 231 -19.32 46.98 52.49
C ARG UE 231 -18.23 46.57 53.48
N GLY UE 232 -17.56 47.55 54.08
CA GLY UE 232 -16.49 47.26 54.99
C GLY UE 232 -16.85 47.27 56.45
N LEU UE 233 -18.10 47.57 56.78
CA LEU UE 233 -18.52 47.71 58.17
C LEU UE 233 -18.79 46.33 58.77
N ASN UE 234 -18.19 46.08 59.93
CA ASN UE 234 -18.48 44.88 60.68
C ASN UE 234 -19.84 44.93 61.36
N THR UE 235 -20.38 46.14 61.56
CA THR UE 235 -21.63 46.32 62.28
C THR UE 235 -22.69 46.87 61.33
N PRO UE 236 -23.85 46.24 61.22
CA PRO UE 236 -24.90 46.76 60.35
C PRO UE 236 -25.62 47.95 60.99
N VAL UE 237 -26.32 48.68 60.13
CA VAL UE 237 -27.08 49.86 60.53
C VAL UE 237 -28.56 49.54 60.43
N MET UE 238 -29.28 49.80 61.50
CA MET UE 238 -30.69 49.45 61.58
C MET UE 238 -31.52 50.71 61.77
N LEU UE 239 -32.61 50.82 61.01
CA LEU UE 239 -33.44 52.01 61.00
C LEU UE 239 -34.91 51.64 61.09
N THR UE 240 -35.71 52.57 61.59
CA THR UE 240 -37.15 52.37 61.69
C THR UE 240 -37.86 53.25 60.67
N LEU UE 241 -38.81 52.66 59.95
CA LEU UE 241 -39.57 53.38 58.93
C LEU UE 241 -41.03 53.36 59.33
N ILE UE 242 -41.61 54.55 59.45
CA ILE UE 242 -42.95 54.71 60.01
C ILE UE 242 -43.80 55.46 59.00
N PRO UE 243 -44.80 54.82 58.38
CA PRO UE 243 -45.64 55.50 57.41
C PRO UE 243 -46.80 56.24 58.07
N GLY UE 244 -47.44 57.08 57.27
CA GLY UE 244 -48.66 57.75 57.70
C GLY UE 244 -48.46 58.95 58.60
N GLN UE 245 -47.85 60.01 58.09
CA GLN UE 245 -47.72 61.25 58.83
C GLN UE 245 -47.89 62.42 57.86
N LYS UE 246 -47.84 63.63 58.41
CA LYS UE 246 -48.02 64.84 57.61
C LYS UE 246 -46.74 65.31 56.92
N ALA UE 247 -45.66 64.54 57.03
CA ALA UE 247 -44.42 64.83 56.32
C ALA UE 247 -43.99 63.58 55.58
N VAL UE 248 -43.77 63.70 54.28
CA VAL UE 248 -43.24 62.62 53.46
C VAL UE 248 -41.81 63.00 53.08
N ASP UE 249 -40.87 62.14 53.46
CA ASP UE 249 -39.46 62.36 53.14
C ASP UE 249 -39.22 61.84 51.73
N TYR UE 250 -39.04 62.76 50.78
CA TYR UE 250 -38.81 62.34 49.41
C TYR UE 250 -37.42 61.74 49.22
N ARG UE 251 -36.40 62.37 49.81
CA ARG UE 251 -35.03 61.89 49.70
C ARG UE 251 -34.31 62.12 51.02
N VAL UE 252 -33.74 61.06 51.58
CA VAL UE 252 -32.94 61.17 52.79
C VAL UE 252 -31.52 60.75 52.46
N ASP UE 253 -30.58 61.65 52.70
CA ASP UE 253 -29.16 61.34 52.63
C ASP UE 253 -28.67 61.02 54.04
N LEU UE 254 -27.73 60.09 54.13
CA LEU UE 254 -27.24 59.62 55.43
C LEU UE 254 -25.72 59.72 55.46
N ARG UE 255 -25.22 60.69 56.24
CA ARG UE 255 -23.79 60.79 56.50
C ARG UE 255 -23.47 59.89 57.69
N VAL UE 256 -22.77 58.79 57.43
CA VAL UE 256 -22.44 57.88 58.53
C VAL UE 256 -21.23 58.43 59.26
N GLN UE 257 -20.95 57.88 60.45
CA GLN UE 257 -19.77 58.32 61.19
C GLN UE 257 -18.49 57.88 60.51
N GLY UE 258 -18.42 56.62 60.07
CA GLY UE 258 -17.21 56.05 59.55
C GLY UE 258 -16.89 56.52 58.15
N TYR UE 259 -15.81 55.93 57.60
CA TYR UE 259 -15.34 56.23 56.27
C TYR UE 259 -15.41 54.98 55.41
N GLY UE 260 -16.00 55.12 54.23
CA GLY UE 260 -16.13 54.01 53.32
C GLY UE 260 -14.89 53.81 52.47
N PRO UE 261 -14.98 52.88 51.51
CA PRO UE 261 -13.86 52.70 50.57
C PRO UE 261 -13.68 53.86 49.61
N ASN UE 262 -14.72 54.67 49.40
CA ASN UE 262 -14.65 55.79 48.49
C ASN UE 262 -14.22 57.08 49.17
N ALA UE 263 -14.05 57.07 50.50
CA ALA UE 263 -13.66 58.28 51.24
C ALA UE 263 -12.18 58.56 50.99
N LYS UE 264 -11.92 59.24 49.87
CA LYS UE 264 -10.55 59.52 49.48
C LYS UE 264 -9.94 60.72 50.19
N SER UE 265 -10.74 61.48 50.94
CA SER UE 265 -10.24 62.63 51.68
C SER UE 265 -10.01 62.21 53.14
N MET UE 266 -8.71 62.12 53.54
CA MET UE 266 -8.42 61.68 54.89
C MET UE 266 -8.15 62.87 55.80
N PRO UE 267 -8.48 62.78 57.08
CA PRO UE 267 -8.15 63.85 58.02
C PRO UE 267 -6.66 63.84 58.34
N THR UE 268 -6.19 64.97 58.87
CA THR UE 268 -4.77 65.18 59.16
C THR UE 268 -4.57 65.24 60.67
N GLU UE 269 -3.70 64.36 61.17
CA GLU UE 269 -3.44 64.21 62.59
C GLU UE 269 -1.96 64.44 62.86
N GLU UE 270 -1.66 65.23 63.88
CA GLU UE 270 -0.29 65.46 64.32
C GLU UE 270 -0.26 65.61 65.82
N GLY UE 271 0.90 65.29 66.41
CA GLY UE 271 1.04 65.31 67.85
C GLY UE 271 2.25 66.08 68.34
N ILE UE 272 2.69 65.77 69.55
CA ILE UE 272 3.84 66.47 70.14
C ILE UE 272 5.11 66.00 69.46
N PRO UE 273 6.03 66.90 69.13
CA PRO UE 273 7.32 66.45 68.60
C PRO UE 273 8.13 65.73 69.66
N PRO UE 274 9.03 64.84 69.27
CA PRO UE 274 9.81 64.08 70.27
C PRO UE 274 10.84 64.96 70.95
N SER UE 275 11.39 64.44 72.04
CA SER UE 275 12.23 65.25 72.92
C SER UE 275 13.66 65.38 72.40
N ALA UE 276 14.39 64.27 72.37
CA ALA UE 276 15.81 64.30 72.05
C ALA UE 276 16.26 62.90 71.68
N ASN UE 277 17.56 62.72 71.52
CA ASN UE 277 18.14 61.41 71.26
C ASN UE 277 18.73 60.85 72.55
N ASP UE 278 18.45 59.57 72.81
CA ASP UE 278 18.98 58.94 74.01
C ASP UE 278 20.47 58.69 73.90
N LEU UE 279 20.97 58.46 72.70
CA LEU UE 279 22.39 58.21 72.51
C LEU UE 279 23.22 59.47 72.64
N LEU UE 280 22.58 60.64 72.66
CA LEU UE 280 23.29 61.90 72.79
C LEU UE 280 23.98 62.00 74.14
N LEU UE 281 23.45 61.34 75.17
CA LEU UE 281 24.13 61.30 76.46
C LEU UE 281 25.42 60.49 76.38
N HIS UE 282 25.39 59.38 75.64
CA HIS UE 282 26.58 58.58 75.42
C HIS UE 282 27.64 59.38 74.68
N VAL UE 283 27.20 60.12 73.66
CA VAL UE 283 28.14 60.97 72.91
C VAL UE 283 28.66 62.09 73.79
N LEU UE 284 27.81 62.60 74.69
CA LEU UE 284 28.22 63.67 75.60
C LEU UE 284 29.31 63.21 76.55
N GLU UE 285 29.16 62.01 77.10
CA GLU UE 285 30.21 61.52 78.00
C GLU UE 285 31.45 61.13 77.23
N GLY UE 286 31.30 60.42 76.12
CA GLY UE 286 32.47 60.04 75.36
C GLY UE 286 32.46 58.63 74.80
N VAL UE 287 31.37 57.90 75.01
CA VAL UE 287 31.23 56.59 74.39
C VAL UE 287 30.52 56.78 73.06
N PRO UE 288 31.10 56.29 71.96
CA PRO UE 288 30.45 56.48 70.66
C PRO UE 288 29.20 55.64 70.56
N PRO UE 289 28.23 56.05 69.75
CA PRO UE 289 27.05 55.22 69.54
C PRO UE 289 27.42 53.99 68.74
N PRO UE 290 26.71 52.87 68.95
CA PRO UE 290 27.09 51.62 68.27
C PRO UE 290 26.83 51.69 66.78
N GLY UE 291 27.73 51.07 66.03
CA GLY UE 291 27.65 51.05 64.58
C GLY UE 291 28.35 52.21 63.91
N SER UE 292 28.65 53.28 64.64
CA SER UE 292 29.35 54.39 64.04
C SER UE 292 30.82 54.07 63.84
N ARG UE 293 31.46 54.86 63.00
CA ARG UE 293 32.88 54.78 62.78
C ARG UE 293 33.49 56.13 63.13
N ARG UE 294 34.78 56.10 63.48
CA ARG UE 294 35.45 57.31 63.91
C ARG UE 294 35.69 58.25 62.75
N LEU UE 295 35.80 59.53 63.07
CA LEU UE 295 36.09 60.57 62.10
C LEU UE 295 37.37 61.29 62.49
N VAL UE 296 38.06 61.83 61.50
CA VAL UE 296 39.31 62.54 61.70
C VAL UE 296 39.02 64.03 61.68
N VAL UE 297 39.42 64.73 62.74
CA VAL UE 297 39.17 66.16 62.87
C VAL UE 297 40.48 66.85 63.15
N SER UE 298 40.52 68.14 62.82
CA SER UE 298 41.69 68.96 63.06
C SER UE 298 41.28 70.41 63.19
N GLY UE 299 42.16 71.20 63.80
CA GLY UE 299 41.93 72.61 63.99
C GLY UE 299 41.54 73.01 65.40
N GLY UE 300 41.50 72.07 66.33
CA GLY UE 300 41.09 72.40 67.68
C GLY UE 300 41.10 71.22 68.63
N ASP UE 301 40.01 71.07 69.37
CA ASP UE 301 39.92 70.03 70.41
C ASP UE 301 38.49 69.50 70.39
N ALA UE 302 38.27 68.42 69.65
CA ALA UE 302 36.93 67.89 69.48
C ALA UE 302 37.01 66.42 69.10
N ARG UE 303 35.88 65.72 69.28
CA ARG UE 303 35.72 64.36 68.80
C ARG UE 303 34.47 64.28 67.94
N ALA UE 304 34.51 63.43 66.92
CA ALA UE 304 33.41 63.34 65.98
C ALA UE 304 33.13 61.89 65.63
N TRP UE 305 31.88 61.63 65.25
CA TRP UE 305 31.46 60.30 64.83
C TRP UE 305 30.37 60.43 63.78
N LEU UE 306 30.22 59.37 62.99
CA LEU UE 306 29.22 59.30 61.94
C LEU UE 306 28.54 57.94 61.99
N SER UE 307 27.25 57.93 62.28
CA SER UE 307 26.49 56.68 62.40
C SER UE 307 25.43 56.56 61.33
N ASN UE 308 24.52 57.52 61.25
CA ASN UE 308 23.35 57.45 60.39
C ASN UE 308 23.30 58.66 59.50
N GLU UE 309 24.42 58.91 58.80
CA GLU UE 309 24.78 60.07 57.97
C GLU UE 309 24.43 61.40 58.63
N LYS UE 310 24.55 61.44 59.95
CA LYS UE 310 24.46 62.66 60.73
C LYS UE 310 25.68 62.72 61.61
N MET UE 311 26.36 63.86 61.62
CA MET UE 311 27.55 64.01 62.43
C MET UE 311 27.17 64.16 63.89
N TYR UE 312 27.97 63.56 64.75
CA TYR UE 312 27.90 63.76 66.18
C TYR UE 312 29.23 64.35 66.61
N VAL UE 313 29.20 65.44 67.36
CA VAL UE 313 30.44 66.14 67.70
C VAL UE 313 30.40 66.56 69.17
N ARG UE 314 31.46 66.22 69.90
CA ARG UE 314 31.60 66.57 71.31
C ARG UE 314 32.86 67.43 71.48
N THR UE 315 32.70 68.60 72.10
CA THR UE 315 33.83 69.48 72.38
C THR UE 315 33.46 70.44 73.50
N ASN UE 316 34.47 71.14 74.01
CA ASN UE 316 34.26 72.18 75.01
C ASN UE 316 34.29 73.57 74.39
N LEU UE 317 33.80 73.70 73.17
CA LEU UE 317 33.80 74.94 72.42
C LEU UE 317 32.36 75.35 72.13
N THR UE 318 32.21 76.37 71.29
CA THR UE 318 30.90 76.88 70.89
C THR UE 318 30.88 77.01 69.38
N ILE UE 319 30.06 76.19 68.73
CA ILE UE 319 30.07 76.15 67.27
C ILE UE 319 29.15 77.22 66.71
N LEU UE 320 29.41 77.61 65.46
CA LEU UE 320 28.58 78.67 64.90
C LEU UE 320 28.02 78.40 63.51
N SER UE 321 28.79 77.76 62.63
CA SER UE 321 28.50 77.91 61.20
C SER UE 321 27.27 77.17 60.67
N PRO UE 322 27.21 75.84 60.65
CA PRO UE 322 26.26 75.19 59.73
C PRO UE 322 24.89 74.90 60.32
N GLY UE 323 24.57 75.33 61.53
CA GLY UE 323 23.33 74.98 62.17
C GLY UE 323 23.34 73.54 62.68
N TRP UE 324 22.31 73.21 63.46
CA TRP UE 324 22.20 71.88 64.03
C TRP UE 324 20.76 71.63 64.44
N LEU UE 325 20.53 70.45 65.01
CA LEU UE 325 19.20 70.01 65.39
C LEU UE 325 19.04 69.74 66.86
N ALA UE 326 20.04 69.11 67.49
CA ALA UE 326 19.93 68.78 68.90
C ALA UE 326 21.27 68.97 69.58
N SER UE 327 21.24 69.51 70.78
CA SER UE 327 22.44 69.85 71.51
C SER UE 327 22.25 69.55 72.99
N MET UE 328 23.35 69.20 73.65
CA MET UE 328 23.36 68.96 75.08
C MET UE 328 24.60 69.62 75.69
N THR UE 329 24.47 69.96 76.96
CA THR UE 329 25.56 70.58 77.71
C THR UE 329 25.76 69.83 79.02
N SER UE 330 27.01 69.52 79.32
CA SER UE 330 27.36 68.68 80.45
C SER UE 330 27.52 69.51 81.72
N ALA UE 331 27.91 68.83 82.79
CA ALA UE 331 28.15 69.51 84.06
C ALA UE 331 29.44 70.33 84.01
N ASP UE 332 30.47 69.81 83.36
CA ASP UE 332 31.77 70.48 83.35
C ASP UE 332 31.80 71.67 82.40
N GLY UE 333 30.87 71.76 81.47
CA GLY UE 333 30.90 72.79 80.46
C GLY UE 333 31.15 72.29 79.05
N THR UE 334 31.32 70.99 78.85
CA THR UE 334 31.42 70.47 77.50
C THR UE 334 30.04 70.43 76.85
N HIS UE 335 30.04 70.29 75.54
CA HIS UE 335 28.84 70.29 74.73
C HIS UE 335 28.91 69.17 73.73
N ALA UE 336 27.73 68.71 73.32
CA ALA UE 336 27.58 67.72 72.27
C ALA UE 336 26.48 68.18 71.32
N TYR UE 337 26.67 67.88 70.04
CA TYR UE 337 25.72 68.27 69.01
C TYR UE 337 25.50 67.10 68.06
N GLU UE 338 24.29 67.03 67.52
CA GLU UE 338 23.98 66.18 66.39
C GLU UE 338 23.49 67.05 65.25
N MET UE 339 24.12 66.92 64.08
CA MET UE 339 23.79 67.82 62.99
C MET UE 339 24.08 67.11 61.67
N GLN UE 340 24.02 67.87 60.58
CA GLN UE 340 24.23 67.33 59.25
C GLN UE 340 25.70 67.07 59.00
N LYS UE 341 26.00 66.60 57.80
CA LYS UE 341 27.35 66.24 57.42
C LYS UE 341 28.02 67.45 56.75
N SER UE 342 29.15 67.87 57.30
CA SER UE 342 29.92 68.96 56.75
C SER UE 342 31.37 68.78 57.12
N PRO UE 343 32.31 69.06 56.22
CA PRO UE 343 33.73 68.99 56.56
C PRO UE 343 34.27 70.25 57.23
N VAL UE 344 33.43 71.24 57.47
CA VAL UE 344 33.87 72.57 57.86
C VAL UE 344 33.00 73.06 59.01
N LEU UE 345 33.63 73.60 60.04
CA LEU UE 345 32.92 74.19 61.17
C LEU UE 345 33.52 75.55 61.50
N LEU UE 346 32.76 76.39 62.20
CA LEU UE 346 33.28 77.64 62.72
C LEU UE 346 32.97 77.73 64.21
N VAL UE 347 33.98 78.07 65.00
CA VAL UE 347 33.80 78.31 66.42
C VAL UE 347 34.36 79.68 66.78
N SER UE 348 34.01 80.14 67.97
CA SER UE 348 34.69 81.23 68.64
C SER UE 348 35.42 80.63 69.83
N TRP UE 349 36.75 80.54 69.72
CA TRP UE 349 37.51 79.84 70.74
C TRP UE 349 37.67 80.71 71.99
N HIS UE 350 38.32 81.85 71.85
CA HIS UE 350 38.40 82.82 72.93
C HIS UE 350 38.17 84.21 72.35
N GLY UE 351 37.09 84.35 71.58
CA GLY UE 351 36.84 85.56 70.84
C GLY UE 351 37.42 85.57 69.46
N LYS UE 352 38.16 84.54 69.08
CA LYS UE 352 38.73 84.43 67.74
C LYS UE 352 37.91 83.45 66.92
N VAL UE 353 37.55 83.87 65.72
CA VAL UE 353 36.82 83.00 64.81
C VAL UE 353 37.78 81.96 64.25
N MET UE 354 37.41 80.69 64.36
CA MET UE 354 38.25 79.58 63.97
C MET UE 354 37.50 78.67 63.03
N GLN UE 355 38.18 78.21 62.00
CA GLN UE 355 37.68 77.20 61.08
C GLN UE 355 38.17 75.83 61.49
N LEU UE 356 37.31 74.83 61.29
CA LEU UE 356 37.60 73.44 61.66
C LEU UE 356 37.44 72.58 60.44
N LYS UE 357 38.50 71.85 60.09
CA LYS UE 357 38.51 70.96 58.95
C LYS UE 357 38.29 69.53 59.42
N VAL UE 358 37.25 68.88 58.90
CA VAL UE 358 36.92 67.51 59.24
C VAL UE 358 37.08 66.66 58.00
N GLU UE 359 37.98 65.68 58.07
CA GLU UE 359 38.30 64.85 56.93
C GLU UE 359 37.54 63.53 57.00
N GLY UE 360 37.57 62.80 55.90
CA GLY UE 360 37.02 61.46 55.85
C GLY UE 360 35.54 61.36 55.58
N LEU UE 361 34.84 62.48 55.42
CA LEU UE 361 33.41 62.42 55.17
C LEU UE 361 33.12 61.97 53.75
N VAL VE 38 57.83 26.86 77.99
CA VAL VE 38 58.73 26.95 79.14
C VAL VE 38 59.87 28.00 79.00
N PRO VE 39 60.55 28.14 77.84
CA PRO VE 39 61.45 29.31 77.70
C PRO VE 39 60.73 30.64 77.75
N LYS VE 40 59.50 30.70 77.25
CA LYS VE 40 58.70 31.89 77.45
C LYS VE 40 58.28 32.02 78.90
N LEU VE 41 58.09 30.89 79.59
CA LEU VE 41 57.73 30.93 80.99
C LEU VE 41 58.91 31.40 81.84
N PRO VE 42 58.64 32.00 83.01
CA PRO VE 42 59.74 32.39 83.89
C PRO VE 42 60.50 31.20 84.45
N CYS VE 43 61.77 31.06 84.04
CA CYS VE 43 62.55 29.90 84.44
C CYS VE 43 62.93 29.97 85.91
N ARG VE 44 63.30 31.14 86.40
CA ARG VE 44 63.61 31.34 87.81
C ARG VE 44 62.99 32.66 88.24
N VAL VE 45 63.18 33.01 89.51
CA VAL VE 45 62.72 34.31 89.97
C VAL VE 45 63.70 35.39 89.50
N ASP VE 46 63.27 36.64 89.60
CA ASP VE 46 64.04 37.77 89.10
C ASP VE 46 65.24 38.04 89.99
N GLY VE 47 66.43 38.03 89.38
CA GLY VE 47 67.66 38.28 90.12
C GLY VE 47 67.98 37.23 91.16
N ALA VE 48 67.67 35.98 90.88
CA ALA VE 48 67.88 34.89 91.83
C ALA VE 48 69.20 34.22 91.52
N CYS VE 49 70.13 34.27 92.48
CA CYS VE 49 71.42 33.63 92.33
C CYS VE 49 71.92 33.27 93.72
N ASP VE 50 71.92 31.97 94.00
CA ASP VE 50 72.26 31.49 95.33
C ASP VE 50 73.73 31.69 95.64
N ALA VE 51 74.56 31.78 94.60
CA ALA VE 51 75.95 32.21 94.76
C ALA VE 51 76.01 33.60 95.34
N THR VE 52 75.20 34.52 94.81
CA THR VE 52 75.14 35.86 95.37
C THR VE 52 74.56 35.85 96.78
N ILE VE 53 73.62 34.93 97.05
CA ILE VE 53 73.03 34.82 98.37
C ILE VE 53 74.07 34.46 99.41
N ILE VE 54 74.84 33.40 99.13
CA ILE VE 54 75.85 32.97 100.09
C ILE VE 54 76.99 33.97 100.13
N LYS VE 55 77.23 34.69 99.03
CA LYS VE 55 78.25 35.73 99.01
C LYS VE 55 77.91 36.85 99.98
N MET VE 56 76.69 37.36 99.91
CA MET VE 56 76.34 38.48 100.76
C MET VE 56 76.16 38.05 102.21
N MET VE 57 75.68 36.82 102.45
CA MET VE 57 75.57 36.41 103.85
C MET VE 57 76.94 36.11 104.44
N THR VE 58 77.89 35.63 103.62
CA THR VE 58 79.24 35.41 104.11
C THR VE 58 79.93 36.74 104.41
N ASP VE 59 79.69 37.74 103.55
CA ASP VE 59 80.24 39.07 103.79
C ASP VE 59 79.67 39.68 105.07
N LEU VE 60 78.37 39.50 105.31
CA LEU VE 60 77.78 40.06 106.52
C LEU VE 60 78.27 39.35 107.78
N ASN VE 61 78.43 38.03 107.71
CA ASN VE 61 78.90 37.31 108.89
C ASN VE 61 80.35 37.61 109.20
N LYS VE 62 81.20 37.70 108.17
CA LYS VE 62 82.59 38.07 108.44
C LYS VE 62 82.74 39.56 108.69
N LYS VE 63 81.73 40.36 108.36
CA LYS VE 63 81.74 41.75 108.78
C LYS VE 63 81.41 41.88 110.26
N GLY VE 64 80.46 41.10 110.74
CA GLY VE 64 80.19 41.07 112.17
C GLY VE 64 78.73 41.20 112.53
N ILE VE 65 77.93 41.74 111.62
CA ILE VE 65 76.49 41.76 111.80
C ILE VE 65 75.97 40.33 111.73
N LYS VE 66 75.18 39.93 112.74
CA LYS VE 66 74.81 38.53 112.84
C LYS VE 66 73.66 38.20 111.90
N VAL VE 67 73.80 37.11 111.15
CA VAL VE 67 72.73 36.60 110.31
C VAL VE 67 72.66 35.09 110.55
N ALA VE 68 71.49 34.60 110.92
CA ALA VE 68 71.29 33.20 111.26
C ALA VE 68 70.09 32.66 110.51
N SER VE 69 70.21 31.41 110.08
CA SER VE 69 69.17 30.74 109.32
C SER VE 69 68.96 29.35 109.87
N VAL VE 70 67.71 29.01 110.17
CA VAL VE 70 67.35 27.66 110.55
C VAL VE 70 65.91 27.38 110.12
N GLY VE 71 65.74 26.33 109.33
CA GLY VE 71 64.43 26.04 108.76
C GLY VE 71 64.05 27.11 107.76
N GLN VE 72 62.82 27.59 107.89
CA GLN VE 72 62.37 28.75 107.11
C GLN VE 72 62.54 30.06 107.86
N ASN VE 73 63.00 30.03 109.10
CA ASN VE 73 63.02 31.21 109.93
C ASN VE 73 64.39 31.85 109.90
N TYR VE 74 64.43 33.15 109.62
CA TYR VE 74 65.66 33.87 109.37
C TYR VE 74 65.72 35.08 110.28
N LEU VE 75 66.86 35.24 110.97
CA LEU VE 75 67.08 36.33 111.90
C LEU VE 75 68.33 37.09 111.53
N ILE VE 76 68.26 38.42 111.57
CA ILE VE 76 69.44 39.25 111.38
C ILE VE 76 69.50 40.27 112.51
N SER VE 77 70.62 40.31 113.22
CA SER VE 77 70.82 41.19 114.36
C SER VE 77 71.96 42.16 114.09
N ILE VE 78 71.76 43.41 114.50
CA ILE VE 78 72.78 44.46 114.35
C ILE VE 78 72.98 45.18 115.67
N PRO VE 79 74.22 45.56 115.99
CA PRO VE 79 74.46 46.41 117.15
C PRO VE 79 74.26 47.88 116.81
N ALA VE 80 73.78 48.63 117.81
CA ALA VE 80 73.42 50.02 117.60
C ALA VE 80 74.61 50.92 117.41
N SER VE 81 75.82 50.47 117.79
CA SER VE 81 77.01 51.29 117.65
C SER VE 81 77.37 51.54 116.20
N ALA VE 82 76.96 50.66 115.29
CA ALA VE 82 77.12 50.89 113.87
C ALA VE 82 75.92 51.59 113.26
N LEU VE 83 75.01 52.09 114.07
CA LEU VE 83 73.78 52.65 113.54
C LEU VE 83 73.46 54.05 114.04
N PHE VE 84 73.73 54.34 115.30
CA PHE VE 84 73.32 55.61 115.89
C PHE VE 84 74.49 56.22 116.64
N ALA VE 85 74.20 57.30 117.35
CA ALA VE 85 75.09 57.85 118.34
C ALA VE 85 74.56 57.46 119.72
N ASP VE 86 75.17 58.01 120.76
CA ASP VE 86 74.88 57.61 122.14
C ASP VE 86 73.50 58.09 122.54
N GLN VE 87 72.60 57.13 122.81
CA GLN VE 87 71.27 57.37 123.38
C GLN VE 87 70.42 58.27 122.49
N SER VE 88 70.60 58.15 121.17
CA SER VE 88 70.03 59.10 120.25
C SER VE 88 69.40 58.37 119.07
N PRO VE 89 68.16 58.67 118.73
CA PRO VE 89 67.52 58.06 117.56
C PRO VE 89 67.80 58.85 116.28
N ARG VE 90 69.08 58.97 115.95
CA ARG VE 90 69.50 59.66 114.75
C ARG VE 90 70.41 58.74 113.93
N LEU VE 91 70.42 58.97 112.62
CA LEU VE 91 71.12 58.10 111.70
C LEU VE 91 72.37 58.81 111.20
N ASN VE 92 73.48 58.09 111.17
CA ASN VE 92 74.71 58.60 110.60
C ASN VE 92 74.77 58.23 109.12
N TRP VE 93 75.45 59.07 108.35
CA TRP VE 93 75.39 58.99 106.90
C TRP VE 93 76.06 57.74 106.35
N ALA VE 94 77.01 57.16 107.06
CA ALA VE 94 77.66 55.95 106.59
C ALA VE 94 76.77 54.72 106.71
N SER VE 95 75.73 54.79 107.54
CA SER VE 95 74.92 53.62 107.83
C SER VE 95 74.03 53.21 106.65
N TYR VE 96 73.84 54.10 105.69
CA TYR VE 96 72.98 53.77 104.56
C TYR VE 96 73.61 52.75 103.63
N SER VE 97 74.93 52.61 103.65
CA SER VE 97 75.57 51.52 102.92
C SER VE 97 75.15 50.17 103.48
N LEU VE 98 75.17 50.04 104.81
CA LEU VE 98 74.75 48.80 105.46
C LEU VE 98 73.25 48.59 105.28
N LEU VE 99 72.48 49.68 105.29
CA LEU VE 99 71.04 49.58 105.03
C LEU VE 99 70.78 49.06 103.61
N ASN VE 100 71.55 49.54 102.64
CA ASN VE 100 71.40 49.07 101.26
C ASN VE 100 71.79 47.61 101.13
N GLU VE 101 72.85 47.19 101.82
CA GLU VE 101 73.23 45.77 101.79
C GLU VE 101 72.16 44.90 102.43
N ILE VE 102 71.58 45.36 103.54
CA ILE VE 102 70.51 44.60 104.20
C ILE VE 102 69.28 44.53 103.31
N ALA VE 103 68.94 45.63 102.65
CA ALA VE 103 67.79 45.63 101.74
C ALA VE 103 68.02 44.74 100.55
N ALA VE 104 69.25 44.72 100.01
CA ALA VE 104 69.58 43.85 98.90
C ALA VE 104 69.51 42.38 99.31
N PHE VE 105 69.88 42.08 100.55
CA PHE VE 105 69.75 40.71 101.02
C PHE VE 105 68.29 40.31 101.17
N LEU VE 106 67.49 41.16 101.84
CA LEU VE 106 66.13 40.77 102.16
C LEU VE 106 65.21 40.85 100.96
N LYS VE 107 65.57 41.59 99.93
CA LYS VE 107 64.74 41.60 98.73
C LYS VE 107 64.96 40.37 97.87
N GLN VE 108 65.97 39.55 98.18
CA GLN VE 108 66.30 38.43 97.33
C GLN VE 108 65.25 37.33 97.41
N PHE VE 109 64.64 37.17 98.57
CA PHE VE 109 63.68 36.08 98.75
C PHE VE 109 62.26 36.54 98.49
N ARG VE 110 61.31 35.64 98.70
CA ARG VE 110 59.89 35.93 98.59
C ARG VE 110 59.24 35.64 99.93
N LYS VE 111 58.57 36.64 100.49
CA LYS VE 111 58.09 36.55 101.85
C LYS VE 111 56.83 37.39 102.02
N ILE VE 112 56.24 37.30 103.20
CA ILE VE 112 54.97 37.98 103.45
C ILE VE 112 55.13 39.02 104.55
N ALA VE 113 55.61 38.58 105.71
CA ALA VE 113 55.65 39.39 106.91
C ALA VE 113 57.07 39.54 107.43
N ILE VE 114 57.41 40.76 107.84
CA ILE VE 114 58.69 41.08 108.45
C ILE VE 114 58.40 41.61 109.84
N THR VE 115 59.17 41.16 110.83
CA THR VE 115 59.06 41.69 112.18
C THR VE 115 60.41 42.23 112.60
N VAL VE 116 60.44 43.49 113.02
CA VAL VE 116 61.65 44.09 113.55
C VAL VE 116 61.41 44.49 114.99
N THR VE 117 62.48 44.48 115.77
CA THR VE 117 62.38 44.74 117.19
C THR VE 117 63.65 45.44 117.65
N SER VE 118 63.50 46.23 118.71
CA SER VE 118 64.58 47.07 119.18
C SER VE 118 64.80 46.89 120.67
N TYR VE 119 66.07 46.86 121.08
CA TYR VE 119 66.47 46.56 122.44
C TYR VE 119 67.51 47.57 122.89
N SER VE 120 67.39 48.02 124.13
CA SER VE 120 68.21 49.10 124.65
C SER VE 120 68.92 48.66 125.91
N SER VE 121 69.85 49.49 126.35
CA SER VE 121 70.44 49.36 127.67
C SER VE 121 69.56 50.06 128.70
N LYS VE 122 69.90 49.87 129.96
CA LYS VE 122 69.21 50.56 131.06
C LYS VE 122 69.92 51.89 131.27
N TYR VE 123 69.26 52.98 130.89
CA TYR VE 123 69.89 54.29 130.92
C TYR VE 123 69.26 55.24 131.94
N VAL VE 124 67.97 55.53 131.84
CA VAL VE 124 67.37 56.47 132.77
C VAL VE 124 66.12 55.90 133.42
N SER VE 125 65.19 55.40 132.60
CA SER VE 125 63.85 55.13 133.06
C SER VE 125 63.32 53.94 132.26
N VAL VE 126 62.00 53.81 132.20
CA VAL VE 126 61.36 52.87 131.30
C VAL VE 126 60.81 53.59 130.07
N LYS VE 127 60.20 54.76 130.29
CA LYS VE 127 59.49 55.48 129.24
C LYS VE 127 60.44 55.93 128.14
N ARG VE 128 61.57 56.52 128.54
CA ARG VE 128 62.53 57.06 127.59
C ARG VE 128 63.13 55.97 126.72
N GLU VE 129 63.49 54.84 127.32
CA GLU VE 129 64.10 53.75 126.57
C GLU VE 129 63.08 53.07 125.66
N ARG VE 130 61.84 52.92 126.14
CA ARG VE 130 60.80 52.34 125.30
C ARG VE 130 60.51 53.22 124.09
N ALA VE 131 60.46 54.53 124.30
CA ALA VE 131 60.19 55.43 123.19
C ALA VE 131 61.36 55.48 122.22
N LEU VE 132 62.60 55.38 122.73
CA LEU VE 132 63.76 55.36 121.84
C LEU VE 132 63.76 54.14 120.96
N THR VE 133 63.46 52.97 121.54
CA THR VE 133 63.38 51.74 120.77
C THR VE 133 62.27 51.80 119.74
N LEU VE 134 61.12 52.37 120.12
CA LEU VE 134 59.99 52.51 119.20
C LEU VE 134 60.35 53.42 118.03
N ALA VE 135 61.04 54.52 118.30
CA ALA VE 135 61.39 55.47 117.24
C ALA VE 135 62.42 54.89 116.30
N ARG VE 136 63.39 54.14 116.84
CA ARG VE 136 64.40 53.51 115.99
C ARG VE 136 63.77 52.48 115.07
N SER VE 137 62.85 51.67 115.62
CA SER VE 137 62.12 50.70 114.80
C SER VE 137 61.29 51.41 113.73
N ARG VE 138 60.69 52.53 114.10
CA ARG VE 138 59.87 53.31 113.18
C ARG VE 138 60.69 53.81 111.99
N VAL VE 139 61.87 54.37 112.27
CA VAL VE 139 62.63 55.00 111.20
C VAL VE 139 63.26 53.93 110.30
N VAL VE 140 63.70 52.81 110.88
CA VAL VE 140 64.28 51.78 110.02
C VAL VE 140 63.21 51.10 109.18
N SER VE 141 61.99 50.96 109.73
CA SER VE 141 60.89 50.39 108.96
C SER VE 141 60.48 51.31 107.83
N GLU VE 142 60.47 52.62 108.08
CA GLU VE 142 60.10 53.58 107.05
C GLU VE 142 61.10 53.59 105.92
N TYR VE 143 62.40 53.54 106.25
CA TYR VE 143 63.40 53.50 105.18
C TYR VE 143 63.32 52.20 104.40
N LEU VE 144 63.01 51.09 105.09
CA LEU VE 144 62.93 49.82 104.38
C LEU VE 144 61.74 49.79 103.43
N TRP VE 145 60.59 50.31 103.86
CA TRP VE 145 59.43 50.40 102.98
C TRP VE 145 59.67 51.36 101.83
N SER VE 146 60.43 52.43 102.08
CA SER VE 146 60.80 53.34 101.01
C SER VE 146 61.67 52.66 99.98
N GLN VE 147 62.57 51.80 100.43
CA GLN VE 147 63.33 51.03 99.47
C GLN VE 147 62.47 49.88 98.92
N GLY VE 148 63.02 49.19 97.93
CA GLY VE 148 62.27 48.18 97.23
C GLY VE 148 62.15 46.87 97.97
N VAL VE 149 61.35 46.86 99.04
CA VAL VE 149 61.11 45.64 99.79
C VAL VE 149 59.99 44.85 99.13
N ASP VE 150 60.22 43.58 98.90
CA ASP VE 150 59.16 42.71 98.39
C ASP VE 150 58.49 41.97 99.55
N SER VE 151 57.88 42.74 100.44
CA SER VE 151 57.09 42.18 101.52
C SER VE 151 55.85 43.03 101.68
N ARG VE 152 54.87 42.45 102.36
CA ARG VE 152 53.54 43.05 102.46
C ARG VE 152 53.19 43.52 103.84
N ILE VE 153 53.76 42.91 104.89
CA ILE VE 153 53.49 43.32 106.26
C ILE VE 153 54.80 43.70 106.91
N ILE VE 154 54.84 44.87 107.55
CA ILE VE 154 55.97 45.27 108.38
C ILE VE 154 55.43 45.45 109.79
N PHE VE 155 56.08 44.84 110.75
CA PHE VE 155 55.76 44.99 112.15
C PHE VE 155 56.95 45.58 112.87
N THR VE 156 56.71 46.63 113.66
CA THR VE 156 57.75 47.21 114.50
C THR VE 156 57.40 46.95 115.95
N GLN VE 157 58.39 46.58 116.76
CA GLN VE 157 58.19 46.58 118.20
C GLN VE 157 59.49 46.90 118.91
N GLY VE 158 59.41 47.84 119.84
CA GLY VE 158 60.54 48.20 120.66
C GLY VE 158 60.26 47.83 122.10
N LEU VE 159 61.30 47.40 122.81
CA LEU VE 159 61.14 46.99 124.18
C LEU VE 159 61.96 47.82 125.14
N GLY VE 160 63.26 47.99 124.86
CA GLY VE 160 64.12 48.67 125.79
C GLY VE 160 65.12 47.73 126.44
N SER VE 161 65.13 47.70 127.77
CA SER VE 161 66.07 46.88 128.51
C SER VE 161 65.32 45.86 129.35
N ASP VE 162 64.39 45.16 128.71
CA ASP VE 162 63.53 44.20 129.39
C ASP VE 162 63.70 42.77 128.91
N LYS VE 163 64.39 42.55 127.79
CA LYS VE 163 64.77 41.21 127.36
C LYS VE 163 66.27 41.22 127.04
N PRO VE 164 67.11 41.21 128.07
CA PRO VE 164 68.56 41.24 127.83
C PRO VE 164 69.06 39.88 127.36
N ILE VE 165 70.27 39.89 126.81
CA ILE VE 165 70.95 38.68 126.37
C ILE VE 165 72.17 38.42 127.22
N THR VE 166 73.11 39.35 127.24
CA THR VE 166 74.32 39.21 128.04
C THR VE 166 74.10 39.90 129.38
N SER VE 167 74.31 39.16 130.47
CA SER VE 167 74.15 39.74 131.79
C SER VE 167 75.25 40.74 132.12
N TYR VE 168 76.40 40.63 131.45
CA TYR VE 168 77.45 41.64 131.54
C TYR VE 168 76.93 42.94 130.94
N THR VE 169 76.73 43.95 131.78
CA THR VE 169 76.05 45.20 131.39
C THR VE 169 76.89 46.40 131.76
N LEU VE 170 78.17 46.38 131.39
CA LEU VE 170 79.06 47.49 131.75
C LEU VE 170 78.85 48.69 130.84
N GLY VE 171 78.87 48.47 129.53
CA GLY VE 171 78.82 49.57 128.59
C GLY VE 171 77.43 50.16 128.45
N GLY VE 172 77.35 51.26 127.70
CA GLY VE 172 76.07 51.89 127.43
C GLY VE 172 75.51 51.44 126.10
N ASP VE 173 75.55 52.31 125.09
CA ASP VE 173 75.25 51.91 123.73
C ASP VE 173 76.40 51.12 123.10
N ARG VE 174 77.57 51.12 123.72
CA ARG VE 174 78.66 50.25 123.31
C ARG VE 174 78.43 48.79 123.70
N SER VE 175 77.44 48.52 124.55
CA SER VE 175 77.15 47.14 124.93
C SER VE 175 76.59 46.35 123.75
N PRO VE 176 76.91 45.06 123.65
CA PRO VE 176 76.33 44.25 122.58
C PRO VE 176 74.85 43.97 122.77
N ASN VE 177 74.32 44.13 123.99
CA ASN VE 177 72.91 43.85 124.21
C ASN VE 177 72.01 44.88 123.53
N ALA VE 178 72.45 46.13 123.46
CA ALA VE 178 71.69 47.16 122.77
C ALA VE 178 71.75 46.88 121.27
N ARG VE 179 70.60 46.59 120.68
CA ARG VE 179 70.60 45.94 119.38
C ARG VE 179 69.28 46.16 118.68
N VAL VE 180 69.25 45.74 117.41
CA VAL VE 180 68.03 45.74 116.63
C VAL VE 180 68.02 44.46 115.79
N GLU VE 181 66.88 43.76 115.81
CA GLU VE 181 66.75 42.48 115.14
C GLU VE 181 65.62 42.52 114.12
N ILE VE 182 65.84 41.85 112.99
CA ILE VE 182 64.81 41.61 111.99
C ILE VE 182 64.62 40.11 111.88
N THR VE 183 63.41 39.71 111.50
CA THR VE 183 63.06 38.31 111.43
C THR VE 183 61.95 38.10 110.42
N PHE VE 184 61.98 36.94 109.77
CA PHE VE 184 60.88 36.54 108.91
C PHE VE 184 60.87 35.03 108.73
N ARG VE 185 59.83 34.55 108.06
CA ARG VE 185 59.75 33.18 107.57
C ARG VE 185 59.72 33.21 106.05
N ARG VE 186 60.59 32.42 105.42
CA ARG VE 186 60.59 32.29 103.97
C ARG VE 186 59.33 31.56 103.52
N ALA VE 187 58.69 32.07 102.48
CA ALA VE 187 57.41 31.56 102.01
C ALA VE 187 57.62 30.81 100.71
N VAL VE 188 57.58 29.48 100.79
CA VAL VE 188 57.58 28.56 99.65
C VAL VE 188 58.77 28.74 98.71
N CYS WE 42 86.14 67.19 107.97
CA CYS WE 42 86.14 68.37 107.11
C CYS WE 42 84.73 68.94 106.97
N PHE WE 43 83.88 68.23 106.23
CA PHE WE 43 82.51 68.67 105.97
C PHE WE 43 81.56 67.52 106.17
N HIS WE 44 80.37 67.81 106.72
CA HIS WE 44 79.37 66.78 106.93
C HIS WE 44 78.18 66.98 106.01
N PRO WE 45 77.75 65.91 105.34
CA PRO WE 45 76.51 65.95 104.55
C PRO WE 45 75.27 66.34 105.34
N PRO WE 46 75.06 65.87 106.63
CA PRO WE 46 73.77 66.33 107.20
C PRO WE 46 73.82 67.77 107.74
N TYR WE 47 73.75 68.70 106.79
CA TYR WE 47 73.74 70.15 107.00
C TYR WE 47 74.96 70.66 107.78
N ASN WE 48 76.06 69.88 107.72
CA ASN WE 48 77.28 70.10 108.49
C ASN WE 48 77.02 70.22 109.98
N ASN WE 49 75.98 69.51 110.46
CA ASN WE 49 75.57 69.46 111.87
C ASN WE 49 75.31 70.85 112.45
N PHE WE 50 74.73 71.73 111.62
CA PHE WE 50 74.33 73.09 111.98
C PHE WE 50 75.50 73.92 112.50
N GLN WE 51 76.57 73.96 111.73
CA GLN WE 51 77.67 74.84 112.05
C GLN WE 51 78.06 75.62 110.80
N PRO WE 52 78.38 76.90 110.93
CA PRO WE 52 78.97 77.63 109.80
C PRO WE 52 80.29 77.01 109.37
N ASP WE 53 80.50 76.96 108.05
CA ASP WE 53 81.57 76.15 107.49
C ASP WE 53 82.89 76.90 107.49
N ARG WE 54 83.98 76.12 107.41
CA ARG WE 54 85.32 76.63 107.17
C ARG WE 54 85.81 76.00 105.87
N ARG WE 55 85.43 76.60 104.75
CA ARG WE 55 85.66 76.03 103.43
C ARG WE 55 86.80 76.69 102.68
N ALA WE 56 86.92 78.02 102.80
CA ALA WE 56 87.96 78.75 102.08
C ALA WE 56 89.35 78.40 102.57
N VAL WE 57 89.47 78.04 103.85
CA VAL WE 57 90.74 77.55 104.37
C VAL WE 57 91.14 76.24 103.71
N LYS WE 58 90.15 75.35 103.50
CA LYS WE 58 90.41 74.11 102.78
C LYS WE 58 90.77 74.37 101.33
N ARG WE 59 90.11 75.37 100.72
CA ARG WE 59 90.40 75.72 99.33
C ARG WE 59 91.82 76.26 99.18
N VAL WE 60 92.25 77.14 100.08
CA VAL WE 60 93.61 77.67 99.94
C VAL WE 60 94.64 76.62 100.35
N GLY WE 61 94.27 75.68 101.22
CA GLY WE 61 95.17 74.58 101.53
C GLY WE 61 95.39 73.65 100.35
N VAL WE 62 94.31 73.29 99.66
CA VAL WE 62 94.48 72.44 98.47
C VAL WE 62 95.01 73.22 97.28
N ASP WE 63 94.95 74.55 97.31
CA ASP WE 63 95.64 75.33 96.30
C ASP WE 63 97.15 75.35 96.56
N THR WE 64 97.56 75.45 97.83
CA THR WE 64 98.97 75.36 98.15
C THR WE 64 99.51 73.96 97.91
N GLY WE 65 98.69 72.93 98.10
CA GLY WE 65 99.10 71.57 97.82
C GLY WE 65 99.32 71.29 96.35
N GLY WE 88 100.75 79.06 96.25
CA GLY WE 88 99.46 79.12 95.60
C GLY WE 88 98.43 79.95 96.36
N GLY WE 89 98.95 80.81 97.25
CA GLY WE 89 98.07 81.58 98.12
C GLY WE 89 97.24 82.61 97.37
N THR WE 90 97.84 83.27 96.38
CA THR WE 90 97.13 84.32 95.65
C THR WE 90 96.04 83.73 94.75
N VAL WE 91 96.35 82.65 94.05
CA VAL WE 91 95.36 82.00 93.19
C VAL WE 91 94.25 81.38 94.05
N GLY WE 92 94.61 80.83 95.22
CA GLY WE 92 93.60 80.36 96.15
C GLY WE 92 92.70 81.47 96.67
N LEU WE 93 93.27 82.64 96.93
CA LEU WE 93 92.49 83.78 97.41
C LEU WE 93 91.53 84.29 96.33
N VAL WE 94 92.01 84.41 95.09
CA VAL WE 94 91.14 84.92 94.04
C VAL WE 94 90.06 83.90 93.68
N ALA WE 95 90.38 82.60 93.78
CA ALA WE 95 89.36 81.57 93.57
C ALA WE 95 88.33 81.60 94.68
N SER WE 96 88.77 81.85 95.92
CA SER WE 96 87.86 81.95 97.05
C SER WE 96 86.92 83.15 96.91
N ILE WE 97 87.45 84.30 96.50
CA ILE WE 97 86.58 85.46 96.37
C ILE WE 97 85.64 85.30 95.16
N TYR WE 98 86.08 84.60 94.11
CA TYR WE 98 85.18 84.37 92.98
C TYR WE 98 84.08 83.38 93.34
N ARG WE 99 84.39 82.39 94.16
CA ARG WE 99 83.36 81.46 94.60
C ARG WE 99 82.48 82.04 95.69
N ASP WE 100 82.94 83.07 96.38
CA ASP WE 100 82.10 83.77 97.35
C ASP WE 100 81.39 84.97 96.75
N SER WE 101 81.62 85.25 95.47
CA SER WE 101 80.86 86.29 94.79
C SER WE 101 79.38 85.91 94.70
N LYS WE 102 78.54 86.93 94.81
CA LYS WE 102 77.09 86.72 94.83
C LYS WE 102 76.58 86.16 93.51
N ARG WE 103 77.11 86.67 92.39
CA ARG WE 103 76.63 86.29 91.07
C ARG WE 103 76.92 84.82 90.77
N LYS WE 104 78.05 84.31 91.25
CA LYS WE 104 78.34 82.88 91.12
C LYS WE 104 77.34 82.04 91.90
N ILE WE 105 76.96 82.50 93.09
CA ILE WE 105 76.00 81.79 93.91
C ILE WE 105 74.63 81.78 93.23
N ILE WE 106 74.23 82.90 92.64
CA ILE WE 106 72.95 82.96 91.95
C ILE WE 106 72.98 82.10 90.69
N ARG WE 107 74.12 82.07 89.99
CA ARG WE 107 74.25 81.20 88.82
C ARG WE 107 74.17 79.74 89.20
N ASP WE 108 74.77 79.36 90.33
CA ASP WE 108 74.66 77.98 90.79
C ASP WE 108 73.24 77.66 91.26
N LEU WE 109 72.56 78.65 91.83
CA LEU WE 109 71.18 78.44 92.26
C LEU WE 109 70.26 78.22 91.06
N GLN WE 110 70.47 78.97 89.99
CA GLN WE 110 69.69 78.73 88.79
C GLN WE 110 70.17 77.51 88.03
N LYS WE 111 71.40 77.05 88.28
CA LYS WE 111 71.80 75.74 87.78
C LYS WE 111 71.04 74.65 88.50
N GLN WE 112 70.77 74.85 89.79
CA GLN WE 112 69.77 74.06 90.47
C GLN WE 112 68.38 74.51 90.04
N ASP WE 113 67.36 73.81 90.50
CA ASP WE 113 66.01 74.09 90.01
C ASP WE 113 65.30 75.11 90.88
N ILE WE 114 65.97 76.23 91.16
CA ILE WE 114 65.48 77.25 92.06
C ILE WE 114 65.45 78.57 91.30
N GLN WE 115 64.39 79.35 91.48
CA GLN WE 115 64.23 80.58 90.71
C GLN WE 115 64.42 81.80 91.60
N TYR WE 116 65.21 82.75 91.12
CA TYR WE 116 65.50 83.99 91.82
C TYR WE 116 64.97 85.17 91.03
N VAL WE 117 64.25 86.07 91.70
CA VAL WE 117 63.63 87.22 91.06
C VAL WE 117 63.96 88.46 91.89
N GLU WE 118 64.56 89.46 91.25
CA GLU WE 118 64.81 90.75 91.88
C GLU WE 118 64.29 91.86 90.98
N TYR WE 119 63.44 92.71 91.54
CA TYR WE 119 62.91 93.86 90.81
C TYR WE 119 62.52 94.91 91.83
N GLY WE 120 63.17 96.07 91.77
CA GLY WE 120 62.94 97.02 92.84
C GLY WE 120 63.70 96.61 94.09
N ASP WE 121 63.16 97.00 95.24
CA ASP WE 121 63.80 96.71 96.51
C ASP WE 121 63.43 95.37 97.08
N THR WE 122 62.56 94.62 96.41
CA THR WE 122 62.02 93.38 96.94
C THR WE 122 62.62 92.20 96.19
N ARG WE 123 63.02 91.16 96.92
CA ARG WE 123 63.57 89.99 96.28
C ARG WE 123 62.78 88.74 96.67
N THR WE 124 62.70 87.80 95.73
CA THR WE 124 61.87 86.62 95.89
C THR WE 124 62.61 85.38 95.40
N LEU WE 125 62.33 84.27 96.07
CA LEU WE 125 62.89 82.96 95.80
C LEU WE 125 61.76 81.96 95.62
N ILE WE 126 61.89 81.07 94.63
CA ILE WE 126 60.86 80.10 94.30
C ILE WE 126 61.47 78.72 94.35
N ILE WE 127 60.85 77.83 95.16
CA ILE WE 127 61.32 76.48 95.40
C ILE WE 127 60.27 75.46 94.95
N PRO WE 128 60.64 74.39 94.26
CA PRO WE 128 59.66 73.37 93.87
C PRO WE 128 59.46 72.29 94.92
N THR WE 129 58.20 72.15 95.33
CA THR WE 129 57.85 71.34 96.49
C THR WE 129 58.04 69.85 96.22
N ASP WE 130 57.61 69.40 95.05
CA ASP WE 130 57.70 67.97 94.74
C ASP WE 130 59.15 67.53 94.57
N LYS WE 131 59.97 68.39 93.97
CA LYS WE 131 61.37 68.01 93.81
C LYS WE 131 62.18 68.20 95.08
N TYR WE 132 61.70 69.00 96.04
CA TYR WE 132 62.49 69.27 97.23
C TYR WE 132 61.90 68.68 98.50
N PHE WE 133 60.83 67.91 98.40
CA PHE WE 133 60.23 67.31 99.58
C PHE WE 133 59.87 65.86 99.27
N MET WE 134 59.64 65.09 100.33
CA MET WE 134 58.93 63.84 100.15
C MET WE 134 57.48 64.15 99.81
N PHE WE 135 56.90 63.30 98.97
CA PHE WE 135 55.60 63.60 98.38
C PHE WE 135 54.48 63.45 99.40
N SER WE 136 53.54 64.40 99.35
CA SER WE 136 52.26 64.38 100.06
C SER WE 136 52.44 64.34 101.57
N SER WE 137 53.52 64.95 102.06
CA SER WE 137 53.86 64.91 103.46
C SER WE 137 54.79 66.05 103.76
N PRO WE 138 54.78 66.59 104.98
CA PRO WE 138 55.74 67.65 105.34
C PRO WE 138 57.15 67.15 105.60
N ARG WE 139 57.46 65.89 105.31
CA ARG WE 139 58.84 65.43 105.34
C ARG WE 139 59.60 66.10 104.20
N LEU WE 140 60.76 66.63 104.53
CA LEU WE 140 61.56 67.39 103.57
C LEU WE 140 62.69 66.51 103.05
N ASN WE 141 62.79 66.39 101.73
CA ASN WE 141 63.85 65.61 101.12
C ASN WE 141 65.19 66.33 101.25
N GLU WE 142 66.20 65.58 101.66
CA GLU WE 142 67.52 66.14 101.92
C GLU WE 142 68.57 65.68 100.90
N ILE WE 143 68.15 65.08 99.79
CA ILE WE 143 69.09 64.73 98.75
C ILE WE 143 69.65 65.99 98.10
N CYS WE 144 68.81 67.02 97.96
CA CYS WE 144 69.20 68.28 97.35
C CYS WE 144 69.72 69.28 98.37
N TYR WE 145 70.39 68.78 99.41
CA TYR WE 145 70.97 69.66 100.43
C TYR WE 145 71.99 70.72 99.97
N PRO WE 146 72.79 70.58 98.89
CA PRO WE 146 73.66 71.72 98.52
C PRO WE 146 72.90 72.97 98.14
N GLY WE 147 71.71 72.82 97.53
CA GLY WE 147 70.87 73.97 97.27
C GLY WE 147 70.44 74.66 98.54
N LEU WE 148 70.07 73.89 99.57
CA LEU WE 148 69.66 74.46 100.84
C LEU WE 148 70.82 75.17 101.53
N ASN WE 149 72.01 74.56 101.47
CA ASN WE 149 73.19 75.16 102.06
C ASN WE 149 73.55 76.49 101.39
N ASN WE 150 73.47 76.52 100.06
CA ASN WE 150 73.72 77.77 99.35
C ASN WE 150 72.61 78.79 99.59
N VAL WE 151 71.39 78.32 99.85
CA VAL WE 151 70.29 79.22 100.21
C VAL WE 151 70.58 79.90 101.54
N ILE WE 152 71.09 79.15 102.51
CA ILE WE 152 71.47 79.73 103.80
C ILE WE 152 72.64 80.69 103.63
N ARG WE 153 73.59 80.34 102.76
CA ARG WE 153 74.72 81.22 102.48
C ARG WE 153 74.26 82.53 101.85
N LEU WE 154 73.27 82.46 100.94
CA LEU WE 154 72.73 83.68 100.35
C LEU WE 154 71.97 84.51 101.37
N LEU WE 155 71.13 83.86 102.16
CA LEU WE 155 70.31 84.60 103.11
C LEU WE 155 71.11 85.12 104.30
N ASN WE 156 72.36 84.69 104.46
CA ASN WE 156 73.22 85.33 105.43
C ASN WE 156 73.56 86.77 105.05
N PHE WE 157 73.48 87.13 103.77
CA PHE WE 157 73.93 88.45 103.31
C PHE WE 157 73.00 89.58 103.67
N TYR WE 158 71.76 89.30 104.07
CA TYR WE 158 70.72 90.32 104.25
C TYR WE 158 70.20 90.24 105.68
N PRO WE 159 70.97 90.68 106.65
CA PRO WE 159 70.66 90.35 108.04
C PRO WE 159 69.72 91.31 108.71
N GLN WE 160 69.01 92.15 107.95
CA GLN WE 160 68.18 93.18 108.56
C GLN WE 160 66.69 92.96 108.35
N SER WE 161 66.24 92.85 107.10
CA SER WE 161 64.82 92.85 106.83
C SER WE 161 64.17 91.54 107.24
N THR WE 162 62.88 91.61 107.55
CA THR WE 162 62.09 90.43 107.85
C THR WE 162 61.84 89.64 106.56
N ILE WE 163 61.60 88.34 106.72
CA ILE WE 163 61.37 87.46 105.59
C ILE WE 163 59.98 86.87 105.70
N TYR WE 164 59.19 87.03 104.65
CA TYR WE 164 57.89 86.37 104.58
C TYR WE 164 58.01 85.15 103.68
N VAL WE 165 57.38 84.05 104.08
CA VAL WE 165 57.39 82.84 103.28
C VAL WE 165 55.97 82.32 103.17
N ALA WE 166 55.62 81.81 102.00
CA ALA WE 166 54.28 81.33 101.72
C ALA WE 166 54.35 80.08 100.87
N GLY WE 167 53.29 79.29 100.93
CA GLY WE 167 53.23 78.02 100.24
C GLY WE 167 52.04 77.98 99.29
N PHE WE 168 52.21 77.25 98.19
CA PHE WE 168 51.15 77.11 97.20
C PHE WE 168 51.04 75.68 96.74
N THR WE 169 49.80 75.24 96.49
CA THR WE 169 49.53 73.94 95.90
C THR WE 169 48.48 74.10 94.82
N ASP WE 170 48.06 72.98 94.24
CA ASP WE 170 47.12 72.98 93.15
C ASP WE 170 45.69 72.87 93.67
N ASN WE 171 44.74 72.59 92.78
CA ASN WE 171 43.32 72.74 93.04
C ASN WE 171 42.60 71.42 93.26
N VAL WE 172 43.32 70.33 93.50
CA VAL WE 172 42.76 69.00 93.44
C VAL WE 172 42.63 68.44 94.85
N GLY WE 173 41.40 68.15 95.25
CA GLY WE 173 41.12 67.60 96.56
C GLY WE 173 40.30 68.51 97.44
N SER WE 174 40.29 68.24 98.74
CA SER WE 174 39.63 69.12 99.69
C SER WE 174 40.43 70.41 99.86
N ARG WE 175 39.71 71.54 99.88
CA ARG WE 175 40.34 72.83 100.10
C ARG WE 175 40.94 72.90 101.50
N SER WE 176 40.26 72.29 102.48
CA SER WE 176 40.81 72.18 103.82
C SER WE 176 42.10 71.38 103.82
N HIS WE 177 42.14 70.30 103.03
CA HIS WE 177 43.35 69.49 102.92
C HIS WE 177 44.49 70.29 102.29
N LYS WE 178 44.18 71.08 101.25
CA LYS WE 178 45.20 71.92 100.62
C LYS WE 178 45.74 72.94 101.61
N ARG WE 179 44.84 73.55 102.39
CA ARG WE 179 45.23 74.52 103.39
C ARG WE 179 46.14 73.91 104.44
N LYS WE 180 45.79 72.71 104.92
CA LYS WE 180 46.61 72.07 105.94
C LYS WE 180 47.95 71.63 105.38
N LEU WE 181 47.99 71.15 104.14
CA LEU WE 181 49.25 70.75 103.53
C LEU WE 181 50.18 71.93 103.34
N SER WE 182 49.62 73.05 102.86
CA SER WE 182 50.42 74.26 102.68
C SER WE 182 50.89 74.80 104.02
N GLN WE 183 50.06 74.69 105.05
CA GLN WE 183 50.45 75.15 106.38
C GLN WE 183 51.56 74.27 106.95
N ALA WE 184 51.50 72.96 106.69
CA ALA WE 184 52.56 72.07 107.15
C ALA WE 184 53.87 72.38 106.46
N GLN WE 185 53.82 72.61 105.14
CA GLN WE 185 55.02 72.99 104.40
C GLN WE 185 55.58 74.32 104.90
N ALA WE 186 54.68 75.26 105.22
CA ALA WE 186 55.09 76.55 105.75
C ALA WE 186 55.77 76.41 107.10
N GLU WE 187 55.22 75.57 107.97
CA GLU WE 187 55.82 75.35 109.29
C GLU WE 187 57.19 74.73 109.18
N THR WE 188 57.34 73.75 108.29
CA THR WE 188 58.63 73.09 108.12
C THR WE 188 59.68 74.04 107.57
N MET WE 189 59.31 74.85 106.58
CA MET WE 189 60.26 75.82 106.05
C MET WE 189 60.58 76.90 107.08
N MET WE 190 59.59 77.27 107.89
CA MET WE 190 59.77 78.27 108.93
C MET WE 190 60.78 77.80 109.95
N THR WE 191 60.64 76.56 110.42
CA THR WE 191 61.56 76.10 111.44
C THR WE 191 62.93 75.77 110.86
N PHE WE 192 63.01 75.39 109.58
CA PHE WE 192 64.31 75.16 108.99
C PHE WE 192 65.07 76.46 108.81
N LEU WE 193 64.36 77.53 108.45
CA LEU WE 193 65.02 78.82 108.36
C LEU WE 193 65.36 79.36 109.73
N TRP WE 194 64.54 79.05 110.73
CA TRP WE 194 64.82 79.51 112.09
C TRP WE 194 66.05 78.82 112.67
N ALA WE 195 66.21 77.54 112.37
CA ALA WE 195 67.26 76.76 113.01
C ALA WE 195 68.65 77.09 112.54
N ASN WE 196 68.80 77.87 111.48
CA ASN WE 196 70.12 78.21 110.98
C ASN WE 196 70.74 79.41 111.69
N GLY WE 197 70.04 80.01 112.64
CA GLY WE 197 70.61 81.08 113.44
C GLY WE 197 69.89 82.40 113.37
N ILE WE 198 68.96 82.60 112.45
CA ILE WE 198 68.23 83.86 112.37
C ILE WE 198 67.22 83.92 113.49
N ALA WE 199 67.02 85.12 114.04
CA ALA WE 199 66.14 85.31 115.17
C ALA WE 199 64.68 85.06 114.79
N ALA WE 200 63.91 84.62 115.78
CA ALA WE 200 62.56 84.12 115.53
C ALA WE 200 61.58 85.22 115.14
N LYS WE 201 61.82 86.46 115.55
CA LYS WE 201 60.88 87.51 115.22
C LYS WE 201 61.17 88.15 113.87
N ARG WE 202 62.05 87.57 113.08
CA ARG WE 202 62.30 88.05 111.74
C ARG WE 202 61.56 87.24 110.68
N LEU WE 203 60.65 86.38 111.08
CA LEU WE 203 60.02 85.43 110.18
C LEU WE 203 58.52 85.44 110.30
N LYS WE 204 57.84 85.19 109.19
CA LYS WE 204 56.39 85.01 109.15
C LYS WE 204 56.07 84.07 107.99
N ALA WE 205 55.20 83.09 108.27
CA ALA WE 205 54.90 82.04 107.31
C ALA WE 205 53.40 81.94 107.10
N GLU WE 206 53.01 81.66 105.86
CA GLU WE 206 51.63 81.44 105.50
C GLU WE 206 51.54 80.43 104.37
N GLY WE 207 50.53 79.58 104.42
CA GLY WE 207 50.34 78.61 103.37
C GLY WE 207 48.96 78.68 102.76
N TYR WE 208 48.89 79.03 101.49
CA TYR WE 208 47.62 79.12 100.79
C TYR WE 208 47.48 77.93 99.85
N GLY WE 209 46.26 77.73 99.38
CA GLY WE 209 46.00 76.60 98.52
C GLY WE 209 46.13 77.02 97.08
N ASP WE 210 45.00 77.23 96.42
CA ASP WE 210 44.99 77.66 95.04
C ASP WE 210 44.28 79.00 94.92
N LYS WE 211 44.60 79.93 95.81
CA LYS WE 211 43.94 81.24 95.78
C LYS WE 211 44.45 82.06 94.60
N ASN WE 212 45.75 82.31 94.54
CA ASN WE 212 46.35 83.09 93.47
C ASN WE 212 47.35 82.19 92.76
N ALA WE 213 46.84 81.42 91.81
CA ALA WE 213 47.70 80.59 90.98
C ALA WE 213 48.31 81.42 89.87
N ILE WE 214 49.59 81.20 89.62
CA ILE WE 214 50.28 81.86 88.53
C ILE WE 214 50.37 80.95 87.31
N SER WE 215 49.47 79.97 87.23
CA SER WE 215 49.49 79.00 86.14
C SER WE 215 48.09 78.41 86.00
N ASP WE 216 47.94 77.51 85.04
CA ASP WE 216 46.66 76.85 84.79
C ASP WE 216 46.67 75.44 85.35
N ASN WE 217 45.57 75.08 86.03
CA ASN WE 217 45.45 73.73 86.57
C ASN WE 217 45.21 72.70 85.48
N ALA WE 218 44.45 73.07 84.44
CA ALA WE 218 44.05 72.10 83.43
C ALA WE 218 45.23 71.65 82.58
N ILE WE 219 46.16 72.52 82.33
CA ILE WE 219 47.36 72.11 81.61
C ILE WE 219 48.33 71.51 82.62
N ILE WE 220 49.10 70.54 82.14
CA ILE WE 220 49.81 69.64 83.05
C ILE WE 220 51.08 70.29 83.56
N HIS WE 221 51.86 70.88 82.66
CA HIS WE 221 53.09 71.53 83.07
C HIS WE 221 52.82 72.75 83.93
N GLY WE 222 51.74 73.48 83.61
CA GLY WE 222 51.32 74.58 84.48
C GLY WE 222 50.83 74.09 85.82
N SER WE 223 50.14 72.94 85.85
CA SER WE 223 49.73 72.35 87.11
C SER WE 223 50.94 71.94 87.94
N ALA WE 224 52.00 71.48 87.28
CA ALA WE 224 53.26 71.21 87.97
C ALA WE 224 53.89 72.50 88.48
N GLN WE 225 53.82 73.57 87.69
CA GLN WE 225 54.46 74.82 88.05
C GLN WE 225 53.71 75.57 89.14
N ASN WE 226 52.44 75.25 89.35
CA ASN WE 226 51.63 76.02 90.29
C ASN WE 226 52.08 75.81 91.73
N ARG WE 227 52.26 74.55 92.14
CA ARG WE 227 52.62 74.26 93.52
C ARG WE 227 54.07 74.64 93.77
N ARG WE 228 54.31 75.43 94.81
CA ARG WE 228 55.60 76.08 94.96
C ARG WE 228 55.78 76.59 96.38
N ILE WE 229 56.99 77.09 96.65
CA ILE WE 229 57.31 77.81 97.88
C ILE WE 229 57.83 79.18 97.48
N GLU WE 230 57.16 80.23 97.99
CA GLU WE 230 57.48 81.62 97.71
C GLU WE 230 58.18 82.23 98.92
N ILE WE 231 59.29 82.91 98.67
CA ILE WE 231 60.02 83.63 99.70
C ILE WE 231 60.16 85.07 99.25
N GLN WE 232 59.68 86.02 100.06
CA GLN WE 232 59.84 87.42 99.76
C GLN WE 232 60.57 88.10 100.92
N TRP WE 233 61.44 89.06 100.59
CA TRP WE 233 61.97 89.93 101.62
C TRP WE 233 62.33 91.30 101.05
N PHE WE 234 62.23 92.29 101.94
CA PHE WE 234 62.51 93.70 101.67
C PHE WE 234 63.98 93.98 101.93
N THR WE 235 64.33 95.26 102.00
CA THR WE 235 65.66 95.66 102.44
C THR WE 235 65.64 96.45 103.73
N SER WE 236 64.84 97.50 103.81
CA SER WE 236 64.75 98.32 105.01
C SER WE 236 63.34 98.31 105.59
N LEU XE 113 53.26 101.73 152.12
CA LEU XE 113 54.60 101.41 151.63
C LEU XE 113 54.59 101.02 150.17
N ASN XE 114 55.66 101.34 149.46
CA ASN XE 114 55.73 101.11 148.02
C ASN XE 114 57.04 100.42 147.62
N ARG XE 115 58.09 100.60 148.41
CA ARG XE 115 59.39 100.02 148.09
C ARG XE 115 60.05 99.50 149.35
N PHE XE 116 60.57 98.27 149.30
CA PHE XE 116 61.23 97.70 150.45
C PHE XE 116 62.47 96.93 150.02
N ARG XE 117 63.52 97.03 150.82
CA ARG XE 117 64.73 96.25 150.65
C ARG XE 117 65.04 95.55 151.96
N TYR XE 118 65.67 94.38 151.88
CA TYR XE 118 66.14 93.75 153.11
C TYR XE 118 67.42 92.97 152.85
N GLU XE 119 68.33 93.08 153.82
CA GLU XE 119 69.45 92.17 153.98
C GLU XE 119 69.56 91.81 155.46
N GLY XE 120 70.09 90.63 155.74
CA GLY XE 120 70.46 90.30 157.10
C GLY XE 120 69.53 89.42 157.92
N ALA XE 121 69.06 88.31 157.32
CA ALA XE 121 68.51 87.15 158.01
C ALA XE 121 67.26 87.50 158.84
N GLY XE 122 66.18 87.83 158.13
CA GLY XE 122 64.99 88.32 158.77
C GLY XE 122 63.77 87.51 158.39
N VAL XE 123 62.71 87.67 159.19
CA VAL XE 123 61.41 87.07 158.94
C VAL XE 123 60.38 88.18 158.96
N VAL XE 124 59.67 88.37 157.85
CA VAL XE 124 58.62 89.37 157.74
C VAL XE 124 57.34 88.66 157.29
N THR XE 125 56.27 88.85 158.05
CA THR XE 125 54.97 88.30 157.71
C THR XE 125 53.96 89.44 157.59
N GLY XE 126 53.28 89.51 156.46
CA GLY XE 126 52.25 90.51 156.25
C GLY XE 126 50.97 89.85 155.81
N ASN XE 127 49.85 90.36 156.31
CA ASN XE 127 48.57 89.73 156.09
C ASN XE 127 47.58 90.74 155.54
N ASN XE 128 47.01 90.42 154.37
CA ASN XE 128 45.93 91.16 153.72
C ASN XE 128 46.32 92.61 153.43
N LEU XE 129 47.33 92.76 152.59
CA LEU XE 129 47.66 94.04 151.99
C LEU XE 129 46.99 94.13 150.63
N ARG XE 130 46.62 95.35 150.25
CA ARG XE 130 45.96 95.60 148.96
C ARG XE 130 46.57 96.86 148.36
N THR XE 131 47.33 96.70 147.27
CA THR XE 131 47.85 97.85 146.56
C THR XE 131 47.98 97.50 145.09
N SER XE 132 48.11 98.54 144.27
CA SER XE 132 48.28 98.33 142.84
C SER XE 132 49.69 97.87 142.52
N TYR XE 133 50.69 98.40 143.21
CA TYR XE 133 52.06 98.19 142.80
C TYR XE 133 52.99 98.43 143.97
N LEU XE 134 53.99 97.56 144.13
CA LEU XE 134 55.11 97.80 145.02
C LEU XE 134 56.33 97.06 144.48
N ASP XE 135 57.45 97.20 145.19
CA ASP XE 135 58.68 96.52 144.82
C ASP XE 135 59.37 95.98 146.06
N LEU XE 136 59.92 94.78 145.94
CA LEU XE 136 60.73 94.16 146.97
C LEU XE 136 62.12 93.88 146.43
N TYR XE 137 63.12 93.97 147.31
CA TYR XE 137 64.49 93.65 146.97
C TYR XE 137 65.08 92.86 148.14
N LEU XE 138 65.07 91.55 148.00
CA LEU XE 138 65.46 90.66 149.10
C LEU XE 138 66.88 90.17 148.90
N ALA XE 139 67.58 90.00 150.02
CA ALA XE 139 68.89 89.34 150.01
C ALA XE 139 69.14 88.72 151.37
N ASN XE 140 69.80 87.55 151.34
CA ASN XE 140 70.34 86.83 152.50
C ASN XE 140 69.23 86.49 153.51
N GLU XE 141 68.33 85.62 153.05
CA GLU XE 141 67.32 84.95 153.86
C GLU XE 141 66.33 85.94 154.49
N GLY XE 142 65.55 86.57 153.62
CA GLY XE 142 64.34 87.21 154.07
C GLY XE 142 63.16 86.26 153.93
N THR XE 143 62.80 85.58 155.00
CA THR XE 143 61.63 84.70 155.00
C THR XE 143 60.39 85.59 154.99
N THR XE 144 59.79 85.74 153.83
CA THR XE 144 58.64 86.61 153.65
C THR XE 144 57.40 85.76 153.47
N ARG XE 145 56.41 85.98 154.31
CA ARG XE 145 55.12 85.32 154.19
C ARG XE 145 54.06 86.38 153.94
N LEU XE 146 53.20 86.13 152.97
CA LEU XE 146 52.13 87.07 152.62
C LEU XE 146 50.79 86.35 152.65
N ALA XE 147 49.76 87.07 153.11
CA ALA XE 147 48.41 86.54 153.22
C ALA XE 147 47.41 87.50 152.57
N GLY XE 148 47.73 87.94 151.36
CA GLY XE 148 46.84 88.80 150.61
C GLY XE 148 47.26 88.89 149.16
N ASN XE 149 46.34 89.35 148.32
CA ASN XE 149 46.60 89.51 146.89
C ASN XE 149 47.10 90.92 146.61
N ILE XE 150 48.33 91.03 146.16
CA ILE XE 150 48.99 92.31 145.91
C ILE XE 150 49.52 92.29 144.49
N GLY XE 151 49.08 93.26 143.68
CA GLY XE 151 49.69 93.44 142.38
C GLY XE 151 51.01 94.17 142.53
N LEU XE 152 51.99 93.77 141.70
CA LEU XE 152 53.29 94.43 141.68
C LEU XE 152 53.93 94.20 140.32
N GLN XE 153 54.63 95.22 139.83
CA GLN XE 153 55.22 95.19 138.51
C GLN XE 153 56.71 94.84 138.52
N LYS XE 154 57.33 94.81 139.69
CA LYS XE 154 58.75 94.51 139.76
C LYS XE 154 59.08 93.86 141.09
N LEU XE 155 60.05 92.95 141.06
CA LEU XE 155 60.60 92.35 142.26
C LEU XE 155 62.02 91.92 141.93
N GLU XE 156 62.86 91.88 142.96
CA GLU XE 156 64.24 91.42 142.81
C GLU XE 156 64.65 90.65 144.05
N ALA XE 157 65.16 89.45 143.83
CA ALA XE 157 65.78 88.65 144.88
C ALA XE 157 67.21 88.36 144.44
N VAL XE 158 68.17 88.66 145.32
CA VAL XE 158 69.57 88.45 144.96
C VAL XE 158 69.90 86.97 144.98
N GLY XE 159 69.78 86.33 146.14
CA GLY XE 159 70.06 84.92 146.25
C GLY XE 159 70.19 84.51 147.69
N ASN XE 160 70.33 83.18 147.86
CA ASN XE 160 70.51 82.52 149.15
C ASN XE 160 69.37 82.85 150.12
N GLY XE 161 68.16 82.48 149.70
CA GLY XE 161 66.99 82.67 150.51
C GLY XE 161 65.88 81.78 150.00
N VAL XE 162 64.84 81.66 150.81
CA VAL XE 162 63.65 80.89 150.48
C VAL XE 162 62.44 81.80 150.60
N THR XE 163 61.59 81.78 149.59
CA THR XE 163 60.46 82.69 149.56
C THR XE 163 59.26 82.02 148.90
N GLN XE 164 58.15 81.95 149.62
CA GLN XE 164 56.87 81.52 149.08
C GLN XE 164 55.89 82.66 149.21
N ILE XE 165 55.29 83.07 148.09
CA ILE XE 165 54.33 84.17 148.08
C ILE XE 165 52.99 83.64 147.60
N ASN XE 166 51.95 83.89 148.38
CA ASN XE 166 50.63 83.31 148.16
C ASN XE 166 49.73 84.33 147.49
N GLY XE 167 49.87 84.45 146.18
CA GLY XE 167 48.94 85.23 145.39
C GLY XE 167 49.46 86.62 145.04
N VAL XE 168 50.00 86.76 143.84
CA VAL XE 168 50.38 88.06 143.28
C VAL XE 168 49.91 88.06 141.84
N SER XE 169 49.06 89.01 141.48
CA SER XE 169 48.53 89.10 140.13
C SER XE 169 48.59 90.55 139.70
N SER XE 170 49.40 90.83 138.69
CA SER XE 170 49.52 92.16 138.13
C SER XE 170 49.60 92.08 136.62
N ARG XE 171 49.38 93.22 135.99
CA ARG XE 171 49.36 93.28 134.53
C ARG XE 171 50.75 93.16 133.92
N ASN XE 172 51.80 93.29 134.71
CA ASN XE 172 53.16 93.12 134.20
C ASN XE 172 54.06 92.74 135.37
N LEU XE 173 55.21 92.17 135.04
CA LEU XE 173 56.22 91.79 136.02
C LEU XE 173 57.55 91.63 135.29
N GLN XE 174 58.64 91.76 136.04
CA GLN XE 174 59.97 91.38 135.57
C GLN XE 174 60.81 91.05 136.79
N ILE XE 175 61.64 90.02 136.67
CA ILE XE 175 62.43 89.52 137.79
C ILE XE 175 63.68 88.83 137.24
N VAL XE 176 64.83 89.15 137.82
CA VAL XE 176 66.07 88.42 137.54
C VAL XE 176 66.66 87.97 138.87
N LEU XE 177 67.49 86.93 138.80
CA LEU XE 177 68.12 86.34 139.97
C LEU XE 177 69.60 86.18 139.72
N LYS XE 178 70.38 86.28 140.79
CA LYS XE 178 71.83 86.22 140.66
C LYS XE 178 72.49 85.20 141.57
N GLY XE 179 72.04 85.09 142.82
CA GLY XE 179 72.64 84.14 143.74
C GLY XE 179 71.99 82.78 143.62
N ASP XE 180 71.51 82.24 144.74
CA ASP XE 180 70.78 80.96 144.73
C ASP XE 180 69.44 81.14 145.44
N PRO XE 181 68.47 81.77 144.79
CA PRO XE 181 67.17 81.95 145.44
C PRO XE 181 66.20 80.82 145.14
N LYS XE 182 65.45 80.42 146.16
CA LYS XE 182 64.50 79.32 146.06
C LYS XE 182 63.11 79.93 146.26
N VAL XE 183 62.38 80.12 145.17
CA VAL XE 183 61.15 80.90 145.23
C VAL XE 183 59.98 80.10 144.66
N LEU XE 184 58.78 80.47 145.12
CA LEU XE 184 57.56 79.82 144.67
C LEU XE 184 56.41 80.80 144.82
N ILE XE 185 55.77 81.13 143.70
CA ILE XE 185 54.85 82.26 143.62
C ILE XE 185 53.50 81.78 143.11
N SER XE 186 52.44 82.25 143.74
CA SER XE 186 51.08 82.06 143.24
C SER XE 186 50.55 83.36 142.67
N GLY XE 187 49.51 83.24 141.84
CA GLY XE 187 48.79 84.38 141.29
C GLY XE 187 48.65 84.26 139.78
N PHE XE 188 48.30 85.38 139.14
CA PHE XE 188 48.03 85.42 137.70
C PHE XE 188 48.89 86.52 137.08
N VAL XE 189 49.98 86.11 136.42
CA VAL XE 189 51.04 87.02 136.02
C VAL XE 189 51.08 87.11 134.50
N ASN XE 190 51.14 88.35 133.99
CA ASN XE 190 51.39 88.57 132.57
C ASN XE 190 52.89 88.77 132.33
N LEU XE 191 53.64 87.71 132.61
CA LEU XE 191 55.09 87.78 132.57
C LEU XE 191 55.59 87.77 131.13
N ARG XE 192 56.74 88.43 130.92
CA ARG XE 192 57.29 88.62 129.59
C ARG XE 192 58.63 87.92 129.40
N GLN XE 193 59.60 88.21 130.25
CA GLN XE 193 60.98 87.84 130.02
C GLN XE 193 61.60 87.29 131.29
N LEU XE 194 62.24 86.12 131.17
CA LEU XE 194 62.93 85.48 132.27
C LEU XE 194 64.36 85.18 131.86
N ASP XE 195 65.31 85.69 132.64
CA ASP XE 195 66.72 85.40 132.44
C ASP XE 195 67.29 84.80 133.72
N MET XE 196 68.13 83.79 133.57
CA MET XE 196 68.69 83.15 134.75
C MET XE 196 70.15 82.86 134.53
N TYR XE 197 70.98 83.23 135.51
CA TYR XE 197 72.41 83.01 135.41
C TYR XE 197 72.99 82.53 136.74
N GLY XE 198 72.21 81.75 137.49
CA GLY XE 198 72.69 81.26 138.77
C GLY XE 198 72.39 79.80 139.02
N LYS XE 199 71.91 79.49 140.22
CA LYS XE 199 71.65 78.12 140.69
C LYS XE 199 70.29 78.05 141.36
N GLY XE 200 69.27 78.53 140.68
CA GLY XE 200 67.99 78.73 141.33
C GLY XE 200 66.85 77.79 140.96
N THR XE 201 65.86 77.74 141.84
CA THR XE 201 64.61 77.04 141.60
C THR XE 201 63.44 78.01 141.72
N LEU XE 202 62.54 77.93 140.75
CA LEU XE 202 61.37 78.78 140.78
C LEU XE 202 60.18 78.02 140.22
N SER XE 203 59.02 78.30 140.79
CA SER XE 203 57.78 77.71 140.35
C SER XE 203 56.69 78.76 140.42
N LEU XE 204 55.85 78.77 139.40
CA LEU XE 204 54.73 79.71 139.31
C LEU XE 204 53.44 78.93 139.19
N TYR XE 205 52.43 79.36 139.93
CA TYR XE 205 51.15 78.65 139.94
C TYR XE 205 50.41 78.85 138.62
N TRP XE 206 50.08 80.09 138.28
CA TRP XE 206 49.31 80.35 137.07
C TRP XE 206 49.90 81.53 136.33
N ILE XE 207 49.67 81.54 135.02
CA ILE XE 207 50.17 82.62 134.17
C ILE XE 207 49.21 82.79 132.99
N LYS XE 208 48.73 84.02 132.79
CA LYS XE 208 47.92 84.39 131.63
C LYS XE 208 48.70 85.43 130.85
N SER XE 209 49.60 84.97 129.99
CA SER XE 209 50.42 85.84 129.17
C SER XE 209 50.48 85.27 127.77
N ASP XE 210 51.13 86.01 126.87
CA ASP XE 210 51.10 85.70 125.46
C ASP XE 210 52.46 85.30 124.91
N THR XE 211 53.47 86.15 125.07
CA THR XE 211 54.80 85.92 124.52
C THR XE 211 55.78 85.80 125.67
N LEU XE 212 56.50 84.68 125.71
CA LEU XE 212 57.44 84.39 126.78
C LEU XE 212 58.83 84.21 126.21
N THR XE 213 59.81 84.87 126.82
CA THR XE 213 61.19 84.79 126.39
C THR XE 213 62.02 84.21 127.52
N ILE XE 214 62.52 82.98 127.33
CA ILE XE 214 63.19 82.25 128.40
C ILE XE 214 64.66 82.08 128.05
N ARG XE 215 65.53 82.51 128.96
CA ARG XE 215 66.98 82.39 128.80
C ARG XE 215 67.54 81.68 130.02
N ALA XE 216 68.05 80.47 129.84
CA ALA XE 216 68.59 79.69 130.95
C ALA XE 216 70.02 79.29 130.64
N LYS XE 217 70.93 79.61 131.56
CA LYS XE 217 72.36 79.48 131.32
C LYS XE 217 73.02 78.44 132.23
N LYS XE 218 72.93 78.57 133.55
CA LYS XE 218 73.81 77.83 134.44
C LYS XE 218 73.08 76.73 135.19
N ALA XE 219 72.10 77.06 136.01
CA ALA XE 219 71.34 76.05 136.75
C ALA XE 219 70.00 76.66 137.14
N ALA XE 220 68.94 76.24 136.47
CA ALA XE 220 67.60 76.68 136.80
C ALA XE 220 66.67 75.48 136.81
N LYS XE 221 65.77 75.47 137.78
CA LYS XE 221 64.72 74.45 137.90
C LYS XE 221 63.42 75.22 137.80
N ILE XE 222 62.84 75.27 136.61
CA ILE XE 222 61.73 76.16 136.34
C ILE XE 222 60.47 75.33 136.12
N GLN XE 223 59.49 75.53 137.00
CA GLN XE 223 58.18 74.89 136.90
C GLN XE 223 57.13 75.95 136.61
N LEU XE 224 56.43 75.80 135.50
CA LEU XE 224 55.42 76.76 135.07
C LEU XE 224 54.16 76.02 134.68
N ALA XE 225 53.03 76.71 134.83
CA ALA XE 225 51.73 76.15 134.46
C ALA XE 225 50.78 77.30 134.14
N GLY XE 226 50.13 77.21 132.99
CA GLY XE 226 49.25 78.27 132.53
C GLY XE 226 49.09 78.20 131.02
N ILE XE 227 48.64 79.32 130.45
CA ILE XE 227 48.34 79.42 129.03
C ILE XE 227 49.33 80.40 128.40
N VAL XE 228 50.00 79.95 127.34
CA VAL XE 228 50.98 80.76 126.63
C VAL XE 228 50.60 80.81 125.17
N ASN XE 229 50.50 82.02 124.62
CA ASN XE 229 50.23 82.13 123.19
C ASN XE 229 51.46 81.84 122.36
N ARG XE 230 52.64 82.26 122.81
CA ARG XE 230 53.84 82.15 122.01
C ARG XE 230 55.05 82.12 122.93
N LEU XE 231 56.01 81.24 122.63
CA LEU XE 231 57.08 80.98 123.59
C LEU XE 231 58.38 80.65 122.89
N ASP XE 232 59.47 81.26 123.35
CA ASP XE 232 60.81 80.90 122.94
C ASP XE 232 61.63 80.54 124.17
N VAL XE 233 62.42 79.47 124.04
CA VAL XE 233 63.24 78.96 125.13
C VAL XE 233 64.65 78.70 124.60
N GLU XE 234 65.64 79.30 125.25
CA GLU XE 234 67.04 78.95 125.03
C GLU XE 234 67.58 78.29 126.29
N LEU XE 235 68.11 77.09 126.12
CA LEU XE 235 68.72 76.32 127.20
C LEU XE 235 70.19 76.11 126.88
N TRP XE 236 71.07 76.48 127.81
CA TRP XE 236 72.49 76.37 127.55
C TRP XE 236 73.12 75.12 128.15
N ASP XE 237 73.06 74.96 129.48
CA ASP XE 237 73.63 73.79 130.13
C ASP XE 237 73.04 73.66 131.53
N PHE XE 238 72.72 72.41 131.90
CA PHE XE 238 72.27 72.04 133.25
C PHE XE 238 71.02 72.81 133.67
N ALA XE 239 70.09 72.96 132.75
CA ALA XE 239 68.86 73.68 133.01
C ALA XE 239 67.67 72.75 132.74
N GLN XE 240 66.69 72.81 133.65
CA GLN XE 240 65.54 71.93 133.63
C GLN XE 240 64.29 72.78 133.55
N PHE XE 241 63.52 72.59 132.49
CA PHE XE 241 62.26 73.27 132.32
C PHE XE 241 61.15 72.23 132.27
N LYS XE 242 60.28 72.25 133.28
CA LYS XE 242 59.18 71.31 133.37
C LYS XE 242 57.89 71.97 132.88
N GLY XE 243 57.85 72.30 131.59
CA GLY XE 243 56.69 72.96 131.04
C GLY XE 243 55.52 72.06 130.73
N LYS XE 244 55.36 70.98 131.47
CA LYS XE 244 54.11 70.25 131.49
C LYS XE 244 53.03 71.12 132.13
N TYR XE 245 51.78 70.86 131.74
CA TYR XE 245 50.61 71.65 132.11
C TYR XE 245 50.76 73.11 131.69
N LEU XE 246 51.43 73.33 130.56
CA LEU XE 246 51.65 74.67 130.03
C LEU XE 246 51.37 74.58 128.54
N ARG XE 247 50.12 74.76 128.15
CA ARG XE 247 49.69 74.57 126.78
C ARG XE 247 50.06 75.80 125.96
N ALA XE 248 50.97 75.62 125.00
CA ALA XE 248 51.54 76.72 124.24
C ALA XE 248 51.26 76.53 122.76
N GLN XE 249 50.67 77.55 122.13
CA GLN XE 249 50.35 77.49 120.71
C GLN XE 249 51.63 77.46 119.88
N ARG XE 250 52.53 78.39 120.13
CA ARG XE 250 53.78 78.50 119.40
C ARG XE 250 54.93 78.18 120.34
N SER XE 251 55.78 77.23 119.96
CA SER XE 251 56.93 76.89 120.77
C SER XE 251 58.18 76.83 119.90
N PHE XE 252 59.21 77.55 120.32
CA PHE XE 252 60.52 77.51 119.69
C PHE XE 252 61.55 77.14 120.75
N VAL XE 253 62.05 75.93 120.72
CA VAL XE 253 62.97 75.44 121.74
C VAL XE 253 64.33 75.20 121.10
N LYS XE 254 65.35 75.81 121.69
CA LYS XE 254 66.73 75.64 121.24
C LYS XE 254 67.56 75.20 122.44
N THR XE 255 68.15 74.00 122.35
CA THR XE 255 68.84 73.39 123.48
C THR XE 255 70.26 73.01 123.10
N HIS XE 256 71.21 73.51 123.89
CA HIS XE 256 72.61 73.13 123.75
C HIS XE 256 72.88 71.92 124.64
N ASP XE 257 74.14 71.64 124.91
CA ASP XE 257 74.53 70.43 125.62
C ASP XE 257 74.05 70.43 127.07
N LYS XE 258 73.63 69.25 127.54
CA LYS XE 258 73.20 68.99 128.91
C LYS XE 258 72.03 69.88 129.31
N SER XE 259 70.90 69.67 128.64
CA SER XE 259 69.71 70.48 128.83
C SER XE 259 68.49 69.59 128.81
N VAL XE 260 67.54 69.85 129.72
CA VAL XE 260 66.36 69.01 129.88
C VAL XE 260 65.13 69.90 129.77
N ALA XE 261 64.29 69.63 128.77
CA ALA XE 261 63.10 70.43 128.56
C ALA XE 261 61.93 69.54 128.21
N GLU XE 262 60.79 69.77 128.86
CA GLU XE 262 59.58 69.04 128.53
C GLU XE 262 58.47 70.03 128.25
N ILE XE 263 57.78 69.82 127.11
CA ILE XE 263 56.95 70.82 126.46
C ILE XE 263 55.53 70.28 126.34
N SER XE 264 54.60 71.20 126.09
CA SER XE 264 53.19 70.87 125.91
C SER XE 264 52.58 71.66 124.75
N ALA XE 265 53.26 71.63 123.60
CA ALA XE 265 52.80 72.38 122.43
C ALA XE 265 51.49 71.81 121.87
N VAL XE 266 50.72 72.68 121.21
CA VAL XE 266 49.45 72.31 120.61
C VAL XE 266 49.39 72.65 119.12
N ASN XE 267 49.73 73.88 118.76
CA ASN XE 267 49.62 74.25 117.36
C ASN XE 267 50.92 74.06 116.61
N HIS XE 268 51.95 74.81 116.99
CA HIS XE 268 53.19 74.86 116.24
C HIS XE 268 54.36 74.58 117.16
N GLN XE 269 55.16 73.60 116.80
CA GLN XE 269 56.23 73.09 117.65
C GLN XE 269 57.51 73.00 116.84
N SER XE 270 58.54 73.73 117.27
CA SER XE 270 59.82 73.72 116.59
C SER XE 270 60.91 73.43 117.61
N SER XE 271 61.74 72.44 117.33
CA SER XE 271 62.70 71.99 118.32
C SER XE 271 64.06 71.76 117.70
N LEU XE 272 65.11 72.21 118.38
CA LEU XE 272 66.48 71.98 117.96
C LEU XE 272 67.33 71.55 119.14
N ALA XE 273 68.09 70.47 118.96
CA ALA XE 273 68.92 69.92 120.02
C ALA XE 273 70.33 69.68 119.49
N THR XE 274 71.34 70.13 120.23
CA THR XE 274 72.71 69.97 119.76
C THR XE 274 73.24 68.57 120.06
N ASP XE 275 73.42 68.25 121.34
CA ASP XE 275 74.01 66.98 121.76
C ASP XE 275 73.67 66.76 123.22
N ALA XE 276 73.16 65.57 123.53
CA ALA XE 276 72.67 65.19 124.86
C ALA XE 276 71.64 66.18 125.39
N SER XE 277 70.81 66.69 124.48
CA SER XE 277 69.79 67.66 124.81
C SER XE 277 68.45 66.96 124.66
N ASP XE 278 67.73 66.85 125.78
CA ASP XE 278 66.58 65.96 125.89
C ASP XE 278 65.31 66.78 125.93
N ILE XE 279 64.55 66.73 124.83
CA ILE XE 279 63.27 67.42 124.72
C ILE XE 279 62.19 66.35 124.67
N TYR XE 280 61.19 66.49 125.53
CA TYR XE 280 60.09 65.53 125.57
C TYR XE 280 58.77 66.28 125.51
N TYR XE 281 57.91 65.89 124.58
CA TYR XE 281 56.64 66.58 124.40
C TYR XE 281 55.51 65.73 124.98
N TYR XE 282 54.88 66.24 126.04
CA TYR XE 282 53.82 65.47 126.68
C TYR XE 282 52.49 65.59 125.97
N ASN XE 283 52.33 66.56 125.09
CA ASN XE 283 51.10 66.68 124.33
C ASN XE 283 51.43 66.65 122.85
N LEU XE 284 50.59 65.98 122.08
CA LEU XE 284 50.81 65.88 120.64
C LEU XE 284 50.33 67.16 119.99
N SER XE 285 51.27 67.89 119.38
CA SER XE 285 50.91 69.13 118.72
C SER XE 285 50.24 68.85 117.39
N LYS XE 286 49.60 69.90 116.84
CA LYS XE 286 49.05 69.79 115.50
C LYS XE 286 50.16 69.77 114.46
N THR XE 287 51.13 70.67 114.57
CA THR XE 287 52.24 70.75 113.63
C THR XE 287 53.55 70.73 114.42
N ARG XE 288 54.44 69.83 114.03
CA ARG XE 288 55.64 69.56 114.82
C ARG XE 288 56.82 69.32 113.90
N ALA XE 289 57.97 69.91 114.22
CA ALA XE 289 59.20 69.63 113.50
C ALA XE 289 60.40 69.79 114.43
N ASP XE 290 61.31 68.83 114.37
CA ASP XE 290 62.41 68.70 115.32
C ASP XE 290 63.70 68.36 114.58
N PHE XE 291 64.83 68.74 115.15
CA PHE XE 291 66.12 68.45 114.57
C PHE XE 291 67.16 68.21 115.66
N MET XE 292 68.07 67.26 115.40
CA MET XE 292 69.20 66.97 116.27
C MET XE 292 70.49 67.21 115.50
N ALA XE 293 71.56 67.52 116.23
CA ALA XE 293 72.83 67.85 115.60
C ALA XE 293 73.90 66.79 115.82
N PHE XE 294 74.22 66.46 117.07
CA PHE XE 294 75.22 65.44 117.36
C PHE XE 294 74.65 64.29 118.16
N ASN XE 295 74.10 64.58 119.35
CA ASN XE 295 73.57 63.55 120.23
C ASN XE 295 72.26 63.99 120.86
N GLY XE 296 71.54 64.90 120.22
CA GLY XE 296 70.28 65.38 120.74
C GLY XE 296 69.19 64.33 120.66
N SER XE 297 68.06 64.62 121.32
CA SER XE 297 66.98 63.65 121.39
C SER XE 297 65.68 64.39 121.65
N VAL XE 298 64.71 64.21 120.76
CA VAL XE 298 63.35 64.70 120.95
C VAL XE 298 62.41 63.51 120.90
N LEU XE 299 61.62 63.33 121.95
CA LEU XE 299 60.77 62.16 122.07
C LEU XE 299 59.43 62.51 122.69
N ASP XE 300 58.46 61.63 122.43
CA ASP XE 300 57.10 61.83 122.92
C ASP XE 300 57.01 61.48 124.40
N MET XE 301 57.33 60.23 124.75
CA MET XE 301 57.09 59.58 126.05
C MET XE 301 55.74 59.96 126.67
N ARG XE 302 54.68 59.62 125.94
CA ARG XE 302 53.33 59.78 126.45
C ARG XE 302 52.97 58.60 127.35
N GLU XE 303 51.69 58.49 127.69
CA GLU XE 303 51.25 57.54 128.71
C GLU XE 303 50.94 56.15 128.18
N TRP XE 304 50.60 56.02 126.89
CA TRP XE 304 50.28 54.80 126.16
C TRP XE 304 49.01 54.09 126.61
N GLY XE 305 48.31 54.60 127.62
CA GLY XE 305 47.25 53.82 128.22
C GLY XE 305 45.94 54.57 128.39
N GLN XE 306 45.88 55.77 127.83
CA GLN XE 306 44.61 56.47 127.79
C GLN XE 306 43.65 55.77 126.83
N SER XE 307 42.37 55.78 127.20
CA SER XE 307 41.34 55.22 126.34
C SER XE 307 41.13 56.04 125.07
N ASP XE 308 41.58 57.29 125.03
CA ASP XE 308 41.22 58.18 123.94
C ASP XE 308 42.44 58.86 123.34
N LEU XE 309 43.57 58.16 123.28
CA LEU XE 309 44.74 58.73 122.65
C LEU XE 309 44.62 58.62 121.14
N LYS XE 310 44.85 59.75 120.47
CA LYS XE 310 44.78 59.82 119.02
C LYS XE 310 46.15 59.56 118.40
N ASP XE 311 46.15 59.25 117.12
CA ASP XE 311 47.37 58.92 116.40
C ASP XE 311 47.78 60.07 115.48
N PHE XE 312 48.88 59.87 114.76
CA PHE XE 312 49.35 60.84 113.79
C PHE XE 312 48.39 60.92 112.61
N ASP XE 313 48.15 62.12 112.14
CA ASP XE 313 47.33 62.37 110.97
C ASP XE 313 48.23 62.38 109.73
N ARG XE 314 47.71 62.91 108.63
CA ARG XE 314 48.49 63.03 107.39
C ARG XE 314 49.71 63.93 107.56
N TYR XE 315 49.65 64.88 108.49
CA TYR XE 315 50.70 65.87 108.62
C TYR XE 315 51.56 65.67 109.87
N ASN XE 316 51.11 64.88 110.83
CA ASN XE 316 51.90 64.59 112.01
C ASN XE 316 52.90 63.46 111.78
N LYS XE 317 52.90 62.86 110.60
CA LYS XE 317 53.67 61.65 110.31
C LYS XE 317 55.14 62.02 110.18
N GLN XE 318 55.77 62.28 111.32
CA GLN XE 318 57.15 62.73 111.35
C GLN XE 318 58.06 61.60 111.77
N PHE XE 319 59.33 61.75 111.43
CA PHE XE 319 60.33 60.72 111.65
C PHE XE 319 61.60 61.35 112.19
N PRO XE 320 61.93 61.14 113.47
CA PRO XE 320 63.17 61.65 114.06
C PRO XE 320 64.41 60.99 113.48
N ASP YE 39 71.87 28.22 84.44
CA ASP YE 39 71.10 26.99 84.28
C ASP YE 39 71.35 26.04 85.46
N GLY YE 40 72.59 26.01 85.94
CA GLY YE 40 72.88 25.23 87.12
C GLY YE 40 72.43 25.99 88.34
N CYS YE 41 71.26 25.60 88.85
CA CYS YE 41 70.61 26.42 89.87
C CYS YE 41 71.26 26.24 91.23
N CYS YE 42 71.71 25.04 91.57
CA CYS YE 42 72.37 24.84 92.85
C CYS YE 42 73.87 25.03 92.75
N SER YE 43 74.28 26.12 92.12
CA SER YE 43 75.68 26.49 92.05
C SER YE 43 76.10 27.12 93.36
N LYS YE 44 77.40 26.99 93.66
CA LYS YE 44 78.01 27.39 94.94
C LYS YE 44 77.31 26.76 96.13
N MET YE 45 76.87 25.53 95.96
CA MET YE 45 76.19 24.76 96.99
C MET YE 45 76.52 23.29 96.74
N GLY YE 46 75.74 22.40 97.33
CA GLY YE 46 76.04 21.00 97.19
C GLY YE 46 75.69 20.38 95.86
N GLY YE 47 75.10 21.14 94.94
CA GLY YE 47 74.54 20.57 93.74
C GLY YE 47 73.11 20.11 93.99
N ILE YE 48 72.47 19.67 92.91
CA ILE YE 48 71.04 19.39 92.94
C ILE YE 48 70.79 18.08 93.67
N ASN YE 49 69.76 18.04 94.51
CA ASN YE 49 69.28 16.76 95.02
C ASN YE 49 68.12 16.22 94.19
N TYR YE 50 67.00 16.93 94.17
CA TYR YE 50 65.87 16.56 93.31
C TYR YE 50 64.92 17.75 93.16
N CYS YE 51 63.72 17.47 92.66
CA CYS YE 51 62.66 18.46 92.47
C CYS YE 51 61.49 18.08 93.37
N ASP YE 52 61.36 18.75 94.51
CA ASP YE 52 60.20 18.55 95.37
C ASP YE 52 59.00 19.16 94.67
N SER YE 53 58.20 18.29 94.06
CA SER YE 53 57.03 18.70 93.29
C SER YE 53 55.82 18.96 94.16
N SER YE 54 55.88 18.62 95.45
CA SER YE 54 54.87 19.10 96.38
C SER YE 54 54.94 20.61 96.50
N ALA YE 55 56.16 21.16 96.46
CA ALA YE 55 56.36 22.59 96.34
C ALA YE 55 56.67 23.01 94.92
N GLY YE 56 57.03 22.09 94.04
CA GLY YE 56 57.41 22.47 92.70
C GLY YE 56 58.73 23.19 92.61
N ARG YE 57 59.60 23.00 93.61
CA ARG YE 57 60.87 23.69 93.67
C ARG YE 57 61.99 22.68 93.75
N LEU YE 58 63.13 23.04 93.19
CA LEU YE 58 64.32 22.21 93.33
C LEU YE 58 64.81 22.23 94.77
N VAL YE 59 65.30 21.09 95.23
CA VAL YE 59 66.02 20.97 96.48
C VAL YE 59 67.44 20.54 96.14
N CYS YE 60 68.41 21.28 96.68
CA CYS YE 60 69.81 21.02 96.41
C CYS YE 60 70.35 19.99 97.39
N ASN YE 61 71.62 19.60 97.22
CA ASN YE 61 72.28 18.78 98.21
C ASN YE 61 72.54 19.55 99.48
N ASN YE 62 72.82 20.84 99.37
CA ASN YE 62 72.68 21.72 100.51
C ASN YE 62 71.21 21.77 100.90
N GLY YE 63 70.95 21.83 102.21
CA GLY YE 63 69.59 21.76 102.69
C GLY YE 63 68.80 23.05 102.59
N PHE YE 64 69.00 23.81 101.52
CA PHE YE 64 68.31 25.05 101.27
C PHE YE 64 67.40 24.92 100.06
N TYR YE 65 66.34 25.72 100.05
CA TYR YE 65 65.40 25.69 98.95
C TYR YE 65 65.97 26.44 97.76
N SER YE 66 66.09 25.77 96.62
CA SER YE 66 66.54 26.43 95.41
C SER YE 66 65.44 27.33 94.86
N THR YE 67 65.84 28.50 94.38
CA THR YE 67 64.88 29.47 93.88
C THR YE 67 64.37 29.15 92.48
N CYS YE 68 65.01 28.23 91.77
CA CYS YE 68 64.47 27.84 90.47
C CYS YE 68 63.23 26.98 90.66
N TYR YE 69 62.38 26.99 89.64
CA TYR YE 69 61.21 26.14 89.61
C TYR YE 69 61.48 24.93 88.72
N CYS YE 70 60.70 23.88 88.95
CA CYS YE 70 60.81 22.69 88.11
C CYS YE 70 59.46 22.07 87.76
N THR YE 71 58.35 22.68 88.15
CA THR YE 71 57.04 22.13 87.88
C THR YE 71 56.14 23.23 87.32
N ARG YE 72 55.32 22.86 86.34
CA ARG YE 72 54.30 23.76 85.84
C ARG YE 72 53.30 24.11 86.93
N HIS YE 73 52.91 23.12 87.73
CA HIS YE 73 52.07 23.37 88.90
C HIS YE 73 52.97 23.90 90.02
N ALA YE 74 53.30 25.18 89.91
CA ALA YE 74 54.07 25.85 90.95
C ALA YE 74 53.73 27.34 90.91
N VAL YE 75 54.01 28.01 92.03
CA VAL YE 75 53.59 29.39 92.19
C VAL YE 75 54.62 30.31 91.54
N MET YE 76 54.19 31.03 90.51
CA MET YE 76 54.99 32.07 89.90
C MET YE 76 54.57 33.41 90.50
N ASP YE 77 55.07 34.49 89.90
CA ASP YE 77 54.47 35.81 90.12
C ASP YE 77 54.64 36.56 88.80
N LEU YE 78 53.61 36.48 87.96
CA LEU YE 78 53.66 37.04 86.62
C LEU YE 78 52.52 38.03 86.45
N GLN YE 79 52.82 39.15 85.80
CA GLN YE 79 51.84 40.19 85.57
C GLN YE 79 51.56 40.46 84.10
N PHE YE 80 52.34 39.87 83.20
CA PHE YE 80 52.20 40.14 81.78
C PHE YE 80 51.70 38.91 81.06
N LEU YE 81 50.88 39.11 80.04
CA LEU YE 81 50.30 38.02 79.26
C LEU YE 81 50.41 38.34 77.79
N MET YE 82 50.15 37.33 76.98
CA MET YE 82 50.18 37.43 75.52
C MET YE 82 48.81 37.06 74.97
N GLY YE 83 48.74 36.93 73.65
CA GLY YE 83 47.51 36.55 73.00
C GLY YE 83 46.52 37.68 72.90
N CYS YE 84 45.41 37.42 72.21
CA CYS YE 84 44.38 38.43 72.03
C CYS YE 84 43.02 37.82 72.32
N CYS YE 85 41.98 38.66 72.20
CA CYS YE 85 40.62 38.40 72.69
C CYS YE 85 40.63 38.02 74.17
N LEU YE 86 41.49 38.68 74.94
CA LEU YE 86 41.62 38.38 76.35
C LEU YE 86 40.52 39.06 77.14
N TRP YE 87 40.35 38.59 78.37
CA TRP YE 87 39.22 38.96 79.26
C TRP YE 87 37.89 38.71 78.58
N HIS YE 88 37.85 37.69 77.75
CA HIS YE 88 36.69 37.35 76.94
C HIS YE 88 36.74 35.84 76.75
N GLY YE 89 35.96 35.33 75.81
CA GLY YE 89 35.98 33.91 75.57
C GLY YE 89 37.14 33.38 74.75
N GLY YE 90 38.23 34.14 74.64
CA GLY YE 90 39.31 33.74 73.77
C GLY YE 90 38.96 33.98 72.33
N VAL YE 91 39.77 33.38 71.45
CA VAL YE 91 39.55 33.49 70.02
C VAL YE 91 38.33 32.65 69.64
N TYR YE 92 37.54 33.15 68.70
CA TYR YE 92 36.49 32.32 68.13
C TYR YE 92 37.11 31.20 67.32
N PRO YE 93 36.57 29.99 67.39
CA PRO YE 93 37.19 28.86 66.69
C PRO YE 93 37.14 28.95 65.18
N GLN YE 94 36.10 29.55 64.62
CA GLN YE 94 36.01 29.66 63.17
C GLN YE 94 36.86 30.83 62.69
N LEU YE 95 37.37 30.71 61.46
CA LEU YE 95 38.18 31.74 60.84
C LEU YE 95 37.29 32.57 59.92
N ASN YE 96 37.16 33.86 60.24
CA ASN YE 96 36.37 34.77 59.43
C ASN YE 96 37.08 35.04 58.10
N SER YE 97 36.29 35.13 57.02
CA SER YE 97 36.83 35.34 55.69
C SER YE 97 37.52 36.69 55.58
N SER YE 98 36.96 37.72 56.20
CA SER YE 98 37.61 39.01 56.25
C SER YE 98 38.69 39.02 57.34
N GLY YE 99 39.28 40.18 57.56
CA GLY YE 99 40.34 40.29 58.54
C GLY YE 99 39.87 40.41 59.96
N LEU YE 100 38.57 40.40 60.19
CA LEU YE 100 38.04 40.59 61.53
C LEU YE 100 38.23 39.33 62.38
N VAL YE 101 38.60 39.53 63.64
CA VAL YE 101 38.58 38.47 64.63
C VAL YE 101 37.57 38.86 65.70
N VAL YE 102 37.05 37.86 66.38
CA VAL YE 102 35.92 38.07 67.28
C VAL YE 102 36.09 37.13 68.48
N CYS YE 103 35.73 37.62 69.65
CA CYS YE 103 35.75 36.78 70.84
C CYS YE 103 34.42 36.06 71.01
N ASN YE 104 34.43 35.04 71.87
CA ASN YE 104 33.29 34.14 71.98
C ASN YE 104 32.08 34.79 72.62
N ASP YE 105 32.26 35.89 73.35
CA ASP YE 105 31.14 36.65 73.87
C ASP YE 105 30.65 37.69 72.87
N GLY YE 106 31.18 37.69 71.66
CA GLY YE 106 30.68 38.51 70.59
C GLY YE 106 31.49 39.76 70.31
N TYR YE 107 32.38 40.15 71.20
CA TYR YE 107 33.16 41.37 70.98
C TYR YE 107 34.22 41.14 69.92
N VAL YE 108 34.55 42.21 69.21
CA VAL YE 108 35.52 42.17 68.12
C VAL YE 108 36.77 42.92 68.54
N SER YE 109 37.91 42.23 68.48
CA SER YE 109 39.20 42.82 68.83
C SER YE 109 39.83 43.40 67.58
N GLU YE 110 39.69 44.70 67.41
CA GLU YE 110 40.21 45.36 66.21
C GLU YE 110 41.74 45.40 66.19
N GLU YE 111 42.40 45.33 67.35
CA GLU YE 111 43.85 45.37 67.36
C GLU YE 111 44.45 44.04 66.93
N CYS YE 112 43.82 42.93 67.30
CA CYS YE 112 44.26 41.65 66.78
C CYS YE 112 43.81 41.46 65.34
N SER YE 113 42.68 42.08 64.97
CA SER YE 113 42.18 41.97 63.61
C SER YE 113 43.06 42.73 62.63
N LEU YE 114 43.10 42.23 61.40
CA LEU YE 114 43.81 42.91 60.33
C LEU YE 114 43.05 44.14 59.89
N GLN YE 115 43.78 45.21 59.61
CA GLN YE 115 43.19 46.48 59.25
C GLN YE 115 43.34 46.74 57.77
N LYS YE 116 42.88 47.90 57.33
CA LYS YE 116 43.04 48.33 55.95
C LYS YE 116 44.38 49.05 55.80
N UNK ZE 1 57.04 35.47 112.96
CA UNK ZE 1 58.39 35.16 113.39
C UNK ZE 1 58.62 35.62 114.82
N UNK ZE 2 59.44 36.67 114.99
CA UNK ZE 2 59.78 37.31 116.26
C UNK ZE 2 60.43 36.34 117.26
N UNK ZE 3 61.03 35.26 116.76
CA UNK ZE 3 61.57 34.21 117.61
C UNK ZE 3 62.57 33.41 116.79
N UNK ZE 4 63.76 33.21 117.32
CA UNK ZE 4 64.74 32.34 116.70
C UNK ZE 4 65.03 31.11 117.57
N UNK ZE 5 65.40 31.32 118.82
CA UNK ZE 5 65.66 30.23 119.74
C UNK ZE 5 64.47 30.12 120.67
N UNK ZE 6 63.63 29.10 120.46
CA UNK ZE 6 62.52 28.86 121.35
C UNK ZE 6 63.05 28.31 122.67
N UNK ZE 7 63.31 29.21 123.61
CA UNK ZE 7 64.03 28.88 124.84
C UNK ZE 7 63.15 28.00 125.72
N UNK ZE 8 63.47 26.70 125.75
CA UNK ZE 8 62.73 25.76 126.57
C UNK ZE 8 63.12 25.97 128.02
N UNK ZE 9 62.38 26.84 128.69
CA UNK ZE 9 62.53 27.20 130.12
C UNK ZE 9 63.94 27.67 130.50
N UNK AF 1 -68.65 80.47 41.11
CA UNK AF 1 -69.49 79.29 41.23
C UNK AF 1 -70.21 79.25 42.57
N UNK AF 2 -69.50 78.83 43.62
CA UNK AF 2 -70.03 78.81 44.97
C UNK AF 2 -69.26 79.82 45.82
N UNK AF 3 -70.00 80.64 46.57
CA UNK AF 3 -69.37 81.70 47.34
C UNK AF 3 -68.66 81.15 48.57
N UNK AF 4 -67.66 81.89 49.03
CA UNK AF 4 -66.82 81.46 50.14
C UNK AF 4 -67.35 81.89 51.50
N UNK AF 5 -68.46 82.63 51.56
CA UNK AF 5 -68.99 83.08 52.84
C UNK AF 5 -69.54 81.90 53.65
N UNK AF 6 -70.34 81.06 53.01
CA UNK AF 6 -70.84 79.86 53.67
C UNK AF 6 -69.73 78.88 53.97
N UNK AF 7 -68.70 78.83 53.12
CA UNK AF 7 -67.55 77.96 53.36
C UNK AF 7 -66.76 78.41 54.59
N UNK AF 8 -66.56 79.73 54.73
CA UNK AF 8 -65.87 80.24 55.91
C UNK AF 8 -66.70 80.08 57.17
N UNK AF 9 -68.03 80.20 57.05
CA UNK AF 9 -68.91 79.97 58.19
C UNK AF 9 -68.89 78.51 58.63
N UNK AF 10 -68.89 77.58 57.67
CA UNK AF 10 -68.77 76.16 58.01
C UNK AF 10 -67.40 75.82 58.55
N UNK AF 11 -66.36 76.51 58.08
CA UNK AF 11 -65.02 76.34 58.64
C UNK AF 11 -64.96 76.83 60.08
N UNK AF 12 -65.63 77.95 60.37
CA UNK AF 12 -65.71 78.44 61.74
C UNK AF 12 -66.51 77.50 62.63
N UNK AF 13 -67.57 76.88 62.08
CA UNK AF 13 -68.32 75.88 62.82
C UNK AF 13 -67.49 74.63 63.08
N UNK AF 14 -66.65 74.25 62.12
CA UNK AF 14 -65.75 73.11 62.33
C UNK AF 14 -64.65 73.45 63.33
N UNK AF 15 -64.25 74.72 63.40
CA UNK AF 15 -63.26 75.14 64.39
C UNK AF 15 -63.86 75.13 65.79
N UNK AF 16 -65.07 75.68 65.94
CA UNK AF 16 -65.78 75.70 67.23
C UNK AF 16 -67.22 75.26 66.99
N UNK AF 17 -67.44 73.95 67.01
CA UNK AF 17 -68.78 73.38 66.88
C UNK AF 17 -69.34 72.83 68.19
N UNK AF 18 -68.53 72.79 69.25
CA UNK AF 18 -68.87 72.26 70.58
C UNK AF 18 -69.34 70.80 70.48
N UNK AF 19 -68.39 69.95 70.07
CA UNK AF 19 -68.66 68.53 69.89
C UNK AF 19 -67.43 67.73 70.32
N UNK AF 20 -67.51 67.12 71.50
CA UNK AF 20 -66.43 66.29 72.01
C UNK AF 20 -67.00 65.34 73.07
N UNK AF 21 -66.47 64.12 73.12
CA UNK AF 21 -66.86 63.14 74.12
C UNK AF 21 -65.73 62.14 74.30
N UNK AF 22 -65.24 61.98 75.53
CA UNK AF 22 -64.05 61.19 75.78
C UNK AF 22 -64.36 60.04 76.73
N UNK AF 23 -63.86 58.86 76.38
CA UNK AF 23 -63.99 57.67 77.20
C UNK AF 23 -62.71 56.85 77.09
N UNK AF 24 -62.07 56.61 78.23
CA UNK AF 24 -60.84 55.84 78.28
C UNK AF 24 -61.13 54.47 78.87
N UNK AF 25 -60.16 53.56 78.68
CA UNK AF 25 -60.29 52.20 79.18
C UNK AF 25 -58.90 51.65 79.48
N UNK AF 26 -58.87 50.52 80.17
CA UNK AF 26 -57.63 49.80 80.41
C UNK AF 26 -57.69 48.44 79.73
N UNK AF 27 -56.69 47.59 79.94
CA UNK AF 27 -56.65 46.30 79.27
C UNK AF 27 -57.67 45.33 79.87
N UNK AF 28 -57.94 45.46 81.17
CA UNK AF 28 -58.79 44.52 81.89
C UNK AF 28 -60.24 45.01 82.01
N UNK AF 29 -60.73 45.70 80.99
CA UNK AF 29 -62.11 46.20 80.89
C UNK AF 29 -62.47 47.15 82.04
N UNK AF 30 -61.49 47.93 82.49
CA UNK AF 30 -61.75 49.04 83.40
C UNK AF 30 -61.90 50.30 82.54
N UNK AF 31 -63.15 50.63 82.25
CA UNK AF 31 -63.49 51.72 81.35
C UNK AF 31 -64.21 52.82 82.10
N UNK AF 32 -63.87 54.07 81.81
CA UNK AF 32 -64.52 55.22 82.40
C UNK AF 32 -64.66 56.31 81.34
N UNK AF 33 -65.83 56.93 81.28
CA UNK AF 33 -66.06 58.05 80.36
C UNK AF 33 -66.06 59.34 81.15
N UNK AF 34 -65.31 60.33 80.67
CA UNK AF 34 -65.23 61.61 81.35
C UNK AF 34 -66.38 62.50 80.92
N UNK AF 35 -66.46 63.67 81.56
CA UNK AF 35 -67.44 64.66 81.16
C UNK AF 35 -67.06 65.27 79.82
N UNK AF 36 -68.08 65.54 79.00
CA UNK AF 36 -67.86 66.15 77.70
C UNK AF 36 -67.40 67.59 77.87
N UNK AF 37 -66.41 67.98 77.07
CA UNK AF 37 -65.85 69.33 77.17
C UNK AF 37 -65.77 69.96 75.79
N UNK AF 38 -65.10 71.11 75.71
CA UNK AF 38 -64.89 71.90 74.49
C UNK AF 38 -66.19 72.26 73.79
N UNK AF 39 -52.64 51.49 76.23
CA UNK AF 39 -54.02 51.33 75.80
C UNK AF 39 -54.97 52.12 76.69
N UNK AF 40 -54.53 53.27 77.17
CA UNK AF 40 -55.35 54.08 78.06
C UNK AF 40 -56.42 54.84 77.29
N UNK AF 41 -56.00 55.74 76.40
CA UNK AF 41 -56.94 56.54 75.63
C UNK AF 41 -56.25 56.96 74.33
N UNK AF 42 -56.59 56.29 73.24
CA UNK AF 42 -56.09 56.67 71.93
C UNK AF 42 -56.90 57.84 71.39
N UNK AF 43 -56.53 58.29 70.19
CA UNK AF 43 -57.26 59.39 69.56
C UNK AF 43 -58.67 58.97 69.16
N UNK AF 44 -58.86 57.69 68.82
CA UNK AF 44 -60.18 57.18 68.52
C UNK AF 44 -60.93 56.69 69.75
N UNK AF 45 -60.28 56.67 70.92
CA UNK AF 45 -60.97 56.30 72.15
C UNK AF 45 -62.00 57.34 72.55
N UNK AF 46 -61.76 58.60 72.20
CA UNK AF 46 -62.75 59.64 72.38
C UNK AF 46 -63.69 59.67 71.19
N UNK AF 47 -64.61 60.64 71.19
CA UNK AF 47 -65.57 60.79 70.11
C UNK AF 47 -65.99 62.25 70.01
N UNK AF 48 -66.67 62.58 68.92
CA UNK AF 48 -67.19 63.93 68.71
C UNK AF 48 -68.62 63.89 68.21
N LYS BF 24 77.66 57.56 103.50
CA LYS BF 24 78.23 57.89 102.20
C LYS BF 24 77.14 58.13 101.17
N PHE BF 25 76.68 57.05 100.55
CA PHE BF 25 75.66 57.13 99.52
C PHE BF 25 74.29 56.99 100.14
N LYS BF 26 73.31 57.61 99.50
CA LYS BF 26 71.92 57.50 99.94
C LYS BF 26 71.06 57.50 98.67
N LYS BF 27 70.65 56.32 98.24
CA LYS BF 27 69.80 56.21 97.08
C LYS BF 27 68.40 56.75 97.40
N PRO BF 28 67.72 57.32 96.41
CA PRO BF 28 66.35 57.80 96.63
C PRO BF 28 65.38 56.64 96.71
N PRO BF 29 64.13 56.89 97.09
CA PRO BF 29 63.09 55.85 96.96
C PRO BF 29 62.94 55.41 95.51
N ILE BF 30 63.01 54.10 95.32
CA ILE BF 30 63.12 53.54 93.97
C ILE BF 30 61.79 53.65 93.23
N ASN BF 31 60.70 53.26 93.86
CA ASN BF 31 59.39 53.34 93.22
C ASN BF 31 58.75 54.68 93.58
N ASN BF 32 59.35 55.73 93.06
CA ASN BF 32 58.87 57.05 93.41
C ASN BF 32 58.10 57.68 92.26
N PRO BF 33 56.99 58.33 92.55
CA PRO BF 33 56.33 59.15 91.52
C PRO BF 33 57.12 60.40 91.24
N SER BF 34 58.09 60.33 90.34
CA SER BF 34 58.89 61.49 89.98
C SER BF 34 58.28 62.30 88.85
N ASP BF 35 57.10 61.94 88.37
CA ASP BF 35 56.49 62.58 87.22
C ASP BF 35 55.20 63.30 87.65
N ASP BF 36 54.88 64.37 86.91
CA ASP BF 36 53.72 65.19 87.23
C ASP BF 36 52.42 64.41 87.09
N ALA BF 37 52.33 63.57 86.06
CA ALA BF 37 51.16 62.71 85.90
C ALA BF 37 51.04 61.74 87.06
N THR BF 38 52.18 61.19 87.50
CA THR BF 38 52.17 60.22 88.59
C THR BF 38 51.77 60.87 89.90
N ILE BF 39 52.26 62.09 90.18
CA ILE BF 39 51.90 62.72 91.44
C ILE BF 39 50.45 63.17 91.42
N LYS BF 40 49.94 63.56 90.24
CA LYS BF 40 48.52 63.89 90.12
C LYS BF 40 47.65 62.66 90.37
N LEU BF 41 48.06 61.52 89.81
CA LEU BF 41 47.35 60.27 90.03
C LEU BF 41 47.39 59.86 91.49
N ALA BF 42 48.53 60.03 92.14
CA ALA BF 42 48.67 59.59 93.53
C ALA BF 42 47.84 60.46 94.47
N GLU BF 43 47.83 61.78 94.27
CA GLU BF 43 47.00 62.60 95.13
C GLU BF 43 45.52 62.40 94.84
N ALA BF 44 45.17 62.09 93.60
CA ALA BF 44 43.79 61.73 93.29
C ALA BF 44 43.39 60.45 94.00
N ALA BF 45 44.31 59.49 94.06
CA ALA BF 45 44.05 58.24 94.78
C ALA BF 45 43.87 58.49 96.26
N VAL BF 46 44.67 59.41 96.81
CA VAL BF 46 44.54 59.81 98.20
C VAL BF 46 43.16 60.40 98.46
N SER BF 47 42.72 61.28 97.55
CA SER BF 47 41.43 61.94 97.70
C SER BF 47 40.28 60.95 97.63
N VAL BF 48 40.32 60.02 96.67
CA VAL BF 48 39.20 59.11 96.51
C VAL BF 48 39.15 58.09 97.64
N SER BF 49 40.33 57.67 98.14
CA SER BF 49 40.36 56.77 99.28
C SER BF 49 39.80 57.43 100.52
N ASP BF 50 40.18 58.69 100.75
CA ASP BF 50 39.67 59.43 101.90
C ASP BF 50 38.17 59.66 101.79
N SER BF 51 37.69 59.97 100.60
CA SER BF 51 36.27 60.24 100.39
C SER BF 51 35.43 59.00 100.62
N MET BF 52 35.87 57.85 100.10
CA MET BF 52 35.13 56.62 100.34
C MET BF 52 35.20 56.20 101.80
N LEU BF 53 36.33 56.48 102.46
CA LEU BF 53 36.48 56.17 103.87
C LEU BF 53 35.49 56.95 104.72
N GLU BF 54 35.38 58.25 104.48
CA GLU BF 54 34.46 59.05 105.28
C GLU BF 54 33.01 58.78 104.89
N MET BF 55 32.78 58.35 103.64
CA MET BF 55 31.45 57.91 103.24
C MET BF 55 31.00 56.72 104.07
N ALA BF 56 31.87 55.71 104.18
CA ALA BF 56 31.54 54.55 104.99
C ALA BF 56 31.48 54.89 106.46
N LYS BF 57 32.31 55.83 106.91
CA LYS BF 57 32.32 56.24 108.30
C LYS BF 57 31.01 56.90 108.70
N VAL BF 58 30.47 57.74 107.82
CA VAL BF 58 29.21 58.41 108.13
C VAL BF 58 28.00 57.56 107.81
N GLU BF 59 28.16 56.48 107.05
CA GLU BF 59 26.99 55.67 106.75
C GLU BF 59 26.92 54.37 107.57
N LYS BF 60 27.99 53.98 108.25
CA LYS BF 60 27.99 52.70 108.97
C LYS BF 60 27.16 52.80 110.24
N VAL BF 61 26.40 51.74 110.51
CA VAL BF 61 25.58 51.66 111.71
C VAL BF 61 26.26 50.70 112.68
N ILE BF 62 26.48 51.16 113.91
CA ILE BF 62 27.24 50.44 114.91
C ILE BF 62 26.42 50.36 116.19
N THR BF 63 26.28 49.15 116.74
CA THR BF 63 25.58 48.98 118.00
C THR BF 63 26.44 49.50 119.16
N PRO BF 64 25.83 50.03 120.21
CA PRO BF 64 26.61 50.43 121.37
C PRO BF 64 27.07 49.23 122.17
N PRO BF 65 28.26 49.28 122.77
CA PRO BF 65 28.78 48.13 123.52
C PRO BF 65 28.15 47.95 124.88
N SER BF 66 27.44 48.95 125.39
CA SER BF 66 26.74 48.85 126.67
C SER BF 66 25.29 48.46 126.50
N LYS BF 67 24.85 48.18 125.27
CA LYS BF 67 23.45 47.83 125.05
C LYS BF 67 23.26 46.71 124.02
N ASP BF 68 24.34 46.10 123.56
CA ASP BF 68 24.20 44.99 122.61
C ASP BF 68 23.63 43.77 123.32
N ASN BF 69 22.66 43.12 122.70
CA ASN BF 69 21.92 42.03 123.33
C ASN BF 69 22.50 40.69 122.88
N THR BF 70 23.69 40.39 123.42
CA THR BF 70 24.34 39.11 123.23
C THR BF 70 24.75 38.56 124.58
N LEU BF 71 24.82 37.23 124.66
CA LEU BF 71 25.12 36.58 125.93
C LEU BF 71 26.62 36.52 126.17
N THR BF 72 27.03 36.82 127.40
CA THR BF 72 28.42 36.87 127.78
C THR BF 72 28.81 35.58 128.52
N ILE BF 73 30.08 35.53 128.93
CA ILE BF 73 30.63 34.34 129.56
C ILE BF 73 30.24 34.34 131.04
N PRO BF 74 29.64 33.27 131.55
CA PRO BF 74 29.20 33.26 132.95
C PRO BF 74 30.27 32.86 133.95
N ASN BF 75 31.44 32.45 133.47
CA ASN BF 75 32.62 32.10 134.30
C ASN BF 75 32.33 30.99 135.28
N ALA BF 76 31.56 30.00 134.85
CA ALA BF 76 31.42 28.77 135.63
C ALA BF 76 32.60 27.85 135.32
N TYR BF 77 33.09 27.16 136.34
CA TYR BF 77 34.32 26.39 136.21
C TYR BF 77 34.14 25.19 135.30
N ASN BF 78 32.99 24.53 135.37
CA ASN BF 78 32.79 23.32 134.58
C ASN BF 78 32.57 23.60 133.11
N LEU BF 79 32.40 24.86 132.71
CA LEU BF 79 32.18 25.20 131.31
C LEU BF 79 33.47 25.60 130.62
N GLN BF 80 34.61 25.44 131.27
CA GLN BF 80 35.90 25.84 130.71
C GLN BF 80 36.62 24.70 130.03
N ALA BF 81 35.99 23.53 129.92
CA ALA BF 81 36.61 22.40 129.28
C ALA BF 81 36.63 22.59 127.77
N ARG BF 82 37.43 21.76 127.10
CA ARG BF 82 37.66 21.89 125.67
C ARG BF 82 37.17 20.65 124.94
N ALA BF 83 36.74 20.83 123.69
CA ALA BF 83 36.17 19.75 122.91
C ALA BF 83 36.35 20.06 121.42
N SER BF 84 35.65 19.32 120.58
CA SER BF 84 35.68 19.51 119.14
C SER BF 84 34.36 19.02 118.58
N VAL BF 85 33.66 19.88 117.85
CA VAL BF 85 32.33 19.56 117.34
C VAL BF 85 32.22 20.04 115.90
N ASP BF 86 31.85 19.15 115.00
CA ASP BF 86 31.48 19.52 113.64
C ASP BF 86 30.03 19.08 113.44
N TRP BF 87 29.10 19.96 113.78
CA TRP BF 87 27.68 19.68 113.72
C TRP BF 87 27.02 20.67 112.78
N SER BF 88 25.98 20.20 112.08
CA SER BF 88 25.13 21.10 111.32
C SER BF 88 23.73 20.47 111.30
N GLY BF 89 22.88 20.92 112.22
CA GLY BF 89 21.54 20.40 112.30
C GLY BF 89 20.64 21.19 113.22
N PRO BF 90 19.70 20.52 113.86
CA PRO BF 90 18.83 21.20 114.83
C PRO BF 90 19.58 21.53 116.10
N ILE BF 91 18.93 22.35 116.91
CA ILE BF 91 19.60 23.07 117.98
C ILE BF 91 19.46 22.36 119.33
N GLU BF 92 18.31 21.75 119.57
CA GLU BF 92 17.92 21.33 120.91
C GLU BF 92 18.74 20.13 121.40
N GLU BF 93 18.92 19.13 120.53
CA GLU BF 93 19.68 17.94 120.90
C GLU BF 93 21.15 18.29 121.11
N LEU BF 94 21.65 19.22 120.29
CA LEU BF 94 23.02 19.71 120.47
C LEU BF 94 23.18 20.38 121.82
N THR BF 95 22.22 21.23 122.20
CA THR BF 95 22.29 21.90 123.50
C THR BF 95 22.14 20.91 124.65
N ALA BF 96 21.29 19.89 124.47
CA ALA BF 96 21.09 18.89 125.51
C ALA BF 96 22.35 18.07 125.74
N ARG BF 97 23.03 17.69 124.66
CA ARG BF 97 24.28 16.96 124.81
C ARG BF 97 25.38 17.86 125.37
N ILE BF 98 25.36 19.15 125.03
CA ILE BF 98 26.32 20.09 125.61
C ILE BF 98 26.12 20.21 127.11
N ALA BF 99 24.86 20.29 127.54
CA ALA BF 99 24.53 20.35 128.96
C ALA BF 99 24.92 19.07 129.67
N LYS BF 100 24.75 17.93 129.00
CA LYS BF 100 25.14 16.66 129.60
C LYS BF 100 26.65 16.55 129.74
N ALA BF 101 27.39 17.10 128.77
CA ALA BF 101 28.85 17.14 128.88
C ALA BF 101 29.28 18.09 129.98
N ALA BF 102 28.51 19.14 130.22
CA ALA BF 102 28.79 20.07 131.31
C ALA BF 102 28.25 19.59 132.65
N HIS BF 103 27.49 18.48 132.66
CA HIS BF 103 26.84 17.93 133.85
C HIS BF 103 25.92 18.96 134.51
N PHE BF 104 25.22 19.72 133.69
CA PHE BF 104 24.24 20.68 134.15
C PHE BF 104 22.86 20.26 133.69
N ARG BF 105 21.84 20.76 134.37
CA ARG BF 105 20.49 20.40 133.98
C ARG BF 105 20.01 21.25 132.81
N PHE BF 106 18.99 20.75 132.13
CA PHE BF 106 18.54 21.26 130.84
C PHE BF 106 17.07 21.63 130.93
N ARG BF 107 16.70 22.81 130.44
CA ARG BF 107 15.32 23.24 130.44
C ARG BF 107 14.96 23.93 129.14
N VAL BF 108 13.68 23.87 128.78
CA VAL BF 108 13.16 24.47 127.57
C VAL BF 108 11.89 25.23 127.90
N LEU BF 109 11.75 26.42 127.33
CA LEU BF 109 10.54 27.21 127.48
C LEU BF 109 10.08 27.69 126.11
N GLY BF 110 8.79 27.59 125.88
CA GLY BF 110 8.19 27.90 124.61
C GLY BF 110 7.72 26.65 123.90
N LYS BF 111 7.55 26.78 122.59
CA LYS BF 111 7.15 25.67 121.73
C LYS BF 111 8.10 25.60 120.55
N SER BF 112 8.46 24.39 120.16
CA SER BF 112 9.28 24.20 118.98
C SER BF 112 8.42 24.42 117.74
N PRO BF 113 8.81 25.32 116.84
CA PRO BF 113 8.02 25.54 115.62
C PRO BF 113 8.22 24.42 114.62
N SER BF 114 7.44 24.51 113.53
CA SER BF 114 7.47 23.48 112.50
C SER BF 114 8.81 23.45 111.77
N VAL BF 115 9.26 24.59 111.31
CA VAL BF 115 10.60 24.68 110.72
C VAL BF 115 11.62 24.71 111.86
N PRO BF 116 12.60 23.82 111.85
CA PRO BF 116 13.59 23.80 112.93
C PRO BF 116 14.52 25.00 112.85
N VAL BF 117 15.02 25.40 114.02
CA VAL BF 117 16.08 26.40 114.09
C VAL BF 117 17.39 25.71 113.79
N LEU BF 118 18.12 26.22 112.82
CA LEU BF 118 19.25 25.50 112.23
C LEU BF 118 20.56 26.20 112.59
N ILE BF 119 21.54 25.40 112.99
CA ILE BF 119 22.85 25.91 113.36
C ILE BF 119 23.91 25.01 112.77
N SER BF 120 25.13 25.53 112.67
CA SER BF 120 26.21 24.80 112.02
C SER BF 120 27.53 25.30 112.61
N ILE BF 121 28.10 24.51 113.52
CA ILE BF 121 29.34 24.87 114.20
C ILE BF 121 30.37 23.80 113.90
N SER BF 122 31.50 24.22 113.34
CA SER BF 122 32.63 23.34 113.11
C SER BF 122 33.85 23.92 113.81
N THR BF 123 34.36 23.20 114.80
CA THR BF 123 35.49 23.69 115.58
C THR BF 123 36.27 22.51 116.13
N LYS BF 124 37.58 22.73 116.27
CA LYS BF 124 38.53 21.72 116.72
C LYS BF 124 38.94 21.89 118.18
N ASP BF 125 38.99 23.12 118.68
CA ASP BF 125 39.34 23.33 120.08
C ASP BF 125 38.66 24.62 120.53
N GLU BF 126 37.72 24.49 121.46
CA GLU BF 126 36.93 25.62 121.90
C GLU BF 126 36.35 25.28 123.26
N SER BF 127 35.94 26.31 124.01
CA SER BF 127 35.26 26.03 125.25
C SER BF 127 33.76 26.28 125.14
N LEU BF 128 33.04 25.71 126.11
CA LEU BF 128 31.60 25.58 126.01
C LEU BF 128 30.89 26.92 126.16
N ALA BF 129 31.49 27.85 126.89
CA ALA BF 129 30.85 29.14 127.11
C ALA BF 129 30.77 29.93 125.82
N GLU BF 130 31.88 30.04 125.09
CA GLU BF 130 31.82 30.72 123.80
C GLU BF 130 31.15 29.87 122.73
N ILE BF 131 31.10 28.55 122.92
CA ILE BF 131 30.28 27.71 122.05
C ILE BF 131 28.82 28.12 122.17
N LEU BF 132 28.34 28.29 123.41
CA LEU BF 132 26.97 28.73 123.61
C LEU BF 132 26.78 30.18 123.20
N ARG BF 133 27.82 30.99 123.32
CA ARG BF 133 27.74 32.38 122.88
C ARG BF 133 27.54 32.47 121.38
N ASP BF 134 28.31 31.68 120.62
CA ASP BF 134 28.11 31.68 119.17
C ASP BF 134 26.82 30.95 118.79
N ILE BF 135 26.36 30.04 119.64
CA ILE BF 135 25.06 29.42 119.42
C ILE BF 135 23.95 30.46 119.52
N ASP BF 136 24.00 31.31 120.54
CA ASP BF 136 23.02 32.37 120.69
C ASP BF 136 23.14 33.41 119.58
N TYR BF 137 24.38 33.68 119.16
CA TYR BF 137 24.58 34.62 118.07
C TYR BF 137 23.98 34.09 116.77
N GLN BF 138 24.16 32.80 116.49
CA GLN BF 138 23.53 32.22 115.32
C GLN BF 138 22.03 32.11 115.49
N ALA BF 139 21.57 32.01 116.74
CA ALA BF 139 20.13 31.97 116.98
C ALA BF 139 19.48 33.30 116.64
N GLY BF 140 20.04 34.40 117.15
CA GLY BF 140 19.52 35.70 116.78
C GLY BF 140 18.23 36.09 117.46
N LYS BF 141 17.13 36.05 116.71
CA LYS BF 141 15.85 36.58 117.16
C LYS BF 141 14.90 35.52 117.68
N LYS BF 142 14.76 34.40 116.98
CA LYS BF 142 13.69 33.46 117.27
C LYS BF 142 13.93 32.67 118.55
N ALA BF 143 15.18 32.58 119.01
CA ALA BF 143 15.46 31.87 120.24
C ALA BF 143 16.65 32.50 120.94
N SER BF 144 16.73 32.25 122.23
CA SER BF 144 17.86 32.68 123.05
C SER BF 144 18.11 31.63 124.11
N ILE BF 145 19.10 31.89 124.95
CA ILE BF 145 19.48 30.93 125.99
C ILE BF 145 19.89 31.69 127.24
N HIS BF 146 19.64 31.07 128.39
CA HIS BF 146 20.11 31.57 129.66
C HIS BF 146 20.88 30.46 130.36
N VAL BF 147 21.85 30.86 131.16
CA VAL BF 147 22.69 29.92 131.90
C VAL BF 147 22.80 30.42 133.33
N TYR BF 148 22.43 29.58 134.29
CA TYR BF 148 22.39 29.99 135.69
C TYR BF 148 23.37 29.12 136.48
N PRO BF 149 24.32 29.74 137.18
CA PRO BF 149 25.25 28.98 138.04
C PRO BF 149 24.84 28.89 139.50
N ASN BF 150 23.77 29.57 139.91
CA ASN BF 150 23.26 29.37 141.26
C ASN BF 150 22.60 28.00 141.37
N SER BF 151 21.66 27.71 140.47
CA SER BF 151 21.18 26.35 140.24
C SER BF 151 21.67 25.95 138.87
N GLN BF 152 22.48 24.89 138.80
CA GLN BF 152 23.39 24.63 137.69
C GLN BF 152 22.60 24.20 136.46
N VAL BF 153 22.04 25.19 135.77
CA VAL BF 153 21.05 24.90 134.74
C VAL BF 153 21.31 25.76 133.50
N VAL BF 154 20.84 25.27 132.37
CA VAL BF 154 20.78 26.05 131.13
C VAL BF 154 19.38 25.91 130.57
N GLU BF 155 18.94 26.94 129.87
CA GLU BF 155 17.56 27.05 129.41
C GLU BF 155 17.54 27.60 128.00
N LEU BF 156 16.77 26.95 127.13
CA LEU BF 156 16.52 27.44 125.79
C LEU BF 156 15.14 28.09 125.76
N ARG BF 157 15.11 29.35 125.34
CA ARG BF 157 13.90 30.16 125.34
C ARG BF 157 13.48 30.44 123.91
N TYR BF 158 12.26 30.05 123.55
CA TYR BF 158 11.75 30.46 122.26
C TYR BF 158 11.18 31.87 122.34
N ALA BF 159 10.90 32.44 121.18
CA ALA BF 159 10.23 33.72 121.12
C ALA BF 159 8.73 33.51 120.90
N LYS BF 160 8.03 34.59 120.63
CA LYS BF 160 6.59 34.50 120.40
C LYS BF 160 6.26 34.93 118.98
N ILE CF 208 24.13 74.10 129.73
CA ILE CF 208 25.41 74.76 129.53
C ILE CF 208 26.52 73.72 129.48
N ILE CF 209 27.71 74.14 129.06
CA ILE CF 209 28.85 73.24 128.94
C ILE CF 209 30.09 73.94 129.48
N TYR CF 210 31.09 73.14 129.82
CA TYR CF 210 32.35 73.64 130.35
C TYR CF 210 33.52 73.00 129.61
N TYR CF 211 34.71 73.52 129.89
CA TYR CF 211 35.92 73.05 129.26
C TYR CF 211 37.10 73.33 130.19
N ILE CF 212 38.01 72.39 130.29
CA ILE CF 212 39.15 72.60 131.15
C ILE CF 212 40.19 73.42 130.40
N GLN CF 213 40.93 74.23 131.13
CA GLN CF 213 41.94 75.10 130.54
C GLN CF 213 43.35 74.72 130.95
N ALA CF 214 43.63 74.64 132.24
CA ALA CF 214 44.92 74.18 132.74
C ALA CF 214 44.69 73.34 133.98
N VAL CF 215 45.65 72.48 134.28
CA VAL CF 215 45.47 71.40 135.24
C VAL CF 215 46.65 71.36 136.19
N ILE CF 216 46.35 71.34 137.49
CA ILE CF 216 47.36 71.02 138.50
C ILE CF 216 46.80 69.91 139.37
N PRO CF 217 47.66 69.10 139.99
CA PRO CF 217 47.16 68.14 140.99
C PRO CF 217 46.48 68.81 142.17
N GLY CF 218 45.17 68.63 142.30
CA GLY CF 218 44.42 69.19 143.40
C GLY CF 218 43.30 70.13 142.99
N ARG CF 219 43.56 70.99 142.01
CA ARG CF 219 42.58 71.97 141.57
C ARG CF 219 42.86 72.30 140.11
N ALA CF 220 41.85 72.83 139.43
CA ALA CF 220 41.97 73.04 137.99
C ALA CF 220 41.27 74.33 137.60
N TRP CF 221 41.19 74.56 136.29
CA TRP CF 221 40.60 75.76 135.71
C TRP CF 221 39.57 75.36 134.68
N LEU CF 222 38.39 75.96 134.76
CA LEU CF 222 37.31 75.72 133.81
C LEU CF 222 36.91 77.02 133.14
N ILE CF 223 36.41 76.90 131.92
CA ILE CF 223 35.78 77.99 131.19
C ILE CF 223 34.46 77.45 130.67
N GLY CF 224 33.36 78.16 130.98
CA GLY CF 224 32.04 77.70 130.64
C GLY CF 224 31.64 78.04 129.20
N SER CF 225 30.41 77.64 128.86
CA SER CF 225 29.87 77.96 127.55
C SER CF 225 29.49 79.42 127.42
N ASN CF 226 29.31 80.12 128.52
CA ASN CF 226 28.94 81.53 128.52
C ASN CF 226 30.14 82.46 128.54
N GLY CF 227 31.35 81.94 128.31
CA GLY CF 227 32.54 82.77 128.37
C GLY CF 227 32.96 83.16 129.76
N SER CF 228 32.55 82.40 130.76
CA SER CF 228 32.85 82.71 132.16
C SER CF 228 33.97 81.80 132.66
N THR CF 229 34.95 82.38 133.33
CA THR CF 229 36.06 81.62 133.87
C THR CF 229 35.75 81.18 135.29
N LEU CF 230 36.43 80.11 135.72
CA LEU CF 230 36.23 79.56 137.04
C LEU CF 230 37.48 78.78 137.43
N THR CF 231 37.81 78.82 138.72
CA THR CF 231 38.87 77.97 139.28
C THR CF 231 38.21 77.01 140.26
N VAL CF 232 38.46 75.72 140.07
CA VAL CF 232 37.66 74.67 140.71
C VAL CF 232 38.58 73.87 141.62
N ARG CF 233 38.19 73.78 142.90
CA ARG CF 233 38.88 73.01 143.92
C ARG CF 233 38.42 71.55 143.87
N GLU CF 234 39.13 70.69 144.60
CA GLU CF 234 38.74 69.28 144.69
C GLU CF 234 37.39 69.13 145.38
N GLY CF 235 37.24 69.71 146.56
CA GLY CF 235 35.94 69.69 147.19
C GLY CF 235 35.17 70.93 146.80
N SER CF 236 34.33 70.82 145.78
CA SER CF 236 33.64 71.98 145.24
C SER CF 236 32.43 71.53 144.47
N LYS CF 237 31.50 72.47 144.29
CA LYS CF 237 30.26 72.22 143.58
C LYS CF 237 30.25 73.02 142.29
N ILE CF 238 29.48 72.53 141.33
CA ILE CF 238 29.34 73.19 140.03
C ILE CF 238 27.95 72.90 139.47
N PRO CF 239 27.23 73.91 139.01
CA PRO CF 239 25.90 73.67 138.45
C PRO CF 239 25.96 72.88 137.15
N GLY CF 240 25.00 71.98 136.98
CA GLY CF 240 24.96 71.09 135.84
C GLY CF 240 25.83 69.86 135.96
N TYR CF 241 26.69 69.80 136.97
CA TYR CF 241 27.61 68.69 137.15
C TYR CF 241 27.68 68.18 138.58
N GLY CF 242 27.30 68.97 139.56
CA GLY CF 242 27.22 68.48 140.93
C GLY CF 242 28.51 68.69 141.67
N MET CF 243 29.00 67.63 142.31
CA MET CF 243 30.13 67.69 143.22
C MET CF 243 31.39 67.18 142.51
N VAL CF 244 32.47 67.97 142.61
CA VAL CF 244 33.76 67.54 142.10
C VAL CF 244 34.33 66.46 143.00
N LYS CF 245 34.77 65.35 142.40
CA LYS CF 245 35.27 64.23 143.18
C LYS CF 245 36.65 63.74 142.77
N LEU CF 246 37.18 64.17 141.62
CA LEU CF 246 38.45 63.62 141.16
C LEU CF 246 39.21 64.65 140.34
N ILE CF 247 40.47 64.84 140.70
CA ILE CF 247 41.40 65.66 139.93
C ILE CF 247 42.49 64.73 139.42
N ASP CF 248 42.56 64.54 138.11
CA ASP CF 248 43.59 63.72 137.48
C ASP CF 248 44.52 64.63 136.69
N SER CF 249 45.81 64.53 136.99
CA SER CF 249 46.81 65.32 136.30
C SER CF 249 47.33 64.66 135.04
N LEU CF 250 46.97 63.39 134.79
CA LEU CF 250 47.49 62.68 133.63
C LEU CF 250 46.68 62.98 132.38
N GLN CF 251 45.41 62.62 132.38
CA GLN CF 251 44.51 62.91 131.28
C GLN CF 251 43.60 64.06 131.68
N GLY CF 252 42.59 64.32 130.86
CA GLY CF 252 41.57 65.27 131.23
C GLY CF 252 40.43 64.62 131.97
N ARG CF 253 40.76 63.72 132.90
CA ARG CF 253 39.75 62.97 133.64
C ARG CF 253 39.29 63.82 134.82
N ILE CF 254 38.21 64.56 134.61
CA ILE CF 254 37.65 65.43 135.63
C ILE CF 254 36.31 64.82 136.02
N LEU CF 255 36.32 63.95 137.01
CA LEU CF 255 35.13 63.19 137.33
C LEU CF 255 34.23 63.96 138.29
N THR CF 256 32.97 64.10 137.91
CA THR CF 256 31.98 64.78 138.71
C THR CF 256 31.17 63.76 139.51
N SER CF 257 30.29 64.28 140.36
CA SER CF 257 29.32 63.42 141.03
C SER CF 257 28.27 62.91 140.05
N SER CF 258 28.00 63.66 138.98
CA SER CF 258 26.96 63.32 138.04
C SER CF 258 27.37 62.24 137.04
N GLY CF 259 28.63 61.83 137.03
CA GLY CF 259 29.06 60.77 136.14
C GLY CF 259 29.56 61.22 134.79
N GLN CF 260 29.89 62.50 134.64
CA GLN CF 260 30.43 63.02 133.40
C GLN CF 260 31.85 63.54 133.62
N VAL CF 261 32.65 63.52 132.56
CA VAL CF 261 34.04 63.92 132.62
C VAL CF 261 34.29 64.97 131.54
N ILE CF 262 34.86 66.10 131.93
CA ILE CF 262 35.09 67.22 131.02
C ILE CF 262 36.54 67.17 130.55
N LYS CF 263 36.72 67.12 129.23
CA LYS CF 263 38.04 67.06 128.63
C LYS CF 263 38.42 68.44 128.10
N PHE CF 264 39.53 68.51 127.38
CA PHE CF 264 39.92 69.74 126.71
C PHE CF 264 39.11 69.94 125.45
N SER CF 265 39.37 71.04 124.76
CA SER CF 265 38.70 71.30 123.50
C SER CF 265 39.24 70.37 122.40
N GLN CF 266 38.45 70.22 121.35
CA GLN CF 266 38.81 69.35 120.23
C GLN CF 266 39.98 69.92 119.43
N MET DF 23 83.84 27.86 106.09
CA MET DF 23 82.76 28.64 106.70
C MET DF 23 81.49 28.50 105.89
N LYS DF 24 81.14 27.28 105.52
CA LYS DF 24 79.96 27.04 104.70
C LYS DF 24 78.72 26.99 105.58
N PHE DF 25 77.60 26.61 104.99
CA PHE DF 25 76.34 26.47 105.70
C PHE DF 25 75.67 25.17 105.28
N LYS DF 26 74.86 24.62 106.18
CA LYS DF 26 74.22 23.35 105.93
C LYS DF 26 72.98 23.24 106.78
N LYS DF 27 72.09 22.34 106.39
CA LYS DF 27 70.86 22.05 107.11
C LYS DF 27 70.79 20.56 107.39
N PRO DF 28 70.26 20.15 108.55
CA PRO DF 28 70.46 18.78 109.05
C PRO DF 28 69.79 17.68 108.22
N PRO DF 29 68.44 17.72 107.92
CA PRO DF 29 67.83 16.49 107.40
C PRO DF 29 68.20 16.19 105.95
N ILE DF 30 69.07 15.20 105.76
CA ILE DF 30 69.58 14.84 104.44
C ILE DF 30 69.23 13.37 104.21
N ASN DF 31 68.20 13.13 103.41
CA ASN DF 31 67.80 11.78 103.07
C ASN DF 31 68.32 11.43 101.68
N ASN DF 32 67.91 10.27 101.19
CA ASN DF 32 68.07 9.94 99.79
C ASN DF 32 67.07 10.75 98.97
N PRO DF 33 67.35 10.96 97.68
CA PRO DF 33 66.39 11.66 96.82
C PRO DF 33 65.09 10.89 96.67
N SER DF 34 63.99 11.63 96.56
CA SER DF 34 62.65 11.10 96.65
C SER DF 34 62.02 10.99 95.27
N ASP DF 35 60.74 10.66 95.23
CA ASP DF 35 60.02 10.57 93.97
C ASP DF 35 58.58 11.04 94.15
N ASP DF 36 58.07 11.70 93.11
CA ASP DF 36 56.78 12.36 93.13
C ASP DF 36 55.63 11.39 93.33
N ALA DF 37 55.79 10.14 92.89
CA ALA DF 37 54.78 9.13 93.11
C ALA DF 37 54.59 8.87 94.60
N THR DF 38 55.70 8.68 95.30
CA THR DF 38 55.67 8.52 96.74
C THR DF 38 55.16 9.77 97.43
N ILE DF 39 55.50 10.95 96.88
CA ILE DF 39 55.05 12.21 97.47
C ILE DF 39 53.53 12.34 97.39
N LYS DF 40 52.97 12.01 96.23
CA LYS DF 40 51.52 12.12 96.05
C LYS DF 40 50.79 11.06 96.86
N LEU DF 41 51.38 9.87 96.97
CA LEU DF 41 50.84 8.84 97.85
C LEU DF 41 50.79 9.32 99.30
N ALA DF 42 51.87 9.96 99.76
CA ALA DF 42 51.92 10.48 101.12
C ALA DF 42 50.90 11.58 101.34
N GLU DF 43 50.77 12.47 100.37
CA GLU DF 43 49.85 13.59 100.56
C GLU DF 43 48.40 13.15 100.49
N ALA DF 44 48.10 12.04 99.81
CA ALA DF 44 46.76 11.48 99.95
C ALA DF 44 46.59 10.81 101.31
N ALA DF 45 47.59 10.04 101.72
CA ALA DF 45 47.46 9.19 102.91
C ALA DF 45 47.39 10.01 104.19
N VAL DF 46 47.97 11.21 104.19
CA VAL DF 46 47.93 12.08 105.37
C VAL DF 46 46.49 12.50 105.66
N SER DF 47 45.79 12.95 104.62
CA SER DF 47 44.40 13.35 104.76
C SER DF 47 43.51 12.15 105.09
N VAL DF 48 43.82 10.99 104.50
CA VAL DF 48 43.08 9.78 104.80
C VAL DF 48 43.21 9.42 106.28
N SER DF 49 44.44 9.46 106.79
CA SER DF 49 44.70 9.10 108.18
C SER DF 49 44.07 10.11 109.14
N ASP DF 50 44.07 11.38 108.77
CA ASP DF 50 43.48 12.39 109.64
C ASP DF 50 41.95 12.23 109.71
N SER DF 51 41.32 11.90 108.57
CA SER DF 51 39.89 11.65 108.57
C SER DF 51 39.55 10.42 109.40
N MET DF 52 40.40 9.38 109.30
CA MET DF 52 40.20 8.19 110.10
C MET DF 52 40.35 8.48 111.59
N LEU DF 53 41.28 9.37 111.95
CA LEU DF 53 41.49 9.70 113.35
C LEU DF 53 40.31 10.45 113.92
N GLU DF 54 39.78 11.44 113.18
CA GLU DF 54 38.66 12.20 113.74
C GLU DF 54 37.40 11.36 113.81
N MET DF 55 37.18 10.48 112.82
CA MET DF 55 36.00 9.62 112.90
C MET DF 55 36.15 8.60 114.02
N ALA DF 56 37.37 8.16 114.30
CA ALA DF 56 37.60 7.25 115.42
C ALA DF 56 37.31 7.93 116.74
N LYS DF 57 37.71 9.20 116.88
CA LYS DF 57 37.42 9.96 118.09
C LYS DF 57 35.92 10.11 118.31
N VAL DF 58 35.20 10.48 117.24
CA VAL DF 58 33.75 10.69 117.33
C VAL DF 58 33.05 9.38 117.70
N GLU DF 59 33.45 8.28 117.06
CA GLU DF 59 32.86 6.98 117.34
C GLU DF 59 33.13 6.52 118.77
N LYS DF 60 34.36 6.74 119.25
CA LYS DF 60 34.74 6.33 120.60
C LYS DF 60 33.94 7.09 121.65
N VAL DF 61 33.73 8.39 121.45
CA VAL DF 61 32.96 9.14 122.43
C VAL DF 61 31.48 8.77 122.35
N ILE DF 62 30.94 8.61 121.14
CA ILE DF 62 29.50 8.39 121.03
C ILE DF 62 29.10 6.97 121.45
N THR DF 63 30.02 6.02 121.46
CA THR DF 63 29.67 4.69 121.96
C THR DF 63 30.52 4.34 123.18
N PRO DF 64 29.93 4.26 124.36
CA PRO DF 64 30.68 3.87 125.55
C PRO DF 64 30.85 2.36 125.63
N PRO DF 65 32.08 1.86 125.57
CA PRO DF 65 32.30 0.42 125.72
C PRO DF 65 32.11 -0.02 127.16
N SER DF 66 31.82 -1.30 127.31
CA SER DF 66 31.53 -1.87 128.62
C SER DF 66 32.53 -2.92 129.06
N LYS DF 67 32.78 -3.91 128.23
CA LYS DF 67 33.60 -5.05 128.60
C LYS DF 67 34.99 -4.92 128.01
N ASP DF 68 35.84 -5.86 128.37
CA ASP DF 68 37.14 -6.05 127.75
C ASP DF 68 37.33 -7.54 127.52
N ASN DF 69 38.07 -7.87 126.48
CA ASN DF 69 38.27 -9.27 126.11
C ASN DF 69 39.31 -9.96 126.99
N THR DF 70 39.92 -9.25 127.93
CA THR DF 70 40.87 -9.87 128.84
C THR DF 70 40.20 -10.87 129.76
N LEU DF 71 38.92 -10.66 130.07
CA LEU DF 71 38.18 -11.66 130.82
C LEU DF 71 37.95 -12.91 129.97
N THR DF 72 37.70 -12.72 128.68
CA THR DF 72 37.48 -13.86 127.79
C THR DF 72 38.76 -14.66 127.62
N ILE DF 73 39.86 -13.99 127.28
CA ILE DF 73 41.14 -14.68 127.15
C ILE DF 73 42.09 -14.08 128.18
N PRO DF 74 42.45 -14.83 129.20
CA PRO DF 74 43.51 -14.40 130.10
C PRO DF 74 44.87 -14.85 129.60
N ASN DF 75 45.91 -14.61 130.38
CA ASN DF 75 47.23 -15.16 130.09
C ASN DF 75 47.51 -16.31 131.02
N ALA DF 76 48.55 -17.08 130.69
CA ALA DF 76 48.98 -18.19 131.52
C ALA DF 76 50.48 -18.39 131.32
N TYR DF 77 51.02 -19.42 131.96
CA TYR DF 77 52.41 -19.74 131.74
C TYR DF 77 52.58 -20.43 130.39
N ASN DF 78 53.85 -20.61 130.01
CA ASN DF 78 54.35 -21.00 128.68
C ASN DF 78 53.61 -20.28 127.57
N LEU DF 79 53.37 -19.00 127.78
CA LEU DF 79 52.58 -18.19 126.87
C LEU DF 79 53.16 -16.80 126.68
N GLN DF 80 54.32 -16.51 127.27
CA GLN DF 80 54.94 -15.21 127.15
C GLN DF 80 56.02 -15.18 126.09
N ALA DF 81 56.04 -16.19 125.23
CA ALA DF 81 57.01 -16.24 124.15
C ALA DF 81 56.76 -15.13 123.15
N ARG DF 82 57.81 -14.72 122.46
CA ARG DF 82 57.72 -13.58 121.57
C ARG DF 82 57.64 -14.06 120.12
N ALA DF 83 57.02 -13.24 119.29
CA ALA DF 83 56.82 -13.59 117.89
C ALA DF 83 56.79 -12.33 117.04
N SER DF 84 57.10 -12.51 115.76
CA SER DF 84 56.94 -11.45 114.76
C SER DF 84 56.33 -12.07 113.53
N VAL DF 85 55.27 -11.46 113.02
CA VAL DF 85 54.36 -12.14 112.09
C VAL DF 85 54.03 -11.22 110.92
N ASP DF 86 54.17 -11.74 109.70
CA ASP DF 86 53.51 -11.18 108.53
C ASP DF 86 52.60 -12.24 107.93
N TRP DF 87 51.31 -11.94 107.85
CA TRP DF 87 50.34 -12.93 107.40
C TRP DF 87 49.16 -12.22 106.78
N SER DF 88 48.65 -12.76 105.68
CA SER DF 88 47.52 -12.17 104.99
C SER DF 88 46.58 -13.24 104.44
N GLY DF 89 46.28 -14.26 105.23
CA GLY DF 89 45.49 -15.35 104.74
C GLY DF 89 44.30 -15.70 105.61
N PRO DF 90 43.69 -16.85 105.34
CA PRO DF 90 42.68 -17.38 106.26
C PRO DF 90 43.31 -17.80 107.57
N ILE DF 91 42.52 -17.70 108.63
CA ILE DF 91 43.06 -17.76 110.00
C ILE DF 91 43.42 -19.16 110.46
N GLU DF 92 43.04 -20.19 109.71
CA GLU DF 92 43.17 -21.56 110.20
C GLU DF 92 44.63 -21.98 110.29
N GLU DF 93 45.43 -21.68 109.26
CA GLU DF 93 46.85 -22.02 109.27
C GLU DF 93 47.58 -21.31 110.39
N LEU DF 94 47.25 -20.03 110.60
CA LEU DF 94 47.91 -19.24 111.63
C LEU DF 94 47.56 -19.75 113.02
N THR DF 95 46.29 -20.07 113.26
CA THR DF 95 45.89 -20.56 114.57
C THR DF 95 46.44 -21.94 114.84
N ALA DF 96 46.52 -22.79 113.80
CA ALA DF 96 47.11 -24.11 113.96
C ALA DF 96 48.60 -24.02 114.28
N ARG DF 97 49.30 -23.09 113.63
CA ARG DF 97 50.72 -22.91 113.93
C ARG DF 97 50.93 -22.36 115.34
N ILE DF 98 50.04 -21.46 115.77
CA ILE DF 98 50.10 -20.92 117.13
C ILE DF 98 49.86 -22.00 118.16
N ALA DF 99 48.87 -22.86 117.92
CA ALA DF 99 48.59 -23.95 118.85
C ALA DF 99 49.72 -24.97 118.89
N LYS DF 100 50.34 -25.23 117.73
CA LYS DF 100 51.47 -26.16 117.68
C LYS DF 100 52.68 -25.61 118.44
N ALA DF 101 52.91 -24.30 118.35
CA ALA DF 101 53.96 -23.70 119.15
C ALA DF 101 53.59 -23.70 120.63
N ALA DF 102 52.31 -23.58 120.96
CA ALA DF 102 51.88 -23.47 122.33
C ALA DF 102 51.69 -24.81 123.02
N HIS DF 103 51.75 -25.92 122.26
CA HIS DF 103 51.47 -27.28 122.73
C HIS DF 103 50.07 -27.37 123.36
N PHE DF 104 49.13 -26.67 122.76
CA PHE DF 104 47.76 -26.63 123.25
C PHE DF 104 46.83 -27.26 122.24
N ARG DF 105 45.71 -27.77 122.74
CA ARG DF 105 44.73 -28.35 121.83
C ARG DF 105 44.00 -27.24 121.08
N PHE DF 106 43.64 -27.55 119.84
CA PHE DF 106 43.04 -26.57 118.93
C PHE DF 106 41.63 -27.00 118.60
N ARG DF 107 40.65 -26.34 119.20
CA ARG DF 107 39.25 -26.71 119.07
C ARG DF 107 38.60 -25.87 117.98
N VAL DF 108 37.68 -26.50 117.23
CA VAL DF 108 36.97 -25.85 116.14
C VAL DF 108 35.48 -26.00 116.41
N LEU DF 109 34.76 -24.87 116.40
CA LEU DF 109 33.32 -24.88 116.59
C LEU DF 109 32.66 -24.15 115.43
N GLY DF 110 31.59 -24.73 114.92
CA GLY DF 110 30.92 -24.16 113.78
C GLY DF 110 31.55 -24.59 112.49
N LYS DF 111 30.96 -24.13 111.39
CA LYS DF 111 31.46 -24.44 110.07
C LYS DF 111 31.93 -23.17 109.38
N SER DF 112 33.03 -23.28 108.66
CA SER DF 112 33.55 -22.13 107.94
C SER DF 112 32.62 -21.76 106.79
N PRO DF 113 32.27 -20.49 106.63
CA PRO DF 113 31.38 -20.09 105.55
C PRO DF 113 32.11 -20.09 104.22
N SER DF 114 31.33 -19.93 103.15
CA SER DF 114 31.86 -19.98 101.81
C SER DF 114 32.79 -18.80 101.52
N VAL DF 115 32.40 -17.61 101.92
CA VAL DF 115 33.31 -16.48 101.88
C VAL DF 115 34.25 -16.67 103.06
N PRO DF 116 35.55 -16.79 102.83
CA PRO DF 116 36.48 -17.03 103.94
C PRO DF 116 36.73 -15.75 104.73
N VAL DF 117 37.23 -15.94 105.94
CA VAL DF 117 37.65 -14.82 106.77
C VAL DF 117 39.12 -14.57 106.49
N LEU DF 118 39.44 -13.35 106.08
CA LEU DF 118 40.81 -12.99 105.74
C LEU DF 118 41.29 -11.91 106.71
N ILE DF 119 42.44 -12.17 107.33
CA ILE DF 119 43.00 -11.26 108.32
C ILE DF 119 44.43 -10.92 107.90
N SER DF 120 44.73 -9.63 107.83
CA SER DF 120 46.08 -9.16 107.59
C SER DF 120 46.68 -8.70 108.90
N ILE DF 121 47.86 -9.22 109.22
CA ILE DF 121 48.60 -8.80 110.41
C ILE DF 121 50.06 -8.62 110.01
N SER DF 122 50.60 -7.44 110.31
CA SER DF 122 52.01 -7.13 110.06
C SER DF 122 52.53 -6.37 111.28
N THR DF 123 53.05 -7.11 112.26
CA THR DF 123 53.62 -6.51 113.44
C THR DF 123 54.75 -7.40 113.96
N LYS DF 124 55.38 -6.98 115.04
CA LYS DF 124 56.61 -7.60 115.48
C LYS DF 124 56.79 -7.42 116.98
N ASP DF 125 57.21 -8.50 117.65
CA ASP DF 125 57.68 -8.50 119.04
C ASP DF 125 56.59 -8.05 120.02
N GLU DF 126 55.57 -8.88 120.12
CA GLU DF 126 54.57 -8.70 121.16
C GLU DF 126 54.10 -10.06 121.64
N SER DF 127 53.24 -10.03 122.65
CA SER DF 127 52.82 -11.25 123.33
C SER DF 127 51.93 -12.11 122.46
N LEU DF 128 51.92 -13.40 122.77
CA LEU DF 128 50.97 -14.31 122.14
C LEU DF 128 49.55 -13.94 122.52
N ALA DF 129 49.34 -13.57 123.78
CA ALA DF 129 48.01 -13.17 124.24
C ALA DF 129 47.56 -11.90 123.54
N GLU DF 130 48.48 -10.94 123.37
CA GLU DF 130 48.15 -9.72 122.66
C GLU DF 130 47.83 -9.99 121.20
N ILE DF 131 48.61 -10.88 120.57
CA ILE DF 131 48.38 -11.27 119.18
C ILE DF 131 47.00 -11.90 119.04
N LEU DF 132 46.66 -12.79 119.97
CA LEU DF 132 45.36 -13.45 119.92
C LEU DF 132 44.22 -12.47 120.15
N ARG DF 133 44.41 -11.52 121.05
CA ARG DF 133 43.38 -10.51 121.31
C ARG DF 133 43.15 -9.63 120.09
N ASP DF 134 44.22 -9.19 119.43
CA ASP DF 134 43.98 -8.38 118.24
C ASP DF 134 43.50 -9.22 117.06
N ILE DF 135 43.80 -10.51 117.05
CA ILE DF 135 43.23 -11.40 116.03
C ILE DF 135 41.72 -11.47 116.18
N ASP DF 136 41.26 -11.65 117.41
CA ASP DF 136 39.82 -11.66 117.66
C ASP DF 136 39.21 -10.28 117.44
N TYR DF 137 40.00 -9.23 117.66
CA TYR DF 137 39.51 -7.88 117.39
C TYR DF 137 39.31 -7.65 115.89
N GLN DF 138 40.29 -8.05 115.08
CA GLN DF 138 40.18 -7.85 113.63
C GLN DF 138 39.21 -8.83 113.00
N ALA DF 139 38.88 -9.92 113.70
CA ALA DF 139 37.90 -10.86 113.19
C ALA DF 139 36.52 -10.24 113.06
N GLY DF 140 36.19 -9.28 113.92
CA GLY DF 140 34.87 -8.70 113.89
C GLY DF 140 33.84 -9.66 114.45
N LYS DF 141 32.61 -9.53 113.94
CA LYS DF 141 31.48 -10.28 114.47
C LYS DF 141 31.43 -11.72 113.97
N LYS DF 142 32.26 -12.09 112.99
CA LYS DF 142 32.10 -13.37 112.33
C LYS DF 142 32.64 -14.53 113.17
N ALA DF 143 33.75 -14.33 113.86
CA ALA DF 143 34.39 -15.43 114.57
C ALA DF 143 34.94 -14.94 115.91
N SER DF 144 35.15 -15.88 116.82
CA SER DF 144 35.61 -15.56 118.15
C SER DF 144 36.56 -16.63 118.66
N ILE DF 145 37.38 -16.24 119.64
CA ILE DF 145 38.39 -17.10 120.24
C ILE DF 145 38.16 -17.14 121.74
N HIS DF 146 38.28 -18.32 122.33
CA HIS DF 146 38.31 -18.45 123.78
C HIS DF 146 39.47 -19.34 124.19
N VAL DF 147 40.01 -19.09 125.37
CA VAL DF 147 41.19 -19.79 125.85
C VAL DF 147 40.91 -20.36 127.23
N TYR DF 148 41.05 -21.68 127.36
CA TYR DF 148 40.92 -22.32 128.66
C TYR DF 148 42.30 -22.81 129.06
N PRO DF 149 42.97 -22.13 130.00
CA PRO DF 149 44.37 -22.46 130.29
C PRO DF 149 44.54 -23.73 131.08
N ASN DF 150 43.64 -23.94 132.06
CA ASN DF 150 43.64 -25.17 132.84
C ASN DF 150 43.31 -26.36 131.96
N SER DF 151 42.51 -26.16 130.93
CA SER DF 151 42.24 -27.20 129.96
C SER DF 151 43.28 -27.24 128.84
N GLN DF 152 44.17 -26.24 128.78
CA GLN DF 152 45.20 -26.11 127.75
C GLN DF 152 44.62 -26.13 126.34
N VAL DF 153 43.49 -25.43 126.17
CA VAL DF 153 42.71 -25.49 124.95
C VAL DF 153 42.53 -24.08 124.40
N VAL DF 154 42.82 -23.91 123.13
CA VAL DF 154 42.47 -22.71 122.38
C VAL DF 154 41.32 -23.09 121.46
N GLU DF 155 40.17 -22.46 121.65
CA GLU DF 155 38.98 -22.79 120.88
C GLU DF 155 38.64 -21.63 119.95
N LEU DF 156 38.40 -21.96 118.69
CA LEU DF 156 37.87 -21.03 117.71
C LEU DF 156 36.41 -21.36 117.46
N ARG DF 157 35.60 -20.33 117.21
CA ARG DF 157 34.20 -20.53 116.91
C ARG DF 157 33.75 -19.60 115.79
N TYR DF 158 32.99 -20.16 114.85
CA TYR DF 158 32.26 -19.37 113.88
C TYR DF 158 30.88 -19.06 114.42
N ALA DF 159 30.47 -17.80 114.33
CA ALA DF 159 29.21 -17.42 114.92
C ALA DF 159 28.04 -17.85 114.04
N LYS DF 160 26.86 -17.84 114.64
CA LYS DF 160 25.62 -18.04 113.90
C LYS DF 160 25.16 -16.70 113.34
N ILE DF 161 24.89 -16.67 112.05
CA ILE DF 161 24.50 -15.46 111.33
C ILE DF 161 23.64 -15.90 110.15
N TYR DF 162 23.01 -14.93 109.48
CA TYR DF 162 22.12 -15.08 108.32
C TYR DF 162 20.89 -15.89 108.71
N ARG EF 207 -20.25 20.10 110.09
CA ARG EF 207 -20.68 18.87 109.46
C ARG EF 207 -20.63 18.99 107.94
N ILE EF 208 -21.45 18.18 107.27
CA ILE EF 208 -21.47 18.12 105.80
C ILE EF 208 -22.83 18.62 105.32
N ILE EF 209 -22.79 19.61 104.45
CA ILE EF 209 -24.00 20.23 103.92
C ILE EF 209 -24.53 19.39 102.76
N TYR EF 210 -25.80 19.02 102.83
CA TYR EF 210 -26.47 18.32 101.75
C TYR EF 210 -27.32 19.30 100.96
N TYR EF 211 -27.09 19.37 99.65
CA TYR EF 211 -27.89 20.17 98.75
C TYR EF 211 -28.52 19.25 97.70
N ILE EF 212 -29.78 19.49 97.38
CA ILE EF 212 -30.51 18.59 96.51
C ILE EF 212 -30.10 18.82 95.07
N GLN EF 213 -29.58 17.78 94.43
CA GLN EF 213 -29.37 17.82 93.00
C GLN EF 213 -30.67 17.56 92.26
N ALA EF 214 -31.26 16.39 92.49
CA ALA EF 214 -32.52 16.02 91.88
C ALA EF 214 -33.38 15.32 92.93
N VAL EF 215 -34.67 15.62 92.90
CA VAL EF 215 -35.64 14.96 93.78
C VAL EF 215 -36.71 14.32 92.91
N ILE EF 216 -36.91 13.02 93.08
CA ILE EF 216 -37.94 12.28 92.37
C ILE EF 216 -38.80 11.63 93.43
N PRO EF 217 -40.08 11.32 93.13
CA PRO EF 217 -40.88 10.56 94.09
C PRO EF 217 -40.31 9.16 94.24
N GLY EF 218 -39.63 8.92 95.36
CA GLY EF 218 -38.96 7.67 95.61
C GLY EF 218 -37.46 7.76 95.77
N ARG EF 219 -36.79 8.57 94.96
CA ARG EF 219 -35.34 8.73 95.01
C ARG EF 219 -34.96 10.19 94.99
N ALA EF 220 -33.95 10.55 95.78
CA ALA EF 220 -33.47 11.93 95.81
C ALA EF 220 -31.96 11.94 95.61
N TRP EF 221 -31.46 13.01 95.00
CA TRP EF 221 -30.04 13.16 94.71
C TRP EF 221 -29.51 14.34 95.50
N LEU EF 222 -28.50 14.08 96.33
CA LEU EF 222 -27.92 15.05 97.22
C LEU EF 222 -26.44 15.19 96.91
N ILE EF 223 -25.87 16.35 97.23
CA ILE EF 223 -24.45 16.58 97.05
C ILE EF 223 -23.87 17.05 98.38
N GLY EF 224 -22.70 16.49 98.73
CA GLY EF 224 -22.06 16.86 99.98
C GLY EF 224 -21.37 18.20 99.91
N SER EF 225 -20.92 18.66 101.08
CA SER EF 225 -20.25 19.96 101.16
C SER EF 225 -18.90 19.93 100.45
N ASN EF 226 -18.24 18.78 100.42
CA ASN EF 226 -17.05 18.61 99.61
C ASN EF 226 -17.38 18.33 98.15
N GLY EF 227 -18.65 18.18 97.81
CA GLY EF 227 -19.05 17.79 96.49
C GLY EF 227 -19.39 16.32 96.34
N SER EF 228 -19.48 15.58 97.43
CA SER EF 228 -19.76 14.15 97.37
C SER EF 228 -21.21 13.90 96.98
N THR EF 229 -21.42 13.17 95.90
CA THR EF 229 -22.74 12.93 95.34
C THR EF 229 -23.31 11.62 95.86
N LEU EF 230 -24.58 11.66 96.24
CA LEU EF 230 -25.28 10.48 96.74
C LEU EF 230 -26.71 10.50 96.24
N THR EF 231 -27.32 9.32 96.25
CA THR EF 231 -28.75 9.17 96.00
C THR EF 231 -29.35 8.32 97.11
N VAL EF 232 -30.60 8.63 97.45
CA VAL EF 232 -31.27 8.01 98.58
C VAL EF 232 -32.66 7.58 98.16
N ARG EF 233 -33.19 6.62 98.91
CA ARG EF 233 -34.55 6.11 98.79
C ARG EF 233 -35.36 6.56 100.00
N GLU EF 234 -36.61 6.09 100.07
CA GLU EF 234 -37.46 6.48 101.19
C GLU EF 234 -37.03 5.79 102.48
N GLY EF 235 -36.77 4.49 102.42
CA GLY EF 235 -36.21 3.82 103.57
C GLY EF 235 -34.70 3.82 103.48
N SER EF 236 -34.07 4.81 104.12
CA SER EF 236 -32.65 5.02 103.92
C SER EF 236 -32.05 5.67 105.17
N LYS EF 237 -30.73 5.49 105.31
CA LYS EF 237 -29.97 6.05 106.41
C LYS EF 237 -28.88 6.97 105.88
N ILE EF 238 -28.69 8.11 106.54
CA ILE EF 238 -27.78 9.13 106.05
C ILE EF 238 -26.86 9.57 107.19
N PRO EF 239 -25.54 9.59 106.99
CA PRO EF 239 -24.63 10.03 108.05
C PRO EF 239 -24.73 11.52 108.30
N GLY EF 240 -24.77 11.89 109.58
CA GLY EF 240 -24.87 13.27 109.98
C GLY EF 240 -26.27 13.83 110.07
N TYR EF 241 -27.28 13.09 109.60
CA TYR EF 241 -28.65 13.57 109.57
C TYR EF 241 -29.68 12.57 110.10
N GLY EF 242 -29.26 11.40 110.54
CA GLY EF 242 -30.21 10.44 111.07
C GLY EF 242 -30.73 9.50 110.00
N MET EF 243 -32.03 9.22 110.04
CA MET EF 243 -32.67 8.34 109.07
C MET EF 243 -33.55 9.16 108.13
N VAL EF 244 -33.62 8.72 106.88
CA VAL EF 244 -34.50 9.36 105.91
C VAL EF 244 -35.93 8.96 106.23
N LYS EF 245 -36.73 9.91 106.71
CA LYS EF 245 -38.09 9.59 107.13
C LYS EF 245 -39.16 10.09 106.18
N LEU EF 246 -38.90 11.14 105.41
CA LEU EF 246 -39.88 11.61 104.44
C LEU EF 246 -39.17 12.33 103.30
N ILE EF 247 -39.48 11.93 102.07
CA ILE EF 247 -39.03 12.62 100.86
C ILE EF 247 -40.29 13.07 100.12
N ASP EF 248 -40.48 14.38 100.03
CA ASP EF 248 -41.63 14.95 99.33
C ASP EF 248 -41.12 15.62 98.06
N SER EF 249 -41.54 15.09 96.90
CA SER EF 249 -41.21 15.74 95.64
C SER EF 249 -41.95 17.04 95.45
N LEU EF 250 -43.07 17.21 96.14
CA LEU EF 250 -43.75 18.50 96.19
C LEU EF 250 -42.89 19.48 96.98
N GLN EF 251 -42.48 20.56 96.31
CA GLN EF 251 -41.71 21.68 96.83
C GLN EF 251 -40.31 21.29 97.31
N GLY EF 252 -39.83 20.08 96.98
CA GLY EF 252 -38.46 19.67 97.24
C GLY EF 252 -38.04 19.62 98.70
N ARG EF 253 -38.90 19.10 99.56
CA ARG EF 253 -38.66 19.08 101.00
C ARG EF 253 -38.41 17.64 101.45
N ILE EF 254 -37.29 17.42 102.14
CA ILE EF 254 -36.94 16.10 102.65
C ILE EF 254 -36.84 16.19 104.16
N LEU EF 255 -37.48 15.26 104.85
CA LEU EF 255 -37.44 15.22 106.31
C LEU EF 255 -36.51 14.12 106.79
N THR EF 256 -35.71 14.43 107.81
CA THR EF 256 -34.71 13.53 108.34
C THR EF 256 -34.90 13.38 109.85
N SER EF 257 -34.64 12.16 110.34
CA SER EF 257 -35.00 11.71 111.68
C SER EF 257 -34.22 12.42 112.78
N SER EF 258 -33.20 13.19 112.45
CA SER EF 258 -32.59 14.13 113.38
C SER EF 258 -33.36 15.45 113.48
N GLY EF 259 -34.63 15.45 113.10
CA GLY EF 259 -35.46 16.64 113.10
C GLY EF 259 -35.00 17.69 112.13
N GLN EF 260 -34.64 17.29 110.91
CA GLN EF 260 -34.04 18.21 109.97
C GLN EF 260 -34.80 18.24 108.65
N VAL EF 261 -34.75 19.39 107.98
CA VAL EF 261 -35.39 19.61 106.68
C VAL EF 261 -34.31 19.95 105.66
N ILE EF 262 -34.29 19.22 104.56
CA ILE EF 262 -33.35 19.44 103.47
C ILE EF 262 -34.11 19.99 102.28
N LYS EF 263 -33.59 21.08 101.71
CA LYS EF 263 -34.13 21.69 100.51
C LYS EF 263 -33.00 21.93 99.52
N PHE EF 264 -33.29 22.64 98.43
CA PHE EF 264 -32.29 22.97 97.42
C PHE EF 264 -31.38 24.08 97.90
N SER EF 265 -30.38 24.39 97.08
CA SER EF 265 -29.52 25.53 97.33
C SER EF 265 -30.24 26.83 97.00
N GLN EF 266 -29.76 27.92 97.59
CA GLN EF 266 -30.29 29.23 97.22
C GLN EF 266 -29.82 29.64 95.84
N GLU EF 267 -28.53 29.42 95.54
CA GLU EF 267 -28.00 29.76 94.22
C GLU EF 267 -28.21 28.65 93.19
N ASP EF 268 -28.77 27.51 93.60
CA ASP EF 268 -29.20 26.46 92.69
C ASP EF 268 -30.66 26.18 93.01
N SER EF 269 -31.56 26.97 92.41
CA SER EF 269 -32.99 26.86 92.67
C SER EF 269 -33.77 26.81 91.38
N ALA FF 104 -87.97 63.52 52.82
CA ALA FF 104 -87.54 63.22 51.46
C ALA FF 104 -86.02 63.37 51.34
N GLU FF 105 -85.39 63.83 52.41
CA GLU FF 105 -83.96 64.07 52.40
C GLU FF 105 -83.29 63.43 53.61
N VAL FF 106 -84.06 63.27 54.70
CA VAL FF 106 -83.56 62.54 55.86
C VAL FF 106 -83.48 61.04 55.61
N ILE FF 107 -84.14 60.57 54.55
CA ILE FF 107 -84.06 59.18 54.13
C ILE FF 107 -82.62 58.81 53.80
N ASP FF 108 -81.93 59.68 53.06
CA ASP FF 108 -80.54 59.44 52.69
C ASP FF 108 -79.64 59.41 53.91
N LYS FF 109 -79.90 60.28 54.89
CA LYS FF 109 -79.10 60.33 56.11
C LYS FF 109 -79.27 59.07 56.94
N LYS FF 110 -80.52 58.64 57.15
CA LYS FF 110 -80.73 57.44 57.98
C LYS FF 110 -80.28 56.17 57.26
N ALA FF 111 -80.45 56.12 55.93
CA ALA FF 111 -79.97 54.98 55.15
C ALA FF 111 -78.45 54.93 55.16
N PHE FF 112 -77.80 56.09 55.07
CA PHE FF 112 -76.35 56.16 55.19
C PHE FF 112 -75.89 55.68 56.56
N LYS FF 113 -76.63 56.04 57.61
CA LYS FF 113 -76.26 55.64 58.96
C LYS FF 113 -76.39 54.14 59.17
N ASP FF 114 -77.51 53.56 58.76
CA ASP FF 114 -77.68 52.12 58.99
C ASP FF 114 -76.84 51.29 58.03
N MET FF 115 -76.55 51.80 56.83
CA MET FF 115 -75.62 51.08 55.97
C MET FF 115 -74.19 51.20 56.47
N THR FF 116 -73.86 52.29 57.18
CA THR FF 116 -72.55 52.39 57.80
C THR FF 116 -72.43 51.40 58.95
N ARG FF 117 -73.51 51.25 59.74
CA ARG FF 117 -73.54 50.25 60.80
C ARG FF 117 -73.43 48.84 60.25
N ASN FF 118 -74.13 48.57 59.14
CA ASN FF 118 -74.06 47.24 58.55
C ASN FF 118 -72.70 46.99 57.90
N LEU FF 119 -72.07 48.04 57.37
CA LEU FF 119 -70.74 47.88 56.79
C LEU FF 119 -69.71 47.61 57.87
N TYR FF 120 -69.64 48.46 58.90
CA TYR FF 120 -68.73 48.27 60.01
C TYR FF 120 -69.53 48.09 61.29
N PRO FF 121 -69.73 46.87 61.75
CA PRO FF 121 -70.54 46.63 62.95
C PRO FF 121 -69.81 46.89 64.26
N LEU FF 122 -68.54 47.31 64.22
CA LEU FF 122 -67.75 47.46 65.42
C LEU FF 122 -67.23 48.89 65.54
N ASN FF 123 -67.19 49.39 66.77
CA ASN FF 123 -66.57 50.67 67.01
C ASN FF 123 -65.05 50.54 66.94
N PRO FF 124 -64.35 51.64 66.64
CA PRO FF 124 -62.87 51.61 66.75
C PRO FF 124 -62.37 51.26 68.14
N GLU FF 125 -63.02 51.80 69.16
CA GLU FF 125 -62.69 51.45 70.53
C GLU FF 125 -63.02 49.99 70.83
N GLN FF 126 -64.09 49.47 70.22
CA GLN FF 126 -64.41 48.06 70.35
C GLN FF 126 -63.33 47.20 69.71
N VAL FF 127 -62.78 47.65 68.58
CA VAL FF 127 -61.70 46.96 67.90
C VAL FF 127 -60.45 46.93 68.78
N VAL FF 128 -60.11 48.07 69.38
CA VAL FF 128 -58.93 48.17 70.23
C VAL FF 128 -59.08 47.31 71.48
N LYS FF 129 -60.27 47.34 72.09
CA LYS FF 129 -60.53 46.50 73.26
C LYS FF 129 -60.51 45.03 72.90
N LEU FF 130 -60.95 44.68 71.69
CA LEU FF 130 -60.87 43.30 71.25
C LEU FF 130 -59.43 42.87 71.05
N LYS FF 131 -58.57 43.78 70.58
CA LYS FF 131 -57.16 43.46 70.48
C LYS FF 131 -56.53 43.28 71.86
N GLN FF 132 -56.99 44.06 72.84
CA GLN FF 132 -56.57 43.86 74.22
C GLN FF 132 -57.00 42.49 74.73
N ILE FF 133 -58.22 42.07 74.37
CA ILE FF 133 -58.72 40.75 74.74
C ILE FF 133 -57.88 39.66 74.08
N TYR FF 134 -57.46 39.89 72.83
CA TYR FF 134 -56.60 38.95 72.13
C TYR FF 134 -55.25 38.81 72.84
N GLU FF 135 -54.66 39.94 73.22
CA GLU FF 135 -53.39 39.93 73.94
C GLU FF 135 -53.54 39.24 75.29
N THR FF 136 -54.68 39.46 75.95
CA THR FF 136 -54.98 38.78 77.22
C THR FF 136 -55.06 37.27 77.03
N SER FF 137 -55.74 36.83 75.98
CA SER FF 137 -55.94 35.41 75.73
C SER FF 137 -54.62 34.73 75.38
N GLU FF 138 -53.84 35.33 74.49
CA GLU FF 138 -52.57 34.71 74.13
C GLU FF 138 -51.54 34.85 75.23
N TYR FF 139 -51.66 35.84 76.11
CA TYR FF 139 -50.79 35.91 77.27
C TYR FF 139 -51.12 34.82 78.27
N ALA FF 140 -52.42 34.55 78.46
CA ALA FF 140 -52.83 33.42 79.29
C ALA FF 140 -52.37 32.10 78.69
N LYS FF 141 -52.45 31.98 77.38
CA LYS FF 141 -52.02 30.76 76.70
C LYS FF 141 -50.51 30.56 76.82
N ALA FF 142 -49.74 31.62 76.59
CA ALA FF 142 -48.29 31.51 76.61
C ALA FF 142 -47.71 31.52 78.01
N ALA FF 143 -48.49 31.92 79.02
CA ALA FF 143 -48.00 31.94 80.38
C ALA FF 143 -47.85 30.52 80.91
N THR FF 144 -46.86 30.33 81.78
CA THR FF 144 -46.57 29.04 82.37
C THR FF 144 -46.77 29.11 83.87
N PRO FF 145 -47.51 28.17 84.46
CA PRO FF 145 -47.71 28.19 85.91
C PRO FF 145 -46.46 27.72 86.64
N GLY FF 146 -46.47 27.95 87.95
CA GLY FF 146 -45.36 27.52 88.78
C GLY FF 146 -44.16 28.44 88.63
N THR FF 147 -43.03 27.93 89.10
CA THR FF 147 -41.77 28.66 88.99
C THR FF 147 -41.08 28.29 87.68
N PRO FF 148 -40.76 29.26 86.83
CA PRO FF 148 -39.89 28.96 85.70
C PRO FF 148 -38.51 28.56 86.16
N PRO FF 149 -37.85 27.65 85.46
CA PRO FF 149 -36.60 27.08 85.96
C PRO FF 149 -35.44 28.05 85.87
N LYS FF 150 -34.36 27.70 86.59
CA LYS FF 150 -33.22 28.59 86.74
C LYS FF 150 -32.15 28.22 85.74
N PRO FF 151 -31.84 29.09 84.77
CA PRO FF 151 -30.76 28.80 83.82
C PRO FF 151 -29.39 28.95 84.48
N THR FF 152 -28.63 27.87 84.49
CA THR FF 152 -27.33 27.83 85.15
C THR FF 152 -26.32 27.15 84.23
N ALA FF 153 -25.13 26.93 84.77
CA ALA FF 153 -24.10 26.12 84.13
C ALA FF 153 -23.29 25.43 85.21
N THR FF 154 -22.73 24.27 84.87
CA THR FF 154 -22.08 23.44 85.88
C THR FF 154 -20.83 22.79 85.31
N SER FF 155 -19.94 22.39 86.22
CA SER FF 155 -18.77 21.60 85.87
C SER FF 155 -18.56 20.58 86.98
N GLN FF 156 -18.62 19.30 86.63
CA GLN FF 156 -18.44 18.22 87.57
C GLN FF 156 -17.31 17.32 87.11
N PHE FF 157 -16.85 16.47 88.01
CA PHE FF 157 -15.81 15.49 87.73
C PHE FF 157 -16.33 14.10 88.08
N VAL FF 158 -16.06 13.13 87.22
CA VAL FF 158 -16.52 11.77 87.43
C VAL FF 158 -15.35 10.88 87.79
N ASN FF 159 -15.64 9.82 88.54
CA ASN FF 159 -14.69 8.77 88.82
C ASN FF 159 -15.34 7.43 88.51
N LEU FF 160 -14.55 6.51 87.94
CA LEU FF 160 -15.08 5.22 87.50
C LEU FF 160 -14.92 4.13 88.55
N SER FF 161 -14.98 4.49 89.84
CA SER FF 161 -15.11 3.48 90.87
C SER FF 161 -16.47 2.81 90.75
N PRO FF 162 -16.57 1.51 91.05
CA PRO FF 162 -17.88 0.85 91.02
C PRO FF 162 -18.86 1.40 92.03
N GLY FF 163 -18.38 1.84 93.19
CA GLY FF 163 -19.24 2.49 94.16
C GLY FF 163 -19.51 3.95 93.90
N SER FF 164 -18.90 4.54 92.86
CA SER FF 164 -19.10 5.95 92.58
C SER FF 164 -20.49 6.19 92.01
N THR FF 165 -21.18 7.19 92.54
CA THR FF 165 -22.57 7.44 92.16
C THR FF 165 -22.65 8.03 90.76
N PRO FF 166 -23.62 7.59 89.95
CA PRO FF 166 -23.71 8.11 88.58
C PRO FF 166 -24.32 9.49 88.55
N PRO FF 167 -23.89 10.35 87.63
CA PRO FF 167 -24.42 11.71 87.57
C PRO FF 167 -25.80 11.79 86.95
N VAL FF 168 -26.57 12.76 87.44
CA VAL FF 168 -27.90 13.11 86.94
C VAL FF 168 -27.84 14.54 86.41
N ILE FF 169 -28.50 14.76 85.28
CA ILE FF 169 -28.44 16.05 84.58
C ILE FF 169 -29.85 16.58 84.44
N ARG FF 170 -30.07 17.80 84.93
CA ARG FF 170 -31.37 18.46 84.79
C ARG FF 170 -31.60 18.86 83.33
N LEU FF 171 -32.85 18.75 82.90
CA LEU FF 171 -33.22 19.05 81.52
C LEU FF 171 -34.58 19.72 81.47
N SER FF 172 -34.85 20.35 80.34
CA SER FF 172 -36.15 20.93 80.04
C SER FF 172 -36.65 20.36 78.73
N GLN FF 173 -37.97 20.44 78.54
CA GLN FF 173 -38.63 19.83 77.39
C GLN FF 173 -38.31 20.61 76.12
N GLY FF 174 -37.53 20.00 75.22
CA GLY FF 174 -37.22 20.62 73.96
C GLY FF 174 -36.19 21.72 74.01
N PHE FF 175 -35.49 21.88 75.11
CA PHE FF 175 -34.49 22.93 75.26
C PHE FF 175 -33.10 22.38 75.00
N VAL FF 176 -32.27 23.19 74.36
CA VAL FF 176 -30.93 22.79 73.98
C VAL FF 176 -30.05 22.79 75.22
N SER FF 177 -29.37 21.68 75.47
CA SER FF 177 -28.40 21.57 76.55
C SER FF 177 -27.06 21.12 75.98
N SER FF 178 -26.00 21.82 76.35
CA SER FF 178 -24.67 21.57 75.82
C SER FF 178 -23.82 20.85 76.86
N LEU FF 179 -23.26 19.72 76.45
CA LEU FF 179 -22.42 18.88 77.29
C LEU FF 179 -21.05 18.78 76.65
N VAL FF 180 -20.02 19.11 77.42
CA VAL FF 180 -18.65 19.16 76.93
C VAL FF 180 -17.78 18.31 77.84
N PHE FF 181 -17.04 17.38 77.25
CA PHE FF 181 -16.20 16.45 77.97
C PHE FF 181 -14.76 16.96 77.96
N LEU FF 182 -14.21 17.20 79.14
CA LEU FF 182 -12.81 17.50 79.31
C LEU FF 182 -12.18 16.44 80.21
N ASP FF 183 -10.87 16.30 80.11
CA ASP FF 183 -10.16 15.32 80.90
C ASP FF 183 -9.78 15.94 82.24
N SER FF 184 -8.87 15.30 82.98
CA SER FF 184 -8.39 15.87 84.23
C SER FF 184 -7.56 17.12 83.97
N THR FF 185 -6.82 17.15 82.86
CA THR FF 185 -6.03 18.33 82.52
C THR FF 185 -6.92 19.47 82.01
N GLY FF 186 -7.89 19.15 81.16
CA GLY FF 186 -8.74 20.16 80.57
C GLY FF 186 -8.91 19.97 79.07
N ALA FF 187 -8.14 19.05 78.50
CA ALA FF 187 -8.20 18.80 77.07
C ALA FF 187 -9.50 18.07 76.73
N PRO FF 188 -10.17 18.43 75.64
CA PRO FF 188 -11.40 17.72 75.26
C PRO FF 188 -11.11 16.33 74.76
N TRP FF 189 -11.97 15.41 75.16
CA TRP FF 189 -11.87 14.03 74.71
C TRP FF 189 -12.98 13.76 73.70
N PRO FF 190 -12.66 13.54 72.44
CA PRO FF 190 -13.70 13.38 71.42
C PRO FF 190 -14.47 12.08 71.57
N ILE FF 191 -15.74 12.13 71.19
CA ILE FF 191 -16.63 10.98 71.28
C ILE FF 191 -16.28 9.99 70.18
N ALA FF 192 -16.34 8.70 70.49
CA ALA FF 192 -16.34 7.69 69.45
C ALA FF 192 -17.74 7.23 69.08
N ALA FF 193 -18.57 6.91 70.07
CA ALA FF 193 -19.93 6.48 69.80
C ALA FF 193 -20.79 6.74 71.02
N TYR FF 194 -22.11 6.65 70.83
CA TYR FF 194 -23.03 6.81 71.95
C TYR FF 194 -24.30 6.02 71.67
N ASP FF 195 -25.01 5.71 72.76
CA ASP FF 195 -26.33 5.12 72.68
C ASP FF 195 -27.23 5.82 73.68
N LEU FF 196 -28.46 6.10 73.25
CA LEU FF 196 -29.44 6.81 74.05
C LEU FF 196 -30.61 5.88 74.36
N GLY FF 197 -30.99 5.80 75.63
CA GLY FF 197 -32.23 5.13 75.98
C GLY FF 197 -33.41 6.07 75.78
N ASP FF 198 -34.51 5.51 75.28
CA ASP FF 198 -35.76 6.19 74.92
C ASP FF 198 -35.51 7.35 73.97
N PRO FF 199 -35.26 7.08 72.69
CA PRO FF 199 -35.11 8.17 71.72
C PRO FF 199 -36.40 8.93 71.46
N SER FF 200 -37.55 8.39 71.83
CA SER FF 200 -38.79 9.12 71.74
C SER FF 200 -38.90 10.22 72.77
N SER FF 201 -38.04 10.23 73.79
CA SER FF 201 -38.06 11.27 74.79
C SER FF 201 -36.95 12.30 74.63
N PHE FF 202 -35.97 12.05 73.76
CA PHE FF 202 -34.83 12.94 73.65
C PHE FF 202 -34.43 13.13 72.20
N ASN FF 203 -33.90 14.31 71.90
CA ASN FF 203 -33.44 14.68 70.57
C ASN FF 203 -31.97 15.06 70.67
N ILE FF 204 -31.14 14.39 69.89
CA ILE FF 204 -29.69 14.49 70.01
C ILE FF 204 -29.10 14.89 68.66
N GLN FF 205 -28.29 15.95 68.67
CA GLN FF 205 -27.50 16.35 67.52
C GLN FF 205 -26.03 16.29 67.90
N TRP FF 206 -25.22 15.66 67.05
CA TRP FF 206 -23.81 15.45 67.36
C TRP FF 206 -23.04 15.28 66.06
N ASP FF 207 -22.22 16.27 65.72
CA ASP FF 207 -21.25 16.07 64.67
C ASP FF 207 -20.19 15.08 65.14
N LYS FF 208 -19.61 14.36 64.18
CA LYS FF 208 -18.76 13.21 64.51
C LYS FF 208 -17.43 13.61 65.12
N THR FF 209 -16.96 14.83 64.87
CA THR FF 209 -15.60 15.23 65.19
C THR FF 209 -15.50 16.09 66.43
N SER FF 210 -16.51 16.09 67.29
CA SER FF 210 -16.51 16.95 68.46
C SER FF 210 -16.92 16.17 69.70
N ASN FF 211 -16.51 16.68 70.85
CA ASN FF 211 -17.01 16.21 72.13
C ASN FF 211 -18.29 16.93 72.53
N THR FF 212 -18.75 17.87 71.73
CA THR FF 212 -19.94 18.65 72.05
C THR FF 212 -21.18 17.80 71.90
N LEU FF 213 -22.14 17.99 72.81
CA LEU FF 213 -23.42 17.29 72.75
C LEU FF 213 -24.54 18.27 73.04
N MET FF 214 -25.37 18.54 72.04
CA MET FF 214 -26.57 19.35 72.22
C MET FF 214 -27.76 18.41 72.26
N ILE FF 215 -28.40 18.33 73.42
CA ILE FF 215 -29.49 17.38 73.66
C ILE FF 215 -30.76 18.16 73.95
N GLN FF 216 -31.89 17.67 73.45
CA GLN FF 216 -33.19 18.29 73.66
C GLN FF 216 -34.16 17.21 74.09
N ALA FF 217 -34.83 17.43 75.21
CA ALA FF 217 -35.77 16.45 75.74
C ALA FF 217 -37.09 16.57 75.01
N THR FF 218 -37.47 15.53 74.26
CA THR FF 218 -38.71 15.57 73.51
C THR FF 218 -39.92 15.47 74.43
N LYS FF 219 -39.89 14.54 75.38
CA LYS FF 219 -41.01 14.34 76.28
C LYS FF 219 -40.91 15.29 77.47
N LEU FF 220 -41.82 15.12 78.42
CA LEU FF 220 -41.91 16.01 79.58
C LEU FF 220 -41.20 15.44 80.81
N TYR FF 221 -41.61 14.26 81.27
CA TYR FF 221 -41.14 13.75 82.56
C TYR FF 221 -40.84 12.26 82.48
N ASN FF 222 -40.15 11.85 81.43
CA ASN FF 222 -39.65 10.49 81.30
C ASN FF 222 -38.14 10.55 81.38
N TYR FF 223 -37.59 10.14 82.52
CA TYR FF 223 -36.16 10.19 82.72
C TYR FF 223 -35.47 9.12 81.88
N GLY FF 224 -34.25 9.44 81.42
CA GLY FF 224 -33.55 8.54 80.53
C GLY FF 224 -32.08 8.38 80.86
N ASN FF 225 -31.30 7.79 79.96
CA ASN FF 225 -29.88 7.64 80.20
C ASN FF 225 -29.14 7.57 78.88
N LEU FF 226 -27.83 7.80 78.96
CA LEU FF 226 -26.96 7.88 77.78
C LEU FF 226 -25.61 7.26 78.09
N ALA FF 227 -25.13 6.42 77.19
CA ALA FF 227 -23.81 5.83 77.29
C ALA FF 227 -22.93 6.39 76.18
N VAL FF 228 -21.71 6.80 76.55
CA VAL FF 228 -20.78 7.47 75.65
C VAL FF 228 -19.44 6.74 75.72
N ARG FF 229 -18.91 6.39 74.56
CA ARG FF 229 -17.54 5.89 74.44
C ARG FF 229 -16.70 6.91 73.69
N LEU FF 230 -15.56 7.27 74.29
CA LEU FF 230 -14.62 8.23 73.74
C LEU FF 230 -13.56 7.50 72.92
N ARG FF 231 -12.47 8.22 72.59
CA ARG FF 231 -11.43 7.65 71.74
C ARG FF 231 -10.62 6.59 72.48
N GLY FF 232 -9.94 6.98 73.54
CA GLY FF 232 -9.16 6.05 74.33
C GLY FF 232 -9.91 5.42 75.48
N LEU FF 233 -11.21 5.67 75.57
CA LEU FF 233 -12.01 5.20 76.69
C LEU FF 233 -12.37 3.73 76.50
N ASN FF 234 -12.24 2.95 77.58
CA ASN FF 234 -12.70 1.56 77.53
C ASN FF 234 -14.11 1.41 78.09
N THR FF 235 -14.30 1.76 79.35
CA THR FF 235 -15.61 1.62 79.98
C THR FF 235 -16.45 2.85 79.68
N PRO FF 236 -17.63 2.71 79.06
CA PRO FF 236 -18.38 3.88 78.64
C PRO FF 236 -18.98 4.64 79.81
N VAL FF 237 -19.05 5.96 79.63
CA VAL FF 237 -19.61 6.85 80.65
C VAL FF 237 -21.12 6.88 80.47
N MET FF 238 -21.85 6.49 81.50
CA MET FF 238 -23.30 6.38 81.45
C MET FF 238 -23.91 7.34 82.45
N LEU FF 239 -24.81 8.19 81.96
CA LEU FF 239 -25.33 9.31 82.72
C LEU FF 239 -26.85 9.31 82.64
N THR FF 240 -27.49 9.77 83.72
CA THR FF 240 -28.93 9.76 83.81
C THR FF 240 -29.46 11.18 83.58
N LEU FF 241 -30.55 11.27 82.81
CA LEU FF 241 -31.14 12.53 82.39
C LEU FF 241 -32.49 12.67 83.07
N ILE FF 242 -32.62 13.72 83.89
CA ILE FF 242 -33.83 14.00 84.66
C ILE FF 242 -34.44 15.28 84.09
N PRO FF 243 -35.61 15.21 83.48
CA PRO FF 243 -36.24 16.43 82.95
C PRO FF 243 -37.12 17.13 83.97
N GLY FF 244 -37.24 18.44 83.80
CA GLY FF 244 -38.18 19.23 84.55
C GLY FF 244 -37.89 19.45 86.03
N GLN FF 245 -36.76 20.10 86.34
CA GLN FF 245 -36.49 20.50 87.70
C GLN FF 245 -36.73 22.00 87.87
N LYS FF 246 -36.37 22.54 89.02
CA LYS FF 246 -36.47 23.97 89.27
C LYS FF 246 -35.29 24.75 88.70
N ALA FF 247 -34.28 24.06 88.17
CA ALA FF 247 -33.12 24.71 87.58
C ALA FF 247 -32.72 23.94 86.33
N VAL FF 248 -32.01 24.62 85.44
CA VAL FF 248 -31.55 24.01 84.20
C VAL FF 248 -30.11 24.41 83.96
N ASP FF 249 -29.26 23.42 83.71
CA ASP FF 249 -27.86 23.64 83.36
C ASP FF 249 -27.71 23.59 81.85
N TYR FF 250 -27.18 24.66 81.27
CA TYR FF 250 -27.00 24.71 79.83
C TYR FF 250 -25.60 24.32 79.40
N ARG FF 251 -24.58 24.79 80.12
CA ARG FF 251 -23.18 24.47 79.82
C ARG FF 251 -22.70 23.53 80.91
N VAL FF 252 -22.69 22.23 80.62
CA VAL FF 252 -22.30 21.22 81.58
C VAL FF 252 -20.97 20.65 81.12
N ASP FF 253 -19.92 20.90 81.89
CA ASP FF 253 -18.59 20.38 81.63
C ASP FF 253 -18.36 19.19 82.54
N LEU FF 254 -17.84 18.10 81.97
CA LEU FF 254 -17.57 16.90 82.74
C LEU FF 254 -16.11 16.51 82.59
N ARG FF 255 -15.42 16.42 83.71
CA ARG FF 255 -14.01 16.09 83.77
C ARG FF 255 -13.84 14.60 84.03
N VAL FF 256 -12.90 13.99 83.32
CA VAL FF 256 -12.66 12.56 83.45
C VAL FF 256 -11.32 12.33 84.14
N GLN FF 257 -11.17 11.12 84.70
CA GLN FF 257 -9.95 10.76 85.41
C GLN FF 257 -8.78 10.58 84.46
N GLY FF 258 -9.04 10.10 83.25
CA GLY FF 258 -8.00 9.93 82.26
C GLY FF 258 -7.60 11.25 81.64
N TYR FF 259 -6.75 11.15 80.62
CA TYR FF 259 -6.25 12.31 79.89
C TYR FF 259 -6.61 12.15 78.42
N GLY FF 260 -6.96 13.28 77.79
CA GLY FF 260 -7.38 13.28 76.40
C GLY FF 260 -6.23 12.96 75.46
N PRO FF 261 -6.56 12.45 74.28
CA PRO FF 261 -5.52 12.19 73.27
C PRO FF 261 -4.82 13.46 72.79
N ASN FF 262 -5.52 14.59 72.83
CA ASN FF 262 -4.87 15.88 72.64
C ASN FF 262 -3.90 16.14 73.80
N ALA FF 263 -2.73 16.68 73.47
CA ALA FF 263 -1.65 16.81 74.45
C ALA FF 263 -1.92 17.99 75.36
N LYS FF 264 -2.10 17.71 76.66
CA LYS FF 264 -2.26 18.76 77.66
C LYS FF 264 -1.58 18.41 78.98
N SER FF 265 -0.72 17.39 78.99
CA SER FF 265 0.06 17.04 80.17
C SER FF 265 1.50 17.49 79.92
N MET FF 266 1.74 18.76 80.18
CA MET FF 266 3.08 19.34 80.08
C MET FF 266 3.42 20.03 81.39
N PRO FF 267 4.72 20.11 81.75
CA PRO FF 267 5.08 20.74 83.03
C PRO FF 267 4.91 22.25 83.02
N THR FF 268 3.88 22.72 83.71
CA THR FF 268 3.63 24.14 83.93
C THR FF 268 3.94 24.51 85.37
N GLU FF 269 5.01 23.90 85.91
CA GLU FF 269 5.25 23.94 87.36
C GLU FF 269 5.77 25.30 87.82
N GLU FF 270 6.71 25.89 87.07
CA GLU FF 270 7.48 27.08 87.47
C GLU FF 270 8.11 26.88 88.85
N GLY FF 271 9.01 25.92 88.92
CA GLY FF 271 9.66 25.60 90.17
C GLY FF 271 10.80 26.54 90.50
N ILE FF 272 11.43 26.25 91.63
CA ILE FF 272 12.64 26.96 92.04
C ILE FF 272 13.77 26.62 91.08
N PRO FF 273 14.65 27.55 90.75
CA PRO FF 273 15.85 27.18 89.98
C PRO FF 273 16.70 26.20 90.74
N PRO FF 274 17.40 25.31 90.03
CA PRO FF 274 18.07 24.18 90.70
C PRO FF 274 19.24 24.61 91.57
N SER FF 275 19.54 23.76 92.56
CA SER FF 275 20.54 24.03 93.58
C SER FF 275 21.94 24.19 93.00
N ALA FF 276 22.47 23.09 92.46
CA ALA FF 276 23.83 23.08 91.94
C ALA FF 276 23.96 21.88 91.02
N ASN FF 277 25.16 21.69 90.50
CA ASN FF 277 25.48 20.54 89.68
C ASN FF 277 26.34 19.59 90.51
N ASP FF 278 25.92 18.33 90.56
CA ASP FF 278 26.62 17.31 91.33
C ASP FF 278 27.96 16.93 90.71
N LEU FF 279 28.23 17.36 89.48
CA LEU FF 279 29.55 17.21 88.88
C LEU FF 279 30.62 17.94 89.70
N LEU FF 280 30.22 19.05 90.34
CA LEU FF 280 31.13 19.82 91.17
C LEU FF 280 31.66 19.02 92.34
N LEU FF 281 30.90 18.04 92.83
CA LEU FF 281 31.37 17.22 93.93
C LEU FF 281 32.51 16.32 93.49
N HIS FF 282 32.41 15.74 92.29
CA HIS FF 282 33.53 14.99 91.75
C HIS FF 282 34.71 15.88 91.43
N VAL FF 283 34.43 17.13 91.03
CA VAL FF 283 35.49 18.12 90.84
C VAL FF 283 36.21 18.39 92.14
N LEU FF 284 35.45 18.48 93.24
CA LEU FF 284 36.02 18.68 94.57
C LEU FF 284 36.90 17.50 94.96
N GLU FF 285 36.43 16.29 94.69
CA GLU FF 285 37.22 15.11 95.02
C GLU FF 285 38.43 14.95 94.12
N GLY FF 286 38.44 15.58 92.95
CA GLY FF 286 39.53 15.45 92.03
C GLY FF 286 39.36 14.39 90.98
N VAL FF 287 38.37 13.53 91.13
CA VAL FF 287 38.00 12.60 90.05
C VAL FF 287 37.47 13.40 88.88
N PRO FF 288 37.92 13.13 87.65
CA PRO FF 288 37.50 13.93 86.52
C PRO FF 288 36.02 13.74 86.23
N PRO FF 289 35.35 14.76 85.68
CA PRO FF 289 34.00 14.56 85.19
C PRO FF 289 34.02 13.61 84.00
N PRO FF 290 33.00 12.78 83.85
CA PRO FF 290 33.00 11.82 82.74
C PRO FF 290 32.75 12.52 81.40
N GLY FF 291 33.42 12.03 80.37
CA GLY FF 291 33.26 12.57 79.04
C GLY FF 291 34.00 13.85 78.78
N SER FF 292 34.74 14.38 79.74
CA SER FF 292 35.46 15.62 79.57
C SER FF 292 36.80 15.35 78.91
N ARG FF 293 37.69 16.34 78.91
CA ARG FF 293 39.03 16.16 78.41
C ARG FF 293 39.98 16.99 79.28
N ARG FF 294 41.27 16.83 79.01
CA ARG FF 294 42.30 17.42 79.83
C ARG FF 294 42.37 18.93 79.62
N LEU FF 295 43.08 19.59 80.53
CA LEU FF 295 43.40 21.00 80.41
C LEU FF 295 44.80 21.23 80.97
N VAL FF 296 45.43 22.31 80.55
CA VAL FF 296 46.78 22.65 81.01
C VAL FF 296 46.68 23.88 81.88
N VAL FF 297 47.09 23.76 83.13
CA VAL FF 297 47.05 24.84 84.10
C VAL FF 297 48.48 25.24 84.41
N SER FF 298 48.82 26.49 84.15
CA SER FF 298 50.19 26.95 84.28
C SER FF 298 50.23 28.24 85.07
N GLY FF 299 51.07 28.27 86.10
CA GLY FF 299 51.34 29.49 86.86
C GLY FF 299 51.06 29.39 88.34
N GLY FF 300 50.28 28.43 88.81
CA GLY FF 300 49.95 28.34 90.22
C GLY FF 300 49.86 26.90 90.66
N ASP FF 301 48.78 26.56 91.35
CA ASP FF 301 48.51 25.16 91.73
C ASP FF 301 47.00 24.96 91.63
N ALA FF 302 46.56 24.49 90.46
CA ALA FF 302 45.14 24.26 90.25
C ALA FF 302 44.96 23.19 89.19
N ARG FF 303 43.80 22.56 89.20
CA ARG FF 303 43.42 21.60 88.19
C ARG FF 303 42.12 22.03 87.52
N ALA FF 304 41.92 21.58 86.29
CA ALA FF 304 40.81 22.09 85.52
C ALA FF 304 40.32 21.05 84.54
N TRP FF 305 39.10 21.27 84.05
CA TRP FF 305 38.48 20.39 83.08
C TRP FF 305 37.55 21.19 82.18
N LEU FF 306 37.32 20.65 80.99
CA LEU FF 306 36.31 21.15 80.07
C LEU FF 306 35.48 19.97 79.60
N SER FF 307 34.17 20.03 79.86
CA SER FF 307 33.25 19.00 79.41
C SER FF 307 32.16 19.53 78.49
N ASN FF 308 31.43 20.54 78.92
CA ASN FF 308 30.24 21.03 78.23
C ASN FF 308 30.31 22.53 78.08
N GLU FF 309 31.44 22.98 77.51
CA GLU FF 309 31.76 24.38 77.22
C GLU FF 309 31.81 25.23 78.48
N LYS FF 310 32.00 24.61 79.63
CA LYS FF 310 32.06 25.29 80.92
C LYS FF 310 33.26 24.76 81.66
N MET FF 311 34.14 25.67 82.06
CA MET FF 311 35.37 25.27 82.72
C MET FF 311 35.08 24.91 84.18
N TYR FF 312 35.71 23.85 84.64
CA TYR FF 312 35.65 23.46 86.04
C TYR FF 312 37.04 23.56 86.62
N VAL FF 313 37.17 24.21 87.77
CA VAL FF 313 38.48 24.49 88.33
C VAL FF 313 38.51 24.13 89.81
N ARG FF 314 39.69 23.74 90.27
CA ARG FF 314 39.90 23.31 91.64
C ARG FF 314 41.23 23.85 92.13
N THR FF 315 41.17 24.62 93.23
CA THR FF 315 42.37 25.15 93.85
C THR FF 315 42.09 25.30 95.34
N ASN FF 316 43.00 25.97 96.05
CA ASN FF 316 42.74 26.41 97.41
C ASN FF 316 42.95 27.91 97.57
N LEU FF 317 42.79 28.65 96.48
CA LEU FF 317 42.82 30.10 96.48
C LEU FF 317 41.43 30.60 96.12
N THR FF 318 41.30 31.91 95.97
CA THR FF 318 40.03 32.53 95.66
C THR FF 318 40.15 33.28 94.34
N ILE FF 319 39.28 32.96 93.41
CA ILE FF 319 39.37 33.49 92.06
C ILE FF 319 38.56 34.77 91.97
N LEU FF 320 38.93 35.63 91.04
CA LEU FF 320 38.25 36.92 90.98
C LEU FF 320 37.75 37.34 89.60
N SER FF 321 38.50 37.02 88.53
CA SER FF 321 38.38 37.83 87.31
C SER FF 321 37.08 37.62 86.55
N PRO FF 322 36.73 36.41 86.04
CA PRO FF 322 35.58 36.36 85.14
C PRO FF 322 34.24 36.37 85.85
N GLY FF 323 34.17 35.83 87.06
CA GLY FF 323 32.90 35.69 87.73
C GLY FF 323 32.28 34.36 87.36
N TRP FF 324 32.02 33.52 88.35
CA TRP FF 324 31.61 32.15 88.09
C TRP FF 324 30.11 31.99 88.22
N LEU FF 325 29.63 30.82 87.82
CA LEU FF 325 28.24 30.44 87.99
C LEU FF 325 28.03 29.56 89.21
N ALA FF 326 28.93 28.63 89.49
CA ALA FF 326 28.71 27.70 90.59
C ALA FF 326 29.96 27.57 91.45
N SER FF 327 29.74 27.32 92.74
CA SER FF 327 30.86 27.23 93.66
C SER FF 327 30.62 26.11 94.67
N MET FF 328 31.73 25.58 95.18
CA MET FF 328 31.71 24.47 96.12
C MET FF 328 32.97 24.53 96.96
N THR FF 329 32.85 24.18 98.24
CA THR FF 329 33.96 24.27 99.17
C THR FF 329 34.03 22.98 99.98
N SER FF 330 35.25 22.47 100.14
CA SER FF 330 35.49 21.27 100.92
C SER FF 330 35.39 21.57 102.41
N ALA FF 331 35.54 20.54 103.21
CA ALA FF 331 35.71 20.75 104.64
C ALA FF 331 37.10 21.28 104.97
N ASP FF 332 38.10 20.92 104.18
CA ASP FF 332 39.48 21.30 104.49
C ASP FF 332 39.84 22.71 104.03
N GLY FF 333 39.05 23.31 103.14
CA GLY FF 333 39.44 24.60 102.61
C GLY FF 333 39.96 24.51 101.18
N THR FF 334 39.29 23.70 100.37
CA THR FF 334 39.57 23.60 98.96
C THR FF 334 38.37 24.13 98.18
N HIS FF 335 38.62 25.07 97.28
CA HIS FF 335 37.57 25.68 96.48
C HIS FF 335 37.50 25.03 95.11
N ALA FF 336 36.28 24.80 94.63
CA ALA FF 336 36.05 24.33 93.28
C ALA FF 336 34.94 25.17 92.67
N TYR FF 337 35.05 25.46 91.38
CA TYR FF 337 34.17 26.39 90.73
C TYR FF 337 33.79 25.89 89.35
N GLU FF 338 32.61 26.34 88.90
CA GLU FF 338 32.15 26.18 87.54
C GLU FF 338 31.94 27.55 86.94
N MET FF 339 32.57 27.79 85.77
CA MET FF 339 32.77 29.13 85.26
C MET FF 339 32.73 29.12 83.73
N GLN FF 340 32.47 30.30 83.16
CA GLN FF 340 32.54 30.49 81.72
C GLN FF 340 33.98 30.37 81.23
N LYS FF 341 34.13 29.89 80.00
CA LYS FF 341 35.47 29.63 79.47
C LYS FF 341 36.22 30.92 79.14
N SER FF 342 37.50 30.94 79.50
CA SER FF 342 38.43 32.05 79.34
C SER FF 342 39.84 31.57 79.66
N PRO FF 343 40.87 32.10 79.01
CA PRO FF 343 42.25 31.68 79.33
C PRO FF 343 42.86 32.38 80.53
N VAL FF 344 42.16 33.31 81.17
CA VAL FF 344 42.75 34.20 82.16
C VAL FF 344 42.07 33.97 83.50
N LEU FF 345 42.87 33.93 84.57
CA LEU FF 345 42.34 33.95 85.92
C LEU FF 345 43.08 34.99 86.75
N LEU FF 346 42.37 35.56 87.73
CA LEU FF 346 42.97 36.39 88.76
C LEU FF 346 42.67 35.78 90.11
N VAL FF 347 43.69 35.73 90.96
CA VAL FF 347 43.51 35.25 92.33
C VAL FF 347 44.23 36.20 93.28
N SER FF 348 43.89 36.06 94.55
CA SER FF 348 44.68 36.64 95.63
C SER FF 348 45.32 35.46 96.34
N TRP FF 349 46.63 35.30 96.17
CA TRP FF 349 47.30 34.11 96.65
C TRP FF 349 47.45 34.15 98.16
N HIS FF 350 48.22 35.10 98.67
CA HIS FF 350 48.37 35.29 100.11
C HIS FF 350 48.38 36.78 100.42
N GLY FF 351 47.41 37.50 99.88
CA GLY FF 351 47.40 38.94 99.94
C GLY FF 351 48.00 39.60 98.73
N LYS FF 352 48.63 38.83 97.86
CA LYS FF 352 49.20 39.33 96.62
C LYS FF 352 48.31 38.95 95.46
N VAL FF 353 48.03 39.92 94.60
CA VAL FF 353 47.27 39.65 93.39
C VAL FF 353 48.14 38.87 92.41
N MET FF 354 47.55 37.89 91.75
CA MET FF 354 48.30 36.97 90.92
C MET FF 354 47.52 36.61 89.67
N GLN FF 355 48.20 36.64 88.53
CA GLN FF 355 47.61 36.31 87.23
C GLN FF 355 47.91 34.86 86.88
N LEU FF 356 46.88 34.13 86.47
CA LEU FF 356 46.99 32.70 86.21
C LEU FF 356 46.62 32.41 84.76
N LYS FF 357 47.48 31.67 84.07
CA LYS FF 357 47.39 31.49 82.62
C LYS FF 357 46.87 30.10 82.28
N VAL FF 358 45.95 30.04 81.34
CA VAL FF 358 45.34 28.79 80.88
C VAL FF 358 45.66 28.65 79.39
N GLU FF 359 46.25 27.52 79.02
CA GLU FF 359 46.50 27.17 77.64
C GLU FF 359 45.73 25.90 77.31
N GLY FF 360 45.00 25.92 76.20
CA GLY FF 360 44.33 24.72 75.76
C GLY FF 360 42.93 24.89 75.21
N LEU FF 361 42.38 26.09 75.32
CA LEU FF 361 41.07 26.36 74.76
C LEU FF 361 41.16 26.58 73.26
N ILE GF 862 -0.98 -27.05 -63.68
CA ILE GF 862 -0.27 -28.05 -62.88
C ILE GF 862 1.08 -28.35 -63.50
N ILE GF 863 2.15 -27.99 -62.81
CA ILE GF 863 3.50 -28.29 -63.24
C ILE GF 863 4.16 -29.16 -62.18
N LYS GF 864 4.76 -30.27 -62.62
CA LYS GF 864 5.46 -31.16 -61.71
C LYS GF 864 6.70 -30.48 -61.14
N THR GF 865 7.07 -30.88 -59.92
CA THR GF 865 8.14 -30.23 -59.18
C THR GF 865 9.49 -30.73 -59.68
N GLY GF 866 10.16 -29.94 -60.53
CA GLY GF 866 11.47 -30.31 -61.04
C GLY GF 866 11.52 -30.84 -62.47
N ASP GF 867 10.93 -30.11 -63.41
CA ASP GF 867 11.05 -30.39 -64.83
C ASP GF 867 11.89 -29.29 -65.49
N ILE GF 868 12.09 -29.40 -66.80
CA ILE GF 868 12.98 -28.50 -67.54
C ILE GF 868 12.14 -27.66 -68.50
N MET GF 869 12.46 -26.37 -68.58
CA MET GF 869 11.79 -25.41 -69.45
C MET GF 869 12.84 -24.58 -70.17
N PHE GF 870 12.41 -23.92 -71.25
CA PHE GF 870 13.28 -23.08 -72.06
C PHE GF 870 12.81 -21.64 -71.99
N ALA GF 871 13.72 -20.70 -72.28
CA ALA GF 871 13.35 -19.29 -72.29
C ALA GF 871 14.28 -18.54 -73.24
N VAL GF 872 13.77 -17.42 -73.76
CA VAL GF 872 14.46 -16.59 -74.74
C VAL GF 872 14.88 -15.29 -74.07
N LEU GF 873 16.19 -15.05 -74.04
CA LEU GF 873 16.77 -13.87 -73.40
C LEU GF 873 17.57 -13.07 -74.42
N ASP GF 874 17.31 -11.76 -74.47
CA ASP GF 874 17.81 -10.91 -75.54
C ASP GF 874 18.44 -9.62 -75.03
N THR GF 875 18.65 -9.53 -73.73
CA THR GF 875 19.17 -8.31 -73.11
C THR GF 875 20.48 -8.60 -72.39
N SER GF 876 21.42 -7.65 -72.43
CA SER GF 876 22.74 -7.83 -71.81
C SER GF 876 23.00 -6.78 -70.73
N VAL GF 877 23.74 -7.20 -69.69
CA VAL GF 877 24.08 -6.34 -68.56
C VAL GF 877 25.40 -6.84 -67.95
N ASN GF 878 26.27 -5.91 -67.58
CA ASN GF 878 27.55 -6.26 -66.96
C ASN GF 878 27.32 -6.67 -65.51
N SER GF 879 28.23 -7.49 -65.00
CA SER GF 879 28.08 -8.06 -63.66
C SER GF 879 28.69 -7.16 -62.59
N ASP GF 880 28.24 -5.93 -62.52
CA ASP GF 880 28.62 -4.99 -61.48
C ASP GF 880 27.41 -4.37 -60.80
N GLU GF 881 26.36 -4.07 -61.55
CA GLU GF 881 25.08 -3.64 -61.00
C GLU GF 881 24.08 -4.74 -61.33
N PRO GF 882 23.65 -5.54 -60.35
CA PRO GF 882 22.58 -6.51 -60.61
C PRO GF 882 21.29 -5.82 -61.00
N GLY GF 883 20.54 -6.46 -61.88
CA GLY GF 883 19.44 -5.79 -62.51
C GLY GF 883 18.24 -6.64 -62.85
N PRO GF 884 17.06 -6.00 -62.94
CA PRO GF 884 15.86 -6.72 -63.37
C PRO GF 884 15.91 -7.07 -64.85
N ILE GF 885 16.19 -8.34 -65.12
CA ILE GF 885 16.35 -8.85 -66.47
C ILE GF 885 15.23 -9.84 -66.75
N LEU GF 886 14.84 -9.97 -68.01
CA LEU GF 886 13.68 -10.76 -68.37
C LEU GF 886 14.05 -11.79 -69.43
N ALA GF 887 13.37 -12.92 -69.38
CA ALA GF 887 13.41 -13.95 -70.40
C ALA GF 887 12.00 -14.14 -70.94
N THR GF 888 11.92 -14.71 -72.14
CA THR GF 888 10.64 -14.96 -72.79
C THR GF 888 10.40 -16.47 -72.75
N ILE GF 889 9.52 -16.90 -71.84
CA ILE GF 889 9.17 -18.32 -71.73
C ILE GF 889 8.36 -18.71 -72.96
N VAL GF 890 8.93 -19.57 -73.80
CA VAL GF 890 8.40 -19.83 -75.11
C VAL GF 890 7.82 -21.24 -75.25
N THR GF 891 8.15 -22.15 -74.35
CA THR GF 891 7.68 -23.53 -74.47
C THR GF 891 6.73 -23.89 -73.33
N GLY GF 892 6.22 -25.12 -73.35
CA GLY GF 892 5.41 -25.59 -72.24
C GLY GF 892 3.99 -25.05 -72.29
N LYS GF 893 3.31 -25.18 -71.15
CA LYS GF 893 1.93 -24.74 -71.03
C LYS GF 893 1.80 -23.21 -71.08
N LEU GF 894 2.72 -22.51 -70.43
CA LEU GF 894 2.61 -21.07 -70.28
C LEU GF 894 3.37 -20.37 -71.40
N LYS GF 895 2.65 -19.97 -72.46
CA LYS GF 895 3.25 -19.42 -73.68
C LYS GF 895 2.89 -17.94 -73.80
N GLY GF 896 3.84 -17.15 -74.29
CA GLY GF 896 3.71 -15.71 -74.25
C GLY GF 896 4.18 -15.11 -72.94
N SER GF 897 4.58 -15.96 -71.99
CA SER GF 897 4.95 -15.52 -70.65
C SER GF 897 6.32 -14.87 -70.68
N LYS GF 898 6.55 -13.93 -69.76
CA LYS GF 898 7.88 -13.35 -69.62
C LYS GF 898 8.21 -13.19 -68.14
N LEU GF 899 9.52 -13.13 -67.86
CA LEU GF 899 10.00 -13.48 -66.52
C LEU GF 899 11.17 -12.59 -66.12
N ILE GF 900 11.05 -11.93 -64.97
CA ILE GF 900 12.05 -10.99 -64.45
C ILE GF 900 12.77 -11.62 -63.28
N GLY GF 901 14.05 -11.30 -63.16
CA GLY GF 901 14.89 -11.69 -62.04
C GLY GF 901 16.23 -10.99 -62.15
N SER GF 902 17.30 -11.60 -61.63
CA SER GF 902 18.61 -10.96 -61.69
C SER GF 902 19.67 -12.06 -61.67
N PHE GF 903 20.94 -11.67 -61.51
CA PHE GF 903 22.05 -12.61 -61.48
C PHE GF 903 22.77 -12.51 -60.13
N ASN GF 904 23.86 -13.26 -60.01
CA ASN GF 904 24.68 -13.28 -58.80
C ASN GF 904 26.14 -13.07 -59.18
N LEU GF 905 26.92 -12.59 -58.21
CA LEU GF 905 28.35 -12.39 -58.44
C LEU GF 905 29.15 -13.50 -57.79
N PRO GF 906 29.81 -14.35 -58.57
CA PRO GF 906 30.76 -15.30 -57.98
C PRO GF 906 32.16 -14.71 -57.85
N SER GF 907 32.86 -15.15 -56.80
CA SER GF 907 34.23 -14.70 -56.59
C SER GF 907 35.21 -15.30 -57.59
N ASN GF 908 35.11 -16.61 -57.83
CA ASN GF 908 35.85 -17.26 -58.90
C ASN GF 908 34.89 -17.52 -60.06
N ALA GF 909 35.42 -17.42 -61.28
CA ALA GF 909 34.61 -17.37 -62.49
C ALA GF 909 34.41 -18.74 -63.14
N ASP GF 910 34.36 -19.82 -62.35
CA ASP GF 910 34.13 -21.14 -62.91
C ASP GF 910 32.65 -21.47 -63.10
N LYS GF 911 31.75 -20.58 -62.70
CA LYS GF 911 30.32 -20.72 -63.01
C LYS GF 911 29.66 -19.34 -62.93
N MET GF 912 28.47 -19.25 -63.51
CA MET GF 912 27.64 -18.04 -63.43
C MET GF 912 26.21 -18.40 -63.79
N VAL GF 913 25.27 -17.98 -62.94
CA VAL GF 913 23.88 -18.43 -63.01
C VAL GF 913 22.95 -17.23 -62.95
N ILE GF 914 21.70 -17.45 -63.40
CA ILE GF 914 20.64 -16.45 -63.38
C ILE GF 914 19.50 -16.99 -62.53
N THR GF 915 19.03 -16.18 -61.57
CA THR GF 915 17.89 -16.54 -60.75
C THR GF 915 16.68 -15.76 -61.26
N PHE GF 916 15.57 -16.46 -61.48
CA PHE GF 916 14.41 -15.94 -62.18
C PHE GF 916 13.14 -16.28 -61.41
N ASN GF 917 12.37 -15.25 -61.01
CA ASN GF 917 11.20 -15.51 -60.16
C ASN GF 917 9.90 -14.89 -60.65
N THR GF 918 9.96 -13.69 -61.22
CA THR GF 918 8.75 -12.92 -61.53
C THR GF 918 8.26 -13.39 -62.89
N MET GF 919 7.57 -14.51 -62.91
CA MET GF 919 7.13 -15.18 -64.14
C MET GF 919 5.66 -14.86 -64.34
N SER GF 920 5.34 -14.06 -65.35
CA SER GF 920 3.96 -13.63 -65.54
C SER GF 920 3.46 -14.10 -66.91
N ILE GF 921 2.22 -14.55 -66.93
CA ILE GF 921 1.58 -15.17 -68.09
C ILE GF 921 0.50 -14.20 -68.58
N PRO GF 922 0.48 -13.84 -69.87
CA PRO GF 922 -0.59 -12.98 -70.37
C PRO GF 922 -1.90 -13.74 -70.59
N GLY GF 923 -2.92 -13.04 -71.06
CA GLY GF 923 -4.25 -13.63 -71.13
C GLY GF 923 -5.06 -13.29 -69.88
N ALA GF 924 -4.54 -13.69 -68.71
CA ALA GF 924 -5.05 -13.24 -67.43
C ALA GF 924 -3.99 -12.39 -66.73
N GLU GF 925 -4.45 -11.29 -66.12
CA GLU GF 925 -3.54 -10.35 -65.48
C GLU GF 925 -3.10 -10.92 -64.13
N LYS GF 926 -2.19 -11.89 -64.19
CA LYS GF 926 -1.64 -12.52 -63.00
C LYS GF 926 -0.14 -12.61 -63.15
N THR GF 927 0.54 -12.70 -62.01
CA THR GF 927 1.99 -12.82 -61.98
C THR GF 927 2.33 -13.82 -60.89
N ILE GF 928 2.54 -15.09 -61.28
CA ILE GF 928 2.90 -16.10 -60.32
C ILE GF 928 4.38 -15.93 -60.00
N SER GF 929 4.83 -16.50 -58.89
CA SER GF 929 6.18 -16.22 -58.41
C SER GF 929 7.01 -17.50 -58.37
N ILE GF 930 6.94 -18.30 -59.44
CA ILE GF 930 7.77 -19.49 -59.52
C ILE GF 930 9.22 -19.06 -59.70
N SER GF 931 10.06 -19.45 -58.74
CA SER GF 931 11.47 -19.12 -58.73
C SER GF 931 12.27 -20.37 -58.98
N ALA GF 932 13.26 -20.28 -59.85
CA ALA GF 932 14.05 -21.44 -60.25
C ALA GF 932 15.45 -20.97 -60.63
N TYR GF 933 16.32 -21.92 -60.98
CA TYR GF 933 17.69 -21.61 -61.35
C TYR GF 933 17.91 -21.90 -62.83
N ALA GF 934 19.13 -21.69 -63.29
CA ALA GF 934 19.44 -21.66 -64.71
C ALA GF 934 20.49 -22.72 -65.06
N ILE GF 935 20.35 -23.27 -66.27
CA ILE GF 935 21.34 -24.14 -66.88
C ILE GF 935 21.59 -23.63 -68.30
N ASP GF 936 22.69 -24.06 -68.89
CA ASP GF 936 22.88 -23.80 -70.31
C ASP GF 936 22.11 -24.83 -71.12
N PRO GF 937 21.14 -24.40 -71.95
CA PRO GF 937 20.31 -25.37 -72.67
C PRO GF 937 21.09 -26.10 -73.75
N ASN GF 938 20.81 -27.41 -73.87
CA ASN GF 938 21.49 -28.42 -74.68
C ASN GF 938 22.97 -28.56 -74.34
N THR GF 939 23.42 -28.04 -73.20
CA THR GF 939 24.84 -28.03 -72.86
C THR GF 939 25.05 -28.65 -71.49
N ALA GF 940 24.15 -28.31 -70.56
CA ALA GF 940 24.20 -28.71 -69.15
C ALA GF 940 25.54 -28.35 -68.51
N ARG GF 941 25.90 -27.07 -68.64
CA ARG GF 941 27.07 -26.52 -67.97
C ARG GF 941 26.66 -25.21 -67.33
N THR GF 942 27.34 -24.88 -66.23
CA THR GF 942 26.89 -23.78 -65.38
C THR GF 942 27.66 -22.48 -65.58
N ALA GF 943 28.65 -22.45 -66.45
CA ALA GF 943 29.36 -21.21 -66.70
C ALA GF 943 28.55 -20.29 -67.60
N LEU GF 944 28.93 -19.01 -67.64
CA LEU GF 944 28.37 -18.05 -68.58
C LEU GF 944 29.28 -17.93 -69.79
N ALA GF 945 28.67 -17.80 -70.96
CA ALA GF 945 29.41 -17.51 -72.19
C ALA GF 945 29.89 -16.05 -72.10
N SER GF 946 31.10 -15.89 -71.57
CA SER GF 946 31.69 -14.57 -71.39
C SER GF 946 33.21 -14.73 -71.38
N ARG GF 947 33.90 -13.63 -71.09
CA ARG GF 947 35.36 -13.62 -70.98
C ARG GF 947 35.78 -13.28 -69.56
N THR GF 948 36.87 -13.91 -69.11
CA THR GF 948 37.28 -13.82 -67.71
C THR GF 948 38.65 -13.20 -67.50
N ASN GF 949 39.35 -12.78 -68.55
CA ASN GF 949 40.65 -12.13 -68.43
C ASN GF 949 40.58 -10.66 -68.83
N HIS GF 950 39.54 -9.96 -68.39
CA HIS GF 950 39.29 -8.59 -68.83
C HIS GF 950 40.34 -7.61 -68.33
N HIS GF 951 40.70 -7.67 -67.06
CA HIS GF 951 41.57 -6.67 -66.45
C HIS GF 951 42.64 -7.33 -65.58
N TYR GF 952 43.29 -8.37 -66.09
CA TYR GF 952 44.47 -8.91 -65.46
C TYR GF 952 45.72 -8.14 -65.84
N LEU GF 953 45.93 -7.98 -67.15
CA LEU GF 953 47.21 -7.50 -67.65
C LEU GF 953 47.40 -6.01 -67.44
N MET GF 954 46.30 -5.24 -67.37
CA MET GF 954 46.40 -3.79 -67.16
C MET GF 954 46.99 -3.46 -65.79
N ARG GF 955 46.40 -4.02 -64.73
CA ARG GF 955 46.92 -3.81 -63.38
C ARG GF 955 48.27 -4.50 -63.19
N TYR GF 956 48.46 -5.68 -63.80
CA TYR GF 956 49.75 -6.37 -63.74
C TYR GF 956 50.88 -5.51 -64.30
N GLY GF 957 50.67 -4.96 -65.51
CA GLY GF 957 51.69 -4.16 -66.15
C GLY GF 957 51.94 -2.85 -65.44
N SER GF 958 50.88 -2.20 -64.93
CA SER GF 958 51.06 -0.95 -64.21
C SER GF 958 51.87 -1.16 -62.93
N LEU GF 959 51.57 -2.22 -62.19
CA LEU GF 959 52.32 -2.52 -60.97
C LEU GF 959 53.77 -2.85 -61.27
N PHE GF 960 54.00 -3.72 -62.27
CA PHE GF 960 55.37 -4.14 -62.56
C PHE GF 960 56.20 -3.01 -63.13
N ALA GF 961 55.59 -2.11 -63.89
CA ALA GF 961 56.30 -0.93 -64.39
C ALA GF 961 56.68 0.01 -63.26
N SER GF 962 55.76 0.23 -62.30
CA SER GF 962 56.06 1.09 -61.15
C SER GF 962 57.19 0.50 -60.31
N SER GF 963 57.15 -0.82 -60.09
CA SER GF 963 58.22 -1.49 -59.36
C SER GF 963 59.56 -1.32 -60.06
N PHE GF 964 59.61 -1.62 -61.36
CA PHE GF 964 60.84 -1.50 -62.16
C PHE GF 964 61.42 -0.09 -62.12
N LEU GF 965 60.54 0.92 -62.06
CA LEU GF 965 61.01 2.30 -61.85
C LEU GF 965 61.70 2.46 -60.51
N GLN GF 966 61.07 1.95 -59.45
CA GLN GF 966 61.68 2.05 -58.11
C GLN GF 966 63.03 1.36 -58.05
N GLY GF 967 63.10 0.16 -58.64
CA GLY GF 967 64.34 -0.58 -58.68
C GLY GF 967 65.43 0.11 -59.46
N PHE GF 968 65.05 0.80 -60.55
CA PHE GF 968 66.03 1.49 -61.37
C PHE GF 968 66.65 2.64 -60.63
N GLY GF 969 65.81 3.42 -59.96
CA GLY GF 969 66.33 4.54 -59.22
C GLY GF 969 67.22 4.13 -58.06
N ASN GF 970 66.79 3.14 -57.27
CA ASN GF 970 67.61 2.77 -56.12
C ASN GF 970 68.90 2.06 -56.54
N ALA GF 971 68.84 1.14 -57.50
CA ALA GF 971 70.04 0.38 -57.83
C ALA GF 971 71.04 1.22 -58.62
N PHE GF 972 70.58 2.05 -59.55
CA PHE GF 972 71.55 2.89 -60.24
C PHE GF 972 71.92 4.13 -59.42
N GLN GF 973 71.26 4.39 -58.30
CA GLN GF 973 71.86 5.28 -57.32
C GLN GF 973 72.96 4.57 -56.54
N SER GF 974 72.73 3.31 -56.18
CA SER GF 974 73.69 2.58 -55.35
C SER GF 974 74.97 2.27 -56.11
N ALA GF 975 74.88 2.06 -57.42
CA ALA GF 975 76.04 1.73 -58.22
C ALA GF 975 76.83 2.95 -58.68
N ASN GF 976 76.63 4.11 -58.04
CA ASN GF 976 77.34 5.31 -58.45
C ASN GF 976 78.81 5.28 -58.05
N THR GF 977 79.15 4.60 -56.94
CA THR GF 977 80.52 4.63 -56.45
C THR GF 977 81.46 3.79 -57.32
N THR GF 978 81.05 2.58 -57.67
CA THR GF 978 81.94 1.67 -58.36
C THR GF 978 81.61 1.58 -59.85
N SER GF 999 75.26 12.72 -66.51
CA SER GF 999 74.14 13.39 -65.87
C SER GF 999 72.82 12.82 -66.37
N THR GF 1000 72.82 12.29 -67.59
CA THR GF 1000 71.63 11.65 -68.14
C THR GF 1000 71.28 10.37 -67.38
N LEU GF 1001 72.29 9.56 -67.06
CA LEU GF 1001 72.04 8.38 -66.24
C LEU GF 1001 71.64 8.76 -64.82
N GLU GF 1002 72.17 9.89 -64.33
CA GLU GF 1002 71.74 10.45 -63.05
C GLU GF 1002 70.26 10.84 -63.08
N ASN GF 1003 69.81 11.45 -64.17
CA ASN GF 1003 68.40 11.82 -64.26
C ASN GF 1003 67.52 10.59 -64.46
N ALA GF 1004 68.05 9.52 -65.05
CA ALA GF 1004 67.33 8.25 -65.06
C ALA GF 1004 67.11 7.71 -63.65
N VAL GF 1005 68.17 7.75 -62.83
CA VAL GF 1005 68.07 7.43 -61.40
C VAL GF 1005 67.01 8.29 -60.75
N ILE GF 1006 67.03 9.59 -61.05
CA ILE GF 1006 66.14 10.59 -60.46
C ILE GF 1006 64.68 10.26 -60.75
N GLY GF 1007 64.36 10.05 -62.04
CA GLY GF 1007 62.98 10.00 -62.44
C GLY GF 1007 62.36 8.70 -61.99
N LEU GF 1008 63.08 7.60 -62.19
CA LEU GF 1008 62.49 6.32 -61.85
C LEU GF 1008 62.50 6.12 -60.32
N ALA GF 1009 63.52 6.69 -59.64
CA ALA GF 1009 63.63 6.70 -58.18
C ALA GF 1009 62.48 7.36 -57.50
N THR GF 1010 61.87 8.35 -58.14
CA THR GF 1010 60.79 8.96 -57.42
C THR GF 1010 59.41 8.66 -57.99
N VAL GF 1011 59.30 8.24 -59.25
CA VAL GF 1011 57.97 7.86 -59.75
C VAL GF 1011 57.66 6.39 -59.56
N GLY GF 1012 58.60 5.59 -59.04
CA GLY GF 1012 58.25 4.21 -58.72
C GLY GF 1012 57.26 4.07 -57.58
N LYS GF 1013 57.48 4.82 -56.48
CA LYS GF 1013 56.84 4.49 -55.20
C LYS GF 1013 55.35 4.84 -55.18
N ALA GF 1014 55.01 6.06 -55.61
CA ALA GF 1014 53.62 6.48 -55.58
C ALA GF 1014 52.77 5.69 -56.55
N TRP GF 1015 53.32 5.40 -57.74
CA TRP GF 1015 52.61 4.56 -58.69
C TRP GF 1015 52.52 3.12 -58.19
N SER GF 1016 53.49 2.65 -57.40
CA SER GF 1016 53.41 1.30 -56.85
C SER GF 1016 52.29 1.17 -55.81
N GLN GF 1017 52.21 2.14 -54.88
CA GLN GF 1017 51.17 2.06 -53.86
C GLN GF 1017 49.79 2.29 -54.47
N GLN GF 1018 49.67 3.18 -55.45
CA GLN GF 1018 48.37 3.35 -56.09
C GLN GF 1018 48.03 2.18 -57.01
N ALA GF 1019 49.04 1.46 -57.51
CA ALA GF 1019 48.78 0.27 -58.31
C ALA GF 1019 48.25 -0.87 -57.45
N GLN GF 1020 48.81 -1.06 -56.26
CA GLN GF 1020 48.23 -2.04 -55.34
C GLN GF 1020 46.89 -1.56 -54.80
N GLN GF 1021 46.67 -0.25 -54.76
CA GLN GF 1021 45.35 0.28 -54.44
C GLN GF 1021 44.31 -0.08 -55.49
N LEU GF 1022 44.66 0.07 -56.77
CA LEU GF 1022 43.73 -0.24 -57.85
C LEU GF 1022 43.78 -1.71 -58.25
N PHE GF 1023 44.61 -2.51 -57.61
CA PHE GF 1023 44.87 -3.86 -58.08
C PHE GF 1023 43.70 -4.80 -57.80
N ASN GF 1024 42.82 -4.44 -56.87
CA ASN GF 1024 41.82 -5.37 -56.35
C ASN GF 1024 40.51 -5.36 -57.14
N THR GF 1025 40.44 -4.71 -58.29
CA THR GF 1025 39.22 -4.74 -59.11
C THR GF 1025 39.18 -6.03 -59.93
N PRO GF 1026 38.11 -6.82 -59.84
CA PRO GF 1026 38.07 -8.11 -60.54
C PRO GF 1026 37.77 -7.94 -62.03
N THR GF 1027 37.91 -9.05 -62.76
CA THR GF 1027 37.54 -9.12 -64.16
C THR GF 1027 36.08 -9.53 -64.24
N THR GF 1028 35.28 -8.73 -64.94
CA THR GF 1028 33.84 -8.92 -64.94
C THR GF 1028 33.44 -10.04 -65.90
N VAL GF 1029 32.20 -10.49 -65.76
CA VAL GF 1029 31.56 -11.33 -66.77
C VAL GF 1029 30.37 -10.53 -67.31
N GLU GF 1030 29.98 -10.85 -68.54
CA GLU GF 1030 28.94 -10.10 -69.21
C GLU GF 1030 28.06 -11.03 -70.01
N VAL GF 1031 26.76 -11.02 -69.70
CA VAL GF 1031 25.82 -11.86 -70.42
C VAL GF 1031 25.59 -11.30 -71.82
N TYR GF 1032 24.99 -12.13 -72.67
CA TYR GF 1032 24.81 -11.79 -74.08
C TYR GF 1032 23.36 -11.44 -74.41
N SER GF 1033 23.20 -10.54 -75.38
CA SER GF 1033 21.90 -10.04 -75.78
C SER GF 1033 21.24 -10.87 -76.88
N GLY GF 1034 21.69 -12.10 -77.08
CA GLY GF 1034 21.06 -12.99 -78.04
C GLY GF 1034 21.11 -14.43 -77.60
N THR GF 1035 21.38 -14.65 -76.32
CA THR GF 1035 21.44 -16.01 -75.78
C THR GF 1035 20.35 -16.18 -74.73
N GLY GF 1036 19.49 -17.17 -74.95
CA GLY GF 1036 18.48 -17.54 -73.99
C GLY GF 1036 19.05 -18.46 -72.91
N LEU GF 1037 18.14 -19.16 -72.23
CA LEU GF 1037 18.59 -19.99 -71.12
C LEU GF 1037 17.60 -21.14 -70.88
N GLY GF 1038 18.05 -22.10 -70.07
CA GLY GF 1038 17.21 -23.19 -69.63
C GLY GF 1038 16.97 -23.09 -68.13
N ILE GF 1039 15.82 -23.63 -67.70
CA ILE GF 1039 15.35 -23.46 -66.33
C ILE GF 1039 14.96 -24.83 -65.78
N LEU GF 1040 15.48 -25.18 -64.62
CA LEU GF 1040 15.08 -26.37 -63.91
C LEU GF 1040 14.20 -25.97 -62.72
N PHE GF 1041 12.99 -26.54 -62.66
CA PHE GF 1041 11.95 -26.15 -61.72
C PHE GF 1041 12.34 -26.49 -60.30
N THR GF 1042 11.86 -25.67 -59.36
CA THR GF 1042 12.12 -25.87 -57.95
C THR GF 1042 10.84 -26.08 -57.14
N GLN GF 1043 9.74 -25.42 -57.52
CA GLN GF 1043 8.47 -25.57 -56.83
C GLN GF 1043 7.33 -25.61 -57.83
N ASP GF 1044 6.11 -25.65 -57.31
CA ASP GF 1044 4.91 -25.78 -58.11
C ASP GF 1044 4.13 -24.46 -58.16
N VAL GF 1045 3.39 -24.28 -59.24
CA VAL GF 1045 2.43 -23.19 -59.38
C VAL GF 1045 1.14 -23.76 -59.99
N THR GF 1046 0.01 -23.28 -59.50
CA THR GF 1046 -1.29 -23.80 -59.93
C THR GF 1046 -1.70 -23.22 -61.28
N VAL HF 38 59.07 -17.80 78.01
CA VAL HF 38 60.03 -18.66 78.71
C VAL HF 38 61.22 -17.87 79.33
N PRO HF 39 61.84 -16.89 78.64
CA PRO HF 39 62.71 -15.97 79.39
C PRO HF 39 61.95 -15.11 80.36
N LYS HF 40 60.67 -14.84 80.07
CA LYS HF 40 59.81 -14.18 81.04
C LYS HF 40 59.57 -15.06 82.26
N LEU HF 41 59.56 -16.36 82.09
CA LEU HF 41 59.48 -17.26 83.22
C LEU HF 41 60.83 -17.33 83.93
N PRO HF 42 60.85 -17.44 85.25
CA PRO HF 42 62.13 -17.53 85.97
C PRO HF 42 62.66 -18.96 85.93
N CYS HF 43 63.87 -19.12 85.38
CA CYS HF 43 64.46 -20.46 85.27
C CYS HF 43 64.86 -20.99 86.64
N ARG HF 44 65.38 -20.14 87.51
CA ARG HF 44 65.75 -20.54 88.86
C ARG HF 44 65.36 -19.42 89.80
N VAL HF 45 65.49 -19.69 91.10
CA VAL HF 45 65.19 -18.70 92.11
C VAL HF 45 66.30 -17.65 92.15
N ASP HF 46 66.00 -16.51 92.78
CA ASP HF 46 67.00 -15.47 92.95
C ASP HF 46 68.08 -15.93 93.92
N GLY HF 47 69.32 -15.60 93.60
CA GLY HF 47 70.46 -15.98 94.41
C GLY HF 47 70.70 -17.47 94.51
N ALA HF 48 70.41 -18.19 93.42
CA ALA HF 48 70.47 -19.65 93.44
C ALA HF 48 71.88 -20.08 93.09
N CYS HF 49 72.64 -20.48 94.10
CA CYS HF 49 73.91 -21.15 93.85
C CYS HF 49 74.12 -22.14 95.01
N ASP HF 50 73.64 -23.36 94.79
CA ASP HF 50 73.73 -24.40 95.80
C ASP HF 50 75.16 -24.82 96.04
N ALA HF 51 76.04 -24.62 95.06
CA ALA HF 51 77.47 -24.80 95.26
C ALA HF 51 77.98 -23.86 96.34
N THR HF 52 77.56 -22.59 96.27
CA THR HF 52 77.94 -21.63 97.32
C THR HF 52 77.30 -21.99 98.65
N ILE HF 53 76.09 -22.56 98.61
CA ILE HF 53 75.41 -22.98 99.83
C ILE HF 53 76.22 -24.07 100.54
N ILE HF 54 76.63 -25.09 99.79
CA ILE HF 54 77.39 -26.20 100.34
C ILE HF 54 78.75 -25.71 100.82
N LYS HF 55 79.40 -24.85 100.03
CA LYS HF 55 80.71 -24.30 100.39
C LYS HF 55 80.64 -23.51 101.69
N MET HF 56 79.63 -22.67 101.82
CA MET HF 56 79.56 -21.82 103.00
C MET HF 56 79.10 -22.60 104.24
N MET HF 57 78.29 -23.65 104.08
CA MET HF 57 77.96 -24.43 105.27
C MET HF 57 79.12 -25.32 105.70
N THR HF 58 79.95 -25.75 104.75
CA THR HF 58 81.19 -26.41 105.11
C THR HF 58 82.12 -25.46 105.85
N ASP HF 59 82.15 -24.20 105.42
CA ASP HF 59 82.93 -23.18 106.12
C ASP HF 59 82.41 -22.95 107.52
N LEU HF 60 81.09 -22.98 107.69
CA LEU HF 60 80.49 -22.75 109.01
C LEU HF 60 80.82 -23.90 109.96
N ASN HF 61 80.69 -25.14 109.50
CA ASN HF 61 81.06 -26.25 110.35
C ASN HF 61 82.56 -26.32 110.59
N LYS HF 62 83.38 -25.78 109.69
CA LYS HF 62 84.79 -25.66 109.99
C LYS HF 62 85.05 -24.58 111.03
N LYS HF 63 84.27 -23.50 110.99
CA LYS HF 63 84.43 -22.43 111.96
C LYS HF 63 83.89 -22.78 113.33
N GLY HF 64 83.10 -23.83 113.42
CA GLY HF 64 82.68 -24.36 114.71
C GLY HF 64 81.23 -24.16 115.02
N ILE HF 65 80.56 -23.27 114.29
CA ILE HF 65 79.11 -23.20 114.36
C ILE HF 65 78.55 -24.46 113.71
N LYS HF 66 77.66 -25.14 114.44
CA LYS HF 66 77.23 -26.49 114.08
C LYS HF 66 76.02 -26.43 113.17
N VAL HF 67 76.05 -27.22 112.09
CA VAL HF 67 74.98 -27.29 111.12
C VAL HF 67 74.43 -28.71 111.09
N ALA HF 68 73.12 -28.85 111.19
CA ALA HF 68 72.45 -30.13 111.11
C ALA HF 68 71.36 -30.05 110.05
N SER HF 69 71.34 -31.05 109.17
CA SER HF 69 70.42 -31.06 108.04
C SER HF 69 69.94 -32.49 107.82
N VAL HF 70 68.66 -32.74 108.06
CA VAL HF 70 68.08 -34.05 107.81
C VAL HF 70 66.60 -33.87 107.53
N GLY HF 71 66.07 -34.70 106.64
CA GLY HF 71 64.71 -34.52 106.17
C GLY HF 71 64.56 -33.23 105.41
N GLN HF 72 63.59 -32.42 105.82
CA GLN HF 72 63.49 -31.04 105.36
C GLN HF 72 63.74 -30.05 106.49
N ASN HF 73 64.09 -30.52 107.67
CA ASN HF 73 64.31 -29.68 108.83
C ASN HF 73 65.78 -29.35 108.95
N TYR HF 74 66.09 -28.08 109.09
CA TYR HF 74 67.46 -27.61 109.26
C TYR HF 74 67.59 -26.94 110.62
N LEU HF 75 68.69 -27.25 111.29
CA LEU HF 75 69.01 -26.72 112.61
C LEU HF 75 70.44 -26.19 112.59
N ILE HF 76 70.67 -25.08 113.28
CA ILE HF 76 72.02 -24.53 113.41
C ILE HF 76 72.23 -24.13 114.86
N SER HF 77 73.29 -24.65 115.47
CA SER HF 77 73.66 -24.31 116.83
C SER HF 77 74.90 -23.45 116.83
N ILE HF 78 74.96 -22.53 117.79
CA ILE HF 78 76.12 -21.65 117.99
C ILE HF 78 76.47 -21.62 119.46
N PRO HF 79 77.73 -21.85 119.83
CA PRO HF 79 78.14 -21.67 121.23
C PRO HF 79 78.02 -20.22 121.64
N ALA HF 80 77.43 -20.00 122.83
CA ALA HF 80 77.03 -18.66 123.22
C ALA HF 80 78.20 -17.78 123.64
N SER HF 81 79.35 -18.39 123.96
CA SER HF 81 80.51 -17.61 124.39
C SER HF 81 81.10 -16.81 123.25
N ALA HF 82 80.89 -17.25 122.02
CA ALA HF 82 81.32 -16.50 120.85
C ALA HF 82 80.30 -15.47 120.41
N LEU HF 83 79.21 -15.32 121.14
CA LEU HF 83 78.18 -14.36 120.78
C LEU HF 83 77.96 -13.29 121.83
N PHE HF 84 77.79 -13.67 123.09
CA PHE HF 84 77.49 -12.70 124.13
C PHE HF 84 78.68 -12.54 125.06
N ALA HF 85 78.51 -11.68 126.04
CA ALA HF 85 79.44 -11.58 127.14
C ALA HF 85 79.07 -12.60 128.20
N ASP HF 86 79.73 -12.56 129.35
CA ASP HF 86 79.50 -13.55 130.40
C ASP HF 86 78.15 -13.28 131.05
N GLN HF 87 77.19 -14.16 130.77
CA GLN HF 87 75.87 -14.23 131.41
C GLN HF 87 75.08 -12.93 131.25
N SER HF 88 75.32 -12.22 130.15
CA SER HF 88 74.72 -10.91 129.98
C SER HF 88 74.32 -10.72 128.53
N PRO HF 89 73.12 -10.21 128.28
CA PRO HF 89 72.64 -10.02 126.90
C PRO HF 89 73.21 -8.76 126.25
N ARG HF 90 74.44 -8.87 125.77
CA ARG HF 90 75.06 -7.82 124.99
C ARG HF 90 75.81 -8.46 123.83
N LEU HF 91 76.13 -7.64 122.82
CA LEU HF 91 76.74 -8.12 121.60
C LEU HF 91 78.06 -7.41 121.36
N ASN HF 92 79.13 -8.17 121.22
CA ASN HF 92 80.40 -7.59 120.81
C ASN HF 92 80.34 -7.26 119.32
N TRP HF 93 81.29 -6.42 118.89
CA TRP HF 93 81.25 -5.89 117.55
C TRP HF 93 81.59 -6.94 116.50
N ALA HF 94 82.44 -7.90 116.85
CA ALA HF 94 82.83 -8.92 115.89
C ALA HF 94 81.72 -9.91 115.59
N SER HF 95 80.74 -10.02 116.50
CA SER HF 95 79.71 -11.04 116.37
C SER HF 95 78.70 -10.73 115.26
N TYR HF 96 78.53 -9.45 114.93
CA TYR HF 96 77.60 -9.06 113.87
C TYR HF 96 78.05 -9.55 112.51
N SER HF 97 79.35 -9.77 112.33
CA SER HF 97 79.87 -10.33 111.08
C SER HF 97 79.34 -11.73 110.86
N LEU HF 98 79.44 -12.59 111.89
CA LEU HF 98 78.92 -13.94 111.76
C LEU HF 98 77.41 -13.96 111.72
N LEU HF 99 76.76 -13.03 112.41
CA LEU HF 99 75.30 -12.96 112.35
C LEU HF 99 74.81 -12.56 110.96
N ASN HF 100 75.50 -11.61 110.32
CA ASN HF 100 75.10 -11.23 108.98
C ASN HF 100 75.47 -12.31 107.98
N GLU HF 101 76.54 -13.08 108.25
CA GLU HF 101 76.89 -14.21 107.39
C GLU HF 101 75.83 -15.31 107.45
N ILE HF 102 75.38 -15.63 108.65
CA ILE HF 102 74.38 -16.69 108.76
C ILE HF 102 73.03 -16.19 108.27
N ALA HF 103 72.78 -14.88 108.33
CA ALA HF 103 71.59 -14.33 107.70
C ALA HF 103 71.66 -14.45 106.19
N ALA HF 104 72.85 -14.19 105.62
CA ALA HF 104 73.04 -14.35 104.18
C ALA HF 104 72.92 -15.81 103.76
N PHE HF 105 73.24 -16.73 104.67
CA PHE HF 105 72.89 -18.13 104.44
C PHE HF 105 71.39 -18.30 104.38
N LEU HF 106 70.71 -18.02 105.49
CA LEU HF 106 69.35 -18.50 105.68
C LEU HF 106 68.34 -17.74 104.84
N LYS HF 107 68.70 -16.60 104.27
CA LYS HF 107 67.77 -15.98 103.35
C LYS HF 107 67.82 -16.57 101.95
N GLN HF 108 68.72 -17.51 101.70
CA GLN HF 108 68.77 -18.12 100.38
C GLN HF 108 67.65 -19.13 100.18
N PHE HF 109 67.22 -19.81 101.24
CA PHE HF 109 66.15 -20.78 101.09
C PHE HF 109 64.79 -20.09 101.07
N ARG HF 110 63.74 -20.88 100.90
CA ARG HF 110 62.37 -20.43 101.04
C ARG HF 110 61.75 -21.15 102.23
N LYS HF 111 61.11 -20.39 103.12
CA LYS HF 111 60.62 -20.95 104.36
C LYS HF 111 59.43 -20.15 104.85
N ILE HF 112 58.87 -20.59 105.98
CA ILE HF 112 57.65 -20.00 106.53
C ILE HF 112 57.91 -19.51 107.94
N ALA HF 113 58.27 -20.43 108.82
CA ALA HF 113 58.41 -20.15 110.23
C ALA HF 113 59.83 -20.46 110.68
N ILE HF 114 60.37 -19.62 111.55
CA ILE HF 114 61.70 -19.78 112.11
C ILE HF 114 61.58 -19.77 113.62
N THR HF 115 62.13 -20.78 114.27
CA THR HF 115 62.13 -20.87 115.73
C THR HF 115 63.54 -20.67 116.23
N VAL HF 116 63.68 -19.88 117.30
CA VAL HF 116 64.97 -19.65 117.93
C VAL HF 116 64.86 -20.01 119.40
N THR HF 117 65.87 -20.71 119.91
CA THR HF 117 65.89 -21.24 121.26
C THR HF 117 67.21 -20.89 121.92
N SER HF 118 67.15 -20.36 123.13
CA SER HF 118 68.35 -19.96 123.86
C SER HF 118 68.52 -20.83 125.10
N TYR HF 119 69.74 -21.34 125.30
CA TYR HF 119 70.07 -22.24 126.39
C TYR HF 119 71.27 -21.72 127.16
N SER HF 120 71.21 -21.80 128.48
CA SER HF 120 72.28 -21.25 129.33
C SER HF 120 72.81 -22.29 130.31
N SER HF 121 73.63 -21.85 131.25
CA SER HF 121 74.10 -22.66 132.36
C SER HF 121 73.43 -22.21 133.65
N LYS HF 122 73.41 -23.10 134.64
CA LYS HF 122 72.74 -22.82 135.91
C LYS HF 122 73.59 -21.86 136.73
N TYR HF 123 73.04 -20.69 137.04
CA TYR HF 123 73.81 -19.65 137.72
C TYR HF 123 73.27 -19.29 139.10
N VAL HF 124 72.02 -18.84 139.21
CA VAL HF 124 71.49 -18.43 140.51
C VAL HF 124 70.14 -19.08 140.77
N SER HF 125 69.21 -18.91 139.85
CA SER HF 125 67.81 -19.24 140.09
C SER HF 125 67.28 -19.96 138.87
N VAL HF 126 65.97 -20.00 138.74
CA VAL HF 126 65.37 -20.32 137.46
C VAL HF 126 65.05 -19.05 136.69
N LYS HF 127 64.63 -18.01 137.40
CA LYS HF 127 64.10 -16.80 136.77
C LYS HF 127 65.18 -16.01 136.07
N ARG HF 128 66.36 -15.94 136.69
CA ARG HF 128 67.47 -15.19 136.10
C ARG HF 128 67.92 -15.82 134.78
N GLU HF 129 68.06 -17.14 134.76
CA GLU HF 129 68.46 -17.84 133.54
C GLU HF 129 67.38 -17.77 132.47
N ARG HF 130 66.11 -17.90 132.88
CA ARG HF 130 65.01 -17.82 131.93
C ARG HF 130 64.93 -16.45 131.28
N ALA HF 131 65.08 -15.39 132.08
CA ALA HF 131 65.03 -14.04 131.55
C ALA HF 131 66.24 -13.74 130.69
N LEU HF 132 67.41 -14.27 131.07
CA LEU HF 132 68.62 -14.06 130.28
C LEU HF 132 68.49 -14.70 128.91
N THR HF 133 68.03 -15.95 128.87
CA THR HF 133 67.82 -16.63 127.60
C THR HF 133 66.74 -15.95 126.76
N LEU HF 134 65.68 -15.47 127.43
CA LEU HF 134 64.62 -14.76 126.73
C LEU HF 134 65.12 -13.49 126.09
N ALA HF 135 65.93 -12.72 126.83
CA ALA HF 135 66.46 -11.47 126.30
C ALA HF 135 67.42 -11.73 125.14
N ARG HF 136 68.23 -12.78 125.25
CA ARG HF 136 69.16 -13.12 124.18
C ARG HF 136 68.42 -13.53 122.91
N SER HF 137 67.37 -14.32 123.07
CA SER HF 137 66.53 -14.67 121.93
C SER HF 137 65.85 -13.44 121.36
N ARG HF 138 65.46 -12.50 122.23
CA ARG HF 138 64.79 -11.28 121.79
C ARG HF 138 65.71 -10.45 120.89
N VAL HF 139 66.95 -10.25 121.33
CA VAL HF 139 67.84 -9.37 120.57
C VAL HF 139 68.27 -10.04 119.26
N VAL HF 140 68.52 -11.35 119.29
CA VAL HF 140 68.91 -12.00 118.04
C VAL HF 140 67.74 -12.06 117.07
N SER HF 141 66.51 -12.22 117.59
CA SER HF 141 65.34 -12.24 116.73
C SER HF 141 65.07 -10.88 116.13
N GLU HF 142 65.28 -9.82 116.91
CA GLU HF 142 65.04 -8.48 116.38
C GLU HF 142 66.04 -8.12 115.30
N TYR HF 143 67.31 -8.50 115.48
CA TYR HF 143 68.27 -8.19 114.42
C TYR HF 143 68.02 -9.04 113.18
N LEU HF 144 67.59 -10.29 113.36
CA LEU HF 144 67.29 -11.11 112.19
C LEU HF 144 66.07 -10.60 111.45
N TRP HF 145 65.05 -10.15 112.17
CA TRP HF 145 63.88 -9.58 111.52
C TRP HF 145 64.20 -8.24 110.88
N SER HF 146 65.16 -7.51 111.46
CA SER HF 146 65.67 -6.31 110.80
C SER HF 146 66.33 -6.66 109.48
N GLN HF 147 67.09 -7.74 109.45
CA GLN HF 147 67.71 -8.15 108.20
C GLN HF 147 66.66 -8.73 107.26
N GLY HF 148 66.95 -8.65 105.97
CA GLY HF 148 65.97 -8.96 104.95
C GLY HF 148 65.79 -10.43 104.67
N VAL HF 149 65.08 -11.13 105.55
CA VAL HF 149 64.73 -12.53 105.35
C VAL HF 149 63.21 -12.63 105.39
N ASP HF 150 62.64 -13.25 104.36
CA ASP HF 150 61.21 -13.19 104.09
C ASP HF 150 60.41 -14.28 104.79
N SER HF 151 60.87 -14.76 105.94
CA SER HF 151 60.09 -15.70 106.71
C SER HF 151 58.84 -15.04 107.26
N ARG HF 152 57.74 -15.79 107.26
CA ARG HF 152 56.46 -15.24 107.69
C ARG HF 152 56.39 -15.09 109.20
N ILE HF 153 56.83 -16.12 109.93
CA ILE HF 153 56.61 -16.22 111.37
C ILE HF 153 57.96 -16.38 112.06
N ILE HF 154 58.19 -15.62 113.12
CA ILE HF 154 59.38 -15.74 113.95
C ILE HF 154 58.92 -16.04 115.37
N PHE HF 155 59.27 -17.23 115.86
CA PHE HF 155 58.95 -17.67 117.21
C PHE HF 155 60.23 -17.72 118.04
N THR HF 156 60.20 -17.07 119.22
CA THR HF 156 61.36 -17.00 120.10
C THR HF 156 61.06 -17.68 121.42
N GLN HF 157 62.04 -18.40 121.95
CA GLN HF 157 61.92 -18.95 123.29
C GLN HF 157 63.31 -19.22 123.87
N GLY HF 158 63.40 -19.10 125.18
CA GLY HF 158 64.63 -19.37 125.89
C GLY HF 158 64.32 -20.03 127.22
N LEU HF 159 65.22 -20.89 127.64
CA LEU HF 159 64.88 -21.68 128.81
C LEU HF 159 65.89 -21.61 129.93
N GLY HF 160 67.18 -21.57 129.60
CA GLY HF 160 68.19 -21.53 130.65
C GLY HF 160 69.01 -22.79 130.70
N SER HF 161 69.02 -23.45 131.85
CA SER HF 161 69.74 -24.70 132.04
C SER HF 161 68.75 -25.87 132.15
N ASP HF 162 67.67 -25.81 131.38
CA ASP HF 162 66.60 -26.79 131.49
C ASP HF 162 66.82 -28.02 130.64
N LYS HF 163 67.54 -27.89 129.52
CA LYS HF 163 67.76 -28.99 128.58
C LYS HF 163 69.26 -29.14 128.33
N PRO HF 164 69.94 -29.90 129.18
CA PRO HF 164 71.38 -30.09 128.99
C PRO HF 164 71.68 -31.04 127.85
N ILE HF 165 72.71 -30.70 127.07
CA ILE HF 165 73.16 -31.58 126.00
C ILE HF 165 74.21 -32.56 126.50
N THR HF 166 74.76 -32.34 127.69
CA THR HF 166 75.76 -33.22 128.25
C THR HF 166 75.59 -33.27 129.76
N SER HF 167 75.90 -34.44 130.34
CA SER HF 167 75.94 -34.55 131.78
C SER HF 167 77.16 -33.84 132.37
N TYR HF 168 78.23 -33.71 131.59
CA TYR HF 168 79.41 -32.98 132.01
C TYR HF 168 79.10 -31.49 132.03
N THR HF 169 79.16 -30.87 133.20
CA THR HF 169 78.74 -29.48 133.40
C THR HF 169 79.76 -28.71 134.23
N LEU HF 170 81.04 -28.84 133.87
CA LEU HF 170 82.06 -28.12 134.63
C LEU HF 170 82.06 -26.63 134.31
N GLY HF 171 82.01 -26.27 133.03
CA GLY HF 171 82.09 -24.88 132.66
C GLY HF 171 80.80 -24.13 132.92
N GLY HF 172 80.90 -22.82 132.82
CA GLY HF 172 79.72 -21.96 132.94
C GLY HF 172 79.20 -21.59 131.58
N ASP HF 173 79.51 -20.38 131.14
CA ASP HF 173 79.22 -20.01 129.75
C ASP HF 173 80.17 -20.67 128.78
N ARG HF 174 81.33 -21.12 129.25
CA ARG HF 174 82.27 -21.84 128.40
C ARG HF 174 81.77 -23.23 128.04
N SER HF 175 80.85 -23.78 128.82
CA SER HF 175 80.35 -25.12 128.58
C SER HF 175 79.48 -25.15 127.32
N PRO HF 176 79.61 -26.19 126.50
CA PRO HF 176 78.89 -26.23 125.23
C PRO HF 176 77.40 -26.46 125.36
N ASN HF 177 76.89 -26.81 126.55
CA ASN HF 177 75.44 -26.97 126.69
C ASN HF 177 74.72 -25.63 126.65
N ALA HF 178 75.42 -24.53 126.95
CA ALA HF 178 74.86 -23.20 126.74
C ALA HF 178 75.10 -22.79 125.30
N ARG HF 179 74.03 -22.46 124.60
CA ARG HF 179 74.12 -22.24 123.15
C ARG HF 179 72.88 -21.49 122.67
N VAL HF 180 72.85 -21.22 121.37
CA VAL HF 180 71.69 -20.65 120.70
C VAL HF 180 71.42 -21.49 119.46
N GLU HF 181 70.19 -21.97 119.32
CA GLU HF 181 69.81 -22.82 118.20
C GLU HF 181 68.74 -22.13 117.37
N ILE HF 182 68.92 -22.15 116.06
CA ILE HF 182 67.85 -21.81 115.14
C ILE HF 182 67.39 -23.10 114.49
N THR HF 183 66.09 -23.14 114.17
CA THR HF 183 65.51 -24.35 113.62
C THR HF 183 64.30 -24.00 112.76
N PHE HF 184 64.13 -24.78 111.69
CA PHE HF 184 62.96 -24.66 110.83
C PHE HF 184 62.85 -25.90 109.96
N ARG HF 185 61.77 -25.97 109.18
CA ARG HF 185 61.62 -26.96 108.13
C ARG HF 185 61.44 -26.24 106.80
N ARG HF 186 62.24 -26.64 105.82
CA ARG HF 186 62.12 -26.10 104.46
C ARG HF 186 60.78 -26.45 103.86
N ALA HF 187 60.17 -25.49 103.18
CA ALA HF 187 58.85 -25.65 102.60
C ALA HF 187 58.96 -25.57 101.08
N VAL HF 188 59.18 -26.73 100.45
CA VAL HF 188 59.20 -26.92 99.00
C VAL HF 188 60.15 -25.99 98.26
N CYS IF 42 92.67 -0.45 122.24
CA CYS IF 42 92.83 0.85 121.60
C CYS IF 42 91.52 1.62 121.58
N PHE IF 43 90.45 0.96 121.13
CA PHE IF 43 89.16 1.61 120.96
C PHE IF 43 88.06 0.56 120.95
N HIS IF 44 86.90 0.94 121.47
CA HIS IF 44 85.70 0.13 121.34
C HIS IF 44 84.65 0.94 120.60
N PRO IF 45 84.09 0.41 119.51
CA PRO IF 45 82.96 1.08 118.84
C PRO IF 45 81.74 1.25 119.73
N PRO IF 46 81.44 0.32 120.69
CA PRO IF 46 80.37 0.78 121.61
C PRO IF 46 80.85 1.73 122.71
N TYR IF 47 81.07 2.99 122.29
CA TYR IF 47 81.26 4.17 123.16
C TYR IF 47 82.43 4.02 124.13
N ASN IF 48 83.39 3.15 123.80
CA ASN IF 48 84.52 2.76 124.65
C ASN IF 48 84.07 2.32 126.04
N ASN IF 49 82.89 1.68 126.12
CA ASN IF 49 82.25 1.24 127.36
C ASN IF 49 82.09 2.38 128.36
N PHE IF 50 81.81 3.58 127.84
CA PHE IF 50 81.76 4.83 128.62
C PHE IF 50 83.05 5.07 129.40
N GLN IF 51 84.16 4.82 128.76
CA GLN IF 51 85.42 5.17 129.38
C GLN IF 51 85.89 6.51 128.86
N PRO IF 52 86.71 7.24 129.61
CA PRO IF 52 87.33 8.46 129.07
C PRO IF 52 88.26 8.15 127.92
N ASP IF 53 88.44 9.14 127.05
CA ASP IF 53 89.09 8.93 125.76
C ASP IF 53 90.58 8.66 125.91
N ARG IF 54 91.09 7.77 125.07
CA ARG IF 54 92.52 7.58 124.85
C ARG IF 54 92.72 7.69 123.35
N ARG IF 55 92.81 8.92 122.85
CA ARG IF 55 92.94 9.16 121.42
C ARG IF 55 94.19 9.93 121.07
N ALA IF 56 94.44 11.05 121.75
CA ALA IF 56 95.61 11.88 121.46
C ALA IF 56 96.89 11.18 121.84
N VAL IF 57 96.85 10.30 122.84
CA VAL IF 57 98.02 9.54 123.24
C VAL IF 57 98.46 8.58 122.13
N LYS IF 58 97.52 7.86 121.53
CA LYS IF 58 97.84 7.01 120.40
C LYS IF 58 98.23 7.82 119.18
N ARG IF 59 97.63 9.00 118.99
CA ARG IF 59 97.99 9.84 117.86
C ARG IF 59 99.42 10.35 117.97
N VAL IF 60 99.83 10.82 119.15
CA VAL IF 60 101.20 11.28 119.30
C VAL IF 60 102.17 10.10 119.30
N GLY IF 61 101.71 8.91 119.72
CA GLY IF 61 102.55 7.73 119.60
C GLY IF 61 102.84 7.35 118.16
N VAL IF 62 101.79 7.33 117.32
CA VAL IF 62 102.02 6.99 115.92
C VAL IF 62 102.64 8.13 115.15
N ASP IF 63 102.60 9.35 115.68
CA ASP IF 63 103.36 10.44 115.08
C ASP IF 63 104.84 10.33 115.44
N THR IF 64 105.15 9.93 116.68
CA THR IF 64 106.55 9.77 117.07
C THR IF 64 107.16 8.51 116.48
N GLY IF 65 106.36 7.54 116.08
CA GLY IF 65 106.89 6.33 115.47
C GLY IF 65 107.50 6.51 114.10
N GLY IF 88 107.37 12.50 115.15
CA GLY IF 88 107.93 13.60 115.93
C GLY IF 88 107.00 14.08 117.03
N GLY IF 89 107.60 14.42 118.18
CA GLY IF 89 106.82 14.86 119.31
C GLY IF 89 106.14 16.20 119.08
N THR IF 90 106.86 17.14 118.46
CA THR IF 90 106.31 18.48 118.24
C THR IF 90 105.17 18.46 117.22
N VAL IF 91 105.36 17.74 116.10
CA VAL IF 91 104.32 17.65 115.08
C VAL IF 91 103.13 16.85 115.60
N GLY IF 92 103.38 15.81 116.41
CA GLY IF 92 102.29 15.08 117.02
C GLY IF 92 101.49 15.91 118.02
N LEU IF 93 102.18 16.71 118.83
CA LEU IF 93 101.49 17.54 119.81
C LEU IF 93 100.69 18.65 119.15
N VAL IF 94 101.25 19.27 118.11
CA VAL IF 94 100.50 20.32 117.44
C VAL IF 94 99.35 19.73 116.63
N ALA IF 95 99.49 18.48 116.15
CA ALA IF 95 98.37 17.82 115.49
C ALA IF 95 97.27 17.48 116.49
N SER IF 96 97.66 17.07 117.70
CA SER IF 96 96.67 16.79 118.75
C SER IF 96 95.91 18.04 119.16
N ILE IF 97 96.62 19.16 119.35
CA ILE IF 97 95.92 20.38 119.73
C ILE IF 97 95.17 20.99 118.56
N TYR IF 98 95.52 20.64 117.32
CA TYR IF 98 94.70 21.06 116.19
C TYR IF 98 93.43 20.25 116.08
N ARG IF 99 93.52 18.94 116.36
CA ARG IF 99 92.33 18.09 116.29
C ARG IF 99 91.38 18.32 117.45
N ASP IF 100 91.90 18.70 118.62
CA ASP IF 100 91.07 18.89 119.78
C ASP IF 100 90.61 20.33 119.95
N SER IF 101 90.69 21.14 118.89
CA SER IF 101 90.17 22.48 118.96
C SER IF 101 88.65 22.47 118.99
N LYS IF 102 88.08 23.56 119.50
CA LYS IF 102 86.64 23.76 119.39
C LYS IF 102 86.23 23.96 117.94
N ARG IF 103 87.06 24.66 117.16
CA ARG IF 103 86.79 24.87 115.74
C ARG IF 103 86.77 23.56 114.98
N LYS IF 104 87.71 22.66 115.30
CA LYS IF 104 87.73 21.35 114.66
C LYS IF 104 86.50 20.54 115.04
N ILE IF 105 86.04 20.69 116.29
CA ILE IF 105 84.85 19.99 116.76
C ILE IF 105 83.62 20.47 115.99
N ILE IF 106 83.48 21.78 115.84
CA ILE IF 106 82.32 22.35 115.14
C ILE IF 106 82.38 22.01 113.66
N ARG IF 107 83.58 21.97 113.08
CA ARG IF 107 83.70 21.58 111.68
C ARG IF 107 83.36 20.12 111.47
N ASP IF 108 83.71 19.24 112.42
CA ASP IF 108 83.28 17.86 112.33
C ASP IF 108 81.78 17.73 112.51
N LEU IF 109 81.19 18.53 113.38
CA LEU IF 109 79.75 18.52 113.56
C LEU IF 109 79.03 19.07 112.35
N GLN IF 110 79.68 19.93 111.57
CA GLN IF 110 79.12 20.39 110.31
C GLN IF 110 79.34 19.38 109.20
N LYS IF 111 80.41 18.58 109.29
CA LYS IF 111 80.57 17.48 108.36
C LYS IF 111 79.50 16.42 108.58
N GLN IF 112 79.17 16.15 109.83
CA GLN IF 112 77.95 15.42 110.11
C GLN IF 112 76.75 16.36 109.99
N ASP IF 113 75.56 15.79 110.11
CA ASP IF 113 74.35 16.58 109.87
C ASP IF 113 73.80 17.18 111.15
N ILE IF 114 74.64 17.83 111.94
CA ILE IF 114 74.25 18.34 113.25
C ILE IF 114 74.44 19.85 113.25
N GLN IF 115 73.43 20.58 113.72
CA GLN IF 115 73.45 22.02 113.65
C GLN IF 115 73.92 22.62 114.97
N TYR IF 116 74.80 23.62 114.87
CA TYR IF 116 75.37 24.33 116.00
C TYR IF 116 75.01 25.80 115.90
N VAL IF 117 74.60 26.41 117.02
CA VAL IF 117 74.27 27.82 117.04
C VAL IF 117 74.84 28.43 118.31
N GLU IF 118 75.61 29.52 118.15
CA GLU IF 118 76.03 30.35 119.28
C GLU IF 118 75.59 31.77 119.02
N TYR IF 119 74.95 32.39 120.02
CA TYR IF 119 74.39 33.72 119.85
C TYR IF 119 74.26 34.35 121.23
N GLY IF 120 74.99 35.44 121.45
CA GLY IF 120 74.97 36.11 122.73
C GLY IF 120 75.60 35.29 123.85
N ASP IF 121 74.78 34.87 124.80
CA ASP IF 121 75.21 33.97 125.86
C ASP IF 121 74.80 32.53 125.60
N THR IF 122 73.54 32.33 125.22
CA THR IF 122 72.99 30.98 125.12
C THR IF 122 73.56 30.26 123.92
N ARG IF 123 73.77 28.95 124.08
CA ARG IF 123 74.28 28.13 123.00
C ARG IF 123 73.33 26.96 122.78
N THR IF 124 73.10 26.64 121.51
CA THR IF 124 72.06 25.68 121.15
C THR IF 124 72.56 24.71 120.10
N LEU IF 125 71.90 23.56 120.06
CA LEU IF 125 72.31 22.43 119.25
C LEU IF 125 71.08 21.71 118.71
N ILE IF 126 71.16 21.25 117.47
CA ILE IF 126 70.01 20.66 116.79
C ILE IF 126 70.43 19.35 116.16
N ILE IF 127 69.68 18.29 116.46
CA ILE IF 127 69.96 16.94 115.99
C ILE IF 127 68.76 16.44 115.19
N PRO IF 128 68.97 15.88 114.00
CA PRO IF 128 67.85 15.31 113.22
C PRO IF 128 67.51 13.90 113.70
N THR IF 129 66.27 13.75 114.15
CA THR IF 129 65.87 12.52 114.84
C THR IF 129 65.73 11.35 113.88
N ASP IF 130 65.25 11.59 112.66
CA ASP IF 130 64.98 10.50 111.74
C ASP IF 130 66.25 9.89 111.15
N LYS IF 131 67.39 10.57 111.29
CA LYS IF 131 68.65 9.94 110.96
C LYS IF 131 69.38 9.44 112.20
N TYR IF 132 69.30 10.17 113.31
CA TYR IF 132 69.99 9.75 114.52
C TYR IF 132 69.11 8.94 115.44
N PHE IF 133 68.09 8.28 114.93
CA PHE IF 133 67.30 7.36 115.73
C PHE IF 133 66.78 6.24 114.85
N MET IF 134 66.53 5.09 115.47
CA MET IF 134 65.79 4.04 114.80
C MET IF 134 64.36 4.51 114.56
N PHE IF 135 63.77 4.04 113.46
CA PHE IF 135 62.56 4.64 112.93
C PHE IF 135 61.36 4.38 113.82
N SER IF 136 60.60 5.46 114.09
CA SER IF 136 59.32 5.42 114.80
C SER IF 136 59.45 4.81 116.19
N SER IF 137 60.58 5.04 116.84
CA SER IF 137 60.90 4.31 118.05
C SER IF 137 61.88 5.12 118.87
N PRO IF 138 61.81 5.05 120.20
CA PRO IF 138 62.83 5.69 121.04
C PRO IF 138 64.13 4.91 121.11
N ARG IF 139 64.20 3.77 120.46
CA ARG IF 139 65.44 3.01 120.42
C ARG IF 139 66.49 3.74 119.60
N LEU IF 140 67.72 3.74 120.10
CA LEU IF 140 68.75 4.59 119.55
C LEU IF 140 69.38 3.98 118.31
N ASN IF 141 69.58 4.79 117.28
CA ASN IF 141 70.38 4.36 116.14
C ASN IF 141 71.82 4.13 116.57
N GLU IF 142 72.38 3.01 116.12
CA GLU IF 142 73.67 2.58 116.59
C GLU IF 142 74.79 2.77 115.58
N ILE IF 143 74.55 3.51 114.50
CA ILE IF 143 75.58 3.58 113.47
C ILE IF 143 76.37 4.87 113.56
N CYS IF 144 75.71 6.01 113.78
CA CYS IF 144 76.35 7.32 113.68
C CYS IF 144 76.97 7.78 114.98
N TYR IF 145 77.41 6.84 115.83
CA TYR IF 145 78.06 7.13 117.10
C TYR IF 145 79.32 8.01 117.09
N PRO IF 146 80.08 8.18 115.99
CA PRO IF 146 81.07 9.27 115.98
C PRO IF 146 80.48 10.64 116.23
N GLY IF 147 79.25 10.90 115.77
CA GLY IF 147 78.60 12.15 116.10
C GLY IF 147 78.33 12.30 117.58
N LEU IF 148 77.94 11.22 118.24
CA LEU IF 148 77.67 11.27 119.66
C LEU IF 148 78.95 11.43 120.47
N ASN IF 149 80.04 10.82 120.00
CA ASN IF 149 81.35 11.02 120.62
C ASN IF 149 81.82 12.46 120.46
N ASN IF 150 81.56 13.05 119.29
CA ASN IF 150 81.85 14.47 119.08
C ASN IF 150 81.01 15.33 120.00
N VAL IF 151 79.76 14.94 120.22
CA VAL IF 151 78.85 15.67 121.11
C VAL IF 151 79.40 15.68 122.53
N ILE IF 152 79.86 14.51 123.00
CA ILE IF 152 80.36 14.41 124.36
C ILE IF 152 81.67 15.17 124.51
N ARG IF 153 82.54 15.10 123.49
CA ARG IF 153 83.77 15.87 123.52
C ARG IF 153 83.51 17.37 123.46
N LEU IF 154 82.43 17.79 122.79
CA LEU IF 154 82.07 19.20 122.80
C LEU IF 154 81.57 19.62 124.18
N LEU IF 155 80.62 18.87 124.75
CA LEU IF 155 80.00 19.30 125.99
C LEU IF 155 80.85 19.04 127.22
N ASN IF 156 82.00 18.38 127.04
CA ASN IF 156 82.99 18.32 128.11
C ASN IF 156 83.58 19.68 128.44
N PHE IF 157 83.51 20.65 127.51
CA PHE IF 157 84.14 21.94 127.72
C PHE IF 157 83.41 22.82 128.73
N TYR IF 158 82.15 22.53 129.03
CA TYR IF 158 81.30 23.45 129.77
C TYR IF 158 80.79 22.78 131.05
N PRO IF 159 81.51 22.92 132.15
CA PRO IF 159 81.14 22.21 133.38
C PRO IF 159 80.18 22.95 134.29
N GLN IF 160 79.80 24.18 133.96
CA GLN IF 160 79.02 25.01 134.88
C GLN IF 160 77.66 25.39 134.30
N SER IF 161 77.04 24.51 133.55
CA SER IF 161 75.82 24.84 132.82
C SER IF 161 74.71 23.87 133.15
N THR IF 162 73.53 24.43 133.45
CA THR IF 162 72.30 23.66 133.45
C THR IF 162 71.82 23.47 132.02
N ILE IF 163 71.36 22.28 131.70
CA ILE IF 163 71.10 21.88 130.32
C ILE IF 163 69.62 21.62 130.16
N TYR IF 164 69.04 22.19 129.10
CA TYR IF 164 67.68 21.89 128.70
C TYR IF 164 67.72 21.09 127.40
N VAL IF 165 66.85 20.09 127.30
CA VAL IF 165 66.74 19.31 126.08
C VAL IF 165 65.26 19.11 125.78
N ALA IF 166 64.87 19.37 124.53
CA ALA IF 166 63.49 19.25 124.10
C ALA IF 166 63.40 18.46 122.81
N GLY IF 167 62.21 17.90 122.57
CA GLY IF 167 61.96 17.09 121.40
C GLY IF 167 60.88 17.68 120.53
N PHE IF 168 60.99 17.46 119.21
CA PHE IF 168 60.04 17.98 118.24
C PHE IF 168 59.72 16.94 117.19
N THR IF 169 58.47 16.99 116.71
CA THR IF 169 57.96 16.03 115.75
C THR IF 169 57.21 16.71 114.61
N ASP IF 170 56.53 15.91 113.78
CA ASP IF 170 55.72 16.39 112.69
C ASP IF 170 54.27 16.58 113.15
N ASN IF 171 53.36 16.76 112.19
CA ASN IF 171 52.00 17.18 112.49
C ASN IF 171 50.96 16.09 112.40
N VAL IF 172 51.30 14.91 111.91
CA VAL IF 172 50.30 13.91 111.56
C VAL IF 172 50.32 12.81 112.62
N GLY IF 173 49.15 12.56 113.21
CA GLY IF 173 48.98 11.57 114.26
C GLY IF 173 48.15 12.12 115.39
N SER IF 174 47.94 11.26 116.38
CA SER IF 174 47.28 11.70 117.60
C SER IF 174 48.18 12.67 118.36
N ARG IF 175 47.57 13.66 118.98
CA ARG IF 175 48.31 14.59 119.83
C ARG IF 175 48.94 13.87 121.00
N SER IF 176 48.19 12.92 121.59
CA SER IF 176 48.71 12.09 122.65
C SER IF 176 49.88 11.24 122.16
N HIS IF 177 49.77 10.70 120.95
CA HIS IF 177 50.85 9.91 120.39
C HIS IF 177 52.10 10.75 120.16
N LYS IF 178 51.92 11.98 119.66
CA LYS IF 178 53.04 12.87 119.41
C LYS IF 178 53.74 13.26 120.70
N ARG IF 179 52.97 13.59 121.75
CA ARG IF 179 53.62 13.99 122.99
C ARG IF 179 54.26 12.81 123.70
N LYS IF 180 53.69 11.61 123.56
CA LYS IF 180 54.31 10.42 124.15
C LYS IF 180 55.63 10.11 123.47
N LEU IF 181 55.66 10.17 122.13
CA LEU IF 181 56.90 9.92 121.43
C LEU IF 181 57.94 11.01 121.69
N SER IF 182 57.48 12.25 121.83
CA SER IF 182 58.40 13.35 122.13
C SER IF 182 59.03 13.18 123.50
N GLN IF 183 58.22 12.84 124.51
CA GLN IF 183 58.75 12.61 125.85
C GLN IF 183 59.68 11.41 125.87
N ALA IF 184 59.36 10.38 125.10
CA ALA IF 184 60.22 9.20 125.00
C ALA IF 184 61.58 9.54 124.39
N GLN IF 185 61.57 10.30 123.29
CA GLN IF 185 62.80 10.64 122.61
C GLN IF 185 63.69 11.53 123.47
N ALA IF 186 63.09 12.55 124.08
CA ALA IF 186 63.85 13.44 124.95
C ALA IF 186 64.38 12.72 126.17
N GLU IF 187 63.57 11.80 126.73
CA GLU IF 187 64.01 11.03 127.88
C GLU IF 187 65.18 10.14 127.53
N THR IF 188 65.12 9.52 126.34
CA THR IF 188 66.21 8.67 125.87
C THR IF 188 67.49 9.45 125.73
N MET IF 189 67.39 10.63 125.13
CA MET IF 189 68.58 11.46 124.92
C MET IF 189 69.16 11.96 126.24
N MET IF 190 68.30 12.40 127.17
CA MET IF 190 68.82 12.92 128.42
C MET IF 190 69.36 11.82 129.30
N THR IF 191 68.84 10.60 129.18
CA THR IF 191 69.40 9.50 129.94
C THR IF 191 70.75 9.08 129.38
N PHE IF 192 70.91 9.13 128.05
CA PHE IF 192 72.24 8.91 127.48
C PHE IF 192 73.22 9.96 128.00
N LEU IF 193 72.76 11.20 128.05
CA LEU IF 193 73.61 12.29 128.54
C LEU IF 193 73.95 12.11 130.02
N TRP IF 194 73.03 11.51 130.78
CA TRP IF 194 73.36 11.13 132.15
C TRP IF 194 74.42 10.05 132.18
N ALA IF 195 74.28 9.06 131.31
CA ALA IF 195 75.20 7.93 131.30
C ALA IF 195 76.60 8.31 130.84
N ASN IF 196 76.75 9.42 130.15
CA ASN IF 196 78.08 9.91 129.88
C ASN IF 196 78.74 10.52 131.11
N GLY IF 197 77.99 10.80 132.17
CA GLY IF 197 78.65 11.22 133.39
C GLY IF 197 78.38 12.61 133.90
N ILE IF 198 77.16 13.10 133.71
CA ILE IF 198 76.75 14.44 134.14
C ILE IF 198 75.86 14.31 135.37
N ALA IF 199 76.04 15.21 136.33
CA ALA IF 199 75.24 15.18 137.55
C ALA IF 199 73.79 15.54 137.25
N ALA IF 200 72.92 15.14 138.16
CA ALA IF 200 71.48 15.19 137.92
C ALA IF 200 70.93 16.60 137.96
N LYS IF 201 71.58 17.51 138.69
CA LYS IF 201 71.06 18.85 138.87
C LYS IF 201 71.22 19.72 137.63
N ARG IF 202 71.97 19.28 136.63
CA ARG IF 202 72.19 20.07 135.43
C ARG IF 202 71.24 19.71 134.31
N LEU IF 203 70.29 18.81 134.54
CA LEU IF 203 69.48 18.24 133.47
C LEU IF 203 68.02 18.64 133.61
N LYS IF 204 67.40 18.94 132.47
CA LYS IF 204 65.95 19.04 132.39
C LYS IF 204 65.52 18.73 130.97
N ALA IF 205 64.48 17.89 130.83
CA ALA IF 205 64.04 17.40 129.54
C ALA IF 205 62.56 17.62 129.36
N GLU IF 206 62.17 17.83 128.10
CA GLU IF 206 60.78 18.03 127.74
C GLU IF 206 60.59 17.71 126.26
N GLY IF 207 59.44 17.16 125.93
CA GLY IF 207 59.13 16.93 124.54
C GLY IF 207 57.88 17.65 124.09
N TYR IF 208 58.04 18.65 123.23
CA TYR IF 208 56.88 19.31 122.69
C TYR IF 208 56.37 18.55 121.49
N GLY IF 209 55.13 18.84 121.10
CA GLY IF 209 54.56 18.15 119.98
C GLY IF 209 54.90 18.86 118.70
N ASP IF 210 53.88 19.34 118.01
CA ASP IF 210 54.02 20.10 116.79
C ASP IF 210 53.70 21.57 117.02
N LYS IF 211 54.13 22.11 118.16
CA LYS IF 211 53.71 23.44 118.57
C LYS IF 211 54.40 24.52 117.74
N ASN IF 212 55.71 24.60 117.85
CA ASN IF 212 56.49 25.68 117.24
C ASN IF 212 57.54 25.04 116.36
N ALA IF 213 57.35 25.16 115.05
CA ALA IF 213 58.28 24.58 114.10
C ALA IF 213 59.20 25.65 113.53
N ILE IF 214 60.25 25.19 112.85
CA ILE IF 214 61.14 26.07 112.12
C ILE IF 214 60.74 26.17 110.66
N SER IF 215 59.63 25.54 110.28
CA SER IF 215 59.20 25.53 108.89
C SER IF 215 57.70 25.28 108.87
N ASP IF 216 57.15 25.23 107.67
CA ASP IF 216 55.76 24.82 107.50
C ASP IF 216 55.65 23.31 107.64
N ASN IF 217 54.42 22.82 107.74
CA ASN IF 217 54.19 21.39 107.76
C ASN IF 217 53.33 20.88 106.62
N ALA IF 218 52.93 21.74 105.70
CA ALA IF 218 52.18 21.28 104.54
C ALA IF 218 53.08 20.75 103.43
N ILE IF 219 54.37 20.98 103.50
CA ILE IF 219 55.32 20.55 102.47
C ILE IF 219 56.19 19.46 103.07
N ILE IF 220 56.57 18.50 102.21
CA ILE IF 220 57.28 17.30 102.64
C ILE IF 220 58.63 17.64 103.23
N HIS IF 221 59.35 18.58 102.61
CA HIS IF 221 60.70 18.87 103.07
C HIS IF 221 60.70 19.58 104.43
N GLY IF 222 59.81 20.54 104.62
CA GLY IF 222 59.68 21.16 105.93
C GLY IF 222 59.13 20.20 106.98
N SER IF 223 58.26 19.28 106.55
CA SER IF 223 57.73 18.26 107.45
C SER IF 223 58.84 17.33 107.93
N ALA IF 224 59.79 17.02 107.05
CA ALA IF 224 60.97 16.29 107.50
C ALA IF 224 61.89 17.18 108.32
N GLN IF 225 61.85 18.50 108.06
CA GLN IF 225 62.80 19.41 108.71
C GLN IF 225 62.46 19.61 110.18
N ASN IF 226 61.17 19.71 110.51
CA ASN IF 226 60.80 20.23 111.83
C ASN IF 226 61.04 19.22 112.95
N ARG IF 227 61.01 17.93 112.64
CA ARG IF 227 61.22 16.93 113.69
C ARG IF 227 62.69 16.91 114.09
N ARG IF 228 62.97 17.15 115.36
CA ARG IF 228 64.35 17.43 115.74
C ARG IF 228 64.53 17.26 117.25
N ILE IF 229 65.78 17.40 117.67
CA ILE IF 229 66.17 17.37 119.08
C ILE IF 229 66.91 18.66 119.37
N GLU IF 230 66.42 19.41 120.35
CA GLU IF 230 66.92 20.73 120.71
C GLU IF 230 67.69 20.63 122.02
N ILE IF 231 68.90 21.18 122.04
CA ILE IF 231 69.74 21.21 123.22
C ILE IF 231 70.15 22.65 123.48
N GLN IF 232 69.71 23.20 124.61
CA GLN IF 232 70.02 24.58 124.96
C GLN IF 232 70.80 24.60 126.27
N TRP IF 233 71.74 25.55 126.37
CA TRP IF 233 72.37 25.79 127.66
C TRP IF 233 72.84 27.23 127.78
N PHE IF 234 72.69 27.75 128.99
CA PHE IF 234 73.21 29.05 129.39
C PHE IF 234 74.67 28.90 129.79
N THR IF 235 75.21 29.93 130.45
CA THR IF 235 76.56 29.91 130.95
C THR IF 235 76.61 29.93 132.48
N SER IF 236 75.96 30.90 133.11
CA SER IF 236 75.99 31.01 134.56
C SER IF 236 74.62 30.70 135.16
N LEU JF 113 64.98 15.15 178.06
CA LEU JF 113 64.72 13.95 177.26
C LEU JF 113 64.80 14.25 175.77
N ASN JF 114 65.85 14.96 175.36
CA ASN JF 114 65.98 15.38 173.97
C ASN JF 114 67.37 15.16 173.38
N ARG JF 115 68.39 14.96 174.20
CA ARG JF 115 69.77 14.81 173.69
C ARG JF 115 70.37 13.60 174.40
N PHE JF 116 70.24 12.42 173.79
CA PHE JF 116 70.60 11.18 174.45
C PHE JF 116 71.80 10.58 173.75
N ARG JF 117 72.87 10.35 174.50
CA ARG JF 117 74.00 9.56 174.08
C ARG JF 117 74.15 8.40 175.05
N TYR JF 118 74.33 7.19 174.52
CA TYR JF 118 74.49 6.05 175.39
C TYR JF 118 75.67 5.20 174.94
N GLU JF 119 76.37 4.67 175.95
CA GLU JF 119 77.51 3.78 175.75
C GLU JF 119 77.51 2.74 176.86
N GLY JF 120 78.20 1.63 176.61
CA GLY JF 120 78.58 0.73 177.68
C GLY JF 120 77.71 -0.49 177.93
N ALA JF 121 77.35 -1.19 176.85
CA ALA JF 121 76.70 -2.52 176.89
C ALA JF 121 75.39 -2.48 177.68
N GLY JF 122 74.48 -1.62 177.24
CA GLY JF 122 73.31 -1.30 178.01
C GLY JF 122 72.03 -1.47 177.22
N VAL JF 123 70.95 -1.70 177.97
CA VAL JF 123 69.62 -1.85 177.41
C VAL JF 123 68.80 -0.65 177.87
N VAL JF 124 68.19 0.05 176.92
CA VAL JF 124 67.32 1.17 177.19
C VAL JF 124 65.93 0.81 176.65
N THR JF 125 64.92 0.95 177.51
CA THR JF 125 63.55 0.60 177.14
C THR JF 125 62.61 1.73 177.54
N GLY JF 126 61.74 2.12 176.61
CA GLY JF 126 60.77 3.18 176.87
C GLY JF 126 59.65 3.13 175.87
N ASN JF 127 58.47 3.52 176.31
CA ASN JF 127 57.29 3.50 175.45
C ASN JF 127 56.41 4.70 175.75
N ASN JF 128 55.57 5.03 174.77
CA ASN JF 128 54.54 6.08 174.86
C ASN JF 128 55.12 7.45 175.19
N LEU JF 129 56.24 7.78 174.56
CA LEU JF 129 56.87 9.07 174.75
C LEU JF 129 56.53 10.00 173.59
N ARG JF 130 56.47 11.30 173.90
CA ARG JF 130 56.22 12.33 172.91
C ARG JF 130 57.37 13.32 172.92
N THR JF 131 57.82 13.72 171.73
CA THR JF 131 58.90 14.68 171.61
C THR JF 131 58.79 15.39 170.27
N SER JF 132 59.50 16.53 170.17
CA SER JF 132 59.59 17.27 168.93
C SER JF 132 60.81 16.82 168.13
N TYR JF 133 62.00 16.96 168.70
CA TYR JF 133 63.23 16.47 168.11
C TYR JF 133 64.11 15.91 169.22
N LEU JF 134 64.75 14.78 168.95
CA LEU JF 134 65.80 14.29 169.81
C LEU JF 134 66.99 13.86 168.98
N ASP JF 135 68.17 14.00 169.56
CA ASP JF 135 69.42 13.58 168.94
C ASP JF 135 69.93 12.35 169.67
N LEU JF 136 70.04 11.24 168.94
CA LEU JF 136 70.47 9.97 169.50
C LEU JF 136 71.88 9.65 169.02
N TYR JF 137 72.77 9.34 169.96
CA TYR JF 137 74.13 8.90 169.64
C TYR JF 137 74.38 7.64 170.45
N LEU JF 138 74.30 6.49 169.79
CA LEU JF 138 74.44 5.20 170.44
C LEU JF 138 75.77 4.56 170.08
N ALA JF 139 76.40 3.95 171.08
CA ALA JF 139 77.62 3.21 170.87
C ALA JF 139 77.70 2.12 171.92
N ASN JF 140 78.55 1.12 171.66
CA ASN JF 140 78.94 0.06 172.58
C ASN JF 140 77.73 -0.72 173.09
N GLU JF 141 77.05 -1.35 172.13
CA GLU JF 141 75.93 -2.27 172.36
C GLU JF 141 74.78 -1.59 173.12
N GLY JF 142 74.10 -0.69 172.41
CA GLY JF 142 72.87 -0.14 172.94
C GLY JF 142 71.65 -0.88 172.45
N THR JF 143 71.14 -1.82 173.26
CA THR JF 143 69.94 -2.55 172.93
C THR JF 143 68.74 -1.69 173.30
N THR JF 144 68.03 -1.20 172.28
CA THR JF 144 67.05 -0.15 172.47
C THR JF 144 65.67 -0.61 172.06
N ARG JF 145 64.69 -0.43 172.94
CA ARG JF 145 63.29 -0.62 172.62
C ARG JF 145 62.56 0.71 172.85
N LEU JF 146 62.11 1.32 171.76
CA LEU JF 146 61.38 2.58 171.82
C LEU JF 146 60.01 2.37 171.18
N ALA JF 147 58.98 2.74 171.91
CA ALA JF 147 57.61 2.58 171.41
C ALA JF 147 56.80 3.84 171.67
N GLY JF 148 57.40 5.01 171.36
CA GLY JF 148 56.75 6.28 171.57
C GLY JF 148 56.61 7.08 170.28
N ASN JF 149 55.80 8.13 170.37
CA ASN JF 149 55.62 9.08 169.26
C ASN JF 149 56.85 9.96 169.23
N ILE JF 150 57.83 9.55 168.45
CA ILE JF 150 59.19 10.07 168.53
C ILE JF 150 59.53 10.78 167.23
N GLY JF 151 59.93 12.04 167.33
CA GLY JF 151 60.42 12.80 166.19
C GLY JF 151 61.90 13.05 166.33
N LEU JF 152 62.62 12.95 165.21
CA LEU JF 152 64.05 13.19 165.21
C LEU JF 152 64.49 13.54 163.80
N GLN JF 153 65.67 14.10 163.73
CA GLN JF 153 66.30 14.44 162.48
C GLN JF 153 67.70 13.84 162.36
N LYS JF 154 68.47 13.87 163.43
CA LYS JF 154 69.83 13.35 163.44
C LYS JF 154 69.91 12.12 164.33
N LEU JF 155 70.62 11.10 163.85
CA LEU JF 155 70.82 9.87 164.60
C LEU JF 155 72.11 9.22 164.16
N GLU JF 156 72.96 8.88 165.13
CA GLU JF 156 74.23 8.22 164.85
C GLU JF 156 74.39 7.01 165.76
N ALA JF 157 74.85 5.91 165.17
CA ALA JF 157 75.14 4.70 165.92
C ALA JF 157 76.48 4.16 165.44
N VAL JF 158 77.34 3.76 166.39
CA VAL JF 158 78.65 3.24 166.03
C VAL JF 158 78.52 1.89 165.35
N GLY JF 159 77.72 1.00 165.93
CA GLY JF 159 77.47 -0.30 165.33
C GLY JF 159 77.62 -1.40 166.34
N ASN JF 160 77.55 -2.63 165.83
CA ASN JF 160 77.57 -3.87 166.62
C ASN JF 160 76.48 -3.87 167.69
N GLY JF 161 75.27 -3.53 167.27
CA GLY JF 161 74.12 -3.55 168.16
C GLY JF 161 72.85 -3.62 167.36
N VAL JF 162 71.81 -4.19 167.98
CA VAL JF 162 70.49 -4.29 167.38
C VAL JF 162 69.64 -3.16 167.92
N THR JF 163 69.15 -2.31 167.02
CA THR JF 163 68.36 -1.14 167.40
C THR JF 163 67.04 -1.18 166.66
N GLN JF 164 65.98 -1.58 167.38
CA GLN JF 164 64.62 -1.55 166.89
C GLN JF 164 63.96 -0.32 167.49
N ILE JF 165 63.52 0.60 166.63
CA ILE JF 165 62.81 1.79 167.07
C ILE JF 165 61.41 1.73 166.45
N ASN JF 166 60.46 1.20 167.21
CA ASN JF 166 59.10 0.99 166.74
C ASN JF 166 58.33 2.29 166.94
N GLY JF 167 58.14 3.04 165.87
CA GLY JF 167 57.36 4.25 165.92
C GLY JF 167 58.21 5.50 165.87
N VAL JF 168 58.33 6.10 164.69
CA VAL JF 168 59.04 7.35 164.49
C VAL JF 168 58.26 8.19 163.50
N SER JF 169 58.00 9.45 163.83
CA SER JF 169 57.29 10.35 162.94
C SER JF 169 57.95 11.73 163.02
N SER JF 170 58.60 12.13 161.94
CA SER JF 170 59.18 13.47 161.85
C SER JF 170 59.27 13.87 160.39
N ARG JF 171 59.04 15.15 160.13
CA ARG JF 171 58.99 15.64 158.77
C ARG JF 171 60.37 15.77 158.12
N ASN JF 172 61.44 15.77 158.90
CA ASN JF 172 62.78 15.83 158.34
C ASN JF 172 63.66 14.82 159.05
N LEU JF 173 64.71 14.37 158.35
CA LEU JF 173 65.61 13.36 158.88
C LEU JF 173 66.93 13.42 158.13
N GLN JF 174 68.02 13.23 158.88
CA GLN JF 174 69.34 13.04 158.27
C GLN JF 174 70.10 12.04 159.13
N ILE JF 175 70.21 10.80 158.66
CA ILE JF 175 70.88 9.73 159.38
C ILE JF 175 71.99 9.18 158.50
N VAL JF 176 73.20 9.11 159.05
CA VAL JF 176 74.31 8.42 158.42
C VAL JF 176 74.83 7.38 159.40
N LEU JF 177 75.55 6.39 158.87
CA LEU JF 177 76.09 5.32 159.70
C LEU JF 177 77.60 5.22 159.49
N LYS JF 178 78.27 4.66 160.48
CA LYS JF 178 79.72 4.55 160.47
C LYS JF 178 80.25 3.14 160.56
N GLY JF 179 79.53 2.23 161.23
CA GLY JF 179 79.99 0.86 161.30
C GLY JF 179 78.97 -0.12 160.76
N ASP JF 180 78.75 -1.20 161.50
CA ASP JF 180 77.90 -2.31 161.04
C ASP JF 180 76.84 -2.59 162.10
N PRO JF 181 75.76 -1.80 162.12
CA PRO JF 181 74.70 -2.05 163.10
C PRO JF 181 73.67 -3.00 162.54
N LYS JF 182 72.61 -3.25 163.31
CA LYS JF 182 71.46 -4.03 162.85
C LYS JF 182 70.23 -3.23 163.30
N VAL JF 183 69.77 -2.34 162.43
CA VAL JF 183 68.78 -1.34 162.82
C VAL JF 183 67.51 -1.51 162.00
N LEU JF 184 66.38 -1.16 162.61
CA LEU JF 184 65.12 -1.11 161.90
C LEU JF 184 64.20 -0.13 162.61
N ILE JF 185 63.55 0.74 161.84
CA ILE JF 185 62.71 1.80 162.36
C ILE JF 185 61.31 1.64 161.78
N SER JF 186 60.31 2.05 162.55
CA SER JF 186 58.92 2.00 162.14
C SER JF 186 58.34 3.41 162.08
N GLY JF 187 57.49 3.65 161.08
CA GLY JF 187 56.81 4.93 160.98
C GLY JF 187 56.99 5.64 159.66
N PHE JF 188 56.68 6.93 159.63
CA PHE JF 188 56.76 7.76 158.43
C PHE JF 188 57.80 8.85 158.65
N VAL JF 189 58.67 9.04 157.66
CA VAL JF 189 59.80 9.97 157.79
C VAL JF 189 60.27 10.38 156.40
N ASN JF 190 61.02 11.46 156.33
CA ASN JF 190 61.58 11.99 155.08
C ASN JF 190 63.10 12.04 155.24
N LEU JF 191 63.81 11.10 154.62
CA LEU JF 191 65.25 11.17 154.56
C LEU JF 191 65.67 12.03 153.36
N ARG JF 192 66.89 12.52 153.42
CA ARG JF 192 67.46 13.28 152.31
C ARG JF 192 68.69 12.61 151.70
N GLN JF 193 69.68 12.27 152.51
CA GLN JF 193 70.90 11.65 152.01
C GLN JF 193 71.20 10.39 152.80
N LEU JF 194 71.97 9.49 152.19
CA LEU JF 194 72.37 8.27 152.86
C LEU JF 194 73.70 7.79 152.30
N ASP JF 195 74.65 7.57 153.20
CA ASP JF 195 76.01 7.19 152.84
C ASP JF 195 76.46 6.01 153.68
N MET JF 196 76.93 4.94 153.04
CA MET JF 196 77.33 3.73 153.73
C MET JF 196 78.72 3.32 153.30
N TYR JF 197 79.58 3.05 154.29
CA TYR JF 197 80.98 2.70 154.04
C TYR JF 197 81.43 1.49 154.84
N GLY JF 198 80.50 0.76 155.47
CA GLY JF 198 80.88 -0.38 156.28
C GLY JF 198 80.18 -1.66 155.88
N LYS JF 199 79.48 -2.27 156.83
CA LYS JF 199 78.74 -3.52 156.64
C LYS JF 199 77.33 -3.36 157.19
N GLY JF 200 76.67 -2.29 156.76
CA GLY JF 200 75.42 -1.88 157.38
C GLY JF 200 74.17 -2.50 156.78
N THR JF 201 73.17 -2.68 157.64
CA THR JF 201 71.86 -3.18 157.26
C THR JF 201 70.80 -2.22 157.77
N LEU JF 202 69.73 -2.06 157.01
CA LEU JF 202 68.62 -1.20 157.42
C LEU JF 202 67.37 -1.60 156.67
N SER JF 203 66.26 -1.77 157.40
CA SER JF 203 64.94 -1.94 156.83
C SER JF 203 64.08 -0.76 157.22
N LEU JF 204 63.38 -0.18 156.26
CA LEU JF 204 62.45 0.91 156.51
C LEU JF 204 61.10 0.61 155.88
N TYR JF 205 60.04 0.79 156.67
CA TYR JF 205 58.72 0.37 156.23
C TYR JF 205 58.05 1.45 155.39
N TRP JF 206 58.13 2.70 155.82
CA TRP JF 206 57.46 3.79 155.12
C TRP JF 206 58.38 4.99 155.10
N ILE JF 207 58.66 5.51 153.91
CA ILE JF 207 59.45 6.72 153.75
C ILE JF 207 58.79 7.58 152.67
N LYS JF 208 58.48 8.82 153.00
CA LYS JF 208 57.82 9.75 152.10
C LYS JF 208 58.78 10.90 151.86
N SER JF 209 59.48 10.86 150.73
CA SER JF 209 60.48 11.88 150.45
C SER JF 209 60.22 12.54 149.10
N ASP JF 210 61.20 13.32 148.66
CA ASP JF 210 61.12 14.03 147.39
C ASP JF 210 62.36 13.70 146.57
N THR JF 211 63.48 13.49 147.24
CA THR JF 211 64.74 13.19 146.57
C THR JF 211 65.61 12.40 147.52
N LEU JF 212 66.08 11.23 147.08
CA LEU JF 212 67.00 10.42 147.86
C LEU JF 212 68.30 10.23 147.09
N THR JF 213 69.40 10.33 147.80
CA THR JF 213 70.74 10.18 147.25
C THR JF 213 71.50 9.17 148.09
N ILE JF 214 71.80 8.02 147.50
CA ILE JF 214 72.36 6.89 148.22
C ILE JF 214 73.72 6.56 147.65
N ARG JF 215 74.73 6.51 148.52
CA ARG JF 215 76.12 6.25 148.14
C ARG JF 215 76.62 5.06 148.94
N ALA JF 216 76.71 3.88 148.31
CA ALA JF 216 77.11 2.67 149.02
C ALA JF 216 78.47 2.21 148.54
N LYS JF 217 79.38 1.97 149.48
CA LYS JF 217 80.78 1.71 149.18
C LYS JF 217 81.17 0.25 149.39
N LYS JF 218 80.96 -0.30 150.59
CA LYS JF 218 81.56 -1.59 150.95
C LYS JF 218 80.54 -2.71 151.08
N ALA JF 219 79.55 -2.57 151.96
CA ALA JF 219 78.57 -3.64 152.17
C ALA JF 219 77.33 -3.00 152.75
N ALA JF 220 76.26 -2.95 151.95
CA ALA JF 220 75.02 -2.34 152.39
C ALA JF 220 73.86 -3.26 152.03
N LYS JF 221 73.00 -3.52 153.01
CA LYS JF 221 71.79 -4.31 152.86
C LYS JF 221 70.64 -3.39 153.28
N ILE JF 222 70.09 -2.68 152.31
CA ILE JF 222 69.05 -1.69 152.58
C ILE JF 222 67.78 -2.17 151.91
N GLN JF 223 66.81 -2.58 152.73
CA GLN JF 223 65.47 -2.90 152.29
C GLN JF 223 64.61 -1.69 152.60
N LEU JF 224 64.07 -1.05 151.56
CA LEU JF 224 63.29 0.17 151.73
C LEU JF 224 61.93 0.02 151.09
N ALA JF 225 60.88 0.45 151.80
CA ALA JF 225 59.56 0.51 151.22
C ALA JF 225 58.97 1.89 151.46
N GLY JF 226 58.30 2.43 150.47
CA GLY JF 226 57.70 3.74 150.60
C GLY JF 226 57.46 4.39 149.25
N ILE JF 227 57.01 5.64 149.32
CA ILE JF 227 56.68 6.44 148.15
C ILE JF 227 57.68 7.57 148.06
N VAL JF 228 58.40 7.65 146.93
CA VAL JF 228 59.37 8.72 146.74
C VAL JF 228 59.00 9.52 145.50
N ASN JF 229 59.83 10.50 145.19
CA ASN JF 229 59.62 11.30 144.00
C ASN JF 229 60.84 11.35 143.08
N ARG JF 230 62.04 11.11 143.62
CA ARG JF 230 63.24 11.10 142.80
C ARG JF 230 64.30 10.28 143.51
N LEU JF 231 64.92 9.35 142.77
CA LEU JF 231 65.92 8.46 143.36
C LEU JF 231 67.22 8.54 142.58
N ASP JF 232 68.33 8.63 143.29
CA ASP JF 232 69.67 8.60 142.71
C ASP JF 232 70.51 7.67 143.56
N VAL JF 233 70.92 6.55 142.97
CA VAL JF 233 71.63 5.49 143.68
C VAL JF 233 72.95 5.24 142.99
N GLU JF 234 74.03 5.26 143.77
CA GLU JF 234 75.36 4.90 143.29
C GLU JF 234 75.90 3.78 144.17
N LEU JF 235 76.24 2.66 143.55
CA LEU JF 235 76.81 1.51 144.25
C LEU JF 235 78.19 1.22 143.69
N TRP JF 236 79.16 1.02 144.57
CA TRP JF 236 80.51 0.71 144.12
C TRP JF 236 80.80 -0.78 144.09
N ASP JF 237 80.72 -1.46 145.24
CA ASP JF 237 81.05 -2.88 145.27
C ASP JF 237 80.36 -3.54 146.45
N PHE JF 238 79.82 -4.74 146.22
CA PHE JF 238 79.20 -5.59 147.23
C PHE JF 238 78.06 -4.88 147.96
N ALA JF 239 77.32 -4.08 147.22
CA ALA JF 239 76.14 -3.39 147.73
C ALA JF 239 74.92 -4.07 147.17
N GLN JF 240 74.00 -4.49 148.04
CA GLN JF 240 72.83 -5.25 147.64
C GLN JF 240 71.61 -4.47 148.10
N PHE JF 241 70.97 -3.78 147.18
CA PHE JF 241 69.92 -2.83 147.51
C PHE JF 241 68.55 -3.37 147.09
N LYS JF 242 67.59 -3.26 148.00
CA LYS JF 242 66.22 -3.70 147.78
C LYS JF 242 65.32 -2.48 147.82
N GLY JF 243 64.86 -2.05 146.66
CA GLY JF 243 63.85 -1.02 146.57
C GLY JF 243 62.57 -1.66 146.09
N LYS JF 244 62.39 -2.92 146.47
CA LYS JF 244 61.10 -3.55 146.32
C LYS JF 244 60.09 -2.83 147.20
N TYR JF 245 58.89 -2.66 146.65
CA TYR JF 245 57.81 -1.86 147.25
C TYR JF 245 58.23 -0.41 147.51
N LEU JF 246 59.11 0.12 146.67
CA LEU JF 246 59.61 1.48 146.81
C LEU JF 246 59.43 2.14 145.45
N ARG JF 247 58.32 2.84 145.28
CA ARG JF 247 57.92 3.39 143.98
C ARG JF 247 58.23 4.87 143.92
N ALA JF 248 58.88 5.29 142.83
CA ALA JF 248 59.21 6.69 142.61
C ALA JF 248 59.07 6.99 141.13
N GLN JF 249 58.85 8.26 140.83
CA GLN JF 249 58.56 8.67 139.46
C GLN JF 249 59.81 8.71 138.60
N ARG JF 250 60.94 9.08 139.18
CA ARG JF 250 62.20 9.22 138.45
C ARG JF 250 63.27 8.44 139.15
N SER JF 251 64.04 7.67 138.40
CA SER JF 251 65.04 6.79 138.99
C SER JF 251 66.33 6.83 138.19
N PHE JF 252 67.45 6.91 138.91
CA PHE JF 252 68.78 6.77 138.33
C PHE JF 252 69.57 5.78 139.17
N VAL JF 253 70.09 4.74 138.52
CA VAL JF 253 70.82 3.69 139.23
C VAL JF 253 72.13 3.43 138.50
N LYS JF 254 73.25 3.73 139.16
CA LYS JF 254 74.56 3.54 138.57
C LYS JF 254 75.32 2.56 139.45
N THR JF 255 75.75 1.45 138.87
CA THR JF 255 76.39 0.39 139.64
C THR JF 255 77.71 0.00 139.02
N HIS JF 256 78.73 -0.06 139.85
CA HIS JF 256 80.05 -0.52 139.46
C HIS JF 256 80.18 -2.01 139.74
N ASP JF 257 81.41 -2.52 139.79
CA ASP JF 257 81.71 -3.94 139.82
C ASP JF 257 81.14 -4.64 141.04
N LYS JF 258 80.48 -5.78 140.79
CA LYS JF 258 79.93 -6.69 141.80
C LYS JF 258 78.93 -5.98 142.71
N SER JF 259 77.84 -5.53 142.12
CA SER JF 259 76.78 -4.89 142.89
C SER JF 259 75.43 -5.32 142.36
N VAL JF 260 74.48 -5.45 143.28
CA VAL JF 260 73.14 -5.94 142.99
C VAL JF 260 72.14 -4.90 143.45
N ALA JF 261 71.26 -4.48 142.55
CA ALA JF 261 70.20 -3.58 142.93
C ALA JF 261 68.90 -3.98 142.26
N GLU JF 262 67.81 -3.91 143.03
CA GLU JF 262 66.49 -4.10 142.46
C GLU JF 262 65.63 -2.90 142.79
N ILE JF 263 64.87 -2.44 141.79
CA ILE JF 263 64.08 -1.21 141.88
C ILE JF 263 62.65 -1.49 141.47
N SER JF 264 61.81 -0.47 141.61
CA SER JF 264 60.38 -0.55 141.37
C SER JF 264 59.91 0.69 140.59
N ALA JF 265 60.56 0.95 139.45
CA ALA JF 265 60.34 2.18 138.68
C ALA JF 265 58.92 2.27 138.12
N VAL JF 266 58.46 3.50 137.93
CA VAL JF 266 57.07 3.77 137.57
C VAL JF 266 56.98 4.41 136.19
N ASN JF 267 57.63 5.55 136.00
CA ASN JF 267 57.53 6.30 134.76
C ASN JF 267 58.86 6.51 134.06
N HIS JF 268 59.89 6.96 134.78
CA HIS JF 268 61.15 7.34 134.17
C HIS JF 268 62.29 6.60 134.84
N GLN JF 269 63.01 5.79 134.07
CA GLN JF 269 64.04 4.92 134.61
C GLN JF 269 65.32 5.02 133.80
N SER JF 270 66.43 5.26 134.47
CA SER JF 270 67.75 5.26 133.83
C SER JF 270 68.67 4.33 134.59
N SER JF 271 69.23 3.35 133.88
CA SER JF 271 70.02 2.30 134.50
C SER JF 271 71.34 2.17 133.78
N LEU JF 272 72.43 2.18 134.54
CA LEU JF 272 73.75 1.98 133.95
C LEU JF 272 74.55 1.05 134.85
N ALA JF 273 75.11 0.01 134.23
CA ALA JF 273 75.89 -0.99 134.95
C ALA JF 273 77.22 -1.17 134.24
N THR JF 274 78.32 -1.07 135.01
CA THR JF 274 79.63 -1.16 134.39
C THR JF 274 79.99 -2.60 134.04
N ASP JF 275 80.13 -3.45 135.06
CA ASP JF 275 80.55 -4.82 134.86
C ASP JF 275 80.16 -5.62 136.09
N ALA JF 276 79.78 -6.88 135.88
CA ALA JF 276 79.42 -7.85 136.93
C ALA JF 276 78.33 -7.31 137.84
N SER JF 277 77.38 -6.59 137.25
CA SER JF 277 76.40 -5.84 138.00
C SER JF 277 75.01 -6.26 137.56
N ASP JF 278 74.11 -6.40 138.53
CA ASP JF 278 72.76 -6.87 138.25
C ASP JF 278 71.73 -5.83 138.65
N ILE JF 279 70.82 -5.53 137.74
CA ILE JF 279 69.75 -4.57 137.95
C ILE JF 279 68.44 -5.26 137.65
N TYR JF 280 67.59 -5.40 138.66
CA TYR JF 280 66.32 -6.10 138.50
C TYR JF 280 65.18 -5.12 138.76
N TYR JF 281 64.32 -4.92 137.78
CA TYR JF 281 63.20 -4.00 137.94
C TYR JF 281 61.93 -4.81 138.11
N TYR JF 282 61.28 -4.63 139.25
CA TYR JF 282 60.12 -5.44 139.60
C TYR JF 282 58.84 -4.90 139.02
N ASN JF 283 58.88 -3.78 138.31
CA ASN JF 283 57.71 -3.21 137.69
C ASN JF 283 58.08 -2.69 136.31
N LEU JF 284 57.12 -2.78 135.39
CA LEU JF 284 57.34 -2.31 134.02
C LEU JF 284 57.01 -0.83 133.96
N SER JF 285 58.03 -0.01 133.74
CA SER JF 285 57.86 1.44 133.79
C SER JF 285 57.23 1.96 132.50
N LYS JF 286 57.00 3.27 132.47
CA LYS JF 286 56.47 3.92 131.29
C LYS JF 286 57.55 4.32 130.30
N THR JF 287 58.76 4.60 130.79
CA THR JF 287 59.87 4.97 129.92
C THR JF 287 61.16 4.57 130.59
N ARG JF 288 61.99 3.81 129.88
CA ARG JF 288 63.23 3.28 130.43
C ARG JF 288 64.39 3.48 129.46
N ALA JF 289 65.59 3.51 130.01
CA ALA JF 289 66.80 3.49 129.21
C ALA JF 289 67.88 2.77 130.00
N ASP JF 290 68.40 1.68 129.41
CA ASP JF 290 69.31 0.79 130.10
C ASP JF 290 70.59 0.64 129.31
N PHE JF 291 71.71 0.59 130.02
CA PHE JF 291 73.02 0.47 129.39
C PHE JF 291 73.96 -0.38 130.25
N MET JF 292 74.71 -1.26 129.58
CA MET JF 292 75.77 -2.02 130.21
C MET JF 292 77.08 -1.70 129.51
N ALA JF 293 78.17 -1.73 130.27
CA ALA JF 293 79.49 -1.40 129.74
C ALA JF 293 80.31 -2.64 129.42
N PHE JF 294 80.53 -3.51 130.40
CA PHE JF 294 81.22 -4.76 130.16
C PHE JF 294 80.36 -5.98 130.44
N ASN JF 295 79.89 -6.13 131.67
CA ASN JF 295 79.14 -7.32 132.06
C ASN JF 295 77.92 -6.95 132.89
N GLY JF 296 77.32 -5.81 132.62
CA GLY JF 296 76.11 -5.44 133.31
C GLY JF 296 74.91 -6.21 132.80
N SER JF 297 73.86 -6.24 133.62
CA SER JF 297 72.66 -6.96 133.28
C SER JF 297 71.44 -6.20 133.78
N VAL JF 298 70.40 -6.17 132.95
CA VAL JF 298 69.13 -5.53 133.26
C VAL JF 298 68.02 -6.54 133.01
N LEU JF 299 67.25 -6.87 134.04
CA LEU JF 299 66.26 -7.94 133.93
C LEU JF 299 64.95 -7.54 134.60
N ASP JF 300 63.85 -7.88 133.92
CA ASP JF 300 62.53 -7.68 134.51
C ASP JF 300 62.24 -8.69 135.60
N MET JF 301 62.58 -9.96 135.35
CA MET JF 301 62.35 -11.14 136.21
C MET JF 301 60.99 -11.14 136.92
N ARG JF 302 59.93 -10.88 136.17
CA ARG JF 302 58.60 -11.13 136.71
C ARG JF 302 58.26 -12.62 136.57
N GLU JF 303 57.19 -13.03 137.24
CA GLU JF 303 56.91 -14.45 137.42
C GLU JF 303 56.03 -15.05 136.34
N TRP JF 304 55.50 -14.24 135.41
CA TRP JF 304 54.76 -14.68 134.23
C TRP JF 304 53.49 -15.47 134.57
N GLY JF 305 52.90 -15.20 135.72
CA GLY JF 305 51.74 -15.98 136.12
C GLY JF 305 50.63 -15.08 136.60
N GLN JF 306 50.88 -13.77 136.52
CA GLN JF 306 49.88 -12.80 136.91
C GLN JF 306 48.74 -12.82 135.91
N SER JF 307 47.51 -12.85 136.41
CA SER JF 307 46.34 -12.97 135.56
C SER JF 307 46.01 -11.70 134.80
N ASP JF 308 46.68 -10.59 135.10
CA ASP JF 308 46.45 -9.32 134.45
C ASP JF 308 47.76 -8.63 134.13
N LEU JF 309 48.77 -9.41 133.77
CA LEU JF 309 50.09 -8.85 133.47
C LEU JF 309 50.07 -8.10 132.15
N LYS JF 310 50.72 -6.93 132.12
CA LYS JF 310 50.75 -6.07 130.96
C LYS JF 310 52.12 -6.13 130.29
N ASP JF 311 52.12 -5.95 128.97
CA ASP JF 311 53.32 -6.01 128.16
C ASP JF 311 53.76 -4.60 127.78
N PHE JF 312 54.77 -4.49 126.92
CA PHE JF 312 55.27 -3.20 126.50
C PHE JF 312 54.35 -2.58 125.44
N ASP JF 313 54.66 -1.35 125.08
CA ASP JF 313 53.97 -0.66 123.99
C ASP JF 313 54.99 -0.15 122.99
N ARG JF 314 54.55 0.67 122.05
CA ARG JF 314 55.43 1.20 121.01
C ARG JF 314 56.46 2.17 121.57
N TYR JF 315 56.27 2.67 122.79
CA TYR JF 315 57.28 3.46 123.46
C TYR JF 315 58.05 2.66 124.49
N ASN JF 316 57.45 1.61 125.05
CA ASN JF 316 58.12 0.78 126.03
C ASN JF 316 58.90 -0.37 125.41
N LYS JF 317 58.94 -0.45 124.08
CA LYS JF 317 59.56 -1.59 123.40
C LYS JF 317 61.08 -1.40 123.36
N GLN JF 318 61.68 -1.52 124.54
CA GLN JF 318 63.12 -1.51 124.66
C GLN JF 318 63.70 -2.84 124.21
N PHE JF 319 64.89 -2.79 123.63
CA PHE JF 319 65.57 -3.98 123.13
C PHE JF 319 66.98 -4.03 123.71
N PRO JF 320 67.15 -4.66 124.88
CA PRO JF 320 68.47 -4.87 125.46
C PRO JF 320 69.29 -5.90 124.69
N ASP KF 39 73.24 -22.62 84.52
CA ASP KF 39 72.57 -23.76 83.90
C ASP KF 39 72.82 -25.03 84.71
N GLY KF 40 73.96 -25.11 85.37
CA GLY KF 40 74.28 -26.26 86.17
C GLY KF 40 73.52 -26.23 87.49
N CYS KF 41 72.49 -27.05 87.59
CA CYS KF 41 71.58 -26.97 88.73
C CYS KF 41 72.15 -27.67 89.95
N CYS KF 42 72.51 -28.95 89.81
CA CYS KF 42 73.17 -29.66 90.89
C CYS KF 42 74.68 -29.56 90.76
N SER KF 43 75.19 -28.33 90.65
CA SER KF 43 76.62 -28.11 90.63
C SER KF 43 77.18 -28.27 92.03
N LYS KF 44 78.39 -28.82 92.10
CA LYS KF 44 79.03 -29.26 93.35
C LYS KF 44 78.12 -30.21 94.12
N MET KF 45 77.45 -31.08 93.39
CA MET KF 45 76.49 -32.01 93.95
C MET KF 45 76.64 -33.32 93.20
N GLY KF 46 75.68 -34.22 93.37
CA GLY KF 46 75.79 -35.49 92.70
C GLY KF 46 75.37 -35.48 91.24
N GLY KF 47 74.82 -34.38 90.75
CA GLY KF 47 74.27 -34.33 89.41
C GLY KF 47 72.75 -34.34 89.46
N ILE KF 48 72.16 -34.34 88.28
CA ILE KF 48 70.72 -34.24 88.13
C ILE KF 48 70.14 -35.64 88.08
N ASN KF 49 69.27 -35.97 89.03
CA ASN KF 49 68.61 -37.28 88.98
C ASN KF 49 67.37 -37.22 88.09
N TYR KF 50 66.38 -36.46 88.48
CA TYR KF 50 65.13 -36.30 87.74
C TYR KF 50 64.39 -35.10 88.30
N CYS KF 51 63.14 -34.93 87.86
CA CYS KF 51 62.28 -33.85 88.32
C CYS KF 51 61.06 -34.43 89.02
N ASP KF 52 60.87 -34.08 90.28
CA ASP KF 52 59.60 -34.34 90.93
C ASP KF 52 58.59 -33.35 90.38
N SER KF 53 57.64 -33.85 89.58
CA SER KF 53 56.61 -33.01 89.00
C SER KF 53 55.54 -32.63 90.00
N SER KF 54 55.41 -33.37 91.09
CA SER KF 54 54.44 -33.00 92.11
C SER KF 54 54.84 -31.73 92.83
N ALA KF 55 56.15 -31.45 92.89
CA ALA KF 55 56.64 -30.18 93.40
C ALA KF 55 57.26 -29.32 92.31
N GLY KF 56 57.45 -29.86 91.10
CA GLY KF 56 58.07 -29.11 90.04
C GLY KF 56 59.52 -28.77 90.31
N ARG KF 57 60.24 -29.66 90.98
CA ARG KF 57 61.59 -29.34 91.43
C ARG KF 57 62.55 -30.43 90.97
N LEU KF 58 63.76 -30.01 90.62
CA LEU KF 58 64.81 -30.95 90.29
C LEU KF 58 65.39 -31.53 91.56
N VAL KF 59 65.54 -32.85 91.59
CA VAL KF 59 66.13 -33.56 92.73
C VAL KF 59 67.54 -33.99 92.34
N CYS KF 60 68.52 -33.59 93.14
CA CYS KF 60 69.90 -33.94 92.85
C CYS KF 60 70.16 -35.40 93.18
N ASN KF 61 71.38 -35.86 92.90
CA ASN KF 61 71.69 -37.26 93.14
C ASN KF 61 71.89 -37.57 94.61
N ASN KF 62 72.11 -36.56 95.44
CA ASN KF 62 71.89 -36.70 96.87
C ASN KF 62 70.49 -36.19 97.21
N GLY KF 63 70.02 -36.56 98.39
CA GLY KF 63 68.65 -36.29 98.75
C GLY KF 63 68.35 -34.83 99.05
N PHE KF 64 68.42 -33.98 98.04
CA PHE KF 64 68.19 -32.56 98.21
C PHE KF 64 67.36 -32.03 97.06
N TYR KF 65 66.70 -30.90 97.31
CA TYR KF 65 65.95 -30.19 96.29
C TYR KF 65 66.79 -29.04 95.77
N SER KF 66 67.15 -29.10 94.50
CA SER KF 66 67.86 -27.99 93.89
C SER KF 66 66.94 -26.79 93.72
N THR KF 67 67.55 -25.62 93.60
CA THR KF 67 66.81 -24.39 93.43
C THR KF 67 66.30 -24.19 92.01
N CYS KF 68 66.66 -25.06 91.07
CA CYS KF 68 66.13 -24.98 89.73
C CYS KF 68 64.69 -25.48 89.70
N TYR KF 69 64.06 -25.32 88.54
CA TYR KF 69 62.69 -25.73 88.31
C TYR KF 69 62.62 -26.64 87.11
N CYS KF 70 61.47 -27.30 86.95
CA CYS KF 70 61.20 -28.05 85.74
C CYS KF 70 59.81 -27.86 85.17
N THR KF 71 58.83 -27.45 85.96
CA THR KF 71 57.47 -27.30 85.48
C THR KF 71 57.00 -25.86 85.66
N ARG KF 72 56.06 -25.46 84.81
CA ARG KF 72 55.33 -24.23 85.05
C ARG KF 72 54.26 -24.39 86.12
N HIS KF 73 53.92 -25.62 86.48
CA HIS KF 73 52.98 -25.85 87.58
C HIS KF 73 53.69 -26.01 88.90
N ALA KF 74 54.58 -25.08 89.21
CA ALA KF 74 55.31 -25.11 90.47
C ALA KF 74 55.07 -23.78 91.19
N VAL KF 75 55.38 -23.78 92.49
CA VAL KF 75 55.15 -22.59 93.29
C VAL KF 75 56.20 -21.55 92.94
N MET KF 76 55.82 -20.60 92.10
CA MET KF 76 56.68 -19.49 91.78
C MET KF 76 56.42 -18.35 92.76
N ASP KF 77 57.22 -17.29 92.63
CA ASP KF 77 57.01 -16.08 93.43
C ASP KF 77 57.35 -14.91 92.51
N LEU KF 78 56.33 -14.38 91.82
CA LEU KF 78 56.54 -13.32 90.85
C LEU KF 78 55.56 -12.20 91.10
N GLN KF 79 55.99 -10.99 90.78
CA GLN KF 79 55.23 -9.79 91.08
C GLN KF 79 54.95 -8.92 89.86
N PHE KF 80 55.65 -9.13 88.75
CA PHE KF 80 55.49 -8.28 87.59
C PHE KF 80 54.63 -8.97 86.54
N LEU KF 81 54.46 -8.31 85.41
CA LEU KF 81 53.58 -8.78 84.35
C LEU KF 81 54.00 -8.14 83.03
N MET KF 82 53.11 -8.22 82.04
CA MET KF 82 53.29 -7.57 80.75
C MET KF 82 51.92 -7.27 80.16
N GLY KF 83 51.92 -6.57 79.03
CA GLY KF 83 50.68 -6.30 78.32
C GLY KF 83 49.85 -5.22 79.00
N CYS KF 84 48.70 -4.93 78.41
CA CYS KF 84 47.78 -3.98 79.01
C CYS KF 84 46.41 -4.62 79.19
N CYS KF 85 45.43 -3.77 79.53
CA CYS KF 85 44.11 -4.18 80.02
C CYS KF 85 44.21 -5.10 81.23
N LEU KF 86 45.12 -4.76 82.14
CA LEU KF 86 45.27 -5.52 83.36
C LEU KF 86 44.10 -5.25 84.30
N TRP KF 87 43.77 -6.28 85.09
CA TRP KF 87 42.63 -6.30 86.00
C TRP KF 87 41.32 -5.99 85.30
N HIS KF 88 41.22 -6.38 84.03
CA HIS KF 88 40.07 -6.11 83.20
C HIS KF 88 39.88 -7.30 82.29
N GLY KF 89 39.00 -7.16 81.29
CA GLY KF 89 38.63 -8.30 80.47
C GLY KF 89 39.58 -8.60 79.33
N GLY KF 90 40.85 -8.24 79.47
CA GLY KF 90 41.78 -8.43 78.39
C GLY KF 90 41.53 -7.41 77.28
N VAL KF 91 42.24 -7.62 76.17
CA VAL KF 91 42.04 -6.75 75.02
C VAL KF 91 40.72 -7.10 74.35
N TYR KF 92 40.07 -6.10 73.79
CA TYR KF 92 38.87 -6.40 73.03
C TYR KF 92 39.26 -6.98 71.68
N PRO KF 93 38.66 -8.10 71.27
CA PRO KF 93 38.99 -8.67 69.95
C PRO KF 93 38.56 -7.83 68.76
N GLN KF 94 37.72 -6.81 68.94
CA GLN KF 94 37.36 -5.95 67.83
C GLN KF 94 38.54 -5.05 67.45
N LEU KF 95 38.44 -4.46 66.27
CA LEU KF 95 39.49 -3.60 65.74
C LEU KF 95 39.03 -2.14 65.77
N ASN KF 96 39.91 -1.28 66.27
CA ASN KF 96 39.64 0.15 66.35
C ASN KF 96 40.19 0.85 65.11
N SER KF 97 39.59 1.98 64.77
CA SER KF 97 40.10 2.81 63.69
C SER KF 97 41.46 3.39 64.06
N SER KF 98 41.55 3.98 65.24
CA SER KF 98 42.81 4.49 65.78
C SER KF 98 43.47 3.41 66.63
N GLY KF 99 44.46 3.80 67.42
CA GLY KF 99 45.08 2.89 68.37
C GLY KF 99 44.38 2.89 69.72
N LEU KF 100 43.11 3.27 69.72
CA LEU KF 100 42.30 3.27 70.93
C LEU KF 100 42.01 1.83 71.34
N VAL KF 101 42.75 1.34 72.34
CA VAL KF 101 42.58 -0.02 72.85
C VAL KF 101 41.71 0.07 74.09
N VAL KF 102 40.62 -0.69 74.10
CA VAL KF 102 39.65 -0.63 75.18
C VAL KF 102 39.44 -2.04 75.71
N CYS KF 103 39.49 -2.19 77.03
CA CYS KF 103 39.32 -3.49 77.64
C CYS KF 103 37.86 -3.93 77.58
N ASN KF 104 37.65 -5.22 77.84
CA ASN KF 104 36.32 -5.80 77.70
C ASN KF 104 35.37 -5.41 78.81
N ASP KF 105 35.87 -4.79 79.88
CA ASP KF 105 34.96 -4.18 80.84
C ASP KF 105 34.39 -2.86 80.34
N GLY KF 106 34.98 -2.28 79.29
CA GLY KF 106 34.54 -1.02 78.74
C GLY KF 106 35.48 0.13 79.00
N TYR KF 107 36.25 0.07 80.09
CA TYR KF 107 37.22 1.11 80.38
C TYR KF 107 38.41 0.98 79.43
N VAL KF 108 38.96 2.12 79.03
CA VAL KF 108 39.96 2.17 77.97
C VAL KF 108 41.37 2.24 78.57
N SER KF 109 42.36 2.00 77.73
CA SER KF 109 43.76 1.91 78.14
C SER KF 109 44.58 2.91 77.35
N GLU KF 110 44.68 4.14 77.89
CA GLU KF 110 45.43 5.20 77.24
C GLU KF 110 46.93 4.93 77.26
N GLU KF 111 47.40 4.11 78.20
CA GLU KF 111 48.82 3.84 78.32
C GLU KF 111 49.34 3.03 77.14
N CYS KF 112 48.56 2.06 76.66
CA CYS KF 112 48.93 1.36 75.44
C CYS KF 112 48.18 1.88 74.22
N SER KF 113 47.36 2.91 74.38
CA SER KF 113 46.84 3.64 73.24
C SER KF 113 47.87 4.68 72.79
N LEU KF 114 47.99 4.86 71.48
CA LEU KF 114 49.07 5.66 70.93
C LEU KF 114 48.74 7.16 70.99
N GLN KF 115 49.59 7.97 70.39
CA GLN KF 115 49.51 9.42 70.47
C GLN KF 115 48.56 9.97 69.42
N LYS KF 116 48.57 11.29 69.23
CA LYS KF 116 47.72 11.95 68.26
C LYS KF 116 48.55 12.61 67.18
N UNK LF 1 58.88 -26.65 114.66
CA UNK LF 1 59.18 -28.03 115.03
C UNK LF 1 60.00 -28.08 116.32
N UNK LF 2 61.08 -27.30 116.32
CA UNK LF 2 61.94 -27.06 117.49
C UNK LF 2 62.53 -28.35 118.05
N UNK LF 3 62.96 -29.25 117.16
CA UNK LF 3 63.52 -30.53 117.60
C UNK LF 3 64.46 -31.07 116.54
N UNK LF 4 65.30 -32.00 116.97
CA UNK LF 4 66.19 -32.73 116.08
C UNK LF 4 66.23 -34.23 116.37
N UNK LF 5 65.59 -34.70 117.43
CA UNK LF 5 65.65 -36.11 117.79
C UNK LF 5 64.28 -36.59 118.24
N UNK LF 6 63.91 -37.78 117.78
CA UNK LF 6 62.71 -38.47 118.25
C UNK LF 6 63.13 -39.36 119.42
N UNK LF 7 63.38 -38.70 120.54
CA UNK LF 7 63.95 -39.38 121.70
C UNK LF 7 62.93 -40.31 122.34
N UNK LF 8 63.41 -41.45 122.82
CA UNK LF 8 62.57 -42.44 123.48
C UNK LF 8 63.05 -42.66 124.90
N UNK LF 9 62.12 -42.53 125.85
CA UNK LF 9 62.35 -42.66 127.29
C UNK LF 9 63.47 -41.77 127.82
N UNK MF 1 -57.43 49.59 88.52
CA UNK MF 1 -56.98 48.34 87.92
C UNK MF 1 -56.89 47.24 88.97
N UNK MF 2 -55.68 46.97 89.43
CA UNK MF 2 -55.44 45.95 90.43
C UNK MF 2 -54.79 46.58 91.66
N UNK MF 3 -55.11 46.03 92.82
CA UNK MF 3 -54.55 46.50 94.08
C UNK MF 3 -53.52 45.49 94.57
N UNK MF 4 -52.32 45.98 94.89
CA UNK MF 4 -51.28 45.11 95.42
C UNK MF 4 -51.63 44.61 96.83
N UNK MF 5 -52.39 45.40 97.59
CA UNK MF 5 -52.86 44.95 98.89
C UNK MF 5 -53.84 43.79 98.77
N UNK MF 6 -54.78 43.89 97.82
CA UNK MF 6 -55.70 42.77 97.58
C UNK MF 6 -54.98 41.57 96.98
N UNK MF 7 -53.94 41.81 96.18
CA UNK MF 7 -53.11 40.71 95.67
C UNK MF 7 -52.36 40.01 96.79
N UNK MF 8 -51.83 40.78 97.74
CA UNK MF 8 -51.14 40.20 98.90
C UNK MF 8 -52.12 39.44 99.78
N UNK MF 9 -53.34 39.96 99.94
CA UNK MF 9 -54.38 39.26 100.69
C UNK MF 9 -54.78 37.96 100.02
N UNK MF 10 -54.90 37.96 98.69
CA UNK MF 10 -55.24 36.74 97.96
C UNK MF 10 -54.11 35.71 98.03
N UNK MF 11 -52.85 36.18 97.96
CA UNK MF 11 -51.71 35.28 98.08
C UNK MF 11 -51.62 34.69 99.48
N UNK MF 12 -51.89 35.50 100.51
CA UNK MF 12 -51.91 34.99 101.88
C UNK MF 12 -53.08 34.02 102.09
N UNK MF 13 -54.22 34.27 101.43
CA UNK MF 13 -55.35 33.36 101.54
C UNK MF 13 -55.07 32.03 100.84
N UNK MF 14 -54.37 32.07 99.69
CA UNK MF 14 -53.97 30.84 99.04
C UNK MF 14 -52.91 30.10 99.83
N UNK MF 15 -52.04 30.84 100.54
CA UNK MF 15 -51.10 30.21 101.46
C UNK MF 15 -51.83 29.57 102.64
N UNK MF 16 -52.87 30.23 103.13
CA UNK MF 16 -53.67 29.69 104.23
C UNK MF 16 -54.87 28.91 103.68
N UNK MF 17 -54.56 27.89 102.89
CA UNK MF 17 -55.59 26.95 102.46
C UNK MF 17 -56.15 26.17 103.64
N UNK MF 18 -55.25 25.67 104.50
CA UNK MF 18 -55.57 24.98 105.76
C UNK MF 18 -56.48 23.78 105.56
N UNK MF 19 -56.23 23.02 104.48
CA UNK MF 19 -57.08 21.88 104.15
C UNK MF 19 -56.22 20.79 103.55
N UNK MF 20 -56.41 19.56 104.03
CA UNK MF 20 -55.65 18.41 103.55
C UNK MF 20 -56.38 17.13 103.91
N UNK MF 21 -56.40 16.19 102.97
CA UNK MF 21 -56.84 14.82 103.23
C UNK MF 21 -56.12 13.93 102.23
N UNK MF 22 -55.27 13.03 102.73
CA UNK MF 22 -54.37 12.26 101.88
C UNK MF 22 -54.83 10.81 101.77
N UNK MF 23 -54.22 10.11 100.81
CA UNK MF 23 -54.45 8.69 100.60
C UNK MF 23 -53.11 8.00 100.43
N UNK MF 24 -52.96 6.84 101.04
CA UNK MF 24 -51.78 6.01 100.91
C UNK MF 24 -52.12 4.72 100.17
N UNK MF 25 -51.19 4.24 99.36
CA UNK MF 25 -51.37 3.03 98.59
C UNK MF 25 -50.46 1.93 99.12
N UNK MF 26 -51.05 0.78 99.44
CA UNK MF 26 -50.28 -0.36 99.94
C UNK MF 26 -49.88 -1.24 98.76
N UNK MF 27 -49.40 -2.45 99.04
CA UNK MF 27 -48.90 -3.34 97.99
C UNK MF 27 -50.04 -3.93 97.14
N UNK MF 28 -51.17 -4.24 97.75
CA UNK MF 28 -52.26 -4.96 97.10
C UNK MF 28 -53.41 -4.03 96.73
N UNK MF 29 -53.09 -2.81 96.30
CA UNK MF 29 -54.04 -1.79 95.85
C UNK MF 29 -55.06 -1.44 96.94
N UNK MF 30 -54.62 -1.41 98.18
CA UNK MF 30 -55.44 -1.00 99.31
C UNK MF 30 -55.12 0.45 99.66
N UNK MF 31 -56.15 1.22 99.95
CA UNK MF 31 -55.99 2.64 100.25
C UNK MF 31 -56.16 2.88 101.74
N UNK MF 32 -55.22 3.63 102.31
CA UNK MF 32 -55.30 4.13 103.68
C UNK MF 32 -55.66 5.61 103.59
N UNK MF 33 -56.92 5.94 103.88
CA UNK MF 33 -57.41 7.30 103.75
C UNK MF 33 -57.26 8.04 105.06
N UNK MF 34 -56.93 9.33 104.99
CA UNK MF 34 -56.76 10.16 106.15
C UNK MF 34 -57.83 11.25 106.19
N UNK MF 35 -58.20 11.66 107.40
CA UNK MF 35 -59.20 12.69 107.59
C UNK MF 35 -58.54 14.07 107.45
N UNK MF 36 -59.27 15.11 107.87
CA UNK MF 36 -58.76 16.48 107.77
C UNK MF 36 -57.65 16.68 108.82
N UNK MF 37 -56.42 16.82 108.34
CA UNK MF 37 -55.28 17.04 109.22
C UNK MF 37 -54.21 17.83 108.48
N UNK MF 38 -53.75 18.91 109.11
CA UNK MF 38 -52.71 19.81 108.59
C UNK MF 38 -52.99 20.36 107.20
N UNK MF 39 -44.76 3.51 95.41
CA UNK MF 39 -46.08 4.12 95.47
C UNK MF 39 -46.70 3.95 96.85
N UNK MF 40 -46.03 4.48 97.88
CA UNK MF 40 -46.60 4.44 99.22
C UNK MF 40 -47.72 5.46 99.37
N UNK MF 41 -47.39 6.75 99.23
CA UNK MF 41 -48.38 7.82 99.28
C UNK MF 41 -47.79 9.01 98.54
N UNK MF 42 -48.22 9.20 97.29
CA UNK MF 42 -47.72 10.31 96.49
C UNK MF 42 -48.27 11.62 97.01
N UNK MF 43 -47.55 12.70 96.69
CA UNK MF 43 -48.03 14.04 97.05
C UNK MF 43 -49.26 14.44 96.25
N UNK MF 44 -49.49 13.82 95.09
CA UNK MF 44 -50.69 14.04 94.31
C UNK MF 44 -51.88 13.22 94.81
N UNK MF 45 -51.68 12.35 95.79
CA UNK MF 45 -52.76 11.55 96.32
C UNK MF 45 -53.59 12.28 97.38
N UNK MF 46 -53.24 13.51 97.72
CA UNK MF 46 -53.96 14.30 98.70
C UNK MF 46 -54.82 15.34 98.01
N UNK MF 47 -56.00 15.60 98.59
CA UNK MF 47 -56.91 16.62 98.09
C UNK MF 47 -57.29 17.54 99.25
N UNK MF 48 -57.52 18.81 98.95
CA UNK MF 48 -57.87 19.79 99.97
C UNK MF 48 -59.31 19.60 100.44
N ARG NF 207 -18.39 -13.98 111.11
CA ARG NF 207 -18.95 -14.85 110.10
C ARG NF 207 -19.22 -14.10 108.80
N ILE NF 208 -19.95 -14.71 107.88
CA ILE NF 208 -20.21 -14.17 106.56
C ILE NF 208 -21.67 -13.75 106.47
N ILE NF 209 -21.90 -12.48 106.13
CA ILE NF 209 -23.24 -11.91 106.07
C ILE NF 209 -23.71 -11.94 104.62
N TYR NF 210 -24.89 -12.52 104.39
CA TYR NF 210 -25.38 -12.70 103.04
C TYR NF 210 -26.33 -11.58 102.64
N TYR NF 211 -26.39 -11.32 101.34
CA TYR NF 211 -27.24 -10.29 100.77
C TYR NF 211 -27.91 -10.83 99.53
N ILE NF 212 -29.02 -10.23 99.17
CA ILE NF 212 -29.77 -10.66 98.00
C ILE NF 212 -29.28 -9.91 96.78
N GLN NF 213 -29.15 -10.62 95.67
CA GLN NF 213 -28.76 -10.06 94.38
C GLN NF 213 -29.73 -10.39 93.26
N ALA NF 214 -30.60 -11.37 93.44
CA ALA NF 214 -31.61 -11.73 92.45
C ALA NF 214 -32.78 -12.36 93.18
N VAL NF 215 -33.96 -11.79 93.00
CA VAL NF 215 -35.16 -12.22 93.69
C VAL NF 215 -36.28 -12.41 92.68
N ILE NF 216 -36.83 -13.62 92.63
CA ILE NF 216 -37.98 -13.95 91.79
C ILE NF 216 -38.92 -14.76 92.68
N PRO NF 217 -40.18 -14.96 92.30
CA PRO NF 217 -40.97 -16.01 92.94
C PRO NF 217 -40.37 -17.38 92.69
N GLY NF 218 -40.57 -18.28 93.65
CA GLY NF 218 -40.03 -19.63 93.54
C GLY NF 218 -38.69 -19.82 94.22
N ARG NF 219 -37.68 -19.08 93.79
CA ARG NF 219 -36.34 -19.21 94.35
C ARG NF 219 -35.71 -17.84 94.51
N ALA NF 220 -34.61 -17.78 95.24
CA ALA NF 220 -33.92 -16.52 95.48
C ALA NF 220 -32.44 -16.71 95.29
N TRP NF 221 -31.68 -15.62 95.46
CA TRP NF 221 -30.24 -15.66 95.33
C TRP NF 221 -29.58 -14.90 96.47
N LEU NF 222 -28.50 -15.48 97.00
CA LEU NF 222 -27.80 -14.94 98.16
C LEU NF 222 -26.33 -14.76 97.83
N ILE NF 223 -25.80 -13.56 98.07
CA ILE NF 223 -24.36 -13.29 97.96
C ILE NF 223 -23.85 -12.87 99.34
N GLY NF 224 -22.81 -13.56 99.82
CA GLY NF 224 -22.24 -13.28 101.11
C GLY NF 224 -21.10 -12.27 101.06
N SER NF 225 -20.47 -12.09 102.22
CA SER NF 225 -19.28 -11.26 102.30
C SER NF 225 -18.12 -11.88 101.54
N ASN NF 226 -18.04 -13.20 101.51
CA ASN NF 226 -17.11 -13.88 100.61
C ASN NF 226 -17.47 -13.60 99.16
N GLY NF 227 -18.77 -13.60 98.84
CA GLY NF 227 -19.21 -13.27 97.51
C GLY NF 227 -19.83 -14.42 96.76
N SER NF 228 -20.05 -15.54 97.44
CA SER NF 228 -20.59 -16.74 96.81
C SER NF 228 -22.06 -16.54 96.51
N THR NF 229 -22.39 -16.45 95.23
CA THR NF 229 -23.77 -16.31 94.79
C THR NF 229 -24.42 -17.69 94.74
N LEU NF 230 -25.53 -17.85 95.45
CA LEU NF 230 -26.18 -19.14 95.59
C LEU NF 230 -27.66 -19.01 95.32
N THR NF 231 -28.19 -19.87 94.45
CA THR NF 231 -29.62 -20.03 94.31
C THR NF 231 -30.16 -20.83 95.48
N VAL NF 232 -31.21 -20.32 96.11
CA VAL NF 232 -31.77 -20.90 97.32
C VAL NF 232 -33.25 -21.17 97.10
N ARG NF 233 -33.69 -22.34 97.53
CA ARG NF 233 -35.04 -22.86 97.38
C ARG NF 233 -35.73 -22.83 98.74
N GLU NF 234 -36.99 -23.26 98.76
CA GLU NF 234 -37.66 -23.49 100.04
C GLU NF 234 -37.04 -24.66 100.77
N GLY NF 235 -36.84 -25.78 100.08
CA GLY NF 235 -36.10 -26.87 100.69
C GLY NF 235 -34.63 -26.78 100.35
N SER NF 236 -33.86 -26.14 101.23
CA SER NF 236 -32.43 -25.90 101.04
C SER NF 236 -31.78 -25.44 102.33
N LYS NF 237 -30.71 -26.10 102.75
CA LYS NF 237 -29.96 -25.66 103.92
C LYS NF 237 -29.09 -24.46 103.57
N ILE NF 238 -28.57 -23.80 104.60
CA ILE NF 238 -27.77 -22.60 104.41
C ILE NF 238 -26.77 -22.47 105.55
N PRO NF 239 -25.49 -22.24 105.26
CA PRO NF 239 -24.50 -22.09 106.36
C PRO NF 239 -24.72 -20.79 107.12
N GLY NF 240 -24.67 -20.90 108.44
CA GLY NF 240 -24.84 -19.77 109.33
C GLY NF 240 -26.27 -19.36 109.57
N TYR NF 241 -27.23 -20.02 108.92
CA TYR NF 241 -28.63 -19.70 109.09
C TYR NF 241 -29.52 -20.92 109.25
N GLY NF 242 -28.99 -22.12 109.12
CA GLY NF 242 -29.75 -23.35 109.36
C GLY NF 242 -30.54 -23.77 108.11
N MET NF 243 -31.86 -23.66 108.19
CA MET NF 243 -32.76 -24.07 107.14
C MET NF 243 -33.63 -22.89 106.75
N VAL NF 244 -33.84 -22.71 105.45
CA VAL NF 244 -34.67 -21.60 104.97
C VAL NF 244 -36.14 -21.93 105.27
N LYS NF 245 -36.71 -21.22 106.24
CA LYS NF 245 -38.08 -21.50 106.64
C LYS NF 245 -39.09 -21.02 105.60
N LEU NF 246 -38.90 -19.80 105.10
CA LEU NF 246 -39.79 -19.27 104.06
C LEU NF 246 -39.06 -18.18 103.31
N ILE NF 247 -39.52 -17.92 102.08
CA ILE NF 247 -38.95 -16.91 101.20
C ILE NF 247 -40.05 -15.93 100.83
N ASP NF 248 -39.85 -14.65 101.11
CA ASP NF 248 -40.73 -13.60 100.65
C ASP NF 248 -40.07 -12.89 99.48
N SER NF 249 -40.66 -13.02 98.29
CA SER NF 249 -40.17 -12.30 97.12
C SER NF 249 -40.42 -10.81 97.25
N LEU NF 250 -41.48 -10.43 97.97
CA LEU NF 250 -41.76 -9.01 98.21
C LEU NF 250 -40.75 -8.45 99.19
N GLN NF 251 -40.12 -7.33 98.81
CA GLN NF 251 -39.19 -6.52 99.60
C GLN NF 251 -37.90 -7.24 99.96
N GLY NF 252 -37.67 -8.44 99.43
CA GLY NF 252 -36.45 -9.18 99.72
C GLY NF 252 -36.34 -9.66 101.16
N ARG NF 253 -37.16 -10.62 101.55
CA ARG NF 253 -37.09 -11.20 102.89
C ARG NF 253 -36.91 -12.70 102.76
N ILE NF 254 -35.86 -13.22 103.39
CA ILE NF 254 -35.60 -14.65 103.42
C ILE NF 254 -35.66 -15.08 104.88
N LEU NF 255 -36.67 -15.87 105.22
CA LEU NF 255 -36.88 -16.30 106.60
C LEU NF 255 -36.22 -17.65 106.82
N THR NF 256 -35.40 -17.75 107.86
CA THR NF 256 -34.69 -18.99 108.16
C THR NF 256 -35.25 -19.65 109.41
N SER NF 257 -34.85 -20.90 109.61
CA SER NF 257 -35.22 -21.63 110.82
C SER NF 257 -34.50 -21.09 112.05
N SER NF 258 -33.40 -20.36 111.87
CA SER NF 258 -32.67 -19.76 112.97
C SER NF 258 -33.22 -18.40 113.36
N GLY NF 259 -34.39 -18.02 112.87
CA GLY NF 259 -34.95 -16.73 113.19
C GLY NF 259 -34.29 -15.57 112.51
N GLN NF 260 -33.52 -15.81 111.46
CA GLN NF 260 -32.77 -14.78 110.77
C GLN NF 260 -33.41 -14.50 109.42
N VAL NF 261 -33.46 -13.22 109.05
CA VAL NF 261 -34.03 -12.79 107.79
C VAL NF 261 -32.90 -12.20 106.95
N ILE NF 262 -32.61 -12.84 105.84
CA ILE NF 262 -31.68 -12.28 104.87
C ILE NF 262 -32.43 -11.26 104.02
N LYS NF 263 -31.88 -10.04 103.95
CA LYS NF 263 -32.43 -9.00 103.11
C LYS NF 263 -31.29 -8.37 102.32
N PHE NF 264 -31.64 -7.35 101.54
CA PHE NF 264 -30.66 -6.61 100.77
C PHE NF 264 -29.76 -5.78 101.69
N SER NF 265 -28.64 -5.34 101.14
CA SER NF 265 -27.75 -4.44 101.86
C SER NF 265 -28.40 -3.09 102.07
N GLN NF 266 -28.03 -2.42 103.15
CA GLN NF 266 -28.44 -1.03 103.31
C GLN NF 266 -27.70 -0.13 102.33
N GLU NF 267 -26.45 -0.50 102.00
CA GLU NF 267 -25.70 0.22 100.99
C GLU NF 267 -26.35 0.09 99.61
N ASP NF 268 -26.76 -1.13 99.25
CA ASP NF 268 -27.44 -1.38 97.98
C ASP NF 268 -28.70 -2.20 98.29
N SER NF 269 -29.85 -1.54 98.28
CA SER NF 269 -31.11 -2.22 98.53
C SER NF 269 -31.61 -2.94 97.28
N GLN OF 791 -77.57 4.08 90.62
CA GLN OF 791 -78.71 3.69 89.81
C GLN OF 791 -78.37 3.76 88.33
N GLN OF 792 -79.12 4.57 87.57
CA GLN OF 792 -78.83 4.80 86.17
C GLN OF 792 -77.67 5.76 85.96
N GLU OF 793 -77.19 6.41 87.02
CA GLU OF 793 -76.09 7.36 86.92
C GLU OF 793 -74.74 6.68 86.89
N ILE OF 794 -74.69 5.37 87.11
CA ILE OF 794 -73.41 4.69 87.23
C ILE OF 794 -72.79 4.43 85.87
N GLN OF 795 -73.61 4.04 84.90
CA GLN OF 795 -73.11 3.44 83.66
C GLN OF 795 -72.38 4.44 82.78
N GLN OF 796 -72.97 5.62 82.58
CA GLN OF 796 -72.29 6.66 81.83
C GLN OF 796 -71.15 7.27 82.63
N ARG OF 797 -71.17 7.14 83.95
CA ARG OF 797 -70.01 7.44 84.77
C ARG OF 797 -68.98 6.32 84.71
N THR OF 798 -69.38 5.13 84.30
CA THR OF 798 -68.44 4.02 84.16
C THR OF 798 -67.85 3.94 82.75
N SER OF 799 -68.68 4.23 81.74
CA SER OF 799 -68.29 3.99 80.35
C SER OF 799 -67.15 4.91 79.91
N ASP OF 800 -67.21 6.18 80.31
CA ASP OF 800 -66.15 7.13 79.96
C ASP OF 800 -64.85 6.77 80.66
N MET OF 801 -64.93 6.26 81.88
CA MET OF 801 -63.74 5.79 82.59
C MET OF 801 -63.16 4.55 81.90
N LEU OF 802 -64.02 3.74 81.29
CA LEU OF 802 -63.54 2.60 80.52
C LEU OF 802 -62.79 3.05 79.27
N THR OF 803 -63.23 4.16 78.66
CA THR OF 803 -62.57 4.65 77.46
C THR OF 803 -61.17 5.15 77.75
N ALA OF 804 -61.02 5.90 78.86
CA ALA OF 804 -59.70 6.43 79.20
C ALA OF 804 -58.77 5.32 79.66
N ALA OF 805 -59.31 4.31 80.35
CA ALA OF 805 -58.49 3.19 80.79
C ALA OF 805 -58.02 2.36 79.61
N THR OF 806 -58.90 2.10 78.65
CA THR OF 806 -58.50 1.38 77.45
C THR OF 806 -57.55 2.19 76.59
N GLN OF 807 -57.62 3.51 76.68
CA GLN OF 807 -56.58 4.35 76.11
C GLN OF 807 -55.27 4.15 76.85
N LEU OF 808 -55.33 4.07 78.18
CA LEU OF 808 -54.12 4.22 78.97
C LEU OF 808 -53.27 2.96 79.00
N VAL OF 809 -53.85 1.79 78.70
CA VAL OF 809 -53.11 0.54 78.84
C VAL OF 809 -52.03 0.43 77.78
N GLN OF 810 -52.36 0.72 76.53
CA GLN OF 810 -51.38 0.62 75.46
C GLN OF 810 -50.34 1.72 75.53
N ASP OF 811 -50.64 2.83 76.21
CA ASP OF 811 -49.59 3.77 76.57
C ASP OF 811 -48.59 3.14 77.51
N TRP OF 812 -49.08 2.37 78.48
CA TRP OF 812 -48.21 1.64 79.37
C TRP OF 812 -47.56 0.45 78.71
N LYS OF 813 -48.13 -0.05 77.61
CA LYS OF 813 -47.65 -1.31 77.05
C LYS OF 813 -46.35 -1.12 76.28
N GLN OF 814 -46.29 -0.16 75.38
CA GLN OF 814 -45.23 -0.14 74.38
C GLN OF 814 -43.93 0.40 74.96
N VAL OF 815 -42.83 -0.06 74.40
CA VAL OF 815 -41.48 0.36 74.79
C VAL OF 815 -40.74 0.78 73.53
N GLU OF 816 -40.28 2.02 73.49
CA GLU OF 816 -39.60 2.53 72.32
C GLU OF 816 -38.17 2.02 72.27
N THR OF 817 -37.78 1.52 71.10
CA THR OF 817 -36.46 0.91 70.97
C THR OF 817 -35.38 1.98 70.91
N GLN OF 818 -34.23 1.68 71.54
CA GLN OF 818 -33.11 2.59 71.53
C GLN OF 818 -32.45 2.63 70.15
N VAL OF 819 -31.57 3.61 69.96
CA VAL OF 819 -30.74 3.69 68.77
C VAL OF 819 -29.30 3.89 69.21
N TYR OF 820 -28.39 3.16 68.58
CA TYR OF 820 -26.96 3.28 68.83
C TYR OF 820 -26.33 3.94 67.62
N THR OF 821 -25.75 5.12 67.84
CA THR OF 821 -25.19 5.92 66.76
C THR OF 821 -23.68 5.83 66.81
N GLU OF 822 -23.11 5.04 65.90
CA GLU OF 822 -21.67 4.91 65.76
C GLU OF 822 -21.18 5.97 64.78
N GLY OF 823 -20.09 6.65 65.15
CA GLY OF 823 -19.57 7.73 64.34
C GLY OF 823 -18.06 7.66 64.18
N THR OF 824 -17.58 8.35 63.15
CA THR OF 824 -16.16 8.56 62.93
C THR OF 824 -15.96 9.83 62.11
N ALA PF 104 -81.26 51.70 71.62
CA ALA PF 104 -80.75 52.37 70.43
C ALA PF 104 -79.23 52.40 70.45
N GLU PF 105 -78.66 52.49 71.63
CA GLU PF 105 -77.21 52.54 71.81
C GLU PF 105 -76.70 51.48 72.77
N VAL PF 106 -77.46 51.17 73.82
CA VAL PF 106 -77.07 50.16 74.79
C VAL PF 106 -77.13 48.76 74.20
N ILE PF 107 -77.89 48.59 73.13
CA ILE PF 107 -77.96 47.33 72.39
C ILE PF 107 -76.57 46.94 71.88
N ASP PF 108 -75.81 47.94 71.41
CA ASP PF 108 -74.45 47.71 70.93
C ASP PF 108 -73.54 47.19 72.03
N LYS PF 109 -73.60 47.80 73.22
CA LYS PF 109 -72.72 47.39 74.30
C LYS PF 109 -73.11 46.03 74.86
N LYS PF 110 -74.42 45.77 74.97
CA LYS PF 110 -74.88 44.47 75.47
C LYS PF 110 -74.51 43.35 74.50
N ALA PF 111 -74.74 43.57 73.21
CA ALA PF 111 -74.36 42.61 72.19
C ALA PF 111 -72.85 42.43 72.15
N PHE PF 112 -72.10 43.50 72.39
CA PHE PF 112 -70.65 43.43 72.44
C PHE PF 112 -70.16 42.55 73.58
N LYS PF 113 -70.73 42.75 74.78
CA LYS PF 113 -70.22 42.01 75.93
C LYS PF 113 -70.61 40.53 75.87
N ASP PF 114 -71.84 40.22 75.43
CA ASP PF 114 -72.14 38.79 75.34
C ASP PF 114 -71.50 38.13 74.13
N MET PF 115 -71.21 38.89 73.06
CA MET PF 115 -70.51 38.28 71.94
C MET PF 115 -69.05 38.03 72.30
N THR PF 116 -68.45 38.86 73.16
CA THR PF 116 -67.12 38.54 73.66
C THR PF 116 -67.16 37.34 74.59
N ARG PF 117 -68.24 37.22 75.39
CA ARG PF 117 -68.39 36.08 76.28
C ARG PF 117 -68.50 34.76 75.53
N ASN PF 118 -69.30 34.73 74.46
CA ASN PF 118 -69.39 33.50 73.68
C ASN PF 118 -68.24 33.34 72.70
N LEU PF 119 -67.50 34.40 72.40
CA LEU PF 119 -66.32 34.26 71.58
C LEU PF 119 -65.19 33.63 72.39
N TYR PF 120 -65.05 34.02 73.64
CA TYR PF 120 -64.08 33.41 74.55
C TYR PF 120 -64.80 33.07 75.84
N PRO PF 121 -65.34 31.86 75.94
CA PRO PF 121 -65.88 31.40 77.24
C PRO PF 121 -64.82 31.25 78.31
N LEU PF 122 -63.56 31.11 77.91
CA LEU PF 122 -62.45 31.01 78.82
C LEU PF 122 -62.18 32.35 79.51
N ASN PF 123 -61.49 32.27 80.64
CA ASN PF 123 -60.84 33.39 81.28
C ASN PF 123 -59.42 32.94 81.62
N PRO PF 124 -58.48 33.88 81.75
CA PRO PF 124 -57.08 33.51 82.05
C PRO PF 124 -56.91 32.72 83.34
N GLU PF 125 -57.77 32.95 84.32
CA GLU PF 125 -57.77 32.14 85.54
C GLU PF 125 -58.10 30.69 85.22
N GLN PF 126 -59.09 30.45 84.36
CA GLN PF 126 -59.41 29.08 83.98
C GLN PF 126 -58.32 28.49 83.12
N VAL PF 127 -57.64 29.32 82.31
CA VAL PF 127 -56.53 28.84 81.50
C VAL PF 127 -55.40 28.33 82.39
N VAL PF 128 -55.07 29.10 83.43
CA VAL PF 128 -54.04 28.70 84.38
C VAL PF 128 -54.49 27.47 85.16
N LYS PF 129 -55.78 27.39 85.50
CA LYS PF 129 -56.29 26.23 86.22
C LYS PF 129 -56.22 24.96 85.39
N LEU PF 130 -56.58 25.05 84.10
CA LEU PF 130 -56.53 23.85 83.26
C LEU PF 130 -55.09 23.49 82.91
N LYS PF 131 -54.20 24.47 82.82
CA LYS PF 131 -52.77 24.17 82.69
C LYS PF 131 -52.25 23.42 83.91
N GLN PF 132 -52.68 23.85 85.10
CA GLN PF 132 -52.27 23.21 86.34
C GLN PF 132 -52.80 21.78 86.42
N ILE PF 133 -54.06 21.58 86.03
CA ILE PF 133 -54.61 20.24 86.10
C ILE PF 133 -54.04 19.35 84.98
N TYR PF 134 -53.57 19.93 83.88
CA TYR PF 134 -52.89 19.11 82.88
C TYR PF 134 -51.49 18.73 83.33
N GLU PF 135 -50.83 19.61 84.06
CA GLU PF 135 -49.57 19.26 84.72
C GLU PF 135 -49.80 18.16 85.75
N THR PF 136 -50.93 18.23 86.46
CA THR PF 136 -51.30 17.18 87.41
C THR PF 136 -51.55 15.86 86.70
N SER PF 137 -52.21 15.91 85.54
CA SER PF 137 -52.49 14.72 84.76
C SER PF 137 -51.21 14.06 84.25
N GLU PF 138 -50.29 14.86 83.71
CA GLU PF 138 -49.04 14.29 83.22
C GLU PF 138 -48.15 13.83 84.37
N TYR PF 139 -48.27 14.46 85.54
CA TYR PF 139 -47.52 13.99 86.69
C TYR PF 139 -48.05 12.65 87.20
N ALA PF 140 -49.37 12.50 87.23
CA ALA PF 140 -49.97 11.22 87.58
C ALA PF 140 -49.63 10.16 86.55
N LYS PF 141 -49.51 10.56 85.28
CA LYS PF 141 -49.09 9.62 84.24
C LYS PF 141 -47.63 9.22 84.41
N ALA PF 142 -46.75 10.19 84.66
CA ALA PF 142 -45.33 9.90 84.75
C ALA PF 142 -44.91 9.40 86.12
N ALA PF 143 -45.85 9.29 87.06
CA ALA PF 143 -45.55 8.74 88.37
C ALA PF 143 -45.18 7.27 88.26
N THR PF 144 -44.17 6.87 89.02
CA THR PF 144 -43.66 5.51 88.95
C THR PF 144 -44.21 4.72 90.12
N PRO PF 145 -45.06 3.72 89.91
CA PRO PF 145 -45.54 2.90 91.02
C PRO PF 145 -44.43 2.03 91.60
N GLY PF 146 -44.60 1.68 92.87
CA GLY PF 146 -43.57 0.94 93.56
C GLY PF 146 -42.40 1.85 93.91
N THR PF 147 -41.30 1.22 94.28
CA THR PF 147 -40.13 2.02 94.60
C THR PF 147 -39.17 2.05 93.41
N PRO PF 148 -38.56 3.20 93.13
CA PRO PF 148 -37.69 3.30 91.96
C PRO PF 148 -36.39 2.57 92.18
N PRO PF 149 -35.76 2.07 91.12
CA PRO PF 149 -34.51 1.34 91.27
C PRO PF 149 -33.34 2.25 91.61
N LYS PF 150 -32.30 1.66 92.16
CA LYS PF 150 -31.11 2.41 92.53
C LYS PF 150 -30.10 2.38 91.39
N PRO PF 151 -29.72 3.53 90.84
CA PRO PF 151 -28.73 3.54 89.74
C PRO PF 151 -27.34 3.20 90.23
N THR PF 152 -26.87 2.00 89.90
CA THR PF 152 -25.59 1.49 90.37
C THR PF 152 -24.79 0.92 89.21
N ALA PF 153 -23.55 0.57 89.53
CA ALA PF 153 -22.65 -0.10 88.60
C ALA PF 153 -21.73 -1.01 89.41
N THR PF 154 -21.18 -2.04 88.77
CA THR PF 154 -20.44 -3.02 89.54
C THR PF 154 -19.38 -3.72 88.69
N SER PF 155 -18.46 -4.36 89.38
CA SER PF 155 -17.51 -5.29 88.78
C SER PF 155 -17.67 -6.65 89.45
N GLN PF 156 -17.63 -7.71 88.65
CA GLN PF 156 -17.87 -9.05 89.14
C GLN PF 156 -16.94 -10.02 88.44
N PHE PF 157 -16.60 -11.10 89.12
CA PHE PF 157 -15.71 -12.11 88.58
C PHE PF 157 -16.50 -13.31 88.07
N VAL PF 158 -16.01 -13.91 87.00
CA VAL PF 158 -16.66 -15.02 86.32
C VAL PF 158 -15.80 -16.26 86.48
N ASN PF 159 -16.42 -17.38 86.85
CA ASN PF 159 -15.73 -18.64 87.06
C ASN PF 159 -16.03 -19.59 85.92
N LEU PF 160 -15.00 -20.30 85.47
CA LEU PF 160 -15.13 -21.33 84.46
C LEU PF 160 -15.40 -22.71 85.05
N SER PF 161 -15.39 -22.84 86.38
CA SER PF 161 -15.62 -24.12 87.00
C SER PF 161 -17.08 -24.53 86.87
N PRO PF 162 -17.37 -25.83 86.73
CA PRO PF 162 -18.76 -26.24 86.50
C PRO PF 162 -19.67 -26.08 87.70
N GLY PF 163 -19.15 -26.27 88.92
CA GLY PF 163 -19.98 -26.18 90.10
C GLY PF 163 -20.40 -24.77 90.44
N SER PF 164 -19.71 -23.76 89.90
CA SER PF 164 -20.05 -22.38 90.17
C SER PF 164 -21.37 -22.00 89.53
N THR PF 165 -22.15 -21.19 90.24
CA THR PF 165 -23.36 -20.64 89.68
C THR PF 165 -22.99 -19.59 88.62
N PRO PF 166 -23.79 -19.46 87.55
CA PRO PF 166 -23.49 -18.47 86.54
C PRO PF 166 -23.77 -17.07 87.05
N PRO PF 167 -23.09 -16.04 86.52
CA PRO PF 167 -23.35 -14.66 86.95
C PRO PF 167 -24.73 -14.18 86.55
N VAL PF 168 -25.29 -13.33 87.42
CA VAL PF 168 -26.66 -12.85 87.32
C VAL PF 168 -26.62 -11.33 87.21
N ILE PF 169 -27.38 -10.78 86.26
CA ILE PF 169 -27.38 -9.35 85.99
C ILE PF 169 -28.79 -8.81 86.19
N ARG PF 170 -28.91 -7.78 87.03
CA ARG PF 170 -30.17 -7.05 87.15
C ARG PF 170 -30.34 -6.13 85.95
N LEU PF 171 -31.58 -5.99 85.49
CA LEU PF 171 -31.91 -5.19 84.33
C LEU PF 171 -33.10 -4.30 84.63
N SER PF 172 -33.24 -3.25 83.83
CA SER PF 172 -34.34 -2.30 83.96
C SER PF 172 -35.08 -2.20 82.63
N GLN PF 173 -36.35 -1.78 82.73
CA GLN PF 173 -37.23 -1.75 81.57
C GLN PF 173 -36.87 -0.57 80.68
N GLY PF 174 -36.39 -0.85 79.48
CA GLY PF 174 -36.07 0.19 78.53
C GLY PF 174 -34.81 0.96 78.82
N PHE PF 175 -34.01 0.53 79.79
CA PHE PF 175 -32.81 1.25 80.15
C PHE PF 175 -31.57 0.55 79.61
N VAL PF 176 -30.49 1.30 79.54
CA VAL PF 176 -29.26 0.84 78.92
C VAL PF 176 -28.48 0.01 79.94
N SER PF 177 -28.16 -1.22 79.57
CA SER PF 177 -27.30 -2.08 80.38
C SER PF 177 -26.04 -2.37 79.59
N SER PF 178 -24.89 -2.07 80.18
CA SER PF 178 -23.61 -2.26 79.51
C SER PF 178 -22.79 -3.30 80.25
N LEU PF 179 -22.31 -4.29 79.52
CA LEU PF 179 -21.48 -5.36 80.07
C LEU PF 179 -20.15 -5.35 79.34
N VAL PF 180 -19.08 -5.11 80.08
CA VAL PF 180 -17.74 -4.98 79.51
C VAL PF 180 -16.87 -6.08 80.09
N PHE PF 181 -16.19 -6.82 79.22
CA PHE PF 181 -15.46 -8.01 79.62
C PHE PF 181 -13.97 -7.72 79.69
N LEU PF 182 -13.37 -7.99 80.85
CA LEU PF 182 -11.94 -7.88 81.05
C LEU PF 182 -11.40 -9.23 81.51
N ASP PF 183 -10.13 -9.47 81.24
CA ASP PF 183 -9.52 -10.71 81.67
C ASP PF 183 -8.95 -10.53 83.07
N SER PF 184 -8.18 -11.51 83.54
CA SER PF 184 -7.50 -11.36 84.81
C SER PF 184 -6.37 -10.34 84.75
N THR PF 185 -5.84 -10.06 83.56
CA THR PF 185 -4.86 -9.01 83.40
C THR PF 185 -5.49 -7.62 83.36
N GLY PF 186 -6.81 -7.53 83.27
CA GLY PF 186 -7.47 -6.26 83.14
C GLY PF 186 -7.54 -5.73 81.72
N ALA PF 187 -7.00 -6.45 80.76
CA ALA PF 187 -7.08 -6.03 79.37
C ALA PF 187 -8.47 -6.31 78.81
N PRO PF 188 -8.93 -5.50 77.86
CA PRO PF 188 -10.18 -5.82 77.17
C PRO PF 188 -10.04 -7.07 76.32
N TRP PF 189 -11.14 -7.82 76.22
CA TRP PF 189 -11.17 -9.04 75.42
C TRP PF 189 -12.28 -8.91 74.38
N PRO PF 190 -11.95 -8.97 73.09
CA PRO PF 190 -12.99 -8.95 72.05
C PRO PF 190 -13.82 -10.22 72.05
N ILE PF 191 -15.05 -10.10 71.57
CA ILE PF 191 -16.04 -11.16 71.61
C ILE PF 191 -16.14 -11.79 70.22
N ALA PF 192 -16.17 -13.12 70.17
CA ALA PF 192 -16.39 -13.79 68.90
C ALA PF 192 -17.87 -13.77 68.53
N ALA PF 193 -18.71 -14.41 69.34
CA ALA PF 193 -20.12 -14.54 68.98
C ALA PF 193 -20.96 -14.68 70.24
N TYR PF 194 -22.28 -14.74 70.04
CA TYR PF 194 -23.22 -14.86 71.13
C TYR PF 194 -24.52 -15.43 70.63
N ASP PF 195 -25.32 -15.93 71.57
CA ASP PF 195 -26.70 -16.29 71.32
C ASP PF 195 -27.54 -15.84 72.50
N LEU PF 196 -28.82 -15.61 72.24
CA LEU PF 196 -29.72 -14.96 73.19
C LEU PF 196 -31.04 -15.70 73.24
N GLY PF 197 -31.54 -15.96 74.45
CA GLY PF 197 -32.90 -16.42 74.62
C GLY PF 197 -33.85 -15.25 74.75
N ASP PF 198 -35.09 -15.46 74.28
CA ASP PF 198 -36.14 -14.45 74.14
C ASP PF 198 -35.66 -13.21 73.40
N PRO PF 199 -35.52 -13.25 72.07
CA PRO PF 199 -35.30 -11.99 71.32
C PRO PF 199 -36.50 -11.05 71.31
N SER PF 200 -37.68 -11.48 71.78
CA SER PF 200 -38.88 -10.65 71.68
C SER PF 200 -38.81 -9.46 72.64
N SER PF 201 -38.47 -9.71 73.91
CA SER PF 201 -38.58 -8.70 74.95
C SER PF 201 -37.24 -8.04 75.27
N PHE PF 202 -36.30 -8.04 74.33
CA PHE PF 202 -34.99 -7.47 74.56
C PHE PF 202 -34.46 -6.81 73.29
N ASN PF 203 -33.56 -5.85 73.48
CA ASN PF 203 -32.88 -5.17 72.38
C ASN PF 203 -31.40 -5.10 72.72
N ILE PF 204 -30.58 -5.74 71.90
CA ILE PF 204 -29.15 -5.86 72.13
C ILE PF 204 -28.42 -5.38 70.90
N GLN PF 205 -27.54 -4.39 71.07
CA GLN PF 205 -26.70 -3.91 69.99
C GLN PF 205 -25.25 -4.18 70.35
N TRP PF 206 -24.56 -4.91 69.47
CA TRP PF 206 -23.17 -5.27 69.67
C TRP PF 206 -22.49 -5.23 68.32
N ASP PF 207 -21.52 -4.33 68.15
CA ASP PF 207 -20.80 -4.24 66.90
C ASP PF 207 -19.85 -5.43 66.76
N LYS PF 208 -19.41 -5.65 65.52
CA LYS PF 208 -18.59 -6.81 65.20
C LYS PF 208 -17.24 -6.74 65.90
N THR PF 209 -16.58 -5.58 65.86
CA THR PF 209 -15.27 -5.41 66.48
C THR PF 209 -15.37 -4.88 67.89
N SER PF 210 -16.57 -4.61 68.39
CA SER PF 210 -16.72 -4.12 69.75
C SER PF 210 -16.60 -5.28 70.74
N ASN PF 211 -16.48 -4.94 72.02
CA ASN PF 211 -16.35 -5.94 73.07
C ASN PF 211 -17.24 -5.63 74.27
N THR PF 212 -18.18 -4.70 74.13
CA THR PF 212 -19.09 -4.32 75.20
C THR PF 212 -20.51 -4.53 74.71
N LEU PF 213 -21.31 -5.26 75.50
CA LEU PF 213 -22.69 -5.54 75.17
C LEU PF 213 -23.59 -4.45 75.71
N MET PF 214 -24.42 -3.90 74.84
CA MET PF 214 -25.37 -2.86 75.20
C MET PF 214 -26.78 -3.41 75.00
N ILE PF 215 -27.57 -3.42 76.07
CA ILE PF 215 -28.79 -4.20 76.16
C ILE PF 215 -29.93 -3.29 76.58
N GLN PF 216 -31.08 -3.43 75.93
CA GLN PF 216 -32.34 -2.83 76.37
C GLN PF 216 -33.30 -3.96 76.70
N ALA PF 217 -34.12 -3.76 77.73
CA ALA PF 217 -35.08 -4.76 78.18
C ALA PF 217 -36.49 -4.20 78.08
N THR PF 218 -37.40 -5.01 77.52
CA THR PF 218 -38.78 -4.60 77.34
C THR PF 218 -39.69 -5.12 78.45
N LYS PF 219 -39.65 -6.42 78.71
CA LYS PF 219 -40.49 -7.02 79.73
C LYS PF 219 -40.04 -6.58 81.13
N LEU PF 220 -41.01 -6.45 82.03
CA LEU PF 220 -40.70 -6.04 83.40
C LEU PF 220 -40.03 -7.16 84.18
N TYR PF 221 -40.64 -8.33 84.21
CA TYR PF 221 -40.19 -9.42 85.08
C TYR PF 221 -40.15 -10.75 84.35
N ASN PF 222 -39.55 -10.78 83.17
CA ASN PF 222 -39.35 -12.04 82.46
C ASN PF 222 -37.86 -12.23 82.21
N TYR PF 223 -37.27 -13.24 82.84
CA TYR PF 223 -35.84 -13.43 82.83
C TYR PF 223 -35.36 -14.04 81.51
N GLY PF 224 -34.06 -13.91 81.28
CA GLY PF 224 -33.46 -14.36 80.04
C GLY PF 224 -32.10 -14.99 80.28
N ASN PF 225 -31.60 -15.64 79.23
CA ASN PF 225 -30.36 -16.37 79.27
C ASN PF 225 -29.50 -15.99 78.07
N LEU PF 226 -28.19 -15.89 78.28
CA LEU PF 226 -27.29 -15.42 77.25
C LEU PF 226 -26.05 -16.32 77.19
N ALA PF 227 -25.58 -16.61 75.99
CA ALA PF 227 -24.35 -17.36 75.79
C ALA PF 227 -23.36 -16.49 75.02
N VAL PF 228 -22.16 -16.36 75.57
CA VAL PF 228 -21.13 -15.47 75.04
C VAL PF 228 -19.87 -16.29 74.79
N ARG PF 229 -19.31 -16.18 73.58
CA ARG PF 229 -18.03 -16.78 73.25
C ARG PF 229 -17.09 -15.66 72.85
N LEU PF 230 -15.98 -15.53 73.57
CA LEU PF 230 -14.99 -14.50 73.30
C LEU PF 230 -14.09 -14.93 72.14
N ARG PF 231 -13.22 -14.01 71.72
CA ARG PF 231 -12.41 -14.23 70.53
C ARG PF 231 -11.34 -15.29 70.78
N GLY PF 232 -10.47 -15.06 71.74
CA GLY PF 232 -9.44 -16.04 72.06
C GLY PF 232 -9.90 -17.20 72.91
N LEU PF 233 -11.17 -17.21 73.31
CA LEU PF 233 -11.68 -18.23 74.21
C LEU PF 233 -12.01 -19.50 73.45
N ASN PF 234 -12.38 -20.52 74.23
CA ASN PF 234 -13.09 -21.69 73.73
C ASN PF 234 -14.34 -22.02 74.54
N THR PF 235 -14.34 -21.74 75.84
CA THR PF 235 -15.48 -22.09 76.69
C THR PF 235 -16.56 -21.02 76.59
N PRO PF 236 -17.78 -21.38 76.20
CA PRO PF 236 -18.87 -20.40 76.23
C PRO PF 236 -19.31 -20.09 77.65
N VAL PF 237 -19.86 -18.90 77.83
CA VAL PF 237 -20.27 -18.39 79.13
C VAL PF 237 -21.77 -18.15 79.11
N MET PF 238 -22.48 -18.70 80.09
CA MET PF 238 -23.90 -18.47 80.25
C MET PF 238 -24.13 -17.43 81.33
N LEU PF 239 -24.99 -16.46 81.04
CA LEU PF 239 -25.29 -15.35 81.93
C LEU PF 239 -26.80 -15.27 82.10
N THR PF 240 -27.24 -15.02 83.34
CA THR PF 240 -28.66 -14.91 83.65
C THR PF 240 -29.05 -13.44 83.74
N LEU PF 241 -30.24 -13.12 83.24
CA LEU PF 241 -30.71 -11.75 83.13
C LEU PF 241 -32.05 -11.64 83.84
N ILE PF 242 -32.07 -10.98 84.99
CA ILE PF 242 -33.30 -10.76 85.74
C ILE PF 242 -33.70 -9.30 85.57
N PRO PF 243 -34.80 -8.99 84.89
CA PRO PF 243 -35.20 -7.60 84.75
C PRO PF 243 -36.01 -7.10 85.93
N GLY PF 244 -35.96 -5.79 86.13
CA GLY PF 244 -36.80 -5.13 87.10
C GLY PF 244 -36.52 -5.40 88.56
N GLN PF 245 -35.40 -4.89 89.06
CA GLN PF 245 -35.09 -4.95 90.48
C GLN PF 245 -34.89 -3.54 91.04
N LYS PF 246 -34.67 -3.45 92.34
CA LYS PF 246 -34.53 -2.17 93.01
C LYS PF 246 -33.15 -1.57 92.87
N ALA PF 247 -32.24 -2.23 92.16
CA ALA PF 247 -30.98 -1.65 91.74
C ALA PF 247 -30.80 -1.94 90.26
N VAL PF 248 -30.43 -0.91 89.50
CA VAL PF 248 -30.21 -1.06 88.07
C VAL PF 248 -28.72 -0.95 87.81
N ASP PF 249 -28.16 -1.97 87.18
CA ASP PF 249 -26.73 -2.03 86.92
C ASP PF 249 -26.44 -1.28 85.63
N TYR PF 250 -25.66 -0.19 85.73
CA TYR PF 250 -25.34 0.56 84.53
C TYR PF 250 -24.22 -0.12 83.74
N ARG PF 251 -23.03 -0.22 84.33
CA ARG PF 251 -21.94 -0.96 83.71
C ARG PF 251 -21.48 -2.06 84.66
N VAL PF 252 -21.44 -3.28 84.14
CA VAL PF 252 -20.91 -4.43 84.87
C VAL PF 252 -19.63 -4.85 84.17
N ASP PF 253 -18.55 -4.83 84.92
CA ASP PF 253 -17.24 -5.19 84.42
C ASP PF 253 -16.96 -6.63 84.85
N LEU PF 254 -17.00 -7.54 83.90
CA LEU PF 254 -16.88 -8.97 84.19
C LEU PF 254 -15.45 -9.41 83.94
N ARG PF 255 -14.79 -9.88 84.99
CA ARG PF 255 -13.41 -10.30 84.93
C ARG PF 255 -13.33 -11.81 84.85
N VAL PF 256 -12.63 -12.31 83.83
CA VAL PF 256 -12.56 -13.73 83.58
C VAL PF 256 -11.24 -14.27 84.13
N GLN PF 257 -11.20 -15.60 84.32
CA GLN PF 257 -10.01 -16.24 84.89
C GLN PF 257 -8.85 -16.27 83.89
N GLY PF 258 -9.17 -16.47 82.61
CA GLY PF 258 -8.14 -16.52 81.59
C GLY PF 258 -7.58 -15.14 81.27
N TYR PF 259 -6.65 -15.13 80.33
CA TYR PF 259 -5.98 -13.91 79.90
C TYR PF 259 -6.37 -13.61 78.45
N GLY PF 260 -6.50 -12.33 78.13
CA GLY PF 260 -6.94 -11.94 76.81
C GLY PF 260 -5.82 -12.00 75.80
N PRO PF 261 -6.15 -11.61 74.56
CA PRO PF 261 -5.10 -11.45 73.55
C PRO PF 261 -4.07 -10.39 73.90
N ASN PF 262 -4.49 -9.34 74.60
CA ASN PF 262 -3.56 -8.42 75.25
C ASN PF 262 -3.26 -8.97 76.64
N ALA PF 263 -1.98 -9.17 76.93
CA ALA PF 263 -1.58 -9.90 78.13
C ALA PF 263 -0.33 -9.23 78.69
N LYS PF 264 0.35 -9.97 79.57
CA LYS PF 264 1.61 -9.57 80.23
C LYS PF 264 1.43 -8.28 81.04
N SER PF 265 0.29 -8.16 81.70
CA SER PF 265 0.10 -7.13 82.72
C SER PF 265 0.63 -7.58 84.08
N MET PF 266 1.09 -8.82 84.19
CA MET PF 266 1.73 -9.37 85.37
C MET PF 266 3.24 -9.18 85.29
N PRO PF 267 3.86 -8.54 86.27
CA PRO PF 267 5.32 -8.38 86.26
C PRO PF 267 6.01 -9.67 86.72
N THR PF 268 7.33 -9.58 86.84
CA THR PF 268 8.11 -10.72 87.31
C THR PF 268 7.85 -10.93 88.79
N GLU PF 269 7.41 -12.13 89.14
CA GLU PF 269 7.05 -12.44 90.52
C GLU PF 269 8.29 -12.77 91.33
N GLU PF 270 8.07 -13.14 92.59
CA GLU PF 270 9.16 -13.57 93.45
C GLU PF 270 9.73 -14.89 92.96
N GLY PF 271 11.04 -14.97 92.86
CA GLY PF 271 11.68 -16.12 92.23
C GLY PF 271 12.87 -16.59 93.03
N ILE PF 272 13.02 -17.90 93.09
CA ILE PF 272 14.20 -18.50 93.73
C ILE PF 272 15.35 -18.44 92.74
N PRO PF 273 16.49 -17.89 93.13
CA PRO PF 273 17.67 -17.94 92.26
C PRO PF 273 18.17 -19.37 92.14
N PRO PF 274 18.83 -19.71 91.03
CA PRO PF 274 19.32 -21.07 90.86
C PRO PF 274 20.50 -21.36 91.76
N SER PF 275 20.80 -22.64 91.88
CA SER PF 275 21.92 -23.09 92.70
C SER PF 275 23.22 -22.95 91.90
N ALA PF 276 24.29 -23.53 92.42
CA ALA PF 276 25.55 -23.55 91.69
C ALA PF 276 25.44 -24.47 90.48
N ASN PF 277 26.22 -24.15 89.45
CA ASN PF 277 26.16 -24.93 88.22
C ASN PF 277 26.79 -26.30 88.41
N ASP PF 278 26.24 -27.28 87.71
CA ASP PF 278 26.64 -28.68 87.90
C ASP PF 278 28.01 -28.98 87.33
N LEU PF 279 28.52 -28.12 86.45
CA LEU PF 279 29.83 -28.35 85.87
C LEU PF 279 30.95 -28.16 86.88
N LEU PF 280 30.68 -27.42 87.97
CA LEU PF 280 31.66 -27.26 89.03
C LEU PF 280 31.97 -28.58 89.70
N LEU PF 281 31.03 -29.52 89.70
CA LEU PF 281 31.30 -30.84 90.24
C LEU PF 281 32.30 -31.60 89.38
N HIS PF 282 32.16 -31.50 88.05
CA HIS PF 282 33.12 -32.12 87.15
C HIS PF 282 34.49 -31.47 87.29
N VAL PF 283 34.51 -30.14 87.47
CA VAL PF 283 35.75 -29.42 87.74
C VAL PF 283 36.38 -29.90 89.03
N LEU PF 284 35.56 -30.10 90.05
CA LEU PF 284 36.02 -30.59 91.34
C LEU PF 284 36.59 -31.99 91.21
N GLU PF 285 36.04 -32.80 90.32
CA GLU PF 285 36.65 -34.09 90.04
C GLU PF 285 37.81 -33.99 89.06
N GLY PF 286 38.04 -32.83 88.47
CA GLY PF 286 39.09 -32.67 87.50
C GLY PF 286 38.69 -32.94 86.07
N VAL PF 287 37.47 -33.39 85.84
CA VAL PF 287 37.00 -33.63 84.48
C VAL PF 287 36.66 -32.29 83.84
N PRO PF 288 37.20 -31.98 82.67
CA PRO PF 288 36.83 -30.74 82.00
C PRO PF 288 35.40 -30.81 81.50
N PRO PF 289 34.73 -29.68 81.36
CA PRO PF 289 33.39 -29.69 80.79
C PRO PF 289 33.46 -30.04 79.32
N PRO PF 290 32.40 -30.66 78.77
CA PRO PF 290 32.40 -30.97 77.34
C PRO PF 290 32.30 -29.70 76.51
N GLY PF 291 33.00 -29.71 75.38
CA GLY PF 291 33.03 -28.57 74.50
C GLY PF 291 33.97 -27.46 74.93
N SER PF 292 34.68 -27.63 76.04
CA SER PF 292 35.61 -26.61 76.49
C SER PF 292 37.00 -26.88 75.93
N ARG PF 293 37.90 -25.94 76.16
CA ARG PF 293 39.25 -26.00 75.63
C ARG PF 293 40.24 -25.66 76.73
N ARG PF 294 41.44 -26.23 76.63
CA ARG PF 294 42.43 -26.06 77.67
C ARG PF 294 43.01 -24.65 77.66
N LEU PF 295 43.50 -24.24 78.82
CA LEU PF 295 44.09 -22.94 79.02
C LEU PF 295 45.54 -23.10 79.49
N VAL PF 296 46.29 -22.01 79.42
CA VAL PF 296 47.68 -22.01 79.82
C VAL PF 296 47.76 -21.39 81.21
N VAL PF 297 47.94 -22.23 82.23
CA VAL PF 297 48.05 -21.79 83.62
C VAL PF 297 49.50 -21.90 84.01
N SER PF 298 50.07 -20.80 84.49
CA SER PF 298 51.48 -20.76 84.80
C SER PF 298 51.73 -20.05 86.12
N GLY PF 299 52.77 -20.49 86.82
CA GLY PF 299 53.19 -19.90 88.06
C GLY PF 299 52.73 -20.61 89.32
N GLY PF 300 51.82 -21.57 89.21
CA GLY PF 300 51.33 -22.27 90.37
C GLY PF 300 50.59 -23.52 89.97
N ASP PF 301 49.97 -24.16 90.97
CA ASP PF 301 49.25 -25.41 90.74
C ASP PF 301 47.76 -25.14 90.67
N ALA PF 302 47.24 -25.09 89.45
CA ALA PF 302 45.81 -25.00 89.20
C ALA PF 302 45.55 -25.42 87.77
N ARG PF 303 44.30 -25.75 87.47
CA ARG PF 303 43.89 -26.02 86.11
C ARG PF 303 42.66 -25.19 85.79
N ALA PF 304 42.46 -24.88 84.52
CA ALA PF 304 41.37 -24.00 84.15
C ALA PF 304 40.89 -24.30 82.75
N TRP PF 305 39.64 -23.94 82.49
CA TRP PF 305 39.00 -24.16 81.20
C TRP PF 305 38.08 -22.99 80.88
N LEU PF 306 37.79 -22.84 79.59
CA LEU PF 306 36.85 -21.85 79.10
C LEU PF 306 35.88 -22.52 78.15
N SER PF 307 34.60 -22.48 78.47
CA SER PF 307 33.56 -23.12 77.68
C SER PF 307 32.51 -22.14 77.19
N ASN PF 308 31.94 -21.37 78.10
CA ASN PF 308 30.78 -20.53 77.84
C ASN PF 308 31.09 -19.11 78.25
N GLU PF 309 32.20 -18.61 77.72
CA GLU PF 309 32.89 -17.34 78.03
C GLU PF 309 32.98 -17.08 79.54
N LYS PF 310 33.23 -18.13 80.29
CA LYS PF 310 33.49 -18.07 81.72
C LYS PF 310 34.67 -18.97 82.02
N MET PF 311 35.56 -18.51 82.88
CA MET PF 311 36.64 -19.36 83.33
C MET PF 311 36.15 -20.27 84.45
N TYR PF 312 36.62 -21.51 84.41
CA TYR PF 312 36.38 -22.47 85.49
C TYR PF 312 37.74 -22.97 85.93
N VAL PF 313 38.03 -22.85 87.22
CA VAL PF 313 39.37 -23.13 87.71
C VAL PF 313 39.29 -24.05 88.91
N ARG PF 314 40.07 -25.12 88.88
CA ARG PF 314 40.27 -26.01 90.02
C ARG PF 314 41.63 -25.72 90.64
N THR PF 315 41.65 -25.56 91.97
CA THR PF 315 42.89 -25.36 92.70
C THR PF 315 42.65 -25.73 94.16
N ASN PF 316 43.60 -25.37 95.02
CA ASN PF 316 43.39 -25.49 96.45
C ASN PF 316 43.91 -24.26 97.20
N LEU PF 317 44.23 -23.20 96.50
CA LEU PF 317 44.65 -21.95 97.11
C LEU PF 317 43.42 -21.07 97.33
N THR PF 318 43.62 -19.80 97.63
CA THR PF 318 42.52 -18.88 97.90
C THR PF 318 42.65 -17.66 97.00
N ILE PF 319 41.75 -17.53 96.03
CA ILE PF 319 41.83 -16.49 95.01
C ILE PF 319 41.08 -15.26 95.48
N LEU PF 320 41.67 -14.07 95.26
CA LEU PF 320 41.09 -12.83 95.76
C LEU PF 320 40.69 -11.87 94.66
N SER PF 321 41.48 -11.75 93.59
CA SER PF 321 41.54 -10.50 92.83
C SER PF 321 40.27 -10.15 92.06
N PRO PF 322 39.76 -10.95 91.11
CA PRO PF 322 38.64 -10.44 90.32
C PRO PF 322 37.29 -10.56 91.01
N GLY PF 323 37.11 -11.53 91.90
CA GLY PF 323 35.88 -11.68 92.66
C GLY PF 323 35.00 -12.72 92.02
N TRP PF 324 35.06 -13.96 92.52
CA TRP PF 324 34.49 -15.05 91.78
C TRP PF 324 32.98 -15.09 91.94
N LEU PF 325 32.34 -15.85 91.06
CA LEU PF 325 30.89 -15.92 91.02
C LEU PF 325 30.32 -17.14 91.72
N ALA PF 326 30.97 -18.30 91.62
CA ALA PF 326 30.47 -19.46 92.34
C ALA PF 326 31.62 -20.32 92.81
N SER PF 327 31.44 -20.95 93.97
CA SER PF 327 32.50 -21.77 94.55
C SER PF 327 31.96 -23.12 95.00
N MET PF 328 32.81 -24.13 94.86
CA MET PF 328 32.53 -25.46 95.39
C MET PF 328 33.77 -25.99 96.10
N THR PF 329 33.55 -26.88 97.06
CA THR PF 329 34.64 -27.41 97.86
C THR PF 329 34.46 -28.91 98.03
N SER PF 330 35.55 -29.65 97.83
CA SER PF 330 35.52 -31.10 97.94
C SER PF 330 35.66 -31.52 99.41
N ALA PF 331 35.92 -32.81 99.63
CA ALA PF 331 36.15 -33.30 100.98
C ALA PF 331 37.53 -32.94 101.51
N ASP PF 332 38.50 -32.71 100.63
CA ASP PF 332 39.87 -32.46 101.03
C ASP PF 332 40.24 -30.98 101.03
N GLY PF 333 39.25 -30.10 100.93
CA GLY PF 333 39.52 -28.69 100.86
C GLY PF 333 39.86 -28.17 99.48
N THR PF 334 39.77 -29.02 98.45
CA THR PF 334 40.03 -28.58 97.09
C THR PF 334 38.89 -27.69 96.61
N HIS PF 335 39.23 -26.52 96.09
CA HIS PF 335 38.24 -25.52 95.72
C HIS PF 335 38.12 -25.40 94.21
N ALA PF 336 36.91 -25.08 93.78
CA ALA PF 336 36.59 -24.90 92.37
C ALA PF 336 35.81 -23.60 92.22
N TYR PF 337 36.18 -22.81 91.22
CA TYR PF 337 35.64 -21.47 91.05
C TYR PF 337 35.10 -21.29 89.64
N GLU PF 338 33.86 -20.82 89.56
CA GLU PF 338 33.28 -20.32 88.32
C GLU PF 338 33.36 -18.81 88.35
N MET PF 339 33.95 -18.24 87.30
CA MET PF 339 34.57 -16.94 87.40
C MET PF 339 34.45 -16.22 86.06
N GLN PF 340 34.14 -14.93 86.10
CA GLN PF 340 34.23 -14.08 84.92
C GLN PF 340 35.67 -14.00 84.45
N LYS PF 341 35.86 -14.13 83.13
CA LYS PF 341 37.19 -14.32 82.55
C LYS PF 341 38.08 -13.10 82.75
N SER PF 342 39.38 -13.37 82.87
CA SER PF 342 40.42 -12.39 83.16
C SER PF 342 41.77 -13.04 82.91
N PRO PF 343 42.74 -12.32 82.34
CA PRO PF 343 44.03 -12.93 82.05
C PRO PF 343 44.93 -13.06 83.25
N VAL PF 344 44.61 -12.44 84.37
CA VAL PF 344 45.50 -12.36 85.52
C VAL PF 344 44.73 -12.76 86.77
N LEU PF 345 45.32 -13.63 87.58
CA LEU PF 345 44.76 -14.00 88.87
C LEU PF 345 45.71 -13.62 89.99
N LEU PF 346 45.18 -13.58 91.21
CA LEU PF 346 46.00 -13.33 92.38
C LEU PF 346 45.41 -14.04 93.59
N VAL PF 347 46.23 -14.86 94.22
CA VAL PF 347 45.80 -15.72 95.33
C VAL PF 347 46.63 -15.39 96.57
N SER PF 348 46.24 -16.02 97.66
CA SER PF 348 47.03 -16.08 98.89
C SER PF 348 47.47 -17.52 99.08
N TRP PF 349 48.77 -17.75 99.17
CA TRP PF 349 49.24 -19.13 99.19
C TRP PF 349 49.42 -19.65 100.61
N HIS PF 350 50.31 -19.06 101.37
CA HIS PF 350 50.55 -19.47 102.75
C HIS PF 350 50.69 -18.23 103.61
N GLY PF 351 49.74 -17.32 103.48
CA GLY PF 351 49.87 -16.01 104.05
C GLY PF 351 50.62 -15.05 103.16
N LYS PF 352 51.17 -15.51 102.05
CA LYS PF 352 51.93 -14.69 101.12
C LYS PF 352 51.10 -14.48 99.87
N VAL PF 353 51.02 -13.24 99.42
CA VAL PF 353 50.21 -12.91 98.27
C VAL PF 353 50.97 -13.29 97.00
N MET PF 354 50.24 -13.69 95.97
CA MET PF 354 50.87 -14.21 94.77
C MET PF 354 50.02 -13.92 93.55
N GLN PF 355 50.67 -13.94 92.40
CA GLN PF 355 50.06 -13.63 91.11
C GLN PF 355 50.18 -14.82 90.18
N LEU PF 356 49.24 -14.92 89.24
CA LEU PF 356 49.18 -16.01 88.28
C LEU PF 356 48.84 -15.47 86.91
N LYS PF 357 49.52 -16.01 85.89
CA LYS PF 357 49.32 -15.61 84.50
C LYS PF 357 48.43 -16.63 83.79
N VAL PF 358 47.38 -16.13 83.17
CA VAL PF 358 46.50 -16.96 82.35
C VAL PF 358 46.69 -16.53 80.90
N GLU PF 359 47.26 -17.41 80.10
CA GLU PF 359 47.57 -17.12 78.71
C GLU PF 359 46.58 -17.79 77.79
N GLY PF 360 46.67 -17.44 76.51
CA GLY PF 360 45.78 -17.97 75.50
C GLY PF 360 44.43 -17.29 75.44
N LEU PF 361 44.19 -16.27 76.24
CA LEU PF 361 42.93 -15.54 76.20
C LEU PF 361 42.93 -14.56 75.03
N VAL QF 38 54.83 -59.28 59.59
CA VAL QF 38 56.10 -59.95 59.90
C VAL QF 38 56.98 -59.18 60.92
N PRO QF 39 57.11 -57.84 60.86
CA PRO QF 39 57.69 -57.16 62.03
C PRO QF 39 56.72 -57.08 63.19
N LYS QF 40 55.43 -57.31 62.96
CA LYS QF 40 54.44 -57.36 64.04
C LYS QF 40 54.31 -58.78 64.60
N LEU QF 41 54.20 -59.77 63.73
CA LEU QF 41 54.10 -61.14 64.18
C LEU QF 41 55.45 -61.63 64.68
N PRO QF 42 55.54 -62.18 65.88
CA PRO QF 42 56.79 -62.79 66.32
C PRO QF 42 57.05 -64.10 65.58
N CYS QF 43 58.30 -64.27 65.15
CA CYS QF 43 58.68 -65.49 64.45
C CYS QF 43 58.76 -66.67 65.40
N ARG QF 44 59.23 -66.44 66.61
CA ARG QF 44 59.42 -67.49 67.61
C ARG QF 44 58.98 -66.94 68.95
N VAL QF 45 59.11 -67.75 69.99
CA VAL QF 45 58.97 -67.26 71.35
C VAL QF 45 60.33 -66.76 71.83
N ASP QF 46 60.34 -65.53 72.35
CA ASP QF 46 61.59 -64.88 72.72
C ASP QF 46 62.24 -65.57 73.90
N GLY QF 47 63.58 -65.55 73.91
CA GLY QF 47 64.33 -66.23 74.95
C GLY QF 47 64.24 -67.73 74.87
N ALA QF 48 64.16 -68.30 73.67
CA ALA QF 48 64.06 -69.74 73.50
C ALA QF 48 64.98 -70.17 72.37
N CYS QF 49 66.15 -70.71 72.71
CA CYS QF 49 67.07 -71.31 71.75
C CYS QF 49 67.30 -72.75 72.17
N ASP QF 50 66.85 -73.67 71.33
CA ASP QF 50 66.83 -75.07 71.70
C ASP QF 50 68.23 -75.66 71.78
N ALA QF 51 69.18 -75.10 71.02
CA ALA QF 51 70.57 -75.51 71.13
C ALA QF 51 71.12 -75.19 72.52
N THR QF 52 70.79 -74.00 73.04
CA THR QF 52 71.16 -73.66 74.40
C THR QF 52 70.42 -74.53 75.41
N ILE QF 53 69.19 -74.91 75.10
CA ILE QF 53 68.42 -75.79 75.98
C ILE QF 53 69.12 -77.14 76.13
N ILE QF 54 69.52 -77.72 75.00
CA ILE QF 54 70.19 -79.02 75.02
C ILE QF 54 71.55 -78.91 75.69
N LYS QF 55 72.26 -77.78 75.44
CA LYS QF 55 73.57 -77.58 76.03
C LYS QF 55 73.51 -77.48 77.55
N MET QF 56 72.53 -76.73 78.06
CA MET QF 56 72.43 -76.63 79.50
C MET QF 56 71.87 -77.89 80.14
N MET QF 57 71.07 -78.67 79.40
CA MET QF 57 70.66 -79.98 79.92
C MET QF 57 71.85 -80.92 80.05
N THR QF 58 72.73 -80.93 79.04
CA THR QF 58 73.93 -81.74 79.12
C THR QF 58 74.85 -81.28 80.25
N ASP QF 59 74.95 -79.96 80.44
CA ASP QF 59 75.77 -79.44 81.53
C ASP QF 59 75.19 -79.80 82.89
N LEU QF 60 73.86 -79.77 83.01
CA LEU QF 60 73.23 -80.09 84.29
C LEU QF 60 73.37 -81.58 84.61
N ASN QF 61 73.23 -82.44 83.62
CA ASN QF 61 73.44 -83.86 83.88
C ASN QF 61 74.91 -84.17 84.10
N LYS QF 62 75.81 -83.39 83.49
CA LYS QF 62 77.23 -83.53 83.77
C LYS QF 62 77.54 -83.12 85.20
N LYS QF 63 76.88 -82.08 85.69
CA LYS QF 63 76.98 -81.70 87.10
C LYS QF 63 76.37 -82.76 88.01
N GLY QF 64 75.38 -83.50 87.51
CA GLY QF 64 74.81 -84.62 88.25
C GLY QF 64 73.37 -84.43 88.65
N ILE QF 65 72.78 -83.28 88.34
CA ILE QF 65 71.36 -83.09 88.61
C ILE QF 65 70.56 -83.91 87.60
N LYS QF 66 69.65 -84.73 88.11
CA LYS QF 66 68.92 -85.65 87.24
C LYS QF 66 67.87 -84.90 86.44
N VAL QF 67 67.92 -85.08 85.13
CA VAL QF 67 66.96 -84.49 84.20
C VAL QF 67 66.19 -85.62 83.55
N ALA QF 68 64.87 -85.56 83.64
CA ALA QF 68 64.02 -86.60 83.06
C ALA QF 68 62.99 -85.95 82.16
N SER QF 69 62.88 -86.47 80.95
CA SER QF 69 61.92 -85.98 79.96
C SER QF 69 61.08 -87.15 79.49
N VAL QF 70 59.79 -87.08 79.75
CA VAL QF 70 58.88 -88.16 79.36
C VAL QF 70 57.57 -87.54 78.91
N GLY QF 71 57.17 -87.84 77.68
CA GLY QF 71 56.01 -87.20 77.06
C GLY QF 71 56.22 -85.72 76.93
N GLN QF 72 55.52 -84.95 77.76
CA GLN QF 72 55.81 -83.55 77.98
C GLN QF 72 56.17 -83.25 79.42
N ASN QF 73 55.88 -84.16 80.34
CA ASN QF 73 56.15 -83.93 81.75
C ASN QF 73 57.65 -84.08 82.02
N TYR QF 74 58.22 -83.09 82.69
CA TYR QF 74 59.64 -83.07 82.98
C TYR QF 74 59.88 -83.08 84.47
N LEU QF 75 60.98 -83.73 84.86
CA LEU QF 75 61.34 -83.97 86.24
C LEU QF 75 62.79 -83.54 86.47
N ILE QF 76 63.03 -82.76 87.51
CA ILE QF 76 64.38 -82.32 87.86
C ILE QF 76 64.65 -82.71 89.30
N SER QF 77 65.64 -83.56 89.50
CA SER QF 77 66.00 -84.05 90.82
C SER QF 77 67.36 -83.51 91.23
N ILE QF 78 67.44 -82.96 92.43
CA ILE QF 78 68.67 -82.38 92.96
C ILE QF 78 69.03 -83.11 94.24
N PRO QF 79 70.28 -83.53 94.42
CA PRO QF 79 70.71 -84.05 95.72
C PRO QF 79 70.69 -82.98 96.78
N ALA QF 80 70.40 -83.40 98.01
CA ALA QF 80 70.22 -82.45 99.11
C ALA QF 80 71.54 -81.86 99.59
N SER QF 81 72.61 -82.63 99.52
CA SER QF 81 73.88 -82.22 100.12
C SER QF 81 74.56 -81.11 99.34
N ALA QF 82 74.20 -80.95 98.07
CA ALA QF 82 74.70 -79.83 97.29
C ALA QF 82 73.85 -78.58 97.47
N LEU QF 83 72.83 -78.62 98.33
CA LEU QF 83 71.94 -77.50 98.53
C LEU QF 83 71.79 -77.06 99.97
N PHE QF 84 72.05 -77.93 100.95
CA PHE QF 84 71.86 -77.55 102.34
C PHE QF 84 73.06 -78.02 103.14
N ALA QF 85 73.08 -77.63 104.41
CA ALA QF 85 73.99 -78.24 105.36
C ALA QF 85 73.29 -79.47 105.95
N ASP QF 86 73.91 -80.10 106.93
CA ASP QF 86 73.41 -81.36 107.46
C ASP QF 86 72.17 -81.12 108.31
N GLN QF 87 71.06 -81.76 107.91
CA GLN QF 87 69.74 -81.67 108.58
C GLN QF 87 69.26 -80.23 108.70
N SER QF 88 69.56 -79.41 107.70
CA SER QF 88 69.50 -77.97 107.88
C SER QF 88 68.39 -77.37 107.04
N PRO QF 89 67.59 -76.48 107.61
CA PRO QF 89 66.71 -75.61 106.83
C PRO QF 89 67.37 -74.29 106.46
N ARG QF 90 68.53 -74.36 105.84
CA ARG QF 90 69.24 -73.13 105.46
C ARG QF 90 70.07 -73.39 104.23
N LEU QF 91 69.98 -72.48 103.26
CA LEU QF 91 70.76 -72.60 102.04
C LEU QF 91 72.22 -72.30 102.30
N ASN QF 92 73.08 -73.04 101.62
CA ASN QF 92 74.48 -72.67 101.58
C ASN QF 92 74.65 -71.48 100.63
N TRP QF 93 75.75 -70.76 100.80
CA TRP QF 93 75.92 -69.48 100.12
C TRP QF 93 76.15 -69.66 98.63
N ALA QF 94 77.02 -70.61 98.25
CA ALA QF 94 77.40 -70.76 96.85
C ALA QF 94 76.33 -71.43 96.01
N SER QF 95 75.27 -71.94 96.62
CA SER QF 95 74.19 -72.61 95.89
C SER QF 95 73.36 -71.67 95.04
N TYR QF 96 73.48 -70.36 95.25
CA TYR QF 96 72.71 -69.40 94.48
C TYR QF 96 73.11 -69.39 93.01
N SER QF 97 74.35 -69.76 92.70
CA SER QF 97 74.77 -69.88 91.31
C SER QF 97 74.00 -70.99 90.60
N LEU QF 98 73.89 -72.15 91.25
CA LEU QF 98 73.17 -73.27 90.67
C LEU QF 98 71.67 -72.97 90.60
N LEU QF 99 71.15 -72.27 91.59
CA LEU QF 99 69.74 -71.89 91.55
C LEU QF 99 69.49 -70.86 90.46
N ASN QF 100 70.45 -69.97 90.22
CA ASN QF 100 70.36 -69.04 89.11
C ASN QF 100 70.40 -69.78 87.78
N GLU QF 101 71.20 -70.85 87.70
CA GLU QF 101 71.22 -71.68 86.50
C GLU QF 101 69.89 -72.36 86.27
N ILE QF 102 69.26 -72.84 87.34
CA ILE QF 102 67.96 -73.50 87.17
C ILE QF 102 66.88 -72.48 86.83
N ALA QF 103 67.07 -71.22 87.26
CA ALA QF 103 66.14 -70.17 86.83
C ALA QF 103 66.34 -69.84 85.36
N ALA QF 104 67.60 -69.85 84.91
CA ALA QF 104 67.89 -69.66 83.49
C ALA QF 104 67.31 -70.77 82.65
N PHE QF 105 67.26 -71.98 83.20
CA PHE QF 105 66.55 -73.07 82.52
C PHE QF 105 65.06 -72.80 82.46
N LEU QF 106 64.45 -72.49 83.61
CA LEU QF 106 63.00 -72.44 83.69
C LEU QF 106 62.41 -71.22 83.02
N LYS QF 107 63.22 -70.17 82.78
CA LYS QF 107 62.71 -69.02 82.04
C LYS QF 107 62.43 -69.34 80.58
N GLN QF 108 63.04 -70.40 80.05
CA GLN QF 108 62.94 -70.70 78.63
C GLN QF 108 61.59 -71.29 78.27
N PHE QF 109 61.06 -72.20 79.09
CA PHE QF 109 59.88 -72.94 78.70
C PHE QF 109 58.60 -72.16 78.96
N ARG QF 110 57.51 -72.63 78.35
CA ARG QF 110 56.18 -72.09 78.58
C ARG QF 110 55.43 -73.06 79.49
N LYS QF 111 54.95 -72.56 80.63
CA LYS QF 111 54.54 -73.41 81.73
C LYS QF 111 53.27 -72.87 82.35
N ILE QF 112 52.62 -73.73 83.14
CA ILE QF 112 51.44 -73.32 83.89
C ILE QF 112 51.63 -73.56 85.37
N ALA QF 113 51.81 -74.83 85.74
CA ALA QF 113 51.82 -75.25 87.15
C ALA QF 113 53.04 -76.11 87.41
N ILE QF 114 53.74 -75.81 88.50
CA ILE QF 114 54.95 -76.52 88.87
C ILE QF 114 54.74 -77.07 90.28
N THR QF 115 55.49 -78.11 90.62
CA THR QF 115 55.41 -78.71 91.95
C THR QF 115 56.81 -79.04 92.44
N VAL QF 116 57.06 -78.76 93.72
CA VAL QF 116 58.30 -79.14 94.39
C VAL QF 116 57.96 -80.03 95.57
N THR QF 117 58.69 -81.14 95.69
CA THR QF 117 58.62 -82.01 96.85
C THR QF 117 60.01 -82.15 97.45
N SER QF 118 60.05 -82.44 98.74
CA SER QF 118 61.31 -82.61 99.45
C SER QF 118 61.28 -83.90 100.25
N TYR QF 119 62.24 -84.78 99.99
CA TYR QF 119 62.33 -86.06 100.68
C TYR QF 119 63.64 -86.11 101.45
N SER QF 120 63.64 -86.84 102.57
CA SER QF 120 64.79 -86.89 103.45
C SER QF 120 65.02 -88.32 103.90
N SER QF 121 65.95 -88.48 104.83
CA SER QF 121 66.16 -89.74 105.53
C SER QF 121 65.63 -89.62 106.96
N LYS QF 122 65.52 -90.77 107.62
CA LYS QF 122 65.06 -90.81 108.99
C LYS QF 122 66.18 -90.36 109.92
N TYR QF 123 65.92 -89.32 110.70
CA TYR QF 123 66.93 -88.80 111.62
C TYR QF 123 66.48 -88.84 113.07
N VAL QF 124 65.34 -88.24 113.41
CA VAL QF 124 64.91 -88.18 114.80
C VAL QF 124 63.49 -88.70 114.93
N SER QF 125 62.58 -88.16 114.14
CA SER QF 125 61.15 -88.38 114.33
C SER QF 125 60.50 -88.54 112.97
N VAL QF 126 59.19 -88.35 112.92
CA VAL QF 126 58.47 -88.17 111.68
C VAL QF 126 58.20 -86.69 111.43
N LYS QF 127 57.71 -86.00 112.47
CA LYS QF 127 57.16 -84.66 112.32
C LYS QF 127 58.25 -83.65 112.06
N ARG QF 128 59.40 -83.81 112.72
CA ARG QF 128 60.53 -82.90 112.52
C ARG QF 128 61.05 -82.98 111.09
N GLU QF 129 61.12 -84.19 110.55
CA GLU QF 129 61.60 -84.38 109.19
C GLU QF 129 60.61 -83.85 108.17
N ARG QF 130 59.30 -84.06 108.43
CA ARG QF 130 58.27 -83.52 107.56
C ARG QF 130 58.30 -82.00 107.53
N ALA QF 131 58.44 -81.38 108.70
CA ALA QF 131 58.49 -79.93 108.77
C ALA QF 131 59.77 -79.38 108.15
N LEU QF 132 60.88 -80.09 108.31
CA LEU QF 132 62.14 -79.66 107.71
C LEU QF 132 62.07 -79.69 106.19
N THR QF 133 61.51 -80.75 105.64
CA THR QF 133 61.32 -80.84 104.19
C THR QF 133 60.36 -79.77 103.70
N LEU QF 134 59.31 -79.49 104.47
CA LEU QF 134 58.37 -78.44 104.13
C LEU QF 134 59.04 -77.08 104.11
N ALA QF 135 59.91 -76.81 105.08
CA ALA QF 135 60.59 -75.53 105.14
C ALA QF 135 61.59 -75.38 104.01
N ARG QF 136 62.30 -76.46 103.67
CA ARG QF 136 63.25 -76.43 102.56
C ARG QF 136 62.55 -76.14 101.24
N SER QF 137 61.42 -76.82 101.02
CA SER QF 137 60.62 -76.58 99.82
C SER QF 137 60.06 -75.16 99.81
N ARG QF 138 59.68 -74.65 100.98
CA ARG QF 138 59.14 -73.30 101.08
C ARG QF 138 60.19 -72.27 100.70
N VAL QF 139 61.42 -72.45 101.18
CA VAL QF 139 62.48 -71.48 100.91
C VAL QF 139 62.88 -71.50 99.45
N VAL QF 140 63.05 -72.70 98.87
CA VAL QF 140 63.45 -72.76 97.47
C VAL QF 140 62.31 -72.28 96.57
N SER QF 141 61.06 -72.47 97.00
CA SER QF 141 59.92 -71.94 96.24
C SER QF 141 59.87 -70.43 96.32
N GLU QF 142 60.22 -69.86 97.48
CA GLU QF 142 60.18 -68.42 97.62
C GLU QF 142 61.23 -67.75 96.77
N TYR QF 143 62.45 -68.28 96.75
CA TYR QF 143 63.46 -67.68 95.90
C TYR QF 143 63.18 -67.95 94.42
N LEU QF 144 62.56 -69.09 94.11
CA LEU QF 144 62.19 -69.36 92.73
C LEU QF 144 61.09 -68.43 92.26
N TRP QF 145 60.18 -68.04 93.15
CA TRP QF 145 59.19 -67.04 92.78
C TRP QF 145 59.80 -65.66 92.70
N SER QF 146 60.83 -65.40 93.50
CA SER QF 146 61.55 -64.14 93.43
C SER QF 146 62.22 -63.98 92.08
N GLN QF 147 62.75 -65.07 91.55
CA GLN QF 147 63.12 -65.08 90.14
C GLN QF 147 61.87 -65.00 89.29
N GLY QF 148 61.93 -64.20 88.24
CA GLY QF 148 60.73 -63.87 87.49
C GLY QF 148 60.31 -64.88 86.45
N VAL QF 149 60.27 -66.16 86.82
CA VAL QF 149 59.81 -67.18 85.91
C VAL QF 149 58.30 -67.08 85.78
N ASP QF 150 57.81 -67.01 84.53
CA ASP QF 150 56.39 -66.82 84.34
C ASP QF 150 55.63 -68.14 84.51
N SER QF 151 55.61 -68.65 85.73
CA SER QF 151 54.68 -69.70 86.09
C SER QF 151 53.32 -69.09 86.36
N ARG QF 152 52.40 -69.92 86.69
CA ARG QF 152 51.14 -69.43 87.20
C ARG QF 152 50.79 -70.05 88.55
N ILE QF 153 51.07 -71.33 88.72
CA ILE QF 153 50.79 -72.05 89.96
C ILE QF 153 52.06 -72.74 90.41
N ILE QF 154 52.33 -72.69 91.72
CA ILE QF 154 53.40 -73.48 92.31
C ILE QF 154 52.84 -74.23 93.52
N PHE QF 155 53.18 -75.50 93.64
CA PHE QF 155 52.81 -76.31 94.79
C PHE QF 155 54.07 -76.76 95.50
N THR QF 156 54.00 -76.87 96.82
CA THR QF 156 55.13 -77.27 97.62
C THR QF 156 54.71 -78.29 98.66
N GLN QF 157 55.49 -79.37 98.78
CA GLN QF 157 55.22 -80.36 99.81
C GLN QF 157 56.49 -81.14 100.12
N GLY QF 158 56.64 -81.49 101.37
CA GLY QF 158 57.75 -82.31 101.82
C GLY QF 158 57.24 -83.47 102.66
N LEU QF 159 57.86 -84.62 102.48
CA LEU QF 159 57.37 -85.82 103.12
C LEU QF 159 58.40 -86.55 103.96
N GLY QF 160 59.62 -86.02 104.08
CA GLY QF 160 60.63 -86.62 104.92
C GLY QF 160 61.15 -87.94 104.38
N SER QF 161 60.99 -89.00 105.16
CA SER QF 161 61.49 -90.31 104.77
C SER QF 161 60.36 -91.31 104.62
N ASP QF 162 59.29 -90.91 103.94
CA ASP QF 162 58.15 -91.78 103.73
C ASP QF 162 58.13 -92.45 102.36
N LYS QF 163 58.82 -91.90 101.37
CA LYS QF 163 58.79 -92.42 100.00
C LYS QF 163 60.21 -92.58 99.48
N PRO QF 164 60.93 -93.59 99.94
CA PRO QF 164 62.32 -93.75 99.52
C PRO QF 164 62.42 -94.32 98.12
N ILE QF 165 63.56 -94.04 97.48
CA ILE QF 165 63.85 -94.50 96.14
C ILE QF 165 65.04 -95.44 96.09
N THR QF 166 65.53 -95.87 97.25
CA THR QF 166 66.62 -96.83 97.31
C THR QF 166 66.50 -97.65 98.57
N SER QF 167 66.81 -98.94 98.47
CA SER QF 167 66.87 -99.79 99.64
C SER QF 167 68.12 -99.55 100.47
N TYR QF 168 69.18 -99.04 99.86
CA TYR QF 168 70.43 -98.78 100.55
C TYR QF 168 70.31 -97.44 101.27
N THR QF 169 70.28 -97.47 102.60
CA THR QF 169 70.03 -96.27 103.40
C THR QF 169 71.19 -95.94 104.34
N LEU QF 170 72.38 -96.46 104.07
CA LEU QF 170 73.47 -96.30 105.02
C LEU QF 170 74.09 -94.91 105.00
N GLY QF 171 73.84 -94.13 103.96
CA GLY QF 171 74.33 -92.77 103.95
C GLY QF 171 73.55 -91.87 104.89
N GLY QF 172 74.15 -90.73 105.20
CA GLY QF 172 73.51 -89.78 106.10
C GLY QF 172 72.63 -88.83 105.31
N ASP QF 173 72.93 -87.54 105.36
CA ASP QF 173 72.31 -86.62 104.42
C ASP QF 173 72.92 -86.72 103.04
N ARG QF 174 74.04 -87.44 102.91
CA ARG QF 174 74.59 -87.79 101.60
C ARG QF 174 73.80 -88.88 100.91
N SER QF 175 72.84 -89.51 101.59
CA SER QF 175 72.08 -90.59 100.99
C SER QF 175 71.18 -90.08 99.87
N PRO QF 176 71.14 -90.77 98.73
CA PRO QF 176 70.53 -90.18 97.53
C PRO QF 176 69.03 -90.09 97.56
N ASN QF 177 68.36 -90.82 98.46
CA ASN QF 177 66.92 -90.64 98.60
C ASN QF 177 66.58 -89.29 99.22
N ALA QF 178 67.46 -88.78 100.09
CA ALA QF 178 67.32 -87.43 100.60
C ALA QF 178 67.62 -86.45 99.48
N ARG QF 179 66.59 -85.79 98.97
CA ARG QF 179 66.73 -85.01 97.75
C ARG QF 179 65.60 -83.99 97.69
N VAL QF 180 65.69 -83.13 96.69
CA VAL QF 180 64.60 -82.23 96.35
C VAL QF 180 64.21 -82.47 94.91
N GLU QF 181 62.95 -82.20 94.61
CA GLU QF 181 62.35 -82.62 93.35
C GLU QF 181 61.44 -81.53 92.83
N ILE QF 182 61.54 -81.22 91.54
CA ILE QF 182 60.64 -80.27 90.92
C ILE QF 182 60.12 -80.87 89.61
N THR QF 183 58.81 -81.03 89.52
CA THR QF 183 58.15 -81.64 88.38
C THR QF 183 57.14 -80.68 87.78
N PHE QF 184 56.98 -80.76 86.46
CA PHE QF 184 55.93 -79.98 85.82
C PHE QF 184 55.53 -80.63 84.50
N ARG QF 185 54.40 -80.17 83.97
CA ARG QF 185 53.91 -80.58 82.67
C ARG QF 185 53.92 -79.38 81.74
N ARG QF 186 54.45 -79.56 80.53
CA ARG QF 186 54.67 -78.43 79.64
C ARG QF 186 53.36 -77.92 79.06
N ALA QF 187 53.19 -76.60 79.10
CA ALA QF 187 52.08 -75.97 78.41
C ALA QF 187 52.26 -76.09 76.90
N VAL QF 188 51.15 -76.35 76.21
CA VAL QF 188 51.06 -76.48 74.75
C VAL QF 188 52.01 -77.53 74.17
N CYS RF 42 89.99 -66.95 106.51
CA CYS RF 42 89.35 -66.16 105.49
C CYS RF 42 88.08 -65.49 106.03
N PHE RF 43 87.01 -65.52 105.25
CA PHE RF 43 85.81 -64.77 105.58
C PHE RF 43 84.60 -65.41 104.92
N HIS RF 44 83.47 -65.41 105.62
CA HIS RF 44 82.23 -65.89 105.06
C HIS RF 44 81.27 -64.74 104.79
N PRO RF 45 80.79 -64.59 103.56
CA PRO RF 45 79.84 -63.51 103.22
C PRO RF 45 78.55 -63.55 104.02
N PRO RF 46 77.97 -64.74 104.37
CA PRO RF 46 76.83 -64.57 105.29
C PRO RF 46 77.24 -64.33 106.74
N TYR RF 47 77.58 -63.07 107.02
CA TYR RF 47 77.82 -62.51 108.36
C TYR RF 47 78.97 -63.18 109.11
N ASN RF 48 79.84 -63.89 108.37
CA ASN RF 48 80.96 -64.65 108.91
C ASN RF 48 80.50 -65.65 109.99
N ASN RF 49 79.32 -66.22 109.77
CA ASN RF 49 78.70 -67.23 110.63
C ASN RF 49 78.55 -66.78 112.07
N PHE RF 50 78.30 -65.47 112.26
CA PHE RF 50 78.01 -64.85 113.56
C PHE RF 50 79.13 -65.08 114.57
N GLN RF 51 80.30 -64.56 114.24
CA GLN RF 51 81.44 -64.63 115.12
C GLN RF 51 82.15 -63.28 115.11
N PRO RF 52 82.94 -62.99 116.15
CA PRO RF 52 83.87 -61.86 116.03
C PRO RF 52 84.93 -62.13 114.98
N ASP RF 53 84.85 -61.38 113.89
CA ASP RF 53 85.66 -61.65 112.71
C ASP RF 53 87.10 -61.22 112.93
N ARG RF 54 87.99 -61.86 112.16
CA ARG RF 54 89.40 -61.48 112.09
C ARG RF 54 89.67 -61.03 110.66
N ARG RF 55 89.65 -59.72 110.43
CA ARG RF 55 89.77 -59.20 109.08
C ARG RF 55 91.15 -58.63 108.78
N ALA RF 56 91.83 -58.08 109.77
CA ALA RF 56 93.12 -57.42 109.51
C ALA RF 56 94.24 -58.42 109.25
N VAL RF 57 94.06 -59.68 109.64
CA VAL RF 57 95.08 -60.69 109.43
C VAL RF 57 95.29 -60.95 107.94
N LYS RF 58 94.20 -60.99 107.17
CA LYS RF 58 94.31 -61.17 105.73
C LYS RF 58 95.00 -59.98 105.08
N ARG RF 59 94.72 -58.77 105.56
CA ARG RF 59 95.34 -57.57 104.99
C ARG RF 59 96.83 -57.52 105.28
N VAL RF 60 97.22 -57.84 106.52
CA VAL RF 60 98.66 -57.82 106.81
C VAL RF 60 99.36 -59.01 106.18
N GLY RF 61 98.64 -60.11 105.94
CA GLY RF 61 99.23 -61.24 105.23
C GLY RF 61 99.50 -60.94 103.77
N VAL RF 62 98.55 -60.31 103.09
CA VAL RF 62 98.77 -59.95 101.69
C VAL RF 62 99.71 -58.76 101.57
N ASP RF 63 99.87 -57.95 102.62
CA ASP RF 63 100.88 -56.91 102.58
C ASP RF 63 102.28 -57.48 102.80
N THR RF 64 102.42 -58.49 103.65
CA THR RF 64 103.71 -59.16 103.79
C THR RF 64 104.04 -60.02 102.58
N GLY RF 65 103.02 -60.49 101.87
CA GLY RF 65 103.23 -61.26 100.66
C GLY RF 65 103.72 -60.41 99.49
N GLY RF 88 105.13 -56.01 103.59
CA GLY RF 88 105.80 -55.71 104.85
C GLY RF 88 104.86 -55.65 106.03
N GLY RF 89 105.36 -56.10 107.19
CA GLY RF 89 104.55 -56.09 108.40
C GLY RF 89 104.23 -54.68 108.88
N THR RF 90 105.18 -53.76 108.74
CA THR RF 90 104.99 -52.39 109.21
C THR RF 90 103.95 -51.66 108.36
N VAL RF 91 104.09 -51.74 107.03
CA VAL RF 91 103.13 -51.10 106.14
C VAL RF 91 101.78 -51.78 106.24
N GLY RF 92 101.76 -53.09 106.47
CA GLY RF 92 100.49 -53.78 106.69
C GLY RF 92 99.80 -53.37 107.97
N LEU RF 93 100.57 -53.15 109.04
CA LEU RF 93 99.98 -52.74 110.31
C LEU RF 93 99.45 -51.31 110.24
N VAL RF 94 100.20 -50.41 109.60
CA VAL RF 94 99.71 -49.04 109.52
C VAL RF 94 98.55 -48.92 108.54
N ALA RF 95 98.53 -49.75 107.49
CA ALA RF 95 97.38 -49.79 106.61
C ALA RF 95 96.18 -50.38 107.31
N SER RF 96 96.40 -51.35 108.20
CA SER RF 96 95.32 -51.94 108.97
C SER RF 96 94.72 -50.94 109.94
N ILE RF 97 95.56 -50.16 110.64
CA ILE RF 97 94.98 -49.19 111.56
C ILE RF 97 94.35 -48.03 110.80
N TYR RF 98 94.80 -47.78 109.56
CA TYR RF 98 94.08 -46.84 108.71
C TYR RF 98 92.73 -47.41 108.27
N ARG RF 99 92.65 -48.73 108.08
CA ARG RF 99 91.38 -49.37 107.75
C ARG RF 99 90.40 -49.28 108.91
N ASP RF 100 90.82 -49.67 110.11
CA ASP RF 100 89.92 -49.66 111.24
C ASP RF 100 89.95 -48.35 112.02
N SER RF 101 90.53 -47.29 111.45
CA SER RF 101 90.31 -45.96 111.97
C SER RF 101 88.84 -45.60 111.85
N LYS RF 102 88.29 -45.02 112.92
CA LYS RF 102 86.85 -44.78 113.01
C LYS RF 102 86.37 -43.77 111.97
N ARG RF 103 87.23 -42.81 111.62
CA ARG RF 103 86.89 -41.83 110.59
C ARG RF 103 86.71 -42.51 109.23
N LYS RF 104 87.54 -43.51 108.94
CA LYS RF 104 87.36 -44.29 107.71
C LYS RF 104 86.07 -45.09 107.75
N ILE RF 105 85.65 -45.55 108.93
CA ILE RF 105 84.40 -46.29 109.05
C ILE RF 105 83.22 -45.36 108.78
N ILE RF 106 83.25 -44.15 109.33
CA ILE RF 106 82.16 -43.20 109.10
C ILE RF 106 82.16 -42.76 107.64
N ARG RF 107 83.35 -42.62 107.04
CA ARG RF 107 83.45 -42.29 105.63
C ARG RF 107 82.90 -43.42 104.76
N ASP RF 108 83.10 -44.66 105.17
CA ASP RF 108 82.51 -45.79 104.47
C ASP RF 108 80.99 -45.80 104.60
N LEU RF 109 80.48 -45.47 105.78
CA LEU RF 109 79.04 -45.38 105.94
C LEU RF 109 78.45 -44.24 105.13
N GLN RF 110 79.20 -43.15 104.98
CA GLN RF 110 78.76 -42.04 104.13
C GLN RF 110 78.82 -42.43 102.66
N LYS RF 111 79.79 -43.25 102.29
CA LYS RF 111 79.83 -43.78 100.94
C LYS RF 111 78.69 -44.75 100.70
N GLN RF 112 78.24 -45.41 101.76
CA GLN RF 112 77.00 -46.16 101.70
C GLN RF 112 75.84 -45.21 101.95
N ASP RF 113 74.63 -45.75 101.94
CA ASP RF 113 73.43 -44.93 102.11
C ASP RF 113 73.00 -44.87 103.57
N ILE RF 114 73.92 -44.55 104.48
CA ILE RF 114 73.66 -44.61 105.91
C ILE RF 114 73.99 -43.25 106.52
N GLN RF 115 73.03 -42.67 107.22
CA GLN RF 115 73.16 -41.30 107.70
C GLN RF 115 73.57 -41.29 109.17
N TYR RF 116 74.66 -40.61 109.49
CA TYR RF 116 75.22 -40.58 110.83
C TYR RF 116 75.25 -39.17 111.37
N VAL RF 117 74.75 -38.99 112.61
CA VAL RF 117 74.76 -37.70 113.26
C VAL RF 117 75.37 -37.86 114.64
N GLU RF 118 76.42 -37.10 114.93
CA GLU RF 118 76.99 -37.00 116.27
C GLU RF 118 76.69 -35.61 116.79
N TYR RF 119 76.00 -35.54 117.92
CA TYR RF 119 75.57 -34.24 118.46
C TYR RF 119 75.50 -34.34 119.96
N GLY RF 120 76.34 -33.56 120.65
CA GLY RF 120 76.41 -33.66 122.09
C GLY RF 120 76.99 -35.00 122.51
N ASP RF 121 76.37 -35.61 123.51
CA ASP RF 121 76.76 -36.94 123.94
C ASP RF 121 75.92 -38.01 123.27
N THR RF 122 75.00 -37.63 122.40
CA THR RF 122 74.05 -38.56 121.79
C THR RF 122 74.42 -38.78 120.34
N ARG RF 123 74.43 -40.04 119.93
CA ARG RF 123 74.75 -40.38 118.55
C ARG RF 123 73.60 -41.15 117.91
N THR RF 124 73.30 -40.80 116.65
CA THR RF 124 72.14 -41.31 115.95
C THR RF 124 72.51 -41.80 114.57
N LEU RF 125 71.78 -42.83 114.14
CA LEU RF 125 71.96 -43.45 112.85
C LEU RF 125 70.61 -43.57 112.15
N ILE RF 126 70.63 -43.43 110.82
CA ILE RF 126 69.44 -43.46 109.99
C ILE RF 126 69.66 -44.44 108.85
N ILE RF 127 68.73 -45.39 108.70
CA ILE RF 127 68.82 -46.46 107.73
C ILE RF 127 67.59 -46.37 106.83
N PRO RF 128 67.74 -46.48 105.51
CA PRO RF 128 66.58 -46.49 104.60
C PRO RF 128 65.96 -47.88 104.51
N THR RF 129 64.68 -47.94 104.87
CA THR RF 129 63.99 -49.22 105.07
C THR RF 129 63.80 -49.96 103.75
N ASP RF 130 63.50 -49.25 102.68
CA ASP RF 130 63.26 -49.89 101.40
C ASP RF 130 64.53 -50.46 100.81
N LYS RF 131 65.65 -49.77 100.99
CA LYS RF 131 66.90 -50.29 100.47
C LYS RF 131 67.52 -51.34 101.38
N TYR RF 132 67.08 -51.44 102.63
CA TYR RF 132 67.61 -52.46 103.52
C TYR RF 132 66.57 -53.49 103.92
N PHE RF 133 65.46 -53.57 103.19
CA PHE RF 133 64.48 -54.62 103.40
C PHE RF 133 63.87 -55.00 102.06
N MET RF 134 63.26 -56.18 102.02
CA MET RF 134 62.32 -56.44 100.95
C MET RF 134 61.06 -55.60 101.16
N PHE RF 135 60.35 -55.36 100.06
CA PHE RF 135 59.21 -54.46 100.10
C PHE RF 135 58.06 -55.07 100.89
N SER RF 136 57.53 -54.26 101.83
CA SER RF 136 56.40 -54.62 102.69
C SER RF 136 56.68 -55.90 103.47
N SER RF 137 57.91 -56.05 103.92
CA SER RF 137 58.38 -57.30 104.49
C SER RF 137 59.10 -57.04 105.79
N PRO RF 138 59.09 -58.00 106.71
CA PRO RF 138 59.94 -57.88 107.89
C PRO RF 138 61.33 -58.44 107.65
N ARG RF 139 61.47 -59.27 106.63
CA ARG RF 139 62.76 -59.86 106.30
C ARG RF 139 63.67 -58.81 105.66
N LEU RF 140 64.95 -58.87 106.03
CA LEU RF 140 65.92 -57.90 105.56
C LEU RF 140 66.63 -58.40 104.32
N ASN RF 141 66.95 -57.47 103.42
CA ASN RF 141 67.70 -57.82 102.22
C ASN RF 141 69.13 -58.19 102.58
N GLU RF 142 69.62 -59.25 101.96
CA GLU RF 142 70.94 -59.78 102.28
C GLU RF 142 72.06 -59.14 101.48
N ILE RF 143 71.75 -58.18 100.62
CA ILE RF 143 72.78 -57.62 99.75
C ILE RF 143 73.56 -56.54 100.49
N CYS RF 144 72.88 -55.70 101.26
CA CYS RF 144 73.49 -54.51 101.84
C CYS RF 144 74.21 -54.80 103.15
N TYR RF 145 74.62 -56.04 103.40
CA TYR RF 145 75.35 -56.44 104.59
C TYR RF 145 76.71 -55.78 104.89
N PRO RF 146 77.47 -55.20 103.93
CA PRO RF 146 78.63 -54.40 104.35
C PRO RF 146 78.29 -53.26 105.29
N GLY RF 147 77.15 -52.61 105.07
CA GLY RF 147 76.68 -51.60 106.00
C GLY RF 147 76.34 -52.17 107.36
N LEU RF 148 75.78 -53.39 107.37
CA LEU RF 148 75.43 -54.03 108.63
C LEU RF 148 76.66 -54.37 109.45
N ASN RF 149 77.69 -54.91 108.80
CA ASN RF 149 78.93 -55.21 109.51
C ASN RF 149 79.66 -53.96 109.93
N ASN RF 150 79.57 -52.90 109.13
CA ASN RF 150 80.10 -51.60 109.53
C ASN RF 150 79.39 -51.07 110.76
N VAL RF 151 78.07 -51.26 110.82
CA VAL RF 151 77.28 -50.83 111.97
C VAL RF 151 77.72 -51.57 113.22
N ILE RF 152 77.94 -52.87 113.10
CA ILE RF 152 78.32 -53.67 114.26
C ILE RF 152 79.73 -53.32 114.74
N ARG RF 153 80.67 -53.16 113.80
CA ARG RF 153 82.02 -52.76 114.17
C ARG RF 153 82.05 -51.34 114.74
N LEU RF 154 81.14 -50.48 114.29
CA LEU RF 154 81.05 -49.15 114.88
C LEU RF 154 80.47 -49.22 116.29
N LEU RF 155 79.49 -50.09 116.49
CA LEU RF 155 78.83 -50.19 117.79
C LEU RF 155 79.70 -50.88 118.83
N ASN RF 156 80.74 -51.59 118.40
CA ASN RF 156 81.68 -52.16 119.36
C ASN RF 156 82.49 -51.09 120.11
N PHE RF 157 82.57 -49.87 119.58
CA PHE RF 157 83.36 -48.82 120.21
C PHE RF 157 82.73 -48.28 121.49
N TYR RF 158 81.43 -48.47 121.70
CA TYR RF 158 80.72 -47.86 122.83
C TYR RF 158 79.98 -48.93 123.60
N PRO RF 159 80.70 -49.75 124.37
CA PRO RF 159 80.10 -50.96 124.93
C PRO RF 159 79.38 -50.78 126.27
N GLN RF 160 79.04 -49.57 126.69
CA GLN RF 160 78.35 -49.39 127.96
C GLN RF 160 77.18 -48.43 127.85
N SER RF 161 76.56 -48.32 126.68
CA SER RF 161 75.45 -47.40 126.48
C SER RF 161 74.16 -48.16 126.22
N THR RF 162 73.05 -47.59 126.69
CA THR RF 162 71.75 -48.09 126.32
C THR RF 162 71.43 -47.69 124.89
N ILE RF 163 70.62 -48.50 124.23
CA ILE RF 163 70.30 -48.33 122.81
C ILE RF 163 68.79 -48.20 122.68
N TYR RF 164 68.34 -47.18 121.93
CA TYR RF 164 66.95 -47.10 121.51
C TYR RF 164 66.90 -47.19 120.00
N VAL RF 165 66.04 -48.06 119.48
CA VAL RF 165 65.87 -48.21 118.05
C VAL RF 165 64.40 -48.15 117.71
N ALA RF 166 64.04 -47.27 116.77
CA ALA RF 166 62.65 -47.01 116.48
C ALA RF 166 62.39 -47.07 114.99
N GLY RF 167 61.18 -47.52 114.66
CA GLY RF 167 60.76 -47.69 113.28
C GLY RF 167 59.82 -46.59 112.81
N PHE RF 168 59.95 -46.23 111.53
CA PHE RF 168 59.18 -45.14 110.95
C PHE RF 168 58.67 -45.54 109.59
N THR RF 169 57.38 -45.36 109.36
CA THR RF 169 56.75 -45.65 108.08
C THR RF 169 56.00 -44.43 107.58
N ASP RF 170 55.41 -44.58 106.40
CA ASP RF 170 54.69 -43.50 105.74
C ASP RF 170 53.23 -43.51 106.17
N ASN RF 171 52.37 -42.78 105.46
CA ASN RF 171 51.10 -42.33 105.99
C ASN RF 171 49.89 -42.94 105.30
N VAL RF 172 50.03 -44.12 104.69
CA VAL RF 172 48.95 -44.69 103.91
C VAL RF 172 48.74 -46.14 104.33
N GLY RF 173 47.49 -46.48 104.65
CA GLY RF 173 47.08 -47.79 105.10
C GLY RF 173 46.29 -47.68 106.38
N SER RF 174 45.98 -48.83 106.96
CA SER RF 174 45.40 -48.84 108.29
C SER RF 174 46.42 -48.37 109.31
N ARG RF 175 45.95 -47.62 110.30
CA ARG RF 175 46.81 -47.16 111.38
C ARG RF 175 47.38 -48.34 112.15
N SER RF 176 46.55 -49.35 112.39
CA SER RF 176 47.01 -50.58 113.02
C SER RF 176 48.03 -51.30 112.15
N HIS RF 177 47.83 -51.26 110.83
CA HIS RF 177 48.79 -51.87 109.92
C HIS RF 177 50.14 -51.19 109.98
N LYS RF 178 50.14 -49.84 110.03
CA LYS RF 178 51.39 -49.10 110.17
C LYS RF 178 52.07 -49.41 111.49
N ARG RF 179 51.28 -49.49 112.56
CA ARG RF 179 51.83 -49.77 113.88
C ARG RF 179 52.46 -51.16 113.94
N LYS RF 180 51.79 -52.15 113.36
CA LYS RF 180 52.34 -53.50 113.33
C LYS RF 180 53.57 -53.59 112.44
N LEU RF 181 53.60 -52.82 111.35
CA LEU RF 181 54.79 -52.79 110.50
C LEU RF 181 55.99 -52.23 111.25
N SER RF 182 55.79 -51.11 111.95
CA SER RF 182 56.88 -50.52 112.72
C SER RF 182 57.34 -51.43 113.84
N GLN RF 183 56.38 -52.10 114.49
CA GLN RF 183 56.72 -53.05 115.54
C GLN RF 183 57.57 -54.20 115.02
N ALA RF 184 57.20 -54.73 113.85
CA ALA RF 184 57.94 -55.84 113.26
C ALA RF 184 59.35 -55.42 112.83
N GLN RF 185 59.47 -54.24 112.24
CA GLN RF 185 60.76 -53.76 111.79
C GLN RF 185 61.71 -53.53 112.96
N ALA RF 186 61.21 -52.90 114.03
CA ALA RF 186 62.02 -52.68 115.21
C ALA RF 186 62.40 -53.99 115.88
N GLU RF 187 61.46 -54.95 115.92
CA GLU RF 187 61.72 -56.23 116.55
C GLU RF 187 62.81 -57.00 115.81
N THR RF 188 62.73 -57.01 114.47
CA THR RF 188 63.76 -57.69 113.67
C THR RF 188 65.12 -57.04 113.82
N MET RF 189 65.15 -55.70 113.82
CA MET RF 189 66.43 -54.99 113.90
C MET RF 189 67.10 -55.24 115.25
N MET RF 190 66.34 -55.13 116.34
CA MET RF 190 66.94 -55.36 117.64
C MET RF 190 67.25 -56.84 117.88
N THR RF 191 66.53 -57.74 117.20
CA THR RF 191 66.87 -59.16 117.29
C THR RF 191 68.21 -59.42 116.62
N PHE RF 192 68.44 -58.79 115.47
CA PHE RF 192 69.73 -58.90 114.81
C PHE RF 192 70.84 -58.31 115.67
N LEU RF 193 70.56 -57.20 116.34
CA LEU RF 193 71.56 -56.58 117.20
C LEU RF 193 71.88 -57.46 118.42
N TRP RF 194 70.86 -58.09 118.99
CA TRP RF 194 71.08 -59.02 120.10
C TRP RF 194 71.88 -60.22 119.63
N ALA RF 195 71.58 -60.72 118.45
CA ALA RF 195 72.30 -61.84 117.88
C ALA RF 195 73.74 -61.50 117.54
N ASN RF 196 74.03 -60.22 117.32
CA ASN RF 196 75.42 -59.83 117.15
C ASN RF 196 76.23 -59.93 118.44
N GLY RF 197 75.57 -59.94 119.60
CA GLY RF 197 76.29 -60.27 120.81
C GLY RF 197 75.95 -59.48 122.05
N ILE RF 198 75.33 -58.32 121.89
CA ILE RF 198 75.00 -57.48 123.04
C ILE RF 198 73.81 -58.08 123.77
N ALA RF 199 73.90 -58.15 125.09
CA ALA RF 199 72.88 -58.76 125.91
C ALA RF 199 71.60 -57.91 125.92
N ALA RF 200 70.50 -58.55 126.32
CA ALA RF 200 69.17 -57.99 126.18
C ALA RF 200 68.87 -56.84 127.15
N LYS RF 201 69.77 -56.58 128.10
CA LYS RF 201 69.57 -55.46 129.01
C LYS RF 201 69.64 -54.13 128.28
N ARG RF 202 70.70 -53.93 127.50
CA ARG RF 202 70.92 -52.66 126.82
C ARG RF 202 70.01 -52.47 125.63
N LEU RF 203 69.44 -53.55 125.09
CA LEU RF 203 68.61 -53.45 123.91
C LEU RF 203 67.23 -52.96 124.26
N LYS RF 204 66.71 -52.04 123.44
CA LYS RF 204 65.35 -51.54 123.60
C LYS RF 204 64.89 -50.96 122.27
N ALA RF 205 63.72 -51.37 121.81
CA ALA RF 205 63.26 -50.99 120.48
C ALA RF 205 61.75 -50.93 120.42
N GLU RF 206 61.25 -49.94 119.69
CA GLU RF 206 59.84 -49.90 119.27
C GLU RF 206 59.72 -48.97 118.06
N GLY RF 207 58.51 -48.55 117.74
CA GLY RF 207 58.34 -47.74 116.56
C GLY RF 207 57.00 -47.04 116.55
N TYR RF 208 56.84 -46.14 115.59
CA TYR RF 208 55.61 -45.40 115.41
C TYR RF 208 55.25 -45.42 113.93
N GLY RF 209 54.06 -44.91 113.64
CA GLY RF 209 53.66 -44.83 112.26
C GLY RF 209 54.06 -43.51 111.65
N ASP RF 210 53.06 -42.71 111.29
CA ASP RF 210 53.27 -41.36 110.78
C ASP RF 210 53.09 -40.32 111.87
N LYS RF 211 53.45 -40.66 113.11
CA LYS RF 211 53.15 -39.80 114.24
C LYS RF 211 53.99 -38.54 114.24
N ASN RF 212 55.22 -38.62 113.71
CA ASN RF 212 56.07 -37.45 113.61
C ASN RF 212 57.02 -37.68 112.45
N ALA RF 213 56.76 -36.99 111.34
CA ALA RF 213 57.52 -37.20 110.13
C ALA RF 213 58.71 -36.25 110.07
N ILE RF 214 59.66 -36.58 109.18
CA ILE RF 214 60.82 -35.73 108.96
C ILE RF 214 60.63 -34.84 107.75
N SER RF 215 59.58 -35.06 106.97
CA SER RF 215 59.26 -34.25 105.81
C SER RF 215 57.76 -34.31 105.62
N ASP RF 216 57.28 -33.95 104.42
CA ASP RF 216 55.86 -34.02 104.11
C ASP RF 216 55.61 -35.12 103.08
N ASN RF 217 54.56 -35.90 103.32
CA ASN RF 217 54.24 -37.04 102.49
C ASN RF 217 53.63 -36.69 101.14
N ALA RF 218 53.15 -35.46 100.96
CA ALA RF 218 52.50 -35.12 99.69
C ALA RF 218 53.49 -34.97 98.54
N ILE RF 219 54.78 -34.88 98.83
CA ILE RF 219 55.80 -34.94 97.80
C ILE RF 219 56.40 -36.34 97.83
N ILE RF 220 56.77 -36.83 96.65
CA ILE RF 220 57.17 -38.22 96.51
C ILE RF 220 58.50 -38.47 97.21
N HIS RF 221 59.45 -37.55 97.03
CA HIS RF 221 60.77 -37.73 97.63
C HIS RF 221 60.71 -37.59 99.14
N GLY RF 222 59.89 -36.66 99.64
CA GLY RF 222 59.72 -36.54 101.08
C GLY RF 222 59.02 -37.74 101.68
N SER RF 223 58.04 -38.30 100.97
CA SER RF 223 57.36 -39.50 101.46
C SER RF 223 58.29 -40.70 101.42
N ALA RF 224 59.25 -40.70 100.48
CA ALA RF 224 60.29 -41.72 100.50
C ALA RF 224 61.21 -41.55 101.70
N GLN RF 225 61.64 -40.33 101.98
CA GLN RF 225 62.59 -40.09 103.06
C GLN RF 225 61.96 -40.18 104.45
N ASN RF 226 60.62 -40.16 104.55
CA ASN RF 226 60.00 -40.22 105.86
C ASN RF 226 60.17 -41.59 106.52
N ARG RF 227 60.04 -42.67 105.75
CA ARG RF 227 60.13 -44.01 106.32
C ARG RF 227 61.59 -44.39 106.54
N ARG RF 228 61.94 -44.80 107.75
CA ARG RF 228 63.33 -45.01 108.11
C ARG RF 228 63.44 -45.83 109.37
N ILE RF 229 64.68 -46.18 109.69
CA ILE RF 229 65.02 -46.81 110.97
C ILE RF 229 65.99 -45.90 111.69
N GLU RF 230 65.66 -45.53 112.92
CA GLU RF 230 66.51 -44.64 113.70
C GLU RF 230 67.13 -45.38 114.88
N ILE RF 231 68.41 -45.07 115.10
CA ILE RF 231 69.17 -45.58 116.23
C ILE RF 231 69.65 -44.40 117.05
N GLN RF 232 69.34 -44.39 118.34
CA GLN RF 232 69.83 -43.38 119.26
C GLN RF 232 70.60 -44.07 120.38
N TRP RF 233 71.71 -43.47 120.78
CA TRP RF 233 72.30 -43.87 122.06
C TRP RF 233 72.91 -42.69 122.77
N PHE RF 234 72.77 -42.72 124.10
CA PHE RF 234 73.46 -41.84 125.02
C PHE RF 234 74.87 -42.35 125.25
N THR RF 235 75.55 -41.80 126.25
CA THR RF 235 76.83 -42.32 126.69
C THR RF 235 76.74 -43.03 128.03
N SER RF 236 76.21 -42.36 129.05
CA SER RF 236 76.13 -42.95 130.37
C SER RF 236 74.68 -43.20 130.77
N LEU SF 113 62.29 -71.53 164.89
CA LEU SF 113 63.06 -72.52 164.16
C LEU SF 113 62.73 -72.47 162.67
N ASN SF 114 63.67 -71.95 161.88
CA ASN SF 114 63.44 -71.71 160.45
C ASN SF 114 64.65 -72.08 159.59
N ARG SF 115 65.41 -73.09 159.98
CA ARG SF 115 66.55 -73.54 159.19
C ARG SF 115 66.65 -75.05 159.32
N PHE SF 116 66.97 -75.71 158.21
CA PHE SF 116 67.10 -77.16 158.25
C PHE SF 116 68.13 -77.61 157.23
N ARG SF 117 69.14 -78.34 157.70
CA ARG SF 117 70.11 -79.01 156.85
C ARG SF 117 70.09 -80.50 157.18
N TYR SF 118 69.81 -81.32 156.18
CA TYR SF 118 69.66 -82.76 156.36
C TYR SF 118 70.86 -83.48 155.77
N GLU SF 119 71.57 -84.23 156.61
CA GLU SF 119 72.78 -84.93 156.19
C GLU SF 119 72.82 -86.29 156.86
N GLY SF 120 73.49 -87.23 156.20
CA GLY SF 120 73.83 -88.50 156.84
C GLY SF 120 72.93 -89.67 156.53
N ALA SF 121 72.50 -89.79 155.26
CA ALA SF 121 71.76 -90.94 154.72
C ALA SF 121 70.45 -91.19 155.48
N GLY SF 122 69.55 -90.22 155.36
CA GLY SF 122 68.31 -90.25 156.10
C GLY SF 122 67.09 -90.20 155.21
N VAL SF 123 65.99 -90.71 155.76
CA VAL SF 123 64.68 -90.72 155.11
C VAL SF 123 63.68 -90.05 156.04
N VAL SF 124 62.92 -89.09 155.51
CA VAL SF 124 61.96 -88.35 156.32
C VAL SF 124 60.71 -88.05 155.51
N THR SF 125 59.58 -88.00 156.21
CA THR SF 125 58.29 -87.63 155.64
C THR SF 125 57.60 -86.64 156.58
N GLY SF 126 57.11 -85.55 156.03
CA GLY SF 126 56.44 -84.53 156.83
C GLY SF 126 55.42 -83.78 156.02
N ASN SF 127 54.41 -83.25 156.70
CA ASN SF 127 53.35 -82.52 156.03
C ASN SF 127 52.66 -81.61 157.03
N ASN SF 128 51.86 -80.68 156.48
CA ASN SF 128 50.98 -79.77 157.21
C ASN SF 128 51.78 -78.87 158.16
N LEU SF 129 52.72 -78.13 157.61
CA LEU SF 129 53.52 -77.17 158.35
C LEU SF 129 53.28 -75.78 157.78
N ARG SF 130 52.95 -74.83 158.65
CA ARG SF 130 52.75 -73.43 158.27
C ARG SF 130 53.96 -72.61 158.69
N THR SF 131 54.54 -71.89 157.74
CA THR SF 131 55.72 -71.08 158.03
C THR SF 131 55.79 -69.92 157.06
N SER SF 132 56.50 -68.87 157.48
CA SER SF 132 56.71 -67.70 156.63
C SER SF 132 57.93 -67.88 155.74
N TYR SF 133 59.09 -68.07 156.34
CA TYR SF 133 60.32 -68.31 155.60
C TYR SF 133 61.19 -69.26 156.38
N LEU SF 134 61.75 -70.25 155.70
CA LEU SF 134 62.80 -71.08 156.27
C LEU SF 134 63.85 -71.35 155.20
N ASP SF 135 65.05 -71.66 155.65
CA ASP SF 135 66.16 -72.00 154.76
C ASP SF 135 66.32 -73.51 154.75
N LEU SF 136 66.48 -74.07 153.55
CA LEU SF 136 66.53 -75.51 153.36
C LEU SF 136 67.84 -75.91 152.70
N TYR SF 137 68.42 -77.02 153.17
CA TYR SF 137 69.69 -77.49 152.64
C TYR SF 137 69.73 -79.02 152.77
N LEU SF 138 69.57 -79.71 151.65
CA LEU SF 138 69.53 -81.16 151.64
C LEU SF 138 70.87 -81.73 151.20
N ALA SF 139 71.19 -82.93 151.70
CA ALA SF 139 72.44 -83.58 151.34
C ALA SF 139 72.34 -85.07 151.63
N ASN SF 140 73.29 -85.81 151.04
CA ASN SF 140 73.65 -87.18 151.44
C ASN SF 140 72.50 -88.16 151.25
N GLU SF 141 71.85 -88.09 150.07
CA GLU SF 141 70.72 -88.93 149.69
C GLU SF 141 69.59 -88.80 150.71
N GLY SF 142 69.05 -87.59 150.80
CA GLY SF 142 67.99 -87.33 151.74
C GLY SF 142 66.64 -87.67 151.14
N THR SF 143 66.12 -88.85 151.45
CA THR SF 143 64.86 -89.30 150.86
C THR SF 143 63.74 -88.57 151.59
N THR SF 144 63.34 -87.43 151.04
CA THR SF 144 62.55 -86.44 151.76
C THR SF 144 61.22 -86.23 151.08
N ARG SF 145 60.14 -86.30 151.86
CA ARG SF 145 58.79 -85.96 151.41
C ARG SF 145 58.25 -84.82 152.26
N LEU SF 146 57.74 -83.78 151.61
CA LEU SF 146 57.01 -82.71 152.25
C LEU SF 146 55.68 -82.52 151.54
N ALA SF 147 54.60 -82.44 152.31
CA ALA SF 147 53.27 -82.20 151.76
C ALA SF 147 52.54 -81.13 152.58
N GLY SF 148 53.20 -80.00 152.82
CA GLY SF 148 52.62 -78.95 153.61
C GLY SF 148 52.61 -77.63 152.87
N ASN SF 149 51.74 -76.73 153.32
CA ASN SF 149 51.60 -75.39 152.78
C ASN SF 149 52.72 -74.53 153.37
N ILE SF 150 53.87 -74.54 152.70
CA ILE SF 150 55.13 -74.10 153.27
C ILE SF 150 55.60 -72.86 152.51
N GLY SF 151 55.93 -71.81 153.25
CA GLY SF 151 56.55 -70.63 152.68
C GLY SF 151 58.03 -70.61 152.94
N LEU SF 152 58.81 -70.50 151.86
CA LEU SF 152 60.26 -70.39 151.98
C LEU SF 152 60.80 -69.70 150.75
N GLN SF 153 62.01 -69.16 150.89
CA GLN SF 153 62.69 -68.48 149.79
C GLN SF 153 63.99 -69.17 149.38
N LYS SF 154 64.68 -69.83 150.29
CA LYS SF 154 66.00 -70.38 150.03
C LYS SF 154 65.98 -71.89 150.17
N LEU SF 155 66.26 -72.60 149.09
CA LEU SF 155 66.46 -74.04 149.11
C LEU SF 155 67.72 -74.38 148.32
N GLU SF 156 68.58 -75.20 148.91
CA GLU SF 156 69.79 -75.70 148.26
C GLU SF 156 69.90 -77.19 148.49
N ALA SF 157 70.46 -77.89 147.50
CA ALA SF 157 70.70 -79.32 147.62
C ALA SF 157 72.08 -79.65 147.11
N VAL SF 158 72.74 -80.59 147.79
CA VAL SF 158 74.06 -81.05 147.35
C VAL SF 158 73.96 -81.77 146.02
N GLY SF 159 73.02 -82.69 145.90
CA GLY SF 159 72.79 -83.42 144.68
C GLY SF 159 72.77 -84.91 144.89
N ASN SF 160 72.47 -85.62 143.80
CA ASN SF 160 72.35 -87.09 143.75
C ASN SF 160 71.34 -87.59 144.77
N GLY SF 161 70.21 -86.89 144.87
CA GLY SF 161 69.18 -87.25 145.81
C GLY SF 161 67.80 -87.13 145.18
N VAL SF 162 66.81 -87.55 145.94
CA VAL SF 162 65.41 -87.50 145.52
C VAL SF 162 64.64 -86.68 146.54
N THR SF 163 63.88 -85.70 146.06
CA THR SF 163 63.15 -84.79 146.94
C THR SF 163 61.75 -84.58 146.37
N GLN SF 164 60.75 -84.75 147.21
CA GLN SF 164 59.37 -84.44 146.83
C GLN SF 164 58.86 -83.36 147.76
N ILE SF 165 58.46 -82.23 147.21
CA ILE SF 165 57.84 -81.15 147.95
C ILE SF 165 56.55 -80.78 147.23
N ASN SF 166 55.44 -80.78 147.96
CA ASN SF 166 54.12 -80.54 147.37
C ASN SF 166 53.63 -79.17 147.83
N GLY SF 167 54.03 -78.13 147.11
CA GLY SF 167 53.43 -76.82 147.27
C GLY SF 167 54.20 -75.84 148.13
N VAL SF 168 54.92 -74.93 147.49
CA VAL SF 168 55.61 -73.83 148.18
C VAL SF 168 55.31 -72.54 147.41
N SER SF 169 54.76 -71.56 148.11
CA SER SF 169 54.49 -70.24 147.54
C SER SF 169 55.42 -69.23 148.18
N SER SF 170 55.88 -68.27 147.39
CA SER SF 170 56.82 -67.27 147.89
C SER SF 170 56.77 -66.04 147.01
N ARG SF 171 57.43 -64.99 147.48
CA ARG SF 171 57.65 -63.80 146.67
C ARG SF 171 58.91 -63.91 145.82
N ASN SF 172 59.82 -64.82 146.17
CA ASN SF 172 61.08 -64.96 145.46
C ASN SF 172 61.63 -66.35 145.77
N LEU SF 173 62.65 -66.73 145.00
CA LEU SF 173 63.36 -67.99 145.18
C LEU SF 173 64.70 -67.86 144.47
N GLN SF 174 65.73 -68.49 145.04
CA GLN SF 174 67.01 -68.63 144.33
C GLN SF 174 67.62 -69.97 144.70
N ILE SF 175 67.83 -70.81 143.70
CA ILE SF 175 68.30 -72.18 143.87
C ILE SF 175 69.41 -72.44 142.86
N VAL SF 176 70.53 -72.99 143.32
CA VAL SF 176 71.65 -73.37 142.48
C VAL SF 176 72.12 -74.76 142.89
N LEU SF 177 72.26 -75.65 141.91
CA LEU SF 177 72.64 -77.04 142.16
C LEU SF 177 74.06 -77.32 141.69
N LYS SF 178 74.65 -78.35 142.28
CA LYS SF 178 76.00 -78.77 141.93
C LYS SF 178 76.06 -80.25 141.61
N GLY SF 179 75.25 -81.06 142.29
CA GLY SF 179 75.15 -82.47 142.01
C GLY SF 179 74.07 -82.77 140.99
N ASP SF 180 73.56 -84.00 141.02
CA ASP SF 180 72.58 -84.45 140.03
C ASP SF 180 71.36 -85.00 140.76
N PRO SF 181 70.53 -84.12 141.33
CA PRO SF 181 69.40 -84.60 142.13
C PRO SF 181 68.15 -84.85 141.31
N LYS SF 182 67.06 -85.21 141.99
CA LYS SF 182 65.76 -85.41 141.36
C LYS SF 182 64.72 -84.65 142.18
N VAL SF 183 64.11 -83.64 141.58
CA VAL SF 183 63.26 -82.71 142.31
C VAL SF 183 62.05 -82.37 141.46
N LEU SF 184 60.89 -82.22 142.13
CA LEU SF 184 59.74 -81.58 141.52
C LEU SF 184 58.94 -80.91 142.63
N ILE SF 185 58.59 -79.64 142.43
CA ILE SF 185 57.90 -78.85 143.42
C ILE SF 185 56.62 -78.30 142.81
N SER SF 186 55.61 -78.10 143.65
CA SER SF 186 54.36 -77.49 143.24
C SER SF 186 54.24 -76.11 143.85
N GLY SF 187 53.16 -75.41 143.49
CA GLY SF 187 52.84 -74.13 144.06
C GLY SF 187 52.99 -73.01 143.04
N PHE SF 188 53.29 -71.81 143.55
CA PHE SF 188 53.40 -70.60 142.74
C PHE SF 188 54.68 -69.88 143.14
N VAL SF 189 55.68 -69.91 142.26
CA VAL SF 189 57.02 -69.44 142.57
C VAL SF 189 57.39 -68.30 141.63
N ASN SF 190 57.89 -67.20 142.21
CA ASN SF 190 58.40 -66.06 141.45
C ASN SF 190 59.91 -66.21 141.31
N LEU SF 191 60.32 -67.03 140.35
CA LEU SF 191 61.73 -67.33 140.19
C LEU SF 191 62.45 -66.23 139.43
N ARG SF 192 63.76 -66.14 139.63
CA ARG SF 192 64.58 -65.15 138.94
C ARG SF 192 65.70 -65.75 138.12
N GLN SF 193 66.52 -66.62 138.72
CA GLN SF 193 67.80 -66.98 138.15
C GLN SF 193 68.10 -68.45 138.39
N LEU SF 194 68.47 -69.17 137.33
CA LEU SF 194 68.87 -70.58 137.45
C LEU SF 194 70.16 -70.83 136.70
N ASP SF 195 71.06 -71.58 137.35
CA ASP SF 195 72.33 -71.99 136.76
C ASP SF 195 72.51 -73.49 136.99
N MET SF 196 72.79 -74.22 135.91
CA MET SF 196 72.92 -75.67 135.99
C MET SF 196 74.26 -76.10 135.41
N TYR SF 197 74.98 -76.95 136.17
CA TYR SF 197 76.35 -77.31 135.83
C TYR SF 197 76.66 -78.81 135.92
N GLY SF 198 75.74 -79.64 136.40
CA GLY SF 198 76.04 -81.04 136.55
C GLY SF 198 75.28 -81.94 135.60
N LYS SF 199 74.50 -82.85 136.18
CA LYS SF 199 73.56 -83.70 135.46
C LYS SF 199 72.17 -83.53 136.07
N GLY SF 200 71.75 -82.27 136.16
CA GLY SF 200 70.56 -81.95 136.92
C GLY SF 200 69.27 -82.30 136.20
N THR SF 201 68.28 -82.70 136.99
CA THR SF 201 66.93 -82.97 136.51
C THR SF 201 65.95 -82.18 137.37
N LEU SF 202 65.05 -81.43 136.73
CA LEU SF 202 64.17 -80.55 137.47
C LEU SF 202 62.89 -80.32 136.69
N SER SF 203 61.78 -80.17 137.41
CA SER SF 203 60.49 -79.87 136.81
C SER SF 203 59.65 -79.10 137.81
N LEU SF 204 58.86 -78.14 137.32
CA LEU SF 204 58.02 -77.34 138.18
C LEU SF 204 56.62 -77.21 137.58
N TYR SF 205 55.62 -77.09 138.47
CA TYR SF 205 54.24 -77.08 138.03
C TYR SF 205 53.80 -75.72 137.51
N TRP SF 206 53.82 -74.71 138.37
CA TRP SF 206 53.41 -73.37 137.98
C TRP SF 206 54.46 -72.38 138.47
N ILE SF 207 54.71 -71.36 137.67
CA ILE SF 207 55.62 -70.28 138.03
C ILE SF 207 54.94 -68.97 137.68
N LYS SF 208 55.04 -67.99 138.58
CA LYS SF 208 54.43 -66.68 138.39
C LYS SF 208 55.51 -65.63 138.62
N SER SF 209 56.25 -65.32 137.56
CA SER SF 209 57.26 -64.28 137.62
C SER SF 209 57.13 -63.40 136.39
N ASP SF 210 58.10 -62.52 136.17
CA ASP SF 210 58.07 -61.67 134.99
C ASP SF 210 59.38 -61.78 134.23
N THR SF 211 60.46 -62.10 134.92
CA THR SF 211 61.79 -62.13 134.32
C THR SF 211 62.52 -63.38 134.77
N LEU SF 212 62.96 -64.18 133.81
CA LEU SF 212 63.74 -65.38 134.12
C LEU SF 212 65.05 -65.36 133.36
N THR SF 213 66.10 -65.82 134.02
CA THR SF 213 67.43 -65.90 133.42
C THR SF 213 67.99 -67.29 133.68
N ILE SF 214 68.14 -68.09 132.62
CA ILE SF 214 68.50 -69.49 132.74
C ILE SF 214 69.81 -69.72 131.99
N ARG SF 215 70.78 -70.32 132.67
CA ARG SF 215 72.04 -70.72 132.07
C ARG SF 215 72.24 -72.21 132.32
N ALA SF 216 72.34 -72.99 131.24
CA ALA SF 216 72.57 -74.42 131.35
C ALA SF 216 73.88 -74.78 130.67
N LYS SF 217 74.72 -75.56 131.37
CA LYS SF 217 76.10 -75.76 130.96
C LYS SF 217 76.39 -77.16 130.47
N LYS SF 218 76.20 -78.19 131.31
CA LYS SF 218 76.80 -79.49 131.06
C LYS SF 218 75.79 -80.56 130.68
N ALA SF 219 74.83 -80.84 131.56
CA ALA SF 219 73.83 -81.88 131.31
C ALA SF 219 72.63 -81.57 132.19
N ALA SF 220 71.55 -81.11 131.59
CA ALA SF 220 70.41 -80.66 132.37
C ALA SF 220 69.14 -80.99 131.64
N LYS SF 221 68.12 -81.37 132.42
CA LYS SF 221 66.78 -81.59 131.90
C LYS SF 221 65.84 -80.75 132.76
N ILE SF 222 65.08 -79.87 132.12
CA ILE SF 222 64.18 -78.97 132.82
C ILE SF 222 62.81 -79.08 132.17
N GLN SF 223 61.78 -79.29 132.98
CA GLN SF 223 60.40 -79.32 132.51
C GLN SF 223 59.64 -78.21 133.21
N LEU SF 224 59.35 -77.12 132.50
CA LEU SF 224 58.73 -75.95 133.10
C LEU SF 224 57.50 -75.54 132.31
N ALA SF 225 56.52 -74.99 133.03
CA ALA SF 225 55.30 -74.49 132.43
C ALA SF 225 54.73 -73.41 133.33
N GLY SF 226 54.36 -72.27 132.75
CA GLY SF 226 53.85 -71.18 133.56
C GLY SF 226 53.72 -69.90 132.74
N ILE SF 227 53.51 -68.81 133.47
CA ILE SF 227 53.25 -67.49 132.88
C ILE SF 227 54.33 -66.54 133.38
N VAL SF 228 55.27 -66.19 132.51
CA VAL SF 228 56.34 -65.26 132.83
C VAL SF 228 56.49 -64.32 131.64
N ASN SF 229 56.61 -63.01 131.91
CA ASN SF 229 56.64 -62.03 130.83
C ASN SF 229 57.90 -62.10 130.00
N ARG SF 230 59.07 -62.22 130.63
CA ARG SF 230 60.32 -62.10 129.91
C ARG SF 230 61.22 -63.31 130.19
N LEU SF 231 61.75 -63.90 129.13
CA LEU SF 231 62.59 -65.09 129.22
C LEU SF 231 63.93 -64.85 128.56
N ASP SF 232 65.01 -65.18 129.27
CA ASP SF 232 66.34 -65.21 128.69
C ASP SF 232 66.92 -66.59 128.93
N VAL SF 233 67.25 -67.30 127.85
CA VAL SF 233 67.69 -68.69 127.92
C VAL SF 233 69.01 -68.82 127.17
N GLU SF 234 70.03 -69.33 127.86
CA GLU SF 234 71.29 -69.70 127.23
C GLU SF 234 71.56 -71.18 127.51
N LEU SF 235 71.76 -71.94 126.43
CA LEU SF 235 72.06 -73.35 126.54
C LEU SF 235 73.41 -73.61 125.89
N TRP SF 236 74.29 -74.33 126.60
CA TRP SF 236 75.62 -74.60 126.07
C TRP SF 236 75.71 -75.96 125.39
N ASP SF 237 75.51 -77.06 126.12
CA ASP SF 237 75.63 -78.37 125.51
C ASP SF 237 74.85 -79.39 126.33
N PHE SF 238 74.20 -80.33 125.62
CA PHE SF 238 73.47 -81.46 126.21
C PHE SF 238 72.38 -81.02 127.17
N ALA SF 239 71.76 -79.89 126.88
CA ALA SF 239 70.74 -79.30 127.74
C ALA SF 239 69.40 -79.42 127.05
N GLN SF 240 68.44 -80.02 127.73
CA GLN SF 240 67.09 -80.19 127.23
C GLN SF 240 66.16 -79.31 128.07
N PHE SF 241 65.57 -78.32 127.42
CA PHE SF 241 64.70 -77.36 128.09
C PHE SF 241 63.31 -77.48 127.52
N LYS SF 242 62.38 -77.99 128.33
CA LYS SF 242 60.99 -78.20 127.92
C LYS SF 242 60.17 -77.03 128.45
N GLY SF 243 60.11 -75.94 127.67
CA GLY SF 243 59.19 -74.87 127.96
C GLY SF 243 57.88 -75.06 127.23
N LYS SF 244 57.36 -76.28 127.29
CA LYS SF 244 56.00 -76.53 126.89
C LYS SF 244 55.05 -75.91 127.92
N TYR SF 245 53.96 -75.33 127.42
CA TYR SF 245 52.97 -74.59 128.20
C TYR SF 245 53.60 -73.47 129.04
N LEU SF 246 54.63 -72.85 128.49
CA LEU SF 246 55.31 -71.72 129.13
C LEU SF 246 55.04 -70.50 128.27
N ARG SF 247 53.92 -69.84 128.53
CA ARG SF 247 53.51 -68.70 127.72
C ARG SF 247 54.32 -67.47 128.11
N ALA SF 248 54.85 -66.78 127.12
CA ALA SF 248 55.72 -65.64 127.37
C ALA SF 248 55.60 -64.65 126.23
N GLN SF 249 55.53 -63.37 126.57
CA GLN SF 249 55.49 -62.34 125.54
C GLN SF 249 56.86 -62.15 124.91
N ARG SF 250 57.91 -62.15 125.71
CA ARG SF 250 59.26 -61.86 125.26
C ARG SF 250 60.15 -63.07 125.49
N SER SF 251 60.80 -63.53 124.43
CA SER SF 251 61.69 -64.67 124.55
C SER SF 251 63.00 -64.38 123.82
N PHE SF 252 64.11 -64.64 124.51
CA PHE SF 252 65.44 -64.60 123.90
C PHE SF 252 66.09 -65.95 124.12
N VAL SF 253 66.49 -66.60 123.04
CA VAL SF 253 67.02 -67.96 123.09
C VAL SF 253 68.34 -68.00 122.35
N LYS SF 254 69.41 -68.40 123.05
CA LYS SF 254 70.71 -68.61 122.44
C LYS SF 254 71.17 -70.02 122.71
N THR SF 255 71.50 -70.75 121.63
CA THR SF 255 71.81 -72.17 121.71
C THR SF 255 73.17 -72.45 121.09
N HIS SF 256 74.05 -73.05 121.88
CA HIS SF 256 75.35 -73.50 121.43
C HIS SF 256 75.25 -74.96 120.99
N ASP SF 257 76.39 -75.63 120.83
CA ASP SF 257 76.45 -76.95 120.21
C ASP SF 257 75.78 -78.02 121.06
N LYS SF 258 74.92 -78.81 120.43
CA LYS SF 258 74.17 -79.91 121.03
C LYS SF 258 73.29 -79.41 122.20
N SER SF 259 72.32 -78.60 121.83
CA SER SF 259 71.38 -78.03 122.78
C SER SF 259 69.98 -78.13 122.20
N VAL SF 260 69.02 -78.60 123.01
CA VAL SF 260 67.67 -78.89 122.55
C VAL SF 260 66.69 -78.14 123.43
N ALA SF 261 65.83 -77.32 122.80
CA ALA SF 261 64.84 -76.58 123.55
C ALA SF 261 63.50 -76.62 122.82
N GLU SF 262 62.42 -76.72 123.60
CA GLU SF 262 61.08 -76.50 123.11
C GLU SF 262 60.49 -75.31 123.84
N ILE SF 263 59.69 -74.53 123.11
CA ILE SF 263 59.25 -73.19 123.49
C ILE SF 263 57.73 -73.13 123.40
N SER SF 264 57.12 -72.32 124.26
CA SER SF 264 55.74 -71.92 124.06
C SER SF 264 55.58 -70.40 124.00
N ALA SF 265 56.39 -69.73 123.18
CA ALA SF 265 56.37 -68.28 123.09
C ALA SF 265 55.07 -67.78 122.45
N VAL SF 266 54.75 -66.52 122.72
CA VAL SF 266 53.45 -65.95 122.33
C VAL SF 266 53.62 -64.74 121.43
N ASN SF 267 54.36 -63.73 121.88
CA ASN SF 267 54.33 -62.43 121.23
C ASN SF 267 55.60 -62.10 120.48
N HIS SF 268 56.75 -62.10 121.16
CA HIS SF 268 57.99 -61.67 120.54
C HIS SF 268 59.07 -62.72 120.75
N GLN SF 269 59.68 -63.17 119.65
CA GLN SF 269 60.63 -64.27 119.70
C GLN SF 269 61.94 -63.89 119.00
N SER SF 270 63.03 -63.97 119.76
CA SER SF 270 64.39 -63.84 119.25
C SER SF 270 65.07 -65.19 119.41
N SER SF 271 65.48 -65.79 118.29
CA SER SF 271 65.99 -67.15 118.29
C SER SF 271 67.33 -67.21 117.59
N LEU SF 272 68.31 -67.83 118.23
CA LEU SF 272 69.64 -67.92 117.65
C LEU SF 272 70.28 -69.25 118.01
N ALA SF 273 70.77 -69.95 117.00
CA ALA SF 273 71.46 -71.22 117.19
C ALA SF 273 72.72 -71.25 116.35
N THR SF 274 73.80 -71.81 116.89
CA THR SF 274 74.99 -71.86 116.03
C THR SF 274 75.09 -73.18 115.26
N ASP SF 275 75.20 -74.30 115.96
CA ASP SF 275 75.43 -75.56 115.30
C ASP SF 275 74.88 -76.67 116.17
N ALA SF 276 74.36 -77.73 115.52
CA ALA SF 276 73.84 -78.94 116.16
C ALA SF 276 72.77 -78.64 117.20
N SER SF 277 72.02 -77.56 116.99
CA SER SF 277 71.11 -77.04 118.00
C SER SF 277 69.71 -77.05 117.45
N ASP SF 278 68.76 -77.47 118.28
CA ASP SF 278 67.39 -77.68 117.86
C ASP SF 278 66.43 -76.86 118.69
N ILE SF 279 65.55 -76.12 118.01
CA ILE SF 279 64.56 -75.25 118.62
C ILE SF 279 63.20 -75.67 118.11
N TYR SF 280 62.27 -75.90 119.04
CA TYR SF 280 60.95 -76.42 118.72
C TYR SF 280 59.90 -75.58 119.43
N TYR SF 281 59.39 -74.55 118.76
CA TYR SF 281 58.29 -73.79 119.32
C TYR SF 281 56.98 -74.48 118.96
N TYR SF 282 56.07 -74.54 119.92
CA TYR SF 282 54.78 -75.16 119.68
C TYR SF 282 53.72 -74.17 119.23
N ASN SF 283 53.91 -72.89 119.47
CA ASN SF 283 52.93 -71.88 119.09
C ASN SF 283 53.60 -70.83 118.22
N LEU SF 284 52.89 -70.43 117.17
CA LEU SF 284 53.36 -69.33 116.35
C LEU SF 284 53.26 -68.02 117.12
N SER SF 285 54.09 -67.07 116.73
CA SER SF 285 54.18 -65.80 117.42
C SER SF 285 53.78 -64.67 116.49
N LYS SF 286 53.39 -63.54 117.08
CA LYS SF 286 53.08 -62.37 116.29
C LYS SF 286 54.34 -61.78 115.67
N THR SF 287 55.47 -61.90 116.33
CA THR SF 287 56.73 -61.36 115.84
C THR SF 287 57.83 -62.39 116.07
N ARG SF 288 58.45 -62.84 114.98
CA ARG SF 288 59.40 -63.93 115.03
C ARG SF 288 60.64 -63.57 114.25
N ALA SF 289 61.81 -63.78 114.84
CA ALA SF 289 63.05 -63.66 114.08
C ALA SF 289 64.05 -64.70 114.57
N ASP SF 290 64.57 -65.48 113.63
CA ASP SF 290 65.39 -66.65 113.93
C ASP SF 290 66.65 -66.64 113.08
N PHE SF 291 67.72 -67.21 113.62
CA PHE SF 291 68.97 -67.30 112.88
C PHE SF 291 69.73 -68.56 113.25
N MET SF 292 70.34 -69.17 112.23
CA MET SF 292 71.23 -70.31 112.39
C MET SF 292 72.58 -69.97 111.78
N ALA SF 293 73.66 -70.35 112.48
CA ALA SF 293 75.01 -70.01 112.02
C ALA SF 293 75.64 -71.13 111.19
N PHE SF 294 75.79 -72.32 111.76
CA PHE SF 294 76.40 -73.43 111.04
C PHE SF 294 75.40 -74.53 110.75
N ASN SF 295 74.79 -75.10 111.79
CA ASN SF 295 73.90 -76.25 111.63
C ASN SF 295 72.61 -76.09 112.43
N GLY SF 296 72.32 -74.89 112.93
CA GLY SF 296 71.19 -74.71 113.82
C GLY SF 296 69.86 -74.87 113.09
N SER SF 297 68.82 -75.16 113.86
CA SER SF 297 67.53 -75.44 113.27
C SER SF 297 66.42 -74.97 114.19
N VAL SF 298 65.45 -74.27 113.62
CA VAL SF 298 64.22 -73.87 114.30
C VAL SF 298 63.06 -74.41 113.48
N LEU SF 299 62.14 -75.11 114.14
CA LEU SF 299 61.11 -75.84 113.42
C LEU SF 299 59.74 -75.47 113.95
N ASP SF 300 58.76 -75.49 113.03
CA ASP SF 300 57.39 -75.14 113.39
C ASP SF 300 56.75 -76.19 114.27
N MET SF 301 56.98 -77.47 113.97
CA MET SF 301 56.62 -78.69 114.72
C MET SF 301 55.21 -78.70 115.35
N ARG SF 302 54.23 -78.13 114.67
CA ARG SF 302 52.86 -78.22 115.13
C ARG SF 302 52.18 -79.46 114.55
N GLU SF 303 51.05 -79.83 115.14
CA GLU SF 303 50.43 -81.11 114.86
C GLU SF 303 49.64 -81.14 113.55
N TRP SF 304 49.42 -79.99 112.91
CA TRP SF 304 48.82 -79.86 111.57
C TRP SF 304 47.40 -80.39 111.47
N GLY SF 305 46.72 -80.62 112.58
CA GLY SF 305 45.47 -81.35 112.47
C GLY SF 305 44.31 -80.76 113.24
N GLN SF 306 44.59 -79.80 114.09
CA GLN SF 306 43.55 -79.21 114.92
C GLN SF 306 42.62 -78.34 114.08
N SER SF 307 41.41 -78.15 114.58
CA SER SF 307 40.44 -77.33 113.88
C SER SF 307 40.77 -75.85 113.95
N ASP SF 308 41.48 -75.42 114.99
CA ASP SF 308 41.71 -74.00 115.24
C ASP SF 308 43.12 -73.57 114.89
N LEU SF 309 43.75 -74.25 113.95
CA LEU SF 309 45.06 -73.82 113.47
C LEU SF 309 44.92 -72.58 112.61
N LYS SF 310 45.88 -71.67 112.72
CA LYS SF 310 45.92 -70.47 111.91
C LYS SF 310 47.22 -70.43 111.10
N ASP SF 311 47.32 -69.46 110.22
CA ASP SF 311 48.40 -69.36 109.26
C ASP SF 311 49.17 -68.06 109.46
N PHE SF 312 50.20 -67.87 108.63
CA PHE SF 312 51.03 -66.67 108.67
C PHE SF 312 50.25 -65.46 108.16
N ASP SF 313 50.77 -64.28 108.48
CA ASP SF 313 50.21 -63.04 108.00
C ASP SF 313 51.30 -62.18 107.38
N ARG SF 314 50.97 -60.92 107.08
CA ARG SF 314 51.91 -60.03 106.42
C ARG SF 314 53.09 -59.65 107.30
N TYR SF 315 52.97 -59.81 108.60
CA TYR SF 315 54.05 -59.49 109.52
C TYR SF 315 54.82 -60.72 109.97
N ASN SF 316 54.14 -61.85 110.12
CA ASN SF 316 54.74 -63.03 110.73
C ASN SF 316 55.33 -63.98 109.71
N LYS SF 317 55.36 -63.61 108.43
CA LYS SF 317 55.80 -64.51 107.37
C LYS SF 317 57.31 -64.44 107.17
N GLN SF 318 58.05 -64.60 108.26
CA GLN SF 318 59.49 -64.71 108.17
C GLN SF 318 59.83 -66.08 107.61
N PHE SF 319 60.78 -66.10 106.68
CA PHE SF 319 61.18 -67.35 106.05
C PHE SF 319 62.53 -67.79 106.59
N PRO SF 320 62.59 -68.89 107.36
CA PRO SF 320 63.86 -69.46 107.77
C PRO SF 320 64.51 -70.23 106.64
N ASP TF 39 67.12 -68.38 61.28
CA ASP TF 39 68.10 -69.46 61.32
C ASP TF 39 67.41 -70.80 61.47
N GLY TF 40 68.18 -71.81 61.90
CA GLY TF 40 67.63 -73.12 62.15
C GLY TF 40 66.80 -73.17 63.41
N CYS TF 41 65.51 -73.40 63.27
CA CYS TF 41 64.64 -73.49 64.44
C CYS TF 41 64.90 -74.77 65.22
N CYS TF 42 65.03 -75.90 64.53
CA CYS TF 42 65.42 -77.15 65.19
C CYS TF 42 66.93 -77.33 65.17
N SER TF 43 67.66 -76.30 65.59
CA SER TF 43 69.11 -76.36 65.62
C SER TF 43 69.57 -77.26 66.76
N LYS TF 44 70.72 -77.92 66.56
CA LYS TF 44 71.29 -78.93 67.45
C LYS TF 44 70.31 -80.05 67.73
N MET TF 45 69.48 -80.38 66.74
CA MET TF 45 68.44 -81.38 66.88
C MET TF 45 68.43 -82.19 65.60
N GLY TF 46 67.37 -82.98 65.41
CA GLY TF 46 67.26 -83.76 64.20
C GLY TF 46 66.94 -82.93 62.98
N GLY TF 47 66.33 -81.77 63.17
CA GLY TF 47 65.98 -80.88 62.09
C GLY TF 47 64.48 -80.75 61.94
N ILE TF 48 64.10 -79.94 60.95
CA ILE TF 48 62.69 -79.66 60.70
C ILE TF 48 62.04 -80.89 60.09
N ASN TF 49 61.05 -81.46 60.78
CA ASN TF 49 60.31 -82.59 60.24
C ASN TF 49 59.02 -82.14 59.57
N TYR TF 50 58.10 -81.55 60.33
CA TYR TF 50 56.82 -81.09 59.82
C TYR TF 50 56.20 -80.16 60.85
N CYS TF 51 55.16 -79.45 60.42
CA CYS TF 51 54.45 -78.49 61.26
C CYS TF 51 53.12 -79.08 61.70
N ASP TF 52 52.90 -79.10 63.01
CA ASP TF 52 51.58 -79.40 63.55
C ASP TF 52 50.75 -78.13 63.53
N SER TF 53 49.65 -78.15 62.80
CA SER TF 53 48.76 -77.02 62.73
C SER TF 53 47.72 -77.00 63.83
N SER TF 54 47.51 -78.13 64.52
CA SER TF 54 46.59 -78.11 65.66
C SER TF 54 47.21 -77.40 66.84
N ALA TF 55 48.53 -77.40 66.93
CA ALA TF 55 49.24 -76.63 67.93
C ALA TF 55 50.03 -75.48 67.34
N GLY TF 56 50.11 -75.38 66.02
CA GLY TF 56 50.79 -74.27 65.38
C GLY TF 56 52.28 -74.26 65.54
N ARG TF 57 52.89 -75.41 65.79
CA ARG TF 57 54.31 -75.47 66.13
C ARG TF 57 55.01 -76.47 65.24
N LEU TF 58 56.27 -76.19 64.94
CA LEU TF 58 57.09 -77.15 64.23
C LEU TF 58 57.49 -78.27 65.17
N VAL TF 59 57.76 -79.44 64.60
CA VAL TF 59 58.19 -80.61 65.36
C VAL TF 59 59.54 -81.04 64.84
N CYS TF 60 60.51 -81.14 65.74
CA CYS TF 60 61.83 -81.59 65.33
C CYS TF 60 61.82 -83.11 65.13
N ASN TF 61 62.89 -83.63 64.52
CA ASN TF 61 62.96 -85.06 64.24
C ASN TF 61 63.11 -85.85 65.53
N ASN TF 62 63.87 -85.34 66.48
CA ASN TF 62 63.69 -85.77 67.85
C ASN TF 62 62.35 -85.24 68.34
N GLY TF 63 61.56 -86.10 68.97
CA GLY TF 63 60.16 -85.81 69.19
C GLY TF 63 59.87 -84.76 70.24
N PHE TF 64 60.24 -83.51 69.94
CA PHE TF 64 60.03 -82.41 70.85
C PHE TF 64 59.38 -81.26 70.11
N TYR TF 65 58.52 -80.53 70.82
CA TYR TF 65 57.92 -79.35 70.24
C TYR TF 65 58.95 -78.25 70.12
N SER TF 66 59.02 -77.64 68.94
CA SER TF 66 60.01 -76.62 68.70
C SER TF 66 59.62 -75.31 69.37
N THR TF 67 60.52 -74.35 69.27
CA THR TF 67 60.30 -73.02 69.80
C THR TF 67 59.92 -72.02 68.72
N CYS TF 68 59.68 -72.48 67.50
CA CYS TF 68 59.17 -71.63 66.43
C CYS TF 68 57.75 -72.04 66.10
N TYR TF 69 56.94 -71.06 65.71
CA TYR TF 69 55.61 -71.34 65.22
C TYR TF 69 55.62 -71.49 63.70
N CYS TF 70 54.60 -72.15 63.18
CA CYS TF 70 54.41 -72.24 61.74
C CYS TF 70 53.13 -71.57 61.28
N THR TF 71 52.02 -71.82 61.96
CA THR TF 71 50.74 -71.26 61.56
C THR TF 71 50.45 -70.01 62.37
N ARG TF 72 49.53 -69.20 61.85
CA ARG TF 72 49.11 -67.99 62.55
C ARG TF 72 48.31 -68.32 63.80
N HIS TF 73 47.50 -69.37 63.75
CA HIS TF 73 46.55 -69.64 64.81
C HIS TF 73 47.19 -70.52 65.90
N ALA TF 74 48.13 -69.91 66.60
CA ALA TF 74 48.81 -70.56 67.70
C ALA TF 74 48.68 -69.66 68.93
N VAL TF 75 49.46 -69.97 69.97
CA VAL TF 75 49.41 -69.23 71.21
C VAL TF 75 50.49 -68.15 71.17
N MET TF 76 50.09 -66.91 70.92
CA MET TF 76 51.01 -65.79 71.00
C MET TF 76 50.92 -65.13 72.36
N ASP TF 77 51.98 -64.41 72.71
CA ASP TF 77 52.00 -63.56 73.90
C ASP TF 77 52.59 -62.22 73.49
N LEU TF 78 51.72 -61.32 73.03
CA LEU TF 78 52.09 -59.99 72.60
C LEU TF 78 51.21 -58.98 73.31
N GLN TF 79 51.80 -57.90 73.80
CA GLN TF 79 51.06 -56.89 74.55
C GLN TF 79 51.09 -55.51 73.92
N PHE TF 80 52.03 -55.25 73.03
CA PHE TF 80 52.12 -53.96 72.35
C PHE TF 80 51.32 -54.03 71.06
N LEU TF 81 50.47 -53.04 70.82
CA LEU TF 81 49.62 -53.02 69.65
C LEU TF 81 49.65 -51.64 69.01
N MET TF 82 49.50 -51.62 67.68
CA MET TF 82 49.55 -50.41 66.89
C MET TF 82 48.15 -49.85 66.68
N GLY TF 83 48.03 -48.90 65.77
CA GLY TF 83 46.73 -48.38 65.37
C GLY TF 83 46.20 -47.35 66.34
N CYS TF 84 45.04 -46.80 65.97
CA CYS TF 84 44.37 -45.82 66.82
C CYS TF 84 42.88 -46.03 66.70
N CYS TF 85 42.12 -45.16 67.38
CA CYS TF 85 40.69 -45.35 67.68
C CYS TF 85 40.45 -46.69 68.35
N LEU TF 86 41.36 -47.04 69.26
CA LEU TF 86 41.34 -48.33 69.92
C LEU TF 86 40.42 -48.30 71.12
N TRP TF 87 39.86 -49.47 71.44
CA TRP TF 87 38.77 -49.64 72.40
C TRP TF 87 37.61 -48.71 72.08
N HIS TF 88 37.33 -48.58 70.79
CA HIS TF 88 36.35 -47.63 70.29
C HIS TF 88 35.72 -48.24 69.04
N GLY TF 89 35.09 -47.42 68.23
CA GLY TF 89 34.48 -47.88 66.99
C GLY TF 89 35.44 -48.15 65.85
N GLY TF 90 36.75 -48.07 66.08
CA GLY TF 90 37.70 -48.23 65.01
C GLY TF 90 37.79 -46.96 64.20
N VAL TF 91 38.55 -47.04 63.11
CA VAL TF 91 38.72 -45.87 62.25
C VAL TF 91 37.45 -45.65 61.44
N TYR TF 92 36.94 -44.42 61.49
CA TYR TF 92 35.81 -44.06 60.65
C TYR TF 92 36.25 -44.04 59.20
N PRO TF 93 35.53 -44.71 58.29
CA PRO TF 93 36.08 -44.96 56.95
C PRO TF 93 36.05 -43.78 56.01
N GLN TF 94 35.36 -42.70 56.35
CA GLN TF 94 35.20 -41.59 55.43
C GLN TF 94 36.48 -40.75 55.38
N LEU TF 95 36.94 -40.45 54.17
CA LEU TF 95 38.07 -39.55 53.99
C LEU TF 95 37.60 -38.13 54.28
N ASN TF 96 37.78 -37.67 55.51
CA ASN TF 96 37.40 -36.31 55.86
C ASN TF 96 38.40 -35.31 55.29
N SER TF 97 37.90 -34.11 55.00
CA SER TF 97 38.78 -33.03 54.55
C SER TF 97 39.64 -32.53 55.71
N SER TF 98 39.06 -32.40 56.89
CA SER TF 98 39.79 -31.91 58.05
C SER TF 98 40.74 -32.98 58.57
N GLY TF 99 41.78 -32.53 59.26
CA GLY TF 99 42.77 -33.44 59.81
C GLY TF 99 42.33 -34.17 61.06
N LEU TF 100 41.22 -33.77 61.64
CA LEU TF 100 40.69 -34.48 62.80
C LEU TF 100 40.02 -35.76 62.35
N VAL TF 101 40.45 -36.89 62.91
CA VAL TF 101 39.90 -38.19 62.58
C VAL TF 101 39.16 -38.72 63.79
N VAL TF 102 37.90 -39.07 63.60
CA VAL TF 102 37.03 -39.51 64.67
C VAL TF 102 36.86 -41.02 64.56
N CYS TF 103 36.39 -41.62 65.64
CA CYS TF 103 36.07 -43.04 65.65
C CYS TF 103 34.58 -43.23 65.43
N ASN TF 104 34.20 -44.48 65.12
CA ASN TF 104 32.82 -44.79 64.80
C ASN TF 104 31.90 -44.72 66.02
N ASP TF 105 32.44 -44.89 67.22
CA ASP TF 105 31.61 -44.79 68.41
C ASP TF 105 31.43 -43.35 68.87
N GLY TF 106 32.08 -42.39 68.21
CA GLY TF 106 31.92 -40.98 68.51
C GLY TF 106 33.05 -40.34 69.27
N TYR TF 107 33.97 -41.13 69.83
CA TYR TF 107 35.09 -40.57 70.56
C TYR TF 107 36.08 -39.94 69.58
N VAL TF 108 36.70 -38.84 70.01
CA VAL TF 108 37.61 -38.09 69.17
C VAL TF 108 39.04 -38.36 69.63
N SER TF 109 39.89 -38.74 68.69
CA SER TF 109 41.28 -39.10 68.98
C SER TF 109 42.19 -38.07 68.31
N GLU TF 110 42.44 -36.98 69.03
CA GLU TF 110 43.24 -35.90 68.48
C GLU TF 110 44.72 -36.26 68.42
N GLU TF 111 45.17 -37.15 69.29
CA GLU TF 111 46.57 -37.56 69.27
C GLU TF 111 46.83 -38.50 68.10
N CYS TF 112 45.84 -39.29 67.71
CA CYS TF 112 45.91 -39.96 66.41
C CYS TF 112 45.82 -38.95 65.28
N SER TF 113 45.03 -37.89 65.47
CA SER TF 113 44.92 -36.85 64.47
C SER TF 113 46.17 -35.97 64.47
N LEU TF 114 46.21 -35.03 63.53
CA LEU TF 114 47.25 -34.02 63.53
C LEU TF 114 46.82 -32.85 64.41
N GLN TF 115 47.77 -31.97 64.68
CA GLN TF 115 47.56 -30.86 65.58
C GLN TF 115 47.58 -29.53 64.82
N LYS TF 116 46.99 -28.52 65.45
CA LYS TF 116 46.95 -27.17 64.91
C LYS TF 116 48.05 -26.32 65.52
N UNK UF 1 51.14 -82.90 88.51
CA UNK UF 1 51.11 -84.35 88.33
C UNK UF 1 51.85 -85.07 89.45
N UNK UF 2 52.93 -84.44 89.93
CA UNK UF 2 53.74 -84.88 91.08
C UNK UF 2 54.34 -86.27 90.89
N UNK UF 3 54.59 -86.66 89.64
CA UNK UF 3 55.18 -87.95 89.33
C UNK UF 3 55.75 -87.92 87.93
N UNK UF 4 56.81 -88.68 87.72
CA UNK UF 4 57.29 -88.95 86.37
C UNK UF 4 57.44 -90.43 86.09
N UNK UF 5 57.84 -91.21 87.09
CA UNK UF 5 57.89 -92.66 86.99
C UNK UF 5 56.72 -93.19 87.81
N UNK UF 6 55.56 -93.29 87.17
CA UNK UF 6 54.39 -93.81 87.86
C UNK UF 6 54.54 -95.30 88.11
N UNK UF 7 54.34 -95.70 89.35
CA UNK UF 7 54.60 -97.07 89.77
C UNK UF 7 53.56 -98.02 89.20
N UNK UF 8 53.93 -99.30 89.12
CA UNK UF 8 53.03 -100.37 88.72
C UNK UF 8 53.16 -101.46 89.78
N UNK UF 9 52.37 -101.34 90.85
CA UNK UF 9 52.31 -102.28 91.98
C UNK UF 9 53.67 -102.61 92.60
N UNK VF 1 -53.24 22.13 100.97
CA UNK VF 1 -52.27 21.83 99.92
C UNK VF 1 -51.17 20.91 100.44
N UNK VF 2 -50.03 21.49 100.79
CA UNK VF 2 -48.92 20.72 101.32
C UNK VF 2 -49.11 20.48 102.81
N UNK VF 3 -48.95 19.22 103.22
CA UNK VF 3 -49.12 18.83 104.61
C UNK VF 3 -48.29 17.58 104.89
N UNK VF 4 -48.12 17.28 106.18
CA UNK VF 4 -47.31 16.14 106.57
C UNK VF 4 -48.03 15.22 107.54
N UNK VF 5 -48.95 15.77 108.34
CA UNK VF 5 -49.57 15.01 109.42
C UNK VF 5 -50.54 13.95 108.89
N UNK VF 6 -51.40 14.33 107.94
CA UNK VF 6 -52.32 13.36 107.35
C UNK VF 6 -51.58 12.32 106.51
N UNK VF 7 -50.50 12.72 105.86
CA UNK VF 7 -49.66 11.77 105.13
C UNK VF 7 -49.00 10.77 106.07
N UNK VF 8 -48.52 11.23 107.22
CA UNK VF 8 -47.93 10.32 108.20
C UNK VF 8 -48.97 9.41 108.82
N UNK VF 9 -50.19 9.92 109.06
CA UNK VF 9 -51.27 9.10 109.60
C UNK VF 9 -51.71 8.04 108.61
N UNK VF 10 -51.82 8.40 107.32
CA UNK VF 10 -52.13 7.40 106.29
C UNK VF 10 -50.98 6.43 106.08
N UNK VF 11 -49.73 6.88 106.28
CA UNK VF 11 -48.58 5.99 106.22
C UNK VF 11 -48.63 4.97 107.35
N UNK VF 12 -49.00 5.40 108.56
CA UNK VF 12 -49.15 4.48 109.68
C UNK VF 12 -50.31 3.52 109.45
N UNK VF 13 -51.42 4.02 108.88
CA UNK VF 13 -52.57 3.16 108.59
C UNK VF 13 -52.26 2.12 107.52
N UNK VF 14 -51.51 2.51 106.48
CA UNK VF 14 -51.10 1.56 105.46
C UNK VF 14 -50.04 0.58 105.98
N UNK VF 15 -49.20 1.03 106.91
CA UNK VF 15 -48.19 0.14 107.49
C UNK VF 15 -48.83 -0.91 108.37
N UNK VF 16 -49.69 -0.50 109.30
CA UNK VF 16 -50.42 -1.44 110.16
C UNK VF 16 -51.88 -0.97 110.27
N UNK VF 17 -52.70 -1.39 109.32
CA UNK VF 17 -54.15 -1.26 109.42
C UNK VF 17 -54.82 -2.55 109.86
N UNK VF 18 -54.03 -3.59 110.14
CA UNK VF 18 -54.48 -4.92 110.55
C UNK VF 18 -55.43 -5.54 109.53
N UNK VF 19 -54.90 -5.78 108.32
CA UNK VF 19 -55.68 -6.37 107.24
C UNK VF 19 -54.76 -7.20 106.36
N UNK VF 20 -54.85 -8.53 106.47
CA UNK VF 20 -54.03 -9.45 105.70
C UNK VF 20 -54.69 -10.83 105.69
N UNK VF 21 -54.83 -11.41 104.50
CA UNK VF 21 -55.35 -12.77 104.34
C UNK VF 21 -54.88 -13.30 103.00
N UNK VF 22 -54.55 -14.59 102.96
CA UNK VF 22 -53.96 -15.20 101.78
C UNK VF 22 -54.63 -16.55 101.48
N UNK VF 23 -54.29 -17.11 100.33
CA UNK VF 23 -54.80 -18.42 99.92
C UNK VF 23 -53.68 -19.16 99.19
N UNK VF 24 -53.09 -20.16 99.83
CA UNK VF 24 -52.04 -20.94 99.21
C UNK VF 24 -52.61 -21.87 98.15
N UNK VF 25 -51.82 -22.08 97.09
CA UNK VF 25 -52.22 -22.91 95.96
C UNK VF 25 -51.07 -23.84 95.57
N UNK VF 26 -51.43 -25.02 95.09
CA UNK VF 26 -50.47 -26.02 94.66
C UNK VF 26 -50.72 -26.38 93.20
N UNK VF 27 -49.72 -27.04 92.60
CA UNK VF 27 -49.78 -27.36 91.18
C UNK VF 27 -50.74 -28.51 90.88
N UNK VF 28 -51.17 -29.25 91.91
CA UNK VF 28 -52.13 -30.34 91.74
C UNK VF 28 -53.55 -29.90 92.07
N UNK VF 29 -53.89 -28.64 91.77
CA UNK VF 29 -55.21 -28.03 91.98
C UNK VF 29 -55.65 -28.12 93.44
N UNK VF 30 -54.74 -27.83 94.35
CA UNK VF 30 -55.01 -27.84 95.78
C UNK VF 30 -55.01 -26.40 96.28
N UNK VF 31 -56.11 -25.99 96.93
CA UNK VF 31 -56.25 -24.64 97.44
C UNK VF 31 -56.50 -24.70 98.94
N UNK VF 32 -55.85 -23.81 99.68
CA UNK VF 32 -56.02 -23.71 101.12
C UNK VF 32 -55.93 -22.24 101.53
N UNK VF 33 -57.07 -21.64 101.85
CA UNK VF 33 -57.11 -20.24 102.25
C UNK VF 33 -56.92 -20.11 103.75
N UNK VF 34 -56.04 -19.20 104.16
CA UNK VF 34 -55.74 -19.04 105.57
C UNK VF 34 -56.78 -18.16 106.25
N UNK VF 35 -56.77 -18.19 107.58
CA UNK VF 35 -57.67 -17.38 108.37
C UNK VF 35 -57.16 -15.94 108.42
N UNK VF 36 -57.96 -15.07 109.05
CA UNK VF 36 -57.57 -13.67 109.19
C UNK VF 36 -56.42 -13.54 110.19
N UNK VF 37 -55.43 -12.74 109.84
CA UNK VF 37 -54.26 -12.55 110.68
C UNK VF 37 -53.77 -11.11 110.52
N UNK VF 38 -52.73 -10.77 111.30
CA UNK VF 38 -52.12 -9.43 111.38
C UNK VF 38 -53.13 -8.33 111.69
N UNK VF 39 -44.01 -22.71 94.23
CA UNK VF 39 -44.81 -21.53 94.55
C UNK VF 39 -46.09 -21.92 95.29
N UNK VF 40 -45.93 -22.35 96.54
CA UNK VF 40 -47.08 -22.75 97.33
C UNK VF 40 -47.94 -21.55 97.72
N UNK VF 41 -47.31 -20.42 98.02
CA UNK VF 41 -48.04 -19.20 98.38
C UNK VF 41 -47.58 -18.07 97.47
N UNK VF 42 -48.49 -17.56 96.66
CA UNK VF 42 -48.17 -16.45 95.77
C UNK VF 42 -48.12 -15.15 96.54
N UNK VF 43 -47.31 -14.21 96.03
CA UNK VF 43 -47.31 -12.87 96.57
C UNK VF 43 -48.63 -12.16 96.31
N UNK VF 44 -49.25 -12.43 95.16
CA UNK VF 44 -50.56 -11.88 94.84
C UNK VF 44 -51.70 -12.63 95.52
N UNK VF 45 -51.42 -13.77 96.15
CA UNK VF 45 -52.46 -14.50 96.85
C UNK VF 45 -52.89 -13.80 98.14
N UNK VF 46 -52.03 -12.95 98.70
CA UNK VF 46 -52.34 -12.23 99.92
C UNK VF 46 -52.90 -10.84 99.59
N UNK VF 47 -53.89 -10.41 100.37
CA UNK VF 47 -54.53 -9.12 100.19
C UNK VF 47 -55.09 -8.64 101.53
N UNK VF 48 -55.37 -7.35 101.60
CA UNK VF 48 -55.92 -6.75 102.80
C UNK VF 48 -57.36 -7.19 103.04
N LYS WF 24 77.46 -67.53 94.83
CA LYS WF 24 78.25 -66.31 94.75
C LYS WF 24 77.37 -65.08 94.80
N PHE WF 25 76.42 -65.00 93.88
CA PHE WF 25 75.62 -63.79 93.70
C PHE WF 25 74.19 -64.08 94.11
N LYS WF 26 73.66 -63.27 95.01
CA LYS WF 26 72.25 -63.32 95.38
C LYS WF 26 71.51 -62.38 94.43
N LYS WF 27 70.67 -62.94 93.60
CA LYS WF 27 69.97 -62.07 92.67
C LYS WF 27 68.84 -61.35 93.39
N PRO WF 28 68.62 -60.07 93.08
CA PRO WF 28 67.42 -59.39 93.55
C PRO WF 28 66.23 -59.86 92.75
N PRO WF 29 65.00 -59.58 93.21
CA PRO WF 29 63.82 -59.86 92.38
C PRO WF 29 63.84 -59.07 91.09
N ILE WF 30 63.35 -59.70 90.02
CA ILE WF 30 63.55 -59.15 88.68
C ILE WF 30 62.63 -57.95 88.46
N ASN WF 31 61.36 -58.09 88.77
CA ASN WF 31 60.44 -56.96 88.73
C ASN WF 31 60.31 -56.33 90.12
N ASN WF 32 61.43 -56.03 90.73
CA ASN WF 32 61.37 -55.48 92.07
C ASN WF 32 61.12 -53.98 92.01
N PRO WF 33 60.28 -53.46 92.88
CA PRO WF 33 60.06 -52.01 92.92
C PRO WF 33 61.24 -51.29 93.55
N SER WF 34 62.23 -50.93 92.75
CA SER WF 34 63.36 -50.14 93.22
C SER WF 34 63.15 -48.64 93.03
N ASP WF 35 61.90 -48.17 93.06
CA ASP WF 35 61.59 -46.78 92.85
C ASP WF 35 60.47 -46.37 93.79
N ASP WF 36 60.51 -45.09 94.20
CA ASP WF 36 59.59 -44.56 95.20
C ASP WF 36 58.15 -44.57 94.72
N ALA WF 37 57.91 -44.17 93.47
CA ALA WF 37 56.55 -44.20 92.93
C ALA WF 37 56.03 -45.63 92.85
N THR WF 38 56.92 -46.55 92.47
CA THR WF 38 56.54 -47.96 92.37
C THR WF 38 56.19 -48.53 93.73
N ILE WF 39 56.99 -48.25 94.76
CA ILE WF 39 56.69 -48.81 96.08
C ILE WF 39 55.44 -48.16 96.65
N LYS WF 40 55.20 -46.89 96.34
CA LYS WF 40 54.02 -46.21 96.86
C LYS WF 40 52.76 -46.78 96.25
N LEU WF 41 52.74 -46.95 94.93
CA LEU WF 41 51.56 -47.51 94.30
C LEU WF 41 51.39 -48.98 94.65
N ALA WF 42 52.48 -49.70 94.90
CA ALA WF 42 52.39 -51.11 95.25
C ALA WF 42 51.76 -51.29 96.63
N GLU WF 43 52.21 -50.51 97.62
CA GLU WF 43 51.60 -50.62 98.94
C GLU WF 43 50.18 -50.07 98.94
N ALA WF 44 49.91 -49.10 98.06
CA ALA WF 44 48.53 -48.64 97.88
C ALA WF 44 47.63 -49.74 97.37
N ALA WF 45 48.14 -50.53 96.42
CA ALA WF 45 47.40 -51.66 95.89
C ALA WF 45 47.17 -52.71 96.96
N VAL WF 46 48.18 -52.97 97.79
CA VAL WF 46 48.05 -53.95 98.87
C VAL WF 46 46.99 -53.51 99.86
N SER WF 47 47.01 -52.22 100.22
CA SER WF 47 46.06 -51.68 101.18
C SER WF 47 44.64 -51.73 100.64
N VAL WF 48 44.44 -51.36 99.37
CA VAL WF 48 43.09 -51.33 98.84
C VAL WF 48 42.56 -52.73 98.63
N SER WF 49 43.43 -53.69 98.29
CA SER WF 49 43.02 -55.08 98.17
C SER WF 49 42.59 -55.62 99.52
N ASP WF 50 43.34 -55.28 100.56
CA ASP WF 50 42.96 -55.68 101.92
C ASP WF 50 41.63 -55.07 102.32
N SER WF 51 41.42 -53.79 101.97
CA SER WF 51 40.20 -53.10 102.36
C SER WF 51 38.98 -53.69 101.67
N MET WF 52 39.09 -53.97 100.36
CA MET WF 52 37.95 -54.57 99.68
C MET WF 52 37.73 -56.01 100.12
N LEU WF 53 38.80 -56.70 100.55
CA LEU WF 53 38.62 -58.01 101.14
C LEU WF 53 37.83 -57.94 102.44
N GLU WF 54 38.10 -56.92 103.25
CA GLU WF 54 37.31 -56.71 104.46
C GLU WF 54 35.86 -56.38 104.13
N MET WF 55 35.66 -55.60 103.06
CA MET WF 55 34.31 -55.27 102.60
C MET WF 55 33.54 -56.52 102.21
N ALA WF 56 34.18 -57.41 101.44
CA ALA WF 56 33.54 -58.64 101.04
C ALA WF 56 33.32 -59.57 102.22
N LYS WF 57 34.25 -59.58 103.17
CA LYS WF 57 34.14 -60.42 104.36
C LYS WF 57 32.95 -60.01 105.21
N VAL WF 58 32.75 -58.70 105.39
CA VAL WF 58 31.60 -58.28 106.18
C VAL WF 58 30.32 -58.30 105.38
N GLU WF 59 30.39 -58.34 104.04
CA GLU WF 59 29.17 -58.34 103.26
C GLU WF 59 28.64 -59.75 102.98
N LYS WF 60 29.50 -60.75 102.99
CA LYS WF 60 29.10 -62.10 102.64
C LYS WF 60 28.27 -62.72 103.77
N VAL WF 61 27.38 -63.62 103.39
CA VAL WF 61 26.58 -64.36 104.35
C VAL WF 61 26.76 -65.85 104.09
N ILE WF 62 26.54 -66.65 105.13
CA ILE WF 62 26.75 -68.09 105.10
C ILE WF 62 25.63 -68.76 105.88
N THR WF 63 25.65 -70.09 105.88
CA THR WF 63 24.79 -70.89 106.73
C THR WF 63 25.62 -72.00 107.37
N PRO WF 64 25.34 -72.34 108.63
CA PRO WF 64 26.06 -73.45 109.24
C PRO WF 64 25.63 -74.78 108.63
N PRO WF 65 26.54 -75.75 108.52
CA PRO WF 65 26.17 -77.04 107.93
C PRO WF 65 25.29 -77.89 108.83
N SER WF 66 25.09 -77.50 110.08
CA SER WF 66 24.22 -78.22 110.99
C SER WF 66 22.74 -78.10 110.62
N LYS WF 67 22.37 -77.11 109.80
CA LYS WF 67 20.99 -76.92 109.42
C LYS WF 67 20.85 -76.67 107.92
N ASP WF 68 21.72 -77.27 107.12
CA ASP WF 68 21.58 -77.20 105.67
C ASP WF 68 20.40 -78.04 105.23
N ASN WF 69 19.51 -77.44 104.44
CA ASN WF 69 18.31 -78.13 103.98
C ASN WF 69 18.54 -78.85 102.67
N THR WF 70 19.61 -79.65 102.63
CA THR WF 70 19.89 -80.53 101.51
C THR WF 70 20.02 -81.95 102.05
N LEU WF 71 19.36 -82.89 101.38
CA LEU WF 71 19.35 -84.27 101.87
C LEU WF 71 20.72 -84.91 101.66
N THR WF 72 21.23 -85.54 102.71
CA THR WF 72 22.56 -86.13 102.65
C THR WF 72 22.51 -87.49 101.99
N ILE WF 73 23.66 -88.14 101.91
CA ILE WF 73 23.80 -89.42 101.23
C ILE WF 73 23.21 -90.52 102.11
N PRO WF 74 22.25 -91.30 101.60
CA PRO WF 74 21.71 -92.41 102.39
C PRO WF 74 22.60 -93.63 102.44
N ASN WF 75 23.69 -93.64 101.65
CA ASN WF 75 24.68 -94.71 101.46
C ASN WF 75 24.10 -96.13 101.39
N ALA WF 76 22.98 -96.28 100.71
CA ALA WF 76 22.46 -97.62 100.43
C ALA WF 76 23.35 -98.32 99.40
N TYR WF 77 23.26 -99.64 99.36
CA TYR WF 77 24.19 -100.45 98.58
C TYR WF 77 24.00 -100.25 97.08
N ASN WF 78 22.76 -100.10 96.63
CA ASN WF 78 22.51 -100.00 95.21
C ASN WF 78 22.91 -98.66 94.62
N LEU WF 79 23.12 -97.63 95.45
CA LEU WF 79 23.28 -96.28 94.95
C LEU WF 79 24.73 -95.89 94.73
N GLN WF 80 25.58 -96.85 94.39
CA GLN WF 80 26.97 -96.57 94.03
C GLN WF 80 27.29 -96.95 92.59
N ALA WF 81 26.28 -97.31 91.81
CA ALA WF 81 26.51 -97.67 90.42
C ALA WF 81 26.82 -96.43 89.59
N ARG WF 82 27.71 -96.59 88.63
CA ARG WF 82 28.10 -95.47 87.77
C ARG WF 82 27.09 -95.29 86.65
N ALA WF 83 26.97 -94.06 86.16
CA ALA WF 83 25.95 -93.73 85.17
C ALA WF 83 26.44 -92.61 84.28
N SER WF 84 25.58 -92.21 83.34
CA SER WF 84 25.88 -91.11 82.43
C SER WF 84 24.54 -90.58 81.94
N VAL WF 85 24.19 -89.34 82.30
CA VAL WF 85 22.85 -88.84 82.04
C VAL WF 85 22.94 -87.42 81.50
N ASP WF 86 22.37 -87.20 80.31
CA ASP WF 86 22.13 -85.86 79.78
C ASP WF 86 20.62 -85.68 79.63
N TRP WF 87 20.09 -84.65 80.27
CA TRP WF 87 18.66 -84.43 80.31
C TRP WF 87 18.40 -82.97 80.66
N SER WF 88 17.32 -82.43 80.09
CA SER WF 88 16.83 -81.14 80.52
C SER WF 88 15.31 -81.14 80.29
N GLY WF 89 14.56 -81.38 81.37
CA GLY WF 89 13.12 -81.41 81.27
C GLY WF 89 12.43 -81.48 82.61
N PRO WF 90 11.32 -82.21 82.67
CA PRO WF 90 10.64 -82.42 83.95
C PRO WF 90 11.40 -83.35 84.89
N ILE WF 91 10.81 -83.58 86.07
CA ILE WF 91 11.52 -84.14 87.20
C ILE WF 91 11.05 -85.55 87.53
N GLU WF 92 9.73 -85.80 87.42
CA GLU WF 92 9.16 -87.07 87.86
C GLU WF 92 9.63 -88.22 86.99
N GLU WF 93 9.73 -88.00 85.68
CA GLU WF 93 10.21 -89.03 84.77
C GLU WF 93 11.65 -89.41 85.07
N LEU WF 94 12.50 -88.41 85.30
CA LEU WF 94 13.90 -88.65 85.59
C LEU WF 94 14.08 -89.40 86.91
N THR WF 95 13.33 -88.99 87.93
CA THR WF 95 13.41 -89.66 89.23
C THR WF 95 12.84 -91.06 89.17
N ALA WF 96 11.79 -91.27 88.38
CA ALA WF 96 11.22 -92.60 88.24
C ALA WF 96 12.18 -93.54 87.53
N ARG WF 97 12.89 -93.05 86.52
CA ARG WF 97 13.89 -93.87 85.86
C ARG WF 97 15.06 -94.17 86.79
N ILE WF 98 15.41 -93.19 87.64
CA ILE WF 98 16.45 -93.41 88.64
C ILE WF 98 16.04 -94.50 89.62
N ALA WF 99 14.80 -94.44 90.09
CA ALA WF 99 14.29 -95.44 91.02
C ALA WF 99 14.15 -96.80 90.35
N LYS WF 100 13.84 -96.82 89.06
CA LYS WF 100 13.76 -98.08 88.32
C LYS WF 100 15.13 -98.71 88.17
N ALA WF 101 16.16 -97.90 87.93
CA ALA WF 101 17.51 -98.43 87.88
C ALA WF 101 17.99 -98.89 89.25
N ALA WF 102 17.55 -98.21 90.30
CA ALA WF 102 17.95 -98.56 91.66
C ALA WF 102 17.06 -99.61 92.30
N HIS WF 103 16.04 -100.10 91.57
CA HIS WF 103 15.08 -101.11 92.04
C HIS WF 103 14.34 -100.65 93.29
N PHE WF 104 13.84 -99.42 93.25
CA PHE WF 104 13.11 -98.83 94.37
C PHE WF 104 11.69 -98.50 93.95
N ARG WF 105 10.79 -98.50 94.94
CA ARG WF 105 9.44 -98.03 94.72
C ARG WF 105 9.41 -96.51 94.67
N PHE WF 106 8.36 -95.99 94.05
CA PHE WF 106 8.25 -94.57 93.74
C PHE WF 106 6.95 -94.03 94.33
N ARG WF 107 7.05 -92.90 95.04
CA ARG WF 107 5.90 -92.33 95.71
C ARG WF 107 5.85 -90.84 95.45
N VAL WF 108 4.64 -90.30 95.30
CA VAL WF 108 4.45 -88.88 95.03
C VAL WF 108 3.39 -88.36 95.98
N LEU WF 109 3.74 -87.33 96.75
CA LEU WF 109 2.77 -86.59 97.54
C LEU WF 109 2.78 -85.14 97.11
N GLY WF 110 1.60 -84.62 96.79
CA GLY WF 110 1.48 -83.25 96.33
C GLY WF 110 0.70 -83.14 95.04
N LYS WF 111 1.06 -82.17 94.22
CA LYS WF 111 0.38 -81.93 92.94
C LYS WF 111 1.35 -81.23 92.01
N SER WF 112 1.41 -81.67 90.77
CA SER WF 112 2.21 -80.98 89.77
C SER WF 112 1.62 -79.61 89.48
N PRO WF 113 2.45 -78.59 89.28
CA PRO WF 113 1.93 -77.24 89.04
C PRO WF 113 1.35 -77.05 87.65
N SER WF 114 0.99 -75.81 87.34
CA SER WF 114 0.53 -75.48 85.99
C SER WF 114 1.64 -75.67 84.98
N VAL WF 115 2.85 -75.22 85.31
CA VAL WF 115 4.04 -75.49 84.53
C VAL WF 115 4.96 -76.34 85.40
N PRO WF 116 5.37 -77.52 84.96
CA PRO WF 116 6.26 -78.36 85.76
C PRO WF 116 7.65 -77.76 85.86
N VAL WF 117 8.35 -78.18 86.91
CA VAL WF 117 9.67 -77.64 87.21
C VAL WF 117 10.69 -78.21 86.21
N LEU WF 118 11.77 -77.47 86.02
CA LEU WF 118 12.77 -77.79 85.02
C LEU WF 118 14.10 -78.12 85.69
N ILE WF 119 14.68 -79.24 85.29
CA ILE WF 119 15.96 -79.70 85.81
C ILE WF 119 16.87 -79.97 84.62
N SER WF 120 18.04 -79.34 84.61
CA SER WF 120 19.04 -79.55 83.57
C SER WF 120 20.25 -80.23 84.20
N ILE WF 121 20.46 -81.50 83.86
CA ILE WF 121 21.58 -82.28 84.38
C ILE WF 121 22.28 -82.96 83.24
N SER WF 122 23.58 -82.71 83.10
CA SER WF 122 24.40 -83.29 82.04
C SER WF 122 25.71 -83.77 82.67
N THR WF 123 25.72 -85.01 83.12
CA THR WF 123 26.87 -85.59 83.81
C THR WF 123 27.39 -86.81 83.07
N LYS WF 124 28.71 -86.96 83.10
CA LYS WF 124 29.41 -88.02 82.42
C LYS WF 124 29.54 -89.27 83.28
N ASP WF 125 29.92 -89.09 84.55
CA ASP WF 125 30.12 -90.26 85.42
C ASP WF 125 29.91 -89.82 86.87
N GLU WF 126 28.75 -90.14 87.41
CA GLU WF 126 28.49 -90.02 88.84
C GLU WF 126 27.70 -91.24 89.26
N SER WF 127 27.13 -91.18 90.45
CA SER WF 127 26.19 -92.19 90.90
C SER WF 127 24.88 -91.53 91.30
N LEU WF 128 23.89 -92.41 91.52
CA LEU WF 128 22.51 -91.97 91.64
C LEU WF 128 22.27 -91.17 92.91
N ALA WF 129 23.03 -91.42 93.97
CA ALA WF 129 22.84 -90.72 95.23
C ALA WF 129 23.20 -89.25 95.10
N GLU WF 130 24.39 -88.97 94.56
CA GLU WF 130 24.81 -87.58 94.39
C GLU WF 130 24.05 -86.92 93.24
N ILE WF 131 23.59 -87.71 92.27
CA ILE WF 131 22.72 -87.19 91.23
C ILE WF 131 21.41 -86.69 91.83
N LEU WF 132 20.82 -87.48 92.73
CA LEU WF 132 19.59 -87.09 93.40
C LEU WF 132 19.82 -85.90 94.32
N ARG WF 133 20.99 -85.86 94.96
CA ARG WF 133 21.32 -84.73 95.81
C ARG WF 133 21.41 -83.44 95.00
N ASP WF 134 22.03 -83.50 93.83
CA ASP WF 134 22.12 -82.33 92.98
C ASP WF 134 20.76 -81.95 92.41
N ILE WF 135 19.91 -82.94 92.15
CA ILE WF 135 18.57 -82.64 91.65
C ILE WF 135 17.74 -81.95 92.73
N ASP WF 136 17.86 -82.41 93.98
CA ASP WF 136 17.14 -81.77 95.07
C ASP WF 136 17.69 -80.37 95.34
N TYR WF 137 18.99 -80.17 95.16
CA TYR WF 137 19.54 -78.83 95.28
C TYR WF 137 19.03 -77.92 94.16
N GLN WF 138 18.94 -78.45 92.95
CA GLN WF 138 18.43 -77.66 91.83
C GLN WF 138 16.93 -77.46 91.89
N ALA WF 139 16.23 -78.27 92.69
CA ALA WF 139 14.79 -78.15 92.79
C ALA WF 139 14.35 -76.87 93.48
N GLY WF 140 15.22 -76.26 94.28
CA GLY WF 140 14.85 -75.03 94.95
C GLY WF 140 13.85 -75.30 96.04
N LYS WF 141 12.90 -74.37 96.20
CA LYS WF 141 11.87 -74.49 97.20
C LYS WF 141 10.56 -75.01 96.62
N LYS WF 142 10.57 -75.47 95.37
CA LYS WF 142 9.33 -75.92 94.76
C LYS WF 142 8.91 -77.30 95.29
N ALA WF 143 9.86 -78.19 95.48
CA ALA WF 143 9.57 -79.53 95.96
C ALA WF 143 10.79 -80.06 96.68
N SER WF 144 10.72 -81.31 97.11
CA SER WF 144 11.81 -81.93 97.83
C SER WF 144 11.72 -83.44 97.66
N ILE WF 145 12.79 -84.11 98.04
CA ILE WF 145 12.89 -85.55 97.90
C ILE WF 145 12.91 -86.18 99.29
N HIS WF 146 12.62 -87.48 99.31
CA HIS WF 146 12.70 -88.25 100.54
C HIS WF 146 13.11 -89.67 100.20
N VAL WF 147 13.97 -90.24 101.04
CA VAL WF 147 14.48 -91.60 100.86
C VAL WF 147 14.10 -92.40 102.09
N TYR WF 148 13.48 -93.56 101.87
CA TYR WF 148 13.22 -94.49 102.96
C TYR WF 148 13.84 -95.84 102.60
N PRO WF 149 14.92 -96.24 103.26
CA PRO WF 149 15.52 -97.56 103.01
C PRO WF 149 15.04 -98.67 103.94
N ASN WF 150 13.99 -98.45 104.73
CA ASN WF 150 13.41 -99.54 105.49
C ASN WF 150 12.72 -100.51 104.54
N SER WF 151 11.69 -100.05 103.85
CA SER WF 151 11.20 -100.64 102.62
C SER WF 151 11.61 -99.70 101.50
N GLN WF 152 12.23 -100.24 100.46
CA GLN WF 152 13.03 -99.46 99.53
C GLN WF 152 12.19 -98.53 98.67
N VAL WF 153 12.06 -97.27 99.08
CA VAL WF 153 11.19 -96.34 98.37
C VAL WF 153 11.81 -94.96 98.37
N VAL WF 154 11.55 -94.21 97.30
CA VAL WF 154 11.84 -92.78 97.25
C VAL WF 154 10.56 -92.04 96.92
N GLU WF 155 10.49 -90.78 97.35
CA GLU WF 155 9.25 -90.03 97.28
C GLU WF 155 9.55 -88.58 96.90
N LEU WF 156 8.66 -88.01 96.07
CA LEU WF 156 8.68 -86.60 95.72
C LEU WF 156 7.57 -85.89 96.46
N ARG WF 157 7.93 -84.88 97.26
CA ARG WF 157 6.98 -84.11 98.04
C ARG WF 157 6.93 -82.70 97.50
N TYR WF 158 5.76 -82.28 97.03
CA TYR WF 158 5.62 -80.93 96.49
C TYR WF 158 5.54 -79.90 97.61
N ALA WF 159 5.55 -78.62 97.22
CA ALA WF 159 5.31 -77.56 98.19
C ALA WF 159 3.82 -77.42 98.47
N LYS WF 160 3.48 -76.46 99.33
CA LYS WF 160 2.09 -76.24 99.70
C LYS WF 160 1.63 -74.83 99.30
N ILE XF 208 29.70 -64.20 133.46
CA ILE XF 208 31.15 -64.32 133.57
C ILE XF 208 31.60 -65.68 133.03
N ILE XF 209 32.51 -65.65 132.07
CA ILE XF 209 33.07 -66.86 131.48
C ILE XF 209 34.49 -67.03 131.98
N TYR XF 210 35.04 -68.22 131.77
CA TYR XF 210 36.36 -68.56 132.27
C TYR XF 210 37.35 -68.67 131.11
N TYR XF 211 38.64 -68.67 131.46
CA TYR XF 211 39.70 -68.80 130.48
C TYR XF 211 40.80 -69.67 131.07
N ILE XF 212 41.58 -70.27 130.18
CA ILE XF 212 42.72 -71.08 130.59
C ILE XF 212 43.97 -70.21 130.52
N GLN XF 213 44.73 -70.20 131.62
CA GLN XF 213 46.00 -69.49 131.64
C GLN XF 213 47.17 -70.43 131.35
N ALA XF 214 47.24 -71.56 132.05
CA ALA XF 214 48.29 -72.55 131.83
C ALA XF 214 47.69 -73.94 131.97
N VAL XF 215 48.35 -74.91 131.35
CA VAL XF 215 47.83 -76.26 131.16
C VAL XF 215 48.93 -77.25 131.50
N ILE XF 216 48.60 -78.26 132.30
CA ILE XF 216 49.47 -79.41 132.50
C ILE XF 216 48.69 -80.63 132.02
N PRO XF 217 49.37 -81.74 131.71
CA PRO XF 217 48.63 -82.99 131.57
C PRO XF 217 47.97 -83.39 132.87
N GLY XF 218 46.65 -83.29 132.92
CA GLY XF 218 45.89 -83.67 134.09
C GLY XF 218 45.16 -82.55 134.79
N ARG XF 219 45.80 -81.39 134.92
CA ARG XF 219 45.23 -80.25 135.62
C ARG XF 219 45.44 -78.99 134.81
N ALA XF 220 44.78 -77.90 135.22
CA ALA XF 220 44.86 -76.68 134.46
C ALA XF 220 44.60 -75.48 135.36
N TRP XF 221 45.11 -74.34 134.91
CA TRP XF 221 44.88 -73.04 135.53
C TRP XF 221 43.68 -72.40 134.85
N LEU XF 222 42.70 -72.01 135.64
CA LEU XF 222 41.47 -71.41 135.15
C LEU XF 222 41.34 -70.01 135.70
N ILE XF 223 41.09 -69.04 134.83
CA ILE XF 223 40.93 -67.65 135.23
C ILE XF 223 39.68 -67.09 134.55
N GLY XF 224 38.77 -66.55 135.35
CA GLY XF 224 37.51 -66.04 134.85
C GLY XF 224 37.61 -64.60 134.37
N SER XF 225 36.45 -64.04 134.05
CA SER XF 225 36.38 -62.64 133.65
C SER XF 225 36.65 -61.71 134.81
N ASN XF 226 36.24 -62.10 136.02
CA ASN XF 226 36.42 -61.28 137.20
C ASN XF 226 37.86 -61.28 137.72
N GLY XF 227 38.67 -62.26 137.32
CA GLY XF 227 40.00 -62.41 137.85
C GLY XF 227 40.17 -63.49 138.89
N SER XF 228 39.13 -64.28 139.15
CA SER XF 228 39.26 -65.37 140.10
C SER XF 228 40.09 -66.51 139.50
N THR XF 229 41.01 -67.04 140.30
CA THR XF 229 41.86 -68.12 139.87
C THR XF 229 41.36 -69.45 140.41
N LEU XF 230 41.65 -70.52 139.68
CA LEU XF 230 41.15 -71.84 140.03
C LEU XF 230 42.06 -72.90 139.44
N THR XF 231 42.15 -74.03 140.12
CA THR XF 231 42.91 -75.18 139.65
C THR XF 231 41.97 -76.34 139.43
N VAL XF 232 42.05 -76.98 138.26
CA VAL XF 232 41.05 -77.97 137.88
C VAL XF 232 41.71 -79.24 137.36
N ARG XF 233 41.36 -80.38 137.96
CA ARG XF 233 41.81 -81.68 137.49
C ARG XF 233 40.77 -82.28 136.55
N GLU XF 234 40.90 -83.58 136.24
CA GLU XF 234 39.94 -84.22 135.35
C GLU XF 234 38.58 -84.36 136.02
N GLY XF 235 38.56 -84.62 137.32
CA GLY XF 235 37.30 -84.60 138.05
C GLY XF 235 37.21 -83.38 138.93
N SER XF 236 36.37 -82.41 138.54
CA SER XF 236 36.24 -81.17 139.29
C SER XF 236 34.90 -80.53 138.95
N LYS XF 237 34.54 -79.53 139.74
CA LYS XF 237 33.29 -78.80 139.59
C LYS XF 237 33.57 -77.44 138.99
N ILE XF 238 32.79 -77.05 137.98
CA ILE XF 238 32.91 -75.76 137.33
C ILE XF 238 31.62 -75.00 137.56
N PRO XF 239 31.67 -73.79 138.13
CA PRO XF 239 30.45 -72.99 138.26
C PRO XF 239 30.03 -72.42 136.91
N GLY XF 240 28.79 -72.67 136.53
CA GLY XF 240 28.29 -72.28 135.23
C GLY XF 240 28.64 -73.22 134.11
N TYR XF 241 29.39 -74.29 134.39
CA TYR XF 241 29.73 -75.28 133.38
C TYR XF 241 29.59 -76.71 133.88
N GLY XF 242 29.40 -76.95 135.16
CA GLY XF 242 29.18 -78.30 135.68
C GLY XF 242 30.51 -79.01 136.01
N MET XF 243 30.79 -80.08 135.30
CA MET XF 243 31.96 -80.90 135.55
C MET XF 243 32.86 -80.94 134.33
N VAL XF 244 34.16 -81.01 134.56
CA VAL XF 244 35.13 -81.12 133.49
C VAL XF 244 35.10 -82.55 132.96
N LYS XF 245 34.94 -82.68 131.65
CA LYS XF 245 34.79 -84.00 131.05
C LYS XF 245 36.05 -84.52 130.36
N LEU XF 246 36.89 -83.64 129.82
CA LEU XF 246 38.12 -84.08 129.18
C LEU XF 246 39.11 -82.93 129.16
N ILE XF 247 40.39 -83.26 129.33
CA ILE XF 247 41.47 -82.28 129.37
C ILE XF 247 42.48 -82.63 128.30
N ASP XF 248 42.73 -81.69 127.40
CA ASP XF 248 43.66 -81.91 126.29
C ASP XF 248 44.96 -81.15 126.57
N SER XF 249 46.05 -81.89 126.63
CA SER XF 249 47.37 -81.30 126.76
C SER XF 249 47.94 -80.84 125.43
N LEU XF 250 47.27 -81.15 124.33
CA LEU XF 250 47.74 -80.73 123.00
C LEU XF 250 47.15 -79.39 122.61
N GLN XF 251 45.84 -79.26 122.68
CA GLN XF 251 45.16 -78.02 122.37
C GLN XF 251 44.46 -77.51 123.63
N GLY XF 252 44.42 -76.19 123.77
CA GLY XF 252 43.82 -75.58 124.94
C GLY XF 252 42.30 -75.61 124.90
N ARG XF 253 41.72 -76.80 125.02
CA ARG XF 253 40.28 -76.98 124.97
C ARG XF 253 39.87 -78.02 125.98
N ILE XF 254 38.88 -77.70 126.81
CA ILE XF 254 38.31 -78.63 127.77
C ILE XF 254 36.80 -78.59 127.62
N LEU XF 255 36.20 -79.74 127.36
CA LEU XF 255 34.76 -79.85 127.24
C LEU XF 255 34.16 -80.03 128.63
N THR XF 256 33.14 -79.25 128.92
CA THR XF 256 32.43 -79.34 130.18
C THR XF 256 31.18 -80.20 130.03
N SER XF 257 30.57 -80.53 131.16
CA SER XF 257 29.30 -81.23 131.14
C SER XF 257 28.16 -80.34 130.68
N SER XF 258 28.34 -79.01 130.72
CA SER XF 258 27.30 -78.11 130.26
C SER XF 258 27.15 -78.11 128.74
N GLY XF 259 28.13 -78.61 128.01
CA GLY XF 259 28.04 -78.70 126.57
C GLY XF 259 28.75 -77.62 125.79
N GLN XF 260 29.66 -76.88 126.43
CA GLN XF 260 30.47 -75.89 125.74
C GLN XF 260 31.92 -76.08 126.16
N VAL XF 261 32.82 -75.64 125.30
CA VAL XF 261 34.24 -75.89 125.44
C VAL XF 261 34.95 -74.59 125.76
N ILE XF 262 35.83 -74.62 126.75
CA ILE XF 262 36.64 -73.45 127.06
C ILE XF 262 37.81 -73.36 126.09
N LYS XF 263 38.34 -72.15 125.93
CA LYS XF 263 39.42 -71.90 124.99
C LYS XF 263 40.38 -70.89 125.59
N PHE XF 264 41.49 -70.68 124.89
CA PHE XF 264 42.47 -69.69 125.32
C PHE XF 264 41.95 -68.29 125.08
N SER XF 265 42.31 -67.38 125.99
CA SER XF 265 42.00 -65.97 125.80
C SER XF 265 42.97 -65.35 124.81
N GLN XF 266 42.51 -64.30 124.15
CA GLN XF 266 43.34 -63.60 123.17
C GLN XF 266 43.69 -62.20 123.63
N MET YF 23 75.62 -88.22 73.53
CA MET YF 23 74.74 -87.91 74.64
C MET YF 23 73.48 -87.24 74.15
N LYS YF 24 73.04 -87.64 72.96
CA LYS YF 24 71.85 -87.05 72.36
C LYS YF 24 70.59 -87.53 73.06
N PHE YF 25 69.60 -86.64 73.14
CA PHE YF 25 68.30 -87.01 73.66
C PHE YF 25 67.36 -87.37 72.52
N LYS YF 26 66.40 -88.25 72.81
CA LYS YF 26 65.49 -88.70 71.77
C LYS YF 26 64.18 -89.13 72.42
N LYS YF 27 63.11 -88.43 72.13
CA LYS YF 27 61.79 -88.94 72.46
C LYS YF 27 61.49 -90.15 71.57
N PRO YF 28 60.87 -91.18 72.11
CA PRO YF 28 60.69 -92.43 71.35
C PRO YF 28 59.79 -92.29 70.13
N PRO YF 29 58.49 -91.87 70.23
CA PRO YF 29 57.60 -92.13 69.09
C PRO YF 29 57.83 -91.14 67.96
N ILE YF 30 58.49 -91.61 66.91
CA ILE YF 30 58.82 -90.81 65.75
C ILE YF 30 58.12 -91.42 64.54
N ASN YF 31 57.43 -90.59 63.77
CA ASN YF 31 56.54 -91.07 62.74
C ASN YF 31 56.76 -90.26 61.47
N ASN YF 32 56.39 -90.87 60.33
CA ASN YF 32 56.44 -90.18 59.06
C ASN YF 32 55.45 -89.02 59.05
N PRO YF 33 55.77 -87.92 58.37
CA PRO YF 33 55.03 -86.67 58.58
C PRO YF 33 53.62 -86.70 58.00
N SER YF 34 52.86 -85.68 58.39
CA SER YF 34 51.42 -85.57 58.15
C SER YF 34 51.14 -84.33 57.32
N ASP YF 35 49.85 -83.98 57.23
CA ASP YF 35 49.45 -82.72 56.64
C ASP YF 35 48.20 -82.21 57.36
N ASP YF 36 47.97 -80.90 57.24
CA ASP YF 36 46.90 -80.24 57.96
C ASP YF 36 45.52 -80.75 57.54
N ALA YF 37 45.40 -81.22 56.29
CA ALA YF 37 44.11 -81.72 55.81
C ALA YF 37 43.69 -82.97 56.56
N THR YF 38 44.55 -83.98 56.61
CA THR YF 38 44.20 -85.18 57.37
C THR YF 38 44.18 -84.92 58.87
N ILE YF 39 44.91 -83.90 59.34
CA ILE YF 39 44.79 -83.48 60.73
C ILE YF 39 43.38 -83.01 61.03
N LYS YF 40 42.83 -82.16 60.15
CA LYS YF 40 41.47 -81.66 60.35
C LYS YF 40 40.44 -82.77 60.18
N LEU YF 41 40.73 -83.72 59.28
CA LEU YF 41 39.86 -84.87 59.11
C LEU YF 41 39.79 -85.70 60.39
N ALA YF 42 40.94 -85.93 61.02
CA ALA YF 42 40.96 -86.69 62.27
C ALA YF 42 40.25 -85.95 63.39
N GLU YF 43 40.45 -84.63 63.47
CA GLU YF 43 39.84 -83.88 64.56
C GLU YF 43 38.34 -83.73 64.38
N ALA YF 44 37.83 -83.84 63.15
CA ALA YF 44 36.38 -83.99 63.01
C ALA YF 44 35.93 -85.41 63.32
N ALA YF 45 36.78 -86.39 62.97
CA ALA YF 45 36.39 -87.79 63.05
C ALA YF 45 36.21 -88.24 64.49
N VAL YF 46 37.05 -87.73 65.39
CA VAL YF 46 36.95 -88.11 66.80
C VAL YF 46 35.62 -87.62 67.38
N SER YF 47 35.21 -86.41 67.03
CA SER YF 47 33.97 -85.85 67.54
C SER YF 47 32.75 -86.60 67.01
N VAL YF 48 32.74 -86.90 65.71
CA VAL YF 48 31.57 -87.58 65.17
C VAL YF 48 31.51 -89.03 65.66
N SER YF 49 32.68 -89.66 65.90
CA SER YF 49 32.69 -91.01 66.44
C SER YF 49 32.18 -91.03 67.88
N ASP YF 50 32.57 -90.02 68.67
CA ASP YF 50 32.05 -89.92 70.04
C ASP YF 50 30.54 -89.72 70.06
N SER YF 51 30.04 -88.86 69.16
CA SER YF 51 28.61 -88.60 69.11
C SER YF 51 27.83 -89.84 68.72
N MET YF 52 28.31 -90.58 67.73
CA MET YF 52 27.62 -91.81 67.36
C MET YF 52 27.73 -92.87 68.44
N LEU YF 53 28.83 -92.88 69.19
CA LEU YF 53 29.00 -93.84 70.29
C LEU YF 53 27.97 -93.60 71.39
N GLU YF 54 27.83 -92.35 71.82
CA GLU YF 54 26.87 -92.08 72.88
C GLU YF 54 25.43 -92.24 72.39
N MET YF 55 25.18 -91.95 71.11
CA MET YF 55 23.86 -92.18 70.54
C MET YF 55 23.49 -93.65 70.56
N ALA YF 56 24.42 -94.51 70.14
CA ALA YF 56 24.18 -95.94 70.15
C ALA YF 56 24.00 -96.46 71.57
N LYS YF 57 24.76 -95.91 72.52
CA LYS YF 57 24.62 -96.35 73.91
C LYS YF 57 23.24 -96.01 74.48
N VAL YF 58 22.78 -94.78 74.27
CA VAL YF 58 21.50 -94.40 74.87
C VAL YF 58 20.34 -95.07 74.16
N GLU YF 59 20.46 -95.33 72.85
CA GLU YF 59 19.36 -96.02 72.18
C GLU YF 59 19.34 -97.49 72.56
N LYS YF 60 20.51 -98.08 72.83
CA LYS YF 60 20.58 -99.44 73.34
C LYS YF 60 19.92 -99.53 74.71
N VAL YF 61 20.14 -98.52 75.55
CA VAL YF 61 19.52 -98.52 76.87
C VAL YF 61 18.00 -98.38 76.77
N ILE YF 62 17.52 -97.43 75.97
CA ILE YF 62 16.09 -97.19 75.93
C ILE YF 62 15.34 -98.28 75.17
N THR YF 63 16.01 -99.04 74.30
CA THR YF 63 15.34 -100.11 73.57
C THR YF 63 15.93 -101.45 73.97
N PRO YF 64 15.21 -102.26 74.74
CA PRO YF 64 15.73 -103.58 75.12
C PRO YF 64 15.61 -104.57 73.98
N PRO YF 65 16.72 -105.16 73.54
CA PRO YF 65 16.64 -106.21 72.52
C PRO YF 65 16.07 -107.48 73.12
N SER YF 66 15.47 -108.29 72.25
CA SER YF 66 14.82 -109.53 72.69
C SER YF 66 15.50 -110.77 72.15
N LYS YF 67 15.65 -110.88 70.83
CA LYS YF 67 16.10 -112.12 70.22
C LYS YF 67 17.37 -111.88 69.41
N ASP YF 68 17.97 -112.99 68.98
CA ASP YF 68 19.20 -112.98 68.22
C ASP YF 68 19.00 -113.68 66.90
N ASN YF 69 19.67 -113.19 65.86
CA ASN YF 69 19.49 -113.68 64.51
C ASN YF 69 20.09 -115.07 64.29
N THR YF 70 20.88 -115.58 65.23
CA THR YF 70 21.55 -116.86 65.05
C THR YF 70 20.58 -118.04 65.09
N LEU YF 71 19.36 -117.84 65.60
CA LEU YF 71 18.35 -118.87 65.47
C LEU YF 71 17.92 -119.06 64.02
N THR YF 72 17.71 -117.95 63.30
CA THR YF 72 17.40 -118.04 61.88
C THR YF 72 18.65 -118.37 61.07
N ILE YF 73 19.82 -118.01 61.57
CA ILE YF 73 21.07 -118.23 60.85
C ILE YF 73 21.96 -119.15 61.67
N PRO YF 74 21.82 -120.45 61.54
CA PRO YF 74 22.77 -121.37 62.18
C PRO YF 74 23.97 -121.55 61.27
N ASN YF 75 24.86 -122.43 61.68
CA ASN YF 75 25.98 -122.83 60.86
C ASN YF 75 25.78 -124.27 60.40
N ALA YF 76 26.66 -124.72 59.53
CA ALA YF 76 26.76 -126.12 59.18
C ALA YF 76 28.21 -126.39 58.80
N TYR YF 77 28.47 -127.62 58.36
CA TYR YF 77 29.79 -127.97 57.88
C TYR YF 77 30.08 -127.24 56.57
N ASN YF 78 31.38 -127.03 56.32
CA ASN YF 78 31.96 -126.32 55.16
C ASN YF 78 31.30 -124.97 54.90
N LEU YF 79 30.85 -124.30 55.95
CA LEU YF 79 30.65 -122.86 55.94
C LEU YF 79 31.83 -122.16 56.58
N GLN YF 80 32.89 -122.91 56.87
CA GLN YF 80 34.00 -122.42 57.64
C GLN YF 80 35.11 -121.86 56.76
N ALA YF 81 34.85 -121.68 55.48
CA ALA YF 81 35.79 -120.98 54.63
C ALA YF 81 35.88 -119.53 55.07
N ARG YF 82 37.05 -118.94 54.87
CA ARG YF 82 37.31 -117.60 55.34
C ARG YF 82 37.49 -116.67 54.15
N ALA YF 83 37.16 -115.41 54.36
CA ALA YF 83 37.12 -114.46 53.27
C ALA YF 83 37.49 -113.07 53.76
N SER YF 84 38.29 -112.37 52.96
CA SER YF 84 38.49 -110.94 53.11
C SER YF 84 37.84 -110.28 51.90
N VAL YF 85 37.01 -109.28 52.18
CA VAL YF 85 36.04 -108.77 51.22
C VAL YF 85 36.06 -107.25 51.27
N ASP YF 86 36.21 -106.62 50.11
CA ASP YF 86 35.87 -105.22 49.93
C ASP YF 86 34.78 -105.14 48.87
N TRP YF 87 33.68 -104.48 49.20
CA TRP YF 87 32.54 -104.42 48.30
C TRP YF 87 31.75 -103.16 48.62
N SER YF 88 31.27 -102.48 47.58
CA SER YF 88 30.54 -101.24 47.77
C SER YF 88 29.39 -101.13 46.79
N GLY YF 89 28.64 -102.21 46.60
CA GLY YF 89 27.62 -102.21 45.58
C GLY YF 89 26.33 -102.88 46.00
N PRO YF 90 25.57 -103.37 45.02
CA PRO YF 90 24.35 -104.10 45.33
C PRO YF 90 24.62 -105.46 45.95
N ILE YF 91 23.55 -106.13 46.37
CA ILE YF 91 23.67 -107.25 47.29
C ILE YF 91 23.68 -108.57 46.52
N GLU YF 92 23.02 -108.57 45.36
CA GLU YF 92 22.65 -109.82 44.69
C GLU YF 92 23.86 -110.54 44.12
N GLU YF 93 24.76 -109.82 43.46
CA GLU YF 93 25.95 -110.45 42.91
C GLU YF 93 26.85 -110.97 44.03
N LEU YF 94 26.91 -110.24 45.14
CA LEU YF 94 27.74 -110.65 46.26
C LEU YF 94 27.23 -111.93 46.89
N THR YF 95 25.93 -112.03 47.12
CA THR YF 95 25.41 -113.26 47.70
C THR YF 95 25.40 -114.40 46.69
N ALA YF 96 25.35 -114.11 45.39
CA ALA YF 96 25.51 -115.16 44.39
C ALA YF 96 26.92 -115.72 44.40
N ARG YF 97 27.93 -114.86 44.53
CA ARG YF 97 29.31 -115.34 44.66
C ARG YF 97 29.49 -116.16 45.92
N ILE YF 98 28.86 -115.74 47.02
CA ILE YF 98 28.94 -116.48 48.28
C ILE YF 98 28.31 -117.86 48.14
N ALA YF 99 27.15 -117.94 47.48
CA ALA YF 99 26.49 -119.23 47.28
C ALA YF 99 27.30 -120.12 46.36
N LYS YF 100 27.93 -119.53 45.34
CA LYS YF 100 28.78 -120.29 44.43
C LYS YF 100 29.99 -120.85 45.16
N ALA YF 101 30.54 -120.10 46.12
CA ALA YF 101 31.60 -120.64 46.95
C ALA YF 101 31.09 -121.71 47.90
N ALA YF 102 29.85 -121.57 48.37
CA ALA YF 102 29.33 -122.48 49.39
C ALA YF 102 28.71 -123.75 48.81
N HIS YF 103 28.60 -123.85 47.48
CA HIS YF 103 28.01 -124.99 46.77
C HIS YF 103 26.59 -125.28 47.24
N PHE YF 104 25.82 -124.22 47.47
CA PHE YF 104 24.46 -124.36 47.95
C PHE YF 104 23.50 -123.78 46.93
N ARG YF 105 22.25 -124.23 46.99
CA ARG YF 105 21.25 -123.66 46.13
C ARG YF 105 20.88 -122.26 46.60
N PHE YF 106 20.51 -121.41 45.65
CA PHE YF 106 20.29 -120.00 45.89
C PHE YF 106 18.88 -119.63 45.48
N ARG YF 107 18.16 -118.92 46.34
CA ARG YF 107 16.77 -118.58 46.06
C ARG YF 107 16.51 -117.13 46.43
N VAL YF 108 15.63 -116.50 45.66
CA VAL YF 108 15.26 -115.10 45.85
C VAL YF 108 13.75 -114.99 45.95
N LEU YF 109 13.27 -114.19 46.89
CA LEU YF 109 11.84 -114.07 47.14
C LEU YF 109 11.43 -112.61 47.15
N GLY YF 110 10.31 -112.32 46.50
CA GLY YF 110 9.75 -110.99 46.47
C GLY YF 110 10.21 -110.19 45.27
N LYS YF 111 9.49 -109.10 45.02
CA LYS YF 111 9.85 -108.20 43.94
C LYS YF 111 11.15 -107.48 44.27
N SER YF 112 12.03 -107.35 43.29
CA SER YF 112 13.20 -106.53 43.47
C SER YF 112 12.78 -105.07 43.48
N PRO YF 113 13.18 -104.29 44.47
CA PRO YF 113 12.68 -102.92 44.60
C PRO YF 113 13.26 -102.01 43.53
N SER YF 114 12.54 -100.91 43.28
CA SER YF 114 12.99 -99.94 42.28
C SER YF 114 14.26 -99.25 42.73
N VAL YF 115 14.26 -98.72 43.95
CA VAL YF 115 15.51 -98.24 44.54
C VAL YF 115 16.28 -99.48 44.95
N PRO YF 116 17.52 -99.64 44.49
CA PRO YF 116 18.30 -100.82 44.86
C PRO YF 116 18.81 -100.74 46.28
N VAL YF 117 19.27 -101.89 46.77
CA VAL YF 117 19.81 -102.02 48.12
C VAL YF 117 21.33 -102.14 48.01
N LEU YF 118 22.04 -101.26 48.72
CA LEU YF 118 23.49 -101.17 48.60
C LEU YF 118 24.14 -101.51 49.92
N ILE YF 119 25.33 -102.11 49.86
CA ILE YF 119 26.03 -102.54 51.05
C ILE YF 119 27.50 -102.20 50.93
N SER YF 120 28.17 -102.10 52.08
CA SER YF 120 29.59 -101.78 52.16
C SER YF 120 30.20 -102.65 53.24
N ILE YF 121 31.09 -103.56 52.84
CA ILE YF 121 31.70 -104.51 53.77
C ILE YF 121 33.21 -104.44 53.61
N SER YF 122 33.90 -104.24 54.72
CA SER YF 122 35.36 -104.26 54.77
C SER YF 122 35.78 -105.07 55.99
N THR YF 123 35.92 -106.38 55.82
CA THR YF 123 36.30 -107.27 56.92
C THR YF 123 37.30 -108.30 56.42
N LYS YF 124 38.12 -108.80 57.33
CA LYS YF 124 39.20 -109.73 57.00
C LYS YF 124 39.08 -110.98 57.85
N ASP YF 125 39.09 -112.15 57.18
CA ASP YF 125 39.27 -113.47 57.79
C ASP YF 125 38.20 -113.77 58.83
N GLU YF 126 36.97 -113.90 58.36
CA GLU YF 126 35.87 -114.24 59.23
C GLU YF 126 35.00 -115.30 58.54
N SER YF 127 34.05 -115.84 59.30
CA SER YF 127 33.21 -116.90 58.80
C SER YF 127 32.21 -116.38 57.78
N LEU YF 128 31.79 -117.28 56.89
CA LEU YF 128 30.73 -116.96 55.96
C LEU YF 128 29.42 -116.75 56.68
N ALA YF 129 29.18 -117.53 57.73
CA ALA YF 129 27.98 -117.34 58.54
C ALA YF 129 28.01 -115.98 59.23
N GLU YF 130 29.18 -115.58 59.71
CA GLU YF 130 29.34 -114.25 60.29
C GLU YF 130 29.10 -113.16 59.26
N ILE YF 131 29.58 -113.38 58.03
CA ILE YF 131 29.35 -112.46 56.92
C ILE YF 131 27.86 -112.31 56.66
N LEU YF 132 27.14 -113.44 56.65
CA LEU YF 132 25.69 -113.41 56.43
C LEU YF 132 24.98 -112.69 57.56
N ARG YF 133 25.44 -112.90 58.81
CA ARG YF 133 24.88 -112.21 59.96
C ARG YF 133 25.03 -110.71 59.84
N ASP YF 134 26.23 -110.24 59.49
CA ASP YF 134 26.43 -108.80 59.48
C ASP YF 134 25.76 -108.15 58.27
N ILE YF 135 25.67 -108.84 57.14
CA ILE YF 135 24.98 -108.19 56.04
C ILE YF 135 23.48 -108.22 56.26
N ASP YF 136 22.95 -109.20 57.01
CA ASP YF 136 21.55 -109.12 57.38
C ASP YF 136 21.31 -107.99 58.37
N TYR YF 137 22.29 -107.75 59.24
CA TYR YF 137 22.19 -106.62 60.15
C TYR YF 137 22.24 -105.29 59.40
N GLN YF 138 23.11 -105.20 58.40
CA GLN YF 138 23.21 -103.98 57.61
C GLN YF 138 22.06 -103.84 56.61
N ALA YF 139 21.30 -104.91 56.36
CA ALA YF 139 20.11 -104.79 55.54
C ALA YF 139 19.07 -103.89 56.20
N GLY YF 140 18.93 -104.00 57.51
CA GLY YF 140 17.93 -103.22 58.20
C GLY YF 140 16.57 -103.81 57.99
N LYS YF 141 15.65 -103.02 57.45
CA LYS YF 141 14.28 -103.46 57.23
C LYS YF 141 13.96 -103.69 55.76
N LYS YF 142 14.96 -103.86 54.91
CA LYS YF 142 14.69 -104.00 53.49
C LYS YF 142 14.67 -105.44 53.03
N ALA YF 143 15.58 -106.27 53.53
CA ALA YF 143 15.62 -107.66 53.09
C ALA YF 143 16.12 -108.54 54.23
N SER YF 144 15.84 -109.83 54.11
CA SER YF 144 16.20 -110.79 55.15
C SER YF 144 16.77 -112.04 54.51
N ILE YF 145 17.58 -112.75 55.28
CA ILE YF 145 18.31 -113.93 54.83
C ILE YF 145 17.85 -115.12 55.67
N HIS YF 146 17.50 -116.21 55.01
CA HIS YF 146 17.17 -117.45 55.70
C HIS YF 146 17.97 -118.58 55.09
N VAL YF 147 18.63 -119.36 55.92
CA VAL YF 147 19.47 -120.47 55.48
C VAL YF 147 18.88 -121.77 56.00
N TYR YF 148 18.70 -122.72 55.11
CA TYR YF 148 18.32 -124.06 55.52
C TYR YF 148 19.50 -124.99 55.30
N PRO YF 149 20.14 -125.48 56.35
CA PRO YF 149 21.40 -126.23 56.20
C PRO YF 149 21.19 -127.65 55.72
N ASN YF 150 20.14 -128.29 56.23
CA ASN YF 150 19.78 -129.62 55.76
C ASN YF 150 19.36 -129.58 54.30
N SER YF 151 18.65 -128.53 53.90
CA SER YF 151 18.27 -128.37 52.51
C SER YF 151 19.40 -127.80 51.66
N GLN YF 152 20.46 -127.30 52.29
CA GLN YF 152 21.61 -126.68 51.63
C GLN YF 152 21.19 -125.51 50.74
N VAL YF 153 20.41 -124.61 51.31
CA VAL YF 153 19.74 -123.54 50.58
C VAL YF 153 20.00 -122.24 51.31
N VAL YF 154 20.39 -121.20 50.56
CA VAL YF 154 20.39 -119.83 51.04
C VAL YF 154 19.31 -119.07 50.29
N GLU YF 155 18.52 -118.29 51.03
CA GLU YF 155 17.39 -117.61 50.46
C GLU YF 155 17.38 -116.16 50.91
N LEU YF 156 17.15 -115.26 49.97
CA LEU YF 156 16.87 -113.86 50.25
C LEU YF 156 15.37 -113.60 50.15
N ARG YF 157 14.89 -112.61 50.90
CA ARG YF 157 13.50 -112.19 50.76
C ARG YF 157 13.40 -110.68 50.95
N TYR YF 158 12.67 -110.03 50.05
CA TYR YF 158 12.48 -108.58 50.09
C TYR YF 158 11.28 -108.23 50.95
N ALA YF 159 11.30 -107.03 51.53
CA ALA YF 159 10.27 -106.62 52.46
C ALA YF 159 8.96 -106.33 51.73
N LYS YF 160 7.86 -106.70 52.37
CA LYS YF 160 6.52 -106.48 51.81
C LYS YF 160 6.04 -105.11 52.27
N ILE YF 161 6.50 -104.10 51.55
CA ILE YF 161 5.97 -102.74 51.68
C ILE YF 161 5.84 -102.21 50.25
N TYR YF 162 5.07 -101.14 50.11
CA TYR YF 162 4.69 -100.50 48.83
C TYR YF 162 3.91 -101.48 47.97
N ARG ZF 207 -20.65 -47.10 101.46
CA ARG ZF 207 -21.06 -48.01 100.39
C ARG ZF 207 -21.21 -47.27 99.07
N ILE ZF 208 -22.31 -47.51 98.36
CA ILE ZF 208 -22.57 -46.90 97.06
C ILE ZF 208 -23.88 -46.12 97.14
N ILE ZF 209 -23.84 -44.85 96.76
CA ILE ZF 209 -24.94 -43.92 96.93
C ILE ZF 209 -25.50 -43.56 95.57
N TYR ZF 210 -26.82 -43.41 95.48
CA TYR ZF 210 -27.51 -43.11 94.24
C TYR ZF 210 -28.27 -41.80 94.35
N TYR ZF 211 -28.24 -41.02 93.28
CA TYR ZF 211 -28.96 -39.75 93.18
C TYR ZF 211 -29.63 -39.68 91.81
N ILE ZF 212 -30.76 -38.96 91.77
CA ILE ZF 212 -31.55 -38.91 90.55
C ILE ZF 212 -30.87 -38.02 89.53
N GLN ZF 213 -30.69 -38.54 88.32
CA GLN ZF 213 -30.19 -37.75 87.21
C GLN ZF 213 -31.31 -37.21 86.33
N ALA ZF 214 -32.33 -38.02 86.04
CA ALA ZF 214 -33.46 -37.55 85.25
C ALA ZF 214 -34.69 -38.36 85.64
N VAL ZF 215 -35.85 -37.70 85.59
CA VAL ZF 215 -37.10 -38.31 86.01
C VAL ZF 215 -38.14 -38.13 84.90
N ILE ZF 216 -38.72 -39.24 84.45
CA ILE ZF 216 -39.89 -39.22 83.58
C ILE ZF 216 -40.94 -40.13 84.20
N PRO ZF 217 -42.19 -40.01 83.79
CA PRO ZF 217 -43.14 -41.10 84.03
C PRO ZF 217 -42.69 -42.37 83.31
N GLY ZF 218 -42.82 -43.50 83.99
CA GLY ZF 218 -42.41 -44.78 83.43
C GLY ZF 218 -40.99 -45.22 83.75
N ARG ZF 219 -39.99 -44.60 83.11
CA ARG ZF 219 -38.60 -44.94 83.38
C ARG ZF 219 -38.03 -43.99 84.44
N ALA ZF 220 -36.83 -44.30 84.92
CA ALA ZF 220 -36.15 -43.39 85.82
C ALA ZF 220 -34.65 -43.43 85.61
N TRP ZF 221 -34.00 -42.27 85.65
CA TRP ZF 221 -32.56 -42.17 85.49
C TRP ZF 221 -31.91 -41.72 86.79
N LEU ZF 222 -30.92 -42.49 87.23
CA LEU ZF 222 -30.15 -42.20 88.43
C LEU ZF 222 -28.67 -42.19 88.09
N ILE ZF 223 -27.87 -41.68 89.02
CA ILE ZF 223 -26.41 -41.67 88.89
C ILE ZF 223 -25.82 -42.30 90.14
N GLY ZF 224 -24.59 -42.80 90.01
CA GLY ZF 224 -23.92 -43.46 91.11
C GLY ZF 224 -23.06 -42.52 91.93
N SER ZF 225 -22.65 -43.00 93.11
CA SER ZF 225 -21.67 -42.28 93.91
C SER ZF 225 -20.31 -42.26 93.22
N ASN ZF 226 -19.97 -43.33 92.51
CA ASN ZF 226 -18.81 -43.32 91.64
C ASN ZF 226 -19.14 -42.73 90.26
N GLY ZF 227 -20.38 -42.32 90.04
CA GLY ZF 227 -20.79 -41.77 88.77
C GLY ZF 227 -21.54 -42.73 87.87
N SER ZF 228 -21.92 -43.91 88.36
CA SER ZF 228 -22.56 -44.92 87.54
C SER ZF 228 -23.99 -44.49 87.25
N THR ZF 229 -24.24 -44.05 86.02
CA THR ZF 229 -25.57 -43.65 85.59
C THR ZF 229 -26.33 -44.85 85.04
N LEU ZF 230 -27.63 -44.85 85.26
CA LEU ZF 230 -28.46 -46.00 84.94
C LEU ZF 230 -29.90 -45.56 84.81
N THR ZF 231 -30.71 -46.45 84.23
CA THR ZF 231 -32.14 -46.24 84.13
C THR ZF 231 -32.85 -47.51 84.54
N VAL ZF 232 -34.02 -47.34 85.15
CA VAL ZF 232 -34.77 -48.44 85.72
C VAL ZF 232 -36.24 -48.38 85.31
N ARG ZF 233 -36.86 -49.56 85.33
CA ARG ZF 233 -38.27 -49.80 85.10
C ARG ZF 233 -39.05 -49.64 86.40
N GLU ZF 234 -40.37 -49.85 86.32
CA GLU ZF 234 -41.16 -49.99 87.54
C GLU ZF 234 -40.80 -51.28 88.27
N GLY ZF 235 -40.80 -52.40 87.56
CA GLY ZF 235 -40.28 -53.62 88.13
C GLY ZF 235 -38.83 -53.79 87.77
N SER ZF 236 -37.95 -53.36 88.67
CA SER ZF 236 -36.51 -53.37 88.41
C SER ZF 236 -35.80 -53.65 89.71
N LYS ZF 237 -35.05 -54.75 89.75
CA LYS ZF 237 -34.40 -55.21 90.97
C LYS ZF 237 -32.99 -54.59 91.01
N ILE ZF 238 -32.82 -53.61 91.88
CA ILE ZF 238 -31.64 -52.75 91.89
C ILE ZF 238 -30.70 -53.23 92.98
N PRO ZF 239 -29.43 -53.49 92.69
CA PRO ZF 239 -28.51 -53.96 93.72
C PRO ZF 239 -28.22 -52.89 94.76
N GLY ZF 240 -28.17 -53.32 96.02
CA GLY ZF 240 -27.98 -52.43 97.14
C GLY ZF 240 -29.25 -51.81 97.68
N TYR ZF 241 -30.35 -51.88 96.95
CA TYR ZF 241 -31.58 -51.24 97.37
C TYR ZF 241 -32.81 -52.13 97.15
N GLY ZF 242 -32.62 -53.37 96.75
CA GLY ZF 242 -33.73 -54.28 96.52
C GLY ZF 242 -34.39 -54.06 95.18
N MET ZF 243 -35.60 -53.51 95.19
CA MET ZF 243 -36.31 -53.20 93.96
C MET ZF 243 -37.23 -52.02 94.22
N VAL ZF 244 -37.69 -51.40 93.13
CA VAL ZF 244 -38.54 -50.23 93.23
C VAL ZF 244 -39.97 -50.68 93.48
N LYS ZF 245 -40.55 -50.23 94.60
CA LYS ZF 245 -41.95 -50.52 94.86
C LYS ZF 245 -42.86 -49.73 93.93
N LEU ZF 246 -42.52 -48.47 93.66
CA LEU ZF 246 -43.37 -47.58 92.88
C LEU ZF 246 -42.53 -46.42 92.37
N ILE ZF 247 -42.79 -46.01 91.14
CA ILE ZF 247 -42.15 -44.83 90.54
C ILE ZF 247 -43.16 -43.70 90.56
N ASP ZF 248 -42.78 -42.58 91.18
CA ASP ZF 248 -43.57 -41.36 91.17
C ASP ZF 248 -42.82 -40.31 90.36
N SER ZF 249 -43.46 -39.80 89.31
CA SER ZF 249 -42.82 -38.78 88.49
C SER ZF 249 -42.75 -37.45 89.23
N LEU ZF 250 -43.84 -37.06 89.89
CA LEU ZF 250 -43.81 -35.85 90.69
C LEU ZF 250 -43.14 -36.13 92.02
N GLN ZF 251 -42.77 -35.04 92.71
CA GLN ZF 251 -42.16 -34.96 94.04
C GLN ZF 251 -40.74 -35.52 94.10
N GLY ZF 252 -40.20 -36.06 93.01
CA GLY ZF 252 -38.82 -36.51 92.96
C GLY ZF 252 -38.48 -37.67 93.87
N ARG ZF 253 -39.42 -38.59 94.08
CA ARG ZF 253 -39.23 -39.69 95.02
C ARG ZF 253 -39.02 -40.98 94.25
N ILE ZF 254 -37.93 -41.70 94.55
CA ILE ZF 254 -37.72 -43.03 94.01
C ILE ZF 254 -37.74 -44.00 95.17
N LEU ZF 255 -38.85 -44.71 95.35
CA LEU ZF 255 -39.04 -45.57 96.51
C LEU ZF 255 -38.45 -46.94 96.22
N THR ZF 256 -37.71 -47.49 97.19
CA THR ZF 256 -37.11 -48.80 97.05
C THR ZF 256 -37.71 -49.76 98.08
N SER ZF 257 -37.46 -51.05 97.86
CA SER ZF 257 -37.87 -52.06 98.82
C SER ZF 257 -36.91 -52.19 100.00
N SER ZF 258 -35.79 -51.49 99.97
CA SER ZF 258 -34.88 -51.42 101.10
C SER ZF 258 -35.25 -50.31 102.07
N GLY ZF 259 -36.45 -49.75 101.96
CA GLY ZF 259 -36.86 -48.66 102.83
C GLY ZF 259 -36.13 -47.37 102.58
N GLN ZF 260 -35.61 -47.17 101.37
CA GLN ZF 260 -34.85 -45.98 101.02
C GLN ZF 260 -35.47 -45.30 99.81
N VAL ZF 261 -35.53 -43.97 99.85
CA VAL ZF 261 -36.08 -43.18 98.75
C VAL ZF 261 -34.96 -42.32 98.19
N ILE ZF 262 -34.68 -42.50 96.91
CA ILE ZF 262 -33.68 -41.70 96.22
C ILE ZF 262 -34.29 -40.35 95.88
N LYS ZF 263 -33.56 -39.29 96.25
CA LYS ZF 263 -33.80 -37.91 95.88
C LYS ZF 263 -32.68 -37.46 94.95
N PHE ZF 264 -32.76 -36.22 94.48
CA PHE ZF 264 -31.71 -35.64 93.67
C PHE ZF 264 -30.51 -35.29 94.53
N SER ZF 265 -29.45 -34.84 93.86
CA SER ZF 265 -28.38 -34.15 94.56
C SER ZF 265 -28.89 -32.81 95.07
N GLN ZF 266 -28.68 -32.53 96.35
CA GLN ZF 266 -29.15 -31.27 96.92
C GLN ZF 266 -28.33 -30.09 96.42
N GLU ZF 267 -27.04 -30.31 96.14
CA GLU ZF 267 -26.22 -29.28 95.52
C GLU ZF 267 -26.70 -28.96 94.12
N ASP ZF 268 -27.04 -29.98 93.34
CA ASP ZF 268 -27.46 -29.80 91.95
C ASP ZF 268 -28.94 -30.11 91.87
N SER ZF 269 -29.77 -29.11 92.15
CA SER ZF 269 -31.21 -29.29 92.15
C SER ZF 269 -31.87 -28.40 91.11
N GLN AG 791 -80.74 -16.44 89.30
CA GLN AG 791 -79.29 -16.24 89.34
C GLN AG 791 -78.67 -16.39 87.95
N GLN AG 792 -79.19 -15.63 86.99
CA GLN AG 792 -78.63 -15.58 85.65
C GLN AG 792 -77.49 -14.57 85.53
N GLU AG 793 -77.17 -13.87 86.62
CA GLU AG 793 -76.13 -12.84 86.61
C GLU AG 793 -74.72 -13.43 86.53
N ILE AG 794 -74.57 -14.75 86.64
CA ILE AG 794 -73.26 -15.36 86.61
C ILE AG 794 -72.66 -15.32 85.21
N GLN AG 795 -73.47 -15.68 84.20
CA GLN AG 795 -72.92 -16.18 82.94
C GLN AG 795 -72.28 -15.09 82.08
N GLN AG 796 -72.68 -13.83 82.28
CA GLN AG 796 -72.04 -12.75 81.53
C GLN AG 796 -70.60 -12.53 81.99
N ARG AG 797 -70.33 -12.72 83.28
CA ARG AG 797 -68.96 -12.63 83.75
C ARG AG 797 -68.15 -13.85 83.34
N THR AG 798 -68.82 -14.98 83.09
CA THR AG 798 -68.11 -16.14 82.58
C THR AG 798 -67.68 -15.93 81.13
N SER AG 799 -68.41 -15.09 80.40
CA SER AG 799 -68.18 -14.92 78.98
C SER AG 799 -66.86 -14.20 78.71
N ASP AG 800 -66.72 -12.99 79.25
CA ASP AG 800 -65.53 -12.18 79.01
C ASP AG 800 -64.29 -12.75 79.67
N MET AG 801 -64.45 -13.48 80.77
CA MET AG 801 -63.31 -14.17 81.37
C MET AG 801 -62.82 -15.28 80.46
N LEU AG 802 -63.73 -15.96 79.77
CA LEU AG 802 -63.34 -16.98 78.80
C LEU AG 802 -62.58 -16.36 77.63
N THR AG 803 -63.03 -15.21 77.16
CA THR AG 803 -62.31 -14.52 76.08
C THR AG 803 -60.96 -14.02 76.56
N ALA AG 804 -60.89 -13.55 77.81
CA ALA AG 804 -59.62 -13.07 78.33
C ALA AG 804 -58.63 -14.20 78.57
N ALA AG 805 -59.12 -15.33 79.11
CA ALA AG 805 -58.23 -16.44 79.40
C ALA AG 805 -57.74 -17.12 78.14
N THR AG 806 -58.62 -17.26 77.14
CA THR AG 806 -58.21 -17.85 75.86
C THR AG 806 -57.24 -16.93 75.13
N GLN AG 807 -57.34 -15.62 75.37
CA GLN AG 807 -56.33 -14.70 74.87
C GLN AG 807 -54.97 -15.00 75.50
N LEU AG 808 -54.95 -15.25 76.80
CA LEU AG 808 -53.66 -15.50 77.45
C LEU AG 808 -53.11 -16.88 77.12
N VAL AG 809 -53.99 -17.83 76.82
CA VAL AG 809 -53.53 -19.21 76.65
C VAL AG 809 -52.82 -19.39 75.32
N GLN AG 810 -53.06 -18.51 74.35
CA GLN AG 810 -52.25 -18.55 73.14
C GLN AG 810 -50.98 -17.72 73.27
N ASP AG 811 -51.00 -16.71 74.15
CA ASP AG 811 -49.76 -16.00 74.48
C ASP AG 811 -48.78 -16.92 75.19
N TRP AG 812 -49.28 -17.69 76.15
CA TRP AG 812 -48.43 -18.64 76.87
C TRP AG 812 -48.10 -19.87 76.03
N LYS AG 813 -48.85 -20.13 74.95
CA LYS AG 813 -48.57 -21.29 74.13
C LYS AG 813 -47.32 -21.10 73.31
N GLN AG 814 -47.16 -19.94 72.70
CA GLN AG 814 -46.07 -19.70 71.77
C GLN AG 814 -44.92 -18.97 72.47
N VAL AG 815 -43.71 -19.36 72.11
CA VAL AG 815 -42.50 -18.63 72.43
C VAL AG 815 -41.69 -18.54 71.15
N GLU AG 816 -41.36 -17.33 70.72
CA GLU AG 816 -40.54 -17.17 69.53
C GLU AG 816 -39.13 -17.70 69.78
N THR AG 817 -38.52 -18.21 68.72
CA THR AG 817 -37.26 -18.90 68.87
C THR AG 817 -36.11 -17.91 69.08
N GLN AG 818 -34.95 -18.46 69.40
CA GLN AG 818 -33.74 -17.68 69.61
C GLN AG 818 -33.24 -17.11 68.29
N VAL AG 819 -32.30 -16.18 68.41
CA VAL AG 819 -31.54 -15.72 67.25
C VAL AG 819 -30.07 -15.89 67.56
N TYR AG 820 -29.30 -16.11 66.50
CA TYR AG 820 -27.85 -16.21 66.59
C TYR AG 820 -27.24 -15.15 65.69
N THR AG 821 -26.24 -14.45 66.21
CA THR AG 821 -25.56 -13.41 65.44
C THR AG 821 -24.06 -13.70 65.47
N GLU AG 822 -23.29 -12.81 64.85
CA GLU AG 822 -21.88 -13.06 64.66
C GLU AG 822 -21.13 -11.73 64.58
N GLY AG 823 -19.81 -11.84 64.63
CA GLY AG 823 -18.91 -10.72 64.40
C GLY AG 823 -17.49 -11.24 64.32
N THR AG 824 -16.78 -10.91 63.25
CA THR AG 824 -15.45 -11.47 63.03
C THR AG 824 -14.37 -10.42 63.25
N ALA BG 104 -74.29 36.39 88.75
CA ALA BG 104 -74.67 35.84 87.44
C ALA BG 104 -73.49 35.13 86.80
N GLU BG 105 -72.72 34.43 87.62
CA GLU BG 105 -71.56 33.68 87.14
C GLU BG 105 -71.53 32.24 87.63
N VAL BG 106 -72.51 31.84 88.46
CA VAL BG 106 -72.56 30.47 88.97
C VAL BG 106 -72.83 29.49 87.84
N ILE BG 107 -73.56 29.92 86.80
CA ILE BG 107 -73.74 29.13 85.59
C ILE BG 107 -72.39 28.85 84.94
N ASP BG 108 -71.54 29.88 84.87
CA ASP BG 108 -70.21 29.73 84.32
C ASP BG 108 -69.35 28.80 85.17
N LYS BG 109 -69.45 28.92 86.51
CA LYS BG 109 -68.66 28.05 87.39
C LYS BG 109 -69.11 26.59 87.28
N LYS BG 110 -70.42 26.36 87.17
CA LYS BG 110 -70.93 25.01 86.94
C LYS BG 110 -70.42 24.46 85.62
N ALA BG 111 -70.38 25.31 84.58
CA ALA BG 111 -69.82 24.89 83.30
C ALA BG 111 -68.35 24.56 83.42
N PHE BG 112 -67.60 25.30 84.23
CA PHE BG 112 -66.17 25.04 84.39
C PHE BG 112 -65.92 23.71 85.09
N LYS BG 113 -66.64 23.45 86.19
CA LYS BG 113 -66.41 22.22 86.92
C LYS BG 113 -66.92 21.00 86.14
N ASP BG 114 -68.01 21.15 85.39
CA ASP BG 114 -68.46 20.04 84.56
C ASP BG 114 -67.56 19.84 83.36
N MET BG 115 -66.92 20.92 82.87
CA MET BG 115 -65.93 20.79 81.81
C MET BG 115 -64.72 20.00 82.30
N THR BG 116 -64.26 20.28 83.53
CA THR BG 116 -63.16 19.51 84.10
C THR BG 116 -63.57 18.05 84.32
N ARG BG 117 -64.80 17.83 84.78
CA ARG BG 117 -65.29 16.46 84.98
C ARG BG 117 -65.34 15.67 83.68
N ASN BG 118 -65.83 16.31 82.61
CA ASN BG 118 -65.90 15.62 81.33
C ASN BG 118 -64.53 15.46 80.69
N LEU BG 119 -63.63 16.41 80.93
CA LEU BG 119 -62.30 16.29 80.35
C LEU BG 119 -61.50 15.19 81.02
N TYR BG 120 -61.64 15.04 82.33
CA TYR BG 120 -61.01 13.93 83.05
C TYR BG 120 -62.10 13.24 83.84
N PRO BG 121 -62.74 12.22 83.25
CA PRO BG 121 -63.67 11.40 84.03
C PRO BG 121 -63.01 10.65 85.17
N LEU BG 122 -61.72 10.33 85.04
CA LEU BG 122 -60.99 9.59 86.06
C LEU BG 122 -60.21 10.55 86.94
N ASN BG 123 -60.32 10.35 88.26
CA ASN BG 123 -59.53 11.12 89.21
C ASN BG 123 -58.06 10.66 89.15
N PRO BG 124 -57.12 11.55 89.47
CA PRO BG 124 -55.70 11.16 89.47
C PRO BG 124 -55.36 10.05 90.44
N GLU BG 125 -56.05 10.01 91.59
CA GLU BG 125 -55.87 8.89 92.52
C GLU BG 125 -56.36 7.59 91.90
N GLN BG 126 -57.45 7.64 91.14
CA GLN BG 126 -57.91 6.46 90.42
C GLN BG 126 -56.95 6.07 89.31
N VAL BG 127 -56.27 7.06 88.72
CA VAL BG 127 -55.24 6.79 87.73
C VAL BG 127 -54.07 6.05 88.38
N VAL BG 128 -53.66 6.49 89.56
CA VAL BG 128 -52.60 5.81 90.31
C VAL BG 128 -53.03 4.41 90.69
N LYS BG 129 -54.30 4.25 91.07
CA LYS BG 129 -54.86 2.95 91.42
C LYS BG 129 -54.81 1.99 90.23
N LEU BG 130 -55.22 2.45 89.05
CA LEU BG 130 -55.16 1.58 87.89
C LEU BG 130 -53.72 1.35 87.43
N LYS BG 131 -52.79 2.23 87.78
CA LYS BG 131 -51.37 1.91 87.56
C LYS BG 131 -50.92 0.77 88.46
N GLN BG 132 -51.42 0.75 89.69
CA GLN BG 132 -51.14 -0.38 90.58
C GLN BG 132 -51.73 -1.67 90.02
N ILE BG 133 -52.94 -1.58 89.45
CA ILE BG 133 -53.55 -2.74 88.81
C ILE BG 133 -52.78 -3.15 87.56
N TYR BG 134 -52.20 -2.19 86.84
CA TYR BG 134 -51.33 -2.48 85.70
C TYR BG 134 -50.13 -3.31 86.13
N GLU BG 135 -49.49 -2.89 87.23
CA GLU BG 135 -48.36 -3.66 87.74
C GLU BG 135 -48.78 -5.01 88.28
N THR BG 136 -49.99 -5.09 88.86
CA THR BG 136 -50.52 -6.36 89.37
C THR BG 136 -50.73 -7.35 88.24
N SER BG 137 -51.35 -6.90 87.16
CA SER BG 137 -51.60 -7.76 86.00
C SER BG 137 -50.30 -8.12 85.30
N GLU BG 138 -49.35 -7.17 85.25
CA GLU BG 138 -48.05 -7.45 84.64
C GLU BG 138 -47.29 -8.51 85.42
N TYR BG 139 -47.31 -8.44 86.76
CA TYR BG 139 -46.62 -9.45 87.54
C TYR BG 139 -47.36 -10.77 87.55
N ALA BG 140 -48.70 -10.73 87.40
CA ALA BG 140 -49.45 -11.97 87.25
C ALA BG 140 -49.11 -12.67 85.94
N LYS BG 141 -48.94 -11.89 84.86
CA LYS BG 141 -48.46 -12.45 83.60
C LYS BG 141 -47.05 -12.98 83.74
N ALA BG 142 -46.20 -12.25 84.47
CA ALA BG 142 -44.81 -12.65 84.66
C ALA BG 142 -44.65 -13.78 85.68
N ALA BG 143 -45.71 -14.16 86.36
CA ALA BG 143 -45.62 -15.21 87.38
C ALA BG 143 -45.39 -16.57 86.73
N THR BG 144 -44.35 -17.27 87.20
CA THR BG 144 -43.97 -18.58 86.69
C THR BG 144 -44.60 -19.66 87.55
N PRO BG 145 -45.30 -20.63 86.95
CA PRO BG 145 -45.88 -21.71 87.74
C PRO BG 145 -44.82 -22.64 88.30
N GLY BG 146 -44.94 -22.93 89.60
CA GLY BG 146 -44.00 -23.80 90.27
C GLY BG 146 -42.64 -23.15 90.51
N THR BG 147 -41.75 -23.95 91.07
CA THR BG 147 -40.43 -23.38 91.30
C THR BG 147 -39.57 -23.48 90.04
N PRO BG 148 -38.79 -22.45 89.73
CA PRO BG 148 -37.92 -22.52 88.57
C PRO BG 148 -36.76 -23.46 88.82
N PRO BG 149 -36.18 -24.04 87.76
CA PRO BG 149 -35.03 -24.92 87.93
C PRO BG 149 -33.78 -24.13 88.29
N LYS BG 150 -32.81 -24.85 88.85
CA LYS BG 150 -31.53 -24.26 89.21
C LYS BG 150 -30.58 -24.28 88.02
N PRO BG 151 -29.95 -23.15 87.69
CA PRO BG 151 -28.89 -23.16 86.66
C PRO BG 151 -27.70 -23.98 87.09
N THR BG 152 -27.17 -24.77 86.15
CA THR BG 152 -26.13 -25.73 86.48
C THR BG 152 -25.16 -25.86 85.32
N ALA BG 153 -23.96 -26.35 85.64
CA ALA BG 153 -22.98 -26.73 84.64
C ALA BG 153 -22.29 -28.00 85.10
N THR BG 154 -22.11 -28.96 84.18
CA THR BG 154 -21.61 -30.28 84.52
C THR BG 154 -20.82 -30.86 83.35
N SER BG 155 -20.07 -31.92 83.65
CA SER BG 155 -19.38 -32.69 82.64
C SER BG 155 -19.60 -34.17 82.89
N GLN BG 156 -19.61 -34.95 81.81
CA GLN BG 156 -19.86 -36.37 81.89
C GLN BG 156 -18.84 -37.12 81.03
N PHE BG 157 -18.87 -38.44 81.15
CA PHE BG 157 -18.05 -39.34 80.35
C PHE BG 157 -18.90 -39.94 79.22
N VAL BG 158 -18.27 -40.15 78.08
CA VAL BG 158 -18.92 -40.73 76.91
C VAL BG 158 -18.37 -42.13 76.70
N ASN BG 159 -19.27 -43.11 76.63
CA ASN BG 159 -18.91 -44.51 76.55
C ASN BG 159 -19.27 -45.08 75.19
N LEU BG 160 -18.51 -46.09 74.76
CA LEU BG 160 -18.73 -46.73 73.47
C LEU BG 160 -19.01 -48.21 73.56
N SER BG 161 -19.00 -48.80 74.76
CA SER BG 161 -19.41 -50.18 74.90
C SER BG 161 -20.93 -50.29 74.69
N PRO BG 162 -21.40 -51.38 74.08
CA PRO BG 162 -22.85 -51.50 73.81
C PRO BG 162 -23.70 -51.61 75.07
N GLY BG 163 -23.17 -52.21 76.13
CA GLY BG 163 -23.95 -52.37 77.35
C GLY BG 163 -24.12 -51.11 78.17
N SER BG 164 -23.36 -50.06 77.88
CA SER BG 164 -23.43 -48.84 78.65
C SER BG 164 -24.64 -48.00 78.23
N THR BG 165 -24.83 -46.90 78.94
CA THR BG 165 -25.99 -46.05 78.72
C THR BG 165 -25.60 -44.73 78.08
N PRO BG 166 -26.42 -44.21 77.17
CA PRO BG 166 -26.12 -42.91 76.57
C PRO BG 166 -26.38 -41.78 77.55
N PRO BG 167 -25.73 -40.64 77.37
CA PRO BG 167 -25.95 -39.51 78.29
C PRO BG 167 -27.32 -38.86 78.11
N VAL BG 168 -27.77 -38.24 79.20
CA VAL BG 168 -29.08 -37.61 79.33
C VAL BG 168 -28.87 -36.13 79.64
N ILE BG 169 -29.58 -35.26 78.93
CA ILE BG 169 -29.42 -33.81 79.07
C ILE BG 169 -30.76 -33.20 79.45
N ARG BG 170 -30.79 -32.48 80.56
CA ARG BG 170 -31.99 -31.76 81.00
C ARG BG 170 -32.14 -30.46 80.22
N LEU BG 171 -33.37 -30.15 79.85
CA LEU BG 171 -33.70 -28.92 79.13
C LEU BG 171 -34.93 -28.30 79.77
N SER BG 172 -35.29 -27.11 79.29
CA SER BG 172 -36.53 -26.46 79.66
C SER BG 172 -36.92 -25.47 78.57
N GLN BG 173 -38.21 -25.23 78.45
CA GLN BG 173 -38.76 -24.42 77.37
C GLN BG 173 -38.42 -22.95 77.56
N GLY BG 174 -37.87 -22.33 76.53
CA GLY BG 174 -37.50 -20.93 76.58
C GLY BG 174 -36.09 -20.67 77.03
N PHE BG 175 -35.18 -21.62 76.87
CA PHE BG 175 -33.83 -21.48 77.37
C PHE BG 175 -32.83 -21.99 76.35
N VAL BG 176 -31.60 -21.50 76.46
CA VAL BG 176 -30.51 -21.87 75.58
C VAL BG 176 -29.54 -22.73 76.38
N SER BG 177 -29.40 -23.97 75.97
CA SER BG 177 -28.42 -24.87 76.56
C SER BG 177 -27.22 -24.97 75.62
N SER BG 178 -26.04 -24.70 76.16
CA SER BG 178 -24.81 -24.68 75.37
C SER BG 178 -24.09 -26.02 75.54
N LEU BG 179 -23.87 -26.71 74.43
CA LEU BG 179 -23.14 -27.98 74.43
C LEU BG 179 -21.88 -27.80 73.62
N VAL BG 180 -20.73 -27.82 74.30
CA VAL BG 180 -19.42 -27.75 73.66
C VAL BG 180 -18.74 -29.09 73.87
N PHE BG 181 -18.28 -29.69 72.78
CA PHE BG 181 -17.93 -31.10 72.76
C PHE BG 181 -16.42 -31.27 72.81
N LEU BG 182 -15.94 -31.95 73.85
CA LEU BG 182 -14.52 -32.18 74.04
C LEU BG 182 -14.24 -33.67 74.21
N ASP BG 183 -13.00 -34.01 74.57
CA ASP BG 183 -12.61 -35.38 74.82
C ASP BG 183 -12.20 -35.54 76.29
N SER BG 184 -11.69 -36.73 76.64
CA SER BG 184 -11.20 -36.96 77.99
C SER BG 184 -9.93 -36.17 78.27
N THR BG 185 -9.16 -35.86 77.23
CA THR BG 185 -7.97 -35.04 77.37
C THR BG 185 -8.27 -33.56 77.36
N GLY BG 186 -9.51 -33.16 77.12
CA GLY BG 186 -9.89 -31.77 77.14
C GLY BG 186 -9.63 -31.00 75.87
N ALA BG 187 -9.15 -31.67 74.81
CA ALA BG 187 -8.96 -30.99 73.55
C ALA BG 187 -10.31 -30.75 72.87
N PRO BG 188 -10.44 -29.66 72.11
CA PRO BG 188 -11.64 -29.48 71.30
C PRO BG 188 -11.68 -30.47 70.15
N TRP BG 189 -12.89 -30.86 69.77
CA TRP BG 189 -13.07 -31.80 68.68
C TRP BG 189 -14.19 -31.32 67.77
N PRO BG 190 -13.88 -31.00 66.50
CA PRO BG 190 -14.91 -30.51 65.59
C PRO BG 190 -15.91 -31.60 65.22
N ILE BG 191 -17.13 -31.15 64.95
CA ILE BG 191 -18.26 -32.03 64.63
C ILE BG 191 -18.39 -32.10 63.12
N ALA BG 192 -18.30 -33.31 62.57
CA ALA BG 192 -18.49 -33.46 61.14
C ALA BG 192 -19.96 -33.27 60.76
N ALA BG 193 -20.87 -33.92 61.48
CA ALA BG 193 -22.28 -33.87 61.12
C ALA BG 193 -23.13 -34.18 62.35
N TYR BG 194 -24.41 -33.86 62.24
CA TYR BG 194 -25.33 -34.14 63.32
C TYR BG 194 -26.72 -34.41 62.76
N ASP BG 195 -27.50 -35.18 63.51
CA ASP BG 195 -28.86 -35.54 63.15
C ASP BG 195 -29.76 -35.16 64.31
N LEU BG 196 -30.88 -34.51 63.99
CA LEU BG 196 -31.80 -33.96 64.96
C LEU BG 196 -33.18 -34.54 64.75
N GLY BG 197 -33.81 -34.98 65.84
CA GLY BG 197 -35.19 -35.40 65.82
C GLY BG 197 -36.07 -34.30 66.38
N ASP BG 198 -37.25 -34.15 65.76
CA ASP BG 198 -38.23 -33.08 66.01
C ASP BG 198 -37.59 -31.71 65.96
N PRO BG 199 -37.23 -31.21 64.77
CA PRO BG 199 -36.66 -29.86 64.68
C PRO BG 199 -37.67 -28.77 64.98
N SER BG 200 -38.96 -29.07 64.91
CA SER BG 200 -39.96 -28.11 65.36
C SER BG 200 -39.85 -27.85 66.85
N SER BG 201 -39.64 -28.91 67.64
CA SER BG 201 -39.56 -28.77 69.08
C SER BG 201 -38.14 -28.52 69.58
N PHE BG 202 -37.13 -28.67 68.72
CA PHE BG 202 -35.75 -28.42 69.15
C PHE BG 202 -35.00 -27.65 68.07
N ASN BG 203 -34.43 -26.52 68.44
CA ASN BG 203 -33.76 -25.63 67.50
C ASN BG 203 -32.26 -25.60 67.79
N ILE BG 204 -31.45 -25.80 66.76
CA ILE BG 204 -30.00 -25.91 66.87
C ILE BG 204 -29.37 -24.89 65.94
N GLN BG 205 -28.42 -24.12 66.45
CA GLN BG 205 -27.56 -23.27 65.64
C GLN BG 205 -26.13 -23.77 65.77
N TRP BG 206 -25.43 -23.84 64.64
CA TRP BG 206 -24.09 -24.43 64.63
C TRP BG 206 -23.29 -23.82 63.50
N ASP BG 207 -22.30 -23.00 63.85
CA ASP BG 207 -21.27 -22.63 62.90
C ASP BG 207 -20.49 -23.88 62.49
N LYS BG 208 -20.05 -23.89 61.23
CA LYS BG 208 -19.63 -25.13 60.58
C LYS BG 208 -18.33 -25.71 61.12
N THR BG 209 -17.59 -24.98 61.94
CA THR BG 209 -16.31 -25.47 62.45
C THR BG 209 -16.29 -25.70 63.95
N SER BG 210 -17.11 -24.98 64.72
CA SER BG 210 -17.04 -25.07 66.17
C SER BG 210 -17.70 -26.35 66.68
N ASN BG 211 -17.52 -26.58 67.97
CA ASN BG 211 -18.11 -27.73 68.66
C ASN BG 211 -19.15 -27.28 69.68
N THR BG 212 -19.85 -26.19 69.39
CA THR BG 212 -20.80 -25.60 70.32
C THR BG 212 -22.18 -25.53 69.68
N LEU BG 213 -23.19 -25.99 70.41
CA LEU BG 213 -24.58 -25.92 69.99
C LEU BG 213 -25.37 -25.13 71.02
N MET BG 214 -26.09 -24.12 70.55
CA MET BG 214 -26.97 -23.32 71.40
C MET BG 214 -28.39 -23.84 71.21
N ILE BG 215 -28.68 -24.96 71.84
CA ILE BG 215 -29.93 -25.67 71.63
C ILE BG 215 -31.03 -25.01 72.43
N GLN BG 216 -32.14 -24.69 71.77
CA GLN BG 216 -33.30 -24.10 72.41
C GLN BG 216 -34.44 -25.10 72.42
N ALA BG 217 -34.99 -25.35 73.60
CA ALA BG 217 -36.11 -26.27 73.74
C ALA BG 217 -37.40 -25.53 73.41
N THR BG 218 -38.01 -25.90 72.30
CA THR BG 218 -39.28 -25.31 71.88
C THR BG 218 -40.48 -26.09 72.38
N LYS BG 219 -40.25 -27.10 73.20
CA LYS BG 219 -41.32 -27.89 73.79
C LYS BG 219 -41.05 -28.05 75.28
N LEU BG 220 -42.12 -28.26 76.05
CA LEU BG 220 -41.98 -28.31 77.50
C LEU BG 220 -41.66 -29.71 78.00
N TYR BG 221 -42.43 -30.72 77.60
CA TYR BG 221 -42.31 -32.04 78.22
C TYR BG 221 -42.29 -33.14 77.18
N ASN BG 222 -41.69 -32.91 76.02
CA ASN BG 222 -41.55 -33.95 75.01
C ASN BG 222 -40.07 -34.18 74.72
N TYR BG 223 -39.61 -35.39 74.98
CA TYR BG 223 -38.21 -35.74 74.93
C TYR BG 223 -37.78 -36.09 73.49
N GLY BG 224 -36.48 -36.20 73.30
CA GLY BG 224 -35.96 -36.44 71.96
C GLY BG 224 -34.57 -37.04 71.99
N ASN BG 225 -34.06 -37.32 70.79
CA ASN BG 225 -32.76 -37.94 70.60
C ASN BG 225 -31.92 -37.08 69.67
N LEU BG 226 -30.61 -37.23 69.78
CA LEU BG 226 -29.67 -36.47 68.96
C LEU BG 226 -28.52 -37.39 68.56
N ALA BG 227 -27.93 -37.12 67.40
CA ALA BG 227 -26.77 -37.89 66.94
C ALA BG 227 -25.67 -36.95 66.49
N VAL BG 228 -24.44 -37.24 66.90
CA VAL BG 228 -23.29 -36.40 66.63
C VAL BG 228 -22.15 -37.25 66.07
N ARG BG 229 -21.62 -36.87 64.92
CA ARG BG 229 -20.45 -37.51 64.34
C ARG BG 229 -19.34 -36.47 64.26
N LEU BG 230 -18.24 -36.72 64.95
CA LEU BG 230 -17.14 -35.77 65.01
C LEU BG 230 -16.27 -35.87 63.77
N ARG BG 231 -15.34 -34.91 63.66
CA ARG BG 231 -14.49 -34.84 62.47
C ARG BG 231 -13.45 -35.94 62.47
N GLY BG 232 -12.56 -35.95 63.46
CA GLY BG 232 -11.55 -36.99 63.52
C GLY BG 232 -12.05 -38.32 64.03
N LEU BG 233 -13.26 -38.36 64.57
CA LEU BG 233 -13.84 -39.59 65.09
C LEU BG 233 -14.59 -40.32 63.98
N ASN BG 234 -14.49 -41.64 63.98
CA ASN BG 234 -15.25 -42.46 63.04
C ASN BG 234 -16.64 -42.78 63.57
N THR BG 235 -16.71 -43.46 64.71
CA THR BG 235 -17.98 -43.98 65.19
C THR BG 235 -18.78 -42.88 65.87
N PRO BG 236 -19.98 -42.57 65.40
CA PRO BG 236 -20.75 -41.45 65.98
C PRO BG 236 -21.38 -41.83 67.31
N VAL BG 237 -21.89 -40.80 67.99
CA VAL BG 237 -22.48 -40.93 69.30
C VAL BG 237 -23.93 -40.48 69.23
N MET BG 238 -24.70 -40.87 70.25
CA MET BG 238 -26.10 -40.49 70.37
C MET BG 238 -26.37 -40.03 71.80
N LEU BG 239 -27.31 -39.09 71.92
CA LEU BG 239 -27.63 -38.43 73.18
C LEU BG 239 -29.13 -38.38 73.35
N THR BG 240 -29.58 -38.32 74.61
CA THR BG 240 -30.99 -38.20 74.91
C THR BG 240 -31.24 -36.87 75.60
N LEU BG 241 -32.34 -36.21 75.23
CA LEU BG 241 -32.69 -34.90 75.74
C LEU BG 241 -34.09 -34.95 76.34
N ILE BG 242 -34.23 -34.51 77.59
CA ILE BG 242 -35.52 -34.47 78.27
C ILE BG 242 -35.77 -33.04 78.72
N PRO BG 243 -36.84 -32.40 78.28
CA PRO BG 243 -37.08 -31.00 78.64
C PRO BG 243 -37.93 -30.86 79.90
N GLY BG 244 -37.90 -29.65 80.44
CA GLY BG 244 -38.71 -29.30 81.61
C GLY BG 244 -38.33 -30.00 82.90
N GLN BG 245 -37.04 -30.15 83.17
CA GLN BG 245 -36.59 -30.82 84.38
C GLN BG 245 -36.50 -29.80 85.52
N LYS BG 246 -36.01 -30.24 86.67
CA LYS BG 246 -35.88 -29.39 87.83
C LYS BG 246 -34.50 -28.75 87.95
N ALA BG 247 -33.61 -28.98 86.99
CA ALA BG 247 -32.30 -28.34 86.97
C ALA BG 247 -31.92 -28.07 85.53
N VAL BG 248 -31.68 -26.81 85.20
CA VAL BG 248 -31.37 -26.42 83.83
C VAL BG 248 -29.85 -26.44 83.66
N ASP BG 249 -29.37 -27.42 82.91
CA ASP BG 249 -27.94 -27.59 82.68
C ASP BG 249 -27.55 -26.73 81.48
N TYR BG 250 -27.04 -25.53 81.75
CA TYR BG 250 -26.69 -24.63 80.67
C TYR BG 250 -25.40 -25.06 79.99
N ARG BG 251 -24.51 -25.73 80.71
CA ARG BG 251 -23.27 -26.24 80.14
C ARG BG 251 -23.12 -27.71 80.50
N VAL BG 252 -22.94 -28.55 79.49
CA VAL BG 252 -22.61 -29.96 79.69
C VAL BG 252 -21.43 -30.28 78.79
N ASP BG 253 -20.33 -30.71 79.40
CA ASP BG 253 -19.11 -31.03 78.68
C ASP BG 253 -18.91 -32.53 78.64
N LEU BG 254 -18.13 -32.99 77.67
CA LEU BG 254 -18.01 -34.41 77.37
C LEU BG 254 -16.56 -34.88 77.43
N ARG BG 255 -16.36 -36.03 78.04
CA ARG BG 255 -15.07 -36.73 78.06
C ARG BG 255 -15.24 -37.98 77.24
N VAL BG 256 -14.96 -37.89 75.95
CA VAL BG 256 -15.14 -39.04 75.08
C VAL BG 256 -13.94 -39.98 75.23
N GLN BG 257 -14.11 -41.22 74.77
CA GLN BG 257 -13.03 -42.19 74.81
C GLN BG 257 -11.89 -41.80 73.89
N GLY BG 258 -12.20 -41.24 72.72
CA GLY BG 258 -11.18 -40.88 71.77
C GLY BG 258 -10.47 -39.59 72.16
N TYR BG 259 -9.53 -39.21 71.31
CA TYR BG 259 -8.74 -38.00 71.49
C TYR BG 259 -8.87 -37.12 70.27
N GLY BG 260 -8.99 -35.81 70.51
CA GLY BG 260 -9.27 -34.89 69.44
C GLY BG 260 -8.08 -34.63 68.55
N PRO BG 261 -8.27 -33.79 67.54
CA PRO BG 261 -7.18 -33.49 66.60
C PRO BG 261 -6.04 -32.71 67.21
N ASN BG 262 -6.26 -32.05 68.35
CA ASN BG 262 -5.22 -31.32 69.06
C ASN BG 262 -4.99 -31.87 70.46
N ALA BG 263 -5.31 -33.14 70.69
CA ALA BG 263 -4.99 -33.79 71.94
C ALA BG 263 -3.57 -34.35 71.90
N LYS BG 264 -3.12 -34.91 73.02
CA LYS BG 264 -1.80 -35.53 73.06
C LYS BG 264 -1.80 -36.83 72.26
N SER BG 265 -2.68 -37.77 72.62
CA SER BG 265 -3.04 -38.94 71.82
C SER BG 265 -1.85 -39.84 71.51
N MET BG 266 -0.91 -39.95 72.45
CA MET BG 266 0.31 -40.73 72.25
C MET BG 266 0.48 -41.76 73.37
N PRO BG 267 -0.16 -42.92 73.26
CA PRO BG 267 0.13 -44.01 74.18
C PRO BG 267 1.36 -44.80 73.70
N THR BG 268 1.86 -45.64 74.60
CA THR BG 268 3.02 -46.48 74.31
C THR BG 268 2.76 -47.89 74.82
N GLU BG 269 3.23 -48.88 74.04
CA GLU BG 269 3.05 -50.29 74.35
C GLU BG 269 4.38 -51.02 74.13
N GLU BG 270 4.79 -51.82 75.11
CA GLU BG 270 6.03 -52.58 75.00
C GLU BG 270 5.74 -54.05 75.28
N GLY BG 271 6.44 -54.93 74.56
CA GLY BG 271 6.17 -56.34 74.67
C GLY BG 271 7.34 -57.20 75.09
N ILE BG 272 7.36 -58.44 74.62
CA ILE BG 272 8.37 -59.40 75.02
C ILE BG 272 9.67 -59.10 74.29
N PRO BG 273 10.81 -59.00 74.98
CA PRO BG 273 12.08 -58.80 74.29
C PRO BG 273 12.45 -60.02 73.47
N PRO BG 274 13.16 -59.83 72.35
CA PRO BG 274 13.39 -60.94 71.43
C PRO BG 274 14.40 -61.94 71.97
N SER BG 275 14.44 -63.09 71.32
CA SER BG 275 15.31 -64.19 71.72
C SER BG 275 16.68 -64.00 71.06
N ALA BG 276 17.54 -65.02 71.15
CA ALA BG 276 18.88 -64.94 70.59
C ALA BG 276 18.83 -65.02 69.08
N ASN BG 277 19.96 -64.67 68.46
CA ASN BG 277 20.03 -64.57 67.00
C ASN BG 277 20.06 -65.94 66.34
N ASP BG 278 19.43 -66.03 65.18
CA ASP BG 278 19.30 -67.30 64.47
C ASP BG 278 20.63 -67.78 63.90
N LEU BG 279 21.50 -66.86 63.48
CA LEU BG 279 22.74 -67.25 62.80
C LEU BG 279 23.76 -67.87 63.73
N LEU BG 280 23.53 -67.79 65.04
CA LEU BG 280 24.51 -68.20 66.03
C LEU BG 280 24.77 -69.69 65.99
N LEU BG 281 23.78 -70.48 65.56
CA LEU BG 281 24.00 -71.92 65.49
C LEU BG 281 24.90 -72.30 64.32
N HIS BG 282 24.71 -71.64 63.18
CA HIS BG 282 25.62 -71.83 62.05
C HIS BG 282 27.01 -71.34 62.39
N VAL BG 283 27.10 -70.27 63.18
CA VAL BG 283 28.40 -69.82 63.69
C VAL BG 283 29.01 -70.89 64.59
N LEU BG 284 28.18 -71.52 65.42
CA LEU BG 284 28.65 -72.53 66.36
C LEU BG 284 29.21 -73.74 65.64
N GLU BG 285 28.56 -74.16 64.56
CA GLU BG 285 29.10 -75.24 63.78
C GLU BG 285 30.08 -74.78 62.71
N GLY BG 286 30.35 -73.48 62.63
CA GLY BG 286 31.42 -72.97 61.82
C GLY BG 286 31.03 -72.46 60.45
N VAL BG 287 29.84 -72.83 59.96
CA VAL BG 287 29.43 -72.38 58.62
C VAL BG 287 29.07 -70.91 58.68
N PRO BG 288 29.66 -70.06 57.83
CA PRO BG 288 29.37 -68.63 57.91
C PRO BG 288 27.98 -68.34 57.38
N PRO BG 289 27.34 -67.28 57.86
CA PRO BG 289 26.12 -66.82 57.21
C PRO BG 289 26.43 -66.26 55.83
N PRO BG 290 25.47 -66.34 54.91
CA PRO BG 290 25.75 -65.87 53.54
C PRO BG 290 25.90 -64.36 53.47
N GLY BG 291 26.88 -63.92 52.68
CA GLY BG 291 27.22 -62.53 52.56
C GLY BG 291 28.34 -62.08 53.45
N SER BG 292 28.62 -62.80 54.53
CA SER BG 292 29.72 -62.45 55.41
C SER BG 292 31.05 -62.78 54.75
N ARG BG 293 32.05 -61.97 55.03
CA ARG BG 293 33.39 -62.19 54.50
C ARG BG 293 34.35 -62.50 55.64
N ARG BG 294 35.39 -63.24 55.32
CA ARG BG 294 36.32 -63.73 56.34
C ARG BG 294 37.22 -62.61 56.84
N LEU BG 295 37.57 -62.71 58.11
CA LEU BG 295 38.51 -61.80 58.74
C LEU BG 295 39.60 -62.61 59.42
N VAL BG 296 40.83 -62.16 59.28
CA VAL BG 296 41.99 -62.86 59.82
C VAL BG 296 42.18 -62.41 61.26
N VAL BG 297 42.28 -63.39 62.17
CA VAL BG 297 42.62 -63.13 63.56
C VAL BG 297 44.01 -63.68 63.82
N SER BG 298 44.70 -63.07 64.77
CA SER BG 298 46.04 -63.50 65.13
C SER BG 298 46.14 -63.68 66.64
N GLY BG 299 47.02 -64.58 67.05
CA GLY BG 299 47.34 -64.76 68.45
C GLY BG 299 46.64 -65.91 69.14
N GLY BG 300 45.63 -66.50 68.53
CA GLY BG 300 44.87 -67.53 69.22
C GLY BG 300 44.11 -68.41 68.27
N ASP BG 301 43.09 -69.08 68.80
CA ASP BG 301 42.26 -70.00 68.04
C ASP BG 301 40.84 -69.44 68.01
N ALA BG 302 40.50 -68.76 66.93
CA ALA BG 302 39.15 -68.27 66.72
C ALA BG 302 38.93 -68.07 65.24
N ARG BG 303 37.67 -68.05 64.85
CA ARG BG 303 37.28 -67.68 63.50
C ARG BG 303 36.22 -66.58 63.59
N ALA BG 304 36.16 -65.75 62.56
CA ALA BG 304 35.30 -64.58 62.61
C ALA BG 304 34.68 -64.30 61.25
N TRP BG 305 33.51 -63.69 61.28
CA TRP BG 305 32.81 -63.27 60.07
C TRP BG 305 32.08 -61.96 60.35
N LEU BG 306 31.74 -61.25 59.28
CA LEU BG 306 31.10 -59.95 59.38
C LEU BG 306 30.08 -59.82 58.25
N SER BG 307 28.80 -59.82 58.61
CA SER BG 307 27.73 -59.73 57.62
C SER BG 307 26.87 -58.48 57.79
N ASN BG 308 26.28 -58.30 58.96
CA ASN BG 308 25.29 -57.25 59.18
C ASN BG 308 25.85 -56.18 60.10
N GLU BG 309 27.13 -55.84 59.86
CA GLU BG 309 27.90 -54.84 60.58
C GLU BG 309 28.05 -55.20 62.06
N LYS BG 310 27.92 -56.48 62.37
CA LYS BG 310 28.14 -57.01 63.71
C LYS BG 310 29.02 -58.24 63.55
N MET BG 311 30.12 -58.28 64.28
CA MET BG 311 31.09 -59.34 64.08
C MET BG 311 30.71 -60.57 64.88
N TYR BG 312 30.90 -61.74 64.26
CA TYR BG 312 30.62 -63.02 64.89
C TYR BG 312 31.91 -63.80 64.98
N VAL BG 313 32.13 -64.46 66.11
CA VAL BG 313 33.38 -65.15 66.36
C VAL BG 313 33.08 -66.48 67.03
N ARG BG 314 33.62 -67.56 66.47
CA ARG BG 314 33.56 -68.89 67.06
C ARG BG 314 34.92 -69.23 67.66
N THR BG 315 34.92 -69.65 68.93
CA THR BG 315 36.16 -69.97 69.62
C THR BG 315 35.85 -70.92 70.76
N ASN BG 316 36.82 -71.09 71.65
CA ASN BG 316 36.63 -71.88 72.86
C ASN BG 316 37.28 -71.21 74.05
N LEU BG 317 37.30 -69.89 74.07
CA LEU BG 317 37.95 -69.14 75.12
C LEU BG 317 36.97 -68.15 75.73
N THR BG 318 37.44 -67.38 76.70
CA THR BG 318 36.60 -66.42 77.41
C THR BG 318 37.04 -65.01 77.05
N ILE BG 319 36.10 -64.19 76.60
CA ILE BG 319 36.38 -62.85 76.10
C ILE BG 319 35.78 -61.83 77.06
N LEU BG 320 36.56 -60.80 77.37
CA LEU BG 320 36.20 -59.85 78.43
C LEU BG 320 36.02 -58.43 77.93
N SER BG 321 36.90 -57.94 77.05
CA SER BG 321 37.08 -56.50 76.87
C SER BG 321 35.93 -55.74 76.23
N PRO BG 322 35.59 -55.94 74.95
CA PRO BG 322 34.89 -54.87 74.23
C PRO BG 322 33.40 -54.77 74.51
N GLY BG 323 32.81 -55.70 75.26
CA GLY BG 323 31.38 -55.71 75.42
C GLY BG 323 30.71 -56.45 74.27
N TRP BG 324 29.86 -57.41 74.57
CA TRP BG 324 29.29 -58.25 73.54
C TRP BG 324 27.78 -58.32 73.69
N LEU BG 325 27.10 -58.50 72.56
CA LEU BG 325 25.65 -58.52 72.58
C LEU BG 325 25.10 -59.90 72.93
N ALA BG 326 25.50 -60.93 72.18
CA ALA BG 326 24.89 -62.23 72.39
C ALA BG 326 25.94 -63.33 72.35
N SER BG 327 25.63 -64.47 72.96
CA SER BG 327 26.56 -65.58 72.99
C SER BG 327 25.82 -66.91 73.11
N MET BG 328 26.51 -67.96 72.69
CA MET BG 328 26.01 -69.32 72.78
C MET BG 328 27.16 -70.25 73.13
N THR BG 329 26.83 -71.36 73.79
CA THR BG 329 27.82 -72.36 74.13
C THR BG 329 27.27 -73.74 73.80
N SER BG 330 28.08 -74.54 73.13
CA SER BG 330 27.71 -75.88 72.74
C SER BG 330 27.78 -76.82 73.93
N ALA BG 331 27.45 -78.09 73.69
CA ALA BG 331 27.54 -79.09 74.75
C ALA BG 331 28.98 -79.42 75.08
N ASP BG 332 29.84 -79.52 74.08
CA ASP BG 332 31.21 -79.95 74.31
C ASP BG 332 32.11 -78.82 74.83
N GLY BG 333 31.64 -77.59 74.88
CA GLY BG 333 32.46 -76.52 75.38
C GLY BG 333 33.05 -75.64 74.30
N THR BG 334 32.23 -75.25 73.34
CA THR BG 334 32.63 -74.35 72.28
C THR BG 334 31.73 -73.12 72.32
N HIS BG 335 32.33 -71.93 72.34
CA HIS BG 335 31.57 -70.71 72.50
C HIS BG 335 31.51 -69.93 71.18
N ALA BG 336 30.50 -69.08 71.10
CA ALA BG 336 30.33 -68.23 69.93
C ALA BG 336 29.72 -66.91 70.38
N TYR BG 337 30.20 -65.82 69.80
CA TYR BG 337 29.88 -64.49 70.27
C TYR BG 337 29.47 -63.59 69.11
N GLU BG 338 28.49 -62.72 69.38
CA GLU BG 338 28.03 -61.68 68.48
C GLU BG 338 28.24 -60.34 69.16
N MET BG 339 29.15 -59.52 68.60
CA MET BG 339 29.53 -58.25 69.18
C MET BG 339 29.53 -57.15 68.13
N GLN BG 340 29.77 -55.94 68.60
CA GLN BG 340 30.10 -54.82 67.74
C GLN BG 340 31.54 -54.92 67.28
N LYS BG 341 31.86 -54.14 66.26
CA LYS BG 341 33.20 -54.20 65.67
C LYS BG 341 34.24 -53.59 66.59
N SER BG 342 35.39 -54.25 66.68
CA SER BG 342 36.51 -53.79 67.48
C SER BG 342 37.77 -54.44 66.96
N PRO BG 343 38.91 -53.75 66.96
CA PRO BG 343 40.16 -54.37 66.52
C PRO BG 343 40.94 -55.11 67.60
N VAL BG 344 40.60 -54.95 68.87
CA VAL BG 344 41.34 -55.63 69.92
C VAL BG 344 40.39 -56.48 70.75
N LEU BG 345 40.92 -57.56 71.30
CA LEU BG 345 40.18 -58.44 72.20
C LEU BG 345 41.05 -58.78 73.40
N LEU BG 346 40.46 -58.88 74.58
CA LEU BG 346 41.17 -59.38 75.75
C LEU BG 346 40.56 -60.72 76.16
N VAL BG 347 41.37 -61.76 76.08
CA VAL BG 347 40.94 -63.13 76.30
C VAL BG 347 41.73 -63.69 77.48
N SER BG 348 41.01 -64.24 78.45
CA SER BG 348 41.64 -64.96 79.55
C SER BG 348 41.92 -66.37 79.10
N TRP BG 349 43.20 -66.74 78.97
CA TRP BG 349 43.53 -68.05 78.45
C TRP BG 349 43.34 -69.12 79.52
N HIS BG 350 44.08 -69.00 80.62
CA HIS BG 350 43.94 -69.92 81.74
C HIS BG 350 44.02 -69.15 83.03
N GLY BG 351 43.40 -67.99 83.07
CA GLY BG 351 43.59 -67.03 84.14
C GLY BG 351 44.76 -66.10 83.92
N LYS BG 352 45.48 -66.25 82.82
CA LYS BG 352 46.47 -65.29 82.39
C LYS BG 352 45.91 -64.56 81.19
N VAL BG 353 46.04 -63.23 81.17
CA VAL BG 353 45.34 -62.44 80.18
C VAL BG 353 46.06 -62.51 78.83
N MET BG 354 45.36 -62.07 77.80
CA MET BG 354 45.87 -62.11 76.44
C MET BG 354 45.09 -61.09 75.63
N GLN BG 355 45.68 -60.66 74.52
CA GLN BG 355 44.99 -59.75 73.61
C GLN BG 355 45.19 -60.21 72.18
N LEU BG 356 44.13 -60.07 71.39
CA LEU BG 356 44.08 -60.56 70.02
C LEU BG 356 43.74 -59.41 69.08
N LYS BG 357 44.23 -59.54 67.86
CA LYS BG 357 44.21 -58.49 66.86
C LYS BG 357 43.25 -58.86 65.74
N VAL BG 358 42.49 -57.87 65.27
CA VAL BG 358 41.50 -58.05 64.23
C VAL BG 358 41.96 -57.26 63.02
N GLU BG 359 41.95 -57.88 61.86
CA GLU BG 359 42.38 -57.24 60.63
C GLU BG 359 41.29 -57.36 59.58
N GLY BG 360 41.32 -56.44 58.63
CA GLY BG 360 40.30 -56.40 57.62
C GLY BG 360 39.01 -55.73 58.03
N LEU BG 361 38.97 -55.12 59.21
CA LEU BG 361 37.77 -54.44 59.67
C LEU BG 361 37.57 -53.12 58.93
N VAL CG 38 41.14 -88.03 24.52
CA VAL CG 38 42.21 -88.99 24.25
C VAL CG 38 43.51 -88.83 25.09
N PRO CG 39 44.16 -87.63 25.15
CA PRO CG 39 45.42 -87.57 25.91
C PRO CG 39 45.24 -87.63 27.42
N LYS CG 40 44.08 -87.24 27.92
CA LYS CG 40 43.82 -87.36 29.36
C LYS CG 40 43.55 -88.80 29.75
N LEU CG 41 42.99 -89.57 28.85
CA LEU CG 41 42.73 -90.97 29.11
C LEU CG 41 44.01 -91.78 28.98
N PRO CG 42 44.24 -92.76 29.84
CA PRO CG 42 45.43 -93.61 29.70
C PRO CG 42 45.34 -94.51 28.48
N CYS CG 43 46.50 -94.77 27.88
CA CYS CG 43 46.55 -95.69 26.74
C CYS CG 43 46.40 -97.14 27.21
N ARG CG 44 47.01 -97.47 28.34
CA ARG CG 44 46.97 -98.81 28.89
C ARG CG 44 46.71 -98.71 30.39
N VAL CG 45 46.32 -99.82 30.99
CA VAL CG 45 46.24 -99.88 32.45
C VAL CG 45 47.66 -100.01 32.97
N ASP CG 46 48.04 -99.08 33.85
CA ASP CG 46 49.44 -98.86 34.17
C ASP CG 46 50.00 -99.95 35.06
N GLY CG 47 51.32 -100.12 34.99
CA GLY CG 47 52.02 -101.09 35.80
C GLY CG 47 52.05 -102.49 35.24
N ALA CG 48 51.40 -102.74 34.10
CA ALA CG 48 51.33 -104.06 33.52
C ALA CG 48 51.93 -104.02 32.13
N CYS CG 49 52.93 -104.87 31.89
CA CYS CG 49 53.57 -105.01 30.59
C CYS CG 49 53.60 -106.48 30.22
N ASP CG 50 53.15 -106.78 29.00
CA ASP CG 50 52.91 -108.17 28.61
C ASP CG 50 54.22 -108.94 28.47
N ALA CG 51 55.26 -108.28 27.97
CA ALA CG 51 56.56 -108.93 27.85
C ALA CG 51 57.13 -109.29 29.21
N THR CG 52 56.97 -108.39 30.17
CA THR CG 52 57.38 -108.68 31.55
C THR CG 52 56.54 -109.81 32.14
N ILE CG 53 55.26 -109.86 31.80
CA ILE CG 53 54.36 -110.88 32.34
C ILE CG 53 54.75 -112.25 31.84
N ILE CG 54 54.98 -112.38 30.53
CA ILE CG 54 55.36 -113.68 29.99
C ILE CG 54 56.77 -114.05 30.42
N LYS CG 55 57.65 -113.06 30.61
CA LYS CG 55 59.00 -113.33 31.10
C LYS CG 55 58.97 -113.89 32.52
N MET CG 56 58.17 -113.27 33.39
CA MET CG 56 58.15 -113.74 34.77
C MET CG 56 57.39 -115.04 34.91
N MET CG 57 56.42 -115.32 34.03
CA MET CG 57 55.80 -116.63 34.11
C MET CG 57 56.70 -117.72 33.55
N THR CG 58 57.57 -117.36 32.60
CA THR CG 58 58.61 -118.28 32.16
C THR CG 58 59.58 -118.57 33.30
N ASP CG 59 59.91 -117.54 34.08
CA ASP CG 59 60.75 -117.71 35.25
C ASP CG 59 60.07 -118.60 36.28
N LEU CG 60 58.76 -118.47 36.44
CA LEU CG 60 58.03 -119.32 37.38
C LEU CG 60 58.01 -120.76 36.92
N ASN CG 61 57.84 -120.99 35.62
CA ASN CG 61 57.82 -122.36 35.11
C ASN CG 61 59.20 -123.00 35.17
N LYS CG 62 60.26 -122.23 34.97
CA LYS CG 62 61.59 -122.80 35.18
C LYS CG 62 61.95 -122.88 36.65
N LYS CG 63 61.25 -122.14 37.52
CA LYS CG 63 61.43 -122.29 38.94
C LYS CG 63 60.83 -123.60 39.43
N GLY CG 64 59.67 -123.96 38.91
CA GLY CG 64 59.02 -125.20 39.30
C GLY CG 64 57.57 -124.99 39.64
N ILE CG 65 57.14 -123.74 39.58
CA ILE CG 65 55.76 -123.40 39.88
C ILE CG 65 54.92 -123.63 38.64
N LYS CG 66 53.85 -124.41 38.78
CA LYS CG 66 53.00 -124.73 37.64
C LYS CG 66 52.13 -123.53 37.29
N VAL CG 67 52.19 -123.13 36.02
CA VAL CG 67 51.39 -122.04 35.47
C VAL CG 67 50.45 -122.62 34.45
N ALA CG 68 49.17 -122.30 34.56
CA ALA CG 68 48.18 -122.87 33.67
C ALA CG 68 47.20 -121.80 33.21
N SER CG 69 46.98 -121.74 31.89
CA SER CG 69 46.06 -120.78 31.28
C SER CG 69 45.11 -121.53 30.35
N VAL CG 70 43.90 -121.78 30.81
CA VAL CG 70 42.87 -122.42 30.02
C VAL CG 70 41.66 -121.50 30.00
N GLY CG 71 41.19 -121.16 28.80
CA GLY CG 71 40.24 -120.08 28.68
C GLY CG 71 40.90 -118.79 29.08
N GLN CG 72 40.25 -118.04 29.97
CA GLN CG 72 40.91 -116.94 30.66
C GLN CG 72 40.98 -117.19 32.17
N ASN CG 73 40.73 -118.42 32.59
CA ASN CG 73 40.87 -118.79 33.99
C ASN CG 73 42.25 -119.39 34.22
N TYR CG 74 42.88 -118.95 35.30
CA TYR CG 74 44.29 -119.19 35.54
C TYR CG 74 44.51 -119.97 36.83
N LEU CG 75 45.46 -120.90 36.75
CA LEU CG 75 45.89 -121.74 37.86
C LEU CG 75 47.37 -121.53 38.13
N ILE CG 76 47.72 -121.39 39.40
CA ILE CG 76 49.12 -121.34 39.81
C ILE CG 76 49.29 -122.34 40.95
N SER CG 77 50.23 -123.27 40.78
CA SER CG 77 50.42 -124.37 41.72
C SER CG 77 51.84 -124.36 42.26
N ILE CG 78 51.98 -124.54 43.57
CA ILE CG 78 53.28 -124.55 44.24
C ILE CG 78 53.37 -125.79 45.12
N PRO CG 79 54.48 -126.52 45.08
CA PRO CG 79 54.68 -127.61 46.05
C PRO CG 79 54.85 -127.06 47.46
N ALA CG 80 54.41 -127.86 48.43
CA ALA CG 80 54.41 -127.43 49.81
C ALA CG 80 55.81 -127.41 50.41
N SER CG 81 56.71 -128.27 49.93
CA SER CG 81 58.04 -128.33 50.51
C SER CG 81 58.86 -127.10 50.18
N ALA CG 82 58.55 -126.44 49.06
CA ALA CG 82 59.22 -125.20 48.71
C ALA CG 82 58.81 -124.03 49.58
N LEU CG 83 57.70 -124.13 50.31
CA LEU CG 83 57.20 -123.00 51.06
C LEU CG 83 57.18 -123.24 52.56
N PHE CG 84 56.54 -124.31 53.01
CA PHE CG 84 56.30 -124.53 54.43
C PHE CG 84 57.34 -125.44 55.04
N ALA CG 85 57.34 -125.49 56.37
CA ALA CG 85 58.04 -126.53 57.07
C ALA CG 85 57.19 -127.80 57.08
N ASP CG 86 57.76 -128.88 57.59
CA ASP CG 86 57.16 -130.20 57.47
C ASP CG 86 55.95 -130.33 58.38
N GLN CG 87 54.76 -130.47 57.76
CA GLN CG 87 53.49 -130.72 58.44
C GLN CG 87 53.16 -129.66 59.48
N SER CG 88 53.55 -128.42 59.20
CA SER CG 88 53.55 -127.45 60.24
C SER CG 88 53.37 -126.06 59.65
N PRO CG 89 52.48 -125.27 60.20
CA PRO CG 89 52.27 -123.90 59.68
C PRO CG 89 53.35 -122.92 60.15
N ARG CG 90 54.48 -122.95 59.46
CA ARG CG 90 55.54 -121.98 59.74
C ARG CG 90 56.27 -121.68 58.43
N LEU CG 91 56.96 -120.55 58.41
CA LEU CG 91 57.51 -120.03 57.17
C LEU CG 91 59.00 -119.79 57.30
N ASN CG 92 59.70 -119.94 56.19
CA ASN CG 92 61.10 -119.59 56.11
C ASN CG 92 61.25 -118.18 55.58
N TRP CG 93 62.25 -117.48 56.09
CA TRP CG 93 62.44 -116.08 55.71
C TRP CG 93 62.95 -115.93 54.28
N ALA CG 94 63.45 -117.00 53.67
CA ALA CG 94 63.79 -116.97 52.25
C ALA CG 94 62.55 -117.06 51.37
N SER CG 95 61.51 -117.75 51.83
CA SER CG 95 60.33 -117.99 51.00
C SER CG 95 59.49 -116.73 50.78
N TYR CG 96 59.72 -115.70 51.60
CA TYR CG 96 59.09 -114.40 51.37
C TYR CG 96 59.50 -113.79 50.04
N SER CG 97 60.69 -114.14 49.53
CA SER CG 97 61.10 -113.70 48.20
C SER CG 97 60.19 -114.28 47.12
N LEU CG 98 59.89 -115.58 47.20
CA LEU CG 98 58.99 -116.18 46.22
C LEU CG 98 57.57 -115.67 46.38
N LEU CG 99 57.16 -115.39 47.61
CA LEU CG 99 55.85 -114.76 47.81
C LEU CG 99 55.82 -113.36 47.22
N ASN CG 100 56.92 -112.63 47.32
CA ASN CG 100 57.04 -111.32 46.70
C ASN CG 100 56.95 -111.42 45.18
N GLU CG 101 57.59 -112.44 44.62
CA GLU CG 101 57.51 -112.67 43.17
C GLU CG 101 56.10 -113.00 42.73
N ILE CG 102 55.39 -113.86 43.48
CA ILE CG 102 54.06 -114.26 43.06
C ILE CG 102 53.06 -113.12 43.25
N ALA CG 103 53.30 -112.24 44.22
CA ALA CG 103 52.48 -111.05 44.35
C ALA CG 103 52.73 -110.09 43.21
N ALA CG 104 54.00 -109.97 42.80
CA ALA CG 104 54.35 -109.13 41.66
C ALA CG 104 53.74 -109.65 40.37
N PHE CG 105 53.59 -110.96 40.24
CA PHE CG 105 52.91 -111.48 39.07
C PHE CG 105 51.41 -111.21 39.13
N LEU CG 106 50.79 -111.45 40.28
CA LEU CG 106 49.34 -111.30 40.33
C LEU CG 106 48.89 -109.85 40.36
N LYS CG 107 49.81 -108.91 40.62
CA LYS CG 107 49.43 -107.51 40.68
C LYS CG 107 49.02 -106.96 39.31
N GLN CG 108 49.57 -107.50 38.23
CA GLN CG 108 49.40 -106.92 36.91
C GLN CG 108 48.17 -107.45 36.18
N PHE CG 109 47.11 -107.78 36.89
CA PHE CG 109 45.88 -108.24 36.26
C PHE CG 109 44.69 -107.58 36.92
N ARG CG 110 43.54 -107.71 36.27
CA ARG CG 110 42.28 -107.22 36.80
C ARG CG 110 41.42 -108.41 37.18
N LYS CG 111 40.94 -108.42 38.42
CA LYS CG 111 40.28 -109.59 38.98
C LYS CG 111 39.08 -109.13 39.78
N ILE CG 112 38.33 -110.11 40.28
CA ILE CG 112 37.23 -109.85 41.20
C ILE CG 112 37.41 -110.72 42.42
N ALA CG 113 37.50 -112.04 42.21
CA ALA CG 113 37.57 -113.01 43.29
C ALA CG 113 38.71 -113.98 43.06
N ILE CG 114 39.39 -114.35 44.13
CA ILE CG 114 40.50 -115.29 44.09
C ILE CG 114 40.17 -116.45 45.00
N THR CG 115 40.65 -117.65 44.68
CA THR CG 115 40.47 -118.81 45.54
C THR CG 115 41.81 -119.46 45.81
N VAL CG 116 42.11 -119.67 47.10
CA VAL CG 116 43.31 -120.37 47.54
C VAL CG 116 42.89 -121.69 48.15
N THR CG 117 43.61 -122.76 47.83
CA THR CG 117 43.33 -124.07 48.37
C THR CG 117 44.63 -124.76 48.74
N SER CG 118 44.55 -125.58 49.78
CA SER CG 118 45.71 -126.30 50.29
C SER CG 118 45.42 -127.78 50.41
N TYR CG 119 46.42 -128.59 50.05
CA TYR CG 119 46.30 -130.04 50.05
C TYR CG 119 47.59 -130.63 50.61
N SER CG 120 47.49 -131.83 51.16
CA SER CG 120 48.60 -132.45 51.86
C SER CG 120 48.54 -133.96 51.68
N SER CG 121 49.41 -134.67 52.39
CA SER CG 121 49.41 -136.11 52.43
C SER CG 121 48.49 -136.59 53.56
N LYS CG 122 48.57 -137.87 53.89
CA LYS CG 122 47.85 -138.44 55.03
C LYS CG 122 48.86 -138.79 56.11
N TYR CG 123 48.79 -138.11 57.25
CA TYR CG 123 49.82 -138.22 58.27
C TYR CG 123 49.31 -138.81 59.58
N VAL CG 124 48.30 -138.22 60.22
CA VAL CG 124 47.83 -138.75 61.49
C VAL CG 124 46.31 -138.89 61.46
N SER CG 125 45.62 -137.78 61.18
CA SER CG 125 44.17 -137.74 61.25
C SER CG 125 43.65 -136.93 60.09
N VAL CG 126 42.35 -137.10 59.82
CA VAL CG 126 41.67 -136.22 58.89
C VAL CG 126 41.65 -134.79 59.43
N LYS CG 127 41.39 -134.66 60.73
CA LYS CG 127 41.25 -133.34 61.35
C LYS CG 127 42.58 -132.61 61.40
N ARG CG 128 43.65 -133.36 61.65
CA ARG CG 128 44.99 -132.76 61.71
C ARG CG 128 45.38 -132.15 60.36
N GLU CG 129 45.20 -132.91 59.29
CA GLU CG 129 45.56 -132.42 57.96
C GLU CG 129 44.62 -131.32 57.50
N ARG CG 130 43.33 -131.43 57.82
CA ARG CG 130 42.37 -130.39 57.43
C ARG CG 130 42.67 -129.08 58.11
N ALA CG 131 42.96 -129.11 59.42
CA ALA CG 131 43.28 -127.89 60.12
C ALA CG 131 44.64 -127.33 59.68
N LEU CG 132 45.58 -128.21 59.31
CA LEU CG 132 46.85 -127.74 58.78
C LEU CG 132 46.68 -127.00 57.47
N THR CG 133 45.88 -127.56 56.57
CA THR CG 133 45.62 -126.90 55.29
C THR CG 133 44.87 -125.59 55.48
N LEU CG 134 43.94 -125.56 56.44
CA LEU CG 134 43.21 -124.34 56.73
C LEU CG 134 44.13 -123.26 57.26
N ALA CG 135 45.07 -123.63 58.14
CA ALA CG 135 46.02 -122.66 58.67
C ALA CG 135 46.95 -122.14 57.58
N ARG CG 136 47.41 -123.03 56.69
CA ARG CG 136 48.28 -122.63 55.61
C ARG CG 136 47.60 -121.66 54.66
N SER CG 137 46.35 -121.96 54.30
CA SER CG 137 45.56 -121.08 53.45
C SER CG 137 45.30 -119.75 54.13
N ARG CG 138 45.05 -119.78 55.44
CA ARG CG 138 44.81 -118.55 56.19
C ARG CG 138 46.03 -117.65 56.17
N VAL CG 139 47.22 -118.22 56.39
CA VAL CG 139 48.44 -117.43 56.44
C VAL CG 139 48.75 -116.81 55.09
N VAL CG 140 48.66 -117.64 54.03
CA VAL CG 140 49.01 -117.12 52.72
C VAL CG 140 47.97 -116.11 52.24
N SER CG 141 46.70 -116.29 52.61
CA SER CG 141 45.67 -115.35 52.20
C SER CG 141 45.81 -114.03 52.93
N GLU CG 142 46.15 -114.07 54.23
CA GLU CG 142 46.29 -112.84 54.98
C GLU CG 142 47.49 -112.04 54.50
N TYR CG 143 48.62 -112.72 54.23
CA TYR CG 143 49.78 -111.98 53.74
C TYR CG 143 49.54 -111.43 52.35
N LEU CG 144 48.84 -112.20 51.50
CA LEU CG 144 48.55 -111.69 50.16
C LEU CG 144 47.58 -110.53 50.20
N TRP CG 145 46.62 -110.55 51.13
CA TRP CG 145 45.69 -109.44 51.26
C TRP CG 145 46.40 -108.19 51.77
N SER CG 146 47.35 -108.36 52.69
CA SER CG 146 48.16 -107.22 53.11
C SER CG 146 49.04 -106.73 51.98
N GLN CG 147 49.48 -107.63 51.11
CA GLN CG 147 50.17 -107.21 49.91
C GLN CG 147 49.21 -106.50 48.96
N GLY CG 148 49.79 -105.70 48.08
CA GLY CG 148 49.00 -104.83 47.22
C GLY CG 148 48.47 -105.50 45.98
N VAL CG 149 47.49 -106.39 46.12
CA VAL CG 149 46.74 -106.92 44.99
C VAL CG 149 45.38 -106.26 45.00
N ASP CG 150 45.02 -105.63 43.89
CA ASP CG 150 43.74 -104.95 43.80
C ASP CG 150 42.68 -105.98 43.44
N SER CG 151 42.23 -106.69 44.44
CA SER CG 151 41.11 -107.60 44.32
C SER CG 151 39.94 -107.05 45.10
N ARG CG 152 38.82 -107.77 45.01
CA ARG CG 152 37.70 -107.52 45.90
C ARG CG 152 37.52 -108.65 46.90
N ILE CG 153 37.54 -109.91 46.46
CA ILE CG 153 37.17 -111.04 47.28
C ILE CG 153 38.31 -112.04 47.31
N ILE CG 154 38.64 -112.52 48.51
CA ILE CG 154 39.54 -113.67 48.68
C ILE CG 154 38.72 -114.80 49.28
N PHE CG 155 38.96 -116.02 48.82
CA PHE CG 155 38.38 -117.22 49.41
C PHE CG 155 39.49 -118.16 49.85
N THR CG 156 39.33 -118.74 51.03
CA THR CG 156 40.28 -119.70 51.57
C THR CG 156 39.67 -121.08 51.59
N GLN CG 157 40.49 -122.09 51.34
CA GLN CG 157 40.00 -123.45 51.28
C GLN CG 157 41.14 -124.41 51.56
N GLY CG 158 40.91 -125.34 52.48
CA GLY CG 158 41.87 -126.40 52.74
C GLY CG 158 41.16 -127.73 52.80
N LEU CG 159 41.85 -128.78 52.37
CA LEU CG 159 41.21 -130.09 52.33
C LEU CG 159 42.00 -131.22 52.94
N GLY CG 160 43.24 -131.01 53.36
CA GLY CG 160 44.04 -132.10 53.86
C GLY CG 160 44.47 -133.04 52.75
N SER CG 161 43.87 -134.22 52.71
CA SER CG 161 44.11 -135.18 51.65
C SER CG 161 42.81 -135.83 51.21
N ASP CG 162 41.76 -135.03 51.10
CA ASP CG 162 40.47 -135.57 50.67
C ASP CG 162 40.42 -135.86 49.17
N LYS CG 163 41.31 -135.28 48.38
CA LYS CG 163 41.39 -135.60 46.96
C LYS CG 163 42.80 -135.33 46.44
N PRO CG 164 43.66 -136.33 46.40
CA PRO CG 164 44.99 -136.14 45.83
C PRO CG 164 44.93 -136.14 44.31
N ILE CG 165 46.08 -135.86 43.70
CA ILE CG 165 46.18 -135.76 42.25
C ILE CG 165 47.08 -136.81 41.65
N THR CG 166 47.90 -137.49 42.45
CA THR CG 166 48.77 -138.55 41.95
C THR CG 166 48.83 -139.65 43.00
N SER CG 167 48.70 -140.90 42.54
CA SER CG 167 48.68 -142.03 43.46
C SER CG 167 50.06 -142.42 43.97
N TYR CG 168 51.12 -141.79 43.46
CA TYR CG 168 52.49 -142.10 43.89
C TYR CG 168 52.71 -141.48 45.27
N THR CG 169 52.23 -142.18 46.30
CA THR CG 169 52.22 -141.66 47.66
C THR CG 169 53.36 -142.18 48.51
N LEU CG 170 54.52 -142.43 47.89
CA LEU CG 170 55.67 -142.91 48.65
C LEU CG 170 56.22 -141.82 49.55
N GLY CG 171 56.34 -140.60 49.04
CA GLY CG 171 56.94 -139.54 49.80
C GLY CG 171 56.03 -139.02 50.89
N GLY CG 172 56.63 -138.23 51.78
CA GLY CG 172 55.89 -137.61 52.86
C GLY CG 172 55.44 -136.23 52.45
N ASP CG 173 56.06 -135.19 53.03
CA ASP CG 173 55.79 -133.84 52.56
C ASP CG 173 56.55 -133.49 51.29
N ARG CG 174 57.44 -134.37 50.85
CA ARG CG 174 58.05 -134.22 49.53
C ARG CG 174 57.15 -134.73 48.42
N SER CG 175 56.02 -135.34 48.75
CA SER CG 175 55.08 -135.79 47.74
C SER CG 175 54.43 -134.60 47.05
N PRO CG 176 54.21 -134.66 45.74
CA PRO CG 176 53.72 -133.47 45.02
C PRO CG 176 52.30 -133.06 45.36
N ASN CG 177 51.45 -133.96 45.84
CA ASN CG 177 50.09 -133.57 46.18
C ASN CG 177 50.02 -132.73 47.44
N ALA CG 178 51.08 -132.68 48.23
CA ALA CG 178 51.23 -131.61 49.21
C ALA CG 178 51.47 -130.32 48.44
N ARG CG 179 50.44 -129.50 48.33
CA ARG CG 179 50.48 -128.42 47.36
C ARG CG 179 49.60 -127.27 47.83
N VAL CG 180 49.86 -126.11 47.24
CA VAL CG 180 49.03 -124.93 47.41
C VAL CG 180 48.67 -124.41 46.02
N GLU CG 181 47.39 -124.12 45.84
CA GLU CG 181 46.86 -123.74 44.54
C GLU CG 181 46.12 -122.43 44.64
N ILE CG 182 46.41 -121.50 43.75
CA ILE CG 182 45.65 -120.25 43.65
C ILE CG 182 45.03 -120.17 42.27
N THR CG 183 43.72 -119.96 42.23
CA THR CG 183 42.96 -119.98 41.00
C THR CG 183 42.08 -118.74 40.92
N PHE CG 184 41.93 -118.21 39.70
CA PHE CG 184 41.00 -117.10 39.50
C PHE CG 184 40.60 -117.06 38.04
N ARG CG 185 39.69 -116.14 37.70
CA ARG CG 185 39.29 -115.90 36.33
C ARG CG 185 39.61 -114.46 35.97
N ARG CG 186 40.30 -114.27 34.84
CA ARG CG 186 40.52 -112.92 34.33
C ARG CG 186 39.21 -112.33 33.87
N ALA CG 187 38.93 -111.10 34.29
CA ALA CG 187 37.68 -110.43 33.99
C ALA CG 187 37.92 -109.32 32.99
N VAL CG 188 37.35 -109.47 31.79
CA VAL CG 188 37.26 -108.45 30.74
C VAL CG 188 38.61 -107.90 30.29
N CYS DG 42 74.27 -119.05 60.00
CA CYS DG 42 74.82 -118.19 61.03
C CYS DG 42 73.74 -117.71 61.99
N PHE DG 43 72.65 -117.19 61.44
CA PHE DG 43 71.60 -116.59 62.26
C PHE DG 43 70.29 -116.63 61.50
N HIS DG 44 69.21 -116.89 62.22
CA HIS DG 44 67.88 -116.90 61.64
C HIS DG 44 67.12 -115.64 62.04
N PRO DG 45 66.66 -114.85 61.08
CA PRO DG 45 65.91 -113.61 61.40
C PRO DG 45 64.64 -113.85 62.19
N PRO DG 46 63.91 -114.99 61.99
CA PRO DG 46 62.88 -115.20 63.03
C PRO DG 46 63.42 -115.73 64.35
N TYR DG 47 64.01 -114.80 65.12
CA TYR DG 47 64.38 -114.94 66.53
C TYR DG 47 65.40 -116.05 66.78
N ASN DG 48 66.12 -116.48 65.73
CA ASN DG 48 67.19 -117.47 65.79
C ASN DG 48 66.71 -118.82 66.36
N ASN DG 49 65.41 -119.10 66.19
CA ASN DG 49 64.72 -120.23 66.81
C ASN DG 49 64.93 -120.27 68.33
N PHE DG 50 64.89 -119.08 68.94
CA PHE DG 50 64.81 -118.89 70.40
C PHE DG 50 66.03 -119.44 71.12
N GLN DG 51 67.20 -119.28 70.52
CA GLN DG 51 68.43 -119.66 71.17
C GLN DG 51 69.43 -118.51 71.08
N PRO DG 52 70.20 -118.26 72.14
CA PRO DG 52 71.14 -117.14 72.13
C PRO DG 52 72.29 -117.38 71.16
N ASP DG 53 72.58 -116.37 70.35
CA ASP DG 53 73.60 -116.51 69.32
C ASP DG 53 74.99 -116.43 69.91
N ARG DG 54 75.93 -117.09 69.24
CA ARG DG 54 77.34 -117.02 69.61
C ARG DG 54 78.00 -115.97 68.70
N ARG DG 55 77.77 -114.70 69.05
CA ARG DG 55 78.22 -113.60 68.22
C ARG DG 55 79.73 -113.43 68.28
N ALA DG 56 80.33 -113.72 69.44
CA ALA DG 56 81.73 -113.37 69.67
C ALA DG 56 82.68 -114.23 68.84
N VAL DG 57 82.39 -115.53 68.72
CA VAL DG 57 83.22 -116.38 67.89
C VAL DG 57 83.09 -116.02 66.43
N LYS DG 58 81.89 -115.59 66.00
CA LYS DG 58 81.71 -115.12 64.64
C LYS DG 58 82.52 -113.85 64.38
N ARG DG 59 82.52 -112.92 65.34
CA ARG DG 59 83.26 -111.67 65.19
C ARG DG 59 84.77 -111.92 65.16
N VAL DG 60 85.27 -112.79 66.05
CA VAL DG 60 86.71 -113.03 66.04
C VAL DG 60 87.10 -113.88 64.84
N GLY DG 61 86.19 -114.69 64.29
CA GLY DG 61 86.48 -115.39 63.06
C GLY DG 61 86.59 -114.46 61.87
N VAL DG 62 85.62 -113.55 61.73
CA VAL DG 62 85.67 -112.60 60.62
C VAL DG 62 86.72 -111.52 60.82
N ASP DG 63 87.27 -111.38 62.02
CA ASP DG 63 88.42 -110.50 62.21
C ASP DG 63 89.76 -111.21 62.02
N THR DG 64 89.84 -112.49 62.36
CA THR DG 64 91.06 -113.26 62.07
C THR DG 64 91.18 -113.61 60.60
N GLY DG 65 90.08 -113.59 59.86
CA GLY DG 65 90.14 -113.83 58.42
C GLY DG 65 90.84 -112.75 57.63
N GLY DG 88 92.65 -109.41 63.38
CA GLY DG 88 93.38 -110.10 64.42
C GLY DG 88 92.51 -110.62 65.54
N GLY DG 89 92.99 -111.66 66.22
CA GLY DG 89 92.26 -112.20 67.35
C GLY DG 89 92.16 -111.23 68.52
N THR DG 90 93.21 -110.45 68.74
CA THR DG 90 93.22 -109.49 69.84
C THR DG 90 92.22 -108.36 69.59
N VAL DG 91 92.23 -107.79 68.39
CA VAL DG 91 91.31 -106.71 68.07
C VAL DG 91 89.88 -107.25 67.99
N GLY DG 92 89.71 -108.50 67.55
CA GLY DG 92 88.40 -109.12 67.58
C GLY DG 92 87.88 -109.33 68.99
N LEU DG 93 88.76 -109.75 69.90
CA LEU DG 93 88.37 -109.93 71.29
C LEU DG 93 88.01 -108.62 71.95
N VAL DG 94 88.81 -107.57 71.72
CA VAL DG 94 88.53 -106.30 72.38
C VAL DG 94 87.29 -105.64 71.76
N ALA DG 95 87.03 -105.86 70.46
CA ALA DG 95 85.82 -105.34 69.85
C ALA DG 95 84.59 -106.08 70.35
N SER DG 96 84.71 -107.38 70.55
CA SER DG 96 83.60 -108.17 71.08
C SER DG 96 83.26 -107.74 72.51
N ILE DG 97 84.29 -107.58 73.35
CA ILE DG 97 83.99 -107.20 74.73
C ILE DG 97 83.60 -105.73 74.84
N TYR DG 98 83.96 -104.89 73.87
CA TYR DG 98 83.42 -103.53 73.87
C TYR DG 98 81.97 -103.51 73.43
N ARG DG 99 81.62 -104.29 72.40
CA ARG DG 99 80.27 -104.31 71.90
C ARG DG 99 79.35 -105.18 72.74
N ASP DG 100 79.87 -105.89 73.73
CA ASP DG 100 79.03 -106.56 74.70
C ASP DG 100 78.66 -105.68 75.89
N SER DG 101 79.06 -104.41 75.89
CA SER DG 101 78.76 -103.52 77.00
C SER DG 101 77.29 -103.16 77.03
N LYS DG 102 76.81 -102.83 78.23
CA LYS DG 102 75.44 -102.34 78.38
C LYS DG 102 75.28 -100.97 77.75
N ARG DG 103 76.34 -100.16 77.78
CA ARG DG 103 76.29 -98.82 77.19
C ARG DG 103 76.06 -98.89 75.69
N LYS DG 104 76.73 -99.83 75.01
CA LYS DG 104 76.56 -99.96 73.57
C LYS DG 104 75.17 -100.43 73.22
N ILE DG 105 74.59 -101.32 74.04
CA ILE DG 105 73.23 -101.78 73.83
C ILE DG 105 72.24 -100.65 74.00
N ILE DG 106 72.40 -99.87 75.07
CA ILE DG 106 71.50 -98.75 75.33
C ILE DG 106 71.61 -97.69 74.24
N ARG DG 107 72.83 -97.41 73.79
CA ARG DG 107 73.02 -96.43 72.73
C ARG DG 107 72.48 -96.93 71.40
N ASP DG 108 72.59 -98.23 71.14
CA ASP DG 108 72.06 -98.79 69.90
C ASP DG 108 70.53 -98.75 69.90
N LEU DG 109 69.90 -99.06 71.03
CA LEU DG 109 68.45 -98.96 71.05
C LEU DG 109 68.00 -97.50 71.11
N GLN DG 110 68.86 -96.60 71.58
CA GLN DG 110 68.55 -95.17 71.47
C GLN DG 110 68.61 -94.69 70.04
N LYS DG 111 69.53 -95.25 69.26
CA LYS DG 111 69.51 -95.07 67.81
C LYS DG 111 68.23 -95.64 67.23
N GLN DG 112 67.80 -96.79 67.73
CA GLN DG 112 66.54 -97.40 67.31
C GLN DG 112 65.37 -96.69 67.97
N ASP DG 113 64.17 -97.24 67.79
CA ASP DG 113 62.94 -96.56 68.17
C ASP DG 113 62.44 -97.05 69.53
N ILE DG 114 63.26 -96.87 70.59
CA ILE DG 114 62.88 -97.24 71.94
C ILE DG 114 63.25 -96.09 72.88
N GLN DG 115 63.06 -96.33 74.19
CA GLN DG 115 63.53 -95.39 75.19
C GLN DG 115 63.92 -96.13 76.46
N TYR DG 116 64.99 -95.67 77.11
CA TYR DG 116 65.47 -96.24 78.36
C TYR DG 116 65.53 -95.16 79.43
N VAL DG 117 65.12 -95.51 80.65
CA VAL DG 117 65.21 -94.59 81.78
C VAL DG 117 65.79 -95.33 82.96
N GLU DG 118 66.84 -94.77 83.57
CA GLU DG 118 67.39 -95.24 84.82
C GLU DG 118 67.30 -94.12 85.85
N TYR DG 119 66.74 -94.43 87.01
CA TYR DG 119 66.58 -93.43 88.06
C TYR DG 119 66.52 -94.13 89.40
N GLY DG 120 67.45 -93.82 90.28
CA GLY DG 120 67.54 -94.49 91.56
C GLY DG 120 67.98 -95.93 91.42
N ASP DG 121 67.05 -96.85 91.63
CA ASP DG 121 67.30 -98.26 91.38
C ASP DG 121 66.31 -98.87 90.40
N THR DG 122 65.07 -98.38 90.38
CA THR DG 122 64.07 -98.88 89.45
C THR DG 122 64.39 -98.41 88.04
N ARG DG 123 64.42 -99.35 87.10
CA ARG DG 123 64.72 -99.02 85.72
C ARG DG 123 63.53 -99.36 84.83
N THR DG 124 63.36 -98.56 83.77
CA THR DG 124 62.19 -98.68 82.91
C THR DG 124 62.58 -98.63 81.43
N LEU DG 125 61.79 -99.34 80.64
CA LEU DG 125 61.86 -99.34 79.19
C LEU DG 125 60.53 -98.83 78.64
N ILE DG 126 60.61 -98.01 77.59
CA ILE DG 126 59.43 -97.44 76.95
C ILE DG 126 59.44 -97.84 75.49
N ILE DG 127 58.37 -98.49 75.04
CA ILE DG 127 58.26 -98.99 73.68
C ILE DG 127 57.04 -98.41 72.99
N PRO DG 128 57.21 -97.77 71.83
CA PRO DG 128 56.05 -97.22 71.11
C PRO DG 128 55.22 -98.32 70.48
N THR DG 129 53.91 -98.09 70.41
CA THR DG 129 53.01 -99.11 69.88
C THR DG 129 53.11 -99.21 68.37
N ASP DG 130 53.12 -98.07 67.67
CA ASP DG 130 52.88 -98.07 66.23
C ASP DG 130 54.07 -98.56 65.42
N LYS DG 131 55.26 -98.63 66.01
CA LYS DG 131 56.41 -99.16 65.30
C LYS DG 131 56.69 -100.61 65.64
N TYR DG 132 56.20 -101.10 66.78
CA TYR DG 132 56.56 -102.41 67.26
C TYR DG 132 55.36 -103.31 67.46
N PHE DG 133 54.22 -102.92 66.88
CA PHE DG 133 53.04 -103.76 66.90
C PHE DG 133 52.41 -103.71 65.53
N MET DG 134 51.72 -104.78 65.16
CA MET DG 134 50.85 -104.71 64.00
C MET DG 134 49.67 -103.80 64.35
N PHE DG 135 49.23 -103.00 63.38
CA PHE DG 135 48.20 -102.02 63.64
C PHE DG 135 46.86 -102.68 63.91
N SER DG 136 46.23 -102.28 65.01
CA SER DG 136 44.93 -102.79 65.47
C SER DG 136 44.94 -104.30 65.60
N SER DG 137 46.07 -104.84 66.03
CA SER DG 137 46.30 -106.27 66.10
C SER DG 137 47.22 -106.54 67.28
N PRO DG 138 47.11 -107.71 67.91
CA PRO DG 138 48.12 -108.10 68.90
C PRO DG 138 49.37 -108.71 68.27
N ARG DG 139 49.46 -108.75 66.95
CA ARG DG 139 50.67 -109.20 66.29
C ARG DG 139 51.72 -108.10 66.29
N LEU DG 140 52.87 -108.42 65.73
CA LEU DG 140 54.03 -107.55 65.77
C LEU DG 140 54.51 -107.27 64.36
N ASN DG 141 55.19 -106.14 64.19
CA ASN DG 141 55.94 -105.93 62.97
C ASN DG 141 57.20 -106.76 63.02
N GLU DG 142 57.47 -107.49 61.96
CA GLU DG 142 58.62 -108.37 61.96
C GLU DG 142 59.88 -107.70 61.42
N ILE DG 143 59.77 -106.48 60.90
CA ILE DG 143 60.97 -105.78 60.47
C ILE DG 143 61.76 -105.30 61.69
N CYS DG 144 61.08 -104.95 62.78
CA CYS DG 144 61.73 -104.37 63.95
C CYS DG 144 62.17 -105.42 64.95
N TYR DG 145 62.51 -106.62 64.47
CA TYR DG 145 63.07 -107.65 65.33
C TYR DG 145 64.38 -107.31 66.07
N PRO DG 146 65.42 -106.67 65.48
CA PRO DG 146 66.70 -106.61 66.20
C PRO DG 146 66.68 -105.70 67.41
N GLY DG 147 65.76 -104.73 67.46
CA GLY DG 147 65.54 -104.00 68.70
C GLY DG 147 65.03 -104.90 69.81
N LEU DG 148 64.13 -105.82 69.47
CA LEU DG 148 63.64 -106.78 70.46
C LEU DG 148 64.74 -107.73 70.89
N ASN DG 149 65.61 -108.11 69.95
CA ASN DG 149 66.74 -108.97 70.28
C ASN DG 149 67.70 -108.26 71.23
N ASN DG 150 67.95 -106.98 70.99
CA ASN DG 150 68.77 -106.19 71.90
C ASN DG 150 68.09 -106.01 73.25
N VAL DG 151 66.76 -105.94 73.28
CA VAL DG 151 66.03 -105.84 74.53
C VAL DG 151 66.22 -107.11 75.35
N ILE DG 152 66.13 -108.27 74.70
CA ILE DG 152 66.32 -109.53 75.41
C ILE DG 152 67.77 -109.67 75.87
N ARG DG 153 68.73 -109.23 75.04
CA ARG DG 153 70.13 -109.25 75.44
C ARG DG 153 70.40 -108.31 76.62
N LEU DG 154 69.73 -107.16 76.65
CA LEU DG 154 69.91 -106.23 77.75
C LEU DG 154 69.32 -106.78 79.03
N LEU DG 155 68.10 -107.30 78.95
CA LEU DG 155 67.43 -107.76 80.15
C LEU DG 155 67.86 -109.15 80.58
N ASN DG 156 68.74 -109.80 79.81
CA ASN DG 156 69.37 -111.00 80.33
C ASN DG 156 70.41 -110.71 81.40
N PHE DG 157 70.86 -109.47 81.55
CA PHE DG 157 71.88 -109.14 82.53
C PHE DG 157 71.33 -108.96 83.94
N TYR DG 158 70.01 -108.99 84.12
CA TYR DG 158 69.39 -108.70 85.40
C TYR DG 158 68.50 -109.88 85.79
N PRO DG 159 69.10 -110.98 86.22
CA PRO DG 159 68.32 -112.22 86.42
C PRO DG 159 67.66 -112.35 87.77
N GLN DG 160 67.58 -111.28 88.57
CA GLN DG 160 66.94 -111.36 89.88
C GLN DG 160 65.76 -110.42 90.05
N SER DG 161 65.51 -109.53 89.09
CA SER DG 161 64.45 -108.57 89.24
C SER DG 161 63.09 -109.17 88.88
N THR DG 162 62.10 -108.91 89.71
CA THR DG 162 60.73 -109.14 89.30
C THR DG 162 60.34 -108.09 88.26
N ILE DG 163 59.44 -108.47 87.35
CA ILE DG 163 59.16 -107.70 86.15
C ILE DG 163 57.70 -107.27 86.17
N TYR DG 164 57.46 -105.99 85.90
CA TYR DG 164 56.13 -105.49 85.61
C TYR DG 164 56.08 -105.03 84.16
N VAL DG 165 54.98 -105.34 83.47
CA VAL DG 165 54.74 -104.81 82.14
C VAL DG 165 53.33 -104.22 82.10
N ALA DG 166 53.21 -103.00 81.60
CA ALA DG 166 51.94 -102.29 81.55
C ALA DG 166 51.74 -101.65 80.18
N GLY DG 167 50.50 -101.60 79.75
CA GLY DG 167 50.14 -101.09 78.45
C GLY DG 167 49.20 -99.90 78.54
N PHE DG 168 49.38 -98.95 77.61
CA PHE DG 168 48.54 -97.76 77.57
C PHE DG 168 48.29 -97.34 76.14
N THR DG 169 47.15 -96.68 75.92
CA THR DG 169 46.76 -96.21 74.61
C THR DG 169 46.08 -94.86 74.76
N ASP DG 170 45.48 -94.38 73.67
CA ASP DG 170 44.82 -93.07 73.66
C ASP DG 170 43.37 -93.21 74.11
N ASN DG 171 42.58 -92.16 73.86
CA ASN DG 171 41.26 -92.00 74.45
C ASN DG 171 40.13 -92.07 73.43
N VAL DG 172 40.29 -92.80 72.33
CA VAL DG 172 39.22 -92.91 71.35
C VAL DG 172 38.59 -94.29 71.47
N GLY DG 173 37.32 -94.39 71.09
CA GLY DG 173 36.61 -95.64 71.14
C GLY DG 173 36.03 -95.96 72.51
N SER DG 174 35.45 -97.16 72.61
CA SER DG 174 34.85 -97.62 73.85
C SER DG 174 35.91 -97.90 74.89
N ARG DG 175 35.53 -97.66 76.15
CA ARG DG 175 36.44 -97.94 77.27
C ARG DG 175 36.74 -99.43 77.39
N SER DG 176 35.72 -100.27 77.20
CA SER DG 176 35.93 -101.71 77.19
C SER DG 176 36.79 -102.14 76.02
N HIS DG 177 36.64 -101.46 74.88
CA HIS DG 177 37.49 -101.72 73.73
C HIS DG 177 38.95 -101.39 74.03
N LYS DG 178 39.18 -100.26 74.72
CA LYS DG 178 40.52 -99.90 75.14
C LYS DG 178 41.09 -100.92 76.11
N ARG DG 179 40.25 -101.40 77.03
CA ARG DG 179 40.69 -102.38 78.02
C ARG DG 179 41.12 -103.68 77.36
N LYS DG 180 40.32 -104.16 76.40
CA LYS DG 180 40.65 -105.42 75.75
C LYS DG 180 41.88 -105.28 74.87
N LEU DG 181 42.03 -104.13 74.21
CA LEU DG 181 43.22 -103.89 73.40
C LEU DG 181 44.48 -103.86 74.25
N SER DG 182 44.42 -103.16 75.39
CA SER DG 182 45.57 -103.08 76.27
C SER DG 182 45.91 -104.43 76.87
N GLN DG 183 44.88 -105.21 77.22
CA GLN DG 183 45.10 -106.55 77.74
C GLN DG 183 45.76 -107.45 76.70
N ALA DG 184 45.32 -107.35 75.45
CA ALA DG 184 45.90 -108.17 74.38
C ALA DG 184 47.36 -107.81 74.15
N GLN DG 185 47.66 -106.51 74.09
CA GLN DG 185 49.04 -106.09 73.84
C GLN DG 185 49.95 -106.48 75.00
N ALA DG 186 49.48 -106.31 76.23
CA ALA DG 186 50.27 -106.65 77.40
C ALA DG 186 50.52 -108.15 77.48
N GLU DG 187 49.52 -108.97 77.18
CA GLU DG 187 49.72 -110.40 77.27
C GLU DG 187 50.60 -110.92 76.16
N THR DG 188 50.56 -110.31 74.97
CA THR DG 188 51.48 -110.71 73.92
C THR DG 188 52.92 -110.37 74.27
N MET DG 189 53.13 -109.18 74.84
CA MET DG 189 54.48 -108.78 75.26
C MET DG 189 55.00 -109.70 76.36
N MET DG 190 54.14 -110.00 77.34
CA MET DG 190 54.51 -110.90 78.43
C MET DG 190 54.80 -112.30 77.92
N THR DG 191 54.04 -112.74 76.91
CA THR DG 191 54.25 -114.06 76.34
C THR DG 191 55.59 -114.15 75.63
N PHE DG 192 55.95 -113.10 74.90
CA PHE DG 192 57.26 -113.10 74.23
C PHE DG 192 58.38 -113.11 75.24
N LEU DG 193 58.24 -112.33 76.32
CA LEU DG 193 59.26 -112.32 77.36
C LEU DG 193 59.36 -113.66 78.08
N TRP DG 194 58.23 -114.34 78.25
CA TRP DG 194 58.24 -115.66 78.85
C TRP DG 194 58.90 -116.67 77.93
N ALA DG 195 58.63 -116.58 76.63
CA ALA DG 195 59.16 -117.54 75.69
C ALA DG 195 60.63 -117.32 75.40
N ASN DG 196 61.17 -116.14 75.71
CA ASN DG 196 62.60 -115.94 75.56
C ASN DG 196 63.41 -116.77 76.56
N GLY DG 197 62.82 -117.16 77.68
CA GLY DG 197 63.53 -118.06 78.57
C GLY DG 197 63.32 -117.85 80.05
N ILE DG 198 62.83 -116.68 80.44
CA ILE DG 198 62.63 -116.39 81.86
C ILE DG 198 61.35 -117.06 82.33
N ALA DG 199 61.44 -117.76 83.47
CA ALA DG 199 60.33 -118.52 84.01
C ALA DG 199 59.22 -117.61 84.50
N ALA DG 200 58.01 -118.16 84.57
CA ALA DG 200 56.79 -117.39 84.80
C ALA DG 200 56.60 -116.95 86.23
N LYS DG 201 57.57 -117.18 87.12
CA LYS DG 201 57.42 -116.71 88.49
C LYS DG 201 57.62 -115.20 88.58
N ARG DG 202 58.41 -114.63 87.68
CA ARG DG 202 58.81 -113.24 87.80
C ARG DG 202 58.07 -112.32 86.85
N LEU DG 203 56.96 -112.74 86.27
CA LEU DG 203 56.28 -111.98 85.25
C LEU DG 203 54.84 -111.71 85.66
N LYS DG 204 54.37 -110.50 85.39
CA LYS DG 204 52.98 -110.11 85.63
C LYS DG 204 52.64 -108.97 84.68
N ALA DG 205 51.50 -109.09 84.00
CA ALA DG 205 51.14 -108.16 82.94
C ALA DG 205 49.86 -107.41 83.29
N GLU DG 206 49.78 -106.17 82.82
CA GLU DG 206 48.62 -105.34 83.07
C GLU DG 206 48.49 -104.29 81.98
N GLY DG 207 47.28 -104.08 81.50
CA GLY DG 207 47.04 -103.05 80.52
C GLY DG 207 45.90 -102.14 80.89
N TYR DG 208 46.18 -100.86 81.08
CA TYR DG 208 45.14 -99.88 81.35
C TYR DG 208 44.81 -99.13 80.07
N GLY DG 209 43.75 -98.34 80.12
CA GLY DG 209 43.38 -97.58 78.96
C GLY DG 209 44.11 -96.26 78.90
N ASP DG 210 43.35 -95.17 78.89
CA ASP DG 210 43.88 -93.82 78.93
C ASP DG 210 43.83 -93.25 80.34
N LYS DG 211 44.06 -94.12 81.33
CA LYS DG 211 43.86 -93.76 82.73
C LYS DG 211 44.86 -92.72 83.20
N ASN DG 212 46.12 -92.87 82.81
CA ASN DG 212 47.16 -91.93 83.19
C ASN DG 212 48.11 -91.76 82.02
N ALA DG 213 48.25 -90.54 81.54
CA ALA DG 213 48.94 -90.25 80.30
C ALA DG 213 50.17 -89.42 80.56
N ILE DG 214 51.27 -89.75 79.88
CA ILE DG 214 52.45 -88.91 79.91
C ILE DG 214 52.36 -87.73 78.97
N SER DG 215 51.29 -87.67 78.17
CA SER DG 215 51.13 -86.61 77.20
C SER DG 215 49.68 -86.15 77.23
N ASP DG 216 49.33 -85.31 76.26
CA ASP DG 216 47.98 -84.76 76.14
C ASP DG 216 47.28 -85.40 74.95
N ASN DG 217 46.03 -85.83 75.17
CA ASN DG 217 45.25 -86.45 74.12
C ASN DG 217 44.38 -85.47 73.35
N ALA DG 218 44.47 -84.18 73.66
CA ALA DG 218 43.77 -83.15 72.91
C ALA DG 218 44.57 -82.61 71.74
N ILE DG 219 45.80 -83.07 71.55
CA ILE DG 219 46.65 -82.58 70.47
C ILE DG 219 47.21 -83.79 69.71
N ILE DG 220 47.61 -83.54 68.47
CA ILE DG 220 47.88 -84.64 67.54
C ILE DG 220 49.19 -85.34 67.88
N HIS DG 221 50.28 -84.58 67.95
CA HIS DG 221 51.58 -85.17 68.22
C HIS DG 221 51.67 -85.68 69.64
N GLY DG 222 50.95 -85.05 70.57
CA GLY DG 222 50.89 -85.58 71.92
C GLY DG 222 50.14 -86.89 71.99
N SER DG 223 49.03 -87.00 71.26
CA SER DG 223 48.29 -88.26 71.23
C SER DG 223 49.10 -89.34 70.53
N ALA DG 224 49.91 -88.95 69.56
CA ALA DG 224 50.86 -89.88 68.97
C ALA DG 224 51.89 -90.33 70.00
N GLN DG 225 52.36 -89.41 70.84
CA GLN DG 225 53.31 -89.74 71.89
C GLN DG 225 52.70 -90.60 72.98
N ASN DG 226 51.37 -90.59 73.10
CA ASN DG 226 50.72 -91.12 74.29
C ASN DG 226 50.77 -92.65 74.35
N ARG DG 227 50.48 -93.33 73.24
CA ARG DG 227 50.29 -94.77 73.27
C ARG DG 227 51.63 -95.47 73.49
N ARG DG 228 51.66 -96.40 74.44
CA ARG DG 228 52.95 -96.83 74.95
C ARG DG 228 52.87 -98.20 75.59
N ILE DG 229 54.04 -98.83 75.72
CA ILE DG 229 54.24 -100.01 76.54
C ILE DG 229 55.39 -99.72 77.50
N GLU DG 230 55.13 -99.85 78.80
CA GLU DG 230 56.15 -99.59 79.81
C GLU DG 230 56.56 -100.89 80.47
N ILE DG 231 57.85 -100.99 80.78
CA ILE DG 231 58.44 -102.16 81.40
C ILE DG 231 59.25 -101.69 82.60
N GLN DG 232 58.92 -102.19 83.78
CA GLN DG 232 59.56 -101.76 85.01
C GLN DG 232 60.22 -102.95 85.67
N TRP DG 233 61.42 -102.74 86.22
CA TRP DG 233 61.99 -103.75 87.08
C TRP DG 233 62.89 -103.13 88.13
N PHE DG 234 62.95 -103.82 89.27
CA PHE DG 234 63.66 -103.39 90.46
C PHE DG 234 65.08 -103.94 90.45
N THR DG 235 65.74 -103.88 91.60
CA THR DG 235 67.03 -104.52 91.82
C THR DG 235 66.87 -105.83 92.60
N SER DG 236 66.30 -105.75 93.79
CA SER DG 236 66.08 -106.94 94.63
C SER DG 236 64.63 -107.35 94.63
N ILE EG 862 -3.06 -2.09 -70.87
CA ILE EG 862 -2.53 -3.15 -70.02
C ILE EG 862 -1.13 -3.55 -70.50
N ILE EG 863 -0.17 -3.53 -69.58
CA ILE EG 863 1.24 -3.76 -69.87
C ILE EG 863 1.69 -5.02 -69.13
N LYS EG 864 2.26 -5.96 -69.89
CA LYS EG 864 2.78 -7.19 -69.29
C LYS EG 864 4.02 -6.89 -68.46
N THR EG 865 4.27 -7.74 -67.47
CA THR EG 865 5.32 -7.48 -66.48
C THR EG 865 6.68 -7.76 -67.10
N GLY EG 866 7.36 -6.72 -67.57
CA GLY EG 866 8.64 -6.89 -68.25
C GLY EG 866 8.63 -6.96 -69.77
N ASP EG 867 8.14 -5.92 -70.43
CA ASP EG 867 8.25 -5.76 -71.87
C ASP EG 867 9.33 -4.74 -72.20
N ILE EG 868 9.47 -4.42 -73.48
CA ILE EG 868 10.54 -3.56 -73.98
C ILE EG 868 9.91 -2.32 -74.61
N MET EG 869 10.47 -1.15 -74.30
CA MET EG 869 9.97 0.13 -74.81
C MET EG 869 11.15 1.03 -75.17
N PHE EG 870 10.87 2.02 -76.02
CA PHE EG 870 11.84 3.02 -76.45
C PHE EG 870 11.44 4.38 -75.86
N ALA EG 871 12.44 5.26 -75.72
CA ALA EG 871 12.19 6.63 -75.30
C ALA EG 871 13.30 7.51 -75.88
N VAL EG 872 13.00 8.81 -76.00
CA VAL EG 872 13.92 9.77 -76.58
C VAL EG 872 14.51 10.61 -75.46
N LEU EG 873 15.84 10.64 -75.38
CA LEU EG 873 16.57 11.42 -74.41
C LEU EG 873 17.20 12.63 -75.10
N ASP EG 874 16.81 13.82 -74.65
CA ASP EG 874 17.10 15.03 -75.42
C ASP EG 874 17.98 16.01 -74.64
N THR EG 875 18.20 15.75 -73.36
CA THR EG 875 19.10 16.57 -72.56
C THR EG 875 20.03 15.67 -71.75
N SER EG 876 21.30 16.07 -71.63
CA SER EG 876 22.34 15.26 -70.99
C SER EG 876 22.85 15.89 -69.70
N VAL EG 877 23.64 15.11 -68.94
CA VAL EG 877 24.16 15.53 -67.65
C VAL EG 877 25.45 14.74 -67.37
N ASN EG 878 26.42 15.42 -66.76
CA ASN EG 878 27.63 14.79 -66.25
C ASN EG 878 27.30 13.95 -65.02
N SER EG 879 28.03 12.85 -64.86
CA SER EG 879 27.77 11.95 -63.75
C SER EG 879 28.57 12.37 -62.51
N ASP EG 880 28.24 13.51 -61.95
CA ASP EG 880 28.77 13.89 -60.64
C ASP EG 880 27.67 14.24 -59.65
N GLU EG 881 26.65 14.99 -60.08
CA GLU EG 881 25.52 15.35 -59.22
C GLU EG 881 24.23 15.00 -59.94
N PRO EG 882 23.35 14.19 -59.35
CA PRO EG 882 22.09 13.86 -60.00
C PRO EG 882 21.11 15.03 -60.03
N GLY EG 883 20.16 14.94 -60.95
CA GLY EG 883 19.07 15.88 -61.07
C GLY EG 883 17.87 15.18 -61.68
N PRO EG 884 16.69 15.81 -61.62
CA PRO EG 884 15.48 15.14 -62.11
C PRO EG 884 15.40 15.10 -63.63
N ILE EG 885 16.26 14.30 -64.23
CA ILE EG 885 16.42 14.23 -65.68
C ILE EG 885 15.18 13.55 -66.25
N LEU EG 886 14.83 13.92 -67.49
CA LEU EG 886 13.55 13.52 -68.07
C LEU EG 886 13.76 12.89 -69.43
N ALA EG 887 12.81 12.03 -69.81
CA ALA EG 887 12.70 11.45 -71.14
C ALA EG 887 11.25 11.53 -71.59
N THR EG 888 11.04 11.37 -72.89
CA THR EG 888 9.71 11.31 -73.47
C THR EG 888 9.51 9.92 -74.03
N ILE EG 889 8.53 9.19 -73.49
CA ILE EG 889 8.21 7.88 -74.05
C ILE EG 889 7.58 8.07 -75.42
N VAL EG 890 8.19 7.46 -76.43
CA VAL EG 890 7.83 7.73 -77.81
C VAL EG 890 7.08 6.60 -78.49
N THR EG 891 7.13 5.39 -77.92
CA THR EG 891 6.41 4.27 -78.53
C THR EG 891 5.53 3.58 -77.48
N GLY EG 892 4.86 2.50 -77.89
CA GLY EG 892 4.04 1.75 -76.96
C GLY EG 892 2.63 2.30 -76.82
N LYS EG 893 1.94 1.84 -75.79
CA LYS EG 893 0.55 2.22 -75.57
C LYS EG 893 0.42 3.65 -75.09
N LEU EG 894 1.45 4.16 -74.41
CA LEU EG 894 1.39 5.51 -73.86
C LEU EG 894 1.95 6.51 -74.85
N LYS EG 895 1.14 7.50 -75.21
CA LYS EG 895 1.53 8.56 -76.14
C LYS EG 895 1.56 9.89 -75.40
N GLY EG 896 2.67 10.62 -75.53
CA GLY EG 896 2.83 11.85 -74.82
C GLY EG 896 3.30 11.70 -73.39
N SER EG 897 3.59 10.47 -72.97
CA SER EG 897 4.02 10.23 -71.60
C SER EG 897 5.46 10.66 -71.42
N LYS EG 898 5.79 11.12 -70.20
CA LYS EG 898 7.13 11.61 -69.92
C LYS EG 898 7.55 11.22 -68.50
N LEU EG 899 8.86 11.11 -68.30
CA LEU EG 899 9.36 10.39 -67.13
C LEU EG 899 10.60 11.05 -66.57
N ILE EG 900 10.65 11.21 -65.23
CA ILE EG 900 11.80 11.81 -64.55
C ILE EG 900 12.44 10.77 -63.62
N GLY EG 901 13.75 10.94 -63.42
CA GLY EG 901 14.56 10.17 -62.51
C GLY EG 901 15.96 10.74 -62.47
N SER EG 902 16.98 9.90 -62.28
CA SER EG 902 18.36 10.37 -62.29
C SER EG 902 19.25 9.22 -62.75
N PHE EG 903 20.55 9.34 -62.51
CA PHE EG 903 21.53 8.32 -62.84
C PHE EG 903 22.13 7.72 -61.57
N ASN EG 904 23.11 6.84 -61.77
CA ASN EG 904 23.87 6.26 -60.66
C ASN EG 904 25.36 6.46 -60.93
N LEU EG 905 26.14 6.52 -59.86
CA LEU EG 905 27.58 6.68 -59.98
C LEU EG 905 28.27 5.33 -59.88
N PRO EG 906 28.94 4.88 -60.94
CA PRO EG 906 29.76 3.68 -60.82
C PRO EG 906 31.17 3.99 -60.34
N SER EG 907 31.67 3.10 -59.47
CA SER EG 907 33.06 3.19 -59.04
C SER EG 907 34.01 2.86 -60.18
N ASN EG 908 33.77 1.75 -60.88
CA ASN EG 908 34.34 1.50 -62.18
C ASN EG 908 33.25 1.69 -63.21
N ALA EG 909 33.53 2.54 -64.20
CA ALA EG 909 32.52 3.03 -65.14
C ALA EG 909 32.39 2.15 -66.38
N ASP EG 910 32.64 0.85 -66.27
CA ASP EG 910 32.57 -0.08 -67.39
C ASP EG 910 31.16 -0.31 -67.89
N LYS EG 911 30.14 0.08 -67.12
CA LYS EG 911 28.79 0.22 -67.64
C LYS EG 911 28.11 1.34 -66.87
N MET EG 912 27.08 1.91 -67.49
CA MET EG 912 26.40 3.06 -66.91
C MET EG 912 24.94 2.99 -67.30
N VAL EG 913 24.07 3.23 -66.31
CA VAL EG 913 22.64 2.99 -66.44
C VAL EG 913 21.89 4.21 -65.96
N ILE EG 914 20.63 4.32 -66.38
CA ILE EG 914 19.70 5.35 -65.92
C ILE EG 914 18.52 4.64 -65.26
N THR EG 915 18.30 4.94 -63.98
CA THR EG 915 17.15 4.44 -63.26
C THR EG 915 16.06 5.50 -63.30
N PHE EG 916 14.93 5.15 -63.91
CA PHE EG 916 13.87 6.11 -64.24
C PHE EG 916 12.59 5.68 -63.56
N ASN EG 917 12.05 6.53 -62.66
CA ASN EG 917 11.00 6.08 -61.75
C ASN EG 917 9.67 6.82 -61.89
N THR EG 918 9.68 8.15 -61.98
CA THR EG 918 8.43 8.90 -61.84
C THR EG 918 7.88 9.12 -63.25
N MET EG 919 6.83 8.37 -63.59
CA MET EG 919 6.25 8.37 -64.94
C MET EG 919 4.92 9.13 -64.91
N SER EG 920 4.69 9.98 -65.90
CA SER EG 920 3.45 10.71 -66.03
C SER EG 920 2.80 10.38 -67.37
N ILE EG 921 1.56 9.91 -67.31
CA ILE EG 921 0.71 9.69 -68.47
C ILE EG 921 -0.20 10.90 -68.62
N PRO EG 922 -0.22 11.57 -69.77
CA PRO EG 922 -1.12 12.72 -69.93
C PRO EG 922 -2.55 12.29 -70.25
N GLY EG 923 -3.41 13.25 -70.57
CA GLY EG 923 -4.79 12.97 -70.89
C GLY EG 923 -5.68 13.00 -69.66
N ALA EG 924 -5.52 12.01 -68.78
CA ALA EG 924 -6.14 12.00 -67.48
C ALA EG 924 -5.06 12.23 -66.41
N GLU EG 925 -5.44 12.97 -65.37
CA GLU EG 925 -4.49 13.49 -64.38
C GLU EG 925 -4.02 12.36 -63.47
N LYS EG 926 -2.89 11.76 -63.83
CA LYS EG 926 -2.29 10.67 -63.09
C LYS EG 926 -0.78 10.81 -63.13
N THR EG 927 -0.12 10.12 -62.20
CA THR EG 927 1.35 10.03 -62.20
C THR EG 927 1.71 8.65 -61.66
N ILE EG 928 2.06 7.73 -62.56
CA ILE EG 928 2.40 6.36 -62.17
C ILE EG 928 3.85 6.28 -61.73
N SER EG 929 4.26 5.13 -61.20
CA SER EG 929 5.60 5.00 -60.62
C SER EG 929 6.35 3.77 -61.08
N ILE EG 930 6.40 3.52 -62.39
CA ILE EG 930 7.18 2.40 -62.90
C ILE EG 930 8.66 2.79 -62.88
N SER EG 931 9.47 2.02 -62.16
CA SER EG 931 10.89 2.27 -62.00
C SER EG 931 11.67 1.09 -62.58
N ALA EG 932 12.66 1.39 -63.42
CA ALA EG 932 13.37 0.37 -64.17
C ALA EG 932 14.75 0.89 -64.55
N TYR EG 933 15.42 0.19 -65.47
CA TYR EG 933 16.74 0.56 -65.94
C TYR EG 933 16.63 1.13 -67.36
N ALA EG 934 17.75 1.57 -67.90
CA ALA EG 934 17.82 2.04 -69.28
C ALA EG 934 18.93 1.30 -70.03
N ILE EG 935 18.63 0.91 -71.26
CA ILE EG 935 19.57 0.13 -72.07
C ILE EG 935 19.98 0.98 -73.26
N ASP EG 936 21.15 0.67 -73.81
CA ASP EG 936 21.67 1.41 -74.95
C ASP EG 936 20.89 1.03 -76.19
N PRO EG 937 20.25 1.99 -76.86
CA PRO EG 937 19.43 1.65 -78.05
C PRO EG 937 20.29 1.17 -79.21
N ASN EG 938 19.73 0.22 -79.95
CA ASN EG 938 20.33 -0.54 -81.04
C ASN EG 938 21.59 -1.29 -80.59
N THR EG 939 21.76 -1.55 -79.30
CA THR EG 939 22.93 -2.23 -78.75
C THR EG 939 22.49 -3.41 -77.89
N ALA EG 940 21.42 -3.20 -77.12
CA ALA EG 940 20.89 -4.12 -76.11
C ALA EG 940 21.96 -4.53 -75.10
N ARG EG 941 22.78 -3.55 -74.72
CA ARG EG 941 23.77 -3.71 -73.67
C ARG EG 941 23.65 -2.52 -72.73
N THR EG 942 24.16 -2.68 -71.52
CA THR EG 942 24.12 -1.61 -70.53
C THR EG 942 25.31 -0.69 -70.60
N ALA EG 943 26.26 -0.94 -71.49
CA ALA EG 943 27.42 -0.07 -71.62
C ALA EG 943 27.00 1.25 -72.27
N LEU EG 944 27.48 2.34 -71.69
CA LEU EG 944 27.16 3.68 -72.16
C LEU EG 944 28.29 4.19 -73.05
N ALA EG 945 27.92 4.73 -74.20
CA ALA EG 945 28.90 5.31 -75.13
C ALA EG 945 29.40 6.62 -74.52
N SER EG 946 30.52 6.54 -73.82
CA SER EG 946 31.08 7.69 -73.12
C SER EG 946 32.59 7.61 -73.18
N ARG EG 947 33.25 8.64 -72.64
CA ARG EG 947 34.70 8.73 -72.61
C ARG EG 947 35.21 8.65 -71.17
N THR EG 948 36.32 7.94 -70.99
CA THR EG 948 36.80 7.61 -69.64
C THR EG 948 38.20 8.11 -69.30
N ASN EG 949 38.97 8.63 -70.25
CA ASN EG 949 40.35 9.04 -69.96
C ASN EG 949 40.46 10.53 -69.67
N HIS EG 950 39.45 11.10 -69.00
CA HIS EG 950 39.48 12.51 -68.64
C HIS EG 950 40.45 12.78 -67.50
N HIS EG 951 40.50 11.90 -66.51
CA HIS EG 951 41.24 12.18 -65.28
C HIS EG 951 42.15 11.01 -64.92
N TYR EG 952 42.89 10.51 -65.89
CA TYR EG 952 44.06 9.69 -65.65
C TYR EG 952 45.35 10.47 -65.86
N LEU EG 953 45.50 11.07 -67.04
CA LEU EG 953 46.78 11.62 -67.47
C LEU EG 953 47.13 12.91 -66.74
N MET EG 954 46.12 13.70 -66.36
CA MET EG 954 46.37 14.97 -65.67
C MET EG 954 46.99 14.73 -64.29
N ARG EG 955 46.36 13.86 -63.49
CA ARG EG 955 46.91 13.53 -62.17
C ARG EG 955 48.20 12.73 -62.27
N TYR EG 956 48.32 11.85 -63.28
CA TYR EG 956 49.56 11.12 -63.53
C TYR EG 956 50.72 12.08 -63.78
N GLY EG 957 50.50 13.06 -64.67
CA GLY EG 957 51.57 13.99 -65.01
C GLY EG 957 51.94 14.91 -63.86
N SER EG 958 50.94 15.37 -63.10
CA SER EG 958 51.24 16.23 -61.96
C SER EG 958 52.06 15.50 -60.89
N LEU EG 959 51.65 14.26 -60.56
CA LEU EG 959 52.39 13.47 -59.57
C LEU EG 959 53.79 13.15 -60.06
N PHE EG 960 53.93 12.72 -61.31
CA PHE EG 960 55.23 12.27 -61.78
C PHE EG 960 56.18 13.45 -61.98
N ALA EG 961 55.65 14.62 -62.32
CA ALA EG 961 56.48 15.82 -62.38
C ALA EG 961 56.97 16.22 -61.00
N SER EG 962 56.09 16.17 -59.99
CA SER EG 962 56.49 16.49 -58.61
C SER EG 962 57.56 15.51 -58.12
N SER EG 963 57.36 14.23 -58.42
CA SER EG 963 58.33 13.20 -58.03
C SER EG 963 59.68 13.44 -58.67
N PHE EG 964 59.71 13.61 -60.00
CA PHE EG 964 60.96 13.83 -60.73
C PHE EG 964 61.69 15.07 -60.25
N LEU EG 965 60.94 16.10 -59.83
CA LEU EG 965 61.54 17.27 -59.19
C LEU EG 965 62.26 16.89 -57.90
N GLN EG 966 61.56 16.19 -57.00
CA GLN EG 966 62.14 15.83 -55.71
C GLN EG 966 63.37 14.95 -55.88
N GLY EG 967 63.28 14.00 -56.80
CA GLY EG 967 64.40 13.12 -57.09
C GLY EG 967 65.59 13.86 -57.67
N PHE EG 968 65.33 14.88 -58.50
CA PHE EG 968 66.42 15.64 -59.10
C PHE EG 968 67.20 16.38 -58.06
N GLY EG 969 66.48 17.03 -57.15
CA GLY EG 969 67.16 17.77 -56.10
C GLY EG 969 67.95 16.89 -55.17
N ASN EG 970 67.35 15.78 -54.70
CA ASN EG 970 68.09 14.96 -53.74
C ASN EG 970 69.24 14.19 -54.39
N ALA EG 971 69.06 13.62 -55.58
CA ALA EG 971 70.13 12.80 -56.14
C ALA EG 971 71.26 13.67 -56.70
N PHE EG 972 70.95 14.82 -57.29
CA PHE EG 972 72.06 15.66 -57.68
C PHE EG 972 72.66 16.44 -56.51
N GLN EG 973 72.00 16.45 -55.34
CA GLN EG 973 72.71 16.83 -54.13
C GLN EG 973 73.68 15.72 -53.70
N SER EG 974 73.25 14.47 -53.82
CA SER EG 974 74.10 13.34 -53.43
C SER EG 974 75.31 13.21 -54.34
N ALA EG 975 75.17 13.60 -55.61
CA ALA EG 975 76.25 13.53 -56.59
C ALA EG 975 77.21 14.71 -56.52
N ASN EG 976 77.18 15.49 -55.43
CA ASN EG 976 78.09 16.62 -55.31
C ASN EG 976 79.52 16.18 -54.99
N THR EG 977 79.68 15.11 -54.19
CA THR EG 977 81.01 14.71 -53.75
C THR EG 977 81.79 14.03 -54.87
N THR EG 978 81.15 13.14 -55.60
CA THR EG 978 81.84 12.34 -56.60
C THR EG 978 81.35 12.65 -58.01
N SER EG 999 77.67 26.93 -59.45
CA SER EG 999 76.60 27.29 -58.54
C SER EG 999 75.25 27.05 -59.19
N THR EG 1000 75.27 26.95 -60.52
CA THR EG 1000 74.05 26.74 -61.29
C THR EG 1000 73.42 25.39 -60.98
N LEU EG 1001 74.23 24.33 -60.94
CA LEU EG 1001 73.72 23.01 -60.58
C LEU EG 1001 73.29 22.97 -59.11
N GLU EG 1002 73.95 23.75 -58.26
CA GLU EG 1002 73.54 23.88 -56.86
C GLU EG 1002 72.14 24.45 -56.75
N ASN EG 1003 71.87 25.54 -57.48
CA ASN EG 1003 70.54 26.15 -57.41
C ASN EG 1003 69.48 25.28 -58.08
N ALA EG 1004 69.87 24.52 -59.10
CA ALA EG 1004 68.97 23.53 -59.67
C ALA EG 1004 68.60 22.45 -58.65
N VAL EG 1005 69.60 21.94 -57.91
CA VAL EG 1005 69.39 21.01 -56.80
C VAL EG 1005 68.42 21.59 -55.80
N ILE EG 1006 68.60 22.87 -55.47
CA ILE EG 1006 67.77 23.56 -54.49
C ILE EG 1006 66.30 23.58 -54.93
N GLY EG 1007 66.06 24.04 -56.18
CA GLY EG 1007 64.69 24.23 -56.62
C GLY EG 1007 63.98 22.90 -56.79
N LEU EG 1008 64.70 21.91 -57.32
CA LEU EG 1008 64.12 20.60 -57.56
C LEU EG 1008 63.80 19.88 -56.24
N ALA EG 1009 64.76 19.90 -55.29
CA ALA EG 1009 64.56 19.25 -54.00
C ALA EG 1009 63.45 19.89 -53.20
N THR EG 1010 63.25 21.19 -53.35
CA THR EG 1010 62.31 21.85 -52.48
C THR EG 1010 60.91 21.98 -53.06
N VAL EG 1011 60.76 22.03 -54.38
CA VAL EG 1011 59.41 22.02 -54.94
C VAL EG 1011 58.93 20.62 -55.29
N GLY EG 1012 59.79 19.60 -55.22
CA GLY EG 1012 59.30 18.25 -55.37
C GLY EG 1012 58.41 17.81 -54.24
N LYS EG 1013 58.79 18.14 -52.99
CA LYS EG 1013 58.18 17.54 -51.81
C LYS EG 1013 56.77 18.06 -51.58
N ALA EG 1014 56.58 19.38 -51.63
CA ALA EG 1014 55.28 19.96 -51.37
C ALA EG 1014 54.29 19.60 -52.46
N TRP EG 1015 54.74 19.61 -53.72
CA TRP EG 1015 53.86 19.18 -54.80
C TRP EG 1015 53.62 17.67 -54.75
N SER EG 1016 54.54 16.90 -54.17
CA SER EG 1016 54.31 15.46 -54.01
C SER EG 1016 53.19 15.19 -53.01
N GLN EG 1017 53.24 15.85 -51.85
CA GLN EG 1017 52.19 15.63 -50.86
C GLN EG 1017 50.85 16.22 -51.31
N GLN EG 1018 50.86 17.36 -52.02
CA GLN EG 1018 49.62 17.89 -52.56
C GLN EG 1018 49.07 17.01 -53.69
N ALA EG 1019 49.95 16.38 -54.46
CA ALA EG 1019 49.50 15.50 -55.53
C ALA EG 1019 48.88 14.23 -55.01
N GLN EG 1020 49.45 13.66 -53.94
CA GLN EG 1020 48.79 12.53 -53.29
C GLN EG 1020 47.53 12.98 -52.57
N GLN EG 1021 47.45 14.26 -52.20
CA GLN EG 1021 46.22 14.79 -51.63
C GLN EG 1021 45.10 14.88 -52.68
N LEU EG 1022 45.42 15.27 -53.92
CA LEU EG 1022 44.38 15.49 -54.92
C LEU EG 1022 44.33 14.43 -56.00
N PHE EG 1023 45.05 13.30 -55.83
CA PHE EG 1023 45.13 12.29 -56.87
C PHE EG 1023 43.83 11.50 -57.03
N ASN EG 1024 42.98 11.51 -56.01
CA ASN EG 1024 42.00 10.45 -55.78
C ASN EG 1024 40.62 10.69 -56.40
N THR EG 1025 40.45 11.66 -57.31
CA THR EG 1025 39.14 11.89 -57.93
C THR EG 1025 38.88 10.85 -59.01
N PRO EG 1026 37.75 10.15 -58.99
CA PRO EG 1026 37.46 9.13 -60.01
C PRO EG 1026 37.08 9.76 -61.35
N THR EG 1027 37.19 8.95 -62.40
CA THR EG 1027 36.83 9.35 -63.76
C THR EG 1027 35.36 9.06 -64.00
N THR EG 1028 34.57 10.11 -64.18
CA THR EG 1028 33.14 9.98 -64.39
C THR EG 1028 32.81 9.90 -65.88
N VAL EG 1029 31.54 9.65 -66.17
CA VAL EG 1029 31.04 9.54 -67.54
C VAL EG 1029 29.97 10.60 -67.76
N GLU EG 1030 29.42 10.62 -68.98
CA GLU EG 1030 28.34 11.53 -69.32
C GLU EG 1030 27.40 10.86 -70.30
N VAL EG 1031 26.09 11.03 -70.06
CA VAL EG 1031 25.09 10.53 -71.00
C VAL EG 1031 25.00 11.49 -72.20
N TYR EG 1032 24.25 11.05 -73.21
CA TYR EG 1032 24.11 11.82 -74.44
C TYR EG 1032 22.70 12.40 -74.58
N SER EG 1033 22.63 13.59 -75.19
CA SER EG 1033 21.38 14.25 -75.51
C SER EG 1033 20.90 13.95 -76.92
N GLY EG 1034 21.61 13.10 -77.65
CA GLY EG 1034 21.20 12.74 -78.99
C GLY EG 1034 21.17 11.24 -79.15
N THR EG 1035 21.11 10.55 -78.02
CA THR EG 1035 20.99 9.10 -77.97
C THR EG 1035 19.74 8.79 -77.17
N GLY EG 1036 18.91 7.88 -77.70
CA GLY EG 1036 17.72 7.45 -77.01
C GLY EG 1036 18.03 6.50 -75.87
N LEU EG 1037 16.98 5.90 -75.33
CA LEU EG 1037 17.13 4.90 -74.29
C LEU EG 1037 16.07 3.82 -74.47
N GLY EG 1038 16.39 2.63 -73.96
CA GLY EG 1038 15.46 1.51 -73.97
C GLY EG 1038 15.15 1.05 -72.55
N ILE EG 1039 13.86 0.92 -72.28
CA ILE EG 1039 13.35 0.59 -70.96
C ILE EG 1039 12.78 -0.81 -71.01
N LEU EG 1040 13.37 -1.72 -70.24
CA LEU EG 1040 12.75 -3.00 -69.97
C LEU EG 1040 11.99 -2.90 -68.67
N PHE EG 1041 10.72 -3.31 -68.69
CA PHE EG 1041 9.79 -3.06 -67.62
C PHE EG 1041 10.07 -3.97 -66.43
N THR EG 1042 9.56 -3.56 -65.26
CA THR EG 1042 9.71 -4.30 -64.02
C THR EG 1042 8.36 -4.70 -63.43
N GLN EG 1043 7.32 -3.92 -63.67
CA GLN EG 1043 6.03 -4.12 -63.04
C GLN EG 1043 4.91 -3.84 -64.04
N ASP EG 1044 3.68 -3.94 -63.56
CA ASP EG 1044 2.50 -3.58 -64.32
C ASP EG 1044 2.03 -2.18 -63.91
N VAL EG 1045 1.43 -1.47 -64.86
CA VAL EG 1045 0.79 -0.19 -64.61
C VAL EG 1045 -0.55 -0.17 -65.34
N THR EG 1046 -1.38 0.79 -65.00
CA THR EG 1046 -2.72 0.88 -65.60
C THR EG 1046 -2.98 2.28 -66.15
N ILE FG 862 -1.75 24.00 -65.37
CA ILE FG 862 -1.33 22.64 -65.09
C ILE FG 862 -0.02 22.32 -65.79
N ILE FG 863 1.02 22.07 -64.99
CA ILE FG 863 2.36 21.77 -65.48
C ILE FG 863 2.67 20.33 -65.14
N LYS FG 864 3.02 19.55 -66.16
CA LYS FG 864 3.22 18.12 -66.00
C LYS FG 864 4.48 17.82 -65.20
N THR FG 865 4.55 16.60 -64.67
CA THR FG 865 5.58 16.21 -63.72
C THR FG 865 6.93 16.07 -64.44
N GLY FG 866 7.73 17.14 -64.42
CA GLY FG 866 9.06 17.09 -64.99
C GLY FG 866 9.17 17.37 -66.48
N ASP FG 867 8.76 18.55 -66.92
CA ASP FG 867 8.89 18.94 -68.31
C ASP FG 867 9.91 20.08 -68.43
N ILE FG 868 10.04 20.62 -69.63
CA ILE FG 868 11.13 21.51 -70.00
C ILE FG 868 10.57 22.92 -70.21
N MET FG 869 11.17 23.89 -69.54
CA MET FG 869 10.85 25.31 -69.70
C MET FG 869 12.16 26.09 -69.71
N PHE FG 870 12.08 27.40 -69.86
CA PHE FG 870 13.27 28.24 -69.91
C PHE FG 870 13.13 29.41 -68.94
N ALA FG 871 14.28 29.93 -68.51
CA ALA FG 871 14.31 31.14 -67.69
C ALA FG 871 15.55 31.94 -68.06
N VAL FG 872 15.45 33.25 -67.96
CA VAL FG 872 16.54 34.16 -68.30
C VAL FG 872 17.10 34.73 -67.00
N LEU FG 873 18.41 34.55 -66.81
CA LEU FG 873 19.11 34.97 -65.61
C LEU FG 873 19.77 36.31 -65.87
N ASP FG 874 19.42 37.31 -65.04
CA ASP FG 874 19.77 38.69 -65.32
C ASP FG 874 20.72 39.26 -64.28
N THR FG 875 20.93 38.51 -63.20
CA THR FG 875 21.82 38.94 -62.13
C THR FG 875 22.86 37.86 -61.87
N SER FG 876 24.11 38.26 -61.64
CA SER FG 876 25.22 37.33 -61.44
C SER FG 876 25.79 37.42 -60.03
N VAL FG 877 26.50 36.37 -59.62
CA VAL FG 877 27.01 36.23 -58.25
C VAL FG 877 28.15 35.21 -58.26
N ASN FG 878 29.17 35.45 -57.43
CA ASN FG 878 30.22 34.49 -57.13
C ASN FG 878 29.66 33.38 -56.27
N SER FG 879 30.14 32.16 -56.53
CA SER FG 879 29.63 31.01 -55.79
C SER FG 879 30.45 30.77 -54.52
N ASP FG 880 30.32 31.66 -53.56
CA ASP FG 880 30.81 31.35 -52.22
C ASP FG 880 29.77 31.58 -51.15
N GLU FG 881 28.92 32.59 -51.29
CA GLU FG 881 27.91 32.91 -50.29
C GLU FG 881 26.54 32.74 -50.94
N PRO FG 882 25.85 31.62 -50.69
CA PRO FG 882 24.51 31.45 -51.24
C PRO FG 882 23.51 32.41 -50.62
N GLY FG 883 22.49 32.74 -51.41
CA GLY FG 883 21.49 33.69 -51.02
C GLY FG 883 20.46 33.82 -52.12
N PRO FG 884 19.56 34.80 -52.02
CA PRO FG 884 18.52 34.96 -53.03
C PRO FG 884 19.03 35.41 -54.38
N ILE FG 885 18.66 34.67 -55.41
CA ILE FG 885 18.93 35.05 -56.80
C ILE FG 885 17.65 34.81 -57.60
N LEU FG 886 17.37 35.73 -58.52
CA LEU FG 886 16.08 35.83 -59.21
C LEU FG 886 16.23 35.39 -60.66
N ALA FG 887 15.17 34.83 -61.21
CA ALA FG 887 15.02 34.59 -62.63
C ALA FG 887 13.62 35.02 -63.05
N THR FG 888 13.45 35.20 -64.37
CA THR FG 888 12.16 35.54 -64.94
C THR FG 888 11.80 34.44 -65.93
N ILE FG 889 10.68 33.76 -65.70
CA ILE FG 889 10.26 32.67 -66.57
C ILE FG 889 9.82 33.24 -67.90
N VAL FG 890 10.41 32.74 -68.99
CA VAL FG 890 10.29 33.38 -70.28
C VAL FG 890 9.45 32.58 -71.27
N THR FG 891 9.17 31.32 -71.00
CA THR FG 891 8.25 30.57 -71.87
C THR FG 891 7.27 29.75 -71.03
N GLY FG 892 6.47 28.91 -71.70
CA GLY FG 892 5.49 28.11 -71.00
C GLY FG 892 4.14 28.78 -70.87
N LYS FG 893 3.26 28.15 -70.11
CA LYS FG 893 1.91 28.66 -69.93
C LYS FG 893 1.90 29.93 -69.07
N LEU FG 894 2.72 29.97 -68.03
CA LEU FG 894 2.72 31.10 -67.10
C LEU FG 894 3.55 32.24 -67.68
N LYS FG 895 3.01 33.46 -67.62
CA LYS FG 895 3.65 34.66 -68.12
C LYS FG 895 3.89 35.63 -66.97
N GLY FG 896 5.07 36.24 -66.95
CA GLY FG 896 5.40 37.20 -65.92
C GLY FG 896 5.87 36.58 -64.63
N SER FG 897 6.13 35.28 -64.62
CA SER FG 897 6.52 34.59 -63.40
C SER FG 897 7.93 34.96 -62.99
N LYS FG 898 8.13 35.18 -61.69
CA LYS FG 898 9.42 35.57 -61.14
C LYS FG 898 9.80 34.61 -60.02
N LEU FG 899 10.96 33.96 -60.18
CA LEU FG 899 11.27 32.79 -59.36
C LEU FG 899 12.66 32.94 -58.75
N ILE FG 900 12.75 32.82 -57.42
CA ILE FG 900 14.00 33.03 -56.70
C ILE FG 900 14.46 31.72 -56.07
N GLY FG 901 15.74 31.67 -55.76
CA GLY FG 901 16.34 30.57 -55.04
C GLY FG 901 17.79 30.86 -54.70
N SER FG 902 18.66 29.86 -54.78
CA SER FG 902 20.06 30.04 -54.42
C SER FG 902 20.91 29.13 -55.30
N PHE FG 903 22.16 28.90 -54.89
CA PHE FG 903 23.04 27.95 -55.54
C PHE FG 903 23.67 27.02 -54.51
N ASN FG 904 24.42 26.04 -54.99
CA ASN FG 904 25.07 25.06 -54.13
C ASN FG 904 26.50 24.85 -54.61
N LEU FG 905 27.43 24.79 -53.65
CA LEU FG 905 28.85 24.78 -53.97
C LEU FG 905 29.36 23.35 -54.00
N PRO FG 906 29.89 22.87 -55.13
CA PRO FG 906 30.49 21.54 -55.17
C PRO FG 906 31.94 21.58 -54.70
N SER FG 907 32.43 20.39 -54.33
CA SER FG 907 33.84 20.25 -53.94
C SER FG 907 34.76 20.43 -55.13
N ASN FG 908 34.47 19.76 -56.24
CA ASN FG 908 35.15 19.98 -57.51
C ASN FG 908 34.16 20.60 -58.48
N ALA FG 909 34.65 21.55 -59.29
CA ALA FG 909 33.78 22.43 -60.06
C ALA FG 909 33.61 21.98 -61.50
N ASP FG 910 33.58 20.67 -61.78
CA ASP FG 910 33.32 20.19 -63.14
C ASP FG 910 31.84 20.16 -63.48
N LYS FG 911 30.97 20.48 -62.53
CA LYS FG 911 29.57 20.79 -62.81
C LYS FG 911 29.07 21.77 -61.76
N MET FG 912 28.00 22.46 -62.11
CA MET FG 912 27.38 23.44 -61.21
C MET FG 912 25.95 23.66 -61.66
N VAL FG 913 25.04 23.72 -60.68
CA VAL FG 913 23.60 23.86 -60.94
C VAL FG 913 23.08 24.99 -60.05
N ILE FG 914 21.91 25.52 -60.44
CA ILE FG 914 21.25 26.60 -59.72
C ILE FG 914 19.89 26.09 -59.24
N THR FG 915 19.60 26.29 -57.96
CA THR FG 915 18.35 25.82 -57.35
C THR FG 915 17.44 27.01 -57.07
N PHE FG 916 16.29 27.03 -57.74
CA PHE FG 916 15.31 28.11 -57.64
C PHE FG 916 14.02 27.53 -57.10
N ASN FG 917 13.48 28.11 -56.03
CA ASN FG 917 12.38 27.42 -55.37
C ASN FG 917 11.10 28.24 -55.21
N THR FG 918 11.21 29.53 -54.89
CA THR FG 918 10.02 30.31 -54.57
C THR FG 918 9.55 31.02 -55.84
N MET FG 919 8.36 30.64 -56.31
CA MET FG 919 7.79 31.14 -57.56
C MET FG 919 6.73 32.18 -57.23
N SER FG 920 6.71 33.28 -57.98
CA SER FG 920 5.64 34.25 -57.92
C SER FG 920 4.92 34.29 -59.27
N ILE FG 921 3.63 34.02 -59.25
CA ILE FG 921 2.74 34.22 -60.40
C ILE FG 921 2.14 35.61 -60.28
N PRO FG 922 2.29 36.47 -61.28
CA PRO FG 922 1.76 37.84 -61.16
C PRO FG 922 0.26 37.90 -61.34
N GLY FG 923 -0.30 39.11 -61.30
CA GLY FG 923 -1.73 39.29 -61.39
C GLY FG 923 -2.38 39.20 -60.03
N ALA FG 924 -2.42 38.01 -59.46
CA ALA FG 924 -2.90 37.78 -58.11
C ALA FG 924 -1.74 37.44 -57.20
N GLU FG 925 -1.93 37.64 -55.89
CA GLU FG 925 -0.90 37.35 -54.90
C GLU FG 925 -1.01 35.88 -54.48
N LYS FG 926 -0.71 34.98 -55.43
CA LYS FG 926 -0.63 33.57 -55.14
C LYS FG 926 0.83 33.16 -55.24
N THR FG 927 1.20 32.15 -54.47
CA THR FG 927 2.61 31.78 -54.37
C THR FG 927 2.68 30.26 -54.42
N ILE FG 928 2.86 29.71 -55.62
CA ILE FG 928 3.26 28.32 -55.74
C ILE FG 928 4.75 28.27 -55.48
N SER FG 929 5.26 27.15 -54.99
CA SER FG 929 6.67 27.08 -54.64
C SER FG 929 7.33 25.93 -55.38
N ILE FG 930 7.08 25.82 -56.68
CA ILE FG 930 7.68 24.78 -57.50
C ILE FG 930 9.19 25.01 -57.56
N SER FG 931 9.94 24.00 -57.12
CA SER FG 931 11.38 24.03 -57.10
C SER FG 931 11.90 23.01 -58.11
N ALA FG 932 12.78 23.45 -59.00
CA ALA FG 932 13.27 22.60 -60.09
C ALA FG 932 14.74 22.92 -60.33
N TYR FG 933 15.39 22.11 -61.16
CA TYR FG 933 16.83 22.25 -61.38
C TYR FG 933 17.10 22.71 -62.81
N ALA FG 934 18.39 22.90 -63.12
CA ALA FG 934 18.81 23.75 -64.23
C ALA FG 934 19.82 23.06 -65.14
N ILE FG 935 19.81 23.49 -66.41
CA ILE FG 935 20.81 23.10 -67.40
C ILE FG 935 21.28 24.35 -68.12
N ASP FG 936 22.44 24.27 -68.76
CA ASP FG 936 22.84 25.32 -69.69
C ASP FG 936 22.17 25.07 -71.04
N PRO FG 937 21.50 26.08 -71.61
CA PRO FG 937 20.73 25.85 -72.84
C PRO FG 937 21.61 25.58 -74.05
N ASN FG 938 21.06 24.77 -74.97
CA ASN FG 938 21.64 24.35 -76.24
C ASN FG 938 22.93 23.56 -76.10
N THR FG 939 23.33 23.17 -74.89
CA THR FG 939 24.58 22.46 -74.65
C THR FG 939 24.26 21.10 -74.07
N ALA FG 940 23.17 21.05 -73.30
CA ALA FG 940 22.77 19.92 -72.48
C ALA FG 940 23.94 19.45 -71.59
N ARG FG 941 24.57 20.43 -70.95
CA ARG FG 941 25.77 20.20 -70.17
C ARG FG 941 25.61 20.81 -68.79
N THR FG 942 26.11 20.10 -67.79
CA THR FG 942 25.96 20.50 -66.40
C THR FG 942 27.11 21.35 -65.90
N ALA FG 943 28.18 21.52 -66.68
CA ALA FG 943 29.25 22.41 -66.29
C ALA FG 943 28.79 23.86 -66.38
N LEU FG 944 29.31 24.69 -65.47
CA LEU FG 944 28.93 26.09 -65.41
C LEU FG 944 29.63 26.86 -66.52
N ALA FG 945 28.91 27.82 -67.09
CA ALA FG 945 29.50 28.77 -68.05
C ALA FG 945 30.29 29.81 -67.28
N SER FG 946 31.52 29.43 -66.90
CA SER FG 946 32.45 30.28 -66.18
C SER FG 946 33.84 29.65 -66.23
N ARG FG 947 34.75 30.20 -65.44
CA ARG FG 947 36.12 29.72 -65.31
C ARG FG 947 36.28 28.92 -64.02
N THR FG 948 37.37 28.15 -63.96
CA THR FG 948 37.67 27.35 -62.78
C THR FG 948 39.14 27.46 -62.33
N ASN FG 949 39.96 28.25 -63.03
CA ASN FG 949 41.38 28.36 -62.73
C ASN FG 949 41.70 29.62 -61.93
N HIS FG 950 40.84 29.98 -60.98
CA HIS FG 950 40.94 31.26 -60.29
C HIS FG 950 42.16 31.34 -59.38
N HIS FG 951 42.37 30.35 -58.53
CA HIS FG 951 43.35 30.44 -57.46
C HIS FG 951 44.20 29.18 -57.38
N TYR FG 952 44.72 28.73 -58.52
CA TYR FG 952 45.77 27.72 -58.55
C TYR FG 952 47.16 28.35 -58.50
N LEU FG 953 47.38 29.32 -59.40
CA LEU FG 953 48.74 29.76 -59.70
C LEU FG 953 49.32 30.63 -58.59
N MET FG 954 48.49 31.41 -57.90
CA MET FG 954 48.99 32.31 -56.85
C MET FG 954 49.54 31.52 -55.67
N ARG FG 955 48.75 30.57 -55.15
CA ARG FG 955 49.21 29.73 -54.06
C ARG FG 955 50.35 28.80 -54.49
N TYR FG 956 50.29 28.30 -55.74
CA TYR FG 956 51.38 27.49 -56.29
C TYR FG 956 52.71 28.23 -56.27
N GLY FG 957 52.71 29.46 -56.81
CA GLY FG 957 53.93 30.24 -56.88
C GLY FG 957 54.45 30.65 -55.51
N SER FG 958 53.54 31.02 -54.60
CA SER FG 958 53.98 31.41 -53.26
C SER FG 958 54.63 30.26 -52.51
N LEU FG 959 54.02 29.07 -52.57
CA LEU FG 959 54.59 27.90 -51.90
C LEU FG 959 55.92 27.50 -52.51
N PHE FG 960 56.00 27.45 -53.85
CA PHE FG 960 57.22 27.00 -54.50
C PHE FG 960 58.36 28.00 -54.29
N ALA FG 961 58.04 29.29 -54.26
CA ALA FG 961 59.06 30.30 -53.98
C ALA FG 961 59.57 30.19 -52.55
N SER FG 962 58.67 29.93 -51.58
CA SER FG 962 59.11 29.77 -50.19
C SER FG 962 60.03 28.56 -50.02
N SER FG 963 59.65 27.43 -50.60
CA SER FG 963 60.46 26.22 -50.48
C SER FG 963 61.81 26.40 -51.14
N PHE FG 964 61.84 26.98 -52.35
CA PHE FG 964 63.08 27.23 -53.06
C PHE FG 964 63.99 28.18 -52.30
N LEU FG 965 63.40 29.17 -51.61
CA LEU FG 965 64.18 30.07 -50.77
C LEU FG 965 64.86 29.33 -49.64
N GLN FG 966 64.10 28.52 -48.90
CA GLN FG 966 64.66 27.80 -47.75
C GLN FG 966 65.75 26.84 -48.18
N GLY FG 967 65.52 26.11 -49.27
CA GLY FG 967 66.54 25.22 -49.81
C GLY FG 967 67.77 25.95 -50.30
N PHE FG 968 67.59 27.16 -50.82
CA PHE FG 968 68.73 27.94 -51.31
C PHE FG 968 69.67 28.28 -50.18
N GLY FG 969 69.11 28.79 -49.10
CA GLY FG 969 69.95 29.17 -47.98
C GLY FG 969 70.63 27.98 -47.32
N ASN FG 970 69.88 26.89 -47.09
CA ASN FG 970 70.52 25.77 -46.39
C ASN FG 970 71.53 25.03 -47.26
N ALA FG 971 71.27 24.87 -48.57
CA ALA FG 971 72.22 24.13 -49.39
C ALA FG 971 73.48 24.93 -49.67
N PHE FG 972 73.35 26.25 -49.86
CA PHE FG 972 74.60 26.97 -50.01
C PHE FG 972 75.26 27.28 -48.67
N GLN FG 973 74.58 27.04 -47.55
CA GLN FG 973 75.30 26.90 -46.29
C GLN FG 973 76.06 25.58 -46.24
N SER FG 974 75.47 24.51 -46.77
CA SER FG 974 76.10 23.20 -46.73
C SER FG 974 77.34 23.14 -47.62
N ALA FG 975 77.35 23.92 -48.69
CA ALA FG 975 78.47 23.94 -49.62
C ALA FG 975 79.59 24.88 -49.20
N ASN FG 976 79.68 25.23 -47.91
CA ASN FG 976 80.63 26.26 -47.50
C ASN FG 976 82.08 25.78 -47.49
N THR FG 977 82.34 24.57 -47.00
CA THR FG 977 83.73 24.11 -46.93
C THR FG 977 84.28 23.75 -48.30
N THR FG 978 83.50 23.03 -49.10
CA THR FG 978 83.94 22.61 -50.42
C THR FG 978 83.66 23.68 -51.47
N SER FG 999 81.36 37.64 -48.11
CA SER FG 999 80.30 37.60 -47.13
C SER FG 999 78.94 37.75 -47.79
N THR FG 1000 78.96 38.16 -49.07
CA THR FG 1000 77.73 38.40 -49.82
C THR FG 1000 76.93 37.12 -50.04
N LEU FG 1001 77.61 36.04 -50.44
CA LEU FG 1001 76.91 34.77 -50.63
C LEU FG 1001 76.45 34.19 -49.30
N GLU FG 1002 77.18 34.49 -48.22
CA GLU FG 1002 76.75 34.09 -46.88
C GLU FG 1002 75.48 34.83 -46.47
N ASN FG 1003 75.37 36.12 -46.80
CA ASN FG 1003 74.16 36.86 -46.47
C ASN FG 1003 72.99 36.42 -47.34
N ALA FG 1004 73.29 36.01 -48.58
CA ALA FG 1004 72.27 35.35 -49.39
C ALA FG 1004 71.80 34.06 -48.73
N VAL FG 1005 72.73 33.26 -48.22
CA VAL FG 1005 72.42 32.05 -47.46
C VAL FG 1005 71.53 32.38 -46.28
N ILE FG 1006 71.83 33.47 -45.59
CA ILE FG 1006 71.08 33.93 -44.43
C ILE FG 1006 69.63 34.23 -44.79
N GLY FG 1007 69.43 35.07 -45.83
CA GLY FG 1007 68.09 35.54 -46.13
C GLY FG 1007 67.23 34.43 -46.68
N LEU FG 1008 67.81 33.63 -47.58
CA LEU FG 1008 67.10 32.51 -48.17
C LEU FG 1008 66.77 31.44 -47.11
N ALA FG 1009 67.76 31.06 -46.29
CA ALA FG 1009 67.63 30.02 -45.28
C ALA FG 1009 66.67 30.37 -44.17
N THR FG 1010 66.35 31.65 -43.99
CA THR FG 1010 65.40 31.89 -42.94
C THR FG 1010 64.05 32.40 -43.40
N VAL FG 1011 63.97 33.18 -44.48
CA VAL FG 1011 62.64 33.58 -44.94
C VAL FG 1011 61.97 32.51 -45.78
N GLY FG 1012 62.67 31.43 -46.13
CA GLY FG 1012 61.98 30.31 -46.74
C GLY FG 1012 61.03 29.60 -45.81
N LYS FG 1013 61.41 29.44 -44.54
CA LYS FG 1013 60.74 28.48 -43.65
C LYS FG 1013 59.38 28.96 -43.18
N ALA FG 1014 59.32 30.18 -42.63
CA ALA FG 1014 58.06 30.73 -42.14
C ALA FG 1014 57.09 30.94 -43.29
N TRP FG 1015 57.59 31.39 -44.44
CA TRP FG 1015 56.76 31.49 -45.63
C TRP FG 1015 56.32 30.12 -46.11
N SER FG 1016 57.12 29.08 -45.91
CA SER FG 1016 56.72 27.73 -46.32
C SER FG 1016 55.56 27.22 -45.48
N GLN FG 1017 55.66 27.34 -44.15
CA GLN FG 1017 54.58 26.86 -43.30
C GLN FG 1017 53.31 27.71 -43.45
N GLN FG 1018 53.46 29.03 -43.64
CA GLN FG 1018 52.28 29.84 -43.84
C GLN FG 1018 51.69 29.67 -45.23
N ALA FG 1019 52.50 29.28 -46.22
CA ALA FG 1019 51.98 29.00 -47.54
C ALA FG 1019 51.20 27.69 -47.56
N GLN FG 1020 51.69 26.68 -46.83
CA GLN FG 1020 50.89 25.47 -46.66
C GLN FG 1020 49.64 25.76 -45.84
N GLN FG 1021 49.71 26.75 -44.94
CA GLN FG 1021 48.51 27.19 -44.23
C GLN FG 1021 47.49 27.83 -45.17
N LEU FG 1022 47.93 28.70 -46.07
CA LEU FG 1022 47.01 29.39 -46.97
C LEU FG 1022 46.71 28.59 -48.23
N PHE FG 1023 47.27 27.39 -48.34
CA PHE FG 1023 47.11 26.60 -49.56
C PHE FG 1023 45.74 25.94 -49.64
N ASN FG 1024 44.90 26.09 -48.63
CA ASN FG 1024 43.63 25.40 -48.51
C ASN FG 1024 42.48 26.09 -49.24
N THR FG 1025 42.73 27.20 -49.93
CA THR FG 1025 41.65 27.96 -50.54
C THR FG 1025 41.22 27.33 -51.87
N PRO FG 1026 39.95 26.98 -52.04
CA PRO FG 1026 39.48 26.35 -53.29
C PRO FG 1026 39.15 27.37 -54.36
N THR FG 1027 38.95 26.86 -55.58
CA THR FG 1027 38.50 27.66 -56.71
C THR FG 1027 37.02 27.42 -56.94
N THR FG 1028 36.23 28.49 -56.87
CA THR FG 1028 34.80 28.41 -57.14
C THR FG 1028 34.47 29.08 -58.46
N VAL FG 1029 33.18 29.13 -58.79
CA VAL FG 1029 32.72 29.70 -60.04
C VAL FG 1029 31.91 30.96 -59.76
N GLU FG 1030 31.52 31.63 -60.84
CA GLU FG 1030 30.71 32.84 -60.75
C GLU FG 1030 29.78 32.86 -61.96
N VAL FG 1031 28.48 32.89 -61.70
CA VAL FG 1031 27.51 32.75 -62.79
C VAL FG 1031 27.45 34.01 -63.63
N TYR FG 1032 26.73 33.92 -64.75
CA TYR FG 1032 26.65 35.01 -65.71
C TYR FG 1032 25.26 35.64 -65.70
N SER FG 1033 25.22 36.96 -65.86
CA SER FG 1033 23.96 37.69 -65.89
C SER FG 1033 23.39 37.81 -67.30
N GLY FG 1034 23.99 37.15 -68.28
CA GLY FG 1034 23.50 37.17 -69.63
C GLY FG 1034 23.56 35.79 -70.27
N THR FG 1035 23.58 34.76 -69.42
CA THR FG 1035 23.48 33.38 -69.87
C THR FG 1035 22.19 32.80 -69.33
N GLY FG 1036 21.35 32.30 -70.21
CA GLY FG 1036 20.07 31.75 -69.84
C GLY FG 1036 20.20 30.38 -69.21
N LEU FG 1037 19.05 29.78 -68.91
CA LEU FG 1037 19.04 28.44 -68.36
C LEU FG 1037 17.74 27.73 -68.77
N GLY FG 1038 17.81 26.40 -68.81
CA GLY FG 1038 16.65 25.57 -69.00
C GLY FG 1038 16.28 24.91 -67.67
N ILE FG 1039 14.98 24.97 -67.37
CA ILE FG 1039 14.44 24.46 -66.11
C ILE FG 1039 13.66 23.19 -66.42
N LEU FG 1040 14.11 22.08 -65.86
CA LEU FG 1040 13.37 20.83 -65.95
C LEU FG 1040 12.67 20.58 -64.62
N PHE FG 1041 11.35 20.40 -64.69
CA PHE FG 1041 10.48 20.46 -63.53
C PHE FG 1041 10.64 19.24 -62.63
N THR FG 1042 10.01 19.32 -61.46
CA THR FG 1042 10.02 18.24 -60.49
C THR FG 1042 8.62 17.72 -60.18
N GLN FG 1043 7.69 18.61 -59.82
CA GLN FG 1043 6.37 18.20 -59.38
C GLN FG 1043 5.30 18.93 -60.17
N ASP FG 1044 4.04 18.61 -59.87
CA ASP FG 1044 2.89 19.22 -60.50
C ASP FG 1044 2.47 20.48 -59.75
N VAL FG 1045 2.07 21.51 -60.49
CA VAL FG 1045 1.55 22.75 -59.94
C VAL FG 1045 0.34 23.17 -60.76
N THR FG 1046 -0.23 24.31 -60.41
CA THR FG 1046 -1.41 24.84 -61.11
C THR FG 1046 -1.28 26.34 -61.35
N ILE GG 862 0.50 45.11 -53.91
CA ILE GG 862 1.01 43.73 -53.88
C ILE GG 862 2.41 43.68 -54.48
N ILE GG 863 3.36 43.19 -53.70
CA ILE GG 863 4.75 43.04 -54.13
C ILE GG 863 4.99 41.56 -54.42
N LYS GG 864 5.41 41.27 -55.64
CA LYS GG 864 5.72 39.91 -56.04
C LYS GG 864 7.00 39.44 -55.33
N THR GG 865 7.16 38.13 -55.23
CA THR GG 865 8.34 37.57 -54.59
C THR GG 865 9.53 37.72 -55.52
N GLY GG 866 10.47 38.61 -55.17
CA GLY GG 866 11.68 38.79 -55.95
C GLY GG 866 11.67 39.84 -57.04
N ASP GG 867 11.48 41.12 -56.69
CA ASP GG 867 11.65 42.21 -57.64
C ASP GG 867 12.92 43.00 -57.30
N ILE GG 868 13.25 43.97 -58.16
CA ILE GG 868 14.49 44.74 -58.09
C ILE GG 868 14.15 46.15 -57.63
N MET GG 869 14.86 46.63 -56.60
CA MET GG 869 14.65 47.94 -56.01
C MET GG 869 16.01 48.59 -55.73
N PHE GG 870 16.02 49.91 -55.58
CA PHE GG 870 17.23 50.69 -55.37
C PHE GG 870 17.26 51.24 -53.95
N ALA GG 871 18.47 51.50 -53.45
CA ALA GG 871 18.65 52.12 -52.14
C ALA GG 871 19.96 52.90 -52.13
N VAL GG 872 20.05 53.85 -51.21
CA VAL GG 872 21.21 54.72 -51.06
C VAL GG 872 21.94 54.36 -49.78
N LEU GG 873 23.23 54.13 -49.88
CA LEU GG 873 24.08 53.90 -48.71
C LEU GG 873 24.89 55.15 -48.44
N ASP GG 874 24.70 55.71 -47.24
CA ASP GG 874 25.19 57.06 -46.98
C ASP GG 874 26.19 57.08 -45.83
N THR GG 875 26.20 56.02 -45.04
CA THR GG 875 27.16 55.89 -43.95
C THR GG 875 27.95 54.60 -44.12
N SER GG 876 29.26 54.65 -43.83
CA SER GG 876 30.14 53.52 -44.10
C SER GG 876 30.74 52.93 -42.82
N VAL GG 877 31.43 51.79 -42.98
CA VAL GG 877 31.89 50.99 -41.84
C VAL GG 877 32.90 49.95 -42.35
N ASN GG 878 33.90 49.66 -41.52
CA ASN GG 878 34.84 48.57 -41.73
C ASN GG 878 34.20 47.25 -41.30
N SER GG 879 34.74 46.15 -41.83
CA SER GG 879 34.12 44.85 -41.56
C SER GG 879 34.70 44.16 -40.32
N ASP GG 880 34.52 44.78 -39.16
CA ASP GG 880 34.96 44.16 -37.91
C ASP GG 880 33.84 44.03 -36.89
N GLU GG 881 33.04 45.08 -36.69
CA GLU GG 881 31.92 45.03 -35.75
C GLU GG 881 30.63 45.39 -36.49
N PRO GG 882 29.71 44.44 -36.67
CA PRO GG 882 28.41 44.78 -37.24
C PRO GG 882 27.60 45.69 -36.33
N GLY GG 883 26.75 46.50 -36.96
CA GLY GG 883 25.93 47.47 -36.26
C GLY GG 883 24.68 47.75 -37.04
N PRO GG 884 23.81 48.64 -36.51
CA PRO GG 884 22.50 48.88 -37.16
C PRO GG 884 22.58 49.80 -38.36
N ILE GG 885 23.29 49.37 -39.39
CA ILE GG 885 23.57 50.20 -40.56
C ILE GG 885 22.30 50.31 -41.38
N LEU GG 886 22.21 51.38 -42.18
CA LEU GG 886 20.95 51.79 -42.79
C LEU GG 886 21.09 52.01 -44.28
N ALA GG 887 19.99 51.89 -44.98
CA ALA GG 887 19.82 52.39 -46.34
C ALA GG 887 18.49 53.15 -46.40
N THR GG 888 18.37 54.01 -47.40
CA THR GG 888 17.12 54.71 -47.67
C THR GG 888 16.64 54.28 -49.04
N ILE GG 889 15.55 53.52 -49.07
CA ILE GG 889 15.00 53.02 -50.33
C ILE GG 889 14.45 54.20 -51.11
N VAL GG 890 14.79 54.25 -52.40
CA VAL GG 890 14.49 55.42 -53.22
C VAL GG 890 13.43 55.16 -54.28
N THR GG 891 13.14 53.90 -54.61
CA THR GG 891 12.19 53.63 -55.67
C THR GG 891 11.22 52.50 -55.32
N GLY GG 892 10.30 52.22 -56.24
CA GLY GG 892 9.28 51.20 -56.04
C GLY GG 892 7.94 51.78 -55.65
N LYS GG 893 7.05 50.91 -55.17
CA LYS GG 893 5.74 51.37 -54.71
C LYS GG 893 5.86 52.16 -53.41
N LEU GG 894 6.71 51.71 -52.50
CA LEU GG 894 6.86 52.37 -51.21
C LEU GG 894 7.82 53.54 -51.34
N LYS GG 895 7.39 54.71 -50.88
CA LYS GG 895 8.17 55.96 -51.03
C LYS GG 895 8.67 56.40 -49.67
N GLY GG 896 9.95 56.77 -49.61
CA GLY GG 896 10.54 57.27 -48.39
C GLY GG 896 10.91 56.20 -47.39
N SER GG 897 10.89 54.93 -47.79
CA SER GG 897 11.13 53.82 -46.88
C SER GG 897 12.58 53.77 -46.46
N LYS GG 898 12.84 53.22 -45.28
CA LYS GG 898 14.20 53.16 -44.74
C LYS GG 898 14.43 51.82 -44.05
N LEU GG 899 15.60 51.23 -44.32
CA LEU GG 899 15.80 49.81 -44.05
C LEU GG 899 17.15 49.61 -43.36
N ILE GG 900 17.11 49.09 -42.13
CA ILE GG 900 18.31 48.84 -41.33
C ILE GG 900 18.64 47.36 -41.36
N GLY GG 901 19.87 47.06 -40.98
CA GLY GG 901 20.38 45.70 -40.88
C GLY GG 901 21.84 45.76 -40.48
N SER GG 902 22.63 44.82 -40.95
CA SER GG 902 24.06 44.79 -40.63
C SER GG 902 24.79 44.17 -41.81
N PHE GG 903 26.02 43.74 -41.58
CA PHE GG 903 26.85 43.15 -42.62
C PHE GG 903 27.47 41.85 -42.12
N ASN GG 904 27.85 40.98 -43.06
CA ASN GG 904 28.39 39.67 -42.76
C ASN GG 904 29.83 39.60 -43.25
N LEU GG 905 30.63 38.79 -42.57
CA LEU GG 905 32.04 38.69 -42.89
C LEU GG 905 32.29 37.48 -43.79
N PRO GG 906 32.72 37.69 -45.03
CA PRO GG 906 32.97 36.56 -45.93
C PRO GG 906 34.27 35.84 -45.61
N SER GG 907 34.35 34.59 -46.11
CA SER GG 907 35.52 33.76 -45.87
C SER GG 907 36.73 34.21 -46.68
N ASN GG 908 36.54 34.49 -47.97
CA ASN GG 908 37.57 35.04 -48.83
C ASN GG 908 37.12 36.40 -49.35
N ALA GG 909 38.06 37.15 -49.91
CA ALA GG 909 37.82 38.55 -50.24
C ALA GG 909 37.35 38.74 -51.69
N ASP GG 910 36.61 37.78 -52.25
CA ASP GG 910 36.12 37.91 -53.62
C ASP GG 910 34.68 38.44 -53.70
N LYS GG 911 33.94 38.47 -52.59
CA LYS GG 911 32.64 39.13 -52.58
C LYS GG 911 32.28 39.54 -51.16
N MET GG 912 31.33 40.47 -51.05
CA MET GG 912 30.88 41.00 -49.76
C MET GG 912 29.51 41.64 -49.93
N VAL GG 913 28.57 41.26 -49.07
CA VAL GG 913 27.16 41.60 -49.21
C VAL GG 913 26.68 42.25 -47.91
N ILE GG 914 25.53 42.91 -48.00
CA ILE GG 914 24.89 43.58 -46.87
C ILE GG 914 23.58 42.87 -46.58
N THR GG 915 23.35 42.55 -45.30
CA THR GG 915 22.11 41.90 -44.87
C THR GG 915 21.25 42.92 -44.12
N PHE GG 916 20.19 43.37 -44.76
CA PHE GG 916 19.32 44.44 -44.27
C PHE GG 916 17.97 43.84 -43.89
N ASN GG 917 17.49 44.15 -42.67
CA ASN GG 917 16.33 43.36 -42.25
C ASN GG 917 15.08 44.18 -41.90
N THR GG 918 15.22 45.29 -41.18
CA THR GG 918 14.05 45.95 -40.61
C THR GG 918 13.69 47.12 -41.52
N MET GG 919 12.52 47.02 -42.15
CA MET GG 919 12.08 47.97 -43.18
C MET GG 919 10.92 48.78 -42.62
N SER GG 920 11.08 50.10 -42.57
CA SER GG 920 10.02 50.99 -42.10
C SER GG 920 9.49 51.79 -43.26
N ILE GG 921 8.17 51.76 -43.42
CA ILE GG 921 7.43 52.59 -44.36
C ILE GG 921 7.02 53.86 -43.62
N PRO GG 922 7.32 55.05 -44.15
CA PRO GG 922 6.94 56.29 -43.44
C PRO GG 922 5.46 56.61 -43.59
N GLY GG 923 5.04 57.71 -42.98
CA GLY GG 923 3.64 58.08 -42.98
C GLY GG 923 2.89 57.32 -41.90
N ALA GG 924 2.63 56.04 -42.15
CA ALA GG 924 2.02 55.17 -41.17
C ALA GG 924 3.10 54.49 -40.35
N GLU GG 925 2.86 54.38 -39.05
CA GLU GG 925 3.83 53.79 -38.13
C GLU GG 925 3.76 52.27 -38.24
N LYS GG 926 4.31 51.75 -39.32
CA LYS GG 926 4.37 50.32 -39.57
C LYS GG 926 5.80 49.94 -39.88
N THR GG 927 6.11 48.66 -39.68
CA THR GG 927 7.46 48.16 -39.92
C THR GG 927 7.33 46.77 -40.54
N ILE GG 928 7.48 46.70 -41.86
CA ILE GG 928 7.45 45.42 -42.56
C ILE GG 928 8.80 44.74 -42.36
N SER GG 929 8.86 43.43 -42.58
CA SER GG 929 10.07 42.70 -42.26
C SER GG 929 10.67 42.05 -43.49
N ILE GG 930 10.73 42.77 -44.60
CA ILE GG 930 11.36 42.25 -45.80
C ILE GG 930 12.87 42.30 -45.60
N SER GG 931 13.52 41.15 -45.71
CA SER GG 931 14.95 41.00 -45.52
C SER GG 931 15.52 40.16 -46.65
N ALA GG 932 16.70 40.52 -47.14
CA ALA GG 932 17.23 39.92 -48.35
C ALA GG 932 18.75 40.15 -48.41
N TYR GG 933 19.31 39.94 -49.59
CA TYR GG 933 20.70 40.25 -49.91
C TYR GG 933 20.73 41.49 -50.81
N ALA GG 934 21.93 41.90 -51.20
CA ALA GG 934 22.11 43.09 -52.00
C ALA GG 934 22.97 42.80 -53.22
N ILE GG 935 22.79 43.60 -54.28
CA ILE GG 935 23.67 43.60 -55.43
C ILE GG 935 24.12 45.02 -55.69
N ASP GG 936 25.28 45.17 -56.29
CA ASP GG 936 25.72 46.49 -56.71
C ASP GG 936 25.00 46.86 -58.01
N PRO GG 937 24.29 48.01 -58.04
CA PRO GG 937 23.48 48.34 -59.22
C PRO GG 937 24.32 48.65 -60.44
N ASN GG 938 23.78 48.27 -61.61
CA ASN GG 938 24.39 48.28 -62.92
C ASN GG 938 25.69 47.48 -62.96
N THR GG 939 25.85 46.49 -62.10
CA THR GG 939 27.08 45.72 -62.03
C THR GG 939 26.75 44.23 -62.18
N ALA GG 940 25.59 43.84 -61.65
CA ALA GG 940 25.19 42.45 -61.42
C ALA GG 940 26.29 41.70 -60.67
N ARG GG 941 26.84 42.37 -59.67
CA ARG GG 941 27.94 41.83 -58.88
C ARG GG 941 27.59 41.95 -57.41
N THR GG 942 27.81 40.86 -56.69
CA THR GG 942 27.57 40.82 -55.26
C THR GG 942 28.80 41.17 -54.45
N ALA GG 943 29.90 41.48 -55.10
CA ALA GG 943 31.08 41.97 -54.39
C ALA GG 943 30.86 43.40 -53.95
N LEU GG 944 31.62 43.81 -52.94
CA LEU GG 944 31.60 45.19 -52.47
C LEU GG 944 32.78 45.95 -53.08
N ALA GG 945 32.57 47.22 -53.37
CA ALA GG 945 33.63 48.11 -53.80
C ALA GG 945 34.52 48.39 -52.59
N SER GG 946 35.58 47.58 -52.46
CA SER GG 946 36.50 47.67 -51.35
C SER GG 946 37.87 47.18 -51.82
N ARG GG 947 38.83 47.13 -50.90
CA ARG GG 947 40.20 46.76 -51.19
C ARG GG 947 40.60 45.48 -50.44
N THR GG 948 41.63 44.80 -50.95
CA THR GG 948 42.03 43.50 -50.43
C THR GG 948 43.48 43.44 -49.95
N ASN GG 949 44.30 44.45 -50.19
CA ASN GG 949 45.71 44.42 -49.81
C ASN GG 949 45.97 45.15 -48.50
N HIS GG 950 45.05 45.04 -47.54
CA HIS GG 950 45.19 45.75 -46.27
C HIS GG 950 46.21 45.08 -45.35
N HIS GG 951 46.18 43.76 -45.24
CA HIS GG 951 46.89 43.08 -44.16
C HIS GG 951 47.77 41.95 -44.70
N TYR GG 952 48.52 42.24 -45.75
CA TYR GG 952 49.52 41.31 -46.27
C TYR GG 952 50.94 41.71 -45.93
N LEU GG 953 51.35 42.90 -46.38
CA LEU GG 953 52.77 43.20 -46.50
C LEU GG 953 53.38 43.65 -45.17
N MET GG 954 52.57 44.22 -44.28
CA MET GG 954 53.07 44.64 -42.96
C MET GG 954 53.52 43.44 -42.13
N ARG GG 955 52.65 42.44 -41.98
CA ARG GG 955 53.00 41.22 -41.26
C ARG GG 955 54.03 40.40 -42.02
N TYR GG 956 53.94 40.39 -43.36
CA TYR GG 956 54.94 39.73 -44.21
C TYR GG 956 56.33 40.26 -43.94
N GLY GG 957 56.50 41.58 -43.99
CA GLY GG 957 57.81 42.17 -43.79
C GLY GG 957 58.31 42.04 -42.37
N SER GG 958 57.41 42.12 -41.38
CA SER GG 958 57.82 41.94 -39.99
C SER GG 958 58.38 40.54 -39.74
N LEU GG 959 57.65 39.51 -40.21
CA LEU GG 959 58.11 38.14 -40.01
C LEU GG 959 59.38 37.85 -40.81
N PHE GG 960 59.47 38.36 -42.03
CA PHE GG 960 60.64 38.11 -42.85
C PHE GG 960 61.88 38.79 -42.29
N ALA GG 961 61.73 39.99 -41.72
CA ALA GG 961 62.86 40.65 -41.09
C ALA GG 961 63.29 39.93 -39.83
N SER GG 962 62.33 39.40 -39.06
CA SER GG 962 62.66 38.59 -37.88
C SER GG 962 63.47 37.35 -38.25
N SER GG 963 63.01 36.63 -39.29
CA SER GG 963 63.73 35.44 -39.74
C SER GG 963 65.12 35.78 -40.22
N PHE GG 964 65.25 36.82 -41.07
CA PHE GG 964 66.54 37.25 -41.60
C PHE GG 964 67.53 37.62 -40.51
N LEU GG 965 67.03 38.24 -39.43
CA LEU GG 965 67.85 38.49 -38.25
C LEU GG 965 68.41 37.19 -37.69
N GLN GG 966 67.52 36.21 -37.47
CA GLN GG 966 67.95 34.95 -36.86
C GLN GG 966 68.97 34.23 -37.73
N GLY GG 967 68.73 34.22 -39.04
CA GLY GG 967 69.65 33.61 -39.97
C GLY GG 967 70.99 34.30 -40.02
N PHE GG 968 71.00 35.64 -39.86
CA PHE GG 968 72.26 36.38 -39.89
C PHE GG 968 73.12 36.02 -38.72
N GLY GG 969 72.51 35.97 -37.54
CA GLY GG 969 73.27 35.62 -36.36
C GLY GG 969 73.83 34.20 -36.41
N ASN GG 970 72.99 33.23 -36.77
CA ASN GG 970 73.47 31.85 -36.72
C ASN GG 970 74.49 31.54 -37.82
N ALA GG 971 74.25 31.98 -39.06
CA ALA GG 971 75.19 31.63 -40.12
C ALA GG 971 76.49 32.42 -40.00
N PHE GG 972 76.42 33.71 -39.63
CA PHE GG 972 77.64 34.46 -39.49
C PHE GG 972 78.40 34.11 -38.22
N GLN GG 973 77.76 33.42 -37.25
CA GLN GG 973 78.56 32.76 -36.22
C GLN GG 973 79.17 31.46 -36.73
N SER GG 974 78.44 30.72 -37.57
CA SER GG 974 78.91 29.41 -38.02
C SER GG 974 80.13 29.53 -38.93
N ALA GG 975 80.26 30.65 -39.63
CA ALA GG 975 81.40 30.87 -40.50
C ALA GG 975 82.58 31.53 -39.79
N ASN GG 976 82.67 31.41 -38.46
CA ASN GG 976 83.73 32.12 -37.73
C ASN GG 976 85.09 31.44 -37.84
N THR GG 977 85.15 30.11 -37.81
CA THR GG 977 86.44 29.44 -37.83
C THR GG 977 87.10 29.49 -39.20
N THR GG 978 86.33 29.22 -40.25
CA THR GG 978 86.88 29.19 -41.60
C THR GG 978 86.97 30.58 -42.20
N SER GG 999 84.90 42.11 -33.73
CA SER GG 999 84.07 42.62 -32.65
C SER GG 999 82.71 43.08 -33.19
N THR GG 1000 82.74 43.95 -34.20
CA THR GG 1000 81.51 44.49 -34.78
C THR GG 1000 80.69 43.42 -35.48
N LEU GG 1001 81.33 42.55 -36.25
CA LEU GG 1001 80.62 41.44 -36.89
C LEU GG 1001 80.11 40.46 -35.85
N GLU GG 1002 80.86 40.28 -34.76
CA GLU GG 1002 80.41 39.45 -33.65
C GLU GG 1002 79.14 40.01 -33.04
N ASN GG 1003 79.09 41.32 -32.83
CA ASN GG 1003 77.91 41.93 -32.23
C ASN GG 1003 76.73 41.93 -33.19
N ALA GG 1004 77.00 41.98 -34.50
CA ALA GG 1004 75.93 41.80 -35.48
C ALA GG 1004 75.31 40.41 -35.39
N VAL GG 1005 76.16 39.38 -35.28
CA VAL GG 1005 75.73 38.01 -34.99
C VAL GG 1005 74.89 37.98 -33.73
N ILE GG 1006 75.38 38.64 -32.69
CA ILE GG 1006 74.77 38.65 -31.37
C ILE GG 1006 73.34 39.20 -31.42
N GLY GG 1007 73.20 40.38 -32.03
CA GLY GG 1007 71.93 41.07 -31.96
C GLY GG 1007 70.91 40.42 -32.84
N LEU GG 1008 71.29 40.12 -34.09
CA LEU GG 1008 70.31 39.59 -35.02
C LEU GG 1008 69.92 38.17 -34.65
N ALA GG 1009 70.89 37.36 -34.16
CA ALA GG 1009 70.61 36.01 -33.66
C ALA GG 1009 69.60 36.01 -32.53
N THR GG 1010 69.81 36.86 -31.52
CA THR GG 1010 68.93 36.69 -30.38
C THR GG 1010 67.63 37.48 -30.49
N VAL GG 1011 67.54 38.49 -31.34
CA VAL GG 1011 66.25 39.13 -31.53
C VAL GG 1011 65.47 38.54 -32.70
N GLY GG 1012 66.06 37.61 -33.45
CA GLY GG 1012 65.30 36.93 -34.49
C GLY GG 1012 64.19 36.06 -33.93
N LYS GG 1013 64.47 35.29 -32.87
CA LYS GG 1013 63.54 34.26 -32.43
C LYS GG 1013 62.30 34.84 -31.77
N ALA GG 1014 62.49 35.84 -30.90
CA ALA GG 1014 61.36 36.44 -30.21
C ALA GG 1014 60.45 37.19 -31.17
N TRP GG 1015 61.03 37.91 -32.13
CA TRP GG 1015 60.21 38.58 -33.13
C TRP GG 1015 59.60 37.57 -34.09
N SER GG 1016 60.22 36.40 -34.29
CA SER GG 1016 59.62 35.38 -35.13
C SER GG 1016 58.37 34.79 -34.51
N GLN GG 1017 58.45 34.44 -33.22
CA GLN GG 1017 57.27 33.88 -32.55
C GLN GG 1017 56.18 34.94 -32.38
N GLN GG 1018 56.56 36.20 -32.12
CA GLN GG 1018 55.54 37.23 -31.97
C GLN GG 1018 54.97 37.64 -33.33
N ALA GG 1019 55.72 37.46 -34.41
CA ALA GG 1019 55.19 37.74 -35.72
C ALA GG 1019 54.24 36.65 -36.18
N GLN GG 1020 54.52 35.39 -35.83
CA GLN GG 1020 53.53 34.34 -36.03
C GLN GG 1020 52.31 34.57 -35.15
N GLN GG 1021 52.51 35.19 -33.98
CA GLN GG 1021 51.39 35.58 -33.13
C GLN GG 1021 50.52 36.66 -33.79
N LEU GG 1022 51.15 37.68 -34.37
CA LEU GG 1022 50.40 38.78 -34.97
C LEU GG 1022 50.05 38.53 -36.42
N PHE GG 1023 50.39 37.35 -36.95
CA PHE GG 1023 50.33 37.16 -38.39
C PHE GG 1023 48.90 36.94 -38.90
N ASN GG 1024 47.95 36.66 -38.01
CA ASN GG 1024 46.64 36.17 -38.42
C ASN GG 1024 45.52 37.24 -38.42
N THR GG 1025 45.84 38.51 -38.66
CA THR GG 1025 44.76 39.50 -38.81
C THR GG 1025 44.19 39.43 -40.22
N PRO GG 1026 42.88 39.23 -40.38
CA PRO GG 1026 42.30 38.98 -41.70
C PRO GG 1026 42.17 40.27 -42.51
N THR GG 1027 41.86 40.11 -43.79
CA THR GG 1027 41.66 41.22 -44.71
C THR GG 1027 40.24 41.75 -44.53
N THR GG 1028 40.11 42.91 -43.92
CA THR GG 1028 38.79 43.50 -43.78
C THR GG 1028 38.40 44.25 -45.04
N VAL GG 1029 37.11 44.52 -45.17
CA VAL GG 1029 36.60 45.34 -46.25
C VAL GG 1029 35.82 46.49 -45.64
N GLU GG 1030 35.72 47.58 -46.41
CA GLU GG 1030 35.01 48.75 -45.94
C GLU GG 1030 34.02 49.18 -47.01
N VAL GG 1031 32.76 49.30 -46.63
CA VAL GG 1031 31.75 49.79 -47.55
C VAL GG 1031 31.94 51.28 -47.78
N TYR GG 1032 31.20 51.82 -48.75
CA TYR GG 1032 31.35 53.22 -49.10
C TYR GG 1032 30.11 54.01 -48.71
N SER GG 1033 30.34 55.25 -48.28
CA SER GG 1033 29.27 56.15 -47.87
C SER GG 1033 28.68 56.92 -49.05
N GLY GG 1034 29.11 56.63 -50.27
CA GLY GG 1034 28.57 57.26 -51.44
C GLY GG 1034 28.33 56.29 -52.58
N THR GG 1035 28.26 55.00 -52.26
CA THR GG 1035 27.95 53.97 -53.23
C THR GG 1035 26.63 53.32 -52.82
N GLY GG 1036 25.62 53.43 -53.68
CA GLY GG 1036 24.32 52.86 -53.42
C GLY GG 1036 24.31 51.35 -53.60
N LEU GG 1037 23.13 50.77 -53.43
CA LEU GG 1037 23.00 49.32 -53.50
C LEU GG 1037 21.64 48.96 -54.09
N GLY GG 1038 21.56 47.74 -54.63
CA GLY GG 1038 20.34 47.25 -55.23
C GLY GG 1038 19.89 45.95 -54.55
N ILE GG 1039 18.58 45.87 -54.30
CA ILE GG 1039 17.98 44.81 -53.50
C ILE GG 1039 17.03 44.02 -54.37
N LEU GG 1040 17.20 42.70 -54.39
CA LEU GG 1040 16.20 41.81 -54.94
C LEU GG 1040 15.39 41.22 -53.78
N PHE GG 1041 14.08 41.13 -53.97
CA PHE GG 1041 13.17 40.75 -52.90
C PHE GG 1041 13.23 39.26 -52.62
N THR GG 1042 12.67 38.86 -51.48
CA THR GG 1042 12.73 37.50 -50.98
C THR GG 1042 11.36 36.95 -50.62
N GLN GG 1043 10.43 37.80 -50.20
CA GLN GG 1043 9.18 37.37 -49.60
C GLN GG 1043 8.03 38.22 -50.10
N ASP GG 1044 6.86 37.97 -49.51
CA ASP GG 1044 5.64 38.68 -49.85
C ASP GG 1044 5.23 39.60 -48.70
N VAL GG 1045 4.93 40.86 -49.03
CA VAL GG 1045 4.53 41.87 -48.05
C VAL GG 1045 3.27 42.56 -48.57
N THR GG 1046 2.55 43.21 -47.66
CA THR GG 1046 1.29 43.84 -48.01
C THR GG 1046 1.38 45.37 -47.95
N ILE HG 862 7.68 61.02 -32.55
CA ILE HG 862 7.79 59.76 -33.28
C ILE HG 862 9.07 59.74 -34.11
N ILE HG 863 9.88 58.71 -33.89
CA ILE HG 863 11.16 58.53 -34.57
C ILE HG 863 11.11 57.21 -35.34
N LYS HG 864 11.41 57.28 -36.64
CA LYS HG 864 11.38 56.09 -37.49
C LYS HG 864 12.53 55.15 -37.12
N THR HG 865 12.36 53.89 -37.52
CA THR HG 865 13.23 52.81 -37.05
C THR HG 865 14.56 52.82 -37.79
N GLY HG 866 15.56 53.53 -37.24
CA GLY HG 866 16.88 53.60 -37.82
C GLY HG 866 17.25 54.85 -38.61
N ASP HG 867 17.01 56.02 -38.03
CA ASP HG 867 17.24 57.28 -38.73
C ASP HG 867 18.55 57.93 -38.24
N ILE HG 868 18.78 59.16 -38.70
CA ILE HG 868 20.05 59.85 -38.54
C ILE HG 868 19.89 60.96 -37.51
N MET HG 869 20.79 60.98 -36.53
CA MET HG 869 20.87 62.02 -35.51
C MET HG 869 22.34 62.32 -35.25
N PHE HG 870 22.60 63.38 -34.50
CA PHE HG 870 23.97 63.80 -34.19
C PHE HG 870 24.05 64.26 -32.73
N ALA HG 871 25.23 64.13 -32.14
CA ALA HG 871 25.44 64.60 -30.78
C ALA HG 871 26.91 65.00 -30.60
N VAL HG 872 27.15 65.82 -29.59
CA VAL HG 872 28.49 66.34 -29.28
C VAL HG 872 28.82 65.97 -27.84
N LEU HG 873 29.95 65.28 -27.66
CA LEU HG 873 30.39 64.82 -26.35
C LEU HG 873 31.56 65.68 -25.87
N ASP HG 874 31.62 65.86 -24.54
CA ASP HG 874 32.50 66.88 -23.98
C ASP HG 874 33.56 66.33 -23.04
N THR HG 875 33.61 65.00 -22.88
CA THR HG 875 34.56 64.36 -21.97
C THR HG 875 35.38 63.30 -22.70
N SER HG 876 36.61 63.07 -22.24
CA SER HG 876 37.50 62.07 -22.83
C SER HG 876 37.87 60.97 -21.83
N VAL HG 877 38.37 59.85 -22.36
CA VAL HG 877 38.70 58.69 -21.56
C VAL HG 877 39.70 57.83 -22.34
N ASN HG 878 40.40 56.95 -21.63
CA ASN HG 878 41.20 55.90 -22.24
C ASN HG 878 40.30 54.69 -22.48
N SER HG 879 40.73 53.85 -23.42
CA SER HG 879 39.97 52.65 -23.72
C SER HG 879 40.47 51.46 -22.91
N ASP HG 880 40.43 51.55 -21.60
CA ASP HG 880 40.69 50.33 -20.83
C ASP HG 880 39.59 49.99 -19.84
N GLU HG 881 39.08 50.97 -19.08
CA GLU HG 881 38.11 50.72 -18.02
C GLU HG 881 36.92 51.65 -18.24
N PRO HG 882 35.74 51.10 -18.49
CA PRO HG 882 34.58 51.96 -18.78
C PRO HG 882 34.00 52.64 -17.55
N GLY HG 883 33.11 53.58 -17.81
CA GLY HG 883 32.32 54.26 -16.81
C GLY HG 883 31.06 54.81 -17.45
N PRO HG 884 30.11 55.28 -16.63
CA PRO HG 884 28.87 55.84 -17.18
C PRO HG 884 29.05 57.21 -17.82
N ILE HG 885 29.66 57.23 -19.00
CA ILE HG 885 30.01 58.47 -19.69
C ILE HG 885 28.80 58.97 -20.45
N LEU HG 886 28.64 60.29 -20.50
CA LEU HG 886 27.45 60.95 -21.02
C LEU HG 886 27.80 61.90 -22.15
N ALA HG 887 26.85 62.13 -23.05
CA ALA HG 887 26.95 63.09 -24.14
C ALA HG 887 25.70 63.97 -24.16
N THR HG 888 25.78 65.05 -24.92
CA THR HG 888 24.69 66.02 -25.06
C THR HG 888 24.13 65.88 -26.47
N ILE HG 889 22.86 65.49 -26.59
CA ILE HG 889 22.22 65.41 -27.90
C ILE HG 889 21.98 66.83 -28.41
N VAL HG 890 22.53 67.14 -29.58
CA VAL HG 890 22.56 68.52 -30.05
C VAL HG 890 21.55 68.81 -31.15
N THR HG 891 20.96 67.79 -31.78
CA THR HG 891 20.04 68.08 -32.87
C THR HG 891 18.72 67.34 -32.74
N GLY HG 892 17.83 67.54 -33.71
CA GLY HG 892 16.54 66.88 -33.71
C GLY HG 892 15.52 67.60 -32.85
N LYS HG 893 14.37 66.95 -32.66
CA LYS HG 893 13.30 67.51 -31.84
C LYS HG 893 13.62 67.40 -30.35
N LEU HG 894 14.38 66.38 -29.96
CA LEU HG 894 14.76 66.21 -28.57
C LEU HG 894 15.86 67.19 -28.22
N LYS HG 895 15.56 68.14 -27.33
CA LYS HG 895 16.43 69.26 -27.04
C LYS HG 895 16.79 69.27 -25.56
N GLY HG 896 18.07 69.54 -25.26
CA GLY HG 896 18.55 69.53 -23.90
C GLY HG 896 18.79 68.14 -23.35
N SER HG 897 18.72 67.11 -24.17
CA SER HG 897 18.79 65.74 -23.70
C SER HG 897 20.23 65.27 -23.55
N LYS HG 898 20.43 64.33 -22.65
CA LYS HG 898 21.72 63.69 -22.42
C LYS HG 898 21.61 62.21 -22.75
N LEU HG 899 22.76 61.54 -22.87
CA LEU HG 899 22.77 60.14 -23.26
C LEU HG 899 24.00 59.46 -22.64
N ILE HG 900 23.76 58.45 -21.81
CA ILE HG 900 24.81 57.77 -21.05
C ILE HG 900 25.07 56.39 -21.65
N GLY HG 901 26.27 55.89 -21.39
CA GLY HG 901 26.67 54.54 -21.70
C GLY HG 901 28.14 54.36 -21.41
N SER HG 902 28.84 53.55 -22.20
CA SER HG 902 30.27 53.34 -22.04
C SER HG 902 30.86 52.97 -23.39
N PHE HG 903 32.05 52.38 -23.40
CA PHE HG 903 32.71 51.97 -24.63
C PHE HG 903 32.92 50.46 -24.65
N ASN HG 904 33.32 49.96 -25.82
CA ASN HG 904 33.67 48.56 -26.01
C ASN HG 904 35.03 48.48 -26.70
N LEU HG 905 35.77 47.42 -26.38
CA LEU HG 905 37.12 47.28 -26.89
C LEU HG 905 37.16 46.28 -28.03
N PRO HG 906 37.47 46.70 -29.25
CA PRO HG 906 37.76 45.75 -30.32
C PRO HG 906 39.15 45.15 -30.15
N SER HG 907 39.31 43.95 -30.71
CA SER HG 907 40.60 43.27 -30.67
C SER HG 907 41.63 43.96 -31.56
N ASN HG 908 41.21 44.42 -32.74
CA ASN HG 908 42.04 45.21 -33.63
C ASN HG 908 41.56 46.65 -33.59
N ALA HG 909 42.51 47.58 -33.65
CA ALA HG 909 42.21 49.00 -33.49
C ALA HG 909 41.95 49.71 -34.81
N ASP HG 910 41.48 49.01 -35.84
CA ASP HG 910 41.08 49.62 -37.09
C ASP HG 910 39.66 50.17 -37.05
N LYS HG 911 39.00 50.07 -35.89
CA LYS HG 911 37.70 50.67 -35.67
C LYS HG 911 37.53 50.88 -34.16
N MET HG 912 36.55 51.71 -33.81
CA MET HG 912 36.15 51.94 -32.42
C MET HG 912 34.78 52.59 -32.38
N VAL HG 913 33.88 52.05 -31.56
CA VAL HG 913 32.52 52.55 -31.45
C VAL HG 913 32.22 52.79 -29.98
N ILE HG 914 31.20 53.61 -29.73
CA ILE HG 914 30.79 53.97 -28.38
C ILE HG 914 29.34 53.54 -28.19
N THR HG 915 29.07 52.81 -27.10
CA THR HG 915 27.72 52.32 -26.80
C THR HG 915 27.07 53.26 -25.78
N PHE HG 916 26.15 54.08 -26.25
CA PHE HG 916 25.41 55.02 -25.39
C PHE HG 916 23.94 54.62 -25.43
N ASN HG 917 23.38 54.33 -24.26
CA ASN HG 917 22.06 53.71 -24.24
C ASN HG 917 21.01 54.49 -23.45
N THR HG 918 21.37 55.06 -22.31
CA THR HG 918 20.38 55.64 -21.39
C THR HG 918 20.13 57.07 -21.82
N MET HG 919 18.97 57.32 -22.41
CA MET HG 919 18.65 58.64 -22.98
C MET HG 919 17.78 59.42 -21.98
N SER HG 920 18.34 60.48 -21.42
CA SER HG 920 17.65 61.30 -20.43
C SER HG 920 17.11 62.54 -21.12
N ILE HG 921 15.80 62.76 -21.02
CA ILE HG 921 15.12 63.87 -21.67
C ILE HG 921 14.61 64.82 -20.60
N PRO HG 922 14.91 66.13 -20.70
CA PRO HG 922 14.42 67.08 -19.70
C PRO HG 922 12.95 67.42 -19.86
N GLY HG 923 12.47 68.38 -19.06
CA GLY HG 923 11.07 68.74 -19.06
C GLY HG 923 10.28 67.95 -18.04
N ALA HG 924 10.05 66.67 -18.31
CA ALA HG 924 9.43 65.76 -17.37
C ALA HG 924 10.38 64.59 -17.10
N GLU HG 925 10.17 63.93 -15.96
CA GLU HG 925 11.03 62.82 -15.55
C GLU HG 925 10.64 61.58 -16.35
N LYS HG 926 11.13 61.53 -17.60
CA LYS HG 926 11.00 60.37 -18.45
C LYS HG 926 12.40 59.96 -18.88
N THR HG 927 12.56 58.67 -19.16
CA THR HG 927 13.87 58.15 -19.53
C THR HG 927 13.64 57.04 -20.56
N ILE HG 928 13.81 57.39 -21.84
CA ILE HG 928 13.83 56.37 -22.87
C ILE HG 928 15.22 55.75 -22.85
N SER HG 929 15.35 54.54 -23.38
CA SER HG 929 16.65 53.87 -23.35
C SER HG 929 17.06 53.44 -24.75
N ILE HG 930 16.95 54.36 -25.70
CA ILE HG 930 17.31 54.06 -27.08
C ILE HG 930 18.82 53.92 -27.17
N SER HG 931 19.28 52.73 -27.57
CA SER HG 931 20.68 52.40 -27.73
C SER HG 931 20.98 52.22 -29.21
N ALA HG 932 22.12 52.72 -29.65
CA ALA HG 932 22.47 52.71 -31.06
C ALA HG 932 24.00 52.65 -31.17
N TYR HG 933 24.51 52.76 -32.40
CA TYR HG 933 25.95 52.77 -32.63
C TYR HG 933 26.36 54.09 -33.27
N ALA HG 934 27.66 54.30 -33.38
CA ALA HG 934 28.25 55.61 -33.62
C ALA HG 934 29.11 55.61 -34.87
N ILE HG 935 29.19 56.78 -35.51
CA ILE HG 935 30.02 56.99 -36.69
C ILE HG 935 30.95 58.17 -36.44
N ASP HG 936 31.99 58.26 -37.24
CA ASP HG 936 32.78 59.49 -37.33
C ASP HG 936 31.93 60.57 -37.99
N PRO HG 937 31.75 61.72 -37.34
CA PRO HG 937 30.96 62.80 -37.95
C PRO HG 937 31.58 63.32 -39.23
N ASN HG 938 30.77 63.33 -40.30
CA ASN HG 938 31.07 63.72 -41.67
C ASN HG 938 32.19 62.91 -42.31
N THR HG 939 32.56 61.77 -41.74
CA THR HG 939 33.48 60.86 -42.40
C THR HG 939 32.73 59.56 -42.65
N ALA HG 940 31.81 59.26 -41.72
CA ALA HG 940 31.02 58.04 -41.67
C ALA HG 940 31.93 56.81 -41.71
N ARG HG 941 32.89 56.80 -40.78
CA ARG HG 941 33.82 55.68 -40.65
C ARG HG 941 33.86 55.25 -39.20
N THR HG 942 34.22 53.98 -38.98
CA THR HG 942 34.16 53.42 -37.65
C THR HG 942 35.46 53.56 -36.88
N ALA HG 943 36.50 54.12 -37.49
CA ALA HG 943 37.74 54.38 -36.75
C ALA HG 943 37.56 55.56 -35.79
N LEU HG 944 38.36 55.55 -34.73
CA LEU HG 944 38.38 56.64 -33.77
C LEU HG 944 39.60 57.52 -34.01
N ALA HG 945 39.43 58.83 -33.80
CA ALA HG 945 40.53 59.79 -33.91
C ALA HG 945 41.33 59.75 -32.61
N SER HG 946 42.23 58.77 -32.54
CA SER HG 946 43.13 58.62 -31.39
C SER HG 946 44.38 57.88 -31.87
N ARG HG 947 45.23 57.52 -30.91
CA ARG HG 947 46.53 56.94 -31.22
C ARG HG 947 46.50 55.42 -31.09
N THR HG 948 47.22 54.75 -32.01
CA THR HG 948 47.28 53.29 -32.04
C THR HG 948 48.68 52.73 -31.87
N ASN HG 949 49.72 53.56 -32.03
CA ASN HG 949 51.11 53.11 -31.92
C ASN HG 949 51.69 53.43 -30.55
N HIS HG 950 50.86 53.27 -29.51
CA HIS HG 950 51.24 53.63 -28.15
C HIS HG 950 52.37 52.76 -27.60
N HIS HG 951 52.21 51.45 -27.69
CA HIS HG 951 53.07 50.53 -26.97
C HIS HG 951 53.50 49.36 -27.85
N TYR HG 952 54.00 49.67 -29.05
CA TYR HG 952 54.76 48.70 -29.83
C TYR HG 952 56.25 48.83 -29.58
N LEU HG 953 56.79 50.03 -29.77
CA LEU HG 953 58.23 50.21 -29.86
C LEU HG 953 58.91 50.14 -28.49
N MET HG 954 58.21 50.51 -27.42
CA MET HG 954 58.80 50.47 -26.08
C MET HG 954 59.10 49.03 -25.64
N ARG HG 955 58.09 48.16 -25.75
CA ARG HG 955 58.29 46.76 -25.43
C ARG HG 955 59.20 46.06 -26.44
N TYR HG 956 59.11 46.47 -27.71
CA TYR HG 956 60.02 46.00 -28.75
C TYR HG 956 61.48 46.25 -28.36
N GLY HG 957 61.78 47.50 -27.98
CA GLY HG 957 63.15 47.85 -27.66
C GLY HG 957 63.64 47.19 -26.39
N SER HG 958 62.76 47.06 -25.38
CA SER HG 958 63.16 46.40 -24.14
C SER HG 958 63.51 44.94 -24.38
N LEU HG 959 62.64 44.22 -25.11
CA LEU HG 959 62.90 42.81 -25.41
C LEU HG 959 64.15 42.64 -26.26
N PHE HG 960 64.32 43.50 -27.27
CA PHE HG 960 65.45 43.35 -28.18
C PHE HG 960 66.76 43.69 -27.50
N ALA HG 961 66.74 44.66 -26.57
CA ALA HG 961 67.93 44.95 -25.79
C ALA HG 961 68.29 43.80 -24.86
N SER HG 962 67.29 43.17 -24.24
CA SER HG 962 67.55 41.99 -23.41
C SER HG 962 68.17 40.86 -24.21
N SER HG 963 67.63 40.61 -25.41
CA SER HG 963 68.16 39.56 -26.27
C SER HG 963 69.59 39.86 -26.71
N PHE HG 964 69.86 41.11 -27.09
CA PHE HG 964 71.21 41.52 -27.48
C PHE HG 964 72.19 41.35 -26.33
N LEU HG 965 71.75 41.63 -25.11
CA LEU HG 965 72.58 41.40 -23.93
C LEU HG 965 72.95 39.93 -23.78
N GLN HG 966 71.92 39.06 -23.82
CA GLN HG 966 72.16 37.62 -23.63
C GLN HG 966 73.08 37.05 -24.70
N GLY HG 967 72.81 37.42 -25.96
CA GLY HG 967 73.66 36.96 -27.06
C GLY HG 967 75.07 37.48 -26.97
N PHE HG 968 75.25 38.70 -26.44
CA PHE HG 968 76.58 39.29 -26.33
C PHE HG 968 77.43 38.51 -25.37
N GLY HG 969 76.86 38.22 -24.20
CA GLY HG 969 77.62 37.49 -23.20
C GLY HG 969 77.96 36.08 -23.64
N ASN HG 970 76.98 35.34 -24.17
CA ASN HG 970 77.28 33.95 -24.52
C ASN HG 970 78.21 33.84 -25.73
N ALA HG 971 78.03 34.68 -26.75
CA ALA HG 971 78.86 34.56 -27.95
C ALA HG 971 80.28 35.01 -27.69
N PHE HG 972 80.47 36.10 -26.94
CA PHE HG 972 81.85 36.49 -26.68
C PHE HG 972 82.49 35.66 -25.57
N GLN HG 973 81.71 34.85 -24.84
CA GLN HG 973 82.34 33.77 -24.08
C GLN HG 973 82.79 32.65 -25.00
N SER HG 974 81.96 32.31 -25.99
CA SER HG 974 82.26 31.17 -26.85
C SER HG 974 83.47 31.43 -27.74
N ALA HG 975 83.70 32.69 -28.12
CA ALA HG 975 84.80 33.03 -29.01
C ALA HG 975 86.11 33.31 -28.27
N ASN HG 976 86.29 32.75 -27.06
CA ASN HG 976 87.44 33.13 -26.25
C ASN HG 976 88.75 32.51 -26.72
N THR HG 977 88.76 31.23 -27.07
CA THR HG 977 90.05 30.55 -27.30
C THR HG 977 90.66 30.93 -28.64
N THR HG 978 89.86 30.99 -29.71
CA THR HG 978 90.40 31.27 -31.03
C THR HG 978 90.03 32.67 -31.52
N SER HG 999 90.21 40.55 -18.76
CA SER HG 999 89.56 40.96 -17.52
C SER HG 999 88.23 41.65 -17.83
N THR HG 1000 88.36 42.84 -18.43
CA THR HG 1000 87.21 43.67 -18.75
C THR HG 1000 86.28 43.01 -19.76
N LEU HG 1001 86.86 42.35 -20.76
CA LEU HG 1001 86.05 41.64 -21.75
C LEU HG 1001 85.32 40.46 -21.10
N GLU HG 1002 85.98 39.78 -20.16
CA GLU HG 1002 85.33 38.69 -19.42
C GLU HG 1002 84.16 39.21 -18.63
N ASN HG 1003 84.34 40.30 -17.89
CA ASN HG 1003 83.25 40.81 -17.05
C ASN HG 1003 82.12 41.40 -17.90
N ALA HG 1004 82.46 41.92 -19.08
CA ALA HG 1004 81.44 42.30 -20.05
C ALA HG 1004 80.61 41.10 -20.49
N VAL HG 1005 81.28 40.00 -20.84
CA VAL HG 1005 80.63 38.72 -21.14
C VAL HG 1005 79.73 38.29 -19.98
N ILE HG 1006 80.23 38.47 -18.76
CA ILE HG 1006 79.53 38.03 -17.56
C ILE HG 1006 78.22 38.80 -17.38
N GLY HG 1007 78.30 40.14 -17.45
CA GLY HG 1007 77.12 40.95 -17.22
C GLY HG 1007 76.10 40.78 -18.31
N LEU HG 1008 76.56 40.72 -19.56
CA LEU HG 1008 75.66 40.56 -20.70
C LEU HG 1008 74.98 39.18 -20.69
N ALA HG 1009 75.76 38.11 -20.49
CA ALA HG 1009 75.23 36.75 -20.45
C ALA HG 1009 74.33 36.50 -19.27
N THR HG 1010 74.43 37.31 -18.22
CA THR HG 1010 73.61 37.02 -17.07
C THR HG 1010 72.40 37.92 -16.92
N VAL HG 1011 72.43 39.14 -17.42
CA VAL HG 1011 71.25 39.98 -17.33
C VAL HG 1011 70.44 39.99 -18.62
N GLY HG 1012 70.93 39.39 -19.70
CA GLY HG 1012 70.06 39.19 -20.85
C GLY HG 1012 68.94 38.22 -20.57
N LYS HG 1013 69.20 37.20 -19.73
CA LYS HG 1013 68.27 36.09 -19.53
C LYS HG 1013 67.03 36.50 -18.73
N ALA HG 1014 67.24 37.09 -17.55
CA ALA HG 1014 66.13 37.49 -16.71
C ALA HG 1014 65.33 38.61 -17.35
N TRP HG 1015 66.00 39.57 -17.99
CA TRP HG 1015 65.28 40.61 -18.70
C TRP HG 1015 64.57 40.07 -19.93
N SER HG 1016 65.08 39.00 -20.55
CA SER HG 1016 64.39 38.40 -21.69
C SER HG 1016 63.09 37.74 -21.26
N GLN HG 1017 63.14 36.97 -20.17
CA GLN HG 1017 61.91 36.32 -19.71
C GLN HG 1017 60.91 37.32 -19.16
N GLN HG 1018 61.38 38.37 -18.46
CA GLN HG 1018 60.47 39.39 -17.97
C GLN HG 1018 59.90 40.23 -19.11
N ALA HG 1019 60.67 40.43 -20.18
CA ALA HG 1019 60.17 41.21 -21.30
C ALA HG 1019 59.13 40.45 -22.10
N GLN HG 1020 59.33 39.15 -22.31
CA GLN HG 1020 58.28 38.35 -22.94
C GLN HG 1020 57.09 38.17 -21.99
N GLN HG 1021 57.33 38.31 -20.69
CA GLN HG 1021 56.22 38.38 -19.74
C GLN HG 1021 55.40 39.65 -19.94
N LEU HG 1022 56.05 40.81 -20.08
CA LEU HG 1022 55.34 42.07 -20.13
C LEU HG 1022 55.02 42.52 -21.56
N PHE HG 1023 55.30 41.67 -22.55
CA PHE HG 1023 55.17 42.09 -23.94
C PHE HG 1023 53.72 42.16 -24.40
N ASN HG 1024 52.78 41.61 -23.62
CA ASN HG 1024 51.43 41.30 -24.09
C ASN HG 1024 50.42 42.43 -23.87
N THR HG 1025 50.83 43.61 -23.39
CA THR HG 1025 49.84 44.67 -23.11
C THR HG 1025 49.38 45.31 -24.41
N PRO HG 1026 48.08 45.37 -24.68
CA PRO HG 1026 47.58 45.76 -26.01
C PRO HG 1026 47.66 47.26 -26.25
N THR HG 1027 47.28 47.65 -27.47
CA THR HG 1027 47.26 49.04 -27.91
C THR HG 1027 45.89 49.62 -27.60
N THR HG 1028 45.85 50.67 -26.79
CA THR HG 1028 44.62 51.33 -26.45
C THR HG 1028 44.49 52.65 -27.21
N VAL HG 1029 43.29 53.23 -27.17
CA VAL HG 1029 43.02 54.53 -27.74
C VAL HG 1029 42.49 55.44 -26.65
N GLU HG 1030 42.65 56.74 -26.86
CA GLU HG 1030 42.22 57.75 -25.90
C GLU HG 1030 41.38 58.78 -26.64
N VAL HG 1031 40.08 58.80 -26.35
CA VAL HG 1031 39.13 59.54 -27.18
C VAL HG 1031 39.28 61.04 -26.95
N TYR HG 1032 38.58 61.81 -27.80
CA TYR HG 1032 38.59 63.27 -27.73
C TYR HG 1032 37.37 63.78 -26.99
N SER HG 1033 37.57 64.86 -26.21
CA SER HG 1033 36.48 65.54 -25.53
C SER HG 1033 35.89 66.66 -26.38
N GLY HG 1034 36.28 66.76 -27.64
CA GLY HG 1034 35.74 67.78 -28.51
C GLY HG 1034 35.48 67.27 -29.91
N THR HG 1035 35.33 65.96 -30.05
CA THR HG 1035 34.93 65.34 -31.31
C THR HG 1035 33.59 64.66 -31.10
N GLY HG 1036 32.61 65.05 -31.90
CA GLY HG 1036 31.26 64.55 -31.75
C GLY HG 1036 31.08 63.16 -32.34
N LEU HG 1037 29.82 62.77 -32.48
CA LEU HG 1037 29.48 61.47 -33.04
C LEU HG 1037 28.10 61.54 -33.70
N GLY HG 1038 27.87 60.62 -34.64
CA GLY HG 1038 26.59 60.51 -35.31
C GLY HG 1038 25.90 59.21 -34.93
N ILE HG 1039 24.58 59.29 -34.79
CA ILE HG 1039 23.77 58.21 -34.24
C ILE HG 1039 22.82 57.72 -35.31
N LEU HG 1040 22.95 56.45 -35.68
CA LEU HG 1040 21.97 55.78 -36.52
C LEU HG 1040 21.14 54.85 -35.65
N PHE HG 1041 19.83 55.08 -35.65
CA PHE HG 1041 18.94 54.51 -34.65
C PHE HG 1041 18.75 53.01 -34.84
N THR HG 1042 18.10 52.38 -33.87
CA THR HG 1042 17.87 50.94 -33.87
C THR HG 1042 16.39 50.58 -33.88
N GLN HG 1043 15.58 51.20 -33.03
CA GLN HG 1043 14.18 50.82 -32.88
C GLN HG 1043 13.30 52.05 -33.01
N ASP HG 1044 12.01 51.82 -32.85
CA ASP HG 1044 11.02 52.88 -32.78
C ASP HG 1044 10.79 53.27 -31.33
N VAL HG 1045 10.45 54.53 -31.10
CA VAL HG 1045 10.17 55.06 -29.77
C VAL HG 1045 8.84 55.80 -29.81
N THR HG 1046 8.32 56.13 -28.64
CA THR HG 1046 7.03 56.80 -28.53
C THR HG 1046 7.19 58.30 -28.32
N ILE IG 862 15.67 67.51 -7.62
CA ILE IG 862 15.85 66.49 -8.65
C ILE IG 862 17.22 66.61 -9.30
N ILE IG 863 17.98 65.52 -9.26
CA ILE IG 863 19.30 65.44 -9.86
C ILE IG 863 19.21 64.55 -11.09
N LYS IG 864 19.79 65.03 -12.19
CA LYS IG 864 19.65 64.36 -13.48
C LYS IG 864 20.38 63.02 -13.48
N THR IG 865 19.91 62.13 -14.35
CA THR IG 865 20.53 60.82 -14.52
C THR IG 865 21.85 60.98 -15.26
N GLY IG 866 22.95 61.00 -14.50
CA GLY IG 866 24.25 61.07 -15.12
C GLY IG 866 24.68 62.43 -15.60
N ASP IG 867 24.88 63.36 -14.67
CA ASP IG 867 25.42 64.67 -14.99
C ASP IG 867 26.82 64.79 -14.40
N ILE IG 868 27.42 65.98 -14.56
CA ILE IG 868 28.77 66.26 -14.09
C ILE IG 868 28.67 67.20 -12.88
N MET IG 869 29.17 66.74 -11.74
CA MET IG 869 29.27 67.52 -10.51
C MET IG 869 30.75 67.57 -10.13
N PHE IG 870 31.06 68.27 -9.05
CA PHE IG 870 32.45 68.40 -8.61
C PHE IG 870 32.52 68.38 -7.08
N ALA IG 871 33.70 68.00 -6.57
CA ALA IG 871 33.89 67.87 -5.13
C ALA IG 871 35.36 68.13 -4.79
N VAL IG 872 35.62 68.29 -3.49
CA VAL IG 872 36.97 68.58 -2.98
C VAL IG 872 37.28 67.60 -1.85
N LEU IG 873 38.43 66.94 -1.94
CA LEU IG 873 38.94 66.10 -0.88
C LEU IG 873 40.20 66.74 -0.29
N ASP IG 874 40.57 66.30 0.92
CA ASP IG 874 41.64 66.99 1.63
C ASP IG 874 42.67 66.07 2.30
N THR IG 875 42.43 64.75 2.27
CA THR IG 875 43.37 63.81 2.89
C THR IG 875 44.01 62.92 1.80
N SER IG 876 45.26 62.51 2.03
CA SER IG 876 46.02 61.72 1.07
C SER IG 876 46.21 60.29 1.56
N VAL IG 877 46.31 59.34 0.62
CA VAL IG 877 46.55 57.94 0.93
C VAL IG 877 47.24 57.28 -0.26
N ASN IG 878 48.20 56.41 0.04
CA ASN IG 878 48.84 55.55 -0.93
C ASN IG 878 47.86 54.46 -1.37
N SER IG 879 48.09 53.93 -2.57
CA SER IG 879 47.21 52.90 -3.10
C SER IG 879 47.68 51.50 -2.72
N ASP IG 880 47.77 51.24 -1.44
CA ASP IG 880 48.10 49.89 -0.99
C ASP IG 880 47.01 49.26 -0.15
N GLU IG 881 46.33 50.03 0.69
CA GLU IG 881 45.24 49.53 1.53
C GLU IG 881 44.03 50.43 1.33
N PRO IG 882 43.00 49.97 0.62
CA PRO IG 882 41.73 50.71 0.61
C PRO IG 882 41.08 50.74 1.98
N GLY IG 883 40.42 51.86 2.26
CA GLY IG 883 39.81 52.09 3.55
C GLY IG 883 38.77 53.18 3.47
N PRO IG 884 38.17 53.52 4.60
CA PRO IG 884 37.12 54.55 4.61
C PRO IG 884 37.68 55.94 4.34
N ILE IG 885 37.37 56.52 3.18
CA ILE IG 885 37.83 57.86 2.82
C ILE IG 885 36.60 58.73 2.60
N LEU IG 886 36.78 60.04 2.76
CA LEU IG 886 35.69 61.01 2.70
C LEU IG 886 36.08 62.21 1.83
N ALA IG 887 35.10 62.73 1.08
CA ALA IG 887 35.25 63.92 0.24
C ALA IG 887 34.05 64.85 0.46
N THR IG 888 34.22 66.10 0.04
CA THR IG 888 33.25 67.17 0.29
C THR IG 888 32.72 67.68 -1.04
N ILE IG 889 31.42 67.48 -1.29
CA ILE IG 889 30.83 68.08 -2.48
C ILE IG 889 30.77 69.58 -2.29
N VAL IG 890 31.31 70.32 -3.26
CA VAL IG 890 31.48 71.76 -3.11
C VAL IG 890 30.63 72.58 -4.09
N THR IG 891 29.90 71.93 -5.00
CA THR IG 891 29.04 72.67 -5.91
C THR IG 891 27.65 72.04 -5.99
N GLY IG 892 26.76 72.65 -6.76
CA GLY IG 892 25.45 72.08 -7.03
C GLY IG 892 24.46 72.23 -5.89
N LYS IG 893 23.38 71.46 -5.98
CA LYS IG 893 22.34 71.47 -4.95
C LYS IG 893 22.84 70.91 -3.63
N LEU IG 894 23.72 69.91 -3.71
CA LEU IG 894 24.31 69.32 -2.51
C LEU IG 894 25.32 70.29 -1.91
N LYS IG 895 25.04 70.80 -0.72
CA LYS IG 895 25.97 71.66 0.00
C LYS IG 895 26.16 71.11 1.42
N GLY IG 896 27.42 71.00 1.83
CA GLY IG 896 27.74 70.32 3.08
C GLY IG 896 27.68 68.82 2.98
N SER IG 897 27.50 68.28 1.78
CA SER IG 897 27.30 66.85 1.60
C SER IG 897 28.63 66.11 1.57
N LYS IG 898 28.69 65.00 2.29
CA LYS IG 898 29.91 64.21 2.41
C LYS IG 898 29.76 62.92 1.60
N LEU IG 899 30.90 62.39 1.17
CA LEU IG 899 30.90 61.22 0.30
C LEU IG 899 32.04 60.30 0.71
N ILE IG 900 31.68 59.13 1.27
CA ILE IG 900 32.63 58.19 1.83
C ILE IG 900 32.68 56.94 0.96
N GLY IG 901 33.90 56.51 0.63
CA GLY IG 901 34.13 55.28 -0.09
C GLY IG 901 35.55 54.78 0.06
N SER IG 902 36.13 54.30 -1.03
CA SER IG 902 37.51 53.84 -1.09
C SER IG 902 38.00 53.99 -2.53
N PHE IG 903 39.13 53.36 -2.86
CA PHE IG 903 39.66 53.40 -4.22
C PHE IG 903 39.74 51.99 -4.80
N ASN IG 904 40.30 51.89 -6.00
CA ASN IG 904 40.47 50.61 -6.68
C ASN IG 904 41.95 50.44 -7.00
N LEU IG 905 42.36 49.19 -7.20
CA LEU IG 905 43.71 48.94 -7.68
C LEU IG 905 43.66 48.40 -9.09
N PRO IG 906 44.02 49.19 -10.09
CA PRO IG 906 43.98 48.71 -11.47
C PRO IG 906 45.14 47.78 -11.81
N SER IG 907 44.88 46.88 -12.76
CA SER IG 907 45.91 45.98 -13.26
C SER IG 907 46.96 46.72 -14.08
N ASN IG 908 46.53 47.51 -15.07
CA ASN IG 908 47.40 48.43 -15.78
C ASN IG 908 47.09 49.84 -15.29
N ALA IG 909 48.14 50.58 -14.95
CA ALA IG 909 48.00 51.83 -14.21
C ALA IG 909 47.84 53.04 -15.11
N ASP IG 910 47.27 52.89 -16.31
CA ASP IG 910 47.07 54.02 -17.20
C ASP IG 910 45.85 54.86 -16.80
N LYS IG 911 45.06 54.42 -15.84
CA LYS IG 911 44.10 55.29 -15.15
C LYS IG 911 43.82 54.70 -13.77
N MET IG 912 43.30 55.56 -12.88
CA MET IG 912 43.08 55.19 -11.49
C MET IG 912 41.93 56.03 -10.93
N VAL IG 913 40.97 55.36 -10.28
CA VAL IG 913 39.67 55.95 -9.99
C VAL IG 913 39.34 55.75 -8.51
N ILE IG 914 38.36 56.52 -8.02
CA ILE IG 914 37.91 56.50 -6.64
C ILE IG 914 36.44 56.09 -6.61
N THR IG 915 36.11 55.08 -5.80
CA THR IG 915 34.74 54.61 -5.65
C THR IG 915 34.10 55.31 -4.46
N PHE IG 916 32.99 55.99 -4.70
CA PHE IG 916 32.41 56.91 -3.73
C PHE IG 916 30.90 56.74 -3.68
N ASN IG 917 30.38 56.20 -2.59
CA ASN IG 917 28.96 55.85 -2.54
C ASN IG 917 28.21 56.40 -1.34
N THR IG 918 28.83 56.45 -0.16
CA THR IG 918 28.14 56.83 1.07
C THR IG 918 27.98 58.34 1.07
N MET IG 919 26.86 58.82 0.50
CA MET IG 919 26.65 60.25 0.26
C MET IG 919 25.59 60.76 1.25
N SER IG 920 26.04 61.51 2.25
CA SER IG 920 25.14 62.05 3.25
C SER IG 920 24.88 63.52 2.96
N ILE IG 921 23.61 63.86 2.84
CA ILE IG 921 23.14 65.24 2.70
C ILE IG 921 22.82 65.75 4.11
N PRO IG 922 23.40 66.86 4.55
CA PRO IG 922 22.99 67.43 5.85
C PRO IG 922 21.68 68.20 5.74
N GLY IG 923 21.27 68.83 6.83
CA GLY IG 923 19.94 69.43 6.88
C GLY IG 923 18.95 68.45 7.46
N ALA IG 924 18.74 67.34 6.76
CA ALA IG 924 18.04 66.18 7.28
C ALA IG 924 19.06 65.06 7.53
N GLU IG 925 18.71 64.15 8.43
CA GLU IG 925 19.59 63.02 8.74
C GLU IG 925 19.31 61.89 7.75
N LYS IG 926 19.74 62.10 6.50
CA LYS IG 926 19.62 61.10 5.46
C LYS IG 926 20.97 60.92 4.81
N THR IG 927 21.20 59.71 4.27
CA THR IG 927 22.43 59.40 3.56
C THR IG 927 22.01 58.70 2.28
N ILE IG 928 21.96 59.45 1.17
CA ILE IG 928 21.52 58.89 -0.10
C ILE IG 928 22.62 58.02 -0.65
N SER IG 929 22.29 57.13 -1.57
CA SER IG 929 23.23 56.09 -1.93
C SER IG 929 23.76 56.27 -3.34
N ILE IG 930 24.06 57.51 -3.73
CA ILE IG 930 24.54 57.73 -5.08
C ILE IG 930 26.02 57.34 -5.14
N SER IG 931 26.32 56.36 -6.00
CA SER IG 931 27.66 55.82 -6.18
C SER IG 931 28.26 56.46 -7.41
N ALA IG 932 29.47 57.01 -7.27
CA ALA IG 932 30.06 57.80 -8.33
C ALA IG 932 31.57 57.55 -8.39
N TYR IG 933 32.19 57.97 -9.48
CA TYR IG 933 33.61 57.78 -9.72
C TYR IG 933 34.27 59.15 -9.90
N ALA IG 934 35.56 59.13 -10.23
CA ALA IG 934 36.38 60.33 -10.25
C ALA IG 934 37.01 60.56 -11.62
N ILE IG 935 37.06 61.83 -12.04
CA ILE IG 935 37.85 62.26 -13.17
C ILE IG 935 38.73 63.41 -12.70
N ASP IG 936 39.87 63.61 -13.36
CA ASP IG 936 40.70 64.73 -12.97
C ASP IG 936 40.14 66.01 -13.56
N PRO IG 937 39.93 67.05 -12.76
CA PRO IG 937 39.25 68.26 -13.25
C PRO IG 937 40.10 69.05 -14.22
N ASN IG 938 39.43 69.65 -15.20
CA ASN IG 938 39.98 70.41 -16.33
C ASN IG 938 40.97 69.57 -17.15
N THR IG 939 40.84 68.25 -17.14
CA THR IG 939 41.78 67.36 -17.81
C THR IG 939 41.02 66.48 -18.79
N ALA IG 940 39.81 66.09 -18.39
CA ALA IG 940 38.98 65.08 -19.05
C ALA IG 940 39.75 63.77 -19.24
N ARG IG 941 40.50 63.40 -18.19
CA ARG IG 941 41.17 62.11 -18.15
C ARG IG 941 40.99 61.53 -16.75
N THR IG 942 40.82 60.22 -16.70
CA THR IG 942 40.55 59.53 -15.44
C THR IG 942 41.81 59.12 -14.71
N ALA IG 943 42.98 59.40 -15.26
CA ALA IG 943 44.23 59.01 -14.62
C ALA IG 943 44.47 59.85 -13.36
N LEU IG 944 45.30 59.32 -12.47
CA LEU IG 944 45.56 59.95 -11.18
C LEU IG 944 46.92 60.64 -11.19
N ALA IG 945 46.98 61.79 -10.52
CA ALA IG 945 48.21 62.58 -10.40
C ALA IG 945 49.11 61.95 -9.34
N SER IG 946 50.02 61.09 -9.78
CA SER IG 946 50.98 60.42 -8.91
C SER IG 946 52.18 60.01 -9.75
N ARG IG 947 53.01 59.14 -9.18
CA ARG IG 947 54.14 58.54 -9.87
C ARG IG 947 53.85 57.07 -10.16
N THR IG 948 54.36 56.60 -11.31
CA THR IG 948 54.15 55.23 -11.74
C THR IG 948 55.43 54.46 -12.02
N ASN IG 949 56.60 55.04 -11.77
CA ASN IG 949 57.88 54.33 -11.85
C ASN IG 949 58.42 54.02 -10.46
N HIS IG 950 57.54 53.61 -9.55
CA HIS IG 950 57.87 53.54 -8.12
C HIS IG 950 58.90 52.46 -7.82
N HIS IG 951 58.73 51.27 -8.35
CA HIS IG 951 59.60 50.15 -8.00
C HIS IG 951 60.03 49.39 -9.23
N TYR IG 952 60.50 50.11 -10.24
CA TYR IG 952 61.25 49.49 -11.33
C TYR IG 952 62.70 49.26 -10.91
N LEU IG 953 63.35 50.32 -10.44
CA LEU IG 953 64.80 50.39 -10.37
C LEU IG 953 65.38 49.50 -9.27
N MET IG 954 64.70 49.38 -8.12
CA MET IG 954 65.25 48.62 -7.01
C MET IG 954 65.33 47.13 -7.32
N ARG IG 955 64.21 46.56 -7.79
CA ARG IG 955 64.20 45.15 -8.16
C ARG IG 955 65.04 44.88 -9.41
N TYR IG 956 65.03 45.81 -10.38
CA TYR IG 956 65.84 45.70 -11.58
C TYR IG 956 67.33 45.61 -11.24
N GLY IG 957 67.82 46.56 -10.44
CA GLY IG 957 69.22 46.58 -10.09
C GLY IG 957 69.64 45.44 -9.19
N SER IG 958 68.76 45.05 -8.25
CA SER IG 958 69.09 43.94 -7.34
C SER IG 958 69.22 42.63 -8.10
N LEU IG 959 68.26 42.34 -9.00
CA LEU IG 959 68.33 41.12 -9.80
C LEU IG 959 69.53 41.14 -10.74
N PHE IG 960 69.79 42.29 -11.38
CA PHE IG 960 70.89 42.34 -12.34
C PHE IG 960 72.25 42.23 -11.65
N ALA IG 961 72.35 42.77 -10.44
CA ALA IG 961 73.58 42.62 -9.66
C ALA IG 961 73.79 41.18 -9.23
N SER IG 962 72.71 40.49 -8.82
CA SER IG 962 72.83 39.08 -8.47
C SER IG 962 73.26 38.24 -9.67
N SER IG 963 72.70 38.54 -10.84
CA SER IG 963 73.07 37.82 -12.06
C SER IG 963 74.54 38.04 -12.41
N PHE IG 964 75.00 39.29 -12.34
CA PHE IG 964 76.41 39.60 -12.62
C PHE IG 964 77.34 38.89 -11.66
N LEU IG 965 76.95 38.81 -10.38
CA LEU IG 965 77.75 38.08 -9.38
C LEU IG 965 77.89 36.61 -9.75
N GLN IG 966 76.77 35.96 -10.03
CA GLN IG 966 76.77 34.54 -10.37
C GLN IG 966 77.62 34.28 -11.61
N GLY IG 967 77.47 35.14 -12.62
CA GLY IG 967 78.24 34.99 -13.83
C GLY IG 967 79.73 35.21 -13.65
N PHE IG 968 80.11 36.17 -12.80
CA PHE IG 968 81.53 36.47 -12.61
C PHE IG 968 82.22 35.31 -11.95
N GLY IG 969 81.58 34.76 -10.92
CA GLY IG 969 82.18 33.63 -10.25
C GLY IG 969 82.32 32.41 -11.14
N ASN IG 970 81.25 32.04 -11.86
CA ASN IG 970 81.38 30.84 -12.68
C ASN IG 970 82.30 31.04 -13.88
N ALA IG 971 82.26 32.20 -14.54
CA ALA IG 971 83.06 32.38 -15.74
C ALA IG 971 84.54 32.55 -15.42
N PHE IG 972 84.87 33.26 -14.35
CA PHE IG 972 86.28 33.33 -14.00
C PHE IG 972 86.76 32.09 -13.25
N GLN IG 973 85.87 31.18 -12.88
CA GLN IG 973 86.32 29.82 -12.58
C GLN IG 973 86.62 29.04 -13.85
N SER IG 974 85.83 29.25 -14.90
CA SER IG 974 86.06 28.57 -16.17
C SER IG 974 87.35 29.02 -16.83
N ALA IG 975 87.73 30.29 -16.65
CA ALA IG 975 88.89 30.87 -17.31
C ALA IG 975 90.20 30.60 -16.58
N ASN IG 976 90.24 29.63 -15.66
CA ASN IG 976 91.42 29.44 -14.83
C ASN IG 976 92.53 28.72 -15.57
N THR IG 977 92.20 27.89 -16.56
CA THR IG 977 93.22 27.09 -17.23
C THR IG 977 94.07 27.95 -18.18
N THR IG 978 93.43 28.79 -18.98
CA THR IG 978 94.13 29.53 -20.01
C THR IG 978 94.08 31.04 -19.73
N SER IG 999 95.74 34.19 -4.99
CA SER IG 999 94.58 33.50 -4.44
C SER IG 999 93.41 34.45 -4.28
N THR IG 1000 93.72 35.76 -4.30
CA THR IG 1000 92.71 36.78 -4.06
C THR IG 1000 91.63 36.78 -5.13
N LEU IG 1001 92.02 36.68 -6.41
CA LEU IG 1001 91.05 36.64 -7.48
C LEU IG 1001 90.27 35.33 -7.47
N GLU IG 1002 90.90 34.25 -7.00
CA GLU IG 1002 90.17 33.00 -6.79
C GLU IG 1002 89.11 33.14 -5.70
N ASN IG 1003 89.43 33.88 -4.64
CA ASN IG 1003 88.44 34.14 -3.59
C ASN IG 1003 87.32 35.04 -4.11
N ALA IG 1004 87.64 35.95 -5.02
CA ALA IG 1004 86.62 36.72 -5.72
C ALA IG 1004 85.70 35.81 -6.53
N VAL IG 1005 86.29 34.85 -7.25
CA VAL IG 1005 85.53 33.83 -7.98
C VAL IG 1005 84.59 33.09 -7.05
N ILE IG 1006 85.10 32.73 -5.86
CA ILE IG 1006 84.34 32.00 -4.85
C ILE IG 1006 83.11 32.80 -4.42
N GLY IG 1007 83.34 34.06 -4.02
CA GLY IG 1007 82.27 34.86 -3.44
C GLY IG 1007 81.20 35.17 -4.46
N LEU IG 1008 81.62 35.52 -5.67
CA LEU IG 1008 80.67 35.86 -6.73
C LEU IG 1008 79.86 34.62 -7.16
N ALA IG 1009 80.54 33.47 -7.33
CA ALA IG 1009 79.92 32.23 -7.76
C ALA IG 1009 78.94 31.69 -6.74
N THR IG 1010 79.06 32.09 -5.49
CA THR IG 1010 78.11 31.55 -4.55
C THR IG 1010 77.09 32.55 -4.02
N VAL IG 1011 77.33 33.85 -4.12
CA VAL IG 1011 76.30 34.78 -3.67
C VAL IG 1011 75.45 35.32 -4.81
N GLY IG 1012 75.78 35.04 -6.07
CA GLY IG 1012 74.87 35.40 -7.13
C GLY IG 1012 73.57 34.61 -7.10
N LYS IG 1013 73.66 33.33 -6.72
CA LYS IG 1013 72.59 32.37 -6.99
C LYS IG 1013 71.37 32.55 -6.08
N ALA IG 1014 71.61 32.57 -4.76
CA ALA IG 1014 70.52 32.70 -3.80
C ALA IG 1014 69.86 34.08 -3.91
N TRP IG 1015 70.67 35.12 -4.14
CA TRP IG 1015 70.11 36.44 -4.38
C TRP IG 1015 69.34 36.50 -5.68
N SER IG 1016 69.74 35.75 -6.71
CA SER IG 1016 69.01 35.76 -7.98
C SER IG 1016 67.64 35.08 -7.84
N GLN IG 1017 67.60 33.93 -7.18
CA GLN IG 1017 66.31 33.26 -7.01
C GLN IG 1017 65.40 34.04 -6.07
N GLN IG 1018 65.96 34.67 -5.04
CA GLN IG 1018 65.11 35.47 -4.16
C GLN IG 1018 64.71 36.79 -4.81
N ALA IG 1019 65.49 37.27 -5.77
CA ALA IG 1019 65.08 38.45 -6.52
C ALA IG 1019 63.93 38.13 -7.46
N GLN IG 1020 63.97 36.95 -8.09
CA GLN IG 1020 62.81 36.49 -8.86
C GLN IG 1020 61.62 36.23 -7.94
N GLN IG 1021 61.90 35.88 -6.67
CA GLN IG 1021 60.83 35.74 -5.68
C GLN IG 1021 60.19 37.09 -5.36
N LEU IG 1022 60.99 38.12 -5.09
CA LEU IG 1022 60.48 39.42 -4.67
C LEU IG 1022 60.17 40.33 -5.85
N PHE IG 1023 60.26 39.82 -7.08
CA PHE IG 1023 60.12 40.66 -8.27
C PHE IG 1023 58.68 41.06 -8.53
N ASN IG 1024 57.72 40.55 -7.74
CA ASN IG 1024 56.30 40.63 -8.03
C ASN IG 1024 55.58 41.84 -7.40
N THR IG 1025 56.27 42.73 -6.69
CA THR IG 1025 55.55 43.82 -5.99
C THR IG 1025 55.16 44.92 -6.97
N PRO IG 1026 53.88 45.31 -7.02
CA PRO IG 1026 53.40 46.19 -8.10
C PRO IG 1026 53.78 47.65 -7.89
N THR IG 1027 53.50 48.46 -8.92
CA THR IG 1027 53.72 49.90 -8.91
C THR IG 1027 52.51 50.57 -8.27
N THR IG 1028 52.75 51.29 -7.18
CA THR IG 1028 51.69 51.96 -6.44
C THR IG 1028 51.53 53.40 -6.89
N VAL IG 1029 50.33 53.95 -6.65
CA VAL IG 1029 50.07 55.37 -6.81
C VAL IG 1029 49.61 55.92 -5.46
N GLU IG 1030 49.36 57.22 -5.42
CA GLU IG 1030 48.96 57.88 -4.17
C GLU IG 1030 48.17 59.13 -4.49
N VAL IG 1031 46.95 59.21 -3.97
CA VAL IG 1031 46.19 60.44 -4.15
C VAL IG 1031 46.76 61.54 -3.28
N TYR IG 1032 46.52 62.78 -3.69
CA TYR IG 1032 47.08 63.95 -3.01
C TYR IG 1032 46.05 64.57 -2.07
N SER IG 1033 46.54 65.35 -1.11
CA SER IG 1033 45.71 65.92 -0.07
C SER IG 1033 45.18 67.30 -0.42
N GLY IG 1034 45.42 67.79 -1.62
CA GLY IG 1034 44.96 69.13 -1.97
C GLY IG 1034 44.41 69.29 -3.38
N THR IG 1035 43.85 68.24 -3.95
CA THR IG 1035 43.28 68.30 -5.29
C THR IG 1035 41.89 67.69 -5.27
N GLY IG 1036 40.93 68.40 -5.88
CA GLY IG 1036 39.56 67.94 -5.93
C GLY IG 1036 39.35 66.90 -7.02
N LEU IG 1037 38.08 66.58 -7.25
CA LEU IG 1037 37.70 65.55 -8.20
C LEU IG 1037 36.42 65.96 -8.91
N GLY IG 1038 36.21 65.37 -10.09
CA GLY IG 1038 34.98 65.52 -10.83
C GLY IG 1038 34.18 64.25 -10.78
N ILE IG 1039 32.86 64.40 -10.66
CA ILE IG 1039 31.96 63.31 -10.33
C ILE IG 1039 30.97 63.13 -11.47
N LEU IG 1040 30.89 61.91 -11.99
CA LEU IG 1040 29.89 61.54 -12.97
C LEU IG 1040 28.77 60.77 -12.28
N PHE IG 1041 27.54 61.29 -12.39
CA PHE IG 1041 26.41 60.65 -11.75
C PHE IG 1041 25.97 59.43 -12.54
N THR IG 1042 25.11 58.62 -11.92
CA THR IG 1042 24.63 57.39 -12.53
C THR IG 1042 23.12 57.32 -12.67
N GLN IG 1043 22.37 57.66 -11.62
CA GLN IG 1043 20.94 57.37 -11.55
C GLN IG 1043 20.14 58.62 -11.21
N ASP IG 1044 18.86 58.39 -10.89
CA ASP IG 1044 17.96 59.43 -10.41
C ASP IG 1044 17.82 59.35 -8.89
N VAL IG 1045 17.60 60.52 -8.28
CA VAL IG 1045 17.19 60.66 -6.90
C VAL IG 1045 16.10 61.73 -6.84
N THR IG 1046 15.67 62.06 -5.63
CA THR IG 1046 14.70 63.13 -5.46
C THR IG 1046 15.08 64.05 -4.30
N ILE JG 862 24.65 61.44 19.74
CA ILE JG 862 24.72 61.47 18.28
C ILE JG 862 26.11 61.88 17.83
N ILE JG 863 26.80 60.96 17.15
CA ILE JG 863 28.08 61.23 16.54
C ILE JG 863 27.95 61.04 15.04
N LYS JG 864 28.28 62.10 14.29
CA LYS JG 864 28.06 62.11 12.85
C LYS JG 864 29.04 61.17 12.15
N THR JG 865 28.61 60.65 11.00
CA THR JG 865 29.44 59.77 10.18
C THR JG 865 30.63 60.55 9.64
N GLY JG 866 31.84 60.07 9.92
CA GLY JG 866 33.03 60.67 9.36
C GLY JG 866 33.47 61.97 10.00
N ASP JG 867 33.60 61.97 11.32
CA ASP JG 867 34.23 63.09 12.04
C ASP JG 867 35.48 62.58 12.74
N ILE JG 868 36.25 63.50 13.29
CA ILE JG 868 37.62 63.25 13.72
C ILE JG 868 37.71 63.38 15.24
N MET JG 869 38.35 62.40 15.88
CA MET JG 869 38.56 62.35 17.32
C MET JG 869 40.02 61.97 17.57
N PHE JG 870 40.51 62.26 18.78
CA PHE JG 870 41.87 61.94 19.17
C PHE JG 870 41.85 60.88 20.26
N ALA JG 871 42.97 60.17 20.39
CA ALA JG 871 43.16 59.27 21.51
C ALA JG 871 44.66 59.18 21.79
N VAL JG 872 44.99 58.89 23.05
CA VAL JG 872 46.38 58.76 23.48
C VAL JG 872 46.54 57.42 24.17
N LEU JG 873 47.47 56.62 23.67
CA LEU JG 873 47.74 55.29 24.21
C LEU JG 873 49.05 55.32 24.99
N ASP JG 874 49.20 54.36 25.90
CA ASP JG 874 50.31 54.37 26.83
C ASP JG 874 51.14 53.09 26.73
N THR JG 875 50.60 52.05 26.12
CA THR JG 875 51.24 50.75 26.12
C THR JG 875 51.74 50.39 24.73
N SER JG 876 52.95 49.84 24.64
CA SER JG 876 53.60 49.53 23.37
C SER JG 876 53.57 48.02 23.07
N VAL JG 877 53.79 47.70 21.80
CA VAL JG 877 53.81 46.30 21.34
C VAL JG 877 54.62 46.25 20.04
N ASN JG 878 55.21 45.08 19.78
CA ASN JG 878 55.69 44.71 18.47
C ASN JG 878 54.53 44.14 17.66
N SER JG 879 54.61 44.28 16.34
CA SER JG 879 53.58 43.69 15.50
C SER JG 879 53.91 42.24 15.19
N ASP JG 880 53.85 41.38 16.21
CA ASP JG 880 54.09 39.95 16.03
C ASP JG 880 52.90 39.11 16.45
N GLU JG 881 52.27 39.41 17.57
CA GLU JG 881 51.14 38.64 18.07
C GLU JG 881 50.01 39.62 18.37
N PRO JG 882 48.83 39.44 17.78
CA PRO JG 882 47.72 40.34 18.07
C PRO JG 882 47.20 40.19 19.49
N GLY JG 883 46.62 41.27 19.98
CA GLY JG 883 46.10 41.32 21.33
C GLY JG 883 45.36 42.60 21.58
N PRO JG 884 44.85 42.77 22.80
CA PRO JG 884 44.12 44.00 23.12
C PRO JG 884 45.08 45.18 23.29
N ILE JG 885 44.76 46.26 22.60
CA ILE JG 885 45.46 47.53 22.76
C ILE JG 885 44.41 48.57 23.13
N LEU JG 886 44.70 49.34 24.17
CA LEU JG 886 43.77 50.32 24.70
C LEU JG 886 44.31 51.73 24.47
N ALA JG 887 43.44 52.61 24.03
CA ALA JG 887 43.69 54.04 23.95
C ALA JG 887 42.72 54.76 24.86
N THR JG 888 43.04 56.02 25.17
CA THR JG 888 42.21 56.85 26.05
C THR JG 888 41.86 58.11 25.29
N ILE JG 889 40.56 58.38 25.16
CA ILE JG 889 40.13 59.56 24.44
C ILE JG 889 40.39 60.79 25.30
N VAL JG 890 41.20 61.71 24.79
CA VAL JG 890 41.72 62.80 25.59
C VAL JG 890 40.97 64.11 25.40
N THR JG 891 40.12 64.22 24.37
CA THR JG 891 39.34 65.43 24.17
C THR JG 891 37.96 65.12 23.59
N GLY JG 892 37.21 66.15 23.22
CA GLY JG 892 35.91 65.94 22.61
C GLY JG 892 34.80 65.74 23.63
N LYS JG 893 33.70 65.15 23.15
CA LYS JG 893 32.56 64.88 24.02
C LYS JG 893 32.88 63.76 25.02
N LEU JG 894 33.61 62.75 24.59
CA LEU JG 894 33.92 61.61 25.43
C LEU JG 894 35.23 61.84 26.17
N LYS JG 895 35.16 61.93 27.49
CA LYS JG 895 36.34 62.11 28.34
C LYS JG 895 36.38 60.98 29.36
N GLY JG 896 37.56 60.45 29.62
CA GLY JG 896 37.70 59.29 30.47
C GLY JG 896 37.44 57.98 29.76
N SER JG 897 37.18 58.03 28.46
CA SER JG 897 36.76 56.85 27.73
C SER JG 897 37.97 56.02 27.33
N LYS JG 898 37.85 54.70 27.49
CA LYS JG 898 38.88 53.75 27.14
C LYS JG 898 38.43 52.95 25.92
N LEU JG 899 39.40 52.37 25.21
CA LEU JG 899 39.08 51.74 23.93
C LEU JG 899 40.03 50.56 23.72
N ILE JG 900 39.46 49.35 23.62
CA ILE JG 900 40.22 48.15 23.30
C ILE JG 900 39.99 47.78 21.85
N GLY JG 901 41.07 47.42 21.18
CA GLY JG 901 41.05 46.90 19.84
C GLY JG 901 42.27 46.03 19.60
N SER JG 902 42.67 45.86 18.35
CA SER JG 902 43.82 45.03 18.03
C SER JG 902 44.48 45.59 16.78
N PHE JG 903 45.45 44.86 16.24
CA PHE JG 903 46.11 45.26 15.01
C PHE JG 903 46.07 44.13 14.00
N ASN JG 904 46.57 44.43 12.80
CA ASN JG 904 46.67 43.47 11.71
C ASN JG 904 48.07 43.56 11.12
N LEU JG 905 48.50 42.47 10.48
CA LEU JG 905 49.81 42.46 9.86
C LEU JG 905 49.68 42.55 8.34
N PRO JG 906 50.17 43.62 7.73
CA PRO JG 906 50.12 43.73 6.27
C PRO JG 906 51.24 42.94 5.61
N SER JG 907 51.05 42.68 4.30
CA SER JG 907 52.03 41.93 3.53
C SER JG 907 53.31 42.72 3.30
N ASN JG 908 53.18 43.98 2.87
CA ASN JG 908 54.30 44.89 2.78
C ASN JG 908 54.20 45.89 3.93
N ALA JG 909 55.35 46.40 4.35
CA ALA JG 909 55.46 47.19 5.57
C ALA JG 909 55.25 48.69 5.34
N ASP JG 910 54.46 49.06 4.33
CA ASP JG 910 54.20 50.45 4.02
C ASP JG 910 53.03 51.04 4.79
N LYS JG 911 52.49 50.31 5.77
CA LYS JG 911 51.38 50.82 6.56
C LYS JG 911 51.39 50.15 7.93
N MET JG 912 50.68 50.77 8.87
CA MET JG 912 50.33 50.16 10.14
C MET JG 912 49.08 50.87 10.66
N VAL JG 913 47.98 50.12 10.75
CA VAL JG 913 46.69 50.67 11.14
C VAL JG 913 46.16 49.83 12.30
N ILE JG 914 45.23 50.42 13.05
CA ILE JG 914 44.70 49.82 14.27
C ILE JG 914 43.19 49.71 14.15
N THR JG 915 42.68 48.50 14.32
CA THR JG 915 41.24 48.29 14.44
C THR JG 915 40.86 48.57 15.89
N PHE JG 916 39.83 49.40 16.09
CA PHE JG 916 39.45 49.88 17.40
C PHE JG 916 37.94 49.79 17.53
N ASN JG 917 37.45 48.84 18.31
CA ASN JG 917 36.01 48.59 18.28
C ASN JG 917 35.33 48.68 19.65
N THR JG 918 35.98 48.23 20.72
CA THR JG 918 35.27 48.11 21.99
C THR JG 918 35.52 49.38 22.79
N MET JG 919 34.51 50.24 22.83
CA MET JG 919 34.59 51.54 23.50
C MET JG 919 33.88 51.44 24.84
N SER JG 920 34.56 51.87 25.91
CA SER JG 920 33.97 51.98 27.24
C SER JG 920 33.91 53.45 27.62
N ILE JG 921 32.71 53.93 27.89
CA ILE JG 921 32.45 55.31 28.31
C ILE JG 921 32.20 55.30 29.81
N PRO JG 922 32.95 56.07 30.60
CA PRO JG 922 32.78 56.03 32.06
C PRO JG 922 31.52 56.76 32.53
N GLY JG 923 31.22 56.65 33.82
CA GLY JG 923 29.99 57.22 34.35
C GLY JG 923 28.85 56.23 34.35
N ALA JG 924 28.41 55.81 33.17
CA ALA JG 924 27.36 54.82 33.03
C ALA JG 924 27.93 53.53 32.47
N GLU JG 925 27.35 52.40 32.89
CA GLU JG 925 27.85 51.09 32.47
C GLU JG 925 27.21 50.71 31.12
N LYS JG 926 27.98 50.93 30.06
CA LYS JG 926 27.62 50.50 28.72
C LYS JG 926 28.88 50.05 28.01
N THR JG 927 28.70 49.38 26.87
CA THR JG 927 29.83 49.00 26.02
C THR JG 927 29.36 49.12 24.57
N ILE JG 928 29.60 50.27 23.96
CA ILE JG 928 29.23 50.48 22.56
C ILE JG 928 30.33 49.90 21.67
N SER JG 929 30.04 49.74 20.38
CA SER JG 929 30.93 49.00 19.50
C SER JG 929 31.22 49.72 18.19
N ILE JG 930 31.58 51.00 18.27
CA ILE JG 930 31.96 51.77 17.09
C ILE JG 930 33.37 51.36 16.66
N SER JG 931 33.53 51.05 15.38
CA SER JG 931 34.79 50.61 14.81
C SER JG 931 35.61 51.82 14.39
N ALA JG 932 36.93 51.73 14.54
CA ALA JG 932 37.78 52.88 14.28
C ALA JG 932 39.07 52.42 13.61
N TYR JG 933 39.76 53.36 12.97
CA TYR JG 933 41.06 53.15 12.31
C TYR JG 933 42.10 54.09 12.91
N ALA JG 934 43.32 54.01 12.39
CA ALA JG 934 44.45 54.77 12.92
C ALA JG 934 45.16 55.54 11.82
N ILE JG 935 45.39 56.83 12.06
CA ILE JG 935 46.21 57.68 11.21
C ILE JG 935 47.24 58.37 12.08
N ASP JG 936 48.37 58.76 11.49
CA ASP JG 936 49.41 59.48 12.23
C ASP JG 936 48.89 60.87 12.59
N PRO JG 937 49.01 61.30 13.84
CA PRO JG 937 48.42 62.57 14.26
C PRO JG 937 49.16 63.75 13.65
N ASN JG 938 48.37 64.78 13.29
CA ASN JG 938 48.79 66.01 12.61
C ASN JG 938 49.52 65.75 11.30
N THR JG 939 49.21 64.65 10.61
CA THR JG 939 50.01 64.23 9.46
C THR JG 939 49.14 64.05 8.22
N ALA JG 940 47.87 63.68 8.44
CA ALA JG 940 46.92 63.24 7.40
C ALA JG 940 47.53 62.11 6.57
N ARG JG 941 48.11 61.15 7.29
CA ARG JG 941 48.75 59.99 6.68
C ARG JG 941 48.40 58.75 7.47
N THR JG 942 48.43 57.61 6.79
CA THR JG 942 48.05 56.34 7.39
C THR JG 942 49.19 55.66 8.14
N ALA JG 943 50.39 56.22 8.11
CA ALA JG 943 51.57 55.51 8.60
C ALA JG 943 51.66 55.57 10.12
N LEU JG 944 52.35 54.58 10.68
CA LEU JG 944 52.76 54.59 12.08
C LEU JG 944 54.28 54.53 12.15
N ALA JG 945 54.86 55.30 13.06
CA ALA JG 945 56.31 55.52 13.11
C ALA JG 945 57.00 54.35 13.79
N SER JG 946 57.73 53.57 12.99
CA SER JG 946 58.47 52.42 13.50
C SER JG 946 59.73 52.26 12.66
N ARG JG 947 60.38 51.10 12.81
CA ARG JG 947 61.54 50.72 12.03
C ARG JG 947 61.21 49.54 11.13
N THR JG 948 61.75 49.57 9.90
CA THR JG 948 61.43 48.54 8.92
C THR JG 948 62.64 47.73 8.45
N ASN JG 949 63.85 48.07 8.88
CA ASN JG 949 65.05 47.32 8.51
C ASN JG 949 65.48 46.36 9.62
N HIS JG 950 64.50 45.73 10.28
CA HIS JG 950 64.76 44.91 11.46
C HIS JG 950 65.56 43.65 11.15
N HIS JG 951 65.18 42.92 10.11
CA HIS JG 951 65.68 41.57 9.90
C HIS JG 951 66.08 41.35 8.45
N TYR JG 952 66.86 42.29 7.89
CA TYR JG 952 67.50 42.09 6.61
C TYR JG 952 68.91 41.54 6.75
N LEU JG 953 69.72 42.21 7.58
CA LEU JG 953 71.16 41.98 7.61
C LEU JG 953 71.51 40.63 8.22
N MET JG 954 70.72 40.17 9.19
CA MET JG 954 71.00 38.91 9.87
C MET JG 954 70.90 37.73 8.91
N ARG JG 955 69.77 37.63 8.20
CA ARG JG 955 69.58 36.54 7.24
C ARG JG 955 70.49 36.69 6.03
N TYR JG 956 70.71 37.93 5.57
CA TYR JG 956 71.60 38.18 4.44
C TYR JG 956 73.02 37.71 4.75
N GLY JG 957 73.55 38.09 5.92
CA GLY JG 957 74.90 37.73 6.28
C GLY JG 957 75.07 36.24 6.51
N SER JG 958 74.09 35.61 7.19
CA SER JG 958 74.21 34.17 7.45
C SER JG 958 74.17 33.36 6.17
N LEU JG 959 73.23 33.67 5.26
CA LEU JG 959 73.13 32.95 4.01
C LEU JG 959 74.34 33.17 3.11
N PHE JG 960 74.78 34.43 3.00
CA PHE JG 960 75.93 34.73 2.15
C PHE JG 960 77.21 34.13 2.68
N ALA JG 961 77.35 34.06 4.01
CA ALA JG 961 78.51 33.41 4.59
C ALA JG 961 78.52 31.91 4.33
N SER JG 962 77.35 31.26 4.45
CA SER JG 962 77.27 29.83 4.18
C SER JG 962 77.61 29.52 2.72
N SER JG 963 77.07 30.33 1.80
CA SER JG 963 77.37 30.15 0.38
C SER JG 963 78.84 30.36 0.08
N PHE JG 964 79.43 31.43 0.63
CA PHE JG 964 80.85 31.73 0.42
C PHE JG 964 81.74 30.62 0.96
N LEU JG 965 81.34 30.00 2.06
CA LEU JG 965 82.05 28.83 2.58
C LEU JG 965 82.04 27.68 1.59
N GLN JG 966 80.85 27.36 1.07
CA GLN JG 966 80.71 26.27 0.08
C GLN JG 966 81.58 26.52 -1.15
N GLY JG 967 81.55 27.77 -1.65
CA GLY JG 967 82.34 28.12 -2.81
C GLY JG 967 83.83 28.04 -2.57
N PHE JG 968 84.26 28.42 -1.36
CA PHE JG 968 85.69 28.43 -1.08
C PHE JG 968 86.24 27.02 -1.01
N GLY JG 969 85.48 26.13 -0.36
CA GLY JG 969 85.91 24.75 -0.28
C GLY JG 969 85.98 24.08 -1.64
N ASN JG 970 84.93 24.24 -2.47
CA ASN JG 970 84.97 23.54 -3.75
C ASN JG 970 85.99 24.14 -4.73
N ALA JG 971 86.11 25.47 -4.79
CA ALA JG 971 87.02 26.05 -5.76
C ALA JG 971 88.47 25.84 -5.37
N PHE JG 972 88.80 25.96 -4.08
CA PHE JG 972 90.19 25.68 -3.74
C PHE JG 972 90.47 24.19 -3.61
N GLN JG 973 89.45 23.33 -3.64
CA GLN JG 973 89.74 21.94 -3.95
C GLN JG 973 90.08 21.76 -5.41
N SER JG 974 89.32 22.42 -6.29
CA SER JG 974 89.51 22.23 -7.73
C SER JG 974 90.83 22.80 -8.22
N ALA JG 975 91.32 23.85 -7.56
CA ALA JG 975 92.56 24.48 -7.97
C ALA JG 975 93.80 23.82 -7.37
N ASN JG 976 93.66 22.61 -6.80
CA ASN JG 976 94.78 21.94 -6.18
C ASN JG 976 95.82 21.45 -7.19
N THR JG 977 95.37 20.88 -8.31
CA THR JG 977 96.32 20.39 -9.31
C THR JG 977 96.97 21.53 -10.07
N THR JG 978 96.18 22.53 -10.46
CA THR JG 978 96.72 23.65 -11.22
C THR JG 978 97.41 24.65 -10.30
N SER JG 999 99.54 21.61 4.16
CA SER JG 999 98.28 20.90 4.37
C SER JG 999 97.21 21.85 4.89
N THR JG 1000 97.65 23.03 5.32
CA THR JG 1000 96.76 23.99 5.97
C THR JG 1000 95.70 24.53 5.02
N LEU JG 1001 96.07 24.80 3.76
CA LEU JG 1001 95.08 25.22 2.77
C LEU JG 1001 94.11 24.09 2.45
N GLU JG 1002 94.58 22.84 2.52
CA GLU JG 1002 93.69 21.70 2.37
C GLU JG 1002 92.70 21.62 3.52
N ASN JG 1003 93.15 21.91 4.75
CA ASN JG 1003 92.24 21.98 5.88
C ASN JG 1003 91.25 23.12 5.74
N ALA JG 1004 91.68 24.22 5.13
CA ALA JG 1004 90.76 25.30 4.80
C ALA JG 1004 89.68 24.84 3.82
N VAL JG 1005 90.10 24.11 2.78
CA VAL JG 1005 89.17 23.50 1.82
C VAL JG 1005 88.17 22.61 2.55
N ILE JG 1006 88.67 21.83 3.50
CA ILE JG 1006 87.85 20.92 4.31
C ILE JG 1006 86.77 21.69 5.05
N GLY JG 1007 87.18 22.73 5.80
CA GLY JG 1007 86.24 23.42 6.65
C GLY JG 1007 85.21 24.17 5.86
N LEU JG 1008 85.67 24.90 4.83
CA LEU JG 1008 84.78 25.71 4.01
C LEU JG 1008 83.80 24.84 3.22
N ALA JG 1009 84.31 23.79 2.55
CA ALA JG 1009 83.47 22.90 1.72
C ALA JG 1009 82.42 22.19 2.54
N THR JG 1010 82.77 21.68 3.72
CA THR JG 1010 81.79 20.86 4.37
C THR JG 1010 80.86 21.63 5.29
N VAL JG 1011 81.26 22.78 5.85
CA VAL JG 1011 80.30 23.52 6.66
C VAL JG 1011 79.52 24.55 5.85
N GLY JG 1012 79.84 24.76 4.57
CA GLY JG 1012 78.99 25.58 3.75
C GLY JG 1012 77.61 24.99 3.53
N LYS JG 1013 77.54 23.66 3.40
CA LYS JG 1013 76.37 23.02 2.80
C LYS JG 1013 75.16 23.01 3.74
N ALA JG 1014 75.34 22.48 4.95
CA ALA JG 1014 74.23 22.40 5.90
C ALA JG 1014 73.78 23.78 6.35
N TRP JG 1015 74.73 24.71 6.52
CA TRP JG 1015 74.36 26.07 6.84
C TRP JG 1015 73.65 26.76 5.67
N SER JG 1016 73.97 26.38 4.43
CA SER JG 1016 73.27 26.94 3.28
C SER JG 1016 71.84 26.48 3.20
N GLN JG 1017 71.60 25.17 3.39
CA GLN JG 1017 70.22 24.70 3.33
C GLN JG 1017 69.41 25.18 4.53
N GLN JG 1018 70.03 25.30 5.69
CA GLN JG 1018 69.32 25.87 6.83
C GLN JG 1018 69.07 27.36 6.65
N ALA JG 1019 69.95 28.05 5.93
CA ALA JG 1019 69.72 29.47 5.65
C ALA JG 1019 68.57 29.66 4.69
N GLN JG 1020 68.47 28.81 3.67
CA GLN JG 1020 67.29 28.84 2.79
C GLN JG 1020 66.04 28.40 3.54
N GLN JG 1021 66.21 27.59 4.58
CA GLN JG 1021 65.08 27.27 5.46
C GLN JG 1021 64.61 28.49 6.25
N LEU JG 1022 65.52 29.25 6.84
CA LEU JG 1022 65.15 30.32 7.76
C LEU JG 1022 65.10 31.70 7.11
N PHE JG 1023 65.26 31.78 5.78
CA PHE JG 1023 65.46 33.08 5.16
C PHE JG 1023 64.15 33.89 5.08
N ASN JG 1024 63.02 33.27 5.34
CA ASN JG 1024 61.72 33.83 5.00
C ASN JG 1024 61.06 34.64 6.13
N THR JG 1025 61.72 34.86 7.28
CA THR JG 1025 61.07 35.60 8.36
C THR JG 1025 61.09 37.10 8.06
N PRO JG 1026 59.95 37.78 8.04
CA PRO JG 1026 59.90 39.19 7.65
C PRO JG 1026 60.35 40.11 8.78
N THR JG 1027 60.46 41.39 8.44
CA THR JG 1027 60.79 42.44 9.40
C THR JG 1027 59.49 43.10 9.84
N THR JG 1028 59.29 43.19 11.15
CA THR JG 1028 58.06 43.74 11.68
C THR JG 1028 58.22 45.24 11.99
N VAL JG 1029 57.08 45.88 12.27
CA VAL JG 1029 57.06 47.24 12.78
C VAL JG 1029 56.66 47.15 14.26
N GLU JG 1030 56.94 48.21 14.99
CA GLU JG 1030 56.73 48.21 16.43
C GLU JG 1030 56.35 49.60 16.90
N VAL JG 1031 55.10 49.75 17.32
CA VAL JG 1031 54.67 51.03 17.88
C VAL JG 1031 55.26 51.19 19.27
N TYR JG 1032 55.28 52.44 19.74
CA TYR JG 1032 55.93 52.78 21.00
C TYR JG 1032 54.91 53.28 22.02
N SER JG 1033 55.36 53.47 23.26
CA SER JG 1033 54.45 53.59 24.39
C SER JG 1033 53.94 55.01 24.63
N GLY JG 1034 54.20 55.95 23.72
CA GLY JG 1034 53.72 57.30 23.95
C GLY JG 1034 53.24 58.04 22.73
N THR JG 1035 52.92 57.33 21.65
CA THR JG 1035 52.53 57.95 20.40
C THR JG 1035 51.01 58.02 20.33
N GLY JG 1036 50.47 59.22 20.23
CA GLY JG 1036 49.05 59.40 20.11
C GLY JG 1036 48.59 59.06 18.72
N LEU JG 1037 47.26 58.97 18.57
CA LEU JG 1037 46.71 58.56 17.29
C LEU JG 1037 45.33 59.20 17.11
N GLY JG 1038 44.89 59.21 15.85
CA GLY JG 1038 43.63 59.80 15.48
C GLY JG 1038 42.62 58.76 15.03
N ILE JG 1039 41.36 59.15 15.07
CA ILE JG 1039 40.24 58.30 14.68
C ILE JG 1039 39.33 59.11 13.76
N LEU JG 1040 39.12 58.60 12.54
CA LEU JG 1040 38.03 59.09 11.71
C LEU JG 1040 36.90 58.07 11.74
N PHE JG 1041 35.70 58.55 12.02
CA PHE JG 1041 34.57 57.67 12.26
C PHE JG 1041 34.04 57.08 10.96
N THR JG 1042 33.39 55.93 11.10
CA THR JG 1042 32.80 55.22 9.96
C THR JG 1042 31.30 55.03 10.10
N GLN JG 1043 30.81 54.77 11.32
CA GLN JG 1043 29.39 54.65 11.56
C GLN JG 1043 29.00 55.52 12.76
N ASP JG 1044 27.69 55.63 12.98
CA ASP JG 1044 27.16 56.53 14.00
C ASP JG 1044 26.93 55.80 15.32
N VAL JG 1045 26.90 56.57 16.40
CA VAL JG 1045 26.38 56.15 17.69
C VAL JG 1045 25.45 57.26 18.20
N THR JG 1046 24.92 57.08 19.39
CA THR JG 1046 24.02 58.07 19.96
C THR JG 1046 24.29 58.31 21.44
N ILE KG 862 31.46 45.86 39.41
CA ILE KG 862 31.54 46.39 38.06
C ILE KG 862 32.98 46.77 37.73
N ILE KG 863 33.51 46.18 36.66
CA ILE KG 863 34.85 46.45 36.17
C ILE KG 863 34.72 47.05 34.77
N LYS KG 864 35.39 48.19 34.56
CA LYS KG 864 35.32 48.91 33.30
C LYS KG 864 35.93 48.09 32.17
N THR KG 865 35.44 48.31 30.95
CA THR KG 865 35.87 47.51 29.81
C THR KG 865 37.21 48.02 29.29
N GLY KG 866 38.29 47.32 29.63
CA GLY KG 866 39.60 47.67 29.12
C GLY KG 866 40.38 48.66 29.96
N ASP KG 867 40.50 48.40 31.25
CA ASP KG 867 41.40 49.13 32.13
C ASP KG 867 42.48 48.17 32.64
N ILE KG 868 43.43 48.70 33.42
CA ILE KG 868 44.66 48.00 33.74
C ILE KG 868 44.71 47.76 35.25
N MET KG 869 45.17 46.56 35.63
CA MET KG 869 45.28 46.10 37.00
C MET KG 869 46.67 45.50 37.20
N PHE KG 870 47.18 45.60 38.43
CA PHE KG 870 48.49 45.08 38.79
C PHE KG 870 48.32 43.69 39.39
N ALA KG 871 49.37 42.88 39.32
CA ALA KG 871 49.37 41.58 39.97
C ALA KG 871 50.79 41.26 40.41
N VAL KG 872 50.90 40.45 41.46
CA VAL KG 872 52.19 40.07 42.02
C VAL KG 872 52.42 38.61 41.67
N LEU KG 873 53.50 38.33 40.96
CA LEU KG 873 53.81 36.99 40.50
C LEU KG 873 55.02 36.46 41.25
N ASP KG 874 54.84 35.28 41.85
CA ASP KG 874 55.80 34.78 42.83
C ASP KG 874 56.33 33.40 42.46
N THR KG 875 55.75 32.78 41.44
CA THR KG 875 56.19 31.46 40.99
C THR KG 875 56.57 31.51 39.51
N SER KG 876 57.69 30.88 39.14
CA SER KG 876 58.21 30.97 37.78
C SER KG 876 58.05 29.66 37.00
N VAL KG 877 58.32 29.75 35.70
CA VAL KG 877 58.21 28.62 34.78
C VAL KG 877 59.11 28.91 33.58
N ASN KG 878 59.63 27.85 32.99
CA ASN KG 878 60.21 27.89 31.65
C ASN KG 878 59.12 27.57 30.63
N SER KG 879 59.27 28.11 29.42
CA SER KG 879 58.26 27.87 28.40
C SER KG 879 58.50 26.57 27.66
N ASP KG 880 58.35 25.46 28.36
CA ASP KG 880 58.41 24.12 27.81
C ASP KG 880 57.16 23.31 28.10
N GLU KG 881 56.61 23.43 29.31
CA GLU KG 881 55.38 22.75 29.68
C GLU KG 881 54.41 23.79 30.23
N PRO KG 882 53.37 24.17 29.50
CA PRO KG 882 52.35 25.06 30.07
C PRO KG 882 51.52 24.34 31.12
N GLY KG 883 50.95 25.14 32.02
CA GLY KG 883 50.14 24.61 33.09
C GLY KG 883 49.54 25.71 33.93
N PRO KG 884 48.85 25.32 35.01
CA PRO KG 884 48.26 26.32 35.91
C PRO KG 884 49.30 27.13 36.66
N ILE KG 885 49.24 28.44 36.50
CA ILE KG 885 50.11 29.37 37.22
C ILE KG 885 49.23 30.49 37.77
N LEU KG 886 49.49 30.88 39.01
CA LEU KG 886 48.63 31.82 39.73
C LEU KG 886 49.40 33.08 40.08
N ALA KG 887 48.67 34.19 40.20
CA ALA KG 887 49.19 35.49 40.62
C ALA KG 887 48.28 36.06 41.70
N THR KG 888 48.80 37.05 42.42
CA THR KG 888 48.13 37.64 43.58
C THR KG 888 47.85 39.10 43.29
N ILE KG 889 46.56 39.45 43.16
CA ILE KG 889 46.19 40.83 42.94
C ILE KG 889 46.31 41.58 44.26
N VAL KG 890 46.99 42.72 44.24
CA VAL KG 890 47.32 43.42 45.46
C VAL KG 890 46.62 44.77 45.59
N THR KG 891 46.08 45.32 44.50
CA THR KG 891 45.48 46.64 44.55
C THR KG 891 44.07 46.64 43.98
N GLY KG 892 43.45 47.82 43.91
CA GLY KG 892 42.13 47.93 43.33
C GLY KG 892 41.04 47.52 44.31
N LYS KG 893 39.86 47.21 43.74
CA LYS KG 893 38.71 46.78 44.53
C LYS KG 893 38.94 45.41 45.16
N LEU KG 894 39.46 44.46 44.40
CA LEU KG 894 39.56 43.08 44.84
C LEU KG 894 40.92 42.83 45.47
N LYS KG 895 40.98 42.88 46.80
CA LYS KG 895 42.22 42.73 47.54
C LYS KG 895 42.26 41.35 48.15
N GLY KG 896 43.42 40.70 48.09
CA GLY KG 896 43.52 39.32 48.50
C GLY KG 896 43.04 38.35 47.45
N SER KG 897 42.71 38.86 46.27
CA SER KG 897 42.21 38.02 45.18
C SER KG 897 43.37 37.36 44.45
N LYS KG 898 43.10 36.22 43.84
CA LYS KG 898 44.16 35.44 43.22
C LYS KG 898 43.65 34.68 42.00
N LEU KG 899 44.49 34.62 40.97
CA LEU KG 899 44.01 34.32 39.62
C LEU KG 899 44.98 33.35 38.95
N ILE KG 900 44.43 32.27 38.38
CA ILE KG 900 45.20 31.23 37.70
C ILE KG 900 45.00 31.35 36.20
N GLY KG 901 45.98 30.87 35.45
CA GLY KG 901 45.95 30.80 34.02
C GLY KG 901 47.17 30.08 33.50
N SER KG 902 47.67 30.48 32.34
CA SER KG 902 48.81 29.79 31.73
C SER KG 902 49.52 30.76 30.79
N PHE KG 903 50.45 30.25 30.00
CA PHE KG 903 51.07 30.95 28.89
C PHE KG 903 50.81 30.19 27.59
N ASN KG 904 51.42 30.69 26.52
CA ASN KG 904 51.38 30.05 25.21
C ASN KG 904 52.74 30.18 24.57
N LEU KG 905 53.01 29.31 23.60
CA LEU KG 905 54.26 29.42 22.87
C LEU KG 905 54.00 29.97 21.48
N PRO KG 906 54.46 31.19 21.20
CA PRO KG 906 54.35 31.74 19.85
C PRO KG 906 55.41 31.16 18.92
N SER KG 907 55.28 31.49 17.64
CA SER KG 907 56.22 31.04 16.62
C SER KG 907 57.60 31.69 16.79
N ASN KG 908 57.63 32.99 17.04
CA ASN KG 908 58.86 33.71 17.36
C ASN KG 908 58.78 34.16 18.81
N ALA KG 909 59.91 34.05 19.52
CA ALA KG 909 59.96 34.21 20.96
C ALA KG 909 60.22 35.64 21.40
N ASP KG 910 59.82 36.63 20.60
CA ASP KG 910 60.06 38.03 20.93
C ASP KG 910 59.10 38.59 21.96
N LYS KG 911 58.11 37.80 22.38
CA LYS KG 911 57.24 38.19 23.48
C LYS KG 911 56.73 36.92 24.15
N MET KG 912 56.21 37.09 25.35
CA MET KG 912 55.56 36.01 26.08
C MET KG 912 54.43 36.61 26.91
N VAL KG 913 53.22 36.09 26.70
CA VAL KG 913 52.02 36.62 27.33
C VAL KG 913 51.47 35.57 28.27
N ILE KG 914 50.70 36.03 29.27
CA ILE KG 914 50.08 35.17 30.25
C ILE KG 914 48.57 35.29 30.11
N THR KG 915 47.94 34.20 29.73
CA THR KG 915 46.49 34.11 29.74
C THR KG 915 46.10 33.90 31.19
N PHE KG 916 45.10 34.65 31.65
CA PHE KG 916 44.66 34.61 33.04
C PHE KG 916 43.14 34.59 33.08
N ASN KG 917 42.58 33.47 33.50
CA ASN KG 917 41.13 33.35 33.44
C ASN KG 917 40.48 33.05 34.78
N THR KG 918 41.02 32.12 35.56
CA THR KG 918 40.29 31.57 36.69
C THR KG 918 40.54 32.45 37.91
N MET KG 919 39.59 33.33 38.19
CA MET KG 919 39.76 34.41 39.17
C MET KG 919 38.97 34.07 40.43
N SER KG 920 39.60 34.20 41.59
CA SER KG 920 38.92 33.99 42.87
C SER KG 920 39.04 35.23 43.75
N ILE KG 921 37.92 35.66 44.28
CA ILE KG 921 37.82 36.78 45.21
C ILE KG 921 37.61 36.21 46.61
N PRO KG 922 38.33 36.69 47.63
CA PRO KG 922 38.09 36.19 48.99
C PRO KG 922 36.75 36.66 49.54
N GLY KG 923 36.33 36.07 50.65
CA GLY KG 923 35.02 36.34 51.19
C GLY KG 923 33.96 35.37 50.71
N ALA KG 924 33.61 35.44 49.44
CA ALA KG 924 32.57 34.60 48.86
C ALA KG 924 33.18 33.41 48.14
N GLU KG 925 32.47 32.28 48.19
CA GLU KG 925 32.91 31.06 47.52
C GLU KG 925 32.38 31.06 46.09
N LYS KG 926 32.93 31.96 45.28
CA LYS KG 926 32.61 32.04 43.86
C LYS KG 926 33.91 32.14 43.08
N THR KG 927 33.90 31.59 41.86
CA THR KG 927 35.07 31.67 40.99
C THR KG 927 34.61 32.26 39.66
N ILE KG 928 34.88 33.54 39.47
CA ILE KG 928 34.56 34.19 38.21
C ILE KG 928 35.64 33.85 37.20
N SER KG 929 35.33 34.01 35.91
CA SER KG 929 36.25 33.63 34.86
C SER KG 929 36.49 34.77 33.88
N ILE KG 930 36.75 35.96 34.41
CA ILE KG 930 37.18 37.10 33.59
C ILE KG 930 38.56 36.78 33.03
N SER KG 931 38.72 36.96 31.72
CA SER KG 931 39.94 36.59 31.02
C SER KG 931 40.69 37.85 30.59
N ALA KG 932 42.01 37.84 30.72
CA ALA KG 932 42.85 38.98 30.39
C ALA KG 932 44.27 38.52 30.10
N TYR KG 933 45.12 39.44 29.65
CA TYR KG 933 46.47 39.17 29.18
C TYR KG 933 47.50 39.98 29.97
N ALA KG 934 48.76 39.91 29.54
CA ALA KG 934 49.91 40.36 30.35
C ALA KG 934 50.80 41.35 29.60
N ILE KG 935 51.33 42.32 30.35
CA ILE KG 935 52.39 43.23 29.90
C ILE KG 935 53.47 43.27 30.97
N ASP KG 936 54.66 43.74 30.59
CA ASP KG 936 55.77 43.84 31.53
C ASP KG 936 55.60 45.06 32.42
N PRO KG 937 55.70 44.92 33.74
CA PRO KG 937 55.49 46.06 34.63
C PRO KG 937 56.63 47.07 34.54
N ASN KG 938 56.25 48.34 34.70
CA ASN KG 938 57.08 49.54 34.51
C ASN KG 938 57.76 49.57 33.15
N THR KG 939 57.16 48.97 32.13
CA THR KG 939 57.74 48.91 30.79
C THR KG 939 56.73 49.41 29.77
N ALA KG 940 55.45 49.17 30.07
CA ALA KG 940 54.30 49.45 29.21
C ALA KG 940 54.47 48.79 27.84
N ARG KG 941 55.03 47.58 27.87
CA ARG KG 941 55.26 46.78 26.67
C ARG KG 941 54.88 45.35 27.00
N THR KG 942 54.62 44.56 25.95
CA THR KG 942 54.19 43.19 26.11
C THR KG 942 55.33 42.19 26.16
N ALA KG 943 56.58 42.65 26.07
CA ALA KG 943 57.72 41.75 26.07
C ALA KG 943 57.93 41.15 27.45
N LEU KG 944 58.59 39.99 27.49
CA LEU KG 944 58.90 39.31 28.74
C LEU KG 944 60.39 39.43 29.03
N ALA KG 945 60.70 39.73 30.29
CA ALA KG 945 62.08 39.75 30.77
C ALA KG 945 62.57 38.30 30.87
N SER KG 946 63.26 37.87 29.82
CA SER KG 946 63.80 36.52 29.75
C SER KG 946 65.08 36.56 28.93
N ARG KG 947 65.60 35.38 28.61
CA ARG KG 947 66.78 35.23 27.77
C ARG KG 947 66.39 34.62 26.43
N THR KG 948 67.14 34.98 25.39
CA THR KG 948 66.79 34.57 24.04
C THR KG 948 67.78 33.59 23.41
N ASN KG 949 69.03 33.59 23.83
CA ASN KG 949 70.12 32.86 23.16
C ASN KG 949 70.41 31.52 23.81
N HIS KG 950 69.37 30.79 24.21
CA HIS KG 950 69.55 29.59 25.03
C HIS KG 950 70.21 28.45 24.26
N HIS KG 951 69.68 28.07 23.10
CA HIS KG 951 70.10 26.83 22.44
C HIS KG 951 70.26 27.00 20.94
N TYR KG 952 70.96 28.04 20.52
CA TYR KG 952 71.43 28.13 19.13
C TYR KG 952 72.82 27.56 18.98
N LEU KG 953 73.73 27.96 19.87
CA LEU KG 953 75.16 27.72 19.68
C LEU KG 953 75.53 26.26 19.90
N MET KG 954 74.77 25.56 20.74
CA MET KG 954 75.02 24.14 20.99
C MET KG 954 74.83 23.31 19.73
N ARG KG 955 73.67 23.46 19.07
CA ARG KG 955 73.41 22.73 17.84
C ARG KG 955 74.26 23.24 16.69
N TYR KG 956 74.56 24.55 16.67
CA TYR KG 956 75.48 25.10 15.67
C TYR KG 956 76.85 24.46 15.74
N GLY KG 957 77.42 24.39 16.93
CA GLY KG 957 78.75 23.81 17.09
C GLY KG 957 78.77 22.33 16.80
N SER KG 958 77.71 21.61 17.22
CA SER KG 958 77.63 20.18 16.94
C SER KG 958 77.58 19.89 15.44
N LEU KG 959 76.74 20.65 14.71
CA LEU KG 959 76.61 20.46 13.27
C LEU KG 959 77.90 20.80 12.54
N PHE KG 960 78.50 21.95 12.85
CA PHE KG 960 79.70 22.36 12.13
C PHE KG 960 80.88 21.47 12.44
N ALA KG 961 80.97 20.95 13.68
CA ALA KG 961 82.03 20.01 14.02
C ALA KG 961 81.87 18.69 13.27
N SER KG 962 80.64 18.17 13.18
CA SER KG 962 80.42 16.93 12.44
C SER KG 962 80.76 17.09 10.96
N SER KG 963 80.36 18.23 10.38
CA SER KG 963 80.67 18.50 8.98
C SER KG 963 82.17 18.60 8.75
N PHE KG 964 82.89 19.31 9.64
CA PHE KG 964 84.34 19.42 9.51
C PHE KG 964 85.03 18.07 9.60
N LEU KG 965 84.52 17.19 10.48
CA LEU KG 965 85.06 15.84 10.59
C LEU KG 965 84.94 15.08 9.28
N GLN KG 966 83.73 15.05 8.71
CA GLN KG 966 83.50 14.33 7.45
C GLN KG 966 84.35 14.88 6.32
N GLY KG 967 84.46 16.22 6.27
CA GLY KG 967 85.26 16.85 5.24
C GLY KG 967 86.74 16.55 5.36
N PHE KG 968 87.26 16.50 6.59
CA PHE KG 968 88.68 16.22 6.78
C PHE KG 968 89.02 14.83 6.35
N GLY KG 969 88.18 13.86 6.72
CA GLY KG 969 88.46 12.50 6.34
C GLY KG 969 88.42 12.28 4.84
N ASN KG 970 87.38 12.80 4.16
CA ASN KG 970 87.31 12.55 2.73
C ASN KG 970 88.37 13.31 1.95
N ALA KG 971 88.66 14.58 2.31
CA ALA KG 971 89.61 15.33 1.50
C ALA KG 971 91.05 14.91 1.77
N PHE KG 972 91.38 14.52 3.01
CA PHE KG 972 92.73 14.01 3.20
C PHE KG 972 92.87 12.57 2.71
N GLN KG 973 91.76 11.86 2.45
CA GLN KG 973 91.90 10.67 1.62
C GLN KG 973 92.15 11.03 0.16
N SER KG 974 91.48 12.09 -0.32
CA SER KG 974 91.61 12.49 -1.72
C SER KG 974 93.01 13.00 -2.03
N ALA KG 975 93.66 13.66 -1.08
CA ALA KG 975 94.97 14.23 -1.28
C ALA KG 975 96.10 13.23 -1.09
N ASN KG 976 95.82 11.93 -1.15
CA ASN KG 976 96.86 10.92 -0.96
C ASN KG 976 97.78 10.80 -2.16
N THR KG 977 97.26 11.00 -3.37
CA THR KG 977 98.07 10.78 -4.57
C THR KG 977 99.05 11.93 -4.81
N THR KG 978 98.55 13.16 -4.78
CA THR KG 978 99.37 14.31 -5.14
C THR KG 978 99.69 15.18 -3.93
N SER KG 999 100.47 6.37 7.87
CA SER KG 999 99.82 5.58 8.90
C SER KG 999 98.96 6.46 9.78
N THR KG 1000 99.60 7.40 10.47
CA THR KG 1000 98.91 8.27 11.41
C THR KG 1000 97.93 9.21 10.71
N LEU KG 1001 98.34 9.81 9.59
CA LEU KG 1001 97.43 10.67 8.84
C LEU KG 1001 96.33 9.84 8.18
N GLU KG 1002 96.64 8.59 7.85
CA GLU KG 1002 95.63 7.66 7.37
C GLU KG 1002 94.59 7.39 8.46
N ASN KG 1003 95.03 7.26 9.70
CA ASN KG 1003 94.09 7.03 10.80
C ASN KG 1003 93.28 8.29 11.10
N ALA KG 1004 93.88 9.47 10.86
CA ALA KG 1004 93.11 10.70 10.91
C ALA KG 1004 92.01 10.72 9.87
N VAL KG 1005 92.33 10.30 8.64
CA VAL KG 1005 91.34 10.14 7.58
C VAL KG 1005 90.23 9.20 8.02
N ILE KG 1006 90.63 8.09 8.65
CA ILE KG 1006 89.71 7.06 9.13
C ILE KG 1006 88.69 7.64 10.11
N GLY KG 1007 89.19 8.26 11.18
CA GLY KG 1007 88.33 8.70 12.25
C GLY KG 1007 87.44 9.83 11.81
N LEU KG 1008 88.02 10.82 11.13
CA LEU KG 1008 87.28 11.99 10.71
C LEU KG 1008 86.23 11.64 9.65
N ALA KG 1009 86.61 10.85 8.65
CA ALA KG 1009 85.72 10.43 7.57
C ALA KG 1009 84.53 9.67 8.08
N THR KG 1010 84.74 8.73 9.01
CA THR KG 1010 83.60 7.92 9.35
C THR KG 1010 82.77 8.46 10.49
N VAL KG 1011 83.33 9.24 11.42
CA VAL KG 1011 82.48 9.79 12.46
C VAL KG 1011 81.90 11.14 12.09
N GLY KG 1012 82.31 11.74 10.96
CA GLY KG 1012 81.60 12.91 10.48
C GLY KG 1012 80.16 12.63 10.07
N LYS KG 1013 79.94 11.48 9.42
CA LYS KG 1013 78.69 11.24 8.70
C LYS KG 1013 77.51 11.01 9.63
N ALA KG 1014 77.66 10.10 10.60
CA ALA KG 1014 76.57 9.78 11.51
C ALA KG 1014 76.25 10.96 12.41
N TRP KG 1015 77.27 11.66 12.89
CA TRP KG 1015 77.04 12.85 13.69
C TRP KG 1015 76.44 13.97 12.84
N SER KG 1016 76.73 14.01 11.54
CA SER KG 1016 76.13 15.00 10.66
C SER KG 1016 74.64 14.77 10.50
N GLN KG 1017 74.24 13.53 10.20
CA GLN KG 1017 72.82 13.25 10.02
C GLN KG 1017 72.05 13.36 11.33
N GLN KG 1018 72.67 12.97 12.46
CA GLN KG 1018 71.99 13.14 13.73
C GLN KG 1018 71.93 14.61 14.16
N ALA KG 1019 72.91 15.42 13.74
CA ALA KG 1019 72.84 16.85 14.03
C ALA KG 1019 71.75 17.53 13.24
N GLN KG 1020 71.59 17.15 11.97
CA GLN KG 1020 70.45 17.65 11.20
C GLN KG 1020 69.14 17.10 11.76
N GLN KG 1021 69.19 15.93 12.38
CA GLN KG 1021 68.01 15.40 13.08
C GLN KG 1021 67.64 16.26 14.29
N LEU KG 1022 68.62 16.63 15.11
CA LEU KG 1022 68.34 17.32 16.37
C LEU KG 1022 68.42 18.83 16.27
N PHE KG 1023 68.62 19.38 15.07
CA PHE KG 1023 68.84 20.81 14.92
C PHE KG 1023 67.59 21.64 15.21
N ASN KG 1024 66.42 21.00 15.22
CA ASN KG 1024 65.14 21.72 15.24
C ASN KG 1024 64.53 21.85 16.64
N THR KG 1025 65.32 21.93 17.71
CA THR KG 1025 64.76 22.21 19.03
C THR KG 1025 64.80 23.71 19.32
N PRO KG 1026 63.67 24.35 19.60
CA PRO KG 1026 63.64 25.81 19.75
C PRO KG 1026 64.17 26.26 21.10
N THR KG 1027 64.54 27.55 21.16
CA THR KG 1027 65.02 28.18 22.38
C THR KG 1027 63.84 28.76 23.13
N THR KG 1028 63.61 28.27 24.34
CA THR KG 1028 62.45 28.69 25.10
C THR KG 1028 62.76 29.95 25.91
N VAL KG 1029 61.70 30.59 26.40
CA VAL KG 1029 61.82 31.77 27.25
C VAL KG 1029 61.41 31.36 28.66
N GLU KG 1030 61.85 32.14 29.64
CA GLU KG 1030 61.64 31.76 31.03
C GLU KG 1030 61.23 32.97 31.85
N VAL KG 1031 60.03 32.91 32.42
CA VAL KG 1031 59.62 33.94 33.37
C VAL KG 1031 60.35 33.73 34.68
N TYR KG 1032 60.38 34.79 35.50
CA TYR KG 1032 61.10 34.78 36.75
C TYR KG 1032 60.17 35.10 37.92
N SER KG 1033 60.48 34.55 39.10
CA SER KG 1033 59.53 34.50 40.20
C SER KG 1033 59.64 35.66 41.17
N GLY KG 1034 60.10 36.83 40.73
CA GLY KG 1034 60.19 37.95 41.66
C GLY KG 1034 59.65 39.26 41.13
N THR KG 1035 58.97 39.21 39.99
CA THR KG 1035 58.37 40.38 39.38
C THR KG 1035 56.91 40.07 39.09
N GLY KG 1036 56.03 41.01 39.40
CA GLY KG 1036 54.63 40.88 39.06
C GLY KG 1036 54.38 41.10 37.58
N LEU KG 1037 53.10 41.26 37.26
CA LEU KG 1037 52.70 41.41 35.86
C LEU KG 1037 51.43 42.25 35.80
N GLY KG 1038 51.02 42.54 34.56
CA GLY KG 1038 49.87 43.39 34.31
C GLY KG 1038 48.68 42.58 33.80
N ILE KG 1039 47.50 43.14 34.00
CA ILE KG 1039 46.25 42.54 33.57
C ILE KG 1039 45.39 43.64 32.94
N LEU KG 1040 45.16 43.55 31.64
CA LEU KG 1040 44.28 44.52 30.99
C LEU KG 1040 42.97 43.85 30.60
N PHE KG 1041 41.88 44.42 31.07
CA PHE KG 1041 40.59 43.76 31.09
C PHE KG 1041 39.97 43.68 29.70
N THR KG 1042 39.09 42.70 29.53
CA THR KG 1042 38.41 42.44 28.28
C THR KG 1042 36.89 42.54 28.39
N GLN KG 1043 36.30 41.93 29.42
CA GLN KG 1043 34.86 41.96 29.64
C GLN KG 1043 34.59 42.52 31.04
N ASP KG 1044 33.30 42.72 31.33
CA ASP KG 1044 32.88 43.22 32.62
C ASP KG 1044 32.32 42.09 33.48
N VAL KG 1045 32.61 42.15 34.78
CA VAL KG 1045 32.05 41.26 35.79
C VAL KG 1045 31.42 42.12 36.88
N THR KG 1046 30.90 41.47 37.92
CA THR KG 1046 30.24 42.19 39.00
C THR KG 1046 31.20 42.57 40.12
N ILE LG 862 36.58 24.84 52.42
CA ILE LG 862 36.53 25.62 51.20
C ILE LG 862 37.93 26.14 50.85
N ILE LG 863 38.38 25.79 49.66
CA ILE LG 863 39.69 26.18 49.15
C ILE LG 863 39.49 27.18 48.03
N LYS LG 864 40.12 28.35 48.16
CA LYS LG 864 40.04 29.38 47.13
C LYS LG 864 40.71 28.89 45.86
N THR LG 865 40.23 29.40 44.72
CA THR LG 865 40.54 28.78 43.43
C THR LG 865 41.99 29.04 43.03
N GLY LG 866 42.87 28.11 43.37
CA GLY LG 866 44.25 28.16 42.91
C GLY LG 866 45.24 28.87 43.79
N ASP LG 867 45.33 28.46 45.06
CA ASP LG 867 46.33 28.99 45.99
C ASP LG 867 47.40 27.93 46.25
N ILE LG 868 48.26 28.22 47.22
CA ILE LG 868 49.54 27.55 47.40
C ILE LG 868 49.48 26.67 48.64
N MET LG 869 50.01 25.44 48.52
CA MET LG 869 50.14 24.51 49.64
C MET LG 869 51.43 23.73 49.47
N PHE LG 870 51.77 22.92 50.47
CA PHE LG 870 52.98 22.12 50.44
C PHE LG 870 52.65 20.65 50.57
N ALA LG 871 53.61 19.81 50.19
CA ALA LG 871 53.54 18.37 50.42
C ALA LG 871 54.95 17.84 50.59
N VAL LG 872 55.07 16.74 51.33
CA VAL LG 872 56.35 16.13 51.64
C VAL LG 872 56.41 14.78 50.97
N LEU LG 873 57.45 14.57 50.17
CA LEU LG 873 57.57 13.37 49.34
C LEU LG 873 58.58 12.41 49.96
N ASP LG 874 58.17 11.14 50.04
CA ASP LG 874 58.90 10.15 50.81
C ASP LG 874 59.42 9.01 49.93
N THR LG 875 58.85 8.87 48.73
CA THR LG 875 59.19 7.77 47.83
C THR LG 875 59.58 8.33 46.46
N SER LG 876 60.60 7.71 45.83
CA SER LG 876 61.14 8.19 44.57
C SER LG 876 60.82 7.25 43.42
N VAL LG 877 60.96 7.75 42.19
CA VAL LG 877 60.75 6.97 40.98
C VAL LG 877 61.53 7.65 39.86
N ASN LG 878 62.05 6.84 38.94
CA ASN LG 878 62.59 7.34 37.68
C ASN LG 878 61.44 7.59 36.70
N SER LG 879 61.62 8.58 35.84
CA SER LG 879 60.55 8.97 34.93
C SER LG 879 60.45 8.05 33.73
N ASP LG 880 60.13 6.77 33.97
CA ASP LG 880 59.99 5.81 32.88
C ASP LG 880 58.58 5.23 32.78
N GLU LG 881 58.02 4.76 33.89
CA GLU LG 881 56.67 4.21 33.88
C GLU LG 881 55.86 4.93 34.94
N PRO LG 882 54.98 5.86 34.56
CA PRO LG 882 54.17 6.58 35.56
C PRO LG 882 53.16 5.65 36.21
N GLY LG 883 52.80 6.00 37.43
CA GLY LG 883 51.89 5.20 38.22
C GLY LG 883 51.49 5.93 39.48
N PRO LG 884 50.89 5.21 40.43
CA PRO LG 884 50.51 5.85 41.71
C PRO LG 884 51.72 6.25 42.54
N ILE LG 885 51.88 7.55 42.72
CA ILE LG 885 52.89 8.11 43.60
C ILE LG 885 52.21 9.12 44.51
N LEU LG 886 52.47 9.02 45.82
CA LEU LG 886 51.69 9.72 46.83
C LEU LG 886 52.59 10.59 47.70
N ALA LG 887 52.08 11.76 48.05
CA ALA LG 887 52.69 12.69 48.98
C ALA LG 887 51.78 12.86 50.19
N THR LG 888 52.28 13.57 51.20
CA THR LG 888 51.54 13.78 52.44
C THR LG 888 51.54 15.26 52.76
N ILE LG 889 50.34 15.85 52.83
CA ILE LG 889 50.22 17.24 53.26
C ILE LG 889 50.42 17.28 54.78
N VAL LG 890 51.37 18.10 55.23
CA VAL LG 890 51.81 18.06 56.61
C VAL LG 890 51.37 19.28 57.41
N THR LG 891 50.94 20.36 56.76
CA THR LG 891 50.46 21.54 57.47
C THR LG 891 49.20 22.08 56.79
N GLY LG 892 48.78 23.28 57.19
CA GLY LG 892 47.64 23.90 56.55
C GLY LG 892 46.32 23.56 57.21
N LYS LG 893 45.24 23.69 56.43
CA LYS LG 893 43.90 23.39 56.92
C LYS LG 893 43.70 21.90 57.16
N LEU LG 894 44.22 21.06 56.27
CA LEU LG 894 44.04 19.62 56.38
C LEU LG 894 45.30 18.97 56.94
N LYS LG 895 45.13 18.18 58.00
CA LYS LG 895 46.25 17.54 58.69
C LYS LG 895 46.13 16.03 58.52
N GLY LG 896 47.25 15.38 58.21
CA GLY LG 896 47.28 13.95 58.03
C GLY LG 896 46.85 13.49 56.64
N SER LG 897 46.54 14.42 55.75
CA SER LG 897 46.01 14.08 54.44
C SER LG 897 47.09 13.50 53.54
N LYS LG 898 46.73 12.53 52.71
CA LYS LG 898 47.67 11.94 51.78
C LYS LG 898 47.04 11.81 50.39
N LEU LG 899 47.88 11.92 49.37
CA LEU LG 899 47.41 12.28 48.03
C LEU LG 899 48.20 11.50 46.98
N ILE LG 900 47.49 10.77 46.14
CA ILE LG 900 48.06 9.96 45.07
C ILE LG 900 47.95 10.73 43.76
N GLY LG 901 48.85 10.43 42.83
CA GLY LG 901 48.85 11.04 41.53
C GLY LG 901 49.92 10.42 40.66
N SER LG 902 50.38 11.13 39.64
CA SER LG 902 51.40 10.59 38.74
C SER LG 902 52.16 11.77 38.14
N PHE LG 903 52.87 11.51 37.05
CA PHE LG 903 53.57 12.53 36.28
C PHE LG 903 53.31 12.33 34.79
N ASN LG 904 54.04 13.09 33.97
CA ASN LG 904 53.94 13.00 32.52
C ASN LG 904 55.33 12.74 31.95
N LEU LG 905 55.35 12.17 30.75
CA LEU LG 905 56.60 11.84 30.10
C LEU LG 905 56.97 12.92 29.08
N PRO LG 906 58.05 13.66 29.30
CA PRO LG 906 58.38 14.77 28.41
C PRO LG 906 59.31 14.35 27.27
N SER LG 907 59.17 15.08 26.15
CA SER LG 907 60.11 14.95 25.04
C SER LG 907 61.44 15.63 25.36
N ASN LG 908 61.38 16.79 26.01
CA ASN LG 908 62.55 17.53 26.41
C ASN LG 908 62.64 17.52 27.94
N ALA LG 909 63.83 17.21 28.45
CA ALA LG 909 64.02 16.90 29.86
C ALA LG 909 64.47 18.11 30.68
N ASP LG 910 64.05 19.31 30.32
CA ASP LG 910 64.48 20.51 31.04
C ASP LG 910 63.65 20.80 32.29
N LYS LG 911 62.51 20.14 32.46
CA LYS LG 911 61.73 20.23 33.69
C LYS LG 911 60.80 19.02 33.79
N MET LG 912 60.28 18.80 34.99
CA MET LG 912 59.41 17.67 35.26
C MET LG 912 58.36 18.09 36.29
N VAL LG 913 57.10 17.71 36.03
CA VAL LG 913 55.97 18.11 36.84
C VAL LG 913 55.30 16.85 37.40
N ILE LG 914 54.56 17.03 38.49
CA ILE LG 914 53.82 15.96 39.14
C ILE LG 914 52.36 16.36 39.21
N THR LG 915 51.48 15.53 38.66
CA THR LG 915 50.05 15.80 38.67
C THR LG 915 49.38 14.88 39.69
N PHE LG 916 48.63 15.48 40.60
CA PHE LG 916 48.11 14.80 41.78
C PHE LG 916 46.59 14.79 41.73
N ASN LG 917 45.98 13.62 41.94
CA ASN LG 917 44.53 13.58 41.73
C ASN LG 917 43.72 13.02 42.89
N THR LG 918 44.21 11.98 43.56
CA THR LG 918 43.40 11.24 44.54
C THR LG 918 43.78 11.72 45.93
N MET LG 919 43.07 12.73 46.42
CA MET LG 919 43.40 13.39 47.69
C MET LG 919 42.43 12.88 48.75
N SER LG 920 42.95 12.31 49.83
CA SER LG 920 42.10 11.83 50.92
C SER LG 920 42.54 12.42 52.25
N ILE LG 921 41.56 12.84 53.04
CA ILE LG 921 41.73 13.37 54.38
C ILE LG 921 41.36 12.26 55.36
N PRO LG 922 42.15 12.03 56.42
CA PRO LG 922 41.75 11.02 57.41
C PRO LG 922 40.63 11.49 58.31
N GLY LG 923 40.17 10.62 59.20
CA GLY LG 923 39.05 10.94 60.06
C GLY LG 923 37.73 10.45 59.50
N ALA LG 924 37.35 10.98 58.34
CA ALA LG 924 36.12 10.60 57.68
C ALA LG 924 36.42 9.92 56.34
N GLU LG 925 35.41 9.20 55.82
CA GLU LG 925 35.53 8.54 54.53
C GLU LG 925 34.95 9.45 53.44
N LYS LG 926 35.82 10.27 52.87
CA LYS LG 926 35.51 11.11 51.73
C LYS LG 926 36.68 11.06 50.76
N THR LG 927 36.41 11.35 49.49
CA THR LG 927 37.46 11.38 48.48
C THR LG 927 37.20 12.60 47.58
N ILE LG 928 37.78 13.74 47.93
CA ILE LG 928 37.71 14.91 47.07
C ILE LG 928 38.70 14.70 45.92
N SER LG 929 38.43 15.33 44.79
CA SER LG 929 39.10 14.95 43.54
C SER LG 929 39.86 16.10 42.90
N ILE LG 930 40.65 16.82 43.70
CA ILE LG 930 41.39 17.98 43.22
C ILE LG 930 42.53 17.51 42.32
N SER LG 931 42.63 18.12 41.15
CA SER LG 931 43.75 17.95 40.24
C SER LG 931 44.67 19.16 40.36
N ALA LG 932 45.96 18.93 40.57
CA ALA LG 932 46.90 20.02 40.76
C ALA LG 932 48.25 19.63 40.16
N TYR LG 933 49.11 20.63 39.97
CA TYR LG 933 50.46 20.46 39.44
C TYR LG 933 51.47 20.57 40.58
N ALA LG 934 52.75 20.49 40.24
CA ALA LG 934 53.82 20.60 41.20
C ALA LG 934 54.91 21.56 40.70
N ILE LG 935 55.58 22.19 41.66
CA ILE LG 935 56.75 23.03 41.39
C ILE LG 935 57.84 22.61 42.37
N ASP LG 936 59.09 22.86 42.01
CA ASP LG 936 60.13 22.72 43.03
C ASP LG 936 60.06 23.91 43.98
N PRO LG 937 59.93 23.67 45.28
CA PRO LG 937 59.89 24.79 46.22
C PRO LG 937 61.27 25.37 46.46
N ASN LG 938 61.30 26.51 47.15
CA ASN LG 938 62.47 27.30 47.54
C ASN LG 938 63.21 27.91 46.35
N THR LG 939 62.70 27.77 45.13
CA THR LG 939 63.23 28.47 43.98
C THR LG 939 62.05 29.09 43.24
N ALA LG 940 60.86 28.54 43.51
CA ALA LG 940 59.59 28.93 42.92
C ALA LG 940 59.63 28.83 41.40
N ARG LG 941 60.21 27.72 40.92
CA ARG LG 941 60.25 27.40 39.50
C ARG LG 941 59.71 25.99 39.30
N THR LG 942 59.68 25.56 38.05
CA THR LG 942 59.10 24.28 37.70
C THR LG 942 60.12 23.20 37.37
N ALA LG 943 61.42 23.47 37.55
CA ALA LG 943 62.44 22.49 37.21
C ALA LG 943 62.50 21.38 38.25
N LEU LG 944 63.04 20.24 37.85
CA LEU LG 944 63.25 19.11 38.75
C LEU LG 944 64.73 18.99 39.06
N ALA LG 945 65.04 18.77 40.34
CA ALA LG 945 66.42 18.58 40.80
C ALA LG 945 66.84 17.14 40.55
N SER LG 946 67.46 16.91 39.39
CA SER LG 946 67.91 15.58 38.99
C SER LG 946 69.03 15.72 37.98
N ARG LG 947 69.33 14.63 37.30
CA ARG LG 947 70.33 14.59 36.24
C ARG LG 947 69.65 14.44 34.88
N THR LG 948 70.29 15.02 33.86
CA THR LG 948 69.75 14.98 32.50
C THR LG 948 70.74 14.41 31.49
N ASN LG 949 71.95 14.03 31.89
CA ASN LG 949 72.99 13.56 30.99
C ASN LG 949 73.21 12.06 31.09
N HIS LG 950 72.14 11.26 31.23
CA HIS LG 950 72.28 9.86 31.58
C HIS LG 950 72.90 9.01 30.46
N HIS LG 951 72.39 9.11 29.25
CA HIS LG 951 72.86 8.24 28.17
C HIS LG 951 73.03 9.03 26.88
N TYR LG 952 73.68 10.17 26.94
CA TYR LG 952 74.24 10.76 25.72
C TYR LG 952 75.52 10.03 25.31
N LEU LG 953 76.44 9.93 26.27
CA LEU LG 953 77.81 9.57 25.95
C LEU LG 953 77.95 8.09 25.61
N MET LG 954 77.10 7.23 26.18
CA MET LG 954 77.18 5.80 25.90
C MET LG 954 76.87 5.49 24.44
N ARG LG 955 75.72 5.97 23.95
CA ARG LG 955 75.36 5.74 22.56
C ARG LG 955 76.25 6.52 21.61
N TYR LG 956 76.69 7.73 22.02
CA TYR LG 956 77.61 8.52 21.21
C TYR LG 956 78.93 7.79 20.99
N GLY LG 957 79.51 7.27 22.07
CA GLY LG 957 80.78 6.56 21.96
C GLY LG 957 80.67 5.26 21.21
N SER LG 958 79.58 4.51 21.43
CA SER LG 958 79.40 3.26 20.70
C SER LG 958 79.26 3.49 19.20
N LEU LG 959 78.48 4.50 18.82
CA LEU LG 959 78.32 4.85 17.40
C LEU LG 959 79.63 5.33 16.79
N PHE LG 960 80.36 6.18 17.51
CA PHE LG 960 81.61 6.71 16.97
C PHE LG 960 82.68 5.64 16.86
N ALA LG 961 82.69 4.69 17.79
CA ALA LG 961 83.64 3.58 17.69
C ALA LG 961 83.29 2.66 16.52
N SER LG 962 82.00 2.41 16.29
CA SER LG 962 81.59 1.61 15.13
C SER LG 962 81.98 2.28 13.83
N SER LG 963 81.79 3.60 13.75
CA SER LG 963 82.23 4.37 12.60
C SER LG 963 83.72 4.24 12.37
N PHE LG 964 84.53 4.50 13.41
CA PHE LG 964 85.99 4.43 13.33
C PHE LG 964 86.48 3.07 12.88
N LEU LG 965 85.81 2.00 13.31
CA LEU LG 965 86.13 0.66 12.83
C LEU LG 965 85.88 0.52 11.33
N GLN LG 966 84.69 0.96 10.88
CA GLN LG 966 84.37 0.91 9.44
C GLN LG 966 85.40 1.66 8.61
N GLY LG 967 85.74 2.88 9.06
CA GLY LG 967 86.69 3.70 8.35
C GLY LG 967 88.08 3.10 8.33
N PHE LG 968 88.46 2.41 9.42
CA PHE LG 968 89.80 1.83 9.48
C PHE LG 968 89.96 0.72 8.50
N GLY LG 969 88.96 -0.18 8.46
CA GLY LG 969 89.02 -1.27 7.52
C GLY LG 969 89.01 -0.82 6.08
N ASN LG 970 88.11 0.11 5.73
CA ASN LG 970 88.04 0.51 4.32
C ASN LG 970 89.24 1.34 3.88
N ALA LG 971 89.70 2.29 4.71
CA ALA LG 971 90.78 3.16 4.26
C ALA LG 971 92.12 2.44 4.26
N PHE LG 972 92.39 1.60 5.26
CA PHE LG 972 93.63 0.85 5.17
C PHE LG 972 93.53 -0.35 4.25
N GLN LG 973 92.33 -0.69 3.75
CA GLN LG 973 92.25 -1.55 2.57
C GLN LG 973 92.60 -0.77 1.31
N SER LG 974 92.14 0.48 1.22
CA SER LG 974 92.34 1.27 0.01
C SER LG 974 93.80 1.64 -0.17
N ALA LG 975 94.52 1.88 0.92
CA ALA LG 975 95.91 2.31 0.84
C ALA LG 975 96.89 1.14 0.68
N ASN LG 976 96.44 -0.01 0.20
CA ASN LG 976 97.31 -1.17 0.08
C ASN LG 976 98.29 -1.05 -1.07
N THR LG 977 97.86 -0.53 -2.23
CA THR LG 977 98.76 -0.48 -3.38
C THR LG 977 99.77 0.64 -3.27
N THR LG 978 99.33 1.84 -2.91
CA THR LG 978 100.23 2.98 -2.83
C THR LG 978 100.56 3.34 -1.38
N SER LG 999 100.79 -9.52 6.91
CA SER LG 999 99.52 -10.21 7.09
C SER LG 999 98.77 -9.64 8.27
N THR LG 1000 99.53 -9.15 9.26
CA THR LG 1000 98.93 -8.61 10.48
C THR LG 1000 98.12 -7.35 10.21
N LEU LG 1001 98.65 -6.43 9.41
CA LEU LG 1001 97.91 -5.22 9.07
C LEU LG 1001 96.72 -5.54 8.18
N GLU LG 1002 96.85 -6.59 7.35
CA GLU LG 1002 95.73 -7.11 6.59
C GLU LG 1002 94.61 -7.59 7.50
N ASN LG 1003 94.97 -8.28 8.59
CA ASN LG 1003 93.95 -8.77 9.52
C ASN LG 1003 93.35 -7.63 10.33
N ALA LG 1004 94.13 -6.57 10.56
CA ALA LG 1004 93.57 -5.35 11.13
C ALA LG 1004 92.51 -4.74 10.22
N VAL LG 1005 92.81 -4.65 8.92
CA VAL LG 1005 91.86 -4.22 7.90
C VAL LG 1005 90.62 -5.09 7.93
N ILE LG 1006 90.82 -6.39 8.06
CA ILE LG 1006 89.75 -7.38 8.10
C ILE LG 1006 88.79 -7.13 9.25
N GLY LG 1007 89.34 -6.99 10.46
CA GLY LG 1007 88.50 -6.93 11.63
C GLY LG 1007 87.74 -5.63 11.70
N LEU LG 1008 88.43 -4.53 11.42
CA LEU LG 1008 87.79 -3.23 11.46
C LEU LG 1008 86.78 -3.08 10.33
N ALA LG 1009 87.13 -3.60 9.13
CA ALA LG 1009 86.27 -3.52 7.94
C ALA LG 1009 84.96 -4.25 8.12
N THR LG 1010 84.95 -5.31 8.91
CA THR LG 1010 83.68 -5.99 9.00
C THR LG 1010 82.92 -5.77 10.30
N VAL LG 1011 83.59 -5.41 11.39
CA VAL LG 1011 82.83 -5.11 12.60
C VAL LG 1011 82.46 -3.64 12.72
N GLY LG 1012 82.92 -2.78 11.80
CA GLY LG 1012 82.35 -1.44 11.75
C GLY LG 1012 80.91 -1.43 11.32
N LYS LG 1013 80.56 -2.27 10.35
CA LYS LG 1013 79.29 -2.12 9.64
C LYS LG 1013 78.09 -2.54 10.48
N ALA LG 1014 78.15 -3.75 11.06
CA ALA LG 1014 77.04 -4.26 11.85
C ALA LG 1014 76.83 -3.44 13.11
N TRP LG 1015 77.92 -3.03 13.76
CA TRP LG 1015 77.81 -2.18 14.94
C TRP LG 1015 77.33 -0.78 14.56
N SER LG 1016 77.63 -0.31 13.35
CA SER LG 1016 77.13 0.99 12.91
C SER LG 1016 75.62 0.97 12.73
N GLN LG 1017 75.10 -0.07 12.07
CA GLN LG 1017 73.65 -0.12 11.87
C GLN LG 1017 72.92 -0.42 13.17
N GLN LG 1018 73.51 -1.20 14.08
CA GLN LG 1018 72.86 -1.42 15.36
C GLN LG 1018 72.94 -0.19 16.26
N ALA LG 1019 74.00 0.62 16.14
CA ALA LG 1019 74.06 1.86 16.89
C ALA LG 1019 73.05 2.87 16.38
N GLN LG 1020 72.85 2.92 15.06
CA GLN LG 1020 71.78 3.74 14.51
C GLN LG 1020 70.41 3.21 14.92
N GLN LG 1021 70.31 1.90 15.14
CA GLN LG 1021 69.08 1.34 15.72
C GLN LG 1021 68.85 1.83 17.14
N LEU LG 1022 69.87 1.75 18.00
CA LEU LG 1022 69.68 2.04 19.43
C LEU LG 1022 69.93 3.49 19.80
N PHE LG 1023 70.17 4.36 18.82
CA PHE LG 1023 70.58 5.73 19.13
C PHE LG 1023 69.42 6.58 19.65
N ASN LG 1024 68.18 6.08 19.62
CA ASN LG 1024 66.99 6.87 19.86
C ASN LG 1024 66.46 6.80 21.31
N THR LG 1025 67.10 6.06 22.22
CA THR LG 1025 66.62 6.04 23.60
C THR LG 1025 67.07 7.31 24.32
N PRO LG 1026 66.15 8.10 24.85
CA PRO LG 1026 66.50 9.42 25.40
C PRO LG 1026 67.08 9.32 26.81
N THR LG 1027 67.37 10.48 27.37
CA THR LG 1027 67.86 10.60 28.74
C THR LG 1027 66.67 10.83 29.67
N THR LG 1028 66.53 9.98 30.69
CA THR LG 1028 65.45 10.12 31.65
C THR LG 1028 65.88 10.99 32.83
N VAL LG 1029 64.89 11.36 33.65
CA VAL LG 1029 65.13 12.06 34.90
C VAL LG 1029 64.54 11.20 36.03
N GLU LG 1030 64.93 11.53 37.26
CA GLU LG 1030 64.47 10.77 38.42
C GLU LG 1030 64.28 11.70 39.60
N VAL LG 1031 63.05 11.74 40.12
CA VAL LG 1031 62.79 12.49 41.34
C VAL LG 1031 63.40 11.76 42.54
N TYR LG 1032 63.51 12.48 43.65
CA TYR LG 1032 64.15 11.92 44.84
C TYR LG 1032 63.13 11.73 45.97
N SER LG 1033 63.46 10.84 46.91
CA SER LG 1033 62.52 10.40 47.92
C SER LG 1033 62.59 11.16 49.24
N GLY LG 1034 63.21 12.33 49.26
CA GLY LG 1034 63.23 13.12 50.48
C GLY LG 1034 63.13 14.60 50.21
N THR LG 1035 62.59 14.97 49.05
CA THR LG 1035 62.52 16.35 48.61
C THR LG 1035 61.07 16.80 48.65
N GLY LG 1036 60.81 17.89 49.36
CA GLY LG 1036 59.47 18.44 49.42
C GLY LG 1036 59.08 19.08 48.10
N LEU LG 1037 57.78 19.33 47.97
CA LEU LG 1037 57.26 19.87 46.73
C LEU LG 1037 56.07 20.76 47.03
N GLY LG 1038 55.72 21.60 46.06
CA GLY LG 1038 54.61 22.52 46.20
C GLY LG 1038 53.39 22.03 45.43
N ILE LG 1039 52.22 22.31 46.01
CA ILE LG 1039 50.94 21.97 45.41
C ILE LG 1039 50.20 23.28 45.19
N LEU LG 1040 50.19 23.76 43.95
CA LEU LG 1040 49.38 24.91 43.61
C LEU LG 1040 48.07 24.41 43.01
N PHE LG 1041 46.96 24.82 43.62
CA PHE LG 1041 45.65 24.26 43.33
C PHE LG 1041 45.11 24.79 42.01
N THR LG 1042 44.05 24.14 41.54
CA THR LG 1042 43.35 24.54 40.32
C THR LG 1042 41.87 24.78 40.55
N GLN LG 1043 41.21 23.95 41.35
CA GLN LG 1043 39.78 24.05 41.59
C GLN LG 1043 39.51 24.12 43.09
N ASP LG 1044 38.22 24.22 43.42
CA ASP LG 1044 37.79 24.30 44.81
C ASP LG 1044 37.26 22.95 45.29
N VAL LG 1045 37.55 22.63 46.55
CA VAL LG 1045 36.93 21.53 47.28
C VAL LG 1045 36.45 22.07 48.62
N THR LG 1046 35.89 21.19 49.44
CA THR LG 1046 35.37 21.62 50.74
C THR LG 1046 35.95 20.77 51.88
N ILE MG 862 38.54 0.30 57.41
CA ILE MG 862 38.83 1.44 56.55
C ILE MG 862 40.34 1.65 56.44
N ILE MG 863 40.84 1.70 55.20
CA ILE MG 863 42.24 1.92 54.90
C ILE MG 863 42.38 3.29 54.26
N LYS MG 864 43.39 4.04 54.69
CA LYS MG 864 43.66 5.35 54.11
C LYS MG 864 44.10 5.21 52.65
N THR MG 865 43.60 6.11 51.81
CA THR MG 865 43.77 5.99 50.36
C THR MG 865 45.20 6.35 49.99
N GLY MG 866 46.05 5.33 49.89
CA GLY MG 866 47.43 5.56 49.53
C GLY MG 866 48.44 5.54 50.66
N ASP MG 867 48.38 4.52 51.49
CA ASP MG 867 49.37 4.30 52.54
C ASP MG 867 50.32 3.17 52.10
N ILE MG 868 51.27 2.83 52.97
CA ILE MG 868 52.37 1.93 52.65
C ILE MG 868 52.26 0.68 53.52
N MET MG 869 52.34 -0.48 52.88
CA MET MG 869 52.29 -1.80 53.51
C MET MG 869 53.53 -2.59 53.11
N PHE MG 870 53.79 -3.67 53.85
CA PHE MG 870 54.92 -4.55 53.57
C PHE MG 870 54.42 -5.89 53.08
N ALA MG 871 55.13 -6.47 52.11
CA ALA MG 871 54.73 -7.75 51.54
C ALA MG 871 55.97 -8.63 51.41
N VAL MG 872 55.76 -9.93 51.62
CA VAL MG 872 56.84 -10.90 51.75
C VAL MG 872 56.96 -11.70 50.47
N LEU MG 873 58.11 -11.61 49.81
CA LEU MG 873 58.35 -12.37 48.60
C LEU MG 873 59.26 -13.55 48.89
N ASP MG 874 58.78 -14.74 48.54
CA ASP MG 874 59.46 -15.98 48.88
C ASP MG 874 59.73 -16.82 47.65
N THR MG 875 59.14 -16.43 46.52
CA THR MG 875 59.31 -17.17 45.28
C THR MG 875 59.85 -16.24 44.17
N SER MG 876 60.67 -16.80 43.29
CA SER MG 876 61.29 -16.04 42.21
C SER MG 876 60.66 -16.36 40.86
N VAL MG 877 60.86 -15.45 39.90
CA VAL MG 877 60.37 -15.61 38.54
C VAL MG 877 61.29 -14.81 37.62
N ASN MG 878 61.56 -15.36 36.44
CA ASN MG 878 62.23 -14.64 35.37
C ASN MG 878 61.22 -13.75 34.64
N SER MG 879 61.71 -12.67 34.04
CA SER MG 879 60.82 -11.74 33.37
C SER MG 879 60.57 -12.16 31.93
N ASP MG 880 59.99 -13.33 31.75
CA ASP MG 880 59.75 -13.86 30.42
C ASP MG 880 58.29 -14.25 30.19
N GLU MG 881 57.64 -14.86 31.17
CA GLU MG 881 56.23 -15.23 31.07
C GLU MG 881 55.52 -14.66 32.29
N PRO MG 882 54.53 -13.77 32.11
CA PRO MG 882 53.80 -13.23 33.27
C PRO MG 882 52.95 -14.30 33.93
N GLY MG 883 52.68 -14.09 35.21
CA GLY MG 883 51.90 -15.04 35.97
C GLY MG 883 51.44 -14.50 37.30
N PRO MG 884 50.49 -15.22 37.92
CA PRO MG 884 50.06 -14.87 39.28
C PRO MG 884 51.15 -15.15 40.30
N ILE MG 885 51.78 -14.07 40.75
CA ILE MG 885 52.83 -14.10 41.76
C ILE MG 885 52.25 -13.47 43.02
N LEU MG 886 52.43 -14.14 44.15
CA LEU MG 886 51.77 -13.76 45.40
C LEU MG 886 52.80 -13.39 46.44
N ALA MG 887 52.51 -12.35 47.20
CA ALA MG 887 53.28 -11.98 48.37
C ALA MG 887 52.37 -12.01 49.59
N THR MG 888 52.96 -11.96 50.78
CA THR MG 888 52.19 -12.08 52.02
C THR MG 888 52.38 -10.82 52.84
N ILE MG 889 51.27 -10.14 53.12
CA ILE MG 889 51.32 -8.97 54.00
C ILE MG 889 51.54 -9.45 55.42
N VAL MG 890 52.54 -8.89 56.10
CA VAL MG 890 52.87 -9.29 57.46
C VAL MG 890 52.52 -8.22 58.49
N THR MG 891 52.09 -7.04 58.06
CA THR MG 891 51.87 -5.93 59.00
C THR MG 891 50.43 -5.43 58.96
N GLY MG 892 50.16 -4.36 59.71
CA GLY MG 892 48.86 -3.73 59.67
C GLY MG 892 47.80 -4.50 60.42
N LYS MG 893 46.55 -4.14 60.13
CA LYS MG 893 45.41 -4.77 60.80
C LYS MG 893 45.14 -6.17 60.29
N LEU MG 894 45.41 -6.43 59.02
CA LEU MG 894 45.13 -7.72 58.41
C LEU MG 894 46.27 -8.69 58.67
N LYS MG 895 45.97 -9.80 59.34
CA LYS MG 895 46.98 -10.79 59.71
C LYS MG 895 46.73 -12.07 58.91
N GLY MG 896 47.80 -12.63 58.36
CA GLY MG 896 47.68 -13.82 57.53
C GLY MG 896 47.24 -13.53 56.11
N SER MG 897 47.17 -12.25 55.75
CA SER MG 897 46.63 -11.87 54.45
C SER MG 897 47.68 -11.96 53.36
N LYS MG 898 47.26 -12.31 52.14
CA LYS MG 898 48.20 -12.40 51.05
C LYS MG 898 47.57 -11.91 49.74
N LEU MG 899 48.42 -11.51 48.80
CA LEU MG 899 48.00 -10.72 47.65
C LEU MG 899 48.76 -11.19 46.42
N ILE MG 900 48.01 -11.60 45.39
CA ILE MG 900 48.57 -12.06 44.12
C ILE MG 900 48.44 -10.95 43.09
N GLY MG 901 49.33 -10.99 42.10
CA GLY MG 901 49.33 -10.04 41.01
C GLY MG 901 50.23 -10.53 39.91
N SER MG 902 50.80 -9.63 39.13
CA SER MG 902 51.66 -10.04 38.02
C SER MG 902 52.64 -8.91 37.74
N PHE MG 903 53.54 -9.14 36.79
CA PHE MG 903 54.53 -8.16 36.38
C PHE MG 903 54.31 -7.79 34.92
N ASN MG 904 55.08 -6.80 34.47
CA ASN MG 904 55.02 -6.31 33.10
C ASN MG 904 56.44 -6.18 32.56
N LEU MG 905 56.56 -6.30 31.24
CA LEU MG 905 57.87 -6.18 30.62
C LEU MG 905 58.05 -4.82 30.00
N PRO MG 906 58.90 -3.96 30.55
CA PRO MG 906 59.16 -2.68 29.92
C PRO MG 906 60.09 -2.83 28.71
N SER MG 907 60.03 -1.83 27.83
CA SER MG 907 60.89 -1.81 26.66
C SER MG 907 62.35 -1.62 27.03
N ASN MG 908 62.64 -0.76 28.00
CA ASN MG 908 63.99 -0.55 28.49
C ASN MG 908 64.07 -1.09 29.91
N ALA MG 909 65.27 -1.51 30.31
CA ALA MG 909 65.48 -2.20 31.57
C ALA MG 909 65.77 -1.26 32.73
N ASP MG 910 65.21 -0.04 32.71
CA ASP MG 910 65.47 0.97 33.73
C ASP MG 910 64.90 0.60 35.10
N LYS MG 911 63.75 -0.08 35.14
CA LYS MG 911 63.22 -0.61 36.39
C LYS MG 911 62.23 -1.73 36.06
N MET MG 912 61.97 -2.57 37.06
CA MET MG 912 61.06 -3.70 36.93
C MET MG 912 60.23 -3.78 38.20
N VAL MG 913 58.91 -3.84 38.02
CA VAL MG 913 57.96 -3.63 39.11
C VAL MG 913 56.86 -4.70 39.03
N ILE MG 914 56.16 -4.87 40.15
CA ILE MG 914 55.09 -5.85 40.26
C ILE MG 914 53.79 -5.13 40.58
N THR MG 915 52.74 -5.41 39.81
CA THR MG 915 51.40 -4.90 40.08
C THR MG 915 50.63 -5.98 40.82
N PHE MG 916 49.80 -5.57 41.78
CA PHE MG 916 49.16 -6.50 42.70
C PHE MG 916 47.66 -6.21 42.77
N ASN MG 917 46.85 -7.24 42.53
CA ASN MG 917 45.42 -6.96 42.49
C ASN MG 917 44.58 -7.85 43.40
N THR MG 918 44.83 -9.16 43.43
CA THR MG 918 43.89 -10.09 44.06
C THR MG 918 44.30 -10.25 45.51
N MET MG 919 43.60 -9.56 46.40
CA MET MG 919 43.96 -9.46 47.81
C MET MG 919 43.01 -10.35 48.61
N SER MG 920 43.56 -11.14 49.52
CA SER MG 920 42.76 -12.07 50.31
C SER MG 920 43.10 -11.91 51.80
N ILE MG 921 42.05 -11.75 52.60
CA ILE MG 921 42.12 -11.73 54.06
C ILE MG 921 41.63 -13.08 54.56
N PRO MG 922 42.40 -13.81 55.38
CA PRO MG 922 41.99 -15.16 55.75
C PRO MG 922 40.88 -15.19 56.79
N GLY MG 923 40.44 -16.40 57.15
CA GLY MG 923 39.37 -16.55 58.11
C GLY MG 923 38.01 -16.58 57.44
N ALA MG 924 37.59 -15.45 56.89
CA ALA MG 924 36.31 -15.32 56.21
C ALA MG 924 36.51 -15.36 54.71
N GLU MG 925 35.44 -15.75 54.01
CA GLU MG 925 35.48 -15.89 52.55
C GLU MG 925 35.18 -14.54 51.91
N LYS MG 926 36.24 -13.72 51.79
CA LYS MG 926 36.18 -12.50 51.02
C LYS MG 926 37.48 -12.38 50.22
N THR MG 927 37.38 -11.70 49.08
CA THR MG 927 38.54 -11.47 48.22
C THR MG 927 38.38 -10.09 47.60
N ILE MG 928 39.01 -9.09 48.20
CA ILE MG 928 38.96 -7.72 47.69
C ILE MG 928 39.95 -7.58 46.55
N SER MG 929 39.84 -6.51 45.78
CA SER MG 929 40.70 -6.32 44.62
C SER MG 929 41.40 -4.96 44.65
N ILE MG 930 42.04 -4.63 45.77
CA ILE MG 930 42.77 -3.37 45.89
C ILE MG 930 44.01 -3.43 45.00
N SER MG 931 44.13 -2.45 44.12
CA SER MG 931 45.24 -2.34 43.19
C SER MG 931 46.34 -1.50 43.81
N ALA MG 932 47.59 -1.87 43.56
CA ALA MG 932 48.72 -1.18 44.15
C ALA MG 932 49.96 -1.41 43.28
N TYR MG 933 50.99 -0.60 43.51
CA TYR MG 933 52.28 -0.76 42.85
C TYR MG 933 53.34 -1.12 43.88
N ALA MG 934 54.58 -1.27 43.42
CA ALA MG 934 55.67 -1.78 44.25
C ALA MG 934 56.83 -0.79 44.31
N ILE MG 935 57.55 -0.82 45.42
CA ILE MG 935 58.79 -0.06 45.56
C ILE MG 935 59.86 -0.95 46.17
N ASP MG 936 61.12 -0.65 45.89
CA ASP MG 936 62.22 -1.38 46.49
C ASP MG 936 62.33 -0.98 47.96
N PRO MG 937 62.32 -1.94 48.89
CA PRO MG 937 62.43 -1.61 50.31
C PRO MG 937 63.78 -0.99 50.65
N ASN MG 938 63.74 -0.07 51.61
CA ASN MG 938 64.85 0.76 52.12
C ASN MG 938 65.52 1.60 51.04
N THR MG 939 64.88 1.84 49.90
CA THR MG 939 65.42 2.70 48.87
C THR MG 939 64.38 3.76 48.54
N ALA MG 940 63.11 3.41 48.80
CA ALA MG 940 61.92 4.18 48.43
C ALA MG 940 61.93 4.51 46.95
N ARG MG 941 62.32 3.51 46.15
CA ARG MG 941 62.40 3.64 44.71
C ARG MG 941 61.79 2.40 44.08
N THR MG 942 61.55 2.47 42.78
CA THR MG 942 60.77 1.44 42.09
C THR MG 942 61.62 0.46 41.30
N ALA MG 943 62.94 0.50 41.41
CA ALA MG 943 63.78 -0.39 40.64
C ALA MG 943 63.79 -1.79 41.23
N LEU MG 944 64.23 -2.76 40.43
CA LEU MG 944 64.39 -4.15 40.86
C LEU MG 944 65.87 -4.48 40.98
N ALA MG 945 66.21 -5.18 42.07
CA ALA MG 945 67.58 -5.64 42.30
C ALA MG 945 67.78 -6.98 41.59
N SER MG 946 68.33 -6.91 40.38
CA SER MG 946 68.62 -8.10 39.58
C SER MG 946 69.75 -7.76 38.61
N ARG MG 947 69.92 -8.63 37.61
CA ARG MG 947 70.94 -8.47 36.59
C ARG MG 947 70.34 -7.92 35.30
N THR MG 948 71.15 -7.14 34.57
CA THR MG 948 70.72 -6.56 33.31
C THR MG 948 71.73 -6.74 32.18
N ASN MG 949 72.92 -7.26 32.44
CA ASN MG 949 73.93 -7.51 31.41
C ASN MG 949 73.92 -8.96 30.95
N HIS MG 950 72.73 -9.57 30.90
CA HIS MG 950 72.62 -11.01 30.71
C HIS MG 950 72.97 -11.45 29.29
N HIS MG 951 72.47 -10.74 28.28
CA HIS MG 951 72.65 -11.19 26.90
C HIS MG 951 73.01 -10.02 26.00
N TYR MG 952 73.99 -9.23 26.42
CA TYR MG 952 74.68 -8.32 25.52
C TYR MG 952 75.88 -8.98 24.86
N LEU MG 953 76.72 -9.61 25.68
CA LEU MG 953 78.05 -10.02 25.26
C LEU MG 953 77.99 -11.22 24.31
N MET MG 954 77.03 -12.13 24.52
CA MET MG 954 76.94 -13.33 23.70
C MET MG 954 76.60 -12.99 22.25
N ARG MG 955 75.53 -12.20 22.06
CA ARG MG 955 75.14 -11.80 20.71
C ARG MG 955 76.18 -10.86 20.09
N TYR MG 956 76.80 -9.99 20.89
CA TYR MG 956 77.86 -9.12 20.39
C TYR MG 956 79.03 -9.93 19.85
N GLY MG 957 79.47 -10.92 20.62
CA GLY MG 957 80.61 -11.74 20.20
C GLY MG 957 80.31 -12.59 18.99
N SER MG 958 79.11 -13.19 18.94
CA SER MG 958 78.75 -14.03 17.80
C SER MG 958 78.66 -13.20 16.52
N LEU MG 959 78.04 -12.01 16.60
CA LEU MG 959 77.92 -11.14 15.43
C LEU MG 959 79.28 -10.65 14.96
N PHE MG 960 80.13 -10.21 15.89
CA PHE MG 960 81.43 -9.68 15.49
C PHE MG 960 82.35 -10.77 14.97
N ALA MG 961 82.20 -11.99 15.48
CA ALA MG 961 83.00 -13.10 14.95
C ALA MG 961 82.58 -13.47 13.53
N SER MG 962 81.27 -13.51 13.27
CA SER MG 962 80.79 -13.77 11.91
C SER MG 962 81.26 -12.69 10.93
N SER MG 963 81.23 -11.43 11.39
CA SER MG 963 81.79 -10.32 10.62
C SER MG 963 83.26 -10.56 10.28
N PHE MG 964 84.07 -10.83 11.31
CA PHE MG 964 85.52 -11.00 11.14
C PHE MG 964 85.86 -12.13 10.18
N LEU MG 965 85.04 -13.19 10.18
CA LEU MG 965 85.21 -14.26 9.19
C LEU MG 965 84.95 -13.76 7.77
N GLN MG 966 83.85 -13.02 7.58
CA GLN MG 966 83.55 -12.45 6.26
C GLN MG 966 84.67 -11.53 5.77
N GLY MG 967 85.15 -10.68 6.67
CA GLY MG 967 86.21 -9.75 6.32
C GLY MG 967 87.52 -10.46 6.00
N PHE MG 968 87.79 -11.57 6.69
CA PHE MG 968 89.03 -12.29 6.43
C PHE MG 968 89.01 -12.92 5.07
N GLY MG 969 87.88 -13.51 4.71
CA GLY MG 969 87.78 -14.09 3.39
C GLY MG 969 87.89 -13.08 2.27
N ASN MG 970 87.14 -11.97 2.37
CA ASN MG 970 87.16 -11.03 1.25
C ASN MG 970 88.49 -10.28 1.14
N ALA MG 971 89.05 -9.79 2.26
CA ALA MG 971 90.29 -9.02 2.14
C ALA MG 971 91.50 -9.91 1.87
N PHE MG 972 91.58 -11.09 2.50
CA PHE MG 972 92.70 -11.95 2.20
C PHE MG 972 92.53 -12.72 0.91
N GLN MG 973 91.37 -12.64 0.26
CA GLN MG 973 91.29 -13.03 -1.14
C GLN MG 973 91.66 -11.87 -2.06
N SER MG 974 91.34 -10.64 -1.68
CA SER MG 974 91.66 -9.50 -2.53
C SER MG 974 93.16 -9.20 -2.53
N ALA MG 975 93.86 -9.59 -1.46
CA ALA MG 975 95.30 -9.41 -1.40
C ALA MG 975 96.07 -10.55 -2.04
N ASN MG 976 95.41 -11.40 -2.83
CA ASN MG 976 96.08 -12.52 -3.47
C ASN MG 976 97.04 -12.10 -4.57
N THR MG 977 96.67 -11.10 -5.38
CA THR MG 977 97.53 -10.71 -6.49
C THR MG 977 98.75 -9.92 -6.00
N THR MG 978 98.54 -9.01 -5.05
CA THR MG 978 99.64 -8.18 -4.57
C THR MG 978 100.17 -8.70 -3.23
N SER MG 999 98.79 -23.00 -0.44
CA SER MG 999 97.52 -23.72 -0.53
C SER MG 999 96.72 -23.56 0.75
N THR MG 1000 97.40 -23.82 1.87
CA THR MG 1000 96.75 -23.81 3.19
C THR MG 1000 96.26 -22.42 3.56
N LEU MG 1001 97.03 -21.38 3.22
CA LEU MG 1001 96.59 -20.01 3.48
C LEU MG 1001 95.36 -19.67 2.64
N GLU MG 1002 95.32 -20.16 1.40
CA GLU MG 1002 94.13 -20.00 0.56
C GLU MG 1002 92.94 -20.73 1.16
N ASN MG 1003 93.17 -21.88 1.80
CA ASN MG 1003 92.07 -22.59 2.46
C ASN MG 1003 91.60 -21.85 3.70
N ALA MG 1004 92.50 -21.12 4.37
CA ALA MG 1004 92.08 -20.24 5.47
C ALA MG 1004 91.16 -19.13 4.97
N VAL MG 1005 91.55 -18.50 3.85
CA VAL MG 1005 90.71 -17.51 3.17
C VAL MG 1005 89.36 -18.12 2.79
N ILE MG 1006 89.39 -19.37 2.32
CA ILE MG 1006 88.20 -20.13 1.94
C ILE MG 1006 87.24 -20.27 3.11
N GLY MG 1007 87.76 -20.68 4.28
CA GLY MG 1007 86.89 -21.05 5.38
C GLY MG 1007 86.23 -19.83 5.95
N LEU MG 1008 87.02 -18.78 6.16
CA LEU MG 1008 86.46 -17.54 6.69
C LEU MG 1008 85.50 -16.89 5.68
N ALA MG 1009 85.85 -16.97 4.38
CA ALA MG 1009 85.07 -16.41 3.28
C ALA MG 1009 83.68 -16.98 3.20
N THR MG 1010 83.56 -18.27 3.39
CA THR MG 1010 82.23 -18.82 3.18
C THR MG 1010 81.45 -19.00 4.47
N VAL MG 1011 82.10 -19.22 5.62
CA VAL MG 1011 81.31 -19.34 6.84
C VAL MG 1011 81.01 -18.00 7.50
N GLY MG 1012 81.58 -16.90 7.00
CA GLY MG 1012 81.22 -15.60 7.56
C GLY MG 1012 79.78 -15.20 7.29
N LYS MG 1013 79.31 -15.36 6.05
CA LYS MG 1013 78.10 -14.68 5.61
C LYS MG 1013 76.84 -15.32 6.19
N ALA MG 1014 76.78 -16.65 6.20
CA ALA MG 1014 75.61 -17.34 6.74
C ALA MG 1014 75.47 -17.08 8.23
N TRP MG 1015 76.58 -17.12 8.97
CA TRP MG 1015 76.54 -16.78 10.38
C TRP MG 1015 76.23 -15.29 10.58
N SER MG 1016 76.64 -14.44 9.64
CA SER MG 1016 76.35 -13.01 9.76
C SER MG 1016 74.85 -12.73 9.64
N GLN MG 1017 74.20 -13.34 8.65
CA GLN MG 1017 72.76 -13.13 8.51
C GLN MG 1017 71.99 -13.83 9.62
N GLN MG 1018 72.47 -14.98 10.11
CA GLN MG 1018 71.81 -15.61 11.24
C GLN MG 1018 71.95 -14.81 12.53
N ALA MG 1019 73.11 -14.18 12.73
CA ALA MG 1019 73.31 -13.36 13.92
C ALA MG 1019 72.49 -12.07 13.84
N GLN MG 1020 72.37 -11.50 12.64
CA GLN MG 1020 71.49 -10.35 12.47
C GLN MG 1020 70.03 -10.74 12.61
N GLN MG 1021 69.71 -12.00 12.34
CA GLN MG 1021 68.39 -12.52 12.68
C GLN MG 1021 68.19 -12.60 14.19
N LEU MG 1022 69.17 -13.14 14.92
CA LEU MG 1022 68.96 -13.47 16.33
C LEU MG 1022 69.40 -12.36 17.29
N PHE MG 1023 69.81 -11.20 16.77
CA PHE MG 1023 70.31 -10.14 17.65
C PHE MG 1023 69.18 -9.50 18.47
N ASN MG 1024 67.94 -9.68 18.06
CA ASN MG 1024 66.79 -8.94 18.58
C ASN MG 1024 66.37 -9.36 19.99
N THR MG 1025 66.95 -10.40 20.57
CA THR MG 1025 66.49 -10.86 21.88
C THR MG 1025 67.02 -9.94 22.99
N PRO MG 1026 66.16 -9.37 23.82
CA PRO MG 1026 66.61 -8.46 24.88
C PRO MG 1026 67.18 -9.22 26.07
N THR MG 1027 67.88 -8.49 26.93
CA THR MG 1027 68.45 -9.03 28.15
C THR MG 1027 67.33 -9.26 29.14
N THR MG 1028 67.27 -10.47 29.68
CA THR MG 1028 66.23 -10.80 30.63
C THR MG 1028 66.68 -10.45 32.05
N VAL MG 1029 65.72 -10.02 32.88
CA VAL MG 1029 65.95 -9.81 34.30
C VAL MG 1029 65.13 -10.86 35.04
N GLU MG 1030 65.47 -11.07 36.31
CA GLU MG 1030 64.81 -12.10 37.10
C GLU MG 1030 64.79 -11.69 38.56
N VAL MG 1031 63.59 -11.60 39.12
CA VAL MG 1031 63.46 -11.26 40.53
C VAL MG 1031 63.89 -12.44 41.39
N TYR MG 1032 64.10 -12.17 42.67
CA TYR MG 1032 64.61 -13.16 43.61
C TYR MG 1032 63.49 -13.81 44.42
N SER MG 1033 63.84 -14.90 45.10
CA SER MG 1033 62.92 -15.61 45.97
C SER MG 1033 63.15 -15.30 47.44
N GLY MG 1034 63.86 -14.23 47.76
CA GLY MG 1034 64.07 -13.92 49.17
C GLY MG 1034 64.11 -12.45 49.54
N THR MG 1035 63.62 -11.57 48.68
CA THR MG 1035 63.56 -10.14 48.98
C THR MG 1035 62.14 -9.66 48.81
N GLY MG 1036 61.54 -9.20 49.91
CA GLY MG 1036 60.19 -8.67 49.89
C GLY MG 1036 60.15 -7.27 49.28
N LEU MG 1037 58.99 -6.63 49.42
CA LEU MG 1037 58.81 -5.36 48.77
C LEU MG 1037 57.76 -4.55 49.53
N GLY MG 1038 57.62 -3.28 49.11
CA GLY MG 1038 56.66 -2.37 49.69
C GLY MG 1038 55.52 -2.10 48.72
N ILE MG 1039 54.37 -1.76 49.29
CA ILE MG 1039 53.12 -1.61 48.55
C ILE MG 1039 52.51 -0.26 48.92
N LEU MG 1040 52.21 0.56 47.92
CA LEU MG 1040 51.51 1.81 48.16
C LEU MG 1040 50.12 1.77 47.53
N PHE MG 1041 49.11 2.11 48.33
CA PHE MG 1041 47.71 1.87 48.00
C PHE MG 1041 47.21 2.87 46.97
N THR MG 1042 46.07 2.54 46.36
CA THR MG 1042 45.41 3.39 45.37
C THR MG 1042 43.96 3.67 45.70
N GLN MG 1043 43.21 2.70 46.21
CA GLN MG 1043 41.79 2.84 46.48
C GLN MG 1043 41.46 2.35 47.88
N ASP MG 1044 40.19 2.50 48.26
CA ASP MG 1044 39.72 2.10 49.57
C ASP MG 1044 38.91 0.81 49.51
N VAL MG 1045 39.00 0.01 50.57
CA VAL MG 1045 38.22 -1.22 50.74
C VAL MG 1045 37.71 -1.27 52.17
N THR MG 1046 36.99 -2.34 52.49
CA THR MG 1046 36.51 -2.56 53.85
C THR MG 1046 36.32 -4.06 54.11
N LYS NG 60 54.77 -57.19 38.59
CA LYS NG 60 54.62 -57.02 40.03
C LYS NG 60 53.31 -57.61 40.51
N GLU NG 61 52.23 -56.87 40.24
CA GLU NG 61 50.89 -57.34 40.60
C GLU NG 61 50.49 -58.54 39.74
N THR NG 62 50.98 -58.57 38.50
CA THR NG 62 50.80 -59.76 37.66
C THR NG 62 51.50 -60.97 38.28
N ALA NG 63 52.70 -60.75 38.82
CA ALA NG 63 53.41 -61.81 39.53
C ALA NG 63 52.66 -62.25 40.77
N LEU NG 64 52.04 -61.30 41.48
CA LEU NG 64 51.19 -61.62 42.62
C LEU NG 64 50.02 -62.51 42.21
N SER NG 65 49.37 -62.14 41.10
CA SER NG 65 48.20 -62.88 40.64
C SER NG 65 48.57 -64.30 40.19
N VAL NG 66 49.66 -64.43 39.43
CA VAL NG 66 50.01 -65.76 38.93
C VAL NG 66 50.60 -66.60 40.05
N GLY NG 67 51.22 -65.99 41.06
CA GLY NG 67 51.65 -66.74 42.21
C GLY NG 67 50.47 -67.25 43.02
N ALA NG 68 49.43 -66.42 43.13
CA ALA NG 68 48.20 -66.84 43.79
C ALA NG 68 47.55 -68.01 43.07
N GLN NG 69 47.48 -67.92 41.74
CA GLN NG 69 46.88 -68.98 40.95
C GLN NG 69 47.69 -70.27 41.03
N ALA NG 70 49.01 -70.16 40.95
CA ALA NG 70 49.86 -71.34 40.98
C ALA NG 70 49.81 -72.03 42.33
N GLY NG 71 49.88 -71.26 43.43
CA GLY NG 71 49.80 -71.85 44.75
C GLY NG 71 48.44 -72.47 45.01
N LEU NG 72 47.37 -71.80 44.58
CA LEU NG 72 46.02 -72.33 44.77
C LEU NG 72 45.82 -73.62 44.01
N ALA NG 73 46.25 -73.66 42.74
CA ALA NG 73 46.07 -74.85 41.93
C ALA NG 73 46.94 -76.00 42.41
N TRP NG 74 48.17 -75.70 42.84
CA TRP NG 74 49.06 -76.76 43.31
C TRP NG 74 48.57 -77.37 44.60
N ARG NG 75 48.11 -76.52 45.53
CA ARG NG 75 47.52 -77.03 46.77
C ARG NG 75 46.25 -77.82 46.49
N ALA NG 76 45.46 -77.38 45.51
CA ALA NG 76 44.25 -78.11 45.15
C ALA NG 76 44.57 -79.48 44.60
N LYS NG 77 45.61 -79.57 43.77
CA LYS NG 77 46.02 -80.86 43.23
C LYS NG 77 46.50 -81.79 44.32
N ILE NG 78 47.31 -81.27 45.25
CA ILE NG 78 47.85 -82.09 46.32
C ILE NG 78 46.75 -82.55 47.27
N ILE NG 79 45.83 -81.66 47.62
CA ILE NG 79 44.76 -82.03 48.54
C ILE NG 79 43.80 -83.00 47.87
N ASP NG 80 43.63 -82.91 46.56
CA ASP NG 80 42.72 -83.82 45.89
C ASP NG 80 43.32 -85.21 45.77
N GLU NG 81 44.62 -85.31 45.46
CA GLU NG 81 45.21 -86.64 45.40
C GLU NG 81 45.34 -87.25 46.79
N GLN NG 82 45.56 -86.42 47.81
CA GLN NG 82 45.58 -86.92 49.18
C GLN NG 82 44.22 -87.44 49.60
N LEU NG 83 43.16 -86.70 49.26
CA LEU NG 83 41.80 -87.13 49.54
C LEU NG 83 41.45 -88.37 48.76
N ASN NG 84 41.99 -88.52 47.56
CA ASN NG 84 41.73 -89.72 46.77
C ASN NG 84 42.43 -90.93 47.35
N LYS NG 85 43.70 -90.80 47.71
CA LYS NG 85 44.43 -91.95 48.22
C LYS NG 85 44.07 -92.31 49.64
N GLN NG 86 43.38 -91.41 50.36
CA GLN NG 86 42.72 -91.81 51.59
C GLN NG 86 41.24 -91.96 51.27
N ALA NG 87 40.86 -93.14 50.78
CA ALA NG 87 39.55 -93.31 50.17
C ALA NG 87 38.53 -93.95 51.09
N ARG NG 88 38.74 -95.20 51.49
CA ARG NG 88 37.65 -96.00 52.04
C ARG NG 88 37.27 -95.63 53.45
N ASN NG 89 38.21 -95.08 54.21
CA ASN NG 89 37.87 -94.63 55.55
C ASN NG 89 36.94 -93.42 55.53
N LEU NG 90 36.92 -92.68 54.42
CA LEU NG 90 35.97 -91.57 54.30
C LEU NG 90 34.54 -92.07 54.25
N ASP NG 91 34.26 -93.10 53.44
CA ASP NG 91 32.92 -93.66 53.42
C ASP NG 91 32.62 -94.40 54.72
N ALA NG 92 33.64 -94.98 55.33
CA ALA NG 92 33.46 -95.62 56.64
C ALA NG 92 33.03 -94.61 57.69
N ILE NG 93 33.61 -93.41 57.66
CA ILE NG 93 33.19 -92.36 58.58
C ILE NG 93 31.82 -91.82 58.18
N TYR NG 94 31.72 -91.30 56.97
CA TYR NG 94 30.48 -90.70 56.49
C TYR NG 94 29.62 -91.70 55.74
N ASP NG 95 29.34 -92.83 56.38
CA ASP NG 95 28.33 -93.73 55.88
C ASP NG 95 26.96 -93.05 55.88
N PHE NG 96 26.22 -93.24 54.79
CA PHE NG 96 24.99 -92.50 54.58
C PHE NG 96 23.78 -93.41 54.43
N ASN NG 97 23.86 -94.43 53.58
CA ASN NG 97 22.71 -95.28 53.33
C ASN NG 97 22.35 -96.12 54.55
N SER NG 98 23.31 -96.32 55.45
CA SER NG 98 23.00 -96.87 56.75
C SER NG 98 22.14 -95.92 57.57
N LEU NG 99 22.25 -94.62 57.33
CA LEU NG 99 21.46 -93.66 58.09
C LEU NG 99 20.09 -93.42 57.50
N VAL NG 100 19.81 -93.93 56.30
CA VAL NG 100 18.57 -93.61 55.62
C VAL NG 100 17.43 -94.38 56.25
N LEU NG 101 16.30 -93.70 56.47
CA LEU NG 101 15.14 -94.29 57.11
C LEU NG 101 14.40 -95.23 56.15
N GLU NG 102 13.31 -95.80 56.64
CA GLU NG 102 12.77 -97.04 56.07
C GLU NG 102 12.02 -96.85 54.76
N HIS NG 103 11.57 -95.64 54.44
CA HIS NG 103 10.84 -95.40 53.21
C HIS NG 103 11.69 -94.64 52.20
N ASN NG 104 13.01 -94.81 52.30
CA ASN NG 104 14.01 -94.13 51.46
C ASN NG 104 13.84 -92.62 51.53
N ILE NG 105 13.58 -92.11 52.73
CA ILE NG 105 13.33 -90.71 52.97
C ILE NG 105 14.46 -90.17 53.84
N LEU NG 106 15.08 -89.09 53.39
CA LEU NG 106 16.17 -88.49 54.13
C LEU NG 106 15.65 -87.87 55.42
N PRO NG 107 16.26 -88.15 56.56
CA PRO NG 107 15.82 -87.53 57.81
C PRO NG 107 16.12 -86.04 57.81
N PRO NG 108 15.35 -85.24 58.54
CA PRO NG 108 15.57 -83.79 58.53
C PRO NG 108 16.77 -83.43 59.39
N VAL NG 109 17.09 -82.14 59.39
CA VAL NG 109 18.30 -81.62 60.01
C VAL NG 109 17.93 -80.84 61.26
N LEU NG 110 18.65 -81.09 62.34
CA LEU NG 110 18.33 -80.46 63.62
C LEU NG 110 19.56 -79.76 64.19
N LEU NG 111 19.31 -78.69 64.94
CA LEU NG 111 20.35 -77.91 65.59
C LEU NG 111 20.02 -77.71 67.06
N GLU NG 112 21.06 -77.78 67.90
CA GLU NG 112 20.93 -77.72 69.35
C GLU NG 112 21.78 -76.59 69.89
N GLY NG 113 21.20 -75.76 70.74
CA GLY NG 113 21.93 -74.70 71.39
C GLY NG 113 21.68 -74.72 72.89
N ARG NG 114 22.71 -74.37 73.65
CA ARG NG 114 22.64 -74.43 75.10
C ARG NG 114 23.04 -73.10 75.70
N ASN NG 115 22.35 -72.73 76.79
CA ASN NG 115 22.64 -71.57 77.64
C ASN NG 115 22.57 -70.27 76.83
N THR NG 116 21.36 -69.96 76.37
CA THR NG 116 21.13 -68.84 75.49
C THR NG 116 20.86 -67.58 76.31
N LEU NG 117 21.59 -66.51 75.99
CA LEU NG 117 21.39 -65.20 76.58
C LEU NG 117 21.26 -64.17 75.48
N ASN NG 118 20.20 -63.39 75.51
CA ASN NG 118 20.06 -62.23 74.65
C ASN NG 118 19.86 -60.99 75.51
N LEU NG 119 20.52 -59.92 75.11
CA LEU NG 119 20.37 -58.61 75.73
C LEU NG 119 19.56 -57.78 74.74
N ALA NG 120 18.35 -57.38 75.14
CA ALA NG 120 17.58 -56.53 74.24
C ALA NG 120 18.10 -55.11 74.27
N ASP NG 121 18.11 -54.51 75.46
CA ASP NG 121 18.67 -53.20 75.71
C ASP NG 121 18.98 -53.15 77.20
N ALA NG 122 19.16 -51.95 77.74
CA ALA NG 122 19.28 -51.79 79.18
C ALA NG 122 18.00 -52.22 79.87
N GLN NG 123 18.17 -52.84 81.04
CA GLN NG 123 17.08 -53.37 81.89
C GLN NG 123 16.24 -54.40 81.16
N SER NG 124 16.83 -55.18 80.26
CA SER NG 124 16.05 -56.13 79.48
C SER NG 124 16.95 -57.27 79.00
N ILE NG 125 16.88 -58.41 79.67
CA ILE NG 125 17.58 -59.58 79.18
C ILE NG 125 16.62 -60.76 79.15
N ARG NG 126 16.92 -61.72 78.29
CA ARG NG 126 16.17 -62.95 78.18
C ARG NG 126 17.16 -64.11 78.20
N ILE NG 127 16.84 -65.15 78.96
CA ILE NG 127 17.73 -66.28 79.15
C ILE NG 127 16.92 -67.55 79.01
N SER NG 128 17.55 -68.57 78.44
CA SER NG 128 16.93 -69.88 78.34
C SER NG 128 18.02 -70.93 78.37
N ASP NG 129 17.63 -72.16 78.69
CA ASP NG 129 18.62 -73.22 78.82
C ASP NG 129 18.99 -73.81 77.46
N ARG NG 130 18.03 -74.41 76.78
CA ARG NG 130 18.31 -75.05 75.50
C ARG NG 130 17.27 -74.67 74.46
N THR NG 131 17.71 -74.67 73.21
CA THR NG 131 16.89 -74.37 72.05
C THR NG 131 17.16 -75.40 70.96
N TYR NG 132 16.11 -75.77 70.23
CA TYR NG 132 16.21 -76.74 69.15
C TYR NG 132 15.59 -76.17 67.90
N LYS NG 133 16.30 -76.28 66.78
CA LYS NG 133 15.88 -75.67 65.53
C LYS NG 133 15.87 -76.69 64.41
N VAL NG 134 14.78 -76.73 63.66
CA VAL NG 134 14.74 -77.48 62.40
C VAL NG 134 15.48 -76.66 61.35
N ALA NG 135 16.48 -77.27 60.71
CA ALA NG 135 17.27 -76.61 59.68
C ALA NG 135 16.74 -76.91 58.28
N LYS NG 136 16.77 -78.18 57.88
CA LYS NG 136 16.25 -78.58 56.58
C LYS NG 136 15.19 -79.65 56.78
N GLN NG 137 14.04 -79.43 56.15
CA GLN NG 137 12.92 -80.37 56.22
C GLN NG 137 13.28 -81.68 55.56
N ALA NG 138 12.72 -82.77 56.11
CA ALA NG 138 12.90 -84.08 55.52
C ALA NG 138 12.26 -84.17 54.15
N HIS NG 139 12.92 -84.88 53.24
CA HIS NG 139 12.36 -85.11 51.91
C HIS NG 139 12.83 -86.46 51.42
N PHE NG 140 12.46 -86.77 50.18
CA PHE NG 140 12.74 -88.07 49.60
C PHE NG 140 13.98 -88.02 48.72
N ILE NG 141 14.52 -89.20 48.46
CA ILE NG 141 15.75 -89.34 47.69
C ILE NG 141 15.78 -90.72 47.06
N THR NG 142 16.54 -90.86 45.99
CA THR NG 142 16.73 -92.13 45.31
C THR NG 142 18.08 -92.75 45.66
N THR NG 143 19.14 -91.97 45.59
CA THR NG 143 20.45 -92.42 46.02
C THR NG 143 20.98 -91.45 47.07
N PRO NG 144 21.51 -91.94 48.19
CA PRO NG 144 21.93 -91.04 49.25
C PRO NG 144 23.19 -90.30 48.87
N PRO NG 145 23.44 -89.14 49.47
CA PRO NG 145 24.65 -88.38 49.15
C PRO NG 145 25.93 -89.06 49.65
N THR NG 146 27.06 -88.45 49.31
CA THR NG 146 28.36 -88.93 49.73
C THR NG 146 29.26 -87.75 50.07
N TRP NG 147 30.54 -88.01 50.31
CA TRP NG 147 31.46 -86.95 50.66
C TRP NG 147 32.05 -86.25 49.45
N ARG NG 148 31.81 -86.76 48.26
CA ARG NG 148 32.41 -86.18 47.07
C ARG NG 148 31.79 -84.83 46.76
N GLN NG 149 30.50 -84.69 47.01
CA GLN NG 149 29.79 -83.45 46.76
C GLN NG 149 29.94 -82.46 47.91
N TYR NG 150 30.84 -82.71 48.82
CA TYR NG 150 31.11 -81.75 49.87
C TYR NG 150 32.58 -81.40 49.98
N LEU NG 151 33.47 -82.37 49.82
CA LEU NG 151 34.87 -82.16 50.16
C LEU NG 151 35.77 -82.07 48.93
N TRP NG 152 35.21 -82.01 47.74
CA TRP NG 152 36.02 -81.93 46.54
C TRP NG 152 36.22 -80.49 46.12
N MET NG 153 37.43 -80.17 45.67
CA MET NG 153 37.72 -78.87 45.10
C MET NG 153 38.14 -79.04 43.64
N ASP NG 154 37.87 -78.01 42.86
CA ASP NG 154 38.08 -78.07 41.43
C ASP NG 154 39.57 -78.00 41.10
N TYR NG 155 39.89 -78.30 39.85
CA TYR NG 155 41.26 -78.20 39.35
C TYR NG 155 41.20 -77.65 37.93
N VAL NG 156 41.74 -76.45 37.76
CA VAL NG 156 41.98 -75.84 36.47
C VAL NG 156 43.40 -75.32 36.49
N LYS NG 157 44.20 -75.71 35.51
CA LYS NG 157 45.59 -75.27 35.46
C LYS NG 157 45.68 -73.89 34.84
N PRO NG 158 46.11 -72.87 35.57
CA PRO NG 158 46.26 -71.53 34.98
C PRO NG 158 47.59 -71.44 34.26
N GLU NG 159 47.54 -71.42 32.94
CA GLU NG 159 48.76 -71.53 32.13
C GLU NG 159 48.77 -70.51 31.00
N ALA NG 160 48.53 -69.25 31.32
CA ALA NG 160 48.72 -68.16 30.36
C ALA NG 160 49.63 -67.08 30.92
N PRO NG 161 50.94 -67.34 31.02
CA PRO NG 161 51.87 -66.27 31.38
C PRO NG 161 52.45 -65.53 30.18
N ASN NG 162 52.33 -64.21 30.17
CA ASN NG 162 53.13 -63.37 29.29
C ASN NG 162 53.80 -62.31 30.17
N VAL NG 163 55.01 -61.92 29.79
CA VAL NG 163 55.76 -60.93 30.57
C VAL NG 163 55.06 -59.58 30.41
N THR NG 164 54.56 -59.05 31.53
CA THR NG 164 53.73 -57.85 31.53
C THR NG 164 54.40 -56.67 32.23
N LEU NG 165 54.74 -56.82 33.51
CA LEU NG 165 55.66 -55.89 34.16
C LEU NG 165 57.04 -56.50 33.96
N LEU NG 166 57.77 -55.95 33.01
CA LEU NG 166 58.78 -56.70 32.25
C LEU NG 166 60.02 -56.99 33.07
N PRO NG 167 60.38 -58.27 33.29
CA PRO NG 167 61.60 -58.57 34.04
C PRO NG 167 62.87 -58.39 33.22
N LYS NG 168 63.62 -57.33 33.50
CA LYS NG 168 64.91 -57.11 32.85
C LYS NG 168 66.03 -57.10 33.87
N THR NG 169 65.95 -56.27 34.90
CA THR NG 169 67.03 -56.18 35.86
C THR NG 169 66.97 -57.36 36.81
N LYS NG 170 68.13 -57.63 37.42
CA LYS NG 170 68.26 -58.71 38.39
C LYS NG 170 67.39 -58.46 39.63
N ALA NG 171 67.33 -57.21 40.08
CA ALA NG 171 66.45 -56.86 41.19
C ALA NG 171 64.99 -56.97 40.81
N GLU NG 172 64.65 -56.67 39.55
CA GLU NG 172 63.29 -56.85 39.08
C GLU NG 172 62.91 -58.33 39.06
N LYS NG 173 63.85 -59.19 38.65
CA LYS NG 173 63.59 -60.62 38.71
C LYS NG 173 63.53 -61.12 40.15
N GLU NG 174 64.30 -60.51 41.06
CA GLU NG 174 64.28 -60.88 42.47
C GLU NG 174 62.95 -60.53 43.11
N ILE NG 175 62.45 -59.31 42.87
CA ILE NG 175 61.16 -58.93 43.43
C ILE NG 175 60.05 -59.69 42.75
N TRP NG 176 60.23 -60.08 41.49
CA TRP NG 176 59.31 -60.98 40.81
C TRP NG 176 59.24 -62.33 41.52
N CYS NG 177 60.41 -62.86 41.91
CA CYS NG 177 60.46 -64.12 42.63
C CYS NG 177 59.77 -64.02 43.99
N ILE NG 178 60.02 -62.94 44.73
CA ILE NG 178 59.43 -62.87 46.07
C ILE NG 178 57.94 -62.56 45.99
N TYR NG 179 57.48 -61.87 44.93
CA TYR NG 179 56.06 -61.61 44.77
C TYR NG 179 55.32 -62.90 44.43
N THR NG 180 55.92 -63.72 43.56
CA THR NG 180 55.37 -65.05 43.30
C THR NG 180 55.38 -65.90 44.55
N GLU NG 181 56.40 -65.74 45.40
CA GLU NG 181 56.48 -66.51 46.64
C GLU NG 181 55.33 -66.15 47.58
N ARG NG 182 55.07 -64.87 47.76
CA ARG NG 182 54.02 -64.50 48.70
C ARG NG 182 52.64 -64.79 48.11
N GLY NG 183 52.48 -64.69 46.78
CA GLY NG 183 51.23 -65.13 46.17
C GLY NG 183 51.01 -66.63 46.33
N TRP NG 184 52.09 -67.40 46.22
CA TRP NG 184 52.05 -68.83 46.48
C TRP NG 184 51.57 -69.13 47.89
N LYS NG 185 52.08 -68.37 48.86
CA LYS NG 185 51.64 -68.52 50.24
C LYS NG 185 50.17 -68.18 50.42
N ASN NG 186 49.71 -67.13 49.73
CA ASN NG 186 48.30 -66.73 49.82
C ASN NG 186 47.38 -67.80 49.24
N GLY NG 187 47.80 -68.41 48.14
CA GLY NG 187 47.01 -69.49 47.56
C GLY NG 187 46.95 -70.71 48.48
N ILE NG 188 48.05 -70.98 49.19
CA ILE NG 188 48.08 -72.05 50.19
C ILE NG 188 47.03 -71.79 51.27
N ASP NG 189 47.01 -70.57 51.78
CA ASP NG 189 46.06 -70.21 52.84
C ASP NG 189 44.63 -70.28 52.33
N GLN NG 190 44.42 -69.88 51.07
CA GLN NG 190 43.08 -69.93 50.48
C GLN NG 190 42.56 -71.35 50.38
N ALA NG 191 43.42 -72.28 49.94
CA ALA NG 191 43.02 -73.68 49.85
C ALA NG 191 42.71 -74.25 51.24
N ASN NG 192 43.52 -73.88 52.23
CA ASN NG 192 43.27 -74.34 53.60
C ASN NG 192 41.93 -73.86 54.12
N THR NG 193 41.61 -72.59 53.88
CA THR NG 193 40.35 -72.02 54.36
C THR NG 193 39.15 -72.65 53.68
N ILE NG 194 39.26 -72.91 52.38
CA ILE NG 194 38.17 -73.53 51.63
C ILE NG 194 37.90 -74.94 52.14
N LEU NG 195 38.98 -75.71 52.38
CA LEU NG 195 38.85 -77.05 52.93
C LEU NG 195 38.18 -77.02 54.29
N GLU NG 196 38.56 -76.05 55.13
CA GLU NG 196 37.97 -75.93 56.46
C GLU NG 196 36.47 -75.66 56.39
N GLU NG 197 36.05 -74.77 55.49
CA GLU NG 197 34.63 -74.44 55.40
C GLU NG 197 33.80 -75.62 54.89
N ASN NG 198 34.37 -76.38 53.94
CA ASN NG 198 33.66 -77.58 53.47
C ASN NG 198 33.54 -78.63 54.57
N ILE NG 199 34.60 -78.79 55.37
CA ILE NG 199 34.57 -79.70 56.50
C ILE NG 199 33.50 -79.28 57.49
N ALA NG 200 33.37 -77.97 57.71
CA ALA NG 200 32.38 -77.46 58.65
C ALA NG 200 30.96 -77.75 58.18
N ARG NG 201 30.67 -77.51 56.90
CA ARG NG 201 29.29 -77.68 56.47
C ARG NG 201 28.90 -79.16 56.39
N ILE NG 202 29.83 -80.04 56.02
CA ILE NG 202 29.45 -81.46 56.00
C ILE NG 202 29.31 -82.00 57.41
N LYS NG 203 30.10 -81.48 58.36
CA LYS NG 203 29.94 -81.84 59.76
C LYS NG 203 28.59 -81.36 60.28
N GLU NG 204 28.15 -80.17 59.84
CA GLU NG 204 26.85 -79.64 60.25
C GLU NG 204 25.72 -80.54 59.79
N ASP NG 205 25.75 -80.97 58.53
CA ASP NG 205 24.65 -81.79 58.03
C ASP NG 205 24.64 -83.18 58.68
N PHE NG 206 25.82 -83.77 58.85
CA PHE NG 206 25.90 -85.08 59.48
C PHE NG 206 25.45 -85.03 60.94
N GLY NG 207 25.83 -83.97 61.65
CA GLY NG 207 25.37 -83.79 63.01
C GLY NG 207 23.87 -83.55 63.10
N GLY NG 208 23.30 -82.89 62.10
CA GLY NG 208 21.86 -82.71 62.08
C GLY NG 208 21.11 -84.02 61.94
N MET NG 209 21.60 -84.90 61.07
CA MET NG 209 21.00 -86.23 60.95
C MET NG 209 21.15 -87.03 62.24
N ILE NG 210 22.33 -86.94 62.87
CA ILE NG 210 22.56 -87.63 64.14
C ILE NG 210 21.63 -87.12 65.21
N LEU NG 211 21.40 -85.81 65.23
CA LEU NG 211 20.50 -85.21 66.20
C LEU NG 211 19.06 -85.60 65.96
N TYR NG 212 18.67 -85.80 64.69
CA TYR NG 212 17.32 -86.28 64.43
C TYR NG 212 17.12 -87.69 64.95
N ARG NG 213 18.13 -88.56 64.75
CA ARG NG 213 18.03 -89.90 65.32
C ARG NG 213 17.98 -89.85 66.85
N LYS NG 214 18.73 -88.92 67.44
CA LYS NG 214 18.74 -88.74 68.89
C LYS NG 214 17.37 -88.36 69.42
N LEU NG 215 16.76 -87.33 68.84
CA LEU NG 215 15.49 -86.87 69.37
C LEU NG 215 14.35 -87.83 69.00
N LEU NG 216 14.51 -88.56 67.90
CA LEU NG 216 13.52 -89.58 67.57
C LEU NG 216 13.59 -90.73 68.56
N ALA NG 217 14.78 -91.05 69.03
CA ALA NG 217 14.92 -92.00 70.12
C ALA NG 217 14.64 -91.37 71.47
N MET NG 218 14.44 -90.06 71.53
CA MET NG 218 14.05 -89.39 72.76
C MET NG 218 12.56 -89.15 72.87
N ASN NG 219 11.82 -89.29 71.75
CA ASN NG 219 10.39 -88.98 71.63
C ASN NG 219 10.09 -87.53 72.02
N MET NG 220 10.62 -86.63 71.20
CA MET NG 220 10.10 -85.27 71.20
C MET NG 220 9.85 -84.77 69.80
N VAL NG 221 9.77 -85.67 68.82
CA VAL NG 221 9.54 -85.30 67.43
C VAL NG 221 8.59 -86.30 66.80
N SER NG 222 7.75 -85.81 65.92
CA SER NG 222 6.87 -86.70 65.18
C SER NG 222 7.67 -87.47 64.15
N PRO NG 223 7.54 -88.80 64.10
CA PRO NG 223 8.02 -89.53 62.94
C PRO NG 223 7.23 -89.14 61.71
N PRO NG 224 7.84 -89.13 60.53
CA PRO NG 224 7.13 -88.71 59.32
C PRO NG 224 6.05 -89.70 58.90
N TYR NG 225 4.80 -89.26 58.98
CA TYR NG 225 3.69 -90.16 58.72
C TYR NG 225 3.45 -90.32 57.22
N VAL NG 226 3.27 -91.56 56.79
CA VAL NG 226 3.19 -91.91 55.39
C VAL NG 226 1.76 -92.36 55.08
N SER NG 227 1.42 -92.30 53.79
CA SER NG 227 0.18 -92.87 53.30
C SER NG 227 0.41 -93.34 51.88
N HIS NG 228 -0.24 -94.43 51.51
CA HIS NG 228 -0.03 -95.02 50.21
C HIS NG 228 -1.37 -95.38 49.59
N THR NG 229 -1.44 -95.28 48.27
CA THR NG 229 -2.65 -95.55 47.51
C THR NG 229 -2.29 -96.54 46.42
N ASP NG 230 -3.05 -97.62 46.33
CA ASP NG 230 -2.83 -98.65 45.34
C ASP NG 230 -3.95 -98.60 44.30
N LEU NG 231 -3.56 -98.59 43.03
CA LEU NG 231 -4.50 -98.66 41.92
C LEU NG 231 -4.11 -99.84 41.05
N GLY NG 232 -5.11 -100.49 40.48
CA GLY NG 232 -4.86 -101.67 39.66
C GLY NG 232 -4.39 -101.32 38.26
N VAL NG 233 -4.92 -102.00 37.25
CA VAL NG 233 -4.52 -101.72 35.89
C VAL NG 233 -5.17 -100.43 35.42
N THR NG 234 -4.37 -99.54 34.85
CA THR NG 234 -4.82 -98.20 34.48
C THR NG 234 -4.68 -97.99 32.99
N GLY NG 235 -5.15 -96.83 32.54
CA GLY NG 235 -4.97 -96.41 31.16
C GLY NG 235 -6.09 -96.83 30.24
N ASP NG 236 -5.96 -96.39 28.99
CA ASP NG 236 -6.95 -96.62 27.96
C ASP NG 236 -6.68 -97.97 27.30
N GLY NG 237 -7.30 -98.21 26.14
CA GLY NG 237 -6.99 -99.37 25.34
C GLY NG 237 -5.69 -99.31 24.58
N SER NG 238 -4.94 -98.22 24.69
CA SER NG 238 -3.62 -98.12 24.10
C SER NG 238 -2.49 -98.09 25.11
N GLU NG 239 -2.77 -97.70 26.36
CA GLU NG 239 -1.76 -97.59 27.40
C GLU NG 239 -2.18 -98.36 28.62
N ILE NG 240 -1.24 -99.07 29.23
CA ILE NG 240 -1.52 -99.82 30.45
C ILE NG 240 -0.33 -99.76 31.37
N HIS NG 241 -0.63 -99.61 32.66
CA HIS NG 241 0.31 -99.82 33.75
C HIS NG 241 -0.23 -100.95 34.61
N ILE NG 242 0.65 -101.63 35.31
CA ILE NG 242 0.23 -102.80 36.07
C ILE NG 242 -0.42 -102.40 37.38
N ASP NG 243 0.34 -101.78 38.28
CA ASP NG 243 -0.15 -101.46 39.63
C ASP NG 243 0.40 -100.09 40.01
N ASP NG 244 -0.42 -99.07 39.85
CA ASP NG 244 0.04 -97.71 40.14
C ASP NG 244 -0.10 -97.48 41.63
N ARG NG 245 1.02 -97.54 42.34
CA ARG NG 245 1.04 -97.22 43.74
C ARG NG 245 1.69 -95.86 43.92
N VAL NG 246 0.92 -94.91 44.43
CA VAL NG 246 1.40 -93.56 44.68
C VAL NG 246 1.33 -93.33 46.17
N LEU NG 247 2.45 -92.95 46.76
CA LEU NG 247 2.51 -92.78 48.20
C LEU NG 247 3.04 -91.41 48.56
N ARG NG 248 2.31 -90.72 49.43
CA ARG NG 248 2.67 -89.41 49.92
C ARG NG 248 3.05 -89.50 51.39
N ILE NG 249 3.55 -88.39 51.92
CA ILE NG 249 3.70 -88.25 53.35
C ILE NG 249 2.82 -87.10 53.80
N THR NG 250 2.09 -87.32 54.89
CA THR NG 250 1.13 -86.35 55.40
C THR NG 250 1.77 -85.47 56.47
N ALA NG 251 2.29 -86.09 57.52
CA ALA NG 251 2.91 -85.35 58.62
C ALA NG 251 4.40 -85.26 58.39
N LEU NG 252 4.91 -84.04 58.27
CA LEU NG 252 6.33 -83.82 58.27
C LEU NG 252 6.90 -84.11 59.64
N PRO NG 253 8.20 -84.42 59.72
CA PRO NG 253 8.85 -84.51 61.04
C PRO NG 253 8.79 -83.19 61.77
N GLU NG 254 8.09 -83.21 62.90
CA GLU NG 254 7.79 -82.00 63.65
C GLU NG 254 7.93 -82.30 65.12
N LEU NG 255 8.46 -81.34 65.87
CA LEU NG 255 8.61 -81.47 67.30
C LEU NG 255 7.39 -80.91 68.02
N ASN NG 256 6.96 -81.64 69.05
CA ASN NG 256 5.83 -81.24 69.87
C ASN NG 256 6.33 -80.45 71.07
N VAL NG 257 5.38 -79.95 71.87
CA VAL NG 257 5.70 -79.10 73.00
C VAL NG 257 5.27 -79.75 74.31
N ASN NG 258 4.85 -81.00 74.27
CA ASN NG 258 4.20 -81.61 75.43
C ASN NG 258 5.25 -82.08 76.43
N SER NG 259 5.05 -81.70 77.69
CA SER NG 259 6.00 -82.02 78.74
C SER NG 259 5.94 -83.49 79.16
N ALA NG 260 4.79 -84.14 79.01
CA ALA NG 260 4.66 -85.50 79.48
C ALA NG 260 5.34 -86.50 78.57
N GLU NG 261 5.40 -86.23 77.27
CA GLU NG 261 5.90 -87.21 76.32
C GLU NG 261 7.42 -87.32 76.32
N TRP NG 262 8.11 -86.48 77.05
CA TRP NG 262 9.54 -86.68 77.28
C TRP NG 262 9.75 -87.96 78.07
N ARG NG 263 10.70 -88.77 77.63
CA ARG NG 263 11.11 -89.95 78.38
C ARG NG 263 12.62 -89.94 78.50
N ALA NG 264 13.11 -90.15 79.71
CA ALA NG 264 14.52 -89.96 80.01
C ALA NG 264 15.30 -91.22 79.68
N ALA NG 265 16.57 -91.24 80.07
CA ALA NG 265 17.42 -92.41 79.89
C ALA NG 265 18.46 -92.40 81.00
N VAL NG 266 19.03 -93.57 81.25
CA VAL NG 266 20.01 -93.70 82.32
C VAL NG 266 21.03 -94.78 81.97
N ALA NG 267 22.31 -94.40 81.96
CA ALA NG 267 23.37 -95.34 81.65
C ALA NG 267 23.74 -96.15 82.88
N LYS NG 268 24.53 -97.19 82.66
CA LYS NG 268 25.01 -98.04 83.76
C LYS NG 268 26.52 -98.12 83.75
N LEU OG 113 46.42 -146.49 112.58
CA LEU OG 113 45.71 -146.46 111.31
C LEU OG 113 46.21 -145.30 110.43
N ASN OG 114 47.53 -145.13 110.37
CA ASN OG 114 48.10 -143.95 109.73
C ASN OG 114 49.25 -144.24 108.77
N ARG OG 115 49.82 -145.44 108.76
CA ARG OG 115 50.95 -145.74 107.91
C ARG OG 115 50.77 -147.12 107.31
N PHE OG 116 50.97 -147.24 105.98
CA PHE OG 116 51.06 -148.56 105.39
C PHE OG 116 52.18 -148.60 104.36
N ARG OG 117 52.97 -149.65 104.43
CA ARG OG 117 53.88 -150.05 103.36
C ARG OG 117 53.52 -151.47 102.94
N TYR OG 118 53.29 -151.67 101.66
CA TYR OG 118 53.06 -153.01 101.14
C TYR OG 118 54.14 -153.39 100.15
N GLU OG 119 54.63 -154.61 100.29
CA GLU OG 119 55.64 -155.17 99.40
C GLU OG 119 55.35 -156.65 99.19
N GLY OG 120 55.69 -157.15 98.02
CA GLY OG 120 55.76 -158.58 97.81
C GLY OG 120 54.57 -159.26 97.17
N ALA OG 121 54.02 -158.66 96.11
CA ALA OG 121 53.11 -159.29 95.15
C ALA OG 121 51.84 -159.85 95.81
N GLY OG 122 51.07 -158.95 96.40
CA GLY OG 122 49.81 -159.33 97.01
C GLY OG 122 48.72 -158.36 96.64
N VAL OG 123 47.48 -158.86 96.67
CA VAL OG 123 46.31 -158.06 96.37
C VAL OG 123 45.71 -157.59 97.69
N VAL OG 124 45.63 -156.27 97.84
CA VAL OG 124 45.08 -155.66 99.05
C VAL OG 124 43.80 -154.93 98.66
N THR OG 125 42.70 -155.29 99.32
CA THR OG 125 41.38 -154.72 99.03
C THR OG 125 40.73 -154.24 100.30
N GLY OG 126 40.27 -153.01 100.30
CA GLY OG 126 39.60 -152.44 101.47
C GLY OG 126 38.53 -151.46 101.04
N ASN OG 127 37.49 -151.35 101.86
CA ASN OG 127 36.39 -150.44 101.57
C ASN OG 127 35.83 -149.89 102.87
N ASN OG 128 35.16 -148.74 102.74
CA ASN OG 128 34.47 -148.05 103.83
C ASN OG 128 35.41 -147.70 104.99
N LEU OG 129 36.37 -146.83 104.68
CA LEU OG 129 37.38 -146.40 105.64
C LEU OG 129 37.36 -144.88 105.75
N ARG OG 130 37.51 -144.38 106.98
CA ARG OG 130 37.57 -142.96 107.24
C ARG OG 130 38.69 -142.65 108.22
N THR OG 131 39.52 -141.67 107.87
CA THR OG 131 40.56 -141.17 108.76
C THR OG 131 40.93 -139.77 108.30
N SER OG 132 41.82 -139.14 109.06
CA SER OG 132 42.33 -137.82 108.66
C SER OG 132 43.40 -137.96 107.57
N TYR OG 133 44.49 -138.65 107.89
CA TYR OG 133 45.57 -138.80 106.93
C TYR OG 133 46.34 -140.07 107.24
N LEU OG 134 46.66 -140.81 106.17
CA LEU OG 134 47.59 -141.94 106.25
C LEU OG 134 48.55 -141.86 105.08
N ASP OG 135 49.75 -142.38 105.27
CA ASP OG 135 50.78 -142.37 104.25
C ASP OG 135 50.93 -143.77 103.66
N LEU OG 136 50.92 -143.84 102.33
CA LEU OG 136 50.87 -145.09 101.60
C LEU OG 136 52.16 -145.24 100.79
N TYR OG 137 52.87 -146.35 101.02
CA TYR OG 137 54.10 -146.67 100.31
C TYR OG 137 53.97 -148.07 99.73
N LEU OG 138 54.22 -148.20 98.43
CA LEU OG 138 53.85 -149.39 97.70
C LEU OG 138 55.01 -149.86 96.83
N ALA OG 139 55.29 -151.16 96.88
CA ALA OG 139 56.35 -151.74 96.08
C ALA OG 139 55.96 -153.17 95.74
N ASN OG 140 56.56 -153.68 94.65
CA ASN OG 140 56.54 -155.09 94.28
C ASN OG 140 55.13 -155.63 94.09
N GLU OG 141 54.48 -155.15 93.03
CA GLU OG 141 53.11 -155.52 92.65
C GLU OG 141 52.12 -155.17 93.77
N GLY OG 142 52.00 -153.87 94.00
CA GLY OG 142 50.98 -153.41 94.93
C GLY OG 142 49.66 -153.34 94.20
N THR OG 143 48.89 -154.42 94.31
CA THR OG 143 47.62 -154.57 93.60
C THR OG 143 46.50 -154.15 94.53
N THR OG 144 46.14 -152.88 94.49
CA THR OG 144 45.33 -152.28 95.55
C THR OG 144 43.98 -151.83 95.03
N ARG OG 145 42.93 -152.24 95.72
CA ARG OG 145 41.58 -151.69 95.56
C ARG OG 145 41.20 -151.01 96.86
N LEU OG 146 40.84 -149.73 96.78
CA LEU OG 146 40.45 -148.96 97.95
C LEU OG 146 39.16 -148.22 97.65
N ALA OG 147 38.19 -148.33 98.54
CA ALA OG 147 36.91 -147.65 98.42
C ALA OG 147 36.56 -146.91 99.70
N GLY OG 148 37.53 -146.17 100.23
CA GLY OG 148 37.30 -145.36 101.41
C GLY OG 148 37.57 -143.90 101.15
N ASN OG 149 36.72 -143.05 101.69
CA ASN OG 149 36.83 -141.60 101.47
C ASN OG 149 37.91 -141.05 102.39
N ILE OG 150 39.15 -141.05 101.92
CA ILE OG 150 40.29 -140.52 102.67
C ILE OG 150 41.03 -139.54 101.79
N GLY OG 151 41.15 -138.30 102.24
CA GLY OG 151 42.10 -137.39 101.64
C GLY OG 151 43.47 -137.58 102.26
N LEU OG 152 44.50 -137.38 101.44
CA LEU OG 152 45.86 -137.62 101.90
C LEU OG 152 46.82 -136.76 101.09
N GLN OG 153 48.01 -136.54 101.65
CA GLN OG 153 49.03 -135.70 101.05
C GLN OG 153 50.09 -136.50 100.30
N LYS OG 154 50.35 -137.73 100.71
CA LYS OG 154 51.43 -138.50 100.12
C LYS OG 154 50.94 -139.85 99.65
N LEU OG 155 51.37 -140.25 98.46
CA LEU OG 155 51.09 -141.58 97.93
C LEU OG 155 52.27 -141.96 97.04
N GLU OG 156 53.05 -142.94 97.48
CA GLU OG 156 54.27 -143.33 96.78
C GLU OG 156 54.17 -144.79 96.38
N ALA OG 157 54.47 -145.07 95.12
CA ALA OG 157 54.51 -146.43 94.61
C ALA OG 157 55.66 -146.55 93.62
N VAL OG 158 56.22 -147.76 93.53
CA VAL OG 158 57.36 -147.97 92.64
C VAL OG 158 56.90 -147.98 91.18
N GLY OG 159 56.09 -148.96 90.81
CA GLY OG 159 55.67 -149.08 89.43
C GLY OG 159 55.21 -150.48 89.13
N ASN OG 160 54.76 -150.64 87.87
CA ASN OG 160 54.21 -151.89 87.33
C ASN OG 160 53.03 -152.40 88.14
N GLY OG 161 52.26 -151.47 88.71
CA GLY OG 161 51.23 -151.84 89.65
C GLY OG 161 49.97 -151.04 89.40
N VAL OG 162 48.87 -151.62 89.86
CA VAL OG 162 47.53 -151.07 89.69
C VAL OG 162 46.97 -150.73 91.06
N THR OG 163 46.50 -149.49 91.20
CA THR OG 163 45.88 -149.01 92.42
C THR OG 163 44.66 -148.19 92.05
N GLN OG 164 43.49 -148.64 92.50
CA GLN OG 164 42.22 -148.03 92.15
C GLN OG 164 41.57 -147.53 93.43
N ILE OG 165 41.50 -146.22 93.59
CA ILE OG 165 41.11 -145.58 94.85
C ILE OG 165 39.88 -144.72 94.62
N ASN OG 166 38.85 -144.94 95.44
CA ASN OG 166 37.59 -144.22 95.34
C ASN OG 166 37.41 -143.37 96.60
N GLY OG 167 37.40 -142.05 96.43
CA GLY OG 167 37.09 -141.13 97.51
C GLY OG 167 38.29 -140.48 98.14
N VAL OG 168 38.59 -139.24 97.73
CA VAL OG 168 39.70 -138.46 98.27
C VAL OG 168 39.22 -137.03 98.47
N SER OG 169 39.42 -136.48 99.67
CA SER OG 169 39.16 -135.08 99.95
C SER OG 169 40.40 -134.50 100.63
N SER OG 170 41.37 -134.04 99.84
CA SER OG 170 42.66 -133.61 100.36
C SER OG 170 42.93 -132.16 100.03
N ARG OG 171 43.48 -131.44 101.00
CA ARG OG 171 43.90 -130.06 100.79
C ARG OG 171 45.32 -129.97 100.24
N ASN OG 172 46.04 -131.09 100.19
CA ASN OG 172 47.35 -131.12 99.57
C ASN OG 172 47.59 -132.52 99.06
N LEU OG 173 48.44 -132.62 98.04
CA LEU OG 173 48.86 -133.90 97.50
C LEU OG 173 50.17 -133.69 96.77
N GLN OG 174 51.15 -134.56 97.03
CA GLN OG 174 52.44 -134.48 96.35
C GLN OG 174 52.83 -135.89 95.93
N ILE OG 175 52.97 -136.09 94.62
CA ILE OG 175 53.25 -137.40 94.06
C ILE OG 175 54.58 -137.34 93.32
N VAL OG 176 55.44 -138.32 93.55
CA VAL OG 176 56.61 -138.55 92.73
C VAL OG 176 56.62 -140.01 92.34
N LEU OG 177 57.29 -140.31 91.23
CA LEU OG 177 57.33 -141.65 90.66
C LEU OG 177 58.75 -141.99 90.26
N LYS OG 178 59.05 -143.29 90.25
CA LYS OG 178 60.37 -143.76 89.85
C LYS OG 178 60.34 -144.85 88.80
N GLY OG 179 59.37 -145.76 88.86
CA GLY OG 179 59.22 -146.79 87.87
C GLY OG 179 58.09 -146.49 86.91
N ASP OG 180 57.26 -147.49 86.60
CA ASP OG 180 56.19 -147.33 85.62
C ASP OG 180 54.86 -147.79 86.21
N PRO OG 181 54.21 -146.95 87.00
CA PRO OG 181 52.92 -147.34 87.59
C PRO OG 181 51.74 -147.01 86.71
N LYS OG 182 50.67 -147.78 86.89
CA LYS OG 182 49.44 -147.63 86.10
C LYS OG 182 48.29 -147.64 87.10
N VAL OG 183 47.96 -146.46 87.64
CA VAL OG 183 46.97 -146.36 88.70
C VAL OG 183 45.81 -145.48 88.26
N LEU OG 184 44.82 -145.33 89.13
CA LEU OG 184 43.76 -144.36 88.95
C LEU OG 184 43.30 -143.91 90.32
N ILE OG 185 42.62 -142.77 90.36
CA ILE OG 185 42.19 -142.16 91.61
C ILE OG 185 40.83 -141.50 91.39
N SER OG 186 40.12 -141.26 92.49
CA SER OG 186 38.87 -140.52 92.42
C SER OG 186 38.80 -139.56 93.61
N GLY OG 187 38.23 -138.38 93.38
CA GLY OG 187 38.05 -137.41 94.44
C GLY OG 187 38.26 -135.96 94.04
N PHE OG 188 38.61 -135.11 95.01
CA PHE OG 188 38.82 -133.69 94.79
C PHE OG 188 40.17 -133.33 95.36
N VAL OG 189 41.06 -132.82 94.51
CA VAL OG 189 42.48 -132.69 94.84
C VAL OG 189 42.88 -131.23 94.78
N ASN OG 190 43.56 -130.77 95.83
CA ASN OG 190 44.30 -129.51 95.79
C ASN OG 190 45.77 -129.86 95.61
N LEU OG 191 46.17 -130.02 94.36
CA LEU OG 191 47.54 -130.37 94.07
C LEU OG 191 48.36 -129.13 93.73
N ARG OG 192 49.66 -129.23 93.94
CA ARG OG 192 50.59 -128.15 93.62
C ARG OG 192 51.60 -128.55 92.56
N GLN OG 193 52.30 -129.67 92.76
CA GLN OG 193 53.44 -130.02 91.93
C GLN OG 193 53.45 -131.52 91.65
N LEU OG 194 53.72 -131.89 90.40
CA LEU OG 194 53.83 -133.29 90.03
C LEU OG 194 54.78 -133.44 88.85
N ASP OG 195 55.73 -134.35 88.98
CA ASP OG 195 56.69 -134.64 87.92
C ASP OG 195 56.68 -136.14 87.66
N MET OG 196 56.87 -136.51 86.40
CA MET OG 196 56.89 -137.92 86.01
C MET OG 196 58.14 -138.20 85.18
N TYR OG 197 58.71 -139.39 85.42
CA TYR OG 197 60.02 -139.75 84.90
C TYR OG 197 60.08 -141.11 84.22
N GLY OG 198 59.16 -142.01 84.50
CA GLY OG 198 59.24 -143.35 83.93
C GLY OG 198 58.41 -143.54 82.69
N LYS OG 199 57.60 -144.59 82.69
CA LYS OG 199 56.71 -144.91 81.58
C LYS OG 199 55.31 -145.05 82.14
N GLY OG 200 54.89 -144.04 82.89
CA GLY OG 200 53.73 -144.19 83.76
C GLY OG 200 52.46 -143.63 83.15
N THR OG 201 51.34 -144.06 83.72
CA THR OG 201 50.04 -143.54 83.34
C THR OG 201 49.31 -143.02 84.58
N LEU OG 202 48.45 -142.03 84.37
CA LEU OG 202 47.61 -141.51 85.43
C LEU OG 202 46.37 -140.87 84.83
N SER OG 203 45.22 -141.18 85.41
CA SER OG 203 43.95 -140.57 85.06
C SER OG 203 43.33 -139.98 86.31
N LEU OG 204 42.51 -138.95 86.13
CA LEU OG 204 41.87 -138.31 87.28
C LEU OG 204 40.51 -137.79 86.88
N TYR OG 205 39.55 -137.85 87.82
CA TYR OG 205 38.22 -137.32 87.53
C TYR OG 205 38.15 -135.81 87.71
N TRP OG 206 38.32 -135.35 88.95
CA TRP OG 206 38.11 -133.94 89.27
C TRP OG 206 39.24 -133.41 90.12
N ILE OG 207 39.62 -132.17 89.88
CA ILE OG 207 40.66 -131.49 90.64
C ILE OG 207 40.21 -130.06 90.89
N LYS OG 208 40.40 -129.58 92.12
CA LYS OG 208 40.01 -128.24 92.52
C LYS OG 208 41.20 -127.58 93.20
N SER OG 209 42.08 -126.99 92.38
CA SER OG 209 43.19 -126.21 92.86
C SER OG 209 43.32 -124.98 91.96
N ASP OG 210 44.35 -124.19 92.19
CA ASP OG 210 44.53 -122.99 91.39
C ASP OG 210 45.88 -122.92 90.69
N THR OG 211 46.96 -123.32 91.36
CA THR OG 211 48.30 -123.21 90.81
C THR OG 211 48.88 -124.60 90.67
N LEU OG 212 49.33 -124.94 89.46
CA LEU OG 212 49.81 -126.27 89.17
C LEU OG 212 51.12 -126.21 88.40
N THR OG 213 52.02 -127.13 88.73
CA THR OG 213 53.30 -127.27 88.04
C THR OG 213 53.48 -128.74 87.70
N ILE OG 214 53.42 -129.07 86.40
CA ILE OG 214 53.54 -130.45 85.95
C ILE OG 214 54.75 -130.56 85.04
N ARG OG 215 55.61 -131.53 85.33
CA ARG OG 215 56.76 -131.83 84.49
C ARG OG 215 56.69 -133.27 84.02
N ALA OG 216 57.02 -133.50 82.75
CA ALA OG 216 57.11 -134.86 82.21
C ALA OG 216 58.41 -135.02 81.46
N LYS OG 217 59.15 -136.07 81.79
CA LYS OG 217 60.50 -136.27 81.27
C LYS OG 217 60.54 -137.27 80.12
N LYS OG 218 60.13 -138.51 80.36
CA LYS OG 218 60.39 -139.60 79.45
C LYS OG 218 59.14 -140.18 78.79
N ALA OG 219 58.19 -140.66 79.58
CA ALA OG 219 56.99 -141.29 79.01
C ALA OG 219 55.87 -141.19 80.04
N ALA OG 220 54.97 -140.23 79.82
CA ALA OG 220 53.83 -140.04 80.70
C ALA OG 220 52.56 -140.08 79.87
N LYS OG 221 51.53 -140.71 80.42
CA LYS OG 221 50.19 -140.71 79.83
C LYS OG 221 49.28 -140.10 80.88
N ILE OG 222 49.08 -138.80 80.84
CA ILE OG 222 48.34 -138.09 81.87
C ILE OG 222 47.01 -137.62 81.29
N GLN OG 223 45.92 -137.92 81.99
CA GLN OG 223 44.56 -137.57 81.56
C GLN OG 223 43.86 -136.91 82.73
N LEU OG 224 43.60 -135.60 82.61
CA LEU OG 224 43.08 -134.82 83.72
C LEU OG 224 41.87 -134.01 83.29
N ALA OG 225 41.08 -133.61 84.28
CA ALA OG 225 39.89 -132.79 84.04
C ALA OG 225 39.56 -132.04 85.32
N GLY OG 226 39.32 -130.73 85.21
CA GLY OG 226 38.98 -129.96 86.38
C GLY OG 226 39.19 -128.47 86.14
N ILE OG 227 39.30 -127.73 87.25
CA ILE OG 227 39.43 -126.28 87.23
C ILE OG 227 40.73 -125.90 87.93
N VAL OG 228 41.62 -125.26 87.18
CA VAL OG 228 42.91 -124.80 87.70
C VAL OG 228 43.12 -123.38 87.22
N ASN OG 229 43.39 -122.45 88.14
CA ASN OG 229 43.50 -121.05 87.77
C ASN OG 229 44.77 -120.77 87.00
N ARG OG 230 45.90 -121.29 87.46
CA ARG OG 230 47.20 -121.05 86.83
C ARG OG 230 47.90 -122.38 86.63
N LEU OG 231 48.31 -122.65 85.40
CA LEU OG 231 48.84 -123.96 85.03
C LEU OG 231 50.15 -123.79 84.28
N ASP OG 232 51.17 -124.53 84.71
CA ASP OG 232 52.44 -124.61 84.00
C ASP OG 232 52.68 -126.06 83.59
N VAL OG 233 52.92 -126.28 82.31
CA VAL OG 233 53.16 -127.60 81.76
C VAL OG 233 54.52 -127.59 81.07
N GLU OG 234 55.39 -128.51 81.49
CA GLU OG 234 56.67 -128.74 80.82
C GLU OG 234 56.70 -130.17 80.32
N LEU OG 235 56.88 -130.35 79.02
CA LEU OG 235 57.03 -131.67 78.43
C LEU OG 235 58.37 -131.75 77.73
N TRP OG 236 59.12 -132.81 78.00
CA TRP OG 236 60.44 -132.96 77.40
C TRP OG 236 60.40 -133.77 76.11
N ASP OG 237 59.95 -135.03 76.21
CA ASP OG 237 59.95 -135.92 75.06
C ASP OG 237 58.99 -137.06 75.33
N PHE OG 238 58.24 -137.46 74.29
CA PHE OG 238 57.40 -138.66 74.27
C PHE OG 238 56.36 -138.66 75.39
N ALA OG 239 55.79 -137.49 75.67
CA ALA OG 239 54.85 -137.33 76.76
C ALA OG 239 53.52 -136.89 76.20
N GLN OG 240 52.44 -137.53 76.68
CA GLN OG 240 51.09 -137.24 76.23
C GLN OG 240 50.29 -136.68 77.40
N PHE OG 241 49.83 -135.44 77.23
CA PHE OG 241 48.99 -134.80 78.22
C PHE OG 241 47.63 -134.44 77.62
N LYS OG 242 46.57 -134.85 78.30
CA LYS OG 242 45.21 -134.61 77.84
C LYS OG 242 44.50 -133.80 78.93
N GLY OG 243 44.47 -132.48 78.76
CA GLY OG 243 43.66 -131.63 79.59
C GLY OG 243 42.35 -131.31 78.90
N LYS OG 244 41.86 -132.26 78.12
CA LYS OG 244 40.48 -132.20 77.67
C LYS OG 244 39.57 -132.29 78.88
N TYR OG 245 38.52 -131.47 78.88
CA TYR OG 245 37.61 -131.22 80.00
C TYR OG 245 38.32 -130.67 81.23
N LEU OG 246 39.51 -130.11 81.06
CA LEU OG 246 40.23 -129.43 82.14
C LEU OG 246 40.25 -127.96 81.75
N ARG OG 247 39.37 -127.18 82.38
CA ARG OG 247 39.26 -125.77 82.06
C ARG OG 247 40.25 -124.98 82.90
N ALA OG 248 41.02 -124.11 82.25
CA ALA OG 248 42.05 -123.34 82.90
C ALA OG 248 41.94 -121.87 82.48
N GLN OG 249 42.34 -120.99 83.39
CA GLN OG 249 42.33 -119.56 83.11
C GLN OG 249 43.67 -119.11 82.56
N ARG OG 250 44.75 -119.35 83.31
CA ARG OG 250 46.09 -119.06 82.87
C ARG OG 250 46.76 -120.38 82.49
N SER OG 251 47.20 -120.49 81.26
CA SER OG 251 47.85 -121.72 80.81
C SER OG 251 49.17 -121.40 80.14
N PHE OG 252 50.22 -122.10 80.56
CA PHE OG 252 51.55 -121.95 80.00
C PHE OG 252 52.04 -123.31 79.55
N VAL OG 253 52.36 -123.44 78.27
CA VAL OG 253 52.75 -124.71 77.68
C VAL OG 253 54.16 -124.58 77.13
N LYS OG 254 55.06 -125.45 77.57
CA LYS OG 254 56.42 -125.50 77.05
C LYS OG 254 56.71 -126.93 76.62
N THR OG 255 56.72 -127.14 75.30
CA THR OG 255 56.88 -128.48 74.75
C THR OG 255 58.19 -128.54 73.98
N HIS OG 256 59.05 -129.48 74.36
CA HIS OG 256 60.29 -129.71 73.65
C HIS OG 256 60.05 -130.78 72.58
N ASP OG 257 61.13 -131.37 72.07
CA ASP OG 257 61.07 -132.27 70.93
C ASP OG 257 60.27 -133.53 71.22
N LYS OG 258 59.36 -133.86 70.30
CA LYS OG 258 58.52 -135.05 70.32
C LYS OG 258 57.65 -135.10 71.58
N SER OG 259 56.71 -134.16 71.63
CA SER OG 259 55.77 -134.07 72.75
C SER OG 259 54.37 -133.84 72.21
N VAL OG 260 53.37 -134.28 72.98
CA VAL OG 260 51.96 -134.15 72.61
C VAL OG 260 51.16 -133.65 73.79
N ALA OG 261 50.46 -132.53 73.61
CA ALA OG 261 49.58 -132.05 74.67
C ALA OG 261 48.39 -131.34 74.06
N GLU OG 262 47.23 -131.52 74.68
CA GLU OG 262 46.04 -130.76 74.33
C GLU OG 262 45.41 -130.20 75.59
N ILE OG 263 44.76 -129.05 75.46
CA ILE OG 263 44.30 -128.24 76.58
C ILE OG 263 42.98 -127.57 76.22
N SER OG 264 42.40 -126.90 77.21
CA SER OG 264 41.10 -126.26 77.13
C SER OG 264 41.13 -124.89 77.80
N ALA OG 265 42.09 -124.05 77.40
CA ALA OG 265 42.24 -122.72 77.99
C ALA OG 265 41.01 -121.84 77.75
N VAL OG 266 40.61 -121.12 78.79
CA VAL OG 266 39.39 -120.32 78.77
C VAL OG 266 39.71 -118.85 78.56
N ASN OG 267 40.69 -118.33 79.28
CA ASN OG 267 40.95 -116.90 79.29
C ASN OG 267 42.29 -116.54 78.64
N HIS OG 268 43.39 -117.11 79.13
CA HIS OG 268 44.72 -116.68 78.72
C HIS OG 268 45.61 -117.87 78.48
N GLN OG 269 46.19 -117.93 77.28
CA GLN OG 269 46.95 -119.09 76.84
C GLN OG 269 48.26 -118.63 76.21
N SER OG 270 49.36 -119.20 76.67
CA SER OG 270 50.67 -118.95 76.11
C SER OG 270 51.33 -120.29 75.79
N SER OG 271 51.81 -120.42 74.57
CA SER OG 271 52.34 -121.71 74.14
C SER OG 271 53.65 -121.56 73.38
N LEU OG 272 54.59 -122.44 73.68
CA LEU OG 272 55.85 -122.53 72.97
C LEU OG 272 56.14 -123.98 72.63
N ALA OG 273 56.42 -124.23 71.36
CA ALA OG 273 56.75 -125.55 70.87
C ALA OG 273 58.07 -125.50 70.12
N THR OG 274 58.98 -126.41 70.45
CA THR OG 274 60.30 -126.38 69.81
C THR OG 274 60.28 -127.05 68.44
N ASP OG 275 60.03 -128.37 68.41
CA ASP OG 275 60.08 -129.12 67.17
C ASP OG 275 59.32 -130.41 67.34
N ALA OG 276 58.59 -130.81 66.29
CA ALA OG 276 57.79 -132.04 66.23
C ALA OG 276 56.80 -132.13 67.39
N SER OG 277 56.28 -130.99 67.81
CA SER OG 277 55.49 -130.88 69.02
C SER OG 277 54.05 -130.59 68.66
N ASP OG 278 53.14 -131.35 69.25
CA ASP OG 278 51.71 -131.17 69.03
C ASP OG 278 51.13 -130.37 70.18
N ILE OG 279 50.60 -129.20 69.88
CA ILE OG 279 49.86 -128.41 70.86
C ILE OG 279 48.45 -128.25 70.30
N TYR OG 280 47.52 -128.96 70.90
CA TYR OG 280 46.13 -128.93 70.48
C TYR OG 280 45.28 -128.39 71.61
N TYR OG 281 44.12 -127.87 71.26
CA TYR OG 281 43.20 -127.36 72.25
C TYR OG 281 41.80 -127.68 71.80
N TYR OG 282 40.84 -127.43 72.68
CA TYR OG 282 39.44 -127.67 72.32
C TYR OG 282 38.53 -126.53 72.72
N ASN OG 283 39.10 -125.39 73.11
CA ASN OG 283 38.30 -124.19 73.35
C ASN OG 283 39.18 -122.99 73.09
N LEU OG 284 38.72 -122.09 72.24
CA LEU OG 284 39.42 -120.83 72.03
C LEU OG 284 39.23 -119.94 73.25
N SER OG 285 40.26 -119.16 73.53
CA SER OG 285 40.26 -118.27 74.68
C SER OG 285 40.14 -116.83 74.21
N LYS OG 286 39.98 -115.93 75.18
CA LYS OG 286 39.94 -114.52 74.86
C LYS OG 286 41.32 -113.95 74.59
N THR OG 287 42.38 -114.64 75.00
CA THR OG 287 43.73 -114.24 74.64
C THR OG 287 44.59 -115.47 74.43
N ARG OG 288 45.16 -115.60 73.24
CA ARG OG 288 46.00 -116.74 72.90
C ARG OG 288 47.24 -116.24 72.18
N ALA OG 289 48.41 -116.68 72.62
CA ALA OG 289 49.66 -116.34 71.95
C ALA OG 289 50.52 -117.57 71.83
N ASP OG 290 51.08 -117.78 70.63
CA ASP OG 290 51.73 -119.04 70.28
C ASP OG 290 53.04 -118.79 69.55
N PHE OG 291 53.99 -119.69 69.76
CA PHE OG 291 55.24 -119.64 69.02
C PHE OG 291 55.77 -121.05 68.76
N MET OG 292 56.24 -121.27 67.54
CA MET OG 292 56.87 -122.50 67.11
C MET OG 292 58.30 -122.22 66.67
N ALA OG 293 59.22 -123.13 66.96
CA ALA OG 293 60.64 -122.87 66.78
C ALA OG 293 61.23 -123.56 65.55
N PHE OG 294 61.08 -124.88 65.45
CA PHE OG 294 61.49 -125.60 64.25
C PHE OG 294 60.34 -126.29 63.55
N ASN OG 295 59.69 -127.26 64.21
CA ASN OG 295 58.64 -128.03 63.57
C ASN OG 295 57.44 -128.21 64.47
N GLY OG 296 57.33 -127.46 65.55
CA GLY OG 296 56.15 -127.53 66.39
C GLY OG 296 54.94 -126.93 65.71
N SER OG 297 53.77 -127.27 66.25
CA SER OG 297 52.54 -126.86 65.61
C SER OG 297 51.42 -126.82 66.62
N VAL OG 298 50.63 -125.75 66.59
CA VAL OG 298 49.40 -125.65 67.36
C VAL OG 298 48.24 -125.74 66.38
N LEU OG 299 47.14 -126.31 66.86
CA LEU OG 299 46.02 -126.63 65.99
C LEU OG 299 44.72 -126.55 66.76
N ASP OG 300 43.62 -126.40 66.02
CA ASP OG 300 42.32 -126.14 66.63
C ASP OG 300 41.51 -127.40 66.87
N MET OG 301 41.30 -128.19 65.81
CA MET OG 301 40.44 -129.38 65.72
C MET OG 301 39.13 -129.24 66.51
N ARG OG 302 38.39 -128.21 66.16
CA ARG OG 302 37.05 -128.06 66.72
C ARG OG 302 36.06 -128.80 65.82
N GLU OG 303 34.76 -128.60 66.05
CA GLU OG 303 33.78 -129.50 65.47
C GLU OG 303 33.46 -129.19 64.02
N TRP OG 304 33.24 -127.89 63.71
CA TRP OG 304 32.64 -127.37 62.47
C TRP OG 304 31.23 -127.91 62.22
N GLY OG 305 30.57 -128.44 63.24
CA GLY OG 305 29.22 -128.94 63.07
C GLY OG 305 28.37 -128.56 64.25
N GLN OG 306 28.99 -127.97 65.26
CA GLN OG 306 28.25 -127.51 66.42
C GLN OG 306 27.51 -126.23 66.09
N SER OG 307 26.34 -126.07 66.70
CA SER OG 307 25.57 -124.86 66.52
C SER OG 307 26.05 -123.72 67.39
N ASP OG 308 26.94 -124.00 68.35
CA ASP OG 308 27.34 -123.03 69.36
C ASP OG 308 28.78 -122.57 69.14
N LEU OG 309 29.18 -122.39 67.89
CA LEU OG 309 30.54 -122.00 67.57
C LEU OG 309 30.63 -120.48 67.45
N LYS OG 310 31.67 -119.91 68.04
CA LYS OG 310 31.97 -118.50 67.87
C LYS OG 310 33.30 -118.35 67.15
N ASP OG 311 33.41 -117.27 66.37
CA ASP OG 311 34.57 -117.03 65.54
C ASP OG 311 35.51 -116.05 66.24
N PHE OG 312 36.67 -115.85 65.61
CA PHE OG 312 37.68 -114.95 66.15
C PHE OG 312 37.23 -113.50 66.07
N ASP OG 313 37.48 -112.75 67.15
CA ASP OG 313 37.36 -111.31 67.15
C ASP OG 313 38.74 -110.71 66.94
N ARG OG 314 38.79 -109.38 66.85
CA ARG OG 314 40.05 -108.68 66.63
C ARG OG 314 41.00 -108.87 67.80
N TYR OG 315 40.47 -108.93 69.02
CA TYR OG 315 41.28 -109.02 70.21
C TYR OG 315 41.97 -110.37 70.39
N ASN OG 316 41.64 -111.35 69.55
CA ASN OG 316 42.24 -112.68 69.65
C ASN OG 316 42.64 -113.20 68.28
N LYS OG 317 42.90 -112.30 67.34
CA LYS OG 317 43.11 -112.69 65.94
C LYS OG 317 44.58 -112.97 65.67
N GLN OG 318 45.16 -113.87 66.44
CA GLN OG 318 46.55 -114.24 66.26
C GLN OG 318 46.69 -115.15 65.05
N PHE OG 319 47.60 -114.81 64.16
CA PHE OG 319 47.82 -115.62 62.97
C PHE OG 319 49.07 -116.45 63.17
N PRO OG 320 48.96 -117.78 63.25
CA PRO OG 320 50.12 -118.66 63.46
C PRO OG 320 50.88 -118.93 62.17
N ASP PG 39 53.79 -97.65 23.87
CA ASP PG 39 52.55 -97.78 23.10
C ASP PG 39 52.53 -99.08 22.31
N GLY PG 40 53.66 -99.79 22.29
CA GLY PG 40 53.70 -101.09 21.67
C GLY PG 40 53.04 -102.10 22.56
N CYS PG 41 51.82 -102.50 22.22
CA CYS PG 41 51.00 -103.22 23.18
C CYS PG 41 51.27 -104.72 23.16
N CYS PG 42 51.20 -105.35 21.99
CA CYS PG 42 51.46 -106.79 21.92
C CYS PG 42 52.95 -107.08 21.72
N SER PG 43 53.77 -106.51 22.59
CA SER PG 43 55.20 -106.72 22.54
C SER PG 43 55.55 -108.13 23.01
N LYS PG 44 56.63 -108.68 22.42
CA LYS PG 44 57.10 -110.06 22.63
C LYS PG 44 56.01 -111.09 22.35
N MET PG 45 55.13 -110.78 21.41
CA MET PG 45 54.06 -111.67 21.01
C MET PG 45 54.00 -111.64 19.49
N GLY PG 46 52.93 -112.20 18.93
CA GLY PG 46 52.79 -112.19 17.49
C GLY PG 46 52.45 -110.83 16.92
N GLY PG 47 51.89 -109.95 17.73
CA GLY PG 47 51.44 -108.64 17.27
C GLY PG 47 49.94 -108.49 17.42
N ILE PG 48 49.45 -107.34 16.95
CA ILE PG 48 48.05 -107.01 17.08
C ILE PG 48 47.25 -107.82 16.06
N ASN PG 49 46.11 -108.36 16.49
CA ASN PG 49 45.22 -109.01 15.56
C ASN PG 49 44.13 -108.06 15.08
N TYR PG 50 43.30 -107.58 16.00
CA TYR PG 50 42.26 -106.59 15.73
C TYR PG 50 41.85 -105.99 17.08
N CYS PG 51 40.73 -105.28 17.10
CA CYS PG 51 40.15 -104.76 18.33
C CYS PG 51 38.80 -105.41 18.55
N ASP PG 52 38.66 -106.17 19.64
CA ASP PG 52 37.33 -106.58 20.09
C ASP PG 52 36.68 -105.34 20.67
N SER PG 53 35.95 -104.61 19.83
CA SER PG 53 35.34 -103.36 20.27
C SER PG 53 34.20 -103.58 21.25
N SER PG 54 33.60 -104.77 21.26
CA SER PG 54 32.72 -105.12 22.36
C SER PG 54 33.50 -105.22 23.66
N ALA PG 55 34.68 -105.80 23.61
CA ALA PG 55 35.52 -105.88 24.79
C ALA PG 55 36.41 -104.67 24.97
N GLY PG 56 36.62 -103.88 23.91
CA GLY PG 56 37.39 -102.67 24.03
C GLY PG 56 38.89 -102.84 24.12
N ARG PG 57 39.38 -104.06 23.97
CA ARG PG 57 40.80 -104.33 24.08
C ARG PG 57 41.31 -104.93 22.78
N LEU PG 58 42.52 -104.54 22.39
CA LEU PG 58 43.17 -105.17 21.25
C LEU PG 58 43.55 -106.60 21.61
N VAL PG 59 43.39 -107.51 20.66
CA VAL PG 59 43.77 -108.89 20.84
C VAL PG 59 45.14 -109.12 20.24
N CYS PG 60 46.03 -109.73 21.01
CA CYS PG 60 47.31 -110.12 20.47
C CYS PG 60 47.14 -111.37 19.62
N ASN PG 61 48.20 -111.72 18.89
CA ASN PG 61 48.12 -112.85 17.97
C ASN PG 61 48.17 -114.19 18.68
N ASN PG 62 48.53 -114.21 19.95
CA ASN PG 62 48.13 -115.30 20.84
C ASN PG 62 46.92 -114.85 21.61
N GLY PG 63 46.07 -115.81 21.98
CA GLY PG 63 44.74 -115.49 22.44
C GLY PG 63 44.64 -114.86 23.82
N PHE PG 64 45.13 -113.63 23.94
CA PHE PG 64 45.10 -112.90 25.19
C PHE PG 64 44.71 -111.46 24.89
N TYR PG 65 44.46 -110.71 25.95
CA TYR PG 65 44.09 -109.31 25.81
C TYR PG 65 45.20 -108.40 26.28
N SER PG 66 45.43 -107.33 25.54
CA SER PG 66 46.45 -106.37 25.93
C SER PG 66 45.98 -105.54 27.11
N THR PG 67 46.97 -104.91 27.76
CA THR PG 67 46.66 -103.88 28.74
C THR PG 67 46.13 -102.62 28.08
N CYS PG 68 46.41 -102.41 26.80
CA CYS PG 68 45.92 -101.25 26.11
C CYS PG 68 44.44 -101.40 25.76
N TYR PG 69 43.86 -100.32 25.26
CA TYR PG 69 42.48 -100.33 24.81
C TYR PG 69 42.38 -99.62 23.47
N CYS PG 70 41.32 -99.93 22.73
CA CYS PG 70 41.07 -99.27 21.45
C CYS PG 70 39.97 -98.22 21.55
N THR PG 71 38.77 -98.61 21.99
CA THR PG 71 37.68 -97.65 22.03
C THR PG 71 37.67 -96.92 23.37
N ARG PG 72 36.95 -95.80 23.40
CA ARG PG 72 36.76 -95.08 24.64
C ARG PG 72 35.73 -95.75 25.53
N HIS PG 73 34.91 -96.64 24.97
CA HIS PG 73 33.97 -97.41 25.77
C HIS PG 73 34.70 -98.61 26.35
N ALA PG 74 35.49 -98.34 27.39
CA ALA PG 74 36.31 -99.35 28.03
C ALA PG 74 36.25 -99.20 29.54
N VAL PG 75 36.08 -100.33 30.23
CA VAL PG 75 36.03 -100.33 31.68
C VAL PG 75 37.44 -100.13 32.19
N MET PG 76 37.78 -98.91 32.54
CA MET PG 76 39.06 -98.57 33.12
C MET PG 76 38.84 -97.90 34.47
N ASP PG 77 39.90 -97.80 35.25
CA ASP PG 77 39.80 -97.17 36.55
C ASP PG 77 39.98 -95.67 36.39
N LEU PG 78 39.02 -94.91 36.90
CA LEU PG 78 39.04 -93.46 36.85
C LEU PG 78 38.79 -92.94 38.26
N GLN PG 79 39.77 -92.20 38.79
CA GLN PG 79 39.69 -91.70 40.15
C GLN PG 79 39.83 -90.19 40.26
N PHE PG 80 40.61 -89.57 39.39
CA PHE PG 80 40.88 -88.14 39.49
C PHE PG 80 40.72 -87.52 38.11
N LEU PG 81 40.08 -86.35 38.06
CA LEU PG 81 39.82 -85.69 36.79
C LEU PG 81 39.81 -84.18 37.00
N MET PG 82 39.95 -83.47 35.87
CA MET PG 82 40.07 -82.03 35.83
C MET PG 82 38.69 -81.38 35.90
N GLY PG 83 38.63 -80.09 35.62
CA GLY PG 83 37.36 -79.40 35.44
C GLY PG 83 36.99 -78.56 36.63
N CYS PG 84 36.21 -77.51 36.39
CA CYS PG 84 35.67 -76.67 37.44
C CYS PG 84 34.16 -76.83 37.50
N CYS PG 85 33.58 -76.28 38.56
CA CYS PG 85 32.15 -76.39 38.89
C CYS PG 85 31.69 -77.84 38.98
N LEU PG 86 32.54 -78.69 39.54
CA LEU PG 86 32.23 -80.10 39.63
C LEU PG 86 31.19 -80.37 40.71
N TRP PG 87 30.39 -81.42 40.48
CA TRP PG 87 29.22 -81.77 41.29
C TRP PG 87 28.24 -80.62 41.41
N HIS PG 88 28.13 -79.84 40.35
CA HIS PG 88 27.25 -78.70 40.28
C HIS PG 88 26.80 -78.55 38.83
N GLY PG 89 26.27 -77.37 38.49
CA GLY PG 89 25.71 -77.17 37.18
C GLY PG 89 26.69 -77.05 36.04
N GLY PG 90 27.99 -77.07 36.31
CA GLY PG 90 28.97 -76.91 35.28
C GLY PG 90 29.27 -75.45 35.00
N VAL PG 91 29.94 -75.21 33.88
CA VAL PG 91 30.28 -73.84 33.51
C VAL PG 91 29.04 -73.18 32.89
N TYR PG 92 28.65 -72.05 33.45
CA TYR PG 92 27.53 -71.29 32.91
C TYR PG 92 27.95 -70.65 31.58
N PRO PG 93 27.05 -70.60 30.60
CA PRO PG 93 27.42 -70.00 29.30
C PRO PG 93 27.57 -68.49 29.30
N GLN PG 94 27.22 -67.79 30.37
CA GLN PG 94 27.33 -66.34 30.36
C GLN PG 94 28.79 -65.91 30.55
N LEU PG 95 29.04 -64.63 30.28
CA LEU PG 95 30.31 -64.01 30.58
C LEU PG 95 30.07 -62.79 31.47
N ASN PG 96 31.06 -62.49 32.30
CA ASN PG 96 30.92 -61.48 33.33
C ASN PG 96 31.96 -60.39 33.12
N SER PG 97 31.63 -59.21 33.66
CA SER PG 97 32.61 -58.14 33.77
C SER PG 97 33.77 -58.56 34.65
N SER PG 98 33.49 -59.23 35.76
CA SER PG 98 34.51 -59.80 36.60
C SER PG 98 34.90 -61.19 36.07
N GLY PG 99 35.84 -61.82 36.75
CA GLY PG 99 36.22 -63.18 36.41
C GLY PG 99 35.50 -64.19 37.28
N LEU PG 100 34.40 -63.76 37.89
CA LEU PG 100 33.64 -64.63 38.76
C LEU PG 100 32.90 -65.69 37.96
N VAL PG 101 32.99 -66.94 38.41
CA VAL PG 101 32.38 -68.07 37.72
C VAL PG 101 31.37 -68.72 38.66
N VAL PG 102 30.13 -68.84 38.19
CA VAL PG 102 29.03 -69.38 38.97
C VAL PG 102 28.46 -70.57 38.20
N CYS PG 103 28.25 -71.68 38.90
CA CYS PG 103 27.74 -72.87 38.24
C CYS PG 103 26.25 -72.73 37.95
N ASN PG 104 25.78 -73.58 37.03
CA ASN PG 104 24.42 -73.50 36.53
C ASN PG 104 23.37 -73.97 37.53
N ASP PG 105 23.78 -74.62 38.62
CA ASP PG 105 22.85 -75.02 39.66
C ASP PG 105 22.51 -73.88 40.60
N GLY PG 106 23.14 -72.72 40.44
CA GLY PG 106 22.95 -71.59 41.32
C GLY PG 106 24.09 -71.35 42.29
N TYR PG 107 25.00 -72.30 42.43
CA TYR PG 107 26.13 -72.17 43.33
C TYR PG 107 27.28 -71.44 42.63
N VAL PG 108 27.98 -70.61 43.39
CA VAL PG 108 29.11 -69.83 42.89
C VAL PG 108 30.39 -70.52 43.30
N SER PG 109 31.32 -70.68 42.36
CA SER PG 109 32.61 -71.31 42.63
C SER PG 109 33.69 -70.26 42.72
N GLU PG 110 34.42 -70.26 43.83
CA GLU PG 110 35.60 -69.43 44.00
C GLU PG 110 36.89 -70.19 43.75
N GLU PG 111 36.79 -71.48 43.43
CA GLU PG 111 37.98 -72.31 43.32
C GLU PG 111 38.77 -71.98 42.07
N CYS PG 112 38.09 -71.85 40.94
CA CYS PG 112 38.75 -71.44 39.71
C CYS PG 112 38.54 -69.97 39.38
N SER PG 113 37.81 -69.24 40.22
CA SER PG 113 37.64 -67.82 39.99
C SER PG 113 38.92 -67.07 40.34
N LEU PG 114 39.12 -65.92 39.71
CA LEU PG 114 40.31 -65.11 39.95
C LEU PG 114 40.05 -64.14 41.09
N GLN PG 115 40.96 -63.18 41.26
CA GLN PG 115 40.94 -62.29 42.41
C GLN PG 115 41.67 -61.00 42.03
N LYS PG 116 41.95 -60.17 43.03
CA LYS PG 116 42.70 -58.93 42.84
C LYS PG 116 44.16 -59.22 42.50
N UNK QG 1 35.94 -120.06 40.69
CA UNK QG 1 35.68 -121.21 39.83
C UNK QG 1 36.16 -122.50 40.48
N UNK QG 2 37.08 -122.35 41.43
CA UNK QG 2 37.58 -123.37 42.35
C UNK QG 2 38.40 -124.49 41.71
N UNK QG 3 38.50 -124.48 40.37
CA UNK QG 3 39.24 -125.46 39.58
C UNK QG 3 39.27 -124.95 38.15
N UNK QG 4 40.18 -125.51 37.36
CA UNK QG 4 40.13 -125.31 35.91
C UNK QG 4 40.38 -126.57 35.11
N UNK QG 5 41.03 -127.59 35.65
CA UNK QG 5 41.13 -128.88 34.97
C UNK QG 5 39.92 -129.73 35.36
N UNK QG 6 38.76 -129.29 34.91
CA UNK QG 6 37.50 -129.92 35.29
C UNK QG 6 37.37 -131.27 34.61
N UNK QG 7 37.08 -132.29 35.42
CA UNK QG 7 37.15 -133.66 34.94
C UNK QG 7 36.00 -133.98 34.01
N UNK QG 8 36.15 -135.10 33.30
CA UNK QG 8 35.07 -135.69 32.52
C UNK QG 8 35.06 -137.17 32.90
N UNK QG 9 34.36 -137.49 33.99
CA UNK QG 9 34.22 -138.84 34.54
C UNK QG 9 35.54 -139.56 34.79
N UNK RG 1 -51.37 -5.98 105.15
CA UNK RG 1 -50.95 -6.22 103.78
C UNK RG 1 -50.81 -7.71 103.52
N UNK RG 2 -49.58 -8.22 103.60
CA UNK RG 2 -49.29 -9.64 103.50
C UNK RG 2 -48.62 -10.10 104.78
N UNK RG 3 -49.32 -10.94 105.55
CA UNK RG 3 -48.82 -11.40 106.83
C UNK RG 3 -47.97 -12.64 106.65
N UNK RG 4 -46.77 -12.61 107.23
CA UNK RG 4 -45.89 -13.78 107.16
C UNK RG 4 -46.45 -14.95 107.96
N UNK RG 5 -47.12 -14.66 109.08
CA UNK RG 5 -47.76 -15.71 109.87
C UNK RG 5 -48.92 -16.35 109.11
N UNK RG 6 -49.73 -15.53 108.43
CA UNK RG 6 -50.81 -16.07 107.61
C UNK RG 6 -50.27 -16.86 106.43
N UNK RG 7 -49.17 -16.41 105.84
CA UNK RG 7 -48.53 -17.13 104.75
C UNK RG 7 -47.98 -18.48 105.22
N UNK RG 8 -47.37 -18.51 106.41
CA UNK RG 8 -46.86 -19.77 106.94
C UNK RG 8 -47.99 -20.72 107.32
N UNK RG 9 -49.11 -20.17 107.83
CA UNK RG 9 -50.27 -21.01 108.14
C UNK RG 9 -50.91 -21.58 106.89
N UNK RG 10 -50.99 -20.77 105.82
CA UNK RG 10 -51.50 -21.27 104.55
C UNK RG 10 -50.55 -22.30 103.94
N UNK RG 11 -49.25 -22.12 104.15
CA UNK RG 11 -48.26 -23.11 103.71
C UNK RG 11 -48.42 -24.41 104.47
N UNK RG 12 -48.69 -24.33 105.78
CA UNK RG 12 -48.93 -25.53 106.57
C UNK RG 12 -50.22 -26.24 106.15
N UNK RG 13 -51.26 -25.46 105.83
CA UNK RG 13 -52.51 -26.05 105.34
C UNK RG 13 -52.33 -26.70 103.97
N UNK RG 14 -51.51 -26.08 103.10
CA UNK RG 14 -51.22 -26.68 101.80
C UNK RG 14 -50.31 -27.89 101.92
N UNK RG 15 -49.46 -27.93 102.94
CA UNK RG 15 -48.64 -29.11 103.18
C UNK RG 15 -49.49 -30.27 103.69
N UNK RG 16 -50.36 -30.01 104.68
CA UNK RG 16 -51.24 -31.02 105.24
C UNK RG 16 -52.66 -30.45 105.30
N UNK RG 17 -53.38 -30.56 104.19
CA UNK RG 17 -54.81 -30.33 104.17
C UNK RG 17 -55.62 -31.62 104.16
N UNK RG 18 -54.94 -32.77 104.08
CA UNK RG 18 -55.54 -34.11 104.05
C UNK RG 18 -56.53 -34.26 102.89
N UNK RG 19 -56.00 -34.16 101.67
CA UNK RG 19 -56.82 -34.31 100.46
C UNK RG 19 -55.96 -34.97 99.39
N UNK RG 20 -56.10 -36.28 99.22
CA UNK RG 20 -55.36 -37.02 98.22
C UNK RG 20 -56.13 -38.29 97.87
N UNK RG 21 -56.28 -38.56 96.58
CA UNK RG 21 -56.95 -39.76 96.11
C UNK RG 21 -56.39 -40.13 94.75
N UNK RG 22 -56.59 -41.40 94.37
CA UNK RG 22 -55.98 -41.92 93.15
C UNK RG 22 -56.96 -42.74 92.33
N UNK RG 23 -56.76 -42.70 91.02
CA UNK RG 23 -57.45 -43.55 90.07
C UNK RG 23 -56.41 -44.16 89.14
N UNK RG 24 -56.60 -45.43 88.80
CA UNK RG 24 -55.64 -46.21 88.02
C UNK RG 24 -56.29 -46.74 86.76
N UNK RG 25 -55.58 -46.62 85.64
CA UNK RG 25 -56.07 -47.04 84.33
C UNK RG 25 -55.13 -48.11 83.77
N UNK RG 26 -55.68 -49.30 83.54
CA UNK RG 26 -54.89 -50.44 83.11
C UNK RG 26 -54.64 -50.40 81.60
N UNK RG 27 -54.03 -51.46 81.08
CA UNK RG 27 -53.76 -51.54 79.65
C UNK RG 27 -55.03 -51.86 78.86
N UNK RG 28 -55.99 -52.55 79.48
CA UNK RG 28 -57.26 -52.86 78.85
C UNK RG 28 -58.35 -51.86 79.20
N UNK RG 29 -57.95 -50.61 79.47
CA UNK RG 29 -58.85 -49.49 79.81
C UNK RG 29 -59.71 -49.79 81.03
N UNK RG 30 -59.12 -50.44 82.04
CA UNK RG 30 -59.80 -50.74 83.29
C UNK RG 30 -59.51 -49.61 84.26
N UNK RG 31 -60.56 -48.91 84.69
CA UNK RG 31 -60.44 -47.75 85.57
C UNK RG 31 -60.90 -48.14 86.98
N UNK RG 32 -60.04 -47.90 87.97
CA UNK RG 32 -60.37 -48.24 89.34
C UNK RG 32 -59.89 -47.13 90.27
N UNK RG 33 -60.76 -46.72 91.19
CA UNK RG 33 -60.42 -45.69 92.16
C UNK RG 33 -60.04 -46.34 93.49
N UNK RG 34 -59.11 -45.69 94.20
CA UNK RG 34 -58.63 -46.19 95.47
C UNK RG 34 -59.30 -45.43 96.61
N UNK RG 35 -59.01 -45.87 97.84
CA UNK RG 35 -59.46 -45.14 99.01
C UNK RG 35 -58.63 -43.88 99.19
N UNK RG 36 -59.29 -42.78 99.53
CA UNK RG 36 -58.62 -41.50 99.66
C UNK RG 36 -57.78 -41.47 100.93
N UNK RG 37 -56.55 -41.99 100.85
CA UNK RG 37 -55.67 -42.09 101.99
C UNK RG 37 -54.64 -40.98 101.94
N UNK RG 38 -54.46 -40.30 103.08
CA UNK RG 38 -53.54 -39.16 103.27
C UNK RG 38 -53.76 -38.03 102.26
N UNK RG 39 -48.02 -47.54 82.32
CA UNK RG 39 -48.80 -46.55 83.08
C UNK RG 39 -50.10 -47.17 83.59
N UNK RG 40 -49.97 -48.12 84.52
CA UNK RG 40 -51.16 -48.65 85.19
C UNK RG 40 -51.80 -47.59 86.08
N UNK RG 41 -50.98 -46.71 86.65
CA UNK RG 41 -51.47 -45.59 87.44
C UNK RG 41 -50.49 -44.44 87.25
N UNK RG 42 -50.82 -43.51 86.36
CA UNK RG 42 -50.00 -42.33 86.16
C UNK RG 42 -50.08 -41.43 87.39
N UNK RG 43 -49.01 -40.66 87.62
CA UNK RG 43 -48.95 -39.78 88.78
C UNK RG 43 -49.97 -38.64 88.67
N UNK RG 44 -50.15 -38.11 87.46
CA UNK RG 44 -51.17 -37.09 87.25
C UNK RG 44 -52.57 -37.69 87.23
N UNK RG 45 -52.70 -39.00 87.04
CA UNK RG 45 -54.01 -39.64 87.06
C UNK RG 45 -54.57 -39.74 88.48
N UNK RG 46 -53.74 -39.53 89.50
CA UNK RG 46 -54.24 -39.46 90.87
C UNK RG 46 -54.84 -38.08 91.10
N UNK RG 47 -56.15 -38.03 91.33
CA UNK RG 47 -56.87 -36.77 91.48
C UNK RG 47 -57.43 -36.66 92.89
N UNK RG 48 -57.18 -35.54 93.53
CA UNK RG 48 -57.65 -35.29 94.90
C UNK RG 48 -58.98 -34.55 94.89
N LYS SG 24 64.32 -113.46 51.09
CA LYS SG 24 65.07 -112.77 52.13
C LYS SG 24 64.63 -111.31 52.23
N PHE SG 25 63.35 -111.07 52.01
CA PHE SG 25 62.78 -109.73 52.12
C PHE SG 25 61.33 -109.84 52.55
N LYS SG 26 61.01 -109.29 53.71
CA LYS SG 26 59.64 -109.26 54.20
C LYS SG 26 59.09 -107.84 54.04
N LYS SG 27 58.00 -107.74 53.43
CA LYS SG 27 57.49 -106.43 53.08
C LYS SG 27 56.62 -105.85 54.21
N PRO SG 28 56.56 -104.53 54.30
CA PRO SG 28 55.54 -103.91 55.14
C PRO SG 28 54.20 -103.94 54.44
N PRO SG 29 53.11 -103.67 55.16
CA PRO SG 29 51.83 -103.46 54.47
C PRO SG 29 51.89 -102.26 53.56
N ILE SG 30 51.34 -102.41 52.36
CA ILE SG 30 51.47 -101.39 51.32
C ILE SG 30 50.60 -100.19 51.66
N ASN SG 31 49.33 -100.44 51.96
CA ASN SG 31 48.45 -99.36 52.41
C ASN SG 31 48.45 -99.25 53.93
N ASN SG 32 49.63 -99.20 54.51
CA ASN SG 32 49.69 -99.12 55.95
C ASN SG 32 49.48 -97.68 56.40
N PRO SG 33 48.77 -97.47 57.49
CA PRO SG 33 48.70 -96.13 58.06
C PRO SG 33 49.99 -95.75 58.75
N SER SG 34 51.00 -95.34 57.99
CA SER SG 34 52.28 -94.96 58.55
C SER SG 34 52.27 -93.58 59.17
N ASP SG 35 51.19 -92.83 59.01
CA ASP SG 35 51.06 -91.50 59.58
C ASP SG 35 50.16 -91.56 60.80
N ASP SG 36 50.46 -90.71 61.79
CA ASP SG 36 49.71 -90.70 63.04
C ASP SG 36 48.28 -90.21 62.83
N ALA SG 37 48.09 -89.25 61.92
CA ALA SG 37 46.74 -88.79 61.62
C ALA SG 37 45.94 -89.89 60.93
N THR SG 38 46.59 -90.64 60.04
CA THR SG 38 45.94 -91.78 59.43
C THR SG 38 45.65 -92.88 60.44
N ILE SG 39 46.52 -93.02 61.45
CA ILE SG 39 46.29 -93.96 62.53
C ILE SG 39 45.03 -93.58 63.29
N LYS SG 40 44.91 -92.30 63.62
CA LYS SG 40 43.73 -91.80 64.30
C LYS SG 40 42.48 -91.95 63.45
N LEU SG 41 42.61 -91.70 62.15
CA LEU SG 41 41.50 -91.84 61.22
C LEU SG 41 41.02 -93.28 61.14
N ALA SG 42 41.96 -94.23 61.06
CA ALA SG 42 41.58 -95.64 60.95
C ALA SG 42 40.98 -96.15 62.24
N GLU SG 43 41.49 -95.68 63.39
CA GLU SG 43 40.89 -96.02 64.67
C GLU SG 43 39.46 -95.50 64.77
N ALA SG 44 39.25 -94.26 64.32
CA ALA SG 44 37.91 -93.68 64.31
C ALA SG 44 36.99 -94.44 63.38
N ALA SG 45 37.52 -94.90 62.25
CA ALA SG 45 36.74 -95.67 61.29
C ALA SG 45 36.30 -97.00 61.87
N VAL SG 46 37.22 -97.71 62.54
CA VAL SG 46 36.90 -98.97 63.18
C VAL SG 46 35.85 -98.77 64.27
N SER SG 47 36.02 -97.69 65.05
CA SER SG 47 35.07 -97.40 66.13
C SER SG 47 33.69 -97.09 65.60
N VAL SG 48 33.59 -96.28 64.55
CA VAL SG 48 32.28 -95.89 64.07
C VAL SG 48 31.61 -97.05 63.34
N SER SG 49 32.41 -97.94 62.72
CA SER SG 49 31.85 -99.13 62.12
C SER SG 49 31.28 -100.05 63.18
N ASP SG 50 31.99 -100.17 64.31
CA ASP SG 50 31.50 -100.98 65.41
C ASP SG 50 30.21 -100.41 65.99
N SER SG 51 30.16 -99.09 66.13
CA SER SG 51 28.98 -98.45 66.68
C SER SG 51 27.78 -98.60 65.75
N MET SG 52 28.01 -98.47 64.44
CA MET SG 52 26.92 -98.64 63.49
C MET SG 52 26.44 -100.09 63.45
N LEU SG 53 27.37 -101.05 63.58
CA LEU SG 53 27.01 -102.46 63.62
C LEU SG 53 26.13 -102.77 64.82
N GLU SG 54 26.51 -102.27 65.99
CA GLU SG 54 25.71 -102.49 67.20
C GLU SG 54 24.36 -101.80 67.10
N MET SG 55 24.34 -100.60 66.51
CA MET SG 55 23.10 -99.86 66.33
C MET SG 55 22.13 -100.61 65.43
N ALA SG 56 22.62 -101.13 64.31
CA ALA SG 56 21.78 -101.90 63.41
C ALA SG 56 21.34 -103.22 64.03
N LYS SG 57 22.22 -103.84 64.83
CA LYS SG 57 21.87 -105.08 65.52
C LYS SG 57 20.73 -104.86 66.50
N VAL SG 58 20.77 -103.76 67.25
CA VAL SG 58 19.69 -103.47 68.18
C VAL SG 58 18.42 -103.12 67.43
N GLU SG 59 18.51 -102.26 66.42
CA GLU SG 59 17.31 -101.75 65.78
C GLU SG 59 16.67 -102.72 64.81
N LYS SG 60 17.36 -103.79 64.42
CA LYS SG 60 16.78 -104.77 63.51
C LYS SG 60 15.72 -105.60 64.22
N VAL SG 61 14.64 -105.90 63.51
CA VAL SG 61 13.55 -106.74 64.02
C VAL SG 61 13.56 -108.05 63.25
N ILE SG 62 13.56 -109.16 63.98
CA ILE SG 62 13.59 -110.49 63.38
C ILE SG 62 12.37 -111.28 63.83
N THR SG 63 12.27 -112.52 63.35
CA THR SG 63 11.27 -113.48 63.80
C THR SG 63 11.93 -114.85 63.89
N PRO SG 64 11.54 -115.67 64.86
CA PRO SG 64 12.07 -117.03 64.93
C PRO SG 64 11.52 -117.88 63.81
N PRO SG 65 12.36 -118.72 63.19
CA PRO SG 65 11.90 -119.50 62.02
C PRO SG 65 10.94 -120.62 62.35
N SER SG 66 10.76 -120.93 63.63
CA SER SG 66 9.81 -121.96 64.02
C SER SG 66 8.37 -121.54 63.75
N LYS SG 67 8.06 -120.25 63.86
CA LYS SG 67 6.69 -119.77 63.72
C LYS SG 67 6.49 -118.95 62.45
N ASP SG 68 7.32 -119.18 61.42
CA ASP SG 68 7.14 -118.47 60.16
C ASP SG 68 5.91 -118.99 59.43
N ASN SG 69 5.11 -118.07 58.92
CA ASN SG 69 3.86 -118.41 58.24
C ASN SG 69 4.06 -118.43 56.73
N THR SG 70 4.88 -119.39 56.29
CA THR SG 70 5.07 -119.65 54.87
C THR SG 70 4.88 -121.14 54.64
N LEU SG 71 4.09 -121.50 53.63
CA LEU SG 71 3.83 -122.90 53.35
C LEU SG 71 5.07 -123.56 52.78
N THR SG 72 5.47 -124.67 53.37
CA THR SG 72 6.73 -125.30 53.04
C THR SG 72 6.57 -126.23 51.83
N ILE SG 73 7.60 -127.02 51.56
CA ILE SG 73 7.65 -127.90 50.40
C ILE SG 73 6.73 -129.09 50.62
N PRO SG 74 5.77 -129.34 49.74
CA PRO SG 74 4.95 -130.55 49.87
C PRO SG 74 5.61 -131.81 49.35
N ASN SG 75 6.78 -131.68 48.70
CA ASN SG 75 7.62 -132.72 48.11
C ASN SG 75 6.87 -133.77 47.28
N ALA SG 76 5.79 -133.37 46.62
CA ALA SG 76 5.09 -134.28 45.72
C ALA SG 76 5.91 -134.50 44.46
N TYR SG 77 5.88 -135.73 43.96
CA TYR SG 77 6.77 -136.09 42.86
C TYR SG 77 6.37 -135.42 41.56
N ASN SG 78 5.08 -135.16 41.37
CA ASN SG 78 4.67 -134.36 40.22
C ASN SG 78 5.13 -132.92 40.33
N LEU SG 79 5.34 -132.42 41.53
CA LEU SG 79 5.75 -131.03 41.71
C LEU SG 79 7.23 -130.80 41.41
N GLN SG 80 7.98 -131.85 41.12
CA GLN SG 80 9.40 -131.73 40.83
C GLN SG 80 9.68 -131.45 39.36
N ALA SG 81 8.68 -130.98 38.61
CA ALA SG 81 8.85 -130.70 37.20
C ALA SG 81 9.69 -129.45 37.00
N ARG SG 82 10.14 -129.26 35.76
CA ARG SG 82 11.00 -128.14 35.41
C ARG SG 82 10.32 -127.28 34.36
N ALA SG 83 10.30 -125.96 34.59
CA ALA SG 83 9.56 -125.05 33.75
C ALA SG 83 10.13 -123.64 33.88
N SER SG 84 9.88 -122.84 32.84
CA SER SG 84 10.25 -121.42 32.80
C SER SG 84 9.00 -120.62 32.52
N VAL SG 85 8.66 -119.70 33.43
CA VAL SG 85 7.39 -118.99 33.38
C VAL SG 85 7.63 -117.51 33.64
N ASP SG 86 7.11 -116.66 32.76
CA ASP SG 86 7.00 -115.23 33.00
C ASP SG 86 5.53 -114.85 33.09
N TRP SG 87 5.16 -114.13 34.14
CA TRP SG 87 3.77 -113.72 34.32
C TRP SG 87 3.74 -112.48 35.20
N SER SG 88 2.82 -111.57 34.91
CA SER SG 88 2.59 -110.44 35.80
C SER SG 88 1.11 -110.07 35.70
N GLY SG 89 0.31 -110.62 36.61
CA GLY SG 89 -1.11 -110.34 36.61
C GLY SG 89 -1.84 -111.13 37.69
N PRO SG 90 -3.14 -111.34 37.48
CA PRO SG 90 -3.99 -111.94 38.53
C PRO SG 90 -3.61 -113.39 38.82
N ILE SG 91 -3.91 -113.79 40.06
CA ILE SG 91 -3.29 -114.97 40.64
C ILE SG 91 -4.12 -116.24 40.47
N GLU SG 92 -5.44 -116.12 40.31
CA GLU SG 92 -6.31 -117.28 40.37
C GLU SG 92 -6.11 -118.19 39.16
N GLU SG 93 -6.07 -117.60 37.97
CA GLU SG 93 -5.87 -118.40 36.77
C GLU SG 93 -4.45 -118.95 36.69
N LEU SG 94 -3.47 -118.24 37.27
CA LEU SG 94 -2.11 -118.76 37.31
C LEU SG 94 -2.02 -119.98 38.21
N THR SG 95 -2.68 -119.93 39.37
CA THR SG 95 -2.71 -121.08 40.26
C THR SG 95 -3.45 -122.25 39.63
N ALA SG 96 -4.56 -121.97 38.94
CA ALA SG 96 -5.29 -123.02 38.25
C ALA SG 96 -4.46 -123.64 37.13
N ARG SG 97 -3.69 -122.81 36.43
CA ARG SG 97 -2.88 -123.32 35.33
C ARG SG 97 -1.71 -124.15 35.83
N ILE SG 98 -1.09 -123.73 36.92
CA ILE SG 98 0.01 -124.54 37.45
C ILE SG 98 -0.54 -125.82 38.10
N ALA SG 99 -1.77 -125.77 38.60
CA ALA SG 99 -2.41 -126.99 39.09
C ALA SG 99 -2.72 -127.94 37.95
N LYS SG 100 -3.13 -127.40 36.80
CA LYS SG 100 -3.39 -128.24 35.63
C LYS SG 100 -2.10 -128.81 35.08
N ALA SG 101 -1.00 -128.06 35.18
CA ALA SG 101 0.31 -128.60 34.81
C ALA SG 101 0.72 -129.72 35.75
N ALA SG 102 0.44 -129.57 37.04
CA ALA SG 102 0.79 -130.59 38.01
C ALA SG 102 -0.25 -131.69 38.13
N HIS SG 103 -1.31 -131.64 37.32
CA HIS SG 103 -2.44 -132.58 37.32
C HIS SG 103 -3.10 -132.65 38.70
N PHE SG 104 -3.44 -131.47 39.22
CA PHE SG 104 -4.05 -131.35 40.53
C PHE SG 104 -5.38 -130.61 40.41
N ARG SG 105 -6.32 -130.99 41.26
CA ARG SG 105 -7.57 -130.25 41.32
C ARG SG 105 -7.36 -128.98 42.12
N PHE SG 106 -8.21 -127.98 41.85
CA PHE SG 106 -8.10 -126.69 42.52
C PHE SG 106 -9.48 -126.24 42.97
N ARG SG 107 -9.55 -125.71 44.19
CA ARG SG 107 -10.75 -125.00 44.61
C ARG SG 107 -10.35 -123.77 45.41
N VAL SG 108 -11.32 -122.86 45.53
CA VAL SG 108 -11.11 -121.56 46.16
C VAL SG 108 -12.17 -121.37 47.23
N LEU SG 109 -11.74 -121.05 48.44
CA LEU SG 109 -12.64 -120.65 49.52
C LEU SG 109 -12.38 -119.20 49.88
N GLY SG 110 -13.46 -118.45 50.07
CA GLY SG 110 -13.37 -117.01 50.15
C GLY SG 110 -13.57 -116.37 48.80
N LYS SG 111 -14.27 -115.24 48.80
CA LYS SG 111 -14.63 -114.56 47.57
C LYS SG 111 -13.58 -113.52 47.20
N SER SG 112 -13.30 -113.42 45.91
CA SER SG 112 -12.36 -112.43 45.43
C SER SG 112 -12.96 -111.04 45.57
N PRO SG 113 -12.21 -110.06 46.08
CA PRO SG 113 -12.75 -108.71 46.21
C PRO SG 113 -12.83 -107.97 44.88
N SER SG 114 -13.26 -106.72 44.94
CA SER SG 114 -13.36 -105.90 43.74
C SER SG 114 -11.98 -105.61 43.16
N VAL SG 115 -11.06 -105.15 44.00
CA VAL SG 115 -9.68 -104.98 43.56
C VAL SG 115 -9.07 -106.36 43.44
N PRO SG 116 -8.51 -106.70 42.28
CA PRO SG 116 -7.92 -108.03 42.12
C PRO SG 116 -6.61 -108.16 42.87
N VAL SG 117 -6.29 -109.39 43.24
CA VAL SG 117 -5.01 -109.73 43.85
C VAL SG 117 -4.10 -110.22 42.75
N LEU SG 118 -2.92 -109.60 42.63
CA LEU SG 118 -2.08 -109.85 41.48
C LEU SG 118 -0.62 -109.65 41.87
N ILE SG 119 0.26 -110.44 41.28
CA ILE SG 119 1.68 -110.40 41.55
C ILE SG 119 2.43 -110.41 40.22
N SER SG 120 3.75 -110.44 40.31
CA SER SG 120 4.62 -110.43 39.14
C SER SG 120 5.85 -111.26 39.42
N ILE SG 121 6.17 -112.16 38.49
CA ILE SG 121 7.33 -113.03 38.61
C ILE SG 121 7.72 -113.53 37.22
N SER SG 122 9.01 -113.43 36.89
CA SER SG 122 9.55 -114.01 35.67
C SER SG 122 10.77 -114.82 36.06
N THR SG 123 10.68 -116.15 35.91
CA THR SG 123 11.75 -117.03 36.33
C THR SG 123 11.95 -118.11 35.29
N LYS SG 124 13.15 -118.69 35.31
CA LYS SG 124 13.56 -119.65 34.31
C LYS SG 124 13.69 -121.06 34.86
N ASP SG 125 14.36 -121.26 36.00
CA ASP SG 125 14.56 -122.60 36.55
C ASP SG 125 14.48 -122.56 38.07
N GLU SG 126 13.29 -122.81 38.59
CA GLU SG 126 13.08 -123.04 40.02
C GLU SG 126 11.84 -123.91 40.19
N SER SG 127 11.91 -124.82 41.15
CA SER SG 127 10.91 -125.88 41.29
C SER SG 127 9.54 -125.33 41.66
N LEU SG 128 8.51 -126.12 41.36
CA LEU SG 128 7.13 -125.67 41.44
C LEU SG 128 6.70 -125.38 42.87
N ALA SG 129 7.22 -126.14 43.83
CA ALA SG 129 6.96 -125.86 45.22
C ALA SG 129 7.55 -124.51 45.62
N GLU SG 130 8.75 -124.20 45.13
CA GLU SG 130 9.34 -122.90 45.38
C GLU SG 130 8.57 -121.80 44.66
N ILE SG 131 7.99 -122.11 43.51
CA ILE SG 131 7.15 -121.16 42.78
C ILE SG 131 5.93 -120.81 43.61
N LEU SG 132 5.28 -121.83 44.18
CA LEU SG 132 4.14 -121.59 45.05
C LEU SG 132 4.57 -120.88 46.34
N ARG SG 133 5.77 -121.17 46.82
CA ARG SG 133 6.29 -120.50 48.01
C ARG SG 133 6.45 -119.00 47.76
N ASP SG 134 7.05 -118.64 46.63
CA ASP SG 134 7.22 -117.23 46.31
C ASP SG 134 5.90 -116.56 45.98
N ILE SG 135 4.96 -117.33 45.42
CA ILE SG 135 3.61 -116.81 45.18
C ILE SG 135 2.94 -116.46 46.50
N ASP SG 136 3.07 -117.35 47.49
CA ASP SG 136 2.51 -117.08 48.81
C ASP SG 136 3.21 -115.91 49.49
N TYR SG 137 4.53 -115.81 49.32
CA TYR SG 137 5.29 -114.72 49.93
C TYR SG 137 4.92 -113.38 49.32
N GLN SG 138 4.73 -113.32 48.01
CA GLN SG 138 4.29 -112.08 47.40
C GLN SG 138 2.81 -111.84 47.59
N ALA SG 139 2.04 -112.88 47.91
CA ALA SG 139 0.67 -112.65 48.34
C ALA SG 139 0.65 -111.97 49.70
N GLY SG 140 1.48 -112.43 50.62
CA GLY SG 140 1.58 -111.77 51.90
C GLY SG 140 0.46 -112.10 52.85
N LYS SG 141 -0.47 -111.17 53.02
CA LYS SG 141 -1.47 -111.26 54.07
C LYS SG 141 -2.81 -111.80 53.59
N LYS SG 142 -3.41 -111.15 52.58
CA LYS SG 142 -4.81 -111.35 52.25
C LYS SG 142 -5.10 -112.68 51.57
N ALA SG 143 -4.08 -113.38 51.09
CA ALA SG 143 -4.28 -114.64 50.39
C ALA SG 143 -3.37 -115.71 50.97
N SER SG 144 -3.80 -116.96 50.86
CA SER SG 144 -2.99 -118.08 51.29
C SER SG 144 -3.32 -119.29 50.42
N ILE SG 145 -2.43 -120.28 50.46
CA ILE SG 145 -2.58 -121.47 49.65
C ILE SG 145 -2.37 -122.70 50.52
N HIS SG 146 -3.11 -123.77 50.20
CA HIS SG 146 -3.00 -125.03 50.92
C HIS SG 146 -2.86 -126.16 49.93
N VAL SG 147 -1.98 -127.10 50.24
CA VAL SG 147 -1.68 -128.23 49.37
C VAL SG 147 -2.04 -129.51 50.10
N TYR SG 148 -2.85 -130.35 49.46
CA TYR SG 148 -3.15 -131.66 50.03
C TYR SG 148 -2.76 -132.74 49.02
N PRO SG 149 -1.77 -133.56 49.33
CA PRO SG 149 -1.34 -134.63 48.42
C PRO SG 149 -1.98 -136.00 48.69
N ASN SG 150 -2.84 -136.12 49.70
CA ASN SG 150 -3.59 -137.35 49.86
C ASN SG 150 -4.65 -137.47 48.76
N SER SG 151 -5.57 -136.50 48.71
CA SER SG 151 -6.40 -136.28 47.55
C SER SG 151 -5.86 -135.04 46.85
N GLN SG 152 -5.42 -135.19 45.60
CA GLN SG 152 -4.46 -134.29 44.98
C GLN SG 152 -5.07 -132.92 44.66
N VAL SG 153 -5.09 -132.03 45.65
CA VAL SG 153 -5.83 -130.80 45.53
C VAL SG 153 -5.02 -129.63 46.07
N VAL SG 154 -5.36 -128.44 45.58
CA VAL SG 154 -4.86 -127.18 46.10
C VAL SG 154 -6.05 -126.27 46.39
N GLU SG 155 -5.89 -125.46 47.42
CA GLU SG 155 -6.95 -124.56 47.88
C GLU SG 155 -6.39 -123.15 47.92
N LEU SG 156 -7.14 -122.22 47.35
CA LEU SG 156 -6.84 -120.79 47.49
C LEU SG 156 -7.75 -120.22 48.56
N ARG SG 157 -7.15 -119.65 49.59
CA ARG SG 157 -7.89 -119.14 50.75
C ARG SG 157 -7.81 -117.63 50.75
N TYR SG 158 -8.98 -116.98 50.76
CA TYR SG 158 -9.03 -115.54 50.92
C TYR SG 158 -9.18 -115.18 52.39
N ALA SG 159 -8.79 -113.95 52.72
CA ALA SG 159 -8.98 -113.42 54.04
C ALA SG 159 -10.27 -112.59 54.09
N LYS SG 160 -10.47 -111.88 55.19
CA LYS SG 160 -11.67 -111.06 55.37
C LYS SG 160 -11.33 -109.58 55.48
N ILE TG 208 16.77 -120.54 90.50
CA ILE TG 208 18.18 -120.80 90.25
C ILE TG 208 18.34 -121.55 88.92
N ILE TG 209 19.19 -121.01 88.05
CA ILE TG 209 19.55 -121.67 86.80
C ILE TG 209 20.99 -122.15 86.95
N TYR TG 210 21.18 -123.46 86.85
CA TYR TG 210 22.46 -124.08 87.15
C TYR TG 210 23.45 -123.86 86.01
N TYR TG 211 24.71 -124.19 86.29
CA TYR TG 211 25.76 -124.14 85.30
C TYR TG 211 26.68 -125.34 85.46
N ILE TG 212 27.34 -125.70 84.38
CA ILE TG 212 28.23 -126.86 84.39
C ILE TG 212 29.67 -126.38 84.57
N GLN TG 213 30.48 -127.23 85.19
CA GLN TG 213 31.90 -126.93 85.40
C GLN TG 213 32.81 -127.86 84.61
N ALA TG 214 32.68 -129.17 84.79
CA ALA TG 214 33.55 -130.11 84.11
C ALA TG 214 32.77 -131.39 83.82
N VAL TG 215 32.84 -131.85 82.58
CA VAL TG 215 32.07 -132.99 82.13
C VAL TG 215 33.04 -134.05 81.63
N ILE TG 216 33.11 -135.17 82.33
CA ILE TG 216 33.81 -136.35 81.83
C ILE TG 216 32.79 -137.09 80.98
N PRO TG 217 33.19 -137.97 80.05
CA PRO TG 217 32.21 -138.87 79.44
C PRO TG 217 31.64 -139.83 80.46
N GLY TG 218 30.37 -139.66 80.79
CA GLY TG 218 29.71 -140.50 81.77
C GLY TG 218 29.11 -139.74 82.94
N ARG TG 219 29.81 -138.72 83.43
CA ARG TG 219 29.31 -137.95 84.56
C ARG TG 219 29.88 -136.54 84.47
N ALA TG 220 29.20 -135.61 85.13
CA ALA TG 220 29.48 -134.20 84.98
C ALA TG 220 29.46 -133.49 86.32
N TRP TG 221 30.11 -132.33 86.35
CA TRP TG 221 30.10 -131.44 87.50
C TRP TG 221 29.13 -130.30 87.24
N LEU TG 222 28.20 -130.09 88.16
CA LEU TG 222 27.17 -129.07 88.03
C LEU TG 222 27.30 -128.08 89.17
N ILE TG 223 27.18 -126.80 88.85
CA ILE TG 223 27.23 -125.74 89.84
C ILE TG 223 25.92 -124.94 89.76
N GLY TG 224 25.57 -124.29 90.87
CA GLY TG 224 24.35 -123.54 90.96
C GLY TG 224 24.58 -122.05 90.81
N SER TG 225 23.46 -121.32 90.69
CA SER TG 225 23.53 -119.87 90.69
C SER TG 225 23.91 -119.35 92.07
N ASN TG 226 23.44 -120.03 93.12
CA ASN TG 226 23.83 -119.72 94.48
C ASN TG 226 25.14 -120.36 94.89
N GLY TG 227 25.70 -121.23 94.05
CA GLY TG 227 26.87 -121.99 94.40
C GLY TG 227 26.61 -123.40 94.86
N SER TG 228 25.39 -123.91 94.71
CA SER TG 228 25.09 -125.27 95.09
C SER TG 228 25.73 -126.25 94.10
N THR TG 229 26.35 -127.30 94.62
CA THR TG 229 27.12 -128.22 93.80
C THR TG 229 26.33 -129.50 93.53
N LEU TG 230 26.76 -130.22 92.49
CA LEU TG 230 26.17 -131.50 92.15
C LEU TG 230 27.16 -132.30 91.31
N THR TG 231 27.19 -133.61 91.54
CA THR TG 231 27.90 -134.55 90.67
C THR TG 231 26.83 -135.41 90.00
N VAL TG 232 26.63 -135.19 88.70
CA VAL TG 232 25.46 -135.70 88.00
C VAL TG 232 25.89 -136.85 87.10
N ARG TG 233 25.30 -138.01 87.28
CA ARG TG 233 25.49 -139.12 86.37
C ARG TG 233 24.55 -138.95 85.18
N GLU TG 234 24.58 -139.89 84.24
CA GLU TG 234 23.87 -139.72 82.98
C GLU TG 234 22.35 -139.84 83.16
N GLY TG 235 21.90 -140.67 84.10
CA GLY TG 235 20.50 -140.67 84.46
C GLY TG 235 20.33 -140.36 85.92
N SER TG 236 19.81 -139.17 86.22
CA SER TG 236 19.74 -138.69 87.60
C SER TG 236 18.71 -137.56 87.66
N LYS TG 237 18.33 -137.22 88.89
CA LYS TG 237 17.24 -136.29 89.14
C LYS TG 237 17.78 -134.94 89.58
N ILE TG 238 17.32 -133.88 88.92
CA ILE TG 238 17.60 -132.51 89.34
C ILE TG 238 16.28 -131.76 89.39
N PRO TG 239 15.94 -131.14 90.52
CA PRO TG 239 14.67 -130.39 90.61
C PRO TG 239 14.66 -129.17 89.70
N GLY TG 240 13.51 -128.94 89.07
CA GLY TG 240 13.37 -127.90 88.09
C GLY TG 240 13.74 -128.31 86.67
N TYR TG 241 14.43 -129.43 86.52
CA TYR TG 241 14.86 -129.89 85.20
C TYR TG 241 14.44 -131.34 85.01
N GLY TG 242 14.36 -132.08 86.12
CA GLY TG 242 13.82 -133.43 86.10
C GLY TG 242 14.91 -134.47 85.94
N MET TG 243 14.72 -135.37 84.98
CA MET TG 243 15.65 -136.47 84.74
C MET TG 243 16.51 -136.13 83.54
N VAL TG 244 17.83 -136.17 83.72
CA VAL TG 244 18.74 -135.93 82.60
C VAL TG 244 18.72 -137.14 81.69
N LYS TG 245 18.52 -136.91 80.40
CA LYS TG 245 18.48 -138.00 79.45
C LYS TG 245 19.77 -138.16 78.65
N LEU TG 246 20.51 -137.09 78.43
CA LEU TG 246 21.72 -137.19 77.61
C LEU TG 246 22.69 -136.09 78.00
N ILE TG 247 23.97 -136.46 78.08
CA ILE TG 247 25.06 -135.52 78.30
C ILE TG 247 26.00 -135.58 77.11
N ASP TG 248 26.82 -134.55 76.98
CA ASP TG 248 27.82 -134.48 75.93
C ASP TG 248 29.17 -134.17 76.54
N SER TG 249 30.21 -134.73 75.93
CA SER TG 249 31.58 -134.47 76.32
C SER TG 249 32.27 -133.47 75.42
N LEU TG 250 32.17 -133.66 74.10
CA LEU TG 250 32.78 -132.74 73.16
C LEU TG 250 31.99 -131.44 73.05
N GLN TG 251 30.74 -131.42 73.49
CA GLN TG 251 29.95 -130.20 73.58
C GLN TG 251 29.47 -130.03 75.01
N GLY TG 252 29.13 -128.80 75.36
CA GLY TG 252 28.62 -128.51 76.69
C GLY TG 252 27.11 -128.59 76.76
N ARG TG 253 26.55 -129.68 76.25
CA ARG TG 253 25.12 -129.83 76.11
C ARG TG 253 24.64 -130.98 76.99
N ILE TG 254 23.64 -130.69 77.82
CA ILE TG 254 23.04 -131.69 78.70
C ILE TG 254 21.54 -131.65 78.47
N LEU TG 255 20.97 -132.79 78.11
CA LEU TG 255 19.56 -132.90 77.82
C LEU TG 255 18.83 -133.51 79.00
N THR TG 256 17.72 -132.90 79.39
CA THR TG 256 16.96 -133.32 80.55
C THR TG 256 15.54 -133.71 80.14
N SER TG 257 14.71 -133.98 81.14
CA SER TG 257 13.30 -134.29 80.90
C SER TG 257 12.57 -133.08 80.34
N SER TG 258 12.86 -131.89 80.86
CA SER TG 258 12.24 -130.67 80.36
C SER TG 258 12.85 -130.19 79.05
N GLY TG 259 13.93 -130.83 78.58
CA GLY TG 259 14.53 -130.47 77.32
C GLY TG 259 15.45 -129.27 77.36
N GLN TG 260 15.67 -128.68 78.53
CA GLN TG 260 16.57 -127.55 78.64
C GLN TG 260 18.02 -128.01 78.47
N VAL TG 261 18.87 -127.07 78.06
CA VAL TG 261 20.30 -127.30 77.90
C VAL TG 261 21.03 -126.39 78.86
N ILE TG 262 22.01 -126.96 79.58
CA ILE TG 262 22.83 -126.20 80.51
C ILE TG 262 24.24 -126.15 79.96
N LYS TG 263 24.77 -124.95 79.75
CA LYS TG 263 26.08 -124.71 79.17
C LYS TG 263 27.00 -124.10 80.23
N PHE TG 264 28.19 -123.70 79.79
CA PHE TG 264 29.14 -123.04 80.66
C PHE TG 264 28.79 -121.56 80.82
N SER TG 265 29.55 -120.88 81.68
CA SER TG 265 29.33 -119.47 81.93
C SER TG 265 29.92 -118.61 80.82
N GLN TG 266 29.34 -117.43 80.64
CA GLN TG 266 29.83 -116.48 79.65
C GLN TG 266 30.22 -115.16 80.32
N LYS UG 60 44.50 -74.98 7.89
CA LYS UG 60 44.64 -76.10 8.82
C LYS UG 60 43.28 -76.64 9.26
N GLU UG 61 42.34 -75.72 9.48
CA GLU UG 61 40.96 -76.13 9.73
C GLU UG 61 40.38 -76.81 8.51
N THR UG 62 40.78 -76.34 7.32
CA THR UG 62 40.40 -77.00 6.07
C THR UG 62 40.94 -78.41 6.03
N ALA UG 63 42.17 -78.61 6.51
CA ALA UG 63 42.75 -79.95 6.58
C ALA UG 63 41.96 -80.83 7.53
N LEU UG 64 41.54 -80.28 8.67
CA LEU UG 64 40.69 -81.02 9.61
C LEU UG 64 39.38 -81.43 8.97
N SER UG 65 38.76 -80.50 8.23
CA SER UG 65 37.45 -80.79 7.62
C SER UG 65 37.57 -81.83 6.51
N VAL UG 66 38.60 -81.72 5.67
CA VAL UG 66 38.71 -82.69 4.58
C VAL UG 66 39.15 -84.04 5.12
N GLY UG 67 39.88 -84.06 6.24
CA GLY UG 67 40.16 -85.33 6.89
C GLY UG 67 38.90 -85.99 7.40
N ALA UG 68 38.00 -85.19 7.97
CA ALA UG 68 36.70 -85.70 8.43
C ALA UG 68 35.89 -86.28 7.28
N GLN UG 69 35.83 -85.54 6.18
CA GLN UG 69 35.03 -85.97 5.03
C GLN UG 69 35.60 -87.24 4.39
N ALA UG 70 36.92 -87.28 4.20
CA ALA UG 70 37.54 -88.42 3.53
C ALA UG 70 37.48 -89.68 4.39
N GLY UG 71 37.73 -89.54 5.70
CA GLY UG 71 37.62 -90.70 6.58
C GLY UG 71 36.21 -91.22 6.67
N LEU UG 72 35.23 -90.31 6.75
CA LEU UG 72 33.83 -90.71 6.79
C LEU UG 72 33.42 -91.44 5.53
N ALA UG 73 33.85 -90.93 4.36
CA ALA UG 73 33.51 -91.55 3.09
C ALA UG 73 34.13 -92.94 2.96
N TRP UG 74 35.40 -93.05 3.34
CA TRP UG 74 36.10 -94.33 3.23
C TRP UG 74 35.47 -95.38 4.14
N ARG UG 75 35.19 -94.99 5.38
CA ARG UG 75 34.58 -95.92 6.33
C ARG UG 75 33.17 -96.31 5.90
N ALA UG 76 32.43 -95.37 5.30
CA ALA UG 76 31.10 -95.68 4.82
C ALA UG 76 31.15 -96.68 3.67
N LYS UG 77 32.12 -96.54 2.78
CA LYS UG 77 32.24 -97.49 1.67
C LYS UG 77 32.60 -98.88 2.17
N ILE UG 78 33.53 -98.95 3.13
CA ILE UG 78 33.94 -100.23 3.69
C ILE UG 78 32.79 -100.89 4.44
N ILE UG 79 32.02 -100.11 5.20
CA ILE UG 79 30.95 -100.71 5.97
C ILE UG 79 29.79 -101.10 5.05
N ASP UG 80 29.63 -100.42 3.90
CA ASP UG 80 28.60 -100.82 2.96
C ASP UG 80 28.94 -102.14 2.29
N GLU UG 81 30.20 -102.31 1.87
CA GLU UG 81 30.54 -103.58 1.24
C GLU UG 81 30.57 -104.71 2.25
N GLN UG 82 30.94 -104.41 3.50
CA GLN UG 82 30.88 -105.43 4.54
C GLN UG 82 29.45 -105.82 4.85
N LEU UG 83 28.51 -104.86 4.78
CA LEU UG 83 27.11 -105.20 4.94
C LEU UG 83 26.61 -106.02 3.76
N ASN UG 84 27.13 -105.74 2.56
CA ASN UG 84 26.77 -106.53 1.39
C ASN UG 84 27.35 -107.93 1.45
N LYS UG 85 28.43 -108.13 2.21
CA LYS UG 85 29.07 -109.43 2.29
C LYS UG 85 28.16 -110.48 2.93
N GLN UG 86 27.32 -110.09 3.87
CA GLN UG 86 26.49 -111.06 4.57
C GLN UG 86 25.02 -110.87 4.26
N ALA UG 87 24.71 -110.66 2.99
CA ALA UG 87 23.38 -110.17 2.60
C ALA UG 87 22.30 -111.22 2.84
N ARG UG 88 22.62 -112.50 2.66
CA ARG UG 88 21.60 -113.54 2.80
C ARG UG 88 21.17 -113.72 4.25
N ASN UG 89 22.09 -113.53 5.19
CA ASN UG 89 21.75 -113.69 6.59
C ASN UG 89 20.85 -112.57 7.09
N LEU UG 90 20.96 -111.38 6.52
CA LEU UG 90 20.15 -110.24 6.95
C LEU UG 90 18.69 -110.48 6.67
N ASP UG 91 18.34 -110.80 5.43
CA ASP UG 91 16.96 -111.10 5.11
C ASP UG 91 16.54 -112.46 5.64
N ALA UG 92 17.52 -113.33 5.94
CA ALA UG 92 17.18 -114.57 6.61
C ALA UG 92 16.65 -114.31 8.00
N ILE UG 93 17.28 -113.41 8.75
CA ILE UG 93 16.85 -113.20 10.12
C ILE UG 93 15.73 -112.17 10.22
N TYR UG 94 15.68 -111.18 9.35
CA TYR UG 94 14.68 -110.13 9.45
C TYR UG 94 13.54 -110.36 8.47
N ASP UG 95 12.94 -111.54 8.57
CA ASP UG 95 11.86 -111.91 7.66
C ASP UG 95 10.56 -111.33 8.18
N PHE UG 96 10.15 -110.18 7.61
CA PHE UG 96 8.85 -109.63 7.92
C PHE UG 96 7.73 -110.44 7.28
N ASN UG 97 8.04 -111.15 6.20
CA ASN UG 97 7.03 -111.85 5.41
C ASN UG 97 6.42 -113.00 6.21
N SER UG 98 7.15 -113.56 7.17
CA SER UG 98 6.55 -114.50 8.09
C SER UG 98 5.55 -113.81 9.01
N LEU UG 99 5.77 -112.55 9.33
CA LEU UG 99 4.93 -111.87 10.31
C LEU UG 99 3.86 -111.00 9.69
N VAL UG 100 3.78 -110.95 8.37
CA VAL UG 100 2.66 -110.27 7.72
C VAL UG 100 1.36 -111.00 8.03
N LEU UG 101 0.34 -110.24 8.42
CA LEU UG 101 -0.94 -110.83 8.76
C LEU UG 101 -1.71 -111.21 7.49
N GLU UG 102 -2.85 -111.85 7.70
CA GLU UG 102 -3.55 -112.57 6.63
C GLU UG 102 -4.20 -111.65 5.61
N HIS UG 103 -4.42 -110.38 5.94
CA HIS UG 103 -4.99 -109.44 4.98
C HIS UG 103 -3.94 -108.45 4.50
N ASN UG 104 -2.67 -108.90 4.48
CA ASN UG 104 -1.52 -108.11 4.03
C ASN UG 104 -1.39 -106.81 4.82
N ILE UG 105 -1.62 -106.89 6.12
CA ILE UG 105 -1.57 -105.75 7.02
C ILE UG 105 -0.39 -105.92 7.95
N LEU UG 106 0.44 -104.88 8.04
CA LEU UG 106 1.57 -104.89 8.95
C LEU UG 106 1.08 -104.90 10.39
N PRO UG 107 1.52 -105.84 11.22
CA PRO UG 107 1.17 -105.81 12.63
C PRO UG 107 1.79 -104.61 13.32
N PRO UG 108 1.11 -104.03 14.30
CA PRO UG 108 1.56 -102.78 14.91
C PRO UG 108 2.73 -103.02 15.87
N VAL UG 109 3.21 -101.93 16.46
CA VAL UG 109 4.43 -101.91 17.25
C VAL UG 109 4.10 -101.65 18.70
N LEU UG 110 4.64 -102.46 19.60
CA LEU UG 110 4.39 -102.35 21.03
C LEU UG 110 5.71 -102.22 21.78
N LEU UG 111 5.74 -101.35 22.77
CA LEU UG 111 6.88 -101.18 23.64
C LEU UG 111 6.48 -101.46 25.07
N GLU UG 112 7.42 -101.97 25.85
CA GLU UG 112 7.14 -102.35 27.23
C GLU UG 112 8.19 -101.78 28.14
N GLY UG 113 7.85 -101.73 29.42
CA GLY UG 113 8.79 -101.29 30.43
C GLY UG 113 8.53 -102.01 31.73
N ARG UG 114 9.57 -102.17 32.53
CA ARG UG 114 9.47 -102.87 33.80
C ARG UG 114 10.11 -102.05 34.92
N ASN UG 115 9.50 -102.16 36.10
CA ASN UG 115 9.96 -101.54 37.35
C ASN UG 115 10.06 -100.03 37.21
N THR UG 116 8.92 -99.40 36.99
CA THR UG 116 8.85 -97.97 36.79
C THR UG 116 8.73 -97.25 38.12
N LEU UG 117 9.57 -96.25 38.32
CA LEU UG 117 9.46 -95.36 39.46
C LEU UG 117 9.62 -93.94 38.95
N ASN UG 118 8.81 -93.03 39.45
CA ASN UG 118 9.01 -91.62 39.20
C ASN UG 118 8.82 -90.85 40.50
N LEU UG 119 9.68 -89.86 40.69
CA LEU UG 119 9.56 -88.87 41.75
C LEU UG 119 9.09 -87.60 41.09
N ALA UG 120 7.83 -87.23 41.31
CA ALA UG 120 7.29 -86.04 40.65
C ALA UG 120 7.90 -84.77 41.23
N ASP UG 121 7.94 -84.68 42.54
CA ASP UG 121 8.61 -83.63 43.30
C ASP UG 121 8.84 -84.20 44.70
N ALA UG 122 9.09 -83.32 45.66
CA ALA UG 122 9.11 -83.74 47.05
C ALA UG 122 7.75 -84.27 47.46
N GLN UG 123 7.77 -85.33 48.28
CA GLN UG 123 6.58 -85.98 48.85
C GLN UG 123 5.61 -86.49 47.78
N SER UG 124 6.15 -86.96 46.66
CA SER UG 124 5.28 -87.40 45.56
C SER UG 124 6.01 -88.49 44.78
N ILE UG 125 5.67 -89.74 45.09
CA ILE UG 125 6.35 -90.90 44.54
C ILE UG 125 5.31 -91.82 43.92
N ARG UG 126 5.48 -92.13 42.63
CA ARG UG 126 4.55 -92.98 41.91
C ARG UG 126 5.32 -94.12 41.25
N ILE UG 127 4.94 -95.36 41.58
CA ILE UG 127 5.64 -96.52 41.05
C ILE UG 127 4.64 -97.46 40.40
N SER UG 128 5.16 -98.28 39.50
CA SER UG 128 4.39 -99.28 38.79
C SER UG 128 5.31 -100.44 38.44
N ASP UG 129 4.70 -101.60 38.23
CA ASP UG 129 5.52 -102.78 37.96
C ASP UG 129 5.93 -102.84 36.50
N ARG UG 130 4.96 -102.96 35.59
CA ARG UG 130 5.25 -102.94 34.16
C ARG UG 130 4.28 -101.99 33.47
N THR UG 131 4.60 -101.71 32.21
CA THR UG 131 3.75 -100.84 31.40
C THR UG 131 3.94 -101.19 29.94
N TYR UG 132 2.95 -100.81 29.13
CA TYR UG 132 3.00 -101.04 27.69
C TYR UG 132 2.49 -99.81 26.96
N LYS UG 133 2.94 -99.66 25.71
CA LYS UG 133 2.65 -98.49 24.91
C LYS UG 133 2.61 -98.85 23.44
N VAL UG 134 1.53 -98.50 22.77
CA VAL UG 134 1.46 -98.64 21.32
C VAL UG 134 2.28 -97.53 20.69
N ALA UG 135 3.25 -97.92 19.85
CA ALA UG 135 4.11 -96.93 19.21
C ALA UG 135 3.58 -96.54 17.83
N LYS UG 136 3.44 -97.52 16.94
CA LYS UG 136 2.94 -97.28 15.60
C LYS UG 136 1.71 -98.14 15.37
N GLN UG 137 0.64 -97.51 14.90
CA GLN UG 137 -0.61 -98.21 14.63
C GLN UG 137 -0.45 -99.12 13.42
N ALA UG 138 -1.22 -100.20 13.40
CA ALA UG 138 -1.20 -101.13 12.28
C ALA UG 138 -1.82 -100.50 11.05
N HIS UG 139 -1.30 -100.88 9.89
CA HIS UG 139 -1.78 -100.35 8.63
C HIS UG 139 -1.45 -101.35 7.52
N PHE UG 140 -1.96 -101.05 6.34
CA PHE UG 140 -1.74 -101.91 5.19
C PHE UG 140 -0.31 -101.77 4.68
N ILE UG 141 0.13 -102.79 3.94
CA ILE UG 141 1.40 -102.77 3.25
C ILE UG 141 1.23 -103.50 1.92
N THR UG 142 1.62 -102.84 0.84
CA THR UG 142 1.62 -103.52 -0.45
C THR UG 142 2.73 -104.54 -0.54
N THR UG 143 3.91 -104.21 -0.02
CA THR UG 143 5.09 -105.04 -0.06
C THR UG 143 5.66 -105.15 1.34
N PRO UG 144 6.36 -106.24 1.66
CA PRO UG 144 7.04 -106.32 2.95
C PRO UG 144 8.21 -105.36 3.00
N PRO UG 145 8.58 -104.91 4.19
CA PRO UG 145 9.78 -104.06 4.32
C PRO UG 145 11.06 -104.86 4.18
N THR UG 146 12.21 -104.19 4.21
CA THR UG 146 13.50 -104.87 4.21
C THR UG 146 14.51 -104.06 4.99
N TRP UG 147 15.62 -104.72 5.33
CA TRP UG 147 16.68 -104.11 6.12
C TRP UG 147 17.39 -102.99 5.37
N ARG UG 148 17.36 -103.02 4.04
CA ARG UG 148 18.00 -101.98 3.26
C ARG UG 148 17.27 -100.65 3.38
N GLN UG 149 16.03 -100.66 3.86
CA GLN UG 149 15.35 -99.44 4.26
C GLN UG 149 15.85 -98.91 5.59
N TYR UG 150 16.73 -99.63 6.26
CA TYR UG 150 17.19 -99.23 7.58
C TYR UG 150 18.69 -99.06 7.68
N LEU UG 151 19.48 -99.81 6.92
CA LEU UG 151 20.89 -99.96 7.24
C LEU UG 151 21.87 -99.50 6.18
N TRP UG 152 21.41 -99.09 5.01
CA TRP UG 152 22.35 -98.73 3.96
C TRP UG 152 22.91 -97.33 4.23
N MET UG 153 24.18 -97.14 3.86
CA MET UG 153 24.87 -95.87 4.05
C MET UG 153 24.94 -95.09 2.74
N ASP UG 154 24.70 -93.79 2.82
CA ASP UG 154 24.92 -92.94 1.67
C ASP UG 154 26.41 -92.75 1.44
N TYR UG 155 26.80 -92.68 0.17
CA TYR UG 155 28.20 -92.52 -0.19
C TYR UG 155 28.31 -91.63 -1.42
N VAL UG 156 28.84 -90.43 -1.24
CA VAL UG 156 29.36 -89.60 -2.31
C VAL UG 156 30.71 -89.12 -1.85
N LYS UG 157 31.78 -89.62 -2.45
CA LYS UG 157 33.11 -89.18 -2.05
C LYS UG 157 33.34 -87.75 -2.53
N PRO UG 158 33.71 -86.83 -1.65
CA PRO UG 158 34.07 -85.49 -2.11
C PRO UG 158 35.53 -85.43 -2.51
N GLU UG 159 35.82 -84.91 -3.69
CA GLU UG 159 37.18 -84.82 -4.20
C GLU UG 159 37.49 -83.41 -4.65
N ALA UG 160 37.15 -82.42 -3.83
CA ALA UG 160 37.44 -81.03 -4.14
C ALA UG 160 38.11 -80.31 -2.96
N PRO UG 161 39.40 -80.59 -2.71
CA PRO UG 161 40.18 -79.70 -1.83
C PRO UG 161 40.77 -78.55 -2.65
N ASN UG 162 40.30 -77.33 -2.38
CA ASN UG 162 40.74 -76.18 -3.15
C ASN UG 162 42.20 -75.84 -2.85
N VAL UG 163 42.92 -75.42 -3.89
CA VAL UG 163 44.35 -75.19 -3.74
C VAL UG 163 44.56 -73.80 -3.18
N THR UG 164 44.41 -73.67 -1.86
CA THR UG 164 44.58 -72.41 -1.17
C THR UG 164 45.78 -72.43 -0.24
N LEU UG 165 45.80 -73.36 0.71
CA LEU UG 165 46.93 -73.53 1.61
C LEU UG 165 47.46 -74.94 1.43
N LEU UG 166 48.70 -75.04 0.97
CA LEU UG 166 49.35 -76.32 0.83
C LEU UG 166 50.68 -76.25 1.57
N PRO UG 167 51.05 -77.30 2.30
CA PRO UG 167 52.13 -77.19 3.28
C PRO UG 167 53.50 -77.09 2.63
N LYS UG 168 54.17 -75.95 2.88
CA LYS UG 168 55.47 -75.66 2.29
C LYS UG 168 56.62 -76.06 3.21
N THR UG 169 56.47 -75.85 4.51
CA THR UG 169 57.46 -76.31 5.46
C THR UG 169 57.19 -77.76 5.81
N LYS UG 170 58.25 -78.45 6.24
CA LYS UG 170 58.09 -79.83 6.72
C LYS UG 170 57.24 -79.88 7.99
N ALA UG 171 57.33 -78.85 8.83
CA ALA UG 171 56.46 -78.76 10.00
C ALA UG 171 55.00 -78.60 9.59
N GLU UG 172 54.75 -77.80 8.55
CA GLU UG 172 53.41 -77.67 8.01
C GLU UG 172 52.91 -78.98 7.43
N LYS UG 173 53.80 -79.73 6.78
CA LYS UG 173 53.41 -81.05 6.25
C LYS UG 173 53.06 -82.02 7.37
N GLU UG 174 53.83 -82.00 8.46
CA GLU UG 174 53.57 -82.92 9.56
C GLU UG 174 52.29 -82.56 10.29
N ILE UG 175 52.05 -81.27 10.52
CA ILE UG 175 50.80 -80.89 11.19
C ILE UG 175 49.61 -81.07 10.26
N TRP UG 176 49.84 -80.97 8.94
CA TRP UG 176 48.82 -81.32 7.96
C TRP UG 176 48.47 -82.79 8.04
N CYS UG 177 49.50 -83.63 8.19
CA CYS UG 177 49.29 -85.07 8.32
C CYS UG 177 48.53 -85.41 9.59
N ILE UG 178 48.89 -84.78 10.71
CA ILE UG 178 48.21 -85.16 11.95
C ILE UG 178 46.80 -84.57 12.00
N TYR UG 179 46.56 -83.44 11.34
CA TYR UG 179 45.20 -82.91 11.28
C TYR UG 179 44.31 -83.78 10.40
N THR UG 180 44.87 -84.27 9.29
CA THR UG 180 44.15 -85.22 8.44
C THR UG 180 43.89 -86.52 9.19
N GLU UG 181 44.84 -86.96 10.00
CA GLU UG 181 44.69 -88.17 10.79
C GLU UG 181 43.60 -88.02 11.84
N ARG UG 182 43.54 -86.85 12.49
CA ARG UG 182 42.48 -86.59 13.45
C ARG UG 182 41.11 -86.57 12.79
N GLY UG 183 41.03 -85.95 11.60
CA GLY UG 183 39.77 -85.98 10.85
C GLY UG 183 39.39 -87.39 10.45
N TRP UG 184 40.38 -88.21 10.11
CA TRP UG 184 40.15 -89.61 9.76
C TRP UG 184 39.53 -90.37 10.92
N LYS UG 185 40.09 -90.18 12.13
CA LYS UG 185 39.54 -90.80 13.33
C LYS UG 185 38.12 -90.33 13.61
N ASN UG 186 37.88 -89.01 13.45
CA ASN UG 186 36.55 -88.46 13.73
C ASN UG 186 35.50 -89.00 12.76
N GLY UG 187 35.85 -89.10 11.47
CA GLY UG 187 34.92 -89.62 10.50
C GLY UG 187 34.60 -91.08 10.73
N ILE UG 188 35.61 -91.86 11.16
CA ILE UG 188 35.38 -93.25 11.54
C ILE UG 188 34.40 -93.35 12.69
N ASP UG 189 34.57 -92.49 13.71
CA ASP UG 189 33.68 -92.51 14.86
C ASP UG 189 32.25 -92.11 14.49
N GLN UG 190 32.12 -91.12 13.61
CA GLN UG 190 30.78 -90.69 13.19
C GLN UG 190 30.06 -91.79 12.42
N ALA UG 191 30.79 -92.47 11.53
CA ALA UG 191 30.19 -93.57 10.78
C ALA UG 191 29.75 -94.71 11.70
N ASN UG 192 30.57 -95.01 12.72
CA ASN UG 192 30.21 -96.07 13.66
C ASN UG 192 28.97 -95.71 14.47
N THR UG 193 28.87 -94.45 14.90
CA THR UG 193 27.68 -94.01 15.65
C THR UG 193 26.43 -94.07 14.79
N ILE UG 194 26.54 -93.69 13.52
CA ILE UG 194 25.39 -93.73 12.63
C ILE UG 194 24.90 -95.16 12.43
N LEU UG 195 25.86 -96.09 12.24
CA LEU UG 195 25.52 -97.50 12.11
C LEU UG 195 24.82 -98.02 13.36
N GLU UG 196 25.34 -97.65 14.53
CA GLU UG 196 24.76 -98.11 15.79
C GLU UG 196 23.34 -97.59 15.98
N GLU UG 197 23.11 -96.35 15.55
CA GLU UG 197 21.78 -95.76 15.60
C GLU UG 197 20.78 -96.54 14.75
N ASN UG 198 21.19 -96.89 13.52
CA ASN UG 198 20.29 -97.62 12.64
C ASN UG 198 20.01 -99.03 13.15
N ILE UG 199 21.04 -99.68 13.71
CA ILE UG 199 20.88 -101.01 14.28
C ILE UG 199 19.89 -100.98 15.43
N ALA UG 200 19.99 -99.96 16.28
CA ALA UG 200 19.06 -99.81 17.38
C ALA UG 200 17.63 -99.61 16.89
N ARG UG 201 17.46 -98.83 15.82
CA ARG UG 201 16.12 -98.56 15.28
C ARG UG 201 15.46 -99.83 14.77
N ILE UG 202 16.19 -100.60 13.97
CA ILE UG 202 15.58 -101.79 13.37
C ILE UG 202 15.37 -102.87 14.44
N LYS UG 203 16.25 -102.92 15.44
CA LYS UG 203 16.06 -103.84 16.57
C LYS UG 203 14.79 -103.51 17.33
N GLU UG 204 14.54 -102.22 17.55
CA GLU UG 204 13.35 -101.80 18.26
C GLU UG 204 12.08 -102.18 17.50
N ASP UG 205 12.06 -101.97 16.18
CA ASP UG 205 10.85 -102.28 15.43
C ASP UG 205 10.60 -103.79 15.36
N PHE UG 206 11.66 -104.59 15.18
CA PHE UG 206 11.47 -106.03 15.13
C PHE UG 206 11.02 -106.58 16.47
N GLY UG 207 11.57 -106.03 17.56
CA GLY UG 207 11.11 -106.41 18.88
C GLY UG 207 9.66 -106.02 19.11
N GLY UG 208 9.24 -104.89 18.53
CA GLY UG 208 7.86 -104.47 18.67
C GLY UG 208 6.89 -105.43 17.98
N MET UG 209 7.22 -105.87 16.77
CA MET UG 209 6.35 -106.82 16.08
C MET UG 209 6.30 -108.17 16.79
N ILE UG 210 7.45 -108.66 17.26
CA ILE UG 210 7.42 -109.96 17.92
C ILE UG 210 6.74 -109.86 19.27
N LEU UG 211 6.78 -108.69 19.91
CA LEU UG 211 6.06 -108.47 21.15
C LEU UG 211 4.56 -108.44 20.91
N TYR UG 212 4.15 -107.87 19.77
CA TYR UG 212 2.73 -107.87 19.42
C TYR UG 212 2.21 -109.29 19.26
N ARG UG 213 2.96 -110.14 18.56
CA ARG UG 213 2.54 -111.54 18.46
C ARG UG 213 2.53 -112.23 19.82
N LYS UG 214 3.48 -111.86 20.69
CA LYS UG 214 3.57 -112.46 22.03
C LYS UG 214 2.33 -112.17 22.86
N LEU UG 215 1.97 -110.90 22.98
CA LEU UG 215 0.79 -110.63 23.80
C LEU UG 215 -0.51 -110.90 23.06
N LEU UG 216 -0.46 -111.06 21.74
CA LEU UG 216 -1.60 -111.61 21.02
C LEU UG 216 -1.87 -113.04 21.44
N ALA UG 217 -0.80 -113.83 21.57
CA ALA UG 217 -0.94 -115.17 22.14
C ALA UG 217 -1.37 -115.11 23.59
N MET UG 218 -0.91 -114.09 24.32
CA MET UG 218 -1.30 -113.92 25.71
C MET UG 218 -2.70 -113.36 25.88
N ASN UG 219 -3.38 -113.03 24.77
CA ASN UG 219 -4.71 -112.42 24.75
C ASN UG 219 -4.70 -111.08 25.48
N MET UG 220 -3.93 -110.16 24.93
CA MET UG 220 -3.91 -108.79 25.41
C MET UG 220 -4.42 -107.79 24.40
N VAL UG 221 -4.43 -108.12 23.11
CA VAL UG 221 -4.90 -107.22 22.07
C VAL UG 221 -6.09 -107.85 21.39
N SER UG 222 -7.08 -107.03 21.09
CA SER UG 222 -8.12 -107.44 20.16
C SER UG 222 -7.52 -107.56 18.77
N PRO UG 223 -7.70 -108.69 18.08
CA PRO UG 223 -7.21 -108.78 16.71
C PRO UG 223 -8.00 -107.87 15.79
N PRO UG 224 -7.39 -107.34 14.73
CA PRO UG 224 -8.07 -106.36 13.88
C PRO UG 224 -9.18 -106.99 13.05
N TYR UG 225 -10.40 -106.54 13.28
CA TYR UG 225 -11.55 -107.04 12.55
C TYR UG 225 -11.75 -106.20 11.30
N VAL UG 226 -11.91 -106.87 10.16
CA VAL UG 226 -11.96 -106.22 8.86
C VAL UG 226 -13.07 -106.85 8.04
N SER UG 227 -13.96 -106.02 7.51
CA SER UG 227 -15.04 -106.47 6.64
C SER UG 227 -14.69 -106.21 5.19
N HIS UG 228 -15.57 -106.70 4.32
CA HIS UG 228 -15.38 -106.52 2.89
C HIS UG 228 -16.75 -106.50 2.24
N THR UG 229 -16.94 -105.54 1.33
CA THR UG 229 -18.16 -105.43 0.55
C THR UG 229 -17.88 -105.90 -0.86
N ASP UG 230 -18.68 -106.85 -1.34
CA ASP UG 230 -18.49 -107.43 -2.65
C ASP UG 230 -19.66 -107.07 -3.54
N LEU UG 231 -19.37 -106.56 -4.73
CA LEU UG 231 -20.37 -106.11 -5.68
C LEU UG 231 -20.17 -106.84 -6.99
N GLY UG 232 -21.12 -106.62 -7.89
CA GLY UG 232 -21.05 -107.16 -9.25
C GLY UG 232 -20.29 -106.25 -10.18
N VAL UG 233 -20.63 -106.31 -11.46
CA VAL UG 233 -20.04 -105.41 -12.42
C VAL UG 233 -20.58 -104.00 -12.18
N THR UG 234 -19.78 -103.00 -12.55
CA THR UG 234 -20.20 -101.63 -12.34
C THR UG 234 -19.53 -100.74 -13.38
N GLY UG 235 -20.08 -99.53 -13.50
CA GLY UG 235 -19.64 -98.55 -14.46
C GLY UG 235 -20.81 -98.05 -15.28
N ASP UG 236 -20.49 -97.14 -16.19
CA ASP UG 236 -21.49 -96.57 -17.08
C ASP UG 236 -21.63 -97.49 -18.30
N GLY UG 237 -22.29 -96.99 -19.34
CA GLY UG 237 -22.33 -97.74 -20.59
C GLY UG 237 -20.99 -97.81 -21.29
N SER UG 238 -20.08 -96.87 -21.02
CA SER UG 238 -18.80 -96.82 -21.69
C SER UG 238 -17.70 -97.57 -20.97
N GLU UG 239 -17.66 -97.52 -19.64
CA GLU UG 239 -16.62 -98.18 -18.87
C GLU UG 239 -17.22 -99.23 -17.96
N ILE UG 240 -16.50 -100.33 -17.75
CA ILE UG 240 -17.02 -101.42 -16.95
C ILE UG 240 -15.93 -101.95 -16.02
N HIS UG 241 -16.38 -102.49 -14.90
CA HIS UG 241 -15.57 -103.24 -13.96
C HIS UG 241 -16.14 -104.66 -13.90
N ILE UG 242 -15.49 -105.51 -13.11
CA ILE UG 242 -16.02 -106.88 -12.98
C ILE UG 242 -16.57 -107.17 -11.59
N ASP UG 243 -15.75 -107.07 -10.54
CA ASP UG 243 -16.19 -107.49 -9.20
C ASP UG 243 -15.60 -106.55 -8.17
N ASP UG 244 -16.34 -105.49 -7.86
CA ASP UG 244 -15.87 -104.47 -6.94
C ASP UG 244 -15.87 -105.00 -5.52
N ARG UG 245 -14.71 -105.40 -5.03
CA ARG UG 245 -14.59 -105.85 -3.65
C ARG UG 245 -13.77 -104.80 -2.91
N VAL UG 246 -14.36 -104.24 -1.86
CA VAL UG 246 -13.75 -103.16 -1.10
C VAL UG 246 -13.51 -103.68 0.31
N LEU UG 247 -12.26 -103.61 0.76
CA LEU UG 247 -11.93 -104.10 2.07
C LEU UG 247 -11.76 -102.93 3.02
N ARG UG 248 -12.18 -103.15 4.27
CA ARG UG 248 -12.22 -102.04 5.22
C ARG UG 248 -12.04 -102.58 6.63
N ILE UG 249 -11.03 -102.08 7.34
CA ILE UG 249 -10.82 -102.43 8.73
C ILE UG 249 -11.58 -101.41 9.57
N THR UG 250 -12.61 -101.87 10.25
CA THR UG 250 -13.39 -101.01 11.13
C THR UG 250 -13.01 -101.15 12.59
N ALA UG 251 -12.01 -101.97 12.90
CA ALA UG 251 -11.65 -102.25 14.29
C ALA UG 251 -10.13 -102.30 14.39
N LEU UG 252 -9.54 -101.19 14.84
CA LEU UG 252 -8.12 -101.17 15.12
C LEU UG 252 -7.82 -102.06 16.32
N PRO UG 253 -6.64 -102.69 16.34
CA PRO UG 253 -6.22 -103.43 17.54
C PRO UG 253 -5.96 -102.49 18.69
N GLU UG 254 -6.29 -102.97 19.89
CA GLU UG 254 -6.09 -102.20 21.10
C GLU UG 254 -6.00 -103.16 22.27
N LEU UG 255 -5.46 -102.66 23.38
CA LEU UG 255 -5.27 -103.48 24.56
C LEU UG 255 -6.61 -103.69 25.27
N ASN UG 256 -6.78 -104.88 25.85
CA ASN UG 256 -7.88 -105.10 26.78
C ASN UG 256 -7.45 -104.66 28.16
N VAL UG 257 -8.38 -104.08 28.90
CA VAL UG 257 -8.10 -103.63 30.26
C VAL UG 257 -8.79 -104.51 31.30
N ASN UG 258 -9.79 -105.30 30.91
CA ASN UG 258 -10.37 -106.29 31.80
C ASN UG 258 -9.38 -107.42 31.95
N SER UG 259 -8.61 -107.38 33.03
CA SER UG 259 -7.44 -108.25 33.14
C SER UG 259 -7.78 -109.68 33.52
N ALA UG 260 -9.02 -109.96 33.95
CA ALA UG 260 -9.36 -111.31 34.38
C ALA UG 260 -9.42 -112.29 33.22
N GLU UG 261 -9.58 -111.80 31.99
CA GLU UG 261 -9.61 -112.65 30.82
C GLU UG 261 -8.23 -112.97 30.30
N TRP UG 262 -7.18 -112.49 30.95
CA TRP UG 262 -5.83 -112.71 30.48
C TRP UG 262 -5.45 -114.17 30.66
N ARG UG 263 -4.74 -114.71 29.69
CA ARG UG 263 -4.35 -116.10 29.69
C ARG UG 263 -2.86 -116.20 29.96
N ALA UG 264 -2.50 -116.99 30.96
CA ALA UG 264 -1.12 -117.15 31.38
C ALA UG 264 -0.48 -118.32 30.62
N ALA UG 265 0.71 -118.72 31.06
CA ALA UG 265 1.43 -119.78 30.36
C ALA UG 265 2.22 -120.60 31.36
N VAL UG 266 2.56 -121.82 30.95
CA VAL UG 266 3.34 -122.76 31.74
C VAL UG 266 4.37 -123.37 30.81
N ALA UG 267 5.36 -124.07 31.37
CA ALA UG 267 6.35 -124.74 30.56
C ALA UG 267 6.56 -126.16 31.06
N LYS UG 268 7.36 -126.92 30.33
CA LYS UG 268 7.81 -128.25 30.75
C LYS UG 268 9.26 -128.46 30.35
N GLY VG 26 26.89 84.57 -40.69
CA GLY VG 26 26.64 85.55 -41.73
C GLY VG 26 25.25 85.40 -42.33
N ASP VG 27 24.42 86.41 -42.17
CA ASP VG 27 23.03 86.32 -42.59
C ASP VG 27 22.58 87.40 -43.57
N THR VG 28 23.22 88.57 -43.57
CA THR VG 28 22.88 89.56 -44.58
C THR VG 28 23.41 89.15 -45.94
N GLY VG 29 24.68 88.72 -46.00
CA GLY VG 29 25.27 88.16 -47.18
C GLY VG 29 25.29 86.66 -47.04
N SER VG 30 24.14 86.11 -46.62
CA SER VG 30 24.06 84.72 -46.18
C SER VG 30 24.40 83.74 -47.28
N LEU VG 31 24.06 84.07 -48.53
CA LEU VG 31 24.43 83.24 -49.67
C LEU VG 31 25.95 83.14 -49.79
N ALA VG 32 26.65 84.26 -49.64
CA ALA VG 32 28.10 84.25 -49.61
C ALA VG 32 28.62 83.51 -48.38
N GLY VG 33 27.91 83.60 -47.26
CA GLY VG 33 28.33 82.90 -46.05
C GLY VG 33 28.27 81.39 -46.20
N LEU VG 34 27.19 80.88 -46.77
CA LEU VG 34 27.11 79.43 -46.98
C LEU VG 34 28.02 78.98 -48.12
N GLN VG 35 28.25 79.86 -49.11
CA GLN VG 35 29.25 79.54 -50.14
C GLN VG 35 30.64 79.43 -49.55
N ALA VG 36 30.96 80.28 -48.57
CA ALA VG 36 32.23 80.16 -47.87
C ALA VG 36 32.25 78.94 -46.96
N MET VG 37 31.09 78.57 -46.40
CA MET VG 37 30.99 77.34 -45.63
C MET VG 37 31.17 76.10 -46.49
N ALA VG 38 30.83 76.19 -47.78
CA ALA VG 38 31.03 75.06 -48.70
C ALA VG 38 32.50 74.74 -48.91
N ASP VG 39 33.36 75.75 -48.82
CA ASP VG 39 34.80 75.51 -48.89
C ASP VG 39 35.28 74.80 -47.63
N SER VG 40 36.40 74.08 -47.76
CA SER VG 40 36.93 73.31 -46.64
C SER VG 40 37.62 74.16 -45.59
N LYS VG 41 37.83 75.45 -45.85
CA LYS VG 41 38.44 76.33 -44.85
C LYS VG 41 37.51 76.53 -43.66
N TYR VG 42 36.21 76.71 -43.92
CA TYR VG 42 35.26 76.88 -42.83
C TYR VG 42 35.04 75.58 -42.07
N THR VG 43 35.22 74.43 -42.73
CA THR VG 43 35.12 73.15 -42.06
C THR VG 43 36.21 72.96 -41.01
N ARG VG 44 37.45 73.32 -41.35
CA ARG VG 44 38.53 73.26 -40.37
C ARG VG 44 38.50 74.43 -39.40
N ALA VG 45 37.82 75.52 -39.76
CA ALA VG 45 37.57 76.57 -38.79
C ALA VG 45 36.58 76.11 -37.73
N GLN VG 46 35.59 75.30 -38.13
CA GLN VG 46 34.66 74.70 -37.18
C GLN VG 46 35.38 73.76 -36.21
N LYS VG 47 36.37 73.02 -36.70
CA LYS VG 47 37.13 72.10 -35.86
C LYS VG 47 37.90 72.83 -34.76
N LYS VG 48 38.54 73.95 -35.11
CA LYS VG 48 39.27 74.69 -34.09
C LYS VG 48 38.34 75.48 -33.19
N GLN VG 49 37.21 75.96 -33.72
CA GLN VG 49 36.29 76.73 -32.87
C GLN VG 49 35.44 75.86 -31.96
N LYS VG 50 35.33 74.56 -32.26
CA LYS VG 50 34.53 73.67 -31.43
C LYS VG 50 35.13 73.50 -30.03
N MET VG 51 36.46 73.39 -29.96
CA MET VG 51 37.15 73.26 -28.68
C MET VG 51 37.00 74.53 -27.84
N GLY VG 52 37.07 75.69 -28.49
CA GLY VG 52 36.88 76.94 -27.76
C GLY VG 52 35.46 77.12 -27.28
N LYS VG 53 34.48 76.75 -28.10
CA LYS VG 53 33.09 76.92 -27.71
C LYS VG 53 32.58 75.79 -26.84
N ILE VG 54 33.38 74.75 -26.61
CA ILE VG 54 32.92 73.59 -25.86
C ILE VG 54 33.19 73.71 -24.37
N ARG VG 55 34.25 74.40 -23.97
CA ARG VG 55 34.73 74.30 -22.60
C ARG VG 55 34.55 75.57 -21.78
N GLU VG 56 34.39 76.73 -22.43
CA GLU VG 56 34.58 78.01 -21.75
C GLU VG 56 33.47 78.37 -20.77
N MET VG 57 32.33 77.70 -20.82
CA MET VG 57 31.22 78.06 -19.95
C MET VG 57 31.32 77.46 -18.55
N ALA VG 58 32.33 76.63 -18.29
CA ALA VG 58 32.40 75.96 -16.99
C ALA VG 58 32.99 76.84 -15.90
N LEU VG 59 33.42 78.05 -16.20
CA LEU VG 59 34.09 78.91 -15.24
C LEU VG 59 33.49 80.30 -15.13
N LYS VG 60 32.90 80.81 -16.21
CA LYS VG 60 32.41 82.18 -16.21
C LYS VG 60 31.19 82.35 -15.32
N GLU VG 61 30.38 81.32 -15.16
CA GLU VG 61 29.22 81.42 -14.28
C GLU VG 61 29.66 81.44 -12.82
N THR VG 62 30.71 80.68 -12.50
CA THR VG 62 31.29 80.75 -11.16
C THR VG 62 31.90 82.12 -10.91
N ALA VG 63 32.52 82.70 -11.94
CA ALA VG 63 33.04 84.06 -11.84
C ALA VG 63 31.91 85.06 -11.61
N LEU VG 64 30.78 84.86 -12.29
CA LEU VG 64 29.60 85.68 -12.07
C LEU VG 64 29.08 85.57 -10.65
N SER VG 65 29.08 84.35 -10.11
CA SER VG 65 28.57 84.12 -8.76
C SER VG 65 29.46 84.78 -7.71
N VAL VG 66 30.78 84.62 -7.84
CA VAL VG 66 31.68 85.21 -6.85
C VAL VG 66 31.72 86.73 -7.00
N GLY VG 67 31.57 87.25 -8.22
CA GLY VG 67 31.47 88.67 -8.40
C GLY VG 67 30.18 89.23 -7.82
N ALA VG 68 29.09 88.46 -7.92
CA ALA VG 68 27.83 88.84 -7.30
C ALA VG 68 27.96 88.95 -5.79
N GLN VG 69 28.63 87.98 -5.19
CA GLN VG 69 28.85 88.00 -3.74
C GLN VG 69 29.70 89.19 -3.31
N ALA VG 70 30.83 89.40 -4.00
CA ALA VG 70 31.73 90.50 -3.63
C ALA VG 70 31.08 91.86 -3.84
N GLY VG 71 30.43 92.05 -4.98
CA GLY VG 71 29.80 93.33 -5.27
C GLY VG 71 28.63 93.62 -4.36
N LEU VG 72 27.80 92.60 -4.06
CA LEU VG 72 26.67 92.80 -3.17
C LEU VG 72 27.12 93.14 -1.77
N ALA VG 73 28.13 92.44 -1.25
CA ALA VG 73 28.63 92.72 0.09
C ALA VG 73 29.27 94.09 0.18
N TRP VG 74 30.08 94.47 -0.81
CA TRP VG 74 30.77 95.75 -0.74
C TRP VG 74 29.81 96.92 -0.91
N ARG VG 75 28.85 96.78 -1.82
CA ARG VG 75 27.85 97.83 -2.00
C ARG VG 75 26.95 97.95 -0.77
N ALA VG 76 26.66 96.81 -0.12
CA ALA VG 76 25.88 96.84 1.11
C ALA VG 76 26.62 97.57 2.22
N LYS VG 77 27.93 97.32 2.34
CA LYS VG 77 28.71 98.01 3.36
C LYS VG 77 28.79 99.50 3.07
N ILE VG 78 28.94 99.86 1.80
CA ILE VG 78 29.02 101.26 1.39
C ILE VG 78 27.71 101.99 1.71
N ILE VG 79 26.57 101.36 1.37
CA ILE VG 79 25.30 102.03 1.60
C ILE VG 79 24.99 102.08 3.09
N ASP VG 80 25.47 101.11 3.87
CA ASP VG 80 25.23 101.15 5.32
C ASP VG 80 26.02 102.27 5.98
N GLU VG 81 27.28 102.44 5.61
CA GLU VG 81 28.04 103.52 6.22
C GLU VG 81 27.57 104.88 5.72
N GLN VG 82 27.13 104.96 4.47
CA GLN VG 82 26.57 106.21 3.96
C GLN VG 82 25.28 106.57 4.67
N LEU VG 83 24.47 105.57 4.98
CA LEU VG 83 23.23 105.82 5.71
C LEU VG 83 23.52 106.20 7.15
N ASN VG 84 24.54 105.61 7.74
CA ASN VG 84 24.91 105.96 9.11
C ASN VG 84 25.52 107.34 9.19
N LYS VG 85 26.11 107.82 8.08
CA LYS VG 85 26.68 109.15 8.05
C LYS VG 85 25.63 110.23 8.25
N GLN VG 86 24.47 110.07 7.63
CA GLN VG 86 23.47 111.12 7.62
C GLN VG 86 22.27 110.71 8.45
N ALA VG 87 22.55 110.16 9.63
CA ALA VG 87 21.49 109.52 10.40
C ALA VG 87 20.53 110.52 11.03
N ARG VG 88 20.99 111.75 11.30
CA ARG VG 88 20.23 112.69 12.12
C ARG VG 88 18.93 113.11 11.48
N ASN VG 89 18.96 113.41 10.19
CA ASN VG 89 17.77 113.90 9.54
C ASN VG 89 16.74 112.81 9.30
N LEU VG 90 17.17 111.54 9.32
CA LEU VG 90 16.22 110.43 9.20
C LEU VG 90 15.28 110.39 10.39
N ASP VG 91 15.84 110.40 11.60
CA ASP VG 91 15.00 110.47 12.79
C ASP VG 91 14.36 111.83 12.95
N ALA VG 92 14.93 112.87 12.33
CA ALA VG 92 14.24 114.15 12.33
C ALA VG 92 12.95 114.09 11.52
N ILE VG 93 12.97 113.45 10.36
CA ILE VG 93 11.79 113.45 9.52
C ILE VG 93 10.79 112.37 9.91
N TYR VG 94 11.23 111.25 10.46
CA TYR VG 94 10.30 110.15 10.74
C TYR VG 94 9.90 110.13 12.22
N ASP VG 95 9.36 111.25 12.68
CA ASP VG 95 9.00 111.40 14.08
C ASP VG 95 7.65 110.75 14.33
N PHE VG 96 7.69 109.44 14.57
CA PHE VG 96 6.50 108.76 15.06
C PHE VG 96 6.14 109.24 16.46
N ASN VG 97 7.15 109.61 17.25
CA ASN VG 97 6.93 110.05 18.62
C ASN VG 97 6.12 111.33 18.67
N SER VG 98 6.22 112.15 17.62
CA SER VG 98 5.25 113.22 17.46
C SER VG 98 3.85 112.66 17.19
N LEU VG 99 3.77 111.52 16.52
CA LEU VG 99 2.49 111.04 16.01
C LEU VG 99 1.79 110.06 16.94
N VAL VG 100 2.36 109.79 18.11
CA VAL VG 100 1.73 108.85 19.03
C VAL VG 100 0.45 109.47 19.59
N LEU VG 101 -0.64 108.71 19.56
CA LEU VG 101 -1.87 109.17 20.15
C LEU VG 101 -1.79 109.12 21.69
N GLU VG 102 -2.81 109.69 22.33
CA GLU VG 102 -2.69 110.11 23.72
C GLU VG 102 -2.70 108.96 24.72
N HIS VG 103 -3.09 107.76 24.32
CA HIS VG 103 -3.06 106.61 25.22
C HIS VG 103 -1.97 105.63 24.83
N ASN VG 104 -0.85 106.13 24.29
CA ASN VG 104 0.29 105.35 23.81
C ASN VG 104 -0.14 104.30 22.79
N ILE VG 105 -0.97 104.73 21.85
CA ILE VG 105 -1.55 103.86 20.85
C ILE VG 105 -1.15 104.36 19.47
N LEU VG 106 -0.57 103.47 18.68
CA LEU VG 106 -0.19 103.81 17.32
C LEU VG 106 -1.43 104.07 16.48
N PRO VG 107 -1.41 105.10 15.63
CA PRO VG 107 -2.50 105.29 14.68
C PRO VG 107 -2.51 104.19 13.64
N PRO VG 108 -3.67 103.86 13.09
CA PRO VG 108 -3.76 102.80 12.08
C PRO VG 108 -3.24 103.27 10.73
N VAL VG 109 -3.36 102.40 9.74
CA VAL VG 109 -2.78 102.60 8.42
C VAL VG 109 -3.88 102.62 7.38
N LEU VG 110 -3.90 103.68 6.57
CA LEU VG 110 -4.94 103.89 5.58
C LEU VG 110 -4.32 104.00 4.19
N LEU VG 111 -5.11 103.64 3.18
CA LEU VG 111 -4.73 103.80 1.79
C LEU VG 111 -5.88 104.40 1.01
N GLU VG 112 -5.54 105.08 -0.07
CA GLU VG 112 -6.51 105.78 -0.90
C GLU VG 112 -6.34 105.34 -2.34
N GLY VG 113 -7.37 105.63 -3.14
CA GLY VG 113 -7.33 105.37 -4.56
C GLY VG 113 -8.24 106.30 -5.33
N ARG VG 114 -7.76 106.82 -6.46
CA ARG VG 114 -8.51 107.80 -7.23
C ARG VG 114 -8.79 107.29 -8.63
N ASN VG 115 -10.03 107.55 -9.10
CA ASN VG 115 -10.51 107.28 -10.45
C ASN VG 115 -10.42 105.79 -10.78
N THR VG 116 -11.20 105.02 -10.02
CA THR VG 116 -11.23 103.58 -10.16
C THR VG 116 -11.95 103.18 -11.45
N LEU VG 117 -11.30 102.32 -12.24
CA LEU VG 117 -11.93 101.73 -13.41
C LEU VG 117 -11.62 100.26 -13.46
N ASN VG 118 -12.64 99.44 -13.70
CA ASN VG 118 -12.40 98.03 -13.96
C ASN VG 118 -13.44 97.49 -14.91
N LEU VG 119 -12.95 96.79 -15.93
CA LEU VG 119 -13.78 95.99 -16.82
C LEU VG 119 -13.91 94.60 -16.22
N ALA VG 120 -15.14 94.18 -15.93
CA ALA VG 120 -15.28 92.78 -15.51
C ALA VG 120 -15.14 91.86 -16.70
N ASP VG 121 -15.94 92.09 -17.73
CA ASP VG 121 -15.90 91.35 -18.99
C ASP VG 121 -16.56 92.24 -20.02
N ALA VG 122 -16.96 91.65 -21.15
CA ALA VG 122 -17.79 92.37 -22.11
C ALA VG 122 -19.10 92.76 -21.45
N GLN VG 123 -19.54 93.99 -21.76
CA GLN VG 123 -20.81 94.58 -21.31
C GLN VG 123 -20.91 94.68 -19.80
N SER VG 124 -19.79 94.98 -19.13
CA SER VG 124 -19.78 95.08 -17.67
C SER VG 124 -18.63 95.98 -17.24
N ILE VG 125 -18.95 97.23 -16.95
CA ILE VG 125 -17.95 98.21 -16.54
C ILE VG 125 -18.32 98.74 -15.17
N ARG VG 126 -17.30 98.94 -14.33
CA ARG VG 126 -17.53 99.47 -12.98
C ARG VG 126 -16.49 100.54 -12.69
N ILE VG 127 -16.95 101.76 -12.42
CA ILE VG 127 -16.05 102.86 -12.12
C ILE VG 127 -16.42 103.45 -10.77
N SER VG 128 -15.44 104.12 -10.18
CA SER VG 128 -15.62 104.90 -8.96
C SER VG 128 -14.71 106.12 -9.03
N ASP VG 129 -15.01 107.11 -8.20
CA ASP VG 129 -14.16 108.29 -8.14
C ASP VG 129 -13.01 108.08 -7.16
N ARG VG 130 -13.33 107.83 -5.89
CA ARG VG 130 -12.30 107.60 -4.89
C ARG VG 130 -12.72 106.46 -3.98
N THR VG 131 -11.72 105.84 -3.37
CA THR VG 131 -11.95 104.74 -2.46
C THR VG 131 -10.87 104.77 -1.38
N TYR VG 132 -11.22 104.25 -0.20
CA TYR VG 132 -10.31 104.19 0.93
C TYR VG 132 -10.37 102.82 1.57
N LYS VG 133 -9.20 102.30 1.93
CA LYS VG 133 -9.08 100.96 2.49
C LYS VG 133 -8.12 100.94 3.66
N VAL VG 134 -8.52 100.29 4.74
CA VAL VG 134 -7.66 100.12 5.90
C VAL VG 134 -6.68 98.99 5.62
N ALA VG 135 -5.39 99.26 5.84
CA ALA VG 135 -4.37 98.22 5.69
C ALA VG 135 -4.05 97.55 7.01
N LYS VG 136 -3.55 98.31 7.98
CA LYS VG 136 -3.16 97.77 9.28
C LYS VG 136 -4.03 98.39 10.36
N GLN VG 137 -4.66 97.54 11.16
CA GLN VG 137 -5.48 98.02 12.26
C GLN VG 137 -4.60 98.53 13.40
N ALA VG 138 -5.05 99.59 14.05
CA ALA VG 138 -4.32 100.17 15.16
C ALA VG 138 -4.29 99.22 16.36
N HIS VG 139 -3.34 99.47 17.25
CA HIS VG 139 -3.17 98.66 18.45
C HIS VG 139 -2.36 99.45 19.46
N PHE VG 140 -2.13 98.83 20.61
CA PHE VG 140 -1.22 99.40 21.59
C PHE VG 140 0.21 99.29 21.12
N ILE VG 141 1.06 100.20 21.62
CA ILE VG 141 2.50 100.15 21.38
C ILE VG 141 3.21 100.52 22.67
N THR VG 142 4.46 100.06 22.79
CA THR VG 142 5.30 100.47 23.90
C THR VG 142 6.38 101.46 23.50
N THR VG 143 6.88 101.38 22.27
CA THR VG 143 7.92 102.27 21.80
C THR VG 143 7.58 102.75 20.40
N PRO VG 144 8.02 103.95 20.02
CA PRO VG 144 7.91 104.35 18.63
C PRO VG 144 8.86 103.53 17.76
N PRO VG 145 8.54 103.33 16.50
CA PRO VG 145 9.46 102.65 15.58
C PRO VG 145 10.61 103.57 15.18
N THR VG 146 11.47 103.05 14.30
CA THR VG 146 12.56 103.84 13.77
C THR VG 146 12.88 103.39 12.36
N TRP VG 147 13.64 104.22 11.67
CA TRP VG 147 14.04 103.91 10.30
C TRP VG 147 15.01 102.76 10.21
N ARG VG 148 15.67 102.42 11.31
CA ARG VG 148 16.59 101.28 11.29
C ARG VG 148 15.84 99.97 11.12
N GLN VG 149 14.57 99.92 11.53
CA GLN VG 149 13.77 98.72 11.36
C GLN VG 149 13.40 98.48 9.90
N TYR VG 150 13.52 99.49 9.05
CA TYR VG 150 13.08 99.38 7.68
C TYR VG 150 14.21 99.49 6.66
N LEU VG 151 15.24 100.28 6.95
CA LEU VG 151 16.21 100.64 5.93
C LEU VG 151 17.59 100.07 6.18
N TRP VG 152 17.81 99.37 7.29
CA TRP VG 152 19.12 98.83 7.55
C TRP VG 152 19.39 97.62 6.67
N MET VG 153 20.60 97.54 6.14
CA MET VG 153 21.00 96.45 5.28
C MET VG 153 21.76 95.41 6.10
N ASP VG 154 21.38 94.16 5.96
CA ASP VG 154 22.12 93.07 6.58
C ASP VG 154 23.47 92.91 5.92
N TYR VG 155 24.51 92.76 6.73
CA TYR VG 155 25.89 92.73 6.24
C TYR VG 155 26.61 91.53 6.82
N VAL VG 156 27.09 90.66 5.94
CA VAL VG 156 28.00 89.59 6.30
C VAL VG 156 29.15 89.62 5.31
N LYS VG 157 30.37 89.78 5.80
CA LYS VG 157 31.52 89.77 4.91
C LYS VG 157 31.81 88.34 4.47
N PRO VG 158 31.91 88.08 3.17
CA PRO VG 158 32.19 86.71 2.72
C PRO VG 158 33.67 86.45 2.61
N GLU VG 159 34.13 85.34 3.18
CA GLU VG 159 35.54 84.97 3.16
C GLU VG 159 35.73 83.58 2.57
N ALA VG 160 34.97 83.26 1.52
CA ALA VG 160 35.01 81.93 0.90
C ALA VG 160 35.22 82.04 -0.61
N PRO VG 161 36.44 82.32 -1.06
CA PRO VG 161 36.74 82.18 -2.50
C PRO VG 161 37.04 80.73 -2.83
N ASN VG 162 36.10 80.08 -3.51
CA ASN VG 162 36.20 78.65 -3.77
C ASN VG 162 37.23 78.35 -4.86
N VAL VG 163 38.16 77.45 -4.55
CA VAL VG 163 39.19 77.05 -5.51
C VAL VG 163 38.60 75.90 -6.31
N THR VG 164 37.82 76.24 -7.34
CA THR VG 164 37.12 75.26 -8.16
C THR VG 164 37.82 75.01 -9.49
N LEU VG 165 38.00 76.05 -10.30
CA LEU VG 165 38.72 75.97 -11.56
C LEU VG 165 39.24 77.36 -11.93
N LEU VG 166 40.46 77.42 -12.41
CA LEU VG 166 41.11 78.66 -12.76
C LEU VG 166 41.34 78.76 -14.26
N PRO VG 167 41.26 79.96 -14.83
CA PRO VG 167 41.62 80.14 -16.24
C PRO VG 167 43.12 79.95 -16.44
N LYS VG 168 43.49 79.37 -17.59
CA LYS VG 168 44.88 79.10 -17.88
C LYS VG 168 45.48 80.07 -18.90
N THR VG 169 44.77 80.35 -19.99
CA THR VG 169 45.31 81.23 -21.01
C THR VG 169 44.85 82.66 -20.77
N LYS VG 170 45.42 83.57 -21.56
CA LYS VG 170 45.24 85.01 -21.35
C LYS VG 170 43.80 85.46 -21.60
N ALA VG 171 43.19 84.97 -22.69
CA ALA VG 171 41.81 85.34 -22.98
C ALA VG 171 40.84 84.75 -21.97
N GLU VG 172 41.16 83.56 -21.44
CA GLU VG 172 40.35 82.97 -20.39
C GLU VG 172 40.44 83.78 -19.10
N LYS VG 173 41.63 84.26 -18.76
CA LYS VG 173 41.76 85.14 -17.60
C LYS VG 173 41.04 86.46 -17.83
N GLU VG 174 41.05 86.94 -19.08
CA GLU VG 174 40.33 88.17 -19.44
C GLU VG 174 38.83 88.01 -19.23
N ILE VG 175 38.26 86.89 -19.71
CA ILE VG 175 36.83 86.72 -19.57
C ILE VG 175 36.47 86.39 -18.13
N TRP VG 176 37.39 85.77 -17.38
CA TRP VG 176 37.20 85.60 -15.95
C TRP VG 176 37.09 86.95 -15.25
N CYS VG 177 37.97 87.88 -15.60
CA CYS VG 177 37.93 89.23 -15.04
C CYS VG 177 36.65 89.96 -15.43
N ILE VG 178 36.22 89.85 -16.69
CA ILE VG 178 35.08 90.65 -17.09
C ILE VG 178 33.77 90.05 -16.58
N TYR VG 179 33.68 88.73 -16.40
CA TYR VG 179 32.48 88.18 -15.79
C TYR VG 179 32.47 88.42 -14.29
N THR VG 180 33.65 88.53 -13.67
CA THR VG 180 33.71 89.05 -12.30
C THR VG 180 33.18 90.47 -12.21
N GLU VG 181 33.52 91.29 -13.20
CA GLU VG 181 33.02 92.66 -13.27
C GLU VG 181 31.50 92.70 -13.43
N ARG VG 182 30.97 91.82 -14.30
CA ARG VG 182 29.52 91.74 -14.50
C ARG VG 182 28.82 91.31 -13.22
N GLY VG 183 29.41 90.35 -12.50
CA GLY VG 183 28.85 89.96 -11.21
C GLY VG 183 28.88 91.09 -10.20
N TRP VG 184 29.96 91.88 -10.22
CA TRP VG 184 30.08 93.04 -9.35
C TRP VG 184 28.95 94.04 -9.61
N LYS VG 185 28.70 94.32 -10.90
CA LYS VG 185 27.64 95.23 -11.28
C LYS VG 185 26.27 94.71 -10.88
N ASN VG 186 26.04 93.41 -11.07
CA ASN VG 186 24.74 92.83 -10.75
C ASN VG 186 24.48 92.82 -9.25
N GLY VG 187 25.52 92.61 -8.44
CA GLY VG 187 25.36 92.71 -7.00
C GLY VG 187 25.03 94.13 -6.56
N ILE VG 188 25.66 95.11 -7.22
CA ILE VG 188 25.31 96.51 -6.99
C ILE VG 188 23.85 96.77 -7.31
N ASP VG 189 23.37 96.23 -8.43
CA ASP VG 189 21.98 96.42 -8.84
C ASP VG 189 21.02 95.76 -7.86
N GLN VG 190 21.38 94.59 -7.35
CA GLN VG 190 20.55 93.91 -6.35
C GLN VG 190 20.43 94.73 -5.09
N ALA VG 191 21.54 95.32 -4.65
CA ALA VG 191 21.51 96.20 -3.47
C ALA VG 191 20.62 97.41 -3.71
N ASN VG 192 20.70 97.99 -4.91
CA ASN VG 192 19.90 99.17 -5.22
C ASN VG 192 18.42 98.85 -5.22
N THR VG 193 18.05 97.69 -5.75
CA THR VG 193 16.65 97.28 -5.77
C THR VG 193 16.10 97.05 -4.37
N ILE VG 194 16.89 96.42 -3.49
CA ILE VG 194 16.42 96.17 -2.14
C ILE VG 194 16.26 97.47 -1.37
N LEU VG 195 17.20 98.40 -1.57
CA LEU VG 195 17.12 99.72 -0.94
C LEU VG 195 15.88 100.48 -1.40
N GLU VG 196 15.57 100.40 -2.70
CA GLU VG 196 14.42 101.12 -3.23
C GLU VG 196 13.12 100.51 -2.73
N GLU VG 197 13.08 99.18 -2.62
CA GLU VG 197 11.90 98.52 -2.10
C GLU VG 197 11.63 98.88 -0.66
N ASN VG 198 12.69 98.94 0.16
CA ASN VG 198 12.49 99.29 1.56
C ASN VG 198 12.15 100.77 1.73
N ILE VG 199 12.68 101.63 0.85
CA ILE VG 199 12.30 103.03 0.86
C ILE VG 199 10.82 103.17 0.56
N ALA VG 200 10.34 102.41 -0.43
CA ALA VG 200 8.91 102.43 -0.75
C ALA VG 200 8.07 101.90 0.40
N ARG VG 201 8.59 100.92 1.13
CA ARG VG 201 7.88 100.36 2.27
C ARG VG 201 7.66 101.39 3.36
N ILE VG 202 8.74 102.05 3.78
CA ILE VG 202 8.62 103.01 4.87
C ILE VG 202 7.86 104.25 4.42
N LYS VG 203 7.98 104.61 3.14
CA LYS VG 203 7.22 105.73 2.59
C LYS VG 203 5.72 105.45 2.63
N GLU VG 204 5.33 104.23 2.26
CA GLU VG 204 3.93 103.84 2.31
C GLU VG 204 3.39 103.86 3.72
N ASP VG 205 4.19 103.38 4.68
CA ASP VG 205 3.76 103.38 6.08
C ASP VG 205 3.54 104.79 6.61
N PHE VG 206 4.49 105.69 6.34
CA PHE VG 206 4.36 107.05 6.85
C PHE VG 206 3.25 107.80 6.15
N GLY VG 207 3.05 107.52 4.86
CA GLY VG 207 1.93 108.11 4.15
C GLY VG 207 0.60 107.64 4.68
N GLY VG 208 0.52 106.37 5.08
CA GLY VG 208 -0.71 105.87 5.70
C GLY VG 208 -1.00 106.55 7.01
N MET VG 209 0.05 106.82 7.80
CA MET VG 209 -0.13 107.55 9.06
C MET VG 209 -0.63 108.97 8.81
N ILE VG 210 0.01 109.68 7.88
CA ILE VG 210 -0.39 111.07 7.61
C ILE VG 210 -1.79 111.13 7.02
N LEU VG 211 -2.14 110.13 6.21
CA LEU VG 211 -3.47 110.06 5.63
C LEU VG 211 -4.53 109.85 6.69
N TYR VG 212 -4.24 108.98 7.67
CA TYR VG 212 -5.17 108.75 8.77
C TYR VG 212 -5.39 110.01 9.57
N ARG VG 213 -4.32 110.74 9.86
CA ARG VG 213 -4.44 111.99 10.62
C ARG VG 213 -5.28 113.01 9.86
N LYS VG 214 -5.06 113.11 8.54
CA LYS VG 214 -5.78 114.10 7.74
C LYS VG 214 -7.27 113.80 7.66
N LEU VG 215 -7.64 112.55 7.38
CA LEU VG 215 -9.07 112.29 7.30
C LEU VG 215 -9.72 112.18 8.67
N LEU VG 216 -8.95 111.91 9.73
CA LEU VG 216 -9.49 112.01 11.07
C LEU VG 216 -9.81 113.46 11.42
N ALA VG 217 -8.99 114.39 10.93
CA ALA VG 217 -9.36 115.79 11.01
C ALA VG 217 -10.59 116.07 10.15
N MET VG 218 -10.70 115.41 9.00
CA MET VG 218 -11.82 115.58 8.09
C MET VG 218 -13.10 114.91 8.59
N ASN VG 219 -13.04 114.19 9.70
CA ASN VG 219 -14.14 113.42 10.29
C ASN VG 219 -14.64 112.36 9.29
N MET VG 220 -13.74 111.42 9.04
CA MET VG 220 -14.05 110.25 8.23
C MET VG 220 -14.00 108.95 9.01
N VAL VG 221 -13.31 108.92 10.15
CA VAL VG 221 -13.22 107.71 10.95
C VAL VG 221 -13.57 108.02 12.39
N SER VG 222 -14.00 106.98 13.09
CA SER VG 222 -14.11 107.04 14.53
C SER VG 222 -12.73 107.14 15.15
N PRO VG 223 -12.58 107.89 16.24
CA PRO VG 223 -11.37 107.78 17.04
C PRO VG 223 -11.35 106.45 17.76
N PRO VG 224 -10.18 105.95 18.12
CA PRO VG 224 -10.15 104.71 18.90
C PRO VG 224 -10.64 104.93 20.31
N TYR VG 225 -11.87 104.48 20.58
CA TYR VG 225 -12.47 104.69 21.88
C TYR VG 225 -11.94 103.67 22.88
N VAL VG 226 -11.60 104.13 24.07
CA VAL VG 226 -10.89 103.33 25.06
C VAL VG 226 -11.59 103.49 26.41
N SER VG 227 -11.90 102.37 27.05
CA SER VG 227 -12.38 102.38 28.42
C SER VG 227 -11.27 101.96 29.37
N HIS VG 228 -11.48 102.21 30.66
CA HIS VG 228 -10.56 101.70 31.65
C HIS VG 228 -11.29 101.51 32.97
N THR VG 229 -10.87 100.48 33.70
CA THR VG 229 -11.34 100.19 35.04
C THR VG 229 -10.19 100.38 36.01
N ASP VG 230 -10.45 101.12 37.08
CA ASP VG 230 -9.48 101.31 38.15
C ASP VG 230 -10.04 100.73 39.43
N LEU VG 231 -9.31 99.77 40.01
CA LEU VG 231 -9.70 99.08 41.22
C LEU VG 231 -8.60 99.23 42.25
N GLY VG 232 -8.97 99.06 43.52
CA GLY VG 232 -8.07 99.32 44.63
C GLY VG 232 -7.04 98.24 44.84
N VAL VG 233 -6.66 98.06 46.11
CA VAL VG 233 -5.68 97.04 46.44
C VAL VG 233 -6.30 95.66 46.28
N THR VG 234 -5.43 94.66 46.12
CA THR VG 234 -5.89 93.31 45.86
C THR VG 234 -4.81 92.33 46.29
N GLY VG 235 -5.15 91.05 46.21
CA GLY VG 235 -4.21 89.98 46.47
C GLY VG 235 -4.51 89.27 47.78
N ASP VG 236 -3.62 88.34 48.11
CA ASP VG 236 -3.71 87.61 49.37
C ASP VG 236 -2.94 88.37 50.45
N GLY VG 237 -2.71 87.72 51.58
CA GLY VG 237 -1.88 88.32 52.62
C GLY VG 237 -0.40 88.27 52.36
N SER VG 238 0.03 87.65 51.27
CA SER VG 238 1.45 87.53 50.93
C SER VG 238 1.85 88.31 49.68
N GLU VG 239 0.99 88.39 48.67
CA GLU VG 239 1.32 89.09 47.43
C GLU VG 239 0.27 90.15 47.17
N ILE VG 240 0.72 91.38 47.00
CA ILE VG 240 -0.15 92.55 47.06
C ILE VG 240 0.15 93.44 45.86
N HIS VG 241 -0.90 93.81 45.14
CA HIS VG 241 -0.83 94.81 44.07
C HIS VG 241 -1.58 96.05 44.53
N ILE VG 242 -0.97 97.22 44.37
CA ILE VG 242 -1.52 98.43 44.95
C ILE VG 242 -2.73 98.94 44.18
N ASP VG 243 -2.66 99.00 42.86
CA ASP VG 243 -3.73 99.60 42.05
C ASP VG 243 -3.94 98.78 40.78
N ASP VG 244 -5.17 98.31 40.58
CA ASP VG 244 -5.51 97.53 39.40
C ASP VG 244 -5.99 98.50 38.33
N ARG VG 245 -5.11 98.85 37.41
CA ARG VG 245 -5.45 99.73 36.31
C ARG VG 245 -5.50 98.88 35.04
N VAL VG 246 -6.71 98.61 34.56
CA VAL VG 246 -6.93 97.78 33.39
C VAL VG 246 -7.54 98.66 32.32
N LEU VG 247 -6.97 98.62 31.12
CA LEU VG 247 -7.38 99.51 30.06
C LEU VG 247 -7.83 98.68 28.87
N ARG VG 248 -9.07 98.89 28.44
CA ARG VG 248 -9.68 98.14 27.37
C ARG VG 248 -9.84 99.01 26.14
N ILE VG 249 -9.65 98.41 24.97
CA ILE VG 249 -9.97 99.04 23.71
C ILE VG 249 -11.24 98.42 23.18
N THR VG 250 -12.27 99.25 22.99
CA THR VG 250 -13.58 98.75 22.61
C THR VG 250 -13.96 99.06 21.17
N ALA VG 251 -13.49 100.17 20.62
CA ALA VG 251 -13.89 100.61 19.29
C ALA VG 251 -12.65 100.86 18.45
N LEU VG 252 -12.41 100.02 17.45
CA LEU VG 252 -11.34 100.25 16.52
C LEU VG 252 -11.68 101.43 15.63
N PRO VG 253 -10.67 102.18 15.17
CA PRO VG 253 -10.94 103.29 14.24
C PRO VG 253 -11.44 102.77 12.91
N GLU VG 254 -12.57 103.29 12.47
CA GLU VG 254 -13.21 102.78 11.27
C GLU VG 254 -13.99 103.89 10.59
N LEU VG 255 -14.22 103.72 9.30
CA LEU VG 255 -14.83 104.75 8.48
C LEU VG 255 -16.32 104.90 8.80
N ASN VG 256 -16.83 106.11 8.61
CA ASN VG 256 -18.26 106.36 8.79
C ASN VG 256 -18.94 106.44 7.43
N VAL VG 257 -19.98 105.62 7.26
CA VAL VG 257 -20.73 105.64 6.00
C VAL VG 257 -21.70 106.81 5.95
N ASN VG 258 -21.98 107.45 7.08
CA ASN VG 258 -22.88 108.60 7.09
C ASN VG 258 -22.10 109.79 6.56
N SER VG 259 -22.19 109.99 5.25
CA SER VG 259 -21.37 110.99 4.60
C SER VG 259 -21.86 112.40 4.84
N ALA VG 260 -23.13 112.58 5.21
CA ALA VG 260 -23.71 113.90 5.36
C ALA VG 260 -23.18 114.65 6.57
N GLU VG 261 -22.48 113.98 7.47
CA GLU VG 261 -21.91 114.59 8.66
C GLU VG 261 -20.47 115.01 8.44
N TRP VG 262 -19.95 114.89 7.23
CA TRP VG 262 -18.59 115.28 6.95
C TRP VG 262 -18.48 116.80 6.90
N ARG VG 263 -17.27 117.31 7.12
CA ARG VG 263 -17.01 118.74 7.08
C ARG VG 263 -15.99 119.02 5.98
N ALA VG 264 -16.29 120.01 5.15
CA ALA VG 264 -15.38 120.43 4.11
C ALA VG 264 -14.45 121.52 4.64
N ALA VG 265 -13.38 121.76 3.91
CA ALA VG 265 -12.40 122.75 4.29
C ALA VG 265 -12.22 123.75 3.15
N VAL VG 266 -11.49 124.83 3.44
CA VAL VG 266 -11.20 125.86 2.46
C VAL VG 266 -9.91 126.52 2.92
N ALA VG 267 -9.22 127.18 1.99
CA ALA VG 267 -7.96 127.83 2.29
C ALA VG 267 -8.09 129.33 2.08
N LYS VG 268 -6.98 130.03 2.22
CA LYS VG 268 -6.92 131.45 1.92
C LYS VG 268 -5.68 131.79 1.09
N ARG WG 207 -54.12 98.81 12.77
CA ARG WG 207 -53.73 98.00 13.92
C ARG WG 207 -53.61 96.52 13.56
N ILE WG 208 -53.29 95.69 14.55
CA ILE WG 208 -52.96 94.29 14.31
C ILE WG 208 -54.24 93.51 14.04
N ILE WG 209 -54.25 92.79 12.93
CA ILE WG 209 -55.43 92.07 12.47
C ILE WG 209 -55.34 90.63 12.93
N TYR WG 210 -56.31 90.20 13.72
CA TYR WG 210 -56.37 88.84 14.23
C TYR WG 210 -57.37 88.02 13.44
N TYR WG 211 -57.07 86.74 13.29
CA TYR WG 211 -57.97 85.80 12.62
C TYR WG 211 -57.92 84.47 13.35
N ILE WG 212 -58.92 83.63 13.07
CA ILE WG 212 -59.11 82.38 13.79
C ILE WG 212 -58.51 81.24 12.97
N GLN WG 213 -57.64 80.46 13.60
CA GLN WG 213 -57.17 79.21 13.02
C GLN WG 213 -57.87 77.98 13.59
N ALA WG 214 -58.50 78.11 14.76
CA ALA WG 214 -59.20 77.00 15.38
C ALA WG 214 -60.24 77.56 16.34
N VAL WG 215 -61.43 76.94 16.36
CA VAL WG 215 -62.51 77.34 17.24
C VAL WG 215 -62.98 76.12 18.02
N ILE WG 216 -62.97 76.22 19.34
CA ILE WG 216 -63.44 75.15 20.22
C ILE WG 216 -64.32 75.77 21.29
N PRO WG 217 -65.15 74.98 21.97
CA PRO WG 217 -65.64 75.39 23.27
C PRO WG 217 -64.49 75.46 24.27
N GLY WG 218 -64.64 76.34 25.25
CA GLY WG 218 -63.62 76.51 26.26
C GLY WG 218 -62.62 77.61 25.97
N ARG WG 219 -61.86 77.49 24.90
CA ARG WG 219 -60.89 78.52 24.52
C ARG WG 219 -61.12 78.96 23.08
N ALA WG 220 -60.26 79.87 22.64
CA ALA WG 220 -60.26 80.32 21.25
C ALA WG 220 -58.83 80.47 20.80
N TRP WG 221 -58.61 80.34 19.50
CA TRP WG 221 -57.28 80.33 18.91
C TRP WG 221 -57.19 81.44 17.87
N LEU WG 222 -56.34 82.43 18.14
CA LEU WG 222 -56.23 83.61 17.29
C LEU WG 222 -54.83 83.70 16.73
N ILE WG 223 -54.71 84.13 15.47
CA ILE WG 223 -53.43 84.40 14.85
C ILE WG 223 -53.45 85.81 14.31
N GLY WG 224 -52.43 86.60 14.65
CA GLY WG 224 -52.33 87.95 14.16
C GLY WG 224 -51.91 88.00 12.70
N SER WG 225 -52.02 89.19 12.12
CA SER WG 225 -51.59 89.40 10.75
C SER WG 225 -50.08 89.38 10.61
N ASN WG 226 -49.34 89.65 11.68
CA ASN WG 226 -47.89 89.66 11.63
C ASN WG 226 -47.27 88.28 11.77
N GLY WG 227 -48.05 87.28 12.19
CA GLY WG 227 -47.52 85.97 12.49
C GLY WG 227 -47.48 85.62 13.96
N SER WG 228 -48.10 86.42 14.83
CA SER WG 228 -48.13 86.16 16.26
C SER WG 228 -49.49 85.57 16.63
N THR WG 229 -49.47 84.40 17.27
CA THR WG 229 -50.68 83.67 17.60
C THR WG 229 -50.75 83.39 19.09
N LEU WG 230 -51.96 83.12 19.56
CA LEU WG 230 -52.22 82.93 20.98
C LEU WG 230 -53.56 82.21 21.14
N THR WG 231 -53.87 81.86 22.39
CA THR WG 231 -55.16 81.30 22.77
C THR WG 231 -55.74 82.15 23.89
N VAL WG 232 -57.07 82.19 23.95
CA VAL WG 232 -57.77 83.06 24.89
C VAL WG 232 -58.91 82.28 25.55
N ARG WG 233 -59.31 82.75 26.72
CA ARG WG 233 -60.42 82.20 27.48
C ARG WG 233 -61.50 83.28 27.62
N GLU WG 234 -62.52 82.99 28.43
CA GLU WG 234 -63.61 83.95 28.62
C GLU WG 234 -63.13 85.19 29.37
N GLY WG 235 -62.47 85.01 30.51
CA GLY WG 235 -62.00 86.15 31.26
C GLY WG 235 -60.58 86.51 30.91
N SER WG 236 -60.42 87.47 30.00
CA SER WG 236 -59.11 87.87 29.50
C SER WG 236 -59.26 89.18 28.73
N LYS WG 237 -58.14 89.69 28.24
CA LYS WG 237 -58.09 90.93 27.49
C LYS WG 237 -57.35 90.71 26.18
N ILE WG 238 -57.66 91.54 25.19
CA ILE WG 238 -56.89 91.58 23.95
C ILE WG 238 -56.73 93.04 23.54
N PRO WG 239 -55.52 93.49 23.22
CA PRO WG 239 -55.34 94.86 22.73
C PRO WG 239 -56.00 95.06 21.38
N GLY WG 240 -56.63 96.23 21.22
CA GLY WG 240 -57.37 96.55 20.02
C GLY WG 240 -58.78 96.02 19.96
N TYR WG 241 -59.18 95.18 20.91
CA TYR WG 241 -60.55 94.67 20.95
C TYR WG 241 -61.10 94.79 22.37
N GLY WG 242 -60.22 94.80 23.36
CA GLY WG 242 -60.63 94.97 24.74
C GLY WG 242 -60.74 93.67 25.50
N MET WG 243 -61.81 93.51 26.27
CA MET WG 243 -62.04 92.32 27.06
C MET WG 243 -63.07 91.43 26.39
N VAL WG 244 -62.82 90.13 26.39
CA VAL WG 244 -63.72 89.17 25.78
C VAL WG 244 -64.98 89.04 26.64
N LYS WG 245 -66.07 89.66 26.19
CA LYS WG 245 -67.29 89.64 26.98
C LYS WG 245 -68.01 88.30 26.88
N LEU WG 246 -67.93 87.65 25.72
CA LEU WG 246 -68.57 86.35 25.54
C LEU WG 246 -67.86 85.59 24.44
N ILE WG 247 -67.99 84.26 24.48
CA ILE WG 247 -67.38 83.36 23.51
C ILE WG 247 -68.49 82.53 22.89
N ASP WG 248 -68.56 82.55 21.56
CA ASP WG 248 -69.52 81.76 20.80
C ASP WG 248 -68.76 80.62 20.14
N SER WG 249 -68.98 79.40 20.65
CA SER WG 249 -68.36 78.22 20.04
C SER WG 249 -68.97 77.91 18.68
N LEU WG 250 -70.24 78.26 18.50
CA LEU WG 250 -70.89 78.11 17.20
C LEU WG 250 -70.37 79.15 16.22
N GLN WG 251 -70.20 78.75 14.96
CA GLN WG 251 -69.94 79.60 13.80
C GLN WG 251 -68.59 80.31 13.84
N GLY WG 252 -67.74 80.02 14.83
CA GLY WG 252 -66.42 80.62 14.93
C GLY WG 252 -66.39 82.11 15.15
N ARG WG 253 -67.20 82.60 16.08
CA ARG WG 253 -67.33 84.03 16.35
C ARG WG 253 -66.88 84.32 17.77
N ILE WG 254 -66.05 85.34 17.93
CA ILE WG 254 -65.59 85.76 19.26
C ILE WG 254 -65.97 87.21 19.47
N LEU WG 255 -66.80 87.46 20.49
CA LEU WG 255 -67.22 88.80 20.85
C LEU WG 255 -66.23 89.42 21.83
N THR WG 256 -66.09 90.74 21.75
CA THR WG 256 -65.23 91.45 22.70
C THR WG 256 -65.99 92.64 23.29
N SER WG 257 -65.28 93.43 24.11
CA SER WG 257 -65.91 94.55 24.80
C SER WG 257 -66.17 95.73 23.87
N SER WG 258 -65.37 95.88 22.82
CA SER WG 258 -65.50 96.99 21.89
C SER WG 258 -66.52 96.73 20.79
N GLY WG 259 -67.44 95.78 21.01
CA GLY WG 259 -68.43 95.46 20.01
C GLY WG 259 -67.88 94.79 18.79
N GLN WG 260 -66.72 94.14 18.91
CA GLN WG 260 -66.01 93.60 17.77
C GLN WG 260 -65.98 92.08 17.83
N VAL WG 261 -66.16 91.45 16.68
CA VAL WG 261 -66.19 90.00 16.55
C VAL WG 261 -65.00 89.58 15.71
N ILE WG 262 -64.17 88.70 16.27
CA ILE WG 262 -63.10 88.06 15.51
C ILE WG 262 -63.63 86.73 15.00
N LYS WG 263 -63.53 86.53 13.69
CA LYS WG 263 -63.93 85.29 13.05
C LYS WG 263 -62.79 84.80 12.18
N PHE WG 264 -63.07 83.84 11.30
CA PHE WG 264 -62.06 83.36 10.37
C PHE WG 264 -61.76 84.42 9.31
N SER WG 265 -60.71 84.17 8.55
CA SER WG 265 -60.38 85.03 7.42
C SER WG 265 -61.40 84.87 6.31
N GLN WG 266 -61.48 85.89 5.45
CA GLN WG 266 -62.26 85.77 4.23
C GLN WG 266 -61.65 84.72 3.31
N GLU WG 267 -60.32 84.66 3.25
CA GLU WG 267 -59.65 83.62 2.49
C GLU WG 267 -59.74 82.26 3.19
N ASP WG 268 -59.56 82.23 4.51
CA ASP WG 268 -59.71 80.99 5.27
C ASP WG 268 -61.20 80.80 5.54
N SER WG 269 -61.91 80.36 4.52
CA SER WG 269 -63.35 80.18 4.60
C SER WG 269 -63.78 79.00 3.74
#